data_8TWC
#
_entry.id   8TWC
#
_cell.length_a   1.00
_cell.length_b   1.00
_cell.length_c   1.00
_cell.angle_alpha   90.00
_cell.angle_beta   90.00
_cell.angle_gamma   90.00
#
_symmetry.space_group_name_H-M   'P 1'
#
_entity_poly.entity_id   1
_entity_poly.type   'polypeptide(L)'
_entity_poly.pdbx_seq_one_letter_code
;ANKPMQPITSTANKIVWSDPTRLSTTFSASLLRQRVKVGIAELNNVSGQYVSVYKRPAPKPEGCADACVIMPNENQSIRT
VISGSAENLATLKAEWETHKRNVDTLFASGNAGLGFLDPTAAIVSSDTT
;
_entity_poly.pdbx_strand_id   AB,AC,AD,AE,AF,AG,AH,AI,AJ,AK,AL,AM,AN,AO,AP,AQ,AR,AS,AT,AU,AV,AW,AX,AY,AZ,BA,BB,BC,BD,BE,BF,BG,BH,BI,BJ,BK,BL,BM,BN,BO,BP,BQ,BR,BS,BT,BU,BV,BW,BX,BY,BZ,CA,CB,CC,CD,CE,CF,CG,CH,CI,CJ,CK,CL,CM,CN,CO,CP,CQ,CR,CS,CT,CU,CV,CW,CX,CY,CZ,DA,DB,DC,DD,DE,DF,DG,DH,DI,DJ,DK,DL,DM,DN,DO,DP,DQ,DR,DS,DT,DU,DV,DW,DX,DY,DZ,EA,EB,EC,ED,EE,EF,EG,EH,EI,EJ,EK,EL,EM,EN,EO,EP,EQ,ER,ES,ET,EU,EV,EW,EX,EY,EZ,FA,FB,FC,FD,FE,FF,FG,FH,FI,FJ,FK,FL,FM,FN,FO,FP,FQ,FR,FS,FT,FU,FV,FW,FX,FY,FZ,GA,GB,GC,GD,GE,GF,GG,GH,GI,GJ,GK,GL,GM,GN,GO,GP,GQ,GR,GS,GT,GU,GV,GW,GX,GY
#
# COMPACT_ATOMS: atom_id res chain seq x y z
N ALA A 1 -97.90 -87.46 -67.91
CA ALA A 1 -96.61 -87.57 -68.56
C ALA A 1 -95.66 -86.49 -68.08
N ASN A 2 -94.74 -86.85 -67.19
CA ASN A 2 -93.77 -85.90 -66.67
C ASN A 2 -92.76 -85.52 -67.74
N LYS A 3 -92.30 -84.28 -67.70
CA LYS A 3 -91.37 -83.80 -68.70
C LYS A 3 -89.98 -84.36 -68.44
N PRO A 4 -89.36 -85.01 -69.43
CA PRO A 4 -87.98 -85.51 -69.23
C PRO A 4 -87.02 -84.36 -68.94
N MET A 5 -86.00 -84.67 -68.14
CA MET A 5 -85.02 -83.68 -67.69
C MET A 5 -83.63 -84.14 -68.09
N GLN A 6 -82.86 -83.24 -68.71
CA GLN A 6 -81.58 -83.59 -69.29
C GLN A 6 -80.45 -82.95 -68.50
N PRO A 7 -79.30 -83.61 -68.39
CA PRO A 7 -78.24 -83.10 -67.50
C PRO A 7 -77.52 -81.89 -68.08
N ILE A 8 -77.01 -81.05 -67.20
CA ILE A 8 -76.23 -79.88 -67.60
C ILE A 8 -74.78 -79.97 -67.14
N THR A 9 -74.48 -80.72 -66.08
CA THR A 9 -73.12 -80.95 -65.63
C THR A 9 -72.96 -82.42 -65.29
N SER A 10 -71.96 -83.06 -65.88
CA SER A 10 -71.73 -84.49 -65.70
C SER A 10 -70.34 -84.69 -65.13
N THR A 11 -70.27 -85.43 -64.02
CA THR A 11 -69.02 -85.74 -63.35
C THR A 11 -69.20 -87.06 -62.61
N ALA A 12 -68.10 -87.76 -62.37
CA ALA A 12 -68.17 -89.03 -61.67
C ALA A 12 -68.63 -88.85 -60.22
N ASN A 13 -68.55 -87.63 -59.71
CA ASN A 13 -68.91 -87.35 -58.33
C ASN A 13 -70.18 -86.52 -58.19
N LYS A 14 -70.70 -85.95 -59.28
CA LYS A 14 -71.86 -85.08 -59.21
C LYS A 14 -72.46 -84.92 -60.60
N ILE A 15 -73.76 -85.18 -60.73
CA ILE A 15 -74.50 -84.94 -61.96
C ILE A 15 -75.69 -84.07 -61.63
N VAL A 16 -75.88 -82.99 -62.38
CA VAL A 16 -76.94 -82.03 -62.15
C VAL A 16 -77.85 -82.03 -63.37
N TRP A 17 -79.15 -82.23 -63.14
CA TRP A 17 -80.16 -82.18 -64.19
C TRP A 17 -80.90 -80.86 -64.11
N SER A 18 -81.42 -80.38 -65.24
CA SER A 18 -82.18 -79.15 -65.29
C SER A 18 -83.26 -79.24 -66.37
N ASP A 19 -84.41 -78.66 -66.08
CA ASP A 19 -85.51 -78.67 -67.03
C ASP A 19 -85.19 -77.78 -68.22
N PRO A 20 -85.24 -78.30 -69.44
CA PRO A 20 -84.96 -77.43 -70.60
C PRO A 20 -85.90 -76.25 -70.70
N THR A 21 -87.16 -76.41 -70.32
CA THR A 21 -88.10 -75.29 -70.32
C THR A 21 -87.88 -74.33 -69.16
N ARG A 22 -87.45 -74.83 -68.00
CA ARG A 22 -87.17 -73.98 -66.85
C ARG A 22 -85.88 -74.43 -66.17
N LEU A 23 -84.76 -73.79 -66.52
CA LEU A 23 -83.46 -74.19 -65.99
C LEU A 23 -83.38 -73.97 -64.49
N SER A 24 -84.28 -73.16 -63.93
CA SER A 24 -84.31 -72.93 -62.50
C SER A 24 -84.67 -74.19 -61.70
N THR A 25 -85.32 -75.17 -62.33
CA THR A 25 -85.64 -76.42 -61.66
C THR A 25 -84.46 -77.38 -61.83
N THR A 26 -83.89 -77.84 -60.73
CA THR A 26 -82.70 -78.66 -60.75
C THR A 26 -82.84 -79.87 -59.84
N PHE A 27 -82.10 -80.92 -60.17
CA PHE A 27 -82.00 -82.12 -59.35
C PHE A 27 -80.56 -82.60 -59.40
N SER A 28 -79.89 -82.58 -58.25
CA SER A 28 -78.46 -82.88 -58.17
C SER A 28 -78.22 -84.08 -57.28
N ALA A 29 -77.31 -84.95 -57.72
CA ALA A 29 -76.91 -86.13 -56.97
C ALA A 29 -75.39 -86.14 -56.84
N SER A 30 -74.91 -86.20 -55.60
CA SER A 30 -73.49 -86.20 -55.31
C SER A 30 -73.17 -87.38 -54.41
N LEU A 31 -72.15 -88.14 -54.76
CA LEU A 31 -71.73 -89.31 -54.00
C LEU A 31 -70.39 -89.04 -53.31
N LEU A 32 -70.32 -89.38 -52.03
CA LEU A 32 -69.09 -89.30 -51.26
C LEU A 32 -68.81 -90.67 -50.66
N ARG A 33 -67.64 -91.22 -50.95
CA ARG A 33 -67.29 -92.58 -50.58
C ARG A 33 -66.05 -92.60 -49.69
N GLN A 34 -66.16 -93.29 -48.56
CA GLN A 34 -65.05 -93.47 -47.64
C GLN A 34 -65.00 -94.91 -47.19
N ARG A 35 -63.84 -95.33 -46.69
CA ARG A 35 -63.68 -96.64 -46.08
C ARG A 35 -63.79 -96.51 -44.57
N VAL A 36 -64.64 -97.33 -43.96
CA VAL A 36 -64.90 -97.28 -42.53
C VAL A 36 -64.58 -98.65 -41.93
N LYS A 37 -63.79 -98.66 -40.85
CA LYS A 37 -63.38 -99.90 -40.20
C LYS A 37 -64.31 -100.17 -39.02
N VAL A 38 -65.45 -100.80 -39.33
CA VAL A 38 -66.44 -101.10 -38.30
C VAL A 38 -66.08 -102.40 -37.58
N GLY A 39 -65.99 -103.49 -38.33
CA GLY A 39 -65.81 -104.81 -37.75
C GLY A 39 -64.49 -105.44 -38.13
N ILE A 40 -63.42 -104.65 -38.03
CA ILE A 40 -62.04 -104.97 -38.45
C ILE A 40 -62.05 -105.45 -39.90
N ALA A 41 -63.11 -105.09 -40.63
CA ALA A 41 -63.20 -105.30 -42.07
C ALA A 41 -63.55 -103.97 -42.71
N GLU A 42 -62.82 -103.59 -43.75
CA GLU A 42 -62.95 -102.26 -44.35
C GLU A 42 -64.22 -102.23 -45.21
N LEU A 43 -65.31 -101.84 -44.57
CA LEU A 43 -66.56 -101.64 -45.30
C LEU A 43 -66.51 -100.32 -46.08
N ASN A 44 -67.11 -100.33 -47.27
CA ASN A 44 -67.10 -99.16 -48.14
C ASN A 44 -68.40 -98.38 -47.99
N ASN A 45 -68.34 -97.32 -47.18
CA ASN A 45 -69.50 -96.48 -46.94
C ASN A 45 -69.73 -95.55 -48.12
N VAL A 46 -71.00 -95.36 -48.47
CA VAL A 46 -71.40 -94.45 -49.54
C VAL A 46 -72.42 -93.48 -48.98
N SER A 47 -72.17 -92.19 -49.18
CA SER A 47 -73.05 -91.12 -48.69
C SER A 47 -73.49 -90.29 -49.89
N GLY A 48 -74.69 -90.56 -50.38
CA GLY A 48 -75.23 -89.85 -51.53
C GLY A 48 -76.18 -88.76 -51.10
N GLN A 49 -75.93 -87.55 -51.62
CA GLN A 49 -76.75 -86.38 -51.33
C GLN A 49 -77.58 -86.04 -52.56
N TYR A 50 -78.90 -86.04 -52.40
CA TYR A 50 -79.83 -85.74 -53.47
C TYR A 50 -80.58 -84.46 -53.12
N VAL A 51 -80.55 -83.48 -54.03
CA VAL A 51 -81.16 -82.17 -53.79
C VAL A 51 -82.08 -81.85 -54.94
N SER A 52 -83.33 -81.53 -54.63
CA SER A 52 -84.30 -81.07 -55.61
C SER A 52 -84.69 -79.63 -55.28
N VAL A 53 -84.49 -78.73 -56.26
CA VAL A 53 -84.73 -77.32 -56.07
C VAL A 53 -85.74 -76.85 -57.10
N TYR A 54 -86.81 -76.21 -56.64
CA TYR A 54 -87.81 -75.61 -57.51
C TYR A 54 -88.11 -74.21 -57.02
N LYS A 55 -87.91 -73.22 -57.89
CA LYS A 55 -88.21 -71.83 -57.58
C LYS A 55 -89.65 -71.56 -58.01
N ARG A 56 -90.55 -71.53 -57.05
CA ARG A 56 -91.98 -71.39 -57.32
C ARG A 56 -92.41 -69.95 -57.09
N PRO A 57 -93.14 -69.34 -58.03
CA PRO A 57 -93.63 -67.98 -57.80
C PRO A 57 -94.91 -68.00 -56.98
N ALA A 58 -94.89 -67.31 -55.84
CA ALA A 58 -96.03 -67.26 -54.93
C ALA A 58 -96.35 -65.82 -54.52
N PRO A 59 -96.76 -64.98 -55.47
CA PRO A 59 -97.46 -63.75 -55.06
C PRO A 59 -98.76 -64.06 -54.35
N LYS A 60 -99.40 -65.16 -54.74
CA LYS A 60 -100.64 -65.69 -54.20
C LYS A 60 -101.75 -64.64 -54.16
N PRO A 61 -102.15 -64.08 -55.31
CA PRO A 61 -103.30 -63.17 -55.32
C PRO A 61 -104.59 -63.96 -55.22
N GLU A 62 -105.21 -63.92 -54.05
CA GLU A 62 -106.38 -64.74 -53.78
C GLU A 62 -107.59 -64.23 -54.55
N GLY A 63 -107.96 -64.98 -55.57
CA GLY A 63 -109.16 -64.67 -56.34
C GLY A 63 -109.01 -64.11 -57.73
N CYS A 64 -107.95 -63.35 -57.98
CA CYS A 64 -107.86 -62.67 -59.26
C CYS A 64 -106.41 -62.68 -59.76
N ALA A 65 -106.27 -62.98 -61.04
CA ALA A 65 -105.03 -62.79 -61.79
C ALA A 65 -105.37 -62.10 -63.10
N ASP A 66 -104.64 -61.04 -63.41
CA ASP A 66 -105.11 -60.19 -64.50
C ASP A 66 -104.18 -60.15 -65.71
N ALA A 67 -102.91 -59.84 -65.53
CA ALA A 67 -102.02 -59.61 -66.65
C ALA A 67 -100.61 -60.06 -66.29
N CYS A 68 -99.64 -59.66 -67.12
CA CYS A 68 -98.25 -60.04 -66.93
C CYS A 68 -97.65 -59.22 -65.79
N VAL A 69 -97.71 -59.75 -64.58
CA VAL A 69 -97.13 -59.11 -63.41
C VAL A 69 -95.90 -59.91 -63.01
N ILE A 70 -94.82 -59.21 -62.67
CA ILE A 70 -93.57 -59.86 -62.29
C ILE A 70 -93.80 -60.81 -61.11
N MET A 71 -93.30 -62.03 -61.23
CA MET A 71 -93.51 -63.03 -60.21
C MET A 71 -92.30 -63.09 -59.28
N PRO A 72 -92.45 -62.69 -58.02
CA PRO A 72 -91.38 -62.94 -57.05
C PRO A 72 -91.34 -64.41 -56.66
N ASN A 73 -90.14 -64.98 -56.53
CA ASN A 73 -89.98 -66.42 -56.40
C ASN A 73 -89.47 -66.79 -55.02
N GLU A 74 -89.95 -67.91 -54.51
CA GLU A 74 -89.44 -68.53 -53.29
C GLU A 74 -88.79 -69.86 -53.65
N ASN A 75 -87.92 -70.33 -52.78
CA ASN A 75 -87.13 -71.53 -53.02
C ASN A 75 -87.76 -72.72 -52.30
N GLN A 76 -88.23 -73.69 -53.07
CA GLN A 76 -88.71 -74.96 -52.52
C GLN A 76 -87.62 -76.00 -52.72
N SER A 77 -87.06 -76.51 -51.63
CA SER A 77 -85.93 -77.42 -51.67
C SER A 77 -86.22 -78.68 -50.88
N ILE A 78 -85.86 -79.82 -51.46
CA ILE A 78 -85.94 -81.11 -50.79
C ILE A 78 -84.57 -81.76 -50.89
N ARG A 79 -83.95 -82.04 -49.73
CA ARG A 79 -82.59 -82.55 -49.68
C ARG A 79 -82.58 -83.86 -48.90
N THR A 80 -81.98 -84.89 -49.49
CA THR A 80 -81.93 -86.21 -48.90
C THR A 80 -80.51 -86.76 -48.97
N VAL A 81 -80.04 -87.32 -47.85
CA VAL A 81 -78.74 -87.96 -47.78
C VAL A 81 -78.94 -89.38 -47.27
N ILE A 82 -78.31 -90.34 -47.93
CA ILE A 82 -78.39 -91.75 -47.56
C ILE A 82 -76.97 -92.24 -47.29
N SER A 83 -76.74 -92.74 -46.07
CA SER A 83 -75.43 -93.22 -45.65
C SER A 83 -75.55 -94.68 -45.26
N GLY A 84 -74.62 -95.50 -45.74
CA GLY A 84 -74.63 -96.91 -45.42
C GLY A 84 -73.57 -97.70 -46.16
N SER A 85 -73.23 -98.88 -45.64
CA SER A 85 -72.24 -99.72 -46.30
C SER A 85 -72.80 -100.29 -47.60
N ALA A 86 -71.92 -100.46 -48.59
CA ALA A 86 -72.34 -101.01 -49.86
C ALA A 86 -72.71 -102.49 -49.74
N GLU A 87 -72.21 -103.16 -48.70
CA GLU A 87 -72.47 -104.58 -48.54
C GLU A 87 -73.85 -104.84 -47.95
N ASN A 88 -74.55 -103.79 -47.55
CA ASN A 88 -75.88 -103.89 -46.95
C ASN A 88 -76.91 -103.12 -47.77
N LEU A 89 -76.86 -103.30 -49.09
CA LEU A 89 -77.74 -102.55 -49.98
C LEU A 89 -79.21 -102.93 -49.77
N ALA A 90 -79.49 -104.22 -49.55
CA ALA A 90 -80.87 -104.63 -49.36
C ALA A 90 -81.49 -104.00 -48.12
N THR A 91 -80.74 -104.01 -47.02
CA THR A 91 -81.20 -103.37 -45.81
C THR A 91 -81.32 -101.85 -45.98
N LEU A 92 -80.40 -101.24 -46.73
CA LEU A 92 -80.49 -99.81 -46.98
C LEU A 92 -81.75 -99.47 -47.78
N LYS A 93 -82.08 -100.30 -48.77
CA LYS A 93 -83.30 -100.07 -49.55
C LYS A 93 -84.56 -100.28 -48.70
N ALA A 94 -84.53 -101.27 -47.81
CA ALA A 94 -85.66 -101.43 -46.90
C ALA A 94 -85.80 -100.22 -45.99
N GLU A 95 -84.68 -99.69 -45.49
CA GLU A 95 -84.72 -98.48 -44.69
C GLU A 95 -85.26 -97.31 -45.49
N TRP A 96 -84.89 -97.22 -46.77
CA TRP A 96 -85.41 -96.15 -47.62
C TRP A 96 -86.92 -96.26 -47.78
N GLU A 97 -87.43 -97.47 -47.99
CA GLU A 97 -88.87 -97.65 -48.09
C GLU A 97 -89.58 -97.26 -46.79
N THR A 98 -89.04 -97.68 -45.66
CA THR A 98 -89.65 -97.34 -44.38
C THR A 98 -89.61 -95.84 -44.14
N HIS A 99 -88.50 -95.19 -44.48
CA HIS A 99 -88.38 -93.74 -44.35
C HIS A 99 -89.41 -93.04 -45.22
N LYS A 100 -89.58 -93.53 -46.46
CA LYS A 100 -90.59 -92.96 -47.34
C LYS A 100 -91.97 -93.06 -46.71
N ARG A 101 -92.31 -94.25 -46.17
CA ARG A 101 -93.62 -94.45 -45.58
C ARG A 101 -93.83 -93.53 -44.37
N ASN A 102 -92.82 -93.40 -43.51
CA ASN A 102 -92.96 -92.57 -42.33
C ASN A 102 -93.10 -91.10 -42.69
N VAL A 103 -92.27 -90.62 -43.62
CA VAL A 103 -92.37 -89.22 -44.04
C VAL A 103 -93.72 -88.97 -44.71
N ASP A 104 -94.23 -89.96 -45.45
CA ASP A 104 -95.56 -89.81 -46.04
C ASP A 104 -96.62 -89.67 -44.95
N THR A 105 -96.61 -90.56 -43.96
CA THR A 105 -97.66 -90.53 -42.94
C THR A 105 -97.55 -89.29 -42.06
N LEU A 106 -96.37 -88.67 -42.02
CA LEU A 106 -96.25 -87.41 -41.26
C LEU A 106 -96.62 -86.19 -42.10
N PHE A 107 -96.19 -86.14 -43.36
CA PHE A 107 -96.24 -84.95 -44.20
C PHE A 107 -97.39 -84.98 -45.20
N ALA A 108 -97.45 -86.03 -46.03
CA ALA A 108 -98.42 -86.05 -47.11
C ALA A 108 -99.85 -86.23 -46.58
N SER A 109 -100.03 -87.18 -45.66
CA SER A 109 -101.34 -87.43 -45.07
C SER A 109 -101.54 -86.68 -43.76
N GLY A 110 -100.52 -85.99 -43.25
CA GLY A 110 -100.63 -85.24 -42.02
C GLY A 110 -100.63 -83.75 -42.24
N ASN A 111 -100.26 -83.02 -41.19
CA ASN A 111 -100.19 -81.57 -41.22
C ASN A 111 -98.80 -81.05 -40.88
N ALA A 112 -97.78 -81.86 -41.14
CA ALA A 112 -96.42 -81.46 -40.80
C ALA A 112 -95.92 -80.32 -41.66
N GLY A 113 -96.44 -80.19 -42.89
CA GLY A 113 -96.00 -79.13 -43.76
C GLY A 113 -96.41 -77.75 -43.27
N LEU A 114 -97.47 -77.69 -42.46
CA LEU A 114 -97.96 -76.43 -41.94
C LEU A 114 -97.32 -76.11 -40.60
N GLY A 115 -96.41 -76.97 -40.16
CA GLY A 115 -95.75 -76.76 -38.88
C GLY A 115 -96.46 -77.42 -37.71
N PHE A 116 -96.77 -78.70 -37.83
CA PHE A 116 -97.47 -79.44 -36.78
C PHE A 116 -96.82 -80.80 -36.59
N LEU A 117 -96.83 -81.28 -35.35
CA LEU A 117 -96.40 -82.63 -35.02
C LEU A 117 -97.58 -83.40 -34.45
N ASP A 118 -97.78 -84.62 -34.94
CA ASP A 118 -98.89 -85.44 -34.48
C ASP A 118 -98.30 -86.60 -33.67
N PRO A 119 -98.35 -86.55 -32.33
CA PRO A 119 -97.71 -87.61 -31.54
C PRO A 119 -98.33 -89.00 -31.72
N THR A 120 -99.58 -89.09 -32.16
CA THR A 120 -100.24 -90.38 -32.31
C THR A 120 -100.14 -90.94 -33.73
N ALA A 121 -99.32 -90.34 -34.58
CA ALA A 121 -99.13 -90.86 -35.93
C ALA A 121 -98.51 -92.25 -35.88
N ALA A 122 -98.88 -93.09 -36.85
CA ALA A 122 -98.45 -94.48 -36.88
C ALA A 122 -97.09 -94.58 -37.59
N ILE A 123 -96.04 -94.51 -36.80
CA ILE A 123 -94.68 -94.65 -37.28
C ILE A 123 -94.26 -96.10 -37.11
N VAL A 124 -93.66 -96.68 -38.15
CA VAL A 124 -93.31 -98.09 -38.17
C VAL A 124 -91.83 -98.24 -38.50
N SER A 125 -91.26 -99.37 -38.08
CA SER A 125 -89.87 -99.69 -38.36
C SER A 125 -89.76 -100.62 -39.56
N SER A 126 -88.53 -100.81 -40.03
CA SER A 126 -88.30 -101.67 -41.18
C SER A 126 -88.44 -103.15 -40.83
N ASP A 127 -88.27 -103.51 -39.56
CA ASP A 127 -88.38 -104.90 -39.15
C ASP A 127 -89.83 -105.37 -39.24
N THR A 128 -89.99 -106.66 -39.52
CA THR A 128 -91.31 -107.28 -39.63
C THR A 128 -91.50 -108.30 -38.51
N THR A 129 -92.75 -108.72 -38.35
CA THR A 129 -93.09 -109.70 -37.33
C THR A 129 -93.38 -111.06 -37.96
N ALA B 1 -65.30 -117.01 -67.11
CA ALA B 1 -66.08 -115.78 -67.17
C ALA B 1 -65.73 -114.87 -65.99
N ASN B 2 -64.73 -114.01 -66.21
CA ASN B 2 -64.30 -113.09 -65.16
C ASN B 2 -65.37 -112.03 -64.92
N LYS B 3 -65.47 -111.59 -63.67
CA LYS B 3 -66.44 -110.56 -63.33
C LYS B 3 -66.04 -109.23 -63.94
N PRO B 4 -66.94 -108.55 -64.65
CA PRO B 4 -66.59 -107.26 -65.24
C PRO B 4 -66.58 -106.14 -64.22
N MET B 5 -65.85 -105.08 -64.55
CA MET B 5 -65.76 -103.90 -63.71
C MET B 5 -66.29 -102.69 -64.46
N GLN B 6 -66.83 -101.73 -63.71
CA GLN B 6 -67.33 -100.47 -64.22
C GLN B 6 -66.55 -99.31 -63.63
N PRO B 7 -66.39 -98.21 -64.37
CA PRO B 7 -65.65 -97.07 -63.84
C PRO B 7 -66.42 -96.40 -62.70
N ILE B 8 -65.68 -95.99 -61.67
CA ILE B 8 -66.25 -95.37 -60.49
C ILE B 8 -65.91 -93.89 -60.42
N THR B 9 -64.64 -93.54 -60.65
CA THR B 9 -64.20 -92.17 -60.76
C THR B 9 -63.51 -91.98 -62.11
N SER B 10 -63.93 -90.95 -62.84
CA SER B 10 -63.50 -90.79 -64.23
C SER B 10 -62.89 -89.42 -64.44
N THR B 11 -61.65 -89.40 -64.91
CA THR B 11 -60.99 -88.20 -65.39
C THR B 11 -60.14 -88.60 -66.59
N ALA B 12 -59.96 -87.66 -67.52
CA ALA B 12 -59.15 -87.95 -68.69
C ALA B 12 -57.70 -88.24 -68.30
N ASN B 13 -57.22 -87.62 -67.22
CA ASN B 13 -55.90 -87.94 -66.71
C ASN B 13 -55.83 -89.36 -66.15
N LYS B 14 -56.84 -89.78 -65.39
CA LYS B 14 -56.85 -91.12 -64.82
C LYS B 14 -58.28 -91.61 -64.64
N ILE B 15 -58.50 -92.88 -64.95
CA ILE B 15 -59.78 -93.55 -64.74
C ILE B 15 -59.55 -94.77 -63.86
N VAL B 16 -60.37 -94.94 -62.84
CA VAL B 16 -60.25 -96.04 -61.89
C VAL B 16 -61.48 -96.92 -62.01
N TRP B 17 -61.26 -98.22 -62.12
CA TRP B 17 -62.32 -99.20 -62.23
C TRP B 17 -62.55 -99.88 -60.88
N SER B 18 -63.71 -100.52 -60.73
CA SER B 18 -64.04 -101.21 -59.49
C SER B 18 -65.05 -102.30 -59.78
N ASP B 19 -65.01 -103.33 -58.95
CA ASP B 19 -65.95 -104.44 -59.08
C ASP B 19 -67.18 -104.16 -58.22
N PRO B 20 -68.38 -104.15 -58.80
CA PRO B 20 -69.58 -103.89 -57.98
C PRO B 20 -69.73 -104.85 -56.80
N THR B 21 -69.40 -106.12 -56.97
CA THR B 21 -69.54 -107.08 -55.89
C THR B 21 -68.46 -106.95 -54.82
N ARG B 22 -67.26 -106.47 -55.18
CA ARG B 22 -66.18 -106.28 -54.21
C ARG B 22 -65.53 -104.94 -54.53
N LEU B 23 -65.88 -103.91 -53.77
CA LEU B 23 -65.38 -102.57 -54.05
C LEU B 23 -63.90 -102.42 -53.74
N SER B 24 -63.29 -103.38 -53.04
CA SER B 24 -61.88 -103.30 -52.72
C SER B 24 -60.98 -103.60 -53.91
N THR B 25 -61.53 -104.20 -54.98
CA THR B 25 -60.77 -104.52 -56.17
C THR B 25 -60.81 -103.32 -57.12
N THR B 26 -59.64 -102.73 -57.37
CA THR B 26 -59.55 -101.53 -58.18
C THR B 26 -58.50 -101.72 -59.28
N PHE B 27 -58.70 -101.00 -60.38
CA PHE B 27 -57.77 -100.99 -61.51
C PHE B 27 -57.70 -99.57 -62.04
N SER B 28 -56.54 -98.94 -61.91
CA SER B 28 -56.37 -97.54 -62.27
C SER B 28 -55.41 -97.40 -63.44
N ALA B 29 -55.79 -96.55 -64.39
CA ALA B 29 -54.95 -96.22 -65.53
C ALA B 29 -54.78 -94.71 -65.59
N SER B 30 -53.53 -94.25 -65.54
CA SER B 30 -53.22 -92.83 -65.55
C SER B 30 -52.20 -92.55 -66.65
N LEU B 31 -52.48 -91.56 -67.50
CA LEU B 31 -51.61 -91.17 -68.59
C LEU B 31 -51.10 -89.76 -68.36
N LEU B 32 -49.79 -89.58 -68.45
CA LEU B 32 -49.17 -88.27 -68.37
C LEU B 32 -48.45 -88.00 -69.69
N ARG B 33 -48.78 -86.88 -70.32
CA ARG B 33 -48.30 -86.56 -71.65
C ARG B 33 -47.44 -85.31 -71.59
N GLN B 34 -46.26 -85.36 -72.20
CA GLN B 34 -45.34 -84.24 -72.24
C GLN B 34 -44.60 -84.25 -73.57
N ARG B 35 -44.31 -83.05 -74.07
CA ARG B 35 -43.61 -82.89 -75.36
C ARG B 35 -42.10 -82.84 -75.08
N VAL B 36 -41.52 -84.01 -74.85
CA VAL B 36 -40.07 -84.12 -74.63
C VAL B 36 -39.41 -84.32 -75.99
N LYS B 37 -38.84 -83.25 -76.53
CA LYS B 37 -38.28 -83.32 -77.87
C LYS B 37 -36.77 -83.50 -77.82
N VAL B 38 -36.28 -84.48 -78.59
CA VAL B 38 -34.86 -84.70 -78.77
C VAL B 38 -34.35 -83.72 -79.82
N GLY B 39 -33.04 -83.63 -79.98
CA GLY B 39 -32.43 -82.69 -80.91
C GLY B 39 -33.00 -82.78 -82.32
N ILE B 40 -33.31 -81.62 -82.90
CA ILE B 40 -33.82 -81.45 -84.26
C ILE B 40 -34.97 -82.41 -84.57
N ALA B 41 -35.75 -82.76 -83.55
CA ALA B 41 -36.89 -83.65 -83.74
C ALA B 41 -37.97 -83.28 -82.73
N GLU B 42 -39.20 -83.67 -83.04
CA GLU B 42 -40.35 -83.45 -82.18
C GLU B 42 -40.93 -84.80 -81.78
N LEU B 43 -41.14 -84.99 -80.47
CA LEU B 43 -41.62 -86.26 -79.95
C LEU B 43 -42.67 -85.99 -78.88
N ASN B 44 -43.77 -86.74 -78.94
CA ASN B 44 -44.81 -86.70 -77.92
C ASN B 44 -44.66 -87.90 -77.00
N ASN B 45 -44.25 -87.64 -75.76
CA ASN B 45 -43.97 -88.68 -74.79
C ASN B 45 -45.19 -88.95 -73.94
N VAL B 46 -45.47 -90.23 -73.69
CA VAL B 46 -46.61 -90.64 -72.88
C VAL B 46 -46.07 -91.53 -71.76
N SER B 47 -46.58 -91.33 -70.55
CA SER B 47 -46.23 -92.18 -69.42
C SER B 47 -47.49 -92.88 -68.93
N GLY B 48 -47.53 -94.21 -69.07
CA GLY B 48 -48.70 -94.96 -68.70
C GLY B 48 -48.53 -95.74 -67.41
N GLN B 49 -49.27 -95.35 -66.37
CA GLN B 49 -49.21 -96.01 -65.07
C GLN B 49 -50.49 -96.80 -64.86
N TYR B 50 -50.36 -98.10 -64.66
CA TYR B 50 -51.50 -99.00 -64.47
C TYR B 50 -51.30 -99.73 -63.15
N VAL B 51 -52.26 -99.57 -62.24
CA VAL B 51 -52.19 -100.14 -60.90
C VAL B 51 -53.40 -101.05 -60.69
N SER B 52 -53.15 -102.29 -60.30
CA SER B 52 -54.20 -103.24 -59.94
C SER B 52 -54.06 -103.60 -58.47
N VAL B 53 -55.14 -103.44 -57.72
CA VAL B 53 -55.13 -103.64 -56.28
C VAL B 53 -56.21 -104.65 -55.92
N TYR B 54 -55.83 -105.65 -55.12
CA TYR B 54 -56.75 -106.65 -54.60
C TYR B 54 -56.41 -106.91 -53.14
N LYS B 55 -57.43 -106.99 -52.30
CA LYS B 55 -57.28 -107.25 -50.88
C LYS B 55 -57.68 -108.69 -50.62
N ARG B 56 -56.68 -109.56 -50.42
CA ARG B 56 -56.89 -110.99 -50.31
C ARG B 56 -56.82 -111.43 -48.86
N PRO B 57 -57.74 -112.29 -48.42
CA PRO B 57 -57.65 -112.81 -47.05
C PRO B 57 -56.39 -113.63 -46.86
N ALA B 58 -55.88 -113.61 -45.63
CA ALA B 58 -54.72 -114.41 -45.29
C ALA B 58 -55.03 -115.88 -45.47
N PRO B 59 -54.02 -116.72 -45.72
CA PRO B 59 -54.30 -118.15 -45.94
C PRO B 59 -54.75 -118.86 -44.68
N LYS B 60 -55.87 -119.58 -44.77
CA LYS B 60 -56.41 -120.33 -43.66
C LYS B 60 -55.49 -121.51 -43.33
N PRO B 61 -55.48 -121.98 -42.07
CA PRO B 61 -54.63 -123.13 -41.73
C PRO B 61 -54.97 -124.37 -42.54
N GLU B 62 -53.96 -125.18 -42.85
CA GLU B 62 -54.14 -126.29 -43.78
C GLU B 62 -55.14 -127.30 -43.25
N GLY B 63 -55.07 -127.62 -41.96
CA GLY B 63 -55.99 -128.58 -41.38
C GLY B 63 -57.23 -127.92 -40.81
N CYS B 64 -57.93 -127.12 -41.62
CA CYS B 64 -59.10 -126.40 -41.18
C CYS B 64 -60.25 -126.63 -42.14
N ALA B 65 -61.41 -126.99 -41.60
CA ALA B 65 -62.64 -127.10 -42.36
C ALA B 65 -63.78 -126.28 -41.77
N ASP B 66 -63.48 -125.33 -40.89
CA ASP B 66 -64.52 -124.56 -40.22
C ASP B 66 -65.31 -123.74 -41.24
N ALA B 67 -66.60 -123.57 -40.96
CA ALA B 67 -67.50 -122.90 -41.88
C ALA B 67 -67.07 -121.45 -42.12
N CYS B 68 -67.06 -120.64 -41.07
CA CYS B 68 -66.79 -119.21 -41.20
C CYS B 68 -65.82 -118.76 -40.13
N VAL B 69 -64.55 -118.60 -40.52
CA VAL B 69 -63.53 -117.96 -39.70
C VAL B 69 -62.77 -117.00 -40.61
N ILE B 70 -62.94 -115.70 -40.38
CA ILE B 70 -62.44 -114.68 -41.28
C ILE B 70 -61.24 -113.98 -40.63
N MET B 71 -60.15 -113.88 -41.38
CA MET B 71 -58.94 -113.20 -40.92
C MET B 71 -58.66 -111.99 -41.82
N PRO B 72 -57.97 -110.97 -41.33
CA PRO B 72 -57.88 -109.70 -42.07
C PRO B 72 -57.13 -109.85 -43.39
N ASN B 73 -57.43 -108.93 -44.29
CA ASN B 73 -56.94 -108.95 -45.66
C ASN B 73 -55.52 -108.40 -45.74
N GLU B 74 -54.78 -108.84 -46.76
CA GLU B 74 -53.46 -108.33 -47.07
C GLU B 74 -53.53 -107.56 -48.37
N ASN B 75 -52.59 -106.65 -48.58
CA ASN B 75 -52.61 -105.81 -49.77
C ASN B 75 -51.79 -106.46 -50.88
N GLN B 76 -52.42 -106.70 -52.02
CA GLN B 76 -51.76 -107.22 -53.22
C GLN B 76 -51.79 -106.12 -54.28
N SER B 77 -50.61 -105.64 -54.66
CA SER B 77 -50.49 -104.53 -55.60
C SER B 77 -49.59 -104.92 -56.76
N ILE B 78 -50.06 -104.63 -57.97
CA ILE B 78 -49.29 -104.81 -59.19
C ILE B 78 -49.35 -103.51 -59.96
N ARG B 79 -48.18 -102.92 -60.22
CA ARG B 79 -48.07 -101.60 -60.84
C ARG B 79 -47.13 -101.67 -62.03
N THR B 80 -47.60 -101.18 -63.17
CA THR B 80 -46.82 -101.14 -64.40
C THR B 80 -46.72 -99.71 -64.90
N VAL B 81 -45.53 -99.32 -65.33
CA VAL B 81 -45.27 -97.99 -65.87
C VAL B 81 -44.64 -98.16 -67.25
N ILE B 82 -45.23 -97.53 -68.26
CA ILE B 82 -44.75 -97.59 -69.63
C ILE B 82 -44.45 -96.16 -70.08
N SER B 83 -43.23 -95.92 -70.54
CA SER B 83 -42.79 -94.61 -70.99
C SER B 83 -42.21 -94.74 -72.39
N GLY B 84 -42.70 -93.91 -73.31
CA GLY B 84 -42.20 -93.93 -74.67
C GLY B 84 -42.91 -92.95 -75.58
N SER B 85 -42.28 -92.61 -76.70
CA SER B 85 -42.89 -91.68 -77.64
C SER B 85 -44.02 -92.34 -78.40
N ALA B 86 -45.00 -91.53 -78.81
CA ALA B 86 -46.15 -92.07 -79.55
C ALA B 86 -45.73 -92.55 -80.92
N GLU B 87 -44.62 -92.03 -81.45
CA GLU B 87 -44.18 -92.41 -82.80
C GLU B 87 -43.74 -93.86 -82.86
N ASN B 88 -43.29 -94.41 -81.74
CA ASN B 88 -42.74 -95.77 -81.68
C ASN B 88 -43.69 -96.75 -81.00
N LEU B 89 -45.00 -96.63 -81.26
CA LEU B 89 -45.97 -97.42 -80.52
C LEU B 89 -45.85 -98.91 -80.81
N ALA B 90 -45.62 -99.28 -82.07
CA ALA B 90 -45.56 -100.70 -82.43
C ALA B 90 -44.38 -101.38 -81.74
N THR B 91 -43.22 -100.74 -81.78
CA THR B 91 -42.05 -101.33 -81.14
C THR B 91 -42.14 -101.26 -79.62
N LEU B 92 -42.86 -100.25 -79.09
CA LEU B 92 -43.14 -100.25 -77.66
C LEU B 92 -44.00 -101.44 -77.27
N LYS B 93 -44.97 -101.79 -78.12
CA LYS B 93 -45.78 -102.98 -77.88
C LYS B 93 -44.94 -104.25 -77.95
N ALA B 94 -44.01 -104.31 -78.90
CA ALA B 94 -43.10 -105.45 -78.96
C ALA B 94 -42.25 -105.55 -77.69
N GLU B 95 -41.74 -104.41 -77.21
CA GLU B 95 -41.02 -104.38 -75.94
C GLU B 95 -41.91 -104.86 -74.80
N TRP B 96 -43.17 -104.49 -74.83
CA TRP B 96 -44.11 -104.92 -73.79
C TRP B 96 -44.29 -106.43 -73.81
N GLU B 97 -44.38 -107.02 -75.01
CA GLU B 97 -44.49 -108.48 -75.11
C GLU B 97 -43.23 -109.16 -74.58
N THR B 98 -42.05 -108.63 -74.93
CA THR B 98 -40.81 -109.19 -74.42
C THR B 98 -40.73 -109.07 -72.90
N HIS B 99 -41.18 -107.93 -72.37
CA HIS B 99 -41.23 -107.75 -70.93
C HIS B 99 -42.16 -108.75 -70.27
N LYS B 100 -43.32 -109.01 -70.89
CA LYS B 100 -44.19 -110.07 -70.40
C LYS B 100 -43.45 -111.39 -70.31
N ARG B 101 -42.78 -111.78 -71.39
CA ARG B 101 -42.13 -113.09 -71.40
C ARG B 101 -41.05 -113.17 -70.32
N ASN B 102 -40.26 -112.11 -70.17
CA ASN B 102 -39.19 -112.13 -69.18
C ASN B 102 -39.74 -112.18 -67.75
N VAL B 103 -40.73 -111.33 -67.44
CA VAL B 103 -41.29 -111.33 -66.09
C VAL B 103 -41.98 -112.65 -65.81
N ASP B 104 -42.59 -113.25 -66.84
CA ASP B 104 -43.23 -114.55 -66.64
C ASP B 104 -42.19 -115.62 -66.32
N THR B 105 -41.08 -115.67 -67.07
CA THR B 105 -40.10 -116.71 -66.82
C THR B 105 -39.40 -116.50 -65.48
N LEU B 106 -39.36 -115.26 -64.99
CA LEU B 106 -38.82 -115.05 -63.65
C LEU B 106 -39.82 -115.36 -62.53
N PHE B 107 -41.11 -115.07 -62.75
CA PHE B 107 -42.08 -115.06 -61.66
C PHE B 107 -43.07 -116.21 -61.74
N ALA B 108 -43.77 -116.36 -62.86
CA ALA B 108 -44.80 -117.39 -62.96
C ALA B 108 -44.20 -118.79 -62.90
N SER B 109 -43.11 -119.01 -63.63
CA SER B 109 -42.45 -120.31 -63.65
C SER B 109 -41.22 -120.39 -62.77
N GLY B 110 -40.92 -119.34 -62.00
CA GLY B 110 -39.75 -119.31 -61.15
C GLY B 110 -40.11 -119.25 -59.67
N ASN B 111 -39.21 -118.63 -58.91
CA ASN B 111 -39.39 -118.47 -57.47
C ASN B 111 -39.20 -117.03 -57.02
N ALA B 112 -39.33 -116.08 -57.95
CA ALA B 112 -39.22 -114.67 -57.58
C ALA B 112 -40.33 -114.26 -56.63
N GLY B 113 -41.50 -114.91 -56.73
CA GLY B 113 -42.57 -114.64 -55.79
C GLY B 113 -42.24 -115.01 -54.36
N LEU B 114 -41.55 -116.13 -54.16
CA LEU B 114 -41.09 -116.52 -52.84
C LEU B 114 -39.82 -115.79 -52.40
N GLY B 115 -39.08 -115.22 -53.35
CA GLY B 115 -37.93 -114.42 -52.99
C GLY B 115 -36.59 -114.96 -53.43
N PHE B 116 -36.54 -115.80 -54.46
CA PHE B 116 -35.30 -116.36 -54.96
C PHE B 116 -35.08 -115.94 -56.40
N LEU B 117 -33.86 -115.48 -56.70
CA LEU B 117 -33.46 -115.09 -58.05
C LEU B 117 -32.55 -116.16 -58.63
N ASP B 118 -32.80 -116.54 -59.88
CA ASP B 118 -32.01 -117.56 -60.54
C ASP B 118 -31.17 -116.91 -61.62
N PRO B 119 -29.85 -116.79 -61.44
CA PRO B 119 -28.99 -116.25 -62.51
C PRO B 119 -29.07 -117.03 -63.81
N THR B 120 -29.58 -118.25 -63.80
CA THR B 120 -29.63 -119.09 -64.99
C THR B 120 -30.94 -118.95 -65.77
N ALA B 121 -31.79 -118.00 -65.40
CA ALA B 121 -33.05 -117.81 -66.09
C ALA B 121 -32.83 -117.42 -67.55
N ALA B 122 -33.71 -117.91 -68.42
CA ALA B 122 -33.59 -117.68 -69.85
C ALA B 122 -34.27 -116.37 -70.21
N ILE B 123 -33.56 -115.28 -70.00
CA ILE B 123 -34.04 -113.95 -70.37
C ILE B 123 -33.70 -113.69 -71.82
N VAL B 124 -34.66 -113.13 -72.55
CA VAL B 124 -34.52 -112.92 -73.99
C VAL B 124 -34.78 -111.46 -74.33
N SER B 125 -34.27 -111.03 -75.48
CA SER B 125 -34.48 -109.68 -75.95
C SER B 125 -35.59 -109.63 -76.99
N SER B 126 -36.01 -108.41 -77.33
CA SER B 126 -37.07 -108.24 -78.32
C SER B 126 -36.61 -108.51 -79.74
N ASP B 127 -35.35 -108.18 -80.06
CA ASP B 127 -34.86 -108.38 -81.41
C ASP B 127 -34.78 -109.86 -81.74
N THR B 128 -34.92 -110.16 -83.03
CA THR B 128 -34.87 -111.54 -83.53
C THR B 128 -33.62 -111.76 -84.35
N THR B 129 -33.21 -113.02 -84.41
CA THR B 129 -32.01 -113.40 -85.17
C THR B 129 -32.29 -113.42 -86.67
N ALA C 1 -64.83 -90.41 -95.74
CA ALA C 1 -65.02 -90.61 -94.31
C ALA C 1 -63.89 -89.96 -93.52
N ASN C 2 -64.22 -88.88 -92.81
CA ASN C 2 -63.22 -88.19 -92.01
C ASN C 2 -62.81 -89.03 -90.81
N LYS C 3 -61.55 -88.89 -90.41
CA LYS C 3 -61.03 -89.68 -89.30
C LYS C 3 -61.68 -89.27 -87.99
N PRO C 4 -62.24 -90.20 -87.22
CA PRO C 4 -62.82 -89.83 -85.93
C PRO C 4 -61.75 -89.40 -84.93
N MET C 5 -62.19 -88.66 -83.93
CA MET C 5 -61.30 -88.11 -82.90
C MET C 5 -61.77 -88.55 -81.52
N GLN C 6 -60.83 -88.65 -80.58
CA GLN C 6 -61.12 -89.08 -79.22
C GLN C 6 -60.73 -87.98 -78.23
N PRO C 7 -61.36 -87.94 -77.06
CA PRO C 7 -61.06 -86.86 -76.10
C PRO C 7 -59.80 -87.12 -75.29
N ILE C 8 -58.89 -86.14 -75.25
CA ILE C 8 -57.70 -86.27 -74.43
C ILE C 8 -57.86 -85.60 -73.07
N THR C 9 -58.71 -84.59 -72.96
CA THR C 9 -58.95 -83.89 -71.69
C THR C 9 -60.45 -83.71 -71.53
N SER C 10 -61.02 -84.30 -70.49
CA SER C 10 -62.45 -84.25 -70.24
C SER C 10 -62.70 -83.57 -68.90
N THR C 11 -63.56 -82.55 -68.92
CA THR C 11 -63.92 -81.80 -67.74
C THR C 11 -65.35 -81.31 -67.90
N ALA C 12 -66.00 -81.02 -66.77
CA ALA C 12 -67.38 -80.54 -66.81
C ALA C 12 -67.50 -79.21 -67.53
N ASN C 13 -66.39 -78.49 -67.68
CA ASN C 13 -66.40 -77.19 -68.34
C ASN C 13 -65.56 -77.13 -69.61
N LYS C 14 -64.88 -78.21 -69.99
CA LYS C 14 -64.01 -78.19 -71.16
C LYS C 14 -63.70 -79.63 -71.57
N ILE C 15 -63.92 -79.94 -72.85
CA ILE C 15 -63.53 -81.21 -73.43
C ILE C 15 -62.63 -80.94 -74.63
N VAL C 16 -61.50 -81.65 -74.69
CA VAL C 16 -60.49 -81.44 -75.71
C VAL C 16 -60.33 -82.73 -76.51
N TRP C 17 -60.49 -82.63 -77.82
CA TRP C 17 -60.34 -83.77 -78.72
C TRP C 17 -58.99 -83.72 -79.44
N SER C 18 -58.57 -84.87 -79.94
CA SER C 18 -57.32 -84.96 -80.69
C SER C 18 -57.37 -86.16 -81.61
N ASP C 19 -56.80 -86.02 -82.80
CA ASP C 19 -56.76 -87.11 -83.75
C ASP C 19 -55.68 -88.12 -83.34
N PRO C 20 -56.01 -89.42 -83.28
CA PRO C 20 -54.97 -90.41 -82.95
C PRO C 20 -53.80 -90.41 -83.91
N THR C 21 -54.05 -90.19 -85.21
CA THR C 21 -52.97 -90.22 -86.18
C THR C 21 -52.06 -89.00 -86.04
N ARG C 22 -52.64 -87.81 -85.93
CA ARG C 22 -51.88 -86.58 -85.74
C ARG C 22 -52.35 -85.92 -84.45
N LEU C 23 -51.46 -85.85 -83.46
CA LEU C 23 -51.84 -85.36 -82.15
C LEU C 23 -51.98 -83.84 -82.14
N SER C 24 -51.42 -83.18 -83.15
CA SER C 24 -51.44 -81.72 -83.20
C SER C 24 -52.82 -81.19 -83.56
N THR C 25 -53.63 -82.01 -84.22
CA THR C 25 -54.99 -81.61 -84.60
C THR C 25 -55.89 -81.68 -83.37
N THR C 26 -56.38 -80.53 -82.93
CA THR C 26 -57.12 -80.43 -81.68
C THR C 26 -58.39 -79.61 -81.89
N PHE C 27 -59.48 -80.09 -81.29
CA PHE C 27 -60.74 -79.38 -81.26
C PHE C 27 -61.28 -79.41 -79.83
N SER C 28 -61.37 -78.24 -79.21
CA SER C 28 -61.78 -78.14 -77.82
C SER C 28 -62.96 -77.20 -77.68
N ALA C 29 -63.89 -77.57 -76.79
CA ALA C 29 -65.11 -76.81 -76.54
C ALA C 29 -65.17 -76.46 -75.05
N SER C 30 -65.48 -75.21 -74.75
CA SER C 30 -65.60 -74.73 -73.38
C SER C 30 -66.91 -73.99 -73.23
N LEU C 31 -67.63 -74.27 -72.15
CA LEU C 31 -68.90 -73.62 -71.87
C LEU C 31 -68.82 -72.88 -70.54
N LEU C 32 -69.29 -71.64 -70.53
CA LEU C 32 -69.36 -70.82 -69.33
C LEU C 32 -70.81 -70.46 -69.08
N ARG C 33 -71.29 -70.76 -67.87
CA ARG C 33 -72.69 -70.59 -67.51
C ARG C 33 -72.83 -69.56 -66.40
N GLN C 34 -73.55 -68.49 -66.70
CA GLN C 34 -73.82 -67.43 -65.72
C GLN C 34 -75.29 -67.06 -65.77
N ARG C 35 -75.79 -66.56 -64.65
CA ARG C 35 -77.13 -65.98 -64.60
C ARG C 35 -77.04 -64.49 -64.88
N VAL C 36 -77.85 -64.03 -65.83
CA VAL C 36 -77.85 -62.63 -66.26
C VAL C 36 -79.10 -61.97 -65.71
N LYS C 37 -78.91 -60.86 -65.00
CA LYS C 37 -79.99 -60.10 -64.41
C LYS C 37 -80.51 -59.11 -65.43
N VAL C 38 -81.72 -59.37 -65.94
CA VAL C 38 -82.42 -58.48 -66.85
C VAL C 38 -83.71 -58.07 -66.18
N GLY C 39 -84.10 -56.81 -66.39
CA GLY C 39 -85.28 -56.24 -65.75
C GLY C 39 -86.49 -57.15 -65.78
N ILE C 40 -87.10 -57.34 -64.61
CA ILE C 40 -88.25 -58.22 -64.39
C ILE C 40 -88.08 -59.57 -65.07
N ALA C 41 -86.83 -60.07 -65.07
CA ALA C 41 -86.55 -61.36 -65.69
C ALA C 41 -85.37 -62.01 -64.97
N GLU C 42 -85.27 -63.33 -65.11
CA GLU C 42 -84.15 -64.10 -64.57
C GLU C 42 -83.88 -65.24 -65.55
N LEU C 43 -82.88 -65.04 -66.41
CA LEU C 43 -82.58 -65.97 -67.50
C LEU C 43 -81.10 -66.29 -67.51
N ASN C 44 -80.77 -67.46 -68.05
CA ASN C 44 -79.44 -68.05 -67.93
C ASN C 44 -78.71 -67.95 -69.27
N ASN C 45 -77.57 -67.27 -69.26
CA ASN C 45 -76.74 -67.18 -70.45
C ASN C 45 -75.74 -68.33 -70.51
N VAL C 46 -75.51 -68.84 -71.71
CA VAL C 46 -74.52 -69.89 -71.94
C VAL C 46 -73.58 -69.40 -73.04
N SER C 47 -72.29 -69.34 -72.73
CA SER C 47 -71.27 -68.89 -73.67
C SER C 47 -70.39 -70.09 -74.02
N GLY C 48 -70.30 -70.39 -75.32
CA GLY C 48 -69.51 -71.52 -75.77
C GLY C 48 -68.39 -71.14 -76.70
N GLN C 49 -67.18 -71.60 -76.39
CA GLN C 49 -65.99 -71.29 -77.17
C GLN C 49 -65.50 -72.57 -77.84
N TYR C 50 -65.50 -72.59 -79.17
CA TYR C 50 -65.06 -73.73 -79.95
C TYR C 50 -63.86 -73.32 -80.78
N VAL C 51 -62.74 -74.00 -80.60
CA VAL C 51 -61.50 -73.70 -81.32
C VAL C 51 -61.04 -74.95 -82.04
N SER C 52 -60.56 -74.77 -83.27
CA SER C 52 -59.98 -75.85 -84.05
C SER C 52 -58.59 -75.42 -84.52
N VAL C 53 -57.60 -76.29 -84.29
CA VAL C 53 -56.23 -76.00 -84.69
C VAL C 53 -55.72 -77.15 -85.54
N TYR C 54 -55.05 -76.81 -86.65
CA TYR C 54 -54.39 -77.77 -87.50
C TYR C 54 -53.02 -77.22 -87.86
N LYS C 55 -51.99 -78.03 -87.65
CA LYS C 55 -50.61 -77.59 -87.84
C LYS C 55 -50.12 -78.03 -89.22
N ARG C 56 -50.69 -77.39 -90.23
CA ARG C 56 -50.40 -77.75 -91.62
C ARG C 56 -48.97 -77.35 -92.00
N PRO C 57 -48.25 -78.20 -92.72
CA PRO C 57 -46.91 -77.84 -93.15
C PRO C 57 -46.90 -76.68 -94.12
N ALA C 58 -45.80 -75.94 -94.10
CA ALA C 58 -45.61 -74.84 -95.02
C ALA C 58 -45.56 -75.38 -96.46
N PRO C 59 -45.95 -74.59 -97.46
CA PRO C 59 -46.05 -75.15 -98.81
C PRO C 59 -44.68 -75.45 -99.39
N LYS C 60 -44.56 -76.65 -99.95
CA LYS C 60 -43.28 -77.14 -100.46
C LYS C 60 -42.81 -76.27 -101.62
N PRO C 61 -41.50 -76.01 -101.72
CA PRO C 61 -41.00 -75.25 -102.87
C PRO C 61 -41.27 -75.96 -104.19
N GLU C 62 -41.30 -75.20 -105.28
CA GLU C 62 -41.76 -75.69 -106.57
C GLU C 62 -40.64 -76.43 -107.29
N GLY C 63 -40.98 -77.58 -107.88
CA GLY C 63 -40.09 -78.31 -108.74
C GLY C 63 -39.06 -79.18 -108.05
N CYS C 64 -39.15 -79.36 -106.73
CA CYS C 64 -38.19 -80.19 -106.00
C CYS C 64 -38.94 -81.27 -105.25
N ALA C 65 -38.61 -82.53 -105.54
CA ALA C 65 -39.11 -83.67 -104.79
C ALA C 65 -38.08 -84.02 -103.73
N ASP C 66 -38.12 -83.31 -102.60
CA ASP C 66 -37.16 -83.55 -101.54
C ASP C 66 -37.32 -84.95 -100.96
N ALA C 67 -36.22 -85.50 -100.46
CA ALA C 67 -36.21 -86.86 -99.96
C ALA C 67 -37.16 -87.04 -98.78
N CYS C 68 -37.02 -86.19 -97.76
CA CYS C 68 -37.93 -86.17 -96.63
C CYS C 68 -38.47 -84.77 -96.41
N VAL C 69 -39.71 -84.71 -95.91
CA VAL C 69 -40.34 -83.42 -95.65
C VAL C 69 -39.71 -82.76 -94.43
N ILE C 70 -39.22 -81.54 -94.63
CA ILE C 70 -38.53 -80.80 -93.57
C ILE C 70 -39.16 -79.42 -93.46
N MET C 71 -40.38 -79.27 -93.94
CA MET C 71 -41.01 -77.96 -93.98
C MET C 71 -41.40 -77.53 -92.57
N PRO C 72 -41.15 -76.28 -92.20
CA PRO C 72 -41.51 -75.81 -90.85
C PRO C 72 -42.97 -75.42 -90.73
N ASN C 73 -43.82 -76.39 -90.42
CA ASN C 73 -45.27 -76.22 -90.36
C ASN C 73 -45.75 -74.99 -89.59
N GLU C 74 -46.94 -74.50 -89.94
CA GLU C 74 -47.52 -73.30 -89.37
C GLU C 74 -48.77 -73.65 -88.57
N ASN C 75 -49.46 -72.61 -88.10
CA ASN C 75 -50.66 -72.78 -87.29
C ASN C 75 -51.87 -72.25 -88.04
N GLN C 76 -52.91 -73.08 -88.13
CA GLN C 76 -54.20 -72.67 -88.68
C GLN C 76 -55.23 -72.82 -87.56
N SER C 77 -55.99 -71.75 -87.31
CA SER C 77 -56.93 -71.72 -86.19
C SER C 77 -58.27 -71.13 -86.63
N ILE C 78 -59.35 -71.73 -86.13
CA ILE C 78 -60.70 -71.20 -86.30
C ILE C 78 -61.35 -71.19 -84.93
N ARG C 79 -61.78 -70.01 -84.48
CA ARG C 79 -62.31 -69.82 -83.14
C ARG C 79 -63.70 -69.19 -83.22
N THR C 80 -64.68 -69.85 -82.62
CA THR C 80 -66.05 -69.37 -82.59
C THR C 80 -66.54 -69.27 -81.15
N VAL C 81 -67.22 -68.17 -80.84
CA VAL C 81 -67.81 -67.94 -79.53
C VAL C 81 -69.30 -67.71 -79.73
N ILE C 82 -70.12 -68.57 -79.14
CA ILE C 82 -71.58 -68.48 -79.22
C ILE C 82 -72.09 -68.12 -77.84
N SER C 83 -72.77 -66.97 -77.74
CA SER C 83 -73.29 -66.47 -76.47
C SER C 83 -74.75 -66.14 -76.64
N GLY C 84 -75.57 -66.63 -75.71
CA GLY C 84 -76.99 -66.35 -75.76
C GLY C 84 -77.71 -67.12 -74.68
N SER C 85 -78.94 -66.68 -74.41
CA SER C 85 -79.75 -67.33 -73.38
C SER C 85 -80.28 -68.67 -73.87
N ALA C 86 -80.36 -69.63 -72.96
CA ALA C 86 -80.88 -70.95 -73.32
C ALA C 86 -82.37 -70.91 -73.58
N GLU C 87 -83.06 -69.86 -73.12
CA GLU C 87 -84.48 -69.73 -73.36
C GLU C 87 -84.77 -69.50 -74.84
N ASN C 88 -83.86 -68.81 -75.53
CA ASN C 88 -84.02 -68.46 -76.94
C ASN C 88 -83.14 -69.33 -77.85
N LEU C 89 -83.05 -70.62 -77.57
CA LEU C 89 -82.12 -71.48 -78.30
C LEU C 89 -82.52 -71.60 -79.77
N ALA C 90 -83.81 -71.60 -80.07
CA ALA C 90 -84.23 -71.69 -81.47
C ALA C 90 -83.76 -70.49 -82.27
N THR C 91 -83.94 -69.29 -81.72
CA THR C 91 -83.45 -68.08 -82.37
C THR C 91 -81.93 -68.07 -82.44
N LEU C 92 -81.26 -68.60 -81.42
CA LEU C 92 -79.79 -68.64 -81.47
C LEU C 92 -79.32 -69.58 -82.57
N LYS C 93 -80.00 -70.71 -82.76
CA LYS C 93 -79.64 -71.62 -83.84
C LYS C 93 -79.90 -70.99 -85.20
N ALA C 94 -81.02 -70.26 -85.33
CA ALA C 94 -81.27 -69.54 -86.58
C ALA C 94 -80.18 -68.52 -86.86
N GLU C 95 -79.76 -67.79 -85.82
CA GLU C 95 -78.65 -66.85 -85.96
C GLU C 95 -77.38 -67.55 -86.37
N TRP C 96 -77.12 -68.74 -85.81
CA TRP C 96 -75.92 -69.48 -86.18
C TRP C 96 -75.95 -69.88 -87.64
N GLU C 97 -77.11 -70.34 -88.12
CA GLU C 97 -77.23 -70.69 -89.54
C GLU C 97 -77.01 -69.48 -90.43
N THR C 98 -77.61 -68.34 -90.07
CA THR C 98 -77.43 -67.13 -90.85
C THR C 98 -75.97 -66.68 -90.86
N HIS C 99 -75.31 -66.77 -89.71
CA HIS C 99 -73.90 -66.39 -89.62
C HIS C 99 -73.03 -67.32 -90.45
N LYS C 100 -73.34 -68.61 -90.44
CA LYS C 100 -72.61 -69.55 -91.28
C LYS C 100 -72.76 -69.17 -92.75
N ARG C 101 -73.98 -68.84 -93.17
CA ARG C 101 -74.20 -68.46 -94.56
C ARG C 101 -73.43 -67.19 -94.92
N ASN C 102 -73.44 -66.20 -94.02
CA ASN C 102 -72.73 -64.95 -94.29
C ASN C 102 -71.22 -65.16 -94.37
N VAL C 103 -70.66 -65.95 -93.45
CA VAL C 103 -69.23 -66.22 -93.47
C VAL C 103 -68.86 -67.02 -94.69
N ASP C 104 -69.72 -67.94 -95.11
CA ASP C 104 -69.48 -68.67 -96.35
C ASP C 104 -69.47 -67.74 -97.55
N THR C 105 -70.39 -66.77 -97.57
CA THR C 105 -70.45 -65.81 -98.66
C THR C 105 -69.18 -64.96 -98.71
N LEU C 106 -68.71 -64.48 -97.56
CA LEU C 106 -67.54 -63.61 -97.54
C LEU C 106 -66.24 -64.38 -97.78
N PHE C 107 -66.15 -65.59 -97.25
CA PHE C 107 -64.89 -66.33 -97.15
C PHE C 107 -64.88 -67.58 -98.03
N ALA C 108 -65.85 -68.49 -97.86
CA ALA C 108 -65.83 -69.74 -98.58
C ALA C 108 -65.98 -69.53 -100.08
N SER C 109 -66.88 -68.64 -100.48
CA SER C 109 -67.09 -68.33 -101.89
C SER C 109 -66.50 -66.98 -102.28
N GLY C 110 -66.03 -66.19 -101.33
CA GLY C 110 -65.38 -64.93 -101.59
C GLY C 110 -63.88 -65.02 -101.43
N ASN C 111 -63.25 -63.85 -101.37
CA ASN C 111 -61.80 -63.80 -101.23
C ASN C 111 -61.38 -63.03 -99.98
N ALA C 112 -62.12 -63.23 -98.88
CA ALA C 112 -61.69 -62.67 -97.61
C ALA C 112 -60.41 -63.33 -97.13
N GLY C 113 -60.18 -64.57 -97.54
CA GLY C 113 -58.96 -65.26 -97.15
C GLY C 113 -57.72 -64.62 -97.75
N LEU C 114 -57.84 -64.04 -98.94
CA LEU C 114 -56.70 -63.36 -99.54
C LEU C 114 -56.51 -61.97 -98.94
N GLY C 115 -57.52 -61.44 -98.26
CA GLY C 115 -57.43 -60.13 -97.65
C GLY C 115 -58.40 -59.10 -98.20
N PHE C 116 -59.35 -59.50 -99.03
CA PHE C 116 -60.25 -58.55 -99.65
C PHE C 116 -61.63 -58.59 -99.01
N LEU C 117 -62.12 -57.41 -98.61
CA LEU C 117 -63.47 -57.26 -98.06
C LEU C 117 -64.35 -56.64 -99.13
N ASP C 118 -65.14 -57.46 -99.79
CA ASP C 118 -66.00 -56.97 -100.87
C ASP C 118 -67.19 -56.23 -100.30
N PRO C 119 -67.39 -54.96 -100.62
CA PRO C 119 -68.55 -54.23 -100.07
C PRO C 119 -69.85 -54.50 -100.80
N THR C 120 -69.82 -55.24 -101.91
CA THR C 120 -71.04 -55.56 -102.65
C THR C 120 -71.56 -56.97 -102.37
N ALA C 121 -71.01 -57.65 -101.35
CA ALA C 121 -71.43 -59.02 -101.05
C ALA C 121 -72.88 -59.05 -100.58
N ALA C 122 -73.56 -60.16 -100.85
CA ALA C 122 -74.97 -60.33 -100.51
C ALA C 122 -75.08 -60.93 -99.12
N ILE C 123 -75.16 -60.07 -98.12
CA ILE C 123 -75.34 -60.50 -96.73
C ILE C 123 -76.83 -60.54 -96.42
N VAL C 124 -77.26 -61.63 -95.79
CA VAL C 124 -78.67 -61.84 -95.48
C VAL C 124 -78.84 -62.07 -94.00
N SER C 125 -80.01 -61.69 -93.48
CA SER C 125 -80.26 -61.73 -92.05
C SER C 125 -81.08 -62.96 -91.67
N SER C 126 -81.24 -63.16 -90.36
CA SER C 126 -82.03 -64.29 -89.88
C SER C 126 -83.52 -64.07 -90.07
N ASP C 127 -83.99 -62.83 -90.03
CA ASP C 127 -85.41 -62.55 -90.24
C ASP C 127 -85.78 -62.80 -91.70
N THR C 128 -87.00 -63.29 -91.91
CA THR C 128 -87.51 -63.60 -93.24
C THR C 128 -88.71 -62.72 -93.56
N THR C 129 -89.00 -62.61 -94.85
CA THR C 129 -90.12 -61.81 -95.32
C THR C 129 -91.34 -62.67 -95.57
N ALA D 1 47.74 -49.87 130.67
CA ALA D 1 48.85 -49.72 129.74
C ALA D 1 48.35 -49.51 128.32
N ASN D 2 48.45 -48.29 127.83
CA ASN D 2 48.00 -47.97 126.49
C ASN D 2 48.97 -48.51 125.44
N LYS D 3 48.43 -48.96 124.32
CA LYS D 3 49.26 -49.55 123.28
C LYS D 3 50.08 -48.48 122.57
N PRO D 4 51.40 -48.64 122.46
CA PRO D 4 52.20 -47.66 121.73
C PRO D 4 51.79 -47.53 120.28
N MET D 5 51.95 -46.32 119.74
CA MET D 5 51.63 -46.01 118.35
C MET D 5 52.89 -45.56 117.65
N GLN D 6 53.13 -46.11 116.45
CA GLN D 6 54.34 -45.77 115.72
C GLN D 6 54.00 -45.06 114.41
N PRO D 7 54.86 -44.16 113.95
CA PRO D 7 54.50 -43.33 112.79
C PRO D 7 54.49 -44.13 111.49
N ILE D 8 53.72 -43.64 110.52
CA ILE D 8 53.74 -44.17 109.17
C ILE D 8 54.25 -43.16 108.15
N THR D 9 53.93 -41.89 108.32
CA THR D 9 54.44 -40.83 107.44
C THR D 9 55.11 -39.77 108.30
N SER D 10 56.38 -39.52 108.01
CA SER D 10 57.17 -38.55 108.78
C SER D 10 57.63 -37.43 107.86
N THR D 11 57.38 -36.20 108.29
CA THR D 11 57.72 -35.02 107.53
C THR D 11 57.88 -33.86 108.51
N ALA D 12 58.73 -32.90 108.14
CA ALA D 12 58.97 -31.75 109.02
C ALA D 12 57.70 -30.94 109.25
N ASN D 13 56.70 -31.11 108.40
CA ASN D 13 55.45 -30.37 108.51
C ASN D 13 54.28 -31.21 108.97
N LYS D 14 54.40 -32.54 108.96
CA LYS D 14 53.27 -33.41 109.31
C LYS D 14 53.80 -34.79 109.68
N ILE D 15 53.29 -35.34 110.78
CA ILE D 15 53.58 -36.72 111.18
C ILE D 15 52.26 -37.41 111.49
N VAL D 16 52.10 -38.63 110.98
CA VAL D 16 50.89 -39.42 111.18
C VAL D 16 51.26 -40.69 111.93
N TRP D 17 50.56 -40.95 113.03
CA TRP D 17 50.74 -42.16 113.82
C TRP D 17 49.51 -43.06 113.66
N SER D 18 49.75 -44.37 113.55
CA SER D 18 48.66 -45.33 113.43
C SER D 18 48.96 -46.56 114.27
N ASP D 19 47.91 -47.16 114.81
CA ASP D 19 48.06 -48.37 115.61
C ASP D 19 48.46 -49.54 114.72
N PRO D 20 49.56 -50.23 115.01
CA PRO D 20 49.93 -51.39 114.18
C PRO D 20 48.85 -52.46 114.14
N THR D 21 48.13 -52.67 115.24
CA THR D 21 47.04 -53.64 115.25
C THR D 21 45.81 -53.15 114.49
N ARG D 22 45.51 -51.85 114.55
CA ARG D 22 44.39 -51.30 113.80
C ARG D 22 44.82 -50.00 113.12
N LEU D 23 45.21 -50.07 111.85
CA LEU D 23 45.71 -48.91 111.13
C LEU D 23 44.61 -47.88 110.90
N SER D 24 43.35 -48.28 111.11
CA SER D 24 42.24 -47.35 110.99
C SER D 24 42.29 -46.24 112.03
N THR D 25 42.96 -46.47 113.16
CA THR D 25 43.11 -45.43 114.18
C THR D 25 44.33 -44.59 113.84
N THR D 26 44.13 -43.28 113.67
CA THR D 26 45.19 -42.38 113.24
C THR D 26 45.28 -41.19 114.18
N PHE D 27 46.46 -40.58 114.20
CA PHE D 27 46.71 -39.36 114.95
C PHE D 27 47.73 -38.53 114.17
N SER D 28 47.35 -37.32 113.81
CA SER D 28 48.16 -36.47 112.94
C SER D 28 48.43 -35.12 113.61
N ALA D 29 49.63 -34.60 113.38
CA ALA D 29 50.04 -33.30 113.90
C ALA D 29 50.69 -32.52 112.76
N SER D 30 50.12 -31.36 112.45
CA SER D 30 50.62 -30.51 111.37
C SER D 30 50.85 -29.11 111.91
N LEU D 31 52.00 -28.54 111.60
CA LEU D 31 52.37 -27.21 112.06
C LEU D 31 52.44 -26.26 110.86
N LEU D 32 51.95 -25.04 111.05
CA LEU D 32 52.04 -24.00 110.03
C LEU D 32 52.65 -22.75 110.68
N ARG D 33 53.66 -22.19 110.02
CA ARG D 33 54.44 -21.09 110.57
C ARG D 33 54.34 -19.87 109.69
N GLN D 34 54.03 -18.72 110.29
CA GLN D 34 53.99 -17.44 109.59
C GLN D 34 54.64 -16.37 110.47
N ARG D 35 55.01 -15.26 109.85
CA ARG D 35 55.51 -14.10 110.57
C ARG D 35 54.42 -13.02 110.57
N VAL D 36 54.05 -12.56 111.76
CA VAL D 36 52.98 -11.58 111.92
C VAL D 36 53.54 -10.36 112.63
N LYS D 37 53.28 -9.18 112.06
CA LYS D 37 53.77 -7.92 112.62
C LYS D 37 52.71 -7.35 113.54
N VAL D 38 52.74 -7.80 114.80
CA VAL D 38 51.78 -7.32 115.79
C VAL D 38 52.25 -6.00 116.40
N GLY D 39 53.43 -6.01 117.01
CA GLY D 39 53.94 -4.86 117.73
C GLY D 39 55.16 -4.27 117.07
N ILE D 40 55.11 -4.12 115.75
CA ILE D 40 56.18 -3.70 114.84
C ILE D 40 57.41 -4.57 115.08
N ALA D 41 57.20 -5.75 115.68
CA ALA D 41 58.21 -6.78 115.82
C ALA D 41 57.65 -8.06 115.22
N GLU D 42 58.44 -8.73 114.39
CA GLU D 42 57.98 -9.89 113.64
C GLU D 42 57.87 -11.08 114.58
N LEU D 43 56.71 -11.23 115.19
CA LEU D 43 56.43 -12.40 116.01
C LEU D 43 56.19 -13.61 115.13
N ASN D 44 56.63 -14.77 115.60
CA ASN D 44 56.52 -16.01 114.82
C ASN D 44 55.47 -16.93 115.45
N ASN D 45 54.24 -16.82 114.93
CA ASN D 45 53.16 -17.67 115.42
C ASN D 45 53.25 -19.06 114.82
N VAL D 46 52.69 -20.04 115.52
CA VAL D 46 52.63 -21.42 115.07
C VAL D 46 51.19 -21.89 115.18
N SER D 47 50.66 -22.42 114.08
CA SER D 47 49.29 -22.92 114.02
C SER D 47 49.35 -24.44 113.93
N GLY D 48 49.29 -25.10 115.08
CA GLY D 48 49.37 -26.55 115.15
C GLY D 48 47.99 -27.17 115.12
N GLN D 49 47.80 -28.09 114.17
CA GLN D 49 46.54 -28.80 114.01
C GLN D 49 46.75 -30.26 114.40
N TYR D 50 46.00 -30.72 115.39
CA TYR D 50 46.09 -32.09 115.90
C TYR D 50 44.76 -32.77 115.68
N VAL D 51 44.77 -33.90 114.98
CA VAL D 51 43.57 -34.63 114.62
C VAL D 51 43.71 -36.07 115.10
N SER D 52 42.72 -36.54 115.85
CA SER D 52 42.65 -37.93 116.28
C SER D 52 41.39 -38.57 115.72
N VAL D 53 41.57 -39.66 114.99
CA VAL D 53 40.47 -40.32 114.28
C VAL D 53 40.40 -41.77 114.73
N TYR D 54 39.21 -42.21 115.10
CA TYR D 54 38.94 -43.59 115.45
C TYR D 54 37.64 -44.03 114.78
N LYS D 55 37.72 -45.07 113.97
CA LYS D 55 36.54 -45.63 113.32
C LYS D 55 35.98 -46.70 114.23
N ARG D 56 34.76 -46.48 114.72
CA ARG D 56 34.20 -47.27 115.80
C ARG D 56 33.00 -48.05 115.30
N PRO D 57 33.00 -49.38 115.40
CA PRO D 57 31.84 -50.14 114.95
C PRO D 57 30.72 -50.15 115.98
N ALA D 58 29.59 -49.57 115.61
CA ALA D 58 28.44 -49.44 116.50
C ALA D 58 27.15 -49.88 115.81
N PRO D 59 27.03 -51.18 115.47
CA PRO D 59 25.69 -51.71 115.21
C PRO D 59 24.81 -51.63 116.43
N LYS D 60 25.42 -51.75 117.61
CA LYS D 60 24.80 -51.62 118.93
C LYS D 60 23.62 -52.56 119.09
N PRO D 61 23.82 -53.88 119.07
CA PRO D 61 22.74 -54.81 119.41
C PRO D 61 22.53 -54.82 120.91
N GLU D 62 21.44 -54.19 121.35
CA GLU D 62 21.22 -53.96 122.77
C GLU D 62 20.93 -55.27 123.51
N GLY D 63 21.92 -55.75 124.23
CA GLY D 63 21.77 -56.92 125.08
C GLY D 63 22.16 -58.27 124.51
N CYS D 64 22.17 -58.41 123.20
CA CYS D 64 22.42 -59.72 122.61
C CYS D 64 23.56 -59.64 121.62
N ALA D 65 24.44 -60.63 121.68
CA ALA D 65 25.51 -60.83 120.70
C ALA D 65 25.79 -62.32 120.58
N ASP D 66 25.69 -62.84 119.37
CA ASP D 66 25.83 -64.28 119.17
C ASP D 66 27.04 -64.66 118.33
N ALA D 67 27.24 -64.00 117.19
CA ALA D 67 28.35 -64.30 116.30
C ALA D 67 28.84 -62.99 115.69
N CYS D 68 29.94 -63.07 114.94
CA CYS D 68 30.51 -61.88 114.33
C CYS D 68 29.89 -61.66 112.94
N VAL D 69 29.09 -60.61 112.82
CA VAL D 69 28.57 -60.14 111.54
C VAL D 69 29.43 -58.96 111.15
N ILE D 70 29.42 -58.59 109.87
CA ILE D 70 30.18 -57.42 109.43
C ILE D 70 29.80 -56.18 110.24
N MET D 71 30.81 -55.53 110.81
CA MET D 71 30.60 -54.28 111.52
C MET D 71 30.55 -53.11 110.53
N PRO D 72 29.45 -52.36 110.50
CA PRO D 72 29.48 -51.05 109.85
C PRO D 72 30.08 -50.01 110.78
N ASN D 73 30.95 -49.15 110.28
CA ASN D 73 31.75 -48.28 111.11
C ASN D 73 31.28 -46.84 111.03
N GLU D 74 31.43 -46.11 112.13
CA GLU D 74 31.25 -44.66 112.17
C GLU D 74 32.59 -44.02 112.49
N ASN D 75 32.70 -42.73 112.17
CA ASN D 75 33.95 -41.99 112.35
C ASN D 75 33.85 -41.08 113.56
N GLN D 76 34.77 -41.26 114.51
CA GLN D 76 34.89 -40.38 115.67
C GLN D 76 36.15 -39.55 115.49
N SER D 77 35.99 -38.23 115.42
CA SER D 77 37.09 -37.32 115.13
C SER D 77 37.17 -36.24 116.22
N ILE D 78 38.39 -35.95 116.65
CA ILE D 78 38.68 -34.88 117.60
C ILE D 78 39.82 -34.05 117.04
N ARG D 79 39.52 -32.82 116.62
CA ARG D 79 40.50 -31.93 116.01
C ARG D 79 40.76 -30.75 116.94
N THR D 80 42.03 -30.45 117.17
CA THR D 80 42.45 -29.36 118.03
C THR D 80 43.43 -28.47 117.28
N VAL D 81 43.19 -27.16 117.34
CA VAL D 81 44.04 -26.17 116.69
C VAL D 81 44.51 -25.18 117.75
N ILE D 82 45.82 -25.05 117.89
CA ILE D 82 46.43 -24.11 118.83
C ILE D 82 47.24 -23.11 118.03
N SER D 83 46.93 -21.83 118.20
CA SER D 83 47.59 -20.76 117.45
C SER D 83 48.07 -19.70 118.43
N GLY D 84 49.32 -19.27 118.27
CA GLY D 84 49.88 -18.24 119.12
C GLY D 84 51.35 -18.01 118.87
N SER D 85 51.88 -16.89 119.35
CA SER D 85 53.28 -16.57 119.15
C SER D 85 54.16 -17.54 119.92
N ALA D 86 55.29 -17.91 119.32
CA ALA D 86 56.23 -18.80 120.00
C ALA D 86 56.88 -18.12 121.20
N GLU D 87 56.89 -16.78 121.21
CA GLU D 87 57.51 -16.05 122.30
C GLU D 87 56.66 -16.08 123.57
N ASN D 88 55.41 -16.53 123.45
CA ASN D 88 54.49 -16.63 124.58
C ASN D 88 54.10 -18.08 124.84
N LEU D 89 55.10 -18.98 124.83
CA LEU D 89 54.81 -20.40 124.95
C LEU D 89 54.22 -20.76 126.30
N ALA D 90 54.74 -20.16 127.38
CA ALA D 90 54.22 -20.46 128.72
C ALA D 90 52.77 -20.05 128.85
N THR D 91 52.44 -18.86 128.34
CA THR D 91 51.05 -18.41 128.37
C THR D 91 50.16 -19.26 127.49
N LEU D 92 50.66 -19.71 126.34
CA LEU D 92 49.87 -20.60 125.49
C LEU D 92 49.62 -21.93 126.19
N LYS D 93 50.60 -22.43 126.93
CA LYS D 93 50.40 -23.67 127.70
C LYS D 93 49.36 -23.47 128.80
N ALA D 94 49.40 -22.32 129.48
CA ALA D 94 48.37 -22.03 130.47
C ALA D 94 47.00 -21.94 129.83
N GLU D 95 46.91 -21.33 128.65
CA GLU D 95 45.66 -21.28 127.92
C GLU D 95 45.18 -22.67 127.56
N TRP D 96 46.11 -23.55 127.18
CA TRP D 96 45.75 -24.93 126.85
C TRP D 96 45.19 -25.66 128.06
N GLU D 97 45.80 -25.46 129.23
CA GLU D 97 45.29 -26.07 130.45
C GLU D 97 43.89 -25.56 130.78
N THR D 98 43.69 -24.25 130.67
CA THR D 98 42.36 -23.69 130.94
C THR D 98 41.32 -24.20 129.95
N HIS D 99 41.71 -24.33 128.68
CA HIS D 99 40.81 -24.87 127.66
C HIS D 99 40.44 -26.31 127.98
N LYS D 100 41.43 -27.11 128.40
CA LYS D 100 41.14 -28.47 128.82
C LYS D 100 40.13 -28.49 129.96
N ARG D 101 40.33 -27.63 130.96
CA ARG D 101 39.42 -27.60 132.09
C ARG D 101 38.01 -27.23 131.66
N ASN D 102 37.87 -26.21 130.81
CA ASN D 102 36.55 -25.77 130.39
C ASN D 102 35.84 -26.82 129.55
N VAL D 103 36.56 -27.43 128.60
CA VAL D 103 35.96 -28.45 127.75
C VAL D 103 35.59 -29.67 128.59
N ASP D 104 36.39 -30.00 129.59
CA ASP D 104 36.05 -31.08 130.49
C ASP D 104 34.76 -30.77 131.25
N THR D 105 34.64 -29.54 131.75
CA THR D 105 33.45 -29.15 132.49
C THR D 105 32.21 -29.26 131.61
N LEU D 106 32.30 -28.83 130.36
CA LEU D 106 31.14 -28.89 129.47
C LEU D 106 30.83 -30.30 128.98
N PHE D 107 31.85 -31.10 128.67
CA PHE D 107 31.69 -32.34 127.94
C PHE D 107 31.86 -33.58 128.81
N ALA D 108 32.99 -33.69 129.51
CA ALA D 108 33.28 -34.89 130.27
C ALA D 108 32.35 -35.03 131.47
N SER D 109 32.11 -33.93 132.19
CA SER D 109 31.24 -33.96 133.36
C SER D 109 29.83 -33.46 133.06
N GLY D 110 29.58 -32.93 131.85
CA GLY D 110 28.27 -32.46 131.49
C GLY D 110 27.57 -33.38 130.50
N ASN D 111 26.62 -32.81 129.76
CA ASN D 111 25.87 -33.53 128.74
C ASN D 111 26.01 -32.90 127.37
N ALA D 112 27.16 -32.27 127.09
CA ALA D 112 27.36 -31.62 125.81
C ALA D 112 27.45 -32.63 124.67
N GLY D 113 27.97 -33.82 124.95
CA GLY D 113 28.10 -34.83 123.90
C GLY D 113 26.75 -35.32 123.40
N LEU D 114 25.71 -35.17 124.21
CA LEU D 114 24.38 -35.61 123.83
C LEU D 114 23.59 -34.47 123.19
N GLY D 115 24.24 -33.32 123.01
CA GLY D 115 23.57 -32.18 122.39
C GLY D 115 22.85 -31.29 123.38
N PHE D 116 23.53 -30.91 124.46
CA PHE D 116 22.94 -30.07 125.49
C PHE D 116 23.91 -28.96 125.86
N LEU D 117 23.36 -27.82 126.28
CA LEU D 117 24.15 -26.70 126.78
C LEU D 117 23.67 -26.34 128.18
N ASP D 118 24.61 -26.10 129.09
CA ASP D 118 24.26 -25.71 130.45
C ASP D 118 24.74 -24.29 130.69
N PRO D 119 23.85 -23.29 130.67
CA PRO D 119 24.28 -21.91 130.97
C PRO D 119 24.81 -21.73 132.38
N THR D 120 24.47 -22.63 133.30
CA THR D 120 24.92 -22.54 134.69
C THR D 120 26.24 -23.25 134.93
N ALA D 121 26.88 -23.77 133.88
CA ALA D 121 28.15 -24.44 134.04
C ALA D 121 29.22 -23.47 134.54
N ALA D 122 30.11 -23.98 135.39
CA ALA D 122 31.16 -23.16 135.99
C ALA D 122 32.34 -23.07 135.03
N ILE D 123 32.22 -22.16 134.08
CA ILE D 123 33.29 -21.87 133.13
C ILE D 123 34.19 -20.81 133.75
N VAL D 124 35.50 -21.04 133.67
CA VAL D 124 36.47 -20.21 134.39
C VAL D 124 37.55 -19.75 133.41
N SER D 125 38.16 -18.61 133.71
CA SER D 125 39.16 -18.03 132.83
C SER D 125 40.56 -18.49 133.20
N SER D 126 41.52 -18.13 132.35
CA SER D 126 42.91 -18.50 132.57
C SER D 126 43.59 -17.64 133.63
N ASP D 127 43.18 -16.38 133.75
CA ASP D 127 43.81 -15.49 134.74
C ASP D 127 43.42 -15.88 136.15
N THR D 128 44.27 -15.51 137.10
CA THR D 128 44.07 -15.84 138.51
C THR D 128 43.80 -14.57 139.31
N THR D 129 43.22 -14.76 140.49
CA THR D 129 42.91 -13.64 141.37
C THR D 129 44.06 -13.37 142.34
N ALA E 1 80.37 -20.95 124.94
CA ALA E 1 79.36 -21.93 124.59
C ALA E 1 78.23 -21.28 123.78
N ASN E 2 78.24 -21.50 122.48
CA ASN E 2 77.23 -20.90 121.62
C ASN E 2 75.92 -21.69 121.70
N LYS E 3 74.81 -21.01 121.40
CA LYS E 3 73.51 -21.65 121.45
C LYS E 3 73.33 -22.60 120.27
N PRO E 4 72.98 -23.85 120.49
CA PRO E 4 72.78 -24.77 119.37
C PRO E 4 71.44 -24.56 118.69
N MET E 5 71.35 -25.06 117.46
CA MET E 5 70.09 -25.07 116.71
C MET E 5 69.62 -26.50 116.51
N GLN E 6 68.31 -26.63 116.26
CA GLN E 6 67.68 -27.87 115.87
C GLN E 6 67.01 -27.69 114.50
N PRO E 7 67.02 -28.72 113.65
CA PRO E 7 66.40 -28.58 112.33
C PRO E 7 64.90 -28.40 112.44
N ILE E 8 64.36 -27.51 111.62
CA ILE E 8 62.94 -27.16 111.63
C ILE E 8 62.23 -27.66 110.38
N THR E 9 62.79 -27.38 109.21
CA THR E 9 62.29 -27.93 107.95
C THR E 9 63.38 -28.79 107.32
N SER E 10 63.03 -30.04 107.04
CA SER E 10 64.03 -31.02 106.62
C SER E 10 63.68 -31.59 105.26
N THR E 11 64.58 -31.40 104.31
CA THR E 11 64.54 -32.05 103.01
C THR E 11 65.97 -32.36 102.59
N ALA E 12 66.15 -33.49 101.91
CA ALA E 12 67.50 -33.88 101.50
C ALA E 12 68.11 -32.86 100.56
N ASN E 13 67.26 -32.14 99.82
CA ASN E 13 67.76 -31.05 98.98
C ASN E 13 68.06 -29.79 99.80
N LYS E 14 67.32 -29.55 100.87
CA LYS E 14 67.48 -28.32 101.65
C LYS E 14 67.07 -28.57 103.10
N ILE E 15 67.96 -28.25 104.02
CA ILE E 15 67.68 -28.29 105.46
C ILE E 15 67.99 -26.92 106.04
N VAL E 16 67.05 -26.39 106.83
CA VAL E 16 67.19 -25.09 107.46
C VAL E 16 67.16 -25.28 108.97
N TRP E 17 68.09 -24.62 109.66
CA TRP E 17 68.16 -24.66 111.11
C TRP E 17 67.54 -23.39 111.70
N SER E 18 67.18 -23.47 112.97
CA SER E 18 66.59 -22.33 113.65
C SER E 18 66.87 -22.42 115.14
N ASP E 19 66.99 -21.27 115.78
CA ASP E 19 67.23 -21.22 117.21
C ASP E 19 65.90 -21.29 117.95
N PRO E 20 65.71 -22.25 118.87
CA PRO E 20 64.45 -22.32 119.60
C PRO E 20 64.10 -21.05 120.36
N THR E 21 65.10 -20.33 120.89
CA THR E 21 64.84 -19.10 121.62
C THR E 21 64.68 -17.88 120.71
N ARG E 22 65.27 -17.90 119.51
CA ARG E 22 65.12 -16.79 118.57
C ARG E 22 64.86 -17.41 117.20
N LEU E 23 63.59 -17.51 116.82
CA LEU E 23 63.23 -18.16 115.56
C LEU E 23 63.66 -17.34 114.35
N SER E 24 64.08 -16.09 114.55
CA SER E 24 64.53 -15.27 113.43
C SER E 24 65.94 -15.64 112.97
N THR E 25 66.70 -16.38 113.78
CA THR E 25 68.04 -16.82 113.42
C THR E 25 67.96 -18.15 112.70
N THR E 26 68.38 -18.17 111.44
CA THR E 26 68.29 -19.36 110.61
C THR E 26 69.62 -19.62 109.92
N PHE E 27 69.87 -20.90 109.65
CA PHE E 27 71.03 -21.35 108.87
C PHE E 27 70.55 -22.37 107.87
N SER E 28 70.67 -22.04 106.58
CA SER E 28 70.13 -22.85 105.51
C SER E 28 71.24 -23.48 104.69
N ALA E 29 71.05 -24.75 104.33
CA ALA E 29 71.99 -25.47 103.47
C ALA E 29 71.21 -26.16 102.36
N SER E 30 71.58 -25.89 101.12
CA SER E 30 70.92 -26.48 99.96
C SER E 30 71.99 -27.02 99.02
N LEU E 31 71.78 -28.25 98.54
CA LEU E 31 72.71 -28.89 97.62
C LEU E 31 72.00 -29.22 96.32
N LEU E 32 72.64 -28.90 95.20
CA LEU E 32 72.16 -29.24 93.87
C LEU E 32 73.23 -30.05 93.16
N ARG E 33 72.87 -31.26 92.74
CA ARG E 33 73.83 -32.19 92.15
C ARG E 33 73.43 -32.49 90.71
N GLN E 34 74.41 -32.45 89.81
CA GLN E 34 74.20 -32.69 88.39
C GLN E 34 75.42 -33.40 87.84
N ARG E 35 75.21 -34.19 86.79
CA ARG E 35 76.30 -34.92 86.14
C ARG E 35 76.75 -34.11 84.93
N VAL E 36 77.52 -33.06 85.20
CA VAL E 36 78.10 -32.23 84.15
C VAL E 36 79.45 -32.83 83.74
N LYS E 37 79.43 -33.65 82.69
CA LYS E 37 80.64 -34.38 82.32
C LYS E 37 81.43 -33.62 81.24
N VAL E 38 82.73 -33.49 81.47
CA VAL E 38 83.65 -32.90 80.50
C VAL E 38 84.00 -33.98 79.49
N GLY E 39 84.67 -33.60 78.40
CA GLY E 39 85.03 -34.52 77.35
C GLY E 39 85.76 -35.76 77.83
N ILE E 40 85.34 -36.92 77.33
CA ILE E 40 85.87 -38.25 77.62
C ILE E 40 86.12 -38.43 79.12
N ALA E 41 85.25 -37.85 79.95
CA ALA E 41 85.36 -38.00 81.39
C ALA E 41 83.96 -37.87 82.00
N GLU E 42 83.82 -38.38 83.21
CA GLU E 42 82.59 -38.29 83.98
C GLU E 42 82.86 -37.55 85.28
N LEU E 43 82.05 -36.51 85.55
CA LEU E 43 82.26 -35.68 86.73
C LEU E 43 80.91 -35.33 87.33
N ASN E 44 80.78 -35.50 88.64
CA ASN E 44 79.59 -35.12 89.38
C ASN E 44 79.93 -33.93 90.27
N ASN E 45 79.36 -32.77 89.95
CA ASN E 45 79.60 -31.55 90.71
C ASN E 45 78.43 -31.30 91.65
N VAL E 46 78.72 -30.73 92.81
CA VAL E 46 77.72 -30.47 93.85
C VAL E 46 77.79 -29.00 94.19
N SER E 47 76.80 -28.24 93.75
CA SER E 47 76.71 -26.81 94.05
C SER E 47 76.10 -26.64 95.44
N GLY E 48 76.88 -26.12 96.38
CA GLY E 48 76.41 -25.97 97.74
C GLY E 48 76.17 -24.55 98.16
N GLN E 49 74.92 -24.22 98.45
CA GLN E 49 74.52 -22.88 98.85
C GLN E 49 74.19 -22.89 100.33
N TYR E 50 74.86 -22.02 101.09
CA TYR E 50 74.69 -21.92 102.53
C TYR E 50 74.34 -20.48 102.89
N VAL E 51 73.21 -20.30 103.57
CA VAL E 51 72.70 -18.98 103.91
C VAL E 51 72.56 -18.87 105.42
N SER E 52 73.16 -17.83 105.99
CA SER E 52 73.03 -17.52 107.40
C SER E 52 72.31 -16.17 107.55
N VAL E 53 71.22 -16.17 108.31
CA VAL E 53 70.37 -15.00 108.44
C VAL E 53 70.21 -14.67 109.92
N TYR E 54 70.46 -13.42 110.27
CA TYR E 54 70.27 -12.92 111.63
C TYR E 54 69.65 -11.53 111.57
N LYS E 55 68.71 -11.27 112.48
CA LYS E 55 68.07 -9.97 112.58
C LYS E 55 68.50 -9.32 113.90
N ARG E 56 69.39 -8.33 113.80
CA ARG E 56 69.92 -7.62 114.95
C ARG E 56 69.34 -6.21 114.99
N PRO E 57 68.88 -5.73 116.15
CA PRO E 57 68.34 -4.38 116.22
C PRO E 57 69.39 -3.33 115.88
N ALA E 58 68.91 -2.21 115.33
CA ALA E 58 69.80 -1.12 114.97
C ALA E 58 70.47 -0.57 116.22
N PRO E 59 71.71 -0.05 116.09
CA PRO E 59 72.46 0.36 117.29
C PRO E 59 71.79 1.49 118.06
N LYS E 60 71.81 1.38 119.38
CA LYS E 60 71.29 2.40 120.28
C LYS E 60 72.22 3.61 120.28
N PRO E 61 71.71 4.81 120.57
CA PRO E 61 72.59 5.99 120.66
C PRO E 61 73.65 5.81 121.74
N GLU E 62 74.85 6.33 121.47
CA GLU E 62 75.99 6.05 122.33
C GLU E 62 75.78 6.58 123.75
N GLY E 63 75.23 7.78 123.89
CA GLY E 63 74.99 8.34 125.20
C GLY E 63 73.61 8.02 125.73
N CYS E 64 73.30 6.73 125.87
CA CYS E 64 71.98 6.30 126.33
C CYS E 64 72.13 5.30 127.47
N ALA E 65 71.30 5.48 128.50
CA ALA E 65 71.24 4.56 129.61
C ALA E 65 69.82 4.11 129.92
N ASP E 66 68.88 4.31 129.01
CA ASP E 66 67.48 3.96 129.26
C ASP E 66 67.33 2.45 129.40
N ALA E 67 66.36 2.04 130.23
CA ALA E 67 66.15 0.64 130.53
C ALA E 67 65.76 -0.15 129.28
N CYS E 68 64.62 0.20 128.67
CA CYS E 68 64.11 -0.55 127.52
C CYS E 68 63.57 0.38 126.45
N VAL E 69 64.37 0.57 125.40
CA VAL E 69 63.93 1.23 124.18
C VAL E 69 64.36 0.35 123.01
N ILE E 70 63.41 -0.19 122.27
CA ILE E 70 63.69 -1.21 121.27
C ILE E 70 63.60 -0.58 119.88
N MET E 71 64.60 -0.87 119.05
CA MET E 71 64.66 -0.40 117.67
C MET E 71 64.33 -1.55 116.73
N PRO E 72 63.80 -1.28 115.55
CA PRO E 72 63.45 -2.35 114.62
C PRO E 72 64.69 -3.07 114.10
N ASN E 73 64.48 -4.32 113.71
CA ASN E 73 65.57 -5.20 113.31
C ASN E 73 66.01 -4.91 111.88
N GLU E 74 67.26 -5.25 111.58
CA GLU E 74 67.82 -5.11 110.25
C GLU E 74 68.30 -6.48 109.79
N ASN E 75 68.37 -6.66 108.47
CA ASN E 75 68.72 -7.97 107.92
C ASN E 75 70.23 -8.10 107.80
N GLN E 76 70.78 -9.15 108.39
CA GLN E 76 72.19 -9.50 108.28
C GLN E 76 72.28 -10.90 107.68
N SER E 77 72.67 -10.97 106.41
CA SER E 77 72.72 -12.23 105.68
C SER E 77 74.10 -12.45 105.09
N ILE E 78 74.59 -13.68 105.20
CA ILE E 78 75.84 -14.10 104.56
C ILE E 78 75.53 -15.35 103.77
N ARG E 79 75.85 -15.34 102.47
CA ARG E 79 75.50 -16.41 101.56
C ARG E 79 76.76 -16.91 100.85
N THR E 80 76.99 -18.22 100.94
CA THR E 80 78.16 -18.84 100.35
C THR E 80 77.75 -19.96 99.40
N VAL E 81 78.32 -19.94 98.20
CA VAL E 81 78.04 -20.94 97.18
C VAL E 81 79.35 -21.61 96.81
N ILE E 82 79.39 -22.94 96.90
CA ILE E 82 80.57 -23.73 96.57
C ILE E 82 80.20 -24.67 95.43
N SER E 83 80.97 -24.60 94.34
CA SER E 83 80.72 -25.41 93.15
C SER E 83 82.00 -26.16 92.80
N GLY E 84 81.88 -27.46 92.57
CA GLY E 84 83.02 -28.27 92.19
C GLY E 84 82.69 -29.75 92.13
N SER E 85 83.50 -30.51 91.40
CA SER E 85 83.26 -31.94 91.26
C SER E 85 83.60 -32.66 92.55
N ALA E 86 82.95 -33.81 92.76
CA ALA E 86 83.20 -34.60 93.96
C ALA E 86 84.59 -35.23 93.93
N GLU E 87 85.19 -35.34 92.73
CA GLU E 87 86.50 -35.96 92.61
C GLU E 87 87.59 -35.09 93.24
N ASN E 88 87.44 -33.77 93.15
CA ASN E 88 88.44 -32.83 93.63
C ASN E 88 88.09 -32.24 94.99
N LEU E 89 87.52 -33.05 95.89
CA LEU E 89 87.01 -32.52 97.15
C LEU E 89 88.13 -31.97 98.03
N ALA E 90 89.28 -32.65 98.07
CA ALA E 90 90.37 -32.23 98.95
C ALA E 90 90.92 -30.87 98.52
N THR E 91 91.19 -30.71 97.23
CA THR E 91 91.69 -29.44 96.76
C THR E 91 90.61 -28.36 96.78
N LEU E 92 89.34 -28.75 96.69
CA LEU E 92 88.27 -27.79 96.91
C LEU E 92 88.26 -27.29 98.34
N LYS E 93 88.54 -28.18 99.29
CA LYS E 93 88.66 -27.77 100.69
C LYS E 93 89.85 -26.83 100.88
N ALA E 94 90.95 -27.12 100.20
CA ALA E 94 92.10 -26.19 100.23
C ALA E 94 91.73 -24.83 99.66
N GLU E 95 90.99 -24.81 98.55
CA GLU E 95 90.51 -23.56 97.98
C GLU E 95 89.60 -22.82 98.97
N TRP E 96 88.79 -23.58 99.71
CA TRP E 96 87.90 -22.96 100.70
C TRP E 96 88.70 -22.33 101.84
N GLU E 97 89.77 -22.99 102.26
CA GLU E 97 90.65 -22.40 103.28
C GLU E 97 91.29 -21.11 102.78
N THR E 98 91.77 -21.13 101.52
CA THR E 98 92.34 -19.92 100.94
C THR E 98 91.30 -18.81 100.85
N HIS E 99 90.06 -19.17 100.49
CA HIS E 99 88.98 -18.19 100.43
C HIS E 99 88.71 -17.60 101.80
N LYS E 100 88.70 -18.45 102.84
CA LYS E 100 88.60 -17.94 104.20
C LYS E 100 89.68 -16.91 104.48
N ARG E 101 90.93 -17.24 104.18
CA ARG E 101 92.02 -16.33 104.53
C ARG E 101 91.89 -15.01 103.78
N ASN E 102 91.56 -15.07 102.49
CA ASN E 102 91.42 -13.84 101.70
C ASN E 102 90.27 -12.98 102.21
N VAL E 103 89.11 -13.59 102.47
CA VAL E 103 87.96 -12.82 102.93
C VAL E 103 88.24 -12.24 104.31
N ASP E 104 88.93 -12.98 105.17
CA ASP E 104 89.30 -12.45 106.47
C ASP E 104 90.23 -11.26 106.32
N THR E 105 91.21 -11.34 105.42
CA THR E 105 92.13 -10.23 105.21
C THR E 105 91.38 -8.99 104.73
N LEU E 106 90.44 -9.16 103.80
CA LEU E 106 89.73 -8.00 103.26
C LEU E 106 88.67 -7.44 104.20
N PHE E 107 88.06 -8.29 105.03
CA PHE E 107 86.87 -7.91 105.80
C PHE E 107 87.12 -7.88 107.31
N ALA E 108 87.60 -8.98 107.87
CA ALA E 108 87.75 -9.08 109.31
C ALA E 108 88.78 -8.08 109.84
N SER E 109 89.89 -7.92 109.12
CA SER E 109 90.93 -6.99 109.51
C SER E 109 91.01 -5.76 108.63
N GLY E 110 90.16 -5.66 107.59
CA GLY E 110 90.18 -4.54 106.68
C GLY E 110 89.06 -3.55 106.95
N ASN E 111 88.63 -2.88 105.89
CA ASN E 111 87.56 -1.89 105.96
C ASN E 111 86.48 -2.14 104.91
N ALA E 112 86.46 -3.34 104.32
CA ALA E 112 85.42 -3.66 103.35
C ALA E 112 84.04 -3.64 103.99
N GLY E 113 83.95 -3.93 105.28
CA GLY E 113 82.69 -3.81 105.99
C GLY E 113 82.14 -2.40 106.00
N LEU E 114 82.99 -1.40 106.17
CA LEU E 114 82.60 0.00 106.07
C LEU E 114 82.44 0.45 104.64
N GLY E 115 83.09 -0.22 103.68
CA GLY E 115 82.94 0.14 102.29
C GLY E 115 84.18 0.65 101.62
N PHE E 116 85.37 0.36 102.15
CA PHE E 116 86.63 0.77 101.56
C PHE E 116 87.41 -0.46 101.13
N LEU E 117 87.90 -0.45 99.89
CA LEU E 117 88.73 -1.51 99.35
C LEU E 117 90.18 -1.05 99.29
N ASP E 118 91.09 -1.88 99.78
CA ASP E 118 92.50 -1.56 99.79
C ASP E 118 93.21 -2.38 98.72
N PRO E 119 93.68 -1.77 97.63
CA PRO E 119 94.40 -2.55 96.60
C PRO E 119 95.75 -3.05 97.06
N THR E 120 96.22 -2.65 98.25
CA THR E 120 97.50 -3.11 98.78
C THR E 120 97.34 -4.28 99.74
N ALA E 121 96.15 -4.87 99.84
CA ALA E 121 95.93 -5.98 100.74
C ALA E 121 96.76 -7.19 100.32
N ALA E 122 97.22 -7.95 101.31
CA ALA E 122 98.08 -9.12 101.07
C ALA E 122 97.19 -10.32 100.79
N ILE E 123 96.71 -10.41 99.56
CA ILE E 123 95.88 -11.53 99.12
C ILE E 123 96.78 -12.63 98.61
N VAL E 124 96.46 -13.87 98.97
CA VAL E 124 97.32 -15.01 98.69
C VAL E 124 96.57 -16.04 97.86
N SER E 125 97.33 -16.92 97.21
CA SER E 125 96.75 -18.00 96.43
C SER E 125 96.87 -19.32 97.18
N SER E 126 96.16 -20.33 96.66
CA SER E 126 96.14 -21.63 97.34
C SER E 126 97.44 -22.41 97.16
N ASP E 127 98.05 -22.34 95.98
CA ASP E 127 99.27 -23.09 95.72
C ASP E 127 100.41 -22.60 96.59
N THR E 128 101.28 -23.53 96.99
CA THR E 128 102.41 -23.22 97.85
C THR E 128 103.71 -23.27 97.04
N THR E 129 104.68 -22.48 97.48
CA THR E 129 105.97 -22.42 96.81
C THR E 129 106.81 -23.67 97.09
N ALA F 1 83.29 -55.69 107.21
CA ALA F 1 82.82 -54.32 107.41
C ALA F 1 82.49 -53.66 106.07
N ASN F 2 81.21 -53.66 105.72
CA ASN F 2 80.78 -53.05 104.47
C ASN F 2 80.69 -51.54 104.62
N LYS F 3 80.76 -50.85 103.48
CA LYS F 3 80.70 -49.39 103.50
C LYS F 3 79.25 -48.94 103.63
N PRO F 4 78.91 -48.17 104.67
CA PRO F 4 77.55 -47.67 104.80
C PRO F 4 77.25 -46.56 103.79
N MET F 5 75.96 -46.32 103.58
CA MET F 5 75.50 -45.20 102.77
C MET F 5 74.83 -44.15 103.63
N GLN F 6 74.59 -42.99 103.04
CA GLN F 6 73.80 -41.91 103.60
C GLN F 6 72.72 -41.48 102.61
N PRO F 7 71.58 -40.99 103.08
CA PRO F 7 70.48 -40.68 102.16
C PRO F 7 70.74 -39.44 101.31
N ILE F 8 70.56 -39.57 99.99
CA ILE F 8 70.69 -38.43 99.10
C ILE F 8 69.35 -37.77 98.81
N THR F 9 68.25 -38.54 98.86
CA THR F 9 66.92 -37.99 98.63
C THR F 9 65.99 -38.58 99.69
N SER F 10 65.42 -37.71 100.52
CA SER F 10 64.53 -38.13 101.59
C SER F 10 63.14 -37.57 101.32
N THR F 11 62.15 -38.46 101.29
CA THR F 11 60.78 -38.09 101.01
C THR F 11 59.87 -39.05 101.78
N ALA F 12 58.66 -38.59 102.10
CA ALA F 12 57.73 -39.41 102.88
C ALA F 12 57.38 -40.70 102.15
N ASN F 13 57.60 -40.76 100.84
CA ASN F 13 57.28 -41.95 100.05
C ASN F 13 58.49 -42.60 99.40
N LYS F 14 59.69 -42.02 99.51
CA LYS F 14 60.86 -42.56 98.83
C LYS F 14 62.12 -42.05 99.51
N ILE F 15 63.04 -42.96 99.82
CA ILE F 15 64.35 -42.62 100.35
C ILE F 15 65.40 -43.31 99.50
N VAL F 16 66.42 -42.55 99.08
CA VAL F 16 67.47 -43.05 98.21
C VAL F 16 68.80 -42.91 98.93
N TRP F 17 69.58 -43.98 98.96
CA TRP F 17 70.91 -43.99 99.53
C TRP F 17 71.96 -43.99 98.43
N SER F 18 73.19 -43.60 98.80
CA SER F 18 74.29 -43.59 97.84
C SER F 18 75.61 -43.59 98.60
N ASP F 19 76.55 -44.39 98.12
CA ASP F 19 77.83 -44.53 98.80
C ASP F 19 78.67 -43.27 98.62
N PRO F 20 79.23 -42.72 99.71
CA PRO F 20 80.09 -41.53 99.55
C PRO F 20 81.28 -41.75 98.64
N THR F 21 81.88 -42.95 98.68
CA THR F 21 83.04 -43.21 97.83
C THR F 21 82.65 -43.36 96.37
N ARG F 22 81.58 -44.10 96.10
CA ARG F 22 81.09 -44.31 94.74
C ARG F 22 79.64 -43.86 94.67
N LEU F 23 79.38 -42.80 93.90
CA LEU F 23 78.02 -42.26 93.83
C LEU F 23 77.15 -43.08 92.89
N SER F 24 77.77 -43.95 92.09
CA SER F 24 77.02 -44.77 91.14
C SER F 24 76.16 -45.80 91.84
N THR F 25 76.62 -46.27 93.01
CA THR F 25 75.89 -47.31 93.74
C THR F 25 74.81 -46.67 94.59
N THR F 26 73.55 -46.95 94.27
CA THR F 26 72.42 -46.38 95.00
C THR F 26 71.46 -47.48 95.39
N PHE F 27 70.69 -47.22 96.44
CA PHE F 27 69.67 -48.13 96.95
C PHE F 27 68.48 -47.31 97.40
N SER F 28 67.32 -47.53 96.79
CA SER F 28 66.14 -46.74 97.07
C SER F 28 64.96 -47.64 97.42
N ALA F 29 64.12 -47.15 98.33
CA ALA F 29 62.91 -47.84 98.75
C ALA F 29 61.74 -46.90 98.59
N SER F 30 60.68 -47.37 97.93
CA SER F 30 59.48 -46.59 97.68
C SER F 30 58.28 -47.38 98.17
N LEU F 31 57.41 -46.75 98.94
CA LEU F 31 56.22 -47.40 99.49
C LEU F 31 54.97 -46.73 98.95
N LEU F 32 54.03 -47.55 98.48
CA LEU F 32 52.72 -47.08 98.03
C LEU F 32 51.67 -47.69 98.94
N ARG F 33 50.87 -46.83 99.57
CA ARG F 33 49.88 -47.23 100.57
C ARG F 33 48.48 -46.98 100.04
N GLN F 34 47.67 -48.05 99.99
CA GLN F 34 46.32 -47.97 99.47
C GLN F 34 45.40 -48.81 100.35
N ARG F 35 44.13 -48.44 100.35
CA ARG F 35 43.11 -49.24 101.00
C ARG F 35 42.44 -50.15 99.97
N VAL F 36 42.36 -51.44 100.29
CA VAL F 36 41.82 -52.43 99.38
C VAL F 36 40.45 -52.86 99.89
N LYS F 37 39.45 -52.78 99.02
CA LYS F 37 38.08 -53.16 99.36
C LYS F 37 37.91 -54.65 99.10
N VAL F 38 37.87 -55.42 100.19
CA VAL F 38 37.61 -56.85 100.12
C VAL F 38 36.32 -57.11 100.90
N GLY F 39 35.48 -57.97 100.34
CA GLY F 39 34.16 -58.26 100.89
C GLY F 39 34.13 -58.38 102.39
N ILE F 40 33.17 -57.68 103.02
CA ILE F 40 32.99 -57.58 104.46
C ILE F 40 34.33 -57.43 105.19
N ALA F 41 35.21 -56.59 104.64
CA ALA F 41 36.49 -56.32 105.27
C ALA F 41 37.01 -54.98 104.79
N GLU F 42 37.85 -54.35 105.62
CA GLU F 42 38.51 -53.09 105.26
C GLU F 42 39.97 -53.20 105.68
N LEU F 43 40.80 -53.71 104.77
CA LEU F 43 42.22 -53.91 105.00
C LEU F 43 43.02 -53.11 103.97
N ASN F 44 44.15 -52.58 104.42
CA ASN F 44 44.95 -51.64 103.63
C ASN F 44 46.26 -52.29 103.20
N ASN F 45 46.48 -52.34 101.90
CA ASN F 45 47.70 -52.94 101.35
C ASN F 45 48.81 -51.92 101.28
N VAL F 46 50.05 -52.41 101.28
CA VAL F 46 51.24 -51.59 101.09
C VAL F 46 52.12 -52.27 100.06
N SER F 47 52.66 -51.49 99.12
CA SER F 47 53.54 -52.01 98.08
C SER F 47 54.91 -51.38 98.27
N GLY F 48 55.93 -52.22 98.46
CA GLY F 48 57.27 -51.72 98.67
C GLY F 48 58.21 -52.13 97.56
N GLN F 49 58.85 -51.15 96.92
CA GLN F 49 59.76 -51.40 95.81
C GLN F 49 61.17 -51.06 96.24
N TYR F 50 62.08 -52.03 96.13
CA TYR F 50 63.47 -51.87 96.52
C TYR F 50 64.35 -52.15 95.31
N VAL F 51 65.24 -51.23 94.98
CA VAL F 51 66.15 -51.37 93.85
C VAL F 51 67.57 -51.16 94.34
N SER F 52 68.48 -52.01 93.87
CA SER F 52 69.92 -51.87 94.12
C SER F 52 70.65 -51.86 92.79
N VAL F 53 71.50 -50.85 92.59
CA VAL F 53 72.25 -50.71 91.35
C VAL F 53 73.74 -50.60 91.67
N TYR F 54 74.55 -51.31 90.89
CA TYR F 54 76.00 -51.20 90.95
C TYR F 54 76.50 -51.04 89.52
N LYS F 55 77.34 -50.02 89.31
CA LYS F 55 77.87 -49.76 87.97
C LYS F 55 79.22 -50.46 87.84
N ARG F 56 79.14 -51.78 87.84
CA ARG F 56 80.34 -52.61 87.86
C ARG F 56 81.14 -52.45 86.57
N PRO F 57 82.46 -52.38 86.64
CA PRO F 57 83.27 -52.38 85.42
C PRO F 57 83.13 -53.68 84.66
N ALA F 58 83.17 -53.57 83.34
CA ALA F 58 83.11 -54.75 82.48
C ALA F 58 84.37 -55.57 82.67
N PRO F 59 84.32 -56.88 82.43
CA PRO F 59 85.51 -57.72 82.71
C PRO F 59 86.72 -57.27 81.91
N LYS F 60 87.84 -57.14 82.61
CA LYS F 60 89.08 -56.71 81.99
C LYS F 60 89.61 -57.80 81.05
N PRO F 61 90.22 -57.41 79.93
CA PRO F 61 90.84 -58.42 79.04
C PRO F 61 91.97 -59.17 79.74
N GLU F 62 92.27 -60.37 79.24
CA GLU F 62 93.17 -61.30 79.92
C GLU F 62 94.61 -61.02 79.54
N GLY F 63 95.50 -61.08 80.52
CA GLY F 63 96.92 -61.02 80.28
C GLY F 63 97.50 -59.63 80.10
N CYS F 64 96.71 -58.57 80.28
CA CYS F 64 97.18 -57.21 80.08
C CYS F 64 96.92 -56.38 81.33
N ALA F 65 97.98 -55.95 81.99
CA ALA F 65 97.90 -55.02 83.11
C ALA F 65 98.01 -53.60 82.55
N ASP F 66 96.89 -53.07 82.07
CA ASP F 66 96.90 -51.76 81.44
C ASP F 66 97.27 -50.68 82.45
N ALA F 67 97.82 -49.57 81.93
CA ALA F 67 98.30 -48.50 82.79
C ALA F 67 97.17 -47.89 83.61
N CYS F 68 96.02 -47.64 82.98
CA CYS F 68 94.90 -47.01 83.65
C CYS F 68 93.61 -47.74 83.28
N VAL F 69 92.67 -47.74 84.23
CA VAL F 69 91.37 -48.37 83.98
C VAL F 69 90.55 -47.50 83.04
N ILE F 70 90.20 -48.05 81.89
CA ILE F 70 89.45 -47.33 80.88
C ILE F 70 88.27 -48.18 80.42
N MET F 71 87.94 -49.19 81.21
CA MET F 71 86.98 -50.18 80.74
C MET F 71 85.57 -49.60 80.84
N PRO F 72 84.73 -49.76 79.82
CA PRO F 72 83.39 -49.14 79.87
C PRO F 72 82.40 -49.93 80.70
N ASN F 73 82.34 -49.61 81.99
CA ASN F 73 81.50 -50.29 82.98
C ASN F 73 80.06 -50.53 82.56
N GLU F 74 79.44 -51.54 83.15
CA GLU F 74 78.09 -51.97 82.82
C GLU F 74 77.15 -51.71 83.99
N ASN F 75 75.90 -52.14 83.83
CA ASN F 75 74.85 -51.88 84.82
C ASN F 75 74.39 -53.21 85.43
N GLN F 76 74.39 -53.29 86.75
CA GLN F 76 73.83 -54.42 87.49
C GLN F 76 72.69 -53.90 88.36
N SER F 77 71.51 -54.52 88.24
CA SER F 77 70.33 -54.06 88.94
C SER F 77 69.60 -55.24 89.57
N ILE F 78 69.09 -55.02 90.78
CA ILE F 78 68.25 -55.98 91.49
C ILE F 78 67.04 -55.23 92.01
N ARG F 79 65.84 -55.67 91.63
CA ARG F 79 64.60 -54.99 91.95
C ARG F 79 63.64 -55.96 92.62
N THR F 80 63.13 -55.58 93.78
CA THR F 80 62.24 -56.42 94.57
C THR F 80 60.99 -55.64 94.95
N VAL F 81 59.83 -56.24 94.75
CA VAL F 81 58.55 -55.63 95.08
C VAL F 81 57.80 -56.57 96.01
N ILE F 82 57.44 -56.07 97.19
CA ILE F 82 56.70 -56.83 98.19
C ILE F 82 55.38 -56.12 98.44
N SER F 83 54.27 -56.82 98.24
CA SER F 83 52.94 -56.25 98.37
C SER F 83 52.09 -57.19 99.22
N GLY F 84 51.38 -56.63 100.19
CA GLY F 84 50.51 -57.42 101.04
C GLY F 84 49.93 -56.57 102.14
N SER F 85 48.87 -57.11 102.75
CA SER F 85 48.19 -56.38 103.81
C SER F 85 49.05 -56.30 105.05
N ALA F 86 48.96 -55.17 105.75
CA ALA F 86 49.74 -55.00 106.98
C ALA F 86 49.20 -55.86 108.11
N GLU F 87 47.96 -56.32 108.00
CA GLU F 87 47.38 -57.18 109.03
C GLU F 87 48.10 -58.52 109.09
N ASN F 88 48.53 -59.02 107.93
CA ASN F 88 49.21 -60.30 107.81
C ASN F 88 50.72 -60.15 107.69
N LEU F 89 51.31 -59.21 108.44
CA LEU F 89 52.72 -58.89 108.25
C LEU F 89 53.62 -60.06 108.63
N ALA F 90 53.25 -60.84 109.65
CA ALA F 90 54.04 -62.01 110.01
C ALA F 90 54.07 -63.03 108.88
N THR F 91 52.91 -63.27 108.27
CA THR F 91 52.84 -64.13 107.09
C THR F 91 53.66 -63.57 105.93
N LEU F 92 53.62 -62.26 105.72
CA LEU F 92 54.41 -61.67 104.65
C LEU F 92 55.90 -61.85 104.89
N LYS F 93 56.32 -61.74 106.16
CA LYS F 93 57.73 -61.96 106.48
C LYS F 93 58.12 -63.42 106.26
N ALA F 94 57.24 -64.36 106.63
CA ALA F 94 57.51 -65.76 106.35
C ALA F 94 57.62 -66.02 104.85
N GLU F 95 56.73 -65.39 104.07
CA GLU F 95 56.80 -65.50 102.62
C GLU F 95 58.09 -64.91 102.07
N TRP F 96 58.56 -63.81 102.66
CA TRP F 96 59.82 -63.21 102.25
C TRP F 96 60.98 -64.17 102.51
N GLU F 97 60.97 -64.82 103.68
CA GLU F 97 62.03 -65.79 103.97
C GLU F 97 62.00 -66.96 102.99
N THR F 98 60.81 -67.48 102.71
CA THR F 98 60.69 -68.59 101.76
C THR F 98 61.14 -68.17 100.36
N HIS F 99 60.77 -66.95 99.95
CA HIS F 99 61.19 -66.45 98.65
C HIS F 99 62.70 -66.30 98.58
N LYS F 100 63.32 -65.79 99.64
CA LYS F 100 64.77 -65.69 99.68
C LYS F 100 65.41 -67.08 99.53
N ARG F 101 64.87 -68.07 100.24
CA ARG F 101 65.42 -69.42 100.15
C ARG F 101 65.29 -69.97 98.74
N ASN F 102 64.14 -69.77 98.10
CA ASN F 102 63.94 -70.28 96.75
C ASN F 102 64.86 -69.61 95.74
N VAL F 103 65.02 -68.28 95.84
CA VAL F 103 65.92 -67.59 94.93
C VAL F 103 67.37 -68.00 95.18
N ASP F 104 67.72 -68.27 96.43
CA ASP F 104 69.05 -68.78 96.72
C ASP F 104 69.26 -70.15 96.08
N THR F 105 68.24 -71.01 96.15
CA THR F 105 68.34 -72.33 95.55
C THR F 105 68.51 -72.25 94.04
N LEU F 106 67.73 -71.39 93.38
CA LEU F 106 67.79 -71.30 91.92
C LEU F 106 69.04 -70.57 91.44
N PHE F 107 69.41 -69.48 92.10
CA PHE F 107 70.43 -68.55 91.61
C PHE F 107 71.73 -68.61 92.40
N ALA F 108 71.66 -68.43 93.72
CA ALA F 108 72.88 -68.36 94.52
C ALA F 108 73.65 -69.67 94.49
N SER F 109 72.95 -70.79 94.63
CA SER F 109 73.59 -72.10 94.58
C SER F 109 73.33 -72.84 93.28
N GLY F 110 72.56 -72.26 92.36
CA GLY F 110 72.30 -72.85 91.07
C GLY F 110 72.93 -72.05 89.95
N ASN F 111 72.58 -72.42 88.72
CA ASN F 111 73.17 -71.78 87.54
C ASN F 111 72.12 -70.99 86.78
N ALA F 112 71.16 -70.39 87.49
CA ALA F 112 70.18 -69.52 86.84
C ALA F 112 70.84 -68.25 86.33
N GLY F 113 71.99 -67.89 86.90
CA GLY F 113 72.69 -66.70 86.43
C GLY F 113 73.19 -66.83 85.00
N LEU F 114 73.63 -68.02 84.63
CA LEU F 114 74.09 -68.24 83.26
C LEU F 114 72.93 -68.34 82.28
N GLY F 115 71.71 -68.57 82.79
CA GLY F 115 70.54 -68.68 81.95
C GLY F 115 69.89 -70.04 81.93
N PHE F 116 70.20 -70.90 82.89
CA PHE F 116 69.64 -72.25 82.89
C PHE F 116 68.66 -72.42 84.04
N LEU F 117 67.44 -72.86 83.70
CA LEU F 117 66.39 -73.10 84.68
C LEU F 117 66.31 -74.60 84.95
N ASP F 118 66.83 -75.01 86.09
CA ASP F 118 66.85 -76.43 86.45
C ASP F 118 65.45 -76.87 86.85
N PRO F 119 64.85 -77.86 86.19
CA PRO F 119 63.49 -78.27 86.55
C PRO F 119 63.43 -79.19 87.77
N THR F 120 64.56 -79.66 88.28
CA THR F 120 64.56 -80.55 89.43
C THR F 120 65.02 -79.87 90.73
N ALA F 121 65.08 -78.54 90.75
CA ALA F 121 65.53 -77.84 91.94
C ALA F 121 64.54 -78.03 93.09
N ALA F 122 65.05 -78.02 94.31
CA ALA F 122 64.25 -78.26 95.50
C ALA F 122 63.64 -76.94 95.97
N ILE F 123 62.44 -76.66 95.50
CA ILE F 123 61.69 -75.48 95.91
C ILE F 123 60.79 -75.85 97.08
N VAL F 124 60.79 -75.01 98.10
CA VAL F 124 60.00 -75.25 99.31
C VAL F 124 59.11 -74.04 99.56
N SER F 125 57.97 -74.29 100.22
CA SER F 125 56.98 -73.26 100.44
C SER F 125 57.04 -72.73 101.87
N SER F 126 56.18 -71.75 102.16
CA SER F 126 56.11 -71.21 103.50
C SER F 126 55.39 -72.14 104.48
N ASP F 127 54.49 -72.97 103.98
CA ASP F 127 53.75 -73.88 104.85
C ASP F 127 54.66 -74.95 105.43
N THR F 128 54.36 -75.35 106.66
CA THR F 128 55.13 -76.35 107.38
C THR F 128 54.28 -77.57 107.67
N THR F 129 54.94 -78.68 108.00
CA THR F 129 54.25 -79.92 108.31
C THR F 129 54.45 -80.28 109.78
N ALA G 1 -32.69 144.31 -3.94
CA ALA G 1 -31.49 143.89 -4.63
C ALA G 1 -31.08 142.48 -4.24
N ASN G 2 -30.99 141.60 -5.23
CA ASN G 2 -30.61 140.21 -4.97
C ASN G 2 -29.15 139.98 -5.33
N LYS G 3 -28.54 138.99 -4.67
CA LYS G 3 -27.14 138.70 -4.91
C LYS G 3 -26.98 137.87 -6.18
N PRO G 4 -26.25 138.36 -7.19
CA PRO G 4 -26.05 137.57 -8.40
C PRO G 4 -25.14 136.37 -8.15
N MET G 5 -25.30 135.34 -8.98
CA MET G 5 -24.41 134.20 -9.00
C MET G 5 -23.58 134.23 -10.27
N GLN G 6 -22.36 133.71 -10.19
CA GLN G 6 -21.56 133.49 -11.39
C GLN G 6 -21.30 132.01 -11.56
N PRO G 7 -21.32 131.51 -12.80
CA PRO G 7 -21.29 130.06 -13.00
C PRO G 7 -19.98 129.44 -12.55
N ILE G 8 -20.05 128.17 -12.17
CA ILE G 8 -18.87 127.38 -11.84
C ILE G 8 -18.64 126.23 -12.80
N THR G 9 -19.69 125.71 -13.43
CA THR G 9 -19.55 124.70 -14.47
C THR G 9 -20.39 125.12 -15.66
N SER G 10 -19.74 125.28 -16.81
CA SER G 10 -20.40 125.75 -18.01
C SER G 10 -20.24 124.73 -19.13
N THR G 11 -21.36 124.35 -19.72
CA THR G 11 -21.38 123.39 -20.83
C THR G 11 -22.60 123.71 -21.70
N ALA G 12 -22.54 123.27 -22.95
CA ALA G 12 -23.66 123.49 -23.86
C ALA G 12 -24.90 122.73 -23.42
N ASN G 13 -24.74 121.75 -22.54
CA ASN G 13 -25.83 120.92 -22.08
C ASN G 13 -26.20 121.15 -20.61
N LYS G 14 -25.37 121.86 -19.85
CA LYS G 14 -25.61 122.07 -18.42
C LYS G 14 -24.80 123.26 -17.94
N ILE G 15 -25.44 124.14 -17.19
CA ILE G 15 -24.76 125.25 -16.51
C ILE G 15 -25.20 125.27 -15.07
N VAL G 16 -24.25 125.40 -14.15
CA VAL G 16 -24.52 125.40 -12.72
C VAL G 16 -24.07 126.75 -12.15
N TRP G 17 -24.96 127.42 -11.43
CA TRP G 17 -24.65 128.68 -10.77
C TRP G 17 -24.59 128.45 -9.27
N SER G 18 -23.64 129.11 -8.60
CA SER G 18 -23.53 129.04 -7.15
C SER G 18 -23.17 130.42 -6.61
N ASP G 19 -23.72 130.73 -5.43
CA ASP G 19 -23.48 132.02 -4.82
C ASP G 19 -22.07 132.09 -4.26
N PRO G 20 -21.30 133.12 -4.61
CA PRO G 20 -19.91 133.19 -4.10
C PRO G 20 -19.83 133.24 -2.59
N THR G 21 -20.81 133.87 -1.92
CA THR G 21 -20.81 133.90 -0.46
C THR G 21 -21.22 132.57 0.15
N ARG G 22 -22.14 131.84 -0.48
CA ARG G 22 -22.53 130.51 -0.01
C ARG G 22 -22.61 129.54 -1.19
N LEU G 23 -21.54 128.78 -1.41
CA LEU G 23 -21.49 127.87 -2.55
C LEU G 23 -22.51 126.76 -2.44
N SER G 24 -23.03 126.52 -1.23
CA SER G 24 -24.05 125.50 -1.05
C SER G 24 -25.35 125.81 -1.78
N THR G 25 -25.59 127.08 -2.11
CA THR G 25 -26.75 127.45 -2.92
C THR G 25 -26.41 127.25 -4.38
N THR G 26 -27.17 126.39 -5.06
CA THR G 26 -26.91 126.04 -6.45
C THR G 26 -28.18 126.20 -7.27
N PHE G 27 -27.98 126.52 -8.55
CA PHE G 27 -29.06 126.59 -9.54
C PHE G 27 -28.53 126.06 -10.85
N SER G 28 -29.10 124.96 -11.32
CA SER G 28 -28.60 124.25 -12.49
C SER G 28 -29.69 124.11 -13.53
N ALA G 29 -29.30 124.22 -14.79
CA ALA G 29 -30.22 124.05 -15.92
C ALA G 29 -29.58 123.09 -16.92
N SER G 30 -30.32 122.04 -17.28
CA SER G 30 -29.84 121.02 -18.20
C SER G 30 -30.88 120.83 -19.29
N LEU G 31 -30.44 120.87 -20.55
CA LEU G 31 -31.32 120.68 -21.70
C LEU G 31 -31.06 119.34 -22.35
N LEU G 32 -32.12 118.58 -22.56
CA LEU G 32 -32.08 117.33 -23.30
C LEU G 32 -32.98 117.46 -24.52
N ARG G 33 -32.38 117.45 -25.70
CA ARG G 33 -33.10 117.70 -26.95
C ARG G 33 -33.18 116.42 -27.76
N GLN G 34 -34.40 116.07 -28.16
CA GLN G 34 -34.65 114.87 -28.96
C GLN G 34 -35.49 115.25 -30.17
N ARG G 35 -35.61 114.31 -31.10
CA ARG G 35 -36.42 114.49 -32.31
C ARG G 35 -37.57 113.49 -32.27
N VAL G 36 -38.80 114.00 -32.34
CA VAL G 36 -40.00 113.20 -32.18
C VAL G 36 -40.87 113.37 -33.42
N LYS G 37 -41.37 112.25 -33.95
CA LYS G 37 -42.22 112.27 -35.14
C LYS G 37 -43.68 112.16 -34.69
N VAL G 38 -44.30 113.33 -34.51
CA VAL G 38 -45.69 113.36 -34.04
C VAL G 38 -46.65 113.21 -35.21
N GLY G 39 -46.51 114.05 -36.22
CA GLY G 39 -47.47 114.14 -37.31
C GLY G 39 -46.85 113.89 -38.67
N ILE G 40 -45.98 112.87 -38.73
CA ILE G 40 -45.11 112.52 -39.86
C ILE G 40 -44.26 113.73 -40.22
N ALA G 41 -44.12 114.65 -39.26
CA ALA G 41 -43.20 115.77 -39.35
C ALA G 41 -42.32 115.75 -38.11
N GLU G 42 -41.04 116.02 -38.29
CA GLU G 42 -40.05 115.86 -37.22
C GLU G 42 -40.02 117.12 -36.36
N LEU G 43 -40.76 117.08 -35.26
CA LEU G 43 -40.73 118.17 -34.29
C LEU G 43 -39.56 117.98 -33.33
N ASN G 44 -38.93 119.10 -32.96
CA ASN G 44 -37.75 119.07 -32.10
C ASN G 44 -38.13 119.57 -30.70
N ASN G 45 -38.44 118.63 -29.82
CA ASN G 45 -38.82 119.00 -28.46
C ASN G 45 -37.57 119.26 -27.62
N VAL G 46 -37.75 120.04 -26.56
CA VAL G 46 -36.68 120.35 -25.62
C VAL G 46 -37.19 120.03 -24.22
N SER G 47 -36.42 119.24 -23.48
CA SER G 47 -36.76 118.85 -22.12
C SER G 47 -35.81 119.57 -21.17
N GLY G 48 -36.18 120.77 -20.76
CA GLY G 48 -35.34 121.58 -19.90
C GLY G 48 -35.64 121.33 -18.44
N GLN G 49 -34.61 120.91 -17.71
CA GLN G 49 -34.70 120.66 -16.28
C GLN G 49 -33.96 121.77 -15.55
N TYR G 50 -34.66 122.45 -14.64
CA TYR G 50 -34.10 123.53 -13.84
C TYR G 50 -34.23 123.14 -12.38
N VAL G 51 -33.10 123.13 -11.66
CA VAL G 51 -33.05 122.68 -10.28
C VAL G 51 -32.44 123.79 -9.43
N SER G 52 -33.17 124.19 -8.38
CA SER G 52 -32.68 125.15 -7.40
C SER G 52 -32.57 124.49 -6.04
N VAL G 53 -31.38 124.58 -5.44
CA VAL G 53 -31.09 123.89 -4.19
C VAL G 53 -30.56 124.90 -3.19
N TYR G 54 -31.11 124.87 -1.97
CA TYR G 54 -30.62 125.67 -0.86
C TYR G 54 -30.56 124.81 0.38
N LYS G 55 -29.39 124.75 1.00
CA LYS G 55 -29.21 124.07 2.29
C LYS G 55 -29.40 125.11 3.38
N ARG G 56 -30.58 125.10 4.00
CA ARG G 56 -30.95 126.14 4.95
C ARG G 56 -30.86 125.62 6.37
N PRO G 57 -30.04 126.22 7.23
CA PRO G 57 -29.92 125.73 8.60
C PRO G 57 -31.24 125.88 9.36
N ALA G 58 -31.72 124.77 9.90
CA ALA G 58 -32.98 124.74 10.63
C ALA G 58 -32.85 124.00 11.96
N PRO G 59 -32.03 124.51 12.88
CA PRO G 59 -32.17 124.06 14.28
C PRO G 59 -33.48 124.53 14.88
N LYS G 60 -33.95 125.70 14.45
CA LYS G 60 -35.19 126.33 14.85
C LYS G 60 -35.33 126.41 16.37
N PRO G 61 -34.42 127.10 17.07
CA PRO G 61 -34.58 127.28 18.52
C PRO G 61 -35.62 128.36 18.79
N GLU G 62 -36.80 127.95 19.23
CA GLU G 62 -37.92 128.86 19.39
C GLU G 62 -37.66 129.84 20.53
N GLY G 63 -37.38 131.08 20.17
CA GLY G 63 -37.22 132.15 21.14
C GLY G 63 -35.81 132.59 21.50
N CYS G 64 -34.87 131.66 21.55
CA CYS G 64 -33.55 132.01 22.07
C CYS G 64 -32.47 131.54 21.11
N ALA G 65 -31.51 132.42 20.87
CA ALA G 65 -30.26 132.10 20.20
C ALA G 65 -29.13 132.83 20.92
N ASP G 66 -28.06 132.11 21.25
CA ASP G 66 -27.11 132.72 22.17
C ASP G 66 -25.73 132.95 21.59
N ALA G 67 -25.13 131.95 20.94
CA ALA G 67 -23.73 132.05 20.53
C ALA G 67 -23.52 131.21 19.27
N CYS G 68 -22.26 130.96 18.96
CA CYS G 68 -21.88 130.19 17.77
C CYS G 68 -22.14 128.71 18.02
N VAL G 69 -23.29 128.22 17.59
CA VAL G 69 -23.66 126.82 17.69
C VAL G 69 -23.63 126.26 16.27
N ILE G 70 -23.18 125.01 16.13
CA ILE G 70 -23.15 124.36 14.82
C ILE G 70 -24.56 124.26 14.26
N MET G 71 -24.71 124.67 13.00
CA MET G 71 -25.99 124.56 12.33
C MET G 71 -26.10 123.19 11.66
N PRO G 72 -27.04 122.34 12.07
CA PRO G 72 -27.39 121.18 11.24
C PRO G 72 -28.28 121.62 10.09
N ASN G 73 -28.04 121.08 8.90
CA ASN G 73 -28.65 121.60 7.68
C ASN G 73 -29.63 120.60 7.09
N GLU G 74 -30.71 121.14 6.52
CA GLU G 74 -31.65 120.38 5.71
C GLU G 74 -31.60 120.93 4.30
N ASN G 75 -32.10 120.14 3.35
CA ASN G 75 -32.04 120.50 1.93
C ASN G 75 -33.41 120.98 1.45
N GLN G 76 -33.44 122.15 0.82
CA GLN G 76 -34.63 122.66 0.16
C GLN G 76 -34.38 122.64 -1.35
N SER G 77 -35.19 121.89 -2.07
CA SER G 77 -34.99 121.70 -3.50
C SER G 77 -36.28 121.97 -4.26
N ILE G 78 -36.17 122.71 -5.35
CA ILE G 78 -37.27 122.96 -6.27
C ILE G 78 -36.76 122.67 -7.67
N ARG G 79 -37.36 121.69 -8.34
CA ARG G 79 -36.98 121.30 -9.68
C ARG G 79 -38.16 121.44 -10.62
N THR G 80 -37.90 121.91 -11.84
CA THR G 80 -38.92 122.10 -12.85
C THR G 80 -38.46 121.48 -14.16
N VAL G 81 -39.35 120.72 -14.79
CA VAL G 81 -39.08 120.08 -16.07
C VAL G 81 -40.13 120.56 -17.06
N ILE G 82 -39.70 121.28 -18.08
CA ILE G 82 -40.58 121.82 -19.11
C ILE G 82 -40.27 121.10 -20.41
N SER G 83 -41.27 120.42 -20.97
CA SER G 83 -41.10 119.60 -22.17
C SER G 83 -42.11 120.04 -23.21
N GLY G 84 -41.65 120.25 -24.44
CA GLY G 84 -42.53 120.63 -25.53
C GLY G 84 -41.78 120.94 -26.81
N SER G 85 -42.49 120.98 -27.92
CA SER G 85 -41.86 121.26 -29.21
C SER G 85 -41.37 122.69 -29.26
N ALA G 86 -40.24 122.89 -29.93
CA ALA G 86 -39.70 124.24 -30.07
C ALA G 86 -40.59 125.11 -30.95
N GLU G 87 -41.35 124.50 -31.85
CA GLU G 87 -42.19 125.27 -32.77
C GLU G 87 -43.41 125.85 -32.08
N ASN G 88 -43.68 125.44 -30.83
CA ASN G 88 -44.82 125.91 -30.06
C ASN G 88 -44.36 126.65 -28.81
N LEU G 89 -43.36 127.54 -28.97
CA LEU G 89 -42.77 128.20 -27.82
C LEU G 89 -43.76 129.16 -27.15
N ALA G 90 -44.57 129.86 -27.95
CA ALA G 90 -45.55 130.78 -27.37
C ALA G 90 -46.55 130.02 -26.50
N THR G 91 -47.03 128.88 -27.01
CA THR G 91 -47.90 128.02 -26.22
C THR G 91 -47.21 127.49 -24.97
N LEU G 92 -45.94 127.11 -25.07
CA LEU G 92 -45.23 126.61 -23.90
C LEU G 92 -45.08 127.71 -22.84
N LYS G 93 -44.84 128.96 -23.28
CA LYS G 93 -44.74 130.07 -22.35
C LYS G 93 -46.07 130.36 -21.68
N ALA G 94 -47.17 130.29 -22.44
CA ALA G 94 -48.48 130.45 -21.83
C ALA G 94 -48.76 129.35 -20.82
N GLU G 95 -48.37 128.11 -21.15
CA GLU G 95 -48.52 127.01 -20.21
C GLU G 95 -47.69 127.24 -18.96
N TRP G 96 -46.49 127.79 -19.11
CA TRP G 96 -45.65 128.08 -17.95
C TRP G 96 -46.29 129.13 -17.06
N GLU G 97 -46.87 130.18 -17.66
CA GLU G 97 -47.56 131.19 -16.86
C GLU G 97 -48.75 130.59 -16.11
N THR G 98 -49.54 129.76 -16.80
CA THR G 98 -50.69 129.12 -16.15
C THR G 98 -50.24 128.19 -15.03
N HIS G 99 -49.15 127.45 -15.25
CA HIS G 99 -48.62 126.56 -14.22
C HIS G 99 -48.16 127.35 -13.01
N LYS G 100 -47.49 128.48 -13.23
CA LYS G 100 -47.07 129.33 -12.13
C LYS G 100 -48.28 129.82 -11.34
N ARG G 101 -49.32 130.25 -12.05
CA ARG G 101 -50.53 130.73 -11.37
C ARG G 101 -51.18 129.63 -10.53
N ASN G 102 -51.29 128.43 -11.09
CA ASN G 102 -51.92 127.32 -10.37
C ASN G 102 -51.11 126.92 -9.15
N VAL G 103 -49.78 126.81 -9.31
CA VAL G 103 -48.94 126.42 -8.17
C VAL G 103 -48.97 127.49 -7.10
N ASP G 104 -49.03 128.77 -7.50
CA ASP G 104 -49.18 129.84 -6.52
C ASP G 104 -50.49 129.71 -5.76
N THR G 105 -51.58 129.44 -6.48
CA THR G 105 -52.86 129.29 -5.82
C THR G 105 -52.85 128.15 -4.82
N LEU G 106 -52.22 127.03 -5.18
CA LEU G 106 -52.21 125.87 -4.29
C LEU G 106 -51.22 126.02 -3.13
N PHE G 107 -50.09 126.69 -3.35
CA PHE G 107 -48.97 126.65 -2.42
C PHE G 107 -48.66 128.00 -1.80
N ALA G 108 -48.48 129.04 -2.61
CA ALA G 108 -48.07 130.33 -2.09
C ALA G 108 -49.15 130.95 -1.22
N SER G 109 -50.40 130.90 -1.67
CA SER G 109 -51.53 131.41 -0.90
C SER G 109 -52.32 130.31 -0.22
N GLY G 110 -51.93 129.04 -0.38
CA GLY G 110 -52.63 127.94 0.23
C GLY G 110 -51.84 127.34 1.39
N ASN G 111 -52.19 126.09 1.70
CA ASN G 111 -51.55 125.35 2.79
C ASN G 111 -50.93 124.04 2.29
N ALA G 112 -50.62 123.96 0.99
CA ALA G 112 -50.06 122.73 0.46
C ALA G 112 -48.66 122.45 1.00
N GLY G 113 -47.95 123.48 1.44
CA GLY G 113 -46.61 123.27 1.96
C GLY G 113 -46.61 122.49 3.27
N LEU G 114 -47.71 122.56 4.01
CA LEU G 114 -47.81 121.88 5.29
C LEU G 114 -48.40 120.48 5.12
N GLY G 115 -48.65 120.10 3.87
CA GLY G 115 -49.24 118.79 3.61
C GLY G 115 -50.75 118.80 3.58
N PHE G 116 -51.35 119.70 2.80
CA PHE G 116 -52.78 119.85 2.73
C PHE G 116 -53.21 119.99 1.28
N LEU G 117 -54.42 119.52 0.97
CA LEU G 117 -55.03 119.70 -0.34
C LEU G 117 -56.37 120.41 -0.16
N ASP G 118 -56.64 121.38 -1.03
CA ASP G 118 -57.91 122.10 -0.99
C ASP G 118 -58.69 121.77 -2.26
N PRO G 119 -59.69 120.88 -2.21
CA PRO G 119 -60.45 120.57 -3.42
C PRO G 119 -61.22 121.76 -3.98
N THR G 120 -61.47 122.80 -3.19
CA THR G 120 -62.21 123.97 -3.63
C THR G 120 -61.31 125.06 -4.18
N ALA G 121 -60.01 124.80 -4.31
CA ALA G 121 -59.10 125.79 -4.85
C ALA G 121 -59.42 126.11 -6.30
N ALA G 122 -59.12 127.33 -6.71
CA ALA G 122 -59.46 127.81 -8.05
C ALA G 122 -58.29 127.55 -9.00
N ILE G 123 -58.45 126.52 -9.82
CA ILE G 123 -57.48 126.18 -10.86
C ILE G 123 -58.06 126.54 -12.21
N VAL G 124 -57.24 127.17 -13.05
CA VAL G 124 -57.69 127.66 -14.35
C VAL G 124 -56.79 127.10 -15.45
N SER G 125 -57.32 127.07 -16.66
CA SER G 125 -56.59 126.55 -17.81
C SER G 125 -55.98 127.70 -18.61
N SER G 126 -55.07 127.32 -19.53
CA SER G 126 -54.43 128.32 -20.37
C SER G 126 -55.38 128.91 -21.40
N ASP G 127 -56.39 128.15 -21.82
CA ASP G 127 -57.36 128.67 -22.78
C ASP G 127 -58.21 129.75 -22.15
N THR G 128 -58.60 130.73 -22.97
CA THR G 128 -59.39 131.87 -22.51
C THR G 128 -60.78 131.82 -23.12
N THR G 129 -61.70 132.54 -22.49
CA THR G 129 -63.08 132.60 -22.97
C THR G 129 -63.29 133.81 -23.85
N ALA H 1 -29.82 139.31 -47.00
CA ALA H 1 -29.59 139.14 -45.57
C ALA H 1 -29.95 137.73 -45.13
N ASN H 2 -28.96 136.85 -45.10
CA ASN H 2 -29.19 135.46 -44.70
C ASN H 2 -29.45 135.38 -43.20
N LYS H 3 -30.27 134.42 -42.80
CA LYS H 3 -30.58 134.24 -41.39
C LYS H 3 -29.35 133.74 -40.64
N PRO H 4 -28.96 134.37 -39.54
CA PRO H 4 -27.76 133.93 -38.82
C PRO H 4 -28.06 132.72 -37.94
N MET H 5 -26.99 132.01 -37.58
CA MET H 5 -27.07 130.84 -36.72
C MET H 5 -26.35 131.11 -35.41
N GLN H 6 -26.69 130.32 -34.39
CA GLN H 6 -26.07 130.35 -33.08
C GLN H 6 -25.58 128.96 -32.70
N PRO H 7 -24.48 128.85 -31.96
CA PRO H 7 -23.99 127.53 -31.58
C PRO H 7 -24.88 126.88 -30.54
N ILE H 8 -25.20 125.61 -30.75
CA ILE H 8 -26.08 124.86 -29.88
C ILE H 8 -25.31 123.87 -29.02
N THR H 9 -24.37 123.14 -29.62
CA THR H 9 -23.47 122.26 -28.89
C THR H 9 -22.03 122.72 -29.11
N SER H 10 -21.31 122.93 -28.00
CA SER H 10 -20.00 123.55 -28.07
C SER H 10 -18.95 122.61 -27.48
N THR H 11 -18.03 122.17 -28.32
CA THR H 11 -16.86 121.42 -27.90
C THR H 11 -15.70 121.82 -28.79
N ALA H 12 -14.50 121.89 -28.20
CA ALA H 12 -13.33 122.26 -28.99
C ALA H 12 -13.03 121.23 -30.06
N ASN H 13 -13.46 119.99 -29.86
CA ASN H 13 -13.33 118.98 -30.90
C ASN H 13 -14.32 119.20 -32.04
N LYS H 14 -15.56 119.60 -31.72
CA LYS H 14 -16.57 119.84 -32.74
C LYS H 14 -17.60 120.83 -32.22
N ILE H 15 -18.00 121.76 -33.09
CA ILE H 15 -19.06 122.73 -32.79
C ILE H 15 -20.10 122.63 -33.90
N VAL H 16 -21.36 122.53 -33.50
CA VAL H 16 -22.48 122.45 -34.44
C VAL H 16 -23.36 123.69 -34.25
N TRP H 17 -23.74 124.30 -35.37
CA TRP H 17 -24.61 125.47 -35.38
C TRP H 17 -26.03 125.05 -35.72
N SER H 18 -26.99 125.91 -35.38
CA SER H 18 -28.38 125.62 -35.64
C SER H 18 -29.14 126.93 -35.88
N ASP H 19 -30.18 126.84 -36.70
CA ASP H 19 -31.03 128.00 -36.96
C ASP H 19 -32.15 128.03 -35.94
N PRO H 20 -32.30 129.11 -35.15
CA PRO H 20 -33.40 129.16 -34.17
C PRO H 20 -34.78 129.02 -34.80
N THR H 21 -34.98 129.52 -36.02
CA THR H 21 -36.27 129.40 -36.68
C THR H 21 -36.52 128.02 -37.28
N ARG H 22 -35.46 127.32 -37.71
CA ARG H 22 -35.61 125.98 -38.27
C ARG H 22 -34.47 125.14 -37.68
N LEU H 23 -34.79 124.37 -36.62
CA LEU H 23 -33.75 123.61 -35.93
C LEU H 23 -33.22 122.45 -36.76
N SER H 24 -33.88 122.11 -37.86
CA SER H 24 -33.40 121.02 -38.70
C SER H 24 -32.22 121.43 -39.57
N THR H 25 -31.92 122.72 -39.66
CA THR H 25 -30.78 123.21 -40.42
C THR H 25 -29.58 123.31 -39.49
N THR H 26 -28.54 122.53 -39.77
CA THR H 26 -27.36 122.46 -38.92
C THR H 26 -26.10 122.58 -39.77
N PHE H 27 -25.03 123.06 -39.13
CA PHE H 27 -23.72 123.15 -39.75
C PHE H 27 -22.68 122.74 -38.73
N SER H 28 -21.98 121.64 -39.00
CA SER H 28 -21.04 121.06 -38.07
C SER H 28 -19.61 121.27 -38.56
N ALA H 29 -18.71 121.57 -37.61
CA ALA H 29 -17.29 121.72 -37.91
C ALA H 29 -16.52 120.97 -36.84
N SER H 30 -15.77 119.94 -37.27
CA SER H 30 -14.97 119.11 -36.36
C SER H 30 -13.54 119.07 -36.87
N LEU H 31 -12.59 119.33 -35.98
CA LEU H 31 -11.18 119.29 -36.30
C LEU H 31 -10.52 118.15 -35.54
N LEU H 32 -9.70 117.38 -36.24
CA LEU H 32 -8.91 116.32 -35.63
C LEU H 32 -7.43 116.60 -35.90
N ARG H 33 -6.64 116.63 -34.84
CA ARG H 33 -5.23 117.03 -34.93
C ARG H 33 -4.35 115.86 -34.53
N GLN H 34 -3.32 115.60 -35.33
CA GLN H 34 -2.39 114.51 -35.10
C GLN H 34 -1.01 114.93 -35.56
N ARG H 35 0.02 114.46 -34.86
CA ARG H 35 1.41 114.81 -35.16
C ARG H 35 1.99 113.72 -36.04
N VAL H 36 1.69 113.78 -37.34
CA VAL H 36 2.21 112.83 -38.31
C VAL H 36 3.47 113.43 -38.93
N LYS H 37 4.62 112.85 -38.61
CA LYS H 37 5.88 113.42 -39.07
C LYS H 37 6.43 112.65 -40.27
N VAL H 38 6.83 113.40 -41.29
CA VAL H 38 7.57 112.84 -42.42
C VAL H 38 9.02 112.74 -42.00
N GLY H 39 9.85 112.08 -42.81
CA GLY H 39 11.24 111.86 -42.48
C GLY H 39 11.99 113.12 -42.11
N ILE H 40 12.73 113.06 -40.99
CA ILE H 40 13.57 114.13 -40.46
C ILE H 40 12.87 115.48 -40.46
N ALA H 41 11.55 115.49 -40.28
CA ALA H 41 10.80 116.73 -40.23
C ALA H 41 9.64 116.55 -39.26
N GLU H 42 9.14 117.67 -38.77
CA GLU H 42 8.00 117.72 -37.85
C GLU H 42 6.84 118.43 -38.54
N LEU H 43 5.65 117.82 -38.48
CA LEU H 43 4.48 118.37 -39.15
C LEU H 43 3.26 118.18 -38.25
N ASN H 44 2.41 119.19 -38.20
CA ASN H 44 1.15 119.13 -37.49
C ASN H 44 0.02 119.02 -38.51
N ASN H 45 -0.73 117.92 -38.46
CA ASN H 45 -1.77 117.62 -39.44
C ASN H 45 -3.13 117.87 -38.82
N VAL H 46 -4.00 118.54 -39.58
CA VAL H 46 -5.36 118.85 -39.13
C VAL H 46 -6.31 118.31 -40.19
N SER H 47 -7.36 117.62 -39.76
CA SER H 47 -8.41 117.14 -40.64
C SER H 47 -9.71 117.85 -40.28
N GLY H 48 -10.14 118.77 -41.13
CA GLY H 48 -11.32 119.56 -40.84
C GLY H 48 -12.56 119.10 -41.58
N GLN H 49 -13.51 118.51 -40.85
CA GLN H 49 -14.73 117.97 -41.43
C GLN H 49 -15.86 118.97 -41.22
N TYR H 50 -16.49 119.38 -42.31
CA TYR H 50 -17.59 120.34 -42.27
C TYR H 50 -18.82 119.70 -42.90
N VAL H 51 -19.91 119.67 -42.16
CA VAL H 51 -21.15 119.03 -42.60
C VAL H 51 -22.27 120.06 -42.56
N SER H 52 -22.97 120.21 -43.68
CA SER H 52 -24.15 121.06 -43.77
C SER H 52 -25.37 120.20 -44.06
N VAL H 53 -26.40 120.34 -43.24
CA VAL H 53 -27.60 119.52 -43.33
C VAL H 53 -28.81 120.43 -43.43
N TYR H 54 -29.64 120.19 -44.43
CA TYR H 54 -30.90 120.89 -44.61
C TYR H 54 -31.98 119.87 -45.01
N LYS H 55 -33.13 119.96 -44.36
CA LYS H 55 -34.26 119.08 -44.66
C LYS H 55 -35.30 119.90 -45.41
N ARG H 56 -35.30 119.76 -46.74
CA ARG H 56 -36.16 120.52 -47.62
C ARG H 56 -37.35 119.68 -48.05
N PRO H 57 -38.56 120.24 -48.04
CA PRO H 57 -39.73 119.46 -48.45
C PRO H 57 -39.67 119.06 -49.90
N ALA H 58 -40.29 117.93 -50.21
CA ALA H 58 -40.33 117.44 -51.57
C ALA H 58 -41.08 118.42 -52.47
N PRO H 59 -40.69 118.54 -53.75
CA PRO H 59 -41.29 119.56 -54.61
C PRO H 59 -42.78 119.38 -54.82
N LYS H 60 -43.51 120.49 -54.85
CA LYS H 60 -44.94 120.48 -55.09
C LYS H 60 -45.24 120.26 -56.56
N PRO H 61 -46.40 119.70 -56.90
CA PRO H 61 -46.76 119.54 -58.32
C PRO H 61 -46.74 120.86 -59.06
N GLU H 62 -46.29 120.84 -60.32
CA GLU H 62 -46.14 122.09 -61.07
C GLU H 62 -47.48 122.77 -61.27
N GLY H 63 -48.53 122.01 -61.57
CA GLY H 63 -49.84 122.59 -61.74
C GLY H 63 -50.64 122.61 -60.46
N CYS H 64 -50.05 123.19 -59.40
CA CYS H 64 -50.69 123.28 -58.10
C CYS H 64 -50.72 124.72 -57.63
N ALA H 65 -51.90 125.17 -57.19
CA ALA H 65 -52.05 126.43 -56.49
C ALA H 65 -52.64 126.26 -55.12
N ASP H 66 -52.71 125.04 -54.60
CA ASP H 66 -53.31 124.80 -53.29
C ASP H 66 -52.46 125.44 -52.20
N ALA H 67 -53.13 126.12 -51.28
CA ALA H 67 -52.45 126.88 -50.23
C ALA H 67 -51.84 125.98 -49.17
N CYS H 68 -52.57 124.95 -48.75
CA CYS H 68 -52.21 124.19 -47.56
C CYS H 68 -52.00 122.74 -47.93
N VAL H 69 -50.79 122.42 -48.39
CA VAL H 69 -50.38 121.05 -48.69
C VAL H 69 -48.90 120.92 -48.31
N ILE H 70 -48.59 119.97 -47.43
CA ILE H 70 -47.23 119.79 -46.94
C ILE H 70 -46.73 118.42 -47.34
N MET H 71 -45.51 118.35 -47.86
CA MET H 71 -44.88 117.10 -48.26
C MET H 71 -43.76 116.75 -47.28
N PRO H 72 -43.45 115.48 -47.10
CA PRO H 72 -42.35 115.11 -46.20
C PRO H 72 -41.01 115.59 -46.73
N ASN H 73 -40.10 115.81 -45.80
CA ASN H 73 -38.81 116.44 -46.12
C ASN H 73 -37.81 115.39 -46.59
N GLU H 74 -36.90 115.83 -47.47
CA GLU H 74 -35.80 115.02 -47.95
C GLU H 74 -34.51 115.55 -47.35
N ASN H 75 -33.51 114.69 -47.25
CA ASN H 75 -32.26 115.09 -46.61
C ASN H 75 -31.28 115.61 -47.66
N GLN H 76 -30.81 116.84 -47.45
CA GLN H 76 -29.79 117.46 -48.30
C GLN H 76 -28.54 117.63 -47.46
N SER H 77 -27.42 117.07 -47.93
CA SER H 77 -26.18 117.06 -47.17
C SER H 77 -25.02 117.49 -48.05
N ILE H 78 -24.18 118.37 -47.50
CA ILE H 78 -22.92 118.77 -48.11
C ILE H 78 -21.83 118.52 -47.09
N ARG H 79 -20.89 117.63 -47.42
CA ARG H 79 -19.86 117.20 -46.49
C ARG H 79 -18.49 117.40 -47.12
N THR H 80 -17.67 118.23 -46.50
CA THR H 80 -16.32 118.52 -46.96
C THR H 80 -15.33 118.30 -45.83
N VAL H 81 -14.26 117.56 -46.12
CA VAL H 81 -13.18 117.35 -45.16
C VAL H 81 -11.88 117.81 -45.83
N ILE H 82 -11.08 118.57 -45.09
CA ILE H 82 -9.82 119.12 -45.58
C ILE H 82 -8.70 118.59 -44.69
N SER H 83 -7.71 117.98 -45.29
CA SER H 83 -6.58 117.39 -44.56
C SER H 83 -5.29 117.97 -45.09
N GLY H 84 -4.42 118.42 -44.18
CA GLY H 84 -3.14 118.98 -44.57
C GLY H 84 -2.34 119.51 -43.39
N SER H 85 -1.06 119.77 -43.61
CA SER H 85 -0.21 120.29 -42.55
C SER H 85 -0.50 121.76 -42.30
N ALA H 86 -0.24 122.20 -41.07
CA ALA H 86 -0.46 123.61 -40.74
C ALA H 86 0.58 124.50 -41.39
N GLU H 87 1.75 123.93 -41.72
CA GLU H 87 2.82 124.74 -42.29
C GLU H 87 2.49 125.23 -43.70
N ASN H 88 1.70 124.45 -44.44
CA ASN H 88 1.37 124.76 -45.83
C ASN H 88 0.00 125.40 -45.96
N LEU H 89 -0.37 126.27 -45.02
CA LEU H 89 -1.74 126.77 -44.96
C LEU H 89 -2.09 127.62 -46.18
N ALA H 90 -1.17 128.49 -46.62
CA ALA H 90 -1.48 129.39 -47.72
C ALA H 90 -1.69 128.61 -49.03
N THR H 91 -0.76 127.71 -49.34
CA THR H 91 -0.91 126.90 -50.54
C THR H 91 -2.12 125.97 -50.44
N LEU H 92 -2.45 125.51 -49.24
CA LEU H 92 -3.65 124.69 -49.09
C LEU H 92 -4.91 125.51 -49.32
N LYS H 93 -4.89 126.79 -48.92
CA LYS H 93 -6.01 127.68 -49.24
C LYS H 93 -6.13 127.89 -50.74
N ALA H 94 -4.99 128.02 -51.43
CA ALA H 94 -5.03 128.09 -52.88
C ALA H 94 -5.63 126.82 -53.48
N GLU H 95 -5.26 125.66 -52.94
CA GLU H 95 -5.86 124.40 -53.37
C GLU H 95 -7.36 124.41 -53.12
N TRP H 96 -7.78 124.97 -52.00
CA TRP H 96 -9.21 125.05 -51.69
C TRP H 96 -9.96 125.92 -52.70
N GLU H 97 -9.35 127.03 -53.10
CA GLU H 97 -9.96 127.88 -54.12
C GLU H 97 -10.08 127.14 -55.45
N THR H 98 -9.02 126.41 -55.83
CA THR H 98 -9.08 125.62 -57.06
C THR H 98 -10.16 124.55 -56.98
N HIS H 99 -10.29 123.91 -55.83
CA HIS H 99 -11.34 122.92 -55.61
C HIS H 99 -12.72 123.56 -55.75
N LYS H 100 -12.89 124.76 -55.18
CA LYS H 100 -14.13 125.50 -55.38
C LYS H 100 -14.43 125.66 -56.86
N ARG H 101 -13.45 126.14 -57.62
CA ARG H 101 -13.71 126.43 -59.04
C ARG H 101 -14.05 125.16 -59.81
N ASN H 102 -13.34 124.07 -59.53
CA ASN H 102 -13.61 122.82 -60.24
C ASN H 102 -14.98 122.26 -59.89
N VAL H 103 -15.34 122.25 -58.60
CA VAL H 103 -16.64 121.74 -58.20
C VAL H 103 -17.74 122.62 -58.78
N ASP H 104 -17.50 123.94 -58.84
CA ASP H 104 -18.49 124.83 -59.43
C ASP H 104 -18.70 124.52 -60.91
N THR H 105 -17.61 124.37 -61.67
CA THR H 105 -17.76 124.16 -63.11
C THR H 105 -18.37 122.79 -63.40
N LEU H 106 -18.17 121.82 -62.51
CA LEU H 106 -18.82 120.53 -62.71
C LEU H 106 -20.29 120.53 -62.30
N PHE H 107 -20.63 121.19 -61.19
CA PHE H 107 -21.92 121.03 -60.53
C PHE H 107 -22.85 122.22 -60.76
N ALA H 108 -22.40 123.43 -60.41
CA ALA H 108 -23.27 124.59 -60.48
C ALA H 108 -23.59 124.95 -61.93
N SER H 109 -22.58 124.91 -62.79
CA SER H 109 -22.77 125.24 -64.20
C SER H 109 -22.86 124.01 -65.09
N GLY H 110 -22.88 122.81 -64.53
CA GLY H 110 -22.94 121.59 -65.31
C GLY H 110 -24.22 120.80 -65.05
N ASN H 111 -24.12 119.50 -65.31
CA ASN H 111 -25.24 118.58 -65.17
C ASN H 111 -24.94 117.46 -64.17
N ALA H 112 -23.84 117.59 -63.41
CA ALA H 112 -23.50 116.58 -62.42
C ALA H 112 -24.55 116.51 -61.32
N GLY H 113 -25.31 117.58 -61.12
CA GLY H 113 -26.38 117.55 -60.15
C GLY H 113 -27.49 116.57 -60.49
N LEU H 114 -27.89 116.52 -61.76
CA LEU H 114 -28.84 115.53 -62.22
C LEU H 114 -28.19 114.19 -62.54
N GLY H 115 -26.87 114.16 -62.69
CA GLY H 115 -26.17 112.90 -62.81
C GLY H 115 -25.43 112.66 -64.10
N PHE H 116 -25.00 113.71 -64.79
CA PHE H 116 -24.29 113.59 -66.06
C PHE H 116 -22.91 114.20 -65.95
N LEU H 117 -21.89 113.43 -66.34
CA LEU H 117 -20.52 113.89 -66.42
C LEU H 117 -20.16 114.24 -67.86
N ASP H 118 -19.54 115.40 -68.04
CA ASP H 118 -19.04 115.81 -69.33
C ASP H 118 -17.53 115.69 -69.33
N PRO H 119 -16.95 114.71 -70.04
CA PRO H 119 -15.49 114.60 -70.08
C PRO H 119 -14.79 115.81 -70.70
N THR H 120 -15.52 116.76 -71.26
CA THR H 120 -14.94 117.94 -71.88
C THR H 120 -14.97 119.17 -70.97
N ALA H 121 -15.24 118.99 -69.68
CA ALA H 121 -15.30 120.12 -68.77
C ALA H 121 -13.93 120.76 -68.62
N ALA H 122 -13.91 122.07 -68.37
CA ALA H 122 -12.68 122.83 -68.25
C ALA H 122 -12.22 122.78 -66.80
N ILE H 123 -11.56 121.70 -66.43
CA ILE H 123 -11.00 121.54 -65.10
C ILE H 123 -9.59 122.10 -65.11
N VAL H 124 -9.23 122.84 -64.05
CA VAL H 124 -7.96 123.54 -63.99
C VAL H 124 -7.21 123.12 -62.72
N SER H 125 -5.89 123.31 -62.75
CA SER H 125 -5.06 123.06 -61.60
C SER H 125 -4.74 124.36 -60.86
N SER H 126 -4.21 124.22 -59.64
CA SER H 126 -3.92 125.39 -58.82
C SER H 126 -2.72 126.18 -59.33
N ASP H 127 -1.69 125.51 -59.84
CA ASP H 127 -0.51 126.21 -60.30
C ASP H 127 -0.81 127.06 -61.53
N THR H 128 -0.14 128.20 -61.61
CA THR H 128 -0.31 129.14 -62.71
C THR H 128 0.91 129.11 -63.62
N THR H 129 0.68 129.45 -64.89
CA THR H 129 1.74 129.46 -65.88
C THR H 129 2.66 130.66 -65.68
N ALA I 1 3.44 144.34 -27.05
CA ALA I 1 2.27 143.66 -27.56
C ALA I 1 2.54 142.18 -27.76
N ASN I 2 2.33 141.39 -26.71
CA ASN I 2 2.58 139.96 -26.79
C ASN I 2 1.49 139.27 -27.59
N LYS I 3 1.84 138.14 -28.19
CA LYS I 3 0.92 137.46 -29.11
C LYS I 3 -0.19 136.77 -28.32
N PRO I 4 -1.47 137.04 -28.63
CA PRO I 4 -2.56 136.35 -27.94
C PRO I 4 -2.67 134.90 -28.37
N MET I 5 -3.33 134.11 -27.52
CA MET I 5 -3.58 132.69 -27.78
C MET I 5 -5.07 132.45 -27.97
N GLN I 6 -5.41 131.27 -28.48
CA GLN I 6 -6.77 130.77 -28.63
C GLN I 6 -6.88 129.36 -28.05
N PRO I 7 -8.07 128.97 -27.58
CA PRO I 7 -8.22 127.64 -26.95
C PRO I 7 -8.30 126.50 -27.96
N ILE I 8 -7.46 125.48 -27.78
CA ILE I 8 -7.53 124.29 -28.62
C ILE I 8 -8.38 123.19 -28.02
N THR I 9 -8.50 123.15 -26.69
CA THR I 9 -9.30 122.13 -26.01
C THR I 9 -10.12 122.81 -24.93
N SER I 10 -11.43 122.57 -24.94
CA SER I 10 -12.35 123.17 -23.98
C SER I 10 -13.13 122.07 -23.29
N THR I 11 -13.12 122.10 -21.95
CA THR I 11 -13.81 121.13 -21.13
C THR I 11 -14.26 121.83 -19.86
N ALA I 12 -15.28 121.27 -19.20
CA ALA I 12 -15.79 121.85 -17.97
C ALA I 12 -14.73 121.89 -16.87
N ASN I 13 -13.68 121.08 -17.01
CA ASN I 13 -12.63 121.01 -16.00
C ASN I 13 -11.23 121.32 -16.52
N LYS I 14 -11.07 121.61 -17.81
CA LYS I 14 -9.74 121.86 -18.37
C LYS I 14 -9.87 122.63 -19.67
N ILE I 15 -9.10 123.71 -19.79
CA ILE I 15 -9.03 124.49 -21.03
C ILE I 15 -7.55 124.64 -21.40
N VAL I 16 -7.24 124.36 -22.66
CA VAL I 16 -5.86 124.39 -23.16
C VAL I 16 -5.77 125.48 -24.23
N TRP I 17 -4.83 126.39 -24.07
CA TRP I 17 -4.57 127.44 -25.03
C TRP I 17 -3.34 127.08 -25.87
N SER I 18 -3.19 127.76 -27.00
CA SER I 18 -2.04 127.53 -27.88
C SER I 18 -1.89 128.72 -28.82
N ASP I 19 -0.64 129.04 -29.14
CA ASP I 19 -0.36 130.16 -30.04
C ASP I 19 -0.58 129.74 -31.48
N PRO I 20 -1.32 130.53 -32.27
CA PRO I 20 -1.49 130.16 -33.69
C PRO I 20 -0.18 130.07 -34.46
N THR I 21 0.78 130.95 -34.17
CA THR I 21 2.05 130.92 -34.90
C THR I 21 2.87 129.69 -34.53
N ARG I 22 2.99 129.40 -33.23
CA ARG I 22 3.74 128.25 -32.75
C ARG I 22 2.81 127.35 -31.95
N LEU I 23 2.52 126.17 -32.47
CA LEU I 23 1.60 125.26 -31.80
C LEU I 23 2.31 124.52 -30.67
N SER I 24 3.64 124.63 -30.60
CA SER I 24 4.40 123.95 -29.55
C SER I 24 4.14 124.59 -28.19
N THR I 25 3.86 125.88 -28.17
CA THR I 25 3.66 126.60 -26.92
C THR I 25 2.18 126.52 -26.52
N THR I 26 1.91 125.87 -25.39
CA THR I 26 0.55 125.71 -24.90
C THR I 26 0.49 126.08 -23.43
N PHE I 27 -0.70 126.52 -23.01
CA PHE I 27 -0.97 126.89 -21.62
C PHE I 27 -2.35 126.36 -21.26
N SER I 28 -2.41 125.53 -20.22
CA SER I 28 -3.67 124.91 -19.82
C SER I 28 -3.89 125.07 -18.32
N ALA I 29 -5.17 125.16 -17.95
CA ALA I 29 -5.57 125.29 -16.55
C ALA I 29 -6.59 124.21 -16.25
N SER I 30 -6.39 123.48 -15.15
CA SER I 30 -7.30 122.41 -14.75
C SER I 30 -7.72 122.66 -13.31
N LEU I 31 -9.02 122.58 -13.05
CA LEU I 31 -9.57 122.82 -11.72
C LEU I 31 -10.17 121.53 -11.17
N LEU I 32 -9.87 121.24 -9.90
CA LEU I 32 -10.45 120.13 -9.19
C LEU I 32 -11.27 120.67 -8.02
N ARG I 33 -12.55 120.30 -7.97
CA ARG I 33 -13.47 120.81 -6.98
C ARG I 33 -13.92 119.69 -6.06
N GLN I 34 -13.71 119.87 -4.75
CA GLN I 34 -14.07 118.87 -3.77
C GLN I 34 -14.63 119.55 -2.53
N ARG I 35 -15.46 118.82 -1.79
CA ARG I 35 -15.93 119.27 -0.50
C ARG I 35 -15.06 118.68 0.60
N VAL I 36 -14.48 119.53 1.44
CA VAL I 36 -13.57 119.11 2.48
C VAL I 36 -14.33 119.11 3.81
N LYS I 37 -14.28 117.97 4.49
CA LYS I 37 -14.95 117.79 5.77
C LYS I 37 -14.01 118.23 6.89
N VAL I 38 -14.32 119.38 7.49
CA VAL I 38 -13.59 119.90 8.64
C VAL I 38 -14.57 119.97 9.80
N GLY I 39 -14.04 119.79 11.01
CA GLY I 39 -14.87 119.77 12.21
C GLY I 39 -15.83 120.94 12.30
N ILE I 40 -17.10 120.62 12.56
CA ILE I 40 -18.22 121.57 12.63
C ILE I 40 -18.14 122.59 11.50
N ALA I 41 -17.79 122.13 10.30
CA ALA I 41 -17.69 123.00 9.14
C ALA I 41 -17.91 122.19 7.87
N GLU I 42 -18.33 122.86 6.81
CA GLU I 42 -18.49 122.26 5.48
C GLU I 42 -18.10 123.30 4.45
N LEU I 43 -16.85 123.23 3.99
CA LEU I 43 -16.28 124.22 3.09
C LEU I 43 -15.69 123.53 1.87
N ASN I 44 -15.67 124.27 0.76
CA ASN I 44 -15.34 123.72 -0.55
C ASN I 44 -13.94 124.16 -0.96
N ASN I 45 -13.09 123.18 -1.27
CA ASN I 45 -11.74 123.48 -1.73
C ASN I 45 -11.68 123.42 -3.26
N VAL I 46 -10.86 124.26 -3.85
CA VAL I 46 -10.63 124.29 -5.29
C VAL I 46 -9.13 124.23 -5.53
N SER I 47 -8.70 123.21 -6.26
CA SER I 47 -7.29 123.03 -6.61
C SER I 47 -7.12 123.36 -8.09
N GLY I 48 -6.30 124.37 -8.38
CA GLY I 48 -6.10 124.80 -9.75
C GLY I 48 -4.68 124.58 -10.23
N GLN I 49 -4.53 123.80 -11.30
CA GLN I 49 -3.23 123.47 -11.85
C GLN I 49 -3.03 124.25 -13.14
N TYR I 50 -1.93 124.99 -13.21
CA TYR I 50 -1.59 125.81 -14.37
C TYR I 50 -0.21 125.40 -14.86
N VAL I 51 -0.10 125.07 -16.14
CA VAL I 51 1.16 124.65 -16.74
C VAL I 51 1.44 125.53 -17.95
N SER I 52 2.68 125.96 -18.08
CA SER I 52 3.15 126.71 -19.24
C SER I 52 4.36 126.01 -19.82
N VAL I 53 4.30 125.69 -21.12
CA VAL I 53 5.37 124.98 -21.79
C VAL I 53 5.79 125.76 -23.02
N TYR I 54 7.09 125.96 -23.17
CA TYR I 54 7.69 126.57 -24.35
C TYR I 54 8.80 125.66 -24.84
N LYS I 55 8.76 125.32 -26.12
CA LYS I 55 9.71 124.37 -26.69
C LYS I 55 10.86 125.15 -27.31
N ARG I 56 11.67 125.75 -26.43
CA ARG I 56 12.72 126.66 -26.85
C ARG I 56 13.82 125.92 -27.60
N PRO I 57 14.36 126.50 -28.66
CA PRO I 57 15.49 125.87 -29.37
C PRO I 57 16.74 125.82 -28.50
N ALA I 58 17.55 124.80 -28.76
CA ALA I 58 18.83 124.70 -28.08
C ALA I 58 19.72 125.87 -28.49
N PRO I 59 20.64 126.32 -27.63
CA PRO I 59 21.38 127.53 -27.95
C PRO I 59 22.39 127.32 -29.07
N LYS I 60 22.51 128.34 -29.93
CA LYS I 60 23.33 128.24 -31.12
C LYS I 60 24.80 128.16 -30.74
N PRO I 61 25.59 127.38 -31.48
CA PRO I 61 27.05 127.38 -31.26
C PRO I 61 27.67 128.73 -31.53
N GLU I 62 28.81 129.01 -30.91
CA GLU I 62 29.41 130.33 -30.92
C GLU I 62 30.30 130.49 -32.15
N GLY I 63 30.23 131.66 -32.78
CA GLY I 63 31.14 132.03 -33.84
C GLY I 63 30.79 131.52 -35.22
N CYS I 64 29.74 130.71 -35.36
CA CYS I 64 29.35 130.17 -36.66
C CYS I 64 27.84 130.34 -36.83
N ALA I 65 27.43 130.88 -37.97
CA ALA I 65 26.02 131.07 -38.30
C ALA I 65 25.65 130.12 -39.43
N ASP I 66 24.95 129.04 -39.08
CA ASP I 66 24.53 128.06 -40.08
C ASP I 66 23.51 128.68 -41.03
N ALA I 67 23.46 128.12 -42.24
CA ALA I 67 22.55 128.63 -43.25
C ALA I 67 21.09 128.47 -42.80
N CYS I 68 20.76 127.32 -42.22
CA CYS I 68 19.40 127.05 -41.77
C CYS I 68 19.44 126.46 -40.36
N VAL I 69 18.39 126.74 -39.59
CA VAL I 69 18.35 126.30 -38.20
C VAL I 69 18.08 124.80 -38.14
N ILE I 70 18.93 124.09 -37.41
CA ILE I 70 18.79 122.64 -37.25
C ILE I 70 18.90 122.29 -35.77
N MET I 71 18.62 123.27 -34.91
CA MET I 71 18.84 123.09 -33.48
C MET I 71 17.88 122.07 -32.90
N PRO I 72 18.35 121.14 -32.07
CA PRO I 72 17.45 120.18 -31.42
C PRO I 72 16.78 120.78 -30.20
N ASN I 73 15.66 121.47 -30.42
CA ASN I 73 14.95 122.22 -29.39
C ASN I 73 14.63 121.42 -28.13
N GLU I 74 14.50 122.11 -27.01
CA GLU I 74 14.35 121.49 -25.69
C GLU I 74 12.99 121.83 -25.09
N ASN I 75 12.78 121.39 -23.86
CA ASN I 75 11.51 121.58 -23.18
C ASN I 75 11.68 122.55 -22.01
N GLN I 76 10.88 123.62 -22.00
CA GLN I 76 10.86 124.57 -20.89
C GLN I 76 9.45 124.55 -20.31
N SER I 77 9.30 123.96 -19.13
CA SER I 77 7.99 123.80 -18.49
C SER I 77 8.01 124.41 -17.11
N ILE I 78 7.00 125.23 -16.82
CA ILE I 78 6.81 125.84 -15.51
C ILE I 78 5.37 125.61 -15.08
N ARG I 79 5.20 125.00 -13.91
CA ARG I 79 3.92 124.50 -13.45
C ARG I 79 3.61 125.06 -12.07
N THR I 80 2.38 125.55 -11.89
CA THR I 80 1.94 126.11 -10.63
C THR I 80 0.57 125.52 -10.26
N VAL I 81 0.42 125.13 -9.00
CA VAL I 81 -0.84 124.60 -8.49
C VAL I 81 -1.22 125.41 -7.25
N ILE I 82 -2.47 125.84 -7.20
CA ILE I 82 -3.00 126.63 -6.10
C ILE I 82 -4.17 125.88 -5.49
N SER I 83 -4.07 125.56 -4.20
CA SER I 83 -5.10 124.81 -3.49
C SER I 83 -5.54 125.60 -2.27
N GLY I 84 -6.84 125.75 -2.10
CA GLY I 84 -7.36 126.48 -0.97
C GLY I 84 -8.87 126.52 -1.02
N SER I 85 -9.45 126.94 0.11
CA SER I 85 -10.90 127.02 0.21
C SER I 85 -11.42 128.26 -0.50
N ALA I 86 -12.59 128.14 -1.11
CA ALA I 86 -13.18 129.28 -1.81
C ALA I 86 -13.68 130.35 -0.84
N GLU I 87 -13.92 129.98 0.41
CA GLU I 87 -14.37 130.95 1.41
C GLU I 87 -13.29 131.98 1.70
N ASN I 88 -12.02 131.57 1.57
CA ASN I 88 -10.87 132.42 1.88
C ASN I 88 -10.18 132.92 0.62
N LEU I 89 -10.95 133.33 -0.39
CA LEU I 89 -10.36 133.69 -1.67
C LEU I 89 -9.45 134.91 -1.57
N ALA I 90 -9.82 135.90 -0.76
CA ALA I 90 -8.98 137.08 -0.60
C ALA I 90 -7.64 136.70 0.03
N THR I 91 -7.68 135.84 1.04
CA THR I 91 -6.46 135.32 1.64
C THR I 91 -5.63 134.55 0.63
N LEU I 92 -6.27 133.73 -0.21
CA LEU I 92 -5.53 132.98 -1.23
C LEU I 92 -4.86 133.92 -2.21
N LYS I 93 -5.52 135.02 -2.58
CA LYS I 93 -4.93 136.00 -3.48
C LYS I 93 -3.73 136.70 -2.82
N ALA I 94 -3.85 137.04 -1.54
CA ALA I 94 -2.73 137.63 -0.83
C ALA I 94 -1.55 136.66 -0.77
N GLU I 95 -1.84 135.38 -0.52
CA GLU I 95 -0.81 134.36 -0.52
C GLU I 95 -0.17 134.23 -1.89
N TRP I 96 -0.96 134.35 -2.95
CA TRP I 96 -0.40 134.32 -4.30
C TRP I 96 0.55 135.48 -4.54
N GLU I 97 0.17 136.68 -4.08
CA GLU I 97 1.06 137.83 -4.22
C GLU I 97 2.37 137.61 -3.47
N THR I 98 2.28 137.13 -2.23
CA THR I 98 3.49 136.90 -1.44
C THR I 98 4.35 135.81 -2.06
N HIS I 99 3.73 134.75 -2.58
CA HIS I 99 4.48 133.67 -3.22
C HIS I 99 5.19 134.17 -4.47
N LYS I 100 4.51 134.99 -5.27
CA LYS I 100 5.15 135.58 -6.44
C LYS I 100 6.35 136.43 -6.03
N ARG I 101 6.20 137.24 -4.98
CA ARG I 101 7.30 138.08 -4.54
C ARG I 101 8.49 137.24 -4.08
N ASN I 102 8.23 136.18 -3.30
CA ASN I 102 9.31 135.33 -2.82
C ASN I 102 10.01 134.60 -3.96
N VAL I 103 9.23 134.08 -4.92
CA VAL I 103 9.83 133.37 -6.04
C VAL I 103 10.64 134.33 -6.91
N ASP I 104 10.16 135.56 -7.07
CA ASP I 104 10.92 136.56 -7.81
C ASP I 104 12.23 136.88 -7.10
N THR I 105 12.18 136.99 -5.77
CA THR I 105 13.39 137.27 -5.01
C THR I 105 14.42 136.14 -5.17
N LEU I 106 13.96 134.90 -5.11
CA LEU I 106 14.90 133.78 -5.22
C LEU I 106 15.40 133.57 -6.65
N PHE I 107 14.52 133.77 -7.64
CA PHE I 107 14.76 133.35 -9.01
C PHE I 107 14.95 134.52 -9.97
N ALA I 108 14.01 135.45 -10.02
CA ALA I 108 14.07 136.52 -11.01
C ALA I 108 15.29 137.40 -10.79
N SER I 109 15.57 137.76 -9.53
CA SER I 109 16.71 138.60 -9.21
C SER I 109 17.84 137.83 -8.56
N GLY I 110 17.68 136.53 -8.33
CA GLY I 110 18.71 135.70 -7.73
C GLY I 110 19.33 134.75 -8.72
N ASN I 111 20.12 133.81 -8.20
CA ASN I 111 20.79 132.84 -9.03
C ASN I 111 20.25 131.43 -8.79
N ALA I 112 18.94 131.33 -8.50
CA ALA I 112 18.34 130.02 -8.29
C ALA I 112 18.22 129.24 -9.59
N GLY I 113 18.15 129.97 -10.72
CA GLY I 113 18.08 129.29 -12.00
C GLY I 113 19.32 128.49 -12.32
N LEU I 114 20.50 129.01 -11.92
CA LEU I 114 21.73 128.29 -12.19
C LEU I 114 21.99 127.19 -11.17
N GLY I 115 21.21 127.15 -10.10
CA GLY I 115 21.33 126.08 -9.12
C GLY I 115 21.74 126.51 -7.73
N PHE I 116 21.80 127.81 -7.45
CA PHE I 116 22.23 128.26 -6.14
C PHE I 116 21.05 128.70 -5.29
N LEU I 117 20.97 128.15 -4.08
CA LEU I 117 19.95 128.53 -3.10
C LEU I 117 20.61 129.45 -2.08
N ASP I 118 20.36 130.74 -2.22
CA ASP I 118 20.95 131.73 -1.33
C ASP I 118 20.30 131.64 0.04
N PRO I 119 21.06 131.37 1.12
CA PRO I 119 20.44 131.28 2.45
C PRO I 119 20.28 132.63 3.14
N THR I 120 20.73 133.72 2.53
CA THR I 120 20.55 135.05 3.10
C THR I 120 19.50 135.87 2.35
N ALA I 121 18.71 135.24 1.47
CA ALA I 121 17.73 135.98 0.69
C ALA I 121 16.63 136.54 1.59
N ALA I 122 16.09 137.68 1.18
CA ALA I 122 15.05 138.37 1.96
C ALA I 122 13.70 137.77 1.62
N ILE I 123 13.40 136.62 2.21
CA ILE I 123 12.11 135.98 2.04
C ILE I 123 11.16 136.53 3.09
N VAL I 124 9.99 136.99 2.65
CA VAL I 124 9.09 137.74 3.51
C VAL I 124 7.68 137.15 3.36
N SER I 125 6.90 137.23 4.43
CA SER I 125 5.64 136.52 4.51
C SER I 125 4.47 137.41 4.11
N SER I 126 3.28 136.81 4.12
CA SER I 126 2.07 137.53 3.75
C SER I 126 1.57 138.44 4.87
N ASP I 127 1.76 138.06 6.12
CA ASP I 127 1.28 138.88 7.23
C ASP I 127 2.06 140.19 7.30
N THR I 128 1.35 141.26 7.62
CA THR I 128 1.92 142.60 7.68
C THR I 128 1.92 143.11 9.10
N THR I 129 2.84 144.02 9.39
CA THR I 129 2.95 144.62 10.70
C THR I 129 2.17 145.92 10.78
N ALA J 1 53.25 106.44 87.63
CA ALA J 1 54.30 105.48 87.30
C ALA J 1 53.70 104.24 86.63
N ASN J 2 53.77 104.21 85.30
CA ASN J 2 53.24 103.08 84.56
C ASN J 2 54.14 101.86 84.72
N LYS J 3 53.53 100.68 84.74
CA LYS J 3 54.28 99.45 84.94
C LYS J 3 55.02 99.08 83.66
N PRO J 4 56.34 98.91 83.70
CA PRO J 4 57.06 98.51 82.49
C PRO J 4 56.65 97.11 82.05
N MET J 5 56.68 96.89 80.74
CA MET J 5 56.32 95.63 80.13
C MET J 5 57.56 94.98 79.53
N GLN J 6 57.71 93.68 79.75
CA GLN J 6 58.89 92.97 79.28
C GLN J 6 58.50 92.02 78.15
N PRO J 7 59.25 91.99 77.05
CA PRO J 7 58.87 91.17 75.90
C PRO J 7 58.94 89.68 76.22
N ILE J 8 58.09 88.92 75.53
CA ILE J 8 58.12 87.46 75.63
C ILE J 8 58.53 86.79 74.33
N THR J 9 58.27 87.41 73.18
CA THR J 9 58.70 86.89 71.89
C THR J 9 59.43 87.99 71.14
N SER J 10 60.66 87.72 70.73
CA SER J 10 61.49 88.70 70.05
C SER J 10 61.96 88.15 68.72
N THR J 11 61.75 88.94 67.66
CA THR J 11 62.18 88.61 66.32
C THR J 11 62.42 89.91 65.56
N ALA J 12 63.21 89.83 64.50
CA ALA J 12 63.50 91.01 63.70
C ALA J 12 62.24 91.55 63.03
N ASN J 13 61.24 90.70 62.84
CA ASN J 13 60.01 91.09 62.15
C ASN J 13 58.83 91.30 63.08
N LYS J 14 58.93 90.90 64.35
CA LYS J 14 57.81 91.01 65.29
C LYS J 14 58.33 90.89 66.71
N ILE J 15 57.84 91.77 67.59
CA ILE J 15 58.14 91.72 69.00
C ILE J 15 56.83 91.84 69.77
N VAL J 16 56.64 90.98 70.76
CA VAL J 16 55.43 90.97 71.57
C VAL J 16 55.82 91.26 73.02
N TRP J 17 55.18 92.27 73.61
CA TRP J 17 55.40 92.66 74.99
C TRP J 17 54.22 92.21 75.83
N SER J 18 54.49 91.84 77.08
CA SER J 18 53.45 91.43 78.01
C SER J 18 53.77 91.93 79.41
N ASP J 19 52.72 92.28 80.15
CA ASP J 19 52.90 92.70 81.53
C ASP J 19 53.10 91.46 82.41
N PRO J 20 54.18 91.42 83.20
CA PRO J 20 54.43 90.21 84.02
C PRO J 20 53.31 89.91 85.00
N THR J 21 52.65 90.93 85.54
CA THR J 21 51.54 90.71 86.47
C THR J 21 50.28 90.21 85.76
N ARG J 22 50.01 90.67 84.55
CA ARG J 22 48.87 90.20 83.77
C ARG J 22 49.29 89.94 82.33
N LEU J 23 49.61 88.68 82.00
CA LEU J 23 50.11 88.35 80.69
C LEU J 23 49.04 88.52 79.61
N SER J 24 47.77 88.62 80.02
CA SER J 24 46.70 88.86 79.06
C SER J 24 46.82 90.21 78.39
N THR J 25 47.51 91.18 78.99
CA THR J 25 47.73 92.47 78.36
C THR J 25 48.97 92.38 77.47
N THR J 26 48.77 92.52 76.16
CA THR J 26 49.83 92.34 75.19
C THR J 26 49.96 93.58 74.31
N PHE J 27 51.18 93.78 73.81
CA PHE J 27 51.46 94.85 72.86
C PHE J 27 52.39 94.28 71.80
N SER J 28 51.99 94.40 70.53
CA SER J 28 52.71 93.80 69.42
C SER J 28 53.05 94.86 68.38
N ALA J 29 54.22 94.71 67.78
CA ALA J 29 54.68 95.59 66.71
C ALA J 29 55.37 94.74 65.65
N SER J 30 54.86 94.80 64.42
CA SER J 30 55.40 94.02 63.31
C SER J 30 55.68 94.94 62.14
N LEU J 31 56.86 94.79 61.54
CA LEU J 31 57.26 95.58 60.38
C LEU J 31 57.30 94.69 59.15
N LEU J 32 56.83 95.23 58.02
CA LEU J 32 56.81 94.54 56.75
C LEU J 32 57.33 95.48 55.67
N ARG J 33 58.34 95.05 54.92
CA ARG J 33 59.08 95.91 54.02
C ARG J 33 58.96 95.44 52.58
N GLN J 34 58.67 96.37 51.68
CA GLN J 34 58.66 96.13 50.24
C GLN J 34 59.37 97.25 49.52
N ARG J 35 59.81 96.97 48.30
CA ARG J 35 60.39 97.97 47.41
C ARG J 35 59.34 98.40 46.40
N VAL J 36 59.06 99.69 46.34
CA VAL J 36 58.00 100.23 45.50
C VAL J 36 58.60 101.23 44.52
N LYS J 37 58.30 101.04 43.24
CA LYS J 37 58.84 101.90 42.17
C LYS J 37 57.79 102.94 41.82
N VAL J 38 57.83 104.05 42.56
CA VAL J 38 56.88 105.14 42.33
C VAL J 38 57.39 106.07 41.24
N GLY J 39 58.55 106.67 41.45
CA GLY J 39 59.07 107.70 40.58
C GLY J 39 60.33 107.26 39.85
N ILE J 40 60.29 106.04 39.32
CA ILE J 40 61.40 105.32 38.68
C ILE J 40 62.59 105.27 39.63
N ALA J 41 62.31 105.45 40.92
CA ALA J 41 63.29 105.26 41.99
C ALA J 41 62.68 104.30 43.00
N GLU J 42 63.49 103.32 43.44
CA GLU J 42 62.99 102.25 44.31
C GLU J 42 62.94 102.75 45.75
N LEU J 43 61.80 103.34 46.10
CA LEU J 43 61.58 103.75 47.48
C LEU J 43 61.33 102.53 48.36
N ASN J 44 61.82 102.59 49.59
CA ASN J 44 61.68 101.47 50.53
C ASN J 44 60.51 101.74 51.48
N ASN J 45 59.38 101.11 51.16
CA ASN J 45 58.18 101.29 51.97
C ASN J 45 58.24 100.44 53.23
N VAL J 46 57.74 101.00 54.34
CA VAL J 46 57.66 100.32 55.61
C VAL J 46 56.23 100.38 56.10
N SER J 47 55.65 99.23 56.43
CA SER J 47 54.28 99.13 56.90
C SER J 47 54.29 98.49 58.28
N GLY J 48 54.27 99.33 59.31
CA GLY J 48 54.31 98.86 60.68
C GLY J 48 52.92 98.73 61.27
N GLN J 49 52.65 97.56 61.85
CA GLN J 49 51.37 97.27 62.49
C GLN J 49 51.60 97.16 63.99
N TYR J 50 50.94 98.04 64.75
CA TYR J 50 51.06 98.07 66.20
C TYR J 50 49.71 97.74 66.80
N VAL J 51 49.66 96.69 67.61
CA VAL J 51 48.41 96.19 68.19
C VAL J 51 48.58 96.14 69.71
N SER J 52 47.65 96.76 70.43
CA SER J 52 47.60 96.71 71.87
C SER J 52 46.28 96.08 72.31
N VAL J 53 46.38 95.07 73.17
CA VAL J 53 45.21 94.28 73.58
C VAL J 53 45.14 94.27 75.09
N TYR J 54 43.95 94.56 75.62
CA TYR J 54 43.67 94.45 77.05
C TYR J 54 42.39 93.65 77.23
N LYS J 55 42.47 92.63 78.08
CA LYS J 55 41.31 91.82 78.45
C LYS J 55 40.75 92.39 79.75
N ARG J 56 39.64 93.11 79.65
CA ARG J 56 39.10 93.86 80.78
C ARG J 56 37.87 93.16 81.33
N PRO J 57 37.84 92.84 82.63
CA PRO J 57 36.63 92.24 83.21
C PRO J 57 35.52 93.28 83.31
N ALA J 58 34.40 92.98 82.67
CA ALA J 58 33.24 93.88 82.66
C ALA J 58 31.95 93.13 82.98
N PRO J 59 31.83 92.54 84.17
CA PRO J 59 30.48 92.21 84.65
C PRO J 59 29.67 93.46 84.90
N LYS J 60 30.35 94.54 85.32
CA LYS J 60 29.80 95.86 85.57
C LYS J 60 28.55 95.81 86.44
N PRO J 61 28.66 95.33 87.69
CA PRO J 61 27.51 95.39 88.59
C PRO J 61 27.32 96.81 89.11
N GLU J 62 26.31 97.49 88.59
CA GLU J 62 26.14 98.91 88.85
C GLU J 62 25.73 99.15 90.30
N GLY J 63 26.71 99.46 91.12
CA GLY J 63 26.46 99.81 92.51
C GLY J 63 26.80 98.80 93.59
N CYS J 64 26.69 97.50 93.27
CA CYS J 64 26.84 96.52 94.33
C CYS J 64 28.01 95.60 94.01
N ALA J 65 28.89 95.42 95.00
CA ALA J 65 29.99 94.48 94.93
C ALA J 65 30.36 94.03 96.34
N ASP J 66 30.28 92.74 96.58
CA ASP J 66 30.52 92.21 97.92
C ASP J 66 31.66 91.21 97.99
N ALA J 67 31.73 90.28 97.04
CA ALA J 67 32.76 89.25 97.05
C ALA J 67 33.27 89.06 95.62
N CYS J 68 34.38 88.36 95.48
CA CYS J 68 34.96 88.13 94.16
C CYS J 68 34.41 86.85 93.55
N VAL J 69 33.76 86.99 92.40
CA VAL J 69 33.28 85.86 91.61
C VAL J 69 34.14 85.82 90.35
N ILE J 70 33.99 84.78 89.54
CA ILE J 70 34.69 84.72 88.26
C ILE J 70 34.32 85.92 87.40
N MET J 71 35.33 86.63 86.93
CA MET J 71 35.12 87.73 86.00
C MET J 71 35.01 87.20 84.58
N PRO J 72 33.88 87.41 83.90
CA PRO J 72 33.85 87.19 82.46
C PRO J 72 34.55 88.33 81.74
N ASN J 73 35.32 88.02 80.70
CA ASN J 73 36.25 88.98 80.10
C ASN J 73 35.79 89.39 78.72
N GLU J 74 36.07 90.64 78.37
CA GLU J 74 35.88 91.17 77.03
C GLU J 74 37.22 91.64 76.50
N ASN J 75 37.31 91.77 75.18
CA ASN J 75 38.56 92.13 74.51
C ASN J 75 38.51 93.59 74.08
N GLN J 76 39.46 94.39 74.56
CA GLN J 76 39.65 95.76 74.09
C GLN J 76 40.91 95.77 73.22
N SER J 77 40.76 96.15 71.96
CA SER J 77 41.85 96.10 71.00
C SER J 77 42.01 97.45 70.31
N ILE J 78 43.25 97.88 70.17
CA ILE J 78 43.61 99.08 69.42
C ILE J 78 44.77 98.71 68.50
N ARG J 79 44.54 98.78 67.19
CA ARG J 79 45.56 98.43 66.21
C ARG J 79 45.81 99.62 65.31
N THR J 80 47.09 99.86 64.98
CA THR J 80 47.49 100.98 64.16
C THR J 80 48.44 100.49 63.06
N VAL J 81 48.23 100.96 61.85
CA VAL J 81 49.05 100.62 60.70
C VAL J 81 49.56 101.91 60.09
N ILE J 82 50.88 102.04 59.97
CA ILE J 82 51.52 103.21 59.37
C ILE J 82 52.31 102.75 58.16
N SER J 83 51.98 103.29 56.99
CA SER J 83 52.62 102.90 55.74
C SER J 83 53.18 104.13 55.06
N GLY J 84 54.44 104.06 54.64
CA GLY J 84 55.07 105.16 53.94
C GLY J 84 56.53 104.90 53.63
N SER J 85 57.09 105.67 52.70
CA SER J 85 58.50 105.51 52.35
C SER J 85 59.39 105.95 53.49
N ALA J 86 60.52 105.25 53.66
CA ALA J 86 61.46 105.61 54.72
C ALA J 86 62.13 106.94 54.43
N GLU J 87 62.13 107.37 53.16
CA GLU J 87 62.81 108.61 52.80
C GLU J 87 61.99 109.84 53.17
N ASN J 88 60.73 109.65 53.52
CA ASN J 88 59.83 110.73 53.93
C ASN J 88 59.41 110.58 55.38
N LEU J 89 60.36 110.22 56.23
CA LEU J 89 60.03 109.88 57.62
C LEU J 89 59.55 111.09 58.40
N ALA J 90 60.14 112.26 58.14
CA ALA J 90 59.71 113.47 58.85
C ALA J 90 58.26 113.82 58.54
N THR J 91 57.90 113.77 57.25
CA THR J 91 56.53 114.00 56.86
C THR J 91 55.60 112.93 57.41
N LEU J 92 56.06 111.68 57.46
CA LEU J 92 55.23 110.63 58.05
C LEU J 92 54.99 110.87 59.54
N LYS J 93 56.00 111.34 60.25
CA LYS J 93 55.82 111.67 61.66
C LYS J 93 54.86 112.84 61.84
N ALA J 94 54.94 113.85 60.97
CA ALA J 94 53.97 114.94 61.02
C ALA J 94 52.56 114.43 60.76
N GLU J 95 52.41 113.53 59.80
CA GLU J 95 51.11 112.91 59.54
C GLU J 95 50.62 112.14 60.76
N TRP J 96 51.53 111.45 61.46
CA TRP J 96 51.15 110.72 62.66
C TRP J 96 50.64 111.67 63.74
N GLU J 97 51.33 112.80 63.93
CA GLU J 97 50.87 113.77 64.93
C GLU J 97 49.50 114.32 64.56
N THR J 98 49.29 114.66 63.29
CA THR J 98 48.00 115.18 62.86
C THR J 98 46.91 114.12 63.02
N HIS J 99 47.22 112.86 62.71
CA HIS J 99 46.27 111.78 62.87
C HIS J 99 45.88 111.60 64.33
N LYS J 100 46.87 111.67 65.23
CA LYS J 100 46.58 111.59 66.65
C LYS J 100 45.67 112.73 67.08
N ARG J 101 45.94 113.94 66.61
CA ARG J 101 45.09 115.07 66.95
C ARG J 101 43.66 114.87 66.48
N ASN J 102 43.50 114.40 65.23
CA ASN J 102 42.16 114.19 64.69
C ASN J 102 41.42 113.10 65.45
N VAL J 103 42.09 111.99 65.76
CA VAL J 103 41.45 110.90 66.48
C VAL J 103 41.08 111.35 67.89
N ASP J 104 41.92 112.18 68.51
CA ASP J 104 41.57 112.72 69.82
C ASP J 104 40.34 113.60 69.72
N THR J 105 40.26 114.45 68.70
CA THR J 105 39.11 115.31 68.51
C THR J 105 37.83 114.49 68.37
N LEU J 106 37.88 113.41 67.60
CA LEU J 106 36.68 112.60 67.41
C LEU J 106 36.34 111.74 68.62
N PHE J 107 37.34 111.17 69.28
CA PHE J 107 37.14 110.10 70.26
C PHE J 107 37.33 110.57 71.70
N ALA J 108 38.49 111.18 72.00
CA ALA J 108 38.80 111.52 73.38
C ALA J 108 37.91 112.64 73.88
N SER J 109 37.74 113.70 73.09
CA SER J 109 36.89 114.81 73.46
C SER J 109 35.49 114.74 72.85
N GLY J 110 35.24 113.75 72.00
CA GLY J 110 33.95 113.59 71.36
C GLY J 110 33.13 112.46 71.96
N ASN J 111 32.22 111.92 71.14
CA ASN J 111 31.35 110.83 71.54
C ASN J 111 31.42 109.66 70.56
N ALA J 112 32.53 109.56 69.82
CA ALA J 112 32.65 108.50 68.83
C ALA J 112 32.73 107.12 69.48
N GLY J 113 33.21 107.05 70.72
CA GLY J 113 33.32 105.76 71.38
C GLY J 113 31.96 105.13 71.64
N LEU J 114 30.92 105.94 71.75
CA LEU J 114 29.58 105.44 72.01
C LEU J 114 28.83 105.20 70.71
N GLY J 115 29.50 105.39 69.59
CA GLY J 115 28.86 105.21 68.29
C GLY J 115 28.18 106.46 67.76
N PHE J 116 28.88 107.58 67.76
CA PHE J 116 28.34 108.86 67.31
C PHE J 116 29.33 109.53 66.37
N LEU J 117 28.79 110.30 65.41
CA LEU J 117 29.59 111.10 64.50
C LEU J 117 29.20 112.56 64.65
N ASP J 118 30.19 113.44 64.68
CA ASP J 118 29.95 114.87 64.74
C ASP J 118 30.46 115.52 63.47
N PRO J 119 29.60 115.83 62.50
CA PRO J 119 30.08 116.48 61.26
C PRO J 119 30.67 117.86 61.49
N THR J 120 30.39 118.50 62.63
CA THR J 120 30.92 119.82 62.94
C THR J 120 32.24 119.77 63.69
N ALA J 121 32.86 118.60 63.82
CA ALA J 121 34.11 118.49 64.55
C ALA J 121 35.21 119.27 63.85
N ALA J 122 36.13 119.84 64.64
CA ALA J 122 37.22 120.67 64.12
C ALA J 122 38.38 119.76 63.71
N ILE J 123 38.30 119.26 62.48
CA ILE J 123 39.30 118.37 61.92
C ILE J 123 40.28 119.20 61.08
N VAL J 124 41.58 118.98 61.29
CA VAL J 124 42.62 119.77 60.66
C VAL J 124 43.60 118.86 59.93
N SER J 125 44.29 119.43 58.95
CA SER J 125 45.28 118.70 58.18
C SER J 125 46.69 118.95 58.71
N SER J 126 47.65 118.22 58.14
CA SER J 126 49.04 118.39 58.53
C SER J 126 49.65 119.66 57.96
N ASP J 127 49.20 120.10 56.79
CA ASP J 127 49.74 121.30 56.19
C ASP J 127 49.37 122.54 57.00
N THR J 128 50.29 123.49 57.03
CA THR J 128 50.11 124.73 57.78
C THR J 128 50.00 125.92 56.82
N THR J 129 49.30 126.94 57.28
CA THR J 129 49.10 128.14 56.48
C THR J 129 50.34 129.02 56.47
N ALA K 1 85.55 108.56 57.98
CA ALA K 1 84.65 107.81 58.85
C ALA K 1 83.47 107.25 58.06
N ASN K 2 83.47 105.93 57.88
CA ASN K 2 82.40 105.28 57.14
C ASN K 2 81.11 105.25 57.96
N LYS K 3 79.99 105.25 57.27
CA LYS K 3 78.69 105.29 57.95
C LYS K 3 78.41 103.94 58.61
N PRO K 4 78.08 103.93 59.91
CA PRO K 4 77.77 102.65 60.56
C PRO K 4 76.52 102.01 59.99
N MET K 5 76.46 100.69 60.09
CA MET K 5 75.31 99.91 59.68
C MET K 5 74.69 99.21 60.89
N GLN K 6 73.39 98.95 60.82
CA GLN K 6 72.67 98.24 61.85
C GLN K 6 71.94 97.05 61.25
N PRO K 7 71.76 95.96 62.00
CA PRO K 7 71.06 94.79 61.46
C PRO K 7 69.57 95.08 61.33
N ILE K 8 68.99 94.60 60.22
CA ILE K 8 67.59 94.81 59.91
C ILE K 8 66.80 93.50 60.04
N THR K 9 67.35 92.40 59.53
CA THR K 9 66.77 91.07 59.72
C THR K 9 67.82 90.17 60.36
N SER K 10 67.41 89.50 61.44
CA SER K 10 68.36 88.76 62.27
C SER K 10 67.96 87.30 62.34
N THR K 11 68.87 86.43 61.90
CA THR K 11 68.77 84.99 62.08
C THR K 11 70.18 84.44 62.25
N ALA K 12 70.32 83.43 63.11
CA ALA K 12 71.63 82.85 63.35
C ALA K 12 72.21 82.26 62.06
N ASN K 13 71.34 81.80 61.16
CA ASN K 13 71.81 81.32 59.87
C ASN K 13 72.20 82.45 58.93
N LYS K 14 71.51 83.59 59.01
CA LYS K 14 71.75 84.70 58.08
C LYS K 14 71.41 86.02 58.76
N ILE K 15 72.35 86.96 58.72
CA ILE K 15 72.15 88.32 59.22
C ILE K 15 72.47 89.30 58.10
N VAL K 16 71.58 90.26 57.90
CA VAL K 16 71.73 91.27 56.85
C VAL K 16 71.82 92.63 57.53
N TRP K 17 72.81 93.43 57.13
CA TRP K 17 73.00 94.77 57.63
C TRP K 17 72.45 95.78 56.63
N SER K 18 72.14 96.98 57.11
CA SER K 18 71.59 98.01 56.25
C SER K 18 71.93 99.39 56.82
N ASP K 19 72.17 100.33 55.92
CA ASP K 19 72.43 101.70 56.30
C ASP K 19 71.10 102.43 56.49
N PRO K 20 70.83 102.99 57.67
CA PRO K 20 69.57 103.71 57.86
C PRO K 20 69.36 104.86 56.90
N THR K 21 70.42 105.53 56.47
CA THR K 21 70.30 106.65 55.54
C THR K 21 70.06 106.21 54.11
N ARG K 22 70.55 105.03 53.71
CA ARG K 22 70.34 104.52 52.36
C ARG K 22 70.03 103.03 52.50
N LEU K 23 68.74 102.68 52.50
CA LEU K 23 68.35 101.29 52.68
C LEU K 23 68.70 100.42 51.47
N SER K 24 69.10 101.03 50.35
CA SER K 24 69.43 100.27 49.16
C SER K 24 70.74 99.51 49.28
N THR K 25 71.61 99.89 50.23
CA THR K 25 72.88 99.20 50.42
C THR K 25 72.74 98.22 51.59
N THR K 26 73.21 97.00 51.38
CA THR K 26 73.07 95.93 52.35
C THR K 26 74.34 95.10 52.41
N PHE K 27 74.53 94.41 53.52
CA PHE K 27 75.63 93.46 53.71
C PHE K 27 75.08 92.22 54.39
N SER K 28 75.14 91.09 53.70
CA SER K 28 74.55 89.85 54.19
C SER K 28 75.63 88.83 54.48
N ALA K 29 75.49 88.14 55.62
CA ALA K 29 76.40 87.07 56.01
C ALA K 29 75.58 85.84 56.33
N SER K 30 75.90 84.72 55.69
CA SER K 30 75.20 83.47 55.90
C SER K 30 76.23 82.37 56.08
N LEU K 31 76.09 81.58 57.15
CA LEU K 31 76.97 80.45 57.42
C LEU K 31 76.14 79.17 57.38
N LEU K 32 76.61 78.19 56.60
CA LEU K 32 76.02 76.87 56.54
C LEU K 32 77.05 75.86 57.03
N ARG K 33 76.67 75.07 58.04
CA ARG K 33 77.59 74.15 58.69
C ARG K 33 77.13 72.72 58.45
N GLN K 34 78.08 71.84 58.14
CA GLN K 34 77.81 70.44 57.90
C GLN K 34 78.98 69.62 58.44
N ARG K 35 78.69 68.39 58.86
CA ARG K 35 79.70 67.50 59.41
C ARG K 35 80.17 66.58 58.28
N VAL K 36 81.03 67.11 57.41
CA VAL K 36 81.59 66.34 56.30
C VAL K 36 82.89 65.73 56.76
N LYS K 37 82.85 64.45 57.16
CA LYS K 37 84.02 63.82 57.72
C LYS K 37 84.81 63.06 56.67
N VAL K 38 86.13 63.29 56.65
CA VAL K 38 87.04 62.52 55.82
C VAL K 38 87.33 61.20 56.53
N GLY K 39 87.98 60.27 55.83
CA GLY K 39 88.26 58.96 56.38
C GLY K 39 88.94 58.98 57.74
N ILE K 40 88.44 58.15 58.65
CA ILE K 40 88.94 57.96 60.02
C ILE K 40 89.22 59.29 60.72
N ALA K 41 88.44 60.32 60.38
CA ALA K 41 88.60 61.63 61.01
C ALA K 41 87.25 62.31 61.04
N GLU K 42 87.13 63.30 61.93
CA GLU K 42 85.93 64.11 62.08
C GLU K 42 86.27 65.56 61.79
N LEU K 43 85.49 66.19 60.91
CA LEU K 43 85.75 67.58 60.51
C LEU K 43 84.44 68.32 60.40
N ASN K 44 84.40 69.54 60.91
CA ASN K 44 83.24 70.42 60.79
C ASN K 44 83.58 71.58 59.87
N ASN K 45 82.96 71.61 58.70
CA ASN K 45 83.22 72.65 57.71
C ASN K 45 82.06 73.63 57.67
N VAL K 46 82.38 74.90 57.38
CA VAL K 46 81.39 75.96 57.32
C VAL K 46 81.57 76.68 55.99
N SER K 47 80.50 76.76 55.21
CA SER K 47 80.50 77.53 53.97
C SER K 47 79.89 78.90 54.25
N GLY K 48 80.73 79.93 54.24
CA GLY K 48 80.26 81.26 54.54
C GLY K 48 80.13 82.15 53.31
N GLN K 49 78.92 82.62 53.05
CA GLN K 49 78.63 83.45 51.89
C GLN K 49 78.38 84.87 52.38
N TYR K 50 79.16 85.82 51.87
CA TYR K 50 79.04 87.23 52.23
C TYR K 50 78.74 88.02 50.96
N VAL K 51 77.64 88.76 50.97
CA VAL K 51 77.18 89.49 49.80
C VAL K 51 77.08 90.97 50.15
N SER K 52 77.69 91.81 49.32
CA SER K 52 77.61 93.26 49.46
C SER K 52 76.85 93.82 48.27
N VAL K 53 75.81 94.60 48.55
CA VAL K 53 74.93 95.14 47.52
C VAL K 53 74.91 96.65 47.65
N TYR K 54 75.12 97.35 46.55
CA TYR K 54 75.04 98.80 46.48
C TYR K 54 74.43 99.20 45.15
N LYS K 55 73.41 100.04 45.19
CA LYS K 55 72.74 100.53 43.98
C LYS K 55 73.23 101.94 43.73
N ARG K 56 74.00 102.11 42.66
CA ARG K 56 74.68 103.37 42.38
C ARG K 56 74.10 104.02 41.14
N PRO K 57 73.90 105.33 41.15
CA PRO K 57 73.42 106.02 39.96
C PRO K 57 74.39 105.88 38.79
N ALA K 58 73.84 105.81 37.60
CA ALA K 58 74.65 105.76 36.39
C ALA K 58 75.47 107.05 36.28
N PRO K 59 76.68 107.00 35.73
CA PRO K 59 77.55 108.16 35.81
C PRO K 59 77.18 109.31 34.87
N LYS K 60 77.16 110.51 35.44
CA LYS K 60 76.76 111.73 34.74
C LYS K 60 77.77 112.05 33.65
N PRO K 61 77.35 112.73 32.57
CA PRO K 61 78.29 113.06 31.49
C PRO K 61 79.47 113.88 31.98
N GLU K 62 80.62 113.69 31.34
CA GLU K 62 81.86 114.28 31.83
C GLU K 62 81.78 115.80 31.89
N GLY K 63 81.24 116.42 30.84
CA GLY K 63 81.08 117.87 30.84
C GLY K 63 79.71 118.31 31.30
N CYS K 64 79.34 117.96 32.53
CA CYS K 64 78.01 118.23 33.03
C CYS K 64 78.08 119.14 34.26
N ALA K 65 77.35 120.25 34.21
CA ALA K 65 77.25 121.15 35.35
C ALA K 65 75.82 121.33 35.83
N ASP K 66 74.88 120.50 35.40
CA ASP K 66 73.50 120.65 35.79
C ASP K 66 73.33 120.37 37.28
N ALA K 67 72.41 121.09 37.91
CA ALA K 67 72.22 121.01 39.35
C ALA K 67 71.72 119.63 39.79
N CYS K 68 70.55 119.23 39.30
CA CYS K 68 69.91 118.00 39.74
C CYS K 68 69.27 117.27 38.56
N VAL K 69 69.96 116.24 38.08
CA VAL K 69 69.39 115.28 37.15
C VAL K 69 69.75 113.88 37.65
N ILE K 70 68.75 113.03 37.83
CA ILE K 70 68.94 111.72 38.44
C ILE K 70 68.70 110.65 37.37
N MET K 71 69.65 109.73 37.25
CA MET K 71 69.56 108.59 36.34
C MET K 71 69.40 107.31 37.14
N PRO K 72 68.76 106.28 36.58
CA PRO K 72 68.44 105.09 37.38
C PRO K 72 69.69 104.35 37.83
N ASN K 73 69.53 103.68 38.97
CA ASN K 73 70.63 103.02 39.65
C ASN K 73 71.01 101.71 38.95
N GLU K 74 72.26 101.31 39.14
CA GLU K 74 72.76 100.03 38.64
C GLU K 74 73.14 99.17 39.83
N ASN K 75 73.15 97.85 39.63
CA ASN K 75 73.41 96.93 40.73
C ASN K 75 74.91 96.60 40.79
N GLN K 76 75.53 96.91 41.92
CA GLN K 76 76.92 96.57 42.19
C GLN K 76 76.94 95.51 43.28
N SER K 77 77.39 94.30 42.93
CA SER K 77 77.36 93.17 43.85
C SER K 77 78.74 92.54 43.95
N ILE K 78 79.18 92.30 45.19
CA ILE K 78 80.42 91.60 45.47
C ILE K 78 80.08 90.47 46.44
N ARG K 79 80.28 89.23 45.99
CA ARG K 79 79.90 88.05 46.74
C ARG K 79 81.13 87.18 46.98
N THR K 80 81.37 86.82 48.24
CA THR K 80 82.51 86.00 48.62
C THR K 80 82.03 84.77 49.38
N VAL K 81 82.53 83.60 48.98
CA VAL K 81 82.18 82.34 49.61
C VAL K 81 83.47 81.72 50.14
N ILE K 82 83.49 81.39 51.43
CA ILE K 82 84.64 80.79 52.09
C ILE K 82 84.20 79.45 52.65
N SER K 83 84.87 78.37 52.25
CA SER K 83 84.55 77.02 52.68
C SER K 83 85.80 76.38 53.26
N GLY K 84 85.67 75.80 54.46
CA GLY K 84 86.78 75.12 55.08
C GLY K 84 86.45 74.56 56.46
N SER K 85 87.28 73.64 56.93
CA SER K 85 87.05 73.04 58.24
C SER K 85 87.41 74.03 59.36
N ALA K 86 86.76 73.85 60.51
CA ALA K 86 87.03 74.74 61.64
C ALA K 86 88.42 74.48 62.21
N GLU K 87 88.95 73.28 62.02
CA GLU K 87 90.25 72.93 62.61
C GLU K 87 91.39 73.69 61.94
N ASN K 88 91.20 74.08 60.68
CA ASN K 88 92.25 74.74 59.89
C ASN K 88 91.99 76.23 59.74
N LEU K 89 91.54 76.90 60.81
CA LEU K 89 91.15 78.29 60.70
C LEU K 89 92.33 79.20 60.37
N ALA K 90 93.50 78.93 60.96
CA ALA K 90 94.66 79.79 60.70
C ALA K 90 95.10 79.70 59.25
N THR K 91 95.18 78.47 58.72
CA THR K 91 95.52 78.30 57.31
C THR K 91 94.46 78.90 56.41
N LEU K 92 93.18 78.80 56.77
CA LEU K 92 92.13 79.41 55.96
C LEU K 92 92.26 80.93 55.96
N LYS K 93 92.64 81.51 57.10
CA LYS K 93 92.87 82.96 57.15
C LYS K 93 94.06 83.36 56.29
N ALA K 94 95.12 82.56 56.31
CA ALA K 94 96.26 82.83 55.42
C ALA K 94 95.85 82.75 53.96
N GLU K 95 95.04 81.75 53.60
CA GLU K 95 94.53 81.65 52.24
C GLU K 95 93.66 82.85 51.89
N TRP K 96 92.90 83.36 52.86
CA TRP K 96 92.06 84.54 52.62
C TRP K 96 92.92 85.77 52.36
N GLU K 97 94.02 85.91 53.11
CA GLU K 97 94.94 87.03 52.85
C GLU K 97 95.56 86.92 51.46
N THR K 98 95.98 85.71 51.08
CA THR K 98 96.54 85.52 49.74
C THR K 98 95.51 85.81 48.66
N HIS K 99 94.25 85.41 48.91
CA HIS K 99 93.18 85.70 47.97
C HIS K 99 92.97 87.20 47.84
N LYS K 100 93.00 87.93 48.97
CA LYS K 100 92.97 89.39 48.90
C LYS K 100 94.06 89.91 47.99
N ARG K 101 95.29 89.45 48.20
CA ARG K 101 96.42 89.99 47.44
C ARG K 101 96.26 89.72 45.95
N ASN K 102 95.85 88.50 45.60
CA ASN K 102 95.71 88.15 44.20
C ASN K 102 94.57 88.91 43.53
N VAL K 103 93.41 88.97 44.18
CA VAL K 103 92.29 89.73 43.63
C VAL K 103 92.66 91.19 43.50
N ASP K 104 93.42 91.72 44.46
CA ASP K 104 93.85 93.11 44.39
C ASP K 104 94.75 93.35 43.18
N THR K 105 95.75 92.49 43.00
CA THR K 105 96.70 92.72 41.91
C THR K 105 96.03 92.50 40.55
N LEU K 106 94.96 91.72 40.50
CA LEU K 106 94.23 91.59 39.24
C LEU K 106 93.25 92.72 38.99
N PHE K 107 92.56 93.19 40.04
CA PHE K 107 91.42 94.09 39.90
C PHE K 107 91.78 95.54 40.21
N ALA K 108 92.29 95.80 41.41
CA ALA K 108 92.53 97.18 41.83
C ALA K 108 93.64 97.82 41.02
N SER K 109 94.73 97.09 40.78
CA SER K 109 95.86 97.60 40.02
C SER K 109 95.86 97.12 38.57
N GLY K 110 94.88 96.34 38.15
CA GLY K 110 94.82 95.83 36.80
C GLY K 110 93.64 96.38 36.02
N ASN K 111 93.32 95.69 34.93
CA ASN K 111 92.20 96.06 34.07
C ASN K 111 91.11 94.99 34.06
N ALA K 112 91.10 94.12 35.06
CA ALA K 112 90.05 93.10 35.14
C ALA K 112 88.68 93.72 35.33
N GLY K 113 88.61 94.88 35.98
CA GLY K 113 87.36 95.59 36.08
C GLY K 113 86.81 96.05 34.75
N LEU K 114 87.67 96.49 33.84
CA LEU K 114 87.28 96.85 32.49
C LEU K 114 87.02 95.63 31.62
N GLY K 115 87.64 94.50 31.93
CA GLY K 115 87.45 93.30 31.15
C GLY K 115 88.67 92.78 30.44
N PHE K 116 89.87 93.13 30.90
CA PHE K 116 91.11 92.67 30.31
C PHE K 116 91.87 91.83 31.33
N LEU K 117 92.35 90.66 30.90
CA LEU K 117 93.16 89.79 31.72
C LEU K 117 94.62 89.89 31.30
N ASP K 118 95.51 90.00 32.28
CA ASP K 118 96.94 90.09 32.00
C ASP K 118 97.59 88.77 32.39
N PRO K 119 98.03 87.95 31.42
CA PRO K 119 98.72 86.70 31.78
C PRO K 119 100.07 86.91 32.45
N THR K 120 100.56 88.14 32.52
CA THR K 120 101.85 88.44 33.14
C THR K 120 101.70 89.00 34.55
N ALA K 121 100.50 88.96 35.12
CA ALA K 121 100.29 89.47 36.47
C ALA K 121 101.04 88.61 37.48
N ALA K 122 101.44 89.23 38.58
CA ALA K 122 102.21 88.54 39.62
C ALA K 122 101.23 87.90 40.60
N ILE K 123 100.71 86.73 40.22
CA ILE K 123 99.86 85.94 41.11
C ILE K 123 100.77 85.08 41.95
N VAL K 124 100.53 85.08 43.26
CA VAL K 124 101.47 84.46 44.18
C VAL K 124 100.70 83.55 45.14
N SER K 125 101.40 82.55 45.66
CA SER K 125 100.78 81.55 46.52
C SER K 125 100.95 81.93 47.99
N SER K 126 100.20 81.22 48.84
CA SER K 126 100.23 81.49 50.27
C SER K 126 101.53 81.01 50.93
N ASP K 127 102.09 79.91 50.45
CA ASP K 127 103.28 79.35 51.08
C ASP K 127 104.48 80.26 50.86
N THR K 128 105.39 80.22 51.82
CA THR K 128 106.60 81.04 51.81
C THR K 128 107.82 80.18 51.52
N THR K 129 108.84 80.81 50.95
CA THR K 129 110.09 80.12 50.64
C THR K 129 110.87 79.81 51.91
N ALA L 1 87.51 80.72 85.78
CA ALA L 1 87.22 81.40 84.52
C ALA L 1 86.75 80.41 83.46
N ASN L 2 85.46 80.10 83.49
CA ASN L 2 84.90 79.16 82.53
C ASN L 2 84.84 79.80 81.14
N LYS L 3 84.93 78.97 80.11
CA LYS L 3 84.93 79.47 78.74
C LYS L 3 83.52 79.91 78.34
N PRO L 4 83.35 81.16 77.91
CA PRO L 4 82.03 81.59 77.45
C PRO L 4 81.65 80.93 76.13
N MET L 5 80.35 80.87 75.88
CA MET L 5 79.80 80.22 74.69
C MET L 5 78.96 81.22 73.90
N GLN L 6 78.78 80.94 72.61
CA GLN L 6 78.04 81.80 71.71
C GLN L 6 76.90 81.03 71.05
N PRO L 7 75.83 81.70 70.64
CA PRO L 7 74.68 80.99 70.05
C PRO L 7 74.92 80.58 68.60
N ILE L 8 74.65 79.31 68.28
CA ILE L 8 74.72 78.85 66.90
C ILE L 8 73.37 78.92 66.19
N THR L 9 72.28 78.76 66.92
CA THR L 9 70.94 78.80 66.33
C THR L 9 70.05 79.65 67.22
N SER L 10 69.50 80.73 66.67
CA SER L 10 68.67 81.66 67.42
C SER L 10 67.27 81.67 66.81
N THR L 11 66.26 81.43 67.64
CA THR L 11 64.88 81.39 67.21
C THR L 11 64.01 81.91 68.36
N ALA L 12 62.79 82.34 68.02
CA ALA L 12 61.88 82.84 69.03
C ALA L 12 61.46 81.75 70.01
N ASN L 13 61.70 80.49 69.67
CA ASN L 13 61.31 79.38 70.53
C ASN L 13 62.46 78.47 70.94
N LYS L 14 63.67 78.69 70.43
CA LYS L 14 64.81 77.84 70.77
C LYS L 14 66.11 78.58 70.50
N ILE L 15 67.04 78.50 71.44
CA ILE L 15 68.39 79.03 71.27
C ILE L 15 69.38 77.95 71.70
N VAL L 16 70.39 77.73 70.86
CA VAL L 16 71.41 76.71 71.11
C VAL L 16 72.76 77.41 71.17
N TRP L 17 73.49 77.16 72.25
CA TRP L 17 74.83 77.71 72.44
C TRP L 17 75.88 76.65 72.13
N SER L 18 77.11 77.10 71.89
CA SER L 18 78.21 76.19 71.59
C SER L 18 79.53 76.86 71.93
N ASP L 19 80.47 76.05 72.41
CA ASP L 19 81.80 76.57 72.73
C ASP L 19 82.62 76.74 71.46
N PRO L 20 83.23 77.91 71.26
CA PRO L 20 84.07 78.09 70.05
C PRO L 20 85.21 77.10 69.96
N THR L 21 85.83 76.75 71.09
CA THR L 21 86.96 75.83 71.05
C THR L 21 86.51 74.41 70.72
N ARG L 22 85.46 73.93 71.38
CA ARG L 22 84.92 72.60 71.13
C ARG L 22 83.48 72.75 70.68
N LEU L 23 83.20 72.41 69.41
CA LEU L 23 81.86 72.56 68.88
C LEU L 23 80.97 71.39 69.31
N SER L 24 81.56 70.36 69.89
CA SER L 24 80.81 69.18 70.31
C SER L 24 79.87 69.51 71.48
N THR L 25 80.34 70.33 72.42
CA THR L 25 79.54 70.67 73.59
C THR L 25 78.56 71.78 73.25
N THR L 26 77.29 71.57 73.54
CA THR L 26 76.25 72.54 73.27
C THR L 26 75.27 72.62 74.45
N PHE L 27 74.60 73.76 74.56
CA PHE L 27 73.57 73.98 75.57
C PHE L 27 72.37 74.60 74.89
N SER L 28 71.23 73.93 74.95
CA SER L 28 70.03 74.34 74.23
C SER L 28 68.89 74.60 75.20
N ALA L 29 68.10 75.64 74.90
CA ALA L 29 66.94 76.01 75.69
C ALA L 29 65.77 76.23 74.75
N SER L 30 64.63 75.61 75.06
CA SER L 30 63.42 75.73 74.26
C SER L 30 62.24 75.98 75.19
N LEU L 31 61.36 76.89 74.81
CA LEU L 31 60.20 77.24 75.60
C LEU L 31 58.93 76.98 74.81
N LEU L 32 57.96 76.34 75.45
CA LEU L 32 56.64 76.11 74.86
C LEU L 32 55.61 76.86 75.71
N ARG L 33 54.79 77.68 75.05
CA ARG L 33 53.85 78.54 75.73
C ARG L 33 52.43 78.18 75.32
N GLN L 34 51.62 77.76 76.29
CA GLN L 34 50.24 77.40 76.06
C GLN L 34 49.37 77.98 77.17
N ARG L 35 48.15 78.34 76.81
CA ARG L 35 47.17 78.77 77.79
C ARG L 35 46.46 77.56 78.38
N VAL L 36 46.36 77.50 79.70
CA VAL L 36 45.80 76.35 80.41
C VAL L 36 44.44 76.75 80.97
N LYS L 37 43.43 75.94 80.68
CA LYS L 37 42.07 76.15 81.15
C LYS L 37 41.92 75.49 82.51
N VAL L 38 41.79 76.30 83.55
CA VAL L 38 41.54 75.83 84.90
C VAL L 38 40.22 76.45 85.36
N GLY L 39 39.49 75.70 86.19
CA GLY L 39 38.19 76.14 86.66
C GLY L 39 38.22 77.57 87.19
N ILE L 40 37.28 78.39 86.70
CA ILE L 40 37.16 79.82 87.00
C ILE L 40 38.52 80.50 87.03
N ALA L 41 39.38 80.15 86.08
CA ALA L 41 40.71 80.76 85.99
C ALA L 41 41.18 80.71 84.55
N GLU L 42 41.94 81.73 84.15
CA GLU L 42 42.54 81.78 82.81
C GLU L 42 44.01 82.13 82.98
N LEU L 43 44.84 81.11 83.18
CA LEU L 43 46.27 81.29 83.39
C LEU L 43 47.05 80.39 82.43
N ASN L 44 48.22 80.87 82.04
CA ASN L 44 49.01 80.26 80.97
C ASN L 44 50.29 79.65 81.51
N ASN L 45 50.60 78.43 81.06
CA ASN L 45 51.79 77.73 81.51
C ASN L 45 52.96 77.98 80.57
N VAL L 46 54.17 77.88 81.10
CA VAL L 46 55.39 77.97 80.31
C VAL L 46 56.24 76.76 80.64
N SER L 47 56.55 75.96 79.63
CA SER L 47 57.36 74.75 79.79
C SER L 47 58.72 75.00 79.15
N GLY L 48 59.78 74.80 79.93
CA GLY L 48 61.12 75.03 79.44
C GLY L 48 62.00 73.80 79.48
N GLN L 49 62.61 73.46 78.35
CA GLN L 49 63.50 72.32 78.22
C GLN L 49 64.92 72.82 78.03
N TYR L 50 65.82 72.41 78.93
CA TYR L 50 67.23 72.80 78.87
C TYR L 50 68.06 71.53 78.75
N VAL L 51 68.87 71.47 77.69
CA VAL L 51 69.66 70.29 77.39
C VAL L 51 71.12 70.70 77.30
N SER L 52 71.97 70.05 78.09
CA SER L 52 73.41 70.25 78.06
C SER L 52 74.11 68.93 77.74
N VAL L 53 74.94 68.94 76.72
CA VAL L 53 75.63 67.73 76.24
C VAL L 53 77.12 68.00 76.17
N TYR L 54 77.90 67.00 76.55
CA TYR L 54 79.36 67.04 76.43
C TYR L 54 79.83 65.73 75.84
N LYS L 55 80.71 65.81 74.85
CA LYS L 55 81.19 64.63 74.14
C LYS L 55 82.53 64.19 74.74
N ARG L 56 82.41 63.69 75.97
CA ARG L 56 83.58 63.35 76.77
C ARG L 56 84.32 62.15 76.18
N PRO L 57 85.64 62.22 76.03
CA PRO L 57 86.40 61.05 75.59
C PRO L 57 86.34 59.92 76.60
N ALA L 58 86.41 58.70 76.07
CA ALA L 58 86.43 57.51 76.92
C ALA L 58 87.69 57.52 77.78
N PRO L 59 87.69 56.86 78.94
CA PRO L 59 88.85 56.96 79.82
C PRO L 59 90.04 56.16 79.29
N LYS L 60 91.20 56.81 79.28
CA LYS L 60 92.39 56.21 78.71
C LYS L 60 92.80 54.98 79.53
N PRO L 61 93.31 53.93 78.87
CA PRO L 61 93.77 52.75 79.62
C PRO L 61 94.92 53.09 80.56
N GLU L 62 95.10 52.26 81.59
CA GLU L 62 96.00 52.56 82.70
C GLU L 62 97.44 52.26 82.31
N GLY L 63 98.34 53.17 82.69
CA GLY L 63 99.76 52.93 82.59
C GLY L 63 100.37 53.11 81.22
N CYS L 64 99.63 53.63 80.25
CA CYS L 64 100.13 53.80 78.89
C CYS L 64 99.95 55.25 78.46
N ALA L 65 101.07 55.92 78.15
CA ALA L 65 101.04 57.25 77.58
C ALA L 65 101.15 57.12 76.06
N ASP L 66 100.01 56.94 75.40
CA ASP L 66 100.01 56.76 73.96
C ASP L 66 100.48 58.04 73.26
N ALA L 67 100.98 57.87 72.04
CA ALA L 67 101.52 59.01 71.30
C ALA L 67 100.43 60.05 71.04
N CYS L 68 99.26 59.62 70.60
CA CYS L 68 98.16 60.52 70.29
C CYS L 68 96.87 59.96 70.86
N VAL L 69 95.94 60.86 71.17
CA VAL L 69 94.65 60.45 71.72
C VAL L 69 93.82 59.79 70.62
N ILE L 70 93.38 58.57 70.90
CA ILE L 70 92.62 57.78 69.93
C ILE L 70 91.35 57.26 70.59
N MET L 71 90.95 57.89 71.68
CA MET L 71 89.82 57.38 72.46
C MET L 71 88.51 57.61 71.73
N PRO L 72 87.64 56.61 71.65
CA PRO L 72 86.33 56.79 71.00
C PRO L 72 85.32 57.44 71.93
N ASN L 73 85.32 58.78 71.96
CA ASN L 73 84.54 59.58 72.88
C ASN L 73 83.07 59.16 73.01
N GLU L 74 82.49 59.40 74.20
CA GLU L 74 81.13 59.02 74.51
C GLU L 74 80.23 60.24 74.59
N ASN L 75 78.99 60.01 75.01
CA ASN L 75 78.00 61.08 75.12
C ASN L 75 77.61 61.27 76.57
N GLN L 76 77.76 62.49 77.07
CA GLN L 76 77.32 62.86 78.41
C GLN L 76 76.25 63.94 78.29
N SER L 77 75.00 63.59 78.58
CA SER L 77 73.88 64.50 78.41
C SER L 77 73.06 64.53 79.69
N ILE L 78 72.75 65.74 80.16
CA ILE L 78 71.86 65.94 81.29
C ILE L 78 70.82 66.98 80.89
N ARG L 79 69.54 66.66 81.11
CA ARG L 79 68.42 67.43 80.58
C ARG L 79 67.50 67.83 81.71
N THR L 80 66.96 69.04 81.65
CA THR L 80 66.09 69.59 82.66
C THR L 80 64.84 70.17 82.02
N VAL L 81 63.68 69.83 82.57
CA VAL L 81 62.39 70.32 82.09
C VAL L 81 61.67 70.97 83.26
N ILE L 82 61.27 72.23 83.09
CA ILE L 82 60.57 72.99 84.11
C ILE L 82 59.24 73.44 83.52
N SER L 83 58.15 73.08 84.19
CA SER L 83 56.80 73.43 83.75
C SER L 83 56.05 74.06 84.91
N GLY L 84 55.42 75.19 84.66
CA GLY L 84 54.65 75.86 85.69
C GLY L 84 54.07 77.15 85.16
N SER L 85 53.05 77.63 85.87
CA SER L 85 52.38 78.86 85.47
C SER L 85 53.23 80.07 85.80
N ALA L 86 53.21 81.07 84.91
CA ALA L 86 54.00 82.27 85.13
C ALA L 86 53.47 83.10 86.28
N GLU L 87 52.22 82.87 86.70
CA GLU L 87 51.66 83.60 87.82
C GLU L 87 52.33 83.20 89.13
N ASN L 88 52.76 81.94 89.23
CA ASN L 88 53.41 81.40 90.42
C ASN L 88 54.91 81.25 90.24
N LEU L 89 55.55 82.23 89.59
CA LEU L 89 56.96 82.10 89.25
C LEU L 89 57.84 82.05 90.49
N ALA L 90 57.48 82.79 91.54
CA ALA L 90 58.28 82.76 92.77
C ALA L 90 58.28 81.37 93.39
N THR L 91 57.10 80.75 93.49
CA THR L 91 57.03 79.39 94.00
C THR L 91 57.71 78.40 93.08
N LEU L 92 57.67 78.64 91.77
CA LEU L 92 58.40 77.78 90.84
C LEU L 92 59.91 77.86 91.07
N LYS L 93 60.41 79.07 91.34
CA LYS L 93 61.83 79.23 91.64
C LYS L 93 62.19 78.55 92.95
N ALA L 94 61.32 78.65 93.96
CA ALA L 94 61.56 77.94 95.21
C ALA L 94 61.60 76.43 94.98
N GLU L 95 60.68 75.92 94.17
CA GLU L 95 60.68 74.50 93.82
C GLU L 95 61.96 74.12 93.09
N TRP L 96 62.45 74.99 92.21
CA TRP L 96 63.70 74.73 91.52
C TRP L 96 64.87 74.63 92.49
N GLU L 97 64.91 75.53 93.47
CA GLU L 97 65.98 75.47 94.46
C GLU L 97 65.91 74.18 95.28
N THR L 98 64.70 73.81 95.71
CA THR L 98 64.55 72.56 96.47
C THR L 98 64.92 71.35 95.63
N HIS L 99 64.54 71.34 94.35
CA HIS L 99 64.89 70.24 93.47
C HIS L 99 66.40 70.15 93.28
N LYS L 100 67.07 71.29 93.13
CA LYS L 100 68.52 71.28 93.03
C LYS L 100 69.14 70.70 94.29
N ARG L 101 68.63 71.10 95.46
CA ARG L 101 69.17 70.57 96.71
C ARG L 101 68.99 69.06 96.82
N ASN L 102 67.80 68.57 96.45
CA ASN L 102 67.54 67.14 96.52
C ASN L 102 68.41 66.36 95.54
N VAL L 103 68.55 66.86 94.32
CA VAL L 103 69.37 66.17 93.33
C VAL L 103 70.83 66.18 93.75
N ASP L 104 71.28 67.27 94.38
CA ASP L 104 72.64 67.31 94.92
C ASP L 104 72.82 66.30 96.03
N THR L 105 71.80 66.15 96.89
CA THR L 105 71.87 65.18 97.97
C THR L 105 71.98 63.76 97.43
N LEU L 106 71.19 63.43 96.42
CA LEU L 106 71.22 62.07 95.88
C LEU L 106 72.46 61.82 95.02
N PHE L 107 72.90 62.82 94.27
CA PHE L 107 73.89 62.65 93.21
C PHE L 107 75.23 63.32 93.52
N ALA L 108 75.22 64.64 93.79
CA ALA L 108 76.47 65.36 94.00
C ALA L 108 77.18 64.88 95.26
N SER L 109 76.44 64.68 96.34
CA SER L 109 77.01 64.20 97.58
C SER L 109 76.70 62.73 97.84
N GLY L 110 75.89 62.10 97.00
CA GLY L 110 75.58 60.70 97.10
C GLY L 110 76.21 59.90 95.98
N ASN L 111 75.76 58.65 95.86
CA ASN L 111 76.31 57.76 94.84
C ASN L 111 75.21 57.25 93.91
N ALA L 112 74.28 58.12 93.55
CA ALA L 112 73.25 57.76 92.57
C ALA L 112 73.86 57.59 91.19
N GLY L 113 74.96 58.30 90.91
CA GLY L 113 75.61 58.15 89.62
C GLY L 113 76.18 56.77 89.41
N LEU L 114 76.69 56.15 90.47
CA LEU L 114 77.21 54.79 90.36
C LEU L 114 76.08 53.78 90.20
N GLY L 115 74.87 54.13 90.63
CA GLY L 115 73.72 53.26 90.48
C GLY L 115 73.00 52.92 91.76
N PHE L 116 73.30 53.62 92.87
CA PHE L 116 72.67 53.29 94.14
C PHE L 116 71.66 54.35 94.55
N LEU L 117 70.46 53.91 94.92
CA LEU L 117 69.41 54.78 95.41
C LEU L 117 69.29 54.56 96.92
N ASP L 118 69.83 55.49 97.69
CA ASP L 118 69.82 55.36 99.14
C ASP L 118 68.42 55.62 99.68
N PRO L 119 67.80 54.66 100.37
CA PRO L 119 66.46 54.92 100.93
C PRO L 119 66.46 55.77 102.17
N THR L 120 67.61 56.02 102.78
CA THR L 120 67.69 56.84 103.98
C THR L 120 68.21 58.25 103.71
N ALA L 121 68.28 58.67 102.45
CA ALA L 121 68.77 60.00 102.12
C ALA L 121 67.84 61.08 102.67
N ALA L 122 68.42 62.21 103.05
CA ALA L 122 67.67 63.31 103.66
C ALA L 122 67.09 64.19 102.55
N ILE L 123 65.99 63.74 101.98
CA ILE L 123 65.28 64.48 100.95
C ILE L 123 64.25 65.38 101.62
N VAL L 124 64.22 66.65 101.20
CA VAL L 124 63.47 67.68 101.92
C VAL L 124 62.58 68.44 100.95
N SER L 125 61.49 68.98 101.48
CA SER L 125 60.50 69.67 100.67
C SER L 125 60.79 71.16 100.56
N SER L 126 59.99 71.83 99.72
CA SER L 126 60.10 73.28 99.59
C SER L 126 59.45 74.03 100.74
N ASP L 127 58.43 73.44 101.36
CA ASP L 127 57.74 74.10 102.47
C ASP L 127 58.65 74.21 103.68
N THR L 128 58.49 75.30 104.42
CA THR L 128 59.31 75.60 105.59
C THR L 128 58.47 75.57 106.85
N THR L 129 59.05 75.05 107.92
CA THR L 129 58.38 74.98 109.21
C THR L 129 58.33 76.33 109.89
N ALA M 1 -93.49 36.52 -108.35
CA ALA M 1 -92.16 37.00 -108.70
C ALA M 1 -91.22 36.91 -107.51
N ASN M 2 -90.29 35.97 -107.55
CA ASN M 2 -89.33 35.81 -106.47
C ASN M 2 -88.36 36.98 -106.44
N LYS M 3 -87.96 37.37 -105.23
CA LYS M 3 -87.10 38.53 -105.07
C LYS M 3 -85.68 38.19 -105.52
N PRO M 4 -85.08 38.97 -106.41
CA PRO M 4 -83.66 38.77 -106.74
C PRO M 4 -82.81 38.85 -105.49
N MET M 5 -81.82 37.96 -105.41
CA MET M 5 -80.97 37.85 -104.24
C MET M 5 -79.52 37.89 -104.68
N GLN M 6 -78.73 38.75 -104.03
CA GLN M 6 -77.39 39.07 -104.51
C GLN M 6 -76.32 38.53 -103.57
N PRO M 7 -75.13 38.21 -104.08
CA PRO M 7 -74.11 37.59 -103.23
C PRO M 7 -73.50 38.56 -102.24
N ILE M 8 -72.94 38.01 -101.17
CA ILE M 8 -72.18 38.79 -100.20
C ILE M 8 -70.72 38.35 -100.10
N THR M 9 -70.41 37.11 -100.45
CA THR M 9 -69.03 36.62 -100.46
C THR M 9 -68.81 35.83 -101.74
N SER M 10 -67.76 36.21 -102.48
CA SER M 10 -67.46 35.58 -103.76
C SER M 10 -66.06 34.99 -103.72
N THR M 11 -65.96 33.72 -104.09
CA THR M 11 -64.70 33.01 -104.10
C THR M 11 -64.83 31.86 -105.09
N ALA M 12 -63.70 31.48 -105.70
CA ALA M 12 -63.72 30.42 -106.71
C ALA M 12 -64.16 29.09 -106.12
N ASN M 13 -64.11 28.96 -104.80
CA ASN M 13 -64.49 27.72 -104.13
C ASN M 13 -65.79 27.83 -103.34
N LYS M 14 -66.34 29.03 -103.17
CA LYS M 14 -67.54 29.23 -102.36
C LYS M 14 -68.16 30.57 -102.69
N ILE M 15 -69.45 30.59 -103.00
CA ILE M 15 -70.21 31.81 -103.20
C ILE M 15 -71.45 31.75 -102.32
N VAL M 16 -71.69 32.80 -101.54
CA VAL M 16 -72.81 32.87 -100.62
C VAL M 16 -73.69 34.04 -101.02
N TRP M 17 -74.99 33.77 -101.15
CA TRP M 17 -75.98 34.79 -101.49
C TRP M 17 -76.81 35.11 -100.26
N SER M 18 -77.25 36.36 -100.14
CA SER M 18 -78.08 36.80 -99.04
C SER M 18 -79.13 37.78 -99.52
N ASP M 19 -80.33 37.67 -98.97
CA ASP M 19 -81.42 38.56 -99.34
C ASP M 19 -81.14 39.96 -98.83
N PRO M 20 -81.14 40.98 -99.70
CA PRO M 20 -80.89 42.34 -99.20
C PRO M 20 -81.88 42.81 -98.15
N THR M 21 -83.14 42.40 -98.26
CA THR M 21 -84.14 42.75 -97.26
C THR M 21 -83.97 41.95 -95.97
N ARG M 22 -83.57 40.69 -96.05
CA ARG M 22 -83.33 39.87 -94.86
C ARG M 22 -82.04 39.08 -95.03
N LEU M 23 -80.94 39.59 -94.47
CA LEU M 23 -79.63 38.95 -94.63
C LEU M 23 -79.60 37.58 -93.94
N SER M 24 -80.57 37.33 -93.06
CA SER M 24 -80.67 36.02 -92.42
C SER M 24 -80.92 34.90 -93.40
N THR M 25 -81.56 35.18 -94.53
CA THR M 25 -81.75 34.18 -95.58
C THR M 25 -80.48 34.05 -96.40
N THR M 26 -79.91 32.85 -96.43
CA THR M 26 -78.63 32.62 -97.09
C THR M 26 -78.74 31.42 -98.02
N PHE M 27 -77.87 31.41 -99.04
CA PHE M 27 -77.76 30.30 -99.96
C PHE M 27 -76.30 30.19 -100.38
N SER M 28 -75.65 29.09 -100.00
CA SER M 28 -74.22 28.91 -100.22
C SER M 28 -73.97 27.69 -101.10
N ALA M 29 -73.03 27.84 -102.03
CA ALA M 29 -72.64 26.77 -102.94
C ALA M 29 -71.13 26.60 -102.85
N SER M 30 -70.68 25.40 -102.51
CA SER M 30 -69.26 25.10 -102.37
C SER M 30 -68.91 23.90 -103.21
N LEU M 31 -67.83 24.00 -103.98
CA LEU M 31 -67.35 22.89 -104.81
C LEU M 31 -66.02 22.37 -104.26
N LEU M 32 -65.85 21.06 -104.33
CA LEU M 32 -64.61 20.40 -103.96
C LEU M 32 -64.23 19.43 -105.07
N ARG M 33 -62.97 19.47 -105.49
CA ARG M 33 -62.50 18.73 -106.65
C ARG M 33 -61.32 17.84 -106.27
N GLN M 34 -61.40 16.57 -106.65
CA GLN M 34 -60.32 15.61 -106.45
C GLN M 34 -60.14 14.80 -107.72
N ARG M 35 -59.01 14.10 -107.79
CA ARG M 35 -58.73 13.17 -108.87
C ARG M 35 -58.80 11.75 -108.33
N VAL M 36 -59.67 10.93 -108.91
CA VAL M 36 -59.90 9.56 -108.44
C VAL M 36 -59.61 8.61 -109.59
N LYS M 37 -58.80 7.58 -109.32
CA LYS M 37 -58.41 6.59 -110.32
C LYS M 37 -59.37 5.41 -110.23
N VAL M 38 -60.55 5.58 -110.82
CA VAL M 38 -61.56 4.52 -110.79
C VAL M 38 -61.20 3.41 -111.76
N GLY M 39 -60.92 3.76 -113.01
CA GLY M 39 -60.72 2.79 -114.07
C GLY M 39 -59.37 2.92 -114.74
N ILE M 40 -58.34 3.10 -113.92
CA ILE M 40 -56.95 3.40 -114.31
C ILE M 40 -56.93 4.63 -115.20
N ALA M 41 -58.01 5.43 -115.14
CA ALA M 41 -58.10 6.72 -115.79
C ALA M 41 -58.47 7.75 -114.74
N GLU M 42 -57.81 8.91 -114.77
CA GLU M 42 -57.97 9.92 -113.74
C GLU M 42 -59.24 10.73 -114.00
N LEU M 43 -60.34 10.25 -113.43
CA LEU M 43 -61.60 10.99 -113.50
C LEU M 43 -61.57 12.17 -112.52
N ASN M 44 -62.23 13.25 -112.89
CA ASN M 44 -62.26 14.47 -112.07
C ASN M 44 -63.66 14.66 -111.49
N ASN M 45 -63.86 14.08 -110.31
CA ASN M 45 -65.15 14.21 -109.65
C ASN M 45 -65.32 15.59 -109.02
N VAL M 46 -66.57 16.00 -108.87
CA VAL M 46 -66.91 17.27 -108.25
C VAL M 46 -67.93 17.01 -107.15
N SER M 47 -67.60 17.42 -105.93
CA SER M 47 -68.47 17.26 -104.78
C SER M 47 -69.07 18.62 -104.45
N GLY M 48 -70.19 18.94 -105.08
CA GLY M 48 -70.85 20.21 -104.90
C GLY M 48 -71.83 20.16 -103.74
N GLN M 49 -71.66 21.07 -102.80
CA GLN M 49 -72.53 21.18 -101.64
C GLN M 49 -73.32 22.48 -101.75
N TYR M 50 -74.64 22.37 -101.68
CA TYR M 50 -75.54 23.51 -101.83
C TYR M 50 -76.41 23.59 -100.58
N VAL M 51 -76.39 24.75 -99.92
CA VAL M 51 -77.03 24.91 -98.61
C VAL M 51 -78.01 26.07 -98.68
N SER M 52 -79.25 25.81 -98.26
CA SER M 52 -80.27 26.85 -98.15
C SER M 52 -80.69 26.98 -96.69
N VAL M 53 -80.61 28.20 -96.16
CA VAL M 53 -80.91 28.46 -94.76
C VAL M 53 -81.90 29.63 -94.70
N TYR M 54 -83.03 29.41 -94.03
CA TYR M 54 -84.02 30.44 -93.81
C TYR M 54 -84.48 30.34 -92.36
N LYS M 55 -84.55 31.47 -91.67
CA LYS M 55 -84.99 31.52 -90.28
C LYS M 55 -86.45 31.98 -90.25
N ARG M 56 -87.36 31.06 -89.98
CA ARG M 56 -88.79 31.36 -89.91
C ARG M 56 -89.18 31.62 -88.46
N PRO M 57 -89.82 32.76 -88.16
CA PRO M 57 -90.25 33.01 -86.80
C PRO M 57 -91.59 32.39 -86.45
N ALA M 58 -91.54 31.45 -85.49
CA ALA M 58 -92.70 30.63 -85.15
C ALA M 58 -93.01 30.66 -83.66
N PRO M 59 -93.46 31.81 -83.13
CA PRO M 59 -94.20 31.76 -81.86
C PRO M 59 -95.50 31.00 -82.03
N LYS M 60 -96.08 31.06 -83.24
CA LYS M 60 -97.29 30.38 -83.67
C LYS M 60 -98.45 30.67 -82.74
N PRO M 61 -98.90 31.93 -82.63
CA PRO M 61 -100.10 32.23 -81.84
C PRO M 61 -101.35 31.82 -82.61
N GLU M 62 -101.95 30.71 -82.20
CA GLU M 62 -103.06 30.13 -82.95
C GLU M 62 -104.33 30.95 -82.75
N GLY M 63 -104.70 31.67 -83.80
CA GLY M 63 -105.96 32.42 -83.81
C GLY M 63 -105.91 33.91 -83.57
N CYS M 64 -104.86 34.41 -82.92
CA CYS M 64 -104.85 35.82 -82.58
C CYS M 64 -103.47 36.40 -82.86
N ALA M 65 -103.47 37.60 -83.42
CA ALA M 65 -102.28 38.43 -83.57
C ALA M 65 -102.68 39.89 -83.38
N ASP M 66 -102.15 40.52 -82.34
CA ASP M 66 -102.59 41.87 -81.99
C ASP M 66 -101.50 42.92 -82.17
N ALA M 67 -100.29 42.66 -81.66
CA ALA M 67 -99.19 43.62 -81.77
C ALA M 67 -97.91 42.83 -82.03
N CYS M 68 -96.84 43.53 -82.39
CA CYS M 68 -95.58 42.88 -82.68
C CYS M 68 -94.75 42.75 -81.41
N VAL M 69 -94.67 41.52 -80.90
CA VAL M 69 -93.76 41.16 -79.82
C VAL M 69 -92.56 40.52 -80.49
N ILE M 70 -91.41 40.51 -79.82
CA ILE M 70 -90.20 39.93 -80.40
C ILE M 70 -90.44 38.49 -80.85
N MET M 71 -90.08 38.21 -82.10
CA MET M 71 -90.14 36.86 -82.63
C MET M 71 -88.96 36.03 -82.13
N PRO M 72 -89.20 34.91 -81.45
CA PRO M 72 -88.15 33.91 -81.29
C PRO M 72 -88.01 33.08 -82.57
N ASN M 73 -86.79 32.82 -83.00
CA ASN M 73 -86.54 32.29 -84.33
C ASN M 73 -86.11 30.83 -84.28
N GLU M 74 -86.51 30.08 -85.30
CA GLU M 74 -86.00 28.73 -85.55
C GLU M 74 -85.36 28.71 -86.92
N ASN M 75 -84.44 27.76 -87.12
CA ASN M 75 -83.66 27.68 -88.35
C ASN M 75 -84.17 26.53 -89.21
N GLN M 76 -84.52 26.84 -90.46
CA GLN M 76 -84.89 25.83 -91.44
C GLN M 76 -83.74 25.70 -92.43
N SER M 77 -83.14 24.50 -92.49
CA SER M 77 -81.96 24.27 -93.30
C SER M 77 -82.22 23.15 -94.31
N ILE M 78 -81.83 23.39 -95.55
CA ILE M 78 -81.90 22.39 -96.62
C ILE M 78 -80.56 22.39 -97.33
N ARG M 79 -79.77 21.35 -97.12
CA ARG M 79 -78.46 21.22 -97.74
C ARG M 79 -78.44 19.97 -98.60
N THR M 80 -77.81 20.06 -99.77
CA THR M 80 -77.67 18.94 -100.68
C THR M 80 -76.24 18.82 -101.15
N VAL M 81 -75.80 17.58 -101.37
CA VAL M 81 -74.46 17.28 -101.87
C VAL M 81 -74.60 16.43 -103.12
N ILE M 82 -73.99 16.87 -104.21
CA ILE M 82 -73.99 16.15 -105.48
C ILE M 82 -72.55 15.79 -105.80
N SER M 83 -72.28 14.50 -105.93
CA SER M 83 -70.92 14.00 -106.17
C SER M 83 -70.93 13.10 -107.39
N GLY M 84 -69.92 13.24 -108.24
CA GLY M 84 -69.81 12.41 -109.42
C GLY M 84 -68.76 12.90 -110.39
N SER M 85 -68.32 12.04 -111.30
CA SER M 85 -67.30 12.43 -112.26
C SER M 85 -67.87 13.45 -113.25
N ALA M 86 -67.01 14.38 -113.67
CA ALA M 86 -67.45 15.42 -114.59
C ALA M 86 -67.76 14.84 -115.97
N GLU M 87 -67.12 13.73 -116.32
CA GLU M 87 -67.32 13.14 -117.64
C GLU M 87 -68.69 12.48 -117.77
N ASN M 88 -69.42 12.35 -116.67
CA ASN M 88 -70.76 11.77 -116.64
C ASN M 88 -71.79 12.81 -116.21
N LEU M 89 -71.68 14.03 -116.74
CA LEU M 89 -72.53 15.12 -116.28
C LEU M 89 -73.99 14.90 -116.67
N ALA M 90 -74.23 14.37 -117.87
CA ALA M 90 -75.61 14.11 -118.29
C ALA M 90 -76.27 13.08 -117.38
N THR M 91 -75.54 12.00 -117.08
CA THR M 91 -76.03 11.00 -116.14
C THR M 91 -76.27 11.60 -114.76
N LEU M 92 -75.37 12.47 -114.29
CA LEU M 92 -75.56 13.08 -112.99
C LEU M 92 -76.80 13.97 -112.98
N LYS M 93 -77.06 14.67 -114.08
CA LYS M 93 -78.28 15.49 -114.17
C LYS M 93 -79.54 14.62 -114.16
N ALA M 94 -79.50 13.50 -114.87
CA ALA M 94 -80.63 12.57 -114.82
C ALA M 94 -80.84 12.04 -113.40
N GLU M 95 -79.75 11.72 -112.71
CA GLU M 95 -79.83 11.28 -111.32
C GLU M 95 -80.43 12.37 -110.45
N TRP M 96 -80.07 13.62 -110.70
CA TRP M 96 -80.62 14.74 -109.94
C TRP M 96 -82.13 14.85 -110.15
N GLU M 97 -82.57 14.69 -111.40
CA GLU M 97 -84.00 14.75 -111.68
C GLU M 97 -84.75 13.62 -110.97
N THR M 98 -84.20 12.40 -111.04
CA THR M 98 -84.82 11.28 -110.36
C THR M 98 -84.85 11.48 -108.85
N HIS M 99 -83.77 12.03 -108.28
CA HIS M 99 -83.72 12.32 -106.86
C HIS M 99 -84.78 13.34 -106.46
N LYS M 100 -84.94 14.39 -107.28
CA LYS M 100 -85.99 15.37 -107.02
C LYS M 100 -87.36 14.71 -107.03
N ARG M 101 -87.60 13.85 -108.01
CA ARG M 101 -88.90 13.18 -108.09
C ARG M 101 -89.16 12.31 -106.86
N ASN M 102 -88.15 11.54 -106.44
CA ASN M 102 -88.33 10.67 -105.28
C ASN M 102 -88.52 11.47 -103.99
N VAL M 103 -87.72 12.50 -103.79
CA VAL M 103 -87.87 13.32 -102.59
C VAL M 103 -89.23 13.99 -102.59
N ASP M 104 -89.71 14.42 -103.76
CA ASP M 104 -91.05 15.01 -103.83
C ASP M 104 -92.12 14.01 -103.46
N THR M 105 -92.07 12.80 -104.03
CA THR M 105 -93.13 11.83 -103.78
C THR M 105 -93.10 11.35 -102.33
N LEU M 106 -91.94 11.45 -101.66
CA LEU M 106 -91.91 11.12 -100.24
C LEU M 106 -92.32 12.29 -99.35
N PHE M 107 -91.99 13.52 -99.75
CA PHE M 107 -92.04 14.66 -98.85
C PHE M 107 -93.19 15.61 -99.17
N ALA M 108 -93.24 16.11 -100.39
CA ALA M 108 -94.25 17.11 -100.75
C ALA M 108 -95.64 16.49 -100.78
N SER M 109 -95.79 15.34 -101.43
CA SER M 109 -97.08 14.66 -101.52
C SER M 109 -97.29 13.66 -100.41
N GLY M 110 -96.28 13.41 -99.56
CA GLY M 110 -96.41 12.50 -98.45
C GLY M 110 -96.45 13.22 -97.12
N ASN M 111 -96.14 12.46 -96.07
CA ASN M 111 -96.12 12.98 -94.70
C ASN M 111 -94.74 12.83 -94.06
N ALA M 112 -93.69 12.78 -94.87
CA ALA M 112 -92.35 12.65 -94.33
C ALA M 112 -91.93 13.87 -93.52
N GLY M 113 -92.55 15.02 -93.79
CA GLY M 113 -92.20 16.22 -93.04
C GLY M 113 -92.72 16.18 -91.61
N LEU M 114 -93.72 15.36 -91.35
CA LEU M 114 -94.28 15.24 -90.01
C LEU M 114 -93.64 14.09 -89.27
N GLY M 115 -92.66 13.44 -89.89
CA GLY M 115 -92.00 12.30 -89.26
C GLY M 115 -92.67 10.98 -89.54
N PHE M 116 -92.97 10.70 -90.81
CA PHE M 116 -93.64 9.48 -91.20
C PHE M 116 -92.92 8.84 -92.37
N LEU M 117 -92.97 7.51 -92.43
CA LEU M 117 -92.42 6.75 -93.55
C LEU M 117 -93.55 5.95 -94.19
N ASP M 118 -93.64 6.01 -95.53
CA ASP M 118 -94.64 5.27 -96.25
C ASP M 118 -93.95 4.16 -97.05
N PRO M 119 -94.00 2.90 -96.59
CA PRO M 119 -93.35 1.83 -97.35
C PRO M 119 -93.97 1.58 -98.72
N THR M 120 -95.20 2.04 -98.96
CA THR M 120 -95.89 1.82 -100.22
C THR M 120 -95.69 2.96 -101.22
N ALA M 121 -94.80 3.91 -100.93
CA ALA M 121 -94.57 5.03 -101.83
C ALA M 121 -93.96 4.54 -103.14
N ALA M 122 -94.29 5.25 -104.23
CA ALA M 122 -93.84 4.89 -105.56
C ALA M 122 -92.50 5.55 -105.84
N ILE M 123 -91.43 4.83 -105.50
CA ILE M 123 -90.07 5.27 -105.76
C ILE M 123 -89.62 4.66 -107.08
N VAL M 124 -88.99 5.49 -107.93
CA VAL M 124 -88.58 5.07 -109.25
C VAL M 124 -87.09 5.32 -109.42
N SER M 125 -86.49 4.55 -110.33
CA SER M 125 -85.07 4.70 -110.64
C SER M 125 -84.87 5.60 -111.85
N SER M 126 -83.61 5.93 -112.12
CA SER M 126 -83.28 6.77 -113.26
C SER M 126 -83.37 6.02 -114.58
N ASP M 127 -83.17 4.71 -114.57
CA ASP M 127 -83.22 3.94 -115.80
C ASP M 127 -84.64 3.88 -116.35
N THR M 128 -84.74 3.85 -117.67
CA THR M 128 -86.02 3.81 -118.36
C THR M 128 -86.21 2.47 -119.05
N THR M 129 -87.40 1.91 -118.89
CA THR M 129 -87.75 0.63 -119.49
C THR M 129 -87.76 0.73 -121.02
N ALA N 1 -59.74 26.88 -134.88
CA ALA N 1 -60.49 27.36 -133.73
C ALA N 1 -60.13 26.55 -132.48
N ASN N 2 -59.20 27.06 -131.69
CA ASN N 2 -58.78 26.38 -130.47
C ASN N 2 -59.87 26.45 -129.41
N LYS N 3 -59.94 25.42 -128.60
CA LYS N 3 -60.95 25.36 -127.54
C LYS N 3 -60.60 26.35 -126.42
N PRO N 4 -61.50 27.26 -126.05
CA PRO N 4 -61.18 28.21 -125.00
C PRO N 4 -61.21 27.57 -123.62
N MET N 5 -60.56 28.24 -122.66
CA MET N 5 -60.55 27.83 -121.27
C MET N 5 -61.24 28.87 -120.41
N GLN N 6 -61.78 28.42 -119.27
CA GLN N 6 -62.38 29.28 -118.27
C GLN N 6 -61.66 29.11 -116.94
N PRO N 7 -61.56 30.17 -116.14
CA PRO N 7 -60.90 30.04 -114.83
C PRO N 7 -61.68 29.12 -113.90
N ILE N 8 -60.96 28.33 -113.14
CA ILE N 8 -61.54 27.38 -112.20
C ILE N 8 -61.20 27.73 -110.76
N THR N 9 -59.96 28.11 -110.50
CA THR N 9 -59.54 28.66 -109.22
C THR N 9 -58.88 30.01 -109.45
N SER N 10 -59.40 31.02 -108.77
CA SER N 10 -59.00 32.40 -109.06
C SER N 10 -58.50 33.09 -107.79
N THR N 11 -57.22 33.44 -107.80
CA THR N 11 -56.62 34.31 -106.81
C THR N 11 -55.73 35.31 -107.53
N ALA N 12 -55.64 36.53 -107.00
CA ALA N 12 -54.82 37.54 -107.66
C ALA N 12 -53.35 37.11 -107.71
N ASN N 13 -52.92 36.29 -106.75
CA ASN N 13 -51.58 35.73 -106.81
C ASN N 13 -51.46 34.60 -107.81
N LYS N 14 -52.54 33.87 -108.07
CA LYS N 14 -52.48 32.69 -108.92
C LYS N 14 -53.85 32.40 -109.51
N ILE N 15 -53.93 32.34 -110.84
CA ILE N 15 -55.14 31.97 -111.56
C ILE N 15 -54.84 30.79 -112.46
N VAL N 16 -55.70 29.77 -112.43
CA VAL N 16 -55.53 28.57 -113.21
C VAL N 16 -56.70 28.45 -114.18
N TRP N 17 -56.41 28.14 -115.43
CA TRP N 17 -57.40 27.94 -116.46
C TRP N 17 -57.56 26.44 -116.74
N SER N 18 -58.74 26.05 -117.18
CA SER N 18 -59.02 24.65 -117.44
C SER N 18 -60.06 24.52 -118.56
N ASP N 19 -59.91 23.48 -119.36
CA ASP N 19 -60.84 23.20 -120.44
C ASP N 19 -62.07 22.50 -119.88
N PRO N 20 -63.27 23.02 -120.10
CA PRO N 20 -64.47 22.32 -119.60
C PRO N 20 -64.62 20.91 -120.10
N THR N 21 -64.15 20.59 -121.31
CA THR N 21 -64.27 19.25 -121.85
C THR N 21 -63.14 18.33 -121.43
N ARG N 22 -61.96 18.88 -121.11
CA ARG N 22 -60.84 18.07 -120.64
C ARG N 22 -60.25 18.79 -119.43
N LEU N 23 -60.68 18.36 -118.24
CA LEU N 23 -60.22 19.02 -117.02
C LEU N 23 -58.76 18.74 -116.71
N SER N 24 -58.15 17.76 -117.39
CA SER N 24 -56.73 17.49 -117.18
C SER N 24 -55.84 18.54 -117.82
N THR N 25 -56.37 19.35 -118.73
CA THR N 25 -55.62 20.41 -119.38
C THR N 25 -55.72 21.67 -118.53
N THR N 26 -54.58 22.18 -118.07
CA THR N 26 -54.54 23.34 -117.19
C THR N 26 -53.49 24.32 -117.67
N PHE N 27 -53.71 25.59 -117.34
CA PHE N 27 -52.74 26.65 -117.60
C PHE N 27 -52.78 27.61 -116.42
N SER N 28 -51.64 27.77 -115.75
CA SER N 28 -51.56 28.55 -114.51
C SER N 28 -50.61 29.71 -114.67
N ALA N 29 -50.99 30.86 -114.12
CA ALA N 29 -50.14 32.04 -114.09
C ALA N 29 -50.06 32.53 -112.66
N SER N 30 -48.84 32.65 -112.14
CA SER N 30 -48.60 33.12 -110.78
C SER N 30 -47.56 34.23 -110.82
N LEU N 31 -47.88 35.37 -110.22
CA LEU N 31 -46.96 36.51 -110.16
C LEU N 31 -46.58 36.76 -108.71
N LEU N 32 -45.28 36.84 -108.45
CA LEU N 32 -44.76 37.21 -107.15
C LEU N 32 -43.97 38.51 -107.31
N ARG N 33 -44.39 39.54 -106.59
CA ARG N 33 -43.82 40.87 -106.70
C ARG N 33 -43.07 41.22 -105.43
N GLN N 34 -41.85 41.72 -105.58
CA GLN N 34 -41.01 42.11 -104.45
C GLN N 34 -40.25 43.38 -104.83
N ARG N 35 -40.03 44.24 -103.84
CA ARG N 35 -39.34 45.51 -104.04
C ARG N 35 -37.86 45.31 -103.78
N VAL N 36 -37.17 44.75 -104.78
CA VAL N 36 -35.73 44.55 -104.68
C VAL N 36 -35.03 45.77 -105.28
N LYS N 37 -34.51 46.63 -104.41
CA LYS N 37 -33.94 47.88 -104.87
C LYS N 37 -32.43 47.78 -105.04
N VAL N 38 -31.95 48.24 -106.19
CA VAL N 38 -30.51 48.37 -106.44
C VAL N 38 -30.06 49.67 -105.80
N GLY N 39 -28.74 49.87 -105.73
CA GLY N 39 -28.18 51.05 -105.07
C GLY N 39 -28.74 52.36 -105.57
N ILE N 40 -29.08 53.24 -104.62
CA ILE N 40 -29.61 54.59 -104.84
C ILE N 40 -30.72 54.60 -105.89
N ALA N 41 -31.49 53.52 -105.95
CA ALA N 41 -32.61 53.45 -106.89
C ALA N 41 -33.69 52.55 -106.29
N GLU N 42 -34.91 52.70 -106.81
CA GLU N 42 -36.06 51.91 -106.42
C GLU N 42 -36.56 51.12 -107.62
N LEU N 43 -36.74 49.82 -107.44
CA LEU N 43 -37.14 48.95 -108.54
C LEU N 43 -38.19 47.96 -108.03
N ASN N 44 -39.22 47.73 -108.84
CA ASN N 44 -40.25 46.76 -108.54
C ASN N 44 -40.05 45.52 -109.41
N ASN N 45 -39.70 44.41 -108.78
CA ASN N 45 -39.42 43.16 -109.47
C ASN N 45 -40.61 42.23 -109.38
N VAL N 46 -41.00 41.66 -110.51
CA VAL N 46 -42.12 40.73 -110.60
C VAL N 46 -41.60 39.47 -111.27
N SER N 47 -41.91 38.32 -110.68
CA SER N 47 -41.54 37.02 -111.26
C SER N 47 -42.80 36.34 -111.78
N GLY N 48 -42.80 36.03 -113.07
CA GLY N 48 -43.96 35.41 -113.68
C GLY N 48 -43.77 33.95 -114.00
N GLN N 49 -44.50 33.08 -113.32
CA GLN N 49 -44.41 31.64 -113.52
C GLN N 49 -45.66 31.19 -114.28
N TYR N 50 -45.46 30.56 -115.43
CA TYR N 50 -46.54 30.10 -116.28
C TYR N 50 -46.33 28.62 -116.56
N VAL N 51 -47.33 27.81 -116.22
CA VAL N 51 -47.25 26.35 -116.33
C VAL N 51 -48.40 25.87 -117.20
N SER N 52 -48.07 25.08 -118.22
CA SER N 52 -49.07 24.44 -119.08
C SER N 52 -48.94 22.93 -118.96
N VAL N 53 -50.06 22.28 -118.65
CA VAL N 53 -50.07 20.84 -118.40
C VAL N 53 -51.10 20.20 -119.32
N TYR N 54 -50.68 19.13 -120.00
CA TYR N 54 -51.56 18.34 -120.85
C TYR N 54 -51.20 16.87 -120.68
N LYS N 55 -52.21 16.05 -120.42
CA LYS N 55 -52.02 14.62 -120.24
C LYS N 55 -52.34 13.91 -121.54
N ARG N 56 -51.31 13.61 -122.32
CA ARG N 56 -51.45 13.01 -123.64
C ARG N 56 -51.32 11.50 -123.55
N PRO N 57 -52.21 10.75 -124.19
CA PRO N 57 -52.07 9.29 -124.18
C PRO N 57 -50.80 8.84 -124.88
N ALA N 58 -50.27 7.72 -124.41
CA ALA N 58 -49.06 7.16 -125.00
C ALA N 58 -49.35 6.75 -126.44
N PRO N 59 -48.35 6.78 -127.32
CA PRO N 59 -48.61 6.48 -128.74
C PRO N 59 -49.03 5.05 -128.98
N LYS N 60 -50.08 4.87 -129.77
CA LYS N 60 -50.59 3.56 -130.15
C LYS N 60 -49.61 2.90 -131.13
N PRO N 61 -49.58 1.57 -131.21
CA PRO N 61 -48.70 0.91 -132.18
C PRO N 61 -48.99 1.33 -133.62
N GLU N 62 -47.94 1.48 -134.42
CA GLU N 62 -48.10 2.04 -135.76
C GLU N 62 -48.99 1.17 -136.65
N GLY N 63 -48.79 -0.15 -136.59
CA GLY N 63 -49.60 -1.04 -137.40
C GLY N 63 -50.86 -1.49 -136.68
N CYS N 64 -51.71 -0.54 -136.31
CA CYS N 64 -52.93 -0.85 -135.56
C CYS N 64 -54.11 -0.12 -136.18
N ALA N 65 -55.22 -0.84 -136.33
CA ALA N 65 -56.47 -0.27 -136.81
C ALA N 65 -57.65 -0.55 -135.89
N ASP N 66 -57.39 -0.98 -134.64
CA ASP N 66 -58.47 -1.32 -133.74
C ASP N 66 -59.28 -0.09 -133.36
N ALA N 67 -60.57 -0.29 -133.13
CA ALA N 67 -61.49 0.82 -132.85
C ALA N 67 -61.12 1.56 -131.58
N CYS N 68 -61.15 0.89 -130.44
CA CYS N 68 -60.92 1.53 -129.15
C CYS N 68 -60.01 0.66 -128.29
N VAL N 69 -58.73 1.04 -128.22
CA VAL N 69 -57.78 0.47 -127.28
C VAL N 69 -57.04 1.63 -126.64
N ILE N 70 -57.31 1.90 -125.35
CA ILE N 70 -56.81 3.09 -124.68
C ILE N 70 -55.68 2.69 -123.76
N MET N 71 -54.56 3.39 -123.89
CA MET N 71 -53.38 3.21 -123.05
C MET N 71 -53.20 4.44 -122.15
N PRO N 72 -52.56 4.30 -120.99
CA PRO N 72 -52.58 5.38 -120.00
C PRO N 72 -51.83 6.62 -120.48
N ASN N 73 -52.13 7.73 -119.84
CA ASN N 73 -51.65 9.04 -120.24
C ASN N 73 -50.27 9.32 -119.65
N GLU N 74 -49.56 10.25 -120.28
CA GLU N 74 -48.26 10.71 -119.82
C GLU N 74 -48.35 12.19 -119.53
N ASN N 75 -47.45 12.69 -118.69
CA ASN N 75 -47.50 14.08 -118.28
C ASN N 75 -46.62 14.93 -119.19
N GLN N 76 -47.21 15.95 -119.81
CA GLN N 76 -46.50 16.91 -120.65
C GLN N 76 -46.60 18.27 -119.97
N SER N 77 -45.46 18.83 -119.58
CA SER N 77 -45.42 20.08 -118.84
C SER N 77 -44.48 21.06 -119.52
N ILE N 78 -44.89 22.32 -119.60
CA ILE N 78 -44.08 23.41 -120.10
C ILE N 78 -44.17 24.54 -119.09
N ARG N 79 -43.03 24.93 -118.51
CA ARG N 79 -42.99 25.90 -117.43
C ARG N 79 -42.02 27.01 -117.79
N THR N 80 -42.49 28.25 -117.74
CA THR N 80 -41.67 29.43 -118.05
C THR N 80 -41.72 30.40 -116.88
N VAL N 81 -40.55 30.94 -116.54
CA VAL N 81 -40.41 31.92 -115.47
C VAL N 81 -39.76 33.16 -116.07
N ILE N 82 -40.40 34.32 -115.87
CA ILE N 82 -39.90 35.59 -116.36
C ILE N 82 -39.69 36.51 -115.16
N SER N 83 -38.48 37.02 -115.00
CA SER N 83 -38.11 37.84 -113.86
C SER N 83 -37.46 39.12 -114.38
N GLY N 84 -37.94 40.26 -113.90
CA GLY N 84 -37.39 41.54 -114.28
C GLY N 84 -38.11 42.72 -113.66
N SER N 85 -37.52 43.90 -113.76
CA SER N 85 -38.14 45.10 -113.20
C SER N 85 -39.29 45.56 -114.08
N ALA N 86 -40.24 46.27 -113.46
CA ALA N 86 -41.38 46.80 -114.22
C ALA N 86 -40.96 47.94 -115.12
N GLU N 87 -39.88 48.64 -114.77
CA GLU N 87 -39.45 49.79 -115.55
C GLU N 87 -38.93 49.36 -116.92
N ASN N 88 -38.36 48.17 -117.01
CA ASN N 88 -37.76 47.66 -118.24
C ASN N 88 -38.67 46.69 -118.98
N LEU N 89 -39.98 46.96 -118.99
CA LEU N 89 -40.93 46.01 -119.56
C LEU N 89 -40.72 45.84 -121.07
N ALA N 90 -40.43 46.92 -121.79
CA ALA N 90 -40.25 46.81 -123.24
C ALA N 90 -39.04 45.95 -123.57
N THR N 91 -37.92 46.19 -122.87
CA THR N 91 -36.74 45.37 -123.08
C THR N 91 -36.96 43.93 -122.65
N LEU N 92 -37.75 43.70 -121.60
CA LEU N 92 -38.08 42.34 -121.21
C LEU N 92 -38.91 41.65 -122.29
N LYS N 93 -39.81 42.39 -122.93
CA LYS N 93 -40.58 41.82 -124.05
C LYS N 93 -39.68 41.47 -125.22
N ALA N 94 -38.71 42.34 -125.52
CA ALA N 94 -37.74 42.02 -126.57
C ALA N 94 -36.94 40.77 -126.21
N GLU N 95 -36.53 40.66 -124.95
CA GLU N 95 -35.83 39.46 -124.49
C GLU N 95 -36.70 38.23 -124.63
N TRP N 96 -38.00 38.38 -124.37
CA TRP N 96 -38.92 37.25 -124.50
C TRP N 96 -39.04 36.81 -125.95
N GLU N 97 -39.08 37.76 -126.88
CA GLU N 97 -39.11 37.40 -128.30
C GLU N 97 -37.83 36.69 -128.71
N THR N 98 -36.68 37.18 -128.26
CA THR N 98 -35.41 36.52 -128.58
C THR N 98 -35.36 35.12 -127.97
N HIS N 99 -35.89 34.96 -126.75
CA HIS N 99 -35.96 33.64 -126.12
C HIS N 99 -36.84 32.71 -126.92
N LYS N 100 -37.98 33.21 -127.43
CA LYS N 100 -38.80 32.42 -128.32
C LYS N 100 -37.99 31.93 -129.51
N ARG N 101 -37.28 32.85 -130.16
CA ARG N 101 -36.54 32.48 -131.37
C ARG N 101 -35.49 31.41 -131.06
N ASN N 102 -34.76 31.57 -129.96
CA ASN N 102 -33.71 30.61 -129.62
C ASN N 102 -34.29 29.25 -129.25
N VAL N 103 -35.34 29.23 -128.41
CA VAL N 103 -35.94 27.96 -128.03
C VAL N 103 -36.55 27.28 -129.25
N ASP N 104 -37.11 28.06 -130.17
CA ASP N 104 -37.67 27.48 -131.38
C ASP N 104 -36.58 26.85 -132.24
N THR N 105 -35.46 27.56 -132.46
CA THR N 105 -34.42 27.02 -133.33
C THR N 105 -33.74 25.82 -132.70
N LEU N 106 -33.80 25.71 -131.37
CA LEU N 106 -33.26 24.51 -130.73
C LEU N 106 -34.25 23.34 -130.71
N PHE N 107 -35.54 23.63 -130.50
CA PHE N 107 -36.54 22.61 -130.21
C PHE N 107 -37.42 22.28 -131.41
N ALA N 108 -38.11 23.28 -131.96
CA ALA N 108 -39.09 23.03 -133.02
C ALA N 108 -38.41 22.56 -134.29
N SER N 109 -37.37 23.27 -134.73
CA SER N 109 -36.64 22.92 -135.94
C SER N 109 -35.38 22.11 -135.67
N GLY N 110 -35.10 21.78 -134.40
CA GLY N 110 -33.91 21.04 -134.04
C GLY N 110 -34.21 19.61 -133.64
N ASN N 111 -33.34 19.05 -132.81
CA ASN N 111 -33.47 17.68 -132.33
C ASN N 111 -33.41 17.60 -130.81
N ALA N 112 -33.50 18.75 -130.14
CA ALA N 112 -33.45 18.76 -128.68
C ALA N 112 -34.64 18.03 -128.07
N GLY N 113 -35.76 18.01 -128.77
CA GLY N 113 -36.91 17.26 -128.30
C GLY N 113 -36.67 15.77 -128.19
N LEU N 114 -35.99 15.19 -129.18
CA LEU N 114 -35.59 13.79 -129.11
C LEU N 114 -34.34 13.59 -128.27
N GLY N 115 -33.60 14.64 -127.98
CA GLY N 115 -32.52 14.54 -127.01
C GLY N 115 -31.13 14.77 -127.54
N PHE N 116 -30.98 15.56 -128.61
CA PHE N 116 -29.67 15.85 -129.18
C PHE N 116 -29.47 17.36 -129.24
N LEU N 117 -28.32 17.82 -128.77
CA LEU N 117 -27.96 19.23 -128.80
C LEU N 117 -26.96 19.47 -129.92
N ASP N 118 -27.24 20.48 -130.75
CA ASP N 118 -26.36 20.81 -131.86
C ASP N 118 -25.55 22.04 -131.50
N PRO N 119 -24.23 21.94 -131.32
CA PRO N 119 -23.43 23.12 -131.01
C PRO N 119 -23.31 24.11 -132.16
N THR N 120 -23.81 23.76 -133.35
CA THR N 120 -23.77 24.64 -134.51
C THR N 120 -25.06 25.41 -134.73
N ALA N 121 -25.98 25.38 -133.77
CA ALA N 121 -27.25 26.06 -133.91
C ALA N 121 -27.05 27.57 -134.00
N ALA N 122 -27.90 28.24 -134.77
CA ALA N 122 -27.79 29.67 -135.00
C ALA N 122 -28.54 30.41 -133.89
N ILE N 123 -27.88 30.56 -132.75
CA ILE N 123 -28.42 31.30 -131.63
C ILE N 123 -28.10 32.78 -131.82
N VAL N 124 -29.10 33.64 -131.61
CA VAL N 124 -28.97 35.07 -131.84
C VAL N 124 -29.28 35.81 -130.54
N SER N 125 -28.73 37.02 -130.42
CA SER N 125 -28.99 37.86 -129.27
C SER N 125 -30.07 38.89 -129.59
N SER N 126 -30.57 39.53 -128.53
CA SER N 126 -31.64 40.50 -128.70
C SER N 126 -31.17 41.78 -129.35
N ASP N 127 -29.93 42.20 -129.11
CA ASP N 127 -29.43 43.44 -129.69
C ASP N 127 -29.26 43.30 -131.19
N THR N 128 -29.44 44.42 -131.89
CA THR N 128 -29.33 44.47 -133.34
C THR N 128 -28.07 45.23 -133.74
N THR N 129 -27.59 44.93 -134.95
CA THR N 129 -26.39 45.57 -135.47
C THR N 129 -26.70 46.96 -136.02
N ALA O 1 -60.46 62.40 -118.25
CA ALA O 1 -60.34 60.95 -118.29
C ALA O 1 -59.25 60.47 -117.34
N ASN O 2 -59.65 60.08 -116.14
CA ASN O 2 -58.70 59.60 -115.15
C ASN O 2 -58.18 58.21 -115.52
N LYS O 3 -56.95 57.94 -115.12
CA LYS O 3 -56.33 56.65 -115.44
C LYS O 3 -56.95 55.55 -114.58
N PRO O 4 -57.48 54.49 -115.18
CA PRO O 4 -58.07 53.41 -114.37
C PRO O 4 -57.01 52.56 -113.70
N MET O 5 -57.44 51.79 -112.70
CA MET O 5 -56.59 50.83 -112.02
C MET O 5 -57.08 49.41 -112.31
N GLN O 6 -56.24 48.43 -111.95
CA GLN O 6 -56.54 47.01 -111.98
C GLN O 6 -56.21 46.40 -110.62
N PRO O 7 -56.91 45.33 -110.23
CA PRO O 7 -56.68 44.75 -108.90
C PRO O 7 -55.39 43.96 -108.80
N ILE O 8 -54.54 44.30 -107.83
CA ILE O 8 -53.32 43.54 -107.61
C ILE O 8 -53.53 42.42 -106.59
N THR O 9 -54.43 42.59 -105.63
CA THR O 9 -54.72 41.56 -104.64
C THR O 9 -56.22 41.49 -104.46
N SER O 10 -56.79 40.32 -104.72
CA SER O 10 -58.23 40.10 -104.62
C SER O 10 -58.49 39.04 -103.57
N THR O 11 -59.34 39.39 -102.60
CA THR O 11 -59.71 38.49 -101.52
C THR O 11 -61.17 38.75 -101.16
N ALA O 12 -61.79 37.76 -100.50
CA ALA O 12 -63.18 37.90 -100.11
C ALA O 12 -63.39 39.03 -99.12
N ASN O 13 -62.31 39.49 -98.47
CA ASN O 13 -62.41 40.53 -97.47
C ASN O 13 -61.60 41.78 -97.78
N LYS O 14 -60.79 41.78 -98.85
CA LYS O 14 -59.95 42.93 -99.17
C LYS O 14 -59.52 42.85 -100.62
N ILE O 15 -59.79 43.92 -101.38
CA ILE O 15 -59.33 44.05 -102.75
C ILE O 15 -58.52 45.33 -102.87
N VAL O 16 -57.32 45.22 -103.43
CA VAL O 16 -56.39 46.34 -103.56
C VAL O 16 -56.19 46.63 -105.04
N TRP O 17 -56.38 47.88 -105.42
CA TRP O 17 -56.15 48.35 -106.78
C TRP O 17 -54.79 49.01 -106.87
N SER O 18 -54.33 49.23 -108.11
CA SER O 18 -53.06 49.91 -108.34
C SER O 18 -53.01 50.41 -109.79
N ASP O 19 -52.39 51.57 -109.97
CA ASP O 19 -52.26 52.13 -111.30
C ASP O 19 -51.13 51.45 -112.05
N PRO O 20 -51.38 50.95 -113.27
CA PRO O 20 -50.29 50.31 -114.03
C PRO O 20 -49.11 51.22 -114.28
N THR O 21 -49.35 52.51 -114.52
CA THR O 21 -48.25 53.43 -114.78
C THR O 21 -47.42 53.68 -113.52
N ARG O 22 -48.09 53.96 -112.40
CA ARG O 22 -47.41 54.20 -111.12
C ARG O 22 -47.91 53.19 -110.11
N LEU O 23 -47.05 52.26 -109.72
CA LEU O 23 -47.46 51.21 -108.79
C LEU O 23 -47.50 51.73 -107.36
N SER O 24 -47.01 52.95 -107.14
CA SER O 24 -46.98 53.53 -105.80
C SER O 24 -48.38 53.92 -105.33
N THR O 25 -49.31 54.10 -106.27
CA THR O 25 -50.65 54.53 -105.93
C THR O 25 -51.58 53.32 -105.85
N THR O 26 -52.17 53.11 -104.67
CA THR O 26 -53.07 51.99 -104.45
C THR O 26 -54.35 52.46 -103.76
N PHE O 27 -55.41 51.71 -103.97
CA PHE O 27 -56.70 51.96 -103.33
C PHE O 27 -57.22 50.64 -102.78
N SER O 28 -57.38 50.56 -101.46
CA SER O 28 -57.73 49.33 -100.78
C SER O 28 -59.07 49.47 -100.07
N ALA O 29 -59.90 48.44 -100.21
CA ALA O 29 -61.21 48.39 -99.55
C ALA O 29 -61.29 47.08 -98.77
N SER O 30 -61.57 47.18 -97.48
CA SER O 30 -61.69 46.01 -96.61
C SER O 30 -63.02 46.07 -95.89
N LEU O 31 -63.71 44.95 -95.81
CA LEU O 31 -65.01 44.86 -95.16
C LEU O 31 -64.97 43.85 -94.02
N LEU O 32 -65.52 44.24 -92.89
CA LEU O 32 -65.68 43.36 -91.74
C LEU O 32 -67.18 43.19 -91.46
N ARG O 33 -67.64 41.94 -91.44
CA ARG O 33 -69.04 41.62 -91.27
C ARG O 33 -69.26 40.93 -89.95
N GLN O 34 -70.13 41.50 -89.11
CA GLN O 34 -70.41 40.96 -87.79
C GLN O 34 -71.89 41.09 -87.48
N ARG O 35 -72.37 40.19 -86.63
CA ARG O 35 -73.73 40.29 -86.11
C ARG O 35 -73.71 41.04 -84.78
N VAL O 36 -74.49 42.11 -84.70
CA VAL O 36 -74.57 42.94 -83.51
C VAL O 36 -75.85 42.62 -82.78
N LYS O 37 -75.72 42.25 -81.50
CA LYS O 37 -76.86 41.90 -80.67
C LYS O 37 -77.41 43.17 -80.02
N VAL O 38 -78.54 43.64 -80.53
CA VAL O 38 -79.27 44.76 -79.96
C VAL O 38 -80.60 44.23 -79.45
N GLY O 39 -81.00 44.73 -78.28
CA GLY O 39 -82.20 44.27 -77.60
C GLY O 39 -83.39 44.03 -78.51
N ILE O 40 -84.01 42.85 -78.37
CA ILE O 40 -85.10 42.36 -79.20
C ILE O 40 -84.86 42.68 -80.67
N ALA O 41 -83.63 42.46 -81.13
CA ALA O 41 -83.29 42.66 -82.53
C ALA O 41 -82.08 41.81 -82.89
N GLU O 42 -81.94 41.52 -84.17
CA GLU O 42 -80.79 40.79 -84.70
C GLU O 42 -80.44 41.41 -86.05
N LEU O 43 -79.49 42.33 -86.05
CA LEU O 43 -79.12 43.09 -87.24
C LEU O 43 -77.63 42.93 -87.52
N ASN O 44 -77.26 43.14 -88.78
CA ASN O 44 -75.92 42.82 -89.28
C ASN O 44 -75.19 44.11 -89.61
N ASN O 45 -74.05 44.33 -88.96
CA ASN O 45 -73.24 45.51 -89.23
C ASN O 45 -72.16 45.20 -90.26
N VAL O 46 -71.83 46.19 -91.08
CA VAL O 46 -70.77 46.10 -92.06
C VAL O 46 -69.87 47.31 -91.91
N SER O 47 -68.60 47.09 -91.60
CA SER O 47 -67.62 48.14 -91.42
C SER O 47 -66.65 48.12 -92.59
N GLY O 48 -66.61 49.19 -93.36
CA GLY O 48 -65.77 49.26 -94.53
C GLY O 48 -64.65 50.27 -94.40
N GLN O 49 -63.40 49.82 -94.57
CA GLN O 49 -62.23 50.66 -94.47
C GLN O 49 -61.67 50.89 -95.86
N TYR O 50 -61.76 52.13 -96.33
CA TYR O 50 -61.29 52.51 -97.66
C TYR O 50 -60.06 53.40 -97.50
N VAL O 51 -58.95 53.00 -98.12
CA VAL O 51 -57.68 53.69 -97.98
C VAL O 51 -57.16 54.06 -99.36
N SER O 52 -56.81 55.34 -99.53
CA SER O 52 -56.18 55.83 -100.76
C SER O 52 -54.82 56.41 -100.41
N VAL O 53 -53.80 56.00 -101.16
CA VAL O 53 -52.43 56.43 -100.91
C VAL O 53 -51.80 56.92 -102.21
N TYR O 54 -51.04 58.01 -102.11
CA TYR O 54 -50.30 58.56 -103.24
C TYR O 54 -48.92 58.95 -102.76
N LYS O 55 -47.90 58.57 -103.52
CA LYS O 55 -46.52 58.88 -103.16
C LYS O 55 -46.07 60.12 -103.94
N ARG O 56 -46.66 61.25 -103.56
CA ARG O 56 -46.43 62.50 -104.27
C ARG O 56 -44.99 62.99 -104.04
N PRO O 57 -44.32 63.46 -105.08
CA PRO O 57 -42.97 64.02 -104.91
C PRO O 57 -42.99 65.28 -104.05
N ALA O 58 -41.88 65.48 -103.35
CA ALA O 58 -41.72 66.68 -102.54
C ALA O 58 -41.66 67.90 -103.46
N PRO O 59 -42.07 69.08 -102.99
CA PRO O 59 -42.13 70.24 -103.89
C PRO O 59 -40.74 70.70 -104.29
N LYS O 60 -40.56 70.89 -105.59
CA LYS O 60 -39.26 71.24 -106.14
C LYS O 60 -38.83 72.61 -105.66
N PRO O 61 -37.52 72.82 -105.41
CA PRO O 61 -37.05 74.16 -105.03
C PRO O 61 -37.29 75.17 -106.13
N GLU O 62 -37.34 76.45 -105.75
CA GLU O 62 -37.80 77.52 -106.63
C GLU O 62 -36.66 77.99 -107.52
N GLY O 63 -36.97 78.19 -108.80
CA GLY O 63 -36.06 78.82 -109.72
C GLY O 63 -34.99 77.93 -110.30
N CYS O 64 -35.05 76.62 -110.09
CA CYS O 64 -34.04 75.70 -110.62
C CYS O 64 -34.72 74.61 -111.42
N ALA O 65 -34.33 74.49 -112.69
CA ALA O 65 -34.76 73.39 -113.54
C ALA O 65 -33.69 72.32 -113.55
N ASP O 66 -33.70 71.46 -112.54
CA ASP O 66 -32.67 70.43 -112.43
C ASP O 66 -32.75 69.46 -113.60
N ALA O 67 -31.61 68.83 -113.90
CA ALA O 67 -31.54 67.95 -115.06
C ALA O 67 -32.51 66.79 -114.93
N CYS O 68 -32.55 66.15 -113.76
CA CYS O 68 -33.42 65.01 -113.53
C CYS O 68 -34.14 65.16 -112.20
N VAL O 69 -35.31 64.54 -112.10
CA VAL O 69 -36.07 64.57 -110.86
C VAL O 69 -35.39 63.70 -109.82
N ILE O 70 -35.04 64.30 -108.69
CA ILE O 70 -34.32 63.60 -107.63
C ILE O 70 -35.02 63.85 -106.30
N MET O 71 -36.28 64.26 -106.35
CA MET O 71 -36.97 64.68 -105.14
C MET O 71 -37.40 63.48 -104.31
N PRO O 72 -37.20 63.52 -103.01
CA PRO O 72 -37.60 62.40 -102.14
C PRO O 72 -39.09 62.42 -101.81
N ASN O 73 -39.90 61.82 -102.68
CA ASN O 73 -41.35 61.80 -102.57
C ASN O 73 -41.87 61.48 -101.17
N GLU O 74 -43.03 62.03 -100.84
CA GLU O 74 -43.64 61.89 -99.52
C GLU O 74 -44.88 61.00 -99.59
N ASN O 75 -45.57 60.89 -98.46
CA ASN O 75 -46.73 60.01 -98.34
C ASN O 75 -47.99 60.85 -98.18
N GLN O 76 -48.97 60.60 -99.04
CA GLN O 76 -50.30 61.23 -98.94
C GLN O 76 -51.33 60.13 -98.77
N SER O 77 -52.08 60.18 -97.68
CA SER O 77 -53.03 59.13 -97.34
C SER O 77 -54.39 59.73 -96.99
N ILE O 78 -55.45 59.06 -97.45
CA ILE O 78 -56.82 59.42 -97.13
C ILE O 78 -57.55 58.14 -96.75
N ARG O 79 -57.90 58.00 -95.48
CA ARG O 79 -58.50 56.79 -94.95
C ARG O 79 -59.91 57.09 -94.46
N THR O 80 -60.87 56.28 -94.91
CA THR O 80 -62.27 56.44 -94.55
C THR O 80 -62.83 55.12 -94.04
N VAL O 81 -63.60 55.19 -92.96
CA VAL O 81 -64.24 54.02 -92.37
C VAL O 81 -65.73 54.31 -92.26
N ILE O 82 -66.55 53.42 -92.83
CA ILE O 82 -68.00 53.53 -92.79
C ILE O 82 -68.55 52.32 -92.06
N SER O 83 -69.28 52.57 -90.98
CA SER O 83 -69.83 51.51 -90.14
C SER O 83 -71.32 51.74 -89.99
N GLY O 84 -72.09 50.67 -90.10
CA GLY O 84 -73.54 50.76 -89.96
C GLY O 84 -74.19 49.45 -90.33
N SER O 85 -75.48 49.38 -90.02
CA SER O 85 -76.25 48.17 -90.32
C SER O 85 -76.74 48.20 -91.76
N ALA O 86 -76.84 47.02 -92.37
CA ALA O 86 -77.32 46.93 -93.74
C ALA O 86 -78.80 47.25 -93.84
N GLU O 87 -79.53 47.13 -92.72
CA GLU O 87 -80.96 47.44 -92.73
C GLU O 87 -81.20 48.91 -93.00
N ASN O 88 -80.30 49.77 -92.56
CA ASN O 88 -80.41 51.22 -92.71
C ASN O 88 -79.47 51.76 -93.80
N LEU O 89 -79.37 51.05 -94.93
CA LEU O 89 -78.41 51.41 -95.96
C LEU O 89 -78.70 52.79 -96.55
N ALA O 90 -79.98 53.10 -96.78
CA ALA O 90 -80.33 54.40 -97.34
C ALA O 90 -79.92 55.53 -96.39
N THR O 91 -80.18 55.35 -95.09
CA THR O 91 -79.75 56.32 -94.10
C THR O 91 -78.23 56.44 -94.04
N LEU O 92 -77.52 55.31 -94.15
CA LEU O 92 -76.06 55.38 -94.16
C LEU O 92 -75.55 56.14 -95.37
N LYS O 93 -76.19 55.96 -96.52
CA LYS O 93 -75.80 56.71 -97.72
C LYS O 93 -76.06 58.20 -97.55
N ALA O 94 -77.19 58.56 -96.93
CA ALA O 94 -77.46 59.97 -96.65
C ALA O 94 -76.42 60.54 -95.69
N GLU O 95 -76.06 59.76 -94.67
CA GLU O 95 -74.99 60.17 -93.76
C GLU O 95 -73.68 60.38 -94.51
N TRP O 96 -73.38 59.49 -95.46
CA TRP O 96 -72.18 59.64 -96.26
C TRP O 96 -72.20 60.93 -97.07
N GLU O 97 -73.35 61.25 -97.66
CA GLU O 97 -73.46 62.48 -98.43
C GLU O 97 -73.24 63.72 -97.55
N THR O 98 -73.89 63.76 -96.38
CA THR O 98 -73.72 64.92 -95.50
C THR O 98 -72.30 64.99 -94.95
N HIS O 99 -71.68 63.83 -94.69
CA HIS O 99 -70.29 63.81 -94.25
C HIS O 99 -69.37 64.35 -95.34
N LYS O 100 -69.62 64.00 -96.58
CA LYS O 100 -68.86 64.57 -97.69
C LYS O 100 -69.03 66.08 -97.73
N ARG O 101 -70.26 66.56 -97.57
CA ARG O 101 -70.50 68.00 -97.61
C ARG O 101 -69.76 68.71 -96.49
N ASN O 102 -69.80 68.17 -95.28
CA ASN O 102 -69.13 68.81 -94.15
C ASN O 102 -67.62 68.79 -94.31
N VAL O 103 -67.06 67.66 -94.74
CA VAL O 103 -65.61 67.59 -94.94
C VAL O 103 -65.18 68.53 -96.05
N ASP O 104 -66.04 68.69 -97.07
CA ASP O 104 -65.73 69.64 -98.14
C ASP O 104 -65.72 71.07 -97.63
N THR O 105 -66.72 71.44 -96.82
CA THR O 105 -66.81 72.82 -96.36
C THR O 105 -65.71 73.14 -95.35
N LEU O 106 -65.21 72.12 -94.63
CA LEU O 106 -64.08 72.36 -93.75
C LEU O 106 -62.75 72.37 -94.51
N PHE O 107 -62.59 71.49 -95.50
CA PHE O 107 -61.32 71.21 -96.13
C PHE O 107 -61.24 71.68 -97.58
N ALA O 108 -62.19 71.26 -98.42
CA ALA O 108 -62.11 71.60 -99.84
C ALA O 108 -62.23 73.11 -100.06
N SER O 109 -63.14 73.76 -99.35
CA SER O 109 -63.31 75.20 -99.45
C SER O 109 -62.79 75.95 -98.24
N GLY O 110 -62.29 75.25 -97.22
CA GLY O 110 -61.75 75.87 -96.03
C GLY O 110 -60.24 75.74 -95.95
N ASN O 111 -59.69 76.20 -94.84
CA ASN O 111 -58.25 76.16 -94.63
C ASN O 111 -57.87 75.11 -93.59
N ALA O 112 -58.63 74.01 -93.53
CA ALA O 112 -58.29 72.95 -92.60
C ALA O 112 -57.02 72.23 -93.02
N GLY O 113 -56.70 72.26 -94.31
CA GLY O 113 -55.50 71.60 -94.77
C GLY O 113 -54.24 72.22 -94.22
N LEU O 114 -54.22 73.56 -94.08
CA LEU O 114 -53.05 74.23 -93.54
C LEU O 114 -53.05 74.22 -92.01
N GLY O 115 -54.14 73.81 -91.38
CA GLY O 115 -54.18 73.63 -89.95
C GLY O 115 -55.15 74.53 -89.21
N PHE O 116 -56.13 75.13 -89.88
CA PHE O 116 -57.07 76.01 -89.20
C PHE O 116 -58.44 75.36 -89.11
N LEU O 117 -59.02 75.40 -87.91
CA LEU O 117 -60.36 74.89 -87.66
C LEU O 117 -61.27 76.09 -87.42
N ASP O 118 -62.05 76.46 -88.43
CA ASP O 118 -62.93 77.61 -88.35
C ASP O 118 -64.13 77.29 -87.47
N PRO O 119 -64.36 78.02 -86.38
CA PRO O 119 -65.55 77.77 -85.55
C PRO O 119 -66.84 78.29 -86.15
N THR O 120 -66.78 79.07 -87.23
CA THR O 120 -67.98 79.62 -87.85
C THR O 120 -68.36 78.90 -89.13
N ALA O 121 -67.83 77.71 -89.39
CA ALA O 121 -68.15 76.97 -90.60
C ALA O 121 -69.61 76.53 -90.59
N ALA O 122 -70.20 76.44 -91.78
CA ALA O 122 -71.60 76.05 -91.93
C ALA O 122 -71.69 74.53 -92.00
N ILE O 123 -71.69 73.90 -90.84
CA ILE O 123 -71.85 72.45 -90.73
C ILE O 123 -73.33 72.13 -90.68
N VAL O 124 -73.74 71.08 -91.40
CA VAL O 124 -75.14 70.70 -91.49
C VAL O 124 -75.30 69.24 -91.08
N SER O 125 -76.49 68.91 -90.61
CA SER O 125 -76.81 67.55 -90.23
C SER O 125 -77.57 66.84 -91.36
N SER O 126 -77.74 65.52 -91.20
CA SER O 126 -78.44 64.75 -92.21
C SER O 126 -79.93 65.01 -92.23
N ASP O 127 -80.51 65.38 -91.10
CA ASP O 127 -81.95 65.64 -91.03
C ASP O 127 -82.29 66.90 -91.80
N THR O 128 -83.49 66.90 -92.39
CA THR O 128 -83.98 68.03 -93.16
C THR O 128 -85.20 68.63 -92.48
N THR O 129 -85.41 69.93 -92.72
CA THR O 129 -86.53 70.64 -92.13
C THR O 129 -87.77 70.49 -92.99
N ALA P 1 4.35 -140.32 47.05
CA ALA P 1 4.64 -140.04 45.65
C ALA P 1 4.20 -138.62 45.29
N ASN P 2 5.07 -137.90 44.61
CA ASN P 2 4.77 -136.53 44.21
C ASN P 2 4.53 -136.45 42.71
N LYS P 3 3.78 -135.44 42.29
CA LYS P 3 3.47 -135.28 40.88
C LYS P 3 4.64 -134.63 40.15
N PRO P 4 5.24 -135.29 39.17
CA PRO P 4 6.34 -134.66 38.43
C PRO P 4 5.85 -133.51 37.57
N MET P 5 6.74 -132.56 37.29
CA MET P 5 6.50 -131.52 36.30
C MET P 5 7.26 -131.86 35.04
N GLN P 6 6.80 -131.34 33.92
CA GLN P 6 7.55 -131.41 32.68
C GLN P 6 7.81 -130.00 32.17
N PRO P 7 8.98 -129.75 31.58
CA PRO P 7 9.34 -128.36 31.25
C PRO P 7 8.39 -127.77 30.21
N ILE P 8 8.20 -126.45 30.31
CA ILE P 8 7.44 -125.71 29.31
C ILE P 8 8.32 -124.74 28.52
N THR P 9 9.42 -124.27 29.10
CA THR P 9 10.38 -123.44 28.40
C THR P 9 11.78 -123.91 28.77
N SER P 10 12.56 -124.31 27.76
CA SER P 10 13.89 -124.86 27.98
C SER P 10 14.92 -124.00 27.26
N THR P 11 15.94 -123.60 28.00
CA THR P 11 17.03 -122.79 27.47
C THR P 11 18.27 -123.09 28.28
N ALA P 12 19.44 -122.80 27.70
CA ALA P 12 20.69 -123.03 28.40
C ALA P 12 20.83 -122.11 29.61
N ASN P 13 20.04 -121.04 29.65
CA ASN P 13 20.12 -120.06 30.73
C ASN P 13 18.91 -120.08 31.65
N LYS P 14 17.83 -120.78 31.30
CA LYS P 14 16.61 -120.79 32.10
C LYS P 14 15.75 -121.98 31.70
N ILE P 15 15.22 -122.69 32.69
CA ILE P 15 14.24 -123.74 32.47
C ILE P 15 13.08 -123.51 33.41
N VAL P 16 11.86 -123.63 32.90
CA VAL P 16 10.64 -123.41 33.67
C VAL P 16 9.84 -124.70 33.68
N TRP P 17 9.45 -125.16 34.87
CA TRP P 17 8.65 -126.35 35.04
C TRP P 17 7.24 -125.96 35.47
N SER P 18 6.24 -126.66 34.94
CA SER P 18 4.84 -126.43 35.29
C SER P 18 4.13 -127.74 35.52
N ASP P 19 3.29 -127.77 36.54
CA ASP P 19 2.54 -128.98 36.86
C ASP P 19 1.45 -129.20 35.81
N PRO P 20 1.43 -130.36 35.15
CA PRO P 20 0.50 -130.53 34.02
C PRO P 20 -0.96 -130.37 34.40
N THR P 21 -1.38 -130.81 35.59
CA THR P 21 -2.77 -130.65 35.99
C THR P 21 -3.06 -129.28 36.59
N ARG P 22 -2.03 -128.55 37.02
CA ARG P 22 -2.20 -127.18 37.48
C ARG P 22 -1.03 -126.32 36.98
N LEU P 23 -1.20 -125.69 35.83
CA LEU P 23 -0.11 -124.95 35.20
C LEU P 23 0.25 -123.70 35.99
N SER P 24 -0.60 -123.32 36.95
CA SER P 24 -0.29 -122.19 37.82
C SER P 24 0.91 -122.44 38.71
N THR P 25 1.25 -123.70 38.96
CA THR P 25 2.45 -124.04 39.73
C THR P 25 3.68 -123.88 38.82
N THR P 26 4.68 -123.16 39.30
CA THR P 26 5.86 -122.85 38.52
C THR P 26 7.11 -123.09 39.34
N PHE P 27 8.14 -123.64 38.70
CA PHE P 27 9.46 -123.80 39.30
C PHE P 27 10.50 -123.50 38.23
N SER P 28 11.25 -122.42 38.42
CA SER P 28 12.19 -121.94 37.43
C SER P 28 13.59 -121.86 38.01
N ALA P 29 14.57 -122.15 37.16
CA ALA P 29 15.98 -122.07 37.53
C ALA P 29 16.72 -121.28 36.46
N SER P 30 17.47 -120.26 36.87
CA SER P 30 18.20 -119.40 35.95
C SER P 30 19.64 -119.28 36.43
N LEU P 31 20.58 -119.46 35.52
CA LEU P 31 22.00 -119.38 35.84
C LEU P 31 22.62 -118.16 35.17
N LEU P 32 23.34 -117.37 35.95
CA LEU P 32 24.07 -116.21 35.46
C LEU P 32 25.51 -116.34 35.88
N ARG P 33 26.42 -116.44 34.90
CA ARG P 33 27.82 -116.77 35.16
C ARG P 33 28.71 -115.61 34.75
N GLN P 34 29.67 -115.27 35.61
CA GLN P 34 30.64 -114.22 35.36
C GLN P 34 32.03 -114.72 35.67
N ARG P 35 33.03 -113.92 35.33
CA ARG P 35 34.41 -114.17 35.69
C ARG P 35 34.86 -113.08 36.67
N VAL P 36 35.34 -113.50 37.84
CA VAL P 36 35.72 -112.58 38.90
C VAL P 36 37.18 -112.84 39.28
N LYS P 37 37.96 -111.76 39.32
CA LYS P 37 39.38 -111.85 39.65
C LYS P 37 39.56 -111.61 41.15
N VAL P 38 39.43 -112.70 41.91
CA VAL P 38 39.55 -112.61 43.36
C VAL P 38 41.01 -112.62 43.78
N GLY P 39 41.77 -113.61 43.31
CA GLY P 39 43.12 -113.84 43.78
C GLY P 39 44.13 -113.81 42.65
N ILE P 40 43.99 -112.82 41.76
CA ILE P 40 44.72 -112.66 40.51
C ILE P 40 44.59 -113.93 39.68
N ALA P 41 43.58 -114.73 40.00
CA ALA P 41 43.18 -115.89 39.20
C ALA P 41 41.69 -115.76 38.91
N GLU P 42 41.31 -116.04 37.66
CA GLU P 42 39.94 -115.80 37.21
C GLU P 42 39.04 -116.94 37.66
N LEU P 43 38.45 -116.78 38.84
CA LEU P 43 37.46 -117.74 39.32
C LEU P 43 36.15 -117.55 38.58
N ASN P 44 35.45 -118.66 38.35
CA ASN P 44 34.19 -118.65 37.61
C ASN P 44 33.02 -118.88 38.57
N ASN P 45 32.40 -117.78 38.97
CA ASN P 45 31.25 -117.87 39.87
C ASN P 45 29.98 -118.17 39.09
N VAL P 46 29.03 -118.82 39.77
CA VAL P 46 27.72 -119.12 39.23
C VAL P 46 26.66 -118.60 40.19
N SER P 47 25.74 -117.80 39.68
CA SER P 47 24.67 -117.21 40.48
C SER P 47 23.35 -117.84 40.02
N GLY P 48 22.99 -118.95 40.65
CA GLY P 48 21.78 -119.68 40.30
C GLY P 48 20.60 -119.19 41.10
N GLN P 49 19.55 -118.78 40.39
CA GLN P 49 18.32 -118.30 40.99
C GLN P 49 17.23 -119.35 40.78
N TYR P 50 16.67 -119.84 41.87
CA TYR P 50 15.61 -120.85 41.84
C TYR P 50 14.36 -120.24 42.43
N VAL P 51 13.28 -120.22 41.67
CA VAL P 51 12.03 -119.60 42.09
C VAL P 51 10.92 -120.64 42.00
N SER P 52 10.25 -120.88 43.13
CA SER P 52 9.12 -121.78 43.20
C SER P 52 7.87 -120.99 43.54
N VAL P 53 6.85 -121.11 42.69
CA VAL P 53 5.63 -120.32 42.81
C VAL P 53 4.43 -121.26 42.82
N TYR P 54 3.55 -121.07 43.80
CA TYR P 54 2.29 -121.80 43.89
C TYR P 54 1.18 -120.83 44.26
N LYS P 55 0.15 -120.77 43.43
CA LYS P 55 -1.02 -119.96 43.71
C LYS P 55 -2.02 -120.83 44.48
N ARG P 56 -2.07 -120.63 45.79
CA ARG P 56 -2.96 -121.39 46.65
C ARG P 56 -4.21 -120.57 46.94
N PRO P 57 -5.41 -121.10 46.72
CA PRO P 57 -6.62 -120.34 47.01
C PRO P 57 -7.02 -120.46 48.48
N ALA P 58 -7.08 -119.31 49.15
CA ALA P 58 -7.33 -119.27 50.59
C ALA P 58 -8.46 -118.30 50.91
N PRO P 59 -9.70 -118.61 50.49
CA PRO P 59 -10.85 -117.94 51.12
C PRO P 59 -10.93 -118.26 52.60
N LYS P 60 -10.47 -119.46 52.97
CA LYS P 60 -10.40 -119.99 54.33
C LYS P 60 -11.71 -119.83 55.07
N PRO P 61 -12.80 -120.45 54.58
CA PRO P 61 -14.06 -120.42 55.34
C PRO P 61 -13.99 -121.39 56.51
N GLU P 62 -13.86 -120.84 57.71
CA GLU P 62 -13.64 -121.66 58.90
C GLU P 62 -14.87 -122.48 59.21
N GLY P 63 -14.77 -123.78 58.97
CA GLY P 63 -15.83 -124.72 59.31
C GLY P 63 -16.78 -125.16 58.21
N CYS P 64 -17.09 -124.28 57.26
CA CYS P 64 -18.13 -124.61 56.30
C CYS P 64 -17.59 -124.42 54.88
N ALA P 65 -17.85 -125.43 54.04
CA ALA P 65 -17.65 -125.37 52.61
C ALA P 65 -18.81 -126.09 51.94
N ASP P 66 -19.44 -125.46 50.97
CA ASP P 66 -20.72 -126.01 50.52
C ASP P 66 -20.72 -126.46 49.06
N ALA P 67 -20.30 -125.60 48.13
CA ALA P 67 -20.46 -125.91 46.71
C ALA P 67 -19.34 -125.22 45.93
N CYS P 68 -19.54 -125.15 44.62
CA CYS P 68 -18.55 -124.55 43.72
C CYS P 68 -18.59 -123.03 43.85
N VAL P 69 -17.69 -122.49 44.67
CA VAL P 69 -17.55 -121.04 44.86
C VAL P 69 -16.24 -120.64 44.19
N ILE P 70 -16.21 -119.45 43.61
CA ILE P 70 -14.99 -118.95 43.00
C ILE P 70 -13.90 -118.79 44.05
N MET P 71 -12.73 -119.32 43.76
CA MET P 71 -11.60 -119.20 44.67
C MET P 71 -10.78 -117.94 44.32
N PRO P 72 -10.70 -116.98 45.23
CA PRO P 72 -9.70 -115.91 45.07
C PRO P 72 -8.32 -116.43 45.44
N ASN P 73 -7.28 -116.01 44.73
CA ASN P 73 -5.96 -116.61 44.84
C ASN P 73 -4.96 -115.64 45.45
N GLU P 74 -4.01 -116.20 46.19
CA GLU P 74 -2.82 -115.50 46.65
C GLU P 74 -1.60 -116.25 46.15
N ASN P 75 -0.47 -115.56 46.13
CA ASN P 75 0.77 -116.12 45.56
C ASN P 75 1.70 -116.52 46.70
N GLN P 76 2.13 -117.77 46.69
CA GLN P 76 3.18 -118.27 47.59
C GLN P 76 4.44 -118.48 46.77
N SER P 77 5.50 -117.77 47.13
CA SER P 77 6.73 -117.78 46.35
C SER P 77 7.93 -118.01 47.26
N ILE P 78 8.88 -118.81 46.80
CA ILE P 78 10.14 -119.05 47.47
C ILE P 78 11.25 -118.85 46.44
N ARG P 79 12.15 -117.91 46.71
CA ARG P 79 13.25 -117.60 45.82
C ARG P 79 14.57 -117.89 46.52
N THR P 80 15.46 -118.60 45.84
CA THR P 80 16.78 -118.93 46.38
C THR P 80 17.85 -118.56 45.36
N VAL P 81 18.86 -117.82 45.81
CA VAL P 81 19.97 -117.41 44.98
C VAL P 81 21.25 -117.91 45.62
N ILE P 82 21.97 -118.77 44.92
CA ILE P 82 23.21 -119.36 45.40
C ILE P 82 24.34 -118.82 44.55
N SER P 83 25.33 -118.20 45.20
CA SER P 83 26.43 -117.55 44.50
C SER P 83 27.75 -118.07 45.05
N GLY P 84 28.65 -118.43 44.15
CA GLY P 84 29.96 -118.92 44.54
C GLY P 84 30.77 -119.45 43.39
N SER P 85 32.08 -119.55 43.56
CA SER P 85 32.94 -120.06 42.49
C SER P 85 32.69 -121.55 42.29
N ALA P 86 32.80 -121.99 41.03
CA ALA P 86 32.61 -123.40 40.73
C ALA P 86 33.72 -124.25 41.33
N GLU P 87 34.88 -123.64 41.58
CA GLU P 87 36.00 -124.41 42.12
C GLU P 87 35.78 -124.79 43.57
N ASN P 88 34.81 -124.20 44.23
CA ASN P 88 34.50 -124.48 45.63
C ASN P 88 33.09 -125.04 45.77
N LEU P 89 32.74 -126.00 44.91
CA LEU P 89 31.39 -126.57 44.94
C LEU P 89 31.15 -127.34 46.23
N ALA P 90 32.16 -128.03 46.75
CA ALA P 90 31.98 -128.79 47.99
C ALA P 90 31.65 -127.85 49.15
N THR P 91 32.38 -126.73 49.23
CA THR P 91 32.07 -125.72 50.22
C THR P 91 30.68 -125.12 50.02
N LEU P 92 30.29 -124.86 48.77
CA LEU P 92 28.97 -124.29 48.52
C LEU P 92 27.87 -125.26 48.93
N LYS P 93 28.09 -126.57 48.71
CA LYS P 93 27.11 -127.56 49.12
C LYS P 93 27.01 -127.65 50.64
N ALA P 94 28.16 -127.60 51.33
CA ALA P 94 28.12 -127.58 52.79
C ALA P 94 27.39 -126.35 53.30
N GLU P 95 27.62 -125.20 52.67
CA GLU P 95 26.92 -123.97 53.04
C GLU P 95 25.43 -124.10 52.79
N TRP P 96 25.05 -124.75 51.70
CA TRP P 96 23.63 -124.98 51.41
C TRP P 96 22.98 -125.84 52.47
N GLU P 97 23.67 -126.89 52.91
CA GLU P 97 23.14 -127.73 53.98
C GLU P 97 22.98 -126.94 55.26
N THR P 98 23.98 -126.14 55.62
CA THR P 98 23.89 -125.32 56.83
C THR P 98 22.76 -124.30 56.72
N HIS P 99 22.58 -123.71 55.54
CA HIS P 99 21.51 -122.75 55.33
C HIS P 99 20.15 -123.41 55.48
N LYS P 100 20.00 -124.62 54.93
CA LYS P 100 18.75 -125.35 55.09
C LYS P 100 18.47 -125.63 56.56
N ARG P 101 19.50 -126.04 57.30
CA ARG P 101 19.32 -126.31 58.73
C ARG P 101 18.90 -125.05 59.48
N ASN P 102 19.53 -123.92 59.17
CA ASN P 102 19.22 -122.68 59.87
C ASN P 102 17.80 -122.21 59.57
N VAL P 103 17.40 -122.27 58.29
CA VAL P 103 16.04 -121.85 57.93
C VAL P 103 15.02 -122.80 58.53
N ASP P 104 15.35 -124.09 58.61
CA ASP P 104 14.45 -125.03 59.28
C ASP P 104 14.27 -124.65 60.74
N THR P 105 15.37 -124.33 61.42
CA THR P 105 15.30 -123.95 62.83
C THR P 105 14.44 -122.70 63.02
N LEU P 106 14.61 -121.72 62.14
CA LEU P 106 13.88 -120.47 62.28
C LEU P 106 12.41 -120.57 61.85
N PHE P 107 12.11 -121.38 60.84
CA PHE P 107 10.83 -121.37 60.15
C PHE P 107 10.02 -122.65 60.37
N ALA P 108 10.61 -123.81 60.08
CA ALA P 108 9.86 -125.05 60.15
C ALA P 108 9.46 -125.38 61.58
N SER P 109 10.37 -125.18 62.53
CA SER P 109 10.10 -125.43 63.94
C SER P 109 9.87 -124.16 64.73
N GLY P 110 9.96 -122.99 64.11
CA GLY P 110 9.74 -121.74 64.78
C GLY P 110 8.45 -121.07 64.33
N ASN P 111 8.34 -119.78 64.65
CA ASN P 111 7.18 -118.98 64.29
C ASN P 111 7.54 -117.82 63.36
N ALA P 112 8.60 -117.99 62.56
CA ALA P 112 9.01 -116.91 61.67
C ALA P 112 7.99 -116.67 60.57
N GLY P 113 7.21 -117.69 60.20
CA GLY P 113 6.20 -117.51 59.18
C GLY P 113 5.08 -116.59 59.63
N LEU P 114 4.86 -116.50 60.94
CA LEU P 114 3.80 -115.66 61.49
C LEU P 114 4.32 -114.26 61.79
N GLY P 115 5.59 -114.01 61.49
CA GLY P 115 6.17 -112.70 61.76
C GLY P 115 6.80 -112.60 63.14
N PHE P 116 7.64 -113.56 63.50
CA PHE P 116 8.28 -113.59 64.80
C PHE P 116 9.77 -113.88 64.65
N LEU P 117 10.57 -113.32 65.55
CA LEU P 117 12.00 -113.62 65.63
C LEU P 117 12.31 -114.16 67.02
N ASP P 118 13.10 -115.23 67.06
CA ASP P 118 13.52 -115.80 68.34
C ASP P 118 15.02 -115.58 68.50
N PRO P 119 15.45 -114.62 69.32
CA PRO P 119 16.90 -114.40 69.51
C PRO P 119 17.61 -115.58 70.14
N THR P 120 16.89 -116.48 70.81
CA THR P 120 17.49 -117.64 71.46
C THR P 120 17.54 -118.87 70.57
N ALA P 121 17.18 -118.72 69.29
CA ALA P 121 17.21 -119.85 68.37
C ALA P 121 18.64 -120.34 68.17
N ALA P 122 18.78 -121.65 67.98
CA ALA P 122 20.10 -122.28 67.87
C ALA P 122 20.54 -122.25 66.40
N ILE P 123 21.46 -121.34 66.10
CA ILE P 123 22.05 -121.20 64.78
C ILE P 123 23.48 -121.72 64.82
N VAL P 124 23.85 -122.53 63.83
CA VAL P 124 25.17 -123.13 63.77
C VAL P 124 25.81 -122.80 62.42
N SER P 125 27.14 -122.86 62.40
CA SER P 125 27.90 -122.53 61.20
C SER P 125 28.28 -123.78 60.42
N SER P 126 28.80 -123.58 59.22
CA SER P 126 29.22 -124.69 58.39
C SER P 126 30.48 -125.37 58.93
N ASP P 127 31.31 -124.65 59.67
CA ASP P 127 32.52 -125.22 60.23
C ASP P 127 32.18 -126.18 61.36
N THR P 128 33.05 -127.15 61.58
CA THR P 128 32.87 -128.16 62.62
C THR P 128 33.93 -128.00 63.70
N THR P 129 33.87 -128.89 64.69
CA THR P 129 34.83 -128.89 65.78
C THR P 129 35.55 -130.23 65.89
N ALA Q 1 42.90 -141.03 27.09
CA ALA Q 1 41.54 -140.74 27.51
C ALA Q 1 41.39 -139.26 27.85
N ASN Q 2 41.09 -138.47 26.82
CA ASN Q 2 40.92 -137.03 27.02
C ASN Q 2 39.64 -136.74 27.78
N LYS Q 3 39.66 -135.67 28.56
CA LYS Q 3 38.50 -135.29 29.36
C LYS Q 3 37.36 -134.86 28.45
N PRO Q 4 36.15 -135.36 28.65
CA PRO Q 4 35.02 -134.95 27.80
C PRO Q 4 34.49 -133.59 28.21
N MET Q 5 33.81 -132.94 27.27
CA MET Q 5 33.15 -131.67 27.51
C MET Q 5 31.64 -131.83 27.43
N GLN Q 6 30.93 -130.86 27.99
CA GLN Q 6 29.49 -130.78 27.93
C GLN Q 6 29.05 -129.40 27.46
N PRO Q 7 27.92 -129.29 26.76
CA PRO Q 7 27.48 -127.96 26.29
C PRO Q 7 26.98 -127.12 27.45
N ILE Q 8 27.38 -125.85 27.45
CA ILE Q 8 27.02 -124.91 28.51
C ILE Q 8 26.05 -123.85 28.00
N THR Q 9 26.28 -123.33 26.81
CA THR Q 9 25.35 -122.43 26.14
C THR Q 9 24.92 -123.04 24.83
N SER Q 10 23.61 -123.09 24.60
CA SER Q 10 23.06 -123.83 23.47
C SER Q 10 22.21 -122.90 22.62
N THR Q 11 22.61 -122.74 21.36
CA THR Q 11 21.83 -122.04 20.35
C THR Q 11 22.13 -122.67 19.00
N ALA Q 12 21.13 -122.72 18.13
CA ALA Q 12 21.35 -123.28 16.80
C ALA Q 12 22.36 -122.46 16.02
N ASN Q 13 22.41 -121.15 16.28
CA ASN Q 13 23.43 -120.32 15.65
C ASN Q 13 24.83 -120.65 16.15
N LYS Q 14 24.99 -120.91 17.45
CA LYS Q 14 26.29 -121.20 18.02
C LYS Q 14 26.13 -122.05 19.28
N ILE Q 15 27.00 -123.04 19.44
CA ILE Q 15 27.08 -123.86 20.64
C ILE Q 15 28.50 -123.83 21.15
N VAL Q 16 28.66 -123.59 22.44
CA VAL Q 16 29.98 -123.54 23.08
C VAL Q 16 30.06 -124.66 24.11
N TRP Q 17 31.15 -125.42 24.06
CA TRP Q 17 31.41 -126.50 24.99
C TRP Q 17 32.36 -126.02 26.08
N SER Q 18 32.36 -126.71 27.21
CA SER Q 18 33.21 -126.34 28.32
C SER Q 18 33.63 -127.58 29.08
N ASP Q 19 34.77 -127.47 29.75
CA ASP Q 19 35.29 -128.57 30.57
C ASP Q 19 34.77 -128.42 31.99
N PRO Q 20 34.01 -129.39 32.52
CA PRO Q 20 33.49 -129.24 33.87
C PRO Q 20 34.56 -129.12 34.95
N THR Q 21 35.77 -129.63 34.72
CA THR Q 21 36.83 -129.51 35.70
C THR Q 21 37.64 -128.23 35.54
N ARG Q 22 37.73 -127.68 34.33
CA ARG Q 22 38.40 -126.40 34.10
C ARG Q 22 37.50 -125.58 33.19
N LEU Q 23 36.70 -124.70 33.79
CA LEU Q 23 35.69 -123.96 33.03
C LEU Q 23 36.30 -122.96 32.05
N SER Q 24 37.61 -122.69 32.16
CA SER Q 24 38.24 -121.75 31.24
C SER Q 24 38.51 -122.36 29.86
N THR Q 25 38.38 -123.69 29.72
CA THR Q 25 38.57 -124.36 28.44
C THR Q 25 37.24 -124.41 27.70
N THR Q 26 37.16 -123.70 26.58
CA THR Q 26 35.95 -123.60 25.80
C THR Q 26 36.20 -123.95 24.35
N PHE Q 27 35.18 -124.50 23.70
CA PHE Q 27 35.21 -124.77 22.27
C PHE Q 27 33.85 -124.39 21.70
N SER Q 28 33.84 -123.38 20.83
CA SER Q 28 32.60 -122.82 20.29
C SER Q 28 32.55 -123.02 18.79
N ALA Q 29 31.38 -123.43 18.31
CA ALA Q 29 31.14 -123.63 16.88
C ALA Q 29 29.91 -122.82 16.48
N SER Q 30 30.09 -121.87 15.57
CA SER Q 30 29.01 -121.01 15.09
C SER Q 30 28.91 -121.17 13.58
N LEU Q 31 27.70 -121.43 13.09
CA LEU Q 31 27.47 -121.61 11.67
C LEU Q 31 26.59 -120.47 11.17
N LEU Q 32 26.96 -119.88 10.04
CA LEU Q 32 26.18 -118.84 9.39
C LEU Q 32 25.88 -119.27 7.97
N ARG Q 33 24.61 -119.28 7.59
CA ARG Q 33 24.17 -119.75 6.29
C ARG Q 33 23.46 -118.65 5.54
N GLN Q 34 23.82 -118.47 4.27
CA GLN Q 34 23.22 -117.45 3.41
C GLN Q 34 22.99 -118.06 2.03
N ARG Q 35 22.00 -117.54 1.32
CA ARG Q 35 21.66 -118.03 -0.02
C ARG Q 35 22.36 -117.13 -1.03
N VAL Q 36 23.65 -117.35 -1.21
CA VAL Q 36 24.45 -116.59 -2.18
C VAL Q 36 24.48 -117.36 -3.49
N LYS Q 37 23.80 -116.85 -4.51
CA LYS Q 37 23.66 -117.58 -5.75
C LYS Q 37 24.60 -117.03 -6.82
N VAL Q 38 25.31 -117.94 -7.48
CA VAL Q 38 26.10 -117.60 -8.66
C VAL Q 38 25.14 -117.59 -9.85
N GLY Q 39 25.62 -117.10 -10.99
CA GLY Q 39 24.78 -116.99 -12.17
C GLY Q 39 24.03 -118.25 -12.55
N ILE Q 40 22.74 -118.11 -12.80
CA ILE Q 40 21.82 -119.17 -13.22
C ILE Q 40 21.98 -120.44 -12.40
N ALA Q 41 22.33 -120.29 -11.12
CA ALA Q 41 22.47 -121.43 -10.23
C ALA Q 41 22.07 -121.01 -8.82
N GLU Q 42 21.72 -122.01 -8.01
CA GLU Q 42 21.35 -121.81 -6.62
C GLU Q 42 22.36 -122.53 -5.74
N LEU Q 43 22.89 -121.81 -4.75
CA LEU Q 43 23.92 -122.36 -3.87
C LEU Q 43 23.67 -121.91 -2.44
N ASN Q 44 23.82 -122.82 -1.50
CA ASN Q 44 23.75 -122.51 -0.07
C ASN Q 44 25.12 -122.74 0.55
N ASN Q 45 25.70 -121.69 1.11
CA ASN Q 45 27.02 -121.76 1.73
C ASN Q 45 26.91 -121.66 3.23
N VAL Q 46 27.84 -122.29 3.93
CA VAL Q 46 27.86 -122.34 5.39
C VAL Q 46 29.23 -121.90 5.84
N SER Q 47 29.31 -120.71 6.44
CA SER Q 47 30.55 -120.21 7.01
C SER Q 47 30.66 -120.69 8.45
N GLY Q 48 31.44 -121.75 8.66
CA GLY Q 48 31.51 -122.36 9.97
C GLY Q 48 32.72 -121.94 10.77
N GLN Q 49 32.49 -121.21 11.87
CA GLN Q 49 33.56 -120.65 12.68
C GLN Q 49 33.72 -121.50 13.93
N TYR Q 50 34.93 -121.99 14.15
CA TYR Q 50 35.25 -122.84 15.29
C TYR Q 50 36.37 -122.18 16.08
N VAL Q 51 36.14 -121.98 17.38
CA VAL Q 51 37.09 -121.30 18.26
C VAL Q 51 37.41 -122.21 19.43
N SER Q 52 38.71 -122.45 19.66
CA SER Q 52 39.18 -123.22 20.80
C SER Q 52 40.04 -122.33 21.68
N VAL Q 53 39.70 -122.27 22.97
CA VAL Q 53 40.34 -121.37 23.91
C VAL Q 53 40.82 -122.17 25.11
N TYR Q 54 42.09 -122.01 25.45
CA TYR Q 54 42.69 -122.61 26.64
C TYR Q 54 43.57 -121.58 27.32
N LYS Q 55 43.52 -121.55 28.64
CA LYS Q 55 44.35 -120.66 29.44
C LYS Q 55 45.38 -121.49 30.20
N ARG Q 56 46.61 -121.50 29.69
CA ARG Q 56 47.68 -122.31 30.25
C ARG Q 56 48.66 -121.42 31.00
N PRO Q 57 49.01 -121.74 32.23
CA PRO Q 57 49.94 -120.89 32.99
C PRO Q 57 51.30 -120.79 32.33
N ALA Q 58 51.96 -119.67 32.58
CA ALA Q 58 53.26 -119.40 31.98
C ALA Q 58 54.28 -120.44 32.45
N PRO Q 59 55.32 -120.70 31.64
CA PRO Q 59 56.25 -121.79 32.00
C PRO Q 59 57.08 -121.50 33.24
N LYS Q 60 57.20 -122.50 34.11
CA LYS Q 60 57.97 -122.40 35.35
C LYS Q 60 59.46 -122.36 35.06
N PRO Q 61 60.25 -121.75 35.94
CA PRO Q 61 61.71 -121.75 35.75
C PRO Q 61 62.27 -123.17 35.65
N GLU Q 62 63.29 -123.35 34.80
CA GLU Q 62 63.80 -124.70 34.54
C GLU Q 62 64.37 -125.34 35.80
N GLY Q 63 65.09 -124.57 36.61
CA GLY Q 63 65.64 -125.11 37.83
C GLY Q 63 64.72 -124.90 39.02
N CYS Q 64 63.48 -125.35 38.91
CA CYS Q 64 62.49 -125.18 39.96
C CYS Q 64 61.88 -126.52 40.33
N ALA Q 65 61.94 -126.86 41.62
CA ALA Q 65 61.26 -128.01 42.16
C ALA Q 65 60.28 -127.63 43.27
N ASP Q 66 59.95 -126.35 43.40
CA ASP Q 66 59.05 -125.90 44.46
C ASP Q 66 57.67 -126.51 44.27
N ALA Q 67 57.00 -126.81 45.38
CA ALA Q 67 55.71 -127.48 45.36
C ALA Q 67 54.66 -126.65 44.63
N CYS Q 68 54.37 -125.45 45.14
CA CYS Q 68 53.28 -124.63 44.60
C CYS Q 68 53.72 -123.18 44.48
N VAL Q 69 54.01 -122.77 43.25
CA VAL Q 69 54.20 -121.37 42.89
C VAL Q 69 53.42 -121.13 41.60
N ILE Q 70 52.30 -120.42 41.70
CA ILE Q 70 51.35 -120.31 40.60
C ILE Q 70 51.52 -118.96 39.93
N MET Q 71 51.59 -118.96 38.60
CA MET Q 71 51.78 -117.78 37.77
C MET Q 71 50.54 -117.51 36.93
N PRO Q 72 50.30 -116.28 36.51
CA PRO Q 72 49.09 -115.97 35.77
C PRO Q 72 49.07 -116.66 34.40
N ASN Q 73 47.86 -116.84 33.90
CA ASN Q 73 47.63 -117.63 32.69
C ASN Q 73 47.79 -116.77 31.44
N GLU Q 74 48.10 -117.44 30.34
CA GLU Q 74 48.20 -116.80 29.03
C GLU Q 74 47.10 -117.36 28.14
N ASN Q 75 46.65 -116.57 27.18
CA ASN Q 75 45.54 -116.97 26.33
C ASN Q 75 46.07 -117.72 25.10
N GLN Q 76 45.61 -118.95 24.92
CA GLN Q 76 45.95 -119.77 23.76
C GLN Q 76 44.67 -119.95 22.94
N SER Q 77 44.67 -119.43 21.73
CA SER Q 77 43.47 -119.42 20.89
C SER Q 77 43.79 -120.04 19.54
N ILE Q 78 42.87 -120.88 19.06
CA ILE Q 78 42.94 -121.45 17.72
C ILE Q 78 41.57 -121.25 17.07
N ARG Q 79 41.54 -120.51 15.97
CA ARG Q 79 40.30 -120.11 15.34
C ARG Q 79 40.33 -120.48 13.86
N THR Q 80 39.36 -121.28 13.43
CA THR Q 80 39.24 -121.71 12.05
C THR Q 80 37.83 -121.45 11.55
N VAL Q 81 37.71 -120.86 10.36
CA VAL Q 81 36.42 -120.65 9.72
C VAL Q 81 36.46 -121.33 8.36
N ILE Q 82 35.43 -122.12 8.05
CA ILE Q 82 35.33 -122.84 6.79
C ILE Q 82 34.11 -122.31 6.05
N SER Q 83 34.33 -121.87 4.81
CA SER Q 83 33.27 -121.28 4.00
C SER Q 83 33.20 -122.01 2.67
N GLY Q 84 32.00 -122.44 2.30
CA GLY Q 84 31.80 -123.12 1.03
C GLY Q 84 30.38 -123.60 0.84
N SER Q 85 30.02 -123.92 -0.41
CA SER Q 85 28.67 -124.36 -0.70
C SER Q 85 28.42 -125.75 -0.14
N ALA Q 86 27.16 -126.03 0.19
CA ALA Q 86 26.80 -127.35 0.71
C ALA Q 86 26.91 -128.42 -0.35
N GLU Q 87 26.80 -128.04 -1.63
CA GLU Q 87 26.82 -129.02 -2.71
C GLU Q 87 28.19 -129.67 -2.85
N ASN Q 88 29.25 -128.92 -2.55
CA ASN Q 88 30.63 -129.39 -2.73
C ASN Q 88 31.24 -129.89 -1.43
N LEU Q 89 30.46 -130.57 -0.59
CA LEU Q 89 30.91 -130.91 0.75
C LEU Q 89 32.08 -131.89 0.73
N ALA Q 90 32.04 -132.89 -0.16
CA ALA Q 90 33.08 -133.91 -0.17
C ALA Q 90 34.43 -133.32 -0.60
N THR Q 91 34.43 -132.57 -1.68
CA THR Q 91 35.67 -131.94 -2.12
C THR Q 91 36.13 -130.85 -1.15
N LEU Q 92 35.20 -130.21 -0.44
CA LEU Q 92 35.60 -129.26 0.59
C LEU Q 92 36.24 -129.99 1.77
N LYS Q 93 35.78 -131.20 2.08
CA LYS Q 93 36.43 -132.02 3.09
C LYS Q 93 37.84 -132.40 2.65
N ALA Q 94 38.01 -132.72 1.36
CA ALA Q 94 39.35 -132.95 0.83
C ALA Q 94 40.24 -131.72 0.99
N GLU Q 95 39.67 -130.54 0.72
CA GLU Q 95 40.39 -129.29 0.95
C GLU Q 95 40.77 -129.14 2.42
N TRP Q 96 39.87 -129.53 3.32
CA TRP Q 96 40.17 -129.47 4.75
C TRP Q 96 41.33 -130.39 5.11
N GLU Q 97 41.35 -131.58 4.52
CA GLU Q 97 42.45 -132.52 4.78
C GLU Q 97 43.79 -131.96 4.30
N THR Q 98 43.81 -131.41 3.08
CA THR Q 98 45.08 -130.87 2.57
C THR Q 98 45.49 -129.63 3.36
N HIS Q 99 44.53 -128.83 3.82
CA HIS Q 99 44.83 -127.71 4.71
C HIS Q 99 45.46 -128.21 6.00
N LYS Q 100 44.93 -129.28 6.57
CA LYS Q 100 45.52 -129.88 7.76
C LYS Q 100 46.97 -130.28 7.49
N ARG Q 101 47.22 -130.94 6.37
CA ARG Q 101 48.56 -131.40 6.06
C ARG Q 101 49.53 -130.23 5.92
N ASN Q 102 49.10 -129.18 5.21
CA ASN Q 102 49.98 -128.03 5.01
C ASN Q 102 50.26 -127.31 6.32
N VAL Q 103 49.24 -127.10 7.14
CA VAL Q 103 49.44 -126.41 8.41
C VAL Q 103 50.33 -127.24 9.33
N ASP Q 104 50.16 -128.57 9.30
CA ASP Q 104 51.03 -129.44 10.08
C ASP Q 104 52.48 -129.31 9.62
N THR Q 105 52.71 -129.30 8.31
CA THR Q 105 54.06 -129.17 7.79
C THR Q 105 54.69 -127.85 8.23
N LEU Q 106 53.93 -126.76 8.17
CA LEU Q 106 54.49 -125.46 8.51
C LEU Q 106 54.67 -125.27 10.02
N PHE Q 107 53.73 -125.74 10.83
CA PHE Q 107 53.66 -125.45 12.25
C PHE Q 107 54.16 -126.60 13.12
N ALA Q 108 53.55 -127.79 12.98
CA ALA Q 108 53.84 -128.88 13.88
C ALA Q 108 55.28 -129.38 13.72
N SER Q 109 55.75 -129.48 12.48
CA SER Q 109 57.09 -129.97 12.21
C SER Q 109 58.09 -128.86 11.91
N GLY Q 110 57.63 -127.62 11.75
CA GLY Q 110 58.50 -126.51 11.46
C GLY Q 110 58.73 -125.62 12.67
N ASN Q 111 59.05 -124.36 12.38
CA ASN Q 111 59.31 -123.35 13.40
C ASN Q 111 58.39 -122.14 13.27
N ALA Q 112 57.27 -122.29 12.57
CA ALA Q 112 56.32 -121.19 12.44
C ALA Q 112 55.73 -120.80 13.80
N GLY Q 113 55.61 -121.77 14.71
CA GLY Q 113 55.17 -121.46 16.06
C GLY Q 113 56.13 -120.56 16.81
N LEU Q 114 57.43 -120.77 16.64
CA LEU Q 114 58.44 -119.90 17.23
C LEU Q 114 58.58 -118.59 16.48
N GLY Q 115 58.19 -118.55 15.20
CA GLY Q 115 58.21 -117.32 14.45
C GLY Q 115 59.12 -117.32 13.23
N PHE Q 116 59.43 -118.48 12.68
CA PHE Q 116 60.28 -118.58 11.49
C PHE Q 116 59.50 -119.26 10.36
N LEU Q 117 59.52 -118.65 9.19
CA LEU Q 117 58.91 -119.20 7.99
C LEU Q 117 59.98 -119.77 7.08
N ASP Q 118 59.75 -121.00 6.59
CA ASP Q 118 60.70 -121.65 5.72
C ASP Q 118 60.17 -121.62 4.30
N PRO Q 119 60.79 -120.85 3.38
CA PRO Q 119 60.31 -120.84 1.98
C PRO Q 119 60.48 -122.17 1.27
N THR Q 120 61.18 -123.14 1.85
CA THR Q 120 61.40 -124.42 1.22
C THR Q 120 60.49 -125.52 1.76
N ALA Q 121 59.43 -125.17 2.47
CA ALA Q 121 58.52 -126.16 3.02
C ALA Q 121 57.80 -126.91 1.90
N ALA Q 122 57.49 -128.17 2.16
CA ALA Q 122 56.84 -129.04 1.17
C ALA Q 122 55.33 -128.87 1.29
N ILE Q 123 54.80 -127.84 0.64
CA ILE Q 123 53.37 -127.58 0.61
C ILE Q 123 52.79 -128.28 -0.62
N VAL Q 124 51.65 -128.93 -0.44
CA VAL Q 124 51.05 -129.74 -1.50
C VAL Q 124 49.61 -129.28 -1.73
N SER Q 125 49.10 -129.61 -2.91
CA SER Q 125 47.72 -129.27 -3.27
C SER Q 125 46.79 -130.46 -3.02
N SER Q 126 45.50 -130.19 -3.07
CA SER Q 126 44.51 -131.25 -2.87
C SER Q 126 44.41 -132.18 -4.06
N ASP Q 127 44.57 -131.66 -5.28
CA ASP Q 127 44.48 -132.50 -6.46
C ASP Q 127 45.64 -133.48 -6.51
N THR Q 128 45.36 -134.68 -7.00
CA THR Q 128 46.34 -135.74 -7.13
C THR Q 128 46.67 -135.99 -8.59
N THR Q 129 47.93 -136.35 -8.84
CA THR Q 129 48.39 -136.60 -10.20
C THR Q 129 47.78 -137.90 -10.74
N ALA R 1 10.68 -146.16 5.61
CA ALA R 1 11.93 -145.61 6.12
C ALA R 1 12.20 -144.24 5.52
N ASN R 2 11.41 -143.25 5.95
CA ASN R 2 11.57 -141.90 5.42
C ASN R 2 12.78 -141.22 6.03
N LYS R 3 13.27 -140.18 5.36
CA LYS R 3 14.49 -139.51 5.80
C LYS R 3 14.20 -138.59 6.99
N PRO R 4 14.91 -138.74 8.09
CA PRO R 4 14.74 -137.82 9.23
C PRO R 4 15.37 -136.47 8.96
N MET R 5 15.01 -135.48 9.80
CA MET R 5 15.64 -134.17 9.76
C MET R 5 16.43 -133.94 11.04
N GLN R 6 17.17 -132.83 11.05
CA GLN R 6 17.84 -132.25 12.19
C GLN R 6 17.47 -130.78 12.33
N PRO R 7 17.48 -130.23 13.54
CA PRO R 7 17.05 -128.84 13.72
C PRO R 7 18.07 -127.82 13.25
N ILE R 8 17.66 -126.91 12.37
CA ILE R 8 18.54 -125.83 11.95
C ILE R 8 18.39 -124.58 12.80
N THR R 9 17.25 -124.41 13.46
CA THR R 9 17.00 -123.26 14.32
C THR R 9 16.32 -123.75 15.59
N SER R 10 16.90 -123.42 16.73
CA SER R 10 16.37 -123.84 18.03
C SER R 10 16.13 -122.61 18.88
N THR R 11 14.90 -122.46 19.36
CA THR R 11 14.49 -121.32 20.17
C THR R 11 13.41 -121.80 21.12
N ALA R 12 13.29 -121.13 22.27
CA ALA R 12 12.31 -121.53 23.27
C ALA R 12 10.89 -121.43 22.73
N ASN R 13 10.68 -120.69 21.64
CA ASN R 13 9.36 -120.53 21.05
C ASN R 13 9.24 -121.06 19.64
N LYS R 14 10.33 -121.49 19.01
CA LYS R 14 10.27 -121.95 17.62
C LYS R 14 11.45 -122.87 17.34
N ILE R 15 11.17 -124.01 16.71
CA ILE R 15 12.19 -124.94 16.24
C ILE R 15 11.94 -125.24 14.77
N VAL R 16 12.98 -125.15 13.96
CA VAL R 16 12.89 -125.37 12.52
C VAL R 16 13.75 -126.57 12.16
N TRP R 17 13.15 -127.54 11.47
CA TRP R 17 13.86 -128.71 10.98
C TRP R 17 14.16 -128.55 9.49
N SER R 18 15.13 -129.32 9.00
CA SER R 18 15.49 -129.29 7.59
C SER R 18 16.23 -130.57 7.24
N ASP R 19 15.97 -131.08 6.03
CA ASP R 19 16.56 -132.35 5.61
C ASP R 19 18.00 -132.14 5.17
N PRO R 20 18.93 -132.98 5.65
CA PRO R 20 20.33 -132.86 5.19
C PRO R 20 20.49 -132.97 3.69
N THR R 21 19.71 -133.85 3.04
CA THR R 21 19.85 -134.03 1.60
C THR R 21 19.28 -132.83 0.84
N ARG R 22 18.10 -132.37 1.23
CA ARG R 22 17.46 -131.22 0.58
C ARG R 22 17.17 -130.17 1.62
N LEU R 23 17.84 -129.02 1.51
CA LEU R 23 17.67 -127.96 2.49
C LEU R 23 16.40 -127.17 2.23
N SER R 24 15.79 -127.37 1.05
CA SER R 24 14.59 -126.63 0.68
C SER R 24 13.38 -127.10 1.48
N THR R 25 13.41 -128.34 1.95
CA THR R 25 12.28 -128.90 2.68
C THR R 25 12.46 -128.69 4.17
N THR R 26 11.63 -127.83 4.75
CA THR R 26 11.72 -127.49 6.17
C THR R 26 10.36 -127.65 6.83
N PHE R 27 10.39 -127.98 8.12
CA PHE R 27 9.19 -128.12 8.93
C PHE R 27 9.45 -127.46 10.28
N SER R 28 8.71 -126.41 10.59
CA SER R 28 8.93 -125.64 11.80
C SER R 28 7.65 -125.55 12.62
N ALA R 29 7.81 -125.57 13.94
CA ALA R 29 6.70 -125.48 14.88
C ALA R 29 6.93 -124.29 15.80
N SER R 30 5.90 -123.47 15.97
CA SER R 30 5.97 -122.29 16.83
C SER R 30 4.80 -122.32 17.80
N LEU R 31 5.05 -122.01 19.06
CA LEU R 31 4.03 -122.01 20.09
C LEU R 31 3.89 -120.62 20.68
N LEU R 32 2.64 -120.21 20.89
CA LEU R 32 2.32 -118.96 21.56
C LEU R 32 1.53 -119.28 22.83
N ARG R 33 2.02 -118.81 23.96
CA ARG R 33 1.44 -119.11 25.26
C ARG R 33 0.87 -117.85 25.88
N GLN R 34 -0.42 -117.88 26.22
CA GLN R 34 -1.11 -116.74 26.80
C GLN R 34 -2.07 -117.21 27.87
N ARG R 35 -2.32 -116.33 28.83
CA ARG R 35 -3.35 -116.59 29.84
C ARG R 35 -4.66 -115.93 29.40
N VAL R 36 -5.71 -116.73 29.32
CA VAL R 36 -7.01 -116.28 28.84
C VAL R 36 -7.91 -116.04 30.03
N LYS R 37 -8.48 -114.85 30.11
CA LYS R 37 -9.39 -114.46 31.18
C LYS R 37 -10.80 -114.85 30.80
N VAL R 38 -11.33 -115.89 31.45
CA VAL R 38 -12.70 -116.33 31.28
C VAL R 38 -13.41 -116.18 32.62
N GLY R 39 -14.69 -115.85 32.56
CA GLY R 39 -15.48 -115.62 33.76
C GLY R 39 -15.27 -116.66 34.85
N ILE R 40 -14.99 -116.17 36.06
CA ILE R 40 -14.68 -116.98 37.25
C ILE R 40 -13.76 -118.14 36.92
N ALA R 41 -12.77 -117.90 36.07
CA ALA R 41 -11.80 -118.93 35.71
C ALA R 41 -10.50 -118.28 35.29
N GLU R 42 -9.40 -119.01 35.46
CA GLU R 42 -8.08 -118.55 35.02
C GLU R 42 -7.38 -119.72 34.33
N LEU R 43 -7.56 -119.82 33.02
CA LEU R 43 -6.99 -120.89 32.22
C LEU R 43 -6.16 -120.30 31.09
N ASN R 44 -5.09 -121.01 30.73
CA ASN R 44 -4.07 -120.50 29.82
C ASN R 44 -4.12 -121.30 28.52
N ASN R 45 -4.20 -120.58 27.39
CA ASN R 45 -4.29 -121.22 26.09
C ASN R 45 -2.90 -121.38 25.48
N VAL R 46 -2.76 -122.38 24.62
CA VAL R 46 -1.53 -122.61 23.87
C VAL R 46 -1.90 -122.72 22.40
N SER R 47 -1.33 -121.85 21.58
CA SER R 47 -1.58 -121.84 20.14
C SER R 47 -0.33 -122.32 19.42
N GLY R 48 -0.47 -123.39 18.65
CA GLY R 48 0.66 -123.96 17.96
C GLY R 48 0.55 -123.91 16.45
N GLN R 49 1.56 -123.36 15.79
CA GLN R 49 1.58 -123.22 14.34
C GLN R 49 2.63 -124.18 13.78
N TYR R 50 2.20 -125.06 12.88
CA TYR R 50 3.07 -126.03 12.23
C TYR R 50 2.99 -125.83 10.73
N VAL R 51 4.14 -125.64 10.09
CA VAL R 51 4.20 -125.41 8.65
C VAL R 51 5.14 -126.42 8.02
N SER R 52 4.72 -127.01 6.91
CA SER R 52 5.56 -127.91 6.13
C SER R 52 5.65 -127.40 4.70
N VAL R 53 6.87 -127.27 4.20
CA VAL R 53 7.10 -126.76 2.85
C VAL R 53 8.01 -127.71 2.10
N TYR R 54 7.63 -128.03 0.87
CA TYR R 54 8.44 -128.84 -0.03
C TYR R 54 8.52 -128.12 -1.36
N LYS R 55 9.74 -127.98 -1.89
CA LYS R 55 9.96 -127.21 -3.11
C LYS R 55 10.03 -128.18 -4.29
N ARG R 56 8.87 -128.77 -4.59
CA ARG R 56 8.79 -129.79 -5.61
C ARG R 56 8.98 -129.20 -7.00
N PRO R 57 9.72 -129.88 -7.88
CA PRO R 57 9.89 -129.37 -9.25
C PRO R 57 8.58 -129.38 -10.03
N ALA R 58 8.52 -128.47 -11.00
CA ALA R 58 7.38 -128.43 -11.90
C ALA R 58 7.32 -129.72 -12.72
N PRO R 59 6.14 -130.16 -13.16
CA PRO R 59 6.06 -131.47 -13.79
C PRO R 59 6.72 -131.50 -15.17
N LYS R 60 7.36 -132.63 -15.47
CA LYS R 60 8.14 -132.76 -16.69
C LYS R 60 7.23 -132.77 -17.90
N PRO R 61 7.65 -132.19 -19.02
CA PRO R 61 6.90 -132.32 -20.27
C PRO R 61 6.82 -133.77 -20.73
N GLU R 62 5.78 -134.10 -21.47
CA GLU R 62 5.48 -135.49 -21.83
C GLU R 62 6.22 -135.86 -23.10
N GLY R 63 6.75 -137.09 -23.12
CA GLY R 63 7.33 -137.67 -24.32
C GLY R 63 8.78 -137.30 -24.59
N CYS R 64 9.37 -136.41 -23.81
CA CYS R 64 10.76 -135.99 -24.02
C CYS R 64 11.50 -136.04 -22.69
N ALA R 65 12.63 -136.74 -22.67
CA ALA R 65 13.46 -136.84 -21.48
C ALA R 65 14.73 -136.03 -21.69
N ASP R 66 14.79 -134.85 -21.07
CA ASP R 66 15.96 -133.99 -21.21
C ASP R 66 17.17 -134.65 -20.55
N ALA R 67 18.35 -134.26 -21.05
CA ALA R 67 19.59 -134.81 -20.52
C ALA R 67 19.77 -134.45 -19.04
N CYS R 68 19.47 -133.21 -18.68
CA CYS R 68 19.63 -132.74 -17.31
C CYS R 68 18.38 -131.97 -16.88
N VAL R 69 18.08 -132.04 -15.59
CA VAL R 69 16.87 -131.42 -15.06
C VAL R 69 17.03 -129.90 -15.05
N ILE R 70 16.04 -129.21 -15.62
CA ILE R 70 16.05 -127.75 -15.68
C ILE R 70 14.70 -127.22 -15.22
N MET R 71 13.98 -128.01 -14.44
CA MET R 71 12.60 -127.68 -14.09
C MET R 71 12.56 -126.48 -13.14
N PRO R 72 11.69 -125.50 -13.38
CA PRO R 72 11.54 -124.37 -12.45
C PRO R 72 10.64 -124.71 -11.29
N ASN R 73 11.21 -125.31 -10.24
CA ASN R 73 10.47 -125.84 -9.10
C ASN R 73 9.48 -124.86 -8.47
N GLU R 74 8.46 -125.40 -7.80
CA GLU R 74 7.35 -124.64 -7.24
C GLU R 74 7.33 -124.79 -5.73
N ASN R 75 6.30 -124.19 -5.12
CA ASN R 75 6.18 -124.18 -3.66
C ASN R 75 4.94 -124.97 -3.25
N GLN R 76 5.13 -125.92 -2.32
CA GLN R 76 4.04 -126.69 -1.73
C GLN R 76 4.06 -126.43 -0.23
N SER R 77 2.91 -126.03 0.32
CA SER R 77 2.82 -125.64 1.71
C SER R 77 1.63 -126.30 2.40
N ILE R 78 1.83 -126.69 3.66
CA ILE R 78 0.78 -127.21 4.51
C ILE R 78 0.94 -126.56 5.88
N ARG R 79 0.02 -125.67 6.24
CA ARG R 79 0.10 -124.89 7.46
C ARG R 79 -1.11 -125.18 8.33
N THR R 80 -0.88 -125.61 9.57
CA THR R 80 -1.94 -125.91 10.52
C THR R 80 -1.72 -125.11 11.80
N VAL R 81 -2.82 -124.72 12.43
CA VAL R 81 -2.79 -123.98 13.69
C VAL R 81 -3.77 -124.64 14.65
N ILE R 82 -3.27 -125.04 15.81
CA ILE R 82 -4.07 -125.67 16.85
C ILE R 82 -4.07 -124.76 18.06
N SER R 83 -5.25 -124.28 18.44
CA SER R 83 -5.40 -123.36 19.57
C SER R 83 -6.42 -123.93 20.53
N GLY R 84 -6.06 -123.96 21.81
CA GLY R 84 -6.96 -124.47 22.82
C GLY R 84 -6.28 -124.48 24.17
N SER R 85 -7.12 -124.53 25.21
CA SER R 85 -6.62 -124.52 26.57
C SER R 85 -5.93 -125.83 26.90
N ALA R 86 -4.86 -125.75 27.69
CA ALA R 86 -4.13 -126.96 28.07
C ALA R 86 -4.91 -127.82 29.05
N GLU R 87 -5.93 -127.24 29.69
CA GLU R 87 -6.74 -128.01 30.64
C GLU R 87 -7.54 -129.08 29.91
N ASN R 88 -7.91 -128.83 28.66
CA ASN R 88 -8.72 -129.73 27.85
C ASN R 88 -7.89 -130.46 26.79
N LEU R 89 -6.70 -130.93 27.15
CA LEU R 89 -5.79 -131.50 26.17
C LEU R 89 -6.36 -132.76 25.52
N ALA R 90 -7.03 -133.61 26.30
CA ALA R 90 -7.62 -134.81 25.73
C ALA R 90 -8.69 -134.47 24.71
N THR R 91 -9.54 -133.49 25.04
CA THR R 91 -10.54 -133.00 24.10
C THR R 91 -9.89 -132.42 22.85
N LEU R 92 -8.80 -131.67 23.00
CA LEU R 92 -8.13 -131.10 21.84
C LEU R 92 -7.55 -132.20 20.95
N LYS R 93 -7.03 -133.26 21.56
CA LYS R 93 -6.53 -134.38 20.77
C LYS R 93 -7.64 -135.11 20.03
N ALA R 94 -8.79 -135.28 20.68
CA ALA R 94 -9.94 -135.87 19.99
C ALA R 94 -10.40 -134.99 18.83
N GLU R 95 -10.40 -133.67 19.03
CA GLU R 95 -10.73 -132.73 17.97
C GLU R 95 -9.73 -132.84 16.82
N TRP R 96 -8.45 -133.02 17.15
CA TRP R 96 -7.43 -133.19 16.10
C TRP R 96 -7.68 -134.44 15.30
N GLU R 97 -8.03 -135.54 15.98
CA GLU R 97 -8.34 -136.78 15.26
C GLU R 97 -9.52 -136.60 14.33
N THR R 98 -10.59 -135.97 14.82
CA THR R 98 -11.77 -135.75 13.98
C THR R 98 -11.45 -134.82 12.82
N HIS R 99 -10.64 -133.80 13.05
CA HIS R 99 -10.24 -132.88 11.99
C HIS R 99 -9.44 -133.59 10.92
N LYS R 100 -8.51 -134.46 11.33
CA LYS R 100 -7.75 -135.24 10.37
C LYS R 100 -8.68 -136.13 9.54
N ARG R 101 -9.65 -136.76 10.21
CA ARG R 101 -10.59 -137.62 9.48
C ARG R 101 -11.38 -136.83 8.46
N ASN R 102 -11.89 -135.65 8.85
CA ASN R 102 -12.68 -134.83 7.93
C ASN R 102 -11.84 -134.33 6.76
N VAL R 103 -10.62 -133.88 7.03
CA VAL R 103 -9.77 -133.38 5.97
C VAL R 103 -9.38 -134.50 5.02
N ASP R 104 -9.16 -135.70 5.55
CA ASP R 104 -8.88 -136.85 4.70
C ASP R 104 -10.08 -137.19 3.83
N THR R 105 -11.28 -137.11 4.40
CA THR R 105 -12.49 -137.39 3.63
C THR R 105 -12.66 -136.39 2.49
N LEU R 106 -12.42 -135.12 2.75
CA LEU R 106 -12.60 -134.11 1.71
C LEU R 106 -11.48 -134.12 0.69
N PHE R 107 -10.24 -134.38 1.13
CA PHE R 107 -9.05 -134.16 0.32
C PHE R 107 -8.33 -135.45 -0.07
N ALA R 108 -7.99 -136.29 0.91
CA ALA R 108 -7.20 -137.49 0.61
C ALA R 108 -7.96 -138.45 -0.28
N SER R 109 -9.25 -138.66 0.00
CA SER R 109 -10.08 -139.55 -0.79
C SER R 109 -11.06 -138.81 -1.69
N GLY R 110 -11.08 -137.48 -1.65
CA GLY R 110 -11.97 -136.68 -2.46
C GLY R 110 -11.23 -135.92 -3.53
N ASN R 111 -11.93 -134.96 -4.13
CA ASN R 111 -11.35 -134.16 -5.19
C ASN R 111 -11.24 -132.69 -4.79
N ALA R 112 -11.00 -132.44 -3.50
CA ALA R 112 -10.84 -131.07 -3.04
C ALA R 112 -9.56 -130.45 -3.56
N GLY R 113 -8.53 -131.28 -3.79
CA GLY R 113 -7.28 -130.76 -4.30
C GLY R 113 -7.40 -130.18 -5.69
N LEU R 114 -8.24 -130.80 -6.53
CA LEU R 114 -8.41 -130.31 -7.89
C LEU R 114 -9.37 -129.12 -7.94
N GLY R 115 -10.05 -128.83 -6.84
CA GLY R 115 -10.90 -127.65 -6.76
C GLY R 115 -12.36 -127.91 -6.52
N PHE R 116 -12.76 -129.15 -6.24
CA PHE R 116 -14.17 -129.45 -6.07
C PHE R 116 -14.52 -129.67 -4.60
N LEU R 117 -15.55 -128.95 -4.14
CA LEU R 117 -16.08 -129.10 -2.78
C LEU R 117 -17.35 -129.94 -2.87
N ASP R 118 -17.26 -131.20 -2.48
CA ASP R 118 -18.40 -132.10 -2.56
C ASP R 118 -19.40 -131.77 -1.46
N PRO R 119 -20.65 -131.43 -1.79
CA PRO R 119 -21.64 -131.12 -0.74
C PRO R 119 -22.28 -132.35 -0.12
N THR R 120 -21.98 -133.55 -0.60
CA THR R 120 -22.53 -134.77 -0.03
C THR R 120 -21.51 -135.59 0.75
N ALA R 121 -20.37 -134.99 1.09
CA ALA R 121 -19.32 -135.72 1.80
C ALA R 121 -19.78 -136.11 3.21
N ALA R 122 -19.23 -137.20 3.72
CA ALA R 122 -19.59 -137.72 5.04
C ALA R 122 -18.69 -137.07 6.08
N ILE R 123 -19.10 -135.90 6.55
CA ILE R 123 -18.39 -135.18 7.59
C ILE R 123 -18.97 -135.59 8.94
N VAL R 124 -18.09 -135.82 9.92
CA VAL R 124 -18.49 -136.30 11.23
C VAL R 124 -17.94 -135.36 12.29
N SER R 125 -18.56 -135.39 13.47
CA SER R 125 -18.13 -134.57 14.59
C SER R 125 -17.28 -135.39 15.56
N SER R 126 -16.72 -134.69 16.55
CA SER R 126 -15.93 -135.35 17.58
C SER R 126 -16.82 -136.10 18.58
N ASP R 127 -18.04 -135.63 18.80
CA ASP R 127 -18.95 -136.30 19.72
C ASP R 127 -19.40 -137.63 19.16
N THR R 128 -19.50 -138.63 20.04
CA THR R 128 -19.90 -139.97 19.67
C THR R 128 -21.25 -140.30 20.32
N THR R 129 -22.05 -141.07 19.60
CA THR R 129 -23.35 -141.49 20.08
C THR R 129 -23.21 -142.61 21.11
N ALA S 1 55.93 -38.14 -131.53
CA ALA S 1 56.98 -37.68 -130.62
C ALA S 1 56.37 -37.01 -129.40
N ASN S 2 56.37 -37.72 -128.28
CA ASN S 2 55.82 -37.17 -127.05
C ASN S 2 56.79 -36.15 -126.45
N LYS S 3 56.23 -35.10 -125.85
CA LYS S 3 57.05 -34.03 -125.31
C LYS S 3 57.79 -34.51 -124.08
N PRO S 4 59.12 -34.38 -124.02
CA PRO S 4 59.84 -34.73 -122.80
C PRO S 4 59.39 -33.88 -121.63
N MET S 5 59.35 -34.51 -120.46
CA MET S 5 58.84 -33.88 -119.24
C MET S 5 59.85 -34.04 -118.13
N GLN S 6 60.21 -32.93 -117.49
CA GLN S 6 61.35 -32.90 -116.58
C GLN S 6 60.90 -32.69 -115.15
N PRO S 7 61.68 -33.13 -114.16
CA PRO S 7 61.22 -33.06 -112.76
C PRO S 7 61.29 -31.65 -112.21
N ILE S 8 60.51 -31.41 -111.16
CA ILE S 8 60.58 -30.16 -110.41
C ILE S 8 60.86 -30.38 -108.93
N THR S 9 60.52 -31.55 -108.39
CA THR S 9 60.88 -31.90 -107.02
C THR S 9 61.52 -33.29 -107.03
N SER S 10 62.72 -33.38 -106.47
CA SER S 10 63.48 -34.62 -106.48
C SER S 10 63.86 -34.99 -105.05
N THR S 11 63.56 -36.24 -104.68
CA THR S 11 63.90 -36.77 -103.37
C THR S 11 64.04 -38.28 -103.52
N ALA S 12 64.76 -38.88 -102.56
CA ALA S 12 64.94 -40.32 -102.58
C ALA S 12 63.63 -41.06 -102.38
N ASN S 13 62.62 -40.38 -101.86
CA ASN S 13 61.33 -40.99 -101.57
C ASN S 13 60.22 -40.54 -102.50
N LYS S 14 60.42 -39.46 -103.26
CA LYS S 14 59.37 -38.94 -104.14
C LYS S 14 59.99 -38.06 -105.21
N ILE S 15 59.58 -38.26 -106.45
CA ILE S 15 59.97 -37.42 -107.57
C ILE S 15 58.71 -37.00 -108.32
N VAL S 16 58.59 -35.71 -108.61
CA VAL S 16 57.44 -35.15 -109.29
C VAL S 16 57.90 -34.54 -110.61
N TRP S 17 57.27 -34.96 -111.71
CA TRP S 17 57.57 -34.43 -113.03
C TRP S 17 56.40 -33.56 -113.50
N SER S 18 56.72 -32.43 -114.12
CA SER S 18 55.70 -31.55 -114.68
C SER S 18 56.15 -31.06 -116.05
N ASP S 19 55.19 -30.99 -116.98
CA ASP S 19 55.50 -30.55 -118.33
C ASP S 19 55.81 -29.05 -118.34
N PRO S 20 56.93 -28.64 -118.93
CA PRO S 20 57.26 -27.20 -118.91
C PRO S 20 56.23 -26.33 -119.59
N THR S 21 55.58 -26.81 -120.64
CA THR S 21 54.53 -26.04 -121.30
C THR S 21 53.26 -25.94 -120.47
N ARG S 22 52.88 -27.00 -119.76
CA ARG S 22 51.73 -26.97 -118.86
C ARG S 22 52.09 -27.61 -117.53
N LEU S 23 52.43 -26.79 -116.53
CA LEU S 23 52.86 -27.31 -115.24
C LEU S 23 51.73 -28.01 -114.51
N SER S 24 50.48 -27.81 -114.97
CA SER S 24 49.35 -28.50 -114.38
C SER S 24 49.39 -30.00 -114.62
N THR S 25 50.09 -30.46 -115.67
CA THR S 25 50.26 -31.88 -115.92
C THR S 25 51.39 -32.40 -115.05
N THR S 26 51.09 -33.32 -114.13
CA THR S 26 52.05 -33.82 -113.17
C THR S 26 52.09 -35.33 -113.21
N PHE S 27 53.24 -35.88 -112.83
CA PHE S 27 53.44 -37.32 -112.69
C PHE S 27 54.40 -37.56 -111.54
N SER S 28 53.94 -38.28 -110.51
CA SER S 28 54.71 -38.46 -109.30
C SER S 28 54.87 -39.94 -108.99
N ALA S 29 56.01 -40.28 -108.40
CA ALA S 29 56.31 -41.65 -107.99
C ALA S 29 56.89 -41.61 -106.58
N SER S 30 56.28 -42.37 -105.67
CA SER S 30 56.70 -42.41 -104.27
C SER S 30 56.87 -43.86 -103.86
N LEU S 31 57.97 -44.16 -103.18
CA LEU S 31 58.29 -45.50 -102.72
C LEU S 31 58.26 -45.56 -101.20
N LEU S 32 57.53 -46.54 -100.67
CA LEU S 32 57.48 -46.80 -99.24
C LEU S 32 57.91 -48.24 -99.00
N ARG S 33 58.98 -48.44 -98.22
CA ARG S 33 59.60 -49.74 -98.06
C ARG S 33 59.54 -50.18 -96.60
N GLN S 34 59.16 -51.43 -96.39
CA GLN S 34 59.10 -52.03 -95.05
C GLN S 34 59.76 -53.40 -95.08
N ARG S 35 59.94 -53.98 -93.90
CA ARG S 35 60.40 -55.36 -93.75
C ARG S 35 59.24 -56.19 -93.21
N VAL S 36 58.91 -57.27 -93.91
CA VAL S 36 57.80 -58.15 -93.54
C VAL S 36 58.33 -59.55 -93.35
N LYS S 37 57.99 -60.17 -92.23
CA LYS S 37 58.43 -61.52 -91.91
C LYS S 37 57.37 -62.51 -92.39
N VAL S 38 57.48 -62.88 -93.67
CA VAL S 38 56.54 -63.83 -94.24
C VAL S 38 56.98 -65.27 -93.95
N GLY S 39 58.19 -65.61 -94.36
CA GLY S 39 58.68 -66.98 -94.27
C GLY S 39 59.82 -67.12 -93.29
N ILE S 40 59.65 -66.52 -92.11
CA ILE S 40 60.65 -66.39 -91.03
C ILE S 40 61.93 -65.81 -91.61
N ALA S 41 61.82 -65.14 -92.75
CA ALA S 41 62.91 -64.39 -93.37
C ALA S 41 62.37 -63.00 -93.70
N GLU S 42 63.19 -61.98 -93.42
CA GLU S 42 62.73 -60.59 -93.54
C GLU S 42 62.77 -60.18 -95.01
N LEU S 43 61.64 -60.42 -95.69
CA LEU S 43 61.51 -59.96 -97.06
C LEU S 43 61.27 -58.46 -97.09
N ASN S 44 61.88 -57.79 -98.08
CA ASN S 44 61.80 -56.33 -98.18
C ASN S 44 60.83 -55.95 -99.31
N ASN S 45 59.59 -55.68 -98.91
CA ASN S 45 58.59 -55.27 -99.89
C ASN S 45 58.72 -53.80 -100.23
N VAL S 46 58.27 -53.43 -101.43
CA VAL S 46 58.27 -52.06 -101.91
C VAL S 46 56.86 -51.72 -102.37
N SER S 47 56.32 -50.62 -101.85
CA SER S 47 54.98 -50.15 -102.19
C SER S 47 55.11 -48.85 -102.96
N GLY S 48 55.16 -48.97 -104.29
CA GLY S 48 55.34 -47.82 -105.16
C GLY S 48 54.00 -47.27 -105.62
N GLN S 49 53.81 -45.98 -105.40
CA GLN S 49 52.60 -45.28 -105.81
C GLN S 49 52.95 -44.33 -106.96
N TYR S 50 52.28 -44.52 -108.09
CA TYR S 50 52.49 -43.70 -109.28
C TYR S 50 51.20 -42.99 -109.61
N VAL S 51 51.23 -41.65 -109.63
CA VAL S 51 50.05 -40.83 -109.86
C VAL S 51 50.30 -39.95 -111.06
N SER S 52 49.41 -40.02 -112.05
CA SER S 52 49.44 -39.15 -113.22
C SER S 52 48.20 -38.27 -113.22
N VAL S 53 48.40 -36.96 -113.28
CA VAL S 53 47.32 -35.99 -113.18
C VAL S 53 47.36 -35.09 -114.40
N TYR S 54 46.22 -34.91 -115.05
CA TYR S 54 46.06 -34.00 -116.17
C TYR S 54 44.76 -33.23 -115.99
N LYS S 55 44.87 -31.91 -115.88
CA LYS S 55 43.71 -31.03 -115.76
C LYS S 55 43.25 -30.67 -117.17
N ARG S 56 42.18 -31.31 -117.61
CA ARG S 56 41.68 -31.14 -118.96
C ARG S 56 40.48 -30.19 -118.96
N PRO S 57 40.43 -29.22 -119.88
CA PRO S 57 39.27 -28.34 -119.92
C PRO S 57 38.15 -28.92 -120.77
N ALA S 58 36.96 -29.01 -120.18
CA ALA S 58 35.80 -29.61 -120.85
C ALA S 58 34.57 -28.72 -120.74
N PRO S 59 34.60 -27.53 -121.35
CA PRO S 59 33.33 -26.84 -121.60
C PRO S 59 32.45 -27.63 -122.56
N LYS S 60 33.08 -28.35 -123.48
CA LYS S 60 32.47 -29.23 -124.46
C LYS S 60 31.36 -28.52 -125.25
N PRO S 61 31.66 -27.45 -125.99
CA PRO S 61 30.65 -26.84 -126.86
C PRO S 61 30.48 -27.69 -128.12
N GLU S 62 29.39 -28.43 -128.18
CA GLU S 62 29.18 -29.39 -129.25
C GLU S 62 28.92 -28.68 -130.58
N GLY S 63 29.90 -28.77 -131.46
CA GLY S 63 29.74 -28.26 -132.82
C GLY S 63 30.38 -26.92 -133.17
N CYS S 64 30.42 -25.98 -132.22
CA CYS S 64 30.86 -24.64 -132.57
C CYS S 64 31.86 -24.14 -131.55
N ALA S 65 32.89 -23.46 -132.06
CA ALA S 65 33.83 -22.70 -131.25
C ALA S 65 34.23 -21.46 -132.04
N ASP S 66 34.09 -20.29 -131.42
CA ASP S 66 34.32 -19.05 -132.14
C ASP S 66 35.49 -18.24 -131.59
N ALA S 67 35.61 -18.13 -130.27
CA ALA S 67 36.68 -17.36 -129.64
C ALA S 67 37.09 -18.09 -128.37
N CYS S 68 38.21 -17.66 -127.78
CA CYS S 68 38.72 -18.30 -126.57
C CYS S 68 38.11 -17.60 -125.35
N VAL S 69 37.41 -18.39 -124.54
CA VAL S 69 36.83 -17.94 -123.27
C VAL S 69 37.57 -18.72 -122.19
N ILE S 70 37.44 -18.29 -120.94
CA ILE S 70 38.05 -19.03 -119.83
C ILE S 70 37.58 -20.48 -119.85
N MET S 71 38.54 -21.40 -119.83
CA MET S 71 38.23 -22.82 -119.74
C MET S 71 37.98 -23.20 -118.29
N PRO S 72 36.80 -23.75 -117.95
CA PRO S 72 36.65 -24.43 -116.67
C PRO S 72 37.31 -25.80 -116.73
N ASN S 73 37.98 -26.21 -115.66
CA ASN S 73 38.85 -27.37 -115.69
C ASN S 73 38.31 -28.49 -114.81
N GLU S 74 38.47 -29.72 -115.27
CA GLU S 74 38.25 -30.91 -114.48
C GLU S 74 39.55 -31.68 -114.37
N ASN S 75 39.63 -32.56 -113.37
CA ASN S 75 40.86 -33.28 -113.07
C ASN S 75 40.74 -34.72 -113.54
N GLN S 76 41.65 -35.15 -114.40
CA GLN S 76 41.77 -36.53 -114.82
C GLN S 76 42.99 -37.14 -114.13
N SER S 77 42.76 -38.11 -113.25
CA SER S 77 43.81 -38.69 -112.44
C SER S 77 43.81 -40.21 -112.57
N ILE S 78 45.00 -40.77 -112.72
CA ILE S 78 45.21 -42.22 -112.74
C ILE S 78 46.33 -42.53 -111.77
N ARG S 79 46.02 -43.31 -110.73
CA ARG S 79 46.99 -43.65 -109.70
C ARG S 79 47.15 -45.17 -109.64
N THR S 80 48.40 -45.62 -109.56
CA THR S 80 48.73 -47.03 -109.53
C THR S 80 49.60 -47.33 -108.32
N VAL S 81 49.23 -48.37 -107.58
CA VAL S 81 49.98 -48.80 -106.40
C VAL S 81 50.40 -50.24 -106.62
N ILE S 82 51.70 -50.50 -106.59
CA ILE S 82 52.27 -51.82 -106.79
C ILE S 82 52.98 -52.23 -105.52
N SER S 83 52.62 -53.38 -104.96
CA SER S 83 53.19 -53.88 -103.71
C SER S 83 53.68 -55.30 -103.92
N GLY S 84 54.89 -55.58 -103.43
CA GLY S 84 55.45 -56.91 -103.54
C GLY S 84 56.88 -56.98 -103.05
N SER S 85 57.34 -58.20 -102.73
CA SER S 85 58.71 -58.37 -102.25
C SER S 85 59.70 -58.10 -103.37
N ALA S 86 60.84 -57.51 -103.01
CA ALA S 86 61.87 -57.22 -104.00
C ALA S 86 62.48 -58.49 -104.57
N GLU S 87 62.43 -59.59 -103.80
CA GLU S 87 63.05 -60.83 -104.24
C GLU S 87 62.22 -61.52 -105.33
N ASN S 88 61.03 -61.00 -105.61
CA ASN S 88 60.13 -61.58 -106.61
C ASN S 88 59.81 -60.56 -107.70
N LEU S 89 60.84 -59.87 -108.19
CA LEU S 89 60.64 -58.78 -109.15
C LEU S 89 60.10 -59.30 -110.47
N ALA S 90 60.61 -60.43 -110.95
CA ALA S 90 60.15 -60.95 -112.24
C ALA S 90 58.68 -61.34 -112.18
N THR S 91 58.28 -61.98 -111.09
CA THR S 91 56.88 -62.33 -110.89
C THR S 91 56.01 -61.10 -110.77
N LEU S 92 56.49 -60.05 -110.08
CA LEU S 92 55.71 -58.82 -109.97
C LEU S 92 55.57 -58.15 -111.33
N LYS S 93 56.60 -58.23 -112.17
CA LYS S 93 56.52 -57.66 -113.51
C LYS S 93 55.52 -58.43 -114.37
N ALA S 94 55.50 -59.77 -114.25
CA ALA S 94 54.49 -60.55 -114.94
C ALA S 94 53.09 -60.17 -114.46
N GLU S 95 52.93 -59.97 -113.15
CA GLU S 95 51.65 -59.52 -112.61
C GLU S 95 51.26 -58.17 -113.18
N TRP S 96 52.23 -57.27 -113.32
CA TRP S 96 51.94 -55.95 -113.88
C TRP S 96 51.48 -56.06 -115.33
N GLU S 97 52.13 -56.92 -116.11
CA GLU S 97 51.70 -57.11 -117.49
C GLU S 97 50.30 -57.69 -117.56
N THR S 98 50.00 -58.67 -116.72
CA THR S 98 48.65 -59.24 -116.70
C THR S 98 47.62 -58.21 -116.27
N HIS S 99 47.95 -57.37 -115.29
CA HIS S 99 47.04 -56.33 -114.85
C HIS S 99 46.78 -55.32 -115.97
N LYS S 100 47.83 -54.96 -116.71
CA LYS S 100 47.64 -54.06 -117.84
C LYS S 100 46.72 -54.68 -118.88
N ARG S 101 46.92 -55.96 -119.18
CA ARG S 101 46.06 -56.63 -120.16
C ARG S 101 44.61 -56.64 -119.69
N ASN S 102 44.38 -56.95 -118.41
CA ASN S 102 43.02 -57.02 -117.89
C ASN S 102 42.35 -55.65 -117.91
N VAL S 103 43.07 -54.62 -117.49
CA VAL S 103 42.50 -53.28 -117.48
C VAL S 103 42.22 -52.81 -118.90
N ASP S 104 43.09 -53.18 -119.85
CA ASP S 104 42.82 -52.87 -121.25
C ASP S 104 41.54 -53.55 -121.72
N THR S 105 41.37 -54.82 -121.36
CA THR S 105 40.17 -55.55 -121.77
C THR S 105 38.91 -54.89 -121.22
N LEU S 106 38.94 -54.45 -119.96
CA LEU S 106 37.76 -53.83 -119.36
C LEU S 106 37.52 -52.41 -119.86
N PHE S 107 38.59 -51.63 -120.07
CA PHE S 107 38.49 -50.19 -120.23
C PHE S 107 38.82 -49.72 -121.64
N ALA S 108 39.98 -50.10 -122.16
CA ALA S 108 40.42 -49.59 -123.46
C ALA S 108 39.53 -50.12 -124.58
N SER S 109 39.22 -51.41 -124.55
CA SER S 109 38.36 -52.04 -125.55
C SER S 109 36.94 -52.25 -125.06
N GLY S 110 36.63 -51.90 -123.81
CA GLY S 110 35.31 -52.06 -123.25
C GLY S 110 34.59 -50.73 -123.07
N ASN S 111 33.62 -50.76 -122.17
CA ASN S 111 32.80 -49.59 -121.86
C ASN S 111 32.84 -49.24 -120.38
N ALA S 112 33.91 -49.65 -119.68
CA ALA S 112 34.00 -49.39 -118.24
C ALA S 112 34.17 -47.91 -117.95
N GLY S 113 34.72 -47.14 -118.88
CA GLY S 113 34.90 -45.72 -118.64
C GLY S 113 33.59 -44.98 -118.54
N LEU S 114 32.53 -45.52 -119.13
CA LEU S 114 31.23 -44.88 -119.11
C LEU S 114 30.39 -45.39 -117.94
N GLY S 115 30.98 -46.24 -117.10
CA GLY S 115 30.24 -46.80 -115.98
C GLY S 115 29.51 -48.07 -116.31
N PHE S 116 30.20 -49.05 -116.90
CA PHE S 116 29.60 -50.31 -117.30
C PHE S 116 30.49 -51.46 -116.87
N LEU S 117 29.87 -52.60 -116.57
CA LEU S 117 30.58 -53.83 -116.26
C LEU S 117 30.14 -54.91 -117.23
N ASP S 118 31.10 -55.65 -117.79
CA ASP S 118 30.80 -56.74 -118.70
C ASP S 118 31.20 -58.05 -118.06
N PRO S 119 30.25 -58.83 -117.52
CA PRO S 119 30.61 -60.12 -116.92
C PRO S 119 31.20 -61.11 -117.90
N THR S 120 30.98 -60.92 -119.20
CA THR S 120 31.49 -61.84 -120.22
C THR S 120 32.87 -61.44 -120.72
N ALA S 121 33.50 -60.42 -120.11
CA ALA S 121 34.82 -60.00 -120.54
C ALA S 121 35.84 -61.09 -120.30
N ALA S 122 36.82 -61.20 -121.20
CA ALA S 122 37.84 -62.25 -121.14
C ALA S 122 38.98 -61.78 -120.24
N ILE S 123 39.00 -62.33 -119.04
CA ILE S 123 40.04 -62.05 -118.05
C ILE S 123 40.97 -63.25 -117.95
N VAL S 124 42.27 -63.00 -117.98
CA VAL S 124 43.27 -64.06 -117.96
C VAL S 124 44.26 -63.79 -116.84
N SER S 125 44.86 -64.87 -116.33
CA SER S 125 45.77 -64.80 -115.18
C SER S 125 47.23 -64.79 -115.64
N SER S 126 48.12 -64.48 -114.69
CA SER S 126 49.54 -64.48 -114.99
C SER S 126 50.10 -65.86 -115.22
N ASP S 127 49.48 -66.90 -114.64
CA ASP S 127 49.94 -68.26 -114.86
C ASP S 127 49.63 -68.70 -116.29
N THR S 128 50.48 -69.58 -116.82
CA THR S 128 50.35 -70.08 -118.17
C THR S 128 50.04 -71.57 -118.14
N THR S 129 49.24 -72.02 -119.09
CA THR S 129 48.87 -73.43 -119.19
C THR S 129 50.02 -74.27 -119.71
N ALA T 1 85.94 -59.39 -107.66
CA ALA T 1 85.23 -58.13 -107.81
C ALA T 1 84.03 -58.05 -106.88
N ASN T 2 84.07 -57.13 -105.93
CA ASN T 2 82.98 -56.98 -104.98
C ASN T 2 81.76 -56.37 -105.67
N LYS T 3 80.58 -56.76 -105.20
CA LYS T 3 79.34 -56.24 -105.79
C LYS T 3 79.18 -54.77 -105.43
N PRO T 4 78.84 -53.92 -106.40
CA PRO T 4 78.66 -52.49 -106.10
C PRO T 4 77.33 -52.21 -105.41
N MET T 5 77.26 -51.07 -104.75
CA MET T 5 76.05 -50.60 -104.12
C MET T 5 75.58 -49.31 -104.79
N GLN T 6 74.31 -48.98 -104.56
CA GLN T 6 73.71 -47.74 -105.02
C GLN T 6 73.03 -47.03 -103.86
N PRO T 7 72.99 -45.70 -103.86
CA PRO T 7 72.31 -44.99 -102.76
C PRO T 7 70.80 -45.16 -102.86
N ILE T 8 70.20 -45.53 -101.73
CA ILE T 8 68.76 -45.76 -101.65
C ILE T 8 68.04 -44.57 -101.02
N THR T 9 68.58 -44.03 -99.93
CA THR T 9 68.08 -42.82 -99.32
C THR T 9 69.18 -41.77 -99.30
N SER T 10 68.88 -40.59 -99.82
CA SER T 10 69.90 -39.56 -100.03
C SER T 10 69.54 -38.31 -99.26
N THR T 11 70.39 -37.96 -98.31
CA THR T 11 70.32 -36.70 -97.57
C THR T 11 71.73 -36.24 -97.29
N ALA T 12 71.94 -34.92 -97.31
CA ALA T 12 73.27 -34.39 -97.04
C ALA T 12 73.70 -34.69 -95.61
N ASN T 13 72.73 -34.81 -94.70
CA ASN T 13 73.05 -35.22 -93.34
C ASN T 13 73.49 -36.68 -93.26
N LYS T 14 72.84 -37.56 -94.01
CA LYS T 14 73.17 -38.99 -94.00
C LYS T 14 72.78 -39.63 -95.32
N ILE T 15 73.64 -40.52 -95.81
CA ILE T 15 73.38 -41.30 -97.01
C ILE T 15 73.59 -42.77 -96.67
N VAL T 16 72.63 -43.61 -97.04
CA VAL T 16 72.71 -45.05 -96.81
C VAL T 16 72.76 -45.75 -98.17
N TRP T 17 73.71 -46.66 -98.31
CA TRP T 17 73.86 -47.46 -99.52
C TRP T 17 73.24 -48.83 -99.31
N SER T 18 72.89 -49.49 -100.42
CA SER T 18 72.25 -50.79 -100.33
C SER T 18 72.69 -51.65 -101.51
N ASP T 19 72.64 -52.96 -101.30
CA ASP T 19 72.98 -53.91 -102.35
C ASP T 19 71.71 -54.31 -103.10
N PRO T 20 71.62 -54.07 -104.40
CA PRO T 20 70.41 -54.47 -105.14
C PRO T 20 70.08 -55.94 -105.05
N THR T 21 71.07 -56.82 -105.02
CA THR T 21 70.83 -58.25 -104.92
C THR T 21 70.45 -58.69 -103.50
N ARG T 22 70.98 -58.03 -102.47
CA ARG T 22 70.64 -58.36 -101.09
C ARG T 22 70.38 -57.05 -100.37
N LEU T 23 69.10 -56.68 -100.23
CA LEU T 23 68.74 -55.39 -99.67
C LEU T 23 69.07 -55.29 -98.19
N SER T 24 69.39 -56.42 -97.53
CA SER T 24 69.71 -56.37 -96.11
C SER T 24 71.11 -55.84 -95.84
N THR T 25 71.96 -55.71 -96.86
CA THR T 25 73.30 -55.16 -96.71
C THR T 25 73.25 -53.65 -96.90
N THR T 26 73.57 -52.91 -95.85
CA THR T 26 73.49 -51.45 -95.87
C THR T 26 74.80 -50.86 -95.34
N PHE T 27 75.13 -49.67 -95.84
CA PHE T 27 76.26 -48.90 -95.37
C PHE T 27 75.83 -47.44 -95.27
N SER T 28 75.80 -46.93 -94.04
CA SER T 28 75.31 -45.59 -93.77
C SER T 28 76.45 -44.69 -93.33
N ALA T 29 76.47 -43.46 -93.86
CA ALA T 29 77.46 -42.46 -93.51
C ALA T 29 76.74 -41.17 -93.17
N SER T 30 76.88 -40.72 -91.92
CA SER T 30 76.22 -39.51 -91.44
C SER T 30 77.29 -38.59 -90.86
N LEU T 31 77.27 -37.32 -91.27
CA LEU T 31 78.19 -36.32 -90.78
C LEU T 31 77.43 -35.25 -90.01
N LEU T 32 77.90 -34.95 -88.80
CA LEU T 32 77.35 -33.87 -87.99
C LEU T 32 78.45 -32.84 -87.76
N ARG T 33 78.16 -31.58 -88.10
CA ARG T 33 79.15 -30.52 -88.09
C ARG T 33 78.72 -29.43 -87.12
N GLN T 34 79.66 -28.99 -86.29
CA GLN T 34 79.42 -27.95 -85.30
C GLN T 34 80.68 -27.08 -85.20
N ARG T 35 80.48 -25.80 -84.88
CA ARG T 35 81.59 -24.86 -84.74
C ARG T 35 81.97 -24.77 -83.26
N VAL T 36 82.65 -25.80 -82.78
CA VAL T 36 83.14 -25.83 -81.41
C VAL T 36 84.50 -25.15 -81.37
N LYS T 37 84.54 -23.92 -80.85
CA LYS T 37 85.77 -23.15 -80.90
C LYS T 37 86.51 -23.21 -79.57
N VAL T 38 87.81 -23.48 -79.65
CA VAL T 38 88.70 -23.41 -78.50
C VAL T 38 89.09 -21.95 -78.31
N GLY T 39 89.72 -21.65 -77.17
CA GLY T 39 90.11 -20.29 -76.86
C GLY T 39 90.88 -19.58 -77.96
N ILE T 40 90.47 -18.35 -78.25
CA ILE T 40 91.08 -17.45 -79.24
C ILE T 40 91.36 -18.17 -80.56
N ALA T 41 90.51 -19.12 -80.92
CA ALA T 41 90.66 -19.83 -82.18
C ALA T 41 89.28 -20.26 -82.67
N GLU T 42 89.19 -20.50 -83.97
CA GLU T 42 87.97 -20.98 -84.61
C GLU T 42 88.23 -22.36 -85.21
N LEU T 43 87.34 -23.30 -84.92
CA LEU T 43 87.53 -24.68 -85.35
C LEU T 43 86.19 -25.26 -85.77
N ASN T 44 86.18 -25.96 -86.90
CA ASN T 44 85.00 -26.68 -87.38
C ASN T 44 85.29 -28.17 -87.35
N ASN T 45 84.57 -28.90 -86.51
CA ASN T 45 84.75 -30.34 -86.36
C ASN T 45 83.57 -31.09 -86.95
N VAL T 46 83.82 -32.33 -87.38
CA VAL T 46 82.81 -33.18 -87.98
C VAL T 46 82.81 -34.50 -87.21
N SER T 47 81.64 -34.98 -86.83
CA SER T 47 81.49 -36.29 -86.24
C SER T 47 81.03 -37.27 -87.31
N GLY T 48 81.96 -38.07 -87.82
CA GLY T 48 81.64 -38.98 -88.90
C GLY T 48 81.30 -40.37 -88.44
N GLN T 49 80.03 -40.74 -88.54
CA GLN T 49 79.55 -42.05 -88.09
C GLN T 49 79.28 -42.89 -89.33
N TYR T 50 79.91 -44.07 -89.38
CA TYR T 50 79.77 -44.99 -90.50
C TYR T 50 79.33 -46.34 -89.97
N VAL T 51 78.20 -46.83 -90.47
CA VAL T 51 77.60 -48.08 -90.00
C VAL T 51 77.47 -49.03 -91.18
N SER T 52 78.04 -50.23 -91.04
CA SER T 52 77.90 -51.29 -92.02
C SER T 52 77.15 -52.45 -91.40
N VAL T 53 76.09 -52.90 -92.07
CA VAL T 53 75.20 -53.92 -91.55
C VAL T 53 75.10 -55.05 -92.57
N TYR T 54 75.32 -56.28 -92.10
CA TYR T 54 75.14 -57.48 -92.91
C TYR T 54 74.43 -58.53 -92.07
N LYS T 55 73.44 -59.18 -92.66
CA LYS T 55 72.68 -60.23 -91.99
C LYS T 55 73.12 -61.57 -92.56
N ARG T 56 73.98 -62.26 -91.81
CA ARG T 56 74.60 -63.50 -92.25
C ARG T 56 73.88 -64.69 -91.66
N PRO T 57 73.61 -65.73 -92.45
CA PRO T 57 72.97 -66.93 -91.91
C PRO T 57 73.84 -67.61 -90.86
N ALA T 58 73.18 -68.26 -89.91
CA ALA T 58 73.89 -69.00 -88.87
C ALA T 58 74.70 -70.13 -89.50
N PRO T 59 75.81 -70.53 -88.89
CA PRO T 59 76.67 -71.54 -89.52
C PRO T 59 76.03 -72.93 -89.60
N LYS T 60 76.09 -73.55 -90.77
CA LYS T 60 75.53 -74.87 -90.99
C LYS T 60 76.35 -75.91 -90.23
N PRO T 61 75.75 -77.02 -89.79
CA PRO T 61 76.52 -78.06 -89.11
C PRO T 61 77.64 -78.61 -89.97
N GLU T 62 78.76 -78.94 -89.35
CA GLU T 62 79.95 -79.34 -90.11
C GLU T 62 79.71 -80.59 -90.92
N GLY T 63 79.02 -81.57 -90.35
CA GLY T 63 78.74 -82.80 -91.07
C GLY T 63 77.44 -82.74 -91.83
N CYS T 64 77.27 -81.71 -92.65
CA CYS T 64 76.05 -81.52 -93.42
C CYS T 64 76.38 -81.31 -94.89
N ALA T 65 75.71 -82.07 -95.75
CA ALA T 65 75.79 -81.88 -97.19
C ALA T 65 74.42 -81.65 -97.82
N ASP T 66 73.40 -81.34 -97.03
CA ASP T 66 72.05 -81.16 -97.55
C ASP T 66 72.00 -79.96 -98.48
N ALA T 67 71.18 -80.06 -99.52
CA ALA T 67 71.10 -79.02 -100.54
C ALA T 67 70.61 -77.70 -99.98
N CYS T 68 69.40 -77.68 -99.42
CA CYS T 68 68.77 -76.45 -98.97
C CYS T 68 68.15 -76.63 -97.60
N VAL T 69 68.84 -76.15 -96.58
CA VAL T 69 68.30 -76.00 -95.23
C VAL T 69 68.71 -74.62 -94.74
N ILE T 70 67.75 -73.72 -94.62
CA ILE T 70 68.03 -72.30 -94.36
C ILE T 70 67.69 -71.99 -92.91
N MET T 71 68.60 -71.31 -92.22
CA MET T 71 68.46 -70.93 -90.83
C MET T 71 68.36 -69.41 -90.69
N PRO T 72 67.77 -68.89 -89.62
CA PRO T 72 67.57 -67.45 -89.51
C PRO T 72 68.89 -66.69 -89.43
N ASN T 73 68.82 -65.44 -89.83
CA ASN T 73 70.00 -64.60 -89.97
C ASN T 73 70.37 -63.96 -88.65
N GLU T 74 71.65 -63.58 -88.53
CA GLU T 74 72.18 -62.89 -87.37
C GLU T 74 72.65 -61.51 -87.80
N ASN T 75 72.63 -60.56 -86.88
CA ASN T 75 73.02 -59.20 -87.20
C ASN T 75 74.53 -59.02 -86.98
N GLN T 76 75.24 -58.64 -88.04
CA GLN T 76 76.66 -58.32 -87.97
C GLN T 76 76.80 -56.83 -88.25
N SER T 77 77.22 -56.07 -87.24
CA SER T 77 77.29 -54.62 -87.33
C SER T 77 78.70 -54.14 -87.02
N ILE T 78 79.19 -53.20 -87.83
CA ILE T 78 80.46 -52.54 -87.60
C ILE T 78 80.21 -51.03 -87.69
N ARG T 79 80.43 -50.34 -86.59
CA ARG T 79 80.11 -48.92 -86.47
C ARG T 79 81.36 -48.15 -86.07
N THR T 80 81.71 -47.15 -86.88
CA THR T 80 82.90 -46.34 -86.65
C THR T 80 82.50 -44.87 -86.58
N VAL T 81 82.98 -44.18 -85.55
CA VAL T 81 82.71 -42.76 -85.34
C VAL T 81 84.03 -42.02 -85.29
N ILE T 82 84.17 -41.00 -86.12
CA ILE T 82 85.38 -40.20 -86.21
C ILE T 82 85.03 -38.75 -85.91
N SER T 83 85.73 -38.16 -84.95
CA SER T 83 85.49 -36.78 -84.53
C SER T 83 86.80 -36.02 -84.55
N GLY T 84 86.80 -34.85 -85.18
CA GLY T 84 87.98 -34.02 -85.24
C GLY T 84 87.81 -32.77 -86.07
N SER T 85 88.66 -31.78 -85.86
CA SER T 85 88.56 -30.52 -86.60
C SER T 85 88.97 -30.71 -88.05
N ALA T 86 88.40 -29.88 -88.92
CA ALA T 86 88.72 -29.97 -90.34
C ALA T 86 90.14 -29.48 -90.62
N GLU T 87 90.67 -28.62 -89.75
CA GLU T 87 92.01 -28.07 -89.97
C GLU T 87 93.08 -29.14 -89.84
N ASN T 88 92.83 -30.16 -89.02
CA ASN T 88 93.79 -31.23 -88.76
C ASN T 88 93.50 -32.48 -89.56
N LEU T 89 93.06 -32.32 -90.82
CA LEU T 89 92.59 -33.47 -91.58
C LEU T 89 93.71 -34.47 -91.85
N ALA T 90 94.90 -33.99 -92.19
CA ALA T 90 95.99 -34.91 -92.51
C ALA T 90 96.43 -35.70 -91.28
N THR T 91 96.60 -35.02 -90.15
CA THR T 91 96.96 -35.71 -88.93
C THR T 91 95.87 -36.68 -88.49
N LEU T 92 94.60 -36.31 -88.68
CA LEU T 92 93.52 -37.23 -88.34
C LEU T 92 93.51 -38.44 -89.26
N LYS T 93 93.88 -38.26 -90.52
CA LYS T 93 94.02 -39.41 -91.43
C LYS T 93 95.15 -40.33 -90.98
N ALA T 94 96.26 -39.75 -90.51
CA ALA T 94 97.33 -40.56 -89.95
C ALA T 94 96.84 -41.32 -88.71
N GLU T 95 96.05 -40.65 -87.86
CA GLU T 95 95.45 -41.32 -86.71
C GLU T 95 94.54 -42.46 -87.15
N TRP T 96 93.81 -42.26 -88.24
CA TRP T 96 92.93 -43.31 -88.76
C TRP T 96 93.73 -44.51 -89.24
N GLU T 97 94.85 -44.25 -89.91
CA GLU T 97 95.71 -45.35 -90.34
C GLU T 97 96.26 -46.12 -89.14
N THR T 98 96.72 -45.41 -88.12
CA THR T 98 97.23 -46.06 -86.92
C THR T 98 96.13 -46.86 -86.22
N HIS T 99 94.93 -46.30 -86.15
CA HIS T 99 93.80 -47.00 -85.55
C HIS T 99 93.46 -48.27 -86.32
N LYS T 100 93.50 -48.20 -87.65
CA LYS T 100 93.26 -49.39 -88.45
C LYS T 100 94.31 -50.45 -88.17
N ARG T 101 95.59 -50.04 -88.08
CA ARG T 101 96.66 -51.00 -87.80
C ARG T 101 96.45 -51.66 -86.45
N ASN T 102 96.11 -50.88 -85.43
CA ASN T 102 95.93 -51.43 -84.08
C ASN T 102 94.73 -52.37 -84.03
N VAL T 103 93.61 -51.97 -84.63
CA VAL T 103 92.44 -52.83 -84.64
C VAL T 103 92.71 -54.11 -85.40
N ASP T 104 93.49 -54.01 -86.49
CA ASP T 104 93.84 -55.21 -87.25
C ASP T 104 94.70 -56.16 -86.41
N THR T 105 95.72 -55.63 -85.74
CA THR T 105 96.61 -56.52 -84.99
C THR T 105 95.92 -57.10 -83.77
N LEU T 106 94.89 -56.41 -83.26
CA LEU T 106 94.14 -56.95 -82.13
C LEU T 106 93.06 -57.95 -82.56
N PHE T 107 92.41 -57.70 -83.70
CA PHE T 107 91.23 -58.43 -84.13
C PHE T 107 91.52 -59.50 -85.17
N ALA T 108 92.12 -59.11 -86.30
CA ALA T 108 92.29 -60.04 -87.41
C ALA T 108 93.29 -61.13 -87.07
N SER T 109 94.43 -60.75 -86.48
CA SER T 109 95.47 -61.69 -86.11
C SER T 109 95.39 -62.16 -84.67
N GLY T 110 94.42 -61.67 -83.90
CA GLY T 110 94.26 -62.05 -82.51
C GLY T 110 93.01 -62.89 -82.28
N ASN T 111 92.58 -62.92 -81.02
CA ASN T 111 91.39 -63.65 -80.61
C ASN T 111 90.35 -62.74 -79.98
N ALA T 112 90.43 -61.43 -80.23
CA ALA T 112 89.42 -60.51 -79.71
C ALA T 112 88.06 -60.81 -80.29
N GLY T 113 88.00 -61.35 -81.50
CA GLY T 113 86.74 -61.77 -82.08
C GLY T 113 86.08 -62.91 -81.34
N LEU T 114 86.87 -63.88 -80.87
CA LEU T 114 86.36 -64.96 -80.06
C LEU T 114 86.13 -64.55 -78.61
N GLY T 115 86.75 -63.46 -78.17
CA GLY T 115 86.51 -62.95 -76.83
C GLY T 115 87.70 -62.96 -75.91
N PHE T 116 88.92 -63.01 -76.43
CA PHE T 116 90.13 -63.03 -75.62
C PHE T 116 90.96 -61.80 -75.90
N LEU T 117 91.40 -61.12 -74.84
CA LEU T 117 92.29 -59.97 -74.95
C LEU T 117 93.69 -60.38 -74.55
N ASP T 118 94.67 -60.02 -75.38
CA ASP T 118 96.06 -60.34 -75.10
C ASP T 118 96.77 -59.08 -74.64
N PRO T 119 97.18 -58.97 -73.37
CA PRO T 119 97.90 -57.78 -72.92
C PRO T 119 99.28 -57.62 -73.53
N THR T 120 99.75 -58.59 -74.30
CA THR T 120 101.08 -58.54 -74.91
C THR T 120 101.04 -58.16 -76.39
N ALA T 121 99.90 -57.67 -76.89
CA ALA T 121 99.79 -57.31 -78.29
C ALA T 121 100.70 -56.14 -78.62
N ALA T 122 101.21 -56.13 -79.84
CA ALA T 122 102.14 -55.09 -80.30
C ALA T 122 101.33 -53.91 -80.82
N ILE T 123 100.85 -53.10 -79.89
CA ILE T 123 100.09 -51.90 -80.22
C ILE T 123 101.07 -50.73 -80.37
N VAL T 124 100.88 -49.93 -81.42
CA VAL T 124 101.80 -48.86 -81.75
C VAL T 124 101.04 -47.55 -81.87
N SER T 125 101.77 -46.45 -81.72
CA SER T 125 101.19 -45.12 -81.84
C SER T 125 101.45 -44.53 -83.22
N SER T 126 100.83 -43.37 -83.47
CA SER T 126 100.96 -42.73 -84.78
C SER T 126 102.31 -42.05 -84.98
N ASP T 127 102.88 -41.48 -83.92
CA ASP T 127 104.15 -40.77 -84.04
C ASP T 127 105.28 -41.74 -84.36
N THR T 128 106.27 -41.25 -85.09
CA THR T 128 107.42 -42.04 -85.50
C THR T 128 108.67 -41.56 -84.76
N THR T 129 109.61 -42.49 -84.59
CA THR T 129 110.85 -42.19 -83.90
C THR T 129 111.77 -41.32 -84.75
N ALA U 1 90.32 -20.43 -113.60
CA ALA U 1 90.11 -21.72 -112.97
C ALA U 1 89.70 -21.56 -111.52
N ASN U 2 88.44 -21.20 -111.30
CA ASN U 2 87.94 -21.00 -109.95
C ASN U 2 87.77 -22.34 -109.24
N LYS U 3 87.82 -22.30 -107.91
CA LYS U 3 87.69 -23.53 -107.13
C LYS U 3 86.23 -24.00 -107.12
N PRO U 4 85.96 -25.24 -107.50
CA PRO U 4 84.58 -25.74 -107.44
C PRO U 4 84.12 -25.97 -106.01
N MET U 5 82.80 -26.03 -105.84
CA MET U 5 82.17 -26.26 -104.54
C MET U 5 81.41 -27.58 -104.56
N GLN U 6 81.12 -28.09 -103.37
CA GLN U 6 80.31 -29.28 -103.16
C GLN U 6 79.16 -28.97 -102.20
N PRO U 7 78.03 -29.68 -102.32
CA PRO U 7 76.87 -29.36 -101.49
C PRO U 7 76.98 -29.88 -100.07
N ILE U 8 76.82 -28.98 -99.09
CA ILE U 8 76.81 -29.38 -97.69
C ILE U 8 75.40 -29.71 -97.19
N THR U 9 74.38 -29.14 -97.82
CA THR U 9 72.99 -29.38 -97.42
C THR U 9 72.16 -29.54 -98.67
N SER U 10 71.46 -30.68 -98.78
CA SER U 10 70.62 -30.97 -99.94
C SER U 10 69.20 -31.19 -99.47
N THR U 11 68.27 -30.42 -100.01
CA THR U 11 66.86 -30.49 -99.68
C THR U 11 66.06 -30.16 -100.93
N ALA U 12 64.83 -30.68 -101.01
CA ALA U 12 64.00 -30.47 -102.18
C ALA U 12 63.70 -28.99 -102.41
N ASN U 13 63.86 -28.17 -101.37
CA ASN U 13 63.59 -26.74 -101.48
C ASN U 13 64.81 -25.85 -101.23
N LYS U 14 65.96 -26.41 -100.84
CA LYS U 14 67.13 -25.59 -100.54
C LYS U 14 68.39 -26.43 -100.66
N ILE U 15 69.37 -25.91 -101.38
CA ILE U 15 70.68 -26.54 -101.52
C ILE U 15 71.75 -25.52 -101.18
N VAL U 16 72.69 -25.90 -100.33
CA VAL U 16 73.77 -25.02 -99.88
C VAL U 16 75.10 -25.61 -100.32
N TRP U 17 75.89 -24.81 -101.02
CA TRP U 17 77.22 -25.20 -101.45
C TRP U 17 78.27 -24.59 -100.53
N SER U 18 79.48 -25.14 -100.58
CA SER U 18 80.58 -24.64 -99.76
C SER U 18 81.90 -25.07 -100.36
N ASP U 19 82.90 -24.22 -100.22
CA ASP U 19 84.23 -24.52 -100.74
C ASP U 19 84.96 -25.47 -99.78
N PRO U 20 85.53 -26.56 -100.28
CA PRO U 20 86.28 -27.47 -99.39
C PRO U 20 87.44 -26.80 -98.68
N THR U 21 88.13 -25.88 -99.35
CA THR U 21 89.28 -25.23 -98.73
C THR U 21 88.84 -24.24 -97.65
N ARG U 22 87.82 -23.43 -97.93
CA ARG U 22 87.29 -22.47 -96.98
C ARG U 22 85.82 -22.76 -96.75
N LEU U 23 85.50 -23.27 -95.56
CA LEU U 23 84.10 -23.62 -95.27
C LEU U 23 83.29 -22.38 -94.95
N SER U 24 83.95 -21.24 -94.77
CA SER U 24 83.27 -20.00 -94.42
C SER U 24 82.43 -19.47 -95.57
N THR U 25 82.92 -19.63 -96.80
CA THR U 25 82.21 -19.13 -97.97
C THR U 25 81.19 -20.16 -98.44
N THR U 26 79.93 -19.74 -98.55
CA THR U 26 78.84 -20.63 -98.96
C THR U 26 77.96 -19.93 -99.99
N PHE U 27 77.32 -20.73 -100.83
CA PHE U 27 76.34 -20.25 -101.79
C PHE U 27 75.12 -21.17 -101.73
N SER U 28 73.95 -20.60 -101.51
CA SER U 28 72.73 -21.38 -101.37
C SER U 28 71.62 -20.84 -102.24
N ALA U 29 70.75 -21.74 -102.69
CA ALA U 29 69.59 -21.39 -103.51
C ALA U 29 68.36 -22.01 -102.88
N SER U 30 67.32 -21.20 -102.69
CA SER U 30 66.06 -21.66 -102.11
C SER U 30 64.91 -21.25 -103.02
N LEU U 31 63.97 -22.16 -103.23
CA LEU U 31 62.82 -21.90 -104.09
C LEU U 31 61.53 -22.12 -103.31
N LEU U 32 60.57 -21.22 -103.50
CA LEU U 32 59.22 -21.40 -103.02
C LEU U 32 58.28 -21.39 -104.21
N ARG U 33 57.38 -22.37 -104.28
CA ARG U 33 56.49 -22.55 -105.41
C ARG U 33 55.06 -22.36 -104.96
N GLN U 34 54.34 -21.45 -105.61
CA GLN U 34 52.97 -21.14 -105.26
C GLN U 34 52.15 -20.98 -106.54
N ARG U 35 50.87 -21.32 -106.44
CA ARG U 35 49.94 -21.05 -107.52
C ARG U 35 49.28 -19.69 -107.29
N VAL U 36 49.40 -18.80 -108.25
CA VAL U 36 48.91 -17.44 -108.14
C VAL U 36 47.58 -17.35 -108.88
N LYS U 37 46.55 -16.88 -108.17
CA LYS U 37 45.22 -16.74 -108.72
C LYS U 37 45.12 -15.37 -109.40
N VAL U 38 45.06 -15.38 -110.72
CA VAL U 38 44.87 -14.17 -111.51
C VAL U 38 43.58 -14.35 -112.31
N GLY U 39 42.90 -13.24 -112.57
CA GLY U 39 41.63 -13.26 -113.26
C GLY U 39 41.66 -14.09 -114.54
N ILE U 40 40.68 -14.99 -114.67
CA ILE U 40 40.54 -15.95 -115.76
C ILE U 40 41.88 -16.56 -116.14
N ALA U 41 42.68 -16.91 -115.14
CA ALA U 41 43.96 -17.56 -115.39
C ALA U 41 44.37 -18.35 -114.16
N GLU U 42 45.15 -19.41 -114.37
CA GLU U 42 45.71 -20.22 -113.29
C GLU U 42 47.18 -20.48 -113.60
N LEU U 43 48.05 -19.57 -113.16
CA LEU U 43 49.47 -19.64 -113.40
C LEU U 43 50.22 -19.64 -112.07
N ASN U 44 51.31 -20.40 -112.02
CA ASN U 44 52.03 -20.67 -110.77
C ASN U 44 53.38 -19.96 -110.79
N ASN U 45 53.64 -19.19 -109.74
CA ASN U 45 54.87 -18.42 -109.66
C ASN U 45 55.96 -19.22 -108.97
N VAL U 46 57.21 -18.91 -109.30
CA VAL U 46 58.38 -19.49 -108.67
C VAL U 46 59.29 -18.36 -108.21
N SER U 47 59.60 -18.34 -106.92
CA SER U 47 60.46 -17.31 -106.34
C SER U 47 61.78 -17.95 -105.93
N GLY U 48 62.88 -17.42 -106.43
CA GLY U 48 64.18 -17.98 -106.13
C GLY U 48 65.09 -17.03 -105.38
N GLN U 49 65.58 -17.47 -104.22
CA GLN U 49 66.46 -16.68 -103.38
C GLN U 49 67.86 -17.28 -103.45
N TYR U 50 68.83 -16.49 -103.89
CA TYR U 50 70.21 -16.91 -104.00
C TYR U 50 71.06 -15.97 -103.13
N VAL U 51 71.84 -16.56 -102.22
CA VAL U 51 72.70 -15.79 -101.32
C VAL U 51 74.14 -16.27 -101.50
N SER U 52 75.07 -15.33 -101.60
CA SER U 52 76.49 -15.62 -101.65
C SER U 52 77.20 -14.86 -100.54
N VAL U 53 77.92 -15.59 -99.69
CA VAL U 53 78.60 -14.99 -98.55
C VAL U 53 80.07 -15.36 -98.62
N TYR U 54 80.93 -14.36 -98.40
CA TYR U 54 82.37 -14.56 -98.29
C TYR U 54 82.86 -13.79 -97.08
N LYS U 55 83.62 -14.46 -96.23
CA LYS U 55 84.08 -13.86 -94.98
C LYS U 55 85.50 -13.34 -95.16
N ARG U 56 85.59 -12.21 -95.85
CA ARG U 56 86.88 -11.63 -96.22
C ARG U 56 87.55 -11.00 -95.01
N PRO U 57 88.87 -11.15 -94.88
CA PRO U 57 89.58 -10.49 -93.78
C PRO U 57 89.56 -8.99 -93.90
N ALA U 58 89.67 -8.33 -92.75
CA ALA U 58 89.71 -6.88 -92.71
C ALA U 58 90.98 -6.38 -93.41
N PRO U 59 90.97 -5.17 -93.96
CA PRO U 59 92.16 -4.70 -94.70
C PRO U 59 93.37 -4.61 -93.80
N LYS U 60 94.51 -5.04 -94.35
CA LYS U 60 95.75 -5.06 -93.60
C LYS U 60 96.23 -3.63 -93.33
N PRO U 61 96.78 -3.36 -92.15
CA PRO U 61 97.39 -2.05 -91.91
C PRO U 61 98.60 -1.82 -92.81
N GLU U 62 98.93 -0.55 -93.06
CA GLU U 62 99.92 -0.19 -94.07
C GLU U 62 101.33 -0.27 -93.49
N GLY U 63 102.24 -0.88 -94.25
CA GLY U 63 103.65 -0.85 -93.94
C GLY U 63 104.12 -1.83 -92.90
N CYS U 64 103.27 -2.76 -92.46
CA CYS U 64 103.65 -3.74 -91.44
C CYS U 64 103.39 -5.14 -91.96
N ALA U 65 104.45 -5.91 -92.15
CA ALA U 65 104.35 -7.33 -92.50
C ALA U 65 104.35 -8.13 -91.21
N ASP U 66 103.18 -8.30 -90.60
CA ASP U 66 103.08 -9.02 -89.35
C ASP U 66 103.46 -10.48 -89.54
N ALA U 67 103.93 -11.10 -88.45
CA ALA U 67 104.38 -12.48 -88.51
C ALA U 67 103.25 -13.42 -88.91
N CYS U 68 102.08 -13.26 -88.28
CA CYS U 68 100.93 -14.09 -88.57
C CYS U 68 99.69 -13.22 -88.72
N VAL U 69 98.74 -13.72 -89.51
CA VAL U 69 97.51 -12.98 -89.74
C VAL U 69 96.63 -13.02 -88.49
N ILE U 70 96.20 -11.84 -88.04
CA ILE U 70 95.34 -11.72 -86.87
C ILE U 70 94.17 -10.82 -87.22
N MET U 71 93.87 -10.70 -88.51
CA MET U 71 92.84 -9.77 -88.96
C MET U 71 91.47 -10.21 -88.50
N PRO U 72 90.66 -9.31 -87.94
CA PRO U 72 89.29 -9.67 -87.57
C PRO U 72 88.35 -9.61 -88.77
N ASN U 73 88.27 -10.73 -89.50
CA ASN U 73 87.56 -10.80 -90.77
C ASN U 73 86.11 -10.32 -90.71
N GLU U 74 85.57 -9.90 -91.85
CA GLU U 74 84.27 -9.27 -91.94
C GLU U 74 83.34 -10.10 -92.81
N ASN U 75 82.11 -9.60 -92.99
CA ASN U 75 81.08 -10.32 -93.73
C ASN U 75 80.77 -9.59 -95.03
N GLN U 76 80.82 -10.33 -96.14
CA GLN U 76 80.43 -9.81 -97.45
C GLN U 76 79.29 -10.67 -97.97
N SER U 77 78.18 -10.05 -98.36
CA SER U 77 76.98 -10.77 -98.75
C SER U 77 76.38 -10.16 -100.00
N ILE U 78 75.94 -11.03 -100.91
CA ILE U 78 75.18 -10.65 -102.10
C ILE U 78 73.95 -11.53 -102.17
N ARG U 79 72.77 -10.92 -102.10
CA ARG U 79 71.51 -11.63 -102.05
C ARG U 79 70.61 -11.16 -103.19
N THR U 80 70.17 -12.10 -104.02
CA THR U 80 69.27 -11.80 -105.13
C THR U 80 68.01 -12.64 -105.02
N VAL U 81 66.88 -12.06 -105.40
CA VAL U 81 65.59 -12.74 -105.39
C VAL U 81 64.96 -12.55 -106.76
N ILE U 82 64.65 -13.65 -107.43
CA ILE U 82 64.01 -13.64 -108.74
C ILE U 82 62.65 -14.28 -108.61
N SER U 83 61.58 -13.51 -108.84
CA SER U 83 60.22 -13.97 -108.69
C SER U 83 59.46 -13.69 -109.98
N GLY U 84 58.80 -14.72 -110.50
CA GLY U 84 58.02 -14.57 -111.71
C GLY U 84 57.38 -15.89 -112.09
N SER U 85 56.37 -15.78 -112.95
CA SER U 85 55.65 -16.97 -113.40
C SER U 85 56.53 -17.81 -114.32
N ALA U 86 56.37 -19.13 -114.22
CA ALA U 86 57.15 -20.03 -115.07
C ALA U 86 56.69 -19.98 -116.52
N GLU U 87 55.48 -19.47 -116.76
CA GLU U 87 54.98 -19.38 -118.13
C GLU U 87 55.77 -18.35 -118.93
N ASN U 88 56.28 -17.32 -118.26
CA ASN U 88 57.00 -16.23 -118.89
C ASN U 88 58.50 -16.31 -118.66
N LEU U 89 59.07 -17.52 -118.74
CA LEU U 89 60.47 -17.71 -118.37
C LEU U 89 61.42 -16.95 -119.29
N ALA U 90 61.10 -16.89 -120.58
CA ALA U 90 61.99 -16.17 -121.51
C ALA U 90 62.05 -14.69 -121.18
N THR U 91 60.89 -14.09 -120.91
CA THR U 91 60.87 -12.68 -120.50
C THR U 91 61.54 -12.48 -119.16
N LEU U 92 61.41 -13.45 -118.24
CA LEU U 92 62.11 -13.35 -116.96
C LEU U 92 63.61 -13.38 -117.16
N LYS U 93 64.10 -14.20 -118.08
CA LYS U 93 65.53 -14.25 -118.36
C LYS U 93 66.01 -12.96 -119.02
N ALA U 94 65.21 -12.39 -119.90
CA ALA U 94 65.54 -11.09 -120.47
C ALA U 94 65.61 -10.02 -119.39
N GLU U 95 64.66 -10.04 -118.46
CA GLU U 95 64.68 -9.13 -117.33
C GLU U 95 65.93 -9.33 -116.48
N TRP U 96 66.34 -10.59 -116.29
CA TRP U 96 67.56 -10.87 -115.54
C TRP U 96 68.78 -10.28 -116.21
N GLU U 97 68.87 -10.42 -117.54
CA GLU U 97 69.99 -9.85 -118.27
C GLU U 97 70.02 -8.34 -118.15
N THR U 98 68.85 -7.69 -118.30
CA THR U 98 68.79 -6.25 -118.17
C THR U 98 69.14 -5.80 -116.76
N HIS U 99 68.69 -6.53 -115.75
CA HIS U 99 69.02 -6.21 -114.37
C HIS U 99 70.52 -6.33 -114.12
N LYS U 100 71.14 -7.38 -114.65
CA LYS U 100 72.58 -7.54 -114.52
C LYS U 100 73.30 -6.36 -115.16
N ARG U 101 72.86 -5.96 -116.36
CA ARG U 101 73.50 -4.84 -117.05
C ARG U 101 73.37 -3.55 -116.25
N ASN U 102 72.18 -3.29 -115.70
CA ASN U 102 71.97 -2.06 -114.93
C ASN U 102 72.79 -2.07 -113.64
N VAL U 103 72.82 -3.20 -112.93
CA VAL U 103 73.60 -3.26 -111.70
C VAL U 103 75.08 -3.13 -112.00
N ASP U 104 75.53 -3.67 -113.13
CA ASP U 104 76.93 -3.51 -113.52
C ASP U 104 77.26 -2.06 -113.84
N THR U 105 76.37 -1.37 -114.55
CA THR U 105 76.66 0.02 -114.90
C THR U 105 76.63 0.93 -113.68
N LEU U 106 75.77 0.62 -112.70
CA LEU U 106 75.75 1.41 -111.47
C LEU U 106 76.93 1.06 -110.55
N PHE U 107 77.34 -0.20 -110.52
CA PHE U 107 78.24 -0.72 -109.51
C PHE U 107 79.61 -1.11 -110.05
N ALA U 108 79.64 -1.98 -111.07
CA ALA U 108 80.92 -2.48 -111.58
C ALA U 108 81.74 -1.36 -112.19
N SER U 109 81.10 -0.49 -112.97
CA SER U 109 81.78 0.64 -113.59
C SER U 109 81.50 1.96 -112.91
N GLY U 110 80.67 1.98 -111.87
CA GLY U 110 80.33 3.19 -111.16
C GLY U 110 80.88 3.22 -109.75
N ASN U 111 80.44 4.20 -108.98
CA ASN U 111 80.91 4.35 -107.61
C ASN U 111 79.77 4.12 -106.62
N ALA U 112 78.86 3.21 -106.97
CA ALA U 112 77.75 2.90 -106.06
C ALA U 112 78.26 2.16 -104.83
N GLY U 113 79.34 1.38 -104.98
CA GLY U 113 79.88 0.67 -103.83
C GLY U 113 80.40 1.60 -102.76
N LEU U 114 80.97 2.74 -103.17
CA LEU U 114 81.50 3.67 -102.18
C LEU U 114 80.41 4.56 -101.59
N GLY U 115 79.20 4.51 -102.15
CA GLY U 115 78.08 5.23 -101.59
C GLY U 115 77.48 6.30 -102.48
N PHE U 116 77.85 6.36 -103.76
CA PHE U 116 77.33 7.41 -104.63
C PHE U 116 76.34 6.85 -105.64
N LEU U 117 75.16 7.47 -105.69
CA LEU U 117 74.13 7.12 -106.66
C LEU U 117 74.19 8.16 -107.78
N ASP U 118 74.76 7.78 -108.90
CA ASP U 118 74.90 8.69 -110.04
C ASP U 118 73.55 8.92 -110.69
N PRO U 119 73.05 10.17 -110.76
CA PRO U 119 71.75 10.40 -111.39
C PRO U 119 71.81 10.55 -112.90
N THR U 120 73.00 10.50 -113.50
CA THR U 120 73.13 10.56 -114.95
C THR U 120 73.53 9.24 -115.58
N ALA U 121 73.41 8.13 -114.85
CA ALA U 121 73.82 6.83 -115.36
C ALA U 121 72.94 6.40 -116.52
N ALA U 122 73.53 5.65 -117.45
CA ALA U 122 72.83 5.17 -118.65
C ALA U 122 72.08 3.88 -118.29
N ILE U 123 70.92 4.03 -117.69
CA ILE U 123 70.07 2.90 -117.32
C ILE U 123 69.14 2.58 -118.48
N VAL U 124 69.04 1.30 -118.82
CA VAL U 124 68.23 0.87 -119.95
C VAL U 124 67.25 -0.19 -119.49
N SER U 125 66.15 -0.31 -120.24
CA SER U 125 65.12 -1.28 -119.93
C SER U 125 65.29 -2.54 -120.76
N SER U 126 64.42 -3.53 -120.51
CA SER U 126 64.49 -4.78 -121.25
C SER U 126 63.92 -4.66 -122.66
N ASP U 127 62.92 -3.80 -122.86
CA ASP U 127 62.32 -3.65 -124.17
C ASP U 127 63.30 -3.05 -125.16
N THR U 128 63.22 -3.51 -126.40
CA THR U 128 64.11 -3.08 -127.46
C THR U 128 63.33 -2.35 -128.55
N THR U 129 63.92 -1.27 -129.04
CA THR U 129 63.30 -0.46 -130.08
C THR U 129 63.20 -1.24 -131.39
N ALA V 1 134.82 -57.45 -19.26
CA ALA V 1 134.43 -56.63 -20.40
C ALA V 1 132.96 -56.25 -20.34
N ASN V 2 132.69 -55.06 -19.81
CA ASN V 2 131.30 -54.60 -19.70
C ASN V 2 130.75 -54.25 -21.07
N LYS V 3 129.46 -54.51 -21.26
CA LYS V 3 128.83 -54.25 -22.55
C LYS V 3 128.63 -52.75 -22.75
N PRO V 4 129.16 -52.16 -23.81
CA PRO V 4 128.93 -50.74 -24.06
C PRO V 4 127.46 -50.46 -24.33
N MET V 5 127.02 -49.27 -23.92
CA MET V 5 125.66 -48.81 -24.11
C MET V 5 125.66 -47.58 -24.98
N GLN V 6 124.78 -47.53 -25.98
CA GLN V 6 124.73 -46.41 -26.90
C GLN V 6 123.44 -45.65 -26.72
N PRO V 7 123.43 -44.33 -26.91
CA PRO V 7 122.27 -43.51 -26.54
C PRO V 7 121.07 -43.78 -27.43
N ILE V 8 119.89 -43.51 -26.86
CA ILE V 8 118.64 -43.56 -27.63
C ILE V 8 117.99 -42.20 -27.75
N THR V 9 118.23 -41.28 -26.82
CA THR V 9 117.72 -39.92 -26.90
C THR V 9 118.84 -38.96 -26.51
N SER V 10 119.11 -37.98 -27.36
CA SER V 10 120.20 -37.05 -27.16
C SER V 10 119.67 -35.62 -27.16
N THR V 11 120.04 -34.87 -26.13
CA THR V 11 119.65 -33.47 -25.99
C THR V 11 120.69 -32.79 -25.10
N ALA V 12 120.86 -31.48 -25.31
CA ALA V 12 121.83 -30.73 -24.53
C ALA V 12 121.51 -30.73 -23.05
N ASN V 13 120.25 -31.00 -22.70
CA ASN V 13 119.82 -31.00 -21.30
C ASN V 13 119.62 -32.41 -20.74
N LYS V 14 119.55 -33.43 -21.59
CA LYS V 14 119.30 -34.80 -21.12
C LYS V 14 119.78 -35.78 -22.18
N ILE V 15 120.47 -36.82 -21.73
CA ILE V 15 120.90 -37.92 -22.59
C ILE V 15 120.52 -39.23 -21.91
N VAL V 16 119.92 -40.15 -22.66
CA VAL V 16 119.48 -41.43 -22.15
C VAL V 16 120.25 -42.52 -22.87
N TRP V 17 120.87 -43.41 -22.12
CA TRP V 17 121.63 -44.54 -22.65
C TRP V 17 120.86 -45.83 -22.40
N SER V 18 120.92 -46.75 -23.36
CA SER V 18 120.22 -48.02 -23.24
C SER V 18 121.09 -49.15 -23.79
N ASP V 19 120.98 -50.32 -23.18
CA ASP V 19 121.69 -51.50 -23.66
C ASP V 19 120.99 -52.05 -24.89
N PRO V 20 121.69 -52.17 -26.03
CA PRO V 20 121.04 -52.70 -27.23
C PRO V 20 120.48 -54.09 -27.05
N THR V 21 121.11 -54.92 -26.20
CA THR V 21 120.58 -56.25 -25.91
C THR V 21 119.35 -56.21 -25.01
N ARG V 22 119.31 -55.29 -24.04
CA ARG V 22 118.17 -55.15 -23.15
C ARG V 22 117.83 -53.67 -22.97
N LEU V 23 116.84 -53.18 -23.71
CA LEU V 23 116.52 -51.75 -23.69
C LEU V 23 115.92 -51.33 -22.35
N SER V 24 115.48 -52.29 -21.55
CA SER V 24 114.98 -51.96 -20.21
C SER V 24 116.08 -51.39 -19.30
N THR V 25 117.35 -51.65 -19.61
CA THR V 25 118.45 -51.09 -18.84
C THR V 25 118.74 -49.69 -19.35
N THR V 26 118.46 -48.68 -18.52
CA THR V 26 118.58 -47.29 -18.91
C THR V 26 119.52 -46.56 -17.97
N PHE V 27 120.15 -45.51 -18.51
CA PHE V 27 121.00 -44.61 -17.73
C PHE V 27 120.80 -43.20 -18.26
N SER V 28 120.27 -42.32 -17.41
CA SER V 28 119.90 -40.98 -17.82
C SER V 28 120.67 -39.95 -17.00
N ALA V 29 121.19 -38.93 -17.69
CA ALA V 29 121.88 -37.82 -17.06
C ALA V 29 121.24 -36.52 -17.52
N SER V 30 120.78 -35.71 -16.58
CA SER V 30 120.10 -34.45 -16.88
C SER V 30 120.74 -33.35 -16.06
N LEU V 31 121.01 -32.22 -16.71
CA LEU V 31 121.62 -31.06 -16.06
C LEU V 31 120.62 -29.91 -16.01
N LEU V 32 120.47 -29.34 -14.81
CA LEU V 32 119.68 -28.13 -14.61
C LEU V 32 120.61 -27.06 -14.05
N ARG V 33 120.70 -25.93 -14.75
CA ARG V 33 121.69 -24.91 -14.45
C ARG V 33 121.00 -23.58 -14.14
N GLN V 34 121.37 -22.98 -13.01
CA GLN V 34 120.88 -21.68 -12.61
C GLN V 34 122.05 -20.85 -12.09
N ARG V 35 121.85 -19.54 -12.05
CA ARG V 35 122.83 -18.61 -11.48
C ARG V 35 122.32 -18.15 -10.12
N VAL V 36 123.19 -18.22 -9.11
CA VAL V 36 122.82 -17.94 -7.73
C VAL V 36 123.75 -16.86 -7.19
N LYS V 37 123.16 -15.83 -6.56
CA LYS V 37 123.93 -14.73 -5.99
C LYS V 37 124.19 -15.01 -4.51
N VAL V 38 125.32 -15.68 -4.26
CA VAL V 38 125.69 -16.04 -2.89
C VAL V 38 126.51 -14.93 -2.25
N GLY V 39 127.64 -14.60 -2.86
CA GLY V 39 128.60 -13.67 -2.28
C GLY V 39 128.72 -12.39 -3.09
N ILE V 40 127.56 -11.85 -3.48
CA ILE V 40 127.39 -10.69 -4.38
C ILE V 40 128.15 -10.95 -5.67
N ALA V 41 128.43 -12.23 -5.96
CA ALA V 41 129.00 -12.67 -7.21
C ALA V 41 128.11 -13.78 -7.76
N GLU V 42 127.78 -13.70 -9.05
CA GLU V 42 126.83 -14.62 -9.66
C GLU V 42 127.53 -15.94 -9.98
N LEU V 43 127.52 -16.84 -9.00
CA LEU V 43 128.03 -18.19 -9.22
C LEU V 43 127.06 -19.00 -10.06
N ASN V 44 127.60 -19.87 -10.92
CA ASN V 44 126.79 -20.69 -11.80
C ASN V 44 126.64 -22.10 -11.22
N ASN V 45 125.46 -22.32 -10.62
CA ASN V 45 125.19 -23.61 -10.00
C ASN V 45 124.79 -24.64 -11.05
N VAL V 46 125.28 -25.86 -10.88
CA VAL V 46 124.96 -26.99 -11.75
C VAL V 46 124.42 -28.11 -10.90
N SER V 47 123.24 -28.61 -11.25
CA SER V 47 122.59 -29.69 -10.52
C SER V 47 122.38 -30.85 -11.47
N GLY V 48 123.29 -31.82 -11.43
CA GLY V 48 123.24 -32.97 -12.32
C GLY V 48 122.55 -34.14 -11.64
N GLN V 49 121.54 -34.69 -12.34
CA GLN V 49 120.79 -35.83 -11.86
C GLN V 49 121.12 -37.03 -12.75
N TYR V 50 121.63 -38.09 -12.12
CA TYR V 50 122.01 -39.31 -12.83
C TYR V 50 121.15 -40.45 -12.30
N VAL V 51 120.45 -41.14 -13.19
CA VAL V 51 119.54 -42.22 -12.83
C VAL V 51 119.93 -43.46 -13.61
N SER V 52 120.18 -44.55 -12.90
CA SER V 52 120.44 -45.85 -13.51
C SER V 52 119.35 -46.83 -13.10
N VAL V 53 118.70 -47.45 -14.08
CA VAL V 53 117.56 -48.33 -13.84
C VAL V 53 117.84 -49.67 -14.49
N TYR V 54 117.67 -50.74 -13.72
CA TYR V 54 117.80 -52.10 -14.22
C TYR V 54 116.58 -52.90 -13.80
N LYS V 55 115.84 -53.44 -14.77
CA LYS V 55 114.67 -54.24 -14.50
C LYS V 55 115.13 -55.67 -14.27
N ARG V 56 115.11 -56.10 -13.01
CA ARG V 56 115.69 -57.38 -12.62
C ARG V 56 114.58 -58.40 -12.40
N PRO V 57 114.57 -59.51 -13.11
CA PRO V 57 113.56 -60.54 -12.85
C PRO V 57 113.98 -61.48 -11.74
N ALA V 58 113.26 -61.42 -10.63
CA ALA V 58 113.60 -62.19 -9.43
C ALA V 58 112.38 -62.94 -8.90
N PRO V 59 111.89 -63.94 -9.65
CA PRO V 59 110.98 -64.91 -9.03
C PRO V 59 111.65 -65.67 -7.90
N LYS V 60 112.96 -65.88 -8.03
CA LYS V 60 113.83 -66.51 -7.05
C LYS V 60 113.34 -67.91 -6.66
N PRO V 61 113.32 -68.87 -7.59
CA PRO V 61 113.03 -70.26 -7.21
C PRO V 61 114.24 -70.87 -6.54
N GLU V 62 114.15 -71.02 -5.22
CA GLU V 62 115.30 -71.44 -4.42
C GLU V 62 115.63 -72.90 -4.68
N GLY V 63 116.71 -73.11 -5.42
CA GLY V 63 117.22 -74.45 -5.67
C GLY V 63 116.97 -75.11 -7.01
N CYS V 64 115.82 -74.83 -7.61
CA CYS V 64 115.47 -75.56 -8.82
C CYS V 64 115.04 -74.60 -9.92
N ALA V 65 115.49 -74.89 -11.14
CA ALA V 65 115.02 -74.25 -12.35
C ALA V 65 115.00 -75.28 -13.47
N ASP V 66 113.83 -75.51 -14.04
CA ASP V 66 113.69 -76.58 -15.03
C ASP V 66 113.39 -76.06 -16.43
N ALA V 67 112.46 -75.12 -16.55
CA ALA V 67 112.11 -74.54 -17.84
C ALA V 67 111.89 -73.05 -17.65
N CYS V 68 111.88 -72.30 -18.76
CA CYS V 68 111.71 -70.85 -18.67
C CYS V 68 110.24 -70.51 -18.65
N VAL V 69 109.77 -70.01 -17.50
CA VAL V 69 108.43 -69.47 -17.34
C VAL V 69 108.58 -67.95 -17.46
N ILE V 70 107.49 -67.24 -17.72
CA ILE V 70 107.55 -65.78 -17.78
C ILE V 70 108.11 -65.21 -16.48
N MET V 71 109.14 -64.39 -16.61
CA MET V 71 109.71 -63.70 -15.46
C MET V 71 108.85 -62.50 -15.08
N PRO V 72 108.34 -62.43 -13.85
CA PRO V 72 107.82 -61.15 -13.34
C PRO V 72 108.97 -60.25 -12.93
N ASN V 73 108.83 -58.95 -13.16
CA ASN V 73 109.95 -58.02 -13.05
C ASN V 73 109.78 -57.10 -11.87
N GLU V 74 110.91 -56.79 -11.21
CA GLU V 74 111.01 -55.72 -10.24
C GLU V 74 112.05 -54.72 -10.72
N ASN V 75 111.92 -53.48 -10.28
CA ASN V 75 112.79 -52.39 -10.74
C ASN V 75 113.87 -52.11 -9.69
N GLN V 76 115.10 -51.94 -10.17
CA GLN V 76 116.20 -51.50 -9.33
C GLN V 76 116.65 -50.13 -9.83
N SER V 77 116.53 -49.12 -8.98
CA SER V 77 116.82 -47.75 -9.37
C SER V 77 117.90 -47.17 -8.47
N ILE V 78 118.87 -46.51 -9.08
CA ILE V 78 119.91 -45.77 -8.38
C ILE V 78 119.93 -44.36 -8.93
N ARG V 79 119.61 -43.38 -8.08
CA ARG V 79 119.48 -41.99 -8.48
C ARG V 79 120.40 -41.13 -7.63
N THR V 80 121.25 -40.34 -8.27
CA THR V 80 122.16 -39.44 -7.58
C THR V 80 122.02 -38.04 -8.14
N VAL V 81 122.16 -37.05 -7.27
CA VAL V 81 122.08 -35.64 -7.63
C VAL V 81 123.28 -34.93 -7.02
N ILE V 82 124.01 -34.19 -7.85
CA ILE V 82 125.17 -33.42 -7.42
C ILE V 82 124.88 -31.96 -7.70
N SER V 83 124.88 -31.14 -6.65
CA SER V 83 124.58 -29.71 -6.77
C SER V 83 125.75 -28.92 -6.20
N GLY V 84 126.23 -27.95 -6.99
CA GLY V 84 127.32 -27.10 -6.54
C GLY V 84 127.75 -26.10 -7.59
N SER V 85 128.48 -25.07 -7.17
CA SER V 85 128.96 -24.07 -8.10
C SER V 85 130.03 -24.66 -9.00
N ALA V 86 130.04 -24.22 -10.26
CA ALA V 86 131.01 -24.73 -11.22
C ALA V 86 132.42 -24.25 -10.89
N GLU V 87 132.53 -23.17 -10.12
CA GLU V 87 133.85 -22.61 -9.83
C GLU V 87 134.58 -23.42 -8.76
N ASN V 88 133.89 -24.33 -8.09
CA ASN V 88 134.47 -25.17 -7.04
C ASN V 88 134.43 -26.64 -7.45
N LEU V 89 134.77 -26.92 -8.71
CA LEU V 89 134.63 -28.28 -9.23
C LEU V 89 135.57 -29.26 -8.55
N ALA V 90 136.81 -28.82 -8.26
CA ALA V 90 137.77 -29.72 -7.63
C ALA V 90 137.30 -30.17 -6.26
N THR V 91 136.81 -29.22 -5.46
CA THR V 91 136.26 -29.55 -4.16
C THR V 91 134.98 -30.36 -4.27
N LEU V 92 134.16 -30.12 -5.30
CA LEU V 92 132.98 -30.94 -5.51
C LEU V 92 133.37 -32.38 -5.84
N LYS V 93 134.43 -32.56 -6.61
CA LYS V 93 134.92 -33.90 -6.91
C LYS V 93 135.45 -34.59 -5.67
N ALA V 94 136.15 -33.84 -4.81
CA ALA V 94 136.59 -34.41 -3.53
C ALA V 94 135.38 -34.83 -2.69
N GLU V 95 134.34 -33.99 -2.66
CA GLU V 95 133.12 -34.35 -1.95
C GLU V 95 132.50 -35.60 -2.54
N TRP V 96 132.53 -35.74 -3.86
CA TRP V 96 131.97 -36.93 -4.51
C TRP V 96 132.74 -38.17 -4.13
N GLU V 97 134.07 -38.09 -4.07
CA GLU V 97 134.88 -39.22 -3.66
C GLU V 97 134.58 -39.61 -2.21
N THR V 98 134.47 -38.62 -1.33
CA THR V 98 134.14 -38.90 0.07
C THR V 98 132.76 -39.51 0.20
N HIS V 99 131.80 -39.02 -0.59
CA HIS V 99 130.45 -39.58 -0.59
C HIS V 99 130.47 -41.03 -1.05
N LYS V 100 131.25 -41.33 -2.08
CA LYS V 100 131.39 -42.71 -2.52
C LYS V 100 131.94 -43.59 -1.41
N ARG V 101 132.98 -43.09 -0.72
CA ARG V 101 133.59 -43.87 0.36
C ARG V 101 132.58 -44.14 1.47
N ASN V 102 131.82 -43.12 1.86
CA ASN V 102 130.86 -43.29 2.96
C ASN V 102 129.73 -44.22 2.57
N VAL V 103 129.20 -44.08 1.35
CA VAL V 103 128.12 -44.95 0.91
C VAL V 103 128.62 -46.39 0.79
N ASP V 104 129.86 -46.58 0.36
CA ASP V 104 130.43 -47.92 0.33
C ASP V 104 130.53 -48.50 1.73
N THR V 105 130.97 -47.68 2.69
CA THR V 105 131.08 -48.14 4.07
C THR V 105 129.73 -48.58 4.61
N LEU V 106 128.67 -47.81 4.34
CA LEU V 106 127.36 -48.17 4.84
C LEU V 106 126.71 -49.34 4.09
N PHE V 107 126.87 -49.39 2.77
CA PHE V 107 126.10 -50.29 1.92
C PHE V 107 126.92 -51.47 1.41
N ALA V 108 128.04 -51.19 0.76
CA ALA V 108 128.81 -52.26 0.11
C ALA V 108 129.41 -53.20 1.15
N SER V 109 129.98 -52.66 2.22
CA SER V 109 130.58 -53.47 3.27
C SER V 109 129.69 -53.60 4.50
N GLY V 110 128.57 -52.89 4.56
CA GLY V 110 127.67 -52.97 5.68
C GLY V 110 126.44 -53.81 5.37
N ASN V 111 125.36 -53.50 6.10
CA ASN V 111 124.10 -54.21 5.96
C ASN V 111 122.95 -53.25 5.69
N ALA V 112 123.25 -52.07 5.14
CA ALA V 112 122.19 -51.10 4.87
C ALA V 112 121.23 -51.58 3.80
N GLY V 113 121.68 -52.47 2.91
CA GLY V 113 120.80 -52.96 1.86
C GLY V 113 119.73 -53.90 2.38
N LEU V 114 119.90 -54.40 3.60
CA LEU V 114 118.90 -55.28 4.20
C LEU V 114 118.03 -54.50 5.19
N GLY V 115 118.16 -53.18 5.21
CA GLY V 115 117.38 -52.37 6.13
C GLY V 115 118.00 -52.25 7.50
N PHE V 116 119.29 -51.91 7.57
CA PHE V 116 120.00 -51.81 8.83
C PHE V 116 120.82 -50.54 8.87
N LEU V 117 120.97 -49.97 10.06
CA LEU V 117 121.85 -48.83 10.31
C LEU V 117 122.88 -49.24 11.34
N ASP V 118 124.15 -48.90 11.08
CA ASP V 118 125.23 -49.26 11.99
C ASP V 118 125.78 -47.97 12.61
N PRO V 119 125.42 -47.63 13.84
CA PRO V 119 125.86 -46.35 14.42
C PRO V 119 127.37 -46.23 14.60
N THR V 120 128.10 -47.34 14.66
CA THR V 120 129.54 -47.30 14.87
C THR V 120 130.33 -47.43 13.57
N ALA V 121 129.66 -47.30 12.42
CA ALA V 121 130.37 -47.35 11.14
C ALA V 121 131.32 -46.17 11.02
N ALA V 122 132.45 -46.41 10.36
CA ALA V 122 133.51 -45.41 10.25
C ALA V 122 133.22 -44.50 9.07
N ILE V 123 132.56 -43.38 9.37
CA ILE V 123 132.25 -42.35 8.38
C ILE V 123 133.27 -41.23 8.52
N VAL V 124 133.82 -40.79 7.38
CA VAL V 124 134.89 -39.80 7.38
C VAL V 124 134.47 -38.59 6.55
N SER V 125 135.14 -37.48 6.79
CA SER V 125 134.88 -36.24 6.08
C SER V 125 135.83 -36.07 4.90
N SER V 126 135.54 -35.07 4.07
CA SER V 126 136.40 -34.79 2.92
C SER V 126 137.69 -34.10 3.32
N ASP V 127 137.68 -33.34 4.42
CA ASP V 127 138.88 -32.64 4.84
C ASP V 127 139.92 -33.64 5.38
N THR V 128 141.18 -33.24 5.31
CA THR V 128 142.30 -34.06 5.76
C THR V 128 142.99 -33.39 6.95
N THR V 129 143.61 -34.21 7.78
CA THR V 129 144.31 -33.73 8.95
C THR V 129 145.68 -33.19 8.57
N ALA W 1 146.30 -16.14 -28.46
CA ALA W 1 145.45 -17.31 -28.54
C ALA W 1 144.21 -17.13 -27.68
N ASN W 2 143.08 -16.87 -28.33
CA ASN W 2 141.83 -16.67 -27.62
C ASN W 2 141.32 -18.00 -27.06
N LYS W 3 140.62 -17.93 -25.93
CA LYS W 3 140.12 -19.13 -25.29
C LYS W 3 138.97 -19.73 -26.09
N PRO W 4 139.03 -21.01 -26.43
CA PRO W 4 137.93 -21.62 -27.20
C PRO W 4 136.67 -21.78 -26.37
N MET W 5 135.54 -21.86 -27.07
CA MET W 5 134.25 -22.06 -26.46
C MET W 5 133.65 -23.39 -26.91
N GLN W 6 132.79 -23.94 -26.05
CA GLN W 6 132.03 -25.15 -26.36
C GLN W 6 130.54 -24.88 -26.25
N PRO W 7 129.71 -25.53 -27.04
CA PRO W 7 128.26 -25.31 -26.94
C PRO W 7 127.71 -25.94 -25.67
N ILE W 8 126.80 -25.21 -25.02
CA ILE W 8 126.18 -25.64 -23.78
C ILE W 8 124.72 -26.05 -24.00
N THR W 9 123.99 -25.28 -24.81
CA THR W 9 122.64 -25.65 -25.22
C THR W 9 122.59 -25.71 -26.75
N SER W 10 122.03 -26.80 -27.26
CA SER W 10 122.08 -27.05 -28.70
C SER W 10 120.67 -27.20 -29.24
N THR W 11 120.29 -26.28 -30.12
CA THR W 11 119.06 -26.36 -30.89
C THR W 11 119.31 -25.75 -32.27
N ALA W 12 118.74 -26.38 -33.29
CA ALA W 12 118.97 -25.90 -34.65
C ALA W 12 118.45 -24.48 -34.82
N ASN W 13 117.45 -24.09 -34.05
CA ASN W 13 116.97 -22.72 -34.08
C ASN W 13 117.90 -21.77 -33.32
N LYS W 14 118.53 -22.24 -32.23
CA LYS W 14 119.33 -21.39 -31.37
C LYS W 14 120.42 -22.21 -30.70
N ILE W 15 121.67 -21.79 -30.88
CA ILE W 15 122.81 -22.39 -30.21
C ILE W 15 123.56 -21.32 -29.43
N VAL W 16 123.89 -21.62 -28.18
CA VAL W 16 124.62 -20.70 -27.31
C VAL W 16 125.95 -21.34 -26.96
N TRP W 17 127.03 -20.58 -27.10
CA TRP W 17 128.36 -21.00 -26.71
C TRP W 17 128.69 -20.43 -25.34
N SER W 18 129.65 -21.07 -24.67
CA SER W 18 130.03 -20.63 -23.34
C SER W 18 131.51 -20.96 -23.10
N ASP W 19 132.17 -20.09 -22.35
CA ASP W 19 133.56 -20.31 -21.98
C ASP W 19 133.61 -21.27 -20.80
N PRO W 20 134.31 -22.40 -20.90
CA PRO W 20 134.38 -23.33 -19.78
C PRO W 20 134.98 -22.73 -18.51
N THR W 21 135.88 -21.76 -18.63
CA THR W 21 136.49 -21.16 -17.46
C THR W 21 135.69 -19.98 -16.90
N ARG W 22 134.87 -19.33 -17.73
CA ARG W 22 134.03 -18.23 -17.27
C ARG W 22 132.65 -18.41 -17.90
N LEU W 23 131.73 -19.03 -17.15
CA LEU W 23 130.42 -19.33 -17.70
C LEU W 23 129.58 -18.08 -17.93
N SER W 24 130.00 -16.93 -17.40
CA SER W 24 129.27 -15.69 -17.62
C SER W 24 129.45 -15.15 -19.03
N THR W 25 130.40 -15.68 -19.80
CA THR W 25 130.63 -15.25 -21.17
C THR W 25 129.89 -16.19 -22.11
N THR W 26 128.95 -15.66 -22.88
CA THR W 26 128.11 -16.45 -23.77
C THR W 26 128.08 -15.82 -25.15
N PHE W 27 127.87 -16.66 -26.16
CA PHE W 27 127.67 -16.21 -27.53
C PHE W 27 126.51 -17.01 -28.12
N SER W 28 125.48 -16.30 -28.56
CA SER W 28 124.25 -16.93 -29.03
C SER W 28 124.01 -16.59 -30.49
N ALA W 29 123.62 -17.60 -31.27
CA ALA W 29 123.24 -17.43 -32.66
C ALA W 29 121.87 -18.06 -32.87
N SER W 30 120.93 -17.26 -33.35
CA SER W 30 119.57 -17.71 -33.59
C SER W 30 119.17 -17.30 -35.00
N LEU W 31 118.66 -18.26 -35.77
CA LEU W 31 118.22 -18.01 -37.15
C LEU W 31 116.73 -18.29 -37.26
N LEU W 32 116.00 -17.35 -37.85
CA LEU W 32 114.58 -17.52 -38.15
C LEU W 32 114.38 -17.38 -39.64
N ARG W 33 113.73 -18.37 -40.25
CA ARG W 33 113.56 -18.42 -41.69
C ARG W 33 112.08 -18.38 -42.03
N GLN W 34 111.73 -17.56 -43.02
CA GLN W 34 110.35 -17.40 -43.48
C GLN W 34 110.35 -17.24 -45.00
N ARG W 35 109.27 -17.68 -45.62
CA ARG W 35 109.12 -17.57 -47.08
C ARG W 35 108.35 -16.29 -47.37
N VAL W 36 109.05 -15.16 -47.28
CA VAL W 36 108.47 -13.86 -47.59
C VAL W 36 108.70 -13.59 -49.07
N LYS W 37 107.71 -13.91 -49.89
CA LYS W 37 107.88 -13.83 -51.34
C LYS W 37 107.36 -12.49 -51.87
N VAL W 38 108.19 -11.84 -52.68
CA VAL W 38 107.77 -10.64 -53.40
C VAL W 38 106.98 -11.07 -54.62
N GLY W 39 106.35 -10.10 -55.29
CA GLY W 39 105.50 -10.40 -56.44
C GLY W 39 106.18 -11.22 -57.51
N ILE W 40 105.47 -12.22 -58.02
CA ILE W 40 105.89 -13.13 -59.09
C ILE W 40 107.30 -13.67 -58.86
N ALA W 41 107.69 -13.82 -57.60
CA ALA W 41 108.99 -14.35 -57.26
C ALA W 41 108.90 -15.09 -55.93
N GLU W 42 109.86 -15.97 -55.71
CA GLU W 42 109.97 -16.73 -54.46
C GLU W 42 111.29 -16.39 -53.79
N LEU W 43 111.24 -16.04 -52.51
CA LEU W 43 112.43 -15.64 -51.76
C LEU W 43 112.38 -16.23 -50.37
N ASN W 44 113.50 -16.80 -49.92
CA ASN W 44 113.65 -17.31 -48.57
C ASN W 44 114.58 -16.40 -47.80
N ASN W 45 114.06 -15.71 -46.80
CA ASN W 45 114.84 -14.78 -46.00
C ASN W 45 115.22 -15.42 -44.68
N VAL W 46 116.40 -15.08 -44.18
CA VAL W 46 116.95 -15.64 -42.95
C VAL W 46 117.37 -14.48 -42.07
N SER W 47 116.59 -14.21 -41.03
CA SER W 47 116.92 -13.16 -40.07
C SER W 47 117.73 -13.77 -38.93
N GLY W 48 119.01 -13.41 -38.87
CA GLY W 48 119.89 -13.98 -37.87
C GLY W 48 120.31 -13.01 -36.78
N GLN W 49 120.09 -13.40 -35.53
CA GLN W 49 120.42 -12.56 -34.38
C GLN W 49 121.60 -13.19 -33.64
N TYR W 50 122.66 -12.41 -33.47
CA TYR W 50 123.87 -12.86 -32.79
C TYR W 50 124.10 -11.95 -31.59
N VAL W 51 124.23 -12.55 -30.40
CA VAL W 51 124.35 -11.81 -29.14
C VAL W 51 125.62 -12.25 -28.44
N SER W 52 126.43 -11.27 -28.03
CA SER W 52 127.63 -11.51 -27.24
C SER W 52 127.45 -10.89 -25.86
N VAL W 53 127.69 -11.69 -24.82
CA VAL W 53 127.50 -11.25 -23.45
C VAL W 53 128.79 -11.48 -22.68
N TYR W 54 129.27 -10.44 -22.00
CA TYR W 54 130.43 -10.53 -21.12
C TYR W 54 130.16 -9.66 -19.90
N LYS W 55 130.42 -10.23 -18.72
CA LYS W 55 130.26 -9.51 -17.45
C LYS W 55 131.64 -9.17 -16.91
N ARG W 56 132.01 -7.89 -16.99
CA ARG W 56 133.33 -7.43 -16.63
C ARG W 56 133.27 -6.64 -15.34
N PRO W 57 134.25 -6.82 -14.44
CA PRO W 57 134.28 -6.00 -13.23
C PRO W 57 134.45 -4.53 -13.55
N ALA W 58 133.82 -3.69 -12.72
CA ALA W 58 133.94 -2.27 -12.88
C ALA W 58 135.39 -1.84 -12.64
N PRO W 59 135.84 -0.77 -13.29
CA PRO W 59 137.27 -0.40 -13.19
C PRO W 59 137.70 -0.03 -11.79
N LYS W 60 138.83 -0.59 -11.36
CA LYS W 60 139.42 -0.28 -10.06
C LYS W 60 139.94 1.14 -10.06
N PRO W 61 140.03 1.80 -8.90
CA PRO W 61 140.57 3.16 -8.85
C PRO W 61 141.98 3.25 -9.41
N GLU W 62 142.27 4.34 -10.12
CA GLU W 62 143.54 4.44 -10.85
C GLU W 62 144.74 4.41 -9.91
N GLY W 63 144.65 5.13 -8.79
CA GLY W 63 145.74 5.15 -7.84
C GLY W 63 145.62 4.07 -6.78
N CYS W 64 145.57 2.81 -7.21
CA CYS W 64 145.40 1.69 -6.29
C CYS W 64 146.42 0.61 -6.59
N ALA W 65 146.99 0.05 -5.52
CA ALA W 65 147.90 -1.09 -5.62
C ALA W 65 147.48 -2.24 -4.73
N ASP W 66 146.23 -2.28 -4.28
CA ASP W 66 145.79 -3.34 -3.37
C ASP W 66 145.80 -4.69 -4.07
N ALA W 67 146.08 -5.74 -3.29
CA ALA W 67 146.21 -7.09 -3.83
C ALA W 67 144.91 -7.58 -4.44
N CYS W 68 143.86 -7.70 -3.64
CA CYS W 68 142.60 -8.26 -4.10
C CYS W 68 141.42 -7.48 -3.52
N VAL W 69 140.81 -6.64 -4.35
CA VAL W 69 139.52 -6.03 -4.05
C VAL W 69 138.64 -6.17 -5.29
N ILE W 70 137.46 -6.77 -5.12
CA ILE W 70 136.59 -7.09 -6.24
C ILE W 70 135.33 -6.27 -6.13
N MET W 71 134.97 -5.58 -7.21
CA MET W 71 133.75 -4.79 -7.28
C MET W 71 132.81 -5.41 -8.31
N PRO W 72 131.50 -5.23 -8.18
CA PRO W 72 130.55 -6.04 -8.95
C PRO W 72 130.66 -5.81 -10.46
N ASN W 73 130.21 -6.83 -11.19
CA ASN W 73 130.33 -6.87 -12.64
C ASN W 73 129.25 -6.02 -13.30
N GLU W 74 129.58 -5.55 -14.51
CA GLU W 74 128.64 -4.80 -15.33
C GLU W 74 128.33 -5.61 -16.59
N ASN W 75 127.19 -5.34 -17.21
CA ASN W 75 126.77 -6.12 -18.36
C ASN W 75 127.23 -5.45 -19.65
N GLN W 76 128.01 -6.18 -20.45
CA GLN W 76 128.45 -5.73 -21.76
C GLN W 76 127.78 -6.60 -22.80
N SER W 77 127.02 -5.99 -23.71
CA SER W 77 126.25 -6.71 -24.70
C SER W 77 126.47 -6.11 -26.08
N ILE W 78 126.71 -6.98 -27.06
CA ILE W 78 126.80 -6.60 -28.46
C ILE W 78 125.87 -7.51 -29.25
N ARG W 79 124.88 -6.93 -29.90
CA ARG W 79 123.83 -7.68 -30.58
C ARG W 79 123.76 -7.26 -32.04
N THR W 80 123.82 -8.23 -32.94
CA THR W 80 123.79 -7.99 -34.37
C THR W 80 122.69 -8.80 -35.01
N VAL W 81 121.87 -8.14 -35.84
CA VAL W 81 120.76 -8.78 -36.53
C VAL W 81 120.98 -8.58 -38.03
N ILE W 82 120.99 -9.69 -38.78
CA ILE W 82 121.19 -9.67 -40.22
C ILE W 82 119.97 -10.32 -40.87
N SER W 83 119.31 -9.57 -41.74
CA SER W 83 118.10 -10.04 -42.42
C SER W 83 118.28 -9.88 -43.92
N GLY W 84 118.04 -10.95 -44.66
CA GLY W 84 118.15 -10.91 -46.11
C GLY W 84 117.81 -12.23 -46.77
N SER W 85 117.55 -12.20 -48.07
CA SER W 85 117.23 -13.42 -48.80
C SER W 85 118.45 -14.29 -48.98
N ALA W 86 118.23 -15.60 -49.13
CA ALA W 86 119.34 -16.53 -49.31
C ALA W 86 119.95 -16.37 -50.70
N GLU W 87 119.19 -15.84 -51.65
CA GLU W 87 119.68 -15.71 -53.02
C GLU W 87 120.76 -14.64 -53.13
N ASN W 88 120.72 -13.64 -52.25
CA ASN W 88 121.62 -12.49 -52.30
C ASN W 88 122.72 -12.59 -51.24
N LEU W 89 123.27 -13.78 -51.02
CA LEU W 89 124.24 -13.97 -49.94
C LEU W 89 125.51 -13.17 -50.18
N ALA W 90 126.00 -13.13 -51.42
CA ALA W 90 127.25 -12.42 -51.70
C ALA W 90 127.09 -10.92 -51.45
N THR W 91 125.99 -10.34 -51.92
CA THR W 91 125.73 -8.93 -51.68
C THR W 91 125.50 -8.65 -50.19
N LEU W 92 124.86 -9.58 -49.48
CA LEU W 92 124.68 -9.39 -48.05
C LEU W 92 126.02 -9.43 -47.32
N LYS W 93 126.94 -10.28 -47.77
CA LYS W 93 128.28 -10.30 -47.19
C LYS W 93 129.03 -9.00 -47.47
N ALA W 94 128.88 -8.47 -48.68
CA ALA W 94 129.48 -7.16 -48.97
C ALA W 94 128.90 -6.07 -48.07
N GLU W 95 127.58 -6.11 -47.86
CA GLU W 95 126.94 -5.16 -46.95
C GLU W 95 127.47 -5.33 -45.53
N TRP W 96 127.72 -6.57 -45.13
CA TRP W 96 128.26 -6.82 -43.79
C TRP W 96 129.66 -6.26 -43.64
N GLU W 97 130.48 -6.39 -44.67
CA GLU W 97 131.82 -5.78 -44.63
C GLU W 97 131.73 -4.26 -44.54
N THR W 98 130.82 -3.66 -45.34
CA THR W 98 130.64 -2.21 -45.27
C THR W 98 130.15 -1.79 -43.89
N HIS W 99 129.25 -2.57 -43.30
CA HIS W 99 128.76 -2.28 -41.95
C HIS W 99 129.90 -2.37 -40.94
N LYS W 100 130.77 -3.37 -41.08
CA LYS W 100 131.96 -3.42 -40.25
C LYS W 100 132.75 -2.13 -40.34
N ARG W 101 133.03 -1.68 -41.57
CA ARG W 101 133.88 -0.51 -41.75
C ARG W 101 133.23 0.73 -41.14
N ASN W 102 131.92 0.90 -41.36
CA ASN W 102 131.24 2.08 -40.85
C ASN W 102 131.17 2.07 -39.32
N VAL W 103 130.79 0.94 -38.73
CA VAL W 103 130.72 0.86 -37.27
C VAL W 103 132.10 1.05 -36.66
N ASP W 104 133.13 0.53 -37.33
CA ASP W 104 134.49 0.71 -36.82
C ASP W 104 134.91 2.18 -36.85
N THR W 105 134.65 2.86 -37.96
CA THR W 105 135.08 4.26 -38.05
C THR W 105 134.25 5.15 -37.14
N LEU W 106 133.07 4.70 -36.74
CA LEU W 106 132.30 5.48 -35.77
C LEU W 106 132.67 5.17 -34.31
N PHE W 107 132.97 3.90 -34.01
CA PHE W 107 133.13 3.42 -32.65
C PHE W 107 134.60 3.26 -32.25
N ALA W 108 135.35 2.46 -32.98
CA ALA W 108 136.72 2.14 -32.58
C ALA W 108 137.63 3.36 -32.71
N SER W 109 137.55 4.06 -33.83
CA SER W 109 138.35 5.26 -34.05
C SER W 109 137.63 6.55 -33.70
N GLY W 110 136.39 6.46 -33.20
CA GLY W 110 135.62 7.62 -32.83
C GLY W 110 135.34 7.69 -31.34
N ASN W 111 134.34 8.49 -30.99
CA ASN W 111 133.90 8.66 -29.61
C ASN W 111 132.46 8.23 -29.39
N ALA W 112 131.93 7.39 -30.29
CA ALA W 112 130.57 6.89 -30.12
C ALA W 112 130.44 6.05 -28.85
N GLY W 113 131.52 5.36 -28.46
CA GLY W 113 131.49 4.62 -27.22
C GLY W 113 131.36 5.50 -25.99
N LEU W 114 132.03 6.65 -25.99
CA LEU W 114 131.92 7.61 -24.90
C LEU W 114 130.64 8.43 -24.98
N GLY W 115 130.00 8.47 -26.15
CA GLY W 115 128.73 9.16 -26.27
C GLY W 115 128.73 10.39 -27.14
N PHE W 116 129.68 10.52 -28.07
CA PHE W 116 129.78 11.67 -28.95
C PHE W 116 129.64 11.22 -30.39
N LEU W 117 128.85 11.96 -31.17
CA LEU W 117 128.68 11.71 -32.60
C LEU W 117 129.40 12.78 -33.40
N ASP W 118 130.10 12.36 -34.45
CA ASP W 118 130.82 13.29 -35.31
C ASP W 118 130.13 13.36 -36.66
N PRO W 119 129.42 14.45 -36.98
CA PRO W 119 128.81 14.57 -38.31
C PRO W 119 129.80 14.52 -39.46
N THR W 120 131.10 14.59 -39.20
CA THR W 120 132.12 14.62 -40.24
C THR W 120 132.79 13.28 -40.48
N ALA W 121 132.23 12.19 -39.94
CA ALA W 121 132.82 10.88 -40.11
C ALA W 121 132.79 10.46 -41.57
N ALA W 122 133.77 9.66 -41.97
CA ALA W 122 133.90 9.20 -43.36
C ALA W 122 133.17 7.88 -43.51
N ILE W 123 131.88 7.97 -43.77
CA ILE W 123 131.04 6.79 -43.99
C ILE W 123 131.01 6.47 -45.48
N VAL W 124 131.25 5.20 -45.81
CA VAL W 124 131.35 4.76 -47.21
C VAL W 124 130.37 3.62 -47.45
N SER W 125 129.94 3.49 -48.70
CA SER W 125 128.93 2.51 -49.06
C SER W 125 129.56 1.27 -49.69
N SER W 126 128.73 0.25 -49.88
CA SER W 126 129.22 -1.00 -50.48
C SER W 126 129.54 -0.85 -51.96
N ASP W 127 128.81 0.00 -52.68
CA ASP W 127 129.06 0.19 -54.10
C ASP W 127 130.40 0.88 -54.33
N THR W 128 131.03 0.55 -55.44
CA THR W 128 132.34 1.10 -55.80
C THR W 128 132.23 1.96 -57.05
N THR W 129 133.14 2.92 -57.15
CA THR W 129 133.15 3.84 -58.29
C THR W 129 133.74 3.15 -59.53
N ALA X 1 129.73 -37.80 -57.03
CA ALA X 1 129.88 -36.93 -55.87
C ALA X 1 128.60 -36.15 -55.59
N ASN X 2 127.71 -36.75 -54.80
CA ASN X 2 126.46 -36.09 -54.46
C ASN X 2 126.70 -34.95 -53.48
N LYS X 3 125.82 -33.97 -53.49
CA LYS X 3 126.00 -32.77 -52.67
C LYS X 3 125.68 -33.07 -51.21
N PRO X 4 126.58 -32.78 -50.28
CA PRO X 4 126.25 -32.93 -48.86
C PRO X 4 125.08 -32.07 -48.45
N MET X 5 124.36 -32.52 -47.43
CA MET X 5 123.23 -31.79 -46.87
C MET X 5 123.47 -31.54 -45.39
N GLN X 6 122.84 -30.50 -44.85
CA GLN X 6 123.01 -30.11 -43.47
C GLN X 6 121.64 -30.00 -42.76
N PRO X 7 121.60 -30.19 -41.44
CA PRO X 7 120.31 -30.16 -40.75
C PRO X 7 119.78 -28.75 -40.51
N ILE X 8 118.52 -28.53 -40.89
CA ILE X 8 117.88 -27.24 -40.60
C ILE X 8 117.12 -27.26 -39.28
N THR X 9 116.57 -28.41 -38.89
CA THR X 9 115.83 -28.53 -37.64
C THR X 9 116.27 -29.81 -36.94
N SER X 10 116.77 -29.68 -35.72
CA SER X 10 117.28 -30.81 -34.96
C SER X 10 116.47 -30.94 -33.68
N THR X 11 115.94 -32.14 -33.43
CA THR X 11 115.14 -32.43 -32.26
C THR X 11 115.40 -33.87 -31.85
N ALA X 12 115.08 -34.18 -30.59
CA ALA X 12 115.28 -35.54 -30.09
C ALA X 12 114.38 -36.54 -30.82
N ASN X 13 113.35 -36.06 -31.50
CA ASN X 13 112.41 -36.93 -32.20
C ASN X 13 112.32 -36.69 -33.70
N LYS X 14 113.00 -35.67 -34.22
CA LYS X 14 112.90 -35.35 -35.64
C LYS X 14 114.09 -34.51 -36.06
N ILE X 15 114.74 -34.90 -37.16
CA ILE X 15 115.82 -34.13 -37.76
C ILE X 15 115.51 -33.97 -39.24
N VAL X 16 115.61 -32.73 -39.73
CA VAL X 16 115.32 -32.39 -41.11
C VAL X 16 116.59 -31.85 -41.75
N TRP X 17 117.00 -32.45 -42.86
CA TRP X 17 118.16 -32.01 -43.62
C TRP X 17 117.70 -31.17 -44.82
N SER X 18 118.64 -30.44 -45.40
CA SER X 18 118.35 -29.62 -46.57
C SER X 18 119.64 -29.31 -47.32
N ASP X 19 119.51 -29.17 -48.63
CA ASP X 19 120.67 -28.84 -49.46
C ASP X 19 120.94 -27.34 -49.39
N PRO X 20 122.18 -26.94 -49.11
CA PRO X 20 122.49 -25.49 -49.09
C PRO X 20 122.21 -24.80 -50.41
N THR X 21 122.47 -25.46 -51.54
CA THR X 21 122.27 -24.82 -52.83
C THR X 21 120.78 -24.64 -53.13
N ARG X 22 119.98 -25.69 -52.95
CA ARG X 22 118.55 -25.62 -53.19
C ARG X 22 117.83 -25.99 -51.90
N LEU X 23 117.04 -25.05 -51.38
CA LEU X 23 116.45 -25.24 -50.06
C LEU X 23 115.14 -26.02 -50.13
N SER X 24 114.62 -26.24 -51.34
CA SER X 24 113.37 -26.95 -51.50
C SER X 24 113.53 -28.43 -51.17
N THR X 25 114.70 -28.99 -51.45
CA THR X 25 114.96 -30.40 -51.23
C THR X 25 115.28 -30.64 -49.76
N THR X 26 114.41 -31.38 -49.07
CA THR X 26 114.61 -31.70 -47.67
C THR X 26 114.43 -33.19 -47.45
N PHE X 27 115.15 -33.72 -46.47
CA PHE X 27 115.05 -35.11 -46.04
C PHE X 27 114.78 -35.12 -44.55
N SER X 28 113.66 -35.74 -44.16
CA SER X 28 113.21 -35.72 -42.78
C SER X 28 113.12 -37.13 -42.23
N ALA X 29 113.56 -37.29 -40.98
CA ALA X 29 113.50 -38.56 -40.27
C ALA X 29 112.84 -38.32 -38.92
N SER X 30 111.81 -39.09 -38.62
CA SER X 30 111.07 -38.98 -37.37
C SER X 30 110.90 -40.36 -36.77
N LEU X 31 111.14 -40.48 -35.47
CA LEU X 31 111.03 -41.75 -34.76
C LEU X 31 110.07 -41.59 -33.60
N LEU X 32 109.19 -42.59 -33.42
CA LEU X 32 108.34 -42.69 -32.26
C LEU X 32 108.62 -44.01 -31.56
N ARG X 33 108.74 -43.97 -30.24
CA ARG X 33 109.14 -45.13 -29.46
C ARG X 33 108.06 -45.47 -28.45
N GLN X 34 107.52 -46.68 -28.54
CA GLN X 34 106.46 -47.14 -27.66
C GLN X 34 106.76 -48.56 -27.21
N ARG X 35 106.34 -48.88 -25.99
CA ARG X 35 106.42 -50.25 -25.50
C ARG X 35 105.15 -50.99 -25.88
N VAL X 36 105.32 -52.16 -26.50
CA VAL X 36 104.21 -52.95 -27.00
C VAL X 36 103.98 -54.12 -26.05
N LYS X 37 102.74 -54.26 -25.60
CA LYS X 37 102.35 -55.33 -24.68
C LYS X 37 102.01 -56.57 -25.49
N VAL X 38 102.84 -57.60 -25.37
CA VAL X 38 102.61 -58.88 -26.01
C VAL X 38 102.59 -59.93 -24.91
N GLY X 39 101.78 -60.98 -25.11
CA GLY X 39 101.64 -62.04 -24.14
C GLY X 39 102.98 -62.58 -23.70
N ILE X 40 103.16 -62.69 -22.37
CA ILE X 40 104.39 -63.11 -21.70
C ILE X 40 105.62 -62.49 -22.37
N ALA X 41 105.52 -61.20 -22.71
CA ALA X 41 106.64 -60.49 -23.31
C ALA X 41 106.51 -59.00 -23.02
N GLU X 42 107.65 -58.32 -22.91
CA GLU X 42 107.70 -56.88 -22.75
C GLU X 42 108.76 -56.33 -23.70
N LEU X 43 108.35 -56.02 -24.92
CA LEU X 43 109.24 -55.53 -25.96
C LEU X 43 108.68 -54.24 -26.54
N ASN X 44 109.61 -53.35 -26.95
CA ASN X 44 109.27 -51.99 -27.35
C ASN X 44 109.53 -51.80 -28.84
N ASN X 45 108.55 -51.25 -29.54
CA ASN X 45 108.65 -51.04 -30.97
C ASN X 45 109.17 -49.64 -31.27
N VAL X 46 109.84 -49.51 -32.42
CA VAL X 46 110.32 -48.22 -32.92
C VAL X 46 109.83 -48.06 -34.34
N SER X 47 109.10 -46.98 -34.60
CA SER X 47 108.56 -46.68 -35.92
C SER X 47 109.30 -45.48 -36.49
N GLY X 48 109.80 -45.63 -37.71
CA GLY X 48 110.56 -44.56 -38.33
C GLY X 48 109.98 -44.10 -39.65
N GLN X 49 109.77 -42.79 -39.78
CA GLN X 49 109.23 -42.19 -40.99
C GLN X 49 110.32 -41.38 -41.68
N TYR X 50 110.58 -41.70 -42.94
CA TYR X 50 111.60 -41.02 -43.73
C TYR X 50 110.94 -40.44 -44.98
N VAL X 51 111.03 -39.12 -45.14
CA VAL X 51 110.40 -38.43 -46.25
C VAL X 51 111.46 -37.69 -47.05
N SER X 52 111.51 -37.96 -48.35
CA SER X 52 112.39 -37.25 -49.27
C SER X 52 111.54 -36.49 -50.28
N VAL X 53 111.78 -35.19 -50.38
CA VAL X 53 111.01 -34.32 -51.27
C VAL X 53 111.96 -33.56 -52.18
N TYR X 54 111.63 -33.51 -53.46
CA TYR X 54 112.35 -32.72 -54.44
C TYR X 54 111.35 -31.92 -55.25
N LYS X 55 111.60 -30.63 -55.39
CA LYS X 55 110.69 -29.74 -56.11
C LYS X 55 111.18 -29.57 -57.54
N ARG X 56 111.09 -30.67 -58.30
CA ARG X 56 111.58 -30.69 -59.66
C ARG X 56 110.73 -29.79 -60.56
N PRO X 57 111.35 -29.04 -61.46
CA PRO X 57 110.57 -28.22 -62.39
C PRO X 57 109.77 -29.06 -63.37
N ALA X 58 108.65 -28.49 -63.82
CA ALA X 58 107.82 -29.14 -64.82
C ALA X 58 108.61 -29.29 -66.12
N PRO X 59 108.30 -30.26 -66.97
CA PRO X 59 109.17 -30.49 -68.13
C PRO X 59 109.02 -29.42 -69.19
N LYS X 60 110.16 -28.95 -69.69
CA LYS X 60 110.19 -27.84 -70.62
C LYS X 60 109.52 -28.24 -71.93
N PRO X 61 108.77 -27.32 -72.56
CA PRO X 61 108.16 -27.63 -73.86
C PRO X 61 109.21 -27.92 -74.92
N GLU X 62 108.81 -28.61 -75.99
CA GLU X 62 109.74 -29.16 -76.96
C GLU X 62 110.12 -28.10 -77.99
N GLY X 63 111.40 -28.03 -78.31
CA GLY X 63 111.89 -27.22 -79.41
C GLY X 63 112.04 -25.75 -79.11
N CYS X 64 111.87 -25.31 -77.87
CA CYS X 64 111.99 -23.90 -77.52
C CYS X 64 113.04 -23.73 -76.43
N ALA X 65 114.09 -22.97 -76.75
CA ALA X 65 115.10 -22.61 -75.77
C ALA X 65 114.75 -21.23 -75.22
N ASP X 66 113.88 -21.20 -74.21
CA ASP X 66 113.45 -19.94 -73.62
C ASP X 66 114.63 -19.23 -72.96
N ALA X 67 114.55 -17.91 -72.93
CA ALA X 67 115.64 -17.10 -72.36
C ALA X 67 115.82 -17.41 -70.89
N CYS X 68 114.74 -17.46 -70.13
CA CYS X 68 114.80 -17.72 -68.70
C CYS X 68 113.80 -18.80 -68.32
N VAL X 69 114.18 -19.61 -67.33
CA VAL X 69 113.32 -20.69 -66.88
C VAL X 69 112.10 -20.11 -66.15
N ILE X 70 110.92 -20.50 -66.59
CA ILE X 70 109.67 -20.00 -66.02
C ILE X 70 108.77 -21.18 -65.67
N MET X 71 109.37 -22.36 -65.55
CA MET X 71 108.59 -23.58 -65.35
C MET X 71 107.98 -23.61 -63.96
N PRO X 72 106.68 -23.88 -63.83
CA PRO X 72 106.07 -23.98 -62.51
C PRO X 72 106.29 -25.33 -61.86
N ASN X 73 107.43 -25.47 -61.16
CA ASN X 73 107.88 -26.73 -60.59
C ASN X 73 106.81 -27.52 -59.85
N GLU X 74 106.94 -28.85 -59.87
CA GLU X 74 105.99 -29.76 -59.25
C GLU X 74 106.56 -30.33 -57.96
N ASN X 75 105.83 -31.26 -57.37
CA ASN X 75 106.22 -31.88 -56.11
C ASN X 75 106.51 -33.36 -56.34
N GLN X 76 107.70 -33.80 -55.94
CA GLN X 76 108.08 -35.20 -55.98
C GLN X 76 108.38 -35.64 -54.55
N SER X 77 107.72 -36.70 -54.09
CA SER X 77 107.84 -37.15 -52.72
C SER X 77 108.01 -38.67 -52.67
N ILE X 78 108.88 -39.12 -51.78
CA ILE X 78 109.09 -40.54 -51.50
C ILE X 78 109.09 -40.70 -49.99
N ARG X 79 108.08 -41.39 -49.46
CA ARG X 79 107.89 -41.54 -48.02
C ARG X 79 107.97 -43.01 -47.66
N THR X 80 108.82 -43.33 -46.69
CA THR X 80 109.03 -44.70 -46.24
C THR X 80 108.85 -44.78 -44.74
N VAL X 81 108.07 -45.77 -44.29
CA VAL X 81 107.80 -45.99 -42.87
C VAL X 81 108.27 -47.40 -42.53
N ILE X 82 109.13 -47.51 -41.52
CA ILE X 82 109.64 -48.79 -41.05
C ILE X 82 109.23 -48.95 -39.60
N SER X 83 108.50 -50.02 -39.31
CA SER X 83 108.00 -50.30 -37.96
C SER X 83 108.39 -51.72 -37.59
N GLY X 84 109.00 -51.88 -36.42
CA GLY X 84 109.38 -53.19 -35.94
C GLY X 84 110.03 -53.08 -34.59
N SER X 85 110.06 -54.23 -33.90
CA SER X 85 110.63 -54.28 -32.57
C SER X 85 112.15 -54.22 -32.64
N ALA X 86 112.76 -53.54 -31.68
CA ALA X 86 114.21 -53.38 -31.69
C ALA X 86 114.92 -54.68 -31.36
N GLU X 87 114.22 -55.66 -30.79
CA GLU X 87 114.83 -56.94 -30.46
C GLU X 87 115.21 -57.70 -31.73
N ASN X 88 114.43 -57.52 -32.80
CA ASN X 88 114.63 -58.21 -34.07
C ASN X 88 115.23 -57.31 -35.14
N LEU X 89 116.21 -56.47 -34.77
CA LEU X 89 116.69 -55.44 -35.67
C LEU X 89 117.38 -56.03 -36.91
N ALA X 90 118.16 -57.09 -36.74
CA ALA X 90 118.86 -57.67 -37.88
C ALA X 90 117.88 -58.24 -38.90
N THR X 91 116.86 -58.94 -38.40
CA THR X 91 115.83 -59.47 -39.28
C THR X 91 115.00 -58.37 -39.92
N LEU X 92 114.77 -57.27 -39.19
CA LEU X 92 114.11 -56.12 -39.80
C LEU X 92 114.95 -55.52 -40.92
N LYS X 93 116.27 -55.51 -40.75
CA LYS X 93 117.16 -55.06 -41.83
C LYS X 93 117.06 -55.98 -43.03
N ALA X 94 116.99 -57.29 -42.79
CA ALA X 94 116.80 -58.24 -43.89
C ALA X 94 115.48 -57.97 -44.61
N GLU X 95 114.42 -57.71 -43.83
CA GLU X 95 113.13 -57.36 -44.43
C GLU X 95 113.24 -56.08 -45.26
N TRP X 96 114.02 -55.11 -44.78
CA TRP X 96 114.23 -53.88 -45.54
C TRP X 96 114.92 -54.16 -46.86
N GLU X 97 115.93 -55.04 -46.84
CA GLU X 97 116.62 -55.39 -48.09
C GLU X 97 115.66 -56.07 -49.07
N THR X 98 114.83 -56.99 -48.56
CA THR X 98 113.87 -57.66 -49.43
C THR X 98 112.85 -56.67 -50.00
N HIS X 99 112.40 -55.73 -49.17
CA HIS X 99 111.46 -54.71 -49.63
C HIS X 99 112.09 -53.83 -50.70
N LYS X 100 113.36 -53.46 -50.53
CA LYS X 100 114.05 -52.68 -51.55
C LYS X 100 114.13 -53.46 -52.85
N ARG X 101 114.45 -54.75 -52.77
CA ARG X 101 114.54 -55.56 -53.98
C ARG X 101 113.20 -55.64 -54.69
N ASN X 102 112.12 -55.86 -53.94
CA ASN X 102 110.79 -55.95 -54.56
C ASN X 102 110.37 -54.63 -55.18
N VAL X 103 110.61 -53.51 -54.49
CA VAL X 103 110.23 -52.21 -55.02
C VAL X 103 111.06 -51.88 -56.26
N ASP X 104 112.33 -52.28 -56.27
CA ASP X 104 113.16 -52.10 -57.46
C ASP X 104 112.63 -52.94 -58.62
N THR X 105 112.18 -54.16 -58.33
CA THR X 105 111.64 -55.01 -59.38
C THR X 105 110.38 -54.41 -59.99
N LEU X 106 109.49 -53.88 -59.15
CA LEU X 106 108.25 -53.32 -59.67
C LEU X 106 108.45 -51.96 -60.33
N PHE X 107 109.32 -51.13 -59.78
CA PHE X 107 109.42 -49.72 -60.12
C PHE X 107 110.70 -49.37 -60.87
N ALA X 108 111.86 -49.70 -60.31
CA ALA X 108 113.13 -49.30 -60.93
C ALA X 108 113.31 -49.95 -62.29
N SER X 109 113.00 -51.23 -62.40
CA SER X 109 113.11 -51.95 -63.66
C SER X 109 111.76 -52.28 -64.28
N GLY X 110 110.66 -51.86 -63.66
CA GLY X 110 109.33 -52.09 -64.18
C GLY X 110 108.67 -50.82 -64.65
N ASN X 111 107.37 -50.92 -64.91
CA ASN X 111 106.61 -49.78 -65.41
C ASN X 111 105.56 -49.34 -64.39
N ALA X 112 105.87 -49.49 -63.10
CA ALA X 112 104.94 -49.06 -62.06
C ALA X 112 104.79 -47.55 -62.03
N GLY X 113 105.86 -46.83 -62.40
CA GLY X 113 105.79 -45.38 -62.37
C GLY X 113 104.80 -44.82 -63.38
N LEU X 114 104.67 -45.47 -64.53
CA LEU X 114 103.71 -45.00 -65.52
C LEU X 114 102.28 -45.45 -65.18
N GLY X 115 102.14 -46.38 -64.24
CA GLY X 115 100.83 -46.80 -63.78
C GLY X 115 100.47 -48.24 -64.06
N PHE X 116 101.42 -49.08 -64.45
CA PHE X 116 101.11 -50.47 -64.75
C PHE X 116 101.66 -51.40 -63.68
N LEU X 117 100.80 -52.28 -63.16
CA LEU X 117 101.18 -53.28 -62.17
C LEU X 117 101.26 -54.63 -62.87
N ASP X 118 102.47 -55.15 -63.01
CA ASP X 118 102.67 -56.41 -63.71
C ASP X 118 102.28 -57.58 -62.81
N PRO X 119 101.32 -58.42 -63.20
CA PRO X 119 100.97 -59.57 -62.36
C PRO X 119 101.96 -60.72 -62.45
N THR X 120 102.88 -60.71 -63.41
CA THR X 120 103.87 -61.76 -63.56
C THR X 120 105.25 -61.36 -63.04
N ALA X 121 105.35 -60.26 -62.31
CA ALA X 121 106.64 -59.81 -61.80
C ALA X 121 107.19 -60.80 -60.79
N ALA X 122 108.51 -60.87 -60.70
CA ALA X 122 109.20 -61.81 -59.82
C ALA X 122 109.36 -61.17 -58.44
N ILE X 123 108.34 -61.34 -57.60
CA ILE X 123 108.38 -60.85 -56.23
C ILE X 123 108.97 -61.95 -55.35
N VAL X 124 109.84 -61.54 -54.43
CA VAL X 124 110.68 -62.47 -53.69
C VAL X 124 110.52 -62.22 -52.19
N SER X 125 110.44 -63.29 -51.42
CA SER X 125 110.31 -63.20 -49.97
C SER X 125 111.67 -63.13 -49.30
N SER X 126 111.66 -62.74 -48.02
CA SER X 126 112.90 -62.63 -47.27
C SER X 126 113.46 -63.98 -46.86
N ASP X 127 112.61 -65.00 -46.71
CA ASP X 127 113.09 -66.32 -46.33
C ASP X 127 113.92 -66.93 -47.46
N THR X 128 114.89 -67.75 -47.08
CA THR X 128 115.80 -68.37 -48.02
C THR X 128 115.64 -69.88 -47.99
N THR X 129 115.91 -70.50 -49.14
CA THR X 129 115.82 -71.94 -49.28
C THR X 129 117.14 -72.61 -48.89
N ALA Y 1 111.61 70.93 -66.38
CA ALA Y 1 111.63 69.51 -66.72
C ALA Y 1 110.69 68.72 -65.82
N ASN Y 2 109.57 68.27 -66.39
CA ASN Y 2 108.58 67.54 -65.62
C ASN Y 2 108.98 66.06 -65.51
N LYS Y 3 108.68 65.48 -64.36
CA LYS Y 3 109.13 64.12 -64.05
C LYS Y 3 108.36 63.09 -64.87
N PRO Y 4 109.04 62.17 -65.55
CA PRO Y 4 108.34 61.04 -66.18
C PRO Y 4 107.42 60.33 -65.20
N MET Y 5 106.31 59.83 -65.73
CA MET Y 5 105.35 59.05 -64.95
C MET Y 5 105.15 57.71 -65.64
N GLN Y 6 105.25 56.62 -64.86
CA GLN Y 6 105.26 55.28 -65.44
C GLN Y 6 103.98 54.54 -65.10
N PRO Y 7 103.46 53.72 -66.02
CA PRO Y 7 102.16 53.08 -65.80
C PRO Y 7 102.22 51.97 -64.76
N ILE Y 8 101.11 51.74 -64.10
CA ILE Y 8 100.98 50.63 -63.15
C ILE Y 8 99.98 49.57 -63.61
N THR Y 9 98.88 49.95 -64.24
CA THR Y 9 97.90 49.01 -64.76
C THR Y 9 97.65 49.32 -66.23
N SER Y 10 97.86 48.32 -67.09
CA SER Y 10 97.72 48.49 -68.53
C SER Y 10 96.63 47.54 -69.03
N THR Y 11 95.66 48.11 -69.74
CA THR Y 11 94.57 47.35 -70.31
C THR Y 11 94.09 48.07 -71.56
N ALA Y 12 93.41 47.33 -72.44
CA ALA Y 12 92.90 47.93 -73.68
C ALA Y 12 91.81 48.96 -73.38
N ASN Y 13 91.25 48.94 -72.18
CA ASN Y 13 90.17 49.83 -71.81
C ASN Y 13 90.55 50.88 -70.78
N LYS Y 14 91.68 50.70 -70.09
CA LYS Y 14 92.08 51.63 -69.02
C LYS Y 14 93.58 51.51 -68.78
N ILE Y 15 94.24 52.65 -68.65
CA ILE Y 15 95.65 52.71 -68.28
C ILE Y 15 95.79 53.72 -67.14
N VAL Y 16 96.50 53.33 -66.09
CA VAL Y 16 96.71 54.17 -64.91
C VAL Y 16 98.20 54.47 -64.80
N TRP Y 17 98.54 55.75 -64.73
CA TRP Y 17 99.92 56.20 -64.54
C TRP Y 17 100.06 56.78 -63.14
N SER Y 18 101.15 56.43 -62.46
CA SER Y 18 101.44 56.96 -61.13
C SER Y 18 102.92 57.33 -61.03
N ASP Y 19 103.21 58.38 -60.27
CA ASP Y 19 104.58 58.82 -60.10
C ASP Y 19 105.34 57.83 -59.23
N PRO Y 20 106.51 57.35 -59.68
CA PRO Y 20 107.25 56.39 -58.85
C PRO Y 20 107.64 56.94 -57.49
N THR Y 21 107.95 58.23 -57.39
CA THR Y 21 108.30 58.83 -56.11
C THR Y 21 107.09 59.06 -55.22
N ARG Y 22 105.94 59.41 -55.78
CA ARG Y 22 104.71 59.59 -55.01
C ARG Y 22 103.56 58.85 -55.69
N LEU Y 23 103.30 57.62 -55.29
CA LEU Y 23 102.30 56.80 -55.94
C LEU Y 23 100.88 57.32 -55.68
N SER Y 24 100.73 58.24 -54.74
CA SER Y 24 99.43 58.84 -54.47
C SER Y 24 98.91 59.66 -55.65
N THR Y 25 99.80 60.13 -56.53
CA THR Y 25 99.37 60.88 -57.71
C THR Y 25 99.09 59.91 -58.85
N THR Y 26 97.89 59.98 -59.41
CA THR Y 26 97.46 59.06 -60.43
C THR Y 26 96.91 59.81 -61.64
N PHE Y 27 96.94 59.16 -62.79
CA PHE Y 27 96.34 59.66 -64.01
C PHE Y 27 95.79 58.49 -64.80
N SER Y 28 94.48 58.47 -65.03
CA SER Y 28 93.81 57.34 -65.65
C SER Y 28 93.05 57.79 -66.89
N ALA Y 29 93.11 56.96 -67.93
CA ALA Y 29 92.40 57.20 -69.17
C ALA Y 29 91.59 55.97 -69.53
N SER Y 30 90.27 56.11 -69.59
CA SER Y 30 89.38 55.01 -69.90
C SER Y 30 88.54 55.37 -71.12
N LEU Y 31 88.51 54.47 -72.10
CA LEU Y 31 87.74 54.66 -73.31
C LEU Y 31 86.56 53.70 -73.33
N LEU Y 32 85.37 54.23 -73.61
CA LEU Y 32 84.16 53.44 -73.77
C LEU Y 32 83.57 53.73 -75.14
N ARG Y 33 83.33 52.68 -75.92
CA ARG Y 33 82.95 52.82 -77.32
C ARG Y 33 81.59 52.16 -77.56
N GLN Y 34 80.71 52.87 -78.27
CA GLN Y 34 79.41 52.35 -78.65
C GLN Y 34 79.16 52.68 -80.11
N ARG Y 35 78.14 52.05 -80.68
CA ARG Y 35 77.66 52.35 -82.02
C ARG Y 35 76.32 53.07 -81.90
N VAL Y 36 76.22 54.25 -82.49
CA VAL Y 36 75.02 55.09 -82.39
C VAL Y 36 74.54 55.39 -83.81
N LYS Y 37 73.25 55.16 -84.05
CA LYS Y 37 72.64 55.36 -85.37
C LYS Y 37 72.07 56.77 -85.43
N VAL Y 38 72.96 57.74 -85.65
CA VAL Y 38 72.53 59.13 -85.73
C VAL Y 38 71.92 59.43 -87.09
N GLY Y 39 72.65 59.11 -88.16
CA GLY Y 39 72.24 59.47 -89.50
C GLY Y 39 71.97 58.27 -90.38
N ILE Y 40 71.26 57.28 -89.83
CA ILE Y 40 70.98 55.97 -90.41
C ILE Y 40 72.28 55.32 -90.88
N ALA Y 41 73.40 55.80 -90.32
CA ALA Y 41 74.71 55.20 -90.51
C ALA Y 41 75.32 54.99 -89.14
N GLU Y 42 75.94 53.83 -88.93
CA GLU Y 42 76.43 53.45 -87.61
C GLU Y 42 77.73 54.20 -87.31
N LEU Y 43 77.58 55.40 -86.76
CA LEU Y 43 78.75 56.15 -86.32
C LEU Y 43 79.28 55.57 -85.02
N ASN Y 44 80.61 55.60 -84.87
CA ASN Y 44 81.28 55.02 -83.71
C ASN Y 44 81.79 56.13 -82.80
N ASN Y 45 81.02 56.42 -81.76
CA ASN Y 45 81.44 57.42 -80.78
C ASN Y 45 82.39 56.83 -79.76
N VAL Y 46 83.25 57.68 -79.19
CA VAL Y 46 84.20 57.29 -78.17
C VAL Y 46 84.02 58.22 -76.98
N SER Y 47 83.81 57.64 -75.81
CA SER Y 47 83.60 58.40 -74.57
C SER Y 47 84.84 58.21 -73.71
N GLY Y 48 85.82 59.10 -73.87
CA GLY Y 48 87.07 59.00 -73.14
C GLY Y 48 86.98 59.79 -71.84
N GLN Y 49 87.31 59.11 -70.74
CA GLN Y 49 87.30 59.70 -69.41
C GLN Y 49 88.75 59.81 -68.93
N TYR Y 50 89.18 61.04 -68.68
CA TYR Y 50 90.54 61.33 -68.22
C TYR Y 50 90.45 61.92 -66.82
N VAL Y 51 91.12 61.28 -65.86
CA VAL Y 51 91.07 61.68 -64.47
C VAL Y 51 92.49 61.88 -63.96
N SER Y 52 92.74 63.04 -63.37
CA SER Y 52 94.02 63.35 -62.75
C SER Y 52 93.80 63.64 -61.27
N VAL Y 53 94.52 62.92 -60.41
CA VAL Y 53 94.32 62.99 -58.97
C VAL Y 53 95.65 63.33 -58.32
N TYR Y 54 95.63 64.31 -57.42
CA TYR Y 54 96.79 64.68 -56.63
C TYR Y 54 96.37 64.80 -55.18
N LYS Y 55 97.00 64.03 -54.30
CA LYS Y 55 96.75 64.11 -52.87
C LYS Y 55 97.65 65.19 -52.30
N ARG Y 56 97.04 66.29 -51.86
CA ARG Y 56 97.77 67.48 -51.46
C ARG Y 56 97.56 67.77 -49.99
N PRO Y 57 98.63 67.81 -49.20
CA PRO Y 57 98.47 68.16 -47.79
C PRO Y 57 98.48 69.67 -47.59
N ALA Y 58 97.40 70.18 -47.00
CA ALA Y 58 97.24 71.63 -46.80
C ALA Y 58 96.76 71.96 -45.39
N PRO Y 59 97.56 71.65 -44.37
CA PRO Y 59 97.34 72.32 -43.07
C PRO Y 59 97.55 73.82 -43.18
N LYS Y 60 98.47 74.23 -44.07
CA LYS Y 60 98.76 75.63 -44.39
C LYS Y 60 99.09 76.44 -43.14
N PRO Y 61 100.18 76.13 -42.44
CA PRO Y 61 100.61 76.97 -41.31
C PRO Y 61 101.17 78.29 -41.82
N GLU Y 62 100.39 79.35 -41.66
CA GLU Y 62 100.71 80.63 -42.27
C GLU Y 62 101.93 81.26 -41.60
N GLY Y 63 103.03 81.25 -42.33
CA GLY Y 63 104.26 81.93 -41.90
C GLY Y 63 105.30 81.13 -41.15
N CYS Y 64 104.89 80.03 -40.51
CA CYS Y 64 105.84 79.30 -39.68
C CYS Y 64 105.84 77.82 -40.08
N ALA Y 65 107.04 77.28 -40.20
CA ALA Y 65 107.26 75.84 -40.38
C ALA Y 65 108.55 75.47 -39.68
N ASP Y 66 108.45 74.58 -38.71
CA ASP Y 66 109.62 74.26 -37.89
C ASP Y 66 110.09 72.82 -38.04
N ALA Y 67 109.19 71.85 -37.95
CA ALA Y 67 109.57 70.43 -38.06
C ALA Y 67 108.47 69.71 -38.83
N CYS Y 68 108.75 68.47 -39.20
CA CYS Y 68 107.77 67.68 -39.95
C CYS Y 68 106.86 66.92 -38.97
N VAL Y 69 105.60 67.32 -38.93
CA VAL Y 69 104.56 66.63 -38.18
C VAL Y 69 103.78 65.83 -39.21
N ILE Y 70 102.93 64.89 -38.75
CA ILE Y 70 102.03 64.18 -39.64
C ILE Y 70 101.34 65.17 -40.58
N MET Y 71 101.42 64.89 -41.87
CA MET Y 71 101.13 65.90 -42.88
C MET Y 71 99.79 65.56 -43.55
N PRO Y 72 98.64 66.05 -43.04
CA PRO Y 72 97.34 65.55 -43.52
C PRO Y 72 96.94 66.08 -44.89
N ASN Y 73 96.33 65.21 -45.70
CA ASN Y 73 96.14 65.45 -47.13
C ASN Y 73 94.68 65.76 -47.45
N GLU Y 74 94.48 66.62 -48.46
CA GLU Y 74 93.21 66.76 -49.15
C GLU Y 74 93.38 66.25 -50.57
N ASN Y 75 92.26 65.96 -51.23
CA ASN Y 75 92.29 65.41 -52.58
C ASN Y 75 91.99 66.49 -53.61
N GLN Y 76 92.80 66.54 -54.65
CA GLN Y 76 92.57 67.43 -55.79
C GLN Y 76 92.33 66.57 -57.03
N SER Y 77 91.17 66.74 -57.66
CA SER Y 77 90.77 65.92 -58.79
C SER Y 77 90.37 66.81 -59.96
N ILE Y 78 90.84 66.43 -61.15
CA ILE Y 78 90.45 67.08 -62.39
C ILE Y 78 89.99 66.00 -63.35
N ARG Y 79 88.69 65.93 -63.59
CA ARG Y 79 88.08 64.87 -64.37
C ARG Y 79 87.55 65.45 -65.67
N THR Y 80 87.93 64.84 -66.80
CA THR Y 80 87.54 65.31 -68.12
C THR Y 80 86.94 64.16 -68.91
N VAL Y 81 85.81 64.43 -69.57
CA VAL Y 81 85.12 63.46 -70.40
C VAL Y 81 84.92 64.07 -71.77
N ILE Y 82 85.39 63.39 -72.82
CA ILE Y 82 85.24 63.82 -74.19
C ILE Y 82 84.45 62.77 -74.94
N SER Y 83 83.33 63.18 -75.54
CA SER Y 83 82.44 62.26 -76.24
C SER Y 83 82.17 62.80 -77.63
N GLY Y 84 82.28 61.93 -78.63
CA GLY Y 84 82.02 62.33 -80.01
C GLY Y 84 82.32 61.24 -81.01
N SER Y 85 81.78 61.37 -82.21
CA SER Y 85 82.01 60.37 -83.24
C SER Y 85 83.46 60.41 -83.70
N ALA Y 86 84.00 59.22 -84.02
CA ALA Y 86 85.38 59.15 -84.49
C ALA Y 86 85.54 59.76 -85.87
N GLU Y 87 84.46 59.84 -86.64
CA GLU Y 87 84.53 60.37 -87.99
C GLU Y 87 84.65 61.89 -88.01
N ASN Y 88 84.44 62.53 -86.86
CA ASN Y 88 84.53 63.97 -86.72
C ASN Y 88 85.66 64.35 -85.76
N LEU Y 89 86.80 63.70 -85.91
CA LEU Y 89 87.90 63.89 -84.95
C LEU Y 89 88.47 65.30 -85.04
N ALA Y 90 88.57 65.86 -86.24
CA ALA Y 90 89.11 67.21 -86.39
C ALA Y 90 88.21 68.23 -85.68
N THR Y 91 86.90 68.11 -85.88
CA THR Y 91 85.97 68.98 -85.18
C THR Y 91 86.02 68.77 -83.68
N LEU Y 92 86.17 67.53 -83.22
CA LEU Y 92 86.28 67.28 -81.79
C LEU Y 92 87.53 67.91 -81.21
N LYS Y 93 88.64 67.87 -81.95
CA LYS Y 93 89.87 68.50 -81.47
C LYS Y 93 89.73 70.03 -81.43
N ALA Y 94 89.05 70.60 -82.43
CA ALA Y 94 88.78 72.04 -82.38
C ALA Y 94 87.91 72.38 -81.18
N GLU Y 95 86.90 71.55 -80.89
CA GLU Y 95 86.07 71.76 -79.72
C GLU Y 95 86.90 71.66 -78.45
N TRP Y 96 87.84 70.74 -78.40
CA TRP Y 96 88.70 70.59 -77.23
C TRP Y 96 89.56 71.84 -77.02
N GLU Y 97 90.10 72.38 -78.10
CA GLU Y 97 90.89 73.61 -77.99
C GLU Y 97 90.02 74.77 -77.49
N THR Y 98 88.82 74.91 -78.05
CA THR Y 98 87.92 75.97 -77.61
C THR Y 98 87.53 75.79 -76.14
N HIS Y 99 87.30 74.55 -75.72
CA HIS Y 99 86.96 74.27 -74.33
C HIS Y 99 88.12 74.63 -73.41
N LYS Y 100 89.35 74.32 -73.82
CA LYS Y 100 90.51 74.72 -73.04
C LYS Y 100 90.55 76.24 -72.90
N ARG Y 101 90.33 76.95 -74.01
CA ARG Y 101 90.37 78.41 -73.95
C ARG Y 101 89.31 78.96 -73.01
N ASN Y 102 88.09 78.44 -73.09
CA ASN Y 102 87.01 78.95 -72.27
C ASN Y 102 87.24 78.65 -70.79
N VAL Y 103 87.65 77.43 -70.47
CA VAL Y 103 87.89 77.07 -69.08
C VAL Y 103 89.07 77.86 -68.52
N ASP Y 104 90.07 78.13 -69.35
CA ASP Y 104 91.17 79.00 -68.92
C ASP Y 104 90.67 80.40 -68.60
N THR Y 105 89.82 80.94 -69.47
CA THR Y 105 89.27 82.27 -69.25
C THR Y 105 88.50 82.34 -67.93
N LEU Y 106 87.70 81.31 -67.64
CA LEU Y 106 86.90 81.31 -66.43
C LEU Y 106 87.73 81.03 -65.16
N PHE Y 107 88.72 80.13 -65.26
CA PHE Y 107 89.38 79.58 -64.08
C PHE Y 107 90.79 80.11 -63.90
N ALA Y 108 91.64 79.98 -64.93
CA ALA Y 108 93.04 80.35 -64.78
C ALA Y 108 93.21 81.86 -64.62
N SER Y 109 92.54 82.64 -65.47
CA SER Y 109 92.63 84.08 -65.41
C SER Y 109 91.49 84.72 -64.64
N GLY Y 110 90.48 83.95 -64.25
CA GLY Y 110 89.36 84.46 -63.49
C GLY Y 110 89.45 84.09 -62.01
N ASN Y 111 88.28 84.10 -61.36
CA ASN Y 111 88.17 83.75 -59.95
C ASN Y 111 87.19 82.62 -59.72
N ALA Y 112 87.02 81.74 -60.71
CA ALA Y 112 86.10 80.62 -60.55
C ALA Y 112 86.59 79.62 -59.52
N GLY Y 113 87.91 79.50 -59.36
CA GLY Y 113 88.44 78.54 -58.41
C GLY Y 113 88.17 78.94 -56.97
N LEU Y 114 87.83 80.21 -56.74
CA LEU Y 114 87.50 80.67 -55.41
C LEU Y 114 86.00 80.65 -55.19
N GLY Y 115 85.25 80.22 -56.20
CA GLY Y 115 83.80 80.15 -56.09
C GLY Y 115 83.10 81.40 -56.58
N PHE Y 116 83.46 81.88 -57.76
CA PHE Y 116 82.87 83.09 -58.33
C PHE Y 116 82.51 82.84 -59.79
N LEU Y 117 81.50 83.56 -60.26
CA LEU Y 117 81.11 83.54 -61.66
C LEU Y 117 81.14 84.96 -62.21
N ASP Y 118 81.71 85.12 -63.41
CA ASP Y 118 81.79 86.44 -64.03
C ASP Y 118 80.91 86.43 -65.28
N PRO Y 119 79.72 87.05 -65.25
CA PRO Y 119 78.89 87.11 -66.45
C PRO Y 119 79.50 87.90 -67.59
N THR Y 120 80.49 88.75 -67.32
CA THR Y 120 81.11 89.57 -68.35
C THR Y 120 82.33 88.91 -68.99
N ALA Y 121 82.61 87.65 -68.65
CA ALA Y 121 83.76 86.97 -69.22
C ALA Y 121 83.61 86.80 -70.73
N ALA Y 122 84.73 86.86 -71.44
CA ALA Y 122 84.74 86.76 -72.90
C ALA Y 122 84.90 85.30 -73.30
N ILE Y 123 83.76 84.63 -73.45
CA ILE Y 123 83.72 83.23 -73.87
C ILE Y 123 83.33 83.17 -75.34
N VAL Y 124 84.04 82.35 -76.11
CA VAL Y 124 83.88 82.29 -77.56
C VAL Y 124 83.54 80.87 -77.96
N SER Y 125 82.98 80.73 -79.16
CA SER Y 125 82.60 79.43 -79.69
C SER Y 125 83.70 78.86 -80.58
N SER Y 126 83.49 77.63 -81.03
CA SER Y 126 84.48 76.96 -81.86
C SER Y 126 84.48 77.47 -83.29
N ASP Y 127 83.33 77.95 -83.78
CA ASP Y 127 83.25 78.44 -85.15
C ASP Y 127 84.00 79.76 -85.30
N THR Y 128 84.42 80.04 -86.53
CA THR Y 128 85.17 81.25 -86.85
C THR Y 128 84.34 82.15 -87.76
N THR Y 129 84.72 83.42 -87.82
CA THR Y 129 84.03 84.39 -88.66
C THR Y 129 84.72 84.52 -90.02
N ALA Z 1 99.18 47.98 -101.68
CA ALA Z 1 99.45 48.43 -100.32
C ALA Z 1 98.16 48.49 -99.50
N ASN Z 2 97.83 47.39 -98.84
CA ASN Z 2 96.61 47.33 -98.04
C ASN Z 2 96.77 48.17 -96.77
N LYS Z 3 95.67 48.72 -96.30
CA LYS Z 3 95.69 49.54 -95.10
C LYS Z 3 95.95 48.68 -93.87
N PRO Z 4 96.91 49.03 -93.03
CA PRO Z 4 97.19 48.23 -91.84
C PRO Z 4 96.15 48.47 -90.75
N MET Z 5 96.09 47.53 -89.81
CA MET Z 5 95.25 47.66 -88.64
C MET Z 5 96.11 47.76 -87.38
N GLN Z 6 95.49 48.21 -86.30
CA GLN Z 6 96.08 48.21 -84.97
C GLN Z 6 95.12 47.56 -83.98
N PRO Z 7 95.63 46.86 -82.96
CA PRO Z 7 94.72 46.23 -82.00
C PRO Z 7 93.97 47.26 -81.18
N ILE Z 8 92.71 46.97 -80.88
CA ILE Z 8 91.84 47.86 -80.13
C ILE Z 8 91.45 47.25 -78.78
N THR Z 9 91.07 45.99 -78.77
CA THR Z 9 90.82 45.25 -77.55
C THR Z 9 91.78 44.06 -77.47
N SER Z 10 92.52 43.99 -76.37
CA SER Z 10 93.61 43.02 -76.28
C SER Z 10 93.39 42.11 -75.08
N THR Z 11 93.31 40.81 -75.36
CA THR Z 11 93.29 39.78 -74.34
C THR Z 11 93.99 38.55 -74.91
N ALA Z 12 94.71 37.83 -74.05
CA ALA Z 12 95.41 36.63 -74.51
C ALA Z 12 94.43 35.58 -75.02
N ASN Z 13 93.20 35.61 -74.53
CA ASN Z 13 92.17 34.72 -75.05
C ASN Z 13 91.70 35.14 -76.43
N LYS Z 14 91.52 36.44 -76.66
CA LYS Z 14 91.08 36.94 -77.96
C LYS Z 14 91.57 38.37 -78.16
N ILE Z 15 92.00 38.66 -79.39
CA ILE Z 15 92.42 40.01 -79.79
C ILE Z 15 91.65 40.38 -81.05
N VAL Z 16 91.09 41.58 -81.06
CA VAL Z 16 90.33 42.07 -82.21
C VAL Z 16 91.06 43.28 -82.78
N TRP Z 17 91.20 43.31 -84.11
CA TRP Z 17 91.84 44.40 -84.82
C TRP Z 17 90.78 45.32 -85.40
N SER Z 18 91.18 46.54 -85.73
CA SER Z 18 90.27 47.51 -86.32
C SER Z 18 91.05 48.49 -87.16
N ASP Z 19 90.41 49.00 -88.21
CA ASP Z 19 91.02 49.98 -89.09
C ASP Z 19 90.76 51.37 -88.52
N PRO Z 20 91.81 52.17 -88.26
CA PRO Z 20 91.57 53.54 -87.78
C PRO Z 20 90.72 54.38 -88.71
N THR Z 21 90.83 54.17 -90.03
CA THR Z 21 90.02 54.90 -90.99
C THR Z 21 88.56 54.45 -91.00
N ARG Z 22 88.29 53.15 -90.96
CA ARG Z 22 86.93 52.63 -90.92
C ARG Z 22 86.84 51.64 -89.76
N LEU Z 23 86.28 52.09 -88.64
CA LEU Z 23 86.22 51.25 -87.45
C LEU Z 23 85.23 50.09 -87.59
N SER Z 24 84.41 50.09 -88.64
CA SER Z 24 83.50 48.97 -88.86
C SER Z 24 84.21 47.74 -89.38
N THR Z 25 85.45 47.86 -89.82
CA THR Z 25 86.23 46.74 -90.32
C THR Z 25 87.02 46.14 -89.17
N THR Z 26 86.70 44.89 -88.81
CA THR Z 26 87.33 44.24 -87.67
C THR Z 26 87.81 42.85 -88.06
N PHE Z 27 88.89 42.42 -87.42
CA PHE Z 27 89.42 41.07 -87.54
C PHE Z 27 89.74 40.56 -86.14
N SER Z 28 89.08 39.49 -85.74
CA SER Z 28 89.21 38.96 -84.39
C SER Z 28 89.70 37.52 -84.42
N ALA Z 29 90.64 37.21 -83.52
CA ALA Z 29 91.18 35.87 -83.37
C ALA Z 29 91.04 35.45 -81.91
N SER Z 30 90.40 34.31 -81.69
CA SER Z 30 90.19 33.79 -80.34
C SER Z 30 90.71 32.36 -80.29
N LEU Z 31 91.50 32.06 -79.26
CA LEU Z 31 92.06 30.72 -79.06
C LEU Z 31 91.52 30.13 -77.76
N LEU Z 32 91.06 28.89 -77.84
CA LEU Z 32 90.62 28.13 -76.67
C LEU Z 32 91.43 26.85 -76.59
N ARG Z 33 92.11 26.65 -75.46
CA ARG Z 33 93.01 25.51 -75.28
C ARG Z 33 92.48 24.60 -74.19
N GLN Z 34 92.39 23.31 -74.48
CA GLN Z 34 91.93 22.30 -73.54
C GLN Z 34 92.75 21.04 -73.73
N ARG Z 35 93.03 20.35 -72.62
CA ARG Z 35 93.84 19.13 -72.64
C ARG Z 35 92.91 17.94 -72.82
N VAL Z 36 92.50 17.71 -74.07
CA VAL Z 36 91.67 16.55 -74.40
C VAL Z 36 92.59 15.40 -74.77
N LYS Z 37 92.87 14.54 -73.81
CA LYS Z 37 93.84 13.47 -74.02
C LYS Z 37 93.15 12.19 -74.48
N VAL Z 38 93.72 11.58 -75.52
CA VAL Z 38 93.28 10.27 -75.99
C VAL Z 38 93.91 9.21 -75.09
N GLY Z 39 93.45 7.97 -75.23
CA GLY Z 39 93.94 6.88 -74.40
C GLY Z 39 95.45 6.74 -74.37
N ILE Z 40 95.99 6.55 -73.17
CA ILE Z 40 97.42 6.37 -72.88
C ILE Z 40 98.28 7.36 -73.65
N ALA Z 41 97.78 8.59 -73.84
CA ALA Z 41 98.54 9.63 -74.51
C ALA Z 41 98.09 10.99 -73.99
N GLU Z 42 98.96 11.98 -74.16
CA GLU Z 42 98.69 13.34 -73.74
C GLU Z 42 98.70 14.25 -74.97
N LEU Z 43 97.63 15.00 -75.16
CA LEU Z 43 97.50 15.88 -76.32
C LEU Z 43 96.91 17.21 -75.88
N ASN Z 44 97.49 18.31 -76.34
CA ASN Z 44 96.99 19.65 -76.08
C ASN Z 44 96.23 20.14 -77.31
N ASN Z 45 94.95 20.42 -77.14
CA ASN Z 45 94.08 20.84 -78.23
C ASN Z 45 93.95 22.35 -78.24
N VAL Z 46 94.10 22.96 -79.40
CA VAL Z 46 94.03 24.41 -79.57
C VAL Z 46 92.99 24.68 -80.66
N SER Z 47 91.82 25.16 -80.25
CA SER Z 47 90.77 25.52 -81.18
C SER Z 47 90.82 27.03 -81.44
N GLY Z 48 90.96 27.41 -82.70
CA GLY Z 48 91.10 28.81 -83.05
C GLY Z 48 90.01 29.33 -83.95
N GLN Z 49 89.35 30.41 -83.52
CA GLN Z 49 88.27 31.02 -84.27
C GLN Z 49 88.71 32.39 -84.77
N TYR Z 50 88.59 32.60 -86.08
CA TYR Z 50 88.99 33.86 -86.71
C TYR Z 50 87.79 34.43 -87.45
N VAL Z 51 87.41 35.66 -87.12
CA VAL Z 51 86.24 36.31 -87.68
C VAL Z 51 86.66 37.61 -88.35
N SER Z 52 86.30 37.76 -89.63
CA SER Z 52 86.55 38.98 -90.37
C SER Z 52 85.21 39.62 -90.75
N VAL Z 53 85.03 40.87 -90.35
CA VAL Z 53 83.76 41.57 -90.51
C VAL Z 53 83.99 42.85 -91.28
N TYR Z 54 83.22 43.04 -92.35
CA TYR Z 54 83.23 44.27 -93.12
C TYR Z 54 81.79 44.68 -93.42
N LYS Z 55 81.52 45.98 -93.32
CA LYS Z 55 80.21 46.53 -93.62
C LYS Z 55 80.33 47.37 -94.88
N ARG Z 56 79.93 46.81 -96.02
CA ARG Z 56 80.02 47.43 -97.33
C ARG Z 56 78.66 47.93 -97.77
N PRO Z 57 78.59 49.15 -98.33
CA PRO Z 57 77.30 49.67 -98.78
C PRO Z 57 76.71 48.83 -99.91
N ALA Z 58 75.38 48.82 -99.95
CA ALA Z 58 74.67 48.05 -100.96
C ALA Z 58 75.01 48.58 -102.34
N PRO Z 59 74.99 47.72 -103.37
CA PRO Z 59 75.40 48.15 -104.71
C PRO Z 59 74.51 49.23 -105.30
N LYS Z 60 75.13 50.26 -105.86
CA LYS Z 60 74.45 51.34 -106.56
C LYS Z 60 73.92 50.83 -107.90
N PRO Z 61 72.87 51.46 -108.45
CA PRO Z 61 72.36 51.02 -109.76
C PRO Z 61 73.42 51.06 -110.84
N GLU Z 62 73.37 50.10 -111.77
CA GLU Z 62 74.45 49.96 -112.75
C GLU Z 62 74.59 51.20 -113.62
N GLY Z 63 73.47 51.76 -114.09
CA GLY Z 63 73.53 52.98 -114.85
C GLY Z 63 73.34 54.21 -113.99
N CYS Z 64 74.30 54.48 -113.10
CA CYS Z 64 74.19 55.58 -112.15
C CYS Z 64 75.38 56.51 -112.30
N ALA Z 65 75.09 57.82 -112.38
CA ALA Z 65 76.13 58.84 -112.46
C ALA Z 65 75.99 59.90 -111.39
N ASP Z 66 75.17 59.69 -110.37
CA ASP Z 66 74.96 60.70 -109.33
C ASP Z 66 76.23 60.88 -108.50
N ALA Z 67 76.44 62.10 -108.02
CA ALA Z 67 77.64 62.43 -107.27
C ALA Z 67 77.73 61.62 -105.98
N CYS Z 68 76.75 61.79 -105.08
CA CYS Z 68 76.79 61.14 -103.77
C CYS Z 68 75.40 60.69 -103.37
N VAL Z 69 75.17 59.38 -103.42
CA VAL Z 69 74.00 58.77 -102.81
C VAL Z 69 74.49 57.57 -102.00
N ILE Z 70 74.06 57.47 -100.74
CA ILE Z 70 74.58 56.48 -99.82
C ILE Z 70 73.47 55.47 -99.52
N MET Z 71 73.80 54.19 -99.62
CA MET Z 71 72.89 53.10 -99.28
C MET Z 71 73.34 52.48 -97.97
N PRO Z 72 72.43 51.91 -97.19
CA PRO Z 72 72.82 51.31 -95.91
C PRO Z 72 73.72 50.10 -96.12
N ASN Z 73 74.59 49.88 -95.14
CA ASN Z 73 75.61 48.85 -95.23
C ASN Z 73 75.01 47.47 -95.00
N GLU Z 74 75.67 46.46 -95.57
CA GLU Z 74 75.28 45.07 -95.38
C GLU Z 74 76.42 44.37 -94.65
N ASN Z 75 76.08 43.31 -93.92
CA ASN Z 75 77.08 42.62 -93.11
C ASN Z 75 77.76 41.54 -93.93
N GLN Z 76 79.08 41.63 -94.05
CA GLN Z 76 79.90 40.60 -94.70
C GLN Z 76 80.81 40.00 -93.64
N SER Z 77 80.66 38.69 -93.41
CA SER Z 77 81.40 38.00 -92.36
C SER Z 77 82.03 36.73 -92.93
N ILE Z 78 83.28 36.49 -92.55
CA ILE Z 78 84.00 35.26 -92.87
C ILE Z 78 84.55 34.71 -91.57
N ARG Z 79 84.15 33.49 -91.22
CA ARG Z 79 84.50 32.88 -89.94
C ARG Z 79 85.13 31.52 -90.18
N THR Z 80 86.32 31.32 -89.62
CA THR Z 80 87.04 30.06 -89.74
C THR Z 80 87.39 29.54 -88.36
N VAL Z 81 87.20 28.24 -88.15
CA VAL Z 81 87.53 27.57 -86.89
C VAL Z 81 88.49 26.44 -87.22
N ILE Z 82 89.65 26.45 -86.58
CA ILE Z 82 90.69 25.43 -86.77
C ILE Z 82 90.89 24.70 -85.46
N SER Z 83 90.71 23.39 -85.47
CA SER Z 83 90.82 22.55 -84.28
C SER Z 83 91.83 21.45 -84.54
N GLY Z 84 92.76 21.26 -83.61
CA GLY Z 84 93.76 20.22 -83.75
C GLY Z 84 94.78 20.23 -82.62
N SER Z 85 95.48 19.12 -82.45
CA SER Z 85 96.49 19.03 -81.40
C SER Z 85 97.73 19.84 -81.78
N ALA Z 86 98.44 20.33 -80.76
CA ALA Z 86 99.65 21.09 -81.01
C ALA Z 86 100.75 20.20 -81.58
N GLU Z 87 100.68 18.90 -81.32
CA GLU Z 87 101.70 17.98 -81.81
C GLU Z 87 101.65 17.85 -83.32
N ASN Z 88 100.45 17.96 -83.90
CA ASN Z 88 100.25 17.77 -85.33
C ASN Z 88 100.16 19.09 -86.09
N LEU Z 89 100.96 20.08 -85.70
CA LEU Z 89 100.82 21.42 -86.28
C LEU Z 89 101.14 21.43 -87.77
N ALA Z 90 102.20 20.71 -88.19
CA ALA Z 90 102.57 20.71 -89.60
C ALA Z 90 101.49 20.07 -90.47
N THR Z 91 100.96 18.94 -90.02
CA THR Z 91 99.88 18.29 -90.74
C THR Z 91 98.62 19.16 -90.76
N LEU Z 92 98.34 19.86 -89.67
CA LEU Z 92 97.21 20.78 -89.65
C LEU Z 92 97.40 21.92 -90.64
N LYS Z 93 98.64 22.40 -90.77
CA LYS Z 93 98.93 23.43 -91.76
C LYS Z 93 98.73 22.91 -93.18
N ALA Z 94 99.15 21.67 -93.44
CA ALA Z 94 98.88 21.07 -94.74
C ALA Z 94 97.39 20.93 -95.00
N GLU Z 95 96.64 20.52 -93.99
CA GLU Z 95 95.18 20.44 -94.11
C GLU Z 95 94.60 21.82 -94.40
N TRP Z 96 95.14 22.86 -93.76
CA TRP Z 96 94.65 24.22 -93.99
C TRP Z 96 94.92 24.66 -95.42
N GLU Z 97 96.09 24.32 -95.96
CA GLU Z 97 96.37 24.64 -97.36
C GLU Z 97 95.41 23.91 -98.29
N THR Z 98 95.15 22.64 -98.03
CA THR Z 98 94.19 21.90 -98.84
C THR Z 98 92.79 22.50 -98.74
N HIS Z 99 92.41 22.93 -97.54
CA HIS Z 99 91.13 23.60 -97.34
C HIS Z 99 91.05 24.89 -98.13
N LYS Z 100 92.14 25.66 -98.13
CA LYS Z 100 92.21 26.84 -98.99
C LYS Z 100 91.92 26.47 -100.44
N ARG Z 101 92.63 25.46 -100.95
CA ARG Z 101 92.48 25.10 -102.35
C ARG Z 101 91.06 24.67 -102.67
N ASN Z 102 90.45 23.86 -101.80
CA ASN Z 102 89.10 23.37 -102.05
C ASN Z 102 88.08 24.50 -102.01
N VAL Z 103 88.15 25.36 -100.98
CA VAL Z 103 87.20 26.46 -100.87
C VAL Z 103 87.38 27.43 -102.03
N ASP Z 104 88.62 27.66 -102.46
CA ASP Z 104 88.85 28.51 -103.61
C ASP Z 104 88.22 27.90 -104.87
N THR Z 105 88.37 26.59 -105.05
CA THR Z 105 87.77 25.93 -106.21
C THR Z 105 86.25 26.07 -106.20
N LEU Z 106 85.62 25.91 -105.04
CA LEU Z 106 84.17 25.99 -104.97
C LEU Z 106 83.65 27.43 -105.07
N PHE Z 107 84.41 28.40 -104.55
CA PHE Z 107 83.89 29.75 -104.33
C PHE Z 107 84.52 30.79 -105.25
N ALA Z 108 85.86 30.88 -105.25
CA ALA Z 108 86.52 31.93 -106.03
C ALA Z 108 86.31 31.73 -107.52
N SER Z 109 86.38 30.49 -107.99
CA SER Z 109 86.19 30.18 -109.40
C SER Z 109 84.86 29.51 -109.71
N GLY Z 110 84.02 29.29 -108.71
CA GLY Z 110 82.74 28.64 -108.89
C GLY Z 110 81.57 29.59 -108.79
N ASN Z 111 80.41 29.03 -108.46
CA ASN Z 111 79.17 29.80 -108.31
C ASN Z 111 78.56 29.63 -106.93
N ALA Z 112 79.33 29.13 -105.97
CA ALA Z 112 78.82 28.96 -104.61
C ALA Z 112 78.45 30.29 -103.99
N GLY Z 113 79.15 31.37 -104.36
CA GLY Z 113 78.77 32.69 -103.91
C GLY Z 113 77.39 33.11 -104.35
N LEU Z 114 76.99 32.73 -105.57
CA LEU Z 114 75.65 32.99 -106.07
C LEU Z 114 74.63 31.98 -105.55
N GLY Z 115 75.09 30.81 -105.10
CA GLY Z 115 74.20 29.82 -104.55
C GLY Z 115 74.04 28.56 -105.35
N PHE Z 116 74.99 28.24 -106.22
CA PHE Z 116 74.96 27.03 -107.03
C PHE Z 116 76.12 26.13 -106.65
N LEU Z 117 75.83 24.86 -106.40
CA LEU Z 117 76.84 23.85 -106.11
C LEU Z 117 77.04 22.97 -107.33
N ASP Z 118 78.31 22.76 -107.69
CA ASP Z 118 78.65 21.92 -108.83
C ASP Z 118 79.22 20.61 -108.33
N PRO Z 119 78.52 19.48 -108.48
CA PRO Z 119 79.07 18.19 -108.03
C PRO Z 119 80.25 17.71 -108.86
N THR Z 120 80.60 18.41 -109.94
CA THR Z 120 81.72 18.03 -110.79
C THR Z 120 82.99 18.79 -110.47
N ALA Z 121 83.02 19.54 -109.37
CA ALA Z 121 84.20 20.31 -109.00
C ALA Z 121 85.37 19.39 -108.68
N ALA Z 122 86.57 19.84 -109.02
CA ALA Z 122 87.79 19.06 -108.83
C ALA Z 122 88.32 19.32 -107.43
N ILE Z 123 87.82 18.55 -106.47
CA ILE Z 123 88.25 18.65 -105.08
C ILE Z 123 89.40 17.68 -104.84
N VAL Z 124 90.48 18.17 -104.25
CA VAL Z 124 91.70 17.40 -104.06
C VAL Z 124 92.04 17.37 -102.57
N SER Z 125 92.76 16.34 -102.17
CA SER Z 125 93.05 16.11 -100.75
C SER Z 125 94.48 16.51 -100.41
N SER Z 126 94.79 16.43 -99.11
CA SER Z 126 96.13 16.76 -98.64
C SER Z 126 97.15 15.69 -98.96
N ASP Z 127 96.76 14.42 -98.88
CA ASP Z 127 97.70 13.34 -99.18
C ASP Z 127 98.09 13.35 -100.65
N THR Z 128 99.34 12.99 -100.91
CA THR Z 128 99.90 13.00 -102.25
C THR Z 128 100.16 11.57 -102.71
N THR Z 129 100.03 11.37 -104.02
CA THR Z 129 100.25 10.05 -104.61
C THR Z 129 101.72 9.67 -104.59
N ALA AA 1 122.13 30.19 -75.53
CA ALA AA 1 120.90 30.77 -76.07
C ALA AA 1 119.68 29.99 -75.58
N ASN AA 2 119.06 30.49 -74.52
CA ASN AA 2 117.87 29.83 -73.98
C ASN AA 2 116.66 30.09 -74.85
N LYS AA 3 115.69 29.19 -74.78
CA LYS AA 3 114.47 29.33 -75.58
C LYS AA 3 113.53 30.34 -74.94
N PRO AA 4 113.15 31.41 -75.64
CA PRO AA 4 112.21 32.37 -75.07
C PRO AA 4 110.80 31.81 -75.02
N MET AA 5 109.96 32.43 -74.19
CA MET AA 5 108.54 32.11 -74.11
C MET AA 5 107.71 33.25 -74.66
N GLN AA 6 106.43 32.98 -74.87
CA GLN AA 6 105.42 33.96 -75.23
C GLN AA 6 104.25 33.86 -74.25
N PRO AA 7 103.54 34.97 -74.00
CA PRO AA 7 102.47 34.94 -73.00
C PRO AA 7 101.23 34.20 -73.46
N ILE AA 8 100.78 33.23 -72.66
CA ILE AA 8 99.53 32.53 -72.96
C ILE AA 8 98.33 33.17 -72.28
N THR AA 9 98.53 33.83 -71.14
CA THR AA 9 97.45 34.50 -70.43
C THR AA 9 97.95 35.87 -69.99
N SER AA 10 97.32 36.92 -70.49
CA SER AA 10 97.70 38.29 -70.17
C SER AA 10 96.57 38.97 -69.43
N THR AA 11 96.87 39.49 -68.25
CA THR AA 11 95.89 40.14 -67.40
C THR AA 11 96.60 41.24 -66.62
N ALA AA 12 95.85 42.28 -66.23
CA ALA AA 12 96.43 43.40 -65.52
C ALA AA 12 97.04 42.98 -64.19
N ASN AA 13 96.67 41.80 -63.68
CA ASN AA 13 97.18 41.31 -62.42
C ASN AA 13 97.96 40.00 -62.53
N LYS AA 14 98.04 39.39 -63.70
CA LYS AA 14 98.73 38.12 -63.86
C LYS AA 14 99.10 37.91 -65.31
N ILE AA 15 100.36 37.51 -65.55
CA ILE AA 15 100.83 37.13 -66.88
C ILE AA 15 101.51 35.77 -66.77
N VAL AA 16 101.15 34.86 -67.68
CA VAL AA 16 101.69 33.51 -67.69
C VAL AA 16 102.38 33.28 -69.03
N TRP AA 17 103.61 32.80 -68.98
CA TRP AA 17 104.39 32.45 -70.16
C TRP AA 17 104.40 30.94 -70.35
N SER AA 18 104.74 30.50 -71.56
CA SER AA 18 104.83 29.08 -71.86
C SER AA 18 105.68 28.86 -73.09
N ASP AA 19 106.54 27.86 -73.04
CA ASP AA 19 107.44 27.58 -74.15
C ASP AA 19 106.67 26.99 -75.33
N PRO AA 20 106.86 27.52 -76.54
CA PRO AA 20 106.18 26.93 -77.70
C PRO AA 20 106.51 25.46 -77.92
N THR AA 21 107.76 25.06 -77.66
CA THR AA 21 108.14 23.67 -77.87
C THR AA 21 107.54 22.77 -76.80
N ARG AA 22 107.60 23.17 -75.55
CA ARG AA 22 107.04 22.40 -74.44
C ARG AA 22 106.03 23.27 -73.71
N LEU AA 23 104.75 22.93 -73.84
CA LEU AA 23 103.70 23.75 -73.25
C LEU AA 23 103.59 23.54 -71.75
N SER AA 24 104.18 22.44 -71.25
CA SER AA 24 104.11 22.14 -69.82
C SER AA 24 104.94 23.13 -69.01
N THR AA 25 105.96 23.71 -69.63
CA THR AA 25 106.84 24.64 -68.93
C THR AA 25 106.21 26.03 -68.95
N THR AA 26 105.87 26.54 -67.77
CA THR AA 26 105.23 27.84 -67.65
C THR AA 26 105.90 28.67 -66.58
N PHE AA 27 105.80 29.99 -66.73
CA PHE AA 27 106.30 30.96 -65.77
C PHE AA 27 105.23 32.01 -65.54
N SER AA 28 104.79 32.15 -64.30
CA SER AA 28 103.68 33.03 -63.95
C SER AA 28 104.11 34.09 -62.95
N ALA AA 29 103.62 35.30 -63.14
CA ALA AA 29 103.89 36.43 -62.25
C ALA AA 29 102.57 37.12 -61.93
N SER AA 30 102.24 37.20 -60.65
CA SER AA 30 101.00 37.84 -60.20
C SER AA 30 101.34 38.90 -59.17
N LEU AA 31 100.78 40.10 -59.34
CA LEU AA 31 101.04 41.22 -58.44
C LEU AA 31 99.75 41.59 -57.72
N LEU AA 32 99.85 41.76 -56.40
CA LEU AA 32 98.73 42.21 -55.58
C LEU AA 32 99.11 43.53 -54.92
N ARG AA 33 98.28 44.55 -55.13
CA ARG AA 33 98.57 45.91 -54.70
C ARG AA 33 97.55 46.35 -53.66
N GLN AA 34 98.03 46.70 -52.47
CA GLN AA 34 97.19 47.20 -51.40
C GLN AA 34 97.86 48.39 -50.74
N ARG AA 35 97.03 49.24 -50.14
CA ARG AA 35 97.52 50.33 -49.31
C ARG AA 35 97.63 49.87 -47.87
N VAL AA 36 98.79 50.07 -47.27
CA VAL AA 36 99.06 49.62 -45.91
C VAL AA 36 99.03 50.83 -44.98
N LYS AA 37 98.23 50.74 -43.93
CA LYS AA 37 98.11 51.79 -42.93
C LYS AA 37 99.18 51.58 -41.87
N VAL AA 38 100.23 52.37 -41.92
CA VAL AA 38 101.28 52.37 -40.93
C VAL AA 38 101.27 53.72 -40.23
N GLY AA 39 101.41 53.69 -38.91
CA GLY AA 39 101.31 54.87 -38.06
C GLY AA 39 101.90 56.13 -38.66
N ILE AA 40 101.11 57.21 -38.65
CA ILE AA 40 101.44 58.51 -39.21
C ILE AA 40 102.12 58.39 -40.57
N ALA AA 41 101.63 57.48 -41.42
CA ALA AA 41 102.19 57.28 -42.74
C ALA AA 41 101.15 56.63 -43.65
N GLU AA 42 101.31 56.82 -44.95
CA GLU AA 42 100.45 56.20 -45.95
C GLU AA 42 101.32 55.66 -47.08
N LEU AA 43 101.74 54.40 -46.94
CA LEU AA 43 102.57 53.73 -47.93
C LEU AA 43 101.89 52.45 -48.40
N ASN AA 44 102.11 52.12 -49.67
CA ASN AA 44 101.37 51.05 -50.33
C ASN AA 44 102.30 49.89 -50.65
N ASN AA 45 101.94 48.71 -50.18
CA ASN AA 45 102.72 47.50 -50.43
C ASN AA 45 102.37 46.89 -51.78
N VAL AA 46 103.34 46.24 -52.39
CA VAL AA 46 103.15 45.48 -53.62
C VAL AA 46 103.72 44.08 -53.41
N SER AA 47 102.85 43.08 -53.52
CA SER AA 47 103.24 41.69 -53.29
C SER AA 47 103.31 40.98 -54.64
N GLY AA 48 104.47 40.40 -54.95
CA GLY AA 48 104.66 39.72 -56.21
C GLY AA 48 104.97 38.24 -56.07
N GLN AA 49 104.18 37.40 -56.75
CA GLN AA 49 104.34 35.96 -56.69
C GLN AA 49 104.85 35.47 -58.04
N TYR AA 50 105.97 34.76 -58.04
CA TYR AA 50 106.60 34.25 -59.25
C TYR AA 50 106.71 32.74 -59.13
N VAL AA 51 106.21 32.02 -60.14
CA VAL AA 51 106.14 30.56 -60.12
C VAL AA 51 106.78 30.03 -61.39
N SER AA 52 107.70 29.07 -61.22
CA SER AA 52 108.32 28.37 -62.34
C SER AA 52 108.10 26.87 -62.17
N VAL AA 53 107.59 26.22 -63.20
CA VAL AA 53 107.30 24.79 -63.17
C VAL AA 53 107.90 24.13 -64.40
N TYR AA 54 108.37 22.90 -64.23
CA TYR AA 54 108.85 22.09 -65.34
C TYR AA 54 108.36 20.66 -65.13
N LYS AA 55 107.85 20.06 -66.21
CA LYS AA 55 107.33 18.69 -66.16
C LYS AA 55 108.40 17.72 -66.66
N ARG AA 56 109.50 17.66 -65.91
CA ARG AA 56 110.65 16.87 -66.32
C ARG AA 56 110.39 15.37 -66.16
N PRO AA 57 110.85 14.55 -67.10
CA PRO AA 57 110.71 13.10 -66.95
C PRO AA 57 111.50 12.55 -65.78
N ALA AA 58 111.00 11.45 -65.22
CA ALA AA 58 111.71 10.75 -64.16
C ALA AA 58 113.01 10.18 -64.70
N PRO AA 59 114.01 9.92 -63.87
CA PRO AA 59 115.30 9.44 -64.39
C PRO AA 59 115.15 8.06 -65.02
N LYS AA 60 115.75 7.90 -66.19
CA LYS AA 60 115.68 6.66 -66.93
C LYS AA 60 116.43 5.57 -66.16
N PRO AA 61 115.94 4.33 -66.18
CA PRO AA 61 116.67 3.25 -65.50
C PRO AA 61 118.03 3.00 -66.13
N GLU AA 62 118.94 2.40 -65.36
CA GLU AA 62 120.35 2.31 -65.72
C GLU AA 62 120.57 1.13 -66.66
N GLY AA 63 121.40 1.35 -67.68
CA GLY AA 63 121.85 0.29 -68.55
C GLY AA 63 120.88 -0.15 -69.62
N CYS AA 64 119.76 0.56 -69.82
CA CYS AA 64 118.77 0.17 -70.81
C CYS AA 64 118.48 1.36 -71.71
N ALA AA 65 118.80 1.21 -73.00
CA ALA AA 65 118.43 2.20 -74.01
C ALA AA 65 117.09 1.78 -74.61
N ASP AA 66 116.00 2.13 -73.94
CA ASP AA 66 114.68 1.74 -74.41
C ASP AA 66 114.38 2.38 -75.76
N ALA AA 67 113.52 1.72 -76.52
CA ALA AA 67 113.20 2.18 -77.87
C ALA AA 67 112.56 3.56 -77.86
N CYS AA 68 111.59 3.78 -76.97
CA CYS AA 68 110.88 5.05 -76.89
C CYS AA 68 110.73 5.47 -75.45
N VAL AA 69 110.63 6.78 -75.24
CA VAL AA 69 110.50 7.32 -73.89
C VAL AA 69 109.05 7.16 -73.41
N ILE AA 70 108.89 6.48 -72.27
CA ILE AA 70 107.58 6.23 -71.69
C ILE AA 70 107.65 6.56 -70.20
N MET AA 71 108.63 7.37 -69.82
CA MET AA 71 108.89 7.59 -68.40
C MET AA 71 107.80 8.49 -67.83
N PRO AA 72 107.25 8.16 -66.65
CA PRO AA 72 106.16 8.97 -66.09
C PRO AA 72 106.67 10.23 -65.40
N ASN AA 73 106.82 11.30 -66.19
CA ASN AA 73 107.37 12.57 -65.75
C ASN AA 73 106.82 13.11 -64.42
N GLU AA 74 107.60 13.95 -63.75
CA GLU AA 74 107.27 14.50 -62.44
C GLU AA 74 107.08 16.01 -62.54
N ASN AA 75 106.88 16.63 -61.38
CA ASN AA 75 106.68 18.08 -61.31
C ASN AA 75 107.84 18.71 -60.55
N GLN AA 76 108.52 19.67 -61.19
CA GLN AA 76 109.53 20.48 -60.53
C GLN AA 76 109.04 21.91 -60.50
N SER AA 77 108.69 22.40 -59.31
CA SER AA 77 108.11 23.73 -59.15
C SER AA 77 108.88 24.50 -58.08
N ILE AA 78 109.28 25.71 -58.42
CA ILE AA 78 109.94 26.61 -57.47
C ILE AA 78 109.23 27.96 -57.52
N ARG AA 79 108.90 28.50 -56.35
CA ARG AA 79 108.01 29.64 -56.21
C ARG AA 79 108.66 30.69 -55.32
N THR AA 80 108.56 31.95 -55.73
CA THR AA 80 109.13 33.08 -55.01
C THR AA 80 108.09 34.15 -54.80
N VAL AA 81 108.04 34.70 -53.59
CA VAL AA 81 107.12 35.77 -53.23
C VAL AA 81 107.93 36.91 -52.64
N ILE AA 82 107.80 38.10 -53.23
CA ILE AA 82 108.51 39.30 -52.77
C ILE AA 82 107.46 40.32 -52.37
N SER AA 83 107.53 40.78 -51.13
CA SER AA 83 106.56 41.74 -50.58
C SER AA 83 107.31 42.89 -49.93
N GLY AA 84 106.89 44.11 -50.25
CA GLY AA 84 107.51 45.28 -49.65
C GLY AA 84 106.97 46.54 -50.29
N SER AA 85 107.19 47.65 -49.60
CA SER AA 85 106.68 48.93 -50.06
C SER AA 85 107.47 49.43 -51.25
N ALA AA 86 106.78 50.10 -52.19
CA ALA AA 86 107.45 50.60 -53.38
C ALA AA 86 108.33 51.80 -53.07
N GLU AA 87 108.11 52.45 -51.92
CA GLU AA 87 108.96 53.56 -51.52
C GLU AA 87 110.39 53.10 -51.30
N ASN AA 88 110.57 51.86 -50.86
CA ASN AA 88 111.88 51.29 -50.57
C ASN AA 88 112.31 50.27 -51.64
N LEU AA 89 112.06 50.56 -52.91
CA LEU AA 89 112.31 49.58 -53.96
C LEU AA 89 113.79 49.22 -54.09
N ALA AA 90 114.67 50.21 -53.96
CA ALA AA 90 116.10 49.93 -54.04
C ALA AA 90 116.54 49.01 -52.92
N THR AA 91 116.04 49.28 -51.71
CA THR AA 91 116.32 48.40 -50.59
C THR AA 91 115.76 46.99 -50.80
N LEU AA 92 114.56 46.90 -51.38
CA LEU AA 92 114.00 45.58 -51.67
C LEU AA 92 114.86 44.83 -52.68
N LYS AA 93 115.43 45.56 -53.65
CA LYS AA 93 116.34 44.93 -54.60
C LYS AA 93 117.61 44.43 -53.91
N ALA AA 94 118.14 45.22 -52.97
CA ALA AA 94 119.29 44.76 -52.20
C ALA AA 94 118.95 43.52 -51.39
N GLU AA 95 117.76 43.50 -50.79
CA GLU AA 95 117.30 42.32 -50.07
C GLU AA 95 117.17 41.11 -50.99
N TRP AA 96 116.69 41.33 -52.21
CA TRP AA 96 116.60 40.25 -53.19
C TRP AA 96 117.98 39.70 -53.52
N GLU AA 97 118.96 40.58 -53.70
CA GLU AA 97 120.33 40.12 -53.97
C GLU AA 97 120.87 39.30 -52.81
N THR AA 98 120.68 39.78 -51.58
CA THR AA 98 121.16 39.04 -50.42
C THR AA 98 120.45 37.70 -50.29
N HIS AA 99 119.15 37.66 -50.54
CA HIS AA 99 118.41 36.41 -50.48
C HIS AA 99 118.91 35.43 -51.54
N LYS AA 100 119.19 35.93 -52.74
CA LYS AA 100 119.74 35.07 -53.79
C LYS AA 100 121.08 34.49 -53.36
N ARG AA 101 121.93 35.33 -52.77
CA ARG AA 101 123.23 34.84 -52.31
C ARG AA 101 123.09 33.77 -51.23
N ASN AA 102 122.19 33.99 -50.27
CA ASN AA 102 121.99 33.02 -49.20
C ASN AA 102 121.44 31.70 -49.74
N VAL AA 103 120.46 31.77 -50.65
CA VAL AA 103 119.88 30.55 -51.21
C VAL AA 103 120.92 29.82 -52.05
N ASP AA 104 121.77 30.56 -52.76
CA ASP AA 104 122.86 29.91 -53.50
C ASP AA 104 123.82 29.21 -52.54
N THR AA 105 124.13 29.86 -51.42
CA THR AA 105 125.03 29.24 -50.44
C THR AA 105 124.45 27.96 -49.88
N LEU AA 106 123.16 27.97 -49.54
CA LEU AA 106 122.55 26.79 -48.94
C LEU AA 106 122.31 25.67 -49.96
N PHE AA 107 121.85 26.04 -51.16
CA PHE AA 107 121.30 25.10 -52.13
C PHE AA 107 122.19 24.90 -53.35
N ALA AA 108 122.56 25.99 -54.04
CA ALA AA 108 123.32 25.87 -55.26
C ALA AA 108 124.71 25.28 -55.01
N SER AA 109 125.38 25.72 -53.94
CA SER AA 109 126.69 25.23 -53.60
C SER AA 109 126.69 24.28 -52.40
N GLY AA 110 125.55 24.06 -51.78
CA GLY AA 110 125.43 23.18 -50.65
C GLY AA 110 124.66 21.92 -50.98
N ASN AA 111 124.33 21.15 -49.93
CA ASN AA 111 123.61 19.90 -50.09
C ASN AA 111 122.20 20.00 -49.56
N ALA AA 112 121.61 21.19 -49.63
CA ALA AA 112 120.23 21.36 -49.17
C ALA AA 112 119.26 20.61 -50.06
N GLY AA 113 119.65 20.35 -51.31
CA GLY AA 113 118.77 19.64 -52.23
C GLY AA 113 118.47 18.22 -51.78
N LEU AA 114 119.48 17.53 -51.24
CA LEU AA 114 119.25 16.17 -50.76
C LEU AA 114 118.47 16.16 -49.45
N GLY AA 115 118.45 17.28 -48.74
CA GLY AA 115 117.76 17.35 -47.47
C GLY AA 115 118.63 17.71 -46.28
N PHE AA 116 119.83 18.23 -46.50
CA PHE AA 116 120.71 18.56 -45.39
C PHE AA 116 120.73 20.06 -45.15
N LEU AA 117 120.55 20.45 -43.89
CA LEU AA 117 120.63 21.84 -43.46
C LEU AA 117 121.91 22.02 -42.67
N ASP AA 118 122.93 22.57 -43.31
CA ASP AA 118 124.22 22.73 -42.68
C ASP AA 118 124.19 23.91 -41.71
N PRO AA 119 124.44 23.70 -40.41
CA PRO AA 119 124.40 24.82 -39.46
C PRO AA 119 125.63 25.73 -39.52
N THR AA 120 126.67 25.35 -40.27
CA THR AA 120 127.87 26.16 -40.36
C THR AA 120 127.97 26.94 -41.66
N ALA AA 121 126.89 27.01 -42.44
CA ALA AA 121 126.92 27.72 -43.71
C ALA AA 121 127.12 29.21 -43.49
N ALA AA 122 127.77 29.86 -44.45
CA ALA AA 122 128.09 31.28 -44.37
C ALA AA 122 126.90 32.09 -44.88
N ILE AA 123 126.02 32.47 -43.95
CA ILE AA 123 124.85 33.27 -44.27
C ILE AA 123 125.14 34.71 -43.88
N VAL AA 124 124.78 35.65 -44.76
CA VAL AA 124 125.08 37.06 -44.55
C VAL AA 124 123.80 37.88 -44.69
N SER AA 125 123.80 39.05 -44.07
CA SER AA 125 122.68 39.98 -44.15
C SER AA 125 122.95 41.05 -45.21
N SER AA 126 121.91 41.83 -45.51
CA SER AA 126 122.04 42.88 -46.50
C SER AA 126 122.90 44.04 -46.03
N ASP AA 127 122.99 44.26 -44.72
CA ASP AA 127 123.78 45.36 -44.21
C ASP AA 127 125.27 45.11 -44.43
N THR AA 128 125.99 46.18 -44.74
CA THR AA 128 127.42 46.12 -45.00
C THR AA 128 128.19 46.94 -43.96
N THR AA 129 129.41 46.50 -43.68
CA THR AA 129 130.26 47.18 -42.72
C THR AA 129 131.19 48.16 -43.41
N ALA BA 1 133.32 -42.43 48.34
CA ALA BA 1 132.96 -43.04 47.07
C ALA BA 1 131.48 -42.81 46.75
N ASN BA 2 131.23 -41.84 45.87
CA ASN BA 2 129.85 -41.54 45.49
C ASN BA 2 129.27 -42.66 44.65
N LYS BA 3 127.98 -42.93 44.85
CA LYS BA 3 127.35 -44.11 44.26
C LYS BA 3 127.16 -43.92 42.76
N PRO BA 4 127.66 -44.84 41.93
CA PRO BA 4 127.44 -44.71 40.49
C PRO BA 4 125.96 -44.77 40.14
N MET BA 5 125.58 -44.03 39.10
CA MET BA 5 124.20 -43.86 38.71
C MET BA 5 124.06 -44.16 37.22
N GLN BA 6 123.03 -44.93 36.87
CA GLN BA 6 122.94 -45.53 35.54
C GLN BA 6 121.70 -45.02 34.81
N PRO BA 7 121.75 -44.90 33.47
CA PRO BA 7 120.67 -44.23 32.75
C PRO BA 7 119.39 -45.07 32.67
N ILE BA 8 118.27 -44.39 32.48
CA ILE BA 8 116.99 -45.05 32.30
C ILE BA 8 116.37 -44.75 30.95
N THR BA 9 116.70 -43.62 30.32
CA THR BA 9 116.20 -43.29 28.99
C THR BA 9 117.33 -42.72 28.18
N SER BA 10 117.55 -43.26 26.99
CA SER BA 10 118.63 -42.84 26.11
C SER BA 10 118.07 -42.37 24.78
N THR BA 11 118.46 -41.15 24.40
CA THR BA 11 118.03 -40.55 23.13
C THR BA 11 119.09 -39.54 22.72
N ALA BA 12 119.18 -39.29 21.41
CA ALA BA 12 120.18 -38.37 20.90
C ALA BA 12 119.96 -36.96 21.41
N ASN BA 13 118.75 -36.66 21.86
CA ASN BA 13 118.40 -35.32 22.33
C ASN BA 13 118.21 -35.22 23.84
N LYS BA 14 118.10 -36.35 24.54
CA LYS BA 14 117.83 -36.34 25.98
C LYS BA 14 118.25 -37.68 26.57
N ILE BA 15 119.04 -37.63 27.64
CA ILE BA 15 119.41 -38.81 28.41
C ILE BA 15 119.14 -38.52 29.88
N VAL BA 16 118.46 -39.44 30.55
CA VAL BA 16 118.09 -39.30 31.95
C VAL BA 16 118.72 -40.44 32.74
N TRP BA 17 119.36 -40.09 33.84
CA TRP BA 17 119.97 -41.07 34.74
C TRP BA 17 119.16 -41.15 36.03
N SER BA 18 119.13 -42.33 36.65
CA SER BA 18 118.43 -42.52 37.92
C SER BA 18 119.22 -43.45 38.81
N ASP BA 19 119.21 -43.15 40.10
CA ASP BA 19 119.91 -43.98 41.07
C ASP BA 19 119.20 -45.33 41.19
N PRO BA 20 119.89 -46.45 40.97
CA PRO BA 20 119.21 -47.76 41.08
C PRO BA 20 118.59 -48.02 42.44
N THR BA 21 119.22 -47.53 43.51
CA THR BA 21 118.64 -47.70 44.84
C THR BA 21 117.48 -46.75 45.11
N ARG BA 22 117.52 -45.53 44.57
CA ARG BA 22 116.42 -44.60 44.71
C ARG BA 22 116.12 -43.92 43.37
N LEU BA 23 115.15 -44.44 42.63
CA LEU BA 23 114.84 -43.93 41.30
C LEU BA 23 114.27 -42.52 41.36
N SER BA 24 113.89 -42.07 42.56
CA SER BA 24 113.45 -40.69 42.73
C SER BA 24 114.54 -39.68 42.39
N THR BA 25 115.81 -40.05 42.54
CA THR BA 25 116.91 -39.16 42.20
C THR BA 25 117.17 -39.25 40.70
N THR BA 26 117.07 -38.11 40.00
CA THR BA 26 117.21 -38.08 38.56
C THR BA 26 118.20 -37.01 38.15
N PHE BA 27 118.77 -37.19 36.96
CA PHE BA 27 119.66 -36.21 36.34
C PHE BA 27 119.44 -36.26 34.84
N SER BA 28 118.92 -35.16 34.28
CA SER BA 28 118.54 -35.12 32.88
C SER BA 28 119.34 -34.05 32.15
N ALA BA 29 119.80 -34.40 30.95
CA ALA BA 29 120.56 -33.51 30.09
C ALA BA 29 119.91 -33.50 28.71
N SER BA 30 119.47 -32.33 28.26
CA SER BA 30 118.81 -32.18 26.97
C SER BA 30 119.55 -31.13 26.16
N LEU BA 31 119.85 -31.45 24.91
CA LEU BA 31 120.55 -30.56 24.01
C LEU BA 31 119.61 -30.05 22.93
N LEU BA 32 119.63 -28.75 22.69
CA LEU BA 32 118.87 -28.12 21.63
C LEU BA 32 119.82 -27.31 20.77
N ARG BA 33 119.76 -27.51 19.45
CA ARG BA 33 120.73 -26.95 18.52
C ARG BA 33 120.03 -26.20 17.40
N GLN BA 34 120.51 -24.99 17.12
CA GLN BA 34 119.98 -24.17 16.04
C GLN BA 34 121.15 -23.50 15.31
N ARG BA 35 120.84 -22.92 14.15
CA ARG BA 35 121.80 -22.14 13.38
C ARG BA 35 121.39 -20.68 13.44
N VAL BA 36 122.31 -19.82 13.87
CA VAL BA 36 122.06 -18.39 14.05
C VAL BA 36 123.08 -17.61 13.24
N LYS BA 37 122.60 -16.64 12.46
CA LYS BA 37 123.46 -15.84 11.60
C LYS BA 37 123.83 -14.55 12.34
N VAL BA 38 124.81 -14.67 13.24
CA VAL BA 38 125.26 -13.52 14.01
C VAL BA 38 126.15 -12.62 13.16
N GLY BA 39 127.15 -13.21 12.51
CA GLY BA 39 128.16 -12.45 11.81
C GLY BA 39 128.24 -12.81 10.33
N ILE BA 40 127.07 -12.93 9.70
CA ILE BA 40 126.85 -13.39 8.33
C ILE BA 40 127.54 -14.74 8.13
N ALA BA 41 127.80 -15.44 9.23
CA ALA BA 41 128.29 -16.81 9.22
C ALA BA 41 127.38 -17.63 10.13
N GLU BA 42 127.01 -18.82 9.68
CA GLU BA 42 126.03 -19.63 10.40
C GLU BA 42 126.71 -20.36 11.55
N LEU BA 43 126.75 -19.68 12.70
CA LEU BA 43 127.25 -20.31 13.91
C LEU BA 43 126.24 -21.30 14.44
N ASN BA 44 126.74 -22.42 14.97
CA ASN BA 44 125.88 -23.49 15.48
C ASN BA 44 125.89 -23.48 17.01
N ASN BA 45 124.96 -22.72 17.58
CA ASN BA 45 124.87 -22.64 19.03
C ASN BA 45 124.23 -23.90 19.60
N VAL BA 46 124.56 -24.20 20.85
CA VAL BA 46 124.04 -25.35 21.56
C VAL BA 46 123.48 -24.89 22.89
N SER BA 47 122.21 -25.20 23.14
CA SER BA 47 121.53 -24.84 24.38
C SER BA 47 121.34 -26.11 25.20
N GLY BA 48 122.27 -26.35 26.13
CA GLY BA 48 122.24 -27.54 26.96
C GLY BA 48 121.54 -27.26 28.28
N GLN BA 49 120.46 -27.98 28.52
CA GLN BA 49 119.67 -27.86 29.74
C GLN BA 49 119.97 -29.07 30.63
N TYR BA 50 120.64 -28.83 31.75
CA TYR BA 50 121.04 -29.88 32.67
C TYR BA 50 120.25 -29.71 33.96
N VAL BA 51 119.54 -30.76 34.36
CA VAL BA 51 118.60 -30.69 35.48
C VAL BA 51 118.93 -31.81 36.46
N SER BA 52 119.05 -31.46 37.74
CA SER BA 52 119.21 -32.42 38.82
C SER BA 52 118.04 -32.31 39.78
N VAL BA 53 117.39 -33.44 40.07
CA VAL BA 53 116.21 -33.48 40.91
C VAL BA 53 116.43 -34.50 42.01
N TYR BA 54 116.21 -34.09 43.26
CA TYR BA 54 116.29 -34.97 44.41
C TYR BA 54 115.12 -34.68 45.33
N LYS BA 55 114.35 -35.71 45.64
CA LYS BA 55 113.25 -35.61 46.60
C LYS BA 55 113.79 -35.97 47.97
N ARG BA 56 113.93 -34.97 48.83
CA ARG BA 56 114.48 -35.16 50.17
C ARG BA 56 113.36 -35.24 51.19
N PRO BA 57 113.35 -36.23 52.07
CA PRO BA 57 112.34 -36.26 53.13
C PRO BA 57 112.70 -35.28 54.24
N ALA BA 58 111.82 -34.32 54.48
CA ALA BA 58 112.06 -33.28 55.48
C ALA BA 58 110.87 -33.12 56.43
N PRO BA 59 110.54 -34.14 57.22
CA PRO BA 59 109.72 -33.88 58.41
C PRO BA 59 110.47 -33.04 59.42
N LYS BA 60 111.79 -33.21 59.47
CA LYS BA 60 112.72 -32.50 60.34
C LYS BA 60 112.30 -32.60 61.80
N PRO BA 61 112.24 -33.81 62.38
CA PRO BA 61 111.94 -33.92 63.81
C PRO BA 61 113.15 -33.54 64.63
N GLU BA 62 113.10 -32.36 65.25
CA GLU BA 62 114.23 -31.84 65.98
C GLU BA 62 114.40 -32.57 67.31
N GLY BA 63 115.43 -33.39 67.37
CA GLY BA 63 115.77 -34.09 68.61
C GLY BA 63 115.49 -35.59 68.69
N CYS BA 64 114.39 -36.04 68.11
CA CYS BA 64 114.01 -37.43 68.31
C CYS BA 64 113.48 -38.01 67.00
N ALA BA 65 113.95 -39.21 66.69
CA ALA BA 65 113.38 -40.07 65.66
C ALA BA 65 113.22 -41.47 66.25
N ASP BA 66 112.03 -42.04 66.11
CA ASP BA 66 111.75 -43.24 66.90
C ASP BA 66 111.56 -44.51 66.09
N ALA BA 67 110.63 -44.51 65.13
CA ALA BA 67 110.25 -45.74 64.45
C ALA BA 67 109.98 -45.44 62.98
N CYS BA 68 109.36 -46.42 62.32
CA CYS BA 68 109.05 -46.31 60.89
C CYS BA 68 107.85 -45.38 60.70
N VAL BA 69 108.12 -44.10 60.51
CA VAL BA 69 107.10 -43.10 60.24
C VAL BA 69 107.20 -42.74 58.76
N ILE BA 70 106.06 -42.54 58.11
CA ILE BA 70 106.06 -42.13 56.72
C ILE BA 70 106.76 -40.79 56.56
N MET BA 71 107.65 -40.70 55.59
CA MET BA 71 108.34 -39.46 55.30
C MET BA 71 107.55 -38.66 54.25
N PRO BA 72 107.02 -37.50 54.61
CA PRO BA 72 106.53 -36.58 53.57
C PRO BA 72 107.70 -35.92 52.87
N ASN BA 73 107.64 -35.83 51.54
CA ASN BA 73 108.80 -35.49 50.73
C ASN BA 73 108.65 -34.11 50.10
N GLU BA 74 109.77 -33.40 50.01
CA GLU BA 74 109.88 -32.16 49.27
C GLU BA 74 110.89 -32.35 48.15
N ASN BA 75 110.77 -31.56 47.09
CA ASN BA 75 111.62 -31.68 45.91
C ASN BA 75 112.72 -30.62 45.94
N GLN BA 76 113.95 -31.05 45.64
CA GLN BA 76 115.08 -30.15 45.49
C GLN BA 76 115.53 -30.21 44.04
N SER BA 77 115.48 -29.07 43.35
CA SER BA 77 115.78 -29.00 41.93
C SER BA 77 116.91 -28.02 41.67
N ILE BA 78 117.89 -28.45 40.88
CA ILE BA 78 118.99 -27.61 40.44
C ILE BA 78 119.12 -27.79 38.94
N ARG BA 79 118.72 -26.78 38.17
CA ARG BA 79 118.75 -26.84 36.72
C ARG BA 79 119.64 -25.72 36.19
N THR BA 80 120.44 -26.03 35.17
CA THR BA 80 121.33 -25.07 34.55
C THR BA 80 121.17 -25.14 33.04
N VAL BA 81 121.33 -23.99 32.38
CA VAL BA 81 121.24 -23.87 30.93
C VAL BA 81 122.50 -23.17 30.44
N ILE BA 82 123.21 -23.81 29.53
CA ILE BA 82 124.41 -23.25 28.92
C ILE BA 82 124.15 -23.07 27.43
N SER BA 83 124.25 -21.84 26.96
CA SER BA 83 123.95 -21.50 25.57
C SER BA 83 125.13 -20.74 24.99
N GLY BA 84 125.57 -21.14 23.80
CA GLY BA 84 126.65 -20.47 23.13
C GLY BA 84 127.09 -21.17 21.87
N SER BA 85 127.82 -20.47 21.01
CA SER BA 85 128.30 -21.06 19.77
C SER BA 85 129.32 -22.16 20.05
N ALA BA 86 129.26 -23.23 19.26
CA ALA BA 86 130.19 -24.33 19.45
C ALA BA 86 131.62 -23.94 19.09
N GLU BA 87 131.77 -22.89 18.26
CA GLU BA 87 133.09 -22.48 17.83
C GLU BA 87 133.85 -21.72 18.92
N ASN BA 88 133.18 -21.42 20.02
CA ASN BA 88 133.78 -20.71 21.16
C ASN BA 88 133.71 -21.55 22.43
N LEU BA 89 134.04 -22.84 22.30
CA LEU BA 89 133.91 -23.76 23.43
C LEU BA 89 134.85 -23.40 24.57
N ALA BA 90 136.08 -22.99 24.25
CA ALA BA 90 137.04 -22.64 25.29
C ALA BA 90 136.54 -21.45 26.11
N THR BA 91 136.02 -20.43 25.42
CA THR BA 91 135.43 -19.30 26.11
C THR BA 91 134.21 -19.71 26.94
N LEU BA 92 133.38 -20.60 26.40
CA LEU BA 92 132.22 -21.06 27.15
C LEU BA 92 132.63 -21.80 28.42
N LYS BA 93 133.69 -22.62 28.33
CA LYS BA 93 134.17 -23.33 29.51
C LYS BA 93 134.76 -22.38 30.54
N ALA BA 94 135.51 -21.37 30.10
CA ALA BA 94 136.03 -20.37 31.03
C ALA BA 94 134.89 -19.63 31.71
N GLU BA 95 133.85 -19.26 30.95
CA GLU BA 95 132.70 -18.61 31.54
C GLU BA 95 131.98 -19.51 32.53
N TRP BA 96 131.94 -20.81 32.25
CA TRP BA 96 131.29 -21.75 33.15
C TRP BA 96 132.07 -21.90 34.45
N GLU BA 97 133.40 -21.90 34.37
CA GLU BA 97 134.21 -21.89 35.59
C GLU BA 97 133.99 -20.62 36.40
N THR BA 98 133.94 -19.47 35.72
CA THR BA 98 133.65 -18.23 36.43
C THR BA 98 132.26 -18.26 37.05
N HIS BA 99 131.31 -18.92 36.37
CA HIS BA 99 129.97 -19.08 36.92
C HIS BA 99 130.01 -19.92 38.19
N LYS BA 100 130.78 -21.01 38.18
CA LYS BA 100 131.00 -21.77 39.41
C LYS BA 100 131.47 -20.86 40.52
N ARG BA 101 132.51 -20.06 40.24
CA ARG BA 101 133.12 -19.24 41.28
C ARG BA 101 132.13 -18.22 41.84
N ASN BA 102 131.37 -17.57 40.96
CA ASN BA 102 130.43 -16.55 41.41
C ASN BA 102 129.27 -17.15 42.19
N VAL BA 103 128.69 -18.25 41.69
CA VAL BA 103 127.61 -18.89 42.41
C VAL BA 103 128.10 -19.41 43.76
N ASP BA 104 129.34 -19.89 43.81
CA ASP BA 104 129.90 -20.33 45.08
C ASP BA 104 130.02 -19.17 46.06
N THR BA 105 130.63 -18.07 45.64
CA THR BA 105 130.86 -16.96 46.55
C THR BA 105 129.54 -16.33 47.00
N LEU BA 106 128.48 -16.47 46.21
CA LEU BA 106 127.18 -15.97 46.66
C LEU BA 106 126.44 -16.98 47.55
N PHE BA 107 126.59 -18.28 47.29
CA PHE BA 107 125.69 -19.28 47.84
C PHE BA 107 126.39 -20.23 48.81
N ALA BA 108 127.46 -20.88 48.38
CA ALA BA 108 128.11 -21.89 49.21
C ALA BA 108 128.75 -21.27 50.43
N SER BA 109 129.53 -20.20 50.23
CA SER BA 109 130.17 -19.49 51.33
C SER BA 109 129.34 -18.32 51.83
N GLY BA 110 128.21 -18.01 51.19
CA GLY BA 110 127.36 -16.93 51.60
C GLY BA 110 126.10 -17.41 52.30
N ASN BA 111 125.08 -16.55 52.27
CA ASN BA 111 123.80 -16.84 52.90
C ASN BA 111 122.64 -16.74 51.91
N ALA BA 112 122.92 -16.92 50.63
CA ALA BA 112 121.87 -16.83 49.62
C ALA BA 112 120.88 -17.97 49.73
N GLY BA 113 121.28 -19.08 50.33
CA GLY BA 113 120.37 -20.22 50.46
C GLY BA 113 119.26 -19.97 51.45
N LEU BA 114 119.45 -19.02 52.37
CA LEU BA 114 118.43 -18.71 53.36
C LEU BA 114 117.61 -17.51 52.91
N GLY BA 115 117.82 -17.06 51.67
CA GLY BA 115 117.08 -15.92 51.16
C GLY BA 115 117.70 -14.58 51.49
N PHE BA 116 119.00 -14.44 51.23
CA PHE BA 116 119.72 -13.21 51.53
C PHE BA 116 120.56 -12.79 50.34
N LEU BA 117 120.75 -11.49 50.17
CA LEU BA 117 121.64 -10.94 49.16
C LEU BA 117 122.72 -10.12 49.85
N ASP BA 118 123.97 -10.36 49.46
CA ASP BA 118 125.09 -9.64 50.05
C ASP BA 118 125.70 -8.72 49.00
N PRO BA 119 125.41 -7.41 49.03
CA PRO BA 119 125.93 -6.52 47.98
C PRO BA 119 127.45 -6.40 47.94
N THR BA 120 128.16 -6.72 49.02
CA THR BA 120 129.60 -6.55 49.07
C THR BA 120 130.36 -7.82 48.68
N ALA BA 121 129.66 -8.85 48.21
CA ALA BA 121 130.33 -10.09 47.83
C ALA BA 121 131.29 -9.85 46.67
N ALA BA 122 132.40 -10.57 46.69
CA ALA BA 122 133.47 -10.41 45.70
C ALA BA 122 133.15 -11.27 44.48
N ILE BA 123 132.50 -10.66 43.51
CA ILE BA 123 132.16 -11.32 42.26
C ILE BA 123 133.07 -10.81 41.16
N VAL BA 124 133.65 -11.72 40.39
CA VAL BA 124 134.66 -11.39 39.39
C VAL BA 124 134.19 -11.86 38.02
N SER BA 125 134.84 -11.35 36.99
CA SER BA 125 134.51 -11.68 35.61
C SER BA 125 135.43 -12.76 35.07
N SER BA 126 135.15 -13.19 33.84
CA SER BA 126 135.96 -14.21 33.20
C SER BA 126 137.30 -13.67 32.71
N ASP BA 127 137.35 -12.41 32.30
CA ASP BA 127 138.59 -11.84 31.78
C ASP BA 127 139.61 -11.68 32.89
N THR BA 128 140.88 -11.72 32.51
CA THR BA 128 142.00 -11.61 33.44
C THR BA 128 142.71 -10.27 33.22
N THR BA 129 143.20 -9.70 34.31
CA THR BA 129 143.91 -8.42 34.25
C THR BA 129 145.24 -8.55 33.55
N ALA CA 1 144.75 -38.75 5.92
CA ALA CA 1 143.91 -39.09 7.07
C ALA CA 1 142.69 -38.18 7.14
N ASN CA 2 141.55 -38.69 6.69
CA ASN CA 2 140.32 -37.91 6.70
C ASN CA 2 139.80 -37.76 8.13
N LYS CA 3 139.17 -36.63 8.40
CA LYS CA 3 138.63 -36.37 9.72
C LYS CA 3 137.39 -37.23 9.96
N PRO CA 4 137.33 -37.99 11.05
CA PRO CA 4 136.17 -38.86 11.29
C PRO CA 4 134.97 -38.06 11.79
N MET CA 5 133.80 -38.68 11.67
CA MET CA 5 132.55 -38.11 12.16
C MET CA 5 132.00 -38.95 13.30
N GLN CA 6 131.09 -38.34 14.07
CA GLN CA 6 130.33 -39.01 15.12
C GLN CA 6 128.85 -38.72 14.95
N PRO CA 7 127.98 -39.64 15.34
CA PRO CA 7 126.53 -39.39 15.20
C PRO CA 7 126.08 -38.30 16.15
N ILE CA 8 125.18 -37.44 15.66
CA ILE CA 8 124.64 -36.33 16.43
C ILE CA 8 123.16 -36.53 16.73
N THR CA 9 122.39 -36.97 15.73
CA THR CA 9 121.01 -37.40 15.93
C THR CA 9 120.87 -38.82 15.43
N SER CA 10 120.33 -39.69 16.28
CA SER CA 10 120.33 -41.11 16.01
C SER CA 10 118.92 -41.68 16.10
N THR CA 11 118.42 -42.18 14.99
CA THR CA 11 117.20 -42.96 14.93
C THR CA 11 117.43 -44.11 13.96
N ALA CA 12 116.81 -45.26 14.26
CA ALA CA 12 116.99 -46.42 13.39
C ALA CA 12 116.48 -46.14 11.98
N ASN CA 13 115.52 -45.22 11.85
CA ASN CA 13 115.08 -44.79 10.53
C ASN CA 13 116.05 -43.83 9.87
N LYS CA 14 116.76 -43.01 10.67
CA LYS CA 14 117.62 -41.97 10.12
C LYS CA 14 118.72 -41.63 11.11
N ILE CA 15 119.98 -41.73 10.66
CA ILE CA 15 121.14 -41.34 11.45
C ILE CA 15 121.94 -40.32 10.66
N VAL CA 16 122.30 -39.22 11.31
CA VAL CA 16 123.06 -38.15 10.69
C VAL CA 16 124.41 -38.03 11.38
N TRP CA 17 125.47 -37.97 10.58
CA TRP CA 17 126.83 -37.81 11.08
C TRP CA 17 127.28 -36.37 10.91
N SER CA 18 128.14 -35.93 11.83
CA SER CA 18 128.61 -34.55 11.79
C SER CA 18 130.07 -34.50 12.21
N ASP CA 19 130.80 -33.54 11.66
CA ASP CA 19 132.19 -33.33 12.01
C ASP CA 19 132.27 -32.42 13.22
N PRO CA 20 132.91 -32.85 14.32
CA PRO CA 20 133.01 -31.97 15.49
C PRO CA 20 133.64 -30.62 15.20
N THR CA 21 134.66 -30.56 14.35
CA THR CA 21 135.33 -29.31 14.05
C THR CA 21 134.54 -28.43 13.09
N ARG CA 22 133.71 -29.02 12.23
CA ARG CA 22 132.90 -28.25 11.29
C ARG CA 22 131.48 -28.85 11.33
N LEU CA 23 130.61 -28.24 12.12
CA LEU CA 23 129.25 -28.77 12.26
C LEU CA 23 128.42 -28.57 11.00
N SER CA 24 128.88 -27.73 10.07
CA SER CA 24 128.15 -27.56 8.82
C SER CA 24 128.28 -28.75 7.89
N THR CA 25 129.22 -29.65 8.14
CA THR CA 25 129.40 -30.86 7.34
C THR CA 25 128.56 -31.98 7.95
N THR CA 26 127.65 -32.53 7.14
CA THR CA 26 126.74 -33.57 7.60
C THR CA 26 126.68 -34.69 6.58
N PHE CA 27 126.33 -35.88 7.08
CA PHE CA 27 126.10 -37.06 6.25
C PHE CA 27 124.94 -37.84 6.86
N SER CA 28 123.88 -38.03 6.08
CA SER CA 28 122.65 -38.63 6.57
C SER CA 28 122.33 -39.91 5.80
N ALA CA 29 121.81 -40.89 6.51
CA ALA CA 29 121.36 -42.15 5.92
C ALA CA 29 119.96 -42.45 6.45
N SER CA 30 119.01 -42.66 5.53
CA SER CA 30 117.64 -42.96 5.89
C SER CA 30 117.17 -44.15 5.05
N LEU CA 31 116.63 -45.17 5.73
CA LEU CA 31 116.11 -46.35 5.06
C LEU CA 31 114.61 -46.44 5.30
N LEU CA 32 113.84 -46.57 4.22
CA LEU CA 32 112.42 -46.82 4.27
C LEU CA 32 112.15 -48.20 3.69
N ARG CA 33 111.53 -49.07 4.49
CA ARG CA 33 111.31 -50.46 4.11
C ARG CA 33 109.82 -50.71 3.96
N GLN CA 34 109.45 -51.36 2.86
CA GLN CA 34 108.06 -51.69 2.57
C GLN CA 34 108.01 -53.03 1.87
N ARG CA 35 106.97 -53.80 2.15
CA ARG CA 35 106.80 -55.14 1.58
C ARG CA 35 105.99 -55.01 0.29
N VAL CA 36 106.68 -54.62 -0.79
CA VAL CA 36 106.05 -54.51 -2.10
C VAL CA 36 106.21 -55.85 -2.81
N LYS CA 37 105.15 -56.65 -2.79
CA LYS CA 37 105.25 -58.01 -3.32
C LYS CA 37 104.75 -58.07 -4.76
N VAL CA 38 105.55 -58.71 -5.62
CA VAL CA 38 105.13 -59.00 -6.98
C VAL CA 38 104.26 -60.26 -6.95
N GLY CA 39 103.61 -60.57 -8.06
CA GLY CA 39 102.71 -61.69 -8.13
C GLY CA 39 103.30 -63.01 -7.66
N ILE CA 40 102.54 -63.74 -6.84
CA ILE CA 40 102.87 -65.05 -6.28
C ILE CA 40 104.29 -65.08 -5.71
N ALA CA 41 104.75 -63.95 -5.19
CA ALA CA 41 106.07 -63.87 -4.58
C ALA CA 41 106.04 -62.85 -3.46
N GLU CA 42 107.01 -62.98 -2.55
CA GLU CA 42 107.18 -62.08 -1.43
C GLU CA 42 108.54 -61.41 -1.53
N LEU CA 43 108.56 -60.08 -1.46
CA LEU CA 43 109.79 -59.31 -1.62
C LEU CA 43 109.80 -58.17 -0.63
N ASN CA 44 110.95 -57.93 -0.01
CA ASN CA 44 111.13 -56.82 0.91
C ASN CA 44 111.96 -55.73 0.24
N ASN CA 45 111.35 -54.57 0.04
CA ASN CA 45 111.98 -53.45 -0.66
C ASN CA 45 112.46 -52.42 0.35
N VAL CA 46 113.69 -51.96 0.19
CA VAL CA 46 114.28 -50.95 1.04
C VAL CA 46 114.80 -49.82 0.16
N SER CA 47 114.45 -48.59 0.49
CA SER CA 47 114.94 -47.42 -0.22
C SER CA 47 115.97 -46.71 0.65
N GLY CA 48 117.18 -46.55 0.11
CA GLY CA 48 118.25 -45.93 0.87
C GLY CA 48 118.62 -44.55 0.38
N GLN CA 49 118.36 -43.53 1.18
CA GLN CA 49 118.65 -42.15 0.83
C GLN CA 49 119.87 -41.69 1.63
N TYR CA 50 120.90 -41.25 0.91
CA TYR CA 50 122.15 -40.81 1.51
C TYR CA 50 122.45 -39.40 1.03
N VAL CA 51 122.59 -38.46 1.97
CA VAL CA 51 122.79 -37.06 1.66
C VAL CA 51 124.08 -36.58 2.33
N SER CA 52 124.96 -35.97 1.55
CA SER CA 52 126.19 -35.37 2.05
C SER CA 52 126.17 -33.87 1.78
N VAL CA 53 126.39 -33.08 2.83
CA VAL CA 53 126.29 -31.63 2.74
C VAL CA 53 127.59 -31.02 3.23
N TYR CA 54 128.15 -30.10 2.46
CA TYR CA 54 129.32 -29.33 2.85
C TYR CA 54 129.12 -27.88 2.43
N LYS CA 55 129.27 -26.97 3.38
CA LYS CA 55 129.14 -25.54 3.13
C LYS CA 55 130.54 -24.96 2.95
N ARG CA 56 130.91 -24.70 1.71
CA ARG CA 56 132.25 -24.28 1.35
C ARG CA 56 132.26 -22.80 1.00
N PRO CA 57 133.28 -22.05 1.45
CA PRO CA 57 133.37 -20.64 1.07
C PRO CA 57 133.54 -20.48 -0.43
N ALA CA 58 132.98 -19.38 -0.94
CA ALA CA 58 133.10 -19.09 -2.36
C ALA CA 58 134.55 -18.83 -2.73
N PRO CA 59 134.95 -19.11 -3.97
CA PRO CA 59 136.37 -18.99 -4.33
C PRO CA 59 136.90 -17.58 -4.23
N LYS CA 60 138.07 -17.42 -3.63
CA LYS CA 60 138.76 -16.14 -3.51
C LYS CA 60 139.30 -15.72 -4.87
N PRO CA 61 139.49 -14.42 -5.12
CA PRO CA 61 140.06 -13.99 -6.40
C PRO CA 61 141.44 -14.58 -6.66
N GLU CA 62 141.71 -14.93 -7.92
CA GLU CA 62 142.94 -15.66 -8.25
C GLU CA 62 144.18 -14.84 -7.92
N GLY CA 63 144.16 -13.55 -8.24
CA GLY CA 63 145.30 -12.69 -7.95
C GLY CA 63 145.20 -12.02 -6.60
N CYS CA 64 145.14 -12.81 -5.54
CA CYS CA 64 144.98 -12.28 -4.19
C CYS CA 64 145.98 -12.94 -3.25
N ALA CA 65 146.60 -12.12 -2.40
CA ALA CA 65 147.50 -12.60 -1.36
C ALA CA 65 147.12 -12.10 0.03
N ASP CA 66 145.91 -11.57 0.20
CA ASP CA 66 145.51 -11.01 1.48
C ASP CA 66 145.38 -12.12 2.52
N ALA CA 67 145.71 -11.78 3.77
CA ALA CA 67 145.75 -12.74 4.86
C ALA CA 67 144.39 -13.36 5.13
N CYS CA 68 143.42 -12.55 5.53
CA CYS CA 68 142.10 -13.03 5.93
C CYS CA 68 141.00 -12.17 5.34
N VAL CA 69 140.40 -12.66 4.25
CA VAL CA 69 139.19 -12.08 3.69
C VAL CA 69 138.23 -13.23 3.41
N ILE CA 70 137.15 -13.31 4.17
CA ILE CA 70 136.24 -14.45 4.11
C ILE CA 70 134.96 -14.02 3.42
N MET CA 71 134.55 -14.77 2.41
CA MET CA 71 133.32 -14.53 1.67
C MET CA 71 132.33 -15.67 1.96
N PRO CA 72 131.02 -15.43 1.84
CA PRO CA 72 130.04 -16.37 2.39
C PRO CA 72 130.07 -17.72 1.67
N ASN CA 73 129.58 -18.73 2.39
CA ASN CA 73 129.64 -20.11 1.96
C ASN CA 73 128.55 -20.42 0.94
N GLU CA 74 128.78 -21.46 0.14
CA GLU CA 74 127.81 -21.96 -0.82
C GLU CA 74 127.42 -23.37 -0.43
N ASN CA 75 126.25 -23.81 -0.87
CA ASN CA 75 125.77 -25.13 -0.49
C ASN CA 75 126.19 -26.17 -1.52
N GLN CA 76 126.90 -27.20 -1.06
CA GLN CA 76 127.31 -28.32 -1.90
C GLN CA 76 126.66 -29.58 -1.34
N SER CA 77 125.75 -30.17 -2.12
CA SER CA 77 124.97 -31.31 -1.67
C SER CA 77 125.05 -32.44 -2.69
N ILE CA 78 125.20 -33.66 -2.19
CA ILE CA 78 125.18 -34.87 -3.01
C ILE CA 78 124.19 -35.83 -2.39
N ARG CA 79 123.17 -36.21 -3.15
CA ARG CA 79 122.09 -37.05 -2.65
C ARG CA 79 121.96 -38.29 -3.54
N THR CA 80 122.03 -39.46 -2.92
CA THR CA 80 121.95 -40.73 -3.63
C THR CA 80 120.84 -41.60 -3.05
N VAL CA 81 119.99 -42.13 -3.92
CA VAL CA 81 118.87 -42.98 -3.52
C VAL CA 81 119.05 -44.34 -4.19
N ILE CA 82 119.00 -45.40 -3.39
CA ILE CA 82 119.11 -46.77 -3.87
C ILE CA 82 117.86 -47.52 -3.45
N SER CA 83 117.17 -48.12 -4.43
CA SER CA 83 115.93 -48.84 -4.18
C SER CA 83 116.03 -50.22 -4.80
N GLY CA 84 115.72 -51.24 -4.02
CA GLY CA 84 115.74 -52.62 -4.51
C GLY CA 84 115.37 -53.63 -3.44
N SER CA 85 115.11 -54.87 -3.86
CA SER CA 85 114.75 -55.91 -2.92
C SER CA 85 115.97 -56.41 -2.17
N ALA CA 86 115.74 -57.04 -1.03
CA ALA CA 86 116.85 -57.58 -0.23
C ALA CA 86 117.39 -58.87 -0.85
N GLU CA 87 116.56 -59.58 -1.62
CA GLU CA 87 116.96 -60.86 -2.17
C GLU CA 87 118.12 -60.72 -3.16
N ASN CA 88 118.07 -59.70 -4.01
CA ASN CA 88 119.07 -59.48 -5.05
C ASN CA 88 120.11 -58.44 -4.65
N LEU CA 89 120.54 -58.45 -3.38
CA LEU CA 89 121.44 -57.41 -2.89
C LEU CA 89 122.80 -57.46 -3.59
N ALA CA 90 123.29 -58.66 -3.92
CA ALA CA 90 124.57 -58.75 -4.61
C ALA CA 90 124.51 -58.08 -5.98
N THR CA 91 123.42 -58.32 -6.71
CA THR CA 91 123.26 -57.68 -8.00
C THR CA 91 123.01 -56.18 -7.86
N LEU CA 92 122.36 -55.75 -6.78
CA LEU CA 92 122.24 -54.32 -6.51
C LEU CA 92 123.61 -53.70 -6.27
N LYS CA 93 124.49 -54.42 -5.59
CA LYS CA 93 125.85 -53.92 -5.37
C LYS CA 93 126.61 -53.82 -6.70
N ALA CA 94 126.43 -54.81 -7.57
CA ALA CA 94 127.03 -54.72 -8.90
C ALA CA 94 126.50 -53.52 -9.68
N GLU CA 95 125.19 -53.30 -9.60
CA GLU CA 95 124.60 -52.12 -10.23
C GLU CA 95 125.17 -50.83 -9.64
N TRP CA 96 125.42 -50.82 -8.34
CA TRP CA 96 125.99 -49.64 -7.70
C TRP CA 96 127.40 -49.38 -8.20
N GLU CA 97 128.20 -50.44 -8.38
CA GLU CA 97 129.53 -50.27 -8.93
C GLU CA 97 129.48 -49.73 -10.36
N THR CA 98 128.57 -50.27 -11.18
CA THR CA 98 128.42 -49.76 -12.54
C THR CA 98 127.97 -48.31 -12.55
N HIS CA 99 127.08 -47.94 -11.63
CA HIS CA 99 126.64 -46.57 -11.50
C HIS CA 99 127.80 -45.66 -11.10
N LYS CA 100 128.66 -46.12 -10.19
CA LYS CA 100 129.88 -45.41 -9.89
C LYS CA 100 130.67 -45.13 -11.16
N ARG CA 101 130.90 -46.18 -11.94
CA ARG CA 101 131.74 -46.04 -13.13
C ARG CA 101 131.15 -45.03 -14.11
N ASN CA 102 129.84 -45.11 -14.34
CA ASN CA 102 129.20 -44.21 -15.29
C ASN CA 102 129.21 -42.77 -14.79
N VAL CA 103 128.84 -42.55 -13.53
CA VAL CA 103 128.82 -41.19 -13.00
C VAL CA 103 130.24 -40.62 -12.98
N ASP CA 104 131.23 -41.46 -12.71
CA ASP CA 104 132.61 -40.98 -12.72
C ASP CA 104 133.04 -40.57 -14.12
N THR CA 105 132.75 -41.41 -15.13
CA THR CA 105 133.20 -41.09 -16.48
C THR CA 105 132.44 -39.90 -17.04
N LEU CA 106 131.27 -39.59 -16.48
CA LEU CA 106 130.57 -38.39 -16.91
C LEU CA 106 131.01 -37.13 -16.16
N PHE CA 107 131.28 -37.25 -14.86
CA PHE CA 107 131.50 -36.11 -13.98
C PHE CA 107 132.97 -35.84 -13.68
N ALA CA 108 133.67 -36.85 -13.14
CA ALA CA 108 135.04 -36.64 -12.69
C ALA CA 108 135.98 -36.39 -13.86
N SER CA 109 135.89 -37.20 -14.91
CA SER CA 109 136.75 -37.06 -16.08
C SER CA 109 136.08 -36.31 -17.22
N GLY CA 110 134.85 -35.84 -17.04
CA GLY CA 110 134.13 -35.11 -18.07
C GLY CA 110 133.99 -33.64 -17.75
N ASN CA 111 132.90 -33.06 -18.26
CA ASN CA 111 132.57 -31.66 -18.04
C ASN CA 111 131.15 -31.48 -17.53
N ALA CA 112 130.54 -32.53 -16.98
CA ALA CA 112 129.20 -32.41 -16.43
C ALA CA 112 129.16 -31.43 -15.27
N GLY CA 113 130.25 -31.31 -14.52
CA GLY CA 113 130.32 -30.31 -13.47
C GLY CA 113 130.23 -28.89 -13.98
N LEU CA 114 130.86 -28.60 -15.11
CA LEU CA 114 130.74 -27.30 -15.75
C LEU CA 114 129.40 -27.12 -16.45
N GLY CA 115 128.75 -28.22 -16.85
CA GLY CA 115 127.46 -28.13 -17.49
C GLY CA 115 127.43 -28.54 -18.94
N PHE CA 116 128.33 -29.41 -19.37
CA PHE CA 116 128.38 -29.87 -20.75
C PHE CA 116 128.18 -31.38 -20.78
N LEU CA 117 127.24 -31.84 -21.61
CA LEU CA 117 126.97 -33.25 -21.80
C LEU CA 117 127.64 -33.73 -23.07
N ASP CA 118 128.40 -34.81 -22.98
CA ASP CA 118 129.08 -35.38 -24.14
C ASP CA 118 128.34 -36.63 -24.58
N PRO CA 119 127.69 -36.63 -25.74
CA PRO CA 119 126.99 -37.84 -26.20
C PRO CA 119 127.92 -38.96 -26.62
N THR CA 120 129.23 -38.72 -26.67
CA THR CA 120 130.20 -39.74 -27.04
C THR CA 120 130.86 -40.40 -25.83
N ALA CA 121 130.34 -40.16 -24.63
CA ALA CA 121 130.93 -40.75 -23.43
C ALA CA 121 130.80 -42.26 -23.45
N ALA CA 122 131.80 -42.93 -22.88
CA ALA CA 122 131.84 -44.39 -22.87
C ALA CA 122 131.06 -44.90 -21.66
N ILE CA 123 129.75 -44.96 -21.79
CA ILE CA 123 128.87 -45.50 -20.77
C ILE CA 123 128.76 -47.00 -20.97
N VAL CA 124 128.90 -47.76 -19.88
CA VAL CA 124 128.90 -49.21 -19.95
C VAL CA 124 127.80 -49.76 -19.04
N SER CA 125 127.37 -50.99 -19.35
CA SER CA 125 126.35 -51.66 -18.55
C SER CA 125 127.00 -52.61 -17.55
N SER CA 126 126.19 -53.11 -16.63
CA SER CA 126 126.69 -53.98 -15.58
C SER CA 126 127.01 -55.39 -16.10
N ASP CA 127 126.24 -55.89 -17.05
CA ASP CA 127 126.46 -57.24 -17.56
C ASP CA 127 127.77 -57.29 -18.35
N THR CA 128 128.40 -58.46 -18.33
CA THR CA 128 129.66 -58.69 -19.01
C THR CA 128 129.47 -59.67 -20.16
N THR CA 129 130.34 -59.55 -21.16
CA THR CA 129 130.27 -60.40 -22.34
C THR CA 129 130.81 -61.80 -22.03
N ALA DA 1 126.73 -71.84 17.69
CA ALA DA 1 126.85 -70.44 17.27
C ALA DA 1 125.57 -69.95 16.62
N ASN DA 2 124.73 -69.28 17.41
CA ASN DA 2 123.47 -68.75 16.88
C ASN DA 2 123.73 -67.47 16.10
N LYS DA 3 122.89 -67.23 15.10
CA LYS DA 3 123.06 -66.05 14.25
C LYS DA 3 122.61 -64.80 15.00
N PRO DA 4 123.48 -63.80 15.15
CA PRO DA 4 123.08 -62.58 15.86
C PRO DA 4 122.14 -61.72 15.02
N MET DA 5 121.46 -60.80 15.70
CA MET DA 5 120.56 -59.86 15.05
C MET DA 5 121.04 -58.43 15.25
N GLN DA 6 120.46 -57.51 14.49
CA GLN DA 6 120.71 -56.09 14.58
C GLN DA 6 119.41 -55.32 14.71
N PRO DA 7 119.42 -54.15 15.35
CA PRO DA 7 118.16 -53.40 15.56
C PRO DA 7 117.65 -52.74 14.28
N ILE DA 8 116.40 -53.03 13.91
CA ILE DA 8 115.77 -52.36 12.79
C ILE DA 8 115.01 -51.12 13.22
N THR DA 9 114.48 -51.09 14.44
CA THR DA 9 113.75 -49.95 14.96
C THR DA 9 114.22 -49.69 16.38
N SER DA 10 114.71 -48.48 16.63
CA SER DA 10 115.25 -48.10 17.93
C SER DA 10 114.45 -46.91 18.46
N THR DA 11 113.95 -47.06 19.68
CA THR DA 11 113.18 -46.01 20.34
C THR DA 11 113.44 -46.10 21.84
N ALA DA 12 113.15 -45.00 22.54
CA ALA DA 12 113.36 -44.98 23.99
C ALA DA 12 112.44 -45.97 24.70
N ASN DA 13 111.38 -46.43 24.04
CA ASN DA 13 110.42 -47.34 24.64
C ASN DA 13 110.30 -48.68 23.93
N LYS DA 14 110.94 -48.87 22.77
CA LYS DA 14 110.79 -50.11 22.02
C LYS DA 14 111.96 -50.26 21.07
N ILE DA 15 112.67 -51.38 21.14
CA ILE DA 15 113.74 -51.72 20.22
C ILE DA 15 113.41 -53.07 19.58
N VAL DA 16 113.47 -53.12 18.25
CA VAL DA 16 113.10 -54.30 17.48
C VAL DA 16 114.36 -54.83 16.79
N TRP DA 17 114.63 -56.11 16.97
CA TRP DA 17 115.74 -56.78 16.29
C TRP DA 17 115.23 -57.59 15.11
N SER DA 18 116.14 -57.94 14.20
CA SER DA 18 115.80 -58.74 13.03
C SER DA 18 117.06 -59.37 12.47
N ASP DA 19 116.92 -60.60 11.97
CA ASP DA 19 118.06 -61.31 11.42
C ASP DA 19 118.34 -60.85 9.99
N PRO DA 20 119.59 -60.46 9.70
CA PRO DA 20 119.91 -60.03 8.32
C PRO DA 20 119.63 -61.12 7.28
N THR DA 21 119.89 -62.38 7.61
CA THR DA 21 119.68 -63.45 6.65
C THR DA 21 118.19 -63.68 6.41
N ARG DA 22 117.40 -63.75 7.47
CA ARG DA 22 115.97 -63.99 7.38
C ARG DA 22 115.23 -62.88 8.10
N LEU DA 23 114.57 -62.01 7.34
CA LEU DA 23 113.97 -60.82 7.93
C LEU DA 23 112.63 -61.12 8.56
N SER DA 24 112.12 -62.33 8.37
CA SER DA 24 110.80 -62.69 8.89
C SER DA 24 110.81 -62.81 10.40
N THR DA 25 111.95 -63.14 10.98
CA THR DA 25 112.04 -63.33 12.43
C THR DA 25 112.48 -62.04 13.11
N THR DA 26 111.73 -61.62 14.13
CA THR DA 26 112.03 -60.42 14.87
C THR DA 26 111.86 -60.68 16.37
N PHE DA 27 112.55 -59.85 17.17
CA PHE DA 27 112.44 -59.88 18.62
C PHE DA 27 112.44 -58.45 19.13
N SER DA 28 111.32 -58.03 19.72
CA SER DA 28 111.15 -56.67 20.18
C SER DA 28 110.82 -56.64 21.66
N ALA DA 29 111.36 -55.62 22.34
CA ALA DA 29 111.13 -55.42 23.77
C ALA DA 29 110.57 -54.02 23.97
N SER DA 30 109.49 -53.93 24.74
CA SER DA 30 108.83 -52.65 25.02
C SER DA 30 108.71 -52.49 26.53
N LEU DA 31 109.10 -51.33 27.04
CA LEU DA 31 109.05 -51.05 28.46
C LEU DA 31 108.10 -49.89 28.73
N LEU DA 32 107.19 -50.08 29.67
CA LEU DA 32 106.29 -49.03 30.15
C LEU DA 32 106.55 -48.80 31.63
N ARG DA 33 107.01 -47.62 31.98
CA ARG DA 33 107.37 -47.28 33.35
C ARG DA 33 106.38 -46.29 33.93
N GLN DA 34 105.78 -46.64 35.06
CA GLN DA 34 104.78 -45.81 35.71
C GLN DA 34 105.03 -45.80 37.21
N ARG DA 35 104.60 -44.73 37.86
CA ARG DA 35 104.66 -44.64 39.31
C ARG DA 35 103.36 -45.17 39.90
N VAL DA 36 103.48 -46.18 40.77
CA VAL DA 36 102.33 -46.83 41.39
C VAL DA 36 102.17 -46.31 42.81
N LYS DA 37 100.98 -45.81 43.11
CA LYS DA 37 100.66 -45.27 44.43
C LYS DA 37 100.30 -46.42 45.36
N VAL DA 38 101.17 -46.69 46.33
CA VAL DA 38 100.94 -47.69 47.35
C VAL DA 38 100.84 -46.96 48.69
N GLY DA 39 100.05 -47.53 49.60
CA GLY DA 39 99.89 -46.93 50.91
C GLY DA 39 101.21 -46.64 51.59
N ILE DA 40 101.38 -45.40 52.05
CA ILE DA 40 102.59 -44.88 52.69
C ILE DA 40 103.84 -45.36 51.98
N ALA DA 41 103.81 -45.37 50.65
CA ALA DA 41 104.97 -45.76 49.86
C ALA DA 41 104.87 -45.13 48.48
N GLU DA 42 106.03 -44.88 47.86
CA GLU DA 42 106.11 -44.34 46.51
C GLU DA 42 107.07 -45.20 45.71
N LEU DA 43 106.55 -46.24 45.08
CA LEU DA 43 107.33 -47.15 44.26
C LEU DA 43 106.86 -47.08 42.82
N ASN DA 44 107.78 -47.30 41.89
CA ASN DA 44 107.51 -47.20 40.46
C ASN DA 44 107.69 -48.55 39.78
N ASN DA 45 106.68 -48.96 39.01
CA ASN DA 45 106.69 -50.26 38.36
C ASN DA 45 107.27 -50.14 36.97
N VAL DA 46 107.82 -51.26 36.47
CA VAL DA 46 108.32 -51.36 35.10
C VAL DA 46 107.71 -52.62 34.50
N SER DA 47 106.99 -52.47 33.40
CA SER DA 47 106.36 -53.58 32.70
C SER DA 47 107.06 -53.78 31.37
N GLY DA 48 107.58 -54.98 31.13
CA GLY DA 48 108.30 -55.26 29.91
C GLY DA 48 107.67 -56.36 29.07
N GLN DA 49 107.35 -56.04 27.83
CA GLN DA 49 106.72 -56.97 26.91
C GLN DA 49 107.75 -57.43 25.89
N TYR DA 50 108.13 -58.70 25.96
CA TYR DA 50 109.10 -59.29 25.05
C TYR DA 50 108.39 -60.30 24.16
N VAL DA 51 108.45 -60.09 22.84
CA VAL DA 51 107.79 -60.95 21.89
C VAL DA 51 108.83 -61.52 20.94
N SER DA 52 108.67 -62.79 20.57
CA SER DA 52 109.50 -63.44 19.58
C SER DA 52 108.61 -64.09 18.53
N VAL DA 53 108.89 -63.81 17.27
CA VAL DA 53 108.11 -64.36 16.15
C VAL DA 53 109.05 -65.04 15.18
N TYR DA 54 108.59 -66.14 14.61
CA TYR DA 54 109.33 -66.88 13.60
C TYR DA 54 108.33 -67.42 12.58
N LYS DA 55 108.61 -67.18 11.31
CA LYS DA 55 107.70 -67.59 10.24
C LYS DA 55 108.13 -68.94 9.69
N ARG DA 56 107.96 -69.95 10.55
CA ARG DA 56 108.40 -71.30 10.22
C ARG DA 56 107.58 -71.87 9.07
N PRO DA 57 108.22 -72.57 8.13
CA PRO DA 57 107.45 -73.21 7.05
C PRO DA 57 106.55 -74.31 7.58
N ALA DA 58 105.42 -74.47 6.91
CA ALA DA 58 104.51 -75.57 7.21
C ALA DA 58 105.19 -76.89 6.89
N PRO DA 59 104.85 -77.99 7.56
CA PRO DA 59 105.65 -79.20 7.41
C PRO DA 59 105.47 -79.89 6.07
N LYS DA 60 106.58 -80.31 5.50
CA LYS DA 60 106.60 -80.87 4.16
C LYS DA 60 105.82 -82.19 4.12
N PRO DA 61 105.08 -82.45 3.04
CA PRO DA 61 104.40 -83.74 2.91
C PRO DA 61 105.38 -84.90 2.85
N GLU DA 62 104.94 -86.08 3.26
CA GLU DA 62 105.82 -87.22 3.46
C GLU DA 62 106.14 -87.88 2.13
N GLY DA 63 107.41 -88.25 1.94
CA GLY DA 63 107.83 -89.07 0.83
C GLY DA 63 107.99 -88.35 -0.49
N CYS DA 64 107.94 -87.03 -0.53
CA CYS DA 64 108.07 -86.27 -1.77
C CYS DA 64 109.17 -85.23 -1.62
N ALA DA 65 110.25 -85.40 -2.38
CA ALA DA 65 111.31 -84.39 -2.46
C ALA DA 65 110.99 -83.44 -3.61
N ASP DA 66 110.12 -82.47 -3.35
CA ASP DA 66 109.72 -81.54 -4.39
C ASP DA 66 110.91 -80.71 -4.87
N ALA DA 67 110.83 -80.27 -6.13
CA ALA DA 67 111.94 -79.56 -6.74
C ALA DA 67 112.25 -78.27 -5.99
N CYS DA 68 111.21 -77.49 -5.68
CA CYS DA 68 111.39 -76.22 -5.00
C CYS DA 68 110.38 -76.10 -3.86
N VAL DA 69 110.80 -75.40 -2.80
CA VAL DA 69 109.94 -75.22 -1.64
C VAL DA 69 108.83 -74.23 -1.97
N ILE DA 70 107.59 -74.65 -1.73
CA ILE DA 70 106.42 -73.82 -2.00
C ILE DA 70 105.50 -73.85 -0.79
N MET DA 71 106.03 -74.28 0.35
CA MET DA 71 105.19 -74.50 1.52
C MET DA 71 104.68 -73.17 2.06
N PRO DA 72 103.40 -73.06 2.40
CA PRO DA 72 102.87 -71.80 2.93
C PRO DA 72 103.16 -71.62 4.42
N ASN DA 73 104.33 -71.08 4.73
CA ASN DA 73 104.81 -70.91 6.09
C ASN DA 73 103.79 -70.30 7.05
N GLU DA 74 103.91 -70.64 8.33
CA GLU DA 74 102.97 -70.24 9.37
C GLU DA 74 103.61 -69.23 10.31
N ASN DA 75 102.89 -68.90 11.37
CA ASN DA 75 103.35 -67.94 12.36
C ASN DA 75 103.61 -68.65 13.69
N GLN DA 76 104.82 -68.53 14.21
CA GLN DA 76 105.17 -69.04 15.52
C GLN DA 76 105.57 -67.86 16.40
N SER DA 77 104.68 -67.47 17.32
CA SER DA 77 104.89 -66.31 18.17
C SER DA 77 104.77 -66.71 19.63
N ILE DA 78 105.77 -66.33 20.42
CA ILE DA 78 105.76 -66.55 21.86
C ILE DA 78 106.07 -65.23 22.54
N ARG DA 79 105.25 -64.85 23.52
CA ARG DA 79 105.24 -63.52 24.11
C ARG DA 79 105.36 -63.63 25.62
N THR DA 80 106.17 -62.76 26.21
CA THR DA 80 106.40 -62.74 27.66
C THR DA 80 106.25 -61.32 28.17
N VAL DA 81 105.57 -61.18 29.31
CA VAL DA 81 105.38 -59.89 29.98
C VAL DA 81 105.84 -60.02 31.42
N ILE DA 82 106.74 -59.14 31.84
CA ILE DA 82 107.28 -59.12 33.19
C ILE DA 82 106.93 -57.78 33.81
N SER DA 83 106.24 -57.80 34.95
CA SER DA 83 105.79 -56.60 35.63
C SER DA 83 106.20 -56.67 37.09
N GLY DA 84 106.75 -55.57 37.61
CA GLY DA 84 107.13 -55.53 39.01
C GLY DA 84 107.86 -54.23 39.32
N SER DA 85 107.96 -53.95 40.61
CA SER DA 85 108.63 -52.74 41.06
C SER DA 85 110.14 -52.91 40.97
N ALA DA 86 110.85 -51.82 40.64
CA ALA DA 86 112.29 -51.89 40.51
C ALA DA 86 112.98 -52.08 41.86
N GLU DA 87 112.28 -51.74 42.95
CA GLU DA 87 112.87 -51.92 44.28
C GLU DA 87 113.07 -53.40 44.59
N ASN DA 88 112.23 -54.26 44.03
CA ASN DA 88 112.27 -55.70 44.26
C ASN DA 88 112.87 -56.45 43.08
N LEU DA 89 113.95 -55.94 42.50
CA LEU DA 89 114.51 -56.55 41.30
C LEU DA 89 115.01 -57.97 41.57
N ALA DA 90 115.63 -58.19 42.73
CA ALA DA 90 116.11 -59.54 43.06
C ALA DA 90 114.95 -60.52 43.15
N THR DA 91 113.86 -60.11 43.79
CA THR DA 91 112.65 -60.93 43.84
C THR DA 91 112.08 -61.18 42.44
N LEU DA 92 112.07 -60.16 41.58
CA LEU DA 92 111.54 -60.34 40.24
C LEU DA 92 112.39 -61.32 39.44
N LYS DA 93 113.71 -61.25 39.60
CA LYS DA 93 114.59 -62.19 38.92
C LYS DA 93 114.40 -63.61 39.43
N ALA DA 94 114.25 -63.78 40.75
CA ALA DA 94 113.96 -65.11 41.28
C ALA DA 94 112.64 -65.64 40.76
N GLU DA 95 111.63 -64.77 40.69
CA GLU DA 95 110.34 -65.16 40.10
C GLU DA 95 110.49 -65.56 38.65
N TRP DA 96 111.33 -64.84 37.90
CA TRP DA 96 111.57 -65.20 36.51
C TRP DA 96 112.21 -66.57 36.40
N GLU DA 97 113.18 -66.87 37.26
CA GLU DA 97 113.82 -68.17 37.24
C GLU DA 97 112.83 -69.29 37.56
N THR DA 98 112.02 -69.09 38.60
CA THR DA 98 111.03 -70.11 38.97
C THR DA 98 109.99 -70.28 37.86
N HIS DA 99 109.58 -69.19 37.24
CA HIS DA 99 108.63 -69.24 36.14
C HIS DA 99 109.20 -70.01 34.95
N LYS DA 100 110.48 -69.78 34.64
CA LYS DA 100 111.14 -70.55 33.59
C LYS DA 100 111.15 -72.02 33.94
N ARG DA 101 111.46 -72.36 35.18
CA ARG DA 101 111.48 -73.77 35.59
C ARG DA 101 110.11 -74.41 35.44
N ASN DA 102 109.07 -73.73 35.88
CA ASN DA 102 107.72 -74.30 35.80
C ASN DA 102 107.26 -74.44 34.35
N VAL DA 103 107.53 -73.44 33.51
CA VAL DA 103 107.12 -73.52 32.11
C VAL DA 103 107.91 -74.61 31.39
N ASP DA 104 109.17 -74.81 31.75
CA ASP DA 104 109.93 -75.91 31.19
C ASP DA 104 109.36 -77.25 31.63
N THR DA 105 108.94 -77.35 32.89
CA THR DA 105 108.34 -78.58 33.39
C THR DA 105 107.06 -78.92 32.63
N LEU DA 106 106.21 -77.92 32.41
CA LEU DA 106 104.94 -78.17 31.72
C LEU DA 106 105.14 -78.40 30.22
N PHE DA 107 106.01 -77.62 29.58
CA PHE DA 107 106.10 -77.54 28.13
C PHE DA 107 107.34 -78.22 27.57
N ALA DA 108 108.53 -77.85 28.05
CA ALA DA 108 109.76 -78.40 27.49
C ALA DA 108 109.87 -79.89 27.74
N SER DA 109 109.52 -80.34 28.95
CA SER DA 109 109.59 -81.75 29.30
C SER DA 109 108.23 -82.43 29.34
N GLY DA 110 107.14 -81.67 29.26
CA GLY DA 110 105.80 -82.22 29.26
C GLY DA 110 105.12 -82.05 27.92
N ASN DA 111 103.94 -82.67 27.81
CA ASN DA 111 103.19 -82.60 26.57
C ASN DA 111 102.17 -81.46 26.60
N ALA DA 112 102.65 -80.25 26.92
CA ALA DA 112 101.75 -79.09 26.89
C ALA DA 112 101.54 -78.59 25.47
N GLY DA 113 102.55 -78.75 24.61
CA GLY DA 113 102.44 -78.24 23.25
C GLY DA 113 101.36 -78.94 22.45
N LEU DA 114 101.16 -80.24 22.69
CA LEU DA 114 100.14 -80.97 21.95
C LEU DA 114 98.76 -80.80 22.56
N GLY DA 115 98.66 -80.09 23.69
CA GLY DA 115 97.38 -79.74 24.25
C GLY DA 115 97.03 -80.40 25.57
N PHE DA 116 97.98 -81.06 26.23
CA PHE DA 116 97.67 -81.75 27.48
C PHE DA 116 98.22 -80.99 28.67
N LEU DA 117 97.37 -80.81 29.68
CA LEU DA 117 97.75 -80.17 30.94
C LEU DA 117 97.76 -81.26 32.01
N ASP DA 118 98.96 -81.69 32.39
CA ASP DA 118 99.10 -82.76 33.38
C ASP DA 118 98.77 -82.22 34.77
N PRO DA 119 97.78 -82.78 35.46
CA PRO DA 119 97.49 -82.30 36.83
C PRO DA 119 98.50 -82.77 37.86
N THR DA 120 99.38 -83.72 37.52
CA THR DA 120 100.36 -84.23 38.46
C THR DA 120 101.76 -83.69 38.21
N ALA DA 121 101.90 -82.63 37.42
CA ALA DA 121 103.20 -82.05 37.15
C ALA DA 121 103.79 -81.45 38.42
N ALA DA 122 105.12 -81.49 38.52
CA ALA DA 122 105.83 -81.00 39.71
C ALA DA 122 106.06 -79.51 39.56
N ILE DA 123 105.00 -78.73 39.69
CA ILE DA 123 105.08 -77.28 39.71
C ILE DA 123 105.52 -76.85 41.10
N VAL DA 124 106.52 -75.96 41.15
CA VAL DA 124 107.15 -75.59 42.40
C VAL DA 124 107.21 -74.07 42.51
N SER DA 125 107.15 -73.58 43.74
CA SER DA 125 107.13 -72.14 44.00
C SER DA 125 108.55 -71.58 44.11
N SER DA 126 108.64 -70.26 44.13
CA SER DA 126 109.94 -69.59 44.20
C SER DA 126 110.55 -69.64 45.60
N ASP DA 127 109.73 -69.68 46.64
CA ASP DA 127 110.25 -69.70 48.00
C ASP DA 127 110.98 -71.02 48.28
N THR DA 128 112.04 -70.93 49.07
CA THR DA 128 112.86 -72.07 49.41
C THR DA 128 112.67 -72.40 50.89
N THR DA 129 112.68 -73.70 51.20
CA THR DA 129 112.50 -74.16 52.57
C THR DA 129 113.75 -73.91 53.40
N ALA EA 1 58.19 113.69 -74.60
CA ALA EA 1 59.18 113.11 -73.69
C ALA EA 1 58.52 112.14 -72.71
N ASN EA 2 58.62 110.85 -73.01
CA ASN EA 2 58.03 109.84 -72.15
C ASN EA 2 58.90 109.59 -70.92
N LYS EA 3 58.27 109.24 -69.82
CA LYS EA 3 59.00 109.01 -68.57
C LYS EA 3 59.70 107.66 -68.61
N PRO EA 4 61.02 107.61 -68.43
CA PRO EA 4 61.69 106.31 -68.38
C PRO EA 4 61.25 105.50 -67.18
N MET EA 5 61.29 104.17 -67.33
CA MET EA 5 60.95 103.24 -66.27
C MET EA 5 62.15 102.35 -65.99
N GLN EA 6 62.44 102.12 -64.71
CA GLN EA 6 63.58 101.30 -64.34
C GLN EA 6 63.11 100.00 -63.71
N PRO EA 7 63.86 98.91 -63.86
CA PRO EA 7 63.36 97.60 -63.43
C PRO EA 7 63.28 97.48 -61.92
N ILE EA 8 62.39 96.59 -61.48
CA ILE EA 8 62.29 96.24 -60.07
C ILE EA 8 62.62 94.79 -59.81
N THR EA 9 62.46 93.90 -60.79
CA THR EA 9 62.86 92.51 -60.68
C THR EA 9 63.58 92.10 -61.96
N SER EA 10 64.77 91.54 -61.80
CA SER EA 10 65.58 91.14 -62.94
C SER EA 10 65.95 89.67 -62.83
N THR EA 11 65.68 88.93 -63.90
CA THR EA 11 65.99 87.51 -63.97
C THR EA 11 66.23 87.16 -65.43
N ALA EA 12 66.94 86.05 -65.66
CA ALA EA 12 67.23 85.62 -67.02
C ALA EA 12 65.96 85.23 -67.77
N ASN EA 13 64.90 84.89 -67.04
CA ASN EA 13 63.64 84.46 -67.65
C ASN EA 13 62.54 85.49 -67.56
N LYS EA 14 62.72 86.57 -66.80
CA LYS EA 14 61.67 87.56 -66.61
C LYS EA 14 62.28 88.84 -66.06
N ILE EA 15 61.97 89.97 -66.69
CA ILE EA 15 62.34 91.29 -66.21
C ILE EA 15 61.08 92.14 -66.14
N VAL EA 16 60.87 92.79 -65.00
CA VAL EA 16 59.69 93.60 -64.75
C VAL EA 16 60.13 95.04 -64.56
N TRP EA 17 59.51 95.96 -65.30
CA TRP EA 17 59.78 97.38 -65.20
C TRP EA 17 58.62 98.07 -64.51
N SER EA 18 58.92 99.16 -63.79
CA SER EA 18 57.89 99.92 -63.09
C SER EA 18 58.20 101.40 -63.15
N ASP EA 19 57.14 102.21 -63.21
CA ASP EA 19 57.31 103.66 -63.16
C ASP EA 19 57.67 104.08 -61.73
N PRO EA 20 58.78 104.79 -61.54
CA PRO EA 20 59.12 105.23 -60.17
C PRO EA 20 58.06 106.12 -59.55
N THR EA 21 57.39 106.95 -60.35
CA THR EA 21 56.33 107.79 -59.83
C THR EA 21 55.04 107.02 -59.54
N ARG EA 22 54.76 105.97 -60.30
CA ARG EA 22 53.59 105.13 -60.06
C ARG EA 22 53.96 103.66 -60.25
N LEU EA 23 54.25 102.97 -59.15
CA LEU EA 23 54.67 101.58 -59.21
C LEU EA 23 53.56 100.68 -59.71
N SER EA 24 52.32 101.17 -59.69
CA SER EA 24 51.19 100.40 -60.20
C SER EA 24 51.28 100.17 -61.70
N THR EA 25 52.01 101.00 -62.43
CA THR EA 25 52.20 100.82 -63.87
C THR EA 25 53.41 99.93 -64.10
N THR EA 26 53.19 98.76 -64.70
CA THR EA 26 54.25 97.78 -64.87
C THR EA 26 54.30 97.31 -66.32
N PHE EA 27 55.48 96.83 -66.71
CA PHE EA 27 55.69 96.23 -68.03
C PHE EA 27 56.63 95.05 -67.85
N SER EA 28 56.14 93.86 -68.15
CA SER EA 28 56.87 92.62 -67.90
C SER EA 28 57.09 91.85 -69.20
N ALA EA 29 58.27 91.25 -69.30
CA ALA EA 29 58.64 90.42 -70.45
C ALA EA 29 59.14 89.08 -69.95
N SER EA 30 58.56 88.00 -70.45
CA SER EA 30 58.92 86.65 -70.04
C SER EA 30 59.25 85.83 -71.29
N LEU EA 31 60.37 85.13 -71.25
CA LEU EA 31 60.80 84.26 -72.34
C LEU EA 31 60.73 82.81 -71.92
N LEU EA 32 60.11 81.98 -72.75
CA LEU EA 32 60.02 80.55 -72.54
C LEU EA 32 60.52 79.86 -73.80
N ARG EA 33 61.55 79.03 -73.67
CA ARG EA 33 62.25 78.46 -74.81
C ARG EA 33 62.16 76.94 -74.78
N GLN EA 34 61.76 76.35 -75.91
CA GLN EA 34 61.73 74.91 -76.09
C GLN EA 34 62.41 74.54 -77.39
N ARG EA 35 62.79 73.27 -77.51
CA ARG EA 35 63.33 72.72 -78.75
C ARG EA 35 62.23 71.92 -79.44
N VAL EA 36 61.98 72.25 -80.70
CA VAL EA 36 60.88 71.64 -81.46
C VAL EA 36 61.48 70.97 -82.69
N LYS EA 37 61.11 69.70 -82.91
CA LYS EA 37 61.58 68.94 -84.06
C LYS EA 37 60.56 69.05 -85.18
N VAL EA 38 60.71 70.11 -85.97
CA VAL EA 38 59.78 70.37 -87.08
C VAL EA 38 60.14 69.53 -88.29
N GLY EA 39 61.37 69.68 -88.78
CA GLY EA 39 61.78 69.09 -90.03
C GLY EA 39 62.98 68.17 -89.87
N ILE EA 40 62.94 67.35 -88.82
CA ILE EA 40 64.01 66.47 -88.33
C ILE EA 40 65.26 67.31 -88.09
N ALA EA 41 65.08 68.62 -87.94
CA ALA EA 41 66.12 69.52 -87.49
C ALA EA 41 65.61 70.26 -86.26
N GLU EA 42 66.41 70.28 -85.20
CA GLU EA 42 65.97 70.80 -83.90
C GLU EA 42 66.01 72.33 -83.94
N LEU EA 43 64.88 72.92 -84.32
CA LEU EA 43 64.73 74.36 -84.26
C LEU EA 43 64.51 74.80 -82.83
N ASN EA 44 65.02 75.99 -82.49
CA ASN EA 44 64.89 76.53 -81.14
C ASN EA 44 63.77 77.57 -81.08
N ASN EA 45 62.62 77.12 -80.60
CA ASN EA 45 61.46 78.00 -80.49
C ASN EA 45 61.60 78.93 -79.30
N VAL EA 46 61.16 80.17 -79.48
CA VAL EA 46 61.15 81.18 -78.43
C VAL EA 46 59.75 81.74 -78.31
N SER EA 47 59.19 81.71 -77.12
CA SER EA 47 57.83 82.20 -76.85
C SER EA 47 57.93 83.32 -75.82
N GLY EA 48 57.95 84.56 -76.30
CA GLY EA 48 58.07 85.71 -75.44
C GLY EA 48 56.72 86.32 -75.12
N GLN EA 49 56.47 86.53 -73.83
CA GLN EA 49 55.22 87.10 -73.35
C GLN EA 49 55.50 88.49 -72.79
N TYR EA 50 54.87 89.51 -73.39
CA TYR EA 50 55.01 90.89 -72.96
C TYR EA 50 53.67 91.38 -72.44
N VAL EA 51 53.66 91.87 -71.21
CA VAL EA 51 52.44 92.30 -70.54
C VAL EA 51 52.61 93.72 -70.05
N SER EA 52 51.69 94.60 -70.42
CA SER EA 52 51.64 95.97 -69.93
C SER EA 52 50.37 96.16 -69.13
N VAL EA 53 50.53 96.59 -67.88
CA VAL EA 53 49.41 96.76 -66.96
C VAL EA 53 49.39 98.21 -66.47
N TYR EA 54 48.26 98.87 -66.64
CA TYR EA 54 48.05 100.22 -66.14
C TYR EA 54 46.73 100.25 -65.37
N LYS EA 55 46.80 100.71 -64.12
CA LYS EA 55 45.60 100.88 -63.29
C LYS EA 55 45.15 102.33 -63.44
N ARG EA 56 44.03 102.52 -64.15
CA ARG EA 56 43.53 103.84 -64.47
C ARG EA 56 42.34 104.17 -63.59
N PRO EA 57 42.29 105.35 -62.98
CA PRO EA 57 41.11 105.72 -62.20
C PRO EA 57 40.04 106.32 -63.07
N ALA EA 58 38.88 105.68 -63.09
CA ALA EA 58 37.76 106.11 -63.93
C ALA EA 58 36.46 106.21 -63.13
N PRO EA 59 36.40 107.11 -62.15
CA PRO EA 59 35.06 107.50 -61.66
C PRO EA 59 34.26 108.20 -62.73
N LYS EA 60 34.95 108.88 -63.64
CA LYS EA 60 34.40 109.58 -64.80
C LYS EA 60 33.27 110.54 -64.41
N PRO EA 61 33.54 111.55 -63.58
CA PRO EA 61 32.51 112.57 -63.31
C PRO EA 61 32.39 113.52 -64.48
N GLU EA 62 31.32 113.37 -65.26
CA GLU EA 62 31.17 114.12 -66.49
C GLU EA 62 30.90 115.59 -66.19
N GLY EA 63 31.91 116.41 -66.41
CA GLY EA 63 31.76 117.85 -66.27
C GLY EA 63 32.40 118.54 -65.07
N CYS EA 64 32.45 117.86 -63.93
CA CYS EA 64 32.90 118.55 -62.73
C CYS EA 64 33.85 117.66 -61.94
N ALA EA 65 34.94 118.26 -61.49
CA ALA EA 65 35.84 117.68 -60.50
C ALA EA 65 36.17 118.76 -59.47
N ASP EA 66 36.07 118.40 -58.20
CA ASP EA 66 36.11 119.48 -57.21
C ASP EA 66 37.30 119.40 -56.25
N ALA EA 67 37.55 118.24 -55.64
CA ALA EA 67 38.54 118.15 -54.58
C ALA EA 67 39.17 116.76 -54.59
N CYS EA 68 39.83 116.42 -53.48
CA CYS EA 68 40.51 115.14 -53.35
C CYS EA 68 39.50 114.06 -53.01
N VAL EA 69 39.00 113.36 -54.02
CA VAL EA 69 38.06 112.26 -53.86
C VAL EA 69 38.79 110.97 -54.19
N ILE EA 70 38.56 109.93 -53.40
CA ILE EA 70 39.21 108.65 -53.62
C ILE EA 70 38.90 108.13 -55.02
N MET EA 71 39.93 107.69 -55.72
CA MET EA 71 39.76 107.23 -57.08
C MET EA 71 39.70 105.70 -57.13
N PRO EA 72 38.54 105.12 -57.45
CA PRO EA 72 38.51 103.67 -57.70
C PRO EA 72 39.13 103.35 -59.05
N ASN EA 73 39.89 102.26 -59.12
CA ASN EA 73 40.72 101.99 -60.28
C ASN EA 73 40.24 100.74 -61.01
N GLU EA 74 40.34 100.78 -62.34
CA GLU EA 74 40.14 99.63 -63.19
C GLU EA 74 41.48 99.27 -63.84
N ASN EA 75 41.61 98.01 -64.25
CA ASN EA 75 42.87 97.51 -64.80
C ASN EA 75 42.82 97.52 -66.33
N GLN EA 76 43.76 98.24 -66.94
CA GLN EA 76 43.96 98.21 -68.38
C GLN EA 76 45.17 97.34 -68.66
N SER EA 77 44.95 96.23 -69.37
CA SER EA 77 46.01 95.27 -69.63
C SER EA 77 46.11 94.97 -71.12
N ILE EA 78 47.33 95.00 -71.63
CA ILE EA 78 47.63 94.60 -73.00
C ILE EA 78 48.78 93.61 -72.94
N ARG EA 79 48.53 92.38 -73.38
CA ARG EA 79 49.53 91.32 -73.35
C ARG EA 79 49.74 90.79 -74.76
N THR EA 80 50.99 90.46 -75.07
CA THR EA 80 51.36 89.95 -76.39
C THR EA 80 52.28 88.75 -76.22
N VAL EA 81 52.02 87.69 -76.99
CA VAL EA 81 52.87 86.51 -77.03
C VAL EA 81 53.33 86.30 -78.46
N ILE EA 82 54.63 86.11 -78.66
CA ILE EA 82 55.22 85.90 -79.97
C ILE EA 82 55.94 84.55 -79.93
N SER EA 83 55.54 83.65 -80.82
CA SER EA 83 56.11 82.31 -80.88
C SER EA 83 56.67 82.08 -82.27
N GLY EA 84 57.87 81.52 -82.34
CA GLY EA 84 58.51 81.24 -83.61
C GLY EA 84 59.94 80.78 -83.46
N SER EA 85 60.47 80.13 -84.50
CA SER EA 85 61.85 79.66 -84.46
C SER EA 85 62.81 80.85 -84.49
N ALA EA 86 63.94 80.70 -83.79
CA ALA EA 86 64.94 81.75 -83.78
C ALA EA 86 65.60 81.90 -85.15
N GLU EA 87 65.55 80.85 -85.96
CA GLU EA 87 66.19 80.89 -87.27
C GLU EA 87 65.36 81.66 -88.30
N ASN EA 88 64.12 81.98 -87.96
CA ASN EA 88 63.21 82.71 -88.84
C ASN EA 88 62.87 84.08 -88.24
N LEU EA 89 63.88 84.74 -87.69
CA LEU EA 89 63.65 85.99 -86.95
C LEU EA 89 63.20 87.12 -87.87
N ALA EA 90 63.75 87.18 -89.09
CA ALA EA 90 63.34 88.24 -90.02
C ALA EA 90 61.88 88.10 -90.40
N THR EA 91 61.46 86.87 -90.71
CA THR EA 91 60.05 86.63 -91.02
C THR EA 91 59.16 86.89 -89.81
N LEU EA 92 59.64 86.56 -88.60
CA LEU EA 92 58.87 86.85 -87.41
C LEU EA 92 58.69 88.36 -87.21
N LYS EA 93 59.74 89.13 -87.50
CA LYS EA 93 59.63 90.58 -87.39
C LYS EA 93 58.67 91.14 -88.44
N ALA EA 94 58.70 90.59 -89.66
CA ALA EA 94 57.72 91.00 -90.66
C ALA EA 94 56.30 90.67 -90.22
N GLU EA 95 56.11 89.49 -89.61
CA GLU EA 95 54.81 89.14 -89.07
C GLU EA 95 54.39 90.11 -87.97
N TRP EA 96 55.35 90.53 -87.14
CA TRP EA 96 55.03 91.50 -86.09
C TRP EA 96 54.58 92.83 -86.68
N GLU EA 97 55.25 93.29 -87.73
CA GLU EA 97 54.84 94.53 -88.37
C GLU EA 97 53.44 94.41 -88.97
N THR EA 98 53.17 93.30 -89.66
CA THR EA 98 51.84 93.10 -90.24
C THR EA 98 50.77 93.01 -89.16
N HIS EA 99 51.08 92.33 -88.05
CA HIS EA 99 50.14 92.22 -86.94
C HIS EA 99 49.85 93.60 -86.35
N LYS EA 100 50.89 94.42 -86.19
CA LYS EA 100 50.68 95.78 -85.70
C LYS EA 100 49.77 96.56 -86.63
N ARG EA 101 50.01 96.45 -87.94
CA ARG EA 101 49.19 97.18 -88.91
C ARG EA 101 47.73 96.73 -88.86
N ASN EA 102 47.50 95.42 -88.77
CA ASN EA 102 46.13 94.92 -88.75
C ASN EA 102 45.41 95.31 -87.46
N VAL EA 103 46.08 95.18 -86.31
CA VAL EA 103 45.46 95.58 -85.05
C VAL EA 103 45.19 97.08 -85.06
N ASP EA 104 46.06 97.86 -85.70
CA ASP EA 104 45.79 99.29 -85.83
C ASP EA 104 44.53 99.54 -86.65
N THR EA 105 44.42 98.90 -87.82
CA THR EA 105 43.28 99.18 -88.69
C THR EA 105 41.99 98.67 -88.08
N LEU EA 106 42.07 97.74 -87.12
CA LEU EA 106 40.86 97.33 -86.41
C LEU EA 106 40.54 98.22 -85.22
N PHE EA 107 41.55 98.59 -84.43
CA PHE EA 107 41.36 99.22 -83.12
C PHE EA 107 41.57 100.72 -83.16
N ALA EA 108 42.74 101.18 -83.62
CA ALA EA 108 43.07 102.59 -83.55
C ALA EA 108 42.18 103.42 -84.48
N SER EA 109 41.99 102.95 -85.71
CA SER EA 109 41.17 103.65 -86.68
C SER EA 109 39.75 103.09 -86.77
N GLY EA 110 39.45 102.01 -86.05
CA GLY EA 110 38.13 101.43 -86.06
C GLY EA 110 37.39 101.64 -84.76
N ASN EA 111 36.38 100.80 -84.55
CA ASN EA 111 35.55 100.84 -83.34
C ASN EA 111 35.63 99.53 -82.56
N ALA EA 112 36.73 98.80 -82.71
CA ALA EA 112 36.85 97.50 -82.04
C ALA EA 112 36.95 97.65 -80.53
N GLY EA 113 37.49 98.78 -80.05
CA GLY EA 113 37.60 98.96 -78.61
C GLY EA 113 36.26 99.11 -77.93
N LEU EA 114 35.23 99.49 -78.68
CA LEU EA 114 33.90 99.69 -78.14
C LEU EA 114 33.06 98.42 -78.27
N GLY EA 115 33.64 97.37 -78.84
CA GLY EA 115 32.91 96.13 -79.03
C GLY EA 115 32.23 96.03 -80.38
N PHE EA 116 32.97 96.27 -81.46
CA PHE EA 116 32.43 96.24 -82.81
C PHE EA 116 33.41 95.54 -83.73
N LEU EA 117 32.87 94.86 -84.74
CA LEU EA 117 33.67 94.25 -85.79
C LEU EA 117 33.26 94.84 -87.14
N ASP EA 118 34.25 95.13 -87.98
CA ASP EA 118 33.98 95.66 -89.31
C ASP EA 118 34.42 94.62 -90.35
N PRO EA 119 33.49 93.86 -90.93
CA PRO EA 119 33.89 92.89 -91.97
C PRO EA 119 34.51 93.51 -93.21
N THR EA 120 34.31 94.82 -93.43
CA THR EA 120 34.87 95.51 -94.59
C THR EA 120 36.25 96.09 -94.32
N ALA EA 121 36.83 95.81 -93.17
CA ALA EA 121 38.14 96.36 -92.85
C ALA EA 121 39.21 95.78 -93.77
N ALA EA 122 40.23 96.58 -94.05
CA ALA EA 122 41.30 96.19 -94.97
C ALA EA 122 42.40 95.47 -94.20
N ILE EA 123 42.27 94.16 -94.11
CA ILE EA 123 43.27 93.31 -93.46
C ILE EA 123 44.22 92.80 -94.54
N VAL EA 124 45.52 92.86 -94.24
CA VAL EA 124 46.54 92.51 -95.22
C VAL EA 124 47.48 91.46 -94.62
N SER EA 125 48.14 90.71 -95.50
CA SER EA 125 49.09 89.70 -95.09
C SER EA 125 50.51 90.23 -95.17
N SER EA 126 51.44 89.47 -94.61
CA SER EA 126 52.84 89.86 -94.64
C SER EA 126 53.47 89.71 -96.01
N ASP EA 127 52.95 88.81 -96.83
CA ASP EA 127 53.50 88.59 -98.17
C ASP EA 127 53.21 89.79 -99.06
N THR EA 128 54.10 90.02 -100.02
CA THR EA 128 53.98 91.12 -100.96
C THR EA 128 53.65 90.60 -102.35
N THR EA 129 53.33 91.53 -103.25
CA THR EA 129 53.02 91.18 -104.63
C THR EA 129 54.15 91.55 -105.57
N ALA FA 1 89.29 84.75 -85.40
CA ALA FA 1 88.22 85.51 -84.75
C ALA FA 1 87.03 84.62 -84.46
N ASN FA 2 87.04 83.98 -83.30
CA ASN FA 2 85.95 83.10 -82.91
C ASN FA 2 84.70 83.90 -82.60
N LYS FA 3 83.54 83.31 -82.87
CA LYS FA 3 82.28 83.98 -82.62
C LYS FA 3 82.05 84.09 -81.11
N PRO FA 4 81.77 85.28 -80.60
CA PRO FA 4 81.55 85.43 -79.15
C PRO FA 4 80.18 84.89 -78.74
N MET FA 5 80.07 84.57 -77.45
CA MET FA 5 78.84 84.08 -76.87
C MET FA 5 78.33 85.08 -75.82
N GLN FA 6 77.03 85.00 -75.55
CA GLN FA 6 76.37 85.80 -74.54
C GLN FA 6 75.55 84.91 -73.63
N PRO FA 7 75.43 85.25 -72.34
CA PRO FA 7 74.65 84.41 -71.42
C PRO FA 7 73.17 84.42 -71.77
N ILE FA 8 72.51 83.28 -71.57
CA ILE FA 8 71.09 83.12 -71.84
C ILE FA 8 70.30 82.85 -70.57
N THR FA 9 70.82 81.98 -69.71
CA THR FA 9 70.26 81.74 -68.39
C THR FA 9 71.33 81.97 -67.34
N SER FA 10 71.00 82.76 -66.33
CA SER FA 10 72.01 83.23 -65.38
C SER FA 10 71.57 82.94 -63.96
N THR FA 11 72.37 82.15 -63.26
CA THR FA 11 72.27 81.97 -61.83
C THR FA 11 73.68 81.91 -61.26
N ALA FA 12 73.87 82.47 -60.07
CA ALA FA 12 75.20 82.48 -59.48
C ALA FA 12 75.74 81.07 -59.28
N ASN FA 13 74.84 80.09 -59.09
CA ASN FA 13 75.27 78.70 -59.04
C ASN FA 13 75.63 78.17 -60.42
N LYS FA 14 74.91 78.57 -61.46
CA LYS FA 14 75.06 78.00 -62.79
C LYS FA 14 74.74 79.02 -63.85
N ILE FA 15 75.67 79.22 -64.78
CA ILE FA 15 75.49 80.14 -65.91
C ILE FA 15 75.78 79.37 -67.19
N VAL FA 16 74.91 79.54 -68.19
CA VAL FA 16 75.04 78.89 -69.48
C VAL FA 16 75.19 79.96 -70.55
N TRP FA 17 76.13 79.75 -71.47
CA TRP FA 17 76.36 80.64 -72.60
C TRP FA 17 75.79 80.03 -73.87
N SER FA 18 75.59 80.87 -74.88
CA SER FA 18 75.05 80.41 -76.15
C SER FA 18 75.48 81.35 -77.26
N ASP FA 19 75.54 80.79 -78.47
CA ASP FA 19 75.89 81.58 -79.65
C ASP FA 19 74.62 82.11 -80.31
N PRO FA 20 74.47 83.41 -80.48
CA PRO FA 20 73.24 83.94 -81.11
C PRO FA 20 72.95 83.36 -82.48
N THR FA 21 73.97 83.04 -83.27
CA THR FA 21 73.77 82.48 -84.60
C THR FA 21 73.50 80.99 -84.59
N ARG FA 22 73.96 80.26 -83.58
CA ARG FA 22 73.70 78.82 -83.47
C ARG FA 22 73.35 78.55 -82.01
N LEU FA 23 72.05 78.51 -81.71
CA LEU FA 23 71.60 78.35 -80.33
C LEU FA 23 71.91 76.97 -79.77
N SER FA 24 72.26 76.00 -80.62
CA SER FA 24 72.56 74.66 -80.13
C SER FA 24 73.94 74.56 -79.49
N THR FA 25 74.79 75.57 -79.67
CA THR FA 25 76.12 75.59 -79.07
C THR FA 25 76.04 76.25 -77.71
N THR FA 26 76.31 75.48 -76.65
CA THR FA 26 76.19 75.97 -75.29
C THR FA 26 77.46 75.70 -74.51
N PHE FA 27 77.72 76.56 -73.53
CA PHE FA 27 78.81 76.40 -72.58
C PHE FA 27 78.29 76.72 -71.19
N SER FA 28 78.38 75.75 -70.28
CA SER FA 28 77.80 75.88 -68.95
C SER FA 28 78.91 75.81 -67.89
N ALA FA 29 78.83 76.73 -66.93
CA ALA FA 29 79.75 76.75 -65.79
C ALA FA 29 78.91 76.67 -64.52
N SER FA 30 79.16 75.66 -63.70
CA SER FA 30 78.44 75.45 -62.45
C SER FA 30 79.44 75.25 -61.34
N LEU FA 31 79.30 76.03 -60.27
CA LEU FA 31 80.16 75.92 -59.10
C LEU FA 31 79.35 75.46 -57.90
N LEU FA 32 79.82 74.42 -57.22
CA LEU FA 32 79.22 73.93 -55.99
C LEU FA 32 80.25 74.07 -54.87
N ARG FA 33 79.88 74.81 -53.83
CA ARG FA 33 80.81 75.15 -52.76
C ARG FA 33 80.34 74.51 -51.46
N GLN FA 34 81.27 73.87 -50.76
CA GLN FA 34 80.99 73.21 -49.49
C GLN FA 34 82.19 73.39 -48.58
N ARG FA 35 81.91 73.47 -47.28
CA ARG FA 35 82.95 73.68 -46.26
C ARG FA 35 83.35 72.30 -45.73
N VAL FA 36 84.22 71.62 -46.46
CA VAL FA 36 84.72 70.31 -46.06
C VAL FA 36 86.03 70.51 -45.32
N LYS FA 37 85.99 70.40 -43.99
CA LYS FA 37 87.17 70.70 -43.19
C LYS FA 37 87.90 69.41 -42.81
N VAL FA 38 89.21 69.42 -43.04
CA VAL FA 38 90.09 68.34 -42.59
C VAL FA 38 90.40 68.58 -41.12
N GLY FA 39 91.02 67.60 -40.46
CA GLY FA 39 91.32 67.70 -39.05
C GLY FA 39 92.08 68.95 -38.66
N ILE FA 40 91.62 69.59 -37.58
CA ILE FA 40 92.20 70.80 -36.98
C ILE FA 40 92.51 71.86 -38.03
N ALA FA 41 91.71 71.91 -39.09
CA ALA FA 41 91.89 72.91 -40.13
C ALA FA 41 90.53 73.22 -40.76
N GLU FA 42 90.45 74.39 -41.38
CA GLU FA 42 89.25 74.86 -42.07
C GLU FA 42 89.58 75.04 -43.55
N LEU FA 43 88.76 74.45 -44.41
CA LEU FA 43 88.99 74.50 -45.85
C LEU FA 43 87.68 74.72 -46.57
N ASN FA 44 87.69 75.60 -47.56
CA ASN FA 44 86.54 75.86 -48.42
C ASN FA 44 86.74 75.15 -49.74
N ASN FA 45 85.91 74.14 -50.00
CA ASN FA 45 86.04 73.28 -51.17
C ASN FA 45 85.09 73.75 -52.26
N VAL FA 46 85.60 73.82 -53.50
CA VAL FA 46 84.82 74.25 -54.64
C VAL FA 46 84.89 73.14 -55.69
N SER FA 47 83.77 72.89 -56.35
CA SER FA 47 83.72 71.92 -57.44
C SER FA 47 83.27 72.63 -58.71
N GLY FA 48 84.17 72.71 -59.69
CA GLY FA 48 83.86 73.42 -60.92
C GLY FA 48 83.57 72.50 -62.08
N GLN FA 49 82.33 72.50 -62.54
CA GLN FA 49 81.89 71.66 -63.65
C GLN FA 49 81.64 72.54 -64.86
N TYR FA 50 82.32 72.26 -65.96
CA TYR FA 50 82.21 73.02 -67.20
C TYR FA 50 81.86 72.07 -68.34
N VAL FA 51 80.75 72.34 -69.01
CA VAL FA 51 80.24 71.50 -70.08
C VAL FA 51 80.12 72.33 -71.34
N SER FA 52 80.73 71.87 -72.42
CA SER FA 52 80.61 72.49 -73.73
C SER FA 52 79.94 71.50 -74.68
N VAL FA 53 78.84 71.95 -75.30
CA VAL FA 53 78.01 71.10 -76.14
C VAL FA 53 77.93 71.71 -77.53
N TYR FA 54 78.19 70.89 -78.55
CA TYR FA 54 78.08 71.29 -79.93
C TYR FA 54 77.42 70.17 -80.72
N LYS FA 55 76.48 70.51 -81.57
CA LYS FA 55 75.78 69.55 -82.40
C LYS FA 55 76.30 69.67 -83.82
N ARG FA 56 77.06 68.66 -84.26
CA ARG FA 56 77.77 68.70 -85.53
C ARG FA 56 77.09 67.78 -86.53
N PRO FA 57 76.90 68.22 -87.76
CA PRO FA 57 76.31 67.34 -88.77
C PRO FA 57 77.19 66.14 -89.06
N ALA FA 58 76.55 65.02 -89.39
CA ALA FA 58 77.28 63.82 -89.74
C ALA FA 58 78.11 64.07 -91.01
N PRO FA 59 79.28 63.45 -91.12
CA PRO FA 59 80.17 63.75 -92.26
C PRO FA 59 79.57 63.38 -93.60
N LYS FA 60 79.76 64.23 -94.59
CA LYS FA 60 79.30 63.99 -95.95
C LYS FA 60 80.16 62.93 -96.61
N PRO FA 61 79.63 62.16 -97.56
CA PRO FA 61 80.45 61.18 -98.27
C PRO FA 61 81.61 61.83 -99.00
N GLU FA 62 82.77 61.16 -99.01
CA GLU FA 62 83.98 61.77 -99.54
C GLU FA 62 83.85 62.09 -101.03
N GLY FA 63 83.25 61.19 -101.80
CA GLY FA 63 83.07 61.42 -103.22
C GLY FA 63 81.79 62.15 -103.53
N CYS FA 64 81.58 63.30 -102.90
CA CYS FA 64 80.37 64.08 -103.06
C CYS FA 64 80.70 65.52 -103.40
N ALA FA 65 80.06 66.06 -104.44
CA ALA FA 65 80.10 67.47 -104.74
C ALA FA 65 78.72 68.11 -104.74
N ASP FA 66 77.70 67.41 -104.23
CA ASP FA 66 76.35 67.93 -104.23
C ASP FA 66 76.26 69.17 -103.34
N ALA FA 67 75.39 70.10 -103.74
CA ALA FA 67 75.28 71.38 -103.06
C ALA FA 67 74.42 71.32 -101.81
N CYS FA 68 73.23 70.72 -101.92
CA CYS FA 68 72.21 70.85 -100.89
C CYS FA 68 71.83 69.49 -100.35
N VAL FA 69 72.61 69.00 -99.38
CA VAL FA 69 72.31 67.76 -98.66
C VAL FA 69 72.67 67.97 -97.20
N ILE FA 70 71.71 67.73 -96.30
CA ILE FA 70 71.90 67.98 -94.88
C ILE FA 70 71.72 66.66 -94.13
N MET FA 71 72.66 66.35 -93.24
CA MET FA 71 72.62 65.15 -92.42
C MET FA 71 72.25 65.51 -90.99
N PRO FA 72 71.61 64.61 -90.25
CA PRO FA 72 71.23 64.91 -88.87
C PRO FA 72 72.46 65.08 -87.98
N ASN FA 73 72.27 65.88 -86.93
CA ASN FA 73 73.36 66.28 -86.07
C ASN FA 73 73.67 65.21 -85.03
N GLU FA 74 74.95 65.14 -84.64
CA GLU FA 74 75.41 64.25 -83.59
C GLU FA 74 75.83 65.09 -82.40
N ASN FA 75 75.80 64.50 -81.21
CA ASN FA 75 76.08 65.26 -80.00
C ASN FA 75 77.56 65.15 -79.64
N GLN FA 76 78.24 66.29 -79.58
CA GLN FA 76 79.63 66.37 -79.15
C GLN FA 76 79.65 67.09 -77.81
N SER FA 77 80.07 66.39 -76.77
CA SER FA 77 80.08 66.92 -75.41
C SER FA 77 81.46 66.78 -74.79
N ILE FA 78 81.94 67.86 -74.19
CA ILE FA 78 83.20 67.87 -73.44
C ILE FA 78 82.88 68.40 -72.05
N ARG FA 79 83.19 67.62 -71.03
CA ARG FA 79 82.83 67.94 -69.65
C ARG FA 79 84.06 67.83 -68.77
N THR FA 80 84.36 68.90 -68.04
CA THR FA 80 85.50 68.94 -67.12
C THR FA 80 85.01 69.31 -65.72
N VAL FA 81 85.53 68.60 -64.73
CA VAL FA 81 85.19 68.83 -63.33
C VAL FA 81 86.49 69.06 -62.56
N ILE FA 82 86.56 70.17 -61.84
CA ILE FA 82 87.73 70.52 -61.05
C ILE FA 82 87.29 70.65 -59.59
N SER FA 83 87.92 69.88 -58.71
CA SER FA 83 87.58 69.86 -57.30
C SER FA 83 88.83 70.15 -56.49
N GLY FA 84 88.75 71.13 -55.59
CA GLY FA 84 89.88 71.48 -54.75
C GLY FA 84 89.58 72.62 -53.80
N SER FA 85 90.41 72.79 -52.78
CA SER FA 85 90.23 73.86 -51.82
C SER FA 85 90.59 75.20 -52.44
N ALA FA 86 89.95 76.27 -51.95
CA ALA FA 86 90.25 77.60 -52.44
C ALA FA 86 91.65 78.05 -52.04
N GLU FA 87 92.19 77.46 -50.97
CA GLU FA 87 93.50 77.86 -50.48
C GLU FA 87 94.61 77.45 -51.44
N ASN FA 88 94.42 76.35 -52.17
CA ASN FA 88 95.42 75.79 -53.05
C ASN FA 88 95.19 76.14 -54.51
N LEU FA 89 94.73 77.35 -54.80
CA LEU FA 89 94.32 77.69 -56.16
C LEU FA 89 95.49 77.67 -57.14
N ALA FA 90 96.65 78.18 -56.72
CA ALA FA 90 97.79 78.23 -57.64
C ALA FA 90 98.26 76.84 -58.02
N THR FA 91 98.40 75.96 -57.03
CA THR FA 91 98.80 74.60 -57.32
C THR FA 91 97.74 73.82 -58.07
N LEU FA 92 96.46 74.14 -57.84
CA LEU FA 92 95.40 73.53 -58.65
C LEU FA 92 95.50 73.98 -60.09
N LYS FA 93 95.89 75.24 -60.32
CA LYS FA 93 96.11 75.71 -61.69
C LYS FA 93 97.29 74.98 -62.33
N ALA FA 94 98.35 74.75 -61.57
CA ALA FA 94 99.46 73.95 -62.09
C ALA FA 94 99.02 72.53 -62.44
N GLU FA 95 98.20 71.93 -61.58
CA GLU FA 95 97.63 70.62 -61.88
C GLU FA 95 96.78 70.67 -63.14
N TRP FA 96 96.06 71.77 -63.33
CA TRP FA 96 95.25 71.93 -64.54
C TRP FA 96 96.11 72.01 -65.78
N GLU FA 97 97.24 72.70 -65.71
CA GLU FA 97 98.17 72.73 -66.84
C GLU FA 97 98.73 71.35 -67.14
N THR FA 98 99.10 70.60 -66.10
CA THR FA 98 99.59 69.24 -66.31
C THR FA 98 98.52 68.35 -66.92
N HIS FA 99 97.27 68.50 -66.46
CA HIS FA 99 96.16 67.75 -67.03
C HIS FA 99 95.97 68.11 -68.50
N LYS FA 100 96.08 69.39 -68.83
CA LYS FA 100 96.07 69.80 -70.23
C LYS FA 100 97.11 69.04 -71.03
N ARG FA 101 98.35 69.03 -70.55
CA ARG FA 101 99.43 68.42 -71.31
C ARG FA 101 99.18 66.93 -71.50
N ASN FA 102 98.73 66.25 -70.44
CA ASN FA 102 98.51 64.80 -70.54
C ASN FA 102 97.34 64.47 -71.47
N VAL FA 103 96.22 65.19 -71.33
CA VAL FA 103 95.08 64.94 -72.21
C VAL FA 103 95.46 65.25 -73.65
N ASP FA 104 96.27 66.28 -73.86
CA ASP FA 104 96.71 66.61 -75.22
C ASP FA 104 97.56 65.49 -75.80
N THR FA 105 98.53 64.99 -75.03
CA THR FA 105 99.42 63.96 -75.57
C THR FA 105 98.68 62.64 -75.78
N LEU FA 106 97.57 62.44 -75.08
CA LEU FA 106 96.78 61.24 -75.34
C LEU FA 106 95.80 61.41 -76.50
N PHE FA 107 95.22 62.61 -76.66
CA PHE FA 107 94.08 62.83 -77.54
C PHE FA 107 94.46 63.58 -78.82
N ALA FA 108 95.06 64.76 -78.68
CA ALA FA 108 95.36 65.58 -79.84
C ALA FA 108 96.44 64.96 -80.71
N SER FA 109 97.50 64.45 -80.08
CA SER FA 109 98.60 63.84 -80.81
C SER FA 109 98.56 62.32 -80.81
N GLY FA 110 97.50 61.72 -80.28
CA GLY FA 110 97.37 60.28 -80.22
C GLY FA 110 96.15 59.78 -80.98
N ASN FA 111 95.71 58.58 -80.59
CA ASN FA 111 94.54 57.95 -81.21
C ASN FA 111 93.46 57.62 -80.18
N ALA FA 112 93.47 58.31 -79.04
CA ALA FA 112 92.42 58.09 -78.05
C ALA FA 112 91.06 58.49 -78.58
N GLY FA 113 91.02 59.50 -79.46
CA GLY FA 113 89.77 59.87 -80.10
C GLY FA 113 89.20 58.79 -80.99
N LEU FA 114 90.05 58.06 -81.70
CA LEU FA 114 89.62 56.94 -82.52
C LEU FA 114 89.38 55.68 -81.68
N GLY FA 115 89.92 55.62 -80.48
CA GLY FA 115 89.64 54.50 -79.60
C GLY FA 115 90.81 53.61 -79.27
N PHE FA 116 92.04 54.11 -79.39
CA PHE FA 116 93.24 53.33 -79.11
C PHE FA 116 94.03 53.99 -77.98
N LEU FA 117 94.45 53.18 -77.02
CA LEU FA 117 95.30 53.63 -75.92
C LEU FA 117 96.73 53.16 -76.15
N ASP FA 118 97.69 54.06 -75.96
CA ASP FA 118 99.09 53.73 -76.16
C ASP FA 118 99.78 53.67 -74.81
N PRO FA 119 100.15 52.49 -74.31
CA PRO FA 119 100.91 52.41 -73.05
C PRO FA 119 102.22 53.17 -73.05
N THR FA 120 102.74 53.55 -74.22
CA THR FA 120 104.03 54.21 -74.32
C THR FA 120 103.92 55.74 -74.35
N ALA FA 121 102.76 56.29 -74.04
CA ALA FA 121 102.59 57.74 -74.06
C ALA FA 121 103.45 58.40 -72.99
N ALA FA 122 103.91 59.61 -73.29
CA ALA FA 122 104.78 60.36 -72.39
C ALA FA 122 103.93 61.19 -71.43
N ILE FA 123 103.47 60.55 -70.37
CA ILE FA 123 102.69 61.21 -69.33
C ILE FA 123 103.65 61.75 -68.28
N VAL FA 124 103.43 63.00 -67.87
CA VAL FA 124 104.31 63.68 -66.93
C VAL FA 124 103.51 64.18 -65.74
N SER FA 125 104.20 64.40 -64.63
CA SER FA 125 103.58 64.93 -63.43
C SER FA 125 103.79 66.43 -63.34
N SER FA 126 103.08 67.06 -62.39
CA SER FA 126 103.19 68.50 -62.21
C SER FA 126 104.50 68.91 -61.55
N ASP FA 127 105.05 68.07 -60.69
CA ASP FA 127 106.30 68.39 -60.02
C ASP FA 127 107.45 68.44 -61.02
N THR FA 128 108.43 69.29 -60.72
CA THR FA 128 109.60 69.46 -61.56
C THR FA 128 110.85 68.96 -60.85
N THR FA 129 111.85 68.57 -61.63
CA THR FA 129 113.10 68.06 -61.09
C THR FA 129 113.98 69.20 -60.58
N ALA GA 1 91.97 102.41 -50.66
CA ALA GA 1 91.62 101.44 -51.67
C ALA GA 1 91.11 100.15 -51.04
N ASN GA 2 89.83 100.14 -50.67
CA ASN GA 2 89.23 98.97 -50.04
C ASN GA 2 89.08 97.84 -51.06
N LYS GA 3 89.12 96.62 -50.56
CA LYS GA 3 89.04 95.45 -51.44
C LYS GA 3 87.61 95.27 -51.95
N PRO GA 4 87.40 95.22 -53.26
CA PRO GA 4 86.04 94.97 -53.78
C PRO GA 4 85.61 93.52 -53.57
N MET GA 5 84.30 93.31 -53.68
CA MET GA 5 83.70 91.99 -53.55
C MET GA 5 82.93 91.63 -54.80
N GLN GA 6 82.83 90.33 -55.07
CA GLN GA 6 82.04 89.78 -56.16
C GLN GA 6 80.87 88.98 -55.60
N PRO GA 7 79.75 88.91 -56.32
CA PRO GA 7 78.57 88.20 -55.81
C PRO GA 7 78.71 86.69 -55.89
N ILE GA 8 78.49 86.00 -54.76
CA ILE GA 8 78.53 84.55 -54.76
C ILE GA 8 77.15 83.93 -54.97
N THR GA 9 76.09 84.61 -54.54
CA THR GA 9 74.73 84.11 -54.70
C THR GA 9 73.85 85.25 -55.18
N SER GA 10 73.31 85.12 -56.38
CA SER GA 10 72.51 86.16 -57.00
C SER GA 10 71.09 85.65 -57.21
N THR GA 11 70.11 86.42 -56.76
CA THR GA 11 68.70 86.09 -56.88
C THR GA 11 67.92 87.39 -56.97
N ALA GA 12 66.71 87.31 -57.53
CA ALA GA 12 65.87 88.49 -57.67
C ALA GA 12 65.49 89.08 -56.32
N ASN GA 13 65.64 88.30 -55.25
CA ASN GA 13 65.27 88.75 -53.91
C ASN GA 13 66.43 88.79 -52.92
N LYS GA 14 67.63 88.37 -53.31
CA LYS GA 14 68.76 88.30 -52.39
C LYS GA 14 70.06 88.18 -53.17
N ILE GA 15 71.01 89.06 -52.89
CA ILE GA 15 72.35 89.00 -53.47
C ILE GA 15 73.37 89.00 -52.33
N VAL GA 16 74.33 88.08 -52.40
CA VAL GA 16 75.34 87.91 -51.37
C VAL GA 16 76.71 88.16 -52.00
N TRP GA 17 77.49 89.05 -51.40
CA TRP GA 17 78.83 89.36 -51.85
C TRP GA 17 79.86 88.68 -50.95
N SER GA 18 81.09 88.56 -51.45
CA SER GA 18 82.16 87.97 -50.68
C SER GA 18 83.51 88.43 -51.23
N ASP GA 19 84.47 88.61 -50.33
CA ASP GA 19 85.80 89.02 -50.73
C ASP GA 19 86.60 87.83 -51.24
N PRO GA 20 87.22 87.95 -52.41
CA PRO GA 20 88.04 86.82 -52.89
C PRO GA 20 89.18 86.43 -51.95
N THR GA 21 89.79 87.41 -51.27
CA THR GA 21 90.89 87.08 -50.37
C THR GA 21 90.41 86.30 -49.15
N ARG GA 22 89.36 86.78 -48.49
CA ARG GA 22 88.77 86.09 -47.35
C ARG GA 22 87.32 85.78 -47.66
N LEU GA 23 87.00 84.49 -47.78
CA LEU GA 23 85.65 84.10 -48.15
C LEU GA 23 84.70 84.17 -46.96
N SER GA 24 85.24 84.37 -45.77
CA SER GA 24 84.43 84.38 -44.56
C SER GA 24 83.61 85.66 -44.45
N THR GA 25 84.19 86.79 -44.87
CA THR GA 25 83.48 88.07 -44.81
C THR GA 25 82.52 88.18 -45.98
N THR GA 26 81.26 88.51 -45.69
CA THR GA 26 80.22 88.60 -46.70
C THR GA 26 79.31 89.78 -46.42
N PHE GA 27 78.66 90.26 -47.47
CA PHE GA 27 77.65 91.31 -47.38
C PHE GA 27 76.47 90.92 -48.24
N SER GA 28 75.29 90.83 -47.64
CA SER GA 28 74.10 90.37 -48.34
C SER GA 28 72.97 91.38 -48.18
N ALA GA 29 72.19 91.53 -49.25
CA ALA GA 29 71.04 92.43 -49.27
C ALA GA 29 69.81 91.65 -49.67
N SER GA 30 68.73 91.81 -48.91
CA SER GA 30 67.47 91.13 -49.18
C SER GA 30 66.35 92.15 -49.18
N LEU GA 31 65.48 92.10 -50.19
CA LEU GA 31 64.37 93.02 -50.31
C LEU GA 31 63.06 92.24 -50.34
N LEU GA 32 62.09 92.69 -49.55
CA LEU GA 32 60.76 92.11 -49.52
C LEU GA 32 59.75 93.18 -49.91
N ARG GA 33 58.94 92.88 -50.92
CA ARG GA 33 58.02 93.84 -51.50
C ARG GA 33 56.59 93.39 -51.27
N GLN GA 34 55.80 94.22 -50.59
CA GLN GA 34 54.40 93.94 -50.32
C GLN GA 34 53.59 95.20 -50.57
N ARG GA 35 52.31 95.00 -50.87
CA ARG GA 35 51.37 96.12 -50.95
C ARG GA 35 50.70 96.32 -49.60
N VAL GA 36 50.68 97.57 -49.14
CA VAL GA 36 50.13 97.91 -47.83
C VAL GA 36 48.82 98.65 -48.04
N LYS GA 37 47.77 98.15 -47.38
CA LYS GA 37 46.44 98.73 -47.47
C LYS GA 37 46.29 99.79 -46.39
N VAL GA 38 46.30 101.06 -46.80
CA VAL GA 38 46.03 102.17 -45.92
C VAL GA 38 44.83 102.91 -46.47
N GLY GA 39 43.95 103.35 -45.56
CA GLY GA 39 42.69 103.99 -45.91
C GLY GA 39 42.77 104.95 -47.07
N ILE GA 40 41.87 104.78 -48.04
CA ILE GA 40 41.77 105.57 -49.27
C ILE GA 40 43.16 105.76 -49.90
N ALA GA 41 44.00 104.74 -49.83
CA ALA GA 41 45.34 104.82 -50.41
C ALA GA 41 45.79 103.42 -50.79
N GLU GA 42 46.77 103.36 -51.69
CA GLU GA 42 47.40 102.10 -52.11
C GLU GA 42 48.89 102.37 -52.34
N LEU GA 43 49.71 102.00 -51.37
CA LEU GA 43 51.14 102.28 -51.39
C LEU GA 43 51.92 100.99 -51.25
N ASN GA 44 53.13 100.98 -51.80
CA ASN GA 44 53.98 99.80 -51.88
C ASN GA 44 55.16 99.94 -50.94
N ASN GA 45 55.20 99.11 -49.91
CA ASN GA 45 56.31 99.14 -48.96
C ASN GA 45 57.42 98.20 -49.42
N VAL GA 46 58.66 98.63 -49.21
CA VAL GA 46 59.84 97.83 -49.52
C VAL GA 46 60.68 97.73 -48.26
N SER GA 47 60.94 96.50 -47.81
CA SER GA 47 61.74 96.24 -46.63
C SER GA 47 63.09 95.68 -47.05
N GLY GA 48 64.16 96.38 -46.66
CA GLY GA 48 65.49 95.96 -47.04
C GLY GA 48 66.34 95.52 -45.86
N GLN GA 49 66.88 94.32 -45.93
CA GLN GA 49 67.70 93.74 -44.86
C GLN GA 49 69.12 93.60 -45.35
N TYR GA 50 70.03 94.36 -44.75
CA TYR GA 50 71.45 94.35 -45.10
C TYR GA 50 72.24 93.86 -43.89
N VAL GA 51 73.03 92.82 -44.07
CA VAL GA 51 73.84 92.25 -42.99
C VAL GA 51 75.29 92.22 -43.45
N SER GA 52 76.20 92.53 -42.54
CA SER GA 52 77.63 92.44 -42.79
C SER GA 52 78.29 91.64 -41.68
N VAL GA 53 79.10 90.66 -42.06
CA VAL GA 53 79.79 89.79 -41.11
C VAL GA 53 81.27 89.78 -41.43
N TYR GA 54 82.09 89.72 -40.38
CA TYR GA 54 83.53 89.56 -40.52
C TYR GA 54 84.01 88.69 -39.37
N LYS GA 55 84.71 87.60 -39.70
CA LYS GA 55 85.10 86.62 -38.70
C LYS GA 55 86.54 86.89 -38.25
N ARG GA 56 86.69 88.01 -37.56
CA ARG GA 56 88.02 88.47 -37.15
C ARG GA 56 88.57 87.63 -36.00
N PRO GA 57 89.87 87.36 -35.98
CA PRO GA 57 90.45 86.57 -34.90
C PRO GA 57 90.36 87.28 -33.55
N ALA GA 58 90.33 86.45 -32.50
CA ALA GA 58 90.34 86.97 -31.14
C ALA GA 58 91.65 87.71 -30.88
N PRO GA 59 91.68 88.68 -29.96
CA PRO GA 59 92.89 89.47 -29.79
C PRO GA 59 94.03 88.63 -29.25
N LYS GA 60 95.21 88.84 -29.82
CA LYS GA 60 96.39 88.06 -29.48
C LYS GA 60 96.81 88.36 -28.03
N PRO GA 61 97.29 87.35 -27.30
CA PRO GA 61 97.81 87.61 -25.95
C PRO GA 61 99.01 88.55 -25.97
N GLU GA 62 99.26 89.24 -24.87
CA GLU GA 62 100.21 90.33 -24.81
C GLU GA 62 101.62 89.79 -24.61
N GLY GA 63 102.57 90.36 -25.36
CA GLY GA 63 103.97 90.10 -25.16
C GLY GA 63 104.49 88.81 -25.77
N CYS GA 64 103.69 88.11 -26.57
CA CYS GA 64 104.13 86.86 -27.18
C CYS GA 64 103.94 86.93 -28.69
N ALA GA 65 105.04 86.81 -29.43
CA ALA GA 65 104.99 86.70 -30.88
C ALA GA 65 105.00 85.22 -31.24
N ASP GA 66 103.81 84.60 -31.25
CA ASP GA 66 103.72 83.18 -31.53
C ASP GA 66 104.15 82.89 -32.97
N ALA GA 67 104.55 81.63 -33.19
CA ALA GA 67 105.04 81.23 -34.51
C ALA GA 67 103.97 81.39 -35.58
N CYS GA 68 102.76 80.90 -35.30
CA CYS GA 68 101.66 80.95 -36.26
C CYS GA 68 100.39 81.39 -35.56
N VAL GA 69 99.49 82.00 -36.34
CA VAL GA 69 98.22 82.44 -35.80
C VAL GA 69 97.32 81.23 -35.56
N ILE GA 70 96.89 81.07 -34.31
CA ILE GA 70 96.08 79.93 -33.91
C ILE GA 70 94.89 80.42 -33.10
N MET GA 71 94.61 81.71 -33.22
CA MET GA 71 93.56 82.32 -32.39
C MET GA 71 92.19 81.85 -32.86
N PRO GA 72 91.28 81.51 -31.93
CA PRO GA 72 89.94 81.05 -32.33
C PRO GA 72 89.02 82.21 -32.66
N ASN GA 73 89.04 82.63 -33.92
CA ASN GA 73 88.31 83.80 -34.41
C ASN GA 73 86.86 83.90 -33.93
N GLU GA 74 86.37 85.14 -33.81
CA GLU GA 74 85.03 85.42 -33.32
C GLU GA 74 84.17 85.98 -34.44
N ASN GA 75 82.93 86.32 -34.11
CA ASN GA 75 81.97 86.78 -35.11
C ASN GA 75 81.64 88.24 -34.83
N GLN GA 76 81.77 89.08 -35.86
CA GLN GA 76 81.31 90.47 -35.81
C GLN GA 76 80.23 90.64 -36.85
N SER GA 77 79.08 91.16 -36.44
CA SER GA 77 77.92 91.27 -37.31
C SER GA 77 77.29 92.65 -37.18
N ILE GA 78 76.83 93.20 -38.31
CA ILE GA 78 76.06 94.44 -38.34
C ILE GA 78 74.86 94.20 -39.23
N ARG GA 79 73.66 94.43 -38.70
CA ARG GA 79 72.41 94.15 -39.39
C ARG GA 79 71.56 95.40 -39.40
N THR GA 80 71.05 95.76 -40.58
CA THR GA 80 70.23 96.95 -40.76
C THR GA 80 68.98 96.62 -41.56
N VAL GA 81 67.84 97.11 -41.08
CA VAL GA 81 66.56 96.91 -41.75
C VAL GA 81 65.97 98.28 -42.05
N ILE GA 82 65.67 98.53 -43.33
CA ILE GA 82 65.06 99.78 -43.77
C ILE GA 82 63.68 99.44 -44.34
N SER GA 83 62.65 100.05 -43.76
CA SER GA 83 61.27 99.78 -44.15
C SER GA 83 60.57 101.09 -44.43
N GLY GA 84 59.86 101.16 -45.55
CA GLY GA 84 59.13 102.35 -45.91
C GLY GA 84 58.55 102.23 -47.30
N SER GA 85 57.68 103.17 -47.62
CA SER GA 85 57.04 103.19 -48.93
C SER GA 85 57.96 103.83 -49.96
N ALA GA 86 57.89 103.33 -51.20
CA ALA GA 86 58.71 103.91 -52.26
C ALA GA 86 58.23 105.29 -52.66
N GLU GA 87 56.98 105.63 -52.32
CA GLU GA 87 56.47 106.96 -52.62
C GLU GA 87 57.21 108.04 -51.83
N ASN GA 88 57.65 107.69 -50.62
CA ASN GA 88 58.34 108.61 -49.73
C ASN GA 88 59.84 108.33 -49.68
N LEU GA 89 60.46 108.04 -50.83
CA LEU GA 89 61.87 107.64 -50.84
C LEU GA 89 62.79 108.75 -50.35
N ALA GA 90 62.51 109.99 -50.73
CA ALA GA 90 63.35 111.11 -50.28
C ALA GA 90 63.29 111.25 -48.77
N THR GA 91 62.10 111.15 -48.21
CA THR GA 91 61.94 111.16 -46.76
C THR GA 91 62.66 109.99 -46.09
N LEU GA 92 62.57 108.80 -46.67
CA LEU GA 92 63.27 107.65 -46.09
C LEU GA 92 64.78 107.83 -46.14
N LYS GA 93 65.29 108.45 -47.21
CA LYS GA 93 66.72 108.73 -47.29
C LYS GA 93 67.15 109.74 -46.24
N ALA GA 94 66.32 110.79 -46.03
CA ALA GA 94 66.62 111.74 -44.96
C ALA GA 94 66.60 111.06 -43.60
N GLU GA 95 65.64 110.16 -43.39
CA GLU GA 95 65.59 109.39 -42.15
C GLU GA 95 66.84 108.54 -41.99
N TRP GA 96 67.31 107.93 -43.08
CA TRP GA 96 68.53 107.13 -43.00
C TRP GA 96 69.73 107.97 -42.63
N GLU GA 97 69.85 109.17 -43.20
CA GLU GA 97 70.95 110.06 -42.85
C GLU GA 97 70.89 110.45 -41.37
N THR GA 98 69.71 110.80 -40.89
CA THR GA 98 69.55 111.17 -39.49
C THR GA 98 69.87 109.99 -38.57
N HIS GA 99 69.43 108.79 -38.95
CA HIS GA 99 69.71 107.60 -38.15
C HIS GA 99 71.20 107.31 -38.12
N LYS GA 100 71.88 107.48 -39.25
CA LYS GA 100 73.33 107.31 -39.28
C LYS GA 100 74.01 108.29 -38.35
N ARG GA 101 73.57 109.56 -38.36
CA ARG GA 101 74.19 110.54 -37.48
C ARG GA 101 73.95 110.19 -36.00
N ASN GA 102 72.74 109.76 -35.67
CA ASN GA 102 72.45 109.40 -34.28
C ASN GA 102 73.27 108.20 -33.83
N VAL GA 103 73.38 107.18 -34.69
CA VAL GA 103 74.15 105.99 -34.33
C VAL GA 103 75.63 106.34 -34.21
N ASP GA 104 76.12 107.24 -35.07
CA ASP GA 104 77.50 107.70 -34.95
C ASP GA 104 77.71 108.43 -33.62
N THR GA 105 76.75 109.26 -33.22
CA THR GA 105 76.87 109.97 -31.96
C THR GA 105 76.91 109.01 -30.77
N LEU GA 106 76.04 108.00 -30.78
CA LEU GA 106 75.98 107.07 -29.65
C LEU GA 106 77.16 106.10 -29.64
N PHE GA 107 77.59 105.64 -30.82
CA PHE GA 107 78.52 104.52 -30.95
C PHE GA 107 79.88 104.93 -31.49
N ALA GA 108 79.92 105.60 -32.64
CA ALA GA 108 81.20 105.91 -33.28
C ALA GA 108 82.03 106.85 -32.42
N SER GA 109 81.41 107.88 -31.85
CA SER GA 109 82.11 108.82 -30.99
C SER GA 109 81.75 108.66 -29.52
N GLY GA 110 80.91 107.70 -29.18
CA GLY GA 110 80.51 107.46 -27.81
C GLY GA 110 81.09 106.18 -27.26
N ASN GA 111 80.57 105.76 -26.11
CA ASN GA 111 81.04 104.55 -25.46
C ASN GA 111 79.96 103.49 -25.41
N ALA GA 112 79.07 103.48 -26.41
CA ALA GA 112 78.06 102.44 -26.48
C ALA GA 112 78.69 101.09 -26.78
N GLY GA 113 79.85 101.09 -27.43
CA GLY GA 113 80.51 99.84 -27.76
C GLY GA 113 80.97 99.07 -26.53
N LEU GA 114 81.40 99.77 -25.48
CA LEU GA 114 81.79 99.07 -24.26
C LEU GA 114 80.59 98.78 -23.38
N GLY GA 115 79.42 99.36 -23.69
CA GLY GA 115 78.21 99.06 -22.96
C GLY GA 115 77.56 100.23 -22.27
N PHE GA 116 77.96 101.46 -22.58
CA PHE GA 116 77.41 102.61 -21.87
C PHE GA 116 76.41 103.36 -22.73
N LEU GA 117 75.22 103.59 -22.17
CA LEU GA 117 74.16 104.36 -22.81
C LEU GA 117 74.14 105.74 -22.16
N ASP GA 118 74.76 106.70 -22.82
CA ASP GA 118 74.85 108.05 -22.29
C ASP GA 118 73.51 108.77 -22.47
N PRO GA 119 72.85 109.22 -21.40
CA PRO GA 119 71.56 109.91 -21.56
C PRO GA 119 71.70 111.40 -21.85
N THR GA 120 72.91 111.93 -21.93
CA THR GA 120 73.12 113.33 -22.29
C THR GA 120 73.56 113.51 -23.73
N ALA GA 121 73.50 112.46 -24.55
CA ALA GA 121 73.96 112.54 -25.93
C ALA GA 121 73.07 113.47 -26.74
N ALA GA 122 73.64 114.07 -27.79
CA ALA GA 122 72.94 115.02 -28.64
C ALA GA 122 72.30 114.27 -29.80
N ILE GA 123 71.06 113.83 -29.59
CA ILE GA 123 70.29 113.14 -30.62
C ILE GA 123 69.51 114.17 -31.40
N VAL GA 124 69.52 114.04 -32.73
CA VAL GA 124 68.89 115.01 -33.61
C VAL GA 124 67.89 114.30 -34.51
N SER GA 125 66.86 115.03 -34.90
CA SER GA 125 65.77 114.47 -35.69
C SER GA 125 65.95 114.80 -37.17
N SER GA 126 65.13 114.14 -38.00
CA SER GA 126 65.18 114.41 -39.44
C SER GA 126 64.55 115.75 -39.80
N ASP GA 127 63.60 116.22 -39.00
CA ASP GA 127 62.99 117.52 -39.28
C ASP GA 127 63.97 118.65 -38.99
N THR GA 128 63.90 119.68 -39.83
CA THR GA 128 64.78 120.83 -39.72
C THR GA 128 63.98 122.04 -39.24
N THR GA 129 64.71 123.03 -38.71
CA THR GA 129 64.08 124.25 -38.21
C THR GA 129 64.53 125.46 -39.03
N ALA HA 1 9.97 -87.92 -118.50
CA ALA HA 1 10.33 -86.54 -118.81
C ALA HA 1 9.98 -85.62 -117.65
N ASN HA 2 11.00 -85.25 -116.87
CA ASN HA 2 10.79 -84.37 -115.72
C ASN HA 2 10.58 -82.94 -116.17
N LYS HA 3 9.70 -82.23 -115.47
CA LYS HA 3 9.38 -80.86 -115.85
C LYS HA 3 10.54 -79.94 -115.50
N PRO HA 4 11.05 -79.16 -116.44
CA PRO HA 4 12.18 -78.27 -116.15
C PRO HA 4 11.81 -77.19 -115.14
N MET HA 5 12.81 -76.74 -114.40
CA MET HA 5 12.67 -75.65 -113.44
C MET HA 5 13.48 -74.46 -113.94
N GLN HA 6 12.87 -73.27 -113.92
CA GLN HA 6 13.55 -72.07 -114.35
C GLN HA 6 13.64 -71.09 -113.20
N PRO HA 7 14.79 -70.44 -112.96
CA PRO HA 7 14.96 -69.69 -111.72
C PRO HA 7 14.11 -68.43 -111.66
N ILE HA 8 13.85 -67.98 -110.43
CA ILE HA 8 13.14 -66.72 -110.20
C ILE HA 8 14.04 -65.66 -109.57
N THR HA 9 14.95 -66.03 -108.67
CA THR HA 9 15.89 -65.09 -108.09
C THR HA 9 17.30 -65.58 -108.33
N SER HA 10 18.10 -64.76 -109.02
CA SER HA 10 19.46 -65.12 -109.39
C SER HA 10 20.44 -64.15 -108.74
N THR HA 11 21.41 -64.71 -108.04
CA THR HA 11 22.44 -63.94 -107.37
C THR HA 11 23.71 -64.77 -107.32
N ALA HA 12 24.85 -64.09 -107.17
CA ALA HA 12 26.13 -64.80 -107.12
C ALA HA 12 26.23 -65.66 -105.88
N ASN HA 13 25.39 -65.41 -104.88
CA ASN HA 13 25.43 -66.14 -103.62
C ASN HA 13 24.24 -67.08 -103.42
N LYS HA 14 23.19 -66.97 -104.23
CA LYS HA 14 21.98 -67.76 -104.05
C LYS HA 14 21.17 -67.74 -105.33
N ILE HA 15 20.69 -68.91 -105.75
CA ILE HA 15 19.79 -69.04 -106.89
C ILE HA 15 18.62 -69.91 -106.46
N VAL HA 16 17.40 -69.47 -106.76
CA VAL HA 16 16.19 -70.17 -106.38
C VAL HA 16 15.45 -70.57 -107.65
N TRP HA 17 15.12 -71.86 -107.75
CA TRP HA 17 14.36 -72.41 -108.87
C TRP HA 17 12.97 -72.80 -108.39
N SER HA 18 11.96 -72.50 -109.19
CA SER HA 18 10.59 -72.87 -108.88
C SER HA 18 9.89 -73.39 -110.14
N ASP HA 19 8.98 -74.34 -109.94
CA ASP HA 19 8.21 -74.89 -111.05
C ASP HA 19 7.24 -73.84 -111.57
N PRO HA 20 7.28 -73.53 -112.88
CA PRO HA 20 6.32 -72.54 -113.40
C PRO HA 20 4.87 -72.93 -113.18
N THR HA 21 4.55 -74.22 -113.25
CA THR HA 21 3.18 -74.66 -113.00
C THR HA 21 2.81 -74.63 -111.52
N ARG HA 22 3.75 -74.92 -110.63
CA ARG HA 22 3.50 -74.84 -109.20
C ARG HA 22 4.66 -74.13 -108.50
N LEU HA 23 4.52 -72.83 -108.28
CA LEU HA 23 5.59 -72.02 -107.72
C LEU HA 23 5.88 -72.40 -106.27
N SER HA 24 4.98 -73.16 -105.66
CA SER HA 24 5.19 -73.63 -104.29
C SER HA 24 6.37 -74.59 -104.17
N THR HA 25 6.73 -75.28 -105.25
CA THR HA 25 7.89 -76.16 -105.25
C THR HA 25 9.14 -75.33 -105.55
N THR HA 26 10.11 -75.34 -104.63
CA THR HA 26 11.29 -74.51 -104.75
C THR HA 26 12.54 -75.36 -104.59
N PHE HA 27 13.64 -74.86 -105.15
CA PHE HA 27 14.96 -75.47 -105.00
C PHE HA 27 15.99 -74.35 -104.98
N SER HA 28 16.72 -74.24 -103.87
CA SER HA 28 17.65 -73.15 -103.67
C SER HA 28 19.04 -73.67 -103.36
N ALA HA 29 20.05 -73.00 -103.91
CA ALA HA 29 21.45 -73.33 -103.67
C ALA HA 29 22.17 -72.09 -103.19
N SER HA 30 22.70 -72.14 -101.97
CA SER HA 30 23.40 -71.01 -101.37
C SER HA 30 24.82 -71.45 -101.03
N LEU HA 31 25.81 -70.68 -101.47
CA LEU HA 31 27.21 -70.99 -101.25
C LEU HA 31 27.88 -69.92 -100.39
N LEU HA 32 28.57 -70.37 -99.36
CA LEU HA 32 29.31 -69.50 -98.45
C LEU HA 32 30.76 -69.94 -98.42
N ARG HA 33 31.67 -68.99 -98.60
CA ARG HA 33 33.09 -69.29 -98.77
C ARG HA 33 33.91 -68.53 -97.75
N GLN HA 34 34.83 -69.24 -97.08
CA GLN HA 34 35.76 -68.66 -96.13
C GLN HA 34 37.16 -69.17 -96.41
N ARG HA 35 38.15 -68.55 -95.77
CA ARG HA 35 39.53 -69.01 -95.80
C ARG HA 35 39.88 -69.58 -94.44
N VAL HA 36 40.37 -70.82 -94.42
CA VAL HA 36 40.68 -71.51 -93.19
C VAL HA 36 42.14 -71.93 -93.23
N LYS HA 37 42.88 -71.64 -92.16
CA LYS HA 37 44.31 -71.95 -92.08
C LYS HA 37 44.48 -73.29 -91.37
N VAL HA 38 44.28 -74.37 -92.15
CA VAL HA 38 44.42 -75.72 -91.60
C VAL HA 38 45.88 -76.11 -91.52
N GLY HA 39 46.61 -75.95 -92.61
CA GLY HA 39 47.97 -76.46 -92.72
C GLY HA 39 48.98 -75.38 -93.03
N ILE HA 40 48.85 -74.24 -92.34
CA ILE HA 40 49.61 -73.00 -92.54
C ILE HA 40 49.56 -72.60 -94.01
N ALA HA 41 48.57 -73.12 -94.72
CA ALA HA 41 48.25 -72.70 -96.08
C ALA HA 41 46.77 -72.36 -96.12
N GLU HA 42 46.43 -71.22 -96.72
CA GLU HA 42 45.07 -70.71 -96.70
C GLU HA 42 44.21 -71.51 -97.68
N LEU HA 43 43.61 -72.57 -97.17
CA LEU HA 43 42.66 -73.34 -97.96
C LEU HA 43 41.34 -72.60 -98.06
N ASN HA 44 40.65 -72.77 -99.20
CA ASN HA 44 39.39 -72.07 -99.45
C ASN HA 44 38.24 -73.08 -99.48
N ASN HA 45 37.57 -73.19 -98.34
CA ASN HA 45 36.43 -74.09 -98.24
C ASN HA 45 35.16 -73.43 -98.79
N VAL HA 46 34.23 -74.26 -99.24
CA VAL HA 46 32.94 -73.81 -99.74
C VAL HA 46 31.86 -74.60 -99.02
N SER HA 47 30.90 -73.88 -98.43
CA SER HA 47 29.80 -74.49 -97.68
C SER HA 47 28.53 -74.27 -98.48
N GLY HA 48 28.21 -75.21 -99.35
CA GLY HA 48 27.03 -75.12 -100.20
C GLY HA 48 25.83 -75.73 -99.51
N GLN HA 49 24.75 -74.95 -99.45
CA GLN HA 49 23.50 -75.37 -98.84
C GLN HA 49 22.47 -75.55 -99.94
N TYR HA 50 21.92 -76.76 -100.03
CA TYR HA 50 20.94 -77.11 -101.06
C TYR HA 50 19.65 -77.52 -100.38
N VAL HA 51 18.55 -76.84 -100.72
CA VAL HA 51 17.26 -77.06 -100.08
C VAL HA 51 16.23 -77.32 -101.16
N SER HA 52 15.49 -78.41 -101.01
CA SER HA 52 14.38 -78.75 -101.89
C SER HA 52 13.10 -78.80 -101.08
N VAL HA 53 12.10 -78.02 -101.50
CA VAL HA 53 10.85 -77.88 -100.78
C VAL HA 53 9.70 -78.25 -101.71
N TYR HA 54 8.83 -79.13 -101.24
CA TYR HA 54 7.62 -79.50 -101.95
C TYR HA 54 6.45 -79.51 -100.98
N LYS HA 55 5.50 -78.60 -101.20
CA LYS HA 55 4.29 -78.54 -100.38
C LYS HA 55 3.28 -79.51 -100.97
N ARG HA 56 3.06 -80.62 -100.26
CA ARG HA 56 2.29 -81.73 -100.80
C ARG HA 56 0.99 -81.88 -100.04
N PRO HA 57 -0.15 -81.99 -100.70
CA PRO HA 57 -1.42 -82.08 -100.01
C PRO HA 57 -1.87 -83.50 -99.66
N ALA HA 58 -1.93 -83.77 -98.36
CA ALA HA 58 -2.23 -85.11 -97.84
C ALA HA 58 -3.39 -85.08 -96.85
N PRO HA 59 -4.60 -84.77 -97.30
CA PRO HA 59 -5.77 -85.18 -96.50
C PRO HA 59 -5.88 -86.68 -96.41
N LYS HA 60 -5.39 -87.37 -97.44
CA LYS HA 60 -5.33 -88.83 -97.55
C LYS HA 60 -6.68 -89.48 -97.29
N PRO HA 61 -7.70 -89.22 -98.12
CA PRO HA 61 -8.96 -89.96 -97.98
C PRO HA 61 -8.79 -91.38 -98.49
N GLU HA 62 -8.73 -92.32 -97.57
CA GLU HA 62 -8.38 -93.70 -97.90
C GLU HA 62 -9.52 -94.36 -98.68
N GLY HA 63 -9.29 -94.55 -99.96
CA GLY HA 63 -10.21 -95.27 -100.82
C GLY HA 63 -11.24 -94.48 -101.60
N CYS HA 64 -11.62 -93.32 -101.10
CA CYS HA 64 -12.70 -92.57 -101.75
C CYS HA 64 -12.23 -91.16 -102.07
N ALA HA 65 -12.59 -90.71 -103.27
CA ALA HA 65 -12.40 -89.34 -103.71
C ALA HA 65 -13.50 -88.99 -104.69
N ASP HA 66 -14.30 -87.99 -104.36
CA ASP HA 66 -15.47 -87.67 -105.17
C ASP HA 66 -15.38 -86.32 -105.86
N ALA HA 67 -14.96 -85.28 -105.15
CA ALA HA 67 -14.86 -83.94 -105.71
C ALA HA 67 -13.64 -83.26 -105.11
N CYS HA 68 -13.28 -82.09 -105.65
CA CYS HA 68 -12.13 -81.37 -105.16
C CYS HA 68 -12.54 -80.45 -104.01
N VAL HA 69 -12.10 -80.80 -102.81
CA VAL HA 69 -12.24 -79.97 -101.62
C VAL HA 69 -10.90 -79.27 -101.45
N ILE HA 70 -10.86 -78.20 -100.66
CA ILE HA 70 -9.60 -77.53 -100.37
C ILE HA 70 -8.59 -78.52 -99.78
N MET HA 71 -7.43 -78.60 -100.40
CA MET HA 71 -6.34 -79.41 -99.88
C MET HA 71 -5.57 -78.65 -98.82
N PRO HA 72 -5.50 -79.16 -97.59
CA PRO HA 72 -4.53 -78.63 -96.62
C PRO HA 72 -3.14 -79.21 -96.89
N ASN HA 73 -2.11 -78.38 -96.83
CA ASN HA 73 -0.79 -78.76 -97.29
C ASN HA 73 0.16 -79.00 -96.13
N GLU HA 74 1.05 -79.97 -96.30
CA GLU HA 74 2.19 -80.17 -95.42
C GLU HA 74 3.46 -79.86 -96.21
N ASN HA 75 4.55 -79.61 -95.49
CA ASN HA 75 5.82 -79.23 -96.10
C ASN HA 75 6.77 -80.41 -96.07
N GLN HA 76 7.28 -80.78 -97.25
CA GLN HA 76 8.34 -81.79 -97.36
C GLN HA 76 9.63 -81.07 -97.75
N SER HA 77 10.63 -81.17 -96.88
CA SER HA 77 11.89 -80.45 -97.07
C SER HA 77 13.05 -81.42 -97.02
N ILE HA 78 13.99 -81.24 -97.94
CA ILE HA 78 15.23 -82.00 -97.98
C ILE HA 78 16.38 -81.00 -98.06
N ARG HA 79 17.16 -80.91 -97.00
CA ARG HA 79 18.23 -79.92 -96.88
C ARG HA 79 19.58 -80.62 -96.84
N THR HA 80 20.47 -80.22 -97.73
CA THR HA 80 21.80 -80.81 -97.85
C THR HA 80 22.86 -79.73 -97.75
N VAL HA 81 23.87 -79.98 -96.92
CA VAL HA 81 24.99 -79.06 -96.73
C VAL HA 81 26.28 -79.83 -96.99
N ILE HA 82 27.08 -79.34 -97.94
CA ILE HA 82 28.37 -79.92 -98.27
C ILE HA 82 29.44 -78.89 -97.97
N SER HA 83 30.39 -79.25 -97.12
CA SER HA 83 31.46 -78.34 -96.69
C SER HA 83 32.80 -79.04 -96.85
N GLY HA 84 33.74 -78.36 -97.51
CA GLY HA 84 35.06 -78.91 -97.70
C GLY HA 84 35.97 -78.00 -98.51
N SER HA 85 37.28 -78.26 -98.47
CA SER HA 85 38.22 -77.43 -99.20
C SER HA 85 38.04 -77.62 -100.70
N ALA HA 86 38.22 -76.54 -101.45
CA ALA HA 86 38.10 -76.60 -102.90
C ALA HA 86 39.24 -77.39 -103.51
N GLU HA 87 40.37 -77.49 -102.81
CA GLU HA 87 41.52 -78.19 -103.35
C GLU HA 87 41.35 -79.70 -103.30
N ASN HA 88 40.30 -80.18 -102.61
CA ASN HA 88 40.01 -81.60 -102.48
C ASN HA 88 38.65 -81.93 -103.09
N LEU HA 89 38.39 -81.39 -104.28
CA LEU HA 89 37.07 -81.53 -104.89
C LEU HA 89 36.77 -82.98 -105.27
N ALA HA 90 37.78 -83.70 -105.77
CA ALA HA 90 37.55 -85.09 -106.17
C ALA HA 90 37.18 -85.95 -104.97
N THR HA 91 37.89 -85.77 -103.87
CA THR HA 91 37.57 -86.52 -102.66
C THR HA 91 36.24 -86.09 -102.07
N LEU HA 92 35.88 -84.80 -102.18
CA LEU HA 92 34.56 -84.37 -101.74
C LEU HA 92 33.46 -85.02 -102.57
N LYS HA 93 33.69 -85.17 -103.87
CA LYS HA 93 32.72 -85.84 -104.73
C LYS HA 93 32.60 -87.32 -104.35
N ALA HA 94 33.73 -87.97 -104.05
CA ALA HA 94 33.68 -89.35 -103.59
C ALA HA 94 32.91 -89.46 -102.27
N GLU HA 95 33.13 -88.50 -101.36
CA GLU HA 95 32.38 -88.47 -100.11
C GLU HA 95 30.89 -88.30 -100.38
N TRP HA 96 30.54 -87.46 -101.35
CA TRP HA 96 29.14 -87.24 -101.69
C TRP HA 96 28.50 -88.53 -102.22
N GLU HA 97 29.23 -89.25 -103.07
CA GLU HA 97 28.72 -90.53 -103.57
C GLU HA 97 28.51 -91.53 -102.44
N THR HA 98 29.48 -91.63 -101.54
CA THR HA 98 29.35 -92.56 -100.41
C THR HA 98 28.19 -92.16 -99.50
N HIS HA 99 28.01 -90.85 -99.29
CA HIS HA 99 26.91 -90.37 -98.47
C HIS HA 99 25.57 -90.71 -99.12
N LYS HA 100 25.47 -90.54 -100.44
CA LYS HA 100 24.26 -90.95 -101.16
C LYS HA 100 23.99 -92.43 -100.93
N ARG HA 101 25.03 -93.27 -101.07
CA ARG HA 101 24.85 -94.70 -100.90
C ARG HA 101 24.36 -95.05 -99.50
N ASN HA 102 24.97 -94.44 -98.48
CA ASN HA 102 24.60 -94.74 -97.10
C ASN HA 102 23.19 -94.28 -96.79
N VAL HA 103 22.84 -93.05 -97.19
CA VAL HA 103 21.50 -92.54 -96.92
C VAL HA 103 20.46 -93.36 -97.67
N ASP HA 104 20.78 -93.81 -98.88
CA ASP HA 104 19.87 -94.70 -99.60
C ASP HA 104 19.67 -96.00 -98.86
N THR HA 105 20.76 -96.58 -98.35
CA THR HA 105 20.66 -97.83 -97.61
C THR HA 105 19.77 -97.67 -96.40
N LEU HA 106 19.91 -96.57 -95.66
CA LEU HA 106 19.07 -96.38 -94.47
C LEU HA 106 17.62 -96.01 -94.80
N PHE HA 107 17.41 -95.15 -95.80
CA PHE HA 107 16.12 -94.51 -96.03
C PHE HA 107 15.36 -95.11 -97.21
N ALA HA 108 15.98 -95.16 -98.38
CA ALA HA 108 15.28 -95.61 -99.57
C ALA HA 108 14.96 -97.11 -99.50
N SER HA 109 15.93 -97.91 -99.08
CA SER HA 109 15.75 -99.36 -98.97
C SER HA 109 15.44 -99.80 -97.54
N GLY HA 110 15.41 -98.89 -96.58
CA GLY HA 110 15.12 -99.22 -95.21
C GLY HA 110 13.77 -98.66 -94.76
N ASN HA 111 13.61 -98.58 -93.45
CA ASN HA 111 12.40 -98.05 -92.83
C ASN HA 111 12.68 -96.79 -92.00
N ALA HA 112 13.77 -96.08 -92.33
CA ALA HA 112 14.11 -94.88 -91.59
C ALA HA 112 13.09 -93.78 -91.82
N GLY HA 113 12.42 -93.78 -92.97
CA GLY HA 113 11.42 -92.75 -93.23
C GLY HA 113 10.19 -92.91 -92.37
N LEU HA 114 10.00 -94.09 -91.79
CA LEU HA 114 8.86 -94.32 -90.91
C LEU HA 114 9.28 -94.17 -89.45
N GLY HA 115 10.52 -93.78 -89.22
CA GLY HA 115 11.00 -93.61 -87.86
C GLY HA 115 11.61 -94.85 -87.26
N PHE HA 116 12.55 -95.47 -87.95
CA PHE HA 116 13.19 -96.70 -87.49
C PHE HA 116 14.69 -96.62 -87.73
N LEU HA 117 15.45 -97.35 -86.92
CA LEU HA 117 16.89 -97.47 -87.08
C LEU HA 117 17.26 -98.95 -87.14
N ASP HA 118 18.13 -99.29 -88.08
CA ASP HA 118 18.57 -100.67 -88.24
C ASP HA 118 20.06 -100.75 -87.95
N PRO HA 119 20.47 -101.22 -86.76
CA PRO HA 119 21.91 -101.37 -86.49
C PRO HA 119 22.61 -102.40 -87.37
N THR HA 120 21.86 -103.29 -87.99
CA THR HA 120 22.43 -104.34 -88.84
C THR HA 120 22.73 -103.84 -90.25
N ALA HA 121 22.24 -102.66 -90.61
CA ALA HA 121 22.41 -102.15 -91.97
C ALA HA 121 23.89 -102.01 -92.31
N ALA HA 122 24.22 -102.30 -93.58
CA ALA HA 122 25.61 -102.33 -94.05
C ALA HA 122 25.99 -100.93 -94.53
N ILE HA 123 26.56 -100.16 -93.63
CA ILE HA 123 27.09 -98.83 -93.94
C ILE HA 123 28.56 -98.99 -94.32
N VAL HA 124 28.98 -98.28 -95.36
CA VAL HA 124 30.34 -98.40 -95.88
C VAL HA 124 30.99 -97.02 -95.93
N SER HA 125 32.32 -97.02 -95.93
CA SER HA 125 33.09 -95.80 -95.99
C SER HA 125 33.55 -95.51 -97.42
N SER HA 126 34.10 -94.32 -97.61
CA SER HA 126 34.55 -93.92 -98.94
C SER HA 126 35.85 -94.61 -99.35
N ASP HA 127 36.67 -95.02 -98.39
CA ASP HA 127 37.92 -95.69 -98.72
C ASP HA 127 37.66 -97.07 -99.28
N THR HA 128 38.59 -97.54 -100.10
CA THR HA 128 38.49 -98.84 -100.74
C THR HA 128 39.59 -99.77 -100.23
N THR HA 129 39.37 -101.07 -100.41
CA THR HA 129 40.33 -102.08 -99.97
C THR HA 129 41.27 -102.45 -101.11
N ALA IA 1 49.11 -68.97 -123.70
CA ALA IA 1 47.75 -69.30 -123.31
C ALA IA 1 47.55 -69.16 -121.81
N ASN IA 2 47.19 -67.96 -121.38
CA ASN IA 2 46.99 -67.70 -119.96
C ASN IA 2 45.69 -68.31 -119.47
N LYS IA 3 45.67 -68.68 -118.19
CA LYS IA 3 44.48 -69.30 -117.62
C LYS IA 3 43.36 -68.29 -117.47
N PRO IA 4 42.17 -68.56 -117.98
CA PRO IA 4 41.06 -67.62 -117.83
C PRO IA 4 40.43 -67.69 -116.45
N MET IA 5 39.67 -66.65 -116.11
CA MET IA 5 38.89 -66.61 -114.87
C MET IA 5 37.40 -66.59 -115.19
N GLN IA 6 36.62 -66.94 -114.17
CA GLN IA 6 35.17 -66.83 -114.17
C GLN IA 6 34.71 -65.99 -112.98
N PRO IA 7 33.66 -65.19 -113.12
CA PRO IA 7 33.25 -64.31 -112.02
C PRO IA 7 32.73 -65.11 -110.84
N ILE IA 8 33.00 -64.61 -109.63
CA ILE IA 8 32.54 -65.21 -108.39
C ILE IA 8 31.39 -64.42 -107.80
N THR IA 9 31.61 -63.15 -107.49
CA THR IA 9 30.57 -62.26 -107.00
C THR IA 9 30.24 -61.22 -108.06
N SER IA 10 28.95 -61.16 -108.41
CA SER IA 10 28.52 -60.33 -109.52
C SER IA 10 27.58 -59.24 -109.02
N THR IA 11 28.09 -58.02 -108.97
CA THR IA 11 27.28 -56.83 -108.71
C THR IA 11 27.66 -55.78 -109.74
N ALA IA 12 26.68 -54.98 -110.15
CA ALA IA 12 26.94 -53.92 -111.13
C ALA IA 12 27.92 -52.90 -110.57
N ASN IA 13 27.98 -52.77 -109.25
CA ASN IA 13 28.97 -51.88 -108.64
C ASN IA 13 30.37 -52.47 -108.69
N LYS IA 14 30.52 -53.78 -108.45
CA LYS IA 14 31.83 -54.42 -108.48
C LYS IA 14 31.68 -55.89 -108.82
N ILE IA 15 32.61 -56.41 -109.61
CA ILE IA 15 32.68 -57.81 -109.97
C ILE IA 15 34.08 -58.32 -109.68
N VAL IA 16 34.16 -59.49 -109.04
CA VAL IA 16 35.44 -60.10 -108.70
C VAL IA 16 35.61 -61.36 -109.54
N TRP IA 17 36.80 -61.55 -110.08
CA TRP IA 17 37.15 -62.75 -110.82
C TRP IA 17 38.04 -63.63 -109.95
N SER IA 18 38.04 -64.93 -110.24
CA SER IA 18 38.86 -65.87 -109.50
C SER IA 18 39.18 -67.07 -110.38
N ASP IA 19 40.38 -67.61 -110.20
CA ASP IA 19 40.83 -68.75 -111.00
C ASP IA 19 40.30 -70.04 -110.39
N PRO IA 20 39.58 -70.87 -111.14
CA PRO IA 20 39.10 -72.14 -110.58
C PRO IA 20 40.20 -73.02 -110.04
N THR IA 21 41.38 -73.01 -110.65
CA THR IA 21 42.50 -73.80 -110.17
C THR IA 21 43.19 -73.20 -108.95
N ARG IA 22 43.22 -71.86 -108.83
CA ARG IA 22 43.83 -71.19 -107.69
C ARG IA 22 42.88 -70.09 -107.25
N LEU IA 23 42.09 -70.36 -106.20
CA LEU IA 23 41.10 -69.40 -105.75
C LEU IA 23 41.73 -68.16 -105.11
N SER IA 24 43.03 -68.19 -104.83
CA SER IA 24 43.69 -67.03 -104.25
C SER IA 24 44.00 -65.94 -105.27
N THR IA 25 43.95 -66.26 -106.56
CA THR IA 25 44.20 -65.29 -107.62
C THR IA 25 42.89 -64.61 -107.96
N THR IA 26 42.80 -63.31 -107.66
CA THR IA 26 41.56 -62.55 -107.85
C THR IA 26 41.84 -61.26 -108.60
N PHE IA 27 40.84 -60.83 -109.37
CA PHE IA 27 40.88 -59.56 -110.08
C PHE IA 27 39.52 -58.90 -109.93
N SER IA 28 39.49 -57.73 -109.32
CA SER IA 28 38.25 -57.05 -109.00
C SER IA 28 38.20 -55.68 -109.66
N ALA IA 29 37.04 -55.35 -110.22
CA ALA IA 29 36.81 -54.04 -110.84
C ALA IA 29 35.57 -53.43 -110.21
N SER IA 30 35.71 -52.23 -109.67
CA SER IA 30 34.63 -51.52 -109.00
C SER IA 30 34.48 -50.15 -109.64
N LEU IA 31 33.25 -49.78 -109.98
CA LEU IA 31 32.95 -48.50 -110.59
C LEU IA 31 32.02 -47.70 -109.70
N LEU IA 32 32.41 -46.46 -109.40
CA LEU IA 32 31.57 -45.53 -108.66
C LEU IA 32 31.30 -44.32 -109.54
N ARG IA 33 30.03 -44.05 -109.81
CA ARG IA 33 29.63 -42.99 -110.72
C ARG IA 33 28.88 -41.91 -109.94
N GLN IA 34 29.28 -40.66 -110.15
CA GLN IA 34 28.66 -39.52 -109.49
C GLN IA 34 28.49 -38.40 -110.53
N ARG IA 35 27.46 -37.60 -110.36
CA ARG IA 35 27.15 -36.51 -111.28
C ARG IA 35 27.72 -35.22 -110.70
N VAL IA 36 29.02 -35.01 -110.89
CA VAL IA 36 29.69 -33.81 -110.41
C VAL IA 36 29.77 -32.80 -111.54
N LYS IA 37 29.02 -31.71 -111.41
CA LYS IA 37 28.94 -30.74 -112.49
C LYS IA 37 29.85 -29.55 -112.22
N VAL IA 38 30.64 -29.19 -113.24
CA VAL IA 38 31.42 -27.96 -113.22
C VAL IA 38 30.49 -26.81 -113.60
N GLY IA 39 30.96 -25.58 -113.44
CA GLY IA 39 30.14 -24.41 -113.71
C GLY IA 39 29.50 -24.42 -115.09
N ILE IA 40 28.19 -24.14 -115.12
CA ILE IA 40 27.36 -24.04 -116.32
C ILE IA 40 27.58 -25.22 -117.27
N ALA IA 41 27.90 -26.38 -116.73
CA ALA IA 41 28.09 -27.58 -117.54
C ALA IA 41 27.70 -28.80 -116.71
N GLU IA 42 27.39 -29.88 -117.42
CA GLU IA 42 27.02 -31.16 -116.81
C GLU IA 42 28.06 -32.20 -117.19
N LEU IA 43 28.62 -32.88 -116.20
CA LEU IA 43 29.64 -33.89 -116.43
C LEU IA 43 29.39 -35.08 -115.50
N ASN IA 44 29.47 -36.29 -116.06
CA ASN IA 44 29.34 -37.52 -115.30
C ASN IA 44 30.70 -38.22 -115.28
N ASN IA 45 31.30 -38.32 -114.09
CA ASN IA 45 32.60 -38.96 -113.93
C ASN IA 45 32.43 -40.36 -113.37
N VAL IA 46 33.32 -41.26 -113.77
CA VAL IA 46 33.29 -42.66 -113.37
C VAL IA 46 34.65 -42.98 -112.76
N SER IA 47 34.69 -43.10 -111.44
CA SER IA 47 35.91 -43.50 -110.73
C SER IA 47 36.03 -45.02 -110.77
N GLY IA 48 37.05 -45.52 -111.47
CA GLY IA 48 37.20 -46.95 -111.63
C GLY IA 48 38.39 -47.52 -110.89
N GLN IA 49 38.14 -48.46 -109.99
CA GLN IA 49 39.18 -49.08 -109.18
C GLN IA 49 39.33 -50.53 -109.60
N TYR IA 50 40.56 -50.92 -109.94
CA TYR IA 50 40.88 -52.27 -110.39
C TYR IA 50 41.98 -52.83 -109.49
N VAL IA 51 41.70 -53.96 -108.86
CA VAL IA 51 42.63 -54.58 -107.92
C VAL IA 51 42.98 -55.97 -108.41
N SER IA 52 44.27 -56.26 -108.52
CA SER IA 52 44.77 -57.58 -108.87
C SER IA 52 45.56 -58.13 -107.69
N VAL IA 53 45.15 -59.30 -107.20
CA VAL IA 53 45.74 -59.90 -106.00
C VAL IA 53 46.26 -61.27 -106.36
N TYR IA 54 47.52 -61.53 -106.05
CA TYR IA 54 48.14 -62.83 -106.23
C TYR IA 54 48.97 -63.15 -105.00
N LYS IA 55 48.93 -64.41 -104.57
CA LYS IA 55 49.70 -64.87 -103.42
C LYS IA 55 50.77 -65.83 -103.91
N ARG IA 56 52.02 -65.37 -103.90
CA ARG IA 56 53.13 -66.11 -104.46
C ARG IA 56 54.06 -66.57 -103.34
N PRO IA 57 54.48 -67.83 -103.34
CA PRO IA 57 55.38 -68.30 -102.28
C PRO IA 57 56.72 -67.59 -102.33
N ALA IA 58 57.33 -67.46 -101.14
CA ALA IA 58 58.62 -66.80 -101.04
C ALA IA 58 59.66 -67.59 -101.83
N PRO IA 59 60.67 -66.91 -102.39
CA PRO IA 59 61.64 -67.62 -103.24
C PRO IA 59 62.43 -68.69 -102.51
N LYS IA 60 62.65 -69.82 -103.17
CA LYS IA 60 63.44 -70.91 -102.63
C LYS IA 60 64.91 -70.53 -102.61
N PRO IA 61 65.71 -71.09 -101.70
CA PRO IA 61 67.16 -70.82 -101.72
C PRO IA 61 67.79 -71.25 -103.04
N GLU IA 62 68.77 -70.47 -103.50
CA GLU IA 62 69.30 -70.65 -104.85
C GLU IA 62 69.93 -72.03 -105.03
N GLY IA 63 70.70 -72.49 -104.05
CA GLY IA 63 71.33 -73.79 -104.15
C GLY IA 63 70.48 -74.89 -103.55
N CYS IA 64 69.27 -75.08 -104.07
CA CYS IA 64 68.34 -76.08 -103.56
C CYS IA 64 67.80 -76.92 -104.70
N ALA IA 65 67.71 -78.22 -104.47
CA ALA IA 65 67.12 -79.15 -105.43
C ALA IA 65 66.09 -80.08 -104.80
N ASP IA 66 65.59 -79.76 -103.61
CA ASP IA 66 64.65 -80.64 -102.92
C ASP IA 66 63.34 -80.71 -103.68
N ALA IA 67 62.68 -81.86 -103.59
CA ALA IA 67 61.45 -82.12 -104.34
C ALA IA 67 60.34 -81.14 -103.96
N CYS IA 68 59.88 -81.19 -102.72
CA CYS IA 68 58.79 -80.34 -102.27
C CYS IA 68 59.12 -79.73 -100.92
N VAL IA 69 59.40 -78.43 -100.91
CA VAL IA 69 59.51 -77.65 -99.69
C VAL IA 69 58.66 -76.41 -99.87
N ILE IA 70 57.57 -76.31 -99.12
CA ILE IA 70 56.56 -75.29 -99.35
C ILE IA 70 56.78 -74.16 -98.33
N MET IA 71 56.82 -72.93 -98.83
CA MET IA 71 57.03 -71.74 -98.02
C MET IA 71 55.76 -70.90 -97.99
N PRO IA 72 55.52 -70.13 -96.93
CA PRO IA 72 54.29 -69.36 -96.84
C PRO IA 72 54.22 -68.28 -97.92
N ASN IA 73 53.00 -67.94 -98.29
CA ASN IA 73 52.74 -67.04 -99.39
C ASN IA 73 52.91 -65.58 -98.96
N GLU IA 74 53.24 -64.74 -99.94
CA GLU IA 74 53.35 -63.31 -99.73
C GLU IA 74 52.31 -62.62 -100.59
N ASN IA 75 51.84 -61.45 -100.16
CA ASN IA 75 50.76 -60.77 -100.85
C ASN IA 75 51.33 -59.87 -101.94
N GLN IA 76 50.87 -60.08 -103.17
CA GLN IA 76 51.22 -59.24 -104.31
C GLN IA 76 49.95 -58.58 -104.81
N SER IA 77 49.89 -57.25 -104.73
CA SER IA 77 48.71 -56.50 -105.10
C SER IA 77 49.08 -55.32 -105.98
N ILE IA 78 48.32 -55.12 -107.05
CA ILE IA 78 48.45 -53.97 -107.93
C ILE IA 78 47.08 -53.34 -108.06
N ARG IA 79 46.98 -52.05 -107.72
CA ARG IA 79 45.71 -51.35 -107.64
C ARG IA 79 45.78 -50.07 -108.47
N THR IA 80 44.81 -49.89 -109.36
CA THR IA 80 44.73 -48.72 -110.22
C THR IA 80 43.37 -48.05 -110.07
N VAL IA 81 43.38 -46.73 -109.97
CA VAL IA 81 42.16 -45.94 -109.87
C VAL IA 81 42.16 -44.93 -111.02
N ILE IA 82 41.11 -44.95 -111.82
CA ILE IA 82 40.97 -44.05 -112.97
C ILE IA 82 39.74 -43.18 -112.73
N SER IA 83 39.93 -41.87 -112.75
CA SER IA 83 38.86 -40.90 -112.52
C SER IA 83 38.81 -39.93 -113.67
N GLY IA 84 37.61 -39.71 -114.21
CA GLY IA 84 37.43 -38.77 -115.31
C GLY IA 84 36.02 -38.75 -115.83
N SER IA 85 35.64 -37.67 -116.49
CA SER IA 85 34.29 -37.55 -117.03
C SER IA 85 34.11 -38.49 -118.22
N ALA IA 86 32.87 -38.93 -118.43
CA ALA IA 86 32.57 -39.81 -119.55
C ALA IA 86 32.71 -39.07 -120.88
N GLU IA 87 32.59 -37.74 -120.86
CA GLU IA 87 32.69 -36.96 -122.10
C GLU IA 87 34.11 -36.99 -122.66
N ASN IA 88 35.11 -37.16 -121.78
CA ASN IA 88 36.51 -37.12 -122.17
C ASN IA 88 37.14 -38.51 -122.20
N LEU IA 89 36.40 -39.52 -122.68
CA LEU IA 89 36.88 -40.89 -122.60
C LEU IA 89 38.10 -41.11 -123.49
N ALA IA 90 38.13 -40.51 -124.68
CA ALA IA 90 39.27 -40.70 -125.57
C ALA IA 90 40.54 -40.11 -124.97
N THR IA 91 40.44 -38.90 -124.42
CA THR IA 91 41.59 -38.29 -123.76
C THR IA 91 42.01 -39.07 -122.52
N LEU IA 92 41.04 -39.63 -121.79
CA LEU IA 92 41.37 -40.48 -120.65
C LEU IA 92 42.12 -41.73 -121.09
N LYS IA 93 41.74 -42.30 -122.23
CA LYS IA 93 42.46 -43.46 -122.76
C LYS IA 93 43.87 -43.09 -123.17
N ALA IA 94 44.05 -41.91 -123.78
CA ALA IA 94 45.39 -41.45 -124.12
C ALA IA 94 46.22 -41.25 -122.85
N GLU IA 95 45.63 -40.68 -121.81
CA GLU IA 95 46.32 -40.52 -120.54
C GLU IA 95 46.69 -41.88 -119.96
N TRP IA 96 45.82 -42.87 -120.11
CA TRP IA 96 46.11 -44.21 -119.62
C TRP IA 96 47.29 -44.83 -120.36
N GLU IA 97 47.35 -44.62 -121.68
CA GLU IA 97 48.49 -45.12 -122.44
C GLU IA 97 49.80 -44.45 -121.99
N THR IA 98 49.76 -43.13 -121.79
CA THR IA 98 50.95 -42.44 -121.31
C THR IA 98 51.35 -42.92 -119.92
N HIS IA 99 50.36 -43.16 -119.06
CA HIS IA 99 50.64 -43.68 -117.72
C HIS IA 99 51.27 -45.05 -117.80
N LYS IA 100 50.77 -45.92 -118.69
CA LYS IA 100 51.42 -47.20 -118.93
C LYS IA 100 52.88 -47.02 -119.29
N ARG IA 101 53.16 -46.13 -120.25
CA ARG IA 101 54.53 -45.96 -120.71
C ARG IA 101 55.43 -45.47 -119.58
N ASN IA 102 54.94 -44.50 -118.80
CA ASN IA 102 55.75 -43.94 -117.71
C ASN IA 102 56.02 -44.97 -116.61
N VAL IA 103 54.98 -45.70 -116.20
CA VAL IA 103 55.15 -46.70 -115.15
C VAL IA 103 56.06 -47.83 -115.64
N ASP IA 104 55.94 -48.19 -116.92
CA ASP IA 104 56.85 -49.20 -117.46
C ASP IA 104 58.28 -48.71 -117.44
N THR IA 105 58.51 -47.45 -117.81
CA THR IA 105 59.86 -46.89 -117.79
C THR IA 105 60.45 -46.92 -116.39
N LEU IA 106 59.65 -46.55 -115.38
CA LEU IA 106 60.16 -46.51 -114.02
C LEU IA 106 60.34 -47.90 -113.40
N PHE IA 107 59.41 -48.82 -113.67
CA PHE IA 107 59.31 -50.08 -112.96
C PHE IA 107 59.82 -51.27 -113.77
N ALA IA 108 59.28 -51.46 -114.98
CA ALA IA 108 59.62 -52.64 -115.76
C ALA IA 108 61.09 -52.63 -116.18
N SER IA 109 61.59 -51.46 -116.58
CA SER IA 109 62.97 -51.34 -117.03
C SER IA 109 63.86 -50.63 -116.02
N GLY IA 110 63.32 -50.15 -114.90
CA GLY IA 110 64.09 -49.44 -113.91
C GLY IA 110 64.36 -50.29 -112.67
N ASN IA 111 64.59 -49.59 -111.55
CA ASN IA 111 64.86 -50.23 -110.27
C ASN IA 111 63.84 -49.82 -109.20
N ALA IA 112 62.71 -49.25 -109.62
CA ALA IA 112 61.68 -48.86 -108.66
C ALA IA 112 61.12 -50.06 -107.92
N GLY IA 113 61.14 -51.24 -108.56
CA GLY IA 113 60.73 -52.45 -107.87
C GLY IA 113 61.62 -52.81 -106.70
N LEU IA 114 62.93 -52.59 -106.83
CA LEU IA 114 63.86 -52.79 -105.74
C LEU IA 114 63.86 -51.63 -104.76
N GLY IA 115 63.42 -50.45 -105.19
CA GLY IA 115 63.35 -49.31 -104.29
C GLY IA 115 64.29 -48.17 -104.62
N PHE IA 116 64.73 -48.06 -105.86
CA PHE IA 116 65.61 -46.97 -106.28
C PHE IA 116 64.88 -46.11 -107.32
N LEU IA 117 64.90 -44.80 -107.11
CA LEU IA 117 64.32 -43.84 -108.04
C LEU IA 117 65.44 -43.14 -108.81
N ASP IA 118 65.28 -43.08 -110.13
CA ASP IA 118 66.27 -42.41 -110.98
C ASP IA 118 65.68 -41.10 -111.46
N PRO IA 119 66.19 -39.96 -111.01
CA PRO IA 119 65.65 -38.66 -111.49
C PRO IA 119 66.00 -38.37 -112.95
N THR IA 120 66.77 -39.22 -113.61
CA THR IA 120 67.14 -39.04 -115.01
C THR IA 120 66.30 -39.90 -115.95
N ALA IA 121 65.22 -40.51 -115.45
CA ALA IA 121 64.37 -41.34 -116.29
C ALA IA 121 63.69 -40.51 -117.37
N ALA IA 122 63.52 -41.11 -118.54
CA ALA IA 122 62.92 -40.44 -119.69
C ALA IA 122 61.40 -40.55 -119.58
N ILE IA 123 60.81 -39.66 -118.79
CA ILE IA 123 59.37 -39.64 -118.59
C ILE IA 123 58.77 -38.65 -119.59
N VAL IA 124 57.69 -39.06 -120.27
CA VAL IA 124 57.10 -38.29 -121.34
C VAL IA 124 55.65 -37.99 -121.02
N SER IA 125 55.12 -36.94 -121.65
CA SER IA 125 53.74 -36.54 -121.46
C SER IA 125 52.86 -37.06 -122.60
N SER IA 126 51.54 -36.90 -122.42
CA SER IA 126 50.60 -37.41 -123.40
C SER IA 126 50.56 -36.56 -124.67
N ASP IA 127 50.69 -35.25 -124.56
CA ASP IA 127 50.61 -34.38 -125.72
C ASP IA 127 51.80 -34.61 -126.65
N THR IA 128 51.55 -34.45 -127.94
CA THR IA 128 52.56 -34.66 -128.97
C THR IA 128 52.96 -33.33 -129.60
N THR IA 129 54.20 -33.27 -130.04
CA THR IA 129 54.74 -32.06 -130.65
C THR IA 129 54.08 -31.79 -132.00
N ALA JA 1 17.59 -50.09 -136.69
CA ALA JA 1 18.71 -50.47 -135.85
C ALA JA 1 18.80 -49.57 -134.63
N ASN JA 2 18.06 -49.91 -133.59
CA ASN JA 2 18.07 -49.12 -132.37
C ASN JA 2 19.34 -49.38 -131.57
N LYS JA 3 19.75 -48.39 -130.78
CA LYS JA 3 20.96 -48.51 -129.99
C LYS JA 3 20.72 -49.41 -128.79
N PRO JA 4 21.49 -50.48 -128.62
CA PRO JA 4 21.32 -51.34 -127.44
C PRO JA 4 21.79 -50.65 -126.17
N MET JA 5 21.27 -51.12 -125.04
CA MET JA 5 21.67 -50.63 -123.73
C MET JA 5 22.37 -51.74 -122.95
N GLN JA 6 23.08 -51.35 -121.90
CA GLN JA 6 23.74 -52.26 -120.98
C GLN JA 6 23.32 -51.95 -119.54
N PRO JA 7 23.32 -52.95 -118.65
CA PRO JA 7 22.86 -52.71 -117.27
C PRO JA 7 23.85 -51.90 -116.45
N ILE JA 8 23.37 -50.83 -115.82
CA ILE JA 8 24.20 -50.06 -114.91
C ILE JA 8 24.02 -50.47 -113.45
N THR JA 9 22.85 -51.01 -113.10
CA THR JA 9 22.59 -51.47 -111.73
C THR JA 9 21.85 -52.79 -111.82
N SER JA 10 22.47 -53.85 -111.28
CA SER JA 10 21.90 -55.19 -111.32
C SER JA 10 21.64 -55.66 -109.91
N THR JA 11 20.40 -56.06 -109.64
CA THR JA 11 19.99 -56.56 -108.34
C THR JA 11 18.94 -57.65 -108.55
N ALA JA 12 18.76 -58.48 -107.52
CA ALA JA 12 17.80 -59.57 -107.60
C ALA JA 12 16.38 -59.06 -107.79
N ASN JA 13 16.12 -57.79 -107.44
CA ASN JA 13 14.79 -57.22 -107.54
C ASN JA 13 14.70 -56.02 -108.46
N LYS JA 14 15.80 -55.57 -109.05
CA LYS JA 14 15.78 -54.38 -109.89
C LYS JA 14 16.98 -54.39 -110.83
N ILE JA 15 16.74 -54.14 -112.11
CA ILE JA 15 17.80 -53.98 -113.10
C ILE JA 15 17.54 -52.69 -113.86
N VAL JA 16 18.58 -51.87 -114.01
CA VAL JA 16 18.49 -50.59 -114.69
C VAL JA 16 19.46 -50.59 -115.87
N TRP JA 17 18.95 -50.26 -117.05
CA TRP JA 17 19.75 -50.15 -118.26
C TRP JA 17 20.04 -48.69 -118.56
N SER JA 18 21.03 -48.46 -119.42
CA SER JA 18 21.38 -47.10 -119.83
C SER JA 18 22.14 -47.15 -121.15
N ASP JA 19 21.85 -46.19 -122.02
CA ASP JA 19 22.56 -46.11 -123.29
C ASP JA 19 23.97 -45.61 -123.08
N PRO JA 20 24.98 -46.30 -123.64
CA PRO JA 20 26.36 -45.80 -123.50
C PRO JA 20 26.56 -44.41 -124.05
N THR JA 21 25.89 -44.07 -125.15
CA THR JA 21 26.06 -42.75 -125.74
C THR JA 21 25.42 -41.67 -124.89
N ARG JA 22 24.20 -41.91 -124.41
CA ARG JA 22 23.48 -40.95 -123.56
C ARG JA 22 23.12 -41.64 -122.26
N LEU JA 23 23.75 -41.19 -121.16
CA LEU JA 23 23.52 -41.82 -119.86
C LEU JA 23 22.18 -41.39 -119.27
N SER JA 24 21.58 -40.33 -119.83
CA SER JA 24 20.32 -39.82 -119.31
C SER JA 24 19.17 -40.78 -119.60
N THR JA 25 19.27 -41.52 -120.71
CA THR JA 25 18.21 -42.43 -121.12
C THR JA 25 18.38 -43.76 -120.40
N THR JA 26 17.47 -44.07 -119.48
CA THR JA 26 17.54 -45.29 -118.70
C THR JA 26 16.22 -46.02 -118.75
N PHE JA 27 16.28 -47.34 -118.55
CA PHE JA 27 15.11 -48.20 -118.50
C PHE JA 27 15.25 -49.14 -117.31
N SER JA 28 14.28 -49.10 -116.41
CA SER JA 28 14.35 -49.84 -115.16
C SER JA 28 13.16 -50.78 -115.03
N ALA JA 29 13.42 -51.96 -114.46
CA ALA JA 29 12.39 -52.96 -114.20
C ALA JA 29 12.55 -53.47 -112.78
N SER JA 30 11.48 -53.38 -111.99
CA SER JA 30 11.48 -53.81 -110.60
C SER JA 30 10.32 -54.76 -110.37
N LEU JA 31 10.61 -55.90 -109.76
CA LEU JA 31 9.60 -56.92 -109.49
C LEU JA 31 9.43 -57.09 -107.98
N LEU JA 32 8.18 -57.10 -107.53
CA LEU JA 32 7.83 -57.34 -106.14
C LEU JA 32 6.96 -58.58 -106.07
N ARG JA 33 7.41 -59.57 -105.30
CA ARG JA 33 6.77 -60.87 -105.24
C ARG JA 33 6.20 -61.11 -103.84
N GLN JA 34 4.89 -61.34 -103.77
CA GLN JA 34 4.22 -61.63 -102.51
C GLN JA 34 3.25 -62.77 -102.71
N ARG JA 35 2.95 -63.46 -101.62
CA ARG JA 35 1.89 -64.48 -101.62
C ARG JA 35 0.57 -63.83 -101.21
N VAL JA 36 -0.46 -64.05 -102.02
CA VAL JA 36 -1.78 -63.45 -101.80
C VAL JA 36 -2.70 -64.53 -101.25
N LYS JA 37 -3.32 -64.24 -100.12
CA LYS JA 37 -4.25 -65.15 -99.47
C LYS JA 37 -5.64 -64.92 -100.04
N VAL JA 38 -6.09 -65.84 -100.89
CA VAL JA 38 -7.43 -65.83 -101.45
C VAL JA 38 -8.13 -67.10 -100.98
N GLY JA 39 -9.40 -66.95 -100.60
CA GLY JA 39 -10.19 -68.03 -100.03
C GLY JA 39 -9.97 -69.39 -100.69
N ILE JA 40 -9.71 -70.40 -99.86
CA ILE JA 40 -9.40 -71.77 -100.26
C ILE JA 40 -8.46 -71.80 -101.46
N ALA JA 41 -7.44 -70.93 -101.43
CA ALA JA 41 -6.44 -70.90 -102.50
C ALA JA 41 -5.17 -70.27 -101.96
N GLU JA 42 -4.04 -70.61 -102.59
CA GLU JA 42 -2.74 -70.02 -102.26
C GLU JA 42 -2.02 -69.70 -103.56
N LEU JA 43 -2.24 -68.49 -104.06
CA LEU JA 43 -1.63 -68.01 -105.29
C LEU JA 43 -0.82 -66.76 -104.99
N ASN JA 44 0.31 -66.63 -105.69
CA ASN JA 44 1.30 -65.60 -105.40
C ASN JA 44 1.35 -64.59 -106.53
N ASN JA 45 1.15 -63.31 -106.18
CA ASN JA 45 1.15 -62.24 -107.17
C ASN JA 45 2.57 -61.75 -107.42
N VAL JA 46 2.81 -61.31 -108.65
CA VAL JA 46 4.08 -60.68 -109.03
C VAL JA 46 3.75 -59.33 -109.65
N SER JA 47 4.25 -58.27 -109.03
CA SER JA 47 3.99 -56.90 -109.49
C SER JA 47 5.26 -56.34 -110.11
N GLY JA 48 5.16 -55.92 -111.36
CA GLY JA 48 6.32 -55.41 -112.06
C GLY JA 48 6.19 -53.97 -112.49
N GLN JA 49 7.20 -53.16 -112.18
CA GLN JA 49 7.20 -51.74 -112.49
C GLN JA 49 8.27 -51.48 -113.54
N TYR JA 50 7.87 -50.88 -114.66
CA TYR JA 50 8.77 -50.56 -115.77
C TYR JA 50 8.76 -49.06 -116.00
N VAL JA 51 9.94 -48.45 -116.01
CA VAL JA 51 10.07 -47.01 -116.15
C VAL JA 51 11.05 -46.71 -117.27
N SER JA 52 10.64 -45.86 -118.21
CA SER JA 52 11.50 -45.38 -119.28
C SER JA 52 11.57 -43.86 -119.22
N VAL JA 53 12.78 -43.32 -119.23
CA VAL JA 53 13.00 -41.88 -119.15
C VAL JA 53 13.91 -41.44 -120.28
N TYR JA 54 13.57 -40.32 -120.90
CA TYR JA 54 14.39 -39.67 -121.91
C TYR JA 54 14.46 -38.18 -121.61
N LYS JA 55 15.67 -37.63 -121.60
CA LYS JA 55 15.87 -36.23 -121.27
C LYS JA 55 15.96 -35.42 -122.57
N ARG JA 56 14.85 -35.41 -123.30
CA ARG JA 56 14.80 -34.78 -124.61
C ARG JA 56 14.96 -33.26 -124.49
N PRO JA 57 15.73 -32.64 -125.38
CA PRO JA 57 15.85 -31.17 -125.34
C PRO JA 57 14.54 -30.47 -125.66
N ALA JA 58 14.41 -29.28 -125.09
CA ALA JA 58 13.26 -28.43 -125.40
C ALA JA 58 13.28 -28.05 -126.89
N PRO JA 59 12.14 -27.73 -127.49
CA PRO JA 59 12.15 -27.49 -128.93
C PRO JA 59 12.85 -26.19 -129.28
N LYS JA 60 13.61 -26.23 -130.37
CA LYS JA 60 14.42 -25.09 -130.79
C LYS JA 60 13.51 -23.94 -131.24
N PRO JA 61 13.90 -22.69 -130.96
CA PRO JA 61 13.12 -21.55 -131.47
C PRO JA 61 13.10 -21.53 -132.99
N GLU JA 62 12.03 -20.98 -133.55
CA GLU JA 62 11.77 -21.03 -134.99
C GLU JA 62 12.50 -19.89 -135.69
N GLY JA 63 13.07 -20.19 -136.86
CA GLY JA 63 13.66 -19.19 -137.71
C GLY JA 63 15.09 -18.82 -137.39
N CYS JA 64 15.66 -19.34 -136.31
CA CYS JA 64 17.03 -19.03 -135.93
C CYS JA 64 17.74 -20.32 -135.55
N ALA JA 65 18.92 -20.53 -136.14
CA ALA JA 65 19.75 -21.71 -135.85
C ALA JA 65 20.98 -21.24 -135.09
N ASP JA 66 20.99 -21.47 -133.77
CA ASP JA 66 22.13 -21.07 -132.97
C ASP JA 66 23.37 -21.88 -133.33
N ALA JA 67 24.53 -21.29 -133.05
CA ALA JA 67 25.79 -21.97 -133.35
C ALA JA 67 25.94 -23.25 -132.52
N CYS JA 68 25.58 -23.18 -131.24
CA CYS JA 68 25.70 -24.33 -130.34
C CYS JA 68 24.41 -24.52 -129.56
N VAL JA 69 24.11 -25.79 -129.28
CA VAL JA 69 22.88 -26.12 -128.55
C VAL JA 69 23.05 -25.79 -127.07
N ILE JA 70 22.11 -25.00 -126.54
CA ILE JA 70 22.13 -24.60 -125.14
C ILE JA 70 20.74 -24.79 -124.56
N MET JA 71 19.92 -25.58 -125.23
CA MET JA 71 18.51 -25.68 -124.89
C MET JA 71 18.35 -26.41 -123.56
N PRO JA 72 17.52 -25.91 -122.65
CA PRO JA 72 17.34 -26.57 -121.35
C PRO JA 72 16.40 -27.76 -121.40
N ASN JA 73 16.96 -28.92 -121.73
CA ASN JA 73 16.21 -30.17 -121.91
C ASN JA 73 15.18 -30.48 -120.82
N GLU JA 74 14.16 -31.25 -121.18
CA GLU JA 74 13.05 -31.57 -120.31
C GLU JA 74 13.08 -33.05 -119.93
N ASN JA 75 12.03 -33.48 -119.24
CA ASN JA 75 11.92 -34.87 -118.77
C ASN JA 75 10.73 -35.53 -119.43
N GLN JA 76 10.95 -36.67 -120.08
CA GLN JA 76 9.88 -37.49 -120.62
C GLN JA 76 9.92 -38.85 -119.92
N SER JA 77 8.81 -39.25 -119.34
CA SER JA 77 8.74 -40.48 -118.54
C SER JA 77 7.53 -41.30 -118.94
N ILE JA 78 7.74 -42.61 -119.04
CA ILE JA 78 6.67 -43.58 -119.26
C ILE JA 78 6.81 -44.67 -118.22
N ARG JA 79 5.79 -44.84 -117.39
CA ARG JA 79 5.82 -45.76 -116.26
C ARG JA 79 4.67 -46.75 -116.38
N THR JA 80 4.99 -48.03 -116.36
CA THR JA 80 4.01 -49.10 -116.51
C THR JA 80 4.13 -50.08 -115.35
N VAL JA 81 3.00 -50.43 -114.76
CA VAL JA 81 2.94 -51.38 -113.65
C VAL JA 81 2.00 -52.51 -114.05
N ILE JA 82 2.50 -53.74 -114.03
CA ILE JA 82 1.74 -54.93 -114.36
C ILE JA 82 1.67 -55.81 -113.12
N SER JA 83 0.46 -56.11 -112.67
CA SER JA 83 0.24 -56.90 -111.46
C SER JA 83 -0.75 -58.02 -111.77
N GLY JA 84 -0.39 -59.23 -111.38
CA GLY JA 84 -1.27 -60.37 -111.58
C GLY JA 84 -0.60 -61.65 -111.15
N SER JA 85 -1.43 -62.65 -110.90
CA SER JA 85 -0.92 -63.94 -110.44
C SER JA 85 -0.17 -64.65 -111.56
N ALA JA 86 0.89 -65.36 -111.19
CA ALA JA 86 1.69 -66.06 -112.19
C ALA JA 86 0.95 -67.28 -112.74
N GLU JA 87 -0.08 -67.74 -112.03
CA GLU JA 87 -0.86 -68.87 -112.51
C GLU JA 87 -1.59 -68.52 -113.80
N ASN JA 88 -2.00 -67.25 -113.94
CA ASN JA 88 -2.74 -66.77 -115.10
C ASN JA 88 -1.88 -65.92 -116.03
N LEU JA 89 -0.63 -66.33 -116.25
CA LEU JA 89 0.31 -65.49 -116.99
C LEU JA 89 -0.13 -65.30 -118.44
N ALA JA 90 -0.67 -66.34 -119.08
CA ALA JA 90 -1.11 -66.20 -120.46
C ALA JA 90 -2.24 -65.19 -120.56
N THR JA 91 -3.19 -65.25 -119.63
CA THR JA 91 -4.25 -64.27 -119.59
C THR JA 91 -3.73 -62.87 -119.31
N LEU JA 92 -2.74 -62.73 -118.43
CA LEU JA 92 -2.14 -61.43 -118.19
C LEU JA 92 -1.48 -60.89 -119.45
N LYS JA 93 -0.87 -61.77 -120.24
CA LYS JA 93 -0.30 -61.34 -121.51
C LYS JA 93 -1.39 -60.87 -122.47
N ALA JA 94 -2.51 -61.58 -122.52
CA ALA JA 94 -3.63 -61.13 -123.35
C ALA JA 94 -4.14 -59.78 -122.89
N GLU JA 95 -4.23 -59.57 -121.57
CA GLU JA 95 -4.63 -58.28 -121.03
C GLU JA 95 -3.63 -57.19 -121.43
N TRP JA 96 -2.34 -57.52 -121.40
CA TRP JA 96 -1.32 -56.56 -121.82
C TRP JA 96 -1.50 -56.17 -123.29
N GLU JA 97 -1.78 -57.16 -124.14
CA GLU JA 97 -2.00 -56.86 -125.56
C GLU JA 97 -3.22 -55.96 -125.75
N THR JA 98 -4.32 -56.27 -125.05
CA THR JA 98 -5.52 -55.44 -125.16
C THR JA 98 -5.26 -54.03 -124.66
N HIS JA 99 -4.52 -53.90 -123.57
CA HIS JA 99 -4.18 -52.58 -123.03
C HIS JA 99 -3.31 -51.80 -124.01
N LYS JA 100 -2.34 -52.46 -124.64
CA LYS JA 100 -1.53 -51.81 -125.66
C LYS JA 100 -2.40 -51.30 -126.78
N ARG JA 101 -3.36 -52.12 -127.23
CA ARG JA 101 -4.25 -51.69 -128.31
C ARG JA 101 -5.08 -50.48 -127.89
N ASN JA 102 -5.60 -50.49 -126.66
CA ASN JA 102 -6.41 -49.37 -126.20
C ASN JA 102 -5.61 -48.08 -126.08
N VAL JA 103 -4.40 -48.17 -125.53
CA VAL JA 103 -3.57 -46.98 -125.40
C VAL JA 103 -3.13 -46.48 -126.78
N ASP JA 104 -2.90 -47.39 -127.72
CA ASP JA 104 -2.61 -46.97 -129.08
C ASP JA 104 -3.79 -46.23 -129.69
N THR JA 105 -5.00 -46.73 -129.44
CA THR JA 105 -6.19 -46.07 -129.95
C THR JA 105 -6.36 -44.67 -129.38
N LEU JA 106 -6.17 -44.53 -128.07
CA LEU JA 106 -6.38 -43.23 -127.43
C LEU JA 106 -5.25 -42.24 -127.73
N PHE JA 107 -4.01 -42.70 -127.70
CA PHE JA 107 -2.82 -41.85 -127.67
C PHE JA 107 -2.03 -41.89 -128.97
N ALA JA 108 -1.64 -43.08 -129.43
CA ALA JA 108 -0.80 -43.18 -130.62
C ALA JA 108 -1.52 -42.67 -131.85
N SER JA 109 -2.80 -43.03 -132.00
CA SER JA 109 -3.59 -42.59 -133.14
C SER JA 109 -4.59 -41.49 -132.79
N GLY JA 110 -4.71 -41.12 -131.53
CA GLY JA 110 -5.62 -40.09 -131.10
C GLY JA 110 -4.90 -38.83 -130.67
N ASN JA 111 -5.68 -37.88 -130.14
CA ASN JA 111 -5.12 -36.61 -129.70
C ASN JA 111 -5.09 -36.53 -128.18
N ALA JA 112 -4.94 -37.68 -127.51
CA ALA JA 112 -4.85 -37.68 -126.05
C ALA JA 112 -3.55 -37.05 -125.59
N GLY JA 113 -2.54 -37.03 -126.46
CA GLY JA 113 -1.27 -36.41 -126.09
C GLY JA 113 -1.40 -34.92 -125.87
N LEU JA 114 -2.22 -34.24 -126.69
CA LEU JA 114 -2.40 -32.81 -126.52
C LEU JA 114 -3.30 -32.49 -125.33
N GLY JA 115 -4.06 -33.48 -124.85
CA GLY JA 115 -4.92 -33.30 -123.70
C GLY JA 115 -6.39 -33.52 -123.94
N PHE JA 116 -6.77 -34.16 -125.03
CA PHE JA 116 -8.18 -34.35 -125.33
C PHE JA 116 -8.57 -35.81 -125.19
N LEU JA 117 -9.61 -36.07 -124.39
CA LEU JA 117 -10.13 -37.42 -124.16
C LEU JA 117 -11.37 -37.60 -125.02
N ASP JA 118 -11.21 -38.35 -126.11
CA ASP JA 118 -12.31 -38.57 -127.04
C ASP JA 118 -13.28 -39.58 -126.45
N PRO JA 119 -14.56 -39.23 -126.27
CA PRO JA 119 -15.50 -40.19 -125.68
C PRO JA 119 -16.04 -41.20 -126.66
N THR JA 120 -15.80 -41.05 -127.96
CA THR JA 120 -16.31 -41.99 -128.95
C THR JA 120 -15.23 -42.96 -129.46
N ALA JA 121 -14.08 -43.02 -128.79
CA ALA JA 121 -13.01 -43.90 -129.25
C ALA JA 121 -13.41 -45.36 -129.12
N ALA JA 122 -12.84 -46.19 -129.98
CA ALA JA 122 -13.18 -47.62 -130.02
C ALA JA 122 -12.28 -48.37 -129.04
N ILE JA 123 -12.78 -48.53 -127.83
CA ILE JA 123 -12.08 -49.30 -126.79
C ILE JA 123 -12.66 -50.70 -126.76
N VAL JA 124 -11.79 -51.70 -126.61
CA VAL JA 124 -12.21 -53.09 -126.63
C VAL JA 124 -11.66 -53.80 -125.40
N SER JA 125 -12.33 -54.90 -125.03
CA SER JA 125 -11.89 -55.72 -123.92
C SER JA 125 -11.10 -56.92 -124.42
N SER JA 126 -10.52 -57.66 -123.48
CA SER JA 126 -9.73 -58.83 -123.84
C SER JA 126 -10.60 -60.00 -124.31
N ASP JA 127 -11.84 -60.07 -123.86
CA ASP JA 127 -12.71 -61.17 -124.25
C ASP JA 127 -13.08 -61.08 -125.72
N THR JA 128 -13.23 -62.23 -126.35
CA THR JA 128 -13.54 -62.33 -127.76
C THR JA 128 -14.90 -63.01 -127.96
N THR JA 129 -15.66 -62.50 -128.91
CA THR JA 129 -16.97 -63.04 -129.22
C THR JA 129 -16.90 -64.02 -130.40
N ALA KA 1 137.48 53.67 -8.81
CA ALA KA 1 137.00 53.60 -7.44
C ALA KA 1 135.49 53.35 -7.41
N ASN KA 2 135.10 52.11 -7.13
CA ASN KA 2 133.69 51.77 -7.08
C ASN KA 2 133.05 52.31 -5.80
N LYS KA 3 131.79 52.71 -5.92
CA LYS KA 3 131.07 53.27 -4.78
C LYS KA 3 130.78 52.17 -3.76
N PRO KA 4 131.18 52.34 -2.50
CA PRO KA 4 130.90 51.31 -1.49
C PRO KA 4 129.40 51.15 -1.26
N MET KA 5 129.00 49.92 -0.92
CA MET KA 5 127.62 49.58 -0.63
C MET KA 5 127.49 49.29 0.86
N GLN KA 6 126.49 49.90 1.50
CA GLN KA 6 126.31 49.74 2.94
C GLN KA 6 125.03 48.98 3.21
N PRO KA 7 125.07 47.96 4.08
CA PRO KA 7 123.90 47.08 4.23
C PRO KA 7 122.70 47.79 4.83
N ILE KA 8 121.51 47.33 4.46
CA ILE KA 8 120.28 47.85 5.00
C ILE KA 8 119.59 46.88 5.95
N THR KA 9 119.67 45.57 5.70
CA THR KA 9 119.11 44.56 6.60
C THR KA 9 120.19 43.53 6.88
N SER KA 10 120.37 43.21 8.16
CA SER KA 10 121.38 42.26 8.59
C SER KA 10 120.72 41.13 9.37
N THR KA 11 121.02 39.90 8.97
CA THR KA 11 120.49 38.71 9.61
C THR KA 11 121.48 37.57 9.39
N ALA KA 12 121.51 36.64 10.33
CA ALA KA 12 122.46 35.52 10.24
C ALA KA 12 122.20 34.66 9.01
N ASN KA 13 121.00 34.78 8.42
CA ASN KA 13 120.64 33.99 7.25
C ASN KA 13 120.56 34.81 5.97
N LYS KA 14 120.59 36.13 6.05
CA LYS KA 14 120.47 36.98 4.87
C LYS KA 14 120.98 38.38 5.19
N ILE KA 15 121.78 38.94 4.29
CA ILE KA 15 122.24 40.32 4.37
C ILE KA 15 122.00 40.98 3.02
N VAL KA 16 121.41 42.17 3.05
CA VAL KA 16 121.09 42.92 1.84
C VAL KA 16 121.88 44.21 1.85
N TRP KA 17 122.60 44.46 0.76
CA TRP KA 17 123.37 45.69 0.57
C TRP KA 17 122.68 46.56 -0.46
N SER KA 18 122.58 47.86 -0.16
CA SER KA 18 121.98 48.81 -1.08
C SER KA 18 122.87 50.04 -1.20
N ASP KA 19 122.95 50.59 -2.40
CA ASP KA 19 123.75 51.79 -2.62
C ASP KA 19 123.05 53.00 -2.00
N PRO KA 20 123.73 53.76 -1.13
CA PRO KA 20 123.05 54.91 -0.51
C PRO KA 20 122.55 55.94 -1.50
N THR KA 21 123.26 56.15 -2.61
CA THR KA 21 122.81 57.09 -3.62
C THR KA 21 121.67 56.55 -4.48
N ARG KA 22 121.63 55.23 -4.70
CA ARG KA 22 120.55 54.62 -5.46
C ARG KA 22 120.10 53.33 -4.78
N LEU KA 23 119.06 53.40 -3.96
CA LEU KA 23 118.61 52.24 -3.19
C LEU KA 23 117.99 51.17 -4.07
N SER KA 24 117.70 51.52 -5.33
CA SER KA 24 117.22 50.52 -6.27
C SER KA 24 118.26 49.46 -6.59
N THR KA 25 119.53 49.74 -6.35
CA THR KA 25 120.59 48.75 -6.54
C THR KA 25 120.74 47.91 -5.29
N THR KA 26 120.53 46.61 -5.41
CA THR KA 26 120.55 45.71 -4.26
C THR KA 26 121.50 44.55 -4.53
N PHE KA 27 122.03 43.99 -3.44
CA PHE KA 27 122.88 42.80 -3.48
C PHE KA 27 122.65 42.01 -2.21
N SER KA 28 122.09 40.80 -2.36
CA SER KA 28 121.68 39.99 -1.22
C SER KA 28 122.38 38.64 -1.25
N ALA KA 29 122.77 38.17 -0.07
CA ALA KA 29 123.40 36.86 0.10
C ALA KA 29 122.63 36.09 1.15
N SER KA 30 122.14 34.90 0.78
CA SER KA 30 121.37 34.06 1.69
C SER KA 30 122.01 32.68 1.72
N LEU KA 31 122.26 32.17 2.93
CA LEU KA 31 122.84 30.86 3.12
C LEU KA 31 121.80 29.91 3.70
N LEU KA 32 121.71 28.71 3.12
CA LEU KA 32 120.85 27.65 3.61
C LEU KA 32 121.69 26.40 3.83
N ARG KA 33 121.62 25.84 5.04
CA ARG KA 33 122.50 24.75 5.44
C ARG KA 33 121.69 23.53 5.84
N GLN KA 34 122.11 22.36 5.34
CA GLN KA 34 121.49 21.09 5.68
C GLN KA 34 122.58 20.06 5.95
N ARG KA 35 122.18 18.94 6.56
CA ARG KA 35 123.06 17.80 6.75
C ARG KA 35 122.64 16.70 5.78
N VAL KA 36 123.60 16.23 4.98
CA VAL KA 36 123.34 15.22 3.95
C VAL KA 36 124.25 14.03 4.21
N LYS KA 37 123.66 12.84 4.23
CA LYS KA 37 124.40 11.60 4.50
C LYS KA 37 124.84 11.00 3.16
N VAL KA 38 125.98 11.48 2.67
CA VAL KA 38 126.52 10.97 1.41
C VAL KA 38 127.32 9.71 1.64
N GLY KA 39 128.34 9.80 2.50
CA GLY KA 39 129.28 8.71 2.71
C GLY KA 39 129.18 8.11 4.09
N ILE KA 40 127.95 7.87 4.55
CA ILE KA 40 127.58 7.42 5.90
C ILE KA 40 128.23 8.34 6.93
N ALA KA 41 128.60 9.54 6.51
CA ALA KA 41 129.08 10.59 7.39
C ALA KA 41 128.31 11.86 7.05
N GLU KA 42 127.83 12.56 8.08
CA GLU KA 42 126.95 13.71 7.89
C GLU KA 42 127.76 14.91 7.41
N LEU KA 43 127.80 15.06 6.08
CA LEU KA 43 128.43 16.23 5.49
C LEU KA 43 127.49 17.42 5.57
N ASN KA 44 128.07 18.61 5.77
CA ASN KA 44 127.28 19.83 5.93
C ASN KA 44 127.43 20.71 4.68
N ASN KA 45 126.43 20.61 3.81
CA ASN KA 45 126.42 21.43 2.61
C ASN KA 45 125.89 22.83 2.90
N VAL KA 46 126.32 23.79 2.08
CA VAL KA 46 125.88 25.17 2.19
C VAL KA 46 125.40 25.63 0.82
N SER KA 47 124.15 26.09 0.75
CA SER KA 47 123.54 26.56 -0.49
C SER KA 47 123.42 28.08 -0.40
N GLY KA 48 124.42 28.78 -0.91
CA GLY KA 48 124.45 30.23 -0.86
C GLY KA 48 123.89 30.83 -2.14
N GLN KA 49 122.92 31.72 -1.97
CA GLN KA 49 122.26 32.39 -3.09
C GLN KA 49 122.68 33.86 -3.10
N TYR KA 50 123.27 34.30 -4.20
CA TYR KA 50 123.73 35.67 -4.37
C TYR KA 50 122.95 36.30 -5.53
N VAL KA 51 122.30 37.43 -5.26
CA VAL KA 51 121.47 38.11 -6.24
C VAL KA 51 121.92 39.56 -6.33
N SER KA 52 122.21 40.01 -7.55
CA SER KA 52 122.55 41.39 -7.82
C SER KA 52 121.52 41.99 -8.77
N VAL KA 53 120.92 43.10 -8.34
CA VAL KA 53 119.84 43.74 -9.08
C VAL KA 53 120.22 45.19 -9.35
N TYR KA 54 120.09 45.61 -10.60
CA TYR KA 54 120.33 46.99 -11.01
C TYR KA 54 119.22 47.42 -11.94
N LYS KA 55 118.33 48.29 -11.46
CA LYS KA 55 117.22 48.79 -12.25
C LYS KA 55 117.77 49.83 -13.22
N ARG KA 56 117.73 49.53 -14.51
CA ARG KA 56 118.37 50.36 -15.52
C ARG KA 56 117.35 51.20 -16.27
N PRO KA 57 117.44 52.53 -16.19
CA PRO KA 57 116.67 53.38 -17.09
C PRO KA 57 117.19 53.24 -18.51
N ALA KA 58 116.36 52.62 -19.37
CA ALA KA 58 116.73 52.40 -20.78
C ALA KA 58 115.61 52.82 -21.71
N PRO KA 59 115.27 54.12 -21.76
CA PRO KA 59 114.48 54.60 -22.90
C PRO KA 59 115.23 54.47 -24.21
N LYS KA 60 116.56 54.59 -24.14
CA LYS KA 60 117.49 54.45 -25.25
C LYS KA 60 117.12 55.35 -26.43
N PRO KA 61 117.13 56.67 -26.26
CA PRO KA 61 116.94 57.56 -27.42
C PRO KA 61 118.21 57.63 -28.24
N GLU KA 62 118.18 57.01 -29.42
CA GLU KA 62 119.38 56.84 -30.22
C GLU KA 62 119.83 58.18 -30.81
N GLY KA 63 120.93 58.68 -30.31
CA GLY KA 63 121.57 59.88 -30.85
C GLY KA 63 121.18 61.22 -30.26
N CYS KA 64 119.98 61.32 -29.69
CA CYS KA 64 119.51 62.62 -29.23
C CYS KA 64 119.01 62.52 -27.80
N ALA KA 65 119.39 63.52 -27.00
CA ALA KA 65 118.89 63.69 -25.65
C ALA KA 65 118.94 65.18 -25.31
N ASP KA 66 117.78 65.74 -24.97
CA ASP KA 66 117.69 67.18 -24.77
C ASP KA 66 117.38 67.56 -23.33
N ALA KA 67 116.41 66.91 -22.70
CA ALA KA 67 116.02 67.21 -21.33
C ALA KA 67 115.67 65.91 -20.63
N CYS KA 68 115.42 65.99 -19.32
CA CYS KA 68 115.11 64.80 -18.55
C CYS KA 68 113.60 64.56 -18.53
N VAL KA 69 113.17 63.53 -19.25
CA VAL KA 69 111.81 63.01 -19.18
C VAL KA 69 111.88 61.82 -18.23
N ILE KA 70 110.74 61.41 -17.68
CA ILE KA 70 110.72 60.26 -16.78
C ILE KA 70 111.36 59.04 -17.42
N MET KA 71 112.29 58.43 -16.70
CA MET KA 71 112.91 57.19 -17.14
C MET KA 71 111.99 56.01 -16.85
N PRO KA 72 111.57 55.25 -17.86
CA PRO KA 72 110.99 53.92 -17.60
C PRO KA 72 112.09 52.89 -17.44
N ASN KA 73 112.06 52.11 -16.37
CA ASN KA 73 113.19 51.27 -15.99
C ASN KA 73 112.93 49.81 -16.32
N GLU KA 74 114.00 49.08 -16.60
CA GLU KA 74 113.99 47.63 -16.72
C GLU KA 74 114.84 47.04 -15.60
N ASN KA 75 114.65 45.75 -15.34
CA ASN KA 75 115.37 45.06 -14.29
C ASN KA 75 116.50 44.21 -14.87
N GLN KA 76 117.71 44.42 -14.35
CA GLN KA 76 118.85 43.58 -14.69
C GLN KA 76 119.20 42.76 -13.44
N SER KA 77 119.07 41.45 -13.54
CA SER KA 77 119.27 40.56 -12.41
C SER KA 77 120.33 39.52 -12.74
N ILE KA 78 121.23 39.31 -11.80
CA ILE KA 78 122.24 38.27 -11.88
C ILE KA 78 122.18 37.44 -10.60
N ARG KA 79 121.75 36.19 -10.72
CA ARG KA 79 121.52 35.33 -9.58
C ARG KA 79 122.43 34.12 -9.65
N THR KA 80 123.14 33.85 -8.56
CA THR KA 80 124.10 32.76 -8.50
C THR KA 80 123.88 31.95 -7.24
N VAL KA 81 123.86 30.62 -7.39
CA VAL KA 81 123.74 29.71 -6.26
C VAL KA 81 124.91 28.74 -6.30
N ILE KA 82 125.57 28.56 -5.17
CA ILE KA 82 126.70 27.65 -5.04
C ILE KA 82 126.35 26.65 -3.95
N SER KA 83 126.41 25.36 -4.28
CA SER KA 83 126.04 24.29 -3.36
C SER KA 83 127.17 23.28 -3.28
N GLY KA 84 127.55 22.91 -2.07
CA GLY KA 84 128.60 21.93 -1.87
C GLY KA 84 128.95 21.73 -0.41
N SER KA 85 129.63 20.62 -0.11
CA SER KA 85 130.00 20.34 1.27
C SER KA 85 131.07 21.33 1.74
N ALA KA 86 131.00 21.69 3.03
CA ALA KA 86 131.99 22.59 3.59
C ALA KA 86 133.36 21.93 3.68
N GLU KA 87 133.39 20.60 3.71
CA GLU KA 87 134.65 19.88 3.84
C GLU KA 87 135.44 19.88 2.53
N ASN KA 88 134.82 20.29 1.43
CA ASN KA 88 135.45 20.35 0.12
C ASN KA 88 135.51 21.79 -0.39
N LEU KA 89 135.88 22.71 0.49
CA LEU KA 89 135.84 24.13 0.14
C LEU KA 89 136.86 24.48 -0.94
N ALA KA 90 138.04 23.87 -0.89
CA ALA KA 90 139.05 24.16 -1.90
C ALA KA 90 138.59 23.72 -3.28
N THR KA 91 138.03 22.50 -3.37
CA THR KA 91 137.47 22.04 -4.63
C THR KA 91 136.32 22.89 -5.10
N LEU KA 92 135.46 23.34 -4.17
CA LEU KA 92 134.35 24.21 -4.56
C LEU KA 92 134.86 25.54 -5.11
N LYS KA 93 135.91 26.08 -4.51
CA LYS KA 93 136.48 27.33 -5.01
C LYS KA 93 137.11 27.14 -6.40
N ALA KA 94 137.78 26.01 -6.60
CA ALA KA 94 138.30 25.72 -7.94
C ALA KA 94 137.16 25.59 -8.95
N GLU KA 95 136.07 24.94 -8.56
CA GLU KA 95 134.90 24.86 -9.42
C GLU KA 95 134.35 26.24 -9.73
N TRP KA 96 134.33 27.12 -8.74
CA TRP KA 96 133.83 28.48 -8.96
C TRP KA 96 134.70 29.24 -9.94
N GLU KA 97 136.02 29.10 -9.82
CA GLU KA 97 136.93 29.75 -10.76
C GLU KA 97 136.71 29.23 -12.17
N THR KA 98 136.58 27.91 -12.32
CA THR KA 98 136.32 27.33 -13.64
C THR KA 98 134.98 27.80 -14.20
N HIS KA 99 133.97 27.91 -13.34
CA HIS KA 99 132.66 28.39 -13.77
C HIS KA 99 132.75 29.83 -14.25
N LYS KA 100 133.50 30.66 -13.52
CA LYS KA 100 133.70 32.04 -13.96
C LYS KA 100 134.36 32.08 -15.32
N ARG KA 101 135.39 31.26 -15.52
CA ARG KA 101 136.08 31.24 -16.81
C ARG KA 101 135.15 30.83 -17.94
N ASN KA 102 134.35 29.77 -17.72
CA ASN KA 102 133.46 29.29 -18.76
C ASN KA 102 132.37 30.30 -19.09
N VAL KA 103 131.75 30.90 -18.06
CA VAL KA 103 130.69 31.87 -18.30
C VAL KA 103 131.26 33.11 -18.98
N ASP KA 104 132.49 33.50 -18.62
CA ASP KA 104 133.12 34.62 -19.32
C ASP KA 104 133.34 34.29 -20.79
N THR KA 105 133.81 33.07 -21.07
CA THR KA 105 134.03 32.66 -22.45
C THR KA 105 132.73 32.71 -23.26
N LEU KA 106 131.64 32.24 -22.66
CA LEU KA 106 130.36 32.23 -23.37
C LEU KA 106 129.73 33.62 -23.50
N PHE KA 107 129.81 34.45 -22.46
CA PHE KA 107 129.03 35.67 -22.37
C PHE KA 107 129.87 36.92 -22.56
N ALA KA 108 130.94 37.08 -21.79
CA ALA KA 108 131.72 38.32 -21.85
C ALA KA 108 132.45 38.45 -23.18
N SER KA 109 133.03 37.35 -23.67
CA SER KA 109 133.77 37.36 -24.93
C SER KA 109 132.95 36.77 -26.08
N GLY KA 110 131.77 36.24 -25.83
CA GLY KA 110 130.92 35.70 -26.86
C GLY KA 110 129.73 36.58 -27.16
N ASN KA 111 128.70 35.96 -27.72
CA ASN KA 111 127.45 36.64 -28.05
C ASN KA 111 126.25 36.01 -27.35
N ALA KA 112 126.47 35.41 -26.19
CA ALA KA 112 125.38 34.76 -25.47
C ALA KA 112 124.38 35.77 -24.92
N GLY KA 113 124.84 36.99 -24.63
CA GLY KA 113 123.92 37.99 -24.10
C GLY KA 113 122.89 38.43 -25.11
N LEU KA 114 123.19 38.27 -26.40
CA LEU KA 114 122.27 38.66 -27.46
C LEU KA 114 121.40 37.48 -27.88
N GLY KA 115 121.57 36.34 -27.21
CA GLY KA 115 120.77 35.17 -27.54
C GLY KA 115 121.41 34.28 -28.59
N PHE KA 116 122.67 33.90 -28.39
CA PHE KA 116 123.39 33.06 -29.33
C PHE KA 116 124.14 31.97 -28.58
N LEU KA 117 124.30 30.83 -29.22
CA LEU KA 117 125.08 29.72 -28.69
C LEU KA 117 126.19 29.36 -29.68
N ASP KA 118 127.40 29.20 -29.18
CA ASP KA 118 128.53 28.85 -30.03
C ASP KA 118 129.00 27.45 -29.66
N PRO KA 119 128.67 26.42 -30.46
CA PRO KA 119 129.16 25.06 -30.15
C PRO KA 119 130.67 24.92 -30.23
N THR KA 120 131.36 25.82 -30.92
CA THR KA 120 132.80 25.76 -31.06
C THR KA 120 133.54 26.52 -29.97
N ALA KA 121 132.83 27.05 -28.98
CA ALA KA 121 133.49 27.77 -27.90
C ALA KA 121 134.38 26.85 -27.10
N ALA KA 122 135.50 27.38 -26.61
CA ALA KA 122 136.47 26.61 -25.85
C ALA KA 122 136.05 26.63 -24.39
N ILE KA 123 135.24 25.65 -24.02
CA ILE KA 123 134.80 25.45 -22.64
C ILE KA 123 135.64 24.36 -22.01
N VAL KA 124 136.15 24.63 -20.81
CA VAL KA 124 137.16 23.77 -20.22
C VAL KA 124 136.71 23.35 -18.82
N SER KA 125 137.22 22.22 -18.36
CA SER KA 125 136.84 21.65 -17.09
C SER KA 125 137.78 22.12 -15.98
N SER KA 126 137.40 21.82 -14.74
CA SER KA 126 138.19 22.25 -13.60
C SER KA 126 139.44 21.40 -13.40
N ASP KA 127 139.42 20.14 -13.79
CA ASP KA 127 140.58 19.28 -13.62
C ASP KA 127 141.69 19.68 -14.57
N THR KA 128 142.92 19.36 -14.17
CA THR KA 128 144.10 19.71 -14.94
C THR KA 128 144.76 18.45 -15.50
N THR KA 129 145.59 18.64 -16.51
CA THR KA 129 146.31 17.53 -17.13
C THR KA 129 147.63 17.27 -16.44
N ALA LA 1 145.71 25.70 23.81
CA ALA LA 1 145.11 26.59 22.81
C ALA LA 1 143.94 25.91 22.12
N ASN LA 2 142.76 26.02 22.72
CA ASN LA 2 141.57 25.39 22.16
C ASN LA 2 141.10 26.16 20.92
N LYS LA 3 140.48 25.43 19.99
CA LYS LA 3 140.00 26.05 18.76
C LYS LA 3 138.79 26.94 19.05
N PRO LA 4 138.82 28.20 18.63
CA PRO LA 4 137.65 29.07 18.88
C PRO LA 4 136.53 28.80 17.91
N MET LA 5 135.34 29.28 18.28
CA MET LA 5 134.17 29.24 17.42
C MET LA 5 133.74 30.66 17.05
N GLN LA 6 132.99 30.76 15.97
CA GLN LA 6 132.33 31.97 15.52
C GLN LA 6 130.82 31.75 15.44
N PRO LA 7 130.01 32.75 15.78
CA PRO LA 7 128.56 32.56 15.74
C PRO LA 7 128.07 32.37 14.32
N ILE LA 8 127.14 31.44 14.14
CA ILE LA 8 126.60 31.07 12.84
C ILE LA 8 125.15 31.52 12.68
N THR LA 9 124.32 31.28 13.68
CA THR LA 9 122.96 31.80 13.72
C THR LA 9 122.79 32.67 14.96
N SER LA 10 122.32 33.91 14.74
CA SER LA 10 122.30 34.90 15.80
C SER LA 10 120.88 35.39 16.04
N THR LA 11 120.44 35.28 17.29
CA THR LA 11 119.18 35.86 17.75
C THR LA 11 119.35 36.22 19.22
N ALA LA 12 118.70 37.32 19.61
CA ALA LA 12 118.81 37.73 21.01
C ALA LA 12 118.21 36.70 21.95
N ASN LA 13 117.25 35.91 21.46
CA ASN LA 13 116.71 34.82 22.25
C ASN LA 13 117.70 33.65 22.36
N LYS LA 14 118.39 33.32 21.27
CA LYS LA 14 119.35 32.22 21.29
C LYS LA 14 120.42 32.43 20.23
N ILE LA 15 121.67 32.10 20.59
CA ILE LA 15 122.80 32.16 19.68
C ILE LA 15 123.51 30.82 19.71
N VAL LA 16 123.84 30.29 18.54
CA VAL LA 16 124.53 29.02 18.42
C VAL LA 16 125.92 29.28 17.86
N TRP LA 17 126.93 28.68 18.48
CA TRP LA 17 128.30 28.74 18.02
C TRP LA 17 128.66 27.47 17.27
N SER LA 18 129.63 27.57 16.37
CA SER LA 18 130.04 26.42 15.59
C SER LA 18 131.53 26.53 15.26
N ASP LA 19 132.19 25.38 15.20
CA ASP LA 19 133.60 25.33 14.84
C ASP LA 19 133.73 25.41 13.32
N PRO LA 20 134.46 26.39 12.79
CA PRO LA 20 134.62 26.47 11.32
C PRO LA 20 135.24 25.23 10.71
N THR LA 21 136.12 24.53 11.42
CA THR LA 21 136.74 23.33 10.90
C THR LA 21 135.91 22.06 11.12
N ARG LA 22 135.02 22.06 12.12
CA ARG LA 22 134.15 20.91 12.37
C ARG LA 22 132.76 21.47 12.67
N LEU LA 23 131.92 21.53 11.64
CA LEU LA 23 130.60 22.14 11.78
C LEU LA 23 129.68 21.33 12.69
N SER LA 24 130.04 20.09 13.01
CA SER LA 24 129.20 19.28 13.89
C SER LA 24 129.32 19.68 15.35
N THR LA 25 130.36 20.42 15.72
CA THR LA 25 130.56 20.86 17.10
C THR LA 25 129.84 22.18 17.29
N THR LA 26 128.82 22.19 18.15
CA THR LA 26 128.00 23.37 18.36
C THR LA 26 127.86 23.67 19.85
N PHE LA 27 127.70 24.95 20.17
CA PHE LA 27 127.44 25.43 21.51
C PHE LA 27 126.33 26.47 21.44
N SER LA 28 125.21 26.19 22.10
CA SER LA 28 124.02 27.03 22.00
C SER LA 28 123.65 27.56 23.38
N ALA LA 29 123.25 28.83 23.40
CA ALA LA 29 122.77 29.48 24.63
C ALA LA 29 121.45 30.15 24.33
N SER LA 30 120.41 29.82 25.10
CA SER LA 30 119.08 30.38 24.92
C SER LA 30 118.61 30.93 26.25
N LEU LA 31 118.10 32.16 26.25
CA LEU LA 31 117.61 32.81 27.45
C LEU LA 31 116.13 33.11 27.29
N LEU LA 32 115.34 32.76 28.31
CA LEU LA 32 113.93 33.09 28.37
C LEU LA 32 113.68 33.91 29.63
N ARG LA 33 113.11 35.10 29.45
CA ARG LA 33 112.92 36.05 30.54
C ARG LA 33 111.42 36.27 30.75
N GLN LA 34 111.00 36.23 32.01
CA GLN LA 34 109.60 36.42 32.38
C GLN LA 34 109.55 37.14 33.72
N ARG LA 35 108.48 37.91 33.93
CA ARG LA 35 108.30 38.66 35.17
C ARG LA 35 107.40 37.84 36.09
N VAL LA 36 107.99 36.84 36.73
CA VAL LA 36 107.28 36.01 37.70
C VAL LA 36 107.43 36.65 39.07
N LYS LA 37 106.41 37.41 39.48
CA LYS LA 37 106.53 38.17 40.73
C LYS LA 37 105.91 37.40 41.89
N VAL LA 38 106.66 37.34 42.99
CA VAL LA 38 106.16 36.77 44.23
C VAL LA 38 105.33 37.83 44.94
N GLY LA 39 104.62 37.44 45.99
CA GLY LA 39 103.75 38.34 46.73
C GLY LA 39 104.41 39.64 47.14
N ILE LA 40 103.71 40.75 46.92
CA ILE LA 40 104.13 42.12 47.26
C ILE LA 40 105.60 42.37 46.89
N ALA LA 41 106.05 41.77 45.79
CA ALA LA 41 107.41 41.98 45.32
C ALA LA 41 107.44 41.80 43.81
N GLU LA 42 108.47 42.36 43.19
CA GLU LA 42 108.69 42.26 41.76
C GLU LA 42 110.02 41.57 41.51
N LEU LA 43 110.01 40.51 40.71
CA LEU LA 43 111.21 39.74 40.41
C LEU LA 43 111.20 39.35 38.94
N ASN LA 44 112.34 39.54 38.28
CA ASN LA 44 112.54 39.13 36.90
C ASN LA 44 113.52 37.97 36.86
N ASN LA 45 113.04 36.80 36.45
CA ASN LA 45 113.86 35.60 36.38
C ASN LA 45 114.31 35.34 34.95
N VAL LA 46 115.46 34.72 34.81
CA VAL LA 46 116.06 34.43 33.51
C VAL LA 46 116.42 32.95 33.49
N SER LA 47 115.70 32.17 32.67
CA SER LA 47 115.99 30.76 32.51
C SER LA 47 116.99 30.59 31.37
N GLY LA 48 118.18 30.07 31.68
CA GLY LA 48 119.22 29.95 30.70
C GLY LA 48 119.54 28.52 30.32
N GLN LA 49 119.33 28.17 29.06
CA GLN LA 49 119.59 26.82 28.56
C GLN LA 49 120.85 26.85 27.71
N TYR LA 50 121.82 26.02 28.06
CA TYR LA 50 123.09 25.93 27.36
C TYR LA 50 123.33 24.49 26.95
N VAL LA 51 123.50 24.26 25.64
CA VAL LA 51 123.66 22.93 25.08
C VAL LA 51 124.99 22.87 24.34
N SER LA 52 125.81 21.88 24.67
CA SER LA 52 127.05 21.60 23.96
C SER LA 52 126.94 20.25 23.28
N VAL LA 53 127.16 20.22 21.97
CA VAL LA 53 126.99 19.02 21.16
C VAL LA 53 128.30 18.72 20.46
N TYR LA 54 128.77 17.49 20.60
CA TYR LA 54 129.94 16.99 19.90
C TYR LA 54 129.65 15.59 19.38
N LYS LA 55 130.04 15.34 18.13
CA LYS LA 55 129.85 14.03 17.51
C LYS LA 55 131.20 13.34 17.44
N ARG LA 56 131.41 12.37 18.34
CA ARG LA 56 132.70 11.70 18.50
C ARG LA 56 132.68 10.35 17.81
N PRO LA 57 133.72 10.02 17.05
CA PRO LA 57 133.78 8.69 16.44
C PRO LA 57 133.83 7.59 17.49
N ALA LA 58 133.23 6.45 17.16
CA ALA LA 58 133.24 5.31 18.06
C ALA LA 58 134.67 4.84 18.29
N PRO LA 59 134.97 4.33 19.48
CA PRO LA 59 136.36 3.94 19.78
C PRO LA 59 136.87 2.81 18.91
N LYS LA 60 138.09 2.94 18.43
CA LYS LA 60 138.75 1.92 17.62
C LYS LA 60 139.15 0.75 18.51
N PRO LA 61 139.24 -0.46 17.98
CA PRO LA 61 139.69 -1.61 18.79
C PRO LA 61 141.08 -1.39 19.36
N GLU LA 62 141.30 -1.86 20.59
CA GLU LA 62 142.54 -1.55 21.30
C GLU LA 62 143.75 -2.11 20.58
N GLY LA 63 143.66 -3.34 20.06
CA GLY LA 63 144.78 -3.93 19.37
C GLY LA 63 144.73 -3.68 17.87
N CYS LA 64 144.73 -2.40 17.48
CA CYS LA 64 144.62 -2.02 16.08
C CYS LA 64 145.72 -1.04 15.71
N ALA LA 65 146.32 -1.25 14.54
CA ALA LA 65 147.31 -0.35 13.99
C ALA LA 65 147.01 0.06 12.56
N ASP LA 66 145.77 -0.11 12.11
CA ASP LA 66 145.43 0.20 10.72
C ASP LA 66 145.51 1.70 10.48
N ALA LA 67 145.87 2.07 9.24
CA ALA LA 67 146.06 3.46 8.88
C ALA LA 67 144.77 4.27 9.02
N CYS LA 68 143.73 3.91 8.26
CA CYS LA 68 142.49 4.67 8.25
C CYS LA 68 141.29 3.74 8.16
N VAL LA 69 140.61 3.56 9.29
CA VAL LA 69 139.28 2.96 9.33
C VAL LA 69 138.40 3.88 10.17
N ILE LA 70 137.26 4.28 9.62
CA ILE LA 70 136.41 5.30 10.22
C ILE LA 70 135.14 4.64 10.74
N MET LA 71 134.77 4.97 11.98
CA MET LA 71 133.55 4.48 12.60
C MET LA 71 132.53 5.62 12.66
N PRO LA 72 131.24 5.31 12.62
CA PRO LA 72 130.23 6.38 12.68
C PRO LA 72 130.24 7.08 14.03
N ASN LA 73 129.81 8.34 14.00
CA ASN LA 73 129.87 9.18 15.18
C ASN LA 73 128.74 8.88 16.14
N GLU LA 74 128.96 9.20 17.41
CA GLU LA 74 127.96 9.08 18.45
C GLU LA 74 127.66 10.48 18.99
N ASN LA 75 126.47 10.67 19.52
CA ASN LA 75 126.06 11.99 19.98
C ASN LA 75 126.46 12.19 21.43
N GLN LA 76 127.25 13.23 21.69
CA GLN LA 76 127.64 13.63 23.04
C GLN LA 76 127.03 14.99 23.30
N SER LA 77 126.12 15.07 24.27
CA SER LA 77 125.40 16.28 24.58
C SER LA 77 125.50 16.59 26.06
N ILE LA 78 125.74 17.85 26.38
CA ILE LA 78 125.74 18.35 27.75
C ILE LA 78 124.83 19.57 27.80
N ARG LA 79 123.79 19.50 28.62
CA ARG LA 79 122.76 20.53 28.67
C ARG LA 79 122.59 21.02 30.10
N THR LA 80 122.67 22.34 30.28
CA THR LA 80 122.52 22.96 31.59
C THR LA 80 121.45 24.03 31.53
N VAL LA 81 120.57 24.03 32.54
CA VAL LA 81 119.50 25.01 32.65
C VAL LA 81 119.66 25.71 33.99
N ILE LA 82 119.74 27.04 33.95
CA ILE LA 82 119.89 27.86 35.16
C ILE LA 82 118.68 28.78 35.25
N SER LA 83 117.97 28.70 36.37
CA SER LA 83 116.77 29.50 36.60
C SER LA 83 116.93 30.27 37.89
N GLY LA 84 116.64 31.57 37.85
CA GLY LA 84 116.73 32.40 39.03
C GLY LA 84 116.47 33.87 38.74
N SER LA 85 116.11 34.62 39.78
CA SER LA 85 115.83 36.04 39.60
C SER LA 85 117.12 36.81 39.35
N ALA LA 86 116.99 37.94 38.63
CA ALA LA 86 118.15 38.77 38.36
C ALA LA 86 118.67 39.44 39.63
N GLU LA 87 117.81 39.60 40.63
CA GLU LA 87 118.23 40.25 41.86
C GLU LA 87 119.23 39.41 42.64
N ASN LA 88 119.12 38.08 42.55
CA ASN LA 88 119.95 37.15 43.30
C ASN LA 88 121.09 36.57 42.46
N LEU LA 89 121.69 37.39 41.60
CA LEU LA 89 122.69 36.87 40.66
C LEU LA 89 123.94 36.37 41.39
N ALA LA 90 124.37 37.06 42.44
CA ALA LA 90 125.57 36.64 43.15
C ALA LA 90 125.36 35.28 43.82
N THR LA 91 124.22 35.11 44.49
CA THR LA 91 123.91 33.83 45.10
C THR LA 91 123.71 32.74 44.05
N LEU LA 92 123.16 33.09 42.89
CA LEU LA 92 123.04 32.12 41.81
C LEU LA 92 124.42 31.69 41.31
N LYS LA 93 125.37 32.61 41.24
CA LYS LA 93 126.73 32.25 40.85
C LYS LA 93 127.38 31.34 41.89
N ALA LA 94 127.14 31.63 43.17
CA ALA LA 94 127.64 30.74 44.22
C ALA LA 94 127.04 29.34 44.10
N GLU LA 95 125.73 29.28 43.83
CA GLU LA 95 125.07 27.99 43.62
C GLU LA 95 125.67 27.28 42.41
N TRP LA 96 126.01 28.03 41.36
CA TRP LA 96 126.63 27.45 40.17
C TRP LA 96 127.99 26.85 40.50
N GLU LA 97 128.78 27.55 41.32
CA GLU LA 97 130.07 27.00 41.74
C GLU LA 97 129.89 25.73 42.56
N THR LA 98 128.93 25.72 43.49
CA THR LA 98 128.67 24.52 44.28
C THR LA 98 128.19 23.38 43.40
N HIS LA 99 127.35 23.68 42.41
CA HIS LA 99 126.89 22.66 41.48
C HIS LA 99 128.04 22.09 40.68
N LYS LA 100 128.96 22.95 40.23
CA LYS LA 100 130.17 22.46 39.57
C LYS LA 100 130.91 21.50 40.47
N ARG LA 101 131.14 21.88 41.72
CA ARG LA 101 131.91 21.03 42.62
C ARG LA 101 131.24 19.68 42.82
N ASN LA 102 129.91 19.68 43.02
CA ASN LA 102 129.20 18.43 43.25
C ASN LA 102 129.21 17.53 42.01
N VAL LA 103 128.94 18.10 40.84
CA VAL LA 103 128.92 17.30 39.62
C VAL LA 103 130.32 16.76 39.32
N ASP LA 104 131.35 17.58 39.57
CA ASP LA 104 132.72 17.09 39.39
C ASP LA 104 133.02 15.93 40.33
N THR LA 105 132.59 16.04 41.59
CA THR LA 105 132.82 14.96 42.55
C THR LA 105 132.13 13.67 42.11
N LEU LA 106 130.90 13.78 41.62
CA LEU LA 106 130.15 12.58 41.23
C LEU LA 106 130.62 11.99 39.90
N PHE LA 107 131.03 12.83 38.95
CA PHE LA 107 131.28 12.43 37.58
C PHE LA 107 132.76 12.39 37.21
N ALA LA 108 133.46 13.51 37.40
CA ALA LA 108 134.84 13.61 36.94
C ALA LA 108 135.75 12.65 37.72
N SER LA 109 135.54 12.55 39.04
CA SER LA 109 136.36 11.68 39.87
C SER LA 109 135.63 10.40 40.28
N GLY LA 110 134.36 10.23 39.90
CA GLY LA 110 133.60 9.07 40.25
C GLY LA 110 133.37 8.13 39.07
N ASN LA 111 132.35 7.30 39.20
CA ASN LA 111 131.99 6.34 38.16
C ASN LA 111 130.57 6.56 37.63
N ALA LA 112 130.00 7.75 37.87
CA ALA LA 112 128.68 8.05 37.36
C ALA LA 112 128.67 8.04 35.84
N GLY LA 113 129.80 8.36 35.21
CA GLY LA 113 129.91 8.26 33.76
C GLY LA 113 129.74 6.85 33.24
N LEU LA 114 130.29 5.86 33.94
CA LEU LA 114 130.11 4.46 33.59
C LEU LA 114 128.79 3.91 34.09
N GLY LA 115 128.13 4.60 35.01
CA GLY LA 115 126.81 4.19 35.44
C GLY LA 115 126.69 3.68 36.85
N PHE LA 116 127.58 4.08 37.75
CA PHE LA 116 127.53 3.67 39.14
C PHE LA 116 127.39 4.89 40.03
N LEU LA 117 126.46 4.83 40.98
CA LEU LA 117 126.24 5.89 41.96
C LEU LA 117 126.80 5.45 43.30
N ASP LA 118 127.59 6.33 43.92
CA ASP LA 118 128.18 6.05 45.23
C ASP LA 118 127.47 6.88 46.28
N PRO LA 119 126.67 6.28 47.16
CA PRO LA 119 126.01 7.07 48.21
C PRO LA 119 126.95 7.62 49.26
N THR LA 120 128.23 7.27 49.22
CA THR LA 120 129.21 7.76 50.17
C THR LA 120 130.01 8.94 49.63
N ALA LA 121 129.61 9.51 48.49
CA ALA LA 121 130.33 10.63 47.91
C ALA LA 121 130.23 11.86 48.81
N ALA LA 122 131.31 12.63 48.84
CA ALA LA 122 131.40 13.83 49.69
C ALA LA 122 130.77 14.99 48.96
N ILE LA 123 129.45 15.09 49.04
CA ILE LA 123 128.69 16.17 48.43
C ILE LA 123 128.49 17.27 49.44
N VAL LA 124 128.77 18.51 49.04
CA VAL LA 124 128.76 19.65 49.95
C VAL LA 124 127.75 20.68 49.45
N SER LA 125 127.38 21.58 50.36
CA SER LA 125 126.41 22.62 50.05
C SER LA 125 127.12 23.96 49.85
N SER LA 126 126.35 24.96 49.42
CA SER LA 126 126.90 26.27 49.12
C SER LA 126 127.23 27.08 50.37
N ASP LA 127 126.40 27.00 51.41
CA ASP LA 127 126.62 27.78 52.61
C ASP LA 127 127.89 27.33 53.33
N THR LA 128 128.54 28.26 54.01
CA THR LA 128 129.78 28.01 54.73
C THR LA 128 129.54 28.10 56.22
N THR LA 129 130.32 27.30 56.96
CA THR LA 129 130.21 27.27 58.42
C THR LA 129 130.80 28.53 59.04
N ALA MA 1 129.67 60.15 32.77
CA ALA MA 1 129.80 58.74 32.43
C ALA MA 1 128.48 58.01 32.63
N ASN MA 2 127.69 57.94 31.56
CA ASN MA 2 126.40 57.27 31.61
C ASN MA 2 126.58 55.76 31.51
N LYS MA 3 125.57 55.02 31.96
CA LYS MA 3 125.63 53.57 31.95
C LYS MA 3 125.22 53.03 30.57
N PRO MA 4 126.08 52.28 29.89
CA PRO MA 4 125.69 51.70 28.60
C PRO MA 4 124.59 50.66 28.78
N MET MA 5 123.88 50.39 27.68
CA MET MA 5 122.94 49.26 27.61
C MET MA 5 123.47 48.21 26.65
N GLN MA 6 122.86 47.02 26.73
CA GLN MA 6 123.08 45.94 25.81
C GLN MA 6 121.74 45.47 25.24
N PRO MA 7 121.74 44.96 24.01
CA PRO MA 7 120.46 44.60 23.38
C PRO MA 7 119.81 43.37 23.99
N ILE MA 8 118.53 43.48 24.35
CA ILE MA 8 117.78 42.33 24.85
C ILE MA 8 117.00 41.64 23.75
N THR MA 9 116.56 42.38 22.72
CA THR MA 9 115.84 41.81 21.60
C THR MA 9 116.43 42.38 20.33
N SER MA 10 116.96 41.49 19.47
CA SER MA 10 117.60 41.89 18.22
C SER MA 10 116.82 41.30 17.05
N THR MA 11 116.42 42.15 16.12
CA THR MA 11 115.66 41.76 14.95
C THR MA 11 116.02 42.69 13.81
N ALA MA 12 115.84 42.20 12.58
CA ALA MA 12 116.17 43.01 11.41
C ALA MA 12 115.34 44.28 11.33
N ASN MA 13 114.22 44.33 12.05
CA ASN MA 13 113.35 45.50 12.04
C ASN MA 13 113.18 46.17 13.39
N LYS MA 14 113.76 45.63 14.46
CA LYS MA 14 113.56 46.19 15.79
C LYS MA 14 114.69 45.73 16.71
N ILE MA 15 115.32 46.67 17.41
CA ILE MA 15 116.32 46.38 18.42
C ILE MA 15 115.94 47.10 19.70
N VAL MA 16 115.97 46.38 20.83
CA VAL MA 16 115.60 46.92 22.13
C VAL MA 16 116.80 46.79 23.05
N TRP MA 17 117.16 47.88 23.71
CA TRP MA 17 118.24 47.92 24.69
C TRP MA 17 117.65 47.93 26.10
N SER MA 18 118.47 47.56 27.08
CA SER MA 18 118.03 47.56 28.47
C SER MA 18 119.25 47.63 29.38
N ASP MA 19 119.14 48.42 30.44
CA ASP MA 19 120.26 48.61 31.35
C ASP MA 19 120.46 47.36 32.20
N PRO MA 20 121.68 46.84 32.31
CA PRO MA 20 121.91 45.67 33.19
C PRO MA 20 121.53 45.92 34.63
N THR MA 21 121.78 47.12 35.14
CA THR MA 21 121.46 47.40 36.55
C THR MA 21 119.95 47.51 36.76
N ARG MA 22 119.26 48.24 35.90
CA ARG MA 22 117.81 48.40 35.98
C ARG MA 22 117.20 47.91 34.67
N LEU MA 23 116.45 46.81 34.73
CA LEU MA 23 115.89 46.23 33.52
C LEU MA 23 114.68 47.00 33.03
N SER MA 24 114.14 47.88 33.88
CA SER MA 24 112.94 48.63 33.53
C SER MA 24 113.22 49.67 32.47
N THR MA 25 114.45 50.21 32.46
CA THR MA 25 114.80 51.27 31.53
C THR MA 25 115.22 50.65 30.20
N THR MA 26 114.42 50.88 29.16
CA THR MA 26 114.67 50.30 27.85
C THR MA 26 114.58 51.38 26.78
N PHE MA 27 115.31 51.15 25.68
CA PHE MA 27 115.30 52.03 24.52
C PHE MA 27 115.13 51.18 23.28
N SER MA 28 114.07 51.43 22.51
CA SER MA 28 113.71 50.62 21.37
C SER MA 28 113.68 51.46 20.09
N ALA MA 29 114.18 50.87 19.01
CA ALA MA 29 114.18 51.50 17.70
C ALA MA 29 113.52 50.55 16.71
N SER MA 30 112.48 51.02 16.01
CA SER MA 30 111.75 50.23 15.05
C SER MA 30 111.70 50.98 13.72
N LEU MA 31 112.01 50.28 12.64
CA LEU MA 31 112.08 50.89 11.31
C LEU MA 31 111.16 50.15 10.36
N LEU MA 32 110.38 50.92 9.60
CA LEU MA 32 109.50 50.38 8.57
C LEU MA 32 109.92 50.97 7.23
N ARG MA 33 110.19 50.10 6.26
CA ARG MA 33 110.70 50.48 4.95
C ARG MA 33 109.64 50.22 3.90
N GLN MA 34 109.31 51.26 3.13
CA GLN MA 34 108.29 51.17 2.10
C GLN MA 34 108.67 52.01 0.91
N ARG MA 35 108.19 51.61 -0.26
CA ARG MA 35 108.35 52.40 -1.47
C ARG MA 35 107.11 53.27 -1.69
N VAL MA 36 107.32 54.56 -1.88
CA VAL MA 36 106.24 55.52 -2.04
C VAL MA 36 106.10 55.87 -3.51
N LYS MA 37 104.89 55.73 -4.03
CA LYS MA 37 104.58 56.04 -5.43
C LYS MA 37 104.31 57.53 -5.55
N VAL MA 38 105.24 58.25 -6.14
CA VAL MA 38 105.13 59.68 -6.39
C VAL MA 38 105.20 59.89 -7.90
N GLY MA 39 104.45 60.89 -8.38
CA GLY MA 39 104.41 61.18 -9.79
C GLY MA 39 105.79 61.29 -10.42
N ILE MA 40 105.99 60.56 -11.51
CA ILE MA 40 107.26 60.45 -12.24
C ILE MA 40 108.44 60.35 -11.28
N ALA MA 41 108.29 59.56 -10.22
CA ALA MA 41 109.36 59.35 -9.26
C ALA MA 41 109.16 58.01 -8.57
N GLU MA 42 110.27 57.35 -8.23
CA GLU MA 42 110.25 56.09 -7.48
C GLU MA 42 111.25 56.21 -6.34
N LEU MA 43 110.80 56.76 -5.21
CA LEU MA 43 111.63 56.96 -4.04
C LEU MA 43 110.96 56.32 -2.84
N ASN MA 44 111.79 55.79 -1.93
CA ASN MA 44 111.33 54.93 -0.85
C ASN MA 44 111.46 55.62 0.51
N ASN MA 45 110.36 55.64 1.25
CA ASN MA 45 110.35 56.24 2.58
C ASN MA 45 110.87 55.26 3.61
N VAL MA 46 111.50 55.81 4.66
CA VAL MA 46 111.92 55.04 5.83
C VAL MA 46 111.39 55.75 7.05
N SER MA 47 110.54 55.07 7.81
CA SER MA 47 109.93 55.62 9.01
C SER MA 47 110.52 54.92 10.22
N GLY MA 48 111.13 55.68 11.12
CA GLY MA 48 111.74 55.12 12.30
C GLY MA 48 111.09 55.57 13.59
N GLN MA 49 110.80 54.62 14.47
CA GLN MA 49 110.15 54.90 15.75
C GLN MA 49 111.13 54.62 16.87
N TYR MA 50 111.35 55.61 17.73
CA TYR MA 50 112.28 55.50 18.85
C TYR MA 50 111.52 55.75 20.14
N VAL MA 51 111.62 54.83 21.08
CA VAL MA 51 110.88 54.89 22.34
C VAL MA 51 111.86 54.75 23.49
N SER MA 52 111.82 55.69 24.42
CA SER MA 52 112.59 55.64 25.66
C SER MA 52 111.64 55.63 26.85
N VAL MA 53 111.82 54.66 27.74
CA VAL MA 53 110.97 54.52 28.91
C VAL MA 53 111.84 54.43 30.16
N TYR MA 54 111.42 55.11 31.22
CA TYR MA 54 112.06 55.04 32.52
C TYR MA 54 110.98 54.86 33.56
N LYS MA 55 111.21 53.90 34.47
CA LYS MA 55 110.23 53.60 35.51
C LYS MA 55 110.60 54.36 36.78
N ARG MA 56 110.52 55.68 36.68
CA ARG MA 56 110.98 56.55 37.75
C ARG MA 56 110.09 56.40 38.97
N PRO MA 57 110.67 56.35 40.17
CA PRO MA 57 109.85 56.37 41.38
C PRO MA 57 109.08 57.67 41.51
N ALA MA 58 107.87 57.54 42.03
CA ALA MA 58 107.07 58.70 42.36
C ALA MA 58 107.74 59.49 43.49
N PRO MA 59 107.51 60.80 43.60
CA PRO MA 59 108.38 61.60 44.46
C PRO MA 59 108.13 61.34 45.95
N LYS MA 60 109.22 61.36 46.71
CA LYS MA 60 109.18 61.01 48.11
C LYS MA 60 108.38 62.04 48.90
N PRO MA 61 107.65 61.62 49.93
CA PRO MA 61 107.00 62.59 50.82
C PRO MA 61 108.01 63.44 51.58
N GLU MA 62 107.57 64.58 52.10
CA GLU MA 62 108.47 65.57 52.67
C GLU MA 62 108.65 65.33 54.16
N GLY MA 63 109.90 65.47 54.63
CA GLY MA 63 110.19 65.44 56.04
C GLY MA 63 110.31 64.07 56.67
N CYS MA 64 110.21 63.00 55.89
CA CYS MA 64 110.28 61.64 56.42
C CYS MA 64 111.36 60.86 55.69
N ALA MA 65 112.35 60.38 56.42
CA ALA MA 65 113.37 59.46 55.89
C ALA MA 65 112.93 58.05 56.23
N ASP MA 66 112.10 57.46 55.39
CA ASP MA 66 111.60 56.12 55.64
C ASP MA 66 112.73 55.11 55.61
N ALA MA 67 112.56 54.01 56.35
CA ALA MA 67 113.61 53.01 56.47
C ALA MA 67 113.93 52.38 55.13
N CYS MA 68 112.90 51.98 54.38
CA CYS MA 68 113.09 51.33 53.09
C CYS MA 68 112.16 51.96 52.06
N VAL MA 69 112.61 51.93 50.80
CA VAL MA 69 111.79 52.47 49.72
C VAL MA 69 110.63 51.53 49.44
N ILE MA 70 109.42 52.07 49.51
CA ILE MA 70 108.21 51.32 49.21
C ILE MA 70 107.41 52.11 48.18
N MET MA 71 108.09 53.02 47.50
CA MET MA 71 107.40 54.06 46.77
C MET MA 71 106.84 53.48 45.46
N PRO MA 72 105.57 53.73 45.13
CA PRO MA 72 105.00 53.15 43.91
C PRO MA 72 105.39 53.92 42.65
N ASN MA 73 106.48 53.50 42.00
CA ASN MA 73 107.03 54.15 40.82
C ASN MA 73 106.02 54.39 39.70
N GLU MA 74 106.33 55.35 38.82
CA GLU MA 74 105.48 55.73 37.71
C GLU MA 74 106.14 55.35 36.39
N ASN MA 75 105.52 55.79 35.29
CA ASN MA 75 106.01 55.51 33.95
C ASN MA 75 106.37 56.83 33.29
N GLN MA 76 107.60 56.95 32.80
CA GLN MA 76 108.05 58.11 32.03
C GLN MA 76 108.44 57.62 30.64
N SER MA 77 107.83 58.19 29.61
CA SER MA 77 108.01 57.71 28.25
C SER MA 77 108.24 58.88 27.29
N ILE MA 78 109.15 58.67 26.34
CA ILE MA 78 109.41 59.62 25.26
C ILE MA 78 109.43 58.82 23.96
N ARG MA 79 108.61 59.23 23.00
CA ARG MA 79 108.44 58.52 21.74
C ARG MA 79 108.64 59.48 20.58
N THR MA 80 109.48 59.10 19.63
CA THR MA 80 109.80 59.94 18.48
C THR MA 80 109.69 59.13 17.20
N VAL MA 81 109.04 59.70 16.20
CA VAL MA 81 108.86 59.07 14.89
C VAL MA 81 109.41 60.02 13.83
N ILE MA 82 110.37 59.53 13.04
CA ILE MA 82 110.98 60.31 11.97
C ILE MA 82 110.68 59.59 10.66
N SER MA 83 110.04 60.30 9.73
CA SER MA 83 109.62 59.72 8.46
C SER MA 83 110.08 60.62 7.32
N GLY MA 84 110.72 60.02 6.32
CA GLY MA 84 111.17 60.78 5.18
C GLY MA 84 111.97 59.89 4.24
N SER MA 85 112.11 60.37 3.01
CA SER MA 85 112.82 59.61 1.99
C SER MA 85 114.31 59.62 2.25
N ALA MA 86 114.97 58.50 1.94
CA ALA MA 86 116.42 58.41 2.14
C ALA MA 86 117.18 59.27 1.14
N GLU MA 87 116.53 59.68 0.06
CA GLU MA 87 117.17 60.55 -0.91
C GLU MA 87 117.48 61.92 -0.31
N ASN MA 88 116.59 62.39 0.57
CA ASN MA 88 116.74 63.69 1.22
C ASN MA 88 117.20 63.57 2.67
N LEU MA 89 118.15 62.67 2.92
CA LEU MA 89 118.55 62.40 4.31
C LEU MA 89 119.22 63.61 4.95
N ALA MA 90 119.98 64.39 4.19
CA ALA MA 90 120.58 65.59 4.74
C ALA MA 90 119.52 66.59 5.19
N THR MA 91 118.50 66.78 4.36
CA THR MA 91 117.37 67.62 4.74
C THR MA 91 116.64 67.08 5.96
N LEU MA 92 116.47 65.75 6.03
CA LEU MA 92 115.81 65.17 7.20
C LEU MA 92 116.63 65.40 8.47
N LYS MA 93 117.95 65.34 8.37
CA LYS MA 93 118.81 65.61 9.52
C LYS MA 93 118.71 67.08 9.93
N ALA MA 94 118.67 67.99 8.97
CA ALA MA 94 118.49 69.40 9.29
C ALA MA 94 117.14 69.63 9.97
N GLU MA 95 116.09 68.96 9.47
CA GLU MA 95 114.78 69.04 10.11
C GLU MA 95 114.83 68.50 11.53
N TRP MA 96 115.59 67.42 11.74
CA TRP MA 96 115.73 66.86 13.09
C TRP MA 96 116.40 67.86 14.03
N GLU MA 97 117.43 68.54 13.54
CA GLU MA 97 118.10 69.54 14.37
C GLU MA 97 117.16 70.70 14.71
N THR MA 98 116.41 71.18 13.72
CA THR MA 98 115.47 72.26 13.97
C THR MA 98 114.37 71.83 14.94
N HIS MA 99 113.89 70.60 14.80
CA HIS MA 99 112.88 70.07 15.71
C HIS MA 99 113.42 69.97 17.13
N LYS MA 100 114.66 69.50 17.27
CA LYS MA 100 115.28 69.46 18.59
C LYS MA 100 115.35 70.85 19.20
N ARG MA 101 115.74 71.85 18.40
CA ARG MA 101 115.82 73.21 18.90
C ARG MA 101 114.46 73.72 19.35
N ASN MA 102 113.42 73.46 18.55
CA ASN MA 102 112.08 73.93 18.91
C ASN MA 102 111.56 73.26 20.18
N VAL MA 103 111.76 71.94 20.30
CA VAL MA 103 111.30 71.25 21.50
C VAL MA 103 112.09 71.70 22.71
N ASP MA 104 113.38 72.00 22.53
CA ASP MA 104 114.16 72.56 23.64
C ASP MA 104 113.62 73.92 24.06
N THR MA 105 113.24 74.74 23.08
CA THR MA 105 112.70 76.07 23.39
C THR MA 105 111.38 75.96 24.15
N LEU MA 106 110.48 75.08 23.71
CA LEU MA 106 109.18 74.98 24.37
C LEU MA 106 109.26 74.26 25.71
N PHE MA 107 110.02 73.17 25.79
CA PHE MA 107 110.00 72.24 26.90
C PHE MA 107 111.23 72.36 27.80
N ALA MA 108 112.43 72.24 27.23
CA ALA MA 108 113.64 72.22 28.05
C ALA MA 108 113.85 73.56 28.75
N SER MA 109 113.60 74.66 28.05
CA SER MA 109 113.79 75.99 28.62
C SER MA 109 112.49 76.69 28.96
N GLY MA 110 111.34 76.14 28.57
CA GLY MA 110 110.05 76.71 28.85
C GLY MA 110 109.22 75.84 29.77
N ASN MA 111 108.06 76.35 30.15
CA ASN MA 111 107.17 75.62 31.04
C ASN MA 111 106.15 74.80 30.28
N ALA MA 112 106.61 73.98 29.34
CA ALA MA 112 105.70 73.06 28.65
C ALA MA 112 105.42 71.84 29.51
N GLY MA 113 106.34 71.51 30.42
CA GLY MA 113 106.17 70.33 31.25
C GLY MA 113 104.99 70.44 32.19
N LEU MA 114 104.74 71.63 32.73
CA LEU MA 114 103.62 71.80 33.65
C LEU MA 114 102.30 71.93 32.92
N GLY MA 115 102.33 72.18 31.61
CA GLY MA 115 101.12 72.29 30.83
C GLY MA 115 100.88 73.64 30.20
N PHE MA 116 101.87 74.52 30.17
CA PHE MA 116 101.68 75.84 29.59
C PHE MA 116 102.28 75.91 28.19
N LEU MA 117 101.49 76.40 27.25
CA LEU MA 117 101.92 76.60 25.87
C LEU MA 117 102.10 78.09 25.65
N ASP MA 118 103.34 78.55 25.70
CA ASP MA 118 103.63 79.97 25.55
C ASP MA 118 103.47 80.37 24.09
N PRO MA 119 102.59 81.32 23.77
CA PRO MA 119 102.40 81.69 22.35
C PRO MA 119 103.47 82.64 21.81
N THR MA 120 104.34 83.17 22.65
CA THR MA 120 105.38 84.09 22.18
C THR MA 120 106.75 83.45 22.10
N ALA MA 121 106.84 82.12 22.18
CA ALA MA 121 108.13 81.45 22.14
C ALA MA 121 108.78 81.62 20.78
N ALA MA 122 110.12 81.64 20.77
CA ALA MA 122 110.90 81.87 19.56
C ALA MA 122 111.06 80.54 18.82
N ILE MA 123 110.09 80.22 17.98
CA ILE MA 123 110.13 79.03 17.15
C ILE MA 123 110.67 79.40 15.78
N VAL MA 124 111.59 78.58 15.27
CA VAL MA 124 112.26 78.86 14.00
C VAL MA 124 112.12 77.66 13.08
N SER MA 125 112.20 77.92 11.78
CA SER MA 125 112.14 76.88 10.77
C SER MA 125 113.54 76.42 10.38
N SER MA 126 113.59 75.38 9.55
CA SER MA 126 114.87 74.84 9.12
C SER MA 126 115.56 75.74 8.09
N ASP MA 127 114.80 76.50 7.33
CA ASP MA 127 115.39 77.36 6.30
C ASP MA 127 116.18 78.50 6.94
N THR MA 128 117.27 78.89 6.29
CA THR MA 128 118.13 79.96 6.76
C THR MA 128 118.07 81.14 5.80
N THR MA 129 118.03 82.34 6.36
CA THR MA 129 117.97 83.55 5.56
C THR MA 129 119.38 84.05 5.23
N ALA NA 1 41.19 24.71 -139.72
CA ALA NA 1 40.17 25.68 -139.33
C ALA NA 1 39.51 25.28 -138.03
N ASN NA 2 39.92 25.91 -136.94
CA ASN NA 2 39.34 25.61 -135.63
C ASN NA 2 37.89 26.09 -135.56
N LYS NA 3 37.07 25.36 -134.82
CA LYS NA 3 35.65 25.66 -134.73
C LYS NA 3 35.45 26.93 -133.90
N PRO NA 4 34.72 27.92 -134.41
CA PRO NA 4 34.39 29.09 -133.59
C PRO NA 4 33.62 28.67 -132.35
N MET NA 5 33.89 29.37 -131.24
CA MET NA 5 33.27 29.08 -129.96
C MET NA 5 32.58 30.33 -129.44
N GLN NA 6 31.33 30.19 -129.01
CA GLN NA 6 30.54 31.33 -128.60
C GLN NA 6 30.22 31.26 -127.12
N PRO NA 7 30.06 32.40 -126.44
CA PRO NA 7 29.90 32.38 -124.98
C PRO NA 7 28.54 31.87 -124.56
N ILE NA 8 28.48 31.40 -123.31
CA ILE NA 8 27.22 31.01 -122.69
C ILE NA 8 26.89 31.85 -121.47
N THR NA 9 27.88 32.43 -120.81
CA THR NA 9 27.66 33.33 -119.68
C THR NA 9 28.57 34.53 -119.83
N SER NA 10 27.97 35.73 -119.78
CA SER NA 10 28.71 36.97 -119.96
C SER NA 10 28.54 37.86 -118.74
N THR NA 11 29.65 38.32 -118.19
CA THR NA 11 29.66 39.19 -117.03
C THR NA 11 30.92 40.03 -117.08
N ALA NA 12 30.89 41.18 -116.42
CA ALA NA 12 32.04 42.07 -116.41
C ALA NA 12 33.23 41.43 -115.71
N ASN NA 13 33.00 40.40 -114.90
CA ASN NA 13 34.05 39.75 -114.12
C ASN NA 13 34.34 38.33 -114.59
N LYS NA 14 33.54 37.76 -115.47
CA LYS NA 14 33.71 36.38 -115.90
C LYS NA 14 32.94 36.14 -117.19
N ILE NA 15 33.62 35.58 -118.19
CA ILE NA 15 33.00 35.16 -119.44
C ILE NA 15 33.41 33.72 -119.71
N VAL NA 16 32.43 32.87 -120.00
CA VAL NA 16 32.66 31.45 -120.23
C VAL NA 16 32.21 31.12 -121.65
N TRP NA 17 33.08 30.46 -122.41
CA TRP NA 17 32.78 30.03 -123.77
C TRP NA 17 32.57 28.52 -123.77
N SER NA 18 31.65 28.06 -124.61
CA SER NA 18 31.37 26.63 -124.76
C SER NA 18 31.14 26.31 -126.23
N ASP NA 19 31.68 25.18 -126.67
CA ASP NA 19 31.50 24.77 -128.05
C ASP NA 19 30.05 24.36 -128.29
N PRO NA 20 29.40 24.91 -129.31
CA PRO NA 20 27.98 24.54 -129.55
C PRO NA 20 27.79 23.06 -129.83
N THR NA 21 28.73 22.42 -130.50
CA THR NA 21 28.63 20.98 -130.76
C THR NA 21 28.96 20.14 -129.54
N ARG NA 22 29.85 20.60 -128.66
CA ARG NA 22 30.18 19.90 -127.43
C ARG NA 22 30.28 20.88 -126.28
N LEU NA 23 29.20 21.04 -125.51
CA LEU NA 23 29.17 22.00 -124.42
C LEU NA 23 30.14 21.62 -123.30
N SER NA 24 30.60 20.37 -123.30
CA SER NA 24 31.58 19.94 -122.32
C SER NA 24 32.90 20.68 -122.43
N THR NA 25 33.24 21.20 -123.60
CA THR NA 25 34.46 21.97 -123.78
C THR NA 25 34.20 23.42 -123.35
N THR NA 26 34.94 23.88 -122.35
CA THR NA 26 34.73 25.20 -121.78
C THR NA 26 36.04 25.97 -121.73
N PHE NA 27 35.93 27.30 -121.79
CA PHE NA 27 37.06 28.21 -121.64
C PHE NA 27 36.58 29.43 -120.87
N SER NA 28 37.05 29.57 -119.64
CA SER NA 28 36.59 30.61 -118.74
C SER NA 28 37.72 31.58 -118.42
N ALA NA 29 37.40 32.87 -118.45
CA ALA NA 29 38.35 33.93 -118.12
C ALA NA 29 37.72 34.81 -117.05
N SER NA 30 38.44 34.99 -115.94
CA SER NA 30 37.95 35.78 -114.82
C SER NA 30 39.03 36.78 -114.42
N LEU NA 31 38.63 38.03 -114.21
CA LEU NA 31 39.55 39.07 -113.80
C LEU NA 31 39.23 39.52 -112.38
N LEU NA 32 40.27 39.70 -111.58
CA LEU NA 32 40.15 40.24 -110.23
C LEU NA 32 41.09 41.42 -110.09
N ARG NA 33 40.56 42.56 -109.64
CA ARG NA 33 41.29 43.81 -109.60
C ARG NA 33 41.39 44.31 -108.16
N GLN NA 34 42.62 44.59 -107.73
CA GLN NA 34 42.89 45.17 -106.42
C GLN NA 34 43.79 46.37 -106.59
N ARG NA 35 43.88 47.18 -105.54
CA ARG NA 35 44.77 48.33 -105.51
C ARG NA 35 45.86 48.07 -104.48
N VAL NA 36 47.12 48.12 -104.92
CA VAL NA 36 48.26 47.75 -104.10
C VAL NA 36 49.22 48.93 -104.02
N LYS NA 37 49.64 49.27 -102.80
CA LYS NA 37 50.58 50.37 -102.57
C LYS NA 37 51.99 49.79 -102.49
N VAL NA 38 52.63 49.72 -103.66
CA VAL NA 38 54.00 49.19 -103.72
C VAL NA 38 55.02 50.27 -103.42
N GLY NA 39 55.01 51.34 -104.23
CA GLY NA 39 56.00 52.39 -104.13
C GLY NA 39 55.40 53.72 -103.73
N ILE NA 40 54.54 53.68 -102.70
CA ILE NA 40 53.72 54.79 -102.21
C ILE NA 40 52.90 55.36 -103.36
N ALA NA 41 52.74 54.58 -104.41
CA ALA NA 41 51.87 54.89 -105.53
C ALA NA 41 50.90 53.72 -105.72
N GLU NA 42 49.62 54.04 -105.86
CA GLU NA 42 48.57 53.01 -105.88
C GLU NA 42 48.52 52.37 -107.26
N LEU NA 43 49.28 51.28 -107.41
CA LEU NA 43 49.25 50.52 -108.64
C LEU NA 43 47.98 49.67 -108.71
N ASN NA 44 47.48 49.47 -109.93
CA ASN NA 44 46.26 48.70 -110.14
C ASN NA 44 46.61 47.38 -110.85
N ASN NA 45 46.84 46.35 -110.03
CA ASN NA 45 47.17 45.04 -110.57
C ASN NA 45 45.92 44.31 -111.03
N VAL NA 46 46.11 43.37 -111.96
CA VAL NA 46 45.02 42.55 -112.49
C VAL NA 46 45.45 41.09 -112.38
N SER NA 47 44.64 40.28 -111.71
CA SER NA 47 44.90 38.86 -111.53
C SER NA 47 43.92 38.09 -112.42
N GLY NA 48 44.34 37.85 -113.66
CA GLY NA 48 43.51 37.17 -114.64
C GLY NA 48 43.73 35.68 -114.60
N GLN NA 49 42.63 34.95 -114.41
CA GLN NA 49 42.65 33.49 -114.37
C GLN NA 49 41.95 32.96 -115.62
N TYR NA 50 42.64 32.11 -116.37
CA TYR NA 50 42.13 31.54 -117.61
C TYR NA 50 42.15 30.03 -117.48
N VAL NA 51 40.99 29.41 -117.61
CA VAL NA 51 40.83 27.97 -117.41
C VAL NA 51 40.24 27.36 -118.67
N SER NA 52 40.91 26.33 -119.19
CA SER NA 52 40.43 25.57 -120.33
C SER NA 52 40.20 24.12 -119.90
N VAL NA 53 38.98 23.63 -120.14
CA VAL NA 53 38.57 22.31 -119.69
C VAL NA 53 38.03 21.53 -120.87
N TYR NA 54 38.55 20.32 -121.06
CA TYR NA 54 38.07 19.41 -122.10
C TYR NA 54 37.93 18.02 -121.49
N LYS NA 55 36.75 17.44 -121.62
CA LYS NA 55 36.49 16.08 -121.16
C LYS NA 55 36.71 15.13 -122.34
N ARG NA 56 37.84 14.43 -122.31
CA ARG NA 56 38.24 13.56 -123.41
C ARG NA 56 37.91 12.12 -123.06
N PRO NA 57 37.26 11.36 -123.94
CA PRO NA 57 36.98 9.96 -123.63
C PRO NA 57 38.14 9.02 -123.94
N ALA NA 58 38.62 8.35 -122.90
CA ALA NA 58 39.79 7.49 -123.01
C ALA NA 58 39.53 6.10 -122.44
N PRO NA 59 38.63 5.32 -123.05
CA PRO NA 59 38.69 3.88 -122.81
C PRO NA 59 39.98 3.29 -123.34
N LYS NA 60 40.51 3.89 -124.40
CA LYS NA 60 41.76 3.54 -125.07
C LYS NA 60 41.81 2.06 -125.42
N PRO NA 61 40.90 1.56 -126.25
CA PRO NA 61 41.00 0.17 -126.71
C PRO NA 61 42.09 0.04 -127.76
N GLU NA 62 43.22 -0.53 -127.37
CA GLU NA 62 44.38 -0.57 -128.23
C GLU NA 62 44.17 -1.56 -129.37
N GLY NA 63 43.93 -1.01 -130.55
CA GLY NA 63 43.80 -1.82 -131.76
C GLY NA 63 42.41 -2.04 -132.34
N CYS NA 64 41.39 -2.08 -131.50
CA CYS NA 64 40.07 -2.42 -132.01
C CYS NA 64 39.03 -1.45 -131.48
N ALA NA 65 38.17 -0.99 -132.38
CA ALA NA 65 36.94 -0.28 -132.05
C ALA NA 65 35.82 -0.83 -132.91
N ASP NA 66 34.73 -1.22 -132.27
CA ASP NA 66 33.75 -2.01 -133.01
C ASP NA 66 32.40 -1.32 -133.19
N ALA NA 67 31.75 -0.90 -132.11
CA ALA NA 67 30.39 -0.40 -132.20
C ALA NA 67 30.22 0.75 -131.21
N CYS NA 68 28.96 1.13 -130.98
CA CYS NA 68 28.63 2.23 -130.09
C CYS NA 68 28.77 1.77 -128.64
N VAL NA 69 29.96 1.97 -128.09
CA VAL NA 69 30.24 1.65 -126.69
C VAL NA 69 30.27 2.97 -125.93
N ILE NA 70 29.71 2.98 -124.73
CA ILE NA 70 29.70 4.18 -123.91
C ILE NA 70 31.11 4.62 -123.56
N MET NA 71 31.38 5.90 -123.73
CA MET NA 71 32.67 6.45 -123.38
C MET NA 71 32.69 6.88 -121.91
N PRO NA 72 33.55 6.28 -121.08
CA PRO NA 72 33.84 6.89 -119.78
C PRO NA 72 34.82 8.03 -119.94
N ASN NA 73 34.56 9.16 -119.29
CA ASN NA 73 35.25 10.41 -119.57
C ASN NA 73 36.26 10.74 -118.48
N GLU NA 74 37.37 11.35 -118.90
CA GLU NA 74 38.33 11.97 -117.99
C GLU NA 74 38.42 13.45 -118.32
N ASN NA 75 38.80 14.24 -117.33
CA ASN NA 75 38.82 15.70 -117.47
C ASN NA 75 40.26 16.16 -117.69
N GLN NA 76 40.47 16.90 -118.77
CA GLN NA 76 41.76 17.53 -119.05
C GLN NA 76 41.61 19.02 -118.77
N SER NA 77 42.41 19.53 -117.82
CA SER NA 77 42.31 20.91 -117.38
C SER NA 77 43.64 21.62 -117.56
N ILE NA 78 43.58 22.83 -118.12
CA ILE NA 78 44.74 23.70 -118.27
C ILE NA 78 44.33 25.09 -117.81
N ARG NA 79 44.85 25.51 -116.66
CA ARG NA 79 44.53 26.80 -116.07
C ARG NA 79 45.80 27.63 -115.94
N THR NA 80 45.69 28.93 -116.21
CA THR NA 80 46.80 29.86 -116.06
C THR NA 80 46.32 31.10 -115.33
N VAL NA 81 47.21 31.68 -114.53
CA VAL NA 81 46.94 32.90 -113.78
C VAL NA 81 48.04 33.90 -114.08
N ILE NA 82 47.65 35.08 -114.56
CA ILE NA 82 48.58 36.15 -114.88
C ILE NA 82 48.30 37.31 -113.93
N SER NA 83 49.29 37.70 -113.15
CA SER NA 83 49.14 38.75 -112.15
C SER NA 83 50.23 39.79 -112.37
N GLY NA 84 49.87 41.06 -112.28
CA GLY NA 84 50.82 42.15 -112.43
C GLY NA 84 50.16 43.50 -112.56
N SER NA 85 50.94 44.56 -112.33
CA SER NA 85 50.39 45.91 -112.43
C SER NA 85 50.05 46.24 -113.88
N ALA NA 86 48.97 47.00 -114.06
CA ALA NA 86 48.53 47.36 -115.40
C ALA NA 86 49.50 48.31 -116.08
N GLU NA 87 50.28 49.05 -115.28
CA GLU NA 87 51.18 50.04 -115.85
C GLU NA 87 52.42 49.39 -116.47
N ASN NA 88 52.61 48.09 -116.26
CA ASN NA 88 53.71 47.34 -116.83
C ASN NA 88 53.22 46.25 -117.77
N LEU NA 89 52.22 46.60 -118.60
CA LEU NA 89 51.57 45.59 -119.43
C LEU NA 89 52.49 45.07 -120.51
N ALA NA 90 53.33 45.93 -121.10
CA ALA NA 90 54.22 45.49 -122.16
C ALA NA 90 55.21 44.44 -121.64
N THR NA 91 55.82 44.71 -120.49
CA THR NA 91 56.77 43.74 -119.97
C THR NA 91 56.07 42.53 -119.37
N LEU NA 92 54.81 42.68 -118.94
CA LEU NA 92 54.04 41.51 -118.56
C LEU NA 92 53.79 40.60 -119.75
N LYS NA 93 53.52 41.19 -120.92
CA LYS NA 93 53.38 40.41 -122.14
C LYS NA 93 54.69 39.73 -122.51
N ALA NA 94 55.82 40.43 -122.33
CA ALA NA 94 57.11 39.81 -122.55
C ALA NA 94 57.33 38.63 -121.60
N GLU NA 95 56.93 38.78 -120.34
CA GLU NA 95 57.00 37.69 -119.37
C GLU NA 95 56.12 36.53 -119.82
N TRP NA 96 54.93 36.82 -120.36
CA TRP NA 96 54.06 35.77 -120.87
C TRP NA 96 54.71 35.00 -122.00
N GLU NA 97 55.36 35.72 -122.92
CA GLU NA 97 56.04 35.05 -124.02
C GLU NA 97 57.17 34.17 -123.50
N THR NA 98 57.97 34.67 -122.56
CA THR NA 98 59.05 33.86 -122.00
C THR NA 98 58.51 32.64 -121.27
N HIS NA 99 57.41 32.81 -120.53
CA HIS NA 99 56.80 31.68 -119.83
C HIS NA 99 56.30 30.64 -120.81
N LYS NA 100 55.71 31.09 -121.92
CA LYS NA 100 55.27 30.15 -122.96
C LYS NA 100 56.45 29.38 -123.52
N ARG NA 101 57.56 30.08 -123.80
CA ARG NA 101 58.74 29.42 -124.33
C ARG NA 101 59.29 28.39 -123.36
N ASN NA 102 59.40 28.74 -122.08
CA ASN NA 102 59.94 27.82 -121.09
C ASN NA 102 59.03 26.60 -120.90
N VAL NA 103 57.72 26.84 -120.84
CA VAL NA 103 56.78 25.73 -120.66
C VAL NA 103 56.80 24.81 -121.86
N ASP NA 104 56.93 25.38 -123.07
CA ASP NA 104 57.07 24.54 -124.25
C ASP NA 104 58.35 23.72 -124.20
N THR NA 105 59.45 24.34 -123.77
CA THR NA 105 60.72 23.62 -123.70
C THR NA 105 60.62 22.45 -122.73
N LEU NA 106 59.97 22.64 -121.59
CA LEU NA 106 59.85 21.55 -120.62
C LEU NA 106 58.81 20.51 -121.04
N PHE NA 107 57.73 20.92 -121.69
CA PHE NA 107 56.55 20.07 -121.86
C PHE NA 107 56.39 19.57 -123.29
N ALA NA 108 56.32 20.47 -124.27
CA ALA NA 108 56.02 20.06 -125.64
C ALA NA 108 57.17 19.29 -126.26
N SER NA 109 58.39 19.81 -126.13
CA SER NA 109 59.57 19.15 -126.66
C SER NA 109 60.25 18.25 -125.65
N GLY NA 110 59.76 18.20 -124.40
CA GLY NA 110 60.32 17.35 -123.38
C GLY NA 110 59.43 16.18 -123.04
N ASN NA 111 59.62 15.66 -121.83
CA ASN NA 111 58.87 14.52 -121.34
C ASN NA 111 58.17 14.83 -120.02
N ALA NA 112 57.91 16.11 -119.76
CA ALA NA 112 57.25 16.49 -118.51
C ALA NA 112 55.80 15.99 -118.47
N GLY NA 113 55.19 15.73 -119.62
CA GLY NA 113 53.83 15.25 -119.64
C GLY NA 113 53.69 13.84 -119.13
N LEU NA 114 54.78 13.06 -119.19
CA LEU NA 114 54.76 11.69 -118.72
C LEU NA 114 55.23 11.62 -117.28
N GLY NA 115 55.49 12.78 -116.68
CA GLY NA 115 55.97 12.82 -115.31
C GLY NA 115 57.47 12.73 -115.19
N PHE NA 116 58.20 13.54 -115.94
CA PHE NA 116 59.66 13.53 -115.93
C PHE NA 116 60.18 14.95 -115.77
N LEU NA 117 61.34 15.09 -115.13
CA LEU NA 117 62.03 16.36 -115.00
C LEU NA 117 63.39 16.26 -115.67
N ASP NA 118 63.73 17.25 -116.48
CA ASP NA 118 65.02 17.27 -117.15
C ASP NA 118 65.84 18.42 -116.58
N PRO NA 119 66.80 18.17 -115.70
CA PRO NA 119 67.61 19.27 -115.16
C PRO NA 119 68.47 19.97 -116.20
N THR NA 120 68.71 19.37 -117.35
CA THR NA 120 69.55 19.95 -118.39
C THR NA 120 68.75 20.76 -119.40
N ALA NA 121 67.45 20.97 -119.16
CA ALA NA 121 66.63 21.72 -120.10
C ALA NA 121 67.10 23.17 -120.18
N ALA NA 122 66.96 23.75 -121.38
CA ALA NA 122 67.43 25.12 -121.63
C ALA NA 122 66.30 26.10 -121.30
N ILE NA 123 66.30 26.56 -120.06
CA ILE NA 123 65.36 27.56 -119.58
C ILE NA 123 66.00 28.94 -119.73
N VAL NA 124 65.23 29.91 -120.21
CA VAL NA 124 65.73 31.24 -120.48
C VAL NA 124 64.88 32.27 -119.75
N SER NA 125 65.47 33.43 -119.52
CA SER NA 125 64.77 34.53 -118.85
C SER NA 125 64.24 35.52 -119.89
N SER NA 126 63.41 36.45 -119.40
CA SER NA 126 62.84 37.45 -120.29
C SER NA 126 63.85 38.53 -120.67
N ASP NA 127 64.90 38.72 -119.87
CA ASP NA 127 65.89 39.73 -120.17
C ASP NA 127 66.72 39.33 -121.38
N THR NA 128 67.22 40.33 -122.10
CA THR NA 128 68.02 40.13 -123.29
C THR NA 128 69.44 40.61 -123.05
N THR NA 129 70.40 39.80 -123.50
CA THR NA 129 71.81 40.13 -123.34
C THR NA 129 72.22 41.23 -124.31
N ALA OA 1 40.47 67.03 -127.78
CA ALA OA 1 40.23 65.60 -127.91
C ALA OA 1 40.42 64.88 -126.58
N ASN OA 2 39.34 64.77 -125.81
CA ASN OA 2 39.41 64.12 -124.52
C ASN OA 2 39.60 62.62 -124.67
N LYS OA 3 40.33 62.02 -123.74
CA LYS OA 3 40.56 60.58 -123.79
C LYS OA 3 39.28 59.83 -123.45
N PRO OA 4 38.84 58.90 -124.28
CA PRO OA 4 37.59 58.18 -124.00
C PRO OA 4 37.76 57.13 -122.91
N MET OA 5 36.64 56.73 -122.32
CA MET OA 5 36.61 55.68 -121.32
C MET OA 5 35.87 54.47 -121.88
N GLN OA 6 36.09 53.32 -121.23
CA GLN OA 6 35.39 52.08 -121.50
C GLN OA 6 34.85 51.49 -120.22
N PRO OA 7 33.72 50.78 -120.26
CA PRO OA 7 33.18 50.19 -119.03
C PRO OA 7 34.08 49.08 -118.51
N ILE OA 8 34.24 49.04 -117.19
CA ILE OA 8 35.09 48.06 -116.53
C ILE OA 8 34.26 47.09 -115.68
N THR OA 9 33.26 47.61 -114.98
CA THR OA 9 32.28 46.80 -114.28
C THR OA 9 30.88 47.23 -114.70
N SER OA 10 30.08 46.27 -115.14
CA SER OA 10 28.81 46.58 -115.76
C SER OA 10 27.67 45.85 -115.07
N THR OA 11 26.77 46.61 -114.48
CA THR OA 11 25.49 46.11 -113.99
C THR OA 11 24.43 47.14 -114.34
N ALA OA 12 23.21 46.66 -114.61
CA ALA OA 12 22.14 47.58 -114.98
C ALA OA 12 21.85 48.57 -113.85
N ASN OA 13 22.10 48.17 -112.61
CA ASN OA 13 21.95 49.10 -111.49
C ASN OA 13 23.13 50.07 -111.40
N LYS OA 14 24.31 49.69 -111.89
CA LYS OA 14 25.51 50.49 -111.72
C LYS OA 14 26.54 50.14 -112.77
N ILE OA 15 26.98 51.13 -113.54
CA ILE OA 15 28.04 50.98 -114.52
C ILE OA 15 29.13 52.00 -114.22
N VAL OA 16 30.38 51.55 -114.19
CA VAL OA 16 31.52 52.40 -113.90
C VAL OA 16 32.44 52.41 -115.12
N TRP OA 17 32.86 53.61 -115.52
CA TRP OA 17 33.76 53.81 -116.63
C TRP OA 17 35.16 54.09 -116.11
N SER OA 18 36.17 53.75 -116.90
CA SER OA 18 37.56 53.93 -116.49
C SER OA 18 38.42 54.18 -117.71
N ASP OA 19 39.48 54.97 -117.49
CA ASP OA 19 40.42 55.28 -118.56
C ASP OA 19 41.45 54.16 -118.66
N PRO OA 20 41.63 53.55 -119.83
CA PRO OA 20 42.63 52.48 -119.96
C PRO OA 20 44.04 52.92 -119.59
N THR OA 21 44.39 54.19 -119.81
CA THR OA 21 45.73 54.67 -119.51
C THR OA 21 45.90 55.10 -118.05
N ARG OA 22 44.83 55.52 -117.38
CA ARG OA 22 44.89 55.90 -115.97
C ARG OA 22 43.69 55.27 -115.28
N LEU OA 23 43.91 54.10 -114.67
CA LEU OA 23 42.82 53.37 -114.05
C LEU OA 23 42.28 54.07 -112.80
N SER OA 24 43.02 55.03 -112.25
CA SER OA 24 42.54 55.76 -111.08
C SER OA 24 41.39 56.72 -111.42
N THR OA 25 41.17 57.01 -112.70
CA THR OA 25 40.08 57.87 -113.14
C THR OA 25 38.85 57.01 -113.39
N THR OA 26 37.76 57.33 -112.69
CA THR OA 26 36.53 56.56 -112.78
C THR OA 26 35.34 57.49 -112.91
N PHE OA 27 34.28 56.97 -113.53
CA PHE OA 27 33.00 57.66 -113.62
C PHE OA 27 31.89 56.64 -113.43
N SER OA 28 31.08 56.83 -112.39
CA SER OA 28 30.07 55.86 -112.00
C SER OA 28 28.68 56.45 -112.17
N ALA OA 29 27.74 55.62 -112.62
CA ALA OA 29 26.35 56.00 -112.75
C ALA OA 29 25.48 54.89 -112.18
N SER OA 30 24.71 55.20 -111.15
CA SER OA 30 23.80 54.25 -110.52
C SER OA 30 22.43 54.88 -110.41
N LEU OA 31 21.42 54.19 -110.93
CA LEU OA 31 20.04 54.65 -110.85
C LEU OA 31 19.23 53.67 -110.01
N LEU OA 32 18.51 54.20 -109.02
CA LEU OA 32 17.61 53.42 -108.19
C LEU OA 32 16.18 53.88 -108.45
N ARG OA 33 15.33 52.95 -108.87
CA ARG OA 33 13.96 53.26 -109.27
C ARG OA 33 12.98 52.67 -108.26
N GLN OA 34 12.07 53.51 -107.78
CA GLN OA 34 11.04 53.10 -106.83
C GLN OA 34 9.73 53.77 -107.22
N ARG OA 35 8.64 53.02 -107.09
CA ARG OA 35 7.31 53.50 -107.47
C ARG OA 35 6.68 54.17 -106.26
N VAL OA 36 7.07 55.42 -106.02
CA VAL OA 36 6.51 56.21 -104.93
C VAL OA 36 5.30 56.97 -105.46
N LYS OA 37 4.11 56.54 -105.06
CA LYS OA 37 2.89 57.12 -105.61
C LYS OA 37 2.33 58.20 -104.69
N VAL OA 38 2.04 59.36 -105.26
CA VAL OA 38 1.33 60.42 -104.56
C VAL OA 38 -0.15 60.08 -104.60
N GLY OA 39 -0.96 60.82 -103.83
CA GLY OA 39 -2.38 60.54 -103.74
C GLY OA 39 -3.09 60.46 -105.08
N ILE OA 40 -3.92 59.43 -105.24
CA ILE OA 40 -4.74 59.16 -106.42
C ILE OA 40 -3.95 59.31 -107.73
N ALA OA 41 -2.65 58.99 -107.67
CA ALA OA 41 -1.81 59.07 -108.86
C ALA OA 41 -0.70 58.04 -108.73
N GLU OA 42 -0.13 57.68 -109.89
CA GLU OA 42 0.99 56.74 -109.97
C GLU OA 42 2.18 57.44 -110.59
N LEU OA 43 3.33 57.38 -109.92
CA LEU OA 43 4.54 58.04 -110.39
C LEU OA 43 5.72 57.11 -110.19
N ASN OA 44 6.63 57.10 -111.17
CA ASN OA 44 7.85 56.31 -111.11
C ASN OA 44 9.02 57.24 -110.83
N ASN OA 45 9.66 57.07 -109.68
CA ASN OA 45 10.76 57.91 -109.25
C ASN OA 45 12.08 57.24 -109.60
N VAL OA 46 12.97 58.00 -110.23
CA VAL OA 46 14.27 57.51 -110.65
C VAL OA 46 15.32 58.42 -110.03
N SER OA 47 16.08 57.91 -109.08
CA SER OA 47 17.15 58.67 -108.43
C SER OA 47 18.48 58.27 -109.05
N GLY OA 48 19.17 59.24 -109.67
CA GLY OA 48 20.42 58.95 -110.34
C GLY OA 48 21.63 59.53 -109.65
N GLN OA 49 22.58 58.66 -109.30
CA GLN OA 49 23.80 59.07 -108.63
C GLN OA 49 24.96 58.95 -109.60
N TYR OA 50 25.68 60.05 -109.80
CA TYR OA 50 26.81 60.10 -110.73
C TYR OA 50 28.04 60.58 -109.96
N VAL OA 51 29.10 59.77 -109.99
CA VAL OA 51 30.32 60.03 -109.25
C VAL OA 51 31.49 60.09 -110.22
N SER OA 52 32.28 61.14 -110.14
CA SER OA 52 33.51 61.28 -110.92
C SER OA 52 34.69 61.40 -109.97
N VAL OA 53 35.68 60.53 -110.16
CA VAL OA 53 36.83 60.45 -109.27
C VAL OA 53 38.10 60.62 -110.10
N TYR OA 54 38.98 61.51 -109.65
CA TYR OA 54 40.27 61.73 -110.26
C TYR OA 54 41.30 61.94 -109.16
N LYS OA 55 42.40 61.20 -109.24
CA LYS OA 55 43.47 61.30 -108.25
C LYS OA 55 44.58 62.17 -108.82
N ARG OA 56 44.60 63.44 -108.43
CA ARG OA 56 45.50 64.44 -108.97
C ARG OA 56 46.71 64.59 -108.06
N PRO OA 57 47.92 64.65 -108.61
CA PRO OA 57 49.10 64.86 -107.77
C PRO OA 57 49.06 66.22 -107.09
N ALA OA 58 49.63 66.27 -105.90
CA ALA OA 58 49.69 67.52 -105.16
C ALA OA 58 50.56 68.52 -105.90
N PRO OA 59 50.28 69.82 -105.78
CA PRO OA 59 50.98 70.82 -106.60
C PRO OA 59 52.46 70.93 -106.27
N LYS OA 60 53.29 70.91 -107.31
CA LYS OA 60 54.74 71.05 -107.16
C LYS OA 60 55.09 72.47 -106.74
N PRO OA 61 56.22 72.68 -106.07
CA PRO OA 61 56.62 74.05 -105.70
C PRO OA 61 56.77 74.96 -106.91
N GLU OA 62 56.41 76.23 -106.75
CA GLU OA 62 56.33 77.14 -107.89
C GLU OA 62 57.70 77.34 -108.54
N GLY OA 63 58.74 77.50 -107.72
CA GLY OA 63 60.07 77.69 -108.26
C GLY OA 63 60.84 76.39 -108.40
N CYS OA 64 60.30 75.45 -109.18
CA CYS OA 64 60.92 74.14 -109.35
C CYS OA 64 60.99 73.80 -110.83
N ALA OA 65 62.17 73.37 -111.28
CA ALA OA 65 62.37 72.91 -112.64
C ALA OA 65 62.98 71.52 -112.71
N ASP OA 66 62.88 70.73 -111.65
CA ASP OA 66 63.51 69.41 -111.62
C ASP OA 66 62.84 68.49 -112.62
N ALA OA 67 63.60 67.50 -113.10
CA ALA OA 67 63.12 66.58 -114.12
C ALA OA 67 61.90 65.81 -113.65
N CYS OA 68 62.05 65.00 -112.61
CA CYS OA 68 60.96 64.19 -112.09
C CYS OA 68 61.05 64.11 -110.57
N VAL OA 69 60.09 64.76 -109.90
CA VAL OA 69 59.89 64.62 -108.47
C VAL OA 69 58.40 64.48 -108.25
N ILE OA 70 57.96 63.29 -107.84
CA ILE OA 70 56.54 62.97 -107.75
C ILE OA 70 56.14 62.96 -106.29
N MET OA 71 55.06 63.68 -105.97
CA MET OA 71 54.50 63.74 -104.63
C MET OA 71 53.13 63.09 -104.64
N PRO OA 72 52.65 62.54 -103.52
CA PRO OA 72 51.49 61.64 -103.57
C PRO OA 72 50.22 62.34 -104.01
N ASN OA 73 49.28 61.52 -104.48
CA ASN OA 73 48.05 61.99 -105.10
C ASN OA 73 47.02 62.38 -104.04
N GLU OA 74 46.09 63.25 -104.43
CA GLU OA 74 44.98 63.67 -103.59
C GLU OA 74 43.69 63.23 -104.26
N ASN OA 75 42.63 63.09 -103.48
CA ASN OA 75 41.36 62.61 -104.00
C ASN OA 75 40.48 63.78 -104.39
N GLN OA 76 40.04 63.80 -105.66
CA GLN OA 76 39.11 64.80 -106.17
C GLN OA 76 37.84 64.07 -106.59
N SER OA 77 36.73 64.42 -105.95
CA SER OA 77 35.45 63.76 -106.18
C SER OA 77 34.37 64.77 -106.47
N ILE OA 78 33.52 64.45 -107.45
CA ILE OA 78 32.34 65.24 -107.78
C ILE OA 78 31.17 64.28 -107.89
N ARG OA 79 30.16 64.47 -107.03
CA ARG OA 79 29.04 63.54 -106.92
C ARG OA 79 27.73 64.31 -107.07
N THR OA 80 26.90 63.89 -108.02
CA THR OA 80 25.61 64.52 -108.28
C THR OA 80 24.50 63.49 -108.15
N VAL OA 81 23.41 63.89 -107.51
CA VAL OA 81 22.24 63.05 -107.34
C VAL OA 81 21.04 63.80 -107.91
N ILE OA 82 20.31 63.16 -108.82
CA ILE OA 82 19.13 63.74 -109.44
C ILE OA 82 17.95 62.83 -109.12
N SER OA 83 16.93 63.39 -108.48
CA SER OA 83 15.75 62.64 -108.04
C SER OA 83 14.50 63.33 -108.58
N GLY OA 84 13.66 62.56 -109.26
CA GLY OA 84 12.42 63.09 -109.80
C GLY OA 84 11.59 62.06 -110.51
N SER OA 85 10.34 62.39 -110.81
CA SER OA 85 9.45 61.47 -111.51
C SER OA 85 9.82 61.40 -112.99
N ALA OA 86 9.50 60.27 -113.61
CA ALA OA 86 9.78 60.11 -115.03
C ALA OA 86 8.84 60.97 -115.89
N GLU OA 87 7.65 61.26 -115.38
CA GLU OA 87 6.69 62.06 -116.13
C GLU OA 87 7.16 63.50 -116.30
N ASN OA 88 7.97 63.97 -115.36
CA ASN OA 88 8.45 65.35 -115.37
C ASN OA 88 9.88 65.48 -115.89
N LEU OA 89 10.23 64.70 -116.92
CA LEU OA 89 11.60 64.65 -117.38
C LEU OA 89 12.05 65.99 -117.98
N ALA OA 90 11.17 66.65 -118.74
CA ALA OA 90 11.54 67.92 -119.36
C ALA OA 90 11.80 68.99 -118.30
N THR OA 91 10.92 69.07 -117.31
CA THR OA 91 11.12 70.03 -116.23
C THR OA 91 12.35 69.69 -115.40
N LEU OA 92 12.64 68.40 -115.22
CA LEU OA 92 13.85 67.99 -114.52
C LEU OA 92 15.09 68.42 -115.30
N LYS OA 93 15.05 68.31 -116.63
CA LYS OA 93 16.17 68.77 -117.44
C LYS OA 93 16.35 70.29 -117.34
N ALA OA 94 15.24 71.03 -117.33
CA ALA OA 94 15.33 72.48 -117.13
C ALA OA 94 15.92 72.81 -115.77
N GLU OA 95 15.49 72.09 -114.73
CA GLU OA 95 16.06 72.29 -113.40
C GLU OA 95 17.55 71.96 -113.40
N TRP OA 96 17.95 70.94 -114.16
CA TRP OA 96 19.36 70.58 -114.24
C TRP OA 96 20.18 71.68 -114.89
N GLU OA 97 19.63 72.29 -115.95
CA GLU OA 97 20.32 73.41 -116.58
C GLU OA 97 20.46 74.59 -115.62
N THR OA 98 19.39 74.89 -114.87
CA THR OA 98 19.46 75.98 -113.90
C THR OA 98 20.47 75.67 -112.80
N HIS OA 99 20.53 74.40 -112.37
CA HIS OA 99 21.51 73.99 -111.38
C HIS OA 99 22.93 74.15 -111.93
N LYS OA 100 23.14 73.80 -113.20
CA LYS OA 100 24.42 74.07 -113.84
C LYS OA 100 24.78 75.55 -113.71
N ARG OA 101 23.85 76.43 -114.09
CA ARG OA 101 24.14 77.85 -114.08
C ARG OA 101 24.48 78.35 -112.67
N ASN OA 102 23.71 77.92 -111.67
CA ASN OA 102 23.95 78.38 -110.31
C ASN OA 102 25.26 77.86 -109.74
N VAL OA 103 25.54 76.57 -109.93
CA VAL OA 103 26.80 76.02 -109.44
C VAL OA 103 27.97 76.65 -110.15
N ASP OA 104 27.80 76.96 -111.45
CA ASP OA 104 28.87 77.62 -112.19
C ASP OA 104 29.14 79.02 -111.64
N THR OA 105 28.09 79.80 -111.39
CA THR OA 105 28.31 81.16 -110.92
C THR OA 105 28.89 81.17 -109.50
N LEU OA 106 28.56 80.16 -108.70
CA LEU OA 106 29.17 80.09 -107.37
C LEU OA 106 30.61 79.57 -107.40
N PHE OA 107 30.91 78.60 -108.26
CA PHE OA 107 32.17 77.84 -108.20
C PHE OA 107 33.18 78.29 -109.25
N ALA OA 108 32.80 78.21 -110.53
CA ALA OA 108 33.76 78.45 -111.61
C ALA OA 108 34.20 79.91 -111.65
N SER OA 109 33.25 80.83 -111.57
CA SER OA 109 33.57 82.26 -111.58
C SER OA 109 33.53 82.88 -110.19
N GLY OA 110 33.34 82.08 -109.14
CA GLY OA 110 33.22 82.60 -107.79
C GLY OA 110 34.43 82.31 -106.93
N ASN OA 111 34.18 82.23 -105.62
CA ASN OA 111 35.22 82.03 -104.63
C ASN OA 111 34.94 80.81 -103.76
N ALA OA 112 33.87 80.06 -104.08
CA ALA OA 112 33.49 78.91 -103.27
C ALA OA 112 34.53 77.80 -103.36
N GLY OA 113 35.27 77.72 -104.47
CA GLY OA 113 36.33 76.73 -104.58
C GLY OA 113 37.42 76.90 -103.56
N LEU OA 114 37.85 78.13 -103.31
CA LEU OA 114 38.82 78.42 -102.26
C LEU OA 114 38.16 78.52 -100.89
N GLY OA 115 36.84 78.65 -100.83
CA GLY OA 115 36.14 78.55 -99.56
C GLY OA 115 35.44 79.80 -99.09
N PHE OA 116 35.04 80.68 -100.00
CA PHE OA 116 34.33 81.90 -99.64
C PHE OA 116 33.00 81.97 -100.36
N LEU OA 117 31.93 82.19 -99.61
CA LEU OA 117 30.58 82.34 -100.16
C LEU OA 117 30.25 83.82 -100.25
N ASP OA 118 29.70 84.22 -101.40
CA ASP OA 118 29.33 85.61 -101.63
C ASP OA 118 27.82 85.73 -101.60
N PRO OA 119 27.22 86.33 -100.56
CA PRO OA 119 25.77 86.53 -100.55
C PRO OA 119 25.24 87.34 -101.72
N THR OA 120 26.10 88.03 -102.47
CA THR OA 120 25.67 88.87 -103.57
C THR OA 120 25.71 88.15 -104.92
N ALA OA 121 25.87 86.84 -104.92
CA ALA OA 121 25.93 86.09 -106.17
C ALA OA 121 24.60 86.16 -106.90
N ALA OA 122 24.66 86.17 -108.23
CA ALA OA 122 23.48 86.29 -109.08
C ALA OA 122 22.88 84.90 -109.29
N ILE OA 123 22.12 84.44 -108.32
CA ILE OA 123 21.43 83.16 -108.41
C ILE OA 123 20.08 83.38 -109.08
N VAL OA 124 19.75 82.51 -110.05
CA VAL OA 124 18.54 82.65 -110.84
C VAL OA 124 17.71 81.38 -110.69
N SER OA 125 16.40 81.51 -110.93
CA SER OA 125 15.50 80.38 -110.89
C SER OA 125 15.25 79.85 -112.29
N SER OA 126 14.65 78.66 -112.36
CA SER OA 126 14.38 78.03 -113.64
C SER OA 126 13.25 78.71 -114.41
N ASP OA 127 12.24 79.21 -113.71
CA ASP OA 127 11.11 79.85 -114.38
C ASP OA 127 11.54 81.16 -115.02
N THR OA 128 10.88 81.49 -116.13
CA THR OA 128 11.15 82.71 -116.88
C THR OA 128 10.03 83.72 -116.67
N THR OA 129 10.37 84.99 -116.86
CA THR OA 129 9.40 86.07 -116.70
C THR OA 129 8.49 86.18 -117.92
N ALA PA 1 6.60 50.32 -137.79
CA ALA PA 1 7.78 50.43 -136.94
C ALA PA 1 7.39 50.39 -135.46
N ASN PA 2 7.69 49.28 -134.81
CA ASN PA 2 7.36 49.12 -133.40
C ASN PA 2 8.39 49.84 -132.53
N LYS PA 3 7.96 50.24 -131.34
CA LYS PA 3 8.84 50.97 -130.43
C LYS PA 3 9.78 49.99 -129.74
N PRO PA 4 11.09 50.17 -129.86
CA PRO PA 4 12.04 49.26 -129.19
C PRO PA 4 12.13 49.55 -127.70
N MET PA 5 12.72 48.60 -126.97
CA MET PA 5 13.01 48.77 -125.55
C MET PA 5 14.51 48.74 -125.31
N GLN PA 6 14.89 49.10 -124.10
CA GLN PA 6 16.24 49.01 -123.58
C GLN PA 6 16.25 48.21 -122.27
N PRO PA 7 17.33 47.54 -121.94
CA PRO PA 7 17.33 46.69 -120.74
C PRO PA 7 17.38 47.48 -119.44
N ILE PA 8 16.39 47.26 -118.57
CA ILE PA 8 16.41 47.90 -117.26
C ILE PA 8 17.15 47.08 -116.22
N THR PA 9 17.16 45.75 -116.36
CA THR PA 9 17.88 44.88 -115.43
C THR PA 9 18.63 43.84 -116.25
N SER PA 10 19.95 43.84 -116.15
CA SER PA 10 20.81 42.93 -116.90
C SER PA 10 21.52 42.02 -115.92
N THR PA 11 21.38 40.71 -116.12
CA THR PA 11 22.00 39.71 -115.27
C THR PA 11 22.35 38.51 -116.14
N ALA PA 12 23.33 37.73 -115.70
CA ALA PA 12 23.78 36.58 -116.46
C ALA PA 12 22.66 35.55 -116.65
N ASN PA 13 21.62 35.62 -115.81
CA ASN PA 13 20.51 34.68 -115.88
C ASN PA 13 19.17 35.30 -116.21
N LYS PA 14 19.07 36.63 -116.26
CA LYS PA 14 17.78 37.29 -116.50
C LYS PA 14 18.03 38.70 -117.00
N ILE PA 15 17.45 39.03 -118.16
CA ILE PA 15 17.49 40.38 -118.70
C ILE PA 15 16.06 40.86 -118.90
N VAL PA 16 15.76 42.05 -118.38
CA VAL PA 16 14.41 42.61 -118.41
C VAL PA 16 14.44 43.85 -119.28
N TRP PA 17 13.53 43.92 -120.25
CA TRP PA 17 13.37 45.08 -121.10
C TRP PA 17 12.19 45.92 -120.63
N SER PA 18 12.14 47.18 -121.05
CA SER PA 18 11.05 48.08 -120.70
C SER PA 18 11.02 49.24 -121.68
N ASP PA 19 9.81 49.64 -122.07
CA ASP PA 19 9.66 50.70 -123.06
C ASP PA 19 9.88 52.07 -122.41
N PRO PA 20 10.70 52.92 -123.01
CA PRO PA 20 10.88 54.27 -122.45
C PRO PA 20 9.58 55.06 -122.34
N THR PA 21 8.68 54.93 -123.32
CA THR PA 21 7.44 55.68 -123.27
C THR PA 21 6.51 55.16 -122.17
N ARG PA 22 6.32 53.85 -122.11
CA ARG PA 22 5.51 53.23 -121.07
C ARG PA 22 6.38 52.26 -120.29
N LEU PA 23 6.60 52.56 -119.02
CA LEU PA 23 7.46 51.70 -118.20
C LEU PA 23 6.70 50.49 -117.68
N SER PA 24 5.38 50.46 -117.91
CA SER PA 24 4.55 49.34 -117.46
C SER PA 24 4.75 48.10 -118.33
N THR PA 25 5.17 48.30 -119.57
CA THR PA 25 5.33 47.20 -120.51
C THR PA 25 6.76 46.66 -120.42
N THR PA 26 6.89 45.40 -119.97
CA THR PA 26 8.18 44.78 -119.82
C THR PA 26 8.19 43.42 -120.50
N PHE PA 27 9.40 42.98 -120.88
CA PHE PA 27 9.62 41.66 -121.46
C PHE PA 27 10.93 41.11 -120.91
N SER PA 28 10.85 40.06 -120.12
CA SER PA 28 12.02 39.50 -119.46
C SER PA 28 12.21 38.05 -119.86
N ALA PA 29 13.47 37.66 -120.01
CA ALA PA 29 13.85 36.30 -120.37
C ALA PA 29 14.78 35.76 -119.30
N SER PA 30 14.48 34.56 -118.79
CA SER PA 30 15.28 33.91 -117.77
C SER PA 30 15.66 32.52 -118.25
N LEU PA 31 16.92 32.16 -118.08
CA LEU PA 31 17.42 30.85 -118.51
C LEU PA 31 17.95 30.09 -117.30
N LEU PA 32 17.58 28.82 -117.20
CA LEU PA 32 18.10 27.91 -116.20
C LEU PA 32 18.85 26.79 -116.90
N ARG PA 33 20.11 26.59 -116.51
CA ARG PA 33 20.99 25.63 -117.14
C ARG PA 33 21.32 24.52 -116.16
N GLN PA 34 21.01 23.28 -116.54
CA GLN PA 34 21.25 22.13 -115.68
C GLN PA 34 21.76 20.97 -116.53
N ARG PA 35 22.51 20.08 -115.88
CA ARG PA 35 22.95 18.86 -116.51
C ARG PA 35 21.97 17.74 -116.19
N VAL PA 36 21.43 17.11 -117.24
CA VAL PA 36 20.44 16.05 -117.09
C VAL PA 36 21.13 14.71 -117.31
N LYS PA 37 21.01 13.82 -116.34
CA LYS PA 37 21.62 12.51 -116.39
C LYS PA 37 20.66 11.54 -117.05
N VAL PA 38 20.97 11.16 -118.29
CA VAL PA 38 20.22 10.15 -119.02
C VAL PA 38 21.15 8.98 -119.28
N GLY PA 39 20.61 7.77 -119.19
CA GLY PA 39 21.38 6.55 -119.32
C GLY PA 39 22.38 6.57 -120.46
N ILE PA 40 23.62 6.19 -120.16
CA ILE PA 40 24.78 6.22 -121.06
C ILE PA 40 24.79 7.49 -121.89
N ALA PA 41 24.49 8.62 -121.26
CA ALA PA 41 24.51 9.91 -121.94
C ALA PA 41 24.77 11.01 -120.93
N GLU PA 42 25.28 12.15 -121.41
CA GLU PA 42 25.49 13.34 -120.58
C GLU PA 42 25.17 14.56 -121.45
N LEU PA 43 23.94 15.06 -121.32
CA LEU PA 43 23.44 16.15 -122.14
C LEU PA 43 22.93 17.27 -121.26
N ASN PA 44 22.93 18.48 -121.82
CA ASN PA 44 22.69 19.71 -121.07
C ASN PA 44 21.34 20.29 -121.47
N ASN PA 45 20.43 20.41 -120.51
CA ASN PA 45 19.13 21.01 -120.77
C ASN PA 45 19.16 22.50 -120.47
N VAL PA 46 18.39 23.26 -121.24
CA VAL PA 46 18.25 24.70 -121.05
C VAL PA 46 16.76 25.03 -121.04
N SER PA 47 16.29 25.63 -119.96
CA SER PA 47 14.90 26.02 -119.80
C SER PA 47 14.81 27.53 -119.83
N GLY PA 48 14.02 28.06 -120.77
CA GLY PA 48 13.89 29.49 -120.92
C GLY PA 48 12.48 29.99 -120.67
N GLN PA 49 12.35 30.94 -119.75
CA GLN PA 49 11.05 31.49 -119.38
C GLN PA 49 10.96 32.92 -119.92
N TYR PA 50 10.04 33.14 -120.86
CA TYR PA 50 9.83 34.43 -121.47
C TYR PA 50 8.44 34.93 -121.08
N VAL PA 51 8.37 36.12 -120.48
CA VAL PA 51 7.12 36.70 -120.05
C VAL PA 51 6.95 38.06 -120.72
N SER PA 52 5.73 38.37 -121.15
CA SER PA 52 5.38 39.67 -121.70
C SER PA 52 4.18 40.22 -120.96
N VAL PA 53 4.31 41.45 -120.46
CA VAL PA 53 3.23 42.09 -119.70
C VAL PA 53 2.88 43.41 -120.36
N TYR PA 54 1.60 43.75 -120.33
CA TYR PA 54 1.11 45.02 -120.83
C TYR PA 54 -0.05 45.46 -119.93
N LYS PA 55 0.03 46.68 -119.42
CA LYS PA 55 -0.97 47.19 -118.49
C LYS PA 55 -2.03 47.97 -119.28
N ARG PA 56 -2.79 47.22 -120.07
CA ARG PA 56 -3.76 47.80 -120.98
C ARG PA 56 -4.90 48.46 -120.19
N PRO PA 57 -5.34 49.64 -120.62
CA PRO PA 57 -6.48 50.27 -119.94
C PRO PA 57 -7.76 49.47 -120.12
N ALA PA 58 -8.62 49.56 -119.11
CA ALA PA 58 -9.93 48.94 -119.18
C ALA PA 58 -10.74 49.60 -120.29
N PRO PA 59 -11.69 48.90 -120.92
CA PRO PA 59 -12.37 49.49 -122.07
C PRO PA 59 -13.31 50.61 -121.67
N LYS PA 60 -13.20 51.72 -122.39
CA LYS PA 60 -13.97 52.91 -122.07
C LYS PA 60 -15.46 52.64 -122.28
N PRO PA 61 -16.33 53.19 -121.43
CA PRO PA 61 -17.77 53.01 -121.63
C PRO PA 61 -18.24 53.62 -122.93
N GLU PA 62 -19.38 53.16 -123.44
CA GLU PA 62 -19.84 53.45 -124.79
C GLU PA 62 -20.51 54.82 -124.84
N GLY PA 63 -20.16 55.60 -125.86
CA GLY PA 63 -20.85 56.83 -126.17
C GLY PA 63 -20.47 58.02 -125.32
N CYS PA 64 -19.42 57.92 -124.51
CA CYS PA 64 -19.02 59.02 -123.63
C CYS PA 64 -17.56 59.37 -123.89
N ALA PA 65 -17.32 60.62 -124.30
CA ALA PA 65 -15.98 61.16 -124.41
C ALA PA 65 -15.70 61.99 -123.16
N ASP PA 66 -15.16 61.34 -122.13
CA ASP PA 66 -14.91 62.02 -120.87
C ASP PA 66 -13.86 63.11 -121.03
N ALA PA 67 -13.67 63.88 -119.96
CA ALA PA 67 -12.74 64.99 -120.00
C ALA PA 67 -11.34 64.52 -120.40
N CYS PA 68 -10.81 63.51 -119.71
CA CYS PA 68 -9.61 62.82 -120.13
C CYS PA 68 -9.58 61.44 -119.51
N VAL PA 69 -8.67 60.59 -119.98
CA VAL PA 69 -8.69 59.17 -119.65
C VAL PA 69 -8.47 58.98 -118.15
N ILE PA 70 -9.36 58.20 -117.53
CA ILE PA 70 -9.31 57.91 -116.10
C ILE PA 70 -9.48 56.41 -115.86
N MET PA 71 -9.31 55.61 -116.91
CA MET PA 71 -9.69 54.20 -116.85
C MET PA 71 -8.75 53.42 -115.93
N PRO PA 72 -9.27 52.50 -115.11
CA PRO PA 72 -8.41 51.69 -114.25
C PRO PA 72 -7.80 50.50 -114.97
N ASN PA 73 -6.65 50.71 -115.61
CA ASN PA 73 -5.99 49.71 -116.44
C ASN PA 73 -5.87 48.33 -115.79
N GLU PA 74 -5.86 47.29 -116.62
CA GLU PA 74 -5.82 45.90 -116.20
C GLU PA 74 -4.47 45.29 -116.54
N ASN PA 75 -4.33 43.98 -116.28
CA ASN PA 75 -3.08 43.28 -116.52
C ASN PA 75 -3.27 42.27 -117.66
N GLN PA 76 -2.39 42.35 -118.65
CA GLN PA 76 -2.35 41.38 -119.74
C GLN PA 76 -0.98 40.71 -119.73
N SER PA 77 -0.94 39.44 -119.35
CA SER PA 77 0.31 38.69 -119.25
C SER PA 77 0.23 37.44 -120.09
N ILE PA 78 1.28 37.21 -120.87
CA ILE PA 78 1.41 36.00 -121.69
C ILE PA 78 2.83 35.46 -121.52
N ARG PA 79 2.93 34.19 -121.14
CA ARG PA 79 4.16 33.59 -120.67
C ARG PA 79 4.46 32.33 -121.45
N THR PA 80 5.73 32.16 -121.83
CA THR PA 80 6.18 30.99 -122.59
C THR PA 80 7.40 30.39 -121.92
N VAL PA 81 7.43 29.07 -121.81
CA VAL PA 81 8.55 28.33 -121.26
C VAL PA 81 8.99 27.28 -122.28
N ILE PA 82 10.26 27.31 -122.64
CA ILE PA 82 10.84 26.39 -123.61
C ILE PA 82 11.93 25.59 -122.92
N SER PA 83 11.77 24.27 -122.91
CA SER PA 83 12.71 23.37 -122.23
C SER PA 83 13.17 22.31 -123.22
N GLY PA 84 14.47 22.07 -123.27
CA GLY PA 84 15.01 21.06 -124.16
C GLY PA 84 16.52 21.04 -124.08
N SER PA 85 17.09 19.98 -124.66
CA SER PA 85 18.54 19.83 -124.68
C SER PA 85 19.16 20.67 -125.78
N ALA PA 86 20.37 21.17 -125.55
CA ALA PA 86 21.04 22.00 -126.54
C ALA PA 86 21.50 21.18 -127.73
N GLU PA 87 21.65 19.87 -127.56
CA GLU PA 87 22.07 19.01 -128.67
C GLU PA 87 21.02 18.99 -129.77
N ASN PA 88 19.75 19.11 -129.40
CA ASN PA 88 18.64 19.06 -130.33
C ASN PA 88 18.05 20.44 -130.62
N LEU PA 89 18.91 21.45 -130.79
CA LEU PA 89 18.43 22.83 -130.93
C LEU PA 89 17.57 23.00 -132.18
N ALA PA 90 17.95 22.38 -133.29
CA ALA PA 90 17.15 22.49 -134.51
C ALA PA 90 15.77 21.86 -134.29
N THR PA 91 15.73 20.71 -133.61
CA THR PA 91 14.47 20.09 -133.24
C THR PA 91 13.63 21.00 -132.37
N LEU PA 92 14.24 21.65 -131.38
CA LEU PA 92 13.49 22.53 -130.49
C LEU PA 92 12.93 23.72 -131.26
N LYS PA 93 13.69 24.23 -132.24
CA LYS PA 93 13.19 25.31 -133.08
C LYS PA 93 12.00 24.86 -133.91
N ALA PA 94 12.08 23.67 -134.50
CA ALA PA 94 10.94 23.14 -135.25
C ALA PA 94 9.73 22.94 -134.34
N GLU PA 95 9.96 22.44 -133.13
CA GLU PA 95 8.88 22.31 -132.15
C GLU PA 95 8.26 23.65 -131.82
N TRP PA 96 9.09 24.68 -131.68
CA TRP PA 96 8.58 26.03 -131.42
C TRP PA 96 7.73 26.52 -132.57
N GLU PA 97 8.16 26.27 -133.81
CA GLU PA 97 7.38 26.68 -134.97
C GLU PA 97 6.02 26.00 -134.99
N THR PA 98 6.00 24.68 -134.77
CA THR PA 98 4.73 23.96 -134.79
C THR PA 98 3.83 24.36 -133.63
N HIS PA 99 4.43 24.64 -132.47
CA HIS PA 99 3.67 25.13 -131.32
C HIS PA 99 3.05 26.48 -131.64
N LYS PA 100 3.80 27.37 -132.30
CA LYS PA 100 3.24 28.64 -132.74
C LYS PA 100 2.07 28.43 -133.68
N ARG PA 101 2.23 27.50 -134.63
CA ARG PA 101 1.15 27.24 -135.58
C ARG PA 101 -0.11 26.74 -134.88
N ASN PA 102 0.05 25.81 -133.94
CA ASN PA 102 -1.11 25.27 -133.24
C ASN PA 102 -1.78 26.32 -132.36
N VAL PA 103 -0.98 27.13 -131.65
CA VAL PA 103 -1.55 28.15 -130.79
C VAL PA 103 -2.25 29.22 -131.63
N ASP PA 104 -1.71 29.53 -132.81
CA ASP PA 104 -2.38 30.46 -133.71
C ASP PA 104 -3.70 29.89 -134.20
N THR PA 105 -3.72 28.59 -134.50
CA THR PA 105 -4.95 27.95 -134.94
C THR PA 105 -6.02 28.01 -133.86
N LEU PA 106 -5.64 27.73 -132.61
CA LEU PA 106 -6.63 27.74 -131.53
C LEU PA 106 -7.05 29.16 -131.13
N PHE PA 107 -6.11 30.10 -131.16
CA PHE PA 107 -6.29 31.41 -130.56
C PHE PA 107 -6.37 32.53 -131.58
N ALA PA 108 -5.36 32.66 -132.45
CA ALA PA 108 -5.33 33.77 -133.40
C ALA PA 108 -6.50 33.69 -134.38
N SER PA 109 -6.80 32.50 -134.88
CA SER PA 109 -7.90 32.30 -135.80
C SER PA 109 -9.11 31.62 -135.16
N GLY PA 110 -9.02 31.24 -133.89
CA GLY PA 110 -10.10 30.59 -133.20
C GLY PA 110 -10.70 31.48 -132.11
N ASN PA 111 -11.62 30.90 -131.35
CA ASN PA 111 -12.30 31.64 -130.29
C ASN PA 111 -11.86 31.15 -128.92
N ALA PA 112 -10.60 30.76 -128.79
CA ALA PA 112 -10.08 30.33 -127.50
C ALA PA 112 -9.98 31.49 -126.52
N GLY PA 113 -9.80 32.70 -127.04
CA GLY PA 113 -9.70 33.87 -126.17
C GLY PA 113 -10.98 34.13 -125.40
N LEU PA 114 -12.13 33.87 -126.02
CA LEU PA 114 -13.40 34.09 -125.33
C LEU PA 114 -13.81 32.88 -124.50
N GLY PA 115 -13.05 31.78 -124.57
CA GLY PA 115 -13.30 30.64 -123.71
C GLY PA 115 -13.75 29.38 -124.40
N PHE PA 116 -13.68 29.31 -125.73
CA PHE PA 116 -14.15 28.11 -126.43
C PHE PA 116 -12.98 27.28 -126.94
N LEU PA 117 -13.00 25.99 -126.60
CA LEU PA 117 -12.02 25.03 -127.09
C LEU PA 117 -12.69 24.17 -128.15
N ASP PA 118 -12.38 24.45 -129.40
CA ASP PA 118 -13.02 23.75 -130.51
C ASP PA 118 -12.44 22.36 -130.66
N PRO PA 119 -13.24 21.30 -130.55
CA PRO PA 119 -12.69 19.94 -130.69
C PRO PA 119 -12.35 19.55 -132.12
N THR PA 120 -12.79 20.32 -133.12
CA THR PA 120 -12.50 19.99 -134.51
C THR PA 120 -11.39 20.84 -135.10
N ALA PA 121 -10.63 21.55 -134.28
CA ALA PA 121 -9.53 22.37 -134.79
C ALA PA 121 -8.46 21.51 -135.43
N ALA PA 122 -7.82 22.06 -136.47
CA ALA PA 122 -6.82 21.33 -137.23
C ALA PA 122 -5.46 21.47 -136.53
N ILE PA 123 -5.34 20.82 -135.39
CA ILE PA 123 -4.07 20.75 -134.67
C ILE PA 123 -3.20 19.71 -135.35
N VAL PA 124 -1.94 20.09 -135.62
CA VAL PA 124 -1.05 19.27 -136.43
C VAL PA 124 0.27 19.08 -135.70
N SER PA 125 0.92 17.95 -135.97
CA SER PA 125 2.16 17.59 -135.29
C SER PA 125 3.37 18.16 -136.02
N SER PA 126 4.53 17.98 -135.41
CA SER PA 126 5.77 18.51 -135.97
C SER PA 126 6.34 17.62 -137.07
N ASP PA 127 6.11 16.32 -137.00
CA ASP PA 127 6.66 15.41 -137.99
C ASP PA 127 6.01 15.64 -139.35
N THR PA 128 6.78 15.38 -140.41
CA THR PA 128 6.32 15.56 -141.78
C THR PA 128 6.06 14.21 -142.42
N THR PA 129 5.28 14.24 -143.50
CA THR PA 129 4.95 13.02 -144.24
C THR PA 129 5.81 12.89 -145.49
N ALA QA 1 96.23 -101.08 -48.46
CA ALA QA 1 94.93 -101.69 -48.18
C ALA QA 1 94.02 -100.72 -47.44
N ASN QA 2 93.14 -100.06 -48.19
CA ASN QA 2 92.21 -99.10 -47.61
C ASN QA 2 91.15 -99.83 -46.78
N LYS QA 3 90.71 -99.20 -45.70
CA LYS QA 3 89.72 -99.82 -44.83
C LYS QA 3 88.34 -99.71 -45.44
N PRO QA 4 87.64 -100.83 -45.66
CA PRO QA 4 86.26 -100.75 -46.17
C PRO QA 4 85.34 -100.10 -45.16
N MET QA 5 84.30 -99.45 -45.68
CA MET QA 5 83.28 -98.81 -44.84
C MET QA 5 81.97 -99.57 -44.99
N GLN QA 6 81.22 -99.66 -43.89
CA GLN QA 6 79.92 -100.31 -43.89
C GLN QA 6 78.82 -99.28 -43.75
N PRO QA 7 77.73 -99.40 -44.51
CA PRO QA 7 76.69 -98.37 -44.48
C PRO QA 7 75.96 -98.32 -43.16
N ILE QA 8 75.47 -97.13 -42.81
CA ILE QA 8 74.66 -96.95 -41.60
C ILE QA 8 73.23 -96.55 -41.91
N THR QA 9 72.97 -95.88 -43.03
CA THR QA 9 71.63 -95.56 -43.47
C THR QA 9 71.49 -95.92 -44.93
N SER QA 10 70.48 -96.70 -45.26
CA SER QA 10 70.26 -97.17 -46.62
C SER QA 10 68.87 -96.79 -47.08
N THR QA 11 68.80 -96.18 -48.26
CA THR QA 11 67.55 -95.75 -48.86
C THR QA 11 67.77 -95.65 -50.37
N ALA QA 12 66.68 -95.82 -51.13
CA ALA QA 12 66.80 -95.75 -52.58
C ALA QA 12 67.23 -94.37 -53.05
N ASN QA 13 67.06 -93.35 -52.20
CA ASN QA 13 67.41 -91.98 -52.56
C ASN QA 13 68.69 -91.49 -51.89
N LYS QA 14 69.20 -92.19 -50.89
CA LYS QA 14 70.38 -91.74 -50.16
C LYS QA 14 70.98 -92.90 -49.40
N ILE QA 15 72.30 -93.04 -49.46
CA ILE QA 15 73.05 -94.03 -48.71
C ILE QA 15 74.22 -93.34 -48.03
N VAL QA 16 74.42 -93.63 -46.75
CA VAL QA 16 75.51 -93.04 -45.96
C VAL QA 16 76.44 -94.16 -45.51
N TRP QA 17 77.72 -94.02 -45.82
CA TRP QA 17 78.74 -94.97 -45.42
C TRP QA 17 79.57 -94.38 -44.29
N SER QA 18 80.01 -95.23 -43.37
CA SER QA 18 80.84 -94.79 -42.25
C SER QA 18 81.93 -95.81 -41.97
N ASP QA 19 83.10 -95.32 -41.58
CA ASP QA 19 84.17 -96.22 -41.15
C ASP QA 19 83.85 -96.77 -39.77
N PRO QA 20 83.84 -98.10 -39.60
CA PRO QA 20 83.46 -98.64 -38.28
C PRO QA 20 84.41 -98.22 -37.16
N THR QA 21 85.69 -98.03 -37.46
CA THR QA 21 86.63 -97.57 -36.45
C THR QA 21 86.48 -96.10 -36.12
N ARG QA 22 86.09 -95.26 -37.09
CA ARG QA 22 85.86 -93.85 -36.86
C ARG QA 22 84.58 -93.42 -37.56
N LEU QA 23 83.46 -93.38 -36.84
CA LEU QA 23 82.17 -93.08 -37.44
C LEU QA 23 82.09 -91.63 -37.89
N SER QA 24 83.01 -90.79 -37.43
CA SER QA 24 83.05 -89.41 -37.89
C SER QA 24 83.40 -89.30 -39.36
N THR QA 25 84.06 -90.29 -39.94
CA THR QA 25 84.35 -90.30 -41.37
C THR QA 25 83.15 -90.85 -42.12
N THR QA 26 82.50 -90.00 -42.91
CA THR QA 26 81.27 -90.36 -43.59
C THR QA 26 81.40 -90.14 -45.09
N PHE QA 27 80.61 -90.90 -45.85
CA PHE QA 27 80.51 -90.75 -47.29
C PHE QA 27 79.07 -90.92 -47.69
N SER QA 28 78.50 -89.90 -48.31
CA SER QA 28 77.08 -89.87 -48.65
C SER QA 28 76.88 -89.68 -50.14
N ALA QA 29 75.92 -90.41 -50.70
CA ALA QA 29 75.56 -90.31 -52.11
C ALA QA 29 74.04 -90.24 -52.21
N SER QA 30 73.52 -89.17 -52.79
CA SER QA 30 72.09 -88.96 -52.93
C SER QA 30 71.78 -88.64 -54.37
N LEU QA 31 70.69 -89.22 -54.89
CA LEU QA 31 70.26 -89.01 -56.25
C LEU QA 31 68.93 -88.27 -56.27
N LEU QA 32 68.83 -87.27 -57.15
CA LEU QA 32 67.59 -86.56 -57.40
C LEU QA 32 67.30 -86.63 -58.89
N ARG QA 33 66.14 -87.16 -59.26
CA ARG QA 33 65.83 -87.46 -60.65
C ARG QA 33 64.58 -86.69 -61.08
N GLN QA 34 64.68 -86.00 -62.22
CA GLN QA 34 63.57 -85.29 -62.81
C GLN QA 34 63.53 -85.59 -64.30
N ARG QA 35 62.42 -85.21 -64.94
CA ARG QA 35 62.28 -85.30 -66.38
C ARG QA 35 62.23 -83.87 -66.95
N VAL QA 36 63.05 -83.61 -67.97
CA VAL QA 36 63.20 -82.28 -68.53
C VAL QA 36 62.92 -82.36 -70.03
N LYS QA 37 62.08 -81.46 -70.53
CA LYS QA 37 61.69 -81.43 -71.94
C LYS QA 37 62.62 -80.46 -72.67
N VAL QA 38 63.75 -80.99 -73.12
CA VAL QA 38 64.72 -80.16 -73.84
C VAL QA 38 64.38 -80.09 -75.32
N GLY QA 39 64.34 -81.23 -75.99
CA GLY QA 39 64.17 -81.28 -77.43
C GLY QA 39 62.86 -81.91 -77.83
N ILE QA 40 61.78 -81.50 -77.16
CA ILE QA 40 60.42 -82.05 -77.25
C ILE QA 40 60.47 -83.55 -76.99
N ALA QA 41 61.54 -84.00 -76.32
CA ALA QA 41 61.67 -85.36 -75.84
C ALA QA 41 62.00 -85.30 -74.36
N GLU QA 42 61.32 -86.14 -73.56
CA GLU QA 42 61.44 -86.08 -72.10
C GLU QA 42 62.69 -86.84 -71.68
N LEU QA 43 63.81 -86.10 -71.61
CA LEU QA 43 65.04 -86.68 -71.12
C LEU QA 43 65.00 -86.80 -69.60
N ASN QA 44 65.65 -87.84 -69.08
CA ASN QA 44 65.67 -88.10 -67.64
C ASN QA 44 67.05 -87.78 -67.07
N ASN QA 45 67.16 -86.60 -66.47
CA ASN QA 45 68.42 -86.20 -65.88
C ASN QA 45 68.57 -86.76 -64.47
N VAL QA 46 69.83 -86.93 -64.05
CA VAL QA 46 70.15 -87.41 -62.71
C VAL QA 46 71.16 -86.45 -62.10
N SER QA 47 70.84 -85.94 -60.92
CA SER QA 47 71.72 -85.00 -60.19
C SER QA 47 72.21 -85.72 -58.94
N GLY QA 48 73.36 -86.38 -59.05
CA GLY QA 48 73.92 -87.13 -57.93
C GLY QA 48 74.88 -86.28 -57.13
N GLN QA 49 74.58 -86.15 -55.84
CA GLN QA 49 75.40 -85.39 -54.91
C GLN QA 49 76.19 -86.35 -54.04
N TYR QA 50 77.52 -86.30 -54.15
CA TYR QA 50 78.40 -87.16 -53.38
C TYR QA 50 79.22 -86.28 -52.44
N VAL QA 51 79.15 -86.59 -51.15
CA VAL QA 51 79.83 -85.81 -50.12
C VAL QA 51 80.68 -86.74 -49.28
N SER QA 52 81.96 -86.40 -49.14
CA SER QA 52 82.89 -87.12 -48.27
C SER QA 52 83.41 -86.19 -47.19
N VAL QA 53 83.26 -86.62 -45.94
CA VAL QA 53 83.56 -85.78 -44.79
C VAL QA 53 84.55 -86.50 -43.88
N TYR QA 54 85.59 -85.80 -43.47
CA TYR QA 54 86.56 -86.29 -42.50
C TYR QA 54 86.75 -85.25 -41.41
N LYS QA 55 86.59 -85.67 -40.16
CA LYS QA 55 86.83 -84.81 -39.01
C LYS QA 55 88.25 -85.09 -38.52
N ARG QA 56 89.18 -84.20 -38.84
CA ARG QA 56 90.59 -84.45 -38.66
C ARG QA 56 91.17 -83.47 -37.66
N PRO QA 57 91.78 -83.93 -36.56
CA PRO QA 57 92.30 -83.00 -35.56
C PRO QA 57 93.66 -82.44 -35.93
N ALA QA 58 93.75 -81.13 -36.00
CA ALA QA 58 94.98 -80.44 -36.36
C ALA QA 58 95.31 -79.32 -35.38
N PRO QA 59 95.61 -79.64 -34.12
CA PRO QA 59 96.31 -78.66 -33.28
C PRO QA 59 97.67 -78.31 -33.85
N LYS QA 60 98.30 -79.27 -34.51
CA LYS QA 60 99.56 -79.14 -35.23
C LYS QA 60 100.67 -78.58 -34.34
N PRO QA 61 101.10 -79.31 -33.32
CA PRO QA 61 102.28 -78.88 -32.54
C PRO QA 61 103.54 -79.20 -33.33
N GLU QA 62 104.17 -78.16 -33.88
CA GLU QA 62 105.27 -78.34 -34.80
C GLU QA 62 106.52 -78.83 -34.08
N GLY QA 63 106.73 -80.13 -34.13
CA GLY QA 63 107.93 -80.75 -33.56
C GLY QA 63 107.79 -81.37 -32.19
N CYS QA 64 106.75 -81.00 -31.45
CA CYS QA 64 106.63 -81.44 -30.06
C CYS QA 64 105.38 -82.30 -29.92
N ALA QA 65 105.54 -83.45 -29.28
CA ALA QA 65 104.46 -84.36 -28.96
C ALA QA 65 104.92 -85.32 -27.88
N ASP QA 66 104.27 -85.28 -26.73
CA ASP QA 66 104.70 -86.10 -25.60
C ASP QA 66 103.60 -87.02 -25.08
N ALA QA 67 102.37 -86.53 -24.98
CA ALA QA 67 101.25 -87.31 -24.47
C ALA QA 67 100.02 -86.97 -25.29
N CYS QA 68 98.95 -87.73 -25.08
CA CYS QA 68 97.70 -87.49 -25.80
C CYS QA 68 96.81 -86.55 -24.99
N VAL QA 69 96.39 -85.46 -25.62
CA VAL QA 69 95.50 -84.47 -25.03
C VAL QA 69 94.23 -84.49 -25.85
N ILE QA 70 93.16 -83.88 -25.34
CA ILE QA 70 91.95 -83.71 -26.14
C ILE QA 70 92.30 -82.97 -27.43
N MET QA 71 92.11 -83.64 -28.55
CA MET QA 71 92.37 -83.04 -29.85
C MET QA 71 91.13 -82.30 -30.35
N PRO QA 72 91.21 -80.98 -30.55
CA PRO QA 72 90.12 -80.29 -31.24
C PRO QA 72 90.07 -80.64 -32.71
N ASN QA 73 88.89 -80.64 -33.31
CA ASN QA 73 88.70 -81.12 -34.66
C ASN QA 73 88.35 -80.00 -35.62
N GLU QA 74 88.72 -80.19 -36.89
CA GLU QA 74 88.25 -79.37 -37.99
C GLU QA 74 87.62 -80.28 -39.03
N ASN QA 75 86.74 -79.73 -39.85
CA ASN QA 75 85.99 -80.50 -40.83
C ASN QA 75 86.62 -80.34 -42.21
N GLN QA 76 86.92 -81.46 -42.86
CA GLN QA 76 87.37 -81.49 -44.24
C GLN QA 76 86.26 -82.06 -45.09
N SER QA 77 85.77 -81.29 -46.05
CA SER QA 77 84.62 -81.67 -46.86
C SER QA 77 84.98 -81.64 -48.33
N ILE QA 78 84.62 -82.69 -49.04
CA ILE QA 78 84.74 -82.78 -50.48
C ILE QA 78 83.38 -83.19 -51.03
N ARG QA 79 82.72 -82.27 -51.74
CA ARG QA 79 81.36 -82.46 -52.21
C ARG QA 79 81.31 -82.24 -53.70
N THR QA 80 80.71 -83.20 -54.42
CA THR QA 80 80.59 -83.14 -55.87
C THR QA 80 79.16 -83.42 -56.29
N VAL QA 81 78.74 -82.79 -57.37
CA VAL QA 81 77.42 -83.01 -57.97
C VAL QA 81 77.61 -83.19 -59.46
N ILE QA 82 76.93 -84.20 -60.02
CA ILE QA 82 76.98 -84.47 -61.45
C ILE QA 82 75.55 -84.44 -61.97
N SER QA 83 75.29 -83.55 -62.94
CA SER QA 83 73.96 -83.39 -63.50
C SER QA 83 74.04 -83.62 -65.00
N GLY QA 84 73.16 -84.49 -65.50
CA GLY QA 84 73.11 -84.78 -66.92
C GLY QA 84 72.07 -85.82 -67.27
N SER QA 85 71.69 -85.87 -68.54
CA SER QA 85 70.68 -86.83 -68.97
C SER QA 85 71.23 -88.25 -68.91
N ALA QA 86 70.36 -89.20 -68.58
CA ALA QA 86 70.78 -90.59 -68.51
C ALA QA 86 71.11 -91.14 -69.89
N GLU QA 87 70.62 -90.49 -70.94
CA GLU QA 87 70.83 -91.00 -72.29
C GLU QA 87 72.20 -90.63 -72.83
N ASN QA 88 72.93 -89.76 -72.12
CA ASN QA 88 74.27 -89.34 -72.51
C ASN QA 88 75.30 -89.75 -71.46
N LEU QA 89 75.18 -90.99 -70.99
CA LEU QA 89 76.01 -91.44 -69.87
C LEU QA 89 77.48 -91.54 -70.26
N ALA QA 90 77.77 -91.99 -71.49
CA ALA QA 90 79.16 -92.11 -71.91
C ALA QA 90 79.83 -90.74 -71.98
N THR QA 91 79.13 -89.76 -72.56
CA THR QA 91 79.66 -88.40 -72.60
C THR QA 91 79.79 -87.81 -71.20
N LEU QA 92 78.86 -88.13 -70.30
CA LEU QA 92 78.98 -87.64 -68.93
C LEU QA 92 80.20 -88.23 -68.24
N LYS QA 93 80.47 -89.51 -68.49
CA LYS QA 93 81.66 -90.15 -67.91
C LYS QA 93 82.94 -89.52 -68.47
N ALA QA 94 82.95 -89.23 -69.78
CA ALA QA 94 84.10 -88.53 -70.36
C ALA QA 94 84.28 -87.16 -69.72
N GLU QA 95 83.17 -86.44 -69.51
CA GLU QA 95 83.24 -85.15 -68.82
C GLU QA 95 83.80 -85.32 -67.41
N TRP QA 96 83.40 -86.39 -66.72
CA TRP QA 96 83.91 -86.63 -65.37
C TRP QA 96 85.42 -86.86 -65.38
N GLU QA 97 85.89 -87.65 -66.36
CA GLU QA 97 87.33 -87.88 -66.45
C GLU QA 97 88.08 -86.58 -66.72
N THR QA 98 87.59 -85.77 -67.66
CA THR QA 98 88.24 -84.50 -67.95
C THR QA 98 88.19 -83.56 -66.75
N HIS QA 99 87.09 -83.57 -66.01
CA HIS QA 99 86.97 -82.73 -64.82
C HIS QA 99 87.96 -83.16 -63.75
N LYS QA 100 88.13 -84.48 -63.56
CA LYS QA 100 89.13 -84.95 -62.61
C LYS QA 100 90.51 -84.51 -63.04
N ARG QA 101 90.82 -84.60 -64.33
CA ARG QA 101 92.12 -84.15 -64.81
C ARG QA 101 92.33 -82.67 -64.53
N ASN QA 102 91.32 -81.85 -64.78
CA ASN QA 102 91.45 -80.41 -64.58
C ASN QA 102 91.65 -80.06 -63.12
N VAL QA 103 90.83 -80.65 -62.23
CA VAL QA 103 90.95 -80.36 -60.81
C VAL QA 103 92.27 -80.89 -60.27
N ASP QA 104 92.75 -82.02 -60.78
CA ASP QA 104 94.06 -82.51 -60.39
C ASP QA 104 95.15 -81.53 -60.79
N THR QA 105 95.06 -81.00 -62.01
CA THR QA 105 96.04 -80.04 -62.48
C THR QA 105 96.06 -78.79 -61.60
N LEU QA 106 94.89 -78.30 -61.22
CA LEU QA 106 94.84 -77.09 -60.39
C LEU QA 106 95.22 -77.33 -58.94
N PHE QA 107 94.84 -78.48 -58.37
CA PHE QA 107 94.92 -78.72 -56.93
C PHE QA 107 96.03 -79.70 -56.55
N ALA QA 108 96.01 -80.89 -57.13
CA ALA QA 108 96.97 -81.92 -56.73
C ALA QA 108 98.40 -81.52 -57.09
N SER QA 109 98.60 -80.97 -58.29
CA SER QA 109 99.91 -80.55 -58.74
C SER QA 109 100.11 -79.05 -58.69
N GLY QA 110 99.08 -78.29 -58.31
CA GLY QA 110 99.18 -76.85 -58.23
C GLY QA 110 99.25 -76.35 -56.79
N ASN QA 111 98.82 -75.11 -56.61
CA ASN QA 111 98.82 -74.47 -55.31
C ASN QA 111 97.44 -73.93 -54.93
N ALA QA 112 96.39 -74.47 -55.54
CA ALA QA 112 95.05 -73.97 -55.29
C ALA QA 112 94.59 -74.24 -53.86
N GLY QA 113 95.11 -75.29 -53.24
CA GLY QA 113 94.70 -75.59 -51.88
C GLY QA 113 95.12 -74.52 -50.88
N LEU QA 114 96.18 -73.78 -51.20
CA LEU QA 114 96.68 -72.73 -50.32
C LEU QA 114 96.03 -71.39 -50.68
N GLY QA 115 95.11 -71.40 -51.64
CA GLY QA 115 94.47 -70.17 -52.05
C GLY QA 115 95.22 -69.44 -53.15
N PHE QA 116 95.60 -70.14 -54.20
CA PHE QA 116 96.36 -69.57 -55.31
C PHE QA 116 95.72 -69.95 -56.62
N LEU QA 117 95.83 -69.08 -57.61
CA LEU QA 117 95.35 -69.34 -58.96
C LEU QA 117 96.51 -69.25 -59.93
N ASP QA 118 96.58 -70.18 -60.88
CA ASP QA 118 97.62 -70.17 -61.89
C ASP QA 118 96.97 -69.98 -63.26
N PRO QA 119 96.96 -68.77 -63.81
CA PRO QA 119 96.35 -68.57 -65.14
C PRO QA 119 97.06 -69.32 -66.26
N THR QA 120 98.30 -69.76 -66.05
CA THR QA 120 99.05 -70.48 -67.06
C THR QA 120 98.88 -72.00 -66.95
N ALA QA 121 97.98 -72.46 -66.08
CA ALA QA 121 97.77 -73.88 -65.91
C ALA QA 121 97.25 -74.52 -67.19
N ALA QA 122 97.68 -75.75 -67.45
CA ALA QA 122 97.33 -76.47 -68.67
C ALA QA 122 95.98 -77.16 -68.46
N ILE QA 123 94.92 -76.44 -68.81
CA ILE QA 123 93.55 -76.94 -68.71
C ILE QA 123 93.12 -77.44 -70.08
N VAL QA 124 92.57 -78.65 -70.12
CA VAL QA 124 92.21 -79.31 -71.38
C VAL QA 124 90.76 -79.75 -71.31
N SER QA 125 90.13 -79.84 -72.49
CA SER QA 125 88.72 -80.15 -72.58
C SER QA 125 88.49 -81.63 -72.89
N SER QA 126 87.22 -82.03 -72.89
CA SER QA 126 86.88 -83.42 -73.18
C SER QA 126 87.00 -83.75 -74.65
N ASP QA 127 86.81 -82.78 -75.54
CA ASP QA 127 86.91 -83.04 -76.96
C ASP QA 127 88.37 -83.30 -77.36
N THR QA 128 88.53 -84.09 -78.40
CA THR QA 128 89.84 -84.46 -78.91
C THR QA 128 90.05 -83.90 -80.32
N THR QA 129 91.31 -83.76 -80.70
CA THR QA 129 91.66 -83.23 -82.01
C THR QA 129 91.65 -84.33 -83.06
N ALA RA 1 63.56 -112.89 -75.49
CA ALA RA 1 64.08 -112.55 -74.17
C ALA RA 1 63.75 -111.12 -73.79
N ASN RA 2 62.80 -110.98 -72.87
CA ASN RA 2 62.40 -109.65 -72.42
C ASN RA 2 63.51 -109.00 -71.60
N LYS RA 3 63.63 -107.69 -71.74
CA LYS RA 3 64.66 -106.95 -71.01
C LYS RA 3 64.34 -106.94 -69.52
N PRO RA 4 65.32 -107.21 -68.66
CA PRO RA 4 65.03 -107.21 -67.22
C PRO RA 4 64.96 -105.79 -66.67
N MET RA 5 64.27 -105.66 -65.54
CA MET RA 5 64.12 -104.39 -64.84
C MET RA 5 64.77 -104.45 -63.48
N GLN RA 6 65.15 -103.29 -62.96
CA GLN RA 6 65.70 -103.16 -61.63
C GLN RA 6 64.95 -102.10 -60.84
N PRO RA 7 64.80 -102.26 -59.52
CA PRO RA 7 64.08 -101.26 -58.73
C PRO RA 7 64.87 -99.96 -58.65
N ILE RA 8 64.13 -98.85 -58.70
CA ILE RA 8 64.72 -97.51 -58.67
C ILE RA 8 64.36 -96.78 -57.37
N THR RA 9 63.10 -96.87 -56.94
CA THR RA 9 62.67 -96.35 -55.66
C THR RA 9 62.04 -97.48 -54.85
N SER RA 10 62.51 -97.64 -53.61
CA SER RA 10 62.15 -98.81 -52.82
C SER RA 10 61.49 -98.38 -51.52
N THR RA 11 60.23 -98.75 -51.36
CA THR RA 11 59.52 -98.66 -50.09
C THR RA 11 58.64 -99.90 -49.94
N ALA RA 12 58.52 -100.38 -48.70
CA ALA RA 12 57.72 -101.58 -48.48
C ALA RA 12 56.27 -101.38 -48.89
N ASN RA 13 55.79 -100.13 -48.82
CA ASN RA 13 54.45 -99.83 -49.30
C ASN RA 13 54.39 -99.75 -50.82
N LYS RA 14 55.47 -99.31 -51.47
CA LYS RA 14 55.46 -99.05 -52.91
C LYS RA 14 56.85 -99.26 -53.49
N ILE RA 15 56.95 -100.14 -54.48
CA ILE RA 15 58.20 -100.37 -55.21
C ILE RA 15 57.95 -100.16 -56.69
N VAL RA 16 58.82 -99.40 -57.34
CA VAL RA 16 58.72 -99.10 -58.76
C VAL RA 16 59.95 -99.67 -59.46
N TRP RA 17 59.71 -100.39 -60.56
CA TRP RA 17 60.77 -100.92 -61.39
C TRP RA 17 60.98 -100.03 -62.60
N SER RA 18 62.16 -100.11 -63.20
CA SER RA 18 62.49 -99.30 -64.36
C SER RA 18 63.53 -100.00 -65.22
N ASP RA 19 63.42 -99.81 -66.53
CA ASP RA 19 64.40 -100.36 -67.46
C ASP RA 19 65.58 -99.40 -67.55
N PRO RA 20 66.81 -99.85 -67.28
CA PRO RA 20 67.96 -98.93 -67.36
C PRO RA 20 68.18 -98.35 -68.75
N THR RA 21 67.77 -99.04 -69.81
CA THR RA 21 67.94 -98.54 -71.16
C THR RA 21 66.84 -97.57 -71.58
N ARG RA 22 65.64 -97.69 -71.00
CA ARG RA 22 64.55 -96.76 -71.29
C ARG RA 22 63.88 -96.42 -69.96
N LEU RA 23 64.27 -95.30 -69.37
CA LEU RA 23 63.74 -94.92 -68.06
C LEU RA 23 62.28 -94.51 -68.11
N SER RA 24 61.72 -94.31 -69.31
CA SER RA 24 60.34 -93.88 -69.42
C SER RA 24 59.33 -94.99 -69.13
N THR RA 25 59.77 -96.24 -69.08
CA THR RA 25 58.88 -97.36 -68.80
C THR RA 25 59.07 -97.81 -67.35
N THR RA 26 57.97 -97.92 -66.62
CA THR RA 26 57.99 -98.24 -65.20
C THR RA 26 56.92 -99.26 -64.87
N PHE RA 27 57.14 -99.97 -63.76
CA PHE RA 27 56.17 -100.92 -63.22
C PHE RA 27 56.11 -100.71 -61.72
N SER RA 28 54.95 -100.29 -61.23
CA SER RA 28 54.77 -99.94 -59.83
C SER RA 28 53.84 -100.94 -59.15
N ALA RA 29 54.21 -101.32 -57.92
CA ALA RA 29 53.38 -102.19 -57.10
C ALA RA 29 53.18 -101.52 -55.74
N SER RA 30 51.93 -101.35 -55.33
CA SER RA 30 51.60 -100.73 -54.06
C SER RA 30 50.60 -101.61 -53.33
N LEU RA 31 50.89 -101.91 -52.07
CA LEU RA 31 50.03 -102.73 -51.23
C LEU RA 31 49.55 -101.92 -50.04
N LEU RA 32 48.25 -101.91 -49.82
CA LEU RA 32 47.65 -101.27 -48.65
C LEU RA 32 46.88 -102.34 -47.87
N ARG RA 33 47.17 -102.44 -46.57
CA ARG RA 33 46.60 -103.47 -45.73
C ARG RA 33 45.80 -102.82 -44.59
N GLN RA 34 44.60 -103.34 -44.35
CA GLN RA 34 43.73 -102.85 -43.30
C GLN RA 34 43.01 -104.03 -42.66
N ARG RA 35 42.65 -103.89 -41.39
CA ARG RA 35 41.92 -104.93 -40.67
C ARG RA 35 40.43 -104.60 -40.73
N VAL RA 36 39.82 -104.88 -41.88
CA VAL RA 36 38.38 -104.69 -42.05
C VAL RA 36 37.69 -106.00 -41.69
N LYS RA 37 37.21 -106.09 -40.46
CA LYS RA 37 36.68 -107.35 -39.97
C LYS RA 37 35.16 -107.40 -40.13
N VAL RA 38 34.68 -108.52 -40.65
CA VAL RA 38 33.25 -108.80 -40.73
C VAL RA 38 32.79 -109.28 -39.36
N GLY RA 39 31.47 -109.39 -39.17
CA GLY RA 39 30.92 -109.78 -37.89
C GLY RA 39 31.49 -111.07 -37.34
N ILE RA 40 31.81 -111.05 -36.05
CA ILE RA 40 32.34 -112.19 -35.27
C ILE RA 40 33.46 -112.90 -36.01
N ALA RA 41 34.23 -112.17 -36.80
CA ALA RA 41 35.36 -112.75 -37.53
C ALA RA 41 36.43 -111.69 -37.70
N GLU RA 42 37.65 -112.15 -37.94
CA GLU RA 42 38.80 -111.28 -38.18
C GLU RA 42 39.34 -111.54 -39.58
N LEU RA 43 39.51 -110.48 -40.37
CA LEU RA 43 39.96 -110.61 -41.74
C LEU RA 43 40.93 -109.48 -42.05
N ASN RA 44 42.03 -109.81 -42.73
CA ASN RA 44 43.02 -108.84 -43.17
C ASN RA 44 43.02 -108.80 -44.69
N ASN RA 45 42.59 -107.68 -45.26
CA ASN RA 45 42.53 -107.51 -46.70
C ASN RA 45 43.73 -106.71 -47.19
N VAL RA 46 44.16 -107.00 -48.42
CA VAL RA 46 45.30 -106.36 -49.04
C VAL RA 46 44.86 -105.85 -50.40
N SER RA 47 44.68 -104.54 -50.52
CA SER RA 47 44.32 -103.92 -51.78
C SER RA 47 45.60 -103.57 -52.53
N GLY RA 48 45.88 -104.31 -53.60
CA GLY RA 48 47.11 -104.12 -54.35
C GLY RA 48 46.91 -103.44 -55.70
N GLN RA 49 47.61 -102.33 -55.90
CA GLN RA 49 47.51 -101.57 -57.14
C GLN RA 49 48.81 -101.75 -57.93
N TYR RA 50 48.69 -102.23 -59.17
CA TYR RA 50 49.83 -102.44 -60.04
C TYR RA 50 49.64 -101.59 -61.29
N VAL RA 51 50.62 -100.75 -61.59
CA VAL RA 51 50.54 -99.79 -62.69
C VAL RA 51 51.71 -100.03 -63.63
N SER RA 52 51.41 -100.18 -64.92
CA SER RA 52 52.42 -100.30 -65.96
C SER RA 52 52.35 -99.10 -66.87
N VAL RA 53 53.49 -98.44 -67.08
CA VAL RA 53 53.57 -97.22 -67.87
C VAL RA 53 54.59 -97.42 -68.98
N TYR RA 54 54.20 -97.10 -70.20
CA TYR RA 54 55.10 -97.12 -71.35
C TYR RA 54 54.79 -95.92 -72.23
N LYS RA 55 55.83 -95.19 -72.61
CA LYS RA 55 55.69 -94.03 -73.48
C LYS RA 55 56.18 -94.42 -74.87
N ARG RA 56 55.23 -94.52 -75.82
CA ARG RA 56 55.50 -95.06 -77.12
C ARG RA 56 55.43 -93.98 -78.19
N PRO RA 57 56.34 -93.96 -79.15
CA PRO RA 57 56.23 -92.99 -80.25
C PRO RA 57 54.96 -93.18 -81.05
N ALA RA 58 54.41 -92.06 -81.51
CA ALA RA 58 53.22 -92.11 -82.33
C ALA RA 58 53.50 -92.86 -83.63
N PRO RA 59 52.51 -93.55 -84.18
CA PRO RA 59 52.78 -94.37 -85.38
C PRO RA 59 53.18 -93.55 -86.59
N LYS RA 60 54.29 -93.95 -87.22
CA LYS RA 60 54.78 -93.33 -88.44
C LYS RA 60 53.82 -93.66 -89.58
N PRO RA 61 53.78 -92.83 -90.64
CA PRO RA 61 52.85 -93.11 -91.74
C PRO RA 61 53.09 -94.47 -92.38
N GLU RA 62 52.01 -95.10 -92.86
CA GLU RA 62 52.10 -96.48 -93.34
C GLU RA 62 53.07 -96.61 -94.51
N GLY RA 63 53.00 -95.68 -95.46
CA GLY RA 63 53.92 -95.71 -96.58
C GLY RA 63 55.13 -94.82 -96.34
N CYS RA 64 55.91 -95.13 -95.31
CA CYS RA 64 57.04 -94.30 -94.92
C CYS RA 64 58.33 -95.10 -95.02
N ALA RA 65 59.31 -94.55 -95.72
CA ALA RA 65 60.63 -95.13 -95.82
C ALA RA 65 61.73 -94.22 -95.30
N ASP RA 66 61.39 -93.14 -94.60
CA ASP RA 66 62.39 -92.20 -94.13
C ASP RA 66 63.25 -92.83 -93.04
N ALA RA 67 64.53 -92.45 -93.01
CA ALA RA 67 65.48 -93.05 -92.09
C ALA RA 67 65.15 -92.72 -90.63
N CYS RA 68 65.12 -91.44 -90.29
CA CYS RA 68 64.92 -91.03 -88.90
C CYS RA 68 64.05 -89.77 -88.82
N VAL RA 69 62.77 -89.98 -88.54
CA VAL RA 69 61.87 -88.92 -88.12
C VAL RA 69 61.13 -89.40 -86.88
N ILE RA 70 61.15 -88.61 -85.81
CA ILE RA 70 60.63 -89.03 -84.52
C ILE RA 70 59.36 -88.25 -84.21
N MET RA 71 58.32 -88.96 -83.80
CA MET RA 71 57.07 -88.35 -83.38
C MET RA 71 56.99 -88.40 -81.86
N PRO RA 72 56.29 -87.45 -81.23
CA PRO RA 72 56.25 -87.41 -79.77
C PRO RA 72 55.51 -88.62 -79.20
N ASN RA 73 55.91 -88.96 -77.98
CA ASN RA 73 55.42 -90.17 -77.33
C ASN RA 73 53.99 -89.99 -76.82
N GLU RA 74 53.29 -91.11 -76.70
CA GLU RA 74 51.95 -91.15 -76.12
C GLU RA 74 52.01 -92.01 -74.86
N ASN RA 75 51.05 -91.79 -73.96
CA ASN RA 75 51.06 -92.50 -72.69
C ASN RA 75 50.21 -93.76 -72.77
N GLN RA 76 50.82 -94.91 -72.53
CA GLN RA 76 50.13 -96.19 -72.48
C GLN RA 76 50.17 -96.66 -71.03
N SER RA 77 48.99 -96.82 -70.42
CA SER RA 77 48.88 -97.16 -69.02
C SER RA 77 47.93 -98.34 -68.83
N ILE RA 78 48.37 -99.32 -68.04
CA ILE RA 78 47.55 -100.45 -67.66
C ILE RA 78 47.61 -100.57 -66.14
N ARG RA 79 46.47 -100.39 -65.48
CA ARG RA 79 46.39 -100.34 -64.04
C ARG RA 79 45.45 -101.42 -63.54
N THR RA 80 45.93 -102.23 -62.60
CA THR RA 80 45.17 -103.35 -62.04
C THR RA 80 45.13 -103.22 -60.53
N VAL RA 81 43.93 -103.35 -59.96
CA VAL RA 81 43.72 -103.29 -58.52
C VAL RA 81 43.08 -104.59 -58.08
N ILE RA 82 43.69 -105.24 -57.09
CA ILE RA 82 43.19 -106.50 -56.54
C ILE RA 82 42.94 -106.31 -55.06
N SER RA 83 41.70 -106.56 -54.63
CA SER RA 83 41.30 -106.38 -53.23
C SER RA 83 40.69 -107.68 -52.73
N GLY RA 84 41.16 -108.14 -51.57
CA GLY RA 84 40.64 -109.35 -50.98
C GLY RA 84 41.35 -109.74 -49.70
N SER RA 85 40.72 -110.57 -48.89
CA SER RA 85 41.32 -111.01 -47.63
C SER RA 85 42.45 -111.99 -47.89
N ALA RA 86 43.35 -112.10 -46.91
CA ALA RA 86 44.48 -113.02 -47.06
C ALA RA 86 44.04 -114.47 -46.86
N GLU RA 87 42.91 -114.68 -46.19
CA GLU RA 87 42.47 -116.04 -45.88
C GLU RA 87 42.08 -116.81 -47.13
N ASN RA 88 41.42 -116.16 -48.08
CA ASN RA 88 40.92 -116.80 -49.29
C ASN RA 88 41.77 -116.48 -50.51
N LEU RA 89 43.10 -116.46 -50.34
CA LEU RA 89 44.00 -116.07 -51.43
C LEU RA 89 43.91 -117.05 -52.59
N ALA RA 90 43.62 -118.33 -52.33
CA ALA RA 90 43.50 -119.30 -53.41
C ALA RA 90 42.32 -118.97 -54.32
N THR RA 91 41.17 -118.69 -53.71
CA THR RA 91 40.01 -118.27 -54.49
C THR RA 91 40.24 -116.94 -55.17
N LEU RA 92 40.98 -116.04 -54.53
CA LEU RA 92 41.32 -114.77 -55.19
C LEU RA 92 42.18 -115.01 -56.42
N LYS RA 93 43.12 -115.95 -56.34
CA LYS RA 93 43.93 -116.30 -57.51
C LYS RA 93 43.08 -116.90 -58.62
N ALA RA 94 42.11 -117.75 -58.25
CA ALA RA 94 41.20 -118.29 -59.25
C ALA RA 94 40.39 -117.18 -59.92
N GLU RA 95 39.91 -116.22 -59.12
CA GLU RA 95 39.21 -115.07 -59.68
C GLU RA 95 40.12 -114.27 -60.61
N TRP RA 96 41.40 -114.16 -60.26
CA TRP RA 96 42.35 -113.44 -61.10
C TRP RA 96 42.56 -114.13 -62.43
N GLU RA 97 42.63 -115.47 -62.41
CA GLU RA 97 42.73 -116.22 -63.66
C GLU RA 97 41.50 -116.02 -64.53
N THR RA 98 40.30 -116.07 -63.91
CA THR RA 98 39.08 -115.81 -64.66
C THR RA 98 39.06 -114.39 -65.23
N HIS RA 99 39.58 -113.43 -64.47
CA HIS RA 99 39.66 -112.05 -64.94
C HIS RA 99 40.60 -111.95 -66.13
N LYS RA 100 41.74 -112.64 -66.09
CA LYS RA 100 42.60 -112.73 -67.27
C LYS RA 100 41.80 -113.21 -68.47
N ARG RA 101 41.08 -114.32 -68.30
CA ARG RA 101 40.39 -114.93 -69.44
C ARG RA 101 39.34 -113.98 -70.02
N ASN RA 102 38.57 -113.33 -69.15
CA ASN RA 102 37.51 -112.44 -69.64
C ASN RA 102 38.09 -111.19 -70.30
N VAL RA 103 39.08 -110.56 -69.68
CA VAL RA 103 39.69 -109.38 -70.28
C VAL RA 103 40.34 -109.75 -71.61
N ASP RA 104 40.93 -110.94 -71.69
CA ASP RA 104 41.53 -111.37 -72.95
C ASP RA 104 40.48 -111.56 -74.02
N THR RA 105 39.38 -112.24 -73.71
CA THR RA 105 38.37 -112.50 -74.74
C THR RA 105 37.66 -111.21 -75.16
N LEU RA 106 37.70 -110.18 -74.32
CA LEU RA 106 37.14 -108.90 -74.75
C LEU RA 106 38.14 -108.03 -75.52
N PHE RA 107 39.41 -108.06 -75.12
CA PHE RA 107 40.41 -107.11 -75.60
C PHE RA 107 41.32 -107.71 -76.66
N ALA RA 108 42.00 -108.82 -76.35
CA ALA RA 108 42.98 -109.38 -77.28
C ALA RA 108 42.31 -109.96 -78.50
N SER RA 109 41.25 -110.75 -78.31
CA SER RA 109 40.52 -111.34 -79.41
C SER RA 109 39.28 -110.54 -79.80
N GLY RA 110 39.05 -109.39 -79.18
CA GLY RA 110 37.88 -108.57 -79.46
C GLY RA 110 38.23 -107.27 -80.14
N ASN RA 111 37.31 -106.31 -80.05
CA ASN RA 111 37.45 -105.00 -80.67
C ASN RA 111 37.32 -103.88 -79.63
N ALA RA 112 37.35 -104.23 -78.35
CA ALA RA 112 37.24 -103.23 -77.30
C ALA RA 112 38.45 -102.31 -77.28
N GLY RA 113 39.60 -102.79 -77.77
CA GLY RA 113 40.75 -101.93 -77.91
C GLY RA 113 40.51 -100.74 -78.82
N LEU RA 114 39.80 -100.95 -79.92
CA LEU RA 114 39.38 -99.87 -80.80
C LEU RA 114 38.16 -99.13 -80.28
N GLY RA 115 37.34 -99.79 -79.46
CA GLY RA 115 36.22 -99.11 -78.85
C GLY RA 115 34.86 -99.67 -79.18
N PHE RA 116 34.76 -100.93 -79.54
CA PHE RA 116 33.50 -101.58 -79.84
C PHE RA 116 33.27 -102.73 -78.85
N LEU RA 117 32.07 -102.77 -78.28
CA LEU RA 117 31.69 -103.82 -77.34
C LEU RA 117 30.77 -104.81 -78.05
N ASP RA 118 31.02 -106.11 -77.82
CA ASP RA 118 30.22 -107.15 -78.42
C ASP RA 118 29.36 -107.79 -77.34
N PRO RA 119 28.03 -107.56 -77.32
CA PRO RA 119 27.17 -108.23 -76.34
C PRO RA 119 27.19 -109.75 -76.43
N THR RA 120 27.80 -110.33 -77.46
CA THR RA 120 27.79 -111.77 -77.66
C THR RA 120 29.09 -112.44 -77.23
N ALA RA 121 29.95 -111.73 -76.48
CA ALA RA 121 31.21 -112.31 -76.05
C ALA RA 121 30.97 -113.47 -75.09
N ALA RA 122 31.90 -114.42 -75.09
CA ALA RA 122 31.79 -115.62 -74.25
C ALA RA 122 32.49 -115.36 -72.92
N ILE RA 123 31.79 -114.70 -72.02
CA ILE RA 123 32.29 -114.43 -70.68
C ILE RA 123 31.92 -115.59 -69.77
N VAL RA 124 32.87 -116.04 -68.96
CA VAL RA 124 32.68 -117.20 -68.10
C VAL RA 124 32.99 -116.82 -66.66
N SER RA 125 32.46 -117.59 -65.72
CA SER RA 125 32.70 -117.38 -64.31
C SER RA 125 33.80 -118.32 -63.80
N SER RA 126 34.22 -118.07 -62.56
CA SER RA 126 35.29 -118.87 -61.97
C SER RA 126 34.83 -120.26 -61.57
N ASP RA 127 33.58 -120.40 -61.13
CA ASP RA 127 33.08 -121.70 -60.72
C ASP RA 127 32.97 -122.64 -61.90
N THR RA 128 33.09 -123.94 -61.64
CA THR RA 128 33.03 -124.96 -62.65
C THR RA 128 31.76 -125.80 -62.48
N THR RA 129 31.29 -126.36 -63.59
CA THR RA 129 30.09 -127.17 -63.59
C THR RA 129 30.33 -128.52 -62.92
N ALA SA 1 63.63 -126.57 -38.33
CA ALA SA 1 63.25 -125.81 -39.51
C ALA SA 1 62.11 -124.84 -39.18
N ASN SA 2 62.46 -123.72 -38.57
CA ASN SA 2 61.46 -122.73 -38.20
C ASN SA 2 61.03 -121.94 -39.43
N LYS SA 3 59.82 -121.40 -39.39
CA LYS SA 3 59.27 -120.70 -40.54
C LYS SA 3 59.91 -119.32 -40.68
N PRO SA 4 60.52 -119.01 -41.82
CA PRO SA 4 61.10 -117.68 -42.01
C PRO SA 4 60.03 -116.62 -42.23
N MET SA 5 60.40 -115.37 -42.00
CA MET SA 5 59.50 -114.23 -42.13
C MET SA 5 60.04 -113.25 -43.16
N GLN SA 6 59.15 -112.38 -43.65
CA GLN SA 6 59.48 -111.36 -44.63
C GLN SA 6 59.10 -109.98 -44.11
N PRO SA 7 59.76 -108.92 -44.58
CA PRO SA 7 59.45 -107.58 -44.05
C PRO SA 7 58.16 -106.99 -44.61
N ILE SA 8 57.30 -106.50 -43.72
CA ILE SA 8 56.10 -105.79 -44.16
C ILE SA 8 56.32 -104.29 -44.27
N THR SA 9 57.18 -103.72 -43.43
CA THR SA 9 57.45 -102.29 -43.44
C THR SA 9 58.95 -102.08 -43.35
N SER SA 10 59.52 -101.41 -44.35
CA SER SA 10 60.95 -101.19 -44.43
C SER SA 10 61.22 -99.69 -44.42
N THR SA 11 62.08 -99.24 -43.51
CA THR SA 11 62.43 -97.85 -43.36
C THR SA 11 63.88 -97.75 -42.91
N ALA SA 12 64.48 -96.59 -43.11
CA ALA SA 12 65.87 -96.39 -42.70
C ALA SA 12 66.03 -96.46 -41.19
N ASN SA 13 64.94 -96.37 -40.44
CA ASN SA 13 64.98 -96.39 -38.99
C ASN SA 13 64.15 -97.49 -38.35
N LYS SA 14 63.41 -98.28 -39.14
CA LYS SA 14 62.57 -99.34 -38.56
C LYS SA 14 62.24 -100.35 -39.65
N ILE SA 15 62.39 -101.64 -39.32
CA ILE SA 15 61.97 -102.73 -40.18
C ILE SA 15 61.11 -103.68 -39.36
N VAL SA 16 59.96 -104.06 -39.91
CA VAL SA 16 59.02 -104.95 -39.25
C VAL SA 16 58.86 -106.20 -40.10
N TRP SA 17 59.07 -107.36 -39.49
CA TRP SA 17 58.90 -108.64 -40.15
C TRP SA 17 57.56 -109.26 -39.76
N SER SA 18 57.11 -110.23 -40.56
CA SER SA 18 55.86 -110.92 -40.28
C SER SA 18 55.86 -112.27 -40.99
N ASP SA 19 55.20 -113.25 -40.38
CA ASP SA 19 55.12 -114.57 -40.97
C ASP SA 19 54.03 -114.62 -42.03
N PRO SA 20 54.31 -115.16 -43.21
CA PRO SA 20 53.25 -115.27 -44.24
C PRO SA 20 52.06 -116.08 -43.78
N THR SA 21 52.29 -117.15 -43.01
CA THR SA 21 51.18 -117.99 -42.59
C THR SA 21 50.30 -117.28 -41.56
N ARG SA 22 50.91 -116.68 -40.55
CA ARG SA 22 50.18 -115.92 -39.53
C ARG SA 22 50.66 -114.48 -39.55
N LEU SA 23 49.77 -113.56 -39.88
CA LEU SA 23 50.15 -112.15 -39.94
C LEU SA 23 50.15 -111.52 -38.55
N SER SA 24 49.64 -112.25 -37.57
CA SER SA 24 49.55 -111.73 -36.20
C SER SA 24 50.93 -111.61 -35.56
N THR SA 25 51.81 -112.57 -35.83
CA THR SA 25 53.14 -112.58 -35.24
C THR SA 25 54.06 -111.66 -36.05
N THR SA 26 54.72 -110.73 -35.37
CA THR SA 26 55.62 -109.77 -36.00
C THR SA 26 56.86 -109.60 -35.15
N PHE SA 27 57.93 -109.12 -35.81
CA PHE SA 27 59.19 -108.83 -35.15
C PHE SA 27 59.72 -107.52 -35.71
N SER SA 28 59.85 -106.51 -34.84
CA SER SA 28 60.21 -105.17 -35.27
C SER SA 28 61.50 -104.72 -34.61
N ALA SA 29 62.35 -104.06 -35.39
CA ALA SA 29 63.62 -103.53 -34.92
C ALA SA 29 63.72 -102.07 -35.31
N SER SA 30 64.03 -101.21 -34.34
CA SER SA 30 64.16 -99.78 -34.57
C SER SA 30 65.46 -99.30 -33.93
N LEU SA 31 66.20 -98.46 -34.65
CA LEU SA 31 67.47 -97.93 -34.17
C LEU SA 31 67.41 -96.41 -34.09
N LEU SA 32 67.87 -95.87 -32.97
CA LEU SA 32 67.98 -94.44 -32.77
C LEU SA 32 69.45 -94.07 -32.60
N ARG SA 33 69.92 -93.14 -33.42
CA ARG SA 33 71.33 -92.78 -33.48
C ARG SA 33 71.51 -91.33 -33.02
N GLN SA 34 72.27 -91.15 -31.94
CA GLN SA 34 72.54 -89.83 -31.40
C GLN SA 34 74.00 -89.74 -30.99
N ARG SA 35 74.56 -88.54 -31.14
CA ARG SA 35 75.90 -88.26 -30.66
C ARG SA 35 75.83 -87.81 -29.21
N VAL SA 36 76.64 -88.45 -28.35
CA VAL SA 36 76.63 -88.19 -26.92
C VAL SA 36 77.90 -87.43 -26.56
N LYS SA 37 77.73 -86.32 -25.84
CA LYS SA 37 78.84 -85.49 -25.41
C LYS SA 37 79.36 -85.99 -24.07
N VAL SA 38 80.56 -86.57 -24.08
CA VAL SA 38 81.24 -87.02 -22.89
C VAL SA 38 82.56 -86.27 -22.81
N GLY SA 39 82.93 -85.89 -21.59
CA GLY SA 39 84.12 -85.09 -21.34
C GLY SA 39 85.32 -85.47 -22.18
N ILE SA 40 85.91 -84.47 -22.84
CA ILE SA 40 87.03 -84.61 -23.77
C ILE SA 40 86.88 -85.82 -24.67
N ALA SA 41 85.66 -86.08 -25.13
CA ALA SA 41 85.40 -87.21 -26.02
C ALA SA 41 84.19 -86.87 -26.90
N GLU SA 42 84.19 -87.43 -28.11
CA GLU SA 42 83.06 -87.28 -29.04
C GLU SA 42 82.70 -88.67 -29.56
N LEU SA 43 81.83 -89.36 -28.83
CA LEU SA 43 81.40 -90.71 -29.18
C LEU SA 43 79.89 -90.74 -29.30
N ASN SA 44 79.40 -91.55 -30.24
CA ASN SA 44 78.00 -91.57 -30.61
C ASN SA 44 77.34 -92.88 -30.19
N ASN SA 45 76.16 -92.76 -29.57
CA ASN SA 45 75.46 -93.93 -29.06
C ASN SA 45 74.45 -94.44 -30.09
N VAL SA 46 74.17 -95.73 -30.03
CA VAL SA 46 73.14 -96.37 -30.85
C VAL SA 46 72.23 -97.14 -29.93
N SER SA 47 70.94 -96.82 -29.97
CA SER SA 47 69.92 -97.48 -29.15
C SER SA 47 69.06 -98.35 -30.04
N GLY SA 48 68.92 -99.62 -29.69
CA GLY SA 48 68.14 -100.54 -30.49
C GLY SA 48 67.00 -101.16 -29.75
N GLN SA 49 65.79 -101.07 -30.31
CA GLN SA 49 64.59 -101.63 -29.70
C GLN SA 49 64.10 -102.78 -30.58
N TYR SA 50 63.98 -103.96 -29.98
CA TYR SA 50 63.52 -105.16 -30.68
C TYR SA 50 62.27 -105.68 -29.99
N VAL SA 51 61.18 -105.80 -30.73
CA VAL SA 51 59.89 -106.20 -30.19
C VAL SA 51 59.41 -107.44 -30.93
N SER SA 52 59.12 -108.50 -30.19
CA SER SA 52 58.56 -109.73 -30.74
C SER SA 52 57.24 -110.03 -30.06
N VAL SA 53 56.19 -110.18 -30.86
CA VAL SA 53 54.84 -110.40 -30.35
C VAL SA 53 54.25 -111.65 -30.99
N TYR SA 54 53.52 -112.43 -30.20
CA TYR SA 54 52.79 -113.58 -30.69
C TYR SA 54 51.39 -113.58 -30.09
N LYS SA 55 50.39 -113.76 -30.95
CA LYS SA 55 48.99 -113.74 -30.51
C LYS SA 55 48.46 -115.16 -30.37
N ARG SA 56 49.02 -115.87 -29.39
CA ARG SA 56 48.66 -117.27 -29.21
C ARG SA 56 47.31 -117.40 -28.51
N PRO SA 57 46.49 -118.37 -28.91
CA PRO SA 57 45.18 -118.54 -28.26
C PRO SA 57 45.28 -118.94 -26.80
N ALA SA 58 44.24 -118.58 -26.06
CA ALA SA 58 44.14 -118.95 -24.66
C ALA SA 58 44.01 -120.47 -24.54
N PRO SA 59 44.40 -121.07 -23.41
CA PRO SA 59 44.42 -122.55 -23.36
C PRO SA 59 43.01 -123.13 -23.38
N LYS SA 60 42.88 -124.24 -24.10
CA LYS SA 60 41.59 -124.89 -24.27
C LYS SA 60 41.10 -125.46 -22.94
N PRO SA 61 39.78 -125.42 -22.69
CA PRO SA 61 39.25 -126.06 -21.47
C PRO SA 61 39.53 -127.55 -21.44
N GLU SA 62 39.69 -128.10 -20.24
CA GLU SA 62 40.16 -129.46 -20.04
C GLU SA 62 39.02 -130.44 -20.22
N GLY SA 63 39.32 -131.58 -20.84
CA GLY SA 63 38.40 -132.70 -20.94
C GLY SA 63 37.37 -132.61 -22.04
N CYS SA 64 37.35 -131.53 -22.82
CA CYS SA 64 36.38 -131.36 -23.89
C CYS SA 64 37.09 -130.84 -25.13
N ALA SA 65 36.88 -131.51 -26.26
CA ALA SA 65 37.46 -131.10 -27.54
C ALA SA 65 36.33 -130.62 -28.45
N ASP SA 66 36.19 -129.30 -28.57
CA ASP SA 66 35.14 -128.73 -29.41
C ASP SA 66 35.40 -129.06 -30.88
N ALA SA 67 34.41 -128.73 -31.71
CA ALA SA 67 34.53 -128.97 -33.14
C ALA SA 67 35.68 -128.17 -33.75
N CYS SA 68 35.82 -126.92 -33.33
CA CYS SA 68 36.88 -126.05 -33.82
C CYS SA 68 37.26 -125.04 -32.76
N VAL SA 69 38.45 -124.45 -32.91
CA VAL SA 69 38.96 -123.51 -31.93
C VAL SA 69 38.15 -122.23 -31.96
N ILE SA 70 37.74 -121.78 -30.79
CA ILE SA 70 36.96 -120.55 -30.64
C ILE SA 70 37.58 -119.69 -29.55
N MET SA 71 38.82 -120.01 -29.18
CA MET SA 71 39.45 -119.36 -28.03
C MET SA 71 39.78 -117.91 -28.33
N PRO SA 72 39.51 -116.99 -27.40
CA PRO SA 72 39.85 -115.57 -27.62
C PRO SA 72 41.31 -115.27 -27.33
N ASN SA 73 42.16 -115.45 -28.33
CA ASN SA 73 43.62 -115.35 -28.20
C ASN SA 73 44.12 -114.15 -27.40
N GLU SA 74 45.25 -114.33 -26.73
CA GLU SA 74 45.86 -113.31 -25.89
C GLU SA 74 47.11 -112.75 -26.55
N ASN SA 75 47.80 -111.88 -25.83
CA ASN SA 75 49.00 -111.23 -26.34
C ASN SA 75 50.22 -111.74 -25.60
N GLN SA 76 51.20 -112.27 -26.34
CA GLN SA 76 52.48 -112.67 -25.78
C GLN SA 76 53.56 -111.82 -26.42
N SER SA 77 54.09 -110.85 -25.67
CA SER SA 77 55.05 -109.90 -26.18
C SER SA 77 56.27 -109.83 -25.28
N ILE SA 78 57.46 -109.91 -25.88
CA ILE SA 78 58.72 -109.76 -25.17
C ILE SA 78 59.57 -108.75 -25.94
N ARG SA 79 60.14 -107.78 -25.24
CA ARG SA 79 60.78 -106.62 -25.84
C ARG SA 79 62.19 -106.48 -25.28
N THR SA 80 63.13 -106.08 -26.13
CA THR SA 80 64.53 -105.91 -25.75
C THR SA 80 65.04 -104.56 -26.23
N VAL SA 81 65.74 -103.86 -25.34
CA VAL SA 81 66.32 -102.55 -25.65
C VAL SA 81 67.81 -102.63 -25.33
N ILE SA 82 68.64 -102.31 -26.32
CA ILE SA 82 70.09 -102.32 -26.17
C ILE SA 82 70.61 -100.93 -26.51
N SER SA 83 71.35 -100.33 -25.58
CA SER SA 83 71.89 -98.99 -25.74
C SER SA 83 73.37 -99.01 -25.38
N GLY SA 84 74.18 -98.40 -26.23
CA GLY SA 84 75.60 -98.33 -25.97
C GLY SA 84 76.32 -97.69 -27.15
N SER SA 85 77.53 -97.23 -26.87
CA SER SA 85 78.33 -96.56 -27.89
C SER SA 85 78.91 -97.59 -28.86
N ALA SA 86 78.96 -97.21 -30.14
CA ALA SA 86 79.46 -98.12 -31.16
C ALA SA 86 80.96 -98.37 -31.03
N GLU SA 87 81.66 -97.50 -30.30
CA GLU SA 87 83.09 -97.69 -30.09
C GLU SA 87 83.37 -98.92 -29.23
N ASN SA 88 82.45 -99.23 -28.31
CA ASN SA 88 82.59 -100.35 -27.39
C ASN SA 88 81.69 -101.53 -27.77
N LEU SA 89 81.58 -101.81 -29.07
CA LEU SA 89 80.64 -102.82 -29.53
C LEU SA 89 80.98 -104.22 -29.00
N ALA SA 90 82.27 -104.54 -28.89
CA ALA SA 90 82.66 -105.84 -28.38
C ALA SA 90 82.21 -106.03 -26.94
N THR SA 91 82.44 -105.02 -26.10
CA THR SA 91 81.98 -105.09 -24.72
C THR SA 91 80.46 -105.10 -24.64
N LEU SA 92 79.78 -104.39 -25.55
CA LEU SA 92 78.33 -104.46 -25.58
C LEU SA 92 77.84 -105.85 -25.90
N LYS SA 93 78.51 -106.53 -26.83
CA LYS SA 93 78.15 -107.91 -27.16
C LYS SA 93 78.40 -108.84 -25.98
N ALA SA 94 79.50 -108.65 -25.27
CA ALA SA 94 79.76 -109.44 -24.07
C ALA SA 94 78.68 -109.21 -23.02
N GLU SA 95 78.28 -107.95 -22.84
CA GLU SA 95 77.19 -107.63 -21.92
C GLU SA 95 75.89 -108.30 -22.37
N TRP SA 96 75.65 -108.35 -23.67
CA TRP SA 96 74.46 -109.02 -24.19
C TRP SA 96 74.47 -110.51 -23.86
N GLU SA 97 75.63 -111.15 -24.04
CA GLU SA 97 75.74 -112.57 -23.70
C GLU SA 97 75.50 -112.81 -22.21
N THR SA 98 76.10 -111.98 -21.35
CA THR SA 98 75.90 -112.13 -19.92
C THR SA 98 74.44 -111.89 -19.54
N HIS SA 99 73.81 -110.89 -20.16
CA HIS SA 99 72.40 -110.61 -19.88
C HIS SA 99 71.52 -111.77 -20.31
N LYS SA 100 71.82 -112.38 -21.46
CA LYS SA 100 71.07 -113.55 -21.89
C LYS SA 100 71.22 -114.69 -20.88
N ARG SA 101 72.44 -114.91 -20.39
CA ARG SA 101 72.66 -115.97 -19.42
C ARG SA 101 71.87 -115.71 -18.13
N ASN SA 102 71.90 -114.47 -17.64
CA ASN SA 102 71.19 -114.15 -16.41
C ASN SA 102 69.68 -114.27 -16.59
N VAL SA 103 69.15 -113.78 -17.72
CA VAL SA 103 67.72 -113.88 -17.96
C VAL SA 103 67.30 -115.33 -18.09
N ASP SA 104 68.16 -116.15 -18.70
CA ASP SA 104 67.87 -117.58 -18.81
C ASP SA 104 67.83 -118.25 -17.45
N THR SA 105 68.80 -117.93 -16.58
CA THR SA 105 68.84 -118.61 -15.29
C THR SA 105 67.72 -118.13 -14.37
N LEU SA 106 67.23 -116.91 -14.57
CA LEU SA 106 66.06 -116.48 -13.81
C LEU SA 106 64.76 -117.03 -14.39
N PHE SA 107 64.67 -117.12 -15.71
CA PHE SA 107 63.41 -117.38 -16.41
C PHE SA 107 63.37 -118.73 -17.11
N ALA SA 108 64.34 -119.01 -17.99
CA ALA SA 108 64.30 -120.24 -18.76
C ALA SA 108 64.45 -121.46 -17.86
N SER SA 109 65.41 -121.43 -16.93
CA SER SA 109 65.61 -122.52 -16.00
C SER SA 109 65.05 -122.23 -14.62
N GLY SA 110 64.48 -121.05 -14.41
CA GLY SA 110 63.86 -120.69 -13.16
C GLY SA 110 62.36 -120.59 -13.28
N ASN SA 111 61.75 -119.99 -12.26
CA ASN SA 111 60.30 -119.86 -12.25
C ASN SA 111 59.88 -118.39 -12.11
N ALA SA 112 60.60 -117.50 -12.77
CA ALA SA 112 60.21 -116.10 -12.79
C ALA SA 112 58.92 -115.91 -13.59
N GLY SA 113 58.63 -116.83 -14.50
CA GLY SA 113 57.41 -116.73 -15.27
C GLY SA 113 56.17 -116.88 -14.41
N LEU SA 114 56.22 -117.74 -13.40
CA LEU SA 114 55.10 -117.88 -12.49
C LEU SA 114 54.92 -116.65 -11.62
N GLY SA 115 56.00 -115.92 -11.37
CA GLY SA 115 55.97 -114.75 -10.52
C GLY SA 115 56.89 -114.80 -9.32
N PHE SA 116 57.84 -115.72 -9.30
CA PHE SA 116 58.73 -115.86 -8.14
C PHE SA 116 60.15 -115.43 -8.49
N LEU SA 117 60.71 -114.55 -7.67
CA LEU SA 117 62.08 -114.07 -7.84
C LEU SA 117 62.95 -114.75 -6.79
N ASP SA 118 63.81 -115.65 -7.23
CA ASP SA 118 64.66 -116.40 -6.32
C ASP SA 118 65.80 -115.52 -5.83
N PRO SA 119 65.94 -115.29 -4.52
CA PRO SA 119 67.06 -114.47 -4.04
C PRO SA 119 68.39 -115.20 -4.03
N THR SA 120 68.40 -116.52 -4.21
CA THR SA 120 69.64 -117.28 -4.22
C THR SA 120 70.07 -117.72 -5.62
N ALA SA 121 69.49 -117.13 -6.67
CA ALA SA 121 69.85 -117.49 -8.03
C ALA SA 121 71.29 -117.11 -8.33
N ALA SA 122 71.93 -117.90 -9.19
CA ALA SA 122 73.34 -117.70 -9.54
C ALA SA 122 73.45 -116.68 -10.66
N ILE SA 123 73.29 -115.41 -10.30
CA ILE SA 123 73.48 -114.31 -11.23
C ILE SA 123 74.97 -114.00 -11.30
N VAL SA 124 75.49 -113.84 -12.52
CA VAL SA 124 76.92 -113.74 -12.73
C VAL SA 124 77.21 -112.52 -13.61
N SER SA 125 78.39 -111.94 -13.42
CA SER SA 125 78.76 -110.70 -14.10
C SER SA 125 79.47 -111.00 -15.42
N SER SA 126 79.68 -109.93 -16.19
CA SER SA 126 80.38 -110.07 -17.47
C SER SA 126 81.88 -110.22 -17.31
N ASP SA 127 82.46 -109.67 -16.25
CA ASP SA 127 83.89 -109.74 -16.06
C ASP SA 127 84.31 -111.17 -15.70
N THR SA 128 85.55 -111.51 -16.06
CA THR SA 128 86.09 -112.84 -15.84
C THR SA 128 87.20 -112.78 -14.80
N THR SA 129 87.34 -113.86 -14.06
CA THR SA 129 88.38 -113.96 -13.02
C THR SA 129 89.71 -114.37 -13.63
N ALA TA 1 35.30 -126.98 -67.24
CA ALA TA 1 34.16 -126.31 -67.87
C ALA TA 1 33.62 -125.21 -66.96
N ASN TA 2 33.85 -123.96 -67.34
CA ASN TA 2 33.37 -122.84 -66.55
C ASN TA 2 31.92 -122.52 -66.93
N LYS TA 3 31.20 -121.95 -65.98
CA LYS TA 3 29.79 -121.63 -66.20
C LYS TA 3 29.68 -120.35 -67.02
N PRO TA 4 29.01 -120.39 -68.18
CA PRO TA 4 28.82 -119.14 -68.95
C PRO TA 4 27.96 -118.15 -68.21
N MET TA 5 28.20 -116.87 -68.45
CA MET TA 5 27.44 -115.78 -67.86
C MET TA 5 26.78 -114.98 -68.98
N GLN TA 6 25.53 -114.56 -68.74
CA GLN TA 6 24.79 -113.82 -69.76
C GLN TA 6 24.52 -112.41 -69.28
N PRO TA 7 24.45 -111.43 -70.18
CA PRO TA 7 24.38 -110.03 -69.75
C PRO TA 7 23.04 -109.70 -69.10
N ILE TA 8 23.07 -108.70 -68.22
CA ILE TA 8 21.86 -108.16 -67.62
C ILE TA 8 21.61 -106.71 -68.01
N THR TA 9 22.65 -105.97 -68.40
CA THR TA 9 22.50 -104.60 -68.89
C THR TA 9 23.41 -104.42 -70.09
N SER TA 10 22.83 -103.96 -71.21
CA SER TA 10 23.56 -103.79 -72.44
C SER TA 10 23.46 -102.34 -72.90
N THR TA 11 24.62 -101.73 -73.15
CA THR TA 11 24.71 -100.37 -73.63
C THR TA 11 25.97 -100.23 -74.47
N ALA TA 12 25.98 -99.24 -75.36
CA ALA TA 12 27.14 -99.03 -76.21
C ALA TA 12 28.37 -98.63 -75.40
N ASN TA 13 28.16 -98.11 -74.19
CA ASN TA 13 29.25 -97.64 -73.35
C ASN TA 13 29.52 -98.54 -72.15
N LYS TA 14 28.66 -99.52 -71.88
CA LYS TA 14 28.82 -100.38 -70.71
C LYS TA 14 27.96 -101.62 -70.88
N ILE TA 15 28.57 -102.78 -70.67
CA ILE TA 15 27.86 -104.05 -70.63
C ILE TA 15 28.23 -104.77 -69.35
N VAL TA 16 27.23 -105.25 -68.63
CA VAL TA 16 27.42 -105.93 -67.35
C VAL TA 16 26.94 -107.38 -67.50
N TRP TA 17 27.79 -108.32 -67.11
CA TRP TA 17 27.46 -109.74 -67.15
C TRP TA 17 27.23 -110.23 -65.73
N SER TA 18 26.38 -111.25 -65.57
CA SER TA 18 26.09 -111.82 -64.26
C SER TA 18 25.89 -113.32 -64.39
N ASP TA 19 26.23 -114.04 -63.32
CA ASP TA 19 26.01 -115.47 -63.27
C ASP TA 19 24.53 -115.75 -62.98
N PRO TA 20 23.84 -116.49 -63.84
CA PRO TA 20 22.43 -116.79 -63.55
C PRO TA 20 22.21 -117.51 -62.24
N THR TA 21 23.14 -118.39 -61.84
CA THR TA 21 23.03 -119.07 -60.55
C THR TA 21 23.33 -118.15 -59.38
N ARG TA 22 24.26 -117.21 -59.52
CA ARG TA 22 24.56 -116.25 -58.47
C ARG TA 22 24.71 -114.85 -59.07
N LEU TA 23 23.65 -114.05 -59.03
CA LEU TA 23 23.67 -112.72 -59.63
C LEU TA 23 24.66 -111.80 -58.92
N SER TA 24 25.08 -112.17 -57.72
CA SER TA 24 26.08 -111.39 -57.00
C SER TA 24 27.44 -111.37 -57.70
N THR TA 25 27.74 -112.36 -58.53
CA THR TA 25 28.97 -112.37 -59.30
C THR TA 25 28.77 -111.59 -60.58
N THR TA 26 29.52 -110.50 -60.75
CA THR TA 26 29.35 -109.60 -61.89
C THR TA 26 30.69 -109.32 -62.54
N PHE TA 27 30.64 -109.01 -63.83
CA PHE TA 27 31.80 -108.61 -64.62
C PHE TA 27 31.37 -107.52 -65.58
N SER TA 28 31.90 -106.32 -65.39
CA SER TA 28 31.46 -105.15 -66.13
C SER TA 28 32.60 -104.54 -66.92
N ALA TA 29 32.30 -104.14 -68.15
CA ALA TA 29 33.26 -103.49 -69.03
C ALA TA 29 32.67 -102.17 -69.51
N SER TA 30 33.40 -101.07 -69.29
CA SER TA 30 32.96 -99.75 -69.69
C SER TA 30 34.06 -99.09 -70.50
N LEU TA 31 33.70 -98.52 -71.65
CA LEU TA 31 34.65 -97.85 -72.53
C LEU TA 31 34.43 -96.35 -72.49
N LEU TA 32 35.51 -95.60 -72.29
CA LEU TA 32 35.51 -94.15 -72.37
C LEU TA 32 36.47 -93.72 -73.46
N ARG TA 33 35.96 -93.00 -74.46
CA ARG TA 33 36.74 -92.64 -75.64
C ARG TA 33 36.88 -91.13 -75.73
N GLN TA 34 38.12 -90.67 -75.86
CA GLN TA 34 38.42 -89.25 -76.05
C GLN TA 34 39.33 -89.10 -77.25
N ARG TA 35 39.49 -87.86 -77.69
CA ARG TA 35 40.40 -87.53 -78.78
C ARG TA 35 41.52 -86.65 -78.21
N VAL TA 36 42.77 -87.09 -78.38
CA VAL TA 36 43.92 -86.45 -77.78
C VAL TA 36 44.87 -86.02 -78.89
N LYS TA 37 45.33 -84.77 -78.83
CA LYS TA 37 46.25 -84.22 -79.83
C LYS TA 37 47.67 -84.32 -79.27
N VAL TA 38 48.27 -85.49 -79.48
CA VAL TA 38 49.62 -85.74 -78.97
C VAL TA 38 50.66 -85.12 -79.91
N GLY TA 39 50.61 -85.49 -81.19
CA GLY TA 39 51.65 -85.14 -82.14
C GLY TA 39 51.13 -84.36 -83.33
N ILE TA 40 50.26 -83.39 -83.05
CA ILE TA 40 49.49 -82.58 -84.01
C ILE TA 40 48.71 -83.52 -84.92
N ALA TA 41 48.50 -84.75 -84.47
CA ALA TA 41 47.63 -85.71 -85.13
C ALA TA 41 46.63 -86.21 -84.10
N GLU TA 42 45.35 -86.20 -84.46
CA GLU TA 42 44.27 -86.51 -83.52
C GLU TA 42 44.19 -88.02 -83.33
N LEU TA 43 44.88 -88.50 -82.29
CA LEU TA 43 44.79 -89.90 -81.92
C LEU TA 43 43.53 -90.14 -81.09
N ASN TA 44 42.93 -91.32 -81.28
CA ASN TA 44 41.70 -91.68 -80.58
C ASN TA 44 42.01 -92.73 -79.52
N ASN TA 45 42.25 -92.25 -78.30
CA ASN TA 45 42.55 -93.15 -77.20
C ASN TA 45 41.28 -93.77 -76.64
N VAL TA 46 41.41 -94.97 -76.08
CA VAL TA 46 40.29 -95.69 -75.48
C VAL TA 46 40.69 -96.10 -74.07
N SER TA 47 39.85 -95.77 -73.10
CA SER TA 47 40.07 -96.10 -71.70
C SER TA 47 39.03 -97.12 -71.29
N GLY TA 48 39.39 -98.40 -71.32
CA GLY TA 48 38.49 -99.48 -70.98
C GLY TA 48 38.68 -99.89 -69.52
N GLN TA 49 37.57 -99.90 -68.79
CA GLN TA 49 37.57 -100.28 -67.37
C GLN TA 49 36.84 -101.60 -67.23
N TYR TA 50 37.54 -102.60 -66.70
CA TYR TA 50 36.98 -103.94 -66.49
C TYR TA 50 36.98 -104.21 -64.99
N VAL TA 51 35.81 -104.58 -64.47
CA VAL TA 51 35.64 -104.82 -63.04
C VAL TA 51 35.03 -106.20 -62.85
N SER TA 52 35.69 -107.04 -62.04
CA SER TA 52 35.17 -108.34 -61.64
C SER TA 52 34.91 -108.33 -60.15
N VAL TA 53 33.66 -108.60 -59.77
CA VAL TA 53 33.24 -108.56 -58.37
C VAL TA 53 32.67 -109.92 -58.00
N TYR TA 54 33.19 -110.50 -56.93
CA TYR TA 54 32.67 -111.74 -56.37
C TYR TA 54 32.48 -111.56 -54.88
N LYS TA 55 31.27 -111.82 -54.40
CA LYS TA 55 30.96 -111.75 -52.98
C LYS TA 55 31.11 -113.16 -52.41
N ARG TA 56 32.29 -113.44 -51.87
CA ARG TA 56 32.62 -114.77 -51.37
C ARG TA 56 32.47 -114.81 -49.86
N PRO TA 57 31.74 -115.77 -49.31
CA PRO TA 57 31.59 -115.83 -47.85
C PRO TA 57 32.80 -116.49 -47.20
N ALA TA 58 33.35 -115.80 -46.20
CA ALA TA 58 34.54 -116.28 -45.50
C ALA TA 58 34.35 -116.19 -43.98
N PRO TA 59 33.39 -116.94 -43.42
CA PRO TA 59 33.44 -117.16 -41.97
C PRO TA 59 34.69 -117.93 -41.56
N LYS TA 60 35.16 -118.79 -42.46
CA LYS TA 60 36.38 -119.59 -42.33
C LYS TA 60 36.39 -120.40 -41.03
N PRO TA 61 35.45 -121.32 -40.83
CA PRO TA 61 35.52 -122.21 -39.67
C PRO TA 61 36.50 -123.34 -39.93
N GLU TA 62 37.58 -123.37 -39.15
CA GLU TA 62 38.64 -124.32 -39.38
C GLU TA 62 38.26 -125.71 -38.90
N GLY TA 63 37.86 -126.55 -39.83
CA GLY TA 63 37.55 -127.95 -39.55
C GLY TA 63 36.19 -128.26 -38.96
N CYS TA 64 35.35 -127.24 -38.78
CA CYS TA 64 34.04 -127.46 -38.18
C CYS TA 64 32.96 -126.99 -39.14
N ALA TA 65 32.17 -127.94 -39.61
CA ALA TA 65 31.01 -127.67 -40.47
C ALA TA 65 29.98 -128.77 -40.26
N ASP TA 66 28.85 -128.41 -39.67
CA ASP TA 66 27.80 -129.37 -39.38
C ASP TA 66 26.48 -129.03 -40.04
N ALA TA 67 26.11 -127.76 -40.09
CA ALA TA 67 24.87 -127.32 -40.71
C ALA TA 67 25.11 -125.97 -41.37
N CYS TA 68 24.16 -125.54 -42.20
CA CYS TA 68 24.32 -124.28 -42.92
C CYS TA 68 23.75 -123.14 -42.07
N VAL TA 69 24.58 -122.14 -41.83
CA VAL TA 69 24.19 -120.93 -41.09
C VAL TA 69 24.28 -119.79 -42.10
N ILE TA 70 23.73 -118.62 -41.76
CA ILE TA 70 23.86 -117.46 -42.61
C ILE TA 70 25.34 -117.13 -42.83
N MET TA 71 25.75 -117.09 -44.09
CA MET TA 71 27.11 -116.72 -44.41
C MET TA 71 27.24 -115.20 -44.48
N PRO TA 72 28.12 -114.60 -43.66
CA PRO TA 72 28.48 -113.20 -43.89
C PRO TA 72 29.45 -113.11 -45.06
N ASN TA 73 29.31 -112.07 -45.89
CA ASN TA 73 30.04 -111.99 -47.14
C ASN TA 73 31.04 -110.85 -47.14
N GLU TA 74 32.18 -111.08 -47.77
CA GLU TA 74 33.16 -110.05 -48.08
C GLU TA 74 33.27 -109.92 -49.59
N ASN TA 75 33.72 -108.75 -50.05
CA ASN TA 75 33.77 -108.46 -51.48
C ASN TA 75 35.19 -108.68 -52.01
N GLN TA 76 35.29 -109.48 -53.07
CA GLN TA 76 36.54 -109.65 -53.81
C GLN TA 76 36.40 -108.91 -55.13
N SER TA 77 37.25 -107.93 -55.36
CA SER TA 77 37.16 -107.06 -56.52
C SER TA 77 38.49 -107.02 -57.26
N ILE TA 78 38.41 -107.11 -58.59
CA ILE TA 78 39.56 -106.96 -59.46
C ILE TA 78 39.18 -105.94 -60.54
N ARG TA 79 39.93 -104.84 -60.61
CA ARG TA 79 39.62 -103.74 -61.51
C ARG TA 79 40.83 -103.44 -62.37
N THR TA 80 40.62 -103.44 -63.68
CA THR TA 80 41.69 -103.20 -64.65
C THR TA 80 41.29 -102.06 -65.58
N VAL TA 81 42.21 -101.12 -65.80
CA VAL TA 81 41.98 -99.99 -66.68
C VAL TA 81 43.10 -99.98 -67.71
N ILE TA 82 42.73 -100.02 -68.98
CA ILE TA 82 43.67 -100.01 -70.09
C ILE TA 82 43.46 -98.74 -70.89
N SER TA 83 44.51 -97.93 -71.01
CA SER TA 83 44.44 -96.65 -71.73
C SER TA 83 45.51 -96.64 -72.80
N GLY TA 84 45.14 -96.24 -74.01
CA GLY TA 84 46.08 -96.17 -75.10
C GLY TA 84 45.44 -95.81 -76.42
N SER TA 85 46.24 -95.35 -77.37
CA SER TA 85 45.72 -94.97 -78.68
C SER TA 85 45.25 -96.20 -79.45
N ALA TA 86 44.19 -96.03 -80.23
CA ALA TA 86 43.66 -97.14 -81.02
C ALA TA 86 44.63 -97.54 -82.13
N GLU TA 87 45.50 -96.62 -82.54
CA GLU TA 87 46.40 -96.89 -83.65
C GLU TA 87 47.58 -97.76 -83.22
N ASN TA 88 47.74 -98.00 -81.93
CA ASN TA 88 48.83 -98.79 -81.38
C ASN TA 88 48.30 -100.03 -80.66
N LEU TA 89 47.34 -100.72 -81.27
CA LEU TA 89 46.68 -101.83 -80.59
C LEU TA 89 47.63 -103.01 -80.38
N ALA TA 90 48.50 -103.30 -81.36
CA ALA TA 90 49.39 -104.44 -81.22
C ALA TA 90 50.36 -104.24 -80.06
N THR TA 91 50.93 -103.04 -79.97
CA THR TA 91 51.82 -102.72 -78.86
C THR TA 91 51.07 -102.66 -77.53
N LEU TA 92 49.81 -102.21 -77.54
CA LEU TA 92 49.03 -102.22 -76.31
C LEU TA 92 48.76 -103.65 -75.85
N LYS TA 93 48.52 -104.56 -76.79
CA LYS TA 93 48.34 -105.97 -76.44
C LYS TA 93 49.63 -106.56 -75.89
N ALA TA 94 50.77 -106.19 -76.48
CA ALA TA 94 52.06 -106.61 -75.92
C ALA TA 94 52.25 -106.10 -74.51
N GLU TA 95 51.88 -104.84 -74.26
CA GLU TA 95 51.93 -104.29 -72.92
C GLU TA 95 51.02 -105.06 -71.97
N TRP TA 96 49.84 -105.45 -72.45
CA TRP TA 96 48.92 -106.23 -71.63
C TRP TA 96 49.52 -107.58 -71.26
N GLU TA 97 50.16 -108.24 -72.23
CA GLU TA 97 50.81 -109.51 -71.93
C GLU TA 97 51.93 -109.35 -70.91
N THR TA 98 52.75 -108.31 -71.07
CA THR TA 98 53.83 -108.06 -70.12
C THR TA 98 53.28 -107.75 -68.73
N HIS TA 99 52.20 -106.96 -68.66
CA HIS TA 99 51.57 -106.65 -67.39
C HIS TA 99 51.04 -107.90 -66.72
N LYS TA 100 50.41 -108.79 -67.50
CA LYS TA 100 49.92 -110.05 -66.96
C LYS TA 100 51.07 -110.87 -66.39
N ARG TA 101 52.17 -110.95 -67.13
CA ARG TA 101 53.32 -111.73 -66.67
C ARG TA 101 53.90 -111.16 -65.37
N ASN TA 102 54.05 -109.84 -65.31
CA ASN TA 102 54.63 -109.23 -64.11
C ASN TA 102 53.71 -109.39 -62.90
N VAL TA 103 52.41 -109.18 -63.09
CA VAL TA 103 51.47 -109.33 -61.98
C VAL TA 103 51.41 -110.78 -61.53
N ASP TA 104 51.52 -111.72 -62.47
CA ASP TA 104 51.59 -113.13 -62.10
C ASP TA 104 52.83 -113.41 -61.26
N THR TA 105 53.97 -112.84 -61.68
CA THR TA 105 55.20 -113.04 -60.93
C THR TA 105 55.10 -112.51 -59.51
N LEU TA 106 54.48 -111.33 -59.34
CA LEU TA 106 54.34 -110.77 -57.99
C LEU TA 106 53.29 -111.48 -57.14
N PHE TA 107 52.16 -111.84 -57.74
CA PHE TA 107 50.98 -112.29 -57.00
C PHE TA 107 50.81 -113.80 -57.02
N ALA TA 108 50.73 -114.41 -58.21
CA ALA TA 108 50.42 -115.84 -58.30
C ALA TA 108 51.57 -116.68 -57.76
N SER TA 109 52.80 -116.31 -58.07
CA SER TA 109 53.97 -117.05 -57.62
C SER TA 109 54.63 -116.44 -56.38
N GLY TA 110 54.21 -115.25 -55.97
CA GLY TA 110 54.78 -114.59 -54.80
C GLY TA 110 53.80 -114.56 -53.63
N ASN TA 111 54.08 -113.65 -52.71
CA ASN TA 111 53.27 -113.46 -51.52
C ASN TA 111 52.66 -112.07 -51.46
N ALA TA 112 52.35 -111.48 -52.62
CA ALA TA 112 51.81 -110.13 -52.65
C ALA TA 112 50.41 -110.07 -52.04
N GLY TA 113 49.64 -111.16 -52.14
CA GLY TA 113 48.30 -111.15 -51.59
C GLY TA 113 48.28 -111.09 -50.08
N LEU TA 114 49.36 -111.56 -49.44
CA LEU TA 114 49.45 -111.57 -47.99
C LEU TA 114 50.01 -110.24 -47.48
N GLY TA 115 50.30 -109.32 -48.40
CA GLY TA 115 50.87 -108.05 -48.01
C GLY TA 115 52.38 -108.04 -47.96
N PHE TA 116 53.03 -108.51 -49.02
CA PHE TA 116 54.48 -108.60 -49.07
C PHE TA 116 54.97 -108.10 -50.43
N LEU TA 117 56.16 -107.50 -50.42
CA LEU TA 117 56.84 -107.09 -51.64
C LEU TA 117 58.18 -107.81 -51.71
N ASP TA 118 58.51 -108.36 -52.87
CA ASP TA 118 59.78 -109.05 -53.05
C ASP TA 118 60.64 -108.23 -54.01
N PRO TA 119 61.62 -107.46 -53.51
CA PRO TA 119 62.39 -106.58 -54.40
C PRO TA 119 63.20 -107.31 -55.46
N THR TA 120 63.55 -108.58 -55.24
CA THR TA 120 64.37 -109.32 -56.19
C THR TA 120 63.55 -110.10 -57.20
N ALA TA 121 62.24 -109.86 -57.28
CA ALA TA 121 61.40 -110.55 -58.25
C ALA TA 121 61.81 -110.17 -59.67
N ALA TA 122 61.67 -111.13 -60.59
CA ALA TA 122 62.09 -110.94 -61.97
C ALA TA 122 60.99 -110.25 -62.76
N ILE TA 123 61.05 -108.92 -62.77
CA ILE TA 123 60.12 -108.07 -63.51
C ILE TA 123 60.78 -107.69 -64.83
N VAL TA 124 60.03 -107.84 -65.92
CA VAL TA 124 60.57 -107.64 -67.26
C VAL TA 124 59.71 -106.65 -68.02
N SER TA 125 60.32 -106.02 -69.02
CA SER TA 125 59.63 -105.07 -69.88
C SER TA 125 59.09 -105.76 -71.13
N SER TA 126 58.32 -105.02 -71.91
CA SER TA 126 57.76 -105.57 -73.14
C SER TA 126 58.79 -105.67 -74.25
N ASP TA 127 59.82 -104.82 -74.23
CA ASP TA 127 60.83 -104.86 -75.28
C ASP TA 127 61.66 -106.13 -75.18
N THR TA 128 62.14 -106.59 -76.33
CA THR TA 128 62.95 -107.79 -76.42
C THR TA 128 64.39 -107.44 -76.73
N THR TA 129 65.25 -108.46 -76.69
CA THR TA 129 66.67 -108.28 -76.98
C THR TA 129 67.04 -108.93 -78.31
N ALA UA 1 35.31 -102.44 -103.48
CA ALA UA 1 35.03 -103.00 -102.16
C ALA UA 1 35.30 -101.98 -101.07
N ASN UA 2 34.26 -101.23 -100.71
CA ASN UA 2 34.41 -100.20 -99.68
C ASN UA 2 34.56 -100.85 -98.31
N LYS UA 3 35.31 -100.19 -97.45
CA LYS UA 3 35.54 -100.71 -96.11
C LYS UA 3 34.26 -100.64 -95.29
N PRO UA 4 33.82 -101.74 -94.68
CA PRO UA 4 32.60 -101.69 -93.87
C PRO UA 4 32.79 -100.91 -92.59
N MET UA 5 31.68 -100.42 -92.05
CA MET UA 5 31.66 -99.72 -90.78
C MET UA 5 30.82 -100.49 -89.77
N GLN UA 6 31.10 -100.27 -88.49
CA GLN UA 6 30.37 -100.88 -87.40
C GLN UA 6 29.93 -99.82 -86.41
N PRO UA 7 28.77 -99.99 -85.78
CA PRO UA 7 28.30 -98.97 -84.83
C PRO UA 7 29.19 -98.90 -83.60
N ILE UA 8 29.37 -97.69 -83.07
CA ILE UA 8 30.20 -97.45 -81.90
C ILE UA 8 29.37 -96.96 -80.73
N THR UA 9 28.44 -96.04 -80.98
CA THR UA 9 27.48 -95.58 -79.99
C THR UA 9 26.07 -95.78 -80.54
N SER UA 10 25.23 -96.46 -79.76
CA SER UA 10 23.94 -96.89 -80.26
C SER UA 10 22.83 -96.41 -79.35
N THR UA 11 21.94 -95.57 -79.90
CA THR UA 11 20.69 -95.20 -79.28
C THR UA 11 19.62 -95.18 -80.37
N ALA UA 12 18.40 -95.56 -79.99
CA ALA UA 12 17.32 -95.58 -80.98
C ALA UA 12 17.07 -94.19 -81.56
N ASN UA 13 17.35 -93.15 -80.77
CA ASN UA 13 17.28 -91.79 -81.30
C ASN UA 13 18.44 -91.46 -82.24
N LYS UA 14 19.62 -92.01 -81.97
CA LYS UA 14 20.83 -91.62 -82.70
C LYS UA 14 21.83 -92.76 -82.69
N ILE UA 15 22.29 -93.16 -83.87
CA ILE UA 15 23.30 -94.18 -84.04
C ILE UA 15 24.43 -93.63 -84.90
N VAL UA 16 25.67 -93.85 -84.46
CA VAL UA 16 26.85 -93.36 -85.18
C VAL UA 16 27.71 -94.55 -85.56
N TRP UA 17 28.13 -94.59 -86.82
CA TRP UA 17 29.00 -95.62 -87.34
C TRP UA 17 30.44 -95.13 -87.37
N SER UA 18 31.38 -96.06 -87.46
CA SER UA 18 32.79 -95.71 -87.50
C SER UA 18 33.57 -96.78 -88.25
N ASP UA 19 34.65 -96.35 -88.88
CA ASP UA 19 35.54 -97.27 -89.57
C ASP UA 19 36.61 -97.76 -88.59
N PRO UA 20 36.72 -99.07 -88.36
CA PRO UA 20 37.74 -99.55 -87.41
C PRO UA 20 39.17 -99.16 -87.77
N THR UA 21 39.48 -99.03 -89.06
CA THR UA 21 40.83 -98.65 -89.46
C THR UA 21 41.07 -97.15 -89.36
N ARG UA 22 40.04 -96.32 -89.48
CA ARG UA 22 40.19 -94.87 -89.35
C ARG UA 22 39.02 -94.38 -88.50
N LEU UA 23 39.29 -94.16 -87.21
CA LEU UA 23 38.22 -93.79 -86.28
C LEU UA 23 37.67 -92.40 -86.54
N SER UA 24 38.37 -91.58 -87.33
CA SER UA 24 37.90 -90.23 -87.62
C SER UA 24 36.74 -90.20 -88.61
N THR UA 25 36.52 -91.29 -89.34
CA THR UA 25 35.42 -91.37 -90.29
C THR UA 25 34.16 -91.83 -89.57
N THR UA 26 33.15 -90.98 -89.52
CA THR UA 26 31.92 -91.27 -88.81
C THR UA 26 30.71 -91.01 -89.70
N PHE UA 27 29.65 -91.77 -89.44
CA PHE UA 27 28.37 -91.59 -90.12
C PHE UA 27 27.27 -91.59 -89.07
N SER UA 28 26.51 -90.50 -89.00
CA SER UA 28 25.53 -90.30 -87.95
C SER UA 28 24.13 -90.33 -88.53
N ALA UA 29 23.22 -91.03 -87.84
CA ALA UA 29 21.82 -91.09 -88.21
C ALA UA 29 20.99 -90.76 -86.98
N SER UA 30 20.21 -89.69 -87.05
CA SER UA 30 19.37 -89.26 -85.95
C SER UA 30 17.96 -89.00 -86.45
N LEU UA 31 16.97 -89.60 -85.80
CA LEU UA 31 15.58 -89.44 -86.16
C LEU UA 31 14.83 -88.76 -85.02
N LEU UA 32 14.12 -87.68 -85.33
CA LEU UA 32 13.30 -86.97 -84.37
C LEU UA 32 11.85 -87.02 -84.84
N ARG UA 33 10.98 -87.60 -84.01
CA ARG UA 33 9.60 -87.86 -84.38
C ARG UA 33 8.66 -87.10 -83.46
N GLN UA 34 7.73 -86.35 -84.05
CA GLN UA 34 6.70 -85.65 -83.29
C GLN UA 34 5.45 -85.58 -84.15
N ARG UA 35 4.29 -85.65 -83.50
CA ARG UA 35 3.01 -85.78 -84.18
C ARG UA 35 2.53 -84.39 -84.60
N VAL UA 36 2.88 -83.99 -85.82
CA VAL UA 36 2.39 -82.74 -86.39
C VAL UA 36 1.06 -83.02 -87.09
N LYS UA 37 -0.05 -82.69 -86.42
CA LYS UA 37 -1.35 -82.95 -87.01
C LYS UA 37 -1.89 -81.69 -87.69
N VAL UA 38 -2.18 -81.82 -88.99
CA VAL UA 38 -2.83 -80.76 -89.75
C VAL UA 38 -4.32 -80.85 -89.48
N GLY UA 39 -5.07 -79.84 -89.92
CA GLY UA 39 -6.50 -79.77 -89.68
C GLY UA 39 -7.25 -81.03 -90.06
N ILE UA 40 -8.11 -81.50 -89.15
CA ILE UA 40 -8.97 -82.68 -89.31
C ILE UA 40 -8.19 -83.88 -89.86
N ALA UA 41 -6.92 -83.98 -89.53
CA ALA UA 41 -6.10 -85.10 -89.98
C ALA UA 41 -5.03 -85.38 -88.93
N GLU UA 42 -4.51 -86.60 -88.97
CA GLU UA 42 -3.45 -87.05 -88.08
C GLU UA 42 -2.24 -87.46 -88.92
N LEU UA 43 -1.08 -86.89 -88.62
CA LEU UA 43 0.14 -87.17 -89.37
C LEU UA 43 1.29 -87.36 -88.40
N ASN UA 44 2.09 -88.40 -88.64
CA ASN UA 44 3.30 -88.66 -87.87
C ASN UA 44 4.49 -88.14 -88.66
N ASN UA 45 5.14 -87.10 -88.14
CA ASN UA 45 6.23 -86.43 -88.81
C ASN UA 45 7.56 -86.97 -88.31
N VAL UA 46 8.49 -87.22 -89.23
CA VAL UA 46 9.82 -87.72 -88.90
C VAL UA 46 10.83 -86.75 -89.51
N SER UA 47 11.87 -86.44 -88.75
CA SER UA 47 12.96 -85.60 -89.23
C SER UA 47 14.24 -86.42 -89.25
N GLY UA 48 14.75 -86.70 -90.45
CA GLY UA 48 15.93 -87.53 -90.58
C GLY UA 48 17.19 -86.74 -90.86
N GLN UA 49 18.12 -86.73 -89.92
CA GLN UA 49 19.38 -86.00 -90.07
C GLN UA 49 20.51 -87.01 -90.21
N TYR UA 50 21.27 -86.89 -91.30
CA TYR UA 50 22.37 -87.80 -91.59
C TYR UA 50 23.63 -86.99 -91.82
N VAL UA 51 24.68 -87.29 -91.06
CA VAL UA 51 25.93 -86.54 -91.09
C VAL UA 51 27.07 -87.49 -91.42
N SER UA 52 27.86 -87.14 -92.43
CA SER UA 52 29.06 -87.89 -92.78
C SER UA 52 30.28 -86.99 -92.58
N VAL UA 53 31.25 -87.47 -91.80
CA VAL UA 53 32.42 -86.69 -91.44
C VAL UA 53 33.66 -87.48 -91.83
N TYR UA 54 34.58 -86.80 -92.54
CA TYR UA 54 35.85 -87.37 -92.92
C TYR UA 54 36.93 -86.32 -92.73
N LYS UA 55 38.04 -86.71 -92.11
CA LYS UA 55 39.18 -85.82 -91.91
C LYS UA 55 40.29 -86.24 -92.87
N ARG UA 56 40.56 -85.36 -93.84
CA ARG UA 56 41.46 -85.68 -94.93
C ARG UA 56 42.69 -84.79 -94.88
N PRO UA 57 43.89 -85.32 -95.13
CA PRO UA 57 45.08 -84.49 -95.14
C PRO UA 57 45.05 -83.45 -96.25
N ALA UA 58 45.68 -82.32 -95.99
CA ALA UA 58 45.77 -81.26 -96.98
C ALA UA 58 46.57 -81.76 -98.19
N PRO UA 59 46.25 -81.27 -99.39
CA PRO UA 59 46.93 -81.79 -100.59
C PRO UA 59 48.43 -81.52 -100.60
N LYS UA 60 49.19 -82.51 -101.05
CA LYS UA 60 50.64 -82.42 -101.17
C LYS UA 60 51.02 -81.52 -102.36
N PRO UA 61 52.20 -80.90 -102.34
CA PRO UA 61 52.63 -80.11 -103.50
C PRO UA 61 52.69 -80.95 -104.77
N GLU UA 62 52.29 -80.35 -105.89
CA GLU UA 62 52.18 -81.11 -107.14
C GLU UA 62 53.53 -81.64 -107.58
N GLY UA 63 54.59 -80.83 -107.47
CA GLY UA 63 55.91 -81.28 -107.84
C GLY UA 63 56.67 -81.90 -106.69
N CYS UA 64 56.08 -82.90 -106.04
CA CYS UA 64 56.68 -83.56 -104.90
C CYS UA 64 56.78 -85.06 -105.15
N ALA UA 65 57.96 -85.62 -104.88
CA ALA UA 65 58.15 -87.06 -104.85
C ALA UA 65 58.63 -87.54 -103.48
N ASP UA 66 58.57 -86.69 -102.45
CA ASP UA 66 59.05 -87.08 -101.13
C ASP UA 66 58.19 -88.18 -100.55
N ALA UA 67 58.82 -89.07 -99.78
CA ALA UA 67 58.14 -90.24 -99.25
C ALA UA 67 57.34 -89.94 -97.99
N CYS UA 68 57.93 -89.26 -97.03
CA CYS UA 68 57.37 -89.16 -95.69
C CYS UA 68 57.16 -87.70 -95.32
N VAL UA 69 56.01 -87.16 -95.72
CA VAL UA 69 55.59 -85.81 -95.32
C VAL UA 69 54.10 -85.86 -95.07
N ILE UA 70 53.67 -85.47 -93.87
CA ILE UA 70 52.27 -85.55 -93.46
C ILE UA 70 51.76 -84.14 -93.19
N MET UA 71 50.61 -83.82 -93.75
CA MET UA 71 49.97 -82.52 -93.57
C MET UA 71 48.78 -82.67 -92.63
N PRO UA 72 48.44 -81.63 -91.87
CA PRO UA 72 47.31 -81.74 -90.94
C PRO UA 72 45.99 -81.90 -91.68
N ASN UA 73 45.05 -82.55 -91.01
CA ASN UA 73 43.78 -82.92 -91.61
C ASN UA 73 42.82 -81.74 -91.63
N GLU UA 74 41.96 -81.73 -92.66
CA GLU UA 74 40.89 -80.75 -92.79
C GLU UA 74 39.57 -81.47 -92.60
N ASN UA 75 38.54 -80.72 -92.22
CA ASN UA 75 37.24 -81.33 -91.91
C ASN UA 75 36.36 -81.31 -93.14
N GLN UA 76 35.91 -82.48 -93.58
CA GLN UA 76 34.96 -82.63 -94.68
C GLN UA 76 33.65 -83.13 -94.09
N SER UA 77 32.59 -82.36 -94.26
CA SER UA 77 31.29 -82.68 -93.68
C SER UA 77 30.21 -82.60 -94.74
N ILE UA 78 29.34 -83.61 -94.76
CA ILE UA 78 28.16 -83.64 -95.62
C ILE UA 78 26.97 -83.99 -94.74
N ARG UA 79 25.97 -83.11 -94.73
CA ARG UA 79 24.83 -83.23 -93.82
C ARG UA 79 23.54 -83.12 -94.60
N THR UA 80 22.65 -84.09 -94.42
CA THR UA 80 21.36 -84.12 -95.08
C THR UA 80 20.25 -84.23 -94.04
N VAL UA 81 19.22 -83.41 -94.19
CA VAL UA 81 18.07 -83.40 -93.31
C VAL UA 81 16.82 -83.63 -94.16
N ILE UA 82 16.03 -84.63 -93.78
CA ILE UA 82 14.81 -84.99 -94.49
C ILE UA 82 13.66 -84.89 -93.51
N SER UA 83 12.64 -84.11 -93.86
CA SER UA 83 11.47 -83.89 -93.02
C SER UA 83 10.22 -84.19 -93.83
N GLY UA 84 9.37 -85.06 -93.31
CA GLY UA 84 8.13 -85.40 -93.99
C GLY UA 84 7.27 -86.36 -93.21
N SER UA 85 5.98 -86.43 -93.56
CA SER UA 85 5.07 -87.34 -92.87
C SER UA 85 5.33 -88.78 -93.30
N ALA UA 86 5.06 -89.71 -92.39
CA ALA UA 86 5.26 -91.12 -92.69
C ALA UA 86 4.28 -91.62 -93.74
N GLU UA 87 3.13 -90.93 -93.87
CA GLU UA 87 2.11 -91.36 -94.82
C GLU UA 87 2.55 -91.12 -96.26
N ASN UA 88 3.47 -90.19 -96.47
CA ASN UA 88 3.91 -89.80 -97.81
C ASN UA 88 5.31 -90.32 -98.13
N LEU UA 89 5.64 -91.54 -97.73
CA LEU UA 89 7.00 -92.03 -97.87
C LEU UA 89 7.40 -92.18 -99.34
N ALA UA 90 6.48 -92.67 -100.18
CA ALA UA 90 6.81 -92.87 -101.58
C ALA UA 90 7.12 -91.54 -102.27
N THR UA 91 6.28 -90.54 -102.03
CA THR UA 91 6.52 -89.22 -102.61
C THR UA 91 7.78 -88.58 -102.03
N LEU UA 92 8.07 -88.81 -100.75
CA LEU UA 92 9.32 -88.31 -100.18
C LEU UA 92 10.53 -88.96 -100.84
N LYS UA 93 10.42 -90.25 -101.17
CA LYS UA 93 11.52 -90.92 -101.86
C LYS UA 93 11.69 -90.39 -103.27
N ALA UA 94 10.58 -90.10 -103.96
CA ALA UA 94 10.68 -89.47 -105.29
C ALA UA 94 11.35 -88.11 -105.18
N GLU UA 95 10.97 -87.32 -104.17
CA GLU UA 95 11.61 -86.03 -103.95
C GLU UA 95 13.10 -86.21 -103.65
N TRP UA 96 13.45 -87.26 -102.92
CA TRP UA 96 14.86 -87.52 -102.61
C TRP UA 96 15.65 -87.86 -103.86
N GLU UA 97 15.05 -88.63 -104.77
CA GLU UA 97 15.73 -88.92 -106.04
C GLU UA 97 15.92 -87.65 -106.86
N THR UA 98 14.88 -86.80 -106.91
CA THR UA 98 15.02 -85.54 -107.64
C THR UA 98 16.08 -84.65 -107.01
N HIS UA 99 16.15 -84.65 -105.67
CA HIS UA 99 17.17 -83.88 -104.97
C HIS UA 99 18.56 -84.41 -105.30
N LYS UA 100 18.72 -85.73 -105.35
CA LYS UA 100 19.98 -86.31 -105.83
C LYS UA 100 20.34 -85.75 -107.20
N ARG UA 101 19.39 -85.78 -108.13
CA ARG UA 101 19.70 -85.34 -109.50
C ARG UA 101 20.11 -83.88 -109.52
N ASN UA 102 19.41 -83.04 -108.76
CA ASN UA 102 19.71 -81.60 -108.76
C ASN UA 102 21.07 -81.31 -108.12
N VAL UA 103 21.34 -81.90 -106.96
CA VAL UA 103 22.64 -81.70 -106.32
C VAL UA 103 23.76 -82.23 -107.22
N ASP UA 104 23.51 -83.34 -107.92
CA ASP UA 104 24.52 -83.87 -108.82
C ASP UA 104 24.80 -82.89 -109.95
N THR UA 105 23.76 -82.36 -110.59
CA THR UA 105 23.98 -81.48 -111.73
C THR UA 105 24.58 -80.14 -111.30
N LEU UA 106 24.40 -79.76 -110.03
CA LEU UA 106 25.02 -78.53 -109.57
C LEU UA 106 26.46 -78.74 -109.09
N PHE UA 107 26.75 -79.86 -108.44
CA PHE UA 107 28.00 -80.05 -107.73
C PHE UA 107 28.94 -81.03 -108.44
N ALA UA 108 28.45 -82.23 -108.76
CA ALA UA 108 29.32 -83.24 -109.35
C ALA UA 108 29.76 -82.86 -110.75
N SER UA 109 28.83 -82.35 -111.56
CA SER UA 109 29.13 -81.96 -112.93
C SER UA 109 29.33 -80.45 -113.09
N GLY UA 110 29.23 -79.68 -112.02
CA GLY UA 110 29.38 -78.24 -112.07
C GLY UA 110 30.58 -77.76 -111.30
N ASN UA 111 30.53 -76.48 -110.90
CA ASN UA 111 31.60 -75.84 -110.15
C ASN UA 111 31.12 -75.32 -108.80
N ALA UA 112 30.02 -75.86 -108.28
CA ALA UA 112 29.54 -75.46 -106.96
C ALA UA 112 30.56 -75.80 -105.87
N GLY UA 113 31.36 -76.84 -106.09
CA GLY UA 113 32.41 -77.16 -105.15
C GLY UA 113 33.48 -76.10 -105.07
N LEU UA 114 33.84 -75.49 -106.19
CA LEU UA 114 34.82 -74.41 -106.22
C LEU UA 114 34.20 -73.05 -105.91
N GLY UA 115 32.86 -72.94 -105.96
CA GLY UA 115 32.22 -71.70 -105.58
C GLY UA 115 31.56 -70.94 -106.71
N PHE UA 116 31.27 -71.60 -107.83
CA PHE UA 116 30.64 -70.96 -108.97
C PHE UA 116 29.21 -71.46 -109.11
N LEU UA 117 28.27 -70.54 -109.29
CA LEU UA 117 26.87 -70.87 -109.52
C LEU UA 117 26.49 -70.55 -110.96
N ASP UA 118 25.88 -71.52 -111.63
CA ASP UA 118 25.46 -71.35 -113.01
C ASP UA 118 23.95 -71.21 -113.06
N PRO UA 119 23.41 -70.04 -113.41
CA PRO UA 119 21.94 -69.91 -113.50
C PRO UA 119 21.34 -70.65 -114.68
N THR UA 120 22.15 -71.22 -115.55
CA THR UA 120 21.67 -71.98 -116.70
C THR UA 120 21.62 -73.48 -116.44
N ALA UA 121 21.81 -73.90 -115.19
CA ALA UA 121 21.82 -75.33 -114.88
C ALA UA 121 20.44 -75.94 -115.13
N ALA UA 122 20.44 -77.21 -115.52
CA ALA UA 122 19.20 -77.91 -115.86
C ALA UA 122 18.63 -78.56 -114.61
N ILE UA 123 17.87 -77.76 -113.85
CA ILE UA 123 17.18 -78.24 -112.66
C ILE UA 123 15.81 -78.74 -113.07
N VAL UA 124 15.42 -79.92 -112.57
CA VAL UA 124 14.17 -80.56 -112.95
C VAL UA 124 13.36 -80.87 -111.70
N SER UA 125 12.06 -81.04 -111.89
CA SER UA 125 11.16 -81.35 -110.79
C SER UA 125 10.86 -82.84 -110.73
N SER UA 126 10.25 -83.26 -109.61
CA SER UA 126 9.86 -84.65 -109.45
C SER UA 126 8.69 -85.04 -110.35
N ASP UA 127 7.75 -84.12 -110.57
CA ASP UA 127 6.60 -84.42 -111.41
C ASP UA 127 7.03 -84.64 -112.86
N THR UA 128 6.29 -85.47 -113.57
CA THR UA 128 6.56 -85.81 -114.95
C THR UA 128 5.41 -85.36 -115.84
N THR UA 129 5.75 -85.08 -117.10
CA THR UA 129 4.75 -84.63 -118.07
C THR UA 129 3.84 -85.78 -118.49
N ALA VA 1 0.97 -115.52 -90.29
CA ALA VA 1 2.10 -114.63 -90.53
C ALA VA 1 1.84 -113.24 -89.96
N ASN VA 2 2.06 -113.09 -88.65
CA ASN VA 2 1.84 -111.82 -87.99
C ASN VA 2 2.92 -110.82 -88.37
N LYS VA 3 2.54 -109.55 -88.40
CA LYS VA 3 3.48 -108.50 -88.79
C LYS VA 3 4.45 -108.21 -87.65
N PRO VA 4 5.76 -108.34 -87.87
CA PRO VA 4 6.72 -108.01 -86.81
C PRO VA 4 6.89 -106.51 -86.66
N MET VA 5 7.45 -106.10 -85.53
CA MET VA 5 7.76 -104.70 -85.27
C MET VA 5 9.24 -104.53 -85.01
N GLN VA 6 9.74 -103.31 -85.22
CA GLN VA 6 11.09 -102.90 -84.93
C GLN VA 6 11.11 -101.94 -83.74
N PRO VA 7 12.20 -101.87 -82.98
CA PRO VA 7 12.22 -101.00 -81.80
C PRO VA 7 12.38 -99.53 -82.15
N ILE VA 8 11.44 -98.69 -81.69
CA ILE VA 8 11.57 -97.26 -81.91
C ILE VA 8 12.32 -96.57 -80.79
N THR VA 9 12.32 -97.12 -79.58
CA THR VA 9 13.04 -96.55 -78.45
C THR VA 9 13.74 -97.68 -77.72
N SER VA 10 15.07 -97.64 -77.69
CA SER VA 10 15.88 -98.69 -77.08
C SER VA 10 16.66 -98.09 -75.92
N THR VA 11 16.55 -98.72 -74.76
CA THR VA 11 17.23 -98.28 -73.55
C THR VA 11 17.49 -99.52 -72.70
N ALA VA 12 18.49 -99.41 -71.81
CA ALA VA 12 18.83 -100.54 -70.95
C ALA VA 12 17.70 -100.91 -70.02
N ASN VA 13 16.73 -100.02 -69.84
CA ASN VA 13 15.61 -100.27 -68.95
C ASN VA 13 14.24 -100.28 -69.63
N LYS VA 14 14.16 -99.93 -70.91
CA LYS VA 14 12.88 -99.86 -71.60
C LYS VA 14 13.09 -99.95 -73.09
N ILE VA 15 12.35 -100.83 -73.75
CA ILE VA 15 12.36 -100.96 -75.21
C ILE VA 15 10.93 -100.88 -75.72
N VAL VA 16 10.71 -100.08 -76.75
CA VAL VA 16 9.38 -99.86 -77.32
C VAL VA 16 9.40 -100.30 -78.77
N TRP VA 17 8.47 -101.19 -79.14
CA TRP VA 17 8.31 -101.65 -80.51
C TRP VA 17 7.15 -100.92 -81.17
N SER VA 18 7.13 -100.95 -82.51
CA SER VA 18 6.06 -100.30 -83.27
C SER VA 18 6.02 -100.89 -84.67
N ASP VA 19 4.80 -101.09 -85.17
CA ASP VA 19 4.62 -101.69 -86.49
C ASP VA 19 4.88 -100.65 -87.58
N PRO VA 20 5.72 -100.98 -88.57
CA PRO VA 20 5.93 -100.03 -89.67
C PRO VA 20 4.66 -99.67 -90.43
N THR VA 21 3.74 -100.62 -90.61
CA THR VA 21 2.51 -100.31 -91.33
C THR VA 21 1.59 -99.40 -90.52
N ARG VA 22 1.39 -99.71 -89.24
CA ARG VA 22 0.57 -98.91 -88.35
C ARG VA 22 1.40 -98.51 -87.14
N LEU VA 23 1.74 -97.22 -87.06
CA LEU VA 23 2.64 -96.76 -86.01
C LEU VA 23 1.92 -96.59 -84.69
N SER VA 24 0.59 -96.63 -84.71
CA SER VA 24 -0.19 -96.36 -83.51
C SER VA 24 -0.11 -97.50 -82.51
N THR VA 25 0.10 -98.72 -83.00
CA THR VA 25 0.20 -99.88 -82.12
C THR VA 25 1.65 -100.04 -81.66
N THR VA 26 1.84 -100.19 -80.35
CA THR VA 26 3.16 -100.31 -79.77
C THR VA 26 3.15 -101.35 -78.66
N PHE VA 27 4.33 -101.93 -78.41
CA PHE VA 27 4.54 -102.89 -77.34
C PHE VA 27 5.84 -102.54 -76.63
N SER VA 28 5.74 -102.16 -75.36
CA SER VA 28 6.90 -101.71 -74.61
C SER VA 28 7.10 -102.57 -73.38
N ALA VA 29 8.37 -102.86 -73.09
CA ALA VA 29 8.76 -103.68 -71.94
C ALA VA 29 9.72 -102.88 -71.07
N SER VA 30 9.46 -102.84 -69.77
CA SER VA 30 10.29 -102.12 -68.82
C SER VA 30 10.63 -103.05 -67.66
N LEU VA 31 11.91 -103.08 -67.28
CA LEU VA 31 12.38 -103.92 -66.19
C LEU VA 31 13.02 -103.06 -65.11
N LEU VA 32 12.66 -103.32 -63.86
CA LEU VA 32 13.24 -102.66 -62.71
C LEU VA 32 13.83 -103.72 -61.78
N ARG VA 33 15.14 -103.70 -61.61
CA ARG VA 33 15.85 -104.68 -60.80
C ARG VA 33 16.30 -104.04 -59.51
N GLN VA 34 15.98 -104.69 -58.39
CA GLN VA 34 16.32 -104.19 -57.07
C GLN VA 34 16.75 -105.34 -56.18
N ARG VA 35 17.51 -105.00 -55.14
CA ARG VA 35 17.88 -105.98 -54.13
C ARG VA 35 16.90 -105.90 -52.97
N VAL VA 36 16.35 -107.05 -52.59
CA VAL VA 36 15.38 -107.15 -51.52
C VAL VA 36 16.03 -107.83 -50.32
N LYS VA 37 15.95 -107.17 -49.17
CA LYS VA 37 16.53 -107.68 -47.93
C LYS VA 37 15.51 -108.59 -47.26
N VAL VA 38 15.78 -109.89 -47.27
CA VAL VA 38 14.97 -110.88 -46.58
C VAL VA 38 15.87 -111.56 -45.55
N GLY VA 39 15.27 -111.92 -44.41
CA GLY VA 39 16.00 -112.50 -43.30
C GLY VA 39 17.02 -113.54 -43.70
N ILE VA 40 18.26 -113.35 -43.23
CA ILE VA 40 19.42 -114.18 -43.54
C ILE VA 40 19.45 -114.56 -45.03
N ALA VA 41 19.13 -113.61 -45.89
CA ALA VA 41 19.13 -113.85 -47.33
C ALA VA 41 19.40 -112.55 -48.06
N GLU VA 42 19.94 -112.67 -49.27
CA GLU VA 42 20.20 -111.52 -50.14
C GLU VA 42 19.87 -111.94 -51.58
N LEU VA 43 18.66 -111.64 -52.02
CA LEU VA 43 18.15 -112.09 -53.31
C LEU VA 43 17.63 -110.90 -54.10
N ASN VA 44 17.68 -111.02 -55.43
CA ASN VA 44 17.45 -109.90 -56.34
C ASN VA 44 16.08 -110.04 -56.98
N ASN VA 45 15.24 -109.03 -56.77
CA ASN VA 45 13.92 -109.01 -57.38
C ASN VA 45 13.97 -108.28 -58.72
N VAL VA 46 13.21 -108.79 -59.68
CA VAL VA 46 13.09 -108.17 -61.00
C VAL VA 46 11.61 -107.99 -61.30
N SER VA 47 11.21 -106.76 -61.57
CA SER VA 47 9.82 -106.42 -61.89
C SER VA 47 9.74 -106.04 -63.36
N GLY VA 48 8.85 -106.71 -64.09
CA GLY VA 48 8.71 -106.45 -65.50
C GLY VA 48 7.33 -105.95 -65.88
N GLN VA 49 7.27 -104.82 -66.58
CA GLN VA 49 6.01 -104.21 -67.00
C GLN VA 49 5.92 -104.28 -68.52
N TYR VA 50 4.94 -105.04 -69.02
CA TYR VA 50 4.70 -105.18 -70.45
C TYR VA 50 3.33 -104.61 -70.76
N VAL VA 51 3.27 -103.63 -71.65
CA VAL VA 51 2.02 -103.00 -72.06
C VAL VA 51 1.86 -103.17 -73.56
N SER VA 52 0.65 -103.45 -74.00
CA SER VA 52 0.30 -103.54 -75.41
C SER VA 52 -0.89 -102.64 -75.69
N VAL VA 53 -0.76 -101.79 -76.70
CA VAL VA 53 -1.83 -100.86 -77.08
C VAL VA 53 -2.14 -101.02 -78.55
N TYR VA 54 -3.42 -100.97 -78.89
CA TYR VA 54 -3.89 -100.99 -80.26
C TYR VA 54 -5.05 -100.02 -80.38
N LYS VA 55 -4.96 -99.13 -81.36
CA LYS VA 55 -5.94 -98.05 -81.50
C LYS VA 55 -7.00 -98.47 -82.52
N ARG VA 56 -7.81 -99.44 -82.11
CA ARG VA 56 -8.82 -100.01 -83.00
C ARG VA 56 -9.91 -99.00 -83.30
N PRO VA 57 -10.37 -98.91 -84.55
CA PRO VA 57 -11.49 -98.02 -84.86
C PRO VA 57 -12.77 -98.42 -84.16
N ALA VA 58 -13.60 -97.42 -83.88
CA ALA VA 58 -14.90 -97.66 -83.29
C ALA VA 58 -15.76 -98.46 -84.26
N PRO VA 59 -16.78 -99.19 -83.80
CA PRO VA 59 -17.49 -100.09 -84.70
C PRO VA 59 -18.45 -99.37 -85.64
N LYS VA 60 -18.32 -99.67 -86.93
CA LYS VA 60 -19.08 -99.01 -87.96
C LYS VA 60 -20.57 -99.30 -87.79
N PRO VA 61 -21.45 -98.32 -88.06
CA PRO VA 61 -22.89 -98.57 -87.95
C PRO VA 61 -23.37 -99.63 -88.94
N GLU VA 62 -24.61 -100.08 -88.76
CA GLU VA 62 -25.15 -101.20 -89.52
C GLU VA 62 -25.80 -100.69 -90.80
N GLY VA 63 -25.51 -101.37 -91.91
CA GLY VA 63 -26.18 -101.14 -93.16
C GLY VA 63 -25.69 -99.97 -93.99
N CYS VA 64 -24.57 -99.34 -93.61
CA CYS VA 64 -24.05 -98.20 -94.35
C CYS VA 64 -22.61 -98.47 -94.75
N ALA VA 65 -22.37 -98.60 -96.05
CA ALA VA 65 -21.01 -98.70 -96.59
C ALA VA 65 -20.53 -97.30 -96.94
N ASP VA 66 -20.05 -96.57 -95.95
CA ASP VA 66 -19.62 -95.20 -96.16
C ASP VA 66 -18.42 -95.14 -97.11
N ALA VA 67 -18.30 -94.01 -97.80
CA ALA VA 67 -17.25 -93.86 -98.80
C ALA VA 67 -15.87 -93.96 -98.17
N CYS VA 68 -15.64 -93.22 -97.08
CA CYS VA 68 -14.34 -93.19 -96.43
C CYS VA 68 -14.50 -93.41 -94.93
N VAL VA 69 -13.49 -94.05 -94.34
CA VAL VA 69 -13.51 -94.29 -92.90
C VAL VA 69 -13.20 -92.99 -92.16
N ILE VA 70 -14.11 -92.58 -91.29
CA ILE VA 70 -13.97 -91.35 -90.53
C ILE VA 70 -14.21 -91.65 -89.06
N MET VA 71 -14.10 -92.92 -88.70
CA MET VA 71 -14.51 -93.36 -87.38
C MET VA 71 -13.54 -92.86 -86.33
N PRO VA 72 -14.01 -92.36 -85.19
CA PRO VA 72 -13.10 -91.93 -84.13
C PRO VA 72 -12.59 -93.08 -83.29
N ASN VA 73 -11.50 -93.71 -83.74
CA ASN VA 73 -10.91 -94.88 -83.11
C ASN VA 73 -10.71 -94.76 -81.60
N GLU VA 74 -10.69 -95.89 -80.90
CA GLU VA 74 -10.61 -95.94 -79.45
C GLU VA 74 -9.28 -96.54 -79.02
N ASN VA 75 -9.14 -96.73 -77.70
CA ASN VA 75 -7.90 -97.23 -77.13
C ASN VA 75 -8.14 -98.60 -76.52
N GLN VA 76 -7.33 -99.58 -76.93
CA GLN VA 76 -7.35 -100.92 -76.34
C GLN VA 76 -5.98 -101.18 -75.73
N SER VA 77 -5.94 -101.52 -74.45
CA SER VA 77 -4.69 -101.66 -73.73
C SER VA 77 -4.69 -102.95 -72.91
N ILE VA 78 -3.53 -103.61 -72.87
CA ILE VA 78 -3.30 -104.77 -72.02
C ILE VA 78 -1.97 -104.54 -71.29
N ARG VA 79 -2.00 -104.59 -69.97
CA ARG VA 79 -0.85 -104.30 -69.13
C ARG VA 79 -0.61 -105.46 -68.19
N THR VA 80 0.63 -105.94 -68.14
CA THR VA 80 1.01 -107.07 -67.31
C THR VA 80 2.26 -106.75 -66.52
N VAL VA 81 2.23 -107.05 -65.22
CA VAL VA 81 3.36 -106.84 -64.33
C VAL VA 81 3.75 -108.18 -63.74
N ILE VA 82 5.01 -108.56 -63.91
CA ILE VA 82 5.56 -109.80 -63.36
C ILE VA 82 6.66 -109.43 -62.38
N SER VA 83 6.51 -109.85 -61.13
CA SER VA 83 7.46 -109.52 -60.07
C SER VA 83 7.86 -110.79 -59.35
N GLY VA 84 9.17 -110.97 -59.16
CA GLY VA 84 9.66 -112.13 -58.45
C GLY VA 84 11.16 -112.18 -58.50
N SER VA 85 11.72 -113.03 -57.63
CA SER VA 85 13.17 -113.17 -57.55
C SER VA 85 13.68 -114.00 -58.72
N ALA VA 86 14.87 -113.65 -59.22
CA ALA VA 86 15.48 -114.40 -60.31
C ALA VA 86 15.92 -115.78 -59.87
N GLU VA 87 16.08 -115.99 -58.55
CA GLU VA 87 16.45 -117.31 -58.05
C GLU VA 87 15.34 -118.32 -58.32
N ASN VA 88 14.08 -117.88 -58.23
CA ASN VA 88 12.91 -118.74 -58.40
C ASN VA 88 12.29 -118.58 -59.79
N LEU VA 89 13.12 -118.45 -60.82
CA LEU VA 89 12.60 -118.16 -62.16
C LEU VA 89 11.72 -119.28 -62.69
N ALA VA 90 12.09 -120.54 -62.43
CA ALA VA 90 11.27 -121.65 -62.91
C ALA VA 90 9.88 -121.62 -62.29
N THR VA 91 9.82 -121.38 -60.99
CA THR VA 91 8.53 -121.21 -60.31
C THR VA 91 7.76 -120.02 -60.85
N LEU VA 92 8.44 -118.90 -61.13
CA LEU VA 92 7.74 -117.74 -61.66
C LEU VA 92 7.17 -118.04 -63.03
N LYS VA 93 7.88 -118.82 -63.84
CA LYS VA 93 7.36 -119.22 -65.15
C LYS VA 93 6.14 -120.13 -64.99
N ALA VA 94 6.19 -121.06 -64.04
CA ALA VA 94 5.02 -121.89 -63.78
C ALA VA 94 3.83 -121.04 -63.33
N GLU VA 95 4.09 -120.04 -62.48
CA GLU VA 95 3.05 -119.11 -62.07
C GLU VA 95 2.48 -118.35 -63.25
N TRP VA 96 3.35 -117.94 -64.18
CA TRP VA 96 2.89 -117.24 -65.38
C TRP VA 96 1.98 -118.12 -66.20
N GLU VA 97 2.36 -119.39 -66.38
CA GLU VA 97 1.51 -120.31 -67.14
C GLU VA 97 0.16 -120.50 -66.47
N THR VA 98 0.15 -120.68 -65.15
CA THR VA 98 -1.10 -120.86 -64.44
C THR VA 98 -1.97 -119.60 -64.51
N HIS VA 99 -1.34 -118.43 -64.40
CA HIS VA 99 -2.08 -117.18 -64.49
C HIS VA 99 -2.68 -116.99 -65.87
N LYS VA 100 -1.93 -117.34 -66.92
CA LYS VA 100 -2.48 -117.29 -68.27
C LYS VA 100 -3.68 -118.20 -68.40
N ARG VA 101 -3.59 -119.41 -67.86
CA ARG VA 101 -4.71 -120.34 -67.96
C ARG VA 101 -5.94 -119.81 -67.22
N ASN VA 102 -5.74 -119.25 -66.03
CA ASN VA 102 -6.86 -118.71 -65.27
C ASN VA 102 -7.50 -117.53 -65.98
N VAL VA 103 -6.68 -116.62 -66.54
CA VAL VA 103 -7.23 -115.46 -67.23
C VAL VA 103 -7.94 -115.90 -68.50
N ASP VA 104 -7.44 -116.94 -69.17
CA ASP VA 104 -8.14 -117.48 -70.32
C ASP VA 104 -9.48 -118.08 -69.93
N THR VA 105 -9.52 -118.76 -68.78
CA THR VA 105 -10.77 -119.34 -68.32
C THR VA 105 -11.81 -118.26 -68.01
N LEU VA 106 -11.38 -117.18 -67.36
CA LEU VA 106 -12.33 -116.13 -67.00
C LEU VA 106 -12.73 -115.27 -68.20
N PHE VA 107 -11.78 -115.00 -69.10
CA PHE VA 107 -11.92 -113.99 -70.13
C PHE VA 107 -12.00 -114.57 -71.54
N ALA VA 108 -11.02 -115.37 -71.94
CA ALA VA 108 -10.97 -115.88 -73.30
C ALA VA 108 -12.16 -116.78 -73.60
N SER VA 109 -12.51 -117.66 -72.67
CA SER VA 109 -13.65 -118.56 -72.85
C SER VA 109 -14.84 -118.15 -71.99
N GLY VA 110 -14.74 -117.08 -71.22
CA GLY VA 110 -15.82 -116.61 -70.39
C GLY VA 110 -16.39 -115.29 -70.87
N ASN VA 111 -17.19 -114.66 -70.00
CA ASN VA 111 -17.82 -113.41 -70.35
C ASN VA 111 -17.33 -112.28 -69.47
N ALA VA 112 -16.04 -112.32 -69.09
CA ALA VA 112 -15.48 -111.26 -68.26
C ALA VA 112 -15.36 -109.96 -69.05
N GLY VA 113 -15.14 -110.06 -70.36
CA GLY VA 113 -15.03 -108.86 -71.17
C GLY VA 113 -16.32 -108.05 -71.20
N LEU VA 114 -17.47 -108.72 -71.19
CA LEU VA 114 -18.74 -108.02 -71.20
C LEU VA 114 -19.11 -107.49 -69.82
N GLY VA 115 -18.41 -107.94 -68.78
CA GLY VA 115 -18.63 -107.46 -67.43
C GLY VA 115 -19.12 -108.48 -66.44
N PHE VA 116 -19.10 -109.76 -66.77
CA PHE VA 116 -19.61 -110.78 -65.87
C PHE VA 116 -18.48 -111.55 -65.20
N LEU VA 117 -18.57 -111.67 -63.88
CA LEU VA 117 -17.63 -112.45 -63.09
C LEU VA 117 -18.33 -113.72 -62.62
N ASP VA 118 -18.07 -114.82 -63.30
CA ASP VA 118 -18.68 -116.09 -62.95
C ASP VA 118 -18.03 -116.66 -61.70
N PRO VA 119 -18.77 -116.89 -60.62
CA PRO VA 119 -18.16 -117.49 -59.42
C PRO VA 119 -18.09 -118.99 -59.46
N THR VA 120 -18.54 -119.63 -60.54
CA THR VA 120 -18.45 -121.07 -60.70
C THR VA 120 -17.35 -121.50 -61.66
N ALA VA 121 -16.46 -120.58 -62.05
CA ALA VA 121 -15.41 -120.91 -63.00
C ALA VA 121 -14.38 -121.85 -62.38
N ALA VA 122 -13.68 -122.59 -63.23
CA ALA VA 122 -12.70 -123.57 -62.79
C ALA VA 122 -11.32 -122.91 -62.75
N ILE VA 123 -10.95 -122.42 -61.58
CA ILE VA 123 -9.64 -121.81 -61.37
C ILE VA 123 -8.72 -122.85 -60.75
N VAL VA 124 -7.51 -122.95 -61.29
CA VAL VA 124 -6.55 -123.95 -60.85
C VAL VA 124 -5.24 -123.26 -60.47
N SER VA 125 -4.51 -123.86 -59.54
CA SER VA 125 -3.29 -123.28 -59.01
C SER VA 125 -2.06 -123.85 -59.69
N SER VA 126 -0.90 -123.25 -59.41
CA SER VA 126 0.34 -123.74 -59.97
C SER VA 126 0.79 -125.05 -59.35
N ASP VA 127 0.36 -125.35 -58.13
CA ASP VA 127 0.71 -126.61 -57.50
C ASP VA 127 -0.05 -127.76 -58.14
N THR VA 128 0.61 -128.91 -58.22
CA THR VA 128 0.04 -130.11 -58.82
C THR VA 128 -0.12 -131.20 -57.76
N THR VA 129 -1.08 -132.08 -58.00
CA THR VA 129 -1.35 -133.18 -57.08
C THR VA 129 -0.53 -134.40 -57.44
N ALA WA 1 134.77 26.53 54.42
CA ALA WA 1 134.36 25.19 54.77
C ALA WA 1 132.88 24.96 54.46
N ASN WA 2 132.61 24.32 53.33
CA ASN WA 2 131.23 24.05 52.94
C ASN WA 2 130.61 23.00 53.86
N LYS WA 3 129.33 23.17 54.15
CA LYS WA 3 128.65 22.26 55.07
C LYS WA 3 128.46 20.89 54.43
N PRO WA 4 128.92 19.82 55.07
CA PRO WA 4 128.64 18.48 54.52
C PRO WA 4 127.15 18.22 54.44
N MET WA 5 126.75 17.53 53.38
CA MET WA 5 125.35 17.29 53.07
C MET WA 5 125.14 15.81 52.80
N GLN WA 6 124.21 15.19 53.54
CA GLN WA 6 124.07 13.74 53.55
C GLN WA 6 122.74 13.33 52.93
N PRO WA 7 122.66 12.13 52.35
CA PRO WA 7 121.46 11.76 51.58
C PRO WA 7 120.28 11.43 52.47
N ILE WA 8 119.09 11.51 51.88
CA ILE WA 8 117.87 11.04 52.53
C ILE WA 8 117.17 9.95 51.73
N THR WA 9 117.36 9.90 50.41
CA THR WA 9 116.82 8.83 49.59
C THR WA 9 117.94 8.23 48.77
N SER WA 10 118.12 6.91 48.87
CA SER WA 10 119.20 6.22 48.19
C SER WA 10 118.64 5.09 47.35
N THR WA 11 119.02 5.07 46.07
CA THR WA 11 118.62 4.04 45.13
C THR WA 11 119.70 3.92 44.06
N ALA WA 12 119.78 2.75 43.45
CA ALA WA 12 120.79 2.52 42.41
C ALA WA 12 120.56 3.42 41.21
N ASN WA 13 119.33 3.93 41.05
CA ASN WA 13 118.99 4.79 39.92
C ASN WA 13 118.87 6.26 40.29
N LYS WA 14 118.78 6.59 41.58
CA LYS WA 14 118.59 7.98 42.01
C LYS WA 14 119.03 8.12 43.46
N ILE WA 15 119.78 9.17 43.75
CA ILE WA 15 120.16 9.53 45.11
C ILE WA 15 119.88 11.01 45.30
N VAL WA 16 119.24 11.35 46.42
CA VAL WA 16 118.87 12.72 46.74
C VAL WA 16 119.57 13.13 48.02
N TRP WA 17 120.29 14.25 47.98
CA TRP WA 17 120.97 14.79 49.15
C TRP WA 17 120.27 16.07 49.59
N SER WA 18 120.09 16.23 50.90
CA SER WA 18 119.50 17.44 51.46
C SER WA 18 120.33 17.90 52.65
N ASP WA 19 120.47 19.22 52.78
CA ASP WA 19 121.28 19.79 53.84
C ASP WA 19 120.58 19.60 55.18
N PRO WA 20 121.26 19.02 56.18
CA PRO WA 20 120.57 18.70 57.44
C PRO WA 20 119.95 19.88 58.14
N THR WA 21 120.60 21.04 58.14
CA THR WA 21 120.03 22.20 58.81
C THR WA 21 119.04 22.97 57.93
N ARG WA 22 119.04 22.72 56.62
CA ARG WA 22 118.05 23.29 55.71
C ARG WA 22 117.64 22.25 54.68
N LEU WA 23 116.56 21.51 54.96
CA LEU WA 23 116.14 20.42 54.09
C LEU WA 23 115.60 20.93 52.76
N SER WA 24 115.31 22.22 52.68
CA SER WA 24 114.86 22.80 51.43
C SER WA 24 115.93 22.76 50.34
N THR WA 25 117.21 22.70 50.71
CA THR WA 25 118.28 22.61 49.73
C THR WA 25 118.49 21.15 49.35
N THR WA 26 118.28 20.83 48.08
CA THR WA 26 118.36 19.46 47.60
C THR WA 26 119.29 19.35 46.42
N PHE WA 27 119.94 18.19 46.29
CA PHE WA 27 120.78 17.87 45.16
C PHE WA 27 120.56 16.41 44.80
N SER WA 28 120.11 16.16 43.58
CA SER WA 28 119.73 14.81 43.16
C SER WA 28 120.49 14.43 41.89
N ALA WA 29 120.81 13.15 41.79
CA ALA WA 29 121.49 12.59 40.61
C ALA WA 29 120.75 11.32 40.19
N SER WA 30 120.35 11.27 38.93
CA SER WA 30 119.60 10.14 38.39
C SER WA 30 120.29 9.66 37.12
N LEU WA 31 120.54 8.36 37.02
CA LEU WA 31 121.17 7.76 35.86
C LEU WA 31 120.15 6.92 35.11
N LEU WA 32 120.03 7.16 33.81
CA LEU WA 32 119.18 6.37 32.91
C LEU WA 32 120.05 5.82 31.81
N ARG WA 33 120.20 4.50 31.77
CA ARG WA 33 121.15 3.83 30.89
C ARG WA 33 120.41 3.03 29.82
N GLN WA 34 120.81 3.24 28.56
CA GLN WA 34 120.27 2.52 27.43
C GLN WA 34 121.38 1.83 26.68
N ARG WA 35 121.01 0.98 25.73
CA ARG WA 35 121.95 0.33 24.83
C ARG WA 35 121.64 0.78 23.41
N VAL WA 36 122.62 1.39 22.74
CA VAL WA 36 122.42 2.01 21.45
C VAL WA 36 123.38 1.39 20.45
N LYS WA 37 122.88 1.02 19.27
CA LYS WA 37 123.70 0.42 18.21
C LYS WA 37 124.09 1.52 17.22
N VAL WA 38 125.20 2.18 17.51
CA VAL WA 38 125.67 3.27 16.66
C VAL WA 38 126.44 2.72 15.46
N GLY WA 39 127.42 1.87 15.72
CA GLY WA 39 128.36 1.42 14.70
C GLY WA 39 128.36 -0.09 14.54
N ILE WA 40 127.16 -0.69 14.54
CA ILE WA 40 126.89 -2.12 14.57
C ILE WA 40 127.61 -2.74 15.76
N ALA WA 41 127.95 -1.90 16.74
CA ALA WA 41 128.47 -2.33 18.03
C ALA WA 41 127.58 -1.71 19.11
N GLU WA 42 127.24 -2.50 20.12
CA GLU WA 42 126.28 -2.08 21.14
C GLU WA 42 126.98 -1.21 22.17
N LEU WA 43 126.99 0.10 21.91
CA LEU WA 43 127.52 1.05 22.87
C LEU WA 43 126.53 1.28 24.00
N ASN WA 44 127.06 1.40 25.22
CA ASN WA 44 126.22 1.59 26.40
C ASN WA 44 126.34 3.04 26.89
N ASN WA 45 125.39 3.85 26.44
CA ASN WA 45 125.39 5.26 26.84
C ASN WA 45 124.78 5.43 28.22
N VAL WA 46 125.15 6.51 28.89
CA VAL WA 46 124.62 6.86 30.21
C VAL WA 46 124.11 8.29 30.14
N SER WA 47 122.87 8.49 30.56
CA SER WA 47 122.22 9.80 30.56
C SER WA 47 122.06 10.22 32.02
N GLY WA 48 123.04 10.95 32.54
CA GLY WA 48 123.03 11.37 33.94
C GLY WA 48 122.42 12.76 34.07
N GLN WA 49 121.43 12.87 34.94
CA GLN WA 49 120.75 14.12 35.22
C GLN WA 49 121.08 14.55 36.65
N TYR WA 50 121.59 15.76 36.80
CA TYR WA 50 121.96 16.31 38.09
C TYR WA 50 121.18 17.60 38.31
N VAL WA 51 120.43 17.65 39.41
CA VAL WA 51 119.57 18.78 39.71
C VAL WA 51 119.95 19.34 41.08
N SER WA 52 120.26 20.63 41.13
CA SER WA 52 120.54 21.32 42.38
C SER WA 52 119.48 22.39 42.59
N VAL WA 53 118.84 22.35 43.76
CA VAL WA 53 117.71 23.22 44.06
C VAL WA 53 117.99 23.95 45.37
N TYR WA 54 117.84 25.26 45.34
CA TYR WA 54 117.92 26.10 46.54
C TYR WA 54 116.74 27.06 46.53
N LYS WA 55 115.98 27.08 47.62
CA LYS WA 55 114.91 28.04 47.80
C LYS WA 55 115.46 29.23 48.58
N ARG WA 56 115.81 30.28 47.86
CA ARG WA 56 116.39 31.48 48.44
C ARG WA 56 115.28 32.48 48.78
N PRO WA 57 115.23 33.00 50.00
CA PRO WA 57 114.24 34.02 50.32
C PRO WA 57 114.69 35.40 49.85
N ALA WA 58 113.86 36.04 49.03
CA ALA WA 58 114.18 37.32 48.42
C ALA WA 58 113.04 38.32 48.60
N PRO WA 59 112.74 38.72 49.84
CA PRO WA 59 111.95 39.94 50.01
C PRO WA 59 112.70 41.16 49.47
N LYS WA 60 114.03 41.13 49.57
CA LYS WA 60 114.95 42.15 49.10
C LYS WA 60 114.58 43.54 49.59
N PRO WA 61 114.56 43.78 50.90
CA PRO WA 61 114.35 45.15 51.39
C PRO WA 61 115.63 45.96 51.25
N GLU WA 62 115.64 46.85 50.27
CA GLU WA 62 116.85 47.59 49.94
C GLU WA 62 117.17 48.61 51.03
N GLY WA 63 118.22 48.33 51.78
CA GLY WA 63 118.73 49.25 52.79
C GLY WA 63 118.41 49.01 54.25
N CYS WA 64 117.22 48.48 54.54
CA CYS WA 64 116.82 48.37 55.94
C CYS WA 64 116.32 46.98 56.24
N ALA WA 65 116.68 46.48 57.41
CA ALA WA 65 116.13 45.27 58.00
C ALA WA 65 116.02 45.46 59.50
N ASP WA 66 114.83 45.27 60.05
CA ASP WA 66 114.61 45.56 61.46
C ASP WA 66 114.29 44.33 62.29
N ALA WA 67 113.37 43.49 61.83
CA ALA WA 67 112.98 42.29 62.56
C ALA WA 67 112.71 41.18 61.54
N CYS WA 68 112.45 39.98 62.05
CA CYS WA 68 112.21 38.84 61.16
C CYS WA 68 110.71 38.73 60.86
N VAL WA 69 110.34 39.05 59.63
CA VAL WA 69 109.01 38.81 59.09
C VAL WA 69 109.14 37.59 58.19
N ILE WA 70 108.03 36.89 57.96
CA ILE WA 70 108.07 35.67 57.15
C ILE WA 70 108.71 35.92 55.79
N MET WA 71 109.67 35.09 55.45
CA MET WA 71 110.31 35.15 54.15
C MET WA 71 109.41 34.56 53.08
N PRO WA 72 109.05 35.31 52.04
CA PRO WA 72 108.53 34.69 50.82
C PRO WA 72 109.68 34.09 50.01
N ASN WA 73 109.47 32.94 49.39
CA ASN WA 73 110.55 32.17 48.81
C ASN WA 73 110.43 32.09 47.29
N GLU WA 74 111.57 32.06 46.61
CA GLU WA 74 111.67 31.75 45.19
C GLU WA 74 112.60 30.56 45.03
N ASN WA 75 112.51 29.89 43.88
CA ASN WA 75 113.29 28.69 43.63
C ASN WA 75 114.46 28.99 42.69
N GLN WA 76 115.65 28.56 43.10
CA GLN WA 76 116.84 28.62 42.25
C GLN WA 76 117.22 27.20 41.88
N SER WA 77 117.20 26.88 40.59
CA SER WA 77 117.44 25.54 40.11
C SER WA 77 118.52 25.54 39.04
N ILE WA 78 119.45 24.60 39.16
CA ILE WA 78 120.48 24.35 38.15
C ILE WA 78 120.44 22.87 37.81
N ARG WA 79 120.11 22.57 36.55
CA ARG WA 79 119.91 21.19 36.11
C ARG WA 79 120.88 20.89 34.98
N THR WA 80 121.62 19.79 35.12
CA THR WA 80 122.63 19.40 34.15
C THR WA 80 122.36 17.96 33.69
N VAL WA 81 122.39 17.77 32.36
CA VAL WA 81 122.19 16.46 31.75
C VAL WA 81 123.38 16.17 30.87
N ILE WA 82 124.05 15.05 31.15
CA ILE WA 82 125.22 14.62 30.38
C ILE WA 82 124.90 13.27 29.74
N SER WA 83 125.05 13.20 28.42
CA SER WA 83 124.72 12.00 27.66
C SER WA 83 125.92 11.62 26.80
N GLY WA 84 126.29 10.35 26.84
CA GLY WA 84 127.40 9.86 26.04
C GLY WA 84 127.74 8.41 26.30
N SER WA 85 128.48 7.79 25.39
CA SER WA 85 128.85 6.40 25.55
C SER WA 85 129.88 6.25 26.67
N ALA WA 86 129.81 5.12 27.37
CA ALA WA 86 130.75 4.87 28.46
C ALA WA 86 132.16 4.65 27.93
N GLU WA 87 132.28 4.16 26.70
CA GLU WA 87 133.59 3.84 26.15
C GLU WA 87 134.37 5.09 25.77
N ASN WA 88 133.72 6.24 25.76
CA ASN WA 88 134.35 7.53 25.44
C ASN WA 88 134.29 8.46 26.65
N LEU WA 89 134.59 7.92 27.83
CA LEU WA 89 134.44 8.69 29.06
C LEU WA 89 135.48 9.80 29.16
N ALA WA 90 136.68 9.58 28.65
CA ALA WA 90 137.70 10.61 28.67
C ALA WA 90 137.28 11.82 27.84
N THR WA 91 136.77 11.56 26.64
CA THR WA 91 136.25 12.64 25.81
C THR WA 91 135.04 13.31 26.44
N LEU WA 92 134.18 12.53 27.11
CA LEU WA 92 133.05 13.14 27.80
C LEU WA 92 133.51 14.07 28.92
N LYS WA 93 134.55 13.67 29.65
CA LYS WA 93 135.09 14.53 30.71
C LYS WA 93 135.71 15.80 30.13
N ALA WA 94 136.42 15.68 29.01
CA ALA WA 94 136.96 16.87 28.35
C ALA WA 94 135.84 17.79 27.89
N GLU WA 95 134.76 17.22 27.35
CA GLU WA 95 133.61 18.01 26.94
C GLU WA 95 132.97 18.69 28.14
N TRP WA 96 132.91 18.01 29.28
CA TRP WA 96 132.38 18.62 30.50
C TRP WA 96 133.24 19.80 30.92
N GLU WA 97 134.56 19.66 30.84
CA GLU WA 97 135.45 20.77 31.20
C GLU WA 97 135.24 21.97 30.28
N THR WA 98 135.17 21.73 28.96
CA THR WA 98 135.01 22.85 28.05
C THR WA 98 133.61 23.46 28.16
N HIS WA 99 132.61 22.65 28.49
CA HIS WA 99 131.27 23.18 28.74
C HIS WA 99 131.27 24.07 29.96
N LYS WA 100 131.95 23.65 31.03
CA LYS WA 100 132.08 24.50 32.21
C LYS WA 100 132.76 25.82 31.85
N ARG WA 101 133.83 25.75 31.06
CA ARG WA 101 134.53 26.97 30.66
C ARG WA 101 133.61 27.90 29.88
N ASN WA 102 132.85 27.37 28.92
CA ASN WA 102 131.98 28.21 28.11
C ASN WA 102 130.85 28.82 28.95
N VAL WA 103 130.22 28.01 29.81
CA VAL WA 103 129.14 28.53 30.63
C VAL WA 103 129.67 29.58 31.60
N ASP WA 104 130.89 29.39 32.10
CA ASP WA 104 131.51 30.43 32.93
C ASP WA 104 131.71 31.71 32.14
N THR WA 105 132.19 31.58 30.90
CA THR WA 105 132.43 32.77 30.07
C THR WA 105 131.14 33.56 29.87
N LEU WA 106 130.03 32.87 29.61
CA LEU WA 106 128.78 33.58 29.40
C LEU WA 106 128.13 34.07 30.71
N PHE WA 107 128.24 33.30 31.79
CA PHE WA 107 127.44 33.53 32.98
C PHE WA 107 128.24 34.13 34.14
N ALA WA 108 129.35 33.49 34.52
CA ALA WA 108 130.09 33.93 35.69
C ALA WA 108 130.78 35.27 35.43
N SER WA 109 131.39 35.42 34.26
CA SER WA 109 132.09 36.64 33.89
C SER WA 109 131.30 37.51 32.92
N GLY WA 110 130.11 37.07 32.49
CA GLY WA 110 129.30 37.82 31.57
C GLY WA 110 128.07 38.41 32.24
N ASN WA 111 127.07 38.70 31.41
CA ASN WA 111 125.81 39.28 31.87
C ASN WA 111 124.61 38.43 31.46
N ALA WA 112 124.83 37.13 31.22
CA ALA WA 112 123.74 36.28 30.76
C ALA WA 112 122.72 36.02 31.85
N GLY WA 113 123.12 36.15 33.12
CA GLY WA 113 122.18 35.93 34.20
C GLY WA 113 121.08 36.98 34.24
N LEU WA 114 121.36 38.18 33.70
CA LEU WA 114 120.39 39.26 33.69
C LEU WA 114 119.57 39.24 32.41
N GLY WA 115 119.82 38.26 31.54
CA GLY WA 115 119.10 38.18 30.30
C GLY WA 115 119.79 38.90 29.15
N PHE WA 116 121.06 38.61 28.93
CA PHE WA 116 121.85 39.26 27.88
C PHE WA 116 122.65 38.22 27.12
N LEU WA 117 122.88 38.50 25.84
CA LEU WA 117 123.74 37.68 24.99
C LEU WA 117 124.87 38.54 24.45
N ASP WA 118 126.09 38.01 24.48
CA ASP WA 118 127.24 38.72 23.95
C ASP WA 118 127.75 37.96 22.73
N PRO WA 119 127.46 38.41 21.51
CA PRO WA 119 127.97 37.70 20.32
C PRO WA 119 129.48 37.70 20.21
N THR WA 120 130.18 38.61 20.89
CA THR WA 120 131.63 38.68 20.84
C THR WA 120 132.31 37.87 21.93
N ALA WA 121 131.56 37.01 22.63
CA ALA WA 121 132.15 36.20 23.69
C ALA WA 121 133.15 35.22 23.11
N ALA WA 122 134.17 34.90 23.92
CA ALA WA 122 135.26 34.01 23.48
C ALA WA 122 134.88 32.56 23.81
N ILE WA 123 134.41 31.86 22.80
CA ILE WA 123 134.03 30.45 22.92
C ILE WA 123 135.13 29.59 22.32
N VAL WA 124 135.45 28.49 23.01
CA VAL WA 124 136.49 27.58 22.57
C VAL WA 124 135.94 26.15 22.54
N SER WA 125 136.55 25.31 21.70
CA SER WA 125 136.10 23.95 21.53
C SER WA 125 136.93 22.98 22.37
N SER WA 126 136.46 21.74 22.44
CA SER WA 126 137.18 20.71 23.19
C SER WA 126 138.48 20.31 22.50
N ASP WA 127 138.54 20.40 21.17
CA ASP WA 127 139.76 20.06 20.46
C ASP WA 127 140.81 21.14 20.66
N THR WA 128 142.08 20.73 20.53
CA THR WA 128 143.21 21.63 20.70
C THR WA 128 143.95 21.78 19.38
N THR WA 129 144.74 22.85 19.30
CA THR WA 129 145.53 23.12 18.10
C THR WA 129 146.90 22.48 18.20
N ALA XA 1 144.34 -13.22 38.16
CA ALA XA 1 143.62 -12.10 38.77
C ALA XA 1 142.45 -11.67 37.90
N ASN XA 2 141.27 -12.19 38.20
CA ASN XA 2 140.08 -11.86 37.42
C ASN XA 2 139.64 -10.44 37.73
N LYS XA 3 139.08 -9.78 36.72
CA LYS XA 3 138.61 -8.41 36.90
C LYS XA 3 137.39 -8.39 37.81
N PRO XA 4 137.38 -7.55 38.84
CA PRO XA 4 136.23 -7.52 39.75
C PRO XA 4 135.05 -6.78 39.16
N MET XA 5 133.87 -7.06 39.69
CA MET XA 5 132.64 -6.39 39.30
C MET XA 5 132.14 -5.52 40.44
N GLN XA 6 131.21 -4.61 40.10
CA GLN XA 6 130.52 -3.78 41.06
C GLN XA 6 129.02 -3.83 40.81
N PRO XA 7 128.19 -3.71 41.85
CA PRO XA 7 126.74 -3.73 41.63
C PRO XA 7 126.28 -2.44 40.97
N ILE XA 8 125.46 -2.57 39.93
CA ILE XA 8 124.95 -1.45 39.17
C ILE XA 8 123.49 -1.18 39.49
N THR XA 9 122.66 -2.21 39.54
CA THR XA 9 121.29 -2.11 39.99
C THR XA 9 121.11 -2.94 41.25
N SER XA 10 120.59 -2.31 42.30
CA SER XA 10 120.54 -2.94 43.62
C SER XA 10 119.10 -3.04 44.08
N THR XA 11 118.66 -4.27 44.34
CA THR XA 11 117.38 -4.56 44.96
C THR XA 11 117.51 -5.87 45.73
N ALA XA 12 116.91 -5.92 46.91
CA ALA XA 12 117.01 -7.13 47.72
C ALA XA 12 116.38 -8.33 47.01
N ASN XA 13 115.43 -8.08 46.11
CA ASN XA 13 114.88 -9.16 45.31
C ASN XA 13 115.81 -9.56 44.17
N LYS XA 14 116.58 -8.61 43.63
CA LYS XA 14 117.45 -8.87 42.49
C LYS XA 14 118.60 -7.89 42.48
N ILE XA 15 119.83 -8.41 42.45
CA ILE XA 15 121.04 -7.61 42.31
C ILE XA 15 121.79 -8.08 41.08
N VAL XA 16 122.18 -7.13 40.23
CA VAL XA 16 122.94 -7.43 39.01
C VAL XA 16 124.28 -6.73 39.11
N TRP XA 17 125.35 -7.44 38.74
CA TRP XA 17 126.70 -6.92 38.75
C TRP XA 17 127.15 -6.60 37.33
N SER XA 18 128.15 -5.74 37.22
CA SER XA 18 128.65 -5.33 35.91
C SER XA 18 130.14 -5.08 35.98
N ASP XA 19 130.79 -5.19 34.82
CA ASP XA 19 132.22 -4.92 34.73
C ASP XA 19 132.43 -3.49 34.26
N PRO XA 20 133.12 -2.64 35.02
CA PRO XA 20 133.32 -1.25 34.58
C PRO XA 20 134.06 -1.12 33.26
N THR XA 21 134.92 -2.07 32.92
CA THR XA 21 135.65 -2.02 31.65
C THR XA 21 134.85 -2.58 30.48
N ARG XA 22 133.96 -3.55 30.74
CA ARG XA 22 133.10 -4.11 29.69
C ARG XA 22 131.69 -4.20 30.27
N LEU XA 23 130.88 -3.19 29.98
CA LEU XA 23 129.54 -3.11 30.57
C LEU XA 23 128.62 -4.21 30.08
N SER XA 24 128.99 -4.92 29.02
CA SER XA 24 128.15 -5.99 28.49
C SER XA 24 128.22 -7.27 29.31
N THR XA 25 129.21 -7.40 30.20
CA THR XA 25 129.34 -8.56 31.07
C THR XA 25 128.54 -8.30 32.35
N THR XA 26 127.50 -9.10 32.55
CA THR XA 26 126.61 -8.93 33.69
C THR XA 26 126.41 -10.27 34.39
N PHE XA 27 126.17 -10.20 35.69
CA PHE XA 27 125.85 -11.37 36.50
C PHE XA 27 124.69 -11.01 37.42
N SER XA 28 123.59 -11.74 37.30
CA SER XA 28 122.36 -11.43 38.03
C SER XA 28 122.09 -12.50 39.07
N ALA XA 29 121.59 -12.07 40.23
CA ALA XA 29 121.18 -12.97 41.29
C ALA XA 29 119.83 -12.52 41.82
N SER XA 30 118.81 -13.33 41.64
CA SER XA 30 117.45 -13.01 42.09
C SER XA 30 116.94 -14.15 42.96
N LEU XA 31 116.47 -13.83 44.15
CA LEU XA 31 115.92 -14.82 45.07
C LEU XA 31 114.43 -14.58 45.24
N LEU XA 32 113.65 -15.65 45.15
CA LEU XA 32 112.21 -15.61 45.39
C LEU XA 32 111.89 -16.59 46.51
N ARG XA 33 111.20 -16.12 47.53
CA ARG XA 33 110.88 -16.92 48.71
C ARG XA 33 109.38 -17.03 48.89
N GLN XA 34 108.91 -18.24 49.15
CA GLN XA 34 107.50 -18.50 49.40
C GLN XA 34 107.39 -19.54 50.51
N ARG XA 35 106.33 -19.44 51.30
CA ARG XA 35 106.12 -20.32 52.45
C ARG XA 35 105.27 -21.49 51.97
N VAL XA 36 105.93 -22.46 51.33
CA VAL XA 36 105.25 -23.66 50.84
C VAL XA 36 105.37 -24.75 51.89
N LYS XA 37 104.27 -25.02 52.60
CA LYS XA 37 104.33 -25.97 53.69
C LYS XA 37 103.83 -27.35 53.25
N VAL XA 38 104.60 -28.38 53.61
CA VAL XA 38 104.16 -29.76 53.46
C VAL XA 38 103.28 -30.10 54.66
N GLY XA 39 102.60 -31.23 54.61
CA GLY XA 39 101.69 -31.64 55.66
C GLY XA 39 102.30 -31.59 57.05
N ILE XA 40 101.56 -30.98 57.98
CA ILE XA 40 101.90 -30.85 59.40
C ILE XA 40 103.34 -30.40 59.61
N ALA XA 41 103.86 -29.58 58.69
CA ALA XA 41 105.21 -29.06 58.82
C ALA XA 41 105.26 -27.67 58.18
N GLU XA 42 106.26 -26.90 58.59
CA GLU XA 42 106.49 -25.56 58.07
C GLU XA 42 107.83 -25.54 57.36
N LEU XA 43 107.86 -25.03 56.12
CA LEU XA 43 109.06 -25.00 55.31
C LEU XA 43 109.13 -23.70 54.54
N ASN XA 44 110.31 -23.07 54.55
CA ASN XA 44 110.57 -21.87 53.77
C ASN XA 44 111.57 -22.21 52.67
N ASN XA 45 111.16 -22.04 51.41
CA ASN XA 45 112.01 -22.35 50.28
C ASN XA 45 112.39 -21.10 49.52
N VAL XA 46 113.52 -21.17 48.81
CA VAL XA 46 114.02 -20.05 48.02
C VAL XA 46 114.31 -20.59 46.62
N SER XA 47 113.77 -19.90 45.61
CA SER XA 47 114.11 -20.19 44.23
C SER XA 47 115.15 -19.17 43.75
N GLY XA 48 116.42 -19.58 43.76
CA GLY XA 48 117.48 -18.65 43.45
C GLY XA 48 118.01 -18.78 42.04
N GLN XA 49 117.75 -17.78 41.21
CA GLN XA 49 118.10 -17.80 39.80
C GLN XA 49 119.33 -16.92 39.59
N TYR XA 50 120.37 -17.50 38.99
CA TYR XA 50 121.62 -16.80 38.73
C TYR XA 50 121.88 -16.83 37.22
N VAL XA 51 122.09 -15.65 36.63
CA VAL XA 51 122.27 -15.51 35.19
C VAL XA 51 123.59 -14.79 34.95
N SER XA 52 124.46 -15.40 34.15
CA SER XA 52 125.70 -14.78 33.72
C SER XA 52 125.69 -14.60 32.21
N VAL XA 53 125.97 -13.38 31.76
CA VAL XA 53 125.87 -13.01 30.35
C VAL XA 53 127.19 -12.42 29.92
N TYR XA 54 127.73 -12.91 28.80
CA TYR XA 54 128.92 -12.38 28.18
C TYR XA 54 128.73 -12.32 26.68
N LYS XA 55 129.08 -11.21 26.07
CA LYS XA 55 128.97 -11.02 24.63
C LYS XA 55 130.37 -11.09 24.02
N ARG XA 56 130.73 -12.27 23.53
CA ARG XA 56 132.06 -12.52 22.98
C ARG XA 56 132.03 -12.43 21.47
N PRO XA 57 133.01 -11.78 20.85
CA PRO XA 57 133.05 -11.69 19.39
C PRO XA 57 133.20 -13.06 18.74
N ALA XA 58 132.69 -13.16 17.52
CA ALA XA 58 132.76 -14.41 16.78
C ALA XA 58 134.22 -14.77 16.51
N PRO XA 59 134.54 -16.04 16.33
CA PRO XA 59 135.94 -16.43 16.13
C PRO XA 59 136.52 -15.94 14.82
N LYS XA 60 137.71 -15.36 14.88
CA LYS XA 60 138.40 -14.85 13.70
C LYS XA 60 138.87 -16.02 12.83
N PRO XA 61 139.02 -15.82 11.52
CA PRO XA 61 139.54 -16.90 10.66
C PRO XA 61 140.92 -17.36 11.10
N GLU XA 62 141.16 -18.67 11.01
CA GLU XA 62 142.39 -19.24 11.56
C GLU XA 62 143.64 -18.70 10.85
N GLY XA 63 143.58 -18.59 9.52
CA GLY XA 63 144.71 -18.08 8.78
C GLY XA 63 144.65 -16.58 8.59
N CYS XA 64 144.63 -15.82 9.68
CA CYS XA 64 144.53 -14.38 9.62
C CYS XA 64 145.57 -13.73 10.51
N ALA XA 65 146.19 -12.66 9.99
CA ALA XA 65 147.15 -11.88 10.76
C ALA XA 65 146.84 -10.39 10.73
N ASP XA 66 145.63 -10.00 10.32
CA ASP XA 66 145.29 -8.58 10.23
C ASP XA 66 145.23 -7.95 11.61
N ALA XA 67 145.59 -6.66 11.68
CA ALA XA 67 145.67 -5.95 12.93
C ALA XA 67 144.31 -5.86 13.63
N CYS XA 68 143.34 -5.22 12.99
CA CYS XA 68 142.05 -4.95 13.60
C CYS XA 68 140.92 -5.18 12.61
N VAL XA 69 140.21 -6.29 12.77
CA VAL XA 69 138.96 -6.54 12.07
C VAL XA 69 137.96 -7.06 13.08
N ILE XA 70 136.94 -6.28 13.37
CA ILE XA 70 136.00 -6.58 14.46
C ILE XA 70 134.71 -7.09 13.86
N MET XA 71 134.22 -8.22 14.37
CA MET XA 71 132.97 -8.85 13.94
C MET XA 71 131.94 -8.83 15.07
N PRO XA 72 130.65 -8.90 14.75
CA PRO XA 72 129.62 -8.73 15.79
C PRO XA 72 129.70 -9.84 16.83
N ASN XA 73 129.26 -9.48 18.03
CA ASN XA 73 129.34 -10.35 19.19
C ASN XA 73 128.20 -11.35 19.22
N GLU XA 74 128.46 -12.51 19.83
CA GLU XA 74 127.46 -13.55 20.03
C GLU XA 74 127.09 -13.58 21.50
N ASN XA 75 125.87 -14.01 21.79
CA ASN XA 75 125.39 -14.02 23.17
C ASN XA 75 125.72 -15.35 23.84
N GLN XA 76 126.46 -15.29 24.94
CA GLN XA 76 126.77 -16.46 25.76
C GLN XA 76 126.09 -16.30 27.10
N SER XA 77 125.19 -17.22 27.43
CA SER XA 77 124.39 -17.14 28.64
C SER XA 77 124.48 -18.45 29.42
N ILE XA 78 124.65 -18.34 30.73
CA ILE XA 78 124.62 -19.47 31.64
C ILE XA 78 123.64 -19.13 32.76
N ARG XA 79 122.56 -19.90 32.86
CA ARG XA 79 121.47 -19.62 33.78
C ARG XA 79 121.23 -20.83 34.68
N THR XA 80 121.31 -20.62 35.99
CA THR XA 80 121.08 -21.66 36.97
C THR XA 80 120.10 -21.16 38.02
N VAL XA 81 119.07 -21.96 38.30
CA VAL XA 81 118.11 -21.65 39.34
C VAL XA 81 118.05 -22.84 40.29
N ILE XA 82 118.11 -22.57 41.58
CA ILE XA 82 118.15 -23.59 42.62
C ILE XA 82 116.94 -23.39 43.53
N SER XA 83 116.19 -24.45 43.77
CA SER XA 83 114.99 -24.41 44.59
C SER XA 83 115.11 -25.44 45.71
N GLY XA 84 114.82 -25.02 46.93
CA GLY XA 84 114.84 -25.92 48.07
C GLY XA 84 114.57 -25.22 49.38
N SER XA 85 114.18 -26.00 50.39
CA SER XA 85 113.88 -25.43 51.69
C SER XA 85 115.15 -24.95 52.38
N ALA XA 86 114.99 -23.93 53.23
CA ALA XA 86 116.14 -23.40 53.96
C ALA XA 86 116.62 -24.38 55.02
N GLU XA 87 115.74 -25.27 55.46
CA GLU XA 87 116.11 -26.23 56.51
C GLU XA 87 117.13 -27.25 56.00
N ASN XA 88 117.08 -27.58 54.71
CA ASN XA 88 117.94 -28.59 54.11
C ASN XA 88 119.13 -27.98 53.39
N LEU XA 89 119.71 -26.91 53.95
CA LEU XA 89 120.75 -26.18 53.23
C LEU XA 89 121.99 -27.01 53.00
N ALA XA 90 122.41 -27.79 54.00
CA ALA XA 90 123.64 -28.58 53.86
C ALA XA 90 123.48 -29.66 52.80
N THR XA 91 122.37 -30.39 52.84
CA THR XA 91 122.11 -31.41 51.83
C THR XA 91 121.96 -30.79 50.45
N LEU XA 92 121.35 -29.61 50.36
CA LEU XA 92 121.22 -28.96 49.06
C LEU XA 92 122.59 -28.51 48.53
N LYS XA 93 123.48 -28.09 49.43
CA LYS XA 93 124.84 -27.76 49.01
C LYS XA 93 125.57 -28.99 48.50
N ALA XA 94 125.38 -30.13 49.16
CA ALA XA 94 125.95 -31.38 48.66
C ALA XA 94 125.39 -31.72 47.28
N GLU XA 95 124.08 -31.52 47.10
CA GLU XA 95 123.48 -31.74 45.78
C GLU XA 95 124.08 -30.80 44.74
N TRP XA 96 124.38 -29.56 45.15
CA TRP XA 96 124.98 -28.59 44.23
C TRP XA 96 126.38 -29.02 43.83
N GLU XA 97 127.16 -29.55 44.77
CA GLU XA 97 128.48 -30.08 44.44
C GLU XA 97 128.38 -31.26 43.46
N THR XA 98 127.41 -32.15 43.70
CA THR XA 98 127.22 -33.28 42.79
C THR XA 98 126.79 -32.79 41.41
N HIS XA 99 125.95 -31.75 41.36
CA HIS XA 99 125.56 -31.18 40.08
C HIS XA 99 126.76 -30.58 39.35
N LYS XA 100 127.64 -29.89 40.09
CA LYS XA 100 128.89 -29.44 39.49
C LYS XA 100 129.64 -30.60 38.86
N ARG XA 101 129.82 -31.68 39.61
CA ARG XA 101 130.63 -32.80 39.11
C ARG XA 101 130.00 -33.41 37.86
N ASN XA 102 128.68 -33.60 37.87
CA ASN XA 102 128.00 -34.22 36.73
C ASN XA 102 128.07 -33.32 35.50
N VAL XA 103 127.80 -32.01 35.67
CA VAL XA 103 127.85 -31.09 34.54
C VAL XA 103 129.27 -30.98 33.99
N ASP XA 104 130.26 -31.00 34.88
CA ASP XA 104 131.65 -30.98 34.42
C ASP XA 104 131.96 -32.23 33.59
N THR XA 105 131.53 -33.39 34.07
CA THR XA 105 131.79 -34.63 33.33
C THR XA 105 131.12 -34.60 31.96
N LEU XA 106 129.89 -34.11 31.89
CA LEU XA 106 129.17 -34.11 30.62
C LEU XA 106 129.67 -33.05 29.65
N PHE XA 107 129.99 -31.84 30.14
CA PHE XA 107 130.25 -30.68 29.30
C PHE XA 107 131.74 -30.34 29.25
N ALA XA 108 132.36 -30.14 30.41
CA ALA XA 108 133.74 -29.64 30.43
C ALA XA 108 134.71 -30.67 29.85
N SER XA 109 134.54 -31.94 30.23
CA SER XA 109 135.39 -33.00 29.73
C SER XA 109 134.73 -33.83 28.63
N GLY XA 110 133.51 -33.50 28.24
CA GLY XA 110 132.79 -34.23 27.23
C GLY XA 110 132.69 -33.47 25.91
N ASN XA 111 131.66 -33.82 25.14
CA ASN XA 111 131.41 -33.21 23.84
C ASN XA 111 130.01 -32.61 23.75
N ALA XA 112 129.32 -32.51 24.89
CA ALA XA 112 127.99 -31.93 24.90
C ALA XA 112 128.01 -30.45 24.54
N GLY XA 113 129.15 -29.79 24.72
CA GLY XA 113 129.28 -28.42 24.27
C GLY XA 113 129.15 -28.27 22.77
N LEU XA 114 129.74 -29.19 22.00
CA LEU XA 114 129.56 -29.25 20.57
C LEU XA 114 128.22 -29.84 20.17
N GLY XA 115 127.65 -30.70 21.01
CA GLY XA 115 126.33 -31.24 20.74
C GLY XA 115 126.22 -32.74 20.69
N PHE XA 116 127.12 -33.46 21.36
CA PHE XA 116 127.09 -34.91 21.39
C PHE XA 116 126.91 -35.39 22.82
N LEU XA 117 125.93 -36.26 23.04
CA LEU XA 117 125.67 -36.87 24.33
C LEU XA 117 126.24 -38.28 24.36
N ASP XA 118 126.96 -38.61 25.42
CA ASP XA 118 127.55 -39.93 25.56
C ASP XA 118 126.78 -40.71 26.62
N PRO XA 119 125.99 -41.72 26.23
CA PRO XA 119 125.28 -42.53 27.23
C PRO XA 119 126.21 -43.27 28.20
N THR XA 120 127.51 -43.30 27.95
CA THR XA 120 128.47 -44.02 28.78
C THR XA 120 129.22 -43.11 29.73
N ALA XA 121 128.79 -41.86 29.88
CA ALA XA 121 129.47 -40.93 30.78
C ALA XA 121 129.35 -41.40 32.22
N ALA XA 122 130.39 -41.15 33.01
CA ALA XA 122 130.42 -41.56 34.41
C ALA XA 122 129.69 -40.51 35.25
N ILE XA 123 128.37 -40.50 35.15
CA ILE XA 123 127.53 -39.61 35.94
C ILE XA 123 127.23 -40.28 37.27
N VAL XA 124 127.43 -39.55 38.36
CA VAL XA 124 127.40 -40.14 39.70
C VAL XA 124 126.43 -39.35 40.57
N SER XA 125 125.91 -40.02 41.60
CA SER XA 125 124.94 -39.42 42.49
C SER XA 125 125.62 -38.85 43.73
N SER XA 126 124.83 -38.15 44.54
CA SER XA 126 125.37 -37.45 45.71
C SER XA 126 125.66 -38.39 46.87
N ASP XA 127 124.85 -39.41 47.09
CA ASP XA 127 125.01 -40.27 48.25
C ASP XA 127 126.30 -41.08 48.15
N THR XA 128 126.88 -41.36 49.32
CA THR XA 128 128.14 -42.08 49.43
C THR XA 128 127.89 -43.49 49.96
N THR XA 129 128.78 -44.40 49.57
CA THR XA 129 128.67 -45.79 49.99
C THR XA 129 129.12 -45.95 51.45
N ALA YA 1 126.46 -11.22 73.22
CA ALA YA 1 126.71 -11.27 71.77
C ALA YA 1 125.45 -11.70 71.04
N ASN YA 2 124.61 -10.73 70.68
CA ASN YA 2 123.38 -11.03 69.97
C ASN YA 2 123.67 -11.35 68.52
N LYS YA 3 122.78 -12.15 67.92
CA LYS YA 3 122.98 -12.60 66.54
C LYS YA 3 122.69 -11.47 65.56
N PRO YA 4 123.63 -11.14 64.67
CA PRO YA 4 123.34 -10.12 63.64
C PRO YA 4 122.25 -10.60 62.69
N MET YA 5 121.54 -9.64 62.10
CA MET YA 5 120.53 -9.92 61.09
C MET YA 5 120.85 -9.15 59.82
N GLN YA 6 120.34 -9.65 58.70
CA GLN YA 6 120.62 -9.09 57.38
C GLN YA 6 119.33 -8.66 56.70
N PRO YA 7 119.38 -7.68 55.80
CA PRO YA 7 118.15 -7.18 55.17
C PRO YA 7 117.61 -8.12 54.11
N ILE YA 8 116.34 -8.53 54.26
CA ILE YA 8 115.69 -9.35 53.24
C ILE YA 8 114.99 -8.50 52.19
N THR YA 9 114.58 -7.28 52.53
CA THR YA 9 113.90 -6.40 51.59
C THR YA 9 114.47 -5.00 51.75
N SER YA 10 115.00 -4.44 50.66
CA SER YA 10 115.59 -3.12 50.66
C SER YA 10 114.80 -2.22 49.72
N THR YA 11 114.30 -1.12 50.24
CA THR YA 11 113.52 -0.16 49.48
C THR YA 11 113.81 1.23 50.03
N ALA YA 12 113.67 2.24 49.17
CA ALA YA 12 113.97 3.61 49.58
C ALA YA 12 113.09 4.07 50.73
N ASN YA 13 111.95 3.41 50.96
CA ASN YA 13 111.03 3.77 52.03
C ASN YA 13 110.87 2.71 53.10
N LYS YA 14 111.40 1.50 52.90
CA LYS YA 14 111.21 0.42 53.88
C LYS YA 14 112.35 -0.58 53.75
N ILE YA 15 112.93 -0.97 54.88
CA ILE YA 15 113.94 -2.02 54.94
C ILE YA 15 113.54 -3.02 56.01
N VAL YA 16 113.59 -4.30 55.66
CA VAL YA 16 113.18 -5.39 56.55
C VAL YA 16 114.40 -6.26 56.82
N TRP YA 17 114.72 -6.47 58.09
CA TRP YA 17 115.80 -7.33 58.50
C TRP YA 17 115.25 -8.69 58.95
N SER YA 18 116.13 -9.68 59.02
CA SER YA 18 115.73 -11.02 59.45
C SER YA 18 116.96 -11.81 59.88
N ASP YA 19 116.78 -12.64 60.89
CA ASP YA 19 117.88 -13.46 61.39
C ASP YA 19 118.10 -14.66 60.48
N PRO YA 20 119.34 -14.92 60.06
CA PRO YA 20 119.58 -16.12 59.23
C PRO YA 20 119.19 -17.42 59.93
N THR YA 21 119.39 -17.52 61.23
CA THR YA 21 119.06 -18.77 61.93
C THR YA 21 117.56 -18.98 62.01
N ARG YA 22 116.80 -17.95 62.36
CA ARG YA 22 115.34 -18.02 62.43
C ARG YA 22 114.77 -16.95 61.53
N LEU YA 23 114.20 -17.37 60.39
CA LEU YA 23 113.67 -16.41 59.43
C LEU YA 23 112.33 -15.84 59.92
N SER YA 24 111.76 -16.43 60.95
CA SER YA 24 110.46 -16.00 61.45
C SER YA 24 110.54 -14.63 62.12
N THR YA 25 111.65 -14.35 62.79
CA THR YA 25 111.81 -13.07 63.47
C THR YA 25 112.35 -12.02 62.49
N THR YA 26 111.68 -10.87 62.44
CA THR YA 26 112.05 -9.80 61.52
C THR YA 26 111.96 -8.46 62.24
N PHE YA 27 112.72 -7.48 61.74
CA PHE YA 27 112.68 -6.11 62.20
C PHE YA 27 112.69 -5.19 60.99
N SER YA 28 111.67 -4.34 60.88
CA SER YA 28 111.54 -3.46 59.73
C SER YA 28 111.32 -2.02 60.17
N ALA YA 29 111.81 -1.10 59.35
CA ALA YA 29 111.66 0.34 59.58
C ALA YA 29 111.08 0.96 58.33
N SER YA 30 110.02 1.76 58.49
CA SER YA 30 109.36 2.44 57.38
C SER YA 30 109.29 3.93 57.69
N LEU YA 31 109.70 4.75 56.73
CA LEU YA 31 109.70 6.19 56.89
C LEU YA 31 108.71 6.83 55.92
N LEU YA 32 107.90 7.75 56.44
CA LEU YA 32 106.99 8.54 55.63
C LEU YA 32 107.40 10.01 55.73
N ARG YA 33 107.64 10.63 54.58
CA ARG YA 33 108.15 11.99 54.52
C ARG YA 33 107.11 12.89 53.87
N GLN YA 34 106.71 13.94 54.59
CA GLN YA 34 105.72 14.89 54.10
C GLN YA 34 106.10 16.29 54.54
N ARG YA 35 105.64 17.27 53.76
CA ARG YA 35 105.80 18.67 54.14
C ARG YA 35 104.54 19.14 54.87
N VAL YA 36 104.73 19.74 56.04
CA VAL YA 36 103.63 20.19 56.88
C VAL YA 36 103.47 21.69 56.72
N LYS YA 37 102.25 22.11 56.41
CA LYS YA 37 101.92 23.52 56.23
C LYS YA 37 101.51 24.10 57.57
N VAL YA 38 102.37 24.94 58.13
CA VAL YA 38 102.12 25.65 59.39
C VAL YA 38 102.25 27.14 59.11
N GLY YA 39 101.46 27.93 59.82
CA GLY YA 39 101.48 29.37 59.65
C GLY YA 39 102.87 29.95 59.70
N ILE YA 40 103.20 30.78 58.70
CA ILE YA 40 104.51 31.40 58.50
C ILE YA 40 105.64 30.43 58.79
N ALA YA 41 105.50 29.18 58.34
CA ALA YA 41 106.54 28.18 58.52
C ALA YA 41 106.42 27.13 57.44
N GLU YA 42 107.57 26.62 56.99
CA GLU YA 42 107.62 25.52 56.02
C GLU YA 42 108.55 24.44 56.57
N LEU YA 43 107.99 23.53 57.37
CA LEU YA 43 108.74 22.46 57.99
C LEU YA 43 108.15 21.12 57.56
N ASN YA 44 109.03 20.13 57.44
CA ASN YA 44 108.68 18.81 56.90
C ASN YA 44 108.83 17.76 57.99
N ASN YA 45 107.74 17.03 58.26
CA ASN YA 45 107.76 16.00 59.28
C ASN YA 45 108.26 14.68 58.69
N VAL YA 46 108.83 13.84 59.56
CA VAL YA 46 109.26 12.50 59.19
C VAL YA 46 108.66 11.53 60.20
N SER YA 47 107.87 10.58 59.71
CA SER YA 47 107.22 9.59 60.55
C SER YA 47 107.88 8.24 60.32
N GLY YA 48 108.42 7.66 61.39
CA GLY YA 48 109.11 6.39 61.28
C GLY YA 48 108.46 5.28 62.06
N GLN YA 49 108.10 4.20 61.38
CA GLN YA 49 107.43 3.06 61.99
C GLN YA 49 108.44 1.92 62.12
N TYR YA 50 108.60 1.41 63.34
CA TYR YA 50 109.51 0.31 63.63
C TYR YA 50 108.74 -0.81 64.29
N VAL YA 51 108.82 -2.01 63.72
CA VAL YA 51 108.10 -3.17 64.23
C VAL YA 51 109.10 -4.29 64.48
N SER YA 52 108.96 -4.96 65.62
CA SER YA 52 109.74 -6.14 65.94
C SER YA 52 108.80 -7.31 66.22
N VAL YA 53 109.02 -8.43 65.55
CA VAL YA 53 108.18 -9.61 65.71
C VAL YA 53 109.06 -10.79 66.07
N TYR YA 54 108.64 -11.55 67.06
CA TYR YA 54 109.28 -12.80 67.45
C TYR YA 54 108.20 -13.85 67.67
N LYS YA 55 108.37 -15.00 67.03
CA LYS YA 55 107.36 -16.05 67.10
C LYS YA 55 107.76 -17.05 68.18
N ARG YA 56 107.57 -16.63 69.42
CA ARG YA 56 107.99 -17.40 70.58
C ARG YA 56 107.14 -18.65 70.72
N PRO YA 57 107.74 -19.80 71.07
CA PRO YA 57 106.96 -21.00 71.30
C PRO YA 57 106.07 -20.87 72.52
N ALA YA 58 104.96 -21.61 72.50
CA ALA YA 58 104.04 -21.61 73.63
C ALA YA 58 104.73 -22.22 74.84
N PRO YA 59 104.34 -21.82 76.07
CA PRO YA 59 105.03 -22.34 77.25
C PRO YA 59 104.87 -23.85 77.37
N LYS YA 60 105.96 -24.50 77.78
CA LYS YA 60 105.96 -25.95 77.91
C LYS YA 60 105.09 -26.37 79.10
N PRO YA 61 104.39 -27.50 79.00
CA PRO YA 61 103.68 -28.03 80.17
C PRO YA 61 104.65 -28.43 81.27
N GLU YA 62 104.18 -28.48 82.52
CA GLU YA 62 105.04 -28.65 83.67
C GLU YA 62 105.16 -30.13 84.03
N GLY YA 63 106.36 -30.54 84.40
CA GLY YA 63 106.61 -31.87 84.92
C GLY YA 63 106.83 -32.96 83.90
N CYS YA 64 106.70 -32.66 82.61
CA CYS YA 64 106.88 -33.65 81.56
C CYS YA 64 107.72 -33.04 80.44
N ALA YA 65 108.75 -33.77 80.01
CA ALA YA 65 109.60 -33.35 78.90
C ALA YA 65 109.34 -34.27 77.72
N ASP YA 66 108.66 -33.76 76.70
CA ASP YA 66 108.34 -34.56 75.53
C ASP YA 66 109.61 -34.88 74.75
N ALA YA 67 109.52 -35.94 73.94
CA ALA YA 67 110.65 -36.36 73.13
C ALA YA 67 111.04 -35.28 72.12
N CYS YA 68 110.05 -34.67 71.48
CA CYS YA 68 110.30 -33.65 70.48
C CYS YA 68 109.35 -32.47 70.70
N VAL YA 69 109.80 -31.28 70.29
CA VAL YA 69 109.01 -30.08 70.51
C VAL YA 69 107.83 -30.04 69.54
N ILE YA 70 106.64 -29.82 70.07
CA ILE YA 70 105.42 -29.76 69.27
C ILE YA 70 104.62 -28.52 69.68
N MET YA 71 105.30 -27.53 70.23
CA MET YA 71 104.62 -26.37 70.79
C MET YA 71 103.99 -25.52 69.69
N PRO YA 72 102.73 -25.11 69.85
CA PRO YA 72 102.11 -24.21 68.87
C PRO YA 72 102.48 -22.75 69.13
N ASN YA 73 103.63 -22.34 68.61
CA ASN YA 73 104.20 -21.02 68.86
C ASN YA 73 103.24 -19.85 68.61
N GLU YA 74 103.48 -18.74 69.30
CA GLU YA 74 102.59 -17.58 69.29
C GLU YA 74 103.29 -16.38 68.67
N ASN YA 75 102.60 -15.23 68.68
CA ASN YA 75 103.12 -14.02 68.05
C ASN YA 75 103.42 -12.98 69.13
N GLN YA 76 104.64 -12.45 69.11
CA GLN YA 76 105.05 -11.36 69.99
C GLN YA 76 105.41 -10.17 69.11
N SER YA 77 104.80 -9.02 69.37
CA SER YA 77 104.97 -7.84 68.53
C SER YA 77 105.27 -6.62 69.37
N ILE YA 78 106.15 -5.76 68.86
CA ILE YA 78 106.45 -4.46 69.44
C ILE YA 78 106.52 -3.46 68.31
N ARG YA 79 105.60 -2.50 68.31
CA ARG YA 79 105.48 -1.52 67.24
C ARG YA 79 105.63 -0.12 67.81
N THR YA 80 106.60 0.63 67.30
CA THR YA 80 106.87 1.99 67.74
C THR YA 80 106.91 2.92 66.53
N VAL YA 81 106.16 4.01 66.61
CA VAL YA 81 106.12 5.03 65.56
C VAL YA 81 106.55 6.35 66.17
N ILE YA 82 107.48 7.04 65.50
CA ILE YA 82 108.00 8.32 65.95
C ILE YA 82 107.73 9.34 64.85
N SER YA 83 106.97 10.39 65.19
CA SER YA 83 106.60 11.43 64.24
C SER YA 83 107.02 12.78 64.79
N GLY YA 84 107.69 13.57 63.96
CA GLY YA 84 108.12 14.88 64.38
C GLY YA 84 108.94 15.54 63.28
N SER YA 85 109.05 16.86 63.40
CA SER YA 85 109.78 17.64 62.40
C SER YA 85 111.28 17.38 62.53
N ALA YA 86 111.98 17.35 61.39
CA ALA YA 86 113.41 17.13 61.41
C ALA YA 86 114.17 18.33 61.93
N GLU YA 87 113.54 19.50 61.94
CA GLU YA 87 114.18 20.70 62.48
C GLU YA 87 114.44 20.55 63.97
N ASN YA 88 113.58 19.81 64.66
CA ASN YA 88 113.67 19.59 66.10
C ASN YA 88 114.18 18.20 66.45
N LEU YA 89 115.20 17.72 65.74
CA LEU YA 89 115.67 16.35 65.92
C LEU YA 89 116.22 16.13 67.34
N ALA YA 90 116.93 17.11 67.88
CA ALA YA 90 117.47 16.98 69.22
C ALA YA 90 116.35 16.82 70.26
N THR YA 91 115.32 17.65 70.13
CA THR YA 91 114.14 17.52 70.99
C THR YA 91 113.44 16.19 70.80
N LEU YA 92 113.36 15.69 69.57
CA LEU YA 92 112.72 14.41 69.32
C LEU YA 92 113.50 13.28 69.99
N LYS YA 93 114.83 13.37 69.97
CA LYS YA 93 115.65 12.38 70.65
C LYS YA 93 115.48 12.45 72.16
N ALA YA 94 115.40 13.66 72.71
CA ALA YA 94 115.12 13.81 74.14
C ALA YA 94 113.76 13.22 74.49
N GLU YA 95 112.76 13.47 73.66
CA GLU YA 95 111.44 12.88 73.86
C GLU YA 95 111.50 11.37 73.80
N TRP YA 96 112.30 10.82 72.89
CA TRP YA 96 112.46 9.37 72.81
C TRP YA 96 113.07 8.81 74.08
N GLU YA 97 114.09 9.48 74.62
CA GLU YA 97 114.70 9.02 75.86
C GLU YA 97 113.69 9.05 77.01
N THR YA 98 112.92 10.13 77.11
CA THR YA 98 111.92 10.23 78.17
C THR YA 98 110.84 9.16 78.01
N HIS YA 99 110.42 8.91 76.77
CA HIS YA 99 109.43 7.88 76.51
C HIS YA 99 109.96 6.50 76.89
N LYS YA 100 111.22 6.22 76.57
CA LYS YA 100 111.82 4.94 76.97
C LYS YA 100 111.83 4.81 78.48
N ARG YA 101 112.21 5.88 79.18
CA ARG YA 101 112.23 5.82 80.64
C ARG YA 101 110.85 5.56 81.22
N ASN YA 102 109.84 6.26 80.70
CA ASN YA 102 108.48 6.08 81.22
C ASN YA 102 107.96 4.68 80.93
N VAL YA 103 108.20 4.17 79.72
CA VAL YA 103 107.73 2.83 79.38
C VAL YA 103 108.44 1.78 80.20
N ASP YA 104 109.74 2.00 80.48
CA ASP YA 104 110.46 1.08 81.36
C ASP YA 104 109.90 1.10 82.76
N THR YA 105 109.55 2.29 83.26
CA THR YA 105 108.96 2.39 84.58
C THR YA 105 107.64 1.66 84.67
N LEU YA 106 106.79 1.80 83.65
CA LEU YA 106 105.47 1.17 83.69
C LEU YA 106 105.55 -0.33 83.43
N PHE YA 107 106.43 -0.76 82.54
CA PHE YA 107 106.44 -2.11 82.00
C PHE YA 107 107.65 -2.93 82.44
N ALA YA 108 108.86 -2.43 82.21
CA ALA YA 108 110.06 -3.20 82.50
C ALA YA 108 110.19 -3.49 83.99
N SER YA 109 109.92 -2.49 84.83
CA SER YA 109 109.97 -2.66 86.28
C SER YA 109 108.60 -2.73 86.93
N GLY YA 110 107.53 -2.55 86.15
CA GLY YA 110 106.19 -2.61 86.67
C GLY YA 110 105.46 -3.88 86.28
N ASN YA 111 104.15 -3.88 86.48
CA ASN YA 111 103.32 -5.04 86.16
C ASN YA 111 102.36 -4.74 85.03
N ALA YA 112 102.76 -3.86 84.11
CA ALA YA 112 101.91 -3.53 82.97
C ALA YA 112 101.78 -4.71 82.03
N GLY YA 113 102.78 -5.60 82.00
CA GLY YA 113 102.72 -6.75 81.13
C GLY YA 113 101.61 -7.72 81.52
N LEU YA 114 101.37 -7.87 82.82
CA LEU YA 114 100.33 -8.79 83.27
C LEU YA 114 98.95 -8.14 83.26
N GLY YA 115 98.88 -6.85 82.98
CA GLY YA 115 97.60 -6.17 82.85
C GLY YA 115 97.29 -5.12 83.89
N PHE YA 116 98.26 -4.75 84.74
CA PHE YA 116 97.98 -3.77 85.78
C PHE YA 116 98.59 -2.42 85.44
N LEU YA 117 97.76 -1.38 85.53
CA LEU YA 117 98.21 0.00 85.34
C LEU YA 117 98.35 0.65 86.70
N ASP YA 118 99.58 0.82 87.15
CA ASP YA 118 99.85 1.42 88.45
C ASP YA 118 99.55 2.92 88.40
N PRO YA 119 98.64 3.45 89.22
CA PRO YA 119 98.37 4.89 89.18
C PRO YA 119 99.32 5.71 90.03
N THR YA 120 100.22 5.09 90.79
CA THR YA 120 101.19 5.83 91.58
C THR YA 120 102.61 5.77 91.00
N ALA YA 121 102.75 5.34 89.75
CA ALA YA 121 104.08 5.20 89.15
C ALA YA 121 104.73 6.56 88.97
N ALA YA 122 106.05 6.58 89.07
CA ALA YA 122 106.84 7.82 88.95
C ALA YA 122 107.07 8.10 87.48
N ILE YA 123 106.12 8.79 86.86
CA ILE YA 123 106.21 9.18 85.45
C ILE YA 123 106.73 10.60 85.36
N VAL YA 124 107.70 10.82 84.48
CA VAL YA 124 108.38 12.11 84.36
C VAL YA 124 108.24 12.64 82.95
N SER YA 125 108.34 13.96 82.82
CA SER YA 125 108.32 14.59 81.51
C SER YA 125 109.74 14.85 81.02
N SER YA 126 109.85 15.28 79.77
CA SER YA 126 111.16 15.53 79.18
C SER YA 126 111.80 16.82 79.71
N ASP YA 127 111.01 17.79 80.11
CA ASP YA 127 111.54 19.05 80.61
C ASP YA 127 112.27 18.84 81.92
N THR YA 128 113.34 19.60 82.11
CA THR YA 128 114.17 19.52 83.31
C THR YA 128 114.08 20.80 84.12
N THR YA 129 114.17 20.65 85.43
CA THR YA 129 114.11 21.78 86.34
C THR YA 129 115.44 22.50 86.40
N ALA ZA 1 14.81 85.35 -119.68
CA ALA ZA 1 14.93 86.17 -118.48
C ALA ZA 1 14.51 85.40 -117.24
N ASN ZA 2 15.47 84.69 -116.64
CA ASN ZA 2 15.19 83.92 -115.44
C ASN ZA 2 14.96 84.82 -114.25
N LYS ZA 3 14.06 84.41 -113.37
CA LYS ZA 3 13.71 85.23 -112.22
C LYS ZA 3 14.82 85.21 -111.19
N PRO ZA 4 15.35 86.37 -110.80
CA PRO ZA 4 16.40 86.38 -109.77
C PRO ZA 4 15.89 85.87 -108.44
N MET ZA 5 16.77 85.21 -107.69
CA MET ZA 5 16.46 84.67 -106.38
C MET ZA 5 17.28 85.40 -105.34
N GLN ZA 6 16.64 85.79 -104.24
CA GLN ZA 6 17.35 86.50 -103.18
C GLN ZA 6 17.38 85.66 -101.91
N PRO ZA 7 18.45 85.76 -101.11
CA PRO ZA 7 18.62 84.82 -100.00
C PRO ZA 7 17.61 85.04 -98.88
N ILE ZA 8 17.34 83.98 -98.13
CA ILE ZA 8 16.54 84.08 -96.92
C ILE ZA 8 17.35 83.79 -95.67
N THR ZA 9 18.42 83.00 -95.75
CA THR ZA 9 19.30 82.75 -94.63
C THR ZA 9 20.74 82.87 -95.11
N SER ZA 10 21.53 83.69 -94.41
CA SER ZA 10 22.90 83.96 -94.79
C SER ZA 10 23.83 83.63 -93.63
N THR ZA 11 24.87 82.87 -93.93
CA THR ZA 11 25.87 82.47 -92.95
C THR ZA 11 27.16 82.16 -93.70
N ALA ZA 12 28.29 82.32 -93.00
CA ALA ZA 12 29.58 82.06 -93.65
C ALA ZA 12 29.73 80.61 -94.06
N ASN ZA 13 28.94 79.72 -93.47
CA ASN ZA 13 29.01 78.29 -93.75
C ASN ZA 13 27.86 77.79 -94.62
N LYS ZA 14 26.78 78.56 -94.76
CA LYS ZA 14 25.61 78.12 -95.52
C LYS ZA 14 24.79 79.32 -95.92
N ILE ZA 15 24.36 79.34 -97.18
CA ILE ZA 15 23.45 80.37 -97.69
C ILE ZA 15 22.31 79.67 -98.41
N VAL ZA 16 21.08 80.08 -98.12
CA VAL ZA 16 19.88 79.49 -98.71
C VAL ZA 16 19.19 80.57 -99.53
N TRP ZA 17 18.93 80.28 -100.80
CA TRP ZA 17 18.21 81.19 -101.69
C TRP ZA 17 16.80 80.68 -101.91
N SER ZA 18 15.86 81.59 -102.11
CA SER ZA 18 14.48 81.25 -102.37
C SER ZA 18 13.85 82.24 -103.34
N ASP ZA 19 12.98 81.75 -104.20
CA ASP ZA 19 12.27 82.61 -105.13
C ASP ZA 19 11.16 83.35 -104.38
N PRO ZA 20 11.11 84.68 -104.46
CA PRO ZA 20 10.07 85.41 -103.71
C PRO ZA 20 8.65 85.05 -104.11
N THR ZA 21 8.43 84.69 -105.38
CA THR ZA 21 7.10 84.27 -105.80
C THR ZA 21 6.76 82.85 -105.35
N ARG ZA 22 7.73 81.96 -105.27
CA ARG ZA 22 7.52 80.61 -104.76
C ARG ZA 22 8.64 80.23 -103.80
N LEU ZA 23 8.41 80.40 -102.50
CA LEU ZA 23 9.45 80.12 -101.51
C LEU ZA 23 9.79 78.65 -101.44
N SER ZA 24 8.92 77.81 -102.01
CA SER ZA 24 9.19 76.37 -102.05
C SER ZA 24 10.39 76.02 -102.92
N THR ZA 25 10.74 76.87 -103.88
CA THR ZA 25 11.92 76.65 -104.70
C THR ZA 25 13.14 77.19 -103.99
N THR ZA 26 14.02 76.29 -103.53
CA THR ZA 26 15.16 76.67 -102.71
C THR ZA 26 16.44 76.25 -103.38
N PHE ZA 27 17.51 76.99 -103.08
CA PHE ZA 27 18.86 76.68 -103.53
C PHE ZA 27 19.81 76.89 -102.37
N SER ZA 28 20.55 75.85 -102.00
CA SER ZA 28 21.43 75.88 -100.84
C SER ZA 28 22.87 75.61 -101.26
N ALA ZA 29 23.80 76.34 -100.64
CA ALA ZA 29 25.22 76.15 -100.85
C ALA ZA 29 25.91 76.12 -99.50
N SER ZA 30 26.57 75.01 -99.19
CA SER ZA 30 27.22 74.82 -97.90
C SER ZA 30 28.66 74.39 -98.13
N LEU ZA 31 29.59 75.00 -97.41
CA LEU ZA 31 31.01 74.67 -97.50
C LEU ZA 31 31.48 74.06 -96.19
N LEU ZA 32 32.18 72.93 -96.29
CA LEU ZA 32 32.82 72.29 -95.15
C LEU ZA 32 34.29 72.14 -95.46
N ARG ZA 33 35.14 72.71 -94.61
CA ARG ZA 33 36.56 72.86 -94.90
C ARG ZA 33 37.40 72.18 -93.82
N GLN ZA 34 38.35 71.35 -94.27
CA GLN ZA 34 39.28 70.66 -93.39
C GLN ZA 34 40.67 70.72 -94.00
N ARG ZA 35 41.68 70.48 -93.15
CA ARG ZA 35 43.07 70.39 -93.59
C ARG ZA 35 43.48 68.92 -93.56
N VAL ZA 36 44.08 68.46 -94.66
CA VAL ZA 36 44.44 67.07 -94.85
C VAL ZA 36 45.93 66.96 -95.16
N LYS ZA 37 46.61 66.05 -94.46
CA LYS ZA 37 48.05 65.84 -94.65
C LYS ZA 37 48.24 64.75 -95.68
N VAL ZA 38 48.23 65.15 -96.95
CA VAL ZA 38 48.40 64.19 -98.05
C VAL ZA 38 49.88 63.91 -98.29
N GLY ZA 39 50.63 64.95 -98.62
CA GLY ZA 39 52.02 64.81 -99.04
C GLY ZA 39 52.99 65.46 -98.07
N ILE ZA 40 52.77 65.22 -96.78
CA ILE ZA 40 53.46 65.84 -95.64
C ILE ZA 40 53.38 67.35 -95.76
N ALA ZA 41 52.41 67.83 -96.54
CA ALA ZA 41 52.06 69.23 -96.64
C ALA ZA 41 50.56 69.36 -96.39
N GLU ZA 42 50.18 70.33 -95.56
CA GLU ZA 42 48.79 70.46 -95.12
C GLU ZA 42 47.98 71.18 -96.20
N LEU ZA 43 47.42 70.38 -97.11
CA LEU ZA 43 46.51 70.93 -98.12
C LEU ZA 43 45.17 71.24 -97.49
N ASN ZA 44 44.53 72.31 -97.98
CA ASN ZA 44 43.23 72.74 -97.45
C ASN ZA 44 42.11 72.24 -98.35
N ASN ZA 45 41.41 71.23 -97.85
CA ASN ZA 45 40.31 70.63 -98.60
C ASN ZA 45 39.04 71.45 -98.42
N VAL ZA 46 38.27 71.56 -99.50
CA VAL ZA 46 36.98 72.24 -99.50
C VAL ZA 46 35.95 71.30 -100.08
N SER ZA 47 34.86 71.08 -99.35
CA SER ZA 47 33.78 70.19 -99.78
C SER ZA 47 32.50 71.01 -99.83
N GLY ZA 48 32.15 71.48 -101.03
CA GLY ZA 48 30.97 72.30 -101.22
C GLY ZA 48 29.79 71.45 -101.66
N GLN ZA 49 28.69 71.59 -100.93
CA GLN ZA 49 27.45 70.88 -101.21
C GLN ZA 49 26.41 71.88 -101.71
N TYR ZA 50 25.92 71.66 -102.93
CA TYR ZA 50 24.93 72.54 -103.54
C TYR ZA 50 23.68 71.72 -103.81
N VAL ZA 51 22.55 72.20 -103.29
CA VAL ZA 51 21.27 71.49 -103.40
C VAL ZA 51 20.24 72.44 -103.99
N SER ZA 52 19.61 72.02 -105.07
CA SER ZA 52 18.50 72.75 -105.67
C SER ZA 52 17.24 71.91 -105.58
N VAL ZA 53 16.19 72.48 -104.99
CA VAL ZA 53 14.95 71.76 -104.73
C VAL ZA 53 13.79 72.52 -105.37
N TYR ZA 54 13.00 71.80 -106.15
CA TYR ZA 54 11.76 72.33 -106.73
C TYR ZA 54 10.63 71.38 -106.40
N LYS ZA 55 9.56 71.92 -105.82
CA LYS ZA 55 8.35 71.15 -105.55
C LYS ZA 55 7.39 71.37 -106.71
N ARG ZA 56 7.31 70.38 -107.60
CA ARG ZA 56 6.59 70.53 -108.86
C ARG ZA 56 5.23 69.85 -108.75
N PRO ZA 57 4.13 70.57 -108.99
CA PRO ZA 57 2.82 69.94 -108.93
C PRO ZA 57 2.57 69.08 -110.16
N ALA ZA 58 2.42 67.78 -109.93
CA ALA ZA 58 2.27 66.81 -111.02
C ALA ZA 58 1.09 65.88 -110.78
N PRO ZA 59 -0.14 66.42 -110.76
CA PRO ZA 59 -1.29 65.51 -110.95
C PRO ZA 59 -1.26 64.86 -112.31
N LYS ZA 60 -0.72 65.57 -113.30
CA LYS ZA 60 -0.52 65.14 -114.67
C LYS ZA 60 -1.78 64.53 -115.28
N PRO ZA 61 -2.88 65.29 -115.37
CA PRO ZA 61 -4.07 64.78 -116.06
C PRO ZA 61 -3.87 64.91 -117.57
N GLU ZA 62 -3.72 63.78 -118.24
CA GLU ZA 62 -3.33 63.79 -119.64
C GLU ZA 62 -4.50 64.25 -120.50
N GLY ZA 63 -4.53 65.54 -120.77
CA GLY ZA 63 -5.54 66.12 -121.64
C GLY ZA 63 -6.58 67.05 -121.05
N CYS ZA 64 -6.95 66.85 -119.79
CA CYS ZA 64 -8.05 67.64 -119.27
C CYS ZA 64 -7.63 68.35 -117.99
N ALA ZA 65 -7.85 69.66 -117.97
CA ALA ZA 65 -7.65 70.49 -116.80
C ALA ZA 65 -8.61 71.67 -116.87
N ASP ZA 66 -9.45 71.82 -115.85
CA ASP ZA 66 -10.58 72.73 -116.02
C ASP ZA 66 -10.64 73.86 -115.00
N ALA ZA 67 -10.43 73.58 -113.72
CA ALA ZA 67 -10.71 74.57 -112.69
C ALA ZA 67 -9.60 74.55 -111.65
N CYS ZA 68 -9.82 75.26 -110.54
CA CYS ZA 68 -8.85 75.36 -109.46
C CYS ZA 68 -8.91 74.11 -108.61
N VAL ZA 69 -8.07 73.13 -108.92
CA VAL ZA 69 -7.97 71.89 -108.16
C VAL ZA 69 -6.70 71.98 -107.32
N ILE ZA 70 -6.76 71.45 -106.10
CA ILE ZA 70 -5.58 71.40 -105.25
C ILE ZA 70 -4.49 70.59 -105.93
N MET ZA 71 -3.29 71.14 -105.99
CA MET ZA 71 -2.16 70.44 -106.57
C MET ZA 71 -1.48 69.58 -105.51
N PRO ZA 72 -1.46 68.26 -105.67
CA PRO ZA 72 -0.56 67.44 -104.86
C PRO ZA 72 0.87 67.56 -105.37
N ASN ZA 73 1.84 67.68 -104.47
CA ASN ZA 73 3.18 68.08 -104.83
C ASN ZA 73 4.17 66.92 -104.69
N GLU ZA 74 5.13 66.86 -105.60
CA GLU ZA 74 6.29 65.99 -105.47
C GLU ZA 74 7.54 66.85 -105.47
N ASN ZA 75 8.63 66.32 -104.90
CA ASN ZA 75 9.87 67.07 -104.76
C ASN ZA 75 10.88 66.63 -105.82
N GLN ZA 76 11.47 67.61 -106.50
CA GLN ZA 76 12.56 67.37 -107.43
C GLN ZA 76 13.84 67.92 -106.80
N SER ZA 77 14.83 67.06 -106.62
CA SER ZA 77 16.06 67.44 -105.94
C SER ZA 77 17.26 67.18 -106.81
N ILE ZA 78 18.17 68.14 -106.86
CA ILE ZA 78 19.45 68.02 -107.54
C ILE ZA 78 20.53 68.40 -106.53
N ARG ZA 79 21.36 67.44 -106.15
CA ARG ZA 79 22.35 67.61 -105.10
C ARG ZA 79 23.72 67.27 -105.63
N THR ZA 80 24.65 68.22 -105.53
CA THR ZA 80 26.02 68.02 -106.00
C THR ZA 80 27.01 68.33 -104.88
N VAL ZA 81 28.12 67.61 -104.87
CA VAL ZA 81 29.19 67.80 -103.90
C VAL ZA 81 30.51 67.81 -104.65
N ILE ZA 82 31.31 68.86 -104.44
CA ILE ZA 82 32.62 68.99 -105.04
C ILE ZA 82 33.65 69.00 -103.92
N SER ZA 83 34.57 68.05 -103.94
CA SER ZA 83 35.58 67.91 -102.90
C SER ZA 83 36.96 67.92 -103.54
N GLY ZA 84 37.87 68.73 -103.00
CA GLY ZA 84 39.22 68.81 -103.51
C GLY ZA 84 40.04 69.89 -102.84
N SER ZA 85 41.36 69.83 -103.00
CA SER ZA 85 42.23 70.83 -102.41
C SER ZA 85 42.07 72.16 -103.12
N ALA ZA 86 42.16 73.25 -102.36
CA ALA ZA 86 42.03 74.58 -102.94
C ALA ZA 86 43.21 74.92 -103.83
N GLU ZA 87 44.34 74.23 -103.63
CA GLU ZA 87 45.54 74.54 -104.39
C GLU ZA 87 45.46 73.99 -105.81
N ASN ZA 88 44.54 73.08 -106.07
CA ASN ZA 88 44.35 72.47 -107.39
C ASN ZA 88 43.03 72.91 -108.00
N LEU ZA 89 42.72 74.21 -107.87
CA LEU ZA 89 41.40 74.70 -108.28
C LEU ZA 89 41.21 74.61 -109.78
N ALA ZA 90 42.26 74.86 -110.56
CA ALA ZA 90 42.12 74.80 -112.02
C ALA ZA 90 41.79 73.39 -112.47
N THR ZA 91 42.50 72.40 -111.94
CA THR ZA 91 42.20 71.01 -112.23
C THR ZA 91 40.82 70.61 -111.74
N LEU ZA 92 40.40 71.14 -110.59
CA LEU ZA 92 39.06 70.85 -110.10
C LEU ZA 92 37.99 71.41 -111.03
N LYS ZA 93 38.22 72.61 -111.56
CA LYS ZA 93 37.27 73.18 -112.50
C LYS ZA 93 37.22 72.40 -113.81
N ALA ZA 94 38.38 71.93 -114.28
CA ALA ZA 94 38.40 71.06 -115.44
C ALA ZA 94 37.63 69.76 -115.18
N GLU ZA 95 37.80 69.19 -113.99
CA GLU ZA 95 37.04 68.00 -113.61
C GLU ZA 95 35.55 68.31 -113.59
N TRP ZA 96 35.17 69.49 -113.11
CA TRP ZA 96 33.77 69.87 -113.08
C TRP ZA 96 33.19 69.95 -114.48
N GLU ZA 97 33.94 70.54 -115.42
CA GLU ZA 97 33.47 70.62 -116.80
C GLU ZA 97 33.31 69.24 -117.41
N THR ZA 98 34.30 68.36 -117.19
CA THR ZA 98 34.22 67.01 -117.74
C THR ZA 98 33.05 66.23 -117.13
N HIS ZA 99 32.85 66.37 -115.82
CA HIS ZA 99 31.74 65.70 -115.16
C HIS ZA 99 30.40 66.22 -115.69
N LYS ZA 100 30.31 67.53 -115.92
CA LYS ZA 100 29.11 68.10 -116.50
C LYS ZA 100 28.83 67.52 -117.88
N ARG ZA 101 29.88 67.39 -118.71
CA ARG ZA 101 29.70 66.82 -120.03
C ARG ZA 101 29.24 65.37 -119.96
N ASN ZA 102 29.84 64.59 -119.06
CA ASN ZA 102 29.47 63.18 -118.95
C ASN ZA 102 28.03 63.02 -118.46
N VAL ZA 103 27.64 63.81 -117.46
CA VAL ZA 103 26.27 63.72 -116.96
C VAL ZA 103 25.29 64.18 -118.03
N ASP ZA 104 25.67 65.18 -118.85
CA ASP ZA 104 24.83 65.58 -119.96
C ASP ZA 104 24.66 64.45 -120.95
N THR ZA 105 25.76 63.75 -121.26
CA THR ZA 105 25.69 62.65 -122.21
C THR ZA 105 24.77 61.55 -121.71
N LEU ZA 106 24.85 61.22 -120.42
CA LEU ZA 106 24.01 60.15 -119.88
C LEU ZA 106 22.55 60.58 -119.70
N PHE ZA 107 22.30 61.82 -119.28
CA PHE ZA 107 20.99 62.24 -118.81
C PHE ZA 107 20.27 63.15 -119.81
N ALA ZA 108 20.91 64.26 -120.20
CA ALA ZA 108 20.25 65.24 -121.04
C ALA ZA 108 19.98 64.68 -122.44
N SER ZA 109 20.97 64.01 -123.04
CA SER ZA 109 20.82 63.44 -124.36
C SER ZA 109 20.52 61.94 -124.33
N GLY ZA 110 20.55 61.32 -123.16
CA GLY ZA 110 20.27 59.90 -123.03
C GLY ZA 110 18.88 59.63 -122.45
N ASN ZA 111 18.76 58.47 -121.81
CA ASN ZA 111 17.52 58.03 -121.21
C ASN ZA 111 17.70 57.65 -119.75
N ALA ZA 112 18.72 58.21 -119.09
CA ALA ZA 112 18.99 57.87 -117.69
C ALA ZA 112 17.88 58.35 -116.77
N GLY ZA 113 17.17 59.42 -117.15
CA GLY ZA 113 16.10 59.92 -116.30
C GLY ZA 113 14.95 58.95 -116.17
N LEU ZA 114 14.77 58.09 -117.16
CA LEU ZA 114 13.69 57.12 -117.14
C LEU ZA 114 14.14 55.80 -116.54
N GLY ZA 115 15.38 55.75 -116.06
CA GLY ZA 115 15.90 54.52 -115.47
C GLY ZA 115 16.54 53.59 -116.48
N PHE ZA 116 17.42 54.13 -117.33
CA PHE ZA 116 18.07 53.35 -118.38
C PHE ZA 116 19.56 53.62 -118.34
N LEU ZA 117 20.35 52.61 -118.69
CA LEU ZA 117 21.80 52.75 -118.82
C LEU ZA 117 22.19 52.38 -120.25
N ASP ZA 118 23.05 53.20 -120.85
CA ASP ZA 118 23.53 52.93 -122.20
C ASP ZA 118 25.03 52.65 -122.11
N PRO ZA 119 25.46 51.39 -122.15
CA PRO ZA 119 26.91 51.11 -122.06
C PRO ZA 119 27.71 51.65 -123.25
N THR ZA 120 27.06 51.98 -124.35
CA THR ZA 120 27.75 52.52 -125.52
C THR ZA 120 27.86 54.03 -125.50
N ALA ZA 121 27.44 54.68 -124.41
CA ALA ZA 121 27.51 56.13 -124.32
C ALA ZA 121 28.96 56.60 -124.37
N ALA ZA 122 29.18 57.75 -125.00
CA ALA ZA 122 30.52 58.30 -125.20
C ALA ZA 122 30.91 59.13 -123.97
N ILE ZA 123 31.50 58.44 -123.00
CA ILE ZA 123 32.01 59.07 -121.80
C ILE ZA 123 33.49 59.39 -122.00
N VAL ZA 124 33.90 60.57 -121.57
CA VAL ZA 124 35.24 61.07 -121.83
C VAL ZA 124 35.91 61.47 -120.51
N SER ZA 125 37.23 61.53 -120.52
CA SER ZA 125 38.00 61.95 -119.37
C SER ZA 125 38.39 63.41 -119.48
N SER ZA 126 38.92 63.94 -118.37
CA SER ZA 126 39.37 65.33 -118.36
C SER ZA 126 40.69 65.52 -119.10
N ASP ZA 127 41.53 64.50 -119.15
CA ASP ZA 127 42.81 64.61 -119.84
C ASP ZA 127 42.61 64.69 -121.35
N THR ZA 128 43.51 65.38 -122.02
CA THR ZA 128 43.48 65.55 -123.46
C THR ZA 128 44.64 64.80 -124.10
N THR ZA 129 44.52 64.56 -125.41
CA THR ZA 129 45.56 63.87 -126.16
C THR ZA 129 46.51 64.87 -126.82
N ALA AB 1 53.19 96.33 -101.75
CA ALA AB 1 51.76 96.07 -101.77
C ALA AB 1 51.43 94.74 -101.11
N ASN AB 2 50.98 94.80 -99.86
CA ASN AB 2 50.63 93.58 -99.14
C ASN AB 2 49.38 92.95 -99.73
N LYS AB 3 49.32 91.63 -99.68
CA LYS AB 3 48.20 90.90 -100.26
C LYS AB 3 46.96 91.07 -99.39
N PRO AB 4 45.83 91.50 -99.97
CA PRO AB 4 44.62 91.67 -99.17
C PRO AB 4 44.04 90.33 -98.73
N MET AB 5 43.30 90.37 -97.62
CA MET AB 5 42.62 89.21 -97.08
C MET AB 5 41.11 89.39 -97.19
N GLN AB 6 40.39 88.28 -97.14
CA GLN AB 6 38.94 88.24 -97.14
C GLN AB 6 38.43 87.41 -95.97
N PRO AB 7 37.27 87.72 -95.41
CA PRO AB 7 36.75 86.93 -94.30
C PRO AB 7 36.25 85.57 -94.78
N ILE AB 8 36.54 84.54 -94.00
CA ILE AB 8 36.17 83.17 -94.32
C ILE AB 8 35.07 82.66 -93.40
N THR AB 9 35.17 82.92 -92.11
CA THR AB 9 34.13 82.62 -91.15
C THR AB 9 33.73 83.89 -90.42
N SER AB 10 32.42 84.18 -90.41
CA SER AB 10 31.95 85.48 -89.93
C SER AB 10 30.98 85.28 -88.79
N THR AB 11 31.37 85.74 -87.60
CA THR AB 11 30.50 85.85 -86.45
C THR AB 11 30.81 87.16 -85.75
N ALA AB 12 29.76 87.81 -85.23
CA ALA AB 12 29.97 89.10 -84.58
C ALA AB 12 30.90 88.97 -83.38
N ASN AB 13 30.91 87.81 -82.73
CA ASN AB 13 31.84 87.56 -81.65
C ASN AB 13 33.25 87.28 -82.16
N LYS AB 14 33.38 86.70 -83.35
CA LYS AB 14 34.68 86.25 -83.85
C LYS AB 14 34.68 86.25 -85.38
N ILE AB 15 35.59 87.01 -85.98
CA ILE AB 15 35.78 87.05 -87.42
C ILE AB 15 37.23 86.68 -87.73
N VAL AB 16 37.42 85.76 -88.66
CA VAL AB 16 38.74 85.29 -89.06
C VAL AB 16 38.94 85.63 -90.52
N TRP AB 17 40.09 86.24 -90.83
CA TRP AB 17 40.48 86.57 -92.19
C TRP AB 17 41.43 85.50 -92.73
N SER AB 18 41.53 85.44 -94.05
CA SER AB 18 42.38 84.44 -94.69
C SER AB 18 42.85 84.95 -96.04
N ASP AB 19 44.06 84.56 -96.41
CA ASP AB 19 44.60 84.88 -97.72
C ASP AB 19 44.14 83.84 -98.73
N PRO AB 20 43.42 84.22 -99.79
CA PRO AB 20 42.97 83.22 -100.76
C PRO AB 20 44.10 82.47 -101.45
N THR AB 21 45.28 83.06 -101.54
CA THR AB 21 46.41 82.39 -102.17
C THR AB 21 47.13 81.43 -101.24
N ARG AB 22 47.11 81.69 -99.93
CA ARG AB 22 47.71 80.79 -98.95
C ARG AB 22 46.75 80.71 -97.77
N LEU AB 23 45.90 79.68 -97.77
CA LEU AB 23 44.87 79.58 -96.74
C LEU AB 23 45.43 79.28 -95.36
N SER AB 24 46.71 78.92 -95.26
CA SER AB 24 47.32 78.68 -93.96
C SER AB 24 47.56 79.97 -93.19
N THR AB 25 47.46 81.12 -93.83
CA THR AB 25 47.64 82.41 -93.18
C THR AB 25 46.28 82.94 -92.75
N THR AB 26 46.09 83.12 -91.45
CA THR AB 26 44.81 83.57 -90.91
C THR AB 26 45.05 84.69 -89.91
N PHE AB 27 44.05 85.57 -89.81
CA PHE AB 27 44.04 86.64 -88.81
C PHE AB 27 42.66 86.65 -88.16
N SER AB 28 42.62 86.58 -86.83
CA SER AB 28 41.37 86.47 -86.10
C SER AB 28 41.21 87.63 -85.14
N ALA AB 29 39.97 88.07 -84.98
CA ALA AB 29 39.61 89.12 -84.03
C ALA AB 29 38.38 88.66 -83.26
N SER AB 30 38.51 88.53 -81.95
CA SER AB 30 37.42 88.11 -81.08
C SER AB 30 37.25 89.12 -79.97
N LEU AB 31 36.03 89.64 -79.81
CA LEU AB 31 35.71 90.60 -78.76
C LEU AB 31 34.71 89.98 -77.80
N LEU AB 32 34.99 90.09 -76.51
CA LEU AB 32 34.09 89.68 -75.45
C LEU AB 32 33.75 90.88 -74.59
N ARG AB 33 32.46 91.15 -74.42
CA ARG AB 33 31.99 92.33 -73.71
C ARG AB 33 31.24 91.92 -72.46
N GLN AB 34 31.55 92.57 -71.35
CA GLN AB 34 30.93 92.29 -70.06
C GLN AB 34 30.75 93.60 -69.30
N ARG AB 35 29.72 93.66 -68.46
CA ARG AB 35 29.46 94.84 -67.64
C ARG AB 35 30.08 94.62 -66.27
N VAL AB 36 31.40 94.82 -66.19
CA VAL AB 36 32.13 94.72 -64.93
C VAL AB 36 32.14 96.09 -64.28
N LYS AB 37 31.17 96.36 -63.41
CA LYS AB 37 31.02 97.69 -62.84
C LYS AB 37 31.79 97.80 -61.53
N VAL AB 38 32.56 98.88 -61.41
CA VAL AB 38 33.23 99.23 -60.16
C VAL AB 38 32.21 99.94 -59.27
N GLY AB 39 32.57 100.15 -58.01
CA GLY AB 39 31.68 100.76 -57.05
C GLY AB 39 31.08 102.08 -57.50
N ILE AB 40 29.76 102.22 -57.31
CA ILE AB 40 28.97 103.40 -57.62
C ILE AB 40 29.27 103.94 -59.02
N ALA AB 41 29.62 103.05 -59.94
CA ALA AB 41 29.89 103.44 -61.31
C ALA AB 41 29.50 102.29 -62.24
N GLU AB 42 29.29 102.62 -63.50
CA GLU AB 42 28.96 101.65 -64.54
C GLU AB 42 30.04 101.69 -65.61
N LEU AB 43 30.62 100.54 -65.93
CA LEU AB 43 31.69 100.44 -66.91
C LEU AB 43 31.47 99.21 -67.78
N ASN AB 44 31.65 99.38 -69.08
CA ASN AB 44 31.58 98.29 -70.04
C ASN AB 44 32.97 98.03 -70.58
N ASN AB 45 33.53 96.87 -70.26
CA ASN AB 45 34.88 96.50 -70.69
C ASN AB 45 34.79 95.57 -71.89
N VAL AB 46 35.79 95.68 -72.77
CA VAL AB 46 35.83 94.90 -74.02
C VAL AB 46 37.20 94.24 -74.07
N SER AB 47 37.25 92.94 -73.84
CA SER AB 47 38.49 92.17 -73.93
C SER AB 47 38.63 91.63 -75.35
N GLY AB 48 39.60 92.16 -76.09
CA GLY AB 48 39.77 91.77 -77.48
C GLY AB 48 41.02 90.93 -77.72
N GLN AB 49 40.84 89.76 -78.32
CA GLN AB 49 41.94 88.85 -78.61
C GLN AB 49 42.15 88.81 -80.12
N TYR AB 50 43.36 89.15 -80.55
CA TYR AB 50 43.74 89.15 -81.96
C TYR AB 50 44.88 88.16 -82.16
N VAL AB 51 44.68 87.22 -83.07
CA VAL AB 51 45.63 86.14 -83.30
C VAL AB 51 46.06 86.16 -84.76
N SER AB 52 47.37 86.16 -84.98
CA SER AB 52 47.95 86.07 -86.32
C SER AB 52 48.68 84.75 -86.46
N VAL AB 53 48.33 83.99 -87.50
CA VAL AB 53 48.89 82.66 -87.72
C VAL AB 53 49.51 82.63 -89.12
N TYR AB 54 50.77 82.22 -89.20
CA TYR AB 54 51.48 82.04 -90.45
C TYR AB 54 52.35 80.80 -90.33
N LYS AB 55 52.32 79.95 -91.35
CA LYS AB 55 53.10 78.73 -91.37
C LYS AB 55 54.25 78.92 -92.36
N ARG AB 56 55.45 79.12 -91.82
CA ARG AB 56 56.63 79.47 -92.60
C ARG AB 56 57.49 78.24 -92.83
N PRO AB 57 57.97 78.02 -94.04
CA PRO AB 57 58.90 76.91 -94.27
C PRO AB 57 60.17 77.06 -93.46
N ALA AB 58 60.70 75.94 -93.01
CA ALA AB 58 61.92 75.96 -92.23
C ALA AB 58 63.08 76.46 -93.10
N PRO AB 59 64.07 77.12 -92.50
CA PRO AB 59 65.13 77.74 -93.31
C PRO AB 59 65.98 76.71 -94.05
N LYS AB 60 66.11 76.90 -95.36
CA LYS AB 60 66.95 76.06 -96.20
C LYS AB 60 68.41 76.31 -95.85
N PRO AB 61 69.31 75.35 -96.11
CA PRO AB 61 70.72 75.53 -95.73
C PRO AB 61 71.34 76.77 -96.36
N GLU AB 62 72.25 77.41 -95.61
CA GLU AB 62 72.79 78.70 -96.05
C GLU AB 62 73.53 78.58 -97.38
N GLY AB 63 74.35 77.54 -97.53
CA GLY AB 63 75.02 77.31 -98.80
C GLY AB 63 74.24 76.38 -99.69
N CYS AB 64 73.06 76.80 -100.13
CA CYS AB 64 72.18 75.95 -100.92
C CYS AB 64 71.85 76.64 -102.24
N ALA AB 65 72.04 75.92 -103.34
CA ALA AB 65 71.69 76.41 -104.67
C ALA AB 65 70.67 75.52 -105.38
N ASP AB 66 70.06 74.57 -104.68
CA ASP AB 66 69.12 73.66 -105.34
C ASP AB 66 67.83 74.40 -105.68
N ALA AB 67 67.14 73.91 -106.70
CA ALA AB 67 65.96 74.58 -107.23
C ALA AB 67 64.75 74.39 -106.33
N CYS AB 68 64.33 73.14 -106.11
CA CYS AB 68 63.11 72.85 -105.37
C CYS AB 68 63.34 71.72 -104.38
N VAL AB 69 63.60 72.09 -103.13
CA VAL AB 69 63.62 71.15 -102.01
C VAL AB 69 62.79 71.77 -100.90
N ILE AB 70 61.61 71.21 -100.64
CA ILE AB 70 60.65 71.80 -99.71
C ILE AB 70 60.73 71.03 -98.39
N MET AB 71 60.91 71.76 -97.29
CA MET AB 71 60.95 71.20 -95.95
C MET AB 71 59.74 71.70 -95.15
N PRO AB 72 59.28 70.97 -94.15
CA PRO AB 72 57.98 71.25 -93.56
C PRO AB 72 57.92 72.60 -92.86
N ASN AB 73 56.69 73.03 -92.61
CA ASN AB 73 56.42 74.36 -92.08
C ASN AB 73 56.45 74.37 -90.56
N GLU AB 74 56.67 75.56 -89.99
CA GLU AB 74 56.65 75.77 -88.55
C GLU AB 74 55.53 76.75 -88.24
N ASN AB 75 55.06 76.74 -87.00
CA ASN AB 75 53.94 77.59 -86.60
C ASN AB 75 54.48 78.91 -86.05
N GLN AB 76 54.07 80.01 -86.67
CA GLN AB 76 54.44 81.36 -86.25
C GLN AB 76 53.17 82.06 -85.78
N SER AB 77 53.09 82.36 -84.50
CA SER AB 77 51.87 82.90 -83.91
C SER AB 77 52.18 84.17 -83.12
N ILE AB 78 51.35 85.19 -83.33
CA ILE AB 78 51.41 86.43 -82.57
C ILE AB 78 50.01 86.74 -82.08
N ARG AB 79 49.84 86.81 -80.76
CA ARG AB 79 48.52 86.97 -80.15
C ARG AB 79 48.55 88.13 -79.18
N THR AB 80 47.57 89.02 -79.29
CA THR AB 80 47.45 90.19 -78.42
C THR AB 80 46.07 90.20 -77.77
N VAL AB 81 46.04 90.54 -76.49
CA VAL AB 81 44.80 90.66 -75.73
C VAL AB 81 44.75 92.06 -75.14
N ILE AB 82 43.69 92.80 -75.44
CA ILE AB 82 43.51 94.17 -74.97
C ILE AB 82 42.22 94.21 -74.15
N SER AB 83 42.34 94.61 -72.88
CA SER AB 83 41.20 94.66 -71.97
C SER AB 83 41.11 96.06 -71.39
N GLY AB 84 39.92 96.64 -71.44
CA GLY AB 84 39.69 97.96 -70.90
C GLY AB 84 38.28 98.46 -71.10
N SER AB 85 37.87 99.46 -70.33
CA SER AB 85 36.52 100.00 -70.46
C SER AB 85 36.39 100.82 -71.72
N ALA AB 86 35.15 100.93 -72.21
CA ALA AB 86 34.90 101.73 -73.42
C ALA AB 86 35.07 103.21 -73.13
N GLU AB 87 34.89 103.62 -71.88
CA GLU AB 87 34.98 105.04 -71.55
C GLU AB 87 36.41 105.56 -71.66
N ASN AB 88 37.39 104.70 -71.45
CA ASN AB 88 38.80 105.07 -71.46
C ASN AB 88 39.49 104.71 -72.76
N LEU AB 89 38.80 104.87 -73.89
CA LEU AB 89 39.34 104.39 -75.16
C LEU AB 89 40.59 105.17 -75.57
N ALA AB 90 40.60 106.48 -75.34
CA ALA AB 90 41.76 107.28 -75.75
C ALA AB 90 43.00 106.88 -74.95
N THR AB 91 42.86 106.74 -73.64
CA THR AB 91 43.97 106.28 -72.81
C THR AB 91 44.39 104.87 -73.17
N LEU AB 92 43.44 104.00 -73.52
CA LEU AB 92 43.80 102.65 -73.97
C LEU AB 92 44.60 102.69 -75.26
N LYS AB 93 44.24 103.59 -76.18
CA LYS AB 93 45.00 103.74 -77.41
C LYS AB 93 46.42 104.25 -77.13
N ALA AB 94 46.54 105.20 -76.20
CA ALA AB 94 47.88 105.65 -75.80
C ALA AB 94 48.69 104.52 -75.21
N GLU AB 95 48.07 103.69 -74.35
CA GLU AB 95 48.74 102.53 -73.79
C GLU AB 95 49.16 101.56 -74.88
N TRP AB 96 48.33 101.39 -75.90
CA TRP AB 96 48.65 100.51 -77.01
C TRP AB 96 49.85 101.02 -77.79
N GLU AB 97 49.93 102.34 -78.01
CA GLU AB 97 51.10 102.91 -78.66
C GLU AB 97 52.37 102.69 -77.83
N THR AB 98 52.27 102.91 -76.52
CA THR AB 98 53.41 102.67 -75.65
C THR AB 98 53.82 101.21 -75.66
N HIS AB 99 52.85 100.31 -75.70
CA HIS AB 99 53.14 98.88 -75.79
C HIS AB 99 53.85 98.54 -77.09
N LYS AB 100 53.39 99.13 -78.20
CA LYS AB 100 54.12 99.00 -79.45
C LYS AB 100 55.57 99.39 -79.27
N ARG AB 101 55.81 100.57 -78.70
CA ARG AB 101 57.17 101.08 -78.61
C ARG AB 101 58.04 100.17 -77.76
N ASN AB 102 57.52 99.70 -76.62
CA ASN AB 102 58.30 98.86 -75.72
C ASN AB 102 58.58 97.50 -76.35
N VAL AB 103 57.58 96.88 -76.96
CA VAL AB 103 57.78 95.58 -77.60
C VAL AB 103 58.76 95.71 -78.76
N ASP AB 104 58.67 96.81 -79.50
CA ASP AB 104 59.63 97.03 -80.58
C ASP AB 104 61.05 97.16 -80.03
N THR AB 105 61.21 97.90 -78.94
CA THR AB 105 62.54 98.06 -78.34
C THR AB 105 63.11 96.72 -77.91
N LEU AB 106 62.29 95.88 -77.29
CA LEU AB 106 62.79 94.60 -76.80
C LEU AB 106 62.99 93.56 -77.92
N PHE AB 107 62.14 93.59 -78.94
CA PHE AB 107 62.09 92.53 -79.94
C PHE AB 107 62.76 92.92 -81.25
N ALA AB 108 62.31 94.00 -81.89
CA ALA AB 108 62.80 94.35 -83.22
C ALA AB 108 64.24 94.82 -83.16
N SER AB 109 64.55 95.72 -82.24
CA SER AB 109 65.91 96.23 -82.09
C SER AB 109 66.70 95.49 -81.00
N GLY AB 110 66.10 94.50 -80.35
CA GLY AB 110 66.75 93.76 -79.29
C GLY AB 110 67.11 92.35 -79.69
N ASN AB 111 67.32 91.52 -78.67
CA ASN AB 111 67.70 90.12 -78.85
C ASN AB 111 66.69 89.17 -78.21
N ALA AB 112 65.54 89.70 -77.78
CA ALA AB 112 64.52 88.85 -77.17
C ALA AB 112 63.97 87.85 -78.17
N GLY AB 113 64.00 88.17 -79.46
CA GLY AB 113 63.58 87.23 -80.47
C GLY AB 113 64.40 85.96 -80.50
N LEU AB 114 65.72 86.08 -80.38
CA LEU AB 114 66.59 84.92 -80.29
C LEU AB 114 66.65 84.36 -78.87
N GLY AB 115 66.21 85.12 -77.88
CA GLY AB 115 66.06 84.57 -76.54
C GLY AB 115 66.92 85.20 -75.46
N PHE AB 116 67.38 86.42 -75.65
CA PHE AB 116 68.19 87.12 -74.67
C PHE AB 116 67.47 88.38 -74.20
N LEU AB 117 67.40 88.56 -72.89
CA LEU AB 117 66.79 89.73 -72.28
C LEU AB 117 67.88 90.71 -71.87
N ASP AB 118 67.69 91.98 -72.18
CA ASP AB 118 68.64 93.03 -71.81
C ASP AB 118 68.03 93.86 -70.70
N PRO AB 119 68.56 93.81 -69.48
CA PRO AB 119 68.00 94.65 -68.40
C PRO AB 119 68.33 96.13 -68.53
N THR AB 120 69.09 96.52 -69.54
CA THR AB 120 69.43 97.92 -69.78
C THR AB 120 68.61 98.56 -70.87
N ALA AB 121 67.52 97.92 -71.31
CA ALA AB 121 66.71 98.46 -72.39
C ALA AB 121 66.01 99.74 -71.95
N ALA AB 122 65.75 100.62 -72.91
CA ALA AB 122 65.12 101.91 -72.64
C ALA AB 122 63.61 101.77 -72.78
N ILE AB 123 62.98 101.28 -71.72
CA ILE AB 123 61.53 101.13 -71.67
C ILE AB 123 60.93 102.40 -71.08
N VAL AB 124 59.89 102.91 -71.73
CA VAL AB 124 59.27 104.18 -71.34
C VAL AB 124 57.80 103.96 -71.04
N SER AB 125 57.22 104.88 -70.29
CA SER AB 125 55.81 104.82 -69.93
C SER AB 125 54.98 105.73 -70.85
N SER AB 126 53.67 105.57 -70.75
CA SER AB 126 52.76 106.37 -71.58
C SER AB 126 52.70 107.81 -71.14
N ASP AB 127 52.83 108.09 -69.85
CA ASP AB 127 52.77 109.46 -69.37
C ASP AB 127 53.96 110.26 -69.87
N THR AB 128 53.74 111.56 -70.05
CA THR AB 128 54.76 112.47 -70.54
C THR AB 128 55.13 113.49 -69.48
N THR AB 129 56.39 113.93 -69.53
CA THR AB 129 56.89 114.90 -68.56
C THR AB 129 56.32 116.29 -68.84
N ALA BB 1 20.43 114.48 -89.43
CA ALA BB 1 21.65 113.70 -89.40
C ALA BB 1 21.78 112.92 -88.10
N ASN BB 2 20.94 111.91 -87.94
CA ASN BB 2 20.95 111.11 -86.73
C ASN BB 2 22.16 110.17 -86.73
N LYS BB 3 22.58 109.76 -85.53
CA LYS BB 3 23.80 108.98 -85.40
C LYS BB 3 23.61 107.56 -85.93
N PRO BB 4 24.45 107.11 -86.86
CA PRO BB 4 24.33 105.73 -87.35
C PRO BB 4 24.73 104.71 -86.28
N MET BB 5 24.28 103.48 -86.47
CA MET BB 5 24.54 102.40 -85.54
C MET BB 5 25.26 101.25 -86.25
N GLN BB 6 25.89 100.37 -85.46
CA GLN BB 6 26.60 99.21 -85.97
C GLN BB 6 26.15 97.95 -85.23
N PRO BB 7 26.26 96.77 -85.87
CA PRO BB 7 25.79 95.54 -85.22
C PRO BB 7 26.75 95.00 -84.17
N ILE BB 8 26.21 94.64 -83.00
CA ILE BB 8 27.03 93.99 -81.98
C ILE BB 8 26.92 92.47 -82.03
N THR BB 9 25.76 91.94 -82.43
CA THR BB 9 25.55 90.50 -82.50
C THR BB 9 24.85 90.19 -83.82
N SER BB 10 25.48 89.35 -84.64
CA SER BB 10 24.95 89.00 -85.96
C SER BB 10 24.71 87.51 -86.01
N THR BB 11 23.51 87.11 -86.38
CA THR BB 11 23.11 85.72 -86.47
C THR BB 11 22.10 85.57 -87.60
N ALA BB 12 21.93 84.33 -88.07
CA ALA BB 12 20.99 84.08 -89.15
C ALA BB 12 19.56 84.33 -88.71
N ASN BB 13 19.31 84.43 -87.41
CA ASN BB 13 17.96 84.64 -86.88
C ASN BB 13 17.82 85.87 -86.01
N LYS BB 14 18.90 86.61 -85.75
CA LYS BB 14 18.81 87.78 -84.87
C LYS BB 14 20.01 88.68 -85.11
N ILE BB 15 19.76 89.97 -85.29
CA ILE BB 15 20.80 90.99 -85.39
C ILE BB 15 20.47 92.10 -84.42
N VAL BB 16 21.47 92.51 -83.63
CA VAL BB 16 21.31 93.57 -82.63
C VAL BB 16 22.26 94.70 -82.96
N TRP BB 17 21.73 95.91 -83.08
CA TRP BB 17 22.53 97.10 -83.35
C TRP BB 17 22.78 97.87 -82.06
N SER BB 18 23.74 98.78 -82.09
CA SER BB 18 24.06 99.61 -80.94
C SER BB 18 24.80 100.86 -81.41
N ASP BB 19 24.57 101.97 -80.72
CA ASP BB 19 25.25 103.21 -81.06
C ASP BB 19 26.65 103.21 -80.46
N PRO BB 20 27.68 103.55 -81.24
CA PRO BB 20 29.04 103.61 -80.68
C PRO BB 20 29.18 104.58 -79.52
N THR BB 21 28.48 105.72 -79.56
CA THR BB 21 28.61 106.71 -78.50
C THR BB 21 27.97 106.21 -77.20
N ARG BB 22 26.75 105.68 -77.28
CA ARG BB 22 26.06 105.11 -76.12
C ARG BB 22 25.78 103.64 -76.41
N LEU BB 23 26.44 102.76 -75.67
CA LEU BB 23 26.26 101.33 -75.90
C LEU BB 23 24.95 100.84 -75.31
N SER BB 24 24.29 101.67 -74.52
CA SER BB 24 23.07 101.27 -73.83
C SER BB 24 21.89 101.17 -74.79
N THR BB 25 21.82 102.07 -75.76
CA THR BB 25 20.72 102.06 -76.73
C THR BB 25 20.98 100.99 -77.78
N THR BB 26 19.99 100.11 -77.98
CA THR BB 26 20.12 98.99 -78.91
C THR BB 26 18.85 98.84 -79.72
N PHE BB 27 18.99 98.19 -80.87
CA PHE BB 27 17.87 97.87 -81.75
C PHE BB 27 18.05 96.45 -82.25
N SER BB 28 17.08 95.59 -81.96
CA SER BB 28 17.17 94.17 -82.26
C SER BB 28 16.04 93.74 -83.18
N ALA BB 29 16.36 92.82 -84.10
CA ALA BB 29 15.39 92.25 -85.03
C ALA BB 29 15.57 90.75 -85.03
N SER BB 30 14.47 90.01 -84.86
CA SER BB 30 14.49 88.56 -84.84
C SER BB 30 13.37 88.03 -85.71
N LEU BB 31 13.68 87.03 -86.54
CA LEU BB 31 12.69 86.42 -87.43
C LEU BB 31 12.65 84.93 -87.18
N LEU BB 32 11.44 84.38 -87.04
CA LEU BB 32 11.23 82.94 -87.01
C LEU BB 32 10.33 82.56 -88.17
N ARG BB 33 10.71 81.50 -88.88
CA ARG BB 33 10.05 81.12 -90.12
C ARG BB 33 9.45 79.73 -89.96
N GLN BB 34 8.13 79.64 -90.16
CA GLN BB 34 7.40 78.38 -90.02
C GLN BB 34 6.46 78.21 -91.20
N ARG BB 35 6.29 76.96 -91.60
CA ARG BB 35 5.30 76.63 -92.62
C ARG BB 35 3.95 76.39 -91.95
N VAL BB 36 2.94 77.14 -92.38
CA VAL BB 36 1.60 77.06 -91.80
C VAL BB 36 0.70 76.29 -92.75
N LYS BB 37 0.03 75.28 -92.23
CA LYS BB 37 -0.86 74.43 -93.01
C LYS BB 37 -2.26 75.04 -93.00
N VAL BB 38 -2.61 75.72 -94.08
CA VAL BB 38 -3.96 76.22 -94.30
C VAL BB 38 -4.59 75.38 -95.40
N GLY BB 39 -5.87 75.05 -95.20
CA GLY BB 39 -6.60 74.15 -96.06
C GLY BB 39 -6.29 74.27 -97.54
N ILE BB 40 -5.98 73.12 -98.16
CA ILE BB 40 -5.56 72.99 -99.57
C ILE BB 40 -4.56 74.09 -99.95
N ALA BB 41 -3.63 74.38 -99.04
CA ALA BB 41 -2.61 75.38 -99.31
C ALA BB 41 -1.38 75.07 -98.47
N GLU BB 42 -0.23 75.58 -98.91
CA GLU BB 42 1.03 75.46 -98.17
C GLU BB 42 1.78 76.78 -98.32
N LEU BB 43 1.68 77.63 -97.30
CA LEU BB 43 2.21 78.99 -97.35
C LEU BB 43 3.10 79.24 -96.15
N ASN BB 44 4.06 80.15 -96.34
CA ASN BB 44 5.15 80.38 -95.39
C ASN BB 44 4.86 81.63 -94.58
N ASN BB 45 4.86 81.48 -93.25
CA ASN BB 45 4.65 82.63 -92.37
C ASN BB 45 5.97 83.11 -91.79
N VAL BB 46 6.12 84.42 -91.69
CA VAL BB 46 7.30 85.06 -91.12
C VAL BB 46 6.83 86.08 -90.09
N SER BB 47 7.23 85.88 -88.84
CA SER BB 47 6.91 86.80 -87.76
C SER BB 47 8.18 87.50 -87.31
N GLY BB 48 8.16 88.83 -87.34
CA GLY BB 48 9.33 89.61 -87.00
C GLY BB 48 9.18 90.46 -85.75
N GLN BB 49 10.12 90.34 -84.83
CA GLN BB 49 10.10 91.09 -83.57
C GLN BB 49 11.18 92.16 -83.63
N TYR BB 50 10.78 93.41 -83.46
CA TYR BB 50 11.69 94.55 -83.48
C TYR BB 50 11.58 95.28 -82.15
N VAL BB 51 12.72 95.49 -81.49
CA VAL BB 51 12.76 96.08 -80.15
C VAL BB 51 13.73 97.26 -80.16
N SER BB 52 13.25 98.41 -79.70
CA SER BB 52 14.07 99.60 -79.53
C SER BB 52 14.04 100.04 -78.08
N VAL BB 53 15.22 100.21 -77.48
CA VAL BB 53 15.35 100.58 -76.09
C VAL BB 53 16.33 101.74 -75.96
N TYR BB 54 16.00 102.71 -75.10
CA TYR BB 54 16.90 103.81 -74.79
C TYR BB 54 16.85 104.03 -73.27
N LYS BB 55 18.02 104.07 -72.65
CA LYS BB 55 18.10 104.21 -71.19
C LYS BB 55 18.34 105.69 -70.84
N ARG BB 56 17.35 106.50 -71.15
CA ARG BB 56 17.46 107.94 -70.93
C ARG BB 56 17.24 108.30 -69.46
N PRO BB 57 18.00 109.27 -68.93
CA PRO BB 57 17.91 109.58 -67.51
C PRO BB 57 16.57 110.18 -67.10
N ALA BB 58 16.25 109.98 -65.83
CA ALA BB 58 15.06 110.56 -65.23
C ALA BB 58 15.16 112.08 -65.27
N PRO BB 59 14.04 112.81 -65.27
CA PRO BB 59 14.12 114.27 -65.45
C PRO BB 59 14.74 114.94 -64.24
N LYS BB 60 15.60 115.92 -64.52
CA LYS BB 60 16.32 116.64 -63.49
C LYS BB 60 15.34 117.44 -62.63
N PRO BB 61 15.60 117.57 -61.32
CA PRO BB 61 14.75 118.41 -60.47
C PRO BB 61 14.74 119.86 -60.92
N GLU BB 62 13.64 120.55 -60.67
CA GLU BB 62 13.39 121.89 -61.21
C GLU BB 62 14.10 122.94 -60.37
N GLY BB 63 14.68 123.94 -61.04
CA GLY BB 63 15.23 125.10 -60.39
C GLY BB 63 16.64 124.95 -59.87
N CYS BB 64 17.24 123.77 -59.96
CA CYS BB 64 18.59 123.53 -59.45
C CYS BB 64 19.38 122.77 -60.51
N ALA BB 65 20.57 123.28 -60.83
CA ALA BB 65 21.47 122.62 -61.77
C ALA BB 65 22.65 122.05 -61.00
N ASP BB 66 22.66 120.73 -60.83
CA ASP BB 66 23.74 120.08 -60.10
C ASP BB 66 25.05 120.21 -60.86
N ALA BB 67 26.16 120.06 -60.12
CA ALA BB 67 27.48 120.16 -60.74
C ALA BB 67 27.68 119.07 -61.79
N CYS BB 68 27.25 117.84 -61.48
CA CYS BB 68 27.40 116.72 -62.39
C CYS BB 68 26.13 115.90 -62.42
N VAL BB 69 25.90 115.23 -63.54
CA VAL BB 69 24.67 114.45 -63.71
C VAL BB 69 24.76 113.17 -62.88
N ILE BB 70 23.74 112.95 -62.05
CA ILE BB 70 23.70 111.82 -61.13
C ILE BB 70 22.36 111.11 -61.25
N MET BB 71 21.62 111.40 -62.32
CA MET BB 71 20.24 110.93 -62.42
C MET BB 71 20.19 109.42 -62.64
N PRO BB 72 19.34 108.69 -61.91
CA PRO BB 72 19.24 107.24 -62.08
C PRO BB 72 18.36 106.85 -63.26
N ASN BB 73 18.96 106.79 -64.45
CA ASN BB 73 18.25 106.53 -65.71
C ASN BB 73 17.23 105.40 -65.66
N GLU BB 74 16.18 105.52 -66.46
CA GLU BB 74 15.07 104.58 -66.50
C GLU BB 74 15.14 103.73 -67.76
N ASN BB 75 14.12 102.88 -67.91
CA ASN BB 75 14.02 102.01 -69.09
C ASN BB 75 12.92 102.52 -69.98
N GLN BB 76 13.21 102.66 -71.27
CA GLN BB 76 12.26 103.19 -72.25
C GLN BB 76 12.33 102.33 -73.50
N SER BB 77 11.30 101.51 -73.73
CA SER BB 77 11.34 100.49 -74.76
C SER BB 77 10.10 100.55 -75.64
N ILE BB 78 10.30 100.26 -76.93
CA ILE BB 78 9.23 100.16 -77.91
C ILE BB 78 9.41 98.86 -78.65
N ARG BB 79 8.42 97.98 -78.59
CA ARG BB 79 8.50 96.64 -79.16
C ARG BB 79 7.39 96.46 -80.20
N THR BB 80 7.76 95.95 -81.36
CA THR BB 80 6.82 95.75 -82.46
C THR BB 80 6.98 94.35 -83.02
N VAL BB 81 5.86 93.65 -83.19
CA VAL BB 81 5.83 92.31 -83.75
C VAL BB 81 4.96 92.34 -85.00
N ILE BB 82 5.52 91.91 -86.12
CA ILE BB 82 4.82 91.85 -87.39
C ILE BB 82 4.76 90.41 -87.85
N SER BB 83 3.56 89.88 -88.02
CA SER BB 83 3.34 88.48 -88.39
C SER BB 83 2.45 88.44 -89.62
N GLY BB 84 2.84 87.61 -90.58
CA GLY BB 84 2.06 87.48 -91.80
C GLY BB 84 2.74 86.54 -92.76
N SER BB 85 2.00 86.18 -93.80
CA SER BB 85 2.53 85.26 -94.81
C SER BB 85 3.28 86.03 -95.89
N ALA BB 86 4.37 85.44 -96.38
CA ALA BB 86 5.20 86.11 -97.36
C ALA BB 86 4.49 86.27 -98.70
N GLU BB 87 3.48 85.45 -98.97
CA GLU BB 87 2.75 85.55 -100.23
C GLU BB 87 1.95 86.84 -100.30
N ASN BB 88 1.50 87.34 -99.14
CA ASN BB 88 0.69 88.54 -99.05
C ASN BB 88 1.48 89.74 -98.54
N LEU BB 89 2.73 89.88 -98.99
CA LEU BB 89 3.62 90.91 -98.43
C LEU BB 89 3.11 92.31 -98.72
N ALA BB 90 2.52 92.54 -99.89
CA ALA BB 90 2.00 93.87 -100.21
C ALA BB 90 0.88 94.26 -99.26
N THR BB 91 -0.06 93.33 -99.01
CA THR BB 91 -1.12 93.60 -98.06
C THR BB 91 -0.59 93.77 -96.65
N LEU BB 92 0.45 93.01 -96.28
CA LEU BB 92 1.06 93.19 -94.97
C LEU BB 92 1.67 94.58 -94.82
N LYS BB 93 2.32 95.06 -95.89
CA LYS BB 93 2.88 96.41 -95.86
C LYS BB 93 1.78 97.47 -95.76
N ALA BB 94 0.67 97.26 -96.47
CA ALA BB 94 -0.46 98.18 -96.33
C ALA BB 94 -1.00 98.18 -94.91
N GLU BB 95 -1.11 97.00 -94.30
CA GLU BB 95 -1.53 96.90 -92.91
C GLU BB 95 -0.56 97.62 -91.99
N TRP BB 96 0.75 97.51 -92.26
CA TRP BB 96 1.73 98.21 -91.45
C TRP BB 96 1.57 99.71 -91.55
N GLU BB 97 1.33 100.22 -92.77
CA GLU BB 97 1.12 101.66 -92.92
C GLU BB 97 -0.13 102.11 -92.17
N THR BB 98 -1.22 101.35 -92.29
CA THR BB 98 -2.45 101.70 -91.56
C THR BB 98 -2.23 101.67 -90.06
N HIS BB 99 -1.49 100.68 -89.56
CA HIS BB 99 -1.20 100.59 -88.15
C HIS BB 99 -0.36 101.76 -87.68
N LYS BB 100 0.63 102.18 -88.48
CA LYS BB 100 1.42 103.34 -88.14
C LYS BB 100 0.54 104.58 -88.04
N ARG BB 101 -0.37 104.75 -89.00
CA ARG BB 101 -1.25 105.91 -88.97
C ARG BB 101 -2.16 105.89 -87.74
N ASN BB 102 -2.72 104.73 -87.40
CA ASN BB 102 -3.60 104.64 -86.24
C ASN BB 102 -2.84 104.90 -84.94
N VAL BB 103 -1.64 104.33 -84.80
CA VAL BB 103 -0.85 104.55 -83.59
C VAL BB 103 -0.42 106.01 -83.49
N ASP BB 104 -0.14 106.65 -84.63
CA ASP BB 104 0.18 108.08 -84.61
C ASP BB 104 -1.04 108.89 -84.17
N THR BB 105 -2.22 108.48 -84.63
CA THR BB 105 -3.45 109.19 -84.23
C THR BB 105 -3.69 109.08 -82.73
N LEU BB 106 -3.52 107.87 -82.17
CA LEU BB 106 -3.78 107.68 -80.75
C LEU BB 106 -2.68 108.28 -79.87
N PHE BB 107 -1.42 108.16 -80.31
CA PHE BB 107 -0.25 108.42 -79.47
C PHE BB 107 0.52 109.67 -79.88
N ALA BB 108 0.94 109.75 -81.14
CA ALA BB 108 1.79 110.86 -81.57
C ALA BB 108 1.03 112.19 -81.47
N SER BB 109 -0.23 112.21 -81.90
CA SER BB 109 -1.05 113.41 -81.84
C SER BB 109 -2.10 113.37 -80.75
N GLY BB 110 -2.19 112.28 -79.99
CA GLY BB 110 -3.16 112.15 -78.93
C GLY BB 110 -2.52 112.17 -77.55
N ASN BB 111 -3.31 111.80 -76.54
CA ASN BB 111 -2.83 111.77 -75.18
C ASN BB 111 -2.76 110.36 -74.63
N ALA BB 112 -2.52 109.38 -75.51
CA ALA BB 112 -2.43 108.00 -75.06
C ALA BB 112 -1.19 107.78 -74.22
N GLY BB 113 -0.18 108.63 -74.38
CA GLY BB 113 1.03 108.49 -73.58
C GLY BB 113 0.78 108.75 -72.11
N LEU BB 114 -0.06 109.73 -71.79
CA LEU BB 114 -0.34 110.03 -70.39
C LEU BB 114 -1.25 108.98 -69.76
N GLY BB 115 -2.00 108.25 -70.59
CA GLY BB 115 -2.89 107.22 -70.09
C GLY BB 115 -4.35 107.37 -70.47
N PHE BB 116 -4.66 108.23 -71.44
CA PHE BB 116 -6.06 108.44 -71.82
C PHE BB 116 -6.33 107.86 -73.21
N LEU BB 117 -7.36 107.03 -73.28
CA LEU BB 117 -7.79 106.43 -74.54
C LEU BB 117 -9.04 107.17 -75.02
N ASP BB 118 -8.88 107.93 -76.10
CA ASP BB 118 -9.98 108.72 -76.62
C ASP BB 118 -10.97 107.83 -77.36
N PRO BB 119 -12.24 107.77 -76.94
CA PRO BB 119 -13.21 106.93 -77.66
C PRO BB 119 -13.68 107.53 -78.98
N THR BB 120 -13.39 108.79 -79.25
CA THR BB 120 -13.81 109.43 -80.48
C THR BB 120 -12.66 109.63 -81.47
N ALA BB 121 -11.54 108.95 -81.27
CA ALA BB 121 -10.40 109.10 -82.17
C ALA BB 121 -10.74 108.59 -83.57
N ALA BB 122 -10.14 109.21 -84.58
CA ALA BB 122 -10.41 108.90 -85.97
C ALA BB 122 -9.48 107.76 -86.41
N ILE BB 123 -9.99 106.55 -86.36
CA ILE BB 123 -9.24 105.36 -86.76
C ILE BB 123 -9.69 104.95 -88.15
N VAL BB 124 -8.72 104.67 -89.02
CA VAL BB 124 -9.00 104.32 -90.41
C VAL BB 124 -8.39 102.96 -90.71
N SER BB 125 -9.00 102.26 -91.67
CA SER BB 125 -8.61 100.89 -91.97
C SER BB 125 -7.72 100.83 -93.22
N SER BB 126 -7.22 99.63 -93.49
CA SER BB 126 -6.40 99.42 -94.67
C SER BB 126 -7.22 99.44 -95.96
N ASP BB 127 -8.46 98.99 -95.91
CA ASP BB 127 -9.32 99.02 -97.09
C ASP BB 127 -9.68 100.44 -97.46
N THR BB 128 -9.82 100.68 -98.76
CA THR BB 128 -10.14 102.00 -99.29
C THR BB 128 -11.52 101.98 -99.92
N THR BB 129 -12.06 103.17 -100.16
CA THR BB 129 -13.38 103.31 -100.76
C THR BB 129 -13.32 104.18 -102.01
N ALA CB 1 34.19 60.77 130.19
CA ALA CB 1 32.93 60.04 130.31
C ALA CB 1 32.43 59.62 128.95
N ASN CB 2 32.82 58.44 128.51
CA ASN CB 2 32.40 57.92 127.22
C ASN CB 2 30.93 57.51 127.26
N LYS CB 3 30.24 57.72 126.14
CA LYS CB 3 28.82 57.40 126.08
C LYS CB 3 28.63 55.89 125.92
N PRO CB 4 27.93 55.23 126.82
CA PRO CB 4 27.66 53.80 126.65
C PRO CB 4 26.72 53.56 125.47
N MET CB 5 26.88 52.40 124.83
CA MET CB 5 26.02 51.98 123.73
C MET CB 5 25.15 50.83 124.20
N GLN CB 6 23.91 50.80 123.72
CA GLN CB 6 22.97 49.73 124.03
C GLN CB 6 22.83 48.82 122.82
N PRO CB 7 22.81 47.50 123.03
CA PRO CB 7 22.79 46.57 121.89
C PRO CB 7 21.49 46.66 121.11
N ILE CB 8 21.59 46.39 119.81
CA ILE CB 8 20.42 46.36 118.95
C ILE CB 8 20.09 44.95 118.45
N THR CB 9 21.08 44.07 118.34
CA THR CB 9 20.87 42.68 117.95
C THR CB 9 21.68 41.79 118.86
N SER CB 10 21.02 40.81 119.49
CA SER CB 10 21.68 39.92 120.42
C SER CB 10 21.51 38.48 119.97
N THR CB 11 22.63 37.77 119.91
CA THR CB 11 22.66 36.36 119.52
C THR CB 11 23.89 35.73 120.14
N ALA CB 12 23.82 34.42 120.37
CA ALA CB 12 24.94 33.71 120.98
C ALA CB 12 26.17 33.74 120.08
N ASN CB 13 25.98 34.01 118.79
CA ASN CB 13 27.08 34.03 117.83
C ASN CB 13 27.47 35.43 117.38
N LYS CB 14 26.64 36.44 117.66
CA LYS CB 14 26.91 37.80 117.20
C LYS CB 14 26.10 38.78 118.03
N ILE CB 15 26.76 39.84 118.48
CA ILE CB 15 26.11 40.94 119.20
C ILE CB 15 26.54 42.24 118.56
N VAL CB 16 25.58 43.12 118.29
CA VAL CB 16 25.84 44.41 117.67
C VAL CB 16 25.44 45.51 118.64
N TRP CB 17 26.37 46.44 118.89
CA TRP CB 17 26.13 47.57 119.77
C TRP CB 17 26.03 48.84 118.94
N SER CB 18 25.17 49.77 119.37
CA SER CB 18 24.98 51.02 118.67
C SER CB 18 24.77 52.16 119.66
N ASP CB 19 25.28 53.33 119.31
CA ASP CB 19 25.07 54.51 120.13
C ASP CB 19 23.63 55.00 119.97
N PRO CB 20 22.86 55.12 121.04
CA PRO CB 20 21.48 55.61 120.89
C PRO CB 20 21.39 56.99 120.27
N THR CB 21 22.37 57.87 120.52
CA THR CB 21 22.38 59.18 119.90
C THR CB 21 22.79 59.14 118.44
N ARG CB 22 23.68 58.23 118.05
CA ARG CB 22 24.09 58.08 116.66
C ARG CB 22 24.16 56.61 116.29
N LEU CB 23 23.09 56.09 115.68
CA LEU CB 23 23.02 54.67 115.35
C LEU CB 23 24.03 54.27 114.29
N SER CB 24 24.56 55.25 113.55
CA SER CB 24 25.58 54.96 112.56
C SER CB 24 26.86 54.41 113.18
N THR CB 25 27.12 54.70 114.45
CA THR CB 25 28.28 54.15 115.14
C THR CB 25 27.94 52.76 115.66
N THR CB 26 28.60 51.74 115.13
CA THR CB 26 28.29 50.36 115.46
C THR CB 26 29.54 49.64 115.94
N PHE CB 27 29.32 48.61 116.75
CA PHE CB 27 30.40 47.75 117.26
C PHE CB 27 29.89 46.32 117.27
N SER CB 28 30.54 45.45 116.51
CA SER CB 28 30.08 44.07 116.34
C SER CB 28 31.16 43.09 116.78
N ALA CB 29 30.73 42.04 117.47
CA ALA CB 29 31.61 40.95 117.90
C ALA CB 29 30.96 39.64 117.52
N SER CB 30 31.65 38.85 116.70
CA SER CB 30 31.14 37.57 116.22
C SER CB 30 32.18 36.49 116.50
N LEU CB 31 31.72 35.37 117.05
CA LEU CB 31 32.58 34.26 117.39
C LEU CB 31 32.29 33.07 116.49
N LEU CB 32 33.34 32.51 115.90
CA LEU CB 32 33.24 31.28 115.12
C LEU CB 32 34.16 30.24 115.76
N ARG CB 33 33.58 29.10 116.14
CA ARG CB 33 34.28 28.11 116.95
C ARG CB 33 34.34 26.78 116.21
N GLN CB 34 35.55 26.21 116.12
CA GLN CB 34 35.76 24.91 115.52
C GLN CB 34 36.73 24.12 116.40
N ARG CB 35 36.71 22.80 116.23
CA ARG CB 35 37.65 21.92 116.91
C ARG CB 35 38.72 21.47 115.92
N VAL CB 36 39.98 21.57 116.33
CA VAL CB 36 41.12 21.30 115.44
C VAL CB 36 42.00 20.24 116.09
N LYS CB 37 42.37 19.23 115.31
CA LYS CB 37 43.20 18.13 115.79
C LYS CB 37 44.67 18.44 115.47
N VAL CB 38 45.31 19.17 116.38
CA VAL CB 38 46.70 19.57 116.18
C VAL CB 38 47.64 18.47 116.66
N GLY CB 39 47.57 18.14 117.94
CA GLY CB 39 48.52 17.24 118.56
C GLY CB 39 47.89 15.95 119.02
N ILE CB 40 47.06 15.35 118.16
CA ILE CB 40 46.20 14.19 118.40
C ILE CB 40 45.33 14.46 119.63
N ALA CB 41 45.16 15.73 119.96
CA ALA CB 41 44.22 16.19 120.97
C ALA CB 41 43.35 17.27 120.35
N GLU CB 42 42.04 17.20 120.62
CA GLU CB 42 41.07 18.09 119.97
C GLU CB 42 41.03 19.41 120.72
N LEU CB 43 41.84 20.37 120.27
CA LEU CB 43 41.81 21.70 120.83
C LEU CB 43 40.63 22.49 120.26
N ASN CB 44 40.01 23.31 121.10
CA ASN CB 44 38.85 24.09 120.69
C ASN CB 44 39.28 25.50 120.29
N ASN CB 45 39.35 25.71 118.98
CA ASN CB 45 39.77 27.00 118.45
C ASN CB 45 38.61 28.00 118.50
N VAL CB 46 38.95 29.24 118.84
CA VAL CB 46 37.99 30.34 118.87
C VAL CB 46 38.53 31.45 117.99
N SER CB 47 37.72 31.91 117.04
CA SER CB 47 38.11 32.96 116.11
C SER CB 47 37.11 34.11 116.26
N GLY CB 48 37.46 35.10 117.08
CA GLY CB 48 36.60 36.23 117.35
C GLY CB 48 36.91 37.39 116.43
N GLN CB 49 35.87 37.91 115.79
CA GLN CB 49 35.97 39.05 114.90
C GLN CB 49 35.27 40.24 115.54
N TYR CB 50 36.03 41.32 115.75
CA TYR CB 50 35.50 42.54 116.37
C TYR CB 50 35.65 43.67 115.37
N VAL CB 51 34.54 44.34 115.07
CA VAL CB 51 34.49 45.40 114.06
C VAL CB 51 33.92 46.66 114.70
N SER CB 52 34.61 47.77 114.53
CA SER CB 52 34.14 49.08 114.96
C SER CB 52 33.98 49.98 113.74
N VAL CB 53 32.80 50.57 113.60
CA VAL CB 53 32.46 51.39 112.44
C VAL CB 53 31.99 52.75 112.91
N TYR CB 54 32.56 53.80 112.34
CA TYR CB 54 32.14 55.17 112.58
C TYR CB 54 31.99 55.90 111.25
N LYS CB 55 30.80 56.40 110.98
CA LYS CB 55 30.55 57.21 109.79
C LYS CB 55 30.84 58.67 110.16
N ARG CB 56 32.00 59.14 109.74
CA ARG CB 56 32.49 60.46 110.14
C ARG CB 56 32.29 61.46 109.02
N PRO CB 57 31.69 62.62 109.28
CA PRO CB 57 31.50 63.60 108.23
C PRO CB 57 32.71 64.52 108.06
N ALA CB 58 33.32 64.45 106.89
CA ALA CB 58 34.54 65.21 106.60
C ALA CB 58 34.42 66.00 105.29
N PRO CB 59 33.52 66.98 105.23
CA PRO CB 59 33.67 68.00 104.19
C PRO CB 59 34.97 68.77 104.36
N LYS CB 60 35.40 68.94 105.60
CA LYS CB 60 36.64 69.58 106.01
C LYS CB 60 36.81 70.96 105.39
N PRO CB 61 35.92 71.91 105.69
CA PRO CB 61 36.15 73.30 105.23
C PRO CB 61 37.23 73.95 106.07
N GLU CB 62 38.41 74.09 105.48
CA GLU CB 62 39.57 74.55 106.22
C GLU CB 62 39.44 76.02 106.58
N GLY CB 63 39.20 76.27 107.85
CA GLY CB 63 39.15 77.64 108.37
C GLY CB 63 37.79 78.26 108.65
N CYS CB 64 36.78 77.93 107.85
CA CYS CB 64 35.52 78.64 107.98
C CYS CB 64 34.38 77.63 108.09
N ALA CB 65 33.45 77.95 108.99
CA ALA CB 65 32.16 77.26 109.09
C ALA CB 65 31.11 78.27 109.49
N ASP CB 66 30.08 78.40 108.68
CA ASP CB 66 29.07 79.44 108.90
C ASP CB 66 27.70 78.87 109.23
N ALA CB 67 27.21 77.90 108.46
CA ALA CB 67 25.91 77.30 108.69
C ALA CB 67 26.05 75.80 108.46
N CYS CB 68 25.01 75.06 108.84
CA CYS CB 68 25.04 73.60 108.68
C CYS CB 68 24.50 73.22 107.31
N VAL CB 69 25.38 72.66 106.48
CA VAL CB 69 25.02 72.09 105.18
C VAL CB 69 25.01 70.59 105.39
N ILE CB 70 24.38 69.84 104.48
CA ILE CB 70 24.40 68.39 104.58
C ILE CB 70 25.83 67.86 104.60
N MET CB 71 26.12 67.04 105.59
CA MET CB 71 27.42 66.40 105.68
C MET CB 71 27.48 65.19 104.76
N PRO CB 72 28.43 65.15 103.81
CA PRO CB 72 28.74 63.88 103.15
C PRO CB 72 29.63 63.03 104.05
N ASN CB 73 29.36 61.73 104.11
CA ASN CB 73 29.94 60.85 105.11
C ASN CB 73 30.97 59.92 104.50
N GLU CB 74 32.02 59.62 105.28
CA GLU CB 74 32.99 58.59 104.96
C GLU CB 74 32.96 57.53 106.03
N ASN CB 75 33.46 56.34 105.71
CA ASN CB 75 33.42 55.20 106.61
C ASN CB 75 34.80 54.96 107.22
N GLN CB 76 34.87 55.05 108.54
CA GLN CB 76 36.06 54.67 109.29
C GLN CB 76 35.81 53.31 109.92
N SER CB 77 36.60 52.32 109.53
CA SER CB 77 36.39 50.94 109.96
C SER CB 77 37.64 50.40 110.63
N ILE CB 78 37.45 49.70 111.74
CA ILE CB 78 38.52 49.00 112.45
C ILE CB 78 38.01 47.61 112.78
N ARG CB 79 38.58 46.60 112.14
CA ARG CB 79 38.17 45.21 112.36
C ARG CB 79 39.37 44.42 112.89
N THR CB 80 39.12 43.58 113.88
CA THR CB 80 40.15 42.79 114.53
C THR CB 80 39.71 41.33 114.61
N VAL CB 81 40.61 40.42 114.28
CA VAL CB 81 40.34 38.99 114.34
C VAL CB 81 41.40 38.35 115.23
N ILE CB 82 40.95 37.59 116.23
CA ILE CB 82 41.84 36.87 117.13
C ILE CB 82 41.50 35.39 117.04
N SER CB 83 42.50 34.58 116.68
CA SER CB 83 42.31 33.15 116.49
C SER CB 83 43.29 32.40 117.36
N GLY CB 84 42.79 31.41 118.10
CA GLY CB 84 43.64 30.60 118.95
C GLY CB 84 42.86 29.62 119.80
N SER CB 85 43.54 28.61 120.33
CA SER CB 85 42.88 27.62 121.17
C SER CB 85 42.49 28.23 122.51
N ALA CB 86 41.36 27.76 123.05
CA ALA CB 86 40.90 28.27 124.34
C ALA CB 86 41.81 27.84 125.48
N GLU CB 87 42.59 26.78 125.26
CA GLU CB 87 43.43 26.25 126.33
C GLU CB 87 44.67 27.10 126.56
N ASN CB 88 45.03 27.94 125.60
CA ASN CB 88 46.19 28.82 125.69
C ASN CB 88 45.75 30.28 125.76
N LEU CB 89 44.70 30.53 126.54
CA LEU CB 89 44.10 31.87 126.57
C LEU CB 89 45.04 32.90 127.18
N ALA CB 90 45.84 32.50 128.18
CA ALA CB 90 46.77 33.44 128.80
C ALA CB 90 47.82 33.90 127.79
N THR CB 91 48.40 32.95 127.06
CA THR CB 91 49.35 33.30 126.01
C THR CB 91 48.70 34.12 124.90
N LEU CB 92 47.45 33.82 124.57
CA LEU CB 92 46.76 34.62 123.56
C LEU CB 92 46.55 36.05 124.04
N LYS CB 93 46.26 36.24 125.33
CA LYS CB 93 46.13 37.59 125.87
C LYS CB 93 47.45 38.33 125.85
N ALA CB 94 48.54 37.62 126.16
CA ALA CB 94 49.87 38.23 126.05
C ALA CB 94 50.16 38.64 124.61
N GLU CB 95 49.80 37.79 123.66
CA GLU CB 95 49.97 38.12 122.25
C GLU CB 95 49.14 39.35 121.89
N TRP CB 96 47.92 39.45 122.43
CA TRP CB 96 47.07 40.61 122.17
C TRP CB 96 47.72 41.89 122.69
N GLU CB 97 48.28 41.82 123.89
CA GLU CB 97 48.96 43.00 124.45
C GLU CB 97 50.16 43.40 123.59
N THR CB 98 50.96 42.42 123.17
CA THR CB 98 52.11 42.73 122.32
C THR CB 98 51.68 43.30 120.98
N HIS CB 99 50.60 42.76 120.41
CA HIS CB 99 50.07 43.27 119.15
C HIS CB 99 49.59 44.70 119.30
N LYS CB 100 48.92 45.00 120.40
CA LYS CB 100 48.49 46.38 120.66
C LYS CB 100 49.70 47.30 120.76
N ARG CB 101 50.75 46.86 121.46
CA ARG CB 101 51.95 47.68 121.58
C ARG CB 101 52.59 47.95 120.22
N ASN CB 102 52.69 46.93 119.39
CA ASN CB 102 53.33 47.09 118.09
C ASN CB 102 52.50 47.99 117.17
N VAL CB 103 51.17 47.81 117.18
CA VAL CB 103 50.31 48.66 116.36
C VAL CB 103 50.38 50.10 116.86
N ASP CB 104 50.50 50.29 118.18
CA ASP CB 104 50.69 51.63 118.72
C ASP CB 104 51.98 52.24 118.18
N THR CB 105 53.07 51.46 118.21
CA THR CB 105 54.35 51.96 117.73
C THR CB 105 54.28 52.39 116.28
N LEU CB 106 53.63 51.58 115.44
CA LEU CB 106 53.54 51.93 114.01
C LEU CB 106 52.56 53.07 113.73
N PHE CB 107 51.39 53.07 114.38
CA PHE CB 107 50.29 53.93 114.00
C PHE CB 107 50.11 55.12 114.94
N ALA CB 108 49.99 54.86 116.24
CA ALA CB 108 49.67 55.94 117.18
C ALA CB 108 50.83 56.92 117.32
N SER CB 109 52.05 56.40 117.45
CA SER CB 109 53.24 57.24 117.58
C SER CB 109 54.00 57.40 116.28
N GLY CB 110 53.62 56.69 115.22
CA GLY CB 110 54.29 56.78 113.95
C GLY CB 110 53.50 57.56 112.92
N ASN CB 111 53.76 57.23 111.66
CA ASN CB 111 53.10 57.89 110.52
C ASN CB 111 52.42 56.88 109.60
N ALA CB 112 52.09 55.70 110.13
CA ALA CB 112 51.48 54.66 109.29
C ALA CB 112 50.10 55.07 108.80
N GLY CB 113 49.40 55.92 109.56
CA GLY CB 113 48.07 56.32 109.15
C GLY CB 113 48.07 57.12 107.86
N LEU CB 114 49.17 57.83 107.59
CA LEU CB 114 49.26 58.66 106.40
C LEU CB 114 49.85 57.89 105.23
N GLY CB 115 50.11 56.60 105.43
CA GLY CB 115 50.68 55.79 104.37
C GLY CB 115 52.19 55.76 104.37
N PHE CB 116 52.79 55.50 105.53
CA PHE CB 116 54.24 55.48 105.68
C PHE CB 116 54.66 54.24 106.44
N LEU CB 117 55.86 53.74 106.14
CA LEU CB 117 56.47 52.64 106.87
C LEU CB 117 57.81 53.10 107.42
N ASP CB 118 58.08 52.76 108.69
CA ASP CB 118 59.35 53.11 109.31
C ASP CB 118 60.10 51.81 109.60
N PRO CB 119 61.07 51.41 108.78
CA PRO CB 119 61.83 50.19 109.07
C PRO CB 119 62.63 50.24 110.36
N THR CB 120 62.89 51.44 110.89
CA THR CB 120 63.65 51.60 112.12
C THR CB 120 62.77 51.59 113.36
N ALA CB 121 61.47 51.33 113.21
CA ALA CB 121 60.58 51.31 114.35
C ALA CB 121 60.94 50.17 115.30
N ALA CB 122 60.75 50.40 116.59
CA ALA CB 122 61.12 49.43 117.63
C ALA CB 122 59.94 48.49 117.87
N ILE CB 123 59.96 47.37 117.15
CA ILE CB 123 58.95 46.34 117.25
C ILE CB 123 59.47 45.23 118.15
N VAL CB 124 58.63 44.78 119.09
CA VAL CB 124 59.04 43.80 120.10
C VAL CB 124 58.10 42.61 120.07
N SER CB 125 58.59 41.48 120.58
CA SER CB 125 57.81 40.25 120.66
C SER CB 125 57.18 40.08 122.04
N SER CB 126 56.34 39.06 122.16
CA SER CB 126 55.72 38.76 123.44
C SER CB 126 56.69 38.10 124.41
N ASP CB 127 57.69 37.38 123.90
CA ASP CB 127 58.65 36.72 124.78
C ASP CB 127 59.53 37.75 125.48
N THR CB 128 59.99 37.39 126.67
CA THR CB 128 60.83 38.26 127.48
C THR CB 128 62.21 37.64 127.66
N THR CB 129 63.18 38.49 127.98
CA THR CB 129 64.55 38.04 128.17
C THR CB 129 64.78 37.56 129.60
N ALA DB 1 31.34 19.77 145.23
CA ALA DB 1 30.88 20.92 144.44
C ALA DB 1 31.22 20.74 142.98
N ASN DB 2 30.22 20.37 142.19
CA ASN DB 2 30.43 20.16 140.76
C ASN DB 2 30.69 21.50 140.06
N LYS DB 3 31.49 21.45 139.01
CA LYS DB 3 31.84 22.66 138.27
C LYS DB 3 30.62 23.21 137.56
N PRO DB 4 30.34 24.51 137.66
CA PRO DB 4 29.17 25.07 136.99
C PRO DB 4 29.38 25.16 135.48
N MET DB 5 28.27 25.17 134.76
CA MET DB 5 28.27 25.30 133.31
C MET DB 5 27.59 26.60 132.89
N GLN DB 6 28.02 27.13 131.76
CA GLN DB 6 27.44 28.33 131.16
C GLN DB 6 26.97 28.03 129.74
N PRO DB 7 25.90 28.69 129.28
CA PRO DB 7 25.43 28.44 127.91
C PRO DB 7 26.36 29.08 126.89
N ILE DB 8 26.60 28.36 125.79
CA ILE DB 8 27.49 28.80 124.74
C ILE DB 8 26.74 29.19 123.48
N THR DB 9 25.80 28.34 123.05
CA THR DB 9 24.90 28.67 121.95
C THR DB 9 23.46 28.61 122.46
N SER DB 10 22.70 29.67 122.20
CA SER DB 10 21.39 29.82 122.80
C SER DB 10 20.32 29.96 121.73
N THR DB 11 19.33 29.07 121.78
CA THR DB 11 18.13 29.16 120.98
C THR DB 11 16.97 28.58 121.78
N ALA DB 12 15.80 29.20 121.65
CA ALA DB 12 14.64 28.72 122.41
C ALA DB 12 14.30 27.28 122.05
N ASN DB 13 14.62 26.86 120.83
CA ASN DB 13 14.44 25.47 120.45
C ASN DB 13 15.54 24.58 121.02
N LYS DB 14 16.76 25.10 121.16
CA LYS DB 14 17.88 24.29 121.61
C LYS DB 14 18.91 25.17 122.31
N ILE DB 15 19.24 24.83 123.55
CA ILE DB 15 20.28 25.49 124.31
C ILE DB 15 21.33 24.46 124.70
N VAL DB 16 22.60 24.79 124.45
CA VAL DB 16 23.72 23.90 124.74
C VAL DB 16 24.54 24.55 125.85
N TRP DB 17 24.86 23.76 126.88
CA TRP DB 17 25.74 24.20 127.96
C TRP DB 17 27.13 23.64 127.74
N SER DB 18 28.12 24.31 128.33
CA SER DB 18 29.51 23.88 128.19
C SER DB 18 30.31 24.33 129.40
N ASP DB 19 31.31 23.55 129.75
CA ASP DB 19 32.19 23.89 130.86
C ASP DB 19 33.29 24.82 130.36
N PRO DB 20 33.45 26.01 130.96
CA PRO DB 20 34.52 26.92 130.51
C PRO DB 20 35.91 26.30 130.57
N THR DB 21 36.18 25.44 131.55
CA THR DB 21 37.50 24.84 131.70
C THR DB 21 37.72 23.64 130.78
N ARG DB 22 36.66 22.94 130.38
CA ARG DB 22 36.77 21.81 129.47
C ARG DB 22 35.63 21.93 128.46
N LEU DB 23 35.92 22.51 127.30
CA LEU DB 23 34.89 22.74 126.30
C LEU DB 23 34.38 21.44 125.67
N SER DB 24 35.07 20.33 125.89
CA SER DB 24 34.63 19.04 125.36
C SER DB 24 33.42 18.49 126.10
N THR DB 25 33.05 19.07 127.24
CA THR DB 25 31.90 18.62 128.02
C THR DB 25 30.71 19.52 127.71
N THR DB 26 29.64 18.92 127.19
CA THR DB 26 28.47 19.68 126.76
C THR DB 26 27.21 19.01 127.29
N PHE DB 27 26.18 19.83 127.46
CA PHE DB 27 24.84 19.37 127.84
C PHE DB 27 23.83 20.25 127.11
N SER DB 28 22.92 19.61 126.36
CA SER DB 28 21.96 20.35 125.56
C SER DB 28 20.54 19.89 125.87
N ALA DB 29 19.59 20.79 125.69
CA ALA DB 29 18.17 20.49 125.80
C ALA DB 29 17.48 21.02 124.56
N SER DB 30 16.79 20.14 123.84
CA SER DB 30 16.04 20.52 122.65
C SER DB 30 14.60 20.09 122.82
N LEU DB 31 13.67 21.04 122.70
CA LEU DB 31 12.25 20.79 122.87
C LEU DB 31 11.54 21.00 121.55
N LEU DB 32 10.76 20.00 121.14
CA LEU DB 32 9.93 20.09 119.94
C LEU DB 32 8.47 19.93 120.37
N ARG DB 33 7.65 20.91 120.02
CA ARG DB 33 6.26 20.95 120.44
C ARG DB 33 5.34 20.88 119.24
N GLN DB 34 4.34 20.01 119.31
CA GLN DB 34 3.38 19.81 118.22
C GLN DB 34 2.00 19.62 118.84
N ARG DB 35 0.98 19.98 118.08
CA ARG DB 35 -0.41 19.83 118.52
C ARG DB 35 -0.95 18.54 117.92
N VAL DB 36 -0.56 17.42 118.53
CA VAL DB 36 -1.06 16.11 118.11
C VAL DB 36 -2.30 15.80 118.94
N LYS DB 37 -3.47 16.07 118.36
CA LYS DB 37 -4.71 15.94 119.12
C LYS DB 37 -5.35 14.58 118.90
N VAL DB 38 -5.74 13.95 120.00
CA VAL DB 38 -6.51 12.70 119.97
C VAL DB 38 -7.96 13.06 119.71
N GLY DB 39 -8.79 12.05 119.45
CA GLY DB 39 -10.19 12.27 119.12
C GLY DB 39 -10.94 13.12 120.13
N ILE DB 40 -11.70 14.08 119.62
CA ILE DB 40 -12.56 15.00 120.38
C ILE DB 40 -11.83 15.59 121.58
N ALA DB 41 -10.51 15.78 121.45
CA ALA DB 41 -9.72 16.37 122.51
C ALA DB 41 -8.55 17.13 121.88
N GLU DB 42 -8.00 18.06 122.65
CA GLU DB 42 -6.84 18.85 122.25
C GLU DB 42 -5.70 18.59 123.21
N LEU DB 43 -4.54 18.23 122.68
CA LEU DB 43 -3.37 17.88 123.50
C LEU DB 43 -2.12 18.45 122.86
N ASN DB 44 -1.26 19.06 123.66
CA ASN DB 44 0.02 19.58 123.22
C ASN DB 44 1.14 18.75 123.85
N ASN DB 45 1.87 18.03 123.00
CA ASN DB 45 2.96 17.18 123.47
C ASN DB 45 4.30 17.88 123.25
N VAL DB 46 5.25 17.59 124.13
CA VAL DB 46 6.58 18.22 124.11
C VAL DB 46 7.59 17.09 124.16
N SER DB 47 8.28 16.84 123.05
CA SER DB 47 9.34 15.85 122.99
C SER DB 47 10.67 16.51 123.31
N GLY DB 48 11.29 16.10 124.42
CA GLY DB 48 12.52 16.71 124.85
C GLY DB 48 13.72 15.78 124.76
N GLN DB 49 14.77 16.21 124.06
CA GLN DB 49 15.97 15.42 123.87
C GLN DB 49 17.11 16.08 124.63
N TYR DB 50 17.75 15.31 125.51
CA TYR DB 50 18.86 15.79 126.32
C TYR DB 50 20.05 14.86 126.11
N VAL DB 51 21.18 15.42 125.72
CA VAL DB 51 22.39 14.65 125.48
C VAL DB 51 23.50 15.19 126.37
N SER DB 52 24.25 14.30 127.00
CA SER DB 52 25.42 14.64 127.78
C SER DB 52 26.65 14.05 127.11
N VAL DB 53 27.63 14.89 126.81
CA VAL DB 53 28.83 14.47 126.10
C VAL DB 53 30.04 14.77 126.97
N TYR DB 54 30.87 13.76 127.20
CA TYR DB 54 32.13 13.90 127.90
C TYR DB 54 33.17 13.04 127.20
N LYS DB 55 34.29 13.66 126.84
CA LYS DB 55 35.39 12.96 126.18
C LYS DB 55 36.44 12.63 127.23
N ARG DB 56 36.53 11.35 127.58
CA ARG DB 56 37.35 10.89 128.68
C ARG DB 56 38.59 10.19 128.18
N PRO DB 57 39.75 10.43 128.79
CA PRO DB 57 40.95 9.65 128.43
C PRO DB 57 40.76 8.18 128.73
N ALA DB 58 41.40 7.35 127.90
CA ALA DB 58 41.34 5.92 128.09
C ALA DB 58 42.00 5.54 129.42
N PRO DB 59 41.63 4.42 130.01
CA PRO DB 59 42.22 4.03 131.30
C PRO DB 59 43.70 3.68 131.19
N LYS DB 60 44.52 4.27 132.06
CA LYS DB 60 45.95 4.00 132.09
C LYS DB 60 46.20 2.57 132.58
N PRO DB 61 47.33 1.96 132.19
CA PRO DB 61 47.63 0.60 132.68
C PRO DB 61 47.69 0.55 134.21
N GLU DB 62 47.19 -0.54 134.79
CA GLU DB 62 47.03 -0.61 136.24
C GLU DB 62 48.36 -0.50 136.97
N GLY DB 63 49.39 -1.18 136.47
CA GLY DB 63 50.69 -1.12 137.12
C GLY DB 63 51.56 -0.02 136.55
N CYS DB 64 51.09 1.22 136.60
CA CYS DB 64 51.82 2.35 136.04
C CYS DB 64 51.87 3.50 137.05
N ALA DB 65 53.04 4.10 137.17
CA ALA DB 65 53.23 5.29 137.99
C ALA DB 65 53.86 6.44 137.22
N ASP DB 66 53.82 6.42 135.88
CA ASP DB 66 54.47 7.45 135.09
C ASP DB 66 53.82 8.80 135.31
N ALA DB 67 54.63 9.85 135.24
CA ALA DB 67 54.16 11.21 135.51
C ALA DB 67 53.08 11.65 134.53
N CYS DB 68 53.43 11.72 133.23
CA CYS DB 68 52.53 12.26 132.23
C CYS DB 68 52.64 11.47 130.93
N VAL DB 69 51.66 10.60 130.70
CA VAL DB 69 51.43 10.00 129.39
C VAL DB 69 49.96 10.16 129.05
N ILE DB 70 49.67 10.77 127.90
CA ILE DB 70 48.31 11.13 127.53
C ILE DB 70 47.87 10.25 126.38
N MET DB 71 46.71 9.61 126.53
CA MET DB 71 46.14 8.75 125.50
C MET DB 71 44.83 9.34 124.98
N PRO DB 72 44.43 9.01 123.75
CA PRO DB 72 43.30 9.71 123.12
C PRO DB 72 42.00 9.44 123.86
N ASN DB 73 41.10 10.42 123.74
CA ASN DB 73 39.84 10.42 124.45
C ASN DB 73 38.82 9.52 123.76
N GLU DB 74 37.86 9.02 124.55
CA GLU DB 74 36.76 8.22 124.05
C GLU DB 74 35.47 8.99 124.26
N ASN DB 75 34.46 8.69 123.46
CA ASN DB 75 33.21 9.45 123.51
C ASN DB 75 32.24 8.76 124.47
N GLN DB 76 31.81 9.49 125.49
CA GLN DB 76 30.80 9.03 126.44
C GLN DB 76 29.55 9.88 126.22
N SER DB 77 28.45 9.25 125.85
CA SER DB 77 27.22 9.95 125.51
C SER DB 77 26.05 9.31 126.24
N ILE DB 78 25.21 10.16 126.84
CA ILE DB 78 23.97 9.75 127.47
C ILE DB 78 22.85 10.61 126.92
N ARG DB 79 21.92 9.98 126.20
CA ARG DB 79 20.84 10.68 125.51
C ARG DB 79 19.50 10.22 126.07
N THR DB 80 18.68 11.17 126.49
CA THR DB 80 17.36 10.89 127.06
C THR DB 80 16.30 11.65 126.29
N VAL DB 81 15.24 10.96 125.89
CA VAL DB 81 14.13 11.55 125.15
C VAL DB 81 12.86 11.33 125.97
N ILE DB 82 12.14 12.42 126.25
CA ILE DB 82 10.91 12.38 127.02
C ILE DB 82 9.81 12.96 126.15
N SER DB 83 8.77 12.17 125.90
CA SER DB 83 7.65 12.58 125.05
C SER DB 83 6.35 12.39 125.82
N GLY DB 84 5.54 13.44 125.87
CA GLY DB 84 4.27 13.39 126.55
C GLY DB 84 3.49 14.68 126.49
N SER DB 85 2.20 14.63 126.77
CA SER DB 85 1.36 15.82 126.71
C SER DB 85 1.64 16.72 127.90
N ALA DB 86 1.38 18.02 127.71
CA ALA DB 86 1.59 18.98 128.80
C ALA DB 86 0.56 18.80 129.90
N GLU DB 87 -0.61 18.26 129.58
CA GLU DB 87 -1.67 18.11 130.57
C GLU DB 87 -1.32 17.03 131.60
N ASN DB 88 -0.47 16.09 131.22
CA ASN DB 88 -0.12 14.95 132.07
C ASN DB 88 1.27 15.10 132.70
N LEU DB 89 1.63 16.31 133.12
CA LEU DB 89 2.99 16.55 133.59
C LEU DB 89 3.30 15.77 134.86
N ALA DB 90 2.35 15.69 135.79
CA ALA DB 90 2.60 14.98 137.05
C ALA DB 90 2.83 13.49 136.80
N THR DB 91 1.99 12.88 135.96
CA THR DB 91 2.17 11.48 135.62
C THR DB 91 3.46 11.25 134.85
N LEU DB 92 3.84 12.19 133.98
CA LEU DB 92 5.10 12.06 133.26
C LEU DB 92 6.29 12.14 134.23
N LYS DB 93 6.20 12.99 135.24
CA LYS DB 93 7.25 13.05 136.25
C LYS DB 93 7.33 11.76 137.05
N ALA DB 94 6.18 11.17 137.38
CA ALA DB 94 6.19 9.88 138.06
C ALA DB 94 6.82 8.81 137.17
N GLU DB 95 6.49 8.82 135.88
CA GLU DB 95 7.12 7.89 134.95
C GLU DB 95 8.62 8.11 134.88
N TRP DB 96 9.05 9.36 134.95
CA TRP DB 96 10.48 9.67 134.91
C TRP DB 96 11.19 9.13 136.15
N GLU DB 97 10.55 9.26 137.32
CA GLU DB 97 11.14 8.68 138.53
C GLU DB 97 11.24 7.16 138.43
N THR DB 98 10.18 6.51 137.92
CA THR DB 98 10.22 5.07 137.74
C THR DB 98 11.30 4.66 136.75
N HIS DB 99 11.46 5.44 135.68
CA HIS DB 99 12.52 5.17 134.71
C HIS DB 99 13.89 5.32 135.34
N LYS DB 100 14.08 6.34 136.18
CA LYS DB 100 15.32 6.46 136.95
C LYS DB 100 15.58 5.18 137.72
N ARG DB 101 14.59 4.73 138.48
CA ARG DB 101 14.82 3.58 139.36
C ARG DB 101 15.13 2.33 138.57
N ASN DB 102 14.42 2.11 137.47
CA ASN DB 102 14.65 0.92 136.65
C ASN DB 102 16.02 0.96 135.99
N VAL DB 103 16.39 2.10 135.39
CA VAL DB 103 17.69 2.19 134.74
C VAL DB 103 18.80 2.07 135.79
N ASP DB 104 18.57 2.58 136.99
CA ASP DB 104 19.57 2.45 138.05
C ASP DB 104 19.76 1.01 138.46
N THR DB 105 18.66 0.28 138.68
CA THR DB 105 18.80 -1.11 139.12
C THR DB 105 19.35 -2.00 138.01
N LEU DB 106 19.23 -1.55 136.76
CA LEU DB 106 19.85 -2.32 135.67
C LEU DB 106 21.32 -1.96 135.45
N PHE DB 107 21.67 -0.69 135.62
CA PHE DB 107 22.98 -0.16 135.23
C PHE DB 107 23.93 0.01 136.41
N ALA DB 108 23.52 0.81 137.40
CA ALA DB 108 24.42 1.15 138.50
C ALA DB 108 24.68 -0.06 139.40
N SER DB 109 23.62 -0.76 139.80
CA SER DB 109 23.74 -1.95 140.63
C SER DB 109 23.78 -3.23 139.81
N GLY DB 110 23.73 -3.15 138.49
CA GLY DB 110 23.76 -4.31 137.63
C GLY DB 110 25.06 -4.42 136.86
N ASN DB 111 25.00 -5.20 135.77
CA ASN DB 111 26.15 -5.46 134.93
C ASN DB 111 25.88 -5.08 133.47
N ALA DB 112 24.79 -4.34 133.22
CA ALA DB 112 24.45 -3.93 131.87
C ALA DB 112 25.50 -2.98 131.30
N GLY DB 113 26.21 -2.26 132.16
CA GLY DB 113 27.31 -1.42 131.69
C GLY DB 113 28.40 -2.21 131.00
N LEU DB 114 28.75 -3.37 131.54
CA LEU DB 114 29.70 -4.28 130.90
C LEU DB 114 29.05 -5.06 129.76
N GLY DB 115 27.74 -5.27 129.82
CA GLY DB 115 27.06 -5.94 128.73
C GLY DB 115 26.35 -7.22 129.09
N PHE DB 116 25.95 -7.39 130.34
CA PHE DB 116 25.23 -8.57 130.79
C PHE DB 116 23.86 -8.16 131.30
N LEU DB 117 22.82 -8.85 130.84
CA LEU DB 117 21.45 -8.61 131.27
C LEU DB 117 21.04 -9.69 132.26
N ASP DB 118 20.34 -9.29 133.32
CA ASP DB 118 19.88 -10.22 134.33
C ASP DB 118 18.37 -10.34 134.23
N PRO DB 119 17.82 -11.45 133.71
CA PRO DB 119 16.36 -11.61 133.69
C PRO DB 119 15.71 -11.58 135.06
N THR DB 120 16.46 -11.60 136.15
CA THR DB 120 15.91 -11.63 137.49
C THR DB 120 15.95 -10.25 138.17
N ALA DB 121 16.21 -9.19 137.41
CA ALA DB 121 16.24 -7.86 137.98
C ALA DB 121 14.87 -7.45 138.51
N ALA DB 122 14.87 -6.61 139.54
CA ALA DB 122 13.63 -6.16 140.17
C ALA DB 122 13.16 -4.88 139.49
N ILE DB 123 12.44 -5.04 138.40
CA ILE DB 123 11.88 -3.92 137.66
C ILE DB 123 10.46 -3.67 138.15
N VAL DB 124 10.14 -2.41 138.41
CA VAL DB 124 8.86 -2.03 139.00
C VAL DB 124 8.16 -1.04 138.09
N SER DB 125 6.85 -0.90 138.30
CA SER DB 125 6.05 0.05 137.54
C SER DB 125 5.72 1.27 138.38
N SER DB 126 5.22 2.32 137.73
CA SER DB 126 4.92 3.56 138.41
C SER DB 126 3.71 3.45 139.32
N ASP DB 127 2.73 2.61 138.97
CA ASP DB 127 1.53 2.47 139.78
C ASP DB 127 1.87 1.83 141.12
N THR DB 128 1.10 2.19 142.14
CA THR DB 128 1.28 1.70 143.50
C THR DB 128 0.10 0.84 143.92
N THR DB 129 0.36 -0.09 144.82
CA THR DB 129 -0.66 -0.99 145.32
C THR DB 129 -1.57 -0.29 146.32
N ALA EB 1 -1.56 40.68 140.94
CA ALA EB 1 -0.59 39.59 140.80
C ALA EB 1 -0.95 38.71 139.61
N ASN EB 2 -0.82 39.27 138.40
CA ASN EB 2 -1.14 38.52 137.20
C ASN EB 2 -0.07 37.49 136.91
N LYS EB 3 -0.43 36.46 136.15
CA LYS EB 3 0.46 35.33 135.92
C LYS EB 3 1.59 35.73 134.97
N PRO EB 4 2.85 35.54 135.36
CA PRO EB 4 3.95 35.85 134.45
C PRO EB 4 4.05 34.84 133.31
N MET EB 5 4.77 35.23 132.27
CA MET EB 5 4.93 34.41 131.07
C MET EB 5 6.41 34.19 130.79
N GLN EB 6 6.71 33.16 130.01
CA GLN EB 6 8.06 32.79 129.61
C GLN EB 6 8.16 32.68 128.09
N PRO EB 7 9.35 32.90 127.51
CA PRO EB 7 9.47 32.84 126.05
C PRO EB 7 9.50 31.44 125.48
N ILE EB 8 8.69 31.18 124.45
CA ILE EB 8 8.74 29.90 123.77
C ILE EB 8 9.64 29.93 122.54
N THR EB 9 9.73 31.06 121.86
CA THR EB 9 10.57 31.20 120.67
C THR EB 9 11.35 32.49 120.79
N SER EB 10 12.67 32.39 120.76
CA SER EB 10 13.56 33.54 120.90
C SER EB 10 14.40 33.67 119.65
N THR EB 11 14.38 34.85 119.05
CA THR EB 11 15.11 35.14 117.83
C THR EB 11 15.54 36.61 117.87
N ALA EB 12 16.58 36.94 117.09
CA ALA EB 12 17.07 38.31 117.06
C ALA EB 12 16.02 39.27 116.51
N ASN EB 13 15.00 38.75 115.81
CA ASN EB 13 13.97 39.58 115.23
C ASN EB 13 12.57 39.30 115.75
N LYS EB 14 12.39 38.30 116.60
CA LYS EB 14 11.05 37.95 117.09
C LYS EB 14 11.17 37.14 118.38
N ILE EB 15 10.38 37.51 119.38
CA ILE EB 15 10.27 36.75 120.63
C ILE EB 15 8.79 36.53 120.92
N VAL EB 16 8.44 35.30 121.26
CA VAL EB 16 7.06 34.93 121.55
C VAL EB 16 7.00 34.40 122.98
N TRP EB 17 6.11 34.96 123.78
CA TRP EB 17 5.89 34.54 125.15
C TRP EB 17 4.64 33.65 125.23
N SER EB 18 4.52 32.92 126.34
CA SER EB 18 3.36 32.06 126.54
C SER EB 18 3.21 31.77 128.03
N ASP EB 19 1.96 31.63 128.47
CA ASP EB 19 1.69 31.31 129.86
C ASP EB 19 1.87 29.82 130.12
N PRO EB 20 2.62 29.44 131.16
CA PRO EB 20 2.77 28.00 131.46
C PRO EB 20 1.44 27.30 131.73
N THR EB 21 0.50 27.98 132.39
CA THR EB 21 -0.77 27.32 132.71
C THR EB 21 -1.61 27.09 131.46
N ARG EB 22 -1.78 28.12 130.62
CA ARG EB 22 -2.49 28.01 129.36
C ARG EB 22 -1.52 28.35 128.24
N LEU EB 23 -1.21 27.35 127.40
CA LEU EB 23 -0.22 27.57 126.34
C LEU EB 23 -0.85 28.27 125.15
N SER EB 24 -2.17 28.39 125.14
CA SER EB 24 -2.86 28.99 124.00
C SER EB 24 -2.66 30.50 123.95
N THR EB 25 -2.63 31.14 125.11
CA THR EB 25 -2.43 32.59 125.15
C THR EB 25 -0.95 32.91 124.96
N THR EB 26 -0.65 33.75 123.97
CA THR EB 26 0.71 34.10 123.62
C THR EB 26 0.83 35.59 123.33
N PHE EB 27 2.04 36.11 123.51
CA PHE EB 27 2.35 37.50 123.21
C PHE EB 27 3.60 37.52 122.36
N SER EB 28 3.53 38.16 121.20
CA SER EB 28 4.62 38.16 120.23
C SER EB 28 5.06 39.57 119.91
N ALA EB 29 6.36 39.77 119.77
CA ALA EB 29 6.94 41.05 119.40
C ALA EB 29 7.92 40.82 118.27
N SER EB 30 7.79 41.60 117.19
CA SER EB 30 8.67 41.51 116.03
C SER EB 30 9.11 42.90 115.64
N LEU EB 31 10.40 43.06 115.36
CA LEU EB 31 10.96 44.34 114.98
C LEU EB 31 11.61 44.24 113.60
N LEU EB 32 11.32 45.22 112.75
CA LEU EB 32 11.93 45.34 111.43
C LEU EB 32 12.71 46.63 111.38
N ARG EB 33 13.99 46.53 110.99
CA ARG EB 33 14.91 47.66 111.01
C ARG EB 33 15.39 47.95 109.60
N GLN EB 34 15.08 49.16 109.11
CA GLN EB 34 15.48 49.58 107.77
C GLN EB 34 15.94 51.02 107.82
N ARG EB 35 16.94 51.33 106.99
CA ARG EB 35 17.37 52.71 106.83
C ARG EB 35 16.49 53.40 105.80
N VAL EB 36 15.91 54.53 106.19
CA VAL EB 36 14.99 55.29 105.33
C VAL EB 36 15.73 56.49 104.77
N LYS EB 37 15.71 56.63 103.45
CA LYS EB 37 16.37 57.72 102.76
C LYS EB 37 15.43 58.91 102.69
N VAL EB 38 15.74 59.95 103.46
CA VAL EB 38 15.03 61.22 103.42
C VAL EB 38 16.03 62.30 103.03
N GLY EB 39 15.58 63.23 102.20
CA GLY EB 39 16.43 64.28 101.67
C GLY EB 39 17.35 64.92 102.70
N ILE EB 40 18.62 65.06 102.35
CA ILE EB 40 19.69 65.57 103.21
C ILE EB 40 19.58 64.98 104.62
N ALA EB 41 19.29 63.68 104.70
CA ALA EB 41 19.18 63.01 105.99
C ALA EB 41 19.44 61.53 105.81
N GLU EB 42 19.90 60.88 106.88
CA GLU EB 42 20.08 59.42 106.92
C GLU EB 42 19.64 58.95 108.30
N LEU EB 43 18.40 58.51 108.39
CA LEU EB 43 17.78 58.14 109.65
C LEU EB 43 17.23 56.71 109.58
N ASN EB 44 17.19 56.07 110.74
CA ASN EB 44 16.87 54.64 110.85
C ASN EB 44 15.48 54.48 111.42
N ASN EB 45 14.61 53.80 110.68
CA ASN EB 45 13.25 53.53 111.16
C ASN EB 45 13.17 52.15 111.78
N VAL EB 46 12.36 52.02 112.82
CA VAL EB 46 12.11 50.75 113.49
C VAL EB 46 10.61 50.53 113.52
N SER EB 47 10.16 49.42 112.94
CA SER EB 47 8.75 49.05 112.91
C SER EB 47 8.54 47.87 113.85
N GLY EB 48 7.64 48.03 114.81
CA GLY EB 48 7.41 46.98 115.79
C GLY EB 48 5.98 46.47 115.79
N GLN EB 49 5.81 45.17 115.69
CA GLN EB 49 4.50 44.53 115.68
C GLN EB 49 4.33 43.74 116.97
N TYR EB 50 3.26 44.03 117.71
CA TYR EB 50 2.95 43.36 118.96
C TYR EB 50 1.58 42.73 118.85
N VAL EB 51 1.50 41.43 119.09
CA VAL EB 51 0.26 40.67 118.94
C VAL EB 51 -0.05 39.97 120.25
N SER EB 52 -1.25 40.19 120.77
CA SER EB 52 -1.75 39.50 121.95
C SER EB 52 -2.99 38.71 121.60
N VAL EB 53 -2.97 37.41 121.87
CA VAL EB 53 -4.08 36.53 121.54
C VAL EB 53 -4.49 35.76 122.79
N TYR EB 54 -5.80 35.64 123.00
CA TYR EB 54 -6.36 34.84 124.08
C TYR EB 54 -7.50 34.02 123.51
N LYS EB 55 -7.52 32.73 123.85
CA LYS EB 55 -8.53 31.82 123.33
C LYS EB 55 -9.64 31.65 124.37
N ARG EB 56 -10.40 32.73 124.55
CA ARG EB 56 -11.46 32.74 125.54
C ARG EB 56 -12.59 31.80 125.13
N PRO EB 57 -13.15 31.03 126.08
CA PRO EB 57 -14.29 30.18 125.76
C PRO EB 57 -15.53 30.99 125.40
N ALA EB 58 -16.37 30.39 124.57
CA ALA EB 58 -17.64 31.00 124.20
C ALA EB 58 -18.52 31.11 125.45
N PRO EB 59 -19.45 32.06 125.51
CA PRO EB 59 -20.20 32.26 126.75
C PRO EB 59 -21.20 31.13 126.98
N LYS EB 60 -21.21 30.64 128.21
CA LYS EB 60 -22.02 29.49 128.57
C LYS EB 60 -23.51 29.85 128.49
N PRO EB 61 -24.36 28.91 128.07
CA PRO EB 61 -25.81 29.20 128.02
C PRO EB 61 -26.37 29.52 129.40
N GLU EB 62 -27.45 30.30 129.42
CA GLU EB 62 -27.99 30.86 130.64
C GLU EB 62 -28.91 29.87 131.33
N GLY EB 63 -28.85 29.83 132.65
CA GLY EB 63 -29.77 29.05 133.45
C GLY EB 63 -29.41 27.59 133.63
N CYS EB 64 -28.36 27.10 132.97
CA CYS EB 64 -27.96 25.70 133.08
C CYS EB 64 -26.45 25.63 133.29
N ALA EB 65 -26.02 24.89 134.30
CA ALA EB 65 -24.61 24.69 134.58
C ALA EB 65 -24.24 23.25 134.24
N ASP EB 66 -23.56 23.06 133.12
CA ASP EB 66 -23.14 21.73 132.71
C ASP EB 66 -22.10 21.18 133.69
N ALA EB 67 -22.05 19.85 133.76
CA ALA EB 67 -21.10 19.20 134.67
C ALA EB 67 -19.67 19.52 134.30
N CYS EB 68 -19.35 19.48 133.02
CA CYS EB 68 -18.03 19.86 132.52
C CYS EB 68 -18.17 20.86 131.38
N VAL EB 69 -17.20 21.75 131.27
CA VAL EB 69 -17.21 22.76 130.23
C VAL EB 69 -16.90 22.12 128.87
N ILE EB 70 -17.77 22.36 127.89
CA ILE EB 70 -17.61 21.81 126.56
C ILE EB 70 -17.72 22.93 125.54
N MET EB 71 -17.48 24.15 125.98
CA MET EB 71 -17.71 25.31 125.13
C MET EB 71 -16.64 25.40 124.05
N PRO EB 72 -17.03 25.65 122.80
CA PRO EB 72 -16.04 25.78 121.72
C PRO EB 72 -15.41 27.17 121.67
N ASN EB 73 -14.32 27.35 122.43
CA ASN EB 73 -13.64 28.64 122.57
C ASN EB 73 -13.37 29.36 121.24
N GLU EB 74 -13.30 30.68 121.30
CA GLU EB 74 -13.12 31.53 120.14
C GLU EB 74 -11.73 32.13 120.13
N ASN EB 75 -11.48 32.97 119.11
CA ASN EB 75 -10.21 33.66 118.96
C ASN EB 75 -10.40 35.13 119.34
N GLN EB 76 -9.53 35.64 120.20
CA GLN EB 76 -9.61 37.01 120.68
C GLN EB 76 -8.21 37.62 120.62
N SER EB 77 -8.00 38.51 119.66
CA SER EB 77 -6.66 39.01 119.34
C SER EB 77 -6.63 40.54 119.31
N ILE EB 78 -5.54 41.09 119.82
CA ILE EB 78 -5.26 42.53 119.76
C ILE EB 78 -3.88 42.70 119.16
N ARG EB 79 -3.79 43.48 118.08
CA ARG EB 79 -2.56 43.66 117.33
C ARG EB 79 -2.23 45.14 117.25
N THR EB 80 -0.98 45.48 117.56
CA THR EB 80 -0.50 46.86 117.56
C THR EB 80 0.80 46.95 116.79
N VAL EB 81 0.89 47.93 115.90
CA VAL EB 81 2.07 48.17 115.07
C VAL EB 81 2.54 49.60 115.32
N ILE EB 82 3.81 49.75 115.65
CA ILE EB 82 4.42 51.05 115.91
C ILE EB 82 5.57 51.25 114.94
N SER EB 83 5.53 52.35 114.19
CA SER EB 83 6.54 52.66 113.19
C SER EB 83 7.02 54.09 113.40
N GLY EB 84 8.33 54.29 113.39
CA GLY EB 84 8.88 55.62 113.57
C GLY EB 84 10.39 55.57 113.62
N SER EB 85 10.99 56.74 113.48
CA SER EB 85 12.45 56.84 113.51
C SER EB 85 12.96 56.79 114.94
N ALA EB 86 14.10 56.13 115.13
CA ALA EB 86 14.69 56.04 116.46
C ALA EB 86 15.21 57.38 116.95
N GLU EB 87 15.44 58.32 116.03
CA GLU EB 87 15.92 59.64 116.42
C GLU EB 87 14.85 60.42 117.18
N ASN EB 88 13.58 60.19 116.85
CA ASN EB 88 12.45 60.88 117.45
C ASN EB 88 11.71 60.00 118.45
N LEU EB 89 12.44 59.23 119.26
CA LEU EB 89 11.80 58.25 120.13
C LEU EB 89 10.93 58.91 121.19
N ALA EB 90 11.34 60.08 121.69
CA ALA EB 90 10.53 60.77 122.69
C ALA EB 90 9.18 61.18 122.12
N THR EB 91 9.18 61.76 120.92
CA THR EB 91 7.92 62.10 120.27
C THR EB 91 7.10 60.87 119.93
N LEU EB 92 7.77 59.76 119.57
CA LEU EB 92 7.04 58.52 119.31
C LEU EB 92 6.35 58.02 120.58
N LYS EB 93 7.03 58.12 121.72
CA LYS EB 93 6.42 57.72 122.99
C LYS EB 93 5.24 58.64 123.34
N ALA EB 94 5.37 59.94 123.09
CA ALA EB 94 4.25 60.84 123.31
C ALA EB 94 3.07 60.47 122.42
N GLU EB 95 3.34 60.15 121.16
CA GLU EB 95 2.29 59.71 120.25
C GLU EB 95 1.64 58.42 120.74
N TRP EB 96 2.45 57.51 121.29
CA TRP EB 96 1.90 56.27 121.83
C TRP EB 96 0.96 56.54 123.00
N GLU EB 97 1.35 57.46 123.89
CA GLU EB 97 0.49 57.81 125.01
C GLU EB 97 -0.82 58.43 124.53
N THR EB 98 -0.74 59.34 123.56
CA THR EB 98 -1.95 59.96 123.03
C THR EB 98 -2.84 58.93 122.34
N HIS EB 99 -2.24 58.00 121.60
CA HIS EB 99 -3.01 56.95 120.95
C HIS EB 99 -3.68 56.04 121.96
N LYS EB 100 -2.98 55.72 123.06
CA LYS EB 100 -3.60 54.93 124.12
C LYS EB 100 -4.80 55.66 124.70
N ARG EB 101 -4.65 56.96 124.94
CA ARG EB 101 -5.76 57.74 125.49
C ARG EB 101 -6.96 57.75 124.54
N ASN EB 102 -6.71 57.94 123.24
CA ASN EB 102 -7.79 57.97 122.27
C ASN EB 102 -8.48 56.63 122.15
N VAL EB 103 -7.71 55.54 122.10
CA VAL EB 103 -8.31 54.22 121.99
C VAL EB 103 -9.09 53.90 123.26
N ASP EB 104 -8.61 54.37 124.41
CA ASP EB 104 -9.36 54.17 125.65
C ASP EB 104 -10.68 54.92 125.64
N THR EB 105 -10.67 56.17 125.17
CA THR EB 105 -11.90 56.96 125.20
C THR EB 105 -12.90 56.48 124.15
N LEU EB 106 -12.41 55.84 123.09
CA LEU EB 106 -13.35 55.26 122.12
C LEU EB 106 -13.84 53.89 122.56
N PHE EB 107 -12.98 53.10 123.19
CA PHE EB 107 -13.21 51.68 123.43
C PHE EB 107 -13.40 51.35 124.91
N ALA EB 108 -12.44 51.73 125.76
CA ALA EB 108 -12.53 51.37 127.17
C ALA EB 108 -13.71 52.04 127.84
N SER EB 109 -13.95 53.32 127.53
CA SER EB 109 -15.06 54.05 128.11
C SER EB 109 -16.20 54.29 127.12
N GLY EB 110 -16.06 53.83 125.87
CA GLY EB 110 -17.09 54.01 124.87
C GLY EB 110 -17.75 52.70 124.50
N ASN EB 111 -18.51 52.73 123.41
CA ASN EB 111 -19.21 51.55 122.94
C ASN EB 111 -18.69 51.09 121.59
N ALA EB 112 -17.40 51.33 121.33
CA ALA EB 112 -16.82 50.90 120.06
C ALA EB 112 -16.76 49.39 119.95
N GLY EB 113 -16.67 48.70 121.08
CA GLY EB 113 -16.64 47.24 121.05
C GLY EB 113 -17.93 46.65 120.54
N LEU EB 114 -19.07 47.26 120.89
CA LEU EB 114 -20.35 46.76 120.40
C LEU EB 114 -20.58 47.10 118.94
N GLY EB 115 -19.83 48.08 118.41
CA GLY EB 115 -19.93 48.44 117.02
C GLY EB 115 -20.36 49.86 116.74
N PHE EB 116 -20.33 50.74 117.74
CA PHE EB 116 -20.79 52.11 117.54
C PHE EB 116 -19.62 53.09 117.59
N LEU EB 117 -19.51 53.93 116.56
CA LEU EB 117 -18.48 54.96 116.47
C LEU EB 117 -19.13 56.29 116.82
N ASP EB 118 -18.76 56.84 117.97
CA ASP EB 118 -19.35 58.10 118.42
C ASP EB 118 -18.72 59.27 117.68
N PRO EB 119 -19.50 60.08 116.94
CA PRO EB 119 -18.90 61.23 116.26
C PRO EB 119 -18.61 62.41 117.18
N THR EB 120 -19.11 62.40 118.41
CA THR EB 120 -18.87 63.49 119.34
C THR EB 120 -17.87 63.13 120.44
N ALA EB 121 -17.11 62.05 120.27
CA ALA EB 121 -16.14 61.65 121.27
C ALA EB 121 -15.02 62.68 121.39
N ALA EB 122 -14.43 62.77 122.58
CA ALA EB 122 -13.39 63.76 122.87
C ALA EB 122 -12.03 63.16 122.51
N ILE EB 123 -11.56 63.47 121.32
CA ILE EB 123 -10.28 62.98 120.82
C ILE EB 123 -9.27 64.11 120.89
N VAL EB 124 -8.08 63.82 121.39
CA VAL EB 124 -7.05 64.84 121.63
C VAL EB 124 -5.79 64.45 120.87
N SER EB 125 -4.98 65.47 120.55
CA SER EB 125 -3.72 65.28 119.87
C SER EB 125 -2.56 65.25 120.86
N SER EB 126 -1.38 64.90 120.35
CA SER EB 126 -0.18 64.90 121.19
C SER EB 126 0.31 66.30 121.48
N ASP EB 127 0.02 67.27 120.62
CA ASP EB 127 0.46 68.64 120.84
C ASP EB 127 -0.28 69.24 122.03
N THR EB 128 0.44 70.05 122.79
CA THR EB 128 -0.09 70.69 123.98
C THR EB 128 -0.15 72.21 123.79
N THR EB 129 -1.20 72.82 124.34
CA THR EB 129 -1.37 74.25 124.25
C THR EB 129 -0.89 74.94 125.52
N ALA FB 1 -103.64 83.31 -64.60
CA ALA FB 1 -103.78 83.41 -63.15
C ALA FB 1 -102.92 82.37 -62.44
N ASN FB 2 -101.76 82.81 -61.95
CA ASN FB 2 -100.85 81.90 -61.26
C ASN FB 2 -101.40 81.54 -59.89
N LYS FB 3 -101.15 80.31 -59.47
CA LYS FB 3 -101.68 79.83 -58.20
C LYS FB 3 -100.91 80.45 -57.04
N PRO FB 4 -101.58 81.08 -56.09
CA PRO FB 4 -100.89 81.61 -54.91
C PRO FB 4 -100.20 80.50 -54.13
N MET FB 5 -99.07 80.84 -53.52
CA MET FB 5 -98.25 79.91 -52.77
C MET FB 5 -98.08 80.43 -51.35
N GLN FB 6 -98.31 79.56 -50.36
CA GLN FB 6 -98.27 79.99 -48.97
C GLN FB 6 -97.11 79.33 -48.24
N PRO FB 7 -96.55 79.97 -47.22
CA PRO FB 7 -95.33 79.45 -46.60
C PRO FB 7 -95.59 78.21 -45.75
N ILE FB 8 -94.54 77.40 -45.58
CA ILE FB 8 -94.58 76.27 -44.67
C ILE FB 8 -93.59 76.42 -43.52
N THR FB 9 -92.51 77.17 -43.70
CA THR FB 9 -91.55 77.45 -42.64
C THR FB 9 -91.20 78.92 -42.67
N SER FB 10 -91.33 79.58 -41.52
CA SER FB 10 -91.08 81.01 -41.41
C SER FB 10 -90.03 81.25 -40.33
N THR FB 11 -89.01 82.03 -40.67
CA THR FB 11 -87.93 82.37 -39.76
C THR FB 11 -87.40 83.74 -40.16
N ALA FB 12 -86.71 84.39 -39.21
CA ALA FB 12 -86.22 85.74 -39.46
C ALA FB 12 -85.26 85.79 -40.63
N ASN FB 13 -84.50 84.71 -40.85
CA ASN FB 13 -83.49 84.70 -41.90
C ASN FB 13 -83.74 83.63 -42.96
N LYS FB 14 -84.92 83.03 -43.00
CA LYS FB 14 -85.27 82.05 -44.02
C LYS FB 14 -86.77 81.82 -44.02
N ILE FB 15 -87.40 81.98 -45.18
CA ILE FB 15 -88.81 81.68 -45.38
C ILE FB 15 -88.95 80.75 -46.57
N VAL FB 16 -89.69 79.67 -46.40
CA VAL FB 16 -89.88 78.67 -47.44
C VAL FB 16 -91.35 78.62 -47.81
N TRP FB 17 -91.64 78.68 -49.10
CA TRP FB 17 -93.00 78.62 -49.61
C TRP FB 17 -93.22 77.28 -50.31
N SER FB 18 -94.46 76.80 -50.29
CA SER FB 18 -94.81 75.57 -50.97
C SER FB 18 -96.24 75.65 -51.49
N ASP FB 19 -96.46 75.11 -52.69
CA ASP FB 19 -97.79 75.12 -53.27
C ASP FB 19 -98.68 74.11 -52.54
N PRO FB 20 -99.86 74.53 -52.08
CA PRO FB 20 -100.72 73.59 -51.34
C PRO FB 20 -101.12 72.37 -52.16
N THR FB 21 -101.30 72.51 -53.47
CA THR FB 21 -101.64 71.38 -54.31
C THR FB 21 -100.45 70.46 -54.58
N ARG FB 22 -99.24 70.99 -54.64
CA ARG FB 22 -98.04 70.18 -54.82
C ARG FB 22 -96.93 70.68 -53.91
N LEU FB 23 -96.75 70.04 -52.75
CA LEU FB 23 -95.72 70.46 -51.81
C LEU FB 23 -94.32 70.15 -52.33
N SER FB 24 -94.22 69.38 -53.40
CA SER FB 24 -92.92 69.07 -53.98
C SER FB 24 -92.24 70.29 -54.59
N THR FB 25 -93.00 71.28 -55.06
CA THR FB 25 -92.41 72.49 -55.60
C THR FB 25 -92.30 73.54 -54.49
N THR FB 26 -91.10 74.09 -54.32
CA THR FB 26 -90.81 75.02 -53.23
C THR FB 26 -90.06 76.23 -53.76
N PHE FB 27 -90.14 77.33 -53.01
CA PHE FB 27 -89.39 78.54 -53.28
C PHE FB 27 -88.90 79.09 -51.95
N SER FB 28 -87.58 79.14 -51.78
CA SER FB 28 -86.97 79.51 -50.52
C SER FB 28 -86.07 80.72 -50.69
N ALA FB 29 -86.07 81.58 -49.67
CA ALA FB 29 -85.21 82.76 -49.64
C ALA FB 29 -84.43 82.76 -48.34
N SER FB 30 -83.10 82.81 -48.45
CA SER FB 30 -82.22 82.81 -47.29
C SER FB 30 -81.31 84.03 -47.37
N LEU FB 31 -81.21 84.77 -46.28
CA LEU FB 31 -80.43 85.99 -46.23
C LEU FB 31 -79.31 85.89 -45.19
N LEU FB 32 -78.11 86.29 -45.59
CA LEU FB 32 -76.95 86.34 -44.71
C LEU FB 32 -76.42 87.77 -44.69
N ARG FB 33 -76.31 88.35 -43.50
CA ARG FB 33 -75.92 89.73 -43.34
C ARG FB 33 -74.61 89.81 -42.57
N GLN FB 34 -73.64 90.54 -43.13
CA GLN FB 34 -72.32 90.70 -42.52
C GLN FB 34 -71.86 92.14 -42.73
N ARG FB 35 -70.92 92.57 -41.89
CA ARG FB 35 -70.31 93.89 -41.99
C ARG FB 35 -68.96 93.76 -42.67
N VAL FB 36 -68.73 94.58 -43.69
CA VAL FB 36 -67.50 94.55 -44.48
C VAL FB 36 -66.89 95.94 -44.45
N LYS FB 37 -65.59 96.02 -44.16
CA LYS FB 37 -64.87 97.29 -44.08
C LYS FB 37 -64.18 97.55 -45.42
N VAL FB 38 -64.95 98.11 -46.35
CA VAL FB 38 -64.42 98.40 -47.68
C VAL FB 38 -63.63 99.70 -47.68
N GLY FB 39 -64.26 100.78 -47.22
CA GLY FB 39 -63.71 102.12 -47.33
C GLY FB 39 -63.54 102.78 -45.99
N ILE FB 40 -63.04 102.03 -45.01
CA ILE FB 40 -62.90 102.37 -43.60
C ILE FB 40 -64.26 102.83 -43.06
N ALA FB 41 -65.33 102.45 -43.75
CA ALA FB 41 -66.70 102.62 -43.27
C ALA FB 41 -67.37 101.25 -43.35
N GLU FB 42 -68.02 100.85 -42.25
CA GLU FB 42 -68.57 99.50 -42.13
C GLU FB 42 -69.86 99.41 -42.93
N LEU FB 43 -69.72 99.03 -44.19
CA LEU FB 43 -70.88 98.77 -45.03
C LEU FB 43 -71.55 97.47 -44.62
N ASN FB 44 -72.87 97.43 -44.70
CA ASN FB 44 -73.65 96.26 -44.30
C ASN FB 44 -74.02 95.43 -45.54
N ASN FB 45 -73.21 94.40 -45.78
CA ASN FB 45 -73.43 93.53 -46.92
C ASN FB 45 -74.60 92.59 -46.65
N VAL FB 46 -75.39 92.34 -47.70
CA VAL FB 46 -76.51 91.41 -47.65
C VAL FB 46 -76.36 90.41 -48.77
N SER FB 47 -76.40 89.12 -48.44
CA SER FB 47 -76.24 88.04 -49.40
C SER FB 47 -77.50 87.18 -49.35
N GLY FB 48 -78.45 87.47 -50.23
CA GLY FB 48 -79.71 86.74 -50.27
C GLY FB 48 -79.65 85.62 -51.29
N GLN FB 49 -80.06 84.43 -50.85
CA GLN FB 49 -80.09 83.25 -51.70
C GLN FB 49 -81.54 82.88 -51.98
N TYR FB 50 -81.89 82.81 -53.26
CA TYR FB 50 -83.23 82.44 -53.70
C TYR FB 50 -83.13 81.18 -54.53
N VAL FB 51 -83.92 80.16 -54.14
CA VAL FB 51 -83.88 78.86 -54.79
C VAL FB 51 -85.29 78.42 -55.10
N SER FB 52 -85.56 78.11 -56.37
CA SER FB 52 -86.83 77.55 -56.80
C SER FB 52 -86.62 76.13 -57.30
N VAL FB 53 -87.36 75.19 -56.73
CA VAL FB 53 -87.22 73.78 -57.05
C VAL FB 53 -88.57 73.26 -57.53
N TYR FB 54 -88.58 72.63 -58.71
CA TYR FB 54 -89.76 71.98 -59.25
C TYR FB 54 -89.40 70.57 -59.66
N LYS FB 55 -90.13 69.60 -59.11
CA LYS FB 55 -89.95 68.19 -59.45
C LYS FB 55 -90.86 67.87 -60.62
N ARG FB 56 -90.30 67.88 -61.83
CA ARG FB 56 -91.07 67.69 -63.05
C ARG FB 56 -91.06 66.23 -63.46
N PRO FB 57 -92.22 65.61 -63.66
CA PRO FB 57 -92.23 64.23 -64.19
C PRO FB 57 -91.96 64.24 -65.68
N ALA FB 58 -90.89 63.54 -66.08
CA ALA FB 58 -90.49 63.46 -67.49
C ALA FB 58 -90.23 62.03 -67.91
N PRO FB 59 -91.26 61.17 -67.91
CA PRO FB 59 -91.13 59.90 -68.65
C PRO FB 59 -90.98 60.15 -70.14
N LYS FB 60 -91.59 61.22 -70.63
CA LYS FB 60 -91.54 61.69 -72.01
C LYS FB 60 -91.91 60.59 -73.00
N PRO FB 61 -93.12 60.03 -72.92
CA PRO FB 61 -93.56 59.09 -73.97
C PRO FB 61 -94.01 59.85 -75.20
N GLU FB 62 -93.20 59.82 -76.24
CA GLU FB 62 -93.44 60.62 -77.43
C GLU FB 62 -94.64 60.09 -78.21
N GLY FB 63 -95.73 60.83 -78.14
CA GLY FB 63 -96.92 60.53 -78.92
C GLY FB 63 -98.08 59.84 -78.24
N CYS FB 64 -97.83 59.09 -77.17
CA CYS FB 64 -98.91 58.31 -76.57
C CYS FB 64 -98.85 58.42 -75.06
N ALA FB 65 -100.02 58.61 -74.47
CA ALA FB 65 -100.23 58.49 -73.03
C ALA FB 65 -101.54 57.73 -72.81
N ASP FB 66 -101.48 56.70 -71.97
CA ASP FB 66 -102.63 55.80 -71.94
C ASP FB 66 -103.36 55.77 -70.61
N ALA FB 67 -102.67 55.48 -69.50
CA ALA FB 67 -103.34 55.25 -68.23
C ALA FB 67 -102.47 55.77 -67.10
N CYS FB 68 -102.82 55.38 -65.88
CA CYS FB 68 -102.11 55.82 -64.68
C CYS FB 68 -100.80 55.06 -64.57
N VAL FB 69 -99.72 55.65 -65.05
CA VAL FB 69 -98.39 55.08 -64.97
C VAL FB 69 -97.61 55.92 -63.96
N ILE FB 70 -96.71 55.28 -63.21
CA ILE FB 70 -95.89 55.99 -62.25
C ILE FB 70 -95.01 57.01 -62.96
N MET FB 71 -94.97 58.22 -62.42
CA MET FB 71 -94.10 59.25 -62.94
C MET FB 71 -92.74 59.20 -62.24
N PRO FB 72 -91.66 58.91 -62.95
CA PRO FB 72 -90.32 59.16 -62.38
C PRO FB 72 -89.95 60.62 -62.55
N ASN FB 73 -89.42 61.24 -61.50
CA ASN FB 73 -89.27 62.69 -61.47
C ASN FB 73 -87.81 63.09 -61.53
N GLU FB 74 -87.55 64.21 -62.21
CA GLU FB 74 -86.26 64.87 -62.21
C GLU FB 74 -86.42 66.23 -61.54
N ASN FB 75 -85.31 66.77 -61.04
CA ASN FB 75 -85.34 68.02 -60.29
C ASN FB 75 -84.92 69.18 -61.19
N GLN FB 76 -85.81 70.17 -61.29
CA GLN FB 76 -85.51 71.43 -61.97
C GLN FB 76 -85.27 72.49 -60.90
N SER FB 77 -84.05 73.03 -60.87
CA SER FB 77 -83.66 73.98 -59.84
C SER FB 77 -83.10 75.24 -60.47
N ILE FB 78 -83.52 76.39 -59.94
CA ILE FB 78 -82.98 77.69 -60.31
C ILE FB 78 -82.58 78.41 -59.03
N ARG FB 79 -81.30 78.68 -58.88
CA ARG FB 79 -80.74 79.24 -57.66
C ARG FB 79 -80.07 80.56 -57.97
N THR FB 80 -80.42 81.60 -57.21
CA THR FB 80 -79.88 82.93 -57.41
C THR FB 80 -79.37 83.49 -56.10
N VAL FB 81 -78.18 84.08 -56.12
CA VAL FB 81 -77.59 84.74 -54.97
C VAL FB 81 -77.24 86.16 -55.38
N ILE FB 82 -77.61 87.12 -54.53
CA ILE FB 82 -77.34 88.54 -54.77
C ILE FB 82 -76.56 89.07 -53.58
N SER FB 83 -75.38 89.62 -53.86
CA SER FB 83 -74.49 90.15 -52.82
C SER FB 83 -74.20 91.61 -53.13
N GLY FB 84 -74.26 92.46 -52.11
CA GLY FB 84 -73.99 93.86 -52.28
C GLY FB 84 -74.26 94.68 -51.04
N SER FB 85 -73.70 95.88 -50.96
CA SER FB 85 -73.93 96.73 -49.79
C SER FB 85 -75.36 97.24 -49.78
N ALA FB 86 -75.91 97.40 -48.56
CA ALA FB 86 -77.26 97.92 -48.44
C ALA FB 86 -77.34 99.37 -48.88
N GLU FB 87 -76.22 100.08 -48.85
CA GLU FB 87 -76.23 101.50 -49.20
C GLU FB 87 -76.24 101.72 -50.70
N ASN FB 88 -76.05 100.66 -51.49
CA ASN FB 88 -76.04 100.75 -52.94
C ASN FB 88 -77.19 99.93 -53.54
N LEU FB 89 -78.38 100.06 -52.95
CA LEU FB 89 -79.49 99.22 -53.35
C LEU FB 89 -80.01 99.57 -54.74
N ALA FB 90 -80.00 100.86 -55.10
CA ALA FB 90 -80.46 101.25 -56.42
C ALA FB 90 -79.57 100.67 -57.50
N THR FB 91 -78.24 100.78 -57.32
CA THR FB 91 -77.31 100.18 -58.26
C THR FB 91 -77.42 98.67 -58.28
N LEU FB 92 -77.68 98.04 -57.13
CA LEU FB 92 -77.86 96.59 -57.11
C LEU FB 92 -79.10 96.19 -57.89
N LYS FB 93 -80.19 96.97 -57.80
CA LYS FB 93 -81.38 96.69 -58.57
C LYS FB 93 -81.13 96.87 -60.07
N ALA FB 94 -80.36 97.89 -60.44
CA ALA FB 94 -79.98 98.06 -61.84
C ALA FB 94 -79.16 96.87 -62.32
N GLU FB 95 -78.24 96.39 -61.49
CA GLU FB 95 -77.48 95.20 -61.83
C GLU FB 95 -78.39 93.99 -61.99
N TRP FB 96 -79.41 93.87 -61.14
CA TRP FB 96 -80.35 92.77 -61.26
C TRP FB 96 -81.11 92.83 -62.58
N GLU FB 97 -81.54 94.02 -62.98
CA GLU FB 97 -82.23 94.17 -64.26
C GLU FB 97 -81.32 93.79 -65.43
N THR FB 98 -80.08 94.28 -65.40
CA THR FB 98 -79.14 93.95 -66.47
C THR FB 98 -78.84 92.46 -66.50
N HIS FB 99 -78.69 91.84 -65.33
CA HIS FB 99 -78.45 90.40 -65.25
C HIS FB 99 -79.62 89.62 -65.83
N LYS FB 100 -80.85 90.05 -65.50
CA LYS FB 100 -82.03 89.40 -66.08
C LYS FB 100 -82.02 89.51 -67.59
N ARG FB 101 -81.70 90.69 -68.12
CA ARG FB 101 -81.68 90.89 -69.56
C ARG FB 101 -80.63 89.99 -70.23
N ASN FB 102 -79.44 89.91 -69.64
CA ASN FB 102 -78.36 89.11 -70.23
C ASN FB 102 -78.72 87.62 -70.18
N VAL FB 103 -79.23 87.14 -69.04
CA VAL FB 103 -79.60 85.74 -68.95
C VAL FB 103 -80.74 85.43 -69.91
N ASP FB 104 -81.65 86.38 -70.12
CA ASP FB 104 -82.70 86.19 -71.10
C ASP FB 104 -82.12 86.05 -72.50
N THR FB 105 -81.22 86.95 -72.89
CA THR FB 105 -80.71 86.93 -74.26
C THR FB 105 -79.80 85.72 -74.48
N LEU FB 106 -79.31 85.10 -73.41
CA LEU FB 106 -78.55 83.87 -73.56
C LEU FB 106 -79.44 82.62 -73.56
N PHE FB 107 -80.44 82.57 -72.68
CA PHE FB 107 -81.21 81.37 -72.39
C PHE FB 107 -82.57 81.36 -73.07
N ALA FB 108 -83.39 82.39 -72.82
CA ALA FB 108 -84.77 82.37 -73.31
C ALA FB 108 -84.81 82.49 -74.84
N SER FB 109 -84.06 83.44 -75.40
CA SER FB 109 -84.02 83.64 -76.83
C SER FB 109 -82.87 82.91 -77.51
N GLY FB 110 -81.99 82.26 -76.73
CA GLY FB 110 -80.87 81.54 -77.29
C GLY FB 110 -81.05 80.03 -77.17
N ASN FB 111 -79.91 79.33 -77.20
CA ASN FB 111 -79.88 77.88 -77.11
C ASN FB 111 -79.01 77.41 -75.95
N ALA FB 112 -78.91 78.21 -74.89
CA ALA FB 112 -78.04 77.86 -73.77
C ALA FB 112 -78.58 76.68 -72.98
N GLY FB 113 -79.90 76.46 -73.01
CA GLY FB 113 -80.47 75.35 -72.26
C GLY FB 113 -80.08 74.00 -72.83
N LEU FB 114 -79.81 73.95 -74.13
CA LEU FB 114 -79.45 72.70 -74.78
C LEU FB 114 -77.95 72.44 -74.68
N GLY FB 115 -77.22 73.37 -74.06
CA GLY FB 115 -75.78 73.22 -73.94
C GLY FB 115 -75.00 73.89 -75.05
N PHE FB 116 -75.29 75.16 -75.32
CA PHE FB 116 -74.63 75.90 -76.38
C PHE FB 116 -74.26 77.28 -75.88
N LEU FB 117 -73.15 77.80 -76.40
CA LEU FB 117 -72.73 79.17 -76.16
C LEU FB 117 -72.70 79.92 -77.48
N ASP FB 118 -73.25 81.13 -77.50
CA ASP FB 118 -73.29 81.92 -78.71
C ASP FB 118 -72.38 83.12 -78.53
N PRO FB 119 -71.16 83.11 -79.09
CA PRO FB 119 -70.22 84.22 -78.84
C PRO FB 119 -70.68 85.57 -79.37
N THR FB 120 -71.58 85.62 -80.35
CA THR FB 120 -72.01 86.88 -80.92
C THR FB 120 -73.25 87.45 -80.25
N ALA FB 121 -73.72 86.85 -79.16
CA ALA FB 121 -74.89 87.35 -78.46
C ALA FB 121 -74.64 88.75 -77.91
N ALA FB 122 -75.70 89.56 -77.87
CA ALA FB 122 -75.58 90.97 -77.47
C ALA FB 122 -75.70 91.07 -75.95
N ILE FB 123 -74.56 90.99 -75.30
CA ILE FB 123 -74.47 91.17 -73.86
C ILE FB 123 -74.17 92.63 -73.57
N VAL FB 124 -74.91 93.21 -72.62
CA VAL FB 124 -74.82 94.64 -72.34
C VAL FB 124 -74.54 94.84 -70.85
N SER FB 125 -73.96 95.99 -70.54
CA SER FB 125 -73.66 96.36 -69.16
C SER FB 125 -74.78 97.24 -68.59
N SER FB 126 -74.71 97.45 -67.28
CA SER FB 126 -75.71 98.28 -66.62
C SER FB 126 -75.51 99.77 -66.89
N ASP FB 127 -74.29 100.18 -67.22
CA ASP FB 127 -74.02 101.59 -67.49
C ASP FB 127 -74.66 102.01 -68.80
N THR FB 128 -75.03 103.29 -68.88
CA THR FB 128 -75.66 103.86 -70.05
C THR FB 128 -74.73 104.89 -70.69
N THR FB 129 -75.04 105.24 -71.93
CA THR FB 129 -74.26 106.22 -72.67
C THR FB 129 -74.96 107.57 -72.70
N ALA GB 1 -90.83 113.79 -35.50
CA ALA GB 1 -91.14 112.53 -36.16
C ALA GB 1 -89.91 111.65 -36.29
N ASN GB 2 -89.68 110.82 -35.28
CA ASN GB 2 -88.52 109.94 -35.30
C ASN GB 2 -88.68 108.85 -36.35
N LYS GB 3 -87.57 108.41 -36.90
CA LYS GB 3 -87.60 107.37 -37.93
C LYS GB 3 -88.01 106.04 -37.31
N PRO GB 4 -89.00 105.35 -37.87
CA PRO GB 4 -89.40 104.05 -37.31
C PRO GB 4 -88.40 102.96 -37.64
N MET GB 5 -88.45 101.89 -36.84
CA MET GB 5 -87.59 100.73 -37.02
C MET GB 5 -88.42 99.49 -37.28
N GLN GB 6 -87.80 98.50 -37.93
CA GLN GB 6 -88.41 97.22 -38.22
C GLN GB 6 -87.49 96.09 -37.74
N PRO GB 7 -88.05 94.97 -37.30
CA PRO GB 7 -87.20 93.90 -36.75
C PRO GB 7 -86.41 93.18 -37.83
N ILE GB 8 -85.21 92.74 -37.47
CA ILE GB 8 -84.35 91.93 -38.33
C ILE GB 8 -84.37 90.47 -37.91
N THR GB 9 -83.95 90.20 -36.68
CA THR GB 9 -83.94 88.85 -36.12
C THR GB 9 -85.07 88.72 -35.10
N SER GB 10 -85.88 87.69 -35.26
CA SER GB 10 -87.07 87.54 -34.45
C SER GB 10 -87.06 86.20 -33.74
N THR GB 11 -86.74 86.23 -32.45
CA THR GB 11 -86.88 85.09 -31.56
C THR GB 11 -87.60 85.55 -30.31
N ALA GB 12 -88.43 84.67 -29.74
CA ALA GB 12 -89.18 85.04 -28.55
C ALA GB 12 -88.23 85.36 -27.39
N ASN GB 13 -87.03 84.80 -27.41
CA ASN GB 13 -86.02 85.14 -26.42
C ASN GB 13 -85.36 86.49 -26.72
N LYS GB 14 -85.17 86.82 -28.00
CA LYS GB 14 -84.41 88.01 -28.38
C LYS GB 14 -84.90 88.54 -29.71
N ILE GB 15 -85.22 89.84 -29.75
CA ILE GB 15 -85.62 90.53 -30.97
C ILE GB 15 -84.75 91.78 -31.12
N VAL GB 16 -84.28 92.03 -32.33
CA VAL GB 16 -83.45 93.18 -32.64
C VAL GB 16 -84.18 94.05 -33.65
N TRP GB 17 -84.10 95.37 -33.47
CA TRP GB 17 -84.69 96.34 -34.38
C TRP GB 17 -83.58 97.09 -35.11
N SER GB 18 -83.91 97.64 -36.28
CA SER GB 18 -82.94 98.41 -37.03
C SER GB 18 -83.66 99.43 -37.90
N ASP GB 19 -82.93 100.48 -38.26
CA ASP GB 19 -83.45 101.50 -39.16
C ASP GB 19 -83.09 101.15 -40.59
N PRO GB 20 -84.06 101.02 -41.50
CA PRO GB 20 -83.73 100.67 -42.89
C PRO GB 20 -82.76 101.63 -43.54
N THR GB 21 -82.79 102.92 -43.19
CA THR GB 21 -81.87 103.89 -43.77
C THR GB 21 -80.48 103.86 -43.15
N ARG GB 22 -80.34 103.39 -41.91
CA ARG GB 22 -79.04 103.29 -41.25
C ARG GB 22 -79.03 101.96 -40.50
N LEU GB 23 -78.43 100.93 -41.12
CA LEU GB 23 -78.46 99.60 -40.54
C LEU GB 23 -77.58 99.48 -39.30
N SER GB 24 -76.73 100.47 -39.04
CA SER GB 24 -75.85 100.40 -37.87
C SER GB 24 -76.59 100.71 -36.57
N THR GB 25 -77.78 101.30 -36.64
CA THR GB 25 -78.57 101.62 -35.46
C THR GB 25 -79.42 100.42 -35.09
N THR GB 26 -79.19 99.86 -33.91
CA THR GB 26 -79.87 98.66 -33.47
C THR GB 26 -80.47 98.87 -32.08
N PHE GB 27 -81.56 98.16 -31.82
CA PHE GB 27 -82.22 98.14 -30.53
C PHE GB 27 -82.65 96.71 -30.24
N SER GB 28 -82.07 96.10 -29.21
CA SER GB 28 -82.28 94.69 -28.92
C SER GB 28 -82.94 94.53 -27.55
N ALA GB 29 -83.93 93.64 -27.49
CA ALA GB 29 -84.63 93.31 -26.26
C ALA GB 29 -84.54 91.80 -26.05
N SER GB 30 -84.01 91.39 -24.91
CA SER GB 30 -83.85 89.98 -24.57
C SER GB 30 -84.44 89.72 -23.20
N LEU GB 31 -85.30 88.71 -23.12
CA LEU GB 31 -85.95 88.33 -21.87
C LEU GB 31 -85.51 86.92 -21.48
N LEU GB 32 -85.09 86.76 -20.23
CA LEU GB 32 -84.75 85.47 -19.67
C LEU GB 32 -85.63 85.22 -18.45
N ARG GB 33 -86.34 84.09 -18.46
CA ARG GB 33 -87.35 83.79 -17.45
C ARG GB 33 -86.93 82.55 -16.67
N GLN GB 34 -86.99 82.64 -15.35
CA GLN GB 34 -86.64 81.53 -14.47
C GLN GB 34 -87.56 81.55 -13.26
N ARG GB 35 -87.86 80.36 -12.74
CA ARG GB 35 -88.72 80.20 -11.58
C ARG GB 35 -87.87 80.19 -10.32
N VAL GB 36 -87.48 81.39 -9.87
CA VAL GB 36 -86.72 81.52 -8.63
C VAL GB 36 -87.70 81.70 -7.48
N LYS GB 37 -87.98 80.63 -6.74
CA LYS GB 37 -89.00 80.69 -5.71
C LYS GB 37 -88.38 80.93 -4.34
N VAL GB 38 -88.93 81.90 -3.62
CA VAL GB 38 -88.57 82.17 -2.24
C VAL GB 38 -89.33 81.18 -1.36
N GLY GB 39 -88.99 81.12 -0.08
CA GLY GB 39 -89.61 80.18 0.84
C GLY GB 39 -91.12 80.24 0.86
N ILE GB 40 -91.75 79.07 0.84
CA ILE GB 40 -93.20 78.86 0.88
C ILE GB 40 -93.94 79.79 -0.08
N ALA GB 41 -93.31 80.12 -1.20
CA ALA GB 41 -93.94 80.98 -2.20
C ALA GB 41 -93.40 80.59 -3.58
N GLU GB 42 -94.19 80.94 -4.60
CA GLU GB 42 -93.83 80.69 -6.00
C GLU GB 42 -93.72 82.03 -6.71
N LEU GB 43 -92.60 82.25 -7.40
CA LEU GB 43 -92.35 83.51 -8.07
C LEU GB 43 -91.75 83.24 -9.44
N ASN GB 44 -92.23 83.98 -10.45
CA ASN GB 44 -91.68 83.91 -11.80
C ASN GB 44 -90.82 85.14 -12.03
N ASN GB 45 -89.50 84.93 -12.17
CA ASN GB 45 -88.54 86.02 -12.30
C ASN GB 45 -88.21 86.23 -13.76
N VAL GB 46 -88.17 87.49 -14.18
CA VAL GB 46 -87.88 87.87 -15.55
C VAL GB 46 -86.74 88.88 -15.52
N SER GB 47 -85.72 88.65 -16.35
CA SER GB 47 -84.61 89.58 -16.48
C SER GB 47 -84.64 90.18 -17.87
N GLY GB 48 -84.88 91.48 -17.95
CA GLY GB 48 -85.01 92.14 -19.23
C GLY GB 48 -83.80 92.97 -19.62
N GLN GB 49 -83.12 92.57 -20.68
CA GLN GB 49 -81.93 93.26 -21.17
C GLN GB 49 -82.29 94.03 -22.43
N TYR GB 50 -82.08 95.35 -22.40
CA TYR GB 50 -82.39 96.22 -23.53
C TYR GB 50 -81.13 96.99 -23.90
N VAL GB 51 -80.68 96.83 -25.13
CA VAL GB 51 -79.44 97.44 -25.61
C VAL GB 51 -79.75 98.26 -26.85
N SER GB 52 -79.35 99.54 -26.82
CA SER GB 52 -79.47 100.43 -27.96
C SER GB 52 -78.07 100.86 -28.39
N VAL GB 53 -77.77 100.65 -29.68
CA VAL GB 53 -76.44 100.90 -30.22
C VAL GB 53 -76.56 101.88 -31.37
N TYR GB 54 -75.74 102.93 -31.34
CA TYR GB 54 -75.66 103.91 -32.41
C TYR GB 54 -74.20 104.21 -32.68
N LYS GB 55 -73.83 104.22 -33.96
CA LYS GB 55 -72.47 104.53 -34.38
C LYS GB 55 -72.45 105.96 -34.88
N ARG GB 56 -71.92 106.86 -34.05
CA ARG GB 56 -71.95 108.29 -34.33
C ARG GB 56 -70.61 108.76 -34.86
N PRO GB 57 -70.59 109.59 -35.89
CA PRO GB 57 -69.31 110.13 -36.38
C PRO GB 57 -68.65 110.99 -35.32
N ALA GB 58 -67.31 111.02 -35.37
CA ALA GB 58 -66.56 111.84 -34.45
C ALA GB 58 -66.91 113.32 -34.68
N PRO GB 59 -66.71 114.17 -33.68
CA PRO GB 59 -67.04 115.59 -33.87
C PRO GB 59 -66.08 116.29 -34.80
N LYS GB 60 -66.64 117.00 -35.78
CA LYS GB 60 -65.85 117.77 -36.74
C LYS GB 60 -65.21 118.95 -36.03
N PRO GB 61 -64.06 119.43 -36.51
CA PRO GB 61 -63.42 120.60 -35.87
C PRO GB 61 -64.33 121.83 -35.90
N GLU GB 62 -64.27 122.63 -34.83
CA GLU GB 62 -65.21 123.73 -34.68
C GLU GB 62 -65.07 124.77 -35.80
N GLY GB 63 -63.84 125.08 -36.18
CA GLY GB 63 -63.62 126.04 -37.25
C GLY GB 63 -63.58 125.39 -38.61
N CYS GB 64 -64.59 124.59 -38.94
CA CYS GB 64 -64.64 123.86 -40.20
C CYS GB 64 -66.01 124.05 -40.84
N ALA GB 65 -66.01 124.35 -42.15
CA ALA GB 65 -67.22 124.42 -42.94
C ALA GB 65 -67.14 123.59 -44.21
N ASP GB 66 -66.20 122.65 -44.29
CA ASP GB 66 -65.99 121.89 -45.52
C ASP GB 66 -67.22 121.06 -45.84
N ALA GB 67 -67.47 120.86 -47.14
CA ALA GB 67 -68.65 120.15 -47.61
C ALA GB 67 -68.69 118.72 -47.09
N CYS GB 68 -67.69 117.91 -47.43
CA CYS GB 68 -67.68 116.50 -47.07
C CYS GB 68 -66.30 116.08 -46.61
N VAL GB 69 -66.14 115.96 -45.29
CA VAL GB 69 -64.97 115.35 -44.68
C VAL GB 69 -65.47 114.40 -43.60
N ILE GB 70 -65.34 113.11 -43.84
CA ILE GB 70 -65.94 112.10 -42.97
C ILE GB 70 -64.85 111.44 -42.14
N MET GB 71 -65.06 111.36 -40.83
CA MET GB 71 -64.14 110.71 -39.92
C MET GB 71 -64.82 109.52 -39.26
N PRO GB 72 -64.08 108.51 -38.82
CA PRO GB 72 -64.69 107.23 -38.45
C PRO GB 72 -65.62 107.34 -37.25
N ASN GB 73 -66.56 106.39 -37.21
CA ASN GB 73 -67.62 106.38 -36.22
C ASN GB 73 -67.11 105.84 -34.88
N GLU GB 74 -67.75 106.29 -33.81
CA GLU GB 74 -67.49 105.81 -32.46
C GLU GB 74 -68.70 105.03 -31.99
N ASN GB 75 -68.50 104.14 -31.02
CA ASN GB 75 -69.58 103.29 -30.55
C ASN GB 75 -70.27 103.93 -29.35
N GLN GB 76 -71.58 104.18 -29.49
CA GLN GB 76 -72.41 104.68 -28.40
C GLN GB 76 -73.36 103.56 -28.00
N SER GB 77 -73.29 103.12 -26.75
CA SER GB 77 -74.09 102.02 -26.26
C SER GB 77 -74.79 102.41 -24.97
N ILE GB 78 -76.08 102.09 -24.90
CA ILE GB 78 -76.88 102.26 -23.69
C ILE GB 78 -77.55 100.93 -23.39
N ARG GB 79 -77.28 100.38 -22.22
CA ARG GB 79 -77.75 99.04 -21.85
C ARG GB 79 -78.48 99.11 -20.51
N THR GB 80 -79.70 98.61 -20.47
CA THR GB 80 -80.50 98.58 -19.26
C THR GB 80 -80.95 97.15 -18.97
N VAL GB 81 -80.85 96.75 -17.72
CA VAL GB 81 -81.25 95.42 -17.27
C VAL GB 81 -82.26 95.60 -16.13
N ILE GB 82 -83.41 94.96 -16.27
CA ILE GB 82 -84.47 95.00 -15.27
C ILE GB 82 -84.74 93.58 -14.79
N SER GB 83 -84.60 93.34 -13.49
CA SER GB 83 -84.81 92.03 -12.91
C SER GB 83 -85.85 92.14 -11.80
N GLY GB 84 -86.87 91.29 -11.86
CA GLY GB 84 -87.91 91.30 -10.86
C GLY GB 84 -88.99 90.26 -11.11
N SER GB 85 -89.76 89.94 -10.08
CA SER GB 85 -90.84 88.98 -10.22
C SER GB 85 -91.99 89.59 -11.00
N ALA GB 86 -92.71 88.73 -11.74
CA ALA GB 86 -93.85 89.20 -12.52
C ALA GB 86 -94.99 89.65 -11.62
N GLU GB 87 -95.01 89.18 -10.37
CA GLU GB 87 -96.10 89.52 -9.46
C GLU GB 87 -96.05 90.98 -9.04
N ASN GB 88 -94.86 91.59 -9.07
CA ASN GB 88 -94.65 92.95 -8.59
C ASN GB 88 -94.43 93.93 -9.74
N LEU GB 89 -95.15 93.77 -10.85
CA LEU GB 89 -94.87 94.55 -12.05
C LEU GB 89 -95.14 96.04 -11.84
N ALA GB 90 -96.22 96.38 -11.13
CA ALA GB 90 -96.59 97.78 -10.97
C ALA GB 90 -95.54 98.55 -10.17
N THR GB 91 -95.13 97.99 -9.03
CA THR GB 91 -94.10 98.65 -8.24
C THR GB 91 -92.74 98.57 -8.91
N LEU GB 92 -92.50 97.55 -9.73
CA LEU GB 92 -91.28 97.54 -10.53
C LEU GB 92 -91.28 98.68 -11.53
N LYS GB 93 -92.44 98.99 -12.11
CA LYS GB 93 -92.55 100.14 -13.00
C LYS GB 93 -92.33 101.44 -12.24
N ALA GB 94 -92.83 101.52 -11.01
CA ALA GB 94 -92.56 102.69 -10.18
C ALA GB 94 -91.06 102.84 -9.90
N GLU GB 95 -90.39 101.72 -9.61
CA GLU GB 95 -88.94 101.73 -9.45
C GLU GB 95 -88.26 102.19 -10.72
N TRP GB 96 -88.79 101.79 -11.88
CA TRP GB 96 -88.23 102.20 -13.15
C TRP GB 96 -88.35 103.70 -13.35
N GLU GB 97 -89.50 104.28 -12.96
CA GLU GB 97 -89.66 105.72 -13.05
C GLU GB 97 -88.68 106.44 -12.13
N THR GB 98 -88.50 105.93 -10.91
CA THR GB 98 -87.54 106.54 -9.98
C THR GB 98 -86.12 106.45 -10.54
N HIS GB 99 -85.79 105.30 -11.14
CA HIS GB 99 -84.48 105.14 -11.78
C HIS GB 99 -84.30 106.13 -12.92
N LYS GB 100 -85.34 106.33 -13.72
CA LYS GB 100 -85.31 107.37 -14.74
C LYS GB 100 -84.95 108.71 -14.14
N ARG GB 101 -85.66 109.11 -13.08
CA ARG GB 101 -85.44 110.44 -12.51
C ARG GB 101 -84.03 110.58 -11.98
N ASN GB 102 -83.54 109.55 -11.29
CA ASN GB 102 -82.19 109.61 -10.72
C ASN GB 102 -81.12 109.67 -11.81
N VAL GB 103 -81.23 108.81 -12.83
CA VAL GB 103 -80.25 108.83 -13.91
C VAL GB 103 -80.32 110.16 -14.64
N ASP GB 104 -81.51 110.72 -14.80
CA ASP GB 104 -81.64 112.02 -15.44
C ASP GB 104 -80.93 113.10 -14.64
N THR GB 105 -81.14 113.13 -13.32
CA THR GB 105 -80.55 114.20 -12.51
C THR GB 105 -79.04 114.03 -12.40
N LEU GB 106 -78.53 112.82 -12.62
CA LEU GB 106 -77.07 112.64 -12.64
C LEU GB 106 -76.47 112.94 -14.01
N PHE GB 107 -77.15 112.58 -15.09
CA PHE GB 107 -76.58 112.58 -16.43
C PHE GB 107 -77.04 113.78 -17.27
N ALA GB 108 -78.35 113.95 -17.44
CA ALA GB 108 -78.85 114.98 -18.33
C ALA GB 108 -78.60 116.38 -17.77
N SER GB 109 -78.86 116.56 -16.48
CA SER GB 109 -78.66 117.85 -15.83
C SER GB 109 -77.35 117.96 -15.08
N GLY GB 110 -76.51 116.94 -15.12
CA GLY GB 110 -75.24 116.94 -14.43
C GLY GB 110 -74.06 116.84 -15.38
N ASN GB 111 -72.93 116.37 -14.84
CA ASN GB 111 -71.71 116.20 -15.62
C ASN GB 111 -71.20 114.76 -15.58
N ALA GB 112 -72.10 113.81 -15.32
CA ALA GB 112 -71.69 112.41 -15.32
C ALA GB 112 -71.22 111.96 -16.69
N GLY GB 113 -71.79 112.54 -17.75
CA GLY GB 113 -71.32 112.24 -19.10
C GLY GB 113 -69.88 112.65 -19.34
N LEU GB 114 -69.47 113.80 -18.82
CA LEU GB 114 -68.09 114.25 -18.91
C LEU GB 114 -67.19 113.54 -17.89
N GLY GB 115 -67.76 112.97 -16.84
CA GLY GB 115 -66.97 112.22 -15.89
C GLY GB 115 -66.92 112.80 -14.50
N PHE GB 116 -67.85 113.66 -14.13
CA PHE GB 116 -67.86 114.31 -12.83
C PHE GB 116 -69.03 113.78 -12.01
N LEU GB 117 -68.75 113.39 -10.77
CA LEU GB 117 -69.77 112.96 -9.82
C LEU GB 117 -69.99 114.05 -8.79
N ASP GB 118 -71.25 114.39 -8.54
CA ASP GB 118 -71.59 115.42 -7.57
C ASP GB 118 -72.23 114.79 -6.36
N PRO GB 119 -71.53 114.72 -5.21
CA PRO GB 119 -72.16 114.20 -3.99
C PRO GB 119 -73.41 114.94 -3.56
N THR GB 120 -73.67 116.13 -4.09
CA THR GB 120 -74.80 116.96 -3.68
C THR GB 120 -76.01 116.80 -4.58
N ALA GB 121 -76.02 115.79 -5.46
CA ALA GB 121 -77.15 115.58 -6.35
C ALA GB 121 -78.39 115.22 -5.56
N ALA GB 122 -79.56 115.60 -6.10
CA ALA GB 122 -80.84 115.34 -5.44
C ALA GB 122 -81.36 113.98 -5.87
N ILE GB 123 -80.90 112.95 -5.19
CA ILE GB 123 -81.34 111.59 -5.44
C ILE GB 123 -82.51 111.27 -4.54
N VAL GB 124 -83.58 110.70 -5.13
CA VAL GB 124 -84.81 110.45 -4.41
C VAL GB 124 -85.17 108.97 -4.53
N SER GB 125 -85.99 108.51 -3.59
CA SER GB 125 -86.46 107.12 -3.60
C SER GB 125 -87.88 107.05 -4.17
N SER GB 126 -88.33 105.81 -4.41
CA SER GB 126 -89.65 105.61 -4.98
C SER GB 126 -90.76 105.85 -3.98
N ASP GB 127 -90.53 105.57 -2.70
CA ASP GB 127 -91.57 105.76 -1.70
C ASP GB 127 -91.89 107.23 -1.53
N THR GB 128 -93.15 107.52 -1.18
CA THR GB 128 -93.63 108.87 -1.00
C THR GB 128 -93.93 109.14 0.46
N THR GB 129 -93.88 110.41 0.83
CA THR GB 129 -94.12 110.83 2.21
C THR GB 129 -95.62 110.86 2.50
N ALA HB 1 -116.18 86.34 -23.51
CA ALA HB 1 -114.92 86.97 -23.91
C ALA HB 1 -113.74 86.35 -23.17
N ASN HB 2 -113.17 85.29 -23.75
CA ASN HB 2 -112.04 84.63 -23.14
C ASN HB 2 -110.79 85.49 -23.24
N LYS HB 3 -109.89 85.32 -22.28
CA LYS HB 3 -108.67 86.13 -22.24
C LYS HB 3 -107.74 85.73 -23.38
N PRO HB 4 -107.27 86.68 -24.19
CA PRO HB 4 -106.31 86.34 -25.25
C PRO HB 4 -104.96 85.94 -24.66
N MET HB 5 -104.20 85.20 -25.45
CA MET HB 5 -102.91 84.66 -25.05
C MET HB 5 -101.83 85.11 -26.03
N GLN HB 6 -100.61 85.30 -25.53
CA GLN HB 6 -99.47 85.76 -26.31
C GLN HB 6 -98.37 84.70 -26.33
N PRO HB 7 -97.55 84.65 -27.38
CA PRO HB 7 -96.51 83.62 -27.46
C PRO HB 7 -95.29 83.92 -26.60
N ILE HB 8 -94.88 82.96 -25.77
CA ILE HB 8 -93.66 83.11 -24.97
C ILE HB 8 -92.45 82.48 -25.64
N THR HB 9 -92.66 81.47 -26.49
CA THR HB 9 -91.56 80.81 -27.19
C THR HB 9 -91.99 80.56 -28.63
N SER HB 10 -91.30 81.20 -29.57
CA SER HB 10 -91.64 81.11 -30.98
C SER HB 10 -90.48 80.46 -31.73
N THR HB 11 -90.80 79.42 -32.49
CA THR HB 11 -89.82 78.68 -33.28
C THR HB 11 -90.53 78.16 -34.53
N ALA HB 12 -89.74 77.89 -35.58
CA ALA HB 12 -90.30 77.40 -36.82
C ALA HB 12 -90.98 76.05 -36.63
N ASN HB 13 -90.65 75.33 -35.55
CA ASN HB 13 -91.23 74.03 -35.29
C ASN HB 13 -92.07 73.95 -34.02
N LYS HB 14 -92.19 75.05 -33.27
CA LYS HB 14 -92.94 75.02 -32.00
C LYS HB 14 -93.24 76.45 -31.57
N ILE HB 15 -94.49 76.70 -31.20
CA ILE HB 15 -94.91 77.97 -30.64
C ILE HB 15 -95.65 77.69 -29.33
N VAL HB 16 -95.29 78.42 -28.29
CA VAL HB 16 -95.87 78.23 -26.95
C VAL HB 16 -96.54 79.54 -26.55
N TRP HB 17 -97.82 79.46 -26.19
CA TRP HB 17 -98.58 80.61 -25.73
C TRP HB 17 -98.69 80.59 -24.22
N SER HB 18 -99.10 81.74 -23.66
CA SER HB 18 -99.30 81.85 -22.21
C SER HB 18 -100.17 83.05 -21.92
N ASP HB 19 -101.01 82.92 -20.89
CA ASP HB 19 -101.87 84.01 -20.48
C ASP HB 19 -101.09 85.02 -19.64
N PRO HB 20 -101.17 86.31 -19.95
CA PRO HB 20 -100.50 87.31 -19.09
C PRO HB 20 -100.96 87.27 -17.64
N THR HB 21 -102.24 86.98 -17.40
CA THR HB 21 -102.74 86.96 -16.03
C THR HB 21 -102.16 85.79 -15.24
N ARG HB 22 -102.21 84.58 -15.81
CA ARG HB 22 -101.63 83.40 -15.19
C ARG HB 22 -100.59 82.80 -16.13
N LEU HB 23 -99.33 82.80 -15.70
CA LEU HB 23 -98.27 82.35 -16.58
C LEU HB 23 -98.26 80.84 -16.71
N SER HB 24 -98.91 80.15 -15.78
CA SER HB 24 -98.90 78.68 -15.78
C SER HB 24 -99.76 78.11 -16.89
N THR HB 25 -100.80 78.83 -17.30
CA THR HB 25 -101.72 78.36 -18.33
C THR HB 25 -101.08 78.56 -19.69
N THR HB 26 -100.64 77.47 -20.31
CA THR HB 26 -99.93 77.53 -21.58
C THR HB 26 -100.55 76.58 -22.59
N PHE HB 27 -100.42 76.94 -23.86
CA PHE HB 27 -100.87 76.12 -24.99
C PHE HB 27 -99.79 76.13 -26.05
N SER HB 28 -99.29 74.96 -26.41
CA SER HB 28 -98.19 74.85 -27.35
C SER HB 28 -98.56 73.93 -28.51
N ALA HB 29 -98.04 74.27 -29.70
CA ALA HB 29 -98.27 73.49 -30.90
C ALA HB 29 -96.93 73.14 -31.51
N SER HB 30 -96.75 71.87 -31.87
CA SER HB 30 -95.51 71.38 -32.47
C SER HB 30 -95.86 70.59 -33.72
N LEU HB 31 -95.15 70.87 -34.81
CA LEU HB 31 -95.37 70.20 -36.09
C LEU HB 31 -94.10 69.49 -36.53
N LEU HB 32 -94.24 68.24 -36.93
CA LEU HB 32 -93.14 67.45 -37.45
C LEU HB 32 -93.47 67.04 -38.88
N ARG HB 33 -92.57 67.39 -39.82
CA ARG HB 33 -92.81 67.20 -41.24
C ARG HB 33 -91.82 66.18 -41.79
N GLN HB 34 -92.34 65.10 -42.37
CA GLN HB 34 -91.52 64.07 -42.98
C GLN HB 34 -92.15 63.65 -44.30
N ARG HB 35 -91.32 63.11 -45.18
CA ARG HB 35 -91.80 62.50 -46.42
C ARG HB 35 -91.99 61.00 -46.19
N VAL HB 36 -93.15 60.49 -46.57
CA VAL HB 36 -93.50 59.09 -46.37
C VAL HB 36 -93.44 58.37 -47.70
N LYS HB 37 -92.68 57.29 -47.75
CA LYS HB 37 -92.53 56.48 -48.96
C LYS HB 37 -93.67 55.46 -49.01
N VAL HB 38 -94.57 55.66 -49.97
CA VAL HB 38 -95.67 54.74 -50.23
C VAL HB 38 -95.51 54.24 -51.65
N GLY HB 39 -95.99 53.02 -51.90
CA GLY HB 39 -95.88 52.42 -53.21
C GLY HB 39 -96.37 53.33 -54.31
N ILE HB 40 -95.51 53.52 -55.33
CA ILE HB 40 -95.76 54.37 -56.49
C ILE HB 40 -96.36 55.72 -56.09
N ALA HB 41 -95.94 56.26 -54.95
CA ALA HB 41 -96.43 57.54 -54.48
C ALA HB 41 -95.35 58.23 -53.65
N GLU HB 42 -95.30 59.55 -53.72
CA GLU HB 42 -94.39 60.36 -52.92
C GLU HB 42 -95.19 61.48 -52.26
N LEU HB 43 -95.73 61.18 -51.08
CA LEU HB 43 -96.55 62.13 -50.33
C LEU HB 43 -95.98 62.29 -48.92
N ASN HB 44 -96.10 63.50 -48.39
CA ASN HB 44 -95.44 63.89 -47.16
C ASN HB 44 -96.44 64.05 -46.02
N ASN HB 45 -96.10 63.50 -44.86
CA ASN HB 45 -96.98 63.54 -43.70
C ASN HB 45 -96.66 64.76 -42.84
N VAL HB 46 -97.68 65.26 -42.14
CA VAL HB 46 -97.53 66.33 -41.16
C VAL HB 46 -98.17 65.86 -39.87
N SER HB 47 -97.39 65.85 -38.80
CA SER HB 47 -97.85 65.42 -37.48
C SER HB 47 -97.89 66.63 -36.56
N GLY HB 48 -99.05 66.90 -35.96
CA GLY HB 48 -99.20 68.04 -35.09
C GLY HB 48 -99.55 67.65 -33.66
N GLN HB 49 -98.80 68.20 -32.70
CA GLN HB 49 -99.00 67.92 -31.29
C GLN HB 49 -99.44 69.19 -30.59
N TYR HB 50 -100.63 69.16 -29.99
CA TYR HB 50 -101.19 70.30 -29.27
C TYR HB 50 -101.45 69.90 -27.83
N VAL HB 51 -100.91 70.66 -26.89
CA VAL HB 51 -101.09 70.39 -25.47
C VAL HB 51 -101.67 71.62 -24.80
N SER HB 52 -102.56 71.39 -23.84
CA SER HB 52 -103.12 72.46 -23.03
C SER HB 52 -103.03 72.08 -21.56
N VAL HB 53 -102.48 72.99 -20.74
CA VAL HB 53 -102.30 72.74 -19.32
C VAL HB 53 -102.89 73.89 -18.54
N TYR HB 54 -103.55 73.56 -17.43
CA TYR HB 54 -104.05 74.55 -16.48
C TYR HB 54 -103.76 74.04 -15.08
N LYS HB 55 -103.12 74.86 -14.25
CA LYS HB 55 -102.73 74.44 -12.91
C LYS HB 55 -103.76 74.94 -11.90
N ARG HB 56 -104.95 74.35 -12.00
CA ARG HB 56 -106.08 74.79 -11.19
C ARG HB 56 -105.95 74.28 -9.75
N PRO HB 57 -106.35 75.08 -8.76
CA PRO HB 57 -106.25 74.63 -7.37
C PRO HB 57 -107.16 73.45 -7.06
N ALA HB 58 -106.73 72.68 -6.07
CA ALA HB 58 -107.52 71.56 -5.58
C ALA HB 58 -108.82 72.09 -4.97
N PRO HB 59 -109.88 71.29 -4.90
CA PRO HB 59 -111.16 71.85 -4.47
C PRO HB 59 -111.19 72.17 -2.98
N LYS HB 60 -111.78 73.33 -2.67
CA LYS HB 60 -111.77 73.85 -1.31
C LYS HB 60 -112.60 72.95 -0.39
N PRO HB 61 -112.16 72.76 0.86
CA PRO HB 61 -112.97 71.97 1.80
C PRO HB 61 -114.31 72.63 2.09
N GLU HB 62 -115.30 71.81 2.44
CA GLU HB 62 -116.68 72.25 2.53
C GLU HB 62 -116.91 73.06 3.80
N GLY HB 63 -117.62 74.18 3.64
CA GLY HB 63 -118.11 74.95 4.76
C GLY HB 63 -117.10 75.85 5.45
N CYS HB 64 -115.90 76.02 4.91
CA CYS HB 64 -114.87 76.84 5.53
C CYS HB 64 -114.38 77.88 4.55
N ALA HB 65 -114.68 79.15 4.84
CA ALA HB 65 -114.15 80.27 4.07
C ALA HB 65 -112.86 80.75 4.74
N ASP HB 66 -111.73 80.15 4.35
CA ASP HB 66 -110.47 80.50 4.96
C ASP HB 66 -110.08 81.94 4.64
N ALA HB 67 -109.03 82.41 5.32
CA ALA HB 67 -108.60 83.80 5.15
C ALA HB 67 -108.19 84.08 3.71
N CYS HB 68 -107.43 83.17 3.11
CA CYS HB 68 -106.96 83.33 1.74
C CYS HB 68 -106.62 81.97 1.16
N VAL HB 69 -106.51 81.92 -0.17
CA VAL HB 69 -106.30 80.65 -0.86
C VAL HB 69 -104.89 80.13 -0.57
N ILE HB 70 -104.83 78.92 -0.02
CA ILE HB 70 -103.56 78.28 0.31
C ILE HB 70 -103.55 76.87 -0.27
N MET HB 71 -104.40 76.64 -1.26
CA MET HB 71 -104.63 75.29 -1.75
C MET HB 71 -103.45 74.82 -2.61
N PRO HB 72 -103.00 73.57 -2.46
CA PRO HB 72 -101.91 73.07 -3.31
C PRO HB 72 -102.40 72.60 -4.67
N ASN HB 73 -102.46 73.53 -5.62
CA ASN HB 73 -103.00 73.30 -6.96
C ASN HB 73 -102.50 72.03 -7.65
N GLU HB 74 -103.31 71.49 -8.56
CA GLU HB 74 -103.03 70.27 -9.28
C GLU HB 74 -102.78 70.57 -10.76
N ASN HB 75 -102.56 69.51 -11.53
CA ASN HB 75 -102.25 69.65 -12.95
C ASN HB 75 -103.38 69.08 -13.79
N GLN HB 76 -103.92 69.89 -14.70
CA GLN HB 76 -104.90 69.43 -15.68
C GLN HB 76 -104.29 69.62 -17.07
N SER HB 77 -104.08 68.52 -17.79
CA SER HB 77 -103.45 68.54 -19.09
C SER HB 77 -104.24 67.69 -20.07
N ILE HB 78 -104.51 68.25 -21.24
CA ILE HB 78 -105.18 67.55 -22.33
C ILE HB 78 -104.37 67.73 -23.60
N ARG HB 79 -104.14 66.64 -24.32
CA ARG HB 79 -103.18 66.58 -25.41
C ARG HB 79 -103.83 65.93 -26.63
N THR HB 80 -103.49 66.45 -27.81
CA THR HB 80 -104.03 65.94 -29.07
C THR HB 80 -102.93 65.83 -30.11
N VAL HB 81 -102.93 64.72 -30.85
CA VAL HB 81 -101.97 64.48 -31.93
C VAL HB 81 -102.76 64.22 -33.20
N ILE HB 82 -102.49 65.00 -34.24
CA ILE HB 82 -103.14 64.85 -35.54
C ILE HB 82 -102.05 64.51 -36.56
N SER HB 83 -102.22 63.39 -37.25
CA SER HB 83 -101.25 62.90 -38.22
C SER HB 83 -101.96 62.54 -39.51
N GLY HB 84 -101.42 62.98 -40.63
CA GLY HB 84 -101.98 62.66 -41.92
C GLY HB 84 -101.31 63.47 -43.01
N SER HB 85 -101.45 62.99 -44.24
CA SER HB 85 -100.84 63.64 -45.39
C SER HB 85 -101.56 64.95 -45.69
N ALA HB 86 -100.81 65.94 -46.17
CA ALA HB 86 -101.41 67.22 -46.53
C ALA HB 86 -102.26 67.11 -47.78
N GLU HB 87 -102.06 66.06 -48.58
CA GLU HB 87 -102.86 65.86 -49.78
C GLU HB 87 -104.31 65.58 -49.42
N ASN HB 88 -104.54 64.91 -48.29
CA ASN HB 88 -105.87 64.52 -47.84
C ASN HB 88 -106.38 65.40 -46.71
N LEU HB 89 -106.12 66.70 -46.78
CA LEU HB 89 -106.44 67.59 -45.67
C LEU HB 89 -107.95 67.68 -45.42
N ALA HB 90 -108.75 67.64 -46.49
CA ALA HB 90 -110.19 67.70 -46.31
C ALA HB 90 -110.70 66.49 -45.53
N THR HB 91 -110.24 65.30 -45.90
CA THR HB 91 -110.62 64.10 -45.17
C THR HB 91 -110.08 64.12 -43.75
N LEU HB 92 -108.89 64.68 -43.54
CA LEU HB 92 -108.34 64.78 -42.18
C LEU HB 92 -109.19 65.72 -41.33
N LYS HB 93 -109.67 66.81 -41.92
CA LYS HB 93 -110.54 67.72 -41.17
C LYS HB 93 -111.89 67.06 -40.85
N ALA HB 94 -112.42 66.29 -41.79
CA ALA HB 94 -113.65 65.53 -41.51
C ALA HB 94 -113.42 64.53 -40.39
N GLU HB 95 -112.27 63.85 -40.41
CA GLU HB 95 -111.92 62.94 -39.32
C GLU HB 95 -111.80 63.68 -37.99
N TRP HB 96 -111.24 64.88 -38.01
CA TRP HB 96 -111.14 65.67 -36.79
C TRP HB 96 -112.51 66.01 -36.24
N GLU HB 97 -113.44 66.41 -37.12
CA GLU HB 97 -114.79 66.72 -36.68
C GLU HB 97 -115.47 65.49 -36.08
N THR HB 98 -115.33 64.34 -36.74
CA THR HB 98 -115.93 63.11 -36.23
C THR HB 98 -115.31 62.71 -34.88
N HIS HB 99 -113.99 62.87 -34.76
CA HIS HB 99 -113.32 62.55 -33.50
C HIS HB 99 -113.79 63.47 -32.38
N LYS HB 100 -113.95 64.76 -32.68
CA LYS HB 100 -114.48 65.69 -31.69
C LYS HB 100 -115.87 65.27 -31.25
N ARG HB 101 -116.72 64.88 -32.20
CA ARG HB 101 -118.08 64.46 -31.86
C ARG HB 101 -118.05 63.22 -30.97
N ASN HB 102 -117.21 62.24 -31.31
CA ASN HB 102 -117.14 61.02 -30.51
C ASN HB 102 -116.62 61.30 -29.10
N VAL HB 103 -115.57 62.13 -28.98
CA VAL HB 103 -115.03 62.44 -27.67
C VAL HB 103 -116.04 63.23 -26.85
N ASP HB 104 -116.82 64.10 -27.50
CA ASP HB 104 -117.88 64.81 -26.80
C ASP HB 104 -118.95 63.84 -26.30
N THR HB 105 -119.30 62.85 -27.13
CA THR HB 105 -120.30 61.87 -26.72
C THR HB 105 -119.83 61.05 -25.52
N LEU HB 106 -118.57 60.63 -25.53
CA LEU HB 106 -118.07 59.80 -24.44
C LEU HB 106 -117.78 60.62 -23.18
N PHE HB 107 -117.37 61.87 -23.34
CA PHE HB 107 -116.81 62.67 -22.25
C PHE HB 107 -117.64 63.90 -21.92
N ALA HB 108 -117.94 64.75 -22.92
CA ALA HB 108 -118.64 66.00 -22.64
C ALA HB 108 -120.07 65.75 -22.15
N SER HB 109 -120.80 64.89 -22.85
CA SER HB 109 -122.14 64.51 -22.43
C SER HB 109 -122.18 63.16 -21.74
N GLY HB 110 -121.05 62.48 -21.63
CA GLY HB 110 -120.96 61.23 -20.92
C GLY HB 110 -120.20 61.38 -19.62
N ASN HB 111 -119.82 60.23 -19.05
CA ASN HB 111 -119.12 60.23 -17.78
C ASN HB 111 -117.79 59.48 -17.87
N ALA HB 112 -117.06 59.67 -18.97
CA ALA HB 112 -115.73 59.08 -19.07
C ALA HB 112 -114.78 59.71 -18.07
N GLY HB 113 -115.05 60.95 -17.67
CA GLY HB 113 -114.18 61.61 -16.70
C GLY HB 113 -114.19 60.94 -15.34
N LEU HB 114 -115.33 60.41 -14.93
CA LEU HB 114 -115.40 59.71 -13.65
C LEU HB 114 -114.79 58.33 -13.73
N GLY HB 115 -114.61 57.79 -14.93
CA GLY HB 115 -114.02 56.48 -15.11
C GLY HB 115 -114.91 55.45 -15.76
N PHE HB 116 -116.06 55.85 -16.29
CA PHE HB 116 -116.99 54.89 -16.86
C PHE HB 116 -116.92 54.90 -18.38
N LEU HB 117 -116.76 53.72 -18.97
CA LEU HB 117 -116.77 53.54 -20.43
C LEU HB 117 -118.09 52.89 -20.81
N ASP HB 118 -119.04 53.71 -21.24
CA ASP HB 118 -120.36 53.22 -21.61
C ASP HB 118 -120.28 52.48 -22.94
N PRO HB 119 -120.63 51.19 -23.00
CA PRO HB 119 -120.56 50.47 -24.28
C PRO HB 119 -121.79 50.64 -25.16
N THR HB 120 -122.80 51.40 -24.72
CA THR HB 120 -123.97 51.66 -25.53
C THR HB 120 -123.96 53.06 -26.16
N ALA HB 121 -122.84 53.77 -26.08
CA ALA HB 121 -122.77 55.12 -26.61
C ALA HB 121 -122.88 55.12 -28.13
N ALA HB 122 -123.39 56.23 -28.68
CA ALA HB 122 -123.60 56.35 -30.12
C ALA HB 122 -122.34 56.89 -30.76
N ILE HB 123 -121.44 55.99 -31.11
CA ILE HB 123 -120.21 56.34 -31.82
C ILE HB 123 -120.48 56.26 -33.31
N VAL HB 124 -120.03 57.27 -34.06
CA VAL HB 124 -120.31 57.38 -35.47
C VAL HB 124 -119.00 57.55 -36.24
N SER HB 125 -119.01 57.12 -37.51
CA SER HB 125 -117.85 57.23 -38.36
C SER HB 125 -117.93 58.49 -39.22
N SER HB 126 -116.80 58.84 -39.84
CA SER HB 126 -116.75 60.01 -40.68
C SER HB 126 -117.49 59.83 -41.99
N ASP HB 127 -117.62 58.59 -42.47
CA ASP HB 127 -118.34 58.34 -43.70
C ASP HB 127 -119.84 58.61 -43.51
N THR HB 128 -120.47 59.10 -44.56
CA THR HB 128 -121.89 59.43 -44.54
C THR HB 128 -122.68 58.43 -45.38
N THR HB 129 -123.97 58.36 -45.10
CA THR HB 129 -124.86 57.43 -45.82
C THR HB 129 -125.87 58.20 -46.64
N ALA IB 1 -57.05 -133.98 25.34
CA ALA IB 1 -58.12 -133.00 25.17
C ALA IB 1 -57.56 -131.58 25.17
N ASN IB 2 -57.57 -130.96 24.00
CA ASN IB 2 -57.07 -129.60 23.89
C ASN IB 2 -58.01 -128.62 24.58
N LYS IB 3 -57.44 -127.55 25.12
CA LYS IB 3 -58.23 -126.58 25.89
C LYS IB 3 -59.05 -125.71 24.95
N PRO IB 4 -60.36 -125.60 25.16
CA PRO IB 4 -61.14 -124.66 24.36
C PRO IB 4 -60.62 -123.24 24.50
N MET IB 5 -60.68 -122.50 23.41
CA MET IB 5 -60.20 -121.13 23.34
C MET IB 5 -61.33 -120.23 22.89
N GLN IB 6 -61.53 -119.12 23.60
CA GLN IB 6 -62.68 -118.25 23.34
C GLN IB 6 -62.19 -116.88 22.89
N PRO IB 7 -62.83 -116.26 21.90
CA PRO IB 7 -62.29 -115.02 21.34
C PRO IB 7 -62.43 -113.83 22.28
N ILE IB 8 -61.60 -112.82 22.05
CA ILE IB 8 -61.65 -111.59 22.83
C ILE IB 8 -61.97 -110.37 21.96
N THR IB 9 -61.73 -110.43 20.66
CA THR IB 9 -62.10 -109.36 19.75
C THR IB 9 -62.80 -109.97 18.55
N SER IB 10 -63.98 -109.45 18.21
CA SER IB 10 -64.77 -109.97 17.11
C SER IB 10 -65.11 -108.84 16.15
N THR IB 11 -64.81 -109.06 14.88
CA THR IB 11 -65.08 -108.10 13.82
C THR IB 11 -65.25 -108.88 12.52
N ALA IB 12 -65.92 -108.25 11.55
CA ALA IB 12 -66.16 -108.91 10.27
C ALA IB 12 -64.86 -109.15 9.52
N ASN IB 13 -63.81 -108.41 9.85
CA ASN IB 13 -62.53 -108.51 9.15
C ASN IB 13 -61.43 -109.12 9.99
N LYS IB 14 -61.63 -109.33 11.29
CA LYS IB 14 -60.59 -109.86 12.16
C LYS IB 14 -61.22 -110.40 13.43
N ILE IB 15 -60.87 -111.62 13.79
CA ILE IB 15 -61.29 -112.24 15.04
C ILE IB 15 -60.04 -112.80 15.74
N VAL IB 16 -59.90 -112.48 17.02
CA VAL IB 16 -58.73 -112.88 17.81
C VAL IB 16 -59.20 -113.77 18.94
N TRP IB 17 -58.57 -114.94 19.08
CA TRP IB 17 -58.87 -115.88 20.15
C TRP IB 17 -57.73 -115.88 21.16
N SER IB 18 -58.07 -116.12 22.43
CA SER IB 18 -57.07 -116.17 23.49
C SER IB 18 -57.45 -117.23 24.52
N ASP IB 19 -56.44 -117.90 25.06
CA ASP IB 19 -56.67 -118.90 26.10
C ASP IB 19 -57.00 -118.20 27.42
N PRO IB 20 -58.14 -118.51 28.05
CA PRO IB 20 -58.47 -117.84 29.31
C PRO IB 20 -57.43 -118.04 30.40
N THR IB 21 -56.77 -119.21 30.42
CA THR IB 21 -55.72 -119.44 31.40
C THR IB 21 -54.44 -118.66 31.10
N ARG IB 22 -54.07 -118.50 29.83
CA ARG IB 22 -52.91 -117.71 29.45
C ARG IB 22 -53.25 -116.82 28.26
N LEU IB 23 -53.58 -115.56 28.53
CA LEU IB 23 -54.00 -114.64 27.47
C LEU IB 23 -52.84 -114.28 26.54
N SER IB 24 -51.61 -114.61 26.95
CA SER IB 24 -50.46 -114.39 26.07
C SER IB 24 -50.51 -115.27 24.83
N THR IB 25 -51.25 -116.38 24.85
CA THR IB 25 -51.37 -117.25 23.70
C THR IB 25 -52.56 -116.80 22.85
N THR IB 26 -52.29 -116.38 21.62
CA THR IB 26 -53.30 -115.78 20.77
C THR IB 26 -53.34 -116.48 19.42
N PHE IB 27 -54.47 -116.35 18.74
CA PHE IB 27 -54.67 -116.89 17.40
C PHE IB 27 -55.68 -116.00 16.69
N SER IB 28 -55.22 -115.25 15.69
CA SER IB 28 -56.07 -114.29 15.01
C SER IB 28 -56.11 -114.58 13.51
N ALA IB 29 -57.28 -114.36 12.91
CA ALA IB 29 -57.50 -114.56 11.49
C ALA IB 29 -58.09 -113.29 10.91
N SER IB 30 -57.48 -112.79 9.85
CA SER IB 30 -57.93 -111.56 9.18
C SER IB 30 -58.10 -111.84 7.70
N LEU IB 31 -59.24 -111.45 7.15
CA LEU IB 31 -59.54 -111.63 5.74
C LEU IB 31 -59.47 -110.28 5.03
N LEU IB 32 -58.88 -110.28 3.83
CA LEU IB 32 -58.87 -109.12 2.95
C LEU IB 32 -59.38 -109.56 1.59
N ARG IB 33 -60.35 -108.83 1.05
CA ARG IB 33 -61.03 -109.22 -0.17
C ARG IB 33 -60.95 -108.11 -1.21
N GLN IB 34 -60.57 -108.46 -2.42
CA GLN IB 34 -60.51 -107.53 -3.54
C GLN IB 34 -61.13 -108.18 -4.77
N ARG IB 35 -61.32 -107.37 -5.80
CA ARG IB 35 -61.78 -107.85 -7.11
C ARG IB 35 -60.64 -107.72 -8.10
N VAL IB 36 -60.30 -108.81 -8.77
CA VAL IB 36 -59.17 -108.85 -9.70
C VAL IB 36 -59.68 -109.33 -11.05
N LYS IB 37 -59.35 -108.58 -12.11
CA LYS IB 37 -59.80 -108.90 -13.46
C LYS IB 37 -58.73 -109.77 -14.13
N VAL IB 38 -58.79 -111.07 -13.86
CA VAL IB 38 -57.83 -112.00 -14.44
C VAL IB 38 -58.23 -112.37 -15.87
N GLY IB 39 -59.44 -112.88 -16.04
CA GLY IB 39 -59.89 -113.39 -17.32
C GLY IB 39 -61.05 -112.61 -17.88
N ILE IB 40 -60.96 -111.28 -17.81
CA ILE IB 40 -61.99 -110.30 -18.15
C ILE IB 40 -63.27 -110.62 -17.38
N ALA IB 41 -63.11 -111.38 -16.30
CA ALA IB 41 -64.18 -111.65 -15.34
C ALA IB 41 -63.67 -111.29 -13.96
N GLU IB 42 -64.52 -110.62 -13.17
CA GLU IB 42 -64.11 -110.08 -11.87
C GLU IB 42 -64.15 -111.19 -10.83
N LEU IB 43 -63.02 -111.89 -10.70
CA LEU IB 43 -62.89 -112.90 -9.65
C LEU IB 43 -62.68 -112.22 -8.30
N ASN IB 44 -63.21 -112.84 -7.25
CA ASN IB 44 -63.12 -112.29 -5.90
C ASN IB 44 -62.14 -113.12 -5.06
N ASN IB 45 -60.89 -112.66 -5.05
CA ASN IB 45 -59.87 -113.35 -4.28
C ASN IB 45 -59.99 -113.01 -2.80
N VAL IB 46 -59.55 -113.94 -1.95
CA VAL IB 46 -59.56 -113.75 -0.51
C VAL IB 46 -58.15 -114.03 0.00
N SER IB 47 -57.57 -113.06 0.71
CA SER IB 47 -56.23 -113.18 1.26
C SER IB 47 -56.36 -113.34 2.78
N GLY IB 48 -56.50 -114.58 3.23
CA GLY IB 48 -56.65 -114.87 4.64
C GLY IB 48 -55.31 -115.03 5.32
N GLN IB 49 -55.09 -114.22 6.35
CA GLN IB 49 -53.87 -114.27 7.14
C GLN IB 49 -54.22 -114.87 8.50
N TYR IB 50 -53.53 -115.95 8.85
CA TYR IB 50 -53.77 -116.69 10.08
C TYR IB 50 -52.46 -116.78 10.86
N VAL IB 51 -52.39 -116.08 11.99
CA VAL IB 51 -51.18 -116.04 12.81
C VAL IB 51 -51.47 -116.63 14.18
N SER IB 52 -50.57 -117.48 14.66
CA SER IB 52 -50.66 -118.06 15.99
C SER IB 52 -49.39 -117.71 16.76
N VAL IB 53 -49.57 -117.20 17.98
CA VAL IB 53 -48.46 -116.69 18.78
C VAL IB 53 -48.51 -117.36 20.15
N TYR IB 54 -47.37 -117.90 20.58
CA TYR IB 54 -47.21 -118.48 21.90
C TYR IB 54 -45.99 -117.86 22.56
N LYS IB 55 -46.19 -117.31 23.75
CA LYS IB 55 -45.08 -116.74 24.53
C LYS IB 55 -44.60 -117.81 25.49
N ARG IB 56 -43.51 -118.47 25.13
CA ARG IB 56 -43.01 -119.63 25.87
C ARG IB 56 -41.69 -119.29 26.54
N PRO IB 57 -41.52 -119.60 27.82
CA PRO IB 57 -40.25 -119.32 28.49
C PRO IB 57 -39.23 -120.43 28.30
N ALA IB 58 -38.00 -120.04 27.96
CA ALA IB 58 -36.91 -120.98 27.74
C ALA IB 58 -35.66 -120.56 28.50
N PRO IB 59 -35.70 -120.53 29.84
CA PRO IB 59 -34.43 -120.50 30.58
C PRO IB 59 -33.62 -121.76 30.33
N LYS IB 60 -34.30 -122.88 30.13
CA LYS IB 60 -33.76 -124.18 29.76
C LYS IB 60 -32.63 -124.62 30.70
N PRO IB 61 -32.91 -124.80 32.00
CA PRO IB 61 -31.90 -125.41 32.88
C PRO IB 61 -31.94 -126.92 32.74
N GLU IB 62 -30.88 -127.48 32.16
CA GLU IB 62 -30.87 -128.89 31.79
C GLU IB 62 -30.78 -129.76 33.05
N GLY IB 63 -31.93 -130.26 33.46
CA GLY IB 63 -32.03 -131.18 34.60
C GLY IB 63 -31.91 -130.56 35.98
N CYS IB 64 -31.93 -129.23 36.06
CA CYS IB 64 -31.69 -128.57 37.35
C CYS IB 64 -32.80 -127.56 37.59
N ALA IB 65 -33.77 -127.96 38.41
CA ALA IB 65 -34.86 -127.09 38.82
C ALA IB 65 -35.19 -127.36 40.28
N ASP IB 66 -35.16 -126.31 41.09
CA ASP IB 66 -35.41 -126.44 42.52
C ASP IB 66 -36.59 -125.58 42.98
N ALA IB 67 -36.72 -124.36 42.48
CA ALA IB 67 -37.82 -123.48 42.84
C ALA IB 67 -38.15 -122.63 41.62
N CYS IB 68 -39.21 -121.82 41.72
CA CYS IB 68 -39.63 -121.00 40.59
C CYS IB 68 -39.00 -119.62 40.69
N VAL IB 69 -38.15 -119.30 39.72
CA VAL IB 69 -37.61 -117.96 39.51
C VAL IB 69 -38.35 -117.41 38.29
N ILE IB 70 -38.41 -116.08 38.17
CA ILE IB 70 -39.14 -115.46 37.06
C ILE IB 70 -38.69 -116.01 35.72
N MET IB 71 -39.66 -116.46 34.93
CA MET IB 71 -39.39 -116.93 33.58
C MET IB 71 -39.13 -115.75 32.64
N PRO IB 72 -38.00 -115.72 31.94
CA PRO IB 72 -37.88 -114.84 30.77
C PRO IB 72 -38.53 -115.49 29.56
N ASN IB 73 -39.21 -114.70 28.73
CA ASN IB 73 -40.06 -115.23 27.68
C ASN IB 73 -39.49 -114.96 26.30
N GLU IB 74 -39.71 -115.90 25.39
CA GLU IB 74 -39.48 -115.72 23.96
C GLU IB 74 -40.79 -115.96 23.23
N ASN IB 75 -40.91 -115.39 22.03
CA ASN IB 75 -42.14 -115.46 21.26
C ASN IB 75 -41.98 -116.49 20.15
N GLN IB 76 -42.96 -117.39 20.03
CA GLN IB 76 -43.02 -118.35 18.94
C GLN IB 76 -44.20 -117.96 18.05
N SER IB 77 -43.91 -117.71 16.77
CA SER IB 77 -44.92 -117.22 15.84
C SER IB 77 -45.02 -118.13 14.63
N ILE IB 78 -46.26 -118.44 14.24
CA ILE IB 78 -46.56 -119.21 13.04
C ILE IB 78 -47.70 -118.52 12.33
N ARG IB 79 -47.42 -117.87 11.20
CA ARG IB 79 -48.44 -117.16 10.44
C ARG IB 79 -48.53 -117.77 9.04
N THR IB 80 -49.74 -117.87 8.52
CA THR IB 80 -50.01 -118.44 7.21
C THR IB 80 -50.91 -117.51 6.42
N VAL IB 81 -50.57 -117.30 5.16
CA VAL IB 81 -51.35 -116.46 4.26
C VAL IB 81 -51.81 -117.30 3.10
N ILE IB 82 -53.11 -117.36 2.88
CA ILE IB 82 -53.72 -118.12 1.78
C ILE IB 82 -54.44 -117.13 0.88
N SER IB 83 -54.05 -117.10 -0.39
CA SER IB 83 -54.59 -116.15 -1.36
C SER IB 83 -55.05 -116.91 -2.58
N GLY IB 84 -56.27 -116.62 -3.04
CA GLY IB 84 -56.81 -117.25 -4.23
C GLY IB 84 -58.25 -116.88 -4.49
N SER IB 85 -58.71 -117.07 -5.71
CA SER IB 85 -60.09 -116.75 -6.07
C SER IB 85 -61.06 -117.67 -5.33
N ALA IB 86 -62.21 -117.12 -4.96
CA ALA IB 86 -63.20 -117.90 -4.23
C ALA IB 86 -63.85 -118.95 -5.13
N GLU IB 87 -63.79 -118.76 -6.44
CA GLU IB 87 -64.42 -119.69 -7.36
C GLU IB 87 -63.61 -120.97 -7.51
N ASN IB 88 -62.39 -121.01 -6.98
CA ASN IB 88 -61.52 -122.17 -7.02
C ASN IB 88 -61.23 -122.67 -5.61
N LEU IB 89 -62.27 -122.76 -4.78
CA LEU IB 89 -62.07 -123.10 -3.38
C LEU IB 89 -61.60 -124.55 -3.21
N ALA IB 90 -62.13 -125.47 -4.01
CA ALA IB 90 -61.70 -126.86 -3.92
C ALA IB 90 -60.23 -127.01 -4.28
N THR IB 91 -59.81 -126.33 -5.36
CA THR IB 91 -58.41 -126.30 -5.72
C THR IB 91 -57.54 -125.67 -4.63
N LEU IB 92 -58.01 -124.60 -4.01
CA LEU IB 92 -57.24 -123.97 -2.95
C LEU IB 92 -57.10 -124.90 -1.75
N LYS IB 93 -58.16 -125.67 -1.45
CA LYS IB 93 -58.07 -126.63 -0.35
C LYS IB 93 -57.09 -127.76 -0.67
N ALA IB 94 -57.09 -128.22 -1.92
CA ALA IB 94 -56.09 -129.21 -2.33
C ALA IB 94 -54.68 -128.65 -2.22
N GLU IB 95 -54.50 -127.40 -2.61
CA GLU IB 95 -53.20 -126.74 -2.47
C GLU IB 95 -52.80 -126.65 -1.00
N TRP IB 96 -53.77 -126.37 -0.12
CA TRP IB 96 -53.48 -126.32 1.31
C TRP IB 96 -53.02 -127.68 1.82
N GLU IB 97 -53.69 -128.74 1.39
CA GLU IB 97 -53.28 -130.08 1.81
C GLU IB 97 -51.86 -130.41 1.33
N THR IB 98 -51.57 -130.09 0.07
CA THR IB 98 -50.23 -130.34 -0.46
C THR IB 98 -49.18 -129.51 0.28
N HIS IB 99 -49.51 -128.25 0.60
CA HIS IB 99 -48.59 -127.40 1.34
C HIS IB 99 -48.33 -127.95 2.73
N LYS IB 100 -49.37 -128.44 3.40
CA LYS IB 100 -49.18 -129.06 4.71
C LYS IB 100 -48.27 -130.26 4.60
N ARG IB 101 -48.49 -131.11 3.58
CA ARG IB 101 -47.65 -132.29 3.41
C ARG IB 101 -46.19 -131.91 3.18
N ASN IB 102 -45.95 -130.93 2.31
CA ASN IB 102 -44.58 -130.54 1.99
C ASN IB 102 -43.87 -129.91 3.20
N VAL IB 103 -44.58 -129.02 3.91
CA VAL IB 103 -43.97 -128.39 5.08
C VAL IB 103 -43.72 -129.41 6.17
N ASP IB 104 -44.62 -130.40 6.31
CA ASP IB 104 -44.38 -131.47 7.26
C ASP IB 104 -43.14 -132.27 6.89
N THR IB 105 -42.99 -132.58 5.60
CA THR IB 105 -41.83 -133.34 5.15
C THR IB 105 -40.54 -132.59 5.43
N LEU IB 106 -40.52 -131.29 5.18
CA LEU IB 106 -39.31 -130.50 5.41
C LEU IB 106 -39.04 -130.27 6.90
N PHE IB 107 -40.08 -130.03 7.69
CA PHE IB 107 -39.92 -129.50 9.04
C PHE IB 107 -40.17 -130.55 10.12
N ALA IB 108 -41.33 -131.20 10.10
CA ALA IB 108 -41.70 -132.11 11.18
C ALA IB 108 -40.81 -133.34 11.19
N SER IB 109 -40.59 -133.94 10.03
CA SER IB 109 -39.74 -135.13 9.93
C SER IB 109 -38.32 -134.81 9.52
N GLY IB 110 -38.00 -133.54 9.23
CA GLY IB 110 -36.67 -133.15 8.83
C GLY IB 110 -35.96 -132.36 9.91
N ASN IB 111 -34.94 -131.60 9.49
CA ASN IB 111 -34.15 -130.78 10.38
C ASN IB 111 -34.23 -129.30 10.00
N ALA IB 112 -35.29 -128.90 9.29
CA ALA IB 112 -35.42 -127.51 8.89
C ALA IB 112 -35.61 -126.58 10.09
N GLY IB 113 -36.12 -127.12 11.19
CA GLY IB 113 -36.32 -126.27 12.37
C GLY IB 113 -35.03 -125.90 13.06
N LEU IB 114 -33.95 -126.61 12.76
CA LEU IB 114 -32.65 -126.31 13.34
C LEU IB 114 -31.80 -125.50 12.39
N GLY IB 115 -32.38 -125.08 11.27
CA GLY IB 115 -31.64 -124.33 10.28
C GLY IB 115 -30.88 -125.18 9.29
N PHE IB 116 -31.56 -126.18 8.71
CA PHE IB 116 -30.96 -127.08 7.74
C PHE IB 116 -31.85 -127.22 6.53
N LEU IB 117 -31.25 -127.46 5.38
CA LEU IB 117 -31.96 -127.74 4.14
C LEU IB 117 -31.55 -129.11 3.63
N ASP IB 118 -32.52 -129.91 3.20
CA ASP IB 118 -32.24 -131.21 2.64
C ASP IB 118 -32.62 -131.20 1.16
N PRO IB 119 -31.66 -131.05 0.24
CA PRO IB 119 -32.00 -131.05 -1.20
C PRO IB 119 -32.57 -132.37 -1.70
N THR IB 120 -32.47 -133.44 -0.92
CA THR IB 120 -33.00 -134.74 -1.32
C THR IB 120 -34.37 -135.01 -0.74
N ALA IB 121 -35.01 -134.03 -0.11
CA ALA IB 121 -36.34 -134.23 0.43
C ALA IB 121 -37.34 -134.46 -0.69
N ALA IB 122 -38.21 -135.45 -0.49
CA ALA IB 122 -39.18 -135.86 -1.53
C ALA IB 122 -40.49 -135.13 -1.28
N ILE IB 123 -40.65 -133.99 -1.95
CA ILE IB 123 -41.88 -133.21 -1.87
C ILE IB 123 -42.62 -133.32 -3.19
N VAL IB 124 -43.95 -133.40 -3.10
CA VAL IB 124 -44.80 -133.68 -4.26
C VAL IB 124 -45.75 -132.51 -4.49
N SER IB 125 -46.25 -132.42 -5.71
CA SER IB 125 -47.19 -131.37 -6.08
C SER IB 125 -48.62 -131.82 -5.82
N SER IB 126 -49.56 -130.89 -6.07
CA SER IB 126 -50.97 -131.19 -5.88
C SER IB 126 -51.53 -132.08 -6.98
N ASP IB 127 -50.99 -131.99 -8.20
CA ASP IB 127 -51.50 -132.79 -9.30
C ASP IB 127 -51.16 -134.25 -9.09
N THR IB 128 -52.03 -135.12 -9.61
CA THR IB 128 -51.87 -136.56 -9.49
C THR IB 128 -51.56 -137.17 -10.85
N THR IB 129 -50.90 -138.32 -10.81
CA THR IB 129 -50.55 -139.05 -12.02
C THR IB 129 -51.70 -139.92 -12.50
N ALA JB 1 -87.42 -121.68 -4.29
CA ALA JB 1 -86.54 -121.54 -3.14
C ALA JB 1 -85.36 -120.64 -3.47
N ASN JB 2 -85.44 -119.39 -3.04
CA ASN JB 2 -84.36 -118.44 -3.30
C ASN JB 2 -83.13 -118.78 -2.47
N LYS JB 3 -81.96 -118.52 -3.04
CA LYS JB 3 -80.71 -118.84 -2.36
C LYS JB 3 -80.45 -117.84 -1.23
N PRO JB 4 -80.17 -118.31 -0.01
CA PRO JB 4 -79.96 -117.39 1.10
C PRO JB 4 -78.64 -116.65 1.00
N MET JB 5 -78.57 -115.55 1.74
CA MET JB 5 -77.34 -114.77 1.89
C MET JB 5 -76.86 -114.81 3.34
N GLN JB 6 -75.57 -114.57 3.52
CA GLN JB 6 -74.97 -114.42 4.83
C GLN JB 6 -74.21 -113.11 4.90
N PRO JB 7 -74.13 -112.48 6.08
CA PRO JB 7 -73.39 -111.21 6.18
C PRO JB 7 -71.90 -111.43 5.98
N ILE JB 8 -71.25 -110.46 5.33
CA ILE JB 8 -69.82 -110.52 5.05
C ILE JB 8 -69.09 -109.38 5.76
N THR JB 9 -69.64 -108.17 5.72
CA THR JB 9 -69.14 -107.06 6.50
C THR JB 9 -70.25 -106.54 7.40
N SER JB 10 -69.96 -106.47 8.70
CA SER JB 10 -71.00 -106.21 9.69
C SER JB 10 -70.64 -105.03 10.55
N THR JB 11 -71.42 -103.96 10.44
CA THR JB 11 -71.38 -102.83 11.35
C THR JB 11 -72.81 -102.41 11.65
N ALA JB 12 -73.04 -101.95 12.87
CA ALA JB 12 -74.40 -101.54 13.25
C ALA JB 12 -74.89 -100.39 12.37
N ASN JB 13 -73.96 -99.60 11.83
CA ASN JB 13 -74.34 -98.58 10.87
C ASN JB 13 -74.61 -99.14 9.49
N LYS JB 14 -73.95 -100.24 9.11
CA LYS JB 14 -74.04 -100.77 7.76
C LYS JB 14 -73.72 -102.26 7.76
N ILE JB 15 -74.64 -103.06 7.24
CA ILE JB 15 -74.45 -104.50 7.05
C ILE JB 15 -74.71 -104.84 5.60
N VAL JB 16 -73.79 -105.61 5.00
CA VAL JB 16 -73.90 -106.02 3.62
C VAL JB 16 -74.01 -107.55 3.56
N TRP JB 17 -74.98 -108.04 2.81
CA TRP JB 17 -75.20 -109.46 2.61
C TRP JB 17 -74.64 -109.89 1.27
N SER JB 18 -74.22 -111.15 1.18
CA SER JB 18 -73.63 -111.66 -0.05
C SER JB 18 -73.95 -113.14 -0.20
N ASP JB 19 -74.07 -113.57 -1.45
CA ASP JB 19 -74.33 -114.97 -1.75
C ASP JB 19 -73.02 -115.74 -1.76
N PRO JB 20 -72.89 -116.81 -0.97
CA PRO JB 20 -71.63 -117.57 -0.97
C PRO JB 20 -71.26 -118.13 -2.33
N THR JB 21 -72.23 -118.42 -3.20
CA THR JB 21 -71.96 -118.98 -4.51
C THR JB 21 -71.69 -117.93 -5.57
N ARG JB 22 -72.27 -116.74 -5.44
CA ARG JB 22 -72.01 -115.65 -6.39
C ARG JB 22 -71.74 -114.39 -5.57
N LEU JB 23 -70.46 -114.11 -5.34
CA LEU JB 23 -70.09 -112.99 -4.48
C LEU JB 23 -70.39 -111.64 -5.12
N SER JB 24 -70.68 -111.60 -6.41
CA SER JB 24 -71.02 -110.34 -7.06
C SER JB 24 -72.42 -109.84 -6.67
N THR JB 25 -73.24 -110.70 -6.07
CA THR JB 25 -74.58 -110.33 -5.63
C THR JB 25 -74.50 -109.83 -4.19
N THR JB 26 -74.93 -108.60 -3.96
CA THR JB 26 -74.84 -107.97 -2.65
C THR JB 26 -76.16 -107.28 -2.29
N PHE JB 27 -76.39 -107.15 -0.99
CA PHE JB 27 -77.52 -106.40 -0.46
C PHE JB 27 -77.04 -105.63 0.75
N SER JB 28 -77.15 -104.30 0.69
CA SER JB 28 -76.60 -103.42 1.71
C SER JB 28 -77.72 -102.63 2.38
N ALA JB 29 -77.61 -102.48 3.70
CA ALA JB 29 -78.54 -101.68 4.48
C ALA JB 29 -77.75 -100.76 5.39
N SER JB 30 -78.01 -99.47 5.31
CA SER JB 30 -77.34 -98.47 6.13
C SER JB 30 -78.38 -97.55 6.73
N LEU JB 31 -78.33 -97.35 8.04
CA LEU JB 31 -79.25 -96.46 8.75
C LEU JB 31 -78.48 -95.31 9.35
N LEU JB 32 -78.90 -94.09 9.04
CA LEU JB 32 -78.35 -92.88 9.64
C LEU JB 32 -79.44 -92.20 10.46
N ARG JB 33 -79.19 -92.02 11.75
CA ARG JB 33 -80.17 -91.49 12.67
C ARG JB 33 -79.71 -90.14 13.20
N GLN JB 34 -80.63 -89.17 13.18
CA GLN JB 34 -80.35 -87.82 13.66
C GLN JB 34 -81.59 -87.28 14.36
N ARG JB 35 -81.36 -86.46 15.39
CA ARG JB 35 -82.45 -85.88 16.17
C ARG JB 35 -82.83 -84.55 15.55
N VAL JB 36 -83.62 -84.62 14.48
CA VAL JB 36 -84.13 -83.43 13.81
C VAL JB 36 -85.47 -83.06 14.45
N LYS JB 37 -85.45 -82.08 15.34
CA LYS JB 37 -86.65 -81.74 16.09
C LYS JB 37 -87.37 -80.55 15.47
N VAL JB 38 -88.68 -80.70 15.27
CA VAL JB 38 -89.55 -79.61 14.86
C VAL JB 38 -89.88 -78.78 16.09
N GLY JB 39 -90.49 -77.62 15.89
CA GLY JB 39 -90.80 -76.71 16.98
C GLY JB 39 -91.60 -77.36 18.10
N ILE JB 40 -91.19 -77.08 19.35
CA ILE JB 40 -91.81 -77.55 20.59
C ILE JB 40 -92.11 -79.04 20.54
N ALA JB 41 -91.28 -79.81 19.84
CA ALA JB 41 -91.45 -81.24 19.75
C ALA JB 41 -90.09 -81.90 19.57
N GLU JB 42 -90.03 -83.18 19.92
CA GLU JB 42 -88.82 -83.99 19.77
C GLU JB 42 -89.13 -85.15 18.83
N LEU JB 43 -88.30 -85.31 17.80
CA LEU JB 43 -88.52 -86.34 16.79
C LEU JB 43 -87.18 -86.98 16.44
N ASN JB 44 -87.17 -88.30 16.34
CA ASN JB 44 -85.99 -89.07 15.95
C ASN JB 44 -86.16 -89.50 14.50
N ASN JB 45 -85.26 -89.03 13.64
CA ASN JB 45 -85.32 -89.31 12.21
C ASN JB 45 -84.36 -90.44 11.87
N VAL JB 46 -84.85 -91.42 11.10
CA VAL JB 46 -84.07 -92.57 10.70
C VAL JB 46 -84.16 -92.65 9.18
N SER JB 47 -83.04 -92.41 8.50
CA SER JB 47 -82.97 -92.52 7.05
C SER JB 47 -82.33 -93.85 6.69
N GLY JB 48 -83.05 -94.66 5.91
CA GLY JB 48 -82.56 -95.98 5.57
C GLY JB 48 -82.26 -96.16 4.10
N GLN JB 49 -81.02 -96.51 3.79
CA GLN JB 49 -80.58 -96.71 2.42
C GLN JB 49 -80.38 -98.21 2.19
N TYR JB 50 -81.06 -98.75 1.19
CA TYR JB 50 -80.99 -100.17 0.85
C TYR JB 50 -80.57 -100.30 -0.60
N VAL JB 51 -79.50 -101.05 -0.85
CA VAL JB 51 -78.91 -101.19 -2.17
C VAL JB 51 -78.82 -102.66 -2.52
N SER JB 52 -79.31 -103.02 -3.70
CA SER JB 52 -79.19 -104.37 -4.24
C SER JB 52 -78.39 -104.32 -5.54
N VAL JB 53 -77.37 -105.17 -5.63
CA VAL JB 53 -76.47 -105.19 -6.78
C VAL JB 53 -76.42 -106.61 -7.32
N TYR JB 54 -76.61 -106.73 -8.64
CA TYR JB 54 -76.47 -108.00 -9.34
C TYR JB 54 -75.80 -107.74 -10.68
N LYS JB 55 -74.77 -108.52 -10.98
CA LYS JB 55 -74.04 -108.39 -12.23
C LYS JB 55 -74.52 -109.47 -13.18
N ARG JB 56 -75.43 -109.10 -14.08
CA ARG JB 56 -76.07 -110.01 -15.02
C ARG JB 56 -75.32 -110.02 -16.34
N PRO JB 57 -75.06 -111.19 -16.91
CA PRO JB 57 -74.40 -111.24 -18.21
C PRO JB 57 -75.25 -110.61 -19.30
N ALA JB 58 -74.57 -110.06 -20.30
CA ALA JB 58 -75.26 -109.45 -21.43
C ALA JB 58 -76.08 -110.50 -22.16
N PRO JB 59 -77.22 -110.12 -22.73
CA PRO JB 59 -78.10 -111.12 -23.37
C PRO JB 59 -77.46 -111.76 -24.59
N LYS JB 60 -77.47 -113.09 -24.63
CA LYS JB 60 -76.92 -113.85 -25.74
C LYS JB 60 -77.80 -113.64 -26.96
N PRO JB 61 -77.24 -113.76 -28.18
CA PRO JB 61 -78.06 -113.63 -29.39
C PRO JB 61 -79.20 -114.64 -29.43
N GLU JB 62 -80.35 -114.21 -29.95
CA GLU JB 62 -81.56 -115.02 -29.84
C GLU JB 62 -81.42 -116.37 -30.55
N GLY JB 63 -80.83 -116.37 -31.74
CA GLY JB 63 -80.65 -117.61 -32.46
C GLY JB 63 -79.31 -118.26 -32.19
N CYS JB 64 -79.01 -118.53 -30.92
CA CYS JB 64 -77.73 -119.12 -30.54
C CYS JB 64 -77.98 -120.31 -29.64
N ALA JB 65 -77.34 -121.43 -29.97
CA ALA JB 65 -77.41 -122.63 -29.15
C ALA JB 65 -76.05 -123.12 -28.69
N ASP JB 66 -75.01 -122.29 -28.80
CA ASP JB 66 -73.68 -122.70 -28.39
C ASP JB 66 -73.65 -122.93 -26.88
N ALA JB 67 -72.92 -123.98 -26.47
CA ALA JB 67 -72.91 -124.40 -25.08
C ALA JB 67 -72.33 -123.33 -24.16
N CYS JB 68 -71.13 -122.84 -24.47
CA CYS JB 68 -70.43 -121.91 -23.59
C CYS JB 68 -69.83 -120.76 -24.39
N VAL JB 69 -70.56 -119.65 -24.46
CA VAL JB 69 -70.04 -118.38 -24.96
C VAL JB 69 -70.49 -117.30 -23.99
N ILE JB 70 -69.55 -116.74 -23.24
CA ILE JB 70 -69.85 -115.83 -22.15
C ILE JB 70 -69.46 -114.41 -22.56
N MET JB 71 -70.36 -113.46 -22.31
CA MET JB 71 -70.10 -112.05 -22.56
C MET JB 71 -70.03 -111.30 -21.23
N PRO JB 72 -69.35 -110.16 -21.17
CA PRO JB 72 -69.10 -109.50 -19.88
C PRO JB 72 -70.39 -109.03 -19.22
N ASN JB 73 -70.32 -108.92 -17.90
CA ASN JB 73 -71.48 -108.62 -17.07
C ASN JB 73 -71.82 -107.13 -17.13
N GLU JB 74 -73.08 -106.83 -16.81
CA GLU JB 74 -73.56 -105.46 -16.73
C GLU JB 74 -74.02 -105.20 -15.30
N ASN JB 75 -74.03 -103.93 -14.90
CA ASN JB 75 -74.36 -103.59 -13.53
C ASN JB 75 -75.86 -103.32 -13.41
N GLN JB 76 -76.54 -104.06 -12.54
CA GLN JB 76 -77.95 -103.87 -12.24
C GLN JB 76 -78.06 -103.49 -10.77
N SER JB 77 -78.50 -102.25 -10.51
CA SER JB 77 -78.57 -101.72 -9.16
C SER JB 77 -79.95 -101.18 -8.87
N ILE JB 78 -80.46 -101.45 -7.68
CA ILE JB 78 -81.72 -100.91 -7.19
C ILE JB 78 -81.46 -100.31 -5.82
N ARG JB 79 -81.68 -99.01 -5.69
CA ARG JB 79 -81.35 -98.28 -4.47
C ARG JB 79 -82.60 -97.58 -3.95
N THR JB 80 -82.94 -97.85 -2.70
CA THR JB 80 -84.14 -97.30 -2.06
C THR JB 80 -83.76 -96.60 -0.77
N VAL JB 81 -84.25 -95.37 -0.61
CA VAL JB 81 -84.00 -94.56 0.59
C VAL JB 81 -85.33 -94.23 1.23
N ILE JB 82 -85.46 -94.51 2.52
CA ILE JB 82 -86.67 -94.24 3.28
C ILE JB 82 -86.30 -93.31 4.43
N SER JB 83 -86.98 -92.17 4.51
CA SER JB 83 -86.69 -91.16 5.52
C SER JB 83 -87.97 -90.80 6.25
N GLY JB 84 -87.93 -90.82 7.58
CA GLY JB 84 -89.08 -90.48 8.39
C GLY JB 84 -88.84 -90.61 9.87
N SER JB 85 -89.75 -90.08 10.67
CA SER JB 85 -89.61 -90.16 12.12
C SER JB 85 -90.00 -91.55 12.62
N ALA JB 86 -89.47 -91.92 13.78
CA ALA JB 86 -89.80 -93.21 14.38
C ALA JB 86 -91.23 -93.22 14.91
N GLU JB 87 -91.75 -92.04 15.27
CA GLU JB 87 -93.10 -91.96 15.82
C GLU JB 87 -94.16 -92.31 14.79
N ASN JB 88 -93.88 -92.03 13.51
CA ASN JB 88 -94.81 -92.26 12.42
C ASN JB 88 -94.53 -93.54 11.65
N LEU JB 89 -94.13 -94.60 12.34
CA LEU JB 89 -93.68 -95.82 11.66
C LEU JB 89 -94.82 -96.48 10.90
N ALA JB 90 -96.03 -96.50 11.46
CA ALA JB 90 -97.16 -97.14 10.79
C ALA JB 90 -97.53 -96.40 9.51
N THR JB 91 -97.61 -95.07 9.59
CA THR JB 91 -97.89 -94.29 8.39
C THR JB 91 -96.78 -94.41 7.37
N LEU JB 92 -95.53 -94.51 7.81
CA LEU JB 92 -94.43 -94.69 6.87
C LEU JB 92 -94.50 -96.05 6.19
N LYS JB 93 -94.95 -97.08 6.92
CA LYS JB 93 -95.15 -98.38 6.30
C LYS JB 93 -96.27 -98.34 5.27
N ALA JB 94 -97.36 -97.63 5.58
CA ALA JB 94 -98.42 -97.46 4.59
C ALA JB 94 -97.92 -96.72 3.36
N GLU JB 95 -97.11 -95.68 3.57
CA GLU JB 95 -96.50 -94.96 2.45
C GLU JB 95 -95.61 -95.88 1.64
N TRP JB 96 -94.88 -96.79 2.29
CA TRP JB 96 -94.03 -97.73 1.59
C TRP JB 96 -94.85 -98.69 0.73
N GLU JB 97 -95.98 -99.15 1.25
CA GLU JB 97 -96.85 -100.01 0.46
C GLU JB 97 -97.40 -99.26 -0.76
N THR JB 98 -97.81 -98.01 -0.57
CA THR JB 98 -98.30 -97.21 -1.69
C THR JB 98 -97.20 -96.97 -2.72
N HIS JB 99 -95.97 -96.74 -2.25
CA HIS JB 99 -94.84 -96.57 -3.14
C HIS JB 99 -94.57 -97.84 -3.94
N LYS JB 100 -94.68 -99.00 -3.29
CA LYS JB 100 -94.59 -100.26 -4.01
C LYS JB 100 -95.61 -100.32 -5.12
N ARG JB 101 -96.87 -100.01 -4.80
CA ARG JB 101 -97.94 -100.12 -5.80
C ARG JB 101 -97.68 -99.19 -6.98
N ASN JB 102 -97.28 -97.96 -6.70
CA ASN JB 102 -97.05 -97.00 -7.77
C ASN JB 102 -95.85 -97.39 -8.64
N VAL JB 103 -94.74 -97.77 -8.01
CA VAL JB 103 -93.56 -98.16 -8.78
C VAL JB 103 -93.86 -99.41 -9.59
N ASP JB 104 -94.67 -100.32 -9.05
CA ASP JB 104 -95.06 -101.51 -9.79
C ASP JB 104 -95.89 -101.15 -11.02
N THR JB 105 -96.90 -100.29 -10.85
CA THR JB 105 -97.77 -99.98 -11.98
C THR JB 105 -97.02 -99.15 -13.03
N LEU JB 106 -95.92 -98.50 -12.65
CA LEU JB 106 -95.11 -97.81 -13.65
C LEU JB 106 -94.09 -98.73 -14.32
N PHE JB 107 -93.47 -99.62 -13.56
CA PHE JB 107 -92.30 -100.39 -14.00
C PHE JB 107 -92.66 -101.82 -14.40
N ALA JB 108 -93.24 -102.58 -13.47
CA ALA JB 108 -93.47 -104.01 -13.71
C ALA JB 108 -94.52 -104.23 -14.79
N SER JB 109 -95.65 -103.53 -14.69
CA SER JB 109 -96.72 -103.66 -15.67
C SER JB 109 -96.70 -102.57 -16.72
N GLY JB 110 -95.74 -101.65 -16.67
CA GLY JB 110 -95.65 -100.57 -17.62
C GLY JB 110 -94.53 -100.75 -18.63
N ASN JB 111 -94.04 -99.61 -19.13
CA ASN JB 111 -92.96 -99.59 -20.11
C ASN JB 111 -91.82 -98.68 -19.67
N ALA JB 112 -91.85 -98.24 -18.40
CA ALA JB 112 -90.77 -97.39 -17.90
C ALA JB 112 -89.44 -98.11 -17.89
N GLY JB 113 -89.45 -99.44 -17.79
CA GLY JB 113 -88.21 -100.20 -17.89
C GLY JB 113 -87.52 -100.03 -19.22
N LEU JB 114 -88.26 -100.05 -20.32
CA LEU JB 114 -87.73 -99.73 -21.63
C LEU JB 114 -87.49 -98.25 -21.81
N GLY JB 115 -88.19 -97.40 -21.07
CA GLY JB 115 -87.92 -95.98 -21.11
C GLY JB 115 -89.05 -95.11 -21.61
N PHE JB 116 -90.30 -95.54 -21.47
CA PHE JB 116 -91.45 -94.77 -21.90
C PHE JB 116 -92.32 -94.45 -20.69
N LEU JB 117 -92.66 -93.18 -20.52
CA LEU JB 117 -93.53 -92.73 -19.44
C LEU JB 117 -94.94 -92.55 -19.97
N ASP JB 118 -95.92 -93.12 -19.26
CA ASP JB 118 -97.31 -93.02 -19.66
C ASP JB 118 -98.02 -92.05 -18.73
N PRO JB 119 -98.41 -90.86 -19.20
CA PRO JB 119 -99.12 -89.91 -18.33
C PRO JB 119 -100.50 -90.39 -17.91
N THR JB 120 -101.01 -91.48 -18.48
CA THR JB 120 -102.31 -92.02 -18.13
C THR JB 120 -102.25 -93.12 -17.08
N ALA JB 121 -101.09 -93.31 -16.46
CA ALA JB 121 -100.93 -94.37 -15.46
C ALA JB 121 -101.82 -94.09 -14.25
N ALA JB 122 -102.35 -95.16 -13.66
CA ALA JB 122 -103.26 -95.06 -12.53
C ALA JB 122 -102.46 -95.05 -11.23
N ILE JB 123 -102.03 -93.87 -10.82
CA ILE JB 123 -101.32 -93.70 -9.56
C ILE JB 123 -102.33 -93.43 -8.46
N VAL JB 124 -102.21 -94.16 -7.35
CA VAL JB 124 -103.15 -94.07 -6.25
C VAL JB 124 -102.38 -93.74 -4.96
N SER JB 125 -103.08 -93.09 -4.03
CA SER JB 125 -102.45 -92.58 -2.83
C SER JB 125 -102.67 -93.51 -1.64
N SER JB 126 -102.00 -93.18 -0.54
CA SER JB 126 -102.12 -93.98 0.67
C SER JB 126 -103.45 -93.76 1.39
N ASP JB 127 -103.99 -92.55 1.33
CA ASP JB 127 -105.26 -92.27 1.99
C ASP JB 127 -106.40 -92.99 1.29
N THR JB 128 -107.43 -93.32 2.08
CA THR JB 128 -108.60 -94.03 1.57
C THR JB 128 -109.80 -93.09 1.56
N THR JB 129 -110.77 -93.43 0.72
CA THR JB 129 -111.98 -92.62 0.59
C THR JB 129 -112.93 -92.90 1.76
N ALA KB 1 -91.80 -109.66 33.08
CA ALA KB 1 -91.21 -109.69 31.75
C ALA KB 1 -90.73 -108.31 31.34
N ASN KB 2 -89.42 -108.08 31.43
CA ASN KB 2 -88.86 -106.80 31.06
C ASN KB 2 -88.69 -106.70 29.55
N LYS KB 3 -88.79 -105.49 29.02
CA LYS KB 3 -88.68 -105.29 27.58
C LYS KB 3 -87.24 -105.42 27.13
N PRO KB 4 -86.92 -106.32 26.21
CA PRO KB 4 -85.54 -106.47 25.74
C PRO KB 4 -85.14 -105.32 24.83
N MET KB 5 -83.83 -105.17 24.65
CA MET KB 5 -83.27 -104.16 23.77
C MET KB 5 -82.45 -104.82 22.66
N GLN KB 6 -82.09 -104.02 21.66
CA GLN KB 6 -81.28 -104.43 20.53
C GLN KB 6 -80.11 -103.47 20.34
N PRO KB 7 -78.99 -103.94 19.78
CA PRO KB 7 -77.82 -103.06 19.64
C PRO KB 7 -77.98 -102.01 18.55
N ILE KB 8 -77.82 -100.74 18.90
CA ILE KB 8 -77.85 -99.67 17.92
C ILE KB 8 -76.46 -99.35 17.38
N THR KB 9 -75.42 -99.53 18.18
CA THR KB 9 -74.05 -99.30 17.75
C THR KB 9 -73.19 -100.46 18.23
N SER KB 10 -72.53 -101.13 17.29
CA SER KB 10 -71.71 -102.29 17.60
C SER KB 10 -70.28 -102.02 17.16
N THR KB 11 -69.34 -102.19 18.08
CA THR KB 11 -67.93 -101.99 17.82
C THR KB 11 -67.14 -103.02 18.64
N ALA KB 12 -65.89 -103.23 18.23
CA ALA KB 12 -65.04 -104.18 18.95
C ALA KB 12 -64.77 -103.72 20.39
N ASN KB 13 -64.98 -102.44 20.68
CA ASN KB 13 -64.71 -101.89 21.99
C ASN KB 13 -65.92 -101.29 22.69
N LYS KB 14 -67.06 -101.15 22.01
CA LYS KB 14 -68.24 -100.53 22.62
C LYS KB 14 -69.48 -100.99 21.89
N ILE KB 15 -70.45 -101.52 22.63
CA ILE KB 15 -71.76 -101.88 22.10
C ILE KB 15 -72.82 -101.15 22.90
N VAL KB 16 -73.74 -100.51 22.18
CA VAL KB 16 -74.79 -99.69 22.79
C VAL KB 16 -76.13 -100.34 22.48
N TRP KB 17 -76.94 -100.55 23.52
CA TRP KB 17 -78.29 -101.07 23.37
C TRP KB 17 -79.31 -99.94 23.50
N SER KB 18 -80.52 -100.20 23.00
CA SER KB 18 -81.60 -99.22 23.07
C SER KB 18 -82.94 -99.93 22.93
N ASP KB 19 -83.94 -99.44 23.64
CA ASP KB 19 -85.26 -100.03 23.58
C ASP KB 19 -86.02 -99.53 22.35
N PRO KB 20 -86.59 -100.44 21.55
CA PRO KB 20 -87.37 -99.99 20.39
C PRO KB 20 -88.54 -99.09 20.74
N THR KB 21 -89.21 -99.36 21.86
CA THR KB 21 -90.35 -98.53 22.25
C THR KB 21 -89.92 -97.13 22.67
N ARG KB 22 -88.88 -97.04 23.50
CA ARG KB 22 -88.35 -95.76 23.95
C ARG KB 22 -86.87 -95.69 23.59
N LEU KB 23 -86.53 -94.81 22.65
CA LEU KB 23 -85.14 -94.70 22.22
C LEU KB 23 -84.32 -93.87 23.18
N SER KB 24 -84.98 -93.25 24.17
CA SER KB 24 -84.30 -92.39 25.13
C SER KB 24 -83.42 -93.20 26.08
N THR KB 25 -83.80 -94.45 26.33
CA THR KB 25 -83.07 -95.29 27.29
C THR KB 25 -82.04 -96.14 26.55
N THR KB 26 -80.80 -96.10 27.02
CA THR KB 26 -79.71 -96.85 26.43
C THR KB 26 -78.87 -97.51 27.51
N PHE KB 27 -78.14 -98.55 27.13
CA PHE KB 27 -77.20 -99.24 28.00
C PHE KB 27 -75.98 -99.63 27.18
N SER KB 28 -74.85 -98.99 27.44
CA SER KB 28 -73.65 -99.20 26.65
C SER KB 28 -72.50 -99.69 27.54
N ALA KB 29 -71.73 -100.63 26.99
CA ALA KB 29 -70.60 -101.22 27.69
C ALA KB 29 -69.34 -100.99 26.85
N SER KB 30 -68.29 -100.49 27.48
CA SER KB 30 -67.01 -100.24 26.81
C SER KB 30 -65.91 -100.94 27.58
N LEU KB 31 -65.00 -101.59 26.85
CA LEU KB 31 -63.90 -102.31 27.47
C LEU KB 31 -62.58 -101.74 26.97
N LEU KB 32 -61.65 -101.52 27.90
CA LEU KB 32 -60.29 -101.10 27.59
C LEU KB 32 -59.33 -102.19 28.04
N ARG KB 33 -58.50 -102.66 27.12
CA ARG KB 33 -57.60 -103.77 27.38
C ARG KB 33 -56.16 -103.27 27.32
N GLN KB 34 -55.43 -103.46 28.40
CA GLN KB 34 -54.05 -103.01 28.51
C GLN KB 34 -53.23 -104.05 29.27
N ARG KB 35 -51.94 -104.10 28.96
CA ARG KB 35 -51.01 -104.95 29.71
C ARG KB 35 -50.34 -104.11 30.79
N VAL KB 36 -50.41 -104.59 32.03
CA VAL KB 36 -49.85 -103.90 33.18
C VAL KB 36 -48.55 -104.58 33.59
N LYS KB 37 -47.49 -103.79 33.70
CA LYS KB 37 -46.18 -104.28 34.09
C LYS KB 37 -46.09 -104.30 35.61
N VAL KB 38 -46.09 -105.50 36.19
CA VAL KB 38 -45.90 -105.70 37.62
C VAL KB 38 -44.62 -106.49 37.79
N GLY KB 39 -43.89 -106.18 38.86
CA GLY KB 39 -42.62 -106.83 39.12
C GLY KB 39 -42.68 -108.34 39.01
N ILE KB 40 -41.74 -108.93 38.27
CA ILE KB 40 -41.67 -110.35 37.95
C ILE KB 40 -43.05 -110.90 37.61
N ALA KB 41 -43.82 -110.16 36.82
CA ALA KB 41 -45.13 -110.61 36.38
C ALA KB 41 -45.49 -109.92 35.08
N GLU KB 42 -46.27 -110.60 34.24
CA GLU KB 42 -46.80 -110.04 33.00
C GLU KB 42 -48.28 -110.40 32.92
N LEU KB 43 -49.12 -109.53 33.47
CA LEU KB 43 -50.56 -109.74 33.51
C LEU KB 43 -51.26 -108.52 32.93
N ASN KB 44 -52.42 -108.76 32.32
CA ASN KB 44 -53.12 -107.74 31.55
C ASN KB 44 -54.44 -107.38 32.22
N ASN KB 45 -54.73 -106.07 32.28
CA ASN KB 45 -55.93 -105.58 32.93
C ASN KB 45 -57.05 -105.39 31.92
N VAL KB 46 -58.29 -105.47 32.41
CA VAL KB 46 -59.47 -105.17 31.63
C VAL KB 46 -60.36 -104.25 32.45
N SER KB 47 -60.69 -103.09 31.88
CA SER KB 47 -61.53 -102.11 32.55
C SER KB 47 -62.82 -101.96 31.76
N GLY KB 48 -63.95 -102.21 32.42
CA GLY KB 48 -65.24 -102.13 31.76
C GLY KB 48 -66.13 -101.04 32.32
N GLN KB 49 -66.59 -100.15 31.45
CA GLN KB 49 -67.46 -99.05 31.84
C GLN KB 49 -68.87 -99.34 31.35
N TYR KB 50 -69.79 -99.54 32.29
CA TYR KB 50 -71.18 -99.83 31.99
C TYR KB 50 -72.03 -98.65 32.46
N VAL KB 51 -72.74 -98.02 31.54
CA VAL KB 51 -73.58 -96.87 31.86
C VAL KB 51 -75.02 -97.18 31.46
N SER KB 52 -75.95 -96.75 32.29
CA SER KB 52 -77.38 -96.86 32.00
C SER KB 52 -78.02 -95.49 32.16
N VAL KB 53 -78.78 -95.08 31.14
CA VAL KB 53 -79.45 -93.79 31.15
C VAL KB 53 -80.94 -94.00 30.91
N TYR KB 54 -81.76 -93.24 31.64
CA TYR KB 54 -83.20 -93.25 31.47
C TYR KB 54 -83.71 -91.83 31.59
N LYS KB 55 -84.49 -91.40 30.61
CA LYS KB 55 -84.99 -90.02 30.57
C LYS KB 55 -86.38 -89.97 31.20
N ARG KB 56 -86.40 -90.17 32.52
CA ARG KB 56 -87.64 -90.25 33.27
C ARG KB 56 -88.36 -88.91 33.28
N PRO KB 57 -89.68 -88.89 33.12
CA PRO KB 57 -90.42 -87.63 33.22
C PRO KB 57 -90.36 -87.06 34.63
N ALA KB 58 -90.36 -85.74 34.71
CA ALA KB 58 -90.40 -85.06 35.99
C ALA KB 58 -91.73 -85.35 36.68
N PRO KB 59 -91.79 -85.32 38.01
CA PRO KB 59 -93.02 -85.76 38.67
C PRO KB 59 -94.16 -84.78 38.43
N LYS KB 60 -95.33 -85.33 38.11
CA LYS KB 60 -96.50 -84.54 37.79
C LYS KB 60 -96.97 -83.78 39.03
N PRO KB 61 -97.47 -82.55 38.86
CA PRO KB 61 -98.03 -81.83 40.02
C PRO KB 61 -99.23 -82.55 40.62
N GLU KB 62 -99.51 -82.28 41.89
CA GLU KB 62 -100.47 -83.05 42.68
C GLU KB 62 -101.89 -82.57 42.39
N GLY KB 63 -102.81 -83.52 42.24
CA GLY KB 63 -104.22 -83.23 42.16
C GLY KB 63 -104.72 -82.76 40.81
N CYS KB 64 -103.91 -82.84 39.76
CA CYS KB 64 -104.32 -82.39 38.43
C CYS KB 64 -104.12 -83.52 37.43
N ALA KB 65 -105.19 -83.91 36.76
CA ALA KB 65 -105.13 -84.85 35.65
C ALA KB 65 -105.12 -84.06 34.35
N ASP KB 66 -103.94 -83.59 33.95
CA ASP KB 66 -103.83 -82.77 32.76
C ASP KB 66 -104.22 -83.56 31.52
N ALA KB 67 -104.68 -82.83 30.49
CA ALA KB 67 -105.16 -83.48 29.28
C ALA KB 67 -104.06 -84.30 28.60
N CYS KB 68 -102.86 -83.74 28.50
CA CYS KB 68 -101.75 -84.41 27.87
C CYS KB 68 -100.49 -84.22 28.70
N VAL KB 69 -99.57 -85.19 28.59
CA VAL KB 69 -98.32 -85.12 29.33
C VAL KB 69 -97.43 -84.03 28.74
N ILE KB 70 -97.03 -83.08 29.58
CA ILE KB 70 -96.20 -81.96 29.15
C ILE KB 70 -95.02 -81.84 30.10
N MET KB 71 -94.71 -82.92 30.79
CA MET KB 71 -93.70 -82.88 31.84
C MET KB 71 -92.32 -82.84 31.19
N PRO KB 72 -91.46 -81.88 31.54
CA PRO KB 72 -90.11 -81.83 30.94
C PRO KB 72 -89.14 -82.80 31.58
N ASN KB 73 -89.13 -84.04 31.08
CA ASN KB 73 -88.36 -85.15 31.61
C ASN KB 73 -86.91 -84.82 31.97
N GLU KB 74 -86.38 -85.55 32.95
CA GLU KB 74 -85.04 -85.34 33.49
C GLU KB 74 -84.13 -86.49 33.08
N ASN KB 75 -82.91 -86.46 33.61
CA ASN KB 75 -81.90 -87.47 33.27
C ASN KB 75 -81.61 -88.33 34.49
N GLN KB 76 -81.75 -89.64 34.34
CA GLN KB 76 -81.37 -90.61 35.38
C GLN KB 76 -80.27 -91.49 34.82
N SER KB 77 -79.04 -91.28 35.29
CA SER KB 77 -77.88 -92.00 34.81
C SER KB 77 -77.16 -92.67 35.96
N ILE KB 78 -76.84 -93.95 35.79
CA ILE KB 78 -76.06 -94.71 36.76
C ILE KB 78 -74.92 -95.40 36.02
N ARG KB 79 -73.70 -95.23 36.52
CA ARG KB 79 -72.49 -95.64 35.82
C ARG KB 79 -71.66 -96.55 36.72
N THR KB 80 -71.11 -97.61 36.14
CA THR KB 80 -70.30 -98.58 36.86
C THR KB 80 -69.04 -98.88 36.08
N VAL KB 81 -67.91 -98.91 36.78
CA VAL KB 81 -66.61 -99.22 36.18
C VAL KB 81 -65.98 -100.36 36.98
N ILE KB 82 -65.62 -101.44 36.30
CA ILE KB 82 -65.00 -102.61 36.91
C ILE KB 82 -63.62 -102.77 36.29
N SER KB 83 -62.59 -102.77 37.13
CA SER KB 83 -61.21 -102.86 36.68
C SER KB 83 -60.50 -103.97 37.46
N GLY KB 84 -59.78 -104.82 36.75
CA GLY KB 84 -59.04 -105.89 37.38
C GLY KB 84 -58.46 -106.83 36.36
N SER KB 85 -57.45 -107.57 36.79
CA SER KB 85 -56.75 -108.47 35.89
C SER KB 85 -57.61 -109.70 35.60
N ALA KB 86 -57.45 -110.26 34.40
CA ALA KB 86 -58.23 -111.43 34.02
C ALA KB 86 -57.77 -112.67 34.76
N GLU KB 87 -56.54 -112.67 35.28
CA GLU KB 87 -56.04 -113.82 36.02
C GLU KB 87 -56.81 -114.03 37.31
N ASN KB 88 -57.29 -112.94 37.91
CA ASN KB 88 -58.04 -112.97 39.16
C ASN KB 88 -59.54 -112.76 38.95
N LEU KB 89 -60.09 -113.37 37.91
CA LEU KB 89 -61.49 -113.11 37.54
C LEU KB 89 -62.45 -113.58 38.63
N ALA KB 90 -62.18 -114.71 39.26
CA ALA KB 90 -63.06 -115.20 40.31
C ALA KB 90 -63.11 -114.24 41.49
N THR KB 91 -61.94 -113.75 41.91
CA THR KB 91 -61.90 -112.75 42.97
C THR KB 91 -62.56 -111.45 42.57
N LEU KB 92 -62.43 -111.06 41.29
CA LEU KB 92 -63.10 -109.85 40.83
C LEU KB 92 -64.61 -110.03 40.87
N LYS KB 93 -65.11 -111.21 40.52
CA LYS KB 93 -66.54 -111.46 40.61
C LYS KB 93 -67.03 -111.45 42.06
N ALA KB 94 -66.23 -112.01 42.97
CA ALA KB 94 -66.58 -111.92 44.39
C ALA KB 94 -66.62 -110.47 44.87
N GLU KB 95 -65.65 -109.67 44.42
CA GLU KB 95 -65.65 -108.25 44.73
C GLU KB 95 -66.90 -107.58 44.18
N TRP KB 96 -67.31 -107.95 42.97
CA TRP KB 96 -68.54 -107.39 42.39
C TRP KB 96 -69.75 -107.75 43.23
N GLU KB 97 -69.83 -108.99 43.70
CA GLU KB 97 -70.96 -109.40 44.52
C GLU KB 97 -71.00 -108.61 45.83
N THR KB 98 -69.85 -108.47 46.50
CA THR KB 98 -69.84 -107.75 47.77
C THR KB 98 -70.09 -106.26 47.56
N HIS KB 99 -69.62 -105.71 46.43
CA HIS KB 99 -69.92 -104.32 46.09
C HIS KB 99 -71.42 -104.12 45.89
N LYS KB 100 -72.06 -105.06 45.21
CA LYS KB 100 -73.52 -105.00 45.05
C LYS KB 100 -74.20 -105.03 46.42
N ARG KB 101 -73.75 -105.93 47.29
CA ARG KB 101 -74.35 -106.03 48.62
C ARG KB 101 -74.22 -104.73 49.40
N ASN KB 102 -73.02 -104.14 49.41
CA ASN KB 102 -72.81 -102.92 50.17
C ASN KB 102 -73.59 -101.76 49.59
N VAL KB 103 -73.62 -101.63 48.26
CA VAL KB 103 -74.35 -100.54 47.64
C VAL KB 103 -75.85 -100.70 47.88
N ASP KB 104 -76.34 -101.93 47.89
CA ASP KB 104 -77.74 -102.17 48.22
C ASP KB 104 -78.02 -101.78 49.67
N THR KB 105 -77.09 -102.10 50.58
CA THR KB 105 -77.27 -101.74 51.98
C THR KB 105 -77.35 -100.23 52.16
N LEU KB 106 -76.49 -99.50 51.46
CA LEU KB 106 -76.48 -98.04 51.61
C LEU KB 106 -77.66 -97.39 50.88
N PHE KB 107 -78.04 -97.93 49.72
CA PHE KB 107 -78.96 -97.26 48.80
C PHE KB 107 -80.29 -97.98 48.64
N ALA KB 108 -80.27 -99.27 48.32
CA ALA KB 108 -81.51 -100.01 48.10
C ALA KB 108 -82.32 -100.10 49.39
N SER KB 109 -81.66 -100.35 50.52
CA SER KB 109 -82.32 -100.48 51.81
C SER KB 109 -82.09 -99.28 52.71
N GLY KB 110 -81.15 -98.40 52.39
CA GLY KB 110 -80.92 -97.19 53.14
C GLY KB 110 -81.26 -95.96 52.33
N ASN KB 111 -81.33 -94.82 53.02
CA ASN KB 111 -81.71 -93.58 52.34
C ASN KB 111 -80.50 -92.78 51.88
N ALA KB 112 -79.64 -93.40 51.08
CA ALA KB 112 -78.56 -92.64 50.46
C ALA KB 112 -79.06 -91.79 49.31
N GLY KB 113 -80.19 -92.18 48.70
CA GLY KB 113 -80.74 -91.42 47.61
C GLY KB 113 -81.22 -90.05 48.03
N LEU KB 114 -81.74 -89.93 49.26
CA LEU KB 114 -82.18 -88.64 49.75
C LEU KB 114 -81.01 -87.77 50.18
N GLY KB 115 -79.81 -88.35 50.27
CA GLY KB 115 -78.63 -87.59 50.61
C GLY KB 115 -78.02 -87.89 51.97
N PHE KB 116 -78.47 -88.94 52.65
CA PHE KB 116 -77.96 -89.22 53.98
C PHE KB 116 -77.04 -90.45 53.95
N LEU KB 117 -75.85 -90.29 54.54
CA LEU KB 117 -74.87 -91.36 54.64
C LEU KB 117 -74.85 -91.84 56.09
N ASP KB 118 -75.38 -93.04 56.31
CA ASP KB 118 -75.49 -93.57 57.66
C ASP KB 118 -74.14 -94.10 58.13
N PRO KB 119 -73.58 -93.58 59.23
CA PRO KB 119 -72.29 -94.10 59.71
C PRO KB 119 -72.38 -95.46 60.39
N THR KB 120 -73.58 -95.95 60.69
CA THR KB 120 -73.73 -97.23 61.38
C THR KB 120 -74.21 -98.35 60.46
N ALA KB 121 -74.09 -98.19 59.15
CA ALA KB 121 -74.52 -99.23 58.22
C ALA KB 121 -73.65 -100.47 58.36
N ALA KB 122 -74.24 -101.63 58.07
CA ALA KB 122 -73.56 -102.91 58.20
C ALA KB 122 -72.88 -103.23 56.87
N ILE KB 123 -71.71 -102.65 56.66
CA ILE KB 123 -70.92 -102.87 55.45
C ILE KB 123 -69.99 -104.05 55.69
N VAL KB 124 -69.85 -104.91 54.68
CA VAL KB 124 -69.08 -106.14 54.80
C VAL KB 124 -68.03 -106.18 53.70
N SER KB 125 -66.95 -106.90 53.96
CA SER KB 125 -65.87 -107.09 53.01
C SER KB 125 -66.04 -108.41 52.26
N SER KB 126 -65.16 -108.62 51.28
CA SER KB 126 -65.23 -109.83 50.47
C SER KB 126 -64.73 -111.06 51.20
N ASP KB 127 -63.77 -110.90 52.12
CA ASP KB 127 -63.20 -112.03 52.83
C ASP KB 127 -64.22 -112.63 53.78
N THR KB 128 -64.13 -113.94 53.98
CA THR KB 128 -65.01 -114.68 54.86
C THR KB 128 -64.21 -115.24 56.04
N THR KB 129 -64.93 -115.57 57.11
CA THR KB 129 -64.31 -116.14 58.29
C THR KB 129 -64.42 -117.66 58.28
N ALA LB 1 -105.66 -30.45 -98.77
CA ALA LB 1 -105.76 -29.10 -98.25
C ALA LB 1 -104.82 -28.89 -97.08
N ASN LB 2 -103.67 -28.28 -97.35
CA ASN LB 2 -102.69 -28.02 -96.29
C ASN LB 2 -103.09 -26.81 -95.47
N LYS LB 3 -102.81 -26.87 -94.18
CA LYS LB 3 -103.18 -25.78 -93.28
C LYS LB 3 -102.22 -24.61 -93.45
N PRO LB 4 -102.73 -23.41 -93.80
CA PRO LB 4 -101.85 -22.24 -93.92
C PRO LB 4 -101.33 -21.80 -92.56
N MET LB 5 -100.17 -21.13 -92.58
CA MET LB 5 -99.61 -20.48 -91.39
C MET LB 5 -99.57 -18.99 -91.60
N GLN LB 6 -99.88 -18.23 -90.55
CA GLN LB 6 -99.73 -16.78 -90.58
C GLN LB 6 -98.56 -16.37 -89.72
N PRO LB 7 -97.79 -15.34 -90.13
CA PRO LB 7 -96.52 -15.06 -89.47
C PRO LB 7 -96.70 -14.56 -88.05
N ILE LB 8 -95.69 -14.82 -87.23
CA ILE LB 8 -95.66 -14.32 -85.86
C ILE LB 8 -94.59 -13.27 -85.64
N THR LB 9 -93.50 -13.28 -86.42
CA THR LB 9 -92.47 -12.26 -86.38
C THR LB 9 -92.12 -11.87 -87.80
N SER LB 10 -92.22 -10.59 -88.11
CA SER LB 10 -91.97 -10.08 -89.45
C SER LB 10 -90.90 -9.02 -89.41
N THR LB 11 -89.88 -9.19 -90.26
CA THR LB 11 -88.78 -8.25 -90.38
C THR LB 11 -88.23 -8.35 -91.79
N ALA LB 12 -87.60 -7.27 -92.26
CA ALA LB 12 -87.04 -7.25 -93.61
C ALA LB 12 -85.92 -8.28 -93.75
N ASN LB 13 -85.35 -8.73 -92.63
CA ASN LB 13 -84.25 -9.69 -92.65
C ASN LB 13 -84.67 -11.09 -92.21
N LYS LB 14 -85.83 -11.25 -91.57
CA LYS LB 14 -86.27 -12.54 -91.06
C LYS LB 14 -87.78 -12.54 -90.90
N ILE LB 15 -88.42 -13.63 -91.31
CA ILE LB 15 -89.84 -13.85 -91.10
C ILE LB 15 -90.03 -15.26 -90.58
N VAL LB 16 -90.85 -15.41 -89.54
CA VAL LB 16 -91.12 -16.70 -88.92
C VAL LB 16 -92.61 -16.99 -89.04
N TRP LB 17 -92.95 -18.16 -89.56
CA TRP LB 17 -94.33 -18.60 -89.70
C TRP LB 17 -94.60 -19.71 -88.69
N SER LB 18 -95.80 -19.69 -88.11
CA SER LB 18 -96.22 -20.73 -87.17
C SER LB 18 -97.66 -21.13 -87.45
N ASP LB 19 -97.94 -22.41 -87.28
CA ASP LB 19 -99.31 -22.89 -87.46
C ASP LB 19 -100.17 -22.44 -86.28
N PRO LB 20 -101.30 -21.78 -86.53
CA PRO LB 20 -102.12 -21.30 -85.40
C PRO LB 20 -102.61 -22.42 -84.51
N THR LB 21 -102.92 -23.59 -85.06
CA THR LB 21 -103.35 -24.72 -84.25
C THR LB 21 -102.21 -25.34 -83.44
N ARG LB 22 -100.99 -25.34 -83.98
CA ARG LB 22 -99.83 -25.85 -83.25
C ARG LB 22 -98.64 -24.91 -83.46
N LEU LB 23 -98.42 -24.01 -82.50
CA LEU LB 23 -97.34 -23.02 -82.62
C LEU LB 23 -95.98 -23.69 -82.54
N SER LB 24 -95.95 -24.96 -82.12
CA SER LB 24 -94.72 -25.73 -82.13
C SER LB 24 -94.14 -25.90 -83.53
N THR LB 25 -94.97 -25.83 -84.57
CA THR LB 25 -94.50 -25.93 -85.94
C THR LB 25 -94.07 -24.55 -86.42
N THR LB 26 -92.80 -24.41 -86.79
CA THR LB 26 -92.25 -23.13 -87.20
C THR LB 26 -91.57 -23.26 -88.55
N PHE LB 27 -91.58 -22.16 -89.31
CA PHE LB 27 -90.88 -22.07 -90.58
C PHE LB 27 -90.32 -20.66 -90.69
N SER LB 28 -89.00 -20.54 -90.82
CA SER LB 28 -88.33 -19.26 -90.80
C SER LB 28 -87.44 -19.09 -92.03
N ALA LB 29 -87.32 -17.84 -92.48
CA ALA LB 29 -86.47 -17.49 -93.61
C ALA LB 29 -85.65 -16.27 -93.23
N SER LB 30 -84.33 -16.39 -93.32
CA SER LB 30 -83.41 -15.31 -92.97
C SER LB 30 -82.47 -15.08 -94.14
N LEU LB 31 -82.30 -13.82 -94.52
CA LEU LB 31 -81.50 -13.44 -95.67
C LEU LB 31 -80.35 -12.54 -95.26
N LEU LB 32 -79.14 -12.91 -95.69
CA LEU LB 32 -77.94 -12.12 -95.48
C LEU LB 32 -77.37 -11.74 -96.85
N ARG LB 33 -77.20 -10.45 -97.08
CA ARG LB 33 -76.77 -9.94 -98.37
C ARG LB 33 -75.43 -9.22 -98.23
N GLN LB 34 -74.48 -9.57 -99.10
CA GLN LB 34 -73.15 -8.98 -99.08
C GLN LB 34 -72.74 -8.61 -100.49
N ARG LB 35 -71.63 -7.88 -100.61
CA ARG LB 35 -71.06 -7.51 -101.89
C ARG LB 35 -69.73 -8.24 -102.06
N VAL LB 36 -69.58 -8.97 -103.17
CA VAL LB 36 -68.40 -9.77 -103.43
C VAL LB 36 -67.82 -9.36 -104.77
N LYS LB 37 -66.51 -9.15 -104.81
CA LYS LB 37 -65.81 -8.73 -106.03
C LYS LB 37 -65.22 -9.96 -106.70
N VAL LB 38 -66.04 -10.64 -107.49
CA VAL LB 38 -65.59 -11.84 -108.18
C VAL LB 38 -64.84 -11.49 -109.45
N GLY LB 39 -65.47 -10.71 -110.33
CA GLY LB 39 -64.93 -10.41 -111.64
C GLY LB 39 -64.63 -8.95 -111.83
N ILE LB 40 -64.00 -8.34 -110.83
CA ILE LB 40 -63.73 -6.90 -110.68
C ILE LB 40 -65.03 -6.14 -110.85
N ALA LB 41 -66.16 -6.83 -110.66
CA ALA LB 41 -67.48 -6.23 -110.62
C ALA LB 41 -68.16 -6.70 -109.35
N GLU LB 42 -68.86 -5.80 -108.67
CA GLU LB 42 -69.44 -6.07 -107.35
C GLU LB 42 -70.75 -6.83 -107.52
N LEU LB 43 -70.65 -8.15 -107.54
CA LEU LB 43 -71.84 -8.99 -107.55
C LEU LB 43 -72.49 -9.01 -106.17
N ASN LB 44 -73.83 -9.04 -106.15
CA ASN LB 44 -74.58 -9.00 -104.90
C ASN LB 44 -75.15 -10.39 -104.60
N ASN LB 45 -74.43 -11.13 -103.77
CA ASN LB 45 -74.89 -12.46 -103.39
C ASN LB 45 -75.94 -12.39 -102.30
N VAL LB 46 -76.80 -13.41 -102.26
CA VAL LB 46 -77.83 -13.53 -101.25
C VAL LB 46 -77.70 -14.91 -100.61
N SER LB 47 -77.59 -14.95 -99.29
CA SER LB 47 -77.48 -16.19 -98.53
C SER LB 47 -78.75 -16.37 -97.72
N GLY LB 48 -79.75 -17.00 -98.32
CA GLY LB 48 -81.03 -17.21 -97.68
C GLY LB 48 -81.08 -18.55 -96.97
N GLN LB 49 -81.38 -18.49 -95.67
CA GLN LB 49 -81.49 -19.68 -94.84
C GLN LB 49 -82.94 -19.94 -94.54
N TYR LB 50 -83.44 -21.11 -94.95
CA TYR LB 50 -84.82 -21.51 -94.71
C TYR LB 50 -84.82 -22.70 -93.77
N VAL LB 51 -85.49 -22.57 -92.63
CA VAL LB 51 -85.51 -23.59 -91.60
C VAL LB 51 -86.96 -23.98 -91.31
N SER LB 52 -87.25 -25.27 -91.40
CA SER LB 52 -88.55 -25.82 -91.05
C SER LB 52 -88.40 -26.75 -89.85
N VAL LB 53 -89.17 -26.50 -88.81
CA VAL LB 53 -89.07 -27.23 -87.55
C VAL LB 53 -90.44 -27.80 -87.21
N TYR LB 54 -90.47 -29.08 -86.87
CA TYR LB 54 -91.67 -29.77 -86.43
C TYR LB 54 -91.32 -30.72 -85.31
N LYS LB 55 -91.86 -30.46 -84.12
CA LYS LB 55 -91.64 -31.34 -82.97
C LYS LB 55 -92.68 -32.46 -83.03
N ARG LB 56 -92.21 -33.66 -83.32
CA ARG LB 56 -93.08 -34.81 -83.55
C ARG LB 56 -93.13 -35.67 -82.29
N PRO LB 57 -94.32 -35.97 -81.76
CA PRO LB 57 -94.39 -36.81 -80.58
C PRO LB 57 -94.36 -38.30 -80.91
N ALA LB 58 -93.29 -38.96 -80.46
CA ALA LB 58 -93.02 -40.35 -80.82
C ALA LB 58 -92.75 -41.21 -79.59
N PRO LB 59 -93.76 -41.42 -78.73
CA PRO LB 59 -93.66 -42.56 -77.81
C PRO LB 59 -93.61 -43.87 -78.56
N LYS LB 60 -94.26 -43.92 -79.72
CA LYS LB 60 -94.32 -45.05 -80.63
C LYS LB 60 -94.71 -46.34 -79.93
N PRO LB 61 -95.91 -46.41 -79.35
CA PRO LB 61 -96.38 -47.68 -78.77
C PRO LB 61 -96.81 -48.63 -79.88
N GLU LB 62 -95.98 -49.63 -80.15
CA GLU LB 62 -96.20 -50.53 -81.27
C GLU LB 62 -97.41 -51.43 -81.01
N GLY LB 63 -98.47 -51.20 -81.76
CA GLY LB 63 -99.65 -52.05 -81.69
C GLY LB 63 -100.84 -51.58 -80.87
N CYS LB 64 -100.57 -50.96 -79.72
CA CYS LB 64 -101.68 -50.66 -78.82
C CYS LB 64 -101.62 -49.20 -78.40
N ALA LB 65 -102.80 -48.58 -78.36
CA ALA LB 65 -103.00 -47.27 -77.77
C ALA LB 65 -104.37 -47.25 -77.10
N ASP LB 66 -104.39 -46.91 -75.82
CA ASP LB 66 -105.64 -47.00 -75.06
C ASP LB 66 -106.14 -45.66 -74.57
N ALA LB 67 -105.26 -44.82 -74.04
CA ALA LB 67 -105.64 -43.51 -73.52
C ALA LB 67 -104.51 -42.54 -73.83
N CYS LB 68 -104.77 -41.25 -73.62
CA CYS LB 68 -103.77 -40.23 -73.91
C CYS LB 68 -102.92 -39.98 -72.67
N VAL LB 69 -101.61 -40.17 -72.82
CA VAL LB 69 -100.62 -39.87 -71.79
C VAL LB 69 -99.73 -38.78 -72.39
N ILE LB 70 -99.00 -38.06 -71.54
CA ILE LB 70 -98.10 -37.01 -72.03
C ILE LB 70 -97.18 -37.52 -73.12
N MET LB 71 -97.16 -36.80 -74.23
CA MET LB 71 -96.24 -37.09 -75.32
C MET LB 71 -94.84 -36.59 -74.99
N PRO LB 72 -93.82 -37.45 -74.98
CA PRO LB 72 -92.45 -36.95 -75.07
C PRO LB 72 -92.12 -36.58 -76.50
N ASN LB 73 -91.43 -35.46 -76.70
CA ASN LB 73 -91.27 -34.87 -78.02
C ASN LB 73 -89.83 -34.97 -78.50
N GLU LB 74 -89.68 -35.14 -79.82
CA GLU LB 74 -88.40 -35.03 -80.50
C GLU LB 74 -88.52 -33.96 -81.57
N ASN LB 75 -87.38 -33.42 -81.99
CA ASN LB 75 -87.34 -32.30 -82.92
C ASN LB 75 -86.95 -32.79 -84.30
N GLN LB 76 -87.81 -32.53 -85.29
CA GLN LB 76 -87.51 -32.79 -86.69
C GLN LB 76 -87.22 -31.45 -87.36
N SER LB 77 -86.01 -31.27 -87.87
CA SER LB 77 -85.58 -30.00 -88.44
C SER LB 77 -84.99 -30.21 -89.82
N ILE LB 78 -85.38 -29.36 -90.76
CA ILE LB 78 -84.81 -29.32 -92.10
C ILE LB 78 -84.44 -27.88 -92.40
N ARG LB 79 -83.15 -27.64 -92.63
CA ARG LB 79 -82.65 -26.30 -92.92
C ARG LB 79 -81.94 -26.30 -94.27
N THR LB 80 -82.14 -25.23 -95.04
CA THR LB 80 -81.54 -25.08 -96.35
C THR LB 80 -80.93 -23.69 -96.49
N VAL LB 81 -79.70 -23.64 -97.01
CA VAL LB 81 -78.99 -22.39 -97.23
C VAL LB 81 -78.64 -22.31 -98.71
N ILE LB 82 -79.13 -21.27 -99.38
CA ILE LB 82 -78.87 -21.05 -100.80
C ILE LB 82 -78.03 -19.79 -100.93
N SER LB 83 -76.86 -19.93 -101.57
CA SER LB 83 -75.94 -18.82 -101.72
C SER LB 83 -75.59 -18.66 -103.20
N GLY LB 84 -75.65 -17.43 -103.68
CA GLY LB 84 -75.33 -17.14 -105.07
C GLY LB 84 -75.61 -15.72 -105.47
N SER LB 85 -75.01 -15.26 -106.56
CA SER LB 85 -75.22 -13.90 -107.02
C SER LB 85 -76.64 -13.73 -107.55
N ALA LB 86 -77.20 -12.54 -107.32
CA ALA LB 86 -78.56 -12.26 -107.78
C ALA LB 86 -78.63 -12.21 -109.29
N GLU LB 87 -77.49 -11.95 -109.95
CA GLU LB 87 -77.49 -11.79 -111.40
C GLU LB 87 -77.57 -13.14 -112.11
N ASN LB 88 -77.44 -14.24 -111.37
CA ASN LB 88 -77.51 -15.58 -111.93
C ASN LB 88 -78.67 -16.37 -111.32
N LEU LB 89 -79.83 -15.71 -111.20
CA LEU LB 89 -80.95 -16.32 -110.50
C LEU LB 89 -81.52 -17.52 -111.27
N ALA LB 90 -81.55 -17.45 -112.60
CA ALA LB 90 -82.08 -18.55 -113.38
C ALA LB 90 -81.26 -19.81 -113.17
N THR LB 91 -79.94 -19.67 -113.22
CA THR LB 91 -79.06 -20.80 -112.97
C THR LB 91 -79.13 -21.27 -111.52
N LEU LB 92 -79.32 -20.35 -110.57
CA LEU LB 92 -79.49 -20.76 -109.18
C LEU LB 92 -80.77 -21.57 -109.01
N LYS LB 93 -81.84 -21.18 -109.72
CA LYS LB 93 -83.08 -21.96 -109.67
C LYS LB 93 -82.90 -23.33 -110.30
N ALA LB 94 -82.15 -23.42 -111.40
CA ALA LB 94 -81.83 -24.71 -111.97
C ALA LB 94 -81.03 -25.58 -110.99
N GLU LB 95 -80.08 -24.96 -110.29
CA GLU LB 95 -79.33 -25.67 -109.26
C GLU LB 95 -80.25 -26.17 -108.16
N TRP LB 96 -81.21 -25.35 -107.75
CA TRP LB 96 -82.17 -25.78 -106.72
C TRP LB 96 -82.99 -26.96 -107.20
N GLU LB 97 -83.43 -26.93 -108.46
CA GLU LB 97 -84.21 -28.05 -108.99
C GLU LB 97 -83.37 -29.33 -109.02
N THR LB 98 -82.13 -29.26 -109.51
CA THR LB 98 -81.32 -30.47 -109.58
C THR LB 98 -80.92 -30.95 -108.18
N HIS LB 99 -80.78 -30.02 -107.23
CA HIS LB 99 -80.50 -30.40 -105.85
C HIS LB 99 -81.69 -31.15 -105.26
N LYS LB 100 -82.90 -30.65 -105.52
CA LYS LB 100 -84.10 -31.36 -105.07
C LYS LB 100 -84.15 -32.75 -105.67
N ARG LB 101 -83.84 -32.87 -106.96
CA ARG LB 101 -83.83 -34.17 -107.62
C ARG LB 101 -82.84 -35.13 -106.96
N ASN LB 102 -81.62 -34.64 -106.69
CA ASN LB 102 -80.60 -35.49 -106.10
C ASN LB 102 -80.98 -35.91 -104.68
N VAL LB 103 -81.49 -34.98 -103.87
CA VAL LB 103 -81.87 -35.32 -102.51
C VAL LB 103 -83.05 -36.28 -102.51
N ASP LB 104 -83.99 -36.12 -103.44
CA ASP LB 104 -85.08 -37.07 -103.56
C ASP LB 104 -84.56 -38.46 -103.90
N THR LB 105 -83.62 -38.54 -104.85
CA THR LB 105 -83.04 -39.83 -105.22
C THR LB 105 -82.36 -40.50 -104.04
N LEU LB 106 -81.61 -39.72 -103.26
CA LEU LB 106 -80.86 -40.29 -102.14
C LEU LB 106 -81.74 -40.64 -100.94
N PHE LB 107 -82.78 -39.83 -100.68
CA PHE LB 107 -83.50 -39.89 -99.42
C PHE LB 107 -84.96 -40.31 -99.60
N ALA LB 108 -85.69 -39.65 -100.49
CA ALA LB 108 -87.12 -39.93 -100.64
C ALA LB 108 -87.35 -41.33 -101.19
N SER LB 109 -86.57 -41.72 -102.18
CA SER LB 109 -86.68 -43.06 -102.77
C SER LB 109 -85.58 -43.99 -102.31
N GLY LB 110 -84.65 -43.52 -101.48
CA GLY LB 110 -83.56 -44.34 -100.99
C GLY LB 110 -83.72 -44.68 -99.51
N ASN LB 111 -82.60 -45.07 -98.90
CA ASN LB 111 -82.57 -45.46 -97.50
C ASN LB 111 -81.62 -44.57 -96.70
N ALA LB 112 -81.38 -43.34 -97.17
CA ALA LB 112 -80.46 -42.46 -96.48
C ALA LB 112 -81.02 -41.99 -95.14
N GLY LB 113 -82.34 -41.98 -94.99
CA GLY LB 113 -82.92 -41.54 -93.73
C GLY LB 113 -82.64 -42.49 -92.59
N LEU LB 114 -82.35 -43.75 -92.91
CA LEU LB 114 -82.08 -44.76 -91.89
C LEU LB 114 -80.58 -44.86 -91.61
N GLY LB 115 -79.80 -44.00 -92.26
CA GLY LB 115 -78.36 -44.04 -92.08
C GLY LB 115 -77.65 -44.94 -93.06
N PHE LB 116 -77.89 -44.75 -94.35
CA PHE LB 116 -77.32 -45.58 -95.40
C PHE LB 116 -76.85 -44.71 -96.56
N LEU LB 117 -75.80 -45.16 -97.24
CA LEU LB 117 -75.33 -44.54 -98.46
C LEU LB 117 -75.33 -45.55 -99.59
N ASP LB 118 -75.81 -45.14 -100.76
CA ASP LB 118 -75.82 -46.01 -101.92
C ASP LB 118 -74.86 -45.47 -102.95
N PRO LB 119 -73.66 -46.04 -103.10
CA PRO LB 119 -72.71 -45.53 -104.11
C PRO LB 119 -73.22 -45.66 -105.53
N THR LB 120 -74.18 -46.53 -105.80
CA THR LB 120 -74.72 -46.73 -107.14
C THR LB 120 -75.92 -45.84 -107.43
N ALA LB 121 -76.24 -44.92 -106.53
CA ALA LB 121 -77.38 -44.03 -106.73
C ALA LB 121 -77.14 -43.14 -107.96
N ALA LB 122 -78.22 -42.84 -108.68
CA ALA LB 122 -78.14 -42.07 -109.93
C ALA LB 122 -78.21 -40.58 -109.60
N ILE LB 123 -77.05 -39.95 -109.55
CA ILE LB 123 -76.93 -38.52 -109.33
C ILE LB 123 -76.58 -37.85 -110.66
N VAL LB 124 -77.25 -36.72 -110.93
CA VAL LB 124 -77.07 -36.01 -112.19
C VAL LB 124 -76.70 -34.57 -111.91
N SER LB 125 -76.06 -33.94 -112.90
CA SER LB 125 -75.66 -32.54 -112.80
C SER LB 125 -76.74 -31.64 -113.40
N SER LB 126 -76.57 -30.33 -113.18
CA SER LB 126 -77.53 -29.36 -113.71
C SER LB 126 -77.37 -29.16 -115.21
N ASP LB 127 -76.18 -29.36 -115.75
CA ASP LB 127 -75.96 -29.19 -117.17
C ASP LB 127 -76.66 -30.30 -117.96
N THR LB 128 -77.02 -29.98 -119.19
CA THR LB 128 -77.73 -30.91 -120.06
C THR LB 128 -76.83 -31.33 -121.22
N THR LB 129 -77.12 -32.50 -121.77
CA THR LB 129 -76.35 -33.03 -122.89
C THR LB 129 -76.89 -32.49 -124.21
N ALA MB 1 -91.09 5.67 -118.93
CA ALA MB 1 -91.51 4.79 -117.85
C ALA MB 1 -90.31 4.34 -117.02
N ASN MB 2 -90.08 5.01 -115.90
CA ASN MB 2 -88.95 4.66 -115.04
C ASN MB 2 -89.20 3.34 -114.35
N LYS MB 3 -88.12 2.60 -114.09
CA LYS MB 3 -88.23 1.31 -113.44
C LYS MB 3 -88.67 1.49 -111.99
N PRO MB 4 -89.62 0.69 -111.49
CA PRO MB 4 -90.04 0.83 -110.11
C PRO MB 4 -89.02 0.24 -109.15
N MET MB 5 -89.11 0.67 -107.89
CA MET MB 5 -88.26 0.18 -106.83
C MET MB 5 -89.10 -0.47 -105.74
N GLN MB 6 -88.48 -1.40 -105.01
CA GLN MB 6 -89.13 -2.08 -103.91
C GLN MB 6 -88.29 -1.96 -102.65
N PRO MB 7 -88.91 -1.89 -101.47
CA PRO MB 7 -88.13 -1.75 -100.23
C PRO MB 7 -87.43 -3.06 -99.89
N ILE MB 8 -86.15 -2.95 -99.56
CA ILE MB 8 -85.31 -4.10 -99.23
C ILE MB 8 -85.10 -4.23 -97.73
N THR MB 9 -84.78 -3.12 -97.06
CA THR MB 9 -84.69 -3.09 -95.61
C THR MB 9 -85.68 -2.05 -95.07
N SER MB 10 -86.51 -2.47 -94.12
CA SER MB 10 -87.61 -1.64 -93.67
C SER MB 10 -87.49 -1.39 -92.18
N THR MB 11 -87.36 -0.11 -91.82
CA THR MB 11 -87.39 0.34 -90.44
C THR MB 11 -88.05 1.71 -90.41
N ALA MB 12 -88.81 1.98 -89.35
CA ALA MB 12 -89.47 3.28 -89.25
C ALA MB 12 -88.45 4.41 -89.13
N ASN MB 13 -87.26 4.09 -88.61
CA ASN MB 13 -86.19 5.09 -88.59
C ASN MB 13 -85.61 5.34 -89.98
N LYS MB 14 -85.45 4.29 -90.79
CA LYS MB 14 -84.92 4.43 -92.13
C LYS MB 14 -85.41 3.31 -93.03
N ILE MB 15 -85.77 3.66 -94.26
CA ILE MB 15 -86.16 2.69 -95.28
C ILE MB 15 -85.29 2.91 -96.51
N VAL MB 16 -84.70 1.85 -97.02
CA VAL MB 16 -83.86 1.90 -98.22
C VAL MB 16 -84.56 1.13 -99.34
N TRP MB 17 -84.67 1.77 -100.49
CA TRP MB 17 -85.26 1.15 -101.68
C TRP MB 17 -84.16 0.60 -102.57
N SER MB 18 -84.53 -0.34 -103.42
CA SER MB 18 -83.56 -0.99 -104.30
C SER MB 18 -84.21 -1.31 -105.63
N ASP MB 19 -83.39 -1.37 -106.67
CA ASP MB 19 -83.86 -1.74 -108.00
C ASP MB 19 -83.65 -3.23 -108.20
N PRO MB 20 -84.71 -4.01 -108.42
CA PRO MB 20 -84.52 -5.46 -108.60
C PRO MB 20 -83.65 -5.84 -109.77
N THR MB 21 -83.64 -5.05 -110.84
CA THR MB 21 -82.79 -5.34 -111.99
C THR MB 21 -81.33 -4.96 -111.76
N ARG MB 22 -81.07 -3.90 -110.99
CA ARG MB 22 -79.70 -3.50 -110.67
C ARG MB 22 -79.67 -3.19 -109.18
N LEU MB 23 -79.21 -4.16 -108.38
CA LEU MB 23 -79.26 -4.01 -106.92
C LEU MB 23 -78.32 -2.92 -106.41
N SER MB 24 -77.40 -2.44 -107.25
CA SER MB 24 -76.48 -1.40 -106.81
C SER MB 24 -77.13 -0.02 -106.76
N THR MB 25 -78.33 0.13 -107.33
CA THR MB 25 -79.06 1.39 -107.29
C THR MB 25 -79.97 1.39 -106.07
N THR MB 26 -79.74 2.33 -105.16
CA THR MB 26 -80.48 2.39 -103.90
C THR MB 26 -80.94 3.82 -103.65
N PHE MB 27 -82.02 3.94 -102.88
CA PHE MB 27 -82.52 5.23 -102.42
C PHE MB 27 -82.93 5.07 -100.97
N SER MB 28 -82.32 5.85 -100.08
CA SER MB 28 -82.53 5.74 -98.65
C SER MB 28 -83.22 6.99 -98.11
N ALA MB 29 -84.12 6.78 -97.16
CA ALA MB 29 -84.82 7.87 -96.49
C ALA MB 29 -84.84 7.59 -95.00
N SER MB 30 -84.15 8.44 -94.23
CA SER MB 30 -84.07 8.28 -92.79
C SER MB 30 -84.56 9.56 -92.13
N LEU MB 31 -85.45 9.42 -91.15
CA LEU MB 31 -86.01 10.55 -90.42
C LEU MB 31 -85.57 10.47 -88.97
N LEU MB 32 -85.06 11.58 -88.45
CA LEU MB 32 -84.70 11.71 -87.05
C LEU MB 32 -85.51 12.83 -86.44
N ARG MB 33 -86.26 12.51 -85.39
CA ARG MB 33 -87.18 13.46 -84.77
C ARG MB 33 -86.75 13.73 -83.33
N GLN MB 34 -86.65 15.01 -82.98
CA GLN MB 34 -86.31 15.43 -81.64
C GLN MB 34 -87.19 16.62 -81.27
N ARG MB 35 -87.58 16.68 -80.00
CA ARG MB 35 -88.48 17.72 -79.51
C ARG MB 35 -87.63 18.87 -78.98
N VAL MB 36 -87.13 19.69 -79.91
CA VAL MB 36 -86.32 20.84 -79.55
C VAL MB 36 -87.23 22.05 -79.44
N LYS MB 37 -87.46 22.52 -78.21
CA LYS MB 37 -88.40 23.61 -78.00
C LYS MB 37 -87.69 24.93 -77.81
N VAL MB 38 -88.17 25.96 -78.51
CA VAL MB 38 -87.71 27.32 -78.31
C VAL MB 38 -88.44 27.90 -77.11
N GLY MB 39 -88.01 29.06 -76.64
CA GLY MB 39 -88.59 29.69 -75.47
C GLY MB 39 -90.10 29.81 -75.50
N ILE MB 40 -90.74 29.43 -74.40
CA ILE MB 40 -92.19 29.50 -74.19
C ILE MB 40 -92.98 28.96 -75.38
N ALA MB 41 -92.41 27.97 -76.06
CA ALA MB 41 -93.09 27.35 -77.20
C ALA MB 41 -92.67 25.89 -77.28
N GLU MB 42 -93.50 25.09 -77.94
CA GLU MB 42 -93.25 23.67 -78.16
C GLU MB 42 -93.10 23.43 -79.65
N LEU MB 43 -92.05 22.71 -80.05
CA LEU MB 43 -91.77 22.46 -81.46
C LEU MB 43 -91.30 21.03 -81.63
N ASN MB 44 -91.76 20.39 -82.70
CA ASN MB 44 -91.32 19.06 -83.07
C ASN MB 44 -90.43 19.17 -84.30
N ASN MB 45 -89.16 18.83 -84.15
CA ASN MB 45 -88.16 18.99 -85.20
C ASN MB 45 -87.89 17.64 -85.85
N VAL MB 46 -87.83 17.63 -87.18
CA VAL MB 46 -87.58 16.42 -87.96
C VAL MB 46 -86.39 16.71 -88.87
N SER MB 47 -85.46 15.77 -88.94
CA SER MB 47 -84.32 15.87 -89.85
C SER MB 47 -84.43 14.76 -90.88
N GLY MB 48 -84.76 15.11 -92.11
CA GLY MB 48 -84.98 14.12 -93.14
C GLY MB 48 -83.84 14.00 -94.12
N GLN MB 49 -83.07 12.92 -94.01
CA GLN MB 49 -81.90 12.69 -94.84
C GLN MB 49 -82.24 11.68 -95.93
N TYR MB 50 -82.01 12.06 -97.18
CA TYR MB 50 -82.31 11.22 -98.33
C TYR MB 50 -81.04 11.01 -99.14
N VAL MB 51 -80.71 9.76 -99.42
CA VAL MB 51 -79.49 9.40 -100.13
C VAL MB 51 -79.86 8.56 -101.34
N SER MB 52 -79.41 8.99 -102.52
CA SER MB 52 -79.59 8.24 -103.75
C SER MB 52 -78.22 7.86 -104.31
N VAL MB 53 -78.03 6.56 -104.54
CA VAL MB 53 -76.74 6.01 -104.94
C VAL MB 53 -76.91 5.27 -106.25
N TYR MB 54 -76.05 5.58 -107.22
CA TYR MB 54 -75.99 4.88 -108.49
C TYR MB 54 -74.53 4.63 -108.86
N LYS MB 55 -74.23 3.42 -109.28
CA LYS MB 55 -72.88 3.05 -109.70
C LYS MB 55 -72.86 2.93 -111.22
N ARG MB 56 -72.43 3.99 -111.90
CA ARG MB 56 -72.43 4.06 -113.35
C ARG MB 56 -71.05 3.76 -113.90
N PRO MB 57 -70.96 2.95 -114.95
CA PRO MB 57 -69.65 2.66 -115.54
C PRO MB 57 -68.99 3.90 -116.12
N ALA MB 58 -67.66 3.88 -116.14
CA ALA MB 58 -66.90 5.00 -116.66
C ALA MB 58 -67.19 5.20 -118.15
N PRO MB 59 -67.09 6.42 -118.66
CA PRO MB 59 -67.46 6.67 -120.06
C PRO MB 59 -66.54 5.99 -121.06
N LYS MB 60 -67.14 5.33 -122.06
CA LYS MB 60 -66.39 4.65 -123.11
C LYS MB 60 -65.70 5.67 -123.99
N PRO MB 61 -64.57 5.31 -124.61
CA PRO MB 61 -63.90 6.25 -125.53
C PRO MB 61 -64.80 6.65 -126.69
N GLU MB 62 -64.68 7.91 -127.12
CA GLU MB 62 -65.61 8.44 -128.10
C GLU MB 62 -65.53 7.70 -129.43
N GLY MB 63 -64.32 7.40 -129.88
CA GLY MB 63 -64.16 6.68 -131.14
C GLY MB 63 -64.08 5.18 -130.94
N CYS MB 64 -65.10 4.59 -130.35
CA CYS MB 64 -65.12 3.16 -130.06
C CYS MB 64 -66.41 2.54 -130.56
N ALA MB 65 -66.28 1.40 -131.25
CA ALA MB 65 -67.41 0.62 -131.69
C ALA MB 65 -67.38 -0.82 -131.20
N ASP MB 66 -66.50 -1.13 -130.24
CA ASP MB 66 -66.40 -2.50 -129.74
C ASP MB 66 -67.65 -2.87 -128.95
N ALA MB 67 -68.09 -4.11 -129.11
CA ALA MB 67 -69.33 -4.58 -128.51
C ALA MB 67 -69.16 -4.89 -127.03
N CYS MB 68 -68.13 -5.67 -126.69
CA CYS MB 68 -68.00 -6.22 -125.35
C CYS MB 68 -66.77 -5.66 -124.67
N VAL MB 69 -66.92 -4.50 -124.04
CA VAL MB 69 -65.87 -3.89 -123.23
C VAL MB 69 -66.53 -3.27 -122.00
N ILE MB 70 -66.18 -3.75 -120.81
CA ILE MB 70 -66.81 -3.30 -119.58
C ILE MB 70 -65.72 -2.73 -118.66
N MET MB 71 -65.99 -1.54 -118.12
CA MET MB 71 -65.05 -0.85 -117.24
C MET MB 71 -65.63 -0.69 -115.84
N PRO MB 72 -64.80 -0.52 -114.81
CA PRO MB 72 -65.32 -0.44 -113.45
C PRO MB 72 -66.20 0.80 -113.25
N ASN MB 73 -67.09 0.70 -112.28
CA ASN MB 73 -68.11 1.70 -112.05
C ASN MB 73 -67.59 2.79 -111.12
N GLU MB 74 -68.16 3.99 -111.27
CA GLU MB 74 -67.87 5.13 -110.42
C GLU MB 74 -69.07 5.36 -109.51
N ASN MB 75 -68.82 5.94 -108.35
CA ASN MB 75 -69.89 6.16 -107.38
C ASN MB 75 -70.52 7.52 -107.59
N GLN MB 76 -71.82 7.54 -107.87
CA GLN MB 76 -72.60 8.78 -108.01
C GLN MB 76 -73.55 8.86 -106.82
N SER MB 77 -73.42 9.93 -106.04
CA SER MB 77 -74.19 10.09 -104.83
C SER MB 77 -74.84 11.47 -104.80
N ILE MB 78 -76.12 11.49 -104.40
CA ILE MB 78 -76.85 12.73 -104.17
C ILE MB 78 -77.49 12.62 -102.80
N ARG MB 79 -77.10 13.50 -101.89
CA ARG MB 79 -77.52 13.43 -100.49
C ARG MB 79 -78.14 14.74 -100.07
N THR MB 80 -79.40 14.70 -99.66
CA THR MB 80 -80.13 15.87 -99.19
C THR MB 80 -80.72 15.60 -97.82
N VAL MB 81 -80.50 16.51 -96.89
CA VAL MB 81 -81.08 16.43 -95.55
C VAL MB 81 -81.85 17.72 -95.29
N ILE MB 82 -83.08 17.58 -94.78
CA ILE MB 82 -83.98 18.69 -94.54
C ILE MB 82 -84.31 18.72 -93.06
N SER MB 83 -84.12 19.88 -92.43
CA SER MB 83 -84.37 20.05 -91.00
C SER MB 83 -85.35 21.20 -90.80
N GLY MB 84 -86.38 20.96 -89.99
CA GLY MB 84 -87.36 21.98 -89.70
C GLY MB 84 -88.47 21.51 -88.81
N SER MB 85 -89.24 22.44 -88.25
CA SER MB 85 -90.35 22.08 -87.38
C SER MB 85 -91.52 21.56 -88.19
N ALA MB 86 -92.34 20.71 -87.57
CA ALA MB 86 -93.51 20.17 -88.24
C ALA MB 86 -94.59 21.23 -88.41
N GLU MB 87 -94.60 22.24 -87.54
CA GLU MB 87 -95.63 23.27 -87.61
C GLU MB 87 -95.48 24.12 -88.86
N ASN MB 88 -94.26 24.30 -89.35
CA ASN MB 88 -93.97 25.15 -90.48
C ASN MB 88 -93.80 24.36 -91.78
N LEU MB 89 -94.61 23.31 -91.97
CA LEU MB 89 -94.40 22.40 -93.09
C LEU MB 89 -94.62 23.10 -94.44
N ALA MB 90 -95.65 23.94 -94.53
CA ALA MB 90 -95.94 24.60 -95.81
C ALA MB 90 -94.82 25.55 -96.20
N THR MB 91 -94.36 26.36 -95.24
CA THR MB 91 -93.25 27.26 -95.50
C THR MB 91 -91.98 26.51 -95.83
N LEU MB 92 -91.73 25.38 -95.17
CA LEU MB 92 -90.55 24.59 -95.50
C LEU MB 92 -90.66 24.00 -96.90
N LYS MB 93 -91.88 23.62 -97.31
CA LYS MB 93 -92.06 23.13 -98.68
C LYS MB 93 -91.80 24.23 -99.70
N ALA MB 94 -92.22 25.46 -99.40
CA ALA MB 94 -91.89 26.58 -100.27
C ALA MB 94 -90.37 26.77 -100.34
N GLU MB 95 -89.70 26.67 -99.19
CA GLU MB 95 -88.24 26.74 -99.17
C GLU MB 95 -87.63 25.64 -100.02
N TRP MB 96 -88.21 24.45 -99.99
CA TRP MB 96 -87.71 23.33 -100.76
C TRP MB 96 -87.85 23.58 -102.26
N GLU MB 97 -88.98 24.17 -102.67
CA GLU MB 97 -89.16 24.53 -104.07
C GLU MB 97 -88.13 25.57 -104.50
N THR MB 98 -87.88 26.57 -103.65
CA THR MB 98 -86.87 27.57 -103.97
C THR MB 98 -85.49 26.94 -104.07
N HIS MB 99 -85.19 26.00 -103.17
CA HIS MB 99 -83.93 25.29 -103.22
C HIS MB 99 -83.79 24.50 -104.52
N LYS MB 100 -84.87 23.84 -104.94
CA LYS MB 100 -84.87 23.19 -106.25
C LYS MB 100 -84.50 24.17 -107.35
N ARG MB 101 -85.16 25.33 -107.38
CA ARG MB 101 -84.91 26.29 -108.44
C ARG MB 101 -83.46 26.76 -108.44
N ASN MB 102 -82.92 27.06 -107.27
CA ASN MB 102 -81.56 27.58 -107.19
C ASN MB 102 -80.53 26.52 -107.57
N VAL MB 103 -80.71 25.30 -107.08
CA VAL MB 103 -79.77 24.23 -107.42
C VAL MB 103 -79.84 23.91 -108.90
N ASP MB 104 -81.04 23.95 -109.48
CA ASP MB 104 -81.17 23.76 -110.92
C ASP MB 104 -80.44 24.86 -111.68
N THR MB 105 -80.59 26.11 -111.25
CA THR MB 105 -79.91 27.21 -111.91
C THR MB 105 -78.39 27.04 -111.88
N LEU MB 106 -77.85 26.64 -110.73
CA LEU MB 106 -76.40 26.48 -110.64
C LEU MB 106 -75.88 25.24 -111.35
N PHE MB 107 -76.60 24.13 -111.27
CA PHE MB 107 -76.09 22.83 -111.70
C PHE MB 107 -76.62 22.42 -113.07
N ALA MB 108 -77.95 22.36 -113.23
CA ALA MB 108 -78.52 21.82 -114.45
C ALA MB 108 -78.23 22.70 -115.66
N SER MB 109 -78.37 24.01 -115.49
CA SER MB 109 -78.13 24.95 -116.58
C SER MB 109 -76.78 25.65 -116.48
N GLY MB 110 -75.99 25.36 -115.45
CA GLY MB 110 -74.69 25.97 -115.28
C GLY MB 110 -73.55 24.98 -115.48
N ASN MB 111 -72.38 25.35 -114.96
CA ASN MB 111 -71.19 24.52 -115.04
C ASN MB 111 -70.68 24.13 -113.66
N ALA MB 112 -71.52 24.24 -112.63
CA ALA MB 112 -71.12 23.83 -111.30
C ALA MB 112 -70.84 22.33 -111.24
N GLY MB 113 -71.52 21.55 -112.08
CA GLY MB 113 -71.22 20.13 -112.18
C GLY MB 113 -69.83 19.84 -112.70
N LEU MB 114 -69.36 20.64 -113.66
CA LEU MB 114 -68.01 20.50 -114.18
C LEU MB 114 -66.97 21.17 -113.29
N GLY MB 115 -67.39 22.06 -112.41
CA GLY MB 115 -66.47 22.66 -111.45
C GLY MB 115 -66.29 24.16 -111.56
N PHE MB 116 -67.24 24.88 -112.15
CA PHE MB 116 -67.16 26.32 -112.31
C PHE MB 116 -68.35 26.97 -111.61
N LEU MB 117 -68.07 27.96 -110.77
CA LEU MB 117 -69.10 28.76 -110.11
C LEU MB 117 -69.22 30.10 -110.82
N ASP MB 118 -70.46 30.48 -111.15
CA ASP MB 118 -70.72 31.74 -111.81
C ASP MB 118 -71.29 32.71 -110.79
N PRO MB 119 -70.59 33.78 -110.41
CA PRO MB 119 -71.16 34.72 -109.43
C PRO MB 119 -72.28 35.58 -109.99
N THR MB 120 -72.63 35.44 -111.26
CA THR MB 120 -73.70 36.21 -111.88
C THR MB 120 -74.98 35.40 -112.05
N ALA MB 121 -75.09 34.23 -111.40
CA ALA MB 121 -76.26 33.39 -111.55
C ALA MB 121 -77.50 34.08 -110.99
N ALA MB 122 -78.65 33.80 -111.59
CA ALA MB 122 -79.92 34.40 -111.17
C ALA MB 122 -80.51 33.56 -110.06
N ILE MB 123 -79.98 33.72 -108.86
CA ILE MB 123 -80.45 33.01 -107.67
C ILE MB 123 -81.54 33.85 -107.00
N VAL MB 124 -82.63 33.21 -106.61
CA VAL MB 124 -83.81 33.91 -106.10
C VAL MB 124 -84.18 33.34 -104.73
N SER MB 125 -84.91 34.14 -103.96
CA SER MB 125 -85.38 33.74 -102.65
C SER MB 125 -86.83 33.25 -102.71
N SER MB 126 -87.29 32.70 -101.59
CA SER MB 126 -88.63 32.14 -101.53
C SER MB 126 -89.72 33.21 -101.47
N ASP MB 127 -89.48 34.30 -100.78
CA ASP MB 127 -90.48 35.35 -100.63
C ASP MB 127 -90.75 36.03 -101.97
N THR MB 128 -92.00 36.44 -102.16
CA THR MB 128 -92.44 37.09 -103.39
C THR MB 128 -92.75 38.56 -103.12
N THR MB 129 -92.61 39.37 -104.16
CA THR MB 129 -92.86 40.80 -104.06
C THR MB 129 -94.36 41.08 -104.01
N ALA NB 1 -116.24 10.01 -88.85
CA ALA NB 1 -115.00 9.72 -89.57
C ALA NB 1 -113.79 10.10 -88.73
N ASN NB 2 -113.29 9.16 -87.95
CA ASN NB 2 -112.14 9.42 -87.09
C ASN NB 2 -110.86 9.52 -87.93
N LYS NB 3 -109.93 10.33 -87.46
CA LYS NB 3 -108.68 10.52 -88.18
C LYS NB 3 -107.78 9.31 -88.02
N PRO NB 4 -107.32 8.70 -89.11
CA PRO NB 4 -106.42 7.54 -88.98
C PRO NB 4 -105.01 7.95 -88.57
N MET NB 5 -104.23 6.96 -88.16
CA MET NB 5 -102.83 7.15 -87.78
C MET NB 5 -101.90 6.40 -88.71
N GLN NB 6 -100.65 6.82 -88.74
CA GLN NB 6 -99.56 6.13 -89.41
C GLN NB 6 -98.48 5.75 -88.40
N PRO NB 7 -97.74 4.67 -88.64
CA PRO NB 7 -96.75 4.23 -87.65
C PRO NB 7 -95.48 5.07 -87.67
N ILE NB 8 -95.10 5.61 -86.51
CA ILE NB 8 -93.84 6.33 -86.39
C ILE NB 8 -92.69 5.43 -85.98
N THR NB 9 -92.98 4.30 -85.33
CA THR NB 9 -91.96 3.36 -84.90
C THR NB 9 -92.45 1.95 -85.18
N SER NB 10 -91.69 1.19 -85.97
CA SER NB 10 -92.05 -0.17 -86.34
C SER NB 10 -90.93 -1.10 -85.89
N THR NB 11 -91.30 -2.10 -85.09
CA THR NB 11 -90.36 -3.07 -84.56
C THR NB 11 -91.09 -4.41 -84.45
N ALA NB 12 -90.32 -5.50 -84.51
CA ALA NB 12 -90.92 -6.83 -84.45
C ALA NB 12 -91.69 -7.06 -83.16
N ASN NB 13 -91.40 -6.29 -82.12
CA ASN NB 13 -92.08 -6.44 -80.84
C ASN NB 13 -92.86 -5.21 -80.40
N LYS NB 14 -92.83 -4.11 -81.15
CA LYS NB 14 -93.53 -2.90 -80.74
C LYS NB 14 -93.79 -2.03 -81.96
N ILE NB 15 -95.02 -1.53 -82.08
CA ILE NB 15 -95.40 -0.57 -83.10
C ILE NB 15 -96.12 0.59 -82.42
N VAL NB 16 -95.71 1.81 -82.76
CA VAL NB 16 -96.27 3.02 -82.17
C VAL NB 16 -96.88 3.85 -83.30
N TRP NB 17 -98.15 4.21 -83.14
CA TRP NB 17 -98.86 5.06 -84.09
C TRP NB 17 -98.89 6.49 -83.58
N SER NB 18 -99.20 7.43 -84.48
CA SER NB 18 -99.28 8.83 -84.13
C SER NB 18 -100.09 9.58 -85.18
N ASP NB 19 -100.90 10.54 -84.73
CA ASP NB 19 -101.76 11.28 -85.64
C ASP NB 19 -100.95 12.33 -86.38
N PRO NB 20 -101.07 12.41 -87.71
CA PRO NB 20 -100.33 13.44 -88.44
C PRO NB 20 -100.66 14.86 -88.00
N THR NB 21 -101.93 15.11 -87.66
CA THR NB 21 -102.32 16.46 -87.23
C THR NB 21 -101.78 16.77 -85.84
N ARG NB 22 -101.91 15.84 -84.89
CA ARG NB 22 -101.43 16.02 -83.53
C ARG NB 22 -100.45 14.89 -83.21
N LEU NB 23 -99.17 15.24 -83.10
CA LEU NB 23 -98.15 14.22 -82.83
C LEU NB 23 -98.17 13.82 -81.36
N SER NB 24 -98.89 14.57 -80.52
CA SER NB 24 -98.95 14.27 -79.10
C SER NB 24 -99.75 13.00 -78.83
N THR NB 25 -100.74 12.72 -79.66
CA THR NB 25 -101.60 11.56 -79.47
C THR NB 25 -100.99 10.34 -80.14
N THR NB 26 -100.56 9.37 -79.34
CA THR NB 26 -99.91 8.18 -79.85
C THR NB 26 -100.62 6.93 -79.32
N PHE NB 27 -100.58 5.87 -80.11
CA PHE NB 27 -101.12 4.57 -79.72
C PHE NB 27 -100.03 3.53 -79.93
N SER NB 28 -99.76 2.73 -78.89
CA SER NB 28 -98.67 1.77 -78.92
C SER NB 28 -99.16 0.38 -78.56
N ALA NB 29 -98.57 -0.62 -79.21
CA ALA NB 29 -98.88 -2.03 -78.94
C ALA NB 29 -97.57 -2.79 -78.85
N SER NB 30 -97.37 -3.50 -77.74
CA SER NB 30 -96.16 -4.28 -77.50
C SER NB 30 -96.55 -5.69 -77.10
N LEU NB 31 -95.91 -6.68 -77.72
CA LEU NB 31 -96.19 -8.08 -77.43
C LEU NB 31 -94.97 -8.74 -76.82
N LEU NB 32 -95.20 -9.55 -75.79
CA LEU NB 32 -94.17 -10.37 -75.17
C LEU NB 32 -94.55 -11.83 -75.33
N ARG NB 33 -93.65 -12.61 -75.91
CA ARG NB 33 -93.90 -14.01 -76.22
C ARG NB 33 -92.99 -14.89 -75.40
N GLN NB 34 -93.59 -15.81 -74.63
CA GLN NB 34 -92.85 -16.71 -73.76
C GLN NB 34 -93.51 -18.08 -73.78
N ARG NB 35 -92.70 -19.10 -73.53
CA ARG NB 35 -93.22 -20.45 -73.35
C ARG NB 35 -93.42 -20.73 -71.87
N VAL NB 36 -94.61 -21.19 -71.50
CA VAL NB 36 -94.98 -21.42 -70.11
C VAL NB 36 -94.92 -22.91 -69.84
N LYS NB 37 -94.17 -23.27 -68.79
CA LYS NB 37 -94.02 -24.66 -68.38
C LYS NB 37 -95.13 -25.02 -67.42
N VAL NB 38 -96.04 -25.89 -67.85
CA VAL NB 38 -97.14 -26.38 -67.04
C VAL NB 38 -97.05 -27.91 -67.03
N GLY NB 39 -97.50 -28.50 -65.92
CA GLY NB 39 -97.46 -29.94 -65.76
C GLY NB 39 -98.07 -30.68 -66.95
N ILE NB 40 -97.31 -31.65 -67.48
CA ILE NB 40 -97.66 -32.45 -68.65
C ILE NB 40 -98.29 -31.58 -69.75
N ALA NB 41 -97.72 -30.39 -69.95
CA ALA NB 41 -98.20 -29.50 -71.00
C ALA NB 41 -97.06 -28.59 -71.44
N GLU NB 42 -97.09 -28.20 -72.71
CA GLU NB 42 -96.12 -27.24 -73.25
C GLU NB 42 -96.89 -26.22 -74.10
N LEU NB 43 -97.33 -25.15 -73.44
CA LEU NB 43 -98.11 -24.10 -74.09
C LEU NB 43 -97.44 -22.76 -73.85
N ASN NB 44 -97.59 -21.85 -74.81
CA ASN NB 44 -96.88 -20.58 -74.83
C ASN NB 44 -97.84 -19.41 -74.65
N ASN NB 45 -97.48 -18.49 -73.78
CA ASN NB 45 -98.33 -17.33 -73.50
C ASN NB 45 -97.90 -16.14 -74.36
N VAL NB 46 -98.85 -15.26 -74.63
CA VAL NB 46 -98.60 -14.01 -75.33
C VAL NB 46 -99.19 -12.88 -74.50
N SER NB 47 -98.35 -11.93 -74.11
CA SER NB 47 -98.77 -10.78 -73.32
C SER NB 47 -98.75 -9.54 -74.20
N GLY NB 48 -99.90 -8.88 -74.33
CA GLY NB 48 -100.00 -7.71 -75.17
C GLY NB 48 -100.34 -6.44 -74.42
N GLN NB 49 -99.47 -5.45 -74.51
CA GLN NB 49 -99.64 -4.18 -73.81
C GLN NB 49 -100.06 -3.12 -74.82
N TYR NB 50 -101.19 -2.48 -74.56
CA TYR NB 50 -101.73 -1.43 -75.43
C TYR NB 50 -101.88 -0.16 -74.62
N VAL NB 51 -101.28 0.92 -75.10
CA VAL NB 51 -101.28 2.20 -74.41
C VAL NB 51 -101.82 3.28 -75.34
N SER NB 52 -102.83 4.00 -74.89
CA SER NB 52 -103.38 5.14 -75.60
C SER NB 52 -103.19 6.40 -74.77
N VAL NB 53 -102.58 7.42 -75.38
CA VAL NB 53 -102.28 8.67 -74.69
C VAL NB 53 -102.82 9.84 -75.51
N TYR NB 54 -103.50 10.76 -74.83
CA TYR NB 54 -103.99 11.98 -75.44
C TYR NB 54 -103.61 13.14 -74.53
N LYS NB 55 -103.02 14.19 -75.11
CA LYS NB 55 -102.57 15.34 -74.35
C LYS NB 55 -103.65 16.42 -74.40
N ARG NB 56 -104.74 16.15 -73.69
CA ARG NB 56 -105.90 17.03 -73.72
C ARG NB 56 -105.58 18.36 -73.03
N PRO NB 57 -106.02 19.47 -73.60
CA PRO NB 57 -105.82 20.77 -72.93
C PRO NB 57 -106.57 20.87 -71.63
N ALA NB 58 -106.04 21.69 -70.73
CA ALA NB 58 -106.69 21.92 -69.45
C ALA NB 58 -108.03 22.60 -69.66
N PRO NB 59 -109.00 22.40 -68.77
CA PRO NB 59 -110.34 22.99 -69.00
C PRO NB 59 -110.28 24.51 -69.02
N LYS NB 60 -110.99 25.09 -69.98
CA LYS NB 60 -111.01 26.53 -70.15
C LYS NB 60 -111.73 27.19 -68.98
N PRO NB 61 -111.26 28.35 -68.52
CA PRO NB 61 -112.00 29.10 -67.49
C PRO NB 61 -113.34 29.58 -68.02
N GLU NB 62 -114.26 29.93 -67.13
CA GLU NB 62 -115.64 30.21 -67.48
C GLU NB 62 -115.80 31.70 -67.81
N GLY NB 63 -116.49 31.97 -68.92
CA GLY NB 63 -116.91 33.32 -69.26
C GLY NB 63 -115.86 34.18 -69.94
N CYS NB 64 -114.70 33.64 -70.29
CA CYS NB 64 -113.65 34.42 -70.91
C CYS NB 64 -113.27 33.78 -72.25
N ALA NB 65 -113.47 34.53 -73.33
CA ALA NB 65 -113.01 34.13 -74.66
C ALA NB 65 -111.65 34.75 -74.90
N ASP NB 66 -110.61 34.10 -74.40
CA ASP NB 66 -109.25 34.63 -74.53
C ASP NB 66 -108.84 34.68 -76.00
N ALA NB 67 -107.94 35.61 -76.31
CA ALA NB 67 -107.51 35.81 -77.69
C ALA NB 67 -106.84 34.56 -78.25
N CYS NB 68 -105.93 33.97 -77.47
CA CYS NB 68 -105.22 32.77 -77.90
C CYS NB 68 -105.18 31.75 -76.77
N VAL NB 69 -105.11 30.48 -77.15
CA VAL NB 69 -105.10 29.41 -76.16
C VAL NB 69 -103.76 29.38 -75.45
N ILE NB 70 -103.80 29.38 -74.11
CA ILE NB 70 -102.60 29.32 -73.29
C ILE NB 70 -102.77 28.21 -72.26
N MET NB 71 -103.65 27.26 -72.56
CA MET NB 71 -104.00 26.22 -71.60
C MET NB 71 -102.81 25.28 -71.36
N PRO NB 72 -102.46 25.00 -70.12
CA PRO NB 72 -101.41 24.00 -69.85
C PRO NB 72 -101.95 22.58 -69.90
N ASN NB 73 -101.94 22.00 -71.10
CA ASN NB 73 -102.51 20.67 -71.36
C ASN NB 73 -102.04 19.60 -70.38
N GLU NB 74 -102.87 18.57 -70.20
CA GLU NB 74 -102.62 17.50 -69.24
C GLU NB 74 -102.43 16.18 -69.97
N ASN NB 75 -102.27 15.12 -69.19
CA ASN NB 75 -102.01 13.79 -69.75
C ASN NB 75 -103.20 12.88 -69.48
N GLN NB 76 -103.73 12.28 -70.54
CA GLN NB 76 -104.79 11.28 -70.42
C GLN NB 76 -104.25 9.97 -70.98
N SER NB 77 -104.33 8.90 -70.18
CA SER NB 77 -103.72 7.63 -70.52
C SER NB 77 -104.70 6.49 -70.27
N ILE NB 78 -104.67 5.51 -71.17
CA ILE NB 78 -105.43 4.28 -71.03
C ILE NB 78 -104.52 3.13 -71.42
N ARG NB 79 -104.19 2.27 -70.46
CA ARG NB 79 -103.25 1.18 -70.65
C ARG NB 79 -103.94 -0.14 -70.35
N THR NB 80 -103.96 -1.03 -71.34
CA THR NB 80 -104.58 -2.33 -71.22
C THR NB 80 -103.58 -3.42 -71.58
N VAL NB 81 -103.47 -4.43 -70.73
CA VAL NB 81 -102.59 -5.57 -70.95
C VAL NB 81 -103.43 -6.84 -70.95
N ILE NB 82 -103.24 -7.66 -71.98
CA ILE NB 82 -103.96 -8.93 -72.13
C ILE NB 82 -102.93 -10.04 -72.20
N SER NB 83 -103.01 -10.98 -71.26
CA SER NB 83 -102.06 -12.08 -71.18
C SER NB 83 -102.83 -13.39 -71.15
N GLY NB 84 -102.44 -14.32 -72.00
CA GLY NB 84 -103.09 -15.62 -72.06
C GLY NB 84 -102.45 -16.49 -73.12
N SER NB 85 -102.71 -17.79 -72.99
CA SER NB 85 -102.17 -18.75 -73.94
C SER NB 85 -102.85 -18.61 -75.29
N ALA NB 86 -102.08 -18.80 -76.37
CA ALA NB 86 -102.65 -18.69 -77.70
C ALA NB 86 -103.57 -19.85 -78.03
N GLU NB 87 -103.46 -20.95 -77.28
CA GLU NB 87 -104.34 -22.09 -77.50
C GLU NB 87 -105.79 -21.73 -77.17
N ASN NB 88 -105.98 -20.81 -76.22
CA ASN NB 88 -107.30 -20.40 -75.76
C ASN NB 88 -107.70 -19.02 -76.29
N LEU NB 89 -107.40 -18.75 -77.56
CA LEU NB 89 -107.62 -17.41 -78.11
C LEU NB 89 -109.09 -17.04 -78.13
N ALA NB 90 -109.96 -17.98 -78.47
CA ALA NB 90 -111.39 -17.67 -78.54
C ALA NB 90 -111.93 -17.27 -77.17
N THR NB 91 -111.55 -18.02 -76.14
CA THR NB 91 -111.95 -17.65 -74.79
C THR NB 91 -111.29 -16.36 -74.33
N LEU NB 92 -110.07 -16.09 -74.76
CA LEU NB 92 -109.44 -14.82 -74.43
C LEU NB 92 -110.23 -13.67 -75.01
N LYS NB 93 -110.74 -13.85 -76.23
CA LYS NB 93 -111.60 -12.84 -76.85
C LYS NB 93 -112.90 -12.68 -76.07
N ALA NB 94 -113.50 -13.79 -75.64
CA ALA NB 94 -114.72 -13.72 -74.83
C ALA NB 94 -114.47 -12.98 -73.52
N GLU NB 95 -113.32 -13.25 -72.89
CA GLU NB 95 -112.95 -12.55 -71.67
C GLU NB 95 -112.74 -11.06 -71.94
N TRP NB 96 -112.17 -10.72 -73.10
CA TRP NB 96 -112.02 -9.32 -73.46
C TRP NB 96 -113.38 -8.65 -73.58
N GLU NB 97 -114.34 -9.33 -74.21
CA GLU NB 97 -115.69 -8.77 -74.32
C GLU NB 97 -116.32 -8.56 -72.96
N THR NB 98 -116.20 -9.55 -72.08
CA THR NB 98 -116.77 -9.42 -70.74
C THR NB 98 -116.11 -8.31 -69.95
N HIS NB 99 -114.78 -8.19 -70.07
CA HIS NB 99 -114.06 -7.12 -69.39
C HIS NB 99 -114.48 -5.75 -69.90
N LYS NB 100 -114.67 -5.63 -71.22
CA LYS NB 100 -115.16 -4.37 -71.77
C LYS NB 100 -116.54 -4.04 -71.22
N ARG NB 101 -117.42 -5.03 -71.14
CA ARG NB 101 -118.76 -4.78 -70.63
C ARG NB 101 -118.72 -4.33 -69.17
N ASN NB 102 -117.91 -5.01 -68.34
CA ASN NB 102 -117.82 -4.64 -66.93
C ASN NB 102 -117.22 -3.25 -66.76
N VAL NB 103 -116.16 -2.94 -67.50
CA VAL NB 103 -115.54 -1.62 -67.38
C VAL NB 103 -116.50 -0.54 -67.85
N ASP NB 104 -117.28 -0.83 -68.89
CA ASP NB 104 -118.28 0.13 -69.35
C ASP NB 104 -119.35 0.37 -68.29
N THR NB 105 -119.84 -0.70 -67.66
CA THR NB 105 -120.91 -0.54 -66.69
C THR NB 105 -120.42 0.17 -65.44
N LEU NB 106 -119.14 0.00 -65.09
CA LEU NB 106 -118.59 0.75 -63.96
C LEU NB 106 -118.27 2.19 -64.33
N PHE NB 107 -117.83 2.43 -65.56
CA PHE NB 107 -117.22 3.69 -65.96
C PHE NB 107 -118.04 4.48 -66.97
N ALA NB 108 -118.39 3.85 -68.11
CA ALA NB 108 -119.12 4.58 -69.14
C ALA NB 108 -120.50 5.01 -68.68
N SER NB 109 -121.21 4.12 -67.97
CA SER NB 109 -122.52 4.44 -67.44
C SER NB 109 -122.51 4.71 -65.94
N GLY NB 110 -121.37 4.61 -65.28
CA GLY NB 110 -121.25 4.83 -63.86
C GLY NB 110 -120.48 6.09 -63.53
N ASN NB 111 -120.16 6.24 -62.25
CA ASN NB 111 -119.42 7.41 -61.79
C ASN NB 111 -118.04 7.03 -61.29
N ALA NB 112 -117.44 6.00 -61.90
CA ALA NB 112 -116.10 5.59 -61.50
C ALA NB 112 -115.06 6.64 -61.90
N GLY NB 113 -115.36 7.42 -62.93
CA GLY NB 113 -114.43 8.46 -63.34
C GLY NB 113 -114.25 9.54 -62.30
N LEU NB 114 -115.33 9.92 -61.63
CA LEU NB 114 -115.24 10.95 -60.60
C LEU NB 114 -114.72 10.39 -59.28
N GLY NB 115 -114.61 9.08 -59.16
CA GLY NB 115 -114.03 8.45 -58.00
C GLY NB 115 -114.96 7.60 -57.17
N PHE NB 116 -116.15 7.29 -57.66
CA PHE NB 116 -117.08 6.47 -56.89
C PHE NB 116 -117.11 5.04 -57.40
N LEU NB 117 -116.98 4.09 -56.47
CA LEU NB 117 -117.08 2.66 -56.78
C LEU NB 117 -118.42 2.18 -56.26
N ASP NB 118 -119.35 1.95 -57.17
CA ASP NB 118 -120.70 1.52 -56.81
C ASP NB 118 -120.67 0.06 -56.38
N PRO NB 119 -121.07 -0.28 -55.14
CA PRO NB 119 -121.08 -1.69 -54.74
C PRO NB 119 -122.31 -2.46 -55.18
N THR NB 120 -123.29 -1.80 -55.79
CA THR NB 120 -124.48 -2.48 -56.31
C THR NB 120 -124.47 -2.61 -57.82
N ALA NB 121 -123.34 -2.33 -58.48
CA ALA NB 121 -123.28 -2.39 -59.93
C ALA NB 121 -123.45 -3.82 -60.42
N ALA NB 122 -124.07 -3.96 -61.59
CA ALA NB 122 -124.36 -5.26 -62.18
C ALA NB 122 -123.13 -5.75 -62.95
N ILE NB 123 -122.21 -6.36 -62.22
CA ILE NB 123 -121.02 -6.95 -62.81
C ILE NB 123 -121.34 -8.39 -63.20
N VAL NB 124 -121.07 -8.73 -64.46
CA VAL NB 124 -121.49 -10.02 -65.02
C VAL NB 124 -120.29 -10.69 -65.67
N SER NB 125 -120.27 -12.02 -65.63
CA SER NB 125 -119.10 -12.80 -66.01
C SER NB 125 -119.18 -13.26 -67.46
N SER NB 126 -118.17 -14.02 -67.87
CA SER NB 126 -118.13 -14.57 -69.21
C SER NB 126 -118.93 -15.85 -69.36
N ASP NB 127 -119.01 -16.66 -68.31
CA ASP NB 127 -119.77 -17.91 -68.39
C ASP NB 127 -121.25 -17.62 -68.55
N THR NB 128 -121.91 -18.41 -69.38
CA THR NB 128 -123.31 -18.23 -69.71
C THR NB 128 -124.14 -19.39 -69.16
N THR NB 129 -125.27 -19.03 -68.56
CA THR NB 129 -126.19 -20.02 -68.00
C THR NB 129 -126.82 -20.87 -69.09
N ALA OB 1 30.79 -104.73 99.81
CA ALA OB 1 29.74 -105.14 98.89
C ALA OB 1 29.23 -103.96 98.07
N ASN OB 2 29.57 -103.94 96.78
CA ASN OB 2 29.14 -102.86 95.92
C ASN OB 2 27.68 -103.04 95.51
N LYS OB 3 26.97 -101.94 95.37
CA LYS OB 3 25.56 -101.99 95.03
C LYS OB 3 25.38 -102.44 93.59
N PRO OB 4 24.58 -103.48 93.34
CA PRO OB 4 24.34 -103.90 91.95
C PRO OB 4 23.65 -102.80 91.17
N MET OB 5 23.95 -102.74 89.87
CA MET OB 5 23.43 -101.72 88.98
C MET OB 5 22.72 -102.41 87.82
N GLN OB 6 21.51 -101.95 87.49
CA GLN OB 6 20.70 -102.63 86.51
C GLN OB 6 20.44 -101.72 85.30
N PRO OB 7 20.30 -102.28 84.11
CA PRO OB 7 20.21 -101.46 82.90
C PRO OB 7 18.89 -100.71 82.79
N ILE OB 8 18.92 -99.60 82.07
CA ILE OB 8 17.72 -98.86 81.73
C ILE OB 8 17.45 -98.86 80.23
N THR OB 9 18.48 -98.80 79.39
CA THR OB 9 18.32 -98.87 77.94
C THR OB 9 19.21 -99.97 77.40
N SER OB 10 18.61 -100.91 76.69
CA SER OB 10 19.33 -102.06 76.16
C SER OB 10 19.20 -102.08 74.63
N THR OB 11 20.35 -102.19 73.97
CA THR OB 11 20.40 -102.24 72.52
C THR OB 11 21.65 -103.03 72.13
N ALA OB 12 21.64 -103.55 70.90
CA ALA OB 12 22.79 -104.32 70.42
C ALA OB 12 24.02 -103.44 70.27
N ASN OB 13 23.84 -102.13 70.26
CA ASN OB 13 24.93 -101.19 70.07
C ASN OB 13 25.25 -100.36 71.31
N LYS OB 14 24.38 -100.34 72.31
CA LYS OB 14 24.59 -99.53 73.50
C LYS OB 14 23.73 -100.05 74.64
N ILE OB 15 24.33 -100.16 75.83
CA ILE OB 15 23.61 -100.50 77.05
C ILE OB 15 24.00 -99.48 78.11
N VAL OB 16 23.00 -98.95 78.81
CA VAL OB 16 23.20 -97.94 79.85
C VAL OB 16 22.73 -98.52 81.17
N TRP OB 17 23.62 -98.50 82.17
CA TRP OB 17 23.30 -98.96 83.52
C TRP OB 17 23.25 -97.76 84.45
N SER OB 18 22.29 -97.75 85.37
CA SER OB 18 22.17 -96.69 86.36
C SER OB 18 21.78 -97.27 87.72
N ASP OB 19 22.26 -96.63 88.77
CA ASP OB 19 21.94 -97.07 90.12
C ASP OB 19 20.46 -96.77 90.42
N PRO OB 20 19.68 -97.78 90.81
CA PRO OB 20 18.27 -97.51 91.13
C PRO OB 20 18.09 -96.49 92.24
N THR OB 21 18.99 -96.45 93.23
CA THR OB 21 18.91 -95.45 94.28
C THR OB 21 19.30 -94.06 93.81
N ARG OB 22 20.30 -93.94 92.93
CA ARG OB 22 20.69 -92.66 92.35
C ARG OB 22 20.85 -92.79 90.85
N LEU OB 23 19.79 -92.46 90.10
CA LEU OB 23 19.81 -92.63 88.65
C LEU OB 23 20.80 -91.68 87.98
N SER OB 24 21.29 -90.69 88.73
CA SER OB 24 22.30 -89.79 88.19
C SER OB 24 23.61 -90.50 87.88
N THR OB 25 23.89 -91.62 88.53
CA THR OB 25 25.08 -92.41 88.22
C THR OB 25 24.79 -93.30 87.02
N THR OB 26 25.61 -93.19 85.98
CA THR OB 26 25.40 -93.93 84.74
C THR OB 26 26.69 -94.63 84.32
N PHE OB 27 26.52 -95.72 83.58
CA PHE OB 27 27.63 -96.45 82.98
C PHE OB 27 27.17 -97.00 81.64
N SER OB 28 27.78 -96.51 80.56
CA SER OB 28 27.35 -96.84 79.21
C SER OB 28 28.50 -97.48 78.43
N ALA OB 29 28.16 -98.50 77.65
CA ALA OB 29 29.11 -99.18 76.78
C ALA OB 29 28.56 -99.19 75.36
N SER OB 30 29.32 -98.63 74.43
CA SER OB 30 28.92 -98.56 73.03
C SER OB 30 30.01 -99.19 72.18
N LEU OB 31 29.62 -100.09 71.28
CA LEU OB 31 30.56 -100.76 70.39
C LEU OB 31 30.31 -100.32 68.96
N LEU OB 32 31.40 -100.09 68.23
CA LEU OB 32 31.35 -99.71 66.82
C LEU OB 32 32.24 -100.65 66.04
N ARG OB 33 31.71 -101.21 64.95
CA ARG OB 33 32.38 -102.26 64.20
C ARG OB 33 32.60 -101.82 62.76
N GLN OB 34 33.84 -101.97 62.28
CA GLN OB 34 34.20 -101.73 60.89
C GLN OB 34 35.07 -102.86 60.40
N ARG OB 35 35.24 -102.94 59.07
CA ARG OB 35 36.18 -103.85 58.44
C ARG OB 35 37.33 -103.04 57.86
N VAL OB 36 38.55 -103.38 58.27
CA VAL OB 36 39.74 -102.65 57.85
C VAL OB 36 40.69 -103.62 57.18
N LYS OB 37 41.16 -103.24 55.99
CA LYS OB 37 42.05 -104.09 55.19
C LYS OB 37 43.49 -103.71 55.50
N VAL OB 38 44.00 -104.26 56.60
CA VAL OB 38 45.38 -103.99 57.01
C VAL OB 38 46.35 -104.85 56.21
N GLY OB 39 46.12 -106.17 56.21
CA GLY OB 39 47.06 -107.10 55.62
C GLY OB 39 46.47 -107.84 54.44
N ILE OB 40 45.79 -107.11 53.57
CA ILE OB 40 45.01 -107.59 52.42
C ILE OB 40 44.04 -108.67 52.88
N ALA OB 41 43.75 -108.69 54.19
CA ALA OB 41 42.73 -109.54 54.78
C ALA OB 41 41.82 -108.65 55.61
N GLU OB 42 40.51 -108.88 55.51
CA GLU OB 42 39.52 -108.00 56.13
C GLU OB 42 39.46 -108.29 57.63
N LEU OB 43 40.30 -107.57 58.38
CA LEU OB 43 40.25 -107.65 59.83
C LEU OB 43 39.04 -106.88 60.36
N ASN OB 44 38.47 -107.37 61.46
CA ASN OB 44 37.26 -106.77 62.03
C ASN OB 44 37.60 -106.12 63.37
N ASN OB 45 37.87 -104.82 63.31
CA ASN OB 45 38.16 -104.07 64.52
C ASN OB 45 36.88 -103.73 65.27
N VAL OB 46 37.00 -103.55 66.59
CA VAL OB 46 35.90 -103.17 67.45
C VAL OB 46 36.34 -101.97 68.27
N SER OB 47 35.57 -100.89 68.21
CA SER OB 47 35.87 -99.65 68.92
C SER OB 47 34.87 -99.51 70.06
N GLY OB 48 35.23 -100.03 71.22
CA GLY OB 48 34.35 -100.00 72.39
C GLY OB 48 34.61 -98.75 73.22
N GLN OB 49 33.52 -98.04 73.52
CA GLN OB 49 33.58 -96.81 74.30
C GLN OB 49 32.83 -97.06 75.61
N TYR OB 50 33.50 -96.77 76.74
CA TYR OB 50 32.93 -96.97 78.06
C TYR OB 50 33.00 -95.65 78.81
N VAL OB 51 31.85 -95.20 79.31
CA VAL OB 51 31.73 -93.92 80.01
C VAL OB 51 31.12 -94.18 81.38
N SER OB 52 31.81 -93.72 82.42
CA SER OB 52 31.30 -93.78 83.79
C SER OB 52 31.12 -92.38 84.32
N VAL OB 53 29.90 -92.08 84.77
CA VAL OB 53 29.53 -90.74 85.21
C VAL OB 53 28.99 -90.81 86.62
N TYR OB 54 29.48 -89.93 87.49
CA TYR OB 54 29.00 -89.80 88.86
C TYR OB 54 28.93 -88.32 89.20
N LYS OB 55 27.70 -87.80 89.32
CA LYS OB 55 27.49 -86.41 89.66
C LYS OB 55 27.72 -86.24 91.15
N ARG OB 56 28.66 -85.37 91.50
CA ARG OB 56 29.20 -85.28 92.84
C ARG OB 56 28.78 -83.99 93.51
N PRO OB 57 28.04 -84.03 94.62
CA PRO OB 57 27.78 -82.81 95.38
C PRO OB 57 28.99 -82.45 96.22
N ALA OB 58 29.65 -81.35 95.84
CA ALA OB 58 30.88 -80.91 96.51
C ALA OB 58 30.84 -79.43 96.82
N PRO OB 59 29.93 -78.98 97.69
CA PRO OB 59 30.11 -77.66 98.32
C PRO OB 59 31.38 -77.61 99.14
N LYS OB 60 31.75 -78.74 99.74
CA LYS OB 60 32.93 -78.95 100.55
C LYS OB 60 33.04 -77.93 101.67
N PRO OB 61 32.08 -77.91 102.62
CA PRO OB 61 32.22 -77.05 103.79
C PRO OB 61 33.25 -77.64 104.75
N GLU OB 62 34.43 -77.03 104.78
CA GLU OB 62 35.56 -77.60 105.49
C GLU OB 62 35.35 -77.53 107.01
N GLY OB 63 35.11 -78.68 107.59
CA GLY OB 63 35.01 -78.80 109.04
C GLY OB 63 33.64 -78.78 109.67
N CYS OB 64 32.68 -78.12 109.02
CA CYS OB 64 31.36 -77.97 109.65
C CYS OB 64 30.28 -78.45 108.69
N ALA OB 65 29.33 -79.20 109.25
CA ALA OB 65 28.11 -79.58 108.57
C ALA OB 65 26.98 -79.64 109.59
N ASP OB 66 25.95 -78.84 109.37
CA ASP OB 66 24.89 -78.74 110.36
C ASP OB 66 23.55 -79.27 109.88
N ALA OB 67 23.12 -78.89 108.67
CA ALA OB 67 21.84 -79.33 108.13
C ALA OB 67 22.01 -79.53 106.63
N CYS OB 68 20.99 -80.10 106.00
CA CYS OB 68 21.04 -80.35 104.56
C CYS OB 68 20.56 -79.12 103.81
N VAL OB 69 21.47 -78.51 103.07
CA VAL OB 69 21.18 -77.41 102.16
C VAL OB 69 21.28 -77.99 100.75
N ILE OB 70 20.60 -77.37 99.78
CA ILE OB 70 20.67 -77.81 98.40
C ILE OB 70 22.10 -78.07 97.98
N MET OB 71 22.35 -79.25 97.43
CA MET OB 71 23.70 -79.66 97.12
C MET OB 71 24.01 -79.34 95.66
N PRO OB 72 24.91 -78.39 95.39
CA PRO OB 72 25.32 -78.18 93.99
C PRO OB 72 26.25 -79.28 93.52
N ASN OB 73 26.07 -79.73 92.28
CA ASN OB 73 26.73 -80.93 91.79
C ASN OB 73 27.78 -80.59 90.75
N GLU OB 74 28.87 -81.36 90.75
CA GLU OB 74 29.86 -81.37 89.69
C GLU OB 74 29.84 -82.74 89.02
N ASN OB 75 30.31 -82.79 87.79
CA ASN OB 75 30.31 -84.03 87.02
C ASN OB 75 31.71 -84.67 87.02
N GLN OB 76 31.76 -85.93 87.40
CA GLN OB 76 32.99 -86.72 87.34
C GLN OB 76 32.82 -87.77 86.25
N SER OB 77 33.62 -87.66 85.19
CA SER OB 77 33.50 -88.52 84.04
C SER OB 77 34.80 -89.27 83.80
N ILE OB 78 34.67 -90.57 83.53
CA ILE OB 78 35.79 -91.42 83.16
C ILE OB 78 35.43 -92.13 81.87
N ARG OB 79 36.09 -91.76 80.78
CA ARG OB 79 35.75 -92.24 79.44
C ARG OB 79 36.91 -93.07 78.91
N THR OB 80 36.61 -94.30 78.51
CA THR OB 80 37.61 -95.24 78.02
C THR OB 80 37.22 -95.75 76.64
N VAL OB 81 38.18 -95.75 75.72
CA VAL OB 81 37.98 -96.23 74.36
C VAL OB 81 39.05 -97.28 74.08
N ILE OB 82 38.63 -98.48 73.70
CA ILE OB 82 39.52 -99.57 73.35
C ILE OB 82 39.24 -99.95 71.90
N SER OB 83 40.27 -99.91 71.06
CA SER OB 83 40.13 -100.18 69.64
C SER OB 83 41.19 -101.19 69.22
N GLY OB 84 40.76 -102.23 68.50
CA GLY OB 84 41.67 -103.24 68.01
C GLY OB 84 40.97 -104.35 67.26
N SER OB 85 41.73 -105.15 66.52
CA SER OB 85 41.14 -106.25 65.78
C SER OB 85 40.65 -107.33 66.72
N ALA OB 86 39.53 -107.97 66.36
CA ALA OB 86 39.00 -109.05 67.18
C ALA OB 86 39.90 -110.27 67.13
N GLU OB 87 40.72 -110.38 66.08
CA GLU OB 87 41.59 -111.55 65.94
C GLU OB 87 42.77 -111.49 66.91
N ASN OB 88 43.01 -110.35 67.53
CA ASN OB 88 44.10 -110.15 68.47
C ASN OB 88 43.57 -109.82 69.86
N LEU OB 89 42.57 -110.58 70.31
CA LEU OB 89 41.92 -110.27 71.58
C LEU OB 89 42.86 -110.47 72.76
N ALA OB 90 43.70 -111.52 72.73
CA ALA OB 90 44.64 -111.75 73.82
C ALA OB 90 45.63 -110.61 73.94
N THR OB 91 46.15 -110.16 72.80
CA THR OB 91 47.04 -109.00 72.78
C THR OB 91 46.34 -107.75 73.27
N LEU OB 92 45.08 -107.53 72.88
CA LEU OB 92 44.37 -106.35 73.36
C LEU OB 92 44.16 -106.39 74.86
N LYS OB 93 43.88 -107.59 75.40
CA LYS OB 93 43.73 -107.72 76.85
C LYS OB 93 45.03 -107.45 77.59
N ALA OB 94 46.15 -107.94 77.05
CA ALA OB 94 47.44 -107.63 77.64
C ALA OB 94 47.73 -106.13 77.58
N GLU OB 95 47.40 -105.49 76.45
CA GLU OB 95 47.56 -104.05 76.34
C GLU OB 95 46.70 -103.32 77.35
N TRP OB 96 45.48 -103.82 77.59
CA TRP OB 96 44.61 -103.19 78.57
C TRP OB 96 45.18 -103.31 79.98
N GLU OB 97 45.73 -104.48 80.31
CA GLU OB 97 46.36 -104.63 81.62
C GLU OB 97 47.54 -103.68 81.78
N THR OB 98 48.38 -103.57 80.75
CA THR OB 98 49.51 -102.65 80.82
C THR OB 98 49.04 -101.20 80.94
N HIS OB 99 47.99 -100.84 80.21
CA HIS OB 99 47.44 -99.49 80.29
C HIS OB 99 46.90 -99.19 81.69
N LYS OB 100 46.22 -100.16 82.29
CA LYS OB 100 45.76 -100.01 83.67
C LYS OB 100 46.95 -99.77 84.59
N ARG OB 101 48.01 -100.55 84.43
CA ARG OB 101 49.18 -100.39 85.29
C ARG OB 101 49.79 -99.01 85.14
N ASN OB 102 49.95 -98.53 83.91
CA ASN OB 102 50.56 -97.23 83.68
C ASN OB 102 49.68 -96.10 84.23
N VAL OB 103 48.37 -96.15 83.98
CA VAL OB 103 47.50 -95.10 84.46
C VAL OB 103 47.44 -95.11 85.99
N ASP OB 104 47.49 -96.29 86.59
CA ASP OB 104 47.56 -96.37 88.05
C ASP OB 104 48.83 -95.72 88.57
N THR OB 105 49.96 -96.00 87.91
CA THR OB 105 51.23 -95.43 88.33
C THR OB 105 51.20 -93.91 88.26
N LEU OB 106 50.62 -93.36 87.20
CA LEU OB 106 50.58 -91.90 87.07
C LEU OB 106 49.54 -91.24 87.98
N PHE OB 107 48.38 -91.88 88.16
CA PHE OB 107 47.22 -91.23 88.75
C PHE OB 107 46.95 -91.72 90.18
N ALA OB 108 46.80 -93.02 90.36
CA ALA OB 108 46.42 -93.55 91.68
C ALA OB 108 47.54 -93.36 92.69
N SER OB 109 48.78 -93.66 92.29
CA SER OB 109 49.92 -93.54 93.18
C SER OB 109 50.70 -92.25 92.98
N GLY OB 110 50.37 -91.46 91.96
CA GLY OB 110 51.05 -90.20 91.71
C GLY OB 110 50.18 -89.01 92.06
N ASN OB 111 50.54 -87.87 91.48
CA ASN OB 111 49.82 -86.62 91.68
C ASN OB 111 49.26 -86.06 90.39
N ALA OB 112 49.01 -86.93 89.40
CA ALA OB 112 48.46 -86.47 88.13
C ALA OB 112 47.05 -85.94 88.29
N GLY OB 113 46.31 -86.44 89.28
CA GLY OB 113 44.95 -85.97 89.48
C GLY OB 113 44.88 -84.55 89.99
N LEU OB 114 45.99 -84.03 90.51
CA LEU OB 114 46.03 -82.66 90.98
C LEU OB 114 46.64 -81.74 89.94
N GLY OB 115 46.94 -82.29 88.76
CA GLY OB 115 47.52 -81.49 87.70
C GLY OB 115 49.04 -81.46 87.70
N PHE OB 116 49.66 -82.62 87.81
CA PHE OB 116 51.12 -82.73 87.85
C PHE OB 116 51.58 -83.85 86.93
N LEU OB 117 52.81 -83.70 86.41
CA LEU OB 117 53.44 -84.73 85.60
C LEU OB 117 54.79 -85.07 86.22
N ASP OB 118 55.08 -86.37 86.32
CA ASP OB 118 56.36 -86.81 86.87
C ASP OB 118 57.15 -87.49 85.78
N PRO OB 119 58.18 -86.84 85.20
CA PRO OB 119 59.00 -87.50 84.18
C PRO OB 119 59.78 -88.71 84.70
N THR OB 120 59.96 -88.83 86.01
CA THR OB 120 60.71 -89.93 86.60
C THR OB 120 59.80 -91.11 86.96
N ALA OB 121 58.52 -91.06 86.59
CA ALA OB 121 57.62 -92.16 86.88
C ALA OB 121 58.03 -93.41 86.12
N ALA OB 122 57.85 -94.57 86.75
CA ALA OB 122 58.25 -95.85 86.16
C ALA OB 122 57.13 -96.35 85.24
N ILE OB 123 57.13 -95.82 84.03
CA ILE OB 123 56.21 -96.25 82.99
C ILE OB 123 56.82 -97.42 82.26
N VAL OB 124 56.03 -98.48 82.06
CA VAL OB 124 56.53 -99.75 81.56
C VAL OB 124 55.67 -100.18 80.38
N SER OB 125 56.25 -100.99 79.50
CA SER OB 125 55.58 -101.41 78.28
C SER OB 125 54.93 -102.78 78.46
N SER OB 126 54.14 -103.16 77.45
CA SER OB 126 53.43 -104.43 77.52
C SER OB 126 54.34 -105.62 77.23
N ASP OB 127 55.36 -105.45 76.41
CA ASP OB 127 56.26 -106.56 76.08
C ASP OB 127 57.08 -106.95 77.30
N THR OB 128 57.49 -108.22 77.33
CA THR OB 128 58.26 -108.76 78.44
C THR OB 128 59.67 -109.11 77.99
N THR OB 129 60.55 -109.27 78.97
CA THR OB 129 61.94 -109.62 78.71
C THR OB 129 62.16 -111.12 78.86
N ALA PB 1 29.61 -131.83 65.43
CA ALA PB 1 29.06 -130.67 66.13
C ALA PB 1 29.51 -129.38 65.47
N ASN PB 2 28.55 -128.62 64.96
CA ASN PB 2 28.86 -127.37 64.28
C ASN PB 2 29.05 -126.24 65.29
N LYS PB 3 29.80 -125.24 64.89
CA LYS PB 3 30.07 -124.10 65.76
C LYS PB 3 28.83 -123.22 65.87
N PRO PB 4 28.35 -122.93 67.07
CA PRO PB 4 27.17 -122.06 67.21
C PRO PB 4 27.52 -120.60 67.02
N MET PB 5 26.49 -119.80 66.72
CA MET PB 5 26.62 -118.35 66.66
C MET PB 5 25.82 -117.72 67.80
N GLN PB 6 26.13 -116.46 68.06
CA GLN PB 6 25.40 -115.60 68.98
C GLN PB 6 24.95 -114.34 68.25
N PRO PB 7 23.79 -113.79 68.59
CA PRO PB 7 23.32 -112.59 67.89
C PRO PB 7 24.20 -111.39 68.21
N ILE PB 8 24.51 -110.60 67.18
CA ILE PB 8 25.39 -109.45 67.29
C ILE PB 8 24.64 -108.14 67.14
N THR PB 9 23.79 -108.03 66.13
CA THR PB 9 22.89 -106.90 65.97
C THR PB 9 21.45 -107.39 66.01
N SER PB 10 20.67 -106.82 66.91
CA SER PB 10 19.33 -107.35 67.19
C SER PB 10 18.28 -106.28 66.95
N THR PB 11 17.34 -106.57 66.06
CA THR PB 11 16.15 -105.79 65.85
C THR PB 11 15.01 -106.74 65.51
N ALA PB 12 13.81 -106.40 65.95
CA ALA PB 12 12.67 -107.29 65.69
C ALA PB 12 12.42 -107.43 64.19
N ASN PB 13 12.79 -106.41 63.41
CA ASN PB 13 12.70 -106.52 61.96
C ASN PB 13 13.85 -107.34 61.39
N LYS PB 14 15.02 -107.30 62.00
CA LYS PB 14 16.21 -107.95 61.45
C LYS PB 14 17.16 -108.34 62.57
N ILE PB 15 17.53 -109.62 62.62
CA ILE PB 15 18.56 -110.11 63.52
C ILE PB 15 19.62 -110.82 62.70
N VAL PB 16 20.88 -110.48 62.96
CA VAL PB 16 22.02 -111.07 62.27
C VAL PB 16 22.87 -111.83 63.27
N TRP PB 17 23.29 -113.03 62.90
CA TRP PB 17 24.15 -113.87 63.71
C TRP PB 17 25.58 -113.79 63.21
N SER PB 18 26.53 -114.13 64.08
CA SER PB 18 27.93 -114.12 63.70
C SER PB 18 28.69 -115.13 64.56
N ASP PB 19 29.73 -115.69 63.97
CA ASP PB 19 30.57 -116.65 64.67
C ASP PB 19 31.61 -115.90 65.49
N PRO PB 20 31.70 -116.12 66.81
CA PRO PB 20 32.72 -115.43 67.61
C PRO PB 20 34.13 -115.66 67.11
N THR PB 21 34.45 -116.84 66.59
CA THR PB 21 35.79 -117.13 66.09
C THR PB 21 36.04 -116.61 64.69
N ARG PB 22 35.00 -116.48 63.87
CA ARG PB 22 35.14 -115.95 62.52
C ARG PB 22 34.00 -114.96 62.31
N LEU PB 23 34.28 -113.67 62.53
CA LEU PB 23 33.25 -112.65 62.43
C LEU PB 23 32.76 -112.46 60.99
N SER PB 24 33.47 -113.02 60.01
CA SER PB 24 33.05 -112.89 58.62
C SER PB 24 31.88 -113.78 58.26
N THR PB 25 31.56 -114.77 59.10
CA THR PB 25 30.44 -115.66 58.87
C THR PB 25 29.19 -115.08 59.53
N THR PB 26 28.17 -114.82 58.72
CA THR PB 26 26.94 -114.20 59.21
C THR PB 26 25.73 -114.96 58.71
N PHE PB 27 24.64 -114.87 59.49
CA PHE PB 27 23.35 -115.39 59.10
C PHE PB 27 22.30 -114.35 59.48
N SER PB 28 21.59 -113.86 58.48
CA SER PB 28 20.66 -112.74 58.68
C SER PB 28 19.23 -113.19 58.38
N ALA PB 29 18.31 -112.74 59.23
CA ALA PB 29 16.89 -113.00 59.05
C ALA PB 29 16.14 -111.67 59.16
N SER PB 30 15.36 -111.35 58.13
CA SER PB 30 14.59 -110.11 58.11
C SER PB 30 13.15 -110.45 57.73
N LEU PB 31 12.20 -109.94 58.50
CA LEU PB 31 10.78 -110.17 58.27
C LEU PB 31 10.09 -108.86 57.98
N LEU PB 32 9.28 -108.85 56.92
CA LEU PB 32 8.45 -107.71 56.57
C LEU PB 32 7.00 -108.17 56.51
N ARG PB 33 6.15 -107.54 57.32
CA ARG PB 33 4.76 -107.95 57.45
C ARG PB 33 3.85 -106.83 56.96
N GLN PB 34 2.86 -107.20 56.14
CA GLN PB 34 1.91 -106.26 55.58
C GLN PB 34 0.55 -106.94 55.48
N ARG PB 35 -0.51 -106.14 55.56
CA ARG PB 35 -1.88 -106.66 55.46
C ARG PB 35 -2.35 -106.50 54.02
N VAL PB 36 -1.88 -107.41 53.15
CA VAL PB 36 -2.29 -107.44 51.77
C VAL PB 36 -3.55 -108.30 51.67
N LYS PB 37 -4.72 -107.65 51.69
CA LYS PB 37 -5.96 -108.40 51.77
C LYS PB 37 -6.55 -108.62 50.38
N VAL PB 38 -6.94 -109.87 50.11
CA VAL PB 38 -7.66 -110.22 48.89
C VAL PB 38 -9.12 -109.85 49.08
N GLY PB 39 -9.90 -109.90 47.99
CA GLY PB 39 -11.30 -109.52 48.03
C GLY PB 39 -12.10 -110.19 49.13
N ILE PB 40 -12.90 -109.40 49.83
CA ILE PB 40 -13.78 -109.81 50.93
C ILE PB 40 -13.09 -110.79 51.88
N ALA PB 41 -11.80 -110.59 52.10
CA ALA PB 41 -11.05 -111.43 53.03
C ALA PB 41 -9.91 -110.61 53.62
N GLU PB 42 -9.41 -111.06 54.78
CA GLU PB 42 -8.29 -110.44 55.46
C GLU PB 42 -7.14 -111.44 55.54
N LEU PB 43 -5.96 -111.03 55.08
CA LEU PB 43 -4.79 -111.91 55.05
C LEU PB 43 -3.57 -111.10 55.44
N ASN PB 44 -2.75 -111.66 56.33
CA ASN PB 44 -1.49 -111.06 56.74
C ASN PB 44 -0.34 -111.91 56.21
N ASN PB 45 0.45 -111.34 55.31
CA ASN PB 45 1.58 -112.05 54.73
C ASN PB 45 2.88 -111.61 55.37
N VAL PB 46 3.86 -112.51 55.38
CA VAL PB 46 5.15 -112.27 56.02
C VAL PB 46 6.22 -112.66 55.00
N SER PB 47 6.90 -111.66 54.45
CA SER PB 47 8.00 -111.91 53.53
C SER PB 47 9.27 -112.14 54.33
N GLY PB 48 9.78 -113.37 54.28
CA GLY PB 48 10.94 -113.72 55.08
C GLY PB 48 12.21 -113.85 54.27
N GLN PB 49 13.17 -112.96 54.49
CA GLN PB 49 14.43 -112.95 53.76
C GLN PB 49 15.53 -113.45 54.68
N TYR PB 50 16.23 -114.49 54.24
CA TYR PB 50 17.29 -115.11 55.02
C TYR PB 50 18.56 -115.12 54.18
N VAL PB 51 19.64 -114.54 54.71
CA VAL PB 51 20.90 -114.41 53.99
C VAL PB 51 21.99 -115.10 54.79
N SER PB 52 22.72 -116.00 54.14
CA SER PB 52 23.88 -116.66 54.73
C SER PB 52 25.13 -116.26 53.95
N VAL PB 53 26.10 -115.70 54.65
CA VAL PB 53 27.31 -115.15 54.02
C VAL PB 53 28.52 -115.82 54.64
N TYR PB 54 29.39 -116.37 53.79
CA TYR PB 54 30.65 -116.96 54.21
C TYR PB 54 31.74 -116.53 53.24
N LYS PB 55 32.92 -116.26 53.77
CA LYS PB 55 34.08 -115.90 52.96
C LYS PB 55 35.12 -117.00 53.09
N ARG PB 56 35.26 -117.80 52.03
CA ARG PB 56 36.18 -118.92 52.00
C ARG PB 56 37.36 -118.59 51.08
N PRO PB 57 38.60 -118.82 51.52
CA PRO PB 57 39.75 -118.53 50.67
C PRO PB 57 39.73 -119.36 49.39
N ALA PB 58 40.31 -118.78 48.34
CA ALA PB 58 40.34 -119.44 47.05
C ALA PB 58 41.14 -120.74 47.15
N PRO PB 59 40.79 -121.75 46.35
CA PRO PB 59 41.44 -123.06 46.49
C PRO PB 59 42.95 -123.04 46.21
N LYS PB 60 43.70 -123.76 47.01
CA LYS PB 60 45.14 -123.90 46.83
C LYS PB 60 45.42 -124.80 45.63
N PRO PB 61 46.55 -124.62 44.94
CA PRO PB 61 46.89 -125.50 43.82
C PRO PB 61 46.99 -126.96 44.25
N GLU PB 62 46.57 -127.88 43.37
CA GLU PB 62 46.42 -129.28 43.75
C GLU PB 62 47.76 -129.89 44.18
N GLY PB 63 48.83 -129.58 43.46
CA GLY PB 63 50.12 -130.12 43.81
C GLY PB 63 50.90 -129.22 44.75
N CYS PB 64 50.32 -128.89 45.89
CA CYS PB 64 50.95 -127.99 46.85
C CYS PB 64 50.89 -128.60 48.25
N ALA PB 65 52.00 -128.52 48.96
CA ALA PB 65 52.08 -128.94 50.35
C ALA PB 65 52.63 -127.85 51.26
N ASP PB 66 52.67 -126.60 50.81
CA ASP PB 66 53.26 -125.53 51.60
C ASP PB 66 52.48 -125.32 52.89
N ALA PB 67 53.21 -124.98 53.96
CA ALA PB 67 52.61 -124.83 55.28
C ALA PB 67 51.62 -123.69 55.32
N CYS PB 68 52.05 -122.48 55.00
CA CYS PB 68 51.21 -121.29 55.13
C CYS PB 68 51.38 -120.37 53.94
N VAL PB 69 50.46 -120.49 52.99
CA VAL PB 69 50.27 -119.49 51.94
C VAL PB 69 48.78 -119.18 51.88
N ILE PB 70 48.42 -117.90 51.93
CA ILE PB 70 47.04 -117.48 52.09
C ILE PB 70 46.59 -116.79 50.81
N MET PB 71 45.45 -117.22 50.28
CA MET PB 71 44.82 -116.60 49.12
C MET PB 71 43.66 -115.74 49.60
N PRO PB 72 43.32 -114.66 48.90
CA PRO PB 72 42.24 -113.78 49.36
C PRO PB 72 40.89 -114.49 49.30
N ASN PB 73 40.00 -114.06 50.19
CA ASN PB 73 38.71 -114.70 50.35
C ASN PB 73 37.78 -114.37 49.19
N GLU PB 74 36.83 -115.26 48.96
CA GLU PB 74 35.80 -115.09 47.94
C GLU PB 74 34.45 -115.05 48.62
N ASN PB 75 33.48 -114.38 48.00
CA ASN PB 75 32.18 -114.18 48.63
C ASN PB 75 31.25 -115.34 48.26
N GLN PB 76 30.78 -116.05 49.27
CA GLN PB 76 29.80 -117.12 49.11
C GLN PB 76 28.54 -116.71 49.85
N SER PB 77 27.44 -116.52 49.11
CA SER PB 77 26.18 -116.07 49.68
C SER PB 77 25.03 -116.90 49.15
N ILE PB 78 24.12 -117.27 50.05
CA ILE PB 78 22.87 -117.94 49.69
C ILE PB 78 21.75 -117.16 50.33
N ARG PB 79 20.76 -116.76 49.51
CA ARG PB 79 19.69 -115.87 49.95
C ARG PB 79 18.35 -116.49 49.61
N THR PB 80 17.47 -116.59 50.61
CA THR PB 80 16.15 -117.18 50.44
C THR PB 80 15.09 -116.19 50.89
N VAL PB 81 14.03 -116.08 50.08
CA VAL PB 81 12.90 -115.21 50.38
C VAL PB 81 11.63 -116.05 50.35
N ILE PB 82 10.87 -116.02 51.44
CA ILE PB 82 9.63 -116.77 51.56
C ILE PB 82 8.49 -115.78 51.77
N SER PB 83 7.49 -115.84 50.90
CA SER PB 83 6.35 -114.93 50.96
C SER PB 83 5.06 -115.75 51.00
N GLY PB 84 4.18 -115.41 51.94
CA GLY PB 84 2.92 -116.10 52.06
C GLY PB 84 2.10 -115.64 53.26
N SER PB 85 0.81 -115.87 53.22
CA SER PB 85 -0.07 -115.45 54.30
C SER PB 85 0.16 -116.30 55.54
N ALA PB 86 -0.11 -115.72 56.72
CA ALA PB 86 0.07 -116.45 57.96
C ALA PB 86 -0.98 -117.54 58.12
N GLU PB 87 -2.11 -117.41 57.41
CA GLU PB 87 -3.15 -118.43 57.48
C GLU PB 87 -2.71 -119.73 56.82
N ASN PB 88 -1.78 -119.64 55.88
CA ASN PB 88 -1.34 -120.79 55.09
C ASN PB 88 0.05 -121.29 55.50
N LEU PB 89 0.32 -121.31 56.80
CA LEU PB 89 1.66 -121.66 57.27
C LEU PB 89 1.99 -123.12 56.97
N ALA PB 90 1.03 -124.02 57.15
CA ALA PB 90 1.31 -125.44 56.95
C ALA PB 90 1.61 -125.76 55.50
N THR PB 91 0.75 -125.27 54.59
CA THR PB 91 1.02 -125.47 53.17
C THR PB 91 2.27 -124.73 52.72
N LEU PB 92 2.59 -123.59 53.32
CA LEU PB 92 3.85 -122.93 53.01
C LEU PB 92 5.04 -123.78 53.43
N LYS PB 93 4.93 -124.46 54.58
CA LYS PB 93 5.99 -125.37 55.00
C LYS PB 93 6.14 -126.55 54.05
N ALA PB 94 5.01 -127.09 53.58
CA ALA PB 94 5.07 -128.16 52.59
C ALA PB 94 5.74 -127.68 51.31
N GLU PB 95 5.39 -126.47 50.87
CA GLU PB 95 6.04 -125.89 49.71
C GLU PB 95 7.53 -125.72 49.92
N TRP PB 96 7.93 -125.33 51.13
CA TRP PB 96 9.35 -125.18 51.44
C TRP PB 96 10.08 -126.52 51.38
N GLU PB 97 9.43 -127.58 51.87
CA GLU PB 97 10.05 -128.90 51.79
C GLU PB 97 10.23 -129.34 50.34
N THR PB 98 9.21 -129.14 49.52
CA THR PB 98 9.32 -129.52 48.11
C THR PB 98 10.35 -128.65 47.39
N HIS PB 99 10.45 -127.38 47.78
CA HIS PB 99 11.48 -126.51 47.23
C HIS PB 99 12.87 -127.00 47.60
N LYS PB 100 13.06 -127.43 48.84
CA LYS PB 100 14.30 -128.07 49.23
C LYS PB 100 14.62 -129.23 48.30
N ARG PB 101 13.66 -130.12 48.11
CA ARG PB 101 13.92 -131.33 47.34
C ARG PB 101 14.27 -131.00 45.89
N ASN PB 102 13.56 -130.04 45.30
CA ASN PB 102 13.84 -129.66 43.92
C ASN PB 102 15.21 -129.01 43.79
N VAL PB 103 15.53 -128.05 44.67
CA VAL PB 103 16.83 -127.39 44.60
C VAL PB 103 17.95 -128.41 44.82
N ASP PB 104 17.72 -129.37 45.71
CA ASP PB 104 18.73 -130.40 45.94
C ASP PB 104 18.93 -131.25 44.69
N THR PB 105 17.85 -131.74 44.08
CA THR PB 105 18.00 -132.61 42.93
C THR PB 105 18.54 -131.86 41.72
N LEU PB 106 18.46 -130.54 41.74
CA LEU PB 106 19.02 -129.76 40.63
C LEU PB 106 20.46 -129.33 40.88
N PHE PB 107 20.83 -129.06 42.13
CA PHE PB 107 22.10 -128.44 42.47
C PHE PB 107 23.03 -129.37 43.25
N ALA PB 108 22.53 -129.95 44.34
CA ALA PB 108 23.37 -130.78 45.20
C ALA PB 108 23.84 -132.03 44.47
N SER PB 109 22.97 -132.65 43.69
CA SER PB 109 23.30 -133.84 42.94
C SER PB 109 23.52 -133.59 41.46
N GLY PB 110 23.27 -132.38 40.98
CA GLY PB 110 23.43 -132.04 39.58
C GLY PB 110 24.71 -131.29 39.31
N ASN PB 111 24.67 -130.48 38.23
CA ASN PB 111 25.80 -129.66 37.82
C ASN PB 111 25.43 -128.19 37.73
N ALA PB 112 24.33 -127.79 38.37
CA ALA PB 112 23.95 -126.38 38.37
C ALA PB 112 25.00 -125.52 39.06
N GLY PB 113 25.73 -126.09 40.02
CA GLY PB 113 26.84 -125.37 40.63
C GLY PB 113 27.95 -125.04 39.64
N LEU PB 114 28.25 -125.95 38.73
CA LEU PB 114 29.21 -125.71 37.67
C LEU PB 114 28.64 -124.86 36.54
N GLY PB 115 27.32 -124.80 36.41
CA GLY PB 115 26.71 -123.97 35.39
C GLY PB 115 26.04 -124.73 34.27
N PHE PB 116 25.62 -125.96 34.50
CA PHE PB 116 24.92 -126.76 33.51
C PHE PB 116 23.52 -127.08 34.02
N LEU PB 117 22.52 -126.88 33.18
CA LEU PB 117 21.14 -127.21 33.49
C LEU PB 117 20.72 -128.45 32.69
N ASP PB 118 20.08 -129.39 33.38
CA ASP PB 118 19.66 -130.63 32.75
C ASP PB 118 18.15 -130.62 32.60
N PRO PB 119 17.60 -130.47 31.39
CA PRO PB 119 16.14 -130.50 31.23
C PRO PB 119 15.51 -131.84 31.57
N THR PB 120 16.31 -132.88 31.84
CA THR PB 120 15.79 -134.19 32.19
C THR PB 120 15.74 -134.43 33.69
N ALA PB 121 15.96 -133.39 34.49
CA ALA PB 121 15.94 -133.56 35.95
C ALA PB 121 14.53 -133.91 36.43
N ALA PB 122 14.47 -134.70 37.49
CA ALA PB 122 13.20 -135.18 38.05
C ALA PB 122 12.71 -134.19 39.10
N ILE PB 123 11.93 -133.22 38.65
CA ILE PB 123 11.35 -132.20 39.53
C ILE PB 123 9.99 -132.68 40.00
N VAL PB 124 9.72 -132.53 41.30
CA VAL PB 124 8.52 -133.07 41.92
C VAL PB 124 7.75 -131.94 42.60
N SER PB 125 6.44 -132.11 42.69
CA SER PB 125 5.58 -131.07 43.21
C SER PB 125 5.09 -131.41 44.61
N SER PB 126 4.37 -130.46 45.21
CA SER PB 126 3.85 -130.63 46.56
C SER PB 126 2.65 -131.57 46.61
N ASP PB 127 1.77 -131.51 45.62
CA ASP PB 127 0.58 -132.34 45.64
C ASP PB 127 0.95 -133.81 45.46
N THR PB 128 0.26 -134.66 46.22
CA THR PB 128 0.51 -136.09 46.20
C THR PB 128 -0.67 -136.82 45.57
N THR PB 129 -0.37 -137.91 44.87
CA THR PB 129 -1.38 -138.71 44.20
C THR PB 129 -2.01 -139.70 45.18
N ALA QB 1 -4.43 -121.70 81.91
CA ALA QB 1 -3.25 -121.53 81.08
C ALA QB 1 -3.54 -120.61 79.92
N ASN QB 2 -3.11 -119.35 80.04
CA ASN QB 2 -3.32 -118.38 78.99
C ASN QB 2 -2.27 -118.51 77.90
N LYS QB 3 -2.61 -118.08 76.70
CA LYS QB 3 -1.68 -118.15 75.59
C LYS QB 3 -0.65 -117.02 75.69
N PRO QB 4 0.64 -117.34 75.77
CA PRO QB 4 1.65 -116.27 75.80
C PRO QB 4 1.87 -115.66 74.43
N MET QB 5 2.43 -114.45 74.42
CA MET QB 5 2.82 -113.80 73.17
C MET QB 5 4.34 -113.77 73.05
N GLN QB 6 4.81 -113.33 71.89
CA GLN QB 6 6.19 -113.05 71.58
C GLN QB 6 6.31 -111.66 70.96
N PRO QB 7 7.44 -110.98 71.15
CA PRO QB 7 7.54 -109.60 70.65
C PRO QB 7 7.63 -109.49 69.14
N ILE QB 8 6.81 -108.62 68.55
CA ILE QB 8 6.88 -108.37 67.12
C ILE QB 8 7.70 -107.13 66.79
N THR QB 9 7.80 -106.17 67.72
CA THR QB 9 8.58 -104.97 67.52
C THR QB 9 9.32 -104.67 68.81
N SER QB 10 10.65 -104.72 68.75
CA SER QB 10 11.50 -104.49 69.91
C SER QB 10 12.31 -103.22 69.68
N THR QB 11 12.22 -102.29 70.62
CA THR QB 11 12.91 -101.01 70.54
C THR QB 11 13.24 -100.57 71.95
N ALA QB 12 14.28 -99.73 72.08
CA ALA QB 12 14.70 -99.27 73.40
C ALA QB 12 13.61 -98.48 74.11
N ASN QB 13 12.62 -97.99 73.36
CA ASN QB 13 11.54 -97.21 73.94
C ASN QB 13 10.16 -97.82 73.77
N LYS QB 14 10.03 -98.95 73.05
CA LYS QB 14 8.72 -99.53 72.80
C LYS QB 14 8.88 -101.01 72.44
N ILE QB 15 8.10 -101.86 73.08
CA ILE QB 15 8.02 -103.28 72.76
C ILE QB 15 6.57 -103.66 72.55
N VAL QB 16 6.29 -104.37 71.46
CA VAL QB 16 4.95 -104.75 71.08
C VAL QB 16 4.87 -106.27 71.02
N TRP QB 17 3.87 -106.84 71.68
CA TRP QB 17 3.62 -108.27 71.66
C TRP QB 17 2.44 -108.58 70.75
N SER QB 18 2.31 -109.86 70.37
CA SER QB 18 1.21 -110.30 69.53
C SER QB 18 1.08 -111.82 69.62
N ASP QB 19 -0.16 -112.29 69.74
CA ASP QB 19 -0.40 -113.71 69.86
C ASP QB 19 -0.13 -114.42 68.55
N PRO QB 20 0.63 -115.52 68.56
CA PRO QB 20 0.84 -116.27 67.31
C PRO QB 20 -0.44 -116.76 66.67
N THR QB 21 -1.42 -117.17 67.48
CA THR QB 21 -2.69 -117.66 66.93
C THR QB 21 -3.50 -116.52 66.32
N ARG QB 22 -3.63 -115.41 67.04
CA ARG QB 22 -4.38 -114.25 66.56
C ARG QB 22 -3.46 -113.04 66.55
N LEU QB 23 -3.14 -112.54 65.36
CA LEU QB 23 -2.21 -111.42 65.25
C LEU QB 23 -2.88 -110.11 65.61
N SER QB 24 -4.21 -110.11 65.67
CA SER QB 24 -4.95 -108.89 65.98
C SER QB 24 -4.74 -108.45 67.43
N THR QB 25 -4.58 -109.42 68.33
CA THR QB 25 -4.41 -109.12 69.75
C THR QB 25 -2.97 -108.71 70.01
N THR QB 26 -2.76 -107.45 70.38
CA THR QB 26 -1.43 -106.93 70.65
C THR QB 26 -1.41 -106.21 71.98
N PHE QB 27 -0.22 -106.13 72.57
CA PHE QB 27 0.01 -105.44 73.83
C PHE QB 27 1.36 -104.75 73.77
N SER QB 28 1.37 -103.43 73.86
CA SER QB 28 2.59 -102.66 73.70
C SER QB 28 2.81 -101.74 74.90
N ALA QB 29 4.08 -101.61 75.28
CA ALA QB 29 4.48 -100.76 76.38
C ALA QB 29 5.52 -99.76 75.86
N SER QB 30 5.28 -98.48 76.11
CA SER QB 30 6.18 -97.42 75.67
C SER QB 30 6.56 -96.56 76.87
N LEU QB 31 7.86 -96.31 77.04
CA LEU QB 31 8.36 -95.55 78.17
C LEU QB 31 9.02 -94.27 77.67
N LEU QB 32 8.68 -93.15 78.30
CA LEU QB 32 9.28 -91.86 78.03
C LEU QB 32 10.03 -91.40 79.27
N ARG QB 33 11.31 -91.13 79.12
CA ARG QB 33 12.18 -90.80 80.25
C ARG QB 33 12.63 -89.34 80.13
N GLN QB 34 12.39 -88.56 81.18
CA GLN QB 34 12.72 -87.15 81.19
C GLN QB 34 13.16 -86.74 82.59
N ARG QB 35 13.99 -85.70 82.64
CA ARG QB 35 14.39 -85.12 83.91
C ARG QB 35 13.47 -83.94 84.23
N VAL QB 36 12.90 -83.95 85.44
CA VAL QB 36 11.96 -82.93 85.87
C VAL QB 36 12.67 -82.02 86.87
N LYS QB 37 12.62 -80.71 86.58
CA LYS QB 37 13.23 -79.70 87.44
C LYS QB 37 12.22 -79.28 88.49
N VAL QB 38 12.41 -79.75 89.72
CA VAL QB 38 11.59 -79.35 90.86
C VAL QB 38 12.50 -78.63 91.84
N GLY QB 39 11.99 -77.53 92.40
CA GLY QB 39 12.75 -76.67 93.28
C GLY QB 39 13.69 -77.39 94.22
N ILE QB 40 14.95 -76.93 94.25
CA ILE QB 40 16.06 -77.50 95.01
C ILE QB 40 16.02 -79.03 94.96
N ALA QB 41 15.78 -79.58 93.77
CA ALA QB 41 15.79 -81.03 93.60
C ALA QB 41 16.04 -81.35 92.13
N GLU QB 42 16.58 -82.55 91.88
CA GLU QB 42 16.80 -83.05 90.52
C GLU QB 42 16.32 -84.50 90.47
N LEU QB 43 15.04 -84.68 90.15
CA LEU QB 43 14.43 -85.99 90.07
C LEU QB 43 13.88 -86.21 88.66
N ASN QB 44 13.99 -87.44 88.19
CA ASN QB 44 13.68 -87.80 86.80
C ASN QB 44 12.41 -88.65 86.75
N ASN QB 45 11.45 -88.22 85.95
CA ASN QB 45 10.19 -88.94 85.83
C ASN QB 45 10.26 -89.96 84.70
N VAL QB 46 9.47 -91.03 84.83
CA VAL QB 46 9.33 -92.04 83.81
C VAL QB 46 7.84 -92.24 83.56
N SER QB 47 7.41 -91.98 82.33
CA SER QB 47 6.01 -92.09 81.94
C SER QB 47 5.84 -93.35 81.10
N GLY QB 48 4.97 -94.24 81.54
CA GLY QB 48 4.75 -95.49 80.85
C GLY QB 48 3.36 -95.66 80.30
N GLN QB 49 3.25 -95.99 79.02
CA GLN QB 49 1.97 -96.15 78.35
C GLN QB 49 1.79 -97.62 77.97
N TYR QB 50 0.69 -98.22 78.42
CA TYR QB 50 0.38 -99.62 78.16
C TYR QB 50 -0.97 -99.69 77.47
N VAL QB 51 -1.04 -100.36 76.33
CA VAL QB 51 -2.27 -100.51 75.57
C VAL QB 51 -2.50 -101.99 75.29
N SER QB 52 -3.75 -102.43 75.44
CA SER QB 52 -4.16 -103.78 75.09
C SER QB 52 -5.35 -103.70 74.15
N VAL QB 53 -5.26 -104.41 73.02
CA VAL QB 53 -6.32 -104.40 72.03
C VAL QB 53 -6.73 -105.83 71.72
N TYR QB 54 -8.03 -106.04 71.55
CA TYR QB 54 -8.60 -107.31 71.12
C TYR QB 54 -9.65 -107.02 70.05
N LYS QB 55 -9.57 -107.75 68.96
CA LYS QB 55 -10.48 -107.55 67.84
C LYS QB 55 -11.63 -108.55 67.93
N ARG QB 56 -12.40 -108.40 69.00
CA ARG QB 56 -13.45 -109.35 69.33
C ARG QB 56 -14.59 -109.26 68.32
N PRO QB 57 -15.13 -110.40 67.88
CA PRO QB 57 -16.27 -110.36 66.96
C PRO QB 57 -17.53 -109.78 67.59
N ALA QB 58 -18.34 -109.16 66.76
CA ALA QB 58 -19.64 -108.68 67.18
C ALA QB 58 -20.52 -109.87 67.56
N PRO QB 59 -21.50 -109.71 68.45
CA PRO QB 59 -22.22 -110.88 68.94
C PRO QB 59 -23.17 -111.46 67.90
N LYS QB 60 -23.11 -112.77 67.75
CA LYS QB 60 -23.91 -113.48 66.77
C LYS QB 60 -25.39 -113.31 67.10
N PRO QB 61 -26.25 -113.10 66.09
CA PRO QB 61 -27.68 -112.99 66.38
C PRO QB 61 -28.26 -114.26 67.00
N GLU QB 62 -29.40 -114.14 67.65
CA GLU QB 62 -29.94 -115.18 68.52
C GLU QB 62 -30.61 -116.28 67.69
N GLY QB 63 -30.36 -117.52 68.08
CA GLY QB 63 -31.08 -118.65 67.53
C GLY QB 63 -30.61 -119.16 66.18
N CYS QB 64 -29.51 -118.62 65.65
CA CYS QB 64 -29.03 -119.03 64.33
C CYS QB 64 -27.60 -119.55 64.45
N ALA QB 65 -27.43 -120.84 64.19
CA ALA QB 65 -26.11 -121.46 64.10
C ALA QB 65 -25.68 -121.40 62.64
N ASP QB 66 -25.19 -120.23 62.21
CA ASP QB 66 -24.81 -120.04 60.82
C ASP QB 66 -23.65 -120.96 60.45
N ALA QB 67 -23.55 -121.26 59.16
CA ALA QB 67 -22.55 -122.19 58.68
C ALA QB 67 -21.14 -121.68 58.96
N CYS QB 68 -20.89 -120.40 58.69
CA CYS QB 68 -19.57 -119.82 58.87
C CYS QB 68 -19.68 -118.49 59.58
N VAL QB 69 -18.65 -118.16 60.37
CA VAL QB 69 -18.64 -116.90 61.09
C VAL QB 69 -18.32 -115.76 60.13
N ILE QB 70 -19.22 -114.78 60.07
CA ILE QB 70 -19.09 -113.66 59.15
C ILE QB 70 -19.31 -112.36 59.92
N MET QB 71 -19.19 -112.43 61.23
CA MET QB 71 -19.49 -111.27 62.08
C MET QB 71 -18.44 -110.20 61.85
N PRO QB 72 -18.84 -108.94 61.62
CA PRO QB 72 -17.83 -107.89 61.42
C PRO QB 72 -17.27 -107.37 62.73
N ASN QB 73 -16.21 -108.03 63.20
CA ASN QB 73 -15.59 -107.79 64.51
C ASN QB 73 -15.34 -106.33 64.85
N GLU QB 74 -15.30 -106.03 66.15
CA GLU QB 74 -15.13 -104.68 66.67
C GLU QB 74 -13.77 -104.54 67.34
N ASN QB 75 -13.56 -103.40 67.97
CA ASN QB 75 -12.29 -103.09 68.63
C ASN QB 75 -12.53 -102.89 70.12
N GLN QB 76 -11.77 -103.61 70.94
CA GLN QB 76 -11.77 -103.42 72.39
C GLN QB 76 -10.38 -102.97 72.81
N SER QB 77 -10.29 -101.82 73.49
CA SER QB 77 -9.02 -101.22 73.83
C SER QB 77 -8.99 -100.83 75.30
N ILE QB 78 -7.84 -101.07 75.93
CA ILE QB 78 -7.59 -100.64 77.31
C ILE QB 78 -6.23 -99.96 77.33
N ARG QB 79 -6.20 -98.70 77.76
CA ARG QB 79 -4.99 -97.89 77.72
C ARG QB 79 -4.71 -97.34 79.12
N THR QB 80 -3.49 -97.57 79.60
CA THR QB 80 -3.09 -97.15 80.94
C THR QB 80 -1.78 -96.36 80.86
N VAL QB 81 -1.75 -95.22 81.53
CA VAL QB 81 -0.57 -94.37 81.58
C VAL QB 81 -0.21 -94.14 83.03
N ILE QB 82 1.02 -94.50 83.40
CA ILE QB 82 1.54 -94.33 84.76
C ILE QB 82 2.73 -93.38 84.68
N SER QB 83 2.65 -92.27 85.42
CA SER QB 83 3.68 -91.25 85.40
C SER QB 83 4.08 -90.92 86.83
N GLY QB 84 5.37 -90.85 87.09
CA GLY QB 84 5.85 -90.51 88.42
C GLY QB 84 7.35 -90.65 88.48
N SER QB 85 7.92 -90.12 89.56
CA SER QB 85 9.36 -90.16 89.76
C SER QB 85 9.80 -91.57 90.13
N ALA QB 86 10.99 -91.95 89.67
CA ALA QB 86 11.51 -93.27 89.99
C ALA QB 86 11.99 -93.35 91.43
N GLU QB 87 12.22 -92.20 92.08
CA GLU QB 87 12.64 -92.19 93.47
C GLU QB 87 11.53 -92.70 94.38
N ASN QB 88 10.27 -92.46 93.99
CA ASN QB 88 9.11 -92.85 94.77
C ASN QB 88 8.42 -94.08 94.19
N LEU QB 89 9.18 -95.07 93.73
CA LEU QB 89 8.61 -96.22 93.04
C LEU QB 89 7.68 -97.03 93.94
N ALA QB 90 8.03 -97.15 95.23
CA ALA QB 90 7.17 -97.88 96.15
C ALA QB 90 5.81 -97.20 96.30
N THR QB 91 5.83 -95.88 96.44
CA THR QB 91 4.59 -95.12 96.46
C THR QB 91 3.80 -95.25 95.16
N LEU QB 92 4.49 -95.24 94.02
CA LEU QB 92 3.80 -95.40 92.75
C LEU QB 92 3.15 -96.77 92.65
N LYS QB 93 3.82 -97.81 93.16
CA LYS QB 93 3.22 -99.15 93.16
C LYS QB 93 2.01 -99.21 94.08
N ALA QB 94 2.08 -98.58 95.24
CA ALA QB 94 0.92 -98.52 96.12
C ALA QB 94 -0.24 -97.79 95.45
N GLU QB 95 0.06 -96.69 94.74
CA GLU QB 95 -0.96 -95.98 93.99
C GLU QB 95 -1.55 -96.86 92.90
N TRP QB 96 -0.72 -97.67 92.24
CA TRP QB 96 -1.20 -98.58 91.23
C TRP QB 96 -2.17 -99.60 91.82
N GLU QB 97 -1.83 -100.15 92.99
CA GLU QB 97 -2.73 -101.10 93.64
C GLU QB 97 -4.05 -100.45 94.02
N THR QB 98 -3.99 -99.24 94.58
CA THR QB 98 -5.21 -98.53 94.95
C THR QB 98 -6.06 -98.22 93.71
N HIS QB 99 -5.41 -97.81 92.62
CA HIS QB 99 -6.12 -97.53 91.37
C HIS QB 99 -6.79 -98.78 90.83
N LYS QB 100 -6.09 -99.91 90.87
CA LYS QB 100 -6.68 -101.17 90.44
C LYS QB 100 -7.91 -101.50 91.28
N ARG QB 101 -7.82 -101.31 92.60
CA ARG QB 101 -8.95 -101.61 93.47
C ARG QB 101 -10.14 -100.69 93.14
N ASN QB 102 -9.87 -99.40 92.90
CA ASN QB 102 -10.97 -98.48 92.61
C ASN QB 102 -11.63 -98.79 91.27
N VAL QB 103 -10.82 -99.09 90.24
CA VAL QB 103 -11.40 -99.44 88.95
C VAL QB 103 -12.17 -100.75 89.04
N ASP QB 104 -11.70 -101.69 89.86
CA ASP QB 104 -12.45 -102.92 90.08
C ASP QB 104 -13.79 -102.62 90.75
N THR QB 105 -13.79 -101.72 91.73
CA THR QB 105 -15.03 -101.36 92.40
C THR QB 105 -16.03 -100.72 91.44
N LEU QB 106 -15.57 -99.79 90.60
CA LEU QB 106 -16.49 -99.10 89.71
C LEU QB 106 -16.93 -99.98 88.54
N PHE QB 107 -16.00 -100.72 87.95
CA PHE QB 107 -16.20 -101.40 86.67
C PHE QB 107 -16.34 -102.91 86.81
N ALA QB 108 -15.37 -103.58 87.45
CA ALA QB 108 -15.39 -105.04 87.52
C ALA QB 108 -16.57 -105.54 88.33
N SER QB 109 -16.85 -104.91 89.47
CA SER QB 109 -17.96 -105.31 90.31
C SER QB 109 -19.15 -104.36 90.22
N GLY QB 110 -19.04 -103.27 89.47
CA GLY QB 110 -20.11 -102.32 89.30
C GLY QB 110 -20.69 -102.36 87.91
N ASN QB 111 -21.53 -101.36 87.61
CA ASN QB 111 -22.17 -101.28 86.31
C ASN QB 111 -21.66 -100.09 85.50
N ALA QB 112 -20.39 -99.74 85.67
CA ALA QB 112 -19.82 -98.64 84.92
C ALA QB 112 -19.62 -99.02 83.45
N GLY QB 113 -19.52 -100.32 83.17
CA GLY QB 113 -19.37 -100.75 81.79
C GLY QB 113 -20.59 -100.42 80.94
N LEU QB 114 -21.79 -100.57 81.51
CA LEU QB 114 -23.00 -100.27 80.76
C LEU QB 114 -23.25 -98.77 80.67
N GLY QB 115 -22.49 -97.96 81.43
CA GLY QB 115 -22.58 -96.52 81.35
C GLY QB 115 -23.10 -95.83 82.58
N PHE QB 116 -23.12 -96.49 83.74
CA PHE QB 116 -23.67 -95.87 84.94
C PHE QB 116 -22.57 -95.60 85.96
N LEU QB 117 -22.49 -94.34 86.40
CA LEU QB 117 -21.52 -93.92 87.40
C LEU QB 117 -22.23 -93.86 88.75
N ASP QB 118 -21.98 -94.85 89.58
CA ASP QB 118 -22.62 -94.94 90.89
C ASP QB 118 -22.01 -93.90 91.83
N PRO QB 119 -22.79 -92.97 92.37
CA PRO QB 119 -22.20 -91.95 93.26
C PRO QB 119 -21.94 -92.44 94.68
N THR QB 120 -22.38 -93.63 95.04
CA THR QB 120 -22.18 -94.15 96.39
C THR QB 120 -21.16 -95.28 96.46
N ALA QB 121 -20.37 -95.49 95.41
CA ALA QB 121 -19.39 -96.56 95.40
C ALA QB 121 -18.30 -96.30 96.43
N ALA QB 122 -17.78 -97.38 97.00
CA ALA QB 122 -16.78 -97.30 98.07
C ALA QB 122 -15.40 -97.15 97.45
N ILE QB 123 -14.95 -95.91 97.32
CA ILE QB 123 -13.61 -95.60 96.81
C ILE QB 123 -12.67 -95.44 98.00
N VAL QB 124 -11.49 -96.05 97.89
CA VAL QB 124 -10.50 -96.00 98.97
C VAL QB 124 -9.18 -95.49 98.41
N SER QB 125 -8.38 -94.89 99.29
CA SER QB 125 -7.13 -94.25 98.88
C SER QB 125 -5.94 -95.12 99.25
N SER QB 126 -4.76 -94.66 98.83
CA SER QB 126 -3.52 -95.35 99.17
C SER QB 126 -3.15 -95.18 100.64
N ASP QB 127 -3.53 -94.06 101.24
CA ASP QB 127 -3.21 -93.80 102.64
C ASP QB 127 -3.96 -94.75 103.55
N THR QB 128 -3.27 -95.21 104.60
CA THR QB 128 -3.83 -96.13 105.58
C THR QB 128 -3.89 -95.46 106.94
N THR QB 129 -4.97 -95.73 107.66
CA THR QB 129 -5.17 -95.16 108.99
C THR QB 129 -4.38 -95.93 110.04
N ALA RB 1 11.12 140.44 44.62
CA ALA RB 1 11.59 139.51 45.64
C ALA RB 1 11.20 138.08 45.29
N ASN RB 2 12.19 137.27 44.92
CA ASN RB 2 11.94 135.89 44.57
C ASN RB 2 11.61 135.08 45.80
N LYS RB 3 10.73 134.08 45.63
CA LYS RB 3 10.29 133.27 46.76
C LYS RB 3 11.40 132.33 47.20
N PRO RB 4 11.76 132.31 48.48
CA PRO RB 4 12.81 131.38 48.94
C PRO RB 4 12.39 129.93 48.74
N MET RB 5 13.38 129.09 48.46
CA MET RB 5 13.18 127.69 48.14
C MET RB 5 13.80 126.86 49.27
N GLN RB 6 13.08 125.84 49.72
CA GLN RB 6 13.57 125.04 50.83
C GLN RB 6 13.78 123.60 50.42
N PRO RB 7 14.91 122.99 50.77
CA PRO RB 7 15.20 121.63 50.29
C PRO RB 7 14.25 120.61 50.89
N ILE RB 8 14.02 119.54 50.14
CA ILE RB 8 13.22 118.42 50.62
C ILE RB 8 14.04 117.15 50.78
N THR RB 9 15.15 116.99 50.05
CA THR RB 9 16.04 115.86 50.21
C THR RB 9 17.46 116.37 50.28
N SER RB 10 18.19 115.97 51.32
CA SER RB 10 19.55 116.42 51.55
C SER RB 10 20.48 115.21 51.63
N THR RB 11 21.51 115.22 50.81
CA THR RB 11 22.50 114.16 50.78
C THR RB 11 23.83 114.77 50.34
N ALA RB 12 24.92 114.07 50.66
CA ALA RB 12 26.25 114.57 50.30
C ALA RB 12 26.46 114.59 48.80
N ASN RB 13 25.63 113.86 48.06
CA ASN RB 13 25.79 113.73 46.61
C ASN RB 13 24.64 114.37 45.83
N LYS RB 14 23.57 114.77 46.49
CA LYS RB 14 22.39 115.33 45.80
C LYS RB 14 21.53 116.08 46.79
N ILE RB 15 21.16 117.31 46.45
CA ILE RB 15 20.23 118.11 47.22
C ILE RB 15 19.15 118.62 46.27
N VAL RB 16 17.89 118.43 46.65
CA VAL RB 16 16.75 118.81 45.83
C VAL RB 16 15.94 119.84 46.60
N TRP RB 17 15.61 120.96 45.94
CA TRP RB 17 14.81 122.02 46.54
C TRP RB 17 13.42 122.01 45.94
N SER RB 18 12.42 122.37 46.75
CA SER RB 18 11.04 122.45 46.30
C SER RB 18 10.37 123.68 46.90
N ASP RB 19 9.58 124.37 46.07
CA ASP RB 19 8.83 125.51 46.55
C ASP RB 19 7.69 125.04 47.45
N PRO RB 20 7.61 125.52 48.70
CA PRO RB 20 6.51 125.08 49.57
C PRO RB 20 5.13 125.38 49.00
N THR RB 21 4.98 126.47 48.25
CA THR RB 21 3.71 126.76 47.61
C THR RB 21 3.42 125.84 46.42
N ARG RB 22 4.43 125.47 45.65
CA ARG RB 22 4.26 124.56 44.53
C ARG RB 22 5.40 123.55 44.48
N LEU RB 23 5.18 122.35 45.04
CA LEU RB 23 6.24 121.34 45.09
C LEU RB 23 6.59 120.84 43.69
N SER RB 24 5.73 121.12 42.71
CA SER RB 24 6.02 120.76 41.33
C SER RB 24 7.27 121.44 40.80
N THR RB 25 7.63 122.59 41.35
CA THR RB 25 8.83 123.31 40.92
C THR RB 25 10.03 122.83 41.73
N THR RB 26 11.00 122.24 41.04
CA THR RB 26 12.14 121.61 41.71
C THR RB 26 13.45 122.16 41.16
N PHE RB 27 14.50 122.03 41.96
CA PHE RB 27 15.86 122.39 41.57
C PHE RB 27 16.81 121.43 42.26
N SER RB 28 17.53 120.64 41.47
CA SER RB 28 18.40 119.60 42.00
C SER RB 28 19.84 119.83 41.55
N ALA RB 29 20.77 119.49 42.43
CA ALA RB 29 22.20 119.62 42.17
C ALA RB 29 22.89 118.34 42.60
N SER RB 30 23.49 117.64 41.65
CA SER RB 30 24.16 116.37 41.91
C SER RB 30 25.62 116.49 41.52
N LEU RB 31 26.50 116.06 42.42
CA LEU RB 31 27.94 116.10 42.20
C LEU RB 31 28.49 114.69 42.02
N LEU RB 32 29.42 114.53 41.08
CA LEU RB 32 30.11 113.28 40.85
C LEU RB 32 31.60 113.55 40.78
N ARG RB 33 32.40 112.75 41.48
CA ARG RB 33 33.83 112.99 41.62
C ARG RB 33 34.61 111.75 41.20
N GLN RB 34 35.62 111.97 40.35
CA GLN RB 34 36.54 110.92 39.93
C GLN RB 34 37.96 111.48 39.92
N ARG RB 35 38.93 110.58 39.85
CA ARG RB 35 40.33 110.95 39.71
C ARG RB 35 40.77 110.60 38.29
N VAL RB 36 41.32 111.58 37.58
CA VAL RB 36 41.73 111.43 36.19
C VAL RB 36 43.21 111.74 36.08
N LYS RB 37 43.96 110.85 35.44
CA LYS RB 37 45.41 111.00 35.29
C LYS RB 37 45.68 111.70 33.96
N VAL RB 38 45.60 113.03 34.00
CA VAL RB 38 45.86 113.84 32.81
C VAL RB 38 47.36 114.03 32.60
N GLY RB 39 48.02 114.64 33.57
CA GLY RB 39 49.42 115.01 33.46
C GLY RB 39 50.30 114.21 34.40
N ILE RB 40 50.08 112.90 34.45
CA ILE RB 40 50.68 111.92 35.37
C ILE RB 40 50.49 112.41 36.80
N ALA RB 41 49.51 113.28 37.01
CA ALA RB 41 49.10 113.73 38.33
C ALA RB 41 47.60 113.51 38.44
N GLU RB 42 47.15 113.03 39.61
CA GLU RB 42 45.76 112.65 39.80
C GLU RB 42 44.91 113.88 40.06
N LEU RB 43 44.46 114.52 38.97
CA LEU RB 43 43.54 115.64 39.09
C LEU RB 43 42.15 115.13 39.50
N ASN RB 44 41.46 115.94 40.30
CA ASN RB 44 40.13 115.57 40.79
C ASN RB 44 39.07 116.42 40.12
N ASN RB 45 38.53 115.89 39.02
CA ASN RB 45 37.47 116.60 38.31
C ASN RB 45 36.14 116.42 39.03
N VAL RB 46 35.25 117.40 38.84
CA VAL RB 46 33.92 117.37 39.43
C VAL RB 46 32.90 117.58 38.33
N SER RB 47 31.95 116.65 38.22
CA SER RB 47 30.90 116.71 37.20
C SER RB 47 29.60 117.10 37.90
N GLY RB 48 29.34 118.41 37.98
CA GLY RB 48 28.15 118.92 38.64
C GLY RB 48 27.00 119.06 37.65
N GLN RB 49 25.89 118.41 37.98
CA GLN RB 49 24.68 118.46 37.18
C GLN RB 49 23.61 119.25 37.93
N TYR RB 50 23.17 120.35 37.34
CA TYR RB 50 22.14 121.21 37.93
C TYR RB 50 20.91 121.16 37.04
N VAL RB 51 19.75 120.89 37.64
CA VAL RB 51 18.50 120.71 36.91
C VAL RB 51 17.45 121.63 37.50
N SER RB 52 16.78 122.39 36.64
CA SER RB 52 15.63 123.20 37.03
C SER RB 52 14.40 122.71 36.28
N VAL RB 53 13.33 122.45 37.03
CA VAL RB 53 12.10 121.88 36.47
C VAL RB 53 10.92 122.74 36.88
N TYR RB 54 10.11 123.13 35.91
CA TYR RB 54 8.89 123.88 36.14
C TYR RB 54 7.79 123.30 35.26
N LYS RB 55 6.72 122.83 35.88
CA LYS RB 55 5.55 122.34 35.16
C LYS RB 55 4.60 123.52 34.97
N ARG RB 56 4.65 124.13 33.80
CA ARG RB 56 3.90 125.36 33.52
C ARG RB 56 2.64 125.03 32.76
N PRO RB 57 1.46 125.36 33.27
CA PRO RB 57 0.22 125.05 32.54
C PRO RB 57 0.08 125.96 31.32
N ALA RB 58 -0.13 125.34 30.16
CA ALA RB 58 -0.25 126.07 28.90
C ALA RB 58 -1.46 125.62 28.10
N PRO RB 59 -2.68 125.80 28.62
CA PRO RB 59 -3.84 125.78 27.74
C PRO RB 59 -3.79 126.92 26.73
N LYS RB 60 -3.20 128.05 27.15
CA LYS RB 60 -3.03 129.27 26.38
C LYS RB 60 -4.34 129.73 25.74
N PRO RB 61 -5.37 130.02 26.52
CA PRO RB 61 -6.61 130.56 25.94
C PRO RB 61 -6.41 132.01 25.55
N GLU RB 62 -6.29 132.25 24.24
CA GLU RB 62 -5.96 133.57 23.74
C GLU RB 62 -7.13 134.51 23.90
N GLY RB 63 -7.03 135.41 24.87
CA GLY RB 63 -8.02 136.44 25.08
C GLY RB 63 -9.01 136.29 26.22
N CYS RB 64 -9.44 135.06 26.51
CA CYS RB 64 -10.49 134.89 27.48
C CYS RB 64 -10.13 133.81 28.49
N ALA RB 65 -10.34 134.11 29.76
CA ALA RB 65 -10.30 133.15 30.85
C ALA RB 65 -11.49 133.41 31.76
N ASP RB 66 -12.23 132.36 32.09
CA ASP RB 66 -13.52 132.63 32.72
C ASP RB 66 -13.65 132.09 34.14
N ALA RB 67 -13.29 130.83 34.38
CA ALA RB 67 -13.57 130.21 35.68
C ALA RB 67 -12.50 129.17 35.97
N CYS RB 68 -12.78 128.32 36.95
CA CYS RB 68 -11.85 127.28 37.38
C CYS RB 68 -11.88 126.12 36.39
N VAL RB 69 -10.97 126.16 35.41
CA VAL RB 69 -10.81 125.09 34.44
C VAL RB 69 -9.52 124.37 34.77
N ILE RB 70 -9.56 123.04 34.74
CA ILE RB 70 -8.38 122.23 35.03
C ILE RB 70 -7.24 122.63 34.10
N MET RB 71 -6.07 122.81 34.68
CA MET RB 71 -4.94 123.31 33.92
C MET RB 71 -4.04 122.15 33.49
N PRO RB 72 -4.03 121.78 32.20
CA PRO RB 72 -3.10 120.75 31.75
C PRO RB 72 -1.68 121.28 31.72
N ASN RB 73 -0.71 120.45 32.09
CA ASN RB 73 0.64 120.90 32.37
C ASN RB 73 1.62 120.40 31.33
N GLU RB 74 2.60 121.25 31.00
CA GLU RB 74 3.78 120.85 30.25
C GLU RB 74 5.00 121.12 31.10
N ASN RB 75 6.06 120.35 30.88
CA ASN RB 75 7.28 120.45 31.69
C ASN RB 75 8.31 121.33 31.00
N GLN RB 76 8.91 122.24 31.77
CA GLN RB 76 10.00 123.07 31.29
C GLN RB 76 11.26 122.68 32.06
N SER RB 77 12.26 122.19 31.34
CA SER RB 77 13.47 121.66 31.96
C SER RB 77 14.69 122.41 31.46
N ILE RB 78 15.56 122.78 32.39
CA ILE RB 78 16.84 123.41 32.09
C ILE RB 78 17.91 122.68 32.89
N ARG RB 79 18.73 121.89 32.20
CA ARG RB 79 19.76 121.08 32.83
C ARG RB 79 21.13 121.57 32.39
N THR RB 80 22.05 121.69 33.35
CA THR RB 80 23.41 122.16 33.08
C THR RB 80 24.41 121.22 33.73
N VAL RB 81 25.42 120.82 32.97
CA VAL RB 81 26.48 119.93 33.45
C VAL RB 81 27.80 120.67 33.30
N ILE RB 82 28.53 120.80 34.41
CA ILE RB 82 29.83 121.46 34.43
C ILE RB 82 30.86 120.43 34.86
N SER RB 83 31.87 120.21 34.04
CA SER RB 83 32.90 119.20 34.29
C SER RB 83 34.28 119.84 34.14
N GLY RB 84 35.15 119.62 35.12
CA GLY RB 84 36.49 120.15 35.08
C GLY RB 84 37.27 119.88 36.35
N SER RB 85 38.60 119.97 36.27
CA SER RB 85 39.43 119.71 37.44
C SER RB 85 39.23 120.81 38.48
N ALA RB 86 39.28 120.41 39.75
CA ALA RB 86 39.09 121.36 40.84
C ALA RB 86 40.26 122.34 40.94
N GLU RB 87 41.42 121.94 40.42
CA GLU RB 87 42.60 122.79 40.53
C GLU RB 87 42.54 123.95 39.54
N ASN RB 88 41.58 123.94 38.62
CA ASN RB 88 41.38 125.01 37.65
C ASN RB 88 40.02 125.67 37.85
N LEU RB 89 39.68 125.94 39.10
CA LEU RB 89 38.34 126.44 39.41
C LEU RB 89 38.12 127.85 38.88
N ALA RB 90 39.15 128.70 38.94
CA ALA RB 90 39.02 130.05 38.41
C ALA RB 90 38.76 130.04 36.91
N THR RB 91 39.51 129.21 36.20
CA THR RB 91 39.28 129.04 34.77
C THR RB 91 37.90 128.47 34.48
N LEU RB 92 37.44 127.51 35.28
CA LEU RB 92 36.10 126.96 35.08
C LEU RB 92 35.04 128.02 35.28
N LYS RB 93 35.22 128.90 36.29
CA LYS RB 93 34.26 129.96 36.52
C LYS RB 93 34.25 130.97 35.37
N ALA RB 94 35.43 131.32 34.85
CA ALA RB 94 35.48 132.22 33.69
C ALA RB 94 34.80 131.58 32.49
N GLU RB 95 35.03 130.28 32.28
CA GLU RB 95 34.37 129.58 31.18
C GLU RB 95 32.86 129.55 31.38
N TRP RB 96 32.41 129.42 32.63
CA TRP RB 96 30.97 129.47 32.92
C TRP RB 96 30.39 130.82 32.56
N GLU RB 97 31.11 131.90 32.89
CA GLU RB 97 30.63 133.23 32.53
C GLU RB 97 30.56 133.40 31.02
N THR RB 98 31.58 132.94 30.30
CA THR RB 98 31.55 133.03 28.84
C THR RB 98 30.42 132.20 28.26
N HIS RB 99 30.16 131.02 28.84
CA HIS RB 99 29.07 130.18 28.38
C HIS RB 99 27.73 130.86 28.59
N LYS RB 100 27.55 131.51 29.75
CA LYS RB 100 26.33 132.27 29.99
C LYS RB 100 26.17 133.36 28.96
N ARG RB 101 27.26 134.09 28.67
CA ARG RB 101 27.19 135.15 27.67
C ARG RB 101 26.78 134.62 26.30
N ASN RB 102 27.40 133.53 25.87
CA ASN RB 102 27.09 132.99 24.54
C ASN RB 102 25.66 132.46 24.46
N VAL RB 103 25.22 131.74 25.50
CA VAL RB 103 23.87 131.20 25.49
C VAL RB 103 22.85 132.34 25.53
N ASP RB 104 23.16 133.42 26.25
CA ASP RB 104 22.29 134.58 26.23
C ASP RB 104 22.22 135.20 24.84
N THR RB 105 23.38 135.32 24.18
CA THR RB 105 23.41 135.91 22.85
C THR RB 105 22.56 135.10 21.87
N LEU RB 106 22.64 133.78 21.95
CA LEU RB 106 21.83 132.96 21.05
C LEU RB 106 20.36 132.91 21.44
N PHE RB 107 20.06 132.89 22.74
CA PHE RB 107 18.72 132.56 23.22
C PHE RB 107 17.91 133.78 23.63
N ALA RB 108 18.42 134.57 24.58
CA ALA RB 108 17.64 135.67 25.13
C ALA RB 108 17.44 136.79 24.12
N SER RB 109 18.52 137.19 23.45
CA SER RB 109 18.45 138.24 22.45
C SER RB 109 18.24 137.71 21.04
N GLY RB 110 18.14 136.40 20.87
CA GLY RB 110 17.93 135.80 19.57
C GLY RB 110 16.58 135.10 19.47
N ASN RB 111 16.50 134.21 18.49
CA ASN RB 111 15.28 133.45 18.23
C ASN RB 111 15.51 131.94 18.37
N ALA RB 112 16.52 131.55 19.13
CA ALA RB 112 16.81 130.13 19.30
C ALA RB 112 15.70 129.41 20.05
N GLY RB 113 14.90 130.16 20.83
CA GLY RB 113 13.81 129.52 21.57
C GLY RB 113 12.67 129.10 20.67
N LEU RB 114 12.56 129.72 19.50
CA LEU RB 114 11.49 129.38 18.56
C LEU RB 114 11.99 128.38 17.53
N GLY RB 115 13.21 127.89 17.72
CA GLY RB 115 13.77 126.93 16.77
C GLY RB 115 14.47 127.56 15.60
N PHE RB 116 15.37 128.50 15.85
CA PHE RB 116 16.09 129.22 14.81
C PHE RB 116 17.58 129.25 15.13
N LEU RB 117 18.41 129.27 14.09
CA LEU RB 117 19.84 129.42 14.23
C LEU RB 117 20.29 130.68 13.48
N ASP RB 118 21.13 131.49 14.13
CA ASP RB 118 21.64 132.69 13.50
C ASP RB 118 23.15 132.52 13.30
N PRO RB 119 23.62 132.23 12.08
CA PRO RB 119 25.06 132.09 11.86
C PRO RB 119 25.85 133.37 12.09
N THR RB 120 25.20 134.53 12.11
CA THR RB 120 25.89 135.80 12.29
C THR RB 120 25.93 136.24 13.75
N ALA RB 121 25.54 135.37 14.68
CA ALA RB 121 25.56 135.73 16.09
C ALA RB 121 26.98 135.98 16.57
N ALA RB 122 27.12 136.91 17.51
CA ALA RB 122 28.44 137.31 18.03
C ALA RB 122 28.79 136.41 19.21
N ILE RB 123 29.44 135.30 18.90
CA ILE RB 123 29.92 134.35 19.90
C ILE RB 123 31.37 134.70 20.23
N VAL RB 124 31.71 134.67 21.51
CA VAL RB 124 33.03 135.07 21.98
C VAL RB 124 33.64 133.93 22.80
N SER RB 125 34.96 133.95 22.90
CA SER RB 125 35.69 132.96 23.67
C SER RB 125 36.03 133.48 25.05
N SER RB 126 36.52 132.59 25.90
CA SER RB 126 36.91 132.97 27.25
C SER RB 126 38.19 133.79 27.28
N ASP RB 127 39.09 133.58 26.32
CA ASP RB 127 40.34 134.31 26.30
C ASP RB 127 40.11 135.77 25.92
N THR RB 128 41.01 136.64 26.36
CA THR RB 128 40.94 138.06 26.10
C THR RB 128 42.10 138.51 25.24
N THR RB 129 42.01 139.74 24.76
CA THR RB 129 43.07 140.32 23.93
C THR RB 129 43.87 141.35 24.72
N ALA SB 1 49.06 127.34 62.24
CA ALA SB 1 47.64 127.21 61.91
C ALA SB 1 47.44 126.11 60.87
N ASN SB 2 46.95 124.95 61.32
CA ASN SB 2 46.70 123.85 60.41
C ASN SB 2 45.48 124.14 59.55
N LYS SB 3 45.53 123.67 58.30
CA LYS SB 3 44.42 123.89 57.38
C LYS SB 3 43.25 122.99 57.75
N PRO SB 4 42.05 123.54 57.98
CA PRO SB 4 40.91 122.71 58.33
C PRO SB 4 40.33 122.01 57.11
N MET SB 5 39.57 120.95 57.37
CA MET SB 5 38.87 120.21 56.33
C MET SB 5 37.36 120.28 56.56
N GLN SB 6 36.62 120.10 55.47
CA GLN SB 6 35.18 120.06 55.48
C GLN SB 6 34.69 118.69 54.99
N PRO SB 7 33.55 118.21 55.48
CA PRO SB 7 33.06 116.90 55.01
C PRO SB 7 32.66 116.97 53.54
N ILE SB 8 32.98 115.90 52.82
CA ILE SB 8 32.70 115.79 51.39
C ILE SB 8 31.66 114.71 51.11
N THR SB 9 31.76 113.58 51.81
CA THR SB 9 30.73 112.55 51.79
C THR SB 9 30.30 112.26 53.23
N SER SB 10 28.99 112.34 53.46
CA SER SB 10 28.48 112.29 54.82
C SER SB 10 27.48 111.17 54.97
N THR SB 11 27.80 110.20 55.82
CA THR SB 11 26.87 109.17 56.26
C THR SB 11 27.13 108.92 57.73
N ALA SB 12 26.06 108.63 58.47
CA ALA SB 12 26.21 108.41 59.91
C ALA SB 12 27.09 107.19 60.18
N ASN SB 13 27.15 106.25 59.23
CA ASN SB 13 28.07 105.14 59.35
C ASN SB 13 29.50 105.54 59.01
N LYS SB 14 29.69 106.50 58.11
CA LYS SB 14 31.02 106.85 57.62
C LYS SB 14 31.03 108.29 57.12
N ILE SB 15 31.94 109.10 57.65
CA ILE SB 15 32.15 110.47 57.20
C ILE SB 15 33.62 110.63 56.80
N VAL SB 16 33.84 111.24 55.64
CA VAL SB 16 35.19 111.50 55.14
C VAL SB 16 35.39 113.00 55.02
N TRP SB 17 36.52 113.48 55.52
CA TRP SB 17 36.88 114.89 55.46
C TRP SB 17 37.93 115.10 54.38
N SER SB 18 37.92 116.28 53.76
CA SER SB 18 38.82 116.57 52.66
C SER SB 18 39.24 118.04 52.72
N ASP SB 19 40.48 118.29 52.35
CA ASP SB 19 41.00 119.64 52.29
C ASP SB 19 40.57 120.31 50.99
N PRO SB 20 39.88 121.45 51.04
CA PRO SB 20 39.47 122.12 49.80
C PRO SB 20 40.62 122.50 48.90
N THR SB 21 41.81 122.76 49.44
CA THR SB 21 42.97 123.12 48.65
C THR SB 21 43.72 121.91 48.12
N ARG SB 22 43.67 120.77 48.81
CA ARG SB 22 44.33 119.55 48.35
C ARG SB 22 43.34 118.41 48.56
N LEU SB 23 42.61 118.07 47.50
CA LEU SB 23 41.59 117.02 47.61
C LEU SB 23 42.19 115.65 47.83
N SER SB 24 43.48 115.47 47.60
CA SER SB 24 44.12 114.18 47.83
C SER SB 24 44.25 113.85 49.31
N THR SB 25 44.12 114.84 50.19
CA THR SB 25 44.20 114.63 51.63
C THR SB 25 42.81 114.30 52.15
N THR SB 26 42.68 113.14 52.80
CA THR SB 26 41.40 112.66 53.30
C THR SB 26 41.54 112.15 54.73
N PHE SB 27 40.45 112.20 55.46
CA PHE SB 27 40.36 111.61 56.80
C PHE SB 27 38.99 110.96 56.94
N SER SB 28 38.98 109.65 57.19
CA SER SB 28 37.76 108.87 57.22
C SER SB 28 37.53 108.31 58.61
N ALA SB 29 36.26 108.29 59.01
CA ALA SB 29 35.84 107.72 60.30
C ALA SB 29 34.60 106.88 60.07
N SER SB 30 34.69 105.59 60.35
CA SER SB 30 33.58 104.67 60.20
C SER SB 30 33.38 103.92 61.51
N LEU SB 31 32.15 103.91 62.00
CA LEU SB 31 31.79 103.21 63.24
C LEU SB 31 30.84 102.08 62.92
N LEU SB 32 31.18 100.87 63.37
CA LEU SB 32 30.33 99.70 63.26
C LEU SB 32 29.95 99.25 64.67
N ARG SB 33 28.65 99.22 64.95
CA ARG SB 33 28.14 98.90 66.28
C ARG SB 33 27.39 97.58 66.23
N GLN SB 34 27.67 96.72 67.20
CA GLN SB 34 27.04 95.41 67.30
C GLN SB 34 26.82 95.06 68.76
N ARG SB 35 25.74 94.33 69.03
CA ARG SB 35 25.37 93.95 70.40
C ARG SB 35 26.01 92.60 70.69
N VAL SB 36 27.31 92.63 71.00
CA VAL SB 36 28.04 91.42 71.38
C VAL SB 36 27.96 91.27 72.90
N LYS SB 37 27.07 90.42 73.36
CA LYS SB 37 26.83 90.29 74.78
C LYS SB 37 27.57 89.10 75.37
N VAL SB 38 28.27 89.33 76.48
CA VAL SB 38 28.90 88.28 77.24
C VAL SB 38 27.84 87.64 78.13
N GLY SB 39 28.17 86.51 78.76
CA GLY SB 39 27.22 85.78 79.57
C GLY SB 39 26.55 86.62 80.65
N ILE SB 40 25.23 86.46 80.78
CA ILE SB 40 24.37 87.12 81.76
C ILE SB 40 24.64 88.62 81.82
N ALA SB 41 25.03 89.22 80.70
CA ALA SB 41 25.29 90.65 80.64
C ALA SB 41 24.98 91.14 79.24
N GLU SB 42 24.73 92.45 79.15
CA GLU SB 42 24.48 93.12 77.89
C GLU SB 42 25.55 94.18 77.66
N LEU SB 43 26.20 94.14 76.51
CA LEU SB 43 27.29 95.06 76.21
C LEU SB 43 27.16 95.53 74.77
N ASN SB 44 27.35 96.83 74.55
CA ASN SB 44 27.30 97.43 73.22
C ASN SB 44 28.73 97.67 72.74
N ASN SB 45 29.11 96.98 71.66
CA ASN SB 45 30.45 97.06 71.11
C ASN SB 45 30.48 98.05 69.95
N VAL SB 46 31.45 98.96 69.98
CA VAL SB 46 31.60 99.98 68.94
C VAL SB 46 33.04 99.86 68.42
N SER SB 47 33.18 99.48 67.16
CA SER SB 47 34.49 99.39 66.52
C SER SB 47 34.68 100.61 65.62
N GLY SB 48 35.74 101.37 65.88
CA GLY SB 48 35.98 102.59 65.13
C GLY SB 48 37.22 102.54 64.26
N GLN SB 49 37.03 102.71 62.95
CA GLN SB 49 38.12 102.69 61.99
C GLN SB 49 38.38 104.13 61.52
N TYR SB 50 39.61 104.60 61.71
CA TYR SB 50 40.01 105.94 61.33
C TYR SB 50 41.18 105.85 60.36
N VAL SB 51 41.01 106.43 59.17
CA VAL SB 51 41.99 106.35 58.11
C VAL SB 51 42.39 107.75 57.69
N SER SB 52 43.69 108.01 57.65
CA SER SB 52 44.25 109.27 57.17
C SER SB 52 45.15 109.01 55.98
N VAL SB 53 44.91 109.72 54.89
CA VAL SB 53 45.62 109.52 53.63
C VAL SB 53 46.21 110.85 53.18
N TYR SB 54 47.50 110.84 52.84
CA TYR SB 54 48.18 111.99 52.28
C TYR SB 54 49.11 111.51 51.17
N LYS SB 55 49.02 112.15 50.00
CA LYS SB 55 49.87 111.83 48.86
C LYS SB 55 51.01 112.82 48.82
N ARG SB 56 52.17 112.40 49.32
CA ARG SB 56 53.35 113.25 49.43
C ARG SB 56 54.28 113.02 48.25
N PRO SB 57 54.81 114.08 47.65
CA PRO SB 57 55.74 113.90 46.54
C PRO SB 57 57.01 113.18 46.98
N ALA SB 58 57.60 112.44 46.05
CA ALA SB 58 58.84 111.75 46.33
C ALA SB 58 59.94 112.76 46.65
N PRO SB 59 60.91 112.40 47.50
CA PRO SB 59 61.93 113.37 47.90
C PRO SB 59 62.81 113.81 46.75
N LYS SB 60 62.96 115.12 46.59
CA LYS SB 60 63.81 115.69 45.56
C LYS SB 60 65.27 115.42 45.89
N PRO SB 61 66.16 115.36 44.89
CA PRO SB 61 67.58 115.14 45.17
C PRO SB 61 68.17 116.23 46.06
N GLU SB 62 69.09 115.84 46.95
CA GLU SB 62 69.62 116.78 47.93
C GLU SB 62 70.37 117.92 47.26
N GLY SB 63 71.16 117.62 46.24
CA GLY SB 63 71.88 118.67 45.54
C GLY SB 63 71.09 119.26 44.40
N CYS SB 64 69.90 119.78 44.71
CA CYS SB 64 69.01 120.34 43.70
C CYS SB 64 68.52 121.71 44.14
N ALA SB 65 68.71 122.69 43.26
CA ALA SB 65 68.13 124.02 43.42
C ALA SB 65 67.24 124.41 42.25
N ASP SB 66 66.79 123.44 41.45
CA ASP SB 66 65.99 123.74 40.27
C ASP SB 66 64.65 124.32 40.67
N ALA SB 67 64.07 125.10 39.77
CA ALA SB 67 62.83 125.82 40.05
C ALA SB 67 61.69 124.87 40.39
N CYS SB 68 61.26 124.06 39.41
CA CYS SB 68 60.24 123.04 39.64
C CYS SB 68 60.50 121.84 38.74
N VAL SB 69 60.89 120.72 39.37
CA VAL SB 69 60.83 119.41 38.74
C VAL SB 69 59.98 118.52 39.64
N ILE SB 70 58.86 118.04 39.12
CA ILE SB 70 57.86 117.36 39.93
C ILE SB 70 57.95 115.85 39.69
N MET SB 71 58.03 115.08 40.78
CA MET SB 71 58.05 113.63 40.73
C MET SB 71 56.75 113.09 41.30
N PRO SB 72 56.30 111.91 40.89
CA PRO SB 72 54.96 111.45 41.27
C PRO SB 72 54.84 111.20 42.77
N ASN SB 73 53.60 111.29 43.25
CA ASN SB 73 53.30 111.20 44.66
C ASN SB 73 53.36 109.75 45.14
N GLU SB 74 53.59 109.60 46.44
CA GLU SB 74 53.58 108.29 47.10
C GLU SB 74 52.43 108.27 48.09
N ASN SB 75 51.94 107.07 48.39
CA ASN SB 75 50.79 106.94 49.28
C ASN SB 75 51.26 106.83 50.73
N GLN SB 76 50.79 107.73 51.58
CA GLN SB 76 51.07 107.69 53.01
C GLN SB 76 49.74 107.49 53.74
N SER SB 77 49.60 106.36 54.41
CA SER SB 77 48.36 105.99 55.06
C SER SB 77 48.60 105.62 56.52
N ILE SB 78 47.71 106.08 57.39
CA ILE SB 78 47.73 105.73 58.80
C ILE SB 78 46.32 105.32 59.18
N ARG SB 79 46.17 104.09 59.66
CA ARG SB 79 44.87 103.50 59.94
C ARG SB 79 44.84 102.97 61.36
N THR SB 80 43.82 103.35 62.12
CA THR SB 80 43.64 102.92 63.50
C THR SB 80 42.25 102.33 63.67
N VAL SB 81 42.16 101.21 64.38
CA VAL SB 81 40.90 100.56 64.69
C VAL SB 81 40.80 100.42 66.20
N ILE SB 82 39.73 100.96 66.78
CA ILE SB 82 39.49 100.90 68.21
C ILE SB 82 38.19 100.15 68.45
N SER SB 83 38.26 99.04 69.16
CA SER SB 83 37.11 98.19 69.42
C SER SB 83 36.97 97.99 70.92
N GLY SB 84 35.77 98.21 71.44
CA GLY SB 84 35.51 98.04 72.86
C GLY SB 84 34.08 98.35 73.25
N SER SB 85 33.68 97.94 74.44
CA SER SB 85 32.32 98.20 74.90
C SER SB 85 32.13 99.66 75.27
N ALA SB 86 30.89 100.13 75.17
CA ALA SB 86 30.60 101.52 75.50
C ALA SB 86 30.68 101.76 77.01
N GLU SB 87 30.45 100.71 77.80
CA GLU SB 87 30.45 100.87 79.26
C GLU SB 87 31.85 101.17 79.78
N ASN SB 88 32.88 100.70 79.07
CA ASN SB 88 34.26 100.85 79.49
C ASN SB 88 34.97 101.98 78.75
N LEU SB 89 34.27 103.08 78.50
CA LEU SB 89 34.83 104.14 77.66
C LEU SB 89 36.03 104.81 78.29
N ALA SB 90 35.99 105.04 79.61
CA ALA SB 90 37.10 105.70 80.28
C ALA SB 90 38.36 104.83 80.23
N THR SB 91 38.21 103.54 80.49
CA THR SB 91 39.34 102.63 80.40
C THR SB 91 39.84 102.50 78.96
N LEU SB 92 38.94 102.55 77.98
CA LEU SB 92 39.37 102.54 76.59
C LEU SB 92 40.16 103.79 76.25
N LYS SB 93 39.77 104.94 76.81
CA LYS SB 93 40.54 106.16 76.59
C LYS SB 93 41.92 106.06 77.22
N ALA SB 94 42.01 105.49 78.43
CA ALA SB 94 43.31 105.27 79.04
C ALA SB 94 44.17 104.33 78.20
N GLU SB 95 43.56 103.27 77.67
CA GLU SB 95 44.29 102.36 76.79
C GLU SB 95 44.76 103.08 75.53
N TRP SB 96 43.94 103.99 75.01
CA TRP SB 96 44.34 104.75 73.83
C TRP SB 96 45.53 105.66 74.13
N GLU SB 97 45.54 106.28 75.31
CA GLU SB 97 46.68 107.09 75.69
C GLU SB 97 47.96 106.26 75.82
N THR SB 98 47.84 105.08 76.44
CA THR SB 98 49.00 104.19 76.56
C THR SB 98 49.48 103.73 75.19
N HIS SB 99 48.53 103.45 74.28
CA HIS SB 99 48.90 103.07 72.92
C HIS SB 99 49.62 104.20 72.21
N LYS SB 100 49.16 105.45 72.42
CA LYS SB 100 49.89 106.60 71.90
C LYS SB 100 51.33 106.59 72.40
N ARG SB 101 51.51 106.41 73.71
CA ARG SB 101 52.86 106.47 74.28
C ARG SB 101 53.75 105.38 73.70
N ASN SB 102 53.22 104.16 73.57
CA ASN SB 102 54.03 103.06 73.07
C ASN SB 102 54.37 103.24 71.59
N VAL SB 103 53.38 103.61 70.77
CA VAL SB 103 53.65 103.81 69.35
C VAL SB 103 54.62 104.98 69.17
N ASP SB 104 54.52 106.00 70.03
CA ASP SB 104 55.46 107.11 69.95
C ASP SB 104 56.88 106.66 70.26
N THR SB 105 57.06 105.90 71.35
CA THR SB 105 58.42 105.50 71.73
C THR SB 105 59.00 104.51 70.73
N LEU SB 106 58.15 103.82 69.97
CA LEU SB 106 58.68 102.95 68.92
C LEU SB 106 58.96 103.69 67.62
N PHE SB 107 58.10 104.63 67.24
CA PHE SB 107 58.10 105.25 65.91
C PHE SB 107 58.73 106.64 65.90
N ALA SB 108 58.19 107.56 66.71
CA ALA SB 108 58.62 108.95 66.65
C ALA SB 108 60.04 109.12 67.16
N SER SB 109 60.33 108.54 68.33
CA SER SB 109 61.67 108.62 68.91
C SER SB 109 62.51 107.38 68.61
N GLY SB 110 61.98 106.42 67.85
CA GLY SB 110 62.68 105.19 67.56
C GLY SB 110 63.17 105.12 66.13
N ASN SB 111 63.35 103.88 65.67
CA ASN SB 111 63.86 103.61 64.34
C ASN SB 111 62.92 102.71 63.54
N ALA SB 112 61.72 102.47 64.07
CA ALA SB 112 60.75 101.61 63.38
C ALA SB 112 60.30 102.23 62.07
N GLY SB 113 60.36 103.55 61.95
CA GLY SB 113 60.02 104.20 60.70
C GLY SB 113 60.91 103.80 59.54
N LEU SB 114 62.22 103.73 59.77
CA LEU SB 114 63.13 103.21 58.76
C LEU SB 114 63.21 101.70 58.76
N GLY SB 115 62.71 101.04 59.80
CA GLY SB 115 62.55 99.60 59.75
C GLY SB 115 63.39 98.79 60.69
N PHE SB 116 63.71 99.31 61.87
CA PHE SB 116 64.48 98.59 62.87
C PHE SB 116 63.70 98.53 64.18
N LEU SB 117 63.53 97.32 64.70
CA LEU SB 117 62.87 97.09 65.98
C LEU SB 117 63.93 96.94 67.07
N ASP SB 118 63.74 97.66 68.17
CA ASP SB 118 64.67 97.61 69.29
C ASP SB 118 64.02 96.85 70.44
N PRO SB 119 64.46 95.62 70.74
CA PRO SB 119 63.90 94.89 71.89
C PRO SB 119 64.06 95.61 73.23
N THR SB 120 64.84 96.69 73.29
CA THR SB 120 65.08 97.40 74.54
C THR SB 120 64.19 98.63 74.71
N ALA SB 121 63.17 98.77 73.87
CA ALA SB 121 62.28 99.93 73.97
C ALA SB 121 61.52 99.91 75.28
N ALA SB 122 61.28 101.10 75.83
CA ALA SB 122 60.61 101.26 77.12
C ALA SB 122 59.11 101.24 76.91
N ILE SB 123 58.55 100.05 76.74
CA ILE SB 123 57.12 99.87 76.60
C ILE SB 123 56.50 99.79 77.98
N VAL SB 124 55.41 100.53 78.20
CA VAL SB 124 54.76 100.61 79.49
C VAL SB 124 53.31 100.18 79.35
N SER SB 125 52.71 99.75 80.46
CA SER SB 125 51.31 99.37 80.48
C SER SB 125 50.45 100.51 81.01
N SER SB 126 49.14 100.37 80.81
CA SER SB 126 48.21 101.41 81.22
C SER SB 126 48.04 101.48 82.73
N ASP SB 127 48.11 100.35 83.42
CA ASP SB 127 47.93 100.35 84.87
C ASP SB 127 49.08 101.05 85.56
N THR SB 128 48.78 101.64 86.71
CA THR SB 128 49.76 102.36 87.51
C THR SB 128 50.15 101.55 88.74
N THR SB 129 51.33 101.87 89.28
CA THR SB 129 51.84 101.17 90.45
C THR SB 129 51.18 101.69 91.73
N ALA TB 1 15.77 120.38 82.36
CA ALA TB 1 16.82 120.21 81.36
C ALA TB 1 16.90 118.76 80.90
N ASN TB 2 16.18 118.45 79.83
CA ASN TB 2 16.16 117.08 79.31
C ASN TB 2 17.46 116.77 78.57
N LYS TB 3 17.85 115.51 78.58
CA LYS TB 3 19.10 115.09 77.94
C LYS TB 3 18.91 115.02 76.43
N PRO TB 4 19.70 115.76 75.66
CA PRO TB 4 19.56 115.69 74.19
C PRO TB 4 20.16 114.42 73.63
N MET TB 5 19.85 114.14 72.36
CA MET TB 5 20.45 113.03 71.64
C MET TB 5 21.22 113.54 70.43
N GLN TB 6 21.98 112.63 69.83
CA GLN TB 6 22.68 112.83 68.57
C GLN TB 6 22.28 111.72 67.59
N PRO TB 7 22.32 111.99 66.29
CA PRO TB 7 21.87 110.98 65.32
C PRO TB 7 22.84 109.83 65.16
N ILE TB 8 22.34 108.60 65.30
CA ILE TB 8 23.17 107.42 65.06
C ILE TB 8 23.09 106.96 63.62
N THR TB 9 21.95 107.16 62.95
CA THR TB 9 21.77 106.76 61.56
C THR TB 9 21.07 107.89 60.83
N SER TB 10 21.72 108.43 59.80
CA SER TB 10 21.18 109.53 59.02
C SER TB 10 21.01 109.07 57.58
N THR TB 11 19.80 109.26 57.06
CA THR TB 11 19.47 108.89 55.69
C THR TB 11 18.49 109.93 55.15
N ALA TB 12 18.38 109.97 53.83
CA ALA TB 12 17.46 110.92 53.19
C ALA TB 12 16.00 110.63 53.56
N ASN TB 13 15.72 109.43 54.06
CA ASN TB 13 14.36 109.03 54.39
C ASN TB 13 14.17 108.62 55.84
N LYS TB 14 15.23 108.51 56.64
CA LYS TB 14 15.09 108.08 58.03
C LYS TB 14 16.29 108.57 58.83
N ILE TB 15 16.02 109.22 59.96
CA ILE TB 15 17.05 109.62 60.90
C ILE TB 15 16.68 109.09 62.28
N VAL TB 16 17.65 108.44 62.93
CA VAL TB 16 17.45 107.81 64.24
C VAL TB 16 18.35 108.50 65.25
N TRP TB 17 17.77 108.91 66.37
CA TRP TB 17 18.50 109.51 67.48
C TRP TB 17 18.72 108.48 68.57
N SER TB 18 19.68 108.77 69.46
CA SER TB 18 19.96 107.90 70.59
C SER TB 18 20.69 108.68 71.67
N ASP TB 19 20.34 108.40 72.92
CA ASP TB 19 20.94 109.11 74.05
C ASP TB 19 22.32 108.52 74.36
N PRO TB 20 23.36 109.37 74.46
CA PRO TB 20 24.68 108.84 74.81
C PRO TB 20 24.72 108.09 76.13
N THR TB 21 23.94 108.54 77.12
CA THR TB 21 23.94 107.87 78.41
C THR TB 21 23.28 106.49 78.32
N ARG TB 22 22.12 106.42 77.68
CA ARG TB 22 21.40 105.16 77.50
C ARG TB 22 21.15 104.95 76.01
N LEU TB 23 21.82 103.95 75.44
CA LEU TB 23 21.70 103.71 74.01
C LEU TB 23 20.39 102.99 73.68
N SER TB 24 19.70 102.48 74.70
CA SER TB 24 18.44 101.77 74.49
C SER TB 24 17.33 102.71 74.06
N THR TB 25 17.45 103.99 74.40
CA THR TB 25 16.41 104.96 74.09
C THR TB 25 16.69 105.59 72.74
N THR TB 26 15.77 105.41 71.79
CA THR TB 26 15.93 105.93 70.44
C THR TB 26 14.66 106.63 70.01
N PHE TB 27 14.81 107.55 69.06
CA PHE TB 27 13.70 108.26 68.44
C PHE TB 27 13.91 108.27 66.94
N SER TB 28 12.99 107.67 66.20
CA SER TB 28 13.13 107.49 64.76
C SER TB 28 12.01 108.20 64.02
N ALA TB 29 12.39 108.87 62.93
CA ALA TB 29 11.44 109.57 62.08
C ALA TB 29 11.70 109.15 60.63
N SER TB 30 10.65 108.69 59.96
CA SER TB 30 10.75 108.24 58.56
C SER TB 30 9.68 108.95 57.75
N LEU TB 31 10.04 109.41 56.57
CA LEU TB 31 9.11 110.10 55.68
C LEU TB 31 8.99 109.36 54.36
N LEU TB 32 7.76 109.16 53.92
CA LEU TB 32 7.46 108.56 52.62
C LEU TB 32 6.72 109.59 51.78
N ARG TB 33 7.26 109.86 50.59
CA ARG TB 33 6.75 110.90 49.71
C ARG TB 33 6.22 110.29 48.43
N GLN TB 34 4.92 110.48 48.17
CA GLN TB 34 4.29 110.00 46.95
C GLN TB 34 3.37 111.08 46.40
N ARG TB 35 3.13 111.02 45.10
CA ARG TB 35 2.15 111.87 44.47
C ARG TB 35 0.82 111.14 44.40
N VAL TB 36 -0.23 111.77 44.94
CA VAL TB 36 -1.56 111.19 44.99
C VAL TB 36 -2.40 111.78 43.87
N LYS TB 37 -2.98 110.90 43.06
CA LYS TB 37 -3.81 111.29 41.93
C LYS TB 37 -5.24 111.49 42.41
N VAL TB 38 -5.65 112.75 42.52
CA VAL TB 38 -7.02 113.11 42.86
C VAL TB 38 -7.60 113.86 41.66
N GLY TB 39 -8.88 113.57 41.38
CA GLY TB 39 -9.55 114.13 40.22
C GLY TB 39 -9.29 115.62 40.01
N ILE TB 40 -8.95 115.98 38.78
CA ILE TB 40 -8.57 117.33 38.36
C ILE TB 40 -7.65 117.99 39.38
N ALA TB 41 -6.70 117.22 39.91
CA ALA TB 41 -5.74 117.75 40.88
C ALA TB 41 -4.47 116.92 40.82
N GLU TB 42 -3.35 117.53 41.24
CA GLU TB 42 -2.06 116.86 41.36
C GLU TB 42 -1.39 117.38 42.62
N LEU TB 43 -1.51 116.62 43.71
CA LEU TB 43 -1.03 117.04 45.01
C LEU TB 43 -0.13 115.95 45.60
N ASN TB 44 0.75 116.36 46.51
CA ASN TB 44 1.82 115.51 47.02
C ASN TB 44 1.55 115.18 48.48
N ASN TB 45 1.41 113.89 48.78
CA ASN TB 45 1.20 113.45 50.15
C ASN TB 45 2.54 113.15 50.82
N VAL TB 46 2.61 113.40 52.12
CA VAL TB 46 3.78 113.10 52.94
C VAL TB 46 3.31 112.35 54.17
N SER TB 47 3.83 111.15 54.36
CA SER TB 47 3.49 110.31 55.50
C SER TB 47 4.71 110.19 56.40
N GLY TB 48 4.56 110.60 57.66
CA GLY TB 48 5.67 110.56 58.60
C GLY TB 48 5.44 109.64 59.77
N GLN TB 49 6.34 108.69 59.97
CA GLN TB 49 6.25 107.73 61.06
C GLN TB 49 7.28 108.09 62.12
N TYR TB 50 6.79 108.44 63.31
CA TYR TB 50 7.64 108.82 64.43
C TYR TB 50 7.50 107.78 65.53
N VAL TB 51 8.63 107.19 65.93
CA VAL TB 51 8.64 106.11 66.91
C VAL TB 51 9.56 106.49 68.05
N SER TB 52 9.06 106.34 69.28
CA SER TB 52 9.85 106.54 70.48
C SER TB 52 9.80 105.27 71.32
N VAL TB 53 10.97 104.81 71.76
CA VAL TB 53 11.09 103.58 72.53
C VAL TB 53 11.95 103.83 73.76
N TYR TB 54 11.57 103.21 74.87
CA TYR TB 54 12.34 103.26 76.10
C TYR TB 54 12.35 101.87 76.73
N LYS TB 55 13.54 101.41 77.11
CA LYS TB 55 13.70 100.09 77.70
C LYS TB 55 13.73 100.20 79.22
N ARG TB 56 12.55 100.48 79.77
CA ARG TB 56 12.43 100.77 81.19
C ARG TB 56 12.51 99.49 82.03
N PRO TB 57 13.14 99.53 83.20
CA PRO TB 57 13.15 98.37 84.08
C PRO TB 57 11.77 98.06 84.63
N ALA TB 58 11.55 96.77 84.89
CA ALA TB 58 10.32 96.35 85.53
C ALA TB 58 10.29 96.87 86.97
N PRO TB 59 9.11 97.05 87.57
CA PRO TB 59 9.07 97.66 88.90
C PRO TB 59 9.68 96.73 89.95
N LYS TB 60 10.46 97.34 90.85
CA LYS TB 60 11.14 96.59 91.90
C LYS TB 60 10.13 96.01 92.87
N PRO TB 61 10.40 94.82 93.43
CA PRO TB 61 9.52 94.28 94.46
C PRO TB 61 9.45 95.17 95.69
N GLU TB 62 8.32 95.14 96.39
CA GLU TB 62 8.01 96.08 97.46
C GLU TB 62 8.65 95.61 98.77
N GLY TB 63 9.17 96.56 99.53
CA GLY TB 63 9.65 96.30 100.87
C GLY TB 63 11.04 95.72 100.97
N CYS TB 64 11.70 95.48 99.84
CA CYS TB 64 13.05 94.89 99.83
C CYS TB 64 13.92 95.65 98.85
N ALA TB 65 15.11 96.06 99.29
CA ALA TB 65 16.08 96.74 98.45
C ALA TB 65 17.25 95.80 98.22
N ASP TB 66 17.36 95.27 97.01
CA ASP TB 66 18.46 94.37 96.68
C ASP TB 66 19.80 95.09 96.73
N ALA TB 67 20.87 94.31 96.58
CA ALA TB 67 22.21 94.89 96.62
C ALA TB 67 22.38 95.95 95.54
N CYS TB 68 21.96 95.65 94.32
CA CYS TB 68 21.91 96.63 93.25
C CYS TB 68 20.86 96.21 92.24
N VAL TB 69 20.61 97.06 91.25
CA VAL TB 69 19.52 96.83 90.31
C VAL TB 69 19.80 95.59 89.47
N ILE TB 70 18.84 94.68 89.43
CA ILE TB 70 18.94 93.44 88.68
C ILE TB 70 17.66 93.21 87.87
N MET TB 71 16.87 94.26 87.72
CA MET TB 71 15.51 94.10 87.20
C MET TB 71 15.56 93.79 85.71
N PRO TB 72 14.75 92.85 85.22
CA PRO TB 72 14.73 92.55 83.78
C PRO TB 72 13.85 93.50 82.98
N ASN TB 73 14.44 94.60 82.52
CA ASN TB 73 13.73 95.70 81.86
C ASN TB 73 12.74 95.28 80.78
N GLU TB 74 11.72 96.11 80.56
CA GLU TB 74 10.65 95.84 79.62
C GLU TB 74 10.71 96.85 78.47
N ASN TB 75 9.71 96.78 77.59
CA ASN TB 75 9.67 97.63 76.40
C ASN TB 75 8.52 98.62 76.52
N GLN TB 76 8.83 99.91 76.37
CA GLN TB 76 7.83 100.96 76.31
C GLN TB 76 8.00 101.71 74.99
N SER TB 77 7.06 101.54 74.08
CA SER TB 77 7.14 102.14 72.75
C SER TB 77 5.83 102.81 72.40
N ILE TB 78 5.91 104.02 71.87
CA ILE TB 78 4.75 104.77 71.40
C ILE TB 78 5.06 105.31 70.01
N ARG TB 79 4.13 105.13 69.09
CA ARG TB 79 4.34 105.37 67.66
C ARG TB 79 3.26 106.30 67.13
N THR TB 80 3.64 107.24 66.28
CA THR TB 80 2.72 108.19 65.68
C THR TB 80 2.96 108.27 64.17
N VAL TB 81 1.87 108.26 63.41
CA VAL TB 81 1.93 108.37 61.96
C VAL TB 81 1.05 109.54 61.55
N ILE TB 82 1.62 110.47 60.78
CA ILE TB 82 0.91 111.63 60.29
C ILE TB 82 0.93 111.59 58.77
N SER TB 83 -0.26 111.59 58.16
CA SER TB 83 -0.41 111.50 56.71
C SER TB 83 -1.26 112.67 56.24
N GLY TB 84 -0.81 113.33 55.19
CA GLY TB 84 -1.55 114.44 54.63
C GLY TB 84 -0.78 115.08 53.49
N SER TB 85 -1.46 115.99 52.81
CA SER TB 85 -0.85 116.69 51.68
C SER TB 85 -0.11 117.93 52.17
N ALA TB 86 0.95 118.30 51.46
CA ALA TB 86 1.71 119.49 51.83
C ALA TB 86 0.93 120.76 51.53
N GLU TB 87 -0.04 120.69 50.62
CA GLU TB 87 -0.84 121.86 50.30
C GLU TB 87 -1.69 122.30 51.49
N ASN TB 88 -2.12 121.34 52.30
CA ASN TB 88 -2.98 121.59 53.45
C ASN TB 88 -2.23 121.50 54.77
N LEU TB 89 -1.00 122.03 54.82
CA LEU TB 89 -0.16 121.88 56.00
C LEU TB 89 -0.76 122.55 57.23
N ALA TB 90 -1.38 123.72 57.05
CA ALA TB 90 -1.97 124.40 58.19
C ALA TB 90 -3.09 123.57 58.81
N THR TB 91 -3.96 123.01 57.97
CA THR TB 91 -5.03 122.16 58.47
C THR TB 91 -4.46 120.89 59.09
N LEU TB 92 -3.38 120.34 58.53
CA LEU TB 92 -2.76 119.17 59.13
C LEU TB 92 -2.21 119.47 60.51
N LYS TB 93 -1.60 120.65 60.68
CA LYS TB 93 -1.10 121.04 62.00
C LYS TB 93 -2.23 121.26 62.98
N ALA TB 94 -3.34 121.84 62.52
CA ALA TB 94 -4.52 121.98 63.39
C ALA TB 94 -5.06 120.61 63.80
N GLU TB 95 -5.08 119.67 62.85
CA GLU TB 95 -5.48 118.30 63.18
C GLU TB 95 -4.54 117.68 64.19
N TRP TB 96 -3.24 117.95 64.06
CA TRP TB 96 -2.28 117.43 65.03
C TRP TB 96 -2.55 117.99 66.42
N GLU TB 97 -2.83 119.29 66.51
CA GLU TB 97 -3.13 119.88 67.80
C GLU TB 97 -4.39 119.27 68.43
N THR TB 98 -5.45 119.11 67.61
CA THR TB 98 -6.68 118.52 68.13
C THR TB 98 -6.47 117.07 68.55
N HIS TB 99 -5.67 116.33 67.77
CA HIS TB 99 -5.36 114.95 68.12
C HIS TB 99 -4.60 114.88 69.44
N LYS TB 100 -3.63 115.78 69.64
CA LYS TB 100 -2.93 115.84 70.91
C LYS TB 100 -3.89 116.11 72.06
N ARG TB 101 -4.81 117.06 71.86
CA ARG TB 101 -5.76 117.39 72.92
C ARG TB 101 -6.64 116.20 73.27
N ASN TB 102 -7.16 115.52 72.25
CA ASN TB 102 -8.05 114.39 72.51
C ASN TB 102 -7.31 113.23 73.16
N VAL TB 103 -6.08 112.95 72.71
CA VAL TB 103 -5.33 111.85 73.29
C VAL TB 103 -4.93 112.17 74.72
N ASP TB 104 -4.62 113.44 75.01
CA ASP TB 104 -4.36 113.85 76.38
C ASP TB 104 -5.60 113.69 77.25
N THR TB 105 -6.76 114.03 76.70
CA THR TB 105 -8.01 113.87 77.45
C THR TB 105 -8.27 112.41 77.80
N LEU TB 106 -8.06 111.51 76.84
CA LEU TB 106 -8.32 110.09 77.10
C LEU TB 106 -7.25 109.47 77.98
N PHE TB 107 -5.99 109.80 77.76
CA PHE TB 107 -4.85 109.10 78.35
C PHE TB 107 -4.17 109.89 79.46
N ALA TB 108 -3.73 111.11 79.17
CA ALA TB 108 -2.96 111.87 80.15
C ALA TB 108 -3.78 112.19 81.40
N SER TB 109 -5.04 112.59 81.20
CA SER TB 109 -5.92 112.91 82.32
C SER TB 109 -6.98 111.85 82.58
N GLY TB 110 -7.02 110.79 81.77
CA GLY TB 110 -7.98 109.73 81.92
C GLY TB 110 -7.31 108.43 82.34
N ASN TB 111 -8.12 107.37 82.38
CA ASN TB 111 -7.62 106.06 82.79
C ASN TB 111 -7.54 105.11 81.61
N ALA TB 112 -7.22 105.63 80.43
CA ALA TB 112 -7.06 104.78 79.26
C ALA TB 112 -5.83 103.89 79.39
N GLY TB 113 -4.87 104.31 80.22
CA GLY TB 113 -3.67 103.50 80.41
C GLY TB 113 -3.96 102.17 81.06
N LEU TB 114 -4.93 102.13 81.98
CA LEU TB 114 -5.25 100.88 82.65
C LEU TB 114 -6.15 100.00 81.79
N GLY TB 115 -6.72 100.55 80.73
CA GLY TB 115 -7.59 99.78 79.86
C GLY TB 115 -9.03 100.23 79.83
N PHE TB 116 -9.35 101.41 80.37
CA PHE TB 116 -10.72 101.87 80.41
C PHE TB 116 -10.96 102.94 79.35
N LEU TB 117 -12.00 102.74 78.54
CA LEU TB 117 -12.42 103.71 77.52
C LEU TB 117 -13.69 104.37 78.02
N ASP TB 118 -13.56 105.61 78.49
CA ASP TB 118 -14.69 106.33 79.06
C ASP TB 118 -15.62 106.81 77.94
N PRO TB 119 -16.89 106.40 77.92
CA PRO TB 119 -17.79 106.87 76.86
C PRO TB 119 -18.25 108.31 77.04
N THR TB 120 -18.00 108.93 78.18
CA THR TB 120 -18.44 110.31 78.42
C THR TB 120 -17.31 111.32 78.35
N ALA TB 121 -16.17 110.96 77.77
CA ALA TB 121 -15.04 111.88 77.67
C ALA TB 121 -15.37 113.04 76.74
N ALA TB 122 -14.76 114.19 77.00
CA ALA TB 122 -15.01 115.41 76.23
C ALA TB 122 -14.05 115.44 75.05
N ILE TB 123 -14.47 114.84 73.95
CA ILE TB 123 -13.69 114.82 72.71
C ILE TB 123 -14.17 115.94 71.82
N VAL TB 124 -13.24 116.67 71.21
CA VAL TB 124 -13.56 117.83 70.39
C VAL TB 124 -12.94 117.64 69.00
N SER TB 125 -13.53 118.31 68.02
CA SER TB 125 -13.01 118.28 66.66
C SER TB 125 -12.15 119.52 66.40
N SER TB 126 -11.51 119.53 65.23
CA SER TB 126 -10.64 120.65 64.87
C SER TB 126 -11.43 121.90 64.50
N ASP TB 127 -12.66 121.75 64.02
CA ASP TB 127 -13.46 122.90 63.63
C ASP TB 127 -13.89 123.70 64.85
N THR TB 128 -14.00 125.00 64.66
CA THR TB 128 -14.40 125.93 65.71
C THR TB 128 -15.75 126.56 65.37
N THR TB 129 -16.37 127.17 66.37
CA THR TB 129 -17.65 127.84 66.18
C THR TB 129 -17.46 129.35 66.15
N ALA UB 1 -111.18 -26.05 93.72
CA ALA UB 1 -111.14 -27.09 92.70
C ALA UB 1 -110.19 -26.71 91.57
N ASN UB 2 -109.06 -27.39 91.49
CA ASN UB 2 -108.09 -27.12 90.45
C ASN UB 2 -108.59 -27.64 89.11
N LYS UB 3 -108.29 -26.90 88.05
CA LYS UB 3 -108.82 -27.24 86.72
C LYS UB 3 -108.12 -28.48 86.17
N PRO UB 4 -108.86 -29.47 85.67
CA PRO UB 4 -108.23 -30.57 84.96
C PRO UB 4 -107.31 -30.09 83.85
N MET UB 5 -106.19 -30.78 83.68
CA MET UB 5 -105.22 -30.49 82.63
C MET UB 5 -105.03 -31.73 81.78
N GLN UB 6 -105.10 -31.58 80.46
CA GLN UB 6 -105.09 -32.72 79.55
C GLN UB 6 -103.86 -32.68 78.66
N PRO UB 7 -103.30 -33.84 78.32
CA PRO UB 7 -102.00 -33.85 77.63
C PRO UB 7 -102.10 -33.41 76.18
N ILE UB 8 -100.99 -32.91 75.66
CA ILE UB 8 -100.90 -32.52 74.26
C ILE UB 8 -99.87 -33.34 73.49
N THR UB 9 -98.87 -33.89 74.16
CA THR UB 9 -97.88 -34.75 73.52
C THR UB 9 -97.61 -35.94 74.42
N SER UB 10 -97.79 -37.14 73.88
CA SER UB 10 -97.63 -38.37 74.65
C SER UB 10 -96.54 -39.24 74.01
N THR UB 11 -95.59 -39.64 74.83
CA THR UB 11 -94.50 -40.50 74.40
C THR UB 11 -94.05 -41.31 75.61
N ALA UB 12 -93.43 -42.47 75.33
CA ALA UB 12 -92.97 -43.33 76.42
C ALA UB 12 -91.85 -42.67 77.22
N ASN UB 13 -91.23 -41.63 76.67
CA ASN UB 13 -90.12 -40.95 77.31
C ASN UB 13 -90.43 -39.51 77.73
N LYS UB 14 -91.59 -38.98 77.32
CA LYS UB 14 -91.94 -37.59 77.63
C LYS UB 14 -93.43 -37.39 77.43
N ILE UB 15 -94.10 -36.83 78.43
CA ILE UB 15 -95.50 -36.45 78.34
C ILE UB 15 -95.63 -35.00 78.79
N VAL UB 16 -96.32 -34.20 78.00
CA VAL UB 16 -96.49 -32.78 78.27
C VAL UB 16 -97.99 -32.50 78.44
N TRP UB 17 -98.34 -31.84 79.54
CA TRP UB 17 -99.72 -31.47 79.82
C TRP UB 17 -99.88 -29.96 79.63
N SER UB 18 -101.02 -29.55 79.10
CA SER UB 18 -101.30 -28.13 78.88
C SER UB 18 -102.74 -27.83 79.30
N ASP UB 19 -102.93 -26.66 79.89
CA ASP UB 19 -104.26 -26.22 80.29
C ASP UB 19 -105.07 -25.89 79.04
N PRO UB 20 -106.23 -26.52 78.83
CA PRO UB 20 -107.00 -26.22 77.61
C PRO UB 20 -107.41 -24.76 77.50
N THR UB 21 -107.70 -24.09 78.61
CA THR UB 21 -108.06 -22.68 78.56
C THR UB 21 -106.85 -21.76 78.42
N ARG UB 22 -105.67 -22.20 78.84
CA ARG UB 22 -104.43 -21.44 78.67
C ARG UB 22 -103.29 -22.37 78.31
N LEU UB 23 -103.01 -22.53 77.02
CA LEU UB 23 -101.99 -23.46 76.55
C LEU UB 23 -100.59 -23.02 76.97
N SER UB 24 -100.45 -21.77 77.39
CA SER UB 24 -99.17 -21.28 77.89
C SER UB 24 -98.72 -22.02 79.15
N THR UB 25 -99.64 -22.54 79.94
CA THR UB 25 -99.29 -23.31 81.13
C THR UB 25 -98.96 -24.74 80.73
N THR UB 26 -97.74 -25.18 81.06
CA THR UB 26 -97.27 -26.50 80.67
C THR UB 26 -96.71 -27.25 81.87
N PHE UB 27 -96.71 -28.57 81.77
CA PHE UB 27 -96.12 -29.45 82.77
C PHE UB 27 -95.57 -30.67 82.06
N SER UB 28 -94.25 -30.83 82.05
CA SER UB 28 -93.59 -31.87 81.30
C SER UB 28 -92.80 -32.78 82.23
N ALA UB 29 -92.86 -34.08 81.94
CA ALA UB 29 -92.14 -35.09 82.70
C ALA UB 29 -91.38 -35.99 81.72
N SER UB 30 -90.07 -36.05 81.87
CA SER UB 30 -89.21 -36.85 81.00
C SER UB 30 -88.39 -37.78 81.86
N LEU UB 31 -88.36 -39.06 81.50
CA LEU UB 31 -87.58 -40.06 82.20
C LEU UB 31 -86.40 -40.49 81.36
N LEU UB 32 -85.25 -40.64 82.00
CA LEU UB 32 -84.04 -41.16 81.36
C LEU UB 32 -83.52 -42.32 82.20
N ARG UB 33 -83.29 -43.45 81.55
CA ARG UB 33 -82.93 -44.69 82.24
C ARG UB 33 -81.57 -45.18 81.77
N GLN UB 34 -80.68 -45.44 82.72
CA GLN UB 34 -79.39 -46.06 82.47
C GLN UB 34 -79.17 -47.17 83.48
N ARG UB 35 -78.19 -48.02 83.19
CA ARG UB 35 -77.76 -49.06 84.13
C ARG UB 35 -76.36 -48.72 84.62
N VAL UB 36 -76.19 -48.71 85.94
CA VAL UB 36 -74.94 -48.27 86.57
C VAL UB 36 -74.45 -49.40 87.47
N LYS UB 37 -73.17 -49.74 87.34
CA LYS UB 37 -72.55 -50.81 88.12
C LYS UB 37 -71.97 -50.20 89.39
N VAL UB 38 -72.84 -50.04 90.39
CA VAL UB 38 -72.41 -49.47 91.66
C VAL UB 38 -71.75 -50.53 92.53
N GLY UB 39 -72.47 -51.61 92.82
CA GLY UB 39 -72.01 -52.64 93.73
C GLY UB 39 -71.81 -53.97 93.05
N ILE UB 40 -71.15 -53.93 91.88
CA ILE UB 40 -70.94 -55.05 90.96
C ILE UB 40 -72.28 -55.69 90.62
N ALA UB 41 -73.35 -54.93 90.82
CA ALA UB 41 -74.70 -55.31 90.39
C ALA UB 41 -75.26 -54.15 89.59
N GLU UB 42 -75.94 -54.47 88.48
CA GLU UB 42 -76.40 -53.46 87.53
C GLU UB 42 -77.71 -52.85 88.04
N LEU UB 43 -77.57 -51.78 88.83
CA LEU UB 43 -78.73 -51.04 89.29
C LEU UB 43 -79.31 -50.23 88.15
N ASN UB 44 -80.64 -50.08 88.15
CA ASN UB 44 -81.34 -49.36 87.09
C ASN UB 44 -81.86 -48.03 87.64
N ASN UB 45 -81.03 -47.00 87.54
CA ASN UB 45 -81.41 -45.69 88.03
C ASN UB 45 -82.36 -45.00 87.06
N VAL UB 46 -83.18 -44.09 87.59
CA VAL UB 46 -84.12 -43.32 86.80
C VAL UB 46 -83.92 -41.85 87.12
N SER UB 47 -83.68 -41.04 86.09
CA SER UB 47 -83.47 -39.60 86.24
C SER UB 47 -84.70 -38.89 85.69
N GLY UB 48 -85.68 -38.64 86.56
CA GLY UB 48 -86.92 -38.00 86.16
C GLY UB 48 -86.83 -36.50 86.30
N GLN UB 49 -87.03 -35.80 85.18
CA GLN UB 49 -87.02 -34.35 85.12
C GLN UB 49 -88.45 -33.86 84.97
N TYR UB 50 -88.88 -32.99 85.88
CA TYR UB 50 -90.22 -32.45 85.89
C TYR UB 50 -90.14 -30.93 85.85
N VAL UB 51 -90.77 -30.33 84.83
CA VAL UB 51 -90.71 -28.89 84.61
C VAL UB 51 -92.13 -28.35 84.55
N SER UB 52 -92.40 -27.30 85.31
CA SER UB 52 -93.68 -26.60 85.28
C SER UB 52 -93.45 -25.14 84.89
N VAL UB 53 -94.17 -24.69 83.86
CA VAL UB 53 -93.99 -23.36 83.30
C VAL UB 53 -95.33 -22.63 83.32
N TYR UB 54 -95.33 -21.42 83.86
CA TYR UB 54 -96.50 -20.55 83.87
C TYR UB 54 -96.06 -19.14 83.53
N LYS UB 55 -96.64 -18.58 82.47
CA LYS UB 55 -96.31 -17.23 82.03
C LYS UB 55 -97.24 -16.24 82.73
N ARG UB 56 -96.76 -15.69 83.85
CA ARG UB 56 -97.54 -14.76 84.65
C ARG UB 56 -97.46 -13.36 84.05
N PRO UB 57 -98.58 -12.70 83.80
CA PRO UB 57 -98.53 -11.34 83.28
C PRO UB 57 -98.42 -10.27 84.37
N ALA UB 58 -97.28 -9.58 84.38
CA ALA UB 58 -96.92 -8.66 85.45
C ALA UB 58 -96.54 -7.28 84.92
N PRO UB 59 -97.50 -6.55 84.33
CA PRO UB 59 -97.32 -5.09 84.27
C PRO UB 59 -97.32 -4.48 85.65
N LYS UB 60 -98.07 -5.10 86.57
CA LYS UB 60 -98.20 -4.73 87.98
C LYS UB 60 -98.54 -3.26 88.16
N PRO UB 61 -99.70 -2.80 87.67
CA PRO UB 61 -100.12 -1.43 87.96
C PRO UB 61 -100.61 -1.31 89.39
N GLU UB 62 -99.78 -0.71 90.25
CA GLU UB 62 -100.07 -0.67 91.66
C GLU UB 62 -101.19 0.32 91.96
N GLY UB 63 -102.32 -0.21 92.41
CA GLY UB 63 -103.44 0.61 92.83
C GLY UB 63 -104.60 0.78 91.87
N CYS UB 64 -104.33 0.86 90.58
CA CYS UB 64 -105.39 1.17 89.64
C CYS UB 64 -105.33 0.22 88.45
N ALA UB 65 -106.51 -0.22 88.01
CA ALA UB 65 -106.70 -0.92 86.75
C ALA UB 65 -108.01 -0.44 86.12
N ASP UB 66 -107.92 0.07 84.91
CA ASP UB 66 -109.09 0.67 84.27
C ASP UB 66 -109.57 -0.08 83.05
N ALA UB 67 -108.67 -0.42 82.13
CA ALA UB 67 -109.04 -1.14 80.92
C ALA UB 67 -107.94 -2.16 80.63
N CYS UB 68 -108.22 -3.07 79.70
CA CYS UB 68 -107.25 -4.11 79.36
C CYS UB 68 -106.32 -3.63 78.26
N VAL UB 69 -105.08 -3.33 78.64
CA VAL UB 69 -103.98 -3.10 77.72
C VAL UB 69 -103.19 -4.39 77.69
N ILE UB 70 -102.56 -4.71 76.56
CA ILE UB 70 -101.86 -5.97 76.38
C ILE UB 70 -100.90 -6.27 77.53
N MET UB 71 -100.98 -7.48 78.05
CA MET UB 71 -100.06 -7.92 79.10
C MET UB 71 -98.69 -8.23 78.49
N PRO UB 72 -97.62 -7.60 78.96
CA PRO UB 72 -96.28 -8.14 78.72
C PRO UB 72 -96.01 -9.27 79.72
N ASN UB 73 -95.46 -10.39 79.24
CA ASN UB 73 -95.43 -11.61 80.01
C ASN UB 73 -94.03 -11.93 80.51
N GLU UB 74 -93.95 -12.51 81.69
CA GLU UB 74 -92.73 -13.09 82.23
C GLU UB 74 -92.95 -14.57 82.47
N ASN UB 75 -91.86 -15.33 82.46
CA ASN UB 75 -91.93 -16.79 82.56
C ASN UB 75 -91.57 -17.22 83.98
N GLN UB 76 -92.47 -17.97 84.61
CA GLN UB 76 -92.21 -18.58 85.91
C GLN UB 76 -91.97 -20.07 85.68
N SER UB 77 -90.79 -20.55 86.05
CA SER UB 77 -90.41 -21.94 85.81
C SER UB 77 -90.00 -22.60 87.11
N ILE UB 78 -90.47 -23.83 87.31
CA ILE UB 78 -90.08 -24.67 88.43
C ILE UB 78 -89.65 -26.02 87.87
N ARG UB 79 -88.38 -26.36 88.06
CA ARG UB 79 -87.79 -27.56 87.48
C ARG UB 79 -87.20 -28.41 88.59
N THR UB 80 -87.58 -29.68 88.63
CA THR UB 80 -87.05 -30.63 89.59
C THR UB 80 -86.54 -31.87 88.88
N VAL UB 81 -85.45 -32.43 89.38
CA VAL UB 81 -84.84 -33.65 88.85
C VAL UB 81 -84.66 -34.62 90.00
N ILE UB 82 -85.18 -35.83 89.85
CA ILE UB 82 -85.05 -36.88 90.85
C ILE UB 82 -84.28 -38.02 90.22
N SER UB 83 -83.15 -38.40 90.83
CA SER UB 83 -82.29 -39.45 90.31
C SER UB 83 -82.00 -40.45 91.42
N GLY UB 84 -82.11 -41.73 91.10
CA GLY UB 84 -81.83 -42.78 92.06
C GLY UB 84 -82.15 -44.17 91.53
N SER UB 85 -81.59 -45.19 92.17
CA SER UB 85 -81.86 -46.56 91.74
C SER UB 85 -83.31 -46.94 91.99
N ALA UB 86 -83.86 -47.76 91.11
CA ALA UB 86 -85.26 -48.15 91.23
C ALA UB 86 -85.48 -49.06 92.43
N GLU UB 87 -84.44 -49.79 92.85
CA GLU UB 87 -84.60 -50.75 93.94
C GLU UB 87 -84.66 -50.06 95.29
N ASN UB 88 -84.42 -48.75 95.34
CA ASN UB 88 -84.49 -47.96 96.55
C ASN UB 88 -85.59 -46.91 96.46
N LEU UB 89 -86.76 -47.33 95.94
CA LEU UB 89 -87.83 -46.37 95.67
C LEU UB 89 -88.42 -45.80 96.95
N ALA UB 90 -88.57 -46.62 97.99
CA ALA UB 90 -89.10 -46.12 99.25
C ALA UB 90 -88.17 -45.08 99.86
N THR UB 91 -86.87 -45.36 99.83
CA THR UB 91 -85.87 -44.39 100.28
C THR UB 91 -85.92 -43.12 99.45
N LEU UB 92 -86.06 -43.23 98.12
CA LEU UB 92 -86.13 -42.05 97.28
C LEU UB 92 -87.37 -41.23 97.60
N LYS UB 93 -88.49 -41.89 97.90
CA LYS UB 93 -89.70 -41.17 98.27
C LYS UB 93 -89.53 -40.43 99.60
N ALA UB 94 -88.87 -41.08 100.56
CA ALA UB 94 -88.57 -40.40 101.82
C ALA UB 94 -87.67 -39.20 101.59
N GLU UB 95 -86.68 -39.35 100.71
CA GLU UB 95 -85.80 -38.23 100.35
C GLU UB 95 -86.61 -37.10 99.71
N TRP UB 96 -87.57 -37.45 98.86
CA TRP UB 96 -88.42 -36.42 98.24
C TRP UB 96 -89.23 -35.68 99.28
N GLU UB 97 -89.78 -36.41 100.26
CA GLU UB 97 -90.55 -35.74 101.31
C GLU UB 97 -89.67 -34.80 102.13
N THR UB 98 -88.47 -35.25 102.49
CA THR UB 98 -87.56 -34.39 103.25
C THR UB 98 -87.14 -33.18 102.43
N HIS UB 99 -86.92 -33.37 101.13
CA HIS UB 99 -86.57 -32.26 100.25
C HIS UB 99 -87.70 -31.24 100.17
N LYS UB 100 -88.94 -31.73 100.07
CA LYS UB 100 -90.08 -30.82 100.08
C LYS UB 100 -90.14 -30.03 101.37
N ARG UB 101 -89.93 -30.71 102.50
CA ARG UB 101 -89.96 -30.02 103.79
C ARG UB 101 -88.89 -28.94 103.88
N ASN UB 102 -87.68 -29.25 103.44
CA ASN UB 102 -86.59 -28.27 103.51
C ASN UB 102 -86.84 -27.10 102.57
N VAL UB 103 -87.27 -27.38 101.34
CA VAL UB 103 -87.53 -26.30 100.40
C VAL UB 103 -88.68 -25.43 100.91
N ASP UB 104 -89.66 -26.04 101.58
CA ASP UB 104 -90.73 -25.25 102.18
C ASP UB 104 -90.20 -24.34 103.28
N THR UB 105 -89.40 -24.89 104.19
CA THR UB 105 -88.93 -24.07 105.32
C THR UB 105 -87.96 -22.99 104.86
N LEU UB 106 -87.39 -23.15 103.67
CA LEU UB 106 -86.55 -22.08 103.13
C LEU UB 106 -87.34 -21.06 102.31
N PHE UB 107 -88.31 -21.52 101.53
CA PHE UB 107 -88.99 -20.71 100.51
C PHE UB 107 -90.36 -20.21 100.97
N ALA UB 108 -91.26 -21.12 101.34
CA ALA UB 108 -92.63 -20.74 101.65
C ALA UB 108 -92.72 -19.97 102.95
N SER UB 109 -92.07 -20.47 104.00
CA SER UB 109 -92.08 -19.82 105.30
C SER UB 109 -90.91 -18.87 105.51
N GLY UB 110 -90.00 -18.77 104.55
CA GLY UB 110 -88.85 -17.90 104.66
C GLY UB 110 -88.91 -16.74 103.67
N ASN UB 111 -87.71 -16.24 103.34
CA ASN UB 111 -87.57 -15.12 102.43
C ASN UB 111 -86.61 -15.44 101.28
N ALA UB 112 -86.46 -16.73 100.96
CA ALA UB 112 -85.54 -17.12 99.90
C ALA UB 112 -86.04 -16.68 98.53
N GLY UB 113 -87.35 -16.46 98.39
CA GLY UB 113 -87.87 -16.04 97.10
C GLY UB 113 -87.43 -14.64 96.72
N LEU UB 114 -87.14 -13.80 97.72
CA LEU UB 114 -86.75 -12.42 97.47
C LEU UB 114 -85.24 -12.31 97.36
N GLY UB 115 -84.54 -13.44 97.43
CA GLY UB 115 -83.08 -13.43 97.36
C GLY UB 115 -82.41 -13.27 98.70
N PHE UB 116 -82.82 -14.05 99.69
CA PHE UB 116 -82.27 -13.99 101.04
C PHE UB 116 -81.88 -15.39 101.49
N LEU UB 117 -80.83 -15.48 102.30
CA LEU UB 117 -80.42 -16.73 102.92
C LEU UB 117 -80.50 -16.59 104.43
N ASP UB 118 -81.10 -17.58 105.09
CA ASP UB 118 -81.18 -17.57 106.53
C ASP UB 118 -80.31 -18.71 107.08
N PRO UB 119 -79.11 -18.43 107.59
CA PRO UB 119 -78.28 -19.50 108.14
C PRO UB 119 -78.88 -20.20 109.35
N THR UB 120 -79.86 -19.58 110.02
CA THR UB 120 -80.49 -20.15 111.19
C THR UB 120 -81.70 -21.01 110.85
N ALA UB 121 -81.97 -21.24 109.56
CA ALA UB 121 -83.11 -22.05 109.16
C ALA UB 121 -82.96 -23.48 109.67
N ALA UB 122 -84.09 -24.09 110.04
CA ALA UB 122 -84.10 -25.43 110.61
C ALA UB 122 -84.23 -26.45 109.50
N ILE UB 123 -83.09 -26.91 109.01
CA ILE UB 123 -83.02 -27.95 107.99
C ILE UB 123 -82.91 -29.30 108.68
N VAL UB 124 -83.65 -30.29 108.18
CA VAL UB 124 -83.69 -31.62 108.78
C VAL UB 124 -83.28 -32.64 107.73
N SER UB 125 -82.78 -33.78 108.21
CA SER UB 125 -82.39 -34.87 107.33
C SER UB 125 -83.51 -35.91 107.23
N SER UB 126 -83.35 -36.83 106.28
CA SER UB 126 -84.34 -37.88 106.11
C SER UB 126 -84.28 -38.92 107.22
N ASP UB 127 -83.11 -39.14 107.80
CA ASP UB 127 -82.98 -40.11 108.88
C ASP UB 127 -83.69 -39.62 110.14
N THR UB 128 -84.16 -40.57 110.94
CA THR UB 128 -84.87 -40.28 112.17
C THR UB 128 -84.08 -40.80 113.37
N THR UB 129 -84.26 -40.13 114.50
CA THR UB 129 -83.59 -40.52 115.73
C THR UB 129 -84.27 -41.72 116.37
N ALA VB 1 -99.42 -68.21 89.44
CA ALA VB 1 -99.64 -66.84 89.00
C ALA VB 1 -98.31 -66.15 88.71
N ASN VB 2 -97.96 -66.10 87.42
CA ASN VB 2 -96.70 -65.47 87.02
C ASN VB 2 -96.83 -63.94 87.08
N LYS VB 3 -95.72 -63.28 87.35
CA LYS VB 3 -95.73 -61.84 87.52
C LYS VB 3 -95.91 -61.14 86.18
N PRO VB 4 -96.87 -60.22 86.05
CA PRO VB 4 -97.07 -59.55 84.76
C PRO VB 4 -96.09 -58.41 84.56
N MET VB 5 -95.96 -57.98 83.31
CA MET VB 5 -95.14 -56.85 82.94
C MET VB 5 -96.01 -55.72 82.40
N GLN VB 6 -95.41 -54.53 82.33
CA GLN VB 6 -95.99 -53.32 81.75
C GLN VB 6 -95.04 -52.75 80.70
N PRO VB 7 -95.56 -52.07 79.67
CA PRO VB 7 -94.67 -51.49 78.66
C PRO VB 7 -93.89 -50.32 79.22
N ILE VB 8 -92.60 -50.27 78.89
CA ILE VB 8 -91.70 -49.24 79.38
C ILE VB 8 -91.29 -48.27 78.27
N THR VB 9 -90.99 -48.80 77.08
CA THR VB 9 -90.77 -47.99 75.90
C THR VB 9 -91.68 -48.49 74.78
N SER VB 10 -92.47 -47.57 74.23
CA SER VB 10 -93.54 -47.96 73.32
C SER VB 10 -93.39 -47.25 71.99
N THR VB 11 -93.23 -48.04 70.93
CA THR VB 11 -93.31 -47.57 69.56
C THR VB 11 -94.02 -48.63 68.74
N ALA VB 12 -94.80 -48.19 67.74
CA ALA VB 12 -95.54 -49.15 66.93
C ALA VB 12 -94.58 -50.09 66.19
N ASN VB 13 -93.35 -49.63 65.94
CA ASN VB 13 -92.34 -50.51 65.38
C ASN VB 13 -91.75 -51.46 66.41
N LYS VB 14 -91.69 -51.04 67.67
CA LYS VB 14 -91.03 -51.83 68.71
C LYS VB 14 -91.59 -51.47 70.07
N ILE VB 15 -92.08 -52.47 70.80
CA ILE VB 15 -92.55 -52.31 72.17
C ILE VB 15 -91.78 -53.28 73.07
N VAL VB 16 -91.26 -52.77 74.18
CA VAL VB 16 -90.51 -53.56 75.13
C VAL VB 16 -91.25 -53.57 76.46
N TRP VB 17 -91.39 -54.75 77.05
CA TRP VB 17 -92.05 -54.93 78.33
C TRP VB 17 -91.00 -55.17 79.42
N SER VB 18 -91.35 -54.83 80.66
CA SER VB 18 -90.42 -54.99 81.76
C SER VB 18 -91.20 -55.25 83.05
N ASP VB 19 -90.59 -56.03 83.93
CA ASP VB 19 -91.20 -56.32 85.22
C ASP VB 19 -90.91 -55.17 86.18
N PRO VB 20 -91.92 -54.56 86.80
CA PRO VB 20 -91.66 -53.48 87.76
C PRO VB 20 -90.77 -53.88 88.91
N THR VB 21 -90.78 -55.14 89.33
CA THR VB 21 -89.97 -55.59 90.44
C THR VB 21 -88.56 -55.98 90.03
N ARG VB 22 -88.36 -56.44 88.80
CA ARG VB 22 -87.03 -56.80 88.30
C ARG VB 22 -86.88 -56.17 86.92
N LEU VB 23 -86.27 -54.99 86.87
CA LEU VB 23 -86.15 -54.27 85.60
C LEU VB 23 -85.21 -54.95 84.63
N SER VB 24 -84.39 -55.89 85.09
CA SER VB 24 -83.49 -56.60 84.19
C SER VB 24 -84.21 -57.57 83.26
N THR VB 25 -85.47 -57.89 83.56
CA THR VB 25 -86.27 -58.79 82.72
C THR VB 25 -87.00 -57.96 81.67
N THR VB 26 -86.77 -58.29 80.40
CA THR VB 26 -87.36 -57.55 79.29
C THR VB 26 -87.93 -58.52 78.26
N PHE VB 27 -88.94 -58.04 77.54
CA PHE VB 27 -89.52 -58.77 76.41
C PHE VB 27 -89.80 -57.77 75.30
N SER VB 28 -89.18 -57.98 74.14
CA SER VB 28 -89.24 -57.02 73.05
C SER VB 28 -89.95 -57.63 71.85
N ALA VB 29 -90.74 -56.82 71.17
CA ALA VB 29 -91.41 -57.21 69.93
C ALA VB 29 -91.21 -56.13 68.90
N SER VB 30 -90.58 -56.48 67.78
CA SER VB 30 -90.32 -55.55 66.69
C SER VB 30 -90.84 -56.16 65.39
N LEU VB 31 -91.66 -55.40 64.67
CA LEU VB 31 -92.22 -55.83 63.41
C LEU VB 31 -91.71 -54.96 62.28
N LEU VB 32 -91.15 -55.58 61.25
CA LEU VB 32 -90.71 -54.90 60.04
C LEU VB 32 -91.54 -55.41 58.88
N ARG VB 33 -92.24 -54.50 58.20
CA ARG VB 33 -93.16 -54.86 57.13
C ARG VB 33 -92.65 -54.29 55.81
N GLN VB 34 -92.65 -55.13 54.78
CA GLN VB 34 -92.19 -54.75 53.45
C GLN VB 34 -93.08 -55.42 52.41
N ARG VB 35 -93.29 -54.73 51.30
CA ARG VB 35 -94.12 -55.24 50.21
C ARG VB 35 -93.22 -55.98 49.22
N VAL VB 36 -92.86 -57.22 49.58
CA VAL VB 36 -92.06 -58.07 48.71
C VAL VB 36 -93.00 -58.87 47.83
N LYS VB 37 -93.16 -58.44 46.59
CA LYS VB 37 -94.13 -59.08 45.70
C LYS VB 37 -93.47 -60.09 44.80
N VAL VB 38 -94.07 -61.29 44.74
CA VAL VB 38 -93.66 -62.32 43.80
C VAL VB 38 -94.31 -62.00 42.45
N GLY VB 39 -93.89 -62.70 41.41
CA GLY VB 39 -94.39 -62.45 40.07
C GLY VB 39 -95.90 -62.45 39.96
N ILE VB 40 -96.44 -61.45 39.25
CA ILE VB 40 -97.87 -61.27 38.98
C ILE VB 40 -98.72 -61.45 40.23
N ALA VB 41 -98.18 -61.10 41.39
CA ALA VB 41 -98.91 -61.21 42.64
C ALA VB 41 -98.43 -60.12 43.59
N GLU VB 42 -99.27 -59.81 44.57
CA GLU VB 42 -98.98 -58.82 45.60
C GLU VB 42 -99.00 -59.52 46.96
N LEU VB 43 -97.94 -59.33 47.74
CA LEU VB 43 -97.83 -59.98 49.04
C LEU VB 43 -97.23 -58.98 50.03
N ASN VB 44 -97.77 -58.98 51.25
CA ASN VB 44 -97.26 -58.15 52.33
C ASN VB 44 -96.52 -59.03 53.32
N ASN VB 45 -95.23 -58.76 53.50
CA ASN VB 45 -94.36 -59.57 54.36
C ASN VB 45 -94.18 -58.88 55.70
N VAL VB 46 -94.34 -59.64 56.77
CA VAL VB 46 -94.21 -59.14 58.14
C VAL VB 46 -93.18 -60.01 58.84
N SER VB 47 -92.05 -59.42 59.19
CA SER VB 47 -91.00 -60.14 59.91
C SER VB 47 -91.08 -59.79 61.38
N GLY VB 48 -91.34 -60.79 62.22
CA GLY VB 48 -91.52 -60.55 63.64
C GLY VB 48 -90.38 -61.06 64.49
N GLN VB 49 -89.69 -60.16 65.17
CA GLN VB 49 -88.56 -60.50 66.03
C GLN VB 49 -88.98 -60.32 67.48
N TYR VB 50 -88.84 -61.38 68.27
CA TYR VB 50 -89.23 -61.39 69.67
C TYR VB 50 -88.02 -61.79 70.51
N VAL VB 51 -87.65 -60.96 71.47
CA VAL VB 51 -86.46 -61.16 72.29
C VAL VB 51 -86.88 -61.17 73.76
N SER VB 52 -86.46 -62.19 74.48
CA SER VB 52 -86.67 -62.29 75.91
C SER VB 52 -85.32 -62.34 76.62
N VAL VB 53 -85.15 -61.49 77.63
CA VAL VB 53 -83.90 -61.36 78.35
C VAL VB 53 -84.16 -61.53 79.83
N TYR VB 54 -83.38 -62.39 80.48
CA TYR VB 54 -83.44 -62.59 81.91
C TYR VB 54 -82.02 -62.79 82.44
N LYS VB 55 -81.65 -61.99 83.44
CA LYS VB 55 -80.33 -62.05 84.04
C LYS VB 55 -80.42 -62.89 85.31
N ARG VB 56 -80.02 -64.15 85.21
CA ARG VB 56 -80.13 -65.11 86.30
C ARG VB 56 -78.81 -65.22 87.02
N PRO VB 57 -78.81 -65.25 88.36
CA PRO VB 57 -77.55 -65.44 89.10
C PRO VB 57 -76.93 -66.79 88.81
N ALA VB 58 -75.61 -66.82 88.87
CA ALA VB 58 -74.88 -68.06 88.64
C ALA VB 58 -75.23 -69.08 89.74
N PRO VB 59 -75.12 -70.37 89.45
CA PRO VB 59 -75.54 -71.37 90.45
C PRO VB 59 -74.64 -71.39 91.68
N LYS VB 60 -75.26 -71.34 92.85
CA LYS VB 60 -74.55 -71.43 94.12
C LYS VB 60 -74.00 -72.84 94.30
N PRO VB 61 -72.93 -73.03 95.08
CA PRO VB 61 -72.40 -74.38 95.31
C PRO VB 61 -73.45 -75.32 95.91
N GLU VB 62 -73.44 -76.57 95.46
CA GLU VB 62 -74.51 -77.50 95.82
C GLU VB 62 -74.56 -77.75 97.33
N GLY VB 63 -73.40 -77.92 97.96
CA GLY VB 63 -73.38 -78.17 99.38
C GLY VB 63 -73.23 -76.89 100.19
N CYS VB 64 -74.17 -75.96 100.01
CA CYS VB 64 -74.11 -74.67 100.68
C CYS VB 64 -75.47 -74.34 101.28
N ALA VB 65 -75.45 -73.73 102.46
CA ALA VB 65 -76.66 -73.26 103.12
C ALA VB 65 -76.55 -71.83 103.64
N ASP VB 66 -75.55 -71.07 103.18
CA ASP VB 66 -75.34 -69.74 103.70
C ASP VB 66 -76.50 -68.83 103.34
N ALA VB 67 -76.83 -67.92 104.26
CA ALA VB 67 -77.99 -67.04 104.11
C ALA VB 67 -77.88 -66.15 102.88
N CYS VB 68 -76.88 -65.28 102.84
CA CYS VB 68 -76.75 -64.31 101.76
C CYS VB 68 -75.32 -64.27 101.25
N VAL VB 69 -75.07 -64.99 100.15
CA VAL VB 69 -73.85 -64.86 99.38
C VAL VB 69 -74.27 -64.73 97.91
N ILE VB 70 -74.07 -63.55 97.34
CA ILE VB 70 -74.59 -63.23 96.02
C ILE VB 70 -73.46 -63.30 95.00
N MET VB 71 -73.69 -64.03 93.92
CA MET VB 71 -72.75 -64.17 92.82
C MET VB 71 -73.30 -63.45 91.59
N PRO VB 72 -72.44 -62.99 90.69
CA PRO VB 72 -72.91 -62.13 89.60
C PRO VB 72 -73.81 -62.88 88.62
N ASN VB 73 -74.62 -62.10 87.91
CA ASN VB 73 -75.64 -62.63 87.03
C ASN VB 73 -75.06 -62.99 85.67
N GLU VB 74 -75.77 -63.88 84.96
CA GLU VB 74 -75.40 -64.30 83.62
C GLU VB 74 -76.54 -63.93 82.69
N ASN VB 75 -76.23 -63.76 81.40
CA ASN VB 75 -77.23 -63.33 80.44
C ASN VB 75 -77.91 -64.54 79.81
N GLN VB 76 -79.24 -64.59 79.92
CA GLN VB 76 -80.05 -65.63 79.29
C GLN VB 76 -80.96 -64.94 78.27
N SER VB 77 -80.82 -65.33 77.00
CA SER VB 77 -81.56 -64.70 75.91
C SER VB 77 -82.22 -65.76 75.04
N ILE VB 78 -83.45 -65.51 74.66
CA ILE VB 78 -84.19 -66.35 73.71
C ILE VB 78 -84.77 -65.43 72.65
N ARG VB 79 -84.39 -65.64 71.40
CA ARG VB 79 -84.75 -64.75 70.30
C ARG VB 79 -85.39 -65.57 69.18
N THR VB 80 -86.59 -65.16 68.77
CA THR VB 80 -87.33 -65.82 67.70
C THR VB 80 -87.68 -64.82 66.62
N VAL VB 81 -87.49 -65.22 65.36
CA VAL VB 81 -87.81 -64.39 64.21
C VAL VB 81 -88.78 -65.17 63.34
N ILE VB 82 -89.93 -64.56 63.02
CA ILE VB 82 -90.95 -65.18 62.19
C ILE VB 82 -91.14 -64.29 60.97
N SER VB 83 -90.97 -64.88 59.78
CA SER VB 83 -91.08 -64.14 58.52
C SER VB 83 -92.06 -64.87 57.62
N GLY VB 84 -93.03 -64.14 57.08
CA GLY VB 84 -94.01 -64.71 56.19
C GLY VB 84 -95.04 -63.70 55.69
N SER VB 85 -95.81 -64.09 54.68
CA SER VB 85 -96.83 -63.20 54.14
C SER VB 85 -98.05 -63.17 55.05
N ALA VB 86 -98.80 -62.07 54.98
CA ALA VB 86 -100.00 -61.94 55.79
C ALA VB 86 -101.11 -62.86 55.30
N GLU VB 87 -101.10 -63.17 54.00
CA GLU VB 87 -102.15 -64.02 53.44
C GLU VB 87 -102.08 -65.44 53.98
N ASN VB 88 -100.88 -65.89 54.34
CA ASN VB 88 -100.65 -67.26 54.80
C ASN VB 88 -100.54 -67.35 56.32
N LEU VB 89 -101.36 -66.58 57.04
CA LEU VB 89 -101.21 -66.51 58.49
C LEU VB 89 -101.55 -67.83 59.16
N ALA VB 90 -102.58 -68.53 58.67
CA ALA VB 90 -102.96 -69.80 59.28
C ALA VB 90 -101.87 -70.84 59.12
N THR VB 91 -101.30 -70.94 57.91
CA THR VB 91 -100.19 -71.85 57.69
C THR VB 91 -98.96 -71.45 58.49
N LEU VB 92 -98.73 -70.15 58.65
CA LEU VB 92 -97.62 -69.70 59.49
C LEU VB 92 -97.83 -70.11 60.94
N LYS VB 93 -99.07 -70.05 61.43
CA LYS VB 93 -99.36 -70.49 62.79
C LYS VB 93 -99.13 -72.00 62.93
N ALA VB 94 -99.55 -72.77 61.93
CA ALA VB 94 -99.27 -74.21 61.96
C ALA VB 94 -97.78 -74.49 61.97
N GLU VB 95 -97.03 -73.76 61.15
CA GLU VB 95 -95.57 -73.89 61.14
C GLU VB 95 -94.98 -73.54 62.50
N TRP VB 96 -95.55 -72.52 63.16
CA TRP VB 96 -95.07 -72.12 64.47
C TRP VB 96 -95.32 -73.22 65.50
N GLU VB 97 -96.48 -73.87 65.43
CA GLU VB 97 -96.74 -74.98 66.35
C GLU VB 97 -95.78 -76.14 66.10
N THR VB 98 -95.54 -76.48 64.83
CA THR VB 98 -94.59 -77.54 64.52
C THR VB 98 -93.18 -77.18 64.99
N HIS VB 99 -92.79 -75.91 64.82
CA HIS VB 99 -91.50 -75.45 65.30
C HIS VB 99 -91.40 -75.57 66.81
N LYS VB 100 -92.48 -75.23 67.52
CA LYS VB 100 -92.51 -75.44 68.97
C LYS VB 100 -92.23 -76.90 69.31
N ARG VB 101 -92.95 -77.81 68.64
CA ARG VB 101 -92.81 -79.22 68.99
C ARG VB 101 -91.41 -79.74 68.70
N ASN VB 102 -90.83 -79.33 67.58
CA ASN VB 102 -89.48 -79.77 67.24
C ASN VB 102 -88.44 -79.21 68.19
N VAL VB 103 -88.51 -77.91 68.49
CA VAL VB 103 -87.56 -77.31 69.42
C VAL VB 103 -87.73 -77.93 70.80
N ASP VB 104 -88.97 -78.27 71.17
CA ASP VB 104 -89.20 -78.91 72.46
C ASP VB 104 -88.55 -80.29 72.52
N THR VB 105 -88.74 -81.10 71.48
CA THR VB 105 -88.19 -82.46 71.53
C THR VB 105 -86.66 -82.42 71.45
N LEU VB 106 -86.09 -81.37 70.88
CA LEU VB 106 -84.64 -81.25 70.90
C LEU VB 106 -84.10 -80.70 72.24
N PHE VB 107 -84.79 -79.73 72.82
CA PHE VB 107 -84.27 -78.94 73.93
C PHE VB 107 -84.84 -79.35 75.29
N ALA VB 108 -86.16 -79.30 75.43
CA ALA VB 108 -86.77 -79.51 76.74
C ALA VB 108 -86.61 -80.95 77.20
N SER VB 109 -86.92 -81.91 76.33
CA SER VB 109 -86.78 -83.32 76.65
C SER VB 109 -85.48 -83.93 76.12
N GLY VB 110 -84.61 -83.12 75.53
CA GLY VB 110 -83.41 -83.61 74.90
C GLY VB 110 -82.14 -83.27 75.68
N ASN VB 111 -81.04 -83.21 74.94
CA ASN VB 111 -79.72 -82.95 75.50
C ASN VB 111 -79.05 -81.75 74.85
N ALA VB 112 -79.78 -81.04 73.97
CA ALA VB 112 -79.21 -79.88 73.29
C ALA VB 112 -78.92 -78.74 74.27
N GLY VB 113 -79.64 -78.69 75.38
CA GLY VB 113 -79.37 -77.67 76.38
C GLY VB 113 -77.97 -77.75 76.97
N LEU VB 114 -77.51 -78.95 77.29
CA LEU VB 114 -76.14 -79.17 77.71
C LEU VB 114 -75.18 -79.28 76.53
N GLY VB 115 -75.69 -79.47 75.32
CA GLY VB 115 -74.84 -79.36 74.15
C GLY VB 115 -74.62 -80.64 73.37
N PHE VB 116 -75.57 -81.56 73.40
CA PHE VB 116 -75.47 -82.81 72.65
C PHE VB 116 -76.65 -82.92 71.70
N LEU VB 117 -76.36 -83.16 70.42
CA LEU VB 117 -77.38 -83.34 69.39
C LEU VB 117 -77.54 -84.83 69.12
N ASP VB 118 -78.80 -85.28 69.06
CA ASP VB 118 -79.10 -86.68 68.81
C ASP VB 118 -79.65 -86.85 67.42
N PRO VB 119 -78.91 -87.43 66.47
CA PRO VB 119 -79.45 -87.68 65.13
C PRO VB 119 -80.72 -88.51 65.12
N THR VB 120 -81.09 -89.16 66.22
CA THR VB 120 -82.25 -90.02 66.28
C THR VB 120 -83.49 -89.30 66.82
N ALA VB 121 -83.45 -87.98 66.93
CA ALA VB 121 -84.58 -87.23 67.46
C ALA VB 121 -85.77 -87.33 66.52
N ALA VB 122 -86.97 -87.36 67.10
CA ALA VB 122 -88.21 -87.53 66.34
C ALA VB 122 -88.69 -86.17 65.86
N ILE VB 123 -88.07 -85.67 64.80
CA ILE VB 123 -88.48 -84.41 64.17
C ILE VB 123 -89.56 -84.71 63.14
N VAL VB 124 -90.63 -83.93 63.18
CA VAL VB 124 -91.79 -84.16 62.30
C VAL VB 124 -92.12 -82.88 61.56
N SER VB 125 -92.80 -83.03 60.43
CA SER VB 125 -93.20 -81.89 59.62
C SER VB 125 -94.61 -81.45 59.99
N SER VB 126 -95.00 -80.28 59.47
CA SER VB 126 -96.31 -79.73 59.77
C SER VB 126 -97.43 -80.45 59.04
N ASP VB 127 -97.17 -80.95 57.83
CA ASP VB 127 -98.21 -81.63 57.07
C ASP VB 127 -98.61 -82.93 57.74
N THR VB 128 -99.87 -83.29 57.58
CA THR VB 128 -100.43 -84.49 58.16
C THR VB 128 -100.70 -85.54 57.09
N THR VB 129 -100.71 -86.80 57.50
CA THR VB 129 -100.94 -87.90 56.58
C THR VB 129 -102.42 -88.06 56.27
N ALA WB 1 -122.40 -52.36 61.91
CA ALA WB 1 -121.17 -52.78 62.59
C ALA WB 1 -120.00 -52.82 61.61
N ASN WB 2 -119.42 -51.66 61.35
CA ASN WB 2 -118.30 -51.58 60.42
C ASN WB 2 -117.02 -52.08 61.08
N LYS WB 3 -116.07 -52.51 60.26
CA LYS WB 3 -114.86 -53.16 60.77
C LYS WB 3 -113.93 -52.13 61.41
N PRO WB 4 -113.52 -52.34 62.67
CA PRO WB 4 -112.58 -51.41 63.30
C PRO WB 4 -111.16 -51.62 62.80
N MET WB 5 -110.30 -50.63 63.09
CA MET WB 5 -108.89 -50.69 62.73
C MET WB 5 -108.03 -50.64 63.98
N GLN WB 6 -106.72 -50.89 63.79
CA GLN WB 6 -105.70 -50.80 64.81
C GLN WB 6 -104.52 -49.97 64.29
N PRO WB 7 -103.76 -49.31 65.17
CA PRO WB 7 -102.66 -48.46 64.70
C PRO WB 7 -101.45 -49.26 64.25
N ILE WB 8 -100.99 -49.00 63.02
CA ILE WB 8 -99.77 -49.62 62.53
C ILE WB 8 -98.53 -48.78 62.80
N THR WB 9 -98.68 -47.45 62.84
CA THR WB 9 -97.56 -46.55 63.12
C THR WB 9 -98.04 -45.50 64.10
N SER WB 10 -97.38 -45.43 65.26
CA SER WB 10 -97.75 -44.51 66.32
C SER WB 10 -96.61 -43.55 66.58
N THR WB 11 -96.89 -42.25 66.53
CA THR WB 11 -95.92 -41.21 66.76
C THR WB 11 -96.62 -40.05 67.44
N ALA WB 12 -95.82 -39.19 68.10
CA ALA WB 12 -96.38 -38.03 68.78
C ALA WB 12 -97.02 -37.05 67.80
N ASN WB 13 -96.70 -37.17 66.51
CA ASN WB 13 -97.22 -36.27 65.49
C ASN WB 13 -98.03 -36.94 64.40
N LYS WB 14 -98.06 -38.28 64.34
CA LYS WB 14 -98.77 -38.97 63.27
C LYS WB 14 -99.09 -40.39 63.72
N ILE WB 15 -100.37 -40.76 63.66
CA ILE WB 15 -100.81 -42.12 63.94
C ILE WB 15 -101.54 -42.65 62.71
N VAL WB 16 -101.15 -43.83 62.26
CA VAL WB 16 -101.70 -44.44 61.06
C VAL WB 16 -102.46 -45.70 61.45
N TRP WB 17 -103.71 -45.80 61.01
CA TRP WB 17 -104.54 -46.99 61.23
C TRP WB 17 -104.56 -47.84 59.97
N SER WB 18 -104.97 -49.10 60.13
CA SER WB 18 -105.08 -50.02 59.02
C SER WB 18 -105.98 -51.18 59.41
N ASP WB 19 -106.79 -51.63 58.46
CA ASP WB 19 -107.72 -52.73 58.71
C ASP WB 19 -106.96 -54.06 58.68
N PRO WB 20 -107.12 -54.91 59.70
CA PRO WB 20 -106.46 -56.23 59.64
C PRO WB 20 -106.85 -57.06 58.44
N THR WB 21 -108.12 -56.99 58.02
CA THR WB 21 -108.55 -57.79 56.88
C THR WB 21 -107.96 -57.26 55.57
N ARG WB 22 -108.02 -55.95 55.36
CA ARG WB 22 -107.44 -55.33 54.17
C ARG WB 22 -106.41 -54.31 54.61
N LEU WB 23 -105.14 -54.60 54.35
CA LEU WB 23 -104.06 -53.72 54.80
C LEU WB 23 -103.92 -52.52 53.89
N SER WB 24 -104.61 -52.52 52.75
CA SER WB 24 -104.53 -51.42 51.80
C SER WB 24 -105.30 -50.20 52.29
N THR WB 25 -106.25 -50.41 53.19
CA THR WB 25 -107.09 -49.32 53.68
C THR WB 25 -106.46 -48.73 54.94
N THR WB 26 -106.04 -47.47 54.85
CA THR WB 26 -105.39 -46.79 55.96
C THR WB 26 -106.06 -45.45 56.23
N PHE WB 27 -105.92 -44.98 57.46
CA PHE WB 27 -106.40 -43.67 57.89
C PHE WB 27 -105.39 -43.08 58.84
N SER WB 28 -104.74 -41.99 58.43
CA SER WB 28 -103.68 -41.39 59.22
C SER WB 28 -103.97 -39.93 59.50
N ALA WB 29 -103.70 -39.51 60.73
CA ALA WB 29 -103.92 -38.15 61.18
C ALA WB 29 -102.59 -37.55 61.62
N SER WB 30 -102.27 -36.37 61.11
CA SER WB 30 -101.03 -35.67 61.45
C SER WB 30 -101.37 -34.28 61.96
N LEU WB 31 -100.74 -33.88 63.05
CA LEU WB 31 -100.97 -32.58 63.66
C LEU WB 31 -99.68 -31.77 63.65
N LEU WB 32 -99.78 -30.51 63.26
CA LEU WB 32 -98.68 -29.56 63.32
C LEU WB 32 -99.05 -28.44 64.26
N ARG WB 33 -98.20 -28.21 65.26
CA ARG WB 33 -98.45 -27.24 66.31
C ARG WB 33 -97.44 -26.10 66.21
N GLN WB 34 -97.94 -24.87 66.05
CA GLN WB 34 -97.10 -23.70 65.91
C GLN WB 34 -97.71 -22.54 66.67
N ARG WB 35 -96.85 -21.61 67.07
CA ARG WB 35 -97.30 -20.38 67.69
C ARG WB 35 -97.38 -19.28 66.65
N VAL WB 36 -98.55 -18.66 66.51
CA VAL WB 36 -98.80 -17.61 65.53
C VAL WB 36 -98.78 -16.28 66.25
N LYS WB 37 -97.96 -15.36 65.75
CA LYS WB 37 -97.82 -14.02 66.32
C LYS WB 37 -98.84 -13.10 65.69
N VAL WB 38 -99.85 -12.71 66.47
CA VAL WB 38 -100.84 -11.72 66.06
C VAL WB 38 -100.71 -10.55 67.02
N GLY WB 39 -100.88 -9.34 66.47
CA GLY WB 39 -100.72 -8.12 67.25
C GLY WB 39 -101.45 -8.14 68.57
N ILE WB 40 -100.74 -7.75 69.64
CA ILE WB 40 -101.20 -7.81 71.03
C ILE WB 40 -101.93 -9.12 71.31
N ALA WB 41 -101.37 -10.22 70.83
CA ALA WB 41 -101.94 -11.54 71.07
C ALA WB 41 -100.84 -12.59 70.96
N GLU WB 42 -101.05 -13.72 71.62
CA GLU WB 42 -100.17 -14.88 71.53
C GLU WB 42 -101.04 -16.14 71.59
N LEU WB 43 -101.38 -16.67 70.42
CA LEU WB 43 -102.30 -17.79 70.32
C LEU WB 43 -101.65 -18.92 69.51
N ASN WB 44 -102.13 -20.13 69.77
CA ASN WB 44 -101.51 -21.35 69.26
C ASN WB 44 -102.42 -21.98 68.20
N ASN WB 45 -101.90 -22.11 66.98
CA ASN WB 45 -102.66 -22.76 65.92
C ASN WB 45 -102.33 -24.25 65.87
N VAL WB 46 -103.31 -25.05 65.49
CA VAL WB 46 -103.15 -26.49 65.31
C VAL WB 46 -103.72 -26.85 63.95
N SER WB 47 -102.89 -27.45 63.09
CA SER WB 47 -103.30 -27.87 61.76
C SER WB 47 -103.33 -29.39 61.71
N GLY WB 48 -104.49 -29.95 61.39
CA GLY WB 48 -104.64 -31.40 61.34
C GLY WB 48 -104.94 -31.92 59.96
N GLN WB 49 -104.10 -32.81 59.46
CA GLN WB 49 -104.26 -33.40 58.14
C GLN WB 49 -104.75 -34.83 58.28
N TYR WB 50 -105.98 -35.07 57.85
CA TYR WB 50 -106.61 -36.39 57.92
C TYR WB 50 -106.80 -36.91 56.50
N VAL WB 51 -106.23 -38.08 56.23
CA VAL WB 51 -106.32 -38.69 54.90
C VAL WB 51 -106.88 -40.10 55.04
N SER WB 52 -107.79 -40.45 54.14
CA SER WB 52 -108.34 -41.80 54.05
C SER WB 52 -108.13 -42.35 52.66
N VAL WB 53 -107.60 -43.56 52.57
CA VAL WB 53 -107.32 -44.20 51.30
C VAL WB 53 -108.02 -45.54 51.26
N TYR WB 54 -108.50 -45.92 50.07
CA TYR WB 54 -109.11 -47.22 49.82
C TYR WB 54 -108.73 -47.66 48.42
N LYS WB 55 -108.22 -48.89 48.32
CA LYS WB 55 -107.75 -49.41 47.04
C LYS WB 55 -108.88 -50.23 46.40
N ARG WB 56 -109.92 -49.50 46.01
CA ARG WB 56 -111.13 -50.12 45.49
C ARG WB 56 -110.86 -50.79 44.14
N PRO WB 57 -111.40 -51.99 43.91
CA PRO WB 57 -111.23 -52.62 42.60
C PRO WB 57 -111.94 -51.86 41.50
N ALA WB 58 -111.36 -51.92 40.32
CA ALA WB 58 -111.98 -51.31 39.14
C ALA WB 58 -113.29 -52.05 38.83
N PRO WB 59 -114.26 -51.39 38.20
CA PRO WB 59 -115.56 -52.04 38.03
C PRO WB 59 -115.49 -53.19 37.03
N LYS WB 60 -116.04 -54.32 37.44
CA LYS WB 60 -116.01 -55.53 36.63
C LYS WB 60 -116.80 -55.32 35.34
N PRO WB 61 -116.34 -55.88 34.22
CA PRO WB 61 -117.11 -55.76 32.97
C PRO WB 61 -118.48 -56.42 33.08
N GLU WB 62 -119.41 -55.99 32.23
CA GLU WB 62 -120.81 -56.35 32.35
C GLU WB 62 -121.06 -57.72 31.75
N GLY WB 63 -121.86 -58.53 32.45
CA GLY WB 63 -122.35 -59.79 31.93
C GLY WB 63 -121.37 -60.94 31.97
N CYS WB 64 -120.23 -60.80 32.64
CA CYS WB 64 -119.25 -61.88 32.72
C CYS WB 64 -118.93 -62.17 34.18
N ALA WB 65 -119.27 -63.37 34.63
CA ALA WB 65 -118.91 -63.85 35.96
C ALA WB 65 -117.58 -64.59 35.84
N ASP WB 66 -116.48 -63.83 35.83
CA ASP WB 66 -115.17 -64.43 35.68
C ASP WB 66 -114.85 -65.34 36.87
N ALA WB 67 -114.00 -66.33 36.62
CA ALA WB 67 -113.69 -67.33 37.64
C ALA WB 67 -113.07 -66.69 38.88
N CYS WB 68 -112.10 -65.80 38.67
CA CYS WB 68 -111.42 -65.14 39.78
C CYS WB 68 -111.30 -63.65 39.50
N VAL WB 69 -111.23 -62.87 40.58
CA VAL WB 69 -111.09 -61.43 40.44
C VAL WB 69 -109.69 -61.09 39.95
N ILE WB 70 -109.63 -60.39 38.82
CA ILE WB 70 -108.37 -60.00 38.21
C ILE WB 70 -108.41 -58.51 37.93
N MET WB 71 -109.28 -57.80 38.62
CA MET WB 71 -109.52 -56.39 38.32
C MET WB 71 -108.36 -55.57 38.86
N PRO WB 72 -107.71 -54.74 38.05
CA PRO WB 72 -106.59 -53.93 38.55
C PRO WB 72 -107.05 -52.70 39.32
N ASN WB 73 -107.26 -52.89 40.63
CA ASN WB 73 -107.83 -51.88 41.53
C ASN WB 73 -107.22 -50.50 41.42
N GLU WB 74 -108.00 -49.47 41.77
CA GLU WB 74 -107.62 -48.08 41.66
C GLU WB 74 -107.43 -47.47 43.05
N ASN WB 75 -107.18 -46.17 43.07
CA ASN WB 75 -106.92 -45.45 44.32
C ASN WB 75 -108.06 -44.48 44.60
N GLN WB 76 -108.64 -44.58 45.80
CA GLN WB 76 -109.65 -43.64 46.27
C GLN WB 76 -109.11 -42.93 47.50
N SER WB 77 -109.02 -41.61 47.44
CA SER WB 77 -108.42 -40.81 48.49
C SER WB 77 -109.34 -39.67 48.90
N ILE WB 78 -109.44 -39.43 50.20
CA ILE WB 78 -110.17 -38.31 50.76
C ILE WB 78 -109.27 -37.62 51.79
N ARG WB 79 -108.85 -36.40 51.49
CA ARG WB 79 -107.90 -35.67 52.32
C ARG WB 79 -108.59 -34.44 52.91
N THR WB 80 -108.46 -34.26 54.21
CA THR WB 80 -109.05 -33.12 54.92
C THR WB 80 -108.00 -32.47 55.81
N VAL WB 81 -107.93 -31.15 55.76
CA VAL WB 81 -107.01 -30.37 56.58
C VAL WB 81 -107.82 -29.36 57.38
N ILE WB 82 -107.69 -29.40 58.70
CA ILE WB 82 -108.38 -28.48 59.60
C ILE WB 82 -107.33 -27.62 60.29
N SER WB 83 -107.41 -26.31 60.09
CA SER WB 83 -106.45 -25.38 60.65
C SER WB 83 -107.20 -24.29 61.42
N GLY WB 84 -106.75 -24.02 62.63
CA GLY WB 84 -107.38 -23.00 63.44
C GLY WB 84 -106.72 -22.93 64.81
N SER WB 85 -107.08 -21.87 65.53
CA SER WB 85 -106.52 -21.67 66.86
C SER WB 85 -107.30 -22.47 67.89
N ALA WB 86 -106.59 -22.95 68.93
CA ALA WB 86 -107.24 -23.72 69.98
C ALA WB 86 -108.14 -22.86 70.84
N GLU WB 87 -107.89 -21.55 70.89
CA GLU WB 87 -108.73 -20.65 71.68
C GLU WB 87 -110.14 -20.59 71.12
N ASN WB 88 -110.27 -20.76 69.81
CA ASN WB 88 -111.55 -20.70 69.12
C ASN WB 88 -112.06 -22.08 68.70
N LEU WB 89 -111.91 -23.08 69.58
CA LEU WB 89 -112.21 -24.45 69.22
C LEU WB 89 -113.71 -24.63 68.93
N ALA WB 90 -114.57 -23.98 69.70
CA ALA WB 90 -116.00 -24.10 69.48
C ALA WB 90 -116.40 -23.57 68.10
N THR WB 91 -115.87 -22.40 67.74
CA THR WB 91 -116.14 -21.85 66.41
C THR WB 91 -115.55 -22.71 65.31
N LEU WB 92 -114.38 -23.32 65.56
CA LEU WB 92 -113.81 -24.22 64.57
C LEU WB 92 -114.68 -25.46 64.37
N LYS WB 93 -115.23 -25.98 65.45
CA LYS WB 93 -116.14 -27.13 65.34
C LYS WB 93 -117.41 -26.75 64.58
N ALA WB 94 -117.94 -25.55 64.84
CA ALA WB 94 -119.10 -25.08 64.09
C ALA WB 94 -118.77 -24.94 62.60
N GLU WB 95 -117.58 -24.41 62.29
CA GLU WB 95 -117.14 -24.33 60.91
C GLU WB 95 -117.04 -25.71 60.29
N TRP WB 96 -116.55 -26.69 61.05
CA TRP WB 96 -116.45 -28.06 60.54
C TRP WB 96 -117.84 -28.61 60.22
N GLU WB 97 -118.81 -28.37 61.10
CA GLU WB 97 -120.17 -28.83 60.85
C GLU WB 97 -120.76 -28.19 59.59
N THR WB 98 -120.57 -26.88 59.45
CA THR WB 98 -121.09 -26.19 58.26
C THR WB 98 -120.41 -26.68 56.99
N HIS WB 99 -119.10 -26.94 57.07
CA HIS WB 99 -118.37 -27.48 55.92
C HIS WB 99 -118.88 -28.85 55.55
N LYS WB 100 -119.15 -29.69 56.55
CA LYS WB 100 -119.74 -31.00 56.27
C LYS WB 100 -121.08 -30.86 55.57
N ARG WB 101 -121.91 -29.93 56.05
CA ARG WB 101 -123.22 -29.73 55.43
C ARG WB 101 -123.07 -29.28 53.98
N ASN WB 102 -122.17 -28.33 53.72
CA ASN WB 102 -122.01 -27.82 52.36
C ASN WB 102 -121.44 -28.88 51.42
N VAL WB 103 -120.45 -29.65 51.89
CA VAL WB 103 -119.88 -30.70 51.05
C VAL WB 103 -120.90 -31.79 50.79
N ASP WB 104 -121.75 -32.09 51.77
CA ASP WB 104 -122.82 -33.05 51.54
C ASP WB 104 -123.80 -32.53 50.51
N THR WB 105 -124.12 -31.23 50.56
CA THR WB 105 -125.02 -30.64 49.58
C THR WB 105 -124.44 -30.73 48.18
N LEU WB 106 -123.16 -30.43 48.02
CA LEU WB 106 -122.55 -30.44 46.69
C LEU WB 106 -122.31 -31.86 46.18
N PHE WB 107 -121.87 -32.76 47.06
CA PHE WB 107 -121.37 -34.08 46.67
C PHE WB 107 -122.33 -35.21 47.02
N ALA WB 108 -122.73 -35.33 48.28
CA ALA WB 108 -123.56 -36.45 48.71
C ALA WB 108 -124.92 -36.43 48.03
N SER WB 109 -125.54 -35.24 47.95
CA SER WB 109 -126.84 -35.09 47.32
C SER WB 109 -126.76 -34.45 45.94
N GLY WB 110 -125.59 -34.02 45.51
CA GLY WB 110 -125.41 -33.40 44.21
C GLY WB 110 -124.62 -34.26 43.26
N ASN WB 111 -124.32 -33.70 42.09
CA ASN WB 111 -123.59 -34.43 41.06
C ASN WB 111 -122.17 -33.91 40.91
N ALA WB 112 -121.57 -33.48 42.01
CA ALA WB 112 -120.19 -33.00 41.96
C ALA WB 112 -119.23 -34.15 41.68
N GLY WB 113 -119.59 -35.37 42.07
CA GLY WB 113 -118.74 -36.51 41.81
C GLY WB 113 -118.55 -36.78 40.33
N LEU WB 114 -119.60 -36.54 39.53
CA LEU WB 114 -119.49 -36.77 38.10
C LEU WB 114 -118.79 -35.61 37.39
N GLY WB 115 -118.55 -34.51 38.11
CA GLY WB 115 -117.83 -33.38 37.55
C GLY WB 115 -118.66 -32.14 37.31
N PHE WB 116 -119.86 -32.04 37.89
CA PHE WB 116 -120.70 -30.88 37.65
C PHE WB 116 -120.82 -30.03 38.91
N LEU WB 117 -120.58 -28.74 38.75
CA LEU WB 117 -120.69 -27.77 39.85
C LEU WB 117 -121.97 -26.96 39.62
N ASP WB 118 -122.97 -27.20 40.47
CA ASP WB 118 -124.25 -26.55 40.33
C ASP WB 118 -124.18 -25.12 40.86
N PRO WB 119 -124.43 -24.09 40.05
CA PRO WB 119 -124.39 -22.72 40.56
C PRO WB 119 -125.57 -22.34 41.42
N THR WB 120 -126.64 -23.14 41.45
CA THR WB 120 -127.82 -22.84 42.25
C THR WB 120 -127.89 -23.65 43.54
N ALA WB 121 -126.81 -24.33 43.91
CA ALA WB 121 -126.82 -25.14 45.12
C ALA WB 121 -127.02 -24.26 46.36
N ALA WB 122 -127.71 -24.81 47.36
CA ALA WB 122 -128.03 -24.08 48.58
C ALA WB 122 -126.86 -24.19 49.55
N ILE WB 123 -125.78 -23.49 49.24
CA ILE WB 123 -124.63 -23.41 50.12
C ILE WB 123 -124.91 -22.36 51.18
N VAL WB 124 -124.69 -22.71 52.44
CA VAL WB 124 -125.10 -21.87 53.56
C VAL WB 124 -123.90 -21.66 54.48
N SER WB 125 -123.90 -20.51 55.16
CA SER WB 125 -122.80 -20.14 56.03
C SER WB 125 -122.98 -20.72 57.43
N SER WB 126 -122.00 -20.46 58.29
CA SER WB 126 -122.04 -20.98 59.65
C SER WB 126 -122.79 -20.07 60.61
N ASP WB 127 -122.88 -18.77 60.31
CA ASP WB 127 -123.56 -17.85 61.19
C ASP WB 127 -125.06 -18.11 61.20
N THR WB 128 -125.70 -17.78 62.32
CA THR WB 128 -127.12 -17.99 62.52
C THR WB 128 -127.85 -16.66 62.55
N THR WB 129 -129.02 -16.62 61.90
CA THR WB 129 -129.83 -15.42 61.85
C THR WB 129 -130.48 -15.15 63.21
N ALA XB 1 -99.39 37.08 102.66
CA ALA XB 1 -98.16 36.61 103.28
C ALA XB 1 -97.24 35.98 102.24
N ASN XB 2 -96.26 36.76 101.79
CA ASN XB 2 -95.30 36.27 100.79
C ASN XB 2 -94.33 35.28 101.42
N LYS XB 3 -93.95 34.28 100.65
CA LYS XB 3 -93.05 33.25 101.16
C LYS XB 3 -91.64 33.78 101.27
N PRO XB 4 -91.02 33.74 102.45
CA PRO XB 4 -89.63 34.18 102.57
C PRO XB 4 -88.69 33.26 101.81
N MET XB 5 -87.58 33.83 101.34
CA MET XB 5 -86.57 33.09 100.59
C MET XB 5 -85.26 33.11 101.37
N GLN XB 6 -84.61 31.95 101.46
CA GLN XB 6 -83.33 31.85 102.15
C GLN XB 6 -82.20 31.81 101.15
N PRO XB 7 -81.07 32.46 101.44
CA PRO XB 7 -79.97 32.52 100.46
C PRO XB 7 -79.34 31.16 100.23
N ILE XB 8 -78.82 30.98 99.02
CA ILE XB 8 -78.06 29.77 98.69
C ILE XB 8 -76.59 30.06 98.41
N THR XB 9 -76.26 31.25 97.94
CA THR XB 9 -74.87 31.65 97.73
C THR XB 9 -74.68 33.05 98.29
N SER XB 10 -73.76 33.18 99.24
CA SER XB 10 -73.51 34.45 99.91
C SER XB 10 -72.07 34.88 99.70
N THR XB 11 -71.90 36.10 99.22
CA THR XB 11 -70.59 36.68 98.99
C THR XB 11 -70.69 38.18 99.16
N ALA XB 12 -69.56 38.82 99.43
CA ALA XB 12 -69.54 40.26 99.61
C ALA XB 12 -69.90 40.99 98.32
N ASN XB 13 -69.79 40.31 97.18
CA ASN XB 13 -70.05 40.91 95.88
C ASN XB 13 -71.33 40.40 95.23
N LYS XB 14 -71.91 39.31 95.73
CA LYS XB 14 -73.10 38.73 95.12
C LYS XB 14 -73.81 37.85 96.14
N ILE XB 15 -75.13 37.98 96.22
CA ILE XB 15 -75.97 37.12 97.05
C ILE XB 15 -77.14 36.65 96.18
N VAL XB 16 -77.44 35.36 96.24
CA VAL XB 16 -78.53 34.76 95.47
C VAL XB 16 -79.53 34.16 96.44
N TRP XB 17 -80.79 34.53 96.29
CA TRP XB 17 -81.88 34.01 97.11
C TRP XB 17 -82.75 33.09 96.26
N SER XB 18 -83.26 32.02 96.85
CA SER XB 18 -84.16 31.11 96.19
C SER XB 18 -85.28 30.69 97.13
N ASP XB 19 -86.45 30.44 96.56
CA ASP XB 19 -87.57 29.97 97.36
C ASP XB 19 -87.38 28.48 97.69
N PRO XB 20 -87.45 28.10 98.96
CA PRO XB 20 -87.20 26.68 99.29
C PRO XB 20 -88.19 25.73 98.64
N THR XB 21 -89.44 26.14 98.43
CA THR XB 21 -90.41 25.30 97.75
C THR XB 21 -90.15 25.17 96.27
N ARG XB 22 -89.67 26.23 95.62
CA ARG XB 22 -89.31 26.19 94.20
C ARG XB 22 -87.97 26.87 93.98
N LEU XB 23 -86.90 26.09 93.89
CA LEU XB 23 -85.56 26.64 93.76
C LEU XB 23 -85.36 27.31 92.40
N SER XB 24 -86.29 27.06 91.46
CA SER XB 24 -86.25 27.73 90.18
C SER XB 24 -86.47 29.23 90.29
N THR XB 25 -87.15 29.69 91.34
CA THR XB 25 -87.32 31.12 91.57
C THR XB 25 -86.07 31.67 92.24
N THR XB 26 -85.40 32.60 91.57
CA THR XB 26 -84.14 33.14 92.06
C THR XB 26 -84.20 34.66 92.08
N PHE XB 27 -83.47 35.25 93.01
CA PHE XB 27 -83.31 36.69 93.11
C PHE XB 27 -81.87 36.98 93.54
N SER XB 28 -81.13 37.68 92.68
CA SER XB 28 -79.71 37.92 92.90
C SER XB 28 -79.41 39.40 92.88
N ALA XB 29 -78.45 39.81 93.71
CA ALA XB 29 -77.99 41.18 93.78
C ALA XB 29 -76.46 41.18 93.75
N SER XB 30 -75.89 41.96 92.83
CA SER XB 30 -74.44 42.02 92.67
C SER XB 30 -74.02 43.49 92.63
N LEU XB 31 -72.98 43.83 93.38
CA LEU XB 31 -72.46 45.18 93.44
C LEU XB 31 -71.10 45.27 92.79
N LEU XB 32 -70.92 46.24 91.90
CA LEU XB 32 -69.63 46.55 91.30
C LEU XB 32 -69.31 48.01 91.59
N ARG XB 33 -68.16 48.22 92.24
CA ARG XB 33 -67.80 49.54 92.74
C ARG XB 33 -66.49 50.00 92.10
N GLN XB 34 -66.46 51.26 91.67
CA GLN XB 34 -65.28 51.87 91.07
C GLN XB 34 -65.10 53.27 91.63
N ARG XB 35 -63.96 53.87 91.31
CA ARG XB 35 -63.68 55.26 91.63
C ARG XB 35 -63.66 56.06 90.33
N VAL XB 36 -64.46 57.12 90.27
CA VAL XB 36 -64.58 57.95 89.07
C VAL XB 36 -64.26 59.39 89.46
N LYS XB 37 -63.37 60.02 88.70
CA LYS XB 37 -62.94 61.39 88.97
C LYS XB 37 -63.82 62.34 88.15
N VAL XB 38 -64.99 62.66 88.71
CA VAL XB 38 -65.91 63.57 88.03
C VAL XB 38 -65.53 65.02 88.32
N GLY XB 39 -65.47 65.38 89.59
CA GLY XB 39 -65.24 66.76 89.99
C GLY XB 39 -63.90 66.96 90.65
N ILE XB 40 -62.86 66.38 90.03
CA ILE XB 40 -61.47 66.32 90.50
C ILE XB 40 -61.45 65.78 91.93
N ALA XB 41 -62.51 65.08 92.31
CA ALA XB 41 -62.59 64.36 93.57
C ALA XB 41 -63.06 62.95 93.27
N GLU XB 42 -62.43 61.97 93.91
CA GLU XB 42 -62.68 60.56 93.60
C GLU XB 42 -64.01 60.13 94.20
N LEU XB 43 -65.08 60.34 93.44
CA LEU XB 43 -66.39 59.85 93.85
C LEU XB 43 -66.45 58.33 93.67
N ASN XB 44 -67.11 57.67 94.62
CA ASN XB 44 -67.20 56.21 94.63
C ASN XB 44 -68.60 55.78 94.21
N ASN XB 45 -68.75 55.51 92.90
CA ASN XB 45 -70.03 55.07 92.39
C ASN XB 45 -70.25 53.59 92.68
N VAL XB 46 -71.52 53.20 92.74
CA VAL XB 46 -71.92 51.81 92.96
C VAL XB 46 -72.88 51.41 91.86
N SER XB 47 -72.60 50.30 91.20
CA SER XB 47 -73.43 49.77 90.13
C SER XB 47 -74.04 48.45 90.60
N GLY XB 48 -75.23 48.53 91.18
CA GLY XB 48 -75.90 47.35 91.72
C GLY XB 48 -76.86 46.77 90.70
N GLN XB 49 -76.67 45.49 90.42
CA GLN XB 49 -77.51 44.75 89.48
C GLN XB 49 -78.42 43.80 90.27
N TYR XB 50 -79.72 43.96 90.09
CA TYR XB 50 -80.71 43.13 90.78
C TYR XB 50 -81.50 42.37 89.73
N VAL XB 51 -81.47 41.04 89.81
CA VAL XB 51 -82.12 40.17 88.83
C VAL XB 51 -83.07 39.25 89.56
N SER XB 52 -84.34 39.25 89.14
CA SER XB 52 -85.36 38.35 89.65
C SER XB 52 -85.86 37.46 88.52
N VAL XB 53 -85.79 36.15 88.72
CA VAL XB 53 -86.10 35.18 87.68
C VAL XB 53 -87.16 34.23 88.20
N TYR XB 54 -88.23 34.06 87.42
CA TYR XB 54 -89.27 33.08 87.70
C TYR XB 54 -89.55 32.28 86.43
N LYS XB 55 -89.51 30.96 86.56
CA LYS XB 55 -89.89 30.07 85.47
C LYS XB 55 -91.37 29.74 85.62
N ARG XB 56 -92.20 30.43 84.86
CA ARG XB 56 -93.66 30.30 84.92
C ARG XB 56 -94.10 29.31 83.85
N PRO XB 57 -94.81 28.25 84.18
CA PRO XB 57 -95.25 27.31 83.14
C PRO XB 57 -96.51 27.78 82.45
N ALA XB 58 -96.43 27.86 81.12
CA ALA XB 58 -97.52 28.41 80.31
C ALA XB 58 -97.88 27.48 79.15
N PRO XB 59 -98.39 26.27 79.44
CA PRO XB 59 -99.11 25.55 78.39
C PRO XB 59 -100.36 26.30 77.96
N LYS XB 60 -100.97 27.02 78.91
CA LYS XB 60 -102.15 27.87 78.73
C LYS XB 60 -103.28 27.11 78.03
N PRO XB 61 -103.79 26.02 78.60
CA PRO XB 61 -104.96 25.37 78.01
C PRO XB 61 -106.22 26.14 78.37
N GLU XB 62 -106.76 26.86 77.39
CA GLU XB 62 -107.88 27.75 77.64
C GLU XB 62 -109.14 26.96 77.95
N GLY XB 63 -109.49 26.92 79.21
CA GLY XB 63 -110.73 26.30 79.66
C GLY XB 63 -110.67 24.96 80.37
N CYS XB 64 -109.68 24.13 80.04
CA CYS XB 64 -109.69 22.78 80.60
C CYS XB 64 -108.31 22.42 81.11
N ALA XB 65 -108.28 21.84 82.31
CA ALA XB 65 -107.11 21.19 82.88
C ALA XB 65 -107.56 19.88 83.51
N ASP XB 66 -106.86 18.79 83.18
CA ASP XB 66 -107.43 17.50 83.54
C ASP XB 66 -106.60 16.70 84.54
N ALA XB 67 -105.31 16.47 84.25
CA ALA XB 67 -104.52 15.56 85.05
C ALA XB 67 -103.08 16.07 85.12
N CYS XB 68 -102.18 15.20 85.58
CA CYS XB 68 -100.78 15.55 85.74
C CYS XB 68 -100.08 15.49 84.39
N VAL XB 69 -100.01 16.63 83.71
CA VAL XB 69 -99.32 16.76 82.43
C VAL XB 69 -98.04 17.54 82.70
N ILE XB 70 -96.97 17.19 82.00
CA ILE XB 70 -95.71 17.92 82.13
C ILE XB 70 -95.88 19.37 81.71
N MET XB 71 -95.42 20.28 82.56
CA MET XB 71 -95.46 21.69 82.24
C MET XB 71 -94.22 22.10 81.45
N PRO XB 72 -94.36 22.56 80.21
CA PRO XB 72 -93.25 23.23 79.55
C PRO XB 72 -93.08 24.63 80.11
N ASN XB 73 -91.84 25.08 80.29
CA ASN XB 73 -91.55 26.29 81.05
C ASN XB 73 -91.04 27.41 80.16
N GLU XB 74 -91.41 28.64 80.50
CA GLU XB 74 -90.82 29.84 79.94
C GLU XB 74 -90.20 30.65 81.06
N ASN XB 75 -89.29 31.55 80.70
CA ASN XB 75 -88.55 32.33 81.70
C ASN XB 75 -89.09 33.75 81.77
N GLN XB 76 -89.35 34.21 83.00
CA GLN XB 76 -89.70 35.60 83.26
C GLN XB 76 -88.58 36.23 84.06
N SER XB 77 -87.96 37.26 83.50
CA SER XB 77 -86.79 37.88 84.11
C SER XB 77 -86.98 39.40 84.17
N ILE XB 78 -86.61 39.98 85.31
CA ILE XB 78 -86.61 41.42 85.50
C ILE XB 78 -85.26 41.81 86.08
N ARG XB 79 -84.53 42.66 85.38
CA ARG XB 79 -83.20 43.08 85.78
C ARG XB 79 -83.17 44.60 85.93
N THR XB 80 -82.61 45.08 87.04
CA THR XB 80 -82.48 46.50 87.30
C THR XB 80 -81.05 46.81 87.71
N VAL XB 81 -80.46 47.81 87.07
CA VAL XB 81 -79.12 48.28 87.41
C VAL XB 81 -79.22 49.75 87.79
N ILE XB 82 -78.70 50.08 88.97
CA ILE XB 82 -78.70 51.44 89.49
C ILE XB 82 -77.25 51.88 89.64
N SER XB 83 -76.88 52.97 88.98
CA SER XB 83 -75.52 53.47 88.98
C SER XB 83 -75.50 54.91 89.46
N GLY XB 84 -74.63 55.21 90.41
CA GLY XB 84 -74.51 56.55 90.93
C GLY XB 84 -73.55 56.65 92.09
N SER XB 85 -73.09 57.87 92.40
CA SER XB 85 -72.15 58.06 93.49
C SER XB 85 -72.82 57.83 94.83
N ALA XB 86 -72.05 57.31 95.78
CA ALA XB 86 -72.59 57.08 97.12
C ALA XB 86 -72.89 58.39 97.82
N GLU XB 87 -72.21 59.47 97.42
CA GLU XB 87 -72.40 60.76 98.09
C GLU XB 87 -73.73 61.41 97.70
N ASN XB 88 -74.40 60.88 96.68
CA ASN XB 88 -75.69 61.38 96.22
C ASN XB 88 -76.77 60.33 96.38
N LEU XB 89 -76.76 59.65 97.52
CA LEU XB 89 -77.68 58.52 97.72
C LEU XB 89 -79.12 58.99 97.83
N ALA XB 90 -79.35 60.16 98.43
CA ALA XB 90 -80.72 60.68 98.54
C ALA XB 90 -81.31 60.96 97.17
N THR XB 91 -80.53 61.63 96.31
CA THR XB 91 -80.98 61.88 94.95
C THR XB 91 -81.15 60.58 94.16
N LEU XB 92 -80.28 59.60 94.39
CA LEU XB 92 -80.44 58.31 93.72
C LEU XB 92 -81.74 57.63 94.15
N LYS XB 93 -82.08 57.72 95.43
CA LYS XB 93 -83.33 57.12 95.91
C LYS XB 93 -84.54 57.85 95.32
N ALA XB 94 -84.48 59.17 95.24
CA ALA XB 94 -85.56 59.92 94.60
C ALA XB 94 -85.70 59.53 93.14
N GLU XB 95 -84.57 59.37 92.45
CA GLU XB 95 -84.62 58.95 91.05
C GLU XB 95 -85.19 57.54 90.93
N TRP XB 96 -84.89 56.67 91.89
CA TRP XB 96 -85.46 55.32 91.89
C TRP XB 96 -86.97 55.37 92.05
N GLU XB 97 -87.45 56.23 92.94
CA GLU XB 97 -88.90 56.39 93.10
C GLU XB 97 -89.54 56.92 91.82
N THR XB 98 -88.90 57.90 91.18
CA THR XB 98 -89.44 58.44 89.94
C THR XB 98 -89.43 57.39 88.83
N HIS XB 99 -88.37 56.58 88.76
CA HIS XB 99 -88.30 55.52 87.78
C HIS XB 99 -89.40 54.48 88.00
N LYS XB 100 -89.64 54.13 89.26
CA LYS XB 100 -90.73 53.21 89.57
C LYS XB 100 -92.06 53.78 89.12
N ARG XB 101 -92.30 55.06 89.41
CA ARG XB 101 -93.56 55.69 89.01
C ARG XB 101 -93.71 55.68 87.49
N ASN XB 102 -92.64 56.02 86.77
CA ASN XB 102 -92.70 56.06 85.31
C ASN XB 102 -92.94 54.68 84.71
N VAL XB 103 -92.22 53.67 85.19
CA VAL XB 103 -92.41 52.32 84.66
C VAL XB 103 -93.80 51.81 84.99
N ASP XB 104 -94.30 52.13 86.19
CA ASP XB 104 -95.65 51.71 86.54
C ASP XB 104 -96.69 52.34 85.63
N THR XB 105 -96.62 53.66 85.44
CA THR XB 105 -97.62 54.32 84.62
C THR XB 105 -97.56 53.87 83.17
N LEU XB 106 -96.36 53.56 82.68
CA LEU XB 106 -96.22 53.12 81.29
C LEU XB 106 -96.59 51.65 81.09
N PHE XB 107 -96.38 50.81 82.10
CA PHE XB 107 -96.45 49.36 81.94
C PHE XB 107 -97.58 48.72 82.74
N ALA XB 108 -97.59 48.94 84.06
CA ALA XB 108 -98.57 48.28 84.92
C ALA XB 108 -99.98 48.77 84.61
N SER XB 109 -100.14 50.07 84.41
CA SER XB 109 -101.44 50.65 84.06
C SER XB 109 -101.59 50.85 82.55
N GLY XB 110 -100.58 50.52 81.76
CA GLY XB 110 -100.65 50.67 80.32
C GLY XB 110 -100.71 49.33 79.60
N ASN XB 111 -100.29 49.35 78.34
CA ASN XB 111 -100.28 48.17 77.49
C ASN XB 111 -98.88 47.86 76.97
N ALA XB 112 -97.84 48.30 77.69
CA ALA XB 112 -96.47 48.09 77.24
C ALA XB 112 -96.09 46.62 77.26
N GLY XB 113 -96.71 45.83 78.14
CA GLY XB 113 -96.37 44.42 78.21
C GLY XB 113 -96.77 43.65 76.96
N LEU XB 114 -97.77 44.15 76.25
CA LEU XB 114 -98.25 43.48 75.04
C LEU XB 114 -97.52 43.99 73.82
N GLY XB 115 -96.53 44.86 74.02
CA GLY XB 115 -95.80 45.43 72.89
C GLY XB 115 -96.43 46.69 72.33
N PHE XB 116 -96.71 47.66 73.19
CA PHE XB 116 -97.36 48.90 72.79
C PHE XB 116 -96.65 50.09 73.42
N LEU XB 117 -96.65 51.22 72.72
CA LEU XB 117 -96.15 52.48 73.23
C LEU XB 117 -97.25 53.52 73.18
N ASP XB 118 -97.38 54.30 74.25
CA ASP XB 118 -98.35 55.37 74.30
C ASP XB 118 -97.63 56.70 74.35
N PRO XB 119 -97.54 57.44 73.25
CA PRO XB 119 -96.86 58.75 73.28
C PRO XB 119 -97.53 59.76 74.20
N THR XB 120 -98.80 59.57 74.54
CA THR XB 120 -99.53 60.48 75.41
C THR XB 120 -99.44 60.11 76.88
N ALA XB 121 -98.62 59.10 77.23
CA ALA XB 121 -98.50 58.69 78.62
C ALA XB 121 -97.89 59.81 79.46
N ALA XB 122 -98.32 59.89 80.72
CA ALA XB 122 -97.90 60.96 81.63
C ALA XB 122 -96.60 60.55 82.32
N ILE XB 123 -95.50 61.13 81.83
CA ILE XB 123 -94.18 60.91 82.41
C ILE XB 123 -93.77 62.16 83.18
N VAL XB 124 -93.25 61.97 84.38
CA VAL XB 124 -92.87 63.09 85.25
C VAL XB 124 -91.41 62.93 85.65
N SER XB 125 -90.78 64.04 86.01
CA SER XB 125 -89.37 64.07 86.34
C SER XB 125 -89.16 64.00 87.84
N SER XB 126 -87.89 63.79 88.23
CA SER XB 126 -87.56 63.74 89.65
C SER XB 126 -87.67 65.10 90.32
N ASP XB 127 -87.40 66.18 89.60
CA ASP XB 127 -87.49 67.51 90.16
C ASP XB 127 -88.94 67.91 90.39
N THR XB 128 -89.15 68.77 91.38
CA THR XB 128 -90.47 69.25 91.74
C THR XB 128 -90.62 70.72 91.40
N THR XB 129 -91.86 71.20 91.42
CA THR XB 129 -92.14 72.60 91.13
C THR XB 129 -92.39 73.37 92.43
N ALA YB 1 -66.39 59.73 120.59
CA ALA YB 1 -66.86 58.50 119.97
C ALA YB 1 -66.48 58.44 118.49
N ASN YB 2 -65.59 57.52 118.15
CA ASN YB 2 -65.15 57.39 116.77
C ASN YB 2 -66.23 56.73 115.92
N LYS YB 3 -66.28 57.11 114.65
CA LYS YB 3 -67.26 56.53 113.74
C LYS YB 3 -66.96 55.06 113.49
N PRO YB 4 -67.95 54.18 113.58
CA PRO YB 4 -67.69 52.76 113.33
C PRO YB 4 -67.60 52.45 111.85
N MET YB 5 -66.96 51.32 111.55
CA MET YB 5 -66.84 50.82 110.19
C MET YB 5 -67.62 49.52 110.04
N GLN YB 6 -67.86 49.14 108.79
CA GLN YB 6 -68.51 47.90 108.43
C GLN YB 6 -67.69 47.17 107.37
N PRO YB 7 -67.70 45.85 107.34
CA PRO YB 7 -66.95 45.13 106.30
C PRO YB 7 -67.63 45.24 104.95
N ILE YB 8 -66.84 45.59 103.93
CA ILE YB 8 -67.34 45.77 102.58
C ILE YB 8 -66.98 44.58 101.69
N THR YB 9 -65.73 44.12 101.75
CA THR YB 9 -65.31 42.91 101.07
C THR YB 9 -64.85 41.89 102.12
N SER YB 10 -65.42 40.69 102.04
CA SER YB 10 -65.20 39.70 103.09
C SER YB 10 -64.61 38.43 102.49
N THR YB 11 -63.39 38.13 102.89
CA THR YB 11 -62.73 36.86 102.59
C THR YB 11 -61.91 36.45 103.79
N ALA YB 12 -61.87 35.14 104.05
CA ALA YB 12 -61.10 34.66 105.19
C ALA YB 12 -59.62 34.95 105.02
N ASN YB 13 -59.16 35.07 103.78
CA ASN YB 13 -57.78 35.49 103.54
C ASN YB 13 -57.55 36.96 103.86
N LYS YB 14 -58.51 37.82 103.51
CA LYS YB 14 -58.38 39.24 103.78
C LYS YB 14 -59.76 39.88 103.91
N ILE YB 15 -59.91 40.76 104.90
CA ILE YB 15 -61.13 41.53 105.12
C ILE YB 15 -60.76 43.01 105.15
N VAL YB 16 -61.49 43.81 104.40
CA VAL YB 16 -61.28 45.25 104.34
C VAL YB 16 -62.53 45.94 104.89
N TRP YB 17 -62.32 46.90 105.79
CA TRP YB 17 -63.40 47.68 106.37
C TRP YB 17 -63.49 49.03 105.69
N SER YB 18 -64.64 49.67 105.82
CA SER YB 18 -64.87 50.96 105.20
C SER YB 18 -65.83 51.78 106.03
N ASP YB 19 -65.74 53.10 105.89
CA ASP YB 19 -66.62 54.02 106.59
C ASP YB 19 -67.81 54.35 105.68
N PRO YB 20 -69.04 54.04 106.07
CA PRO YB 20 -70.18 54.33 105.20
C PRO YB 20 -70.38 55.81 104.91
N THR YB 21 -69.86 56.70 105.76
CA THR YB 21 -69.95 58.13 105.50
C THR YB 21 -68.80 58.67 104.65
N ARG YB 22 -67.62 58.04 104.72
CA ARG YB 22 -66.48 58.42 103.88
C ARG YB 22 -65.85 57.13 103.37
N LEU YB 23 -66.24 56.73 102.15
CA LEU YB 23 -65.81 55.45 101.62
C LEU YB 23 -64.33 55.39 101.32
N SER YB 24 -63.64 56.54 101.33
CA SER YB 24 -62.21 56.55 101.06
C SER YB 24 -61.38 56.06 102.24
N THR YB 25 -61.96 55.97 103.42
CA THR YB 25 -61.26 55.48 104.61
C THR YB 25 -61.44 53.97 104.69
N THR YB 26 -60.33 53.24 104.56
CA THR YB 26 -60.36 51.79 104.53
C THR YB 26 -59.33 51.23 105.49
N PHE YB 27 -59.62 50.05 106.03
CA PHE YB 27 -58.71 49.31 106.90
C PHE YB 27 -58.79 47.85 106.51
N SER YB 28 -57.68 47.30 106.04
CA SER YB 28 -57.63 45.94 105.53
C SER YB 28 -56.67 45.09 106.36
N ALA YB 29 -57.08 43.86 106.63
CA ALA YB 29 -56.27 42.91 107.39
C ALA YB 29 -56.22 41.59 106.60
N SER YB 30 -55.01 41.19 106.21
CA SER YB 30 -54.80 39.95 105.46
C SER YB 30 -53.83 39.07 106.23
N LEU YB 31 -54.20 37.81 106.42
CA LEU YB 31 -53.37 36.83 107.09
C LEU YB 31 -52.94 35.76 106.11
N LEU YB 32 -51.64 35.50 106.05
CA LEU YB 32 -51.08 34.42 105.25
C LEU YB 32 -50.37 33.45 106.17
N ARG YB 33 -50.75 32.18 106.10
CA ARG YB 33 -50.26 31.15 107.00
C ARG YB 33 -49.52 30.08 106.22
N GLN YB 34 -48.32 29.73 106.68
CA GLN YB 34 -47.50 28.71 106.05
C GLN YB 34 -46.84 27.88 107.15
N ARG YB 35 -46.71 26.58 106.89
CA ARG YB 35 -46.15 25.64 107.85
C ARG YB 35 -44.63 25.60 107.65
N VAL YB 36 -43.95 26.58 108.24
CA VAL YB 36 -42.50 26.64 108.17
C VAL YB 36 -41.91 26.00 109.42
N LYS YB 37 -41.32 24.82 109.26
CA LYS YB 37 -40.85 24.08 110.42
C LYS YB 37 -39.34 24.22 110.58
N VAL YB 38 -38.92 24.52 111.81
CA VAL YB 38 -37.51 24.50 112.18
C VAL YB 38 -37.13 23.06 112.47
N GLY YB 39 -35.84 22.79 112.63
CA GLY YB 39 -35.35 21.45 112.85
C GLY YB 39 -36.05 20.71 113.98
N ILE YB 40 -36.45 19.47 113.70
CA ILE YB 40 -37.11 18.54 114.63
C ILE YB 40 -38.22 19.22 115.43
N ALA YB 41 -38.90 20.19 114.81
CA ALA YB 41 -40.01 20.87 115.45
C ALA YB 41 -41.03 21.25 114.40
N GLU YB 42 -42.27 21.45 114.85
CA GLU YB 42 -43.37 21.87 114.01
C GLU YB 42 -43.86 23.25 114.45
N LEU YB 43 -43.99 24.16 113.49
CA LEU YB 43 -44.38 25.54 113.80
C LEU YB 43 -45.35 26.03 112.75
N ASN YB 44 -46.39 26.74 113.18
CA ASN YB 44 -47.34 27.39 112.29
C ASN YB 44 -47.05 28.88 112.26
N ASN YB 45 -46.64 29.38 111.10
CA ASN YB 45 -46.24 30.76 110.92
C ASN YB 45 -47.37 31.55 110.29
N VAL YB 46 -47.66 32.73 110.84
CA VAL YB 46 -48.74 33.58 110.36
C VAL YB 46 -48.13 34.96 110.09
N SER YB 47 -48.39 35.50 108.90
CA SER YB 47 -47.95 36.84 108.55
C SER YB 47 -49.16 37.76 108.51
N GLY YB 48 -49.21 38.71 109.43
CA GLY YB 48 -50.35 39.61 109.52
C GLY YB 48 -50.07 40.99 108.97
N GLN YB 49 -50.70 41.33 107.85
CA GLN YB 49 -50.51 42.62 107.19
C GLN YB 49 -51.76 43.45 107.40
N TYR YB 50 -51.61 44.63 107.98
CA TYR YB 50 -52.71 45.53 108.28
C TYR YB 50 -52.43 46.88 107.63
N VAL YB 51 -53.36 47.34 106.81
CA VAL YB 51 -53.20 48.58 106.05
C VAL YB 51 -54.33 49.53 106.41
N SER YB 52 -53.96 50.74 106.83
CA SER YB 52 -54.92 51.80 107.11
C SER YB 52 -54.71 52.94 106.12
N VAL YB 53 -55.79 53.31 105.42
CA VAL YB 53 -55.73 54.29 104.35
C VAL YB 53 -56.72 55.40 104.64
N TYR YB 54 -56.25 56.65 104.58
CA TYR YB 54 -57.09 57.82 104.72
C TYR YB 54 -56.65 58.86 103.71
N LYS YB 55 -57.61 59.46 103.01
CA LYS YB 55 -57.34 60.49 102.02
C LYS YB 55 -57.77 61.83 102.62
N ARG YB 56 -56.79 62.56 103.17
CA ARG YB 56 -57.03 63.81 103.86
C ARG YB 56 -56.73 64.99 102.95
N PRO YB 57 -57.58 66.01 102.93
CA PRO YB 57 -57.30 67.19 102.09
C PRO YB 57 -56.04 67.91 102.52
N ALA YB 58 -55.42 68.57 101.55
CA ALA YB 58 -54.20 69.31 101.80
C ALA YB 58 -54.49 70.44 102.80
N PRO YB 59 -53.47 70.92 103.53
CA PRO YB 59 -53.72 71.97 104.51
C PRO YB 59 -54.08 73.31 103.87
N LYS YB 60 -55.17 73.91 104.34
CA LYS YB 60 -55.62 75.21 103.86
C LYS YB 60 -54.64 76.29 104.31
N PRO YB 61 -54.52 77.39 103.57
CA PRO YB 61 -53.61 78.47 103.99
C PRO YB 61 -53.97 79.01 105.37
N GLU YB 62 -52.96 79.37 106.16
CA GLU YB 62 -53.18 79.69 107.57
C GLU YB 62 -54.09 80.91 107.72
N GLY YB 63 -53.87 81.94 106.93
CA GLY YB 63 -54.69 83.13 107.02
C GLY YB 63 -55.89 83.11 106.09
N CYS YB 64 -56.73 82.09 106.23
CA CYS YB 64 -57.89 81.92 105.36
C CYS YB 64 -59.13 81.69 106.20
N ALA YB 65 -60.20 82.44 105.88
CA ALA YB 65 -61.49 82.25 106.52
C ALA YB 65 -62.61 81.98 105.52
N ASP YB 66 -62.28 81.63 104.28
CA ASP YB 66 -63.29 81.38 103.26
C ASP YB 66 -64.11 80.16 103.62
N ALA YB 67 -65.40 80.20 103.31
CA ALA YB 67 -66.33 79.15 103.71
C ALA YB 67 -65.99 77.82 103.06
N CYS YB 68 -65.88 77.79 101.74
CA CYS YB 68 -65.70 76.55 101.01
C CYS YB 68 -64.73 76.72 99.85
N VAL YB 69 -63.49 76.29 100.08
CA VAL YB 69 -62.49 76.16 99.02
C VAL YB 69 -61.81 74.81 99.21
N ILE YB 70 -62.08 73.88 98.30
CA ILE YB 70 -61.65 72.50 98.47
C ILE YB 70 -60.44 72.25 97.58
N MET YB 71 -59.41 71.62 98.15
CA MET YB 71 -58.17 71.26 97.48
C MET YB 71 -57.98 69.75 97.48
N PRO YB 72 -57.26 69.19 96.52
CA PRO YB 72 -57.21 67.73 96.36
C PRO YB 72 -56.57 67.05 97.56
N ASN YB 73 -56.96 65.79 97.74
CA ASN YB 73 -56.57 65.01 98.91
C ASN YB 73 -55.20 64.38 98.71
N GLU YB 74 -54.53 64.13 99.82
CA GLU YB 74 -53.23 63.45 99.84
C GLU YB 74 -53.43 62.07 100.44
N ASN YB 75 -52.58 61.12 100.05
CA ASN YB 75 -52.71 59.76 100.52
C ASN YB 75 -51.93 59.56 101.81
N GLN YB 76 -52.61 59.12 102.85
CA GLN YB 76 -51.99 58.79 104.15
C GLN YB 76 -52.15 57.30 104.37
N SER YB 77 -51.04 56.58 104.44
CA SER YB 77 -51.05 55.13 104.58
C SER YB 77 -50.20 54.71 105.76
N ILE YB 78 -50.74 53.78 106.55
CA ILE YB 78 -50.01 53.16 107.65
C ILE YB 78 -50.15 51.65 107.49
N ARG YB 79 -49.03 50.98 107.27
CA ARG YB 79 -49.02 49.55 106.97
C ARG YB 79 -48.13 48.83 107.96
N THR YB 80 -48.69 47.84 108.65
CA THR YB 80 -47.97 47.06 109.65
C THR YB 80 -48.02 45.59 109.29
N VAL YB 81 -46.86 44.94 109.31
CA VAL YB 81 -46.74 43.53 108.98
C VAL YB 81 -46.15 42.82 110.20
N ILE YB 82 -46.84 41.79 110.68
CA ILE YB 82 -46.42 41.03 111.85
C ILE YB 82 -46.26 39.57 111.44
N SER YB 83 -45.09 39.00 111.72
CA SER YB 83 -44.78 37.63 111.36
C SER YB 83 -44.25 36.89 112.58
N GLY YB 84 -44.77 35.69 112.82
CA GLY YB 84 -44.32 34.89 113.93
C GLY YB 84 -45.10 33.60 114.09
N SER YB 85 -44.55 32.67 114.88
CA SER YB 85 -45.22 31.40 115.11
C SER YB 85 -46.41 31.58 116.05
N ALA YB 86 -47.42 30.73 115.87
CA ALA YB 86 -48.60 30.79 116.72
C ALA YB 86 -48.27 30.34 118.14
N GLU YB 87 -47.23 29.53 118.29
CA GLU YB 87 -46.88 29.00 119.62
C GLU YB 87 -46.36 30.11 120.53
N ASN YB 88 -45.71 31.11 119.97
CA ASN YB 88 -45.10 32.20 120.72
C ASN YB 88 -45.98 33.45 120.76
N LEU YB 89 -47.29 33.27 120.86
CA LEU YB 89 -48.20 34.40 120.73
C LEU YB 89 -48.03 35.41 121.85
N ALA YB 90 -47.83 34.95 123.09
CA ALA YB 90 -47.71 35.87 124.21
C ALA YB 90 -46.44 36.72 124.10
N THR YB 91 -45.31 36.07 123.80
CA THR YB 91 -44.08 36.82 123.61
C THR YB 91 -44.16 37.75 122.42
N LEU YB 92 -44.86 37.34 121.36
CA LEU YB 92 -45.01 38.22 120.21
C LEU YB 92 -45.88 39.42 120.54
N LYS YB 93 -46.89 39.23 121.40
CA LYS YB 93 -47.70 40.35 121.85
C LYS YB 93 -46.88 41.31 122.70
N ALA YB 94 -45.99 40.78 123.55
CA ALA YB 94 -45.08 41.64 124.29
C ALA YB 94 -44.17 42.43 123.35
N GLU YB 95 -43.67 41.75 122.31
CA GLU YB 95 -42.87 42.45 121.30
C GLU YB 95 -43.67 43.53 120.61
N TRP YB 96 -44.95 43.28 120.36
CA TRP YB 96 -45.81 44.28 119.73
C TRP YB 96 -46.00 45.49 120.63
N GLU YB 97 -46.17 45.26 121.93
CA GLU YB 97 -46.26 46.37 122.87
C GLU YB 97 -44.96 47.19 122.88
N THR YB 98 -43.82 46.52 122.89
CA THR YB 98 -42.54 47.22 122.86
C THR YB 98 -42.38 48.00 121.57
N HIS YB 99 -42.81 47.42 120.45
CA HIS YB 99 -42.77 48.13 119.17
C HIS YB 99 -43.64 49.37 119.19
N LYS YB 100 -44.84 49.25 119.78
CA LYS YB 100 -45.69 50.42 119.97
C LYS YB 100 -44.93 51.51 120.73
N ARG YB 101 -44.32 51.14 121.85
CA ARG YB 101 -43.64 52.12 122.69
C ARG YB 101 -42.50 52.81 121.93
N ASN YB 102 -41.71 52.02 121.20
CA ASN YB 102 -40.57 52.58 120.48
C ASN YB 102 -41.02 53.50 119.35
N VAL YB 103 -42.00 53.05 118.56
CA VAL YB 103 -42.49 53.88 117.46
C VAL YB 103 -43.12 55.15 118.01
N ASP YB 104 -43.81 55.05 119.13
CA ASP YB 104 -44.40 56.25 119.74
C ASP YB 104 -43.32 57.24 120.18
N THR YB 105 -42.30 56.75 120.91
CA THR YB 105 -41.30 57.66 121.43
C THR YB 105 -40.43 58.24 120.32
N LEU YB 106 -40.39 57.58 119.17
CA LEU YB 106 -39.57 58.10 118.07
C LEU YB 106 -40.37 58.99 117.11
N PHE YB 107 -41.67 58.75 116.99
CA PHE YB 107 -42.53 59.41 116.01
C PHE YB 107 -43.47 60.43 116.64
N ALA YB 108 -44.29 60.00 117.60
CA ALA YB 108 -45.30 60.88 118.16
C ALA YB 108 -44.67 62.00 118.97
N SER YB 109 -43.69 61.67 119.80
CA SER YB 109 -43.00 62.66 120.61
C SER YB 109 -41.72 63.18 119.97
N GLY YB 110 -41.34 62.67 118.79
CA GLY YB 110 -40.15 63.11 118.10
C GLY YB 110 -40.45 63.93 116.86
N ASN YB 111 -39.48 63.94 115.96
CA ASN YB 111 -39.60 64.66 114.70
C ASN YB 111 -39.39 63.75 113.49
N ALA YB 112 -39.53 62.43 113.68
CA ALA YB 112 -39.41 61.51 112.56
C ALA YB 112 -40.49 61.74 111.52
N GLY YB 113 -41.65 62.24 111.94
CA GLY YB 113 -42.68 62.60 110.99
C GLY YB 113 -42.29 63.74 110.07
N LEU YB 114 -41.62 64.76 110.60
CA LEU YB 114 -41.11 65.85 109.80
C LEU YB 114 -39.85 65.46 109.03
N GLY YB 115 -39.16 64.41 109.47
CA GLY YB 115 -38.02 63.92 108.73
C GLY YB 115 -36.68 64.01 109.44
N PHE YB 116 -36.68 64.04 110.77
CA PHE YB 116 -35.47 64.13 111.57
C PHE YB 116 -35.36 62.92 112.47
N LEU YB 117 -34.19 62.29 112.47
CA LEU YB 117 -33.89 61.16 113.35
C LEU YB 117 -32.97 61.63 114.47
N ASP YB 118 -33.32 61.29 115.71
CA ASP YB 118 -32.52 61.67 116.85
C ASP YB 118 -31.76 60.46 117.36
N PRO YB 119 -30.44 60.39 117.20
CA PRO YB 119 -29.68 59.24 117.72
C PRO YB 119 -29.75 59.11 119.24
N THR YB 120 -30.24 60.11 119.95
CA THR YB 120 -30.32 60.09 121.40
C THR YB 120 -31.70 59.68 121.91
N ALA YB 121 -32.58 59.19 121.04
CA ALA YB 121 -33.92 58.79 121.46
C ALA YB 121 -33.84 57.60 122.42
N ALA YB 122 -34.74 57.58 123.39
CA ALA YB 122 -34.76 56.55 124.42
C ALA YB 122 -35.50 55.33 123.87
N ILE YB 123 -34.86 54.60 122.99
CA ILE YB 123 -35.41 53.36 122.44
C ILE YB 123 -35.07 52.22 123.39
N VAL YB 124 -36.08 51.45 123.76
CA VAL YB 124 -35.96 50.47 124.83
C VAL YB 124 -36.40 49.10 124.32
N SER YB 125 -35.87 48.05 124.94
CA SER YB 125 -36.15 46.69 124.51
C SER YB 125 -37.27 46.07 125.33
N SER YB 126 -37.72 44.89 124.89
CA SER YB 126 -38.86 44.23 125.51
C SER YB 126 -38.52 43.57 126.84
N ASP YB 127 -37.33 43.03 126.98
CA ASP YB 127 -36.98 42.28 128.19
C ASP YB 127 -36.90 43.21 129.40
N THR YB 128 -37.19 42.66 130.56
CA THR YB 128 -37.21 43.39 131.83
C THR YB 128 -36.05 42.98 132.71
N THR YB 129 -35.64 43.90 133.57
CA THR YB 129 -34.53 43.66 134.49
C THR YB 129 -35.01 42.97 135.77
N ALA ZB 1 -68.87 20.91 127.63
CA ALA ZB 1 -68.41 22.20 127.13
C ALA ZB 1 -67.26 22.04 126.15
N ASN ZB 2 -67.59 21.68 124.91
CA ASN ZB 2 -66.57 21.49 123.90
C ASN ZB 2 -66.03 22.82 123.41
N LYS ZB 3 -64.79 22.80 122.93
CA LYS ZB 3 -64.14 24.03 122.47
C LYS ZB 3 -64.70 24.46 121.13
N PRO ZB 4 -65.22 25.68 121.01
CA PRO ZB 4 -65.74 26.14 119.71
C PRO ZB 4 -64.60 26.38 118.72
N MET ZB 5 -64.95 26.34 117.44
CA MET ZB 5 -64.02 26.61 116.36
C MET ZB 5 -64.39 27.89 115.64
N GLN ZB 6 -63.45 28.44 114.88
CA GLN ZB 6 -63.65 29.61 114.04
C GLN ZB 6 -63.22 29.30 112.60
N PRO ZB 7 -63.84 29.94 111.61
CA PRO ZB 7 -63.53 29.61 110.21
C PRO ZB 7 -62.20 30.19 109.75
N ILE ZB 8 -61.31 29.32 109.27
CA ILE ZB 8 -60.04 29.79 108.70
C ILE ZB 8 -60.15 30.07 107.21
N THR ZB 9 -61.10 29.45 106.51
CA THR ZB 9 -61.29 29.66 105.08
C THR ZB 9 -62.78 29.74 104.81
N SER ZB 10 -63.22 30.84 104.21
CA SER ZB 10 -64.63 31.04 103.89
C SER ZB 10 -64.76 31.26 102.39
N THR ZB 11 -65.62 30.47 101.76
CA THR ZB 11 -65.87 30.54 100.33
C THR ZB 11 -67.34 30.19 100.09
N ALA ZB 12 -67.86 30.64 98.95
CA ALA ZB 12 -69.26 30.37 98.63
C ALA ZB 12 -69.55 28.88 98.51
N ASN ZB 13 -68.50 28.06 98.31
CA ASN ZB 13 -68.67 26.63 98.15
C ASN ZB 13 -67.96 25.79 99.21
N LYS ZB 14 -67.16 26.40 100.08
CA LYS ZB 14 -66.38 25.63 101.06
C LYS ZB 14 -66.04 26.52 102.25
N ILE ZB 15 -66.29 26.01 103.46
CA ILE ZB 15 -65.90 26.69 104.68
C ILE ZB 15 -65.13 25.69 105.55
N VAL ZB 16 -63.98 26.12 106.06
CA VAL ZB 16 -63.10 25.27 106.86
C VAL ZB 16 -63.00 25.88 108.25
N TRP ZB 17 -63.32 25.09 109.27
CA TRP ZB 17 -63.20 25.49 110.66
C TRP ZB 17 -61.91 24.94 111.26
N SER ZB 18 -61.52 25.48 112.40
CA SER ZB 18 -60.31 25.04 113.10
C SER ZB 18 -60.34 25.51 114.54
N ASP ZB 19 -59.80 24.69 115.42
CA ASP ZB 19 -59.75 25.04 116.84
C ASP ZB 19 -58.62 26.02 117.10
N PRO ZB 20 -58.88 27.12 117.81
CA PRO ZB 20 -57.79 28.07 118.12
C PRO ZB 20 -56.64 27.44 118.89
N THR ZB 21 -56.95 26.53 119.82
CA THR ZB 21 -55.89 25.94 120.63
C THR ZB 21 -55.05 24.95 119.81
N ARG ZB 22 -55.71 24.10 119.03
CA ARG ZB 22 -55.01 23.12 118.20
C ARG ZB 22 -55.40 23.35 116.74
N LEU ZB 23 -54.44 23.81 115.94
CA LEU ZB 23 -54.71 24.06 114.53
C LEU ZB 23 -54.70 22.78 113.73
N SER ZB 24 -54.28 21.68 114.35
CA SER ZB 24 -54.21 20.39 113.67
C SER ZB 24 -55.60 19.86 113.34
N THR ZB 25 -56.58 20.16 114.20
CA THR ZB 25 -57.93 19.66 114.01
C THR ZB 25 -58.75 20.68 113.22
N THR ZB 26 -59.32 20.24 112.10
CA THR ZB 26 -60.13 21.09 111.24
C THR ZB 26 -61.40 20.36 110.84
N PHE ZB 27 -62.43 21.15 110.55
CA PHE ZB 27 -63.71 20.64 110.07
C PHE ZB 27 -64.15 21.49 108.89
N SER ZB 28 -64.40 20.86 107.74
CA SER ZB 28 -64.77 21.59 106.54
C SER ZB 28 -66.01 20.98 105.90
N ALA ZB 29 -66.80 21.84 105.26
CA ALA ZB 29 -68.00 21.43 104.55
C ALA ZB 29 -67.95 22.00 103.14
N SER ZB 30 -68.19 21.16 102.15
CA SER ZB 30 -68.16 21.58 100.75
C SER ZB 30 -69.47 21.15 100.09
N LEU ZB 31 -70.11 22.07 99.38
CA LEU ZB 31 -71.37 21.79 98.71
C LEU ZB 31 -71.20 21.89 97.19
N LEU ZB 32 -71.74 20.91 96.48
CA LEU ZB 32 -71.77 20.92 95.02
C LEU ZB 32 -73.22 20.95 94.58
N ARG ZB 33 -73.57 21.94 93.75
CA ARG ZB 33 -74.94 22.16 93.34
C ARG ZB 33 -75.05 21.94 91.83
N GLN ZB 34 -75.95 21.05 91.44
CA GLN ZB 34 -76.15 20.72 90.03
C GLN ZB 34 -77.63 20.52 89.77
N ARG ZB 35 -78.02 20.73 88.52
CA ARG ZB 35 -79.38 20.41 88.08
C ARG ZB 35 -79.39 19.02 87.45
N VAL ZB 36 -80.32 18.19 87.89
CA VAL ZB 36 -80.43 16.80 87.43
C VAL ZB 36 -81.57 16.70 86.42
N LYS ZB 37 -81.26 16.15 85.25
CA LYS ZB 37 -82.25 15.94 84.20
C LYS ZB 37 -82.89 14.57 84.40
N VAL ZB 38 -84.14 14.57 84.85
CA VAL ZB 38 -84.93 13.36 85.03
C VAL ZB 38 -86.17 13.50 84.17
N GLY ZB 39 -86.67 12.36 83.69
CA GLY ZB 39 -87.84 12.35 82.83
C GLY ZB 39 -89.00 13.15 83.38
N ILE ZB 40 -89.55 14.04 82.55
CA ILE ZB 40 -90.63 14.96 82.88
C ILE ZB 40 -90.47 15.57 84.27
N ALA ZB 41 -89.24 15.92 84.63
CA ALA ZB 41 -88.97 16.55 85.91
C ALA ZB 41 -87.71 17.40 85.80
N GLU ZB 42 -87.66 18.49 86.55
CA GLU ZB 42 -86.49 19.35 86.63
C GLU ZB 42 -86.18 19.62 88.10
N LEU ZB 43 -85.39 18.72 88.70
CA LEU ZB 43 -85.01 18.81 90.11
C LEU ZB 43 -83.50 18.90 90.22
N ASN ZB 44 -83.04 19.65 91.22
CA ASN ZB 44 -81.63 19.98 91.37
C ASN ZB 44 -81.08 19.34 92.64
N ASN ZB 45 -79.97 18.62 92.50
CA ASN ZB 45 -79.37 17.91 93.62
C ASN ZB 45 -78.34 18.79 94.33
N VAL ZB 46 -78.14 18.52 95.60
CA VAL ZB 46 -77.11 19.18 96.40
C VAL ZB 46 -76.28 18.10 97.07
N SER ZB 47 -74.98 18.09 96.79
CA SER ZB 47 -74.06 17.11 97.34
C SER ZB 47 -73.16 17.81 98.36
N GLY ZB 48 -73.19 17.33 99.60
CA GLY ZB 48 -72.42 17.95 100.66
C GLY ZB 48 -71.38 17.05 101.25
N GLN ZB 49 -70.12 17.49 101.26
CA GLN ZB 49 -69.01 16.71 101.77
C GLN ZB 49 -68.54 17.33 103.07
N TYR ZB 50 -68.50 16.53 104.13
CA TYR ZB 50 -68.09 16.96 105.46
C TYR ZB 50 -66.94 16.06 105.93
N VAL ZB 51 -65.83 16.68 106.31
CA VAL ZB 51 -64.65 15.94 106.76
C VAL ZB 51 -64.25 16.46 108.13
N SER ZB 52 -63.88 15.56 109.02
CA SER ZB 52 -63.34 15.89 110.34
C SER ZB 52 -61.99 15.20 110.51
N VAL ZB 53 -60.98 15.98 110.86
CA VAL ZB 53 -59.62 15.46 111.03
C VAL ZB 53 -59.13 15.81 112.42
N TYR ZB 54 -58.50 14.84 113.08
CA TYR ZB 54 -57.87 15.05 114.37
C TYR ZB 54 -56.53 14.34 114.36
N LYS ZB 55 -55.47 15.07 114.71
CA LYS ZB 55 -54.12 14.52 114.65
C LYS ZB 55 -53.73 13.99 116.04
N ARG ZB 56 -54.35 12.84 116.35
CA ARG ZB 56 -54.20 12.26 117.68
C ARG ZB 56 -52.79 11.72 117.88
N PRO ZB 57 -52.21 11.91 119.06
CA PRO ZB 57 -50.89 11.33 119.33
C PRO ZB 57 -50.93 9.81 119.37
N ALA ZB 58 -49.80 9.21 119.01
CA ALA ZB 58 -49.68 7.77 119.06
C ALA ZB 58 -49.77 7.28 120.51
N PRO ZB 59 -50.25 6.06 120.76
CA PRO ZB 59 -50.40 5.61 122.14
C PRO ZB 59 -49.05 5.55 122.87
N LYS ZB 60 -49.06 5.99 124.11
CA LYS ZB 60 -47.84 6.02 124.91
C LYS ZB 60 -47.41 4.60 125.27
N PRO ZB 61 -46.10 4.35 125.34
CA PRO ZB 61 -45.64 3.04 125.83
C PRO ZB 61 -46.04 2.80 127.27
N GLU ZB 62 -46.20 1.54 127.64
CA GLU ZB 62 -46.79 1.16 128.92
C GLU ZB 62 -45.71 1.07 129.99
N GLY ZB 63 -46.05 1.53 131.20
CA GLY ZB 63 -45.21 1.37 132.36
C GLY ZB 63 -44.13 2.41 132.52
N CYS ZB 64 -43.96 3.32 131.57
CA CYS ZB 64 -42.92 4.35 131.63
C CYS ZB 64 -43.53 5.68 131.24
N ALA ZB 65 -43.28 6.72 132.04
CA ALA ZB 65 -43.74 8.06 131.75
C ALA ZB 65 -42.53 8.92 131.40
N ASP ZB 66 -42.39 9.28 130.12
CA ASP ZB 66 -41.27 10.08 129.68
C ASP ZB 66 -41.39 11.50 130.24
N ALA ZB 67 -40.25 12.20 130.28
CA ALA ZB 67 -40.23 13.57 130.79
C ALA ZB 67 -41.07 14.49 129.92
N CYS ZB 68 -40.97 14.34 128.60
CA CYS ZB 68 -41.71 15.17 127.67
C CYS ZB 68 -42.30 14.30 126.57
N VAL ZB 69 -43.42 14.77 125.99
CA VAL ZB 69 -44.10 13.99 124.97
C VAL ZB 69 -43.32 14.05 123.66
N ILE ZB 70 -43.05 12.87 123.10
CA ILE ZB 70 -42.30 12.76 121.85
C ILE ZB 70 -43.04 11.85 120.90
N MET ZB 71 -44.34 11.68 121.11
CA MET ZB 71 -45.11 10.70 120.37
C MET ZB 71 -45.28 11.17 118.93
N PRO ZB 72 -45.04 10.32 117.93
CA PRO ZB 72 -45.27 10.70 116.54
C PRO ZB 72 -46.73 10.58 116.14
N ASN ZB 73 -47.52 11.63 116.43
CA ASN ZB 73 -48.96 11.65 116.23
C ASN ZB 73 -49.42 11.17 114.86
N GLU ZB 74 -50.64 10.64 114.81
CA GLU ZB 74 -51.20 10.00 113.61
C GLU ZB 74 -52.38 10.81 113.08
N ASN ZB 75 -53.04 10.26 112.06
CA ASN ZB 75 -54.14 10.94 111.41
C ASN ZB 75 -55.44 10.17 111.64
N GLN ZB 76 -56.45 10.88 112.13
CA GLN ZB 76 -57.80 10.32 112.30
C GLN ZB 76 -58.75 11.14 111.43
N SER ZB 77 -59.50 10.46 110.57
CA SER ZB 77 -60.36 11.13 109.60
C SER ZB 77 -61.75 10.52 109.60
N ILE ZB 78 -62.76 11.37 109.43
CA ILE ZB 78 -64.14 10.97 109.26
C ILE ZB 78 -64.72 11.80 108.13
N ARG ZB 79 -65.09 11.16 107.03
CA ARG ZB 79 -65.58 11.84 105.84
C ARG ZB 79 -66.97 11.33 105.50
N THR ZB 80 -67.94 12.24 105.49
CA THR ZB 80 -69.33 11.91 105.19
C THR ZB 80 -69.83 12.80 104.05
N VAL ZB 81 -70.44 12.17 103.05
CA VAL ZB 81 -71.00 12.87 101.91
C VAL ZB 81 -72.48 12.54 101.81
N ILE ZB 82 -73.30 13.58 101.66
CA ILE ZB 82 -74.75 13.44 101.57
C ILE ZB 82 -75.18 14.06 100.25
N SER ZB 83 -75.81 13.25 99.40
CA SER ZB 83 -76.25 13.68 98.08
C SER ZB 83 -77.73 13.37 97.92
N GLY ZB 84 -78.51 14.35 97.50
CA GLY ZB 84 -79.92 14.15 97.30
C GLY ZB 84 -80.58 15.44 96.85
N SER ZB 85 -81.77 15.30 96.28
CA SER ZB 85 -82.51 16.44 95.80
C SER ZB 85 -83.02 17.29 96.96
N ALA ZB 86 -83.04 18.60 96.76
CA ALA ZB 86 -83.53 19.49 97.81
C ALA ZB 86 -85.04 19.40 97.96
N GLU ZB 87 -85.73 18.89 96.94
CA GLU ZB 87 -87.19 18.75 97.03
C GLU ZB 87 -87.57 17.72 98.08
N ASN ZB 88 -86.72 16.72 98.29
CA ASN ZB 88 -86.98 15.63 99.22
C ASN ZB 88 -86.17 15.77 100.52
N LEU ZB 89 -86.04 17.00 101.04
CA LEU ZB 89 -85.15 17.24 102.17
C LEU ZB 89 -85.61 16.51 103.42
N ALA ZB 90 -86.92 16.41 103.65
CA ALA ZB 90 -87.41 15.72 104.83
C ALA ZB 90 -87.03 14.25 104.80
N THR ZB 91 -87.23 13.59 103.64
CA THR ZB 91 -86.83 12.20 103.52
C THR ZB 91 -85.33 12.03 103.57
N LEU ZB 92 -84.57 13.02 103.09
CA LEU ZB 92 -83.12 12.95 103.20
C LEU ZB 92 -82.68 13.02 104.66
N LYS ZB 93 -83.36 13.86 105.46
CA LYS ZB 93 -83.05 13.93 106.89
C LYS ZB 93 -83.42 12.64 107.60
N ALA ZB 94 -84.55 12.04 107.23
CA ALA ZB 94 -84.91 10.74 107.78
C ALA ZB 94 -83.86 9.69 107.43
N GLU ZB 95 -83.39 9.70 106.18
CA GLU ZB 95 -82.31 8.80 105.78
C GLU ZB 95 -81.05 9.04 106.59
N TRP ZB 96 -80.75 10.31 106.87
CA TRP ZB 96 -79.57 10.63 107.67
C TRP ZB 96 -79.70 10.06 109.08
N GLU ZB 97 -80.88 10.19 109.68
CA GLU ZB 97 -81.09 9.63 111.02
C GLU ZB 97 -80.94 8.13 111.02
N THR ZB 98 -81.53 7.45 110.02
CA THR ZB 98 -81.40 6.00 109.95
C THR ZB 98 -79.96 5.57 109.71
N HIS ZB 99 -79.23 6.32 108.87
CA HIS ZB 99 -77.83 6.02 108.64
C HIS ZB 99 -77.01 6.18 109.90
N LYS ZB 100 -77.27 7.24 110.67
CA LYS ZB 100 -76.57 7.42 111.94
C LYS ZB 100 -76.85 6.25 112.88
N ARG ZB 101 -78.12 5.81 112.95
CA ARG ZB 101 -78.45 4.70 113.83
C ARG ZB 101 -77.74 3.43 113.41
N ASN ZB 102 -77.71 3.14 112.11
CA ASN ZB 102 -77.06 1.93 111.62
C ASN ZB 102 -75.55 1.98 111.86
N VAL ZB 103 -74.93 3.11 111.60
CA VAL ZB 103 -73.48 3.23 111.80
C VAL ZB 103 -73.15 3.13 113.28
N ASP ZB 104 -74.01 3.67 114.15
CA ASP ZB 104 -73.79 3.52 115.58
C ASP ZB 104 -73.91 2.06 116.01
N THR ZB 105 -74.88 1.35 115.44
CA THR ZB 105 -75.05 -0.06 115.76
C THR ZB 105 -73.83 -0.87 115.34
N LEU ZB 106 -73.29 -0.62 114.15
CA LEU ZB 106 -72.16 -1.39 113.67
C LEU ZB 106 -70.86 -1.00 114.37
N PHE ZB 107 -70.64 0.29 114.58
CA PHE ZB 107 -69.35 0.84 115.00
C PHE ZB 107 -69.34 1.30 116.45
N ALA ZB 108 -70.26 2.18 116.84
CA ALA ZB 108 -70.22 2.77 118.18
C ALA ZB 108 -70.42 1.71 119.25
N SER ZB 109 -71.39 0.82 119.06
CA SER ZB 109 -71.67 -0.24 120.01
C SER ZB 109 -71.16 -1.60 119.55
N GLY ZB 110 -70.62 -1.69 118.34
CA GLY ZB 110 -70.08 -2.93 117.82
C GLY ZB 110 -68.56 -2.91 117.75
N ASN ZB 111 -68.02 -3.89 117.04
CA ASN ZB 111 -66.58 -4.02 116.93
C ASN ZB 111 -66.11 -3.76 115.51
N ALA ZB 112 -66.80 -2.86 114.80
CA ALA ZB 112 -66.39 -2.51 113.45
C ALA ZB 112 -65.08 -1.76 113.44
N GLY ZB 113 -64.80 -1.01 114.51
CA GLY ZB 113 -63.55 -0.27 114.58
C GLY ZB 113 -62.33 -1.18 114.65
N LEU ZB 114 -62.47 -2.32 115.32
CA LEU ZB 114 -61.34 -3.24 115.44
C LEU ZB 114 -61.20 -4.12 114.21
N GLY ZB 115 -62.18 -4.09 113.31
CA GLY ZB 115 -62.10 -4.82 112.07
C GLY ZB 115 -63.12 -5.92 111.88
N PHE ZB 116 -64.11 -6.03 112.75
CA PHE ZB 116 -65.09 -7.10 112.64
C PHE ZB 116 -66.42 -6.59 112.09
N LEU ZB 117 -66.94 -7.29 111.08
CA LEU ZB 117 -68.24 -6.99 110.50
C LEU ZB 117 -69.22 -8.05 111.00
N ASP ZB 118 -70.03 -7.68 111.99
CA ASP ZB 118 -70.99 -8.61 112.57
C ASP ZB 118 -72.12 -8.88 111.60
N PRO ZB 119 -72.36 -10.13 111.19
CA PRO ZB 119 -73.46 -10.39 110.25
C PRO ZB 119 -74.82 -10.57 110.92
N THR ZB 120 -74.89 -10.49 112.25
CA THR ZB 120 -76.16 -10.60 112.95
C THR ZB 120 -76.64 -9.26 113.53
N ALA ZB 121 -76.02 -8.16 113.14
CA ALA ZB 121 -76.37 -6.85 113.70
C ALA ZB 121 -77.78 -6.45 113.27
N ALA ZB 122 -78.44 -5.68 114.12
CA ALA ZB 122 -79.82 -5.24 113.90
C ALA ZB 122 -79.80 -3.97 113.07
N ILE ZB 123 -79.79 -4.13 111.75
CA ILE ZB 123 -79.84 -3.01 110.82
C ILE ZB 123 -81.29 -2.75 110.43
N VAL ZB 124 -81.68 -1.48 110.36
CA VAL ZB 124 -83.05 -1.09 110.08
C VAL ZB 124 -83.08 -0.14 108.90
N SER ZB 125 -84.24 -0.02 108.28
CA SER ZB 125 -84.44 0.92 107.19
C SER ZB 125 -85.14 2.19 107.69
N SER ZB 126 -85.22 3.18 106.80
CA SER ZB 126 -85.90 4.42 107.15
C SER ZB 126 -87.41 4.26 107.16
N ASP ZB 127 -87.95 3.33 106.39
CA ASP ZB 127 -89.39 3.10 106.36
C ASP ZB 127 -89.86 2.52 107.69
N THR ZB 128 -91.06 2.95 108.11
CA THR ZB 128 -91.65 2.52 109.36
C THR ZB 128 -92.93 1.72 109.10
N THR ZB 129 -93.14 0.71 109.93
CA THR ZB 129 -94.33 -0.13 109.83
C THR ZB 129 -95.52 0.55 110.48
N ALA AC 1 -136.68 17.57 53.10
CA ALA AC 1 -136.24 18.80 52.46
C ALA AC 1 -134.75 18.75 52.12
N ASN AC 2 -134.45 18.44 50.86
CA ASN AC 2 -133.07 18.36 50.42
C ASN AC 2 -132.46 19.75 50.31
N LYS AC 3 -131.15 19.83 50.52
CA LYS AC 3 -130.45 21.11 50.49
C LYS AC 3 -130.05 21.46 49.07
N PRO AC 4 -130.50 22.60 48.55
CA PRO AC 4 -130.11 22.99 47.18
C PRO AC 4 -128.61 23.22 47.06
N MET AC 5 -128.08 23.02 45.86
CA MET AC 5 -126.73 23.44 45.52
C MET AC 5 -126.79 24.67 44.65
N GLN AC 6 -125.83 25.57 44.82
CA GLN AC 6 -125.69 26.68 43.89
C GLN AC 6 -124.39 26.51 43.11
N PRO AC 7 -124.36 26.88 41.84
CA PRO AC 7 -123.19 26.54 41.00
C PRO AC 7 -121.95 27.32 41.41
N ILE AC 8 -120.79 26.73 41.14
CA ILE AC 8 -119.52 27.40 41.34
C ILE AC 8 -118.77 27.63 40.03
N THR AC 9 -119.04 26.84 38.99
CA THR AC 9 -118.47 27.05 37.68
C THR AC 9 -119.58 26.92 36.64
N SER AC 10 -119.72 27.94 35.80
CA SER AC 10 -120.77 27.97 34.79
C SER AC 10 -120.16 28.18 33.42
N THR AC 11 -120.47 27.28 32.51
CA THR AC 11 -119.99 27.34 31.14
C THR AC 11 -121.04 26.68 30.23
N ALA AC 12 -121.01 27.05 28.95
CA ALA AC 12 -121.98 26.49 28.01
C ALA AC 12 -121.75 25.00 27.82
N ASN AC 13 -120.56 24.51 28.16
CA ASN AC 13 -120.22 23.11 27.97
C ASN AC 13 -120.12 22.32 29.27
N LYS AC 14 -120.16 22.99 30.42
CA LYS AC 14 -120.00 22.32 31.71
C LYS AC 14 -120.48 23.24 32.82
N ILE AC 15 -121.32 22.71 33.71
CA ILE AC 15 -121.76 23.42 34.90
C ILE AC 15 -121.54 22.49 36.09
N VAL AC 16 -120.93 23.02 37.15
CA VAL AC 16 -120.63 22.25 38.35
C VAL AC 16 -121.36 22.88 39.53
N TRP AC 17 -122.04 22.04 40.31
CA TRP AC 17 -122.74 22.47 41.52
C TRP AC 17 -121.99 21.94 42.73
N SER AC 18 -122.02 22.71 43.82
CA SER AC 18 -121.38 22.31 45.06
C SER AC 18 -122.24 22.70 46.25
N ASP AC 19 -122.26 21.85 47.26
CA ASP AC 19 -123.05 22.12 48.45
C ASP AC 19 -122.38 23.22 49.26
N PRO AC 20 -123.08 24.33 49.54
CA PRO AC 20 -122.45 25.40 50.32
C PRO AC 20 -121.97 24.96 51.69
N THR AC 21 -122.69 24.04 52.33
CA THR AC 21 -122.25 23.51 53.62
C THR AC 21 -121.06 22.57 53.49
N ARG AC 22 -120.98 21.77 52.42
CA ARG AC 22 -119.86 20.88 52.19
C ARG AC 22 -119.45 20.93 50.72
N LEU AC 23 -118.42 21.71 50.40
CA LEU AC 23 -118.02 21.89 49.01
C LEU AC 23 -117.41 20.60 48.43
N SER AC 24 -117.11 19.63 49.31
CA SER AC 24 -116.65 18.33 48.84
C SER AC 24 -117.70 17.57 48.04
N THR AC 25 -118.98 17.88 48.25
CA THR AC 25 -120.05 17.24 47.50
C THR AC 25 -120.31 18.03 46.23
N THR AC 26 -120.12 17.40 45.07
CA THR AC 26 -120.22 18.07 43.79
C THR AC 26 -121.11 17.28 42.84
N PHE AC 27 -121.67 18.00 41.87
CA PHE AC 27 -122.49 17.41 40.82
C PHE AC 27 -122.23 18.18 39.53
N SER AC 28 -121.67 17.50 38.54
CA SER AC 28 -121.22 18.13 37.31
C SER AC 28 -121.94 17.55 36.10
N ALA AC 29 -122.28 18.41 35.15
CA ALA AC 29 -122.91 18.02 33.90
C ALA AC 29 -122.10 18.59 32.75
N SER AC 30 -121.69 17.72 31.82
CA SER AC 30 -120.89 18.12 30.67
C SER AC 30 -121.56 17.60 29.40
N LEU AC 31 -121.66 18.46 28.39
CA LEU AC 31 -122.26 18.11 27.12
C LEU AC 31 -121.22 18.12 26.01
N LEU AC 32 -121.24 17.08 25.18
CA LEU AC 32 -120.40 16.99 24.00
C LEU AC 32 -121.29 16.67 22.81
N ARG AC 33 -121.21 17.50 21.77
CA ARG AC 33 -122.11 17.41 20.63
C ARG AC 33 -121.32 17.22 19.34
N GLN AC 34 -121.72 16.23 18.55
CA GLN AC 34 -121.12 15.96 17.24
C GLN AC 34 -122.22 15.70 16.23
N ARG AC 35 -121.88 15.86 14.96
CA ARG AC 35 -122.78 15.54 13.86
C ARG AC 35 -122.39 14.17 13.31
N VAL AC 36 -123.35 13.25 13.27
CA VAL AC 36 -123.12 11.88 12.83
C VAL AC 36 -124.01 11.59 11.64
N LYS AC 37 -123.42 11.08 10.55
CA LYS AC 37 -124.16 10.77 9.33
C LYS AC 37 -124.59 9.31 9.37
N VAL AC 38 -125.72 9.06 10.04
CA VAL AC 38 -126.24 7.71 10.15
C VAL AC 38 -127.07 7.35 8.93
N GLY AC 39 -128.10 8.13 8.64
CA GLY AC 39 -129.05 7.82 7.60
C GLY AC 39 -128.99 8.80 6.44
N ILE AC 40 -127.78 9.11 6.00
CA ILE AC 40 -127.43 10.11 4.99
C ILE AC 40 -128.08 11.44 5.35
N ALA AC 41 -128.44 11.60 6.63
CA ALA AC 41 -128.92 12.84 7.19
C ALA AC 41 -128.12 13.13 8.45
N GLU AC 42 -127.66 14.37 8.59
CA GLU AC 42 -126.75 14.73 9.69
C GLU AC 42 -127.54 14.85 10.98
N LEU AC 43 -127.63 13.74 11.70
CA LEU AC 43 -128.22 13.75 13.02
C LEU AC 43 -127.28 14.41 14.02
N ASN AC 44 -127.84 15.15 14.97
CA ASN AC 44 -127.05 15.88 15.96
C ASN AC 44 -127.01 15.10 17.27
N ASN AC 45 -125.96 14.31 17.40
CA ASN AC 45 -125.77 13.50 18.60
C ASN AC 45 -125.38 14.38 19.78
N VAL AC 46 -125.95 14.07 20.94
CA VAL AC 46 -125.62 14.77 22.18
C VAL AC 46 -125.19 13.73 23.21
N SER AC 47 -124.01 13.93 23.78
CA SER AC 47 -123.44 13.01 24.75
C SER AC 47 -123.25 13.76 26.06
N GLY AC 48 -124.18 13.58 26.99
CA GLY AC 48 -124.14 14.24 28.28
C GLY AC 48 -123.56 13.34 29.35
N GLN AC 49 -122.57 13.87 30.07
CA GLN AC 49 -121.91 13.16 31.16
C GLN AC 49 -122.29 13.82 32.47
N TYR AC 50 -122.85 13.04 33.39
CA TYR AC 50 -123.28 13.52 34.69
C TYR AC 50 -122.49 12.77 35.76
N VAL AC 51 -121.84 13.51 36.66
CA VAL AC 51 -121.00 12.93 37.70
C VAL AC 51 -121.43 13.50 39.05
N SER AC 52 -121.73 12.61 39.99
CA SER AC 52 -122.03 12.99 41.35
C SER AC 52 -120.96 12.41 42.28
N VAL AC 53 -120.30 13.28 43.02
CA VAL AC 53 -119.20 12.89 43.89
C VAL AC 53 -119.53 13.29 45.32
N TYR AC 54 -119.46 12.33 46.24
CA TYR AC 54 -119.64 12.58 47.66
C TYR AC 54 -118.50 11.97 48.43
N LYS AC 55 -117.77 12.79 49.17
CA LYS AC 55 -116.66 12.33 50.00
C LYS AC 55 -117.24 11.97 51.37
N ARG AC 56 -117.48 10.69 51.58
CA ARG AC 56 -118.14 10.19 52.78
C ARG AC 56 -117.11 9.68 53.77
N PRO AC 57 -117.15 10.11 55.03
CA PRO AC 57 -116.20 9.58 56.01
C PRO AC 57 -116.67 8.26 56.60
N ALA AC 58 -115.83 7.23 56.47
CA ALA AC 58 -116.16 5.89 56.92
C ALA AC 58 -115.03 5.29 57.75
N PRO AC 59 -114.74 5.86 58.92
CA PRO AC 59 -113.93 5.11 59.90
C PRO AC 59 -114.65 3.86 60.36
N LYS AC 60 -115.99 3.92 60.40
CA LYS AC 60 -116.89 2.83 60.75
C LYS AC 60 -116.53 2.19 62.08
N PRO AC 61 -116.57 2.92 63.19
CA PRO AC 61 -116.42 2.29 64.51
C PRO AC 61 -117.73 1.66 64.94
N GLU AC 62 -117.78 0.34 64.91
CA GLU AC 62 -119.03 -0.39 65.12
C GLU AC 62 -119.46 -0.31 66.58
N GLY AC 63 -120.36 0.62 66.85
CA GLY AC 63 -120.95 0.76 68.18
C GLY AC 63 -120.30 1.75 69.13
N CYS AC 64 -119.09 2.20 68.80
CA CYS AC 64 -118.35 3.05 69.72
C CYS AC 64 -118.13 4.41 69.08
N ALA AC 65 -118.46 5.46 69.83
CA ALA AC 65 -118.27 6.84 69.42
C ALA AC 65 -118.35 7.74 70.65
N ASP AC 66 -117.25 8.40 70.96
CA ASP AC 66 -117.20 9.25 72.15
C ASP AC 66 -116.86 10.69 71.85
N ALA AC 67 -115.93 10.93 70.93
CA ALA AC 67 -115.52 12.29 70.57
C ALA AC 67 -115.22 12.31 69.08
N CYS AC 68 -114.98 13.51 68.55
CA CYS AC 68 -114.70 13.65 67.12
C CYS AC 68 -113.20 13.54 66.88
N VAL AC 69 -112.81 12.51 66.14
CA VAL AC 69 -111.44 12.31 65.69
C VAL AC 69 -111.42 12.68 64.22
N ILE AC 70 -110.24 12.87 63.63
CA ILE AC 70 -110.15 13.15 62.20
C ILE AC 70 -110.82 12.04 61.40
N MET AC 71 -111.72 12.44 60.51
CA MET AC 71 -112.36 11.50 59.61
C MET AC 71 -111.46 11.23 58.40
N PRO AC 72 -111.07 9.97 58.17
CA PRO AC 72 -110.52 9.62 56.86
C PRO AC 72 -111.66 9.42 55.86
N ASN AC 73 -111.52 9.93 54.65
CA ASN AC 73 -112.62 9.97 53.70
C ASN AC 73 -112.38 9.04 52.53
N GLU AC 74 -113.46 8.43 52.05
CA GLU AC 74 -113.48 7.67 50.82
C GLU AC 74 -114.37 8.39 49.82
N ASN AC 75 -114.20 8.08 48.53
CA ASN AC 75 -114.94 8.74 47.47
C ASN AC 75 -116.08 7.87 46.98
N GLN AC 76 -117.30 8.42 47.00
CA GLN AC 76 -118.46 7.78 46.41
C GLN AC 76 -118.81 8.53 45.14
N SER AC 77 -118.73 7.85 44.00
CA SER AC 77 -118.94 8.47 42.71
C SER AC 77 -120.00 7.72 41.92
N ILE AC 78 -120.89 8.47 41.29
CA ILE AC 78 -121.90 7.93 40.38
C ILE AC 78 -121.80 8.71 39.08
N ARG AC 79 -121.49 8.02 37.99
CA ARG AC 79 -121.24 8.66 36.70
C ARG AC 79 -122.18 8.07 35.66
N THR AC 80 -122.90 8.94 34.95
CA THR AC 80 -123.85 8.53 33.94
C THR AC 80 -123.55 9.24 32.63
N VAL AC 81 -123.58 8.50 31.53
CA VAL AC 81 -123.34 9.05 30.19
C VAL AC 81 -124.53 8.64 29.32
N ILE AC 82 -125.18 9.63 28.72
CA ILE AC 82 -126.33 9.41 27.84
C ILE AC 82 -125.97 9.91 26.46
N SER AC 83 -126.02 9.02 25.47
CA SER AC 83 -125.67 9.35 24.10
C SER AC 83 -126.85 9.01 23.20
N GLY AC 84 -127.20 9.92 22.32
CA GLY AC 84 -128.31 9.70 21.40
C GLY AC 84 -128.63 10.89 20.54
N SER AC 85 -129.36 10.67 19.45
CA SER AC 85 -129.72 11.77 18.56
C SER AC 85 -130.76 12.66 19.22
N ALA AC 86 -130.67 13.96 18.94
CA ALA AC 86 -131.64 14.91 19.51
C ALA AC 86 -133.02 14.71 18.90
N GLU AC 87 -133.09 14.11 17.71
CA GLU AC 87 -134.37 13.94 17.05
C GLU AC 87 -135.16 12.77 17.63
N ASN AC 88 -134.56 12.00 18.52
CA ASN AC 88 -135.19 10.85 19.15
C ASN AC 88 -135.23 11.01 20.67
N LEU AC 89 -135.63 12.20 21.13
CA LEU AC 89 -135.59 12.50 22.56
C LEU AC 89 -136.59 11.66 23.33
N ALA AC 90 -137.78 11.43 22.76
CA ALA AC 90 -138.79 10.64 23.46
C ALA AC 90 -138.32 9.22 23.69
N THR AC 91 -137.74 8.60 22.65
CA THR AC 91 -137.18 7.26 22.80
C THR AC 91 -136.01 7.25 23.76
N LEU AC 92 -135.17 8.29 23.74
CA LEU AC 92 -134.06 8.35 24.67
C LEU AC 92 -134.54 8.45 26.12
N LYS AC 93 -135.61 9.21 26.35
CA LYS AC 93 -136.19 9.30 27.70
C LYS AC 93 -136.79 7.97 28.13
N ALA AC 94 -137.45 7.27 27.21
CA ALA AC 94 -137.96 5.93 27.53
C ALA AC 94 -136.81 4.99 27.88
N GLU AC 95 -135.71 5.08 27.14
CA GLU AC 95 -134.53 4.29 27.46
C GLU AC 95 -133.98 4.64 28.83
N TRP AC 96 -134.00 5.93 29.18
CA TRP AC 96 -133.54 6.36 30.50
C TRP AC 96 -134.41 5.78 31.60
N GLU AC 97 -135.72 5.79 31.41
CA GLU AC 97 -136.61 5.20 32.40
C GLU AC 97 -136.37 3.70 32.56
N THR AC 98 -136.21 2.99 31.43
CA THR AC 98 -135.94 1.56 31.50
C THR AC 98 -134.61 1.28 32.18
N HIS AC 99 -133.59 2.08 31.87
CA HIS AC 99 -132.29 1.92 32.51
C HIS AC 99 -132.38 2.14 34.01
N LYS AC 100 -133.13 3.16 34.43
CA LYS AC 100 -133.32 3.39 35.86
C LYS AC 100 -133.99 2.20 36.51
N ARG AC 101 -135.03 1.66 35.87
CA ARG AC 101 -135.73 0.51 36.45
C ARG AC 101 -134.83 -0.70 36.57
N ASN AC 102 -134.03 -0.97 35.53
CA ASN AC 102 -133.14 -2.13 35.55
C ASN AC 102 -132.04 -1.97 36.60
N VAL AC 103 -131.44 -0.78 36.68
CA VAL AC 103 -130.41 -0.56 37.68
C VAL AC 103 -131.00 -0.66 39.07
N ASP AC 104 -132.24 -0.22 39.25
CA ASP AC 104 -132.91 -0.37 40.54
C ASP AC 104 -133.08 -1.85 40.89
N THR AC 105 -133.61 -2.64 39.96
CA THR AC 105 -133.89 -4.04 40.28
C THR AC 105 -132.60 -4.83 40.48
N LEU AC 106 -131.48 -4.33 39.96
CA LEU AC 106 -130.20 -4.99 40.24
C LEU AC 106 -129.57 -4.51 41.55
N PHE AC 107 -129.58 -3.20 41.81
CA PHE AC 107 -128.80 -2.57 42.86
C PHE AC 107 -129.63 -2.27 44.10
N ALA AC 108 -130.72 -1.51 43.95
CA ALA AC 108 -131.47 -1.05 45.12
C ALA AC 108 -132.18 -2.22 45.80
N SER AC 109 -132.85 -3.07 45.02
CA SER AC 109 -133.56 -4.21 45.58
C SER AC 109 -132.72 -5.49 45.58
N GLY AC 110 -131.52 -5.46 45.02
CA GLY AC 110 -130.65 -6.62 45.00
C GLY AC 110 -129.43 -6.43 45.86
N ASN AC 111 -128.43 -7.27 45.60
CA ASN AC 111 -127.15 -7.24 46.32
C ASN AC 111 -125.99 -6.89 45.40
N ALA AC 112 -126.24 -6.05 44.39
CA ALA AC 112 -125.19 -5.70 43.43
C ALA AC 112 -124.10 -4.85 44.08
N GLY AC 113 -124.45 -4.04 45.09
CA GLY AC 113 -123.46 -3.20 45.72
C GLY AC 113 -122.45 -4.00 46.53
N LEU AC 114 -122.83 -5.19 46.97
CA LEU AC 114 -121.95 -6.02 47.76
C LEU AC 114 -121.08 -6.91 46.87
N GLY AC 115 -121.25 -6.78 45.56
CA GLY AC 115 -120.48 -7.58 44.63
C GLY AC 115 -121.14 -8.89 44.24
N PHE AC 116 -122.41 -8.82 43.84
CA PHE AC 116 -123.18 -10.01 43.49
C PHE AC 116 -123.98 -9.75 42.22
N LEU AC 117 -124.15 -10.80 41.43
CA LEU AC 117 -125.02 -10.77 40.26
C LEU AC 117 -126.11 -11.81 40.45
N ASP AC 118 -127.35 -11.42 40.16
CA ASP AC 118 -128.47 -12.33 40.29
C ASP AC 118 -129.00 -12.65 38.90
N PRO AC 119 -128.68 -13.82 38.33
CA PRO AC 119 -129.09 -14.10 36.94
C PRO AC 119 -130.60 -14.17 36.72
N THR AC 120 -131.39 -14.42 37.76
CA THR AC 120 -132.83 -14.54 37.60
C THR AC 120 -133.57 -13.23 37.82
N ALA AC 121 -132.85 -12.11 37.97
CA ALA AC 121 -133.50 -10.83 38.15
C ALA AC 121 -134.32 -10.45 36.93
N ALA AC 122 -135.42 -9.74 37.17
CA ALA AC 122 -136.37 -9.40 36.11
C ALA AC 122 -135.91 -8.13 35.40
N ILE AC 123 -135.12 -8.32 34.36
CA ILE AC 123 -134.67 -7.24 33.50
C ILE AC 123 -135.64 -7.10 32.34
N VAL AC 124 -136.05 -5.86 32.05
CA VAL AC 124 -137.07 -5.60 31.03
C VAL AC 124 -136.53 -4.59 30.03
N SER AC 125 -137.08 -4.63 28.83
CA SER AC 125 -136.72 -3.70 27.77
C SER AC 125 -137.69 -2.53 27.73
N SER AC 126 -137.33 -1.52 26.92
CA SER AC 126 -138.17 -0.34 26.80
C SER AC 126 -139.42 -0.61 25.96
N ASP AC 127 -139.38 -1.58 25.06
CA ASP AC 127 -140.52 -1.88 24.23
C ASP AC 127 -141.65 -2.51 25.05
N THR AC 128 -142.88 -2.27 24.62
CA THR AC 128 -144.05 -2.80 25.28
C THR AC 128 -144.71 -3.86 24.40
N THR AC 129 -145.62 -4.61 25.01
CA THR AC 129 -146.33 -5.67 24.30
C THR AC 129 -147.58 -5.12 23.62
N ALA BC 1 -145.36 34.48 13.46
CA ALA BC 1 -144.80 33.89 14.67
C ALA BC 1 -143.66 32.94 14.35
N ASN BC 2 -142.51 33.51 13.99
CA ASN BC 2 -141.35 32.70 13.65
C ASN BC 2 -140.78 32.04 14.88
N LYS BC 3 -140.18 30.87 14.70
CA LYS BC 3 -139.70 30.07 15.82
C LYS BC 3 -138.51 30.75 16.51
N PRO BC 4 -138.53 30.91 17.83
CA PRO BC 4 -137.41 31.55 18.50
C PRO BC 4 -136.23 30.60 18.69
N MET BC 5 -135.07 31.20 18.94
CA MET BC 5 -133.84 30.46 19.16
C MET BC 5 -133.31 30.71 20.57
N GLN BC 6 -132.49 29.77 21.05
CA GLN BC 6 -131.80 29.85 22.33
C GLN BC 6 -130.31 29.60 22.15
N PRO BC 7 -129.46 30.26 22.94
CA PRO BC 7 -128.02 30.06 22.79
C PRO BC 7 -127.60 28.66 23.21
N ILE BC 8 -126.63 28.10 22.50
CA ILE BC 8 -126.12 26.77 22.75
C ILE BC 8 -124.69 26.81 23.27
N THR BC 9 -123.83 27.61 22.65
CA THR BC 9 -122.48 27.87 23.13
C THR BC 9 -122.30 29.36 23.33
N SER BC 10 -121.80 29.73 24.51
CA SER BC 10 -121.78 31.13 24.91
C SER BC 10 -120.38 31.54 25.32
N THR BC 11 -119.86 32.54 24.61
CA THR BC 11 -118.64 33.23 24.99
C THR BC 11 -118.81 34.71 24.65
N ALA BC 12 -118.23 35.57 25.48
CA ALA BC 12 -118.37 37.01 25.25
C ALA BC 12 -117.80 37.40 23.89
N ASN BC 13 -116.79 36.66 23.42
CA ASN BC 13 -116.26 36.91 22.08
C ASN BC 13 -117.16 36.33 21.00
N LYS BC 14 -117.87 35.23 21.28
CA LYS BC 14 -118.63 34.53 20.27
C LYS BC 14 -119.82 33.80 20.90
N ILE BC 15 -121.02 34.10 20.43
CA ILE BC 15 -122.24 33.43 20.87
C ILE BC 15 -122.94 32.87 19.64
N VAL BC 16 -123.35 31.61 19.73
CA VAL BC 16 -124.05 30.93 18.64
C VAL BC 16 -125.43 30.53 19.12
N TRP BC 17 -126.45 30.85 18.32
CA TRP BC 17 -127.82 30.47 18.60
C TRP BC 17 -128.19 29.24 17.78
N SER BC 18 -129.24 28.54 18.21
CA SER BC 18 -129.70 27.37 17.50
C SER BC 18 -131.18 27.16 17.77
N ASP BC 19 -131.86 26.53 16.82
CA ASP BC 19 -133.29 26.26 16.96
C ASP BC 19 -133.47 24.91 17.64
N PRO BC 20 -134.19 24.83 18.77
CA PRO BC 20 -134.42 23.53 19.41
C PRO BC 20 -135.06 22.50 18.50
N THR BC 21 -135.98 22.89 17.64
CA THR BC 21 -136.64 21.95 16.74
C THR BC 21 -135.75 21.51 15.58
N ARG BC 22 -134.83 22.36 15.13
CA ARG BC 22 -133.92 22.02 14.05
C ARG BC 22 -132.53 22.53 14.44
N LEU BC 23 -131.69 21.64 14.97
CA LEU BC 23 -130.39 22.05 15.47
C LEU BC 23 -129.44 22.47 14.36
N SER BC 24 -129.79 22.21 13.10
CA SER BC 24 -128.92 22.59 11.99
C SER BC 24 -128.98 24.09 11.69
N THR BC 25 -129.99 24.79 12.17
CA THR BC 25 -130.12 26.23 11.96
C THR BC 25 -129.35 26.96 13.06
N THR BC 26 -128.32 27.70 12.66
CA THR BC 26 -127.46 28.40 13.61
C THR BC 26 -127.32 29.86 13.19
N PHE BC 27 -127.12 30.71 14.20
CA PHE BC 27 -126.82 32.12 13.99
C PHE BC 27 -125.71 32.51 14.94
N SER BC 28 -124.56 32.89 14.38
CA SER BC 28 -123.37 33.16 15.16
C SER BC 28 -123.03 34.65 15.12
N ALA BC 29 -122.70 35.21 16.28
CA ALA BC 29 -122.28 36.59 16.39
C ALA BC 29 -120.92 36.61 17.08
N SER BC 30 -119.92 37.19 16.41
CA SER BC 30 -118.57 37.27 16.93
C SER BC 30 -118.08 38.71 16.82
N LEU BC 31 -117.59 39.26 17.92
CA LEU BC 31 -117.07 40.62 17.97
C LEU BC 31 -115.58 40.59 18.28
N LEU BC 32 -114.81 41.30 17.47
CA LEU BC 32 -113.38 41.47 17.69
C LEU BC 32 -113.08 42.94 17.85
N ARG BC 33 -112.50 43.32 18.98
CA ARG BC 33 -112.25 44.72 19.31
C ARG BC 33 -110.75 44.97 19.40
N GLN BC 34 -110.30 46.05 18.76
CA GLN BC 34 -108.90 46.43 18.75
C GLN BC 34 -108.80 47.95 18.82
N ARG BC 35 -107.75 48.44 19.45
CA ARG BC 35 -107.52 49.88 19.61
C ARG BC 35 -106.68 50.36 18.44
N VAL BC 36 -107.32 50.53 17.29
CA VAL BC 36 -106.67 51.06 16.10
C VAL BC 36 -106.81 52.57 16.09
N LYS BC 37 -105.77 53.26 16.56
CA LYS BC 37 -105.85 54.70 16.70
C LYS BC 37 -105.22 55.42 15.52
N VAL BC 38 -105.95 56.38 14.97
CA VAL BC 38 -105.46 57.25 13.91
C VAL BC 38 -104.62 58.35 14.56
N GLY BC 39 -103.91 59.12 13.74
CA GLY BC 39 -103.04 60.17 14.24
C GLY BC 39 -103.72 61.14 15.18
N ILE BC 40 -103.03 61.43 16.30
CA ILE BC 40 -103.46 62.36 17.35
C ILE BC 40 -104.92 62.14 17.75
N ALA BC 41 -105.38 60.89 17.68
CA ALA BC 41 -106.73 60.55 18.09
C ALA BC 41 -106.74 59.12 18.61
N GLU BC 42 -107.76 58.82 19.42
CA GLU BC 42 -107.97 57.49 19.98
C GLU BC 42 -109.28 56.94 19.47
N LEU BC 43 -109.26 55.74 18.92
CA LEU BC 43 -110.44 55.11 18.33
C LEU BC 43 -110.50 53.65 18.75
N ASN BC 44 -111.67 53.22 19.18
CA ASN BC 44 -111.92 51.81 19.50
C ASN BC 44 -112.70 51.18 18.35
N ASN BC 45 -112.07 50.23 17.67
CA ASN BC 45 -112.64 49.58 16.50
C ASN BC 45 -113.28 48.26 16.90
N VAL BC 46 -114.52 48.06 16.46
CA VAL BC 46 -115.29 46.85 16.77
C VAL BC 46 -115.67 46.21 15.45
N SER BC 47 -115.05 45.08 15.12
CA SER BC 47 -115.37 44.33 13.92
C SER BC 47 -116.40 43.26 14.27
N GLY BC 48 -117.56 43.33 13.64
CA GLY BC 48 -118.63 42.40 13.95
C GLY BC 48 -118.95 41.43 12.82
N GLN BC 49 -118.85 40.13 13.09
CA GLN BC 49 -119.11 39.10 12.11
C GLN BC 49 -120.37 38.34 12.54
N TYR BC 50 -121.36 38.30 11.64
CA TYR BC 50 -122.62 37.62 11.89
C TYR BC 50 -122.86 36.62 10.78
N VAL BC 51 -123.03 35.35 11.14
CA VAL BC 51 -123.21 34.26 10.19
C VAL BC 51 -124.50 33.53 10.50
N SER BC 52 -125.36 33.38 9.50
CA SER BC 52 -126.57 32.60 9.61
C SER BC 52 -126.50 31.41 8.66
N VAL BC 53 -126.74 30.22 9.19
CA VAL BC 53 -126.59 28.97 8.44
C VAL BC 53 -127.89 28.19 8.51
N TYR BC 54 -128.37 27.73 7.35
CA TYR BC 54 -129.56 26.90 7.26
C TYR BC 54 -129.32 25.83 6.22
N LYS BC 55 -129.70 24.60 6.55
CA LYS BC 55 -129.57 23.46 5.64
C LYS BC 55 -130.96 23.09 5.14
N ARG BC 56 -131.25 23.49 3.90
CA ARG BC 56 -132.56 23.31 3.30
C ARG BC 56 -132.53 22.20 2.27
N PRO BC 57 -133.54 21.32 2.24
CA PRO BC 57 -133.54 20.26 1.24
C PRO BC 57 -133.61 20.79 -0.17
N ALA BC 58 -133.04 20.03 -1.10
CA ALA BC 58 -133.08 20.41 -2.50
C ALA BC 58 -134.52 20.42 -2.98
N PRO BC 59 -134.82 21.18 -4.04
CA PRO BC 59 -136.22 21.26 -4.50
C PRO BC 59 -136.70 19.94 -5.09
N LYS BC 60 -137.86 19.49 -4.65
CA LYS BC 60 -138.48 18.27 -5.14
C LYS BC 60 -138.97 18.46 -6.56
N PRO BC 61 -139.11 17.38 -7.35
CA PRO BC 61 -139.65 17.51 -8.71
C PRO BC 61 -140.99 18.23 -8.74
N GLU BC 62 -141.18 19.11 -9.72
CA GLU BC 62 -142.37 19.96 -9.75
C GLU BC 62 -143.64 19.14 -9.89
N GLY BC 63 -143.63 18.13 -10.75
CA GLY BC 63 -144.80 17.28 -10.92
C GLY BC 63 -144.75 16.05 -10.04
N CYS BC 64 -144.63 16.24 -8.73
CA CYS BC 64 -144.52 15.14 -7.79
C CYS BC 64 -145.57 15.29 -6.70
N ALA BC 65 -146.27 14.20 -6.40
CA ALA BC 65 -147.24 14.16 -5.32
C ALA BC 65 -146.97 13.05 -4.31
N ASP BC 66 -145.76 12.48 -4.30
CA ASP BC 66 -145.46 11.39 -3.38
C ASP BC 66 -145.46 11.90 -1.95
N ALA BC 67 -145.85 11.03 -1.02
CA ALA BC 67 -145.98 11.40 0.38
C ALA BC 67 -144.66 11.85 0.99
N CYS BC 68 -143.67 10.94 1.03
CA CYS BC 68 -142.40 11.22 1.68
C CYS BC 68 -141.24 10.71 0.82
N VAL BC 69 -140.55 11.64 0.17
CA VAL BC 69 -139.30 11.35 -0.52
C VAL BC 69 -138.32 12.45 -0.14
N ILE BC 70 -137.29 12.10 0.63
CA ILE BC 70 -136.37 13.08 1.19
C ILE BC 70 -135.07 13.04 0.42
N MET BC 71 -134.62 14.20 -0.06
CA MET BC 71 -133.35 14.32 -0.76
C MET BC 71 -132.40 15.18 0.07
N PRO BC 72 -131.08 15.01 -0.08
CA PRO BC 72 -130.14 15.58 0.89
C PRO BC 72 -130.15 17.10 0.88
N ASN BC 73 -129.69 17.66 2.00
CA ASN BC 73 -129.74 19.08 2.28
C ASN BC 73 -128.57 19.80 1.59
N GLU BC 74 -128.81 21.07 1.26
CA GLU BC 74 -127.78 21.95 0.73
C GLU BC 74 -127.47 23.01 1.75
N ASN BC 75 -126.29 23.60 1.66
CA ASN BC 75 -125.86 24.59 2.66
C ASN BC 75 -126.20 26.00 2.18
N GLN BC 76 -126.97 26.72 2.99
CA GLN BC 76 -127.30 28.12 2.74
C GLN BC 76 -126.61 28.96 3.80
N SER BC 77 -125.72 29.85 3.37
CA SER BC 77 -124.92 30.65 4.28
C SER BC 77 -125.06 32.12 3.93
N ILE BC 78 -125.31 32.94 4.96
CA ILE BC 78 -125.37 34.39 4.84
C ILE BC 78 -124.45 34.97 5.91
N ARG BC 79 -123.46 35.74 5.48
CA ARG BC 79 -122.42 36.25 6.36
C ARG BC 79 -122.26 37.75 6.16
N THR BC 80 -122.29 38.50 7.25
CA THR BC 80 -122.11 39.94 7.24
C THR BC 80 -121.00 40.34 8.21
N VAL BC 81 -120.13 41.24 7.76
CA VAL BC 81 -119.03 41.75 8.57
C VAL BC 81 -119.15 43.26 8.61
N ILE BC 82 -119.20 43.82 9.80
CA ILE BC 82 -119.31 45.26 10.01
C ILE BC 82 -118.09 45.72 10.80
N SER BC 83 -117.33 46.66 10.23
CA SER BC 83 -116.12 47.17 10.86
C SER BC 83 -116.22 48.69 10.95
N GLY BC 84 -116.01 49.23 12.15
CA GLY BC 84 -116.06 50.66 12.35
C GLY BC 84 -115.76 51.08 13.77
N SER BC 85 -115.42 52.35 13.96
CA SER BC 85 -115.12 52.84 15.30
C SER BC 85 -116.39 52.98 16.12
N ALA BC 86 -116.27 52.78 17.43
CA ALA BC 86 -117.42 52.89 18.31
C ALA BC 86 -117.95 54.32 18.38
N GLU BC 87 -117.09 55.30 18.07
CA GLU BC 87 -117.50 56.70 18.15
C GLU BC 87 -118.49 57.05 17.05
N ASN BC 88 -118.53 56.26 15.98
CA ASN BC 88 -119.36 56.54 14.82
C ASN BC 88 -120.54 55.59 14.70
N LEU BC 89 -121.15 55.21 15.82
CA LEU BC 89 -122.17 54.16 15.79
C LEU BC 89 -123.41 54.59 15.02
N ALA BC 90 -123.86 55.83 15.20
CA ALA BC 90 -125.09 56.27 14.55
C ALA BC 90 -124.92 56.31 13.03
N THR BC 91 -123.82 56.90 12.56
CA THR BC 91 -123.60 56.98 11.13
C THR BC 91 -123.27 55.61 10.54
N LEU BC 92 -122.67 54.72 11.33
CA LEU BC 92 -122.48 53.34 10.87
C LEU BC 92 -123.83 52.65 10.72
N LYS BC 93 -124.77 52.93 11.61
CA LYS BC 93 -126.11 52.39 11.46
C LYS BC 93 -126.78 52.93 10.20
N ALA BC 94 -126.59 54.21 9.91
CA ALA BC 94 -127.11 54.77 8.66
C ALA BC 94 -126.48 54.08 7.45
N GLU BC 95 -125.17 53.83 7.50
CA GLU BC 95 -124.49 53.10 6.43
C GLU BC 95 -125.07 51.70 6.29
N TRP BC 96 -125.39 51.05 7.41
CA TRP BC 96 -125.96 49.71 7.38
C TRP BC 96 -127.35 49.72 6.76
N GLU BC 97 -128.15 50.75 7.04
CA GLU BC 97 -129.46 50.88 6.39
C GLU BC 97 -129.31 51.07 4.89
N THR BC 98 -128.37 51.91 4.47
CA THR BC 98 -128.13 52.10 3.04
C THR BC 98 -127.64 50.80 2.40
N HIS BC 99 -126.81 50.05 3.11
CA HIS BC 99 -126.38 48.75 2.63
C HIS BC 99 -127.55 47.80 2.46
N LYS BC 100 -128.48 47.80 3.42
CA LYS BC 100 -129.72 47.03 3.25
C LYS BC 100 -130.40 47.40 1.95
N ARG BC 101 -130.60 48.70 1.72
CA ARG BC 101 -131.36 49.13 0.55
C ARG BC 101 -130.67 48.68 -0.72
N ASN BC 102 -129.35 48.83 -0.79
CA ASN BC 102 -128.62 48.47 -2.00
C ASN BC 102 -128.65 46.97 -2.26
N VAL BC 103 -128.38 46.16 -1.22
CA VAL BC 103 -128.35 44.72 -1.42
C VAL BC 103 -129.75 44.20 -1.74
N ASP BC 104 -130.78 44.82 -1.15
CA ASP BC 104 -132.15 44.45 -1.49
C ASP BC 104 -132.46 44.77 -2.94
N THR BC 105 -132.02 45.94 -3.42
CA THR BC 105 -132.23 46.29 -4.81
C THR BC 105 -131.57 45.29 -5.75
N LEU BC 106 -130.34 44.88 -5.42
CA LEU BC 106 -129.65 43.94 -6.31
C LEU BC 106 -130.18 42.51 -6.20
N PHE BC 107 -130.65 42.10 -5.03
CA PHE BC 107 -130.91 40.69 -4.76
C PHE BC 107 -132.39 40.37 -4.62
N ALA BC 108 -133.10 41.08 -3.73
CA ALA BC 108 -134.49 40.76 -3.47
C ALA BC 108 -135.37 41.07 -4.68
N SER BC 109 -135.17 42.25 -5.29
CA SER BC 109 -135.93 42.64 -6.47
C SER BC 109 -135.16 42.45 -7.76
N GLY BC 110 -133.93 41.94 -7.70
CA GLY BC 110 -133.12 41.74 -8.88
C GLY BC 110 -132.94 40.27 -9.24
N ASN BC 111 -131.86 40.00 -9.95
CA ASN BC 111 -131.53 38.64 -10.39
C ASN BC 111 -130.14 38.21 -9.95
N ALA BC 112 -129.57 38.91 -8.97
CA ALA BC 112 -128.24 38.55 -8.48
C ALA BC 112 -128.25 37.16 -7.84
N GLY BC 113 -129.38 36.76 -7.27
CA GLY BC 113 -129.49 35.42 -6.73
C GLY BC 113 -129.35 34.32 -7.77
N LEU BC 114 -129.94 34.51 -8.95
CA LEU BC 114 -129.78 33.59 -10.06
C LEU BC 114 -128.45 33.77 -10.76
N GLY BC 115 -127.80 34.92 -10.60
CA GLY BC 115 -126.46 35.10 -11.14
C GLY BC 115 -126.34 36.14 -12.23
N PHE BC 116 -127.22 37.12 -12.28
CA PHE BC 116 -127.17 38.18 -13.27
C PHE BC 116 -126.99 39.52 -12.58
N LEU BC 117 -126.05 40.32 -13.07
CA LEU BC 117 -125.80 41.67 -12.57
C LEU BC 117 -126.38 42.69 -13.53
N ASP BC 118 -127.13 43.64 -12.98
CA ASP BC 118 -127.75 44.69 -13.79
C ASP BC 118 -126.99 45.99 -13.56
N PRO BC 119 -126.27 46.51 -14.57
CA PRO BC 119 -125.58 47.78 -14.39
C PRO BC 119 -126.51 48.99 -14.32
N THR BC 120 -127.80 48.81 -14.57
CA THR BC 120 -128.77 49.88 -14.51
C THR BC 120 -129.53 49.93 -13.19
N ALA BC 121 -129.08 49.17 -12.19
CA ALA BC 121 -129.78 49.15 -10.92
C ALA BC 121 -129.71 50.50 -10.23
N ALA BC 122 -130.76 50.83 -9.47
CA ALA BC 122 -130.86 52.12 -8.79
C ALA BC 122 -130.17 52.01 -7.43
N ILE BC 123 -128.86 52.17 -7.43
CA ILE BC 123 -128.07 52.13 -6.21
C ILE BC 123 -127.85 53.55 -5.72
N VAL BC 124 -128.06 53.77 -4.42
CA VAL BC 124 -128.02 55.10 -3.85
C VAL BC 124 -127.04 55.12 -2.68
N SER BC 125 -126.53 56.31 -2.38
CA SER BC 125 -125.59 56.50 -1.29
C SER BC 125 -126.33 56.81 0.01
N SER BC 126 -125.58 56.81 1.11
CA SER BC 126 -126.16 57.11 2.41
C SER BC 126 -126.45 58.60 2.59
N ASP BC 127 -125.62 59.46 2.02
CA ASP BC 127 -125.83 60.89 2.16
C ASP BC 127 -127.11 61.33 1.44
N THR BC 128 -127.72 62.40 1.95
CA THR BC 128 -128.95 62.93 1.40
C THR BC 128 -128.70 64.32 0.81
N THR BC 129 -129.54 64.68 -0.15
CA THR BC 129 -129.43 65.97 -0.82
C THR BC 129 -129.92 67.10 0.07
N ALA CC 1 -128.82 57.85 39.83
CA ALA CC 1 -128.87 56.66 39.00
C ALA CC 1 -127.56 56.46 38.26
N ASN CC 2 -126.70 55.60 38.81
CA ASN CC 2 -125.42 55.32 38.19
C ASN CC 2 -125.61 54.52 36.90
N LYS CC 3 -124.72 54.76 35.94
CA LYS CC 3 -124.85 54.10 34.65
C LYS CC 3 -124.53 52.62 34.77
N PRO CC 4 -125.42 51.73 34.34
CA PRO CC 4 -125.12 50.30 34.36
C PRO CC 4 -124.06 49.93 33.34
N MET CC 5 -123.39 48.82 33.59
CA MET CC 5 -122.31 48.32 32.74
C MET CC 5 -122.61 46.89 32.32
N GLN CC 6 -122.13 46.53 31.11
CA GLN CC 6 -122.33 45.21 30.53
C GLN CC 6 -121.01 44.47 30.41
N PRO CC 7 -121.02 43.14 30.44
CA PRO CC 7 -119.76 42.38 30.39
C PRO CC 7 -119.18 42.29 28.99
N ILE CC 8 -117.91 42.69 28.84
CA ILE CC 8 -117.24 42.56 27.55
C ILE CC 8 -116.48 41.25 27.42
N THR CC 9 -116.03 40.67 28.53
CA THR CC 9 -115.30 39.40 28.50
C THR CC 9 -115.80 38.53 29.64
N SER CC 10 -116.43 37.40 29.30
CA SER CC 10 -117.03 36.51 30.27
C SER CC 10 -116.32 35.17 30.23
N THR CC 11 -115.85 34.72 31.38
CA THR CC 11 -115.15 33.45 31.52
C THR CC 11 -115.49 32.88 32.89
N ALA CC 12 -115.36 31.55 33.02
CA ALA CC 12 -115.66 30.90 34.29
C ALA CC 12 -114.75 31.37 35.41
N ASN CC 13 -113.63 32.01 35.07
CA ASN CC 13 -112.69 32.50 36.07
C ASN CC 13 -112.48 34.00 36.06
N LYS CC 14 -113.05 34.72 35.09
CA LYS CC 14 -112.85 36.16 34.99
C LYS CC 14 -113.97 36.77 34.16
N ILE CC 15 -114.60 37.82 34.69
CA ILE CC 15 -115.60 38.59 33.97
C ILE CC 15 -115.20 40.06 34.01
N VAL CC 16 -115.25 40.72 32.86
CA VAL CC 16 -114.84 42.11 32.71
C VAL CC 16 -116.06 42.90 32.26
N TRP CC 17 -116.38 43.96 32.99
CA TRP CC 17 -117.48 44.86 32.65
C TRP CC 17 -116.94 46.13 32.00
N SER CC 18 -117.82 46.87 31.34
CA SER CC 18 -117.44 48.13 30.72
C SER CC 18 -118.68 48.98 30.49
N ASP CC 19 -118.51 50.29 30.62
CA ASP CC 19 -119.62 51.21 30.39
C ASP CC 19 -119.78 51.46 28.89
N PRO CC 20 -121.00 51.33 28.36
CA PRO CC 20 -121.19 51.62 26.92
C PRO CC 20 -120.81 53.04 26.53
N THR CC 21 -121.04 54.02 27.42
CA THR CC 21 -120.70 55.40 27.10
C THR CC 21 -119.19 55.60 27.08
N ARG CC 22 -118.49 55.12 28.10
CA ARG CC 22 -117.04 55.22 28.18
C ARG CC 22 -116.46 53.82 28.28
N LEU CC 23 -115.78 53.37 27.23
CA LEU CC 23 -115.28 52.00 27.20
C LEU CC 23 -114.03 51.85 28.06
N SER CC 24 -113.39 52.96 28.42
CA SER CC 24 -112.16 52.91 29.20
C SER CC 24 -112.43 52.52 30.64
N THR CC 25 -113.65 52.78 31.12
CA THR CC 25 -114.01 52.47 32.50
C THR CC 25 -114.44 51.02 32.59
N THR CC 26 -113.58 50.17 33.18
CA THR CC 26 -113.85 48.75 33.27
C THR CC 26 -113.68 48.27 34.70
N PHE CC 27 -114.45 47.24 35.05
CA PHE CC 27 -114.39 46.60 36.35
C PHE CC 27 -114.40 45.09 36.14
N SER CC 28 -113.31 44.44 36.53
CA SER CC 28 -113.13 43.01 36.29
C SER CC 28 -112.92 42.27 37.61
N ALA CC 29 -113.50 41.08 37.69
CA ALA CC 29 -113.41 40.24 38.88
C ALA CC 29 -112.85 38.88 38.47
N SER CC 30 -111.86 38.41 39.23
CA SER CC 30 -111.24 37.12 38.98
C SER CC 30 -111.23 36.31 40.27
N LEU CC 31 -111.65 35.05 40.19
CA LEU CC 31 -111.69 34.16 41.34
C LEU CC 31 -110.76 32.98 41.10
N LEU CC 32 -109.88 32.72 42.05
CA LEU CC 32 -108.98 31.58 42.02
C LEU CC 32 -109.25 30.71 43.23
N ARG CC 33 -109.74 29.50 43.00
CA ARG CC 33 -110.13 28.59 44.06
C ARG CC 33 -109.16 27.42 44.13
N GLN CC 34 -108.62 27.17 45.32
CA GLN CC 34 -107.67 26.10 45.56
C GLN CC 34 -108.04 25.36 46.83
N ARG CC 35 -107.61 24.11 46.92
CA ARG CC 35 -107.78 23.34 48.14
C ARG CC 35 -106.56 23.53 49.04
N VAL CC 36 -106.81 23.84 50.31
CA VAL CC 36 -105.76 24.14 51.26
C VAL CC 36 -105.66 22.99 52.26
N LYS CC 37 -104.45 22.49 52.45
CA LYS CC 37 -104.17 21.40 53.38
C LYS CC 37 -103.84 21.98 54.75
N VAL CC 38 -104.70 21.72 55.72
CA VAL CC 38 -104.50 22.14 57.10
C VAL CC 38 -104.60 20.88 57.97
N GLY CC 39 -103.90 20.90 59.10
CA GLY CC 39 -103.87 19.77 59.99
C GLY CC 39 -105.26 19.24 60.33
N ILE CC 40 -105.47 17.94 60.09
CA ILE CC 40 -106.73 17.23 60.32
C ILE CC 40 -107.92 18.03 59.79
N ALA CC 41 -107.73 18.74 58.68
CA ALA CC 41 -108.80 19.52 58.08
C ALA CC 41 -108.59 19.58 56.57
N GLU CC 42 -109.70 19.58 55.83
CA GLU CC 42 -109.67 19.70 54.37
C GLU CC 42 -110.65 20.79 53.97
N LEU CC 43 -110.18 22.03 53.96
CA LEU CC 43 -110.98 23.19 53.62
C LEU CC 43 -110.32 23.94 52.48
N ASN CC 44 -111.15 24.52 51.61
CA ASN CC 44 -110.70 25.08 50.34
C ASN CC 44 -110.83 26.60 50.33
N ASN CC 45 -109.80 27.27 49.85
CA ASN CC 45 -109.76 28.73 49.83
C ASN CC 45 -110.31 29.26 48.52
N VAL CC 46 -110.87 30.47 48.58
CA VAL CC 46 -111.31 31.20 47.39
C VAL CC 46 -110.70 32.59 47.46
N SER CC 47 -109.94 32.95 46.42
CA SER CC 47 -109.27 34.24 46.36
C SER CC 47 -109.90 35.06 45.24
N GLY CC 48 -110.33 36.27 45.55
CA GLY CC 48 -110.98 37.13 44.58
C GLY CC 48 -110.27 38.44 44.36
N GLN CC 49 -110.03 38.79 43.10
CA GLN CC 49 -109.34 40.02 42.74
C GLN CC 49 -110.31 40.93 41.99
N TYR CC 50 -110.60 42.09 42.55
CA TYR CC 50 -111.50 43.06 41.95
C TYR CC 50 -110.71 44.34 41.69
N VAL CC 51 -110.71 44.78 40.43
CA VAL CC 51 -109.98 45.98 40.03
C VAL CC 51 -110.94 46.92 39.33
N SER CC 52 -110.87 48.20 39.69
CA SER CC 52 -111.64 49.26 39.06
C SER CC 52 -110.70 50.31 38.48
N VAL CC 53 -110.89 50.65 37.21
CA VAL CC 53 -110.06 51.64 36.54
C VAL CC 53 -110.94 52.70 35.92
N TYR CC 54 -110.58 53.96 36.12
CA TYR CC 54 -111.23 55.09 35.49
C TYR CC 54 -110.15 56.01 34.94
N LYS CC 55 -110.29 56.40 33.68
CA LYS CC 55 -109.27 57.21 33.01
C LYS CC 55 -109.70 58.68 33.04
N ARG CC 56 -109.65 59.24 34.25
CA ARG CC 56 -110.10 60.60 34.47
C ARG CC 56 -109.15 61.60 33.80
N PRO CC 57 -109.68 62.63 33.15
CA PRO CC 57 -108.82 63.66 32.57
C PRO CC 57 -108.04 64.42 33.64
N ALA CC 58 -106.87 64.90 33.25
CA ALA CC 58 -106.05 65.73 34.13
C ALA CC 58 -106.79 67.03 34.43
N PRO CC 59 -106.52 67.67 35.57
CA PRO CC 59 -107.29 68.87 35.91
C PRO CC 59 -106.98 70.02 34.96
N LYS CC 60 -108.03 70.70 34.54
CA LYS CC 60 -107.91 71.79 33.58
C LYS CC 60 -107.13 72.95 34.19
N PRO CC 61 -106.32 73.66 33.40
CA PRO CC 61 -105.64 74.85 33.92
C PRO CC 61 -106.61 75.92 34.39
N GLU CC 62 -106.20 76.70 35.38
CA GLU CC 62 -107.09 77.62 36.08
C GLU CC 62 -107.24 78.91 35.28
N GLY CC 63 -108.47 79.43 35.24
CA GLY CC 63 -108.74 80.73 34.69
C GLY CC 63 -108.88 80.80 33.19
N CYS CC 64 -108.70 79.69 32.48
CA CYS CC 64 -108.80 79.67 31.02
C CYS CC 64 -109.66 78.47 30.61
N ALA CC 65 -110.63 78.72 29.75
CA ALA CC 65 -111.50 77.67 29.20
C ALA CC 65 -111.20 77.52 27.72
N ASP CC 66 -110.54 76.43 27.36
CA ASP CC 66 -110.20 76.17 25.97
C ASP CC 66 -111.45 75.92 25.15
N ALA CC 67 -111.27 75.84 23.83
CA ALA CC 67 -112.40 75.59 22.93
C ALA CC 67 -113.02 74.22 23.21
N CYS CC 68 -112.18 73.21 23.43
CA CYS CC 68 -112.64 71.86 23.71
C CYS CC 68 -111.59 71.12 24.52
N VAL CC 69 -112.01 70.01 25.14
CA VAL CC 69 -111.12 69.27 26.02
C VAL CC 69 -110.02 68.59 25.21
N ILE CC 70 -108.77 68.85 25.60
CA ILE CC 70 -107.60 68.29 24.94
C ILE CC 70 -106.67 67.72 25.99
N MET CC 71 -107.19 67.53 27.20
CA MET CC 71 -106.34 67.23 28.34
C MET CC 71 -105.81 65.80 28.25
N PRO CC 72 -104.53 65.57 28.57
CA PRO CC 72 -103.99 64.20 28.55
C PRO CC 72 -104.35 63.40 29.79
N ASN CC 73 -105.52 62.75 29.76
CA ASN CC 73 -106.08 62.02 30.88
C ASN CC 73 -105.11 61.07 31.59
N GLU CC 74 -105.38 60.80 32.87
CA GLU CC 74 -104.53 59.98 33.72
C GLU CC 74 -105.25 58.69 34.11
N ASN CC 75 -104.60 57.90 34.95
CA ASN CC 75 -105.12 56.59 35.33
C ASN CC 75 -105.45 56.58 36.82
N GLN CC 76 -106.67 56.13 37.15
CA GLN CC 76 -107.08 55.90 38.53
C GLN CC 76 -107.42 54.42 38.68
N SER CC 77 -106.87 53.78 39.69
CA SER CC 77 -107.03 52.34 39.89
C SER CC 77 -107.33 52.03 41.34
N ILE CC 78 -108.24 51.08 41.55
CA ILE CC 78 -108.54 50.54 42.87
C ILE CC 78 -108.55 49.03 42.75
N ARG CC 79 -107.72 48.36 43.54
CA ARG CC 79 -107.55 46.91 43.48
C ARG CC 79 -107.77 46.32 44.86
N THR CC 80 -108.60 45.28 44.93
CA THR CC 80 -108.94 44.62 46.18
C THR CC 80 -108.82 43.12 46.03
N VAL CC 81 -108.19 42.48 47.01
CA VAL CC 81 -108.01 41.04 47.05
C VAL CC 81 -108.62 40.51 48.34
N ILE CC 82 -109.54 39.55 48.21
CA ILE CC 82 -110.19 38.92 49.35
C ILE CC 82 -109.86 37.44 49.33
N SER CC 83 -109.25 36.94 50.40
CA SER CC 83 -108.81 35.56 50.49
C SER CC 83 -109.32 34.96 51.80
N GLY CC 84 -109.93 33.79 51.71
CA GLY CC 84 -110.41 33.11 52.90
C GLY CC 84 -111.22 31.89 52.51
N SER CC 85 -111.34 30.98 53.48
CA SER CC 85 -112.07 29.74 53.25
C SER CC 85 -113.55 30.01 53.11
N ALA CC 86 -114.22 29.25 52.24
CA ALA CC 86 -115.66 29.41 52.05
C ALA CC 86 -116.43 28.93 53.26
N GLU CC 87 -115.81 28.11 54.12
CA GLU CC 87 -116.47 27.65 55.33
C GLU CC 87 -116.74 28.81 56.29
N ASN CC 88 -115.81 29.76 56.34
CA ASN CC 88 -115.89 30.91 57.24
C ASN CC 88 -116.37 32.17 56.54
N LEU CC 89 -117.33 32.04 55.62
CA LEU CC 89 -117.73 33.18 54.80
C LEU CC 89 -118.37 34.29 55.63
N ALA CC 90 -119.09 33.93 56.69
CA ALA CC 90 -119.69 34.96 57.54
C ALA CC 90 -118.62 35.82 58.20
N THR CC 91 -117.59 35.19 58.77
CA THR CC 91 -116.50 35.95 59.35
C THR CC 91 -115.72 36.72 58.30
N LEU CC 92 -115.60 36.17 57.08
CA LEU CC 92 -114.93 36.91 56.01
C LEU CC 92 -115.71 38.17 55.63
N LYS CC 93 -117.05 38.07 55.60
CA LYS CC 93 -117.87 39.24 55.33
C LYS CC 93 -117.75 40.27 56.45
N ALA CC 94 -117.71 39.81 57.69
CA ALA CC 94 -117.49 40.74 58.81
C ALA CC 94 -116.15 41.43 58.68
N GLU CC 95 -115.11 40.68 58.31
CA GLU CC 95 -113.80 41.25 58.06
C GLU CC 95 -113.85 42.28 56.95
N TRP CC 96 -114.61 42.00 55.88
CA TRP CC 96 -114.73 42.94 54.78
C TRP CC 96 -115.38 44.24 55.25
N GLU CC 97 -116.43 44.13 56.07
CA GLU CC 97 -117.09 45.33 56.58
C GLU CC 97 -116.14 46.14 57.45
N THR CC 98 -115.40 45.47 58.34
CA THR CC 98 -114.45 46.17 59.19
C THR CC 98 -113.35 46.84 58.36
N HIS CC 99 -112.86 46.15 57.34
CA HIS CC 99 -111.82 46.71 56.47
C HIS CC 99 -112.34 47.92 55.72
N LYS CC 100 -113.59 47.85 55.24
CA LYS CC 100 -114.19 49.00 54.57
C LYS CC 100 -114.27 50.18 55.51
N ARG CC 101 -114.70 49.96 56.75
CA ARG CC 101 -114.82 51.06 57.70
C ARG CC 101 -113.45 51.66 58.01
N ASN CC 102 -112.44 50.81 58.19
CA ASN CC 102 -111.10 51.32 58.49
C ASN CC 102 -110.53 52.12 57.32
N VAL CC 103 -110.72 51.63 56.09
CA VAL CC 103 -110.22 52.35 54.93
C VAL CC 103 -110.97 53.67 54.75
N ASP CC 104 -112.27 53.68 55.07
CA ASP CC 104 -113.01 54.93 55.04
C ASP CC 104 -112.48 55.91 56.07
N THR CC 105 -112.14 55.41 57.27
CA THR CC 105 -111.60 56.28 58.31
C THR CC 105 -110.27 56.89 57.88
N LEU CC 106 -109.39 56.08 57.30
CA LEU CC 106 -108.07 56.58 56.92
C LEU CC 106 -108.12 57.45 55.66
N PHE CC 107 -109.03 57.14 54.74
CA PHE CC 107 -109.02 57.70 53.40
C PHE CC 107 -110.24 58.58 53.11
N ALA CC 108 -111.45 58.03 53.27
CA ALA CC 108 -112.65 58.78 52.90
C ALA CC 108 -112.83 60.02 53.78
N SER CC 109 -112.62 59.87 55.09
CA SER CC 109 -112.72 60.98 56.01
C SER CC 109 -111.36 61.49 56.48
N GLY CC 110 -110.28 60.85 56.05
CA GLY CC 110 -108.94 61.28 56.38
C GLY CC 110 -108.23 61.89 55.19
N ASN CC 111 -106.91 61.98 55.31
CA ASN CC 111 -106.10 62.57 54.25
C ASN CC 111 -105.01 61.62 53.77
N ALA CC 112 -105.34 60.33 53.68
CA ALA CC 112 -104.38 59.38 53.13
C ALA CC 112 -104.18 59.61 51.65
N GLY CC 113 -105.16 60.21 50.98
CA GLY CC 113 -105.01 60.50 49.56
C GLY CC 113 -103.92 61.51 49.28
N LEU CC 114 -103.78 62.51 50.16
CA LEU CC 114 -102.74 63.51 49.97
C LEU CC 114 -101.37 62.96 50.36
N GLY CC 115 -101.32 61.88 51.13
CA GLY CC 115 -100.08 61.29 51.55
C GLY CC 115 -99.84 61.28 53.04
N PHE CC 116 -100.84 61.60 53.85
CA PHE CC 116 -100.65 61.67 55.29
C PHE CC 116 -101.23 60.45 55.99
N LEU CC 117 -100.44 59.85 56.87
CA LEU CC 117 -100.88 58.75 57.72
C LEU CC 117 -101.02 59.25 59.15
N ASP CC 118 -102.26 59.44 59.57
CA ASP CC 118 -102.53 59.92 60.92
C ASP CC 118 -102.38 58.77 61.91
N PRO CC 119 -101.48 58.86 62.89
CA PRO CC 119 -101.34 57.75 63.84
C PRO CC 119 -102.34 57.79 64.98
N THR CC 120 -103.20 58.80 65.05
CA THR CC 120 -104.23 58.86 66.07
C THR CC 120 -105.61 58.45 65.55
N ALA CC 121 -105.68 57.88 64.35
CA ALA CC 121 -106.97 57.51 63.77
C ALA CC 121 -107.62 56.39 64.56
N ALA CC 122 -108.95 56.36 64.54
CA ALA CC 122 -109.72 55.37 65.30
C ALA CC 122 -109.95 54.14 64.43
N ILE CC 123 -109.06 53.17 64.56
CA ILE CC 123 -109.18 51.90 63.86
C ILE CC 123 -109.88 50.90 64.77
N VAL CC 124 -110.85 50.16 64.23
CA VAL CC 124 -111.64 49.23 65.01
C VAL CC 124 -111.60 47.86 64.35
N SER CC 125 -111.71 46.82 65.19
CA SER CC 125 -111.56 45.45 64.73
C SER CC 125 -112.91 44.80 64.48
N SER CC 126 -112.87 43.62 63.87
CA SER CC 126 -114.10 42.88 63.59
C SER CC 126 -114.73 42.33 64.86
N ASP CC 127 -113.94 42.03 65.88
CA ASP CC 127 -114.48 41.52 67.13
C ASP CC 127 -115.21 42.62 67.88
N THR CC 128 -116.27 42.23 68.59
CA THR CC 128 -117.09 43.15 69.36
C THR CC 128 -117.00 42.83 70.84
N THR CC 129 -117.23 43.86 71.66
CA THR CC 129 -117.18 43.71 73.10
C THR CC 129 -118.53 43.27 73.66
N ALA DC 1 -94.50 113.76 -3.06
CA ALA DC 1 -93.19 114.16 -2.55
C ALA DC 1 -92.33 112.94 -2.26
N ASN DC 2 -91.33 112.71 -3.11
CA ASN DC 2 -90.44 111.57 -2.92
C ASN DC 2 -89.48 111.82 -1.77
N LYS DC 3 -89.15 110.76 -1.05
CA LYS DC 3 -88.29 110.88 0.11
C LYS DC 3 -86.85 111.16 -0.34
N PRO DC 4 -86.21 112.21 0.16
CA PRO DC 4 -84.81 112.47 -0.19
C PRO DC 4 -83.91 111.33 0.28
N MET DC 5 -82.85 111.09 -0.47
CA MET DC 5 -81.90 110.02 -0.20
C MET DC 5 -80.51 110.62 -0.08
N GLN DC 6 -79.78 110.24 0.97
CA GLN DC 6 -78.49 110.84 1.24
C GLN DC 6 -77.39 109.81 1.11
N PRO DC 7 -76.19 110.21 0.71
CA PRO DC 7 -75.13 109.23 0.42
C PRO DC 7 -74.56 108.61 1.68
N ILE DC 8 -74.00 107.41 1.53
CA ILE DC 8 -73.26 106.76 2.60
C ILE DC 8 -71.78 106.57 2.26
N THR DC 9 -71.44 106.29 1.01
CA THR DC 9 -70.06 106.17 0.58
C THR DC 9 -69.82 107.12 -0.58
N SER DC 10 -68.85 108.02 -0.40
CA SER DC 10 -68.53 109.01 -1.41
C SER DC 10 -67.10 108.83 -1.87
N THR DC 11 -66.93 108.74 -3.19
CA THR DC 11 -65.63 108.55 -3.80
C THR DC 11 -65.66 109.20 -5.18
N ALA DC 12 -64.47 109.51 -5.70
CA ALA DC 12 -64.39 110.13 -7.01
C ALA DC 12 -64.85 109.19 -8.11
N ASN DC 13 -64.91 107.89 -7.82
CA ASN DC 13 -65.29 106.88 -8.80
C ASN DC 13 -66.63 106.23 -8.52
N LYS DC 14 -67.19 106.40 -7.33
CA LYS DC 14 -68.43 105.73 -6.96
C LYS DC 14 -69.10 106.47 -5.83
N ILE DC 15 -70.42 106.65 -5.92
CA ILE DC 15 -71.22 107.21 -4.84
C ILE DC 15 -72.43 106.31 -4.64
N VAL DC 16 -72.74 106.00 -3.39
CA VAL DC 16 -73.85 105.12 -3.04
C VAL DC 16 -74.84 105.91 -2.19
N TRP DC 17 -76.10 105.92 -2.62
CA TRP DC 17 -77.18 106.56 -1.87
C TRP DC 17 -78.10 105.49 -1.30
N SER DC 18 -78.49 105.65 -0.04
CA SER DC 18 -79.43 104.74 0.61
C SER DC 18 -80.44 105.53 1.42
N ASP DC 19 -81.67 105.06 1.44
CA ASP DC 19 -82.72 105.74 2.18
C ASP DC 19 -82.47 105.63 3.68
N PRO DC 20 -82.49 106.74 4.42
CA PRO DC 20 -82.25 106.65 5.87
C PRO DC 20 -83.24 105.77 6.59
N THR DC 21 -84.51 105.75 6.17
CA THR DC 21 -85.49 104.88 6.79
C THR DC 21 -85.32 103.42 6.41
N ARG DC 22 -84.89 103.13 5.18
CA ARG DC 22 -84.65 101.76 4.76
C ARG DC 22 -83.32 101.68 4.00
N LEU DC 23 -82.25 101.34 4.71
CA LEU DC 23 -80.92 101.29 4.09
C LEU DC 23 -80.81 100.17 3.07
N SER DC 24 -81.78 99.25 3.07
CA SER DC 24 -81.82 98.19 2.08
C SER DC 24 -81.98 98.72 0.66
N THR DC 25 -82.57 99.90 0.49
CA THR DC 25 -82.71 100.50 -0.83
C THR DC 25 -81.45 101.30 -1.15
N THR DC 26 -80.80 100.97 -2.27
CA THR DC 26 -79.54 101.58 -2.64
C THR DC 26 -79.60 102.10 -4.07
N PHE DC 27 -78.77 103.10 -4.35
CA PHE DC 27 -78.58 103.63 -5.70
C PHE DC 27 -77.12 104.03 -5.85
N SER DC 28 -76.44 103.42 -6.81
CA SER DC 28 -75.00 103.61 -6.99
C SER DC 28 -74.70 104.06 -8.41
N ALA DC 29 -73.72 104.96 -8.51
CA ALA DC 29 -73.27 105.47 -9.80
C ALA DC 29 -71.75 105.37 -9.85
N SER DC 30 -71.24 104.64 -10.84
CA SER DC 30 -69.80 104.42 -11.00
C SER DC 30 -69.40 104.85 -12.40
N LEU DC 31 -68.36 105.66 -12.50
CA LEU DC 31 -67.85 106.14 -13.77
C LEU DC 31 -66.47 105.54 -14.02
N LEU DC 32 -66.28 105.00 -15.23
CA LEU DC 32 -65.00 104.46 -15.66
C LEU DC 32 -64.61 105.13 -16.97
N ARG DC 33 -63.40 105.70 -17.00
CA ARG DC 33 -62.97 106.55 -18.11
C ARG DC 33 -61.72 105.97 -18.75
N GLN DC 34 -61.74 105.86 -20.08
CA GLN DC 34 -60.59 105.44 -20.87
C GLN DC 34 -60.42 106.38 -22.06
N ARG DC 35 -59.23 106.35 -22.64
CA ARG DC 35 -58.94 107.08 -23.86
C ARG DC 35 -58.98 106.11 -25.03
N VAL DC 36 -59.79 106.41 -26.04
CA VAL DC 36 -59.99 105.53 -27.18
C VAL DC 36 -59.59 106.29 -28.44
N LYS DC 37 -58.75 105.66 -29.27
CA LYS DC 37 -58.27 106.28 -30.50
C LYS DC 37 -59.17 105.84 -31.65
N VAL DC 38 -60.27 106.56 -31.81
CA VAL DC 38 -61.22 106.25 -32.87
C VAL DC 38 -60.80 106.88 -34.20
N GLY DC 39 -60.67 108.20 -34.21
CA GLY DC 39 -60.40 108.93 -35.43
C GLY DC 39 -59.04 109.57 -35.43
N ILE DC 40 -58.02 108.81 -35.01
CA ILE DC 40 -56.63 109.23 -34.79
C ILE DC 40 -56.60 110.46 -33.89
N ALA DC 41 -57.68 110.67 -33.14
CA ALA DC 41 -57.76 111.68 -32.10
C ALA DC 41 -58.21 111.00 -30.82
N GLU DC 42 -57.52 111.28 -29.72
CA GLU DC 42 -57.77 110.59 -28.45
C GLU DC 42 -59.06 111.10 -27.84
N LEU DC 43 -60.17 110.46 -28.19
CA LEU DC 43 -61.45 110.77 -27.58
C LEU DC 43 -61.51 110.17 -26.18
N ASN DC 44 -62.15 110.91 -25.27
CA ASN DC 44 -62.25 110.49 -23.86
C ASN DC 44 -63.61 109.80 -23.64
N ASN DC 45 -63.56 108.47 -23.68
CA ASN DC 45 -64.77 107.69 -23.45
C ASN DC 45 -65.11 107.64 -21.97
N VAL DC 46 -66.41 107.69 -21.67
CA VAL DC 46 -66.92 107.60 -20.31
C VAL DC 46 -67.96 106.49 -20.27
N SER DC 47 -67.79 105.55 -19.35
CA SER DC 47 -68.69 104.40 -19.21
C SER DC 47 -69.29 104.44 -17.81
N GLY DC 48 -70.48 105.03 -17.69
CA GLY DC 48 -71.14 105.17 -16.41
C GLY DC 48 -72.12 104.03 -16.15
N GLN DC 49 -72.04 103.47 -14.95
CA GLN DC 49 -72.92 102.39 -14.53
C GLN DC 49 -73.82 102.89 -13.42
N TYR DC 50 -75.13 102.79 -13.61
CA TYR DC 50 -76.11 103.24 -12.64
C TYR DC 50 -76.95 102.04 -12.22
N VAL DC 51 -76.98 101.75 -10.92
CA VAL DC 51 -77.67 100.59 -10.38
C VAL DC 51 -78.63 101.05 -9.29
N SER DC 52 -79.88 100.62 -9.39
CA SER DC 52 -80.90 100.87 -8.39
C SER DC 52 -81.41 99.54 -7.85
N VAL DC 53 -81.38 99.38 -6.54
CA VAL DC 53 -81.71 98.12 -5.88
C VAL DC 53 -82.78 98.38 -4.84
N TYR DC 54 -83.83 97.57 -4.86
CA TYR DC 54 -84.90 97.62 -3.87
C TYR DC 54 -85.28 96.19 -3.49
N LYS DC 55 -85.05 95.83 -2.24
CA LYS DC 55 -85.42 94.51 -1.73
C LYS DC 55 -86.89 94.57 -1.33
N ARG DC 56 -87.69 93.73 -1.98
CA ARG DC 56 -89.14 93.82 -1.89
C ARG DC 56 -89.70 92.68 -1.05
N PRO DC 57 -90.37 92.96 0.06
CA PRO DC 57 -91.08 91.90 0.78
C PRO DC 57 -92.36 91.53 0.05
N ALA DC 58 -92.36 90.35 -0.54
CA ALA DC 58 -93.49 89.87 -1.34
C ALA DC 58 -93.86 88.43 -0.98
N PRO DC 59 -94.35 88.19 0.24
CA PRO DC 59 -95.06 86.93 0.48
C PRO DC 59 -96.31 86.82 -0.37
N LYS DC 60 -96.93 87.97 -0.66
CA LYS DC 60 -98.11 88.12 -1.51
C LYS DC 60 -99.25 87.22 -1.07
N PRO DC 61 -99.79 87.40 0.14
CA PRO DC 61 -100.99 86.67 0.53
C PRO DC 61 -102.22 87.32 -0.08
N GLU DC 62 -102.81 86.65 -1.07
CA GLU DC 62 -103.87 87.25 -1.87
C GLU DC 62 -105.15 87.40 -1.06
N GLY DC 63 -105.37 88.60 -0.56
CA GLY DC 63 -106.59 88.94 0.16
C GLY DC 63 -106.58 88.79 1.66
N CYS DC 64 -105.58 88.08 2.20
CA CYS DC 64 -105.54 87.80 3.62
C CYS DC 64 -104.33 88.50 4.24
N ALA DC 65 -104.58 89.22 5.32
CA ALA DC 65 -103.55 89.91 6.09
C ALA DC 65 -104.11 90.29 7.45
N ASP DC 66 -103.57 89.68 8.50
CA ASP DC 66 -104.08 89.90 9.85
C ASP DC 66 -103.03 90.42 10.81
N ALA DC 67 -101.80 89.91 10.74
CA ALA DC 67 -100.73 90.32 11.64
C ALA DC 67 -99.42 90.30 10.86
N CYS DC 68 -98.38 90.88 11.46
CA CYS DC 68 -97.08 90.96 10.78
C CYS DC 68 -96.27 89.70 11.09
N VAL DC 69 -96.06 88.88 10.07
CA VAL DC 69 -95.15 87.74 10.11
C VAL DC 69 -93.88 88.20 9.42
N ILE DC 70 -92.77 87.51 9.64
CA ILE DC 70 -91.52 87.84 8.96
C ILE DC 70 -91.71 87.89 7.45
N MET DC 71 -91.31 88.99 6.85
CA MET DC 71 -91.34 89.14 5.41
C MET DC 71 -90.11 88.46 4.79
N PRO DC 72 -90.29 87.48 3.91
CA PRO DC 72 -89.18 87.05 3.05
C PRO DC 72 -89.04 88.00 1.87
N ASN DC 73 -87.81 88.38 1.53
CA ASN DC 73 -87.57 89.46 0.59
C ASN DC 73 -87.03 88.94 -0.74
N GLU DC 74 -87.43 89.61 -1.82
CA GLU DC 74 -86.86 89.40 -3.14
C GLU DC 74 -86.12 90.67 -3.56
N ASN DC 75 -85.20 90.53 -4.50
CA ASN DC 75 -84.37 91.64 -4.94
C ASN DC 75 -84.87 92.15 -6.29
N GLN DC 76 -85.17 93.44 -6.36
CA GLN DC 76 -85.51 94.11 -7.60
C GLN DC 76 -84.37 95.04 -7.96
N SER DC 77 -83.76 94.83 -9.12
CA SER DC 77 -82.59 95.57 -9.55
C SER DC 77 -82.80 96.14 -10.94
N ILE DC 78 -82.37 97.38 -11.14
CA ILE DC 78 -82.39 98.04 -12.44
C ILE DC 78 -80.99 98.60 -12.69
N ARG DC 79 -80.29 98.02 -13.66
CA ARG DC 79 -78.91 98.36 -13.95
C ARG DC 79 -78.83 99.02 -15.32
N THR DC 80 -78.19 100.18 -15.37
CA THR DC 80 -78.07 100.96 -16.59
C THR DC 80 -76.61 101.33 -16.83
N VAL DC 81 -76.15 101.14 -18.07
CA VAL DC 81 -74.79 101.46 -18.47
C VAL DC 81 -74.86 102.36 -19.69
N ILE DC 82 -74.20 103.51 -19.63
CA ILE DC 82 -74.13 104.46 -20.73
C ILE DC 82 -72.67 104.65 -21.09
N SER DC 83 -72.34 104.42 -22.35
CA SER DC 83 -70.96 104.50 -22.84
C SER DC 83 -70.92 105.39 -24.06
N GLY DC 84 -69.99 106.34 -24.08
CA GLY DC 84 -69.84 107.22 -25.22
C GLY DC 84 -68.79 108.30 -24.99
N SER DC 85 -68.37 108.95 -26.07
CA SER DC 85 -67.37 110.01 -25.96
C SER DC 85 -67.97 111.23 -25.27
N ALA DC 86 -67.14 111.92 -24.48
CA ALA DC 86 -67.60 113.13 -23.82
C ALA DC 86 -67.82 114.26 -24.83
N GLU DC 87 -67.19 114.15 -26.01
CA GLU DC 87 -67.30 115.20 -27.01
C GLU DC 87 -68.63 115.14 -27.76
N ASN DC 88 -69.38 114.05 -27.58
CA ASN DC 88 -70.68 113.85 -28.23
C ASN DC 88 -71.78 113.75 -27.18
N LEU DC 89 -71.75 114.64 -26.19
CA LEU DC 89 -72.68 114.55 -25.07
C LEU DC 89 -74.11 114.84 -25.51
N ALA DC 90 -74.30 115.77 -26.45
CA ALA DC 90 -75.64 116.07 -26.93
C ALA DC 90 -76.26 114.86 -27.62
N THR DC 91 -75.48 114.20 -28.48
CA THR DC 91 -75.94 112.98 -29.13
C THR DC 91 -76.20 111.87 -28.13
N LEU DC 92 -75.36 111.75 -27.10
CA LEU DC 92 -75.58 110.74 -26.08
C LEU DC 92 -76.88 111.00 -25.31
N LYS DC 93 -77.18 112.27 -25.02
CA LYS DC 93 -78.42 112.60 -24.34
C LYS DC 93 -79.64 112.31 -25.22
N ALA DC 94 -79.53 112.60 -26.52
CA ALA DC 94 -80.60 112.23 -27.43
C ALA DC 94 -80.79 110.72 -27.48
N GLU DC 95 -79.68 109.97 -27.48
CA GLU DC 95 -79.76 108.52 -27.42
C GLU DC 95 -80.44 108.06 -26.14
N TRP DC 96 -80.13 108.72 -25.02
CA TRP DC 96 -80.75 108.35 -23.74
C TRP DC 96 -82.25 108.59 -23.77
N GLU DC 97 -82.68 109.71 -24.34
CA GLU DC 97 -84.12 109.99 -24.45
C GLU DC 97 -84.80 108.95 -25.33
N THR DC 98 -84.19 108.62 -26.47
CA THR DC 98 -84.78 107.61 -27.35
C THR DC 98 -84.83 106.25 -26.68
N HIS DC 99 -83.79 105.90 -25.93
CA HIS DC 99 -83.76 104.64 -25.20
C HIS DC 99 -84.86 104.59 -24.15
N LYS DC 100 -85.06 105.69 -23.43
CA LYS DC 100 -86.17 105.76 -22.48
C LYS DC 100 -87.50 105.52 -23.18
N ARG DC 101 -87.70 106.18 -24.33
CA ARG DC 101 -88.96 106.01 -25.06
C ARG DC 101 -89.17 104.57 -25.48
N ASN DC 102 -88.13 103.94 -26.03
CA ASN DC 102 -88.27 102.57 -26.51
C ASN DC 102 -88.52 101.59 -25.37
N VAL DC 103 -87.77 101.73 -24.27
CA VAL DC 103 -87.96 100.82 -23.14
C VAL DC 103 -89.32 101.03 -22.51
N ASP DC 104 -89.80 102.27 -22.47
CA ASP DC 104 -91.16 102.51 -21.99
C ASP DC 104 -92.18 101.83 -22.88
N THR DC 105 -92.02 101.94 -24.19
CA THR DC 105 -92.95 101.31 -25.11
C THR DC 105 -92.98 99.80 -24.92
N LEU DC 106 -91.82 99.18 -24.74
CA LEU DC 106 -91.78 97.73 -24.57
C LEU DC 106 -92.25 97.27 -23.19
N PHE DC 107 -91.91 98.01 -22.13
CA PHE DC 107 -92.07 97.52 -20.77
C PHE DC 107 -93.20 98.23 -20.02
N ALA DC 108 -93.18 99.55 -19.96
CA ALA DC 108 -94.15 100.27 -19.16
C ALA DC 108 -95.55 100.15 -19.74
N SER DC 109 -95.70 100.33 -21.05
CA SER DC 109 -96.99 100.23 -21.71
C SER DC 109 -97.23 98.88 -22.36
N GLY DC 110 -96.23 97.99 -22.35
CA GLY DC 110 -96.38 96.66 -22.92
C GLY DC 110 -96.51 95.59 -21.86
N ASN DC 111 -96.17 94.36 -22.26
CA ASN DC 111 -96.21 93.20 -21.37
C ASN DC 111 -94.85 92.52 -21.26
N ALA DC 112 -93.76 93.28 -21.50
CA ALA DC 112 -92.44 92.68 -21.42
C ALA DC 112 -92.07 92.31 -19.99
N GLY DC 113 -92.63 93.00 -19.01
CA GLY DC 113 -92.31 92.68 -17.62
C GLY DC 113 -92.89 91.36 -17.17
N LEU DC 114 -93.84 90.82 -17.93
CA LEU DC 114 -94.41 89.52 -17.62
C LEU DC 114 -93.75 88.43 -18.45
N GLY DC 115 -92.77 88.81 -19.26
CA GLY DC 115 -92.08 87.84 -20.10
C GLY DC 115 -92.70 87.68 -21.47
N PHE DC 116 -92.93 88.79 -22.17
CA PHE DC 116 -93.53 88.76 -23.50
C PHE DC 116 -92.76 89.70 -24.43
N LEU DC 117 -92.80 89.40 -25.71
CA LEU DC 117 -92.23 90.26 -26.75
C LEU DC 117 -93.30 90.58 -27.78
N ASP DC 118 -93.39 91.84 -28.18
CA ASP DC 118 -94.36 92.26 -29.18
C ASP DC 118 -93.62 92.72 -30.43
N PRO DC 119 -93.57 91.91 -31.49
CA PRO DC 119 -92.91 92.36 -32.73
C PRO DC 119 -93.59 93.55 -33.38
N THR DC 120 -94.85 93.84 -33.06
CA THR DC 120 -95.58 94.94 -33.66
C THR DC 120 -95.43 96.24 -32.89
N ALA DC 121 -94.58 96.27 -31.86
CA ALA DC 121 -94.38 97.47 -31.09
C ALA DC 121 -93.74 98.56 -31.95
N ALA DC 122 -94.11 99.82 -31.65
CA ALA DC 122 -93.64 100.96 -32.42
C ALA DC 122 -92.34 101.48 -31.81
N ILE DC 123 -91.23 100.96 -32.32
CA ILE DC 123 -89.90 101.38 -31.90
C ILE DC 123 -89.41 102.47 -32.84
N VAL DC 124 -88.76 103.49 -32.29
CA VAL DC 124 -88.29 104.63 -33.06
C VAL DC 124 -86.81 104.83 -32.81
N SER DC 125 -86.14 105.48 -33.76
CA SER DC 125 -84.72 105.76 -33.64
C SER DC 125 -84.51 107.20 -33.16
N SER DC 126 -83.24 107.52 -32.88
CA SER DC 126 -82.91 108.86 -32.40
C SER DC 126 -82.95 109.90 -33.50
N ASP DC 127 -82.68 109.51 -34.75
CA ASP DC 127 -82.70 110.46 -35.85
C ASP DC 127 -84.13 110.90 -36.15
N THR DC 128 -84.26 112.11 -36.68
CA THR DC 128 -85.55 112.69 -37.02
C THR DC 128 -85.70 112.80 -38.53
N THR DC 129 -86.92 113.09 -38.97
CA THR DC 129 -87.21 113.26 -40.39
C THR DC 129 -87.36 114.73 -40.76
N ALA EC 1 -60.17 136.03 -18.96
CA ALA EC 1 -60.96 135.08 -18.18
C ALA EC 1 -60.62 133.65 -18.56
N ASN EC 2 -59.71 133.04 -17.80
CA ASN EC 2 -59.30 131.67 -18.07
C ASN EC 2 -60.40 130.69 -17.68
N LYS EC 3 -60.47 129.59 -18.41
CA LYS EC 3 -61.49 128.58 -18.15
C LYS EC 3 -61.19 127.86 -16.85
N PRO EC 4 -62.16 127.68 -15.96
CA PRO EC 4 -61.90 126.97 -14.71
C PRO EC 4 -61.89 125.46 -14.90
N MET EC 5 -61.35 124.77 -13.90
CA MET EC 5 -61.34 123.32 -13.87
C MET EC 5 -62.16 122.81 -12.70
N GLN EC 6 -62.53 121.53 -12.78
CA GLN EC 6 -63.18 120.80 -11.70
C GLN EC 6 -62.44 119.50 -11.42
N PRO EC 7 -62.37 119.07 -10.17
CA PRO EC 7 -61.60 117.86 -9.85
C PRO EC 7 -62.28 116.60 -10.39
N ILE EC 8 -61.46 115.64 -10.80
CA ILE EC 8 -61.94 114.34 -11.27
C ILE EC 8 -61.67 113.25 -10.24
N THR EC 9 -60.41 113.04 -9.88
CA THR EC 9 -60.04 112.07 -8.87
C THR EC 9 -59.63 112.79 -7.60
N SER EC 10 -60.31 112.47 -6.50
CA SER EC 10 -60.12 113.20 -5.26
C SER EC 10 -59.57 112.27 -4.20
N THR EC 11 -58.27 112.37 -3.95
CA THR EC 11 -57.61 111.71 -2.84
C THR EC 11 -56.75 112.72 -2.11
N ALA EC 12 -56.65 112.58 -0.79
CA ALA EC 12 -55.84 113.52 -0.02
C ALA EC 12 -54.37 113.40 -0.39
N ASN EC 13 -53.97 112.26 -0.95
CA ASN EC 13 -52.61 112.12 -1.46
C ASN EC 13 -52.42 112.87 -2.77
N LYS EC 14 -53.40 112.82 -3.68
CA LYS EC 14 -53.29 113.50 -4.96
C LYS EC 14 -54.67 113.82 -5.50
N ILE EC 15 -54.80 115.00 -6.11
CA ILE EC 15 -56.04 115.44 -6.75
C ILE EC 15 -55.69 115.91 -8.17
N VAL EC 16 -56.51 115.50 -9.14
CA VAL EC 16 -56.32 115.87 -10.53
C VAL EC 16 -57.46 116.77 -10.95
N TRP EC 17 -57.14 117.81 -11.71
CA TRP EC 17 -58.12 118.72 -12.27
C TRP EC 17 -58.20 118.51 -13.78
N SER EC 18 -59.31 118.93 -14.38
CA SER EC 18 -59.44 118.85 -15.83
C SER EC 18 -60.48 119.87 -16.29
N ASP EC 19 -60.33 120.29 -17.54
CA ASP EC 19 -61.28 121.21 -18.16
C ASP EC 19 -62.47 120.41 -18.69
N PRO EC 20 -63.71 120.73 -18.27
CA PRO EC 20 -64.86 120.00 -18.81
C PRO EC 20 -64.98 120.07 -20.32
N THR EC 21 -64.55 121.17 -20.95
CA THR EC 21 -64.60 121.29 -22.40
C THR EC 21 -63.45 120.55 -23.10
N ARG EC 22 -62.30 120.41 -22.44
CA ARG EC 22 -61.17 119.68 -23.03
C ARG EC 22 -60.62 118.77 -21.93
N LEU EC 23 -61.02 117.51 -21.94
CA LEU EC 23 -60.60 116.58 -20.90
C LEU EC 23 -59.12 116.23 -20.97
N SER EC 24 -58.45 116.58 -22.06
CA SER EC 24 -57.02 116.28 -22.18
C SER EC 24 -56.15 117.24 -21.40
N THR EC 25 -56.68 118.37 -20.94
CA THR EC 25 -55.94 119.33 -20.15
C THR EC 25 -56.11 119.00 -18.68
N THR EC 26 -55.02 118.62 -18.02
CA THR EC 26 -55.06 118.17 -16.63
C THR EC 26 -54.00 118.89 -15.80
N PHE EC 27 -54.32 119.07 -14.53
CA PHE EC 27 -53.39 119.59 -13.53
C PHE EC 27 -53.51 118.72 -12.29
N SER EC 28 -52.39 118.15 -11.87
CA SER EC 28 -52.36 117.22 -10.74
C SER EC 28 -51.38 117.68 -9.69
N ALA EC 29 -51.78 117.55 -8.43
CA ALA EC 29 -50.93 117.88 -7.29
C ALA EC 29 -50.90 116.70 -6.34
N SER EC 30 -49.70 116.23 -6.04
CA SER EC 30 -49.51 115.09 -5.15
C SER EC 30 -48.57 115.48 -4.03
N LEU EC 31 -48.93 115.15 -2.79
CA LEU EC 31 -48.12 115.48 -1.63
C LEU EC 31 -47.71 114.18 -0.93
N LEU EC 32 -46.41 114.08 -0.63
CA LEU EC 32 -45.87 112.97 0.14
C LEU EC 32 -45.20 113.54 1.37
N ARG EC 33 -45.67 113.12 2.56
CA ARG EC 33 -45.19 113.67 3.82
C ARG EC 33 -44.46 112.58 4.60
N GLN EC 34 -43.26 112.90 5.05
CA GLN EC 34 -42.42 111.98 5.82
C GLN EC 34 -41.68 112.76 6.89
N ARG EC 35 -41.51 112.14 8.05
CA ARG EC 35 -40.85 112.77 9.19
C ARG EC 35 -39.36 112.42 9.13
N VAL EC 36 -38.62 113.14 8.29
CA VAL EC 36 -37.18 112.97 8.19
C VAL EC 36 -36.52 113.93 9.18
N LYS EC 37 -36.13 113.41 10.34
CA LYS EC 37 -35.64 114.27 11.40
C LYS EC 37 -34.12 114.36 11.37
N VAL EC 38 -33.61 115.58 11.49
CA VAL EC 38 -32.18 115.82 11.62
C VAL EC 38 -31.81 115.60 13.08
N GLY EC 39 -30.51 115.56 13.36
CA GLY EC 39 -30.02 115.32 14.70
C GLY EC 39 -30.63 116.20 15.77
N ILE EC 40 -31.03 115.58 16.89
CA ILE EC 40 -31.63 116.23 18.06
C ILE EC 40 -32.69 117.25 17.67
N ALA EC 41 -33.43 116.97 16.60
CA ALA EC 41 -34.51 117.86 16.17
C ALA EC 41 -35.56 117.04 15.46
N GLU EC 42 -36.77 117.59 15.39
CA GLU EC 42 -37.90 116.97 14.71
C GLU EC 42 -38.35 117.87 13.57
N LEU EC 43 -38.47 117.29 12.38
CA LEU EC 43 -38.85 118.06 11.19
C LEU EC 43 -39.83 117.23 10.36
N ASN EC 44 -40.89 117.89 9.89
CA ASN EC 44 -41.88 117.27 9.01
C ASN EC 44 -41.61 117.73 7.59
N ASN EC 45 -41.29 116.78 6.71
CA ASN EC 45 -40.94 117.07 5.33
C ASN EC 45 -42.14 116.82 4.43
N VAL EC 46 -42.41 117.78 3.54
CA VAL EC 46 -43.55 117.71 2.63
C VAL EC 46 -43.01 117.89 1.22
N SER EC 47 -42.99 116.81 0.45
CA SER EC 47 -42.57 116.86 -0.94
C SER EC 47 -43.80 117.00 -1.82
N GLY EC 48 -43.84 118.06 -2.62
CA GLY EC 48 -44.99 118.34 -3.44
C GLY EC 48 -44.72 118.32 -4.92
N GLN EC 49 -45.41 117.44 -5.65
CA GLN EC 49 -45.25 117.28 -7.08
C GLN EC 49 -46.47 117.81 -7.80
N TYR EC 50 -46.26 118.73 -8.74
CA TYR EC 50 -47.34 119.35 -9.50
C TYR EC 50 -47.07 119.14 -10.98
N VAL EC 51 -48.04 118.57 -11.68
CA VAL EC 51 -47.89 118.24 -13.10
C VAL EC 51 -49.00 118.92 -13.88
N SER EC 52 -48.62 119.66 -14.91
CA SER EC 52 -49.56 120.28 -15.83
C SER EC 52 -49.38 119.69 -17.22
N VAL EC 53 -50.46 119.14 -17.78
CA VAL EC 53 -50.42 118.44 -19.04
C VAL EC 53 -51.40 119.08 -20.01
N TYR EC 54 -50.91 119.41 -21.20
CA TYR EC 54 -51.74 119.94 -22.28
C TYR EC 54 -51.34 119.28 -23.58
N LYS EC 55 -52.33 118.92 -24.40
CA LYS EC 55 -52.10 118.32 -25.70
C LYS EC 55 -52.53 119.30 -26.78
N ARG EC 56 -51.56 120.00 -27.37
CA ARG EC 56 -51.81 121.01 -28.38
C ARG EC 56 -51.49 120.46 -29.77
N PRO EC 57 -52.33 120.74 -30.76
CA PRO EC 57 -52.05 120.24 -32.11
C PRO EC 57 -50.77 120.83 -32.68
N ALA EC 58 -50.13 120.06 -33.55
CA ALA EC 58 -48.89 120.49 -34.18
C ALA EC 58 -49.15 121.75 -35.01
N PRO EC 59 -48.15 122.64 -35.12
CA PRO EC 59 -48.38 123.92 -35.81
C PRO EC 59 -48.71 123.75 -37.29
N LYS EC 60 -49.68 124.53 -37.75
CA LYS EC 60 -50.10 124.58 -39.14
C LYS EC 60 -49.04 125.31 -39.97
N PRO EC 61 -48.94 125.05 -41.27
CA PRO EC 61 -47.98 125.78 -42.11
C PRO EC 61 -48.21 127.28 -42.07
N GLU EC 62 -47.13 128.06 -42.14
CA GLU EC 62 -47.24 129.50 -41.93
C GLU EC 62 -48.14 130.16 -42.97
N GLY EC 63 -47.98 129.80 -44.24
CA GLY EC 63 -48.84 130.32 -45.27
C GLY EC 63 -50.02 129.41 -45.54
N CYS EC 64 -50.93 129.28 -44.56
CA CYS EC 64 -52.04 128.36 -44.67
C CYS EC 64 -53.35 129.10 -44.44
N ALA EC 65 -54.32 128.89 -45.32
CA ALA EC 65 -55.65 129.48 -45.18
C ALA EC 65 -56.76 128.46 -45.23
N ASP EC 66 -56.45 127.16 -45.13
CA ASP EC 66 -57.49 126.14 -45.22
C ASP EC 66 -58.39 126.19 -43.99
N ALA EC 67 -59.66 125.86 -44.18
CA ALA EC 67 -60.65 125.96 -43.12
C ALA EC 67 -60.36 124.98 -41.98
N CYS EC 68 -60.35 123.69 -42.28
CA CYS EC 68 -60.21 122.67 -41.25
C CYS EC 68 -59.26 121.57 -41.71
N VAL EC 69 -58.02 121.63 -41.23
CA VAL EC 69 -57.07 120.53 -41.34
C VAL EC 69 -56.46 120.32 -39.97
N ILE EC 70 -56.68 119.14 -39.38
CA ILE EC 70 -56.30 118.87 -38.00
C ILE EC 70 -55.04 118.03 -37.98
N MET EC 71 -54.05 118.47 -37.21
CA MET EC 71 -52.81 117.73 -37.02
C MET EC 71 -52.83 117.03 -35.67
N PRO EC 72 -52.14 115.91 -35.52
CA PRO EC 72 -52.16 115.19 -34.24
C PRO EC 72 -51.49 116.00 -33.14
N ASN EC 73 -51.94 115.75 -31.92
CA ASN EC 73 -51.51 116.52 -30.77
C ASN EC 73 -50.11 116.11 -30.33
N GLU EC 74 -49.41 117.04 -29.69
CA GLU EC 74 -48.11 116.80 -29.09
C GLU EC 74 -48.24 116.96 -27.60
N ASN EC 75 -47.38 116.28 -26.84
CA ASN EC 75 -47.48 116.30 -25.39
C ASN EC 75 -46.67 117.46 -24.82
N GLN EC 76 -47.33 118.33 -24.06
CA GLN EC 76 -46.69 119.43 -23.36
C GLN EC 76 -46.89 119.21 -21.87
N SER EC 77 -45.79 119.12 -21.12
CA SER EC 77 -45.83 118.83 -19.71
C SER EC 77 -44.90 119.77 -18.96
N ILE EC 78 -45.37 120.23 -17.79
CA ILE EC 78 -44.57 121.04 -16.87
C ILE EC 78 -44.71 120.41 -15.50
N ARG EC 79 -43.59 120.01 -14.92
CA ARG EC 79 -43.58 119.26 -13.66
C ARG EC 79 -42.65 119.94 -12.67
N THR EC 80 -43.18 120.25 -11.49
CA THR EC 80 -42.41 120.90 -10.43
C THR EC 80 -42.51 120.09 -9.15
N VAL EC 81 -41.37 119.94 -8.47
CA VAL EC 81 -41.29 119.23 -7.20
C VAL EC 81 -40.71 120.17 -6.17
N ILE EC 82 -41.41 120.36 -5.06
CA ILE EC 82 -40.98 121.24 -3.98
C ILE EC 82 -40.80 120.39 -2.72
N SER EC 83 -39.61 120.42 -2.16
CA SER EC 83 -39.27 119.63 -0.97
C SER EC 83 -38.75 120.56 0.12
N GLY EC 84 -39.24 120.38 1.33
CA GLY EC 84 -38.80 121.20 2.45
C GLY EC 84 -39.57 120.93 3.72
N SER EC 85 -39.03 121.41 4.84
CA SER EC 85 -39.70 121.22 6.13
C SER EC 85 -40.89 122.14 6.25
N ALA EC 86 -41.89 121.72 7.04
CA ALA EC 86 -43.06 122.56 7.27
C ALA EC 86 -42.71 123.76 8.14
N GLU EC 87 -41.61 123.66 8.90
CA GLU EC 87 -41.21 124.77 9.76
C GLU EC 87 -40.71 125.96 8.95
N ASN EC 88 -40.09 125.68 7.80
CA ASN EC 88 -39.46 126.71 6.97
C ASN EC 88 -40.33 127.11 5.79
N LEU EC 89 -41.65 127.20 5.98
CA LEU EC 89 -42.54 127.45 4.86
C LEU EC 89 -42.32 128.82 4.24
N ALA EC 90 -42.11 129.85 5.07
CA ALA EC 90 -41.92 131.20 4.54
C ALA EC 90 -40.65 131.29 3.71
N THR EC 91 -39.56 130.70 4.21
CA THR EC 91 -38.32 130.67 3.47
C THR EC 91 -38.44 129.85 2.19
N LEU EC 92 -39.18 128.75 2.22
CA LEU EC 92 -39.40 127.97 1.01
C LEU EC 92 -40.20 128.76 -0.01
N LYS EC 93 -41.17 129.56 0.45
CA LYS EC 93 -41.92 130.41 -0.47
C LYS EC 93 -41.02 131.46 -1.10
N ALA EC 94 -40.11 132.05 -0.31
CA ALA EC 94 -39.15 132.99 -0.88
C ALA EC 94 -38.26 132.30 -1.91
N GLU EC 95 -37.81 131.08 -1.61
CA GLU EC 95 -37.01 130.31 -2.56
C GLU EC 95 -37.80 130.04 -3.84
N TRP EC 96 -39.10 129.76 -3.69
CA TRP EC 96 -39.94 129.51 -4.86
C TRP EC 96 -40.09 130.75 -5.73
N GLU EC 97 -40.21 131.93 -5.10
CA GLU EC 97 -40.26 133.17 -5.87
C GLU EC 97 -38.95 133.38 -6.62
N THR EC 98 -37.81 133.15 -5.96
CA THR EC 98 -36.53 133.28 -6.64
C THR EC 98 -36.40 132.28 -7.79
N HIS EC 99 -36.90 131.06 -7.57
CA HIS EC 99 -36.88 130.04 -8.62
C HIS EC 99 -37.74 130.48 -9.82
N LYS EC 100 -38.92 131.05 -9.54
CA LYS EC 100 -39.72 131.62 -10.62
C LYS EC 100 -38.91 132.63 -11.41
N ARG EC 101 -38.26 133.57 -10.72
CA ARG EC 101 -37.55 134.63 -11.41
C ARG EC 101 -36.42 134.07 -12.26
N ASN EC 102 -35.69 133.10 -11.73
CA ASN EC 102 -34.56 132.52 -12.47
C ASN EC 102 -35.05 131.75 -13.69
N VAL EC 103 -36.06 130.89 -13.52
CA VAL EC 103 -36.56 130.13 -14.65
C VAL EC 103 -37.15 131.06 -15.70
N ASP EC 104 -37.79 132.14 -15.27
CA ASP EC 104 -38.33 133.10 -16.23
C ASP EC 104 -37.21 133.77 -17.02
N THR EC 105 -36.18 134.27 -16.33
CA THR EC 105 -35.12 134.99 -17.04
C THR EC 105 -34.28 134.05 -17.89
N LEU EC 106 -34.37 132.74 -17.65
CA LEU EC 106 -33.65 131.79 -18.49
C LEU EC 106 -34.49 131.31 -19.67
N PHE EC 107 -35.81 131.15 -19.48
CA PHE EC 107 -36.68 130.48 -20.45
C PHE EC 107 -37.68 131.43 -21.09
N ALA EC 108 -38.46 132.15 -20.28
CA ALA EC 108 -39.51 133.00 -20.82
C ALA EC 108 -38.92 134.15 -21.64
N SER EC 109 -37.86 134.78 -21.14
CA SER EC 109 -37.22 135.87 -21.85
C SER EC 109 -35.94 135.45 -22.55
N GLY EC 110 -35.57 134.17 -22.49
CA GLY EC 110 -34.35 133.68 -23.10
C GLY EC 110 -34.63 132.85 -24.35
N ASN EC 111 -33.69 131.94 -24.63
CA ASN EC 111 -33.79 131.06 -25.79
C ASN EC 111 -33.65 129.59 -25.40
N ALA EC 112 -33.74 129.30 -24.09
CA ALA EC 112 -33.67 127.92 -23.64
C ALA EC 112 -34.85 127.10 -24.18
N GLY EC 113 -35.95 127.76 -24.51
CA GLY EC 113 -37.06 127.07 -25.15
C GLY EC 113 -36.70 126.47 -26.48
N LEU EC 114 -35.97 127.20 -27.32
CA LEU EC 114 -35.42 126.65 -28.54
C LEU EC 114 -34.24 125.72 -28.28
N GLY EC 115 -33.55 125.90 -27.15
CA GLY EC 115 -32.51 124.97 -26.78
C GLY EC 115 -31.12 125.55 -26.71
N PHE EC 116 -30.97 126.83 -26.42
CA PHE EC 116 -29.69 127.48 -26.27
C PHE EC 116 -29.54 128.01 -24.86
N LEU EC 117 -28.44 127.67 -24.20
CA LEU EC 117 -28.13 128.14 -22.86
C LEU EC 117 -27.17 129.31 -22.95
N ASP EC 118 -27.48 130.40 -22.23
CA ASP EC 118 -26.63 131.58 -22.23
C ASP EC 118 -25.92 131.66 -20.90
N PRO EC 119 -24.59 131.44 -20.85
CA PRO EC 119 -23.88 131.56 -19.57
C PRO EC 119 -23.79 132.98 -19.04
N THR EC 120 -24.25 133.97 -19.79
CA THR EC 120 -24.22 135.35 -19.36
C THR EC 120 -25.55 135.82 -18.77
N ALA EC 121 -26.48 134.89 -18.54
CA ALA EC 121 -27.78 135.26 -17.98
C ALA EC 121 -27.64 135.80 -16.57
N ALA EC 122 -28.51 136.74 -16.23
CA ALA EC 122 -28.47 137.40 -14.92
C ALA EC 122 -29.32 136.62 -13.93
N ILE EC 123 -28.70 135.62 -13.31
CA ILE EC 123 -29.37 134.79 -12.30
C ILE EC 123 -29.17 135.43 -10.93
N VAL EC 124 -30.26 135.56 -10.17
CA VAL EC 124 -30.24 136.24 -8.89
C VAL EC 124 -30.74 135.29 -7.81
N SER EC 125 -30.30 135.53 -6.58
CA SER EC 125 -30.58 134.62 -5.47
C SER EC 125 -31.65 135.19 -4.55
N SER EC 126 -32.04 134.37 -3.57
CA SER EC 126 -33.08 134.76 -2.63
C SER EC 126 -32.60 135.80 -1.63
N ASP EC 127 -31.36 135.69 -1.16
CA ASP EC 127 -30.87 136.63 -0.16
C ASP EC 127 -30.71 138.02 -0.74
N THR EC 128 -30.90 139.03 0.10
CA THR EC 128 -30.81 140.43 -0.29
C THR EC 128 -29.60 141.08 0.37
N THR EC 129 -28.96 141.97 -0.39
CA THR EC 129 -27.78 142.68 0.11
C THR EC 129 -28.17 143.67 1.20
N ALA FC 1 -62.61 131.19 19.80
CA ALA FC 1 -62.36 130.85 18.41
C ALA FC 1 -61.26 129.80 18.29
N ASN FC 2 -61.66 128.54 18.26
CA ASN FC 2 -60.71 127.44 18.16
C ASN FC 2 -60.15 127.34 16.75
N LYS FC 3 -58.93 126.83 16.64
CA LYS FC 3 -58.30 126.70 15.34
C LYS FC 3 -58.89 125.51 14.59
N PRO FC 4 -59.42 125.73 13.39
CA PRO FC 4 -59.95 124.60 12.61
C PRO FC 4 -58.84 123.74 12.04
N MET FC 5 -59.20 122.51 11.66
CA MET FC 5 -58.30 121.61 10.97
C MET FC 5 -58.73 121.42 9.52
N GLN FC 6 -57.84 120.82 8.73
CA GLN FC 6 -58.10 120.40 7.38
C GLN FC 6 -57.72 118.92 7.23
N PRO FC 7 -58.38 118.19 6.33
CA PRO FC 7 -58.11 116.75 6.22
C PRO FC 7 -56.78 116.43 5.55
N ILE FC 8 -55.98 115.57 6.20
CA ILE FC 8 -54.74 115.12 5.59
C ILE FC 8 -54.89 113.79 4.88
N THR FC 9 -55.88 112.98 5.25
CA THR FC 9 -56.12 111.70 4.62
C THR FC 9 -57.62 111.51 4.49
N SER FC 10 -58.11 111.43 3.24
CA SER FC 10 -59.52 111.28 2.96
C SER FC 10 -59.75 109.94 2.27
N THR FC 11 -60.63 109.14 2.86
CA THR FC 11 -60.96 107.82 2.33
C THR FC 11 -62.44 107.56 2.61
N ALA FC 12 -63.01 106.61 1.85
CA ALA FC 12 -64.42 106.28 2.01
C ALA FC 12 -64.71 105.71 3.40
N ASN FC 13 -63.68 105.25 4.11
CA ASN FC 13 -63.86 104.65 5.41
C ASN FC 13 -63.09 105.34 6.53
N LYS FC 14 -62.29 106.36 6.23
CA LYS FC 14 -61.47 107.01 7.25
C LYS FC 14 -61.08 108.40 6.79
N ILE FC 15 -61.29 109.39 7.65
CA ILE FC 15 -60.84 110.76 7.42
C ILE FC 15 -60.03 111.22 8.63
N VAL FC 16 -58.86 111.80 8.38
CA VAL FC 16 -57.95 112.25 9.43
C VAL FC 16 -57.72 113.74 9.25
N TRP FC 17 -57.89 114.49 10.34
CA TRP FC 17 -57.65 115.92 10.35
C TRP FC 17 -56.32 116.23 11.05
N SER FC 18 -55.81 117.43 10.82
CA SER FC 18 -54.57 117.86 11.46
C SER FC 18 -54.49 119.39 11.45
N ASP FC 19 -54.05 119.96 12.56
CA ASP FC 19 -53.96 121.41 12.66
C ASP FC 19 -52.80 121.91 11.80
N PRO FC 20 -53.04 122.93 10.96
CA PRO FC 20 -51.93 123.48 10.16
C PRO FC 20 -50.78 124.00 11.01
N THR FC 21 -51.08 124.60 12.16
CA THR FC 21 -50.01 125.12 13.02
C THR FC 21 -49.22 124.00 13.67
N ARG FC 22 -49.91 123.00 14.24
CA ARG FC 22 -49.26 121.87 14.88
C ARG FC 22 -49.74 120.60 14.20
N LEU FC 23 -48.83 119.89 13.53
CA LEU FC 23 -49.21 118.69 12.80
C LEU FC 23 -49.35 117.50 13.74
N SER FC 24 -48.91 117.63 14.98
CA SER FC 24 -48.97 116.54 15.94
C SER FC 24 -50.41 116.27 16.36
N THR FC 25 -51.24 117.30 16.39
CA THR FC 25 -52.62 117.16 16.84
C THR FC 25 -53.48 116.67 15.67
N THR FC 26 -54.07 115.49 15.82
CA THR FC 26 -54.87 114.89 14.76
C THR FC 26 -56.19 114.39 15.33
N PHE FC 27 -57.19 114.32 14.47
CA PHE FC 27 -58.51 113.79 14.80
C PHE FC 27 -58.94 112.86 13.68
N SER FC 28 -59.20 111.60 14.02
CA SER FC 28 -59.49 110.57 13.04
C SER FC 28 -60.85 109.93 13.32
N ALA FC 29 -61.60 109.70 12.25
CA ALA FC 29 -62.90 109.04 12.32
C ALA FC 29 -62.92 107.90 11.31
N SER FC 30 -63.18 106.69 11.78
CA SER FC 30 -63.24 105.50 10.94
C SER FC 30 -64.57 104.79 11.17
N LEU FC 31 -65.25 104.45 10.08
CA LEU FC 31 -66.55 103.80 10.15
C LEU FC 31 -66.48 102.42 9.52
N LEU FC 32 -67.02 101.43 10.23
CA LEU FC 32 -67.13 100.08 9.73
C LEU FC 32 -68.59 99.72 9.60
N ARG FC 33 -69.00 99.29 8.41
CA ARG FC 33 -70.40 99.00 8.11
C ARG FC 33 -70.57 97.51 7.85
N GLN FC 34 -71.50 96.89 8.58
CA GLN FC 34 -71.75 95.47 8.45
C GLN FC 34 -73.23 95.19 8.65
N ARG FC 35 -73.70 94.11 8.04
CA ARG FC 35 -75.06 93.65 8.24
C ARG FC 35 -75.10 92.63 9.36
N VAL FC 36 -75.96 92.86 10.34
CA VAL FC 36 -76.08 92.01 11.52
C VAL FC 36 -77.33 91.15 11.36
N LYS FC 37 -77.16 89.84 11.51
CA LYS FC 37 -78.25 88.88 11.42
C LYS FC 37 -78.90 88.74 12.78
N VAL FC 38 -80.10 89.31 12.93
CA VAL FC 38 -80.89 89.19 14.13
C VAL FC 38 -82.18 88.46 13.77
N GLY FC 39 -82.61 87.56 14.65
CA GLY FC 39 -83.79 86.74 14.43
C GLY FC 39 -84.95 87.48 13.83
N ILE FC 40 -85.51 86.92 12.74
CA ILE FC 40 -86.59 87.50 11.94
C ILE FC 40 -86.37 89.01 11.74
N ALA FC 41 -85.13 89.39 11.44
CA ALA FC 41 -84.82 90.79 11.17
C ALA FC 41 -83.57 90.86 10.30
N GLU FC 42 -83.47 91.93 9.51
CA GLU FC 42 -82.28 92.19 8.70
C GLU FC 42 -81.94 93.67 8.85
N LEU FC 43 -81.12 93.98 9.86
CA LEU FC 43 -80.72 95.35 10.15
C LEU FC 43 -79.21 95.42 10.25
N ASN FC 44 -78.66 96.57 9.86
CA ASN FC 44 -77.22 96.74 9.66
C ASN FC 44 -76.64 97.69 10.70
N ASN FC 45 -75.52 97.28 11.30
CA ASN FC 45 -74.86 98.09 12.30
C ASN FC 45 -73.79 98.97 11.67
N VAL FC 46 -73.51 100.10 12.30
CA VAL FC 46 -72.42 100.99 11.90
C VAL FC 46 -71.58 101.27 13.14
N SER FC 47 -70.31 100.89 13.07
CA SER FC 47 -69.37 101.07 14.17
C SER FC 47 -68.45 102.24 13.84
N GLY FC 48 -68.42 103.23 14.72
CA GLY FC 48 -67.61 104.41 14.48
C GLY FC 48 -66.54 104.63 15.53
N GLN FC 49 -65.30 104.80 15.09
CA GLN FC 49 -64.17 104.99 15.98
C GLN FC 49 -63.65 106.42 15.80
N TYR FC 50 -63.57 107.16 16.90
CA TYR FC 50 -63.12 108.54 16.89
C TYR FC 50 -61.92 108.66 17.82
N VAL FC 51 -60.82 109.20 17.31
CA VAL FC 51 -59.56 109.29 18.06
C VAL FC 51 -59.07 110.73 18.02
N SER FC 52 -58.76 111.28 19.19
CA SER FC 52 -58.15 112.58 19.32
C SER FC 52 -56.82 112.45 20.05
N VAL FC 53 -55.76 113.01 19.47
CA VAL FC 53 -54.43 112.95 20.07
C VAL FC 53 -53.86 114.36 20.15
N TYR FC 54 -53.10 114.62 21.21
CA TYR FC 54 -52.39 115.86 21.39
C TYR FC 54 -51.03 115.56 21.99
N LYS FC 55 -49.98 116.13 21.41
CA LYS FC 55 -48.62 115.85 21.85
C LYS FC 55 -48.15 116.97 22.78
N ARG FC 56 -48.86 117.07 23.90
CA ARG FC 56 -48.64 118.15 24.85
C ARG FC 56 -47.26 118.03 25.50
N PRO FC 57 -46.54 119.14 25.67
CA PRO FC 57 -45.25 119.08 26.36
C PRO FC 57 -45.39 118.70 27.83
N ALA FC 58 -44.35 118.07 28.33
CA ALA FC 58 -44.27 117.73 29.75
C ALA FC 58 -44.24 119.02 30.57
N PRO FC 59 -44.72 119.00 31.82
CA PRO FC 59 -44.89 120.27 32.53
C PRO FC 59 -43.56 120.85 32.98
N LYS FC 60 -43.41 122.16 32.76
CA LYS FC 60 -42.16 122.85 33.00
C LYS FC 60 -41.80 122.80 34.48
N PRO FC 61 -40.52 122.64 34.80
CA PRO FC 61 -40.11 122.66 36.22
C PRO FC 61 -40.37 124.01 36.88
N GLU FC 62 -40.36 124.04 38.20
CA GLU FC 62 -40.79 125.20 38.96
C GLU FC 62 -39.64 126.19 39.13
N GLY FC 63 -39.94 127.47 38.95
CA GLY FC 63 -39.01 128.54 39.27
C GLY FC 63 -37.91 128.78 38.26
N CYS FC 64 -37.96 128.16 37.09
CA CYS FC 64 -36.91 128.33 36.08
C CYS FC 64 -37.55 128.73 34.76
N ALA FC 65 -37.26 129.94 34.31
CA ALA FC 65 -37.66 130.41 32.98
C ALA FC 65 -36.52 130.13 32.02
N ASP FC 66 -36.46 128.90 31.51
CA ASP FC 66 -35.38 128.52 30.61
C ASP FC 66 -35.46 129.32 29.31
N ALA FC 67 -34.30 129.51 28.69
CA ALA FC 67 -34.22 130.32 27.47
C ALA FC 67 -35.05 129.71 26.35
N CYS FC 68 -34.95 128.39 26.16
CA CYS FC 68 -35.67 127.71 25.10
C CYS FC 68 -36.33 126.46 25.66
N VAL FC 69 -37.51 126.14 25.12
CA VAL FC 69 -38.25 124.96 25.57
C VAL FC 69 -37.58 123.71 25.02
N ILE FC 70 -37.24 122.78 25.92
CA ILE FC 70 -36.60 121.53 25.54
C ILE FC 70 -37.33 120.37 26.17
N MET FC 71 -38.59 120.57 26.51
CA MET FC 71 -39.33 119.57 27.27
C MET FC 71 -39.67 118.37 26.40
N PRO FC 72 -39.51 117.15 26.91
CA PRO FC 72 -39.85 115.96 26.14
C PRO FC 72 -41.34 115.66 26.17
N ASN FC 73 -42.08 116.26 25.24
CA ASN FC 73 -43.54 116.17 25.16
C ASN FC 73 -44.10 114.76 25.30
N GLU FC 74 -45.35 114.66 25.76
CA GLU FC 74 -46.01 113.40 26.03
C GLU FC 74 -47.11 113.15 25.00
N ASN FC 75 -47.86 112.07 25.24
CA ASN FC 75 -48.98 111.72 24.37
C ASN FC 75 -50.28 111.75 25.17
N GLN FC 76 -51.24 112.55 24.72
CA GLN FC 76 -52.58 112.59 25.30
C GLN FC 76 -53.56 112.13 24.24
N SER FC 77 -54.13 110.95 24.44
CA SER FC 77 -55.04 110.34 23.47
C SER FC 77 -56.35 109.95 24.14
N ILE FC 78 -57.46 110.36 23.54
CA ILE FC 78 -58.80 109.99 23.99
C ILE FC 78 -59.55 109.42 22.80
N ARG FC 79 -60.15 108.25 22.98
CA ARG FC 79 -60.73 107.46 21.91
C ARG FC 79 -62.16 107.07 22.27
N THR FC 80 -63.06 107.19 21.32
CA THR FC 80 -64.47 106.87 21.51
C THR FC 80 -64.95 105.96 20.39
N VAL FC 81 -65.68 104.91 20.76
CA VAL FC 81 -66.24 103.95 19.80
C VAL FC 81 -67.74 103.88 20.05
N ILE FC 82 -68.52 104.15 19.01
CA ILE FC 82 -69.98 104.12 19.08
C ILE FC 82 -70.47 103.06 18.09
N SER FC 83 -71.21 102.07 18.59
CA SER FC 83 -71.69 100.97 17.78
C SER FC 83 -73.17 100.79 18.02
N GLY FC 84 -73.93 100.64 16.94
CA GLY FC 84 -75.36 100.42 17.06
C GLY FC 84 -76.00 100.42 15.68
N SER FC 85 -77.25 99.97 15.66
CA SER FC 85 -78.00 99.89 14.40
C SER FC 85 -78.43 101.28 13.96
N ALA FC 86 -78.42 101.52 12.64
CA ALA FC 86 -78.82 102.81 12.11
C ALA FC 86 -80.32 103.04 12.24
N GLU FC 87 -81.08 101.97 12.44
CA GLU FC 87 -82.52 102.10 12.61
C GLU FC 87 -82.84 102.85 13.90
N ASN FC 88 -82.05 102.62 14.95
CA ASN FC 88 -82.26 103.20 16.27
C ASN FC 88 -81.36 104.40 16.52
N LEU FC 89 -81.14 105.24 15.51
CA LEU FC 89 -80.17 106.33 15.64
C LEU FC 89 -80.58 107.32 16.72
N ALA FC 90 -81.88 107.57 16.87
CA ALA FC 90 -82.33 108.50 17.90
C ALA FC 90 -81.97 107.98 19.29
N THR FC 91 -82.21 106.69 19.52
CA THR FC 91 -81.82 106.08 20.79
C THR FC 91 -80.31 106.08 20.97
N LEU FC 92 -79.55 105.87 19.89
CA LEU FC 92 -78.09 105.92 19.99
C LEU FC 92 -77.62 107.31 20.37
N LYS FC 93 -78.27 108.35 19.83
CA LYS FC 93 -77.92 109.71 20.21
C LYS FC 93 -78.26 109.99 21.66
N ALA FC 94 -79.41 109.49 22.13
CA ALA FC 94 -79.74 109.62 23.54
C ALA FC 94 -78.72 108.92 24.42
N GLU FC 95 -78.29 107.73 24.02
CA GLU FC 95 -77.25 107.01 24.74
C GLU FC 95 -75.95 107.80 24.75
N TRP FC 96 -75.62 108.45 23.63
CA TRP FC 96 -74.41 109.27 23.57
C TRP FC 96 -74.49 110.43 24.55
N GLU FC 97 -75.65 111.08 24.62
CA GLU FC 97 -75.82 112.17 25.57
C GLU FC 97 -75.69 111.68 27.02
N THR FC 98 -76.31 110.54 27.33
CA THR FC 98 -76.21 110.00 28.68
C THR FC 98 -74.78 109.60 29.01
N HIS FC 99 -74.07 109.01 28.05
CA HIS FC 99 -72.66 108.65 28.25
C HIS FC 99 -71.80 109.88 28.49
N LYS FC 100 -72.05 110.95 27.73
CA LYS FC 100 -71.32 112.19 27.96
C LYS FC 100 -71.58 112.71 29.37
N ARG FC 101 -72.83 112.68 29.80
CA ARG FC 101 -73.16 113.17 31.14
C ARG FC 101 -72.46 112.34 32.22
N ASN FC 102 -72.50 111.02 32.08
CA ASN FC 102 -71.86 110.15 33.07
C ASN FC 102 -70.35 110.35 33.11
N VAL FC 103 -69.72 110.45 31.93
CA VAL FC 103 -68.28 110.63 31.89
C VAL FC 103 -67.90 111.99 32.46
N ASP FC 104 -68.72 113.02 32.22
CA ASP FC 104 -68.47 114.31 32.84
C ASP FC 104 -68.60 114.23 34.35
N THR FC 105 -69.59 113.49 34.83
CA THR FC 105 -69.77 113.34 36.28
C THR FC 105 -68.56 112.67 36.92
N LEU FC 106 -68.05 111.61 36.30
CA LEU FC 106 -66.93 110.88 36.88
C LEU FC 106 -65.61 111.63 36.71
N PHE FC 107 -65.40 112.26 35.57
CA PHE FC 107 -64.10 112.76 35.15
C PHE FC 107 -64.02 114.28 35.12
N ALA FC 108 -64.92 114.95 34.39
CA ALA FC 108 -64.85 116.39 34.25
C ALA FC 108 -65.06 117.10 35.58
N SER FC 109 -66.03 116.64 36.37
CA SER FC 109 -66.31 117.24 37.67
C SER FC 109 -65.82 116.38 38.83
N GLY FC 110 -65.27 115.20 38.56
CA GLY FC 110 -64.78 114.32 39.59
C GLY FC 110 -63.27 114.20 39.57
N ASN FC 111 -62.76 113.26 40.36
CA ASN FC 111 -61.32 113.06 40.46
C ASN FC 111 -60.90 111.74 39.81
N ALA FC 112 -61.62 111.34 38.76
CA ALA FC 112 -61.23 110.12 38.05
C ALA FC 112 -59.92 110.32 37.30
N GLY FC 113 -59.55 111.57 37.03
CA GLY FC 113 -58.30 111.82 36.32
C GLY FC 113 -57.08 111.38 37.11
N LEU FC 114 -57.08 111.62 38.42
CA LEU FC 114 -55.94 111.22 39.23
C LEU FC 114 -55.94 109.72 39.50
N GLY FC 115 -57.07 109.06 39.31
CA GLY FC 115 -57.16 107.64 39.55
C GLY FC 115 -58.16 107.20 40.59
N PHE FC 116 -59.10 108.07 40.96
CA PHE FC 116 -60.09 107.71 41.98
C PHE FC 116 -61.43 107.40 41.34
N LEU FC 117 -62.00 106.26 41.71
CA LEU FC 117 -63.33 105.84 41.26
C LEU FC 117 -64.28 106.00 42.43
N ASP FC 118 -65.03 107.08 42.43
CA ASP FC 118 -65.94 107.37 43.54
C ASP FC 118 -67.16 106.47 43.44
N PRO FC 119 -67.46 105.64 44.44
CA PRO FC 119 -68.62 104.74 44.35
C PRO FC 119 -69.95 105.42 44.62
N THR FC 120 -69.96 106.67 45.07
CA THR FC 120 -71.21 107.37 45.36
C THR FC 120 -71.57 108.40 44.30
N ALA FC 121 -70.91 108.38 43.15
CA ALA FC 121 -71.20 109.35 42.10
C ALA FC 121 -72.60 109.16 41.54
N ALA FC 122 -73.19 110.25 41.05
CA ALA FC 122 -74.55 110.24 40.55
C ALA FC 122 -74.53 109.84 39.07
N ILE FC 123 -74.67 108.54 38.83
CA ILE FC 123 -74.73 108.01 37.47
C ILE FC 123 -76.18 107.76 37.11
N VAL FC 124 -76.55 108.10 35.88
CA VAL FC 124 -77.94 107.99 35.43
C VAL FC 124 -77.99 107.21 34.12
N SER FC 125 -79.15 106.61 33.86
CA SER FC 125 -79.38 105.90 32.62
C SER FC 125 -80.15 106.77 31.63
N SER FC 126 -80.19 106.31 30.38
CA SER FC 126 -80.86 107.08 29.33
C SER FC 126 -82.36 107.15 29.53
N ASP FC 127 -82.95 106.18 30.22
CA ASP FC 127 -84.40 106.18 30.43
C ASP FC 127 -84.81 107.31 31.36
N THR FC 128 -86.00 107.84 31.13
CA THR FC 128 -86.55 108.93 31.91
C THR FC 128 -87.83 108.47 32.61
N THR FC 129 -88.04 109.01 33.82
CA THR FC 129 -89.22 108.68 34.60
C THR FC 129 -90.28 109.78 34.48
N ALA GC 1 -110.15 -98.34 -0.99
CA ALA GC 1 -110.36 -97.42 -2.11
C ALA GC 1 -109.38 -96.25 -2.02
N ASN GC 2 -108.22 -96.42 -2.66
CA ASN GC 2 -107.20 -95.39 -2.65
C ASN GC 2 -107.59 -94.23 -3.56
N LYS GC 3 -107.11 -93.05 -3.24
CA LYS GC 3 -107.47 -91.85 -4.00
C LYS GC 3 -106.50 -91.63 -5.14
N PRO GC 4 -106.97 -91.61 -6.39
CA PRO GC 4 -106.05 -91.35 -7.52
C PRO GC 4 -105.46 -89.96 -7.45
N MET GC 5 -104.26 -89.80 -8.02
CA MET GC 5 -103.69 -88.49 -8.29
C MET GC 5 -103.83 -88.19 -9.77
N GLN GC 6 -103.99 -86.92 -10.11
CA GLN GC 6 -103.92 -86.49 -11.49
C GLN GC 6 -102.67 -85.63 -11.68
N PRO GC 7 -102.00 -85.74 -12.82
CA PRO GC 7 -100.68 -85.11 -12.93
C PRO GC 7 -100.76 -83.59 -12.93
N ILE GC 8 -99.69 -82.96 -12.45
CA ILE GC 8 -99.57 -81.51 -12.47
C ILE GC 8 -98.49 -81.03 -13.42
N THR GC 9 -97.44 -81.82 -13.66
CA THR GC 9 -96.42 -81.50 -14.64
C THR GC 9 -96.13 -82.75 -15.46
N SER GC 10 -96.23 -82.61 -16.78
CA SER GC 10 -96.04 -83.74 -17.68
C SER GC 10 -94.94 -83.43 -18.69
N THR GC 11 -93.99 -84.35 -18.80
CA THR GC 11 -92.88 -84.23 -19.73
C THR GC 11 -92.42 -85.64 -20.08
N ALA GC 12 -91.72 -85.76 -21.22
CA ALA GC 12 -91.22 -87.06 -21.63
C ALA GC 12 -90.16 -87.59 -20.69
N ASN GC 13 -89.54 -86.70 -19.90
CA ASN GC 13 -88.47 -87.07 -18.99
C ASN GC 13 -88.88 -87.07 -17.53
N LYS GC 14 -90.01 -86.44 -17.18
CA LYS GC 14 -90.43 -86.32 -15.79
C LYS GC 14 -91.93 -86.10 -15.74
N ILE GC 15 -92.62 -86.85 -14.87
CA ILE GC 15 -94.04 -86.67 -14.61
C ILE GC 15 -94.23 -86.59 -13.10
N VAL GC 16 -94.99 -85.59 -12.66
CA VAL GC 16 -95.24 -85.36 -11.24
C VAL GC 16 -96.74 -85.49 -10.99
N TRP GC 17 -97.10 -86.28 -10.00
CA TRP GC 17 -98.49 -86.49 -9.61
C TRP GC 17 -98.74 -85.81 -8.26
N SER GC 18 -99.95 -85.29 -8.08
CA SER GC 18 -100.32 -84.60 -6.85
C SER GC 18 -101.76 -84.92 -6.48
N ASP GC 19 -102.01 -85.10 -5.19
CA ASP GC 19 -103.35 -85.39 -4.71
C ASP GC 19 -104.20 -84.13 -4.79
N PRO GC 20 -105.34 -84.16 -5.50
CA PRO GC 20 -106.17 -82.95 -5.57
C PRO GC 20 -106.63 -82.46 -4.21
N THR GC 21 -106.88 -83.37 -3.26
CA THR GC 21 -107.23 -82.95 -1.91
C THR GC 21 -106.06 -82.39 -1.13
N ARG GC 22 -104.85 -82.92 -1.34
CA ARG GC 22 -103.65 -82.40 -0.67
C ARG GC 22 -102.49 -82.37 -1.65
N LEU GC 23 -102.23 -81.21 -2.25
CA LEU GC 23 -101.18 -81.09 -3.26
C LEU GC 23 -99.79 -81.31 -2.67
N SER GC 24 -99.70 -81.29 -1.33
CA SER GC 24 -98.42 -81.57 -0.68
C SER GC 24 -97.96 -83.00 -0.88
N THR GC 25 -98.88 -83.93 -1.16
CA THR GC 25 -98.51 -85.31 -1.43
C THR GC 25 -98.15 -85.44 -2.91
N THR GC 26 -96.88 -85.75 -3.19
CA THR GC 26 -96.38 -85.78 -4.55
C THR GC 26 -95.74 -87.13 -4.84
N PHE GC 27 -95.75 -87.49 -6.14
CA PHE GC 27 -95.09 -88.69 -6.62
C PHE GC 27 -94.43 -88.35 -7.95
N SER GC 28 -93.12 -88.56 -8.04
CA SER GC 28 -92.34 -88.17 -9.20
C SER GC 28 -91.63 -89.37 -9.79
N ALA GC 29 -91.62 -89.43 -11.12
CA ALA GC 29 -90.90 -90.47 -11.86
C ALA GC 29 -90.10 -89.81 -12.97
N SER GC 30 -88.77 -89.92 -12.90
CA SER GC 30 -87.88 -89.28 -13.86
C SER GC 30 -86.98 -90.36 -14.47
N LEU GC 31 -86.87 -90.35 -15.79
CA LEU GC 31 -86.07 -91.33 -16.52
C LEU GC 31 -84.86 -90.66 -17.15
N LEU GC 32 -83.69 -91.24 -16.92
CA LEU GC 32 -82.46 -90.82 -17.57
C LEU GC 32 -81.89 -92.00 -18.34
N ARG GC 33 -81.61 -91.80 -19.63
CA ARG GC 33 -81.26 -92.88 -20.53
C ARG GC 33 -79.93 -92.59 -21.20
N GLN GC 34 -79.02 -93.56 -21.18
CA GLN GC 34 -77.73 -93.47 -21.84
C GLN GC 34 -77.45 -94.78 -22.57
N ARG GC 35 -76.41 -94.76 -23.41
CA ARG GC 35 -75.93 -95.94 -24.08
C ARG GC 35 -74.54 -96.29 -23.54
N VAL GC 36 -74.35 -97.55 -23.16
CA VAL GC 36 -73.12 -97.99 -22.51
C VAL GC 36 -72.55 -99.15 -23.30
N LYS GC 37 -71.24 -99.09 -23.58
CA LYS GC 37 -70.55 -100.13 -24.34
C LYS GC 37 -69.92 -101.12 -23.36
N VAL GC 38 -70.71 -102.12 -22.98
CA VAL GC 38 -70.23 -103.13 -22.04
C VAL GC 38 -69.46 -104.23 -22.77
N GLY GC 39 -70.13 -104.92 -23.69
CA GLY GC 39 -69.56 -106.08 -24.35
C GLY GC 39 -69.39 -105.87 -25.84
N ILE GC 40 -68.85 -104.71 -26.20
CA ILE GC 40 -68.70 -104.20 -27.57
C ILE GC 40 -70.06 -104.20 -28.26
N ALA GC 41 -71.12 -104.21 -27.46
CA ALA GC 41 -72.49 -104.03 -27.92
C ALA GC 41 -73.11 -102.89 -27.12
N GLU GC 42 -73.74 -101.95 -27.82
CA GLU GC 42 -74.25 -100.73 -27.20
C GLU GC 42 -75.58 -101.02 -26.53
N LEU GC 43 -75.52 -101.39 -25.25
CA LEU GC 43 -76.73 -101.60 -24.48
C LEU GC 43 -77.29 -100.26 -24.00
N ASN GC 44 -78.62 -100.17 -23.94
CA ASN GC 44 -79.29 -98.94 -23.54
C ASN GC 44 -79.85 -99.10 -22.13
N ASN GC 45 -79.14 -98.50 -21.17
CA ASN GC 45 -79.59 -98.57 -19.78
C ASN GC 45 -80.61 -97.48 -19.48
N VAL GC 46 -81.48 -97.77 -18.51
CA VAL GC 46 -82.49 -96.82 -18.06
C VAL GC 46 -82.35 -96.68 -16.55
N SER GC 47 -82.19 -95.45 -16.08
CA SER GC 47 -82.06 -95.16 -14.66
C SER GC 47 -83.31 -94.39 -14.22
N GLY GC 48 -84.29 -95.12 -13.70
CA GLY GC 48 -85.55 -94.53 -13.29
C GLY GC 48 -85.52 -94.16 -11.82
N GLN GC 49 -85.79 -92.90 -11.54
CA GLN GC 49 -85.82 -92.37 -10.18
C GLN GC 49 -87.26 -92.09 -9.80
N TYR GC 50 -87.77 -92.82 -8.81
CA TYR GC 50 -89.14 -92.68 -8.34
C TYR GC 50 -89.10 -92.15 -6.91
N VAL GC 51 -89.76 -91.01 -6.69
CA VAL GC 51 -89.76 -90.34 -5.38
C VAL GC 51 -91.20 -90.09 -4.96
N SER GC 52 -91.55 -90.52 -3.76
CA SER GC 52 -92.85 -90.26 -3.17
C SER GC 52 -92.67 -89.47 -1.88
N VAL GC 53 -93.38 -88.34 -1.78
CA VAL GC 53 -93.22 -87.42 -0.67
C VAL GC 53 -94.57 -87.20 -0.02
N TYR GC 54 -94.64 -87.39 1.30
CA TYR GC 54 -95.81 -87.07 2.09
C TYR GC 54 -95.40 -86.21 3.27
N LYS GC 55 -96.09 -85.09 3.46
CA LYS GC 55 -95.86 -84.22 4.60
C LYS GC 55 -96.85 -84.59 5.69
N ARG GC 56 -96.39 -85.37 6.66
CA ARG GC 56 -97.24 -85.93 7.70
C ARG GC 56 -97.17 -85.03 8.92
N PRO GC 57 -98.30 -84.53 9.43
CA PRO GC 57 -98.23 -83.67 10.62
C PRO GC 57 -98.19 -84.47 11.91
N ALA GC 58 -97.11 -84.29 12.67
CA ALA GC 58 -96.86 -85.07 13.88
C ALA GC 58 -96.51 -84.17 15.06
N PRO GC 59 -97.45 -83.34 15.52
CA PRO GC 59 -97.30 -82.80 16.88
C PRO GC 59 -97.34 -83.91 17.91
N LYS GC 60 -98.11 -84.96 17.62
CA LYS GC 60 -98.26 -86.18 18.41
C LYS GC 60 -98.62 -85.87 19.86
N PRO GC 61 -99.77 -85.24 20.12
CA PRO GC 61 -100.21 -85.07 21.51
C PRO GC 61 -100.78 -86.36 22.05
N GLU GC 62 -100.01 -87.02 22.90
CA GLU GC 62 -100.37 -88.35 23.38
C GLU GC 62 -101.59 -88.28 24.30
N GLY GC 63 -102.72 -88.69 23.77
CA GLY GC 63 -103.95 -88.77 24.56
C GLY GC 63 -105.04 -87.74 24.30
N CYS GC 64 -104.66 -86.51 23.97
CA CYS GC 64 -105.67 -85.47 23.87
C CYS GC 64 -105.46 -84.67 22.59
N ALA GC 65 -106.57 -84.46 21.88
CA ALA GC 65 -106.66 -83.50 20.78
C ALA GC 65 -107.94 -82.70 20.94
N ASP GC 66 -107.82 -81.38 20.90
CA ASP GC 66 -108.97 -80.60 21.35
C ASP GC 66 -109.58 -79.73 20.27
N ALA GC 67 -108.80 -78.87 19.61
CA ALA GC 67 -109.36 -77.87 18.71
C ALA GC 67 -108.46 -77.74 17.49
N CYS GC 68 -108.71 -76.69 16.70
CA CYS GC 68 -107.95 -76.43 15.49
C CYS GC 68 -106.61 -75.83 15.85
N VAL GC 69 -105.62 -76.68 16.11
CA VAL GC 69 -104.25 -76.26 16.40
C VAL GC 69 -103.46 -76.39 15.11
N ILE GC 70 -102.53 -75.46 14.89
CA ILE GC 70 -101.68 -75.53 13.70
C ILE GC 70 -100.83 -76.78 13.73
N MET GC 71 -100.77 -77.48 12.61
CA MET GC 71 -99.94 -78.66 12.50
C MET GC 71 -98.56 -78.30 11.97
N PRO GC 72 -97.50 -78.47 12.76
CA PRO GC 72 -96.15 -78.46 12.18
C PRO GC 72 -95.85 -79.77 11.49
N ASN GC 73 -95.14 -79.72 10.37
CA ASN GC 73 -95.04 -80.87 9.46
C ASN GC 73 -93.62 -81.37 9.35
N GLU GC 74 -93.47 -82.67 9.16
CA GLU GC 74 -92.21 -83.30 8.82
C GLU GC 74 -92.34 -83.96 7.46
N ASN GC 75 -91.20 -84.18 6.81
CA ASN GC 75 -91.17 -84.73 5.45
C ASN GC 75 -90.90 -86.23 5.50
N GLN GC 76 -91.86 -87.01 5.00
CA GLN GC 76 -91.68 -88.44 4.80
C GLN GC 76 -91.38 -88.67 3.33
N SER GC 77 -90.18 -89.13 3.02
CA SER GC 77 -89.73 -89.29 1.65
C SER GC 77 -89.29 -90.72 1.39
N ILE GC 78 -89.68 -91.26 0.25
CA ILE GC 78 -89.25 -92.57 -0.22
C ILE GC 78 -88.71 -92.40 -1.63
N ARG GC 79 -87.42 -92.67 -1.81
CA ARG GC 79 -86.74 -92.47 -3.08
C ARG GC 79 -86.18 -93.80 -3.56
N THR GC 80 -86.51 -94.17 -4.79
CA THR GC 80 -86.10 -95.44 -5.38
C THR GC 80 -85.51 -95.21 -6.76
N VAL GC 81 -84.37 -95.83 -7.02
CA VAL GC 81 -83.67 -95.73 -8.30
C VAL GC 81 -83.42 -97.14 -8.82
N ILE GC 82 -83.82 -97.38 -10.07
CA ILE GC 82 -83.60 -98.67 -10.73
C ILE GC 82 -82.75 -98.42 -11.96
N SER GC 83 -81.60 -99.07 -12.03
CA SER GC 83 -80.66 -98.88 -13.13
C SER GC 83 -80.37 -100.24 -13.75
N GLY GC 84 -80.49 -100.33 -15.07
CA GLY GC 84 -80.21 -101.55 -15.79
C GLY GC 84 -80.47 -101.46 -17.27
N SER GC 85 -79.90 -102.37 -18.05
CA SER GC 85 -80.10 -102.38 -19.49
C SER GC 85 -81.53 -102.75 -19.82
N ALA GC 86 -82.07 -102.13 -20.88
CA ALA GC 86 -83.44 -102.42 -21.29
C ALA GC 86 -83.57 -103.84 -21.84
N GLU GC 87 -82.46 -104.43 -22.28
CA GLU GC 87 -82.52 -105.75 -22.89
C GLU GC 87 -82.67 -106.85 -21.86
N ASN GC 88 -82.47 -106.54 -20.58
CA ASN GC 88 -82.57 -107.51 -19.50
C ASN GC 88 -83.68 -107.14 -18.52
N LEU GC 89 -84.83 -106.72 -19.07
CA LEU GC 89 -85.91 -106.21 -18.21
C LEU GC 89 -86.52 -107.31 -17.37
N ALA GC 90 -86.59 -108.54 -17.88
CA ALA GC 90 -87.15 -109.63 -17.09
C ALA GC 90 -86.31 -109.88 -15.84
N THR GC 91 -84.99 -109.95 -16.01
CA THR GC 91 -84.10 -110.08 -14.87
C THR GC 91 -84.17 -108.87 -13.96
N LEU GC 92 -84.33 -107.67 -14.52
CA LEU GC 92 -84.46 -106.48 -13.69
C LEU GC 92 -85.72 -106.52 -12.84
N LYS GC 93 -86.82 -107.03 -13.41
CA LYS GC 93 -88.07 -107.16 -12.65
C LYS GC 93 -87.93 -108.21 -11.56
N ALA GC 94 -87.23 -109.32 -11.85
CA ALA GC 94 -86.96 -110.30 -10.81
C ALA GC 94 -86.13 -109.69 -9.69
N GLU GC 95 -85.12 -108.89 -10.05
CA GLU GC 95 -84.34 -108.19 -9.04
C GLU GC 95 -85.21 -107.24 -8.23
N TRP GC 96 -86.16 -106.57 -8.88
CA TRP GC 96 -87.04 -105.65 -8.17
C TRP GC 96 -87.91 -106.39 -7.17
N GLU GC 97 -88.44 -107.55 -7.56
CA GLU GC 97 -89.24 -108.35 -6.63
C GLU GC 97 -88.40 -108.80 -5.44
N THR GC 98 -87.18 -109.28 -5.70
CA THR GC 98 -86.32 -109.72 -4.61
C THR GC 98 -85.96 -108.56 -3.69
N HIS GC 99 -85.71 -107.39 -4.28
CA HIS GC 99 -85.39 -106.21 -3.48
C HIS GC 99 -86.57 -105.82 -2.60
N LYS GC 100 -87.79 -105.87 -3.16
CA LYS GC 100 -88.98 -105.60 -2.36
C LYS GC 100 -89.09 -106.58 -1.20
N ARG GC 101 -88.84 -107.86 -1.47
CA ARG GC 101 -88.92 -108.86 -0.41
C ARG GC 101 -87.91 -108.60 0.69
N ASN GC 102 -86.67 -108.27 0.31
CA ASN GC 102 -85.63 -108.05 1.31
C ASN GC 102 -85.91 -106.78 2.13
N VAL GC 103 -86.36 -105.72 1.47
CA VAL GC 103 -86.67 -104.49 2.19
C VAL GC 103 -87.84 -104.72 3.14
N ASP GC 104 -88.83 -105.52 2.72
CA ASP GC 104 -89.91 -105.88 3.62
C ASP GC 104 -89.40 -106.65 4.82
N THR GC 105 -88.50 -107.61 4.58
CA THR GC 105 -87.95 -108.40 5.68
C THR GC 105 -87.24 -107.52 6.70
N LEU GC 106 -86.46 -106.55 6.23
CA LEU GC 106 -85.76 -105.67 7.15
C LEU GC 106 -86.66 -104.63 7.82
N PHE GC 107 -87.62 -104.07 7.07
CA PHE GC 107 -88.34 -102.88 7.49
C PHE GC 107 -89.78 -103.17 7.90
N ALA GC 108 -90.56 -103.80 7.00
CA ALA GC 108 -91.98 -103.99 7.27
C ALA GC 108 -92.20 -104.95 8.44
N SER GC 109 -91.44 -106.04 8.48
CA SER GC 109 -91.56 -107.02 9.55
C SER GC 109 -90.46 -106.92 10.59
N GLY GC 110 -89.47 -106.05 10.39
CA GLY GC 110 -88.38 -105.88 11.32
C GLY GC 110 -88.49 -104.58 12.11
N ASN GC 111 -87.34 -104.11 12.57
CA ASN GC 111 -87.25 -102.89 13.36
C ASN GC 111 -86.29 -101.88 12.74
N ALA GC 112 -86.07 -101.97 11.43
CA ALA GC 112 -85.13 -101.08 10.77
C ALA GC 112 -85.62 -99.63 10.77
N GLY GC 113 -86.94 -99.43 10.81
CA GLY GC 113 -87.45 -98.07 10.81
C GLY GC 113 -87.10 -97.29 12.06
N LEU GC 114 -86.86 -98.01 13.16
CA LEU GC 114 -86.54 -97.36 14.43
C LEU GC 114 -85.03 -97.22 14.59
N GLY GC 115 -84.27 -97.63 13.57
CA GLY GC 115 -82.82 -97.56 13.65
C GLY GC 115 -82.18 -98.81 14.22
N PHE GC 116 -82.55 -99.97 13.71
CA PHE GC 116 -82.04 -101.24 14.19
C PHE GC 116 -81.62 -102.11 13.02
N LEU GC 117 -80.62 -102.96 13.23
CA LEU GC 117 -80.17 -103.93 12.25
C LEU GC 117 -80.25 -105.31 12.85
N ASP GC 118 -80.75 -106.27 12.08
CA ASP GC 118 -80.82 -107.66 12.53
C ASP GC 118 -79.92 -108.50 11.64
N PRO GC 119 -78.71 -108.86 12.10
CA PRO GC 119 -77.83 -109.69 11.26
C PRO GC 119 -78.38 -111.07 10.97
N THR GC 120 -79.36 -111.55 11.74
CA THR GC 120 -79.95 -112.86 11.55
C THR GC 120 -81.16 -112.83 10.61
N ALA GC 121 -81.47 -111.68 10.03
CA ALA GC 121 -82.62 -111.57 9.13
C ALA GC 121 -82.41 -112.46 7.90
N ALA GC 122 -83.52 -113.04 7.42
CA ALA GC 122 -83.49 -113.99 6.31
C ALA GC 122 -83.55 -113.22 4.99
N ILE GC 123 -82.39 -112.80 4.52
CA ILE GC 123 -82.24 -112.11 3.24
C ILE GC 123 -81.95 -113.16 2.17
N VAL GC 124 -82.61 -113.03 1.02
CA VAL GC 124 -82.53 -114.03 -0.04
C VAL GC 124 -82.09 -113.37 -1.34
N SER GC 125 -81.56 -114.20 -2.24
CA SER GC 125 -81.14 -113.72 -3.54
C SER GC 125 -82.22 -113.94 -4.59
N SER GC 126 -82.03 -113.32 -5.75
CA SER GC 126 -83.00 -113.48 -6.84
C SER GC 126 -82.90 -114.83 -7.51
N ASP GC 127 -81.73 -115.46 -7.50
CA ASP GC 127 -81.57 -116.76 -8.12
C ASP GC 127 -82.30 -117.82 -7.31
N THR GC 128 -82.77 -118.86 -8.01
CA THR GC 128 -83.49 -119.95 -7.38
C THR GC 128 -82.68 -121.24 -7.49
N THR GC 129 -83.02 -122.20 -6.62
CA THR GC 129 -82.34 -123.48 -6.61
C THR GC 129 -83.02 -124.47 -7.53
N ALA HC 1 -96.26 -107.17 -41.63
CA ALA HC 1 -96.66 -106.19 -40.63
C ALA HC 1 -95.44 -105.59 -39.95
N ASN HC 2 -95.17 -104.32 -40.24
CA ASN HC 2 -94.02 -103.64 -39.66
C ASN HC 2 -94.26 -103.40 -38.17
N LYS HC 3 -93.17 -103.43 -37.40
CA LYS HC 3 -93.29 -103.24 -35.96
C LYS HC 3 -93.66 -101.80 -35.64
N PRO HC 4 -94.62 -101.57 -34.76
CA PRO HC 4 -94.99 -100.19 -34.41
C PRO HC 4 -93.93 -99.53 -33.55
N MET HC 5 -93.91 -98.20 -33.60
CA MET HC 5 -93.01 -97.39 -32.80
C MET HC 5 -93.81 -96.51 -31.85
N GLN HC 6 -93.17 -96.10 -30.75
CA GLN HC 6 -93.76 -95.21 -29.77
C GLN HC 6 -92.82 -94.04 -29.49
N PRO HC 7 -93.35 -92.87 -29.17
CA PRO HC 7 -92.47 -91.73 -28.87
C PRO HC 7 -91.80 -91.90 -27.52
N ILE HC 8 -90.52 -91.52 -27.46
CA ILE HC 8 -89.72 -91.64 -26.26
C ILE HC 8 -89.39 -90.27 -25.66
N THR HC 9 -89.03 -89.31 -26.51
CA THR HC 9 -88.87 -87.92 -26.12
C THR HC 9 -89.80 -87.05 -26.94
N SER HC 10 -90.57 -86.21 -26.27
CA SER HC 10 -91.64 -85.48 -26.92
C SER HC 10 -91.46 -83.98 -26.72
N THR HC 11 -91.32 -83.26 -27.83
CA THR HC 11 -91.34 -81.80 -27.85
C THR HC 11 -92.00 -81.36 -29.15
N ALA HC 12 -92.77 -80.27 -29.07
CA ALA HC 12 -93.46 -79.79 -30.26
C ALA HC 12 -92.47 -79.38 -31.34
N ASN HC 13 -91.26 -78.99 -30.95
CA ASN HC 13 -90.21 -78.72 -31.93
C ASN HC 13 -89.61 -80.00 -32.50
N LYS HC 14 -89.50 -81.05 -31.69
CA LYS HC 14 -88.85 -82.28 -32.11
C LYS HC 14 -89.43 -83.47 -31.36
N ILE HC 15 -89.86 -84.49 -32.10
CA ILE HC 15 -90.35 -85.74 -31.52
C ILE HC 15 -89.54 -86.88 -32.12
N VAL HC 16 -89.06 -87.77 -31.26
CA VAL HC 16 -88.25 -88.92 -31.67
C VAL HC 16 -89.05 -90.19 -31.37
N TRP HC 17 -89.14 -91.08 -32.35
CA TRP HC 17 -89.78 -92.36 -32.18
C TRP HC 17 -88.73 -93.44 -31.94
N SER HC 18 -89.16 -94.54 -31.33
CA SER HC 18 -88.25 -95.63 -31.03
C SER HC 18 -89.00 -96.95 -30.98
N ASP HC 19 -88.34 -98.01 -31.45
CA ASP HC 19 -88.92 -99.34 -31.40
C ASP HC 19 -88.67 -99.94 -30.01
N PRO HC 20 -89.72 -100.35 -29.29
CA PRO HC 20 -89.50 -100.94 -27.96
C PRO HC 20 -88.60 -102.17 -27.97
N THR HC 21 -88.68 -103.00 -29.01
CA THR HC 21 -87.86 -104.20 -29.07
C THR HC 21 -86.39 -103.92 -29.42
N ARG HC 22 -86.12 -102.84 -30.14
CA ARG HC 22 -84.75 -102.46 -30.49
C ARG HC 22 -84.64 -100.95 -30.34
N LEU HC 23 -84.13 -100.50 -29.20
CA LEU HC 23 -84.05 -99.06 -28.95
C LEU HC 23 -83.01 -98.37 -29.83
N SER HC 24 -82.16 -99.13 -30.52
CA SER HC 24 -81.12 -98.51 -31.33
C SER HC 24 -81.65 -97.89 -32.62
N THR HC 25 -82.89 -98.18 -32.99
CA THR HC 25 -83.49 -97.62 -34.20
C THR HC 25 -84.44 -96.48 -33.81
N THR HC 26 -84.27 -95.33 -34.45
CA THR HC 26 -85.03 -94.13 -34.14
C THR HC 26 -85.48 -93.43 -35.40
N PHE HC 27 -86.58 -92.70 -35.28
CA PHE HC 27 -87.09 -91.83 -36.34
C PHE HC 27 -87.58 -90.54 -35.70
N SER HC 28 -87.08 -89.41 -36.16
CA SER HC 28 -87.41 -88.12 -35.58
C SER HC 28 -87.92 -87.15 -36.63
N ALA HC 29 -88.76 -86.22 -36.19
CA ALA HC 29 -89.24 -85.13 -37.02
C ALA HC 29 -89.01 -83.82 -36.27
N SER HC 30 -88.31 -82.89 -36.91
CA SER HC 30 -88.05 -81.58 -36.32
C SER HC 30 -88.48 -80.51 -37.32
N LEU HC 31 -89.36 -79.61 -36.88
CA LEU HC 31 -89.87 -78.54 -37.72
C LEU HC 31 -89.37 -77.20 -37.19
N LEU HC 32 -88.79 -76.41 -38.07
CA LEU HC 32 -88.36 -75.04 -37.76
C LEU HC 32 -89.16 -74.09 -38.64
N ARG HC 33 -89.84 -73.14 -38.02
CA ARG HC 33 -90.77 -72.25 -38.71
C ARG HC 33 -90.32 -70.80 -38.54
N GLN HC 34 -90.34 -70.05 -39.64
CA GLN HC 34 -89.92 -68.67 -39.65
C GLN HC 34 -90.80 -67.89 -40.62
N ARG HC 35 -90.94 -66.60 -40.38
CA ARG HC 35 -91.73 -65.72 -41.25
C ARG HC 35 -90.77 -65.04 -42.22
N VAL HC 36 -90.35 -65.79 -43.24
CA VAL HC 36 -89.49 -65.25 -44.28
C VAL HC 36 -90.37 -64.69 -45.39
N LYS HC 37 -90.63 -63.39 -45.35
CA LYS HC 37 -91.57 -62.80 -46.28
C LYS HC 37 -90.86 -62.22 -47.50
N VAL HC 38 -91.39 -62.55 -48.68
CA VAL HC 38 -90.93 -61.95 -49.93
C VAL HC 38 -91.59 -60.59 -50.06
N GLY HC 39 -91.14 -59.81 -51.04
CA GLY HC 39 -91.65 -58.46 -51.23
C GLY HC 39 -93.16 -58.36 -51.34
N ILE HC 40 -93.74 -57.40 -50.62
CA ILE HC 40 -95.17 -57.09 -50.59
C ILE HC 40 -96.02 -58.34 -50.41
N ALA HC 41 -95.50 -59.33 -49.71
CA ALA HC 41 -96.23 -60.56 -49.44
C ALA HC 41 -95.79 -61.12 -48.10
N GLU HC 42 -96.64 -61.96 -47.52
CA GLU HC 42 -96.37 -62.64 -46.27
C GLU HC 42 -96.33 -64.14 -46.50
N LEU HC 43 -95.28 -64.79 -46.02
CA LEU HC 43 -95.11 -66.22 -46.22
C LEU HC 43 -94.55 -66.85 -44.95
N ASN HC 44 -95.11 -67.99 -44.56
CA ASN HC 44 -94.63 -68.77 -43.43
C ASN HC 44 -94.03 -70.07 -43.94
N ASN HC 45 -92.71 -70.21 -43.81
CA ASN HC 45 -92.00 -71.39 -44.30
C ASN HC 45 -91.72 -72.35 -43.15
N VAL HC 46 -91.76 -73.64 -43.46
CA VAL HC 46 -91.59 -74.70 -42.46
C VAL HC 46 -90.52 -75.63 -42.98
N SER HC 47 -89.33 -75.58 -42.39
CA SER HC 47 -88.24 -76.47 -42.75
C SER HC 47 -88.28 -77.70 -41.85
N GLY HC 48 -88.57 -78.86 -42.44
CA GLY HC 48 -88.69 -80.08 -41.67
C GLY HC 48 -87.56 -81.05 -41.89
N GLN HC 49 -86.95 -81.50 -40.79
CA GLN HC 49 -85.83 -82.44 -40.84
C GLN HC 49 -86.29 -83.78 -40.30
N TYR HC 50 -86.13 -84.83 -41.09
CA TYR HC 50 -86.51 -86.18 -40.71
C TYR HC 50 -85.29 -87.08 -40.88
N VAL HC 51 -84.89 -87.76 -39.81
CA VAL HC 51 -83.74 -88.67 -39.85
C VAL HC 51 -84.22 -90.04 -39.39
N SER HC 52 -83.78 -91.08 -40.10
CA SER HC 52 -84.02 -92.46 -39.72
C SER HC 52 -82.69 -93.14 -39.44
N VAL HC 53 -82.58 -93.75 -38.27
CA VAL HC 53 -81.34 -94.35 -37.81
C VAL HC 53 -81.59 -95.83 -37.54
N TYR HC 54 -80.75 -96.68 -38.12
CA TYR HC 54 -80.80 -98.11 -37.90
C TYR HC 54 -79.37 -98.64 -37.83
N LYS HC 55 -79.11 -99.55 -36.91
CA LYS HC 55 -77.78 -100.12 -36.71
C LYS HC 55 -77.81 -101.58 -37.13
N ARG HC 56 -77.36 -101.85 -38.35
CA ARG HC 56 -77.36 -103.18 -38.92
C ARG HC 56 -76.06 -103.90 -38.60
N PRO HC 57 -76.12 -105.16 -38.18
CA PRO HC 57 -74.88 -105.92 -38.03
C PRO HC 57 -74.16 -106.08 -39.35
N ALA HC 58 -72.83 -106.13 -39.28
CA ALA HC 58 -72.03 -106.31 -40.47
C ALA HC 58 -72.36 -107.65 -41.12
N PRO HC 59 -72.31 -107.74 -42.45
CA PRO HC 59 -72.75 -108.97 -43.12
C PRO HC 59 -71.87 -110.17 -42.80
N LYS HC 60 -72.49 -111.26 -42.39
CA LYS HC 60 -71.77 -112.50 -42.09
C LYS HC 60 -71.16 -113.05 -43.37
N PRO HC 61 -70.02 -113.75 -43.28
CA PRO HC 61 -69.42 -114.33 -44.49
C PRO HC 61 -70.35 -115.29 -45.21
N GLU HC 62 -70.28 -115.30 -46.54
CA GLU HC 62 -71.29 -116.00 -47.33
C GLU HC 62 -71.31 -117.50 -47.03
N GLY HC 63 -70.14 -118.12 -46.89
CA GLY HC 63 -70.09 -119.53 -46.60
C GLY HC 63 -70.03 -119.82 -45.11
N CYS HC 64 -71.02 -119.35 -44.35
CA CYS HC 64 -71.04 -119.52 -42.91
C CYS HC 64 -72.38 -120.11 -42.49
N ALA HC 65 -72.32 -121.10 -41.60
CA ALA HC 65 -73.51 -121.70 -41.02
C ALA HC 65 -73.48 -121.73 -39.50
N ASP HC 66 -72.56 -121.00 -38.86
CA ASP HC 66 -72.45 -121.03 -37.41
C ASP HC 66 -73.68 -120.43 -36.77
N ALA HC 67 -74.05 -120.97 -35.61
CA ALA HC 67 -75.27 -120.57 -34.92
C ALA HC 67 -75.24 -119.10 -34.51
N CYS HC 68 -74.28 -118.72 -33.68
CA CYS HC 68 -74.22 -117.37 -33.13
C CYS HC 68 -72.80 -116.82 -33.21
N VAL HC 69 -72.57 -115.97 -34.21
CA VAL HC 69 -71.36 -115.17 -34.31
C VAL HC 69 -71.78 -113.75 -34.67
N ILE HC 70 -71.62 -112.82 -33.73
CA ILE HC 70 -72.14 -111.46 -33.88
C ILE HC 70 -70.98 -110.52 -34.15
N MET HC 71 -71.15 -109.64 -35.14
CA MET HC 71 -70.15 -108.63 -35.47
C MET HC 71 -70.71 -107.24 -35.17
N PRO HC 72 -69.86 -106.25 -34.93
CA PRO HC 72 -70.36 -104.94 -34.49
C PRO HC 72 -71.22 -104.26 -35.55
N ASN HC 73 -72.10 -103.40 -35.07
CA ASN HC 73 -73.10 -102.76 -35.91
C ASN HC 73 -72.50 -101.58 -36.66
N GLU HC 74 -73.13 -101.24 -37.79
CA GLU HC 74 -72.77 -100.08 -38.58
C GLU HC 74 -73.93 -99.10 -38.57
N ASN HC 75 -73.64 -97.83 -38.80
CA ASN HC 75 -74.68 -96.80 -38.73
C ASN HC 75 -75.29 -96.59 -40.10
N GLN HC 76 -76.61 -96.72 -40.20
CA GLN HC 76 -77.36 -96.44 -41.42
C GLN HC 76 -78.24 -95.24 -41.13
N SER HC 77 -78.09 -94.17 -41.91
CA SER HC 77 -78.80 -92.92 -41.69
C SER HC 77 -79.42 -92.43 -43.00
N ILE HC 78 -80.69 -92.04 -42.92
CA ILE HC 78 -81.39 -91.41 -44.04
C ILE HC 78 -82.02 -90.12 -43.52
N ARG HC 79 -81.57 -88.99 -44.05
CA ARG HC 79 -82.00 -87.68 -43.59
C ARG HC 79 -82.65 -86.92 -44.74
N THR HC 80 -83.86 -86.43 -44.51
CA THR HC 80 -84.63 -85.70 -45.50
C THR HC 80 -85.03 -84.34 -44.93
N VAL HC 81 -84.76 -83.28 -45.69
CA VAL HC 81 -85.09 -81.92 -45.29
C VAL HC 81 -86.03 -81.34 -46.34
N ILE HC 82 -87.17 -80.83 -45.89
CA ILE HC 82 -88.18 -80.25 -46.76
C ILE HC 82 -88.43 -78.82 -46.30
N SER HC 83 -88.22 -77.86 -47.20
CA SER HC 83 -88.36 -76.44 -46.89
C SER HC 83 -89.31 -75.81 -47.91
N GLY HC 84 -90.31 -75.09 -47.41
CA GLY HC 84 -91.26 -74.42 -48.28
C GLY HC 84 -92.34 -73.68 -47.52
N SER HC 85 -93.02 -72.75 -48.19
CA SER HC 85 -94.08 -71.99 -47.55
C SER HC 85 -95.30 -72.86 -47.32
N ALA HC 86 -96.09 -72.50 -46.30
CA ALA HC 86 -97.30 -73.26 -46.00
C ALA HC 86 -98.37 -73.05 -47.08
N GLU HC 87 -98.29 -71.93 -47.80
CA GLU HC 87 -99.29 -71.63 -48.81
C GLU HC 87 -99.18 -72.57 -50.00
N ASN HC 88 -97.97 -73.05 -50.30
CA ASN HC 88 -97.72 -73.89 -51.46
C ASN HC 88 -97.62 -75.37 -51.09
N LEU HC 89 -98.46 -75.83 -50.16
CA LEU HC 89 -98.33 -77.19 -49.64
C LEU HC 89 -98.60 -78.23 -50.72
N ALA HC 90 -99.59 -77.98 -51.60
CA ALA HC 90 -99.92 -78.96 -52.64
C ALA HC 90 -98.77 -79.10 -53.63
N THR HC 91 -98.20 -77.99 -54.07
CA THR HC 91 -97.06 -78.04 -54.97
C THR HC 91 -95.84 -78.65 -54.29
N LEU HC 92 -95.65 -78.40 -53.00
CA LEU HC 92 -94.56 -79.03 -52.27
C LEU HC 92 -94.75 -80.55 -52.21
N LYS HC 93 -96.00 -81.00 -52.04
CA LYS HC 93 -96.28 -82.43 -52.04
C LYS HC 93 -96.00 -83.04 -53.41
N ALA HC 94 -96.36 -82.32 -54.48
CA ALA HC 94 -96.04 -82.81 -55.83
C ALA HC 94 -94.53 -82.90 -56.03
N GLU HC 95 -93.80 -81.90 -55.56
CA GLU HC 95 -92.34 -81.94 -55.63
C GLU HC 95 -91.80 -83.11 -54.82
N TRP HC 96 -92.41 -83.41 -53.68
CA TRP HC 96 -91.99 -84.54 -52.86
C TRP HC 96 -92.20 -85.86 -53.60
N GLU HC 97 -93.33 -85.99 -54.30
CA GLU HC 97 -93.58 -87.20 -55.07
C GLU HC 97 -92.56 -87.37 -56.19
N THR HC 98 -92.30 -86.30 -56.94
CA THR HC 98 -91.31 -86.40 -58.02
C THR HC 98 -89.91 -86.64 -57.46
N HIS HC 99 -89.64 -86.15 -56.25
CA HIS HC 99 -88.38 -86.44 -55.58
C HIS HC 99 -88.27 -87.91 -55.22
N LYS HC 100 -89.36 -88.50 -54.72
CA LYS HC 100 -89.39 -89.94 -54.54
C LYS HC 100 -89.03 -90.66 -55.83
N ARG HC 101 -89.68 -90.28 -56.93
CA ARG HC 101 -89.47 -91.01 -58.18
C ARG HC 101 -88.02 -90.90 -58.65
N ASN HC 102 -87.46 -89.70 -58.57
CA ASN HC 102 -86.08 -89.51 -59.01
C ASN HC 102 -85.09 -90.26 -58.12
N VAL HC 103 -85.26 -90.16 -56.80
CA VAL HC 103 -84.35 -90.86 -55.90
C VAL HC 103 -84.48 -92.36 -56.08
N ASP HC 104 -85.70 -92.84 -56.35
CA ASP HC 104 -85.89 -94.27 -56.58
C ASP HC 104 -85.18 -94.71 -57.85
N THR HC 105 -85.35 -93.99 -58.96
CA THR HC 105 -84.74 -94.42 -60.21
C THR HC 105 -83.23 -94.27 -60.16
N LEU HC 106 -82.71 -93.46 -59.23
CA LEU HC 106 -81.26 -93.38 -59.09
C LEU HC 106 -80.70 -94.43 -58.13
N PHE HC 107 -81.42 -94.72 -57.04
CA PHE HC 107 -80.91 -95.53 -55.95
C PHE HC 107 -81.44 -96.97 -55.97
N ALA HC 108 -82.76 -97.14 -55.96
CA ALA HC 108 -83.33 -98.47 -55.83
C ALA HC 108 -83.11 -99.30 -57.08
N SER HC 109 -83.37 -98.71 -58.26
CA SER HC 109 -83.16 -99.39 -59.52
C SER HC 109 -81.82 -99.05 -60.15
N GLY HC 110 -80.99 -98.24 -59.49
CA GLY HC 110 -79.69 -97.87 -60.02
C GLY HC 110 -78.55 -98.50 -59.25
N ASN HC 111 -77.37 -97.90 -59.42
CA ASN HC 111 -76.15 -98.37 -58.78
C ASN HC 111 -75.55 -97.30 -57.87
N ALA HC 112 -76.31 -96.24 -57.58
CA ALA HC 112 -75.82 -95.18 -56.72
C ALA HC 112 -75.58 -95.67 -55.30
N GLY HC 113 -76.30 -96.70 -54.88
CA GLY HC 113 -76.05 -97.29 -53.58
C GLY HC 113 -74.66 -97.87 -53.44
N LEU HC 114 -74.17 -98.54 -54.49
CA LEU HC 114 -72.80 -99.01 -54.54
C LEU HC 114 -71.80 -97.90 -54.82
N GLY HC 115 -72.23 -96.84 -55.52
CA GLY HC 115 -71.35 -95.71 -55.73
C GLY HC 115 -71.09 -95.36 -57.18
N PHE HC 116 -71.98 -95.73 -58.09
CA PHE HC 116 -71.83 -95.42 -59.51
C PHE HC 116 -72.99 -94.54 -59.96
N LEU HC 117 -72.68 -93.45 -60.65
CA LEU HC 117 -73.68 -92.54 -61.19
C LEU HC 117 -73.88 -92.82 -62.67
N ASP HC 118 -75.14 -92.88 -63.08
CA ASP HC 118 -75.47 -93.10 -64.48
C ASP HC 118 -75.98 -91.79 -65.07
N PRO HC 119 -75.25 -91.15 -65.98
CA PRO HC 119 -75.74 -89.91 -66.59
C PRO HC 119 -76.88 -90.12 -67.59
N THR HC 120 -77.28 -91.36 -67.84
CA THR HC 120 -78.37 -91.67 -68.75
C THR HC 120 -79.67 -92.01 -68.02
N ALA HC 121 -79.75 -91.75 -66.73
CA ALA HC 121 -80.95 -92.07 -65.96
C ALA HC 121 -82.11 -91.20 -66.40
N ALA HC 122 -83.32 -91.73 -66.24
CA ALA HC 122 -84.54 -91.04 -66.66
C ALA HC 122 -85.06 -90.21 -65.50
N ILE HC 123 -84.50 -89.03 -65.33
CA ILE HC 123 -84.94 -88.08 -64.32
C ILE HC 123 -86.03 -87.22 -64.90
N VAL HC 124 -87.10 -87.01 -64.12
CA VAL HC 124 -88.28 -86.31 -64.60
C VAL HC 124 -88.57 -85.13 -63.68
N SER HC 125 -89.32 -84.17 -64.22
CA SER HC 125 -89.76 -83.02 -63.44
C SER HC 125 -91.22 -83.19 -63.01
N SER HC 126 -91.64 -82.34 -62.07
CA SER HC 126 -92.99 -82.45 -61.54
C SER HC 126 -94.05 -81.98 -62.53
N ASP HC 127 -93.72 -81.03 -63.41
CA ASP HC 127 -94.68 -80.53 -64.38
C ASP HC 127 -95.01 -81.61 -65.41
N THR HC 128 -96.24 -81.56 -65.91
CA THR HC 128 -96.73 -82.52 -66.89
C THR HC 128 -96.88 -81.85 -68.25
N THR HC 129 -96.86 -82.67 -69.29
CA THR HC 129 -96.99 -82.19 -70.66
C THR HC 129 -98.43 -81.84 -71.00
N ALA IC 1 -120.09 -76.23 -35.95
CA ALA IC 1 -118.91 -77.01 -36.33
C ALA IC 1 -117.72 -76.08 -36.56
N ASN IC 2 -117.19 -75.53 -35.47
CA ASN IC 2 -116.05 -74.61 -35.59
C ASN IC 2 -114.78 -75.39 -35.87
N LYS IC 3 -113.81 -74.72 -36.48
CA LYS IC 3 -112.58 -75.39 -36.92
C LYS IC 3 -111.72 -75.78 -35.72
N PRO IC 4 -111.35 -77.04 -35.58
CA PRO IC 4 -110.46 -77.44 -34.48
C PRO IC 4 -109.04 -76.93 -34.70
N MET IC 5 -108.30 -76.86 -33.60
CA MET IC 5 -106.92 -76.37 -33.61
C MET IC 5 -105.98 -77.44 -33.10
N GLN IC 6 -104.68 -77.29 -33.40
CA GLN IC 6 -103.63 -78.20 -32.99
C GLN IC 6 -102.50 -77.44 -32.31
N PRO IC 7 -101.74 -78.09 -31.42
CA PRO IC 7 -100.67 -77.38 -30.71
C PRO IC 7 -99.41 -77.16 -31.55
N ILE IC 8 -98.92 -75.93 -31.58
CA ILE IC 8 -97.66 -75.64 -32.25
C ILE IC 8 -96.47 -75.69 -31.31
N THR IC 9 -96.64 -75.30 -30.05
CA THR IC 9 -95.57 -75.31 -29.07
C THR IC 9 -96.08 -75.93 -27.79
N SER IC 10 -95.44 -77.00 -27.33
CA SER IC 10 -95.87 -77.75 -26.16
C SER IC 10 -94.76 -77.72 -25.12
N THR IC 11 -95.10 -77.31 -23.91
CA THR IC 11 -94.15 -77.21 -22.81
C THR IC 11 -94.89 -77.53 -21.52
N ALA IC 12 -94.13 -77.88 -20.48
CA ALA IC 12 -94.73 -78.19 -19.19
C ALA IC 12 -95.40 -76.97 -18.56
N ASN IC 13 -95.08 -75.77 -19.06
CA ASN IC 13 -95.64 -74.55 -18.52
C ASN IC 13 -96.38 -73.69 -19.53
N LYS IC 14 -96.42 -74.09 -20.81
CA LYS IC 14 -97.08 -73.28 -21.83
C LYS IC 14 -97.38 -74.16 -23.04
N ILE IC 15 -98.63 -74.10 -23.52
CA ILE IC 15 -99.04 -74.77 -24.74
C ILE IC 15 -99.72 -73.74 -25.63
N VAL IC 16 -99.33 -73.72 -26.90
CA VAL IC 16 -99.86 -72.76 -27.88
C VAL IC 16 -100.56 -73.55 -28.98
N TRP IC 17 -101.83 -73.21 -29.22
CA TRP IC 17 -102.61 -73.81 -30.28
C TRP IC 17 -102.65 -72.87 -31.49
N SER IC 18 -103.00 -73.44 -32.65
CA SER IC 18 -103.10 -72.66 -33.87
C SER IC 18 -103.99 -73.38 -34.87
N ASP IC 19 -104.70 -72.61 -35.69
CA ASP IC 19 -105.56 -73.19 -36.71
C ASP IC 19 -104.73 -73.59 -37.93
N PRO IC 20 -104.87 -74.82 -38.42
CA PRO IC 20 -104.12 -75.23 -39.62
C PRO IC 20 -104.40 -74.35 -40.84
N THR IC 21 -105.65 -73.91 -41.01
CA THR IC 21 -106.00 -73.11 -42.19
C THR IC 21 -105.39 -71.71 -42.09
N ARG IC 22 -105.54 -71.06 -40.95
CA ARG IC 22 -104.98 -69.72 -40.72
C ARG IC 22 -104.03 -69.78 -39.54
N LEU IC 23 -102.74 -69.55 -39.81
CA LEU IC 23 -101.74 -69.65 -38.75
C LEU IC 23 -101.67 -68.36 -37.93
N SER IC 24 -102.38 -67.33 -38.38
CA SER IC 24 -102.39 -66.05 -37.67
C SER IC 24 -103.07 -66.17 -36.32
N THR IC 25 -104.16 -66.95 -36.25
CA THR IC 25 -104.92 -67.07 -35.03
C THR IC 25 -104.30 -68.14 -34.14
N THR IC 26 -104.04 -67.78 -32.88
CA THR IC 26 -103.44 -68.69 -31.91
C THR IC 26 -104.12 -68.52 -30.56
N PHE IC 27 -104.03 -69.56 -29.74
CA PHE IC 27 -104.55 -69.56 -28.38
C PHE IC 27 -103.57 -70.28 -27.48
N SER IC 28 -102.96 -69.55 -26.56
CA SER IC 28 -101.92 -70.09 -25.69
C SER IC 28 -102.30 -69.95 -24.23
N ALA IC 29 -101.95 -70.97 -23.44
CA ALA IC 29 -102.23 -70.99 -22.01
C ALA IC 29 -100.92 -71.21 -21.27
N SER IC 30 -100.67 -70.40 -20.25
CA SER IC 30 -99.47 -70.49 -19.43
C SER IC 30 -99.89 -70.54 -17.97
N LEU IC 31 -99.28 -71.44 -17.21
CA LEU IC 31 -99.60 -71.62 -15.79
C LEU IC 31 -98.36 -71.38 -14.96
N LEU IC 32 -98.52 -70.57 -13.90
CA LEU IC 32 -97.46 -70.32 -12.94
C LEU IC 32 -97.87 -70.89 -11.60
N ARG IC 33 -97.02 -71.73 -11.01
CA ARG IC 33 -97.33 -72.44 -9.77
C ARG IC 33 -96.38 -71.98 -8.68
N GLN IC 34 -96.94 -71.42 -7.61
CA GLN IC 34 -96.16 -70.95 -6.48
C GLN IC 34 -96.87 -71.30 -5.18
N ARG IC 35 -96.08 -71.54 -4.14
CA ARG IC 35 -96.63 -71.74 -2.81
C ARG IC 35 -96.73 -70.39 -2.10
N VAL IC 36 -97.91 -70.09 -1.56
CA VAL IC 36 -98.18 -68.81 -0.92
C VAL IC 36 -98.26 -69.03 0.59
N LYS IC 37 -97.51 -68.22 1.33
CA LYS IC 37 -97.45 -68.31 2.78
C LYS IC 37 -98.54 -67.43 3.37
N VAL IC 38 -99.55 -68.07 3.96
CA VAL IC 38 -100.62 -67.38 4.68
C VAL IC 38 -100.60 -67.90 6.11
N GLY IC 39 -100.93 -67.01 7.05
CA GLY IC 39 -100.91 -67.31 8.46
C GLY IC 39 -101.50 -68.67 8.80
N ILE IC 40 -100.73 -69.46 9.56
CA ILE IC 40 -101.07 -70.83 9.98
C ILE IC 40 -101.69 -71.63 8.85
N ALA IC 41 -101.16 -71.48 7.64
CA ALA IC 41 -101.64 -72.23 6.49
C ALA IC 41 -100.54 -72.34 5.45
N GLU IC 42 -100.56 -73.42 4.67
CA GLU IC 42 -99.66 -73.60 3.54
C GLU IC 42 -100.50 -73.97 2.32
N LEU IC 43 -100.98 -72.97 1.60
CA LEU IC 43 -101.80 -73.17 0.42
C LEU IC 43 -101.10 -72.57 -0.79
N ASN IC 44 -101.18 -73.29 -1.91
CA ASN IC 44 -100.39 -72.97 -3.11
C ASN IC 44 -101.30 -72.42 -4.21
N ASN IC 45 -100.85 -71.32 -4.83
CA ASN IC 45 -101.65 -70.63 -5.82
C ASN IC 45 -101.28 -71.10 -7.22
N VAL IC 46 -102.26 -71.06 -8.12
CA VAL IC 46 -102.06 -71.35 -9.53
C VAL IC 46 -102.60 -70.17 -10.33
N SER IC 47 -101.73 -69.56 -11.14
CA SER IC 47 -102.08 -68.42 -11.96
C SER IC 47 -102.08 -68.84 -13.42
N GLY IC 48 -103.20 -68.61 -14.11
CA GLY IC 48 -103.33 -69.02 -15.49
C GLY IC 48 -103.60 -67.87 -16.44
N GLN IC 49 -102.76 -67.74 -17.47
CA GLN IC 49 -102.89 -66.69 -18.45
C GLN IC 49 -103.31 -67.31 -19.78
N TYR IC 50 -104.42 -66.81 -20.33
CA TYR IC 50 -104.96 -67.28 -21.60
C TYR IC 50 -105.12 -66.09 -22.53
N VAL IC 51 -104.52 -66.17 -23.71
CA VAL IC 51 -104.60 -65.10 -24.71
C VAL IC 51 -105.13 -65.68 -26.01
N SER IC 52 -106.08 -64.97 -26.62
CA SER IC 52 -106.61 -65.31 -27.92
C SER IC 52 -106.40 -64.15 -28.88
N VAL IC 53 -105.75 -64.41 -29.99
CA VAL IC 53 -105.45 -63.38 -30.99
C VAL IC 53 -106.01 -63.81 -32.33
N TYR IC 54 -106.65 -62.88 -33.03
CA TYR IC 54 -107.13 -63.10 -34.38
C TYR IC 54 -106.73 -61.91 -35.22
N LYS IC 55 -106.16 -62.19 -36.40
CA LYS IC 55 -105.64 -61.13 -37.27
C LYS IC 55 -106.69 -60.81 -38.35
N ARG IC 56 -107.79 -60.24 -37.88
CA ARG IC 56 -108.93 -59.98 -38.75
C ARG IC 56 -108.61 -58.82 -39.71
N PRO IC 57 -109.01 -58.91 -40.97
CA PRO IC 57 -108.77 -57.82 -41.91
C PRO IC 57 -109.55 -56.56 -41.54
N ALA IC 58 -108.98 -55.43 -41.94
CA ALA IC 58 -109.65 -54.15 -41.75
C ALA IC 58 -110.93 -54.12 -42.59
N PRO IC 59 -111.94 -53.34 -42.21
CA PRO IC 59 -113.21 -53.40 -42.93
C PRO IC 59 -113.10 -52.83 -44.33
N LYS IC 60 -113.72 -53.51 -45.28
CA LYS IC 60 -113.64 -53.14 -46.68
C LYS IC 60 -114.34 -51.80 -46.91
N PRO IC 61 -113.82 -50.97 -47.83
CA PRO IC 61 -114.53 -49.72 -48.17
C PRO IC 61 -115.90 -49.99 -48.75
N GLU IC 62 -116.82 -49.05 -48.53
CA GLU IC 62 -118.23 -49.24 -48.84
C GLU IC 62 -118.48 -48.99 -50.33
N GLY IC 63 -119.32 -49.84 -50.93
CA GLY IC 63 -119.79 -49.63 -52.27
C GLY IC 63 -118.87 -50.09 -53.38
N CYS IC 64 -117.67 -50.57 -53.06
CA CYS IC 64 -116.71 -51.01 -54.07
C CYS IC 64 -116.16 -52.37 -53.68
N ALA IC 65 -116.16 -53.30 -54.63
CA ALA IC 65 -115.62 -54.63 -54.41
C ALA IC 65 -114.37 -54.78 -55.26
N ASP IC 66 -113.20 -54.74 -54.62
CA ASP IC 66 -111.95 -54.88 -55.33
C ASP IC 66 -111.81 -56.27 -55.93
N ALA IC 67 -110.95 -56.38 -56.94
CA ALA IC 67 -110.72 -57.67 -57.59
C ALA IC 67 -110.13 -58.68 -56.60
N CYS IC 68 -109.18 -58.23 -55.78
CA CYS IC 68 -108.52 -59.10 -54.82
C CYS IC 68 -108.43 -58.39 -53.48
N VAL IC 69 -108.42 -59.18 -52.40
CA VAL IC 69 -108.36 -58.62 -51.06
C VAL IC 69 -106.98 -58.05 -50.79
N ILE IC 70 -106.94 -56.77 -50.42
CA ILE IC 70 -105.68 -56.07 -50.18
C ILE IC 70 -105.75 -55.36 -48.84
N MET IC 71 -106.65 -55.80 -47.97
CA MET IC 71 -106.88 -55.09 -46.71
C MET IC 71 -105.72 -55.28 -45.75
N PRO IC 72 -105.23 -54.22 -45.12
CA PRO IC 72 -104.16 -54.36 -44.12
C PRO IC 72 -104.69 -54.77 -42.76
N ASN IC 73 -104.83 -56.08 -42.54
CA ASN IC 73 -105.44 -56.64 -41.34
C ASN IC 73 -104.94 -56.06 -40.02
N GLU IC 74 -105.79 -56.08 -39.01
CA GLU IC 74 -105.50 -55.54 -37.69
C GLU IC 74 -105.31 -56.67 -36.69
N ASN IC 75 -105.14 -56.29 -35.42
CA ASN IC 75 -104.93 -57.26 -34.35
C ASN IC 75 -106.11 -57.21 -33.38
N GLN IC 76 -106.72 -58.35 -33.13
CA GLN IC 76 -107.77 -58.48 -32.12
C GLN IC 76 -107.28 -59.44 -31.05
N SER IC 77 -107.28 -58.97 -29.80
CA SER IC 77 -106.72 -59.74 -28.69
C SER IC 77 -107.70 -59.78 -27.53
N ILE IC 78 -107.79 -60.95 -26.89
CA ILE IC 78 -108.60 -61.15 -25.69
C ILE IC 78 -107.73 -61.92 -24.70
N ARG IC 79 -107.35 -61.27 -23.61
CA ARG IC 79 -106.45 -61.84 -22.62
C ARG IC 79 -107.16 -61.95 -21.28
N THR IC 80 -107.12 -63.13 -20.69
CA THR IC 80 -107.71 -63.38 -19.38
C THR IC 80 -106.67 -64.01 -18.46
N VAL IC 81 -106.73 -63.64 -17.18
CA VAL IC 81 -105.83 -64.15 -16.16
C VAL IC 81 -106.68 -64.65 -15.00
N ILE IC 82 -106.45 -65.88 -14.56
CA ILE IC 82 -107.17 -66.48 -13.44
C ILE IC 82 -106.14 -66.85 -12.39
N SER IC 83 -106.32 -66.34 -11.18
CA SER IC 83 -105.40 -66.58 -10.07
C SER IC 83 -106.21 -66.97 -8.85
N GLY IC 84 -105.84 -68.07 -8.21
CA GLY IC 84 -106.53 -68.53 -7.02
C GLY IC 84 -105.95 -69.84 -6.55
N SER IC 85 -106.12 -70.08 -5.25
CA SER IC 85 -105.58 -71.29 -4.64
C SER IC 85 -106.35 -72.51 -5.11
N ALA IC 86 -105.63 -73.61 -5.32
CA ALA IC 86 -106.25 -74.83 -5.83
C ALA IC 86 -107.18 -75.47 -4.80
N GLU IC 87 -107.04 -75.08 -3.53
CA GLU IC 87 -107.91 -75.65 -2.50
C GLU IC 87 -109.35 -75.18 -2.69
N ASN IC 88 -109.54 -73.97 -3.20
CA ASN IC 88 -110.85 -73.37 -3.41
C ASN IC 88 -111.24 -73.37 -4.89
N LEU IC 89 -110.97 -74.46 -5.60
CA LEU IC 89 -111.19 -74.48 -7.05
C LEU IC 89 -112.66 -74.33 -7.40
N ALA IC 90 -113.56 -74.94 -6.61
CA ALA IC 90 -114.98 -74.81 -6.90
C ALA IC 90 -115.43 -73.36 -6.78
N THR IC 91 -114.97 -72.68 -5.74
CA THR IC 91 -115.25 -71.25 -5.59
C THR IC 91 -114.66 -70.44 -6.72
N LEU IC 92 -113.44 -70.78 -7.18
CA LEU IC 92 -112.85 -70.07 -8.30
C LEU IC 92 -113.66 -70.26 -9.57
N LYS IC 93 -114.20 -71.45 -9.77
CA LYS IC 93 -115.05 -71.71 -10.94
C LYS IC 93 -116.34 -70.90 -10.85
N ALA IC 94 -116.93 -70.82 -9.66
CA ALA IC 94 -118.12 -69.99 -9.48
C ALA IC 94 -117.81 -68.52 -9.76
N GLU IC 95 -116.65 -68.05 -9.30
CA GLU IC 95 -116.21 -66.69 -9.59
C GLU IC 95 -116.04 -66.48 -11.09
N TRP IC 96 -115.51 -67.48 -11.79
CA TRP IC 96 -115.35 -67.39 -13.23
C TRP IC 96 -116.71 -67.26 -13.92
N GLU IC 97 -117.68 -68.05 -13.47
CA GLU IC 97 -119.02 -67.96 -14.06
C GLU IC 97 -119.63 -66.58 -13.82
N THR IC 98 -119.50 -66.06 -12.60
CA THR IC 98 -120.04 -64.73 -12.29
C THR IC 98 -119.34 -63.65 -13.12
N HIS IC 99 -118.02 -63.76 -13.28
CA HIS IC 99 -117.27 -62.81 -14.09
C HIS IC 99 -117.71 -62.87 -15.53
N LYS IC 100 -117.94 -64.06 -16.06
CA LYS IC 100 -118.44 -64.19 -17.43
C LYS IC 100 -119.79 -63.50 -17.57
N ARG IC 101 -120.68 -63.71 -16.61
CA ARG IC 101 -122.00 -63.08 -16.67
C ARG IC 101 -121.88 -61.57 -16.65
N ASN IC 102 -121.04 -61.03 -15.76
CA ASN IC 102 -120.88 -59.58 -15.65
C ASN IC 102 -120.28 -58.98 -16.92
N VAL IC 103 -119.23 -59.62 -17.46
CA VAL IC 103 -118.58 -59.07 -18.65
C VAL IC 103 -119.48 -59.21 -19.86
N ASP IC 104 -120.34 -60.23 -19.88
CA ASP IC 104 -121.33 -60.33 -20.94
C ASP IC 104 -122.38 -59.23 -20.82
N THR IC 105 -122.76 -58.90 -19.59
CA THR IC 105 -123.70 -57.81 -19.38
C THR IC 105 -123.13 -56.48 -19.86
N LEU IC 106 -121.85 -56.23 -19.55
CA LEU IC 106 -121.25 -54.96 -19.96
C LEU IC 106 -120.91 -54.92 -21.45
N PHE IC 107 -120.48 -56.05 -22.02
CA PHE IC 107 -119.89 -56.08 -23.34
C PHE IC 107 -120.74 -56.82 -24.37
N ALA IC 108 -121.10 -58.08 -24.10
CA ALA IC 108 -121.82 -58.88 -25.08
C ALA IC 108 -123.20 -58.30 -25.36
N SER IC 109 -123.93 -57.93 -24.31
CA SER IC 109 -125.25 -57.31 -24.46
C SER IC 109 -125.22 -55.81 -24.22
N GLY IC 110 -124.06 -55.24 -23.89
CA GLY IC 110 -123.90 -53.82 -23.69
C GLY IC 110 -123.11 -53.17 -24.81
N ASN IC 111 -122.70 -51.94 -24.57
CA ASN IC 111 -121.95 -51.19 -25.56
C ASN IC 111 -120.60 -50.74 -25.03
N ALA IC 112 -119.97 -51.59 -24.22
CA ALA IC 112 -118.63 -51.29 -23.73
C ALA IC 112 -117.62 -51.33 -24.87
N GLY IC 113 -117.88 -52.14 -25.89
CA GLY IC 113 -116.96 -52.22 -27.01
C GLY IC 113 -116.85 -50.92 -27.78
N LEU IC 114 -117.95 -50.18 -27.89
CA LEU IC 114 -117.90 -48.90 -28.57
C LEU IC 114 -117.24 -47.83 -27.71
N GLY IC 115 -117.16 -48.05 -26.40
CA GLY IC 115 -116.49 -47.13 -25.51
C GLY IC 115 -117.35 -46.55 -24.40
N PHE IC 116 -118.54 -47.09 -24.18
CA PHE IC 116 -119.43 -46.53 -23.17
C PHE IC 116 -119.59 -47.48 -21.99
N LEU IC 117 -119.36 -46.96 -20.79
CA LEU IC 117 -119.53 -47.71 -19.54
C LEU IC 117 -120.85 -47.29 -18.91
N ASP IC 118 -121.82 -48.18 -18.92
CA ASP IC 118 -123.14 -47.88 -18.39
C ASP IC 118 -123.11 -47.90 -16.87
N PRO IC 119 -123.42 -46.81 -16.18
CA PRO IC 119 -123.42 -46.83 -14.71
C PRO IC 119 -124.62 -47.55 -14.11
N THR IC 120 -125.64 -47.87 -14.90
CA THR IC 120 -126.83 -48.53 -14.39
C THR IC 120 -126.89 -50.01 -14.76
N ALA IC 121 -125.79 -50.59 -15.23
CA ALA IC 121 -125.78 -51.99 -15.61
C ALA IC 121 -126.02 -52.89 -14.41
N ALA IC 122 -126.67 -54.03 -14.66
CA ALA IC 122 -127.03 -54.96 -13.60
C ALA IC 122 -125.87 -55.93 -13.38
N ILE IC 123 -125.00 -55.59 -12.44
CA ILE IC 123 -123.87 -56.42 -12.09
C ILE IC 123 -124.23 -57.23 -10.85
N VAL IC 124 -123.87 -58.52 -10.87
CA VAL IC 124 -124.24 -59.44 -9.80
C VAL IC 124 -122.98 -60.07 -9.23
N SER IC 125 -123.08 -60.47 -7.95
CA SER IC 125 -121.96 -61.10 -7.27
C SER IC 125 -122.07 -62.62 -7.32
N SER IC 126 -121.00 -63.29 -6.90
CA SER IC 126 -121.01 -64.75 -6.84
C SER IC 126 -121.87 -65.28 -5.72
N ASP IC 127 -122.02 -64.52 -4.63
CA ASP IC 127 -122.85 -64.95 -3.52
C ASP IC 127 -124.32 -64.96 -3.91
N THR IC 128 -125.06 -65.90 -3.35
CA THR IC 128 -126.48 -66.07 -3.62
C THR IC 128 -127.29 -65.79 -2.36
N THR IC 129 -128.55 -65.40 -2.57
CA THR IC 129 -129.45 -65.11 -1.46
C THR IC 129 -130.58 -66.13 -1.39
N ALA JC 1 4.38 1.49 147.56
CA ALA JC 1 4.85 0.19 147.12
C ALA JC 1 4.56 -0.01 145.63
N ASN JC 2 5.61 0.04 144.82
CA ASN JC 2 5.44 -0.13 143.38
C ASN JC 2 5.19 -1.59 143.04
N LYS JC 3 4.37 -1.81 142.03
CA LYS JC 3 3.98 -3.17 141.64
C LYS JC 3 5.12 -3.88 140.93
N PRO JC 4 5.49 -5.09 141.34
CA PRO JC 4 6.48 -5.86 140.58
C PRO JC 4 6.08 -6.00 139.12
N MET JC 5 7.08 -5.99 138.25
CA MET JC 5 6.88 -6.16 136.82
C MET JC 5 7.68 -7.38 136.36
N GLN JC 6 7.03 -8.28 135.64
CA GLN JC 6 7.63 -9.56 135.28
C GLN JC 6 7.87 -9.64 133.79
N PRO JC 7 8.95 -10.28 133.35
CA PRO JC 7 9.32 -10.22 131.92
C PRO JC 7 8.43 -11.11 131.06
N ILE JC 8 8.31 -10.74 129.79
CA ILE JC 8 7.57 -11.54 128.83
C ILE JC 8 8.43 -11.99 127.66
N THR JC 9 9.52 -11.29 127.35
CA THR JC 9 10.47 -11.73 126.33
C THR JC 9 11.87 -11.62 126.91
N SER JC 10 12.61 -12.72 126.85
CA SER JC 10 13.95 -12.79 127.42
C SER JC 10 14.93 -13.23 126.34
N THR JC 11 15.97 -12.42 126.14
CA THR JC 11 17.01 -12.70 125.17
C THR JC 11 18.29 -12.04 125.66
N ALA JC 12 19.44 -12.58 125.22
CA ALA JC 12 20.72 -12.05 125.65
C ALA JC 12 20.93 -10.63 125.15
N ASN JC 13 20.18 -10.22 124.13
CA ASN JC 13 20.32 -8.89 123.54
C ASN JC 13 19.16 -7.96 123.86
N LYS JC 14 18.06 -8.47 124.42
CA LYS JC 14 16.88 -7.67 124.69
C LYS JC 14 15.97 -8.40 125.66
N ILE JC 15 15.60 -7.73 126.76
CA ILE JC 15 14.62 -8.24 127.71
C ILE JC 15 13.53 -7.20 127.87
N VAL JC 16 12.27 -7.64 127.75
CA VAL JC 16 11.12 -6.76 127.82
C VAL JC 16 10.29 -7.14 129.04
N TRP JC 17 9.96 -6.16 129.88
CA TRP JC 17 9.11 -6.36 131.04
C TRP JC 17 7.75 -5.74 130.76
N SER JC 18 6.70 -6.31 131.35
CA SER JC 18 5.34 -5.81 131.18
C SER JC 18 4.56 -6.01 132.47
N ASP JC 19 3.72 -5.04 132.79
CA ASP JC 19 2.92 -5.12 134.02
C ASP JC 19 1.84 -6.17 133.86
N PRO JC 20 1.74 -7.13 134.79
CA PRO JC 20 0.70 -8.18 134.65
C PRO JC 20 -0.71 -7.63 134.63
N THR JC 21 -0.98 -6.57 135.39
CA THR JC 21 -2.30 -5.95 135.37
C THR JC 21 -2.57 -5.12 134.12
N ARG JC 22 -1.54 -4.48 133.58
CA ARG JC 22 -1.66 -3.71 132.34
C ARG JC 22 -0.48 -4.00 131.43
N LEU JC 23 -0.66 -4.92 130.49
CA LEU JC 23 0.44 -5.32 129.60
C LEU JC 23 0.84 -4.18 128.66
N SER JC 24 0.01 -3.14 128.58
CA SER JC 24 0.34 -1.98 127.78
C SER JC 24 1.52 -1.20 128.34
N THR JC 25 1.82 -1.32 129.63
CA THR JC 25 2.97 -0.68 130.22
C THR JC 25 4.18 -1.59 130.11
N THR JC 26 5.23 -1.12 129.44
CA THR JC 26 6.39 -1.94 129.13
C THR JC 26 7.67 -1.20 129.48
N PHE JC 27 8.74 -1.96 129.68
CA PHE JC 27 10.08 -1.45 129.90
C PHE JC 27 11.07 -2.39 129.23
N SER JC 28 11.81 -1.88 128.25
CA SER JC 28 12.68 -2.70 127.44
C SER JC 28 14.13 -2.22 127.55
N ALA JC 29 15.05 -3.17 127.60
CA ALA JC 29 16.48 -2.89 127.65
C ALA JC 29 17.16 -3.65 126.53
N SER JC 30 17.91 -2.93 125.70
CA SER JC 30 18.60 -3.52 124.56
C SER JC 30 20.07 -3.15 124.64
N LEU JC 31 20.95 -4.14 124.48
CA LEU JC 31 22.39 -3.92 124.51
C LEU JC 31 22.98 -4.17 123.12
N LEU JC 32 23.82 -3.25 122.68
CA LEU JC 32 24.54 -3.36 121.42
C LEU JC 32 26.02 -3.09 121.70
N ARG JC 33 26.87 -4.05 121.34
CA ARG JC 33 28.29 -4.00 121.70
C ARG JC 33 29.16 -4.08 120.46
N GLN JC 34 30.14 -3.18 120.38
CA GLN JC 34 31.14 -3.18 119.32
C GLN JC 34 32.52 -2.97 119.93
N ARG JC 35 33.55 -3.31 119.16
CA ARG JC 35 34.93 -3.04 119.52
C ARG JC 35 35.39 -1.79 118.76
N VAL JC 36 35.88 -0.81 119.51
CA VAL JC 36 36.30 0.47 118.95
C VAL JC 36 37.77 0.68 119.27
N LYS JC 37 38.57 1.02 118.25
CA LYS JC 37 40.01 1.23 118.40
C LYS JC 37 40.26 2.71 118.63
N VAL JC 38 40.07 3.14 119.88
CA VAL JC 38 40.29 4.54 120.24
C VAL JC 38 41.77 4.83 120.43
N GLY JC 39 42.43 4.03 121.27
CA GLY JC 39 43.79 4.30 121.69
C GLY JC 39 44.74 3.17 121.35
N ILE JC 40 44.60 2.63 120.13
CA ILE JC 40 45.29 1.45 119.60
C ILE JC 40 45.11 0.28 120.57
N ALA JC 41 44.09 0.36 121.43
CA ALA JC 41 43.65 -0.72 122.27
C ALA JC 41 42.17 -0.92 122.04
N GLU JC 42 41.76 -2.16 121.80
CA GLU JC 42 40.38 -2.46 121.41
C GLU JC 42 39.47 -2.37 122.63
N LEU JC 43 38.96 -1.16 122.86
CA LEU JC 43 37.99 -0.96 123.93
C LEU JC 43 36.64 -1.55 123.53
N ASN JC 44 35.95 -2.11 124.52
CA ASN JC 44 34.66 -2.77 124.28
C ASN JC 44 33.52 -1.80 124.64
N ASN JC 45 33.02 -1.12 123.61
CA ASN JC 45 31.93 -0.18 123.79
C ASN JC 45 30.60 -0.92 124.00
N VAL JC 46 29.78 -0.39 124.91
CA VAL JC 46 28.46 -0.94 125.18
C VAL JC 46 27.45 0.19 125.06
N SER JC 47 26.44 -0.02 124.22
CA SER JC 47 25.39 0.97 123.97
C SER JC 47 24.06 0.36 124.41
N GLY JC 48 23.64 0.70 125.62
CA GLY JC 48 22.40 0.16 126.18
C GLY JC 48 21.25 1.13 125.98
N GLN JC 49 20.17 0.63 125.39
CA GLN JC 49 18.98 1.42 125.12
C GLN JC 49 17.88 0.97 126.06
N TYR JC 50 17.32 1.92 126.81
CA TYR JC 50 16.26 1.65 127.78
C TYR JC 50 15.03 2.47 127.39
N VAL JC 51 13.89 1.81 127.26
CA VAL JC 51 12.67 2.45 126.81
C VAL JC 51 11.54 2.11 127.78
N SER JC 52 10.86 3.13 128.29
CA SER JC 52 9.68 2.95 129.13
C SER JC 52 8.48 3.56 128.42
N VAL JC 53 7.44 2.76 128.25
CA VAL JC 53 6.24 3.17 127.53
C VAL JC 53 5.03 2.99 128.45
N TYR JC 54 4.24 4.05 128.59
CA TYR JC 54 2.99 4.02 129.32
C TYR JC 54 1.90 4.65 128.48
N LYS JC 55 0.85 3.89 128.18
CA LYS JC 55 -0.29 4.38 127.42
C LYS JC 55 -1.31 4.92 128.42
N ARG JC 56 -1.32 6.24 128.60
CA ARG JC 56 -2.13 6.87 129.63
C ARG JC 56 -3.37 7.50 128.99
N PRO JC 57 -4.56 7.24 129.50
CA PRO JC 57 -5.75 7.85 128.94
C PRO JC 57 -6.07 9.24 129.48
N ALA JC 58 -6.11 10.21 128.58
CA ALA JC 58 -6.32 11.61 128.93
C ALA JC 58 -7.42 12.24 128.10
N PRO JC 59 -8.67 11.78 128.24
CA PRO JC 59 -9.78 12.62 127.78
C PRO JC 59 -9.87 13.91 128.56
N LYS JC 60 -9.44 13.87 129.82
CA LYS JC 60 -9.34 15.01 130.73
C LYS JC 60 -10.66 15.76 130.86
N PRO JC 61 -11.73 15.14 131.37
CA PRO JC 61 -12.95 15.88 131.66
C PRO JC 61 -12.77 16.70 132.94
N GLU JC 62 -12.60 17.99 132.77
CA GLU JC 62 -12.25 18.86 133.89
C GLU JC 62 -13.43 19.04 134.82
N GLY JC 63 -13.34 18.42 135.98
CA GLY JC 63 -14.33 18.58 137.03
C GLY JC 63 -15.38 17.49 137.24
N CYS JC 64 -15.75 16.79 136.17
CA CYS JC 64 -16.85 15.85 136.30
C CYS JC 64 -16.47 14.53 135.64
N ALA JC 65 -16.79 13.45 136.34
CA ALA JC 65 -16.74 12.09 135.81
C ALA JC 65 -17.90 11.30 136.39
N ASP JC 66 -18.73 10.75 135.52
CA ASP JC 66 -19.95 10.10 135.97
C ASP JC 66 -19.96 8.59 135.71
N ALA JC 67 -19.57 8.15 134.52
CA ALA JC 67 -19.56 6.74 134.18
C ALA JC 67 -18.32 6.46 133.34
N CYS JC 68 -18.01 5.19 133.16
CA CYS JC 68 -16.84 4.80 132.38
C CYS JC 68 -17.19 4.77 130.90
N VAL JC 69 -16.58 5.68 130.15
CA VAL JC 69 -16.69 5.74 128.69
C VAL JC 69 -15.39 5.17 128.16
N ILE JC 70 -15.34 4.82 126.88
CA ILE JC 70 -14.10 4.39 126.26
C ILE JC 70 -13.03 5.46 126.42
N MET JC 71 -11.90 5.08 126.99
CA MET JC 71 -10.78 6.01 127.13
C MET JC 71 -9.90 5.98 125.89
N PRO JC 72 -9.77 7.09 125.17
CA PRO JC 72 -8.73 7.18 124.13
C PRO JC 72 -7.37 7.40 124.77
N ASN JC 73 -6.35 6.75 124.24
CA ASN JC 73 -5.04 6.71 124.89
C ASN JC 73 -4.01 7.51 124.11
N GLU JC 74 -3.11 8.15 124.85
CA GLU JC 74 -1.91 8.76 124.30
C GLU JC 74 -0.70 8.01 124.83
N ASN JC 75 0.40 8.06 124.08
CA ASN JC 75 1.60 7.33 124.43
C ASN JC 75 2.59 8.23 125.16
N GLN JC 76 3.03 7.78 126.33
CA GLN JC 76 4.09 8.45 127.08
C GLN JC 76 5.34 7.58 127.00
N SER JC 77 6.41 8.13 126.44
CA SER JC 77 7.63 7.37 126.20
C SER JC 77 8.83 8.10 126.78
N ILE JC 78 9.71 7.33 127.42
CA ILE JC 78 11.00 7.82 127.91
C ILE JC 78 12.06 6.88 127.39
N ARG JC 79 13.01 7.41 126.62
CA ARG JC 79 14.03 6.61 125.95
C ARG JC 79 15.40 7.13 126.33
N THR JC 80 16.25 6.24 126.83
CA THR JC 80 17.59 6.58 127.26
C THR JC 80 18.60 5.60 126.66
N VAL JC 81 19.68 6.14 126.11
CA VAL JC 81 20.77 5.35 125.56
C VAL JC 81 22.07 5.79 126.24
N ILE JC 82 22.85 4.82 126.70
CA ILE JC 82 24.12 5.08 127.37
C ILE JC 82 25.21 4.39 126.56
N SER JC 83 26.18 5.16 126.09
CA SER JC 83 27.28 4.65 125.29
C SER JC 83 28.60 4.98 125.98
N GLY JC 84 29.48 3.99 126.07
CA GLY JC 84 30.77 4.18 126.70
C GLY JC 84 31.57 2.90 126.82
N SER JC 85 32.87 3.03 127.03
CA SER JC 85 33.72 1.85 127.17
C SER JC 85 33.43 1.14 128.48
N ALA JC 86 33.54 -0.19 128.46
CA ALA JC 86 33.32 -0.97 129.67
C ALA JC 86 34.42 -0.74 130.70
N GLU JC 87 35.58 -0.24 130.25
CA GLU JC 87 36.71 -0.06 131.15
C GLU JC 87 36.59 1.21 131.96
N ASN JC 88 35.60 2.05 131.67
CA ASN JC 88 35.36 3.31 132.38
C ASN JC 88 33.97 3.32 133.02
N LEU JC 89 33.60 2.22 133.67
CA LEU JC 89 32.25 2.10 134.21
C LEU JC 89 31.99 3.09 135.32
N ALA JC 90 32.98 3.31 136.19
CA ALA JC 90 32.77 4.22 137.32
C ALA JC 90 32.50 5.64 136.83
N THR JC 91 33.29 6.10 135.86
CA THR JC 91 33.07 7.42 135.30
C THR JC 91 31.78 7.49 134.50
N LEU JC 92 31.40 6.40 133.83
CA LEU JC 92 30.10 6.37 133.15
C LEU JC 92 28.96 6.50 134.14
N LYS JC 93 29.07 5.86 135.29
CA LYS JC 93 28.05 5.99 136.32
C LYS JC 93 28.01 7.40 136.89
N ALA JC 94 29.17 8.03 137.05
CA ALA JC 94 29.19 9.43 137.46
C ALA JC 94 28.51 10.32 136.43
N GLU JC 95 28.76 10.05 135.14
CA GLU JC 95 28.08 10.78 134.08
C GLU JC 95 26.58 10.56 134.15
N TRP JC 96 26.16 9.34 134.45
CA TRP JC 96 24.73 9.05 134.58
C TRP JC 96 24.11 9.85 135.72
N GLU JC 97 24.80 9.92 136.86
CA GLU JC 97 24.30 10.71 137.98
C GLU JC 97 24.20 12.19 137.62
N THR JC 98 25.22 12.73 136.95
CA THR JC 98 25.18 14.13 136.54
C THR JC 98 24.06 14.38 135.54
N HIS JC 99 23.85 13.45 134.60
CA HIS JC 99 22.77 13.57 133.64
C HIS JC 99 21.42 13.56 134.33
N LYS JC 100 21.24 12.68 135.32
CA LYS JC 100 20.00 12.65 136.08
C LYS JC 100 19.77 13.98 136.78
N ARG JC 101 20.81 14.52 137.41
CA ARG JC 101 20.68 15.79 138.13
C ARG JC 101 20.31 16.92 137.18
N ASN JC 102 20.96 16.99 136.02
CA ASN JC 102 20.69 18.07 135.07
C ASN JC 102 19.28 17.96 134.48
N VAL JC 103 18.88 16.74 134.11
CA VAL JC 103 17.54 16.55 133.57
C VAL JC 103 16.51 16.88 134.64
N ASP JC 104 16.80 16.58 135.91
CA ASP JC 104 15.91 16.96 136.99
C ASP JC 104 15.77 18.46 137.10
N THR JC 105 16.90 19.17 137.11
CA THR JC 105 16.84 20.62 137.31
C THR JC 105 16.22 21.32 136.10
N LEU JC 106 16.18 20.66 134.95
CA LEU JC 106 15.48 21.23 133.81
C LEU JC 106 14.00 20.86 133.77
N PHE JC 107 13.66 19.61 134.10
CA PHE JC 107 12.34 19.04 133.87
C PHE JC 107 11.49 18.98 135.13
N ALA JC 108 12.00 18.32 136.17
CA ALA JC 108 11.19 18.09 137.37
C ALA JC 108 10.94 19.39 138.13
N SER JC 109 12.00 20.17 138.36
CA SER JC 109 11.88 21.44 139.06
C SER JC 109 11.71 22.63 138.13
N GLY JC 110 11.76 22.42 136.81
CA GLY JC 110 11.60 23.48 135.85
C GLY JC 110 10.27 23.40 135.11
N ASN JC 111 10.26 24.02 133.93
CA ASN JC 111 9.07 24.05 133.08
C ASN JC 111 9.35 23.46 131.70
N ALA JC 112 10.34 22.57 131.61
CA ALA JC 112 10.70 21.99 130.31
C ALA JC 112 9.60 21.08 129.78
N GLY JC 113 8.82 20.47 130.66
CA GLY JC 113 7.75 19.60 130.20
C GLY JC 113 6.67 20.35 129.43
N LEU JC 114 6.49 21.62 129.75
CA LEU JC 114 5.46 22.42 129.10
C LEU JC 114 6.00 23.10 127.85
N GLY JC 115 7.27 22.83 127.52
CA GLY JC 115 7.86 23.44 126.34
C GLY JC 115 8.55 24.77 126.61
N PHE JC 116 9.43 24.80 127.61
CA PHE JC 116 10.14 26.01 128.00
C PHE JC 116 11.60 25.69 128.24
N LEU JC 117 12.46 26.66 127.95
CA LEU JC 117 13.88 26.57 128.26
C LEU JC 117 14.24 27.71 129.21
N ASP JC 118 14.99 27.38 130.25
CA ASP JC 118 15.39 28.38 131.23
C ASP JC 118 16.89 28.60 131.12
N PRO JC 119 17.35 29.67 130.48
CA PRO JC 119 18.79 29.86 130.29
C PRO JC 119 19.60 30.02 131.57
N THR JC 120 18.97 30.41 132.68
CA THR JC 120 19.69 30.63 133.92
C THR JC 120 19.68 29.42 134.84
N ALA JC 121 19.24 28.26 134.36
CA ALA JC 121 19.21 27.06 135.18
C ALA JC 121 20.63 26.63 135.55
N ALA JC 122 20.76 26.00 136.71
CA ALA JC 122 22.06 25.62 137.26
C ALA JC 122 22.45 24.24 136.74
N ILE JC 123 23.08 24.23 135.57
CA ILE JC 123 23.60 23.01 134.98
C ILE JC 123 25.03 22.80 135.45
N VAL JC 124 25.36 21.58 135.86
CA VAL JC 124 26.66 21.27 136.42
C VAL JC 124 27.29 20.11 135.67
N SER JC 125 28.62 20.05 135.71
CA SER JC 125 29.37 18.97 135.09
C SER JC 125 29.69 17.88 136.10
N SER JC 126 30.18 16.76 135.59
CA SER JC 126 30.53 15.64 136.47
C SER JC 126 31.81 15.89 137.24
N ASP JC 127 32.67 16.77 136.74
CA ASP JC 127 33.94 17.06 137.42
C ASP JC 127 33.69 17.80 138.72
N THR JC 128 34.58 17.58 139.69
CA THR JC 128 34.49 18.19 140.99
C THR JC 128 35.69 19.12 141.22
N THR JC 129 35.43 20.26 141.82
CA THR JC 129 36.47 21.24 142.11
C THR JC 129 37.49 20.69 143.10
N ALA KC 1 42.56 -20.00 142.43
CA ALA KC 1 41.26 -19.37 142.27
C ALA KC 1 41.22 -18.52 141.00
N ASN KC 2 41.02 -19.18 139.86
CA ASN KC 2 40.97 -18.47 138.59
C ASN KC 2 39.68 -17.68 138.47
N LYS KC 3 39.71 -16.62 137.68
CA LYS KC 3 38.58 -15.71 137.58
C LYS KC 3 37.41 -16.38 136.87
N PRO KC 4 36.21 -16.35 137.44
CA PRO KC 4 35.06 -16.99 136.79
C PRO KC 4 34.54 -16.17 135.63
N MET KC 5 33.79 -16.84 134.75
CA MET KC 5 33.16 -16.21 133.60
C MET KC 5 31.65 -16.28 133.73
N GLN KC 6 30.97 -15.38 133.00
CA GLN KC 6 29.52 -15.34 132.90
C GLN KC 6 29.12 -15.25 131.43
N PRO KC 7 27.98 -15.84 131.04
CA PRO KC 7 27.57 -15.80 129.65
C PRO KC 7 27.16 -14.39 129.22
N ILE KC 8 27.46 -14.04 127.98
CA ILE KC 8 27.15 -12.73 127.42
C ILE KC 8 26.10 -12.83 126.32
N THR KC 9 26.26 -13.78 125.40
CA THR KC 9 25.27 -14.07 124.38
C THR KC 9 24.86 -15.53 124.50
N SER KC 10 23.55 -15.76 124.58
CA SER KC 10 23.04 -17.10 124.90
C SER KC 10 22.09 -17.56 123.81
N THR KC 11 22.45 -18.67 123.18
CA THR KC 11 21.56 -19.40 122.29
C THR KC 11 21.82 -20.89 122.51
N ALA KC 12 20.75 -21.69 122.39
CA ALA KC 12 20.90 -23.12 122.62
C ALA KC 12 21.87 -23.75 121.63
N ASN KC 13 21.97 -23.18 120.42
CA ASN KC 13 22.96 -23.65 119.46
C ASN KC 13 24.36 -23.16 119.80
N LYS KC 14 24.49 -21.97 120.38
CA LYS KC 14 25.79 -21.37 120.65
C LYS KC 14 25.72 -20.48 121.88
N ILE KC 15 26.60 -20.74 122.85
CA ILE KC 15 26.75 -19.90 124.03
C ILE KC 15 28.21 -19.46 124.11
N VAL KC 16 28.42 -18.16 124.33
CA VAL KC 16 29.75 -17.59 124.44
C VAL KC 16 29.90 -16.97 125.83
N TRP KC 17 31.00 -17.29 126.50
CA TRP KC 17 31.30 -16.78 127.83
C TRP KC 17 32.26 -15.60 127.72
N SER KC 18 32.36 -14.83 128.80
CA SER KC 18 33.25 -13.69 128.82
C SER KC 18 33.66 -13.40 130.27
N ASP KC 19 34.80 -12.73 130.41
CA ASP KC 19 35.28 -12.33 131.72
C ASP KC 19 34.90 -10.88 131.96
N PRO KC 20 34.15 -10.57 133.02
CA PRO KC 20 33.77 -9.16 133.27
C PRO KC 20 34.96 -8.22 133.41
N THR KC 21 36.07 -8.67 133.99
CA THR KC 21 37.23 -7.81 134.17
C THR KC 21 38.05 -7.66 132.90
N ARG KC 22 37.84 -8.52 131.90
CA ARG KC 22 38.56 -8.43 130.63
C ARG KC 22 37.63 -9.03 129.57
N LEU KC 23 36.94 -8.16 128.83
CA LEU KC 23 35.93 -8.63 127.89
C LEU KC 23 36.54 -9.24 126.63
N SER KC 24 37.84 -9.10 126.42
CA SER KC 24 38.49 -9.68 125.26
C SER KC 24 38.64 -11.19 125.38
N THR KC 25 38.51 -11.75 126.58
CA THR KC 25 38.62 -13.18 126.80
C THR KC 25 37.26 -13.83 126.64
N THR KC 26 37.14 -14.76 125.70
CA THR KC 26 35.88 -15.41 125.38
C THR KC 26 36.07 -16.91 125.31
N PHE KC 27 34.98 -17.64 125.57
CA PHE KC 27 34.94 -19.09 125.43
C PHE KC 27 33.63 -19.44 124.75
N SER KC 28 33.71 -20.11 123.60
CA SER KC 28 32.55 -20.38 122.78
C SER KC 28 32.24 -21.88 122.76
N ALA KC 29 30.96 -22.21 122.88
CA ALA KC 29 30.49 -23.58 122.79
C ALA KC 29 29.35 -23.64 121.79
N SER KC 30 29.55 -24.39 120.71
CA SER KC 30 28.56 -24.52 119.64
C SER KC 30 28.34 -25.99 119.35
N LEU KC 31 27.08 -26.41 119.34
CA LEU KC 31 26.71 -27.80 119.06
C LEU KC 31 25.84 -27.85 117.81
N LEU KC 32 26.18 -28.75 116.89
CA LEU KC 32 25.39 -29.00 115.70
C LEU KC 32 25.01 -30.48 115.68
N ARG KC 33 23.72 -30.76 115.62
CA ARG KC 33 23.21 -32.12 115.70
C ARG KC 33 22.52 -32.49 114.40
N GLN KC 34 22.86 -33.66 113.87
CA GLN KC 34 22.26 -34.17 112.64
C GLN KC 34 22.09 -35.68 112.77
N ARG KC 35 21.04 -36.20 112.14
CA ARG KC 35 20.73 -37.63 112.19
C ARG KC 35 21.43 -38.31 111.01
N VAL KC 36 22.72 -38.56 111.16
CA VAL KC 36 23.49 -39.29 110.16
C VAL KC 36 23.43 -40.77 110.50
N LYS KC 37 22.52 -41.49 109.86
CA LYS KC 37 22.29 -42.88 110.21
C LYS KC 37 23.07 -43.81 109.27
N VAL KC 38 23.76 -44.77 109.87
CA VAL KC 38 24.45 -45.83 109.13
C VAL KC 38 23.42 -46.89 108.76
N GLY KC 39 23.80 -47.82 107.90
CA GLY KC 39 22.91 -48.85 107.42
C GLY KC 39 22.20 -49.62 108.52
N ILE KC 40 20.88 -49.81 108.36
CA ILE KC 40 20.00 -50.55 109.26
C ILE KC 40 20.23 -50.16 110.72
N ALA KC 41 20.60 -48.90 110.96
CA ALA KC 41 20.80 -48.41 112.30
C ALA KC 41 20.44 -46.93 112.35
N GLU KC 42 20.15 -46.45 113.56
CA GLU KC 42 19.83 -45.05 113.80
C GLU KC 42 20.88 -44.47 114.74
N LEU KC 43 21.45 -43.33 114.34
CA LEU KC 43 22.50 -42.69 115.13
C LEU KC 43 22.27 -41.19 115.14
N ASN KC 44 22.39 -40.58 116.31
CA ASN KC 44 22.32 -39.14 116.48
C ASN KC 44 23.73 -38.60 116.64
N ASN KC 45 24.16 -37.76 115.70
CA ASN KC 45 25.50 -37.22 115.67
C ASN KC 45 25.51 -35.82 116.26
N VAL KC 46 26.46 -35.58 117.17
CA VAL KC 46 26.59 -34.30 117.85
C VAL KC 46 28.01 -33.79 117.60
N SER KC 47 28.14 -32.76 116.78
CA SER KC 47 29.42 -32.13 116.52
C SER KC 47 29.59 -30.94 117.46
N GLY KC 48 30.66 -30.96 118.25
CA GLY KC 48 30.87 -29.91 119.23
C GLY KC 48 32.10 -29.08 118.98
N GLN KC 49 31.92 -27.78 118.78
CA GLN KC 49 33.01 -26.85 118.53
C GLN KC 49 33.20 -25.97 119.75
N TYR KC 50 34.42 -25.95 120.29
CA TYR KC 50 34.76 -25.15 121.46
C TYR KC 50 35.94 -24.27 121.11
N VAL KC 51 35.76 -22.96 121.26
CA VAL KC 51 36.77 -21.97 120.90
C VAL KC 51 37.08 -21.10 122.12
N SER KC 52 38.35 -21.02 122.47
CA SER KC 52 38.83 -20.14 123.54
C SER KC 52 39.77 -19.11 122.95
N VAL KC 53 39.50 -17.84 123.23
CA VAL KC 53 40.24 -16.72 122.66
C VAL KC 53 40.75 -15.84 123.78
N TYR KC 54 42.03 -15.51 123.73
CA TYR KC 54 42.66 -14.56 124.64
C TYR KC 54 43.55 -13.62 123.85
N LYS KC 55 43.48 -12.35 124.17
CA LYS KC 55 44.33 -11.33 123.55
C LYS KC 55 45.40 -10.92 124.54
N ARG KC 56 46.61 -11.44 124.36
CA ARG KC 56 47.71 -11.26 125.28
C ARG KC 56 48.72 -10.28 124.71
N PRO KC 57 49.23 -9.36 125.53
CA PRO KC 57 50.23 -8.41 125.03
C PRO KC 57 51.51 -9.11 124.61
N ALA KC 58 52.21 -8.49 123.66
CA ALA KC 58 53.48 -9.01 123.20
C ALA KC 58 54.48 -9.02 124.36
N PRO KC 59 55.51 -9.88 124.30
CA PRO KC 59 56.46 -9.93 125.42
C PRO KC 59 57.32 -8.69 125.50
N LYS KC 60 57.47 -8.16 126.71
CA LYS KC 60 58.30 -6.99 126.96
C LYS KC 60 59.77 -7.38 126.81
N PRO KC 61 60.65 -6.43 126.47
CA PRO KC 61 62.09 -6.75 126.39
C PRO KC 61 62.63 -7.25 127.71
N GLU KC 62 63.54 -8.23 127.66
CA GLU KC 62 63.96 -8.93 128.87
C GLU KC 62 64.65 -7.99 129.85
N GLY KC 63 65.52 -7.10 129.36
CA GLY KC 63 66.20 -6.18 130.23
C GLY KC 63 65.48 -4.85 130.36
N CYS KC 64 64.22 -4.89 130.77
CA CYS KC 64 63.42 -3.68 130.90
C CYS KC 64 62.78 -3.62 132.28
N ALA KC 65 62.83 -2.44 132.90
CA ALA KC 65 62.22 -2.22 134.19
C ALA KC 65 61.29 -1.02 134.21
N ASP KC 66 60.86 -0.53 133.05
CA ASP KC 66 59.99 0.65 133.01
C ASP KC 66 58.65 0.34 133.63
N ALA KC 67 58.05 1.36 134.25
CA ALA KC 67 56.79 1.19 134.98
C ALA KC 67 55.66 0.72 134.08
N CYS KC 68 55.33 1.51 133.06
CA CYS KC 68 54.22 1.20 132.18
C CYS KC 68 54.58 1.51 130.73
N VAL KC 69 54.79 0.45 129.95
CA VAL KC 69 54.94 0.55 128.50
C VAL KC 69 54.10 -0.55 127.88
N ILE KC 70 53.02 -0.18 127.19
CA ILE KC 70 52.05 -1.14 126.69
C ILE KC 70 52.25 -1.29 125.19
N MET KC 71 52.37 -2.54 124.74
CA MET KC 71 52.52 -2.87 123.33
C MET KC 71 51.31 -3.69 122.88
N PRO KC 72 50.96 -3.65 121.59
CA PRO KC 72 49.67 -4.18 121.15
C PRO KC 72 49.54 -5.68 121.38
N ASN KC 73 48.28 -6.11 121.47
CA ASN KC 73 47.94 -7.48 121.81
C ASN KC 73 48.04 -8.39 120.59
N GLU KC 74 48.32 -9.67 120.85
CA GLU KC 74 48.35 -10.70 119.83
C GLU KC 74 47.17 -11.64 120.09
N ASN KC 75 46.73 -12.34 119.04
CA ASN KC 75 45.57 -13.21 119.16
C ASN KC 75 46.01 -14.63 119.48
N GLN KC 76 45.54 -15.17 120.60
CA GLN KC 76 45.77 -16.55 120.99
C GLN KC 76 44.44 -17.29 120.89
N SER KC 77 44.39 -18.33 120.06
CA SER KC 77 43.17 -19.06 119.81
C SER KC 77 43.41 -20.56 119.97
N ILE KC 78 42.50 -21.23 120.68
CA ILE KC 78 42.51 -22.67 120.83
C ILE KC 78 41.12 -23.17 120.46
N ARG KC 79 41.05 -24.08 119.51
CA ARG KC 79 39.78 -24.55 118.95
C ARG KC 79 39.77 -26.06 118.92
N THR KC 80 38.75 -26.66 119.52
CA THR KC 80 38.58 -28.11 119.54
C THR KC 80 37.23 -28.48 118.95
N VAL KC 81 37.21 -29.48 118.10
CA VAL KC 81 35.99 -29.98 117.46
C VAL KC 81 35.88 -31.47 117.76
N ILE KC 82 34.73 -31.87 118.32
CA ILE KC 82 34.47 -33.26 118.67
C ILE KC 82 33.24 -33.71 117.90
N SER KC 83 33.38 -34.78 117.12
CA SER KC 83 32.30 -35.33 116.33
C SER KC 83 32.12 -36.80 116.68
N GLY KC 84 30.89 -37.19 117.01
CA GLY KC 84 30.61 -38.57 117.34
C GLY KC 84 29.14 -38.82 117.66
N SER KC 85 28.73 -40.08 117.62
CA SER KC 85 27.36 -40.43 117.92
C SER KC 85 27.10 -40.32 119.42
N ALA KC 86 25.83 -40.06 119.78
CA ALA KC 86 25.47 -39.93 121.19
C ALA KC 86 25.53 -41.29 121.89
N GLU KC 87 25.38 -42.37 121.14
CA GLU KC 87 25.35 -43.70 121.75
C GLU KC 87 26.72 -44.09 122.30
N ASN KC 88 27.79 -43.53 121.74
CA ASN KC 88 29.16 -43.88 122.12
C ASN KC 88 29.82 -42.80 122.97
N LEU KC 89 29.07 -42.19 123.89
CA LEU KC 89 29.58 -41.03 124.61
C LEU KC 89 30.74 -41.40 125.53
N ALA KC 90 30.64 -42.52 126.25
CA ALA KC 90 31.70 -42.89 127.19
C ALA KC 90 33.00 -43.18 126.46
N THR KC 91 32.92 -43.93 125.37
CA THR KC 91 34.13 -44.23 124.60
C THR KC 91 34.66 -42.99 123.89
N LEU KC 92 33.79 -42.06 123.49
CA LEU KC 92 34.27 -40.79 122.97
C LEU KC 92 35.01 -40.00 124.04
N LYS KC 93 34.55 -40.10 125.29
CA LYS KC 93 35.27 -39.46 126.40
C LYS KC 93 36.64 -40.10 126.59
N ALA KC 94 36.71 -41.42 126.46
CA ALA KC 94 38.02 -42.09 126.53
C ALA KC 94 38.93 -41.62 125.40
N GLU KC 95 38.38 -41.49 124.19
CA GLU KC 95 39.15 -40.93 123.08
C GLU KC 95 39.63 -39.52 123.39
N TRP KC 96 38.78 -38.74 124.04
CA TRP KC 96 39.15 -37.37 124.41
C TRP KC 96 40.30 -37.37 125.41
N GLU KC 97 40.28 -38.30 126.36
CA GLU KC 97 41.39 -38.42 127.30
C GLU KC 97 42.69 -38.79 126.59
N THR KC 98 42.62 -39.73 125.66
CA THR KC 98 43.81 -40.10 124.89
C THR KC 98 44.31 -38.93 124.05
N HIS KC 99 43.40 -38.16 123.47
CA HIS KC 99 43.78 -36.97 122.73
C HIS KC 99 44.46 -35.96 123.64
N LYS KC 100 43.93 -35.77 124.86
CA LYS KC 100 44.61 -34.93 125.84
C LYS KC 100 46.05 -35.38 126.03
N ARG KC 101 46.24 -36.67 126.27
CA ARG KC 101 47.59 -37.16 126.55
C ARG KC 101 48.53 -36.94 125.37
N ASN KC 102 48.03 -37.19 124.15
CA ASN KC 102 48.87 -37.04 122.98
C ASN KC 102 49.25 -35.57 122.74
N VAL KC 103 48.28 -34.66 122.83
CA VAL KC 103 48.57 -33.24 122.67
C VAL KC 103 49.51 -32.75 123.76
N ASP KC 104 49.33 -33.26 124.98
CA ASP KC 104 50.24 -32.87 126.06
C ASP KC 104 51.66 -33.33 125.75
N THR KC 105 51.82 -34.56 125.27
CA THR KC 105 53.15 -35.06 124.94
C THR KC 105 53.80 -34.24 123.84
N LEU KC 106 53.03 -33.89 122.81
CA LEU KC 106 53.62 -33.13 121.69
C LEU KC 106 53.88 -31.67 122.03
N PHE KC 107 53.03 -31.04 122.84
CA PHE KC 107 53.02 -29.60 123.00
C PHE KC 107 53.49 -29.17 124.39
N ALA KC 108 52.87 -29.70 125.45
CA ALA KC 108 53.20 -29.25 126.80
C ALA KC 108 54.63 -29.61 127.17
N SER KC 109 55.07 -30.83 126.83
CA SER KC 109 56.41 -31.27 127.14
C SER KC 109 57.33 -31.29 125.94
N GLY KC 110 56.86 -30.91 124.76
CA GLY KC 110 57.65 -30.91 123.55
C GLY KC 110 57.95 -29.51 123.06
N ASN KC 111 58.25 -29.42 121.76
CA ASN KC 111 58.56 -28.15 121.11
C ASN KC 111 57.62 -27.84 119.95
N ALA KC 112 56.44 -28.45 119.95
CA ALA KC 112 55.47 -28.16 118.90
C ALA KC 112 55.02 -26.71 118.96
N GLY KC 113 55.04 -26.10 120.15
CA GLY KC 113 54.73 -24.69 120.25
C GLY KC 113 55.72 -23.78 119.54
N LEU KC 114 57.01 -24.11 119.62
CA LEU KC 114 58.03 -23.37 118.90
C LEU KC 114 58.10 -23.77 117.43
N GLY KC 115 57.57 -24.93 117.07
CA GLY KC 115 57.52 -25.33 115.68
C GLY KC 115 58.36 -26.51 115.30
N PHE KC 116 58.68 -27.40 116.24
CA PHE KC 116 59.49 -28.58 115.97
C PHE KC 116 58.67 -29.83 116.26
N LEU KC 117 58.67 -30.76 115.31
CA LEU KC 117 58.01 -32.06 115.47
C LEU KC 117 59.05 -33.13 115.76
N ASP KC 118 58.77 -33.96 116.76
CA ASP KC 118 59.67 -35.03 117.14
C ASP KC 118 59.07 -36.37 116.71
N PRO KC 119 59.61 -37.03 115.69
CA PRO KC 119 59.10 -38.36 115.32
C PRO KC 119 59.20 -39.39 116.43
N THR KC 120 59.99 -39.14 117.47
CA THR KC 120 60.20 -40.10 118.54
C THR KC 120 59.26 -39.89 119.73
N ALA KC 121 58.22 -39.07 119.57
CA ALA KC 121 57.30 -38.81 120.66
C ALA KC 121 56.53 -40.09 121.02
N ALA KC 122 56.22 -40.22 122.31
CA ALA KC 122 55.53 -41.41 122.81
C ALA KC 122 54.03 -41.19 122.69
N ILE KC 123 53.48 -41.50 121.52
CA ILE KC 123 52.06 -41.40 121.27
C ILE KC 123 51.42 -42.76 121.52
N VAL KC 124 50.30 -42.77 122.25
CA VAL KC 124 49.64 -43.99 122.64
C VAL KC 124 48.19 -43.96 122.19
N SER KC 125 47.58 -45.14 122.09
CA SER KC 125 46.19 -45.26 121.68
C SER KC 125 45.28 -45.40 122.89
N SER KC 126 43.97 -45.30 122.64
CA SER KC 126 43.00 -45.42 123.71
C SER KC 126 42.85 -46.86 124.18
N ASP KC 127 42.99 -47.83 123.28
CA ASP KC 127 42.85 -49.23 123.67
C ASP KC 127 43.97 -49.64 124.62
N THR KC 128 43.64 -50.53 125.55
CA THR KC 128 44.58 -51.01 126.54
C THR KC 128 44.93 -52.48 126.25
N THR KC 129 46.12 -52.87 126.69
CA THR KC 129 46.59 -54.22 126.48
C THR KC 129 45.85 -55.21 127.39
N ALA LC 1 9.93 -40.97 140.47
CA ALA LC 1 10.83 -39.91 140.03
C ALA LC 1 11.02 -39.95 138.51
N ASN LC 2 10.31 -39.08 137.82
CA ASN LC 2 10.40 -39.03 136.36
C ASN LC 2 11.71 -38.39 135.93
N LYS LC 3 12.18 -38.77 134.74
CA LYS LC 3 13.45 -38.25 134.25
C LYS LC 3 13.28 -36.82 133.74
N PRO LC 4 14.03 -35.86 134.27
CA PRO LC 4 13.93 -34.48 133.78
C PRO LC 4 14.56 -34.32 132.40
N MET LC 5 14.22 -33.21 131.75
CA MET LC 5 14.78 -32.85 130.45
C MET LC 5 15.53 -31.53 130.54
N GLN LC 6 16.41 -31.31 129.57
CA GLN LC 6 17.12 -30.08 129.35
C GLN LC 6 16.76 -29.49 127.98
N PRO LC 7 16.82 -28.18 127.83
CA PRO LC 7 16.39 -27.57 126.56
C PRO LC 7 17.44 -27.70 125.46
N ILE LC 8 17.04 -28.25 124.32
CA ILE LC 8 17.94 -28.33 123.18
C ILE LC 8 17.85 -27.12 122.27
N THR LC 9 16.69 -26.46 122.22
CA THR LC 9 16.49 -25.28 121.40
C THR LC 9 15.76 -24.24 122.23
N SER LC 10 16.41 -23.11 122.48
CA SER LC 10 15.85 -22.04 123.31
C SER LC 10 15.70 -20.79 122.47
N THR LC 11 14.49 -20.22 122.46
CA THR LC 11 14.18 -19.04 121.70
C THR LC 11 13.09 -18.27 122.45
N ALA LC 12 13.01 -16.96 122.18
CA ALA LC 12 12.00 -16.14 122.84
C ALA LC 12 10.59 -16.59 122.52
N ASN LC 13 10.41 -17.35 121.44
CA ASN LC 13 9.09 -17.82 121.02
C ASN LC 13 8.92 -19.33 121.06
N LYS LC 14 9.98 -20.10 121.31
CA LYS LC 14 9.88 -21.56 121.28
C LYS LC 14 11.02 -22.16 122.07
N ILE LC 15 10.70 -23.09 122.97
CA ILE LC 15 11.68 -23.85 123.72
C ILE LC 15 11.37 -25.33 123.55
N VAL LC 16 12.40 -26.12 123.26
CA VAL LC 16 12.26 -27.56 123.01
C VAL LC 16 13.10 -28.30 124.03
N TRP LC 17 12.49 -29.26 124.73
CA TRP LC 17 13.18 -30.11 125.69
C TRP LC 17 13.45 -31.48 125.09
N SER LC 18 14.39 -32.21 125.71
CA SER LC 18 14.75 -33.55 125.26
C SER LC 18 15.37 -34.32 126.40
N ASP LC 19 15.06 -35.61 126.48
CA ASP LC 19 15.60 -36.44 127.53
C ASP LC 19 17.02 -36.90 127.19
N PRO LC 20 17.98 -36.75 128.11
CA PRO LC 20 19.33 -37.24 127.81
C PRO LC 20 19.39 -38.72 127.49
N THR LC 21 18.56 -39.54 128.14
CA THR LC 21 18.57 -40.97 127.87
C THR LC 21 18.02 -41.28 126.48
N ARG LC 22 16.87 -40.71 126.14
CA ARG LC 22 16.24 -40.91 124.84
C ARG LC 22 16.01 -39.56 124.19
N LEU LC 23 16.66 -39.32 123.06
CA LEU LC 23 16.49 -38.04 122.36
C LEU LC 23 15.23 -38.04 121.52
N SER LC 24 14.58 -39.21 121.39
CA SER LC 24 13.37 -39.32 120.58
C SER LC 24 12.21 -38.54 121.18
N THR LC 25 12.09 -38.56 122.51
CA THR LC 25 11.00 -37.89 123.19
C THR LC 25 11.33 -36.42 123.39
N THR LC 26 10.42 -35.54 122.99
CA THR LC 26 10.60 -34.10 123.12
C THR LC 26 9.31 -33.44 123.59
N PHE LC 27 9.46 -32.29 124.21
CA PHE LC 27 8.34 -31.46 124.65
C PHE LC 27 8.66 -30.02 124.32
N SER LC 28 7.89 -29.43 123.40
CA SER LC 28 8.15 -28.07 122.94
C SER LC 28 6.93 -27.19 123.17
N ALA LC 29 7.20 -25.94 123.56
CA ALA LC 29 6.16 -24.96 123.83
C ALA LC 29 6.41 -23.74 122.96
N SER LC 30 5.37 -23.27 122.27
CA SER LC 30 5.45 -22.09 121.41
C SER LC 30 4.35 -21.13 121.80
N LEU LC 31 4.71 -19.86 121.98
CA LEU LC 31 3.76 -18.82 122.35
C LEU LC 31 3.71 -17.76 121.27
N LEU LC 32 2.50 -17.44 120.82
CA LEU LC 32 2.26 -16.37 119.86
C LEU LC 32 1.36 -15.32 120.51
N ARG LC 33 1.89 -14.12 120.69
CA ARG LC 33 1.19 -13.03 121.36
C ARG LC 33 0.81 -11.97 120.34
N GLN LC 34 -0.47 -11.60 120.32
CA GLN LC 34 -0.98 -10.62 119.37
C GLN LC 34 -1.96 -9.71 120.07
N ARG LC 35 -2.14 -8.51 119.52
CA ARG LC 35 -3.14 -7.59 120.01
C ARG LC 35 -4.45 -7.82 119.28
N VAL LC 36 -5.54 -7.94 120.05
CA VAL LC 36 -6.85 -8.22 119.49
C VAL LC 36 -7.71 -6.97 119.65
N LYS LC 37 -8.30 -6.52 118.54
CA LYS LC 37 -9.16 -5.35 118.52
C LYS LC 37 -10.58 -5.78 118.81
N VAL LC 38 -11.09 -5.35 119.97
CA VAL LC 38 -12.48 -5.60 120.37
C VAL LC 38 -13.10 -4.24 120.67
N GLY LC 39 -14.41 -4.13 120.44
CA GLY LC 39 -15.11 -2.88 120.62
C GLY LC 39 -14.83 -2.21 121.95
N ILE LC 40 -14.45 -0.94 121.89
CA ILE LC 40 -14.09 -0.10 123.03
C ILE LC 40 -13.19 -0.84 124.03
N ALA LC 41 -12.28 -1.66 123.52
CA ALA LC 41 -11.36 -2.40 124.37
C ALA LC 41 -10.08 -2.69 123.60
N GLU LC 42 -8.97 -2.74 124.32
CA GLU LC 42 -7.66 -3.08 123.75
C GLU LC 42 -7.04 -4.17 124.61
N LEU LC 43 -7.35 -5.42 124.31
CA LEU LC 43 -6.86 -6.57 125.05
C LEU LC 43 -6.06 -7.48 124.11
N ASN LC 44 -4.97 -8.03 124.64
CA ASN LC 44 -4.02 -8.79 123.84
C ASN LC 44 -4.08 -10.27 124.17
N ASN LC 45 -4.09 -11.10 123.13
CA ASN LC 45 -4.23 -12.53 123.30
C ASN LC 45 -2.87 -13.22 123.32
N VAL LC 46 -2.80 -14.36 123.99
CA VAL LC 46 -1.61 -15.21 124.01
C VAL LC 46 -2.05 -16.62 123.65
N SER LC 47 -1.48 -17.17 122.59
CA SER LC 47 -1.79 -18.51 122.11
C SER LC 47 -0.59 -19.42 122.37
N GLY LC 48 -0.82 -20.51 123.08
CA GLY LC 48 0.24 -21.43 123.41
C GLY LC 48 0.06 -22.82 122.82
N GLN LC 49 1.08 -23.33 122.15
CA GLN LC 49 1.04 -24.64 121.52
C GLN LC 49 2.04 -25.55 122.22
N TYR LC 50 1.54 -26.58 122.88
CA TYR LC 50 2.35 -27.55 123.61
C TYR LC 50 2.18 -28.91 122.97
N VAL LC 51 3.29 -29.54 122.56
CA VAL LC 51 3.25 -30.86 121.94
C VAL LC 51 4.19 -31.77 122.71
N SER LC 52 3.78 -33.03 122.87
CA SER LC 52 4.60 -34.06 123.49
C SER LC 52 4.61 -35.29 122.60
N VAL LC 53 5.80 -35.81 122.30
CA VAL LC 53 5.95 -36.96 121.43
C VAL LC 53 6.83 -38.00 122.13
N TYR LC 54 6.48 -39.26 121.95
CA TYR LC 54 7.31 -40.38 122.40
C TYR LC 54 7.31 -41.42 121.30
N LYS LC 55 8.50 -41.89 120.93
CA LYS LC 55 8.65 -42.82 119.81
C LYS LC 55 8.74 -44.24 120.35
N ARG LC 56 7.61 -44.69 120.91
CA ARG LC 56 7.56 -45.99 121.56
C ARG LC 56 7.61 -47.12 120.54
N PRO LC 57 8.29 -48.23 120.86
CA PRO LC 57 8.30 -49.37 119.94
C PRO LC 57 6.93 -50.00 119.79
N ALA LC 58 6.71 -50.59 118.62
CA ALA LC 58 5.51 -51.35 118.37
C ALA LC 58 5.45 -52.55 119.32
N PRO LC 59 4.26 -53.08 119.63
CA PRO LC 59 4.19 -54.09 120.69
C PRO LC 59 4.73 -55.44 120.26
N LYS LC 60 5.58 -56.00 121.11
CA LYS LC 60 6.30 -57.22 120.79
C LYS LC 60 5.33 -58.38 120.59
N PRO LC 61 5.60 -59.28 119.63
CA PRO LC 61 4.72 -60.44 119.43
C PRO LC 61 4.68 -61.34 120.65
N GLU LC 62 3.65 -62.18 120.74
CA GLU LC 62 3.35 -62.95 121.94
C GLU LC 62 4.18 -64.23 121.96
N GLY LC 63 4.77 -64.52 123.11
CA GLY LC 63 5.42 -65.79 123.35
C GLY LC 63 6.83 -65.93 122.84
N CYS LC 64 7.44 -64.86 122.32
CA CYS LC 64 8.79 -64.92 121.78
C CYS LC 64 9.67 -63.92 122.51
N ALA LC 65 10.63 -64.42 123.28
CA ALA LC 65 11.66 -63.58 123.89
C ALA LC 65 12.84 -63.51 122.93
N ASP LC 66 12.72 -62.63 121.93
CA ASP LC 66 13.76 -62.51 120.91
C ASP LC 66 15.06 -62.01 121.53
N ALA LC 67 16.16 -62.33 120.87
CA ALA LC 67 17.48 -61.96 121.38
C ALA LC 67 17.62 -60.44 121.49
N CYS LC 68 17.30 -59.73 120.42
CA CYS LC 68 17.43 -58.28 120.38
C CYS LC 68 16.15 -57.65 119.85
N VAL LC 69 15.83 -56.47 120.38
CA VAL LC 69 14.63 -55.76 119.93
C VAL LC 69 14.87 -55.19 118.54
N ILE LC 70 13.94 -55.48 117.63
CA ILE LC 70 14.03 -55.03 116.25
C ILE LC 70 12.72 -54.39 115.85
N MET LC 71 11.90 -54.04 116.83
CA MET LC 71 10.55 -53.57 116.55
C MET LC 71 10.59 -52.19 115.90
N PRO LC 72 9.81 -51.97 114.84
CA PRO LC 72 9.81 -50.65 114.18
C PRO LC 72 8.94 -49.63 114.89
N ASN LC 73 9.54 -48.94 115.88
CA ASN LC 73 8.84 -47.98 116.72
C ASN LC 73 7.92 -47.01 115.98
N GLU LC 74 6.86 -46.57 116.67
CA GLU LC 74 5.81 -45.77 116.08
C GLU LC 74 5.82 -44.36 116.64
N ASN LC 75 4.89 -43.55 116.14
CA ASN LC 75 4.77 -42.16 116.57
C ASN LC 75 3.60 -42.02 117.52
N GLN LC 76 3.82 -41.36 118.66
CA GLN LC 76 2.80 -41.20 119.69
C GLN LC 76 2.89 -39.77 120.21
N SER LC 77 1.89 -38.95 119.85
CA SER LC 77 1.96 -37.51 120.07
C SER LC 77 0.69 -36.99 120.73
N ILE LC 78 0.85 -35.95 121.54
CA ILE LC 78 -0.25 -35.23 122.15
C ILE LC 78 -0.01 -33.74 121.93
N ARG LC 79 -1.01 -33.05 121.39
CA ARG LC 79 -0.90 -31.65 121.03
C ARG LC 79 -2.01 -30.87 121.70
N THR LC 80 -1.66 -29.75 122.35
CA THR LC 80 -2.61 -28.92 123.07
C THR LC 80 -2.39 -27.46 122.70
N VAL LC 81 -3.49 -26.74 122.48
CA VAL LC 81 -3.46 -25.31 122.15
C VAL LC 81 -4.34 -24.58 123.15
N ILE LC 82 -3.78 -23.56 123.79
CA ILE LC 82 -4.51 -22.72 124.74
C ILE LC 82 -4.48 -21.30 124.21
N SER LC 83 -5.67 -20.72 124.01
CA SER LC 83 -5.80 -19.38 123.47
C SER LC 83 -6.75 -18.57 124.35
N GLY LC 84 -6.36 -17.35 124.67
CA GLY LC 84 -7.21 -16.48 125.46
C GLY LC 84 -6.46 -15.24 125.86
N SER LC 85 -7.23 -14.24 126.30
CA SER LC 85 -6.66 -12.96 126.70
C SER LC 85 -5.93 -13.12 128.03
N ALA LC 86 -4.80 -12.41 128.18
CA ALA LC 86 -4.05 -12.46 129.42
C ALA LC 86 -4.78 -11.75 130.54
N GLU LC 87 -5.77 -10.91 130.21
CA GLU LC 87 -6.53 -10.23 131.25
C GLU LC 87 -7.37 -11.21 132.05
N ASN LC 88 -7.82 -12.29 131.39
CA ASN LC 88 -8.68 -13.30 132.00
C ASN LC 88 -7.93 -14.58 132.34
N LEU LC 89 -6.70 -14.47 132.86
CA LEU LC 89 -5.87 -15.65 133.07
C LEU LC 89 -6.49 -16.60 134.09
N ALA LC 90 -7.11 -16.07 135.15
CA ALA LC 90 -7.72 -16.94 136.15
C ALA LC 90 -8.83 -17.78 135.53
N THR LC 91 -9.66 -17.15 134.70
CA THR LC 91 -10.69 -17.88 133.98
C THR LC 91 -10.09 -18.90 133.01
N LEU LC 92 -9.01 -18.53 132.31
CA LEU LC 92 -8.39 -19.48 131.39
C LEU LC 92 -7.84 -20.69 132.14
N LYS LC 93 -7.30 -20.47 133.34
CA LYS LC 93 -6.83 -21.58 134.16
C LYS LC 93 -7.99 -22.47 134.61
N ALA LC 94 -9.10 -21.85 135.01
CA ALA LC 94 -10.28 -22.65 135.38
C ALA LC 94 -10.79 -23.44 134.18
N GLU LC 95 -10.80 -22.83 133.00
CA GLU LC 95 -11.19 -23.53 131.78
C GLU LC 95 -10.24 -24.68 131.48
N TRP LC 96 -8.95 -24.49 131.72
CA TRP LC 96 -7.99 -25.57 131.51
C TRP LC 96 -8.26 -26.72 132.45
N GLU LC 97 -8.57 -26.42 133.72
CA GLU LC 97 -8.90 -27.48 134.66
C GLU LC 97 -10.15 -28.24 134.24
N THR LC 98 -11.18 -27.51 133.82
CA THR LC 98 -12.41 -28.16 133.37
C THR LC 98 -12.17 -29.01 132.13
N HIS LC 99 -11.36 -28.52 131.20
CA HIS LC 99 -11.04 -29.27 129.99
C HIS LC 99 -10.26 -30.53 130.33
N LYS LC 100 -9.32 -30.43 131.27
CA LYS LC 100 -8.58 -31.62 131.71
C LYS LC 100 -9.53 -32.65 132.31
N ARG LC 101 -10.48 -32.20 133.13
CA ARG LC 101 -11.41 -33.13 133.75
C ARG LC 101 -12.29 -33.80 132.70
N ASN LC 102 -12.78 -33.03 131.72
CA ASN LC 102 -13.62 -33.61 130.68
C ASN LC 102 -12.86 -34.60 129.82
N VAL LC 103 -11.61 -34.27 129.44
CA VAL LC 103 -10.81 -35.18 128.64
C VAL LC 103 -10.48 -36.44 129.42
N ASP LC 104 -10.24 -36.30 130.73
CA ASP LC 104 -10.02 -37.46 131.57
C ASP LC 104 -11.27 -38.35 131.62
N THR LC 105 -12.44 -37.73 131.71
CA THR LC 105 -13.68 -38.49 131.73
C THR LC 105 -13.89 -39.26 130.44
N LEU LC 106 -13.64 -38.62 129.30
CA LEU LC 106 -13.87 -39.29 128.02
C LEU LC 106 -12.78 -40.32 127.72
N PHE LC 107 -11.53 -40.04 128.10
CA PHE LC 107 -10.37 -40.78 127.64
C PHE LC 107 -9.68 -41.57 128.75
N ALA LC 108 -9.29 -40.89 129.84
CA ALA LC 108 -8.53 -41.57 130.88
C ALA LC 108 -9.34 -42.67 131.55
N SER LC 109 -10.61 -42.41 131.84
CA SER LC 109 -11.49 -43.41 132.44
C SER LC 109 -12.50 -43.96 131.45
N GLY LC 110 -12.53 -43.46 130.22
CA GLY LC 110 -13.41 -43.97 129.18
C GLY LC 110 -12.66 -44.78 128.14
N ASN LC 111 -13.34 -45.05 127.04
CA ASN LC 111 -12.75 -45.84 125.97
C ASN LC 111 -12.66 -45.05 124.67
N ALA LC 112 -12.38 -43.74 124.78
CA ALA LC 112 -12.19 -42.93 123.59
C ALA LC 112 -10.94 -43.35 122.84
N GLY LC 113 -9.97 -43.94 123.54
CA GLY LC 113 -8.75 -44.37 122.88
C GLY LC 113 -8.98 -45.47 121.87
N LEU LC 114 -9.91 -46.38 122.16
CA LEU LC 114 -10.21 -47.45 121.21
C LEU LC 114 -11.14 -46.99 120.10
N GLY LC 115 -11.72 -45.80 120.23
CA GLY LC 115 -12.58 -45.26 119.20
C GLY LC 115 -14.03 -45.08 119.58
N PHE LC 116 -14.38 -45.22 120.85
CA PHE LC 116 -15.77 -45.13 121.26
C PHE LC 116 -16.07 -43.77 121.90
N LEU LC 117 -17.07 -43.09 121.36
CA LEU LC 117 -17.54 -41.82 121.89
C LEU LC 117 -18.83 -42.07 122.67
N ASP LC 118 -18.69 -42.21 123.98
CA ASP LC 118 -19.84 -42.48 124.83
C ASP LC 118 -20.70 -41.23 124.96
N PRO LC 119 -21.97 -41.27 124.56
CA PRO LC 119 -22.81 -40.06 124.69
C PRO LC 119 -23.48 -39.91 126.03
N THR LC 120 -23.27 -40.83 126.97
CA THR LC 120 -23.82 -40.71 128.31
C THR LC 120 -22.79 -40.25 129.33
N ALA LC 121 -21.60 -39.80 128.88
CA ALA LC 121 -20.55 -39.39 129.80
C ALA LC 121 -20.95 -38.13 130.55
N ALA LC 122 -20.41 -37.99 131.77
CA ALA LC 122 -20.72 -36.84 132.62
C ALA LC 122 -19.73 -35.73 132.34
N ILE LC 123 -20.10 -34.84 131.42
CA ILE LC 123 -19.29 -33.68 131.08
C ILE LC 123 -19.77 -32.49 131.89
N VAL LC 124 -18.83 -31.78 132.53
CA VAL LC 124 -19.16 -30.66 133.40
C VAL LC 124 -18.40 -29.43 132.93
N SER LC 125 -18.98 -28.26 133.19
CA SER LC 125 -18.43 -27.00 132.71
C SER LC 125 -17.65 -26.28 133.81
N SER LC 126 -17.06 -25.16 133.44
CA SER LC 126 -16.30 -24.36 134.39
C SER LC 126 -17.20 -23.62 135.37
N ASP LC 127 -18.40 -23.24 134.95
CA ASP LC 127 -19.32 -22.53 135.83
C ASP LC 127 -19.83 -23.46 136.93
N THR LC 128 -19.97 -22.91 138.13
CA THR LC 128 -20.43 -23.65 139.29
C THR LC 128 -21.76 -23.10 139.77
N THR LC 129 -22.56 -23.99 140.36
CA THR LC 129 -23.87 -23.62 140.88
C THR LC 129 -23.84 -23.48 142.40
N ALA MC 1 -51.30 -65.76 -122.15
CA ALA MC 1 -52.35 -65.48 -121.19
C ALA MC 1 -51.76 -65.15 -119.82
N ASN MC 2 -51.76 -63.86 -119.48
CA ASN MC 2 -51.22 -63.44 -118.20
C ASN MC 2 -52.21 -63.75 -117.07
N LYS MC 3 -51.66 -64.07 -115.90
CA LYS MC 3 -52.49 -64.43 -114.77
C LYS MC 3 -53.25 -63.22 -114.25
N PRO MC 4 -54.58 -63.27 -114.14
CA PRO MC 4 -55.30 -62.13 -113.56
C PRO MC 4 -54.89 -61.89 -112.12
N MET MC 5 -54.88 -60.62 -111.73
CA MET MC 5 -54.46 -60.18 -110.41
C MET MC 5 -55.64 -59.54 -109.70
N GLN MC 6 -55.87 -59.92 -108.45
CA GLN MC 6 -57.07 -59.53 -107.74
C GLN MC 6 -56.74 -58.57 -106.61
N PRO MC 7 -57.52 -57.50 -106.44
CA PRO MC 7 -57.18 -56.50 -105.43
C PRO MC 7 -57.34 -57.02 -104.00
N ILE MC 8 -56.55 -56.47 -103.10
CA ILE MC 8 -56.65 -56.79 -101.68
C ILE MC 8 -57.10 -55.60 -100.84
N THR MC 9 -56.70 -54.38 -101.18
CA THR MC 9 -57.14 -53.18 -100.48
C THR MC 9 -57.78 -52.23 -101.48
N SER MC 10 -59.04 -51.89 -101.21
CA SER MC 10 -59.81 -51.02 -102.09
C SER MC 10 -60.17 -49.74 -101.35
N THR MC 11 -59.84 -48.61 -101.96
CA THR MC 11 -60.09 -47.29 -101.37
C THR MC 11 -60.18 -46.29 -102.50
N ALA MC 12 -60.98 -45.24 -102.30
CA ALA MC 12 -61.17 -44.23 -103.34
C ALA MC 12 -59.86 -43.52 -103.67
N ASN MC 13 -58.87 -43.61 -102.79
CA ASN MC 13 -57.58 -42.95 -102.99
C ASN MC 13 -56.46 -43.91 -103.34
N LYS MC 14 -56.63 -45.22 -103.12
CA LYS MC 14 -55.57 -46.19 -103.37
C LYS MC 14 -56.18 -47.57 -103.54
N ILE MC 15 -55.68 -48.31 -104.54
CA ILE MC 15 -56.06 -49.70 -104.76
C ILE MC 15 -54.78 -50.51 -104.93
N VAL MC 16 -54.70 -51.63 -104.23
CA VAL MC 16 -53.53 -52.50 -104.28
C VAL MC 16 -53.95 -53.85 -104.85
N TRP MC 17 -53.27 -54.30 -105.90
CA TRP MC 17 -53.51 -55.59 -106.51
C TRP MC 17 -52.34 -56.52 -106.21
N SER MC 18 -52.66 -57.76 -105.83
CA SER MC 18 -51.63 -58.76 -105.57
C SER MC 18 -52.02 -60.08 -106.21
N ASP MC 19 -51.03 -60.81 -106.70
CA ASP MC 19 -51.29 -62.10 -107.34
C ASP MC 19 -51.70 -63.13 -106.28
N PRO MC 20 -52.83 -63.82 -106.47
CA PRO MC 20 -53.25 -64.80 -105.46
C PRO MC 20 -52.24 -65.91 -105.23
N THR MC 21 -51.53 -66.34 -106.27
CA THR MC 21 -50.52 -67.38 -106.11
C THR MC 21 -49.24 -66.86 -105.46
N ARG MC 22 -48.86 -65.62 -105.74
CA ARG MC 22 -47.70 -65.00 -105.10
C ARG MC 22 -48.05 -63.60 -104.63
N LEU MC 23 -48.45 -63.46 -103.36
CA LEU MC 23 -48.89 -62.19 -102.83
C LEU MC 23 -47.74 -61.20 -102.71
N SER MC 24 -46.51 -61.68 -102.86
CA SER MC 24 -45.35 -60.80 -102.83
C SER MC 24 -45.32 -59.82 -103.99
N THR MC 25 -45.98 -60.14 -105.10
CA THR MC 25 -46.04 -59.23 -106.25
C THR MC 25 -47.23 -58.30 -106.07
N THR MC 26 -46.98 -57.00 -106.08
CA THR MC 26 -48.00 -56.01 -105.82
C THR MC 26 -48.03 -54.97 -106.94
N PHE MC 27 -49.21 -54.35 -107.11
CA PHE MC 27 -49.38 -53.24 -108.04
C PHE MC 27 -50.38 -52.27 -107.43
N SER MC 28 -49.92 -51.06 -107.13
CA SER MC 28 -50.70 -50.08 -106.42
C SER MC 28 -50.84 -48.80 -107.24
N ALA MC 29 -52.04 -48.22 -107.21
CA ALA MC 29 -52.33 -46.96 -107.89
C ALA MC 29 -52.93 -45.99 -106.89
N SER MC 30 -52.32 -44.82 -106.75
CA SER MC 30 -52.78 -43.79 -105.82
C SER MC 30 -52.95 -42.49 -106.57
N LEU MC 31 -54.10 -41.84 -106.40
CA LEU MC 31 -54.39 -40.57 -107.03
C LEU MC 31 -54.41 -39.46 -105.97
N LEU MC 32 -53.75 -38.35 -106.27
CA LEU MC 32 -53.75 -37.17 -105.43
C LEU MC 32 -54.19 -35.98 -106.26
N ARG MC 33 -55.22 -35.28 -105.80
CA ARG MC 33 -55.85 -34.23 -106.58
C ARG MC 33 -55.78 -32.90 -105.84
N GLN MC 34 -55.37 -31.86 -106.56
CA GLN MC 34 -55.32 -30.50 -106.02
C GLN MC 34 -55.93 -29.54 -107.03
N ARG MC 35 -56.20 -28.32 -106.59
CA ARG MC 35 -56.64 -27.24 -107.46
C ARG MC 35 -55.49 -26.24 -107.60
N VAL MC 36 -55.09 -25.96 -108.84
CA VAL MC 36 -53.97 -25.07 -109.13
C VAL MC 36 -54.47 -23.94 -110.02
N LYS MC 37 -54.16 -22.71 -109.63
CA LYS MC 37 -54.60 -21.52 -110.37
C LYS MC 37 -53.49 -21.11 -111.33
N VAL MC 38 -53.48 -21.76 -112.49
CA VAL MC 38 -52.49 -21.45 -113.52
C VAL MC 38 -52.93 -20.26 -114.35
N GLY MC 39 -54.09 -20.36 -114.98
CA GLY MC 39 -54.57 -19.34 -115.91
C GLY MC 39 -55.77 -18.59 -115.38
N ILE MC 40 -55.69 -18.18 -114.10
CA ILE MC 40 -56.75 -17.54 -113.31
C ILE MC 40 -58.03 -18.37 -113.40
N ALA MC 41 -57.89 -19.64 -113.76
CA ALA MC 41 -58.97 -20.61 -113.72
C ALA MC 41 -58.49 -21.81 -112.93
N GLU MC 42 -59.35 -22.33 -112.05
CA GLU MC 42 -58.96 -23.41 -111.14
C GLU MC 42 -58.91 -24.73 -111.90
N LEU MC 43 -57.74 -25.03 -112.46
CA LEU MC 43 -57.53 -26.31 -113.10
C LEU MC 43 -57.33 -27.39 -112.05
N ASN MC 44 -57.85 -28.58 -112.34
CA ASN MC 44 -57.79 -29.70 -111.39
C ASN MC 44 -56.79 -30.75 -111.88
N ASN MC 45 -55.56 -30.63 -111.39
CA ASN MC 45 -54.52 -31.58 -111.74
C ASN MC 45 -54.68 -32.86 -110.94
N VAL MC 46 -54.19 -33.96 -111.51
CA VAL MC 46 -54.21 -35.27 -110.87
C VAL MC 46 -52.80 -35.83 -110.88
N SER MC 47 -52.32 -36.25 -109.71
CA SER MC 47 -50.98 -36.80 -109.55
C SER MC 47 -51.12 -38.29 -109.27
N GLY MC 48 -51.16 -39.09 -110.33
CA GLY MC 48 -51.33 -40.53 -110.21
C GLY MC 48 -49.99 -41.23 -110.08
N GLN MC 49 -49.87 -42.04 -109.03
CA GLN MC 49 -48.66 -42.81 -108.77
C GLN MC 49 -48.97 -44.28 -108.94
N TYR MC 50 -48.28 -44.93 -109.88
CA TYR MC 50 -48.46 -46.35 -110.17
C TYR MC 50 -47.15 -47.06 -109.86
N VAL MC 51 -47.21 -48.05 -108.98
CA VAL MC 51 -46.03 -48.76 -108.51
C VAL MC 51 -46.22 -50.25 -108.76
N SER MC 52 -45.24 -50.87 -109.39
CA SER MC 52 -45.22 -52.32 -109.61
C SER MC 52 -44.01 -52.91 -108.92
N VAL MC 53 -44.24 -53.91 -108.08
CA VAL MC 53 -43.19 -54.53 -107.27
C VAL MC 53 -43.17 -56.02 -107.53
N TYR MC 54 -42.01 -56.56 -107.81
CA TYR MC 54 -41.79 -57.99 -107.99
C TYR MC 54 -40.54 -58.40 -107.23
N LYS MC 55 -40.71 -59.24 -106.22
CA LYS MC 55 -39.60 -59.79 -105.46
C LYS MC 55 -39.09 -61.02 -106.19
N ARG MC 56 -37.94 -60.89 -106.83
CA ARG MC 56 -37.44 -61.93 -107.73
C ARG MC 56 -36.28 -62.65 -107.07
N PRO MC 57 -36.29 -63.99 -107.05
CA PRO MC 57 -35.20 -64.71 -106.41
C PRO MC 57 -34.03 -65.05 -107.34
N ALA MC 58 -32.91 -64.39 -107.07
CA ALA MC 58 -31.73 -64.47 -107.94
C ALA MC 58 -30.47 -64.87 -107.17
N PRO MC 59 -30.42 -66.10 -106.65
CA PRO MC 59 -29.09 -66.67 -106.32
C PRO MC 59 -28.24 -66.82 -107.57
N LYS MC 60 -28.89 -67.07 -108.71
CA LYS MC 60 -28.30 -67.20 -110.03
C LYS MC 60 -27.17 -68.22 -110.05
N PRO MC 61 -27.44 -69.51 -109.78
CA PRO MC 61 -26.41 -70.53 -109.93
C PRO MC 61 -26.17 -70.81 -111.40
N GLU MC 62 -25.05 -70.30 -111.91
CA GLU MC 62 -24.78 -70.34 -113.34
C GLU MC 62 -24.47 -71.76 -113.79
N GLY MC 63 -25.44 -72.38 -114.45
CA GLY MC 63 -25.27 -73.72 -115.00
C GLY MC 63 -25.78 -74.92 -114.24
N CYS MC 64 -25.92 -74.81 -112.91
CA CYS MC 64 -26.33 -75.98 -112.15
C CYS MC 64 -27.58 -75.65 -111.36
N ALA MC 65 -28.50 -76.61 -111.33
CA ALA MC 65 -29.65 -76.60 -110.45
C ALA MC 65 -29.98 -78.02 -110.06
N ASP MC 66 -29.88 -78.33 -108.78
CA ASP MC 66 -30.03 -79.71 -108.32
C ASP MC 66 -31.22 -79.90 -107.39
N ALA MC 67 -31.38 -79.03 -106.39
CA ALA MC 67 -32.47 -79.15 -105.43
C ALA MC 67 -32.90 -77.75 -105.04
N CYS MC 68 -34.02 -77.64 -104.33
CA CYS MC 68 -34.53 -76.34 -103.92
C CYS MC 68 -33.92 -75.94 -102.58
N VAL MC 69 -33.05 -74.93 -102.64
CA VAL MC 69 -32.49 -74.28 -101.46
C VAL MC 69 -33.29 -73.00 -101.26
N ILE MC 70 -33.25 -72.42 -100.07
CA ILE MC 70 -33.94 -71.16 -99.82
C ILE MC 70 -33.46 -70.09 -100.81
N MET MC 71 -34.42 -69.45 -101.47
CA MET MC 71 -34.13 -68.34 -102.35
C MET MC 71 -33.99 -67.05 -101.54
N PRO MC 72 -32.83 -66.39 -101.60
CA PRO MC 72 -32.78 -65.00 -101.12
C PRO MC 72 -33.30 -64.06 -102.21
N ASN MC 73 -34.13 -63.09 -101.82
CA ASN MC 73 -34.90 -62.31 -102.79
C ASN MC 73 -34.36 -60.89 -102.91
N GLU MC 74 -34.45 -60.35 -104.12
CA GLU MC 74 -34.20 -58.94 -104.38
C GLU MC 74 -35.50 -58.30 -104.83
N ASN MC 75 -35.56 -56.97 -104.70
CA ASN MC 75 -36.77 -56.23 -105.01
C ASN MC 75 -36.61 -55.52 -106.35
N GLN MC 76 -37.55 -55.77 -107.27
CA GLN MC 76 -37.62 -55.06 -108.53
C GLN MC 76 -38.83 -54.14 -108.47
N SER MC 77 -38.59 -52.84 -108.63
CA SER MC 77 -39.65 -51.84 -108.49
C SER MC 77 -39.66 -50.94 -109.72
N ILE MC 78 -40.87 -50.66 -110.21
CA ILE MC 78 -41.07 -49.74 -111.32
C ILE MC 78 -42.24 -48.83 -110.95
N ARG MC 79 -41.93 -47.59 -110.60
CA ARG MC 79 -42.94 -46.62 -110.18
C ARG MC 79 -43.05 -45.51 -111.21
N THR MC 80 -44.28 -45.09 -111.48
CA THR MC 80 -44.57 -44.07 -112.48
C THR MC 80 -45.49 -43.02 -111.87
N VAL MC 81 -45.16 -41.75 -112.09
CA VAL MC 81 -45.95 -40.63 -111.62
C VAL MC 81 -46.35 -39.78 -112.81
N ILE MC 82 -47.65 -39.58 -112.99
CA ILE MC 82 -48.19 -38.76 -114.07
C ILE MC 82 -48.95 -37.60 -113.44
N SER MC 83 -48.57 -36.38 -113.80
CA SER MC 83 -49.16 -35.17 -113.23
C SER MC 83 -49.60 -34.26 -114.37
N GLY MC 84 -50.84 -33.80 -114.32
CA GLY MC 84 -51.35 -32.91 -115.33
C GLY MC 84 -52.80 -32.55 -115.12
N SER MC 85 -53.26 -31.48 -115.77
CA SER MC 85 -54.65 -31.05 -115.62
C SER MC 85 -55.59 -32.05 -116.26
N ALA MC 86 -56.78 -32.19 -115.67
CA ALA MC 86 -57.77 -33.10 -116.23
C ALA MC 86 -58.33 -32.55 -117.55
N GLU MC 87 -58.26 -31.23 -117.73
CA GLU MC 87 -58.82 -30.63 -118.94
C GLU MC 87 -57.92 -30.85 -120.15
N ASN MC 88 -56.70 -31.31 -119.94
CA ASN MC 88 -55.75 -31.59 -121.02
C ASN MC 88 -55.42 -33.08 -121.07
N LEU MC 89 -56.45 -33.92 -120.93
CA LEU MC 89 -56.22 -35.35 -120.82
C LEU MC 89 -55.70 -35.94 -122.13
N ALA MC 90 -56.17 -35.43 -123.28
CA ALA MC 90 -55.68 -35.93 -124.55
C ALA MC 90 -54.19 -35.63 -124.73
N THR MC 91 -53.78 -34.41 -124.41
CA THR MC 91 -52.37 -34.07 -124.45
C THR MC 91 -51.56 -34.88 -123.46
N LEU MC 92 -52.11 -35.16 -122.28
CA LEU MC 92 -51.40 -35.99 -121.31
C LEU MC 92 -51.22 -37.41 -121.83
N LYS MC 93 -52.23 -37.94 -122.51
CA LYS MC 93 -52.10 -39.28 -123.08
C LYS MC 93 -51.07 -39.31 -124.21
N ALA MC 94 -51.04 -38.27 -125.03
CA ALA MC 94 -50.00 -38.19 -126.06
C ALA MC 94 -48.62 -38.11 -125.42
N GLU MC 95 -48.49 -37.32 -124.35
CA GLU MC 95 -47.22 -37.26 -123.61
C GLU MC 95 -46.84 -38.63 -123.07
N TRP MC 96 -47.82 -39.39 -122.58
CA TRP MC 96 -47.55 -40.71 -122.02
C TRP MC 96 -47.06 -41.66 -123.10
N GLU MC 97 -47.68 -41.61 -124.28
CA GLU MC 97 -47.23 -42.45 -125.38
C GLU MC 97 -45.81 -42.10 -125.80
N THR MC 98 -45.52 -40.80 -125.90
CA THR MC 98 -44.15 -40.39 -126.24
C THR MC 98 -43.15 -40.82 -125.18
N HIS MC 99 -43.55 -40.73 -123.91
CA HIS MC 99 -42.68 -41.17 -122.82
C HIS MC 99 -42.41 -42.65 -122.90
N LYS MC 100 -43.44 -43.45 -123.21
CA LYS MC 100 -43.24 -44.88 -123.42
C LYS MC 100 -42.24 -45.13 -124.52
N ARG MC 101 -42.40 -44.43 -125.65
CA ARG MC 101 -41.49 -44.63 -126.77
C ARG MC 101 -40.06 -44.29 -126.39
N ASN MC 102 -39.85 -43.16 -125.71
CA ASN MC 102 -38.49 -42.74 -125.36
C ASN MC 102 -37.86 -43.69 -124.35
N VAL MC 103 -38.61 -44.09 -123.32
CA VAL MC 103 -38.05 -44.98 -122.32
C VAL MC 103 -37.77 -46.35 -122.93
N ASP MC 104 -38.61 -46.80 -123.86
CA ASP MC 104 -38.34 -48.04 -124.56
C ASP MC 104 -37.05 -47.94 -125.37
N THR MC 105 -36.86 -46.82 -126.07
CA THR MC 105 -35.66 -46.62 -126.86
C THR MC 105 -34.41 -46.66 -125.98
N LEU MC 106 -34.47 -46.03 -124.81
CA LEU MC 106 -33.30 -46.01 -123.92
C LEU MC 106 -33.07 -47.35 -123.22
N PHE MC 107 -34.14 -48.01 -122.76
CA PHE MC 107 -34.04 -49.13 -121.85
C PHE MC 107 -34.23 -50.48 -122.55
N ALA MC 108 -35.37 -50.64 -123.24
CA ALA MC 108 -35.69 -51.95 -123.81
C ALA MC 108 -34.75 -52.30 -124.96
N SER MC 109 -34.52 -51.35 -125.86
CA SER MC 109 -33.64 -51.58 -127.00
C SER MC 109 -32.22 -51.10 -126.78
N GLY MC 110 -31.94 -50.42 -125.66
CA GLY MC 110 -30.61 -49.96 -125.35
C GLY MC 110 -29.96 -50.76 -124.24
N ASN MC 111 -28.98 -50.13 -123.60
CA ASN MC 111 -28.24 -50.74 -122.50
C ASN MC 111 -28.36 -49.91 -121.22
N ALA MC 112 -29.46 -49.18 -121.06
CA ALA MC 112 -29.62 -48.34 -119.88
C ALA MC 112 -29.81 -49.17 -118.62
N GLY MC 113 -30.36 -50.38 -118.76
CA GLY MC 113 -30.57 -51.21 -117.59
C GLY MC 113 -29.27 -51.67 -116.95
N LEU MC 114 -28.19 -51.70 -117.74
CA LEU MC 114 -26.90 -52.15 -117.24
C LEU MC 114 -26.06 -50.97 -116.77
N GLY MC 115 -26.61 -49.77 -116.83
CA GLY MC 115 -25.88 -48.59 -116.40
C GLY MC 115 -25.11 -47.90 -117.49
N PHE MC 116 -25.77 -47.62 -118.62
CA PHE MC 116 -25.14 -46.98 -119.76
C PHE MC 116 -26.04 -45.89 -120.30
N LEU MC 117 -25.43 -44.84 -120.84
CA LEU MC 117 -26.15 -43.75 -121.49
C LEU MC 117 -25.66 -43.63 -122.93
N ASP MC 118 -26.60 -43.50 -123.86
CA ASP MC 118 -26.25 -43.36 -125.26
C ASP MC 118 -26.63 -41.96 -125.73
N PRO MC 119 -25.68 -41.04 -125.88
CA PRO MC 119 -26.01 -39.70 -126.40
C PRO MC 119 -26.54 -39.70 -127.82
N THR MC 120 -26.29 -40.76 -128.60
CA THR MC 120 -26.72 -40.84 -129.98
C THR MC 120 -28.11 -41.48 -130.13
N ALA MC 121 -28.79 -41.76 -129.03
CA ALA MC 121 -30.11 -42.36 -129.10
C ALA MC 121 -31.10 -41.40 -129.76
N ALA MC 122 -32.07 -41.97 -130.48
CA ALA MC 122 -33.04 -41.18 -131.23
C ALA MC 122 -34.25 -40.91 -130.33
N ILE MC 123 -34.20 -39.79 -129.63
CA ILE MC 123 -35.29 -39.34 -128.77
C ILE MC 123 -36.18 -38.40 -129.56
N VAL MC 124 -37.50 -38.52 -129.38
CA VAL MC 124 -38.46 -37.73 -130.12
C VAL MC 124 -39.39 -37.02 -129.14
N SER MC 125 -40.02 -35.95 -129.62
CA SER MC 125 -40.97 -35.19 -128.83
C SER MC 125 -42.40 -35.62 -129.13
N SER MC 126 -43.34 -35.07 -128.37
CA SER MC 126 -44.74 -35.38 -128.57
C SER MC 126 -45.32 -34.66 -129.79
N ASP MC 127 -44.79 -33.49 -130.13
CA ASP MC 127 -45.31 -32.74 -131.26
C ASP MC 127 -44.91 -33.41 -132.57
N THR MC 128 -45.72 -33.17 -133.60
CA THR MC 128 -45.49 -33.73 -134.92
C THR MC 128 -45.14 -32.62 -135.91
N THR MC 129 -44.54 -33.04 -137.03
CA THR MC 129 -44.15 -32.09 -138.07
C THR MC 129 -45.25 -31.94 -139.11
N ALA NC 1 -81.88 -34.59 -120.72
CA ALA NC 1 -80.90 -35.59 -120.33
C ALA NC 1 -79.73 -34.95 -119.57
N ASN NC 2 -79.84 -34.91 -118.25
CA ASN NC 2 -78.79 -34.32 -117.44
C ASN NC 2 -77.54 -35.21 -117.43
N LYS NC 3 -76.39 -34.58 -117.32
CA LYS NC 3 -75.13 -35.33 -117.31
C LYS NC 3 -75.00 -36.14 -116.03
N PRO NC 4 -74.61 -37.40 -116.10
CA PRO NC 4 -74.47 -38.20 -114.89
C PRO NC 4 -73.19 -37.88 -114.14
N MET NC 5 -73.14 -38.31 -112.89
CA MET NC 5 -71.99 -38.13 -112.02
C MET NC 5 -71.48 -39.48 -111.55
N GLN NC 6 -70.19 -39.52 -111.20
CA GLN NC 6 -69.56 -40.70 -110.64
C GLN NC 6 -68.86 -40.35 -109.33
N PRO NC 7 -68.85 -41.26 -108.35
CA PRO NC 7 -68.24 -40.94 -107.05
C PRO NC 7 -66.73 -40.75 -107.16
N ILE NC 8 -66.21 -39.83 -106.35
CA ILE NC 8 -64.77 -39.56 -106.27
C ILE NC 8 -64.18 -40.12 -104.97
N THR NC 9 -64.68 -39.67 -103.83
CA THR NC 9 -64.27 -40.18 -102.54
C THR NC 9 -65.41 -40.96 -101.91
N SER NC 10 -65.11 -42.19 -101.50
CA SER NC 10 -66.15 -43.10 -101.05
C SER NC 10 -65.89 -43.54 -99.62
N THR NC 11 -66.66 -42.96 -98.70
CA THR NC 11 -66.70 -43.40 -97.31
C THR NC 11 -68.15 -43.53 -96.89
N ALA NC 12 -68.44 -44.52 -96.04
CA ALA NC 12 -69.82 -44.71 -95.60
C ALA NC 12 -70.31 -43.51 -94.80
N ASN NC 13 -69.40 -42.73 -94.23
CA ASN NC 13 -69.78 -41.50 -93.57
C ASN NC 13 -70.16 -40.41 -94.56
N LYS NC 14 -69.42 -40.28 -95.67
CA LYS NC 14 -69.72 -39.26 -96.67
C LYS NC 14 -69.19 -39.70 -98.03
N ILE NC 15 -69.96 -39.44 -99.07
CA ILE NC 15 -69.58 -39.71 -100.45
C ILE NC 15 -69.76 -38.44 -101.26
N VAL NC 16 -68.77 -38.12 -102.09
CA VAL NC 16 -68.79 -36.94 -102.94
C VAL NC 16 -68.92 -37.40 -104.39
N TRP NC 17 -69.80 -36.73 -105.13
CA TRP NC 17 -69.97 -36.97 -106.56
C TRP NC 17 -69.31 -35.84 -107.35
N SER NC 18 -68.95 -36.13 -108.59
CA SER NC 18 -68.33 -35.12 -109.44
C SER NC 18 -68.63 -35.42 -110.90
N ASP NC 19 -68.73 -34.37 -111.69
CA ASP NC 19 -68.94 -34.50 -113.13
C ASP NC 19 -67.59 -34.74 -113.80
N PRO NC 20 -67.41 -35.84 -114.54
CA PRO NC 20 -66.13 -36.06 -115.23
C PRO NC 20 -65.77 -34.95 -116.21
N THR NC 21 -66.74 -34.33 -116.85
CA THR NC 21 -66.47 -33.23 -117.77
C THR NC 21 -66.19 -31.91 -117.06
N ARG NC 22 -66.76 -31.69 -115.88
CA ARG NC 22 -66.52 -30.46 -115.12
C ARG NC 22 -66.34 -30.87 -113.66
N LEU NC 23 -65.07 -31.02 -113.25
CA LEU NC 23 -64.79 -31.49 -111.90
C LEU NC 23 -65.13 -30.45 -110.83
N SER NC 24 -65.43 -29.21 -111.24
CA SER NC 24 -65.81 -28.18 -110.27
C SER NC 24 -67.21 -28.39 -109.73
N THR NC 25 -68.04 -29.21 -110.38
CA THR NC 25 -69.39 -29.49 -109.93
C THR NC 25 -69.38 -30.72 -109.04
N THR NC 26 -69.73 -30.53 -107.77
CA THR NC 26 -69.70 -31.62 -106.80
C THR NC 26 -71.01 -31.67 -106.02
N PHE NC 27 -71.38 -32.87 -105.61
CA PHE NC 27 -72.53 -33.11 -104.75
C PHE NC 27 -72.10 -34.08 -103.66
N SER NC 28 -72.18 -33.64 -102.41
CA SER NC 28 -71.70 -34.43 -101.28
C SER NC 28 -72.83 -34.69 -100.31
N ALA NC 29 -72.89 -35.94 -99.83
CA ALA NC 29 -73.88 -36.35 -98.85
C ALA NC 29 -73.15 -36.99 -97.67
N SER NC 30 -73.41 -36.48 -96.48
CA SER NC 30 -72.78 -36.97 -95.26
C SER NC 30 -73.86 -37.30 -94.24
N LEU NC 31 -73.69 -38.44 -93.56
CA LEU NC 31 -74.65 -38.89 -92.55
C LEU NC 31 -73.93 -39.05 -91.22
N LEU NC 32 -74.55 -38.54 -90.15
CA LEU NC 32 -74.07 -38.71 -88.79
C LEU NC 32 -75.18 -39.34 -87.97
N ARG NC 33 -74.92 -40.50 -87.39
CA ARG NC 33 -75.91 -41.27 -86.65
C ARG NC 33 -75.52 -41.35 -85.18
N GLN NC 34 -76.49 -41.06 -84.31
CA GLN NC 34 -76.27 -41.09 -82.88
C GLN NC 34 -77.56 -41.53 -82.19
N ARG NC 35 -77.41 -42.32 -81.14
CA ARG NC 35 -78.55 -42.86 -80.39
C ARG NC 35 -78.94 -41.87 -79.31
N VAL NC 36 -79.67 -40.83 -79.71
CA VAL NC 36 -80.18 -39.84 -78.78
C VAL NC 36 -81.55 -40.30 -78.30
N LYS NC 37 -81.59 -40.95 -77.13
CA LYS NC 37 -82.83 -41.55 -76.66
C LYS NC 37 -83.57 -40.61 -75.72
N VAL NC 38 -84.87 -40.46 -75.98
CA VAL NC 38 -85.75 -39.70 -75.10
C VAL NC 38 -86.14 -40.59 -73.93
N GLY NC 39 -86.78 -40.00 -72.92
CA GLY NC 39 -87.18 -40.74 -71.73
C GLY NC 39 -87.95 -42.00 -72.02
N ILE NC 40 -87.58 -43.08 -71.33
CA ILE NC 40 -88.18 -44.42 -71.42
C ILE NC 40 -88.45 -44.83 -72.86
N ALA NC 41 -87.58 -44.42 -73.78
CA ALA NC 41 -87.70 -44.80 -75.18
C ALA NC 41 -86.32 -44.83 -75.80
N GLU NC 42 -86.21 -45.56 -76.91
CA GLU NC 42 -84.98 -45.66 -77.68
C GLU NC 42 -85.22 -45.11 -79.08
N LEU NC 43 -84.37 -44.19 -79.52
CA LEU NC 43 -84.52 -43.57 -80.83
C LEU NC 43 -83.15 -43.46 -81.49
N ASN NC 44 -83.08 -43.79 -82.77
CA ASN NC 44 -81.87 -43.64 -83.56
C ASN NC 44 -82.00 -42.39 -84.43
N ASN NC 45 -81.12 -41.43 -84.22
CA ASN NC 45 -81.17 -40.16 -84.92
C ASN NC 45 -80.17 -40.15 -86.07
N VAL NC 46 -80.63 -39.74 -87.24
CA VAL NC 46 -79.81 -39.72 -88.45
C VAL NC 46 -79.87 -38.29 -88.99
N SER NC 47 -78.76 -37.56 -88.86
CA SER NC 47 -78.65 -36.21 -89.38
C SER NC 47 -77.91 -36.26 -90.71
N GLY NC 48 -78.54 -35.75 -91.75
CA GLY NC 48 -77.95 -35.81 -93.08
C GLY NC 48 -77.69 -34.47 -93.72
N GLN NC 49 -76.44 -34.24 -94.13
CA GLN NC 49 -76.04 -32.98 -94.75
C GLN NC 49 -75.75 -33.24 -96.23
N TYR NC 50 -76.39 -32.47 -97.10
CA TYR NC 50 -76.23 -32.59 -98.54
C TYR NC 50 -75.80 -31.24 -99.09
N VAL NC 51 -74.64 -31.22 -99.76
CA VAL NC 51 -74.05 -29.99 -100.28
C VAL NC 51 -73.91 -30.12 -101.78
N SER NC 52 -74.46 -29.16 -102.51
CA SER NC 52 -74.31 -29.07 -103.96
C SER NC 52 -73.53 -27.82 -104.31
N VAL NC 53 -72.40 -28.00 -105.00
CA VAL NC 53 -71.48 -26.92 -105.31
C VAL NC 53 -71.33 -26.82 -106.82
N TYR NC 54 -71.53 -25.62 -107.35
CA TYR NC 54 -71.31 -25.33 -108.76
C TYR NC 54 -70.60 -23.99 -108.88
N LYS NC 55 -69.56 -23.95 -109.70
CA LYS NC 55 -68.78 -22.74 -109.94
C LYS NC 55 -69.16 -22.21 -111.32
N ARG NC 56 -69.86 -21.08 -111.35
CA ARG NC 56 -70.44 -20.53 -112.55
C ARG NC 56 -69.71 -19.27 -112.97
N PRO NC 57 -69.44 -19.08 -114.26
CA PRO NC 57 -68.83 -17.83 -114.71
C PRO NC 57 -69.76 -16.64 -114.46
N ALA NC 58 -69.15 -15.48 -114.21
CA ALA NC 58 -69.91 -14.27 -113.99
C ALA NC 58 -70.69 -13.90 -115.24
N PRO NC 59 -71.86 -13.26 -115.10
CA PRO NC 59 -72.68 -12.97 -116.27
C PRO NC 59 -72.02 -11.99 -117.24
N LYS NC 60 -72.06 -12.33 -118.52
CA LYS NC 60 -71.54 -11.49 -119.60
C LYS NC 60 -72.44 -10.29 -119.80
N PRO NC 61 -71.93 -9.18 -120.33
CA PRO NC 61 -72.78 -8.01 -120.58
C PRO NC 61 -73.95 -8.33 -121.51
N GLU NC 62 -75.10 -7.70 -121.25
CA GLU NC 62 -76.31 -8.06 -121.98
C GLU NC 62 -76.17 -7.82 -123.48
N GLY NC 63 -75.60 -6.68 -123.87
CA GLY NC 63 -75.35 -6.42 -125.26
C GLY NC 63 -73.97 -6.83 -125.69
N CYS NC 64 -73.70 -8.14 -125.70
CA CYS NC 64 -72.37 -8.66 -125.99
C CYS NC 64 -72.45 -9.65 -127.15
N ALA NC 65 -71.51 -9.56 -128.07
CA ALA NC 65 -71.41 -10.48 -129.20
C ALA NC 65 -70.01 -11.02 -129.42
N ASP NC 66 -69.10 -10.85 -128.46
CA ASP NC 66 -67.73 -11.30 -128.62
C ASP NC 66 -67.67 -12.83 -128.64
N ALA NC 67 -66.70 -13.36 -129.38
CA ALA NC 67 -66.56 -14.80 -129.53
C ALA NC 67 -66.29 -15.48 -128.20
N CYS NC 68 -65.18 -15.15 -127.56
CA CYS NC 68 -64.79 -15.80 -126.31
C CYS NC 68 -64.11 -14.80 -125.37
N VAL NC 69 -64.82 -14.43 -124.30
CA VAL NC 69 -64.25 -13.73 -123.17
C VAL NC 69 -64.71 -14.44 -121.91
N ILE NC 70 -63.79 -14.76 -121.02
CA ILE NC 70 -64.08 -15.59 -119.86
C ILE NC 70 -63.96 -14.74 -118.60
N MET NC 71 -65.00 -14.79 -117.77
CA MET NC 71 -65.02 -14.11 -116.47
C MET NC 71 -64.77 -15.13 -115.37
N PRO NC 72 -64.17 -14.73 -114.26
CA PRO NC 72 -63.89 -15.69 -113.18
C PRO NC 72 -65.18 -16.23 -112.57
N ASN NC 73 -65.08 -17.46 -112.07
CA ASN NC 73 -66.23 -18.19 -111.57
C ASN NC 73 -66.66 -17.66 -110.21
N GLU NC 74 -67.95 -17.83 -109.91
CA GLU NC 74 -68.53 -17.49 -108.62
C GLU NC 74 -69.01 -18.77 -107.95
N ASN NC 75 -69.06 -18.77 -106.63
CA ASN NC 75 -69.44 -19.97 -105.90
C ASN NC 75 -70.95 -20.00 -105.71
N GLN NC 76 -71.58 -21.08 -106.15
CA GLN NC 76 -73.00 -21.33 -105.95
C GLN NC 76 -73.14 -22.61 -105.14
N SER NC 77 -73.67 -22.49 -103.93
CA SER NC 77 -73.79 -23.62 -103.02
C SER NC 77 -75.18 -23.67 -102.41
N ILE NC 78 -75.76 -24.87 -102.37
CA ILE NC 78 -77.03 -25.12 -101.70
C ILE NC 78 -76.81 -26.28 -100.74
N ARG NC 79 -77.10 -26.04 -99.46
CA ARG NC 79 -76.81 -27.00 -98.40
C ARG NC 79 -78.07 -27.26 -97.58
N THR NC 80 -78.44 -28.52 -97.46
CA THR NC 80 -79.60 -28.93 -96.68
C THR NC 80 -79.20 -29.94 -95.61
N VAL NC 81 -79.75 -29.77 -94.42
CA VAL NC 81 -79.51 -30.67 -93.30
C VAL NC 81 -80.85 -31.21 -92.84
N ILE NC 82 -80.99 -32.53 -92.81
CA ILE NC 82 -82.22 -33.19 -92.39
C ILE NC 82 -81.91 -34.00 -91.14
N SER NC 83 -82.65 -33.72 -90.06
CA SER NC 83 -82.44 -34.36 -88.77
C SER NC 83 -83.75 -34.98 -88.32
N GLY NC 84 -83.70 -36.23 -87.87
CA GLY NC 84 -84.89 -36.92 -87.39
C GLY NC 84 -84.64 -38.36 -87.01
N SER NC 85 -85.56 -38.95 -86.27
CA SER NC 85 -85.42 -40.34 -85.87
C SER NC 85 -85.73 -41.26 -87.04
N ALA NC 86 -85.15 -42.46 -87.02
CA ALA NC 86 -85.42 -43.42 -88.07
C ALA NC 86 -86.84 -43.96 -87.98
N GLU NC 87 -87.44 -43.90 -86.79
CA GLU NC 87 -88.79 -44.41 -86.60
C GLU NC 87 -89.81 -43.55 -87.34
N ASN NC 88 -89.56 -42.25 -87.44
CA ASN NC 88 -90.49 -41.30 -88.03
C ASN NC 88 -90.13 -40.92 -89.45
N LEU NC 89 -89.66 -41.90 -90.24
CA LEU NC 89 -89.15 -41.58 -91.58
C LEU NC 89 -90.26 -41.09 -92.51
N ALA NC 90 -91.46 -41.66 -92.40
CA ALA NC 90 -92.55 -41.24 -93.27
C ALA NC 90 -92.96 -39.79 -92.98
N THR NC 91 -93.08 -39.45 -91.69
CA THR NC 91 -93.38 -38.08 -91.33
C THR NC 91 -92.26 -37.13 -91.71
N LEU NC 92 -91.01 -37.58 -91.62
CA LEU NC 92 -89.89 -36.74 -92.07
C LEU NC 92 -89.96 -36.49 -93.57
N LYS NC 93 -90.35 -37.51 -94.34
CA LYS NC 93 -90.51 -37.32 -95.78
C LYS NC 93 -91.64 -36.35 -96.09
N ALA NC 94 -92.75 -36.44 -95.35
CA ALA NC 94 -93.82 -35.47 -95.53
C ALA NC 94 -93.36 -34.06 -95.20
N GLU NC 95 -92.60 -33.91 -94.12
CA GLU NC 95 -92.05 -32.61 -93.77
C GLU NC 95 -91.11 -32.10 -94.86
N TRP NC 96 -90.35 -33.01 -95.47
CA TRP NC 96 -89.44 -32.61 -96.54
C TRP NC 96 -90.20 -32.13 -97.77
N GLU NC 97 -91.32 -32.80 -98.10
CA GLU NC 97 -92.15 -32.33 -99.19
C GLU NC 97 -92.73 -30.95 -98.91
N THR NC 98 -93.23 -30.75 -97.69
CA THR NC 98 -93.75 -29.43 -97.32
C THR NC 98 -92.66 -28.37 -97.37
N HIS NC 99 -91.46 -28.72 -96.91
CA HIS NC 99 -90.33 -27.80 -96.97
C HIS NC 99 -90.00 -27.44 -98.41
N LYS NC 100 -90.00 -28.43 -99.31
CA LYS NC 100 -89.83 -28.15 -100.72
C LYS NC 100 -90.84 -27.12 -101.21
N ARG NC 101 -92.12 -27.36 -100.90
CA ARG NC 101 -93.15 -26.50 -101.47
C ARG NC 101 -93.01 -25.08 -100.93
N ASN NC 102 -92.75 -24.95 -99.63
CA ASN NC 102 -92.59 -23.62 -99.03
C ASN NC 102 -91.38 -22.90 -99.59
N VAL NC 103 -90.24 -23.59 -99.69
CA VAL NC 103 -89.03 -22.95 -100.20
C VAL NC 103 -89.22 -22.55 -101.66
N ASP NC 104 -89.93 -23.38 -102.43
CA ASP NC 104 -90.24 -23.02 -103.81
C ASP NC 104 -91.12 -21.78 -103.88
N THR NC 105 -92.12 -21.70 -102.99
CA THR NC 105 -93.00 -20.53 -102.97
C THR NC 105 -92.21 -19.26 -102.66
N LEU NC 106 -91.29 -19.33 -101.71
CA LEU NC 106 -90.51 -18.16 -101.35
C LEU NC 106 -89.44 -17.80 -102.38
N PHE NC 107 -88.81 -18.80 -102.99
CA PHE NC 107 -87.61 -18.59 -103.80
C PHE NC 107 -87.87 -18.74 -105.30
N ALA NC 108 -88.40 -19.89 -105.73
CA ALA NC 108 -88.53 -20.15 -107.15
C ALA NC 108 -89.58 -19.24 -107.79
N SER NC 109 -90.71 -19.03 -107.13
CA SER NC 109 -91.75 -18.16 -107.62
C SER NC 109 -91.77 -16.80 -106.92
N GLY NC 110 -90.84 -16.55 -105.99
CA GLY NC 110 -90.79 -15.30 -105.27
C GLY NC 110 -89.62 -14.42 -105.71
N ASN NC 111 -89.23 -13.53 -104.81
CA ASN NC 111 -88.14 -12.59 -105.05
C ASN NC 111 -87.06 -12.69 -103.99
N ALA NC 112 -87.09 -13.75 -103.17
CA ALA NC 112 -86.08 -13.94 -102.14
C ALA NC 112 -84.70 -14.13 -102.72
N GLY NC 113 -84.61 -14.67 -103.95
CA GLY NC 113 -83.33 -14.78 -104.61
C GLY NC 113 -82.65 -13.45 -104.85
N LEU NC 114 -83.40 -12.44 -105.25
CA LEU NC 114 -82.89 -11.08 -105.33
C LEU NC 114 -82.74 -10.44 -103.96
N GLY NC 115 -83.53 -10.85 -102.98
CA GLY NC 115 -83.34 -10.39 -101.63
C GLY NC 115 -84.52 -9.67 -101.00
N PHE NC 116 -85.73 -9.92 -101.48
CA PHE NC 116 -86.94 -9.33 -100.94
C PHE NC 116 -87.83 -10.42 -100.35
N LEU NC 117 -88.24 -10.25 -99.10
CA LEU NC 117 -89.12 -11.20 -98.43
C LEU NC 117 -90.54 -10.64 -98.43
N ASP NC 118 -91.49 -11.50 -98.81
CA ASP NC 118 -92.89 -11.10 -98.86
C ASP NC 118 -93.62 -11.72 -97.68
N PRO NC 119 -94.08 -10.94 -96.71
CA PRO NC 119 -94.82 -11.51 -95.57
C PRO NC 119 -96.21 -12.02 -95.93
N THR NC 120 -96.65 -11.84 -97.18
CA THR NC 120 -97.94 -12.32 -97.64
C THR NC 120 -97.85 -13.63 -98.40
N ALA NC 121 -96.70 -14.31 -98.37
CA ALA NC 121 -96.54 -15.56 -99.09
C ALA NC 121 -97.42 -16.64 -98.49
N ALA NC 122 -97.88 -17.55 -99.35
CA ALA NC 122 -98.79 -18.62 -98.95
C ALA NC 122 -97.97 -19.81 -98.46
N ILE NC 123 -97.55 -19.74 -97.21
CA ILE NC 123 -96.82 -20.84 -96.57
C ILE NC 123 -97.83 -21.76 -95.90
N VAL NC 124 -97.65 -23.07 -96.08
CA VAL NC 124 -98.59 -24.06 -95.57
C VAL NC 124 -97.84 -25.07 -94.71
N SER NC 125 -98.60 -25.77 -93.87
CA SER NC 125 -98.03 -26.79 -93.00
C SER NC 125 -98.24 -28.18 -93.59
N SER NC 126 -97.52 -29.15 -93.03
CA SER NC 126 -97.62 -30.51 -93.54
C SER NC 126 -98.94 -31.17 -93.19
N ASP NC 127 -99.52 -30.82 -92.05
CA ASP NC 127 -100.79 -31.41 -91.64
C ASP NC 127 -101.91 -31.00 -92.60
N THR NC 128 -102.85 -31.90 -92.79
CA THR NC 128 -103.97 -31.70 -93.70
C THR NC 128 -105.26 -31.53 -92.92
N THR NC 129 -106.18 -30.75 -93.49
CA THR NC 129 -107.46 -30.49 -92.85
C THR NC 129 -108.36 -31.73 -92.90
N ALA OC 1 -86.80 -66.08 -98.10
CA ALA OC 1 -86.41 -64.74 -98.51
C ALA OC 1 -85.90 -63.93 -97.33
N ASN OC 2 -84.62 -64.09 -97.02
CA ASN OC 2 -84.03 -63.37 -95.90
C ASN OC 2 -83.85 -61.89 -96.24
N LYS OC 3 -83.92 -61.05 -95.22
CA LYS OC 3 -83.78 -59.61 -95.44
C LYS OC 3 -82.31 -59.25 -95.64
N PRO OC 4 -81.94 -58.63 -96.75
CA PRO OC 4 -80.55 -58.22 -96.95
C PRO OC 4 -80.18 -57.03 -96.07
N MET OC 5 -78.88 -56.81 -95.91
CA MET OC 5 -78.36 -55.63 -95.23
C MET OC 5 -77.61 -54.75 -96.21
N GLN OC 6 -77.34 -53.52 -95.78
CA GLN OC 6 -76.51 -52.56 -96.49
C GLN OC 6 -75.41 -52.05 -95.56
N PRO OC 7 -74.26 -51.69 -96.09
CA PRO OC 7 -73.13 -51.29 -95.23
C PRO OC 7 -73.32 -49.93 -94.58
N ILE OC 8 -73.14 -49.86 -93.27
CA ILE OC 8 -73.19 -48.58 -92.57
C ILE OC 8 -71.80 -47.99 -92.35
N THR OC 9 -70.76 -48.81 -92.33
CA THR OC 9 -69.39 -48.34 -92.18
C THR OC 9 -68.51 -49.13 -93.13
N SER OC 10 -67.89 -48.42 -94.08
CA SER OC 10 -67.04 -49.05 -95.08
C SER OC 10 -65.62 -48.55 -94.90
N THR OC 11 -64.69 -49.48 -94.75
CA THR OC 11 -63.28 -49.17 -94.54
C THR OC 11 -62.45 -50.28 -95.15
N ALA OC 12 -61.22 -49.95 -95.55
CA ALA OC 12 -60.36 -50.93 -96.19
C ALA OC 12 -60.04 -52.11 -95.28
N ASN OC 13 -60.25 -51.94 -93.97
CA ASN OC 13 -59.96 -53.00 -93.01
C ASN OC 13 -61.18 -53.51 -92.26
N LYS OC 14 -62.35 -52.91 -92.43
CA LYS OC 14 -63.53 -53.31 -91.66
C LYS OC 14 -64.78 -52.78 -92.34
N ILE OC 15 -65.75 -53.66 -92.56
CA ILE OC 15 -67.04 -53.29 -93.13
C ILE OC 15 -68.13 -53.78 -92.20
N VAL OC 16 -69.11 -52.92 -91.91
CA VAL OC 16 -70.19 -53.21 -90.99
C VAL OC 16 -71.51 -53.14 -91.74
N TRP OC 17 -72.31 -54.18 -91.64
CA TRP OC 17 -73.64 -54.23 -92.23
C TRP OC 17 -74.69 -54.01 -91.15
N SER OC 18 -75.90 -53.63 -91.57
CA SER OC 18 -76.99 -53.40 -90.64
C SER OC 18 -78.31 -53.45 -91.39
N ASP OC 19 -79.31 -54.08 -90.79
CA ASP OC 19 -80.60 -54.24 -91.44
C ASP OC 19 -81.36 -52.92 -91.44
N PRO OC 20 -81.91 -52.51 -92.59
CA PRO OC 20 -82.68 -51.25 -92.61
C PRO OC 20 -83.87 -51.26 -91.67
N THR OC 21 -84.55 -52.40 -91.53
CA THR OC 21 -85.72 -52.47 -90.66
C THR OC 21 -85.32 -52.40 -89.19
N ARG OC 22 -84.33 -53.18 -88.79
CA ARG OC 22 -83.83 -53.18 -87.41
C ARG OC 22 -82.35 -52.83 -87.43
N LEU OC 23 -82.00 -51.67 -86.86
CA LEU OC 23 -80.61 -51.23 -86.89
C LEU OC 23 -79.78 -51.94 -85.84
N SER OC 24 -80.43 -52.63 -84.90
CA SER OC 24 -79.72 -53.32 -83.84
C SER OC 24 -78.96 -54.53 -84.37
N THR OC 25 -79.47 -55.14 -85.43
CA THR OC 25 -78.85 -56.34 -86.00
C THR OC 25 -77.74 -55.92 -86.95
N THR OC 26 -76.48 -56.22 -86.59
CA THR OC 26 -75.34 -55.85 -87.40
C THR OC 26 -74.43 -57.04 -87.60
N PHE OC 27 -73.70 -57.03 -88.71
CA PHE OC 27 -72.72 -58.04 -89.06
C PHE OC 27 -71.49 -57.36 -89.63
N SER OC 28 -70.35 -57.52 -88.97
CA SER OC 28 -69.13 -56.83 -89.36
C SER OC 28 -67.99 -57.81 -89.54
N ALA OC 29 -67.14 -57.54 -90.53
CA ALA OC 29 -65.96 -58.35 -90.81
C ALA OC 29 -64.74 -57.44 -90.80
N SER OC 30 -63.72 -57.83 -90.05
CA SER OC 30 -62.47 -57.08 -89.96
C SER OC 30 -61.31 -58.01 -90.28
N LEU OC 31 -60.42 -57.57 -91.17
CA LEU OC 31 -59.28 -58.37 -91.61
C LEU OC 31 -57.99 -57.70 -91.17
N LEU OC 32 -57.09 -58.49 -90.59
CA LEU OC 32 -55.76 -58.04 -90.23
C LEU OC 32 -54.74 -58.82 -91.04
N ARG OC 33 -53.90 -58.11 -91.78
CA ARG OC 33 -52.93 -58.71 -92.69
C ARG OC 33 -51.52 -58.47 -92.16
N GLN OC 34 -50.77 -59.55 -91.99
CA GLN OC 34 -49.42 -59.48 -91.47
C GLN OC 34 -48.54 -60.48 -92.20
N ARG OC 35 -47.25 -60.17 -92.24
CA ARG OC 35 -46.25 -61.10 -92.76
C ARG OC 35 -45.65 -61.88 -91.60
N VAL OC 36 -45.69 -63.20 -91.70
CA VAL OC 36 -45.19 -64.09 -90.65
C VAL OC 36 -43.86 -64.68 -91.10
N LYS OC 37 -42.84 -64.55 -90.25
CA LYS OC 37 -41.52 -65.06 -90.52
C LYS OC 37 -41.45 -66.51 -90.08
N VAL OC 38 -41.44 -67.43 -91.05
CA VAL OC 38 -41.31 -68.85 -90.81
C VAL OC 38 -40.00 -69.31 -91.47
N GLY OC 39 -39.27 -70.16 -90.76
CA GLY OC 39 -37.96 -70.61 -91.20
C GLY OC 39 -37.87 -70.92 -92.67
N ILE OC 40 -36.87 -70.35 -93.34
CA ILE OC 40 -36.65 -70.43 -94.78
C ILE OC 40 -37.96 -70.29 -95.55
N ALA OC 41 -38.79 -69.35 -95.14
CA ALA OC 41 -40.06 -69.09 -95.82
C ALA OC 41 -40.48 -67.65 -95.55
N GLU OC 42 -41.24 -67.08 -96.48
CA GLU OC 42 -41.82 -65.75 -96.32
C GLU OC 42 -43.26 -65.80 -96.80
N LEU OC 43 -44.17 -66.12 -95.88
CA LEU OC 43 -45.59 -66.24 -96.18
C LEU OC 43 -46.38 -65.37 -95.20
N ASN OC 44 -47.50 -64.83 -95.70
CA ASN OC 44 -48.25 -63.79 -95.01
C ASN OC 44 -49.57 -64.33 -94.49
N ASN OC 45 -49.81 -64.17 -93.19
CA ASN OC 45 -51.03 -64.63 -92.56
C ASN OC 45 -52.10 -63.55 -92.65
N VAL OC 46 -53.37 -63.98 -92.55
CA VAL OC 46 -54.51 -63.08 -92.50
C VAL OC 46 -55.41 -63.54 -91.37
N SER OC 47 -55.89 -62.60 -90.57
CA SER OC 47 -56.81 -62.87 -89.47
C SER OC 47 -58.14 -62.20 -89.76
N GLY OC 48 -59.20 -62.99 -89.84
CA GLY OC 48 -60.52 -62.46 -90.13
C GLY OC 48 -61.49 -62.63 -88.97
N GLN OC 49 -62.05 -61.53 -88.50
CA GLN OC 49 -62.96 -61.54 -87.37
C GLN OC 49 -64.36 -61.21 -87.87
N TYR OC 50 -65.31 -62.11 -87.62
CA TYR OC 50 -66.69 -61.95 -88.04
C TYR OC 50 -67.58 -61.99 -86.80
N VAL OC 51 -68.43 -60.98 -86.65
CA VAL OC 51 -69.34 -60.89 -85.52
C VAL OC 51 -70.75 -60.71 -86.03
N SER OC 52 -71.69 -61.41 -85.41
CA SER OC 52 -73.12 -61.24 -85.68
C SER OC 52 -73.85 -60.98 -84.37
N VAL OC 53 -74.64 -59.91 -84.33
CA VAL OC 53 -75.36 -59.53 -83.12
C VAL OC 53 -76.84 -59.41 -83.45
N TYR OC 54 -77.68 -59.85 -82.52
CA TYR OC 54 -79.12 -59.69 -82.61
C TYR OC 54 -79.63 -59.29 -81.24
N LYS OC 55 -80.44 -58.24 -81.20
CA LYS OC 55 -80.94 -57.71 -79.94
C LYS OC 55 -82.33 -58.31 -79.67
N ARG OC 56 -82.31 -59.63 -79.46
CA ARG OC 56 -83.54 -60.40 -79.34
C ARG OC 56 -84.31 -60.00 -78.09
N PRO OC 57 -85.63 -59.86 -78.18
CA PRO OC 57 -86.42 -59.56 -76.98
C PRO OC 57 -86.41 -60.71 -75.98
N ALA OC 58 -86.51 -60.35 -74.71
CA ALA OC 58 -86.64 -61.35 -73.67
C ALA OC 58 -87.95 -62.12 -73.84
N PRO OC 59 -88.03 -63.38 -73.40
CA PRO OC 59 -89.21 -64.17 -73.73
C PRO OC 59 -90.45 -63.72 -72.97
N LYS OC 60 -91.58 -63.70 -73.67
CA LYS OC 60 -92.82 -63.19 -73.11
C LYS OC 60 -93.29 -64.10 -71.97
N PRO OC 61 -93.87 -63.51 -70.92
CA PRO OC 61 -94.44 -64.35 -69.84
C PRO OC 61 -95.58 -65.21 -70.33
N GLU OC 62 -95.83 -66.33 -69.65
CA GLU OC 62 -96.76 -67.35 -70.12
C GLU OC 62 -98.16 -67.06 -69.59
N GLY OC 63 -99.16 -67.28 -70.43
CA GLY OC 63 -100.55 -67.18 -70.04
C GLY OC 63 -101.14 -65.78 -70.10
N CYS OC 64 -100.34 -64.76 -70.39
CA CYS OC 64 -100.81 -63.39 -70.44
C CYS OC 64 -100.21 -62.71 -71.67
N ALA OC 65 -101.07 -62.05 -72.45
CA ALA OC 65 -100.64 -61.32 -73.65
C ALA OC 65 -100.85 -59.83 -73.40
N ASP OC 66 -99.76 -59.12 -73.15
CA ASP OC 66 -99.85 -57.69 -72.90
C ASP OC 66 -100.28 -56.95 -74.17
N ALA OC 67 -100.88 -55.78 -73.96
CA ALA OC 67 -101.32 -54.97 -75.09
C ALA OC 67 -100.14 -54.52 -75.94
N CYS OC 68 -99.05 -54.10 -75.29
CA CYS OC 68 -97.87 -53.62 -75.99
C CYS OC 68 -96.63 -54.31 -75.43
N VAL OC 69 -95.66 -54.55 -76.32
CA VAL OC 69 -94.43 -55.22 -75.92
C VAL OC 69 -93.56 -54.26 -75.12
N ILE OC 70 -93.14 -54.71 -73.93
CA ILE OC 70 -92.28 -53.92 -73.06
C ILE OC 70 -91.11 -54.78 -72.63
N MET OC 71 -90.80 -55.80 -73.42
CA MET OC 71 -89.80 -56.77 -73.03
C MET OC 71 -88.41 -56.12 -73.05
N PRO OC 72 -87.61 -56.26 -72.00
CA PRO OC 72 -86.26 -55.71 -72.02
C PRO OC 72 -85.28 -56.62 -72.75
N ASN OC 73 -85.18 -56.42 -74.07
CA ASN OC 73 -84.40 -57.28 -74.96
C ASN OC 73 -82.98 -57.57 -74.49
N GLU OC 74 -82.42 -58.68 -74.97
CA GLU OC 74 -81.11 -59.16 -74.56
C GLU OC 74 -80.11 -58.99 -75.70
N ASN OC 75 -78.91 -59.52 -75.49
CA ASN OC 75 -77.87 -59.50 -76.52
C ASN OC 75 -77.56 -60.92 -76.96
N GLN OC 76 -77.72 -61.19 -78.25
CA GLN OC 76 -77.33 -62.46 -78.85
C GLN OC 76 -76.20 -62.19 -79.84
N SER OC 77 -74.97 -62.55 -79.45
CA SER OC 77 -73.80 -62.29 -80.27
C SER OC 77 -72.99 -63.57 -80.43
N ILE OC 78 -72.63 -63.86 -81.68
CA ILE OC 78 -71.76 -65.00 -81.99
C ILE OC 78 -70.63 -64.49 -82.89
N ARG OC 79 -69.41 -64.90 -82.57
CA ARG OC 79 -68.20 -64.32 -83.14
C ARG OC 79 -67.30 -65.43 -83.65
N THR OC 80 -66.72 -65.22 -84.83
CA THR OC 80 -65.86 -66.21 -85.48
C THR OC 80 -64.56 -65.53 -85.91
N VAL OC 81 -63.44 -66.21 -85.65
CA VAL OC 81 -62.12 -65.73 -86.05
C VAL OC 81 -61.43 -66.85 -86.82
N ILE OC 82 -61.01 -66.54 -88.05
CA ILE OC 82 -60.32 -67.48 -88.91
C ILE OC 82 -58.94 -66.90 -89.24
N SER OC 83 -57.90 -67.64 -88.91
CA SER OC 83 -56.52 -67.20 -89.12
C SER OC 83 -55.75 -68.29 -89.85
N GLY OC 84 -55.04 -67.90 -90.90
CA GLY OC 84 -54.23 -68.86 -91.65
C GLY OC 84 -53.59 -68.18 -92.84
N SER OC 85 -52.54 -68.83 -93.35
CA SER OC 85 -51.81 -68.29 -94.48
C SER OC 85 -52.64 -68.38 -95.75
N ALA OC 86 -52.50 -67.39 -96.62
CA ALA OC 86 -53.25 -67.38 -97.87
C ALA OC 86 -52.74 -68.42 -98.85
N GLU OC 87 -51.51 -68.91 -98.64
CA GLU OC 87 -50.97 -69.96 -99.51
C GLU OC 87 -51.77 -71.25 -99.36
N ASN OC 88 -52.21 -71.56 -98.15
CA ASN OC 88 -52.98 -72.76 -97.86
C ASN OC 88 -54.48 -72.48 -97.75
N LEU OC 89 -55.01 -71.62 -98.61
CA LEU OC 89 -56.40 -71.19 -98.49
C LEU OC 89 -57.37 -72.35 -98.70
N ALA OC 90 -57.04 -73.27 -99.60
CA ALA OC 90 -57.91 -74.43 -99.81
C ALA OC 90 -58.01 -75.28 -98.54
N THR OC 91 -56.86 -75.51 -97.89
CA THR OC 91 -56.87 -76.21 -96.62
C THR OC 91 -57.60 -75.45 -95.55
N LEU OC 92 -57.48 -74.12 -95.53
CA LEU OC 92 -58.23 -73.32 -94.56
C LEU OC 92 -59.74 -73.47 -94.78
N LYS OC 93 -60.16 -73.52 -96.04
CA LYS OC 93 -61.58 -73.72 -96.34
C LYS OC 93 -62.04 -75.11 -95.90
N ALA OC 94 -61.21 -76.12 -96.12
CA ALA OC 94 -61.54 -77.46 -95.62
C ALA OC 94 -61.66 -77.47 -94.10
N GLU OC 95 -60.74 -76.78 -93.43
CA GLU OC 95 -60.81 -76.66 -91.97
C GLU OC 95 -62.09 -75.95 -91.55
N TRP OC 96 -62.50 -74.92 -92.30
CA TRP OC 96 -63.73 -74.22 -91.99
C TRP OC 96 -64.94 -75.15 -92.11
N GLU OC 97 -64.97 -75.96 -93.17
CA GLU OC 97 -66.07 -76.91 -93.32
C GLU OC 97 -66.09 -77.92 -92.18
N THR OC 98 -64.93 -78.45 -91.82
CA THR OC 98 -64.88 -79.42 -90.72
C THR OC 98 -65.30 -78.77 -89.40
N HIS OC 99 -64.88 -77.53 -89.16
CA HIS OC 99 -65.26 -76.82 -87.95
C HIS OC 99 -66.76 -76.58 -87.91
N LYS OC 100 -67.36 -76.21 -89.05
CA LYS OC 100 -68.80 -76.06 -89.12
C LYS OC 100 -69.50 -77.36 -88.77
N ARG OC 101 -69.01 -78.47 -89.33
CA ARG OC 101 -69.62 -79.77 -89.03
C ARG OC 101 -69.53 -80.11 -87.54
N ASN OC 102 -68.35 -79.90 -86.95
CA ASN OC 102 -68.18 -80.21 -85.53
C ASN OC 102 -69.06 -79.34 -84.64
N VAL OC 103 -69.14 -78.04 -84.96
CA VAL OC 103 -69.94 -77.14 -84.14
C VAL OC 103 -71.43 -77.47 -84.30
N ASP OC 104 -71.84 -77.88 -85.49
CA ASP OC 104 -73.21 -78.32 -85.68
C ASP OC 104 -73.49 -79.58 -84.87
N THR OC 105 -72.53 -80.51 -84.84
CA THR OC 105 -72.70 -81.73 -84.06
C THR OC 105 -72.86 -81.42 -82.58
N LEU OC 106 -72.02 -80.51 -82.05
CA LEU OC 106 -72.09 -80.21 -80.62
C LEU OC 106 -73.30 -79.36 -80.26
N PHE OC 107 -73.63 -78.38 -81.09
CA PHE OC 107 -74.56 -77.31 -80.75
C PHE OC 107 -75.88 -77.39 -81.52
N ALA OC 108 -75.82 -77.43 -82.85
CA ALA OC 108 -77.03 -77.41 -83.65
C ALA OC 108 -77.88 -78.66 -83.41
N SER OC 109 -77.25 -79.83 -83.34
CA SER OC 109 -77.95 -81.08 -83.12
C SER OC 109 -77.77 -81.62 -81.70
N GLY OC 110 -76.95 -80.98 -80.87
CA GLY OC 110 -76.72 -81.39 -79.52
C GLY OC 110 -77.34 -80.45 -78.51
N ASN OC 111 -77.00 -80.66 -77.24
CA ASN OC 111 -77.53 -79.84 -76.17
C ASN OC 111 -76.45 -78.95 -75.57
N ALA OC 112 -75.48 -78.54 -76.38
CA ALA OC 112 -74.43 -77.65 -75.88
C ALA OC 112 -74.99 -76.26 -75.56
N GLY OC 113 -76.08 -75.89 -76.22
CA GLY OC 113 -76.69 -74.60 -75.96
C GLY OC 113 -77.21 -74.47 -74.54
N LEU OC 114 -77.79 -75.54 -74.00
CA LEU OC 114 -78.29 -75.51 -72.63
C LEU OC 114 -77.16 -75.55 -71.63
N GLY OC 115 -75.96 -75.97 -72.05
CA GLY OC 115 -74.81 -76.01 -71.17
C GLY OC 115 -74.22 -77.37 -70.93
N PHE OC 116 -74.51 -78.36 -71.77
CA PHE OC 116 -73.99 -79.70 -71.56
C PHE OC 116 -73.02 -80.09 -72.66
N LEU OC 117 -71.82 -80.50 -72.26
CA LEU OC 117 -70.77 -80.94 -73.18
C LEU OC 117 -70.79 -82.46 -73.21
N ASP OC 118 -71.32 -83.01 -74.29
CA ASP OC 118 -71.43 -84.46 -74.41
C ASP OC 118 -70.07 -85.05 -74.74
N PRO OC 119 -69.51 -85.96 -73.92
CA PRO OC 119 -68.18 -86.51 -74.22
C PRO OC 119 -68.18 -87.59 -75.28
N THR OC 120 -69.34 -88.06 -75.74
CA THR OC 120 -69.39 -89.11 -76.75
C THR OC 120 -69.82 -88.59 -78.12
N ALA OC 121 -69.79 -87.28 -78.34
CA ALA OC 121 -70.19 -86.72 -79.62
C ALA OC 121 -69.23 -87.14 -80.72
N ALA OC 122 -69.75 -87.27 -81.94
CA ALA OC 122 -68.97 -87.73 -83.09
C ALA OC 122 -68.26 -86.53 -83.71
N ILE OC 123 -67.05 -86.27 -83.23
CA ILE OC 123 -66.21 -85.20 -83.76
C ILE OC 123 -65.22 -85.79 -84.75
N VAL OC 124 -65.01 -85.09 -85.87
CA VAL OC 124 -64.15 -85.58 -86.94
C VAL OC 124 -63.13 -84.51 -87.29
N SER OC 125 -62.02 -84.96 -87.89
CA SER OC 125 -60.98 -84.06 -88.34
C SER OC 125 -61.12 -83.79 -89.84
N SER OC 126 -60.33 -82.83 -90.32
CA SER OC 126 -60.40 -82.47 -91.74
C SER OC 126 -59.81 -83.55 -92.64
N ASP OC 127 -58.90 -84.36 -92.13
CA ASP OC 127 -58.28 -85.40 -92.95
C ASP OC 127 -59.28 -86.50 -93.26
N THR OC 128 -59.13 -87.09 -94.44
CA THR OC 128 -59.99 -88.17 -94.91
C THR OC 128 -59.18 -89.45 -95.09
N THR OC 129 -59.86 -90.58 -94.91
CA THR OC 129 -59.23 -91.88 -95.05
C THR OC 129 -59.64 -92.56 -96.35
N ALA PC 1 93.12 -81.73 80.48
CA ALA PC 1 91.82 -81.71 81.11
C ALA PC 1 90.91 -80.66 80.46
N ASN PC 2 89.95 -81.13 79.66
CA ASN PC 2 89.05 -80.22 78.98
C ASN PC 2 88.05 -79.62 79.96
N LYS PC 3 87.71 -78.36 79.75
CA LYS PC 3 86.81 -77.66 80.65
C LYS PC 3 85.37 -78.16 80.44
N PRO PC 4 84.68 -78.59 81.49
CA PRO PC 4 83.29 -79.02 81.33
C PRO PC 4 82.39 -77.88 80.85
N MET PC 5 81.34 -78.25 80.13
CA MET PC 5 80.35 -77.31 79.62
C MET PC 5 78.99 -77.67 80.18
N GLN PC 6 78.29 -76.66 80.71
CA GLN PC 6 76.99 -76.90 81.33
C GLN PC 6 75.89 -76.26 80.47
N PRO PC 7 74.76 -76.94 80.27
CA PRO PC 7 73.77 -76.42 79.32
C PRO PC 7 73.06 -75.17 79.85
N ILE PC 8 72.53 -74.39 78.91
CA ILE PC 8 71.77 -73.20 79.25
C ILE PC 8 70.34 -73.26 78.72
N THR PC 9 70.07 -74.05 77.70
CA THR PC 9 68.72 -74.26 77.20
C THR PC 9 68.48 -75.75 77.06
N SER PC 10 67.43 -76.25 77.71
CA SER PC 10 67.12 -77.67 77.72
C SER PC 10 65.70 -77.89 77.20
N THR PC 11 65.58 -78.77 76.22
CA THR PC 11 64.28 -79.13 75.65
C THR PC 11 64.39 -80.56 75.13
N ALA PC 12 63.23 -81.21 74.98
CA ALA PC 12 63.21 -82.58 74.49
C ALA PC 12 63.71 -82.67 73.06
N ASN PC 13 63.67 -81.56 72.32
CA ASN PC 13 64.06 -81.54 70.92
C ASN PC 13 65.38 -80.82 70.67
N LYS PC 14 65.93 -80.12 71.66
CA LYS PC 14 67.14 -79.33 71.47
C LYS PC 14 67.75 -79.00 72.83
N ILE PC 15 69.03 -79.28 72.99
CA ILE PC 15 69.79 -78.91 74.18
C ILE PC 15 71.04 -78.15 73.71
N VAL PC 16 71.29 -76.99 74.32
CA VAL PC 16 72.40 -76.14 73.96
C VAL PC 16 73.33 -76.03 75.16
N TRP PC 17 74.61 -76.33 74.95
CA TRP PC 17 75.63 -76.21 75.97
C TRP PC 17 76.48 -74.96 75.70
N SER PC 18 77.04 -74.40 76.75
CA SER PC 18 77.89 -73.21 76.64
C SER PC 18 78.98 -73.25 77.71
N ASP PC 19 80.16 -72.76 77.35
CA ASP PC 19 81.24 -72.67 78.30
C ASP PC 19 80.97 -71.56 79.31
N PRO PC 20 80.95 -71.86 80.61
CA PRO PC 20 80.70 -70.79 81.59
C PRO PC 20 81.72 -69.67 81.52
N THR PC 21 82.98 -69.98 81.23
CA THR PC 21 84.00 -68.94 81.09
C THR PC 21 83.84 -68.13 79.81
N ARG PC 22 83.39 -68.75 78.72
CA ARG PC 22 83.14 -68.04 77.46
C ARG PC 22 81.83 -68.52 76.86
N LEU PC 23 80.74 -67.78 77.12
CA LEU PC 23 79.42 -68.20 76.66
C LEU PC 23 79.31 -68.15 75.14
N SER PC 24 80.26 -67.48 74.50
CA SER PC 24 80.28 -67.44 73.04
C SER PC 24 80.57 -68.80 72.41
N THR PC 25 81.18 -69.73 73.16
CA THR PC 25 81.43 -71.07 72.65
C THR PC 25 80.24 -71.96 73.00
N THR PC 26 79.58 -72.51 71.97
CA THR PC 26 78.35 -73.26 72.16
C THR PC 26 78.43 -74.59 71.43
N PHE PC 27 77.59 -75.53 71.88
CA PHE PC 27 77.45 -76.84 71.25
C PHE PC 27 75.98 -77.25 71.35
N SER PC 28 75.34 -77.42 70.21
CA SER PC 28 73.91 -77.67 70.15
C SER PC 28 73.61 -78.99 69.44
N ALA PC 29 72.62 -79.71 69.97
CA ALA PC 29 72.17 -80.97 69.39
C ALA PC 29 70.67 -80.89 69.20
N SER PC 30 70.21 -81.13 67.97
CA SER PC 30 68.79 -81.06 67.63
C SER PC 30 68.38 -82.36 66.96
N LEU PC 31 67.27 -82.93 67.41
CA LEU PC 31 66.75 -84.18 66.86
C LEU PC 31 65.43 -83.95 66.15
N LEU PC 32 65.32 -84.47 64.94
CA LEU PC 32 64.08 -84.45 64.17
C LEU PC 32 63.74 -85.87 63.76
N ARG PC 33 62.53 -86.32 64.13
CA ARG PC 33 62.13 -87.71 63.95
C ARG PC 33 60.89 -87.78 63.06
N GLN PC 34 60.96 -88.64 62.05
CA GLN PC 34 59.84 -88.88 61.15
C GLN PC 34 59.68 -90.38 60.95
N ARG PC 35 58.49 -90.78 60.49
CA ARG PC 35 58.23 -92.17 60.11
C ARG PC 35 58.31 -92.28 58.59
N VAL PC 36 59.15 -93.21 58.11
CA VAL PC 36 59.39 -93.39 56.68
C VAL PC 36 59.02 -94.83 56.32
N LYS PC 37 58.21 -94.99 55.28
CA LYS PC 37 57.73 -96.31 54.85
C LYS PC 37 58.63 -96.79 53.70
N VAL PC 38 59.78 -97.36 54.08
CA VAL PC 38 60.72 -97.86 53.08
C VAL PC 38 60.32 -99.27 52.64
N GLY PC 39 60.22 -100.18 53.59
CA GLY PC 39 60.01 -101.59 53.28
C GLY PC 39 58.65 -102.09 53.74
N ILE PC 40 57.61 -101.30 53.46
CA ILE PC 40 56.22 -101.50 53.88
C ILE PC 40 56.16 -101.71 55.39
N ALA PC 41 57.20 -101.28 56.08
CA ALA PC 41 57.24 -101.24 57.53
C ALA PC 41 57.67 -99.84 57.95
N GLU PC 42 56.98 -99.28 58.95
CA GLU PC 42 57.19 -97.89 59.35
C GLU PC 42 58.47 -97.79 60.17
N LEU PC 43 59.58 -97.58 59.45
CA LEU PC 43 60.85 -97.34 60.11
C LEU PC 43 60.87 -95.95 60.74
N ASN PC 44 61.53 -95.83 61.89
CA ASN PC 44 61.59 -94.56 62.62
C ASN PC 44 62.93 -93.88 62.37
N ASN PC 45 62.92 -92.92 61.44
CA ASN PC 45 64.12 -92.19 61.08
C ASN PC 45 64.42 -91.12 62.13
N VAL PC 46 65.70 -90.96 62.44
CA VAL PC 46 66.19 -89.94 63.37
C VAL PC 46 67.25 -89.12 62.65
N SER PC 47 67.07 -87.81 62.64
CA SER PC 47 67.99 -86.88 61.98
C SER PC 47 68.53 -85.92 63.04
N GLY PC 48 69.75 -86.20 63.51
CA GLY PC 48 70.37 -85.39 64.54
C GLY PC 48 71.33 -84.38 63.94
N GLN PC 49 71.13 -83.12 64.31
CA GLN PC 49 71.98 -82.03 63.86
C GLN PC 49 72.84 -81.56 65.03
N TYR PC 50 74.16 -81.63 64.87
CA TYR PC 50 75.12 -81.25 65.89
C TYR PC 50 75.95 -80.09 65.37
N VAL PC 51 75.94 -78.98 66.12
CA VAL PC 51 76.62 -77.76 65.70
C VAL PC 51 77.55 -77.31 66.82
N SER PC 52 78.82 -77.09 66.49
CA SER PC 52 79.79 -76.53 67.41
C SER PC 52 80.28 -75.20 66.87
N VAL PC 53 80.14 -74.14 67.67
CA VAL PC 53 80.48 -72.79 67.26
C VAL PC 53 81.52 -72.23 68.23
N TYR PC 54 82.63 -71.73 67.67
CA TYR PC 54 83.66 -71.07 68.45
C TYR PC 54 84.03 -69.76 67.77
N LYS PC 55 83.84 -68.66 68.48
CA LYS PC 55 84.21 -67.34 68.00
C LYS PC 55 85.65 -67.07 68.39
N ARG PC 56 86.57 -67.27 67.45
CA ARG PC 56 87.99 -67.18 67.69
C ARG PC 56 88.53 -65.83 67.27
N PRO PC 57 89.27 -65.13 68.13
CA PRO PC 57 89.85 -63.85 67.72
C PRO PC 57 91.16 -64.02 66.96
N ALA PC 58 91.18 -63.56 65.72
CA ALA PC 58 92.35 -63.71 64.86
C ALA PC 58 92.74 -62.39 64.20
N PRO PC 59 93.17 -61.40 64.99
CA PRO PC 59 93.90 -60.28 64.38
C PRO PC 59 95.20 -60.75 63.74
N LYS PC 60 95.79 -61.79 64.30
CA LYS PC 60 97.00 -62.45 63.83
C LYS PC 60 98.16 -61.47 63.67
N PRO PC 61 98.64 -60.84 64.76
CA PRO PC 61 99.86 -60.03 64.67
C PRO PC 61 101.09 -60.93 64.67
N GLU PC 62 101.71 -61.07 63.50
CA GLU PC 62 102.79 -62.02 63.33
C GLU PC 62 104.06 -61.49 63.99
N GLY PC 63 104.45 -62.12 65.08
CA GLY PC 63 105.71 -61.82 65.75
C GLY PC 63 105.67 -60.96 67.00
N CYS PC 64 104.69 -60.07 67.12
CA CYS PC 64 104.70 -59.14 68.24
C CYS PC 64 103.31 -59.03 68.84
N ALA PC 65 103.27 -59.05 70.16
CA ALA PC 65 102.08 -58.72 70.94
C ALA PC 65 102.52 -57.93 72.16
N ASP PC 66 101.97 -56.73 72.31
CA ASP PC 66 102.43 -55.85 73.38
C ASP PC 66 101.34 -55.57 74.42
N ALA PC 67 100.13 -55.26 74.00
CA ALA PC 67 99.04 -54.95 74.91
C ALA PC 67 97.75 -55.52 74.32
N CYS PC 68 96.71 -55.57 75.14
CA CYS PC 68 95.44 -56.11 74.69
C CYS PC 68 94.65 -55.04 73.96
N VAL PC 69 94.47 -55.23 72.66
CA VAL PC 69 93.64 -54.37 71.81
C VAL PC 69 92.35 -55.15 71.53
N ILE PC 70 91.27 -54.45 71.23
CA ILE PC 70 90.00 -55.09 70.93
C ILE PC 70 90.16 -56.15 69.87
N MET PC 71 89.69 -57.35 70.16
CA MET PC 71 89.88 -58.48 69.27
C MET PC 71 88.70 -58.59 68.30
N PRO PC 72 88.91 -58.43 67.00
CA PRO PC 72 87.85 -58.76 66.04
C PRO PC 72 87.74 -60.26 65.87
N ASN PC 73 86.52 -60.80 65.82
CA ASN PC 73 86.30 -62.23 65.90
C ASN PC 73 85.77 -62.76 64.57
N GLU PC 74 86.19 -63.98 64.24
CA GLU PC 74 85.64 -64.75 63.14
C GLU PC 74 84.94 -65.98 63.72
N ASN PC 75 84.03 -66.57 62.94
CA ASN PC 75 83.24 -67.70 63.40
C ASN PC 75 83.82 -69.01 62.87
N GLN PC 76 84.13 -69.92 63.78
CA GLN PC 76 84.53 -71.28 63.44
C GLN PC 76 83.37 -72.21 63.76
N SER PC 77 82.80 -72.82 62.73
CA SER PC 77 81.62 -73.66 62.88
C SER PC 77 81.86 -75.03 62.30
N ILE PC 78 81.43 -76.06 63.02
CA ILE PC 78 81.45 -77.44 62.56
C ILE PC 78 80.05 -77.99 62.76
N ARG PC 79 79.41 -78.40 61.68
CA ARG PC 79 78.02 -78.84 61.69
C ARG PC 79 77.92 -80.24 61.12
N THR PC 80 77.32 -81.15 61.88
CA THR PC 80 77.19 -82.54 61.50
C THR PC 80 75.73 -82.96 61.55
N VAL PC 81 75.28 -83.67 60.52
CA VAL PC 81 73.92 -84.17 60.44
C VAL PC 81 73.98 -85.67 60.19
N ILE PC 82 73.35 -86.45 61.06
CA ILE PC 82 73.33 -87.90 60.95
C ILE PC 82 71.89 -88.33 60.77
N SER PC 83 71.61 -89.07 59.70
CA SER PC 83 70.27 -89.53 59.38
C SER PC 83 70.30 -91.03 59.18
N GLY PC 84 69.32 -91.72 59.75
CA GLY PC 84 69.24 -93.16 59.61
C GLY PC 84 68.14 -93.79 60.45
N SER PC 85 67.76 -95.02 60.12
CA SER PC 85 66.72 -95.70 60.87
C SER PC 85 67.22 -96.09 62.26
N ALA PC 86 66.30 -96.08 63.22
CA ALA PC 86 66.67 -96.42 64.59
C ALA PC 86 67.00 -97.89 64.73
N GLU PC 87 66.49 -98.72 63.81
CA GLU PC 87 66.70 -100.16 63.93
C GLU PC 87 68.06 -100.59 63.40
N ASN PC 88 68.82 -99.65 62.84
CA ASN PC 88 70.14 -99.93 62.28
C ASN PC 88 71.20 -99.10 62.99
N LEU PC 89 71.13 -99.04 64.33
CA LEU PC 89 72.04 -98.19 65.08
C LEU PC 89 73.49 -98.66 64.98
N ALA PC 90 73.71 -99.98 65.03
CA ALA PC 90 75.08 -100.48 64.99
C ALA PC 90 75.75 -100.13 63.66
N THR PC 91 75.04 -100.35 62.56
CA THR PC 91 75.58 -99.99 61.26
C THR PC 91 75.71 -98.48 61.10
N LEU PC 92 74.80 -97.70 61.67
CA LEU PC 92 74.95 -96.24 61.64
C LEU PC 92 76.20 -95.80 62.38
N LYS PC 93 76.50 -96.46 63.52
CA LYS PC 93 77.72 -96.13 64.25
C LYS PC 93 78.96 -96.52 63.47
N ALA PC 94 78.91 -97.65 62.77
CA ALA PC 94 80.02 -98.02 61.89
C ALA PC 94 80.20 -96.99 60.79
N GLU PC 95 79.10 -96.50 60.22
CA GLU PC 95 79.18 -95.43 59.23
C GLU PC 95 79.79 -94.17 59.82
N TRP PC 96 79.44 -93.85 61.08
CA TRP PC 96 80.02 -92.70 61.75
C TRP PC 96 81.52 -92.85 61.91
N GLU PC 97 81.97 -94.04 62.29
CA GLU PC 97 83.40 -94.28 62.43
C GLU PC 97 84.12 -94.13 61.10
N THR PC 98 83.55 -94.70 60.03
CA THR PC 98 84.15 -94.58 58.71
C THR PC 98 84.19 -93.12 58.25
N HIS PC 99 83.12 -92.37 58.52
CA HIS PC 99 83.08 -90.95 58.18
C HIS PC 99 84.15 -90.19 58.93
N LYS PC 100 84.33 -90.48 60.21
CA LYS PC 100 85.38 -89.83 60.99
C LYS PC 100 86.74 -90.13 60.39
N ARG PC 101 86.99 -91.39 60.03
CA ARG PC 101 88.28 -91.77 59.48
C ARG PC 101 88.56 -91.06 58.15
N ASN PC 102 87.55 -91.01 57.28
CA ASN PC 102 87.73 -90.37 55.98
C ASN PC 102 87.93 -88.87 56.12
N VAL PC 103 87.14 -88.21 56.96
CA VAL PC 103 87.31 -86.78 57.17
C VAL PC 103 88.68 -86.51 57.78
N ASP PC 104 89.16 -87.41 58.65
CA ASP PC 104 90.50 -87.26 59.21
C ASP PC 104 91.56 -87.33 58.12
N THR PC 105 91.48 -88.35 57.27
CA THR PC 105 92.53 -88.54 56.26
C THR PC 105 92.47 -87.43 55.21
N LEU PC 106 91.34 -86.75 55.08
CA LEU PC 106 91.30 -85.60 54.19
C LEU PC 106 91.75 -84.31 54.86
N PHE PC 107 91.35 -84.08 56.11
CA PHE PC 107 91.48 -82.79 56.78
C PHE PC 107 92.65 -82.74 57.76
N ALA PC 108 92.68 -83.65 58.72
CA ALA PC 108 93.69 -83.58 59.78
C ALA PC 108 95.07 -83.91 59.24
N SER PC 109 95.19 -85.00 58.47
CA SER PC 109 96.46 -85.40 57.89
C SER PC 109 96.66 -84.86 56.49
N GLY PC 110 95.67 -84.19 55.90
CA GLY PC 110 95.79 -83.63 54.58
C GLY PC 110 95.87 -82.12 54.59
N ASN PC 111 95.54 -81.53 53.45
CA ASN PC 111 95.57 -80.08 53.27
C ASN PC 111 94.20 -79.54 52.88
N ALA PC 112 93.13 -80.25 53.25
CA ALA PC 112 91.79 -79.82 52.86
C ALA PC 112 91.38 -78.54 53.57
N GLY PC 113 91.92 -78.28 54.76
CA GLY PC 113 91.56 -77.07 55.47
C GLY PC 113 92.04 -75.81 54.78
N LEU PC 114 93.08 -75.93 53.96
CA LEU PC 114 93.63 -74.79 53.26
C LEU PC 114 93.01 -74.63 51.88
N GLY PC 115 92.07 -75.51 51.55
CA GLY PC 115 91.41 -75.45 50.25
C GLY PC 115 92.08 -76.30 49.19
N PHE PC 116 92.33 -77.57 49.49
CA PHE PC 116 92.99 -78.48 48.57
C PHE PC 116 92.27 -79.82 48.57
N LEU PC 117 92.28 -80.48 47.41
CA LEU PC 117 91.76 -81.84 47.28
C LEU PC 117 92.90 -82.75 46.85
N ASP PC 118 93.01 -83.91 47.50
CA ASP PC 118 94.06 -84.86 47.17
C ASP PC 118 93.41 -86.08 46.54
N PRO PC 119 93.44 -86.24 45.22
CA PRO PC 119 92.74 -87.36 44.58
C PRO PC 119 93.28 -88.73 44.95
N THR PC 120 94.53 -88.83 45.42
CA THR PC 120 95.12 -90.13 45.74
C THR PC 120 94.97 -90.50 47.20
N ALA PC 121 94.20 -89.73 47.98
CA ALA PC 121 94.02 -90.03 49.39
C ALA PC 121 93.29 -91.38 49.57
N ALA PC 122 93.61 -92.05 50.68
CA ALA PC 122 93.10 -93.40 50.93
C ALA PC 122 91.74 -93.30 51.63
N ILE PC 123 90.69 -93.27 50.82
CA ILE PC 123 89.32 -93.29 51.31
C ILE PC 123 88.82 -94.73 51.34
N VAL PC 124 88.17 -95.11 52.44
CA VAL PC 124 87.73 -96.49 52.64
C VAL PC 124 86.25 -96.50 52.98
N SER PC 125 85.61 -97.63 52.72
CA SER PC 125 84.21 -97.84 53.04
C SER PC 125 84.06 -98.55 54.37
N SER PC 126 82.82 -98.59 54.86
CA SER PC 126 82.55 -99.25 56.13
C SER PC 126 82.58 -100.76 56.02
N ASP PC 127 82.41 -101.31 54.82
CA ASP PC 127 82.42 -102.75 54.63
C ASP PC 127 83.82 -103.31 54.85
N THR PC 128 83.87 -104.55 55.33
CA THR PC 128 85.11 -105.25 55.60
C THR PC 128 85.24 -106.47 54.72
N THR PC 129 86.45 -106.71 54.23
CA THR PC 129 86.73 -107.85 53.37
C THR PC 129 86.48 -109.17 54.08
N ALA QC 1 58.96 -109.15 84.28
CA ALA QC 1 59.86 -108.03 84.03
C ALA QC 1 59.57 -107.40 82.68
N ASN QC 2 58.54 -106.56 82.64
CA ASN QC 2 58.18 -105.91 81.38
C ASN QC 2 59.19 -104.83 81.04
N LYS QC 3 59.32 -104.54 79.75
CA LYS QC 3 60.33 -103.60 79.27
C LYS QC 3 59.98 -102.18 79.70
N PRO QC 4 60.90 -101.45 80.32
CA PRO QC 4 60.60 -100.07 80.74
C PRO QC 4 60.65 -99.11 79.57
N MET QC 5 60.00 -97.96 79.75
CA MET QC 5 59.98 -96.89 78.76
C MET QC 5 60.66 -95.65 79.31
N GLN QC 6 61.23 -94.87 78.40
CA GLN QC 6 61.86 -93.59 78.68
C GLN QC 6 61.14 -92.47 77.92
N PRO QC 7 61.02 -91.28 78.49
CA PRO QC 7 60.34 -90.19 77.79
C PRO QC 7 61.11 -89.75 76.55
N ILE QC 8 60.36 -89.35 75.52
CA ILE QC 8 60.95 -88.92 74.26
C ILE QC 8 60.67 -87.44 74.01
N THR QC 9 59.43 -86.99 74.22
CA THR QC 9 59.06 -85.59 74.14
C THR QC 9 58.45 -85.17 75.47
N SER QC 10 58.96 -84.07 76.02
CA SER QC 10 58.60 -83.67 77.37
C SER QC 10 58.03 -82.25 77.37
N THR QC 11 56.80 -82.14 77.83
CA THR QC 11 56.18 -80.85 78.13
C THR QC 11 55.27 -81.04 79.34
N ALA QC 12 55.20 -80.02 80.19
CA ALA QC 12 54.38 -80.13 81.39
C ALA QC 12 52.91 -80.34 81.04
N ASN QC 13 52.48 -79.85 79.88
CA ASN QC 13 51.13 -80.13 79.41
C ASN QC 13 51.00 -81.54 78.84
N LYS QC 14 52.05 -82.08 78.23
CA LYS QC 14 51.99 -83.37 77.58
C LYS QC 14 53.35 -84.04 77.58
N ILE QC 15 53.42 -85.26 78.12
CA ILE QC 15 54.61 -86.09 78.08
C ILE QC 15 54.25 -87.41 77.42
N VAL QC 16 55.07 -87.82 76.45
CA VAL QC 16 54.86 -89.06 75.71
C VAL QC 16 56.06 -89.97 75.95
N TRP QC 17 55.79 -91.22 76.29
CA TRP QC 17 56.83 -92.21 76.53
C TRP QC 17 57.03 -93.07 75.28
N SER QC 18 58.13 -93.81 75.26
CA SER QC 18 58.43 -94.69 74.13
C SER QC 18 59.34 -95.81 74.59
N ASP QC 19 59.26 -96.94 73.89
CA ASP QC 19 60.12 -98.07 74.18
C ASP QC 19 61.36 -98.00 73.30
N PRO QC 20 62.56 -97.97 73.87
CA PRO QC 20 63.77 -97.92 73.03
C PRO QC 20 63.87 -99.04 72.01
N THR QC 21 63.47 -100.26 72.36
CA THR QC 21 63.55 -101.38 71.45
C THR QC 21 62.49 -101.34 70.35
N ARG QC 22 61.31 -100.77 70.63
CA ARG QC 22 60.25 -100.67 69.64
C ARG QC 22 59.67 -99.26 69.75
N LEU QC 23 60.09 -98.37 68.86
CA LEU QC 23 59.68 -96.98 68.94
C LEU QC 23 58.21 -96.77 68.60
N SER QC 24 57.54 -97.78 68.06
CA SER QC 24 56.12 -97.66 67.74
C SER QC 24 55.22 -97.70 68.96
N THR QC 25 55.72 -98.19 70.09
CA THR QC 25 54.95 -98.27 71.32
C THR QC 25 55.10 -96.95 72.08
N THR QC 26 53.97 -96.27 72.28
CA THR QC 26 53.96 -94.97 72.93
C THR QC 26 52.91 -94.94 74.02
N PHE QC 27 53.13 -94.08 75.02
CA PHE QC 27 52.17 -93.84 76.09
C PHE QC 27 52.12 -92.34 76.34
N SER QC 28 50.94 -91.75 76.18
CA SER QC 28 50.77 -90.31 76.24
C SER QC 28 50.02 -89.91 77.51
N ALA QC 29 50.49 -88.83 78.15
CA ALA QC 29 49.84 -88.27 79.31
C ALA QC 29 49.68 -86.76 79.08
N SER QC 30 48.44 -86.30 79.01
CA SER QC 30 48.14 -84.90 78.76
C SER QC 30 47.14 -84.41 79.79
N LEU QC 31 47.47 -83.31 80.46
CA LEU QC 31 46.62 -82.72 81.48
C LEU QC 31 46.19 -81.32 81.05
N LEU QC 32 44.89 -81.05 81.14
CA LEU QC 32 44.33 -79.73 80.88
C LEU QC 32 43.61 -79.25 82.12
N ARG QC 33 44.00 -78.07 82.61
CA ARG QC 33 43.49 -77.55 83.88
C ARG QC 33 42.75 -76.25 83.64
N GLN QC 34 41.54 -76.15 84.20
CA GLN QC 34 40.70 -74.97 84.07
C GLN QC 34 39.96 -74.74 85.37
N ARG QC 35 39.75 -73.48 85.72
CA ARG QC 35 39.06 -73.09 86.94
C ARG QC 35 37.57 -73.01 86.65
N VAL QC 36 36.93 -74.17 86.60
CA VAL QC 36 35.48 -74.25 86.41
C VAL QC 36 34.82 -74.23 87.77
N LYS QC 37 34.34 -73.07 88.19
CA LYS QC 37 33.80 -72.92 89.54
C LYS QC 37 32.28 -73.02 89.54
N VAL QC 38 31.75 -73.85 90.43
CA VAL QC 38 30.31 -73.94 90.67
C VAL QC 38 29.91 -72.80 91.58
N GLY QC 39 28.60 -72.60 91.74
CA GLY QC 39 28.09 -71.50 92.54
C GLY QC 39 28.65 -71.44 93.94
N ILE QC 40 29.03 -70.23 94.36
CA ILE QC 40 29.58 -69.90 95.68
C ILE QC 40 30.66 -70.89 96.10
N ALA QC 41 31.40 -71.42 95.14
CA ALA QC 41 32.50 -72.33 95.43
C ALA QC 41 33.59 -72.16 94.37
N GLU QC 42 34.80 -72.58 94.73
CA GLU QC 42 35.94 -72.54 93.84
C GLU QC 42 36.46 -73.95 93.65
N LEU QC 43 36.61 -74.36 92.39
CA LEU QC 43 37.03 -75.71 92.06
C LEU QC 43 38.05 -75.67 90.94
N ASN QC 44 39.13 -76.45 91.08
CA ASN QC 44 40.13 -76.59 90.05
C ASN QC 44 39.90 -77.91 89.32
N ASN QC 45 39.50 -77.82 88.05
CA ASN QC 45 39.14 -78.98 87.25
C ASN QC 45 40.34 -79.43 86.43
N VAL QC 46 40.57 -80.74 86.41
CA VAL QC 46 41.69 -81.34 85.68
C VAL QC 46 41.10 -82.39 84.74
N SER QC 47 41.50 -82.32 83.47
CA SER QC 47 41.09 -83.32 82.48
C SER QC 47 42.30 -84.12 82.07
N GLY QC 48 42.36 -85.38 82.52
CA GLY QC 48 43.51 -86.21 82.24
C GLY QC 48 43.27 -87.20 81.12
N GLN QC 49 44.01 -87.04 80.03
CA GLN QC 49 43.88 -87.91 78.86
C GLN QC 49 45.13 -88.78 78.74
N TYR QC 50 44.94 -90.09 78.70
CA TYR QC 50 46.03 -91.05 78.62
C TYR QC 50 45.81 -91.95 77.42
N VAL QC 51 46.79 -92.02 76.53
CA VAL QC 51 46.70 -92.78 75.30
C VAL QC 51 47.87 -93.75 75.23
N SER QC 52 47.57 -95.02 75.01
CA SER QC 52 48.58 -96.05 74.78
C SER QC 52 48.39 -96.65 73.41
N VAL QC 53 49.47 -96.68 72.63
CA VAL QC 53 49.41 -97.09 71.23
C VAL QC 53 50.42 -98.21 71.01
N TYR QC 54 49.97 -99.29 70.37
CA TYR QC 54 50.82 -100.41 70.01
C TYR QC 54 50.48 -100.85 68.59
N LYS QC 55 51.50 -101.13 67.79
CA LYS QC 55 51.32 -101.61 66.43
C LYS QC 55 51.73 -103.07 66.37
N ARG QC 56 50.75 -103.97 66.36
CA ARG QC 56 50.97 -105.40 66.41
C ARG QC 56 50.73 -106.02 65.04
N PRO QC 57 51.59 -106.95 64.61
CA PRO QC 57 51.39 -107.58 63.30
C PRO QC 57 50.11 -108.39 63.26
N ALA QC 58 49.54 -108.48 62.05
CA ALA QC 58 48.33 -109.26 61.86
C ALA QC 58 48.61 -110.73 62.16
N PRO QC 59 47.62 -111.47 62.67
CA PRO QC 59 47.88 -112.85 63.10
C PRO QC 59 48.25 -113.77 61.94
N LYS QC 60 49.27 -114.59 62.16
CA LYS QC 60 49.72 -115.57 61.18
C LYS QC 60 48.70 -116.68 61.06
N PRO QC 61 48.60 -117.34 59.89
CA PRO QC 61 47.68 -118.47 59.75
C PRO QC 61 47.97 -119.59 60.74
N GLU QC 62 46.93 -120.25 61.22
CA GLU QC 62 47.07 -121.18 62.34
C GLU QC 62 48.02 -122.33 62.00
N GLY QC 63 47.90 -122.89 60.81
CA GLY QC 63 48.75 -123.99 60.42
C GLY QC 63 49.99 -123.53 59.68
N CYS QC 64 50.80 -122.68 60.31
CA CYS QC 64 51.99 -122.14 59.68
C CYS QC 64 53.19 -122.31 60.59
N ALA QC 65 54.27 -122.87 60.04
CA ALA QC 65 55.53 -123.01 60.75
C ALA QC 65 56.69 -122.38 60.01
N ASP QC 66 56.43 -121.48 59.07
CA ASP QC 66 57.49 -120.87 58.28
C ASP QC 66 58.40 -120.04 59.18
N ALA QC 67 59.66 -119.91 58.75
CA ALA QC 67 60.68 -119.23 59.55
C ALA QC 67 60.28 -117.80 59.86
N CYS QC 68 59.96 -117.02 58.83
CA CYS QC 68 59.51 -115.64 59.01
C CYS QC 68 58.78 -115.15 57.76
N VAL QC 69 57.48 -114.90 57.93
CA VAL QC 69 56.68 -114.18 56.94
C VAL QC 69 55.97 -113.06 57.69
N ILE QC 70 56.32 -111.81 57.38
CA ILE QC 70 55.89 -110.66 58.17
C ILE QC 70 54.63 -110.07 57.54
N MET QC 71 53.63 -109.78 58.38
CA MET QC 71 52.40 -109.15 57.96
C MET QC 71 52.39 -107.70 58.43
N PRO QC 72 51.73 -106.80 57.72
CA PRO QC 72 51.71 -105.38 58.13
C PRO QC 72 51.01 -105.20 59.46
N ASN QC 73 51.43 -104.16 60.17
CA ASN QC 73 50.96 -103.90 61.52
C ASN QC 73 49.58 -103.26 61.52
N GLU QC 74 48.81 -103.58 62.56
CA GLU QC 74 47.50 -102.98 62.79
C GLU QC 74 47.62 -102.07 64.01
N ASN QC 75 46.74 -101.06 64.07
CA ASN QC 75 46.82 -100.07 65.14
C ASN QC 75 45.94 -100.49 66.31
N GLN QC 76 46.54 -100.62 67.49
CA GLN QC 76 45.83 -100.89 68.73
C GLN QC 76 45.93 -99.65 69.60
N SER QC 77 44.79 -99.07 69.94
CA SER QC 77 44.73 -97.83 70.70
C SER QC 77 43.82 -98.00 71.90
N ILE QC 78 44.31 -97.56 73.06
CA ILE QC 78 43.53 -97.52 74.30
C ILE QC 78 43.64 -96.12 74.85
N ARG QC 79 42.50 -95.46 75.05
CA ARG QC 79 42.45 -94.06 75.44
C ARG QC 79 41.50 -93.89 76.61
N THR QC 80 41.99 -93.27 77.68
CA THR QC 80 41.20 -92.99 78.87
C THR QC 80 41.25 -91.50 79.19
N VAL QC 81 40.09 -90.94 79.53
CA VAL QC 81 39.96 -89.53 79.87
C VAL QC 81 39.31 -89.45 81.25
N ILE QC 82 39.96 -88.75 82.17
CA ILE QC 82 39.45 -88.59 83.53
C ILE QC 82 39.25 -87.10 83.79
N SER QC 83 38.03 -86.73 84.15
CA SER QC 83 37.67 -85.33 84.40
C SER QC 83 37.08 -85.21 85.79
N GLY QC 84 37.60 -84.29 86.58
CA GLY QC 84 37.10 -84.08 87.93
C GLY QC 84 37.83 -82.99 88.67
N SER QC 85 37.25 -82.50 89.76
CA SER QC 85 37.89 -81.47 90.55
C SER QC 85 39.03 -82.04 91.37
N ALA QC 86 40.03 -81.21 91.64
CA ALA QC 86 41.17 -81.66 92.43
C ALA QC 86 40.77 -81.92 93.88
N GLU QC 87 39.68 -81.31 94.33
CA GLU QC 87 39.26 -81.44 95.72
C GLU QC 87 38.71 -82.84 96.01
N ASN QC 88 38.24 -83.54 94.98
CA ASN QC 88 37.61 -84.84 95.13
C ASN QC 88 38.48 -85.98 94.62
N LEU QC 89 39.79 -85.90 94.85
CA LEU QC 89 40.72 -86.86 94.25
C LEU QC 89 40.49 -88.27 94.77
N ALA QC 90 40.23 -88.42 96.08
CA ALA QC 90 40.09 -89.75 96.65
C ALA QC 90 38.87 -90.47 96.08
N THR QC 91 37.73 -89.77 96.03
CA THR QC 91 36.53 -90.40 95.49
C THR QC 91 36.62 -90.55 93.97
N LEU QC 92 37.38 -89.69 93.30
CA LEU QC 92 37.65 -89.92 91.88
C LEU QC 92 38.46 -91.19 91.68
N LYS QC 93 39.41 -91.46 92.57
CA LYS QC 93 40.16 -92.71 92.52
C LYS QC 93 39.24 -93.91 92.77
N ALA QC 94 38.30 -93.76 93.71
CA ALA QC 94 37.32 -94.83 93.92
C ALA QC 94 36.48 -95.06 92.68
N GLU QC 95 36.03 -93.99 92.02
CA GLU QC 95 35.31 -94.11 90.76
C GLU QC 95 36.16 -94.80 89.70
N TRP QC 96 37.47 -94.50 89.70
CA TRP QC 96 38.37 -95.13 88.74
C TRP QC 96 38.47 -96.63 88.98
N GLU QC 97 38.52 -97.04 90.26
CA GLU QC 97 38.54 -98.46 90.58
C GLU QC 97 37.25 -99.14 90.15
N THR QC 98 36.11 -98.49 90.39
CA THR QC 98 34.84 -99.06 89.95
C THR QC 98 34.76 -99.16 88.44
N HIS QC 99 35.29 -98.16 87.74
CA HIS QC 99 35.35 -98.20 86.28
C HIS QC 99 36.21 -99.36 85.82
N LYS QC 100 37.36 -99.58 86.47
CA LYS QC 100 38.17 -100.75 86.19
C LYS QC 100 37.35 -102.02 86.31
N ARG QC 101 36.64 -102.19 87.43
CA ARG QC 101 35.90 -103.43 87.65
C ARG QC 101 34.85 -103.63 86.57
N ASN QC 102 34.12 -102.57 86.23
CA ASN QC 102 33.04 -102.69 85.24
C ASN QC 102 33.61 -103.01 83.85
N VAL QC 103 34.64 -102.29 83.43
CA VAL QC 103 35.19 -102.52 82.10
C VAL QC 103 35.84 -103.90 82.02
N ASP QC 104 36.43 -104.35 83.13
CA ASP QC 104 36.98 -105.70 83.15
C ASP QC 104 35.88 -106.74 83.01
N THR QC 105 34.75 -106.53 83.70
CA THR QC 105 33.63 -107.46 83.57
C THR QC 105 33.13 -107.52 82.13
N LEU QC 106 33.02 -106.37 81.47
CA LEU QC 106 32.53 -106.35 80.10
C LEU QC 106 33.53 -106.89 79.08
N PHE QC 107 34.82 -106.62 79.28
CA PHE QC 107 35.83 -106.84 78.25
C PHE QC 107 36.74 -108.02 78.55
N ALA QC 108 37.38 -108.03 79.73
CA ALA QC 108 38.37 -109.05 80.04
C ALA QC 108 37.74 -110.44 80.11
N SER QC 109 36.56 -110.54 80.75
CA SER QC 109 35.88 -111.82 80.90
C SER QC 109 34.66 -111.96 79.99
N GLY QC 110 34.34 -110.94 79.21
CA GLY QC 110 33.20 -110.97 78.32
C GLY QC 110 33.60 -111.11 76.87
N ASN QC 111 32.70 -110.65 75.99
CA ASN QC 111 32.92 -110.68 74.55
C ASN QC 111 32.81 -109.30 73.91
N ALA QC 112 33.03 -108.25 74.70
CA ALA QC 112 33.00 -106.89 74.15
C ALA QC 112 34.11 -106.70 73.11
N GLY QC 113 35.23 -107.38 73.28
CA GLY QC 113 36.30 -107.31 72.30
C GLY QC 113 35.91 -107.90 70.95
N LEU QC 114 35.16 -108.99 70.95
CA LEU QC 114 34.63 -109.57 69.71
C LEU QC 114 33.44 -108.79 69.17
N GLY QC 115 32.73 -108.07 70.01
CA GLY QC 115 31.64 -107.24 69.55
C GLY QC 115 30.26 -107.63 70.03
N PHE QC 116 30.16 -108.32 71.16
CA PHE QC 116 28.88 -108.73 71.72
C PHE QC 116 28.69 -108.08 73.08
N LEU QC 117 27.49 -107.53 73.30
CA LEU QC 117 27.14 -106.91 74.57
C LEU QC 117 26.17 -107.83 75.32
N ASP QC 118 26.44 -108.04 76.61
CA ASP QC 118 25.60 -108.89 77.43
C ASP QC 118 24.81 -108.04 78.40
N PRO QC 119 23.49 -107.87 78.22
CA PRO QC 119 22.69 -107.10 79.19
C PRO QC 119 22.68 -107.70 80.59
N THR QC 120 23.15 -108.94 80.76
CA THR QC 120 23.14 -109.61 82.05
C THR QC 120 24.44 -109.45 82.82
N ALA QC 121 25.35 -108.58 82.35
CA ALA QC 121 26.63 -108.39 83.02
C ALA QC 121 26.42 -107.84 84.43
N ALA QC 122 27.27 -108.28 85.35
CA ALA QC 122 27.20 -107.87 86.75
C ALA QC 122 27.97 -106.57 86.93
N ILE QC 123 27.32 -105.47 86.59
CA ILE QC 123 27.90 -104.14 86.74
C ILE QC 123 27.51 -103.58 88.09
N VAL QC 124 28.50 -103.02 88.80
CA VAL QC 124 28.30 -102.54 90.16
C VAL QC 124 28.73 -101.08 90.25
N SER QC 125 28.21 -100.39 91.26
CA SER QC 125 28.52 -98.99 91.48
C SER QC 125 29.62 -98.84 92.52
N SER QC 126 30.11 -97.60 92.66
CA SER QC 126 31.18 -97.33 93.61
C SER QC 126 30.69 -97.32 95.05
N ASP QC 127 29.45 -96.90 95.29
CA ASP QC 127 28.92 -96.84 96.64
C ASP QC 127 28.76 -98.25 97.22
N THR QC 128 28.95 -98.35 98.53
CA THR QC 128 28.86 -99.62 99.23
C THR QC 128 27.62 -99.63 100.14
N THR QC 129 27.14 -100.84 100.41
CA THR QC 129 25.96 -101.02 101.25
C THR QC 129 26.32 -100.88 102.73
N ALA RC 1 60.17 -78.59 108.17
CA ALA RC 1 60.00 -79.35 106.94
C ALA RC 1 58.93 -78.71 106.05
N ASN RC 2 59.36 -77.81 105.19
CA ASN RC 2 58.43 -77.12 104.30
C ASN RC 2 57.96 -78.07 103.20
N LYS RC 3 56.75 -77.81 102.70
CA LYS RC 3 56.17 -78.67 101.67
C LYS RC 3 56.81 -78.38 100.33
N PRO RC 4 57.41 -79.38 99.67
CA PRO RC 4 57.98 -79.15 98.35
C PRO RC 4 56.91 -79.01 97.28
N MET RC 5 57.31 -78.47 96.13
CA MET RC 5 56.42 -78.29 94.99
C MET RC 5 56.91 -79.12 93.81
N GLN RC 6 56.05 -79.26 92.81
CA GLN RC 6 56.33 -79.87 91.52
C GLN RC 6 56.03 -78.89 90.40
N PRO RC 7 56.70 -78.99 89.26
CA PRO RC 7 56.48 -78.02 88.18
C PRO RC 7 55.18 -78.26 87.42
N ILE RC 8 54.32 -77.25 87.37
CA ILE RC 8 53.08 -77.37 86.60
C ILE RC 8 53.25 -76.92 85.16
N THR RC 9 54.19 -76.03 84.89
CA THR RC 9 54.45 -75.55 83.53
C THR RC 9 55.96 -75.47 83.34
N SER RC 10 56.48 -76.29 82.44
CA SER RC 10 57.93 -76.36 82.19
C SER RC 10 58.21 -75.89 80.78
N THR RC 11 59.12 -74.93 80.66
CA THR RC 11 59.52 -74.36 79.38
C THR RC 11 60.98 -73.92 79.49
N ALA RC 12 61.64 -73.82 78.34
CA ALA RC 12 63.04 -73.42 78.32
C ALA RC 12 63.22 -71.99 78.85
N ASN RC 13 62.14 -71.21 78.91
CA ASN RC 13 62.21 -69.84 79.36
C ASN RC 13 61.40 -69.55 80.61
N LYS RC 14 60.59 -70.49 81.09
CA LYS RC 14 59.73 -70.24 82.24
C LYS RC 14 59.32 -71.57 82.87
N ILE RC 15 59.49 -71.69 84.18
CA ILE RC 15 59.04 -72.85 84.94
C ILE RC 15 58.20 -72.37 86.11
N VAL RC 16 57.05 -73.00 86.31
CA VAL RC 16 56.10 -72.62 87.35
C VAL RC 16 55.91 -73.81 88.28
N TRP RC 17 56.07 -73.57 89.58
CA TRP RC 17 55.82 -74.58 90.60
C TRP RC 17 54.49 -74.34 91.28
N SER RC 18 53.97 -75.37 91.95
CA SER RC 18 52.70 -75.27 92.66
C SER RC 18 52.61 -76.38 93.69
N ASP RC 19 52.11 -76.02 94.88
CA ASP RC 19 51.99 -76.98 95.96
C ASP RC 19 50.80 -77.90 95.73
N PRO RC 20 50.99 -79.22 95.85
CA PRO RC 20 49.84 -80.13 95.69
C PRO RC 20 48.72 -79.87 96.68
N THR RC 21 49.05 -79.46 97.92
CA THR RC 21 48.01 -79.22 98.90
C THR RC 21 47.18 -77.99 98.55
N ARG RC 22 47.83 -76.87 98.23
CA ARG RC 22 47.15 -75.66 97.79
C ARG RC 22 47.67 -75.29 96.42
N LEU RC 23 46.83 -75.43 95.39
CA LEU RC 23 47.26 -75.13 94.03
C LEU RC 23 47.33 -73.62 93.81
N SER RC 24 46.79 -72.84 94.74
CA SER RC 24 46.73 -71.40 94.58
C SER RC 24 48.11 -70.76 94.71
N THR RC 25 48.96 -71.31 95.57
CA THR RC 25 50.29 -70.76 95.76
C THR RC 25 51.24 -71.30 94.69
N THR RC 26 51.95 -70.39 94.02
CA THR RC 26 52.85 -70.76 92.94
C THR RC 26 54.12 -69.92 93.02
N PHE RC 27 55.19 -70.46 92.45
CA PHE RC 27 56.47 -69.79 92.34
C PHE RC 27 57.03 -70.04 90.95
N SER RC 28 57.13 -68.98 90.15
CA SER RC 28 57.56 -69.11 88.76
C SER RC 28 58.79 -68.26 88.51
N ALA RC 29 59.70 -68.81 87.70
CA ALA RC 29 60.96 -68.15 87.35
C ALA RC 29 61.06 -68.04 85.85
N SER RC 30 61.40 -66.86 85.35
CA SER RC 30 61.56 -66.61 83.92
C SER RC 30 62.90 -65.96 83.67
N LEU RC 31 63.63 -66.47 82.69
CA LEU RC 31 64.94 -65.95 82.34
C LEU RC 31 64.93 -65.43 80.91
N LEU RC 32 65.42 -64.22 80.72
CA LEU RC 32 65.54 -63.60 79.41
C LEU RC 32 66.99 -63.24 79.17
N ARG RC 33 67.60 -63.86 78.16
CA ARG RC 33 69.03 -63.69 77.87
C ARG RC 33 69.20 -62.97 76.55
N GLN RC 34 69.96 -61.88 76.58
CA GLN RC 34 70.25 -61.09 75.38
C GLN RC 34 71.72 -60.73 75.36
N ARG RC 35 72.23 -60.48 74.16
CA ARG RC 35 73.58 -59.97 74.01
C ARG RC 35 73.57 -58.44 74.11
N VAL RC 36 74.48 -57.91 74.92
CA VAL RC 36 74.55 -56.47 75.16
C VAL RC 36 75.81 -55.92 74.50
N LYS RC 37 75.63 -54.88 73.69
CA LYS RC 37 76.72 -54.24 72.98
C LYS RC 37 77.31 -53.15 73.86
N VAL RC 38 78.52 -53.39 74.35
CA VAL RC 38 79.28 -52.41 75.12
C VAL RC 38 80.59 -52.18 74.39
N GLY RC 39 81.10 -50.96 74.49
CA GLY RC 39 82.31 -50.57 73.77
C GLY RC 39 83.45 -51.55 73.94
N ILE RC 40 84.02 -51.98 72.81
CA ILE RC 40 85.12 -52.94 72.71
C ILE RC 40 84.89 -54.15 73.62
N ALA RC 41 83.64 -54.59 73.71
CA ALA RC 41 83.31 -55.76 74.51
C ALA RC 41 82.06 -56.42 73.95
N GLU RC 42 81.97 -57.74 74.11
CA GLU RC 42 80.78 -58.51 73.71
C GLU RC 42 80.39 -59.39 74.89
N LEU RC 43 79.56 -58.84 75.78
CA LEU RC 43 79.09 -59.54 76.96
C LEU RC 43 77.58 -59.63 76.93
N ASN RC 44 77.06 -60.78 77.39
CA ASN RC 44 75.64 -61.09 77.29
C ASN RC 44 74.98 -61.06 78.67
N ASN RC 45 73.85 -60.37 78.76
CA ASN RC 45 73.14 -60.22 80.02
C ASN RC 45 72.11 -61.31 80.20
N VAL RC 46 71.81 -61.64 81.45
CA VAL RC 46 70.76 -62.57 81.81
C VAL RC 46 69.87 -61.88 82.83
N SER RC 47 68.58 -61.78 82.52
CA SER RC 47 67.60 -61.14 83.40
C SER RC 47 66.66 -62.21 83.94
N GLY RC 48 66.55 -62.28 85.26
CA GLY RC 48 65.71 -63.28 85.88
C GLY RC 48 64.58 -62.69 86.70
N GLN RC 49 63.35 -63.13 86.43
CA GLN RC 49 62.16 -62.65 87.12
C GLN RC 49 61.60 -63.79 87.97
N TYR RC 50 61.59 -63.60 89.28
CA TYR RC 50 61.09 -64.59 90.23
C TYR RC 50 59.92 -63.98 90.99
N VAL RC 51 58.76 -64.63 90.92
CA VAL RC 51 57.56 -64.16 91.59
C VAL RC 51 57.04 -65.26 92.50
N SER RC 52 56.59 -64.86 93.69
CA SER RC 52 55.96 -65.78 94.63
C SER RC 52 54.61 -65.21 95.05
N VAL RC 53 53.58 -66.05 94.97
CA VAL RC 53 52.22 -65.64 95.33
C VAL RC 53 51.66 -66.62 96.35
N TYR RC 54 51.02 -66.08 97.38
CA TYR RC 54 50.29 -66.88 98.36
C TYR RC 54 48.97 -66.18 98.63
N LYS RC 55 47.88 -66.93 98.54
CA LYS RC 55 46.55 -66.36 98.64
C LYS RC 55 46.04 -66.54 100.07
N ARG RC 56 46.66 -65.79 100.98
CA ARG RC 56 46.35 -65.91 102.39
C ARG RC 56 44.94 -65.43 102.68
N PRO RC 57 44.18 -66.13 103.52
CA PRO RC 57 42.85 -65.67 103.88
C PRO RC 57 42.89 -64.36 104.66
N ALA RC 58 41.83 -63.58 104.51
CA ALA RC 58 41.69 -62.34 105.25
C ALA RC 58 41.61 -62.65 106.75
N PRO RC 59 42.02 -61.74 107.62
CA PRO RC 59 42.11 -62.10 109.04
C PRO RC 59 40.74 -62.22 109.69
N LYS RC 60 40.56 -63.31 110.43
CA LYS RC 60 39.27 -63.65 110.99
C LYS RC 60 38.85 -62.60 112.02
N PRO RC 61 37.55 -62.26 112.09
CA PRO RC 61 37.09 -61.32 113.11
C PRO RC 61 37.31 -61.86 114.52
N GLU RC 62 37.44 -60.94 115.48
CA GLU RC 62 37.89 -61.27 116.82
C GLU RC 62 36.76 -61.88 117.63
N GLY RC 63 37.06 -62.96 118.36
CA GLY RC 63 36.16 -63.52 119.33
C GLY RC 63 35.06 -64.41 118.79
N CYS RC 64 35.09 -64.76 117.51
CA CYS RC 64 34.06 -65.60 116.91
C CYS RC 64 34.71 -66.83 116.28
N ALA RC 65 34.44 -67.99 116.87
CA ALA RC 65 34.84 -69.27 116.29
C ALA RC 65 33.75 -69.72 115.34
N ASP RC 66 33.76 -69.18 114.12
CA ASP RC 66 32.72 -69.49 113.15
C ASP RC 66 32.75 -70.97 112.78
N ALA RC 67 31.61 -71.46 112.30
CA ALA RC 67 31.49 -72.88 111.95
C ALA RC 67 32.46 -73.27 110.85
N CYS RC 68 32.47 -72.51 109.76
CA CYS RC 68 33.33 -72.81 108.62
C CYS RC 68 34.03 -71.54 108.16
N VAL RC 69 35.21 -71.72 107.56
CA VAL RC 69 35.96 -70.58 107.05
C VAL RC 69 35.31 -70.05 105.78
N ILE RC 70 34.92 -68.78 105.82
CA ILE RC 70 34.25 -68.13 104.69
C ILE RC 70 34.95 -66.81 104.39
N MET RC 71 36.19 -66.68 104.85
CA MET RC 71 36.90 -65.42 104.69
C MET RC 71 37.26 -65.19 103.23
N PRO RC 72 37.08 -63.97 102.71
CA PRO RC 72 37.45 -63.70 101.32
C PRO RC 72 38.93 -63.42 101.17
N ASN RC 73 39.72 -64.49 100.99
CA ASN RC 73 41.18 -64.42 100.94
C ASN RC 73 41.74 -63.32 100.04
N GLU RC 74 42.96 -62.88 100.36
CA GLU RC 74 43.62 -61.79 99.67
C GLU RC 74 44.84 -62.29 98.91
N ASN RC 75 45.56 -61.37 98.29
CA ASN RC 75 46.70 -61.72 97.44
C ASN RC 75 47.96 -61.16 98.07
N GLN RC 76 48.95 -62.02 98.28
CA GLN RC 76 50.28 -61.61 98.72
C GLN RC 76 51.28 -61.98 97.62
N SER RC 77 52.09 -61.02 97.19
CA SER RC 77 53.00 -61.22 96.08
C SER RC 77 54.37 -60.66 96.40
N ILE RC 78 55.41 -61.37 95.97
CA ILE RC 78 56.79 -60.91 96.06
C ILE RC 78 57.43 -61.13 94.70
N ARG RC 79 57.93 -60.06 94.09
CA ARG RC 79 58.50 -60.09 92.75
C ARG RC 79 59.92 -59.57 92.78
N THR RC 80 60.86 -60.36 92.29
CA THR RC 80 62.28 -60.02 92.30
C THR RC 80 62.86 -60.16 90.91
N VAL RC 81 63.59 -59.14 90.47
CA VAL RC 81 64.23 -59.13 89.16
C VAL RC 81 65.73 -58.97 89.37
N ILE RC 82 66.51 -59.88 88.81
CA ILE RC 82 67.97 -59.83 88.87
C ILE RC 82 68.49 -59.70 87.45
N SER RC 83 69.27 -58.66 87.20
CA SER RC 83 69.79 -58.36 85.87
C SER RC 83 71.29 -58.10 85.96
N GLY RC 84 72.05 -58.75 85.10
CA GLY RC 84 73.49 -58.54 85.08
C GLY RC 84 74.15 -59.52 84.14
N SER RC 85 75.39 -59.20 83.78
CA SER RC 85 76.15 -60.04 82.87
C SER RC 85 76.59 -61.32 83.57
N ALA RC 86 76.60 -62.43 82.83
CA ALA RC 86 77.04 -63.70 83.40
C ALA RC 86 78.54 -63.72 83.65
N GLU RC 87 79.27 -62.81 83.03
CA GLU RC 87 80.72 -62.74 83.25
C GLU RC 87 81.03 -62.30 84.68
N ASN RC 88 80.16 -61.46 85.26
CA ASN RC 88 80.34 -60.92 86.59
C ASN RC 88 79.43 -61.59 87.61
N LEU RC 89 79.27 -62.92 87.50
CA LEU RC 89 78.29 -63.61 88.34
C LEU RC 89 78.65 -63.55 89.81
N ALA RC 90 79.94 -63.59 90.14
CA ALA RC 90 80.34 -63.51 91.55
C ALA RC 90 79.95 -62.18 92.16
N THR RC 91 80.21 -61.08 91.45
CA THR RC 91 79.80 -59.78 91.93
C THR RC 91 78.29 -59.64 91.97
N LEU RC 92 77.58 -60.27 91.02
CA LEU RC 92 76.12 -60.24 91.06
C LEU RC 92 75.59 -60.98 92.28
N LYS RC 93 76.21 -62.10 92.64
CA LYS RC 93 75.80 -62.81 93.85
C LYS RC 93 76.10 -61.99 95.11
N ALA RC 94 77.24 -61.31 95.13
CA ALA RC 94 77.53 -60.42 96.25
C ALA RC 94 76.51 -59.30 96.35
N GLU RC 95 76.12 -58.74 95.20
CA GLU RC 95 75.07 -57.72 95.18
C GLU RC 95 73.75 -58.28 95.69
N TRP RC 96 73.44 -59.52 95.32
CA TRP RC 96 72.21 -60.16 95.80
C TRP RC 96 72.22 -60.31 97.31
N GLU RC 97 73.35 -60.74 97.86
CA GLU RC 97 73.45 -60.87 99.32
C GLU RC 97 73.29 -59.52 100.01
N THR RC 98 73.94 -58.49 99.47
CA THR RC 98 73.82 -57.16 100.05
C THR RC 98 72.39 -56.64 99.96
N HIS RC 99 71.73 -56.87 98.82
CA HIS RC 99 70.34 -56.45 98.66
C HIS RC 99 69.43 -57.17 99.64
N LYS RC 100 69.66 -58.48 99.84
CA LYS RC 100 68.87 -59.21 100.81
C LYS RC 100 69.05 -58.64 102.21
N ARG RC 101 70.30 -58.33 102.57
CA ARG RC 101 70.55 -57.78 103.91
C ARG RC 101 69.88 -56.42 104.07
N ASN RC 102 69.95 -55.57 103.06
CA ASN RC 102 69.33 -54.25 103.15
C ASN RC 102 67.80 -54.36 103.25
N VAL RC 103 67.20 -55.23 102.45
CA VAL RC 103 65.75 -55.40 102.50
C VAL RC 103 65.32 -55.99 103.83
N ASP RC 104 66.14 -56.88 104.39
CA ASP RC 104 65.85 -57.41 105.73
C ASP RC 104 65.92 -56.31 106.78
N THR RC 105 66.92 -55.41 106.65
CA THR RC 105 67.03 -54.31 107.59
C THR RC 105 65.82 -53.38 107.52
N LEU RC 106 65.38 -53.06 106.31
CA LEU RC 106 64.26 -52.12 106.17
C LEU RC 106 62.93 -52.78 106.52
N PHE RC 107 62.77 -54.06 106.20
CA PHE RC 107 61.47 -54.74 106.21
C PHE RC 107 61.37 -55.83 107.27
N ALA RC 108 62.31 -56.79 107.26
CA ALA RC 108 62.20 -57.93 108.17
C ALA RC 108 62.31 -57.49 109.63
N SER RC 109 63.24 -56.59 109.93
CA SER RC 109 63.41 -56.07 111.28
C SER RC 109 62.93 -54.63 111.42
N GLY RC 110 62.45 -54.02 110.35
CA GLY RC 110 61.93 -52.67 110.38
C GLY RC 110 60.43 -52.62 110.30
N ASN RC 111 59.91 -51.42 110.06
CA ASN RC 111 58.47 -51.21 109.98
C ASN RC 111 58.05 -50.75 108.59
N ALA RC 112 58.78 -51.21 107.56
CA ALA RC 112 58.41 -50.87 106.20
C ALA RC 112 57.11 -51.54 105.80
N GLY RC 113 56.80 -52.69 106.40
CA GLY RC 113 55.57 -53.39 106.07
C GLY RC 113 54.33 -52.65 106.52
N LEU RC 114 54.46 -51.80 107.54
CA LEU RC 114 53.32 -51.00 107.97
C LEU RC 114 53.25 -49.67 107.23
N GLY RC 115 54.32 -49.31 106.51
CA GLY RC 115 54.33 -48.09 105.73
C GLY RC 115 55.37 -47.07 106.13
N PHE RC 116 56.30 -47.41 107.00
CA PHE RC 116 57.26 -46.44 107.49
C PHE RC 116 58.63 -46.64 106.84
N LEU RC 117 59.19 -45.57 106.31
CA LEU RC 117 60.53 -45.57 105.73
C LEU RC 117 61.46 -44.86 106.70
N ASP RC 118 62.18 -45.63 107.49
CA ASP RC 118 63.09 -45.07 108.49
C ASP RC 118 64.33 -44.52 107.81
N PRO RC 119 64.63 -43.23 107.94
CA PRO RC 119 65.84 -42.69 107.29
C PRO RC 119 67.11 -42.87 108.09
N THR RC 120 67.04 -43.45 109.29
CA THR RC 120 68.23 -43.72 110.09
C THR RC 120 68.68 -45.18 110.03
N ALA RC 121 68.11 -45.96 109.11
CA ALA RC 121 68.45 -47.38 109.02
C ALA RC 121 69.89 -47.56 108.56
N ALA RC 122 70.50 -48.67 108.98
CA ALA RC 122 71.89 -48.97 108.67
C ALA RC 122 71.95 -49.75 107.37
N ILE RC 123 72.10 -49.04 106.27
CA ILE RC 123 72.24 -49.65 104.95
C ILE RC 123 73.72 -49.81 104.64
N VAL RC 124 74.10 -50.97 104.11
CA VAL RC 124 75.49 -51.28 103.82
C VAL RC 124 75.61 -51.73 102.38
N SER RC 125 76.78 -51.49 101.79
CA SER RC 125 77.00 -51.77 100.38
C SER RC 125 77.74 -53.09 100.20
N SER RC 126 77.86 -53.50 98.93
CA SER RC 126 78.56 -54.74 98.62
C SER RC 126 80.06 -54.62 98.81
N ASP RC 127 80.62 -53.42 98.59
CA ASP RC 127 82.05 -53.22 98.78
C ASP RC 127 82.40 -53.28 100.26
N THR RC 128 83.60 -53.79 100.55
CA THR RC 128 84.08 -53.93 101.91
C THR RC 128 85.33 -53.06 102.12
N THR RC 129 85.63 -52.81 103.39
CA THR RC 129 86.79 -52.01 103.74
C THR RC 129 87.95 -52.90 104.17
N ALA SC 1 40.94 141.31 -17.71
CA ALA SC 1 39.75 141.14 -16.89
C ALA SC 1 39.18 139.74 -17.05
N ASN SC 2 39.37 138.91 -16.03
CA ASN SC 2 38.85 137.54 -16.08
C ASN SC 2 37.42 137.50 -15.58
N LYS SC 3 36.65 136.55 -16.09
CA LYS SC 3 35.22 136.51 -15.83
C LYS SC 3 34.94 136.04 -14.41
N PRO SC 4 34.22 136.82 -13.60
CA PRO SC 4 33.84 136.34 -12.26
C PRO SC 4 32.99 135.09 -12.34
N MET SC 5 33.14 134.23 -11.35
CA MET SC 5 32.50 132.92 -11.33
C MET SC 5 31.86 132.69 -9.96
N GLN SC 6 30.59 132.29 -9.97
CA GLN SC 6 29.79 132.24 -8.75
C GLN SC 6 29.43 130.81 -8.38
N PRO SC 7 29.21 130.52 -7.10
CA PRO SC 7 29.02 129.12 -6.68
C PRO SC 7 27.66 128.58 -7.07
N ILE SC 8 27.57 127.26 -7.12
CA ILE SC 8 26.29 126.58 -7.32
C ILE SC 8 25.92 125.67 -6.14
N THR SC 9 26.90 125.17 -5.39
CA THR SC 9 26.64 124.36 -4.20
C THR SC 9 27.51 124.89 -3.07
N SER SC 10 26.88 125.17 -1.93
CA SER SC 10 27.57 125.73 -0.79
C SER SC 10 27.35 124.85 0.44
N THR SC 11 28.45 124.51 1.11
CA THR SC 11 28.41 123.70 2.32
C THR SC 11 29.66 124.03 3.13
N ALA SC 12 29.57 123.82 4.45
CA ALA SC 12 30.71 124.10 5.31
C ALA SC 12 31.90 123.20 5.00
N ASN SC 13 31.66 122.10 4.31
CA ASN SC 13 32.71 121.14 3.99
C ASN SC 13 33.06 121.11 2.50
N LYS SC 14 32.31 121.81 1.66
CA LYS SC 14 32.56 121.79 0.22
C LYS SC 14 31.81 122.94 -0.43
N ILE SC 15 32.49 123.67 -1.32
CA ILE SC 15 31.87 124.70 -2.14
C ILE SC 15 32.31 124.47 -3.59
N VAL SC 16 31.36 124.52 -4.51
CA VAL SC 16 31.63 124.31 -5.93
C VAL SC 16 31.23 125.57 -6.67
N TRP SC 17 32.15 126.11 -7.47
CA TRP SC 17 31.91 127.28 -8.29
C TRP SC 17 31.83 126.87 -9.75
N SER SC 18 30.86 127.43 -10.48
CA SER SC 18 30.69 127.14 -11.90
C SER SC 18 30.48 128.44 -12.66
N ASP SC 19 31.07 128.52 -13.84
CA ASP SC 19 30.94 129.72 -14.66
C ASP SC 19 29.53 129.80 -15.24
N PRO SC 20 28.84 130.94 -15.08
CA PRO SC 20 27.47 131.04 -15.61
C PRO SC 20 27.39 130.84 -17.11
N THR SC 21 28.39 131.29 -17.86
CA THR SC 21 28.39 131.10 -19.31
C THR SC 21 28.72 129.67 -19.72
N ARG SC 22 29.55 128.97 -18.94
CA ARG SC 22 29.87 127.57 -19.23
C ARG SC 22 29.89 126.79 -17.92
N LEU SC 23 28.77 126.13 -17.59
CA LEU SC 23 28.66 125.43 -16.32
C LEU SC 23 29.62 124.24 -16.25
N SER SC 24 30.12 123.80 -17.40
CA SER SC 24 31.09 122.71 -17.41
C SER SC 24 32.40 123.09 -16.74
N THR SC 25 32.73 124.37 -16.65
CA THR SC 25 33.92 124.82 -15.95
C THR SC 25 33.62 124.91 -14.46
N THR SC 26 34.29 124.08 -13.66
CA THR SC 26 34.01 123.98 -12.24
C THR SC 26 35.29 124.16 -11.44
N PHE SC 27 35.13 124.61 -10.20
CA PHE SC 27 36.22 124.73 -9.24
C PHE SC 27 35.66 124.42 -7.86
N SER SC 28 36.19 123.39 -7.21
CA SER SC 28 35.67 122.92 -5.94
C SER SC 28 36.77 122.90 -4.89
N ALA SC 29 36.37 123.16 -3.65
CA ALA SC 29 37.27 123.13 -2.50
C ALA SC 29 36.60 122.37 -1.37
N SER SC 30 37.28 121.36 -0.84
CA SER SC 30 36.75 120.52 0.22
C SER SC 30 37.77 120.44 1.34
N LEU SC 31 37.32 120.65 2.57
CA LEU SC 31 38.19 120.60 3.75
C LEU SC 31 37.84 119.40 4.60
N LEU SC 32 38.87 118.64 4.98
CA LEU SC 32 38.71 117.51 5.88
C LEU SC 32 39.69 117.71 7.04
N ARG SC 33 39.16 117.74 8.26
CA ARG SC 33 39.92 118.12 9.43
C ARG SC 33 39.96 116.98 10.44
N GLN SC 34 41.14 116.72 10.99
CA GLN SC 34 41.33 115.68 12.01
C GLN SC 34 42.18 116.25 13.15
N ARG SC 35 42.31 115.46 14.20
CA ARG SC 35 43.22 115.74 15.30
C ARG SC 35 44.33 114.70 15.30
N VAL SC 36 45.58 115.16 15.29
CA VAL SC 36 46.74 114.28 15.23
C VAL SC 36 47.63 114.57 16.43
N LYS SC 37 48.01 113.52 17.15
CA LYS SC 37 48.85 113.64 18.33
C LYS SC 37 50.30 113.46 17.91
N VAL SC 38 50.91 114.56 17.46
CA VAL SC 38 52.30 114.52 17.03
C VAL SC 38 53.25 114.57 18.21
N GLY SC 39 53.09 115.57 19.08
CA GLY SC 39 54.02 115.85 20.14
C GLY SC 39 53.38 115.81 21.51
N ILE SC 40 52.54 114.80 21.74
CA ILE SC 40 51.66 114.61 22.89
C ILE SC 40 50.81 115.85 23.08
N ALA SC 41 50.66 116.62 21.99
CA ALA SC 41 49.73 117.74 21.93
C ALA SC 41 48.89 117.57 20.68
N GLU SC 42 47.58 117.82 20.81
CA GLU SC 42 46.64 117.52 19.73
C GLU SC 42 46.66 118.67 18.71
N LEU SC 43 47.49 118.50 17.69
CA LEU SC 43 47.51 119.45 16.58
C LEU SC 43 46.34 119.20 15.65
N ASN SC 44 45.77 120.28 15.13
CA ASN SC 44 44.60 120.21 14.25
C ASN SC 44 45.02 120.45 12.80
N ASN SC 45 45.18 119.35 12.07
CA ASN SC 45 45.56 119.46 10.67
C ASN SC 45 44.34 119.69 9.78
N VAL SC 46 44.58 120.29 8.62
CA VAL SC 46 43.55 120.54 7.63
C VAL SC 46 44.03 120.00 6.29
N SER SC 47 43.21 119.18 5.65
CA SER SC 47 43.54 118.58 4.36
C SER SC 47 42.58 119.16 3.32
N GLY SC 48 42.99 120.27 2.70
CA GLY SC 48 42.15 120.95 1.73
C GLY SC 48 42.43 120.48 0.32
N GLN SC 49 41.39 119.97 -0.32
CA GLN SC 49 41.48 119.48 -1.69
C GLN SC 49 40.84 120.50 -2.62
N TYR SC 50 41.59 120.94 -3.62
CA TYR SC 50 41.13 121.93 -4.58
C TYR SC 50 41.19 121.33 -5.97
N VAL SC 51 40.05 121.29 -6.66
CA VAL SC 51 39.95 120.66 -7.97
C VAL SC 51 39.40 121.69 -8.95
N SER SC 52 40.15 121.94 -10.02
CA SER SC 52 39.71 122.80 -11.11
C SER SC 52 39.55 121.96 -12.37
N VAL SC 53 38.36 122.00 -12.97
CA VAL SC 53 38.01 121.14 -14.09
C VAL SC 53 37.56 122.01 -15.24
N TYR SC 54 38.10 121.75 -16.43
CA TYR SC 54 37.69 122.40 -17.66
C TYR SC 54 37.54 121.36 -18.76
N LYS SC 55 36.35 121.27 -19.33
CA LYS SC 55 36.11 120.40 -20.48
C LYS SC 55 36.37 121.23 -21.72
N ARG SC 56 37.51 120.97 -22.36
CA ARG SC 56 38.00 121.78 -23.47
C ARG SC 56 37.81 121.02 -24.77
N PRO SC 57 37.22 121.64 -25.79
CA PRO SC 57 37.03 120.94 -27.07
C PRO SC 57 38.24 121.03 -27.98
N ALA SC 58 38.81 119.87 -28.30
CA ALA SC 58 40.04 119.79 -29.08
C ALA SC 58 39.89 118.83 -30.25
N PRO SC 59 39.04 119.15 -31.23
CA PRO SC 59 39.18 118.48 -32.53
C PRO SC 59 40.50 118.78 -33.18
N LYS SC 60 41.04 119.98 -32.92
CA LYS SC 60 42.30 120.49 -33.40
C LYS SC 60 42.44 120.35 -34.91
N PRO SC 61 41.56 120.98 -35.70
CA PRO SC 61 41.73 120.96 -37.16
C PRO SC 61 42.81 121.94 -37.57
N GLU SC 62 43.98 121.42 -37.93
CA GLU SC 62 45.13 122.25 -38.21
C GLU SC 62 44.91 123.06 -39.49
N GLY SC 63 44.65 124.35 -39.30
CA GLY SC 63 44.52 125.27 -40.41
C GLY SC 63 43.14 125.74 -40.83
N CYS SC 64 42.14 124.86 -40.74
CA CYS SC 64 40.85 125.22 -41.30
C CYS SC 64 39.74 124.89 -40.31
N ALA SC 65 38.80 125.84 -40.17
CA ALA SC 65 37.53 125.65 -39.49
C ALA SC 65 36.46 126.34 -40.30
N ASP SC 66 35.34 125.65 -40.53
CA ASP SC 66 34.42 126.19 -41.52
C ASP SC 66 33.04 126.56 -40.97
N ALA SC 67 32.39 125.67 -40.23
CA ALA SC 67 31.01 125.89 -39.84
C ALA SC 67 30.77 125.30 -38.46
N CYS SC 68 29.49 125.18 -38.09
CA CYS SC 68 29.10 124.66 -36.79
C CYS SC 68 29.24 123.15 -36.79
N VAL SC 69 30.36 122.65 -36.27
CA VAL SC 69 30.62 121.22 -36.15
C VAL SC 69 30.58 120.88 -34.66
N ILE SC 70 30.05 119.71 -34.33
CA ILE SC 70 30.02 119.27 -32.94
C ILE SC 70 31.44 119.14 -32.40
N MET SC 71 31.67 119.73 -31.23
CA MET SC 71 32.96 119.63 -30.58
C MET SC 71 33.00 118.38 -29.69
N PRO SC 72 33.90 117.43 -29.97
CA PRO SC 72 34.18 116.39 -28.98
C PRO SC 72 35.06 116.95 -27.87
N ASN SC 73 34.81 116.55 -26.63
CA ASN SC 73 35.40 117.22 -25.47
C ASN SC 73 36.38 116.30 -24.75
N GLU SC 74 37.46 116.89 -24.27
CA GLU SC 74 38.40 116.24 -23.35
C GLU SC 74 38.39 117.00 -22.03
N ASN SC 75 38.84 116.33 -20.97
CA ASN SC 75 38.79 116.88 -19.62
C ASN SC 75 40.19 117.34 -19.21
N GLN SC 76 40.30 118.60 -18.82
CA GLN SC 76 41.53 119.14 -18.24
C GLN SC 76 41.28 119.39 -16.76
N SER SC 77 42.04 118.73 -15.91
CA SER SC 77 41.83 118.80 -14.47
C SER SC 77 43.14 119.07 -13.74
N ILE SC 78 43.06 119.88 -12.69
CA ILE SC 78 44.18 120.16 -11.81
C ILE SC 78 43.70 119.97 -10.38
N ARG SC 79 44.32 119.05 -9.65
CA ARG SC 79 43.95 118.74 -8.27
C ARG SC 79 45.11 119.09 -7.36
N THR SC 80 44.81 119.78 -6.27
CA THR SC 80 45.80 120.14 -5.27
C THR SC 80 45.28 119.82 -3.88
N VAL SC 81 46.09 119.11 -3.10
CA VAL SC 81 45.77 118.80 -1.71
C VAL SC 81 46.88 119.34 -0.83
N ILE SC 82 46.52 120.18 0.13
CA ILE SC 82 47.46 120.80 1.05
C ILE SC 82 47.15 120.29 2.45
N SER SC 83 48.14 119.66 3.08
CA SER SC 83 47.95 119.03 4.38
C SER SC 83 48.98 119.59 5.34
N GLY SC 84 48.53 119.98 6.53
CA GLY SC 84 49.42 120.49 7.56
C GLY SC 84 48.69 121.01 8.78
N SER SC 85 49.40 121.15 9.88
CA SER SC 85 48.78 121.65 11.10
C SER SC 85 48.42 123.13 10.95
N ALA SC 86 47.30 123.50 11.56
CA ALA SC 86 46.85 124.90 11.48
C ALA SC 86 47.81 125.83 12.22
N GLU SC 87 48.56 125.30 13.19
CA GLU SC 87 49.44 126.12 13.99
C GLU SC 87 50.68 126.53 13.23
N ASN SC 88 50.92 125.94 12.06
CA ASN SC 88 52.08 126.23 11.22
C ASN SC 88 51.64 126.82 9.88
N LEU SC 89 50.71 127.77 9.92
CA LEU SC 89 50.14 128.32 8.69
C LEU SC 89 51.19 129.08 7.88
N ALA SC 90 52.06 129.84 8.55
CA ALA SC 90 53.07 130.61 7.83
C ALA SC 90 54.03 129.67 7.08
N THR SC 91 54.47 128.61 7.75
CA THR SC 91 55.31 127.61 7.11
C THR SC 91 54.57 126.92 5.97
N LEU SC 92 53.30 126.61 6.14
CA LEU SC 92 52.54 125.97 5.06
C LEU SC 92 52.41 126.89 3.86
N LYS SC 93 52.23 128.19 4.10
CA LYS SC 93 52.16 129.15 3.00
C LYS SC 93 53.50 129.27 2.27
N ALA SC 94 54.59 129.26 3.02
CA ALA SC 94 55.91 129.26 2.38
C ALA SC 94 56.10 127.99 1.55
N GLU SC 95 55.64 126.85 2.06
CA GLU SC 95 55.69 125.61 1.30
C GLU SC 95 54.87 125.72 0.02
N TRP SC 96 53.69 126.34 0.10
CA TRP SC 96 52.86 126.53 -1.08
C TRP SC 96 53.58 127.39 -2.12
N GLU SC 97 54.23 128.46 -1.66
CA GLU SC 97 54.97 129.32 -2.59
C GLU SC 97 56.10 128.58 -3.27
N THR SC 98 56.89 127.83 -2.50
CA THR SC 98 58.01 127.12 -3.11
C THR SC 98 57.53 125.97 -4.00
N HIS SC 99 56.39 125.36 -3.66
CA HIS SC 99 55.81 124.34 -4.51
C HIS SC 99 55.36 124.93 -5.85
N LYS SC 100 54.74 126.12 -5.79
CA LYS SC 100 54.37 126.80 -7.03
C LYS SC 100 55.59 127.09 -7.87
N ARG SC 101 56.66 127.58 -7.24
CA ARG SC 101 57.88 127.88 -7.98
C ARG SC 101 58.47 126.63 -8.63
N ASN SC 102 58.50 125.53 -7.89
CA ASN SC 102 59.07 124.28 -8.44
C ASN SC 102 58.23 123.75 -9.59
N VAL SC 103 56.90 123.74 -9.43
CA VAL SC 103 56.04 123.24 -10.49
C VAL SC 103 56.15 124.14 -11.72
N ASP SC 104 56.30 125.45 -11.51
CA ASP SC 104 56.52 126.35 -12.64
C ASP SC 104 57.82 126.02 -13.35
N THR SC 105 58.89 125.78 -12.59
CA THR SC 105 60.18 125.45 -13.19
C THR SC 105 60.08 124.19 -14.04
N LEU SC 106 59.38 123.17 -13.54
CA LEU SC 106 59.28 121.93 -14.32
C LEU SC 106 58.29 122.03 -15.48
N PHE SC 107 57.22 122.82 -15.33
CA PHE SC 107 56.08 122.72 -16.23
C PHE SC 107 55.89 123.98 -17.06
N ALA SC 108 55.76 125.15 -16.42
CA ALA SC 108 55.47 126.37 -17.15
C ALA SC 108 56.62 126.76 -18.07
N SER SC 109 57.86 126.64 -17.58
CA SER SC 109 59.04 126.94 -18.36
C SER SC 109 59.73 125.71 -18.89
N GLY SC 110 59.24 124.51 -18.59
CA GLY SC 110 59.84 123.28 -19.05
C GLY SC 110 58.99 122.56 -20.08
N ASN SC 111 59.23 121.26 -20.19
CA ASN SC 111 58.52 120.41 -21.14
C ASN SC 111 57.83 119.24 -20.46
N ALA SC 112 57.49 119.39 -19.18
CA ALA SC 112 56.86 118.30 -18.45
C ALA SC 112 55.46 118.00 -18.95
N GLY SC 113 54.79 119.00 -19.54
CA GLY SC 113 53.45 118.78 -20.04
C GLY SC 113 53.42 117.82 -21.22
N LEU SC 114 54.54 117.70 -21.93
CA LEU SC 114 54.61 116.82 -23.08
C LEU SC 114 55.13 115.44 -22.68
N GLY SC 115 55.35 115.23 -21.40
CA GLY SC 115 55.87 113.95 -20.93
C GLY SC 115 57.39 113.89 -20.91
N PHE SC 116 58.03 114.89 -20.32
CA PHE SC 116 59.48 114.96 -20.27
C PHE SC 116 59.93 115.29 -18.85
N LEU SC 117 61.10 114.76 -18.48
CA LEU SC 117 61.72 115.08 -17.20
C LEU SC 117 63.11 115.67 -17.46
N ASP SC 118 63.43 116.76 -16.77
CA ASP SC 118 64.72 117.38 -16.90
C ASP SC 118 65.47 117.24 -15.58
N PRO SC 119 66.43 116.31 -15.48
CA PRO SC 119 67.17 116.16 -14.22
C PRO SC 119 68.01 117.38 -13.85
N THR SC 120 68.31 118.26 -14.81
CA THR SC 120 69.11 119.44 -14.56
C THR SC 120 68.27 120.65 -14.18
N ALA SC 121 66.96 120.48 -13.98
CA ALA SC 121 66.11 121.59 -13.60
C ALA SC 121 66.49 122.12 -12.23
N ALA SC 122 66.33 123.44 -12.05
CA ALA SC 122 66.72 124.10 -10.81
C ALA SC 122 65.56 124.06 -9.83
N ILE SC 123 65.67 123.17 -8.86
CA ILE SC 123 64.68 123.02 -7.80
C ILE SC 123 65.23 123.61 -6.51
N VAL SC 124 64.42 124.44 -5.85
CA VAL SC 124 64.85 125.13 -4.64
C VAL SC 124 63.86 124.85 -3.52
N SER SC 125 64.33 124.89 -2.28
CA SER SC 125 63.53 124.56 -1.13
C SER SC 125 62.99 125.81 -0.45
N SER SC 126 62.10 125.60 0.51
CA SER SC 126 61.52 126.71 1.25
C SER SC 126 62.53 127.37 2.19
N ASP SC 127 63.52 126.61 2.65
CA ASP SC 127 64.53 127.18 3.54
C ASP SC 127 65.43 128.14 2.78
N THR SC 128 65.92 129.15 3.49
CA THR SC 128 66.77 130.18 2.91
C THR SC 128 68.17 130.10 3.50
N THR SC 129 69.14 130.62 2.76
CA THR SC 129 70.53 130.61 3.19
C THR SC 129 70.83 131.83 4.06
N ALA TC 1 37.70 142.79 26.03
CA ALA TC 1 37.60 142.46 24.61
C ALA TC 1 37.91 141.00 24.36
N ASN TC 2 36.87 140.16 24.44
CA ASN TC 2 37.06 138.73 24.23
C ASN TC 2 37.30 138.44 22.75
N LYS TC 3 38.01 137.36 22.49
CA LYS TC 3 38.30 136.97 21.11
C LYS TC 3 37.03 136.47 20.43
N PRO TC 4 36.73 136.91 19.22
CA PRO TC 4 35.52 136.43 18.54
C PRO TC 4 35.74 135.06 17.91
N MET TC 5 34.62 134.39 17.65
CA MET TC 5 34.62 133.11 16.96
C MET TC 5 33.94 133.24 15.61
N GLN TC 6 34.16 132.22 14.77
CA GLN TC 6 33.50 132.11 13.48
C GLN TC 6 32.91 130.71 13.33
N PRO TC 7 31.80 130.57 12.60
CA PRO TC 7 31.23 129.22 12.41
C PRO TC 7 32.10 128.39 11.49
N ILE TC 8 32.40 127.17 11.93
CA ILE TC 8 33.27 126.25 11.21
C ILE TC 8 32.46 125.18 10.48
N THR TC 9 31.45 124.63 11.13
CA THR TC 9 30.51 123.70 10.51
C THR TC 9 29.10 124.25 10.64
N SER TC 10 28.40 124.32 9.51
CA SER TC 10 27.11 125.00 9.47
C SER TC 10 26.02 124.02 9.04
N THR TC 11 25.08 123.79 9.94
CA THR TC 11 23.87 123.02 9.65
C THR TC 11 22.73 123.61 10.46
N ALA TC 12 21.54 123.64 9.87
CA ALA TC 12 20.40 124.20 10.57
C ALA TC 12 20.05 123.39 11.81
N ASN TC 13 20.36 122.09 11.80
CA ASN TC 13 20.18 121.29 12.99
C ASN TC 13 21.18 121.64 14.09
N LYS TC 14 22.44 121.88 13.72
CA LYS TC 14 23.47 122.21 14.70
C LYS TC 14 24.55 123.07 14.05
N ILE TC 15 25.02 124.08 14.78
CA ILE TC 15 26.12 124.93 14.35
C ILE TC 15 27.16 124.94 15.46
N VAL TC 16 28.42 124.74 15.08
CA VAL TC 16 29.53 124.75 16.02
C VAL TC 16 30.46 125.90 15.66
N TRP TC 17 30.83 126.69 16.66
CA TRP TC 17 31.76 127.80 16.49
C TRP TC 17 33.16 127.37 16.93
N SER TC 18 34.16 128.10 16.47
CA SER TC 18 35.54 127.77 16.79
C SER TC 18 36.37 129.04 16.87
N ASP TC 19 37.44 128.98 17.64
CA ASP TC 19 38.36 130.09 17.77
C ASP TC 19 39.49 129.93 16.75
N PRO TC 20 39.69 130.89 15.84
CA PRO TC 20 40.76 130.75 14.86
C PRO TC 20 42.14 130.61 15.47
N THR TC 21 42.42 131.27 16.58
CA THR TC 21 43.73 131.16 17.22
C THR TC 21 43.89 129.88 18.02
N ARG TC 22 42.81 129.32 18.57
CA ARG TC 22 42.87 128.07 19.31
C ARG TC 22 41.69 127.22 18.86
N LEU TC 23 41.95 126.30 17.93
CA LEU TC 23 40.87 125.51 17.34
C LEU TC 23 40.25 124.53 18.34
N SER TC 24 40.87 124.33 19.49
CA SER TC 24 40.31 123.41 20.49
C SER TC 24 39.14 124.01 21.24
N THR TC 25 38.91 125.32 21.14
CA THR TC 25 37.78 125.97 21.79
C THR TC 25 36.58 125.95 20.85
N THR TC 26 35.53 125.26 21.26
CA THR TC 26 34.34 125.10 20.43
C THR TC 26 33.09 125.42 21.24
N PHE TC 27 32.07 125.91 20.54
CA PHE TC 27 30.76 126.17 21.12
C PHE TC 27 29.71 125.66 20.15
N SER TC 28 28.94 124.65 20.57
CA SER TC 28 27.98 123.99 19.71
C SER TC 28 26.57 124.30 20.19
N ALA TC 29 25.67 124.54 19.23
CA ALA TC 29 24.27 124.80 19.52
C ALA TC 29 23.42 123.96 18.57
N SER TC 30 22.66 123.03 19.13
CA SER TC 30 21.82 122.13 18.34
C SER TC 30 20.39 122.24 18.86
N LEU TC 31 19.44 122.45 17.94
CA LEU TC 31 18.03 122.53 18.27
C LEU TC 31 17.30 121.36 17.67
N LEU TC 32 16.48 120.69 18.48
CA LEU TC 32 15.61 119.60 18.03
C LEU TC 32 14.17 120.00 18.33
N ARG TC 33 13.33 119.99 17.30
CA ARG TC 33 11.95 120.44 17.42
C ARG TC 33 11.00 119.29 17.08
N GLN TC 34 10.00 119.10 17.94
CA GLN TC 34 9.01 118.06 17.75
C GLN TC 34 7.65 118.62 18.16
N ARG TC 35 6.60 118.15 17.49
CA ARG TC 35 5.24 118.61 17.73
C ARG TC 35 4.61 117.72 18.79
N VAL TC 36 4.94 117.97 20.05
CA VAL TC 36 4.39 117.21 21.16
C VAL TC 36 3.16 117.96 21.69
N LYS TC 37 1.98 117.39 21.47
CA LYS TC 37 0.75 118.09 21.82
C LYS TC 37 0.16 117.55 23.12
N VAL TC 38 -0.20 118.46 24.02
CA VAL TC 38 -0.96 118.12 25.21
C VAL TC 38 -2.43 118.04 24.80
N GLY TC 39 -3.28 117.54 25.69
CA GLY TC 39 -4.68 117.35 25.40
C GLY TC 39 -5.36 118.58 24.83
N ILE TC 40 -6.10 118.40 23.73
CA ILE TC 40 -6.88 119.42 23.04
C ILE TC 40 -6.11 120.71 22.84
N ALA TC 41 -4.80 120.61 22.67
CA ALA TC 41 -3.97 121.80 22.43
C ALA TC 41 -2.83 121.41 21.49
N GLU TC 42 -2.30 122.42 20.81
CA GLU TC 42 -1.18 122.27 19.90
C GLU TC 42 0.01 123.03 20.44
N LEU TC 43 1.17 122.36 20.53
CA LEU TC 43 2.37 122.96 21.11
C LEU TC 43 3.57 122.57 20.27
N ASN TC 44 4.46 123.54 20.04
CA ASN TC 44 5.73 123.31 19.35
C ASN TC 44 6.85 123.30 20.38
N ASN TC 45 7.47 122.14 20.56
CA ASN TC 45 8.48 121.94 21.57
C ASN TC 45 9.87 121.98 20.93
N VAL TC 46 10.79 122.69 21.57
CA VAL TC 46 12.16 122.83 21.09
C VAL TC 46 13.08 122.40 22.23
N SER TC 47 14.09 121.60 21.90
CA SER TC 47 15.10 121.18 22.86
C SER TC 47 16.44 121.78 22.44
N GLY TC 48 16.93 122.75 23.22
CA GLY TC 48 18.14 123.45 22.86
C GLY TC 48 19.35 123.02 23.65
N GLN TC 49 20.25 122.29 22.99
CA GLN TC 49 21.46 121.78 23.63
C GLN TC 49 22.63 122.66 23.22
N TYR TC 50 23.33 123.21 24.21
CA TYR TC 50 24.48 124.08 24.00
C TYR TC 50 25.68 123.50 24.72
N VAL TC 51 26.76 123.27 23.98
CA VAL TC 51 27.97 122.65 24.52
C VAL TC 51 29.15 123.58 24.30
N SER TC 52 29.89 123.86 25.36
CA SER TC 52 31.12 124.63 25.29
C SER TC 52 32.28 123.78 25.78
N VAL TC 53 33.32 123.68 24.96
CA VAL TC 53 34.45 122.82 25.22
C VAL TC 53 35.72 123.64 25.18
N TYR TC 54 36.56 123.51 26.21
CA TYR TC 54 37.84 124.17 26.29
C TYR TC 54 38.87 123.19 26.86
N LYS TC 55 40.04 123.14 26.23
CA LYS TC 55 41.12 122.27 26.68
C LYS TC 55 42.20 123.14 27.32
N ARG TC 56 42.20 123.20 28.65
CA ARG TC 56 43.10 124.06 29.41
C ARG TC 56 44.24 123.25 29.99
N PRO TC 57 45.47 123.74 29.90
CA PRO TC 57 46.61 123.01 30.47
C PRO TC 57 46.49 122.90 31.98
N ALA TC 58 47.05 121.81 32.51
CA ALA TC 58 47.03 121.56 33.94
C ALA TC 58 47.80 122.65 34.67
N PRO TC 59 47.49 122.91 35.94
CA PRO TC 59 48.21 123.96 36.67
C PRO TC 59 49.67 123.61 36.90
N LYS TC 60 50.55 124.61 36.77
CA LYS TC 60 51.98 124.42 36.96
C LYS TC 60 52.33 124.45 38.44
N PRO TC 61 53.46 123.85 38.84
CA PRO TC 61 53.91 123.97 40.23
C PRO TC 61 54.01 125.43 40.66
N GLU TC 62 53.52 125.72 41.87
CA GLU TC 62 53.28 127.11 42.26
C GLU TC 62 54.58 127.88 42.45
N GLY TC 63 55.58 127.26 43.08
CA GLY TC 63 56.73 128.01 43.54
C GLY TC 63 57.84 128.25 42.54
N CYS TC 64 57.50 128.65 41.32
CA CYS TC 64 58.48 129.02 40.31
C CYS TC 64 57.80 129.62 39.09
N ALA TC 65 58.56 130.42 38.35
CA ALA TC 65 58.10 131.02 37.11
C ALA TC 65 58.79 130.46 35.88
N ASP TC 66 58.99 129.14 35.80
CA ASP TC 66 59.77 128.54 34.72
C ASP TC 66 59.23 128.97 33.36
N ALA TC 67 60.16 129.17 32.42
CA ALA TC 67 59.83 129.78 31.13
C ALA TC 67 58.83 128.96 30.33
N CYS TC 68 59.22 127.77 29.91
CA CYS TC 68 58.39 126.96 29.02
C CYS TC 68 58.48 125.49 29.39
N VAL TC 69 57.46 125.02 30.12
CA VAL TC 69 57.24 123.60 30.37
C VAL TC 69 55.78 123.31 30.09
N ILE TC 70 55.50 122.57 29.03
CA ILE TC 70 54.14 122.37 28.55
C ILE TC 70 53.64 121.02 29.04
N MET TC 71 52.47 121.02 29.67
CA MET TC 71 51.85 119.80 30.21
C MET TC 71 50.53 119.53 29.51
N PRO TC 72 50.07 118.27 29.48
CA PRO TC 72 48.89 117.93 28.68
C PRO TC 72 47.63 118.62 29.19
N ASN TC 73 46.69 118.78 28.27
CA ASN TC 73 45.47 119.54 28.52
C ASN TC 73 44.42 118.66 29.19
N GLU TC 74 43.50 119.31 29.89
CA GLU TC 74 42.35 118.66 30.49
C GLU TC 74 41.09 119.18 29.81
N ASN TC 75 40.04 118.35 29.79
CA ASN TC 75 38.82 118.73 29.11
C ASN TC 75 37.88 119.45 30.06
N GLN TC 76 37.51 120.67 29.72
CA GLN TC 76 36.54 121.46 30.47
C GLN TC 76 35.29 121.61 29.61
N SER TC 77 34.18 121.06 30.08
CA SER TC 77 32.94 121.05 29.32
C SER TC 77 31.80 121.61 30.15
N ILE TC 78 31.01 122.47 29.52
CA ILE TC 78 29.77 122.98 30.10
C ILE TC 78 28.65 122.73 29.10
N ARG TC 79 27.67 121.91 29.49
CA ARG TC 79 26.62 121.47 28.59
C ARG TC 79 25.27 121.84 29.20
N THR TC 80 24.48 122.61 28.45
CA THR TC 80 23.17 123.07 28.89
C THR TC 80 22.12 122.68 27.88
N VAL TC 81 21.01 122.13 28.37
CA VAL TC 81 19.88 121.75 27.53
C VAL TC 81 18.64 122.47 28.03
N ILE TC 82 17.89 123.07 27.11
CA ILE TC 82 16.67 123.80 27.43
C ILE TC 82 15.53 123.18 26.63
N SER TC 83 14.47 122.78 27.32
CA SER TC 83 13.31 122.15 26.69
C SER TC 83 12.06 122.91 27.10
N GLY TC 84 11.24 123.27 26.13
CA GLY TC 84 10.00 123.97 26.40
C GLY TC 84 9.24 124.35 25.16
N SER TC 85 7.95 124.68 25.32
CA SER TC 85 7.14 125.08 24.18
C SER TC 85 7.51 126.48 23.71
N ALA TC 86 7.30 126.74 22.42
CA ALA TC 86 7.59 128.07 21.88
C ALA TC 86 6.62 129.11 22.40
N GLU TC 87 5.42 128.68 22.79
CA GLU TC 87 4.41 129.62 23.26
C GLU TC 87 4.80 130.25 24.59
N ASN TC 88 5.54 129.52 25.41
CA ASN TC 88 5.91 129.97 26.75
C ASN TC 88 7.32 130.55 26.80
N LEU TC 89 7.73 131.28 25.76
CA LEU TC 89 9.11 131.73 25.66
C LEU TC 89 9.48 132.69 26.77
N ALA TC 90 8.58 133.63 27.11
CA ALA TC 90 8.90 134.62 28.14
C ALA TC 90 9.06 133.97 29.51
N THR TC 91 8.13 133.09 29.88
CA THR TC 91 8.24 132.38 31.14
C THR TC 91 9.47 131.49 31.17
N LEU TC 92 9.81 130.86 30.04
CA LEU TC 92 11.00 130.03 30.00
C LEU TC 92 12.26 130.88 30.16
N LYS TC 93 12.26 132.09 29.60
CA LYS TC 93 13.41 132.99 29.80
C LYS TC 93 13.53 133.40 31.26
N ALA TC 94 12.39 133.64 31.92
CA ALA TC 94 12.43 133.91 33.36
C ALA TC 94 13.01 132.72 34.12
N GLU TC 95 12.59 131.51 33.74
CA GLU TC 95 13.16 130.30 34.35
C GLU TC 95 14.66 130.22 34.10
N TRP TC 96 15.10 130.64 32.92
CA TRP TC 96 16.52 130.63 32.60
C TRP TC 96 17.30 131.60 33.48
N GLU TC 97 16.74 132.78 33.73
CA GLU TC 97 17.38 133.73 34.65
C GLU TC 97 17.45 133.17 36.06
N THR TC 98 16.37 132.53 36.52
CA THR TC 98 16.39 131.92 37.85
C THR TC 98 17.42 130.81 37.93
N HIS TC 99 17.54 130.01 36.86
CA HIS TC 99 18.55 128.97 36.81
C HIS TC 99 19.95 129.57 36.86
N LYS TC 100 20.16 130.68 36.15
CA LYS TC 100 21.43 131.40 36.26
C LYS TC 100 21.74 131.72 37.71
N ARG TC 101 20.78 132.34 38.41
CA ARG TC 101 21.07 132.80 39.76
C ARG TC 101 21.34 131.64 40.70
N ASN TC 102 20.55 130.56 40.57
CA ASN TC 102 20.74 129.39 41.42
C ASN TC 102 22.09 128.73 41.17
N VAL TC 103 22.45 128.53 39.90
CA VAL TC 103 23.74 127.91 39.60
C VAL TC 103 24.88 128.80 40.06
N ASP TC 104 24.71 130.12 39.93
CA ASP TC 104 25.75 131.04 40.40
C ASP TC 104 25.95 130.93 41.90
N THR TC 105 24.86 130.96 42.67
CA THR TC 105 25.00 130.94 44.12
C THR TC 105 25.52 129.58 44.60
N LEU TC 106 25.22 128.50 43.87
CA LEU TC 106 25.75 127.20 44.25
C LEU TC 106 27.21 127.00 43.86
N PHE TC 107 27.61 127.48 42.68
CA PHE TC 107 28.90 127.15 42.07
C PHE TC 107 29.88 128.31 42.08
N ALA TC 108 29.50 129.46 41.54
CA ALA TC 108 30.43 130.57 41.39
C ALA TC 108 30.85 131.13 42.74
N SER TC 109 29.89 131.25 43.67
CA SER TC 109 30.18 131.78 45.00
C SER TC 109 30.27 130.70 46.06
N GLY TC 110 30.02 129.44 45.70
CA GLY TC 110 30.08 128.34 46.66
C GLY TC 110 31.30 127.47 46.43
N ASN TC 111 31.18 126.22 46.91
CA ASN TC 111 32.25 125.23 46.78
C ASN TC 111 31.79 124.00 45.99
N ALA TC 112 30.71 124.12 45.24
CA ALA TC 112 30.26 122.99 44.41
C ALA TC 112 31.30 122.63 43.36
N GLY TC 113 32.09 123.61 42.92
CA GLY TC 113 33.17 123.31 42.00
C GLY TC 113 34.25 122.42 42.59
N LEU TC 114 34.60 122.65 43.85
CA LEU TC 114 35.55 121.79 44.55
C LEU TC 114 34.92 120.49 45.00
N GLY TC 115 33.59 120.43 45.12
CA GLY TC 115 32.93 119.19 45.46
C GLY TC 115 32.17 119.20 46.76
N PHE TC 116 31.74 120.35 47.25
CA PHE TC 116 31.00 120.47 48.49
C PHE TC 116 29.64 121.10 48.24
N LEU TC 117 28.59 120.44 48.73
CA LEU TC 117 27.23 120.96 48.64
C LEU TC 117 26.81 121.52 49.99
N ASP TC 118 26.25 122.73 49.97
CA ASP TC 118 25.81 123.38 51.20
C ASP TC 118 24.30 123.35 51.25
N PRO TC 119 23.68 122.56 52.14
CA PRO TC 119 22.20 122.57 52.25
C PRO TC 119 21.62 123.92 52.64
N THR TC 120 22.44 124.91 52.99
CA THR TC 120 21.96 126.21 53.42
C THR TC 120 22.05 127.27 52.34
N ALA TC 121 22.26 126.88 51.08
CA ALA TC 121 22.35 127.84 49.99
C ALA TC 121 21.02 128.54 49.79
N ALA TC 122 21.08 129.80 49.35
CA ALA TC 122 19.89 130.62 49.15
C ALA TC 122 19.38 130.40 47.73
N ILE TC 123 18.61 129.34 47.55
CA ILE TC 123 18.00 129.02 46.27
C ILE TC 123 16.63 129.69 46.21
N VAL TC 124 16.30 130.24 45.05
CA VAL TC 124 15.07 130.99 44.87
C VAL TC 124 14.30 130.45 43.67
N SER TC 125 13.01 130.74 43.64
CA SER TC 125 12.17 130.37 42.51
C SER TC 125 11.92 131.58 41.61
N SER TC 126 11.38 131.31 40.42
CA SER TC 126 11.14 132.37 39.46
C SER TC 126 10.01 133.29 39.88
N ASP TC 127 8.97 132.76 40.52
CA ASP TC 127 7.83 133.57 40.92
C ASP TC 127 8.24 134.59 41.98
N THR TC 128 7.58 135.74 41.96
CA THR TC 128 7.86 136.83 42.88
C THR TC 128 6.67 137.03 43.81
N THR TC 129 6.97 137.47 45.03
CA THR TC 129 5.94 137.70 46.04
C THR TC 129 5.13 138.95 45.70
N ALA UC 1 5.11 146.63 4.98
CA ALA UC 1 6.05 146.07 5.94
C ALA UC 1 5.64 144.67 6.36
N ASN UC 2 5.88 143.70 5.49
CA ASN UC 2 5.51 142.32 5.77
C ASN UC 2 6.56 141.67 6.67
N LYS UC 3 6.14 140.64 7.40
CA LYS UC 3 7.02 139.98 8.35
C LYS UC 3 8.02 139.08 7.63
N PRO UC 4 9.32 139.26 7.83
CA PRO UC 4 10.30 138.37 7.20
C PRO UC 4 10.36 137.00 7.89
N MET UC 5 11.02 136.05 7.22
CA MET UC 5 11.24 134.73 7.78
C MET UC 5 12.72 134.53 8.08
N GLN UC 6 13.01 133.46 8.80
CA GLN UC 6 14.35 132.92 9.04
C GLN UC 6 14.39 131.44 8.68
N PRO UC 7 15.53 130.92 8.24
CA PRO UC 7 15.59 129.53 7.81
C PRO UC 7 15.61 128.54 8.96
N ILE UC 8 14.68 127.57 8.94
CA ILE UC 8 14.68 126.51 9.94
C ILE UC 8 15.48 125.29 9.50
N THR UC 9 15.56 125.03 8.20
CA THR UC 9 16.29 123.89 7.68
C THR UC 9 17.12 124.34 6.48
N SER UC 10 18.41 124.08 6.52
CA SER UC 10 19.33 124.48 5.47
C SER UC 10 20.07 123.26 4.97
N THR UC 11 20.05 123.06 3.65
CA THR UC 11 20.72 121.95 3.00
C THR UC 11 21.23 122.42 1.65
N ALA UC 12 22.21 121.70 1.10
CA ALA UC 12 22.76 122.07 -0.20
C ALA UC 12 21.72 122.00 -1.30
N ASN UC 13 20.61 121.30 -1.07
CA ASN UC 13 19.56 121.15 -2.06
C ASN UC 13 18.19 121.62 -1.60
N LYS UC 14 18.05 122.09 -0.37
CA LYS UC 14 16.74 122.49 0.15
C LYS UC 14 16.92 123.45 1.32
N ILE UC 15 16.21 124.57 1.29
CA ILE UC 15 16.18 125.52 2.38
C ILE UC 15 14.72 125.81 2.73
N VAL UC 16 14.38 125.73 4.01
CA VAL UC 16 13.02 125.90 4.49
C VAL UC 16 12.99 127.11 5.40
N TRP UC 17 12.08 128.05 5.10
CA TRP UC 17 11.87 129.23 5.92
C TRP UC 17 10.63 129.05 6.79
N SER UC 18 10.54 129.87 7.84
CA SER UC 18 9.39 129.82 8.74
C SER UC 18 9.32 131.12 9.53
N ASP UC 19 8.09 131.61 9.73
CA ASP UC 19 7.89 132.86 10.43
C ASP UC 19 8.08 132.68 11.93
N PRO UC 20 8.86 133.55 12.58
CA PRO UC 20 9.02 133.41 14.04
C PRO UC 20 7.71 133.49 14.82
N THR UC 21 6.78 134.35 14.38
CA THR UC 21 5.52 134.48 15.08
C THR UC 21 4.63 133.26 14.88
N ARG UC 22 4.51 132.79 13.64
CA ARG UC 22 3.69 131.62 13.32
C ARG UC 22 4.58 130.58 12.64
N LEU UC 23 4.81 129.46 13.33
CA LEU UC 23 5.68 128.42 12.79
C LEU UC 23 4.96 127.59 11.75
N SER UC 24 3.64 127.73 11.66
CA SER UC 24 2.85 126.94 10.73
C SER UC 24 3.07 127.40 9.29
N THR UC 25 3.44 128.67 9.12
CA THR UC 25 3.63 129.22 7.78
C THR UC 25 5.08 129.04 7.35
N THR UC 26 5.31 128.16 6.37
CA THR UC 26 6.65 127.85 5.90
C THR UC 26 6.72 128.01 4.38
N PHE UC 27 7.90 128.41 3.91
CA PHE UC 27 8.18 128.51 2.49
C PHE UC 27 9.54 127.88 2.23
N SER UC 28 9.58 126.87 1.36
CA SER UC 28 10.81 126.14 1.09
C SER UC 28 11.05 126.02 -0.41
N ALA UC 29 12.33 125.99 -0.78
CA ALA UC 29 12.75 125.86 -2.17
C ALA UC 29 13.70 124.69 -2.28
N SER UC 30 13.45 123.81 -3.26
CA SER UC 30 14.30 122.65 -3.50
C SER UC 30 14.71 122.65 -4.96
N LEU UC 31 16.01 122.46 -5.22
CA LEU UC 31 16.54 122.46 -6.57
C LEU UC 31 17.09 121.08 -6.90
N LEU UC 32 16.76 120.61 -8.10
CA LEU UC 32 17.29 119.36 -8.65
C LEU UC 32 18.12 119.69 -9.87
N ARG UC 33 19.37 119.23 -9.88
CA ARG UC 33 20.32 119.54 -10.94
C ARG UC 33 20.69 118.26 -11.68
N GLN UC 34 20.51 118.27 -13.00
CA GLN UC 34 20.80 117.12 -13.83
C GLN UC 34 21.42 117.58 -15.15
N ARG UC 35 22.20 116.69 -15.75
CA ARG UC 35 22.71 116.92 -17.09
C ARG UC 35 21.80 116.22 -18.09
N VAL UC 36 21.28 116.97 -19.06
CA VAL UC 36 20.35 116.46 -20.04
C VAL UC 36 21.09 116.25 -21.35
N LYS UC 37 21.00 115.04 -21.90
CA LYS UC 37 21.64 114.68 -23.14
C LYS UC 37 20.70 115.00 -24.30
N VAL UC 38 21.06 116.03 -25.08
CA VAL UC 38 20.33 116.40 -26.27
C VAL UC 38 21.29 116.28 -27.44
N GLY UC 39 20.75 115.92 -28.61
CA GLY UC 39 21.55 115.69 -29.80
C GLY UC 39 22.59 116.75 -30.04
N ILE UC 40 23.85 116.32 -30.24
CA ILE UC 40 25.03 117.15 -30.42
C ILE UC 40 25.02 118.33 -29.44
N ALA UC 41 24.63 118.06 -28.20
CA ALA UC 41 24.60 119.09 -27.17
C ALA UC 41 24.78 118.46 -25.80
N GLU UC 42 25.27 119.25 -24.85
CA GLU UC 42 25.41 118.84 -23.45
C GLU UC 42 25.08 120.04 -22.58
N LEU UC 43 23.83 120.13 -22.16
CA LEU UC 43 23.33 121.27 -21.41
C LEU UC 43 22.67 120.83 -20.12
N ASN UC 44 22.71 121.70 -19.12
CA ASN UC 44 22.36 121.38 -17.75
C ASN UC 44 20.99 121.93 -17.40
N ASN UC 45 20.09 121.06 -16.98
CA ASN UC 45 18.75 121.49 -16.57
C ASN UC 45 18.70 121.66 -15.06
N VAL UC 46 17.92 122.64 -14.61
CA VAL UC 46 17.70 122.89 -13.19
C VAL UC 46 16.20 122.95 -12.96
N SER UC 47 15.71 122.09 -12.07
CA SER UC 47 14.29 122.04 -11.71
C SER UC 47 14.13 122.57 -10.30
N GLY UC 48 13.35 123.62 -10.16
CA GLY UC 48 13.16 124.25 -8.86
C GLY UC 48 11.74 124.18 -8.35
N GLN UC 49 11.55 123.60 -7.17
CA GLN UC 49 10.25 123.44 -6.56
C GLN UC 49 10.12 124.40 -5.39
N TYR UC 50 9.11 125.27 -5.45
CA TYR UC 50 8.84 126.25 -4.40
C TYR UC 50 7.43 126.01 -3.87
N VAL UC 51 7.31 125.86 -2.56
CA VAL UC 51 6.02 125.59 -1.92
C VAL UC 51 5.79 126.63 -0.83
N SER UC 52 4.60 127.19 -0.80
CA SER UC 52 4.17 128.11 0.26
C SER UC 52 2.93 127.56 0.93
N VAL UC 53 2.97 127.45 2.25
CA VAL UC 53 1.86 126.91 3.03
C VAL UC 53 1.48 127.91 4.11
N TYR UC 54 0.18 128.18 4.22
CA TYR UC 54 -0.37 128.99 5.30
C TYR UC 54 -1.54 128.25 5.89
N LYS UC 55 -1.53 128.08 7.22
CA LYS UC 55 -2.55 127.29 7.91
C LYS UC 55 -3.62 128.23 8.46
N ARG UC 56 -4.40 128.77 7.52
CA ARG UC 56 -5.38 129.80 7.84
C ARG UC 56 -6.57 129.19 8.61
N PRO UC 57 -7.11 129.90 9.59
CA PRO UC 57 -8.31 129.41 10.29
C PRO UC 57 -9.53 129.40 9.39
N ALA UC 58 -10.46 128.51 9.73
CA ALA UC 58 -11.71 128.42 8.99
C ALA UC 58 -12.53 129.69 9.21
N PRO UC 59 -13.40 130.06 8.28
CA PRO UC 59 -14.15 131.31 8.43
C PRO UC 59 -15.04 131.29 9.66
N LYS UC 60 -15.10 132.44 10.33
CA LYS UC 60 -15.89 132.56 11.56
C LYS UC 60 -17.38 132.49 11.23
N PRO UC 61 -18.18 131.86 12.11
CA PRO UC 61 -19.63 131.91 11.93
C PRO UC 61 -20.17 133.34 12.02
N GLU UC 62 -21.28 133.60 11.33
CA GLU UC 62 -21.79 134.96 11.17
C GLU UC 62 -22.68 135.32 12.35
N GLY UC 63 -22.55 136.56 12.81
CA GLY UC 63 -23.44 137.13 13.81
C GLY UC 63 -23.11 136.80 15.24
N CYS UC 64 -22.09 135.98 15.50
CA CYS UC 64 -21.73 135.60 16.86
C CYS UC 64 -20.21 135.69 17.01
N ALA UC 65 -19.76 136.35 18.07
CA ALA UC 65 -18.34 136.47 18.37
C ALA UC 65 -18.05 135.69 19.65
N ASP UC 66 -17.40 134.54 19.51
CA ASP UC 66 -17.07 133.71 20.65
C ASP UC 66 -16.01 134.40 21.51
N ALA UC 67 -15.97 134.02 22.79
CA ALA UC 67 -14.99 134.60 23.71
C ALA UC 67 -13.57 134.27 23.28
N CYS UC 68 -13.33 133.03 22.87
CA CYS UC 68 -12.02 132.59 22.44
C CYS UC 68 -12.12 131.83 21.13
N VAL UC 69 -11.08 131.96 20.29
CA VAL UC 69 -11.09 131.33 18.99
C VAL UC 69 -10.94 129.82 19.12
N ILE UC 70 -11.83 129.09 18.46
CA ILE UC 70 -11.81 127.62 18.49
C ILE UC 70 -11.91 127.10 17.07
N MET UC 71 -11.51 127.92 16.10
CA MET UC 71 -11.70 127.57 14.70
C MET UC 71 -10.80 126.40 14.31
N PRO UC 72 -11.32 125.38 13.63
CA PRO UC 72 -10.47 124.28 13.16
C PRO UC 72 -9.76 124.63 11.87
N ASN UC 73 -8.62 125.29 12.00
CA ASN UC 73 -7.88 125.86 10.87
C ASN UC 73 -7.58 124.85 9.76
N GLU UC 74 -7.41 125.37 8.53
CA GLU UC 74 -7.28 124.55 7.33
C GLU UC 74 -5.91 124.73 6.71
N ASN UC 75 -5.72 124.10 5.55
CA ASN UC 75 -4.44 124.13 4.85
C ASN UC 75 -4.58 124.89 3.53
N GLN UC 76 -3.73 125.89 3.34
CA GLN UC 76 -3.65 126.64 2.09
C GLN UC 76 -2.25 126.45 1.51
N SER UC 77 -2.17 126.03 0.26
CA SER UC 77 -0.88 125.68 -0.35
C SER UC 77 -0.77 126.29 -1.74
N ILE UC 78 0.42 126.76 -2.06
CA ILE UC 78 0.78 127.20 -3.41
C ILE UC 78 2.12 126.57 -3.76
N ARG UC 79 2.13 125.76 -4.81
CA ARG UC 79 3.31 125.00 -5.21
C ARG UC 79 3.61 125.29 -6.68
N THR UC 80 4.83 125.75 -6.95
CA THR UC 80 5.28 126.04 -8.30
C THR UC 80 6.56 125.27 -8.58
N VAL UC 81 6.72 124.86 -9.84
CA VAL UC 81 7.91 124.14 -10.29
C VAL UC 81 8.41 124.80 -11.56
N ILE UC 82 9.66 125.26 -11.54
CA ILE UC 82 10.29 125.90 -12.68
C ILE UC 82 11.41 125.00 -13.17
N SER UC 83 11.27 124.48 -14.38
CA SER UC 83 12.24 123.56 -14.97
C SER UC 83 12.70 124.13 -16.30
N GLY UC 84 14.02 124.19 -16.48
CA GLY UC 84 14.57 124.69 -17.71
C GLY UC 84 16.08 124.73 -17.63
N SER UC 85 16.70 124.76 -18.81
CA SER UC 85 18.15 124.75 -18.89
C SER UC 85 18.72 126.10 -18.47
N ALA UC 86 19.88 126.07 -17.83
CA ALA UC 86 20.50 127.32 -17.35
C ALA UC 86 21.03 128.17 -18.49
N GLU UC 87 21.25 127.56 -19.66
CA GLU UC 87 21.76 128.32 -20.80
C GLU UC 87 20.73 129.33 -21.28
N ASN UC 88 19.45 129.01 -21.13
CA ASN UC 88 18.36 129.85 -21.60
C ASN UC 88 17.66 130.58 -20.46
N LEU UC 89 18.43 131.09 -19.49
CA LEU UC 89 17.84 131.66 -18.29
C LEU UC 89 17.01 132.90 -18.59
N ALA UC 90 17.44 133.72 -19.55
CA ALA UC 90 16.68 134.92 -19.89
C ALA UC 90 15.30 134.56 -20.44
N THR UC 91 15.25 133.58 -21.35
CA THR UC 91 13.97 133.11 -21.86
C THR UC 91 13.13 132.46 -20.78
N LEU UC 92 13.77 131.76 -19.84
CA LEU UC 92 13.02 131.16 -18.74
C LEU UC 92 12.39 132.24 -17.86
N LYS UC 93 13.12 133.33 -17.63
CA LYS UC 93 12.57 134.43 -16.85
C LYS UC 93 11.42 135.12 -17.58
N ALA UC 94 11.55 135.28 -18.90
CA ALA UC 94 10.44 135.82 -19.69
C ALA UC 94 9.22 134.91 -19.60
N GLU UC 95 9.44 133.60 -19.68
CA GLU UC 95 8.34 132.65 -19.52
C GLU UC 95 7.71 132.76 -18.15
N TRP UC 96 8.52 132.97 -17.12
CA TRP UC 96 7.98 133.15 -15.77
C TRP UC 96 7.11 134.39 -15.68
N GLU UC 97 7.55 135.49 -16.30
CA GLU UC 97 6.74 136.71 -16.30
C GLU UC 97 5.41 136.47 -17.01
N THR UC 98 5.45 135.81 -18.17
CA THR UC 98 4.22 135.54 -18.90
C THR UC 98 3.30 134.61 -18.12
N HIS UC 99 3.87 133.61 -17.44
CA HIS UC 99 3.07 132.71 -16.62
C HIS UC 99 2.41 133.45 -15.47
N LYS UC 100 3.14 134.35 -14.82
CA LYS UC 100 2.55 135.16 -13.76
C LYS UC 100 1.39 135.99 -14.30
N ARG UC 101 1.59 136.60 -15.48
CA ARG UC 101 0.52 137.40 -16.06
C ARG UC 101 -0.71 136.55 -16.36
N ASN UC 102 -0.52 135.37 -16.94
CA ASN UC 102 -1.65 134.52 -17.30
C ASN UC 102 -2.38 134.02 -16.05
N VAL UC 103 -1.64 133.62 -15.02
CA VAL UC 103 -2.27 133.14 -13.81
C VAL UC 103 -3.01 134.27 -13.10
N ASP UC 104 -2.46 135.49 -13.15
CA ASP UC 104 -3.17 136.63 -12.60
C ASP UC 104 -4.46 136.90 -13.36
N THR UC 105 -4.40 136.77 -14.70
CA THR UC 105 -5.60 137.00 -15.51
C THR UC 105 -6.69 135.98 -15.18
N LEU UC 106 -6.32 134.71 -15.02
CA LEU UC 106 -7.32 133.68 -14.76
C LEU UC 106 -7.80 133.72 -13.31
N PHE UC 107 -6.92 134.03 -12.37
CA PHE UC 107 -7.16 133.83 -10.94
C PHE UC 107 -7.29 135.14 -10.16
N ALA UC 108 -6.30 136.01 -10.26
CA ALA UC 108 -6.29 137.23 -9.45
C ALA UC 108 -7.46 138.14 -9.80
N SER UC 109 -7.73 138.32 -11.09
CA SER UC 109 -8.85 139.15 -11.53
C SER UC 109 -10.02 138.35 -12.06
N GLY UC 110 -9.92 137.02 -12.10
CA GLY UC 110 -10.98 136.17 -12.57
C GLY UC 110 -11.64 135.40 -11.45
N ASN UC 111 -12.48 134.44 -11.84
CA ASN UC 111 -13.19 133.62 -10.87
C ASN UC 111 -12.72 132.18 -10.91
N ALA UC 112 -11.42 131.97 -11.19
CA ALA UC 112 -10.89 130.61 -11.21
C ALA UC 112 -10.83 130.02 -9.81
N GLY UC 113 -10.63 130.87 -8.79
CA GLY UC 113 -10.58 130.38 -7.43
C GLY UC 113 -11.89 129.77 -6.99
N LEU UC 114 -13.01 130.33 -7.44
CA LEU UC 114 -14.31 129.79 -7.06
C LEU UC 114 -14.69 128.57 -7.88
N GLY UC 115 -13.95 128.29 -8.95
CA GLY UC 115 -14.17 127.10 -9.75
C GLY UC 115 -14.55 127.32 -11.19
N PHE UC 116 -14.47 128.55 -11.70
CA PHE UC 116 -14.88 128.83 -13.06
C PHE UC 116 -13.67 129.06 -13.96
N LEU UC 117 -13.64 128.34 -15.08
CA LEU UC 117 -12.61 128.51 -16.10
C LEU UC 117 -13.23 129.31 -17.25
N ASP UC 118 -12.89 130.58 -17.32
CA ASP UC 118 -13.44 131.46 -18.34
C ASP UC 118 -12.83 131.11 -19.70
N PRO UC 119 -13.62 130.73 -20.70
CA PRO UC 119 -13.03 130.39 -22.01
C PRO UC 119 -12.79 131.59 -22.90
N THR UC 120 -13.13 132.80 -22.46
CA THR UC 120 -12.86 134.01 -23.23
C THR UC 120 -11.78 134.89 -22.60
N ALA UC 121 -11.04 134.37 -21.63
CA ALA UC 121 -10.01 135.17 -20.97
C ALA UC 121 -8.88 135.50 -21.94
N ALA UC 122 -8.26 136.66 -21.72
CA ALA UC 122 -7.19 137.13 -22.58
C ALA UC 122 -5.88 136.50 -22.14
N ILE UC 123 -5.68 135.25 -22.52
CA ILE UC 123 -4.43 134.54 -22.26
C ILE UC 123 -3.46 134.86 -23.38
N VAL UC 124 -2.25 135.28 -23.01
CA VAL UC 124 -1.29 135.83 -23.96
C VAL UC 124 0.04 135.12 -23.80
N SER UC 125 0.80 135.07 -24.89
CA SER UC 125 2.05 134.33 -24.92
C SER UC 125 3.24 135.21 -24.54
N SER UC 126 4.42 134.58 -24.51
CA SER UC 126 5.64 135.31 -24.16
C SER UC 126 6.25 136.03 -25.35
N ASP UC 127 6.03 135.53 -26.57
CA ASP UC 127 6.60 136.17 -27.75
C ASP UC 127 5.91 137.50 -28.03
N THR UC 128 6.67 138.42 -28.61
CA THR UC 128 6.17 139.74 -28.95
C THR UC 128 6.00 139.88 -30.45
N THR UC 129 5.35 140.97 -30.85
CA THR UC 129 5.11 141.23 -32.26
C THR UC 129 6.03 142.33 -32.77
N ALA VC 1 95.77 47.17 102.17
CA ALA VC 1 94.41 47.66 102.37
C ALA VC 1 93.54 47.37 101.14
N ASN VC 2 92.56 46.49 101.32
CA ASN VC 2 91.67 46.13 100.22
C ASN VC 2 90.68 47.26 99.94
N LYS VC 3 90.32 47.41 98.67
CA LYS VC 3 89.41 48.48 98.26
C LYS VC 3 87.97 48.13 98.63
N PRO VC 4 87.28 48.97 99.41
CA PRO VC 4 85.89 48.68 99.76
C PRO VC 4 84.98 48.73 98.53
N MET VC 5 83.91 47.95 98.57
CA MET VC 5 82.86 48.01 97.57
C MET VC 5 81.67 48.75 98.15
N GLN VC 6 80.97 49.51 97.30
CA GLN VC 6 79.73 50.13 97.70
C GLN VC 6 78.58 49.52 96.93
N PRO VC 7 77.50 49.11 97.60
CA PRO VC 7 76.44 48.36 96.90
C PRO VC 7 75.74 49.21 95.85
N ILE VC 8 75.30 48.54 94.79
CA ILE VC 8 74.58 49.19 93.71
C ILE VC 8 73.12 48.75 93.62
N THR VC 9 72.77 47.59 94.15
CA THR VC 9 71.38 47.14 94.20
C THR VC 9 71.12 46.57 95.58
N SER VC 10 70.13 47.13 96.27
CA SER VC 10 69.79 46.71 97.62
C SER VC 10 68.36 46.22 97.66
N THR VC 11 68.18 45.00 98.16
CA THR VC 11 66.87 44.38 98.29
C THR VC 11 66.93 43.44 99.49
N ALA VC 12 65.75 43.16 100.07
CA ALA VC 12 65.69 42.29 101.23
C ALA VC 12 66.12 40.87 100.88
N ASN VC 13 66.11 40.53 99.59
CA ASN VC 13 66.43 39.18 99.14
C ASN VC 13 67.72 39.10 98.34
N LYS VC 14 68.32 40.24 97.98
CA LYS VC 14 69.53 40.24 97.15
C LYS VC 14 70.22 41.59 97.26
N ILE VC 15 71.50 41.58 97.58
CA ILE VC 15 72.33 42.78 97.59
C ILE VC 15 73.57 42.50 96.76
N VAL VC 16 73.88 43.42 95.84
CA VAL VC 16 75.00 43.28 94.92
C VAL VC 16 75.96 44.42 95.19
N TRP VC 17 77.23 44.09 95.39
CA TRP VC 17 78.29 45.07 95.61
C TRP VC 17 79.14 45.17 94.35
N SER VC 18 79.71 46.36 94.12
CA SER VC 18 80.55 46.60 92.96
C SER VC 18 81.66 47.57 93.31
N ASP VC 19 82.83 47.35 92.74
CA ASP VC 19 83.96 48.24 92.94
C ASP VC 19 83.71 49.55 92.19
N PRO VC 20 83.74 50.70 92.86
CA PRO VC 20 83.53 51.96 92.13
C PRO VC 20 84.56 52.21 91.04
N THR VC 21 85.80 51.77 91.24
CA THR VC 21 86.81 51.91 90.20
C THR VC 21 86.62 50.94 89.05
N ARG VC 22 86.13 49.73 89.32
CA ARG VC 22 85.85 48.74 88.27
C ARG VC 22 84.52 48.06 88.55
N LEU VC 23 83.44 48.55 87.93
CA LEU VC 23 82.11 48.01 88.20
C LEU VC 23 81.98 46.56 87.72
N SER VC 24 82.90 46.12 86.87
CA SER VC 24 82.89 44.74 86.40
C SER VC 24 83.11 43.74 87.53
N THR VC 25 83.80 44.14 88.60
CA THR VC 25 83.98 43.27 89.76
C THR VC 25 82.75 43.37 90.64
N THR VC 26 82.04 42.25 90.81
CA THR VC 26 80.79 42.23 91.53
C THR VC 26 80.82 41.16 92.61
N PHE VC 27 79.98 41.35 93.63
CA PHE VC 27 79.79 40.40 94.71
C PHE VC 27 78.32 40.41 95.10
N SER VC 28 77.65 39.27 94.92
CA SER VC 28 76.22 39.18 95.12
C SER VC 28 75.90 38.12 96.18
N ALA VC 29 74.89 38.42 97.00
CA ALA VC 29 74.40 37.50 98.01
C ALA VC 29 72.89 37.43 97.90
N SER VC 30 72.36 36.24 97.63
CA SER VC 30 70.93 36.03 97.48
C SER VC 30 70.49 34.98 98.48
N LEU VC 31 69.45 35.27 99.25
CA LEU VC 31 68.97 34.41 100.32
C LEU VC 31 67.59 33.88 99.99
N LEU VC 32 67.36 32.61 100.33
CA LEU VC 32 66.08 31.95 100.09
C LEU VC 32 65.69 31.19 101.35
N ARG VC 33 64.42 31.34 101.75
CA ARG VC 33 63.93 30.79 103.01
C ARG VC 33 62.70 29.93 102.77
N GLN VC 34 62.70 28.73 103.34
CA GLN VC 34 61.56 27.83 103.29
C GLN VC 34 61.37 27.19 104.66
N ARG VC 35 60.21 26.57 104.85
CA ARG VC 35 59.93 25.79 106.05
C ARG VC 35 59.90 24.32 105.67
N VAL VC 36 60.70 23.51 106.37
CA VAL VC 36 60.83 22.09 106.10
C VAL VC 36 60.48 21.32 107.36
N LYS VC 37 59.61 20.32 107.23
CA LYS VC 37 59.15 19.51 108.36
C LYS VC 37 60.05 18.28 108.48
N VAL VC 38 61.21 18.48 109.11
CA VAL VC 38 62.15 17.37 109.28
C VAL VC 38 61.73 16.50 110.46
N GLY VC 39 61.57 17.10 111.63
CA GLY VC 39 61.30 16.37 112.86
C GLY VC 39 59.95 16.68 113.44
N ILE VC 40 58.93 16.71 112.58
CA ILE VC 40 57.55 17.12 112.86
C ILE VC 40 57.55 18.49 113.51
N ALA VC 41 58.64 19.23 113.34
CA ALA VC 41 58.75 20.62 113.75
C ALA VC 41 59.23 21.42 112.54
N GLU VC 42 58.62 22.58 112.33
CA GLU VC 42 58.88 23.38 111.13
C GLU VC 42 60.18 24.15 111.31
N LEU VC 43 61.28 23.50 110.92
CA LEU VC 43 62.57 24.17 110.90
C LEU VC 43 62.63 25.14 109.73
N ASN VC 44 63.31 26.26 109.94
CA ASN VC 44 63.42 27.31 108.92
C ASN VC 44 64.83 27.31 108.33
N ASN VC 45 64.99 26.54 107.26
CA ASN VC 45 66.28 26.47 106.59
C ASN VC 45 66.53 27.74 105.78
N VAL VC 46 67.81 28.06 105.58
CA VAL VC 46 68.22 29.25 104.85
C VAL VC 46 69.24 28.84 103.81
N SER VC 47 68.96 29.14 102.55
CA SER VC 47 69.81 28.76 101.43
C SER VC 47 70.48 30.03 100.88
N GLY VC 48 71.68 30.31 101.37
CA GLY VC 48 72.42 31.49 100.96
C GLY VC 48 73.34 31.19 99.79
N GLN VC 49 73.17 31.94 98.70
CA GLN VC 49 74.00 31.82 97.52
C GLN VC 49 74.88 33.07 97.42
N TYR VC 50 76.19 32.85 97.34
CA TYR VC 50 77.17 33.93 97.29
C TYR VC 50 78.03 33.75 96.05
N VAL VC 51 78.07 34.77 95.19
CA VAL VC 51 78.77 34.70 93.92
C VAL VC 51 79.75 35.87 93.83
N SER VC 52 81.00 35.57 93.53
CA SER VC 52 82.02 36.58 93.28
C SER VC 52 82.47 36.48 91.83
N VAL VC 53 82.39 37.59 91.11
CA VAL VC 53 82.69 37.63 89.69
C VAL VC 53 83.76 38.69 89.45
N TYR VC 54 84.85 38.30 88.77
CA TYR VC 54 85.91 39.21 88.38
C TYR VC 54 86.25 38.95 86.92
N LYS VC 55 86.16 39.99 86.10
CA LYS VC 55 86.52 39.91 84.69
C LYS VC 55 87.97 40.36 84.56
N ARG VC 56 88.86 39.39 84.36
CA ARG VC 56 90.30 39.65 84.37
C ARG VC 56 90.84 39.53 82.96
N PRO VC 57 91.65 40.48 82.49
CA PRO VC 57 92.20 40.37 81.15
C PRO VC 57 93.47 39.51 81.09
N ALA VC 58 93.42 38.47 80.28
CA ALA VC 58 94.51 37.52 80.15
C ALA VC 58 94.89 37.28 78.70
N PRO VC 59 95.41 38.29 78.00
CA PRO VC 59 96.15 37.99 76.77
C PRO VC 59 97.41 37.21 77.08
N LYS VC 60 97.96 37.42 78.28
CA LYS VC 60 99.15 36.76 78.82
C LYS VC 60 100.33 36.87 77.86
N PRO VC 61 100.81 38.08 77.56
CA PRO VC 61 102.02 38.20 76.72
C PRO VC 61 103.25 37.90 77.55
N GLU VC 62 103.83 36.73 77.33
CA GLU VC 62 104.94 36.26 78.14
C GLU VC 62 106.22 37.01 77.79
N GLY VC 63 106.69 37.80 78.73
CA GLY VC 63 107.97 38.49 78.59
C GLY VC 63 107.96 39.95 78.18
N CYS VC 64 106.99 40.35 77.36
CA CYS VC 64 107.04 41.71 76.82
C CYS VC 64 105.69 42.39 76.98
N ALA VC 65 105.74 43.65 77.38
CA ALA VC 65 104.59 44.55 77.35
C ALA VC 65 105.08 45.94 76.96
N ASP VC 66 104.58 46.45 75.85
CA ASP VC 66 105.10 47.70 75.31
C ASP VC 66 104.09 48.83 75.31
N ALA VC 67 102.87 48.58 74.86
CA ALA VC 67 101.84 49.61 74.80
C ALA VC 67 100.50 48.95 75.13
N CYS VC 68 99.51 49.78 75.48
CA CYS VC 68 98.20 49.25 75.85
C CYS VC 68 97.36 49.01 74.61
N VAL VC 69 97.07 47.74 74.34
CA VAL VC 69 96.15 47.32 73.29
C VAL VC 69 94.87 46.91 74.02
N ILE VC 70 93.77 46.78 73.29
CA ILE VC 70 92.54 46.31 73.91
C ILE VC 70 92.75 44.94 74.56
N MET VC 71 92.42 44.86 75.84
CA MET VC 71 92.50 43.61 76.56
C MET VC 71 91.26 42.76 76.31
N PRO VC 72 91.40 41.55 75.77
CA PRO VC 72 90.29 40.60 75.79
C PRO VC 72 90.10 40.04 77.20
N ASN VC 73 88.85 39.87 77.62
CA ASN VC 73 88.53 39.57 79.01
C ASN VC 73 88.03 38.14 79.16
N GLU VC 74 88.39 37.51 80.28
CA GLU VC 74 87.81 36.24 80.71
C GLU VC 74 87.16 36.43 82.06
N ASN VC 75 86.20 35.56 82.38
CA ASN VC 75 85.41 35.69 83.60
C ASN VC 75 85.90 34.68 84.63
N GLN VC 76 86.24 35.18 85.81
CA GLN VC 76 86.58 34.33 86.96
C GLN VC 76 85.42 34.38 87.94
N SER VC 77 84.80 33.24 88.20
CA SER VC 77 83.62 33.16 89.04
C SER VC 77 83.84 32.20 90.19
N ILE VC 78 83.43 32.61 91.38
CA ILE VC 78 83.43 31.77 92.57
C ILE VC 78 82.05 31.83 93.19
N ARG VC 79 81.36 30.70 93.24
CA ARG VC 79 79.98 30.63 93.71
C ARG VC 79 79.91 29.70 94.91
N THR VC 80 79.33 30.18 96.00
CA THR VC 80 79.19 29.43 97.24
C THR VC 80 77.73 29.40 97.66
N VAL VC 81 77.24 28.20 97.96
CA VAL VC 81 75.86 28.01 98.42
C VAL VC 81 75.90 27.31 99.76
N ILE VC 82 75.31 27.94 100.78
CA ILE VC 82 75.24 27.39 102.13
C ILE VC 82 73.78 27.16 102.47
N SER VC 83 73.43 25.94 102.82
CA SER VC 83 72.05 25.57 103.14
C SER VC 83 72.02 24.86 104.49
N GLY VC 84 71.07 25.22 105.33
CA GLY VC 84 70.93 24.58 106.62
C GLY VC 84 69.88 25.25 107.49
N SER VC 85 69.42 24.55 108.53
CA SER VC 85 68.44 25.12 109.44
C SER VC 85 69.05 26.26 110.25
N ALA VC 86 68.24 27.28 110.53
CA ALA VC 86 68.73 28.42 111.29
C ALA VC 86 69.00 28.04 112.74
N GLU VC 87 68.31 27.01 113.24
CA GLU VC 87 68.46 26.62 114.65
C GLU VC 87 69.78 25.91 114.90
N ASN VC 88 70.52 25.57 113.84
CA ASN VC 88 71.82 24.93 113.94
C ASN VC 88 72.91 25.82 113.35
N LEU VC 89 72.87 27.12 113.70
CA LEU VC 89 73.76 28.08 113.07
C LEU VC 89 75.21 27.86 113.49
N ALA VC 90 75.45 27.51 114.76
CA ALA VC 90 76.81 27.27 115.21
C ALA VC 90 77.42 26.06 114.49
N THR VC 91 76.64 24.99 114.36
CA THR VC 91 77.08 23.83 113.61
C THR VC 91 77.33 24.16 112.15
N LEU VC 92 76.47 24.99 111.54
CA LEU VC 92 76.68 25.38 110.15
C LEU VC 92 77.96 26.19 110.00
N LYS VC 93 78.27 27.04 110.98
CA LYS VC 93 79.51 27.80 110.94
C LYS VC 93 80.73 26.90 111.06
N ALA VC 94 80.64 25.89 111.94
CA ALA VC 94 81.72 24.90 112.02
C ALA VC 94 81.89 24.15 110.72
N GLU VC 95 80.77 23.79 110.07
CA GLU VC 95 80.83 23.15 108.77
C GLU VC 95 81.48 24.06 107.74
N TRP VC 96 81.18 25.35 107.79
CA TRP VC 96 81.79 26.30 106.87
C TRP VC 96 83.31 26.36 107.08
N GLU VC 97 83.75 26.38 108.34
CA GLU VC 97 85.19 26.39 108.61
C GLU VC 97 85.86 25.13 108.09
N THR VC 98 85.24 23.97 108.33
CA THR VC 98 85.82 22.72 107.84
C THR VC 98 85.85 22.68 106.32
N HIS VC 99 84.80 23.22 105.67
CA HIS VC 99 84.76 23.27 104.22
C HIS VC 99 85.87 24.16 103.68
N LYS VC 100 86.08 25.32 104.31
CA LYS VC 100 87.18 26.19 103.91
C LYS VC 100 88.51 25.47 104.04
N ARG VC 101 88.71 24.76 105.15
CA ARG VC 101 89.97 24.04 105.35
C ARG VC 101 90.18 22.98 104.27
N ASN VC 102 89.15 22.20 103.96
CA ASN VC 102 89.28 21.15 102.95
C ASN VC 102 89.53 21.73 101.56
N VAL VC 103 88.79 22.78 101.20
CA VAL VC 103 88.97 23.39 99.89
C VAL VC 103 90.37 23.99 99.78
N ASP VC 104 90.86 24.59 100.87
CA ASP VC 104 92.23 25.10 100.85
C ASP VC 104 93.24 23.99 100.66
N THR VC 105 93.03 22.86 101.36
CA THR VC 105 93.95 21.74 101.24
C THR VC 105 94.00 21.21 99.82
N LEU VC 106 92.86 21.12 99.16
CA LEU VC 106 92.85 20.62 97.78
C LEU VC 106 93.34 21.67 96.77
N PHE VC 107 93.01 22.94 96.98
CA PHE VC 107 93.16 23.96 95.97
C PHE VC 107 94.39 24.84 96.18
N ALA VC 108 94.48 25.50 97.34
CA ALA VC 108 95.54 26.47 97.57
C ALA VC 108 96.90 25.80 97.69
N SER VC 109 96.98 24.74 98.51
CA SER VC 109 98.23 24.01 98.69
C SER VC 109 98.37 22.85 97.72
N GLY VC 110 97.37 22.57 96.90
CA GLY VC 110 97.42 21.50 95.94
C GLY VC 110 97.50 22.00 94.50
N ASN VC 111 97.15 21.12 93.58
CA ASN VC 111 97.16 21.42 92.16
C ASN VC 111 95.79 21.26 91.52
N ALA VC 112 94.73 21.41 92.32
CA ALA VC 112 93.38 21.26 91.79
C ALA VC 112 93.03 22.36 90.81
N GLY VC 113 93.71 23.50 90.89
CA GLY VC 113 93.42 24.59 89.96
C GLY VC 113 93.90 24.30 88.55
N LEU VC 114 94.87 23.40 88.41
CA LEU VC 114 95.39 23.05 87.10
C LEU VC 114 94.68 21.83 86.55
N GLY VC 115 93.66 21.36 87.26
CA GLY VC 115 92.93 20.17 86.83
C GLY VC 115 93.53 18.88 87.29
N PHE VC 116 93.83 18.77 88.59
CA PHE VC 116 94.45 17.59 89.16
C PHE VC 116 93.71 17.18 90.43
N LEU VC 117 93.67 15.88 90.68
CA LEU VC 117 93.09 15.33 91.89
C LEU VC 117 94.16 14.53 92.64
N ASP VC 118 94.26 14.77 93.94
CA ASP VC 118 95.23 14.05 94.77
C ASP VC 118 94.48 13.16 95.74
N PRO VC 119 94.40 11.85 95.50
CA PRO VC 119 93.70 10.96 96.45
C PRO VC 119 94.33 10.90 97.82
N THR VC 120 95.59 11.30 97.97
CA THR VC 120 96.30 11.25 99.24
C THR VC 120 96.14 12.53 100.05
N ALA VC 121 95.31 13.47 99.61
CA ALA VC 121 95.15 14.72 100.34
C ALA VC 121 94.51 14.47 101.69
N ALA VC 122 94.89 15.28 102.68
CA ALA VC 122 94.42 15.13 104.06
C ALA VC 122 93.12 15.91 104.24
N ILE VC 123 92.02 15.23 103.99
CA ILE VC 123 90.68 15.80 104.19
C ILE VC 123 90.20 15.41 105.57
N VAL VC 124 89.63 16.38 106.30
CA VAL VC 124 89.19 16.18 107.66
C VAL VC 124 87.72 16.54 107.79
N SER VC 125 87.08 15.97 108.81
CA SER VC 125 85.68 16.25 109.09
C SER VC 125 85.55 17.34 110.15
N SER VC 126 84.31 17.80 110.35
CA SER VC 126 84.05 18.83 111.34
C SER VC 126 84.10 18.29 112.76
N ASP VC 127 83.82 17.01 112.96
CA ASP VC 127 83.83 16.43 114.29
C ASP VC 127 85.25 16.33 114.82
N THR VC 128 85.37 16.37 116.14
CA THR VC 128 86.66 16.29 116.82
C THR VC 128 86.78 14.97 117.57
N THR VC 129 88.02 14.57 117.82
CA THR VC 129 88.29 13.35 118.56
C THR VC 129 88.36 13.62 120.06
N ALA WC 1 61.79 43.03 129.70
CA ALA WC 1 62.48 43.36 128.46
C ALA WC 1 62.06 42.42 127.35
N ASN WC 2 61.18 42.88 126.48
CA ASN WC 2 60.70 42.07 125.36
C ASN WC 2 61.78 41.92 124.31
N LYS WC 3 61.80 40.76 123.65
CA LYS WC 3 62.80 40.51 122.62
C LYS WC 3 62.48 41.33 121.38
N PRO WC 4 63.41 42.14 120.87
CA PRO WC 4 63.13 42.93 119.68
C PRO WC 4 63.23 42.10 118.41
N MET WC 5 62.63 42.62 117.34
CA MET WC 5 62.66 41.98 116.03
C MET WC 5 63.37 42.88 115.03
N GLN WC 6 63.75 42.28 113.90
CA GLN WC 6 64.40 42.96 112.80
C GLN WC 6 63.67 42.67 111.49
N PRO WC 7 63.66 43.61 110.54
CA PRO WC 7 62.98 43.35 109.27
C PRO WC 7 63.70 42.28 108.46
N ILE WC 8 62.94 41.34 107.91
CA ILE WC 8 63.47 40.25 107.13
C ILE WC 8 63.15 40.41 105.65
N THR WC 9 61.91 40.81 105.33
CA THR WC 9 61.54 41.19 103.98
C THR WC 9 60.96 42.59 104.02
N SER WC 10 61.53 43.48 103.19
CA SER WC 10 61.22 44.90 103.30
C SER WC 10 60.71 45.42 101.96
N THR WC 11 59.48 45.93 101.96
CA THR WC 11 58.91 46.66 100.85
C THR WC 11 58.07 47.79 101.41
N ALA WC 12 58.04 48.92 100.71
CA ALA WC 12 57.26 50.05 101.18
C ALA WC 12 55.77 49.70 101.27
N ASN WC 13 55.33 48.75 100.46
CA ASN WC 13 53.96 48.25 100.57
C ASN WC 13 53.79 47.30 101.74
N LYS WC 14 54.82 46.56 102.11
CA LYS WC 14 54.71 45.53 103.14
C LYS WC 14 56.07 45.25 103.76
N ILE WC 15 56.15 45.35 105.09
CA ILE WC 15 57.35 45.01 105.85
C ILE WC 15 56.97 43.99 106.91
N VAL WC 16 57.78 42.93 107.01
CA VAL WC 16 57.53 41.84 107.96
C VAL WC 16 58.74 41.77 108.90
N TRP WC 17 58.45 41.64 110.19
CA TRP WC 17 59.46 41.53 111.23
C TRP WC 17 59.53 40.09 111.73
N SER WC 18 60.71 39.67 112.15
CA SER WC 18 60.90 38.31 112.63
C SER WC 18 61.93 38.30 113.75
N ASP WC 19 61.71 37.43 114.73
CA ASP WC 19 62.62 37.29 115.86
C ASP WC 19 63.81 36.43 115.42
N PRO WC 20 65.04 36.92 115.57
CA PRO WC 20 66.20 36.09 115.20
C PRO WC 20 66.26 34.75 115.93
N THR WC 21 65.77 34.68 117.17
CA THR WC 21 65.80 33.44 117.92
C THR WC 21 64.60 32.54 117.64
N ARG WC 22 63.47 33.10 117.20
CA ARG WC 22 62.29 32.31 116.86
C ARG WC 22 61.75 32.86 115.55
N LEU WC 23 62.15 32.24 114.43
CA LEU WC 23 61.72 32.73 113.13
C LEU WC 23 60.24 32.50 112.87
N SER WC 24 59.58 31.66 113.68
CA SER WC 24 58.15 31.43 113.52
C SER WC 24 57.32 32.62 113.98
N THR WC 25 57.89 33.53 114.76
CA THR WC 25 57.19 34.72 115.22
C THR WC 25 57.37 35.83 114.19
N THR WC 26 56.25 36.31 113.65
CA THR WC 26 56.27 37.32 112.61
C THR WC 26 55.27 38.42 112.93
N PHE WC 27 55.56 39.62 112.43
CA PHE WC 27 54.66 40.76 112.52
C PHE WC 27 54.69 41.49 111.19
N SER WC 28 53.54 41.64 110.55
CA SER WC 28 53.44 42.18 109.20
C SER WC 28 52.62 43.46 109.21
N ALA WC 29 53.07 44.43 108.41
CA ALA WC 29 52.34 45.68 108.21
C ALA WC 29 52.26 45.96 106.71
N SER WC 30 51.04 46.08 106.20
CA SER WC 30 50.81 46.35 104.79
C SER WC 30 49.86 47.53 104.66
N LEU WC 31 50.26 48.53 103.88
CA LEU WC 31 49.45 49.72 103.66
C LEU WC 31 49.05 49.80 102.19
N LEU WC 32 47.75 49.94 101.94
CA LEU WC 32 47.23 50.16 100.60
C LEU WC 32 46.54 51.52 100.58
N ARG WC 33 47.01 52.41 99.71
CA ARG WC 33 46.51 53.77 99.63
C ARG WC 33 45.78 53.98 98.31
N GLN WC 34 44.62 54.62 98.37
CA GLN WC 34 43.79 54.86 97.21
C GLN WC 34 43.09 56.21 97.37
N ARG WC 35 42.91 56.90 96.25
CA ARG WC 35 42.26 58.21 96.24
C ARG WC 35 40.76 58.00 96.04
N VAL WC 36 40.07 57.65 97.14
CA VAL WC 36 38.62 57.50 97.11
C VAL WC 36 38.00 58.82 97.51
N LYS WC 37 37.54 59.58 96.53
CA LYS WC 37 37.04 60.92 96.81
C LYS WC 37 35.52 60.94 96.91
N VAL WC 38 35.02 61.58 97.98
CA VAL WC 38 33.60 61.82 98.14
C VAL WC 38 33.24 63.06 97.31
N GLY WC 39 31.95 63.32 97.16
CA GLY WC 39 31.49 64.43 96.35
C GLY WC 39 32.11 65.76 96.69
N ILE WC 40 32.52 66.50 95.66
CA ILE WC 40 33.11 67.85 95.74
C ILE WC 40 34.20 67.93 96.82
N ALA WC 41 34.91 66.82 97.03
CA ALA WC 41 35.98 66.79 98.02
C ALA WC 41 37.03 65.79 97.58
N GLU WC 42 38.24 65.96 98.10
CA GLU WC 42 39.37 65.08 97.84
C GLU WC 42 39.81 64.44 99.14
N LEU WC 43 39.94 63.11 99.14
CA LEU WC 43 40.32 62.38 100.34
C LEU WC 43 41.26 61.26 99.96
N ASN WC 44 42.33 61.08 100.74
CA ASN WC 44 43.27 59.99 100.56
C ASN WC 44 43.02 58.94 101.61
N ASN WC 45 42.68 57.73 101.16
CA ASN WC 45 42.34 56.63 102.05
C ASN WC 45 43.52 55.68 102.20
N VAL WC 46 43.85 55.35 103.44
CA VAL WC 46 44.97 54.47 103.76
C VAL WC 46 44.40 53.32 104.60
N SER WC 47 44.40 52.11 104.04
CA SER WC 47 43.95 50.93 104.75
C SER WC 47 45.15 50.17 105.27
N GLY WC 48 45.21 49.99 106.59
CA GLY WC 48 46.35 49.34 107.20
C GLY WC 48 46.05 47.96 107.77
N GLN WC 49 46.73 46.94 107.26
CA GLN WC 49 46.57 45.58 107.72
C GLN WC 49 47.79 45.18 108.54
N TYR WC 50 47.55 44.75 109.78
CA TYR WC 50 48.61 44.36 110.69
C TYR WC 50 48.33 42.94 111.17
N VAL WC 51 49.30 42.04 110.98
CA VAL WC 51 49.15 40.62 111.29
C VAL WC 51 50.27 40.21 112.21
N SER WC 52 49.92 39.56 113.32
CA SER WC 52 50.88 39.00 114.25
C SER WC 52 50.68 37.50 114.36
N VAL WC 53 51.75 36.73 114.17
CA VAL WC 53 51.70 35.28 114.14
C VAL WC 53 52.68 34.73 115.17
N TYR WC 54 52.20 33.85 116.03
CA TYR WC 54 53.04 33.14 116.99
C TYR WC 54 52.59 31.69 117.05
N LYS WC 55 53.54 30.78 116.93
CA LYS WC 55 53.25 29.34 116.96
C LYS WC 55 53.59 28.82 118.35
N ARG WC 56 52.56 28.66 119.18
CA ARG WC 56 52.69 28.25 120.56
C ARG WC 56 52.51 26.75 120.70
N PRO WC 57 53.36 26.08 121.47
CA PRO WC 57 53.16 24.64 121.70
C PRO WC 57 51.85 24.36 122.41
N ALA WC 58 51.25 23.22 122.09
CA ALA WC 58 50.02 22.82 122.74
C ALA WC 58 50.28 22.58 124.22
N PRO WC 59 49.29 22.83 125.08
CA PRO WC 59 49.54 22.75 126.53
C PRO WC 59 49.88 21.34 127.00
N LYS WC 60 50.91 21.23 127.83
CA LYS WC 60 51.31 19.97 128.44
C LYS WC 60 50.30 19.55 129.49
N PRO WC 61 50.17 18.25 129.77
CA PRO WC 61 49.24 17.81 130.82
C PRO WC 61 49.56 18.42 132.17
N GLU WC 62 48.52 18.76 132.93
CA GLU WC 62 48.71 19.49 134.18
C GLU WC 62 49.51 18.68 135.19
N GLY WC 63 49.21 17.39 135.32
CA GLY WC 63 49.93 16.55 136.26
C GLY WC 63 51.17 15.93 135.64
N CYS WC 64 52.09 16.76 135.16
CA CYS WC 64 53.29 16.29 134.48
C CYS WC 64 54.50 17.04 135.00
N ALA WC 65 55.57 16.29 135.28
CA ALA WC 65 56.85 16.87 135.66
C ALA WC 65 58.00 16.44 134.77
N ASP WC 66 57.71 15.85 133.60
CA ASP WC 66 58.76 15.37 132.72
C ASP WC 66 59.57 16.52 132.16
N ALA WC 67 60.87 16.30 131.99
CA ALA WC 67 61.79 17.36 131.59
C ALA WC 67 61.52 17.83 130.16
N CYS WC 68 61.56 16.92 129.20
CA CYS WC 68 61.46 17.29 127.79
C CYS WC 68 60.50 16.36 127.06
N VAL WC 69 59.25 16.78 126.95
CA VAL WC 69 58.27 16.15 126.07
C VAL WC 69 57.58 17.25 125.28
N ILE WC 70 57.86 17.32 123.98
CA ILE WC 70 57.42 18.43 123.15
C ILE WC 70 56.28 17.94 122.24
N MET WC 71 55.19 18.71 122.22
CA MET WC 71 54.04 18.41 121.39
C MET WC 71 53.86 19.53 120.37
N PRO WC 72 53.23 19.26 119.23
CA PRO WC 72 53.31 20.19 118.09
C PRO WC 72 52.65 21.53 118.37
N ASN WC 73 53.04 22.51 117.57
CA ASN WC 73 52.65 23.90 117.74
C ASN WC 73 51.27 24.16 117.13
N GLU WC 74 50.63 25.24 117.57
CA GLU WC 74 49.35 25.68 117.04
C GLU WC 74 49.51 27.10 116.53
N ASN WC 75 48.65 27.50 115.60
CA ASN WC 75 48.74 28.81 115.01
C ASN WC 75 47.92 29.81 115.81
N GLN WC 76 48.56 30.87 116.29
CA GLN WC 76 47.90 31.96 116.99
C GLN WC 76 48.07 33.22 116.16
N SER WC 77 46.97 33.75 115.64
CA SER WC 77 47.00 34.88 114.74
C SER WC 77 46.10 36.00 115.24
N ILE WC 78 46.59 37.22 115.16
CA ILE WC 78 45.82 38.42 115.49
C ILE WC 78 45.98 39.40 114.35
N ARG WC 79 44.87 39.77 113.71
CA ARG WC 79 44.88 40.60 112.53
C ARG WC 79 43.96 41.79 112.71
N THR WC 80 44.49 42.99 112.47
CA THR WC 80 43.74 44.23 112.58
C THR WC 80 43.82 45.00 111.26
N VAL WC 81 42.69 45.54 110.82
CA VAL WC 81 42.61 46.35 109.62
C VAL WC 81 42.03 47.70 110.00
N ILE WC 82 42.75 48.77 109.68
CA ILE WC 82 42.33 50.14 109.96
C ILE WC 82 42.20 50.88 108.65
N SER WC 83 41.00 51.40 108.38
CA SER WC 83 40.70 52.09 107.14
C SER WC 83 40.13 53.46 107.45
N GLY WC 84 40.67 54.49 106.81
CA GLY WC 84 40.20 55.85 107.02
C GLY WC 84 40.98 56.88 106.23
N SER WC 85 40.44 58.09 106.13
CA SER WC 85 41.12 59.15 105.40
C SER WC 85 42.29 59.69 106.21
N ALA WC 86 43.29 60.23 105.51
CA ALA WC 86 44.45 60.80 106.19
C ALA WC 86 44.10 62.10 106.89
N GLU WC 87 43.07 62.79 106.42
CA GLU WC 87 42.69 64.06 107.03
C GLU WC 87 42.13 63.86 108.43
N ASN WC 88 41.53 62.71 108.68
CA ASN WC 88 40.88 62.41 109.96
C ASN WC 88 41.75 61.53 110.86
N LEU WC 89 43.06 61.76 110.88
CA LEU WC 89 43.96 60.87 111.59
C LEU WC 89 43.74 60.93 113.09
N ALA WC 90 43.48 62.12 113.64
CA ALA WC 90 43.27 62.23 115.09
C ALA WC 90 42.01 61.50 115.52
N THR WC 91 40.92 61.66 114.77
CA THR WC 91 39.70 60.94 115.07
C THR WC 91 39.87 59.44 114.88
N LEU WC 92 40.67 59.04 113.88
CA LEU WC 92 40.95 57.62 113.70
C LEU WC 92 41.71 57.06 114.90
N LYS WC 93 42.64 57.84 115.44
CA LYS WC 93 43.37 57.41 116.64
C LYS WC 93 42.43 57.28 117.84
N ALA WC 94 41.50 58.24 117.99
CA ALA WC 94 40.52 58.13 119.06
C ALA WC 94 39.65 56.89 118.89
N GLU WC 95 39.22 56.62 117.66
CA GLU WC 95 38.44 55.41 117.39
C GLU WC 95 39.26 54.16 117.70
N TRP WC 96 40.56 54.21 117.41
CA TRP WC 96 41.44 53.07 117.72
C TRP WC 96 41.51 52.83 119.22
N GLU WC 97 41.62 53.91 120.00
CA GLU WC 97 41.63 53.75 121.46
C GLU WC 97 40.32 53.17 121.97
N THR WC 98 39.19 53.66 121.44
CA THR WC 98 37.89 53.13 121.86
C THR WC 98 37.75 51.66 121.48
N HIS WC 99 38.20 51.30 120.28
CA HIS WC 99 38.19 49.90 119.86
C HIS WC 99 39.06 49.05 120.77
N LYS WC 100 40.22 49.58 121.16
CA LYS WC 100 41.06 48.91 122.13
C LYS WC 100 40.29 48.59 123.40
N ARG WC 101 39.65 49.61 123.97
CA ARG WC 101 38.97 49.41 125.26
C ARG WC 101 37.81 48.43 125.13
N ASN WC 102 37.06 48.51 124.03
CA ASN WC 102 35.94 47.59 123.83
C ASN WC 102 36.43 46.15 123.66
N VAL WC 103 37.45 45.94 122.83
CA VAL WC 103 37.96 44.59 122.63
C VAL WC 103 38.56 44.07 123.93
N ASP WC 104 39.18 44.94 124.72
CA ASP WC 104 39.72 44.52 126.00
C ASP WC 104 38.63 44.07 126.95
N THR WC 105 37.55 44.85 127.06
CA THR WC 105 36.49 44.49 128.01
C THR WC 105 35.74 43.24 127.55
N LEU WC 106 35.73 42.98 126.24
CA LEU WC 106 35.14 41.71 125.79
C LEU WC 106 36.07 40.52 125.96
N PHE WC 107 37.36 40.69 125.70
CA PHE WC 107 38.31 39.59 125.55
C PHE WC 107 39.18 39.39 126.79
N ALA WC 108 39.92 40.42 127.19
CA ALA WC 108 40.91 40.26 128.26
C ALA WC 108 40.22 40.05 129.61
N SER WC 109 39.23 40.87 129.92
CA SER WC 109 38.49 40.75 131.18
C SER WC 109 37.19 39.99 131.02
N GLY WC 110 36.88 39.50 129.83
CA GLY WC 110 35.65 38.78 129.57
C GLY WC 110 35.87 37.30 129.38
N ASN WC 111 34.93 36.67 128.67
CA ASN WC 111 34.96 35.24 128.40
C ASN WC 111 34.89 34.94 126.90
N ALA WC 112 35.03 35.97 126.06
CA ALA WC 112 34.98 35.76 124.62
C ALA WC 112 36.13 34.88 124.14
N GLY WC 113 37.26 34.89 124.84
CA GLY WC 113 38.36 34.01 124.50
C GLY WC 113 38.02 32.55 124.60
N LEU WC 114 37.32 32.15 125.66
CA LEU WC 114 36.82 30.79 125.79
C LEU WC 114 35.56 30.56 124.97
N GLY WC 115 34.90 31.61 124.52
CA GLY WC 115 33.81 31.46 123.57
C GLY WC 115 32.44 31.84 124.06
N PHE WC 116 32.33 32.74 125.03
CA PHE WC 116 31.05 33.18 125.56
C PHE WC 116 30.93 34.68 125.41
N LEU WC 117 29.83 35.12 124.80
CA LEU WC 117 29.52 36.53 124.64
C LEU WC 117 28.52 36.97 125.70
N ASP WC 118 28.81 38.10 126.35
CA ASP WC 118 27.95 38.62 127.40
C ASP WC 118 27.21 39.84 126.88
N PRO WC 119 25.91 39.77 126.65
CA PRO WC 119 25.16 40.98 126.24
C PRO WC 119 25.25 42.13 127.22
N THR WC 120 25.68 41.90 128.45
CA THR WC 120 25.74 42.94 129.47
C THR WC 120 27.09 43.64 129.54
N ALA WC 121 27.96 43.41 128.56
CA ALA WC 121 29.28 44.04 128.57
C ALA WC 121 29.16 45.54 128.44
N ALA WC 122 30.06 46.26 129.11
CA ALA WC 122 30.03 47.72 129.15
C ALA WC 122 30.79 48.27 127.95
N ILE WC 123 30.13 48.26 126.80
CA ILE WC 123 30.69 48.83 125.58
C ILE WC 123 30.34 50.30 125.51
N VAL WC 124 31.35 51.14 125.27
CA VAL WC 124 31.16 52.59 125.23
C VAL WC 124 31.75 53.14 123.94
N SER WC 125 31.26 54.31 123.55
CA SER WC 125 31.66 54.92 122.28
C SER WC 125 32.79 55.93 122.50
N SER WC 126 33.32 56.44 121.39
CA SER WC 126 34.44 57.37 121.45
C SER WC 126 34.01 58.76 121.90
N ASP WC 127 32.82 59.20 121.52
CA ASP WC 127 32.37 60.53 121.89
C ASP WC 127 32.16 60.63 123.40
N THR WC 128 32.45 61.81 123.94
CA THR WC 128 32.35 62.07 125.36
C THR WC 128 31.16 62.98 125.65
N THR WC 129 30.59 62.83 126.83
CA THR WC 129 29.44 63.62 127.24
C THR WC 129 29.87 65.05 127.59
N ALA XC 1 64.73 75.64 107.98
CA ALA XC 1 64.31 74.29 108.34
C ALA XC 1 63.11 73.84 107.51
N ASN XC 2 63.38 73.31 106.32
CA ASN XC 2 62.31 72.86 105.45
C ASN XC 2 61.83 71.48 105.89
N LYS XC 3 60.60 71.14 105.49
CA LYS XC 3 59.96 69.92 105.97
C LYS XC 3 60.56 68.70 105.28
N PRO XC 4 61.04 67.71 106.04
CA PRO XC 4 61.57 66.50 105.40
C PRO XC 4 60.46 65.59 104.91
N MET XC 5 60.84 64.59 104.12
CA MET XC 5 59.92 63.60 103.58
C MET XC 5 60.33 62.20 104.02
N GLN XC 6 59.44 61.24 103.76
CA GLN XC 6 59.65 59.82 103.97
C GLN XC 6 59.28 59.04 102.72
N PRO XC 7 59.90 57.88 102.49
CA PRO XC 7 59.61 57.12 101.26
C PRO XC 7 58.27 56.41 101.29
N ILE XC 8 57.45 56.62 100.25
CA ILE XC 8 56.18 55.90 100.16
C ILE XC 8 56.29 54.65 99.29
N THR XC 9 57.22 54.62 98.34
CA THR XC 9 57.43 53.46 97.48
C THR XC 9 58.92 53.23 97.35
N SER XC 10 59.38 52.06 97.79
CA SER XC 10 60.79 51.72 97.77
C SER XC 10 61.01 50.53 96.84
N THR XC 11 61.88 50.71 95.87
CA THR XC 11 62.20 49.66 94.90
C THR XC 11 63.67 49.79 94.54
N ALA XC 12 64.25 48.70 94.03
CA ALA XC 12 65.66 48.71 93.64
C ALA XC 12 65.93 49.67 92.50
N ASN XC 13 64.88 50.09 91.78
CA ASN XC 13 65.03 50.98 90.65
C ASN XC 13 64.29 52.30 90.77
N LYS XC 14 63.47 52.49 91.81
CA LYS XC 14 62.70 53.73 91.94
C LYS XC 14 62.28 53.89 93.40
N ILE XC 15 62.61 55.04 93.98
CA ILE XC 15 62.17 55.40 95.33
C ILE XC 15 61.41 56.72 95.24
N VAL XC 16 60.20 56.74 95.82
CA VAL XC 16 59.33 57.90 95.77
C VAL XC 16 59.13 58.42 97.19
N TRP XC 17 59.38 59.70 97.39
CA TRP XC 17 59.17 60.37 98.66
C TRP XC 17 57.85 61.12 98.65
N SER XC 18 57.38 61.51 99.83
CA SER XC 18 56.16 62.29 99.96
C SER XC 18 56.13 62.96 101.32
N ASP XC 19 55.64 64.19 101.35
CA ASP XC 19 55.55 64.94 102.60
C ASP XC 19 54.37 64.45 103.43
N PRO XC 20 54.57 64.14 104.71
CA PRO XC 20 53.43 63.73 105.55
C PRO XC 20 52.33 64.77 105.63
N THR XC 21 52.68 66.05 105.65
CA THR XC 21 51.65 67.08 105.73
C THR XC 21 50.87 67.19 104.44
N ARG XC 22 51.54 67.21 103.29
CA ARG XC 22 50.90 67.30 101.99
C ARG XC 22 51.34 66.10 101.16
N LEU XC 23 50.39 65.18 100.90
CA LEU XC 23 50.73 63.97 100.15
C LEU XC 23 50.84 64.26 98.66
N SER XC 24 50.42 65.44 98.24
CA SER XC 24 50.46 65.81 96.83
C SER XC 24 51.89 66.05 96.35
N THR XC 25 52.79 66.41 97.27
CA THR XC 25 54.16 66.72 96.92
C THR XC 25 55.01 65.47 97.00
N THR XC 26 55.53 65.02 95.86
CA THR XC 26 56.35 63.82 95.80
C THR XC 26 57.63 64.10 95.03
N PHE XC 27 58.68 63.36 95.41
CA PHE XC 27 59.98 63.42 94.73
C PHE XC 27 60.39 61.99 94.39
N SER XC 28 60.62 61.74 93.10
CA SER XC 28 60.89 60.39 92.61
C SER XC 28 62.23 60.36 91.89
N ALA XC 29 62.99 59.29 92.14
CA ALA XC 29 64.28 59.08 91.50
C ALA XC 29 64.31 57.67 90.93
N SER XC 30 64.55 57.57 89.62
CA SER XC 30 64.61 56.28 88.94
C SER XC 30 65.94 56.17 88.23
N LEU XC 31 66.60 55.02 88.39
CA LEU XC 31 67.89 54.77 87.76
C LEU XC 31 67.77 53.61 86.78
N LEU XC 32 68.33 53.79 85.59
CA LEU XC 32 68.43 52.74 84.59
C LEU XC 32 69.91 52.45 84.35
N ARG XC 33 70.28 51.17 84.52
CA ARG XC 33 71.67 50.76 84.41
C ARG XC 33 71.84 49.86 83.20
N GLN XC 34 72.74 50.25 82.31
CA GLN XC 34 72.99 49.51 81.08
C GLN XC 34 74.48 49.52 80.77
N ARG XC 35 74.94 48.46 80.10
CA ARG XC 35 76.31 48.42 79.60
C ARG XC 35 76.33 48.92 78.17
N VAL XC 36 77.13 49.95 77.91
CA VAL XC 36 77.22 50.59 76.61
C VAL XC 36 78.48 50.08 75.91
N LYS XC 37 78.30 49.52 74.71
CA LYS XC 37 79.40 48.97 73.94
C LYS XC 37 80.03 50.08 73.11
N VAL XC 38 81.23 50.49 73.50
CA VAL XC 38 82.03 51.45 72.75
C VAL XC 38 83.29 50.74 72.29
N GLY XC 39 83.74 51.10 71.08
CA GLY XC 39 84.88 50.45 70.47
C GLY XC 39 86.07 50.33 71.41
N ILE XC 40 86.64 49.12 71.46
CA ILE XC 40 87.73 48.74 72.36
C ILE XC 40 87.50 49.29 73.77
N ALA XC 41 86.27 49.21 74.25
CA ALA XC 41 85.94 49.66 75.60
C ALA XC 41 84.71 48.91 76.09
N GLU XC 42 84.56 48.84 77.41
CA GLU XC 42 83.38 48.26 78.06
C GLU XC 42 83.09 49.08 79.30
N LEU XC 43 82.15 50.02 79.17
CA LEU XC 43 81.83 50.97 80.23
C LEU XC 43 80.34 50.96 80.51
N ASN XC 44 79.98 51.34 81.73
CA ASN XC 44 78.62 51.20 82.25
C ASN XC 44 77.97 52.57 82.35
N ASN XC 45 76.84 52.74 81.68
CA ASN XC 45 76.10 54.00 81.74
C ASN XC 45 75.00 53.91 82.80
N VAL XC 46 74.74 55.04 83.45
CA VAL XC 46 73.68 55.15 84.45
C VAL XC 46 72.86 56.39 84.11
N SER XC 47 71.56 56.20 83.89
CA SER XC 47 70.64 57.27 83.58
C SER XC 47 69.69 57.47 84.76
N GLY XC 48 69.68 58.67 85.32
CA GLY XC 48 68.85 58.94 86.47
C GLY XC 48 67.79 60.00 86.22
N GLN XC 49 66.53 59.62 86.39
CA GLN XC 49 65.40 60.50 86.16
C GLN XC 49 64.85 60.97 87.50
N TYR XC 50 65.02 62.26 87.79
CA TYR XC 50 64.57 62.86 89.03
C TYR XC 50 63.40 63.78 88.74
N VAL XC 51 62.27 63.53 89.40
CA VAL XC 51 61.04 64.26 89.14
C VAL XC 51 60.54 64.87 90.45
N SER XC 52 60.26 66.17 90.44
CA SER XC 52 59.67 66.86 91.56
C SER XC 52 58.33 67.46 91.13
N VAL XC 53 57.29 67.20 91.92
CA VAL XC 53 55.95 67.68 91.62
C VAL XC 53 55.39 68.40 92.84
N TYR XC 54 54.69 69.50 92.58
CA TYR XC 54 54.00 70.25 93.61
C TYR XC 54 52.64 70.67 93.08
N LYS XC 55 51.61 70.46 93.88
CA LYS XC 55 50.24 70.79 93.48
C LYS XC 55 49.87 72.17 94.03
N ARG XC 56 50.54 73.18 93.47
CA ARG XC 56 50.39 74.55 93.97
C ARG XC 56 48.98 75.08 93.67
N PRO XC 57 48.36 75.78 94.61
CA PRO XC 57 47.06 76.37 94.33
C PRO XC 57 47.14 77.47 93.28
N ALA XC 58 46.05 77.61 92.54
CA ALA XC 58 45.93 78.70 91.59
C ALA XC 58 45.87 80.03 92.34
N PRO XC 59 46.29 81.14 91.75
CA PRO XC 59 46.43 82.37 92.53
C PRO XC 59 45.09 83.00 92.87
N LYS XC 60 44.97 83.42 94.13
CA LYS XC 60 43.72 83.95 94.66
C LYS XC 60 43.34 85.24 93.94
N PRO XC 61 42.06 85.47 93.67
CA PRO XC 61 41.63 86.74 93.07
C PRO XC 61 41.93 87.91 93.98
N GLU XC 62 42.14 89.08 93.39
CA GLU XC 62 42.62 90.26 94.11
C GLU XC 62 41.51 90.89 94.91
N GLY XC 63 41.82 91.28 96.15
CA GLY XC 63 40.94 92.09 96.96
C GLY XC 63 39.81 91.36 97.65
N CYS XC 64 39.80 90.03 97.65
CA CYS XC 64 38.73 89.27 98.28
C CYS XC 64 39.34 88.27 99.26
N ALA XC 65 38.98 88.40 100.53
CA ALA XC 65 39.36 87.44 101.56
C ALA XC 65 38.22 86.44 101.72
N ASP XC 66 38.17 85.44 100.84
CA ASP XC 66 37.10 84.45 100.89
C ASP XC 66 37.18 83.65 102.19
N ALA XC 67 36.01 83.20 102.64
CA ALA XC 67 35.93 82.50 103.92
C ALA XC 67 36.76 81.22 103.91
N CYS XC 68 36.63 80.44 102.84
CA CYS XC 68 37.35 79.17 102.74
C CYS XC 68 38.01 79.06 101.37
N VAL XC 69 39.16 78.41 101.33
CA VAL XC 69 39.90 78.24 100.09
C VAL XC 69 39.18 77.22 99.20
N ILE XC 70 38.92 77.62 97.96
CA ILE XC 70 38.23 76.77 96.99
C ILE XC 70 39.00 76.80 95.68
N MET XC 71 40.24 77.24 95.74
CA MET XC 71 41.01 77.48 94.52
C MET XC 71 41.36 76.15 93.87
N PRO XC 72 41.12 75.99 92.56
CA PRO XC 72 41.45 74.73 91.89
C PRO XC 72 42.92 74.60 91.54
N ASN XC 73 43.71 74.09 92.49
CA ASN XC 73 45.16 73.98 92.38
C ASN XC 73 45.65 73.39 91.06
N GLU XC 74 46.88 73.74 90.68
CA GLU XC 74 47.47 73.37 89.41
C GLU XC 74 48.62 72.40 89.62
N ASN XC 75 49.32 72.08 88.52
CA ASN XC 75 50.42 71.13 88.55
C ASN XC 75 51.73 71.86 88.27
N GLN XC 76 52.70 71.69 89.16
CA GLN XC 76 54.04 72.23 88.97
C GLN XC 76 55.02 71.07 88.97
N SER XC 77 55.77 70.92 87.88
CA SER XC 77 56.66 69.78 87.71
C SER XC 77 58.03 70.26 87.28
N ILE XC 78 59.07 69.65 87.87
CA ILE XC 78 60.45 69.87 87.49
C ILE XC 78 61.11 68.51 87.33
N ARG XC 79 61.57 68.20 86.12
CA ARG XC 79 62.09 66.89 85.78
C ARG XC 79 63.50 67.02 85.22
N THR XC 80 64.41 66.21 85.74
CA THR XC 80 65.79 66.18 85.29
C THR XC 80 66.21 64.75 85.00
N VAL XC 81 66.98 64.57 83.93
CA VAL XC 81 67.55 63.27 83.56
C VAL XC 81 69.06 63.44 83.43
N ILE XC 82 69.81 62.68 84.22
CA ILE XC 82 71.26 62.72 84.21
C ILE XC 82 71.76 61.41 83.63
N SER XC 83 72.46 61.48 82.50
CA SER XC 83 72.95 60.31 81.79
C SER XC 83 74.45 60.44 81.62
N GLY XC 84 75.16 59.37 81.91
CA GLY XC 84 76.61 59.39 81.77
C GLY XC 84 77.20 58.09 82.29
N SER XC 85 78.49 57.92 82.01
CA SER XC 85 79.20 56.73 82.44
C SER XC 85 79.71 56.92 83.86
N ALA XC 86 79.79 55.80 84.60
CA ALA XC 86 80.27 55.86 85.98
C ALA XC 86 81.78 56.11 86.04
N GLU XC 87 82.49 55.81 84.96
CA GLU XC 87 83.93 56.01 84.95
C GLU XC 87 84.29 57.50 85.05
N ASN XC 88 83.45 58.36 84.46
CA ASN XC 88 83.67 59.80 84.45
C ASN XC 88 82.75 60.53 85.42
N LEU XC 89 82.57 59.99 86.63
CA LEU XC 89 81.59 60.54 87.55
C LEU XC 89 81.96 61.96 88.00
N ALA XC 90 83.26 62.21 88.24
CA ALA XC 90 83.67 63.53 88.69
C ALA XC 90 83.37 64.59 87.63
N THR XC 91 83.69 64.28 86.37
CA THR XC 91 83.39 65.21 85.30
C THR XC 91 81.90 65.34 85.04
N LEU XC 92 81.13 64.27 85.26
CA LEU XC 92 79.67 64.39 85.20
C LEU XC 92 79.15 65.33 86.27
N LYS XC 93 79.72 65.26 87.48
CA LYS XC 93 79.33 66.19 88.54
C LYS XC 93 79.69 67.63 88.17
N ALA XC 94 80.86 67.82 87.55
CA ALA XC 94 81.22 69.15 87.07
C ALA XC 94 80.23 69.64 86.01
N GLU XC 95 79.82 68.75 85.11
CA GLU XC 95 78.79 69.09 84.13
C GLU XC 95 77.49 69.47 84.82
N TRP XC 96 77.12 68.75 85.87
CA TRP XC 96 75.91 69.08 86.61
C TRP XC 96 76.00 70.46 87.23
N GLU XC 97 77.15 70.80 87.80
CA GLU XC 97 77.33 72.13 88.38
C GLU XC 97 77.22 73.22 87.31
N THR XC 98 77.85 73.01 86.15
CA THR XC 98 77.78 74.01 85.09
C THR XC 98 76.35 74.14 84.56
N HIS XC 99 75.63 73.03 84.45
CA HIS XC 99 74.24 73.05 84.02
C HIS XC 99 73.37 73.82 85.02
N LYS XC 100 73.60 73.59 86.32
CA LYS XC 100 72.88 74.35 87.33
C LYS XC 100 73.16 75.85 87.18
N ARG XC 101 74.41 76.22 86.95
CA ARG XC 101 74.76 77.62 86.78
C ARG XC 101 74.04 78.22 85.58
N ASN XC 102 74.04 77.52 84.45
CA ASN XC 102 73.41 78.04 83.24
C ASN XC 102 71.90 78.15 83.40
N VAL XC 103 71.28 77.15 84.01
CA VAL XC 103 69.83 77.18 84.19
C VAL XC 103 69.45 78.28 85.18
N ASP XC 104 70.30 78.51 86.19
CA ASP XC 104 70.05 79.63 87.10
C ASP XC 104 70.16 80.96 86.36
N THR XC 105 71.14 81.07 85.46
CA THR XC 105 71.30 82.30 84.68
C THR XC 105 70.07 82.57 83.81
N LEU XC 106 69.56 81.53 83.15
CA LEU XC 106 68.41 81.73 82.27
C LEU XC 106 67.11 81.92 83.05
N PHE XC 107 66.91 81.13 84.10
CA PHE XC 107 65.63 81.03 84.80
C PHE XC 107 65.62 81.72 86.16
N ALA XC 108 66.56 81.37 87.03
CA ALA XC 108 66.55 81.94 88.38
C ALA XC 108 66.80 83.43 88.36
N SER XC 109 67.75 83.89 87.55
CA SER XC 109 68.09 85.29 87.45
C SER XC 109 67.57 85.96 86.19
N GLY XC 110 67.13 85.18 85.21
CA GLY XC 110 66.55 85.72 83.99
C GLY XC 110 65.06 85.43 83.89
N ASN XC 111 64.42 86.09 82.95
CA ASN XC 111 62.98 85.94 82.80
C ASN XC 111 62.62 84.86 81.77
N ALA XC 112 63.16 83.66 81.95
CA ALA XC 112 62.78 82.55 81.09
C ALA XC 112 61.43 81.99 81.47
N GLY XC 113 61.07 82.06 82.76
CA GLY XC 113 59.80 81.54 83.20
C GLY XC 113 58.61 82.28 82.59
N LEU XC 114 58.79 83.58 82.32
CA LEU XC 114 57.72 84.35 81.69
C LEU XC 114 57.61 84.05 80.20
N GLY XC 115 58.59 83.35 79.64
CA GLY XC 115 58.54 82.95 78.25
C GLY XC 115 59.56 83.62 77.35
N PHE XC 116 60.54 84.32 77.90
CA PHE XC 116 61.50 85.04 77.06
C PHE XC 116 62.87 84.39 77.14
N LEU XC 117 63.45 84.12 75.98
CA LEU XC 117 64.79 83.54 75.87
C LEU XC 117 65.75 84.64 75.45
N ASP XC 118 66.60 85.06 76.38
CA ASP XC 118 67.53 86.16 76.12
C ASP XC 118 68.69 85.66 75.29
N PRO XC 119 68.94 86.22 74.10
CA PRO XC 119 70.09 85.77 73.29
C PRO XC 119 71.42 86.30 73.77
N THR XC 120 71.45 87.24 74.72
CA THR XC 120 72.70 87.79 75.23
C THR XC 120 73.07 87.27 76.60
N ALA XC 121 72.45 86.19 77.06
CA ALA XC 121 72.74 85.65 78.38
C ALA XC 121 74.18 85.12 78.43
N ALA XC 122 74.79 85.24 79.62
CA ALA XC 122 76.17 84.81 79.82
C ALA XC 122 76.20 83.33 80.17
N ILE XC 123 76.12 82.50 79.16
CA ILE XC 123 76.19 81.05 79.31
C ILE XC 123 77.64 80.62 79.24
N VAL XC 124 78.06 79.74 80.15
CA VAL XC 124 79.44 79.29 80.25
C VAL XC 124 79.51 77.78 80.13
N SER XC 125 80.64 77.29 79.65
CA SER XC 125 80.87 75.86 79.54
C SER XC 125 81.58 75.33 80.79
N SER XC 126 81.67 74.00 80.87
CA SER XC 126 82.29 73.38 82.03
C SER XC 126 83.81 73.50 82.02
N ASP XC 127 84.43 73.65 80.86
CA ASP XC 127 85.87 73.75 80.79
C ASP XC 127 86.34 75.09 81.36
N THR XC 128 87.57 75.09 81.86
CA THR XC 128 88.19 76.27 82.45
C THR XC 128 89.42 76.70 81.66
N THR XC 129 89.75 77.97 81.77
CA THR XC 129 90.91 78.52 81.08
C THR XC 129 92.14 78.49 81.98
N ALA YC 1 -47.60 95.18 -102.59
CA ALA YC 1 -48.67 94.27 -102.21
C ALA YC 1 -48.14 93.11 -101.38
N ASN YC 2 -48.15 93.28 -100.06
CA ASN YC 2 -47.66 92.24 -99.17
C ASN YC 2 -48.62 91.07 -99.12
N LYS YC 3 -48.07 89.87 -99.00
CA LYS YC 3 -48.90 88.67 -99.01
C LYS YC 3 -49.67 88.53 -97.71
N PRO YC 4 -51.00 88.45 -97.74
CA PRO YC 4 -51.76 88.25 -96.51
C PRO YC 4 -51.42 86.91 -95.86
N MET YC 5 -51.46 86.89 -94.54
CA MET YC 5 -51.19 85.69 -93.74
C MET YC 5 -52.44 85.33 -92.97
N GLN YC 6 -52.79 84.04 -92.98
CA GLN YC 6 -54.00 83.60 -92.30
C GLN YC 6 -53.65 82.71 -91.12
N PRO YC 7 -54.45 82.72 -90.05
CA PRO YC 7 -54.04 82.05 -88.81
C PRO YC 7 -54.03 80.54 -88.93
N ILE YC 8 -53.21 79.91 -88.10
CA ILE YC 8 -53.20 78.46 -87.96
C ILE YC 8 -53.73 78.00 -86.60
N THR YC 9 -53.44 78.72 -85.53
CA THR YC 9 -53.97 78.41 -84.20
C THR YC 9 -54.64 79.64 -83.65
N SER YC 10 -55.90 79.50 -83.23
CA SER YC 10 -56.68 80.60 -82.72
C SER YC 10 -57.15 80.31 -81.30
N THR YC 11 -56.92 81.26 -80.40
CA THR YC 11 -57.30 81.14 -79.01
C THR YC 11 -57.43 82.55 -78.44
N ALA YC 12 -58.28 82.69 -77.43
CA ALA YC 12 -58.50 84.00 -76.82
C ALA YC 12 -57.24 84.54 -76.17
N ASN YC 13 -56.27 83.67 -75.88
CA ASN YC 13 -55.03 84.07 -75.24
C ASN YC 13 -53.83 84.08 -76.19
N LYS YC 14 -53.95 83.48 -77.37
CA LYS YC 14 -52.83 83.39 -78.31
C LYS YC 14 -53.36 83.11 -79.70
N ILE YC 15 -52.83 83.84 -80.69
CA ILE YC 15 -53.14 83.61 -82.10
C ILE YC 15 -51.83 83.54 -82.86
N VAL YC 16 -51.69 82.54 -83.72
CA VAL YC 16 -50.48 82.34 -84.52
C VAL YC 16 -50.86 82.46 -85.98
N TRP YC 17 -50.17 83.34 -86.70
CA TRP YC 17 -50.37 83.54 -88.13
C TRP YC 17 -49.21 82.92 -88.90
N SER YC 18 -49.51 82.34 -90.05
CA SER YC 18 -48.50 81.73 -90.90
C SER YC 18 -48.77 82.05 -92.36
N ASP YC 19 -47.71 82.15 -93.15
CA ASP YC 19 -47.85 82.39 -94.58
C ASP YC 19 -48.21 81.07 -95.27
N PRO YC 20 -49.29 81.04 -96.05
CA PRO YC 20 -49.66 79.78 -96.71
C PRO YC 20 -48.59 79.23 -97.64
N THR YC 21 -47.81 80.09 -98.30
CA THR YC 21 -46.73 79.64 -99.15
C THR YC 21 -45.51 79.16 -98.37
N ARG YC 22 -45.23 79.76 -97.21
CA ARG YC 22 -44.12 79.34 -96.37
C ARG YC 22 -44.55 79.33 -94.91
N LEU YC 23 -44.96 78.16 -94.40
CA LEU YC 23 -45.48 78.08 -93.04
C LEU YC 23 -44.40 78.34 -92.00
N SER YC 24 -43.13 78.29 -92.42
CA SER YC 24 -42.05 78.65 -91.51
C SER YC 24 -42.09 80.10 -91.09
N THR YC 25 -42.77 80.96 -91.86
CA THR YC 25 -42.96 82.36 -91.48
C THR YC 25 -44.11 82.44 -90.51
N THR YC 26 -43.83 82.80 -89.26
CA THR YC 26 -44.83 82.81 -88.20
C THR YC 26 -44.90 84.17 -87.55
N PHE YC 27 -46.10 84.52 -87.08
CA PHE YC 27 -46.33 85.73 -86.31
C PHE YC 27 -47.28 85.39 -85.17
N SER YC 28 -46.83 85.64 -83.94
CA SER YC 28 -47.58 85.26 -82.75
C SER YC 28 -47.89 86.47 -81.90
N ALA YC 29 -49.08 86.47 -81.30
CA ALA YC 29 -49.51 87.53 -80.38
C ALA YC 29 -50.20 86.87 -79.20
N SER YC 30 -49.64 87.06 -78.00
CA SER YC 30 -50.17 86.47 -76.78
C SER YC 30 -50.39 87.57 -75.76
N LEU YC 31 -51.56 87.56 -75.12
CA LEU YC 31 -51.91 88.55 -74.11
C LEU YC 31 -52.02 87.90 -72.75
N LEU YC 32 -51.46 88.56 -71.74
CA LEU YC 32 -51.57 88.11 -70.35
C LEU YC 32 -52.09 89.27 -69.52
N ARG YC 33 -53.17 89.03 -68.78
CA ARG YC 33 -53.88 90.09 -68.07
C ARG YC 33 -53.84 89.84 -66.57
N GLN YC 34 -53.41 90.85 -65.82
CA GLN YC 34 -53.44 90.82 -64.36
C GLN YC 34 -53.97 92.14 -63.84
N ARG YC 35 -54.47 92.12 -62.61
CA ARG YC 35 -54.93 93.31 -61.93
C ARG YC 35 -53.92 93.68 -60.86
N VAL YC 36 -53.49 94.95 -60.86
CA VAL YC 36 -52.41 95.43 -60.00
C VAL YC 36 -52.95 96.58 -59.16
N LYS YC 37 -52.71 96.53 -57.86
CA LYS YC 37 -53.17 97.57 -56.93
C LYS YC 37 -52.06 98.60 -56.77
N VAL YC 38 -52.04 99.57 -57.70
CA VAL YC 38 -51.03 100.61 -57.67
C VAL YC 38 -51.44 101.73 -56.73
N GLY YC 39 -52.58 102.35 -56.99
CA GLY YC 39 -53.01 103.53 -56.27
C GLY YC 39 -54.29 103.32 -55.48
N ILE YC 40 -54.36 102.19 -54.78
CA ILE YC 40 -55.52 101.67 -54.05
C ILE YC 40 -56.71 101.60 -55.00
N ALA YC 41 -56.42 101.57 -56.31
CA ALA YC 41 -57.41 101.31 -57.34
C ALA YC 41 -56.88 100.19 -58.22
N GLU YC 42 -57.73 99.21 -58.52
CA GLU YC 42 -57.31 98.01 -59.22
C GLU YC 42 -57.24 98.28 -60.72
N LEU YC 43 -56.07 98.72 -61.17
CA LEU YC 43 -55.83 98.91 -62.59
C LEU YC 43 -55.64 97.56 -63.27
N ASN YC 44 -56.12 97.47 -64.52
CA ASN YC 44 -56.03 96.22 -65.28
C ASN YC 44 -54.83 96.28 -66.24
N ASN YC 45 -53.78 95.58 -65.85
CA ASN YC 45 -52.56 95.54 -66.64
C ASN YC 45 -52.69 94.54 -67.78
N VAL YC 46 -52.17 94.92 -68.95
CA VAL YC 46 -52.14 94.05 -70.12
C VAL YC 46 -50.70 93.97 -70.60
N SER YC 47 -50.20 92.75 -70.76
CA SER YC 47 -48.83 92.51 -71.21
C SER YC 47 -48.89 91.69 -72.49
N GLY YC 48 -48.81 92.38 -73.63
CA GLY YC 48 -48.91 91.74 -74.93
C GLY YC 48 -47.52 91.43 -75.48
N GLN YC 49 -47.33 90.18 -75.87
CA GLN YC 49 -46.09 89.71 -76.46
C GLN YC 49 -46.33 89.39 -77.92
N TYR YC 50 -45.60 90.06 -78.81
CA TYR YC 50 -45.71 89.86 -80.25
C TYR YC 50 -44.37 89.37 -80.77
N VAL YC 51 -44.37 88.22 -81.43
CA VAL YC 51 -43.15 87.59 -81.92
C VAL YC 51 -43.31 87.32 -83.42
N SER YC 52 -42.37 87.83 -84.20
CA SER YC 52 -42.32 87.56 -85.64
C SER YC 52 -41.04 86.80 -85.96
N VAL YC 53 -41.20 85.65 -86.61
CA VAL YC 53 -40.10 84.75 -86.90
C VAL YC 53 -40.07 84.46 -88.39
N TYR YC 54 -38.90 84.63 -89.01
CA TYR YC 54 -38.69 84.29 -90.40
C TYR YC 54 -37.41 83.51 -90.53
N LYS YC 55 -37.50 82.30 -91.07
CA LYS YC 55 -36.33 81.46 -91.29
C LYS YC 55 -35.76 81.79 -92.67
N ARG YC 56 -34.60 82.42 -92.68
CA ARG YC 56 -34.01 82.96 -93.90
C ARG YC 56 -32.83 82.11 -94.36
N PRO YC 57 -32.80 81.66 -95.60
CA PRO YC 57 -31.65 80.90 -96.10
C PRO YC 57 -30.49 81.83 -96.40
N ALA YC 58 -29.38 81.60 -95.72
CA ALA YC 58 -28.17 82.41 -95.91
C ALA YC 58 -26.92 81.54 -96.08
N PRO YC 59 -26.87 80.72 -97.14
CA PRO YC 59 -25.56 80.22 -97.57
C PRO YC 59 -24.66 81.36 -98.03
N LYS YC 60 -25.27 82.40 -98.60
CA LYS YC 60 -24.65 83.63 -99.08
C LYS YC 60 -23.45 83.34 -99.98
N PRO YC 61 -23.65 82.69 -101.13
CA PRO YC 61 -22.55 82.53 -102.09
C PRO YC 61 -22.28 83.85 -102.78
N GLU YC 62 -21.19 84.50 -102.40
CA GLU YC 62 -20.89 85.84 -102.88
C GLU YC 62 -20.51 85.81 -104.35
N GLY YC 63 -21.40 86.33 -105.19
CA GLY YC 63 -21.12 86.49 -106.60
C GLY YC 63 -21.74 85.52 -107.58
N CYS YC 64 -21.91 84.27 -107.19
CA CYS YC 64 -22.34 83.27 -108.17
C CYS YC 64 -23.38 82.35 -107.55
N ALA YC 65 -24.40 82.03 -108.34
CA ALA YC 65 -25.35 80.98 -108.05
C ALA YC 65 -25.66 80.24 -109.34
N ASP YC 66 -25.48 78.93 -109.32
CA ASP YC 66 -25.62 78.15 -110.56
C ASP YC 66 -26.79 77.17 -110.52
N ALA YC 67 -26.93 76.41 -109.44
CA ALA YC 67 -28.01 75.44 -109.31
C ALA YC 67 -28.54 75.52 -107.89
N CYS YC 68 -29.73 74.95 -107.67
CA CYS YC 68 -30.34 75.00 -106.34
C CYS YC 68 -29.84 73.83 -105.50
N VAL YC 69 -29.16 74.16 -104.42
CA VAL YC 69 -28.69 73.19 -103.43
C VAL YC 69 -29.56 73.39 -102.20
N ILE YC 70 -29.57 72.43 -101.28
CA ILE YC 70 -30.30 72.59 -100.04
C ILE YC 70 -29.81 73.83 -99.29
N MET YC 71 -30.75 74.69 -98.92
CA MET YC 71 -30.44 75.87 -98.15
C MET YC 71 -30.26 75.52 -96.67
N PRO YC 72 -29.11 75.79 -96.07
CA PRO YC 72 -29.03 75.82 -94.60
C PRO YC 72 -29.60 77.12 -94.08
N ASN YC 73 -30.43 77.05 -93.04
CA ASN YC 73 -31.26 78.18 -92.64
C ASN YC 73 -30.85 78.71 -91.27
N GLU YC 74 -31.02 80.01 -91.09
CA GLU YC 74 -30.86 80.66 -89.80
C GLU YC 74 -32.20 81.26 -89.39
N ASN YC 75 -32.32 81.57 -88.10
CA ASN YC 75 -33.56 82.07 -87.53
C ASN YC 75 -33.44 83.58 -87.30
N GLN YC 76 -34.34 84.35 -87.90
CA GLN YC 76 -34.45 85.77 -87.65
C GLN YC 76 -35.70 86.00 -86.80
N SER YC 77 -35.51 86.56 -85.61
CA SER YC 77 -36.60 86.73 -84.65
C SER YC 77 -36.70 88.19 -84.23
N ILE YC 78 -37.95 88.67 -84.15
CA ILE YC 78 -38.25 90.00 -83.64
C ILE YC 78 -39.33 89.83 -82.58
N ARG YC 79 -38.98 90.12 -81.33
CA ARG YC 79 -39.86 89.88 -80.19
C ARG YC 79 -40.07 91.19 -79.45
N THR YC 80 -41.34 91.57 -79.26
CA THR YC 80 -41.70 92.79 -78.55
C THR YC 80 -42.72 92.49 -77.47
N VAL YC 81 -42.63 93.25 -76.38
CA VAL YC 81 -43.55 93.12 -75.25
C VAL YC 81 -43.99 94.52 -74.85
N ILE YC 82 -45.29 94.73 -74.75
CA ILE YC 82 -45.86 96.00 -74.32
C ILE YC 82 -46.64 95.75 -73.03
N SER YC 83 -46.26 96.43 -71.96
CA SER YC 83 -46.88 96.25 -70.65
C SER YC 83 -47.38 97.60 -70.16
N GLY YC 84 -48.63 97.64 -69.72
CA GLY YC 84 -49.20 98.87 -69.20
C GLY YC 84 -50.68 98.72 -68.84
N SER YC 85 -51.19 99.67 -68.06
CA SER YC 85 -52.60 99.64 -67.68
C SER YC 85 -53.47 99.98 -68.88
N ALA YC 86 -54.63 99.32 -68.97
CA ALA YC 86 -55.55 99.57 -70.08
C ALA YC 86 -56.16 100.96 -69.99
N GLU YC 87 -56.13 101.57 -68.80
CA GLU YC 87 -56.75 102.88 -68.62
C GLU YC 87 -55.90 104.00 -69.17
N ASN YC 88 -54.62 103.73 -69.43
CA ASN YC 88 -53.68 104.70 -69.99
C ASN YC 88 -53.28 104.32 -71.40
N LEU YC 89 -54.25 103.86 -72.20
CA LEU YC 89 -53.94 103.30 -73.51
C LEU YC 89 -53.42 104.37 -74.47
N ALA YC 90 -53.93 105.60 -74.37
CA ALA YC 90 -53.45 106.66 -75.26
C ALA YC 90 -51.98 106.97 -75.00
N THR YC 91 -51.61 107.09 -73.73
CA THR YC 91 -50.22 107.30 -73.38
C THR YC 91 -49.35 106.11 -73.77
N LEU YC 92 -49.89 104.89 -73.65
CA LEU YC 92 -49.13 103.72 -74.07
C LEU YC 92 -48.89 103.73 -75.57
N LYS YC 93 -49.88 104.16 -76.35
CA LYS YC 93 -49.70 104.27 -77.80
C LYS YC 93 -48.66 105.35 -78.14
N ALA YC 94 -48.69 106.46 -77.43
CA ALA YC 94 -47.67 107.48 -77.64
C ALA YC 94 -46.28 106.95 -77.31
N GLU YC 95 -46.16 106.18 -76.22
CA GLU YC 95 -44.90 105.54 -75.88
C GLU YC 95 -44.46 104.57 -76.97
N TRP YC 96 -45.42 103.85 -77.56
CA TRP YC 96 -45.09 102.92 -78.63
C TRP YC 96 -44.55 103.65 -79.85
N GLU YC 97 -45.18 104.77 -80.21
CA GLU YC 97 -44.67 105.56 -81.33
C GLU YC 97 -43.27 106.08 -81.06
N THR YC 98 -43.04 106.59 -79.85
CA THR YC 98 -41.71 107.09 -79.50
C THR YC 98 -40.67 105.97 -79.51
N HIS YC 99 -41.06 104.79 -79.03
CA HIS YC 99 -40.16 103.64 -79.03
C HIS YC 99 -39.82 103.24 -80.45
N LYS YC 100 -40.81 103.26 -81.35
CA LYS YC 100 -40.54 102.98 -82.75
C LYS YC 100 -39.54 103.98 -83.32
N ARG YC 101 -39.73 105.26 -83.02
CA ARG YC 101 -38.81 106.28 -83.51
C ARG YC 101 -37.40 106.06 -82.99
N ASN YC 102 -37.27 105.74 -81.71
CA ASN YC 102 -35.95 105.53 -81.11
C ASN YC 102 -35.25 104.32 -81.70
N VAL YC 103 -35.98 103.20 -81.84
CA VAL YC 103 -35.38 102.00 -82.40
C VAL YC 103 -35.01 102.22 -83.86
N ASP YC 104 -35.82 102.98 -84.59
CA ASP YC 104 -35.46 103.33 -85.96
C ASP YC 104 -34.17 104.15 -85.99
N THR YC 105 -34.05 105.11 -85.08
CA THR YC 105 -32.85 105.94 -85.04
C THR YC 105 -31.60 105.09 -84.78
N LEU YC 106 -31.70 104.14 -83.84
CA LEU YC 106 -30.54 103.31 -83.52
C LEU YC 106 -30.24 102.24 -84.57
N PHE YC 107 -31.28 101.69 -85.19
CA PHE YC 107 -31.14 100.47 -86.00
C PHE YC 107 -31.35 100.71 -87.49
N ALA YC 108 -32.49 101.30 -87.86
CA ALA YC 108 -32.81 101.47 -89.28
C ALA YC 108 -31.84 102.44 -89.94
N SER YC 109 -31.52 103.54 -89.28
CA SER YC 109 -30.61 104.53 -89.81
C SER YC 109 -29.21 104.45 -89.20
N GLY YC 110 -29.01 103.61 -88.18
CA GLY YC 110 -27.73 103.48 -87.54
C GLY YC 110 -27.01 102.20 -87.94
N ASN YC 111 -26.14 101.75 -87.05
CA ASN YC 111 -25.34 100.55 -87.27
C ASN YC 111 -25.48 99.55 -86.12
N ALA YC 112 -26.60 99.62 -85.39
CA ALA YC 112 -26.80 98.72 -84.26
C ALA YC 112 -26.96 97.28 -84.70
N GLY YC 113 -27.42 97.05 -85.93
CA GLY YC 113 -27.59 95.68 -86.40
C GLY YC 113 -26.27 94.96 -86.56
N LEU YC 114 -25.19 95.69 -86.79
CA LEU YC 114 -23.88 95.10 -86.98
C LEU YC 114 -23.13 95.02 -85.66
N GLY YC 115 -23.78 95.40 -84.58
CA GLY YC 115 -23.13 95.38 -83.27
C GLY YC 115 -22.37 96.63 -82.93
N PHE YC 116 -23.01 97.79 -83.11
CA PHE YC 116 -22.38 99.08 -82.85
C PHE YC 116 -23.33 99.94 -82.02
N LEU YC 117 -22.75 100.80 -81.18
CA LEU YC 117 -23.51 101.77 -80.40
C LEU YC 117 -23.02 103.17 -80.75
N ASP YC 118 -23.96 104.09 -80.93
CA ASP YC 118 -23.61 105.48 -81.22
C ASP YC 118 -24.08 106.35 -80.06
N PRO YC 119 -23.19 106.75 -79.15
CA PRO YC 119 -23.62 107.60 -78.03
C PRO YC 119 -24.14 108.96 -78.46
N THR YC 120 -23.83 109.42 -79.66
CA THR YC 120 -24.29 110.71 -80.15
C THR YC 120 -25.61 110.62 -80.90
N ALA YC 121 -26.25 109.45 -80.91
CA ALA YC 121 -27.51 109.29 -81.61
C ALA YC 121 -28.59 110.17 -81.00
N ALA YC 122 -29.50 110.66 -81.84
CA ALA YC 122 -30.53 111.60 -81.42
C ALA YC 122 -31.73 110.82 -80.90
N ILE YC 123 -31.64 110.41 -79.64
CA ILE YC 123 -32.71 109.71 -78.96
C ILE YC 123 -33.63 110.73 -78.31
N VAL YC 124 -34.93 110.64 -78.60
CA VAL YC 124 -35.88 111.66 -78.20
C VAL YC 124 -37.08 111.00 -77.52
N SER YC 125 -37.66 111.69 -76.55
CA SER YC 125 -38.65 111.10 -75.68
C SER YC 125 -40.07 111.35 -76.17
N SER YC 126 -41.04 110.79 -75.44
CA SER YC 126 -42.43 110.93 -75.80
C SER YC 126 -42.99 112.30 -75.43
N ASP YC 127 -42.55 112.88 -74.32
CA ASP YC 127 -43.08 114.16 -73.88
C ASP YC 127 -42.67 115.26 -74.86
N THR YC 128 -43.56 116.24 -75.02
CA THR YC 128 -43.35 117.35 -75.94
C THR YC 128 -43.17 118.64 -75.16
N THR YC 129 -42.64 119.65 -75.86
CA THR YC 129 -42.41 120.95 -75.25
C THR YC 129 -43.54 121.93 -75.61
N ALA ZC 1 -79.40 103.59 -73.87
CA ALA ZC 1 -78.65 102.56 -74.59
C ALA ZC 1 -77.53 102.00 -73.72
N ASN ZC 2 -77.68 100.76 -73.31
CA ASN ZC 2 -76.67 100.12 -72.48
C ASN ZC 2 -75.39 99.88 -73.27
N LYS ZC 3 -74.25 99.97 -72.58
CA LYS ZC 3 -72.97 99.81 -73.24
C LYS ZC 3 -72.77 98.36 -73.68
N PRO ZC 4 -72.37 98.11 -74.91
CA PRO ZC 4 -72.15 96.73 -75.36
C PRO ZC 4 -70.91 96.12 -74.73
N MET ZC 5 -70.90 94.80 -74.65
CA MET ZC 5 -69.77 94.04 -74.13
C MET ZC 5 -69.21 93.15 -75.22
N GLN ZC 6 -67.92 92.83 -75.10
CA GLN ZC 6 -67.22 91.93 -76.01
C GLN ZC 6 -66.56 90.80 -75.23
N PRO ZC 7 -66.43 89.62 -75.83
CA PRO ZC 7 -65.78 88.51 -75.12
C PRO ZC 7 -64.27 88.72 -75.03
N ILE ZC 8 -63.71 88.43 -73.85
CA ILE ZC 8 -62.29 88.60 -73.60
C ILE ZC 8 -61.58 87.25 -73.51
N THR ZC 9 -62.19 86.26 -72.86
CA THR ZC 9 -61.70 84.89 -72.88
C THR ZC 9 -62.82 83.98 -73.36
N SER ZC 10 -62.49 83.11 -74.32
CA SER ZC 10 -63.50 82.33 -75.01
C SER ZC 10 -63.19 80.85 -74.90
N THR ZC 11 -64.10 80.10 -74.29
CA THR ZC 11 -64.07 78.65 -74.28
C THR ZC 11 -65.51 78.15 -74.37
N ALA ZC 12 -65.70 77.05 -75.10
CA ALA ZC 12 -67.05 76.52 -75.27
C ALA ZC 12 -67.67 76.14 -73.93
N ASN ZC 13 -66.84 75.76 -72.96
CA ASN ZC 13 -67.34 75.51 -71.61
C ASN ZC 13 -67.64 76.80 -70.86
N LYS ZC 14 -66.87 77.86 -71.10
CA LYS ZC 14 -67.00 79.09 -70.35
C LYS ZC 14 -66.59 80.28 -71.21
N ILE ZC 15 -67.49 81.24 -71.38
CA ILE ZC 15 -67.20 82.48 -72.09
C ILE ZC 15 -67.46 83.64 -71.15
N VAL ZC 16 -66.49 84.55 -71.05
CA VAL ZC 16 -66.58 85.72 -70.18
C VAL ZC 16 -66.67 86.96 -71.05
N TRP ZC 17 -67.61 87.84 -70.72
CA TRP ZC 17 -67.75 89.13 -71.39
C TRP ZC 17 -67.17 90.23 -70.51
N SER ZC 18 -66.80 91.34 -71.15
CA SER ZC 18 -66.22 92.46 -70.42
C SER ZC 18 -66.45 93.74 -71.19
N ASP ZC 19 -66.62 94.83 -70.46
CA ASP ZC 19 -66.79 96.15 -71.07
C ASP ZC 19 -65.42 96.74 -71.37
N PRO ZC 20 -65.12 97.08 -72.62
CA PRO ZC 20 -63.81 97.66 -72.93
C PRO ZC 20 -63.52 98.97 -72.22
N THR ZC 21 -64.55 99.71 -71.82
CA THR ZC 21 -64.34 100.96 -71.10
C THR ZC 21 -64.14 100.77 -69.61
N ARG ZC 22 -64.68 99.70 -69.04
CA ARG ZC 22 -64.48 99.38 -67.61
C ARG ZC 22 -64.27 97.88 -67.53
N LEU ZC 23 -63.01 97.45 -67.48
CA LEU ZC 23 -62.70 96.03 -67.49
C LEU ZC 23 -63.09 95.35 -66.17
N SER ZC 24 -63.40 96.12 -65.13
CA SER ZC 24 -63.72 95.53 -63.84
C SER ZC 24 -65.10 94.87 -63.82
N THR ZC 25 -65.95 95.13 -64.82
CA THR ZC 25 -67.27 94.53 -64.88
C THR ZC 25 -67.26 93.38 -65.88
N THR ZC 26 -67.73 92.21 -65.46
CA THR ZC 26 -67.70 91.00 -66.26
C THR ZC 26 -69.01 90.25 -66.15
N PHE ZC 27 -69.33 89.49 -67.20
CA PHE ZC 27 -70.48 88.59 -67.24
C PHE ZC 27 -70.05 87.32 -67.96
N SER ZC 28 -70.29 86.17 -67.34
CA SER ZC 28 -69.86 84.90 -67.88
C SER ZC 28 -70.97 83.87 -67.83
N ALA ZC 29 -70.90 82.92 -68.75
CA ALA ZC 29 -71.82 81.78 -68.80
C ALA ZC 29 -71.00 80.51 -68.89
N SER ZC 30 -71.25 79.58 -67.97
CA SER ZC 30 -70.58 78.28 -67.97
C SER ZC 30 -71.64 77.20 -67.98
N LEU ZC 31 -71.55 76.29 -68.95
CA LEU ZC 31 -72.49 75.18 -69.08
C LEU ZC 31 -71.77 73.86 -68.86
N LEU ZC 32 -72.31 73.04 -67.96
CA LEU ZC 32 -71.82 71.69 -67.73
C LEU ZC 32 -72.92 70.71 -68.10
N ARG ZC 33 -72.59 69.77 -68.98
CA ARG ZC 33 -73.56 68.82 -69.50
C ARG ZC 33 -73.19 67.41 -69.09
N GLN ZC 34 -74.17 66.66 -68.60
CA GLN ZC 34 -73.98 65.29 -68.14
C GLN ZC 34 -75.21 64.48 -68.52
N ARG ZC 35 -75.00 63.18 -68.75
CA ARG ZC 35 -76.08 62.27 -69.11
C ARG ZC 35 -76.56 61.60 -67.83
N VAL ZC 36 -77.37 62.32 -67.06
CA VAL ZC 36 -77.96 61.79 -65.83
C VAL ZC 36 -79.30 61.17 -66.19
N LYS ZC 37 -79.31 59.85 -66.40
CA LYS ZC 37 -80.52 59.19 -66.88
C LYS ZC 37 -81.34 58.64 -65.71
N VAL ZC 38 -82.64 58.94 -65.74
CA VAL ZC 38 -83.60 58.35 -64.81
C VAL ZC 38 -83.94 56.96 -65.31
N GLY ZC 39 -84.64 56.18 -64.49
CA GLY ZC 39 -85.00 54.82 -64.83
C GLY ZC 39 -85.68 54.68 -66.17
N ILE ZC 40 -85.24 53.69 -66.97
CA ILE ZC 40 -85.77 53.33 -68.28
C ILE ZC 40 -85.97 54.55 -69.17
N ALA ZC 41 -85.14 55.57 -69.00
CA ALA ZC 41 -85.22 56.77 -69.81
C ALA ZC 41 -83.84 57.38 -69.94
N GLU ZC 42 -83.67 58.20 -70.97
CA GLU ZC 42 -82.43 58.92 -71.22
C GLU ZC 42 -82.68 60.42 -71.14
N LEU ZC 43 -81.86 61.13 -70.36
CA LEU ZC 43 -82.04 62.56 -70.17
C LEU ZC 43 -80.68 63.23 -70.16
N ASN ZC 44 -80.57 64.37 -70.85
CA ASN ZC 44 -79.36 65.18 -70.87
C ASN ZC 44 -79.64 66.48 -70.13
N ASN ZC 45 -79.01 66.66 -68.98
CA ASN ZC 45 -79.20 67.85 -68.16
C ASN ZC 45 -78.06 68.82 -68.38
N VAL ZC 46 -78.37 70.11 -68.33
CA VAL ZC 46 -77.41 71.18 -68.58
C VAL ZC 46 -77.50 72.15 -67.41
N SER ZC 47 -76.48 72.13 -66.55
CA SER ZC 47 -76.41 73.05 -65.42
C SER ZC 47 -75.64 74.30 -65.85
N GLY ZC 48 -76.34 75.43 -65.91
CA GLY ZC 48 -75.73 76.65 -66.36
C GLY ZC 48 -75.53 77.69 -65.28
N GLN ZC 49 -74.30 78.15 -65.11
CA GLN ZC 49 -73.96 79.14 -64.09
C GLN ZC 49 -73.64 80.46 -64.77
N TYR ZC 50 -74.33 81.52 -64.35
CA TYR ZC 50 -74.14 82.85 -64.89
C TYR ZC 50 -73.83 83.79 -63.74
N VAL ZC 51 -72.70 84.49 -63.81
CA VAL ZC 51 -72.28 85.43 -62.78
C VAL ZC 51 -72.12 86.80 -63.40
N SER ZC 52 -72.65 87.82 -62.73
CA SER ZC 52 -72.47 89.21 -63.11
C SER ZC 52 -71.69 89.92 -62.01
N VAL ZC 53 -70.57 90.53 -62.39
CA VAL ZC 53 -69.68 91.17 -61.44
C VAL ZC 53 -69.56 92.65 -61.80
N TYR ZC 54 -69.76 93.51 -60.81
CA TYR ZC 54 -69.59 94.95 -60.97
C TYR ZC 54 -68.97 95.51 -59.68
N LYS ZC 55 -67.95 96.34 -59.85
CA LYS ZC 55 -67.26 96.94 -58.71
C LYS ZC 55 -67.70 98.40 -58.60
N ARG ZC 56 -68.56 98.68 -57.63
CA ARG ZC 56 -69.21 99.98 -57.50
C ARG ZC 56 -68.52 100.80 -56.42
N PRO ZC 57 -68.22 102.07 -56.68
CA PRO ZC 57 -67.65 102.92 -55.64
C PRO ZC 57 -68.60 103.08 -54.47
N ALA ZC 58 -68.02 103.17 -53.28
CA ALA ZC 58 -68.82 103.34 -52.08
C ALA ZC 58 -69.56 104.68 -52.15
N PRO ZC 59 -70.77 104.75 -51.59
CA PRO ZC 59 -71.56 105.97 -51.73
C PRO ZC 59 -70.93 107.18 -51.05
N LYS ZC 60 -70.84 108.28 -51.79
CA LYS ZC 60 -70.30 109.52 -51.27
C LYS ZC 60 -71.23 110.07 -50.20
N PRO ZC 61 -70.71 110.82 -49.22
CA PRO ZC 61 -71.58 111.40 -48.19
C PRO ZC 61 -72.67 112.29 -48.78
N GLU ZC 62 -73.86 112.25 -48.17
CA GLU ZC 62 -75.02 112.90 -48.78
C GLU ZC 62 -74.82 114.41 -48.92
N GLY ZC 63 -74.27 115.06 -47.90
CA GLY ZC 63 -74.04 116.48 -47.96
C GLY ZC 63 -72.66 116.83 -48.48
N CYS ZC 64 -72.33 116.37 -49.69
CA CYS ZC 64 -71.02 116.60 -50.28
C CYS ZC 64 -71.17 117.15 -51.67
N ALA ZC 65 -70.38 118.18 -52.00
CA ALA ZC 65 -70.32 118.74 -53.33
C ALA ZC 65 -68.91 118.78 -53.89
N ASP ZC 66 -67.97 118.04 -53.30
CA ASP ZC 66 -66.59 118.07 -53.76
C ASP ZC 66 -66.49 117.49 -55.16
N ALA ZC 67 -65.57 118.04 -55.95
CA ALA ZC 67 -65.43 117.66 -57.35
C ALA ZC 67 -64.99 116.21 -57.51
N CYS ZC 68 -63.82 115.87 -56.96
CA CYS ZC 68 -63.23 114.55 -57.16
C CYS ZC 68 -62.66 114.00 -55.85
N VAL ZC 69 -63.44 113.13 -55.21
CA VAL ZC 69 -62.95 112.30 -54.11
C VAL ZC 69 -63.40 110.87 -54.38
N ILE ZC 70 -62.45 109.94 -54.41
CA ILE ZC 70 -62.72 108.57 -54.82
C ILE ZC 70 -62.51 107.65 -53.61
N MET ZC 71 -63.48 106.78 -53.37
CA MET ZC 71 -63.41 105.78 -52.31
C MET ZC 71 -63.33 104.39 -52.92
N PRO ZC 72 -62.76 103.41 -52.23
CA PRO ZC 72 -62.52 102.09 -52.83
C PRO ZC 72 -63.83 101.38 -53.18
N ASN ZC 73 -63.73 100.51 -54.18
CA ASN ZC 73 -64.88 99.84 -54.74
C ASN ZC 73 -65.32 98.67 -53.88
N GLU ZC 74 -66.60 98.31 -54.00
CA GLU ZC 74 -67.16 97.14 -53.34
C GLU ZC 74 -67.56 96.13 -54.40
N ASN ZC 75 -67.67 94.87 -54.00
CA ASN ZC 75 -67.97 93.81 -54.95
C ASN ZC 75 -69.47 93.54 -54.99
N GLN ZC 76 -70.07 93.71 -56.17
CA GLN ZC 76 -71.47 93.40 -56.39
C GLN ZC 76 -71.53 92.19 -57.33
N SER ZC 77 -72.13 91.10 -56.85
CA SER ZC 77 -72.18 89.85 -57.59
C SER ZC 77 -73.59 89.31 -57.62
N ILE ZC 78 -74.01 88.84 -58.79
CA ILE ZC 78 -75.29 88.16 -58.97
C ILE ZC 78 -75.02 86.88 -59.73
N ARG ZC 79 -75.35 85.75 -59.11
CA ARG ZC 79 -75.05 84.43 -59.66
C ARG ZC 79 -76.34 83.60 -59.74
N THR ZC 80 -76.62 83.08 -60.93
CA THR ZC 80 -77.77 82.22 -61.16
C THR ZC 80 -77.32 80.89 -61.71
N VAL ZC 81 -77.89 79.81 -61.17
CA VAL ZC 81 -77.61 78.45 -61.61
C VAL ZC 81 -78.92 77.82 -62.04
N ILE ZC 82 -78.97 77.36 -63.29
CA ILE ZC 82 -80.17 76.74 -63.86
C ILE ZC 82 -79.82 75.32 -64.24
N SER ZC 83 -80.51 74.35 -63.66
CA SER ZC 83 -80.27 72.94 -63.89
C SER ZC 83 -81.56 72.28 -64.35
N GLY ZC 84 -81.48 71.53 -65.44
CA GLY ZC 84 -82.65 70.83 -65.96
C GLY ZC 84 -82.36 70.07 -67.24
N SER ZC 85 -83.23 69.14 -67.59
CA SER ZC 85 -83.04 68.36 -68.80
C SER ZC 85 -83.33 69.20 -70.04
N ALA ZC 86 -82.74 68.80 -71.16
CA ALA ZC 86 -82.96 69.53 -72.41
C ALA ZC 86 -84.36 69.31 -72.94
N GLU ZC 87 -84.97 68.17 -72.62
CA GLU ZC 87 -86.29 67.86 -73.14
C GLU ZC 87 -87.36 68.77 -72.56
N ASN ZC 88 -87.12 69.30 -71.36
CA ASN ZC 88 -88.10 70.12 -70.65
C ASN ZC 88 -87.78 71.61 -70.75
N LEU ZC 89 -87.31 72.06 -71.91
CA LEU ZC 89 -86.84 73.44 -72.04
C LEU ZC 89 -87.96 74.45 -71.85
N ALA ZC 90 -89.15 74.17 -72.40
CA ALA ZC 90 -90.25 75.12 -72.27
C ALA ZC 90 -90.70 75.28 -70.83
N THR ZC 91 -90.82 74.16 -70.11
CA THR ZC 91 -91.16 74.23 -68.70
C THR ZC 91 -90.07 74.89 -67.88
N LEU ZC 92 -88.81 74.67 -68.23
CA LEU ZC 92 -87.71 75.35 -67.53
C LEU ZC 92 -87.77 76.85 -67.77
N LYS ZC 93 -88.14 77.27 -68.99
CA LYS ZC 93 -88.29 78.70 -69.26
C LYS ZC 93 -89.45 79.29 -68.46
N ALA ZC 94 -90.55 78.55 -68.35
CA ALA ZC 94 -91.65 79.02 -67.50
C ALA ZC 94 -91.22 79.14 -66.05
N GLU ZC 95 -90.44 78.17 -65.56
CA GLU ZC 95 -89.90 78.25 -64.21
C GLU ZC 95 -88.99 79.46 -64.05
N TRP ZC 96 -88.20 79.77 -65.09
CA TRP ZC 96 -87.34 80.94 -65.04
C TRP ZC 96 -88.16 82.23 -64.96
N GLU ZC 97 -89.27 82.28 -65.70
CA GLU ZC 97 -90.13 83.46 -65.63
C GLU ZC 97 -90.75 83.63 -64.25
N THR ZC 98 -91.28 82.55 -63.68
CA THR ZC 98 -91.88 82.68 -62.35
C THR ZC 98 -90.81 82.95 -61.29
N HIS ZC 99 -89.59 82.46 -61.51
CA HIS ZC 99 -88.49 82.79 -60.62
C HIS ZC 99 -88.16 84.27 -60.69
N LYS ZC 100 -88.15 84.84 -61.91
CA LYS ZC 100 -88.03 86.28 -62.05
C LYS ZC 100 -89.08 86.99 -61.21
N ARG ZC 101 -90.34 86.57 -61.35
CA ARG ZC 101 -91.43 87.26 -60.67
C ARG ZC 101 -91.25 87.20 -59.15
N ASN ZC 102 -90.90 86.03 -58.62
CA ASN ZC 102 -90.76 85.88 -57.18
C ASN ZC 102 -89.56 86.67 -56.66
N VAL ZC 103 -88.42 86.58 -57.32
CA VAL ZC 103 -87.25 87.33 -56.89
C VAL ZC 103 -87.52 88.81 -56.96
N ASP ZC 104 -88.26 89.25 -57.98
CA ASP ZC 104 -88.60 90.67 -58.09
C ASP ZC 104 -89.49 91.12 -56.95
N THR ZC 105 -90.53 90.35 -56.64
CA THR ZC 105 -91.47 90.78 -55.61
C THR ZC 105 -90.82 90.72 -54.22
N LEU ZC 106 -89.77 89.92 -54.07
CA LEU ZC 106 -89.05 89.94 -52.79
C LEU ZC 106 -87.98 91.03 -52.73
N PHE ZC 107 -87.30 91.30 -53.83
CA PHE ZC 107 -86.10 92.14 -53.84
C PHE ZC 107 -86.38 93.55 -54.34
N ALA ZC 108 -86.90 93.69 -55.57
CA ALA ZC 108 -87.07 95.01 -56.17
C ALA ZC 108 -88.17 95.80 -55.48
N SER ZC 109 -89.32 95.16 -55.25
CA SER ZC 109 -90.44 95.81 -54.58
C SER ZC 109 -90.49 95.50 -53.10
N GLY ZC 110 -89.53 94.74 -52.57
CA GLY ZC 110 -89.50 94.38 -51.17
C GLY ZC 110 -88.35 95.04 -50.42
N ASN ZC 111 -88.04 94.47 -49.26
CA ASN ZC 111 -86.99 94.98 -48.39
C ASN ZC 111 -85.89 93.95 -48.17
N ALA ZC 112 -85.90 92.87 -48.95
CA ALA ZC 112 -84.88 91.84 -48.81
C ALA ZC 112 -83.50 92.35 -49.18
N GLY ZC 113 -83.43 93.35 -50.06
CA GLY ZC 113 -82.15 93.96 -50.39
C GLY ZC 113 -81.48 94.60 -49.20
N LEU ZC 114 -82.24 95.29 -48.35
CA LEU ZC 114 -81.71 95.83 -47.11
C LEU ZC 114 -81.62 94.79 -46.01
N GLY ZC 115 -82.35 93.69 -46.12
CA GLY ZC 115 -82.21 92.60 -45.18
C GLY ZC 115 -83.45 92.23 -44.41
N PHE ZC 116 -84.63 92.65 -44.86
CA PHE ZC 116 -85.89 92.35 -44.18
C PHE ZC 116 -86.69 91.37 -45.01
N LEU ZC 117 -87.20 90.32 -44.36
CA LEU ZC 117 -88.04 89.32 -45.00
C LEU ZC 117 -89.49 89.55 -44.62
N ASP ZC 118 -90.37 89.53 -45.62
CA ASP ZC 118 -91.79 89.71 -45.40
C ASP ZC 118 -92.49 88.37 -45.61
N PRO ZC 119 -93.02 87.74 -44.55
CA PRO ZC 119 -93.74 86.47 -44.74
C PRO ZC 119 -95.10 86.62 -45.39
N THR ZC 120 -95.54 87.85 -45.68
CA THR ZC 120 -96.81 88.10 -46.33
C THR ZC 120 -96.67 88.41 -47.82
N ALA ZC 121 -95.50 88.16 -48.41
CA ALA ZC 121 -95.27 88.47 -49.81
C ALA ZC 121 -96.13 87.57 -50.70
N ALA ZC 122 -96.45 88.08 -51.89
CA ALA ZC 122 -97.30 87.37 -52.85
C ALA ZC 122 -96.42 86.54 -53.76
N ILE ZC 123 -96.06 85.35 -53.30
CA ILE ZC 123 -95.29 84.40 -54.08
C ILE ZC 123 -96.25 83.49 -54.84
N VAL ZC 124 -95.98 83.31 -56.14
CA VAL ZC 124 -96.85 82.55 -57.02
C VAL ZC 124 -96.06 81.42 -57.66
N SER ZC 125 -96.78 80.39 -58.11
CA SER ZC 125 -96.17 79.26 -58.78
C SER ZC 125 -96.32 79.39 -60.30
N SER ZC 126 -95.62 78.52 -61.01
CA SER ZC 126 -95.65 78.56 -62.47
C SER ZC 126 -96.98 78.05 -63.03
N ASP ZC 127 -97.62 77.11 -62.35
CA ASP ZC 127 -98.88 76.56 -62.83
C ASP ZC 127 -99.98 77.62 -62.77
N THR ZC 128 -100.95 77.48 -63.66
CA THR ZC 128 -102.07 78.40 -63.76
C THR ZC 128 -103.37 77.70 -63.38
N THR ZC 129 -104.34 78.48 -62.93
CA THR ZC 129 -105.63 77.96 -62.53
C THR ZC 129 -106.48 77.60 -63.74
N ALA AD 1 -82.84 71.74 -97.29
CA ALA AD 1 -82.58 72.62 -96.16
C ALA AD 1 -82.20 71.82 -94.91
N ASN AD 2 -80.94 71.41 -94.85
CA ASN AD 2 -80.47 70.63 -93.71
C ASN AD 2 -80.39 71.50 -92.45
N LYS AD 3 -80.53 70.88 -91.30
CA LYS AD 3 -80.56 71.62 -90.04
C LYS AD 3 -79.17 72.13 -89.67
N PRO AD 4 -79.01 73.42 -89.41
CA PRO AD 4 -77.71 73.92 -88.95
C PRO AD 4 -77.28 73.27 -87.64
N MET AD 5 -75.97 73.22 -87.43
CA MET AD 5 -75.39 72.67 -86.21
C MET AD 5 -74.53 73.73 -85.53
N GLN AD 6 -74.35 73.58 -84.22
CA GLN AD 6 -73.58 74.52 -83.42
C GLN AD 6 -72.49 73.80 -82.63
N PRO AD 7 -71.39 74.48 -82.32
CA PRO AD 7 -70.29 73.81 -81.60
C PRO AD 7 -70.55 73.62 -80.12
N ILE AD 8 -70.34 72.40 -79.63
CA ILE AD 8 -70.43 72.16 -78.19
C ILE AD 8 -69.08 72.28 -77.49
N THR AD 9 -67.99 71.97 -78.18
CA THR AD 9 -66.65 72.04 -77.61
C THR AD 9 -65.72 72.66 -78.64
N SER AD 10 -65.13 73.80 -78.30
CA SER AD 10 -64.23 74.52 -79.19
C SER AD 10 -62.85 74.57 -78.57
N THR AD 11 -61.85 74.13 -79.34
CA THR AD 11 -60.47 74.09 -78.88
C THR AD 11 -59.56 74.34 -80.07
N ALA AD 12 -58.32 74.75 -79.80
CA ALA AD 12 -57.37 75.02 -80.87
C ALA AD 12 -57.04 73.78 -81.67
N ASN AD 13 -57.34 72.60 -81.14
CA ASN AD 13 -57.04 71.34 -81.82
C ASN AD 13 -58.25 70.46 -82.09
N LYS AD 14 -59.45 70.84 -81.63
CA LYS AD 14 -60.63 70.01 -81.81
C LYS AD 14 -61.88 70.85 -81.66
N ILE AD 15 -62.82 70.71 -82.59
CA ILE AD 15 -64.14 71.32 -82.51
C ILE AD 15 -65.18 70.25 -82.76
N VAL AD 16 -66.20 70.20 -81.90
CA VAL AD 16 -67.28 69.22 -82.01
C VAL AD 16 -68.59 69.99 -82.18
N TRP AD 17 -69.34 69.63 -83.22
CA TRP AD 17 -70.64 70.22 -83.48
C TRP AD 17 -71.74 69.27 -83.01
N SER AD 18 -72.95 69.81 -82.89
CA SER AD 18 -74.10 69.01 -82.48
C SER AD 18 -75.39 69.70 -82.90
N ASP AD 19 -76.37 68.90 -83.28
CA ASP AD 19 -77.66 69.45 -83.67
C ASP AD 19 -78.45 69.86 -82.42
N PRO AD 20 -79.02 71.07 -82.40
CA PRO AD 20 -79.84 71.46 -81.24
C PRO AD 20 -81.02 70.54 -80.99
N THR AD 21 -81.66 70.05 -82.06
CA THR AD 21 -82.83 69.19 -81.88
C THR AD 21 -82.45 67.83 -81.32
N ARG AD 22 -81.42 67.20 -81.88
CA ARG AD 22 -80.93 65.90 -81.42
C ARG AD 22 -79.48 66.06 -80.99
N LEU AD 23 -79.22 65.88 -79.69
CA LEU AD 23 -77.87 66.02 -79.19
C LEU AD 23 -77.05 64.76 -79.45
N SER AD 24 -77.71 63.69 -79.89
CA SER AD 24 -77.04 62.43 -80.16
C SER AD 24 -76.09 62.54 -81.35
N THR AD 25 -76.52 63.25 -82.39
CA THR AD 25 -75.71 63.37 -83.60
C THR AD 25 -74.66 64.47 -83.40
N THR AD 26 -73.41 64.15 -83.66
CA THR AD 26 -72.31 65.09 -83.51
C THR AD 26 -71.33 64.94 -84.67
N PHE AD 27 -70.60 66.01 -84.95
CA PHE AD 27 -69.57 66.02 -85.99
C PHE AD 27 -68.32 66.65 -85.40
N SER AD 28 -67.22 65.89 -85.37
CA SER AD 28 -65.99 66.31 -84.74
C SER AD 28 -64.86 66.40 -85.75
N ALA AD 29 -64.02 67.42 -85.59
CA ALA AD 29 -62.85 67.61 -86.44
C ALA AD 29 -61.64 67.88 -85.56
N SER AD 30 -60.56 67.15 -85.80
CA SER AD 30 -59.33 67.29 -85.03
C SER AD 30 -58.15 67.38 -85.99
N LEU AD 31 -57.24 68.32 -85.72
CA LEU AD 31 -56.07 68.51 -86.55
C LEU AD 31 -54.81 68.32 -85.71
N LEU AD 32 -53.88 67.51 -86.23
CA LEU AD 32 -52.59 67.27 -85.60
C LEU AD 32 -51.51 67.77 -86.52
N ARG AD 33 -50.64 68.64 -86.01
CA ARG AD 33 -49.64 69.33 -86.81
C ARG AD 33 -48.24 68.93 -86.35
N GLN AD 34 -47.44 68.43 -87.29
CA GLN AD 34 -46.07 68.03 -87.01
C GLN AD 34 -45.18 68.41 -88.19
N ARG AD 35 -43.91 68.69 -87.89
CA ARG AD 35 -42.92 68.90 -88.93
C ARG AD 35 -42.28 67.56 -89.29
N VAL AD 36 -42.26 67.25 -90.58
CA VAL AD 36 -41.74 65.98 -91.07
C VAL AD 36 -40.38 66.21 -91.68
N LYS AD 37 -39.40 65.41 -91.25
CA LYS AD 37 -38.04 65.50 -91.74
C LYS AD 37 -37.90 64.61 -92.96
N VAL AD 38 -37.81 65.22 -94.14
CA VAL AD 38 -37.57 64.53 -95.39
C VAL AD 38 -36.26 65.06 -95.96
N GLY AD 39 -35.50 64.16 -96.60
CA GLY AD 39 -34.19 64.50 -97.14
C GLY AD 39 -34.17 65.81 -97.89
N ILE AD 40 -33.20 66.67 -97.53
CA ILE AD 40 -33.03 68.03 -98.05
C ILE AD 40 -34.37 68.74 -98.17
N ALA AD 41 -35.22 68.59 -97.16
CA ALA AD 41 -36.51 69.27 -97.14
C ALA AD 41 -36.98 69.45 -95.71
N GLU AD 42 -37.72 70.52 -95.46
CA GLU AD 42 -38.37 70.76 -94.17
C GLU AD 42 -39.83 71.10 -94.47
N LEU AD 43 -40.66 70.08 -94.57
CA LEU AD 43 -42.07 70.26 -94.88
C LEU AD 43 -42.90 69.64 -93.77
N ASN AD 44 -44.01 70.29 -93.44
CA ASN AD 44 -44.79 69.98 -92.25
C ASN AD 44 -46.13 69.38 -92.64
N ASN AD 45 -46.51 68.31 -91.95
CA ASN AD 45 -47.72 67.58 -92.29
C ASN AD 45 -48.87 68.01 -91.39
N VAL AD 46 -50.09 67.92 -91.92
CA VAL AD 46 -51.31 68.18 -91.18
C VAL AD 46 -52.22 66.97 -91.34
N SER AD 47 -52.57 66.36 -90.21
CA SER AD 47 -53.45 65.20 -90.19
C SER AD 47 -54.81 65.62 -89.65
N GLY AD 48 -55.86 65.38 -90.44
CA GLY AD 48 -57.19 65.79 -90.05
C GLY AD 48 -58.14 64.62 -89.90
N GLN AD 49 -58.72 64.47 -88.71
CA GLN AD 49 -59.67 63.41 -88.42
C GLN AD 49 -61.06 64.01 -88.31
N TYR AD 50 -61.97 63.52 -89.14
CA TYR AD 50 -63.35 63.99 -89.17
C TYR AD 50 -64.27 62.80 -88.89
N VAL AD 51 -65.10 62.93 -87.85
CA VAL AD 51 -65.96 61.85 -87.40
C VAL AD 51 -67.40 62.34 -87.41
N SER AD 52 -68.26 61.63 -88.13
CA SER AD 52 -69.69 61.89 -88.13
C SER AD 52 -70.42 60.69 -87.54
N VAL AD 53 -71.23 60.93 -86.52
CA VAL AD 53 -71.95 59.87 -85.83
C VAL AD 53 -73.43 60.23 -85.77
N TYR AD 54 -74.28 59.24 -86.03
CA TYR AD 54 -75.73 59.39 -85.92
C TYR AD 54 -76.27 58.18 -85.18
N LYS AD 55 -77.14 58.42 -84.20
CA LYS AD 55 -77.70 57.35 -83.39
C LYS AD 55 -79.09 56.99 -83.93
N ARG AD 56 -79.08 56.37 -85.11
CA ARG AD 56 -80.32 56.02 -85.80
C ARG AD 56 -81.05 54.90 -85.07
N PRO AD 57 -82.36 55.00 -84.92
CA PRO AD 57 -83.12 53.91 -84.28
C PRO AD 57 -83.11 52.64 -85.11
N ALA AD 58 -83.24 51.52 -84.40
CA ALA AD 58 -83.33 50.22 -85.05
C ALA AD 58 -84.61 50.17 -85.88
N PRO AD 59 -84.67 49.35 -86.93
CA PRO AD 59 -85.84 49.39 -87.80
C PRO AD 59 -87.05 48.75 -87.16
N LYS AD 60 -88.17 49.45 -87.24
CA LYS AD 60 -89.41 49.02 -86.60
C LYS AD 60 -89.90 47.72 -87.24
N PRO AD 61 -90.46 46.80 -86.43
CA PRO AD 61 -91.02 45.57 -87.00
C PRO AD 61 -92.14 45.84 -87.98
N GLU AD 62 -92.45 44.86 -88.83
CA GLU AD 62 -93.34 45.04 -89.96
C GLU AD 62 -94.79 44.89 -89.52
N GLY AD 63 -95.64 45.79 -90.01
CA GLY AD 63 -97.08 45.67 -89.85
C GLY AD 63 -97.63 46.09 -88.51
N CYS AD 64 -96.83 46.69 -87.64
CA CYS AD 64 -97.29 47.09 -86.32
C CYS AD 64 -97.01 48.58 -86.11
N ALA AD 65 -98.06 49.36 -85.91
CA ALA AD 65 -97.94 50.76 -85.55
C ALA AD 65 -98.03 50.88 -84.03
N ASP AD 66 -96.89 50.75 -83.36
CA ASP AD 66 -96.88 50.79 -81.90
C ASP AD 66 -97.30 52.18 -81.40
N ALA AD 67 -97.83 52.19 -80.18
CA ALA AD 67 -98.33 53.44 -79.60
C ALA AD 67 -97.20 54.46 -79.46
N CYS AD 68 -96.04 54.03 -78.97
CA CYS AD 68 -94.90 54.90 -78.78
C CYS AD 68 -93.63 54.20 -79.25
N VAL AD 69 -92.65 54.99 -79.68
CA VAL AD 69 -91.39 54.44 -80.17
C VAL AD 69 -90.57 53.92 -79.00
N ILE AD 70 -90.18 52.65 -79.08
CA ILE AD 70 -89.40 52.00 -78.02
C ILE AD 70 -88.18 51.32 -78.62
N MET AD 71 -87.78 51.75 -79.81
CA MET AD 71 -86.72 51.07 -80.53
C MET AD 71 -85.37 51.33 -79.88
N PRO AD 72 -84.55 50.31 -79.66
CA PRO AD 72 -83.21 50.51 -79.09
C PRO AD 72 -82.19 50.95 -80.13
N ASN AD 73 -82.11 52.25 -80.37
CA ASN AD 73 -81.28 52.83 -81.42
C ASN AD 73 -79.85 52.28 -81.49
N GLU AD 74 -79.30 52.25 -82.70
CA GLU AD 74 -77.97 51.73 -82.95
C GLU AD 74 -76.99 52.87 -83.21
N ASN AD 75 -75.76 52.50 -83.57
CA ASN AD 75 -74.70 53.47 -83.80
C ASN AD 75 -74.29 53.45 -85.27
N GLN AD 76 -74.28 54.63 -85.90
CA GLN AD 76 -73.78 54.78 -87.26
C GLN AD 76 -72.63 55.77 -87.22
N SER AD 77 -71.49 55.38 -87.79
CA SER AD 77 -70.28 56.19 -87.73
C SER AD 77 -69.61 56.25 -89.10
N ILE AD 78 -69.07 57.41 -89.42
CA ILE AD 78 -68.28 57.63 -90.62
C ILE AD 78 -67.06 58.44 -90.23
N ARG AD 79 -65.88 57.83 -90.31
CA ARG AD 79 -64.63 58.44 -89.86
C ARG AD 79 -63.69 58.57 -91.05
N THR AD 80 -63.17 59.79 -91.24
CA THR AD 80 -62.29 60.09 -92.36
C THR AD 80 -61.03 60.77 -91.84
N VAL AD 81 -59.88 60.28 -92.32
CA VAL AD 81 -58.58 60.82 -91.94
C VAL AD 81 -57.87 61.27 -93.21
N ILE AD 82 -57.42 62.52 -93.22
CA ILE AD 82 -56.69 63.08 -94.35
C ILE AD 82 -55.33 63.52 -93.85
N SER AD 83 -54.27 63.00 -94.47
CA SER AD 83 -52.90 63.30 -94.08
C SER AD 83 -52.11 63.70 -95.31
N GLY AD 84 -51.38 64.81 -95.21
CA GLY AD 84 -50.59 65.28 -96.31
C GLY AD 84 -49.97 66.62 -95.98
N SER AD 85 -48.84 66.89 -96.64
CA SER AD 85 -48.11 68.12 -96.39
C SER AD 85 -48.88 69.32 -96.94
N ALA AD 86 -48.79 70.44 -96.22
CA ALA AD 86 -49.54 71.63 -96.61
C ALA AD 86 -48.98 72.25 -97.89
N GLU AD 87 -47.76 71.88 -98.28
CA GLU AD 87 -47.17 72.42 -99.50
C GLU AD 87 -47.88 71.87 -100.72
N ASN AD 88 -48.40 70.64 -100.63
CA ASN AD 88 -49.07 69.97 -101.74
C ASN AD 88 -50.58 69.93 -101.56
N LEU AD 89 -51.17 71.05 -101.10
CA LEU AD 89 -52.59 71.05 -100.77
C LEU AD 89 -53.46 70.86 -102.00
N ALA AD 90 -53.04 71.39 -103.14
CA ALA AD 90 -53.83 71.21 -104.36
C ALA AD 90 -53.92 69.73 -104.75
N THR AD 91 -52.78 69.04 -104.73
CA THR AD 91 -52.78 67.61 -105.01
C THR AD 91 -53.53 66.83 -103.95
N LEU AD 92 -53.49 67.27 -102.69
CA LEU AD 92 -54.26 66.60 -101.65
C LEU AD 92 -55.76 66.75 -101.90
N LYS AD 93 -56.19 67.92 -102.37
CA LYS AD 93 -57.60 68.11 -102.70
C LYS AD 93 -58.00 67.26 -103.91
N ALA AD 94 -57.12 67.15 -104.90
CA ALA AD 94 -57.39 66.26 -106.02
C ALA AD 94 -57.52 64.82 -105.56
N GLU AD 95 -56.64 64.39 -104.67
CA GLU AD 95 -56.74 63.05 -104.09
C GLU AD 95 -58.04 62.87 -103.32
N TRP AD 96 -58.48 63.91 -102.61
CA TRP AD 96 -59.75 63.84 -101.90
C TRP AD 96 -60.92 63.64 -102.86
N GLU AD 97 -60.91 64.38 -103.97
CA GLU AD 97 -61.97 64.22 -104.97
C GLU AD 97 -61.97 62.82 -105.56
N THR AD 98 -60.78 62.30 -105.90
CA THR AD 98 -60.70 60.95 -106.44
C THR AD 98 -61.15 59.91 -105.43
N HIS AD 99 -60.78 60.10 -104.16
CA HIS AD 99 -61.22 59.19 -103.11
C HIS AD 99 -62.72 59.20 -102.95
N LYS AD 100 -63.33 60.39 -102.99
CA LYS AD 100 -64.78 60.49 -102.92
C LYS AD 100 -65.42 59.75 -104.09
N ARG AD 101 -64.89 59.92 -105.29
CA ARG AD 101 -65.45 59.24 -106.46
C ARG AD 101 -65.35 57.73 -106.31
N ASN AD 102 -64.20 57.23 -105.87
CA ASN AD 102 -64.02 55.78 -105.72
C ASN AD 102 -64.93 55.22 -104.64
N VAL AD 103 -65.04 55.91 -103.50
CA VAL AD 103 -65.91 55.42 -102.43
C VAL AD 103 -67.36 55.46 -102.86
N ASP AD 104 -67.75 56.46 -103.64
CA ASP AD 104 -69.11 56.49 -104.18
C ASP AD 104 -69.34 55.33 -105.14
N THR AD 105 -68.34 55.01 -105.96
CA THR AD 105 -68.47 53.89 -106.88
C THR AD 105 -68.66 52.57 -106.14
N LEU AD 106 -67.87 52.36 -105.08
CA LEU AD 106 -67.98 51.09 -104.35
C LEU AD 106 -69.23 51.03 -103.47
N PHE AD 107 -69.61 52.16 -102.87
CA PHE AD 107 -70.60 52.20 -101.80
C PHE AD 107 -71.90 52.87 -102.21
N ALA AD 108 -71.83 54.11 -102.70
CA ALA AD 108 -73.05 54.85 -103.01
C ALA AD 108 -73.83 54.18 -104.14
N SER AD 109 -73.13 53.73 -105.19
CA SER AD 109 -73.76 53.07 -106.31
C SER AD 109 -73.48 51.57 -106.35
N GLY AD 110 -72.72 51.05 -105.40
CA GLY AD 110 -72.43 49.63 -105.33
C GLY AD 110 -73.12 48.95 -104.18
N ASN AD 111 -72.70 47.73 -103.89
CA ASN AD 111 -73.30 46.94 -102.81
C ASN AD 111 -72.29 46.68 -101.71
N ALA AD 112 -71.34 47.59 -101.51
CA ALA AD 112 -70.36 47.42 -100.45
C ALA AD 112 -71.01 47.53 -99.07
N GLY AD 113 -72.16 48.20 -99.00
CA GLY AD 113 -72.85 48.31 -97.72
C GLY AD 113 -73.33 46.97 -97.20
N LEU AD 114 -73.83 46.11 -98.09
CA LEU AD 114 -74.27 44.79 -97.66
C LEU AD 114 -73.09 43.88 -97.34
N GLY AD 115 -71.93 44.14 -97.93
CA GLY AD 115 -70.76 43.33 -97.69
C GLY AD 115 -70.12 42.75 -98.94
N PHE AD 116 -70.45 43.25 -100.12
CA PHE AD 116 -69.88 42.72 -101.35
C PHE AD 116 -68.83 43.67 -101.92
N LEU AD 117 -67.65 43.14 -102.20
CA LEU AD 117 -66.57 43.89 -102.84
C LEU AD 117 -66.48 43.43 -104.29
N ASP AD 118 -66.99 44.25 -105.19
CA ASP AD 118 -67.02 43.89 -106.61
C ASP AD 118 -65.62 43.98 -107.20
N PRO AD 119 -65.06 42.89 -107.73
CA PRO AD 119 -63.71 42.97 -108.32
C PRO AD 119 -63.67 43.66 -109.67
N THR AD 120 -64.81 43.92 -110.30
CA THR AD 120 -64.85 44.57 -111.60
C THR AD 120 -65.27 46.03 -111.52
N ALA AD 121 -65.29 46.63 -110.32
CA ALA AD 121 -65.70 48.01 -110.18
C ALA AD 121 -64.72 48.95 -110.86
N ALA AD 122 -65.24 50.06 -111.38
CA ALA AD 122 -64.45 51.02 -112.14
C ALA AD 122 -63.81 52.02 -111.18
N ILE AD 123 -62.60 51.72 -110.75
CA ILE AD 123 -61.84 52.59 -109.86
C ILE AD 123 -60.88 53.41 -110.70
N VAL AD 124 -60.78 54.71 -110.39
CA VAL AD 124 -59.98 55.64 -111.18
C VAL AD 124 -58.93 56.29 -110.29
N SER AD 125 -57.87 56.79 -110.93
CA SER AD 125 -56.78 57.45 -110.22
C SER AD 125 -56.93 58.96 -110.28
N SER AD 126 -56.13 59.65 -109.47
CA SER AD 126 -56.12 61.10 -109.48
C SER AD 126 -55.44 61.66 -110.72
N ASP AD 127 -54.48 60.92 -111.28
CA ASP AD 127 -53.82 61.37 -112.49
C ASP AD 127 -54.77 61.31 -113.68
N THR AD 128 -54.54 62.21 -114.64
CA THR AD 128 -55.37 62.29 -115.84
C THR AD 128 -54.55 61.95 -117.06
N THR AD 129 -55.24 61.68 -118.16
CA THR AD 129 -54.60 61.33 -119.42
C THR AD 129 -54.86 62.39 -120.48
N ALA BD 1 -12.37 -145.38 -25.80
CA ALA BD 1 -12.52 -144.96 -24.41
C ALA BD 1 -12.00 -143.54 -24.22
N ASN BD 2 -12.92 -142.60 -24.01
CA ASN BD 2 -12.54 -141.21 -23.81
C ASN BD 2 -12.40 -140.90 -22.33
N LYS BD 3 -11.60 -139.90 -22.01
CA LYS BD 3 -11.26 -139.61 -20.62
C LYS BD 3 -12.42 -138.89 -19.92
N PRO BD 4 -12.94 -139.42 -18.82
CA PRO BD 4 -14.01 -138.73 -18.09
C PRO BD 4 -13.53 -137.45 -17.45
N MET BD 5 -14.46 -136.52 -17.23
CA MET BD 5 -14.19 -135.25 -16.57
C MET BD 5 -15.03 -135.19 -15.30
N GLN BD 6 -14.47 -134.56 -14.25
CA GLN BD 6 -15.22 -134.32 -13.04
C GLN BD 6 -15.31 -132.82 -12.77
N PRO BD 7 -16.40 -132.34 -12.17
CA PRO BD 7 -16.61 -130.90 -12.07
C PRO BD 7 -15.65 -130.24 -11.09
N ILE BD 8 -15.40 -128.95 -11.32
CA ILE BD 8 -14.61 -128.14 -10.40
C ILE BD 8 -15.44 -127.04 -9.76
N THR BD 9 -16.47 -126.54 -10.41
CA THR BD 9 -17.39 -125.57 -9.84
C THR BD 9 -18.81 -126.02 -10.13
N SER BD 10 -19.61 -126.17 -9.07
CA SER BD 10 -20.97 -126.67 -9.20
C SER BD 10 -21.94 -125.65 -8.62
N THR BD 11 -22.92 -125.27 -9.45
CA THR BD 11 -23.97 -124.35 -9.05
C THR BD 11 -25.22 -124.69 -9.83
N ALA BD 12 -26.38 -124.29 -9.29
CA ALA BD 12 -27.64 -124.59 -9.96
C ALA BD 12 -27.77 -123.83 -11.28
N ASN BD 13 -26.95 -122.79 -11.47
CA ASN BD 13 -27.00 -121.99 -12.68
C ASN BD 13 -25.80 -122.22 -13.60
N LYS BD 14 -24.73 -122.84 -13.12
CA LYS BD 14 -23.52 -123.05 -13.91
C LYS BD 14 -22.73 -124.21 -13.33
N ILE BD 15 -22.28 -125.11 -14.19
CA ILE BD 15 -21.37 -126.19 -13.81
C ILE BD 15 -20.22 -126.20 -14.79
N VAL BD 16 -18.99 -126.29 -14.27
CA VAL BD 16 -17.79 -126.28 -15.09
C VAL BD 16 -17.06 -127.60 -14.87
N TRP BD 17 -16.73 -128.28 -15.96
CA TRP BD 17 -16.01 -129.55 -15.92
C TRP BD 17 -14.59 -129.32 -16.43
N SER BD 18 -13.62 -129.99 -15.82
CA SER BD 18 -12.23 -129.90 -16.23
C SER BD 18 -11.60 -131.29 -16.20
N ASP BD 19 -10.67 -131.52 -17.13
CA ASP BD 19 -9.98 -132.79 -17.18
C ASP BD 19 -8.90 -132.84 -16.09
N PRO BD 20 -8.90 -133.87 -15.24
CA PRO BD 20 -7.90 -133.91 -14.17
C PRO BD 20 -6.47 -133.91 -14.66
N THR BD 21 -6.20 -134.53 -15.81
CA THR BD 21 -4.87 -134.53 -16.37
C THR BD 21 -4.48 -133.20 -16.99
N ARG BD 22 -5.44 -132.47 -17.58
CA ARG BD 22 -5.19 -131.14 -18.14
C ARG BD 22 -6.33 -130.20 -17.78
N LEU BD 23 -6.15 -129.42 -16.71
CA LEU BD 23 -7.21 -128.53 -16.24
C LEU BD 23 -7.47 -127.39 -17.23
N SER BD 24 -6.58 -127.22 -18.20
CA SER BD 24 -6.81 -126.23 -19.25
C SER BD 24 -8.02 -126.56 -20.12
N THR BD 25 -8.40 -127.84 -20.19
CA THR BD 25 -9.61 -128.23 -20.90
C THR BD 25 -10.81 -127.99 -20.01
N THR BD 26 -11.76 -127.18 -20.47
CA THR BD 26 -12.92 -126.84 -19.69
C THR BD 26 -14.19 -127.02 -20.53
N PHE BD 27 -15.28 -127.35 -19.85
CA PHE BD 27 -16.60 -127.47 -20.47
C PHE BD 27 -17.63 -126.99 -19.47
N SER BD 28 -18.35 -125.94 -19.83
CA SER BD 28 -19.27 -125.27 -18.92
C SER BD 28 -20.68 -125.22 -19.52
N ALA BD 29 -21.67 -125.29 -18.64
CA ALA BD 29 -23.08 -125.19 -19.02
C ALA BD 29 -23.75 -124.18 -18.11
N SER BD 30 -24.33 -123.14 -18.70
CA SER BD 30 -24.99 -122.08 -17.94
C SER BD 30 -26.41 -121.94 -18.46
N LEU BD 31 -27.37 -121.90 -17.55
CA LEU BD 31 -28.78 -121.85 -17.89
C LEU BD 31 -29.42 -120.56 -17.37
N LEU BD 32 -30.08 -119.83 -18.26
CA LEU BD 32 -30.80 -118.62 -17.92
C LEU BD 32 -32.27 -118.81 -18.29
N ARG BD 33 -33.15 -118.70 -17.31
CA ARG BD 33 -34.56 -118.98 -17.49
C ARG BD 33 -35.39 -117.73 -17.27
N GLN BD 34 -36.31 -117.45 -18.20
CA GLN BD 34 -37.19 -116.31 -18.11
C GLN BD 34 -38.63 -116.76 -18.36
N ARG BD 35 -39.55 -115.81 -18.21
CA ARG BD 35 -40.96 -116.04 -18.54
C ARG BD 35 -41.34 -115.10 -19.69
N VAL BD 36 -41.89 -115.68 -20.76
CA VAL BD 36 -42.23 -114.92 -21.96
C VAL BD 36 -43.71 -115.13 -22.26
N LYS BD 37 -44.42 -114.03 -22.49
CA LYS BD 37 -45.85 -114.06 -22.80
C LYS BD 37 -46.03 -114.05 -24.31
N VAL BD 38 -46.03 -115.26 -24.89
CA VAL BD 38 -46.20 -115.37 -26.34
C VAL BD 38 -47.67 -115.35 -26.70
N GLY BD 39 -48.45 -116.28 -26.15
CA GLY BD 39 -49.83 -116.48 -26.53
C GLY BD 39 -50.79 -116.21 -25.39
N ILE BD 40 -50.56 -115.10 -24.68
CA ILE BD 40 -51.24 -114.69 -23.44
C ILE BD 40 -51.14 -115.81 -22.43
N ALA BD 41 -50.17 -116.70 -22.62
CA ALA BD 41 -49.82 -117.74 -21.67
C ALA BD 41 -48.32 -117.64 -21.40
N GLU BD 42 -47.94 -117.80 -20.14
CA GLU BD 42 -46.56 -117.56 -19.72
C GLU BD 42 -45.72 -118.81 -20.00
N LEU BD 43 -45.11 -118.85 -21.18
CA LEU BD 43 -44.19 -119.92 -21.51
C LEU BD 43 -42.86 -119.72 -20.79
N ASN BD 44 -42.26 -120.81 -20.36
CA ASN BD 44 -40.99 -120.77 -19.62
C ASN BD 44 -39.85 -121.22 -20.53
N ASN BD 45 -39.19 -120.23 -21.13
CA ASN BD 45 -38.08 -120.53 -22.00
C ASN BD 45 -36.80 -120.78 -21.20
N VAL BD 46 -35.90 -121.56 -21.77
CA VAL BD 46 -34.61 -121.86 -21.18
C VAL BD 46 -33.53 -121.54 -22.21
N SER BD 47 -32.58 -120.71 -21.82
CA SER BD 47 -31.47 -120.31 -22.69
C SER BD 47 -30.20 -120.94 -22.14
N GLY BD 48 -29.92 -122.17 -22.57
CA GLY BD 48 -28.76 -122.91 -22.10
C GLY BD 48 -27.56 -122.64 -22.97
N GLN BD 49 -26.48 -122.17 -22.35
CA GLN BD 49 -25.23 -121.89 -23.02
C GLN BD 49 -24.22 -122.97 -22.67
N TYR BD 50 -23.64 -123.59 -23.68
CA TYR BD 50 -22.64 -124.64 -23.50
C TYR BD 50 -21.35 -124.18 -24.18
N VAL BD 51 -20.26 -124.15 -23.42
CA VAL BD 51 -18.97 -123.68 -23.90
C VAL BD 51 -17.93 -124.76 -23.68
N SER BD 52 -17.23 -125.15 -24.74
CA SER BD 52 -16.14 -126.11 -24.65
C SER BD 52 -14.84 -125.44 -25.10
N VAL BD 53 -13.82 -125.54 -24.26
CA VAL BD 53 -12.55 -124.84 -24.48
C VAL BD 53 -11.43 -125.85 -24.39
N TYR BD 54 -10.53 -125.81 -25.38
CA TYR BD 54 -9.33 -126.63 -25.40
C TYR BD 54 -8.17 -125.79 -25.90
N LYS BD 55 -7.18 -125.58 -25.05
CA LYS BD 55 -5.98 -124.83 -25.42
C LYS BD 55 -5.00 -125.80 -26.06
N ARG BD 56 -4.85 -125.68 -27.37
CA ARG BD 56 -4.04 -126.62 -28.16
C ARG BD 56 -2.69 -126.01 -28.47
N PRO BD 57 -1.59 -126.72 -28.23
CA PRO BD 57 -0.28 -126.20 -28.62
C PRO BD 57 0.01 -126.44 -30.08
N ALA BD 58 0.24 -125.34 -30.81
CA ALA BD 58 0.45 -125.40 -32.26
C ALA BD 58 1.70 -124.62 -32.66
N PRO BD 59 2.88 -125.05 -32.24
CA PRO BD 59 4.10 -124.62 -32.95
C PRO BD 59 4.11 -125.14 -34.38
N LYS BD 60 3.53 -126.32 -34.58
CA LYS BD 60 3.39 -127.00 -35.86
C LYS BD 60 4.72 -127.08 -36.60
N PRO BD 61 5.75 -127.71 -36.04
CA PRO BD 61 7.01 -127.88 -36.77
C PRO BD 61 6.87 -128.99 -37.80
N GLU BD 62 6.78 -128.61 -39.06
CA GLU BD 62 6.53 -129.57 -40.13
C GLU BD 62 7.72 -130.50 -40.32
N GLY BD 63 7.59 -131.71 -39.82
CA GLY BD 63 8.60 -132.74 -40.00
C GLY BD 63 9.48 -133.12 -38.84
N CYS BD 64 9.86 -132.15 -38.00
CA CYS BD 64 10.84 -132.45 -36.98
C CYS BD 64 10.36 -131.97 -35.62
N ALA BD 65 10.54 -132.82 -34.62
CA ALA BD 65 10.39 -132.48 -33.20
C ALA BD 65 11.48 -133.20 -32.43
N ASP BD 66 12.20 -132.44 -31.60
CA ASP BD 66 13.43 -133.03 -31.08
C ASP BD 66 13.46 -133.20 -29.57
N ALA BD 67 13.11 -132.17 -28.80
CA ALA BD 67 13.31 -132.22 -27.35
C ALA BD 67 12.18 -131.44 -26.68
N CYS BD 68 12.37 -131.18 -25.38
CA CYS BD 68 11.38 -130.47 -24.58
C CYS BD 68 11.46 -128.98 -24.87
N VAL BD 69 10.61 -128.51 -25.78
CA VAL BD 69 10.52 -127.10 -26.14
C VAL BD 69 9.20 -126.58 -25.59
N ILE BD 70 9.19 -125.34 -25.12
CA ILE BD 70 7.95 -124.73 -24.63
C ILE BD 70 6.92 -124.65 -25.73
N MET BD 71 5.71 -125.08 -25.42
CA MET BD 71 4.61 -125.01 -26.38
C MET BD 71 3.90 -123.66 -26.25
N PRO BD 72 3.90 -122.82 -27.28
CA PRO BD 72 2.98 -121.69 -27.31
C PRO BD 72 1.57 -122.18 -27.64
N ASN BD 73 0.56 -121.61 -26.99
CA ASN BD 73 -0.78 -122.16 -27.02
C ASN BD 73 -1.73 -121.24 -27.77
N GLU BD 74 -2.70 -121.84 -28.45
CA GLU BD 74 -3.84 -121.15 -29.03
C GLU BD 74 -5.11 -121.73 -28.43
N ASN BD 75 -6.19 -120.98 -28.51
CA ASN BD 75 -7.46 -121.37 -27.90
C ASN BD 75 -8.43 -121.90 -28.96
N GLN BD 76 -8.97 -123.08 -28.71
CA GLN BD 76 -10.03 -123.65 -29.54
C GLN BD 76 -11.31 -123.65 -28.71
N SER BD 77 -12.33 -122.95 -29.18
CA SER BD 77 -13.57 -122.78 -28.45
C SER BD 77 -14.76 -123.12 -29.32
N ILE BD 78 -15.71 -123.84 -28.75
CA ILE BD 78 -16.99 -124.13 -29.39
C ILE BD 78 -18.08 -123.70 -28.42
N ARG BD 79 -18.89 -122.72 -28.82
CA ARG BD 79 -19.89 -122.11 -27.96
C ARG BD 79 -21.26 -122.32 -28.56
N THR BD 80 -22.18 -122.86 -27.78
CA THR BD 80 -23.52 -123.20 -28.25
C THR BD 80 -24.56 -122.64 -27.29
N VAL BD 81 -25.60 -122.02 -27.85
CA VAL BD 81 -26.72 -121.51 -27.08
C VAL BD 81 -28.00 -122.05 -27.71
N ILE BD 82 -28.87 -122.62 -26.88
CA ILE BD 82 -30.15 -123.16 -27.31
C ILE BD 82 -31.24 -122.44 -26.54
N SER BD 83 -32.19 -121.85 -27.26
CA SER BD 83 -33.25 -121.06 -26.67
C SER BD 83 -34.59 -121.59 -27.13
N GLY BD 84 -35.51 -121.81 -26.20
CA GLY BD 84 -36.84 -122.29 -26.53
C GLY BD 84 -37.66 -122.61 -25.30
N SER BD 85 -38.99 -122.66 -25.47
CA SER BD 85 -39.86 -122.96 -24.35
C SER BD 85 -39.73 -124.41 -23.92
N ALA BD 86 -39.92 -124.66 -22.63
CA ALA BD 86 -39.84 -126.02 -22.12
C ALA BD 86 -40.99 -126.88 -22.63
N GLU BD 87 -42.10 -126.24 -23.00
CA GLU BD 87 -43.28 -126.99 -23.42
C GLU BD 87 -43.10 -127.57 -24.83
N ASN BD 88 -42.09 -127.14 -25.56
CA ASN BD 88 -41.79 -127.61 -26.91
C ASN BD 88 -40.44 -128.29 -26.96
N LEU BD 89 -40.15 -129.12 -25.95
CA LEU BD 89 -38.83 -129.73 -25.83
C LEU BD 89 -38.57 -130.74 -26.94
N ALA BD 90 -39.61 -131.47 -27.35
CA ALA BD 90 -39.44 -132.44 -28.43
C ALA BD 90 -39.05 -131.76 -29.73
N THR BD 91 -39.74 -130.67 -30.07
CA THR BD 91 -39.38 -129.89 -31.24
C THR BD 91 -38.00 -129.27 -31.11
N LEU BD 92 -37.63 -128.82 -29.91
CA LEU BD 92 -36.29 -128.28 -29.71
C LEU BD 92 -35.22 -129.35 -29.93
N LYS BD 93 -35.47 -130.58 -29.48
CA LYS BD 93 -34.53 -131.66 -29.70
C LYS BD 93 -34.42 -132.01 -31.18
N ALA BD 94 -35.55 -132.02 -31.89
CA ALA BD 94 -35.51 -132.24 -33.34
C ALA BD 94 -34.71 -131.14 -34.04
N GLU BD 95 -34.91 -129.89 -33.61
CA GLU BD 95 -34.15 -128.79 -34.17
C GLU BD 95 -32.67 -128.93 -33.87
N TRP BD 96 -32.32 -129.43 -32.69
CA TRP BD 96 -30.93 -129.68 -32.34
C TRP BD 96 -30.31 -130.72 -33.27
N GLU BD 97 -31.05 -131.80 -33.53
CA GLU BD 97 -30.56 -132.80 -34.46
C GLU BD 97 -30.36 -132.23 -35.86
N THR BD 98 -31.33 -131.45 -36.34
CA THR BD 98 -31.21 -130.84 -37.66
C THR BD 98 -30.03 -129.87 -37.71
N HIS BD 99 -29.82 -129.10 -36.65
CA HIS BD 99 -28.70 -128.17 -36.60
C HIS BD 99 -27.38 -128.91 -36.62
N LYS BD 100 -27.29 -130.02 -35.88
CA LYS BD 100 -26.07 -130.83 -35.92
C LYS BD 100 -25.81 -131.35 -37.32
N ARG BD 101 -26.86 -131.84 -37.99
CA ARG BD 101 -26.69 -132.34 -39.36
C ARG BD 101 -26.22 -131.24 -40.30
N ASN BD 102 -26.81 -130.05 -40.20
CA ASN BD 102 -26.45 -128.95 -41.09
C ASN BD 102 -25.02 -128.49 -40.85
N VAL BD 103 -24.62 -128.34 -39.57
CA VAL BD 103 -23.27 -127.90 -39.26
C VAL BD 103 -22.26 -128.96 -39.69
N ASP BD 104 -22.61 -130.23 -39.56
CA ASP BD 104 -21.72 -131.29 -40.04
C ASP BD 104 -21.55 -131.20 -41.55
N THR BD 105 -22.65 -130.98 -42.27
CA THR BD 105 -22.57 -130.85 -43.73
C THR BD 105 -21.67 -129.70 -44.13
N LEU BD 106 -21.80 -128.56 -43.44
CA LEU BD 106 -21.02 -127.38 -43.81
C LEU BD 106 -19.56 -127.46 -43.37
N PHE BD 107 -19.29 -128.12 -42.24
CA PHE BD 107 -17.99 -128.02 -41.59
C PHE BD 107 -17.25 -129.35 -41.53
N ALA BD 108 -17.89 -130.39 -41.00
CA ALA BD 108 -17.22 -131.67 -40.82
C ALA BD 108 -16.85 -132.29 -42.15
N SER BD 109 -17.76 -132.22 -43.13
CA SER BD 109 -17.52 -132.77 -44.46
C SER BD 109 -17.21 -131.70 -45.49
N GLY BD 110 -17.19 -130.42 -45.10
CA GLY BD 110 -16.90 -129.34 -46.01
C GLY BD 110 -15.56 -128.69 -45.74
N ASN BD 111 -15.44 -127.44 -46.19
CA ASN BD 111 -14.23 -126.65 -46.03
C ASN BD 111 -14.49 -125.35 -45.28
N ALA BD 112 -15.55 -125.31 -44.47
CA ALA BD 112 -15.87 -124.08 -43.74
C ALA BD 112 -14.83 -123.76 -42.67
N GLY BD 113 -14.12 -124.77 -42.17
CA GLY BD 113 -13.10 -124.52 -41.16
C GLY BD 113 -11.93 -123.73 -41.71
N LEU BD 114 -11.72 -123.80 -43.02
CA LEU BD 114 -10.61 -123.09 -43.65
C LEU BD 114 -11.06 -121.72 -44.15
N GLY BD 115 -12.32 -121.38 -43.89
CA GLY BD 115 -12.85 -120.10 -44.34
C GLY BD 115 -13.46 -120.16 -45.72
N PHE BD 116 -14.37 -121.10 -45.96
CA PHE BD 116 -15.01 -121.28 -47.25
C PHE BD 116 -16.50 -121.46 -47.07
N LEU BD 117 -17.27 -121.01 -48.07
CA LEU BD 117 -18.71 -121.21 -48.11
C LEU BD 117 -19.06 -121.96 -49.38
N ASP BD 118 -19.95 -122.95 -49.26
CA ASP BD 118 -20.41 -123.70 -50.41
C ASP BD 118 -21.88 -123.42 -50.64
N PRO BD 119 -22.24 -122.56 -51.61
CA PRO BD 119 -23.67 -122.29 -51.85
C PRO BD 119 -24.45 -123.52 -52.29
N THR BD 120 -23.80 -124.55 -52.80
CA THR BD 120 -24.47 -125.76 -53.26
C THR BD 120 -24.58 -126.82 -52.18
N ALA BD 121 -24.22 -126.50 -50.94
CA ALA BD 121 -24.30 -127.48 -49.86
C ALA BD 121 -25.75 -127.87 -49.60
N ALA BD 122 -25.94 -129.13 -49.20
CA ALA BD 122 -27.28 -129.69 -48.99
C ALA BD 122 -27.73 -129.41 -47.56
N ILE BD 123 -28.56 -128.38 -47.42
CA ILE BD 123 -29.16 -128.01 -46.14
C ILE BD 123 -30.60 -128.49 -46.11
N VAL BD 124 -31.01 -129.08 -45.00
CA VAL BD 124 -32.36 -129.64 -44.85
C VAL BD 124 -33.01 -129.05 -43.60
N SER BD 125 -34.34 -129.04 -43.60
CA SER BD 125 -35.11 -128.48 -42.51
C SER BD 125 -35.55 -129.56 -41.53
N SER BD 126 -36.09 -129.11 -40.39
CA SER BD 126 -36.57 -130.04 -39.38
C SER BD 126 -37.86 -130.73 -39.82
N ASP BD 127 -38.64 -130.11 -40.69
CA ASP BD 127 -39.87 -130.71 -41.17
C ASP BD 127 -39.57 -131.86 -42.12
N THR BD 128 -40.50 -132.80 -42.21
CA THR BD 128 -40.36 -133.97 -43.06
C THR BD 128 -41.43 -133.95 -44.15
N THR BD 129 -41.41 -134.99 -44.99
CA THR BD 129 -42.37 -135.12 -46.06
C THR BD 129 -43.16 -136.43 -45.94
N ALA CD 1 -50.91 -141.03 -5.95
CA ALA CD 1 -49.56 -140.79 -6.44
C ALA CD 1 -49.42 -139.37 -6.99
N ASN CD 2 -48.88 -138.48 -6.16
CA ASN CD 2 -48.71 -137.10 -6.58
C ASN CD 2 -47.41 -136.94 -7.36
N LYS CD 3 -47.40 -135.99 -8.28
CA LYS CD 3 -46.22 -135.75 -9.11
C LYS CD 3 -45.09 -135.20 -8.25
N PRO CD 4 -43.89 -135.74 -8.35
CA PRO CD 4 -42.79 -135.24 -7.53
C PRO CD 4 -42.09 -134.05 -8.17
N MET CD 5 -41.35 -133.31 -7.35
CA MET CD 5 -40.59 -132.16 -7.81
C MET CD 5 -39.09 -132.43 -7.70
N GLN CD 6 -38.32 -131.55 -8.34
CA GLN CD 6 -36.87 -131.53 -8.24
C GLN CD 6 -36.40 -130.11 -7.96
N PRO CD 7 -35.29 -129.93 -7.25
CA PRO CD 7 -34.78 -128.58 -7.01
C PRO CD 7 -34.25 -127.96 -8.29
N ILE CD 8 -34.59 -126.69 -8.51
CA ILE CD 8 -34.19 -125.97 -9.71
C ILE CD 8 -33.06 -124.99 -9.44
N THR CD 9 -33.20 -124.15 -8.41
CA THR CD 9 -32.10 -123.32 -7.93
C THR CD 9 -31.82 -123.64 -6.47
N SER CD 10 -30.56 -123.94 -6.18
CA SER CD 10 -30.20 -124.46 -4.87
C SER CD 10 -29.23 -123.52 -4.17
N THR CD 11 -29.66 -122.96 -3.06
CA THR CD 11 -28.82 -122.21 -2.15
C THR CD 11 -29.17 -122.64 -0.73
N ALA CD 12 -28.15 -122.71 0.14
CA ALA CD 12 -28.41 -123.16 1.50
C ALA CD 12 -29.33 -122.18 2.23
N ASN CD 13 -29.35 -120.92 1.81
CA ASN CD 13 -30.30 -119.98 2.37
C ASN CD 13 -31.71 -120.17 1.81
N LYS CD 14 -31.82 -120.58 0.55
CA LYS CD 14 -33.12 -120.71 -0.11
C LYS CD 14 -33.06 -121.77 -1.19
N ILE CD 15 -33.97 -122.74 -1.12
CA ILE CD 15 -34.14 -123.76 -2.15
C ILE CD 15 -35.58 -123.73 -2.62
N VAL CD 16 -35.78 -123.69 -3.93
CA VAL CD 16 -37.10 -123.71 -4.54
C VAL CD 16 -37.19 -124.91 -5.47
N TRP CD 17 -38.32 -125.61 -5.41
CA TRP CD 17 -38.57 -126.78 -6.24
C TRP CD 17 -39.51 -126.41 -7.38
N SER CD 18 -39.53 -127.24 -8.42
CA SER CD 18 -40.38 -126.99 -9.57
C SER CD 18 -40.80 -128.32 -10.18
N ASP CD 19 -42.00 -128.33 -10.76
CA ASP CD 19 -42.53 -129.52 -11.41
C ASP CD 19 -42.01 -129.57 -12.85
N PRO CD 20 -41.34 -130.65 -13.26
CA PRO CD 20 -40.84 -130.72 -14.64
C PRO CD 20 -41.93 -130.64 -15.70
N THR CD 21 -43.15 -131.06 -15.39
CA THR CD 21 -44.24 -131.00 -16.36
C THR CD 21 -44.99 -129.67 -16.34
N ARG CD 22 -45.01 -128.98 -15.20
CA ARG CD 22 -45.62 -127.65 -15.10
C ARG CD 22 -44.66 -126.76 -14.32
N LEU CD 23 -43.83 -126.01 -15.05
CA LEU CD 23 -42.78 -125.22 -14.41
C LEU CD 23 -43.34 -124.09 -13.56
N SER CD 24 -44.63 -123.77 -13.70
CA SER CD 24 -45.21 -122.68 -12.91
C SER CD 24 -45.53 -123.09 -11.48
N THR CD 25 -45.49 -124.37 -11.15
CA THR CD 25 -45.73 -124.85 -9.80
C THR CD 25 -44.41 -124.90 -9.05
N THR CD 26 -44.28 -124.06 -8.03
CA THR CD 26 -43.05 -123.95 -7.27
C THR CD 26 -43.34 -124.00 -5.78
N PHE CD 27 -42.37 -124.49 -5.02
CA PHE CD 27 -42.40 -124.47 -3.56
C PHE CD 27 -41.02 -124.09 -3.06
N SER CD 28 -40.92 -122.93 -2.41
CA SER CD 28 -39.65 -122.40 -1.96
C SER CD 28 -39.58 -122.40 -0.44
N ALA CD 29 -38.41 -122.74 0.08
CA ALA CD 29 -38.15 -122.77 1.52
C ALA CD 29 -36.87 -122.00 1.80
N SER CD 30 -36.99 -120.94 2.60
CA SER CD 30 -35.84 -120.11 2.95
C SER CD 30 -35.75 -120.01 4.46
N LEU CD 31 -34.56 -120.26 5.01
CA LEU CD 31 -34.32 -120.18 6.44
C LEU CD 31 -33.36 -119.03 6.73
N LEU CD 32 -33.73 -118.21 7.71
CA LEU CD 32 -32.86 -117.14 8.19
C LEU CD 32 -32.60 -117.38 9.67
N ARG CD 33 -31.33 -117.45 10.06
CA ARG CD 33 -30.93 -117.77 11.42
C ARG CD 33 -30.15 -116.61 12.02
N GLN CD 34 -30.51 -116.24 13.24
CA GLN CD 34 -29.87 -115.14 13.94
C GLN CD 34 -29.66 -115.55 15.40
N ARG CD 35 -28.64 -114.98 16.03
CA ARG CD 35 -28.32 -115.30 17.43
C ARG CD 35 -28.96 -114.23 18.31
N VAL CD 36 -30.27 -114.37 18.53
CA VAL CD 36 -31.01 -113.44 19.37
C VAL CD 36 -31.07 -114.01 20.78
N LYS CD 37 -30.36 -113.38 21.71
CA LYS CD 37 -30.26 -113.91 23.06
C LYS CD 37 -31.17 -113.15 24.02
N VAL CD 38 -31.93 -113.90 24.80
CA VAL CD 38 -32.68 -113.36 25.93
C VAL CD 38 -31.73 -113.22 27.10
N GLY CD 39 -32.16 -112.53 28.15
CA GLY CD 39 -31.31 -112.28 29.30
C GLY CD 39 -30.65 -113.52 29.87
N ILE CD 40 -29.33 -113.42 30.09
CA ILE CD 40 -28.47 -114.46 30.67
C ILE CD 40 -28.72 -115.83 30.05
N ALA CD 41 -29.06 -115.85 28.76
CA ALA CD 41 -29.27 -117.11 28.06
C ALA CD 41 -28.85 -116.94 26.61
N GLU CD 42 -28.58 -118.06 25.96
CA GLU CD 42 -28.20 -118.10 24.56
C GLU CD 42 -29.26 -118.88 23.79
N LEU CD 43 -29.74 -118.30 22.69
CA LEU CD 43 -30.81 -118.91 21.90
C LEU CD 43 -30.53 -118.69 20.42
N ASN CD 44 -30.71 -119.75 19.63
CA ASN CD 44 -30.61 -119.68 18.18
C ASN CD 44 -31.99 -119.92 17.58
N ASN CD 45 -32.51 -118.92 16.87
CA ASN CD 45 -33.83 -119.02 16.26
C ASN CD 45 -33.72 -119.00 14.74
N VAL CD 46 -34.68 -119.63 14.09
CA VAL CD 46 -34.73 -119.70 12.63
C VAL CD 46 -36.10 -119.21 12.20
N SER CD 47 -36.13 -118.33 11.21
CA SER CD 47 -37.38 -117.89 10.58
C SER CD 47 -37.57 -118.67 9.29
N GLY CD 48 -38.42 -119.70 9.34
CA GLY CD 48 -38.60 -120.57 8.20
C GLY CD 48 -39.78 -120.20 7.34
N GLN CD 49 -39.51 -119.62 6.17
CA GLN CD 49 -40.54 -119.14 5.27
C GLN CD 49 -40.72 -120.13 4.13
N TYR CD 50 -41.95 -120.59 3.94
CA TYR CD 50 -42.28 -121.56 2.91
C TYR CD 50 -43.38 -120.99 2.03
N VAL CD 51 -43.11 -120.93 0.72
CA VAL CD 51 -44.03 -120.33 -0.24
C VAL CD 51 -44.36 -121.37 -1.31
N SER CD 52 -45.65 -121.65 -1.48
CA SER CD 52 -46.12 -122.54 -2.52
C SER CD 52 -46.97 -121.75 -3.51
N VAL CD 53 -46.61 -121.84 -4.79
CA VAL CD 53 -47.24 -121.06 -5.83
C VAL CD 53 -47.78 -122.01 -6.90
N TYR CD 54 -49.05 -121.84 -7.25
CA TYR CD 54 -49.69 -122.59 -8.32
C TYR CD 54 -50.52 -121.63 -9.17
N LYS CD 55 -50.39 -121.73 -10.48
CA LYS CD 55 -51.14 -120.91 -11.41
C LYS CD 55 -52.23 -121.77 -12.04
N ARG CD 56 -53.46 -121.66 -11.53
CA ARG CD 56 -54.58 -122.46 -11.96
C ARG CD 56 -55.47 -121.67 -12.89
N PRO CD 57 -55.94 -122.27 -14.00
CA PRO CD 57 -56.82 -121.54 -14.91
C PRO CD 57 -58.13 -121.14 -14.24
N ALA CD 58 -58.68 -120.02 -14.69
CA ALA CD 58 -59.95 -119.56 -14.18
C ALA CD 58 -61.04 -120.57 -14.50
N PRO CD 59 -62.07 -120.68 -13.67
CA PRO CD 59 -63.07 -121.75 -13.87
C PRO CD 59 -63.85 -121.59 -15.16
N LYS CD 60 -63.99 -122.68 -15.90
CA LYS CD 60 -64.76 -122.71 -17.14
C LYS CD 60 -66.24 -122.58 -16.81
N PRO CD 61 -67.05 -122.02 -17.71
CA PRO CD 61 -68.49 -121.89 -17.43
C PRO CD 61 -69.15 -123.24 -17.19
N GLU CD 62 -70.14 -123.27 -16.28
CA GLU CD 62 -70.71 -124.54 -15.84
C GLU CD 62 -71.35 -125.30 -16.99
N GLY CD 63 -72.07 -124.61 -17.85
CA GLY CD 63 -72.71 -125.27 -18.98
C GLY CD 63 -71.84 -125.30 -20.21
N CYS CD 64 -70.62 -125.80 -20.07
CA CYS CD 64 -69.67 -125.88 -21.17
C CYS CD 64 -69.12 -127.29 -21.30
N ALA CD 65 -69.19 -127.84 -22.51
CA ALA CD 65 -68.57 -129.11 -22.83
C ALA CD 65 -67.57 -129.00 -23.97
N ASP CD 66 -67.14 -127.78 -24.33
CA ASP CD 66 -66.24 -127.60 -25.44
C ASP CD 66 -64.89 -128.25 -25.14
N ALA CD 67 -64.27 -128.81 -26.18
CA ALA CD 67 -63.03 -129.54 -26.02
C ALA CD 67 -61.90 -128.67 -25.46
N CYS CD 68 -61.54 -127.62 -26.18
CA CYS CD 68 -60.41 -126.78 -25.79
C CYS CD 68 -60.77 -125.31 -25.91
N VAL CD 69 -61.05 -124.70 -24.76
CA VAL CD 69 -61.20 -123.25 -24.63
C VAL CD 69 -60.44 -122.85 -23.37
N ILE CD 70 -59.28 -122.24 -23.54
CA ILE CD 70 -58.37 -121.96 -22.44
C ILE CD 70 -58.51 -120.50 -22.05
N MET CD 71 -58.66 -120.24 -20.75
CA MET CD 71 -58.75 -118.90 -20.20
C MET CD 71 -57.59 -118.66 -19.24
N PRO CD 72 -57.18 -117.41 -19.04
CA PRO CD 72 -55.90 -117.15 -18.37
C PRO CD 72 -55.89 -117.62 -16.92
N ASN CD 73 -54.67 -117.75 -16.40
CA ASN CD 73 -54.42 -118.33 -15.09
C ASN CD 73 -54.51 -117.28 -13.99
N GLU CD 74 -54.91 -117.73 -12.81
CA GLU CD 74 -54.93 -116.91 -11.61
C GLU CD 74 -53.84 -117.39 -10.67
N ASN CD 75 -53.34 -116.49 -9.82
CA ASN CD 75 -52.24 -116.84 -8.94
C ASN CD 75 -52.78 -117.32 -7.60
N GLN CD 76 -52.40 -118.55 -7.22
CA GLN CD 76 -52.75 -119.13 -5.92
C GLN CD 76 -51.47 -119.26 -5.12
N SER CD 77 -51.42 -118.63 -3.96
CA SER CD 77 -50.24 -118.61 -3.12
C SER CD 77 -50.59 -118.98 -1.70
N ILE CD 78 -49.74 -119.80 -1.09
CA ILE CD 78 -49.84 -120.15 0.33
C ILE CD 78 -48.46 -119.93 0.94
N ARG CD 79 -48.38 -119.01 1.90
CA ARG CD 79 -47.11 -118.59 2.47
C ARG CD 79 -47.15 -118.74 3.98
N THR CD 80 -46.23 -119.53 4.53
CA THR CD 80 -46.12 -119.76 5.96
C THR CD 80 -44.70 -119.50 6.40
N VAL CD 81 -44.55 -118.69 7.46
CA VAL CD 81 -43.25 -118.43 8.06
C VAL CD 81 -43.33 -118.81 9.54
N ILE CD 82 -42.35 -119.59 10.00
CA ILE CD 82 -42.32 -120.11 11.36
C ILE CD 82 -41.06 -119.57 12.03
N SER CD 83 -41.22 -118.97 13.21
CA SER CD 83 -40.11 -118.37 13.94
C SER CD 83 -40.08 -118.95 15.35
N GLY CD 84 -38.90 -119.37 15.79
CA GLY CD 84 -38.74 -119.90 17.13
C GLY CD 84 -37.34 -120.42 17.40
N SER CD 85 -37.00 -120.57 18.67
CA SER CD 85 -35.66 -121.04 19.03
C SER CD 85 -35.50 -122.50 18.68
N ALA CD 86 -34.26 -122.89 18.39
CA ALA CD 86 -33.98 -124.29 18.05
C ALA CD 86 -34.12 -125.20 19.25
N GLU CD 87 -33.98 -124.64 20.46
CA GLU CD 87 -34.04 -125.45 21.67
C GLU CD 87 -35.44 -126.00 21.91
N ASN CD 88 -36.46 -125.25 21.49
CA ASN CD 88 -37.86 -125.59 21.74
C ASN CD 88 -38.51 -126.26 20.53
N LEU CD 89 -37.77 -127.11 19.82
CA LEU CD 89 -38.25 -127.64 18.55
C LEU CD 89 -39.47 -128.54 18.74
N ALA CD 90 -39.47 -129.37 19.78
CA ALA CD 90 -40.59 -130.32 19.95
C ALA CD 90 -41.89 -129.59 20.26
N THR CD 91 -41.85 -128.66 21.22
CA THR CD 91 -43.05 -127.90 21.53
C THR CD 91 -43.45 -126.99 20.38
N LEU CD 92 -42.49 -126.52 19.59
CA LEU CD 92 -42.84 -125.73 18.42
C LEU CD 92 -43.52 -126.59 17.36
N LYS CD 93 -43.13 -127.86 17.26
CA LYS CD 93 -43.83 -128.79 16.38
C LYS CD 93 -45.25 -129.02 16.86
N ALA CD 94 -45.44 -129.13 18.18
CA ALA CD 94 -46.80 -129.21 18.72
C ALA CD 94 -47.60 -127.97 18.37
N GLU CD 95 -46.97 -126.80 18.48
CA GLU CD 95 -47.62 -125.56 18.07
C GLU CD 95 -48.01 -125.59 16.61
N TRP CD 96 -47.13 -126.14 15.76
CA TRP CD 96 -47.44 -126.27 14.33
C TRP CD 96 -48.64 -127.18 14.10
N GLU CD 97 -48.71 -128.28 14.84
CA GLU CD 97 -49.85 -129.18 14.70
C GLU CD 97 -51.15 -128.49 15.08
N THR CD 98 -51.15 -127.77 16.20
CA THR CD 98 -52.36 -127.08 16.63
C THR CD 98 -52.72 -125.95 15.68
N HIS CD 99 -51.72 -125.27 15.12
CA HIS CD 99 -51.97 -124.23 14.12
C HIS CD 99 -52.61 -124.83 12.88
N LYS CD 100 -52.12 -125.99 12.44
CA LYS CD 100 -52.74 -126.66 11.30
C LYS CD 100 -54.18 -127.01 11.59
N ARG CD 101 -54.45 -127.53 12.79
CA ARG CD 101 -55.82 -127.91 13.12
C ARG CD 101 -56.75 -126.70 13.14
N ASN CD 102 -56.28 -125.58 13.72
CA ASN CD 102 -57.09 -124.37 13.76
C ASN CD 102 -57.35 -123.81 12.37
N VAL CD 103 -56.32 -123.77 11.53
CA VAL CD 103 -56.50 -123.28 10.17
C VAL CD 103 -57.45 -124.20 9.40
N ASP CD 104 -57.36 -125.50 9.66
CA ASP CD 104 -58.28 -126.43 9.00
C ASP CD 104 -59.72 -126.18 9.40
N THR CD 105 -59.98 -126.01 10.70
CA THR CD 105 -61.37 -125.81 11.13
C THR CD 105 -61.91 -124.47 10.64
N LEU CD 106 -61.05 -123.45 10.53
CA LEU CD 106 -61.51 -122.16 10.03
C LEU CD 106 -61.71 -122.15 8.52
N PHE CD 107 -60.85 -122.84 7.77
CA PHE CD 107 -60.78 -122.69 6.31
C PHE CD 107 -61.34 -123.90 5.58
N ALA CD 108 -60.80 -125.09 5.85
CA ALA CD 108 -61.19 -126.28 5.10
C ALA CD 108 -62.63 -126.66 5.36
N SER CD 109 -63.08 -126.56 6.60
CA SER CD 109 -64.44 -126.91 6.96
C SER CD 109 -65.33 -125.70 7.15
N GLY CD 110 -64.81 -124.49 7.03
CA GLY CD 110 -65.57 -123.28 7.18
C GLY CD 110 -65.79 -122.56 5.87
N ASN CD 111 -66.06 -121.25 5.98
CA ASN CD 111 -66.27 -120.38 4.83
C ASN CD 111 -65.27 -119.24 4.77
N ALA CD 112 -64.16 -119.35 5.51
CA ALA CD 112 -63.14 -118.31 5.47
C ALA CD 112 -62.52 -118.20 4.07
N GLY CD 113 -62.50 -119.30 3.32
CA GLY CD 113 -62.04 -119.24 1.94
C GLY CD 113 -62.92 -118.39 1.05
N LEU CD 114 -64.24 -118.48 1.23
CA LEU CD 114 -65.17 -117.65 0.50
C LEU CD 114 -65.24 -116.23 1.04
N GLY CD 115 -64.84 -116.02 2.29
CA GLY CD 115 -64.80 -114.69 2.84
C GLY CD 115 -65.70 -114.44 4.03
N PHE CD 116 -66.07 -115.49 4.77
CA PHE CD 116 -66.91 -115.36 5.95
C PHE CD 116 -66.18 -115.90 7.16
N LEU CD 117 -66.15 -115.11 8.24
CA LEU CD 117 -65.58 -115.51 9.51
C LEU CD 117 -66.68 -115.88 10.47
N ASP CD 118 -66.55 -117.05 11.10
CA ASP CD 118 -67.54 -117.51 12.07
C ASP CD 118 -66.98 -117.32 13.46
N PRO CD 119 -67.52 -116.41 14.28
CA PRO CD 119 -66.99 -116.24 15.64
C PRO CD 119 -67.34 -117.38 16.58
N THR CD 120 -68.05 -118.40 16.12
CA THR CD 120 -68.39 -119.56 16.94
C THR CD 120 -67.54 -120.78 16.60
N ALA CD 121 -66.45 -120.61 15.86
CA ALA CD 121 -65.61 -121.73 15.47
C ALA CD 121 -64.93 -122.34 16.70
N ALA CD 122 -64.63 -123.63 16.62
CA ALA CD 122 -64.02 -124.38 17.71
C ALA CD 122 -62.51 -124.27 17.60
N ILE CD 123 -61.96 -123.18 18.11
CA ILE CD 123 -60.52 -122.96 18.13
C ILE CD 123 -59.98 -123.52 19.44
N VAL CD 124 -58.85 -124.22 19.37
CA VAL CD 124 -58.29 -124.91 20.51
C VAL CD 124 -56.84 -124.46 20.72
N SER CD 125 -56.37 -124.63 21.95
CA SER CD 125 -55.00 -124.31 22.31
C SER CD 125 -54.11 -125.55 22.24
N SER CD 126 -52.80 -125.32 22.32
CA SER CD 126 -51.86 -126.43 22.25
C SER CD 126 -51.81 -127.22 23.54
N ASP CD 127 -51.93 -126.57 24.69
CA ASP CD 127 -51.88 -127.27 25.97
C ASP CD 127 -53.09 -128.18 26.13
N THR CD 128 -52.86 -129.33 26.76
CA THR CD 128 -53.90 -130.31 27.02
C THR CD 128 -54.23 -130.36 28.50
N THR CD 129 -55.50 -130.61 28.79
CA THR CD 129 -55.96 -130.68 30.18
C THR CD 129 -55.40 -131.91 30.87
N ALA DD 1 -18.86 -144.44 16.33
CA ALA DD 1 -20.07 -143.91 15.69
C ALA DD 1 -20.23 -142.43 16.00
N ASN DD 2 -19.47 -141.60 15.29
CA ASN DD 2 -19.55 -140.16 15.50
C ASN DD 2 -20.81 -139.59 14.90
N LYS DD 3 -21.25 -138.45 15.43
CA LYS DD 3 -22.47 -137.82 14.96
C LYS DD 3 -22.23 -137.13 13.62
N PRO DD 4 -22.97 -137.47 12.58
CA PRO DD 4 -22.78 -136.79 11.29
C PRO DD 4 -23.30 -135.36 11.33
N MET DD 5 -22.78 -134.54 10.43
CA MET DD 5 -23.19 -133.15 10.28
C MET DD 5 -23.90 -132.95 8.96
N GLN DD 6 -24.59 -131.82 8.82
CA GLN DD 6 -25.25 -131.38 7.61
C GLN DD 6 -24.83 -129.96 7.25
N PRO DD 7 -24.83 -129.60 5.97
CA PRO DD 7 -24.34 -128.26 5.58
C PRO DD 7 -25.33 -127.14 5.87
N ILE DD 8 -24.87 -126.10 6.56
CA ILE DD 8 -25.71 -124.94 6.80
C ILE DD 8 -25.54 -123.87 5.73
N THR DD 9 -24.36 -123.80 5.11
CA THR DD 9 -24.09 -122.81 4.06
C THR DD 9 -23.38 -123.52 2.91
N SER DD 10 -23.92 -123.38 1.71
CA SER DD 10 -23.36 -124.01 0.52
C SER DD 10 -23.08 -122.94 -0.52
N THR DD 11 -21.85 -122.91 -1.01
CA THR DD 11 -21.42 -121.94 -2.02
C THR DD 11 -20.39 -122.63 -2.91
N ALA DD 12 -20.21 -122.09 -4.12
CA ALA DD 12 -19.27 -122.67 -5.05
C ALA DD 12 -17.84 -122.60 -4.53
N ASN DD 13 -17.58 -121.75 -3.52
CA ASN DD 13 -16.25 -121.59 -2.97
C ASN DD 13 -16.14 -121.91 -1.49
N LYS DD 14 -17.26 -122.17 -0.80
CA LYS DD 14 -17.21 -122.41 0.64
C LYS DD 14 -18.43 -123.21 1.05
N ILE DD 15 -18.21 -124.25 1.86
CA ILE DD 15 -19.28 -125.04 2.46
C ILE DD 15 -19.02 -125.16 3.95
N VAL DD 16 -20.05 -124.91 4.74
CA VAL DD 16 -19.96 -124.94 6.20
C VAL DD 16 -20.88 -126.02 6.73
N TRP DD 17 -20.33 -126.95 7.50
CA TRP DD 17 -21.10 -128.01 8.14
C TRP DD 17 -21.39 -127.65 9.60
N SER DD 18 -22.35 -128.35 10.20
CA SER DD 18 -22.72 -128.10 11.58
C SER DD 18 -23.47 -129.31 12.13
N ASP DD 19 -23.27 -129.59 13.41
CA ASP DD 19 -23.96 -130.70 14.05
C ASP DD 19 -25.38 -130.29 14.41
N PRO DD 20 -26.37 -131.13 14.06
CA PRO DD 20 -27.76 -130.79 14.44
C PRO DD 20 -27.96 -130.64 15.94
N THR DD 21 -27.29 -131.45 16.74
CA THR DD 21 -27.47 -131.37 18.19
C THR DD 21 -26.82 -130.12 18.77
N ARG DD 22 -25.58 -129.81 18.34
CA ARG DD 22 -24.86 -128.65 18.80
C ARG DD 22 -24.52 -127.77 17.62
N LEU DD 23 -25.16 -126.61 17.52
CA LEU DD 23 -24.93 -125.73 16.37
C LEU DD 23 -23.62 -124.96 16.54
N SER DD 24 -23.03 -125.00 17.72
CA SER DD 24 -21.79 -124.27 17.99
C SER DD 24 -20.62 -124.91 17.27
N THR DD 25 -20.68 -126.23 17.07
CA THR DD 25 -19.58 -126.95 16.45
C THR DD 25 -19.76 -126.96 14.94
N THR DD 26 -18.89 -126.25 14.22
CA THR DD 26 -18.98 -126.15 12.77
C THR DD 26 -17.65 -126.51 12.14
N PHE DD 27 -17.73 -127.03 10.92
CA PHE DD 27 -16.57 -127.39 10.10
C PHE DD 27 -16.78 -126.84 8.71
N SER DD 28 -15.86 -126.00 8.25
CA SER DD 28 -15.99 -125.35 6.95
C SER DD 28 -14.74 -125.56 6.11
N ALA DD 29 -14.94 -125.59 4.79
CA ALA DD 29 -13.85 -125.75 3.83
C ALA DD 29 -14.01 -124.68 2.76
N SER DD 30 -12.93 -123.95 2.48
CA SER DD 30 -12.93 -122.89 1.48
C SER DD 30 -11.77 -123.12 0.53
N LEU DD 31 -12.05 -123.04 -0.77
CA LEU DD 31 -11.03 -123.26 -1.80
C LEU DD 31 -10.81 -121.97 -2.58
N LEU DD 32 -9.54 -121.65 -2.81
CA LEU DD 32 -9.15 -120.53 -3.65
C LEU DD 32 -8.38 -121.07 -4.85
N ARG DD 33 -8.84 -120.73 -6.05
CA ARG DD 33 -8.28 -121.26 -7.29
C ARG DD 33 -7.65 -120.12 -8.08
N GLN DD 34 -6.37 -120.27 -8.41
CA GLN DD 34 -5.63 -119.26 -9.15
C GLN DD 34 -4.69 -119.96 -10.14
N ARG DD 35 -4.37 -119.23 -11.21
CA ARG DD 35 -3.37 -119.68 -12.16
C ARG DD 35 -2.03 -119.05 -11.82
N VAL DD 36 -1.00 -119.87 -11.64
CA VAL DD 36 0.32 -119.41 -11.25
C VAL DD 36 1.22 -119.40 -12.47
N LYS DD 37 1.86 -118.25 -12.70
CA LYS DD 37 2.78 -118.08 -13.82
C LYS DD 37 4.17 -118.48 -13.37
N VAL DD 38 4.65 -119.61 -13.90
CA VAL DD 38 6.00 -120.09 -13.66
C VAL DD 38 6.69 -120.21 -15.01
N GLY DD 39 8.00 -119.99 -15.02
CA GLY DD 39 8.77 -120.00 -16.24
C GLY DD 39 8.50 -121.22 -17.11
N ILE DD 40 8.21 -120.95 -18.40
CA ILE DD 40 7.86 -121.95 -19.41
C ILE DD 40 6.89 -123.00 -18.86
N ALA DD 41 5.93 -122.56 -18.06
CA ALA DD 41 4.92 -123.47 -17.52
C ALA DD 41 3.65 -122.69 -17.21
N GLU DD 42 2.51 -123.37 -17.33
CA GLU DD 42 1.21 -122.79 -16.97
C GLU DD 42 0.48 -123.79 -16.08
N LEU DD 43 0.71 -123.68 -14.78
CA LEU DD 43 0.11 -124.56 -13.79
C LEU DD 43 -0.71 -123.73 -12.80
N ASN DD 44 -1.81 -124.31 -12.35
CA ASN DD 44 -2.80 -123.61 -11.53
C ASN DD 44 -2.83 -124.19 -10.12
N ASN DD 45 -2.68 -123.33 -9.13
CA ASN DD 45 -2.66 -123.77 -7.74
C ASN DD 45 -4.06 -123.78 -7.15
N VAL DD 46 -4.27 -124.63 -6.15
CA VAL DD 46 -5.51 -124.69 -5.41
C VAL DD 46 -5.16 -124.61 -3.92
N SER DD 47 -5.68 -123.59 -3.25
CA SER DD 47 -5.44 -123.37 -1.83
C SER DD 47 -6.71 -123.67 -1.07
N GLY DD 48 -6.63 -124.61 -0.13
CA GLY DD 48 -7.80 -125.01 0.63
C GLY DD 48 -7.66 -124.75 2.11
N GLN DD 49 -8.64 -124.05 2.68
CA GLN DD 49 -8.65 -123.71 4.10
C GLN DD 49 -9.75 -124.51 4.80
N TYR DD 50 -9.35 -125.28 5.80
CA TYR DD 50 -10.27 -126.09 6.58
C TYR DD 50 -10.17 -125.69 8.04
N VAL DD 51 -11.30 -125.36 8.65
CA VAL DD 51 -11.34 -124.93 10.04
C VAL DD 51 -12.31 -125.81 10.81
N SER DD 52 -11.97 -126.15 12.04
CA SER DD 52 -12.84 -126.89 12.94
C SER DD 52 -12.94 -126.15 14.26
N VAL DD 53 -14.16 -125.88 14.70
CA VAL DD 53 -14.41 -125.15 15.94
C VAL DD 53 -15.30 -125.98 16.84
N TYR DD 54 -14.91 -126.07 18.11
CA TYR DD 54 -15.72 -126.70 19.14
C TYR DD 54 -15.73 -125.77 20.35
N LYS DD 55 -16.92 -125.45 20.83
CA LYS DD 55 -17.08 -124.51 21.93
C LYS DD 55 -17.22 -125.28 23.24
N ARG DD 56 -16.09 -125.86 23.66
CA ARG DD 56 -16.06 -126.75 24.81
C ARG DD 56 -16.28 -125.98 26.10
N PRO DD 57 -17.06 -126.53 27.04
CA PRO DD 57 -17.21 -125.88 28.34
C PRO DD 57 -15.90 -125.85 29.13
N ALA DD 58 -15.79 -124.86 30.00
CA ALA DD 58 -14.62 -124.74 30.85
C ALA DD 58 -14.57 -125.90 31.84
N PRO DD 59 -13.38 -126.30 32.31
CA PRO DD 59 -13.31 -127.46 33.21
C PRO DD 59 -14.06 -127.22 34.51
N LYS DD 60 -14.71 -128.27 35.00
CA LYS DD 60 -15.50 -128.20 36.21
C LYS DD 60 -14.58 -128.01 37.42
N PRO DD 61 -15.02 -127.24 38.43
CA PRO DD 61 -14.29 -127.22 39.70
C PRO DD 61 -14.29 -128.58 40.37
N GLU DD 62 -13.27 -128.86 41.17
CA GLU DD 62 -13.05 -130.20 41.71
C GLU DD 62 -13.82 -130.37 43.01
N GLY DD 63 -14.43 -131.55 43.16
CA GLY DD 63 -15.05 -131.94 44.41
C GLY DD 63 -16.46 -131.45 44.64
N CYS DD 64 -17.00 -130.61 43.75
CA CYS DD 64 -18.35 -130.09 43.90
C CYS DD 64 -19.11 -130.29 42.59
N ALA DD 65 -20.26 -130.94 42.67
CA ALA DD 65 -21.11 -131.20 41.52
C ALA DD 65 -22.33 -130.30 41.58
N ASP DD 66 -22.26 -129.15 40.91
CA ASP DD 66 -23.41 -128.26 40.86
C ASP DD 66 -24.56 -128.91 40.11
N ALA DD 67 -25.77 -128.70 40.63
CA ALA DD 67 -26.96 -129.18 39.93
C ALA DD 67 -27.14 -128.47 38.60
N CYS DD 68 -27.00 -127.15 38.59
CA CYS DD 68 -27.14 -126.34 37.39
C CYS DD 68 -25.78 -126.12 36.75
N VAL DD 69 -25.69 -126.43 35.46
CA VAL DD 69 -24.46 -126.19 34.71
C VAL DD 69 -24.38 -124.72 34.31
N ILE DD 70 -23.32 -124.05 34.75
CA ILE DD 70 -23.14 -122.62 34.51
C ILE DD 70 -21.78 -122.38 33.87
N MET DD 71 -21.32 -123.36 33.10
CA MET DD 71 -19.94 -123.34 32.63
C MET DD 71 -19.73 -122.19 31.65
N PRO DD 72 -18.71 -121.36 31.86
CA PRO DD 72 -18.39 -120.32 30.87
C PRO DD 72 -17.53 -120.88 29.75
N ASN DD 73 -18.17 -121.53 28.77
CA ASN DD 73 -17.50 -122.28 27.72
C ASN DD 73 -16.47 -121.47 26.93
N GLU DD 74 -15.50 -122.15 26.34
CA GLU DD 74 -14.37 -121.53 25.65
C GLU DD 74 -14.36 -121.90 24.18
N ASN DD 75 -13.32 -121.47 23.48
CA ASN DD 75 -13.21 -121.69 22.04
C ASN DD 75 -12.02 -122.59 21.74
N GLN DD 76 -12.27 -123.64 20.95
CA GLN DD 76 -11.21 -124.54 20.48
C GLN DD 76 -11.22 -124.51 18.96
N SER DD 77 -10.05 -124.25 18.37
CA SER DD 77 -9.95 -124.08 16.93
C SER DD 77 -8.80 -124.91 16.36
N ILE DD 78 -9.04 -125.49 15.19
CA ILE DD 78 -8.02 -126.18 14.42
C ILE DD 78 -8.17 -125.76 12.97
N ARG DD 79 -7.19 -125.00 12.47
CA ARG DD 79 -7.24 -124.42 11.13
C ARG DD 79 -6.05 -124.88 10.33
N THR DD 80 -6.31 -125.47 9.17
CA THR DD 80 -5.26 -125.96 8.29
C THR DD 80 -5.44 -125.35 6.90
N VAL DD 81 -4.32 -125.13 6.22
CA VAL DD 81 -4.32 -124.59 4.86
C VAL DD 81 -3.39 -125.45 4.02
N ILE DD 82 -3.92 -126.02 2.95
CA ILE DD 82 -3.15 -126.87 2.03
C ILE DD 82 -3.13 -126.17 0.69
N SER DD 83 -1.95 -125.74 0.25
CA SER DD 83 -1.78 -125.02 -0.99
C SER DD 83 -0.74 -125.73 -1.85
N GLY DD 84 -1.08 -125.96 -3.11
CA GLY DD 84 -0.16 -126.62 -4.02
C GLY DD 84 -0.81 -126.79 -5.38
N SER DD 85 0.04 -127.07 -6.35
CA SER DD 85 -0.43 -127.24 -7.73
C SER DD 85 -1.26 -128.51 -7.85
N ALA DD 86 -2.29 -128.46 -8.70
CA ALA DD 86 -3.14 -129.62 -8.90
C ALA DD 86 -2.44 -130.69 -9.73
N GLU DD 87 -1.39 -130.32 -10.45
CA GLU DD 87 -0.66 -131.29 -11.26
C GLU DD 87 0.07 -132.30 -10.37
N ASN DD 88 0.46 -131.87 -9.17
CA ASN DD 88 1.22 -132.68 -8.23
C ASN DD 88 0.37 -133.20 -7.09
N LEU DD 89 -0.85 -133.63 -7.37
CA LEU DD 89 -1.79 -134.00 -6.31
C LEU DD 89 -1.29 -135.18 -5.49
N ALA DD 90 -0.69 -136.17 -6.14
CA ALA DD 90 -0.19 -137.33 -5.40
C ALA DD 90 0.91 -136.92 -4.43
N THR DD 91 1.82 -136.05 -4.89
CA THR DD 91 2.85 -135.50 -4.00
C THR DD 91 2.24 -134.69 -2.87
N LEU DD 92 1.20 -133.91 -3.15
CA LEU DD 92 0.56 -133.14 -2.09
C LEU DD 92 -0.07 -134.05 -1.05
N LYS DD 93 -0.65 -135.17 -1.50
CA LYS DD 93 -1.23 -136.12 -0.54
C LYS DD 93 -0.14 -136.78 0.30
N ALA DD 94 0.99 -137.13 -0.32
CA ALA DD 94 2.10 -137.68 0.45
C ALA DD 94 2.61 -136.66 1.47
N GLU DD 95 2.69 -135.39 1.07
CA GLU DD 95 3.09 -134.34 2.00
C GLU DD 95 2.08 -134.21 3.13
N TRP DD 96 0.79 -134.35 2.84
CA TRP DD 96 -0.23 -134.31 3.88
C TRP DD 96 -0.04 -135.44 4.87
N GLU DD 97 0.23 -136.65 4.38
CA GLU DD 97 0.46 -137.77 5.29
C GLU DD 97 1.68 -137.52 6.18
N THR DD 98 2.76 -137.03 5.59
CA THR DD 98 3.96 -136.76 6.37
C THR DD 98 3.71 -135.65 7.40
N HIS DD 99 2.97 -134.61 7.01
CA HIS DD 99 2.65 -133.53 7.93
C HIS DD 99 1.80 -134.03 9.09
N LYS DD 100 0.82 -134.90 8.80
CA LYS DD 100 0.02 -135.48 9.87
C LYS DD 100 0.90 -136.29 10.82
N ARG DD 101 1.82 -137.08 10.28
CA ARG DD 101 2.69 -137.87 11.13
C ARG DD 101 3.56 -136.99 12.02
N ASN DD 102 4.13 -135.92 11.44
CA ASN DD 102 4.98 -135.02 12.23
C ASN DD 102 4.18 -134.32 13.32
N VAL DD 103 2.98 -133.84 12.99
CA VAL DD 103 2.17 -133.14 13.97
C VAL DD 103 1.73 -134.09 15.07
N ASP DD 104 1.45 -135.35 14.71
CA ASP DD 104 1.11 -136.34 15.73
C ASP DD 104 2.29 -136.60 16.65
N THR DD 105 3.50 -136.67 16.08
CA THR DD 105 4.69 -136.89 16.89
C THR DD 105 4.91 -135.74 17.87
N LEU DD 106 4.72 -134.50 17.40
CA LEU DD 106 4.97 -133.35 18.27
C LEU DD 106 3.84 -133.13 19.28
N PHE DD 107 2.60 -133.46 18.90
CA PHE DD 107 1.42 -133.06 19.66
C PHE DD 107 0.65 -134.25 20.22
N ALA DD 108 0.24 -135.20 19.38
CA ALA DD 108 -0.62 -136.28 19.83
C ALA DD 108 0.08 -137.16 20.87
N SER DD 109 1.34 -137.52 20.60
CA SER DD 109 2.13 -138.28 21.55
C SER DD 109 3.19 -137.45 22.25
N GLY DD 110 3.29 -136.16 21.93
CA GLY DD 110 4.22 -135.26 22.57
C GLY DD 110 3.53 -134.34 23.55
N ASN DD 111 4.25 -133.28 23.92
CA ASN DD 111 3.72 -132.34 24.90
C ASN DD 111 3.68 -130.92 24.35
N ALA DD 112 3.40 -130.79 23.05
CA ALA DD 112 3.30 -129.46 22.46
C ALA DD 112 2.04 -128.75 22.92
N GLY DD 113 1.03 -129.51 23.36
CA GLY DD 113 -0.20 -128.90 23.81
C GLY DD 113 -0.01 -128.07 25.08
N LEU DD 114 0.85 -128.55 25.99
CA LEU DD 114 1.07 -127.82 27.23
C LEU DD 114 2.09 -126.70 27.05
N GLY DD 115 2.78 -126.66 25.91
CA GLY DD 115 3.69 -125.58 25.62
C GLY DD 115 5.14 -125.98 25.44
N PHE DD 116 5.45 -127.27 25.35
CA PHE DD 116 6.83 -127.69 25.23
C PHE DD 116 7.15 -128.13 23.80
N LEU DD 117 8.23 -127.58 23.26
CA LEU DD 117 8.75 -127.97 21.95
C LEU DD 117 9.97 -128.85 22.16
N ASP DD 118 9.78 -130.15 22.01
CA ASP DD 118 10.86 -131.10 22.21
C ASP DD 118 11.87 -130.99 21.08
N PRO DD 119 13.14 -130.67 21.34
CA PRO DD 119 14.11 -130.57 20.24
C PRO DD 119 14.73 -131.91 19.84
N THR DD 120 14.40 -133.00 20.52
CA THR DD 120 14.89 -134.31 20.14
C THR DD 120 13.81 -135.19 19.49
N ALA DD 121 12.68 -134.60 19.11
CA ALA DD 121 11.59 -135.37 18.53
C ALA DD 121 12.00 -135.94 17.18
N ALA DD 122 11.48 -137.12 16.86
CA ALA DD 122 11.80 -137.83 15.62
C ALA DD 122 10.92 -137.29 14.51
N ILE DD 123 11.29 -136.13 13.98
CA ILE DD 123 10.60 -135.54 12.85
C ILE DD 123 11.16 -136.13 11.57
N VAL DD 124 10.28 -136.65 10.72
CA VAL DD 124 10.70 -137.43 9.55
C VAL DD 124 10.00 -136.89 8.32
N SER DD 125 10.69 -136.96 7.18
CA SER DD 125 10.25 -136.26 5.98
C SER DD 125 9.40 -137.15 5.09
N SER DD 126 9.02 -136.59 3.94
CA SER DD 126 8.21 -137.33 2.98
C SER DD 126 9.03 -138.22 2.06
N ASP DD 127 10.26 -137.81 1.74
CA ASP DD 127 11.12 -138.63 0.88
C ASP DD 127 11.51 -139.92 1.59
N THR DD 128 11.56 -140.99 0.81
CA THR DD 128 11.87 -142.32 1.33
C THR DD 128 13.21 -142.78 0.79
N THR DD 129 13.96 -143.46 1.66
CA THR DD 129 15.26 -143.99 1.30
C THR DD 129 15.13 -145.23 0.42
N ALA ED 1 100.84 15.84 -106.96
CA ALA ED 1 99.62 15.17 -107.37
C ALA ED 1 98.76 14.81 -106.17
N ASN ED 2 97.70 15.58 -105.94
CA ASN ED 2 96.81 15.34 -104.83
C ASN ED 2 95.70 14.38 -105.22
N LYS ED 3 95.29 13.54 -104.28
CA LYS ED 3 94.27 12.53 -104.55
C LYS ED 3 92.88 13.18 -104.61
N PRO ED 4 92.17 13.09 -105.73
CA PRO ED 4 90.83 13.67 -105.80
C PRO ED 4 89.83 12.88 -104.97
N MET ED 5 88.72 13.54 -104.62
CA MET ED 5 87.59 12.89 -103.98
C MET ED 5 86.44 12.83 -104.96
N GLN ED 6 85.64 11.77 -104.87
CA GLN ED 6 84.37 11.74 -105.58
C GLN ED 6 83.24 11.76 -104.57
N PRO ED 7 82.15 12.47 -104.86
CA PRO ED 7 81.13 12.70 -103.83
C PRO ED 7 80.44 11.42 -103.38
N ILE ED 8 79.99 11.42 -102.13
CA ILE ED 8 79.20 10.32 -101.59
C ILE ED 8 77.75 10.71 -101.34
N THR ED 9 77.48 11.98 -101.07
CA THR ED 9 76.11 12.48 -100.95
C THR ED 9 75.99 13.77 -101.72
N SER ED 10 75.06 13.80 -102.68
CA SER ED 10 74.89 14.96 -103.55
C SER ED 10 73.47 15.50 -103.41
N THR ED 11 73.38 16.80 -103.15
CA THR ED 11 72.11 17.48 -103.02
C THR ED 11 72.31 18.93 -103.42
N ALA ED 12 71.22 19.60 -103.79
CA ALA ED 12 71.30 21.00 -104.19
C ALA ED 12 71.71 21.89 -103.02
N ASN ED 13 71.56 21.39 -101.79
CA ASN ED 13 71.86 22.16 -100.60
C ASN ED 13 73.10 21.68 -99.87
N LYS ED 14 73.63 20.51 -100.21
CA LYS ED 14 74.79 19.95 -99.51
C LYS ED 14 75.44 18.89 -100.38
N ILE ED 15 76.77 18.94 -100.47
CA ILE ED 15 77.55 17.91 -101.14
C ILE ED 15 78.70 17.51 -100.22
N VAL ED 16 78.93 16.22 -100.06
CA VAL ED 16 79.98 15.69 -99.20
C VAL ED 16 80.94 14.87 -100.06
N TRP ED 17 82.22 15.18 -99.95
CA TRP ED 17 83.27 14.47 -100.67
C TRP ED 17 84.07 13.62 -99.69
N SER ED 18 84.44 12.41 -100.11
CA SER ED 18 85.23 11.51 -99.29
C SER ED 18 86.29 10.84 -100.15
N ASP ED 19 87.48 10.67 -99.58
CA ASP ED 19 88.58 10.06 -100.31
C ASP ED 19 88.36 8.56 -100.41
N PRO ED 20 88.40 7.98 -101.62
CA PRO ED 20 88.13 6.54 -101.74
C PRO ED 20 89.09 5.68 -100.94
N THR ED 21 90.35 6.08 -100.83
CA THR ED 21 91.31 5.33 -100.03
C THR ED 21 91.05 5.45 -98.53
N ARG ED 22 90.65 6.62 -98.05
CA ARG ED 22 90.30 6.81 -96.64
C ARG ED 22 89.01 7.60 -96.53
N LEU ED 23 87.88 6.91 -96.36
CA LEU ED 23 86.58 7.57 -96.30
C LEU ED 23 86.44 8.42 -95.05
N SER ED 24 87.35 8.24 -94.09
CA SER ED 24 87.35 9.08 -92.90
C SER ED 24 87.64 10.54 -93.22
N THR ED 25 88.32 10.83 -94.32
CA THR ED 25 88.55 12.19 -94.75
C THR ED 25 87.33 12.70 -95.51
N THR ED 26 86.68 13.74 -94.98
CA THR ED 26 85.46 14.26 -95.55
C THR ED 26 85.60 15.76 -95.79
N PHE ED 27 84.92 16.24 -96.84
CA PHE ED 27 84.85 17.66 -97.16
C PHE ED 27 83.44 17.97 -97.62
N SER ED 28 82.74 18.82 -96.88
CA SER ED 28 81.34 19.11 -97.12
C SER ED 28 81.12 20.60 -97.33
N ALA ED 29 80.19 20.92 -98.21
CA ALA ED 29 79.80 22.30 -98.48
C ALA ED 29 78.29 22.39 -98.46
N SER ED 30 77.75 23.33 -97.67
CA SER ED 30 76.32 23.52 -97.52
C SER ED 30 75.99 24.99 -97.71
N LEU ED 31 74.97 25.27 -98.52
CA LEU ED 31 74.55 26.64 -98.79
C LEU ED 31 73.18 26.88 -98.17
N LEU ED 32 73.05 27.99 -97.46
CA LEU ED 32 71.78 28.42 -96.88
C LEU ED 32 71.51 29.84 -97.35
N ARG ED 33 70.37 30.05 -98.01
CA ARG ED 33 70.06 31.30 -98.68
C ARG ED 33 68.80 31.92 -98.11
N GLN ED 34 68.85 33.23 -97.87
CA GLN ED 34 67.70 33.98 -97.38
C GLN ED 34 67.57 35.27 -98.17
N ARG ED 35 66.49 36.00 -97.91
CA ARG ED 35 66.27 37.33 -98.46
C ARG ED 35 66.28 38.34 -97.32
N VAL ED 36 67.15 39.35 -97.42
CA VAL ED 36 67.32 40.36 -96.39
C VAL ED 36 67.09 41.73 -96.99
N LYS ED 37 66.24 42.54 -96.34
CA LYS ED 37 65.90 43.88 -96.82
C LYS ED 37 66.82 44.88 -96.14
N VAL ED 38 68.03 45.02 -96.69
CA VAL ED 38 69.00 45.95 -96.14
C VAL ED 38 68.68 47.38 -96.55
N GLY ED 39 68.48 47.60 -97.84
CA GLY ED 39 68.34 48.93 -98.40
C GLY ED 39 67.03 49.14 -99.12
N ILE ED 40 65.94 48.65 -98.51
CA ILE ED 40 64.58 48.57 -99.06
C ILE ED 40 64.63 47.87 -100.41
N ALA ED 41 65.70 47.11 -100.64
CA ALA ED 41 65.84 46.22 -101.79
C ALA ED 41 66.20 44.85 -101.27
N GLU ED 42 65.58 43.82 -101.85
CA GLU ED 42 65.73 42.45 -101.35
C GLU ED 42 67.03 41.85 -101.88
N LEU ED 43 68.11 42.07 -101.13
CA LEU ED 43 69.38 41.44 -101.45
C LEU ED 43 69.35 39.97 -101.09
N ASN ED 44 70.01 39.14 -101.91
CA ASN ED 44 70.02 37.69 -101.72
C ASN ED 44 71.38 37.27 -101.15
N ASN ED 45 71.42 37.13 -99.83
CA ASN ED 45 72.64 36.68 -99.18
C ASN ED 45 72.78 35.17 -99.28
N VAL ED 46 74.02 34.70 -99.24
CA VAL ED 46 74.34 33.27 -99.26
C VAL ED 46 75.27 32.98 -98.10
N SER ED 47 74.90 32.00 -97.27
CA SER ED 47 75.70 31.58 -96.12
C SER ED 47 76.26 30.20 -96.42
N GLY ED 48 77.46 30.15 -96.98
CA GLY ED 48 78.09 28.89 -97.35
C GLY ED 48 79.02 28.41 -96.24
N GLN ED 49 78.76 27.17 -95.80
CA GLN ED 49 79.57 26.53 -94.78
C GLN ED 49 80.39 25.42 -95.42
N TYR ED 50 81.71 25.52 -95.30
CA TYR ED 50 82.62 24.53 -95.86
C TYR ED 50 83.39 23.89 -94.71
N VAL ED 51 83.29 22.57 -94.59
CA VAL ED 51 83.90 21.84 -93.48
C VAL ED 51 84.83 20.78 -94.05
N SER ED 52 86.08 20.80 -93.59
CA SER ED 52 87.07 19.79 -93.95
C SER ED 52 87.50 19.04 -92.70
N VAL ED 53 87.37 17.72 -92.73
CA VAL ED 53 87.60 16.87 -91.57
C VAL ED 53 88.61 15.80 -91.95
N TYR ED 54 89.63 15.63 -91.11
CA TYR ED 54 90.63 14.58 -91.26
C TYR ED 54 90.89 13.95 -89.91
N LYS ED 55 90.66 12.64 -89.81
CA LYS ED 55 90.96 11.89 -88.60
C LYS ED 55 92.38 11.37 -88.72
N ARG ED 56 93.31 12.06 -88.06
CA ARG ED 56 94.73 11.75 -88.15
C ARG ED 56 95.19 11.05 -86.87
N PRO ED 57 95.90 9.93 -86.97
CA PRO ED 57 96.31 9.22 -85.76
C PRO ED 57 97.60 9.79 -85.18
N ALA ED 58 97.56 10.06 -83.87
CA ALA ED 58 98.70 10.64 -83.17
C ALA ED 58 99.00 9.87 -81.89
N PRO ED 59 99.41 8.59 -82.00
CA PRO ED 59 100.08 7.97 -80.85
C PRO ED 59 101.38 8.67 -80.53
N LYS ED 60 102.04 9.19 -81.56
CA LYS ED 60 103.28 9.97 -81.49
C LYS ED 60 104.36 9.24 -80.70
N PRO ED 61 104.80 8.06 -81.14
CA PRO ED 61 105.96 7.43 -80.49
C PRO ED 61 107.24 8.12 -80.92
N GLU ED 62 107.80 8.92 -80.02
CA GLU ED 62 108.93 9.76 -80.36
C GLU ED 62 110.20 8.92 -80.54
N GLY ED 63 110.66 8.84 -81.77
CA GLY ED 63 111.91 8.18 -82.09
C GLY ED 63 111.87 6.75 -82.60
N CYS ED 64 110.87 5.97 -82.17
CA CYS ED 64 110.89 4.56 -82.52
C CYS ED 64 109.53 4.13 -83.04
N ALA ED 65 109.55 3.30 -84.07
CA ALA ED 65 108.39 2.58 -84.57
C ALA ED 65 108.84 1.21 -85.05
N ASP ED 66 108.26 0.16 -84.48
CA ASP ED 66 108.71 -1.19 -84.79
C ASP ED 66 107.65 -2.03 -85.51
N ALA ED 67 106.42 -2.03 -85.02
CA ALA ED 67 105.35 -2.79 -85.64
C ALA ED 67 104.08 -1.94 -85.60
N CYS ED 68 103.09 -2.31 -86.40
CA CYS ED 68 101.85 -1.55 -86.46
C CYS ED 68 100.90 -2.02 -85.36
N VAL ED 69 100.52 -1.08 -84.50
CA VAL ED 69 99.54 -1.31 -83.44
C VAL ED 69 98.32 -0.47 -83.83
N ILE ED 70 97.17 -0.74 -83.22
CA ILE ED 70 95.98 0.06 -83.49
C ILE ED 70 96.25 1.54 -83.24
N MET ED 71 95.93 2.36 -84.24
CA MET ED 71 96.05 3.80 -84.10
C MET ED 71 94.86 4.37 -83.33
N PRO ED 72 95.08 5.05 -82.21
CA PRO ED 72 94.04 5.92 -81.66
C PRO ED 72 93.99 7.23 -82.42
N ASN ED 73 92.80 7.75 -82.68
CA ASN ED 73 92.62 8.85 -83.63
C ASN ED 73 92.13 10.11 -82.92
N GLU ED 74 92.54 11.25 -83.46
CA GLU ED 74 91.99 12.55 -83.10
C GLU ED 74 91.44 13.20 -84.35
N ASN ED 75 90.51 14.13 -84.17
CA ASN ED 75 89.80 14.75 -85.28
C ASN ED 75 90.37 16.14 -85.54
N GLN ED 76 90.82 16.38 -86.77
CA GLN ED 76 91.26 17.70 -87.20
C GLN ED 76 90.17 18.27 -88.10
N SER ED 77 89.59 19.39 -87.68
CA SER ED 77 88.46 19.99 -88.39
C SER ED 77 88.74 21.46 -88.67
N ILE ED 78 88.46 21.88 -89.90
CA ILE ED 78 88.54 23.27 -90.31
C ILE ED 78 87.23 23.62 -91.01
N ARG ED 79 86.50 24.57 -90.46
CA ARG ED 79 85.21 24.99 -91.01
C ARG ED 79 85.25 26.47 -91.34
N THR ED 80 84.64 26.84 -92.46
CA THR ED 80 84.59 28.21 -92.92
C THR ED 80 83.16 28.59 -93.29
N VAL ED 81 82.71 29.73 -92.80
CA VAL ED 81 81.37 30.24 -93.07
C VAL ED 81 81.53 31.61 -93.72
N ILE ED 82 81.05 31.74 -94.95
CA ILE ED 82 81.14 32.98 -95.72
C ILE ED 82 79.73 33.47 -95.97
N SER ED 83 79.43 34.69 -95.52
CA SER ED 83 78.09 35.26 -95.63
C SER ED 83 78.18 36.61 -96.30
N GLY ED 84 77.29 36.85 -97.27
CA GLY ED 84 77.26 38.11 -97.97
C GLY ED 84 76.29 38.12 -99.13
N SER ED 85 75.90 39.31 -99.58
CA SER ED 85 74.96 39.42 -100.69
C SER ED 85 75.59 38.93 -101.98
N ALA ED 86 74.78 38.30 -102.83
CA ALA ED 86 75.28 37.79 -104.10
C ALA ED 86 75.67 38.93 -105.03
N GLU ED 87 75.07 40.11 -104.84
CA GLU ED 87 75.34 41.23 -105.73
C GLU ED 87 76.71 41.84 -105.46
N ASN ED 88 77.37 41.43 -104.38
CA ASN ED 88 78.70 41.91 -104.03
C ASN ED 88 79.71 40.77 -104.03
N LEU ED 89 79.68 39.94 -105.08
CA LEU ED 89 80.57 38.78 -105.14
C LEU ED 89 82.03 39.20 -105.23
N ALA ED 90 82.33 40.24 -106.01
CA ALA ED 90 83.72 40.69 -106.15
C ALA ED 90 84.27 41.14 -104.81
N THR ED 91 83.48 41.92 -104.07
CA THR ED 91 83.86 42.31 -102.72
C THR ED 91 84.02 41.12 -101.79
N LEU ED 92 83.13 40.15 -101.87
CA LEU ED 92 83.24 38.99 -100.98
C LEU ED 92 84.50 38.20 -101.29
N LYS ED 93 84.88 38.12 -102.57
CA LYS ED 93 86.11 37.43 -102.96
C LYS ED 93 87.34 38.18 -102.46
N ALA ED 94 87.33 39.52 -102.56
CA ALA ED 94 88.42 40.30 -101.99
C ALA ED 94 88.52 40.10 -100.49
N GLU ED 95 87.37 40.06 -99.82
CA GLU ED 95 87.35 39.80 -98.38
C GLU ED 95 87.92 38.42 -98.07
N TRP ED 96 87.60 37.42 -98.89
CA TRP ED 96 88.12 36.08 -98.70
C TRP ED 96 89.64 36.06 -98.84
N GLU ED 97 90.16 36.77 -99.84
CA GLU ED 97 91.61 36.84 -100.00
C GLU ED 97 92.26 37.51 -98.80
N THR ED 98 91.69 38.61 -98.33
CA THR ED 98 92.25 39.30 -97.17
C THR ED 98 92.19 38.41 -95.92
N HIS ED 99 91.10 37.67 -95.76
CA HIS ED 99 90.96 36.76 -94.63
C HIS ED 99 92.01 35.66 -94.69
N LYS ED 100 92.24 35.12 -95.89
CA LYS ED 100 93.28 34.10 -96.05
C LYS ED 100 94.64 34.66 -95.67
N ARG ED 101 94.95 35.88 -96.14
CA ARG ED 101 96.23 36.49 -95.81
C ARG ED 101 96.38 36.69 -94.30
N ASN ED 102 95.33 37.18 -93.64
CA ASN ED 102 95.39 37.43 -92.21
C ASN ED 102 95.56 36.14 -91.43
N VAL ED 103 94.81 35.10 -91.78
CA VAL ED 103 94.92 33.83 -91.09
C VAL ED 103 96.29 33.21 -91.33
N ASP ED 104 96.83 33.38 -92.54
CA ASP ED 104 98.19 32.92 -92.80
C ASP ED 104 99.19 33.61 -91.88
N THR ED 105 99.09 34.94 -91.77
CA THR ED 105 100.00 35.69 -90.93
C THR ED 105 99.90 35.24 -89.47
N LEU ED 106 98.69 35.00 -88.99
CA LEU ED 106 98.51 34.63 -87.59
C LEU ED 106 98.89 33.17 -87.30
N PHE ED 107 98.64 32.26 -88.24
CA PHE ED 107 98.69 30.83 -87.96
C PHE ED 107 99.77 30.12 -88.77
N ALA ED 108 99.79 30.30 -90.09
CA ALA ED 108 100.72 29.56 -90.93
C ALA ED 108 102.16 29.96 -90.66
N SER ED 109 102.42 31.26 -90.55
CA SER ED 109 103.74 31.77 -90.24
C SER ED 109 103.90 32.18 -88.79
N GLY ED 110 102.86 32.05 -87.96
CA GLY ED 110 102.92 32.41 -86.57
C GLY ED 110 102.91 31.19 -85.66
N ASN ED 111 102.52 31.43 -84.40
CA ASN ED 111 102.46 30.39 -83.39
C ASN ED 111 101.06 30.25 -82.80
N ALA ED 112 100.04 30.66 -83.56
CA ALA ED 112 98.67 30.57 -83.05
C ALA ED 112 98.20 29.12 -82.92
N GLY ED 113 98.81 28.20 -83.67
CA GLY ED 113 98.41 26.81 -83.57
C GLY ED 113 98.76 26.19 -82.24
N LEU ED 114 99.77 26.73 -81.56
CA LEU ED 114 100.21 26.21 -80.27
C LEU ED 114 99.51 26.93 -79.13
N GLY ED 115 98.61 27.85 -79.46
CA GLY ED 115 97.92 28.61 -78.43
C GLY ED 115 98.62 29.90 -78.05
N PHE ED 116 98.95 30.73 -79.03
CA PHE ED 116 99.67 31.97 -78.80
C PHE ED 116 99.03 33.09 -79.60
N LEU ED 117 99.11 34.31 -79.07
CA LEU ED 117 98.66 35.51 -79.77
C LEU ED 117 99.82 36.48 -79.89
N ASP ED 118 99.96 37.08 -81.08
CA ASP ED 118 101.01 38.06 -81.31
C ASP ED 118 100.36 39.41 -81.56
N PRO ED 119 100.32 40.31 -80.58
CA PRO ED 119 99.72 41.64 -80.81
C PRO ED 119 100.44 42.46 -81.87
N THR ED 120 101.70 42.15 -82.17
CA THR ED 120 102.48 42.89 -83.14
C THR ED 120 102.36 42.31 -84.55
N ALA ED 121 101.48 41.33 -84.75
CA ALA ED 121 101.32 40.74 -86.08
C ALA ED 121 100.79 41.76 -87.07
N ALA ED 122 101.17 41.60 -88.34
CA ALA ED 122 100.82 42.54 -89.40
C ALA ED 122 99.49 42.12 -90.02
N ILE ED 123 98.43 42.79 -89.58
CA ILE ED 123 97.09 42.57 -90.12
C ILE ED 123 96.74 43.74 -91.03
N VAL ED 124 96.15 43.42 -92.18
CA VAL ED 124 95.82 44.43 -93.19
C VAL ED 124 94.35 44.29 -93.57
N SER ED 125 93.79 45.37 -94.11
CA SER ED 125 92.41 45.40 -94.54
C SER ED 125 92.30 45.16 -96.04
N SER ED 126 91.07 44.89 -96.49
CA SER ED 126 90.83 44.67 -97.91
C SER ED 126 90.96 45.95 -98.72
N ASP ED 127 90.74 47.10 -98.11
CA ASP ED 127 90.89 48.37 -98.82
C ASP ED 127 92.36 48.65 -99.10
N THR ED 128 92.61 49.39 -100.17
CA THR ED 128 93.96 49.74 -100.60
C THR ED 128 94.17 51.24 -100.51
N THR ED 129 95.44 51.61 -100.40
CA THR ED 129 95.81 53.02 -100.31
C THR ED 129 96.02 53.62 -101.71
N ALA FD 1 69.30 37.43 -127.77
CA ALA FD 1 69.56 36.21 -127.03
C ALA FD 1 69.15 36.35 -125.57
N ASN FD 2 68.21 35.52 -125.13
CA ASN FD 2 67.75 35.57 -123.75
C ASN FD 2 68.82 35.00 -122.82
N LYS FD 3 68.88 35.56 -121.61
CA LYS FD 3 69.85 35.09 -120.63
C LYS FD 3 69.48 33.69 -120.14
N PRO FD 4 70.42 32.76 -120.08
CA PRO FD 4 70.08 31.41 -119.63
C PRO FD 4 69.96 31.33 -118.11
N MET FD 5 69.25 30.31 -117.65
CA MET FD 5 69.09 30.03 -116.23
C MET FD 5 69.78 28.71 -115.89
N GLN FD 6 70.08 28.55 -114.60
CA GLN FD 6 70.66 27.33 -114.06
C GLN FD 6 69.84 26.84 -112.88
N PRO FD 7 69.76 25.53 -112.66
CA PRO FD 7 68.96 25.03 -111.54
C PRO FD 7 69.66 25.28 -110.21
N ILE FD 8 68.91 25.81 -109.25
CA ILE FD 8 69.42 26.13 -107.93
C ILE FD 8 69.00 25.09 -106.90
N THR FD 9 67.73 24.70 -106.91
CA THR FD 9 67.23 23.62 -106.08
C THR FD 9 66.73 22.49 -106.97
N SER FD 10 67.23 21.28 -106.71
CA SER FD 10 66.96 20.16 -107.60
C SER FD 10 66.32 19.03 -106.82
N THR FD 11 65.04 18.77 -107.11
CA THR FD 11 64.32 17.62 -106.62
C THR FD 11 63.45 17.09 -107.74
N ALA FD 12 63.30 15.76 -107.80
CA ALA FD 12 62.49 15.16 -108.85
C ALA FD 12 61.03 15.59 -108.72
N ASN FD 13 60.59 15.89 -107.50
CA ASN FD 13 59.25 16.44 -107.31
C ASN FD 13 59.12 17.84 -107.87
N LYS FD 14 60.13 18.69 -107.67
CA LYS FD 14 60.10 20.06 -108.16
C LYS FD 14 61.51 20.58 -108.39
N ILE FD 15 61.70 21.30 -109.48
CA ILE FD 15 62.96 21.95 -109.80
C ILE FD 15 62.69 23.42 -110.07
N VAL FD 16 63.47 24.29 -109.43
CA VAL FD 16 63.35 25.74 -109.61
C VAL FD 16 64.63 26.24 -110.26
N TRP FD 17 64.47 27.05 -111.29
CA TRP FD 17 65.57 27.67 -112.00
C TRP FD 17 65.76 29.11 -111.52
N SER FD 18 66.96 29.64 -111.73
CA SER FD 18 67.27 30.98 -111.27
C SER FD 18 68.18 31.67 -112.27
N ASP FD 19 68.08 33.00 -112.30
CA ASP FD 19 68.94 33.80 -113.15
C ASP FD 19 70.16 34.22 -112.35
N PRO FD 20 71.37 33.78 -112.73
CA PRO FD 20 72.56 34.14 -111.93
C PRO FD 20 72.87 35.63 -111.92
N THR FD 21 72.36 36.40 -112.87
CA THR FD 21 72.54 37.84 -112.84
C THR FD 21 71.47 38.56 -112.03
N ARG FD 22 70.26 38.00 -111.94
CA ARG FD 22 69.19 38.58 -111.13
C ARG FD 22 68.49 37.42 -110.44
N LEU FD 23 68.89 37.15 -109.20
CA LEU FD 23 68.39 35.97 -108.49
C LEU FD 23 66.91 36.06 -108.15
N SER FD 24 66.30 37.24 -108.30
CA SER FD 24 64.87 37.37 -108.02
C SER FD 24 64.02 36.76 -109.12
N THR FD 25 64.60 36.43 -110.27
CA THR FD 25 63.88 35.79 -111.36
C THR FD 25 63.97 34.29 -111.21
N THR FD 26 62.82 33.63 -111.02
CA THR FD 26 62.77 32.21 -110.79
C THR FD 26 61.72 31.57 -111.69
N PHE FD 27 61.91 30.29 -111.98
CA PHE FD 27 60.96 29.49 -112.75
C PHE FD 27 60.89 28.11 -112.14
N SER FD 28 59.71 27.74 -111.66
CA SER FD 28 59.50 26.49 -110.93
C SER FD 28 58.67 25.53 -111.76
N ALA FD 29 59.03 24.25 -111.70
CA ALA FD 29 58.29 23.18 -112.36
C ALA FD 29 58.13 22.03 -111.38
N SER FD 30 56.89 21.76 -110.97
CA SER FD 30 56.59 20.69 -110.03
C SER FD 30 55.56 19.76 -110.65
N LEU FD 31 55.83 18.45 -110.61
CA LEU FD 31 54.93 17.45 -111.13
C LEU FD 31 54.44 16.57 -109.99
N LEU FD 32 53.12 16.36 -109.93
CA LEU FD 32 52.49 15.46 -108.98
C LEU FD 32 51.82 14.35 -109.76
N ARG FD 33 52.15 13.10 -109.43
CA ARG FD 33 51.70 11.94 -110.18
C ARG FD 33 50.85 11.05 -109.29
N GLN FD 34 49.66 10.70 -109.79
CA GLN FD 34 48.74 9.83 -109.07
C GLN FD 34 48.05 8.92 -110.06
N ARG FD 35 47.74 7.70 -109.63
CA ARG FD 35 47.08 6.71 -110.47
C ARG FD 35 45.58 6.76 -110.20
N VAL FD 36 44.91 7.75 -110.79
CA VAL FD 36 43.47 7.89 -110.69
C VAL FD 36 42.84 7.11 -111.84
N LYS FD 37 42.27 5.94 -111.52
CA LYS FD 37 41.76 5.07 -112.56
C LYS FD 37 40.25 5.21 -112.72
N VAL FD 38 39.81 5.37 -113.97
CA VAL FD 38 38.39 5.35 -114.30
C VAL FD 38 37.94 3.91 -114.38
N GLY FD 39 36.63 3.68 -114.48
CA GLY FD 39 36.08 2.34 -114.51
C GLY FD 39 36.69 1.44 -115.55
N ILE FD 40 37.03 0.21 -115.13
CA ILE FD 40 37.61 -0.85 -115.96
C ILE FD 40 38.76 -0.34 -116.83
N ALA FD 41 39.50 0.64 -116.33
CA ALA FD 41 40.65 1.16 -117.06
C ALA FD 41 41.69 1.65 -116.06
N GLU FD 42 42.93 1.74 -116.53
CA GLU FD 42 44.05 2.23 -115.74
C GLU FD 42 44.59 3.50 -116.38
N LEU FD 43 44.76 4.54 -115.57
CA LEU FD 43 45.22 5.83 -116.06
C LEU FD 43 46.20 6.44 -115.08
N ASN FD 44 47.29 7.00 -115.61
CA ASN FD 44 48.27 7.73 -114.83
C ASN FD 44 48.25 9.19 -115.26
N ASN FD 45 47.88 10.08 -114.33
CA ASN FD 45 47.78 11.50 -114.61
C ASN FD 45 48.90 12.27 -113.94
N VAL FD 46 49.19 13.45 -114.46
CA VAL FD 46 50.25 14.31 -113.93
C VAL FD 46 49.65 15.72 -113.77
N SER FD 47 49.87 16.33 -112.62
CA SER FD 47 49.49 17.71 -112.39
C SER FD 47 50.74 18.58 -112.52
N GLY FD 48 50.89 19.23 -113.67
CA GLY FD 48 52.07 20.02 -113.93
C GLY FD 48 51.89 21.49 -113.62
N GLN FD 49 52.51 21.96 -112.55
CA GLN FD 49 52.39 23.34 -112.10
C GLN FD 49 53.69 24.06 -112.43
N TYR FD 50 53.59 25.16 -113.16
CA TYR FD 50 54.75 25.95 -113.58
C TYR FD 50 54.54 27.38 -113.13
N VAL FD 51 55.52 27.92 -112.41
CA VAL FD 51 55.43 29.26 -111.84
C VAL FD 51 56.61 30.08 -112.34
N SER FD 52 56.33 31.25 -112.91
CA SER FD 52 57.34 32.20 -113.33
C SER FD 52 57.20 33.48 -112.52
N VAL FD 53 58.30 33.91 -111.92
CA VAL FD 53 58.31 35.06 -111.02
C VAL FD 53 59.37 36.04 -111.48
N TYR FD 54 58.97 37.31 -111.63
CA TYR FD 54 59.88 38.40 -111.93
C TYR FD 54 59.47 39.61 -111.11
N LYS FD 55 60.45 40.32 -110.56
CA LYS FD 55 60.20 41.50 -109.74
C LYS FD 55 60.71 42.73 -110.49
N ARG FD 56 59.79 43.50 -111.06
CA ARG FD 56 60.12 44.67 -111.84
C ARG FD 56 59.97 45.93 -111.00
N PRO FD 57 60.82 46.93 -111.19
CA PRO FD 57 60.62 48.22 -110.53
C PRO FD 57 59.37 48.91 -111.06
N ALA FD 58 58.76 49.72 -110.20
CA ALA FD 58 57.60 50.49 -110.60
C ALA FD 58 57.97 51.44 -111.73
N PRO FD 59 57.05 51.70 -112.67
CA PRO FD 59 57.40 52.53 -113.83
C PRO FD 59 57.83 53.94 -113.45
N LYS FD 60 58.84 54.46 -114.14
CA LYS FD 60 59.36 55.80 -113.86
C LYS FD 60 58.41 56.85 -114.43
N PRO FD 61 58.42 58.06 -113.87
CA PRO FD 61 57.59 59.15 -114.44
C PRO FD 61 57.92 59.38 -115.90
N GLU FD 62 56.89 59.65 -116.70
CA GLU FD 62 57.08 59.76 -118.15
C GLU FD 62 58.03 60.89 -118.50
N GLY FD 63 57.89 62.04 -117.87
CA GLY FD 63 58.78 63.15 -118.11
C GLY FD 63 59.95 63.20 -117.16
N CYS FD 64 60.73 62.12 -117.11
CA CYS FD 64 61.86 62.03 -116.19
C CYS FD 64 63.13 61.69 -116.96
N ALA FD 65 64.18 62.45 -116.70
CA ALA FD 65 65.51 62.17 -117.23
C ALA FD 65 66.54 61.95 -116.13
N ASP FD 66 66.11 61.76 -114.88
CA ASP FD 66 67.05 61.58 -113.79
C ASP FD 66 67.78 60.25 -113.93
N ALA FD 67 69.10 60.28 -113.73
CA ALA FD 67 69.93 59.10 -113.94
C ALA FD 67 69.79 58.07 -112.83
N CYS FD 68 69.76 58.52 -111.59
CA CYS FD 68 69.89 57.62 -110.44
C CYS FD 68 68.67 57.73 -109.55
N VAL FD 69 67.62 56.98 -109.90
CA VAL FD 69 66.42 56.88 -109.08
C VAL FD 69 65.94 55.43 -109.14
N ILE FD 70 65.84 54.79 -107.97
CA ILE FD 70 65.44 53.39 -107.90
C ILE FD 70 64.17 53.30 -107.06
N MET FD 71 63.18 52.58 -107.56
CA MET FD 71 61.89 52.42 -106.90
C MET FD 71 61.66 50.96 -106.52
N PRO FD 72 60.83 50.67 -105.51
CA PRO FD 72 60.65 49.29 -105.08
C PRO FD 72 59.96 48.45 -106.15
N ASN FD 73 60.18 47.15 -106.05
CA ASN FD 73 59.75 46.21 -107.07
C ASN FD 73 58.32 45.74 -106.82
N GLU FD 74 57.66 45.36 -107.91
CA GLU FD 74 56.32 44.78 -107.86
C GLU FD 74 56.42 43.32 -108.29
N ASN FD 75 55.53 42.49 -107.77
CA ASN FD 75 55.58 41.06 -108.04
C ASN FD 75 54.80 40.75 -109.31
N GLN FD 76 55.45 40.11 -110.27
CA GLN FD 76 54.82 39.63 -111.50
C GLN FD 76 54.86 38.11 -111.47
N SER FD 77 53.70 37.48 -111.52
CA SER FD 77 53.59 36.03 -111.40
C SER FD 77 52.74 35.47 -112.53
N ILE FD 78 53.24 34.41 -113.15
CA ILE FD 78 52.48 33.65 -114.15
C ILE FD 78 52.53 32.19 -113.73
N ARG FD 79 51.37 31.63 -113.42
CA ARG FD 79 51.25 30.28 -112.88
C ARG FD 79 50.31 29.46 -113.76
N THR FD 80 50.82 28.36 -114.29
CA THR FD 80 50.07 27.49 -115.18
C THR FD 80 50.06 26.07 -114.63
N VAL FD 81 48.88 25.47 -114.59
CA VAL FD 81 48.69 24.12 -114.09
C VAL FD 81 48.07 23.27 -115.20
N ILE FD 82 48.72 22.14 -115.51
CA ILE FD 82 48.25 21.22 -116.53
C ILE FD 82 47.97 19.88 -115.87
N SER FD 83 46.77 19.36 -116.05
CA SER FD 83 46.35 18.09 -115.47
C SER FD 83 45.77 17.21 -116.57
N GLY FD 84 46.25 15.98 -116.65
CA GLY FD 84 45.75 15.05 -117.64
C GLY FD 84 46.48 13.71 -117.63
N SER FD 85 45.87 12.69 -118.23
CA SER FD 85 46.47 11.38 -118.27
C SER FD 85 47.66 11.35 -119.22
N ALA FD 86 48.63 10.47 -118.93
CA ALA FD 86 49.79 10.36 -119.80
C ALA FD 86 49.43 9.71 -121.13
N GLU FD 87 48.33 8.95 -121.17
CA GLU FD 87 47.95 8.25 -122.39
C GLU FD 87 47.48 9.21 -123.47
N ASN FD 88 46.90 10.34 -123.06
CA ASN FD 88 46.34 11.32 -123.99
C ASN FD 88 47.29 12.51 -124.21
N LEU FD 89 48.59 12.24 -124.27
CA LEU FD 89 49.57 13.33 -124.30
C LEU FD 89 49.44 14.18 -125.55
N ALA FD 90 49.24 13.56 -126.72
CA ALA FD 90 49.18 14.32 -127.96
C ALA FD 90 47.96 15.23 -128.00
N THR FD 91 46.80 14.69 -127.63
CA THR FD 91 45.59 15.50 -127.57
C THR FD 91 45.70 16.59 -126.51
N LEU FD 92 46.36 16.32 -125.39
CA LEU FD 92 46.55 17.35 -124.38
C LEU FD 92 47.47 18.45 -124.89
N LYS FD 93 48.48 18.08 -125.69
CA LYS FD 93 49.35 19.09 -126.29
C LYS FD 93 48.57 19.95 -127.28
N ALA FD 94 47.66 19.34 -128.05
CA ALA FD 94 46.79 20.12 -128.91
C ALA FD 94 45.92 21.08 -128.11
N GLU FD 95 45.36 20.60 -126.99
CA GLU FD 95 44.60 21.46 -126.10
C GLU FD 95 45.46 22.61 -125.58
N TRP FD 96 46.72 22.33 -125.30
CA TRP FD 96 47.63 23.36 -124.78
C TRP FD 96 47.92 24.41 -125.83
N GLU FD 97 48.08 23.99 -127.09
CA GLU FD 97 48.24 24.97 -128.17
C GLU FD 97 47.01 25.83 -128.33
N THR FD 98 45.82 25.22 -128.25
CA THR FD 98 44.59 26.00 -128.33
C THR FD 98 44.47 26.97 -127.17
N HIS FD 99 44.88 26.54 -125.97
CA HIS FD 99 44.89 27.43 -124.81
C HIS FD 99 45.84 28.59 -125.02
N LYS FD 100 47.02 28.32 -125.59
CA LYS FD 100 47.93 29.40 -125.97
C LYS FD 100 47.23 30.42 -126.86
N ARG FD 101 46.59 29.93 -127.93
CA ARG FD 101 45.98 30.84 -128.89
C ARG FD 101 44.87 31.67 -128.24
N ASN FD 102 44.04 31.03 -127.42
CA ASN FD 102 42.94 31.75 -126.78
C ASN FD 102 43.45 32.78 -125.78
N VAL FD 103 44.41 32.41 -124.93
CA VAL FD 103 44.94 33.36 -123.96
C VAL FD 103 45.63 34.51 -124.67
N ASP FD 104 46.31 34.22 -125.77
CA ASP FD 104 46.97 35.27 -126.53
C ASP FD 104 45.96 36.24 -127.11
N THR FD 105 44.92 35.73 -127.77
CA THR FD 105 43.96 36.62 -128.42
C THR FD 105 43.12 37.38 -127.38
N LEU FD 106 43.07 36.88 -126.14
CA LEU FD 106 42.30 37.57 -125.11
C LEU FD 106 43.14 38.59 -124.34
N PHE FD 107 44.43 38.29 -124.14
CA PHE FD 107 45.29 39.10 -123.27
C PHE FD 107 46.32 39.90 -124.05
N ALA FD 108 47.10 39.24 -124.89
CA ALA FD 108 48.19 39.93 -125.59
C ALA FD 108 47.66 40.95 -126.59
N SER FD 109 46.63 40.57 -127.34
CA SER FD 109 46.02 41.47 -128.33
C SER FD 109 44.78 42.17 -127.81
N GLY FD 110 44.36 41.90 -126.57
CA GLY FD 110 43.19 42.52 -125.99
C GLY FD 110 43.54 43.50 -124.89
N ASN FD 111 42.56 43.73 -124.01
CA ASN FD 111 42.72 44.63 -122.87
C ASN FD 111 42.48 43.91 -121.55
N ALA FD 112 42.53 42.57 -121.54
CA ALA FD 112 42.36 41.84 -120.30
C ALA FD 112 43.48 42.14 -119.32
N GLY FD 113 44.65 42.55 -119.82
CA GLY FD 113 45.71 42.97 -118.94
C GLY FD 113 45.41 44.23 -118.17
N LEU FD 114 44.78 45.21 -118.81
CA LEU FD 114 44.32 46.42 -118.14
C LEU FD 114 43.06 46.18 -117.33
N GLY FD 115 42.29 45.15 -117.65
CA GLY FD 115 41.12 44.82 -116.85
C GLY FD 115 39.80 44.88 -117.58
N PHE FD 116 39.79 44.70 -118.90
CA PHE FD 116 38.57 44.73 -119.69
C PHE FD 116 38.39 43.40 -120.41
N LEU FD 117 37.19 42.84 -120.33
CA LEU FD 117 36.83 41.61 -121.03
C LEU FD 117 35.93 41.95 -122.20
N ASP FD 118 36.27 41.42 -123.37
CA ASP FD 118 35.50 41.68 -124.58
C ASP FD 118 34.68 40.45 -124.91
N PRO FD 119 33.35 40.49 -124.78
CA PRO FD 119 32.53 39.31 -125.12
C PRO FD 119 32.57 38.96 -126.60
N THR FD 120 33.16 39.79 -127.46
CA THR FD 120 33.22 39.54 -128.89
C THR FD 120 34.55 38.98 -129.33
N ALA FD 121 35.39 38.51 -128.40
CA ALA FD 121 36.69 37.97 -128.77
C ALA FD 121 36.53 36.69 -129.59
N ALA FD 122 37.47 36.46 -130.50
CA ALA FD 122 37.44 35.30 -131.39
C ALA FD 122 38.12 34.13 -130.69
N ILE FD 123 37.37 33.45 -129.83
CA ILE FD 123 37.86 32.29 -129.11
C ILE FD 123 37.51 31.04 -129.91
N VAL FD 124 38.48 30.12 -130.02
CA VAL FD 124 38.32 28.94 -130.85
C VAL FD 124 38.60 27.69 -130.02
N SER FD 125 38.08 26.56 -130.49
CA SER FD 125 38.31 25.28 -129.83
C SER FD 125 39.40 24.51 -130.54
N SER FD 126 39.81 23.40 -129.92
CA SER FD 126 40.90 22.59 -130.47
C SER FD 126 40.48 21.79 -131.69
N ASP FD 127 39.25 21.29 -131.72
CA ASP FD 127 38.80 20.48 -132.84
C ASP FD 127 38.69 21.31 -134.11
N THR FD 128 38.93 20.66 -135.25
CA THR FD 128 38.88 21.30 -136.54
C THR FD 128 37.69 20.79 -137.34
N THR FD 129 37.25 21.59 -138.30
CA THR FD 129 36.11 21.25 -139.14
C THR FD 129 36.53 20.28 -140.24
N ALA GD 1 69.31 -2.31 -129.20
CA ALA GD 1 69.10 -0.94 -128.76
C ALA GD 1 67.96 -0.85 -127.75
N ASN GD 2 68.27 -1.08 -126.49
CA ASN GD 2 67.26 -1.03 -125.44
C ASN GD 2 66.82 0.41 -125.20
N LYS GD 3 65.57 0.57 -124.76
CA LYS GD 3 65.03 1.89 -124.52
C LYS GD 3 65.62 2.50 -123.26
N PRO GD 4 66.23 3.68 -123.35
CA PRO GD 4 66.74 4.34 -122.14
C PRO GD 4 65.59 4.79 -121.23
N MET GD 5 65.91 4.93 -119.94
CA MET GD 5 64.94 5.34 -118.94
C MET GD 5 65.45 6.58 -118.21
N GLN GD 6 64.52 7.33 -117.60
CA GLN GD 6 64.83 8.58 -116.92
C GLN GD 6 64.34 8.53 -115.47
N PRO GD 7 64.98 9.29 -114.57
CA PRO GD 7 64.59 9.22 -113.15
C PRO GD 7 63.30 9.96 -112.83
N ILE GD 8 62.37 9.28 -112.15
CA ILE GD 8 61.16 9.96 -111.68
C ILE GD 8 61.30 10.43 -110.24
N THR GD 9 62.18 9.83 -109.46
CA THR GD 9 62.40 10.21 -108.07
C THR GD 9 63.89 10.24 -107.79
N SER GD 10 64.40 11.40 -107.38
CA SER GD 10 65.82 11.57 -107.09
C SER GD 10 65.98 12.00 -105.65
N THR GD 11 66.81 11.27 -104.90
CA THR GD 11 67.05 11.54 -103.50
C THR GD 11 68.50 11.14 -103.19
N ALA GD 12 69.06 11.72 -102.13
CA ALA GD 12 70.43 11.42 -101.75
C ALA GD 12 70.60 9.94 -101.39
N ASN GD 13 69.50 9.24 -101.09
CA ASN GD 13 69.57 7.85 -100.70
C ASN GD 13 68.82 6.90 -101.63
N LYS GD 14 68.07 7.41 -102.60
CA LYS GD 14 67.26 6.54 -103.46
C LYS GD 14 66.97 7.26 -104.77
N ILE GD 15 67.16 6.55 -105.89
CA ILE GD 15 66.81 7.04 -107.22
C ILE GD 15 65.99 5.97 -107.91
N VAL GD 16 64.87 6.39 -108.50
CA VAL GD 16 63.95 5.48 -109.19
C VAL GD 16 63.86 5.90 -110.64
N TRP GD 17 64.13 4.97 -111.55
CA TRP GD 17 64.02 5.21 -112.99
C TRP GD 17 62.70 4.66 -113.51
N SER GD 18 62.33 5.08 -114.72
CA SER GD 18 61.08 4.64 -115.32
C SER GD 18 61.15 4.83 -116.83
N ASP GD 19 60.54 3.91 -117.57
CA ASP GD 19 60.50 4.01 -119.01
C ASP GD 19 59.41 4.99 -119.44
N PRO GD 20 59.73 5.94 -120.32
CA PRO GD 20 58.68 6.86 -120.80
C PRO GD 20 57.52 6.16 -121.48
N THR GD 21 57.78 5.08 -122.22
CA THR GD 21 56.71 4.37 -122.90
C THR GD 21 55.82 3.62 -121.91
N ARG GD 22 56.44 2.89 -120.98
CA ARG GD 22 55.71 2.12 -119.97
C ARG GD 22 56.14 2.60 -118.59
N LEU GD 23 55.21 3.25 -117.88
CA LEU GD 23 55.53 3.75 -116.54
C LEU GD 23 55.51 2.64 -115.52
N SER GD 24 54.97 1.47 -115.89
CA SER GD 24 54.88 0.34 -114.98
C SER GD 24 56.25 -0.25 -114.68
N THR GD 25 57.16 -0.18 -115.64
CA THR GD 25 58.49 -0.77 -115.49
C THR GD 25 59.42 0.26 -114.86
N THR GD 26 59.83 0.01 -113.61
CA THR GD 26 60.68 0.93 -112.88
C THR GD 26 61.90 0.19 -112.36
N PHE GD 27 63.01 0.93 -112.24
CA PHE GD 27 64.25 0.43 -111.67
C PHE GD 27 64.68 1.35 -110.55
N SER GD 28 64.95 0.79 -109.38
CA SER GD 28 65.26 1.58 -108.20
C SER GD 28 66.57 1.11 -107.57
N ALA GD 29 67.34 2.07 -107.06
CA ALA GD 29 68.58 1.80 -106.36
C ALA GD 29 68.58 2.58 -105.06
N SER GD 30 68.85 1.89 -103.95
CA SER GD 30 68.87 2.50 -102.63
C SER GD 30 70.14 2.09 -101.92
N LEU GD 31 70.78 3.05 -101.25
CA LEU GD 31 72.03 2.79 -100.53
C LEU GD 31 71.86 3.11 -99.05
N LEU GD 32 72.38 2.24 -98.21
CA LEU GD 32 72.43 2.44 -96.77
C LEU GD 32 73.87 2.48 -96.32
N ARG GD 33 74.27 3.57 -95.68
CA ARG GD 33 75.66 3.80 -95.30
C ARG GD 33 75.77 3.79 -93.78
N GLN GD 34 76.63 2.92 -93.26
CA GLN GD 34 76.81 2.78 -91.82
C GLN GD 34 78.29 2.55 -91.52
N ARG GD 35 78.68 2.92 -90.31
CA ARG GD 35 80.02 2.60 -89.82
C ARG GD 35 79.96 1.34 -88.97
N VAL GD 36 80.76 0.34 -89.35
CA VAL GD 36 80.77 -0.95 -88.67
C VAL GD 36 81.95 -1.00 -87.72
N LYS GD 37 81.67 -1.32 -86.47
CA LYS GD 37 82.69 -1.41 -85.43
C LYS GD 37 83.24 -2.83 -85.41
N VAL GD 38 84.50 -2.98 -85.83
CA VAL GD 38 85.20 -4.26 -85.80
C VAL GD 38 86.45 -4.05 -84.96
N GLY GD 39 86.85 -5.10 -84.24
CA GLY GD 39 87.99 -5.04 -83.35
C GLY GD 39 89.21 -4.43 -84.00
N ILE GD 40 89.82 -3.45 -83.31
CA ILE GD 40 90.97 -2.66 -83.77
C ILE GD 40 90.82 -2.28 -85.24
N ALA GD 41 89.61 -1.87 -85.63
CA ALA GD 41 89.36 -1.43 -87.00
C ALA GD 41 88.18 -0.48 -87.01
N GLU GD 42 88.18 0.44 -87.97
CA GLU GD 42 87.07 1.36 -88.19
C GLU GD 42 86.78 1.41 -89.69
N LEU GD 43 85.91 0.51 -90.14
CA LEU GD 43 85.53 0.40 -91.53
C LEU GD 43 84.03 0.57 -91.67
N ASN GD 44 83.61 1.20 -92.77
CA ASN GD 44 82.22 1.58 -92.97
C ASN GD 44 81.62 0.77 -94.12
N ASN GD 45 80.48 0.14 -93.86
CA ASN GD 45 79.84 -0.71 -94.86
C ASN GD 45 78.85 0.10 -95.69
N VAL GD 46 78.64 -0.35 -96.92
CA VAL GD 46 77.65 0.23 -97.82
C VAL GD 46 76.76 -0.91 -98.33
N SER GD 47 75.46 -0.78 -98.10
CA SER GD 47 74.48 -1.78 -98.53
C SER GD 47 73.64 -1.20 -99.65
N GLY GD 48 73.65 -1.87 -100.81
CA GLY GD 48 72.92 -1.37 -101.96
C GLY GD 48 71.78 -2.27 -102.37
N GLN GD 49 70.57 -1.73 -102.43
CA GLN GD 49 69.39 -2.47 -102.81
C GLN GD 49 68.97 -2.05 -104.21
N TYR GD 50 68.87 -3.02 -105.11
CA TYR GD 50 68.49 -2.77 -106.50
C TYR GD 50 67.26 -3.60 -106.82
N VAL GD 51 66.21 -2.93 -107.30
CA VAL GD 51 64.94 -3.58 -107.58
C VAL GD 51 64.54 -3.30 -109.02
N SER GD 52 64.26 -4.36 -109.78
CA SER GD 52 63.75 -4.25 -111.13
C SER GD 52 62.38 -4.91 -111.21
N VAL GD 53 61.39 -4.18 -111.70
CA VAL GD 53 60.02 -4.67 -111.79
C VAL GD 53 59.50 -4.45 -113.20
N TYR GD 54 58.86 -5.47 -113.75
CA TYR GD 54 58.20 -5.41 -115.04
C TYR GD 54 56.82 -6.01 -114.91
N LYS GD 55 55.81 -5.30 -115.40
CA LYS GD 55 54.43 -5.74 -115.30
C LYS GD 55 54.04 -6.47 -116.59
N ARG GD 56 54.59 -7.67 -116.73
CA ARG GD 56 54.40 -8.45 -117.95
C ARG GD 56 52.96 -8.91 -118.07
N PRO GD 57 52.37 -8.85 -119.27
CA PRO GD 57 51.00 -9.35 -119.45
C PRO GD 57 50.91 -10.84 -119.22
N ALA GD 58 49.75 -11.26 -118.76
CA ALA GD 58 49.48 -12.69 -118.60
C ALA GD 58 49.53 -13.37 -119.95
N PRO GD 59 49.88 -14.66 -120.02
CA PRO GD 59 50.08 -15.28 -121.34
C PRO GD 59 48.77 -15.51 -122.08
N LYS GD 60 48.78 -15.14 -123.36
CA LYS GD 60 47.58 -15.17 -124.17
C LYS GD 60 47.11 -16.61 -124.38
N PRO GD 61 45.79 -16.85 -124.38
CA PRO GD 61 45.30 -18.19 -124.68
C PRO GD 61 45.63 -18.62 -126.10
N GLU GD 62 45.69 -19.92 -126.34
CA GLU GD 62 46.20 -20.48 -127.59
C GLU GD 62 45.12 -20.45 -128.66
N GLY GD 63 45.51 -20.04 -129.87
CA GLY GD 63 44.67 -20.15 -131.04
C GLY GD 63 43.62 -19.07 -131.21
N CYS GD 64 43.64 -18.02 -130.40
CA CYS GD 64 42.66 -16.96 -130.50
C CYS GD 64 43.36 -15.61 -130.67
N ALA GD 65 43.10 -14.95 -131.78
CA ALA GD 65 43.57 -13.58 -132.01
C ALA GD 65 42.46 -12.63 -131.60
N ASP GD 66 42.40 -12.29 -130.31
CA ASP GD 66 41.35 -11.43 -129.80
C ASP GD 66 41.46 -10.03 -130.41
N ALA GD 67 40.32 -9.34 -130.47
CA ALA GD 67 40.27 -8.02 -131.08
C ALA GD 67 41.17 -7.04 -130.33
N CYS GD 68 41.10 -7.06 -129.00
CA CYS GD 68 41.90 -6.18 -128.18
C CYS GD 68 42.47 -6.95 -127.00
N VAL GD 69 43.61 -6.48 -126.49
CA VAL GD 69 44.26 -7.16 -125.38
C VAL GD 69 43.48 -6.91 -124.10
N ILE GD 70 43.15 -7.99 -123.40
CA ILE GD 70 42.41 -7.91 -122.15
C ILE GD 70 43.14 -8.72 -121.09
N MET GD 71 44.41 -8.99 -121.34
CA MET GD 71 45.17 -9.87 -120.45
C MET GD 71 45.39 -9.18 -119.11
N PRO GD 72 45.10 -9.84 -117.99
CA PRO GD 72 45.37 -9.24 -116.68
C PRO GD 72 46.83 -9.42 -116.26
N ASN GD 73 47.68 -8.47 -116.66
CA ASN GD 73 49.12 -8.52 -116.45
C ASN GD 73 49.53 -8.89 -115.02
N GLU GD 74 50.73 -9.48 -114.89
CA GLU GD 74 51.25 -9.97 -113.64
C GLU GD 74 52.46 -9.16 -113.20
N ASN GD 75 53.07 -9.58 -112.11
CA ASN GD 75 54.20 -8.85 -111.53
C ASN GD 75 55.46 -9.69 -111.66
N GLN GD 76 56.50 -9.14 -112.27
CA GLN GD 76 57.81 -9.76 -112.36
C GLN GD 76 58.81 -8.87 -111.63
N SER GD 77 59.53 -9.43 -110.67
CA SER GD 77 60.42 -8.66 -109.82
C SER GD 77 61.76 -9.35 -109.67
N ILE GD 78 62.83 -8.55 -109.68
CA ILE GD 78 64.18 -9.01 -109.40
C ILE GD 78 64.81 -8.03 -108.41
N ARG GD 79 65.21 -8.53 -107.25
CA ARG GD 79 65.74 -7.70 -106.17
C ARG GD 79 67.09 -8.23 -105.75
N THR GD 80 68.11 -7.37 -105.83
CA THR GD 80 69.48 -7.73 -105.50
C THR GD 80 70.02 -6.76 -104.45
N VAL GD 81 70.61 -7.31 -103.39
CA VAL GD 81 71.17 -6.52 -102.30
C VAL GD 81 72.66 -6.88 -102.18
N ILE GD 82 73.52 -5.87 -102.30
CA ILE GD 82 74.96 -6.04 -102.18
C ILE GD 82 75.42 -5.27 -100.96
N SER GD 83 76.00 -5.99 -99.99
CA SER GD 83 76.47 -5.39 -98.75
C SER GD 83 77.93 -5.76 -98.55
N GLY GD 84 78.76 -4.78 -98.24
CA GLY GD 84 80.17 -5.03 -98.01
C GLY GD 84 80.89 -3.74 -97.71
N SER GD 85 82.07 -3.89 -97.13
CA SER GD 85 82.89 -2.74 -96.78
C SER GD 85 83.42 -2.05 -98.03
N ALA GD 86 83.51 -0.72 -97.97
CA ALA GD 86 84.01 0.03 -99.11
C ALA GD 86 85.51 -0.15 -99.31
N GLU GD 87 86.22 -0.55 -98.26
CA GLU GD 87 87.65 -0.79 -98.38
C GLU GD 87 87.94 -1.98 -99.27
N ASN GD 88 87.00 -2.93 -99.33
CA ASN GD 88 87.16 -4.16 -100.09
C ASN GD 88 86.34 -4.15 -101.38
N LEU GD 89 86.32 -3.01 -102.08
CA LEU GD 89 85.47 -2.87 -103.26
C LEU GD 89 85.90 -3.81 -104.38
N ALA GD 90 87.21 -4.02 -104.55
CA ALA GD 90 87.68 -4.88 -105.62
C ALA GD 90 87.20 -6.31 -105.43
N THR GD 91 87.37 -6.86 -104.23
CA THR GD 91 86.90 -8.21 -104.00
C THR GD 91 85.39 -8.27 -103.93
N LEU GD 92 84.72 -7.17 -103.59
CA LEU GD 92 83.27 -7.13 -103.70
C LEU GD 92 82.82 -7.27 -105.14
N LYS GD 93 83.52 -6.60 -106.07
CA LYS GD 93 83.21 -6.74 -107.48
C LYS GD 93 83.50 -8.16 -107.97
N ALA GD 94 84.60 -8.75 -107.50
CA ALA GD 94 84.89 -10.15 -107.85
C ALA GD 94 83.79 -11.08 -107.35
N GLU GD 95 83.31 -10.86 -106.13
CA GLU GD 95 82.20 -11.64 -105.60
C GLU GD 95 80.95 -11.43 -106.43
N TRP GD 96 80.72 -10.21 -106.89
CA TRP GD 96 79.55 -9.96 -107.75
C TRP GD 96 79.64 -10.73 -109.05
N GLU GD 97 80.83 -10.76 -109.65
CA GLU GD 97 81.01 -11.53 -110.89
C GLU GD 97 80.77 -13.01 -110.66
N THR GD 98 81.33 -13.56 -109.58
CA THR GD 98 81.14 -14.97 -109.28
C THR GD 98 79.67 -15.28 -109.00
N HIS GD 99 78.98 -14.38 -108.28
CA HIS GD 99 77.57 -14.57 -107.99
C HIS GD 99 76.74 -14.56 -109.27
N LYS GD 100 77.05 -13.63 -110.19
CA LYS GD 100 76.36 -13.61 -111.47
C LYS GD 100 76.58 -14.90 -112.23
N ARG GD 101 77.81 -15.41 -112.24
CA ARG GD 101 78.08 -16.65 -112.94
C ARG GD 101 77.31 -17.82 -112.34
N ASN GD 102 77.28 -17.91 -111.01
CA ASN GD 102 76.56 -19.01 -110.36
C ASN GD 102 75.06 -18.92 -110.61
N VAL GD 103 74.49 -17.72 -110.53
CA VAL GD 103 73.06 -17.55 -110.76
C VAL GD 103 72.72 -17.86 -112.22
N ASP GD 104 73.60 -17.49 -113.14
CA ASP GD 104 73.40 -17.85 -114.55
C ASP GD 104 73.43 -19.36 -114.74
N THR GD 105 74.36 -20.03 -114.05
CA THR GD 105 74.46 -21.49 -114.15
C THR GD 105 73.19 -22.15 -113.64
N LEU GD 106 72.65 -21.68 -112.51
CA LEU GD 106 71.47 -22.31 -111.94
C LEU GD 106 70.20 -21.95 -112.70
N PHE GD 107 70.12 -20.71 -113.20
CA PHE GD 107 68.87 -20.14 -113.71
C PHE GD 107 68.89 -19.91 -115.21
N ALA GD 108 69.87 -19.19 -115.72
CA ALA GD 108 69.90 -18.83 -117.14
C ALA GD 108 70.04 -20.07 -118.02
N SER GD 109 70.91 -21.00 -117.63
CA SER GD 109 71.10 -22.23 -118.39
C SER GD 109 70.49 -23.44 -117.71
N GLY GD 110 69.90 -23.29 -116.53
CA GLY GD 110 69.30 -24.38 -115.81
C GLY GD 110 67.79 -24.30 -115.79
N ASN GD 111 67.17 -25.13 -114.95
CA ASN GD 111 65.72 -25.17 -114.84
C ASN GD 111 65.26 -24.67 -113.48
N ALA GD 112 66.00 -23.74 -112.89
CA ALA GD 112 65.62 -23.21 -111.59
C ALA GD 112 64.37 -22.33 -111.70
N GLY GD 113 64.13 -21.77 -112.89
CA GLY GD 113 62.94 -20.96 -113.07
C GLY GD 113 61.66 -21.76 -112.96
N LEU GD 114 61.68 -23.01 -113.46
CA LEU GD 114 60.49 -23.84 -113.38
C LEU GD 114 60.35 -24.52 -112.03
N GLY GD 115 61.37 -24.41 -111.18
CA GLY GD 115 61.30 -24.94 -109.83
C GLY GD 115 62.26 -26.06 -109.50
N PHE GD 116 63.19 -26.38 -110.38
CA PHE GD 116 64.12 -27.48 -110.12
C PHE GD 116 65.47 -26.96 -109.66
N LEU GD 117 65.94 -27.51 -108.54
CA LEU GD 117 67.26 -27.19 -108.00
C LEU GD 117 68.18 -28.38 -108.32
N ASP GD 118 69.03 -28.20 -109.32
CA ASP GD 118 69.92 -29.26 -109.75
C ASP GD 118 71.04 -29.44 -108.74
N PRO GD 119 71.22 -30.62 -108.13
CA PRO GD 119 72.31 -30.79 -107.17
C PRO GD 119 73.64 -31.16 -107.80
N THR GD 120 73.73 -31.22 -109.14
CA THR GD 120 74.98 -31.52 -109.81
C THR GD 120 75.53 -30.32 -110.59
N ALA GD 121 75.00 -29.12 -110.35
CA ALA GD 121 75.44 -27.95 -111.10
C ALA GD 121 76.88 -27.59 -110.78
N ALA GD 122 77.56 -27.02 -111.77
CA ALA GD 122 78.97 -26.64 -111.62
C ALA GD 122 79.05 -25.25 -111.01
N ILE GD 123 78.98 -25.21 -109.68
CA ILE GD 123 79.08 -23.97 -108.93
C ILE GD 123 80.52 -23.75 -108.52
N VAL GD 124 81.01 -22.52 -108.73
CA VAL GD 124 82.41 -22.19 -108.46
C VAL GD 124 82.48 -21.01 -107.52
N SER GD 125 83.62 -20.87 -106.84
CA SER GD 125 83.84 -19.79 -105.90
C SER GD 125 84.62 -18.65 -106.56
N SER GD 126 84.79 -17.57 -105.80
CA SER GD 126 85.56 -16.43 -106.30
C SER GD 126 87.05 -16.69 -106.30
N ASP GD 127 87.54 -17.50 -105.36
CA ASP GD 127 88.97 -17.79 -105.28
C ASP GD 127 89.43 -18.58 -106.51
N THR GD 128 90.61 -18.24 -107.00
CA THR GD 128 91.18 -18.87 -108.19
C THR GD 128 92.41 -19.68 -107.80
N THR GD 129 92.50 -20.88 -108.38
CA THR GD 129 93.63 -21.75 -108.12
C THR GD 129 94.92 -21.18 -108.73
N ALA HD 1 109.19 -45.90 -88.36
CA ALA HD 1 109.10 -46.78 -87.20
C ALA HD 1 108.18 -46.20 -86.14
N ASN HD 2 107.00 -46.78 -86.00
CA ASN HD 2 106.05 -46.30 -85.00
C ASN HD 2 106.55 -46.61 -83.60
N LYS HD 3 106.29 -45.68 -82.67
CA LYS HD 3 106.76 -45.85 -81.30
C LYS HD 3 105.98 -46.96 -80.61
N PRO HD 4 106.64 -47.96 -80.04
CA PRO HD 4 105.93 -48.97 -79.25
C PRO HD 4 105.21 -48.32 -78.08
N MET HD 5 104.02 -48.83 -77.79
CA MET HD 5 103.14 -48.25 -76.77
C MET HD 5 102.67 -49.37 -75.85
N GLN HD 6 102.76 -49.13 -74.54
CA GLN HD 6 102.57 -50.16 -73.55
C GLN HD 6 101.36 -49.88 -72.68
N PRO HD 7 100.70 -50.92 -72.15
CA PRO HD 7 99.45 -50.70 -71.41
C PRO HD 7 99.71 -50.12 -70.03
N ILE HD 8 98.65 -49.52 -69.47
CA ILE HD 8 98.68 -49.05 -68.09
C ILE HD 8 97.58 -49.67 -67.25
N THR HD 9 96.48 -50.13 -67.86
CA THR HD 9 95.43 -50.84 -67.14
C THR HD 9 95.14 -52.14 -67.87
N SER HD 10 95.20 -53.25 -67.14
CA SER HD 10 94.99 -54.57 -67.71
C SER HD 10 93.87 -55.27 -66.98
N THR HD 11 92.88 -55.73 -67.74
CA THR HD 11 91.74 -56.45 -67.20
C THR HD 11 91.21 -57.37 -68.30
N ALA HD 12 90.54 -58.45 -67.87
CA ALA HD 12 90.00 -59.41 -68.85
C ALA HD 12 88.92 -58.77 -69.72
N ASN HD 13 88.35 -57.66 -69.28
CA ASN HD 13 87.27 -57.00 -70.00
C ASN HD 13 87.71 -55.68 -70.65
N LYS HD 14 88.87 -55.14 -70.29
CA LYS HD 14 89.32 -53.85 -70.81
C LYS HD 14 90.82 -53.71 -70.62
N ILE HD 15 91.51 -53.34 -71.69
CA ILE HD 15 92.95 -53.05 -71.64
C ILE HD 15 93.17 -51.69 -72.29
N VAL HD 16 93.89 -50.81 -71.60
CA VAL HD 16 94.14 -49.45 -72.05
C VAL HD 16 95.64 -49.28 -72.26
N TRP HD 17 96.01 -48.79 -73.45
CA TRP HD 17 97.39 -48.51 -73.79
C TRP HD 17 97.59 -47.00 -73.85
N SER HD 18 98.71 -46.52 -73.31
CA SER HD 18 99.05 -45.10 -73.37
C SER HD 18 100.51 -44.95 -73.78
N ASP HD 19 100.78 -43.92 -74.58
CA ASP HD 19 102.14 -43.67 -75.03
C ASP HD 19 103.00 -43.23 -73.85
N PRO HD 20 104.15 -43.87 -73.62
CA PRO HD 20 104.97 -43.49 -72.47
C PRO HD 20 105.45 -42.04 -72.51
N THR HD 21 105.72 -41.51 -73.70
CA THR HD 21 106.16 -40.12 -73.80
C THR HD 21 105.01 -39.13 -73.86
N ARG HD 22 103.81 -39.58 -74.22
CA ARG HD 22 102.63 -38.72 -74.24
C ARG HD 22 101.43 -39.50 -73.75
N LEU HD 23 101.13 -39.41 -72.45
CA LEU HD 23 100.07 -40.21 -71.85
C LEU HD 23 98.69 -39.80 -72.35
N SER HD 24 98.59 -38.60 -72.92
CA SER HD 24 97.32 -38.15 -73.49
C SER HD 24 96.87 -39.02 -74.67
N THR HD 25 97.80 -39.71 -75.33
CA THR HD 25 97.46 -40.60 -76.43
C THR HD 25 97.10 -41.96 -75.87
N THR HD 26 95.84 -42.37 -76.03
CA THR HD 26 95.34 -43.60 -75.44
C THR HD 26 94.66 -44.45 -76.50
N PHE HD 27 94.59 -45.75 -76.23
CA PHE HD 27 93.92 -46.72 -77.08
C PHE HD 27 93.41 -47.85 -76.21
N SER HD 28 92.08 -47.96 -76.08
CA SER HD 28 91.48 -48.94 -75.19
C SER HD 28 90.55 -49.85 -75.98
N ALA HD 29 90.51 -51.11 -75.55
CA ALA HD 29 89.67 -52.14 -76.17
C ALA HD 29 88.85 -52.81 -75.09
N SER HD 30 87.53 -52.84 -75.27
CA SER HD 30 86.61 -53.44 -74.30
C SER HD 30 85.75 -54.46 -75.02
N LEU HD 31 85.66 -55.66 -74.45
CA LEU HD 31 84.83 -56.73 -74.99
C LEU HD 31 83.63 -56.96 -74.09
N LEU HD 32 82.47 -57.15 -74.71
CA LEU HD 32 81.25 -57.48 -74.00
C LEU HD 32 80.65 -58.74 -74.62
N ARG HD 33 80.30 -59.71 -73.78
CA ARG HD 33 79.87 -61.02 -74.23
C ARG HD 33 78.43 -61.29 -73.77
N GLN HD 34 77.59 -61.75 -74.70
CA GLN HD 34 76.23 -62.14 -74.40
C GLN HD 34 75.91 -63.42 -75.16
N ARG HD 35 74.83 -64.08 -74.74
CA ARG HD 35 74.31 -65.26 -75.43
C ARG HD 35 73.00 -64.88 -76.09
N VAL HD 36 72.90 -65.13 -77.40
CA VAL HD 36 71.74 -64.73 -78.20
C VAL HD 36 71.19 -65.97 -78.89
N LYS HD 37 69.88 -66.18 -78.76
CA LYS HD 37 69.20 -67.32 -79.36
C LYS HD 37 68.66 -66.90 -80.73
N VAL HD 38 69.55 -66.96 -81.73
CA VAL HD 38 69.18 -66.58 -83.09
C VAL HD 38 68.38 -67.70 -83.76
N GLY HD 39 68.95 -68.89 -83.80
CA GLY HD 39 68.40 -70.00 -84.57
C GLY HD 39 68.11 -71.20 -83.69
N ILE HD 40 67.53 -70.95 -82.52
CA ILE HD 40 67.28 -71.90 -81.42
C ILE HD 40 68.60 -72.57 -81.04
N ALA HD 41 69.71 -71.92 -81.42
CA ALA HD 41 71.05 -72.31 -81.00
C ALA HD 41 71.70 -71.11 -80.34
N GLU HD 42 72.34 -71.32 -79.19
CA GLU HD 42 72.87 -70.23 -78.38
C GLU HD 42 74.21 -69.78 -78.95
N LEU HD 43 74.14 -68.84 -79.88
CA LEU HD 43 75.36 -68.24 -80.43
C LEU HD 43 75.97 -67.28 -79.42
N ASN HD 44 77.30 -67.20 -79.42
CA ASN HD 44 78.02 -66.33 -78.48
C ASN HD 44 78.64 -65.16 -79.24
N ASN HD 45 77.87 -64.06 -79.29
CA ASN HD 45 78.35 -62.86 -79.95
C ASN HD 45 79.34 -62.11 -79.06
N VAL HD 46 80.22 -61.35 -79.70
CA VAL HD 46 81.21 -60.53 -79.00
C VAL HD 46 81.10 -59.11 -79.54
N SER HD 47 80.85 -58.15 -78.66
CA SER HD 47 80.72 -56.75 -79.01
C SER HD 47 81.98 -56.03 -78.55
N GLY HD 48 82.95 -55.91 -79.44
CA GLY HD 48 84.22 -55.29 -79.12
C GLY HD 48 84.21 -53.82 -79.49
N GLN HD 49 84.54 -52.98 -78.52
CA GLN HD 49 84.61 -51.54 -78.69
C GLN HD 49 86.07 -51.11 -78.63
N TYR HD 50 86.53 -50.44 -79.68
CA TYR HD 50 87.91 -49.96 -79.78
C TYR HD 50 87.88 -48.45 -80.03
N VAL HD 51 88.48 -47.69 -79.12
CA VAL HD 51 88.50 -46.23 -79.24
C VAL HD 51 89.94 -45.75 -79.11
N SER HD 52 90.32 -44.83 -79.98
CA SER HD 52 91.64 -44.22 -79.97
C SER HD 52 91.51 -42.71 -79.81
N VAL HD 53 92.26 -42.15 -78.87
CA VAL HD 53 92.14 -40.74 -78.52
C VAL HD 53 93.52 -40.10 -78.64
N TYR HD 54 93.61 -39.01 -79.39
CA TYR HD 54 94.82 -38.20 -79.44
C TYR HD 54 94.43 -36.76 -79.17
N LYS HD 55 95.15 -36.14 -78.23
CA LYS HD 55 94.94 -34.73 -77.90
C LYS HD 55 95.89 -33.90 -78.76
N ARG HD 56 95.42 -33.47 -79.93
CA ARG HD 56 96.22 -32.69 -80.87
C ARG HD 56 96.00 -31.21 -80.59
N PRO HD 57 97.06 -30.42 -80.41
CA PRO HD 57 96.87 -28.99 -80.16
C PRO HD 57 96.86 -28.21 -81.47
N ALA HD 58 95.77 -27.46 -81.70
CA ALA HD 58 95.53 -26.80 -82.97
C ALA HD 58 95.23 -25.31 -82.80
N PRO HD 59 96.19 -24.52 -82.31
CA PRO HD 59 96.08 -23.07 -82.52
C PRO HD 59 96.17 -22.71 -84.00
N LYS HD 60 96.93 -23.51 -84.74
CA LYS HD 60 97.19 -23.36 -86.16
C LYS HD 60 97.64 -21.95 -86.52
N PRO HD 61 98.79 -21.49 -86.01
CA PRO HD 61 99.30 -20.18 -86.43
C PRO HD 61 99.86 -20.28 -87.85
N GLU HD 62 99.12 -19.72 -88.80
CA GLU HD 62 99.45 -19.89 -90.21
C GLU HD 62 100.65 -19.03 -90.60
N GLY HD 63 101.76 -19.69 -90.87
CA GLY HD 63 102.95 -19.03 -91.39
C GLY HD 63 104.09 -18.71 -90.44
N CYS HD 64 103.79 -18.53 -89.15
CA CYS HD 64 104.85 -18.11 -88.24
C CYS HD 64 104.77 -18.91 -86.96
N ALA HD 65 105.94 -19.30 -86.46
CA ALA HD 65 106.11 -19.87 -85.13
C ALA HD 65 107.44 -19.40 -84.57
N ASP HD 66 107.39 -18.72 -83.44
CA ASP HD 66 108.60 -18.11 -82.89
C ASP HD 66 109.07 -18.75 -81.59
N ALA HD 67 108.17 -18.94 -80.63
CA ALA HD 67 108.53 -19.54 -79.35
C ALA HD 67 107.38 -20.43 -78.91
N CYS HD 68 107.59 -21.17 -77.82
CA CYS HD 68 106.56 -22.05 -77.30
C CYS HD 68 105.69 -21.28 -76.31
N VAL HD 69 104.46 -21.01 -76.70
CA VAL HD 69 103.42 -20.47 -75.82
C VAL HD 69 102.58 -21.67 -75.40
N ILE HD 70 101.85 -21.55 -74.28
CA ILE HD 70 100.96 -22.62 -73.83
C ILE HD 70 100.15 -23.13 -75.03
N MET HD 71 100.16 -24.44 -75.19
CA MET HD 71 99.76 -25.05 -76.45
C MET HD 71 98.36 -25.66 -76.29
N PRO HD 72 97.30 -24.93 -76.68
CA PRO HD 72 95.93 -25.40 -76.37
C PRO HD 72 95.47 -26.60 -77.18
N ASN HD 73 94.72 -27.49 -76.54
CA ASN HD 73 94.46 -28.84 -77.04
C ASN HD 73 93.03 -28.99 -77.54
N GLU HD 74 92.86 -29.82 -78.58
CA GLU HD 74 91.58 -30.38 -78.96
C GLU HD 74 91.71 -31.89 -78.99
N ASN HD 75 90.58 -32.58 -78.86
CA ASN HD 75 90.56 -34.04 -78.76
C ASN HD 75 90.14 -34.64 -80.10
N GLN HD 76 90.98 -35.54 -80.62
CA GLN HD 76 90.65 -36.32 -81.81
C GLN HD 76 90.34 -37.75 -81.37
N SER HD 77 89.14 -38.21 -81.68
CA SER HD 77 88.67 -39.52 -81.24
C SER HD 77 88.21 -40.35 -82.42
N ILE HD 78 88.61 -41.62 -82.43
CA ILE HD 78 88.16 -42.59 -83.41
C ILE HD 78 87.67 -43.82 -82.65
N ARG HD 79 86.39 -44.13 -82.79
CA ARG HD 79 85.74 -45.20 -82.04
C ARG HD 79 85.09 -46.18 -83.01
N THR HD 80 85.41 -47.46 -82.86
CA THR HD 80 84.82 -48.51 -83.68
C THR HD 80 84.24 -49.60 -82.80
N VAL HD 81 83.11 -50.15 -83.22
CA VAL HD 81 82.43 -51.22 -82.50
C VAL HD 81 82.14 -52.34 -83.48
N ILE HD 82 82.60 -53.54 -83.17
CA ILE HD 82 82.38 -54.72 -84.00
C ILE HD 82 81.56 -55.72 -83.20
N SER HD 83 80.40 -56.10 -83.74
CA SER HD 83 79.48 -57.01 -83.08
C SER HD 83 79.18 -58.17 -84.00
N GLY HD 84 79.26 -59.39 -83.47
CA GLY HD 84 78.95 -60.57 -84.25
C GLY HD 84 79.26 -61.87 -83.53
N SER HD 85 78.63 -62.96 -83.97
CA SER HD 85 78.86 -64.25 -83.35
C SER HD 85 80.27 -64.75 -83.66
N ALA HD 86 80.86 -65.43 -82.68
CA ALA HD 86 82.23 -65.94 -82.85
C ALA HD 86 82.29 -67.05 -83.88
N GLU HD 87 81.16 -67.73 -84.12
CA GLU HD 87 81.16 -68.86 -85.04
C GLU HD 87 81.25 -68.41 -86.49
N ASN HD 88 81.00 -67.14 -86.76
CA ASN HD 88 81.10 -66.56 -88.10
C ASN HD 88 82.24 -65.56 -88.17
N LEU HD 89 83.37 -65.90 -87.55
CA LEU HD 89 84.47 -64.96 -87.43
C LEU HD 89 85.10 -64.66 -88.79
N ALA HD 90 85.16 -65.65 -89.68
CA ALA HD 90 85.72 -65.41 -91.00
C ALA HD 90 84.91 -64.38 -91.78
N THR HD 91 83.58 -64.55 -91.77
CA THR HD 91 82.71 -63.58 -92.41
C THR HD 91 82.78 -62.21 -91.73
N LEU HD 92 82.94 -62.19 -90.40
CA LEU HD 92 83.09 -60.92 -89.70
C LEU HD 92 84.37 -60.21 -90.12
N LYS HD 93 85.45 -60.96 -90.29
CA LYS HD 93 86.71 -60.35 -90.73
C LYS HD 93 86.60 -59.84 -92.17
N ALA HD 94 85.92 -60.59 -93.04
CA ALA HD 94 85.69 -60.11 -94.40
C ALA HD 94 84.87 -58.83 -94.39
N GLU HD 95 83.84 -58.78 -93.53
CA GLU HD 95 83.04 -57.56 -93.41
C GLU HD 95 83.87 -56.41 -92.88
N TRP HD 96 84.81 -56.69 -91.96
CA TRP HD 96 85.71 -55.66 -91.46
C TRP HD 96 86.57 -55.10 -92.58
N GLU HD 97 87.10 -55.98 -93.43
CA GLU HD 97 87.91 -55.51 -94.55
C GLU HD 97 87.09 -54.65 -95.51
N THR HD 98 85.86 -55.09 -95.81
CA THR HD 98 84.99 -54.31 -96.68
C THR HD 98 84.66 -52.96 -96.06
N HIS HD 99 84.41 -52.93 -94.75
CA HIS HD 99 84.13 -51.68 -94.05
C HIS HD 99 85.32 -50.75 -94.11
N LYS HD 100 86.53 -51.28 -93.91
CA LYS HD 100 87.73 -50.46 -94.04
C LYS HD 100 87.83 -49.87 -95.43
N ARG HD 101 87.59 -50.70 -96.46
CA ARG HD 101 87.67 -50.20 -97.84
C ARG HD 101 86.67 -49.08 -98.09
N ASN HD 102 85.43 -49.27 -97.64
CA ASN HD 102 84.39 -48.26 -97.87
C ASN HD 102 84.70 -46.97 -97.12
N VAL HD 103 85.11 -47.07 -95.85
CA VAL HD 103 85.41 -45.88 -95.08
C VAL HD 103 86.61 -45.15 -95.67
N ASP HD 104 87.61 -45.90 -96.16
CA ASP HD 104 88.74 -45.27 -96.81
C ASP HD 104 88.31 -44.54 -98.07
N THR HD 105 87.43 -45.17 -98.86
CA THR HD 105 86.96 -44.54 -100.09
C THR HD 105 86.21 -43.24 -99.80
N LEU HD 106 85.37 -43.24 -98.75
CA LEU HD 106 84.62 -42.04 -98.41
C LEU HD 106 85.47 -40.96 -97.76
N PHE HD 107 86.45 -41.36 -96.94
CA PHE HD 107 87.16 -40.43 -96.06
C PHE HD 107 88.53 -40.04 -96.60
N ALA HD 108 89.40 -41.02 -96.83
CA ALA HD 108 90.79 -40.72 -97.19
C ALA HD 108 90.88 -40.13 -98.60
N SER HD 109 90.19 -40.75 -99.56
CA SER HD 109 90.21 -40.28 -100.93
C SER HD 109 89.11 -39.28 -101.23
N GLY HD 110 88.20 -39.02 -100.29
CA GLY HD 110 87.13 -38.07 -100.47
C GLY HD 110 87.29 -36.84 -99.59
N ASN HD 111 86.17 -36.13 -99.42
CA ASN HD 111 86.13 -34.92 -98.61
C ASN HD 111 85.18 -35.05 -97.43
N ALA HD 112 84.96 -36.28 -96.95
CA ALA HD 112 84.06 -36.48 -95.82
C ALA HD 112 84.61 -35.87 -94.54
N GLY HD 113 85.93 -35.68 -94.45
CA GLY HD 113 86.50 -35.09 -93.26
C GLY HD 113 86.22 -33.61 -93.15
N LEU HD 114 85.91 -32.97 -94.28
CA LEU HD 114 85.59 -31.55 -94.28
C LEU HD 114 84.09 -31.33 -94.20
N GLY HD 115 83.34 -32.40 -94.02
CA GLY HD 115 81.89 -32.29 -93.94
C GLY HD 115 81.21 -32.32 -95.29
N PHE HD 116 81.51 -33.32 -96.11
CA PHE HD 116 80.95 -33.44 -97.45
C PHE HD 116 80.50 -34.87 -97.68
N LEU HD 117 79.46 -35.03 -98.48
CA LEU HD 117 78.97 -36.35 -98.91
C LEU HD 117 79.02 -36.43 -100.42
N ASP HD 118 79.55 -37.54 -100.94
CA ASP HD 118 79.63 -37.75 -102.37
C ASP HD 118 78.71 -38.90 -102.74
N PRO HD 119 77.53 -38.65 -103.32
CA PRO HD 119 76.64 -39.75 -103.70
C PRO HD 119 77.20 -40.66 -104.78
N THR HD 120 78.22 -40.22 -105.52
CA THR HD 120 78.79 -41.00 -106.60
C THR HD 120 79.98 -41.85 -106.16
N ALA HD 121 80.23 -41.94 -104.86
CA ALA HD 121 81.34 -42.74 -104.36
C ALA HD 121 81.12 -44.21 -104.66
N ALA HD 122 82.22 -44.93 -104.91
CA ALA HD 122 82.17 -46.34 -105.27
C ALA HD 122 82.21 -47.19 -104.01
N ILE HD 123 81.05 -47.44 -103.45
CA ILE HD 123 80.90 -48.29 -102.28
C ILE HD 123 80.64 -49.72 -102.75
N VAL HD 124 81.29 -50.69 -102.11
CA VAL HD 124 81.20 -52.08 -102.51
C VAL HD 124 80.76 -52.92 -101.31
N SER HD 125 80.19 -54.09 -101.61
CA SER HD 125 79.74 -55.00 -100.58
C SER HD 125 80.79 -56.06 -100.29
N SER HD 126 80.54 -56.83 -99.23
CA SER HD 126 81.46 -57.90 -98.86
C SER HD 126 81.38 -59.08 -99.81
N ASP HD 127 80.23 -59.32 -100.42
CA ASP HD 127 80.07 -60.45 -101.34
C ASP HD 127 80.87 -60.23 -102.61
N THR HD 128 81.32 -61.33 -103.19
CA THR HD 128 82.11 -61.32 -104.41
C THR HD 128 81.33 -61.96 -105.55
N THR HD 129 81.40 -61.33 -106.72
CA THR HD 129 80.71 -61.83 -107.90
C THR HD 129 81.35 -63.12 -108.40
N ALA ID 1 94.88 -86.17 -77.61
CA ALA ID 1 95.21 -84.75 -77.70
C ALA ID 1 93.97 -83.90 -77.43
N ASN ID 2 93.74 -83.60 -76.15
CA ASN ID 2 92.57 -82.83 -75.76
C ASN ID 2 92.75 -81.37 -76.13
N LYS ID 3 91.64 -80.72 -76.51
CA LYS ID 3 91.71 -79.31 -76.88
C LYS ID 3 91.86 -78.45 -75.62
N PRO ID 4 92.86 -77.58 -75.55
CA PRO ID 4 93.05 -76.75 -74.36
C PRO ID 4 92.13 -75.54 -74.36
N MET ID 5 92.01 -74.91 -73.19
CA MET ID 5 91.27 -73.66 -73.05
C MET ID 5 92.21 -72.53 -72.65
N GLN ID 6 91.83 -71.31 -73.00
CA GLN ID 6 92.49 -70.10 -72.57
C GLN ID 6 91.56 -69.30 -71.66
N PRO ID 7 92.10 -68.60 -70.66
CA PRO ID 7 91.24 -67.83 -69.76
C PRO ID 7 90.53 -66.71 -70.50
N ILE ID 8 89.27 -66.47 -70.16
CA ILE ID 8 88.44 -65.47 -70.80
C ILE ID 8 88.06 -64.35 -69.83
N THR ID 9 87.76 -64.71 -68.58
CA THR ID 9 87.58 -63.74 -67.51
C THR ID 9 88.52 -64.10 -66.36
N SER ID 10 89.31 -63.12 -65.92
CA SER ID 10 90.39 -63.40 -64.98
C SER ID 10 90.23 -62.52 -63.74
N THR ID 11 90.10 -63.16 -62.59
CA THR ID 11 90.16 -62.52 -61.29
C THR ID 11 90.81 -63.49 -60.32
N ALA ID 12 91.57 -62.95 -59.37
CA ALA ID 12 92.22 -63.80 -58.38
C ALA ID 12 91.20 -64.54 -57.55
N ASN ID 13 89.99 -63.99 -57.41
CA ASN ID 13 88.92 -64.71 -56.75
C ASN ID 13 88.36 -65.82 -57.63
N LYS ID 14 88.23 -65.59 -58.94
CA LYS ID 14 87.65 -66.56 -59.84
C LYS ID 14 88.24 -66.41 -61.23
N ILE ID 15 88.66 -67.53 -61.82
CA ILE ID 15 89.12 -67.58 -63.21
C ILE ID 15 88.30 -68.61 -63.95
N VAL ID 16 87.79 -68.24 -65.13
CA VAL ID 16 86.99 -69.13 -65.96
C VAL ID 16 87.73 -69.37 -67.26
N TRP ID 17 87.80 -70.63 -67.66
CA TRP ID 17 88.44 -71.04 -68.90
C TRP ID 17 87.38 -71.37 -69.96
N SER ID 18 87.73 -71.13 -71.22
CA SER ID 18 86.78 -71.36 -72.30
C SER ID 18 87.51 -71.85 -73.54
N ASP ID 19 86.83 -72.70 -74.30
CA ASP ID 19 87.38 -73.27 -75.51
C ASP ID 19 87.17 -72.31 -76.67
N PRO ID 20 88.23 -71.88 -77.37
CA PRO ID 20 88.04 -70.95 -78.49
C PRO ID 20 87.15 -71.49 -79.59
N THR ID 21 87.09 -72.81 -79.79
CA THR ID 21 86.24 -73.39 -80.81
C THR ID 21 84.82 -73.67 -80.35
N ARG ID 22 84.62 -73.91 -79.05
CA ARG ID 22 83.27 -74.12 -78.51
C ARG ID 22 83.17 -73.28 -77.24
N LEU ID 23 82.64 -72.07 -77.36
CA LEU ID 23 82.58 -71.17 -76.22
C LEU ID 23 81.59 -71.64 -75.16
N SER ID 24 80.71 -72.59 -75.49
CA SER ID 24 79.77 -73.10 -74.50
C SER ID 24 80.43 -73.97 -73.45
N THR ID 25 81.68 -74.41 -73.68
CA THR ID 25 82.42 -75.21 -72.72
C THR ID 25 83.21 -74.29 -71.81
N THR ID 26 82.97 -74.40 -70.50
CA THR ID 26 83.59 -73.54 -69.51
C THR ID 26 84.11 -74.36 -68.35
N PHE ID 27 85.15 -73.84 -67.70
CA PHE ID 27 85.71 -74.42 -66.48
C PHE ID 27 86.08 -73.27 -65.55
N SER ID 28 85.45 -73.24 -64.38
CA SER ID 28 85.61 -72.14 -63.43
C SER ID 28 86.22 -72.65 -62.14
N ALA ID 29 87.10 -71.84 -61.56
CA ALA ID 29 87.71 -72.13 -60.27
C ALA ID 29 87.67 -70.87 -59.41
N SER ID 30 86.95 -70.94 -58.29
CA SER ID 30 86.84 -69.83 -57.36
C SER ID 30 87.25 -70.30 -55.98
N LEU ID 31 88.19 -69.60 -55.36
CA LEU ID 31 88.65 -69.92 -54.01
C LEU ID 31 88.25 -68.81 -53.06
N LEU ID 32 87.61 -69.19 -51.96
CA LEU ID 32 87.25 -68.28 -50.89
C LEU ID 32 88.02 -68.66 -49.63
N ARG ID 33 88.79 -67.71 -49.11
CA ARG ID 33 89.69 -67.96 -47.98
C ARG ID 33 89.21 -67.16 -46.77
N GLN ID 34 89.16 -67.83 -45.62
CA GLN ID 34 88.71 -67.22 -44.37
C GLN ID 34 89.54 -67.78 -43.23
N ARG ID 35 89.82 -66.93 -42.23
CA ARG ID 35 90.61 -67.32 -41.07
C ARG ID 35 89.67 -67.89 -40.02
N VAL ID 36 89.27 -69.14 -40.21
CA VAL ID 36 88.44 -69.84 -39.24
C VAL ID 36 89.33 -70.53 -38.24
N LYS ID 37 89.53 -69.91 -37.08
CA LYS ID 37 90.47 -70.45 -36.11
C LYS ID 37 89.76 -71.28 -35.05
N VAL ID 38 90.29 -72.48 -34.82
CA VAL ID 38 89.83 -73.34 -33.73
C VAL ID 38 90.48 -72.86 -32.45
N GLY ID 39 90.03 -73.39 -31.31
CA GLY ID 39 90.55 -72.96 -30.01
C GLY ID 39 92.05 -73.03 -29.89
N ILE ID 40 92.65 -71.97 -29.35
CA ILE ID 40 94.08 -71.81 -29.08
C ILE ID 40 94.93 -72.22 -30.29
N ALA ID 41 94.40 -72.02 -31.49
CA ALA ID 41 95.12 -72.34 -32.72
C ALA ID 41 94.68 -71.39 -33.82
N GLU ID 42 95.54 -71.25 -34.82
CA GLU ID 42 95.27 -70.43 -36.00
C GLU ID 42 95.28 -71.32 -37.23
N LEU ID 43 94.22 -71.25 -38.02
CA LEU ID 43 94.09 -72.08 -39.22
C LEU ID 43 93.53 -71.24 -40.36
N ASN ID 44 94.09 -71.41 -41.55
CA ASN ID 44 93.62 -70.72 -42.75
C ASN ID 44 92.80 -71.69 -43.58
N ASN ID 45 91.52 -71.40 -43.73
CA ASN ID 45 90.59 -72.26 -44.46
C ASN ID 45 90.43 -71.75 -45.90
N VAL ID 46 90.58 -72.66 -46.86
CA VAL ID 46 90.47 -72.34 -48.27
C VAL ID 46 89.41 -73.26 -48.87
N SER ID 47 88.29 -72.67 -49.27
CA SER ID 47 87.21 -73.43 -49.91
C SER ID 47 87.29 -73.23 -51.42
N GLY ID 48 87.41 -74.32 -52.16
CA GLY ID 48 87.55 -74.23 -53.60
C GLY ID 48 86.39 -74.82 -54.37
N GLN ID 49 85.79 -74.03 -55.24
CA GLN ID 49 84.65 -74.45 -56.06
C GLN ID 49 85.12 -74.57 -57.50
N TYR ID 50 84.93 -75.75 -58.09
CA TYR ID 50 85.33 -76.03 -59.47
C TYR ID 50 84.11 -76.52 -60.22
N VAL ID 51 83.80 -75.85 -61.34
CA VAL ID 51 82.60 -76.14 -62.12
C VAL ID 51 83.01 -76.41 -63.56
N SER ID 52 82.52 -77.52 -64.11
CA SER ID 52 82.70 -77.85 -65.52
C SER ID 52 81.34 -77.89 -66.21
N VAL ID 53 81.21 -77.14 -67.30
CA VAL ID 53 79.95 -77.01 -68.02
C VAL ID 53 80.19 -77.39 -69.47
N TYR ID 54 79.36 -78.30 -69.99
CA TYR ID 54 79.38 -78.70 -71.37
C TYR ID 54 77.95 -78.87 -71.86
N LYS ID 55 77.62 -78.21 -72.97
CA LYS ID 55 76.29 -78.30 -73.56
C LYS ID 55 76.33 -79.32 -74.69
N ARG ID 56 75.85 -80.52 -74.41
CA ARG ID 56 75.91 -81.64 -75.34
C ARG ID 56 74.58 -81.80 -76.06
N PRO ID 57 74.61 -82.02 -77.37
CA PRO ID 57 73.34 -82.23 -78.10
C PRO ID 57 72.62 -83.48 -77.63
N ALA ID 58 71.30 -83.44 -77.74
CA ALA ID 58 70.48 -84.59 -77.36
C ALA ID 58 70.80 -85.77 -78.28
N PRO ID 59 70.69 -87.00 -77.78
CA PRO ID 59 71.08 -88.16 -78.58
C PRO ID 59 70.18 -88.37 -79.79
N LYS ID 60 70.78 -88.54 -80.96
CA LYS ID 60 70.06 -88.80 -82.20
C LYS ID 60 69.41 -90.17 -82.16
N PRO ID 61 68.31 -90.39 -82.88
CA PRO ID 61 67.68 -91.72 -82.90
C PRO ID 61 68.64 -92.80 -83.39
N GLU ID 62 68.55 -93.98 -82.79
CA GLU ID 62 69.52 -95.05 -83.08
C GLU ID 62 69.45 -95.48 -84.53
N GLY ID 63 68.26 -95.63 -85.08
CA GLY ID 63 68.12 -96.05 -86.46
C GLY ID 63 68.09 -94.88 -87.42
N CYS ID 64 69.15 -94.05 -87.39
CA CYS ID 64 69.21 -92.86 -88.21
C CYS ID 64 70.57 -92.77 -88.89
N ALA ID 65 70.56 -92.39 -90.16
CA ALA ID 65 71.79 -92.14 -90.91
C ALA ID 65 71.78 -90.80 -91.63
N ASP ID 66 70.89 -89.89 -91.25
CA ASP ID 66 70.78 -88.60 -91.94
C ASP ID 66 72.04 -87.78 -91.71
N ALA ID 67 72.38 -86.97 -92.72
CA ALA ID 67 73.60 -86.17 -92.68
C ALA ID 67 73.59 -85.14 -91.57
N CYS ID 68 72.64 -84.21 -91.59
CA CYS ID 68 72.62 -83.10 -90.66
C CYS ID 68 71.21 -82.87 -90.13
N VAL ID 69 70.95 -83.39 -88.94
CA VAL ID 69 69.74 -83.09 -88.18
C VAL ID 69 70.15 -82.82 -86.74
N ILE ID 70 70.02 -81.57 -86.30
CA ILE ID 70 70.54 -81.13 -85.02
C ILE ID 70 69.38 -80.89 -84.06
N MET ID 71 69.51 -81.41 -82.84
CA MET ID 71 68.52 -81.20 -81.78
C MET ID 71 69.14 -80.33 -80.69
N PRO ID 72 68.33 -79.62 -79.90
CA PRO ID 72 68.88 -78.64 -78.96
C PRO ID 72 69.72 -79.28 -77.88
N ASN ID 73 70.62 -78.48 -77.31
CA ASN ID 73 71.61 -78.94 -76.37
C ASN ID 73 71.01 -79.10 -74.98
N GLU ID 74 71.65 -79.95 -74.18
CA GLU ID 74 71.28 -80.15 -72.79
C GLU ID 74 72.45 -79.72 -71.92
N ASN ID 75 72.15 -79.34 -70.67
CA ASN ID 75 73.18 -78.83 -69.79
C ASN ID 75 73.80 -79.98 -69.00
N GLN ID 76 75.12 -80.12 -69.09
CA GLN ID 76 75.88 -81.10 -68.32
C GLN ID 76 76.82 -80.34 -67.41
N SER ID 77 76.66 -80.52 -66.09
CA SER ID 77 77.43 -79.77 -65.10
C SER ID 77 78.03 -80.72 -64.09
N ILE ID 78 79.30 -80.48 -63.76
CA ILE ID 78 79.99 -81.20 -62.70
C ILE ID 78 80.65 -80.16 -61.81
N ARG ID 79 80.26 -80.15 -60.53
CA ARG ID 79 80.68 -79.11 -59.59
C ARG ID 79 81.26 -79.78 -58.35
N THR ID 80 82.48 -79.40 -57.99
CA THR ID 80 83.16 -79.94 -56.82
C THR ID 80 83.58 -78.81 -55.89
N VAL ID 81 83.37 -79.01 -54.59
CA VAL ID 81 83.75 -78.05 -53.56
C VAL ID 81 84.68 -78.76 -52.59
N ILE ID 82 85.87 -78.18 -52.37
CA ILE ID 82 86.86 -78.72 -51.46
C ILE ID 82 87.13 -77.69 -50.39
N SER ID 83 86.90 -78.06 -49.13
CA SER ID 83 87.07 -77.16 -48.00
C SER ID 83 88.01 -77.80 -46.98
N GLY ID 84 89.01 -77.04 -46.54
CA GLY ID 84 89.96 -77.54 -45.57
C GLY ID 84 91.04 -76.54 -45.22
N SER ID 85 91.79 -76.81 -44.16
CA SER ID 85 92.86 -75.92 -43.74
C SER ID 85 94.08 -76.07 -44.65
N ALA ID 86 94.87 -75.01 -44.73
CA ALA ID 86 96.08 -75.04 -45.55
C ALA ID 86 97.14 -75.94 -44.94
N GLU ID 87 97.13 -76.08 -43.61
CA GLU ID 87 98.14 -76.88 -42.94
C GLU ID 87 98.03 -78.36 -43.30
N ASN ID 88 96.81 -78.80 -43.64
CA ASN ID 88 96.53 -80.20 -43.92
C ASN ID 88 96.44 -80.48 -45.42
N LEU ID 89 97.28 -79.84 -46.23
CA LEU ID 89 97.12 -79.93 -47.68
C LEU ID 89 97.38 -81.33 -48.20
N ALA ID 90 98.43 -81.99 -47.71
CA ALA ID 90 98.76 -83.32 -48.21
C ALA ID 90 97.68 -84.33 -47.85
N THR ID 91 97.19 -84.26 -46.61
CA THR ID 91 96.12 -85.13 -46.19
C THR ID 91 94.82 -84.85 -46.94
N LEU ID 92 94.55 -83.57 -47.24
CA LEU ID 92 93.38 -83.25 -48.06
C LEU ID 92 93.54 -83.79 -49.47
N LYS ID 93 94.77 -83.82 -49.99
CA LYS ID 93 95.01 -84.46 -51.29
C LYS ID 93 94.72 -85.95 -51.23
N ALA ID 94 95.14 -86.62 -50.16
CA ALA ID 94 94.80 -88.03 -49.98
C ALA ID 94 93.30 -88.23 -49.91
N GLU ID 95 92.60 -87.35 -49.19
CA GLU ID 95 91.15 -87.40 -49.13
C GLU ID 95 90.54 -87.21 -50.52
N TRP ID 96 91.12 -86.33 -51.32
CA TRP ID 96 90.64 -86.12 -52.68
C TRP ID 96 90.81 -87.37 -53.52
N GLU ID 97 91.93 -88.06 -53.37
CA GLU ID 97 92.13 -89.30 -54.11
C GLU ID 97 91.12 -90.36 -53.70
N THR ID 98 90.88 -90.50 -52.39
CA THR ID 98 89.90 -91.47 -51.92
C THR ID 98 88.49 -91.12 -52.41
N HIS ID 99 88.15 -89.84 -52.39
CA HIS ID 99 86.86 -89.39 -52.89
C HIS ID 99 86.72 -89.68 -54.39
N LYS ID 100 87.79 -89.47 -55.15
CA LYS ID 100 87.77 -89.81 -56.57
C LYS ID 100 87.49 -91.30 -56.76
N ARG ID 101 88.16 -92.15 -55.98
CA ARG ID 101 87.98 -93.58 -56.15
C ARG ID 101 86.56 -94.00 -55.79
N ASN ID 102 86.00 -93.43 -54.72
CA ASN ID 102 84.64 -93.76 -54.33
C ASN ID 102 83.62 -93.30 -55.37
N VAL ID 103 83.77 -92.07 -55.87
CA VAL ID 103 82.84 -91.56 -56.88
C VAL ID 103 82.96 -92.39 -58.15
N ASP ID 104 84.18 -92.83 -58.48
CA ASP ID 104 84.36 -93.68 -59.64
C ASP ID 104 83.64 -95.01 -59.48
N THR ID 105 83.81 -95.67 -58.33
CA THR ID 105 83.20 -96.99 -58.15
C THR ID 105 81.68 -96.88 -58.06
N LEU ID 106 81.16 -95.70 -57.68
CA LEU ID 106 79.72 -95.53 -57.68
C LEU ID 106 79.16 -95.13 -59.04
N PHE ID 107 79.87 -94.29 -59.79
CA PHE ID 107 79.36 -93.66 -61.00
C PHE ID 107 79.89 -94.31 -62.28
N ALA ID 108 81.22 -94.34 -62.44
CA ALA ID 108 81.80 -94.79 -63.70
C ALA ID 108 81.59 -96.29 -63.91
N SER ID 109 81.84 -97.09 -62.87
CA SER ID 109 81.66 -98.52 -62.94
C SER ID 109 80.33 -98.98 -62.37
N GLY ID 110 79.49 -98.06 -61.89
CA GLY ID 110 78.21 -98.40 -61.31
C GLY ID 110 77.05 -98.01 -62.19
N ASN ID 111 75.89 -97.86 -61.56
CA ASN ID 111 74.65 -97.51 -62.24
C ASN ID 111 74.04 -96.23 -61.68
N ALA ID 112 74.79 -95.49 -60.85
CA ALA ID 112 74.28 -94.25 -60.28
C ALA ID 112 74.03 -93.21 -61.37
N GLY ID 113 74.75 -93.30 -62.49
CA GLY ID 113 74.49 -92.41 -63.60
C GLY ID 113 73.10 -92.55 -64.19
N LEU ID 114 72.62 -93.79 -64.35
CA LEU ID 114 71.26 -94.03 -64.77
C LEU ID 114 70.26 -93.91 -63.63
N GLY ID 115 70.74 -93.91 -62.39
CA GLY ID 115 69.87 -93.59 -61.27
C GLY ID 115 69.60 -94.71 -60.30
N PHE ID 116 70.50 -95.67 -60.15
CA PHE ID 116 70.34 -96.78 -59.23
C PHE ID 116 71.50 -96.80 -58.25
N LEU ID 117 71.18 -96.81 -56.96
CA LEU ID 117 72.17 -96.91 -55.89
C LEU ID 117 72.30 -98.36 -55.44
N ASP ID 118 73.54 -98.84 -55.33
CA ASP ID 118 73.79 -100.21 -54.90
C ASP ID 118 74.32 -100.18 -53.47
N PRO ID 119 73.55 -100.64 -52.48
CA PRO ID 119 74.06 -100.71 -51.12
C PRO ID 119 75.29 -101.60 -50.95
N THR ID 120 75.66 -102.39 -51.96
CA THR ID 120 76.78 -103.31 -51.86
C THR ID 120 78.04 -102.78 -52.50
N ALA ID 121 78.09 -101.49 -52.85
CA ALA ID 121 79.27 -100.91 -53.47
C ALA ID 121 80.45 -100.95 -52.51
N ALA ID 122 81.64 -101.18 -53.07
CA ALA ID 122 82.87 -101.31 -52.27
C ALA ID 122 83.44 -99.92 -52.00
N ILE ID 123 82.87 -99.25 -51.01
CA ILE ID 123 83.35 -97.94 -50.59
C ILE ID 123 84.43 -98.13 -49.54
N VAL ID 124 85.55 -97.43 -49.70
CA VAL ID 124 86.70 -97.59 -48.81
C VAL ID 124 87.12 -96.22 -48.29
N SER ID 125 87.75 -96.23 -47.12
CA SER ID 125 88.21 -95.00 -46.48
C SER ID 125 89.64 -94.68 -46.89
N SER ID 126 90.08 -93.47 -46.53
CA SER ID 126 91.43 -93.03 -46.89
C SER ID 126 92.51 -93.69 -46.06
N ASP ID 127 92.21 -94.02 -44.80
CA ASP ID 127 93.21 -94.62 -43.93
C ASP ID 127 93.56 -96.02 -44.40
N THR ID 128 94.80 -96.44 -44.12
CA THR ID 128 95.30 -97.74 -44.48
C THR ID 128 95.37 -98.65 -43.25
N THR ID 129 95.37 -99.95 -43.50
CA THR ID 129 95.43 -100.93 -42.42
C THR ID 129 96.87 -101.15 -41.97
N ALA JD 1 119.05 -67.84 -53.18
CA ALA JD 1 117.78 -68.33 -53.72
C ALA JD 1 116.67 -68.21 -52.68
N ASN JD 2 116.03 -67.05 -52.65
CA ASN JD 2 114.95 -66.82 -51.68
C ASN JD 2 113.62 -67.31 -52.24
N LYS JD 3 112.67 -67.53 -51.34
CA LYS JD 3 111.39 -68.12 -51.74
C LYS JD 3 110.55 -67.10 -52.52
N PRO JD 4 110.07 -67.45 -53.70
CA PRO JD 4 109.19 -66.53 -54.43
C PRO JD 4 107.77 -66.56 -53.89
N MET JD 5 106.96 -65.61 -54.34
CA MET JD 5 105.55 -65.54 -54.00
C MET JD 5 104.70 -65.66 -55.26
N GLN JD 6 103.39 -65.81 -55.05
CA GLN JD 6 102.36 -65.81 -56.08
C GLN JD 6 101.24 -64.84 -55.68
N PRO JD 7 100.52 -64.27 -56.66
CA PRO JD 7 99.48 -63.29 -56.31
C PRO JD 7 98.22 -63.92 -55.74
N ILE JD 8 97.80 -63.45 -54.56
CA ILE JD 8 96.55 -63.91 -53.97
C ILE JD 8 95.37 -63.04 -54.37
N THR JD 9 95.58 -61.74 -54.62
CA THR JD 9 94.52 -60.84 -55.02
C THR JD 9 95.04 -59.98 -56.16
N SER JD 10 94.36 -60.04 -57.30
CA SER JD 10 94.76 -59.31 -58.50
C SER JD 10 93.66 -58.33 -58.87
N THR JD 11 94.03 -57.07 -59.02
CA THR JD 11 93.10 -56.01 -59.40
C THR JD 11 93.87 -54.99 -60.23
N ALA JD 12 93.14 -54.27 -61.08
CA ALA JD 12 93.78 -53.27 -61.94
C ALA JD 12 94.47 -52.18 -61.14
N ASN JD 13 94.10 -52.03 -59.86
CA ASN JD 13 94.67 -51.00 -59.01
C ASN JD 13 95.46 -51.55 -57.83
N LYS JD 14 95.42 -52.85 -57.55
CA LYS JD 14 96.11 -53.40 -56.39
C LYS JD 14 96.35 -54.88 -56.62
N ILE JD 15 97.61 -55.31 -56.48
CA ILE JD 15 97.98 -56.72 -56.55
C ILE JD 15 98.71 -57.08 -55.26
N VAL JD 16 98.29 -58.17 -54.64
CA VAL JD 16 98.83 -58.62 -53.36
C VAL JD 16 99.48 -59.98 -53.57
N TRP JD 17 100.74 -60.11 -53.15
CA TRP JD 17 101.46 -61.36 -53.22
C TRP JD 17 101.49 -62.02 -51.84
N SER JD 18 101.81 -63.32 -51.83
CA SER JD 18 101.92 -64.06 -50.58
C SER JD 18 102.77 -65.29 -50.79
N ASP JD 19 103.51 -65.67 -49.75
CA ASP JD 19 104.37 -66.84 -49.82
C ASP JD 19 103.55 -68.10 -49.58
N PRO JD 20 103.66 -69.11 -50.46
CA PRO JD 20 102.91 -70.35 -50.23
C PRO JD 20 103.25 -71.03 -48.91
N THR JD 21 104.51 -70.98 -48.48
CA THR JD 21 104.88 -71.64 -47.24
C THR JD 21 104.31 -70.92 -46.03
N ARG JD 22 104.44 -69.60 -45.98
CA ARG JD 22 103.90 -68.79 -44.90
C ARG JD 22 102.91 -67.79 -45.49
N LEU JD 23 101.62 -67.97 -45.18
CA LEU JD 23 100.60 -67.08 -45.72
C LEU JD 23 100.54 -65.77 -44.93
N SER JD 24 101.27 -65.69 -43.83
CA SER JD 24 101.27 -64.51 -42.98
C SER JD 24 101.98 -63.34 -43.67
N THR JD 25 103.02 -63.63 -44.45
CA THR JD 25 103.80 -62.59 -45.10
C THR JD 25 103.20 -62.25 -46.46
N THR JD 26 102.99 -60.96 -46.71
CA THR JD 26 102.41 -60.50 -47.96
C THR JD 26 103.16 -59.26 -48.44
N PHE JD 27 103.05 -58.99 -49.74
CA PHE JD 27 103.59 -57.79 -50.36
C PHE JD 27 102.53 -57.20 -51.27
N SER JD 28 102.12 -55.97 -50.97
CA SER JD 28 101.02 -55.32 -51.67
C SER JD 28 101.49 -54.04 -52.35
N ALA JD 29 101.01 -53.83 -53.57
CA ALA JD 29 101.31 -52.63 -54.34
C ALA JD 29 100.01 -52.06 -54.89
N SER JD 30 99.77 -50.78 -54.64
CA SER JD 30 98.56 -50.10 -55.09
C SER JD 30 98.96 -48.80 -55.79
N LEU JD 31 98.30 -48.52 -56.91
CA LEU JD 31 98.60 -47.32 -57.69
C LEU JD 31 97.36 -46.45 -57.81
N LEU JD 32 97.54 -45.16 -57.56
CA LEU JD 32 96.48 -44.17 -57.76
C LEU JD 32 96.93 -43.22 -58.86
N ARG JD 33 96.11 -43.09 -59.90
CA ARG JD 33 96.43 -42.28 -61.07
C ARG JD 33 95.49 -41.10 -61.15
N GLN JD 34 96.06 -39.89 -61.14
CA GLN JD 34 95.28 -38.67 -61.19
C GLN JD 34 95.96 -37.67 -62.11
N ARG JD 35 95.15 -36.81 -62.72
CA ARG JD 35 95.68 -35.71 -63.51
C ARG JD 35 95.84 -34.49 -62.64
N VAL JD 36 97.06 -33.95 -62.60
CA VAL JD 36 97.39 -32.79 -61.77
C VAL JD 36 97.43 -31.57 -62.66
N LYS JD 37 96.63 -30.56 -62.29
CA LYS JD 37 96.58 -29.30 -63.03
C LYS JD 37 97.64 -28.37 -62.49
N VAL JD 38 98.71 -28.19 -63.25
CA VAL JD 38 99.78 -27.25 -62.93
C VAL JD 38 99.74 -26.16 -63.99
N GLY JD 39 100.00 -24.93 -63.55
CA GLY JD 39 99.96 -23.77 -64.44
C GLY JD 39 100.65 -24.01 -65.76
N ILE JD 40 99.96 -23.64 -66.85
CA ILE JD 40 100.38 -23.83 -68.24
C ILE JD 40 100.98 -25.22 -68.44
N ALA JD 41 100.36 -26.24 -67.86
CA ALA JD 41 100.83 -27.61 -68.01
C ALA JD 41 99.67 -28.57 -67.78
N GLU JD 42 99.81 -29.78 -68.33
CA GLU JD 42 98.86 -30.87 -68.11
C GLU JD 42 99.67 -32.17 -68.00
N LEU JD 43 99.94 -32.59 -66.77
CA LEU JD 43 100.77 -33.75 -66.50
C LEU JD 43 100.06 -34.70 -65.54
N ASN JD 44 100.47 -35.97 -65.58
CA ASN JD 44 99.79 -37.05 -64.88
C ASN JD 44 100.67 -37.56 -63.75
N ASN JD 45 100.15 -37.49 -62.52
CA ASN JD 45 100.87 -38.01 -61.37
C ASN JD 45 100.47 -39.45 -61.10
N VAL JD 46 101.42 -40.24 -60.60
CA VAL JD 46 101.18 -41.62 -60.21
C VAL JD 46 101.74 -41.82 -58.80
N SER JD 47 100.89 -42.27 -57.89
CA SER JD 47 101.28 -42.52 -56.51
C SER JD 47 101.21 -44.03 -56.25
N GLY JD 48 102.34 -44.60 -55.79
CA GLY JD 48 102.39 -46.01 -55.54
C GLY JD 48 102.69 -46.36 -54.10
N GLN JD 49 101.80 -47.13 -53.47
CA GLN JD 49 101.94 -47.53 -52.08
C GLN JD 49 102.37 -48.99 -52.02
N TYR JD 50 103.59 -49.23 -51.57
CA TYR JD 50 104.14 -50.58 -51.47
C TYR JD 50 104.27 -50.94 -50.00
N VAL JD 51 103.63 -52.03 -49.59
CA VAL JD 51 103.57 -52.44 -48.19
C VAL JD 51 104.10 -53.87 -48.08
N SER JD 52 105.04 -54.08 -47.18
CA SER JD 52 105.56 -55.41 -46.86
C SER JD 52 105.33 -55.70 -45.38
N VAL JD 53 104.75 -56.86 -45.09
CA VAL JD 53 104.45 -57.26 -43.73
C VAL JD 53 105.03 -58.65 -43.49
N TYR JD 54 105.42 -58.92 -42.25
CA TYR JD 54 105.91 -60.23 -41.85
C TYR JD 54 105.52 -60.45 -40.39
N LYS JD 55 104.96 -61.63 -40.11
CA LYS JD 55 104.47 -61.92 -38.76
C LYS JD 55 105.54 -62.71 -38.01
N ARG JD 56 106.61 -62.00 -37.68
CA ARG JD 56 107.79 -62.61 -37.07
C ARG JD 56 107.50 -62.98 -35.62
N PRO JD 57 107.88 -64.19 -35.20
CA PRO JD 57 107.71 -64.56 -33.79
C PRO JD 57 108.57 -63.73 -32.86
N ALA JD 58 108.05 -63.51 -31.66
CA ALA JD 58 108.77 -62.77 -30.63
C ALA JD 58 110.01 -63.55 -30.22
N PRO JD 59 111.06 -62.90 -29.72
CA PRO JD 59 112.31 -63.62 -29.45
C PRO JD 59 112.15 -64.59 -28.30
N LYS JD 60 112.69 -65.80 -28.49
CA LYS JD 60 112.59 -66.85 -27.51
C LYS JD 60 113.37 -66.47 -26.25
N PRO JD 61 112.87 -66.84 -25.07
CA PRO JD 61 113.63 -66.56 -23.83
C PRO JD 61 114.96 -67.29 -23.81
N GLU JD 62 115.91 -66.75 -23.03
CA GLU JD 62 117.30 -67.20 -23.09
C GLU JD 62 117.48 -68.47 -22.27
N GLY JD 63 118.25 -69.40 -22.82
CA GLY JD 63 118.68 -70.58 -22.09
C GLY JD 63 117.66 -71.68 -21.95
N CYS JD 64 116.53 -71.60 -22.64
CA CYS JD 64 115.49 -72.62 -22.54
C CYS JD 64 115.15 -73.13 -23.94
N ALA JD 65 115.35 -74.43 -24.16
CA ALA JD 65 114.93 -75.08 -25.39
C ALA JD 65 113.61 -75.80 -25.12
N ASP JD 66 112.50 -75.08 -25.29
CA ASP JD 66 111.19 -75.66 -25.03
C ASP JD 66 110.89 -76.79 -25.98
N ALA JD 67 109.81 -77.52 -25.69
CA ALA JD 67 109.43 -78.68 -26.50
C ALA JD 67 109.15 -78.26 -27.94
N CYS JD 68 108.42 -77.16 -28.13
CA CYS JD 68 108.09 -76.66 -29.45
C CYS JD 68 107.81 -75.16 -29.37
N VAL JD 69 107.86 -74.51 -30.54
CA VAL JD 69 107.70 -73.06 -30.57
C VAL JD 69 106.28 -72.68 -30.19
N ILE JD 70 106.16 -71.81 -29.19
CA ILE JD 70 104.87 -71.35 -28.68
C ILE JD 70 104.88 -69.83 -28.61
N MET JD 71 105.79 -69.21 -29.36
CA MET JD 71 106.03 -67.78 -29.20
C MET JD 71 104.87 -66.99 -29.79
N PRO JD 72 104.36 -65.97 -29.10
CA PRO JD 72 103.26 -65.16 -29.64
C PRO JD 72 103.74 -64.11 -30.63
N ASN JD 73 103.83 -64.49 -31.91
CA ASN JD 73 104.39 -63.68 -32.98
C ASN JD 73 103.88 -62.24 -33.04
N GLU JD 74 104.72 -61.34 -33.56
CA GLU JD 74 104.45 -59.92 -33.63
C GLU JD 74 104.31 -59.48 -35.09
N ASN JD 75 104.19 -58.17 -35.28
CA ASN JD 75 103.98 -57.59 -36.61
C ASN JD 75 105.18 -56.75 -37.00
N GLN JD 76 105.70 -56.98 -38.21
CA GLN JD 76 106.77 -56.17 -38.78
C GLN JD 76 106.29 -55.64 -40.12
N SER JD 77 106.32 -54.32 -40.28
CA SER JD 77 105.77 -53.67 -41.47
C SER JD 77 106.75 -52.65 -42.02
N ILE JD 78 106.84 -52.59 -43.35
CA ILE JD 78 107.64 -51.61 -44.07
C ILE JD 78 106.77 -51.05 -45.19
N ARG JD 79 106.42 -49.77 -45.10
CA ARG JD 79 105.51 -49.14 -46.05
C ARG JD 79 106.24 -48.02 -46.77
N THR JD 80 106.14 -48.01 -48.09
CA THR JD 80 106.79 -47.01 -48.93
C THR JD 80 105.79 -46.43 -49.92
N VAL JD 81 105.79 -45.11 -50.06
CA VAL JD 81 104.91 -44.40 -50.98
C VAL JD 81 105.79 -43.56 -51.90
N ILE JD 82 105.63 -43.76 -53.21
CA ILE JD 82 106.37 -43.01 -54.22
C ILE JD 82 105.36 -42.22 -55.05
N SER JD 83 105.52 -40.90 -55.06
CA SER JD 83 104.61 -40.00 -55.76
C SER JD 83 105.41 -39.13 -56.71
N GLY JD 84 104.95 -39.02 -57.94
CA GLY JD 84 105.62 -38.19 -58.92
C GLY JD 84 104.94 -38.30 -60.26
N SER JD 85 105.34 -37.41 -61.16
CA SER JD 85 104.78 -37.39 -62.51
C SER JD 85 105.50 -38.40 -63.39
N ALA JD 86 104.76 -38.97 -64.36
CA ALA JD 86 105.36 -39.92 -65.28
C ALA JD 86 106.31 -39.25 -66.25
N GLU JD 87 106.17 -37.94 -66.45
CA GLU JD 87 107.07 -37.23 -67.36
C GLU JD 87 108.49 -37.21 -66.83
N ASN JD 88 108.65 -37.20 -65.51
CA ASN JD 88 109.95 -37.14 -64.85
C ASN JD 88 110.34 -38.48 -64.24
N LEU JD 89 110.09 -39.58 -64.95
CA LEU JD 89 110.30 -40.91 -64.38
C LEU JD 89 111.77 -41.16 -64.05
N ALA JD 90 112.68 -40.71 -64.92
CA ALA JD 90 114.11 -40.89 -64.65
C ALA JD 90 114.52 -40.14 -63.39
N THR JD 91 114.04 -38.92 -63.23
CA THR JD 91 114.28 -38.15 -62.01
C THR JD 91 113.71 -38.83 -60.79
N LEU JD 92 112.50 -39.40 -60.91
CA LEU JD 92 111.90 -40.10 -59.77
C LEU JD 92 112.73 -41.33 -59.40
N LYS JD 93 113.27 -42.03 -60.40
CA LYS JD 93 114.12 -43.18 -60.11
C LYS JD 93 115.41 -42.75 -59.43
N ALA JD 94 115.99 -41.64 -59.86
CA ALA JD 94 117.18 -41.11 -59.18
C ALA JD 94 116.85 -40.72 -57.74
N GLU JD 95 115.69 -40.10 -57.53
CA GLU JD 95 115.24 -39.79 -56.17
C GLU JD 95 115.08 -41.04 -55.34
N TRP JD 96 114.55 -42.12 -55.94
CA TRP JD 96 114.40 -43.37 -55.22
C TRP JD 96 115.76 -43.93 -54.82
N GLU JD 97 116.74 -43.86 -55.73
CA GLU JD 97 118.08 -44.34 -55.39
C GLU JD 97 118.70 -43.54 -54.25
N THR JD 98 118.58 -42.21 -54.31
CA THR JD 98 119.12 -41.38 -53.24
C THR JD 98 118.42 -41.64 -51.91
N HIS JD 99 117.09 -41.82 -51.96
CA HIS JD 99 116.33 -42.12 -50.76
C HIS JD 99 116.77 -43.45 -50.16
N LYS JD 100 116.98 -44.47 -51.01
CA LYS JD 100 117.49 -45.74 -50.52
C LYS JD 100 118.84 -45.58 -49.85
N ARG JD 101 119.72 -44.80 -50.47
CA ARG JD 101 121.05 -44.58 -49.89
C ARG JD 101 120.95 -43.90 -48.53
N ASN JD 102 120.13 -42.87 -48.41
CA ASN JD 102 120.01 -42.15 -47.14
C ASN JD 102 119.38 -43.02 -46.07
N VAL JD 103 118.35 -43.80 -46.42
CA VAL JD 103 117.70 -44.66 -45.43
C VAL JD 103 118.65 -45.77 -45.00
N ASP JD 104 119.47 -46.28 -45.93
CA ASP JD 104 120.49 -47.25 -45.55
C ASP JD 104 121.52 -46.64 -44.60
N THR JD 105 121.91 -45.38 -44.87
CA THR JD 105 122.86 -44.71 -43.99
C THR JD 105 122.30 -44.54 -42.58
N LEU JD 106 121.03 -44.15 -42.47
CA LEU JD 106 120.45 -43.92 -41.15
C LEU JD 106 120.14 -45.23 -40.43
N PHE JD 107 119.64 -46.23 -41.16
CA PHE JD 107 119.05 -47.43 -40.58
C PHE JD 107 119.91 -48.67 -40.76
N ALA JD 108 120.30 -48.98 -42.00
CA ALA JD 108 121.06 -50.21 -42.25
C ALA JD 108 122.42 -50.17 -41.57
N SER JD 109 123.09 -49.01 -41.61
CA SER JD 109 124.40 -48.86 -41.01
C SER JD 109 124.39 -48.04 -39.73
N GLY JD 110 123.27 -47.39 -39.40
CA GLY JD 110 123.16 -46.61 -38.20
C GLY JD 110 122.18 -47.21 -37.20
N ASN JD 111 122.14 -46.61 -36.01
CA ASN JD 111 121.26 -47.10 -34.96
C ASN JD 111 119.92 -46.38 -34.97
N ALA JD 112 119.27 -46.33 -36.12
CA ALA JD 112 117.94 -45.72 -36.19
C ALA JD 112 116.89 -46.68 -35.66
N GLY JD 113 117.10 -47.98 -35.81
CA GLY JD 113 116.12 -48.95 -35.36
C GLY JD 113 115.94 -48.95 -33.86
N LEU JD 114 117.01 -48.67 -33.12
CA LEU JD 114 116.91 -48.66 -31.66
C LEU JD 114 116.42 -47.31 -31.15
N GLY JD 115 116.20 -46.34 -32.03
CA GLY JD 115 115.63 -45.07 -31.64
C GLY JD 115 116.56 -43.88 -31.68
N PHE JD 116 117.76 -44.03 -32.23
CA PHE JD 116 118.71 -42.92 -32.23
C PHE JD 116 118.76 -42.26 -33.61
N LEU JD 117 118.65 -40.94 -33.61
CA LEU JD 117 118.78 -40.13 -34.83
C LEU JD 117 120.10 -39.37 -34.74
N ASP JD 118 121.09 -39.83 -35.48
CA ASP JD 118 122.42 -39.24 -35.44
C ASP JD 118 122.42 -37.92 -36.20
N PRO JD 119 122.75 -36.79 -35.56
CA PRO JD 119 122.77 -35.51 -36.29
C PRO JD 119 123.97 -35.35 -37.23
N THR JD 120 124.97 -36.22 -37.14
CA THR JD 120 126.16 -36.09 -37.97
C THR JD 120 126.21 -37.09 -39.12
N ALA JD 121 125.08 -37.73 -39.44
CA ALA JD 121 125.05 -38.71 -40.52
C ALA JD 121 125.30 -38.03 -41.86
N ALA JD 122 125.93 -38.77 -42.78
CA ALA JD 122 126.28 -38.25 -44.09
C ALA JD 122 125.10 -38.43 -45.05
N ILE JD 123 124.19 -37.47 -45.02
CA ILE JD 123 123.03 -37.47 -45.90
C ILE JD 123 123.39 -36.70 -47.16
N VAL JD 124 123.00 -37.22 -48.32
CA VAL JD 124 123.33 -36.63 -49.60
C VAL JD 124 122.06 -36.38 -50.39
N SER JD 125 122.12 -35.41 -51.30
CA SER JD 125 121.01 -35.09 -52.17
C SER JD 125 121.17 -35.80 -53.52
N SER JD 126 120.10 -35.76 -54.31
CA SER JD 126 120.11 -36.42 -55.61
C SER JD 126 120.99 -35.70 -56.62
N ASP JD 127 121.16 -34.39 -56.48
CA ASP JD 127 121.98 -33.64 -57.41
C ASP JD 127 123.46 -33.99 -57.23
N THR JD 128 124.20 -33.91 -58.32
CA THR JD 128 125.63 -34.20 -58.33
C THR JD 128 126.43 -32.96 -58.70
N THR JD 129 127.64 -32.89 -58.17
CA THR JD 129 128.52 -31.76 -58.44
C THR JD 129 129.27 -31.96 -59.76
N ALA KD 1 137.25 1.77 -54.55
CA ALA KD 1 136.86 3.11 -54.12
C ALA KD 1 135.38 3.18 -53.80
N ASN KD 2 135.05 3.08 -52.52
CA ASN KD 2 133.66 3.12 -52.08
C ASN KD 2 133.13 4.54 -52.17
N LYS KD 3 131.82 4.66 -52.36
CA LYS KD 3 131.19 5.97 -52.52
C LYS KD 3 130.84 6.56 -51.16
N PRO KD 4 131.34 7.75 -50.82
CA PRO KD 4 130.99 8.36 -49.54
C PRO KD 4 129.50 8.67 -49.46
N MET KD 5 128.96 8.67 -48.24
CA MET KD 5 127.63 9.20 -47.98
C MET KD 5 127.75 10.55 -47.30
N GLN KD 6 126.83 11.45 -47.61
CA GLN KD 6 126.75 12.71 -46.89
C GLN KD 6 125.47 12.74 -46.08
N PRO KD 7 125.47 13.33 -44.88
CA PRO KD 7 124.31 13.18 -44.00
C PRO KD 7 123.08 13.91 -44.53
N ILE KD 8 121.91 13.40 -44.15
CA ILE KD 8 120.66 14.06 -44.46
C ILE KD 8 119.94 14.58 -43.21
N THR KD 9 120.18 13.99 -42.05
CA THR KD 9 119.63 14.47 -40.79
C THR KD 9 120.73 14.42 -39.75
N SER KD 10 120.97 15.56 -39.09
CA SER KD 10 122.02 15.66 -38.09
C SER KD 10 121.42 16.08 -36.76
N THR KD 11 121.69 15.30 -35.73
CA THR KD 11 121.19 15.56 -34.38
C THR KD 11 122.19 14.96 -33.40
N ALA KD 12 122.21 15.52 -32.19
CA ALA KD 12 123.12 15.03 -31.16
C ALA KD 12 122.79 13.59 -30.76
N ASN KD 13 121.57 13.14 -31.05
CA ASN KD 13 121.12 11.82 -30.67
C ASN KD 13 121.05 10.83 -31.83
N LYS KD 14 121.05 11.31 -33.07
CA LYS KD 14 120.95 10.43 -34.23
C LYS KD 14 121.41 11.17 -35.47
N ILE KD 15 122.29 10.54 -36.24
CA ILE KD 15 122.74 11.05 -37.53
C ILE KD 15 122.49 9.98 -38.58
N VAL KD 16 121.87 10.37 -39.69
CA VAL KD 16 121.52 9.45 -40.77
C VAL KD 16 122.28 9.86 -42.01
N TRP KD 17 122.95 8.89 -42.63
CA TRP KD 17 123.68 9.09 -43.88
C TRP KD 17 122.92 8.43 -45.01
N SER KD 18 122.95 9.05 -46.20
CA SER KD 18 122.29 8.50 -47.38
C SER KD 18 123.18 8.70 -48.60
N ASP KD 19 123.16 7.72 -49.50
CA ASP KD 19 123.98 7.77 -50.69
C ASP KD 19 123.39 8.78 -51.66
N PRO KD 20 124.18 9.76 -52.14
CA PRO KD 20 123.61 10.76 -53.06
C PRO KD 20 123.06 10.16 -54.34
N THR KD 21 123.68 9.10 -54.85
CA THR KD 21 123.17 8.42 -56.04
C THR KD 21 121.96 7.54 -55.75
N ARG KD 22 121.88 6.96 -54.55
CA ARG KD 22 120.73 6.15 -54.16
C ARG KD 22 120.34 6.45 -52.72
N LEU KD 23 119.37 7.35 -52.51
CA LEU KD 23 118.97 7.73 -51.17
C LEU KD 23 118.28 6.59 -50.43
N SER KD 24 117.93 5.52 -51.16
CA SER KD 24 117.37 4.34 -50.52
C SER KD 24 118.37 3.62 -49.64
N THR KD 25 119.67 3.83 -49.85
CA THR KD 25 120.69 3.23 -49.01
C THR KD 25 121.00 4.17 -47.85
N THR KD 26 120.76 3.72 -46.62
CA THR KD 26 120.90 4.55 -45.44
C THR KD 26 121.77 3.87 -44.40
N PHE KD 27 122.40 4.69 -43.56
CA PHE KD 27 123.18 4.22 -42.43
C PHE KD 27 122.94 5.19 -41.27
N SER KD 28 122.33 4.69 -40.20
CA SER KD 28 121.92 5.52 -39.08
C SER KD 28 122.59 5.06 -37.80
N ALA KD 29 123.01 6.05 -36.99
CA ALA KD 29 123.63 5.78 -35.70
C ALA KD 29 122.88 6.58 -34.64
N SER KD 30 122.38 5.90 -33.61
CA SER KD 30 121.63 6.52 -32.53
C SER KD 30 122.27 6.14 -31.21
N LEU KD 31 122.45 7.13 -30.34
CA LEU KD 31 123.03 6.92 -29.02
C LEU KD 31 122.00 7.16 -27.94
N LEU KD 32 121.94 6.25 -26.97
CA LEU KD 32 121.09 6.39 -25.80
C LEU KD 32 121.95 6.20 -24.56
N ARG KD 33 121.96 7.20 -23.68
CA ARG KD 33 122.85 7.23 -22.53
C ARG KD 33 122.05 7.29 -21.24
N GLN KD 34 122.37 6.39 -20.32
CA GLN KD 34 121.76 6.36 -18.99
C GLN KD 34 122.85 6.16 -17.95
N ARG KD 35 122.53 6.52 -16.70
CA ARG KD 35 123.42 6.29 -15.57
C ARG KD 35 122.95 5.04 -14.83
N VAL KD 36 123.87 4.11 -14.60
CA VAL KD 36 123.55 2.83 -13.97
C VAL KD 36 124.42 2.69 -12.72
N LYS KD 37 123.80 2.35 -11.60
CA LYS KD 37 124.50 2.20 -10.32
C LYS KD 37 124.86 0.73 -10.14
N VAL KD 38 126.00 0.35 -10.73
CA VAL KD 38 126.45 -1.04 -10.64
C VAL KD 38 127.22 -1.28 -9.35
N GLY KD 39 128.29 -0.53 -9.14
CA GLY KD 39 129.19 -0.75 -8.02
C GLY KD 39 129.20 0.39 -7.05
N ILE KD 40 128.01 0.89 -6.70
CA ILE KD 40 127.75 2.08 -5.87
C ILE KD 40 128.52 3.27 -6.44
N ALA KD 41 128.89 3.17 -7.71
CA ALA KD 41 129.46 4.28 -8.47
C ALA KD 41 128.65 4.43 -9.75
N GLU KD 42 128.24 5.66 -10.05
CA GLU KD 42 127.33 5.92 -11.16
C GLU KD 42 128.10 5.81 -12.49
N LEU KD 43 128.11 4.59 -13.04
CA LEU KD 43 128.71 4.38 -14.34
C LEU KD 43 127.81 4.95 -15.43
N ASN KD 44 128.43 5.50 -16.47
CA ASN KD 44 127.69 6.13 -17.57
C ASN KD 44 127.60 5.15 -18.75
N ASN KD 45 126.48 4.43 -18.78
CA ASN KD 45 126.24 3.46 -19.83
C ASN KD 45 125.88 4.16 -21.14
N VAL KD 46 126.40 3.64 -22.24
CA VAL KD 46 126.11 4.14 -23.59
C VAL KD 46 125.61 2.99 -24.43
N SER KD 47 124.46 3.16 -25.05
CA SER KD 47 123.83 2.14 -25.89
C SER KD 47 123.70 2.70 -27.30
N GLY KD 48 124.65 2.38 -28.16
CA GLY KD 48 124.65 2.84 -29.53
C GLY KD 48 124.03 1.83 -30.46
N GLN KD 49 123.11 2.30 -31.31
CA GLN KD 49 122.41 1.48 -32.28
C GLN KD 49 122.81 1.92 -33.68
N TYR KD 50 123.30 0.98 -34.48
CA TYR KD 50 123.72 1.25 -35.85
C TYR KD 50 122.88 0.39 -36.78
N VAL KD 51 122.27 1.01 -37.78
CA VAL KD 51 121.39 0.33 -38.72
C VAL KD 51 121.83 0.65 -40.13
N SER KD 52 122.10 -0.38 -40.92
CA SER KD 52 122.41 -0.24 -42.34
C SER KD 52 121.31 -0.89 -43.16
N VAL KD 53 120.69 -0.09 -44.04
CA VAL KD 53 119.57 -0.54 -44.84
C VAL KD 53 119.92 -0.38 -46.32
N TYR KD 54 119.76 -1.46 -47.08
CA TYR KD 54 119.97 -1.44 -48.52
C TYR KD 54 118.79 -2.16 -49.18
N LYS KD 55 118.07 -1.43 -50.04
CA LYS KD 55 116.95 -1.99 -50.78
C LYS KD 55 117.50 -2.53 -52.10
N ARG KD 56 117.66 -3.84 -52.17
CA ARG KD 56 118.30 -4.49 -53.31
C ARG KD 56 117.25 -5.19 -54.18
N PRO KD 57 117.20 -4.91 -55.47
CA PRO KD 57 116.20 -5.57 -56.32
C PRO KD 57 116.65 -6.98 -56.69
N ALA KD 58 115.79 -7.95 -56.40
CA ALA KD 58 116.07 -9.36 -56.67
C ALA KD 58 114.90 -10.03 -57.38
N PRO KD 59 114.56 -9.60 -58.60
CA PRO KD 59 113.74 -10.47 -59.45
C PRO KD 59 114.44 -11.76 -59.79
N LYS KD 60 115.78 -11.71 -59.89
CA LYS KD 60 116.67 -12.84 -60.12
C LYS KD 60 116.28 -13.63 -61.36
N PRO KD 61 116.31 -13.03 -62.55
CA PRO KD 61 116.10 -13.81 -63.78
C PRO KD 61 117.36 -14.61 -64.10
N GLU KD 62 117.30 -15.91 -63.86
CA GLU KD 62 118.49 -16.75 -63.95
C GLU KD 62 118.92 -16.93 -65.40
N GLY KD 63 120.06 -16.35 -65.72
CA GLY KD 63 120.68 -16.54 -67.03
C GLY KD 63 120.38 -15.53 -68.12
N CYS KD 64 119.26 -14.82 -68.02
CA CYS KD 64 118.87 -13.94 -69.11
C CYS KD 64 118.48 -12.57 -68.56
N ALA KD 65 118.88 -11.54 -69.29
CA ALA KD 65 118.44 -10.17 -69.06
C ALA KD 65 118.43 -9.44 -70.39
N ASP KD 66 117.29 -8.87 -70.75
CA ASP KD 66 117.15 -8.27 -72.07
C ASP KD 66 116.85 -6.79 -72.04
N ALA KD 67 115.95 -6.36 -71.15
CA ALA KD 67 115.57 -4.95 -71.06
C ALA KD 67 115.23 -4.64 -69.60
N CYS KD 68 115.23 -3.36 -69.26
CA CYS KD 68 114.95 -2.95 -67.89
C CYS KD 68 113.44 -2.90 -67.65
N VAL KD 69 112.97 -3.74 -66.74
CA VAL KD 69 111.59 -3.76 -66.29
C VAL KD 69 111.61 -3.16 -64.90
N ILE KD 70 110.43 -2.82 -64.36
CA ILE KD 70 110.36 -2.38 -62.97
C ILE KD 70 110.95 -3.44 -62.06
N MET KD 71 111.95 -3.04 -61.27
CA MET KD 71 112.56 -3.95 -60.32
C MET KD 71 111.79 -3.91 -58.99
N PRO KD 72 111.19 -5.03 -58.57
CA PRO KD 72 110.66 -5.09 -57.19
C PRO KD 72 111.81 -5.25 -56.20
N ASN KD 73 111.72 -4.56 -55.07
CA ASN KD 73 112.84 -4.47 -54.13
C ASN KD 73 112.55 -5.27 -52.86
N GLU KD 74 113.60 -5.89 -52.33
CA GLU KD 74 113.58 -6.49 -51.00
C GLU KD 74 114.51 -5.70 -50.10
N ASN KD 75 114.25 -5.76 -48.80
CA ASN KD 75 115.01 -4.98 -47.82
C ASN KD 75 116.12 -5.82 -47.19
N GLN KD 76 117.34 -5.32 -47.28
CA GLN KD 76 118.49 -5.93 -46.60
C GLN KD 76 118.89 -5.00 -45.46
N SER KD 77 118.83 -5.51 -44.23
CA SER KD 77 119.09 -4.70 -43.05
C SER KD 77 120.09 -5.40 -42.15
N ILE KD 78 121.02 -4.61 -41.61
CA ILE KD 78 121.96 -5.07 -40.60
C ILE KD 78 121.91 -4.09 -39.44
N ARG KD 79 121.59 -4.59 -38.25
CA ARG KD 79 121.36 -3.75 -37.08
C ARG KD 79 122.27 -4.23 -35.94
N THR KD 80 123.04 -3.31 -35.38
CA THR KD 80 123.98 -3.62 -34.31
C THR KD 80 123.73 -2.69 -33.13
N VAL KD 81 123.70 -3.28 -31.93
CA VAL KD 81 123.52 -2.53 -30.69
C VAL KD 81 124.68 -2.86 -29.76
N ILE KD 82 125.40 -1.84 -29.33
CA ILE KD 82 126.54 -1.98 -28.44
C ILE KD 82 126.22 -1.26 -27.13
N SER KD 83 126.25 -1.99 -26.02
CA SER KD 83 125.92 -1.45 -24.72
C SER KD 83 127.07 -1.73 -23.77
N GLY KD 84 127.48 -0.72 -23.00
CA GLY KD 84 128.56 -0.88 -22.05
C GLY KD 84 128.95 0.42 -21.38
N SER KD 85 129.64 0.32 -20.24
CA SER KD 85 130.09 1.51 -19.53
C SER KD 85 131.18 2.22 -20.32
N ALA KD 86 131.17 3.55 -20.25
CA ALA KD 86 132.18 4.34 -20.95
C ALA KD 86 133.56 4.16 -20.35
N GLU KD 87 133.62 3.73 -19.08
CA GLU KD 87 134.91 3.58 -18.41
C GLU KD 87 135.63 2.32 -18.82
N ASN KD 88 134.96 1.43 -19.55
CA ASN KD 88 135.54 0.18 -20.03
C ASN KD 88 135.55 0.15 -21.56
N LEU KD 89 135.94 1.27 -22.17
CA LEU KD 89 135.85 1.38 -23.63
C LEU KD 89 136.84 0.47 -24.33
N ALA KD 90 138.04 0.30 -23.78
CA ALA KD 90 139.02 -0.57 -24.40
C ALA KD 90 138.54 -2.02 -24.43
N THR KD 91 138.01 -2.49 -23.31
CA THR KD 91 137.46 -3.83 -23.25
C THR KD 91 136.22 -3.98 -24.12
N LEU KD 92 135.41 -2.92 -24.25
CA LEU KD 92 134.27 -2.97 -25.15
C LEU KD 92 134.73 -3.09 -26.60
N LYS KD 93 135.81 -2.41 -26.96
CA LYS KD 93 136.36 -2.53 -28.30
C LYS KD 93 136.91 -3.94 -28.55
N ALA KD 94 137.55 -4.53 -27.54
CA ALA KD 94 138.00 -5.90 -27.65
C ALA KD 94 136.82 -6.86 -27.84
N GLU KD 95 135.74 -6.62 -27.10
CA GLU KD 95 134.52 -7.40 -27.28
C GLU KD 95 133.97 -7.24 -28.69
N TRP KD 96 134.03 -6.03 -29.24
CA TRP KD 96 133.57 -5.79 -30.60
C TRP KD 96 134.40 -6.58 -31.60
N GLU KD 97 135.72 -6.60 -31.41
CA GLU KD 97 136.57 -7.38 -32.30
C GLU KD 97 136.25 -8.87 -32.22
N THR KD 98 136.07 -9.39 -31.00
CA THR KD 98 135.73 -10.80 -30.86
C THR KD 98 134.38 -11.12 -31.48
N HIS KD 99 133.40 -10.23 -31.30
CA HIS KD 99 132.08 -10.41 -31.89
C HIS KD 99 132.17 -10.43 -33.41
N LYS KD 100 132.98 -9.52 -33.98
CA LYS KD 100 133.18 -9.51 -35.42
C LYS KD 100 133.77 -10.82 -35.90
N ARG KD 101 134.78 -11.33 -35.18
CA ARG KD 101 135.41 -12.59 -35.57
C ARG KD 101 134.42 -13.75 -35.51
N ASN KD 102 133.61 -13.81 -34.46
CA ASN KD 102 132.65 -14.90 -34.32
C ASN KD 102 131.57 -14.83 -35.40
N VAL KD 103 131.03 -13.64 -35.65
CA VAL KD 103 130.03 -13.51 -36.70
C VAL KD 103 130.63 -13.85 -38.05
N ASP KD 104 131.91 -13.51 -38.26
CA ASP KD 104 132.58 -13.88 -39.51
C ASP KD 104 132.66 -15.39 -39.66
N THR KD 105 133.14 -16.08 -38.62
CA THR KD 105 133.33 -17.53 -38.75
C THR KD 105 131.99 -18.26 -38.87
N LEU KD 106 130.90 -17.65 -38.39
CA LEU KD 106 129.60 -18.26 -38.61
C LEU KD 106 128.99 -17.93 -39.97
N PHE KD 107 129.15 -16.70 -40.44
CA PHE KD 107 128.39 -16.18 -41.57
C PHE KD 107 129.23 -16.07 -42.84
N ALA KD 108 130.35 -15.33 -42.76
CA ALA KD 108 131.14 -15.08 -43.95
C ALA KD 108 131.79 -16.36 -44.48
N SER KD 109 132.34 -17.17 -43.57
CA SER KD 109 132.96 -18.42 -43.96
C SER KD 109 132.07 -19.63 -43.72
N GLY KD 110 130.89 -19.46 -43.14
CA GLY KD 110 129.97 -20.54 -42.89
C GLY KD 110 128.77 -20.50 -43.82
N ASN KD 111 127.71 -21.17 -43.38
CA ASN KD 111 126.45 -21.25 -44.13
C ASN KD 111 125.28 -20.69 -43.32
N ALA KD 112 125.55 -19.78 -42.38
CA ALA KD 112 124.49 -19.25 -41.53
C ALA KD 112 123.52 -18.39 -42.32
N GLY KD 113 123.97 -17.75 -43.39
CA GLY KD 113 123.07 -16.91 -44.16
C GLY KD 113 121.98 -17.71 -44.87
N LEU KD 114 122.24 -18.99 -45.12
CA LEU KD 114 121.27 -19.84 -45.80
C LEU KD 114 120.35 -20.51 -44.78
N GLY KD 115 120.54 -20.21 -43.51
CA GLY KD 115 119.72 -20.82 -42.48
C GLY KD 115 120.30 -22.10 -41.91
N PHE KD 116 121.56 -22.08 -41.48
CA PHE KD 116 122.23 -23.25 -40.95
C PHE KD 116 123.04 -22.87 -39.72
N LEU KD 117 123.16 -23.82 -38.80
CA LEU KD 117 124.02 -23.69 -37.64
C LEU KD 117 125.06 -24.80 -37.69
N ASP KD 118 126.32 -24.45 -37.45
CA ASP KD 118 127.39 -25.42 -37.47
C ASP KD 118 127.90 -25.59 -36.04
N PRO KD 119 127.54 -26.66 -35.34
CA PRO KD 119 127.93 -26.80 -33.93
C PRO KD 119 129.44 -26.92 -33.70
N THR KD 120 130.21 -27.32 -34.72
CA THR KD 120 131.64 -27.49 -34.55
C THR KD 120 132.45 -26.26 -34.94
N ALA KD 121 131.79 -25.15 -35.24
CA ALA KD 121 132.50 -23.94 -35.61
C ALA KD 121 133.35 -23.43 -34.45
N ALA KD 122 134.49 -22.81 -34.78
CA ALA KD 122 135.46 -22.37 -33.77
C ALA KD 122 135.07 -20.99 -33.28
N ILE KD 123 134.31 -20.96 -32.19
CA ILE KD 123 133.92 -19.74 -31.51
C ILE KD 123 134.89 -19.48 -30.37
N VAL KD 124 135.40 -18.25 -30.30
CA VAL KD 124 136.42 -17.90 -29.32
C VAL KD 124 135.96 -16.71 -28.50
N SER KD 125 136.51 -16.59 -27.29
CA SER KD 125 136.21 -15.49 -26.40
C SER KD 125 137.23 -14.37 -26.56
N SER KD 126 136.94 -13.24 -25.89
CA SER KD 126 137.87 -12.12 -25.92
C SER KD 126 139.09 -12.35 -25.05
N ASP KD 127 138.98 -13.18 -24.02
CA ASP KD 127 140.11 -13.45 -23.14
C ASP KD 127 141.19 -14.23 -23.86
N THR KD 128 142.43 -14.00 -23.45
CA THR KD 128 143.59 -14.66 -24.03
C THR KD 128 144.21 -15.64 -23.04
N THR KD 129 145.01 -16.54 -23.57
CA THR KD 129 145.67 -17.55 -22.74
C THR KD 129 147.08 -17.09 -22.34
N ALA LD 1 146.95 23.92 -17.80
CA ALA LD 1 146.39 23.14 -18.91
C ALA LD 1 145.21 22.30 -18.43
N ASN LD 2 144.08 22.95 -18.20
CA ASN LD 2 142.89 22.24 -17.76
C ASN LD 2 142.30 21.41 -18.88
N LYS LD 3 141.62 20.32 -18.50
CA LYS LD 3 141.11 19.37 -19.49
C LYS LD 3 139.95 19.98 -20.26
N PRO LD 4 140.00 19.99 -21.60
CA PRO LD 4 138.91 20.60 -22.38
C PRO LD 4 137.68 19.70 -22.45
N MET LD 5 136.55 20.32 -22.76
CA MET LD 5 135.28 19.62 -22.89
C MET LD 5 134.79 19.69 -24.33
N GLN LD 6 133.89 18.76 -24.68
CA GLN LD 6 133.21 18.70 -25.96
C GLN LD 6 131.70 18.60 -25.76
N PRO LD 7 130.90 19.14 -26.66
CA PRO LD 7 129.44 19.05 -26.51
C PRO LD 7 128.95 17.63 -26.71
N ILE LD 8 127.98 17.23 -25.90
CA ILE LD 8 127.40 15.89 -25.95
C ILE LD 8 125.98 15.93 -26.48
N THR LD 9 125.15 16.85 -25.98
CA THR LD 9 123.82 17.08 -26.50
C THR LD 9 123.68 18.54 -26.92
N SER LD 10 123.24 18.75 -28.16
CA SER LD 10 123.26 20.08 -28.74
C SER LD 10 121.87 20.50 -29.16
N THR LD 11 121.44 21.65 -28.66
CA THR LD 11 120.22 22.31 -29.10
C THR LD 11 120.45 23.81 -29.00
N ALA LD 12 119.82 24.56 -29.92
CA ALA LD 12 119.99 26.01 -29.89
C ALA LD 12 119.44 26.62 -28.61
N ASN LD 13 118.41 26.00 -28.04
CA ASN LD 13 117.90 26.45 -26.75
C ASN LD 13 118.89 26.17 -25.62
N LYS LD 14 119.51 24.99 -25.60
CA LYS LD 14 120.48 24.66 -24.57
C LYS LD 14 121.51 23.69 -25.11
N ILE LD 15 122.77 23.88 -24.71
CA ILE LD 15 123.88 23.00 -25.06
C ILE LD 15 124.56 22.57 -23.76
N VAL LD 16 124.82 21.27 -23.65
CA VAL LD 16 125.47 20.70 -22.47
C VAL LD 16 126.83 20.16 -22.90
N TRP LD 17 127.85 20.48 -22.12
CA TRP LD 17 129.21 20.01 -22.37
C TRP LD 17 129.55 18.89 -21.40
N SER LD 18 130.61 18.15 -21.73
CA SER LD 18 131.03 17.03 -20.89
C SER LD 18 132.51 16.75 -21.11
N ASP LD 19 133.15 16.19 -20.10
CA ASP LD 19 134.54 15.80 -20.19
C ASP LD 19 134.63 14.36 -20.66
N PRO LD 20 135.31 14.08 -21.77
CA PRO LD 20 135.42 12.67 -22.23
C PRO LD 20 136.00 11.73 -21.19
N THR LD 21 136.94 12.19 -20.36
CA THR LD 21 137.54 11.34 -19.35
C THR LD 21 136.66 11.16 -18.12
N ARG LD 22 135.81 12.13 -17.80
CA ARG LD 22 134.91 12.03 -16.66
C ARG LD 22 133.55 12.57 -17.11
N LEU LD 23 132.65 11.65 -17.48
CA LEU LD 23 131.36 12.07 -18.02
C LEU LD 23 130.45 12.71 -16.99
N SER LD 24 130.81 12.60 -15.70
CA SER LD 24 129.98 13.20 -14.66
C SER LD 24 130.13 14.71 -14.57
N THR LD 25 131.18 15.28 -15.18
CA THR LD 25 131.40 16.72 -15.18
C THR LD 25 130.69 17.33 -16.37
N THR LD 26 129.71 18.18 -16.11
CA THR LD 26 128.89 18.78 -17.17
C THR LD 26 128.80 20.28 -16.96
N PHE LD 27 128.67 21.00 -18.07
CA PHE LD 27 128.41 22.43 -18.08
C PHE LD 27 127.31 22.72 -19.08
N SER LD 28 126.20 23.28 -18.62
CA SER LD 28 125.04 23.53 -19.45
C SER LD 28 124.78 25.02 -19.58
N ALA LD 29 124.50 25.46 -20.80
CA ALA LD 29 124.14 26.84 -21.08
C ALA LD 29 122.81 26.86 -21.81
N SER LD 30 121.83 27.55 -21.23
CA SER LD 30 120.49 27.63 -21.78
C SER LD 30 120.08 29.09 -21.88
N LEU LD 31 119.58 29.48 -23.06
CA LEU LD 31 119.15 30.84 -23.32
C LEU LD 31 117.66 30.85 -23.64
N LEU LD 32 116.92 31.73 -22.96
CA LEU LD 32 115.50 31.93 -23.22
C LEU LD 32 115.29 33.38 -23.60
N ARG LD 33 114.67 33.61 -24.76
CA ARG LD 33 114.48 34.95 -25.29
C ARG LD 33 113.00 35.26 -25.40
N GLN LD 34 112.60 36.44 -24.91
CA GLN LD 34 111.22 36.90 -24.95
C GLN LD 34 111.21 38.40 -25.21
N ARG LD 35 110.20 38.86 -25.94
CA ARG LD 35 110.08 40.28 -26.29
C ARG LD 35 109.27 40.97 -25.20
N VAL LD 36 109.93 41.28 -24.09
CA VAL LD 36 109.29 42.00 -23.00
C VAL LD 36 109.51 43.49 -23.23
N LYS LD 37 108.51 44.16 -23.79
CA LYS LD 37 108.67 45.56 -24.15
C LYS LD 37 108.11 46.47 -23.07
N VAL LD 38 108.91 47.46 -22.68
CA VAL LD 38 108.48 48.51 -21.77
C VAL LD 38 107.69 49.54 -22.56
N GLY LD 39 107.05 50.48 -21.87
CA GLY LD 39 106.22 51.48 -22.51
C GLY LD 39 106.92 52.25 -23.61
N ILE LD 40 106.25 52.40 -24.75
CA ILE LD 40 106.70 53.13 -25.94
C ILE LD 40 108.14 52.77 -26.32
N ALA LD 41 108.54 51.53 -26.05
CA ALA LD 41 109.88 51.07 -26.41
C ALA LD 41 109.81 49.58 -26.71
N GLU LD 42 110.80 49.11 -27.45
CA GLU LD 42 110.94 47.70 -27.82
C GLU LD 42 112.23 47.16 -27.23
N LEU LD 43 112.13 46.04 -26.52
CA LEU LD 43 113.29 45.45 -25.86
C LEU LD 43 113.27 43.94 -26.05
N ASN LD 44 114.41 43.38 -26.41
CA ASN LD 44 114.59 41.94 -26.53
C ASN LD 44 115.32 41.43 -25.29
N ASN LD 45 114.65 40.60 -24.50
CA ASN LD 45 115.18 40.10 -23.25
C ASN LD 45 115.79 38.72 -23.46
N VAL LD 46 117.00 38.53 -22.94
CA VAL LD 46 117.72 37.26 -23.07
C VAL LD 46 118.06 36.80 -21.66
N SER LD 47 117.41 35.73 -21.21
CA SER LD 47 117.68 35.14 -19.91
C SER LD 47 118.65 33.98 -20.10
N GLY LD 48 119.80 34.05 -19.44
CA GLY LD 48 120.81 33.03 -19.59
C GLY LD 48 121.08 32.23 -18.33
N GLN LD 49 120.88 30.92 -18.40
CA GLN LD 49 121.11 30.02 -17.28
C GLN LD 49 122.33 29.15 -17.57
N TYR LD 50 123.31 29.18 -16.68
CA TYR LD 50 124.54 28.42 -16.82
C TYR LD 50 124.74 27.57 -15.58
N VAL LD 51 124.83 26.25 -15.77
CA VAL LD 51 124.93 25.29 -14.68
C VAL LD 51 126.18 24.46 -14.88
N SER LD 52 127.02 24.38 -13.84
CA SER LD 52 128.19 23.52 -13.83
C SER LD 52 128.05 22.50 -12.70
N VAL LD 53 128.23 21.23 -13.04
CA VAL LD 53 128.02 20.13 -12.10
C VAL LD 53 129.29 19.30 -12.05
N TYR LD 54 129.77 19.03 -10.84
CA TYR LD 54 130.91 18.15 -10.61
C TYR LD 54 130.59 17.24 -9.44
N LYS LD 55 130.88 15.95 -9.60
CA LYS LD 55 130.66 14.96 -8.55
C LYS LD 55 132.00 14.64 -7.91
N ARG LD 56 132.19 15.14 -6.69
CA ARG LD 56 133.46 15.06 -6.00
C ARG LD 56 133.41 13.98 -4.92
N PRO LD 57 134.43 13.13 -4.82
CA PRO LD 57 134.45 12.14 -3.75
C PRO LD 57 134.52 12.79 -2.38
N ALA LD 58 133.92 12.12 -1.40
CA ALA LD 58 133.95 12.61 -0.03
C ALA LD 58 135.39 12.61 0.47
N PRO LD 59 135.76 13.59 1.31
CA PRO LD 59 137.15 13.69 1.76
C PRO LD 59 137.62 12.49 2.55
N LYS LD 60 138.85 12.06 2.30
CA LYS LD 60 139.46 10.94 3.01
C LYS LD 60 139.87 11.38 4.41
N PRO LD 61 139.92 10.46 5.38
CA PRO LD 61 140.40 10.83 6.72
C PRO LD 61 141.82 11.37 6.69
N GLU LD 62 142.10 12.38 7.52
CA GLU LD 62 143.38 13.07 7.45
C GLU LD 62 144.54 12.13 7.78
N GLY LD 63 144.38 11.28 8.80
CA GLY LD 63 145.43 10.36 9.15
C GLY LD 63 145.32 9.03 8.42
N CYS LD 64 145.32 9.08 7.09
CA CYS LD 64 145.17 7.89 6.27
C CYS LD 64 146.24 7.85 5.20
N ALA LD 65 146.82 6.68 4.98
CA ALA LD 65 147.78 6.46 3.91
C ALA LD 65 147.44 5.25 3.05
N ASP LD 66 146.21 4.76 3.10
CA ASP LD 66 145.84 3.57 2.34
C ASP LD 66 145.87 3.86 0.85
N ALA LD 67 146.21 2.84 0.07
CA ALA LD 67 146.37 2.97 -1.37
C ALA LD 67 145.06 3.38 -2.04
N CYS LD 68 144.03 2.56 -1.94
CA CYS LD 68 142.77 2.80 -2.62
C CYS LD 68 141.59 2.49 -1.71
N VAL LD 69 140.95 3.54 -1.21
CA VAL LD 69 139.67 3.45 -0.52
C VAL LD 69 138.77 4.55 -1.08
N ILE LD 70 137.70 4.16 -1.75
CA ILE LD 70 136.88 5.10 -2.52
C ILE LD 70 135.61 5.39 -1.73
N MET LD 71 135.27 6.67 -1.63
CA MET LD 71 134.07 7.14 -0.94
C MET LD 71 133.05 7.60 -1.97
N PRO LD 72 131.76 7.51 -1.67
CA PRO LD 72 130.74 7.93 -2.64
C PRO LD 72 130.81 9.42 -2.92
N ASN LD 73 130.41 9.77 -4.14
CA ASN LD 73 130.53 11.14 -4.62
C ASN LD 73 129.42 12.01 -4.06
N GLU LD 74 129.73 13.30 -3.91
CA GLU LD 74 128.78 14.31 -3.47
C GLU LD 74 128.51 15.25 -4.64
N ASN LD 75 127.36 15.92 -4.61
CA ASN LD 75 126.97 16.78 -5.73
C ASN LD 75 127.43 18.21 -5.46
N GLN LD 76 128.22 18.75 -6.38
CA GLN LD 76 128.66 20.14 -6.35
C GLN LD 76 128.05 20.84 -7.55
N SER LD 77 127.20 21.84 -7.30
CA SER LD 77 126.49 22.54 -8.34
C SER LD 77 126.68 24.04 -8.19
N ILE LD 78 126.97 24.70 -9.30
CA ILE LD 78 127.05 26.16 -9.37
C ILE LD 78 126.19 26.62 -10.54
N ARG LD 79 125.21 27.46 -10.25
CA ARG LD 79 124.23 27.90 -11.24
C ARG LD 79 124.11 29.41 -11.22
N THR LD 80 124.27 30.03 -12.40
CA THR LD 80 124.15 31.46 -12.55
C THR LD 80 123.08 31.78 -13.59
N VAL LD 81 122.24 32.77 -13.28
CA VAL LD 81 121.17 33.21 -14.17
C VAL LD 81 121.38 34.69 -14.44
N ILE LD 82 121.44 35.07 -15.72
CA ILE LD 82 121.63 36.45 -16.13
C ILE LD 82 120.43 36.86 -16.98
N SER LD 83 119.74 37.92 -16.57
CA SER LD 83 118.56 38.41 -17.27
C SER LD 83 118.77 39.89 -17.59
N GLY LD 84 118.52 40.25 -18.85
CA GLY LD 84 118.67 41.63 -19.26
C GLY LD 84 118.39 41.84 -20.74
N SER LD 85 118.14 43.08 -21.13
CA SER LD 85 117.88 43.40 -22.52
C SER LD 85 119.15 43.32 -23.34
N ALA LD 86 119.01 43.00 -24.63
CA ALA LD 86 120.16 42.91 -25.51
C ALA LD 86 120.80 44.28 -25.75
N GLU LD 87 119.99 45.34 -25.62
CA GLU LD 87 120.50 46.68 -25.89
C GLU LD 87 121.54 47.11 -24.85
N ASN LD 88 121.41 46.62 -23.62
CA ASN LD 88 122.26 47.02 -22.51
C ASN LD 88 123.36 45.99 -22.22
N LEU LD 89 123.92 45.38 -23.27
CA LEU LD 89 124.85 44.27 -23.07
C LEU LD 89 126.13 44.73 -22.37
N ALA LD 90 126.67 45.89 -22.75
CA ALA LD 90 127.93 46.35 -22.17
C ALA LD 90 127.79 46.60 -20.67
N THR LD 91 126.70 47.28 -20.28
CA THR LD 91 126.50 47.54 -18.86
C THR LD 91 126.10 46.28 -18.11
N LEU LD 92 125.44 45.33 -18.77
CA LEU LD 92 125.20 44.04 -18.14
C LEU LD 92 126.52 43.32 -17.87
N LYS LD 93 127.48 43.43 -18.79
CA LYS LD 93 128.80 42.87 -18.56
C LYS LD 93 129.50 43.55 -17.40
N ALA LD 94 129.36 44.88 -17.30
CA ALA LD 94 129.93 45.59 -16.15
C ALA LD 94 129.29 45.11 -14.85
N GLU LD 95 127.97 44.93 -14.85
CA GLU LD 95 127.28 44.38 -13.68
C GLU LD 95 127.79 42.99 -13.35
N TRP LD 96 128.07 42.19 -14.38
CA TRP LD 96 128.59 40.84 -14.17
C TRP LD 96 129.96 40.87 -13.53
N GLU LD 97 130.82 41.80 -13.95
CA GLU LD 97 132.12 41.95 -13.32
C GLU LD 97 131.98 42.37 -11.86
N THR LD 98 131.08 43.31 -11.58
CA THR LD 98 130.85 43.73 -10.20
C THR LD 98 130.32 42.56 -9.35
N HIS LD 99 129.43 41.76 -9.95
CA HIS LD 99 128.92 40.57 -9.26
C HIS LD 99 130.05 39.60 -8.95
N LYS LD 100 130.97 39.40 -9.92
CA LYS LD 100 132.17 38.62 -9.64
C LYS LD 100 132.89 39.13 -8.41
N ARG LD 101 133.18 40.43 -8.38
CA ARG LD 101 133.99 40.97 -7.29
C ARG LD 101 133.28 40.79 -5.95
N ASN LD 102 131.97 41.05 -5.92
CA ASN LD 102 131.22 40.92 -4.67
C ASN LD 102 131.17 39.47 -4.19
N VAL LD 103 130.85 38.54 -5.08
CA VAL LD 103 130.73 37.14 -4.68
C VAL LD 103 132.10 36.60 -4.28
N ASP LD 104 133.16 37.05 -4.95
CA ASP LD 104 134.50 36.65 -4.55
C ASP LD 104 134.83 37.16 -3.15
N THR LD 105 134.46 38.41 -2.85
CA THR LD 105 134.70 38.95 -1.52
C THR LD 105 133.97 38.15 -0.46
N LEU LD 106 132.73 37.76 -0.74
CA LEU LD 106 131.96 37.00 0.26
C LEU LD 106 132.42 35.55 0.38
N PHE LD 107 132.82 34.92 -0.72
CA PHE LD 107 133.01 33.48 -0.78
C PHE LD 107 134.48 33.07 -0.81
N ALA LD 108 135.23 33.58 -1.79
CA ALA LD 108 136.61 33.14 -1.97
C ALA LD 108 137.49 33.59 -0.81
N SER LD 109 137.35 34.84 -0.38
CA SER LD 109 138.14 35.37 0.71
C SER LD 109 137.40 35.39 2.05
N GLY LD 110 136.16 34.89 2.08
CA GLY LD 110 135.37 34.89 3.29
C GLY LD 110 135.06 33.49 3.78
N ASN LD 111 133.99 33.38 4.56
CA ASN LD 111 133.55 32.12 5.14
C ASN LD 111 132.13 31.75 4.73
N ALA LD 112 131.63 32.34 3.64
CA ALA LD 112 130.30 32.00 3.15
C ALA LD 112 130.22 30.54 2.74
N GLY LD 113 131.33 29.96 2.28
CA GLY LD 113 131.36 28.55 1.96
C GLY LD 113 131.14 27.65 3.15
N LEU LD 114 131.71 27.99 4.31
CA LEU LD 114 131.48 27.26 5.54
C LEU LD 114 130.17 27.64 6.22
N GLY LD 115 129.57 28.76 5.84
CA GLY LD 115 128.27 29.11 6.36
C GLY LD 115 128.22 30.31 7.27
N PHE LD 116 129.16 31.24 7.16
CA PHE LD 116 129.20 32.43 7.98
C PHE LD 116 129.09 33.66 7.10
N LEU LD 117 128.20 34.58 7.47
CA LEU LD 117 128.03 35.85 6.78
C LEU LD 117 128.68 36.96 7.57
N ASP LD 118 129.48 37.78 6.89
CA ASP LD 118 130.16 38.90 7.52
C ASP LD 118 129.47 40.18 7.10
N PRO LD 119 128.77 40.89 8.01
CA PRO LD 119 128.14 42.16 7.62
C PRO LD 119 129.12 43.28 7.38
N THR LD 120 130.41 43.08 7.63
CA THR LD 120 131.44 44.09 7.42
C THR LD 120 132.17 43.91 6.09
N ALA LD 121 131.69 43.03 5.23
CA ALA LD 121 132.36 42.78 3.96
C ALA LD 121 132.32 44.02 3.07
N ALA LD 122 133.36 44.19 2.27
CA ALA LD 122 133.51 45.35 1.39
C ALA LD 122 132.78 45.06 0.07
N ILE LD 123 131.49 45.32 0.05
CA ILE LD 123 130.68 45.17 -1.15
C ILE LD 123 130.62 46.51 -1.87
N VAL LD 124 130.80 46.49 -3.19
CA VAL LD 124 130.88 47.70 -4.00
C VAL LD 124 129.90 47.61 -5.16
N SER LD 125 129.57 48.77 -5.71
CA SER LD 125 128.64 48.85 -6.83
C SER LD 125 129.41 49.01 -8.14
N SER LD 126 128.69 48.83 -9.25
CA SER LD 126 129.30 48.95 -10.57
C SER LD 126 129.66 50.39 -10.91
N ASP LD 127 128.87 51.36 -10.45
CA ASP LD 127 129.13 52.75 -10.76
C ASP LD 127 130.43 53.22 -10.11
N THR LD 128 131.11 54.13 -10.79
CA THR LD 128 132.38 54.67 -10.33
C THR LD 128 132.19 56.10 -9.83
N THR LD 129 133.10 56.51 -8.94
CA THR LD 129 133.04 57.85 -8.36
C THR LD 129 133.60 58.88 -9.33
N ALA MD 1 131.74 43.91 -47.45
CA ALA MD 1 131.72 42.86 -46.43
C ALA MD 1 130.40 42.85 -45.69
N ASN MD 2 129.50 41.94 -46.09
CA ASN MD 2 128.20 41.84 -45.45
C ASN MD 2 128.33 41.25 -44.06
N LYS MD 3 127.44 41.65 -43.17
CA LYS MD 3 127.49 41.21 -41.78
C LYS MD 3 127.15 39.73 -41.69
N PRO MD 4 128.01 38.90 -41.09
CA PRO MD 4 127.67 37.49 -40.91
C PRO MD 4 126.55 37.32 -39.89
N MET MD 5 125.86 36.20 -39.99
CA MET MD 5 124.72 35.88 -39.13
C MET MD 5 124.96 34.54 -38.45
N GLN MD 6 124.38 34.39 -37.25
CA GLN MD 6 124.52 33.19 -36.44
C GLN MD 6 123.16 32.55 -36.19
N PRO MD 7 123.11 31.23 -35.97
CA PRO MD 7 121.82 30.57 -35.80
C PRO MD 7 121.22 30.74 -34.40
N ILE MD 8 119.96 31.19 -34.34
CA ILE MD 8 119.27 31.28 -33.06
C ILE MD 8 118.48 30.02 -32.74
N THR MD 9 117.96 29.32 -33.75
CA THR MD 9 117.19 28.11 -33.56
C THR MD 9 117.69 27.06 -34.53
N SER MD 10 118.20 25.95 -34.00
CA SER MD 10 118.77 24.88 -34.81
C SER MD 10 117.97 23.60 -34.59
N THR MD 11 117.47 23.03 -35.69
CA THR MD 11 116.69 21.81 -35.65
C THR MD 11 116.98 21.04 -36.93
N ALA MD 12 116.80 19.71 -36.87
CA ALA MD 12 117.06 18.88 -38.04
C ALA MD 12 116.16 19.25 -39.21
N ASN MD 13 115.04 19.93 -38.94
CA ASN MD 13 114.12 20.33 -39.99
C ASN MD 13 114.03 21.83 -40.22
N LYS MD 14 114.68 22.65 -39.39
CA LYS MD 14 114.58 24.10 -39.52
C LYS MD 14 115.74 24.76 -38.79
N ILE MD 15 116.41 25.68 -39.46
CA ILE MD 15 117.47 26.49 -38.87
C ILE MD 15 117.16 27.96 -39.12
N VAL MD 16 117.25 28.78 -38.08
CA VAL MD 16 116.92 30.20 -38.15
C VAL MD 16 118.17 30.99 -37.78
N TRP MD 17 118.55 31.92 -38.65
CA TRP MD 17 119.70 32.79 -38.42
C TRP MD 17 119.25 34.17 -37.96
N SER MD 18 120.18 34.94 -37.39
CA SER MD 18 119.90 36.29 -36.93
C SER MD 18 121.18 37.10 -36.92
N ASP MD 19 121.05 38.40 -37.18
CA ASP MD 19 122.21 39.27 -37.13
C ASP MD 19 122.45 39.75 -35.71
N PRO MD 20 123.68 39.61 -35.18
CA PRO MD 20 123.95 40.09 -33.83
C PRO MD 20 123.69 41.58 -33.63
N THR MD 21 123.96 42.39 -34.66
CA THR MD 21 123.72 43.83 -34.53
C THR MD 21 122.23 44.14 -34.51
N ARG MD 22 121.47 43.57 -35.42
CA ARG MD 22 120.02 43.76 -35.48
C ARG MD 22 119.34 42.41 -35.39
N LEU MD 23 118.67 42.16 -34.25
CA LEU MD 23 118.05 40.86 -34.05
C LEU MD 23 116.76 40.72 -34.84
N SER MD 24 116.27 41.83 -35.39
CA SER MD 24 114.99 41.84 -36.09
C SER MD 24 115.06 41.08 -37.41
N THR MD 25 116.20 41.16 -38.09
CA THR MD 25 116.34 40.52 -39.40
C THR MD 25 116.74 39.05 -39.21
N THR MD 26 115.98 38.15 -39.83
CA THR MD 26 116.22 36.71 -39.71
C THR MD 26 116.10 36.05 -41.07
N PHE MD 27 116.77 34.91 -41.20
CA PHE MD 27 116.70 34.08 -42.40
C PHE MD 27 116.61 32.63 -41.98
N SER MD 28 115.47 31.99 -42.25
CA SER MD 28 115.22 30.64 -41.79
C SER MD 28 114.93 29.73 -42.98
N ALA MD 29 115.47 28.51 -42.91
CA ALA MD 29 115.32 27.50 -43.96
C ALA MD 29 114.68 26.26 -43.35
N SER MD 30 113.68 25.72 -44.04
CA SER MD 30 112.98 24.53 -43.59
C SER MD 30 112.91 23.54 -44.74
N LEU MD 31 113.21 22.27 -44.46
CA LEU MD 31 113.18 21.22 -45.46
C LEU MD 31 112.17 20.15 -45.07
N LEU MD 32 111.33 19.76 -46.02
CA LEU MD 32 110.35 18.70 -45.83
C LEU MD 32 110.67 17.57 -46.80
N ARG MD 33 110.84 16.36 -46.28
CA ARG MD 33 111.28 15.22 -47.06
C ARG MD 33 110.19 14.16 -47.08
N GLN MD 34 109.70 13.84 -48.27
CA GLN MD 34 108.68 12.81 -48.46
C GLN MD 34 109.06 11.93 -49.63
N ARG MD 35 108.57 10.70 -49.61
CA ARG MD 35 108.71 9.80 -50.75
C ARG MD 35 107.49 9.94 -51.65
N VAL MD 36 107.73 10.08 -52.94
CA VAL MD 36 106.67 10.27 -53.92
C VAL MD 36 106.51 8.99 -54.74
N LYS MD 37 105.28 8.49 -54.79
CA LYS MD 37 104.96 7.29 -55.54
C LYS MD 37 104.65 7.67 -56.98
N VAL MD 38 105.53 7.25 -57.89
CA VAL MD 38 105.36 7.47 -59.32
C VAL MD 38 105.38 6.10 -59.99
N GLY MD 39 104.65 5.99 -61.11
CA GLY MD 39 104.56 4.74 -61.82
C GLY MD 39 105.91 4.09 -62.07
N ILE MD 40 106.03 2.82 -61.67
CA ILE MD 40 107.25 2.01 -61.77
C ILE MD 40 108.48 2.80 -61.33
N ALA MD 41 108.32 3.64 -60.31
CA ALA MD 41 109.43 4.46 -59.82
C ALA MD 41 109.24 4.73 -58.34
N GLU MD 42 110.35 4.78 -57.61
CA GLU MD 42 110.34 5.08 -56.18
C GLU MD 42 111.39 6.16 -55.93
N LEU MD 43 111.00 7.42 -56.08
CA LEU MD 43 111.89 8.55 -55.91
C LEU MD 43 111.29 9.52 -54.89
N ASN MD 44 112.17 10.17 -54.14
CA ASN MD 44 111.78 10.95 -52.97
C ASN MD 44 111.98 12.45 -53.22
N ASN MD 45 110.99 13.24 -52.83
CA ASN MD 45 111.02 14.68 -53.05
C ASN MD 45 111.58 15.40 -51.84
N VAL MD 46 112.21 16.54 -52.08
CA VAL MD 46 112.70 17.42 -51.03
C VAL MD 46 112.14 18.81 -51.31
N SER MD 47 111.39 19.35 -50.36
CA SER MD 47 110.80 20.68 -50.48
C SER MD 47 111.47 21.61 -49.49
N GLY MD 48 111.99 22.74 -49.99
CA GLY MD 48 112.68 23.67 -49.14
C GLY MD 48 112.07 25.06 -49.14
N GLN MD 49 111.83 25.60 -47.96
CA GLN MD 49 111.23 26.92 -47.79
C GLN MD 49 112.26 27.86 -47.17
N TYR MD 50 112.56 28.96 -47.87
CA TYR MD 50 113.51 29.96 -47.42
C TYR MD 50 112.82 31.30 -47.33
N VAL MD 51 112.87 31.92 -46.16
CA VAL MD 51 112.24 33.21 -45.92
C VAL MD 51 113.26 34.17 -45.35
N SER MD 52 113.27 35.41 -45.84
CA SER MD 52 114.14 36.45 -45.33
C SER MD 52 113.31 37.69 -45.02
N VAL MD 53 113.49 38.24 -43.82
CA VAL MD 53 112.72 39.38 -43.36
C VAL MD 53 113.66 40.46 -42.84
N TYR MD 54 113.35 41.72 -43.15
CA TYR MD 54 114.06 42.86 -42.59
C TYR MD 54 113.03 43.93 -42.26
N LYS MD 55 113.05 44.39 -41.01
CA LYS MD 55 112.06 45.34 -40.53
C LYS MD 55 112.61 46.76 -40.64
N ARG MD 56 112.77 47.20 -41.87
CA ARG MD 56 113.35 48.51 -42.15
C ARG MD 56 112.36 49.64 -41.83
N PRO MD 57 112.83 50.76 -41.30
CA PRO MD 57 111.93 51.87 -40.98
C PRO MD 57 111.28 52.47 -42.21
N ALA MD 58 110.08 53.00 -41.99
CA ALA MD 58 109.37 53.74 -43.02
C ALA MD 58 110.17 54.97 -43.42
N PRO MD 59 110.02 55.47 -44.65
CA PRO MD 59 110.92 56.53 -45.11
C PRO MD 59 110.67 57.85 -44.40
N LYS MD 60 111.76 58.47 -43.97
CA LYS MD 60 111.69 59.70 -43.20
C LYS MD 60 111.07 60.82 -44.03
N PRO MD 61 110.25 61.68 -43.42
CA PRO MD 61 109.67 62.80 -44.16
C PRO MD 61 110.73 63.75 -44.69
N GLU MD 62 110.40 64.49 -45.75
CA GLU MD 62 111.37 65.27 -46.50
C GLU MD 62 111.68 66.58 -45.79
N GLY MD 63 112.97 66.92 -45.74
CA GLY MD 63 113.40 68.22 -45.28
C GLY MD 63 113.48 68.39 -43.78
N CYS MD 64 113.30 67.32 -43.00
CA CYS MD 64 113.33 67.42 -41.54
C CYS MD 64 114.37 66.44 -40.99
N ALA MD 65 115.37 66.96 -40.30
CA ALA MD 65 116.35 66.15 -39.60
C ALA MD 65 115.91 66.00 -38.15
N ASP MD 66 115.03 65.04 -37.89
CA ASP MD 66 114.51 64.84 -36.56
C ASP MD 66 115.64 64.39 -35.62
N ALA MD 67 115.49 64.75 -34.34
CA ALA MD 67 116.54 64.51 -33.37
C ALA MD 67 116.80 63.02 -33.19
N CYS MD 68 115.74 62.24 -32.92
CA CYS MD 68 115.82 60.79 -32.87
C CYS MD 68 114.81 60.17 -33.81
N VAL MD 69 115.19 59.01 -34.36
CA VAL MD 69 114.33 58.30 -35.29
C VAL MD 69 113.16 57.65 -34.53
N ILE MD 70 111.94 57.98 -34.96
CA ILE MD 70 110.74 57.49 -34.32
C ILE MD 70 109.84 56.86 -35.37
N MET MD 71 110.42 56.54 -36.52
CA MET MD 71 109.64 56.04 -37.64
C MET MD 71 109.08 54.65 -37.33
N PRO MD 72 107.81 54.39 -37.63
CA PRO MD 72 107.22 53.09 -37.35
C PRO MD 72 107.56 52.06 -38.42
N ASN MD 73 108.69 51.37 -38.24
CA ASN MD 73 109.23 50.43 -39.22
C ASN MD 73 108.20 49.45 -39.80
N GLU MD 74 108.44 49.04 -41.04
CA GLU MD 74 107.53 48.17 -41.78
C GLU MD 74 108.16 46.81 -41.99
N ASN MD 75 107.41 45.92 -42.64
CA ASN MD 75 107.84 44.54 -42.83
C ASN MD 75 108.19 44.31 -44.29
N GLN MD 76 109.43 43.84 -44.54
CA GLN MD 76 109.87 43.46 -45.87
C GLN MD 76 110.25 41.98 -45.83
N SER MD 77 109.64 41.19 -46.70
CA SER MD 77 109.80 39.74 -46.67
C SER MD 77 109.99 39.19 -48.08
N ILE MD 78 110.83 38.17 -48.20
CA ILE MD 78 111.02 37.42 -49.44
C ILE MD 78 110.94 35.94 -49.09
N ARG MD 79 110.07 35.22 -49.77
CA ARG MD 79 109.81 33.81 -49.49
C ARG MD 79 110.01 32.99 -50.76
N THR MD 80 110.82 31.94 -50.67
CA THR MD 80 111.12 31.07 -51.79
C THR MD 80 110.92 29.61 -51.40
N VAL MD 81 110.21 28.88 -52.25
CA VAL MD 81 109.96 27.45 -52.04
C VAL MD 81 110.54 26.70 -53.23
N ILE MD 82 111.39 25.71 -52.95
CA ILE MD 82 112.00 24.87 -53.99
C ILE MD 82 111.56 23.44 -53.75
N SER MD 83 110.95 22.83 -54.77
CA SER MD 83 110.44 21.48 -54.68
C SER MD 83 110.91 20.68 -55.88
N GLY MD 84 111.44 19.49 -55.64
CA GLY MD 84 111.89 18.63 -56.72
C GLY MD 84 112.61 17.42 -56.16
N SER MD 85 112.66 16.38 -57.00
CA SER MD 85 113.30 15.14 -56.60
C SER MD 85 114.81 15.34 -56.49
N ALA MD 86 115.42 14.67 -55.51
CA ALA MD 86 116.87 14.78 -55.33
C ALA MD 86 117.63 14.08 -56.44
N GLU MD 87 116.97 13.19 -57.18
CA GLU MD 87 117.63 12.50 -58.28
C GLU MD 87 118.00 13.49 -59.40
N ASN MD 88 117.19 14.54 -59.56
CA ASN MD 88 117.38 15.54 -60.59
C ASN MD 88 117.94 16.85 -60.05
N LEU MD 89 118.87 16.78 -59.10
CA LEU MD 89 119.32 17.99 -58.40
C LEU MD 89 120.02 18.96 -59.33
N ALA MD 90 120.84 18.47 -60.26
CA ALA MD 90 121.56 19.36 -61.16
C ALA MD 90 120.58 20.14 -62.02
N THR MD 91 119.57 19.45 -62.56
CA THR MD 91 118.56 20.12 -63.35
C THR MD 91 117.72 21.08 -62.49
N LEU MD 92 117.45 20.73 -61.25
CA LEU MD 92 116.75 21.66 -60.36
C LEU MD 92 117.57 22.92 -60.14
N LYS MD 93 118.90 22.77 -60.03
CA LYS MD 93 119.77 23.94 -59.92
C LYS MD 93 119.71 24.79 -61.17
N ALA MD 94 119.68 24.15 -62.35
CA ALA MD 94 119.53 24.90 -63.59
C ALA MD 94 118.20 25.65 -63.62
N GLU MD 95 117.13 25.01 -63.16
CA GLU MD 95 115.84 25.66 -63.05
C GLU MD 95 115.90 26.85 -62.11
N TRP MD 96 116.61 26.71 -60.99
CA TRP MD 96 116.77 27.82 -60.04
C TRP MD 96 117.49 28.98 -60.70
N GLU MD 97 118.55 28.69 -61.45
CA GLU MD 97 119.27 29.77 -62.15
C GLU MD 97 118.37 30.48 -63.15
N THR MD 98 117.60 29.71 -63.92
CA THR MD 98 116.70 30.32 -64.90
C THR MD 98 115.63 31.16 -64.22
N HIS MD 99 115.08 30.67 -63.10
CA HIS MD 99 114.08 31.42 -62.35
C HIS MD 99 114.68 32.71 -61.79
N LYS MD 100 115.91 32.64 -61.29
CA LYS MD 100 116.58 33.84 -60.82
C LYS MD 100 116.72 34.87 -61.93
N ARG MD 101 117.12 34.40 -63.12
CA ARG MD 101 117.28 35.32 -64.24
C ARG MD 101 115.95 35.95 -64.63
N ASN MD 102 114.88 35.15 -64.67
CA ASN MD 102 113.57 35.69 -65.03
C ASN MD 102 113.07 36.69 -64.01
N VAL MD 103 113.24 36.40 -62.71
CA VAL MD 103 112.80 37.32 -61.68
C VAL MD 103 113.63 38.60 -61.70
N ASP MD 104 114.92 38.48 -62.02
CA ASP MD 104 115.75 39.66 -62.18
C ASP MD 104 115.27 40.51 -63.35
N THR MD 105 114.89 39.86 -64.45
CA THR MD 105 114.38 40.58 -65.61
C THR MD 105 113.10 41.33 -65.29
N LEU MD 106 112.17 40.68 -64.59
CA LEU MD 106 110.89 41.32 -64.29
C LEU MD 106 111.01 42.38 -63.20
N PHE MD 107 111.79 42.10 -62.16
CA PHE MD 107 111.81 42.88 -60.93
C PHE MD 107 113.06 43.72 -60.75
N ALA MD 108 114.25 43.10 -60.84
CA ALA MD 108 115.48 43.81 -60.57
C ALA MD 108 115.73 44.90 -61.62
N SER MD 109 115.49 44.58 -62.89
CA SER MD 109 115.69 45.54 -63.97
C SER MD 109 114.39 46.10 -64.52
N GLY MD 110 113.24 45.68 -63.99
CA GLY MD 110 111.96 46.16 -64.43
C GLY MD 110 111.26 46.99 -63.37
N ASN MD 111 109.97 47.23 -63.60
CA ASN MD 111 109.16 48.00 -62.67
C ASN MD 111 108.10 47.14 -62.03
N ALA MD 112 108.41 45.86 -61.77
CA ALA MD 112 107.45 44.97 -61.13
C ALA MD 112 107.19 45.37 -59.70
N GLY MD 113 108.20 45.93 -59.02
CA GLY MD 113 108.01 46.34 -57.65
C GLY MD 113 107.00 47.46 -57.48
N LEU MD 114 106.94 48.37 -58.46
CA LEU MD 114 105.95 49.45 -58.39
C LEU MD 114 104.55 48.95 -58.72
N GLY MD 115 104.44 47.79 -59.37
CA GLY MD 115 103.14 47.23 -59.70
C GLY MD 115 102.88 47.00 -61.17
N PHE MD 116 103.90 47.14 -62.02
CA PHE MD 116 103.70 46.99 -63.46
C PHE MD 116 104.23 45.66 -63.94
N LEU MD 117 103.39 44.94 -64.70
CA LEU MD 117 103.76 43.67 -65.32
C LEU MD 117 103.94 43.93 -66.81
N ASP MD 118 105.17 44.02 -67.25
CA ASP MD 118 105.46 44.30 -68.65
C ASP MD 118 105.23 43.05 -69.49
N PRO MD 119 104.33 43.07 -70.47
CA PRO MD 119 104.09 41.86 -71.28
C PRO MD 119 105.12 41.64 -72.37
N THR MD 120 106.06 42.56 -72.59
CA THR MD 120 107.09 42.40 -73.60
C THR MD 120 108.45 42.00 -73.02
N ALA MD 121 108.49 41.59 -71.75
CA ALA MD 121 109.76 41.23 -71.13
C ALA MD 121 110.34 39.97 -71.77
N ALA MD 122 111.66 39.87 -71.74
CA ALA MD 122 112.37 38.76 -72.37
C ALA MD 122 112.56 37.66 -71.35
N ILE MD 123 111.61 36.73 -71.30
CA ILE MD 123 111.67 35.57 -70.42
C ILE MD 123 112.31 34.43 -71.18
N VAL MD 124 113.25 33.74 -70.52
CA VAL MD 124 114.00 32.65 -71.14
C VAL MD 124 113.85 31.40 -70.29
N SER MD 125 113.92 30.24 -70.95
CA SER MD 125 113.71 28.96 -70.29
C SER MD 125 115.03 28.30 -69.93
N SER MD 126 114.92 27.19 -69.20
CA SER MD 126 116.11 26.44 -68.82
C SER MD 126 116.71 25.67 -70.00
N ASP MD 127 115.89 25.27 -70.97
CA ASP MD 127 116.40 24.55 -72.12
C ASP MD 127 117.19 25.49 -73.02
N THR MD 128 118.26 24.96 -73.61
CA THR MD 128 119.13 25.71 -74.50
C THR MD 128 119.06 25.14 -75.91
N THR MD 129 119.05 26.04 -76.89
CA THR MD 129 119.00 25.64 -78.29
C THR MD 129 120.40 25.48 -78.86
N ALA ND 1 104.48 -103.21 16.30
CA ALA ND 1 104.69 -102.10 17.22
C ALA ND 1 103.78 -100.93 16.88
N ASN ND 2 102.58 -100.94 17.46
CA ASN ND 2 101.63 -99.87 17.21
C ASN ND 2 102.07 -98.59 17.92
N LYS ND 3 101.80 -97.46 17.29
CA LYS ND 3 102.20 -96.17 17.85
C LYS ND 3 101.23 -95.77 18.97
N PRO ND 4 101.72 -95.57 20.19
CA PRO ND 4 100.82 -95.14 21.27
C PRO ND 4 100.32 -93.73 21.04
N MET ND 5 99.10 -93.46 21.49
CA MET ND 5 98.56 -92.11 21.55
C MET ND 5 98.55 -91.64 22.99
N GLN ND 6 98.81 -90.36 23.20
CA GLN ND 6 98.75 -89.79 24.53
C GLN ND 6 97.62 -88.77 24.61
N PRO ND 7 96.94 -88.65 25.74
CA PRO ND 7 95.71 -87.86 25.78
C PRO ND 7 95.96 -86.38 25.61
N ILE ND 8 94.96 -85.69 25.07
CA ILE ND 8 94.98 -84.24 24.98
C ILE ND 8 93.89 -83.59 25.82
N THR ND 9 92.76 -84.26 26.05
CA THR ND 9 91.73 -83.75 26.93
C THR ND 9 91.37 -84.85 27.93
N SER ND 10 91.45 -84.54 29.21
CA SER ND 10 91.20 -85.50 30.26
C SER ND 10 90.13 -84.98 31.21
N THR ND 11 89.13 -85.82 31.47
CA THR ND 11 88.05 -85.50 32.38
C THR ND 11 87.50 -86.80 32.94
N ALA ND 12 86.82 -86.72 34.08
CA ALA ND 12 86.26 -87.91 34.70
C ALA ND 12 85.15 -88.51 33.84
N ASN ND 13 84.58 -87.72 32.93
CA ASN ND 13 83.48 -88.16 32.09
C ASN ND 13 83.89 -88.40 30.64
N LYS ND 14 85.05 -87.91 30.20
CA LYS ND 14 85.47 -88.05 28.82
C LYS ND 14 86.98 -87.90 28.72
N ILE ND 15 87.62 -88.79 27.98
CA ILE ND 15 89.05 -88.71 27.70
C ILE ND 15 89.23 -88.87 26.19
N VAL ND 16 90.05 -88.00 25.60
CA VAL ND 16 90.30 -88.00 24.17
C VAL ND 16 91.79 -88.27 23.95
N TRP ND 17 92.09 -89.28 23.14
CA TRP ND 17 93.46 -89.64 22.80
C TRP ND 17 93.72 -89.25 21.35
N SER ND 18 94.95 -88.83 21.06
CA SER ND 18 95.35 -88.49 19.71
C SER ND 18 96.81 -88.89 19.48
N ASP ND 19 97.09 -89.34 18.27
CA ASP ND 19 98.46 -89.69 17.90
C ASP ND 19 99.29 -88.42 17.74
N PRO ND 20 100.44 -88.32 18.42
CA PRO ND 20 101.21 -87.06 18.32
C PRO ND 20 101.69 -86.75 16.92
N THR ND 21 101.97 -87.77 16.10
CA THR ND 21 102.38 -87.54 14.73
C THR ND 21 101.22 -87.09 13.84
N ARG ND 22 100.01 -87.60 14.07
CA ARG ND 22 98.84 -87.18 13.33
C ARG ND 22 97.68 -86.94 14.29
N LEU ND 23 97.46 -85.69 14.70
CA LEU ND 23 96.43 -85.38 15.68
C LEU ND 23 95.04 -85.58 15.11
N SER ND 24 94.93 -85.72 13.78
CA SER ND 24 93.65 -85.99 13.16
C SER ND 24 93.09 -87.36 13.55
N THR ND 25 93.93 -88.28 13.98
CA THR ND 25 93.47 -89.59 14.46
C THR ND 25 93.13 -89.49 15.95
N THR ND 26 91.86 -89.67 16.28
CA THR ND 26 91.38 -89.46 17.64
C THR ND 26 90.67 -90.71 18.14
N PHE ND 27 90.66 -90.87 19.46
CA PHE ND 27 89.95 -91.95 20.12
C PHE ND 27 89.34 -91.39 21.40
N SER ND 28 88.01 -91.44 21.50
CA SER ND 28 87.29 -90.83 22.60
C SER ND 28 86.44 -91.88 23.32
N ALA ND 29 86.45 -91.82 24.64
CA ALA ND 29 85.63 -92.70 25.48
C ALA ND 29 84.89 -91.83 26.49
N SER ND 30 83.56 -91.89 26.46
CA SER ND 30 82.72 -91.09 27.33
C SER ND 30 81.79 -92.01 28.10
N LEU ND 31 81.69 -91.80 29.41
CA LEU ND 31 80.84 -92.60 30.27
C LEU ND 31 79.66 -91.77 30.75
N LEU ND 32 78.46 -92.33 30.61
CA LEU ND 32 77.24 -91.73 31.13
C LEU ND 32 76.59 -92.74 32.08
N ARG ND 33 76.38 -92.33 33.32
CA ARG ND 33 75.96 -93.23 34.38
C ARG ND 33 74.64 -92.77 34.99
N GLN ND 34 73.69 -93.68 35.09
CA GLN ND 34 72.40 -93.43 35.73
C GLN ND 34 72.03 -94.63 36.59
N ARG ND 35 71.11 -94.40 37.51
CA ARG ND 35 70.56 -95.47 38.36
C ARG ND 35 69.16 -95.82 37.86
N VAL ND 36 68.90 -97.11 37.66
CA VAL ND 36 67.66 -97.59 37.07
C VAL ND 36 67.01 -98.57 38.03
N LYS ND 37 65.70 -98.42 38.27
CA LYS ND 37 64.96 -99.28 39.17
C LYS ND 37 64.30 -100.39 38.35
N VAL ND 38 65.05 -101.47 38.14
CA VAL ND 38 64.54 -102.59 37.36
C VAL ND 38 63.75 -103.55 38.24
N GLY ND 39 64.40 -104.09 39.27
CA GLY ND 39 63.81 -105.14 40.08
C GLY ND 39 63.60 -104.70 41.52
N ILE ND 40 63.04 -103.51 41.68
CA ILE ND 40 62.84 -102.79 42.95
C ILE ND 40 64.17 -102.69 43.68
N ALA ND 41 65.26 -102.83 42.94
CA ALA ND 41 66.61 -102.59 43.42
C ALA ND 41 67.29 -101.63 42.47
N GLU ND 42 67.96 -100.61 43.02
CA GLU ND 42 68.54 -99.55 42.21
C GLU ND 42 69.85 -100.02 41.60
N LEU ND 43 69.75 -100.59 40.40
CA LEU ND 43 70.95 -100.99 39.67
C LEU ND 43 71.61 -99.76 39.05
N ASN ND 44 72.95 -99.79 39.00
CA ASN ND 44 73.72 -98.67 38.46
C ASN ND 44 74.11 -98.96 37.01
N ASN ND 45 73.36 -98.35 36.10
CA ASN ND 45 73.60 -98.55 34.67
C ASN ND 45 74.78 -97.70 34.21
N VAL ND 46 75.59 -98.27 33.33
CA VAL ND 46 76.75 -97.61 32.75
C VAL ND 46 76.65 -97.71 31.24
N SER ND 47 76.74 -96.57 30.55
CA SER ND 47 76.64 -96.49 29.11
C SER ND 47 77.89 -95.80 28.58
N GLY ND 48 78.85 -96.61 28.12
CA GLY ND 48 80.11 -96.10 27.61
C GLY ND 48 80.08 -96.00 26.09
N GLN ND 49 80.45 -94.83 25.59
CA GLN ND 49 80.51 -94.56 24.17
C GLN ND 49 81.97 -94.41 23.76
N TYR ND 50 82.44 -95.31 22.90
CA TYR ND 50 83.82 -95.33 22.43
C TYR ND 50 83.81 -95.02 20.94
N VAL ND 51 84.53 -93.97 20.55
CA VAL ND 51 84.57 -93.52 19.16
C VAL ND 51 86.02 -93.43 18.72
N SER ND 52 86.32 -94.07 17.58
CA SER ND 52 87.64 -93.99 16.97
C SER ND 52 87.49 -93.40 15.57
N VAL ND 53 88.28 -92.36 15.30
CA VAL ND 53 88.17 -91.59 14.06
C VAL ND 53 89.53 -91.54 13.39
N TYR ND 54 89.58 -91.89 12.11
CA TYR ND 54 90.76 -91.73 11.28
C TYR ND 54 90.35 -91.02 10.01
N LYS ND 55 91.06 -89.93 9.69
CA LYS ND 55 90.86 -89.20 8.44
C LYS ND 55 91.86 -89.75 7.42
N ARG ND 56 91.39 -90.62 6.54
CA ARG ND 56 92.26 -91.32 5.61
C ARG ND 56 92.28 -90.60 4.27
N PRO ND 57 93.45 -90.15 3.80
CA PRO ND 57 93.52 -89.57 2.46
C PRO ND 57 93.27 -90.63 1.40
N ALA ND 58 92.26 -90.41 0.57
CA ALA ND 58 91.89 -91.35 -0.48
C ALA ND 58 91.68 -90.64 -1.82
N PRO ND 59 92.72 -90.01 -2.38
CA PRO ND 59 92.65 -89.67 -3.80
C PRO ND 59 92.57 -90.92 -4.66
N LYS ND 60 93.21 -92.00 -4.21
CA LYS ND 60 93.22 -93.31 -4.84
C LYS ND 60 93.60 -93.25 -6.31
N PRO ND 61 94.80 -92.78 -6.66
CA PRO ND 61 95.23 -92.85 -8.06
C PRO ND 61 95.64 -94.26 -8.41
N GLU ND 62 94.81 -94.94 -9.19
CA GLU ND 62 95.00 -96.35 -9.46
C GLU ND 62 96.20 -96.57 -10.38
N GLY ND 63 97.28 -97.08 -9.79
CA GLY ND 63 98.45 -97.48 -10.56
C GLY ND 63 99.62 -96.52 -10.65
N CYS ND 64 99.39 -95.24 -10.44
CA CYS ND 64 100.47 -94.28 -10.64
C CYS ND 64 100.51 -93.30 -9.48
N ALA ND 65 101.73 -93.01 -9.03
CA ALA ND 65 102.02 -91.96 -8.07
C ALA ND 65 103.38 -91.37 -8.39
N ASP ND 66 103.40 -90.08 -8.69
CA ASP ND 66 104.63 -89.43 -9.13
C ASP ND 66 105.12 -88.35 -8.18
N ALA ND 67 104.24 -87.46 -7.73
CA ALA ND 67 104.61 -86.39 -6.82
C ALA ND 67 103.47 -86.21 -5.82
N CYS ND 68 103.77 -85.54 -4.72
CA CYS ND 68 102.77 -85.35 -3.66
C CYS ND 68 101.94 -84.10 -3.95
N VAL ND 69 100.64 -84.30 -4.09
CA VAL ND 69 99.67 -83.21 -4.21
C VAL ND 69 98.90 -83.19 -2.89
N ILE ND 70 98.13 -82.13 -2.66
CA ILE ND 70 97.29 -82.07 -1.48
C ILE ND 70 96.35 -83.27 -1.42
N MET ND 71 96.33 -83.94 -0.27
CA MET ND 71 95.41 -85.04 -0.06
C MET ND 71 94.02 -84.51 0.29
N PRO ND 72 92.99 -84.83 -0.50
CA PRO ND 72 91.61 -84.65 -0.01
C PRO ND 72 91.24 -85.80 0.90
N ASN ND 73 90.63 -85.50 2.05
CA ASN ND 73 90.48 -86.48 3.12
C ASN ND 73 89.02 -86.87 3.30
N GLU ND 74 88.80 -88.14 3.62
CA GLU ND 74 87.52 -88.65 4.04
C GLU ND 74 87.62 -89.14 5.48
N ASN ND 75 86.48 -89.23 6.16
CA ASN ND 75 86.43 -89.58 7.57
C ASN ND 75 85.99 -91.03 7.73
N GLN ND 76 86.82 -91.83 8.39
CA GLN ND 76 86.47 -93.18 8.78
C GLN ND 76 86.14 -93.17 10.27
N SER ND 77 84.93 -93.55 10.62
CA SER ND 77 84.45 -93.47 12.00
C SER ND 77 83.96 -94.82 12.47
N ILE ND 78 84.33 -95.18 13.70
CA ILE ND 78 83.85 -96.39 14.36
C ILE ND 78 83.44 -96.01 15.77
N ARG ND 79 82.14 -96.09 16.05
CA ARG ND 79 81.62 -95.76 17.37
C ARG ND 79 80.92 -96.99 17.95
N THR ND 80 81.15 -97.25 19.23
CA THR ND 80 80.58 -98.38 19.92
C THR ND 80 80.02 -97.93 21.26
N VAL ND 81 78.80 -98.38 21.57
CA VAL ND 81 78.12 -98.04 22.81
C VAL ND 81 77.78 -99.33 23.53
N ILE ND 82 78.20 -99.44 24.79
CA ILE ND 82 77.93 -100.59 25.63
C ILE ND 82 77.11 -100.11 26.83
N SER ND 83 75.91 -100.66 26.99
CA SER ND 83 75.00 -100.27 28.06
C SER ND 83 74.62 -101.49 28.87
N GLY ND 84 74.72 -101.37 30.19
CA GLY ND 84 74.36 -102.47 31.07
C GLY ND 84 74.62 -102.17 32.53
N SER ND 85 74.02 -102.95 33.42
CA SER ND 85 74.24 -102.75 34.85
C SER ND 85 75.65 -103.14 35.23
N ALA ND 86 76.22 -102.41 36.19
CA ALA ND 86 77.58 -102.71 36.64
C ALA ND 86 77.64 -104.04 37.38
N GLU ND 87 76.49 -104.50 37.90
CA GLU ND 87 76.49 -105.72 38.69
C GLU ND 87 76.56 -106.97 37.82
N ASN ND 88 76.31 -106.83 36.52
CA ASN ND 88 76.36 -107.94 35.56
C ASN ND 88 77.53 -107.76 34.60
N LEU ND 89 78.68 -107.34 35.13
CA LEU ND 89 79.81 -106.97 34.28
C LEU ND 89 80.38 -108.18 33.56
N ALA ND 90 80.40 -109.35 34.21
CA ALA ND 90 80.93 -110.55 33.56
C ALA ND 90 80.09 -110.94 32.36
N THR ND 91 78.76 -110.95 32.53
CA THR ND 91 77.87 -111.24 31.42
C THR ND 91 77.97 -110.18 30.33
N LEU ND 92 78.17 -108.91 30.72
CA LEU ND 92 78.35 -107.87 29.72
C LEU ND 92 79.62 -108.08 28.92
N LYS ND 93 80.69 -108.53 29.56
CA LYS ND 93 81.93 -108.83 28.85
C LYS ND 93 81.75 -110.02 27.90
N ALA ND 94 81.01 -111.04 28.34
CA ALA ND 94 80.70 -112.15 27.45
C ALA ND 94 79.90 -111.68 26.24
N GLU ND 95 78.93 -110.79 26.47
CA GLU ND 95 78.17 -110.22 25.37
C GLU ND 95 79.05 -109.43 24.43
N TRP ND 96 80.04 -108.70 24.98
CA TRP ND 96 80.97 -107.97 24.14
C TRP ND 96 81.79 -108.91 23.27
N GLU ND 97 82.25 -110.02 23.84
CA GLU ND 97 83.01 -110.99 23.05
C GLU ND 97 82.15 -111.57 21.93
N THR ND 98 80.90 -111.92 22.25
CA THR ND 98 80.00 -112.45 21.23
C THR ND 98 79.69 -111.42 20.15
N HIS ND 99 79.54 -110.17 20.54
CA HIS ND 99 79.30 -109.10 19.58
C HIS ND 99 80.49 -108.93 18.65
N LYS ND 100 81.70 -108.98 19.20
CA LYS ND 100 82.89 -108.91 18.36
C LYS ND 100 82.94 -110.07 17.38
N ARG ND 101 82.63 -111.28 17.85
CA ARG ND 101 82.66 -112.45 16.98
C ARG ND 101 81.64 -112.30 15.84
N ASN ND 102 80.43 -111.87 16.17
CA ASN ND 102 79.40 -111.74 15.14
C ASN ND 102 79.75 -110.64 14.14
N VAL ND 103 80.25 -109.50 14.63
CA VAL ND 103 80.62 -108.42 13.74
C VAL ND 103 81.78 -108.84 12.83
N ASP ND 104 82.72 -109.61 13.37
CA ASP ND 104 83.79 -110.15 12.54
C ASP ND 104 83.23 -111.07 11.46
N THR ND 105 82.28 -111.93 11.83
CA THR ND 105 81.69 -112.84 10.87
C THR ND 105 81.02 -112.08 9.73
N LEU ND 106 80.30 -111.01 10.06
CA LEU ND 106 79.63 -110.24 9.01
C LEU ND 106 80.58 -109.36 8.20
N PHE ND 107 81.56 -108.74 8.85
CA PHE ND 107 82.34 -107.66 8.24
C PHE ND 107 83.76 -108.10 7.87
N ALA ND 108 84.51 -108.63 8.84
CA ALA ND 108 85.91 -108.95 8.59
C ALA ND 108 86.06 -110.10 7.60
N SER ND 109 85.25 -111.14 7.77
CA SER ND 109 85.29 -112.30 6.88
C SER ND 109 84.21 -112.27 5.81
N GLY ND 110 83.28 -111.32 5.87
CA GLY ND 110 82.22 -111.21 4.90
C GLY ND 110 82.42 -110.06 3.93
N ASN ND 111 81.30 -109.60 3.37
CA ASN ND 111 81.29 -108.51 2.42
C ASN ND 111 80.38 -107.37 2.85
N ALA ND 112 80.13 -107.25 4.16
CA ALA ND 112 79.24 -106.22 4.66
C ALA ND 112 79.82 -104.82 4.45
N GLY ND 113 81.15 -104.71 4.39
CA GLY ND 113 81.75 -103.39 4.21
C GLY ND 113 81.44 -102.79 2.85
N LEU ND 114 81.16 -103.63 1.86
CA LEU ND 114 80.87 -103.15 0.52
C LEU ND 114 79.37 -102.95 0.33
N GLY ND 115 78.60 -103.17 1.38
CA GLY ND 115 77.15 -103.03 1.28
C GLY ND 115 76.44 -104.31 0.91
N PHE ND 116 76.71 -105.40 1.62
CA PHE ND 116 76.13 -106.70 1.33
C PHE ND 116 75.66 -107.34 2.62
N LEU ND 117 74.62 -108.16 2.52
CA LEU ND 117 74.12 -108.96 3.63
C LEU ND 117 74.13 -110.42 3.23
N ASP ND 118 74.58 -111.28 4.14
CA ASP ND 118 74.59 -112.71 3.90
C ASP ND 118 73.63 -113.37 4.87
N PRO ND 119 72.41 -113.72 4.46
CA PRO ND 119 71.48 -114.39 5.39
C PRO ND 119 71.96 -115.75 5.87
N THR ND 120 72.90 -116.38 5.17
CA THR ND 120 73.42 -117.68 5.56
C THR ND 120 74.64 -117.58 6.47
N ALA ND 121 75.01 -116.36 6.88
CA ALA ND 121 76.16 -116.20 7.76
C ALA ND 121 75.90 -116.85 9.11
N ALA ND 122 76.96 -117.43 9.69
CA ALA ND 122 76.84 -118.18 10.95
C ALA ND 122 76.94 -117.20 12.11
N ILE ND 123 75.82 -116.56 12.40
CA ILE ND 123 75.70 -115.65 13.54
C ILE ND 123 75.26 -116.44 14.75
N VAL ND 124 75.99 -116.28 15.87
CA VAL ND 124 75.85 -117.17 17.01
C VAL ND 124 75.68 -116.33 18.27
N SER ND 125 75.05 -116.92 19.29
CA SER ND 125 74.73 -116.23 20.52
C SER ND 125 75.82 -116.42 21.57
N SER ND 126 75.66 -115.71 22.69
CA SER ND 126 76.58 -115.84 23.81
C SER ND 126 76.35 -117.09 24.62
N ASP ND 127 75.10 -117.55 24.72
CA ASP ND 127 74.79 -118.72 25.53
C ASP ND 127 75.43 -119.97 24.96
N THR ND 128 75.82 -120.88 25.85
CA THR ND 128 76.50 -122.11 25.48
C THR ND 128 75.59 -123.31 25.73
N THR ND 129 75.82 -124.37 24.98
CA THR ND 129 75.04 -125.60 25.11
C THR ND 129 75.53 -126.41 26.30
N ALA OD 1 90.18 -105.04 57.49
CA ALA OD 1 90.62 -104.23 56.36
C ALA OD 1 89.43 -103.70 55.58
N ASN OD 2 89.22 -102.38 55.67
CA ASN OD 2 88.11 -101.76 54.97
C ASN OD 2 88.37 -101.75 53.47
N LYS OD 3 87.29 -101.85 52.69
CA LYS OD 3 87.42 -101.91 51.24
C LYS OD 3 87.90 -100.57 50.69
N PRO OD 4 88.87 -100.56 49.78
CA PRO OD 4 89.33 -99.29 49.21
C PRO OD 4 88.27 -98.65 48.33
N MET OD 5 88.39 -97.33 48.19
CA MET OD 5 87.52 -96.55 47.31
C MET OD 5 88.36 -95.87 46.24
N GLN OD 6 87.73 -95.60 45.09
CA GLN OD 6 88.36 -94.90 43.99
C GLN OD 6 87.49 -93.74 43.54
N PRO OD 7 88.09 -92.66 43.04
CA PRO OD 7 87.28 -91.53 42.57
C PRO OD 7 86.61 -91.85 41.24
N ILE OD 8 85.37 -91.42 41.10
CA ILE OD 8 84.56 -91.67 39.91
C ILE OD 8 84.31 -90.38 39.13
N THR OD 9 83.96 -89.30 39.82
CA THR OD 9 83.87 -87.98 39.22
C THR OD 9 84.82 -87.03 39.92
N SER OD 10 85.63 -86.33 39.14
CA SER OD 10 86.73 -85.55 39.70
C SER OD 10 86.61 -84.09 39.27
N THR OD 11 86.55 -83.21 40.26
CA THR OD 11 86.63 -81.77 40.06
C THR OD 11 87.33 -81.16 41.27
N ALA OD 12 88.15 -80.14 41.02
CA ALA OD 12 88.88 -79.52 42.12
C ALA OD 12 87.93 -78.92 43.15
N ASN OD 13 86.74 -78.52 42.73
CA ASN OD 13 85.73 -78.06 43.67
C ASN OD 13 85.07 -79.22 44.40
N LYS OD 14 84.92 -80.38 43.75
CA LYS OD 14 84.20 -81.51 44.33
C LYS OD 14 84.72 -82.81 43.75
N ILE OD 15 85.13 -83.73 44.63
CA ILE OD 15 85.55 -85.07 44.23
C ILE OD 15 84.69 -86.08 44.99
N VAL OD 16 84.15 -87.05 44.27
CA VAL OD 16 83.29 -88.08 44.83
C VAL OD 16 84.02 -89.41 44.75
N TRP OD 17 84.00 -90.16 45.85
CA TRP OD 17 84.56 -91.50 45.89
C TRP OD 17 83.43 -92.53 45.83
N SER OD 18 83.77 -93.74 45.39
CA SER OD 18 82.78 -94.79 45.25
C SER OD 18 83.45 -96.15 45.37
N ASP OD 19 82.70 -97.10 45.92
CA ASP OD 19 83.19 -98.47 46.06
C ASP OD 19 82.93 -99.23 44.75
N PRO OD 20 83.95 -99.79 44.11
CA PRO OD 20 83.71 -100.52 42.86
C PRO OD 20 82.78 -101.71 43.01
N THR OD 21 82.71 -102.33 44.18
CA THR OD 21 81.84 -103.47 44.39
C THR OD 21 80.42 -103.08 44.76
N ARG OD 22 80.22 -101.93 45.40
CA ARG OD 22 78.89 -101.43 45.72
C ARG OD 22 78.85 -99.96 45.37
N LEU OD 23 78.36 -99.64 44.17
CA LEU OD 23 78.38 -98.25 43.71
C LEU OD 23 77.41 -97.36 44.46
N SER OD 24 76.53 -97.94 45.28
CA SER OD 24 75.61 -97.13 46.08
C SER OD 24 76.30 -96.42 47.23
N THR OD 25 77.56 -96.76 47.53
CA THR OD 25 78.30 -96.14 48.61
C THR OD 25 79.17 -95.03 48.04
N THR OD 26 78.94 -93.80 48.48
CA THR OD 26 79.66 -92.64 47.98
C THR OD 26 80.16 -91.79 49.13
N PHE OD 27 81.29 -91.12 48.91
CA PHE OD 27 81.85 -90.18 49.86
C PHE OD 27 82.48 -89.04 49.07
N SER OD 28 82.02 -87.81 49.30
CA SER OD 28 82.48 -86.66 48.54
C SER OD 28 82.99 -85.56 49.46
N ALA OD 29 83.91 -84.77 48.93
CA ALA OD 29 84.44 -83.60 49.60
C ALA OD 29 84.30 -82.41 48.67
N SER OD 30 83.64 -81.35 49.13
CA SER OD 30 83.47 -80.13 48.36
C SER OD 30 83.98 -78.96 49.19
N LEU OD 31 84.94 -78.23 48.64
CA LEU OD 31 85.53 -77.08 49.31
C LEU OD 31 85.17 -75.81 48.56
N LEU OD 32 84.59 -74.85 49.27
CA LEU OD 32 84.30 -73.53 48.72
C LEU OD 32 85.14 -72.50 49.45
N ARG OD 33 85.92 -71.73 48.70
CA ARG OD 33 86.88 -70.79 49.27
C ARG OD 33 86.49 -69.37 48.87
N GLN OD 34 86.45 -68.48 49.86
CA GLN OD 34 86.13 -67.08 49.65
C GLN OD 34 87.04 -66.24 50.52
N ARG OD 35 87.33 -65.02 50.06
CA ARG OD 35 88.17 -64.09 50.82
C ARG OD 35 87.26 -63.16 51.62
N VAL OD 36 86.79 -63.67 52.75
CA VAL OD 36 85.95 -62.90 53.67
C VAL OD 36 86.84 -62.26 54.72
N LYS OD 37 87.14 -60.97 54.54
CA LYS OD 37 88.10 -60.32 55.40
C LYS OD 37 87.41 -59.54 56.52
N VAL OD 38 87.91 -59.72 57.74
CA VAL OD 38 87.47 -58.93 58.89
C VAL OD 38 88.20 -57.59 58.84
N GLY OD 39 87.79 -56.66 59.69
CA GLY OD 39 88.37 -55.33 59.71
C GLY OD 39 89.88 -55.31 59.81
N ILE OD 40 90.51 -54.48 58.98
CA ILE OD 40 91.97 -54.25 58.93
C ILE OD 40 92.74 -55.56 58.95
N ALA OD 41 92.17 -56.62 58.38
CA ALA OD 41 92.84 -57.91 58.31
C ALA OD 41 92.37 -58.63 57.06
N GLU OD 42 93.18 -59.60 56.63
CA GLU OD 42 92.87 -60.44 55.48
C GLU OD 42 92.77 -61.88 55.92
N LEU OD 43 91.66 -62.54 55.59
CA LEU OD 43 91.42 -63.92 56.00
C LEU OD 43 90.78 -64.68 54.85
N ASN OD 44 91.26 -65.89 54.61
CA ASN OD 44 90.70 -66.78 53.60
C ASN OD 44 90.07 -67.98 54.30
N ASN OD 45 88.75 -68.10 54.22
CA ASN OD 45 88.03 -69.19 54.86
C ASN OD 45 87.72 -70.27 53.84
N VAL OD 46 87.65 -71.51 54.31
CA VAL OD 46 87.41 -72.68 53.47
C VAL OD 46 86.29 -73.47 54.11
N SER OD 47 85.10 -73.40 53.51
CA SER OD 47 83.95 -74.16 53.98
C SER OD 47 83.90 -75.50 53.27
N GLY OD 48 84.12 -76.58 54.03
CA GLY OD 48 84.16 -77.90 53.44
C GLY OD 48 82.98 -78.78 53.82
N GLN OD 49 82.32 -79.34 52.83
CA GLN OD 49 81.15 -80.19 53.04
C GLN OD 49 81.50 -81.62 52.64
N TYR OD 50 81.27 -82.55 53.56
CA TYR OD 50 81.56 -83.97 53.36
C TYR OD 50 80.30 -84.76 53.66
N VAL OD 51 79.87 -85.57 52.71
CA VAL OD 51 78.68 -86.40 52.88
C VAL OD 51 79.06 -87.85 52.63
N SER OD 52 78.57 -88.74 53.49
CA SER OD 52 78.75 -90.18 53.34
C SER OD 52 77.39 -90.83 53.17
N VAL OD 53 77.24 -91.59 52.08
CA VAL OD 53 75.97 -92.20 51.71
C VAL OD 53 76.15 -93.70 51.62
N TYR OD 54 75.32 -94.45 52.33
CA TYR OD 54 75.27 -95.90 52.25
C TYR OD 54 73.82 -96.34 52.29
N LYS OD 55 73.47 -97.29 51.43
CA LYS OD 55 72.10 -97.79 51.35
C LYS OD 55 72.06 -99.20 51.93
N ARG OD 56 71.61 -99.31 53.18
CA ARG OD 56 71.54 -100.55 53.91
C ARG OD 56 70.20 -101.22 53.69
N PRO OD 57 70.17 -102.55 53.55
CA PRO OD 57 68.89 -103.26 53.57
C PRO OD 57 68.21 -103.11 54.93
N ALA OD 58 66.88 -103.10 54.90
CA ALA OD 58 66.12 -103.01 56.13
C ALA OD 58 66.39 -104.25 56.98
N PRO OD 59 66.36 -104.13 58.31
CA PRO OD 59 66.69 -105.28 59.16
C PRO OD 59 65.71 -106.43 59.00
N LYS OD 60 66.24 -107.63 58.82
CA LYS OD 60 65.42 -108.82 58.66
C LYS OD 60 64.76 -109.19 59.98
N PRO OD 61 63.60 -109.86 59.97
CA PRO OD 61 62.98 -110.29 61.22
C PRO OD 61 63.91 -111.18 62.04
N GLU OD 62 63.93 -110.96 63.35
CA GLU OD 62 64.95 -111.58 64.20
C GLU OD 62 64.82 -113.09 64.24
N GLY OD 63 63.59 -113.59 64.31
CA GLY OD 63 63.39 -115.02 64.54
C GLY OD 63 63.33 -115.87 63.29
N CYS OD 64 64.29 -115.70 62.39
CA CYS OD 64 64.40 -116.58 61.22
C CYS OD 64 65.79 -116.47 60.62
N ALA OD 65 66.25 -117.56 60.02
CA ALA OD 65 67.50 -117.58 59.27
C ALA OD 65 67.29 -117.84 57.79
N ASP OD 66 66.29 -117.21 57.16
CA ASP OD 66 65.95 -117.52 55.78
C ASP OD 66 67.12 -117.22 54.86
N ALA OD 67 67.27 -118.05 53.83
CA ALA OD 67 68.43 -117.99 52.94
C ALA OD 67 68.53 -116.64 52.22
N CYS OD 68 67.55 -116.33 51.38
CA CYS OD 68 67.60 -115.13 50.57
C CYS OD 68 66.22 -114.48 50.51
N VAL OD 69 66.04 -113.43 51.32
CA VAL OD 69 64.88 -112.56 51.26
C VAL OD 69 65.38 -111.13 51.35
N ILE OD 70 65.28 -110.39 50.24
CA ILE OD 70 65.87 -109.06 50.13
C ILE OD 70 64.76 -108.03 50.31
N MET OD 71 65.02 -107.03 51.14
CA MET OD 71 64.09 -105.94 51.38
C MET OD 71 64.69 -104.61 50.91
N PRO OD 72 63.88 -103.63 50.55
CA PRO OD 72 64.42 -102.40 49.95
C PRO OD 72 65.33 -101.64 50.90
N ASN OD 73 66.26 -100.91 50.29
CA ASN OD 73 67.32 -100.23 51.03
C ASN OD 73 66.81 -98.91 51.60
N GLU OD 74 67.45 -98.47 52.69
CA GLU OD 74 67.17 -97.19 53.32
C GLU OD 74 68.40 -96.31 53.18
N ASN OD 75 68.19 -94.99 53.18
CA ASN OD 75 69.29 -94.07 52.96
C ASN OD 75 69.90 -93.65 54.29
N GLN OD 76 71.20 -93.85 54.43
CA GLN OD 76 71.96 -93.38 55.59
C GLN OD 76 72.91 -92.29 55.12
N SER OD 77 72.76 -91.09 55.67
CA SER OD 77 73.56 -89.95 55.28
C SER OD 77 74.20 -89.30 56.50
N ILE OD 78 75.50 -89.04 56.41
CA ILE OD 78 76.24 -88.32 57.43
C ILE OD 78 76.93 -87.14 56.76
N ARG OD 79 76.51 -85.93 57.09
CA ARG OD 79 76.98 -84.72 56.44
C ARG OD 79 77.70 -83.84 57.46
N THR OD 80 78.93 -83.47 57.15
CA THR OD 80 79.74 -82.63 58.02
C THR OD 80 80.21 -81.40 57.27
N VAL OD 81 80.04 -80.24 57.87
CA VAL OD 81 80.45 -78.97 57.29
C VAL OD 81 81.43 -78.30 58.25
N ILE OD 82 82.61 -77.94 57.74
CA ILE OD 82 83.65 -77.30 58.52
C ILE OD 82 83.98 -75.97 57.86
N SER OD 83 83.82 -74.88 58.60
CA SER OD 83 84.07 -73.54 58.10
C SER OD 83 85.07 -72.85 59.03
N GLY OD 84 86.10 -72.26 58.44
CA GLY OD 84 87.11 -71.55 59.21
C GLY OD 84 88.23 -70.99 58.35
N SER OD 85 88.96 -70.03 58.88
CA SER OD 85 90.05 -69.42 58.12
C SER OD 85 91.24 -70.37 58.02
N ALA OD 86 92.04 -70.17 56.98
CA ALA OD 86 93.22 -71.01 56.79
C ALA OD 86 94.28 -70.71 57.85
N GLU OD 87 94.30 -69.48 58.36
CA GLU OD 87 95.32 -69.10 59.34
C GLU OD 87 95.12 -69.84 60.66
N ASN OD 88 93.88 -70.22 60.97
CA ASN OD 88 93.55 -70.86 62.23
C ASN OD 88 93.37 -72.37 62.08
N LEU OD 89 94.19 -73.00 61.25
CA LEU OD 89 93.99 -74.42 60.94
C LEU OD 89 94.21 -75.30 62.15
N ALA OD 90 95.22 -74.99 62.97
CA ALA OD 90 95.49 -75.82 64.15
C ALA OD 90 94.34 -75.77 65.15
N THR OD 91 93.84 -74.56 65.41
CA THR OD 91 92.69 -74.41 66.30
C THR OD 91 91.44 -75.07 65.72
N LEU OD 92 91.27 -75.00 64.40
CA LEU OD 92 90.15 -75.68 63.77
C LEU OD 92 90.26 -77.19 63.94
N LYS OD 93 91.48 -77.73 63.83
CA LYS OD 93 91.67 -79.15 64.05
C LYS OD 93 91.37 -79.54 65.50
N ALA OD 94 91.77 -78.69 66.45
CA ALA OD 94 91.43 -78.94 67.85
C ALA OD 94 89.91 -78.92 68.05
N GLU OD 95 89.23 -77.96 67.42
CA GLU OD 95 87.77 -77.91 67.49
C GLU OD 95 87.16 -79.16 66.88
N TRP OD 96 87.75 -79.67 65.81
CA TRP OD 96 87.24 -80.88 65.16
C TRP OD 96 87.40 -82.09 66.08
N GLU OD 97 88.52 -82.18 66.79
CA GLU OD 97 88.69 -83.26 67.76
C GLU OD 97 87.66 -83.16 68.88
N THR OD 98 87.43 -81.95 69.39
CA THR OD 98 86.43 -81.77 70.43
C THR OD 98 85.03 -82.13 69.91
N HIS OD 99 84.75 -81.78 68.65
CA HIS OD 99 83.47 -82.13 68.05
C HIS OD 99 83.32 -83.64 67.94
N LYS OD 100 84.39 -84.34 67.55
CA LYS OD 100 84.36 -85.79 67.58
C LYS OD 100 83.96 -86.29 68.96
N ARG OD 101 84.64 -85.78 70.00
CA ARG OD 101 84.41 -86.30 71.34
C ARG OD 101 82.98 -86.06 71.79
N ASN OD 102 82.45 -84.86 71.53
CA ASN OD 102 81.09 -84.54 71.96
C ASN OD 102 80.05 -85.35 71.19
N VAL OD 103 80.21 -85.46 69.87
CA VAL OD 103 79.26 -86.24 69.08
C VAL OD 103 79.31 -87.70 69.49
N ASP OD 104 80.51 -88.23 69.78
CA ASP OD 104 80.62 -89.60 70.24
C ASP OD 104 79.91 -89.78 71.56
N THR OD 105 80.07 -88.83 72.48
CA THR OD 105 79.40 -88.92 73.78
C THR OD 105 77.89 -88.95 73.63
N LEU OD 106 77.36 -88.10 72.75
CA LEU OD 106 75.90 -88.05 72.58
C LEU OD 106 75.35 -89.23 71.78
N PHE OD 107 76.10 -89.71 70.79
CA PHE OD 107 75.59 -90.66 69.81
C PHE OD 107 76.08 -92.09 70.07
N ALA OD 108 77.39 -92.31 70.10
CA ALA OD 108 77.92 -93.66 70.20
C ALA OD 108 77.66 -94.26 71.57
N SER OD 109 77.94 -93.50 72.63
CA SER OD 109 77.69 -93.95 73.99
C SER OD 109 76.36 -93.47 74.55
N GLY OD 110 75.58 -92.71 73.77
CA GLY OD 110 74.31 -92.20 74.22
C GLY OD 110 73.13 -92.89 73.55
N ASN OD 111 72.00 -92.21 73.58
CA ASN OD 111 70.75 -92.71 73.02
C ASN OD 111 70.17 -91.77 71.98
N ALA OD 112 70.96 -90.78 71.54
CA ALA OD 112 70.49 -89.84 70.53
C ALA OD 112 70.24 -90.53 69.20
N GLY OD 113 70.91 -91.65 68.94
CA GLY OD 113 70.63 -92.41 67.74
C GLY OD 113 69.21 -92.93 67.67
N LEU OD 114 68.68 -93.40 68.79
CA LEU OD 114 67.27 -93.76 68.90
C LEU OD 114 66.37 -92.54 69.01
N GLY OD 115 66.86 -91.45 69.58
CA GLY OD 115 66.08 -90.23 69.64
C GLY OD 115 65.84 -89.66 71.02
N PHE OD 116 66.70 -89.97 71.97
CA PHE OD 116 66.59 -89.44 73.33
C PHE OD 116 67.82 -88.60 73.65
N LEU OD 117 67.59 -87.41 74.19
CA LEU OD 117 68.66 -86.51 74.60
C LEU OD 117 68.81 -86.56 76.11
N ASP OD 118 70.06 -86.58 76.57
CA ASP OD 118 70.35 -86.62 78.00
C ASP OD 118 70.91 -85.28 78.44
N PRO OD 119 70.15 -84.45 79.17
CA PRO OD 119 70.70 -83.19 79.67
C PRO OD 119 71.90 -83.34 80.57
N THR OD 120 72.23 -84.55 81.01
CA THR OD 120 73.34 -84.79 81.93
C THR OD 120 74.58 -85.32 81.24
N ALA OD 121 74.65 -85.24 79.91
CA ALA OD 121 75.82 -85.72 79.18
C ALA OD 121 77.05 -84.89 79.53
N ALA OD 122 78.20 -85.54 79.52
CA ALA OD 122 79.47 -84.90 79.87
C ALA OD 122 80.09 -84.30 78.61
N ILE OD 123 79.62 -83.11 78.24
CA ILE OD 123 80.12 -82.38 77.09
C ILE OD 123 81.24 -81.46 77.55
N VAL OD 124 82.35 -81.46 76.82
CA VAL OD 124 83.54 -80.71 77.19
C VAL OD 124 83.92 -79.77 76.06
N SER OD 125 84.68 -78.73 76.39
CA SER OD 125 85.14 -77.77 75.41
C SER OD 125 86.58 -78.05 75.01
N SER OD 126 87.04 -77.34 73.98
CA SER OD 126 88.39 -77.54 73.46
C SER OD 126 89.47 -76.98 74.37
N ASP OD 127 89.19 -75.89 75.07
CA ASP OD 127 90.18 -75.29 75.96
C ASP OD 127 90.47 -76.21 77.14
N THR OD 128 91.70 -76.14 77.63
CA THR OD 128 92.16 -76.97 78.73
C THR OD 128 92.40 -76.11 79.96
N THR OD 129 92.28 -76.73 81.13
CA THR OD 129 92.47 -76.04 82.40
C THR OD 129 93.94 -75.74 82.64
N ALA PD 1 115.69 -76.84 47.42
CA ALA PD 1 114.48 -77.44 47.96
C ALA PD 1 113.36 -76.42 48.03
N ASN PD 2 112.88 -75.97 46.87
CA ASN PD 2 111.81 -74.99 46.82
C ASN PD 2 110.48 -75.63 47.22
N LYS PD 3 109.56 -74.80 47.68
CA LYS PD 3 108.29 -75.30 48.22
C LYS PD 3 107.39 -75.80 47.09
N PRO PD 4 106.93 -77.05 47.15
CA PRO PD 4 106.02 -77.55 46.12
C PRO PD 4 104.64 -76.91 46.21
N MET PD 5 103.87 -77.06 45.15
CA MET PD 5 102.54 -76.48 45.04
C MET PD 5 101.53 -77.55 44.67
N GLN PD 6 100.25 -77.29 44.97
CA GLN PD 6 99.15 -78.18 44.68
C GLN PD 6 98.05 -77.46 43.91
N PRO PD 7 97.25 -78.18 43.11
CA PRO PD 7 96.23 -77.51 42.30
C PRO PD 7 95.00 -77.10 43.10
N ILE PD 8 94.54 -75.86 42.91
CA ILE PD 8 93.30 -75.42 43.53
C ILE PD 8 92.11 -75.52 42.58
N THR PD 9 92.33 -75.36 41.27
CA THR PD 9 91.26 -75.45 40.29
C THR PD 9 91.76 -76.28 39.12
N SER PD 10 91.04 -77.37 38.83
CA SER PD 10 91.42 -78.29 37.77
C SER PD 10 90.30 -78.35 36.73
N THR PD 11 90.66 -78.13 35.48
CA THR PD 11 89.72 -78.14 34.37
C THR PD 11 90.44 -78.67 33.14
N ALA PD 12 89.67 -79.16 32.17
CA ALA PD 12 90.26 -79.69 30.94
C ALA PD 12 90.98 -78.60 30.15
N ASN PD 13 90.71 -77.34 30.46
CA ASN PD 13 91.33 -76.23 29.75
C ASN PD 13 92.14 -75.29 30.64
N LYS PD 14 92.17 -75.51 31.95
CA LYS PD 14 92.88 -74.62 32.86
C LYS PD 14 93.15 -75.35 34.17
N ILE PD 15 94.37 -75.24 34.67
CA ILE PD 15 94.76 -75.75 35.98
C ILE PD 15 95.49 -74.64 36.72
N VAL PD 16 95.09 -74.42 37.97
CA VAL PD 16 95.67 -73.35 38.79
C VAL PD 16 96.34 -73.99 40.00
N TRP PD 17 97.61 -73.69 40.21
CA TRP PD 17 98.36 -74.17 41.35
C TRP PD 17 98.47 -73.07 42.40
N SER PD 18 98.76 -73.48 43.64
CA SER PD 18 98.92 -72.52 44.74
C SER PD 18 99.74 -73.15 45.84
N ASP PD 19 100.56 -72.32 46.49
CA ASP PD 19 101.37 -72.80 47.59
C ASP PD 19 100.54 -72.96 48.86
N PRO PD 20 100.62 -74.09 49.55
CA PRO PD 20 99.85 -74.24 50.80
C PRO PD 20 100.20 -73.19 51.85
N THR PD 21 101.47 -72.80 51.95
CA THR PD 21 101.86 -71.83 52.98
C THR PD 21 101.32 -70.45 52.66
N ARG PD 22 101.49 -69.98 51.43
CA ARG PD 22 100.97 -68.69 50.99
C ARG PD 22 100.02 -68.92 49.83
N LEU PD 23 98.75 -68.58 50.04
CA LEU PD 23 97.75 -68.78 49.00
C LEU PD 23 97.74 -67.62 48.02
N SER PD 24 98.49 -66.57 48.32
CA SER PD 24 98.56 -65.40 47.44
C SER PD 24 99.27 -65.73 46.13
N THR PD 25 100.30 -66.57 46.21
CA THR PD 25 101.07 -66.93 45.02
C THR PD 25 100.39 -68.08 44.28
N THR PD 26 100.18 -67.91 42.98
CA THR PD 26 99.53 -68.92 42.15
C THR PD 26 100.24 -69.00 40.81
N PHE PD 27 100.12 -70.17 40.18
CA PHE PD 27 100.62 -70.41 38.83
C PHE PD 27 99.57 -71.20 38.06
N SER PD 28 99.09 -70.63 36.97
CA SER PD 28 98.01 -71.24 36.21
C SER PD 28 98.37 -71.34 34.74
N ALA PD 29 97.91 -72.41 34.10
CA ALA PD 29 98.15 -72.67 32.69
C ALA PD 29 96.81 -72.88 31.99
N SER PD 30 96.63 -72.23 30.85
CA SER PD 30 95.41 -72.37 30.06
C SER PD 30 95.80 -72.64 28.61
N LEU PD 31 95.14 -73.63 28.00
CA LEU PD 31 95.43 -74.01 26.63
C LEU PD 31 94.20 -73.83 25.77
N LEU PD 32 94.37 -73.20 24.60
CA LEU PD 32 93.32 -73.02 23.62
C LEU PD 32 93.71 -73.79 22.36
N ARG PD 33 92.83 -74.67 21.91
CA ARG PD 33 93.10 -75.57 20.80
C ARG PD 33 92.16 -75.26 19.64
N GLN PD 34 92.74 -74.85 18.51
CA GLN PD 34 91.97 -74.53 17.33
C GLN PD 34 92.67 -75.09 16.10
N ARG PD 35 91.89 -75.52 15.12
CA ARG PD 35 92.43 -75.94 13.84
C ARG PD 35 92.60 -74.74 12.93
N VAL PD 36 93.80 -74.54 12.40
CA VAL PD 36 94.14 -73.40 11.58
C VAL PD 36 94.14 -73.83 10.12
N LYS PD 37 93.40 -73.10 9.29
CA LYS PD 37 93.29 -73.39 7.87
C LYS PD 37 94.43 -72.70 7.14
N VAL PD 38 95.37 -73.49 6.65
CA VAL PD 38 96.49 -73.00 5.84
C VAL PD 38 96.38 -73.67 4.48
N GLY PD 39 96.78 -72.94 3.45
CA GLY PD 39 96.71 -73.44 2.09
C GLY PD 39 97.31 -74.82 1.94
N ILE PD 40 96.55 -75.72 1.30
CA ILE PD 40 96.89 -77.14 1.10
C ILE PD 40 97.49 -77.73 2.37
N ALA PD 41 96.90 -77.42 3.52
CA ALA PD 41 97.35 -77.97 4.80
C ALA PD 41 96.20 -77.95 5.80
N GLU PD 42 96.16 -78.96 6.66
CA GLU PD 42 95.19 -79.03 7.74
C GLU PD 42 95.96 -79.32 9.04
N LEU PD 43 96.42 -78.26 9.69
CA LEU PD 43 97.22 -78.36 10.90
C LEU PD 43 96.59 -77.49 11.98
N ASN PD 44 96.72 -77.96 13.22
CA ASN PD 44 96.02 -77.37 14.36
C ASN PD 44 97.01 -76.69 15.31
N ASN PD 45 96.64 -75.50 15.78
CA ASN PD 45 97.52 -74.73 16.66
C ASN PD 45 97.12 -74.93 18.12
N VAL PD 46 98.08 -74.75 19.01
CA VAL PD 46 97.85 -74.79 20.45
C VAL PD 46 98.45 -73.53 21.05
N SER PD 47 97.64 -72.76 21.75
CA SER PD 47 98.07 -71.53 22.40
C SER PD 47 98.05 -71.74 23.91
N GLY PD 48 99.17 -71.48 24.57
CA GLY PD 48 99.28 -71.69 25.99
C GLY PD 48 99.63 -70.44 26.77
N GLN PD 49 98.85 -70.12 27.78
CA GLN PD 49 99.05 -68.94 28.61
C GLN PD 49 99.44 -69.38 30.01
N TYR PD 50 100.58 -68.87 30.49
CA TYR PD 50 101.09 -69.19 31.81
C TYR PD 50 101.33 -67.88 32.56
N VAL PD 51 100.74 -67.74 33.74
CA VAL PD 51 100.89 -66.54 34.55
C VAL PD 51 101.39 -66.93 35.93
N SER PD 52 102.37 -66.19 36.45
CA SER PD 52 102.89 -66.38 37.79
C SER PD 52 102.76 -65.08 38.56
N VAL PD 53 102.10 -65.14 39.71
CA VAL PD 53 101.89 -63.96 40.55
C VAL PD 53 102.45 -64.23 41.93
N TYR PD 54 103.18 -63.25 42.46
CA TYR PD 54 103.68 -63.28 43.83
C TYR PD 54 103.36 -61.94 44.49
N LYS PD 55 102.75 -61.99 45.66
CA LYS PD 55 102.30 -60.79 46.36
C LYS PD 55 103.33 -60.39 47.41
N ARG PD 56 104.50 -60.00 46.91
CA ARG PD 56 105.60 -59.66 47.80
C ARG PD 56 105.35 -58.31 48.47
N PRO PD 57 105.58 -58.21 49.79
CA PRO PD 57 105.35 -56.93 50.48
C PRO PD 57 106.30 -55.84 50.00
N ALA PD 58 105.83 -54.61 50.12
CA ALA PD 58 106.62 -53.45 49.75
C ALA PD 58 107.86 -53.37 50.64
N PRO PD 59 108.95 -52.76 50.17
CA PRO PD 59 110.19 -52.83 50.96
C PRO PD 59 110.10 -51.97 52.22
N LYS PD 60 110.62 -52.54 53.31
CA LYS PD 60 110.52 -51.90 54.61
C LYS PD 60 111.36 -50.62 54.64
N PRO PD 61 110.90 -49.59 55.36
CA PRO PD 61 111.71 -48.37 55.49
C PRO PD 61 113.04 -48.64 56.16
N GLU PD 62 114.05 -47.83 55.83
CA GLU PD 62 115.43 -48.08 56.21
C GLU PD 62 115.68 -47.59 57.63
N GLY PD 63 116.46 -48.36 58.39
CA GLY PD 63 116.93 -47.96 59.69
C GLY PD 63 115.99 -48.22 60.84
N CYS PD 64 114.78 -48.72 60.58
CA CYS PD 64 113.82 -48.98 61.64
C CYS PD 64 113.20 -50.36 61.42
N ALA PD 65 113.16 -51.16 62.47
CA ALA PD 65 112.55 -52.49 62.42
C ALA PD 65 111.30 -52.48 63.27
N ASP PD 66 110.13 -52.44 62.62
CA ASP PD 66 108.87 -52.45 63.34
C ASP PD 66 108.68 -53.78 64.06
N ALA PD 67 107.86 -53.75 65.12
CA ALA PD 67 107.60 -54.95 65.90
C ALA PD 67 106.91 -56.02 65.05
N CYS PD 68 105.93 -55.62 64.24
CA CYS PD 68 105.25 -56.51 63.32
C CYS PD 68 105.21 -55.89 61.94
N VAL PD 69 105.22 -56.76 60.92
CA VAL PD 69 105.19 -56.28 59.53
C VAL PD 69 103.80 -55.77 59.19
N ILE PD 70 103.73 -54.55 58.70
CA ILE PD 70 102.47 -53.91 58.36
C ILE PD 70 102.53 -53.37 56.93
N MET PD 71 103.41 -53.95 56.12
CA MET PD 71 103.68 -53.39 54.81
C MET PD 71 102.53 -53.70 53.85
N PRO PD 72 102.09 -52.72 53.05
CA PRO PD 72 101.00 -52.96 52.09
C PRO PD 72 101.50 -53.62 50.81
N ASN PD 73 101.55 -54.95 50.81
CA ASN PD 73 102.11 -55.75 49.72
C ASN PD 73 101.65 -55.33 48.32
N GLU PD 74 102.50 -55.59 47.33
CA GLU PD 74 102.26 -55.21 45.95
C GLU PD 74 102.04 -56.46 45.09
N ASN PD 75 101.90 -56.24 43.78
CA ASN PD 75 101.62 -57.32 42.85
C ASN PD 75 102.80 -57.49 41.90
N GLN PD 76 103.31 -58.71 41.79
CA GLN PD 76 104.36 -59.05 40.83
C GLN PD 76 103.81 -60.12 39.89
N SER PD 77 103.88 -59.88 38.59
CA SER PD 77 103.30 -60.77 37.60
C SER PD 77 104.29 -61.07 36.49
N ILE PD 78 104.31 -62.32 36.04
CA ILE PD 78 105.10 -62.76 34.90
C ILE PD 78 104.19 -63.62 34.03
N ARG PD 79 103.84 -63.12 32.85
CA ARG PD 79 102.89 -63.77 31.96
C ARG PD 79 103.58 -64.12 30.65
N THR PD 80 103.44 -65.37 30.23
CA THR PD 80 103.99 -65.83 28.97
C THR PD 80 102.92 -66.52 28.15
N VAL PD 81 102.96 -66.32 26.83
CA VAL PD 81 102.04 -66.94 25.90
C VAL PD 81 102.85 -67.64 24.83
N ILE PD 82 102.56 -68.92 24.60
CA ILE PD 82 103.24 -69.72 23.59
C ILE PD 82 102.21 -70.20 22.59
N SER PD 83 102.40 -69.85 21.32
CA SER PD 83 101.48 -70.21 20.25
C SER PD 83 102.27 -70.82 19.11
N GLY PD 84 101.82 -71.97 18.63
CA GLY PD 84 102.48 -72.63 17.52
C GLY PD 84 101.80 -73.94 17.21
N SER PD 85 102.04 -74.41 15.99
CA SER PD 85 101.43 -75.65 15.54
C SER PD 85 102.09 -76.84 16.22
N ALA PD 86 101.28 -77.86 16.53
CA ALA PD 86 101.80 -79.04 17.22
C ALA PD 86 102.71 -79.86 16.33
N GLU PD 87 102.64 -79.67 15.01
CA GLU PD 87 103.50 -80.41 14.10
C GLU PD 87 104.95 -79.96 14.24
N ASN PD 88 105.17 -78.67 14.51
CA ASN PD 88 106.49 -78.09 14.62
C ASN PD 88 106.93 -77.90 16.06
N LEU PD 89 106.62 -78.88 16.93
CA LEU PD 89 106.87 -78.72 18.35
C LEU PD 89 108.36 -78.61 18.66
N ALA PD 90 109.20 -79.33 17.93
CA ALA PD 90 110.64 -79.26 18.16
C ALA PD 90 111.16 -77.85 17.89
N THR PD 91 110.76 -77.27 16.75
CA THR PD 91 111.15 -75.90 16.45
C THR PD 91 110.56 -74.91 17.44
N LEU PD 92 109.35 -75.17 17.94
CA LEU PD 92 108.76 -74.30 18.95
C LEU PD 92 109.57 -74.35 20.25
N LYS PD 93 110.05 -75.54 20.63
CA LYS PD 93 110.90 -75.65 21.81
C LYS PD 93 112.22 -74.93 21.61
N ALA PD 94 112.80 -75.04 20.41
CA ALA PD 94 114.02 -74.29 20.13
C ALA PD 94 113.78 -72.78 20.22
N GLU PD 95 112.65 -72.32 19.70
CA GLU PD 95 112.28 -70.92 19.81
C GLU PD 95 112.13 -70.51 21.27
N TRP PD 96 111.54 -71.39 22.09
CA TRP PD 96 111.38 -71.10 23.50
C TRP PD 96 112.74 -70.94 24.18
N GLU PD 97 113.67 -71.84 23.86
CA GLU PD 97 115.01 -71.73 24.44
C GLU PD 97 115.70 -70.44 24.03
N THR PD 98 115.60 -70.08 22.74
CA THR PD 98 116.21 -68.84 22.27
C THR PD 98 115.58 -67.63 22.94
N HIS PD 99 114.25 -67.65 23.10
CA HIS PD 99 113.56 -66.54 23.76
C HIS PD 99 113.98 -66.43 25.22
N LYS PD 100 114.14 -67.56 25.91
CA LYS PD 100 114.63 -67.53 27.27
C LYS PD 100 116.02 -66.91 27.33
N ARG PD 101 116.90 -67.28 26.40
CA ARG PD 101 118.24 -66.72 26.38
C ARG PD 101 118.21 -65.21 26.15
N ASN PD 102 117.39 -64.76 25.19
CA ASN PD 102 117.31 -63.34 24.90
C ASN PD 102 116.74 -62.55 26.07
N VAL PD 103 115.70 -63.06 26.72
CA VAL PD 103 115.09 -62.37 27.85
C VAL PD 103 116.07 -62.35 29.02
N ASP PD 104 116.85 -63.41 29.20
CA ASP PD 104 117.88 -63.40 30.23
C ASP PD 104 118.94 -62.35 29.93
N THR PD 105 119.32 -62.23 28.65
CA THR PD 105 120.31 -61.22 28.27
C THR PD 105 119.81 -59.81 28.56
N LEU PD 106 118.55 -59.54 28.23
CA LEU PD 106 118.02 -58.19 28.42
C LEU PD 106 117.72 -57.90 29.90
N PHE PD 107 117.21 -58.89 30.62
CA PHE PD 107 116.61 -58.70 31.94
C PHE PD 107 117.44 -59.30 33.06
N ALA PD 108 117.75 -60.60 32.98
CA ALA PD 108 118.46 -61.26 34.07
C ALA PD 108 119.85 -60.69 34.27
N SER PD 109 120.57 -60.44 33.17
CA SER PD 109 121.92 -59.88 33.23
C SER PD 109 121.98 -58.43 32.80
N GLY PD 110 120.85 -57.82 32.43
CA GLY PD 110 120.81 -56.44 32.02
C GLY PD 110 120.08 -55.56 33.00
N ASN PD 111 119.78 -54.34 32.56
CA ASN PD 111 119.08 -53.38 33.40
C ASN PD 111 117.70 -53.06 32.83
N ALA PD 112 117.09 -54.04 32.15
CA ALA PD 112 115.76 -53.82 31.59
C ALA PD 112 114.72 -53.68 32.69
N GLY PD 113 114.99 -54.28 33.86
CA GLY PD 113 114.05 -54.18 34.96
C GLY PD 113 113.89 -52.76 35.47
N LEU PD 114 115.00 -52.00 35.47
CA LEU PD 114 114.92 -50.62 35.95
C LEU PD 114 114.30 -49.70 34.91
N GLY PD 115 114.25 -50.12 33.65
CA GLY PD 115 113.65 -49.33 32.60
C GLY PD 115 114.56 -48.96 31.45
N PHE PD 116 115.73 -49.58 31.35
CA PHE PD 116 116.67 -49.23 30.29
C PHE PD 116 116.74 -50.34 29.24
N LEU PD 117 116.57 -49.97 27.99
CA LEU PD 117 116.66 -50.90 26.86
C LEU PD 117 118.00 -50.68 26.17
N ASP PD 118 118.89 -51.65 26.30
CA ASP PD 118 120.23 -51.52 25.73
C ASP PD 118 120.17 -51.77 24.23
N PRO PD 119 120.56 -50.80 23.38
CA PRO PD 119 120.56 -51.05 21.94
C PRO PD 119 121.72 -51.90 21.45
N THR PD 120 122.73 -52.15 22.28
CA THR PD 120 123.89 -52.94 21.89
C THR PD 120 123.88 -54.34 22.50
N ALA PD 121 122.76 -54.78 23.06
CA ALA PD 121 122.69 -56.09 23.70
C ALA PD 121 122.90 -57.20 22.66
N ALA PD 122 123.48 -58.31 23.10
CA ALA PD 122 123.80 -59.44 22.23
C ALA PD 122 122.59 -60.35 22.14
N ILE PD 123 121.75 -60.11 21.14
CA ILE PD 123 120.54 -60.89 20.92
C ILE PD 123 120.78 -61.85 19.76
N VAL PD 124 120.38 -63.11 19.95
CA VAL PD 124 120.68 -64.17 19.00
C VAL PD 124 119.38 -64.81 18.53
N SER PD 125 119.44 -65.41 17.34
CA SER PD 125 118.30 -66.11 16.77
C SER PD 125 118.32 -67.60 17.12
N SER PD 126 117.23 -68.28 16.79
CA SER PD 126 117.18 -69.72 16.96
C SER PD 126 117.98 -70.47 15.91
N ASP PD 127 118.14 -69.89 14.73
CA ASP PD 127 118.91 -70.53 13.68
C ASP PD 127 120.40 -70.55 14.04
N THR PD 128 121.06 -71.62 13.62
CA THR PD 128 122.48 -71.82 13.90
C THR PD 128 123.29 -71.73 12.61
N THR PD 129 124.59 -71.54 12.77
CA THR PD 129 125.49 -71.44 11.63
C THR PD 129 126.62 -72.46 11.73
N ALA QD 1 100.77 107.52 -13.52
CA ALA QD 1 99.53 107.85 -14.19
C ALA QD 1 98.60 106.65 -14.27
N ASN QD 2 97.61 106.60 -13.38
CA ASN QD 2 96.66 105.50 -13.38
C ASN QD 2 95.70 105.61 -14.55
N LYS QD 3 95.31 104.47 -15.09
CA LYS QD 3 94.42 104.45 -16.25
C LYS QD 3 93.01 104.86 -15.83
N PRO QD 4 92.42 105.86 -16.47
CA PRO QD 4 91.04 106.24 -16.14
C PRO QD 4 90.07 105.10 -16.43
N MET QD 5 89.02 105.02 -15.62
CA MET QD 5 88.01 103.98 -15.72
C MET QD 5 86.66 104.63 -15.92
N GLN QD 6 85.91 104.17 -16.92
CA GLN QD 6 84.65 104.80 -17.25
C GLN QD 6 83.49 103.86 -17.02
N PRO QD 7 82.30 104.37 -16.69
CA PRO QD 7 81.20 103.49 -16.28
C PRO QD 7 80.61 102.72 -17.45
N ILE QD 8 79.99 101.58 -17.14
CA ILE QD 8 79.22 100.83 -18.11
C ILE QD 8 77.74 100.77 -17.76
N THR QD 9 77.39 100.69 -16.48
CA THR QD 9 76.00 100.71 -16.05
C THR QD 9 75.82 101.83 -15.04
N SER QD 10 74.89 102.73 -15.32
CA SER QD 10 74.64 103.89 -14.48
C SER QD 10 73.20 103.88 -14.00
N THR QD 11 73.04 104.00 -12.67
CA THR QD 11 71.73 104.03 -12.05
C THR QD 11 71.83 104.87 -10.79
N ALA QD 12 70.69 105.39 -10.34
CA ALA QD 12 70.68 106.21 -9.13
C ALA QD 12 71.03 105.40 -7.89
N ASN QD 13 70.94 104.07 -7.99
CA ASN QD 13 71.22 103.18 -6.87
C ASN QD 13 72.49 102.38 -7.02
N LYS QD 14 73.09 102.35 -8.21
CA LYS QD 14 74.29 101.56 -8.46
C LYS QD 14 74.98 102.06 -9.71
N ILE QD 15 76.30 102.21 -9.65
CA ILE QD 15 77.12 102.56 -10.80
C ILE QD 15 78.30 101.59 -10.84
N VAL QD 16 78.57 101.03 -12.02
CA VAL QD 16 79.64 100.05 -12.21
C VAL QD 16 80.66 100.65 -13.18
N TRP QD 17 81.92 100.65 -12.77
CA TRP QD 17 83.02 101.12 -13.60
C TRP QD 17 83.90 99.94 -13.98
N SER QD 18 84.29 99.87 -15.25
CA SER QD 18 85.20 98.84 -15.72
C SER QD 18 86.26 99.44 -16.64
N ASP QD 19 87.46 98.87 -16.60
CA ASP QD 19 88.55 99.36 -17.43
C ASP QD 19 88.27 99.04 -18.89
N PRO QD 20 88.36 100.02 -19.79
CA PRO QD 20 88.10 99.73 -21.21
C PRO QD 20 89.03 98.70 -21.81
N THR QD 21 90.29 98.66 -21.36
CA THR QD 21 91.22 97.67 -21.87
C THR QD 21 90.99 96.28 -21.28
N ARG QD 22 90.57 96.19 -20.02
CA ARG QD 22 90.25 94.91 -19.40
C ARG QD 22 88.93 95.01 -18.65
N LEU QD 23 87.82 94.63 -19.31
CA LEU QD 23 86.50 94.77 -18.71
C LEU QD 23 86.31 93.83 -17.54
N SER QD 24 87.21 92.86 -17.37
CA SER QD 24 87.15 91.98 -16.21
C SER QD 24 87.39 92.71 -14.89
N THR QD 25 88.03 93.88 -14.94
CA THR QD 25 88.21 94.71 -13.75
C THR QD 25 86.98 95.57 -13.55
N THR QD 26 86.35 95.45 -12.39
CA THR QD 26 85.12 96.17 -12.10
C THR QD 26 85.23 96.91 -10.77
N PHE QD 27 84.46 97.98 -10.65
CA PHE QD 27 84.33 98.73 -9.40
C PHE QD 27 82.90 99.23 -9.31
N SER QD 28 82.16 98.75 -8.31
CA SER QD 28 80.74 99.03 -8.18
C SER QD 28 80.45 99.68 -6.83
N ALA QD 29 79.56 100.67 -6.85
CA ALA QD 29 79.12 101.36 -5.66
C ALA QD 29 77.61 101.33 -5.59
N SER QD 30 77.07 100.81 -4.50
CA SER QD 30 75.62 100.71 -4.30
C SER QD 30 75.25 101.39 -2.99
N LEU QD 31 74.25 102.26 -3.06
CA LEU QD 31 73.75 102.96 -1.87
C LEU QD 31 72.36 102.46 -1.52
N LEU QD 32 72.17 102.12 -0.25
CA LEU QD 32 70.87 101.72 0.27
C LEU QD 32 70.55 102.61 1.47
N ARG QD 33 69.38 103.24 1.43
CA ARG QD 33 69.01 104.27 2.40
C ARG QD 33 67.72 103.89 3.11
N GLN QD 34 67.72 104.01 4.43
CA GLN QD 34 66.54 103.79 5.25
C GLN QD 34 66.39 104.92 6.26
N ARG QD 35 65.24 104.96 6.92
CA ARG QD 35 65.00 105.89 8.01
C ARG QD 35 64.97 105.11 9.32
N VAL QD 36 65.80 105.51 10.27
CA VAL QD 36 65.91 104.83 11.55
C VAL QD 36 65.66 105.83 12.66
N LYS QD 37 64.75 105.48 13.58
CA LYS QD 37 64.36 106.37 14.67
C LYS QD 37 65.21 106.03 15.90
N VAL QD 38 66.46 106.49 15.85
CA VAL QD 38 67.37 106.25 16.97
C VAL QD 38 67.00 107.11 18.17
N GLY QD 39 66.76 108.40 17.94
CA GLY QD 39 66.58 109.35 19.02
C GLY QD 39 65.27 110.08 18.95
N ILE QD 40 64.19 109.34 18.66
CA ILE QD 40 62.83 109.82 18.40
C ILE QD 40 62.88 110.91 17.33
N ALA QD 41 63.95 110.93 16.56
CA ALA QD 41 64.09 111.77 15.38
C ALA QD 41 64.52 110.87 14.23
N GLU QD 42 63.87 111.02 13.08
CA GLU QD 42 64.09 110.12 11.95
C GLU QD 42 65.42 110.46 11.29
N LEU QD 43 66.48 109.80 11.76
CA LEU QD 43 67.78 109.93 11.13
C LEU QD 43 67.81 109.13 9.83
N ASN QD 44 68.56 109.64 8.84
CA ASN QD 44 68.64 109.01 7.53
C ASN QD 44 70.03 108.42 7.32
N ASN QD 45 70.12 107.11 7.57
CA ASN QD 45 71.38 106.42 7.38
C ASN QD 45 71.58 106.02 5.93
N VAL QD 46 72.85 105.86 5.54
CA VAL QD 46 73.22 105.44 4.19
C VAL QD 46 74.14 104.24 4.31
N SER QD 47 73.80 103.16 3.62
CA SER QD 47 74.58 101.93 3.64
C SER QD 47 75.23 101.76 2.27
N GLY QD 48 76.45 102.27 2.13
CA GLY QD 48 77.17 102.22 0.87
C GLY QD 48 78.05 101.00 0.79
N GLN QD 49 77.89 100.24 -0.29
CA GLN QD 49 78.68 99.03 -0.54
C GLN QD 49 79.59 99.29 -1.73
N TYR QD 50 80.89 99.15 -1.52
CA TYR QD 50 81.90 99.38 -2.55
C TYR QD 50 82.66 98.07 -2.78
N VAL QD 51 82.69 97.62 -4.03
CA VAL QD 51 83.31 96.35 -4.39
C VAL QD 51 84.30 96.60 -5.51
N SER QD 52 85.53 96.13 -5.33
CA SER QD 52 86.56 96.20 -6.35
C SER QD 52 87.03 94.79 -6.67
N VAL QD 53 87.00 94.44 -7.96
CA VAL QD 53 87.31 93.09 -8.43
C VAL QD 53 88.38 93.18 -9.49
N TYR QD 54 89.41 92.35 -9.36
CA TYR QD 54 90.47 92.25 -10.36
C TYR QD 54 90.83 90.78 -10.54
N LYS QD 55 90.52 90.24 -11.71
CA LYS QD 55 90.81 88.84 -12.02
C LYS QD 55 92.29 88.75 -12.41
N ARG QD 56 93.08 88.08 -11.58
CA ARG QD 56 94.53 88.06 -11.73
C ARG QD 56 94.96 86.68 -12.22
N PRO QD 57 95.65 86.57 -13.35
CA PRO QD 57 96.16 85.27 -13.75
C PRO QD 57 97.48 84.92 -13.06
N ALA QD 58 97.43 83.88 -12.25
CA ALA QD 58 98.58 83.47 -11.43
C ALA QD 58 98.86 81.97 -11.59
N PRO QD 59 99.26 81.54 -12.81
CA PRO QD 59 99.92 80.23 -12.90
C PRO QD 59 101.22 80.22 -12.11
N LYS QD 60 101.88 81.37 -12.04
CA LYS QD 60 103.09 81.63 -11.26
C LYS QD 60 104.20 80.65 -11.61
N PRO QD 61 104.69 80.63 -12.85
CA PRO QD 61 105.85 79.80 -13.16
C PRO QD 61 107.11 80.42 -12.59
N GLU QD 62 107.60 79.85 -11.50
CA GLU QD 62 108.68 80.45 -10.74
C GLU QD 62 110.00 80.39 -11.52
N GLY QD 63 110.40 81.52 -12.07
CA GLY QD 63 111.66 81.64 -12.78
C GLY QD 63 111.68 81.59 -14.30
N CYS QD 64 110.67 80.97 -14.91
CA CYS QD 64 110.71 80.82 -16.36
C CYS QD 64 109.45 81.39 -16.96
N ALA QD 65 109.62 82.10 -18.08
CA ALA QD 65 108.52 82.52 -18.94
C ALA QD 65 109.00 82.51 -20.38
N ASP QD 66 108.40 81.66 -21.19
CA ASP QD 66 108.90 81.46 -22.55
C ASP QD 66 107.87 81.86 -23.61
N ALA QD 67 106.63 81.44 -23.47
CA ALA QD 67 105.59 81.75 -24.45
C ALA QD 67 104.27 81.94 -23.69
N CYS QD 68 103.27 82.48 -24.37
CA CYS QD 68 101.98 82.73 -23.73
C CYS QD 68 101.10 81.50 -23.84
N VAL QD 69 100.90 80.84 -22.71
CA VAL QD 69 99.95 79.73 -22.57
C VAL QD 69 98.68 80.35 -21.99
N ILE QD 70 97.55 79.64 -22.10
CA ILE QD 70 96.32 80.12 -21.49
C ILE QD 70 96.51 80.40 -20.01
N MET QD 71 96.16 81.61 -19.60
CA MET QD 71 96.19 81.98 -18.20
C MET QD 71 94.89 81.55 -17.51
N PRO QD 72 94.97 80.69 -16.49
CA PRO QD 72 93.81 80.49 -15.60
C PRO QD 72 93.76 81.60 -14.56
N ASN QD 73 92.58 82.12 -14.24
CA ASN QD 73 92.44 83.30 -13.41
C ASN QD 73 91.92 82.94 -12.03
N GLU QD 74 92.37 83.71 -11.05
CA GLU QD 74 91.76 83.75 -9.72
C GLU QD 74 91.13 85.12 -9.53
N ASN QD 75 90.19 85.19 -8.60
CA ASN QD 75 89.47 86.44 -8.34
C ASN QD 75 90.01 87.12 -7.08
N GLN QD 76 90.32 88.40 -7.21
CA GLN QD 76 90.71 89.23 -6.07
C GLN QD 76 89.61 90.25 -5.83
N SER QD 77 88.99 90.19 -4.65
CA SER QD 77 87.86 91.04 -4.33
C SER QD 77 88.12 91.81 -3.05
N ILE QD 78 87.79 93.09 -3.06
CA ILE QD 78 87.87 93.96 -1.89
C ILE QD 78 86.52 94.62 -1.73
N ARG QD 79 85.79 94.25 -0.68
CA ARG QD 79 84.42 94.70 -0.46
C ARG QD 79 84.38 95.55 0.80
N THR QD 80 83.86 96.77 0.67
CA THR QD 80 83.79 97.73 1.77
C THR QD 80 82.37 98.21 1.94
N VAL QD 81 81.88 98.19 3.19
CA VAL QD 81 80.54 98.64 3.52
C VAL QD 81 80.66 99.71 4.59
N ILE QD 82 80.10 100.89 4.31
CA ILE QD 82 80.10 102.01 5.24
C ILE QD 82 78.64 102.33 5.57
N SER QD 83 78.31 102.31 6.85
CA SER QD 83 76.93 102.53 7.30
C SER QD 83 76.95 103.57 8.41
N GLY QD 84 76.06 104.56 8.32
CA GLY QD 84 75.96 105.59 9.32
C GLY QD 84 74.98 106.68 8.95
N SER QD 85 74.56 107.47 9.94
CA SER QD 85 73.62 108.55 9.68
C SER QD 85 74.26 109.63 8.83
N ALA QD 86 73.47 110.22 7.93
CA ALA QD 86 73.98 111.28 7.08
C ALA QD 86 74.26 112.55 7.90
N GLU QD 87 73.60 112.69 9.04
CA GLU QD 87 73.78 113.89 9.86
C GLU QD 87 75.12 113.88 10.59
N ASN QD 88 75.81 112.74 10.59
CA ASN QD 88 77.10 112.59 11.25
C ASN QD 88 78.20 112.27 10.24
N LEU QD 89 78.20 113.00 9.12
CA LEU QD 89 79.12 112.69 8.03
C LEU QD 89 80.57 112.95 8.44
N ALA QD 90 80.81 114.00 9.23
CA ALA QD 90 82.17 114.30 9.66
C ALA QD 90 82.75 113.18 10.51
N THR QD 91 81.96 112.71 11.48
CA THR QD 91 82.39 111.60 12.30
C THR QD 91 82.54 110.32 11.48
N LEU QD 92 81.68 110.12 10.49
CA LEU QD 92 81.82 108.93 9.64
C LEU QD 92 83.10 108.99 8.83
N LYS QD 93 83.48 110.18 8.34
CA LYS QD 93 84.73 110.32 7.60
C LYS QD 93 85.93 110.09 8.51
N ALA QD 94 85.86 110.58 9.75
CA ALA QD 94 86.92 110.30 10.72
C ALA QD 94 87.02 108.81 10.99
N GLU QD 95 85.88 108.14 11.11
CA GLU QD 95 85.87 106.69 11.29
C GLU QD 95 86.50 105.99 10.09
N TRP QD 96 86.22 106.48 8.88
CA TRP QD 96 86.80 105.89 7.68
C TRP QD 96 88.31 106.04 7.69
N GLU QD 97 88.81 107.21 8.08
CA GLU QD 97 90.26 107.41 8.15
C GLU QD 97 90.90 106.48 9.17
N THR QD 98 90.28 106.37 10.35
CA THR QD 98 90.82 105.48 11.38
C THR QD 98 90.79 104.02 10.93
N HIS QD 99 89.71 103.62 10.25
CA HIS QD 99 89.60 102.26 9.74
C HIS QD 99 90.69 101.98 8.71
N LYS QD 100 90.94 102.94 7.82
CA LYS QD 100 92.01 102.79 6.85
C LYS QD 100 93.35 102.61 7.54
N ARG QD 101 93.60 103.43 8.57
CA ARG QD 101 94.86 103.33 9.30
C ARG QD 101 95.02 101.96 9.96
N ASN QD 102 93.96 101.48 10.61
CA ASN QD 102 94.03 100.19 11.30
C ASN QD 102 94.22 99.04 10.32
N VAL QD 103 93.48 99.05 9.21
CA VAL QD 103 93.61 97.98 8.23
C VAL QD 103 94.99 98.01 7.60
N ASP QD 104 95.54 99.22 7.38
CA ASP QD 104 96.91 99.31 6.89
C ASP QD 104 97.88 98.70 7.88
N THR QD 105 97.72 99.01 9.16
CA THR QD 105 98.61 98.47 10.18
C THR QD 105 98.57 96.94 10.20
N LEU QD 106 97.37 96.37 10.11
CA LEU QD 106 97.26 94.91 10.14
C LEU QD 106 97.72 94.24 8.85
N PHE QD 107 97.40 94.82 7.70
CA PHE QD 107 97.52 94.14 6.41
C PHE QD 107 98.68 94.67 5.58
N ALA QD 108 98.73 95.98 5.34
CA ALA QD 108 99.74 96.54 4.44
C ALA QD 108 101.14 96.41 5.03
N SER QD 109 101.29 96.70 6.32
CA SER QD 109 102.58 96.61 6.99
C SER QD 109 102.73 95.35 7.82
N GLY QD 110 101.69 94.54 7.96
CA GLY QD 110 101.76 93.30 8.71
C GLY QD 110 101.81 92.09 7.81
N ASN QD 111 101.41 90.95 8.37
CA ASN QD 111 101.35 89.68 7.66
C ASN QD 111 99.95 89.09 7.65
N ALA QD 112 98.94 89.94 7.78
CA ALA QD 112 97.56 89.46 7.78
C ALA QD 112 97.16 88.90 6.41
N GLY QD 113 97.78 89.39 5.35
CA GLY QD 113 97.45 88.89 4.02
C GLY QD 113 97.96 87.48 3.78
N LEU QD 114 98.90 87.03 4.62
CA LEU QD 114 99.41 85.66 4.52
C LEU QD 114 98.70 84.75 5.51
N GLY QD 115 97.73 85.29 6.23
CA GLY QD 115 97.00 84.50 7.21
C GLY QD 115 97.62 84.52 8.59
N PHE QD 116 97.90 85.71 9.12
CA PHE QD 116 98.52 85.85 10.43
C PHE QD 116 97.83 86.96 11.22
N LEU QD 117 97.85 86.84 12.54
CA LEU QD 117 97.34 87.86 13.43
C LEU QD 117 98.42 88.25 14.41
N ASP QD 118 98.58 89.57 14.62
CA ASP QD 118 99.57 90.07 15.57
C ASP QD 118 98.85 90.74 16.72
N PRO QD 119 98.75 90.11 17.89
CA PRO QD 119 98.10 90.77 19.04
C PRO QD 119 98.83 92.01 19.52
N THR QD 120 100.10 92.18 19.18
CA THR QD 120 100.89 93.34 19.62
C THR QD 120 100.82 94.51 18.64
N ALA QD 121 99.98 94.43 17.62
CA ALA QD 121 99.86 95.52 16.67
C ALA QD 121 99.31 96.77 17.34
N ALA QD 122 99.77 97.93 16.86
CA ALA QD 122 99.38 99.22 17.45
C ALA QD 122 98.12 99.71 16.76
N ILE QD 123 96.98 99.32 17.33
CA ILE QD 123 95.66 99.73 16.85
C ILE QD 123 95.21 100.95 17.64
N VAL QD 124 94.65 101.93 16.94
CA VAL QD 124 94.23 103.19 17.56
C VAL QD 124 92.77 103.45 17.23
N SER QD 125 92.13 104.26 18.07
CA SER QD 125 90.74 104.63 17.89
C SER QD 125 90.63 106.00 17.21
N SER QD 126 89.40 106.36 16.84
CA SER QD 126 89.17 107.63 16.19
C SER QD 126 89.25 108.81 17.15
N ASP QD 127 88.99 108.58 18.43
CA ASP QD 127 89.05 109.67 19.40
C ASP QD 127 90.49 110.13 19.62
N THR QD 128 90.64 111.38 20.01
CA THR QD 128 91.94 111.98 20.25
C THR QD 128 92.09 112.35 21.72
N THR QD 129 93.33 112.55 22.14
CA THR QD 129 93.63 112.92 23.51
C THR QD 129 93.89 114.42 23.64
N ALA RD 1 67.98 133.73 -1.33
CA ALA RD 1 68.60 132.59 -2.01
C ALA RD 1 68.17 131.27 -1.36
N ASN RD 2 67.23 130.59 -2.01
CA ASN RD 2 66.74 129.33 -1.48
C ASN RD 2 67.74 128.21 -1.71
N LYS RD 3 67.73 127.23 -0.82
CA LYS RD 3 68.68 126.12 -0.92
C LYS RD 3 68.28 125.20 -2.07
N PRO RD 4 69.20 124.88 -2.98
CA PRO RD 4 68.86 123.98 -4.08
C PRO RD 4 68.89 122.53 -3.65
N MET RD 5 68.30 121.67 -4.48
CA MET RD 5 68.36 120.23 -4.29
C MET RD 5 69.08 119.56 -5.44
N GLN RD 6 69.45 118.30 -5.23
CA GLN RD 6 70.00 117.41 -6.23
C GLN RD 6 69.19 116.12 -6.28
N PRO RD 7 69.05 115.50 -7.45
CA PRO RD 7 68.20 114.30 -7.55
C PRO RD 7 68.80 113.13 -6.78
N ILE RD 8 67.92 112.30 -6.22
CA ILE RD 8 68.31 111.11 -5.48
C ILE RD 8 68.03 109.84 -6.29
N THR RD 9 66.78 109.62 -6.67
CA THR RD 9 66.41 108.53 -7.56
C THR RD 9 65.99 109.08 -8.90
N SER RD 10 66.60 108.55 -9.97
CA SER RD 10 66.38 109.08 -11.30
C SER RD 10 65.78 108.01 -12.19
N THR RD 11 64.48 108.13 -12.44
CA THR RD 11 63.77 107.31 -13.41
C THR RD 11 62.96 108.24 -14.30
N ALA RD 12 62.84 107.86 -15.58
CA ALA RD 12 62.09 108.71 -16.51
C ALA RD 12 60.62 108.80 -16.11
N ASN RD 13 60.12 107.81 -15.38
CA ASN RD 13 58.77 107.88 -14.86
C ASN RD 13 58.66 108.86 -13.70
N LYS RD 14 59.64 108.88 -12.80
CA LYS RD 14 59.60 109.77 -11.65
C LYS RD 14 61.01 110.08 -11.16
N ILE RD 15 61.22 111.33 -10.77
CA ILE RD 15 62.49 111.79 -10.19
C ILE RD 15 62.20 112.49 -8.89
N VAL RD 16 62.97 112.17 -7.86
CA VAL RD 16 62.80 112.75 -6.53
C VAL RD 16 64.00 113.65 -6.25
N TRP RD 17 63.74 114.81 -5.65
CA TRP RD 17 64.77 115.73 -5.21
C TRP RD 17 64.87 115.69 -3.69
N SER RD 18 66.05 115.99 -3.17
CA SER RD 18 66.26 116.00 -1.72
C SER RD 18 67.36 116.99 -1.38
N ASP RD 19 67.19 117.66 -0.24
CA ASP RD 19 68.16 118.64 0.21
C ASP RD 19 69.34 117.92 0.86
N PRO RD 20 70.57 118.16 0.41
CA PRO RD 20 71.73 117.51 1.07
C PRO RD 20 71.82 117.81 2.55
N THR RD 21 71.41 119.00 3.00
CA THR RD 21 71.47 119.34 4.41
C THR RD 21 70.28 118.80 5.21
N ARG RD 22 69.13 118.61 4.57
CA ARG RD 22 67.96 118.05 5.26
C ARG RD 22 67.35 117.02 4.32
N LEU RD 23 67.68 115.74 4.55
CA LEU RD 23 67.20 114.67 3.67
C LEU RD 23 65.70 114.45 3.80
N SER RD 24 65.06 115.01 4.81
CA SER RD 24 63.62 114.84 4.98
C SER RD 24 62.80 115.72 4.05
N THR RD 25 63.41 116.75 3.46
CA THR RD 25 62.72 117.64 2.53
C THR RD 25 62.85 117.08 1.12
N THR RD 26 61.75 116.63 0.54
CA THR RD 26 61.77 115.96 -0.75
C THR RD 26 60.73 116.58 -1.68
N PHE RD 27 61.06 116.57 -2.97
CA PHE RD 27 60.15 117.01 -4.03
C PHE RD 27 60.23 115.99 -5.16
N SER RD 28 59.08 115.45 -5.55
CA SER RD 28 59.01 114.39 -6.54
C SER RD 28 58.05 114.76 -7.67
N ALA RD 29 58.45 114.44 -8.88
CA ALA RD 29 57.62 114.66 -10.07
C ALA RD 29 57.49 113.34 -10.82
N SER RD 30 56.26 112.91 -11.05
CA SER RD 30 55.96 111.66 -11.73
C SER RD 30 55.05 111.94 -12.91
N LEU RD 31 55.39 111.39 -14.08
CA LEU RD 31 54.62 111.57 -15.29
C LEU RD 31 54.13 110.22 -15.80
N LEU RD 32 52.83 110.14 -16.10
CA LEU RD 32 52.23 108.96 -16.70
C LEU RD 32 51.56 109.37 -18.01
N ARG RD 33 52.00 108.78 -19.11
CA ARG RD 33 51.53 109.15 -20.43
C ARG RD 33 50.76 107.99 -21.05
N GLN RD 34 49.61 108.31 -21.65
CA GLN RD 34 48.76 107.32 -22.28
C GLN RD 34 48.11 107.94 -23.51
N ARG RD 35 47.81 107.10 -24.50
CA ARG RD 35 47.18 107.55 -25.74
C ARG RD 35 45.68 107.33 -25.61
N VAL RD 36 45.01 108.26 -24.92
CA VAL RD 36 43.56 108.22 -24.77
C VAL RD 36 42.94 109.02 -25.90
N LYS RD 37 42.49 108.34 -26.94
CA LYS RD 37 42.01 109.02 -28.13
C LYS RD 37 40.49 109.21 -28.09
N VAL RD 38 40.06 110.45 -28.34
CA VAL RD 38 38.65 110.76 -28.50
C VAL RD 38 38.23 110.38 -29.91
N GLY RD 39 36.94 110.40 -30.18
CA GLY RD 39 36.41 110.00 -31.48
C GLY RD 39 37.07 110.67 -32.65
N ILE RD 40 37.44 109.88 -33.66
CA ILE RD 40 38.09 110.29 -34.91
C ILE RD 40 39.20 111.30 -34.67
N ALA RD 41 39.92 111.15 -33.57
CA ALA RD 41 41.04 112.02 -33.26
C ALA RD 41 42.06 111.24 -32.43
N GLU RD 42 43.29 111.74 -32.45
CA GLU RD 42 44.39 111.16 -31.68
C GLU RD 42 44.88 112.18 -30.67
N LEU RD 43 44.98 111.77 -29.41
CA LEU RD 43 45.38 112.67 -28.33
C LEU RD 43 46.27 111.92 -27.35
N ASN RD 44 47.40 112.52 -27.00
CA ASN RD 44 48.31 111.98 -26.00
C ASN RD 44 48.26 112.86 -24.76
N ASN RD 45 47.76 112.31 -23.66
CA ASN RD 45 47.66 113.05 -22.41
C ASN RD 45 48.78 112.67 -21.46
N VAL RD 46 49.17 113.62 -20.61
CA VAL RD 46 50.26 113.43 -19.67
C VAL RD 46 49.72 113.81 -18.29
N SER RD 47 49.49 112.82 -17.45
CA SER RD 47 49.06 113.05 -16.07
C SER RD 47 50.29 113.29 -15.21
N GLY RD 48 50.43 114.51 -14.71
CA GLY RD 48 51.61 114.88 -13.95
C GLY RD 48 51.36 115.06 -12.48
N GLN RD 49 52.01 114.25 -11.65
CA GLN RD 49 51.84 114.30 -10.20
C GLN RD 49 53.11 114.84 -9.57
N TYR RD 50 52.96 115.89 -8.76
CA TYR RD 50 54.09 116.55 -8.10
C TYR RD 50 53.82 116.59 -6.60
N VAL RD 51 54.74 116.04 -5.82
CA VAL RD 51 54.58 115.92 -4.38
C VAL RD 51 55.72 116.67 -3.70
N SER RD 52 55.37 117.57 -2.79
CA SER RD 52 56.33 118.27 -1.95
C SER RD 52 56.13 117.87 -0.50
N VAL RD 53 57.20 117.38 0.13
CA VAL RD 53 57.13 116.86 1.49
C VAL RD 53 58.14 117.61 2.35
N TYR RD 54 57.68 118.12 3.49
CA TYR RD 54 58.52 118.79 4.46
C TYR RD 54 58.09 118.37 5.85
N LYS RD 55 59.07 118.09 6.71
CA LYS RD 55 58.80 117.69 8.09
C LYS RD 55 59.24 118.82 9.01
N ARG RD 56 58.27 119.58 9.52
CA ARG RD 56 58.51 120.76 10.34
C ARG RD 56 58.27 120.43 11.81
N PRO RD 57 59.14 120.86 12.70
CA PRO RD 57 58.90 120.63 14.13
C PRO RD 57 57.66 121.35 14.62
N ALA RD 58 57.00 120.76 15.61
CA ALA RD 58 55.81 121.35 16.18
C ALA RD 58 56.13 122.70 16.80
N PRO RD 59 55.21 123.66 16.77
CA PRO RD 59 55.51 125.01 17.26
C PRO RD 59 55.87 125.04 18.74
N LYS RD 60 56.87 125.84 19.09
CA LYS RD 60 57.30 126.01 20.46
C LYS RD 60 56.32 126.91 21.21
N PRO RD 61 56.20 126.75 22.54
CA PRO RD 61 55.31 127.64 23.31
C PRO RD 61 55.72 129.10 23.18
N GLU RD 62 54.74 130.00 23.14
CA GLU RD 62 55.03 131.40 22.88
C GLU RD 62 55.90 132.00 23.97
N GLY RD 63 55.63 131.66 25.22
CA GLY RD 63 56.44 132.19 26.32
C GLY RD 63 57.63 131.31 26.62
N CYS RD 64 58.45 131.04 25.62
CA CYS RD 64 59.63 130.19 25.77
C CYS RD 64 60.84 130.87 25.16
N ALA RD 65 61.92 130.91 25.93
CA ALA RD 65 63.21 131.37 25.44
C ALA RD 65 64.31 130.33 25.66
N ASP RD 66 63.95 129.08 25.88
CA ASP RD 66 64.93 128.04 26.16
C ASP RD 66 65.84 127.82 24.96
N ALA RD 67 67.08 127.42 25.25
CA ALA RD 67 68.08 127.25 24.21
C ALA RD 67 67.67 126.18 23.19
N CYS RD 68 67.53 124.93 23.64
CA CYS RD 68 67.25 123.82 22.76
C CYS RD 68 66.23 122.89 23.37
N VAL RD 69 65.01 122.96 22.87
CA VAL RD 69 63.95 121.99 23.18
C VAL RD 69 63.31 121.60 21.85
N ILE RD 70 63.46 120.33 21.47
CA ILE RD 70 63.06 119.88 20.14
C ILE RD 70 61.77 119.08 20.27
N MET RD 71 60.77 119.42 19.46
CA MET RD 71 59.50 118.71 19.41
C MET RD 71 59.48 117.83 18.17
N PRO RD 72 58.75 116.71 18.19
CA PRO RD 72 58.73 115.82 17.02
C PRO RD 72 58.08 116.50 15.82
N ASN RD 73 58.54 116.08 14.64
CA ASN RD 73 58.15 116.71 13.40
C ASN RD 73 56.72 116.30 13.01
N GLU RD 74 56.07 117.18 12.25
CA GLU RD 74 54.76 116.91 11.68
C GLU RD 74 54.89 116.83 10.17
N ASN RD 75 54.01 116.10 9.52
CA ASN RD 75 54.11 115.89 8.09
C ASN RD 75 53.37 116.99 7.33
N GLN RD 76 54.08 117.71 6.48
CA GLN RD 76 53.50 118.72 5.62
C GLN RD 76 53.67 118.26 4.17
N SER RD 77 52.56 118.15 3.45
CA SER RD 77 52.57 117.63 2.09
C SER RD 77 51.69 118.50 1.20
N ILE RD 78 52.18 118.77 0.00
CA ILE RD 78 51.41 119.45 -1.04
C ILE RD 78 51.54 118.63 -2.31
N ARG RD 79 50.42 118.17 -2.84
CA ARG RD 79 50.41 117.26 -3.98
C ARG RD 79 49.52 117.85 -5.08
N THR RD 80 50.08 117.98 -6.27
CA THR RD 80 49.38 118.56 -7.41
C THR RD 80 49.38 117.57 -8.57
N VAL RD 81 48.21 117.34 -9.14
CA VAL RD 81 48.03 116.43 -10.27
C VAL RD 81 47.48 117.22 -11.44
N ILE RD 82 48.17 117.14 -12.57
CA ILE RD 82 47.79 117.87 -13.78
C ILE RD 82 47.55 116.85 -14.89
N SER RD 83 46.37 116.90 -15.49
CA SER RD 83 45.97 115.97 -16.53
C SER RD 83 45.50 116.75 -17.75
N GLY RD 84 45.97 116.36 -18.93
CA GLY RD 84 45.56 117.01 -20.15
C GLY RD 84 46.36 116.58 -21.37
N SER RD 85 45.81 116.78 -22.55
CA SER RD 85 46.49 116.39 -23.77
C SER RD 85 47.68 117.30 -24.05
N ALA RD 86 48.67 116.77 -24.76
CA ALA RD 86 49.84 117.57 -25.10
C ALA RD 86 49.53 118.64 -26.13
N GLU RD 87 48.43 118.46 -26.88
CA GLU RD 87 48.07 119.42 -27.90
C GLU RD 87 47.64 120.75 -27.30
N ASN RD 88 47.02 120.71 -26.12
CA ASN RD 88 46.46 121.89 -25.47
C ASN RD 88 47.38 122.43 -24.38
N LEU RD 89 48.68 122.40 -24.59
CA LEU RD 89 49.63 122.74 -23.53
C LEU RD 89 49.52 124.21 -23.13
N ALA RD 90 49.39 125.12 -24.11
CA ALA RD 90 49.38 126.54 -23.79
C ALA RD 90 48.13 126.92 -22.99
N THR RD 91 46.97 126.47 -23.44
CA THR RD 91 45.74 126.76 -22.70
C THR RD 91 45.70 126.03 -21.36
N LEU RD 92 46.35 124.87 -21.25
CA LEU RD 92 46.43 124.21 -19.96
C LEU RD 92 47.33 124.98 -19.01
N LYS RD 93 48.38 125.62 -19.55
CA LYS RD 93 49.21 126.50 -18.73
C LYS RD 93 48.42 127.71 -18.25
N ALA RD 94 47.56 128.26 -19.12
CA ALA RD 94 46.68 129.33 -18.68
C ALA RD 94 45.74 128.86 -17.58
N GLU RD 95 45.20 127.64 -17.73
CA GLU RD 95 44.37 127.06 -16.69
C GLU RD 95 45.15 126.91 -15.38
N TRP RD 96 46.41 126.53 -15.47
CA TRP RD 96 47.25 126.38 -14.28
C TRP RD 96 47.47 127.72 -13.60
N GLU RD 97 47.67 128.78 -14.38
CA GLU RD 97 47.81 130.11 -13.80
C GLU RD 97 46.54 130.53 -13.08
N THR RD 98 45.38 130.29 -13.69
CA THR RD 98 44.13 130.65 -13.04
C THR RD 98 43.88 129.78 -11.80
N HIS RD 99 44.32 128.52 -11.84
CA HIS RD 99 44.23 127.67 -10.66
C HIS RD 99 45.11 128.21 -9.54
N LYS RD 100 46.31 128.66 -9.87
CA LYS RD 100 47.14 129.37 -8.89
C LYS RD 100 46.38 130.52 -8.28
N ARG RD 101 45.77 131.35 -9.11
CA ARG RD 101 45.10 132.54 -8.61
C ARG RD 101 43.96 132.17 -7.67
N ASN RD 102 43.17 131.16 -8.05
CA ASN RD 102 42.04 130.76 -7.22
C ASN RD 102 42.49 130.16 -5.88
N VAL RD 103 43.45 129.24 -5.92
CA VAL RD 103 43.92 128.63 -4.68
C VAL RD 103 44.55 129.69 -3.78
N ASP RD 104 45.29 130.63 -4.37
CA ASP RD 104 45.88 131.70 -3.56
C ASP RD 104 44.82 132.56 -2.91
N THR RD 105 43.83 133.02 -3.68
CA THR RD 105 42.83 133.92 -3.12
C THR RD 105 41.93 133.21 -2.13
N LEU RD 106 41.88 131.88 -2.17
CA LEU RD 106 41.02 131.19 -1.22
C LEU RD 106 41.79 130.73 0.03
N PHE RD 107 43.07 130.43 -0.11
CA PHE RD 107 43.87 129.81 0.96
C PHE RD 107 44.95 130.75 1.49
N ALA RD 108 45.78 131.30 0.60
CA ALA RD 108 46.89 132.13 1.03
C ALA RD 108 46.40 133.40 1.72
N SER RD 109 45.36 134.02 1.17
CA SER RD 109 44.77 135.21 1.76
C SER RD 109 43.49 134.93 2.53
N GLY RD 110 43.04 133.68 2.57
CA GLY RD 110 41.84 133.31 3.28
C GLY RD 110 42.12 132.56 4.56
N ASN RD 111 41.14 131.76 4.99
CA ASN RD 111 41.24 130.97 6.21
C ASN RD 111 41.06 129.47 5.94
N ALA RD 112 41.25 129.03 4.70
CA ALA RD 112 41.16 127.62 4.40
C ALA RD 112 42.23 126.82 5.13
N GLY RD 113 43.37 127.43 5.41
CA GLY RD 113 44.39 126.77 6.21
C GLY RD 113 43.93 126.46 7.62
N LEU RD 114 43.16 127.36 8.23
CA LEU RD 114 42.58 127.13 9.54
C LEU RD 114 41.33 126.26 9.48
N GLY RD 115 40.70 126.16 8.32
CA GLY RD 115 39.54 125.30 8.17
C GLY RD 115 38.22 126.01 7.97
N PHE RD 116 38.23 127.24 7.48
CA PHE RD 116 37.02 128.00 7.21
C PHE RD 116 36.90 128.27 5.72
N LEU RD 117 35.73 128.02 5.16
CA LEU RD 117 35.43 128.32 3.77
C LEU RD 117 34.54 129.54 3.69
N ASP RD 118 34.90 130.48 2.80
CA ASP RD 118 34.12 131.69 2.62
C ASP RD 118 33.40 131.62 1.29
N PRO RD 119 32.07 131.46 1.26
CA PRO RD 119 31.36 131.41 -0.03
C PRO RD 119 31.33 132.74 -0.77
N THR RD 120 31.86 133.81 -0.18
CA THR RD 120 31.91 135.12 -0.83
C THR RD 120 33.27 135.40 -1.44
N ALA RD 121 34.15 134.41 -1.51
CA ALA RD 121 35.48 134.62 -2.08
C ALA RD 121 35.38 134.95 -3.56
N ALA RD 122 36.29 135.80 -4.03
CA ALA RD 122 36.30 136.24 -5.42
C ALA RD 122 37.02 135.21 -6.27
N ILE RD 123 36.38 134.07 -6.46
CA ILE RD 123 36.91 133.01 -7.31
C ILE RD 123 36.58 133.36 -8.76
N VAL RD 124 37.59 133.31 -9.62
CA VAL RD 124 37.48 133.83 -10.98
C VAL RD 124 37.92 132.76 -11.96
N SER RD 125 37.40 132.84 -13.19
CA SER RD 125 37.64 131.82 -14.20
C SER RD 125 38.73 132.26 -15.16
N SER RD 126 39.06 131.35 -16.08
CA SER RD 126 40.20 131.55 -16.97
C SER RD 126 39.91 132.52 -18.11
N ASP RD 127 38.71 132.46 -18.69
CA ASP RD 127 38.42 133.25 -19.87
C ASP RD 127 38.35 134.74 -19.53
N THR RD 128 38.66 135.56 -20.53
CA THR RD 128 38.66 137.02 -20.38
C THR RD 128 37.52 137.62 -21.18
N THR RD 129 36.93 138.67 -20.62
CA THR RD 129 35.82 139.37 -21.26
C THR RD 129 36.29 140.10 -22.51
N ALA SD 1 69.97 122.96 -38.96
CA ALA SD 1 69.70 122.82 -37.52
C ALA SD 1 68.53 121.87 -37.28
N ASN SD 2 68.85 120.63 -36.92
CA ASN SD 2 67.82 119.64 -36.66
C ASN SD 2 67.24 119.80 -35.26
N LYS SD 3 66.00 119.38 -35.09
CA LYS SD 3 65.34 119.48 -33.79
C LYS SD 3 65.85 118.40 -32.85
N PRO SD 4 66.40 118.75 -31.69
CA PRO SD 4 66.86 117.72 -30.75
C PRO SD 4 65.70 117.01 -30.05
N MET SD 5 66.00 115.87 -29.46
CA MET SD 5 65.06 115.13 -28.63
C MET SD 5 65.51 115.14 -27.18
N GLN SD 6 64.59 114.77 -26.30
CA GLN SD 6 64.84 114.52 -24.90
C GLN SD 6 64.38 113.12 -24.53
N PRO SD 7 65.00 112.50 -23.52
CA PRO SD 7 64.66 111.10 -23.20
C PRO SD 7 63.30 110.95 -22.53
N ILE SD 8 62.46 110.06 -23.07
CA ILE SD 8 61.18 109.77 -22.44
C ILE SD 8 61.25 108.54 -21.54
N THR SD 9 62.17 107.62 -21.81
CA THR SD 9 62.35 106.43 -20.99
C THR SD 9 63.84 106.20 -20.78
N SER SD 10 64.26 106.20 -19.52
CA SER SD 10 65.67 106.04 -19.17
C SER SD 10 65.82 104.79 -18.32
N THR SD 11 66.72 103.91 -18.73
CA THR SD 11 66.96 102.65 -18.06
C THR SD 11 68.40 102.24 -18.32
N ALA SD 12 68.98 101.45 -17.40
CA ALA SD 12 70.36 101.04 -17.52
C ALA SD 12 70.61 100.23 -18.79
N ASN SD 13 69.55 99.67 -19.38
CA ASN SD 13 69.68 98.87 -20.58
C ASN SD 13 68.94 99.43 -21.79
N LYS SD 14 68.22 100.55 -21.66
CA LYS SD 14 67.44 101.09 -22.76
C LYS SD 14 67.14 102.56 -22.50
N ILE SD 15 67.38 103.40 -23.51
CA ILE SD 15 67.02 104.81 -23.47
C ILE SD 15 66.23 105.14 -24.73
N VAL SD 16 65.09 105.81 -24.55
CA VAL SD 16 64.20 106.16 -25.64
C VAL SD 16 64.08 107.67 -25.71
N TRP SD 17 64.26 108.23 -26.90
CA TRP SD 17 64.10 109.65 -27.15
C TRP SD 17 62.80 109.90 -27.89
N SER SD 18 62.33 111.16 -27.85
CA SER SD 18 61.12 111.55 -28.56
C SER SD 18 61.11 113.06 -28.75
N ASP SD 19 60.69 113.49 -29.94
CA ASP SD 19 60.68 114.91 -30.25
C ASP SD 19 59.55 115.60 -29.51
N PRO SD 20 59.83 116.73 -28.83
CA PRO SD 20 58.73 117.45 -28.15
C PRO SD 20 57.64 117.91 -29.10
N THR SD 21 57.98 118.31 -30.33
CA THR SD 21 56.96 118.75 -31.27
C THR SD 21 56.11 117.58 -31.76
N ARG SD 22 56.74 116.48 -32.15
CA ARG SD 22 56.04 115.29 -32.61
C ARG SD 22 56.44 114.11 -31.74
N LEU SD 23 55.50 113.61 -30.96
CA LEU SD 23 55.82 112.50 -30.04
C LEU SD 23 55.92 111.18 -30.79
N SER SD 24 55.44 111.15 -32.04
CA SER SD 24 55.45 109.93 -32.83
C SER SD 24 56.87 109.52 -33.20
N THR SD 25 57.75 110.50 -33.36
CA THR SD 25 59.13 110.23 -33.77
C THR SD 25 59.96 109.88 -32.56
N THR SD 26 60.43 108.63 -32.50
CA THR SD 26 61.24 108.16 -31.39
C THR SD 26 62.49 107.46 -31.90
N PHE SD 27 63.53 107.49 -31.08
CA PHE SD 27 64.79 106.81 -31.36
C PHE SD 27 65.29 106.18 -30.08
N SER SD 28 65.43 104.86 -30.07
CA SER SD 28 65.79 104.13 -28.86
C SER SD 28 67.02 103.26 -29.11
N ALA SD 29 67.81 103.07 -28.06
CA ALA SD 29 69.00 102.24 -28.10
C ALA SD 29 68.94 101.24 -26.95
N SER SD 30 69.16 99.97 -27.25
CA SER SD 30 69.13 98.91 -26.26
C SER SD 30 70.42 98.11 -26.35
N LEU SD 31 71.09 97.90 -25.21
CA LEU SD 31 72.34 97.18 -25.17
C LEU SD 31 72.19 95.91 -24.36
N LEU SD 32 72.68 94.80 -24.90
CA LEU SD 32 72.71 93.51 -24.21
C LEU SD 32 74.16 93.10 -24.04
N ARG SD 33 74.55 92.86 -22.79
CA ARG SD 33 75.93 92.54 -22.44
C ARG SD 33 76.02 91.10 -21.96
N GLN SD 34 76.85 90.31 -22.62
CA GLN SD 34 77.03 88.90 -22.28
C GLN SD 34 78.50 88.53 -22.37
N ARG SD 35 78.89 87.54 -21.57
CA ARG SD 35 80.22 86.97 -21.65
C ARG SD 35 80.21 85.80 -22.62
N VAL SD 36 81.08 85.85 -23.63
CA VAL SD 36 81.15 84.82 -24.66
C VAL SD 36 82.36 83.94 -24.39
N LYS SD 37 82.11 82.64 -24.30
CA LYS SD 37 83.16 81.65 -24.07
C LYS SD 37 83.76 81.23 -25.40
N VAL SD 38 84.98 81.70 -25.68
CA VAL SD 38 85.71 81.32 -26.86
C VAL SD 38 87.01 80.64 -26.41
N GLY SD 39 87.34 79.54 -27.08
CA GLY SD 39 88.46 78.70 -26.71
C GLY SD 39 89.69 79.46 -26.22
N ILE SD 40 90.21 79.04 -25.06
CA ILE SD 40 91.33 79.67 -24.36
C ILE SD 40 91.23 81.19 -24.40
N ALA SD 41 90.02 81.71 -24.18
CA ALA SD 41 89.80 83.14 -24.12
C ALA SD 41 88.52 83.43 -23.35
N GLU SD 42 88.40 84.64 -22.83
CA GLU SD 42 87.19 85.11 -22.16
C GLU SD 42 86.94 86.56 -22.56
N LEU SD 43 86.17 86.74 -23.62
CA LEU SD 43 85.83 88.06 -24.14
C LEU SD 43 84.32 88.23 -24.12
N ASN SD 44 83.88 89.45 -23.85
CA ASN SD 44 82.47 89.75 -23.59
C ASN SD 44 81.89 90.55 -24.74
N ASN SD 45 80.85 90.02 -25.37
CA ASN SD 45 80.22 90.67 -26.50
C ASN SD 45 79.11 91.60 -26.03
N VAL SD 46 78.83 92.62 -26.83
CA VAL SD 46 77.74 93.57 -26.57
C VAL SD 46 76.89 93.66 -27.83
N SER SD 47 75.58 93.54 -27.65
CA SER SD 47 74.63 93.66 -28.76
C SER SD 47 73.86 94.96 -28.60
N GLY SD 48 73.94 95.83 -29.60
CA GLY SD 48 73.24 97.09 -29.54
C GLY SD 48 72.19 97.23 -30.62
N GLN SD 49 70.96 97.53 -30.21
CA GLN SD 49 69.83 97.64 -31.13
C GLN SD 49 69.38 99.10 -31.17
N TYR SD 50 69.35 99.67 -32.36
CA TYR SD 50 68.94 101.06 -32.57
C TYR SD 50 67.77 101.07 -33.54
N VAL SD 51 66.68 101.75 -33.16
CA VAL SD 51 65.49 101.85 -33.99
C VAL SD 51 65.12 103.31 -34.14
N SER SD 52 64.77 103.70 -35.36
CA SER SD 52 64.25 105.03 -35.65
C SER SD 52 62.91 104.91 -36.36
N VAL SD 53 61.90 105.58 -35.82
CA VAL SD 53 60.55 105.52 -36.37
C VAL SD 53 60.06 106.93 -36.66
N TYR SD 54 59.45 107.11 -37.82
CA TYR SD 54 58.79 108.35 -38.20
C TYR SD 54 57.42 107.99 -38.74
N LYS SD 55 56.39 108.66 -38.24
CA LYS SD 55 55.02 108.39 -38.64
C LYS SD 55 54.62 109.38 -39.73
N ARG SD 56 55.31 109.26 -40.86
CA ARG SD 56 55.16 110.21 -41.96
C ARG SD 56 53.78 110.09 -42.58
N PRO SD 57 53.13 111.21 -42.91
CA PRO SD 57 51.83 111.14 -43.58
C PRO SD 57 51.95 110.54 -44.98
N ALA SD 58 50.88 109.85 -45.37
CA ALA SD 58 50.80 109.32 -46.72
C ALA SD 58 50.73 110.48 -47.72
N PRO SD 59 51.15 110.29 -48.97
CA PRO SD 59 51.28 111.44 -49.86
C PRO SD 59 49.93 111.97 -50.33
N LYS SD 60 49.81 113.28 -50.33
CA LYS SD 60 48.57 113.95 -50.66
C LYS SD 60 48.21 113.70 -52.13
N PRO SD 61 46.93 113.56 -52.45
CA PRO SD 61 46.53 113.38 -53.86
C PRO SD 61 46.93 114.57 -54.71
N GLU SD 62 47.15 114.33 -56.00
CA GLU SD 62 47.73 115.32 -56.90
C GLU SD 62 46.63 116.23 -57.43
N GLY SD 63 46.96 117.52 -57.59
CA GLY SD 63 46.09 118.48 -58.22
C GLY SD 63 45.02 119.08 -57.33
N CYS SD 64 44.92 118.65 -56.07
CA CYS SD 64 43.90 119.16 -55.15
C CYS SD 64 44.55 119.40 -53.79
N ALA SD 65 44.38 120.59 -53.26
CA ALA SD 65 44.87 120.95 -51.93
C ALA SD 65 43.69 121.04 -50.98
N ASP SD 66 43.52 120.03 -50.14
CA ASP SD 66 42.42 120.01 -49.19
C ASP SD 66 42.58 121.13 -48.16
N ALA SD 67 41.46 121.49 -47.54
CA ALA SD 67 41.48 122.55 -46.53
C ALA SD 67 42.32 122.15 -45.33
N CYS SD 68 42.17 120.90 -44.88
CA CYS SD 68 42.88 120.41 -43.71
C CYS SD 68 43.49 119.05 -44.00
N VAL SD 69 44.60 118.76 -43.32
CA VAL SD 69 45.29 117.49 -43.53
C VAL SD 69 44.53 116.37 -42.82
N ILE SD 70 44.15 115.35 -43.57
CA ILE SD 70 43.39 114.23 -43.06
C ILE SD 70 44.03 112.93 -43.52
N MET SD 71 45.28 113.02 -43.97
CA MET SD 71 45.93 111.87 -44.59
C MET SD 71 46.23 110.81 -43.53
N PRO SD 72 45.92 109.54 -43.79
CA PRO SD 72 46.19 108.49 -42.80
C PRO SD 72 47.64 108.04 -42.81
N ASN SD 73 48.47 108.73 -42.04
CA ASN SD 73 49.92 108.54 -42.00
C ASN SD 73 50.37 107.07 -41.93
N GLU SD 74 51.58 106.80 -42.42
CA GLU SD 74 52.15 105.47 -42.48
C GLU SD 74 53.30 105.35 -41.51
N ASN SD 75 53.96 104.18 -41.54
CA ASN SD 75 55.03 103.88 -40.60
C ASN SD 75 56.35 103.74 -41.36
N GLN SD 76 57.35 104.52 -40.96
CA GLN SD 76 58.70 104.41 -41.50
C GLN SD 76 59.64 104.00 -40.38
N SER SD 77 60.35 102.90 -40.56
CA SER SD 77 61.20 102.33 -39.52
C SER SD 77 62.57 101.99 -40.08
N ILE SD 78 63.60 102.28 -39.30
CA ILE SD 78 64.98 101.89 -39.59
C ILE SD 78 65.56 101.25 -38.34
N ARG SD 79 66.00 100.02 -38.45
CA ARG SD 79 66.48 99.23 -37.32
C ARG SD 79 67.88 98.72 -37.61
N THR SD 80 68.81 98.97 -36.68
CA THR SD 80 70.20 98.58 -36.84
C THR SD 80 70.68 97.85 -35.60
N VAL SD 81 71.37 96.73 -35.80
CA VAL SD 81 71.91 95.91 -34.72
C VAL SD 81 73.40 95.74 -34.96
N ILE SD 82 74.21 96.13 -33.98
CA ILE SD 82 75.66 96.01 -34.04
C ILE SD 82 76.09 95.08 -32.92
N SER SD 83 76.76 93.99 -33.27
CA SER SD 83 77.18 92.97 -32.31
C SER SD 83 78.67 92.72 -32.50
N GLY SD 84 79.41 92.68 -31.39
CA GLY SD 84 80.83 92.41 -31.45
C GLY SD 84 81.45 92.55 -30.09
N SER SD 85 82.70 92.10 -30.00
CA SER SD 85 83.43 92.16 -28.74
C SER SD 85 83.96 93.56 -28.49
N ALA SD 86 83.99 93.96 -27.22
CA ALA SD 86 84.48 95.29 -26.88
C ALA SD 86 85.99 95.40 -27.06
N GLU SD 87 86.70 94.27 -27.09
CA GLU SD 87 88.14 94.28 -27.27
C GLU SD 87 88.51 94.82 -28.65
N ASN SD 88 87.69 94.52 -29.65
CA ASN SD 88 87.93 94.92 -31.03
C ASN SD 88 87.09 96.12 -31.44
N LEU SD 89 86.91 97.08 -30.54
CA LEU SD 89 85.95 98.16 -30.78
C LEU SD 89 86.36 99.05 -31.96
N ALA SD 90 87.65 99.33 -32.11
CA ALA SD 90 88.10 100.17 -33.22
C ALA SD 90 87.80 99.50 -34.55
N THR SD 91 88.08 98.20 -34.63
CA THR SD 91 87.76 97.44 -35.84
C THR SD 91 86.27 97.35 -36.08
N LEU SD 92 85.47 97.23 -35.01
CA LEU SD 92 84.02 97.25 -35.17
C LEU SD 92 83.55 98.59 -35.72
N LYS SD 93 84.18 99.68 -35.29
CA LYS SD 93 83.86 101.00 -35.84
C LYS SD 93 84.21 101.07 -37.33
N ALA SD 94 85.36 100.49 -37.71
CA ALA SD 94 85.71 100.43 -39.13
C ALA SD 94 84.69 99.61 -39.92
N GLU SD 95 84.22 98.50 -39.34
CA GLU SD 95 83.18 97.71 -39.96
C GLU SD 95 81.89 98.51 -40.11
N TRP SD 96 81.56 99.31 -39.10
CA TRP SD 96 80.38 100.17 -39.18
C TRP SD 96 80.52 101.18 -40.32
N GLU SD 97 81.71 101.76 -40.47
CA GLU SD 97 81.92 102.71 -41.57
C GLU SD 97 81.76 102.02 -42.93
N THR SD 98 82.33 100.82 -43.07
CA THR SD 98 82.22 100.09 -44.33
C THR SD 98 80.75 99.71 -44.61
N HIS SD 99 80.03 99.30 -43.57
CA HIS SD 99 78.62 98.97 -43.72
C HIS SD 99 77.81 100.19 -44.15
N LYS SD 100 78.09 101.35 -43.56
CA LYS SD 100 77.43 102.58 -43.97
C LYS SD 100 77.70 102.87 -45.44
N ARG SD 101 78.97 102.72 -45.86
CA ARG SD 101 79.31 103.00 -47.25
C ARG SD 101 78.58 102.06 -48.20
N ASN SD 102 78.53 100.76 -47.87
CA ASN SD 102 77.85 99.80 -48.73
C ASN SD 102 76.36 100.07 -48.80
N VAL SD 103 75.74 100.39 -47.65
CA VAL SD 103 74.30 100.64 -47.64
C VAL SD 103 73.99 101.92 -48.41
N ASP SD 104 74.87 102.92 -48.32
CA ASP SD 104 74.69 104.13 -49.11
C ASP SD 104 74.80 103.82 -50.60
N THR SD 105 75.75 102.97 -50.97
CA THR SD 105 75.91 102.61 -52.37
C THR SD 105 74.67 101.90 -52.92
N LEU SD 106 74.11 100.98 -52.15
CA LEU SD 106 72.94 100.23 -52.63
C LEU SD 106 71.66 101.07 -52.58
N PHE SD 107 71.50 101.87 -51.53
CA PHE SD 107 70.22 102.51 -51.21
C PHE SD 107 70.23 104.02 -51.42
N ALA SD 108 71.17 104.73 -50.79
CA ALA SD 108 71.17 106.18 -50.87
C ALA SD 108 71.42 106.67 -52.29
N SER SD 109 72.37 106.05 -52.99
CA SER SD 109 72.67 106.41 -54.36
C SER SD 109 72.15 105.41 -55.37
N GLY SD 110 71.50 104.34 -54.93
CA GLY SD 110 70.96 103.33 -55.81
C GLY SD 110 69.45 103.31 -55.80
N ASN SD 111 68.88 102.27 -56.42
CA ASN SD 111 67.44 102.14 -56.51
C ASN SD 111 66.95 100.97 -55.67
N ALA SD 112 67.64 100.68 -54.57
CA ALA SD 112 67.19 99.61 -53.68
C ALA SD 112 65.88 99.97 -52.99
N GLY SD 113 65.60 101.27 -52.87
CA GLY SD 113 64.36 101.68 -52.22
C GLY SD 113 63.12 101.23 -52.96
N LEU SD 114 63.15 101.29 -54.29
CA LEU SD 114 61.99 100.86 -55.06
C LEU SD 114 61.89 99.34 -55.12
N GLY SD 115 62.98 98.64 -54.84
CA GLY SD 115 62.97 97.19 -54.85
C GLY SD 115 63.95 96.54 -55.80
N PHE SD 116 64.93 97.28 -56.31
CA PHE SD 116 65.90 96.71 -57.24
C PHE SD 116 67.22 96.42 -56.55
N LEU SD 117 67.72 95.21 -56.73
CA LEU SD 117 69.03 94.79 -56.20
C LEU SD 117 70.00 94.74 -57.37
N ASP SD 118 70.80 95.78 -57.51
CA ASP SD 118 71.72 95.87 -58.64
C ASP SD 118 72.88 94.91 -58.43
N PRO SD 119 73.10 93.95 -59.34
CA PRO SD 119 74.19 92.98 -59.13
C PRO SD 119 75.58 93.52 -59.44
N THR SD 120 75.70 94.68 -60.08
CA THR SD 120 77.00 95.23 -60.43
C THR SD 120 77.40 96.41 -59.54
N ALA SD 121 76.76 96.59 -58.38
CA ALA SD 121 77.11 97.68 -57.50
C ALA SD 121 78.50 97.50 -56.92
N ALA SD 122 79.16 98.62 -56.61
CA ALA SD 122 80.53 98.61 -56.11
C ALA SD 122 80.51 98.45 -54.60
N ILE SD 123 80.55 97.19 -54.16
CA ILE SD 123 80.62 96.87 -52.73
C ILE SD 123 82.08 96.65 -52.35
N VAL SD 124 82.47 97.17 -51.19
CA VAL SD 124 83.86 97.10 -50.74
C VAL SD 124 83.90 96.54 -49.34
N SER SD 125 85.07 95.99 -48.98
CA SER SD 125 85.28 95.43 -47.65
C SER SD 125 86.05 96.41 -46.77
N SER SD 126 86.08 96.10 -45.47
CA SER SD 126 86.80 96.96 -44.54
C SER SD 126 88.30 96.87 -44.73
N ASP SD 127 88.80 95.76 -45.27
CA ASP SD 127 90.22 95.60 -45.48
C ASP SD 127 90.71 96.53 -46.58
N THR SD 128 91.93 97.02 -46.42
CA THR SD 128 92.55 97.94 -47.36
C THR SD 128 93.77 97.30 -48.01
N THR SD 129 94.07 97.72 -49.23
CA THR SD 129 95.21 97.20 -49.96
C THR SD 129 96.46 98.06 -49.72
N ALA TD 1 -4.89 -20.25 -146.27
CA ALA TD 1 -5.41 -21.46 -145.63
C ALA TD 1 -5.14 -21.44 -144.14
N ASN TD 2 -6.19 -21.19 -143.36
CA ASN TD 2 -6.05 -21.12 -141.91
C ASN TD 2 -5.84 -22.52 -141.32
N LYS TD 3 -5.07 -22.58 -140.25
CA LYS TD 3 -4.73 -23.86 -139.64
C LYS TD 3 -5.89 -24.39 -138.80
N PRO TD 4 -6.32 -25.64 -139.02
CA PRO TD 4 -7.36 -26.20 -138.16
C PRO TD 4 -6.96 -26.17 -136.69
N MET TD 5 -7.96 -25.98 -135.83
CA MET TD 5 -7.77 -25.95 -134.39
C MET TD 5 -8.66 -27.01 -133.76
N GLN TD 6 -8.06 -27.84 -132.89
CA GLN TD 6 -8.76 -29.01 -132.36
C GLN TD 6 -9.01 -28.85 -130.87
N PRO TD 7 -10.10 -29.40 -130.35
CA PRO TD 7 -10.48 -29.13 -128.95
C PRO TD 7 -9.63 -29.93 -127.97
N ILE TD 8 -9.44 -29.37 -126.79
CA ILE TD 8 -8.75 -30.06 -125.71
C ILE TD 8 -9.63 -30.29 -124.49
N THR TD 9 -10.65 -29.48 -124.27
CA THR TD 9 -11.63 -29.69 -123.22
C THR TD 9 -13.02 -29.58 -123.80
N SER TD 10 -13.83 -30.62 -123.59
CA SER TD 10 -15.17 -30.68 -124.14
C SER TD 10 -16.17 -30.92 -123.02
N THR TD 11 -17.17 -30.04 -122.95
CA THR TD 11 -18.23 -30.14 -121.95
C THR TD 11 -19.48 -29.53 -122.56
N ALA TD 12 -20.64 -29.92 -122.02
CA ALA TD 12 -21.91 -29.40 -122.52
C ALA TD 12 -22.01 -27.89 -122.29
N ASN TD 13 -21.25 -27.36 -121.34
CA ASN TD 13 -21.31 -25.95 -121.00
C ASN TD 13 -20.10 -25.15 -121.48
N LYS TD 14 -19.04 -25.80 -121.93
CA LYS TD 14 -17.81 -25.11 -122.32
C LYS TD 14 -16.96 -26.04 -123.17
N ILE TD 15 -16.54 -25.56 -124.33
CA ILE TD 15 -15.59 -26.26 -125.19
C ILE TD 15 -14.43 -25.33 -125.48
N VAL TD 16 -13.21 -25.81 -125.29
CA VAL TD 16 -12.00 -25.01 -125.47
C VAL TD 16 -11.19 -25.62 -126.60
N TRP TD 17 -10.80 -24.78 -127.56
CA TRP TD 17 -9.95 -25.19 -128.68
C TRP TD 17 -8.56 -24.60 -128.48
N SER TD 18 -7.55 -25.28 -129.02
CA SER TD 18 -6.17 -24.82 -128.96
C SER TD 18 -5.42 -25.23 -130.21
N ASP TD 19 -4.51 -24.38 -130.66
CA ASP TD 19 -3.70 -24.68 -131.83
C ASP TD 19 -2.69 -25.77 -131.49
N PRO TD 20 -2.68 -26.89 -132.22
CA PRO TD 20 -1.70 -27.94 -131.91
C PRO TD 20 -0.26 -27.47 -131.99
N THR TD 21 0.05 -26.56 -132.91
CA THR TD 21 1.40 -26.02 -133.00
C THR TD 21 1.72 -25.05 -131.86
N ARG TD 22 0.74 -24.27 -131.39
CA ARG TD 22 0.94 -23.37 -130.26
C ARG TD 22 -0.26 -23.46 -129.32
N LEU TD 23 -0.15 -24.27 -128.27
CA LEU TD 23 -1.26 -24.47 -127.35
C LEU TD 23 -1.60 -23.21 -126.57
N SER TD 24 -0.69 -22.22 -126.61
CA SER TD 24 -0.97 -20.94 -125.98
C SER TD 24 -2.09 -20.17 -126.67
N THR TD 25 -2.38 -20.49 -127.92
CA THR TD 25 -3.49 -19.85 -128.64
C THR TD 25 -4.76 -20.65 -128.39
N THR TD 26 -5.76 -20.02 -127.78
CA THR TD 26 -6.97 -20.70 -127.37
C THR TD 26 -8.20 -19.93 -127.82
N PHE TD 27 -9.30 -20.66 -127.99
CA PHE TD 27 -10.61 -20.09 -128.30
C PHE TD 27 -11.67 -20.93 -127.61
N SER TD 28 -12.34 -20.35 -126.62
CA SER TD 28 -13.29 -21.08 -125.80
C SER TD 28 -14.67 -20.45 -125.90
N ALA TD 29 -15.70 -21.29 -125.85
CA ALA TD 29 -17.09 -20.87 -125.91
C ALA TD 29 -17.81 -21.41 -124.70
N SER TD 30 -18.53 -20.53 -123.99
CA SER TD 30 -19.26 -20.90 -122.78
C SER TD 30 -20.71 -20.46 -122.93
N LEU TD 31 -21.65 -21.37 -122.67
CA LEU TD 31 -23.06 -21.07 -122.72
C LEU TD 31 -23.65 -21.10 -121.31
N LEU TD 32 -24.40 -20.05 -120.97
CA LEU TD 32 -25.10 -19.96 -119.70
C LEU TD 32 -26.55 -19.63 -119.98
N ARG TD 33 -27.45 -20.52 -119.59
CA ARG TD 33 -28.86 -20.45 -119.96
C ARG TD 33 -29.72 -20.24 -118.72
N GLN TD 34 -30.56 -19.21 -118.75
CA GLN TD 34 -31.54 -18.94 -117.71
C GLN TD 34 -32.92 -18.84 -118.33
N ARG TD 35 -33.94 -18.97 -117.48
CA ARG TD 35 -35.33 -18.80 -117.89
C ARG TD 35 -35.83 -17.46 -117.33
N VAL TD 36 -36.30 -16.60 -118.23
CA VAL TD 36 -36.67 -15.23 -117.88
C VAL TD 36 -38.14 -15.03 -118.20
N LYS TD 37 -38.89 -14.47 -117.24
CA LYS TD 37 -40.31 -14.20 -117.40
C LYS TD 37 -40.50 -12.75 -117.82
N VAL TD 38 -40.41 -12.51 -119.13
CA VAL TD 38 -40.54 -11.16 -119.66
C VAL TD 38 -42.00 -10.75 -119.76
N GLY TD 39 -42.79 -11.53 -120.48
CA GLY TD 39 -44.16 -11.18 -120.82
C GLY TD 39 -45.17 -12.20 -120.34
N ILE TD 40 -44.98 -12.67 -119.10
CA ILE TD 40 -45.71 -13.77 -118.46
C ILE TD 40 -45.62 -15.01 -119.33
N ALA TD 41 -44.62 -15.03 -120.22
CA ALA TD 41 -44.26 -16.21 -120.99
C ALA TD 41 -42.79 -16.51 -120.73
N GLU TD 42 -42.49 -17.77 -120.41
CA GLU TD 42 -41.15 -18.14 -119.95
C GLU TD 42 -40.23 -18.28 -121.15
N LEU TD 43 -39.57 -17.17 -121.50
CA LEU TD 43 -38.57 -17.19 -122.56
C LEU TD 43 -37.28 -17.81 -122.05
N ASN TD 44 -36.60 -18.53 -122.94
CA ASN TD 44 -35.35 -19.21 -122.59
C ASN TD 44 -34.16 -18.40 -123.10
N ASN TD 45 -33.60 -17.61 -122.18
CA ASN TD 45 -32.45 -16.78 -122.51
C ASN TD 45 -31.19 -17.62 -122.62
N VAL TD 46 -30.34 -17.28 -123.59
CA VAL TD 46 -29.05 -17.92 -123.79
C VAL TD 46 -27.98 -16.84 -123.81
N SER TD 47 -26.98 -16.98 -122.94
CA SER TD 47 -25.88 -16.02 -122.84
C SER TD 47 -24.59 -16.76 -123.17
N GLY TD 48 -24.12 -16.60 -124.40
CA GLY TD 48 -22.91 -17.26 -124.85
C GLY TD 48 -21.72 -16.32 -124.79
N GLN TD 49 -20.64 -16.80 -124.18
CA GLN TD 49 -19.41 -16.04 -124.03
C GLN TD 49 -18.32 -16.70 -124.86
N TYR TD 50 -17.81 -15.98 -125.85
CA TYR TD 50 -16.75 -16.46 -126.73
C TYR TD 50 -15.53 -15.56 -126.55
N VAL TD 51 -14.39 -16.15 -126.22
CA VAL TD 51 -13.16 -15.42 -125.99
C VAL TD 51 -12.03 -16.07 -126.76
N SER TD 52 -11.21 -15.25 -127.42
CA SER TD 52 -10.02 -15.71 -128.13
C SER TD 52 -8.79 -15.06 -127.51
N VAL TD 53 -7.82 -15.89 -127.15
CA VAL TD 53 -6.59 -15.42 -126.50
C VAL TD 53 -5.40 -15.83 -127.35
N TYR TD 54 -4.58 -14.86 -127.71
CA TYR TD 54 -3.33 -15.11 -128.41
C TYR TD 54 -2.20 -14.41 -127.68
N LYS TD 55 -1.18 -15.19 -127.29
CA LYS TD 55 0.00 -14.65 -126.62
C LYS TD 55 1.03 -14.35 -127.70
N ARG TD 56 1.11 -13.08 -128.11
CA ARG TD 56 1.98 -12.66 -129.20
C ARG TD 56 3.22 -11.98 -128.63
N PRO TD 57 4.42 -12.35 -129.06
CA PRO TD 57 5.62 -11.70 -128.54
C PRO TD 57 6.07 -10.47 -129.31
N ALA TD 58 6.12 -9.34 -128.60
CA ALA TD 58 6.41 -8.04 -129.20
C ALA TD 58 7.54 -7.34 -128.46
N PRO TD 59 8.77 -7.87 -128.53
CA PRO TD 59 9.92 -7.02 -128.18
C PRO TD 59 10.05 -5.84 -129.12
N LYS TD 60 9.63 -6.02 -130.37
CA LYS TD 60 9.61 -5.02 -131.43
C LYS TD 60 10.97 -4.38 -131.64
N PRO TD 61 11.98 -5.15 -132.05
CA PRO TD 61 13.26 -4.53 -132.44
C PRO TD 61 13.15 -3.92 -133.82
N GLU TD 62 13.06 -2.60 -133.86
CA GLU TD 62 12.78 -1.90 -135.10
C GLU TD 62 13.99 -1.96 -136.03
N GLY TD 63 13.86 -2.76 -137.08
CA GLY TD 63 14.90 -2.85 -138.10
C GLY TD 63 15.79 -4.07 -138.13
N CYS TD 64 16.05 -4.67 -136.97
CA CYS TD 64 17.02 -5.75 -136.93
C CYS TD 64 16.53 -6.88 -136.05
N ALA TD 65 16.69 -8.11 -136.56
CA ALA TD 65 16.53 -9.33 -135.78
C ALA TD 65 17.70 -10.24 -136.10
N ASP TD 66 18.33 -10.79 -135.07
CA ASP TD 66 19.62 -11.44 -135.33
C ASP TD 66 19.62 -12.94 -135.05
N ALA TD 67 19.26 -13.37 -133.85
CA ALA TD 67 19.43 -14.76 -133.46
C ALA TD 67 18.31 -15.16 -132.50
N CYS TD 68 18.49 -16.31 -131.86
CA CYS TD 68 17.50 -16.84 -130.93
C CYS TD 68 17.52 -16.05 -129.63
N VAL TD 69 16.65 -15.06 -129.52
CA VAL TD 69 16.51 -14.24 -128.33
C VAL TD 69 15.19 -14.63 -127.68
N ILE TD 70 15.15 -14.61 -126.35
CA ILE TD 70 13.92 -14.88 -125.62
C ILE TD 70 12.85 -13.86 -126.00
N MET TD 71 11.67 -14.37 -126.33
CA MET TD 71 10.56 -13.49 -126.67
C MET TD 71 9.63 -13.32 -125.46
N PRO TD 72 9.56 -12.13 -124.87
CA PRO TD 72 8.53 -11.87 -123.85
C PRO TD 72 7.18 -11.68 -124.51
N ASN TD 73 6.11 -12.14 -123.85
CA ASN TD 73 4.79 -12.20 -124.47
C ASN TD 73 3.84 -11.20 -123.82
N GLU TD 74 2.95 -10.64 -124.65
CA GLU TD 74 1.79 -9.91 -124.18
C GLU TD 74 0.54 -10.65 -124.63
N ASN TD 75 -0.56 -10.45 -123.92
CA ASN TD 75 -1.79 -11.17 -124.19
C ASN TD 75 -2.75 -10.32 -125.03
N GLN TD 76 -3.16 -10.86 -126.16
CA GLN TD 76 -4.18 -10.24 -126.99
C GLN TD 76 -5.47 -11.02 -126.81
N SER TD 77 -6.50 -10.37 -126.27
CA SER TD 77 -7.75 -11.04 -125.94
C SER TD 77 -8.92 -10.30 -126.58
N ILE TD 78 -9.81 -11.06 -127.21
CA ILE TD 78 -11.07 -10.55 -127.74
C ILE TD 78 -12.18 -11.46 -127.23
N ARG TD 79 -13.08 -10.91 -126.42
CA ARG TD 79 -14.18 -11.67 -125.85
C ARG TD 79 -15.50 -11.05 -126.29
N THR TD 80 -16.48 -11.90 -126.55
CA THR TD 80 -17.80 -11.47 -127.00
C THR TD 80 -18.86 -12.22 -126.21
N VAL TD 81 -19.87 -11.49 -125.73
CA VAL TD 81 -21.01 -12.07 -125.04
C VAL TD 81 -22.26 -11.70 -125.83
N ILE TD 82 -23.13 -12.68 -126.06
CA ILE TD 82 -24.38 -12.48 -126.78
C ILE TD 82 -25.51 -12.98 -125.89
N SER TD 83 -26.43 -12.09 -125.54
CA SER TD 83 -27.55 -12.42 -124.66
C SER TD 83 -28.84 -12.12 -125.40
N GLY TD 84 -29.77 -13.07 -125.38
CA GLY TD 84 -31.05 -12.90 -126.04
C GLY TD 84 -31.92 -14.13 -125.96
N SER TD 85 -33.22 -13.95 -126.19
CA SER TD 85 -34.15 -15.08 -126.15
C SER TD 85 -33.89 -16.01 -127.33
N ALA TD 86 -34.08 -17.30 -127.10
CA ALA TD 86 -33.91 -18.28 -128.17
C ALA TD 86 -34.98 -18.13 -129.23
N GLU TD 87 -36.12 -17.54 -128.87
CA GLU TD 87 -37.23 -17.43 -129.80
C GLU TD 87 -37.05 -16.27 -130.78
N ASN TD 88 -36.05 -15.43 -130.55
CA ASN TD 88 -35.74 -14.29 -131.40
C ASN TD 88 -34.36 -14.43 -132.02
N LEU TD 89 -34.06 -15.64 -132.50
CA LEU TD 89 -32.71 -15.94 -132.98
C LEU TD 89 -32.40 -15.18 -134.28
N ALA TD 90 -33.38 -15.03 -135.16
CA ALA TD 90 -33.15 -14.30 -136.40
C ALA TD 90 -32.80 -12.85 -136.13
N THR TD 91 -33.56 -12.20 -135.25
CA THR TD 91 -33.25 -10.83 -134.87
C THR TD 91 -31.91 -10.74 -134.14
N LEU TD 92 -31.57 -11.74 -133.33
CA LEU TD 92 -30.27 -11.74 -132.67
C LEU TD 92 -29.14 -11.84 -133.68
N LYS TD 93 -29.32 -12.64 -134.73
CA LYS TD 93 -28.30 -12.74 -135.77
C LYS TD 93 -28.18 -11.44 -136.55
N ALA TD 94 -29.31 -10.78 -136.81
CA ALA TD 94 -29.26 -9.47 -137.45
C ALA TD 94 -28.51 -8.46 -136.57
N GLU TD 95 -28.77 -8.50 -135.26
CA GLU TD 95 -28.02 -7.66 -134.33
C GLU TD 95 -26.54 -7.97 -134.37
N TRP TD 96 -26.18 -9.25 -134.48
CA TRP TD 96 -24.77 -9.64 -134.56
C TRP TD 96 -24.13 -9.07 -135.81
N GLU TD 97 -24.83 -9.13 -136.95
CA GLU TD 97 -24.28 -8.57 -138.18
C GLU TD 97 -24.10 -7.06 -138.06
N THR TD 98 -25.09 -6.36 -137.50
CA THR TD 98 -24.97 -4.92 -137.34
C THR TD 98 -23.84 -4.55 -136.38
N HIS TD 99 -23.69 -5.33 -135.31
CA HIS TD 99 -22.60 -5.11 -134.36
C HIS TD 99 -21.25 -5.31 -135.03
N LYS TD 100 -21.14 -6.35 -135.85
CA LYS TD 100 -19.89 -6.57 -136.58
C LYS TD 100 -19.58 -5.39 -137.48
N ARG TD 101 -20.59 -4.89 -138.20
CA ARG TD 101 -20.37 -3.75 -139.10
C ARG TD 101 -19.94 -2.51 -138.32
N ASN TD 102 -20.59 -2.23 -137.19
CA ASN TD 102 -20.23 -1.04 -136.42
C ASN TD 102 -18.84 -1.14 -135.83
N VAL TD 103 -18.50 -2.31 -135.27
CA VAL TD 103 -17.16 -2.47 -134.71
C VAL TD 103 -16.11 -2.39 -135.80
N ASP TD 104 -16.44 -2.89 -137.01
CA ASP TD 104 -15.52 -2.74 -138.13
C ASP TD 104 -15.29 -1.26 -138.46
N THR TD 105 -16.37 -0.50 -138.60
CA THR TD 105 -16.23 0.90 -139.01
C THR TD 105 -15.55 1.73 -137.92
N LEU TD 106 -15.59 1.27 -136.67
CA LEU TD 106 -14.86 1.97 -135.62
C LEU TD 106 -13.40 1.54 -135.50
N PHE TD 107 -13.12 0.25 -135.67
CA PHE TD 107 -11.84 -0.34 -135.32
C PHE TD 107 -10.99 -0.67 -136.54
N ALA TD 108 -11.53 -1.46 -137.47
CA ALA TD 108 -10.73 -1.91 -138.61
C ALA TD 108 -10.41 -0.77 -139.56
N SER TD 109 -11.42 0.04 -139.89
CA SER TD 109 -11.23 1.17 -140.79
C SER TD 109 -10.97 2.47 -140.05
N GLY TD 110 -11.06 2.48 -138.72
CA GLY TD 110 -10.83 3.67 -137.93
C GLY TD 110 -9.51 3.61 -137.19
N ASN TD 111 -9.45 4.38 -136.10
CA ASN TD 111 -8.27 4.46 -135.25
C ASN TD 111 -8.59 4.12 -133.80
N ALA TD 112 -9.62 3.31 -133.57
CA ALA TD 112 -10.03 2.98 -132.21
C ALA TD 112 -8.99 2.12 -131.51
N GLY TD 113 -8.24 1.31 -132.26
CA GLY TD 113 -7.24 0.46 -131.63
C GLY TD 113 -6.09 1.25 -131.02
N LEU TD 114 -5.85 2.45 -131.54
CA LEU TD 114 -4.75 3.29 -131.05
C LEU TD 114 -5.23 4.18 -129.91
N GLY TD 115 -6.51 4.06 -129.54
CA GLY TD 115 -7.05 4.88 -128.47
C GLY TD 115 -7.68 6.16 -128.94
N PHE TD 116 -8.58 6.09 -129.92
CA PHE TD 116 -9.23 7.26 -130.49
C PHE TD 116 -10.71 6.97 -130.70
N LEU TD 117 -11.52 8.01 -130.54
CA LEU TD 117 -12.95 7.95 -130.87
C LEU TD 117 -13.23 8.96 -131.97
N ASP TD 118 -13.97 8.54 -132.99
CA ASP TD 118 -14.31 9.43 -134.10
C ASP TD 118 -15.80 9.72 -134.04
N PRO TD 119 -16.22 10.89 -133.55
CA PRO TD 119 -17.67 11.14 -133.39
C PRO TD 119 -18.45 11.17 -134.69
N THR TD 120 -17.80 11.39 -135.83
CA THR TD 120 -18.51 11.46 -137.10
C THR TD 120 -18.56 10.12 -137.83
N ALA TD 121 -18.14 9.05 -137.18
CA ALA TD 121 -18.19 7.73 -137.80
C ALA TD 121 -19.63 7.32 -138.07
N ALA TD 122 -19.84 6.57 -139.16
CA ALA TD 122 -21.18 6.19 -139.61
C ALA TD 122 -21.60 4.93 -138.89
N ILE TD 123 -22.28 5.11 -137.77
CA ILE TD 123 -22.86 4.02 -137.01
C ILE TD 123 -24.31 3.83 -137.42
N VAL TD 124 -24.69 2.58 -137.68
CA VAL TD 124 -26.01 2.26 -138.21
C VAL TD 124 -26.69 1.25 -137.32
N SER TD 125 -28.03 1.23 -137.36
CA SER TD 125 -28.82 0.31 -136.59
C SER TD 125 -29.21 -0.91 -137.43
N SER TD 126 -29.76 -1.92 -136.76
CA SER TD 126 -30.17 -3.13 -137.46
C SER TD 126 -31.44 -2.92 -138.26
N ASP TD 127 -32.28 -1.97 -137.89
CA ASP TD 127 -33.51 -1.73 -138.61
C ASP TD 127 -33.22 -1.10 -139.98
N THR TD 128 -34.10 -1.38 -140.93
CA THR TD 128 -33.97 -0.89 -142.29
C THR TD 128 -35.05 0.15 -142.59
N THR TD 129 -34.93 0.78 -143.76
CA THR TD 129 -35.90 1.78 -144.18
C THR TD 129 -36.76 1.26 -145.33
N ALA UD 1 -44.41 -38.31 -137.88
CA ALA UD 1 -43.04 -37.81 -137.84
C ALA UD 1 -42.83 -36.88 -136.66
N ASN UD 2 -42.52 -37.45 -135.50
CA ASN UD 2 -42.30 -36.65 -134.30
C ASN UD 2 -41.02 -35.83 -134.42
N LYS UD 3 -41.02 -34.66 -133.82
CA LYS UD 3 -39.86 -33.79 -133.87
C LYS UD 3 -38.71 -34.39 -133.09
N PRO UD 4 -37.51 -34.48 -133.65
CA PRO UD 4 -36.40 -35.08 -132.93
C PRO UD 4 -35.85 -34.14 -131.86
N MET UD 5 -35.14 -34.73 -130.90
CA MET UD 5 -34.50 -33.99 -129.82
C MET UD 5 -32.99 -34.16 -129.90
N GLN UD 6 -32.28 -33.20 -129.32
CA GLN UD 6 -30.83 -33.23 -129.21
C GLN UD 6 -30.41 -32.96 -127.77
N PRO UD 7 -29.30 -33.53 -127.31
CA PRO UD 7 -28.87 -33.30 -125.93
C PRO UD 7 -28.38 -31.86 -125.74
N ILE UD 8 -28.71 -31.28 -124.60
CA ILE UD 8 -28.32 -29.92 -124.24
C ILE UD 8 -27.29 -29.91 -123.12
N THR UD 9 -27.52 -30.70 -122.08
CA THR UD 9 -26.55 -30.89 -121.01
C THR UD 9 -26.24 -32.37 -120.88
N SER UD 10 -24.96 -32.70 -120.89
CA SER UD 10 -24.54 -34.09 -120.97
C SER UD 10 -23.62 -34.44 -119.82
N THR UD 11 -24.01 -35.46 -119.06
CA THR UD 11 -23.17 -36.08 -118.04
C THR UD 11 -23.46 -37.56 -118.04
N ALA UD 12 -22.45 -38.36 -117.69
CA ALA UD 12 -22.64 -39.81 -117.64
C ALA UD 12 -23.68 -40.19 -116.60
N ASN UD 13 -23.80 -39.39 -115.54
CA ASN UD 13 -24.84 -39.64 -114.54
C ASN UD 13 -26.23 -39.31 -115.08
N LYS UD 14 -26.38 -38.20 -115.78
CA LYS UD 14 -27.67 -37.83 -116.36
C LYS UD 14 -27.46 -37.04 -117.64
N ILE UD 15 -28.33 -37.29 -118.62
CA ILE UD 15 -28.36 -36.55 -119.88
C ILE UD 15 -29.78 -36.02 -120.07
N VAL UD 16 -29.89 -34.75 -120.42
CA VAL UD 16 -31.18 -34.10 -120.62
C VAL UD 16 -31.31 -33.73 -122.09
N TRP UD 17 -32.45 -34.07 -122.68
CA TRP UD 17 -32.74 -33.76 -124.07
C TRP UD 17 -33.66 -32.55 -124.14
N SER UD 18 -33.70 -31.92 -125.31
CA SER UD 18 -34.56 -30.75 -125.49
C SER UD 18 -34.87 -30.57 -126.97
N ASP UD 19 -36.01 -29.95 -127.25
CA ASP UD 19 -36.42 -29.69 -128.62
C ASP UD 19 -35.91 -28.32 -129.05
N PRO UD 20 -35.14 -28.23 -130.14
CA PRO UD 20 -34.64 -26.92 -130.59
C PRO UD 20 -35.73 -25.90 -130.84
N THR UD 21 -36.90 -26.32 -131.32
CA THR UD 21 -37.99 -25.39 -131.61
C THR UD 21 -38.78 -25.02 -130.37
N ARG UD 22 -38.79 -25.85 -129.33
CA ARG UD 22 -39.48 -25.55 -128.08
C ARG UD 22 -38.57 -26.01 -126.94
N LEU UD 23 -37.79 -25.08 -126.40
CA LEU UD 23 -36.80 -25.43 -125.38
C LEU UD 23 -37.44 -25.86 -124.06
N SER UD 24 -38.74 -25.61 -123.88
CA SER UD 24 -39.40 -25.98 -122.64
C SER UD 24 -39.69 -27.47 -122.54
N THR UD 25 -39.63 -28.20 -123.64
CA THR UD 25 -39.88 -29.64 -123.64
C THR UD 25 -38.57 -30.36 -123.37
N THR UD 26 -38.50 -31.09 -122.25
CA THR UD 26 -37.28 -31.75 -121.83
C THR UD 26 -37.55 -33.22 -121.54
N PHE UD 27 -36.50 -34.03 -121.72
CA PHE UD 27 -36.54 -35.46 -121.40
C PHE UD 27 -35.21 -35.81 -120.74
N SER UD 28 -35.26 -36.16 -119.46
CA SER UD 28 -34.06 -36.42 -118.68
C SER UD 28 -33.98 -37.89 -118.29
N ALA UD 29 -32.78 -38.45 -118.45
CA ALA UD 29 -32.51 -39.83 -118.05
C ALA UD 29 -31.31 -39.82 -117.11
N SER UD 30 -31.50 -40.36 -115.91
CA SER UD 30 -30.46 -40.39 -114.89
C SER UD 30 -30.32 -41.81 -114.37
N LEU UD 31 -29.09 -42.31 -114.34
CA LEU UD 31 -28.79 -43.65 -113.85
C LEU UD 31 -27.91 -43.55 -112.61
N LEU UD 32 -28.30 -44.28 -111.56
CA LEU UD 32 -27.52 -44.39 -110.34
C LEU UD 32 -27.21 -45.85 -110.08
N ARG UD 33 -25.93 -46.18 -109.96
CA ARG UD 33 -25.48 -47.56 -109.84
C ARG UD 33 -24.82 -47.77 -108.49
N GLN UD 34 -25.19 -48.87 -107.83
CA GLN UD 34 -24.64 -49.21 -106.52
C GLN UD 34 -24.55 -50.72 -106.41
N ARG UD 35 -23.52 -51.20 -105.71
CA ARG UD 35 -23.28 -52.63 -105.53
C ARG UD 35 -24.00 -53.07 -104.26
N VAL UD 36 -25.31 -53.31 -104.38
CA VAL UD 36 -26.11 -53.82 -103.28
C VAL UD 36 -26.10 -55.34 -103.37
N LYS UD 37 -25.26 -55.99 -102.57
CA LYS UD 37 -25.10 -57.43 -102.68
C LYS UD 37 -25.93 -58.15 -101.63
N VAL UD 38 -26.69 -59.14 -102.08
CA VAL UD 38 -27.45 -60.03 -101.20
C VAL UD 38 -26.49 -61.08 -100.65
N GLY UD 39 -26.94 -61.85 -99.67
CA GLY UD 39 -26.11 -62.84 -99.02
C GLY UD 39 -25.46 -63.82 -99.99
N ILE UD 40 -24.16 -64.07 -99.79
CA ILE UD 40 -23.33 -64.99 -100.55
C ILE UD 40 -23.52 -64.81 -102.05
N ALA UD 41 -23.80 -63.58 -102.48
CA ALA UD 41 -23.96 -63.28 -103.90
C ALA UD 41 -23.53 -61.85 -104.15
N GLU UD 42 -23.20 -61.57 -105.41
CA GLU UD 42 -22.80 -60.24 -105.87
C GLU UD 42 -23.81 -59.76 -106.90
N LEU UD 43 -24.31 -58.54 -106.71
CA LEU UD 43 -25.33 -57.98 -107.60
C LEU UD 43 -25.03 -56.51 -107.83
N ASN UD 44 -25.14 -56.07 -109.07
CA ASN UD 44 -24.99 -54.66 -109.43
C ASN UD 44 -26.38 -54.08 -109.69
N ASN UD 45 -26.76 -53.09 -108.89
CA ASN UD 45 -28.08 -52.48 -108.95
C ASN UD 45 -28.01 -51.19 -109.74
N VAL UD 46 -28.94 -51.02 -110.69
CA VAL UD 46 -28.99 -49.85 -111.55
C VAL UD 46 -30.37 -49.24 -111.39
N SER UD 47 -30.43 -48.05 -110.80
CA SER UD 47 -31.68 -47.32 -110.65
C SER UD 47 -31.81 -46.31 -111.77
N GLY UD 48 -32.89 -46.42 -112.54
CA GLY UD 48 -33.07 -45.53 -113.67
C GLY UD 48 -34.27 -44.60 -113.54
N GLN UD 49 -34.02 -43.30 -113.56
CA GLN UD 49 -35.06 -42.30 -113.42
C GLN UD 49 -35.19 -41.54 -114.73
N TYR UD 50 -36.39 -41.50 -115.29
CA TYR UD 50 -36.66 -40.83 -116.55
C TYR UD 50 -37.80 -39.85 -116.34
N VAL UD 51 -37.56 -38.57 -116.64
CA VAL UD 51 -38.53 -37.51 -116.43
C VAL UD 51 -38.77 -36.81 -117.76
N SER UD 52 -40.04 -36.72 -118.17
CA SER UD 52 -40.45 -35.97 -119.35
C SER UD 52 -41.32 -34.82 -118.93
N VAL UD 53 -40.94 -33.60 -119.36
CA VAL UD 53 -41.61 -32.38 -118.96
C VAL UD 53 -42.08 -31.65 -120.20
N TYR UD 54 -43.36 -31.27 -120.21
CA TYR UD 54 -43.94 -30.47 -121.27
C TYR UD 54 -44.83 -29.41 -120.63
N LYS UD 55 -44.74 -28.18 -121.13
CA LYS UD 55 -45.55 -27.08 -120.64
C LYS UD 55 -46.61 -26.77 -121.70
N ARG UD 56 -47.85 -27.14 -121.38
CA ARG UD 56 -48.96 -27.06 -122.32
C ARG UD 56 -49.83 -25.85 -122.00
N PRO UD 57 -50.25 -25.09 -123.00
CA PRO UD 57 -51.16 -23.96 -122.75
C PRO UD 57 -52.49 -24.44 -122.18
N ALA UD 58 -53.09 -23.59 -121.34
CA ALA UD 58 -54.38 -23.90 -120.78
C ALA UD 58 -55.43 -24.00 -121.88
N PRO UD 59 -56.43 -24.87 -121.73
CA PRO UD 59 -57.39 -25.09 -122.81
C PRO UD 59 -58.26 -23.87 -123.11
N LYS UD 60 -58.42 -23.57 -124.38
CA LYS UD 60 -59.24 -22.44 -124.82
C LYS UD 60 -60.71 -22.74 -124.58
N PRO UD 61 -61.55 -21.71 -124.37
CA PRO UD 61 -62.99 -21.95 -124.21
C PRO UD 61 -63.58 -22.63 -125.43
N GLU UD 62 -64.53 -23.55 -125.20
CA GLU UD 62 -65.05 -24.38 -126.30
C GLU UD 62 -65.75 -23.53 -127.35
N GLY UD 63 -66.54 -22.54 -126.92
CA GLY UD 63 -67.25 -21.70 -127.86
C GLY UD 63 -66.46 -20.47 -128.24
N CYS UD 64 -65.23 -20.66 -128.72
CA CYS UD 64 -64.34 -19.56 -129.07
C CYS UD 64 -63.82 -19.73 -130.48
N ALA UD 65 -63.82 -18.63 -131.24
CA ALA UD 65 -63.21 -18.60 -132.56
C ALA UD 65 -62.16 -17.50 -132.69
N ASP UD 66 -61.74 -16.89 -131.58
CA ASP UD 66 -60.77 -15.81 -131.64
C ASP UD 66 -59.42 -16.32 -132.12
N ALA UD 67 -58.71 -15.48 -132.86
CA ALA UD 67 -57.46 -15.87 -133.49
C ALA UD 67 -56.27 -15.81 -132.53
N CYS UD 68 -56.13 -14.70 -131.81
CA CYS UD 68 -54.90 -14.41 -131.10
C CYS UD 68 -55.19 -14.24 -129.61
N VAL UD 69 -55.22 -15.36 -128.89
CA VAL UD 69 -55.37 -15.37 -127.44
C VAL UD 69 -54.45 -16.43 -126.87
N ILE UD 70 -53.53 -16.03 -125.99
CA ILE UD 70 -52.53 -16.94 -125.43
C ILE UD 70 -52.72 -16.97 -123.92
N MET UD 71 -52.73 -18.17 -123.35
CA MET UD 71 -52.92 -18.38 -121.91
C MET UD 71 -51.68 -19.02 -121.30
N PRO UD 72 -51.44 -18.82 -120.01
CA PRO UD 72 -50.21 -19.33 -119.39
C PRO UD 72 -50.17 -20.85 -119.40
N ASN UD 73 -48.94 -21.36 -119.45
CA ASN UD 73 -48.70 -22.79 -119.57
C ASN UD 73 -48.84 -23.48 -118.22
N GLU UD 74 -49.22 -24.76 -118.28
CA GLU UD 74 -49.32 -25.61 -117.10
C GLU UD 74 -48.23 -26.67 -117.18
N ASN UD 75 -47.84 -27.22 -116.04
CA ASN UD 75 -46.75 -28.18 -116.00
C ASN UD 75 -47.29 -29.60 -116.13
N GLN UD 76 -46.82 -30.31 -117.15
CA GLN UD 76 -47.14 -31.72 -117.37
C GLN UD 76 -45.87 -32.53 -117.17
N SER UD 77 -45.85 -33.38 -116.15
CA SER UD 77 -44.66 -34.16 -115.80
C SER UD 77 -45.00 -35.63 -115.73
N ILE UD 78 -44.15 -36.46 -116.34
CA ILE UD 78 -44.25 -37.90 -116.28
C ILE UD 78 -42.90 -38.43 -115.84
N ARG UD 79 -42.87 -39.15 -114.72
CA ARG UD 79 -41.63 -39.61 -114.10
C ARG UD 79 -41.72 -41.09 -113.81
N THR UD 80 -40.76 -41.86 -114.32
CA THR UD 80 -40.69 -43.30 -114.07
C THR UD 80 -39.34 -43.65 -113.48
N VAL UD 81 -39.35 -44.53 -112.49
CA VAL UD 81 -38.14 -45.00 -111.82
C VAL UD 81 -38.10 -46.52 -111.94
N ILE UD 82 -37.00 -47.05 -112.45
CA ILE UD 82 -36.82 -48.49 -112.61
C ILE UD 82 -35.60 -48.89 -111.79
N SER UD 83 -35.80 -49.83 -110.86
CA SER UD 83 -34.74 -50.30 -109.98
C SER UD 83 -34.65 -51.82 -110.08
N GLY UD 84 -33.45 -52.32 -110.32
CA GLY UD 84 -33.24 -53.76 -110.42
C GLY UD 84 -31.80 -54.13 -110.69
N SER UD 85 -31.45 -55.40 -110.47
CA SER UD 85 -30.10 -55.86 -110.71
C SER UD 85 -29.84 -56.00 -112.20
N ALA UD 86 -28.57 -55.82 -112.59
CA ALA UD 86 -28.20 -55.95 -114.00
C ALA UD 86 -28.34 -57.38 -114.48
N GLU UD 87 -28.23 -58.35 -113.56
CA GLU UD 87 -28.29 -59.75 -113.96
C GLU UD 87 -29.68 -60.15 -114.42
N ASN UD 88 -30.72 -59.48 -113.90
CA ASN UD 88 -32.10 -59.81 -114.19
C ASN UD 88 -32.73 -58.87 -115.21
N LEU UD 89 -31.96 -58.46 -116.23
CA LEU UD 89 -32.44 -57.45 -117.15
C LEU UD 89 -33.64 -57.94 -117.97
N ALA UD 90 -33.63 -59.21 -118.38
CA ALA UD 90 -34.73 -59.73 -119.18
C ALA UD 90 -36.03 -59.74 -118.39
N THR UD 91 -35.98 -60.24 -117.16
CA THR UD 91 -37.16 -60.23 -116.31
C THR UD 91 -37.60 -58.82 -115.97
N LEU UD 92 -36.66 -57.89 -115.81
CA LEU UD 92 -37.02 -56.51 -115.57
C LEU UD 92 -37.74 -55.91 -116.78
N LYS UD 93 -37.31 -56.28 -117.99
CA LYS UD 93 -38.00 -55.83 -119.19
C LYS UD 93 -39.41 -56.40 -119.28
N ALA UD 94 -39.56 -57.68 -118.91
CA ALA UD 94 -40.90 -58.27 -118.87
C ALA UD 94 -41.79 -57.54 -117.85
N GLU UD 95 -41.24 -57.23 -116.68
CA GLU UD 95 -41.98 -56.46 -115.69
C GLU UD 95 -42.34 -55.09 -116.22
N TRP UD 96 -41.45 -54.48 -117.00
CA TRP UD 96 -41.71 -53.17 -117.58
C TRP UD 96 -42.86 -53.24 -118.59
N GLU UD 97 -42.90 -54.30 -119.40
CA GLU UD 97 -44.01 -54.47 -120.32
C GLU UD 97 -45.33 -54.66 -119.57
N THR UD 98 -45.31 -55.48 -118.52
CA THR UD 98 -46.52 -55.67 -117.72
C THR UD 98 -46.96 -54.37 -117.06
N HIS UD 99 -46.00 -53.57 -116.59
CA HIS UD 99 -46.31 -52.27 -116.01
C HIS UD 99 -46.95 -51.36 -117.04
N LYS UD 100 -46.42 -51.34 -118.26
CA LYS UD 100 -47.08 -50.62 -119.35
C LYS UD 100 -48.52 -51.04 -119.49
N ARG UD 101 -48.77 -52.35 -119.58
CA ARG UD 101 -50.13 -52.81 -119.85
C ARG UD 101 -51.07 -52.41 -118.72
N ASN UD 102 -50.62 -52.56 -117.47
CA ASN UD 102 -51.47 -52.23 -116.33
C ASN UD 102 -51.76 -50.73 -116.27
N VAL UD 103 -50.73 -49.89 -116.44
CA VAL UD 103 -50.94 -48.45 -116.33
C VAL UD 103 -51.79 -47.96 -117.49
N ASP UD 104 -51.64 -48.59 -118.67
CA ASP UD 104 -52.50 -48.24 -119.79
C ASP UD 104 -53.94 -48.60 -119.51
N THR UD 105 -54.17 -49.77 -118.89
CA THR UD 105 -55.53 -50.16 -118.54
C THR UD 105 -56.15 -49.16 -117.57
N LEU UD 106 -55.38 -48.70 -116.59
CA LEU UD 106 -55.92 -47.75 -115.61
C LEU UD 106 -56.09 -46.35 -116.19
N PHE UD 107 -55.18 -45.91 -117.05
CA PHE UD 107 -55.09 -44.50 -117.44
C PHE UD 107 -55.61 -44.24 -118.86
N ALA UD 108 -55.07 -44.95 -119.85
CA ALA UD 108 -55.42 -44.66 -121.24
C ALA UD 108 -56.87 -45.04 -121.53
N SER UD 109 -57.29 -46.22 -121.09
CA SER UD 109 -58.65 -46.70 -121.30
C SER UD 109 -59.56 -46.47 -120.11
N GLY UD 110 -59.06 -45.85 -119.04
CA GLY UD 110 -59.86 -45.62 -117.85
C GLY UD 110 -60.07 -44.14 -117.58
N ASN UD 111 -60.32 -43.84 -116.31
CA ASN UD 111 -60.55 -42.47 -115.85
C ASN UD 111 -59.59 -42.06 -114.74
N ALA UD 112 -58.45 -42.74 -114.62
CA ALA UD 112 -57.47 -42.36 -113.61
C ALA UD 112 -56.92 -40.97 -113.87
N GLY UD 113 -56.83 -40.57 -115.14
CA GLY UD 113 -56.40 -39.22 -115.46
C GLY UD 113 -57.36 -38.16 -114.98
N LEU UD 114 -58.67 -38.42 -115.04
CA LEU UD 114 -59.67 -37.50 -114.53
C LEU UD 114 -59.86 -37.62 -113.02
N GLY UD 115 -59.38 -38.71 -112.42
CA GLY UD 115 -59.45 -38.83 -110.97
C GLY UD 115 -60.33 -39.95 -110.45
N PHE UD 116 -60.60 -40.97 -111.26
CA PHE UD 116 -61.47 -42.06 -110.86
C PHE UD 116 -60.68 -43.37 -110.86
N LEU UD 117 -60.83 -44.14 -109.77
CA LEU UD 117 -60.23 -45.46 -109.66
C LEU UD 117 -61.33 -46.51 -109.81
N ASP UD 118 -61.08 -47.51 -110.66
CA ASP UD 118 -62.05 -48.57 -110.90
C ASP UD 118 -61.55 -49.85 -110.26
N PRO UD 119 -62.15 -50.31 -109.16
CA PRO UD 119 -61.76 -51.61 -108.58
C PRO UD 119 -61.90 -52.78 -109.53
N THR UD 120 -62.64 -52.64 -110.62
CA THR UD 120 -62.92 -53.73 -111.54
C THR UD 120 -61.97 -53.75 -112.74
N ALA UD 121 -60.89 -52.97 -112.70
CA ALA UD 121 -59.96 -52.93 -113.81
C ALA UD 121 -59.28 -54.29 -113.99
N ALA UD 122 -59.00 -54.64 -115.24
CA ALA UD 122 -58.39 -55.93 -115.59
C ALA UD 122 -56.88 -55.78 -115.48
N ILE UD 123 -56.37 -55.97 -114.28
CA ILE UD 123 -54.93 -55.89 -114.01
C ILE UD 123 -54.36 -57.30 -114.01
N VAL UD 124 -53.24 -57.48 -114.70
CA VAL UD 124 -52.63 -58.80 -114.88
C VAL UD 124 -51.18 -58.76 -114.44
N SER UD 125 -50.63 -59.93 -114.15
CA SER UD 125 -49.24 -60.05 -113.74
C SER UD 125 -48.37 -60.43 -114.94
N SER UD 126 -47.05 -60.43 -114.70
CA SER UD 126 -46.11 -60.76 -115.76
C SER UD 126 -46.06 -62.24 -116.07
N ASP UD 127 -46.20 -63.10 -115.06
CA ASP UD 127 -46.14 -64.54 -115.27
C ASP UD 127 -47.34 -65.00 -116.10
N THR UD 128 -47.10 -66.03 -116.92
CA THR UD 128 -48.13 -66.59 -117.78
C THR UD 128 -48.52 -67.99 -117.31
N THR UD 129 -49.74 -68.38 -117.64
CA THR UD 129 -50.26 -69.69 -117.25
C THR UD 129 -49.60 -70.80 -118.06
N ALA VD 1 -12.75 -60.80 -132.94
CA ALA VD 1 -13.51 -59.60 -132.68
C ALA VD 1 -13.73 -59.41 -131.19
N ASN VD 2 -12.99 -58.48 -130.60
CA ASN VD 2 -13.13 -58.21 -129.18
C ASN VD 2 -14.43 -57.45 -128.89
N LYS VD 3 -14.96 -57.65 -127.69
CA LYS VD 3 -16.22 -57.01 -127.32
C LYS VD 3 -16.02 -55.51 -127.13
N PRO VD 4 -16.79 -54.66 -127.80
CA PRO VD 4 -16.68 -53.23 -127.58
C PRO VD 4 -17.13 -52.83 -126.19
N MET VD 5 -16.66 -51.67 -125.74
CA MET VD 5 -16.94 -51.15 -124.42
C MET VD 5 -17.55 -49.76 -124.52
N GLN VD 6 -18.41 -49.42 -123.55
CA GLN VD 6 -19.11 -48.14 -123.53
C GLN VD 6 -18.73 -47.35 -122.27
N PRO VD 7 -18.79 -46.01 -122.33
CA PRO VD 7 -18.37 -45.21 -121.17
C PRO VD 7 -19.42 -45.16 -120.07
N ILE VD 8 -19.02 -45.49 -118.85
CA ILE VD 8 -19.94 -45.36 -117.71
C ILE VD 8 -19.78 -44.04 -116.98
N THR VD 9 -18.60 -43.44 -117.00
CA THR VD 9 -18.35 -42.16 -116.36
C THR VD 9 -17.59 -41.27 -117.33
N SER VD 10 -18.18 -40.14 -117.70
CA SER VD 10 -17.59 -39.23 -118.67
C SER VD 10 -17.38 -37.88 -118.02
N THR VD 11 -16.15 -37.37 -118.12
CA THR VD 11 -15.77 -36.08 -117.55
C THR VD 11 -14.66 -35.51 -118.43
N ALA VD 12 -14.51 -34.18 -118.37
CA ALA VD 12 -13.47 -33.52 -119.16
C ALA VD 12 -12.07 -33.96 -118.74
N ASN VD 13 -11.94 -34.56 -117.56
CA ASN VD 13 -10.65 -35.00 -117.06
C ASN VD 13 -10.55 -36.51 -116.85
N LYS VD 14 -11.62 -37.27 -117.07
CA LYS VD 14 -11.60 -38.70 -116.81
C LYS VD 14 -12.77 -39.36 -117.51
N ILE VD 15 -12.49 -40.41 -118.27
CA ILE VD 15 -13.52 -41.24 -118.91
C ILE VD 15 -13.27 -42.69 -118.52
N VAL VD 16 -14.33 -43.38 -118.10
CA VAL VD 16 -14.24 -44.76 -117.65
C VAL VD 16 -15.14 -45.60 -118.54
N TRP VD 17 -14.58 -46.68 -119.11
CA TRP VD 17 -15.31 -47.61 -119.95
C TRP VD 17 -15.64 -48.87 -119.16
N SER VD 18 -16.61 -49.63 -119.68
CA SER VD 18 -16.99 -50.90 -119.05
C SER VD 18 -17.67 -51.79 -120.09
N ASP VD 19 -17.45 -53.09 -119.96
CA ASP VD 19 -18.05 -54.04 -120.87
C ASP VD 19 -19.49 -54.33 -120.46
N PRO VD 20 -20.46 -54.22 -121.38
CA PRO VD 20 -21.85 -54.54 -121.02
C PRO VD 20 -22.03 -55.97 -120.52
N THR VD 21 -21.28 -56.92 -121.08
CA THR VD 21 -21.43 -58.31 -120.65
C THR VD 21 -20.89 -58.51 -119.23
N ARG VD 22 -19.69 -58.01 -118.95
CA ARG VD 22 -19.09 -58.09 -117.62
C ARG VD 22 -18.77 -56.69 -117.15
N LEU VD 23 -19.49 -56.24 -116.12
CA LEU VD 23 -19.34 -54.87 -115.67
C LEU VD 23 -18.07 -54.70 -114.83
N SER VD 24 -17.46 -55.81 -114.41
CA SER VD 24 -16.31 -55.75 -113.53
C SER VD 24 -15.07 -55.22 -114.24
N THR VD 25 -14.91 -55.55 -115.51
CA THR VD 25 -13.75 -55.09 -116.28
C THR VD 25 -13.97 -53.67 -116.76
N THR VD 26 -13.01 -52.79 -116.47
CA THR VD 26 -13.11 -51.38 -116.82
C THR VD 26 -11.79 -50.88 -117.36
N PHE VD 27 -11.87 -49.80 -118.12
CA PHE VD 27 -10.70 -49.11 -118.65
C PHE VD 27 -10.92 -47.61 -118.52
N SER VD 28 -10.04 -46.94 -117.79
CA SER VD 28 -10.20 -45.52 -117.50
C SER VD 28 -8.96 -44.75 -117.93
N ALA VD 29 -9.19 -43.54 -118.43
CA ALA VD 29 -8.12 -42.65 -118.87
C ALA VD 29 -8.28 -41.32 -118.15
N SER VD 30 -7.19 -40.81 -117.58
CA SER VD 30 -7.20 -39.54 -116.86
C SER VD 30 -6.04 -38.69 -117.36
N LEU VD 31 -6.32 -37.42 -117.67
CA LEU VD 31 -5.31 -36.51 -118.17
C LEU VD 31 -5.18 -35.32 -117.22
N LEU VD 32 -3.94 -34.97 -116.88
CA LEU VD 32 -3.65 -33.81 -116.07
C LEU VD 32 -2.84 -32.83 -116.92
N ARG VD 33 -3.35 -31.61 -117.07
CA ARG VD 33 -2.74 -30.60 -117.92
C ARG VD 33 -2.23 -29.46 -117.05
N GLN VD 34 -0.94 -29.15 -117.18
CA GLN VD 34 -0.33 -28.08 -116.42
C GLN VD 34 0.81 -27.47 -117.23
N ARG VD 35 1.10 -26.22 -116.95
CA ARG VD 35 2.21 -25.52 -117.59
C ARG VD 35 3.48 -25.69 -116.77
N VAL VD 36 4.56 -26.08 -117.43
CA VAL VD 36 5.85 -26.31 -116.79
C VAL VD 36 6.78 -25.18 -117.17
N LYS VD 37 7.38 -24.56 -116.16
CA LYS VD 37 8.32 -23.45 -116.36
C LYS VD 37 9.70 -24.01 -116.59
N VAL VD 38 10.23 -23.80 -117.79
CA VAL VD 38 11.58 -24.19 -118.16
C VAL VD 38 12.31 -22.92 -118.58
N GLY VD 39 13.62 -22.91 -118.38
CA GLY VD 39 14.42 -21.75 -118.70
C GLY VD 39 14.18 -21.23 -120.10
N ILE VD 40 13.88 -19.92 -120.20
CA ILE VD 40 13.59 -19.20 -121.43
C ILE VD 40 12.63 -19.99 -122.33
N ALA VD 41 11.68 -20.70 -121.71
CA ALA VD 41 10.72 -21.49 -122.46
C ALA VD 41 9.42 -21.58 -121.68
N GLU VD 42 8.31 -21.63 -122.41
CA GLU VD 42 6.98 -21.77 -121.80
C GLU VD 42 6.23 -22.88 -122.54
N LEU VD 43 6.41 -24.11 -122.08
CA LEU VD 43 5.80 -25.28 -122.68
C LEU VD 43 5.04 -26.05 -121.63
N ASN VD 44 3.93 -26.67 -122.05
CA ASN VD 44 2.94 -27.25 -121.14
C ASN VD 44 2.97 -28.78 -121.22
N ASN VD 45 2.93 -29.42 -120.05
CA ASN VD 45 3.00 -30.87 -119.97
C ASN VD 45 1.61 -31.48 -119.95
N VAL VD 46 1.50 -32.71 -120.45
CA VAL VD 46 0.27 -33.49 -120.39
C VAL VD 46 0.63 -34.85 -119.82
N SER VD 47 -0.01 -35.21 -118.70
CA SER VD 47 0.22 -36.48 -118.02
C SER VD 47 -1.02 -37.34 -118.16
N GLY VD 48 -0.85 -38.55 -118.70
CA GLY VD 48 -1.97 -39.45 -118.90
C GLY VD 48 -1.86 -40.73 -118.12
N GLN VD 49 -2.92 -41.09 -117.39
CA GLN VD 49 -2.95 -42.29 -116.58
C GLN VD 49 -4.01 -43.24 -117.12
N TYR VD 50 -3.58 -44.38 -117.63
CA TYR VD 50 -4.46 -45.40 -118.19
C TYR VD 50 -4.35 -46.66 -117.35
N VAL VD 51 -5.49 -47.14 -116.85
CA VAL VD 51 -5.52 -48.34 -116.02
C VAL VD 51 -6.48 -49.34 -116.67
N SER VD 52 -6.16 -50.62 -116.52
CA SER VD 52 -7.02 -51.70 -116.99
C SER VD 52 -7.13 -52.77 -115.91
N VAL VD 53 -8.36 -53.17 -115.59
CA VAL VD 53 -8.61 -54.17 -114.57
C VAL VD 53 -9.53 -55.25 -115.14
N TYR VD 54 -9.24 -56.50 -114.77
CA TYR VD 54 -10.12 -57.62 -115.07
C TYR VD 54 -10.13 -58.53 -113.85
N LYS VD 55 -11.32 -58.85 -113.35
CA LYS VD 55 -11.46 -59.62 -112.12
C LYS VD 55 -11.69 -61.09 -112.46
N ARG VD 56 -10.62 -61.71 -112.96
CA ARG VD 56 -10.71 -63.09 -113.43
C ARG VD 56 -10.82 -64.06 -112.24
N PRO VD 57 -11.57 -65.14 -112.39
CA PRO VD 57 -11.64 -66.14 -111.32
C PRO VD 57 -10.30 -66.81 -111.07
N ALA VD 58 -10.10 -67.20 -109.82
CA ALA VD 58 -8.92 -67.98 -109.45
C ALA VD 58 -8.96 -69.31 -110.18
N PRO VD 59 -7.80 -69.94 -110.42
CA PRO VD 59 -7.80 -71.11 -111.30
C PRO VD 59 -8.40 -72.35 -110.66
N LYS VD 60 -9.28 -73.01 -111.41
CA LYS VD 60 -10.05 -74.12 -110.91
C LYS VD 60 -9.12 -75.27 -110.52
N PRO VD 61 -9.43 -75.99 -109.43
CA PRO VD 61 -8.61 -77.15 -109.06
C PRO VD 61 -8.61 -78.23 -110.14
N GLU VD 62 -7.61 -79.10 -110.12
CA GLU VD 62 -7.35 -80.05 -111.19
C GLU VD 62 -8.23 -81.27 -111.03
N GLY VD 63 -8.80 -81.74 -112.14
CA GLY VD 63 -9.49 -83.01 -112.19
C GLY VD 63 -10.92 -83.00 -111.67
N CYS VD 64 -11.48 -81.83 -111.37
CA CYS VD 64 -12.85 -81.75 -110.84
C CYS VD 64 -13.66 -80.82 -111.72
N ALA VD 65 -14.72 -81.37 -112.32
CA ALA VD 65 -15.71 -80.57 -113.05
C ALA VD 65 -16.84 -80.22 -112.08
N ASP VD 66 -16.64 -79.18 -111.28
CA ASP VD 66 -17.62 -78.80 -110.28
C ASP VD 66 -18.92 -78.36 -110.96
N ALA VD 67 -20.02 -78.50 -110.22
CA ALA VD 67 -21.33 -78.19 -110.79
C ALA VD 67 -21.43 -76.74 -111.20
N CYS VD 68 -20.98 -75.82 -110.34
CA CYS VD 68 -21.04 -74.40 -110.61
C CYS VD 68 -19.74 -73.73 -110.20
N VAL VD 69 -19.41 -72.64 -110.90
CA VAL VD 69 -18.20 -71.89 -110.58
C VAL VD 69 -18.42 -71.11 -109.29
N ILE VD 70 -17.56 -71.40 -108.30
CA ILE VD 70 -17.65 -70.75 -106.99
C ILE VD 70 -16.28 -70.20 -106.63
N MET VD 71 -15.44 -70.02 -107.63
CA MET VD 71 -14.05 -69.62 -107.38
C MET VD 71 -14.00 -68.18 -106.88
N PRO VD 72 -13.19 -67.88 -105.87
CA PRO VD 72 -13.10 -66.50 -105.38
C PRO VD 72 -12.17 -65.65 -106.24
N ASN VD 73 -12.73 -65.06 -107.30
CA ASN VD 73 -11.98 -64.30 -108.29
C ASN VD 73 -10.96 -63.32 -107.72
N GLU VD 74 -9.88 -63.10 -108.47
CA GLU VD 74 -8.78 -62.25 -108.07
C GLU VD 74 -8.77 -60.98 -108.90
N ASN VD 75 -7.80 -60.10 -108.62
CA ASN VD 75 -7.71 -58.82 -109.29
C ASN VD 75 -6.47 -58.80 -110.17
N GLN VD 76 -6.66 -58.53 -111.46
CA GLN VD 76 -5.56 -58.30 -112.39
C GLN VD 76 -5.64 -56.85 -112.86
N SER VD 77 -4.60 -56.07 -112.57
CA SER VD 77 -4.57 -54.67 -112.93
C SER VD 77 -3.23 -54.33 -113.56
N ILE VD 78 -3.26 -53.61 -114.67
CA ILE VD 78 -2.07 -53.13 -115.35
C ILE VD 78 -2.27 -51.66 -115.68
N ARG VD 79 -1.28 -50.84 -115.33
CA ARG VD 79 -1.42 -49.39 -115.31
C ARG VD 79 -0.24 -48.75 -116.05
N THR VD 80 -0.51 -47.68 -116.79
CA THR VD 80 0.50 -46.97 -117.55
C THR VD 80 0.34 -45.47 -117.35
N VAL VD 81 1.47 -44.78 -117.17
CA VAL VD 81 1.49 -43.33 -117.04
C VAL VD 81 2.42 -42.77 -118.11
N ILE VD 82 1.91 -41.85 -118.92
CA ILE VD 82 2.67 -41.21 -119.99
C ILE VD 82 2.72 -39.72 -119.69
N SER VD 83 3.93 -39.17 -119.58
CA SER VD 83 4.14 -37.77 -119.24
C SER VD 83 5.12 -37.16 -120.23
N GLY VD 84 4.77 -35.99 -120.76
CA GLY VD 84 5.66 -35.31 -121.67
C GLY VD 84 4.97 -34.11 -122.27
N SER VD 85 5.79 -33.18 -122.78
CA SER VD 85 5.26 -31.97 -123.39
C SER VD 85 4.58 -32.27 -124.71
N ALA VD 86 3.49 -31.55 -124.99
CA ALA VD 86 2.78 -31.75 -126.24
C ALA VD 86 3.57 -31.25 -127.44
N GLU VD 87 4.56 -30.40 -127.20
CA GLU VD 87 5.40 -29.91 -128.30
C GLU VD 87 6.22 -31.05 -128.90
N ASN VD 88 6.59 -32.03 -128.08
CA ASN VD 88 7.40 -33.17 -128.50
C ASN VD 88 6.58 -34.44 -128.65
N LEU VD 89 5.39 -34.35 -129.22
CA LEU VD 89 4.48 -35.50 -129.26
C LEU VD 89 5.05 -36.63 -130.12
N ALA VD 90 5.71 -36.30 -131.22
CA ALA VD 90 6.30 -37.34 -132.06
C ALA VD 90 7.37 -38.11 -131.31
N THR VD 91 8.22 -37.39 -130.58
CA THR VD 91 9.21 -38.01 -129.72
C THR VD 91 8.57 -38.88 -128.64
N LEU VD 92 7.49 -38.39 -128.02
CA LEU VD 92 6.83 -39.17 -126.98
C LEU VD 92 6.21 -40.43 -127.55
N LYS VD 93 5.68 -40.36 -128.77
CA LYS VD 93 5.13 -41.56 -129.41
C LYS VD 93 6.24 -42.56 -129.73
N ALA VD 94 7.39 -42.08 -130.20
CA ALA VD 94 8.53 -42.97 -130.42
C ALA VD 94 8.98 -43.62 -129.11
N GLU VD 95 8.99 -42.84 -128.03
CA GLU VD 95 9.31 -43.38 -126.71
C GLU VD 95 8.30 -44.43 -126.30
N TRP VD 96 7.02 -44.20 -126.57
CA TRP VD 96 6.00 -45.19 -126.24
C TRP VD 96 6.22 -46.48 -127.01
N GLU VD 97 6.56 -46.38 -128.30
CA GLU VD 97 6.82 -47.58 -129.08
C GLU VD 97 8.02 -48.34 -128.53
N THR VD 98 9.10 -47.63 -128.21
CA THR VD 98 10.28 -48.28 -127.66
C THR VD 98 9.99 -48.93 -126.31
N HIS VD 99 9.22 -48.24 -125.47
CA HIS VD 99 8.84 -48.79 -124.17
C HIS VD 99 7.98 -50.05 -124.32
N LYS VD 100 7.06 -50.03 -125.28
CA LYS VD 100 6.27 -51.22 -125.55
C LYS VD 100 7.15 -52.37 -125.99
N ARG VD 101 8.13 -52.10 -126.86
CA ARG VD 101 9.03 -53.16 -127.31
C ARG VD 101 9.83 -53.72 -126.14
N ASN VD 102 10.35 -52.85 -125.28
CA ASN VD 102 11.14 -53.32 -124.14
C ASN VD 102 10.30 -54.14 -123.16
N VAL VD 103 9.08 -53.68 -122.88
CA VAL VD 103 8.21 -54.42 -121.95
C VAL VD 103 7.81 -55.75 -122.56
N ASP VD 104 7.60 -55.79 -123.87
CA ASP VD 104 7.31 -57.06 -124.53
C ASP VD 104 8.50 -58.01 -124.44
N THR VD 105 9.71 -57.48 -124.60
CA THR VD 105 10.91 -58.31 -124.51
C THR VD 105 11.05 -58.89 -123.11
N LEU VD 106 10.84 -58.07 -122.08
CA LEU VD 106 11.02 -58.56 -120.71
C LEU VD 106 9.87 -59.46 -120.25
N PHE VD 107 8.65 -59.18 -120.71
CA PHE VD 107 7.44 -59.78 -120.17
C PHE VD 107 6.71 -60.68 -121.16
N ALA VD 108 6.36 -60.15 -122.33
CA ALA VD 108 5.55 -60.91 -123.28
C ALA VD 108 6.29 -62.15 -123.78
N SER VD 109 7.57 -62.00 -124.12
CA SER VD 109 8.40 -63.11 -124.52
C SER VD 109 9.41 -63.51 -123.46
N GLY VD 110 9.41 -62.84 -122.32
CA GLY VD 110 10.27 -63.17 -121.21
C GLY VD 110 9.49 -63.77 -120.05
N ASN VD 111 10.16 -63.87 -118.91
CA ASN VD 111 9.56 -64.50 -117.74
C ASN VD 111 9.52 -63.56 -116.55
N ALA VD 112 9.28 -62.27 -116.80
CA ALA VD 112 9.14 -61.32 -115.71
C ALA VD 112 7.88 -61.61 -114.90
N GLY VD 113 6.87 -62.20 -115.54
CA GLY VD 113 5.63 -62.48 -114.83
C GLY VD 113 5.81 -63.49 -113.70
N LEU VD 114 6.70 -64.46 -113.89
CA LEU VD 114 6.96 -65.42 -112.82
C LEU VD 114 7.90 -64.86 -111.76
N GLY VD 115 8.57 -63.75 -112.06
CA GLY VD 115 9.45 -63.11 -111.10
C GLY VD 115 10.91 -63.06 -111.48
N PHE VD 116 11.25 -63.40 -112.73
CA PHE VD 116 12.64 -63.43 -113.13
C PHE VD 116 13.01 -62.21 -113.95
N LEU VD 117 14.07 -61.51 -113.55
CA LEU VD 117 14.61 -60.37 -114.28
C LEU VD 117 15.88 -60.82 -114.99
N ASP VD 118 15.76 -61.11 -116.28
CA ASP VD 118 16.90 -61.58 -117.06
C ASP VD 118 17.84 -60.42 -117.34
N PRO VD 119 19.11 -60.46 -116.92
CA PRO VD 119 20.01 -59.36 -117.21
C PRO VD 119 20.69 -59.43 -118.57
N THR VD 120 20.42 -60.47 -119.36
CA THR VD 120 20.96 -60.57 -120.71
C THR VD 120 19.94 -60.21 -121.78
N ALA VD 121 18.78 -59.66 -121.39
CA ALA VD 121 17.74 -59.33 -122.36
C ALA VD 121 18.20 -58.20 -123.27
N ALA VD 122 17.66 -58.19 -124.49
CA ALA VD 122 18.03 -57.20 -125.50
C ALA VD 122 17.13 -55.98 -125.37
N ILE VD 123 17.56 -55.06 -124.51
CA ILE VD 123 16.86 -53.78 -124.33
C ILE VD 123 17.45 -52.78 -125.31
N VAL VD 124 16.58 -52.01 -125.97
CA VAL VD 124 17.01 -51.07 -127.00
C VAL VD 124 16.48 -49.68 -126.68
N SER VD 125 17.16 -48.68 -127.21
CA SER VD 125 16.78 -47.28 -126.98
C SER VD 125 15.94 -46.77 -128.14
N SER VD 126 15.30 -45.62 -127.91
CA SER VD 126 14.48 -45.01 -128.94
C SER VD 126 15.31 -44.43 -130.09
N ASP VD 127 16.55 -44.06 -129.83
CA ASP VD 127 17.41 -43.52 -130.88
C ASP VD 127 17.83 -44.61 -131.85
N THR VD 128 18.04 -44.23 -133.10
CA THR VD 128 18.44 -45.14 -134.16
C THR VD 128 19.84 -44.80 -134.63
N THR VD 129 20.48 -45.78 -135.28
CA THR VD 129 21.82 -45.61 -135.80
C THR VD 129 21.80 -45.25 -137.27
N ALA WD 1 108.67 85.91 51.84
CA ALA WD 1 108.83 85.67 50.42
C ALA WD 1 107.88 84.57 49.94
N ASN WD 2 106.67 84.97 49.57
CA ASN WD 2 105.68 84.01 49.08
C ASN WD 2 106.06 83.52 47.69
N LYS WD 3 105.74 82.25 47.43
CA LYS WD 3 106.21 81.60 46.20
C LYS WD 3 105.39 82.03 45.00
N PRO WD 4 106.00 82.58 43.95
CA PRO WD 4 105.25 82.95 42.75
C PRO WD 4 104.65 81.74 42.06
N MET WD 5 103.51 81.97 41.39
CA MET WD 5 102.80 80.93 40.65
C MET WD 5 102.76 81.32 39.18
N GLN WD 6 102.96 80.35 38.29
CA GLN WD 6 102.94 80.60 36.86
C GLN WD 6 101.75 79.93 36.22
N PRO WD 7 101.18 80.49 35.15
CA PRO WD 7 99.92 79.98 34.61
C PRO WD 7 100.09 78.63 33.94
N ILE WD 8 99.00 77.85 33.91
CA ILE WD 8 98.96 76.61 33.17
C ILE WD 8 97.97 76.64 32.02
N THR WD 9 96.96 77.50 32.07
CA THR WD 9 96.01 77.67 30.98
C THR WD 9 95.74 79.15 30.77
N SER WD 10 95.90 79.61 29.54
CA SER WD 10 95.72 81.01 29.19
C SER WD 10 94.65 81.14 28.11
N THR WD 11 93.68 82.00 28.34
CA THR WD 11 92.60 82.25 27.41
C THR WD 11 92.15 83.70 27.58
N ALA WD 12 91.43 84.20 26.57
CA ALA WD 12 90.99 85.59 26.60
C ALA WD 12 90.06 85.86 27.77
N ASN WD 13 89.24 84.89 28.15
CA ASN WD 13 88.25 85.07 29.20
C ASN WD 13 88.46 84.17 30.41
N LYS WD 14 89.62 83.53 30.52
CA LYS WD 14 89.93 82.70 31.69
C LYS WD 14 91.42 82.40 31.71
N ILE WD 15 92.07 82.71 32.83
CA ILE WD 15 93.46 82.33 33.06
C ILE WD 15 93.55 81.62 34.40
N VAL WD 16 94.20 80.47 34.41
CA VAL WD 16 94.33 79.65 35.61
C VAL WD 16 95.80 79.59 35.99
N TRP WD 17 96.11 79.86 37.24
CA TRP WD 17 97.47 79.82 37.76
C TRP WD 17 97.61 78.61 38.68
N SER WD 18 98.81 78.04 38.74
CA SER WD 18 99.10 76.90 39.60
C SER WD 18 100.50 77.02 40.16
N ASP WD 19 100.67 76.54 41.39
CA ASP WD 19 101.98 76.54 42.01
C ASP WD 19 102.83 75.40 41.44
N PRO WD 20 104.02 75.68 40.93
CA PRO WD 20 104.82 74.60 40.32
C PRO WD 20 105.16 73.47 41.28
N THR WD 21 105.38 73.78 42.56
CA THR WD 21 105.68 72.76 43.54
C THR WD 21 104.44 71.94 43.93
N ARG WD 22 103.26 72.56 43.96
CA ARG WD 22 102.03 71.84 44.25
C ARG WD 22 100.94 72.27 43.28
N LEU WD 23 100.71 71.50 42.23
CA LEU WD 23 99.73 71.85 41.21
C LEU WD 23 98.31 71.75 41.75
N SER WD 24 98.14 71.13 42.91
CA SER WD 24 96.84 71.09 43.55
C SER WD 24 96.37 72.47 44.00
N THR WD 25 97.29 73.42 44.21
CA THR WD 25 96.92 74.78 44.57
C THR WD 25 96.71 75.59 43.30
N THR WD 26 95.49 76.10 43.11
CA THR WD 26 95.14 76.82 41.90
C THR WD 26 94.44 78.13 42.24
N PHE WD 27 94.52 79.08 41.31
CA PHE WD 27 93.81 80.34 41.40
C PHE WD 27 93.34 80.72 40.01
N SER WD 28 92.03 80.83 39.83
CA SER WD 28 91.44 81.03 38.52
C SER WD 28 90.66 82.35 38.49
N ALA WD 29 90.73 83.02 37.35
CA ALA WD 29 90.00 84.26 37.12
C ALA WD 29 89.23 84.12 35.82
N SER WD 30 87.91 84.33 35.88
CA SER WD 30 87.04 84.21 34.72
C SER WD 30 86.24 85.49 34.59
N LEU WD 31 86.20 86.05 33.38
CA LEU WD 31 85.46 87.27 33.10
C LEU WD 31 84.27 86.97 32.19
N LEU WD 32 83.10 87.46 32.58
CA LEU WD 32 81.90 87.38 31.77
C LEU WD 32 81.37 88.79 31.57
N ARG WD 33 81.18 89.19 30.32
CA ARG WD 33 80.86 90.57 29.97
C ARG WD 33 79.58 90.62 29.15
N GLN WD 34 78.67 91.51 29.54
CA GLN WD 34 77.42 91.72 28.84
C GLN WD 34 77.11 93.21 28.78
N ARG WD 35 76.19 93.58 27.90
CA ARG WD 35 75.68 94.95 27.81
C ARG WD 35 74.33 95.02 28.49
N VAL WD 36 74.17 95.94 29.43
CA VAL WD 36 72.94 96.10 30.20
C VAL WD 36 72.42 97.51 29.98
N LYS WD 37 71.13 97.61 29.62
CA LYS WD 37 70.50 98.90 29.35
C LYS WD 37 69.79 99.37 30.61
N VAL WD 38 70.55 100.02 31.49
CA VAL WD 38 69.99 100.52 32.74
C VAL WD 38 69.34 101.88 32.54
N GLY WD 39 70.12 102.85 32.07
CA GLY WD 39 69.69 104.23 31.98
C GLY WD 39 69.55 104.71 30.55
N ILE WD 40 68.92 103.87 29.71
CA ILE WD 40 68.77 104.03 28.26
C ILE WD 40 70.13 104.28 27.63
N ALA WD 41 71.18 103.89 28.33
CA ALA WD 41 72.54 103.89 27.80
C ALA WD 41 73.15 102.52 28.06
N GLU WD 42 73.84 101.99 27.06
CA GLU WD 42 74.35 100.61 27.11
C GLU WD 42 75.61 100.58 27.97
N LEU WD 43 75.43 100.35 29.27
CA LEU WD 43 76.55 100.15 30.16
C LEU WD 43 77.15 98.77 29.96
N ASN WD 44 78.47 98.69 30.06
CA ASN WD 44 79.19 97.43 29.84
C ASN WD 44 79.52 96.78 31.18
N ASN WD 45 78.63 95.88 31.59
CA ASN WD 45 78.80 95.18 32.85
C ASN WD 45 79.91 94.12 32.73
N VAL WD 46 80.72 94.00 33.78
CA VAL WD 46 81.79 93.02 33.84
C VAL WD 46 81.61 92.21 35.12
N SER WD 47 81.57 90.89 34.99
CA SER WD 47 81.38 89.98 36.13
C SER WD 47 82.59 89.06 36.18
N GLY WD 48 83.52 89.37 37.08
CA GLY WD 48 84.73 88.58 37.23
C GLY WD 48 84.63 87.62 38.39
N GLN WD 49 84.84 86.35 38.11
CA GLN WD 49 84.80 85.28 39.11
C GLN WD 49 86.22 84.86 39.42
N TYR WD 50 86.62 85.01 40.68
CA TYR WD 50 87.97 84.70 41.14
C TYR WD 50 87.88 83.57 42.15
N VAL WD 51 88.49 82.44 41.85
CA VAL WD 51 88.40 81.24 42.67
C VAL WD 51 89.81 80.81 43.07
N SER WD 52 90.03 80.65 44.36
CA SER WD 52 91.28 80.13 44.89
C SER WD 52 91.02 78.84 45.66
N VAL WD 53 91.72 77.78 45.28
CA VAL WD 53 91.50 76.45 45.83
C VAL WD 53 92.82 75.92 46.35
N TYR WD 54 92.81 75.46 47.60
CA TYR WD 54 93.96 74.80 48.21
C TYR WD 54 93.51 73.48 48.80
N LYS WD 55 94.21 72.41 48.44
CA LYS WD 55 93.95 71.08 48.99
C LYS WD 55 94.88 70.88 50.17
N ARG WD 56 94.37 71.13 51.38
CA ARG WD 56 95.17 71.05 52.59
C ARG WD 56 94.94 69.72 53.29
N PRO WD 57 96.00 68.99 53.66
CA PRO WD 57 95.80 67.74 54.39
C PRO WD 57 95.58 67.98 55.87
N ALA WD 58 94.49 67.41 56.39
CA ALA WD 58 94.13 67.58 57.80
C ALA WD 58 93.77 66.24 58.44
N PRO WD 59 94.73 65.31 58.54
CA PRO WD 59 94.53 64.19 59.47
C PRO WD 59 94.46 64.66 60.90
N LYS WD 60 95.17 65.75 61.21
CA LYS WD 60 95.19 66.42 62.50
C LYS WD 60 95.54 65.48 63.64
N PRO WD 61 96.74 64.88 63.65
CA PRO WD 61 97.17 64.10 64.82
C PRO WD 61 97.62 65.04 65.93
N GLU WD 62 96.80 65.16 66.96
CA GLU WD 62 97.03 66.13 68.01
C GLU WD 62 98.18 65.70 68.92
N GLY WD 63 99.29 66.40 68.79
CA GLY WD 63 100.43 66.19 69.68
C GLY WD 63 101.56 65.30 69.21
N CYS WD 64 101.30 64.42 68.26
CA CYS WD 64 102.33 63.47 67.86
C CYS WD 64 102.38 63.35 66.34
N ALA WD 65 103.60 63.30 65.82
CA ALA WD 65 103.87 62.98 64.43
C ALA WD 65 105.17 62.21 64.35
N ASP WD 66 105.10 60.98 63.85
CA ASP WD 66 106.27 60.11 63.87
C ASP WD 66 106.78 59.77 62.48
N ALA WD 67 105.91 59.37 61.56
CA ALA WD 67 106.31 59.00 60.21
C ALA WD 67 105.25 59.53 59.25
N CYS WD 68 105.61 59.59 57.97
CA CYS WD 68 104.70 60.11 56.95
C CYS WD 68 103.77 59.00 56.47
N VAL WD 69 102.49 59.14 56.78
CA VAL WD 69 101.44 58.26 56.29
C VAL WD 69 100.74 59.03 55.16
N ILE WD 70 99.93 58.34 54.36
CA ILE WD 70 99.14 59.01 53.33
C ILE WD 70 98.29 60.11 53.96
N MET WD 71 98.41 61.31 53.42
CA MET WD 71 97.59 62.43 53.87
C MET WD 71 96.26 62.43 53.13
N PRO WD 72 95.13 62.28 53.85
CA PRO WD 72 93.83 62.55 53.23
C PRO WD 72 93.58 64.05 53.17
N ASN WD 73 93.06 64.54 52.05
CA ASN WD 73 92.97 65.97 51.80
C ASN WD 73 91.53 66.44 51.81
N GLU WD 74 91.32 67.65 52.34
CA GLU WD 74 90.07 68.37 52.22
C GLU WD 74 90.29 69.61 51.38
N ASN WD 75 89.21 70.14 50.81
CA ASN WD 75 89.30 71.27 49.88
C ASN WD 75 88.98 72.58 50.61
N GLN WD 76 89.90 73.53 50.52
CA GLN WD 76 89.68 74.88 51.01
C GLN WD 76 89.48 75.79 49.79
N SER WD 77 88.28 76.34 49.65
CA SER WD 77 87.93 77.12 48.48
C SER WD 77 87.43 78.49 48.90
N ILE WD 78 87.94 79.53 48.23
CA ILE WD 78 87.49 80.90 48.40
C ILE WD 78 87.21 81.47 47.02
N ARG WD 79 85.95 81.81 46.75
CA ARG WD 79 85.55 82.35 45.46
C ARG WD 79 84.90 83.71 45.66
N THR WD 80 85.18 84.64 44.76
CA THR WD 80 84.64 85.98 44.79
C THR WD 80 84.20 86.40 43.40
N VAL WD 81 83.01 86.97 43.32
CA VAL WD 81 82.47 87.50 42.06
C VAL WD 81 82.20 88.99 42.25
N ILE WD 82 82.68 89.79 41.31
CA ILE WD 82 82.51 91.24 41.33
C ILE WD 82 81.73 91.64 40.09
N SER WD 83 80.57 92.25 40.29
CA SER WD 83 79.70 92.65 39.20
C SER WD 83 79.47 94.15 39.28
N GLY WD 84 79.60 94.82 38.13
CA GLY WD 84 79.40 96.26 38.08
C GLY WD 84 79.74 96.85 36.74
N SER WD 85 79.25 98.06 36.47
CA SER WD 85 79.54 98.72 35.20
C SER WD 85 81.01 99.14 35.15
N ALA WD 86 81.59 99.07 33.95
CA ALA WD 86 82.99 99.47 33.78
C ALA WD 86 83.15 100.96 33.97
N GLU WD 87 82.07 101.72 33.81
CA GLU WD 87 82.16 103.18 33.92
C GLU WD 87 82.22 103.64 35.37
N ASN WD 88 81.99 102.74 36.31
CA ASN WD 88 82.01 103.05 37.74
C ASN WD 88 83.11 102.28 38.45
N LEU WD 89 84.30 102.24 37.85
CA LEU WD 89 85.38 101.42 38.38
C LEU WD 89 85.87 101.92 39.74
N ALA WD 90 85.97 103.24 39.90
CA ALA WD 90 86.49 103.78 41.15
C ALA WD 90 85.57 103.43 42.31
N THR WD 91 84.26 103.63 42.11
CA THR WD 91 83.29 103.27 43.14
C THR WD 91 83.24 101.76 43.36
N LEU WD 92 83.43 100.97 42.31
CA LEU WD 92 83.48 99.51 42.50
C LEU WD 92 84.68 99.12 43.34
N LYS WD 93 85.82 99.79 43.14
CA LYS WD 93 87.00 99.52 43.96
C LYS WD 93 86.76 99.94 45.41
N ALA WD 94 86.07 101.06 45.62
CA ALA WD 94 85.70 101.45 46.98
C ALA WD 94 84.80 100.41 47.62
N GLU WD 95 83.84 99.88 46.86
CA GLU WD 95 82.99 98.81 47.34
C GLU WD 95 83.82 97.58 47.69
N TRP WD 96 84.82 97.27 46.88
CA TRP WD 96 85.70 96.13 47.17
C TRP WD 96 86.45 96.33 48.47
N GLU WD 97 86.96 97.54 48.70
CA GLU WD 97 87.66 97.82 49.95
C GLU WD 97 86.72 97.68 51.15
N THR WD 98 85.51 98.23 51.04
CA THR WD 98 84.55 98.11 52.14
C THR WD 98 84.17 96.65 52.39
N HIS WD 99 83.99 95.87 51.32
CA HIS WD 99 83.69 94.46 51.46
C HIS WD 99 84.83 93.73 52.15
N LYS WD 100 86.07 94.03 51.79
CA LYS WD 100 87.22 93.42 52.45
C LYS WD 100 87.22 93.75 53.94
N ARG WD 101 86.97 95.02 54.27
CA ARG WD 101 86.95 95.41 55.68
C ARG WD 101 85.86 94.68 56.46
N ASN WD 102 84.66 94.60 55.89
CA ASN WD 102 83.56 93.94 56.59
C ASN WD 102 83.82 92.45 56.76
N VAL WD 103 84.32 91.79 55.71
CA VAL WD 103 84.62 90.36 55.82
C VAL WD 103 85.74 90.13 56.82
N ASP WD 104 86.72 91.03 56.88
CA ASP WD 104 87.75 90.92 57.90
C ASP WD 104 87.16 91.03 59.30
N THR WD 105 86.25 91.99 59.49
CA THR WD 105 85.63 92.17 60.80
C THR WD 105 84.86 90.92 61.22
N LEU WD 106 84.13 90.31 60.30
CA LEU WD 106 83.37 89.12 60.64
C LEU WD 106 84.24 87.87 60.82
N PHE WD 107 85.23 87.68 59.95
CA PHE WD 107 85.96 86.42 59.82
C PHE WD 107 87.33 86.47 60.50
N ALA WD 108 88.18 87.42 60.12
CA ALA WD 108 89.56 87.42 60.60
C ALA WD 108 89.63 87.78 62.08
N SER WD 109 88.91 88.81 62.49
CA SER WD 109 88.89 89.23 63.87
C SER WD 109 87.70 88.67 64.65
N GLY WD 110 86.79 87.98 63.98
CA GLY WD 110 85.62 87.40 64.62
C GLY WD 110 85.74 85.89 64.77
N ASN WD 111 84.57 85.25 64.89
CA ASN WD 111 84.48 83.81 65.04
C ASN WD 111 83.60 83.19 63.97
N ALA WD 112 83.52 83.83 62.80
CA ALA WD 112 82.66 83.33 61.74
C ALA WD 112 83.16 82.00 61.18
N GLY WD 113 84.46 81.76 61.25
CA GLY WD 113 85.00 80.52 60.71
C GLY WD 113 84.63 79.30 61.53
N LEU WD 114 84.23 79.52 62.78
CA LEU WD 114 83.81 78.42 63.64
C LEU WD 114 82.31 78.22 63.55
N GLY WD 115 81.65 79.02 62.72
CA GLY WD 115 80.20 78.93 62.58
C GLY WD 115 79.44 79.80 63.55
N PHE WD 116 79.81 81.07 63.65
CA PHE WD 116 79.20 82.00 64.59
C PHE WD 116 78.91 83.32 63.89
N LEU WD 117 77.84 83.98 64.33
CA LEU WD 117 77.50 85.32 63.88
C LEU WD 117 77.49 86.26 65.07
N ASP WD 118 78.10 87.43 64.92
CA ASP WD 118 78.11 88.43 65.97
C ASP WD 118 77.26 89.61 65.52
N PRO WD 119 76.03 89.74 66.01
CA PRO WD 119 75.18 90.88 65.58
C PRO WD 119 75.73 92.24 65.96
N THR WD 120 76.63 92.32 66.94
CA THR WD 120 77.18 93.58 67.41
C THR WD 120 78.45 93.98 66.67
N ALA WD 121 78.84 93.25 65.62
CA ALA WD 121 80.04 93.59 64.87
C ALA WD 121 79.87 94.93 64.18
N ALA WD 122 80.98 95.67 64.07
CA ALA WD 122 80.97 97.00 63.48
C ALA WD 122 81.10 96.88 61.96
N ILE WD 123 79.95 96.84 61.30
CA ILE WD 123 79.87 96.77 59.84
C ILE WD 123 79.60 98.17 59.31
N VAL WD 124 80.37 98.58 58.30
CA VAL WD 124 80.31 99.94 57.78
C VAL WD 124 80.07 99.91 56.29
N SER WD 125 79.54 101.02 55.76
CA SER WD 125 79.29 101.17 54.34
C SER WD 125 80.45 101.90 53.67
N SER WD 126 80.37 101.97 52.34
CA SER WD 126 81.41 102.66 51.58
C SER WD 126 81.29 104.17 51.67
N ASP WD 127 80.10 104.70 51.90
CA ASP WD 127 79.91 106.14 51.97
C ASP WD 127 80.58 106.73 53.20
N THR WD 128 81.04 107.97 53.07
CA THR WD 128 81.68 108.68 54.16
C THR WD 128 80.78 109.81 54.66
N THR WD 129 81.09 110.29 55.85
CA THR WD 129 80.31 111.36 56.47
C THR WD 129 80.72 112.72 55.90
N ALA XD 1 97.28 112.48 18.62
CA ALA XD 1 97.52 111.32 19.47
C ALA XD 1 96.23 110.54 19.72
N ASN XD 2 95.97 109.57 18.84
CA ASN XD 2 94.76 108.76 18.97
C ASN XD 2 94.86 107.84 20.18
N LYS XD 3 93.73 107.56 20.81
CA LYS XD 3 93.70 106.70 21.98
C LYS XD 3 94.04 105.27 21.58
N PRO XD 4 95.01 104.63 22.23
CA PRO XD 4 95.35 103.25 21.87
C PRO XD 4 94.27 102.28 22.31
N MET XD 5 94.23 101.13 21.64
CA MET XD 5 93.32 100.05 21.97
C MET XD 5 94.10 98.82 22.41
N GLN XD 6 93.45 97.98 23.20
CA GLN XD 6 94.02 96.72 23.67
C GLN XD 6 93.08 95.58 23.37
N PRO XD 7 93.59 94.38 23.09
CA PRO XD 7 92.72 93.24 22.79
C PRO XD 7 91.92 92.81 24.01
N ILE XD 8 90.68 92.44 23.79
CA ILE XD 8 89.77 92.00 24.85
C ILE XD 8 89.45 90.51 24.71
N THR XD 9 89.17 90.07 23.49
CA THR XD 9 89.01 88.65 23.19
C THR XD 9 89.97 88.26 22.08
N SER XD 10 90.74 87.20 22.31
CA SER XD 10 91.83 86.84 21.42
C SER XD 10 91.70 85.39 20.98
N THR XD 11 91.49 85.20 19.68
CA THR XD 11 91.58 83.91 19.03
C THR XD 11 92.34 84.09 17.73
N ALA XD 12 93.12 83.08 17.35
CA ALA XD 12 93.90 83.17 16.13
C ALA XD 12 93.01 83.38 14.91
N ASN XD 13 91.78 82.86 14.96
CA ASN XD 13 90.83 83.10 13.89
C ASN XD 13 90.21 84.50 13.98
N LYS XD 14 90.06 85.04 15.18
CA LYS XD 14 89.36 86.31 15.37
C LYS XD 14 89.88 87.02 16.61
N ILE XD 15 90.34 88.25 16.42
CA ILE XD 15 90.79 89.11 17.51
C ILE XD 15 90.01 90.40 17.45
N VAL XD 16 89.51 90.85 18.60
CA VAL XD 16 88.72 92.07 18.71
C VAL XD 16 89.44 93.02 19.66
N TRP XD 17 89.58 94.27 19.24
CA TRP XD 17 90.18 95.32 20.05
C TRP XD 17 89.08 96.18 20.67
N SER XD 18 89.44 96.88 21.74
CA SER XD 18 88.47 97.74 22.42
C SER XD 18 89.20 98.89 23.08
N ASP XD 19 88.51 100.02 23.18
CA ASP XD 19 89.06 101.20 23.84
C ASP XD 19 88.80 101.10 25.34
N PRO XD 20 89.83 101.14 26.18
CA PRO XD 20 89.59 101.06 27.64
C PRO XD 20 88.67 102.15 28.17
N THR XD 21 88.72 103.35 27.62
CA THR XD 21 87.87 104.43 28.09
C THR XD 21 86.47 104.39 27.51
N ARG XD 22 86.28 103.77 26.33
CA ARG XD 22 84.96 103.64 25.73
C ARG XD 22 84.86 102.22 25.19
N LEU XD 23 84.25 101.33 25.99
CA LEU XD 23 84.20 99.92 25.62
C LEU XD 23 83.29 99.65 24.42
N SER XD 24 82.50 100.64 24.01
CA SER XD 24 81.62 100.46 22.86
C SER XD 24 82.36 100.50 21.53
N THR XD 25 83.58 101.03 21.50
CA THR XD 25 84.38 101.10 20.28
C THR XD 25 85.15 99.80 20.13
N THR XD 26 84.93 99.11 19.02
CA THR XD 26 85.54 97.82 18.76
C THR XD 26 86.15 97.78 17.38
N PHE XD 27 87.17 96.95 17.22
CA PHE XD 27 87.83 96.71 15.94
C PHE XD 27 88.15 95.23 15.84
N SER XD 28 87.49 94.54 14.93
CA SER XD 28 87.59 93.10 14.82
C SER XD 28 88.30 92.70 13.54
N ALA XD 29 89.20 91.73 13.65
CA ALA XD 29 89.91 91.16 12.51
C ALA XD 29 89.70 89.65 12.51
N SER XD 30 89.18 89.12 11.40
CA SER XD 30 88.90 87.71 11.27
C SER XD 30 89.48 87.22 9.94
N LEU XD 31 90.29 86.17 10.01
CA LEU XD 31 90.91 85.58 8.82
C LEU XD 31 90.37 84.17 8.63
N LEU XD 32 89.90 83.88 7.42
CA LEU XD 32 89.44 82.56 7.04
C LEU XD 32 90.28 82.05 5.89
N ARG XD 33 90.94 80.91 6.10
CA ARG XD 33 91.92 80.39 5.14
C ARG XD 33 91.47 79.02 4.66
N GLN XD 34 91.46 78.83 3.35
CA GLN XD 34 91.15 77.55 2.74
C GLN XD 34 91.88 77.45 1.42
N ARG XD 35 92.26 76.23 1.05
CA ARG XD 35 93.12 75.98 -0.11
C ARG XD 35 92.25 75.92 -1.37
N VAL XD 36 92.09 77.07 -2.02
CA VAL XD 36 91.40 77.14 -3.30
C VAL XD 36 92.42 76.90 -4.41
N LYS XD 37 92.51 75.65 -4.88
CA LYS XD 37 93.48 75.34 -5.91
C LYS XD 37 92.86 75.41 -7.30
N VAL XD 38 93.46 76.26 -8.15
CA VAL XD 38 93.09 76.34 -9.55
C VAL XD 38 93.79 75.21 -10.29
N GLY XD 39 93.41 75.00 -11.55
CA GLY XD 39 93.98 73.92 -12.34
C GLY XD 39 95.49 73.89 -12.36
N ILE XD 40 96.04 72.69 -12.14
CA ILE XD 40 97.48 72.39 -12.13
C ILE XD 40 98.28 73.41 -11.31
N ALA XD 41 97.65 73.95 -10.26
CA ALA XD 41 98.33 74.92 -9.40
C ALA XD 41 97.77 74.78 -7.99
N GLU XD 42 98.58 75.22 -7.02
CA GLU XD 42 98.21 75.22 -5.62
C GLU XD 42 98.23 76.65 -5.10
N LEU XD 43 97.12 77.08 -4.48
CA LEU XD 43 96.99 78.45 -4.00
C LEU XD 43 96.37 78.42 -2.61
N ASN XD 44 96.91 79.24 -1.71
CA ASN XD 44 96.37 79.40 -0.37
C ASN XD 44 95.57 80.70 -0.32
N ASN XD 45 94.25 80.58 -0.21
CA ASN XD 45 93.35 81.71 -0.25
C ASN XD 45 93.01 82.16 1.17
N VAL XD 46 93.09 83.47 1.40
CA VAL XD 46 92.82 84.07 2.70
C VAL XD 46 91.70 85.09 2.52
N SER XD 47 90.69 85.02 3.38
CA SER XD 47 89.61 85.99 3.38
C SER XD 47 89.69 86.82 4.65
N GLY XD 48 90.02 88.09 4.51
CA GLY XD 48 90.19 88.95 5.67
C GLY XD 48 89.05 89.91 5.90
N GLN XD 49 88.36 89.76 7.02
CA GLN XD 49 87.22 90.60 7.35
C GLN XD 49 87.59 91.50 8.52
N TYR XD 50 87.45 92.82 8.33
CA TYR XD 50 87.78 93.81 9.34
C TYR XD 50 86.56 94.69 9.58
N VAL XD 51 86.11 94.76 10.83
CA VAL XD 51 84.92 95.50 11.20
C VAL XD 51 85.29 96.48 12.30
N SER XD 52 84.94 97.75 12.09
CA SER XD 52 85.12 98.80 13.09
C SER XD 52 83.76 99.36 13.47
N VAL XD 53 83.47 99.41 14.76
CA VAL XD 53 82.16 99.83 15.27
C VAL XD 53 82.36 100.97 16.25
N TYR XD 54 81.62 102.05 16.06
CA TYR XD 54 81.61 103.19 16.96
C TYR XD 54 80.18 103.66 17.12
N LYS XD 55 79.82 104.02 18.35
CA LYS XD 55 78.46 104.48 18.65
C LYS XD 55 78.51 105.96 18.98
N ARG XD 56 78.00 106.77 18.05
CA ARG XD 56 78.00 108.22 18.19
C ARG XD 56 76.65 108.69 18.72
N PRO XD 57 76.64 109.65 19.64
CA PRO XD 57 75.37 110.26 20.05
C PRO XD 57 74.71 110.98 18.89
N ALA XD 58 73.39 111.01 18.90
CA ALA XD 58 72.66 111.73 17.88
C ALA XD 58 73.02 113.21 17.92
N PRO XD 59 73.08 113.87 16.76
CA PRO XD 59 73.56 115.26 16.74
C PRO XD 59 72.66 116.21 17.53
N LYS XD 60 73.29 117.09 18.30
CA LYS XD 60 72.57 118.07 19.09
C LYS XD 60 71.97 119.13 18.18
N PRO XD 61 70.84 119.75 18.57
CA PRO XD 61 70.28 120.84 17.76
C PRO XD 61 71.26 121.99 17.61
N GLU XD 62 71.26 122.62 16.44
CA GLU XD 62 72.28 123.64 16.15
C GLU XD 62 72.17 124.82 17.10
N GLY XD 63 70.95 125.26 17.39
CA GLY XD 63 70.77 126.38 18.30
C GLY XD 63 70.68 125.96 19.75
N CYS XD 64 71.64 125.16 20.20
CA CYS XD 64 71.66 124.65 21.57
C CYS XD 64 72.97 125.00 22.25
N ALA XD 65 72.87 125.56 23.46
CA ALA XD 65 74.01 125.75 24.32
C ALA XD 65 73.85 125.05 25.67
N ASP XD 66 72.85 124.17 25.80
CA ASP XD 66 72.61 123.50 27.06
C ASP XD 66 73.76 122.57 27.40
N ALA XD 67 74.15 122.57 28.67
CA ALA XD 67 75.32 121.84 29.11
C ALA XD 67 75.08 120.34 29.18
N CYS XD 68 73.94 119.92 29.71
CA CYS XD 68 73.72 118.53 30.07
C CYS XD 68 72.49 118.00 29.38
N VAL XD 69 72.66 117.55 28.13
CA VAL XD 69 71.62 116.88 27.37
C VAL XD 69 72.26 115.75 26.58
N ILE XD 70 71.82 114.51 26.80
CA ILE XD 70 72.44 113.35 26.19
C ILE XD 70 71.42 112.69 25.27
N MET XD 71 71.82 112.43 24.03
CA MET XD 71 70.98 111.78 23.04
C MET XD 71 71.40 110.33 22.88
N PRO XD 72 70.49 109.42 22.54
CA PRO XD 72 70.87 108.01 22.40
C PRO XD 72 71.82 107.79 21.23
N ASN XD 73 72.61 106.74 21.36
CA ASN XD 73 73.69 106.46 20.41
C ASN XD 73 73.16 105.77 19.17
N GLU XD 74 73.80 106.05 18.04
CA GLU XD 74 73.51 105.41 16.77
C GLU XD 74 74.68 104.53 16.39
N ASN XD 75 74.42 103.51 15.57
CA ASN XD 75 75.45 102.54 15.23
C ASN XD 75 76.16 102.98 13.95
N GLN XD 76 77.48 103.14 14.03
CA GLN XD 76 78.32 103.43 12.88
C GLN XD 76 79.19 102.20 12.61
N SER XD 77 79.06 101.62 11.43
CA SER XD 77 79.76 100.39 11.08
C SER XD 77 80.52 100.58 9.78
N ILE XD 78 81.79 100.17 9.79
CA ILE XD 78 82.63 100.13 8.59
C ILE XD 78 83.23 98.74 8.50
N ARG XD 79 82.96 98.04 7.40
CA ARG XD 79 83.34 96.64 7.25
C ARG XD 79 84.06 96.46 5.91
N THR XD 80 85.24 95.87 5.95
CA THR XD 80 86.03 95.60 4.76
C THR XD 80 86.37 94.12 4.70
N VAL XD 81 86.22 93.53 3.51
CA VAL XD 81 86.53 92.12 3.27
C VAL XD 81 87.53 92.06 2.13
N ILE XD 82 88.66 91.40 2.37
CA ILE XD 82 89.72 91.25 1.39
C ILE XD 82 89.93 89.76 1.15
N SER XD 83 89.81 89.34 -0.12
CA SER XD 83 89.96 87.94 -0.50
C SER XD 83 91.01 87.85 -1.60
N GLY XD 84 91.97 86.94 -1.44
CA GLY XD 84 93.01 86.76 -2.43
C GLY XD 84 94.03 85.72 -2.02
N SER XD 85 94.79 85.21 -2.99
CA SER XD 85 95.80 84.21 -2.69
C SER XD 85 97.00 84.85 -2.00
N ALA XD 86 97.69 84.06 -1.17
CA ALA XD 86 98.86 84.56 -0.48
C ALA XD 86 100.02 84.83 -1.44
N GLU XD 87 100.02 84.15 -2.59
CA GLU XD 87 101.11 84.31 -3.54
C GLU XD 87 101.11 85.69 -4.18
N ASN XD 88 99.95 86.36 -4.18
CA ASN XD 88 99.79 87.66 -4.82
C ASN XD 88 99.63 88.79 -3.82
N LEU XD 89 100.38 88.74 -2.71
CA LEU XD 89 100.16 89.70 -1.63
C LEU XD 89 100.49 91.14 -2.05
N ALA XD 90 101.60 91.32 -2.77
CA ALA XD 90 102.02 92.68 -3.15
C ALA XD 90 101.00 93.32 -4.07
N THR XD 91 100.51 92.56 -5.06
CA THR XD 91 99.54 93.11 -5.98
C THR XD 91 98.17 93.27 -5.32
N LEU XD 92 97.84 92.43 -4.34
CA LEU XD 92 96.63 92.66 -3.56
C LEU XD 92 96.75 93.95 -2.76
N LYS XD 93 97.95 94.25 -2.27
CA LYS XD 93 98.17 95.52 -1.59
C LYS XD 93 98.01 96.70 -2.54
N ALA XD 94 98.51 96.55 -3.77
CA ALA XD 94 98.30 97.60 -4.78
C ALA XD 94 96.81 97.79 -5.07
N GLU XD 95 96.06 96.69 -5.19
CA GLU XD 95 94.61 96.77 -5.36
C GLU XD 95 93.97 97.47 -4.17
N TRP XD 96 94.48 97.21 -2.97
CA TRP XD 96 93.94 97.86 -1.77
C TRP XD 96 94.18 99.36 -1.81
N GLU XD 97 95.36 99.77 -2.28
CA GLU XD 97 95.64 101.20 -2.42
C GLU XD 97 94.70 101.84 -3.43
N THR XD 98 94.48 101.17 -4.57
CA THR XD 98 93.57 101.70 -5.57
C THR XD 98 92.15 101.78 -5.03
N HIS XD 99 91.74 100.77 -4.26
CA HIS XD 99 90.41 100.80 -3.63
C HIS XD 99 90.30 101.95 -2.65
N LYS XD 100 91.34 102.19 -1.86
CA LYS XD 100 91.37 103.36 -1.00
C LYS XD 100 91.14 104.63 -1.80
N ARG XD 101 91.88 104.80 -2.90
CA ARG XD 101 91.77 106.03 -3.68
C ARG XD 101 90.36 106.19 -4.24
N ASN XD 102 89.77 105.11 -4.73
CA ASN XD 102 88.43 105.18 -5.31
C ASN XD 102 87.38 105.50 -4.25
N VAL XD 103 87.41 104.80 -3.12
CA VAL XD 103 86.45 105.09 -2.05
C VAL XD 103 86.63 106.51 -1.54
N ASP XD 104 87.88 106.99 -1.47
CA ASP XD 104 88.09 108.36 -1.04
C ASP XD 104 87.46 109.35 -2.00
N THR XD 105 87.75 109.20 -3.30
CA THR XD 105 87.25 110.18 -4.27
C THR XD 105 85.74 110.08 -4.43
N LEU XD 106 85.14 108.96 -4.01
CA LEU XD 106 83.69 108.83 -4.14
C LEU XD 106 82.94 109.21 -2.86
N PHE XD 107 83.58 109.07 -1.70
CA PHE XD 107 82.90 109.24 -0.42
C PHE XD 107 83.45 110.42 0.37
N ALA XD 108 84.76 110.48 0.57
CA ALA XD 108 85.35 111.54 1.40
C ALA XD 108 85.22 112.89 0.71
N SER XD 109 85.59 112.96 -0.57
CA SER XD 109 85.47 114.19 -1.34
C SER XD 109 84.19 114.26 -2.15
N GLY XD 110 83.29 113.28 -2.02
CA GLY XD 110 82.06 113.24 -2.78
C GLY XD 110 80.84 113.46 -1.91
N ASN XD 111 79.71 112.91 -2.38
CA ASN XD 111 78.43 113.07 -1.73
C ASN XD 111 77.75 111.72 -1.46
N ALA XD 112 78.50 110.63 -1.61
CA ALA XD 112 77.94 109.31 -1.36
C ALA XD 112 77.57 109.12 0.10
N GLY XD 113 78.23 109.85 1.00
CA GLY XD 113 77.87 109.78 2.40
C GLY XD 113 76.46 110.25 2.69
N LEU XD 114 76.02 111.31 2.03
CA LEU XD 114 74.65 111.78 2.12
C LEU XD 114 73.71 111.03 1.19
N GLY XD 115 74.23 110.36 0.17
CA GLY XD 115 73.40 109.50 -0.64
C GLY XD 115 73.30 109.86 -2.11
N PHE XD 116 74.29 110.55 -2.66
CA PHE XD 116 74.30 110.95 -4.05
C PHE XD 116 75.45 110.26 -4.77
N LEU XD 117 75.15 109.66 -5.92
CA LEU XD 117 76.15 109.02 -6.77
C LEU XD 117 76.43 109.91 -7.98
N ASP XD 118 77.71 110.16 -8.24
CA ASP XD 118 78.10 111.01 -9.34
C ASP XD 118 78.71 110.15 -10.44
N PRO XD 119 78.04 109.98 -11.58
CA PRO XD 119 78.63 109.19 -12.68
C PRO XD 119 79.87 109.85 -13.29
N THR XD 120 80.15 111.10 -12.99
CA THR XD 120 81.30 111.81 -13.55
C THR XD 120 82.52 111.74 -12.65
N ALA XD 121 82.49 110.93 -11.60
CA ALA XD 121 83.62 110.83 -10.69
C ALA XD 121 84.84 110.23 -11.39
N ALA XD 122 86.02 110.64 -10.95
CA ALA XD 122 87.29 110.21 -11.57
C ALA XD 122 87.75 108.93 -10.88
N ILE XD 123 87.23 107.81 -11.34
CA ILE XD 123 87.63 106.50 -10.83
C ILE XD 123 88.76 105.96 -11.70
N VAL XD 124 89.81 105.45 -11.05
CA VAL XD 124 91.01 104.98 -11.75
C VAL XD 124 91.30 103.54 -11.35
N SER XD 125 92.05 102.85 -12.21
CA SER XD 125 92.41 101.46 -11.97
C SER XD 125 93.82 101.38 -11.37
N SER XD 126 94.19 100.15 -10.99
CA SER XD 126 95.50 99.94 -10.39
C SER XD 126 96.62 99.95 -11.42
N ASP XD 127 96.36 99.47 -12.64
CA ASP XD 127 97.39 99.45 -13.67
C ASP XD 127 97.78 100.86 -14.08
N THR XD 128 99.04 101.01 -14.48
CA THR XD 128 99.59 102.30 -14.89
C THR XD 128 99.92 102.29 -16.37
N THR XD 129 99.92 103.48 -16.96
CA THR XD 129 100.22 103.63 -18.38
C THR XD 129 101.71 103.53 -18.64
N ALA YD 1 120.99 82.24 10.78
CA ALA YD 1 119.76 82.87 11.23
C ALA YD 1 118.54 82.22 10.59
N ASN YD 2 117.91 81.31 11.32
CA ASN YD 2 116.74 80.61 10.81
C ASN YD 2 115.54 81.55 10.77
N LYS YD 3 114.66 81.33 9.81
CA LYS YD 3 113.49 82.18 9.64
C LYS YD 3 112.51 81.97 10.80
N PRO YD 4 112.13 83.03 11.51
CA PRO YD 4 111.13 82.87 12.58
C PRO YD 4 109.76 82.55 12.01
N MET YD 5 108.92 81.94 12.85
CA MET YD 5 107.58 81.54 12.47
C MET YD 5 106.56 82.13 13.43
N GLN YD 6 105.35 82.38 12.94
CA GLN YD 6 104.26 82.98 13.70
C GLN YD 6 103.12 81.99 13.85
N PRO YD 7 102.32 82.12 14.92
CA PRO YD 7 101.23 81.15 15.14
C PRO YD 7 100.01 81.41 14.26
N ILE YD 8 99.53 80.37 13.57
CA ILE YD 8 98.32 80.50 12.77
C ILE YD 8 97.08 80.06 13.54
N THR YD 9 97.23 79.14 14.49
CA THR YD 9 96.10 78.66 15.29
C THR YD 9 96.55 78.60 16.75
N SER YD 10 95.91 79.40 17.60
CA SER YD 10 96.27 79.49 19.00
C SER YD 10 95.08 79.03 19.85
N THR YD 11 95.33 78.06 20.71
CA THR YD 11 94.32 77.50 21.61
C THR YD 11 95.00 77.11 22.90
N ALA YD 12 94.22 77.07 23.98
CA ALA YD 12 94.77 76.72 25.29
C ALA YD 12 95.34 75.31 25.32
N ASN YD 13 94.97 74.48 24.34
CA ASN YD 13 95.44 73.10 24.28
C ASN YD 13 96.29 72.79 23.06
N LYS YD 14 96.42 73.72 22.10
CA LYS YD 14 97.16 73.44 20.88
C LYS YD 14 97.51 74.76 20.19
N ILE YD 15 98.78 74.91 19.82
CA ILE YD 15 99.24 76.07 19.06
C ILE YD 15 99.98 75.56 17.83
N VAL YD 16 99.67 76.16 16.68
CA VAL YD 16 100.26 75.77 15.40
C VAL YD 16 101.00 76.98 14.84
N TRP YD 17 102.28 76.77 14.50
CA TRP YD 17 103.09 77.81 13.89
C TRP YD 17 103.20 77.58 12.39
N SER YD 18 103.66 78.61 11.68
CA SER YD 18 103.86 78.52 10.23
C SER YD 18 104.84 79.58 9.78
N ASP YD 19 105.57 79.28 8.72
CA ASP YD 19 106.53 80.23 8.18
C ASP YD 19 105.83 81.16 7.19
N PRO YD 20 105.99 82.48 7.35
CA PRO YD 20 105.37 83.40 6.39
C PRO YD 20 105.83 83.18 4.95
N THR YD 21 107.11 82.83 4.75
CA THR YD 21 107.61 82.61 3.40
C THR YD 21 107.03 81.34 2.79
N ARG YD 22 107.04 80.24 3.53
CA ARG YD 22 106.48 78.97 3.07
C ARG YD 22 105.41 78.53 4.06
N LEU YD 23 104.15 78.57 3.62
CA LEU YD 23 103.05 78.26 4.52
C LEU YD 23 102.89 76.76 4.71
N SER YD 24 103.57 75.96 3.89
CA SER YD 24 103.40 74.52 3.94
C SER YD 24 104.05 73.92 5.18
N THR YD 25 105.16 74.50 5.64
CA THR YD 25 105.85 74.00 6.81
C THR YD 25 105.20 74.56 8.08
N THR YD 26 104.87 73.66 9.01
CA THR YD 26 104.20 74.04 10.25
C THR YD 26 104.79 73.27 11.42
N PHE YD 27 104.63 73.84 12.61
CA PHE YD 27 105.08 73.23 13.86
C PHE YD 27 103.97 73.38 14.88
N SER YD 28 103.41 72.27 15.34
CA SER YD 28 102.27 72.29 16.25
C SER YD 28 102.60 71.55 17.54
N ALA YD 29 102.17 72.14 18.65
CA ALA YD 29 102.38 71.57 19.98
C ALA YD 29 101.03 71.41 20.65
N SER YD 30 100.79 70.23 21.21
CA SER YD 30 99.54 69.93 21.90
C SER YD 30 99.85 69.31 23.24
N LEU YD 31 99.21 69.80 24.30
CA LEU YD 31 99.41 69.30 25.64
C LEU YD 31 98.10 68.76 26.20
N LEU YD 32 98.15 67.55 26.76
CA LEU YD 32 97.02 66.93 27.42
C LEU YD 32 97.41 66.64 28.87
N ARG YD 33 96.73 67.29 29.81
CA ARG YD 33 97.03 67.16 31.23
C ARG YD 33 95.92 66.41 31.92
N GLN YD 34 96.28 65.36 32.66
CA GLN YD 34 95.33 64.52 33.36
C GLN YD 34 95.87 64.17 34.73
N ARG YD 35 94.95 63.86 35.64
CA ARG YD 35 95.33 63.39 36.97
C ARG YD 35 95.47 61.87 36.95
N VAL YD 36 96.57 61.38 37.50
CA VAL YD 36 96.87 59.95 37.51
C VAL YD 36 96.78 59.44 38.95
N LYS YD 37 96.02 58.38 39.14
CA LYS YD 37 95.84 57.78 40.46
C LYS YD 37 96.92 56.73 40.68
N VAL YD 38 97.80 57.00 41.66
CA VAL YD 38 98.84 56.08 42.06
C VAL YD 38 98.66 55.82 43.55
N GLY YD 39 99.08 54.64 43.98
CA GLY YD 39 98.94 54.26 45.38
C GLY YD 39 99.47 55.30 46.33
N ILE YD 40 98.63 55.72 47.28
CA ILE YD 40 98.91 56.75 48.29
C ILE YD 40 99.61 57.96 47.68
N ALA YD 41 99.23 58.32 46.45
CA ALA YD 41 99.81 59.47 45.78
C ALA YD 41 98.78 60.07 44.83
N GLU YD 42 98.81 61.39 44.71
CA GLU YD 42 97.93 62.12 43.79
C GLU YD 42 98.80 63.07 42.98
N LEU YD 43 99.34 62.57 41.87
CA LEU YD 43 100.20 63.33 40.98
C LEU YD 43 99.62 63.31 39.57
N ASN YD 44 99.82 64.42 38.86
CA ASN YD 44 99.15 64.66 37.58
C ASN YD 44 100.14 64.61 36.43
N ASN YD 45 99.76 63.90 35.37
CA ASN YD 45 100.63 63.73 34.21
C ASN YD 45 100.34 64.81 33.16
N VAL YD 46 101.37 65.14 32.39
CA VAL YD 46 101.25 66.06 31.27
C VAL YD 46 101.88 65.38 30.06
N SER YD 47 101.10 65.23 29.00
CA SER YD 47 101.55 64.59 27.76
C SER YD 47 101.64 65.65 26.67
N GLY YD 48 102.80 65.75 26.03
CA GLY YD 48 103.00 66.74 24.99
C GLY YD 48 103.32 66.16 23.64
N GLN YD 49 102.60 66.59 22.61
CA GLN YD 49 102.78 66.11 21.25
C GLN YD 49 103.32 67.25 20.40
N TYR YD 50 104.53 67.08 19.89
CA TYR YD 50 105.17 68.07 19.02
C TYR YD 50 105.43 67.42 17.67
N VAL YD 51 104.85 67.99 16.61
CA VAL YD 51 105.02 67.48 15.26
C VAL YD 51 105.60 68.60 14.40
N SER YD 52 106.50 68.22 13.49
CA SER YD 52 107.10 69.14 12.54
C SER YD 52 106.99 68.55 11.14
N VAL YD 53 106.48 69.35 10.20
CA VAL YD 53 106.30 68.91 8.83
C VAL YD 53 106.98 69.91 7.90
N TYR YD 54 107.67 69.38 6.88
CA TYR YD 54 108.26 70.19 5.82
C TYR YD 54 108.01 69.46 4.51
N LYS YD 55 107.47 70.19 3.53
CA LYS YD 55 107.06 69.58 2.27
C LYS YD 55 108.17 69.79 1.23
N ARG YD 56 109.26 69.06 1.45
CA ARG YD 56 110.44 69.19 0.61
C ARG YD 56 110.15 68.66 -0.79
N PRO YD 57 110.61 69.35 -1.84
CA PRO YD 57 110.42 68.83 -3.19
C PRO YD 57 111.17 67.54 -3.43
N ALA YD 58 110.61 66.71 -4.31
CA ALA YD 58 111.27 65.48 -4.72
C ALA YD 58 112.59 65.81 -5.40
N PRO YD 59 113.59 64.93 -5.34
CA PRO YD 59 114.92 65.33 -5.81
C PRO YD 59 115.00 65.42 -7.32
N LYS YD 60 115.56 66.52 -7.79
CA LYS YD 60 115.60 66.83 -9.21
C LYS YD 60 116.42 65.79 -9.96
N PRO YD 61 115.99 65.40 -11.16
CA PRO YD 61 116.79 64.45 -11.96
C PRO YD 61 118.16 65.00 -12.30
N GLU YD 62 119.09 64.11 -12.66
CA GLU YD 62 120.49 64.46 -12.81
C GLU YD 62 120.76 64.99 -14.21
N GLY YD 63 121.54 66.07 -14.29
CA GLY YD 63 122.02 66.58 -15.55
C GLY YD 63 121.06 67.45 -16.33
N CYS YD 64 119.89 67.78 -15.77
CA CYS YD 64 118.90 68.59 -16.47
C CYS YD 64 118.58 69.82 -15.64
N ALA YD 65 118.97 70.99 -16.13
CA ALA YD 65 118.58 72.26 -15.53
C ALA YD 65 117.26 72.69 -16.16
N ASP YD 66 116.16 72.12 -15.68
CA ASP YD 66 114.85 72.40 -16.26
C ASP YD 66 114.49 73.86 -16.04
N ALA YD 67 113.63 74.37 -16.93
CA ALA YD 67 113.27 75.78 -16.90
C ALA YD 67 112.60 76.14 -15.57
N CYS YD 68 111.63 75.35 -15.15
CA CYS YD 68 110.91 75.60 -13.91
C CYS YD 68 110.73 74.30 -13.13
N VAL YD 69 110.67 74.43 -11.81
CA VAL YD 69 110.50 73.26 -10.95
C VAL YD 69 109.06 72.75 -11.06
N ILE YD 70 108.93 71.45 -11.34
CA ILE YD 70 107.63 70.81 -11.46
C ILE YD 70 107.64 69.56 -10.60
N MET YD 71 108.58 69.49 -9.68
CA MET YD 71 108.76 68.28 -8.87
C MET YD 71 107.57 68.10 -7.95
N PRO YD 72 106.97 66.91 -7.89
CA PRO YD 72 105.85 66.69 -6.97
C PRO YD 72 106.32 66.41 -5.55
N ASN YD 73 106.49 67.48 -4.76
CA ASN YD 73 107.06 67.43 -3.42
C ASN YD 73 106.47 66.35 -2.51
N GLU YD 74 107.27 65.91 -1.54
CA GLU YD 74 106.90 64.85 -0.62
C GLU YD 74 106.62 65.41 0.76
N ASN YD 75 106.38 64.51 1.71
CA ASN YD 75 106.09 64.89 3.09
C ASN YD 75 107.21 64.39 4.01
N GLN YD 76 107.79 65.31 4.77
CA GLN YD 76 108.75 64.96 5.81
C GLN YD 76 108.14 65.31 7.15
N SER YD 77 108.07 64.35 8.06
CA SER YD 77 107.40 64.52 9.34
C SER YD 77 108.28 64.02 10.48
N ILE YD 78 108.28 64.78 11.57
CA ILE YD 78 108.95 64.38 12.82
C ILE YD 78 107.96 64.61 13.95
N ARG YD 79 107.64 63.55 14.69
CA ARG YD 79 106.63 63.59 15.74
C ARG YD 79 107.25 63.09 17.04
N THR YD 80 107.07 63.84 18.11
CA THR YD 80 107.64 63.53 19.41
C THR YD 80 106.58 63.66 20.49
N VAL YD 81 106.50 62.64 21.35
CA VAL YD 81 105.55 62.62 22.46
C VAL YD 81 106.35 62.50 23.75
N ILE YD 82 106.14 63.45 24.66
CA ILE YD 82 106.79 63.46 25.97
C ILE YD 82 105.70 63.33 27.03
N SER YD 83 105.80 62.30 27.87
CA SER YD 83 104.80 62.02 28.89
C SER YD 83 105.50 61.80 30.22
N GLY YD 84 105.00 62.47 31.26
CA GLY YD 84 105.56 62.30 32.59
C GLY YD 84 104.95 63.29 33.54
N SER YD 85 105.05 62.97 34.83
CA SER YD 85 104.50 63.83 35.86
C SER YD 85 105.28 65.13 35.97
N ALA YD 86 104.56 66.21 36.26
CA ALA YD 86 105.22 67.51 36.42
C ALA YD 86 106.08 67.57 37.67
N GLU YD 87 105.83 66.67 38.61
CA GLU YD 87 106.64 66.62 39.84
C GLU YD 87 108.07 66.22 39.53
N ASN YD 88 108.25 65.32 38.56
CA ASN YD 88 109.56 64.80 38.18
C ASN YD 88 110.11 65.46 36.93
N LEU YD 89 109.90 66.77 36.79
CA LEU YD 89 110.27 67.46 35.55
C LEU YD 89 111.77 67.44 35.31
N ALA YD 90 112.57 67.51 36.37
CA ALA YD 90 114.02 67.48 36.20
C ALA YD 90 114.47 66.14 35.60
N THR YD 91 113.96 65.03 36.13
CA THR YD 91 114.26 63.73 35.58
C THR YD 91 113.72 63.57 34.18
N LEU YD 92 112.55 64.16 33.89
CA LEU YD 92 112.01 64.09 32.53
C LEU YD 92 112.89 64.84 31.55
N LYS YD 93 113.43 65.99 31.96
CA LYS YD 93 114.35 66.72 31.11
C LYS YD 93 115.65 65.96 30.89
N ALA YD 94 116.16 65.30 31.94
CA ALA YD 94 117.32 64.44 31.78
C ALA YD 94 117.04 63.30 30.80
N GLU YD 95 115.86 62.70 30.90
CA GLU YD 95 115.46 61.66 29.96
C GLU YD 95 115.38 62.22 28.54
N TRP YD 96 114.88 63.45 28.38
CA TRP YD 96 114.81 64.05 27.07
C TRP YD 96 116.20 64.24 26.48
N GLU YD 97 117.15 64.70 27.29
CA GLU YD 97 118.52 64.87 26.81
C GLU YD 97 119.12 63.53 26.40
N THR YD 98 118.92 62.50 27.23
CA THR YD 98 119.46 61.18 26.91
C THR YD 98 118.83 60.61 25.64
N HIS YD 99 117.52 60.81 25.48
CA HIS YD 99 116.84 60.33 24.28
C HIS YD 99 117.32 61.05 23.05
N LYS YD 100 117.56 62.37 23.15
CA LYS YD 100 118.13 63.11 22.04
C LYS YD 100 119.49 62.56 21.65
N ARG YD 101 120.33 62.28 22.66
CA ARG YD 101 121.66 61.76 22.37
C ARG YD 101 121.59 60.39 21.70
N ASN YD 102 120.69 59.53 22.19
CA ASN YD 102 120.56 58.19 21.60
C ASN YD 102 120.05 58.26 20.17
N VAL YD 103 119.05 59.11 19.91
CA VAL YD 103 118.52 59.25 18.56
C VAL YD 103 119.57 59.85 17.63
N ASP YD 104 120.39 60.77 18.15
CA ASP YD 104 121.49 61.30 17.35
C ASP YD 104 122.50 60.21 17.01
N THR YD 105 122.79 59.34 17.98
CA THR YD 105 123.72 58.26 17.73
C THR YD 105 123.20 57.30 16.66
N LEU YD 106 121.93 56.95 16.73
CA LEU YD 106 121.38 55.98 15.78
C LEU YD 106 121.13 56.62 14.41
N PHE YD 107 120.77 57.90 14.38
CA PHE YD 107 120.26 58.56 13.18
C PHE YD 107 121.18 59.65 12.66
N ALA YD 108 121.51 60.63 13.50
CA ALA YD 108 122.31 61.78 13.04
C ALA YD 108 123.70 61.34 12.60
N SER YD 109 124.34 60.47 13.38
CA SER YD 109 125.65 59.96 13.05
C SER YD 109 125.61 58.53 12.54
N GLY YD 110 124.45 57.90 12.53
CA GLY YD 110 124.28 56.55 12.02
C GLY YD 110 123.55 56.53 10.69
N ASN YD 111 123.07 55.35 10.32
CA ASN YD 111 122.37 55.19 9.06
C ASN YD 111 120.98 54.61 9.25
N ALA YD 112 120.28 55.05 10.30
CA ALA YD 112 118.89 54.64 10.49
C ALA YD 112 118.00 55.21 9.40
N GLY YD 113 118.39 56.34 8.83
CA GLY YD 113 117.60 56.91 7.75
C GLY YD 113 117.57 56.04 6.51
N LEU YD 114 118.69 55.38 6.21
CA LEU YD 114 118.72 54.48 5.06
C LEU YD 114 118.01 53.16 5.35
N GLY YD 115 117.79 52.85 6.63
CA GLY YD 115 117.12 51.63 7.01
C GLY YD 115 117.95 50.66 7.82
N PHE YD 116 119.13 51.04 8.26
CA PHE YD 116 120.01 50.11 8.96
C PHE YD 116 119.98 50.35 10.47
N LEU YD 117 119.81 49.25 11.22
CA LEU YD 117 119.86 49.28 12.67
C LEU YD 117 121.15 48.58 13.11
N ASP YD 118 122.13 49.38 13.51
CA ASP YD 118 123.41 48.83 13.95
C ASP YD 118 123.29 48.31 15.37
N PRO YD 119 123.53 47.02 15.62
CA PRO YD 119 123.41 46.50 16.99
C PRO YD 119 124.60 46.80 17.88
N THR YD 120 125.66 47.41 17.36
CA THR YD 120 126.83 47.75 18.16
C THR YD 120 126.89 49.23 18.53
N ALA YD 121 125.81 49.98 18.33
CA ALA YD 121 125.80 51.40 18.63
C ALA YD 121 125.95 51.64 20.13
N ALA YD 122 126.54 52.78 20.48
CA ALA YD 122 126.81 53.14 21.86
C ALA YD 122 125.62 53.89 22.43
N ILE YD 123 124.70 53.14 23.03
CA ILE YD 123 123.52 53.71 23.68
C ILE YD 123 123.83 53.91 25.15
N VAL YD 124 123.47 55.08 25.68
CA VAL YD 124 123.77 55.44 27.06
C VAL YD 124 122.49 55.87 27.74
N SER YD 125 122.42 55.66 29.05
CA SER YD 125 121.21 55.92 29.82
C SER YD 125 121.31 57.26 30.53
N SER YD 126 120.17 57.66 31.13
CA SER YD 126 120.16 58.91 31.88
C SER YD 126 120.90 58.80 33.21
N ASP YD 127 120.97 57.60 33.78
CA ASP YD 127 121.71 57.41 35.01
C ASP YD 127 123.21 57.53 34.76
N THR YD 128 123.91 58.07 35.75
CA THR YD 128 125.36 58.26 35.66
C THR YD 128 126.06 57.46 36.74
N THR YD 129 127.33 57.16 36.48
CA THR YD 129 128.14 56.39 37.42
C THR YD 129 128.95 57.32 38.33
N ALA ZD 1 -31.26 42.63 -137.97
CA ALA ZD 1 -30.04 41.83 -137.96
C ALA ZD 1 -29.54 41.60 -136.54
N ASN ZD 2 -30.00 40.51 -135.93
CA ASN ZD 2 -29.60 40.19 -134.57
C ASN ZD 2 -28.16 39.69 -134.54
N LYS ZD 3 -27.45 40.03 -133.48
CA LYS ZD 3 -26.05 39.65 -133.36
C LYS ZD 3 -25.92 38.17 -133.04
N PRO ZD 4 -25.24 37.39 -133.87
CA PRO ZD 4 -25.02 35.97 -133.55
C PRO ZD 4 -24.17 35.81 -132.30
N MET ZD 5 -24.47 34.76 -131.53
CA MET ZD 5 -23.70 34.40 -130.34
C MET ZD 5 -23.05 33.07 -130.57
N GLN ZD 6 -21.78 32.95 -130.17
CA GLN ZD 6 -21.04 31.70 -130.33
C GLN ZD 6 -20.79 31.05 -128.98
N PRO ZD 7 -20.75 29.72 -128.91
CA PRO ZD 7 -20.71 29.06 -127.60
C PRO ZD 7 -19.40 29.31 -126.87
N ILE ZD 8 -19.48 29.24 -125.54
CA ILE ZD 8 -18.30 29.29 -124.69
C ILE ZD 8 -18.04 27.98 -123.96
N THR ZD 9 -19.07 27.19 -123.70
CA THR ZD 9 -18.92 25.87 -123.09
C THR ZD 9 -19.80 24.88 -123.85
N SER ZD 10 -19.20 23.78 -124.29
CA SER ZD 10 -19.90 22.79 -125.09
C SER ZD 10 -19.81 21.42 -124.43
N THR ZD 11 -20.95 20.78 -124.27
CA THR ZD 11 -21.04 19.44 -123.69
C THR ZD 11 -22.29 18.78 -124.24
N ALA ZD 12 -22.31 17.44 -124.18
CA ALA ZD 12 -23.47 16.70 -124.68
C ALA ZD 12 -24.70 16.95 -123.82
N ASN ZD 13 -24.50 17.41 -122.58
CA ASN ZD 13 -25.59 17.63 -121.65
C ASN ZD 13 -25.91 19.10 -121.42
N LYS ZD 14 -25.03 20.02 -121.83
CA LYS ZD 14 -25.24 21.44 -121.59
C LYS ZD 14 -24.37 22.25 -122.55
N ILE ZD 15 -24.96 23.26 -123.16
CA ILE ZD 15 -24.24 24.20 -124.03
C ILE ZD 15 -24.60 25.61 -123.58
N VAL ZD 16 -23.58 26.46 -123.46
CA VAL ZD 16 -23.77 27.84 -123.02
C VAL ZD 16 -23.31 28.76 -124.14
N TRP ZD 17 -24.20 29.68 -124.55
CA TRP ZD 17 -23.90 30.65 -125.59
C TRP ZD 17 -23.73 32.02 -124.95
N SER ZD 18 -22.82 32.83 -125.50
CA SER ZD 18 -22.56 34.17 -125.00
C SER ZD 18 -22.28 35.11 -126.16
N ASP ZD 19 -22.74 36.35 -126.02
CA ASP ZD 19 -22.46 37.35 -127.04
C ASP ZD 19 -21.01 37.83 -126.91
N PRO ZD 20 -20.23 37.79 -127.99
CA PRO ZD 20 -18.81 38.18 -127.86
C PRO ZD 20 -18.61 39.61 -127.42
N THR ZD 21 -19.52 40.53 -127.80
CA THR ZD 21 -19.41 41.91 -127.35
C THR ZD 21 -19.79 42.10 -125.89
N ARG ZD 22 -20.76 41.33 -125.39
CA ARG ZD 22 -21.14 41.39 -123.98
C ARG ZD 22 -21.32 39.97 -123.45
N LEU ZD 23 -20.28 39.43 -122.81
CA LEU ZD 23 -20.32 38.06 -122.33
C LEU ZD 23 -21.32 37.88 -121.20
N SER ZD 24 -21.77 38.98 -120.61
CA SER ZD 24 -22.78 38.91 -119.56
C SER ZD 24 -24.12 38.39 -120.07
N THR ZD 25 -24.38 38.52 -121.37
CA THR ZD 25 -25.59 37.96 -121.97
C THR ZD 25 -25.37 36.50 -122.31
N THR ZD 26 -26.07 35.62 -121.60
CA THR ZD 26 -25.85 34.18 -121.72
C THR ZD 26 -27.15 33.48 -122.11
N PHE ZD 27 -27.01 32.35 -122.78
CA PHE ZD 27 -28.12 31.49 -123.14
C PHE ZD 27 -27.70 30.04 -122.93
N SER ZD 28 -28.45 29.32 -122.09
CA SER ZD 28 -28.09 27.96 -121.70
C SER ZD 28 -29.21 27.00 -122.04
N ALA ZD 29 -28.81 25.81 -122.53
CA ALA ZD 29 -29.74 24.74 -122.83
C ALA ZD 29 -29.17 23.45 -122.26
N SER ZD 30 -29.93 22.80 -121.37
CA SER ZD 30 -29.50 21.58 -120.71
C SER ZD 30 -30.57 20.51 -120.91
N LEU ZD 31 -30.13 19.29 -121.21
CA LEU ZD 31 -31.03 18.17 -121.43
C LEU ZD 31 -30.83 17.12 -120.35
N LEU ZD 32 -31.93 16.61 -119.81
CA LEU ZD 32 -31.91 15.55 -118.81
C LEU ZD 32 -32.85 14.45 -119.25
N ARG ZD 33 -32.37 13.21 -119.28
CA ARG ZD 33 -33.08 12.09 -119.87
C ARG ZD 33 -33.30 10.98 -118.85
N GLN ZD 34 -34.53 10.50 -118.76
CA GLN ZD 34 -34.89 9.37 -117.92
C GLN ZD 34 -35.82 8.43 -118.69
N ARG ZD 35 -35.88 7.19 -118.22
CA ARG ZD 35 -36.82 6.20 -118.75
C ARG ZD 35 -37.99 6.07 -117.80
N VAL ZD 36 -39.20 6.25 -118.31
CA VAL ZD 36 -40.41 6.27 -117.49
C VAL ZD 36 -41.32 5.14 -117.96
N LYS ZD 37 -41.78 4.31 -117.02
CA LYS ZD 37 -42.66 3.17 -117.31
C LYS ZD 37 -44.10 3.61 -117.06
N VAL ZD 38 -44.70 4.21 -118.09
CA VAL ZD 38 -46.08 4.68 -117.96
C VAL ZD 38 -47.06 3.55 -118.19
N GLY ZD 39 -47.05 2.96 -119.39
CA GLY ZD 39 -48.04 1.99 -119.81
C GLY ZD 39 -47.45 0.62 -120.08
N ILE ZD 40 -46.58 0.17 -119.17
CA ILE ZD 40 -45.75 -1.05 -119.26
C ILE ZD 40 -44.93 -0.99 -120.55
N ALA ZD 41 -44.75 0.22 -121.07
CA ALA ZD 41 -43.86 0.50 -122.19
C ALA ZD 41 -42.91 1.60 -121.76
N GLU ZD 42 -41.61 1.38 -121.98
CA GLU ZD 42 -40.57 2.28 -121.47
C GLU ZD 42 -40.43 3.47 -122.43
N LEU ZD 43 -41.16 4.54 -122.11
CA LEU ZD 43 -41.04 5.77 -122.87
C LEU ZD 43 -39.80 6.54 -122.43
N ASN ZD 44 -39.21 7.28 -123.37
CA ASN ZD 44 -37.99 8.05 -123.10
C ASN ZD 44 -38.35 9.52 -122.90
N ASN ZD 45 -38.31 9.93 -121.64
CA ASN ZD 45 -38.66 11.30 -121.28
C ASN ZD 45 -37.46 12.22 -121.48
N VAL ZD 46 -37.72 13.43 -121.97
CA VAL ZD 46 -36.70 14.45 -122.15
C VAL ZD 46 -37.18 15.72 -121.47
N SER ZD 47 -36.35 16.26 -120.59
CA SER ZD 47 -36.66 17.47 -119.83
C SER ZD 47 -35.60 18.52 -120.15
N GLY ZD 48 -35.91 19.39 -121.12
CA GLY ZD 48 -34.97 20.42 -121.55
C GLY ZD 48 -35.22 21.72 -120.82
N GLN ZD 49 -34.14 22.28 -120.27
CA GLN ZD 49 -34.18 23.54 -119.55
C GLN ZD 49 -33.43 24.59 -120.36
N TYR ZD 50 -34.13 25.67 -120.71
CA TYR ZD 50 -33.57 26.76 -121.50
C TYR ZD 50 -33.61 28.03 -120.67
N VAL ZD 51 -32.46 28.66 -120.49
CA VAL ZD 51 -32.33 29.86 -119.67
C VAL ZD 51 -31.65 30.94 -120.49
N SER ZD 52 -32.28 32.11 -120.55
CA SER ZD 52 -31.70 33.29 -121.18
C SER ZD 52 -31.57 34.40 -120.14
N VAL ZD 53 -30.35 34.93 -120.00
CA VAL ZD 53 -30.04 35.89 -118.96
C VAL ZD 53 -29.45 37.14 -119.60
N TYR ZD 54 -29.98 38.30 -119.23
CA TYR ZD 54 -29.45 39.59 -119.64
C TYR ZD 54 -29.28 40.46 -118.40
N LYS ZD 55 -28.08 41.00 -118.23
CA LYS ZD 55 -27.80 41.94 -117.15
C LYS ZD 55 -27.91 43.35 -117.72
N ARG ZD 56 -29.05 43.99 -117.48
CA ARG ZD 56 -29.38 45.25 -118.13
C ARG ZD 56 -29.27 46.40 -117.13
N PRO ZD 57 -28.52 47.45 -117.44
CA PRO ZD 57 -28.37 48.55 -116.49
C PRO ZD 57 -29.60 49.45 -116.49
N ALA ZD 58 -30.18 49.63 -115.31
CA ALA ZD 58 -31.38 50.48 -115.14
C ALA ZD 58 -31.20 51.44 -113.97
N PRO ZD 59 -30.25 52.38 -114.06
CA PRO ZD 59 -30.34 53.55 -113.18
C PRO ZD 59 -31.57 54.38 -113.47
N LYS ZD 60 -32.00 54.38 -114.74
CA LYS ZD 60 -33.19 55.01 -115.25
C LYS ZD 60 -33.26 56.49 -114.86
N PRO ZD 61 -32.31 57.32 -115.31
CA PRO ZD 61 -32.44 58.77 -115.10
C PRO ZD 61 -33.46 59.36 -116.05
N GLU ZD 62 -34.63 59.69 -115.50
CA GLU ZD 62 -35.75 60.11 -116.32
C GLU ZD 62 -35.51 61.47 -116.94
N GLY ZD 63 -35.20 61.47 -118.22
CA GLY ZD 63 -35.06 62.71 -118.99
C GLY ZD 63 -33.67 63.25 -119.26
N CYS ZD 64 -32.70 62.93 -118.41
CA CYS ZD 64 -31.39 63.53 -118.57
C CYS ZD 64 -30.31 62.46 -118.54
N ALA ZD 65 -29.37 62.58 -119.46
CA ALA ZD 65 -28.14 61.81 -119.47
C ALA ZD 65 -27.02 62.69 -120.00
N ASP ZD 66 -26.01 62.91 -119.17
CA ASP ZD 66 -24.96 63.86 -119.52
C ASP ZD 66 -23.61 63.20 -119.73
N ALA ZD 67 -23.21 62.29 -118.85
CA ALA ZD 67 -21.93 61.60 -118.95
C ALA ZD 67 -22.13 60.15 -118.51
N CYS ZD 68 -21.14 59.31 -118.81
CA CYS ZD 68 -21.22 57.91 -118.43
C CYS ZD 68 -20.62 57.71 -117.04
N VAL ZD 69 -21.44 57.21 -116.12
CA VAL ZD 69 -21.02 56.85 -114.77
C VAL ZD 69 -21.14 55.33 -114.68
N ILE ZD 70 -20.70 54.75 -113.57
CA ILE ZD 70 -20.83 53.32 -113.37
C ILE ZD 70 -22.32 52.93 -113.40
N MET ZD 71 -22.66 51.99 -114.27
CA MET ZD 71 -24.02 51.49 -114.33
C MET ZD 71 -24.22 50.38 -113.31
N PRO ZD 72 -25.13 50.55 -112.35
CA PRO ZD 72 -25.56 49.41 -111.53
C PRO ZD 72 -26.46 48.49 -112.35
N ASN ZD 73 -26.31 47.18 -112.18
CA ASN ZD 73 -26.95 46.21 -113.06
C ASN ZD 73 -28.01 45.41 -112.31
N GLU ZD 74 -29.05 45.04 -113.04
CA GLU ZD 74 -30.06 44.10 -112.57
C GLU ZD 74 -30.10 42.91 -113.52
N ASN ZD 75 -30.63 41.79 -113.03
CA ASN ZD 75 -30.66 40.54 -113.80
C ASN ZD 75 -32.05 40.33 -114.37
N GLN ZD 76 -32.13 40.17 -115.69
CA GLN ZD 76 -33.36 39.78 -116.37
C GLN ZD 76 -33.20 38.33 -116.81
N SER ZD 77 -34.07 37.45 -116.32
CA SER ZD 77 -33.95 36.03 -116.55
C SER ZD 77 -35.24 35.47 -117.12
N ILE ZD 78 -35.10 34.60 -118.12
CA ILE ZD 78 -36.21 33.86 -118.70
C ILE ZD 78 -35.83 32.38 -118.68
N ARG ZD 79 -36.56 31.59 -117.90
CA ARG ZD 79 -36.26 30.18 -117.71
C ARG ZD 79 -37.42 29.35 -118.23
N THR ZD 80 -37.14 28.43 -119.14
CA THR ZD 80 -38.15 27.60 -119.78
C THR ZD 80 -37.77 26.13 -119.66
N VAL ZD 81 -38.73 25.32 -119.24
CA VAL ZD 81 -38.53 23.88 -119.08
C VAL ZD 81 -39.63 23.16 -119.84
N ILE ZD 82 -39.24 22.24 -120.71
CA ILE ZD 82 -40.17 21.43 -121.49
C ILE ZD 82 -39.92 19.98 -121.14
N SER ZD 83 -40.96 19.30 -120.67
CA SER ZD 83 -40.86 17.90 -120.24
C SER ZD 83 -41.91 17.08 -121.00
N GLY ZD 84 -41.47 15.96 -121.57
CA GLY ZD 84 -42.38 15.09 -122.30
C GLY ZD 84 -41.68 13.94 -122.98
N SER ZD 85 -42.44 12.93 -123.38
CA SER ZD 85 -41.85 11.78 -124.05
C SER ZD 85 -41.39 12.15 -125.45
N ALA ZD 86 -40.30 11.52 -125.89
CA ALA ZD 86 -39.79 11.81 -127.23
C ALA ZD 86 -40.70 11.26 -128.31
N GLU ZD 87 -41.53 10.26 -127.96
CA GLU ZD 87 -42.40 9.64 -128.94
C GLU ZD 87 -43.60 10.50 -129.29
N ASN ZD 88 -43.88 11.51 -128.47
CA ASN ZD 88 -44.99 12.43 -128.69
C ASN ZD 88 -44.48 13.83 -129.02
N LEU ZD 89 -43.45 13.90 -129.86
CA LEU ZD 89 -42.77 15.17 -130.11
C LEU ZD 89 -43.66 16.15 -130.86
N ALA ZD 90 -44.49 15.65 -131.79
CA ALA ZD 90 -45.37 16.54 -132.54
C ALA ZD 90 -46.39 17.20 -131.63
N THR ZD 91 -47.02 16.41 -130.76
CA THR ZD 91 -47.94 16.96 -129.78
C THR ZD 91 -47.24 17.90 -128.81
N LEU ZD 92 -45.99 17.60 -128.44
CA LEU ZD 92 -45.26 18.49 -127.56
C LEU ZD 92 -44.97 19.83 -128.24
N LYS ZD 93 -44.67 19.80 -129.54
CA LYS ZD 93 -44.46 21.04 -130.27
C LYS ZD 93 -45.76 21.84 -130.38
N ALA ZD 94 -46.88 21.16 -130.58
CA ALA ZD 94 -48.18 21.85 -130.59
C ALA ZD 94 -48.45 22.48 -129.23
N GLU ZD 95 -48.14 21.76 -128.15
CA GLU ZD 95 -48.28 22.32 -126.80
C GLU ZD 95 -47.39 23.54 -126.62
N TRP ZD 96 -46.17 23.49 -127.17
CA TRP ZD 96 -45.27 24.64 -127.08
C TRP ZD 96 -45.83 25.85 -127.79
N GLU ZD 97 -46.40 25.64 -128.98
CA GLU ZD 97 -47.01 26.75 -129.71
C GLU ZD 97 -48.18 27.34 -128.93
N THR ZD 98 -49.05 26.49 -128.39
CA THR ZD 98 -50.19 26.98 -127.60
C THR ZD 98 -49.70 27.71 -126.35
N HIS ZD 99 -48.66 27.20 -125.70
CA HIS ZD 99 -48.12 27.85 -124.52
C HIS ZD 99 -47.56 29.23 -124.85
N LYS ZD 100 -46.85 29.33 -125.98
CA LYS ZD 100 -46.37 30.63 -126.42
C LYS ZD 100 -47.52 31.59 -126.66
N ARG ZD 101 -48.59 31.11 -127.30
CA ARG ZD 101 -49.74 31.96 -127.55
C ARG ZD 101 -50.35 32.47 -126.25
N ASN ZD 102 -50.51 31.58 -125.27
CA ASN ZD 102 -51.12 31.98 -124.01
C ASN ZD 102 -50.23 32.94 -123.23
N VAL ZD 103 -48.92 32.69 -123.21
CA VAL ZD 103 -48.02 33.59 -122.51
C VAL ZD 103 -47.99 34.95 -123.18
N ASP ZD 104 -48.06 34.98 -124.51
CA ASP ZD 104 -48.16 36.26 -125.21
C ASP ZD 104 -49.43 36.98 -124.83
N THR ZD 105 -50.55 36.26 -124.76
CA THR ZD 105 -51.82 36.87 -124.40
C THR ZD 105 -51.76 37.51 -123.02
N LEU ZD 106 -51.14 36.82 -122.06
CA LEU ZD 106 -51.07 37.37 -120.72
C LEU ZD 106 -50.01 38.47 -120.57
N PHE ZD 107 -48.87 38.33 -121.23
CA PHE ZD 107 -47.70 39.16 -120.97
C PHE ZD 107 -47.44 40.18 -122.07
N ALA ZD 108 -47.31 39.73 -123.31
CA ALA ZD 108 -46.93 40.63 -124.40
C ALA ZD 108 -48.02 41.65 -124.68
N SER ZD 109 -49.27 41.19 -124.74
CA SER ZD 109 -50.40 42.08 -124.99
C SER ZD 109 -51.16 42.45 -123.74
N GLY ZD 110 -50.80 41.90 -122.58
CA GLY ZD 110 -51.47 42.19 -121.33
C GLY ZD 110 -50.63 43.09 -120.43
N ASN ZD 111 -50.91 42.98 -119.13
CA ASN ZD 111 -50.23 43.77 -118.12
C ASN ZD 111 -49.60 42.89 -117.04
N ALA ZD 112 -49.32 41.62 -117.38
CA ALA ZD 112 -48.75 40.71 -116.39
C ALA ZD 112 -47.33 41.12 -115.99
N GLY ZD 113 -46.62 41.83 -116.86
CA GLY ZD 113 -45.26 42.23 -116.53
C GLY ZD 113 -45.20 43.32 -115.48
N LEU ZD 114 -46.34 43.93 -115.18
CA LEU ZD 114 -46.40 44.96 -114.14
C LEU ZD 114 -47.02 44.41 -112.87
N GLY ZD 115 -47.26 43.11 -112.83
CA GLY ZD 115 -47.87 42.50 -111.66
C GLY ZD 115 -49.38 42.54 -111.68
N PHE ZD 116 -50.00 42.12 -112.78
CA PHE ZD 116 -51.45 42.16 -112.93
C PHE ZD 116 -51.94 40.85 -113.52
N LEU ZD 117 -53.16 40.47 -113.15
CA LEU ZD 117 -53.83 39.31 -113.71
C LEU ZD 117 -55.15 39.76 -114.34
N ASP ZD 118 -55.44 39.24 -115.53
CA ASP ZD 118 -56.69 39.57 -116.20
C ASP ZD 118 -57.51 38.30 -116.33
N PRO ZD 119 -58.51 38.08 -115.47
CA PRO ZD 119 -59.34 36.87 -115.58
C PRO ZD 119 -60.13 36.78 -116.87
N THR ZD 120 -60.33 37.89 -117.58
CA THR ZD 120 -61.08 37.89 -118.83
C THR ZD 120 -60.20 37.65 -120.05
N ALA ZD 121 -58.92 37.36 -119.84
CA ALA ZD 121 -58.02 37.11 -120.97
C ALA ZD 121 -58.44 35.86 -121.74
N ALA ZD 122 -58.24 35.88 -123.05
CA ALA ZD 122 -58.67 34.81 -123.93
C ALA ZD 122 -57.57 33.75 -124.00
N ILE ZD 123 -57.65 32.78 -123.10
CA ILE ZD 123 -56.72 31.66 -123.06
C ILE ZD 123 -57.34 30.49 -123.81
N VAL ZD 124 -56.54 29.86 -124.68
CA VAL ZD 124 -57.02 28.79 -125.53
C VAL ZD 124 -56.17 27.55 -125.33
N SER ZD 125 -56.74 26.40 -125.67
CA SER ZD 125 -56.06 25.12 -125.54
C SER ZD 125 -55.44 24.70 -126.87
N SER ZD 126 -54.66 23.62 -126.82
CA SER ZD 126 -54.03 23.11 -128.03
C SER ZD 126 -55.02 22.38 -128.93
N ASP ZD 127 -56.06 21.79 -128.38
CA ASP ZD 127 -57.03 21.06 -129.18
C ASP ZD 127 -57.85 22.02 -130.03
N THR ZD 128 -58.30 21.52 -131.18
CA THR ZD 128 -59.08 22.31 -132.12
C THR ZD 128 -60.48 21.72 -132.25
N THR ZD 129 -61.43 22.59 -132.58
CA THR ZD 129 -62.82 22.18 -132.75
C THR ZD 129 -63.02 21.47 -134.08
N ALA AE 1 -31.03 -0.24 -146.66
CA ALA AE 1 -30.42 0.95 -146.08
C ALA AE 1 -30.68 1.01 -144.58
N ASN AE 2 -29.65 0.74 -143.79
CA ASN AE 2 -29.78 0.76 -142.34
C ASN AE 2 -29.97 2.18 -141.85
N LYS AE 3 -30.75 2.34 -140.78
CA LYS AE 3 -31.02 3.66 -140.24
C LYS AE 3 -29.79 4.23 -139.56
N PRO AE 4 -29.36 5.43 -139.92
CA PRO AE 4 -28.17 6.02 -139.28
C PRO AE 4 -28.45 6.41 -137.84
N MET AE 5 -27.39 6.46 -137.05
CA MET AE 5 -27.44 6.89 -135.66
C MET AE 5 -26.67 8.18 -135.47
N GLN AE 6 -26.99 8.89 -134.39
CA GLN AE 6 -26.31 10.10 -133.99
C GLN AE 6 -25.86 10.00 -132.54
N PRO AE 7 -24.76 10.62 -132.16
CA PRO AE 7 -24.31 10.55 -130.76
C PRO AE 7 -25.20 11.38 -129.85
N ILE AE 8 -25.53 10.83 -128.68
CA ILE AE 8 -26.40 11.46 -127.72
C ILE AE 8 -25.62 11.95 -126.51
N THR AE 9 -24.67 11.16 -126.03
CA THR AE 9 -23.73 11.57 -124.99
C THR AE 9 -22.31 11.36 -125.49
N SER AE 10 -21.49 12.40 -125.34
CA SER AE 10 -20.18 12.41 -125.97
C SER AE 10 -19.09 12.66 -124.93
N THR AE 11 -18.20 11.68 -124.78
CA THR AE 11 -17.00 11.82 -124.00
C THR AE 11 -15.88 11.05 -124.70
N ALA AE 12 -14.66 11.60 -124.66
CA ALA AE 12 -13.54 10.95 -125.34
C ALA AE 12 -13.29 9.57 -124.77
N ASN AE 13 -13.63 9.35 -123.50
CA ASN AE 13 -13.55 8.01 -122.93
C ASN AE 13 -14.70 7.12 -123.38
N LYS AE 14 -15.88 7.69 -123.61
CA LYS AE 14 -17.07 6.90 -123.91
C LYS AE 14 -18.04 7.72 -124.76
N ILE AE 15 -18.40 7.19 -125.92
CA ILE AE 15 -19.39 7.80 -126.80
C ILE AE 15 -20.50 6.79 -127.05
N VAL AE 16 -21.74 7.23 -126.89
CA VAL AE 16 -22.91 6.39 -127.08
C VAL AE 16 -23.71 6.93 -128.26
N TRP AE 17 -24.10 6.04 -129.16
CA TRP AE 17 -24.94 6.39 -130.30
C TRP AE 17 -26.38 5.96 -130.02
N SER AE 18 -27.32 6.62 -130.70
CA SER AE 18 -28.73 6.32 -130.50
C SER AE 18 -29.50 6.64 -131.78
N ASP AE 19 -30.52 5.83 -132.05
CA ASP AE 19 -31.40 6.06 -133.19
C ASP AE 19 -32.45 7.09 -132.80
N PRO AE 20 -32.55 8.22 -133.52
CA PRO AE 20 -33.58 9.22 -133.15
C PRO AE 20 -35.00 8.70 -133.24
N THR AE 21 -35.26 7.67 -134.05
CA THR AE 21 -36.60 7.12 -134.17
C THR AE 21 -36.91 6.09 -133.10
N ARG AE 22 -35.90 5.39 -132.58
CA ARG AE 22 -36.09 4.43 -131.49
C ARG AE 22 -34.95 4.63 -130.51
N LEU AE 23 -35.18 5.41 -129.46
CA LEU AE 23 -34.12 5.73 -128.52
C LEU AE 23 -33.74 4.54 -127.65
N SER AE 24 -34.52 3.45 -127.68
CA SER AE 24 -34.20 2.29 -126.86
C SER AE 24 -33.01 1.50 -127.39
N THR AE 25 -32.56 1.74 -128.60
CA THR AE 25 -31.41 1.05 -129.17
C THR AE 25 -30.19 1.96 -129.11
N THR AE 26 -29.10 1.45 -128.54
CA THR AE 26 -27.88 2.22 -128.35
C THR AE 26 -26.67 1.39 -128.75
N PHE AE 27 -25.61 2.10 -129.15
CA PHE AE 27 -24.31 1.50 -129.42
C PHE AE 27 -23.25 2.39 -128.80
N SER AE 28 -22.38 1.80 -127.98
CA SER AE 28 -21.39 2.56 -127.23
C SER AE 28 -20.00 1.99 -127.45
N ALA AE 29 -19.01 2.88 -127.43
CA ALA AE 29 -17.61 2.50 -127.51
C ALA AE 29 -16.86 3.19 -126.37
N SER AE 30 -16.16 2.41 -125.56
CA SER AE 30 -15.38 2.93 -124.45
C SER AE 30 -13.95 2.39 -124.56
N LEU AE 31 -12.99 3.29 -124.57
CA LEU AE 31 -11.58 2.92 -124.66
C LEU AE 31 -10.86 3.32 -123.38
N LEU AE 32 -10.12 2.37 -122.81
CA LEU AE 32 -9.28 2.61 -121.65
C LEU AE 32 -7.83 2.31 -122.04
N ARG AE 33 -6.95 3.29 -121.85
CA ARG AE 33 -5.56 3.19 -122.27
C ARG AE 33 -4.66 3.24 -121.05
N GLN AE 34 -3.69 2.32 -121.00
CA GLN AE 34 -2.75 2.23 -119.89
C GLN AE 34 -1.38 1.89 -120.44
N ARG AE 35 -0.34 2.31 -119.72
CA ARG AE 35 1.04 2.04 -120.12
C ARG AE 35 1.51 0.80 -119.36
N VAL AE 36 1.06 -0.36 -119.81
CA VAL AE 36 1.48 -1.63 -119.22
C VAL AE 36 2.72 -2.11 -119.97
N LYS AE 37 3.89 -1.88 -119.38
CA LYS AE 37 5.13 -2.19 -120.07
C LYS AE 37 5.67 -3.55 -119.66
N VAL AE 38 6.04 -4.35 -120.66
CA VAL AE 38 6.72 -5.61 -120.44
C VAL AE 38 8.20 -5.30 -120.22
N GLY AE 39 8.97 -6.31 -119.80
CA GLY AE 39 10.37 -6.12 -119.50
C GLY AE 39 11.16 -5.49 -120.63
N ILE AE 40 11.99 -4.50 -120.27
CA ILE AE 40 12.89 -3.76 -121.16
C ILE AE 40 12.18 -3.32 -122.44
N ALA AE 41 10.89 -3.03 -122.35
CA ALA AE 41 10.12 -2.55 -123.49
C ALA AE 41 9.00 -1.66 -122.99
N GLU AE 42 8.49 -0.84 -123.89
CA GLU AE 42 7.38 0.06 -123.62
C GLU AE 42 6.20 -0.29 -124.54
N LEU AE 43 5.02 -0.48 -123.95
CA LEU AE 43 3.84 -0.87 -124.71
C LEU AE 43 2.64 -0.12 -124.16
N ASN AE 44 1.80 0.39 -125.06
CA ASN AE 44 0.55 1.06 -124.72
C ASN AE 44 -0.61 0.20 -125.20
N ASN AE 45 -1.37 -0.37 -124.27
CA ASN AE 45 -2.51 -1.20 -124.60
C ASN AE 45 -3.80 -0.39 -124.52
N VAL AE 46 -4.77 -0.75 -125.35
CA VAL AE 46 -6.04 -0.05 -125.44
C VAL AE 46 -7.14 -1.09 -125.33
N SER AE 47 -7.79 -1.16 -124.18
CA SER AE 47 -8.90 -2.08 -123.95
C SER AE 47 -10.19 -1.39 -124.38
N GLY AE 48 -10.81 -1.89 -125.45
CA GLY AE 48 -12.01 -1.29 -125.97
C GLY AE 48 -13.25 -2.13 -125.81
N GLN AE 49 -14.25 -1.59 -125.11
CA GLN AE 49 -15.50 -2.30 -124.86
C GLN AE 49 -16.59 -1.71 -125.74
N TYR AE 50 -17.17 -2.54 -126.59
CA TYR AE 50 -18.24 -2.13 -127.50
C TYR AE 50 -19.46 -2.99 -127.19
N VAL AE 51 -20.54 -2.35 -126.72
CA VAL AE 51 -21.76 -3.05 -126.38
C VAL AE 51 -22.92 -2.45 -127.15
N SER AE 52 -23.73 -3.30 -127.77
CA SER AE 52 -24.91 -2.88 -128.52
C SER AE 52 -26.16 -3.38 -127.82
N VAL AE 53 -27.12 -2.48 -127.64
CA VAL AE 53 -28.34 -2.78 -126.90
C VAL AE 53 -29.54 -2.56 -127.83
N TYR AE 54 -30.41 -3.55 -127.90
CA TYR AE 54 -31.66 -3.46 -128.65
C TYR AE 54 -32.75 -4.16 -127.85
N LYS AE 55 -33.90 -3.49 -127.72
CA LYS AE 55 -35.03 -4.04 -126.98
C LYS AE 55 -36.07 -4.50 -127.98
N ARG AE 56 -36.17 -5.83 -128.15
CA ARG AE 56 -37.02 -6.43 -129.16
C ARG AE 56 -38.33 -6.89 -128.53
N PRO AE 57 -39.46 -6.63 -129.18
CA PRO AE 57 -40.74 -7.14 -128.67
C PRO AE 57 -40.76 -8.66 -128.65
N ALA AE 58 -41.45 -9.20 -127.65
CA ALA AE 58 -41.57 -10.64 -127.52
C ALA AE 58 -42.29 -11.22 -128.72
N PRO AE 59 -41.92 -12.43 -129.16
CA PRO AE 59 -42.49 -12.98 -130.39
C PRO AE 59 -43.99 -13.22 -130.30
N LYS AE 60 -44.72 -12.75 -131.31
CA LYS AE 60 -46.15 -12.97 -131.43
C LYS AE 60 -46.42 -14.45 -131.70
N PRO AE 61 -47.59 -14.97 -131.31
CA PRO AE 61 -47.90 -16.37 -131.61
C PRO AE 61 -47.86 -16.67 -133.10
N GLU AE 62 -47.43 -17.88 -133.46
CA GLU AE 62 -47.21 -18.20 -134.87
C GLU AE 62 -48.49 -18.08 -135.69
N GLY AE 63 -49.60 -18.59 -135.18
CA GLY AE 63 -50.86 -18.45 -135.87
C GLY AE 63 -51.65 -17.24 -135.41
N CYS AE 64 -51.11 -16.05 -135.64
CA CYS AE 64 -51.72 -14.82 -135.15
C CYS AE 64 -51.99 -13.87 -136.31
N ALA AE 65 -53.21 -13.35 -136.37
CA ALA AE 65 -53.60 -12.36 -137.36
C ALA AE 65 -54.15 -11.08 -136.75
N ASP AE 66 -53.97 -10.87 -135.44
CA ASP AE 66 -54.51 -9.69 -134.79
C ASP AE 66 -53.78 -8.44 -135.26
N ALA AE 67 -54.52 -7.32 -135.34
CA ALA AE 67 -53.97 -6.07 -135.84
C ALA AE 67 -52.88 -5.51 -134.94
N CYS AE 68 -53.23 -5.21 -133.68
CA CYS AE 68 -52.31 -4.55 -132.77
C CYS AE 68 -52.45 -5.11 -131.36
N VAL AE 69 -51.51 -5.98 -131.00
CA VAL AE 69 -51.30 -6.37 -129.61
C VAL AE 69 -49.81 -6.26 -129.33
N ILE AE 70 -49.45 -5.53 -128.28
CA ILE AE 70 -48.06 -5.22 -127.99
C ILE AE 70 -47.62 -6.01 -126.76
N MET AE 71 -46.53 -6.74 -126.89
CA MET AE 71 -45.96 -7.52 -125.79
C MET AE 71 -44.67 -6.85 -125.31
N PRO AE 72 -44.33 -7.00 -124.03
CA PRO AE 72 -43.20 -6.26 -123.48
C PRO AE 72 -41.87 -6.69 -124.11
N ASN AE 73 -40.92 -5.77 -124.08
CA ASN AE 73 -39.66 -5.92 -124.76
C ASN AE 73 -38.71 -6.80 -123.94
N GLU AE 74 -37.73 -7.38 -124.64
CA GLU AE 74 -36.67 -8.16 -124.02
C GLU AE 74 -35.34 -7.51 -124.37
N ASN AE 75 -34.34 -7.72 -123.52
CA ASN AE 75 -33.06 -7.06 -123.72
C ASN AE 75 -32.12 -7.98 -124.51
N GLN AE 76 -31.63 -7.47 -125.64
CA GLN AE 76 -30.63 -8.17 -126.45
C GLN AE 76 -29.36 -7.36 -126.42
N SER AE 77 -28.29 -7.94 -125.86
CA SER AE 77 -27.03 -7.25 -125.68
C SER AE 77 -25.90 -8.05 -126.30
N ILE AE 78 -25.07 -7.37 -127.09
CA ILE AE 78 -23.87 -7.95 -127.67
C ILE AE 78 -22.71 -7.05 -127.29
N ARG AE 79 -21.75 -7.58 -126.53
CA ARG AE 79 -20.66 -6.80 -125.97
C ARG AE 79 -19.34 -7.45 -126.30
N THR AE 80 -18.41 -6.67 -126.85
CA THR AE 80 -17.09 -7.13 -127.23
C THR AE 80 -16.02 -6.30 -126.54
N VAL AE 81 -14.98 -6.97 -126.06
CA VAL AE 81 -13.83 -6.32 -125.42
C VAL AE 81 -12.58 -6.74 -126.18
N ILE AE 82 -11.82 -5.75 -126.64
CA ILE AE 82 -10.60 -6.00 -127.40
C ILE AE 82 -9.45 -5.35 -126.63
N SER AE 83 -8.46 -6.15 -126.26
CA SER AE 83 -7.31 -5.69 -125.49
C SER AE 83 -6.03 -6.06 -126.22
N GLY AE 84 -5.16 -5.07 -126.43
CA GLY AE 84 -3.90 -5.29 -127.09
C GLY AE 84 -3.07 -4.03 -127.24
N SER AE 85 -1.78 -4.19 -127.50
CA SER AE 85 -0.90 -3.04 -127.63
C SER AE 85 -1.15 -2.32 -128.94
N ALA AE 86 -0.84 -1.01 -128.96
CA ALA AE 86 -1.04 -0.23 -130.18
C ALA AE 86 -0.02 -0.62 -131.24
N GLU AE 87 1.11 -1.17 -130.84
CA GLU AE 87 2.16 -1.52 -131.80
C GLU AE 87 1.73 -2.69 -132.68
N ASN AE 88 0.84 -3.54 -132.17
CA ASN AE 88 0.41 -4.75 -132.85
C ASN AE 88 -1.00 -4.62 -133.44
N LEU AE 89 -1.32 -3.46 -134.00
CA LEU AE 89 -2.68 -3.22 -134.45
C LEU AE 89 -3.05 -4.11 -135.63
N ALA AE 90 -2.11 -4.35 -136.55
CA ALA AE 90 -2.42 -5.16 -137.73
C ALA AE 90 -2.73 -6.59 -137.35
N THR AE 91 -1.90 -7.19 -136.50
CA THR AE 91 -2.18 -8.56 -136.07
C THR AE 91 -3.39 -8.63 -135.15
N LEU AE 92 -3.69 -7.55 -134.41
CA LEU AE 92 -4.93 -7.51 -133.65
C LEU AE 92 -6.12 -7.51 -134.58
N LYS AE 93 -6.03 -6.81 -135.70
CA LYS AE 93 -7.11 -6.83 -136.70
C LYS AE 93 -7.25 -8.23 -137.30
N ALA AE 94 -6.14 -8.90 -137.56
CA ALA AE 94 -6.21 -10.28 -138.04
C ALA AE 94 -6.89 -11.19 -137.02
N GLU AE 95 -6.54 -11.03 -135.74
CA GLU AE 95 -7.21 -11.78 -134.69
C GLU AE 95 -8.69 -11.47 -134.64
N TRP AE 96 -9.05 -10.21 -134.87
CA TRP AE 96 -10.46 -9.82 -134.90
C TRP AE 96 -11.19 -10.53 -136.05
N GLU AE 97 -10.54 -10.61 -137.21
CA GLU AE 97 -11.15 -11.30 -138.34
C GLU AE 97 -11.37 -12.78 -138.06
N THR AE 98 -10.35 -13.45 -137.49
CA THR AE 98 -10.51 -14.88 -137.22
C THR AE 98 -11.52 -15.11 -136.09
N HIS AE 99 -11.59 -14.18 -135.14
CA HIS AE 99 -12.61 -14.25 -134.11
C HIS AE 99 -14.01 -14.11 -134.70
N LYS AE 100 -14.17 -13.18 -135.65
CA LYS AE 100 -15.42 -13.09 -136.39
C LYS AE 100 -15.78 -14.42 -137.03
N ARG AE 101 -14.81 -15.03 -137.72
CA ARG AE 101 -15.10 -16.27 -138.44
C ARG AE 101 -15.52 -17.38 -137.48
N ASN AE 102 -14.80 -17.51 -136.36
CA ASN AE 102 -15.12 -18.56 -135.40
C ASN AE 102 -16.48 -18.33 -134.73
N VAL AE 103 -16.76 -17.10 -134.33
CA VAL AE 103 -18.06 -16.81 -133.71
C VAL AE 103 -19.17 -17.03 -134.71
N ASP AE 104 -18.93 -16.69 -135.98
CA ASP AE 104 -19.95 -16.91 -137.00
C ASP AE 104 -20.23 -18.39 -137.20
N THR AE 105 -19.17 -19.21 -137.28
CA THR AE 105 -19.40 -20.64 -137.53
C THR AE 105 -20.04 -21.31 -136.31
N LEU AE 106 -19.80 -20.78 -135.11
CA LEU AE 106 -20.48 -21.33 -133.95
C LEU AE 106 -21.93 -20.85 -133.80
N PHE AE 107 -22.20 -19.59 -134.15
CA PHE AE 107 -23.46 -18.93 -133.83
C PHE AE 107 -24.41 -18.85 -135.01
N ALA AE 108 -23.97 -18.21 -136.10
CA ALA AE 108 -24.87 -17.97 -137.23
C ALA AE 108 -25.20 -19.26 -137.97
N SER AE 109 -24.18 -20.07 -138.25
CA SER AE 109 -24.39 -21.34 -138.92
C SER AE 109 -24.48 -22.51 -137.95
N GLY AE 110 -24.42 -22.25 -136.65
CA GLY AE 110 -24.50 -23.30 -135.65
C GLY AE 110 -25.79 -23.26 -134.86
N ASN AE 111 -25.77 -23.91 -133.71
CA ASN AE 111 -26.92 -23.99 -132.83
C ASN AE 111 -26.64 -23.42 -131.44
N ALA AE 112 -25.49 -22.75 -131.29
CA ALA AE 112 -25.15 -22.13 -130.01
C ALA AE 112 -26.13 -21.03 -129.63
N GLY AE 113 -26.77 -20.41 -130.63
CA GLY AE 113 -27.79 -19.43 -130.34
C GLY AE 113 -28.97 -19.99 -129.58
N LEU AE 114 -29.43 -21.18 -129.96
CA LEU AE 114 -30.48 -21.87 -129.21
C LEU AE 114 -29.94 -22.58 -127.99
N GLY AE 115 -28.63 -22.82 -127.92
CA GLY AE 115 -28.03 -23.33 -126.70
C GLY AE 115 -27.37 -24.68 -126.81
N PHE AE 116 -26.93 -25.08 -127.99
CA PHE AE 116 -26.25 -26.35 -128.20
C PHE AE 116 -24.85 -26.10 -128.72
N LEU AE 117 -23.87 -26.78 -128.13
CA LEU AE 117 -22.48 -26.70 -128.55
C LEU AE 117 -22.12 -27.93 -129.38
N ASP AE 118 -21.46 -27.70 -130.51
CA ASP AE 118 -21.04 -28.79 -131.38
C ASP AE 118 -19.53 -28.95 -131.27
N PRO AE 119 -19.03 -30.03 -130.65
CA PRO AE 119 -17.58 -30.22 -130.57
C PRO AE 119 -16.92 -30.50 -131.92
N THR AE 120 -17.68 -30.61 -133.00
CA THR AE 120 -17.13 -30.90 -134.31
C THR AE 120 -17.05 -29.68 -135.22
N ALA AE 121 -17.22 -28.48 -134.66
CA ALA AE 121 -17.18 -27.27 -135.47
C ALA AE 121 -15.78 -27.04 -136.02
N ALA AE 122 -15.73 -26.38 -137.19
CA ALA AE 122 -14.46 -26.11 -137.87
C ALA AE 122 -13.91 -24.78 -137.38
N ILE AE 123 -13.24 -24.81 -136.23
CA ILE AE 123 -12.60 -23.63 -135.67
C ILE AE 123 -11.19 -23.52 -136.23
N VAL AE 124 -10.79 -22.32 -136.61
CA VAL AE 124 -9.52 -22.08 -137.27
C VAL AE 124 -8.75 -21.01 -136.52
N SER AE 125 -7.43 -20.99 -136.72
CA SER AE 125 -6.58 -19.97 -136.12
C SER AE 125 -6.22 -18.91 -137.15
N SER AE 126 -5.66 -17.80 -136.66
CA SER AE 126 -5.31 -16.70 -137.53
C SER AE 126 -4.12 -17.01 -138.43
N ASP AE 127 -3.19 -17.83 -137.96
CA ASP AE 127 -2.02 -18.16 -138.75
C ASP AE 127 -2.41 -18.99 -139.97
N THR AE 128 -1.63 -18.84 -141.03
CA THR AE 128 -1.86 -19.53 -142.29
C THR AE 128 -0.77 -20.55 -142.54
N THR AE 129 -1.11 -21.57 -143.33
CA THR AE 129 -0.17 -22.64 -143.66
C THR AE 129 0.81 -22.19 -144.74
N ALA BE 1 3.28 19.20 -145.38
CA ALA BE 1 2.23 18.25 -145.06
C ALA BE 1 2.54 17.52 -143.75
N ASN BE 2 2.43 18.23 -142.64
CA ASN BE 2 2.71 17.63 -141.34
C ASN BE 2 1.57 16.71 -140.91
N LYS BE 3 1.89 15.78 -140.03
CA LYS BE 3 0.93 14.74 -139.65
C LYS BE 3 -0.18 15.33 -138.78
N PRO BE 4 -1.45 15.15 -139.17
CA PRO BE 4 -2.55 15.65 -138.33
C PRO BE 4 -2.69 14.83 -137.06
N MET BE 5 -3.34 15.42 -136.07
CA MET BE 5 -3.54 14.81 -134.76
C MET BE 5 -5.02 14.72 -134.43
N GLN BE 6 -5.36 13.82 -133.50
CA GLN BE 6 -6.72 13.59 -133.06
C GLN BE 6 -6.81 13.71 -131.54
N PRO BE 7 -7.99 14.06 -131.00
CA PRO BE 7 -8.11 14.24 -129.55
C PRO BE 7 -8.21 12.93 -128.79
N ILE BE 8 -7.41 12.79 -127.72
CA ILE BE 8 -7.54 11.62 -126.85
C ILE BE 8 -8.46 11.89 -125.67
N THR BE 9 -8.50 13.11 -125.16
CA THR BE 9 -9.34 13.46 -124.02
C THR BE 9 -10.04 14.77 -124.33
N SER BE 10 -11.37 14.75 -124.33
CA SER BE 10 -12.17 15.92 -124.65
C SER BE 10 -13.02 16.29 -123.44
N THR BE 11 -12.90 17.54 -123.01
CA THR BE 11 -13.63 18.05 -121.85
C THR BE 11 -13.97 19.51 -122.11
N ALA BE 12 -14.97 20.01 -121.38
CA ALA BE 12 -15.37 21.40 -121.54
C ALA BE 12 -14.28 22.38 -121.12
N ASN BE 13 -13.28 21.89 -120.39
CA ASN BE 13 -12.19 22.75 -119.92
C ASN BE 13 -10.80 22.29 -120.34
N LYS BE 14 -10.68 21.17 -121.06
CA LYS BE 14 -9.37 20.68 -121.47
C LYS BE 14 -9.54 19.71 -122.63
N ILE BE 15 -8.72 19.88 -123.67
CA ILE BE 15 -8.65 18.95 -124.79
C ILE BE 15 -7.19 18.61 -125.03
N VAL BE 16 -6.90 17.32 -125.16
CA VAL BE 16 -5.55 16.82 -125.39
C VAL BE 16 -5.53 16.10 -126.72
N TRP BE 17 -4.61 16.50 -127.60
CA TRP BE 17 -4.42 15.87 -128.89
C TRP BE 17 -3.24 14.91 -128.82
N SER BE 18 -3.14 14.03 -129.81
CA SER BE 18 -2.05 13.07 -129.88
C SER BE 18 -1.90 12.55 -131.31
N ASP BE 19 -0.66 12.34 -131.72
CA ASP BE 19 -0.40 11.80 -133.04
C ASP BE 19 -0.70 10.31 -133.08
N PRO BE 20 -1.47 9.84 -134.06
CA PRO BE 20 -1.73 8.39 -134.16
C PRO BE 20 -0.47 7.55 -134.30
N THR BE 21 0.53 8.05 -135.04
CA THR BE 21 1.76 7.28 -135.22
C THR BE 21 2.56 7.19 -133.93
N ARG BE 22 2.77 8.31 -133.25
CA ARG BE 22 3.48 8.33 -131.97
C ARG BE 22 2.53 8.89 -130.91
N LEU BE 23 2.16 8.05 -129.95
CA LEU BE 23 1.19 8.47 -128.95
C LEU BE 23 1.85 9.35 -127.89
N SER BE 24 3.18 9.40 -127.87
CA SER BE 24 3.89 10.20 -126.88
C SER BE 24 3.78 11.69 -127.19
N THR BE 25 3.70 12.02 -128.48
CA THR BE 25 3.57 13.42 -128.90
C THR BE 25 2.15 13.90 -128.64
N THR BE 26 1.99 14.81 -127.69
CA THR BE 26 0.68 15.31 -127.31
C THR BE 26 0.67 16.82 -127.23
N PHE BE 27 -0.51 17.40 -127.43
CA PHE BE 27 -0.74 18.83 -127.37
C PHE BE 27 -1.99 19.07 -126.55
N SER BE 28 -1.86 19.83 -125.46
CA SER BE 28 -2.95 20.04 -124.52
C SER BE 28 -3.28 21.52 -124.39
N ALA BE 29 -4.57 21.82 -124.35
CA ALA BE 29 -5.07 23.18 -124.16
C ALA BE 29 -6.11 23.18 -123.06
N SER BE 30 -5.96 24.08 -122.10
CA SER BE 30 -6.88 24.19 -120.98
C SER BE 30 -7.22 25.66 -120.75
N LEU BE 31 -8.48 25.95 -120.47
CA LEU BE 31 -8.95 27.30 -120.25
C LEU BE 31 -9.66 27.39 -118.91
N LEU BE 32 -9.31 28.42 -118.13
CA LEU BE 32 -10.02 28.74 -116.89
C LEU BE 32 -10.63 30.12 -117.04
N ARG BE 33 -11.89 30.24 -116.66
CA ARG BE 33 -12.66 31.48 -116.86
C ARG BE 33 -13.10 32.02 -115.51
N GLN BE 34 -12.69 33.26 -115.21
CA GLN BE 34 -13.03 33.90 -113.95
C GLN BE 34 -13.41 35.36 -114.22
N ARG BE 35 -14.41 35.82 -113.48
CA ARG BE 35 -14.78 37.23 -113.52
C ARG BE 35 -13.86 38.03 -112.61
N VAL BE 36 -13.26 39.08 -113.15
CA VAL BE 36 -12.29 39.89 -112.42
C VAL BE 36 -12.96 41.20 -112.03
N LYS BE 37 -12.87 41.55 -110.75
CA LYS BE 37 -13.45 42.77 -110.21
C LYS BE 37 -12.45 43.90 -110.35
N VAL BE 38 -12.67 44.77 -111.34
CA VAL BE 38 -11.89 45.98 -111.53
C VAL BE 38 -12.80 47.16 -111.32
N GLY BE 39 -12.28 48.18 -110.64
CA GLY BE 39 -13.04 49.36 -110.24
C GLY BE 39 -14.02 49.86 -111.28
N ILE BE 40 -15.27 50.09 -110.85
CA ILE BE 40 -16.40 50.52 -111.67
C ILE BE 40 -16.43 49.78 -113.01
N ALA BE 41 -16.13 48.49 -112.98
CA ALA BE 41 -16.16 47.67 -114.18
C ALA BE 41 -16.44 46.22 -113.80
N GLU BE 42 -17.00 45.46 -114.73
CA GLU BE 42 -17.26 44.04 -114.55
C GLU BE 42 -16.81 43.31 -115.81
N LEU BE 43 -15.55 42.88 -115.83
CA LEU BE 43 -14.96 42.21 -116.98
C LEU BE 43 -14.37 40.87 -116.52
N ASN BE 44 -14.41 39.90 -117.43
CA ASN BE 44 -14.04 38.52 -117.11
C ASN BE 44 -12.78 38.10 -117.87
N ASN BE 45 -11.85 37.48 -117.15
CA ASN BE 45 -10.58 37.08 -117.73
C ASN BE 45 -10.64 35.63 -118.20
N VAL BE 46 -9.86 35.32 -119.23
CA VAL BE 46 -9.71 33.96 -119.74
C VAL BE 46 -8.22 33.65 -119.78
N SER BE 47 -7.81 32.59 -119.09
CA SER BE 47 -6.42 32.16 -119.05
C SER BE 47 -6.30 30.84 -119.80
N GLY BE 48 -5.37 30.80 -120.77
CA GLY BE 48 -5.19 29.61 -121.57
C GLY BE 48 -3.81 29.01 -121.49
N GLN BE 49 -3.72 27.73 -121.14
CA GLN BE 49 -2.45 27.02 -121.01
C GLN BE 49 -2.33 26.04 -122.17
N TYR BE 50 -1.26 26.18 -122.95
CA TYR BE 50 -1.00 25.33 -124.10
C TYR BE 50 0.35 24.64 -123.89
N VAL BE 51 0.36 23.31 -123.98
CA VAL BE 51 1.54 22.51 -123.70
C VAL BE 51 1.82 21.60 -124.87
N SER BE 52 3.04 21.67 -125.41
CA SER BE 52 3.50 20.80 -126.47
C SER BE 52 4.71 20.01 -125.99
N VAL BE 53 4.62 18.68 -126.08
CA VAL BE 53 5.69 17.80 -125.62
C VAL BE 53 6.04 16.81 -126.72
N TYR BE 54 7.34 16.60 -126.93
CA TYR BE 54 7.84 15.58 -127.85
C TYR BE 54 8.95 14.80 -127.17
N LYS BE 55 8.87 13.48 -127.25
CA LYS BE 55 9.83 12.59 -126.60
C LYS BE 55 10.83 12.06 -127.64
N ARG BE 56 11.67 12.97 -128.14
CA ARG BE 56 12.69 12.57 -129.11
C ARG BE 56 13.82 11.79 -128.46
N PRO BE 57 14.37 10.79 -129.14
CA PRO BE 57 15.52 10.05 -128.59
C PRO BE 57 16.77 10.92 -128.49
N ALA BE 58 17.64 10.52 -127.56
CA ALA BE 58 18.90 11.21 -127.35
C ALA BE 58 19.77 11.08 -128.60
N PRO BE 59 20.68 12.01 -128.85
CA PRO BE 59 21.47 11.95 -130.09
C PRO BE 59 22.32 10.70 -130.15
N LYS BE 60 22.37 10.09 -131.34
CA LYS BE 60 23.12 8.86 -131.55
C LYS BE 60 24.61 9.12 -131.41
N PRO BE 61 25.37 8.17 -130.86
CA PRO BE 61 26.82 8.33 -130.82
C PRO BE 61 27.43 8.44 -132.20
N GLU BE 62 28.57 9.13 -132.31
CA GLU BE 62 29.15 9.51 -133.59
C GLU BE 62 30.01 8.37 -134.13
N GLY BE 63 29.94 8.16 -135.44
CA GLY BE 63 30.81 7.24 -136.14
C GLY BE 63 30.38 5.79 -136.10
N CYS BE 64 29.31 5.45 -135.41
CA CYS BE 64 28.85 4.07 -135.30
C CYS BE 64 27.35 4.03 -135.49
N ALA BE 65 26.88 3.14 -136.36
CA ALA BE 65 25.45 2.94 -136.59
C ALA BE 65 25.05 1.58 -136.02
N ASP BE 66 24.35 1.60 -134.88
CA ASP BE 66 23.93 0.36 -134.25
C ASP BE 66 22.90 -0.35 -135.12
N ALA BE 67 22.77 -1.66 -134.88
CA ALA BE 67 21.81 -2.46 -135.64
C ALA BE 67 20.39 -1.97 -135.40
N CYS BE 68 20.05 -1.67 -134.15
CA CYS BE 68 18.72 -1.22 -133.79
C CYS BE 68 18.80 -0.04 -132.85
N VAL BE 69 17.78 0.82 -132.89
CA VAL BE 69 17.78 2.02 -132.06
C VAL BE 69 17.48 1.64 -130.61
N ILE BE 70 18.35 2.11 -129.71
CA ILE BE 70 18.23 1.78 -128.29
C ILE BE 70 18.37 3.04 -127.46
N MET BE 71 18.20 4.20 -128.09
CA MET BE 71 18.50 5.46 -127.42
C MET BE 71 17.45 5.77 -126.35
N PRO BE 72 17.87 6.17 -125.15
CA PRO BE 72 16.91 6.49 -124.09
C PRO BE 72 16.34 7.89 -124.21
N ASN BE 73 15.25 8.02 -124.98
CA ASN BE 73 14.64 9.30 -125.31
C ASN BE 73 14.47 10.26 -124.15
N GLU BE 74 14.54 11.57 -124.44
CA GLU BE 74 14.42 12.62 -123.46
C GLU BE 74 13.07 13.32 -123.60
N ASN BE 75 12.90 14.38 -122.82
CA ASN BE 75 11.65 15.13 -122.81
C ASN BE 75 11.89 16.54 -123.35
N GLN BE 76 11.09 16.93 -124.33
CA GLN BE 76 11.10 18.29 -124.87
C GLN BE 76 9.73 18.90 -124.63
N SER BE 77 9.70 20.08 -124.02
CA SER BE 77 8.45 20.71 -123.62
C SER BE 77 8.44 22.19 -124.00
N ILE BE 78 7.29 22.64 -124.48
CA ILE BE 78 7.04 24.05 -124.76
C ILE BE 78 5.68 24.41 -124.18
N ARG BE 79 5.66 25.26 -123.16
CA ARG BE 79 4.45 25.61 -122.43
C ARG BE 79 4.19 27.10 -122.56
N THR BE 80 2.97 27.44 -122.98
CA THR BE 80 2.58 28.83 -123.20
C THR BE 80 1.29 29.13 -122.45
N VAL BE 81 1.30 30.23 -121.71
CA VAL BE 81 0.14 30.68 -120.94
C VAL BE 81 -0.24 32.07 -121.42
N ILE BE 82 -1.51 32.23 -121.79
CA ILE BE 82 -2.05 33.51 -122.26
C ILE BE 82 -3.20 33.91 -121.35
N SER BE 83 -3.12 35.11 -120.79
CA SER BE 83 -4.13 35.62 -119.87
C SER BE 83 -4.48 37.05 -120.25
N GLY BE 84 -5.77 37.33 -120.35
CA GLY BE 84 -6.22 38.67 -120.68
C GLY BE 84 -7.73 38.71 -120.78
N SER BE 85 -8.27 39.91 -120.62
CA SER BE 85 -9.70 40.11 -120.67
C SER BE 85 -10.23 39.85 -122.07
N ALA BE 86 -11.41 39.23 -122.15
CA ALA BE 86 -12.00 38.94 -123.45
C ALA BE 86 -12.47 40.20 -124.16
N GLU BE 87 -12.63 41.30 -123.42
CA GLU BE 87 -13.03 42.56 -124.04
C GLU BE 87 -11.92 43.12 -124.91
N ASN BE 88 -10.66 42.86 -124.54
CA ASN BE 88 -9.49 43.39 -125.23
C ASN BE 88 -8.80 42.32 -126.07
N LEU BE 89 -9.58 41.48 -126.76
CA LEU BE 89 -9.01 40.35 -127.48
C LEU BE 89 -8.10 40.80 -128.62
N ALA BE 90 -8.45 41.90 -129.29
CA ALA BE 90 -7.61 42.38 -130.38
C ALA BE 90 -6.23 42.79 -129.89
N THR BE 91 -6.18 43.54 -128.78
CA THR BE 91 -4.91 43.91 -128.20
C THR BE 91 -4.16 42.71 -127.66
N LEU BE 92 -4.89 41.70 -127.13
CA LEU BE 92 -4.23 40.48 -126.69
C LEU BE 92 -3.57 39.75 -127.86
N LYS BE 93 -4.24 39.73 -129.01
CA LYS BE 93 -3.66 39.11 -130.21
C LYS BE 93 -2.44 39.89 -130.69
N ALA BE 94 -2.50 41.22 -130.62
CA ALA BE 94 -1.33 42.03 -130.97
C ALA BE 94 -0.17 41.72 -130.03
N GLU BE 95 -0.44 41.60 -128.74
CA GLU BE 95 0.58 41.23 -127.77
C GLU BE 95 1.15 39.85 -128.08
N TRP BE 96 0.29 38.92 -128.49
CA TRP BE 96 0.77 37.58 -128.85
C TRP BE 96 1.71 37.64 -130.05
N GLU BE 97 1.36 38.43 -131.06
CA GLU BE 97 2.24 38.57 -132.22
C GLU BE 97 3.58 39.19 -131.82
N THR BE 98 3.55 40.22 -130.98
CA THR BE 98 4.79 40.84 -130.52
C THR BE 98 5.64 39.86 -129.73
N HIS BE 99 5.01 39.07 -128.87
CA HIS BE 99 5.73 38.07 -128.09
C HIS BE 99 6.35 37.01 -128.98
N LYS BE 100 5.62 36.57 -130.01
CA LYS BE 100 6.18 35.61 -130.96
C LYS BE 100 7.41 36.20 -131.65
N ARG BE 101 7.32 37.46 -132.06
CA ARG BE 101 8.47 38.09 -132.72
C ARG BE 101 9.67 38.18 -131.78
N ASN BE 102 9.44 38.59 -130.53
CA ASN BE 102 10.53 38.72 -129.57
C ASN BE 102 11.16 37.37 -129.26
N VAL BE 103 10.34 36.34 -129.05
CA VAL BE 103 10.87 35.01 -128.75
C VAL BE 103 11.62 34.46 -129.96
N ASP BE 104 11.16 34.76 -131.17
CA ASP BE 104 11.89 34.35 -132.35
C ASP BE 104 13.24 35.06 -132.42
N THR BE 105 13.27 36.34 -132.05
CA THR BE 105 14.53 37.08 -132.04
C THR BE 105 15.52 36.48 -131.05
N LEU BE 106 15.06 36.17 -129.85
CA LEU BE 106 15.96 35.65 -128.82
C LEU BE 106 16.36 34.20 -129.08
N PHE BE 107 15.42 33.36 -129.50
CA PHE BE 107 15.57 31.92 -129.57
C PHE BE 107 15.72 31.38 -130.98
N ALA BE 108 14.77 31.68 -131.87
CA ALA BE 108 14.80 31.11 -133.21
C ALA BE 108 16.00 31.59 -134.00
N SER BE 109 16.30 32.88 -133.92
CA SER BE 109 17.45 33.44 -134.62
C SER BE 109 18.59 33.81 -133.70
N GLY BE 110 18.47 33.54 -132.40
CA GLY BE 110 19.51 33.81 -131.43
C GLY BE 110 20.11 32.56 -130.86
N ASN BE 111 20.87 32.73 -129.78
CA ASN BE 111 21.51 31.59 -129.13
C ASN BE 111 20.98 31.38 -127.72
N ALA BE 112 19.71 31.74 -127.50
CA ALA BE 112 19.12 31.54 -126.17
C ALA BE 112 18.96 30.06 -125.85
N GLY BE 113 18.84 29.22 -126.88
CA GLY BE 113 18.69 27.79 -126.64
C GLY BE 113 19.92 27.18 -126.00
N LEU BE 114 21.11 27.61 -126.43
CA LEU BE 114 22.34 27.08 -125.83
C LEU BE 114 22.63 27.69 -124.47
N GLY BE 115 21.95 28.79 -124.13
CA GLY BE 115 22.08 29.37 -122.82
C GLY BE 115 22.60 30.79 -122.76
N PHE BE 116 22.64 31.50 -123.88
CA PHE BE 116 23.18 32.85 -123.89
C PHE BE 116 22.07 33.88 -124.11
N LEU BE 117 22.02 34.87 -123.23
CA LEU BE 117 21.06 35.96 -123.30
C LEU BE 117 21.78 37.20 -123.82
N ASP BE 118 21.50 37.57 -125.06
CA ASP BE 118 22.17 38.70 -125.67
C ASP BE 118 21.60 40.00 -125.12
N PRO BE 119 22.40 40.87 -124.49
CA PRO BE 119 21.87 42.15 -123.99
C PRO BE 119 21.62 43.18 -125.08
N THR BE 120 22.09 42.94 -126.30
CA THR BE 120 21.89 43.89 -127.40
C THR BE 120 20.85 43.42 -128.40
N ALA BE 121 20.03 42.43 -128.04
CA ALA BE 121 19.02 41.93 -128.97
C ALA BE 121 17.97 42.99 -129.27
N ALA BE 122 17.44 42.95 -130.48
CA ALA BE 122 16.47 43.95 -130.95
C ALA BE 122 15.07 43.50 -130.57
N ILE BE 123 14.59 44.00 -129.43
CA ILE BE 123 13.26 43.68 -128.93
C ILE BE 123 12.34 44.85 -129.25
N VAL BE 124 11.15 44.54 -129.78
CA VAL BE 124 10.19 45.55 -130.20
C VAL BE 124 8.88 45.32 -129.47
N SER BE 125 8.12 46.41 -129.28
CA SER BE 125 6.90 46.37 -128.49
C SER BE 125 5.67 46.27 -129.39
N SER BE 126 4.51 46.12 -128.74
CA SER BE 126 3.25 46.08 -129.49
C SER BE 126 2.84 47.45 -129.99
N ASP BE 127 3.19 48.51 -129.29
CA ASP BE 127 2.86 49.85 -129.74
C ASP BE 127 3.64 50.21 -130.98
N THR BE 128 3.02 51.01 -131.85
CA THR BE 128 3.62 51.43 -133.10
C THR BE 128 3.90 52.93 -133.08
N THR BE 129 4.73 53.36 -134.02
CA THR BE 129 5.09 54.77 -134.12
C THR BE 129 4.62 55.37 -135.45
N ALA CE 1 49.55 -139.21 -4.98
CA ALA CE 1 50.63 -138.23 -5.07
C ALA CE 1 50.07 -136.82 -5.26
N ASN CE 2 50.12 -136.02 -4.19
CA ASN CE 2 49.60 -134.66 -4.25
C ASN CE 2 50.53 -133.77 -5.08
N LYS CE 3 49.95 -132.79 -5.76
CA LYS CE 3 50.73 -131.90 -6.59
C LYS CE 3 51.45 -130.87 -5.73
N PRO CE 4 52.77 -130.79 -5.79
CA PRO CE 4 53.50 -129.78 -5.01
C PRO CE 4 53.20 -128.36 -5.50
N MET CE 5 53.29 -127.41 -4.57
CA MET CE 5 53.10 -125.99 -4.85
C MET CE 5 54.44 -125.28 -4.74
N GLN CE 6 54.68 -124.32 -5.63
CA GLN CE 6 55.87 -123.52 -5.58
C GLN CE 6 55.52 -122.09 -5.23
N PRO CE 7 56.19 -121.47 -4.25
CA PRO CE 7 55.77 -120.15 -3.79
C PRO CE 7 55.93 -119.08 -4.86
N ILE CE 8 55.05 -118.09 -4.81
CA ILE CE 8 55.09 -116.98 -5.76
C ILE CE 8 55.44 -115.66 -5.09
N THR CE 9 55.30 -115.55 -3.77
CA THR CE 9 55.72 -114.38 -3.04
C THR CE 9 56.38 -114.82 -1.74
N SER CE 10 57.61 -114.38 -1.52
CA SER CE 10 58.37 -114.77 -0.35
C SER CE 10 58.77 -113.54 0.44
N THR CE 11 58.46 -113.57 1.74
CA THR CE 11 58.78 -112.49 2.65
C THR CE 11 58.94 -113.08 4.04
N ALA CE 12 59.66 -112.35 4.90
CA ALA CE 12 59.86 -112.83 6.26
C ALA CE 12 58.57 -112.85 7.05
N ASN CE 13 57.55 -112.15 6.58
CA ASN CE 13 56.28 -112.05 7.27
C ASN CE 13 55.14 -112.75 6.55
N LYS CE 14 55.30 -113.11 5.27
CA LYS CE 14 54.22 -113.70 4.50
C LYS CE 14 54.80 -114.48 3.33
N ILE CE 15 54.37 -115.73 3.16
CA ILE CE 15 54.74 -116.56 2.03
C ILE CE 15 53.45 -117.13 1.44
N VAL CE 16 53.31 -117.00 0.12
CA VAL CE 16 52.12 -117.45 -0.59
C VAL CE 16 52.54 -118.52 -1.59
N TRP CE 17 51.84 -119.66 -1.56
CA TRP CE 17 52.10 -120.76 -2.47
C TRP CE 17 50.96 -120.85 -3.49
N SER CE 18 51.27 -121.32 -4.70
CA SER CE 18 50.29 -121.46 -5.76
C SER CE 18 50.59 -122.70 -6.58
N ASP CE 19 49.52 -123.36 -7.03
CA ASP CE 19 49.67 -124.50 -7.91
C ASP CE 19 50.05 -124.02 -9.31
N PRO CE 20 51.18 -124.48 -9.85
CA PRO CE 20 51.58 -124.00 -11.19
C PRO CE 20 50.55 -124.31 -12.27
N THR CE 21 49.81 -125.41 -12.15
CA THR CE 21 48.76 -125.72 -13.09
C THR CE 21 47.53 -124.84 -12.91
N ARG CE 22 47.18 -124.48 -11.68
CA ARG CE 22 46.06 -123.59 -11.42
C ARG CE 22 46.44 -122.56 -10.37
N LEU CE 23 46.85 -121.37 -10.83
CA LEU CE 23 47.33 -120.33 -9.90
C LEU CE 23 46.20 -119.78 -9.04
N SER CE 24 44.95 -120.09 -9.40
CA SER CE 24 43.83 -119.70 -8.57
C SER CE 24 43.84 -120.38 -7.21
N THR CE 25 44.48 -121.53 -7.09
CA THR CE 25 44.60 -122.22 -5.80
C THR CE 25 45.80 -121.67 -5.04
N THR CE 26 45.54 -121.09 -3.87
CA THR CE 26 46.57 -120.41 -3.10
C THR CE 26 46.62 -120.96 -1.68
N PHE CE 27 47.77 -120.77 -1.04
CA PHE CE 27 47.96 -121.10 0.37
C PHE CE 27 48.94 -120.10 0.95
N SER CE 28 48.46 -119.27 1.87
CA SER CE 28 49.25 -118.18 2.42
C SER CE 28 49.39 -118.32 3.93
N ALA CE 29 50.58 -118.04 4.43
CA ALA CE 29 50.88 -118.07 5.85
C ALA CE 29 51.50 -116.74 6.25
N SER CE 30 50.90 -116.07 7.22
CA SER CE 30 51.37 -114.78 7.70
C SER CE 30 51.59 -114.85 9.19
N LEU CE 31 52.75 -114.39 9.65
CA LEU CE 31 53.10 -114.40 11.05
C LEU CE 31 53.08 -112.99 11.61
N LEU CE 32 52.45 -112.82 12.77
CA LEU CE 32 52.44 -111.57 13.51
C LEU CE 32 53.01 -111.82 14.90
N ARG CE 33 54.03 -111.07 15.27
CA ARG CE 33 54.76 -111.28 16.52
C ARG CE 33 54.81 -110.00 17.33
N GLN CE 34 54.40 -110.11 18.60
CA GLN CE 34 54.42 -108.98 19.53
C GLN CE 34 54.78 -109.48 20.91
N ARG CE 35 55.05 -108.55 21.81
CA ARG CE 35 55.47 -108.86 23.18
C ARG CE 35 54.33 -108.56 24.14
N VAL CE 36 53.99 -109.52 24.98
CA VAL CE 36 52.89 -109.40 25.92
C VAL CE 36 53.42 -109.67 27.33
N LYS CE 37 53.11 -108.76 28.27
CA LYS CE 37 53.56 -108.89 29.65
C LYS CE 37 52.46 -109.61 30.44
N VAL CE 38 52.52 -110.93 30.42
CA VAL CE 38 51.52 -111.74 31.13
C VAL CE 38 51.88 -111.85 32.61
N GLY CE 39 53.05 -112.42 32.90
CA GLY CE 39 53.43 -112.73 34.26
C GLY CE 39 54.65 -111.96 34.71
N ILE CE 40 54.65 -110.64 34.44
CA ILE CE 40 55.75 -109.70 34.63
C ILE CE 40 57.00 -110.22 33.93
N ALA CE 41 56.80 -111.13 32.98
CA ALA CE 41 57.84 -111.61 32.10
C ALA CE 41 57.37 -111.43 30.66
N GLU CE 42 58.26 -110.94 29.80
CA GLU CE 42 57.89 -110.57 28.44
C GLU CE 42 57.86 -111.83 27.57
N LEU CE 43 56.69 -112.46 27.53
CA LEU CE 43 56.49 -113.60 26.65
C LEU CE 43 56.35 -113.13 25.20
N ASN CE 44 56.83 -113.96 24.27
CA ASN CE 44 56.79 -113.63 22.85
C ASN CE 44 55.81 -114.54 22.13
N ASN CE 45 54.55 -114.08 22.09
CA ASN CE 45 53.52 -114.86 21.41
C ASN CE 45 53.58 -114.64 19.90
N VAL CE 46 53.08 -115.61 19.15
CA VAL CE 46 53.08 -115.57 17.70
C VAL CE 46 51.66 -115.87 17.21
N SER CE 47 51.11 -114.97 16.41
CA SER CE 47 49.76 -115.11 15.86
C SER CE 47 49.90 -115.49 14.39
N GLY CE 48 49.89 -116.78 14.11
CA GLY CE 48 50.04 -117.29 12.76
C GLY CE 48 48.69 -117.49 12.09
N GLN CE 49 48.53 -116.84 10.95
CA GLN CE 49 47.31 -116.95 10.14
C GLN CE 49 47.62 -117.75 8.89
N TYR CE 50 46.91 -118.85 8.70
CA TYR CE 50 47.11 -119.75 7.58
C TYR CE 50 45.83 -119.80 6.76
N VAL CE 51 45.93 -119.53 5.47
CA VAL CE 51 44.78 -119.35 4.60
C VAL CE 51 44.87 -120.30 3.42
N SER CE 52 43.80 -121.04 3.16
CA SER CE 52 43.69 -121.88 1.97
C SER CE 52 42.50 -121.42 1.14
N VAL CE 53 42.73 -121.17 -0.14
CA VAL CE 53 41.70 -120.67 -1.05
C VAL CE 53 41.68 -121.55 -2.29
N TYR CE 54 40.49 -121.97 -2.69
CA TYR CE 54 40.29 -122.77 -3.89
C TYR CE 54 39.03 -122.30 -4.59
N LYS CE 55 39.20 -121.72 -5.77
CA LYS CE 55 38.07 -121.27 -6.59
C LYS CE 55 37.63 -122.44 -7.46
N ARG CE 56 36.55 -123.10 -7.05
CA ARG CE 56 36.13 -124.34 -7.69
C ARG CE 56 34.83 -124.13 -8.46
N PRO CE 57 34.74 -124.61 -9.70
CA PRO CE 57 33.49 -124.45 -10.45
C PRO CE 57 32.39 -125.33 -9.89
N ALA CE 58 31.21 -124.74 -9.70
CA ALA CE 58 30.03 -125.49 -9.28
C ALA CE 58 28.80 -125.09 -10.11
N PRO CE 59 28.83 -125.32 -11.43
CA PRO CE 59 27.56 -125.33 -12.17
C PRO CE 59 26.68 -126.49 -11.74
N LYS CE 60 27.30 -127.60 -11.38
CA LYS CE 60 26.69 -128.82 -10.86
C LYS CE 60 25.56 -129.31 -11.77
N PRO CE 61 25.84 -129.65 -13.03
CA PRO CE 61 24.79 -130.25 -13.88
C PRO CE 61 24.57 -131.69 -13.48
N GLU CE 62 23.46 -131.94 -12.80
CA GLU CE 62 23.20 -133.26 -12.22
C GLU CE 62 22.89 -134.27 -13.33
N GLY CE 63 23.87 -135.12 -13.59
CA GLY CE 63 23.68 -136.21 -14.55
C GLY CE 63 24.39 -136.12 -15.89
N CYS CE 64 24.50 -134.92 -16.45
CA CYS CE 64 25.03 -134.82 -17.80
C CYS CE 64 25.98 -133.64 -17.91
N ALA CE 65 27.11 -133.88 -18.57
CA ALA CE 65 28.03 -132.86 -19.01
C ALA CE 65 28.37 -133.11 -20.47
N ASP CE 66 28.35 -132.05 -21.27
CA ASP CE 66 28.39 -132.31 -22.71
C ASP CE 66 29.64 -131.77 -23.41
N ALA CE 67 29.92 -130.47 -23.28
CA ALA CE 67 30.97 -129.85 -24.09
C ALA CE 67 31.66 -128.78 -23.27
N CYS CE 68 32.43 -127.94 -23.95
CA CYS CE 68 33.20 -126.88 -23.31
C CYS CE 68 32.27 -125.72 -22.97
N VAL CE 69 31.71 -125.74 -21.76
CA VAL CE 69 30.86 -124.68 -21.26
C VAL CE 69 31.68 -123.89 -20.23
N ILE CE 70 31.51 -122.57 -20.21
CA ILE CE 70 32.20 -121.74 -19.24
C ILE CE 70 31.80 -122.13 -17.82
N MET CE 71 32.80 -122.30 -16.97
CA MET CE 71 32.56 -122.61 -15.57
C MET CE 71 32.41 -121.31 -14.76
N PRO CE 72 31.24 -121.06 -14.16
CA PRO CE 72 31.17 -120.02 -13.13
C PRO CE 72 31.72 -120.54 -11.82
N ASN CE 73 32.55 -119.75 -11.14
CA ASN CE 73 33.35 -120.24 -10.04
C ASN CE 73 32.86 -119.68 -8.71
N GLU CE 74 32.97 -120.50 -7.67
CA GLU CE 74 32.77 -120.07 -6.29
C GLU CE 74 34.05 -120.27 -5.51
N ASN CE 75 34.22 -119.51 -4.44
CA ASN CE 75 35.45 -119.52 -3.65
C ASN CE 75 35.25 -120.36 -2.40
N GLN CE 76 36.13 -121.34 -2.21
CA GLN CE 76 36.15 -122.14 -0.99
C GLN CE 76 37.35 -121.68 -0.16
N SER CE 77 37.09 -121.19 1.04
CA SER CE 77 38.12 -120.59 1.88
C SER CE 77 38.19 -121.32 3.22
N ILE CE 78 39.41 -121.63 3.64
CA ILE CE 78 39.69 -122.20 4.95
C ILE CE 78 40.88 -121.45 5.54
N ARG CE 79 40.61 -120.61 6.53
CA ARG CE 79 41.66 -119.84 7.20
C ARG CE 79 41.75 -120.29 8.65
N THR CE 80 42.98 -120.35 9.16
CA THR CE 80 43.24 -120.77 10.52
C THR CE 80 44.17 -119.78 11.20
N VAL CE 81 43.84 -119.40 12.42
CA VAL CE 81 44.64 -118.48 13.23
C VAL CE 81 45.06 -119.21 14.50
N ILE CE 82 46.36 -119.32 14.72
CA ILE CE 82 46.92 -119.96 15.90
C ILE CE 82 47.71 -118.91 16.67
N SER CE 83 47.33 -118.69 17.93
CA SER CE 83 47.96 -117.67 18.76
C SER CE 83 48.37 -118.30 20.08
N GLY CE 84 49.56 -117.95 20.55
CA GLY CE 84 50.06 -118.45 21.81
C GLY CE 84 51.52 -118.11 22.04
N SER CE 85 51.97 -118.18 23.29
CA SER CE 85 53.37 -117.88 23.59
C SER CE 85 54.29 -118.93 23.00
N ALA CE 86 55.47 -118.49 22.55
CA ALA CE 86 56.42 -119.40 21.95
C ALA CE 86 57.01 -120.35 22.98
N GLU CE 87 57.02 -119.93 24.26
CA GLU CE 87 57.61 -120.76 25.30
C GLU CE 87 56.70 -121.93 25.65
N ASN CE 88 55.48 -121.95 25.14
CA ASN CE 88 54.54 -123.05 25.34
C ASN CE 88 54.19 -123.71 24.01
N LEU CE 89 55.22 -123.95 23.18
CA LEU CE 89 54.98 -124.50 21.85
C LEU CE 89 54.43 -125.92 21.91
N ALA CE 90 54.93 -126.73 22.86
CA ALA CE 90 54.43 -128.10 22.99
C ALA CE 90 52.95 -128.11 23.36
N THR CE 91 52.57 -127.23 24.30
CA THR CE 91 51.17 -127.08 24.65
C THR CE 91 50.33 -126.60 23.48
N LEU CE 92 50.85 -125.66 22.70
CA LEU CE 92 50.09 -125.18 21.54
C LEU CE 92 49.90 -126.29 20.51
N LYS CE 93 50.93 -127.12 20.33
CA LYS CE 93 50.81 -128.24 19.39
C LYS CE 93 49.78 -129.26 19.88
N ALA CE 94 49.77 -129.54 21.18
CA ALA CE 94 48.74 -130.44 21.73
C ALA CE 94 47.34 -129.84 21.55
N GLU CE 95 47.21 -128.53 21.78
CA GLU CE 95 45.94 -127.86 21.55
C GLU CE 95 45.52 -127.97 20.10
N TRP CE 96 46.47 -127.86 19.18
CA TRP CE 96 46.14 -127.92 17.75
C TRP CE 96 45.72 -129.32 17.34
N GLU CE 97 46.34 -130.35 17.93
CA GLU CE 97 45.87 -131.72 17.69
C GLU CE 97 44.45 -131.92 18.22
N THR CE 98 44.18 -131.42 19.42
CA THR CE 98 42.82 -131.52 19.96
C THR CE 98 41.84 -130.75 19.10
N HIS CE 99 42.28 -129.63 18.53
CA HIS CE 99 41.44 -128.85 17.62
C HIS CE 99 41.11 -129.64 16.36
N LYS CE 100 42.11 -130.32 15.79
CA LYS CE 100 41.84 -131.26 14.71
C LYS CE 100 40.76 -132.24 15.11
N ARG CE 101 40.92 -132.87 16.27
CA ARG CE 101 39.99 -133.93 16.66
C ARG CE 101 38.57 -133.38 16.80
N ASN CE 102 38.41 -132.24 17.46
CA ASN CE 102 37.08 -131.68 17.68
C ASN CE 102 36.44 -131.21 16.38
N VAL CE 103 37.19 -130.49 15.54
CA VAL CE 103 36.63 -129.99 14.29
C VAL CE 103 36.29 -131.17 13.38
N ASP CE 104 37.11 -132.22 13.38
CA ASP CE 104 36.79 -133.41 12.61
C ASP CE 104 35.50 -134.05 13.10
N THR CE 105 35.35 -134.16 14.42
CA THR CE 105 34.14 -134.76 14.97
C THR CE 105 32.90 -133.97 14.58
N LEU CE 106 32.98 -132.65 14.61
CA LEU CE 106 31.81 -131.84 14.25
C LEU CE 106 31.56 -131.81 12.74
N PHE CE 107 32.62 -131.81 11.93
CA PHE CE 107 32.50 -131.48 10.51
C PHE CE 107 32.66 -132.69 9.60
N ALA CE 108 33.78 -133.40 9.72
CA ALA CE 108 34.06 -134.49 8.80
C ALA CE 108 33.11 -135.66 9.00
N SER CE 109 32.92 -136.08 10.24
CA SER CE 109 32.01 -137.17 10.56
C SER CE 109 30.60 -136.71 10.91
N GLY CE 110 30.36 -135.40 10.95
CA GLY CE 110 29.06 -134.86 11.25
C GLY CE 110 28.41 -134.20 10.05
N ASN CE 111 27.48 -133.30 10.35
CA ASN CE 111 26.74 -132.57 9.32
C ASN CE 111 26.86 -131.06 9.50
N ALA CE 112 27.96 -130.60 10.11
CA ALA CE 112 28.13 -129.17 10.31
C ALA CE 112 28.36 -128.43 9.00
N GLY CE 113 28.84 -129.12 7.98
CA GLY CE 113 29.06 -128.48 6.69
C GLY CE 113 27.76 -128.03 6.03
N LEU CE 114 26.68 -128.76 6.29
CA LEU CE 114 25.40 -128.45 5.67
C LEU CE 114 24.61 -127.47 6.54
N GLY CE 115 25.21 -127.02 7.63
CA GLY CE 115 24.53 -126.09 8.51
C GLY CE 115 23.73 -126.76 9.60
N PHE CE 116 24.33 -127.69 10.31
CA PHE CE 116 23.67 -128.43 11.39
C PHE CE 116 24.55 -128.42 12.63
N LEU CE 117 23.91 -128.47 13.80
CA LEU CE 117 24.60 -128.57 15.07
C LEU CE 117 24.12 -129.83 15.78
N ASP CE 118 25.06 -130.60 16.33
CA ASP CE 118 24.73 -131.79 17.09
C ASP CE 118 25.14 -131.58 18.54
N PRO CE 119 24.21 -131.25 19.43
CA PRO CE 119 24.59 -131.06 20.85
C PRO CE 119 25.12 -132.31 21.51
N THR CE 120 24.91 -133.49 20.95
CA THR CE 120 25.39 -134.73 21.52
C THR CE 120 26.75 -135.14 20.99
N ALA CE 121 27.40 -134.29 20.20
CA ALA CE 121 28.71 -134.62 19.66
C ALA CE 121 29.74 -134.78 20.77
N ALA CE 122 30.68 -135.70 20.57
CA ALA CE 122 31.69 -136.02 21.58
C ALA CE 122 32.89 -135.10 21.39
N ILE CE 123 32.86 -133.98 22.10
CA ILE CE 123 33.96 -133.02 22.12
C ILE CE 123 34.86 -133.32 23.30
N VAL CE 124 36.17 -133.33 23.07
CA VAL CE 124 37.14 -133.68 24.11
C VAL CE 124 38.12 -132.53 24.29
N SER CE 125 38.72 -132.48 25.47
CA SER CE 125 39.70 -131.47 25.79
C SER CE 125 41.11 -132.00 25.56
N SER CE 126 42.08 -131.09 25.66
CA SER CE 126 43.48 -131.48 25.47
C SER CE 126 44.03 -132.23 26.68
N ASP CE 127 43.52 -131.97 27.87
CA ASP CE 127 44.01 -132.63 29.06
C ASP CE 127 43.60 -134.10 29.08
N THR CE 128 44.42 -134.92 29.71
CA THR CE 128 44.17 -136.35 29.83
C THR CE 128 43.81 -136.72 31.26
N THR CE 129 43.13 -137.85 31.40
CA THR CE 129 42.72 -138.33 32.71
C THR CE 129 43.78 -139.26 33.30
N ALA DE 1 80.44 -124.77 22.55
CA ALA DE 1 79.48 -124.69 21.45
C ALA DE 1 78.38 -123.67 21.76
N ASN DE 2 78.53 -122.48 21.22
CA ASN DE 2 77.55 -121.43 21.45
C ASN DE 2 76.31 -121.66 20.59
N LYS DE 3 75.17 -121.19 21.08
CA LYS DE 3 73.89 -121.45 20.42
C LYS DE 3 73.75 -120.59 19.17
N PRO DE 4 73.48 -121.18 18.01
CA PRO DE 4 73.34 -120.37 16.79
C PRO DE 4 71.97 -119.72 16.71
N MET DE 5 71.87 -118.74 15.81
CA MET DE 5 70.62 -118.04 15.54
C MET DE 5 70.18 -118.26 14.10
N GLN DE 6 68.94 -117.89 13.81
CA GLN DE 6 68.35 -117.89 12.48
C GLN DE 6 67.68 -116.55 12.20
N PRO DE 7 67.64 -116.10 10.94
CA PRO DE 7 66.98 -114.83 10.65
C PRO DE 7 65.47 -114.93 10.85
N ILE DE 8 64.89 -113.91 11.46
CA ILE DE 8 63.47 -113.85 11.76
C ILE DE 8 62.76 -112.83 10.88
N THR DE 9 63.34 -111.65 10.73
CA THR DE 9 62.88 -110.65 9.78
C THR DE 9 64.02 -110.29 8.85
N SER DE 10 63.79 -110.43 7.54
CA SER DE 10 64.87 -110.33 6.58
C SER DE 10 64.55 -109.26 5.53
N THR DE 11 65.43 -108.27 5.46
CA THR DE 11 65.44 -107.29 4.38
C THR DE 11 66.89 -107.01 4.02
N ALA DE 12 67.14 -106.75 2.74
CA ALA DE 12 68.51 -106.47 2.31
C ALA DE 12 69.06 -105.24 3.00
N ASN DE 13 68.18 -104.32 3.41
CA ASN DE 13 68.62 -103.18 4.20
C ASN DE 13 68.87 -103.55 5.66
N LYS DE 14 68.15 -104.52 6.20
CA LYS DE 14 68.22 -104.85 7.61
C LYS DE 14 67.81 -106.30 7.84
N ILE DE 15 68.68 -107.06 8.48
CA ILE DE 15 68.40 -108.44 8.87
C ILE DE 15 68.60 -108.59 10.36
N VAL DE 16 67.63 -109.19 11.04
CA VAL DE 16 67.68 -109.41 12.49
C VAL DE 16 67.73 -110.90 12.74
N TRP DE 17 68.66 -111.33 13.60
CA TRP DE 17 68.79 -112.72 14.00
C TRP DE 17 68.22 -112.92 15.39
N SER DE 18 67.67 -114.11 15.63
CA SER DE 18 67.03 -114.38 16.91
C SER DE 18 67.26 -115.85 17.28
N ASP DE 19 67.43 -116.09 18.58
CA ASP DE 19 67.63 -117.43 19.09
C ASP DE 19 66.28 -118.13 19.23
N PRO DE 20 66.09 -119.30 18.61
CA PRO DE 20 64.81 -120.00 18.76
C PRO DE 20 64.43 -120.31 20.19
N THR DE 21 65.41 -120.54 21.08
CA THR DE 21 65.13 -120.86 22.46
C THR DE 21 64.93 -119.63 23.34
N ARG DE 22 65.56 -118.51 23.01
CA ARG DE 22 65.38 -117.27 23.76
C ARG DE 22 65.15 -116.15 22.74
N LEU DE 23 63.88 -115.86 22.46
CA LEU DE 23 63.56 -114.86 21.45
C LEU DE 23 63.94 -113.44 21.86
N SER DE 24 64.24 -113.23 23.14
CA SER DE 24 64.66 -111.90 23.59
C SER DE 24 66.06 -111.55 23.13
N THR DE 25 66.85 -112.52 22.67
CA THR DE 25 68.20 -112.29 22.18
C THR DE 25 68.12 -111.99 20.68
N THR DE 26 68.63 -110.82 20.29
CA THR DE 26 68.57 -110.37 18.91
C THR DE 26 69.92 -109.81 18.48
N PHE DE 27 70.17 -109.89 17.17
CA PHE DE 27 71.34 -109.30 16.55
C PHE DE 27 70.92 -108.73 15.20
N SER DE 28 71.10 -107.43 15.01
CA SER DE 28 70.62 -106.74 13.84
C SER DE 28 71.77 -106.09 13.09
N ALA DE 29 71.74 -106.16 11.77
CA ALA DE 29 72.70 -105.50 10.90
C ALA DE 29 71.94 -104.68 9.88
N SER DE 30 72.22 -103.38 9.84
CA SER DE 30 71.57 -102.47 8.90
C SER DE 30 72.66 -101.70 8.15
N LEU DE 31 72.59 -101.71 6.83
CA LEU DE 31 73.55 -101.01 5.98
C LEU DE 31 72.85 -99.89 5.23
N LEU DE 32 73.39 -98.69 5.35
CA LEU DE 32 72.91 -97.53 4.59
C LEU DE 32 74.03 -97.07 3.67
N ARG DE 33 73.79 -97.09 2.37
CA ARG DE 33 74.80 -96.78 1.37
C ARG DE 33 74.43 -95.48 0.67
N GLN DE 34 75.41 -94.59 0.53
CA GLN DE 34 75.23 -93.31 -0.12
C GLN DE 34 76.48 -92.96 -0.91
N ARG DE 35 76.29 -92.27 -2.03
CA ARG DE 35 77.40 -91.88 -2.90
C ARG DE 35 77.86 -90.49 -2.50
N VAL DE 36 78.63 -90.42 -1.42
CA VAL DE 36 79.20 -89.16 -0.96
C VAL DE 36 80.56 -88.97 -1.63
N LYS DE 37 80.60 -88.13 -2.66
CA LYS DE 37 81.81 -87.97 -3.44
C LYS DE 37 82.61 -86.76 -2.98
N VAL DE 38 83.90 -86.96 -2.75
CA VAL DE 38 84.82 -85.87 -2.48
C VAL DE 38 85.22 -85.25 -3.81
N GLY DE 39 85.91 -84.11 -3.77
CA GLY DE 39 86.28 -83.40 -4.97
C GLY DE 39 87.01 -84.24 -5.99
N ILE DE 40 86.60 -84.12 -7.26
CA ILE DE 40 87.18 -84.80 -8.42
C ILE DE 40 87.41 -86.28 -8.16
N ALA DE 41 86.56 -86.89 -7.34
CA ALA DE 41 86.67 -88.31 -7.05
C ALA DE 41 85.28 -88.87 -6.80
N GLU DE 42 85.15 -90.18 -6.96
CA GLU DE 42 83.91 -90.91 -6.71
C GLU DE 42 84.15 -91.93 -5.61
N LEU DE 43 83.30 -91.89 -4.59
CA LEU DE 43 83.45 -92.78 -3.43
C LEU DE 43 82.08 -93.29 -3.01
N ASN DE 44 82.00 -94.56 -2.68
CA ASN DE 44 80.78 -95.18 -2.18
C ASN DE 44 80.92 -95.41 -0.69
N ASN DE 45 80.04 -94.79 0.09
CA ASN DE 45 80.08 -94.86 1.54
C ASN DE 45 79.05 -95.86 2.04
N VAL DE 46 79.50 -96.74 2.94
CA VAL DE 46 78.64 -97.78 3.52
C VAL DE 46 78.74 -97.63 5.04
N SER DE 47 77.63 -97.24 5.67
CA SER DE 47 77.57 -97.11 7.12
C SER DE 47 76.89 -98.35 7.69
N GLY DE 48 77.59 -99.07 8.55
CA GLY DE 48 77.07 -100.30 9.10
C GLY DE 48 76.72 -100.23 10.57
N GLN DE 49 75.45 -100.44 10.91
CA GLN DE 49 74.97 -100.40 12.28
C GLN DE 49 74.69 -101.82 12.73
N TYR DE 50 75.33 -102.23 13.82
CA TYR DE 50 75.18 -103.58 14.36
C TYR DE 50 74.76 -103.46 15.82
N VAL DE 51 73.63 -104.06 16.16
CA VAL DE 51 73.05 -103.98 17.49
C VAL DE 51 72.88 -105.38 18.04
N SER DE 52 73.37 -105.60 19.27
CA SER DE 52 73.19 -106.86 19.98
C SER DE 52 72.42 -106.60 21.27
N VAL DE 53 71.35 -107.34 21.47
CA VAL DE 53 70.46 -107.15 22.61
C VAL DE 53 70.32 -108.47 23.35
N TYR DE 54 70.51 -108.43 24.67
CA TYR DE 54 70.31 -109.57 25.55
C TYR DE 54 69.66 -109.09 26.83
N LYS DE 55 68.57 -109.74 27.21
CA LYS DE 55 67.83 -109.38 28.43
C LYS DE 55 68.23 -110.36 29.53
N ARG DE 56 69.14 -109.93 30.39
CA ARG DE 56 69.71 -110.76 31.44
C ARG DE 56 68.99 -110.51 32.75
N PRO DE 57 68.67 -111.56 33.51
CA PRO DE 57 68.03 -111.35 34.81
C PRO DE 57 68.94 -110.60 35.77
N ALA DE 58 68.31 -109.82 36.64
CA ALA DE 58 69.07 -109.07 37.63
C ALA DE 58 69.77 -110.04 38.58
N PRO DE 59 70.93 -109.67 39.12
CA PRO DE 59 71.70 -110.63 39.91
C PRO DE 59 71.01 -111.06 41.19
N LYS DE 60 70.95 -112.36 41.41
CA LYS DE 60 70.37 -112.94 42.62
C LYS DE 60 71.27 -112.64 43.81
N PRO DE 61 70.71 -112.55 45.02
CA PRO DE 61 71.55 -112.30 46.21
C PRO DE 61 72.62 -113.36 46.40
N GLU DE 62 73.80 -112.94 46.87
CA GLU DE 62 74.94 -113.85 46.93
C GLU DE 62 74.67 -115.02 47.89
N GLY DE 63 74.06 -114.74 49.03
CA GLY DE 63 73.75 -115.80 49.97
C GLY DE 63 72.39 -116.41 49.72
N CYS DE 64 72.14 -116.87 48.50
CA CYS DE 64 70.88 -117.47 48.13
C CYS DE 64 71.11 -118.82 47.48
N ALA DE 65 70.42 -119.83 47.99
CA ALA DE 65 70.41 -121.16 47.39
C ALA DE 65 69.00 -121.60 46.99
N ASP DE 66 68.05 -120.68 46.92
CA ASP DE 66 66.67 -121.03 46.59
C ASP DE 66 66.60 -121.60 45.18
N ALA DE 67 65.74 -122.61 45.01
CA ALA DE 67 65.63 -123.31 43.74
C ALA DE 67 65.16 -122.37 42.63
N CYS DE 68 63.95 -121.81 42.77
CA CYS DE 68 63.37 -120.97 41.73
C CYS DE 68 62.82 -119.69 42.33
N VAL DE 69 63.60 -118.61 42.24
CA VAL DE 69 63.13 -117.27 42.50
C VAL DE 69 63.65 -116.37 41.37
N ILE DE 70 62.73 -115.78 40.62
CA ILE DE 70 63.08 -115.05 39.40
C ILE DE 70 62.79 -113.57 39.61
N MET DE 71 63.76 -112.73 39.26
CA MET DE 71 63.62 -111.28 39.32
C MET DE 71 63.72 -110.71 37.92
N PRO DE 72 63.13 -109.54 37.65
CA PRO DE 72 62.93 -109.11 36.26
C PRO DE 72 64.25 -108.84 35.53
N ASN DE 73 64.16 -108.89 34.20
CA ASN DE 73 65.31 -108.77 33.33
C ASN DE 73 65.72 -107.31 33.15
N GLU DE 74 66.98 -107.13 32.77
CA GLU DE 74 67.53 -105.81 32.47
C GLU DE 74 68.02 -105.80 31.04
N ASN DE 75 68.06 -104.62 30.44
CA ASN DE 75 68.42 -104.52 29.02
C ASN DE 75 69.93 -104.33 28.89
N GLN DE 76 70.57 -105.24 28.16
CA GLN DE 76 71.99 -105.15 27.85
C GLN DE 76 72.13 -104.98 26.34
N SER DE 77 72.64 -103.82 25.92
CA SER DE 77 72.72 -103.47 24.52
C SER DE 77 74.15 -103.08 24.16
N ILE DE 78 74.61 -103.57 23.01
CA ILE DE 78 75.91 -103.20 22.45
C ILE DE 78 75.68 -102.81 21.00
N ARG DE 79 75.99 -101.56 20.67
CA ARG DE 79 75.71 -101.00 19.35
C ARG DE 79 76.99 -100.46 18.75
N THR DE 80 77.31 -100.91 17.55
CA THR DE 80 78.53 -100.51 16.85
C THR DE 80 78.18 -99.99 15.46
N VAL DE 81 78.73 -98.83 15.12
CA VAL DE 81 78.51 -98.20 13.82
C VAL DE 81 79.86 -98.05 13.13
N ILE DE 82 79.96 -98.54 11.91
CA ILE DE 82 81.18 -98.46 11.11
C ILE DE 82 80.84 -97.71 9.83
N SER DE 83 81.57 -96.63 9.57
CA SER DE 83 81.32 -95.77 8.41
C SER DE 83 82.63 -95.58 7.66
N GLY DE 84 82.59 -95.78 6.35
CA GLY DE 84 83.77 -95.60 5.52
C GLY DE 84 83.54 -95.93 4.07
N SER DE 85 84.48 -95.55 3.21
CA SER DE 85 84.35 -95.83 1.78
C SER DE 85 84.64 -97.30 1.49
N ALA DE 86 84.06 -97.80 0.40
CA ALA DE 86 84.29 -99.19 0.02
C ALA DE 86 85.71 -99.39 -0.51
N GLU DE 87 86.32 -98.34 -1.06
CA GLU DE 87 87.66 -98.46 -1.61
C GLU DE 87 88.69 -98.71 -0.52
N ASN DE 88 88.43 -98.22 0.69
CA ASN DE 88 89.35 -98.31 1.81
C ASN DE 88 88.99 -99.44 2.77
N LEU DE 89 88.53 -100.57 2.25
CA LEU DE 89 88.01 -101.64 3.11
C LEU DE 89 89.11 -102.25 3.97
N ALA DE 90 90.31 -102.44 3.41
CA ALA DE 90 91.39 -103.05 4.18
C ALA DE 90 91.81 -102.15 5.33
N THR DE 91 91.96 -100.85 5.07
CA THR DE 91 92.28 -99.92 6.13
C THR DE 91 91.17 -99.81 7.15
N LEU DE 92 89.90 -99.91 6.71
CA LEU DE 92 88.79 -99.92 7.65
C LEU DE 92 88.85 -101.14 8.55
N LYS DE 93 89.24 -102.29 8.00
CA LYS DE 93 89.39 -103.50 8.81
C LYS DE 93 90.51 -103.33 9.82
N ALA DE 94 91.62 -102.73 9.41
CA ALA DE 94 92.71 -102.46 10.35
C ALA DE 94 92.26 -101.51 11.46
N GLU DE 95 91.51 -100.48 11.10
CA GLU DE 95 90.95 -99.56 12.09
C GLU DE 95 90.02 -100.29 13.05
N TRP DE 96 89.23 -101.23 12.53
CA TRP DE 96 88.32 -101.99 13.37
C TRP DE 96 89.08 -102.86 14.35
N GLU DE 97 90.18 -103.48 13.90
CA GLU DE 97 91.01 -104.27 14.81
C GLU DE 97 91.61 -103.39 15.91
N THR DE 98 92.11 -102.21 15.53
CA THR DE 98 92.66 -101.29 16.53
C THR DE 98 91.57 -100.84 17.51
N HIS DE 99 90.37 -100.61 17.01
CA HIS DE 99 89.25 -100.24 17.86
C HIS DE 99 88.92 -101.36 18.83
N LYS DE 100 88.94 -102.61 18.37
CA LYS DE 100 88.78 -103.74 19.27
C LYS DE 100 89.82 -103.70 20.37
N ARG DE 101 91.09 -103.49 20.01
CA ARG DE 101 92.16 -103.51 21.00
C ARG DE 101 91.96 -102.41 22.04
N ASN DE 102 91.61 -101.20 21.59
CA ASN DE 102 91.43 -100.09 22.52
C ASN DE 102 90.22 -100.28 23.43
N VAL DE 103 89.09 -100.69 22.85
CA VAL DE 103 87.90 -100.92 23.67
C VAL DE 103 88.14 -102.06 24.65
N ASP DE 104 88.90 -103.07 24.23
CA ASP DE 104 89.22 -104.17 25.12
C ASP DE 104 90.07 -103.70 26.30
N THR DE 105 91.12 -102.91 26.03
CA THR DE 105 91.98 -102.47 27.12
C THR DE 105 91.25 -101.52 28.06
N LEU DE 106 90.28 -100.77 27.55
CA LEU DE 106 89.49 -99.91 28.42
C LEU DE 106 88.43 -100.67 29.23
N PHE DE 107 87.81 -101.69 28.62
CA PHE DE 107 86.60 -102.30 29.15
C PHE DE 107 86.84 -103.68 29.75
N ALA DE 108 87.39 -104.60 28.97
CA ALA DE 108 87.53 -105.99 29.42
C ALA DE 108 88.58 -106.10 30.52
N SER DE 109 89.74 -105.48 30.31
CA SER DE 109 90.81 -105.50 31.30
C SER DE 109 90.85 -104.25 32.16
N GLY DE 110 89.91 -103.33 31.97
CA GLY DE 110 89.87 -102.10 32.72
C GLY DE 110 88.72 -102.05 33.71
N ASN DE 111 88.36 -100.83 34.11
CA ASN DE 111 87.29 -100.59 35.06
C ASN DE 111 86.21 -99.67 34.49
N ALA DE 112 86.26 -99.41 33.19
CA ALA DE 112 85.23 -98.58 32.56
C ALA DE 112 83.87 -99.23 32.63
N GLY DE 113 83.82 -100.56 32.75
CA GLY DE 113 82.55 -101.24 32.92
C GLY DE 113 81.85 -100.87 34.20
N LEU DE 114 82.58 -100.77 35.31
CA LEU DE 114 82.03 -100.28 36.56
C LEU DE 114 81.95 -98.76 36.61
N GLY DE 115 82.65 -98.08 35.71
CA GLY DE 115 82.45 -96.65 35.56
C GLY DE 115 83.64 -95.77 35.91
N PHE DE 116 84.86 -96.28 35.76
CA PHE DE 116 86.06 -95.52 36.06
C PHE DE 116 86.95 -95.46 34.82
N LEU DE 117 87.31 -94.24 34.42
CA LEU DE 117 88.22 -94.02 33.31
C LEU DE 117 89.63 -93.81 33.83
N ASP DE 118 90.60 -94.52 33.24
CA ASP DE 118 92.00 -94.40 33.64
C ASP DE 118 92.75 -93.62 32.59
N PRO DE 119 93.18 -92.39 32.87
CA PRO DE 119 93.97 -91.63 31.88
C PRO DE 119 95.28 -92.29 31.50
N THR DE 120 95.69 -93.35 32.19
CA THR DE 120 96.97 -94.01 31.92
C THR DE 120 96.83 -95.27 31.07
N ALA DE 121 95.67 -95.48 30.46
CA ALA DE 121 95.45 -96.67 29.64
C ALA DE 121 96.38 -96.65 28.43
N ALA DE 122 96.83 -97.84 28.03
CA ALA DE 122 97.77 -97.98 26.92
C ALA DE 122 96.98 -98.04 25.62
N ILE DE 123 96.55 -96.88 25.14
CA ILE DE 123 95.86 -96.77 23.87
C ILE DE 123 96.89 -96.68 22.75
N VAL DE 124 96.69 -97.50 21.71
CA VAL DE 124 97.63 -97.56 20.59
C VAL DE 124 96.89 -97.28 19.30
N SER DE 125 97.62 -96.79 18.31
CA SER DE 125 97.04 -96.45 17.01
C SER DE 125 97.22 -97.59 16.03
N SER DE 126 96.53 -97.48 14.89
CA SER DE 126 96.59 -98.52 13.87
C SER DE 126 97.93 -98.55 13.14
N ASP DE 127 98.55 -97.40 12.93
CA ASP DE 127 99.81 -97.35 12.22
C ASP DE 127 100.93 -97.99 13.04
N THR DE 128 101.89 -98.58 12.35
CA THR DE 128 103.02 -99.25 12.97
C THR DE 128 104.29 -98.44 12.78
N THR DE 129 105.24 -98.64 13.69
CA THR DE 129 106.51 -97.92 13.65
C THR DE 129 107.42 -98.49 12.57
N ALA EE 1 85.02 -118.69 -15.98
CA ALA EE 1 84.64 -118.42 -14.60
C ALA EE 1 84.40 -116.93 -14.38
N ASN EE 2 83.20 -116.46 -14.72
CA ASN EE 2 82.88 -115.05 -14.57
C ASN EE 2 82.57 -114.73 -13.10
N LYS EE 3 82.76 -113.47 -12.73
CA LYS EE 3 82.60 -113.07 -11.35
C LYS EE 3 81.14 -113.12 -10.91
N PRO EE 4 80.83 -113.79 -9.81
CA PRO EE 4 79.44 -113.82 -9.33
C PRO EE 4 79.05 -112.51 -8.66
N MET EE 5 77.74 -112.32 -8.48
CA MET EE 5 77.19 -111.17 -7.80
C MET EE 5 76.42 -111.61 -6.56
N GLN EE 6 76.07 -110.64 -5.71
CA GLN EE 6 75.26 -110.80 -4.53
C GLN EE 6 74.13 -109.77 -4.51
N PRO EE 7 73.01 -110.07 -3.86
CA PRO EE 7 71.88 -109.12 -3.86
C PRO EE 7 72.09 -107.93 -2.93
N ILE EE 8 71.93 -106.72 -3.46
CA ILE EE 8 72.02 -105.52 -2.63
C ILE EE 8 70.65 -105.07 -2.13
N THR EE 9 69.58 -105.32 -2.88
CA THR EE 9 68.24 -104.94 -2.48
C THR EE 9 67.29 -106.08 -2.82
N SER EE 10 66.69 -106.67 -1.79
CA SER EE 10 65.79 -107.81 -1.95
C SER EE 10 64.38 -107.39 -1.55
N THR EE 11 63.43 -107.59 -2.45
CA THR EE 11 62.04 -107.26 -2.22
C THR EE 11 61.18 -108.31 -2.91
N ALA EE 12 59.93 -108.43 -2.47
CA ALA EE 12 59.02 -109.41 -3.05
C ALA EE 12 58.74 -109.13 -4.52
N ASN EE 13 59.02 -107.90 -4.98
CA ASN EE 13 58.76 -107.52 -6.35
C ASN EE 13 59.99 -107.08 -7.13
N LYS EE 14 61.15 -106.95 -6.48
CA LYS EE 14 62.36 -106.50 -7.16
C LYS EE 14 63.58 -106.92 -6.38
N ILE EE 15 64.51 -107.60 -7.04
CA ILE EE 15 65.79 -107.97 -6.44
C ILE EE 15 66.89 -107.41 -7.33
N VAL EE 16 67.85 -106.72 -6.72
CA VAL EE 16 68.94 -106.06 -7.43
C VAL EE 16 70.25 -106.73 -7.04
N TRP EE 17 71.01 -107.16 -8.03
CA TRP EE 17 72.32 -107.75 -7.82
C TRP EE 17 73.42 -106.72 -8.11
N SER EE 18 74.61 -106.97 -7.59
CA SER EE 18 75.74 -106.09 -7.81
C SER EE 18 77.05 -106.85 -7.60
N ASP EE 19 78.06 -106.50 -8.38
CA ASP EE 19 79.36 -107.14 -8.25
C ASP EE 19 80.12 -106.54 -7.08
N PRO EE 20 80.65 -107.36 -6.17
CA PRO EE 20 81.44 -106.80 -5.06
C PRO EE 20 82.65 -106.00 -5.51
N THR EE 21 83.31 -106.43 -6.59
CA THR EE 21 84.50 -105.71 -7.05
C THR EE 21 84.13 -104.37 -7.66
N ARG EE 22 83.13 -104.34 -8.54
CA ARG EE 22 82.65 -103.11 -9.17
C ARG EE 22 81.19 -102.90 -8.79
N LEU EE 23 80.92 -101.89 -7.97
CA LEU EE 23 79.56 -101.64 -7.54
C LEU EE 23 78.77 -100.89 -8.61
N SER EE 24 79.44 -100.47 -9.67
CA SER EE 24 78.79 -99.73 -10.75
C SER EE 24 77.85 -100.63 -11.55
N THR EE 25 78.22 -101.89 -11.71
CA THR EE 25 77.42 -102.81 -12.52
C THR EE 25 76.37 -103.49 -11.66
N THR EE 26 75.12 -103.45 -12.12
CA THR EE 26 74.01 -104.06 -11.40
C THR EE 26 73.10 -104.78 -12.37
N PHE EE 27 72.35 -105.76 -11.84
CA PHE EE 27 71.35 -106.50 -12.59
C PHE EE 27 70.12 -106.66 -11.71
N SER EE 28 69.02 -106.05 -12.13
CA SER EE 28 67.80 -106.03 -11.33
C SER EE 28 66.64 -106.62 -12.13
N ALA EE 29 65.82 -107.42 -11.45
CA ALA EE 29 64.66 -108.05 -12.04
C ALA EE 29 63.43 -107.64 -11.25
N SER EE 30 62.40 -107.18 -11.96
CA SER EE 30 61.14 -106.76 -11.35
C SER EE 30 60.00 -107.50 -12.02
N LEU EE 31 59.06 -108.00 -11.21
CA LEU EE 31 57.92 -108.73 -11.72
C LEU EE 31 56.63 -108.02 -11.31
N LEU EE 32 55.70 -107.91 -12.26
CA LEU EE 32 54.39 -107.35 -12.02
C LEU EE 32 53.34 -108.41 -12.33
N ARG EE 33 52.46 -108.68 -11.37
CA ARG EE 33 51.49 -109.75 -11.46
C ARG EE 33 50.08 -109.18 -11.46
N GLN EE 34 49.35 -109.41 -12.53
CA GLN EE 34 47.96 -108.95 -12.65
C GLN EE 34 47.11 -110.07 -13.23
N ARG EE 35 45.82 -110.02 -12.92
CA ARG EE 35 44.85 -110.91 -13.52
C ARG EE 35 44.23 -110.24 -14.74
N VAL EE 36 44.31 -110.90 -15.88
CA VAL EE 36 43.82 -110.35 -17.14
C VAL EE 36 42.48 -110.98 -17.46
N LYS EE 37 41.47 -110.15 -17.69
CA LYS EE 37 40.13 -110.60 -17.99
C LYS EE 37 40.02 -110.82 -19.50
N VAL EE 38 39.98 -112.09 -19.89
CA VAL EE 38 39.78 -112.48 -21.28
C VAL EE 38 38.46 -113.25 -21.35
N GLY EE 39 37.72 -113.04 -22.44
CA GLY EE 39 36.41 -113.62 -22.60
C GLY EE 39 36.33 -115.09 -22.22
N ILE EE 40 35.34 -115.43 -21.41
CA ILE EE 40 35.10 -116.76 -20.85
C ILE EE 40 36.42 -117.41 -20.40
N ALA EE 41 37.28 -116.62 -19.76
CA ALA EE 41 38.54 -117.14 -19.26
C ALA EE 41 39.00 -116.28 -18.08
N GLU EE 42 39.75 -116.87 -17.17
CA GLU EE 42 40.35 -116.16 -16.04
C GLU EE 42 41.81 -116.60 -15.92
N LEU EE 43 42.69 -115.89 -16.60
CA LEU EE 43 44.12 -116.18 -16.62
C LEU EE 43 44.89 -114.94 -16.22
N ASN EE 44 46.04 -115.16 -15.57
CA ASN EE 44 46.82 -114.09 -14.97
C ASN EE 44 48.17 -113.94 -15.67
N ASN EE 45 48.54 -112.70 -15.95
CA ASN EE 45 49.78 -112.42 -16.67
C ASN EE 45 50.89 -112.08 -15.70
N VAL EE 46 52.12 -112.30 -16.13
CA VAL EE 46 53.32 -111.94 -15.37
C VAL EE 46 54.25 -111.19 -16.30
N SER EE 47 54.62 -109.97 -15.94
CA SER EE 47 55.50 -109.13 -16.73
C SER EE 47 56.81 -108.94 -15.97
N GLY EE 48 57.92 -109.33 -16.60
CA GLY EE 48 59.21 -109.23 -15.95
C GLY EE 48 60.16 -108.29 -16.66
N GLN EE 49 60.66 -107.29 -15.93
CA GLN EE 49 61.57 -106.30 -16.47
C GLN EE 49 62.97 -106.58 -15.95
N TYR EE 50 63.86 -107.02 -16.83
CA TYR EE 50 65.24 -107.33 -16.49
C TYR EE 50 66.14 -106.28 -17.14
N VAL EE 51 66.94 -105.60 -16.31
CA VAL EE 51 67.84 -104.55 -16.79
C VAL EE 51 69.25 -104.88 -16.34
N SER EE 52 70.21 -104.66 -17.23
CA SER EE 52 71.63 -104.81 -16.92
C SER EE 52 72.35 -103.53 -17.28
N VAL EE 53 73.14 -103.01 -16.35
CA VAL EE 53 73.88 -101.77 -16.55
C VAL EE 53 75.36 -102.04 -16.29
N TYR EE 54 76.21 -101.39 -17.07
CA TYR EE 54 77.65 -101.46 -16.90
C TYR EE 54 78.25 -100.11 -17.23
N LYS EE 55 79.07 -99.59 -16.33
CA LYS EE 55 79.64 -98.26 -16.48
C LYS EE 55 81.02 -98.37 -17.14
N ARG EE 56 80.99 -98.74 -18.42
CA ARG EE 56 82.22 -99.01 -19.16
C ARG EE 56 83.00 -97.72 -19.38
N PRO EE 57 84.32 -97.76 -19.21
CA PRO EE 57 85.13 -96.57 -19.48
C PRO EE 57 85.11 -96.19 -20.95
N ALA EE 58 85.23 -94.90 -21.20
CA ALA EE 58 85.33 -94.40 -22.56
C ALA EE 58 86.62 -94.90 -23.20
N PRO EE 59 86.67 -95.06 -24.52
CA PRO EE 59 87.85 -95.69 -25.13
C PRO EE 59 89.06 -94.77 -25.03
N LYS EE 60 90.18 -95.35 -24.61
CA LYS EE 60 91.41 -94.61 -24.41
C LYS EE 60 91.92 -94.07 -25.76
N PRO EE 61 92.48 -92.86 -25.77
CA PRO EE 61 93.06 -92.34 -27.02
C PRO EE 61 94.24 -93.18 -27.49
N GLU EE 62 94.55 -93.10 -28.77
CA GLU EE 62 95.49 -94.00 -29.43
C GLU EE 62 96.92 -93.52 -29.19
N GLY EE 63 97.81 -94.46 -28.88
CA GLY EE 63 99.23 -94.20 -28.82
C GLY EE 63 99.73 -93.55 -27.55
N CYS EE 64 98.92 -93.45 -26.51
CA CYS EE 64 99.33 -92.82 -25.27
C CYS EE 64 99.09 -93.78 -24.11
N ALA EE 65 100.15 -94.13 -23.39
CA ALA EE 65 100.05 -94.92 -22.17
C ALA EE 65 100.07 -93.96 -20.99
N ASP EE 66 98.91 -93.38 -20.68
CA ASP EE 66 98.82 -92.42 -19.59
C ASP EE 66 99.13 -93.09 -18.25
N ALA EE 67 99.62 -92.28 -17.31
CA ALA EE 67 100.04 -92.80 -16.02
C ALA EE 67 98.87 -93.45 -15.28
N CYS EE 68 97.73 -92.77 -15.24
CA CYS EE 68 96.55 -93.27 -14.54
C CYS EE 68 95.32 -93.12 -15.42
N VAL EE 69 94.35 -94.02 -15.21
CA VAL EE 69 93.12 -93.96 -15.99
C VAL EE 69 92.28 -92.78 -15.54
N ILE EE 70 91.93 -91.92 -16.50
CA ILE EE 70 91.14 -90.72 -16.23
C ILE EE 70 89.97 -90.68 -17.20
N MET EE 71 89.63 -91.83 -17.75
CA MET EE 71 88.61 -91.89 -18.78
C MET EE 71 87.23 -91.65 -18.15
N PRO EE 72 86.44 -90.72 -18.67
CA PRO EE 72 85.10 -90.49 -18.11
C PRO EE 72 84.09 -91.51 -18.59
N ASN EE 73 84.00 -92.64 -17.88
CA ASN EE 73 83.18 -93.78 -18.24
C ASN EE 73 81.75 -93.44 -18.66
N GLU EE 74 81.18 -94.27 -19.53
CA GLU EE 74 79.85 -94.08 -20.09
C GLU EE 74 78.90 -95.12 -19.53
N ASN EE 75 77.67 -95.10 -20.04
CA ASN EE 75 76.61 -95.98 -19.56
C ASN EE 75 76.25 -96.99 -20.64
N GLN EE 76 76.30 -98.28 -20.30
CA GLN EE 76 75.86 -99.34 -21.19
C GLN EE 76 74.70 -100.06 -20.52
N SER EE 77 73.54 -100.08 -21.19
CA SER EE 77 72.33 -100.62 -20.61
C SER EE 77 71.67 -101.60 -21.58
N ILE EE 78 71.18 -102.71 -21.03
CA ILE EE 78 70.41 -103.70 -21.78
C ILE EE 78 69.16 -104.01 -20.98
N ARG EE 79 67.99 -103.74 -21.56
CA ARG EE 79 66.71 -103.86 -20.87
C ARG EE 79 65.80 -104.80 -21.64
N THR EE 80 65.21 -105.76 -20.94
CA THR EE 80 64.26 -106.69 -21.53
C THR EE 80 63.00 -106.76 -20.69
N VAL EE 81 61.85 -106.85 -21.35
CA VAL EE 81 60.56 -107.04 -20.69
C VAL EE 81 59.90 -108.27 -21.30
N ILE EE 82 59.54 -109.22 -20.44
CA ILE EE 82 58.89 -110.45 -20.86
C ILE EE 82 57.49 -110.47 -20.27
N SER EE 83 56.49 -110.49 -21.15
CA SER EE 83 55.09 -110.43 -20.75
C SER EE 83 54.34 -111.60 -21.34
N GLY EE 84 53.56 -112.29 -20.52
CA GLY EE 84 52.78 -113.41 -20.99
C GLY EE 84 52.12 -114.11 -19.83
N SER EE 85 51.09 -114.89 -20.17
CA SER EE 85 50.35 -115.63 -19.16
C SER EE 85 51.16 -116.81 -18.66
N ALA EE 86 50.98 -117.16 -17.38
CA ALA EE 86 51.72 -118.28 -16.81
C ALA EE 86 51.19 -119.62 -17.32
N GLU EE 87 49.98 -119.64 -17.88
CA GLU EE 87 49.43 -120.88 -18.43
C GLU EE 87 50.25 -121.34 -19.63
N ASN EE 88 50.78 -120.40 -20.41
CA ASN EE 88 51.56 -120.69 -21.60
C ASN EE 88 53.06 -120.50 -21.39
N LEU EE 89 53.58 -120.94 -20.24
CA LEU EE 89 54.99 -120.70 -19.93
C LEU EE 89 55.92 -121.40 -20.93
N ALA EE 90 55.58 -122.61 -21.35
CA ALA EE 90 56.43 -123.32 -22.30
C ALA EE 90 56.53 -122.57 -23.62
N THR EE 91 55.39 -122.09 -24.12
CA THR EE 91 55.37 -121.28 -25.33
C THR EE 91 56.12 -119.96 -25.13
N LEU EE 92 56.01 -119.35 -23.96
CA LEU EE 92 56.75 -118.12 -23.72
C LEU EE 92 58.26 -118.37 -23.72
N LYS EE 93 58.68 -119.53 -23.20
CA LYS EE 93 60.09 -119.88 -23.25
C LYS EE 93 60.56 -120.12 -24.68
N ALA EE 94 59.73 -120.78 -25.49
CA ALA EE 94 60.07 -120.97 -26.90
C ALA EE 94 60.16 -119.63 -27.61
N GLU EE 95 59.24 -118.72 -27.30
CA GLU EE 95 59.29 -117.38 -27.87
C GLU EE 95 60.57 -116.65 -27.45
N TRP EE 96 60.98 -116.83 -26.20
CA TRP EE 96 62.21 -116.22 -25.73
C TRP EE 96 63.42 -116.76 -26.49
N GLU EE 97 63.43 -118.07 -26.74
CA GLU EE 97 64.53 -118.64 -27.52
C GLU EE 97 64.56 -118.09 -28.94
N THR EE 98 63.40 -118.00 -29.58
CA THR EE 98 63.36 -117.46 -30.95
C THR EE 98 63.77 -116.00 -30.97
N HIS EE 99 63.35 -115.23 -29.96
CA HIS EE 99 63.74 -113.83 -29.86
C HIS EE 99 65.24 -113.69 -29.67
N LYS EE 100 65.83 -114.55 -28.85
CA LYS EE 100 67.29 -114.55 -28.70
C LYS EE 100 67.97 -114.83 -30.03
N ARG EE 101 67.45 -115.80 -30.78
CA ARG EE 101 68.05 -116.11 -32.08
C ARG EE 101 67.96 -114.93 -33.03
N ASN EE 102 66.81 -114.28 -33.09
CA ASN EE 102 66.64 -113.15 -34.02
C ASN EE 102 67.51 -111.97 -33.61
N VAL EE 103 67.58 -111.67 -32.32
CA VAL EE 103 68.41 -110.55 -31.86
C VAL EE 103 69.89 -110.85 -32.08
N ASP EE 104 70.29 -112.11 -31.92
CA ASP EE 104 71.65 -112.50 -32.24
C ASP EE 104 71.94 -112.32 -33.72
N THR EE 105 70.97 -112.68 -34.57
CA THR EE 105 71.15 -112.52 -36.01
C THR EE 105 71.31 -111.05 -36.39
N LEU EE 106 70.50 -110.18 -35.81
CA LEU EE 106 70.57 -108.76 -36.16
C LEU EE 106 71.79 -108.08 -35.55
N PHE EE 107 72.11 -108.39 -34.29
CA PHE EE 107 73.07 -107.66 -33.49
C PHE EE 107 74.39 -108.40 -33.30
N ALA EE 108 74.33 -109.64 -32.78
CA ALA EE 108 75.57 -110.36 -32.47
C ALA EE 108 76.37 -110.67 -33.72
N SER EE 109 75.69 -111.09 -34.79
CA SER EE 109 76.37 -111.40 -36.04
C SER EE 109 76.18 -110.33 -37.10
N GLY EE 110 75.34 -109.33 -36.85
CA GLY EE 110 75.09 -108.27 -37.80
C GLY EE 110 75.70 -106.95 -37.37
N ASN EE 111 75.43 -105.91 -38.15
CA ASN EE 111 75.97 -104.58 -37.87
C ASN EE 111 74.89 -103.66 -37.31
N ALA EE 112 73.98 -104.20 -36.50
CA ALA EE 112 72.94 -103.38 -35.90
C ALA EE 112 73.53 -102.43 -34.87
N GLY EE 113 74.63 -102.82 -34.23
CA GLY EE 113 75.25 -101.95 -33.25
C GLY EE 113 75.79 -100.67 -33.86
N LEU EE 114 76.28 -100.73 -35.09
CA LEU EE 114 76.80 -99.54 -35.75
C LEU EE 114 75.68 -98.68 -36.32
N GLY EE 115 74.45 -99.21 -36.37
CA GLY EE 115 73.32 -98.45 -36.84
C GLY EE 115 72.69 -98.94 -38.12
N PHE EE 116 73.05 -100.13 -38.59
CA PHE EE 116 72.51 -100.63 -39.85
C PHE EE 116 71.48 -101.72 -39.61
N LEU EE 117 70.32 -101.58 -40.25
CA LEU EE 117 69.24 -102.57 -40.21
C LEU EE 117 69.18 -103.25 -41.57
N ASP EE 118 69.69 -104.48 -41.62
CA ASP EE 118 69.74 -105.21 -42.88
C ASP EE 118 68.35 -105.73 -43.25
N PRO EE 119 67.80 -105.35 -44.41
CA PRO EE 119 66.49 -105.92 -44.81
C PRO EE 119 66.58 -107.35 -45.29
N THR EE 120 67.77 -107.89 -45.50
CA THR EE 120 67.94 -109.25 -45.98
C THR EE 120 68.33 -110.23 -44.88
N ALA EE 121 68.20 -109.83 -43.60
CA ALA EE 121 68.55 -110.71 -42.51
C ALA EE 121 67.62 -111.91 -42.45
N ALA EE 122 68.16 -113.05 -42.03
CA ALA EE 122 67.38 -114.29 -41.96
C ALA EE 122 66.66 -114.34 -40.62
N ILE EE 123 65.70 -113.44 -40.45
CA ILE EE 123 64.87 -113.42 -39.25
C ILE EE 123 63.79 -114.48 -39.39
N VAL EE 124 63.65 -115.32 -38.36
CA VAL EE 124 62.82 -116.50 -38.45
C VAL EE 124 61.88 -116.54 -37.25
N SER EE 125 60.73 -117.17 -37.44
CA SER EE 125 59.69 -117.19 -36.41
C SER EE 125 59.88 -118.40 -35.49
N SER EE 126 58.95 -118.53 -34.53
CA SER EE 126 59.05 -119.58 -33.53
C SER EE 126 58.40 -120.88 -33.97
N ASP EE 127 57.42 -120.82 -34.86
CA ASP EE 127 56.72 -122.03 -35.29
C ASP EE 127 57.64 -122.91 -36.12
N THR EE 128 57.33 -124.21 -36.14
CA THR EE 128 58.14 -125.20 -36.82
C THR EE 128 57.35 -125.81 -37.98
N THR EE 129 58.08 -126.19 -39.02
CA THR EE 129 57.47 -126.83 -40.18
C THR EE 129 57.41 -128.34 -40.00
N ALA FE 1 -36.92 -116.45 -83.42
CA ALA FE 1 -35.90 -116.79 -82.45
C ALA FE 1 -35.33 -115.55 -81.77
N ASN FE 2 -35.74 -115.32 -80.52
CA ASN FE 2 -35.27 -114.16 -79.78
C ASN FE 2 -33.82 -114.35 -79.34
N LYS FE 3 -33.07 -113.26 -79.35
CA LYS FE 3 -31.66 -113.33 -78.98
C LYS FE 3 -31.52 -113.55 -77.48
N PRO FE 4 -30.79 -114.58 -77.04
CA PRO FE 4 -30.59 -114.78 -75.61
C PRO FE 4 -29.83 -113.61 -74.99
N MET FE 5 -30.14 -113.33 -73.73
CA MET FE 5 -29.58 -112.21 -72.99
C MET FE 5 -28.89 -112.75 -71.74
N GLN FE 6 -27.64 -112.36 -71.53
CA GLN FE 6 -26.85 -112.93 -70.45
C GLN FE 6 -26.54 -111.89 -69.39
N PRO FE 7 -26.42 -112.29 -68.13
CA PRO FE 7 -26.27 -111.30 -67.05
C PRO FE 7 -24.90 -110.65 -67.05
N ILE FE 8 -24.84 -109.44 -66.50
CA ILE FE 8 -23.58 -108.76 -66.25
C ILE FE 8 -23.31 -108.55 -64.76
N THR FE 9 -24.33 -108.28 -63.96
CA THR FE 9 -24.18 -108.13 -62.52
C THR FE 9 -25.11 -109.09 -61.82
N SER FE 10 -24.55 -109.94 -60.97
CA SER FE 10 -25.32 -110.96 -60.26
C SER FE 10 -25.20 -110.74 -58.76
N THR FE 11 -26.35 -110.70 -58.09
CA THR FE 11 -26.42 -110.49 -56.66
C THR FE 11 -27.72 -111.10 -56.17
N ALA FE 12 -27.71 -111.56 -54.91
CA ALA FE 12 -28.90 -112.20 -54.35
C ALA FE 12 -30.08 -111.22 -54.28
N ASN FE 13 -29.80 -109.92 -54.36
CA ASN FE 13 -30.84 -108.91 -54.29
C ASN FE 13 -31.14 -108.25 -55.63
N LYS FE 14 -30.30 -108.45 -56.65
CA LYS FE 14 -30.48 -107.80 -57.94
C LYS FE 14 -29.68 -108.53 -59.00
N ILE FE 15 -30.28 -108.75 -60.17
CA ILE FE 15 -29.60 -109.31 -61.32
C ILE FE 15 -29.92 -108.43 -62.53
N VAL FE 16 -28.89 -108.08 -63.31
CA VAL FE 16 -29.05 -107.23 -64.47
C VAL FE 16 -28.63 -108.03 -65.71
N TRP FE 17 -29.52 -108.10 -66.69
CA TRP FE 17 -29.23 -108.77 -67.96
C TRP FE 17 -29.11 -107.71 -69.06
N SER FE 18 -28.12 -107.88 -69.93
CA SER FE 18 -27.94 -106.99 -71.07
C SER FE 18 -27.62 -107.80 -72.32
N ASP FE 19 -28.10 -107.32 -73.46
CA ASP FE 19 -27.85 -107.99 -74.72
C ASP FE 19 -26.38 -107.85 -75.10
N PRO FE 20 -25.68 -108.94 -75.40
CA PRO FE 20 -24.24 -108.82 -75.73
C PRO FE 20 -23.98 -107.98 -76.96
N THR FE 21 -24.87 -107.99 -77.95
CA THR FE 21 -24.70 -107.16 -79.13
C THR FE 21 -25.02 -105.70 -78.87
N ARG FE 22 -25.95 -105.41 -77.96
CA ARG FE 22 -26.28 -104.03 -77.61
C ARG FE 22 -26.45 -103.91 -76.10
N LEU FE 23 -25.38 -103.51 -75.41
CA LEU FE 23 -25.41 -103.44 -73.95
C LEU FE 23 -26.33 -102.32 -73.46
N SER FE 24 -26.75 -101.43 -74.36
CA SER FE 24 -27.71 -100.40 -74.00
C SER FE 24 -29.06 -100.98 -73.62
N THR FE 25 -29.36 -102.21 -74.03
CA THR FE 25 -30.59 -102.87 -73.63
C THR FE 25 -30.37 -103.59 -72.30
N THR FE 26 -31.18 -103.27 -71.30
CA THR FE 26 -31.01 -103.81 -69.96
C THR FE 26 -32.33 -104.37 -69.45
N PHE FE 27 -32.23 -105.33 -68.53
CA PHE FE 27 -33.38 -105.90 -67.86
C PHE FE 27 -32.94 -106.30 -66.45
N SER FE 28 -33.52 -105.66 -65.45
CA SER FE 28 -33.10 -105.84 -64.06
C SER FE 28 -34.27 -106.29 -63.21
N ALA FE 29 -33.99 -107.21 -62.28
CA ALA FE 29 -34.97 -107.70 -61.32
C ALA FE 29 -34.41 -107.54 -59.92
N SER FE 30 -35.14 -106.81 -59.07
CA SER FE 30 -34.73 -106.56 -57.70
C SER FE 30 -35.84 -107.00 -56.77
N LEU FE 31 -35.50 -107.81 -55.77
CA LEU FE 31 -36.45 -108.29 -54.78
C LEU FE 31 -36.19 -107.63 -53.44
N LEU FE 32 -37.25 -107.15 -52.79
CA LEU FE 32 -37.17 -106.57 -51.46
C LEU FE 32 -38.19 -107.28 -50.58
N ARG FE 33 -37.74 -107.80 -49.44
CA ARG FE 33 -38.55 -108.65 -48.59
C ARG FE 33 -38.67 -108.05 -47.19
N GLN FE 34 -39.90 -108.01 -46.67
CA GLN FE 34 -40.16 -107.58 -45.31
C GLN FE 34 -41.13 -108.54 -44.65
N ARG FE 35 -41.25 -108.43 -43.33
CA ARG FE 35 -42.24 -109.18 -42.56
C ARG FE 35 -43.34 -108.22 -42.13
N VAL FE 36 -44.58 -108.56 -42.45
CA VAL FE 36 -45.73 -107.72 -42.17
C VAL FE 36 -46.72 -108.49 -41.31
N LYS FE 37 -47.15 -107.87 -40.21
CA LYS FE 37 -48.08 -108.49 -39.28
C LYS FE 37 -49.50 -108.12 -39.69
N VAL FE 38 -50.06 -108.91 -40.61
CA VAL FE 38 -51.41 -108.65 -41.10
C VAL FE 38 -52.46 -109.25 -40.18
N GLY FE 39 -52.38 -110.56 -39.96
CA GLY FE 39 -53.38 -111.29 -39.21
C GLY FE 39 -52.83 -111.89 -37.94
N ILE FE 40 -52.06 -111.08 -37.20
CA ILE FE 40 -51.30 -111.44 -36.00
C ILE FE 40 -50.40 -112.63 -36.31
N ALA FE 41 -50.13 -112.86 -37.59
CA ALA FE 41 -49.16 -113.82 -38.06
C ALA FE 41 -48.21 -113.12 -39.01
N GLU FE 42 -46.92 -113.39 -38.88
CA GLU FE 42 -45.90 -112.66 -39.65
C GLU FE 42 -45.85 -113.22 -41.06
N LEU FE 43 -46.56 -112.54 -41.96
CA LEU FE 43 -46.51 -112.89 -43.38
C LEU FE 43 -45.28 -112.27 -44.01
N ASN FE 44 -44.70 -112.98 -44.99
CA ASN FE 44 -43.48 -112.54 -45.67
C ASN FE 44 -43.80 -112.10 -47.10
N ASN FE 45 -43.93 -110.79 -47.27
CA ASN FE 45 -44.20 -110.25 -48.60
C ASN FE 45 -42.91 -110.06 -49.38
N VAL FE 46 -43.03 -110.08 -50.71
CA VAL FE 46 -41.91 -109.85 -51.61
C VAL FE 46 -42.30 -108.77 -52.59
N SER FE 47 -41.50 -107.72 -52.66
CA SER FE 47 -41.74 -106.58 -53.54
C SER FE 47 -40.70 -106.64 -54.65
N GLY FE 48 -41.04 -107.32 -55.75
CA GLY FE 48 -40.13 -107.49 -56.87
C GLY FE 48 -40.33 -106.39 -57.90
N GLN FE 49 -39.23 -105.77 -58.28
CA GLN FE 49 -39.23 -104.68 -59.26
C GLN FE 49 -38.54 -105.17 -60.53
N TYR FE 50 -39.25 -105.12 -61.65
CA TYR FE 50 -38.74 -105.56 -62.95
C TYR FE 50 -38.74 -104.35 -63.88
N VAL FE 51 -37.57 -104.04 -64.44
CA VAL FE 51 -37.39 -102.88 -65.29
C VAL FE 51 -36.77 -103.34 -66.61
N SER FE 52 -37.39 -102.96 -67.71
CA SER FE 52 -36.87 -103.23 -69.04
C SER FE 52 -36.62 -101.91 -69.77
N VAL FE 53 -35.40 -101.74 -70.26
CA VAL FE 53 -34.99 -100.50 -70.90
C VAL FE 53 -34.44 -100.82 -72.29
N TYR FE 54 -34.91 -100.09 -73.28
CA TYR FE 54 -34.44 -100.21 -74.65
C TYR FE 54 -34.31 -98.83 -75.26
N LYS FE 55 -33.07 -98.39 -75.46
CA LYS FE 55 -32.80 -97.07 -76.03
C LYS FE 55 -33.05 -97.14 -77.53
N ARG FE 56 -34.03 -96.38 -78.00
CA ARG FE 56 -34.46 -96.42 -79.38
C ARG FE 56 -33.91 -95.24 -80.17
N PRO FE 57 -33.07 -95.47 -81.17
CA PRO FE 57 -32.72 -94.39 -82.09
C PRO FE 57 -33.89 -94.10 -83.02
N ALA FE 58 -34.53 -92.95 -82.81
CA ALA FE 58 -35.72 -92.57 -83.58
C ALA FE 58 -35.60 -91.14 -84.10
N PRO FE 59 -34.66 -90.89 -85.03
CA PRO FE 59 -34.77 -89.65 -85.81
C PRO FE 59 -36.04 -89.63 -86.65
N LYS FE 60 -36.49 -90.81 -87.08
CA LYS FE 60 -37.71 -91.03 -87.84
C LYS FE 60 -37.76 -90.19 -89.11
N PRO FE 61 -36.83 -90.39 -90.05
CA PRO FE 61 -36.93 -89.70 -91.34
C PRO FE 61 -38.00 -90.36 -92.20
N GLU FE 62 -39.13 -89.68 -92.35
CA GLU FE 62 -40.29 -90.27 -93.00
C GLU FE 62 -40.05 -90.44 -94.49
N GLY FE 63 -39.91 -91.69 -94.91
CA GLY FE 63 -39.80 -92.04 -96.32
C GLY FE 63 -38.42 -92.14 -96.92
N CYS FE 64 -37.44 -91.45 -96.35
CA CYS FE 64 -36.12 -91.41 -96.97
C CYS FE 64 -35.05 -91.73 -95.94
N ALA FE 65 -34.12 -92.58 -96.36
CA ALA FE 65 -32.91 -92.89 -95.60
C ALA FE 65 -31.81 -93.26 -96.58
N ASP FE 66 -30.72 -92.50 -96.54
CA ASP FE 66 -29.67 -92.67 -97.54
C ASP FE 66 -28.37 -93.20 -96.95
N ALA FE 67 -27.91 -92.66 -95.83
CA ALA FE 67 -26.67 -93.08 -95.21
C ALA FE 67 -26.85 -93.04 -93.69
N CYS FE 68 -25.88 -93.57 -92.96
CA CYS FE 68 -25.97 -93.59 -91.50
C CYS FE 68 -25.39 -92.31 -90.93
N VAL FE 69 -26.26 -91.47 -90.38
CA VAL FE 69 -25.89 -90.28 -89.63
C VAL FE 69 -25.97 -90.68 -88.16
N ILE FE 70 -25.41 -89.86 -87.26
CA ILE FE 70 -25.53 -90.14 -85.84
C ILE FE 70 -26.99 -90.26 -85.43
N MET FE 71 -27.31 -91.37 -84.79
CA MET FE 71 -28.65 -91.58 -84.26
C MET FE 71 -28.78 -90.94 -82.88
N PRO FE 72 -29.68 -89.97 -82.71
CA PRO FE 72 -30.05 -89.55 -81.34
C PRO FE 72 -31.04 -90.52 -80.74
N ASN FE 73 -30.89 -90.85 -79.47
CA ASN FE 73 -31.64 -91.94 -78.86
C ASN FE 73 -32.68 -91.40 -77.87
N GLU FE 74 -33.81 -92.10 -77.81
CA GLU FE 74 -34.81 -91.91 -76.77
C GLU FE 74 -34.86 -93.17 -75.92
N ASN FE 75 -35.32 -93.03 -74.67
CA ASN FE 75 -35.37 -94.14 -73.74
C ASN FE 75 -36.80 -94.67 -73.64
N GLN FE 76 -36.96 -95.97 -73.87
CA GLN FE 76 -38.23 -96.66 -73.66
C GLN FE 76 -38.08 -97.53 -72.42
N SER FE 77 -38.88 -97.24 -71.40
CA SER FE 77 -38.79 -97.95 -70.13
C SER FE 77 -40.14 -98.58 -69.79
N ILE FE 78 -40.09 -99.84 -69.35
CA ILE FE 78 -41.26 -100.56 -68.87
C ILE FE 78 -40.93 -101.11 -67.50
N ARG FE 79 -41.54 -100.54 -66.47
CA ARG FE 79 -41.22 -100.87 -65.08
C ARG FE 79 -42.43 -101.50 -64.42
N THR FE 80 -42.22 -102.64 -63.78
CA THR FE 80 -43.28 -103.40 -63.14
C THR FE 80 -42.86 -103.78 -61.73
N VAL FE 81 -43.77 -103.57 -60.77
CA VAL FE 81 -43.55 -103.98 -59.39
C VAL FE 81 -44.73 -104.85 -58.96
N ILE FE 82 -44.42 -105.98 -58.33
CA ILE FE 82 -45.42 -106.92 -57.84
C ILE FE 82 -45.17 -107.12 -56.36
N SER FE 83 -46.20 -106.89 -55.54
CA SER FE 83 -46.09 -106.95 -54.09
C SER FE 83 -47.19 -107.83 -53.55
N GLY FE 84 -46.83 -108.76 -52.66
CA GLY FE 84 -47.81 -109.64 -52.04
C GLY FE 84 -47.16 -110.67 -51.16
N SER FE 85 -47.94 -111.29 -50.28
CA SER FE 85 -47.40 -112.31 -49.39
C SER FE 85 -47.00 -113.55 -50.19
N ALA FE 86 -45.91 -114.19 -49.76
CA ALA FE 86 -45.46 -115.40 -50.43
C ALA FE 86 -46.44 -116.55 -50.20
N GLU FE 87 -47.25 -116.46 -49.14
CA GLU FE 87 -48.18 -117.54 -48.82
C GLU FE 87 -49.40 -117.53 -49.75
N ASN FE 88 -49.57 -116.47 -50.54
CA ASN FE 88 -50.67 -116.35 -51.48
C ASN FE 88 -50.15 -116.26 -52.91
N LEU FE 89 -49.17 -117.11 -53.23
CA LEU FE 89 -48.51 -117.02 -54.53
C LEU FE 89 -49.45 -117.36 -55.67
N ALA FE 90 -50.34 -118.34 -55.48
CA ALA FE 90 -51.26 -118.72 -56.55
C ALA FE 90 -52.22 -117.57 -56.87
N THR FE 91 -52.77 -116.94 -55.83
CA THR FE 91 -53.62 -115.78 -56.05
C THR FE 91 -52.86 -114.63 -56.67
N LEU FE 92 -51.59 -114.42 -56.28
CA LEU FE 92 -50.80 -113.37 -56.88
C LEU FE 92 -50.56 -113.62 -58.36
N LYS FE 93 -50.32 -114.88 -58.73
CA LYS FE 93 -50.13 -115.22 -60.14
C LYS FE 93 -51.41 -115.03 -60.94
N ALA FE 94 -52.56 -115.41 -60.38
CA ALA FE 94 -53.82 -115.16 -61.04
C ALA FE 94 -54.07 -113.67 -61.22
N GLU FE 95 -53.76 -112.88 -60.19
CA GLU FE 95 -53.88 -111.43 -60.30
C GLU FE 95 -52.95 -110.88 -61.36
N TRP FE 96 -51.75 -111.46 -61.49
CA TRP FE 96 -50.81 -111.00 -62.51
C TRP FE 96 -51.35 -111.29 -63.91
N GLU FE 97 -51.94 -112.47 -64.10
CA GLU FE 97 -52.54 -112.78 -65.39
C GLU FE 97 -53.69 -111.82 -65.71
N THR FE 98 -54.53 -111.52 -64.72
CA THR FE 98 -55.61 -110.56 -64.93
C THR FE 98 -55.07 -109.17 -65.26
N HIS FE 99 -53.98 -108.77 -64.59
CA HIS FE 99 -53.35 -107.49 -64.86
C HIS FE 99 -52.82 -107.44 -66.29
N LYS FE 100 -52.19 -108.52 -66.74
CA LYS FE 100 -51.73 -108.59 -68.12
C LYS FE 100 -52.90 -108.42 -69.08
N ARG FE 101 -54.01 -109.11 -68.82
CA ARG FE 101 -55.18 -109.00 -69.70
C ARG FE 101 -55.71 -107.58 -69.74
N ASN FE 102 -55.83 -106.93 -68.59
CA ASN FE 102 -56.37 -105.57 -68.54
C ASN FE 102 -55.44 -104.59 -69.25
N VAL FE 103 -54.13 -104.68 -68.99
CA VAL FE 103 -53.21 -103.74 -69.61
C VAL FE 103 -53.16 -103.97 -71.11
N ASP FE 104 -53.26 -105.22 -71.55
CA ASP FE 104 -53.33 -105.50 -72.98
C ASP FE 104 -54.58 -104.87 -73.59
N THR FE 105 -55.72 -105.00 -72.91
CA THR FE 105 -56.96 -104.42 -73.42
C THR FE 105 -56.84 -102.91 -73.56
N LEU FE 106 -56.23 -102.24 -72.57
CA LEU FE 106 -56.11 -100.80 -72.64
C LEU FE 106 -55.04 -100.32 -73.64
N PHE FE 107 -53.90 -101.02 -73.71
CA PHE FE 107 -52.73 -100.53 -74.41
C PHE FE 107 -52.48 -101.24 -75.73
N ALA FE 108 -52.37 -102.58 -75.69
CA ALA FE 108 -52.00 -103.33 -76.88
C ALA FE 108 -53.08 -103.24 -77.95
N SER FE 109 -54.35 -103.36 -77.55
CA SER FE 109 -55.46 -103.32 -78.48
C SER FE 109 -56.20 -101.99 -78.47
N GLY FE 110 -55.83 -101.07 -77.58
CA GLY FE 110 -56.45 -99.76 -77.52
C GLY FE 110 -55.56 -98.67 -78.09
N ASN FE 111 -55.83 -97.45 -77.65
CA ASN FE 111 -55.04 -96.28 -78.06
C ASN FE 111 -54.43 -95.56 -76.86
N ALA FE 112 -54.20 -96.29 -75.77
CA ALA FE 112 -53.62 -95.68 -74.58
C ALA FE 112 -52.19 -95.24 -74.81
N GLY FE 113 -51.47 -95.92 -75.72
CA GLY FE 113 -50.09 -95.56 -75.97
C GLY FE 113 -49.94 -94.22 -76.67
N LEU FE 114 -51.03 -93.76 -77.30
CA LEU FE 114 -51.00 -92.46 -77.96
C LEU FE 114 -51.54 -91.38 -77.05
N GLY FE 115 -51.93 -91.76 -75.83
CA GLY FE 115 -52.46 -90.78 -74.89
C GLY FE 115 -53.97 -90.69 -74.90
N PHE FE 116 -54.66 -91.81 -74.79
CA PHE FE 116 -56.12 -91.84 -74.81
C PHE FE 116 -56.62 -92.77 -73.73
N LEU FE 117 -57.83 -92.49 -73.23
CA LEU FE 117 -58.52 -93.34 -72.27
C LEU FE 117 -59.88 -93.69 -72.82
N ASP FE 118 -60.23 -94.97 -72.75
CA ASP FE 118 -61.53 -95.43 -73.24
C ASP FE 118 -62.37 -95.88 -72.06
N PRO FE 119 -63.35 -95.10 -71.61
CA PRO FE 119 -64.21 -95.54 -70.50
C PRO FE 119 -65.04 -96.78 -70.83
N THR FE 120 -65.25 -97.10 -72.10
CA THR FE 120 -66.06 -98.23 -72.50
C THR FE 120 -65.24 -99.51 -72.66
N ALA FE 121 -63.96 -99.48 -72.29
CA ALA FE 121 -63.13 -100.67 -72.41
C ALA FE 121 -63.63 -101.77 -71.49
N ALA FE 122 -63.47 -103.02 -71.95
CA ALA FE 122 -63.95 -104.19 -71.20
C ALA FE 122 -62.85 -104.65 -70.24
N ILE FE 123 -62.92 -104.14 -69.02
CA ILE FE 123 -61.99 -104.50 -67.95
C ILE FE 123 -62.63 -105.59 -67.09
N VAL FE 124 -61.85 -106.59 -66.72
CA VAL FE 124 -62.34 -107.73 -65.96
C VAL FE 124 -61.49 -107.90 -64.71
N SER FE 125 -62.08 -108.51 -63.68
CA SER FE 125 -61.40 -108.73 -62.43
C SER FE 125 -60.83 -110.14 -62.36
N SER FE 126 -60.08 -110.40 -61.28
CA SER FE 126 -59.46 -111.71 -61.09
C SER FE 126 -60.47 -112.78 -60.71
N ASP FE 127 -61.52 -112.42 -59.99
CA ASP FE 127 -62.51 -113.40 -59.57
C ASP FE 127 -63.34 -113.89 -60.74
N THR FE 128 -63.89 -115.09 -60.61
CA THR FE 128 -64.72 -115.70 -61.64
C THR FE 128 -66.16 -115.81 -61.16
N THR FE 129 -67.03 -116.18 -62.08
CA THR FE 129 -68.45 -116.33 -61.78
C THR FE 129 -68.81 -117.80 -61.60
N ALA GE 1 -37.37 -138.16 -45.27
CA ALA GE 1 -36.73 -137.15 -46.11
C ALA GE 1 -37.09 -135.75 -45.64
N ASN GE 2 -36.08 -134.99 -45.25
CA ASN GE 2 -36.32 -133.63 -44.76
C ASN GE 2 -36.43 -132.65 -45.93
N LYS GE 3 -37.15 -131.56 -45.70
CA LYS GE 3 -37.34 -130.56 -46.74
C LYS GE 3 -36.05 -129.79 -46.96
N PRO GE 4 -35.58 -129.66 -48.21
CA PRO GE 4 -34.35 -128.92 -48.46
C PRO GE 4 -34.60 -127.41 -48.50
N MET GE 5 -33.51 -126.66 -48.37
CA MET GE 5 -33.53 -125.21 -48.53
C MET GE 5 -32.68 -124.80 -49.73
N GLN GE 6 -32.93 -123.60 -50.21
CA GLN GE 6 -32.12 -122.91 -51.21
C GLN GE 6 -31.65 -121.57 -50.64
N PRO GE 7 -30.45 -121.12 -50.99
CA PRO GE 7 -29.97 -119.84 -50.47
C PRO GE 7 -30.80 -118.68 -50.99
N ILE GE 8 -31.06 -117.72 -50.11
CA ILE GE 8 -31.88 -116.56 -50.44
C ILE GE 8 -31.05 -115.28 -50.48
N THR GE 9 -30.16 -115.09 -49.52
CA THR GE 9 -29.20 -114.01 -49.55
C THR GE 9 -27.80 -114.60 -49.46
N SER GE 10 -26.95 -114.25 -50.42
CA SER GE 10 -25.66 -114.91 -50.57
C SER GE 10 -24.54 -113.88 -50.53
N THR GE 11 -23.63 -114.06 -49.58
CA THR GE 11 -22.39 -113.29 -49.51
C THR GE 11 -21.29 -114.24 -49.04
N ALA GE 12 -20.06 -113.98 -49.48
CA ALA GE 12 -18.95 -114.83 -49.06
C ALA GE 12 -18.74 -114.76 -47.55
N ASN GE 13 -19.05 -113.61 -46.95
CA ASN GE 13 -18.98 -113.50 -45.49
C ASN GE 13 -20.07 -114.31 -44.81
N LYS GE 14 -21.29 -114.31 -45.34
CA LYS GE 14 -22.40 -115.04 -44.73
C LYS GE 14 -23.43 -115.41 -45.78
N ILE GE 15 -23.98 -116.61 -45.65
CA ILE GE 15 -25.06 -117.10 -46.51
C ILE GE 15 -26.20 -117.57 -45.62
N VAL GE 16 -27.42 -117.16 -45.94
CA VAL GE 16 -28.60 -117.54 -45.18
C VAL GE 16 -29.47 -118.44 -46.06
N TRP GE 17 -29.93 -119.54 -45.49
CA TRP GE 17 -30.82 -120.47 -46.16
C TRP GE 17 -32.26 -120.24 -45.69
N SER GE 18 -33.21 -120.69 -46.50
CA SER GE 18 -34.62 -120.53 -46.15
C SER GE 18 -35.44 -121.60 -46.86
N ASP GE 19 -36.52 -122.01 -46.21
CA ASP GE 19 -37.42 -123.01 -46.77
C ASP GE 19 -38.42 -122.33 -47.69
N PRO GE 20 -38.54 -122.75 -48.95
CA PRO GE 20 -39.53 -122.13 -49.84
C PRO GE 20 -40.95 -122.19 -49.31
N THR GE 21 -41.32 -123.25 -48.60
CA THR GE 21 -42.68 -123.37 -48.06
C THR GE 21 -42.86 -122.65 -46.74
N ARG GE 22 -41.81 -122.46 -45.95
CA ARG GE 22 -41.89 -121.73 -44.70
C ARG GE 22 -40.71 -120.77 -44.65
N LEU GE 23 -40.94 -119.52 -45.06
CA LEU GE 23 -39.86 -118.55 -45.13
C LEU GE 23 -39.31 -118.17 -43.76
N SER GE 24 -40.02 -118.51 -42.68
CA SER GE 24 -39.55 -118.18 -41.35
C SER GE 24 -38.47 -119.12 -40.85
N THR GE 25 -38.28 -120.28 -41.48
CA THR GE 25 -37.25 -121.23 -41.11
C THR GE 25 -35.97 -120.88 -41.85
N THR GE 26 -34.93 -120.48 -41.10
CA THR GE 26 -33.70 -120.01 -41.69
C THR GE 26 -32.50 -120.70 -41.04
N PHE GE 27 -31.44 -120.85 -41.83
CA PHE GE 27 -30.16 -121.35 -41.37
C PHE GE 27 -29.07 -120.48 -41.96
N SER GE 28 -28.27 -119.85 -41.11
CA SER GE 28 -27.26 -118.90 -41.53
C SER GE 28 -25.88 -119.34 -41.06
N ALA GE 29 -24.90 -119.17 -41.94
CA ALA GE 29 -23.50 -119.46 -41.63
C ALA GE 29 -22.67 -118.23 -41.98
N SER GE 30 -21.91 -117.73 -41.00
CA SER GE 30 -21.06 -116.56 -41.18
C SER GE 30 -19.65 -116.92 -40.75
N LEU GE 31 -18.66 -116.58 -41.58
CA LEU GE 31 -17.26 -116.85 -41.30
C LEU GE 31 -16.49 -115.54 -41.22
N LEU GE 32 -15.70 -115.39 -40.17
CA LEU GE 32 -14.81 -114.25 -39.99
C LEU GE 32 -13.39 -114.78 -39.86
N ARG GE 33 -12.51 -114.33 -40.75
CA ARG GE 33 -11.14 -114.82 -40.81
C ARG GE 33 -10.16 -113.70 -40.51
N GLN GE 34 -9.19 -114.00 -39.64
CA GLN GE 34 -8.17 -113.04 -39.24
C GLN GE 34 -6.86 -113.78 -39.03
N ARG GE 35 -5.75 -113.08 -39.25
CA ARG GE 35 -4.42 -113.67 -39.10
C ARG GE 35 -3.91 -113.31 -37.71
N VAL GE 36 -4.40 -114.03 -36.70
CA VAL GE 36 -3.97 -113.84 -35.33
C VAL GE 36 -2.75 -114.73 -35.09
N LYS GE 37 -1.56 -114.15 -35.18
CA LYS GE 37 -0.34 -114.94 -35.10
C LYS GE 37 0.18 -115.00 -33.67
N VAL GE 38 0.50 -116.21 -33.23
CA VAL GE 38 1.18 -116.44 -31.95
C VAL GE 38 2.66 -116.18 -32.16
N GLY GE 39 3.42 -116.12 -31.07
CA GLY GE 39 4.84 -115.85 -31.13
C GLY GE 39 5.60 -116.73 -32.10
N ILE GE 40 6.46 -116.11 -32.91
CA ILE GE 40 7.33 -116.74 -33.92
C ILE GE 40 6.57 -117.80 -34.72
N ALA GE 41 5.29 -117.55 -34.99
CA ALA GE 41 4.49 -118.46 -35.80
C ALA GE 41 3.40 -117.67 -36.49
N GLU GE 42 2.87 -118.24 -37.57
CA GLU GE 42 1.77 -117.65 -38.33
C GLU GE 42 0.58 -118.59 -38.28
N LEU GE 43 -0.58 -118.05 -37.90
CA LEU GE 43 -1.79 -118.85 -37.77
C LEU GE 43 -2.97 -118.07 -38.31
N ASN GE 44 -3.83 -118.72 -39.09
CA ASN GE 44 -5.05 -118.14 -39.60
C ASN GE 44 -6.24 -118.85 -38.96
N ASN GE 45 -6.99 -118.11 -38.15
CA ASN GE 45 -8.16 -118.66 -37.45
C ASN GE 45 -9.44 -118.26 -38.18
N VAL GE 46 -10.44 -119.12 -38.08
CA VAL GE 46 -11.72 -118.93 -38.76
C VAL GE 46 -12.81 -119.08 -37.71
N SER GE 47 -13.43 -117.96 -37.33
CA SER GE 47 -14.54 -117.97 -36.39
C SER GE 47 -15.82 -118.24 -37.16
N GLY GE 48 -16.43 -119.40 -36.92
CA GLY GE 48 -17.61 -119.79 -37.65
C GLY GE 48 -18.88 -119.76 -36.83
N GLN GE 49 -19.80 -118.86 -37.17
CA GLN GE 49 -21.06 -118.70 -36.45
C GLN GE 49 -22.19 -119.26 -37.30
N TYR GE 50 -22.95 -120.19 -36.73
CA TYR GE 50 -24.05 -120.85 -37.42
C TYR GE 50 -25.30 -120.67 -36.59
N VAL GE 51 -26.34 -120.10 -37.20
CA VAL GE 51 -27.59 -119.79 -36.51
C VAL GE 51 -28.72 -120.52 -37.20
N SER GE 52 -29.50 -121.27 -36.43
CA SER GE 52 -30.70 -121.93 -36.92
C SER GE 52 -31.92 -121.34 -36.21
N VAL GE 53 -32.88 -120.86 -37.01
CA VAL GE 53 -34.05 -120.16 -36.48
C VAL GE 53 -35.30 -120.89 -36.97
N TYR GE 54 -36.19 -121.20 -36.04
CA TYR GE 54 -37.48 -121.80 -36.34
C TYR GE 54 -38.53 -121.15 -35.48
N LYS GE 55 -39.67 -120.83 -36.07
CA LYS GE 55 -40.80 -120.22 -35.36
C LYS GE 55 -41.89 -121.27 -35.21
N ARG GE 56 -42.05 -121.78 -34.00
CA ARG GE 56 -42.94 -122.90 -33.72
C ARG GE 56 -44.21 -122.40 -33.06
N PRO GE 57 -45.39 -122.89 -33.46
CA PRO GE 57 -46.61 -122.51 -32.77
C PRO GE 57 -46.62 -122.99 -31.33
N ALA GE 58 -47.26 -122.21 -30.47
CA ALA GE 58 -47.36 -122.58 -29.08
C ALA GE 58 -48.17 -123.87 -28.93
N PRO GE 59 -47.88 -124.70 -27.94
CA PRO GE 59 -48.55 -126.00 -27.83
C PRO GE 59 -50.05 -125.87 -27.57
N LYS GE 60 -50.84 -126.65 -28.28
CA LYS GE 60 -52.28 -126.69 -28.10
C LYS GE 60 -52.60 -127.40 -26.78
N PRO GE 61 -53.71 -127.06 -26.12
CA PRO GE 61 -54.08 -127.75 -24.89
C PRO GE 61 -54.26 -129.24 -25.08
N GLU GE 62 -53.86 -130.02 -24.07
CA GLU GE 62 -53.77 -131.47 -24.24
C GLU GE 62 -55.14 -132.08 -24.53
N GLY GE 63 -56.18 -131.62 -23.85
CA GLY GE 63 -57.50 -132.16 -24.07
C GLY GE 63 -58.28 -131.39 -25.12
N CYS GE 64 -57.72 -131.28 -26.33
CA CYS GE 64 -58.34 -130.52 -27.41
C CYS GE 64 -58.46 -131.38 -28.66
N ALA GE 65 -59.62 -131.30 -29.31
CA ALA GE 65 -59.85 -131.96 -30.58
C ALA GE 65 -60.27 -131.00 -31.69
N ASP GE 66 -60.16 -129.69 -31.45
CA ASP GE 66 -60.60 -128.72 -32.45
C ASP GE 66 -59.71 -128.80 -33.68
N ALA GE 67 -60.31 -128.50 -34.84
CA ALA GE 67 -59.61 -128.64 -36.11
C ALA GE 67 -58.59 -127.53 -36.32
N CYS GE 68 -59.04 -126.27 -36.33
CA CYS GE 68 -58.18 -125.15 -36.67
C CYS GE 68 -58.33 -124.03 -35.66
N VAL GE 69 -57.46 -124.04 -34.65
CA VAL GE 69 -57.23 -122.88 -33.79
C VAL GE 69 -55.72 -122.62 -33.76
N ILE GE 70 -55.33 -121.41 -34.13
CA ILE GE 70 -53.92 -121.11 -34.37
C ILE GE 70 -53.39 -120.29 -33.20
N MET GE 71 -52.23 -120.70 -32.67
CA MET GE 71 -51.56 -119.99 -31.59
C MET GE 71 -50.38 -119.22 -32.17
N PRO GE 72 -50.00 -118.09 -31.57
CA PRO GE 72 -48.87 -117.32 -32.09
C PRO GE 72 -47.56 -118.08 -31.94
N ASN GE 73 -46.64 -117.77 -32.86
CA ASN GE 73 -45.39 -118.48 -32.94
C ASN GE 73 -44.42 -118.04 -31.84
N GLU GE 74 -43.51 -118.93 -31.49
CA GLU GE 74 -42.45 -118.66 -30.52
C GLU GE 74 -41.11 -118.79 -31.22
N ASN GE 75 -40.10 -118.11 -30.69
CA ASN GE 75 -38.79 -118.10 -31.33
C ASN GE 75 -37.93 -119.22 -30.78
N GLN GE 76 -37.48 -120.11 -31.65
CA GLN GE 76 -36.54 -121.17 -31.32
C GLN GE 76 -35.25 -120.91 -32.08
N SER GE 77 -34.14 -120.78 -31.36
CA SER GE 77 -32.85 -120.45 -31.96
C SER GE 77 -31.77 -121.35 -31.39
N ILE GE 78 -30.88 -121.83 -32.28
CA ILE GE 78 -29.70 -122.58 -31.90
C ILE GE 78 -28.51 -121.96 -32.62
N ARG GE 79 -27.53 -121.50 -31.85
CA ARG GE 79 -26.40 -120.76 -32.38
C ARG GE 79 -25.11 -121.36 -31.88
N THR GE 80 -24.21 -121.71 -32.81
CA THR GE 80 -22.92 -122.28 -32.48
C THR GE 80 -21.81 -121.45 -33.09
N VAL GE 81 -20.75 -121.22 -32.32
CA VAL GE 81 -19.58 -120.47 -32.78
C VAL GE 81 -18.37 -121.38 -32.61
N ILE GE 82 -17.63 -121.58 -33.71
CA ILE GE 82 -16.44 -122.42 -33.71
C ILE GE 82 -15.24 -121.53 -34.06
N SER GE 83 -14.25 -121.51 -33.18
CA SER GE 83 -13.06 -120.69 -33.36
C SER GE 83 -11.83 -121.57 -33.28
N GLY GE 84 -10.93 -121.43 -34.24
CA GLY GE 84 -9.70 -122.20 -34.26
C GLY GE 84 -8.88 -121.95 -35.51
N SER GE 85 -7.58 -122.26 -35.43
CA SER GE 85 -6.70 -122.05 -36.58
C SER GE 85 -6.97 -123.10 -37.64
N ALA GE 86 -6.66 -122.75 -38.90
CA ALA GE 86 -6.87 -123.68 -40.00
C ALA GE 86 -5.90 -124.86 -39.93
N GLU GE 87 -4.76 -124.67 -39.25
CA GLU GE 87 -3.77 -125.73 -39.16
C GLU GE 87 -4.27 -126.91 -38.33
N ASN GE 88 -5.09 -126.63 -37.32
CA ASN GE 88 -5.59 -127.64 -36.39
C ASN GE 88 -7.00 -128.10 -36.71
N LEU GE 89 -7.34 -128.23 -38.00
CA LEU GE 89 -8.70 -128.52 -38.39
C LEU GE 89 -9.14 -129.91 -37.92
N ALA GE 90 -8.25 -130.90 -38.00
CA ALA GE 90 -8.63 -132.26 -37.58
C ALA GE 90 -8.92 -132.31 -36.08
N THR GE 91 -8.06 -131.68 -35.28
CA THR GE 91 -8.31 -131.62 -33.85
C THR GE 91 -9.56 -130.80 -33.52
N LEU GE 92 -9.83 -129.76 -34.30
CA LEU GE 92 -11.06 -129.00 -34.11
C LEU GE 92 -12.28 -129.86 -34.41
N LYS GE 93 -12.20 -130.72 -35.42
CA LYS GE 93 -13.31 -131.62 -35.72
C LYS GE 93 -13.51 -132.65 -34.61
N ALA GE 94 -12.41 -133.16 -34.05
CA ALA GE 94 -12.52 -134.05 -32.91
C ALA GE 94 -13.17 -133.36 -31.72
N GLU GE 95 -12.76 -132.11 -31.46
CA GLU GE 95 -13.38 -131.33 -30.39
C GLU GE 95 -14.86 -131.11 -30.68
N TRP GE 96 -15.23 -130.94 -31.95
CA TRP GE 96 -16.63 -130.75 -32.31
C TRP GE 96 -17.44 -132.01 -32.03
N GLU GE 97 -16.87 -133.17 -32.32
CA GLU GE 97 -17.56 -134.44 -32.01
C GLU GE 97 -17.74 -134.59 -30.51
N THR GE 98 -16.69 -134.31 -29.73
CA THR GE 98 -16.81 -134.41 -28.28
C THR GE 98 -17.82 -133.41 -27.74
N HIS GE 99 -17.86 -132.21 -28.33
CA HIS GE 99 -18.84 -131.21 -27.92
C HIS GE 99 -20.26 -131.68 -28.23
N LYS GE 100 -20.47 -132.30 -29.38
CA LYS GE 100 -21.76 -132.91 -29.68
C LYS GE 100 -22.14 -133.90 -28.59
N ARG GE 101 -21.22 -134.79 -28.23
CA ARG GE 101 -21.55 -135.83 -27.27
C ARG GE 101 -21.90 -135.23 -25.91
N ASN GE 102 -21.14 -134.23 -25.48
CA ASN GE 102 -21.40 -133.60 -24.19
C ASN GE 102 -22.73 -132.85 -24.19
N VAL GE 103 -23.01 -132.07 -25.22
CA VAL GE 103 -24.27 -131.34 -25.28
C VAL GE 103 -25.44 -132.32 -25.35
N ASP GE 104 -25.25 -133.43 -26.05
CA ASP GE 104 -26.31 -134.44 -26.11
C ASP GE 104 -26.57 -135.05 -24.75
N THR GE 105 -25.51 -135.42 -24.02
CA THR GE 105 -25.71 -136.08 -22.74
C THR GE 105 -26.28 -135.11 -21.69
N LEU GE 106 -26.07 -133.81 -21.88
CA LEU GE 106 -26.71 -132.85 -20.99
C LEU GE 106 -28.16 -132.54 -21.39
N PHE GE 107 -28.44 -132.44 -22.69
CA PHE GE 107 -29.68 -131.85 -23.17
C PHE GE 107 -30.62 -132.87 -23.81
N ALA GE 108 -30.12 -133.64 -24.78
CA ALA GE 108 -30.98 -134.57 -25.50
C ALA GE 108 -31.50 -135.67 -24.57
N SER GE 109 -30.64 -136.17 -23.68
CA SER GE 109 -31.03 -137.23 -22.75
C SER GE 109 -31.22 -136.75 -21.33
N GLY GE 110 -30.91 -135.48 -21.04
CA GLY GE 110 -31.05 -134.95 -19.70
C GLY GE 110 -32.28 -134.08 -19.55
N ASN GE 111 -32.21 -133.17 -18.57
CA ASN GE 111 -33.30 -132.24 -18.28
C ASN GE 111 -32.84 -130.79 -18.38
N ALA GE 112 -31.70 -130.55 -19.03
CA ALA GE 112 -31.22 -129.18 -19.20
C ALA GE 112 -32.19 -128.36 -20.04
N GLY GE 113 -32.93 -129.00 -20.94
CA GLY GE 113 -33.95 -128.30 -21.70
C GLY GE 113 -35.07 -127.77 -20.84
N LEU GE 114 -35.50 -128.53 -19.84
CA LEU GE 114 -36.51 -128.07 -18.89
C LEU GE 114 -35.92 -127.16 -17.83
N GLY GE 115 -34.61 -127.17 -17.64
CA GLY GE 115 -33.97 -126.23 -16.75
C GLY GE 115 -33.32 -126.82 -15.52
N PHE GE 116 -32.94 -128.09 -15.55
CA PHE GE 116 -32.27 -128.74 -14.43
C PHE GE 116 -30.88 -129.20 -14.87
N LEU GE 117 -29.88 -128.92 -14.05
CA LEU GE 117 -28.51 -129.35 -14.30
C LEU GE 117 -28.14 -130.47 -13.33
N ASP GE 118 -27.57 -131.54 -13.87
CA ASP GE 118 -27.19 -132.70 -13.06
C ASP GE 118 -25.67 -132.72 -12.91
N PRO GE 119 -25.13 -132.45 -11.72
CA PRO GE 119 -23.66 -132.52 -11.54
C PRO GE 119 -23.10 -133.93 -11.68
N THR GE 120 -23.95 -134.96 -11.73
CA THR GE 120 -23.51 -136.34 -11.89
C THR GE 120 -23.51 -136.78 -13.35
N ALA GE 121 -23.72 -135.86 -14.29
CA ALA GE 121 -23.72 -136.21 -15.71
C ALA GE 121 -22.35 -136.71 -16.14
N ALA GE 122 -22.34 -137.65 -17.07
CA ALA GE 122 -21.11 -138.28 -17.54
C ALA GE 122 -20.51 -137.45 -18.66
N ILE GE 123 -19.95 -136.30 -18.30
CA ILE GE 123 -19.24 -135.45 -19.25
C ILE GE 123 -17.86 -136.04 -19.48
N VAL GE 124 -17.47 -136.17 -20.76
CA VAL GE 124 -16.26 -136.87 -21.13
C VAL GE 124 -15.48 -136.01 -22.11
N SER GE 125 -14.16 -136.23 -22.14
CA SER GE 125 -13.26 -135.38 -22.91
C SER GE 125 -12.93 -136.01 -24.26
N SER GE 126 -12.22 -135.22 -25.08
CA SER GE 126 -11.87 -135.68 -26.43
C SER GE 126 -10.74 -136.67 -26.44
N ASP GE 127 -9.75 -136.52 -25.57
CA ASP GE 127 -8.58 -137.39 -25.58
C ASP GE 127 -8.96 -138.82 -25.20
N THR GE 128 -8.22 -139.77 -25.77
CA THR GE 128 -8.44 -141.18 -25.53
C THR GE 128 -7.33 -141.75 -24.65
N THR GE 129 -7.68 -142.80 -23.91
CA THR GE 129 -6.72 -143.45 -23.03
C THR GE 129 -5.90 -144.50 -23.79
N ALA HE 1 -2.81 -132.43 -62.97
CA ALA HE 1 -3.98 -132.19 -62.13
C ALA HE 1 -3.69 -131.10 -61.09
N ASN HE 2 -3.92 -129.86 -61.46
CA ASN HE 2 -3.66 -128.74 -60.57
C ASN HE 2 -4.73 -128.66 -59.49
N LYS HE 3 -4.37 -128.06 -58.36
CA LYS HE 3 -5.31 -127.93 -57.25
C LYS HE 3 -6.30 -126.80 -57.51
N PRO HE 4 -7.60 -127.07 -57.51
CA PRO HE 4 -8.58 -126.00 -57.70
C PRO HE 4 -8.70 -125.13 -56.45
N MET HE 5 -9.25 -123.92 -56.65
CA MET HE 5 -9.58 -123.03 -55.56
C MET HE 5 -11.07 -122.88 -55.39
N GLN HE 6 -11.47 -122.28 -54.28
CA GLN HE 6 -12.84 -121.89 -53.98
C GLN HE 6 -12.86 -120.41 -53.58
N PRO HE 7 -13.96 -119.71 -53.87
CA PRO HE 7 -14.00 -118.26 -53.60
C PRO HE 7 -14.06 -117.93 -52.12
N ILE HE 8 -13.16 -117.04 -51.67
CA ILE HE 8 -13.21 -116.55 -50.29
C ILE HE 8 -13.97 -115.24 -50.17
N THR HE 9 -13.97 -114.41 -51.22
CA THR HE 9 -14.68 -113.15 -51.22
C THR HE 9 -15.44 -113.04 -52.53
N SER HE 10 -16.76 -112.96 -52.46
CA SER HE 10 -17.61 -112.88 -53.64
C SER HE 10 -18.36 -111.56 -53.61
N THR HE 11 -18.25 -110.80 -54.69
CA THR HE 11 -18.87 -109.50 -54.82
C THR HE 11 -19.19 -109.26 -56.29
N ALA HE 12 -20.19 -108.40 -56.54
CA ALA HE 12 -20.60 -108.13 -57.91
C ALA HE 12 -19.48 -107.51 -58.73
N ASN HE 13 -18.46 -106.95 -58.07
CA ASN HE 13 -17.35 -106.32 -58.76
C ASN HE 13 -16.00 -106.96 -58.48
N LYS HE 14 -15.92 -107.99 -57.63
CA LYS HE 14 -14.64 -108.59 -57.28
C LYS HE 14 -14.87 -109.97 -56.71
N ILE HE 15 -14.13 -110.96 -57.22
CA ILE HE 15 -14.14 -112.31 -56.69
C ILE HE 15 -12.70 -112.73 -56.43
N VAL HE 16 -12.45 -113.28 -55.24
CA VAL HE 16 -11.12 -113.71 -54.83
C VAL HE 16 -11.17 -115.20 -54.52
N TRP HE 17 -10.25 -115.95 -55.11
CA TRP HE 17 -10.11 -117.38 -54.85
C TRP HE 17 -8.93 -117.62 -53.93
N SER HE 18 -8.91 -118.80 -53.30
CA SER HE 18 -7.81 -119.16 -52.41
C SER HE 18 -7.76 -120.68 -52.26
N ASP HE 19 -6.54 -121.22 -52.27
CA ASP HE 19 -6.37 -122.66 -52.18
C ASP HE 19 -6.66 -123.15 -50.77
N PRO HE 20 -7.49 -124.18 -50.61
CA PRO HE 20 -7.73 -124.72 -49.26
C PRO HE 20 -6.47 -125.18 -48.55
N THR HE 21 -5.52 -125.77 -49.29
CA THR HE 21 -4.30 -126.25 -48.66
C THR HE 21 -3.39 -125.09 -48.26
N ARG HE 22 -3.22 -124.11 -49.14
CA ARG HE 22 -2.38 -122.94 -48.86
C ARG HE 22 -3.22 -121.69 -49.02
N LEU HE 23 -3.49 -121.00 -47.91
CA LEU HE 23 -4.36 -119.83 -47.95
C LEU HE 23 -3.64 -118.62 -48.53
N SER HE 24 -2.31 -118.68 -48.61
CA SER HE 24 -1.53 -117.56 -49.11
C SER HE 24 -1.71 -117.36 -50.60
N THR HE 25 -1.97 -118.45 -51.33
CA THR HE 25 -2.09 -118.39 -52.78
C THR HE 25 -3.50 -117.98 -53.16
N THR HE 26 -3.65 -116.77 -53.70
CA THR HE 26 -4.95 -116.24 -54.06
C THR HE 26 -4.93 -115.69 -55.48
N PHE HE 27 -6.11 -115.71 -56.11
CA PHE HE 27 -6.31 -115.16 -57.44
C PHE HE 27 -7.56 -114.29 -57.42
N SER HE 28 -7.39 -113.01 -57.76
CA SER HE 28 -8.46 -112.03 -57.67
C SER HE 28 -8.74 -111.41 -59.02
N ALA HE 29 -10.02 -111.23 -59.32
CA ALA HE 29 -10.47 -110.61 -60.56
C ALA HE 29 -11.42 -109.47 -60.22
N SER HE 30 -11.13 -108.27 -60.71
CA SER HE 30 -11.95 -107.09 -60.46
C SER HE 30 -12.31 -106.45 -61.79
N LEU HE 31 -13.58 -106.11 -61.95
CA LEU HE 31 -14.07 -105.48 -63.18
C LEU HE 31 -14.65 -104.11 -62.87
N LEU HE 32 -14.28 -103.13 -63.68
CA LEU HE 32 -14.82 -101.78 -63.58
C LEU HE 32 -15.48 -101.43 -64.91
N ARG HE 33 -16.75 -101.03 -64.84
CA ARG HE 33 -17.57 -100.78 -66.02
C ARG HE 33 -17.94 -99.31 -66.10
N GLN HE 34 -17.58 -98.67 -67.21
CA GLN HE 34 -17.89 -97.27 -67.43
C GLN HE 34 -18.34 -97.07 -68.87
N ARG HE 35 -19.17 -96.05 -69.07
CA ARG HE 35 -19.55 -95.64 -70.42
C ARG HE 35 -18.58 -94.58 -70.91
N VAL HE 36 -17.99 -94.81 -72.09
CA VAL HE 36 -16.98 -93.92 -72.66
C VAL HE 36 -17.65 -93.10 -73.75
N LYS HE 37 -17.51 -91.78 -73.66
CA LYS HE 37 -18.06 -90.86 -74.63
C LYS HE 37 -17.08 -90.70 -75.78
N VAL HE 38 -17.37 -91.36 -76.90
CA VAL HE 38 -16.57 -91.26 -78.12
C VAL HE 38 -17.43 -90.56 -79.17
N GLY HE 39 -16.80 -89.65 -79.90
CA GLY HE 39 -17.49 -88.85 -80.90
C GLY HE 39 -18.49 -89.62 -81.73
N ILE HE 40 -19.71 -89.07 -81.84
CA ILE HE 40 -20.86 -89.67 -82.52
C ILE HE 40 -20.96 -91.17 -82.24
N ALA HE 41 -20.72 -91.57 -80.99
CA ALA HE 41 -20.83 -92.96 -80.59
C ALA HE 41 -21.10 -93.03 -79.10
N GLU HE 42 -21.70 -94.13 -78.67
CA GLU HE 42 -21.95 -94.41 -77.26
C GLU HE 42 -21.56 -95.86 -76.98
N LEU HE 43 -20.30 -96.08 -76.61
CA LEU HE 43 -19.78 -97.39 -76.29
C LEU HE 43 -19.22 -97.40 -74.88
N ASN HE 44 -19.35 -98.55 -74.22
CA ASN HE 44 -18.99 -98.70 -72.82
C ASN HE 44 -17.77 -99.61 -72.66
N ASN HE 45 -16.79 -99.14 -71.89
CA ASN HE 45 -15.57 -99.91 -71.67
C ASN HE 45 -15.71 -100.78 -70.43
N VAL HE 46 -14.99 -101.91 -70.43
CA VAL HE 46 -14.90 -102.79 -69.29
C VAL HE 46 -13.42 -103.02 -69.00
N SER HE 47 -12.96 -102.58 -67.83
CA SER HE 47 -11.57 -102.72 -67.43
C SER HE 47 -11.47 -103.82 -66.39
N GLY HE 48 -10.67 -104.84 -66.66
CA GLY HE 48 -10.53 -105.96 -65.76
C GLY HE 48 -9.14 -106.14 -65.22
N GLN HE 49 -9.02 -106.29 -63.90
CA GLN HE 49 -7.74 -106.45 -63.24
C GLN HE 49 -7.67 -107.85 -62.64
N TYR HE 50 -6.62 -108.59 -63.00
CA TYR HE 50 -6.41 -109.95 -62.51
C TYR HE 50 -5.07 -110.00 -61.78
N VAL HE 51 -5.09 -110.51 -60.56
CA VAL HE 51 -3.91 -110.55 -59.70
C VAL HE 51 -3.71 -111.97 -59.20
N SER HE 52 -2.51 -112.51 -59.39
CA SER HE 52 -2.12 -113.81 -58.86
C SER HE 52 -0.92 -113.63 -57.94
N VAL HE 53 -1.00 -114.17 -56.73
CA VAL HE 53 0.06 -114.05 -55.75
C VAL HE 53 0.40 -115.43 -55.20
N TYR HE 54 1.69 -115.70 -55.01
CA TYR HE 54 2.17 -116.92 -54.39
C TYR HE 54 3.26 -116.55 -53.40
N LYS HE 55 3.14 -117.08 -52.19
CA LYS HE 55 4.09 -116.76 -51.12
C LYS HE 55 5.13 -117.87 -51.02
N ARG HE 56 5.90 -118.01 -52.10
CA ARG HE 56 6.87 -119.08 -52.21
C ARG HE 56 8.04 -118.89 -51.24
N PRO HE 57 8.53 -119.96 -50.62
CA PRO HE 57 9.68 -119.83 -49.72
C PRO HE 57 10.95 -119.43 -50.46
N ALA HE 58 11.81 -118.71 -49.75
CA ALA HE 58 13.11 -118.36 -50.27
C ALA HE 58 13.94 -119.63 -50.48
N PRO HE 59 14.90 -119.63 -51.41
CA PRO HE 59 15.55 -120.89 -51.77
C PRO HE 59 16.46 -121.41 -50.66
N LYS HE 60 16.36 -122.71 -50.42
CA LYS HE 60 17.10 -123.35 -49.34
C LYS HE 60 18.60 -123.27 -49.59
N PRO HE 61 19.40 -123.04 -48.55
CA PRO HE 61 20.86 -123.02 -48.73
C PRO HE 61 21.39 -124.37 -49.17
N GLU HE 62 22.57 -124.38 -49.79
CA GLU HE 62 23.10 -125.55 -50.47
C GLU HE 62 23.75 -126.48 -49.47
N GLY HE 63 23.51 -127.78 -49.65
CA GLY HE 63 24.21 -128.81 -48.91
C GLY HE 63 23.73 -129.05 -47.50
N CYS HE 64 22.62 -128.46 -47.08
CA CYS HE 64 22.11 -128.64 -45.72
C CYS HE 64 20.67 -129.11 -45.79
N ALA HE 65 20.43 -130.33 -45.33
CA ALA HE 65 19.08 -130.86 -45.17
C ALA HE 65 18.61 -130.56 -43.75
N ASP HE 66 18.13 -129.33 -43.53
CA ASP HE 66 17.73 -128.91 -42.19
C ASP HE 66 16.53 -129.73 -41.71
N ALA HE 67 16.46 -129.89 -40.39
CA ALA HE 67 15.40 -130.71 -39.80
C ALA HE 67 14.02 -130.14 -40.10
N CYS HE 68 13.87 -128.82 -39.96
CA CYS HE 68 12.58 -128.17 -40.17
C CYS HE 68 12.76 -126.95 -41.05
N VAL HE 69 11.75 -126.68 -41.89
CA VAL HE 69 11.81 -125.53 -42.79
C VAL HE 69 11.55 -124.26 -42.01
N ILE HE 70 12.46 -123.30 -42.14
CA ILE HE 70 12.38 -122.04 -41.42
C ILE HE 70 12.63 -120.89 -42.39
N MET HE 71 12.47 -121.16 -43.68
CA MET HE 71 12.86 -120.18 -44.69
C MET HE 71 11.90 -118.99 -44.65
N PRO HE 72 12.40 -117.76 -44.72
CA PRO HE 72 11.51 -116.59 -44.71
C PRO HE 72 10.93 -116.31 -46.09
N ASN HE 73 9.80 -116.95 -46.41
CA ASN HE 73 9.18 -116.91 -47.72
C ASN HE 73 9.02 -115.52 -48.33
N GLU HE 74 8.97 -115.45 -49.65
CA GLU HE 74 8.96 -114.22 -50.41
C GLU HE 74 7.58 -113.98 -51.01
N ASN HE 75 7.48 -112.92 -51.82
CA ASN HE 75 6.23 -112.59 -52.49
C ASN HE 75 6.43 -112.68 -54.00
N GLN HE 76 5.60 -113.47 -54.67
CA GLN HE 76 5.58 -113.57 -56.12
C GLN HE 76 4.22 -113.14 -56.62
N SER HE 77 4.18 -112.13 -57.48
CA SER HE 77 2.93 -111.52 -57.92
C SER HE 77 2.92 -111.32 -59.42
N ILE HE 78 1.76 -111.57 -60.04
CA ILE HE 78 1.52 -111.30 -61.45
C ILE HE 78 0.21 -110.54 -61.54
N ARG HE 79 0.22 -109.38 -62.17
CA ARG HE 79 -0.93 -108.50 -62.26
C ARG HE 79 -1.18 -108.14 -63.72
N THR HE 80 -2.40 -108.34 -64.18
CA THR HE 80 -2.78 -108.10 -65.57
C THR HE 80 -4.04 -107.25 -65.62
N VAL HE 81 -4.02 -106.22 -66.47
CA VAL HE 81 -5.15 -105.32 -66.66
C VAL HE 81 -5.51 -105.31 -68.13
N ILE HE 82 -6.76 -105.64 -68.43
CA ILE HE 82 -7.27 -105.66 -69.80
C ILE HE 82 -8.40 -104.64 -69.89
N SER HE 83 -8.25 -103.68 -70.80
CA SER HE 83 -9.20 -102.59 -70.95
C SER HE 83 -9.57 -102.45 -72.41
N GLY HE 84 -10.87 -102.31 -72.69
CA GLY HE 84 -11.33 -102.14 -74.04
C GLY HE 84 -12.85 -102.15 -74.08
N SER HE 85 -13.37 -101.75 -75.24
CA SER HE 85 -14.81 -101.71 -75.43
C SER HE 85 -15.37 -103.11 -75.59
N ALA HE 86 -16.57 -103.34 -75.07
CA ALA HE 86 -17.18 -104.66 -75.19
C ALA HE 86 -17.64 -104.95 -76.61
N GLU HE 87 -17.80 -103.91 -77.43
CA GLU HE 87 -18.21 -104.12 -78.81
C GLU HE 87 -17.13 -104.84 -79.61
N ASN HE 88 -15.87 -104.56 -79.30
CA ASN HE 88 -14.73 -105.14 -80.00
C ASN HE 88 -14.10 -106.30 -79.23
N LEU HE 89 -14.93 -107.14 -78.61
CA LEU HE 89 -14.41 -108.19 -77.73
C LEU HE 89 -13.58 -109.21 -78.49
N ALA HE 90 -13.95 -109.51 -79.74
CA ALA HE 90 -13.16 -110.46 -80.53
C ALA HE 90 -11.76 -109.90 -80.78
N THR HE 91 -11.68 -108.63 -81.15
CA THR HE 91 -10.37 -107.99 -81.31
C THR HE 91 -9.61 -107.94 -80.00
N LEU HE 92 -10.29 -107.71 -78.88
CA LEU HE 92 -9.61 -107.71 -77.59
C LEU HE 92 -9.03 -109.09 -77.27
N LYS HE 93 -9.77 -110.14 -77.61
CA LYS HE 93 -9.25 -111.50 -77.39
C LYS HE 93 -8.05 -111.78 -78.30
N ALA HE 94 -8.10 -111.32 -79.55
CA ALA HE 94 -6.94 -111.48 -80.43
C ALA HE 94 -5.73 -110.73 -79.88
N GLU HE 95 -5.96 -109.51 -79.36
CA GLU HE 95 -4.89 -108.75 -78.73
C GLU HE 95 -4.34 -109.49 -77.51
N TRP HE 96 -5.22 -110.13 -76.74
CA TRP HE 96 -4.79 -110.91 -75.59
C TRP HE 96 -3.88 -112.06 -76.02
N GLU HE 97 -4.27 -112.76 -77.09
CA GLU HE 97 -3.43 -113.85 -77.58
C GLU HE 97 -2.07 -113.35 -78.05
N THR HE 98 -2.06 -112.24 -78.79
CA THR HE 98 -0.80 -111.67 -79.26
C THR HE 98 0.07 -111.21 -78.09
N HIS HE 99 -0.53 -110.61 -77.08
CA HIS HE 99 0.20 -110.18 -75.90
C HIS HE 99 0.79 -111.38 -75.16
N LYS HE 100 0.01 -112.46 -75.03
CA LYS HE 100 0.54 -113.66 -74.41
C LYS HE 100 1.75 -114.18 -75.18
N ARG HE 101 1.66 -114.21 -76.51
CA ARG HE 101 2.77 -114.69 -77.32
C ARG HE 101 4.00 -113.81 -77.13
N ASN HE 102 3.82 -112.49 -77.11
CA ASN HE 102 4.95 -111.59 -76.95
C ASN HE 102 5.61 -111.74 -75.58
N VAL HE 103 4.80 -111.83 -74.52
CA VAL HE 103 5.36 -112.00 -73.18
C VAL HE 103 6.05 -113.36 -73.06
N ASP HE 104 5.53 -114.38 -73.73
CA ASP HE 104 6.20 -115.67 -73.75
C ASP HE 104 7.55 -115.56 -74.45
N THR HE 105 7.60 -114.82 -75.55
CA THR HE 105 8.86 -114.65 -76.28
C THR HE 105 9.90 -113.92 -75.42
N LEU HE 106 9.49 -112.85 -74.74
CA LEU HE 106 10.46 -112.07 -73.96
C LEU HE 106 10.86 -112.79 -72.67
N PHE HE 107 9.88 -113.36 -71.97
CA PHE HE 107 10.05 -113.85 -70.61
C PHE HE 107 10.12 -115.37 -70.50
N ALA HE 108 9.12 -116.07 -71.04
CA ALA HE 108 9.06 -117.52 -70.88
C ALA HE 108 10.23 -118.20 -71.58
N SER HE 109 10.57 -117.74 -72.78
CA SER HE 109 11.65 -118.34 -73.56
C SER HE 109 12.91 -117.47 -73.61
N GLY HE 110 12.86 -116.26 -73.07
CA GLY HE 110 14.01 -115.39 -73.04
C GLY HE 110 14.46 -115.07 -71.62
N ASN HE 111 15.57 -114.33 -71.53
CA ASN HE 111 16.11 -113.99 -70.21
C ASN HE 111 15.59 -112.64 -69.74
N ALA HE 112 14.27 -112.45 -69.74
CA ALA HE 112 13.71 -111.24 -69.17
C ALA HE 112 13.62 -111.34 -67.65
N GLY HE 113 13.60 -112.57 -67.13
CA GLY HE 113 13.48 -112.74 -65.69
C GLY HE 113 14.68 -112.22 -64.92
N LEU HE 114 15.89 -112.43 -65.46
CA LEU HE 114 17.07 -111.96 -64.76
C LEU HE 114 17.27 -110.45 -64.94
N GLY HE 115 16.58 -109.84 -65.88
CA GLY HE 115 16.69 -108.41 -66.10
C GLY HE 115 17.24 -108.01 -67.44
N PHE HE 116 17.29 -108.92 -68.42
CA PHE HE 116 17.82 -108.57 -69.73
C PHE HE 116 16.69 -108.35 -70.73
N LEU HE 117 16.76 -107.24 -71.45
CA LEU HE 117 15.80 -106.90 -72.50
C LEU HE 117 16.51 -107.07 -73.84
N ASP HE 118 16.24 -108.18 -74.51
CA ASP HE 118 16.89 -108.46 -75.79
C ASP HE 118 16.29 -107.60 -76.88
N PRO HE 119 17.06 -106.75 -77.55
CA PRO HE 119 16.47 -105.89 -78.60
C PRO HE 119 16.22 -106.60 -79.92
N THR HE 120 16.67 -107.84 -80.09
CA THR HE 120 16.46 -108.57 -81.33
C THR HE 120 15.35 -109.62 -81.24
N ALA HE 121 14.56 -109.59 -80.16
CA ALA HE 121 13.50 -110.60 -80.00
C ALA HE 121 12.45 -110.45 -81.08
N ALA HE 122 11.87 -111.58 -81.48
CA ALA HE 122 10.87 -111.61 -82.55
C ALA HE 122 9.51 -111.30 -81.96
N ILE HE 123 9.17 -110.02 -81.92
CA ILE HE 123 7.88 -109.56 -81.43
C ILE HE 123 6.93 -109.42 -82.61
N VAL HE 124 5.74 -110.01 -82.50
CA VAL HE 124 4.77 -110.04 -83.59
C VAL HE 124 3.47 -109.43 -83.12
N SER HE 125 2.75 -108.81 -84.05
CA SER HE 125 1.54 -108.08 -83.73
C SER HE 125 0.30 -108.91 -84.00
N SER HE 126 -0.86 -108.33 -83.72
CA SER HE 126 -2.12 -109.02 -83.94
C SER HE 126 -2.50 -109.08 -85.41
N ASP HE 127 -2.13 -108.07 -86.20
CA ASP HE 127 -2.49 -108.06 -87.60
C ASP HE 127 -1.74 -109.14 -88.37
N THR HE 128 -2.42 -109.74 -89.34
CA THR HE 128 -1.86 -110.81 -90.15
C THR HE 128 -1.74 -110.37 -91.60
N THR HE 129 -0.65 -110.77 -92.24
CA THR HE 129 -0.41 -110.44 -93.64
C THR HE 129 -1.29 -111.27 -94.55
N ALA IE 1 104.03 -21.62 102.62
CA ALA IE 1 104.16 -20.26 102.09
C ALA IE 1 103.31 -20.09 100.85
N ASN IE 2 102.12 -19.51 101.01
CA ASN IE 2 101.23 -19.28 99.88
C ASN IE 2 101.81 -18.22 98.95
N LYS IE 3 101.60 -18.41 97.65
CA LYS IE 3 102.17 -17.51 96.66
C LYS IE 3 101.48 -16.16 96.71
N PRO IE 4 102.22 -15.06 96.84
CA PRO IE 4 101.60 -13.73 96.72
C PRO IE 4 100.88 -13.59 95.40
N MET IE 5 99.72 -12.94 95.43
CA MET IE 5 98.87 -12.77 94.26
C MET IE 5 98.50 -11.30 94.14
N GLN IE 6 98.71 -10.73 92.95
CA GLN IE 6 98.67 -9.29 92.76
C GLN IE 6 97.50 -8.88 91.89
N PRO IE 7 97.00 -7.65 92.03
CA PRO IE 7 95.81 -7.24 91.27
C PRO IE 7 96.12 -6.99 89.81
N ILE IE 8 95.10 -7.14 88.96
CA ILE IE 8 95.20 -6.75 87.56
C ILE IE 8 94.18 -5.69 87.17
N THR IE 9 93.04 -5.60 87.87
CA THR IE 9 92.06 -4.56 87.65
C THR IE 9 91.71 -3.93 88.99
N SER IE 10 91.90 -2.61 89.08
CA SER IE 10 91.69 -1.89 90.32
C SER IE 10 90.66 -0.78 90.11
N THR IE 11 89.66 -0.76 90.97
CA THR IE 11 88.60 0.23 90.91
C THR IE 11 88.03 0.38 92.32
N ALA IE 12 87.44 1.55 92.59
CA ALA IE 12 86.88 1.80 93.91
C ALA IE 12 85.71 0.88 94.21
N ASN IE 13 85.14 0.26 93.18
CA ASN IE 13 83.99 -0.62 93.34
C ASN IE 13 84.33 -2.09 93.13
N LYS IE 14 85.47 -2.41 92.52
CA LYS IE 14 85.83 -3.79 92.22
C LYS IE 14 87.34 -3.89 92.08
N ILE IE 15 87.92 -4.93 92.68
CA ILE IE 15 89.33 -5.25 92.51
C ILE IE 15 89.43 -6.74 92.21
N VAL IE 16 90.22 -7.09 91.18
CA VAL IE 16 90.40 -8.47 90.76
C VAL IE 16 91.88 -8.83 90.90
N TRP IE 17 92.16 -9.93 91.60
CA TRP IE 17 93.52 -10.42 91.77
C TRP IE 17 93.69 -11.70 90.97
N SER IE 18 94.83 -11.84 90.31
CA SER IE 18 95.17 -13.05 89.57
C SER IE 18 96.60 -13.44 89.86
N ASP IE 19 96.84 -14.74 89.97
CA ASP IE 19 98.18 -15.24 90.25
C ASP IE 19 99.08 -15.03 89.03
N PRO IE 20 100.25 -14.41 89.21
CA PRO IE 20 101.11 -14.16 88.03
C PRO IE 20 101.54 -15.43 87.31
N THR IE 21 101.74 -16.52 88.03
CA THR IE 21 102.09 -17.79 87.40
C THR IE 21 100.91 -18.44 86.68
N ARG IE 22 99.70 -18.30 87.20
CA ARG IE 22 98.51 -18.82 86.55
C ARG IE 22 97.39 -17.79 86.59
N LEU IE 23 97.23 -17.01 85.52
CA LEU IE 23 96.23 -15.95 85.50
C LEU IE 23 94.82 -16.51 85.51
N SER IE 24 94.68 -17.82 85.27
CA SER IE 24 93.39 -18.48 85.37
C SER IE 24 92.82 -18.45 86.78
N THR IE 25 93.66 -18.33 87.80
CA THR IE 25 93.21 -18.22 89.17
C THR IE 25 92.86 -16.77 89.48
N THR IE 26 91.61 -16.50 89.82
CA THR IE 26 91.15 -15.15 90.05
C THR IE 26 90.45 -15.05 91.41
N PHE IE 27 90.51 -13.86 92.00
CA PHE IE 27 89.81 -13.54 93.23
C PHE IE 27 89.35 -12.09 93.14
N SER IE 28 88.04 -11.87 93.22
CA SER IE 28 87.46 -10.56 93.02
C SER IE 28 86.61 -10.16 94.21
N ALA IE 29 86.60 -8.86 94.49
CA ALA IE 29 85.79 -8.28 95.56
C ALA IE 29 85.05 -7.08 95.01
N SER IE 30 83.73 -7.07 95.14
CA SER IE 30 82.89 -5.99 94.64
C SER IE 30 81.99 -5.50 95.77
N LEU IE 31 81.95 -4.19 95.95
CA LEU IE 31 81.17 -3.57 97.01
C LEU IE 31 80.02 -2.77 96.42
N LEU IE 32 78.81 -3.01 96.92
CA LEU IE 32 77.63 -2.27 96.52
C LEU IE 32 76.97 -1.71 97.77
N ARG IE 33 76.81 -0.39 97.82
CA ARG IE 33 76.37 0.31 99.02
C ARG IE 33 75.08 1.06 98.76
N GLN IE 34 74.13 0.92 99.69
CA GLN IE 34 72.85 1.62 99.61
C GLN IE 34 72.55 2.29 100.93
N ARG IE 35 71.53 3.14 100.94
CA ARG IE 35 71.01 3.74 102.15
C ARG IE 35 69.63 3.16 102.43
N VAL IE 36 69.46 2.54 103.60
CA VAL IE 36 68.24 1.85 103.96
C VAL IE 36 67.69 2.47 105.23
N LYS IE 37 66.39 2.79 105.24
CA LYS IE 37 65.74 3.42 106.38
C LYS IE 37 65.05 2.33 107.21
N VAL IE 38 65.85 1.65 108.04
CA VAL IE 38 65.32 0.59 108.87
C VAL IE 38 64.60 1.16 110.08
N GLY IE 39 65.27 2.01 110.85
CA GLY IE 39 64.75 2.51 112.10
C GLY IE 39 64.53 4.00 112.09
N ILE IE 40 63.93 4.50 111.00
CA ILE IE 40 63.73 5.91 110.68
C ILE IE 40 65.06 6.64 110.75
N ALA IE 41 66.15 5.88 110.67
CA ALA IE 41 67.50 6.41 110.56
C ALA IE 41 68.16 5.76 109.36
N GLU IE 42 68.89 6.55 108.57
CA GLU IE 42 69.45 6.07 107.31
C GLU IE 42 70.70 5.25 107.59
N LEU IE 43 70.49 3.96 107.83
CA LEU IE 43 71.62 3.05 108.01
C LEU IE 43 72.27 2.76 106.66
N ASN IE 44 73.59 2.63 106.67
CA ASN IE 44 74.37 2.43 105.45
C ASN IE 44 74.86 0.99 105.39
N ASN IE 45 74.14 0.17 104.62
CA ASN IE 45 74.53 -1.22 104.46
C ASN IE 45 75.57 -1.36 103.35
N VAL IE 46 76.38 -2.41 103.46
CA VAL IE 46 77.39 -2.74 102.45
C VAL IE 46 77.19 -4.19 102.04
N SER IE 47 77.03 -4.42 100.73
CA SER IE 47 76.83 -5.76 100.19
C SER IE 47 78.12 -6.15 99.46
N GLY IE 48 79.01 -6.82 100.18
CA GLY IE 48 80.30 -7.21 99.64
C GLY IE 48 80.25 -8.62 99.05
N GLN IE 49 80.59 -8.71 97.77
CA GLN IE 49 80.60 -9.98 97.06
C GLN IE 49 82.05 -10.36 96.79
N TYR IE 50 82.46 -11.53 97.29
CA TYR IE 50 83.81 -12.04 97.11
C TYR IE 50 83.73 -13.35 96.34
N VAL IE 51 84.41 -13.42 95.21
CA VAL IE 51 84.38 -14.58 94.32
C VAL IE 51 85.79 -15.09 94.12
N SER IE 52 86.00 -16.37 94.41
CA SER IE 52 87.28 -17.04 94.18
C SER IE 52 87.08 -18.12 93.13
N VAL IE 53 87.90 -18.07 92.08
CA VAL IE 53 87.77 -18.97 90.93
C VAL IE 53 89.11 -19.66 90.69
N TYR IE 54 89.07 -20.97 90.52
CA TYR IE 54 90.24 -21.77 90.22
C TYR IE 54 89.87 -22.84 89.21
N LYS IE 55 90.40 -22.74 88.00
CA LYS IE 55 90.14 -23.72 86.94
C LYS IE 55 91.04 -24.92 87.18
N ARG IE 56 90.42 -26.06 87.47
CA ARG IE 56 91.10 -27.26 87.93
C ARG IE 56 91.17 -28.28 86.80
N PRO IE 57 92.37 -28.70 86.38
CA PRO IE 57 92.44 -29.76 85.38
C PRO IE 57 92.35 -31.13 86.00
N ALA IE 58 91.25 -31.83 85.69
CA ALA IE 58 90.94 -33.12 86.32
C ALA IE 58 90.57 -34.17 85.27
N PRO IE 59 91.52 -34.59 84.44
CA PRO IE 59 91.30 -35.84 83.70
C PRO IE 59 91.16 -37.02 84.64
N LYS IE 60 91.85 -36.95 85.79
CA LYS IE 60 91.84 -37.95 86.85
C LYS IE 60 92.13 -39.35 86.34
N PRO IE 61 93.30 -39.59 85.74
CA PRO IE 61 93.68 -40.96 85.37
C PRO IE 61 94.17 -41.71 86.61
N GLU IE 62 93.33 -42.62 87.12
CA GLU IE 62 93.62 -43.29 88.36
C GLU IE 62 94.81 -44.22 88.22
N GLY IE 63 95.93 -43.80 88.77
CA GLY IE 63 97.14 -44.63 88.80
C GLY IE 63 98.26 -44.31 87.84
N CYS IE 64 97.93 -43.81 86.66
CA CYS IE 64 98.96 -43.66 85.64
C CYS IE 64 98.92 -42.25 85.05
N ALA IE 65 100.11 -41.66 84.92
CA ALA IE 65 100.33 -40.44 84.16
C ALA IE 65 101.67 -40.56 83.45
N ASP IE 66 101.69 -40.31 82.15
CA ASP IE 66 102.88 -40.71 81.41
C ASP IE 66 103.60 -39.55 80.73
N ALA IE 67 102.89 -38.67 80.02
CA ALA IE 67 103.55 -37.66 79.21
C ALA IE 67 102.72 -36.38 79.24
N CYS IE 68 103.07 -35.45 78.34
CA CYS IE 68 102.39 -34.17 78.25
C CYS IE 68 101.08 -34.35 77.48
N VAL IE 69 99.98 -34.53 78.20
CA VAL IE 69 98.65 -34.68 77.63
C VAL IE 69 97.90 -33.39 77.92
N ILE IE 70 97.02 -32.98 76.99
CA ILE IE 70 96.20 -31.80 77.21
C ILE IE 70 95.30 -32.01 78.41
N MET IE 71 95.26 -31.01 79.29
CA MET IE 71 94.39 -31.06 80.45
C MET IE 71 93.04 -30.40 80.13
N PRO IE 72 91.94 -31.15 80.15
CA PRO IE 72 90.62 -30.50 80.16
C PRO IE 72 90.33 -29.90 81.52
N ASN IE 73 89.64 -28.76 81.56
CA ASN IE 73 89.51 -27.97 82.77
C ASN IE 73 88.07 -27.96 83.26
N GLU IE 74 87.91 -27.93 84.58
CA GLU IE 74 86.65 -27.66 85.24
C GLU IE 74 86.82 -26.44 86.14
N ASN IE 75 85.72 -25.77 86.43
CA ASN IE 75 85.75 -24.51 87.18
C ASN IE 75 85.31 -24.76 88.61
N GLN IE 76 86.17 -24.38 89.57
CA GLN IE 76 85.83 -24.42 90.98
C GLN IE 76 85.65 -22.97 91.45
N SER IE 77 84.48 -22.65 91.96
CA SER IE 77 84.13 -21.29 92.33
C SER IE 77 83.53 -21.26 93.72
N ILE IE 78 83.90 -20.25 94.50
CA ILE IE 78 83.33 -19.99 95.81
C ILE IE 78 82.92 -18.52 95.85
N ARG IE 79 81.63 -18.27 96.07
CA ARG IE 79 81.09 -16.92 96.12
C ARG IE 79 80.53 -16.66 97.50
N THR IE 80 80.92 -15.52 98.08
CA THR IE 80 80.43 -15.11 99.39
C THR IE 80 79.89 -13.68 99.31
N VAL IE 81 78.68 -13.49 99.81
CA VAL IE 81 78.03 -12.19 99.82
C VAL IE 81 77.68 -11.86 101.27
N ILE IE 82 78.31 -10.82 101.80
CA ILE IE 82 78.10 -10.37 103.18
C ILE IE 82 77.35 -9.05 103.13
N SER IE 83 76.16 -9.03 103.72
CA SER IE 83 75.28 -7.86 103.68
C SER IE 83 74.94 -7.44 105.10
N GLY IE 84 75.08 -6.16 105.39
CA GLY IE 84 74.75 -5.63 106.70
C GLY IE 84 75.13 -4.19 106.88
N SER IE 85 74.54 -3.53 107.88
CA SER IE 85 74.83 -2.13 108.14
C SER IE 85 76.26 -1.97 108.66
N ALA IE 86 76.91 -0.87 108.24
CA ALA IE 86 78.28 -0.62 108.68
C ALA IE 86 78.32 -0.32 110.17
N GLU IE 87 77.22 0.16 110.74
CA GLU IE 87 77.20 0.51 112.16
C GLU IE 87 77.22 -0.71 113.05
N ASN IE 88 77.00 -1.90 112.48
CA ASN IE 88 77.02 -3.16 113.22
C ASN IE 88 78.13 -4.08 112.71
N LEU IE 89 79.33 -3.51 112.53
CA LEU IE 89 80.44 -4.29 111.99
C LEU IE 89 80.85 -5.40 112.94
N ALA IE 90 80.84 -5.14 114.24
CA ALA IE 90 81.23 -6.18 115.20
C ALA IE 90 80.28 -7.37 115.13
N THR IE 91 78.98 -7.10 115.06
CA THR IE 91 77.99 -8.15 114.87
C THR IE 91 78.19 -8.88 113.55
N LEU IE 92 78.49 -8.16 112.48
CA LEU IE 92 78.69 -8.81 111.19
C LEU IE 92 79.92 -9.72 111.22
N LYS IE 93 80.97 -9.29 111.93
CA LYS IE 93 82.16 -10.12 112.05
C LYS IE 93 81.87 -11.37 112.87
N ALA IE 94 81.11 -11.24 113.96
CA ALA IE 94 80.71 -12.43 114.71
C ALA IE 94 79.87 -13.37 113.87
N GLU IE 95 78.97 -12.81 113.05
CA GLU IE 95 78.18 -13.63 112.14
C GLU IE 95 79.07 -14.34 111.13
N TRP IE 96 80.09 -13.66 110.61
CA TRP IE 96 81.01 -14.29 109.68
C TRP IE 96 81.76 -15.44 110.34
N GLU IE 97 82.19 -15.25 111.60
CA GLU IE 97 82.89 -16.32 112.30
C GLU IE 97 81.99 -17.53 112.50
N THR IE 98 80.75 -17.30 112.95
CA THR IE 98 79.86 -18.45 113.18
C THR IE 98 79.45 -19.10 111.87
N HIS IE 99 79.35 -18.32 110.79
CA HIS IE 99 79.07 -18.89 109.47
C HIS IE 99 80.22 -19.78 109.02
N LYS IE 100 81.45 -19.33 109.23
CA LYS IE 100 82.61 -20.15 108.91
C LYS IE 100 82.59 -21.44 109.70
N ARG IE 101 82.27 -21.36 110.99
CA ARG IE 101 82.21 -22.56 111.82
C ARG IE 101 81.15 -23.54 111.30
N ASN IE 102 79.96 -23.04 110.97
CA ASN IE 102 78.89 -23.92 110.51
C ASN IE 102 79.24 -24.55 109.16
N VAL IE 103 79.76 -23.75 108.23
CA VAL IE 103 80.10 -24.29 106.92
C VAL IE 103 81.22 -25.31 107.05
N ASP IE 104 82.16 -25.08 107.96
CA ASP IE 104 83.19 -26.08 108.23
C ASP IE 104 82.57 -27.37 108.75
N THR IE 105 81.61 -27.25 109.67
CA THR IE 105 80.97 -28.43 110.23
C THR IE 105 80.28 -29.26 109.15
N LEU IE 106 79.60 -28.60 108.22
CA LEU IE 106 78.94 -29.35 107.15
C LEU IE 106 79.90 -29.86 106.07
N PHE IE 107 80.93 -29.08 105.74
CA PHE IE 107 81.69 -29.33 104.51
C PHE IE 107 83.10 -29.83 104.79
N ALA IE 108 83.85 -29.13 105.64
CA ALA IE 108 85.24 -29.50 105.88
C ALA IE 108 85.34 -30.82 106.62
N SER IE 109 84.51 -31.00 107.64
CA SER IE 109 84.50 -32.24 108.42
C SER IE 109 83.34 -33.15 108.07
N GLY IE 110 82.45 -32.75 107.16
CA GLY IE 110 81.33 -33.55 106.77
C GLY IE 110 81.47 -34.11 105.35
N ASN IE 111 80.33 -34.51 104.79
CA ASN IE 111 80.26 -35.08 103.46
C ASN IE 111 79.39 -34.26 102.53
N ALA IE 112 79.24 -32.97 102.82
CA ALA IE 112 78.37 -32.12 102.00
C ALA IE 112 78.94 -31.92 100.61
N GLY IE 113 80.25 -32.00 100.45
CA GLY IE 113 80.84 -31.80 99.14
C GLY IE 113 80.47 -32.91 98.15
N LEU IE 114 80.12 -34.08 98.68
CA LEU IE 114 79.77 -35.22 97.84
C LEU IE 114 78.27 -35.26 97.59
N GLY IE 115 77.55 -34.26 98.10
CA GLY IE 115 76.10 -34.24 97.92
C GLY IE 115 75.35 -34.93 99.03
N PHE IE 116 75.67 -34.61 100.28
CA PHE IE 116 75.05 -35.24 101.44
C PHE IE 116 74.64 -34.18 102.44
N LEU IE 117 73.57 -34.45 103.19
CA LEU IE 117 73.13 -33.62 104.29
C LEU IE 117 73.08 -34.45 105.56
N ASP IE 118 73.58 -33.88 106.65
CA ASP IE 118 73.55 -34.57 107.94
C ASP IE 118 72.59 -33.83 108.87
N PRO IE 119 71.37 -34.33 109.08
CA PRO IE 119 70.45 -33.64 109.99
C PRO IE 119 70.93 -33.57 111.42
N THR IE 120 71.87 -34.42 111.82
CA THR IE 120 72.39 -34.44 113.19
C THR IE 120 73.64 -33.61 113.36
N ALA IE 121 74.03 -32.83 112.35
CA ALA IE 121 75.21 -31.99 112.47
C ALA IE 121 75.03 -30.93 113.54
N ALA IE 122 76.11 -30.59 114.22
CA ALA IE 122 76.07 -29.65 115.35
C ALA IE 122 76.22 -28.22 114.82
N ILE IE 123 75.12 -27.50 114.84
CA ILE IE 123 75.09 -26.10 114.42
C ILE IE 123 74.90 -25.21 115.64
N VAL IE 124 75.66 -24.12 115.69
CA VAL IE 124 75.61 -23.19 116.81
C VAL IE 124 75.41 -21.78 116.26
N SER IE 125 74.83 -20.92 117.10
CA SER IE 125 74.52 -19.56 116.71
C SER IE 125 75.59 -18.59 117.18
N SER IE 126 75.48 -17.34 116.72
CA SER IE 126 76.43 -16.32 117.14
C SER IE 126 76.23 -15.90 118.60
N ASP IE 127 75.01 -16.04 119.12
CA ASP IE 127 74.76 -15.71 120.51
C ASP IE 127 75.43 -16.72 121.44
N THR IE 128 75.79 -16.26 122.63
CA THR IE 128 76.45 -17.09 123.63
C THR IE 128 75.56 -17.25 124.85
N THR IE 129 75.78 -18.35 125.57
CA THR IE 129 75.02 -18.64 126.78
C THR IE 129 75.68 -17.99 127.99
N ALA JE 1 91.81 18.10 117.08
CA ALA JE 1 92.14 16.97 116.21
C ALA JE 1 90.91 16.50 115.45
N ASN JE 2 90.71 17.03 114.25
CA ASN JE 2 89.56 16.64 113.44
C ASN JE 2 89.72 15.21 112.93
N LYS JE 3 88.61 14.51 112.80
CA LYS JE 3 88.64 13.13 112.34
C LYS JE 3 89.03 13.09 110.86
N PRO JE 4 89.97 12.23 110.48
CA PRO JE 4 90.36 12.16 109.07
C PRO JE 4 89.34 11.38 108.24
N MET JE 5 89.36 11.64 106.93
CA MET JE 5 88.51 10.95 105.98
C MET JE 5 89.35 10.08 105.07
N GLN JE 6 88.69 9.15 104.38
CA GLN JE 6 89.29 8.27 103.39
C GLN JE 6 88.46 8.28 102.12
N PRO JE 7 89.10 8.13 100.95
CA PRO JE 7 88.33 8.10 99.70
C PRO JE 7 87.59 6.79 99.54
N ILE JE 8 86.29 6.89 99.26
CA ILE JE 8 85.42 5.72 99.10
C ILE JE 8 85.14 5.43 97.63
N THR JE 9 84.87 6.46 96.84
CA THR JE 9 84.73 6.35 95.40
C THR JE 9 85.76 7.23 94.73
N SER JE 10 86.53 6.64 93.83
CA SER JE 10 87.68 7.33 93.25
C SER JE 10 87.55 7.37 91.73
N THR JE 11 87.53 8.57 91.18
CA THR JE 11 87.62 8.82 89.75
C THR JE 11 88.35 10.13 89.54
N ALA JE 12 89.18 10.18 88.50
CA ALA JE 12 89.94 11.40 88.24
C ALA JE 12 89.02 12.57 87.95
N ASN JE 13 87.83 12.30 87.42
CA ASN JE 13 86.83 13.36 87.25
C ASN JE 13 86.16 13.73 88.55
N LYS JE 14 86.00 12.78 89.48
CA LYS JE 14 85.29 13.04 90.73
C LYS JE 14 85.77 12.08 91.81
N ILE JE 15 86.22 12.63 92.93
CA ILE JE 15 86.59 11.86 94.11
C ILE JE 15 85.75 12.34 95.28
N VAL JE 16 85.14 11.40 95.98
CA VAL JE 16 84.32 11.69 97.16
C VAL JE 16 84.97 11.06 98.38
N TRP JE 17 85.02 11.82 99.46
CA TRP JE 17 85.59 11.37 100.73
C TRP JE 17 84.46 11.02 101.70
N SER JE 18 84.78 10.20 102.69
CA SER JE 18 83.78 9.78 103.66
C SER JE 18 84.43 9.60 105.02
N ASP JE 19 83.63 9.74 106.06
CA ASP JE 19 84.10 9.52 107.43
C ASP JE 19 83.82 8.08 107.82
N PRO JE 20 84.84 7.29 108.19
CA PRO JE 20 84.59 5.89 108.57
C PRO JE 20 83.62 5.74 109.73
N THR JE 21 83.62 6.64 110.70
CA THR JE 21 82.71 6.54 111.83
C THR JE 21 81.31 7.03 111.51
N ARG JE 22 81.16 7.99 110.60
CA ARG JE 22 79.84 8.49 110.22
C ARG JE 22 79.84 8.60 108.69
N LEU JE 23 79.32 7.57 108.03
CA LEU JE 23 79.36 7.53 106.57
C LEU JE 23 78.47 8.58 105.92
N SER JE 24 77.59 9.22 106.68
CA SER JE 24 76.74 10.27 106.13
C SER JE 24 77.50 11.56 105.86
N THR JE 25 78.72 11.69 106.37
CA THR JE 25 79.54 12.87 106.14
C THR JE 25 80.39 12.63 104.90
N THR JE 26 80.15 13.41 103.85
CA THR JE 26 80.83 13.24 102.58
C THR JE 26 81.39 14.57 102.10
N PHE JE 27 82.52 14.49 101.39
CA PHE JE 27 83.15 15.63 100.76
C PHE JE 27 83.48 15.27 99.32
N SER JE 28 82.93 16.01 98.37
CA SER JE 28 83.05 15.70 96.95
C SER JE 28 83.86 16.78 96.26
N ALA JE 29 84.76 16.34 95.38
CA ALA JE 29 85.54 17.25 94.54
C ALA JE 29 85.49 16.74 93.11
N SER JE 30 84.86 17.53 92.23
CA SER JE 30 84.74 17.17 90.82
C SER JE 30 85.30 18.31 89.98
N LEU JE 31 86.23 17.98 89.08
CA LEU JE 31 86.85 18.96 88.20
C LEU JE 31 86.43 18.69 86.77
N LEU JE 32 86.00 19.74 86.07
CA LEU JE 32 85.67 19.67 84.65
C LEU JE 32 86.54 20.65 83.90
N ARG JE 33 87.25 20.16 82.88
CA ARG JE 33 88.19 20.97 82.12
C ARG JE 33 87.74 21.04 80.67
N GLN JE 34 87.73 22.25 80.12
CA GLN JE 34 87.37 22.49 78.73
C GLN JE 34 88.29 23.55 78.16
N ARG JE 35 88.63 23.41 76.88
CA ARG JE 35 89.55 24.31 76.21
C ARG JE 35 88.72 25.43 75.58
N VAL JE 36 88.35 26.41 76.40
CA VAL JE 36 87.61 27.58 75.93
C VAL JE 36 88.60 28.70 75.66
N LYS JE 37 88.89 28.94 74.39
CA LYS JE 37 89.92 29.92 74.04
C LYS JE 37 89.29 31.25 73.64
N VAL JE 38 89.84 32.33 74.19
CA VAL JE 38 89.48 33.68 73.79
C VAL JE 38 90.23 34.02 72.51
N GLY JE 39 89.87 35.12 71.87
CA GLY JE 39 90.47 35.51 70.61
C GLY JE 39 91.99 35.55 70.62
N ILE JE 40 92.60 34.95 69.60
CA ILE JE 40 94.04 34.89 69.37
C ILE JE 40 94.81 34.51 70.63
N ALA JE 41 94.20 33.69 71.48
CA ALA JE 41 94.85 33.23 72.70
C ALA JE 41 94.35 31.82 73.02
N GLU JE 42 95.15 31.10 73.79
CA GLU JE 42 94.83 29.75 74.24
C GLU JE 42 94.67 29.75 75.75
N LEU JE 43 93.57 29.17 76.24
CA LEU JE 43 93.27 29.14 77.66
C LEU JE 43 92.70 27.79 78.03
N ASN JE 44 93.13 27.25 79.16
CA ASN JE 44 92.59 26.01 79.72
C ASN JE 44 91.72 26.35 80.93
N ASN JE 45 90.42 26.09 80.82
CA ASN JE 45 89.46 26.43 81.85
C ASN JE 45 89.14 25.21 82.69
N VAL JE 46 89.07 25.41 84.00
CA VAL JE 46 88.77 24.35 84.95
C VAL JE 46 87.60 24.81 85.81
N SER JE 47 86.63 23.93 86.03
CA SER JE 47 85.51 24.22 86.91
C SER JE 47 85.61 23.33 88.14
N GLY JE 48 85.82 23.94 89.30
CA GLY JE 48 85.99 23.18 90.52
C GLY JE 48 84.77 23.18 91.41
N GLN JE 49 84.07 22.05 91.46
CA GLN JE 49 82.86 21.90 92.25
C GLN JE 49 83.18 21.09 93.50
N TYR JE 50 82.91 21.67 94.66
CA TYR JE 50 83.19 21.03 95.95
C TYR JE 50 81.92 21.03 96.78
N VAL JE 51 81.53 19.85 97.26
CA VAL JE 51 80.29 19.67 97.99
C VAL JE 51 80.59 19.05 99.35
N SER JE 52 80.12 19.68 100.42
CA SER JE 52 80.23 19.15 101.77
C SER JE 52 78.85 18.84 102.30
N VAL JE 53 78.65 17.62 102.77
CA VAL JE 53 77.35 17.14 103.23
C VAL JE 53 77.50 16.61 104.64
N TYR JE 54 76.65 17.08 105.54
CA TYR JE 54 76.59 16.59 106.91
C TYR JE 54 75.14 16.54 107.35
N LYS JE 55 74.77 15.49 108.07
CA LYS JE 55 73.40 15.28 108.51
C LYS JE 55 73.34 15.38 110.02
N ARG JE 56 72.98 16.55 110.53
CA ARG JE 56 72.91 16.82 111.96
C ARG JE 56 71.52 16.55 112.50
N PRO JE 57 71.40 15.98 113.69
CA PRO JE 57 70.09 15.82 114.31
C PRO JE 57 69.48 17.18 114.64
N ALA JE 58 68.15 17.22 114.65
CA ALA JE 58 67.44 18.45 114.98
C ALA JE 58 67.77 18.87 116.41
N PRO JE 59 67.74 20.16 116.71
CA PRO JE 59 68.14 20.61 118.05
C PRO JE 59 67.19 20.15 119.15
N LYS JE 60 67.76 19.60 120.22
CA LYS JE 60 66.99 19.11 121.36
C LYS JE 60 66.37 20.28 122.11
N PRO JE 61 65.22 20.06 122.78
CA PRO JE 61 64.62 21.15 123.57
C PRO JE 61 65.57 21.65 124.65
N GLU JE 62 65.51 22.96 124.93
CA GLU JE 62 66.49 23.58 125.80
C GLU JE 62 66.45 23.00 127.21
N GLY JE 63 65.25 22.78 127.75
CA GLY JE 63 65.13 22.24 129.09
C GLY JE 63 65.00 20.73 129.08
N CYS JE 64 65.98 20.03 128.52
CA CYS JE 64 65.94 18.58 128.42
C CYS JE 64 67.25 18.00 128.92
N ALA JE 65 67.14 17.01 129.81
CA ALA JE 65 68.29 16.26 130.29
C ALA JE 65 68.15 14.76 130.08
N ASP JE 66 67.21 14.32 129.24
CA ASP JE 66 67.00 12.90 129.03
C ASP JE 66 68.22 12.26 128.39
N ALA JE 67 68.48 11.01 128.74
CA ALA JE 67 69.66 10.30 128.28
C ALA JE 67 69.68 10.15 126.76
N CYS JE 68 68.70 9.47 126.21
CA CYS JE 68 68.69 9.14 124.78
C CYS JE 68 67.30 9.36 124.19
N VAL JE 69 67.15 10.46 123.46
CA VAL JE 69 65.98 10.70 122.63
C VAL JE 69 66.49 11.23 121.30
N ILE JE 70 66.37 10.42 120.25
CA ILE JE 70 67.00 10.71 118.97
C ILE JE 70 65.94 11.20 118.00
N MET JE 71 66.24 12.31 117.31
CA MET JE 71 65.36 12.95 116.34
C MET JE 71 65.94 12.87 114.93
N PRO JE 72 65.11 12.93 113.90
CA PRO JE 72 65.61 12.77 112.53
C PRO JE 72 66.56 13.89 112.14
N ASN JE 73 67.46 13.56 111.23
CA ASN JE 73 68.53 14.46 110.83
C ASN JE 73 68.08 15.42 109.73
N GLU JE 74 68.76 16.56 109.67
CA GLU JE 74 68.50 17.57 108.65
C GLU JE 74 69.72 17.63 107.74
N ASN JE 75 69.50 18.02 106.48
CA ASN JE 75 70.59 18.04 105.51
C ASN JE 75 71.28 19.40 105.57
N GLN JE 76 72.60 19.38 105.77
CA GLN JE 76 73.44 20.58 105.77
C GLN JE 76 74.40 20.45 104.60
N SER JE 77 74.31 21.39 103.65
CA SER JE 77 75.10 21.33 102.43
C SER JE 77 75.82 22.64 102.21
N ILE JE 78 77.09 22.55 101.84
CA ILE JE 78 77.90 23.70 101.45
C ILE JE 78 78.54 23.36 100.12
N ARG JE 79 78.23 24.13 99.08
CA ARG JE 79 78.66 23.84 97.72
C ARG JE 79 79.39 25.04 97.15
N THR JE 80 80.61 24.82 96.70
CA THR JE 80 81.45 25.88 96.14
C THR JE 80 81.88 25.49 94.73
N VAL JE 81 81.71 26.43 93.80
CA VAL JE 81 82.08 26.23 92.40
C VAL JE 81 83.10 27.30 92.02
N ILE JE 82 84.27 26.87 91.56
CA ILE JE 82 85.34 27.78 91.17
C ILE JE 82 85.65 27.53 89.71
N SER JE 83 85.58 28.59 88.90
CA SER JE 83 85.81 28.51 87.46
C SER JE 83 86.83 29.56 87.07
N GLY JE 84 87.84 29.15 86.30
CA GLY JE 84 88.87 30.07 85.85
C GLY JE 84 89.95 29.39 85.02
N SER JE 85 90.76 30.20 84.34
CA SER JE 85 91.83 29.66 83.53
C SER JE 85 92.99 29.18 84.39
N ALA JE 86 93.74 28.21 83.88
CA ALA JE 86 94.88 27.68 84.63
C ALA JE 86 96.02 28.69 84.68
N GLU JE 87 96.10 29.59 83.69
CA GLU JE 87 97.19 30.56 83.64
C GLU JE 87 97.08 31.57 84.78
N ASN JE 88 95.86 31.85 85.24
CA ASN JE 88 95.60 32.87 86.25
C ASN JE 88 95.42 32.26 87.64
N LEU JE 89 96.19 31.23 87.97
CA LEU JE 89 95.97 30.50 89.21
C LEU JE 89 96.22 31.36 90.45
N ALA JE 90 97.30 32.15 90.44
CA ALA JE 90 97.65 32.93 91.63
C ALA JE 90 96.62 34.02 91.91
N THR JE 91 96.24 34.77 90.87
CA THR JE 91 95.21 35.79 91.03
C THR JE 91 93.86 35.18 91.36
N LEU JE 92 93.57 33.98 90.86
CA LEU JE 92 92.32 33.33 91.23
C LEU JE 92 92.36 32.91 92.70
N LYS JE 93 93.53 32.51 93.20
CA LYS JE 93 93.67 32.21 94.61
C LYS JE 93 93.45 33.45 95.46
N ALA JE 94 93.95 34.60 95.00
CA ALA JE 94 93.68 35.85 95.68
C ALA JE 94 92.18 36.16 95.69
N GLU JE 95 91.52 35.93 94.57
CA GLU JE 95 90.07 36.08 94.51
C GLU JE 95 89.39 35.16 95.52
N TRP JE 96 89.90 33.93 95.67
CA TRP JE 96 89.33 32.97 96.61
C TRP JE 96 89.50 33.44 98.04
N GLU JE 97 90.66 34.01 98.36
CA GLU JE 97 90.87 34.55 99.70
C GLU JE 97 89.91 35.70 99.99
N THR JE 98 89.73 36.59 99.02
CA THR JE 98 88.80 37.70 99.21
C THR JE 98 87.36 37.19 99.34
N HIS JE 99 87.02 36.15 98.58
CA HIS JE 99 85.71 35.53 98.70
C HIS JE 99 85.50 34.95 100.10
N LYS JE 100 86.52 34.28 100.63
CA LYS JE 100 86.46 33.82 102.01
C LYS JE 100 86.18 34.97 102.96
N ARG JE 101 86.91 36.07 102.81
CA ARG JE 101 86.75 37.20 103.73
C ARG JE 101 85.34 37.77 103.66
N ASN JE 102 84.81 37.95 102.44
CA ASN JE 102 83.48 38.53 102.28
C ASN JE 102 82.41 37.60 102.82
N VAL JE 103 82.50 36.30 102.51
CA VAL JE 103 81.50 35.35 103.00
C VAL JE 103 81.56 35.25 104.51
N ASP JE 104 82.76 35.30 105.09
CA ASP JE 104 82.87 35.29 106.54
C ASP JE 104 82.22 36.53 107.14
N THR JE 105 82.46 37.70 106.53
CA THR JE 105 81.85 38.93 107.04
C THR JE 105 80.33 38.85 107.00
N LEU JE 106 79.76 38.34 105.91
CA LEU JE 106 78.31 38.30 105.77
C LEU JE 106 77.67 37.19 106.62
N PHE JE 107 78.33 36.05 106.76
CA PHE JE 107 77.74 34.86 107.35
C PHE JE 107 78.20 34.63 108.79
N ALA JE 108 79.50 34.53 109.03
CA ALA JE 108 80.00 34.15 110.34
C ALA JE 108 79.77 35.25 111.36
N SER JE 109 80.09 36.49 111.00
CA SER JE 109 79.93 37.62 111.89
C SER JE 109 78.62 38.38 111.67
N GLY JE 110 77.78 37.93 110.74
CA GLY JE 110 76.52 38.57 110.47
C GLY JE 110 75.33 37.70 110.82
N ASN JE 111 74.20 37.99 110.17
CA ASN JE 111 72.96 37.26 110.37
C ASN JE 111 72.41 36.68 109.08
N ALA JE 112 73.26 36.55 108.05
CA ALA JE 112 72.82 35.95 106.79
C ALA JE 112 72.42 34.50 106.99
N GLY JE 113 73.04 33.81 107.94
CA GLY JE 113 72.64 32.45 108.27
C GLY JE 113 71.23 32.37 108.82
N LEU JE 114 70.82 33.35 109.62
CA LEU JE 114 69.46 33.42 110.13
C LEU JE 114 68.49 34.00 109.11
N GLY JE 115 68.99 34.70 108.10
CA GLY JE 115 68.14 35.21 107.05
C GLY JE 115 68.08 36.72 106.94
N PHE JE 116 69.02 37.45 107.52
CA PHE JE 116 69.03 38.90 107.49
C PHE JE 116 70.26 39.41 106.75
N LEU JE 117 70.04 40.33 105.82
CA LEU JE 117 71.11 40.99 105.08
C LEU JE 117 71.30 42.41 105.60
N ASP JE 118 72.56 42.77 105.84
CA ASP JE 118 72.89 44.12 106.27
C ASP JE 118 73.52 44.86 105.10
N PRO JE 119 72.84 45.84 104.50
CA PRO JE 119 73.45 46.59 103.39
C PRO JE 119 74.67 47.40 103.79
N THR JE 120 75.01 47.47 105.08
CA THR JE 120 76.17 48.22 105.54
C THR JE 120 77.38 47.34 105.82
N ALA JE 121 77.38 46.10 105.33
CA ALA JE 121 78.48 45.19 105.57
C ALA JE 121 79.75 45.69 104.88
N ALA JE 122 80.90 45.42 105.49
CA ALA JE 122 82.19 45.87 104.98
C ALA JE 122 82.73 44.84 104.01
N ILE JE 123 82.30 44.94 102.76
CA ILE JE 123 82.78 44.06 101.69
C ILE JE 123 83.97 44.72 101.01
N VAL JE 124 85.02 43.95 100.79
CA VAL JE 124 86.27 44.47 100.26
C VAL JE 124 86.63 43.72 98.98
N SER JE 125 87.45 44.36 98.15
CA SER JE 125 87.84 43.80 96.86
C SER JE 125 89.23 43.18 96.94
N SER JE 126 89.63 42.52 95.85
CA SER JE 126 90.92 41.87 95.81
C SER JE 126 92.07 42.85 95.60
N ASP JE 127 91.86 43.89 94.81
CA ASP JE 127 92.92 44.87 94.57
C ASP JE 127 93.23 45.65 95.84
N THR JE 128 94.50 46.00 96.00
CA THR JE 128 94.97 46.73 97.17
C THR JE 128 95.46 48.12 96.76
N THR JE 129 95.28 49.08 97.66
CA THR JE 129 95.67 50.45 97.41
C THR JE 129 97.19 50.60 97.42
N ALA KE 1 117.03 16.52 86.94
CA ALA KE 1 115.77 16.37 87.64
C ALA KE 1 114.59 16.70 86.73
N ASN KE 2 113.98 15.67 86.16
CA ASN KE 2 112.85 15.88 85.27
C ASN KE 2 111.60 16.22 86.07
N LYS KE 3 110.70 16.98 85.45
CA LYS KE 3 109.49 17.40 86.13
C LYS KE 3 108.52 16.24 86.29
N PRO KE 4 108.06 15.94 87.51
CA PRO KE 4 107.10 14.85 87.70
C PRO KE 4 105.75 15.19 87.08
N MET KE 5 105.00 14.15 86.76
CA MET KE 5 103.70 14.27 86.11
C MET KE 5 102.62 13.65 86.98
N GLN KE 6 101.39 14.13 86.82
CA GLN KE 6 100.27 13.65 87.62
C GLN KE 6 99.13 13.18 86.73
N PRO KE 7 98.31 12.23 87.20
CA PRO KE 7 97.23 11.70 86.37
C PRO KE 7 96.03 12.63 86.26
N ILE KE 8 95.63 12.97 85.03
CA ILE KE 8 94.41 13.73 84.83
C ILE KE 8 93.20 12.84 84.58
N THR KE 9 93.42 11.60 84.15
CA THR KE 9 92.33 10.66 83.88
C THR KE 9 92.75 9.29 84.38
N SER KE 10 91.96 8.72 85.28
CA SER KE 10 92.25 7.42 85.87
C SER KE 10 91.10 6.48 85.56
N THR KE 11 91.40 5.37 84.91
CA THR KE 11 90.42 4.36 84.53
C THR KE 11 91.08 3.00 84.62
N ALA KE 12 90.27 1.96 84.86
CA ALA KE 12 90.80 0.62 85.00
C ALA KE 12 91.51 0.14 83.73
N ASN KE 13 91.25 0.78 82.60
CA ASN KE 13 91.87 0.41 81.34
C ASN KE 13 92.75 1.48 80.72
N LYS KE 14 92.77 2.70 81.29
CA LYS KE 14 93.55 3.79 80.70
C LYS KE 14 93.86 4.82 81.77
N ILE KE 15 95.12 5.26 81.82
CA ILE KE 15 95.55 6.34 82.70
C ILE KE 15 96.32 7.36 81.88
N VAL KE 16 95.96 8.63 82.03
CA VAL KE 16 96.57 9.72 81.27
C VAL KE 16 97.27 10.65 82.26
N TRP KE 17 98.56 10.88 82.03
CA TRP KE 17 99.36 11.79 82.84
C TRP KE 17 99.48 13.15 82.15
N SER KE 18 99.85 14.16 82.92
CA SER KE 18 100.03 15.51 82.39
C SER KE 18 100.96 16.29 83.30
N ASP KE 19 101.74 17.19 82.69
CA ASP KE 19 102.64 18.03 83.46
C ASP KE 19 101.89 19.24 84.02
N PRO KE 20 102.01 19.53 85.31
CA PRO KE 20 101.33 20.71 85.86
C PRO KE 20 101.74 22.02 85.18
N THR KE 21 103.01 22.16 84.82
CA THR KE 21 103.45 23.40 84.19
C THR KE 21 102.91 23.52 82.77
N ARG KE 22 103.00 22.44 81.97
CA ARG KE 22 102.51 22.43 80.60
C ARG KE 22 101.47 21.34 80.46
N LEU KE 23 100.20 21.74 80.29
CA LEU KE 23 99.13 20.76 80.19
C LEU KE 23 99.10 20.11 78.80
N SER KE 24 99.80 20.70 77.84
CA SER KE 24 99.84 20.17 76.49
C SER KE 24 100.62 18.87 76.43
N THR KE 25 101.55 18.69 77.37
CA THR KE 25 102.41 17.50 77.38
C THR KE 25 101.73 16.41 78.19
N THR KE 26 101.23 15.38 77.52
CA THR KE 26 100.53 14.28 78.17
C THR KE 26 101.14 12.95 77.77
N PHE KE 27 101.08 12.00 78.70
CA PHE KE 27 101.52 10.63 78.47
C PHE KE 27 100.46 9.68 79.01
N SER KE 28 99.98 8.78 78.16
CA SER KE 28 98.90 7.89 78.54
C SER KE 28 99.24 6.45 78.18
N ALA KE 29 98.77 5.52 79.02
CA ALA KE 29 98.96 4.09 78.81
C ALA KE 29 97.60 3.41 78.82
N SER KE 30 97.35 2.58 77.80
CA SER KE 30 96.10 1.85 77.68
C SER KE 30 96.40 0.38 77.48
N LEU KE 31 95.70 -0.48 78.23
CA LEU KE 31 95.90 -1.92 78.15
C LEU KE 31 94.64 -2.60 77.65
N LEU KE 32 94.81 -3.56 76.75
CA LEU KE 32 93.72 -4.39 76.26
C LEU KE 32 94.03 -5.84 76.63
N ARG KE 33 93.09 -6.48 77.31
CA ARG KE 33 93.27 -7.84 77.83
C ARG KE 33 92.30 -8.78 77.14
N GLN KE 34 92.83 -9.83 76.53
CA GLN KE 34 92.02 -10.81 75.81
C GLN KE 34 92.61 -12.19 76.03
N ARG KE 35 91.73 -13.20 75.92
CA ARG KE 35 92.18 -14.58 75.96
C ARG KE 35 92.36 -15.11 74.55
N VAL KE 36 93.52 -15.69 74.27
CA VAL KE 36 93.88 -16.15 72.94
C VAL KE 36 93.71 -17.67 72.89
N LYS KE 37 92.95 -18.13 71.90
CA LYS KE 37 92.72 -19.55 71.69
C LYS KE 37 93.81 -20.10 70.79
N VAL KE 38 94.69 -20.92 71.37
CA VAL KE 38 95.78 -21.57 70.65
C VAL KE 38 95.63 -23.07 70.87
N GLY KE 39 96.06 -23.85 69.88
CA GLY KE 39 95.95 -25.29 69.95
C GLY KE 39 96.49 -25.87 71.24
N ILE KE 40 95.69 -26.74 71.87
CA ILE KE 40 95.97 -27.39 73.15
C ILE KE 40 96.60 -26.43 74.15
N ALA KE 41 96.13 -25.19 74.17
CA ALA KE 41 96.64 -24.21 75.10
C ALA KE 41 95.57 -23.15 75.36
N GLU KE 42 95.61 -22.55 76.56
CA GLU KE 42 94.70 -21.47 76.92
C GLU KE 42 95.53 -20.38 77.60
N LEU KE 43 96.02 -19.44 76.80
CA LEU KE 43 96.86 -18.35 77.29
C LEU KE 43 96.28 -17.01 76.85
N ASN KE 44 96.51 -16.00 77.66
CA ASN KE 44 95.87 -14.69 77.49
C ASN KE 44 96.92 -13.62 77.18
N ASN KE 45 96.62 -12.78 76.20
CA ASN KE 45 97.54 -11.74 75.77
C ASN KE 45 97.19 -10.41 76.41
N VAL KE 46 98.19 -9.54 76.54
CA VAL KE 46 98.01 -8.17 77.02
C VAL KE 46 98.66 -7.24 76.01
N SER KE 47 97.87 -6.33 75.46
CA SER KE 47 98.35 -5.35 74.48
C SER KE 47 98.39 -3.99 75.15
N GLY KE 48 99.56 -3.36 75.15
CA GLY KE 48 99.73 -2.08 75.81
C GLY KE 48 100.08 -0.95 74.86
N GLN KE 49 99.29 0.11 74.88
CA GLN KE 49 99.50 1.27 74.03
C GLN KE 49 100.04 2.41 74.90
N TYR KE 50 101.21 2.94 74.51
CA TYR KE 50 101.85 4.03 75.21
C TYR KE 50 102.10 5.16 74.22
N VAL KE 51 101.56 6.35 74.51
CA VAL KE 51 101.69 7.49 73.62
C VAL KE 51 102.27 8.66 74.41
N SER KE 52 103.24 9.35 73.82
CA SER KE 52 103.84 10.54 74.39
C SER KE 52 103.73 11.68 73.40
N VAL KE 53 103.18 12.81 73.84
CA VAL KE 53 102.96 13.96 72.98
C VAL KE 53 103.56 15.20 73.62
N TYR KE 54 104.31 15.96 72.81
CA TYR KE 54 104.85 17.24 73.23
C TYR KE 54 104.51 18.28 72.17
N LYS KE 55 103.99 19.42 72.59
CA LYS KE 55 103.59 20.47 71.67
C LYS KE 55 104.68 21.54 71.61
N ARG KE 56 105.81 21.12 71.04
CA ARG KE 56 106.99 21.99 70.96
C ARG KE 56 106.76 23.13 69.98
N PRO KE 57 107.22 24.34 70.30
CA PRO KE 57 107.10 25.46 69.36
C PRO KE 57 107.91 25.23 68.09
N ALA KE 58 107.45 25.84 67.00
CA ALA KE 58 108.15 25.75 65.73
C ALA KE 58 109.51 26.42 65.84
N PRO KE 59 110.47 26.06 65.00
CA PRO KE 59 111.82 26.64 65.14
C PRO KE 59 111.80 28.16 64.98
N LYS KE 60 112.59 28.82 65.81
CA LYS KE 60 112.67 30.27 65.79
C LYS KE 60 113.42 30.75 64.54
N PRO KE 61 113.00 31.87 63.96
CA PRO KE 61 113.79 32.46 62.87
C PRO KE 61 115.16 32.93 63.36
N GLU KE 62 116.13 33.02 62.46
CA GLU KE 62 117.52 33.26 62.83
C GLU KE 62 117.79 34.74 62.93
N GLY KE 63 118.49 35.13 63.99
CA GLY KE 63 119.00 36.49 64.14
C GLY KE 63 118.02 37.51 64.67
N CYS KE 64 116.83 37.10 65.09
CA CYS KE 64 115.83 38.04 65.60
C CYS KE 64 115.42 37.64 67.01
N ALA KE 65 115.62 38.54 67.96
CA ALA KE 65 115.14 38.37 69.32
C ALA KE 65 113.80 39.09 69.44
N ASP KE 66 112.72 38.42 69.06
CA ASP KE 66 111.40 39.03 69.08
C ASP KE 66 110.99 39.35 70.52
N ALA KE 67 110.13 40.36 70.66
CA ALA KE 67 109.71 40.81 71.97
C ALA KE 67 108.97 39.70 72.71
N CYS KE 68 108.03 39.03 72.04
CA CYS KE 68 107.25 37.97 72.66
C CYS KE 68 107.16 36.79 71.70
N VAL KE 69 107.01 35.59 72.28
CA VAL KE 69 106.93 34.39 71.46
C VAL KE 69 105.59 34.31 70.75
N ILE KE 70 105.63 34.11 69.44
CA ILE KE 70 104.43 34.01 68.63
C ILE KE 70 104.54 32.75 67.76
N MET KE 71 105.34 31.80 68.21
CA MET KE 71 105.63 30.63 67.39
C MET KE 71 104.39 29.74 67.26
N PRO KE 72 104.05 29.30 66.05
CA PRO KE 72 102.93 28.38 65.88
C PRO KE 72 103.34 26.93 66.16
N ASN KE 73 103.30 26.56 67.45
CA ASN KE 73 103.80 25.26 67.92
C ASN KE 73 103.26 24.07 67.15
N GLU KE 74 104.03 22.98 67.12
CA GLU KE 74 103.75 21.80 66.32
C GLU KE 74 103.50 20.59 67.21
N ASN KE 75 103.31 19.44 66.58
CA ASN KE 75 102.97 18.22 67.29
C ASN KE 75 104.12 17.22 67.19
N GLN KE 76 104.56 16.71 68.33
CA GLN KE 76 105.56 15.65 68.39
C GLN KE 76 104.94 14.45 69.11
N SER KE 77 104.96 13.29 68.47
CA SER KE 77 104.29 12.11 68.98
C SER KE 77 105.21 10.89 68.94
N ILE KE 78 105.12 10.07 69.98
CA ILE KE 78 105.80 8.78 70.06
C ILE KE 78 104.81 7.76 70.58
N ARG KE 79 104.49 6.76 69.77
CA ARG KE 79 103.49 5.75 70.11
C ARG KE 79 104.12 4.38 70.03
N THR KE 80 104.03 3.63 71.14
CA THR KE 80 104.59 2.30 71.25
C THR KE 80 103.51 1.31 71.67
N VAL KE 81 103.42 0.20 70.96
CA VAL KE 81 102.44 -0.85 71.24
C VAL KE 81 103.20 -2.14 71.51
N ILE KE 82 102.98 -2.73 72.68
CA ILE KE 82 103.61 -3.98 73.07
C ILE KE 82 102.51 -5.02 73.27
N SER KE 83 102.57 -6.09 72.50
CA SER KE 83 101.56 -7.16 72.55
C SER KE 83 102.28 -8.49 72.76
N GLY KE 84 101.81 -9.26 73.74
CA GLY KE 84 102.40 -10.55 74.01
C GLY KE 84 101.73 -11.20 75.20
N SER KE 85 101.85 -12.52 75.25
CA SER KE 85 101.25 -13.29 76.33
C SER KE 85 101.98 -13.02 77.65
N ALA KE 86 101.22 -13.02 78.75
CA ALA KE 86 101.81 -12.78 80.05
C ALA KE 86 102.67 -13.95 80.52
N GLU KE 87 102.46 -15.13 79.93
CA GLU KE 87 103.26 -16.29 80.31
C GLU KE 87 104.71 -16.11 79.91
N ASN KE 88 104.95 -15.38 78.82
CA ASN KE 88 106.28 -15.15 78.28
C ASN KE 88 106.81 -13.75 78.58
N LEU KE 89 106.56 -13.25 79.80
CA LEU KE 89 106.88 -11.87 80.13
C LEU KE 89 108.38 -11.61 80.08
N ALA KE 90 109.19 -12.56 80.52
CA ALA KE 90 110.64 -12.36 80.50
C ALA KE 90 111.14 -12.22 79.08
N THR KE 91 110.69 -13.09 78.18
CA THR KE 91 111.06 -12.98 76.77
C THR KE 91 110.52 -11.70 76.14
N LEU KE 92 109.33 -11.26 76.55
CA LEU KE 92 108.81 -10.00 76.06
C LEU KE 92 109.67 -8.82 76.49
N LYS KE 93 110.16 -8.86 77.73
CA LYS KE 93 111.06 -7.79 78.20
C LYS KE 93 112.39 -7.83 77.46
N ALA KE 94 112.91 -9.02 77.19
CA ALA KE 94 114.12 -9.12 76.38
C ALA KE 94 113.89 -8.56 74.98
N GLU KE 95 112.73 -8.86 74.39
CA GLU KE 95 112.38 -8.29 73.10
C GLU KE 95 112.30 -6.77 73.16
N TRP KE 96 111.76 -6.24 74.26
CA TRP KE 96 111.68 -4.79 74.42
C TRP KE 96 113.06 -4.17 74.48
N GLU KE 97 113.98 -4.80 75.22
CA GLU KE 97 115.35 -4.28 75.29
C GLU KE 97 116.01 -4.30 73.91
N THR KE 98 115.86 -5.40 73.17
CA THR KE 98 116.45 -5.48 71.84
C THR KE 98 115.82 -4.45 70.90
N HIS KE 99 114.51 -4.24 71.01
CA HIS KE 99 113.83 -3.24 70.19
C HIS KE 99 114.34 -1.84 70.49
N LYS KE 100 114.53 -1.53 71.78
CA LYS KE 100 115.10 -0.24 72.15
C LYS KE 100 116.49 -0.08 71.56
N ARG KE 101 117.31 -1.12 71.64
CA ARG KE 101 118.66 -1.04 71.09
C ARG KE 101 118.63 -0.79 69.58
N ASN KE 102 117.78 -1.53 68.86
CA ASN KE 102 117.71 -1.37 67.42
C ASN KE 102 117.19 0.01 67.02
N VAL KE 103 116.16 0.50 67.71
CA VAL KE 103 115.61 1.80 67.38
C VAL KE 103 116.61 2.90 67.70
N ASP KE 104 117.38 2.74 68.77
CA ASP KE 104 118.44 3.70 69.07
C ASP KE 104 119.51 3.68 67.99
N THR KE 105 119.86 2.48 67.52
CA THR KE 105 120.87 2.38 66.46
C THR KE 105 120.41 3.07 65.18
N LEU KE 106 119.14 2.86 64.81
CA LEU KE 106 118.65 3.45 63.56
C LEU KE 106 118.39 4.95 63.69
N PHE KE 107 117.89 5.38 64.85
CA PHE KE 107 117.35 6.72 65.03
C PHE KE 107 118.20 7.61 65.93
N ALA KE 108 118.50 7.16 67.15
CA ALA KE 108 119.22 7.99 68.10
C ALA KE 108 120.62 8.31 67.60
N SER KE 109 121.32 7.31 67.06
CA SER KE 109 122.66 7.51 66.55
C SER KE 109 122.72 7.55 65.03
N GLY KE 110 121.61 7.35 64.34
CA GLY KE 110 121.55 7.39 62.90
C GLY KE 110 120.84 8.62 62.37
N ASN KE 111 120.57 8.60 61.07
CA ASN KE 111 119.91 9.73 60.43
C ASN KE 111 118.50 9.34 60.00
N ALA KE 112 117.84 8.47 60.75
CA ALA KE 112 116.48 8.08 60.42
C ALA KE 112 115.51 9.23 60.64
N GLY KE 113 115.83 10.12 61.57
CA GLY KE 113 114.96 11.26 61.83
C GLY KE 113 114.87 12.20 60.64
N LEU KE 114 115.97 12.38 59.92
CA LEU KE 114 115.95 13.26 58.76
C LEU KE 114 115.41 12.55 57.53
N GLY KE 115 115.23 11.23 57.59
CA GLY KE 115 114.61 10.50 56.51
C GLY KE 115 115.49 9.45 55.84
N PHE KE 116 116.66 9.17 56.39
CA PHE KE 116 117.54 8.19 55.75
C PHE KE 116 117.49 6.85 56.47
N LEU KE 117 117.24 5.79 55.71
CA LEU KE 117 117.26 4.42 56.21
C LEU KE 117 118.58 3.80 55.81
N ASP KE 118 119.48 3.65 56.77
CA ASP KE 118 120.80 3.10 56.49
C ASP KE 118 120.70 1.60 56.29
N PRO KE 119 121.09 1.05 55.14
CA PRO KE 119 121.03 -0.40 54.94
C PRO KE 119 122.21 -1.16 55.49
N THR KE 120 123.22 -0.48 56.03
CA THR KE 120 124.38 -1.14 56.61
C THR KE 120 124.40 -1.06 58.13
N ALA KE 121 123.31 -0.64 58.76
CA ALA KE 121 123.27 -0.50 60.20
C ALA KE 121 123.39 -1.85 60.89
N ALA KE 122 124.02 -1.84 62.06
CA ALA KE 122 124.25 -3.07 62.84
C ALA KE 122 123.00 -3.35 63.68
N ILE KE 123 122.06 -4.10 63.10
CA ILE KE 123 120.83 -4.46 63.76
C ILE KE 123 120.94 -5.90 64.26
N VAL KE 124 120.56 -6.13 65.52
CA VAL KE 124 120.74 -7.42 66.16
C VAL KE 124 119.40 -7.93 66.67
N SER KE 125 119.33 -9.25 66.84
CA SER KE 125 118.12 -9.89 67.36
C SER KE 125 118.25 -10.11 68.87
N SER KE 126 117.15 -10.59 69.46
CA SER KE 126 117.15 -10.84 70.90
C SER KE 126 117.92 -12.09 71.29
N ASP KE 127 118.01 -13.07 70.39
CA ASP KE 127 118.72 -14.30 70.70
C ASP KE 127 120.22 -14.05 70.81
N THR KE 128 120.85 -14.74 71.75
CA THR KE 128 122.26 -14.60 72.02
C THR KE 128 123.01 -15.88 71.66
N THR KE 129 124.22 -15.70 71.13
CA THR KE 129 125.06 -16.82 70.75
C THR KE 129 125.65 -17.49 71.99
N ALA LE 1 -3.31 132.69 -64.96
CA ALA LE 1 -3.82 131.68 -65.89
C ALA LE 1 -3.54 130.27 -65.38
N ASN LE 2 -4.58 129.62 -64.87
CA ASN LE 2 -4.42 128.26 -64.37
C ASN LE 2 -4.14 127.29 -65.51
N LYS LE 3 -3.33 126.29 -65.22
CA LYS LE 3 -2.93 125.33 -66.25
C LYS LE 3 -4.10 124.41 -66.59
N PRO LE 4 -4.48 124.31 -67.86
CA PRO LE 4 -5.51 123.32 -68.22
C PRO LE 4 -5.04 121.92 -67.85
N MET LE 5 -5.98 121.11 -67.37
CA MET LE 5 -5.67 119.77 -66.86
C MET LE 5 -6.61 118.77 -67.53
N GLN LE 6 -6.03 117.68 -68.03
CA GLN LE 6 -6.74 116.80 -68.95
C GLN LE 6 -6.98 115.43 -68.32
N PRO LE 7 -8.07 114.76 -68.67
CA PRO LE 7 -8.45 113.53 -67.95
C PRO LE 7 -7.54 112.36 -68.29
N ILE LE 8 -7.46 111.41 -67.37
CA ILE LE 8 -6.70 110.19 -67.58
C ILE LE 8 -7.57 108.94 -67.57
N THR LE 9 -8.72 108.97 -66.90
CA THR LE 9 -9.65 107.85 -66.89
C THR LE 9 -11.06 108.39 -67.04
N SER LE 10 -11.78 107.91 -68.04
CA SER LE 10 -13.13 108.38 -68.33
C SER LE 10 -14.11 107.23 -68.25
N THR LE 11 -15.16 107.42 -67.44
CA THR LE 11 -16.21 106.43 -67.27
C THR LE 11 -17.50 107.17 -66.94
N ALA LE 12 -18.63 106.48 -67.15
CA ALA LE 12 -19.92 107.10 -66.89
C ALA LE 12 -20.12 107.37 -65.39
N ASN LE 13 -19.34 106.70 -64.55
CA ASN LE 13 -19.49 106.81 -63.11
C ASN LE 13 -18.31 107.49 -62.43
N LYS LE 14 -17.21 107.74 -63.14
CA LYS LE 14 -16.01 108.31 -62.55
C LYS LE 14 -15.10 108.85 -63.63
N ILE LE 15 -14.67 110.10 -63.48
CA ILE LE 15 -13.67 110.71 -64.35
C ILE LE 15 -12.58 111.31 -63.47
N VAL LE 16 -11.33 110.99 -63.78
CA VAL LE 16 -10.18 111.45 -63.02
C VAL LE 16 -9.31 112.31 -63.92
N TRP LE 17 -8.95 113.49 -63.45
CA TRP LE 17 -8.09 114.41 -64.18
C TRP LE 17 -6.71 114.46 -63.52
N SER LE 18 -5.67 114.59 -64.33
CA SER LE 18 -4.31 114.70 -63.84
C SER LE 18 -3.54 115.74 -64.64
N ASP LE 19 -2.69 116.49 -63.96
CA ASP LE 19 -1.89 117.52 -64.62
C ASP LE 19 -0.83 116.88 -65.49
N PRO LE 20 -0.75 117.23 -66.78
CA PRO LE 20 0.31 116.64 -67.63
C PRO LE 20 1.70 116.91 -67.12
N THR LE 21 1.95 118.07 -66.49
CA THR LE 21 3.25 118.33 -65.91
C THR LE 21 3.50 117.56 -64.62
N ARG LE 22 2.47 117.37 -63.79
CA ARG LE 22 2.61 116.58 -62.57
C ARG LE 22 1.41 115.66 -62.39
N LEU LE 23 1.57 114.39 -62.77
CA LEU LE 23 0.48 113.43 -62.67
C LEU LE 23 0.12 113.16 -61.21
N SER LE 24 0.99 113.54 -60.29
CA SER LE 24 0.70 113.40 -58.87
C SER LE 24 -0.50 114.20 -58.43
N THR LE 25 -0.84 115.28 -59.14
CA THR LE 25 -1.98 116.10 -58.79
C THR LE 25 -3.22 115.58 -59.51
N THR LE 26 -4.22 115.16 -58.74
CA THR LE 26 -5.39 114.50 -59.30
C THR LE 26 -6.66 115.21 -58.84
N PHE LE 27 -7.72 115.02 -59.62
CA PHE LE 27 -9.05 115.54 -59.29
C PHE LE 27 -10.07 114.55 -59.83
N SER LE 28 -10.80 113.90 -58.93
CA SER LE 28 -11.72 112.83 -59.28
C SER LE 28 -13.14 113.21 -58.91
N ALA LE 29 -14.08 112.88 -59.80
CA ALA LE 29 -15.51 113.11 -59.57
C ALA LE 29 -16.24 111.79 -59.77
N SER LE 30 -16.98 111.36 -58.74
CA SER LE 30 -17.69 110.09 -58.77
C SER LE 30 -19.14 110.35 -58.35
N LEU LE 31 -20.07 109.71 -59.04
CA LEU LE 31 -21.49 109.85 -58.76
C LEU LE 31 -22.12 108.50 -58.47
N LEU LE 32 -23.09 108.49 -57.56
CA LEU LE 32 -23.87 107.32 -57.22
C LEU LE 32 -25.34 107.70 -57.20
N ARG LE 33 -26.18 106.89 -57.83
CA ARG LE 33 -27.59 107.20 -58.01
C ARG LE 33 -28.44 106.10 -57.42
N GLN LE 34 -29.45 106.49 -56.63
CA GLN LE 34 -30.43 105.58 -56.07
C GLN LE 34 -31.80 106.23 -56.17
N ARG LE 35 -32.84 105.41 -55.99
CA ARG LE 35 -34.21 105.89 -55.91
C ARG LE 35 -34.68 105.76 -54.47
N VAL LE 36 -35.12 106.87 -53.89
CA VAL LE 36 -35.54 106.92 -52.49
C VAL LE 36 -36.99 107.36 -52.43
N LYS LE 37 -37.81 106.62 -51.70
CA LYS LE 37 -39.24 106.90 -51.58
C LYS LE 37 -39.47 107.77 -50.35
N VAL LE 38 -39.11 109.05 -50.47
CA VAL LE 38 -39.30 109.99 -49.37
C VAL LE 38 -40.78 110.30 -49.18
N GLY LE 39 -41.47 110.65 -50.25
CA GLY LE 39 -42.82 111.15 -50.17
C GLY LE 39 -43.79 110.34 -51.00
N ILE LE 40 -43.67 109.01 -50.93
CA ILE LE 40 -44.38 108.02 -51.74
C ILE LE 40 -44.21 108.35 -53.22
N ALA LE 41 -43.18 109.12 -53.52
CA ALA LE 41 -42.76 109.42 -54.88
C ALA LE 41 -41.28 109.09 -54.99
N GLU LE 42 -40.89 108.45 -56.09
CA GLU LE 42 -39.53 107.94 -56.25
C GLU LE 42 -38.61 109.09 -56.70
N LEU LE 43 -38.08 109.80 -55.71
CA LEU LE 43 -37.09 110.82 -56.00
C LEU LE 43 -35.75 110.19 -56.34
N ASN LE 44 -35.00 110.83 -57.23
CA ASN LE 44 -33.71 110.31 -57.69
C ASN LE 44 -32.58 111.18 -57.15
N ASN LE 45 -32.06 110.78 -56.00
CA ASN LE 45 -30.96 111.51 -55.38
C ASN LE 45 -29.64 111.18 -56.07
N VAL LE 46 -28.70 112.12 -56.00
CA VAL LE 46 -27.37 111.96 -56.57
C VAL LE 46 -26.34 112.26 -55.49
N SER LE 47 -25.46 111.31 -55.24
CA SER LE 47 -24.39 111.45 -54.25
C SER LE 47 -23.09 111.68 -55.00
N GLY LE 48 -22.82 112.94 -55.34
CA GLY LE 48 -21.62 113.31 -56.07
C GLY LE 48 -20.46 113.54 -55.12
N GLN LE 49 -19.39 112.80 -55.33
CA GLN LE 49 -18.17 112.91 -54.53
C GLN LE 49 -17.05 113.50 -55.38
N TYR LE 50 -16.52 114.63 -54.94
CA TYR LE 50 -15.45 115.32 -55.66
C TYR LE 50 -14.23 115.38 -54.75
N VAL LE 51 -13.11 114.84 -55.22
CA VAL LE 51 -11.89 114.73 -54.43
C VAL LE 51 -10.75 115.41 -55.15
N SER LE 52 -10.01 116.26 -54.44
CA SER LE 52 -8.82 116.91 -54.96
C SER LE 52 -7.61 116.48 -54.13
N VAL LE 53 -6.56 116.06 -54.81
CA VAL LE 53 -5.37 115.53 -54.17
C VAL LE 53 -4.14 116.25 -54.70
N TYR LE 54 -3.31 116.76 -53.80
CA TYR LE 54 -2.05 117.38 -54.14
C TYR LE 54 -0.98 116.86 -53.20
N LYS LE 55 0.12 116.36 -53.75
CA LYS LE 55 1.26 115.93 -52.96
C LYS LE 55 2.26 117.08 -52.87
N ARG LE 56 2.30 117.73 -51.71
CA ARG LE 56 3.07 118.94 -51.50
C ARG LE 56 4.42 118.61 -50.90
N PRO LE 57 5.54 118.95 -51.54
CA PRO LE 57 6.83 118.74 -50.91
C PRO LE 57 7.10 119.79 -49.85
N ALA LE 58 7.20 119.35 -48.59
CA ALA LE 58 7.37 120.27 -47.46
C ALA LE 58 8.51 119.81 -46.55
N PRO LE 59 9.76 119.81 -47.04
CA PRO LE 59 10.89 119.81 -46.10
C PRO LE 59 10.92 121.06 -45.26
N LYS LE 60 10.45 122.17 -45.84
CA LYS LE 60 10.34 123.49 -45.22
C LYS LE 60 11.67 123.95 -44.62
N PRO LE 61 12.72 124.12 -45.42
CA PRO LE 61 13.97 124.67 -44.89
C PRO LE 61 13.82 126.18 -44.69
N GLU LE 62 13.68 126.60 -43.44
CA GLU LE 62 13.42 127.99 -43.13
C GLU LE 62 14.65 128.84 -43.38
N GLY LE 63 14.60 129.61 -44.46
CA GLY LE 63 15.67 130.55 -44.77
C GLY LE 63 16.61 130.24 -45.91
N CYS LE 64 16.94 128.96 -46.12
CA CYS LE 64 17.96 128.65 -47.11
C CYS LE 64 17.53 127.44 -47.93
N ALA LE 65 17.73 127.55 -49.24
CA ALA LE 65 17.63 126.43 -50.17
C ALA LE 65 18.86 126.45 -51.05
N ASP LE 66 19.50 125.31 -51.21
CA ASP LE 66 20.82 125.34 -51.84
C ASP LE 66 20.89 124.64 -53.19
N ALA LE 67 20.52 123.36 -53.26
CA ALA LE 67 20.73 122.58 -54.47
C ALA LE 67 19.63 121.53 -54.59
N CYS LE 68 19.86 120.56 -55.47
CA CYS LE 68 18.88 119.51 -55.73
C CYS LE 68 18.85 118.52 -54.57
N VAL LE 69 17.95 118.75 -53.61
CA VAL LE 69 17.74 117.86 -52.48
C VAL LE 69 16.42 117.13 -52.74
N ILE LE 70 16.39 115.84 -52.39
CA ILE LE 70 15.16 115.06 -52.56
C ILE LE 70 14.05 115.64 -51.69
N MET LE 71 12.89 115.84 -52.29
CA MET LE 71 11.73 116.31 -51.55
C MET LE 71 10.97 115.14 -50.94
N PRO LE 72 10.86 115.06 -49.62
CA PRO LE 72 9.87 114.16 -49.02
C PRO LE 72 8.48 114.76 -49.10
N ASN LE 73 7.49 113.96 -49.45
CA ASN LE 73 6.18 114.48 -49.86
C ASN LE 73 5.13 114.22 -48.79
N GLU LE 74 4.21 115.17 -48.64
CA GLU LE 74 3.00 115.00 -47.86
C GLU LE 74 1.80 115.19 -48.76
N ASN LE 75 0.68 114.59 -48.39
CA ASN LE 75 -0.52 114.58 -49.22
C ASN LE 75 -1.51 115.60 -48.67
N GLN LE 76 -2.00 116.47 -49.55
CA GLN LE 76 -3.05 117.43 -49.23
C GLN LE 76 -4.32 116.98 -49.92
N SER LE 77 -5.37 116.72 -49.17
CA SER LE 77 -6.61 116.17 -49.70
C SER LE 77 -7.79 117.06 -49.33
N ILE LE 78 -8.62 117.36 -50.33
CA ILE LE 78 -9.85 118.11 -50.15
C ILE LE 78 -10.94 117.38 -50.94
N ARG LE 79 -11.85 116.71 -50.22
CA ARG LE 79 -12.93 115.97 -50.85
C ARG LE 79 -14.27 116.53 -50.38
N THR LE 80 -15.23 116.57 -51.30
CA THR LE 80 -16.55 117.11 -51.03
C THR LE 80 -17.61 116.13 -51.51
N VAL LE 81 -18.63 115.91 -50.69
CA VAL LE 81 -19.74 115.01 -51.02
C VAL LE 81 -21.01 115.84 -51.06
N ILE LE 82 -21.71 115.81 -52.19
CA ILE LE 82 -22.97 116.52 -52.38
C ILE LE 82 -24.06 115.48 -52.60
N SER LE 83 -25.09 115.52 -51.75
CA SER LE 83 -26.18 114.56 -51.80
C SER LE 83 -27.50 115.31 -51.78
N GLY LE 84 -28.44 114.88 -52.62
CA GLY LE 84 -29.75 115.50 -52.68
C GLY LE 84 -30.55 115.06 -53.89
N SER LE 85 -31.87 115.25 -53.83
CA SER LE 85 -32.73 114.86 -54.94
C SER LE 85 -32.48 115.76 -56.15
N ALA LE 86 -32.57 115.16 -57.34
CA ALA LE 86 -32.33 115.91 -58.57
C ALA LE 86 -33.42 116.95 -58.82
N GLU LE 87 -34.61 116.71 -58.26
CA GLU LE 87 -35.72 117.62 -58.50
C GLU LE 87 -35.59 118.92 -57.70
N ASN LE 88 -34.62 118.99 -56.80
CA ASN LE 88 -34.34 120.17 -56.00
C ASN LE 88 -32.96 120.73 -56.31
N LEU LE 89 -32.62 120.82 -57.59
CA LEU LE 89 -31.27 121.21 -57.98
C LEU LE 89 -30.97 122.66 -57.62
N ALA LE 90 -31.94 123.55 -57.80
CA ALA LE 90 -31.73 124.96 -57.45
C ALA LE 90 -31.47 125.12 -55.96
N THR LE 91 -32.27 124.43 -55.14
CA THR LE 91 -32.05 124.43 -53.71
C THR LE 91 -30.69 123.85 -53.34
N LEU LE 92 -30.28 122.77 -54.00
CA LEU LE 92 -28.99 122.18 -53.70
C LEU LE 92 -27.85 123.13 -54.06
N LYS LE 93 -28.01 123.87 -55.16
CA LYS LE 93 -26.99 124.84 -55.54
C LYS LE 93 -26.92 125.99 -54.53
N ALA LE 94 -28.07 126.45 -54.05
CA ALA LE 94 -28.07 127.47 -53.01
C ALA LE 94 -27.41 126.96 -51.74
N GLU LE 95 -27.68 125.70 -51.38
CA GLU LE 95 -27.02 125.08 -50.23
C GLU LE 95 -25.52 125.02 -50.44
N TRP LE 96 -25.08 124.70 -51.66
CA TRP LE 96 -23.65 124.67 -51.94
C TRP LE 96 -23.02 126.04 -51.78
N GLU LE 97 -23.70 127.08 -52.25
CA GLU LE 97 -23.16 128.43 -52.10
C GLU LE 97 -23.06 128.81 -50.62
N THR LE 98 -24.11 128.52 -49.84
CA THR LE 98 -24.07 128.83 -48.42
C THR LE 98 -22.97 128.03 -47.71
N HIS LE 99 -22.78 126.78 -48.10
CA HIS LE 99 -21.73 125.95 -47.52
C HIS LE 99 -20.36 126.53 -47.83
N LYS LE 100 -20.16 126.97 -49.06
CA LYS LE 100 -18.89 127.62 -49.42
C LYS LE 100 -18.66 128.85 -48.56
N ARG LE 101 -19.70 129.67 -48.38
CA ARG LE 101 -19.56 130.88 -47.57
C ARG LE 101 -19.19 130.53 -46.13
N ASN LE 102 -19.86 129.55 -45.55
CA ASN LE 102 -19.59 129.20 -44.14
C ASN LE 102 -18.20 128.61 -43.99
N VAL LE 103 -17.80 127.71 -44.90
CA VAL LE 103 -16.47 127.12 -44.81
C VAL LE 103 -15.40 128.19 -45.00
N ASP LE 104 -15.63 129.15 -45.89
CA ASP LE 104 -14.70 130.26 -46.04
C ASP LE 104 -14.59 131.06 -44.76
N THR LE 105 -15.74 131.35 -44.12
CA THR LE 105 -15.73 132.12 -42.90
C THR LE 105 -14.94 131.42 -41.80
N LEU LE 106 -15.10 130.10 -41.68
CA LEU LE 106 -14.39 129.36 -40.65
C LEU LE 106 -12.91 129.15 -40.98
N PHE LE 107 -12.58 128.95 -42.25
CA PHE LE 107 -11.27 128.46 -42.65
C PHE LE 107 -10.41 129.52 -43.31
N ALA LE 108 -10.90 130.14 -44.39
CA ALA LE 108 -10.07 131.08 -45.14
C ALA LE 108 -9.76 132.33 -44.34
N SER LE 109 -10.79 132.93 -43.74
CA SER LE 109 -10.62 134.13 -42.93
C SER LE 109 -10.41 133.82 -41.46
N GLY LE 110 -10.50 132.55 -41.05
CA GLY LE 110 -10.31 132.17 -39.68
C GLY LE 110 -9.00 131.41 -39.46
N ASN LE 111 -8.95 130.70 -38.34
CA ASN LE 111 -7.77 129.92 -37.97
C ASN LE 111 -8.09 128.44 -37.83
N ALA LE 112 -9.14 127.98 -38.51
CA ALA LE 112 -9.49 126.56 -38.43
C ALA LE 112 -8.43 125.68 -39.08
N GLY LE 113 -7.64 126.24 -39.99
CA GLY LE 113 -6.60 125.45 -40.64
C GLY LE 113 -5.45 125.12 -39.69
N LEU LE 114 -5.31 125.91 -38.63
CA LEU LE 114 -4.25 125.66 -37.66
C LEU LE 114 -4.79 124.84 -36.49
N GLY LE 115 -6.04 124.41 -36.59
CA GLY LE 115 -6.64 123.62 -35.53
C GLY LE 115 -7.30 124.46 -34.45
N PHE LE 116 -8.14 125.41 -34.84
CA PHE LE 116 -8.82 126.29 -33.90
C PHE LE 116 -10.30 126.36 -34.23
N LEU LE 117 -11.12 126.57 -33.20
CA LEU LE 117 -12.55 126.78 -33.35
C LEU LE 117 -12.91 128.16 -32.82
N ASP LE 118 -13.71 128.91 -33.58
CA ASP LE 118 -14.16 130.21 -33.14
C ASP LE 118 -15.66 130.17 -32.90
N PRO LE 119 -16.12 130.07 -31.65
CA PRO LE 119 -17.57 130.04 -31.39
C PRO LE 119 -18.30 131.30 -31.81
N THR LE 120 -17.59 132.41 -31.99
CA THR LE 120 -18.21 133.68 -32.36
C THR LE 120 -18.24 133.91 -33.87
N ALA LE 121 -17.91 132.89 -34.66
CA ALA LE 121 -17.90 133.04 -36.11
C ALA LE 121 -19.32 133.28 -36.62
N ALA LE 122 -19.43 134.06 -37.70
CA ALA LE 122 -20.71 134.44 -38.27
C ALA LE 122 -21.12 133.41 -39.32
N ILE LE 123 -21.86 132.41 -38.86
CA ILE LE 123 -22.39 131.37 -39.73
C ILE LE 123 -23.81 131.75 -40.14
N VAL LE 124 -24.13 131.58 -41.42
CA VAL LE 124 -25.41 131.98 -41.97
C VAL LE 124 -26.07 130.79 -42.65
N SER LE 125 -27.40 130.82 -42.71
CA SER LE 125 -28.16 129.78 -43.38
C SER LE 125 -28.49 130.18 -44.81
N SER LE 126 -29.00 129.23 -45.58
CA SER LE 126 -29.37 129.50 -46.96
C SER LE 126 -30.64 130.32 -47.07
N ASP LE 127 -31.53 130.23 -46.09
CA ASP LE 127 -32.77 130.99 -46.13
C ASP LE 127 -32.49 132.48 -45.95
N THR LE 128 -33.32 133.30 -46.59
CA THR LE 128 -33.18 134.74 -46.54
C THR LE 128 -34.36 135.35 -45.79
N THR LE 129 -34.18 136.59 -45.37
CA THR LE 129 -35.23 137.31 -44.65
C THR LE 129 -36.08 138.14 -45.60
N ALA ME 1 -41.80 119.67 -80.92
CA ALA ME 1 -40.47 119.13 -80.66
C ALA ME 1 -40.44 118.35 -79.36
N ASN ME 2 -40.18 117.05 -79.45
CA ASN ME 2 -40.15 116.21 -78.26
C ASN ME 2 -38.83 116.39 -77.51
N LYS ME 3 -38.85 116.09 -76.22
CA LYS ME 3 -37.68 116.32 -75.38
C LYS ME 3 -36.62 115.26 -75.65
N PRO ME 4 -35.35 115.64 -75.82
CA PRO ME 4 -34.30 114.65 -76.04
C PRO ME 4 -33.75 114.09 -74.73
N MET ME 5 -32.92 113.06 -74.85
CA MET ME 5 -32.18 112.52 -73.72
C MET ME 5 -30.68 112.69 -73.93
N GLN ME 6 -29.94 112.44 -72.87
CA GLN ME 6 -28.49 112.33 -72.84
C GLN ME 6 -28.09 111.02 -72.18
N PRO ME 7 -26.96 110.42 -72.57
CA PRO ME 7 -26.55 109.16 -71.94
C PRO ME 7 -26.14 109.39 -70.49
N ILE ME 8 -26.55 108.47 -69.62
CA ILE ME 8 -26.29 108.56 -68.19
C ILE ME 8 -25.32 107.46 -67.75
N THR ME 9 -25.49 106.26 -68.25
CA THR ME 9 -24.52 105.18 -68.07
C THR ME 9 -24.13 104.63 -69.43
N SER ME 10 -22.83 104.58 -69.68
CA SER ME 10 -22.34 104.26 -71.02
C SER ME 10 -21.36 103.10 -70.97
N THR ME 11 -21.76 101.99 -71.58
CA THR ME 11 -20.88 100.87 -71.86
C THR ME 11 -21.16 100.41 -73.29
N ALA ME 12 -20.12 99.93 -73.97
CA ALA ME 12 -20.31 99.47 -75.34
C ALA ME 12 -21.30 98.31 -75.40
N ASN ME 13 -21.41 97.53 -74.32
CA ASN ME 13 -22.41 96.48 -74.26
C ASN ME 13 -23.81 97.03 -73.97
N LYS ME 14 -23.90 98.16 -73.27
CA LYS ME 14 -25.19 98.68 -72.84
C LYS ME 14 -25.09 100.18 -72.59
N ILE ME 15 -25.94 100.95 -73.27
CA ILE ME 15 -26.05 102.39 -73.07
C ILE ME 15 -27.50 102.73 -72.73
N VAL ME 16 -27.69 103.52 -71.68
CA VAL ME 16 -29.02 103.91 -71.22
C VAL ME 16 -29.13 105.43 -71.32
N TRP ME 17 -30.24 105.89 -71.88
CA TRP ME 17 -30.54 107.30 -72.00
C TRP ME 17 -31.55 107.72 -70.95
N SER ME 18 -31.44 108.96 -70.48
CA SER ME 18 -32.33 109.45 -69.44
C SER ME 18 -32.64 110.93 -69.68
N ASP ME 19 -33.88 111.31 -69.40
CA ASP ME 19 -34.32 112.68 -69.60
C ASP ME 19 -33.86 113.53 -68.43
N PRO ME 20 -33.13 114.63 -68.67
CA PRO ME 20 -32.69 115.47 -67.54
C PRO ME 20 -33.83 116.00 -66.70
N THR ME 21 -35.01 116.24 -67.28
CA THR ME 21 -36.14 116.77 -66.53
C THR ME 21 -36.96 115.69 -65.83
N ARG ME 22 -36.98 114.47 -66.37
CA ARG ME 22 -37.69 113.36 -65.74
C ARG ME 22 -36.78 112.14 -65.78
N LEU ME 23 -36.06 111.91 -64.68
CA LEU ME 23 -35.10 110.81 -64.65
C LEU ME 23 -35.77 109.45 -64.67
N SER ME 24 -37.08 109.38 -64.41
CA SER ME 24 -37.78 108.10 -64.45
C SER ME 24 -37.97 107.58 -65.88
N THR ME 25 -37.74 108.41 -66.89
CA THR ME 25 -37.85 108.00 -68.28
C THR ME 25 -36.47 107.52 -68.75
N THR ME 26 -36.43 106.27 -69.23
CA THR ME 26 -35.18 105.65 -69.65
C THR ME 26 -35.35 104.94 -70.98
N PHE ME 27 -34.24 104.79 -71.70
CA PHE ME 27 -34.18 104.03 -72.93
C PHE ME 27 -32.85 103.31 -73.00
N SER ME 28 -32.89 101.99 -73.02
CA SER ME 28 -31.68 101.17 -72.95
C SER ME 28 -31.51 100.38 -74.24
N ALA ME 29 -30.26 100.26 -74.68
CA ALA ME 29 -29.91 99.46 -75.85
C ALA ME 29 -28.73 98.58 -75.47
N SER ME 30 -28.93 97.26 -75.52
CA SER ME 30 -27.89 96.30 -75.21
C SER ME 30 -27.78 95.31 -76.37
N LEU ME 31 -26.58 95.17 -76.92
CA LEU ME 31 -26.32 94.24 -78.01
C LEU ME 31 -25.36 93.16 -77.54
N LEU ME 32 -25.75 91.90 -77.74
CA LEU ME 32 -24.91 90.76 -77.44
C LEU ME 32 -24.55 90.06 -78.74
N ARG ME 33 -23.27 90.02 -79.06
CA ARG ME 33 -22.80 89.48 -80.34
C ARG ME 33 -22.09 88.15 -80.09
N GLN ME 34 -22.40 87.16 -80.92
CA GLN ME 34 -21.83 85.83 -80.82
C GLN ME 34 -21.65 85.26 -82.22
N ARG ME 35 -20.58 84.49 -82.41
CA ARG ME 35 -20.28 83.87 -83.69
C ARG ME 35 -20.94 82.50 -83.72
N VAL ME 36 -22.20 82.46 -84.14
CA VAL ME 36 -22.94 81.22 -84.28
C VAL ME 36 -22.90 80.80 -85.74
N LYS ME 37 -22.10 79.78 -86.05
CA LYS ME 37 -21.89 79.40 -87.43
C LYS ME 37 -22.77 78.23 -87.83
N VAL ME 38 -23.47 78.39 -88.96
CA VAL ME 38 -24.21 77.31 -89.58
C VAL ME 38 -23.21 76.47 -90.37
N GLY ME 39 -23.64 75.31 -90.86
CA GLY ME 39 -22.77 74.40 -91.57
C GLY ME 39 -22.02 75.04 -92.72
N ILE ME 40 -20.71 74.76 -92.79
CA ILE ME 40 -19.79 75.22 -93.84
C ILE ME 40 -19.95 76.71 -94.13
N ALA ME 41 -20.31 77.49 -93.11
CA ALA ME 41 -20.47 78.93 -93.27
C ALA ME 41 -20.14 79.61 -91.96
N GLU ME 42 -19.81 80.89 -92.05
CA GLU ME 42 -19.50 81.73 -90.90
C GLU ME 42 -20.50 82.88 -90.84
N LEU ME 43 -21.12 83.06 -89.67
CA LEU ME 43 -22.13 84.09 -89.50
C LEU ME 43 -21.93 84.77 -88.15
N ASN ME 44 -22.11 86.09 -88.12
CA ASN ME 44 -22.03 86.87 -86.90
C ASN ME 44 -23.43 87.27 -86.47
N ASN ME 45 -23.86 86.77 -85.33
CA ASN ME 45 -25.20 87.01 -84.81
C ASN ME 45 -25.16 88.17 -83.81
N VAL ME 46 -26.06 89.13 -84.00
CA VAL ME 46 -26.15 90.32 -83.15
C VAL ME 46 -27.58 90.38 -82.64
N SER ME 47 -27.77 90.16 -81.35
CA SER ME 47 -29.07 90.25 -80.71
C SER ME 47 -29.18 91.58 -79.98
N GLY ME 48 -30.16 92.39 -80.37
CA GLY ME 48 -30.31 93.71 -79.78
C GLY ME 48 -31.55 93.85 -78.93
N GLN ME 49 -31.37 94.22 -77.67
CA GLN ME 49 -32.46 94.41 -76.73
C GLN ME 49 -32.65 95.90 -76.46
N TYR ME 50 -33.87 96.38 -76.71
CA TYR ME 50 -34.20 97.79 -76.53
C TYR ME 50 -35.37 97.90 -75.57
N VAL ME 51 -35.21 98.66 -74.50
CA VAL ME 51 -36.20 98.79 -73.45
C VAL ME 51 -36.54 100.26 -73.25
N SER ME 52 -37.83 100.57 -73.26
CA SER ME 52 -38.34 101.90 -72.96
C SER ME 52 -39.19 101.84 -71.71
N VAL ME 53 -38.88 102.71 -70.74
CA VAL ME 53 -39.56 102.74 -69.46
C VAL ME 53 -40.08 104.15 -69.21
N TYR ME 54 -41.34 104.25 -68.87
CA TYR ME 54 -41.97 105.52 -68.49
C TYR ME 54 -42.91 105.27 -67.33
N LYS ME 55 -42.79 106.05 -66.28
CA LYS ME 55 -43.64 105.94 -65.10
C LYS ME 55 -44.75 106.98 -65.22
N ARG ME 56 -45.91 106.55 -65.67
CA ARG ME 56 -47.05 107.42 -65.91
C ARG ME 56 -47.98 107.43 -64.71
N PRO ME 57 -48.43 108.59 -64.26
CA PRO ME 57 -49.38 108.63 -63.15
C PRO ME 57 -50.69 107.95 -63.52
N ALA ME 58 -51.32 107.35 -62.51
CA ALA ME 58 -52.59 106.68 -62.72
C ALA ME 58 -53.63 107.70 -63.15
N PRO ME 59 -54.64 107.28 -63.92
CA PRO ME 59 -55.60 108.25 -64.45
C PRO ME 59 -56.44 108.91 -63.36
N LYS ME 60 -56.49 110.23 -63.38
CA LYS ME 60 -57.29 111.01 -62.45
C LYS ME 60 -58.76 110.80 -62.75
N PRO ME 61 -59.65 110.94 -61.75
CA PRO ME 61 -61.08 110.77 -62.00
C PRO ME 61 -61.61 111.73 -63.05
N GLU ME 62 -62.54 111.26 -63.89
CA GLU ME 62 -63.01 112.06 -65.01
C GLU ME 62 -63.68 113.34 -64.56
N GLY ME 63 -64.49 113.26 -63.50
CA GLY ME 63 -65.15 114.45 -63.00
C GLY ME 63 -64.32 115.16 -61.94
N CYS ME 64 -63.11 115.56 -62.31
CA CYS ME 64 -62.19 116.23 -61.40
C CYS ME 64 -61.62 117.47 -62.05
N ALA ME 65 -61.69 118.59 -61.32
CA ALA ME 65 -61.04 119.83 -61.72
C ALA ME 65 -60.10 120.36 -60.64
N ASP ME 66 -59.72 119.54 -59.67
CA ASP ME 66 -58.89 120.00 -58.56
C ASP ME 66 -57.50 120.38 -59.06
N ALA ME 67 -56.90 121.36 -58.41
CA ALA ME 67 -55.61 121.89 -58.84
C ALA ME 67 -54.51 120.83 -58.82
N CYS ME 68 -54.19 120.32 -57.64
CA CYS ME 68 -53.10 119.35 -57.50
C CYS ME 68 -53.54 118.21 -56.60
N VAL ME 69 -53.84 117.07 -57.21
CA VAL ME 69 -54.07 115.82 -56.48
C VAL ME 69 -53.25 114.75 -57.19
N ILE ME 70 -52.18 114.29 -56.56
CA ILE ME 70 -51.20 113.42 -57.20
C ILE ME 70 -51.44 111.99 -56.74
N MET ME 71 -51.59 111.08 -57.70
CA MET ME 71 -51.76 109.66 -57.45
C MET ME 71 -50.51 108.92 -57.91
N PRO ME 72 -50.19 107.77 -57.32
CA PRO ME 72 -48.89 107.13 -57.58
C PRO ME 72 -48.76 106.66 -59.03
N ASN ME 73 -47.51 106.51 -59.43
CA ASN ME 73 -47.16 106.20 -60.81
C ASN ME 73 -47.30 104.70 -61.08
N GLU ME 74 -47.48 104.35 -62.35
CA GLU ME 74 -47.53 102.97 -62.80
C GLU ME 74 -46.39 102.74 -63.78
N ASN ME 75 -45.98 101.50 -63.93
CA ASN ME 75 -44.85 101.18 -64.79
C ASN ME 75 -45.33 100.84 -66.19
N GLN ME 76 -44.78 101.53 -67.19
CA GLN ME 76 -45.05 101.26 -68.60
C GLN ME 76 -43.74 100.86 -69.25
N SER ME 77 -43.70 99.66 -69.82
CA SER ME 77 -42.48 99.11 -70.40
C SER ME 77 -42.76 98.59 -71.81
N ILE ME 78 -41.84 98.87 -72.73
CA ILE ME 78 -41.86 98.34 -74.07
C ILE ME 78 -40.47 97.79 -74.37
N ARG ME 79 -40.39 96.48 -74.63
CA ARG ME 79 -39.13 95.78 -74.78
C ARG ME 79 -39.12 95.03 -76.10
N THR ME 80 -38.15 95.35 -76.96
CA THR ME 80 -38.02 94.71 -78.26
C THR ME 80 -36.65 94.04 -78.37
N VAL ME 81 -36.65 92.82 -78.90
CA VAL ME 81 -35.43 92.06 -79.11
C VAL ME 81 -35.36 91.70 -80.59
N ILE ME 82 -34.25 92.05 -81.24
CA ILE ME 82 -34.02 91.77 -82.65
C ILE ME 82 -32.79 90.89 -82.75
N SER ME 83 -32.95 89.70 -83.34
CA SER ME 83 -31.88 88.73 -83.45
C SER ME 83 -31.72 88.33 -84.91
N GLY ME 84 -30.49 88.39 -85.41
CA GLY ME 84 -30.22 88.00 -86.78
C GLY ME 84 -28.76 88.17 -87.17
N SER ME 85 -28.37 87.60 -88.30
CA SER ME 85 -26.99 87.71 -88.76
C SER ME 85 -26.73 89.10 -89.33
N ALA ME 86 -25.46 89.50 -89.31
CA ALA ME 86 -25.09 90.80 -89.87
C ALA ME 86 -25.17 90.80 -91.38
N GLU ME 87 -25.02 89.62 -92.00
CA GLU ME 87 -25.04 89.54 -93.46
C GLU ME 87 -26.41 89.84 -94.02
N ASN ME 88 -27.47 89.54 -93.25
CA ASN ME 88 -28.85 89.72 -93.68
C ASN ME 88 -29.47 90.99 -93.12
N LEU ME 89 -28.71 92.07 -93.02
CA LEU ME 89 -29.19 93.27 -92.35
C LEU ME 89 -30.36 93.92 -93.10
N ALA ME 90 -30.30 93.97 -94.43
CA ALA ME 90 -31.36 94.59 -95.19
C ALA ME 90 -32.68 93.82 -95.05
N THR ME 91 -32.60 92.49 -95.15
CA THR ME 91 -33.79 91.68 -94.96
C THR ME 91 -34.31 91.75 -93.53
N LEU ME 92 -33.41 91.87 -92.55
CA LEU ME 92 -33.85 92.04 -91.18
C LEU ME 92 -34.56 93.38 -90.99
N LYS ME 93 -34.09 94.42 -91.69
CA LYS ME 93 -34.78 95.71 -91.65
C LYS ME 93 -36.18 95.60 -92.27
N ALA ME 94 -36.29 94.87 -93.38
CA ALA ME 94 -37.61 94.64 -93.96
C ALA ME 94 -38.52 93.88 -93.01
N GLU ME 95 -37.98 92.88 -92.33
CA GLU ME 95 -38.74 92.15 -91.32
C GLU ME 95 -39.17 93.08 -90.20
N TRP ME 96 -38.30 94.03 -89.83
CA TRP ME 96 -38.64 94.98 -88.78
C TRP ME 96 -39.79 95.88 -89.20
N GLU ME 97 -39.78 96.33 -90.46
CA GLU ME 97 -40.89 97.13 -90.96
C GLU ME 97 -42.20 96.34 -90.96
N THR ME 98 -42.15 95.08 -91.40
CA THR ME 98 -43.35 94.25 -91.39
C THR ME 98 -43.84 94.02 -89.97
N HIS ME 99 -42.92 93.83 -89.03
CA HIS ME 99 -43.27 93.67 -87.63
C HIS ME 99 -43.94 94.93 -87.09
N LYS ME 100 -43.42 96.10 -87.48
CA LYS ME 100 -44.09 97.35 -87.14
C LYS ME 100 -45.52 97.36 -87.63
N ARG ME 101 -45.72 97.00 -88.90
CA ARG ME 101 -47.08 97.06 -89.46
C ARG ME 101 -48.02 96.11 -88.72
N ASN ME 102 -47.54 94.90 -88.43
CA ASN ME 102 -48.41 93.93 -87.77
C ASN ME 102 -48.74 94.34 -86.34
N VAL ME 103 -47.72 94.77 -85.58
CA VAL ME 103 -47.97 95.19 -84.20
C VAL ME 103 -48.87 96.42 -84.18
N ASP ME 104 -48.72 97.30 -85.17
CA ASP ME 104 -49.58 98.47 -85.26
C ASP ME 104 -51.02 98.08 -85.52
N THR ME 105 -51.26 97.19 -86.48
CA THR ME 105 -52.63 96.84 -86.81
C THR ME 105 -53.28 96.02 -85.69
N LEU ME 106 -52.46 95.39 -84.84
CA LEU ME 106 -53.04 94.71 -83.68
C LEU ME 106 -53.29 95.65 -82.50
N PHE ME 107 -52.37 96.59 -82.25
CA PHE ME 107 -52.34 97.38 -81.03
C PHE ME 107 -52.88 98.80 -81.23
N ALA ME 108 -52.29 99.56 -82.15
CA ALA ME 108 -52.66 100.97 -82.28
C ALA ME 108 -54.07 101.13 -82.83
N SER ME 109 -54.39 100.41 -83.90
CA SER ME 109 -55.72 100.47 -84.49
C SER ME 109 -56.63 99.33 -84.05
N GLY ME 110 -56.17 98.47 -83.14
CA GLY ME 110 -56.94 97.34 -82.69
C GLY ME 110 -57.44 97.51 -81.27
N ASN ME 111 -57.65 96.37 -80.61
CA ASN ME 111 -58.16 96.32 -79.25
C ASN ME 111 -57.26 95.51 -78.32
N ALA ME 112 -56.07 95.14 -78.81
CA ALA ME 112 -55.15 94.35 -78.00
C ALA ME 112 -54.66 95.12 -76.78
N GLY ME 113 -54.65 96.45 -76.86
CA GLY ME 113 -54.27 97.25 -75.71
C GLY ME 113 -55.19 97.07 -74.53
N LEU ME 114 -56.50 97.04 -74.76
CA LEU ME 114 -57.46 96.74 -73.71
C LEU ME 114 -57.61 95.25 -73.47
N GLY ME 115 -57.11 94.41 -74.39
CA GLY ME 115 -57.04 93.00 -74.10
C GLY ME 115 -57.90 92.09 -74.94
N PHE ME 116 -58.23 92.50 -76.17
CA PHE ME 116 -59.05 91.70 -77.07
C PHE ME 116 -58.27 91.44 -78.36
N LEU ME 117 -58.18 90.17 -78.74
CA LEU ME 117 -57.53 89.76 -79.98
C LEU ME 117 -58.59 89.46 -81.03
N ASP ME 118 -58.37 89.99 -82.24
CA ASP ME 118 -59.31 89.78 -83.33
C ASP ME 118 -58.72 88.81 -84.33
N PRO ME 119 -59.23 87.57 -84.42
CA PRO ME 119 -58.73 86.64 -85.44
C PRO ME 119 -58.86 87.15 -86.87
N THR ME 120 -59.61 88.21 -87.12
CA THR ME 120 -59.83 88.73 -88.46
C THR ME 120 -58.89 89.87 -88.82
N ALA ME 121 -57.85 90.10 -88.01
CA ALA ME 121 -56.91 91.18 -88.28
C ALA ME 121 -56.17 90.93 -89.59
N ALA ME 122 -55.85 92.01 -90.30
CA ALA ME 122 -55.19 91.94 -91.60
C ALA ME 122 -53.68 91.89 -91.38
N ILE ME 123 -53.19 90.74 -90.94
CA ILE ME 123 -51.76 90.52 -90.75
C ILE ME 123 -51.14 90.19 -92.10
N VAL ME 124 -50.02 90.85 -92.41
CA VAL ME 124 -49.36 90.70 -93.71
C VAL ME 124 -47.95 90.19 -93.49
N SER ME 125 -47.40 89.57 -94.53
CA SER ME 125 -46.03 89.08 -94.50
C SER ME 125 -45.09 90.07 -95.18
N SER ME 126 -43.79 89.83 -95.01
CA SER ME 126 -42.79 90.75 -95.57
C SER ME 126 -42.65 90.61 -97.07
N ASP ME 127 -42.81 89.41 -97.61
CA ASP ME 127 -42.64 89.21 -99.05
C ASP ME 127 -43.77 89.86 -99.82
N THR ME 128 -43.48 90.26 -101.05
CA THR ME 128 -44.43 90.91 -101.92
C THR ME 128 -44.80 89.99 -103.09
N THR ME 129 -45.99 90.22 -103.64
CA THR ME 129 -46.48 89.42 -104.76
C THR ME 129 -45.81 89.84 -106.06
N ALA NE 1 -9.21 107.62 -99.37
CA ALA NE 1 -10.22 107.61 -98.33
C ALA NE 1 -10.36 106.22 -97.72
N ASN NE 2 -9.80 106.04 -96.53
CA ASN NE 2 -9.87 104.75 -95.85
C ASN NE 2 -11.17 104.63 -95.08
N LYS NE 3 -11.64 103.40 -94.94
CA LYS NE 3 -12.91 103.15 -94.25
C LYS NE 3 -12.72 103.31 -92.74
N PRO NE 4 -13.49 104.18 -92.08
CA PRO NE 4 -13.34 104.34 -90.63
C PRO NE 4 -13.97 103.18 -89.86
N MET NE 5 -13.66 103.13 -88.56
CA MET NE 5 -14.25 102.15 -87.66
C MET NE 5 -15.03 102.85 -86.56
N GLN NE 6 -15.85 102.07 -85.86
CA GLN NE 6 -16.55 102.46 -84.67
C GLN NE 6 -16.21 101.51 -83.52
N PRO NE 7 -16.25 101.98 -82.27
CA PRO NE 7 -15.84 101.12 -81.15
C PRO NE 7 -16.87 100.05 -80.82
N ILE NE 8 -16.43 98.79 -80.81
CA ILE NE 8 -17.31 97.70 -80.40
C ILE NE 8 -17.23 97.41 -78.91
N THR NE 9 -16.08 97.68 -78.28
CA THR NE 9 -15.92 97.48 -76.85
C THR NE 9 -15.19 98.68 -76.28
N SER NE 10 -15.85 99.39 -75.36
CA SER NE 10 -15.30 100.60 -74.75
C SER NE 10 -15.11 100.35 -73.27
N THR NE 11 -13.88 100.53 -72.79
CA THR NE 11 -13.54 100.33 -71.39
C THR NE 11 -12.46 101.34 -71.04
N ALA NE 12 -12.38 101.68 -69.74
CA ALA NE 12 -11.40 102.67 -69.29
C ALA NE 12 -9.97 102.21 -69.55
N ASN NE 13 -9.76 100.92 -69.79
CA ASN NE 13 -8.43 100.38 -70.03
C ASN NE 13 -8.25 99.74 -71.40
N LYS NE 14 -9.31 99.60 -72.19
CA LYS NE 14 -9.20 98.94 -73.50
C LYS NE 14 -10.37 99.36 -74.37
N ILE NE 15 -10.07 99.86 -75.56
CA ILE NE 15 -11.08 100.19 -76.55
C ILE NE 15 -10.77 99.43 -77.83
N VAL NE 16 -11.76 98.73 -78.36
CA VAL NE 16 -11.60 97.89 -79.55
C VAL NE 16 -12.45 98.49 -80.66
N TRP NE 17 -11.83 98.68 -81.83
CA TRP NE 17 -12.53 99.15 -83.02
C TRP NE 17 -12.80 97.97 -83.95
N SER NE 18 -13.73 98.17 -84.88
CA SER NE 18 -14.08 97.14 -85.85
C SER NE 18 -14.78 97.78 -87.05
N ASP NE 19 -14.43 97.32 -88.24
CA ASP NE 19 -14.99 97.89 -89.46
C ASP NE 19 -16.42 97.39 -89.67
N PRO NE 20 -17.37 98.28 -89.92
CA PRO NE 20 -18.74 97.81 -90.19
C PRO NE 20 -18.85 96.88 -91.38
N THR NE 21 -18.08 97.11 -92.44
CA THR NE 21 -18.15 96.25 -93.61
C THR NE 21 -17.57 94.87 -93.32
N ARG NE 22 -16.39 94.81 -92.72
CA ARG NE 22 -15.73 93.55 -92.36
C ARG NE 22 -15.50 93.55 -90.86
N LEU NE 23 -16.21 92.68 -90.15
CA LEU NE 23 -16.10 92.64 -88.70
C LEU NE 23 -14.84 91.89 -88.26
N SER NE 24 -14.17 91.23 -89.20
CA SER NE 24 -12.97 90.46 -88.89
C SER NE 24 -11.79 91.38 -88.59
N THR NE 25 -11.85 92.62 -89.07
CA THR NE 25 -10.75 93.56 -88.89
C THR NE 25 -10.98 94.38 -87.63
N THR NE 26 -10.09 94.25 -86.65
CA THR NE 26 -10.20 94.99 -85.40
C THR NE 26 -8.87 95.63 -85.06
N PHE NE 27 -8.95 96.71 -84.28
CA PHE NE 27 -7.78 97.43 -83.79
C PHE NE 27 -8.05 97.84 -82.35
N SER NE 28 -7.32 97.23 -81.42
CA SER NE 28 -7.56 97.46 -80.00
C SER NE 28 -6.32 98.07 -79.35
N ALA NE 29 -6.56 98.99 -78.42
CA ALA NE 29 -5.51 99.65 -77.66
C ALA NE 29 -5.77 99.44 -76.18
N SER NE 30 -4.75 98.99 -75.46
CA SER NE 30 -4.85 98.75 -74.02
C SER NE 30 -3.72 99.50 -73.33
N LEU NE 31 -4.04 100.17 -72.23
CA LEU NE 31 -3.06 100.92 -71.46
C LEU NE 31 -2.98 100.38 -70.05
N LEU NE 32 -1.77 100.20 -69.57
CA LEU NE 32 -1.50 99.80 -68.19
C LEU NE 32 -0.73 100.92 -67.50
N ARG NE 33 -1.26 101.40 -66.38
CA ARG NE 33 -0.69 102.53 -65.67
C ARG NE 33 -0.17 102.08 -64.32
N GLN NE 34 1.11 102.31 -64.07
CA GLN NE 34 1.76 101.91 -62.84
C GLN NE 34 2.74 102.99 -62.40
N ARG NE 35 2.96 103.06 -61.10
CA ARG NE 35 4.00 103.93 -60.56
C ARG NE 35 5.29 103.15 -60.38
N VAL NE 36 6.36 103.63 -60.99
CA VAL NE 36 7.66 102.97 -60.96
C VAL NE 36 8.55 103.69 -59.95
N LYS NE 37 9.09 102.93 -59.00
CA LYS NE 37 9.95 103.47 -57.96
C LYS NE 37 11.39 103.50 -58.47
N VAL NE 38 11.86 104.69 -58.80
CA VAL NE 38 13.25 104.92 -59.18
C VAL NE 38 13.87 105.81 -58.12
N GLY NE 39 15.12 105.50 -57.77
CA GLY NE 39 15.84 106.18 -56.70
C GLY NE 39 15.65 107.68 -56.69
N ILE NE 40 15.35 108.23 -55.51
CA ILE NE 40 15.05 109.63 -55.26
C ILE NE 40 14.15 110.21 -56.35
N ALA NE 41 13.16 109.43 -56.78
CA ALA NE 41 12.22 109.88 -57.79
C ALA NE 41 10.91 109.12 -57.63
N GLU NE 42 9.84 109.69 -58.18
CA GLU NE 42 8.52 109.07 -58.19
C GLU NE 42 7.84 109.45 -59.51
N LEU NE 43 7.89 108.55 -60.49
CA LEU NE 43 7.43 108.83 -61.84
C LEU NE 43 6.46 107.75 -62.28
N ASN NE 44 5.64 108.10 -63.27
CA ASN NE 44 4.50 107.28 -63.70
C ASN NE 44 4.80 106.67 -65.06
N ASN NE 45 4.77 105.34 -65.12
CA ASN NE 45 4.98 104.65 -66.38
C ASN NE 45 3.64 104.29 -67.03
N VAL NE 46 3.60 104.35 -68.35
CA VAL NE 46 2.41 103.99 -69.13
C VAL NE 46 2.85 103.04 -70.24
N SER NE 47 2.25 101.85 -70.27
CA SER NE 47 2.55 100.85 -71.27
C SER NE 47 1.32 100.67 -72.14
N GLY NE 48 1.48 100.88 -73.45
CA GLY NE 48 0.36 100.76 -74.37
C GLY NE 48 0.53 99.66 -75.39
N GLN NE 49 -0.43 98.75 -75.45
CA GLN NE 49 -0.39 97.61 -76.36
C GLN NE 49 -1.41 97.85 -77.47
N TYR NE 50 -0.91 98.02 -78.70
CA TYR NE 50 -1.75 98.26 -79.86
C TYR NE 50 -1.62 97.08 -80.80
N VAL NE 51 -2.75 96.46 -81.15
CA VAL NE 51 -2.78 95.30 -82.03
C VAL NE 51 -3.68 95.60 -83.22
N SER NE 52 -3.25 95.16 -84.40
CA SER NE 52 -4.05 95.24 -85.60
C SER NE 52 -4.11 93.88 -86.27
N VAL NE 53 -5.32 93.42 -86.58
CA VAL NE 53 -5.51 92.11 -87.17
C VAL NE 53 -6.34 92.25 -88.45
N TYR NE 54 -6.02 91.44 -89.45
CA TYR NE 54 -6.75 91.39 -90.71
C TYR NE 54 -6.83 89.93 -91.13
N LYS NE 55 -8.04 89.50 -91.49
CA LYS NE 55 -8.27 88.11 -91.87
C LYS NE 55 -8.23 87.99 -93.39
N ARG NE 56 -7.02 88.18 -93.91
CA ARG NE 56 -6.81 88.25 -95.36
C ARG NE 56 -7.02 86.88 -96.01
N PRO NE 57 -7.68 86.83 -97.15
CA PRO NE 57 -7.84 85.55 -97.85
C PRO NE 57 -6.52 85.00 -98.36
N ALA NE 58 -6.45 83.67 -98.43
CA ALA NE 58 -5.28 83.00 -98.98
C ALA NE 58 -5.15 83.33 -100.46
N PRO NE 59 -3.94 83.32 -101.02
CA PRO NE 59 -3.80 83.73 -102.43
C PRO NE 59 -4.48 82.76 -103.37
N LYS NE 60 -5.15 83.32 -104.38
CA LYS NE 60 -5.89 82.51 -105.34
C LYS NE 60 -4.93 81.71 -106.21
N PRO NE 61 -5.31 80.48 -106.60
CA PRO NE 61 -4.47 79.71 -107.52
C PRO NE 61 -4.32 80.40 -108.88
N GLU NE 62 -3.20 80.18 -109.54
CA GLU NE 62 -2.86 80.89 -110.77
C GLU NE 62 -3.55 80.24 -111.96
N GLY NE 63 -4.04 81.08 -112.87
CA GLY NE 63 -4.56 80.61 -114.15
C GLY NE 63 -6.00 80.16 -114.14
N CYS NE 64 -6.67 80.11 -112.99
CA CYS NE 64 -8.06 79.68 -112.92
C CYS NE 64 -8.82 80.63 -112.00
N ALA NE 65 -9.98 81.09 -112.48
CA ALA NE 65 -10.84 81.98 -111.70
C ALA NE 65 -12.12 81.22 -111.34
N ASP NE 66 -12.21 80.78 -110.09
CA ASP NE 66 -13.39 80.05 -109.64
C ASP NE 66 -14.62 80.94 -109.68
N ALA NE 67 -15.79 80.30 -109.77
CA ALA NE 67 -17.04 81.04 -109.82
C ALA NE 67 -17.26 81.87 -108.55
N CYS NE 68 -16.99 81.27 -107.40
CA CYS NE 68 -17.19 81.94 -106.11
C CYS NE 68 -15.97 81.75 -105.24
N VAL NE 69 -15.70 82.76 -104.40
CA VAL NE 69 -14.55 82.71 -103.51
C VAL NE 69 -14.82 81.71 -102.38
N ILE NE 70 -13.89 80.78 -102.19
CA ILE NE 70 -14.03 79.72 -101.19
C ILE NE 70 -12.74 79.61 -100.38
N MET NE 71 -11.87 80.60 -100.51
CA MET NE 71 -10.51 80.47 -99.99
C MET NE 71 -10.50 80.55 -98.46
N PRO NE 72 -9.73 79.70 -97.79
CA PRO NE 72 -9.68 79.72 -96.32
C PRO NE 72 -8.75 80.80 -95.78
N ASN NE 73 -9.28 82.02 -95.63
CA ASN NE 73 -8.51 83.19 -95.19
C ASN NE 73 -7.61 82.93 -93.99
N GLU NE 74 -6.51 83.68 -93.92
CA GLU NE 74 -5.48 83.50 -92.90
C GLU NE 74 -5.51 84.67 -91.93
N ASN NE 75 -4.53 84.67 -91.01
CA ASN NE 75 -4.45 85.69 -89.97
C ASN NE 75 -3.24 86.57 -90.21
N GLN NE 76 -3.47 87.88 -90.30
CA GLN NE 76 -2.39 88.87 -90.40
C GLN NE 76 -2.48 89.79 -89.20
N SER NE 77 -1.59 89.63 -88.25
CA SER NE 77 -1.61 90.39 -87.01
C SER NE 77 -0.27 91.06 -86.79
N ILE NE 78 -0.29 92.36 -86.50
CA ILE NE 78 0.89 93.12 -86.16
C ILE NE 78 0.62 93.87 -84.86
N ARG NE 79 1.57 93.78 -83.93
CA ARG NE 79 1.37 94.23 -82.55
C ARG NE 79 2.50 95.15 -82.14
N THR NE 80 2.16 96.24 -81.45
CA THR NE 80 3.12 97.22 -80.98
C THR NE 80 2.89 97.51 -79.50
N VAL NE 81 3.98 97.58 -78.74
CA VAL NE 81 3.95 97.91 -77.31
C VAL NE 81 4.89 99.07 -77.07
N ILE NE 82 4.35 100.15 -76.49
CA ILE NE 82 5.12 101.34 -76.17
C ILE NE 82 5.12 101.53 -74.67
N SER NE 83 6.30 101.55 -74.06
CA SER NE 83 6.44 101.67 -72.62
C SER NE 83 7.40 102.82 -72.32
N GLY NE 84 7.01 103.67 -71.38
CA GLY NE 84 7.84 104.79 -71.00
C GLY NE 84 7.15 105.65 -69.98
N SER NE 85 7.92 106.59 -69.44
CA SER NE 85 7.40 107.51 -68.44
C SER NE 85 6.66 108.67 -69.11
N ALA NE 86 5.60 109.15 -68.46
CA ALA NE 86 4.84 110.26 -69.00
C ALA NE 86 5.61 111.57 -68.93
N GLU NE 87 6.61 111.65 -68.04
CA GLU NE 87 7.41 112.86 -67.94
C GLU NE 87 8.21 113.09 -69.20
N ASN NE 88 8.57 112.01 -69.91
CA ASN NE 88 9.38 112.07 -71.11
C ASN NE 88 8.57 111.83 -72.38
N LEU NE 89 7.37 112.40 -72.48
CA LEU NE 89 6.49 112.10 -73.61
C LEU NE 89 7.10 112.52 -74.94
N ALA NE 90 7.72 113.70 -74.99
CA ALA NE 90 8.33 114.16 -76.24
C ALA NE 90 9.45 113.21 -76.67
N THR NE 91 10.24 112.77 -75.70
CA THR NE 91 11.26 111.76 -75.94
C THR NE 91 10.68 110.45 -76.45
N LEU NE 92 9.58 109.99 -75.86
CA LEU NE 92 8.94 108.76 -76.32
C LEU NE 92 8.42 108.91 -77.75
N LYS NE 93 7.91 110.10 -78.09
CA LYS NE 93 7.48 110.35 -79.45
C LYS NE 93 8.65 110.31 -80.43
N ALA NE 94 9.78 110.90 -80.04
CA ALA NE 94 10.97 110.83 -80.90
C ALA NE 94 11.44 109.40 -81.07
N GLU NE 95 11.40 108.62 -79.98
CA GLU NE 95 11.76 107.21 -80.06
C GLU NE 95 10.81 106.47 -81.00
N TRP NE 96 9.52 106.80 -80.94
CA TRP NE 96 8.56 106.18 -81.84
C TRP NE 96 8.86 106.50 -83.29
N GLU NE 97 9.22 107.76 -83.56
CA GLU NE 97 9.54 108.15 -84.94
C GLU NE 97 10.76 107.39 -85.46
N THR NE 98 11.82 107.31 -84.66
CA THR NE 98 13.02 106.59 -85.09
C THR NE 98 12.76 105.08 -85.21
N HIS NE 99 11.92 104.53 -84.33
CA HIS NE 99 11.55 103.13 -84.43
C HIS NE 99 10.78 102.86 -85.70
N LYS NE 100 9.87 103.77 -86.06
CA LYS NE 100 9.17 103.64 -87.33
C LYS NE 100 10.15 103.67 -88.49
N ARG NE 101 11.11 104.60 -88.46
CA ARG NE 101 12.08 104.69 -89.55
C ARG NE 101 12.90 103.40 -89.68
N ASN NE 102 13.38 102.86 -88.56
CA ASN NE 102 14.17 101.64 -88.61
C ASN NE 102 13.36 100.44 -89.08
N VAL NE 103 12.12 100.32 -88.59
CA VAL NE 103 11.30 99.18 -89.01
C VAL NE 103 10.95 99.31 -90.49
N ASP NE 104 10.74 100.54 -90.97
CA ASP NE 104 10.49 100.74 -92.38
C ASP NE 104 11.70 100.36 -93.23
N THR NE 105 12.90 100.75 -92.79
CA THR NE 105 14.08 100.45 -93.59
C THR NE 105 14.38 98.95 -93.60
N LEU NE 106 14.07 98.25 -92.51
CA LEU NE 106 14.25 96.79 -92.52
C LEU NE 106 13.15 96.09 -93.32
N PHE NE 107 11.90 96.54 -93.18
CA PHE NE 107 10.74 95.81 -93.67
C PHE NE 107 10.09 96.45 -94.89
N ALA NE 108 9.73 97.73 -94.81
CA ALA NE 108 9.00 98.36 -95.91
C ALA NE 108 9.85 98.44 -97.17
N SER NE 109 11.13 98.79 -97.03
CA SER NE 109 12.03 98.89 -98.16
C SER NE 109 13.02 97.73 -98.24
N GLY NE 110 12.97 96.80 -97.30
CA GLY NE 110 13.86 95.65 -97.28
C GLY NE 110 13.11 94.35 -97.51
N ASN NE 111 13.84 93.24 -97.32
CA ASN NE 111 13.27 91.92 -97.52
C ASN NE 111 13.11 91.19 -96.20
N ALA NE 112 12.80 91.92 -95.13
CA ALA NE 112 12.59 91.29 -93.83
C ALA NE 112 11.31 90.47 -93.81
N GLY NE 113 10.33 90.86 -94.64
CA GLY NE 113 9.08 90.12 -94.67
C GLY NE 113 9.25 88.70 -95.19
N LEU NE 114 10.16 88.51 -96.15
CA LEU NE 114 10.36 87.18 -96.71
C LEU NE 114 11.36 86.37 -95.88
N GLY NE 115 11.93 86.96 -94.85
CA GLY NE 115 12.78 86.22 -93.93
C GLY NE 115 14.25 86.60 -93.94
N PHE NE 116 14.62 87.69 -94.61
CA PHE NE 116 16.03 88.05 -94.67
C PHE NE 116 16.34 89.23 -93.77
N LEU NE 117 17.35 89.07 -92.92
CA LEU NE 117 17.82 90.12 -92.03
C LEU NE 117 19.13 90.67 -92.62
N ASP NE 118 19.03 91.80 -93.29
CA ASP NE 118 20.18 92.40 -93.95
C ASP NE 118 21.15 92.96 -92.91
N PRO NE 119 22.41 92.51 -92.87
CA PRO NE 119 23.35 93.03 -91.86
C PRO NE 119 23.94 94.38 -92.20
N THR NE 120 23.78 94.87 -93.43
CA THR NE 120 24.30 96.17 -93.82
C THR NE 120 23.23 97.24 -93.94
N ALA NE 121 22.05 97.02 -93.36
CA ALA NE 121 20.99 98.01 -93.42
C ALA NE 121 21.36 99.24 -92.62
N ALA NE 122 20.84 100.39 -93.05
CA ALA NE 122 21.16 101.68 -92.43
C ALA NE 122 20.24 101.89 -91.23
N ILE NE 123 20.54 101.20 -90.14
CA ILE NE 123 19.81 101.39 -88.88
C ILE NE 123 20.42 102.59 -88.16
N VAL NE 124 19.56 103.49 -87.69
CA VAL NE 124 20.01 104.76 -87.14
C VAL NE 124 19.34 104.98 -85.80
N SER NE 125 20.01 105.77 -84.94
CA SER NE 125 19.55 106.00 -83.58
C SER NE 125 18.75 107.30 -83.50
N SER NE 126 18.15 107.51 -82.32
CA SER NE 126 17.32 108.70 -82.10
C SER NE 126 18.13 109.96 -81.90
N ASP NE 127 19.34 109.86 -81.35
CA ASP NE 127 20.15 111.03 -81.10
C ASP NE 127 20.60 111.66 -82.41
N THR NE 128 20.76 112.98 -82.39
CA THR NE 128 21.15 113.75 -83.56
C THR NE 128 22.52 114.37 -83.35
N THR NE 129 23.19 114.69 -84.45
CA THR NE 129 24.51 115.31 -84.40
C THR NE 129 24.39 116.83 -84.54
N ALA OE 1 -39.02 47.49 134.64
CA ALA OE 1 -37.97 48.29 134.03
C ALA OE 1 -37.41 47.61 132.79
N ASN OE 2 -37.85 48.07 131.62
CA ASN OE 2 -37.37 47.50 130.37
C ASN OE 2 -35.93 47.92 130.10
N LYS OE 3 -35.18 47.02 129.46
CA LYS OE 3 -33.74 47.22 129.30
C LYS OE 3 -33.46 48.29 128.24
N PRO OE 4 -32.69 49.32 128.57
CA PRO OE 4 -32.34 50.33 127.56
C PRO OE 4 -31.51 49.72 126.44
N MET OE 5 -31.63 50.31 125.25
CA MET OE 5 -31.00 49.78 124.05
C MET OE 5 -30.07 50.82 123.45
N GLN OE 6 -28.86 50.39 123.09
CA GLN OE 6 -27.80 51.28 122.65
C GLN OE 6 -27.57 51.13 121.15
N PRO OE 7 -27.51 52.23 120.40
CA PRO OE 7 -27.45 52.10 118.93
C PRO OE 7 -26.10 51.58 118.46
N ILE OE 8 -26.11 50.94 117.28
CA ILE OE 8 -24.90 50.40 116.69
C ILE OE 8 -24.55 51.05 115.36
N THR OE 9 -25.53 51.59 114.63
CA THR OE 9 -25.28 52.29 113.38
C THR OE 9 -26.10 53.57 113.37
N SER OE 10 -25.43 54.69 113.10
CA SER OE 10 -26.08 55.99 113.07
C SER OE 10 -25.86 56.65 111.71
N THR OE 11 -26.96 57.09 111.11
CA THR OE 11 -26.92 57.76 109.82
C THR OE 11 -28.15 58.65 109.73
N ALA OE 12 -28.06 59.70 108.91
CA ALA OE 12 -29.17 60.64 108.78
C ALA OE 12 -30.39 59.96 108.16
N ASN OE 13 -30.19 58.83 107.48
CA ASN OE 13 -31.27 58.13 106.81
C ASN OE 13 -31.66 56.82 107.48
N LYS OE 14 -30.86 56.32 108.42
CA LYS OE 14 -31.13 55.03 109.07
C LYS OE 14 -30.35 54.95 110.37
N ILE OE 15 -31.04 54.60 111.45
CA ILE OE 15 -30.43 54.34 112.74
C ILE OE 15 -30.93 52.99 113.24
N VAL OE 16 -30.01 52.13 113.67
CA VAL OE 16 -30.33 50.78 114.12
C VAL OE 16 -29.88 50.65 115.57
N TRP OE 17 -30.79 50.18 116.42
CA TRP OE 17 -30.50 49.94 117.83
C TRP OE 17 -30.38 48.44 118.08
N SER OE 18 -29.46 48.05 118.95
CA SER OE 18 -29.26 46.66 119.31
C SER OE 18 -29.10 46.52 120.81
N ASP OE 19 -29.67 45.46 121.36
CA ASP OE 19 -29.55 45.19 122.78
C ASP OE 19 -28.11 44.76 123.09
N PRO OE 20 -27.41 45.47 124.00
CA PRO OE 20 -26.02 45.09 124.28
C PRO OE 20 -25.87 43.67 124.81
N THR OE 21 -26.84 43.17 125.58
CA THR OE 21 -26.78 41.80 126.07
C THR OE 21 -27.20 40.78 125.03
N ARG OE 22 -28.03 41.16 124.06
CA ARG OE 22 -28.41 40.28 122.97
C ARG OE 22 -28.47 41.05 121.65
N LEU OE 23 -27.38 41.03 120.90
CA LEU OE 23 -27.29 41.83 119.67
C LEU OE 23 -28.28 41.37 118.61
N SER OE 24 -28.78 40.14 118.75
CA SER OE 24 -29.77 39.64 117.81
C SER OE 24 -31.07 40.44 117.83
N THR OE 25 -31.38 41.11 118.94
CA THR OE 25 -32.57 41.95 119.01
C THR OE 25 -32.25 43.31 118.41
N THR OE 26 -32.93 43.67 117.32
CA THR OE 26 -32.65 44.90 116.59
C THR OE 26 -33.91 45.71 116.40
N PHE OE 27 -33.73 47.02 116.25
CA PHE OE 27 -34.81 47.94 115.94
C PHE OE 27 -34.27 48.99 114.97
N SER OE 28 -34.81 49.03 113.76
CA SER OE 28 -34.30 49.90 112.71
C SER OE 28 -35.39 50.86 112.26
N ALA OE 29 -34.98 52.12 112.04
CA ALA OE 29 -35.87 53.16 111.56
C ALA OE 29 -35.20 53.88 110.40
N SER OE 30 -35.85 53.88 109.24
CA SER OE 30 -35.32 54.51 108.03
C SER OE 30 -36.36 55.46 107.47
N LEU OE 31 -35.93 56.67 107.13
CA LEU OE 31 -36.81 57.68 106.55
C LEU OE 31 -36.46 57.89 105.09
N LEU OE 32 -37.50 57.95 104.26
CA LEU OE 32 -37.37 58.29 102.85
C LEU OE 32 -38.28 59.47 102.55
N ARG OE 33 -37.73 60.51 101.95
CA ARG OE 33 -38.42 61.78 101.78
C ARG OE 33 -38.43 62.18 100.31
N GLN OE 34 -39.60 62.58 99.82
CA GLN OE 34 -39.78 63.03 98.45
C GLN OE 34 -40.67 64.25 98.42
N ARG OE 35 -40.74 64.89 97.26
CA ARG OE 35 -41.64 66.01 97.03
C ARG OE 35 -42.72 65.58 96.03
N VAL OE 36 -43.98 65.73 96.42
CA VAL OE 36 -45.12 65.29 95.62
C VAL OE 36 -46.03 66.49 95.39
N LYS OE 37 -46.41 66.70 94.12
CA LYS OE 37 -47.27 67.82 93.74
C LYS OE 37 -48.72 67.35 93.74
N VAL OE 38 -49.32 67.39 94.94
CA VAL OE 38 -50.71 66.97 95.08
C VAL OE 38 -51.66 68.10 94.71
N GLY OE 39 -51.54 69.23 95.40
CA GLY OE 39 -52.45 70.34 95.23
C GLY OE 39 -51.79 71.54 94.59
N ILE OE 40 -51.02 71.27 93.52
CA ILE OE 40 -50.17 72.22 92.80
C ILE OE 40 -49.24 72.93 93.79
N ALA OE 41 -49.05 72.31 94.95
CA ALA OE 41 -48.08 72.75 95.94
C ALA OE 41 -47.22 71.56 96.32
N GLU OE 42 -45.91 71.78 96.46
CA GLU OE 42 -44.97 70.69 96.68
C GLU OE 42 -44.97 70.29 98.15
N LEU OE 43 -45.84 69.34 98.48
CA LEU OE 43 -45.85 68.77 99.82
C LEU OE 43 -44.67 67.84 100.00
N ASN OE 44 -44.12 67.82 101.22
CA ASN OE 44 -42.96 66.99 101.52
C ASN OE 44 -43.38 65.80 102.39
N ASN OE 45 -43.66 64.69 101.71
CA ASN OE 45 -44.06 63.47 102.41
C ASN OE 45 -42.85 62.77 103.01
N VAL OE 46 -43.10 62.00 104.07
CA VAL OE 46 -42.07 61.21 104.73
C VAL OE 46 -42.58 59.78 104.86
N SER OE 47 -41.81 58.83 104.35
CA SER OE 47 -42.16 57.42 104.41
C SER OE 47 -41.23 56.76 105.42
N GLY OE 48 -41.66 56.71 106.68
CA GLY OE 48 -40.88 56.14 107.75
C GLY OE 48 -41.14 54.65 107.90
N GLN OE 49 -40.09 53.86 107.73
CA GLN OE 49 -40.15 52.41 107.88
C GLN OE 49 -39.49 52.03 109.19
N TYR OE 50 -40.23 51.33 110.05
CA TYR OE 50 -39.76 50.94 111.37
C TYR OE 50 -39.86 49.42 111.48
N VAL OE 51 -38.73 48.77 111.73
CA VAL OE 51 -38.66 47.31 111.76
C VAL OE 51 -38.13 46.88 113.11
N SER OE 52 -38.85 45.98 113.77
CA SER OE 52 -38.42 45.37 115.02
C SER OE 52 -38.24 43.88 114.82
N VAL OE 53 -37.06 43.38 115.13
CA VAL OE 53 -36.70 41.97 114.89
C VAL OE 53 -36.23 41.37 116.20
N TYR OE 54 -36.80 40.22 116.55
CA TYR OE 54 -36.38 39.45 117.72
C TYR OE 54 -36.32 37.98 117.34
N LYS OE 55 -35.14 37.39 117.48
CA LYS OE 55 -34.96 35.96 117.24
C LYS OE 55 -35.25 35.22 118.55
N ARG OE 56 -36.40 34.57 118.61
CA ARG OE 56 -36.84 33.88 119.81
C ARG OE 56 -36.56 32.40 119.68
N PRO OE 57 -35.93 31.76 120.66
CA PRO OE 57 -35.71 30.31 120.59
C PRO OE 57 -36.95 29.55 121.02
N ALA OE 58 -37.47 28.71 120.12
CA ALA OE 58 -38.69 27.96 120.37
C ALA OE 58 -38.51 26.48 120.05
N PRO OE 59 -37.64 25.78 120.79
CA PRO OE 59 -37.76 24.32 120.81
C PRO OE 59 -39.07 23.88 121.40
N LYS OE 60 -39.58 24.67 122.36
CA LYS OE 60 -40.86 24.48 123.03
C LYS OE 60 -41.01 23.08 123.60
N PRO OE 61 -40.14 22.65 124.52
CA PRO OE 61 -40.33 21.35 125.17
C PRO OE 61 -41.44 21.44 126.20
N GLU OE 62 -42.59 20.87 125.87
CA GLU OE 62 -43.77 21.00 126.72
C GLU OE 62 -43.60 20.20 128.00
N GLY OE 63 -43.38 20.90 129.09
CA GLY OE 63 -43.29 20.28 130.40
C GLY OE 63 -41.93 20.12 131.05
N CYS OE 64 -40.90 19.86 130.25
CA CYS OE 64 -39.61 19.53 130.84
C CYS OE 64 -38.50 20.26 130.10
N ALA OE 65 -37.61 20.87 130.87
CA ALA OE 65 -36.33 21.39 130.39
C ALA OE 65 -35.25 20.93 131.36
N ASP OE 66 -34.16 20.40 130.81
CA ASP OE 66 -33.23 19.71 131.69
C ASP OE 66 -31.85 20.37 131.78
N ALA OE 67 -31.17 20.55 130.65
CA ALA OE 67 -29.78 20.99 130.68
C ALA OE 67 -29.53 21.94 129.53
N CYS OE 68 -28.25 22.19 129.25
CA CYS OE 68 -27.84 23.11 128.20
C CYS OE 68 -28.01 22.45 126.84
N VAL OE 69 -29.18 22.63 126.22
CA VAL OE 69 -29.47 22.11 124.89
C VAL OE 69 -29.56 23.30 123.95
N ILE OE 70 -28.83 23.22 122.83
CA ILE OE 70 -28.84 24.30 121.86
C ILE OE 70 -30.25 24.50 121.31
N MET OE 71 -30.73 25.73 121.39
CA MET OE 71 -32.09 26.01 120.96
C MET OE 71 -32.09 26.54 119.53
N PRO OE 72 -32.78 25.88 118.60
CA PRO OE 72 -32.94 26.46 117.26
C PRO OE 72 -33.78 27.73 117.32
N ASN OE 73 -33.50 28.69 116.44
CA ASN OE 73 -34.09 30.01 116.53
C ASN OE 73 -35.08 30.26 115.40
N GLU OE 74 -36.17 30.95 115.72
CA GLU OE 74 -37.09 31.49 114.74
C GLU OE 74 -37.09 33.01 114.87
N ASN OE 75 -37.43 33.69 113.78
CA ASN OE 75 -37.39 35.15 113.74
C ASN OE 75 -38.81 35.70 113.90
N GLN OE 76 -38.94 36.70 114.76
CA GLN OE 76 -40.20 37.43 114.93
C GLN OE 76 -39.99 38.85 114.42
N SER OE 77 -40.77 39.24 113.42
CA SER OE 77 -40.60 40.52 112.76
C SER OE 77 -41.88 41.34 112.84
N ILE OE 78 -41.74 42.60 113.24
CA ILE OE 78 -42.83 43.56 113.24
C ILE OE 78 -42.36 44.78 112.46
N ARG OE 79 -43.00 45.04 111.33
CA ARG OE 79 -42.58 46.08 110.40
C ARG OE 79 -43.75 47.02 110.13
N THR OE 80 -43.54 48.30 110.38
CA THR OE 80 -44.57 49.32 110.14
C THR OE 80 -44.02 50.40 109.22
N VAL OE 81 -44.88 50.92 108.36
CA VAL OE 81 -44.53 51.99 107.43
C VAL OE 81 -45.57 53.09 107.56
N ILE OE 82 -45.13 54.31 107.83
CA ILE OE 82 -45.99 55.47 107.96
C ILE OE 82 -45.61 56.47 106.88
N SER OE 83 -46.58 56.81 106.03
CA SER OE 83 -46.35 57.71 104.91
C SER OE 83 -47.40 58.80 104.94
N GLY OE 84 -46.95 60.05 104.73
CA GLY OE 84 -47.86 61.17 104.70
C GLY OE 84 -47.15 62.50 104.64
N SER OE 85 -47.86 63.56 104.25
CA SER OE 85 -47.26 64.88 104.17
C SER OE 85 -46.91 65.39 105.57
N ALA OE 86 -45.78 66.08 105.66
CA ALA OE 86 -45.34 66.61 106.95
C ALA OE 86 -46.24 67.73 107.42
N GLU OE 87 -46.95 68.39 106.50
CA GLU OE 87 -47.80 69.51 106.87
C GLU OE 87 -49.08 69.05 107.54
N ASN OE 88 -49.34 67.74 107.54
CA ASN OE 88 -50.50 67.15 108.19
C ASN OE 88 -50.06 66.20 109.30
N LEU OE 89 -49.10 66.63 110.12
CA LEU OE 89 -48.51 65.73 111.10
C LEU OE 89 -49.48 65.38 112.21
N ALA OE 90 -50.30 66.34 112.65
CA ALA OE 90 -51.28 66.05 113.69
C ALA OE 90 -52.29 65.02 113.21
N THR OE 91 -52.77 65.17 111.98
CA THR OE 91 -53.64 64.18 111.37
C THR OE 91 -52.97 62.82 111.24
N LEU OE 92 -51.70 62.80 110.86
CA LEU OE 92 -50.99 61.53 110.76
C LEU OE 92 -50.86 60.85 112.12
N LYS OE 93 -50.64 61.65 113.18
CA LYS OE 93 -50.56 61.07 114.52
C LYS OE 93 -51.91 60.52 114.95
N ALA OE 94 -52.99 61.22 114.63
CA ALA OE 94 -54.33 60.69 114.92
C ALA OE 94 -54.57 59.38 114.16
N GLU OE 95 -54.14 59.34 112.90
CA GLU OE 95 -54.24 58.10 112.12
C GLU OE 95 -53.44 56.98 112.76
N TRP OE 96 -52.26 57.30 113.29
CA TRP OE 96 -51.44 56.30 113.97
C TRP OE 96 -52.14 55.76 115.20
N GLU OE 97 -52.76 56.65 115.98
CA GLU OE 97 -53.49 56.20 117.17
C GLU OE 97 -54.66 55.30 116.78
N THR OE 98 -55.42 55.69 115.76
CA THR OE 98 -56.54 54.85 115.32
C THR OE 98 -56.05 53.50 114.79
N HIS OE 99 -54.93 53.50 114.07
CA HIS OE 99 -54.37 52.25 113.57
C HIS OE 99 -53.94 51.35 114.71
N LYS OE 100 -53.31 51.92 115.74
CA LYS OE 100 -52.94 51.13 116.91
C LYS OE 100 -54.18 50.53 117.55
N ARG OE 101 -55.23 51.32 117.71
CA ARG OE 101 -56.46 50.82 118.33
C ARG OE 101 -57.06 49.67 117.52
N ASN OE 102 -57.14 49.84 116.20
CA ASN OE 102 -57.74 48.81 115.36
C ASN OE 102 -56.91 47.53 115.35
N VAL OE 103 -55.59 47.66 115.25
CA VAL OE 103 -54.73 46.47 115.25
C VAL OE 103 -54.81 45.77 116.60
N ASP OE 104 -54.88 46.53 117.69
CA ASP OE 104 -55.05 45.92 119.00
C ASP OE 104 -56.36 45.17 119.09
N THR OE 105 -57.44 45.76 118.57
CA THR OE 105 -58.74 45.10 118.60
C THR OE 105 -58.72 43.79 117.82
N LEU OE 106 -58.09 43.79 116.65
CA LEU OE 106 -58.04 42.58 115.84
C LEU OE 106 -57.09 41.53 116.42
N PHE OE 107 -55.96 41.95 116.98
CA PHE OE 107 -54.86 41.03 117.26
C PHE OE 107 -54.63 40.82 118.75
N ALA OE 108 -54.46 41.89 119.52
CA ALA OE 108 -54.11 41.75 120.93
C ALA OE 108 -55.25 41.14 121.72
N SER OE 109 -56.48 41.64 121.52
CA SER OE 109 -57.65 41.11 122.20
C SER OE 109 -58.42 40.10 121.36
N GLY OE 110 -58.01 39.85 120.12
CA GLY OE 110 -58.67 38.89 119.26
C GLY OE 110 -57.86 37.62 119.08
N ASN OE 111 -58.15 36.94 117.97
CA ASN OE 111 -57.48 35.69 117.63
C ASN OE 111 -56.78 35.77 116.28
N ALA OE 112 -56.50 36.98 115.81
CA ALA OE 112 -55.83 37.14 114.52
C ALA OE 112 -54.40 36.63 114.56
N GLY OE 113 -53.81 36.52 115.75
CA GLY OE 113 -52.45 36.02 115.85
C GLY OE 113 -52.34 34.53 115.55
N LEU OE 114 -53.47 33.82 115.64
CA LEU OE 114 -53.46 32.39 115.37
C LEU OE 114 -53.95 32.11 113.96
N GLY OE 115 -54.14 33.16 113.17
CA GLY OE 115 -54.63 32.99 111.81
C GLY OE 115 -56.14 32.95 111.71
N PHE OE 116 -56.83 33.89 112.34
CA PHE OE 116 -58.28 33.95 112.34
C PHE OE 116 -58.73 35.35 111.99
N LEU OE 117 -59.89 35.45 111.34
CA LEU OE 117 -60.52 36.72 111.03
C LEU OE 117 -61.89 36.79 111.69
N ASP OE 118 -62.17 37.90 112.36
CA ASP OE 118 -63.46 38.09 113.00
C ASP OE 118 -64.20 39.20 112.27
N PRO OE 119 -65.18 38.89 111.43
CA PRO OE 119 -65.93 39.95 110.73
C PRO OE 119 -66.72 40.86 111.66
N THR OE 120 -66.98 40.44 112.89
CA THR OE 120 -67.76 41.24 113.83
C THR OE 120 -66.90 42.12 114.72
N ALA OE 121 -65.60 42.23 114.44
CA ALA OE 121 -64.74 43.06 115.26
C ALA OE 121 -65.13 44.53 115.15
N ALA OE 122 -64.94 45.26 116.25
CA ALA OE 122 -65.33 46.67 116.33
C ALA OE 122 -64.18 47.55 115.85
N ILE OE 123 -64.16 47.79 114.55
CA ILE OE 123 -63.18 48.67 113.92
C ILE OE 123 -63.75 50.07 113.87
N VAL OE 124 -62.94 51.07 114.23
CA VAL OE 124 -63.38 52.45 114.29
C VAL OE 124 -62.47 53.30 113.40
N SER OE 125 -62.99 54.45 112.99
CA SER OE 125 -62.24 55.38 112.16
C SER OE 125 -61.61 56.48 113.01
N SER OE 126 -60.78 57.30 112.36
CA SER OE 126 -60.14 58.41 113.05
C SER OE 126 -61.10 59.57 113.30
N ASP OE 127 -62.08 59.77 112.42
CA ASP OE 127 -63.02 60.86 112.59
C ASP OE 127 -63.93 60.61 113.78
N THR OE 128 -64.37 61.70 114.41
CA THR OE 128 -65.24 61.64 115.57
C THR OE 128 -66.64 62.11 115.20
N THR OE 129 -67.61 61.64 115.96
CA THR OE 129 -69.01 62.01 115.74
C THR OE 129 -69.35 63.31 116.45
N ALA PE 1 -36.30 87.50 116.27
CA ALA PE 1 -35.93 86.12 116.56
C ALA PE 1 -36.18 85.23 115.35
N ASN PE 2 -35.11 84.95 114.61
CA ASN PE 2 -35.23 84.10 113.43
C ASN PE 2 -35.49 82.66 113.82
N LYS PE 3 -36.22 81.96 112.97
CA LYS PE 3 -36.53 80.55 113.23
C LYS PE 3 -35.30 79.69 113.04
N PRO PE 4 -34.92 78.88 114.02
CA PRO PE 4 -33.72 78.04 113.86
C PRO PE 4 -33.98 76.85 112.94
N MET PE 5 -32.88 76.26 112.49
CA MET PE 5 -32.92 75.06 111.65
C MET PE 5 -32.26 73.89 112.37
N GLN PE 6 -32.54 72.69 111.88
CA GLN PE 6 -31.92 71.46 112.33
C GLN PE 6 -31.41 70.67 111.14
N PRO PE 7 -30.32 69.92 111.31
CA PRO PE 7 -29.81 69.11 110.18
C PRO PE 7 -30.77 67.99 109.82
N ILE PE 8 -30.91 67.75 108.52
CA ILE PE 8 -31.81 66.71 108.01
C ILE PE 8 -31.02 65.60 107.32
N THR PE 9 -30.00 65.95 106.56
CA THR PE 9 -29.06 64.99 105.99
C THR PE 9 -27.64 65.41 106.37
N SER PE 10 -26.91 64.47 106.96
CA SER PE 10 -25.62 64.81 107.55
C SER PE 10 -24.52 63.93 106.98
N THR PE 11 -23.56 64.56 106.33
CA THR PE 11 -22.32 63.93 105.91
C THR PE 11 -21.20 64.93 106.11
N ALA PE 12 -20.00 64.44 106.45
CA ALA PE 12 -18.88 65.34 106.67
C ALA PE 12 -18.54 66.12 105.42
N ASN PE 13 -18.84 65.55 104.24
CA ASN PE 13 -18.65 66.28 103.00
C ASN PE 13 -19.76 67.29 102.74
N LYS PE 14 -20.96 67.05 103.27
CA LYS PE 14 -22.11 67.88 102.95
C LYS PE 14 -23.17 67.75 104.04
N ILE PE 15 -23.57 68.88 104.62
CA ILE PE 15 -24.65 68.94 105.60
C ILE PE 15 -25.67 69.95 105.13
N VAL PE 16 -26.95 69.57 105.17
CA VAL PE 16 -28.04 70.43 104.75
C VAL PE 16 -28.95 70.68 105.94
N TRP PE 17 -29.29 71.94 106.16
CA TRP PE 17 -30.19 72.35 107.24
C TRP PE 17 -31.58 72.62 106.67
N SER PE 18 -32.59 72.45 107.51
CA SER PE 18 -33.97 72.63 107.06
C SER PE 18 -34.81 73.14 108.22
N ASP PE 19 -35.83 73.92 107.88
CA ASP PE 19 -36.76 74.44 108.87
C ASP PE 19 -37.85 73.41 109.13
N PRO PE 20 -38.06 72.99 110.37
CA PRO PE 20 -39.14 72.00 110.64
C PRO PE 20 -40.52 72.48 110.22
N THR PE 21 -40.77 73.78 110.22
CA THR PE 21 -42.07 74.31 109.84
C THR PE 21 -42.22 74.52 108.35
N ARG PE 22 -41.14 74.84 107.64
CA ARG PE 22 -41.19 75.00 106.18
C ARG PE 22 -40.02 74.22 105.61
N LEU PE 23 -40.28 72.98 105.18
CA LEU PE 23 -39.21 72.12 104.69
C LEU PE 23 -38.66 72.58 103.35
N SER PE 24 -39.35 73.49 102.66
CA SER PE 24 -38.83 74.00 101.40
C SER PE 24 -37.63 74.93 101.59
N THR PE 25 -37.38 75.39 102.81
CA THR PE 25 -36.24 76.24 103.10
C THR PE 25 -35.06 75.38 103.51
N THR PE 26 -33.95 75.50 102.78
CA THR PE 26 -32.77 74.68 103.01
C THR PE 26 -31.52 75.55 103.00
N PHE PE 27 -30.49 75.06 103.68
CA PHE PE 27 -29.17 75.67 103.66
C PHE PE 27 -28.13 74.56 103.61
N SER PE 28 -27.34 74.53 102.55
CA SER PE 28 -26.39 73.45 102.30
C SER PE 28 -24.97 73.98 102.38
N ALA PE 29 -24.09 73.18 102.98
CA ALA PE 29 -22.67 73.49 103.07
C ALA PE 29 -21.88 72.26 102.65
N SER PE 30 -21.00 72.42 101.66
CA SER PE 30 -20.18 71.34 101.15
C SER PE 30 -18.75 71.82 101.03
N LEU PE 31 -17.82 71.06 101.60
CA LEU PE 31 -16.41 71.38 101.54
C LEU PE 31 -15.67 70.29 100.77
N LEU PE 32 -14.94 70.68 99.74
CA LEU PE 32 -14.09 69.78 98.98
C LEU PE 32 -12.65 70.21 99.18
N ARG PE 33 -11.82 69.31 99.71
CA ARG PE 33 -10.45 69.62 100.05
C ARG PE 33 -9.50 68.81 99.18
N GLN PE 34 -8.45 69.45 98.70
CA GLN PE 34 -7.49 68.84 97.79
C GLN PE 34 -6.10 69.38 98.10
N ARG PE 35 -5.09 68.54 97.90
CA ARG PE 35 -3.70 68.90 98.16
C ARG PE 35 -3.11 69.49 96.89
N VAL PE 36 -3.42 70.76 96.64
CA VAL PE 36 -2.90 71.47 95.49
C VAL PE 36 -1.66 72.23 95.90
N LYS PE 37 -0.48 71.68 95.58
CA LYS PE 37 0.76 72.28 96.05
C LYS PE 37 1.41 73.10 94.93
N VAL PE 38 1.80 74.32 95.28
CA VAL PE 38 2.61 75.17 94.40
C VAL PE 38 4.06 74.72 94.52
N GLY PE 39 4.91 75.23 93.64
CA GLY PE 39 6.31 74.84 93.63
C GLY PE 39 7.00 75.00 94.97
N ILE PE 40 7.78 73.98 95.34
CA ILE PE 40 8.59 73.91 96.56
C ILE PE 40 7.80 74.33 97.79
N ALA PE 41 6.49 74.08 97.78
CA ALA PE 41 5.64 74.42 98.92
C ALA PE 41 4.48 73.43 98.98
N GLU PE 42 3.89 73.32 100.16
CA GLU PE 42 2.72 72.48 100.41
C GLU PE 42 1.58 73.35 100.88
N LEU PE 43 0.41 73.21 100.24
CA LEU PE 43 -0.74 74.04 100.55
C LEU PE 43 -1.98 73.15 100.57
N ASN PE 44 -2.85 73.37 101.56
CA ASN PE 44 -4.10 72.64 101.68
C ASN PE 44 -5.24 73.52 101.19
N ASN PE 45 -5.83 73.15 100.05
CA ASN PE 45 -6.89 73.93 99.43
C ASN PE 45 -8.25 73.34 99.78
N VAL PE 46 -9.18 74.20 100.16
CA VAL PE 46 -10.54 73.80 100.50
C VAL PE 46 -11.49 74.73 99.75
N SER PE 47 -12.50 74.14 99.10
CA SER PE 47 -13.51 74.91 98.40
C SER PE 47 -14.84 74.76 99.13
N GLY PE 48 -15.42 75.89 99.53
CA GLY PE 48 -16.65 75.87 100.28
C GLY PE 48 -17.85 76.35 99.51
N GLN PE 49 -18.79 75.47 99.21
CA GLN PE 49 -20.00 75.80 98.47
C GLN PE 49 -21.17 75.88 99.45
N TYR PE 50 -21.78 77.06 99.54
CA TYR PE 50 -22.89 77.31 100.45
C TYR PE 50 -24.10 77.73 99.63
N VAL PE 51 -25.20 77.00 99.78
CA VAL PE 51 -26.41 77.23 99.00
C VAL PE 51 -27.58 77.42 99.96
N SER PE 52 -28.33 78.49 99.74
CA SER PE 52 -29.55 78.76 100.50
C SER PE 52 -30.73 78.85 99.54
N VAL PE 53 -31.77 78.08 99.82
CA VAL PE 53 -32.94 77.99 98.94
C VAL PE 53 -34.18 78.35 99.73
N TYR PE 54 -34.98 79.26 99.18
CA TYR PE 54 -36.27 79.62 99.74
C TYR PE 54 -37.28 79.71 98.61
N LYS PE 55 -38.44 79.07 98.78
CA LYS PE 55 -39.50 79.09 97.79
C LYS PE 55 -40.56 80.10 98.25
N ARG PE 56 -40.51 81.29 97.67
CA ARG PE 56 -41.39 82.38 98.06
C ARG PE 56 -42.57 82.48 97.11
N PRO PE 57 -43.78 82.66 97.63
CA PRO PE 57 -44.94 82.80 96.74
C PRO PE 57 -44.85 84.03 95.87
N ALA PE 58 -45.46 83.94 94.70
CA ALA PE 58 -45.48 85.07 93.78
C ALA PE 58 -46.22 86.24 94.41
N PRO PE 59 -45.82 87.48 94.09
CA PRO PE 59 -46.43 88.64 94.76
C PRO PE 59 -47.90 88.81 94.44
N LYS PE 60 -48.73 88.95 95.47
CA LYS PE 60 -50.15 89.16 95.30
C LYS PE 60 -50.41 90.52 94.68
N PRO PE 61 -51.51 90.69 93.93
CA PRO PE 61 -51.81 92.00 93.35
C PRO PE 61 -51.94 93.09 94.40
N GLU PE 62 -51.49 94.30 94.07
CA GLU PE 62 -51.39 95.37 95.06
C GLU PE 62 -52.76 95.74 95.62
N GLY PE 63 -53.77 95.80 94.75
CA GLY PE 63 -55.11 96.14 95.21
C GLY PE 63 -55.93 94.92 95.57
N CYS PE 64 -55.42 94.10 96.49
CA CYS PE 64 -56.11 92.89 96.92
C CYS PE 64 -56.14 92.81 98.43
N ALA PE 65 -57.33 92.58 98.98
CA ALA PE 65 -57.51 92.30 100.39
C ALA PE 65 -58.14 90.94 100.64
N ASP PE 66 -58.15 90.05 99.65
CA ASP PE 66 -58.81 88.76 99.80
C ASP PE 66 -58.09 87.91 100.85
N ALA PE 67 -58.87 87.14 101.58
CA ALA PE 67 -58.36 86.35 102.70
C ALA PE 67 -57.32 85.34 102.26
N CYS PE 68 -57.71 84.39 101.42
CA CYS PE 68 -56.84 83.30 101.03
C CYS PE 68 -56.91 83.06 99.52
N VAL PE 69 -55.93 83.62 98.81
CA VAL PE 69 -55.71 83.30 97.40
C VAL PE 69 -54.20 83.09 97.22
N ILE PE 70 -53.80 81.85 96.96
CA ILE PE 70 -52.39 81.48 96.96
C ILE PE 70 -51.95 81.22 95.52
N MET PE 71 -50.82 81.81 95.12
CA MET PE 71 -50.24 81.60 93.81
C MET PE 71 -48.97 80.76 93.96
N PRO PE 72 -48.54 80.05 92.93
CA PRO PE 72 -47.43 79.09 93.08
C PRO PE 72 -46.11 79.79 93.42
N ASN PE 73 -45.23 79.01 94.03
CA ASN PE 73 -43.98 79.52 94.56
C ASN PE 73 -42.95 79.72 93.44
N GLU PE 74 -41.93 80.51 93.75
CA GLU PE 74 -40.82 80.76 92.85
C GLU PE 74 -39.53 80.39 93.56
N ASN PE 75 -38.50 80.06 92.79
CA ASN PE 75 -37.24 79.61 93.37
C ASN PE 75 -36.33 80.80 93.62
N GLN PE 76 -35.89 80.96 94.87
CA GLN PE 76 -34.93 81.99 95.26
C GLN PE 76 -33.69 81.29 95.82
N SER PE 77 -32.59 81.38 95.08
CA SER PE 77 -31.36 80.68 95.43
C SER PE 77 -30.21 81.67 95.53
N ILE PE 78 -29.38 81.49 96.56
CA ILE PE 78 -28.16 82.26 96.74
C ILE PE 78 -27.03 81.27 97.00
N ARG PE 79 -26.02 81.29 96.14
CA ARG PE 79 -24.94 80.32 96.16
C ARG PE 79 -23.60 81.04 96.22
N THR PE 80 -22.77 80.66 97.18
CA THR PE 80 -21.44 81.24 97.34
C THR PE 80 -20.39 80.13 97.37
N VAL PE 81 -19.28 80.36 96.69
CA VAL PE 81 -18.16 79.43 96.65
C VAL PE 81 -16.92 80.17 97.11
N ILE PE 82 -16.22 79.61 98.10
CA ILE PE 82 -15.00 80.21 98.63
C ILE PE 82 -13.87 79.19 98.46
N SER PE 83 -12.81 79.60 97.77
CA SER PE 83 -11.68 78.73 97.48
C SER PE 83 -10.40 79.42 97.94
N GLY PE 84 -9.60 78.71 98.72
CA GLY PE 84 -8.33 79.24 99.21
C GLY PE 84 -7.59 78.27 100.09
N SER PE 85 -6.31 78.55 100.34
CA SER PE 85 -5.51 77.69 101.19
C SER PE 85 -5.86 77.91 102.66
N ALA PE 86 -5.53 76.91 103.48
CA ALA PE 86 -5.80 77.03 104.91
C ALA PE 86 -4.78 77.93 105.60
N GLU PE 87 -3.61 78.11 104.98
CA GLU PE 87 -2.56 78.90 105.62
C GLU PE 87 -2.95 80.37 105.75
N ASN PE 88 -3.61 80.92 104.73
CA ASN PE 88 -3.97 82.33 104.70
C ASN PE 88 -5.46 82.55 105.01
N LEU PE 89 -5.99 81.83 106.00
CA LEU PE 89 -7.42 81.90 106.29
C LEU PE 89 -7.82 83.28 106.79
N ALA PE 90 -6.95 83.97 107.53
CA ALA PE 90 -7.27 85.30 108.01
C ALA PE 90 -7.44 86.28 106.85
N THR PE 91 -6.54 86.21 105.88
CA THR PE 91 -6.67 87.06 104.70
C THR PE 91 -7.86 86.66 103.85
N LEU PE 92 -8.21 85.36 103.83
CA LEU PE 92 -9.42 84.93 103.15
C LEU PE 92 -10.65 85.52 103.82
N LYS PE 93 -10.65 85.59 105.14
CA LYS PE 93 -11.77 86.21 105.86
C LYS PE 93 -11.86 87.70 105.55
N ALA PE 94 -10.71 88.37 105.47
CA ALA PE 94 -10.72 89.78 105.07
C ALA PE 94 -11.29 89.95 103.66
N GLU PE 95 -10.88 89.07 102.75
CA GLU PE 95 -11.42 89.09 101.39
C GLU PE 95 -12.92 88.85 101.40
N TRP PE 96 -13.40 87.97 102.27
CA TRP PE 96 -14.83 87.70 102.36
C TRP PE 96 -15.59 88.93 102.84
N GLU PE 97 -15.03 89.65 103.81
CA GLU PE 97 -15.67 90.88 104.27
C GLU PE 97 -15.72 91.91 103.15
N THR PE 98 -14.63 92.07 102.40
CA THR PE 98 -14.62 93.00 101.28
C THR PE 98 -15.63 92.58 100.21
N HIS PE 99 -15.75 91.28 99.96
CA HIS PE 99 -16.73 90.79 99.01
C HIS PE 99 -18.15 91.09 99.48
N LYS PE 100 -18.41 90.93 100.79
CA LYS PE 100 -19.69 91.34 101.33
C LYS PE 100 -19.97 92.80 101.02
N ARG PE 101 -19.00 93.66 101.30
CA ARG PE 101 -19.23 95.09 101.13
C ARG PE 101 -19.51 95.43 99.66
N ASN PE 102 -18.75 94.83 98.75
CA ASN PE 102 -18.95 95.11 97.33
C ASN PE 102 -20.30 94.60 96.84
N VAL PE 103 -20.65 93.36 97.19
CA VAL PE 103 -21.94 92.82 96.76
C VAL PE 103 -23.08 93.62 97.37
N ASP PE 104 -22.90 94.11 98.60
CA ASP PE 104 -23.92 94.93 99.23
C ASP PE 104 -24.10 96.25 98.48
N THR PE 105 -23.00 96.92 98.15
CA THR PE 105 -23.14 98.22 97.49
C THR PE 105 -23.68 98.06 96.07
N LEU PE 106 -23.50 96.89 95.46
CA LEU PE 106 -24.13 96.67 94.17
C LEU PE 106 -25.60 96.26 94.27
N PHE PE 107 -25.95 95.44 95.26
CA PHE PE 107 -27.24 94.77 95.31
C PHE PE 107 -28.21 95.42 96.30
N ALA PE 108 -27.82 95.53 97.56
CA ALA PE 108 -28.75 96.00 98.59
C ALA PE 108 -29.11 97.46 98.40
N SER PE 109 -28.10 98.31 98.21
CA SER PE 109 -28.33 99.73 98.00
C SER PE 109 -28.32 100.14 96.54
N GLY PE 110 -28.15 99.19 95.63
CA GLY PE 110 -28.09 99.46 94.21
C GLY PE 110 -29.36 99.03 93.48
N ASN PE 111 -29.21 98.77 92.19
CA ASN PE 111 -30.31 98.36 91.33
C ASN PE 111 -30.02 97.06 90.60
N ALA PE 112 -28.96 96.35 91.02
CA ALA PE 112 -28.61 95.09 90.38
C ALA PE 112 -29.70 94.04 90.58
N GLY PE 113 -30.46 94.14 91.66
CA GLY PE 113 -31.59 93.24 91.86
C GLY PE 113 -32.64 93.35 90.77
N LEU PE 114 -32.96 94.56 90.34
CA LEU PE 114 -33.83 94.77 89.19
C LEU PE 114 -33.12 94.52 87.87
N GLY PE 115 -31.80 94.62 87.84
CA GLY PE 115 -31.06 94.30 86.64
C GLY PE 115 -30.34 95.44 85.99
N PHE PE 116 -29.94 96.46 86.75
CA PHE PE 116 -29.21 97.60 86.22
C PHE PE 116 -27.85 97.69 86.88
N LEU PE 117 -26.79 97.75 86.07
CA LEU PE 117 -25.43 97.89 86.54
C LEU PE 117 -25.03 99.36 86.48
N ASP PE 118 -24.42 99.86 87.55
CA ASP PE 118 -23.98 101.25 87.60
C ASP PE 118 -22.47 101.29 87.53
N PRO PE 119 -21.88 101.73 86.41
CA PRO PE 119 -20.41 101.86 86.34
C PRO PE 119 -19.82 102.76 87.41
N THR PE 120 -20.62 103.60 88.06
CA THR PE 120 -20.12 104.55 89.05
C THR PE 120 -20.20 104.03 90.48
N ALA PE 121 -20.45 102.73 90.66
CA ALA PE 121 -20.53 102.15 91.99
C ALA PE 121 -19.19 102.26 92.70
N ALA PE 122 -19.24 102.49 94.01
CA ALA PE 122 -18.05 102.66 94.83
C ALA PE 122 -17.53 101.30 95.27
N ILE PE 123 -16.81 100.64 94.38
CA ILE PE 123 -16.20 99.35 94.68
C ILE PE 123 -14.83 99.60 95.31
N VAL PE 124 -14.54 98.86 96.39
CA VAL PE 124 -13.32 99.05 97.16
C VAL PE 124 -12.57 97.73 97.22
N SER PE 125 -11.25 97.83 97.44
CA SER PE 125 -10.42 96.66 97.61
C SER PE 125 -10.19 96.36 99.08
N SER PE 126 -9.66 95.17 99.35
CA SER PE 126 -9.44 94.74 100.73
C SER PE 126 -8.26 95.45 101.38
N ASP PE 127 -7.23 95.80 100.61
CA ASP PE 127 -6.06 96.45 101.16
C ASP PE 127 -6.40 97.86 101.65
N THR PE 128 -5.66 98.30 102.66
CA THR PE 128 -5.84 99.61 103.25
C THR PE 128 -4.72 100.54 102.82
N THR PE 129 -4.98 101.84 102.89
CA THR PE 129 -4.01 102.86 102.51
C THR PE 129 -2.97 103.06 103.60
N ALA QE 1 -3.12 70.33 128.78
CA ALA QE 1 -4.25 70.57 127.89
C ALA QE 1 -3.89 70.26 126.44
N ASN QE 2 -4.27 69.07 126.00
CA ASN QE 2 -3.99 68.66 124.62
C ASN QE 2 -4.97 69.32 123.66
N LYS QE 3 -4.52 69.54 122.43
CA LYS QE 3 -5.35 70.20 121.44
C LYS QE 3 -6.41 69.23 120.91
N PRO QE 4 -7.70 69.56 121.02
CA PRO QE 4 -8.72 68.64 120.52
C PRO QE 4 -8.80 68.66 119.00
N MET QE 5 -9.41 67.62 118.44
CA MET QE 5 -9.62 67.49 117.01
C MET QE 5 -11.11 67.43 116.69
N GLN QE 6 -11.43 67.61 115.42
CA GLN QE 6 -12.79 67.56 114.90
C GLN QE 6 -12.87 66.60 113.72
N PRO QE 7 -14.02 65.98 113.48
CA PRO QE 7 -14.13 65.00 112.39
C PRO QE 7 -14.09 65.62 111.00
N ILE QE 8 -13.17 65.16 110.16
CA ILE QE 8 -13.14 65.62 108.77
C ILE QE 8 -13.92 64.69 107.85
N THR QE 9 -14.04 63.41 108.21
CA THR QE 9 -14.81 62.45 107.42
C THR QE 9 -15.62 61.59 108.38
N SER QE 10 -16.94 61.60 108.19
CA SER QE 10 -17.85 60.87 109.07
C SER QE 10 -18.62 59.85 108.24
N THR QE 11 -18.57 58.60 108.65
CA THR QE 11 -19.28 57.52 107.98
C THR QE 11 -19.73 56.51 109.04
N ALA QE 12 -20.72 55.69 108.68
CA ALA QE 12 -21.23 54.69 109.60
C ALA QE 12 -20.16 53.66 109.96
N ASN QE 13 -19.11 53.57 109.16
CA ASN QE 13 -18.06 52.58 109.38
C ASN QE 13 -16.67 53.18 109.62
N LYS QE 14 -16.50 54.48 109.44
CA LYS QE 14 -15.18 55.10 109.58
C LYS QE 14 -15.34 56.58 109.86
N ILE QE 15 -14.73 57.04 110.94
CA ILE QE 15 -14.68 58.46 111.28
C ILE QE 15 -13.22 58.88 111.42
N VAL QE 16 -12.85 59.97 110.75
CA VAL QE 16 -11.48 60.46 110.72
C VAL QE 16 -11.45 61.82 111.40
N TRP QE 17 -10.55 61.97 112.38
CA TRP QE 17 -10.33 63.24 113.06
C TRP QE 17 -9.09 63.92 112.50
N SER QE 18 -8.98 65.23 112.75
CA SER QE 18 -7.83 66.00 112.31
C SER QE 18 -7.73 67.28 113.13
N ASP QE 19 -6.50 67.68 113.43
CA ASP QE 19 -6.28 68.88 114.22
C ASP QE 19 -6.41 70.12 113.35
N PRO QE 20 -7.21 71.12 113.78
CA PRO QE 20 -7.31 72.34 112.97
C PRO QE 20 -5.99 73.05 112.75
N THR QE 21 -5.10 73.04 113.75
CA THR QE 21 -3.81 73.71 113.59
C THR QE 21 -2.92 72.97 112.61
N ARG QE 22 -2.82 71.65 112.74
CA ARG QE 22 -2.01 70.82 111.85
C ARG QE 22 -2.91 69.78 111.21
N LEU QE 23 -3.14 69.93 109.90
CA LEU QE 23 -4.03 69.00 109.21
C LEU QE 23 -3.34 67.68 108.90
N SER QE 24 -2.02 67.62 109.13
CA SER QE 24 -1.26 66.42 108.85
C SER QE 24 -1.53 65.34 109.89
N THR QE 25 -1.98 65.73 111.07
CA THR QE 25 -2.22 64.79 112.15
C THR QE 25 -3.67 64.31 112.10
N THR QE 26 -3.85 63.01 111.92
CA THR QE 26 -5.19 62.43 111.83
C THR QE 26 -5.27 61.18 112.71
N PHE QE 27 -6.49 60.88 113.14
CA PHE QE 27 -6.80 59.69 113.91
C PHE QE 27 -8.11 59.11 113.42
N SER QE 28 -8.06 57.92 112.83
CA SER QE 28 -9.22 57.31 112.21
C SER QE 28 -9.53 55.98 112.85
N ALA QE 29 -10.83 55.70 113.01
CA ALA QE 29 -11.30 54.45 113.59
C ALA QE 29 -12.27 53.81 112.61
N SER QE 30 -12.05 52.54 112.29
CA SER QE 30 -12.88 51.79 111.36
C SER QE 30 -13.34 50.52 112.05
N LEU QE 31 -14.64 50.22 111.95
CA LEU QE 31 -15.21 49.02 112.55
C LEU QE 31 -15.79 48.12 111.47
N LEU QE 32 -15.47 46.83 111.58
CA LEU QE 32 -16.04 45.81 110.71
C LEU QE 32 -16.85 44.85 111.56
N ARG QE 33 -18.12 44.68 111.22
CA ARG QE 33 -19.05 43.87 111.99
C ARG QE 33 -19.46 42.65 111.17
N GLN QE 34 -19.19 41.46 111.72
CA GLN QE 34 -19.49 40.21 111.03
C GLN QE 34 -20.02 39.21 112.04
N ARG QE 35 -20.85 38.29 111.54
CA ARG QE 35 -21.35 37.19 112.35
C ARG QE 35 -20.44 35.98 112.16
N VAL QE 36 -19.91 35.46 113.26
CA VAL QE 36 -19.00 34.32 113.24
C VAL QE 36 -19.75 33.09 113.71
N LYS QE 37 -19.73 32.04 112.89
CA LYS QE 37 -20.41 30.79 113.19
C LYS QE 37 -19.49 29.91 114.02
N VAL QE 38 -19.83 29.74 115.29
CA VAL QE 38 -19.13 28.83 116.19
C VAL QE 38 -20.13 27.79 116.65
N GLY QE 39 -19.66 26.54 116.75
CA GLY QE 39 -20.50 25.41 117.08
C GLY QE 39 -21.51 25.67 118.19
N ILE QE 40 -22.77 25.31 117.93
CA ILE QE 40 -23.91 25.55 118.81
C ILE QE 40 -23.86 26.95 119.43
N ALA QE 41 -23.49 27.93 118.62
CA ALA QE 41 -23.44 29.32 119.07
C ALA QE 41 -23.63 30.25 117.89
N GLU QE 42 -24.07 31.47 118.17
CA GLU QE 42 -24.22 32.52 117.16
C GLU QE 42 -23.84 33.84 117.81
N LEU QE 43 -22.59 34.24 117.63
CA LEU QE 43 -22.03 35.42 118.29
C LEU QE 43 -21.44 36.36 117.26
N ASN QE 44 -21.35 37.64 117.63
CA ASN QE 44 -21.02 38.72 116.70
C ASN QE 44 -19.64 39.27 117.05
N ASN QE 45 -18.74 39.24 116.08
CA ASN QE 45 -17.40 39.80 116.28
C ASN QE 45 -17.34 41.24 115.75
N VAL QE 46 -16.54 42.07 116.41
CA VAL QE 46 -16.30 43.44 115.99
C VAL QE 46 -14.80 43.66 115.94
N SER QE 47 -14.30 44.07 114.78
CA SER QE 47 -12.88 44.34 114.58
C SER QE 47 -12.70 45.84 114.38
N GLY QE 48 -11.90 46.45 115.25
CA GLY QE 48 -11.68 47.88 115.17
C GLY QE 48 -10.26 48.26 114.85
N GLN QE 49 -10.07 49.02 113.78
CA GLN QE 49 -8.75 49.45 113.32
C GLN QE 49 -8.57 50.92 113.65
N TYR QE 50 -7.68 51.22 114.58
CA TYR QE 50 -7.39 52.58 115.00
C TYR QE 50 -5.97 52.93 114.57
N VAL QE 51 -5.83 53.99 113.79
CA VAL QE 51 -4.53 54.42 113.29
C VAL QE 51 -4.30 55.86 113.72
N SER QE 52 -3.07 56.17 114.08
CA SER QE 52 -2.65 57.53 114.40
C SER QE 52 -1.39 57.87 113.61
N VAL QE 53 -1.42 59.01 112.92
CA VAL QE 53 -0.29 59.44 112.11
C VAL QE 53 0.12 60.84 112.54
N TYR QE 54 1.42 61.10 112.52
CA TYR QE 54 1.99 62.40 112.80
C TYR QE 54 3.14 62.64 111.83
N LYS QE 55 3.13 63.81 111.19
CA LYS QE 55 4.14 64.15 110.19
C LYS QE 55 5.25 64.95 110.85
N ARG QE 56 5.98 64.27 111.74
CA ARG QE 56 6.99 64.91 112.56
C ARG QE 56 8.17 65.37 111.70
N PRO QE 57 8.71 66.55 111.95
CA PRO QE 57 9.90 66.99 111.22
C PRO QE 57 11.11 66.13 111.55
N ALA QE 58 11.98 65.98 110.55
CA ALA QE 58 13.23 65.26 110.76
C ALA QE 58 14.11 66.06 111.72
N PRO QE 59 15.00 65.42 112.48
CA PRO QE 59 15.72 66.15 113.52
C PRO QE 59 16.69 67.16 112.92
N LYS QE 60 16.65 68.37 113.48
CA LYS QE 60 17.48 69.46 113.00
C LYS QE 60 18.96 69.16 113.23
N PRO QE 61 19.83 69.55 112.31
CA PRO QE 61 21.27 69.36 112.53
C PRO QE 61 21.78 70.14 113.73
N GLU QE 62 22.88 69.70 114.30
CA GLU QE 62 23.38 70.20 115.58
C GLU QE 62 24.16 71.49 115.37
N GLY QE 63 23.90 72.47 116.24
CA GLY QE 63 24.69 73.69 116.29
C GLY QE 63 24.34 74.74 115.28
N CYS QE 64 23.26 74.60 114.53
CA CYS QE 64 22.87 75.58 113.52
C CYS QE 64 21.45 76.05 113.79
N ALA QE 65 21.31 77.30 114.22
CA ALA QE 65 20.02 77.95 114.36
C ALA QE 65 19.68 78.63 113.04
N ASP QE 66 19.17 77.85 112.08
CA ASP QE 66 18.88 78.38 110.77
C ASP QE 66 17.77 79.43 110.84
N ALA QE 67 17.64 80.20 109.76
CA ALA QE 67 16.64 81.27 109.72
C ALA QE 67 15.24 80.72 109.88
N CYS QE 68 14.93 79.62 109.20
CA CYS QE 68 13.62 79.00 109.29
C CYS QE 68 13.73 77.51 108.96
N VAL QE 69 12.75 76.74 109.44
CA VAL QE 69 12.77 75.30 109.28
C VAL QE 69 12.54 74.93 107.81
N ILE QE 70 13.39 74.06 107.29
CA ILE QE 70 13.28 73.58 105.92
C ILE QE 70 13.41 72.06 105.93
N MET QE 71 13.26 71.46 107.10
CA MET QE 71 13.56 70.05 107.26
C MET QE 71 12.52 69.20 106.55
N PRO QE 72 12.91 68.15 105.83
CA PRO QE 72 11.95 67.30 105.15
C PRO QE 72 11.29 66.28 106.07
N ASN QE 73 10.20 66.70 106.73
CA ASN QE 73 9.50 65.92 107.74
C ASN QE 73 9.21 64.47 107.33
N GLU QE 74 9.08 63.59 108.33
CA GLU QE 74 8.91 62.16 108.14
C GLU QE 74 7.53 61.72 108.60
N ASN QE 75 7.29 60.41 108.56
CA ASN QE 75 6.00 59.84 108.91
C ASN QE 75 6.12 59.02 110.19
N GLN QE 76 5.30 59.33 111.18
CA GLN QE 76 5.20 58.54 112.40
C GLN QE 76 3.79 57.99 112.50
N SER QE 77 3.63 56.69 112.26
CA SER QE 77 2.33 56.05 112.24
C SER QE 77 2.33 54.85 113.19
N ILE QE 78 1.32 54.79 114.05
CA ILE QE 78 1.13 53.65 114.95
C ILE QE 78 -0.31 53.19 114.81
N ARG QE 79 -0.50 51.88 114.66
CA ARG QE 79 -1.77 51.28 114.29
C ARG QE 79 -2.14 50.19 115.28
N THR QE 80 -3.41 50.14 115.67
CA THR QE 80 -3.91 49.15 116.61
C THR QE 80 -5.19 48.52 116.07
N VAL QE 81 -5.28 47.20 116.19
CA VAL QE 81 -6.45 46.44 115.75
C VAL QE 81 -6.94 45.61 116.92
N ILE QE 82 -8.22 45.77 117.27
CA ILE QE 82 -8.85 45.04 118.36
C ILE QE 82 -9.97 44.20 117.78
N SER QE 83 -9.88 42.88 117.97
CA SER QE 83 -10.85 41.94 117.42
C SER QE 83 -11.35 41.04 118.53
N GLY QE 84 -12.67 40.86 118.59
CA GLY QE 84 -13.25 40.01 119.60
C GLY QE 84 -14.77 40.08 119.53
N SER QE 85 -15.39 39.16 120.26
CA SER QE 85 -16.84 39.09 120.30
C SER QE 85 -17.40 40.13 121.27
N ALA QE 86 -18.56 40.69 120.95
CA ALA QE 86 -19.18 41.67 121.83
C ALA QE 86 -19.69 41.05 123.11
N GLU QE 87 -19.95 39.74 123.11
CA GLU QE 87 -20.43 39.07 124.31
C GLU QE 87 -19.38 39.10 125.41
N ASN QE 88 -18.09 39.10 125.02
CA ASN QE 88 -16.97 39.10 125.94
C ASN QE 88 -16.30 40.46 126.04
N LEU QE 89 -17.09 41.53 126.09
CA LEU QE 89 -16.51 42.88 126.06
C LEU QE 89 -15.64 43.16 127.27
N ALA QE 90 -16.05 42.69 128.45
CA ALA QE 90 -15.23 42.89 129.64
C ALA QE 90 -13.88 42.18 129.50
N THR QE 91 -13.91 40.96 128.98
CA THR QE 91 -12.66 40.25 128.69
C THR QE 91 -11.80 40.99 127.67
N LEU QE 92 -12.42 41.55 126.63
CA LEU QE 92 -11.67 42.30 125.64
C LEU QE 92 -11.03 43.54 126.26
N LYS QE 93 -11.74 44.21 127.16
CA LYS QE 93 -11.16 45.36 127.84
C LYS QE 93 -9.99 44.96 128.74
N ALA QE 94 -10.13 43.84 129.45
CA ALA QE 94 -9.02 43.36 130.28
C ALA QE 94 -7.82 42.99 129.41
N GLU QE 95 -8.07 42.35 128.27
CA GLU QE 95 -6.99 42.04 127.34
C GLU QE 95 -6.33 43.30 126.82
N TRP QE 96 -7.12 44.34 126.56
CA TRP QE 96 -6.56 45.62 126.12
C TRP QE 96 -5.66 46.21 127.19
N GLU QE 97 -6.09 46.15 128.45
CA GLU QE 97 -5.26 46.68 129.54
C GLU QE 97 -3.95 45.91 129.66
N THR QE 98 -4.01 44.58 129.60
CA THR QE 98 -2.79 43.78 129.68
C THR QE 98 -1.87 44.02 128.49
N HIS QE 99 -2.46 44.17 127.30
CA HIS QE 99 -1.68 44.48 126.11
C HIS QE 99 -0.99 45.83 126.23
N LYS QE 100 -1.70 46.83 126.77
CA LYS QE 100 -1.08 48.12 127.01
C LYS QE 100 0.08 48.00 127.97
N ARG QE 101 -0.11 47.24 129.05
CA ARG QE 101 0.97 47.07 130.03
C ARG QE 101 2.20 46.41 129.40
N ASN QE 102 2.00 45.36 128.61
CA ASN QE 102 3.11 44.66 128.00
C ASN QE 102 3.82 45.52 126.96
N VAL QE 103 3.06 46.25 126.14
CA VAL QE 103 3.67 47.11 125.13
C VAL QE 103 4.42 48.24 125.80
N ASP QE 104 3.91 48.74 126.93
CA ASP QE 104 4.64 49.77 127.67
C ASP QE 104 5.94 49.23 128.24
N THR QE 105 5.91 48.01 128.79
CA THR QE 105 7.12 47.48 129.41
C THR QE 105 8.17 47.14 128.35
N LEU QE 106 7.75 46.76 127.15
CA LEU QE 106 8.72 46.54 126.08
C LEU QE 106 9.22 47.85 125.47
N PHE QE 107 8.33 48.81 125.27
CA PHE QE 107 8.61 50.00 124.47
C PHE QE 107 8.77 51.27 125.30
N ALA QE 108 7.77 51.60 126.12
CA ALA QE 108 7.81 52.85 126.87
C ALA QE 108 8.96 52.85 127.88
N SER QE 109 9.16 51.73 128.57
CA SER QE 109 10.23 51.61 129.56
C SER QE 109 11.42 50.79 129.05
N GLY QE 110 11.34 50.24 127.84
CA GLY QE 110 12.39 49.45 127.26
C GLY QE 110 13.04 50.11 126.08
N ASN QE 111 13.91 49.36 125.40
CA ASN QE 111 14.63 49.89 124.25
C ASN QE 111 14.14 49.23 122.96
N ALA QE 112 12.85 48.93 122.89
CA ALA QE 112 12.29 48.35 121.68
C ALA QE 112 12.28 49.35 120.53
N GLY QE 113 12.20 50.64 120.85
CA GLY QE 113 12.21 51.66 119.82
C GLY QE 113 13.53 51.71 119.07
N LEU QE 114 14.63 51.44 119.76
CA LEU QE 114 15.94 51.45 119.11
C LEU QE 114 16.21 50.16 118.35
N GLY QE 115 15.37 49.14 118.55
CA GLY QE 115 15.52 47.89 117.84
C GLY QE 115 15.90 46.70 118.70
N PHE QE 116 15.84 46.82 120.02
CA PHE QE 116 16.25 45.71 120.87
C PHE QE 116 15.04 45.03 121.51
N LEU QE 117 15.01 43.71 121.40
CA LEU QE 117 13.97 42.89 122.03
C LEU QE 117 14.59 42.17 123.22
N ASP QE 118 14.30 42.66 124.41
CA ASP QE 118 14.89 42.10 125.62
C ASP QE 118 14.24 40.76 125.96
N PRO QE 119 14.99 39.66 126.01
CA PRO QE 119 14.38 38.37 126.35
C PRO QE 119 14.01 38.21 127.82
N THR QE 120 14.50 39.10 128.70
CA THR QE 120 14.21 39.00 130.12
C THR QE 120 13.16 40.00 130.59
N ALA QE 121 12.44 40.62 129.66
CA ALA QE 121 11.40 41.58 130.04
C ALA QE 121 10.26 40.89 130.76
N ALA QE 122 9.63 41.63 131.68
CA ALA QE 122 8.55 41.08 132.51
C ALA QE 122 7.24 41.17 131.76
N ILE QE 123 7.05 40.27 130.80
CA ILE QE 123 5.79 40.15 130.09
C ILE QE 123 4.83 39.33 130.94
N VAL QE 124 3.62 39.84 131.14
CA VAL QE 124 2.68 39.24 132.07
C VAL QE 124 1.34 39.03 131.36
N SER QE 125 0.62 38.00 131.79
CA SER QE 125 -0.64 37.64 131.15
C SER QE 125 -1.81 38.38 131.81
N SER QE 126 -2.98 38.27 131.18
CA SER QE 126 -4.16 38.93 131.68
C SER QE 126 -4.77 38.23 132.88
N ASP QE 127 -4.62 36.90 132.97
CA ASP QE 127 -5.20 36.16 134.08
C ASP QE 127 -4.52 36.53 135.39
N THR QE 128 -5.30 36.48 136.47
CA THR QE 128 -4.82 36.82 137.80
C THR QE 128 -4.80 35.57 138.69
N THR QE 129 -3.81 35.52 139.57
CA THR QE 129 -3.66 34.41 140.49
C THR QE 129 -4.68 34.51 141.63
N ALA RE 1 -134.39 62.13 0.02
CA ALA RE 1 -133.83 61.92 -1.32
C ALA RE 1 -132.36 61.52 -1.23
N ASN RE 2 -132.10 60.23 -1.39
CA ASN RE 2 -130.72 59.73 -1.33
C ASN RE 2 -130.02 59.99 -2.66
N LYS RE 3 -128.73 60.27 -2.58
CA LYS RE 3 -127.96 60.62 -3.78
C LYS RE 3 -127.70 59.39 -4.62
N PRO RE 4 -128.08 59.38 -5.90
CA PRO RE 4 -127.76 58.24 -6.76
C PRO RE 4 -126.26 58.06 -6.91
N MET RE 5 -125.83 56.82 -7.11
CA MET RE 5 -124.45 56.50 -7.42
C MET RE 5 -124.39 55.86 -8.80
N GLN RE 6 -123.34 56.21 -9.55
CA GLN RE 6 -123.20 55.72 -10.91
C GLN RE 6 -122.01 54.79 -11.01
N PRO RE 7 -122.13 53.65 -11.69
CA PRO RE 7 -121.02 52.69 -11.72
C PRO RE 7 -119.81 53.24 -12.46
N ILE RE 8 -118.63 52.80 -12.02
CA ILE RE 8 -117.38 53.17 -12.67
C ILE RE 8 -116.73 52.00 -13.39
N THR RE 9 -116.83 50.78 -12.88
CA THR RE 9 -116.32 49.60 -13.55
C THR RE 9 -117.45 48.60 -13.68
N SER RE 10 -117.74 48.20 -14.92
CA SER RE 10 -118.84 47.29 -15.21
C SER RE 10 -118.29 46.03 -15.86
N THR RE 11 -118.64 44.89 -15.29
CA THR RE 11 -118.22 43.59 -15.79
C THR RE 11 -119.29 42.58 -15.44
N ALA RE 12 -119.32 41.48 -16.20
CA ALA RE 12 -120.31 40.44 -15.95
C ALA RE 12 -120.10 39.78 -14.60
N ASN RE 13 -118.91 39.94 -14.01
CA ASN RE 13 -118.58 39.30 -12.74
C ASN RE 13 -118.45 40.29 -11.59
N LYS RE 14 -118.41 41.60 -11.86
CA LYS RE 14 -118.22 42.60 -10.81
C LYS RE 14 -118.65 43.95 -11.34
N ILE RE 15 -119.42 44.69 -10.53
CA ILE RE 15 -119.79 46.07 -10.82
C ILE RE 15 -119.50 46.91 -9.58
N VAL RE 16 -118.84 48.05 -9.78
CA VAL RE 16 -118.46 48.93 -8.68
C VAL RE 16 -119.17 50.26 -8.87
N TRP RE 17 -119.90 50.69 -7.84
CA TRP RE 17 -120.60 51.96 -7.83
C TRP RE 17 -119.87 52.94 -6.91
N SER RE 18 -119.76 54.20 -7.32
CA SER RE 18 -119.16 55.23 -6.50
C SER RE 18 -119.97 56.51 -6.62
N ASP RE 19 -119.97 57.29 -5.54
CA ASP RE 19 -120.68 58.57 -5.55
C ASP RE 19 -119.89 59.59 -6.37
N PRO RE 20 -120.52 60.25 -7.34
CA PRO RE 20 -119.78 61.24 -8.15
C PRO RE 20 -119.18 62.36 -7.33
N THR RE 21 -119.85 62.79 -6.26
CA THR RE 21 -119.32 63.85 -5.41
C THR RE 21 -118.20 63.36 -4.50
N ARG RE 22 -118.27 62.13 -4.01
CA ARG RE 22 -117.21 61.55 -3.18
C ARG RE 22 -116.87 60.15 -3.67
N LEU RE 23 -115.83 60.04 -4.49
CA LEU RE 23 -115.46 58.76 -5.08
C LEU RE 23 -114.91 57.79 -4.04
N SER RE 24 -114.59 58.30 -2.84
CA SER RE 24 -114.14 57.44 -1.76
C SER RE 24 -115.22 56.48 -1.29
N THR RE 25 -116.50 56.80 -1.51
CA THR RE 25 -117.60 55.92 -1.16
C THR RE 25 -117.84 54.95 -2.31
N THR RE 26 -117.68 53.65 -2.03
CA THR RE 26 -117.79 52.62 -3.06
C THR RE 26 -118.78 51.55 -2.63
N PHE RE 27 -119.35 50.88 -3.63
CA PHE RE 27 -120.25 49.75 -3.42
C PHE RE 27 -120.03 48.76 -4.55
N SER RE 28 -119.58 47.55 -4.22
CA SER RE 28 -119.22 46.55 -5.21
C SER RE 28 -119.99 45.26 -4.98
N ALA RE 29 -120.41 44.65 -6.08
CA ALA RE 29 -121.11 43.37 -6.05
C ALA RE 29 -120.39 42.40 -6.97
N SER RE 30 -119.98 41.27 -6.43
CA SER RE 30 -119.25 40.25 -7.18
C SER RE 30 -119.97 38.92 -7.04
N LEU RE 31 -120.19 38.24 -8.17
CA LEU RE 31 -120.85 36.95 -8.18
C LEU RE 31 -119.86 35.87 -8.59
N LEU RE 32 -119.84 34.77 -7.84
CA LEU RE 32 -119.05 33.60 -8.17
C LEU RE 32 -119.99 32.39 -8.21
N ARG RE 33 -119.99 31.67 -9.33
CA ARG RE 33 -120.93 30.60 -9.57
C ARG RE 33 -120.20 29.29 -9.79
N GLN RE 34 -120.63 28.24 -9.10
CA GLN RE 34 -120.09 26.89 -9.25
C GLN RE 34 -121.22 25.89 -9.31
N ARG RE 35 -120.91 24.71 -9.83
CA ARG RE 35 -121.85 23.59 -9.85
C ARG RE 35 -121.49 22.63 -8.72
N VAL RE 36 -122.46 22.35 -7.86
CA VAL RE 36 -122.26 21.50 -6.68
C VAL RE 36 -123.23 20.33 -6.78
N LYS RE 37 -122.69 19.11 -6.60
CA LYS RE 37 -123.49 17.88 -6.70
C LYS RE 37 -123.95 17.50 -5.29
N VAL RE 38 -125.00 18.16 -4.83
CA VAL RE 38 -125.52 17.90 -3.50
C VAL RE 38 -126.39 16.64 -3.49
N GLY RE 39 -127.35 16.57 -4.40
CA GLY RE 39 -128.34 15.51 -4.40
C GLY RE 39 -128.36 14.73 -5.69
N ILE RE 40 -127.16 14.39 -6.18
CA ILE RE 40 -126.89 13.74 -7.47
C ILE RE 40 -127.56 14.52 -8.60
N ALA RE 41 -127.88 15.78 -8.33
CA ALA RE 41 -128.35 16.73 -9.32
C ALA RE 41 -127.48 17.97 -9.25
N GLU RE 42 -126.98 18.43 -10.40
CA GLU RE 42 -126.02 19.52 -10.44
C GLU RE 42 -126.73 20.84 -10.14
N LEU RE 43 -126.82 21.17 -8.86
CA LEU RE 43 -127.36 22.46 -8.45
C LEU RE 43 -126.38 23.58 -8.78
N ASN RE 44 -126.91 24.71 -9.22
CA ASN RE 44 -126.08 25.86 -9.60
C ASN RE 44 -126.00 26.84 -8.43
N ASN RE 45 -124.96 26.64 -7.62
CA ASN RE 45 -124.73 27.51 -6.47
C ASN RE 45 -124.25 28.88 -6.91
N VAL RE 46 -124.70 29.91 -6.22
CA VAL RE 46 -124.31 31.29 -6.49
C VAL RE 46 -123.79 31.90 -5.18
N SER RE 47 -122.60 32.49 -5.24
CA SER RE 47 -121.97 33.09 -4.08
C SER RE 47 -121.75 34.58 -4.37
N GLY RE 48 -122.66 35.41 -3.88
CA GLY RE 48 -122.61 36.84 -4.13
C GLY RE 48 -121.99 37.58 -2.96
N GLN RE 49 -121.03 38.44 -3.27
CA GLN RE 49 -120.34 39.25 -2.28
C GLN RE 49 -120.67 40.72 -2.53
N TYR RE 50 -121.22 41.38 -1.51
CA TYR RE 50 -121.59 42.79 -1.59
C TYR RE 50 -120.81 43.55 -0.52
N VAL RE 51 -120.08 44.57 -0.95
CA VAL RE 51 -119.22 45.33 -0.06
C VAL RE 51 -119.57 46.81 -0.19
N SER RE 52 -119.81 47.46 0.95
CA SER RE 52 -120.06 48.90 1.00
C SER RE 52 -118.97 49.55 1.85
N VAL RE 53 -118.31 50.55 1.28
CA VAL RE 53 -117.17 51.20 1.91
C VAL RE 53 -117.44 52.70 1.98
N TYR RE 54 -117.24 53.27 3.16
CA TYR RE 54 -117.33 54.71 3.37
C TYR RE 54 -116.12 55.16 4.17
N LYS RE 55 -115.36 56.10 3.61
CA LYS RE 55 -114.20 56.67 4.28
C LYS RE 55 -114.69 57.82 5.14
N ARG RE 56 -114.57 57.65 6.46
CA ARG RE 56 -115.24 58.52 7.42
C ARG RE 56 -114.20 59.33 8.20
N PRO RE 57 -114.20 60.65 8.08
CA PRO RE 57 -113.27 61.44 8.89
C PRO RE 57 -113.82 61.70 10.28
N ALA RE 58 -113.17 61.12 11.28
CA ALA RE 58 -113.62 61.22 12.67
C ALA RE 58 -112.47 61.53 13.63
N PRO RE 59 -111.88 62.73 13.53
CA PRO RE 59 -111.12 63.23 14.69
C PRO RE 59 -112.00 63.42 15.90
N LYS RE 60 -113.28 63.76 15.66
CA LYS RE 60 -114.30 63.94 16.67
C LYS RE 60 -113.90 64.95 17.74
N PRO RE 61 -113.70 66.22 17.38
CA PRO RE 61 -113.45 67.25 18.40
C PRO RE 61 -114.73 67.59 19.12
N GLU RE 62 -114.84 67.16 20.37
CA GLU RE 62 -116.09 67.24 21.10
C GLU RE 62 -116.42 68.68 21.47
N GLY RE 63 -117.29 69.28 20.69
CA GLY RE 63 -117.80 70.62 20.96
C GLY RE 63 -117.07 71.78 20.32
N CYS RE 64 -115.85 71.54 19.84
CA CYS RE 64 -115.05 72.63 19.30
C CYS RE 64 -114.83 72.40 17.81
N ALA RE 65 -115.12 73.45 17.02
CA ALA RE 65 -114.91 73.45 15.59
C ALA RE 65 -114.94 74.89 15.09
N ASP RE 66 -113.83 75.34 14.55
CA ASP RE 66 -113.72 76.73 14.10
C ASP RE 66 -113.40 76.85 12.62
N ALA RE 67 -112.50 76.04 12.09
CA ALA RE 67 -112.11 76.10 10.69
C ALA RE 67 -111.79 74.69 10.21
N CYS RE 68 -111.56 74.55 8.92
CA CYS RE 68 -111.25 73.24 8.34
C CYS RE 68 -109.74 73.03 8.32
N VAL RE 69 -109.27 72.04 9.09
CA VAL RE 69 -107.90 71.55 9.06
C VAL RE 69 -107.93 70.30 8.20
N ILE RE 70 -106.75 69.76 7.86
CA ILE RE 70 -106.69 68.45 7.19
C ILE RE 70 -107.55 67.47 7.96
N MET RE 71 -108.43 66.78 7.24
CA MET RE 71 -109.52 66.06 7.87
C MET RE 71 -109.26 64.56 7.79
N PRO RE 72 -108.62 63.95 8.81
CA PRO RE 72 -108.15 62.56 8.66
C PRO RE 72 -109.27 61.52 8.66
N ASN RE 73 -109.08 60.46 7.88
CA ASN RE 73 -110.14 59.52 7.54
C ASN RE 73 -109.92 58.18 8.23
N GLU RE 74 -111.02 57.51 8.58
CA GLU RE 74 -111.03 56.10 8.92
C GLU RE 74 -111.89 55.36 7.90
N ASN RE 75 -111.80 54.03 7.91
CA ASN RE 75 -112.53 53.21 6.95
C ASN RE 75 -113.69 52.50 7.65
N GLN RE 76 -114.89 52.68 7.10
CA GLN RE 76 -116.07 51.94 7.54
C GLN RE 76 -116.48 50.98 6.43
N SER RE 77 -116.41 49.68 6.72
CA SER RE 77 -116.67 48.64 5.73
C SER RE 77 -117.79 47.72 6.21
N ILE RE 78 -118.70 47.39 5.30
CA ILE RE 78 -119.77 46.44 5.56
C ILE RE 78 -119.84 45.50 4.37
N ARG RE 79 -119.45 44.25 4.56
CA ARG RE 79 -119.45 43.26 3.49
C ARG RE 79 -120.44 42.15 3.82
N THR RE 80 -121.19 41.71 2.82
CA THR RE 80 -122.20 40.68 2.95
C THR RE 80 -121.99 39.61 1.88
N VAL RE 81 -122.01 38.36 2.30
CA VAL RE 81 -121.84 37.22 1.40
C VAL RE 81 -123.06 36.33 1.53
N ILE RE 82 -123.74 36.10 0.40
CA ILE RE 82 -124.92 35.23 0.34
C ILE RE 82 -124.59 34.07 -0.58
N SER RE 83 -124.74 32.85 -0.07
CA SER RE 83 -124.41 31.64 -0.82
C SER RE 83 -125.59 30.69 -0.75
N GLY RE 84 -125.99 30.15 -1.90
CA GLY RE 84 -127.09 29.20 -1.96
C GLY RE 84 -127.44 28.81 -3.38
N SER RE 85 -128.22 27.74 -3.51
CA SER RE 85 -128.62 27.28 -4.83
C SER RE 85 -129.61 28.26 -5.45
N ALA RE 86 -129.50 28.45 -6.77
CA ALA RE 86 -130.42 29.33 -7.47
C ALA RE 86 -131.82 28.73 -7.51
N GLU RE 87 -131.93 27.41 -7.35
CA GLU RE 87 -133.24 26.76 -7.40
C GLU RE 87 -134.04 27.01 -6.13
N ASN RE 88 -133.42 27.55 -5.10
CA ASN RE 88 -134.06 27.87 -3.83
C ASN RE 88 -134.01 29.37 -3.56
N LEU RE 89 -134.30 30.18 -4.58
CA LEU RE 89 -134.15 31.63 -4.45
C LEU RE 89 -135.15 32.21 -3.46
N ALA RE 90 -136.39 31.72 -3.46
CA ALA RE 90 -137.39 32.25 -2.53
C ALA RE 90 -137.00 31.98 -1.08
N THR RE 91 -136.54 30.76 -0.81
CA THR RE 91 -136.08 30.44 0.53
C THR RE 91 -134.83 31.21 0.91
N LEU RE 92 -133.93 31.46 -0.05
CA LEU RE 92 -132.76 32.28 0.24
C LEU RE 92 -133.17 33.70 0.58
N LYS RE 93 -134.18 34.24 -0.11
CA LYS RE 93 -134.67 35.58 0.21
C LYS RE 93 -135.30 35.62 1.59
N ALA RE 94 -136.06 34.58 1.96
CA ALA RE 94 -136.61 34.51 3.31
C ALA RE 94 -135.49 34.45 4.35
N GLU RE 95 -134.45 33.67 4.08
CA GLU RE 95 -133.31 33.61 4.98
C GLU RE 95 -132.63 34.96 5.09
N TRP RE 96 -132.55 35.70 3.98
CA TRP RE 96 -131.94 37.03 4.02
C TRP RE 96 -132.76 37.99 4.86
N GLU RE 97 -134.10 37.92 4.75
CA GLU RE 97 -134.94 38.75 5.60
C GLU RE 97 -134.75 38.41 7.08
N THR RE 98 -134.69 37.12 7.40
CA THR RE 98 -134.46 36.73 8.79
C THR RE 98 -133.09 37.20 9.28
N HIS RE 99 -132.08 37.12 8.41
CA HIS RE 99 -130.75 37.59 8.78
C HIS RE 99 -130.76 39.10 9.04
N LYS RE 100 -131.47 39.85 8.20
CA LYS RE 100 -131.61 41.28 8.44
C LYS RE 100 -132.25 41.53 9.80
N ARG RE 101 -133.32 40.80 10.11
CA ARG RE 101 -134.00 41.00 11.39
C ARG RE 101 -133.08 40.71 12.57
N ASN RE 102 -132.34 39.60 12.50
CA ASN RE 102 -131.45 39.23 13.60
C ASN RE 102 -130.32 40.23 13.78
N VAL RE 103 -129.68 40.63 12.67
CA VAL RE 103 -128.58 41.58 12.77
C VAL RE 103 -129.09 42.94 13.26
N ASP RE 104 -130.30 43.32 12.85
CA ASP RE 104 -130.88 44.55 13.36
C ASP RE 104 -131.09 44.47 14.87
N THR RE 105 -131.61 43.33 15.34
CA THR RE 105 -131.85 43.16 16.77
C THR RE 105 -130.54 43.26 17.55
N LEU RE 106 -129.48 42.64 17.05
CA LEU RE 106 -128.20 42.68 17.77
C LEU RE 106 -127.50 44.02 17.67
N PHE RE 107 -127.57 44.69 16.52
CA PHE RE 107 -126.72 45.84 16.23
C PHE RE 107 -127.47 47.16 16.27
N ALA RE 108 -128.55 47.27 15.50
CA ALA RE 108 -129.25 48.56 15.39
C ALA RE 108 -129.97 48.90 16.68
N SER RE 109 -130.70 47.94 17.25
CA SER RE 109 -131.41 48.15 18.49
C SER RE 109 -130.65 47.67 19.71
N GLY RE 110 -129.47 47.07 19.52
CA GLY RE 110 -128.66 46.58 20.62
C GLY RE 110 -127.44 47.46 20.86
N ASN RE 111 -126.41 46.83 21.43
CA ASN RE 111 -125.16 47.50 21.72
C ASN RE 111 -123.96 46.73 21.17
N ALA RE 112 -124.18 45.97 20.10
CA ALA RE 112 -123.09 45.18 19.52
C ALA RE 112 -122.07 46.06 18.83
N GLY RE 113 -122.47 47.23 18.35
CA GLY RE 113 -121.53 48.12 17.69
C GLY RE 113 -120.45 48.62 18.63
N LEU RE 114 -120.76 48.70 19.92
CA LEU RE 114 -119.80 49.19 20.91
C LEU RE 114 -118.99 48.04 21.50
N GLY RE 115 -119.23 46.83 21.00
CA GLY RE 115 -118.50 45.67 21.50
C GLY RE 115 -119.18 44.97 22.67
N PHE RE 116 -120.46 44.64 22.52
CA PHE RE 116 -121.22 43.99 23.56
C PHE RE 116 -122.03 42.84 22.97
N LEU RE 117 -122.29 41.82 23.80
CA LEU RE 117 -123.14 40.70 23.43
C LEU RE 117 -124.24 40.57 24.46
N ASP RE 118 -125.48 40.40 23.98
CA ASP RE 118 -126.62 40.23 24.86
C ASP RE 118 -127.15 38.81 24.71
N PRO RE 119 -126.87 37.90 25.65
CA PRO RE 119 -127.43 36.54 25.54
C PRO RE 119 -128.94 36.49 25.62
N THR RE 120 -129.59 37.52 26.15
CA THR RE 120 -131.04 37.55 26.27
C THR RE 120 -131.72 38.19 25.07
N ALA RE 121 -130.97 38.51 24.02
CA ALA RE 121 -131.57 39.10 22.84
C ALA RE 121 -132.52 38.11 22.17
N ALA RE 122 -133.60 38.65 21.58
CA ALA RE 122 -134.62 37.83 20.94
C ALA RE 122 -134.17 37.52 19.51
N ILE RE 123 -133.41 36.44 19.38
CA ILE RE 123 -132.97 35.93 18.08
C ILE RE 123 -133.99 34.92 17.60
N VAL RE 124 -134.40 35.04 16.34
CA VAL RE 124 -135.51 34.25 15.84
C VAL RE 124 -135.09 33.60 14.53
N SER RE 125 -135.71 32.46 14.23
CA SER RE 125 -135.38 31.68 13.04
C SER RE 125 -136.32 32.03 11.90
N SER RE 126 -135.97 31.54 10.71
CA SER RE 126 -136.76 31.81 9.51
C SER RE 126 -138.05 31.01 9.45
N ASP RE 127 -138.08 29.83 10.07
CA ASP RE 127 -139.27 28.99 10.02
C ASP RE 127 -140.39 29.61 10.86
N THR RE 128 -141.62 29.28 10.49
CA THR RE 128 -142.80 29.81 11.14
C THR RE 128 -143.57 28.70 11.83
N THR RE 129 -144.35 29.09 12.84
CA THR RE 129 -145.15 28.13 13.60
C THR RE 129 -146.53 27.96 12.96
N ALA SE 1 -144.22 30.18 -27.97
CA ALA SE 1 -143.52 31.15 -27.14
C ALA SE 1 -142.38 30.49 -26.37
N ASN SE 2 -141.19 30.48 -26.98
CA ASN SE 2 -140.05 29.86 -26.33
C ASN SE 2 -139.50 30.76 -25.23
N LYS SE 3 -138.88 30.14 -24.23
CA LYS SE 3 -138.36 30.90 -23.10
C LYS SE 3 -137.11 31.67 -23.51
N PRO SE 4 -137.07 32.98 -23.29
CA PRO SE 4 -135.87 33.74 -23.64
C PRO SE 4 -134.77 33.58 -22.61
N MET SE 5 -133.54 33.91 -23.03
CA MET SE 5 -132.40 33.95 -22.13
C MET SE 5 -131.88 35.37 -21.98
N GLN SE 6 -131.06 35.57 -20.96
CA GLN SE 6 -130.33 36.79 -20.71
C GLN SE 6 -128.84 36.48 -20.59
N PRO SE 7 -127.96 37.36 -21.06
CA PRO SE 7 -126.53 37.09 -20.97
C PRO SE 7 -126.07 37.05 -19.52
N ILE SE 8 -125.16 36.12 -19.23
CA ILE SE 8 -124.65 35.92 -17.88
C ILE SE 8 -123.18 36.31 -17.79
N THR SE 9 -122.36 35.84 -18.73
CA THR SE 9 -120.97 36.27 -18.84
C THR SE 9 -120.75 36.92 -20.20
N SER SE 10 -120.28 38.16 -20.17
CA SER SE 10 -120.22 38.96 -21.39
C SER SE 10 -118.79 39.39 -21.66
N THR SE 11 -118.29 39.02 -22.83
CA THR SE 11 -117.02 39.49 -23.35
C THR SE 11 -117.17 39.66 -24.86
N ALA SE 12 -116.46 40.64 -25.42
CA ALA SE 12 -116.53 40.87 -26.86
C ALA SE 12 -116.04 39.65 -27.63
N ASN SE 13 -115.10 38.90 -27.05
CA ASN SE 13 -114.65 37.66 -27.67
C ASN SE 13 -115.71 36.57 -27.61
N LYS SE 14 -116.41 36.44 -26.48
CA LYS SE 14 -117.43 35.41 -26.34
C LYS SE 14 -118.49 35.86 -25.34
N ILE SE 15 -119.76 35.57 -25.66
CA ILE SE 15 -120.89 35.83 -24.78
C ILE SE 15 -121.69 34.54 -24.63
N VAL SE 16 -122.02 34.21 -23.39
CA VAL SE 16 -122.77 32.99 -23.09
C VAL SE 16 -124.13 33.38 -22.51
N TRP SE 17 -125.18 32.74 -23.01
CA TRP SE 17 -126.54 32.95 -22.53
C TRP SE 17 -126.92 31.84 -21.57
N SER SE 18 -127.90 32.11 -20.71
CA SER SE 18 -128.38 31.11 -19.77
C SER SE 18 -129.83 31.39 -19.43
N ASP SE 19 -130.59 30.31 -19.24
CA ASP SE 19 -132.00 30.41 -18.92
C ASP SE 19 -132.16 30.68 -17.42
N PRO SE 20 -132.81 31.77 -17.02
CA PRO SE 20 -132.99 32.03 -15.58
C PRO SE 20 -133.69 30.90 -14.84
N THR SE 21 -134.64 30.22 -15.47
CA THR SE 21 -135.33 29.11 -14.83
C THR SE 21 -134.54 27.81 -14.85
N ARG SE 22 -133.65 27.61 -15.83
CA ARG SE 22 -132.83 26.41 -15.91
C ARG SE 22 -131.43 26.86 -16.30
N LEU SE 23 -130.56 27.06 -15.30
CA LEU SE 23 -129.22 27.57 -15.57
C LEU SE 23 -128.34 26.56 -16.30
N SER SE 24 -128.78 25.30 -16.40
CA SER SE 24 -128.00 24.30 -17.13
C SER SE 24 -128.08 24.46 -18.64
N THR SE 25 -129.05 25.23 -19.14
CA THR SE 25 -129.20 25.47 -20.58
C THR SE 25 -128.41 26.71 -20.95
N THR SE 26 -127.41 26.54 -21.82
CA THR SE 26 -126.52 27.62 -22.19
C THR SE 26 -126.39 27.69 -23.71
N PHE SE 27 -126.14 28.90 -24.20
CA PHE SE 27 -125.86 29.16 -25.60
C PHE SE 27 -124.65 30.08 -25.67
N SER SE 28 -123.58 29.61 -26.28
CA SER SE 28 -122.31 30.33 -26.31
C SER SE 28 -121.93 30.67 -27.74
N ALA SE 29 -121.45 31.90 -27.93
CA ALA SE 29 -120.97 32.37 -29.23
C ALA SE 29 -119.63 33.03 -29.04
N SER SE 30 -118.61 32.52 -29.74
CA SER SE 30 -117.25 33.04 -29.65
C SER SE 30 -116.76 33.37 -31.05
N LEU SE 31 -116.20 34.56 -31.21
CA LEU SE 31 -115.68 35.01 -32.50
C LEU SE 31 -114.18 35.25 -32.38
N LEU SE 32 -113.42 34.72 -33.34
CA LEU SE 32 -111.98 34.93 -33.43
C LEU SE 32 -111.68 35.51 -34.80
N ARG SE 33 -111.07 36.70 -34.82
CA ARG SE 33 -110.80 37.42 -36.06
C ARG SE 33 -109.30 37.52 -36.27
N GLN SE 34 -108.86 37.21 -37.49
CA GLN SE 34 -107.47 37.25 -37.87
C GLN SE 34 -107.36 37.69 -39.31
N ARG SE 35 -106.33 38.48 -39.61
CA ARG SE 35 -106.12 39.03 -40.95
C ARG SE 35 -105.25 38.04 -41.73
N VAL SE 36 -105.89 36.99 -42.24
CA VAL SE 36 -105.20 36.00 -43.08
C VAL SE 36 -105.33 36.43 -44.53
N LYS SE 37 -104.31 37.09 -45.05
CA LYS SE 37 -104.40 37.66 -46.39
C LYS SE 37 -103.81 36.71 -47.42
N VAL SE 38 -104.54 36.53 -48.52
CA VAL SE 38 -104.07 35.77 -49.66
C VAL SE 38 -103.17 36.67 -50.49
N GLY SE 39 -102.47 36.10 -51.48
CA GLY SE 39 -101.55 36.85 -52.30
C GLY SE 39 -102.16 38.09 -52.93
N ILE SE 40 -101.42 39.20 -52.87
CA ILE SE 40 -101.77 40.51 -53.42
C ILE SE 40 -103.22 40.88 -53.11
N ALA SE 41 -103.70 40.48 -51.94
CA ALA SE 41 -105.06 40.82 -51.52
C ALA SE 41 -105.10 40.89 -50.00
N GLU SE 42 -106.10 41.60 -49.49
CA GLU SE 42 -106.33 41.74 -48.06
C GLU SE 42 -107.69 41.14 -47.71
N LEU SE 43 -107.71 40.27 -46.71
CA LEU SE 43 -108.95 39.60 -46.30
C LEU SE 43 -108.99 39.50 -44.78
N ASN SE 44 -110.15 39.82 -44.21
CA ASN SE 44 -110.38 39.69 -42.78
C ASN SE 44 -111.19 38.43 -42.53
N ASN SE 45 -110.60 37.49 -41.80
CA ASN SE 45 -111.22 36.20 -41.54
C ASN SE 45 -111.89 36.21 -40.17
N VAL SE 46 -113.14 35.77 -40.12
CA VAL SE 46 -113.93 35.73 -38.89
C VAL SE 46 -114.39 34.29 -38.71
N SER SE 47 -113.81 33.61 -37.72
CA SER SE 47 -114.21 32.25 -37.37
C SER SE 47 -115.13 32.30 -36.17
N GLY SE 48 -116.33 31.74 -36.32
CA GLY SE 48 -117.31 31.81 -35.25
C GLY SE 48 -117.73 30.45 -34.71
N GLN SE 49 -117.64 30.29 -33.40
CA GLN SE 49 -118.00 29.04 -32.72
C GLN SE 49 -119.27 29.28 -31.93
N TYR SE 50 -120.28 28.45 -32.17
CA TYR SE 50 -121.57 28.54 -31.48
C TYR SE 50 -121.86 27.20 -30.83
N VAL SE 51 -122.06 27.20 -29.52
CA VAL SE 51 -122.27 25.99 -28.74
C VAL SE 51 -123.59 26.09 -28.02
N SER SE 52 -124.43 25.07 -28.17
CA SER SE 52 -125.69 24.95 -27.44
C SER SE 52 -125.64 23.71 -26.56
N VAL SE 53 -125.87 23.91 -25.26
CA VAL SE 53 -125.75 22.83 -24.28
C VAL SE 53 -127.07 22.71 -23.54
N TYR SE 54 -127.59 21.48 -23.48
CA TYR SE 54 -128.80 21.17 -22.74
C TYR SE 54 -128.60 19.85 -22.00
N LYS SE 55 -129.06 19.81 -20.76
CA LYS SE 55 -128.95 18.62 -19.92
C LYS SE 55 -130.35 18.05 -19.70
N ARG SE 56 -130.71 17.03 -20.48
CA ARG SE 56 -132.02 16.42 -20.45
C ARG SE 56 -131.97 15.11 -19.68
N PRO SE 57 -132.93 14.86 -18.79
CA PRO SE 57 -132.95 13.59 -18.05
C PRO SE 57 -133.16 12.41 -18.97
N ALA SE 58 -132.61 11.27 -18.56
CA ALA SE 58 -132.73 10.05 -19.35
C ALA SE 58 -134.20 9.64 -19.45
N PRO SE 59 -134.61 9.02 -20.57
CA PRO SE 59 -136.03 8.70 -20.76
C PRO SE 59 -136.58 7.74 -19.72
N LYS SE 60 -137.79 8.00 -19.26
CA LYS SE 60 -138.49 7.15 -18.32
C LYS SE 60 -138.96 5.88 -19.00
N PRO SE 61 -139.12 4.76 -18.27
CA PRO SE 61 -139.65 3.54 -18.89
C PRO SE 61 -141.03 3.75 -19.48
N GLU SE 62 -141.30 3.11 -20.62
CA GLU SE 62 -142.52 3.39 -21.37
C GLU SE 62 -143.76 3.04 -20.57
N GLY SE 63 -143.75 1.91 -19.88
CA GLY SE 63 -144.90 1.51 -19.10
C GLY SE 63 -144.82 2.00 -17.66
N CYS SE 64 -144.74 3.32 -17.48
CA CYS SE 64 -144.60 3.90 -16.15
C CYS SE 64 -145.60 5.04 -15.98
N ALA SE 65 -146.23 5.07 -14.80
CA ALA SE 65 -147.13 6.15 -14.44
C ALA SE 65 -146.81 6.76 -13.08
N ASP SE 66 -145.60 6.56 -12.57
CA ASP SE 66 -145.25 7.07 -11.25
C ASP SE 66 -145.18 8.59 -11.26
N ALA SE 67 -145.53 9.19 -10.13
CA ALA SE 67 -145.59 10.64 -10.00
C ALA SE 67 -144.24 11.30 -10.23
N CYS SE 68 -143.27 11.00 -9.38
CA CYS SE 68 -141.96 11.64 -9.45
C CYS SE 68 -140.86 10.61 -9.27
N VAL SE 69 -140.21 10.26 -10.38
CA VAL SE 69 -138.98 9.48 -10.38
C VAL SE 69 -138.01 10.18 -11.32
N ILE SE 70 -136.90 10.68 -10.78
CA ILE SE 70 -135.98 11.53 -11.53
C ILE SE 70 -134.75 10.72 -11.90
N MET SE 71 -134.36 10.81 -13.17
CA MET SE 71 -133.18 10.13 -13.69
C MET SE 71 -132.07 11.16 -13.90
N PRO SE 72 -130.81 10.76 -13.81
CA PRO SE 72 -129.71 11.71 -13.99
C PRO SE 72 -129.67 12.23 -15.43
N ASN SE 73 -129.18 13.45 -15.57
CA ASN SE 73 -129.20 14.15 -16.84
C ASN SE 73 -128.08 13.66 -17.75
N GLU SE 74 -128.32 13.80 -19.06
CA GLU SE 74 -127.34 13.47 -20.08
C GLU SE 74 -126.98 14.74 -20.82
N ASN SE 75 -125.77 14.77 -21.39
CA ASN SE 75 -125.29 15.98 -22.05
C ASN SE 75 -125.71 15.98 -23.51
N GLN SE 76 -126.40 17.04 -23.92
CA GLN SE 76 -126.77 17.26 -25.32
C GLN SE 76 -126.11 18.54 -25.79
N SER SE 77 -125.20 18.42 -26.75
CA SER SE 77 -124.43 19.56 -27.23
C SER SE 77 -124.44 19.58 -28.76
N ILE SE 78 -124.66 20.77 -29.31
CA ILE SE 78 -124.57 21.00 -30.75
C ILE SE 78 -123.62 22.18 -30.96
N ARG SE 79 -122.58 21.97 -31.76
CA ARG SE 79 -121.52 22.95 -31.93
C ARG SE 79 -121.31 23.22 -33.42
N THR SE 80 -121.34 24.49 -33.80
CA THR SE 80 -121.16 24.91 -35.19
C THR SE 80 -120.01 25.90 -35.27
N VAL SE 81 -119.15 25.71 -36.27
CA VAL SE 81 -118.02 26.60 -36.53
C VAL SE 81 -118.14 27.11 -37.96
N ILE SE 82 -118.18 28.44 -38.11
CA ILE SE 82 -118.28 29.08 -39.41
C ILE SE 82 -117.03 29.93 -39.62
N SER SE 83 -116.30 29.64 -40.70
CA SER SE 83 -115.06 30.35 -41.01
C SER SE 83 -115.14 30.90 -42.42
N GLY SE 84 -114.78 32.16 -42.58
CA GLY SE 84 -114.81 32.79 -43.89
C GLY SE 84 -114.45 34.26 -43.85
N SER SE 85 -114.12 34.83 -45.00
CA SER SE 85 -113.77 36.24 -45.07
C SER SE 85 -115.01 37.11 -44.92
N ALA SE 86 -114.81 38.32 -44.38
CA ALA SE 86 -115.93 39.24 -44.23
C ALA SE 86 -116.42 39.76 -45.57
N GLU SE 87 -115.55 39.73 -46.59
CA GLU SE 87 -115.93 40.22 -47.91
C GLU SE 87 -116.97 39.32 -48.56
N ASN SE 88 -116.93 38.02 -48.25
CA ASN SE 88 -117.82 37.02 -48.86
C ASN SE 88 -118.98 36.65 -47.95
N LEU SE 89 -119.55 37.63 -47.23
CA LEU SE 89 -120.57 37.31 -46.23
C LEU SE 89 -121.84 36.77 -46.88
N ALA SE 90 -122.24 37.32 -48.03
CA ALA SE 90 -123.46 36.86 -48.68
C ALA SE 90 -123.32 35.41 -49.14
N THR SE 91 -122.19 35.07 -49.76
CA THR SE 91 -121.94 33.70 -50.16
C THR SE 91 -121.83 32.78 -48.96
N LEU SE 92 -121.25 33.26 -47.85
CA LEU SE 92 -121.19 32.46 -46.64
C LEU SE 92 -122.59 32.18 -46.11
N LYS SE 93 -123.49 33.17 -46.19
CA LYS SE 93 -124.87 32.95 -45.76
C LYS SE 93 -125.57 31.94 -46.66
N ALA SE 94 -125.33 32.01 -47.97
CA ALA SE 94 -125.89 31.00 -48.87
C ALA SE 94 -125.36 29.61 -48.53
N GLU SE 95 -124.05 29.51 -48.26
CA GLU SE 95 -123.48 28.23 -47.85
C GLU SE 95 -124.10 27.74 -46.55
N TRP SE 96 -124.40 28.66 -45.64
CA TRP SE 96 -125.03 28.29 -44.38
C TRP SE 96 -126.43 27.75 -44.60
N GLU SE 97 -127.19 28.36 -45.51
CA GLU SE 97 -128.51 27.83 -45.85
C GLU SE 97 -128.41 26.44 -46.47
N THR SE 98 -127.46 26.24 -47.38
CA THR SE 98 -127.27 24.93 -47.97
C THR SE 98 -126.86 23.90 -46.92
N HIS SE 99 -126.01 24.30 -45.99
CA HIS SE 99 -125.61 23.42 -44.90
C HIS SE 99 -126.81 23.04 -44.03
N LYS SE 100 -127.66 24.02 -43.74
CA LYS SE 100 -128.91 23.72 -43.05
C LYS SE 100 -129.69 22.63 -43.78
N ARG SE 101 -129.89 22.82 -45.08
CA ARG SE 101 -130.70 21.88 -45.84
C ARG SE 101 -130.08 20.48 -45.83
N ASN SE 102 -128.76 20.40 -46.00
CA ASN SE 102 -128.10 19.11 -46.06
C ASN SE 102 -128.15 18.39 -44.71
N VAL SE 103 -127.83 19.08 -43.62
CA VAL SE 103 -127.87 18.45 -42.31
C VAL SE 103 -129.30 18.07 -41.94
N ASP SE 104 -130.27 18.90 -42.34
CA ASP SE 104 -131.67 18.53 -42.10
C ASP SE 104 -132.04 17.26 -42.84
N THR SE 105 -131.61 17.15 -44.10
CA THR SE 105 -131.90 15.94 -44.88
C THR SE 105 -131.29 14.71 -44.24
N LEU SE 106 -130.05 14.81 -43.76
CA LEU SE 106 -129.39 13.65 -43.16
C LEU SE 106 -129.93 13.31 -41.77
N PHE SE 107 -130.30 14.32 -40.98
CA PHE SE 107 -130.56 14.14 -39.55
C PHE SE 107 -132.05 14.23 -39.22
N ALA SE 108 -132.70 15.34 -39.58
CA ALA SE 108 -134.08 15.56 -39.18
C ALA SE 108 -135.01 14.52 -39.80
N SER SE 109 -134.80 14.20 -41.08
CA SER SE 109 -135.62 13.24 -41.78
C SER SE 109 -134.94 11.89 -41.98
N GLY SE 110 -133.69 11.75 -41.57
CA GLY SE 110 -132.96 10.51 -41.73
C GLY SE 110 -132.78 9.76 -40.41
N ASN SE 111 -131.81 8.85 -40.42
CA ASN SE 111 -131.48 8.03 -39.25
C ASN SE 111 -130.07 8.29 -38.75
N ALA SE 112 -129.47 9.43 -39.13
CA ALA SE 112 -128.14 9.76 -38.65
C ALA SE 112 -128.12 9.94 -37.14
N GLY SE 113 -129.24 10.39 -36.56
CA GLY SE 113 -129.33 10.47 -35.12
C GLY SE 113 -129.24 9.12 -34.43
N LEU SE 114 -129.80 8.08 -35.03
CA LEU SE 114 -129.68 6.72 -34.53
C LEU SE 114 -128.35 6.08 -34.90
N GLY SE 115 -127.66 6.61 -35.90
CA GLY SE 115 -126.37 6.08 -36.28
C GLY SE 115 -126.33 5.36 -37.60
N PHE SE 116 -127.25 5.64 -38.51
CA PHE SE 116 -127.27 5.03 -39.83
C PHE SE 116 -127.05 6.10 -40.88
N LEU SE 117 -126.14 5.84 -41.82
CA LEU SE 117 -125.87 6.73 -42.94
C LEU SE 117 -126.45 6.13 -44.20
N ASP SE 118 -127.20 6.95 -44.94
CA ASP SE 118 -127.81 6.50 -46.19
C ASP SE 118 -127.06 7.12 -47.36
N PRO SE 119 -126.31 6.35 -48.14
CA PRO SE 119 -125.60 6.94 -49.29
C PRO SE 119 -126.51 7.40 -50.41
N THR SE 120 -127.82 7.19 -50.30
CA THR SE 120 -128.76 7.61 -51.32
C THR SE 120 -129.48 8.90 -50.95
N ALA SE 121 -129.02 9.61 -49.92
CA ALA SE 121 -129.66 10.84 -49.50
C ALA SE 121 -129.53 11.91 -50.58
N ALA SE 122 -130.56 12.73 -50.71
CA ALA SE 122 -130.60 13.78 -51.73
C ALA SE 122 -129.89 15.01 -51.19
N ILE SE 123 -128.57 15.00 -51.28
CA ILE SE 123 -127.74 16.11 -50.82
C ILE SE 123 -127.49 17.04 -52.01
N VAL SE 124 -127.69 18.34 -51.78
CA VAL SE 124 -127.63 19.33 -52.84
C VAL SE 124 -126.57 20.37 -52.53
N SER SE 125 -126.09 21.04 -53.57
CA SER SE 125 -125.07 22.07 -53.42
C SER SE 125 -125.71 23.46 -53.42
N SER SE 126 -124.89 24.47 -53.14
CA SER SE 126 -125.38 25.83 -53.04
C SER SE 126 -125.66 26.46 -54.41
N ASP SE 127 -124.85 26.14 -55.42
CA ASP SE 127 -125.03 26.73 -56.74
C ASP SE 127 -126.33 26.26 -57.37
N THR SE 128 -126.91 27.13 -58.18
CA THR SE 128 -128.18 26.85 -58.85
C THR SE 128 -127.96 26.70 -60.35
N THR SE 129 -128.80 25.88 -60.97
CA THR SE 129 -128.72 25.63 -62.40
C THR SE 129 -129.10 26.86 -63.20
N ALA TE 1 -126.36 61.76 -42.18
CA ALA TE 1 -126.42 60.64 -41.25
C ALA TE 1 -125.13 59.82 -41.32
N ASN TE 2 -124.33 59.90 -40.26
CA ASN TE 2 -123.08 59.17 -40.22
C ASN TE 2 -123.33 57.69 -39.92
N LYS TE 3 -122.42 56.84 -40.40
CA LYS TE 3 -122.56 55.40 -40.18
C LYS TE 3 -122.23 55.05 -38.74
N PRO TE 4 -123.14 54.41 -38.01
CA PRO TE 4 -122.82 54.00 -36.64
C PRO TE 4 -121.80 52.88 -36.59
N MET TE 5 -121.13 52.77 -35.44
CA MET TE 5 -120.17 51.70 -35.19
C MET TE 5 -120.68 50.80 -34.08
N GLN TE 6 -120.10 49.61 -33.99
CA GLN TE 6 -120.37 48.65 -32.94
C GLN TE 6 -119.07 48.21 -32.26
N PRO TE 7 -119.11 47.83 -30.98
CA PRO TE 7 -117.88 47.46 -30.28
C PRO TE 7 -117.31 46.12 -30.71
N ILE TE 8 -116.02 46.10 -31.06
CA ILE TE 8 -115.35 44.84 -31.37
C ILE TE 8 -114.61 44.27 -30.17
N THR TE 9 -114.12 45.11 -29.28
CA THR TE 9 -113.42 44.66 -28.08
C THR TE 9 -113.95 45.46 -26.89
N SER TE 10 -114.52 44.75 -25.91
CA SER TE 10 -115.10 45.38 -24.74
C SER TE 10 -114.36 44.90 -23.50
N THR TE 11 -113.89 45.84 -22.69
CA THR TE 11 -113.17 45.55 -21.46
C THR TE 11 -113.49 46.65 -20.45
N ALA TE 12 -113.26 46.33 -19.18
CA ALA TE 12 -113.52 47.31 -18.12
C ALA TE 12 -112.65 48.54 -18.25
N ASN TE 13 -111.53 48.44 -18.98
CA ASN TE 13 -110.60 49.54 -19.15
C ASN TE 13 -110.42 50.00 -20.58
N LYS TE 14 -111.04 49.33 -21.57
CA LYS TE 14 -110.84 49.69 -22.96
C LYS TE 14 -112.01 49.17 -23.79
N ILE TE 15 -112.55 50.03 -24.64
CA ILE TE 15 -113.58 49.64 -25.61
C ILE TE 15 -113.16 50.14 -26.98
N VAL TE 16 -113.25 49.27 -27.98
CA VAL TE 16 -112.86 49.59 -29.35
C VAL TE 16 -114.07 49.40 -30.25
N TRP TE 17 -114.37 50.41 -31.05
CA TRP TE 17 -115.45 50.37 -32.02
C TRP TE 17 -114.89 50.14 -33.42
N SER TE 18 -115.77 49.78 -34.35
CA SER TE 18 -115.37 49.56 -35.73
C SER TE 18 -116.59 49.61 -36.64
N ASP TE 19 -116.44 50.25 -37.79
CA ASP TE 19 -117.52 50.32 -38.75
C ASP TE 19 -117.75 48.94 -39.37
N PRO TE 20 -119.00 48.47 -39.40
CA PRO TE 20 -119.26 47.15 -40.03
C PRO TE 20 -118.85 47.10 -41.50
N THR TE 21 -119.04 48.20 -42.24
CA THR TE 21 -118.68 48.19 -43.65
C THR TE 21 -117.17 48.16 -43.85
N ARG TE 22 -116.44 49.02 -43.14
CA ARG TE 22 -114.99 49.07 -43.22
C ARG TE 22 -114.40 48.78 -41.86
N LEU TE 23 -113.69 47.65 -41.74
CA LEU TE 23 -113.14 47.24 -40.45
C LEU TE 23 -111.86 48.01 -40.12
N SER TE 24 -111.31 48.70 -41.11
CA SER TE 24 -110.07 49.45 -40.90
C SER TE 24 -110.29 50.65 -40.00
N THR TE 25 -111.49 51.23 -40.02
CA THR TE 25 -111.80 52.40 -39.23
C THR TE 25 -112.22 51.97 -37.83
N THR TE 26 -111.43 52.34 -36.83
CA THR TE 26 -111.70 51.98 -35.45
C THR TE 26 -111.57 53.19 -34.55
N PHE TE 27 -112.29 53.15 -33.43
CA PHE TE 27 -112.24 54.19 -32.42
C PHE TE 27 -112.11 53.54 -31.06
N SER TE 28 -111.05 53.89 -30.32
CA SER TE 28 -110.72 53.26 -29.06
C SER TE 28 -110.68 54.27 -27.94
N ALA TE 29 -111.19 53.86 -26.77
CA ALA TE 29 -111.18 54.69 -25.57
C ALA TE 29 -110.62 53.87 -24.42
N SER TE 30 -109.56 54.37 -23.80
CA SER TE 30 -108.91 53.68 -22.69
C SER TE 30 -108.82 54.63 -21.50
N LEU TE 31 -109.23 54.16 -20.33
CA LEU TE 31 -109.22 54.96 -19.13
C LEU TE 31 -108.28 54.35 -18.09
N LEU TE 32 -107.45 55.19 -17.49
CA LEU TE 32 -106.55 54.79 -16.41
C LEU TE 32 -106.91 55.56 -15.16
N ARG TE 33 -107.26 54.85 -14.10
CA ARG TE 33 -107.73 55.45 -12.86
C ARG TE 33 -106.70 55.24 -11.77
N GLN TE 34 -106.23 56.34 -11.19
CA GLN TE 34 -105.21 56.29 -10.15
C GLN TE 34 -105.54 57.31 -9.08
N ARG TE 35 -105.07 57.04 -7.87
CA ARG TE 35 -105.19 57.99 -6.77
C ARG TE 35 -103.93 58.85 -6.71
N VAL TE 36 -104.11 60.16 -6.74
CA VAL TE 36 -103.00 61.10 -6.73
C VAL TE 36 -102.87 61.70 -5.34
N LYS TE 37 -101.67 61.60 -4.78
CA LYS TE 37 -101.37 62.16 -3.47
C LYS TE 37 -100.93 63.61 -3.63
N VAL TE 38 -101.86 64.53 -3.31
CA VAL TE 38 -101.57 65.95 -3.32
C VAL TE 38 -101.67 66.44 -1.87
N GLY TE 39 -100.73 67.30 -1.50
CA GLY TE 39 -100.62 67.80 -0.14
C GLY TE 39 -101.94 68.10 0.53
N ILE TE 40 -102.11 67.56 1.75
CA ILE TE 40 -103.31 67.67 2.57
C ILE TE 40 -104.58 67.48 1.74
N ALA TE 41 -104.56 66.50 0.83
CA ALA TE 41 -105.72 66.22 0.00
C ALA TE 41 -105.63 64.78 -0.51
N GLU TE 42 -106.77 64.22 -0.88
CA GLU TE 42 -106.86 62.88 -1.47
C GLU TE 42 -107.83 62.93 -2.64
N LEU TE 43 -107.30 63.21 -3.83
CA LEU TE 43 -108.09 63.27 -5.06
C LEU TE 43 -107.50 62.31 -6.08
N ASN TE 44 -108.39 61.72 -6.89
CA ASN TE 44 -108.04 60.64 -7.79
C ASN TE 44 -108.17 61.10 -9.24
N ASN TE 45 -107.08 60.98 -9.99
CA ASN TE 45 -107.06 61.38 -11.39
C ASN TE 45 -107.60 60.28 -12.28
N VAL TE 46 -108.21 60.69 -13.40
CA VAL TE 46 -108.65 59.76 -14.43
C VAL TE 46 -108.11 60.26 -15.77
N SER TE 47 -107.27 59.45 -16.40
CA SER TE 47 -106.64 59.79 -17.66
C SER TE 47 -107.27 58.96 -18.77
N GLY TE 48 -107.79 59.62 -19.79
CA GLY TE 48 -108.46 58.94 -20.88
C GLY TE 48 -107.79 59.13 -22.23
N GLN TE 49 -107.55 58.04 -22.94
CA GLN TE 49 -106.89 58.06 -24.24
C GLN TE 49 -107.90 57.69 -25.31
N TYR TE 50 -108.05 58.56 -26.31
CA TYR TE 50 -108.99 58.36 -27.40
C TYR TE 50 -108.22 58.37 -28.72
N VAL TE 51 -108.36 57.30 -29.50
CA VAL TE 51 -107.65 57.15 -30.76
C VAL TE 51 -108.65 56.87 -31.87
N SER TE 52 -108.56 57.65 -32.94
CA SER TE 52 -109.36 57.43 -34.14
C SER TE 52 -108.43 57.21 -35.32
N VAL TE 53 -108.66 56.13 -36.06
CA VAL TE 53 -107.82 55.77 -37.20
C VAL TE 53 -108.70 55.55 -38.42
N TYR TE 54 -108.24 56.06 -39.56
CA TYR TE 54 -108.88 55.84 -40.85
C TYR TE 54 -107.81 55.47 -41.85
N LYS TE 55 -108.05 54.41 -42.60
CA LYS TE 55 -107.08 53.93 -43.59
C LYS TE 55 -107.45 54.51 -44.96
N ARG TE 56 -107.31 55.84 -45.05
CA ARG TE 56 -107.74 56.55 -46.23
C ARG TE 56 -106.88 56.17 -47.43
N PRO TE 57 -107.49 55.98 -48.61
CA PRO TE 57 -106.70 55.73 -49.81
C PRO TE 57 -105.84 56.92 -50.18
N ALA TE 58 -104.66 56.62 -50.72
CA ALA TE 58 -103.79 57.66 -51.22
C ALA TE 58 -104.44 58.35 -52.42
N PRO TE 59 -104.13 59.61 -52.70
CA PRO TE 59 -104.89 60.33 -53.73
C PRO TE 59 -104.63 59.75 -55.12
N LYS TE 60 -105.71 59.62 -55.88
CA LYS TE 60 -105.66 59.06 -57.22
C LYS TE 60 -104.85 59.97 -58.15
N PRO TE 61 -104.09 59.40 -59.09
CA PRO TE 61 -103.38 60.23 -60.06
C PRO TE 61 -104.33 61.05 -60.93
N GLU TE 62 -103.85 62.15 -61.49
CA GLU TE 62 -104.68 63.12 -62.18
C GLU TE 62 -104.74 62.79 -63.67
N GLY TE 63 -105.93 62.97 -64.25
CA GLY TE 63 -106.10 62.82 -65.68
C GLY TE 63 -106.35 61.41 -66.16
N CYS TE 64 -106.28 60.41 -65.28
CA CYS TE 64 -106.49 59.01 -65.66
C CYS TE 64 -107.35 58.35 -64.59
N ALA TE 65 -108.41 57.67 -65.05
CA ALA TE 65 -109.31 56.95 -64.14
C ALA TE 65 -109.13 55.45 -64.37
N ASP TE 66 -108.45 54.79 -63.45
CA ASP TE 66 -108.22 53.36 -63.57
C ASP TE 66 -109.55 52.59 -63.46
N ALA TE 67 -109.56 51.39 -64.04
CA ALA TE 67 -110.76 50.58 -64.02
C ALA TE 67 -111.15 50.19 -62.60
N CYS TE 68 -110.18 49.77 -61.80
CA CYS TE 68 -110.41 49.44 -60.39
C CYS TE 68 -109.38 50.16 -59.52
N VAL TE 69 -109.79 50.42 -58.27
CA VAL TE 69 -108.89 51.08 -57.33
C VAL TE 69 -107.85 50.10 -56.83
N ILE TE 70 -106.57 50.47 -57.00
CA ILE TE 70 -105.47 49.63 -56.58
C ILE TE 70 -104.48 50.46 -55.77
N MET TE 71 -104.95 51.62 -55.29
CA MET TE 71 -104.03 52.59 -54.73
C MET TE 71 -103.64 52.15 -53.32
N PRO TE 72 -102.35 52.23 -52.94
CA PRO TE 72 -101.94 51.74 -51.63
C PRO TE 72 -102.23 52.72 -50.49
N ASN TE 73 -103.43 52.61 -49.93
CA ASN TE 73 -103.94 53.50 -48.88
C ASN TE 73 -102.95 53.80 -47.75
N GLU TE 74 -103.15 54.94 -47.10
CA GLU TE 74 -102.27 55.44 -46.05
C GLU TE 74 -102.94 55.30 -44.69
N ASN TE 75 -102.29 55.85 -43.67
CA ASN TE 75 -102.78 55.80 -42.30
C ASN TE 75 -103.07 57.22 -41.82
N GLN TE 76 -104.31 57.45 -41.36
CA GLN TE 76 -104.70 58.72 -40.75
C GLN TE 76 -105.08 58.45 -39.31
N SER TE 77 -104.46 59.16 -38.38
CA SER TE 77 -104.65 58.92 -36.95
C SER TE 77 -104.83 60.22 -36.20
N ILE TE 78 -105.76 60.20 -35.23
CA ILE TE 78 -105.97 61.31 -34.31
C ILE TE 78 -106.04 60.72 -32.91
N ARG TE 79 -105.16 61.19 -32.03
CA ARG TE 79 -105.03 60.65 -30.69
C ARG TE 79 -105.15 61.77 -29.67
N THR TE 80 -106.06 61.61 -28.71
CA THR TE 80 -106.34 62.61 -27.70
C THR TE 80 -106.26 62.00 -26.32
N VAL TE 81 -105.56 62.67 -25.40
CA VAL TE 81 -105.42 62.23 -24.03
C VAL TE 81 -105.91 63.34 -23.12
N ILE TE 82 -106.87 63.03 -22.26
CA ILE TE 82 -107.44 63.99 -21.31
C ILE TE 82 -107.18 63.46 -19.91
N SER TE 83 -106.49 64.25 -19.09
CA SER TE 83 -106.11 63.87 -17.74
C SER TE 83 -106.54 64.97 -16.78
N GLY TE 84 -107.20 64.58 -15.70
CA GLY TE 84 -107.63 65.54 -14.70
C GLY TE 84 -108.45 64.86 -13.63
N SER TE 85 -108.54 65.53 -12.49
CA SER TE 85 -109.25 64.98 -11.35
C SER TE 85 -110.76 64.99 -11.61
N ALA TE 86 -111.45 63.97 -11.11
CA ALA TE 86 -112.90 63.88 -11.31
C ALA TE 86 -113.64 64.91 -10.48
N GLU TE 87 -112.99 65.47 -9.45
CA GLU TE 87 -113.62 66.49 -8.63
C GLU TE 87 -113.89 67.75 -9.44
N ASN TE 88 -113.03 68.04 -10.42
CA ASN TE 88 -113.12 69.22 -11.26
C ASN TE 88 -113.61 68.90 -12.67
N LEU TE 89 -114.60 68.02 -12.79
CA LEU TE 89 -115.00 67.53 -14.12
C LEU TE 89 -115.59 68.64 -14.97
N ALA TE 90 -116.39 69.53 -14.38
CA ALA TE 90 -116.98 70.63 -15.14
C ALA TE 90 -115.90 71.54 -15.69
N THR TE 91 -114.90 71.84 -14.87
CA THR TE 91 -113.76 72.63 -15.32
C THR TE 91 -112.97 71.91 -16.41
N LEU TE 92 -112.78 70.60 -16.28
CA LEU TE 92 -112.10 69.85 -17.34
C LEU TE 92 -112.87 69.91 -18.64
N LYS TE 93 -114.21 69.88 -18.56
CA LYS TE 93 -115.03 70.04 -19.75
C LYS TE 93 -114.85 71.41 -20.38
N ALA TE 94 -114.78 72.45 -19.55
CA ALA TE 94 -114.51 73.79 -20.07
C ALA TE 94 -113.15 73.85 -20.74
N GLU TE 95 -112.15 73.22 -20.14
CA GLU TE 95 -110.82 73.13 -20.75
C GLU TE 95 -110.88 72.41 -22.09
N TRP TE 96 -111.67 71.34 -22.17
CA TRP TE 96 -111.85 70.61 -23.43
C TRP TE 96 -112.45 71.51 -24.50
N GLU TE 97 -113.46 72.30 -24.12
CA GLU TE 97 -114.07 73.22 -25.08
C GLU TE 97 -113.06 74.26 -25.58
N THR TE 98 -112.29 74.84 -24.65
CA THR TE 98 -111.28 75.82 -25.05
C THR TE 98 -110.22 75.19 -25.95
N HIS TE 99 -109.81 73.96 -25.64
CA HIS TE 99 -108.84 73.26 -26.46
C HIS TE 99 -109.39 72.99 -27.86
N LYS TE 100 -110.66 72.59 -27.93
CA LYS TE 100 -111.28 72.40 -29.24
C LYS TE 100 -111.28 73.70 -30.04
N ARG TE 101 -111.59 74.81 -29.38
CA ARG TE 101 -111.56 76.10 -30.08
C ARG TE 101 -110.17 76.43 -30.59
N ASN TE 102 -109.14 76.20 -29.76
CA ASN TE 102 -107.78 76.54 -30.17
C ASN TE 102 -107.32 75.66 -31.33
N VAL TE 103 -107.60 74.36 -31.27
CA VAL TE 103 -107.19 73.48 -32.36
C VAL TE 103 -107.97 73.78 -33.63
N ASP TE 104 -109.23 74.19 -33.50
CA ASP TE 104 -109.99 74.63 -34.67
C ASP TE 104 -109.36 75.87 -35.28
N THR TE 105 -108.93 76.81 -34.43
CA THR TE 105 -108.30 78.03 -34.94
C THR TE 105 -107.00 77.72 -35.67
N LEU TE 106 -106.16 76.85 -35.10
CA LEU TE 106 -104.86 76.58 -35.72
C LEU TE 106 -104.99 75.68 -36.94
N PHE TE 107 -105.82 74.64 -36.86
CA PHE TE 107 -105.85 73.56 -37.84
C PHE TE 107 -107.07 73.60 -38.75
N ALA TE 108 -108.28 73.63 -38.16
CA ALA TE 108 -109.50 73.56 -38.97
C ALA TE 108 -109.64 74.78 -39.87
N SER TE 109 -109.36 75.97 -39.32
CA SER TE 109 -109.46 77.20 -40.08
C SER TE 109 -108.12 77.76 -40.49
N GLY TE 110 -107.02 77.14 -40.09
CA GLY TE 110 -105.69 77.60 -40.42
C GLY TE 110 -104.96 76.64 -41.33
N ASN TE 111 -103.67 76.92 -41.53
CA ASN TE 111 -102.85 76.10 -42.42
C ASN TE 111 -101.88 75.25 -41.63
N ALA TE 112 -102.26 74.84 -40.42
CA ALA TE 112 -101.42 73.96 -39.63
C ALA TE 112 -101.29 72.58 -40.26
N GLY TE 113 -102.29 72.19 -41.07
CA GLY TE 113 -102.24 70.90 -41.71
C GLY TE 113 -101.09 70.76 -42.70
N LEU TE 114 -100.79 71.83 -43.44
CA LEU TE 114 -99.68 71.77 -44.38
C LEU TE 114 -98.34 71.86 -43.68
N GLY TE 115 -98.31 72.39 -42.46
CA GLY TE 115 -97.08 72.53 -41.72
C GLY TE 115 -96.73 73.94 -41.29
N PHE TE 116 -97.69 74.86 -41.33
CA PHE TE 116 -97.42 76.24 -40.94
C PHE TE 116 -97.97 76.55 -39.56
N LEU TE 117 -97.12 77.10 -38.70
CA LEU TE 117 -97.51 77.52 -37.35
C LEU TE 117 -97.61 79.04 -37.35
N ASP TE 118 -98.82 79.56 -37.48
CA ASP TE 118 -99.02 80.99 -37.55
C ASP TE 118 -98.81 81.62 -36.18
N PRO TE 119 -97.87 82.55 -36.02
CA PRO TE 119 -97.65 83.14 -34.69
C PRO TE 119 -98.65 84.22 -34.31
N THR TE 120 -99.52 84.65 -35.22
CA THR TE 120 -100.51 85.67 -34.91
C THR TE 120 -101.91 85.13 -34.73
N ALA TE 121 -102.06 83.81 -34.60
CA ALA TE 121 -103.38 83.20 -34.46
C ALA TE 121 -104.02 83.62 -33.13
N ALA TE 122 -105.34 83.67 -33.12
CA ALA TE 122 -106.10 84.10 -31.94
C ALA TE 122 -106.34 82.91 -31.03
N ILE TE 123 -105.44 82.71 -30.09
CA ILE TE 123 -105.54 81.66 -29.09
C ILE TE 123 -106.08 82.26 -27.80
N VAL TE 124 -107.00 81.54 -27.15
CA VAL TE 124 -107.67 82.04 -25.96
C VAL TE 124 -107.57 81.00 -24.86
N SER TE 125 -107.69 81.47 -23.61
CA SER TE 125 -107.70 80.59 -22.45
C SER TE 125 -109.12 80.32 -22.00
N SER TE 126 -109.26 79.36 -21.08
CA SER TE 126 -110.58 79.01 -20.58
C SER TE 126 -111.18 80.08 -19.68
N ASP TE 127 -110.34 80.94 -19.10
CA ASP TE 127 -110.85 81.98 -18.21
C ASP TE 127 -111.63 83.03 -18.98
N THR TE 128 -112.66 83.56 -18.33
CA THR TE 128 -113.54 84.56 -18.92
C THR TE 128 -113.42 85.87 -18.15
N THR TE 129 -113.43 86.97 -18.89
CA THR TE 129 -113.34 88.29 -18.29
C THR TE 129 -114.68 88.75 -17.74
N ALA UE 1 -101.50 -87.08 62.72
CA ALA UE 1 -100.32 -87.86 62.39
C ALA UE 1 -99.36 -87.05 61.51
N ASN UE 2 -98.42 -86.36 62.15
CA ASN UE 2 -97.46 -85.56 61.41
C ASN UE 2 -96.44 -86.45 60.71
N LYS UE 3 -96.01 -86.03 59.53
CA LYS UE 3 -95.08 -86.83 58.75
C LYS UE 3 -93.69 -86.76 59.35
N PRO UE 4 -93.07 -87.90 59.68
CA PRO UE 4 -91.71 -87.86 60.24
C PRO UE 4 -90.73 -87.32 59.21
N MET UE 5 -89.69 -86.65 59.73
CA MET UE 5 -88.63 -86.07 58.90
C MET UE 5 -87.33 -86.80 59.22
N GLN UE 6 -86.56 -87.10 58.18
CA GLN UE 6 -85.30 -87.80 58.37
C GLN UE 6 -84.13 -86.95 57.91
N PRO UE 7 -83.04 -86.89 58.67
CA PRO UE 7 -81.97 -85.94 58.36
C PRO UE 7 -81.30 -86.24 57.02
N ILE UE 8 -80.80 -85.19 56.38
CA ILE UE 8 -80.02 -85.33 55.17
C ILE UE 8 -78.55 -85.02 55.38
N THR UE 9 -78.20 -84.16 56.32
CA THR UE 9 -76.81 -83.85 56.65
C THR UE 9 -76.67 -83.87 58.16
N SER UE 10 -75.75 -84.71 58.64
CA SER UE 10 -75.56 -84.88 60.08
C SER UE 10 -74.10 -84.71 60.44
N THR UE 11 -73.85 -83.86 61.43
CA THR UE 11 -72.52 -83.71 62.01
C THR UE 11 -72.69 -83.35 63.48
N ALA UE 12 -71.56 -83.12 64.14
CA ALA UE 12 -71.59 -82.87 65.57
C ALA UE 12 -72.14 -81.49 65.91
N ASN UE 13 -72.04 -80.56 64.97
CA ASN UE 13 -72.40 -79.16 65.23
C ASN UE 13 -73.67 -78.73 64.51
N LYS UE 14 -74.20 -79.53 63.59
CA LYS UE 14 -75.35 -79.14 62.79
C LYS UE 14 -76.03 -80.38 62.23
N ILE UE 15 -77.35 -80.47 62.41
CA ILE UE 15 -78.14 -81.52 61.81
C ILE UE 15 -79.28 -80.86 61.05
N VAL UE 16 -79.47 -81.28 59.80
CA VAL UE 16 -80.50 -80.74 58.92
C VAL UE 16 -81.48 -81.85 58.60
N TRP UE 17 -82.75 -81.63 58.92
CA TRP UE 17 -83.82 -82.58 58.65
C TRP UE 17 -84.60 -82.12 57.43
N SER UE 18 -85.09 -83.06 56.64
CA SER UE 18 -85.88 -82.77 55.46
C SER UE 18 -86.98 -83.79 55.30
N ASP UE 19 -88.15 -83.33 54.88
CA ASP UE 19 -89.27 -84.22 54.60
C ASP UE 19 -89.00 -84.96 53.29
N PRO UE 20 -89.06 -86.30 53.29
CA PRO UE 20 -88.74 -87.02 52.05
C PRO UE 20 -89.68 -86.69 50.90
N THR UE 21 -90.94 -86.39 51.19
CA THR UE 21 -91.89 -86.02 50.14
C THR UE 21 -91.64 -84.63 49.59
N ARG UE 22 -91.21 -83.68 50.44
CA ARG UE 22 -90.88 -82.33 50.00
C ARG UE 22 -89.58 -81.89 50.66
N LEU UE 23 -88.46 -82.03 49.95
CA LEU UE 23 -87.16 -81.71 50.52
C LEU UE 23 -86.99 -80.21 50.74
N SER UE 24 -87.87 -79.41 50.14
CA SER UE 24 -87.84 -77.97 50.38
C SER UE 24 -88.16 -77.61 51.83
N THR UE 25 -88.86 -78.47 52.56
CA THR UE 25 -89.12 -78.24 53.98
C THR UE 25 -87.94 -78.74 54.80
N THR UE 26 -87.25 -77.81 55.46
CA THR UE 26 -86.03 -78.13 56.19
C THR UE 26 -86.14 -77.67 57.64
N PHE UE 27 -85.41 -78.36 58.51
CA PHE UE 27 -85.31 -78.02 59.92
C PHE UE 27 -83.87 -78.21 60.36
N SER UE 28 -83.25 -77.14 60.83
CA SER UE 28 -81.83 -77.14 61.17
C SER UE 28 -81.62 -76.75 62.62
N ALA UE 29 -80.68 -77.42 63.27
CA ALA UE 29 -80.28 -77.13 64.64
C ALA UE 29 -78.77 -77.06 64.71
N SER UE 30 -78.23 -75.91 65.09
CA SER UE 30 -76.79 -75.69 65.15
C SER UE 30 -76.43 -75.23 66.55
N LEU UE 31 -75.41 -75.83 67.14
CA LEU UE 31 -74.95 -75.50 68.48
C LEU UE 31 -73.57 -74.88 68.43
N LEU UE 32 -73.40 -73.76 69.12
CA LEU UE 32 -72.11 -73.11 69.29
C LEU UE 32 -71.84 -72.97 70.78
N ARG UE 33 -70.72 -73.53 71.23
CA ARG UE 33 -70.41 -73.63 72.64
C ARG UE 33 -69.12 -72.89 72.97
N GLN UE 34 -69.19 -72.01 73.97
CA GLN UE 34 -68.02 -71.29 74.46
C GLN UE 34 -67.99 -71.37 75.98
N ARG UE 35 -66.87 -70.94 76.55
CA ARG UE 35 -66.73 -70.83 77.99
C ARG UE 35 -66.58 -69.36 78.36
N VAL UE 36 -67.36 -68.90 79.34
CA VAL UE 36 -67.43 -67.50 79.72
C VAL UE 36 -67.15 -67.38 81.20
N LYS UE 37 -66.26 -66.44 81.56
CA LYS UE 37 -65.88 -66.21 82.95
C LYS UE 37 -66.77 -65.13 83.53
N VAL UE 38 -67.93 -65.56 84.04
CA VAL UE 38 -68.88 -64.61 84.62
C VAL UE 38 -68.52 -64.30 86.06
N GLY UE 39 -68.49 -65.32 86.91
CA GLY UE 39 -68.32 -65.14 88.34
C GLY UE 39 -67.03 -65.75 88.86
N ILE UE 40 -65.93 -65.52 88.13
CA ILE UE 40 -64.61 -66.11 88.32
C ILE UE 40 -64.73 -67.63 88.31
N ALA UE 41 -65.82 -68.12 87.72
CA ALA UE 41 -66.03 -69.53 87.45
C ALA UE 41 -66.38 -69.67 85.97
N GLU UE 42 -65.79 -70.66 85.31
CA GLU UE 42 -65.92 -70.80 83.86
C GLU UE 42 -67.21 -71.55 83.55
N LEU UE 43 -68.27 -70.78 83.34
CA LEU UE 43 -69.54 -71.36 82.92
C LEU UE 43 -69.49 -71.73 81.43
N ASN UE 44 -70.27 -72.74 81.06
CA ASN UE 44 -70.30 -73.23 79.68
C ASN UE 44 -71.66 -72.92 79.06
N ASN UE 45 -71.69 -71.85 78.28
CA ASN UE 45 -72.93 -71.46 77.62
C ASN UE 45 -73.11 -72.20 76.30
N VAL UE 46 -74.37 -72.39 75.90
CA VAL UE 46 -74.71 -73.03 74.64
C VAL UE 46 -75.67 -72.11 73.90
N SER UE 47 -75.32 -71.76 72.67
CA SER UE 47 -76.13 -70.90 71.83
C SER UE 47 -76.70 -71.75 70.69
N GLY UE 48 -77.89 -72.30 70.92
CA GLY UE 48 -78.53 -73.17 69.95
C GLY UE 48 -79.42 -72.38 69.01
N GLN UE 49 -79.16 -72.54 67.71
CA GLN UE 49 -79.93 -71.87 66.67
C GLN UE 49 -80.79 -72.90 65.95
N TYR UE 50 -82.11 -72.72 66.02
CA TYR UE 50 -83.06 -73.63 65.39
C TYR UE 50 -83.81 -72.87 64.31
N VAL UE 51 -83.77 -73.39 63.09
CA VAL UE 51 -84.39 -72.75 61.93
C VAL UE 51 -85.32 -73.74 61.26
N SER UE 52 -86.57 -73.34 61.05
CA SER UE 52 -87.54 -74.12 60.30
C SER UE 52 -87.96 -73.33 59.07
N VAL UE 53 -87.87 -73.96 57.90
CA VAL UE 53 -88.13 -73.30 56.63
C VAL UE 53 -89.18 -74.10 55.86
N TYR UE 54 -90.22 -73.41 55.40
CA TYR UE 54 -91.22 -73.99 54.52
C TYR UE 54 -91.40 -73.08 53.32
N LYS UE 55 -91.28 -73.67 52.12
CA LYS UE 55 -91.52 -72.95 50.87
C LYS UE 55 -92.97 -73.20 50.48
N ARG UE 56 -93.83 -72.23 50.77
CA ARG UE 56 -95.27 -72.40 50.61
C ARG UE 56 -95.73 -71.78 49.29
N PRO UE 57 -96.33 -72.57 48.39
CA PRO UE 57 -96.89 -71.98 47.16
C PRO UE 57 -98.08 -71.09 47.49
N ALA UE 58 -97.97 -69.81 47.13
CA ALA UE 58 -99.04 -68.84 47.39
C ALA UE 58 -99.34 -68.01 46.15
N PRO UE 59 -99.81 -68.64 45.06
CA PRO UE 59 -100.49 -67.84 44.03
C PRO UE 59 -101.76 -67.22 44.56
N LYS UE 60 -102.43 -67.91 45.48
CA LYS UE 60 -103.65 -67.51 46.17
C LYS UE 60 -104.72 -67.03 45.20
N PRO UE 61 -105.21 -67.89 44.30
CA PRO UE 61 -106.35 -67.50 43.45
C PRO UE 61 -107.63 -67.55 44.26
N GLU UE 62 -108.15 -66.37 44.59
CA GLU UE 62 -109.29 -66.26 45.50
C GLU UE 62 -110.56 -66.78 44.84
N GLY UE 63 -110.99 -67.95 45.28
CA GLY UE 63 -112.26 -68.52 44.83
C GLY UE 63 -112.24 -69.58 43.75
N CYS UE 64 -111.26 -69.53 42.85
CA CYS UE 64 -111.30 -70.44 41.71
C CYS UE 64 -109.95 -71.13 41.56
N ALA UE 65 -110.02 -72.43 41.32
CA ALA UE 65 -108.87 -73.24 40.91
C ALA UE 65 -109.34 -74.28 39.91
N ASP UE 66 -108.76 -74.29 38.73
CA ASP UE 66 -109.23 -75.18 37.67
C ASP UE 66 -108.22 -76.24 37.28
N ALA UE 67 -106.96 -75.87 37.09
CA ALA UE 67 -105.92 -76.81 36.71
C ALA UE 67 -104.64 -76.44 37.47
N CYS UE 68 -103.64 -77.30 37.39
CA CYS UE 68 -102.38 -77.06 38.07
C CYS UE 68 -101.44 -76.27 37.16
N VAL UE 69 -101.14 -75.03 37.57
CA VAL UE 69 -100.17 -74.18 36.91
C VAL UE 69 -98.94 -74.17 37.81
N ILE UE 70 -97.79 -73.75 37.28
CA ILE UE 70 -96.59 -73.64 38.10
C ILE UE 70 -96.85 -72.78 39.33
N MET UE 71 -96.51 -73.31 40.50
CA MET UE 71 -96.61 -72.55 41.73
C MET UE 71 -95.39 -71.63 41.88
N PRO UE 72 -95.60 -70.32 41.98
CA PRO UE 72 -94.52 -69.45 42.47
C PRO UE 72 -94.43 -69.54 43.98
N ASN UE 73 -93.22 -69.63 44.51
CA ASN UE 73 -93.00 -69.98 45.91
C ASN UE 73 -92.53 -68.78 46.70
N GLU UE 74 -92.97 -68.72 47.96
CA GLU UE 74 -92.47 -67.77 48.94
C GLU UE 74 -91.83 -68.53 50.09
N ASN UE 75 -90.99 -67.86 50.86
CA ASN UE 75 -90.23 -68.48 51.93
C ASN UE 75 -90.85 -68.11 53.28
N GLN UE 76 -91.30 -69.12 54.01
CA GLN UE 76 -91.74 -68.95 55.40
C GLN UE 76 -90.64 -69.48 56.31
N SER UE 77 -90.09 -68.61 57.14
CA SER UE 77 -88.95 -68.95 57.98
C SER UE 77 -89.25 -68.66 59.44
N ILE UE 78 -88.84 -69.58 60.31
CA ILE UE 78 -88.92 -69.40 61.76
C ILE UE 78 -87.54 -69.70 62.32
N ARG UE 79 -86.91 -68.68 62.91
CA ARG UE 79 -85.55 -68.78 63.41
C ARG UE 79 -85.54 -68.51 64.90
N THR UE 80 -84.99 -69.43 65.67
CA THR UE 80 -84.97 -69.35 67.13
C THR UE 80 -83.56 -69.59 67.65
N VAL UE 81 -83.14 -68.74 68.58
CA VAL UE 81 -81.82 -68.83 69.19
C VAL UE 81 -82.01 -68.82 70.70
N ILE UE 82 -81.41 -69.80 71.37
CA ILE UE 82 -81.46 -69.91 72.83
C ILE UE 82 -80.02 -69.89 73.33
N SER UE 83 -79.69 -68.94 74.20
CA SER UE 83 -78.36 -68.78 74.74
C SER UE 83 -78.43 -68.78 76.25
N GLY UE 84 -77.57 -69.58 76.89
CA GLY UE 84 -77.53 -69.63 78.33
C GLY UE 84 -76.55 -70.66 78.86
N SER UE 85 -76.15 -70.54 80.12
CA SER UE 85 -75.22 -71.49 80.70
C SER UE 85 -75.88 -72.85 80.88
N ALA UE 86 -75.09 -73.91 80.68
CA ALA UE 86 -75.62 -75.26 80.83
C ALA UE 86 -75.94 -75.58 82.28
N GLU UE 87 -75.37 -74.82 83.21
CA GLU UE 87 -75.58 -75.10 84.63
C GLU UE 87 -76.92 -74.58 85.13
N ASN UE 88 -77.60 -73.76 84.33
CA ASN UE 88 -78.90 -73.20 84.67
C ASN UE 88 -79.97 -73.68 83.69
N LEU UE 89 -79.93 -74.97 83.35
CA LEU UE 89 -80.79 -75.48 82.30
C LEU UE 89 -82.26 -75.47 82.71
N ALA UE 90 -82.54 -75.72 83.99
CA ALA UE 90 -83.94 -75.70 84.45
C ALA UE 90 -84.54 -74.31 84.32
N THR UE 91 -83.80 -73.29 84.75
CA THR UE 91 -84.26 -71.92 84.59
C THR UE 91 -84.37 -71.55 83.11
N LEU UE 92 -83.45 -72.05 82.27
CA LEU UE 92 -83.54 -71.75 80.85
C LEU UE 92 -84.78 -72.39 80.23
N LYS UE 93 -85.15 -73.59 80.67
CA LYS UE 93 -86.36 -74.24 80.19
C LYS UE 93 -87.60 -73.48 80.64
N ALA UE 94 -87.60 -72.98 81.89
CA ALA UE 94 -88.70 -72.14 82.34
C ALA UE 94 -88.81 -70.88 81.50
N GLU UE 95 -87.66 -70.26 81.18
CA GLU UE 95 -87.65 -69.10 80.31
C GLU UE 95 -88.20 -69.43 78.93
N TRP UE 96 -87.87 -70.62 78.42
CA TRP UE 96 -88.39 -71.05 77.12
C TRP UE 96 -89.91 -71.18 77.15
N GLU UE 97 -90.44 -71.77 78.22
CA GLU UE 97 -91.89 -71.90 78.34
C GLU UE 97 -92.56 -70.53 78.40
N THR UE 98 -92.00 -69.62 79.20
CA THR UE 98 -92.57 -68.28 79.29
C THR UE 98 -92.48 -67.55 77.95
N HIS UE 99 -91.37 -67.72 77.23
CA HIS UE 99 -91.22 -67.12 75.91
C HIS UE 99 -92.26 -67.65 74.95
N LYS UE 100 -92.49 -68.97 74.96
CA LYS UE 100 -93.51 -69.54 74.10
C LYS UE 100 -94.88 -68.97 74.41
N ARG UE 101 -95.20 -68.84 75.71
CA ARG UE 101 -96.50 -68.29 76.09
C ARG UE 101 -96.64 -66.84 75.62
N ASN UE 102 -95.58 -66.04 75.77
CA ASN UE 102 -95.65 -64.63 75.38
C ASN UE 102 -95.80 -64.48 73.87
N VAL UE 103 -95.02 -65.25 73.10
CA VAL UE 103 -95.15 -65.18 71.64
C VAL UE 103 -96.50 -65.69 71.19
N ASP UE 104 -97.05 -66.70 71.89
CA ASP UE 104 -98.41 -67.13 71.59
C ASP UE 104 -99.40 -66.00 71.82
N THR UE 105 -99.26 -65.29 72.94
CA THR UE 105 -100.17 -64.19 73.25
C THR UE 105 -100.11 -63.12 72.17
N LEU UE 106 -98.90 -62.79 71.70
CA LEU UE 106 -98.77 -61.74 70.69
C LEU UE 106 -99.21 -62.20 69.30
N PHE UE 107 -98.85 -63.42 68.90
CA PHE UE 107 -98.97 -63.88 67.52
C PHE UE 107 -100.13 -64.84 67.32
N ALA UE 108 -100.18 -65.93 68.09
CA ALA UE 108 -101.18 -66.96 67.86
C ALA UE 108 -102.59 -66.44 68.16
N SER UE 109 -102.74 -65.71 69.27
CA SER UE 109 -104.04 -65.17 69.66
C SER UE 109 -104.18 -63.69 69.34
N GLY UE 110 -103.13 -63.03 68.88
CA GLY UE 110 -103.18 -61.61 68.56
C GLY UE 110 -103.19 -61.37 67.06
N ASN UE 111 -102.72 -60.17 66.70
CA ASN UE 111 -102.68 -59.75 65.30
C ASN UE 111 -101.26 -59.34 64.88
N ALA UE 112 -100.24 -59.83 65.58
CA ALA UE 112 -98.87 -59.46 65.26
C ALA UE 112 -98.44 -59.98 63.90
N GLY UE 113 -99.06 -61.07 63.44
CA GLY UE 113 -98.69 -61.61 62.13
C GLY UE 113 -99.00 -60.66 61.00
N LEU UE 114 -100.05 -59.86 61.16
CA LEU UE 114 -100.48 -58.94 60.11
C LEU UE 114 -99.78 -57.60 60.24
N GLY UE 115 -98.88 -57.47 61.20
CA GLY UE 115 -98.17 -56.22 61.41
C GLY UE 115 -98.85 -55.30 62.40
N PHE UE 116 -99.20 -55.81 63.57
CA PHE UE 116 -99.90 -55.04 64.59
C PHE UE 116 -99.25 -55.27 65.94
N LEU UE 117 -99.31 -54.25 66.79
CA LEU UE 117 -98.86 -54.35 68.17
C LEU UE 117 -100.01 -54.01 69.10
N ASP UE 118 -100.17 -54.80 70.15
CA ASP UE 118 -101.22 -54.55 71.14
C ASP UE 118 -100.56 -54.19 72.46
N PRO UE 119 -100.46 -52.91 72.83
CA PRO UE 119 -99.86 -52.55 74.12
C PRO UE 119 -100.61 -53.08 75.32
N THR UE 120 -101.88 -53.43 75.17
CA THR UE 120 -102.67 -53.98 76.26
C THR UE 120 -102.57 -55.50 76.38
N ALA UE 121 -101.75 -56.14 75.54
CA ALA UE 121 -101.60 -57.58 75.60
C ALA UE 121 -100.99 -58.01 76.93
N ALA UE 122 -101.45 -59.14 77.44
CA ALA UE 122 -101.02 -59.64 78.75
C ALA UE 122 -99.71 -60.41 78.59
N ILE UE 123 -98.61 -59.67 78.53
CA ILE UE 123 -97.28 -60.23 78.52
C ILE UE 123 -96.83 -60.42 79.95
N VAL UE 124 -96.32 -61.61 80.26
CA VAL UE 124 -96.09 -62.01 81.64
C VAL UE 124 -94.66 -62.54 81.78
N SER UE 125 -94.13 -62.44 83.00
CA SER UE 125 -92.76 -62.85 83.28
C SER UE 125 -92.71 -64.30 83.73
N SER UE 126 -91.48 -64.84 83.78
CA SER UE 126 -91.29 -66.24 84.17
C SER UE 126 -91.42 -66.44 85.67
N ASP UE 127 -91.09 -65.44 86.48
CA ASP UE 127 -91.14 -65.60 87.93
C ASP UE 127 -92.58 -65.73 88.41
N THR UE 128 -92.74 -66.43 89.53
CA THR UE 128 -94.05 -66.67 90.12
C THR UE 128 -94.22 -65.84 91.39
N THR UE 129 -95.46 -65.66 91.79
CA THR UE 129 -95.78 -64.90 92.99
C THR UE 129 -95.88 -65.82 94.21
N ALA VE 1 -69.56 -96.69 90.97
CA ALA VE 1 -70.08 -96.50 89.62
C ALA VE 1 -69.67 -95.14 89.07
N ASN VE 2 -68.67 -95.14 88.19
CA ASN VE 2 -68.19 -93.89 87.59
C ASN VE 2 -69.23 -93.31 86.65
N LYS VE 3 -69.29 -91.99 86.58
CA LYS VE 3 -70.26 -91.33 85.73
C LYS VE 3 -69.88 -91.49 84.26
N PRO VE 4 -70.76 -92.02 83.42
CA PRO VE 4 -70.44 -92.14 82.00
C PRO VE 4 -70.47 -90.80 81.29
N MET VE 5 -69.72 -90.71 80.19
CA MET VE 5 -69.73 -89.53 79.34
C MET VE 5 -70.32 -89.88 77.97
N GLN VE 6 -70.80 -88.84 77.29
CA GLN VE 6 -71.28 -88.89 75.93
C GLN VE 6 -70.38 -88.05 75.02
N PRO VE 7 -70.24 -88.41 73.75
CA PRO VE 7 -69.45 -87.57 72.84
C PRO VE 7 -70.18 -86.26 72.54
N ILE VE 8 -69.42 -85.18 72.49
CA ILE VE 8 -69.97 -83.84 72.29
C ILE VE 8 -69.71 -83.33 70.87
N THR VE 9 -68.48 -83.46 70.38
CA THR VE 9 -68.20 -83.29 68.97
C THR VE 9 -67.40 -84.47 68.45
N SER VE 10 -67.77 -84.93 67.26
CA SER VE 10 -67.28 -86.21 66.74
C SER VE 10 -66.67 -86.02 65.36
N THR VE 11 -65.41 -86.44 65.23
CA THR VE 11 -64.75 -86.56 63.95
C THR VE 11 -63.95 -87.86 63.95
N ALA VE 12 -63.86 -88.51 62.79
CA ALA VE 12 -63.13 -89.77 62.72
C ALA VE 12 -61.67 -89.58 63.10
N ASN VE 13 -61.12 -88.39 62.86
CA ASN VE 13 -59.77 -88.09 63.30
C ASN VE 13 -59.71 -87.82 64.81
N LYS VE 14 -60.76 -87.25 65.38
CA LYS VE 14 -60.74 -86.84 66.79
C LYS VE 14 -62.15 -86.86 67.36
N ILE VE 15 -62.33 -87.59 68.46
CA ILE VE 15 -63.58 -87.62 69.20
C ILE VE 15 -63.30 -87.24 70.65
N VAL VE 16 -64.07 -86.30 71.17
CA VAL VE 16 -63.92 -85.83 72.55
C VAL VE 16 -65.16 -86.24 73.32
N TRP VE 17 -64.96 -86.79 74.51
CA TRP VE 17 -66.04 -87.13 75.42
C TRP VE 17 -66.18 -86.04 76.48
N SER VE 18 -67.38 -85.94 77.04
CA SER VE 18 -67.63 -84.92 78.07
C SER VE 18 -68.73 -85.39 78.99
N ASP VE 19 -68.62 -85.00 80.25
CA ASP VE 19 -69.62 -85.37 81.25
C ASP VE 19 -70.77 -84.37 81.22
N PRO VE 20 -72.01 -84.81 81.01
CA PRO VE 20 -73.14 -83.86 81.03
C PRO VE 20 -73.23 -83.05 82.31
N THR VE 21 -72.92 -83.64 83.46
CA THR VE 21 -73.03 -82.93 84.73
C THR VE 21 -71.89 -81.94 84.95
N ARG VE 22 -70.71 -82.18 84.40
CA ARG VE 22 -69.58 -81.26 84.52
C ARG VE 22 -68.89 -81.20 83.17
N LEU VE 23 -69.21 -80.17 82.38
CA LEU VE 23 -68.68 -80.06 81.03
C LEU VE 23 -67.18 -79.77 81.03
N SER VE 24 -66.60 -79.41 82.17
CA SER VE 24 -65.17 -79.15 82.23
C SER VE 24 -64.33 -80.41 82.17
N THR VE 25 -64.95 -81.59 82.27
CA THR VE 25 -64.24 -82.86 82.21
C THR VE 25 -64.33 -83.42 80.80
N THR VE 26 -63.17 -83.59 80.16
CA THR VE 26 -63.11 -84.03 78.78
C THR VE 26 -62.09 -85.15 78.62
N PHE VE 27 -62.34 -86.02 77.64
CA PHE VE 27 -61.42 -87.09 77.27
C PHE VE 27 -61.50 -87.25 75.76
N SER VE 28 -60.34 -87.22 75.10
CA SER VE 28 -60.30 -87.26 73.64
C SER VE 28 -59.40 -88.39 73.16
N ALA VE 29 -59.68 -88.85 71.94
CA ALA VE 29 -58.84 -89.79 71.22
C ALA VE 29 -58.61 -89.25 69.82
N SER VE 30 -57.34 -89.00 69.48
CA SER VE 30 -56.97 -88.52 68.15
C SER VE 30 -55.95 -89.48 67.57
N LEU VE 31 -56.29 -90.11 66.45
CA LEU VE 31 -55.39 -91.03 65.77
C LEU VE 31 -54.97 -90.44 64.43
N LEU VE 32 -53.66 -90.40 64.19
CA LEU VE 32 -53.09 -89.98 62.93
C LEU VE 32 -52.38 -91.17 62.30
N ARG VE 33 -52.78 -91.53 61.08
CA ARG VE 33 -52.28 -92.72 60.42
C ARG VE 33 -51.48 -92.31 59.19
N GLN VE 34 -50.28 -92.87 59.06
CA GLN VE 34 -49.38 -92.58 57.96
C GLN VE 34 -48.74 -93.89 57.50
N ARG VE 35 -48.43 -93.96 56.21
CA ARG VE 35 -47.81 -95.16 55.63
C ARG VE 35 -46.30 -94.93 55.60
N VAL VE 36 -45.67 -95.10 56.77
CA VAL VE 36 -44.22 -94.98 56.89
C VAL VE 36 -43.62 -96.37 56.71
N LYS VE 37 -43.11 -96.64 55.51
CA LYS VE 37 -42.61 -97.98 55.21
C LYS VE 37 -41.11 -98.06 55.43
N VAL VE 38 -40.68 -99.11 56.13
CA VAL VE 38 -39.27 -99.41 56.30
C VAL VE 38 -38.79 -100.13 55.03
N GLY VE 39 -37.48 -100.31 54.90
CA GLY VE 39 -36.91 -100.94 53.73
C GLY VE 39 -37.52 -102.27 53.37
N ILE VE 40 -37.84 -102.45 52.08
CA ILE VE 40 -38.39 -103.67 51.49
C ILE VE 40 -39.56 -104.23 52.32
N ALA VE 41 -40.30 -103.34 52.97
CA ALA VE 41 -41.46 -103.75 53.76
C ALA VE 41 -42.47 -102.62 53.75
N GLU VE 42 -43.72 -102.99 54.04
CA GLU VE 42 -44.82 -102.03 54.14
C GLU VE 42 -45.37 -102.07 55.56
N LEU VE 43 -45.49 -100.90 56.18
CA LEU VE 43 -45.97 -100.79 57.56
C LEU VE 43 -46.87 -99.59 57.68
N ASN VE 44 -48.00 -99.76 58.36
CA ASN VE 44 -48.93 -98.68 58.65
C ASN VE 44 -48.90 -98.38 60.15
N ASN VE 45 -48.42 -97.20 60.50
CA ASN VE 45 -48.29 -96.80 61.90
C ASN VE 45 -49.43 -95.87 62.28
N VAL VE 46 -49.88 -95.97 63.53
CA VAL VE 46 -51.01 -95.21 64.04
C VAL VE 46 -50.55 -94.54 65.32
N SER VE 47 -50.37 -93.22 65.28
CA SER VE 47 -50.00 -92.45 66.46
C SER VE 47 -51.27 -91.92 67.11
N GLY VE 48 -51.55 -92.41 68.33
CA GLY VE 48 -52.75 -92.01 69.03
C GLY VE 48 -52.50 -91.14 70.24
N GLN VE 49 -53.17 -90.00 70.29
CA GLN VE 49 -53.00 -89.04 71.39
C GLN VE 49 -54.28 -88.98 72.19
N TYR VE 50 -54.17 -89.19 73.50
CA TYR VE 50 -55.30 -89.18 74.41
C TYR VE 50 -55.01 -88.20 75.53
N VAL VE 51 -55.92 -87.24 75.76
CA VAL VE 51 -55.77 -86.27 76.83
C VAL VE 51 -56.99 -86.36 77.74
N SER VE 52 -56.76 -86.33 79.05
CA SER VE 52 -57.82 -86.27 80.04
C SER VE 52 -57.69 -84.96 80.81
N VAL VE 53 -58.77 -84.19 80.81
CA VAL VE 53 -58.78 -82.86 81.40
C VAL VE 53 -59.83 -82.82 82.50
N TYR VE 54 -59.42 -82.42 83.70
CA TYR VE 54 -60.31 -82.23 84.83
C TYR VE 54 -59.88 -80.98 85.58
N LYS VE 55 -60.83 -80.09 85.83
CA LYS VE 55 -60.57 -78.84 86.54
C LYS VE 55 -61.00 -79.00 87.99
N ARG VE 56 -60.03 -79.13 88.88
CA ARG VE 56 -60.27 -79.45 90.28
C ARG VE 56 -60.14 -78.21 91.13
N PRO VE 57 -61.09 -77.96 92.03
CA PRO VE 57 -60.96 -76.83 92.95
C PRO VE 57 -59.74 -76.99 93.86
N ALA VE 58 -59.12 -75.86 94.18
CA ALA VE 58 -57.97 -75.89 95.08
C ALA VE 58 -58.42 -76.37 96.47
N PRO VE 59 -57.58 -77.14 97.17
CA PRO VE 59 -58.00 -77.71 98.44
C PRO VE 59 -58.32 -76.66 99.50
N LYS VE 60 -59.37 -76.92 100.27
CA LYS VE 60 -59.77 -76.06 101.38
C LYS VE 60 -58.74 -76.17 102.49
N PRO VE 61 -58.57 -75.13 103.31
CA PRO VE 61 -57.63 -75.22 104.44
C PRO VE 61 -57.99 -76.35 105.38
N GLU VE 62 -56.98 -77.01 105.94
CA GLU VE 62 -57.22 -78.23 106.71
C GLU VE 62 -58.11 -78.00 107.91
N GLY VE 63 -57.89 -76.91 108.64
CA GLY VE 63 -58.71 -76.61 109.79
C GLY VE 63 -59.91 -75.74 109.46
N CYS VE 64 -60.74 -76.19 108.52
CA CYS VE 64 -61.89 -75.43 108.09
C CYS VE 64 -63.12 -76.32 108.05
N ALA VE 65 -64.23 -75.80 108.56
CA ALA VE 65 -65.52 -76.48 108.47
C ALA VE 65 -66.60 -75.62 107.82
N ASP VE 66 -66.21 -74.59 107.06
CA ASP VE 66 -67.19 -73.67 106.50
C ASP VE 66 -68.09 -74.38 105.50
N ALA VE 67 -69.34 -73.92 105.42
CA ALA VE 67 -70.35 -74.54 104.57
C ALA VE 67 -69.97 -74.45 103.09
N CYS VE 68 -69.85 -73.24 102.57
CA CYS VE 68 -69.62 -73.03 101.14
C CYS VE 68 -68.67 -71.87 100.90
N VAL VE 69 -67.42 -72.20 100.59
CA VAL VE 69 -66.47 -71.25 100.02
C VAL VE 69 -65.84 -71.92 98.80
N ILE VE 70 -65.85 -71.23 97.67
CA ILE VE 70 -65.43 -71.81 96.41
C ILE VE 70 -64.12 -71.16 95.99
N MET VE 71 -63.12 -72.00 95.70
CA MET VE 71 -61.81 -71.54 95.25
C MET VE 71 -61.63 -71.86 93.77
N PRO VE 72 -60.85 -71.08 93.04
CA PRO VE 72 -60.75 -71.28 91.59
C PRO VE 72 -60.09 -72.60 91.25
N ASN VE 73 -60.46 -73.12 90.08
CA ASN VE 73 -60.05 -74.44 89.65
C ASN VE 73 -58.62 -74.42 89.10
N GLU VE 74 -57.96 -75.57 89.19
CA GLU VE 74 -56.64 -75.77 88.61
C GLU VE 74 -56.76 -76.80 87.51
N ASN VE 75 -55.82 -76.78 86.57
CA ASN VE 75 -55.90 -77.65 85.41
C ASN VE 75 -55.13 -78.94 85.68
N GLN VE 76 -55.82 -80.07 85.58
CA GLN VE 76 -55.21 -81.40 85.70
C GLN VE 76 -55.29 -82.06 84.32
N SER VE 77 -54.13 -82.40 83.76
CA SER VE 77 -54.05 -82.96 82.42
C SER VE 77 -53.17 -84.19 82.40
N ILE VE 78 -53.64 -85.24 81.75
CA ILE VE 78 -52.87 -86.45 81.52
C ILE VE 78 -52.92 -86.76 80.03
N ARG VE 79 -51.77 -86.71 79.38
CA ARG VE 79 -51.68 -86.89 77.93
C ARG VE 79 -50.79 -88.08 77.62
N THR VE 80 -51.32 -89.01 76.83
CA THR VE 80 -50.60 -90.22 76.44
C THR VE 80 -50.57 -90.34 74.92
N VAL VE 81 -49.39 -90.62 74.38
CA VAL VE 81 -49.20 -90.79 72.95
C VAL VE 81 -48.62 -92.18 72.71
N ILE VE 82 -49.28 -92.95 71.85
CA ILE VE 82 -48.87 -94.31 71.51
C ILE VE 82 -48.63 -94.37 70.01
N SER VE 83 -47.41 -94.73 69.62
CA SER VE 83 -47.02 -94.79 68.22
C SER VE 83 -46.48 -96.17 67.92
N GLY VE 84 -46.98 -96.79 66.85
CA GLY VE 84 -46.52 -98.10 66.45
C GLY VE 84 -47.25 -98.64 65.24
N SER VE 85 -46.67 -99.65 64.59
CA SER VE 85 -47.30 -100.22 63.41
C SER VE 85 -48.50 -101.08 63.80
N ALA VE 86 -49.45 -101.20 62.87
CA ALA VE 86 -50.63 -102.01 63.13
C ALA VE 86 -50.29 -103.49 63.17
N GLU VE 87 -49.16 -103.88 62.55
CA GLU VE 87 -48.79 -105.29 62.51
C GLU VE 87 -48.34 -105.78 63.88
N ASN VE 88 -47.75 -104.91 64.68
CA ASN VE 88 -47.22 -105.26 66.00
C ASN VE 88 -48.17 -104.87 67.14
N LEU VE 89 -49.47 -105.02 66.93
CA LEU VE 89 -50.44 -104.53 67.90
C LEU VE 89 -50.34 -105.28 69.22
N ALA VE 90 -50.14 -106.60 69.18
CA ALA VE 90 -50.08 -107.38 70.42
C ALA VE 90 -48.88 -106.97 71.26
N THR VE 91 -47.72 -106.83 70.62
CA THR VE 91 -46.54 -106.40 71.35
C THR VE 91 -46.68 -104.96 71.83
N LEU VE 92 -47.36 -104.11 71.06
CA LEU VE 92 -47.62 -102.75 71.52
C LEU VE 92 -48.49 -102.76 72.77
N LYS VE 93 -49.46 -103.66 72.82
CA LYS VE 93 -50.29 -103.80 74.02
C LYS VE 93 -49.44 -104.26 75.21
N ALA VE 94 -48.52 -105.20 74.97
CA ALA VE 94 -47.63 -105.63 76.04
C ALA VE 94 -46.77 -104.46 76.54
N GLU VE 95 -46.25 -103.65 75.60
CA GLU VE 95 -45.49 -102.47 75.98
C GLU VE 95 -46.34 -101.50 76.77
N TRP VE 96 -47.62 -101.38 76.41
CA TRP VE 96 -48.52 -100.48 77.14
C TRP VE 96 -48.73 -100.97 78.57
N GLU VE 97 -48.86 -102.29 78.75
CA GLU VE 97 -48.97 -102.83 80.10
C GLU VE 97 -47.71 -102.55 80.90
N THR VE 98 -46.54 -102.74 80.29
CA THR VE 98 -45.29 -102.47 80.98
C THR VE 98 -45.18 -100.99 81.33
N HIS VE 99 -45.62 -100.11 80.43
CA HIS VE 99 -45.61 -98.67 80.70
C HIS VE 99 -46.54 -98.34 81.86
N LYS VE 100 -47.71 -98.97 81.90
CA LYS VE 100 -48.59 -98.82 83.06
C LYS VE 100 -47.83 -99.17 84.34
N ARG VE 101 -47.19 -100.34 84.36
CA ARG VE 101 -46.55 -100.80 85.59
C ARG VE 101 -45.45 -99.86 86.02
N ASN VE 102 -44.63 -99.40 85.08
CA ASN VE 102 -43.52 -98.51 85.41
C ASN VE 102 -44.01 -97.16 85.90
N VAL VE 103 -44.97 -96.56 85.18
CA VAL VE 103 -45.50 -95.26 85.59
C VAL VE 103 -46.19 -95.38 86.95
N ASP VE 104 -46.85 -96.51 87.20
CA ASP VE 104 -47.50 -96.71 88.50
C ASP VE 104 -46.47 -96.80 89.62
N THR VE 105 -45.39 -97.57 89.40
CA THR VE 105 -44.41 -97.72 90.47
C THR VE 105 -43.65 -96.41 90.72
N LEU VE 106 -43.57 -95.54 89.70
CA LEU VE 106 -42.95 -94.24 89.93
C LEU VE 106 -43.91 -93.22 90.55
N PHE VE 107 -45.19 -93.26 90.18
CA PHE VE 107 -46.15 -92.22 90.51
C PHE VE 107 -47.05 -92.60 91.68
N ALA VE 108 -47.79 -93.70 91.55
CA ALA VE 108 -48.78 -94.05 92.57
C ALA VE 108 -48.10 -94.49 93.86
N SER VE 109 -47.12 -95.39 93.77
CA SER VE 109 -46.39 -95.85 94.93
C SER VE 109 -45.10 -95.09 95.16
N GLY VE 110 -44.82 -94.07 94.36
CA GLY VE 110 -43.60 -93.30 94.48
C GLY VE 110 -43.85 -91.89 94.99
N ASN VE 111 -42.89 -91.02 94.70
CA ASN VE 111 -42.93 -89.64 95.15
C ASN VE 111 -42.79 -88.66 93.98
N ALA VE 112 -42.86 -89.18 92.75
CA ALA VE 112 -42.72 -88.32 91.58
C ALA VE 112 -43.88 -87.34 91.46
N GLY VE 113 -45.04 -87.68 92.01
CA GLY VE 113 -46.15 -86.76 92.01
C GLY VE 113 -45.88 -85.46 92.73
N LEU VE 114 -45.21 -85.52 93.88
CA LEU VE 114 -44.74 -84.32 94.56
C LEU VE 114 -43.46 -83.79 93.96
N GLY VE 115 -42.67 -84.64 93.30
CA GLY VE 115 -41.52 -84.13 92.57
C GLY VE 115 -40.18 -84.72 92.93
N PHE VE 116 -40.16 -85.94 93.46
CA PHE VE 116 -38.92 -86.61 93.84
C PHE VE 116 -38.76 -87.88 93.02
N LEU VE 117 -37.57 -88.05 92.45
CA LEU VE 117 -37.24 -89.25 91.67
C LEU VE 117 -36.40 -90.18 92.51
N ASP VE 118 -36.73 -91.47 92.49
CA ASP VE 118 -35.99 -92.47 93.23
C ASP VE 118 -35.16 -93.30 92.26
N PRO VE 119 -33.84 -93.17 92.24
CA PRO VE 119 -33.03 -94.02 91.34
C PRO VE 119 -33.04 -95.49 91.72
N THR VE 120 -33.67 -95.87 92.82
CA THR VE 120 -33.73 -97.26 93.26
C THR VE 120 -35.06 -97.93 92.95
N ALA VE 121 -35.88 -97.33 92.10
CA ALA VE 121 -37.19 -97.90 91.77
C ALA VE 121 -37.02 -99.20 91.00
N ALA VE 122 -38.01 -100.09 91.15
CA ALA VE 122 -37.99 -101.40 90.51
C ALA VE 122 -38.68 -101.31 89.16
N ILE VE 123 -37.95 -100.89 88.15
CA ILE VE 123 -38.46 -100.78 86.78
C ILE VE 123 -38.21 -102.10 86.06
N VAL VE 124 -39.25 -102.62 85.40
CA VAL VE 124 -39.17 -103.91 84.72
C VAL VE 124 -39.58 -103.74 83.27
N SER VE 125 -39.09 -104.65 82.43
CA SER VE 125 -39.31 -104.58 80.99
C SER VE 125 -40.41 -105.54 80.56
N SER VE 126 -40.82 -105.42 79.30
CA SER VE 126 -41.87 -106.27 78.77
C SER VE 126 -41.39 -107.69 78.53
N ASP VE 127 -40.13 -107.89 78.17
CA ASP VE 127 -39.61 -109.22 77.95
C ASP VE 127 -39.58 -110.01 79.25
N THR VE 128 -39.76 -111.32 79.14
CA THR VE 128 -39.78 -112.20 80.29
C THR VE 128 -38.59 -113.16 80.24
N THR VE 129 -38.15 -113.58 81.42
CA THR VE 129 -37.02 -114.50 81.53
C THR VE 129 -37.43 -115.91 81.12
N ALA WE 1 -70.47 -115.59 56.35
CA ALA WE 1 -70.03 -114.72 57.43
C ALA WE 1 -68.88 -113.83 56.98
N ASN WE 2 -69.22 -112.78 56.22
CA ASN WE 2 -68.21 -111.85 55.75
C ASN WE 2 -67.68 -110.99 56.89
N LYS WE 3 -66.46 -110.53 56.75
CA LYS WE 3 -65.84 -109.73 57.81
C LYS WE 3 -66.40 -108.31 57.78
N PRO WE 4 -66.99 -107.84 58.89
CA PRO WE 4 -67.49 -106.46 58.91
C PRO WE 4 -66.35 -105.46 58.94
N MET WE 5 -66.64 -104.25 58.46
CA MET WE 5 -65.68 -103.17 58.42
C MET WE 5 -66.16 -102.00 59.26
N GLN WE 6 -65.24 -101.09 59.58
CA GLN WE 6 -65.50 -99.92 60.41
C GLN WE 6 -65.05 -98.64 59.71
N PRO WE 7 -65.65 -97.50 60.03
CA PRO WE 7 -65.29 -96.26 59.34
C PRO WE 7 -63.95 -95.68 59.78
N ILE WE 8 -63.08 -95.37 58.82
CA ILE WE 8 -61.82 -94.69 59.13
C ILE WE 8 -61.94 -93.18 58.99
N THR WE 9 -62.76 -92.69 58.06
CA THR WE 9 -62.94 -91.26 57.85
C THR WE 9 -64.44 -90.98 57.73
N SER WE 10 -64.96 -90.15 58.62
CA SER WE 10 -66.38 -89.84 58.67
C SER WE 10 -66.57 -88.34 58.44
N THR WE 11 -67.40 -87.99 57.46
CA THR WE 11 -67.66 -86.62 57.10
C THR WE 11 -69.12 -86.52 56.63
N ALA WE 12 -69.68 -85.32 56.69
CA ALA WE 12 -71.05 -85.12 56.27
C ALA WE 12 -71.24 -85.40 54.78
N ASN WE 13 -70.14 -85.45 54.02
CA ASN WE 13 -70.22 -85.71 52.59
C ASN WE 13 -69.44 -86.95 52.15
N LYS WE 14 -68.75 -87.64 53.05
CA LYS WE 14 -67.96 -88.81 52.66
C LYS WE 14 -67.69 -89.66 53.90
N ILE WE 15 -67.90 -90.97 53.77
CA ILE WE 15 -67.55 -91.94 54.80
C ILE WE 15 -66.76 -93.05 54.15
N VAL WE 16 -65.63 -93.41 54.76
CA VAL WE 16 -64.72 -94.43 54.24
C VAL WE 16 -64.64 -95.56 55.25
N TRP WE 17 -64.90 -96.78 54.80
CA TRP WE 17 -64.80 -97.97 55.63
C TRP WE 17 -63.51 -98.71 55.33
N SER WE 18 -63.12 -99.59 56.26
CA SER WE 18 -61.89 -100.38 56.10
C SER WE 18 -61.95 -101.59 57.00
N ASP WE 19 -61.37 -102.69 56.54
CA ASP WE 19 -61.35 -103.92 57.32
C ASP WE 19 -60.27 -103.86 58.39
N PRO WE 20 -60.60 -104.20 59.63
CA PRO WE 20 -59.56 -104.23 60.68
C PRO WE 20 -58.40 -105.17 60.37
N THR WE 21 -58.68 -106.32 59.76
CA THR WE 21 -57.61 -107.27 59.48
C THR WE 21 -56.71 -106.78 58.36
N ARG WE 22 -57.29 -106.29 57.27
CA ARG WE 22 -56.54 -105.72 56.15
C ARG WE 22 -56.94 -104.27 55.98
N LEU WE 23 -56.01 -103.36 56.23
CA LEU WE 23 -56.33 -101.93 56.12
C LEU WE 23 -56.31 -101.47 54.67
N SER WE 24 -55.83 -102.32 53.76
CA SER WE 24 -55.69 -101.95 52.36
C SER WE 24 -57.04 -101.89 51.66
N THR WE 25 -57.95 -102.80 52.02
CA THR WE 25 -59.26 -102.84 51.39
C THR WE 25 -60.17 -101.80 52.03
N THR WE 26 -60.79 -100.96 51.20
CA THR WE 26 -61.64 -99.88 51.68
C THR WE 26 -62.87 -99.75 50.78
N PHE WE 27 -63.91 -99.16 51.35
CA PHE WE 27 -65.17 -98.89 50.64
C PHE WE 27 -65.69 -97.54 51.11
N SER WE 28 -65.77 -96.58 50.19
CA SER WE 28 -66.15 -95.22 50.54
C SER WE 28 -67.31 -94.75 49.67
N ALA WE 29 -68.16 -93.91 50.26
CA ALA WE 29 -69.32 -93.34 49.59
C ALA WE 29 -69.28 -91.84 49.73
N SER WE 30 -69.50 -91.12 48.63
CA SER WE 30 -69.51 -89.66 48.62
C SER WE 30 -70.77 -89.19 47.92
N LEU WE 31 -71.46 -88.22 48.50
CA LEU WE 31 -72.69 -87.69 47.95
C LEU WE 31 -72.55 -86.18 47.73
N LEU WE 32 -72.97 -85.73 46.55
CA LEU WE 32 -73.06 -84.30 46.25
C LEU WE 32 -74.53 -83.97 45.98
N ARG WE 33 -75.00 -82.89 46.60
CA ARG WE 33 -76.41 -82.51 46.54
C ARG WE 33 -76.54 -81.14 45.90
N GLN WE 34 -77.26 -81.09 44.78
CA GLN WE 34 -77.46 -79.86 44.04
C GLN WE 34 -78.92 -79.75 43.63
N ARG WE 35 -79.41 -78.51 43.59
CA ARG WE 35 -80.75 -78.24 43.07
C ARG WE 35 -80.68 -78.04 41.57
N VAL WE 36 -81.48 -78.80 40.83
CA VAL WE 36 -81.48 -78.77 39.37
C VAL WE 36 -82.67 -77.97 38.89
N LYS WE 37 -82.42 -77.00 38.03
CA LYS WE 37 -83.46 -76.15 37.47
C LYS WE 37 -84.02 -76.80 36.22
N VAL WE 38 -85.22 -77.37 36.34
CA VAL WE 38 -85.94 -77.95 35.21
C VAL WE 38 -87.21 -77.14 35.03
N GLY WE 39 -87.56 -76.89 33.77
CA GLY WE 39 -88.71 -76.07 33.40
C GLY WE 39 -89.93 -76.31 34.26
N ILE WE 40 -90.50 -75.22 34.78
CA ILE WE 40 -91.64 -75.22 35.71
C ILE WE 40 -91.50 -76.32 36.76
N ALA WE 41 -90.30 -76.49 37.30
CA ALA WE 41 -90.06 -77.46 38.36
C ALA WE 41 -88.87 -77.02 39.19
N GLU WE 42 -88.89 -77.36 40.47
CA GLU WE 42 -87.77 -77.12 41.37
C GLU WE 42 -87.47 -78.42 42.11
N LEU WE 43 -86.64 -79.26 41.50
CA LEU WE 43 -86.28 -80.56 42.05
C LEU WE 43 -84.77 -80.66 42.18
N ASN WE 44 -84.33 -81.37 43.22
CA ASN WE 44 -82.92 -81.43 43.60
C ASN WE 44 -82.36 -82.82 43.37
N ASN WE 45 -81.16 -82.88 42.80
CA ASN WE 45 -80.53 -84.14 42.45
C ASN WE 45 -79.54 -84.56 43.53
N VAL WE 46 -79.32 -85.88 43.64
CA VAL WE 46 -78.32 -86.44 44.53
C VAL WE 46 -77.46 -87.40 43.71
N SER WE 47 -76.16 -87.15 43.68
CA SER WE 47 -75.21 -87.99 42.97
C SER WE 47 -74.34 -88.71 43.97
N GLY WE 48 -74.29 -90.03 43.86
CA GLY WE 48 -73.54 -90.84 44.80
C GLY WE 48 -72.45 -91.67 44.16
N GLN WE 49 -71.23 -91.56 44.68
CA GLN WE 49 -70.08 -92.28 44.16
C GLN WE 49 -69.66 -93.33 45.18
N TYR WE 50 -69.59 -94.59 44.74
CA TYR WE 50 -69.19 -95.70 45.59
C TYR WE 50 -68.01 -96.41 44.93
N VAL WE 51 -66.91 -96.54 45.66
CA VAL WE 51 -65.72 -97.20 45.14
C VAL WE 51 -65.31 -98.30 46.12
N SER WE 52 -64.99 -99.47 45.58
CA SER WE 52 -64.47 -100.58 46.36
C SER WE 52 -63.13 -101.00 45.78
N VAL WE 53 -62.10 -101.02 46.62
CA VAL WE 53 -60.75 -101.39 46.20
C VAL WE 53 -60.26 -102.56 47.04
N TYR WE 54 -59.72 -103.56 46.38
CA TYR WE 54 -59.08 -104.70 47.02
C TYR WE 54 -57.71 -104.89 46.41
N LYS WE 55 -56.70 -105.00 47.25
CA LYS WE 55 -55.32 -105.10 46.78
C LYS WE 55 -54.92 -106.59 46.71
N ARG WE 56 -55.50 -107.26 45.71
CA ARG WE 56 -55.33 -108.70 45.57
C ARG WE 56 -53.89 -109.03 45.21
N PRO WE 57 -53.31 -110.08 45.80
CA PRO WE 57 -51.97 -110.51 45.40
C PRO WE 57 -51.94 -111.02 43.97
N ALA WE 58 -50.79 -110.84 43.34
CA ALA WE 58 -50.58 -111.35 42.00
C ALA WE 58 -50.64 -112.88 42.04
N PRO WE 59 -51.00 -113.55 40.95
CA PRO WE 59 -51.14 -115.00 41.01
C PRO WE 59 -49.78 -115.68 41.13
N LYS WE 60 -49.66 -116.55 42.13
CA LYS WE 60 -48.41 -117.22 42.42
C LYS WE 60 -48.02 -118.12 41.25
N PRO WE 61 -46.73 -118.20 40.92
CA PRO WE 61 -46.31 -119.07 39.81
C PRO WE 61 -46.65 -120.53 40.07
N GLU WE 62 -46.85 -121.29 38.99
CA GLU WE 62 -47.40 -122.63 39.05
C GLU WE 62 -46.37 -123.61 39.57
N GLY WE 63 -46.82 -124.53 40.43
CA GLY WE 63 -46.01 -125.67 40.85
C GLY WE 63 -44.94 -125.38 41.87
N CYS WE 64 -44.89 -124.17 42.44
CA CYS WE 64 -43.86 -123.82 43.41
C CYS WE 64 -44.52 -123.30 44.68
N ALA WE 65 -44.39 -124.04 45.77
CA ALA WE 65 -44.84 -123.59 47.08
C ALA WE 65 -43.67 -122.90 47.77
N ASP WE 66 -43.57 -121.59 47.58
CA ASP WE 66 -42.45 -120.84 48.15
C ASP WE 66 -42.52 -120.85 49.67
N ALA WE 67 -41.44 -120.39 50.29
CA ALA WE 67 -41.35 -120.37 51.75
C ALA WE 67 -42.46 -119.51 52.36
N CYS WE 68 -42.70 -118.34 51.78
CA CYS WE 68 -43.73 -117.43 52.25
C CYS WE 68 -44.19 -116.53 51.11
N VAL WE 69 -45.34 -115.89 51.31
CA VAL WE 69 -45.94 -115.07 50.26
C VAL WE 69 -45.09 -113.84 50.02
N ILE WE 70 -44.61 -113.71 48.78
CA ILE WE 70 -43.74 -112.61 48.38
C ILE WE 70 -44.27 -111.94 47.12
N MET WE 71 -45.55 -112.15 46.84
CA MET WE 71 -46.11 -111.70 45.57
C MET WE 71 -46.33 -110.19 45.58
N PRO WE 72 -46.02 -109.49 44.47
CA PRO WE 72 -46.29 -108.05 44.39
C PRO WE 72 -47.73 -107.73 44.03
N ASN WE 73 -48.60 -107.67 45.04
CA ASN WE 73 -50.03 -107.51 44.85
C ASN WE 73 -50.44 -106.39 43.88
N GLU WE 74 -51.60 -106.55 43.25
CA GLU WE 74 -52.11 -105.61 42.27
C GLU WE 74 -53.31 -104.85 42.83
N ASN WE 75 -53.94 -104.07 41.97
CA ASN WE 75 -55.07 -103.23 42.38
C ASN WE 75 -56.33 -103.69 41.66
N GLN WE 76 -57.40 -103.93 42.43
CA GLN WE 76 -58.71 -104.24 41.88
C GLN WE 76 -59.69 -103.17 42.36
N SER WE 77 -60.42 -102.57 41.44
CA SER WE 77 -61.30 -101.46 41.76
C SER WE 77 -62.65 -101.62 41.08
N ILE WE 78 -63.72 -101.28 41.80
CA ILE WE 78 -65.07 -101.24 41.28
C ILE WE 78 -65.68 -99.91 41.69
N ARG WE 79 -66.05 -99.09 40.72
CA ARG WE 79 -66.56 -97.76 40.96
C ARG WE 79 -67.96 -97.63 40.39
N THR WE 80 -68.89 -97.16 41.21
CA THR WE 80 -70.29 -97.01 40.82
C THR WE 80 -70.77 -95.59 41.15
N VAL WE 81 -71.38 -94.95 40.18
CA VAL WE 81 -71.92 -93.60 40.34
C VAL WE 81 -73.40 -93.65 40.03
N ILE WE 82 -74.22 -93.13 40.95
CA ILE WE 82 -75.67 -93.11 40.80
C ILE WE 82 -76.12 -91.66 40.87
N SER WE 83 -76.82 -91.21 39.84
CA SER WE 83 -77.31 -89.83 39.75
C SER WE 83 -78.79 -89.86 39.42
N GLY WE 84 -79.56 -89.10 40.19
CA GLY WE 84 -81.00 -89.01 39.95
C GLY WE 84 -81.65 -88.16 41.01
N SER WE 85 -82.83 -87.65 40.65
CA SER WE 85 -83.58 -86.79 41.54
C SER WE 85 -84.21 -87.60 42.67
N ALA WE 86 -84.25 -87.02 43.87
CA ALA WE 86 -84.80 -87.73 45.02
C ALA WE 86 -86.30 -87.91 44.91
N GLU WE 87 -86.96 -87.14 44.05
CA GLU WE 87 -88.40 -87.27 43.87
C GLU WE 87 -88.74 -88.60 43.20
N ASN WE 88 -87.85 -89.10 42.34
CA ASN WE 88 -88.05 -90.33 41.60
C ASN WE 88 -87.22 -91.49 42.15
N LEU WE 89 -87.14 -91.60 43.48
CA LEU WE 89 -86.25 -92.59 44.10
C LEU WE 89 -86.68 -94.01 43.78
N ALA WE 90 -87.98 -94.27 43.71
CA ALA WE 90 -88.45 -95.62 43.40
C ALA WE 90 -88.01 -96.04 42.00
N THR WE 91 -88.18 -95.15 41.02
CA THR WE 91 -87.74 -95.44 39.67
C THR WE 91 -86.22 -95.56 39.60
N LEU WE 92 -85.50 -94.77 40.40
CA LEU WE 92 -84.04 -94.90 40.44
C LEU WE 92 -83.62 -96.26 40.98
N LYS WE 93 -84.33 -96.76 42.00
CA LYS WE 93 -84.04 -98.08 42.53
C LYS WE 93 -84.35 -99.17 41.51
N ALA WE 94 -85.45 -99.02 40.77
CA ALA WE 94 -85.75 -99.97 39.70
C ALA WE 94 -84.66 -99.96 38.63
N GLU WE 95 -84.19 -98.77 38.26
CA GLU WE 95 -83.09 -98.65 37.31
C GLU WE 95 -81.84 -99.32 37.85
N TRP WE 96 -81.56 -99.17 39.14
CA TRP WE 96 -80.40 -99.81 39.74
C TRP WE 96 -80.51 -101.33 39.66
N GLU WE 97 -81.70 -101.87 39.94
CA GLU WE 97 -81.89 -103.31 39.83
C GLU WE 97 -81.68 -103.80 38.40
N THR WE 98 -82.24 -103.08 37.43
CA THR WE 98 -82.06 -103.46 36.03
C THR WE 98 -80.59 -103.38 35.62
N HIS WE 99 -79.89 -102.34 36.07
CA HIS WE 99 -78.47 -102.22 35.77
C HIS WE 99 -77.67 -103.35 36.38
N LYS WE 100 -78.00 -103.75 37.61
CA LYS WE 100 -77.33 -104.89 38.21
C LYS WE 100 -77.56 -106.14 37.40
N ARG WE 101 -78.79 -106.36 36.94
CA ARG WE 101 -79.08 -107.54 36.14
C ARG WE 101 -78.30 -107.54 34.83
N ASN WE 102 -78.25 -106.39 34.16
CA ASN WE 102 -77.53 -106.29 32.89
C ASN WE 102 -76.03 -106.51 33.08
N VAL WE 103 -75.45 -105.90 34.13
CA VAL WE 103 -74.03 -106.06 34.37
C VAL WE 103 -73.71 -107.49 34.76
N ASP WE 104 -74.62 -108.16 35.48
CA ASP WE 104 -74.42 -109.56 35.79
C ASP WE 104 -74.48 -110.41 34.53
N THR WE 105 -75.39 -110.07 33.61
CA THR WE 105 -75.47 -110.80 32.35
C THR WE 105 -74.19 -110.67 31.54
N LEU WE 106 -73.65 -109.46 31.46
CA LEU WE 106 -72.44 -109.23 30.66
C LEU WE 106 -71.18 -109.78 31.34
N PHE WE 107 -71.11 -109.65 32.67
CA PHE WE 107 -69.88 -109.87 33.42
C PHE WE 107 -69.94 -111.09 34.33
N ALA WE 108 -70.92 -111.15 35.23
CA ALA WE 108 -70.96 -112.24 36.21
C ALA WE 108 -71.18 -113.59 35.55
N SER WE 109 -72.10 -113.65 34.59
CA SER WE 109 -72.35 -114.86 33.85
C SER WE 109 -71.86 -114.78 32.41
N GLY WE 110 -71.24 -113.68 32.02
CA GLY WE 110 -70.65 -113.52 30.71
C GLY WE 110 -69.13 -113.48 30.80
N ASN WE 111 -68.52 -113.08 29.68
CA ASN WE 111 -67.07 -113.09 29.59
C ASN WE 111 -66.52 -111.70 29.28
N ALA WE 112 -67.18 -110.66 29.79
CA ALA WE 112 -66.69 -109.30 29.59
C ALA WE 112 -65.41 -109.06 30.36
N GLY WE 113 -65.17 -109.84 31.42
CA GLY WE 113 -63.96 -109.66 32.20
C GLY WE 113 -62.70 -109.97 31.42
N LEU WE 114 -62.75 -110.98 30.55
CA LEU WE 114 -61.60 -111.30 29.73
C LEU WE 114 -61.40 -110.29 28.61
N GLY WE 115 -62.47 -109.63 28.18
CA GLY WE 115 -62.38 -108.62 27.15
C GLY WE 115 -63.32 -108.80 25.98
N PHE WE 116 -64.32 -109.68 26.10
CA PHE WE 116 -65.22 -109.92 24.98
C PHE WE 116 -66.60 -109.35 25.26
N LEU WE 117 -67.09 -108.54 24.33
CA LEU WE 117 -68.42 -107.94 24.42
C LEU WE 117 -69.34 -108.72 23.50
N ASP WE 118 -70.25 -109.48 24.09
CA ASP WE 118 -71.16 -110.32 23.30
C ASP WE 118 -72.24 -109.46 22.67
N PRO WE 119 -72.36 -109.43 21.34
CA PRO WE 119 -73.45 -108.63 20.72
C PRO WE 119 -74.82 -109.29 20.81
N THR WE 120 -74.91 -110.55 21.23
CA THR WE 120 -76.18 -111.24 21.33
C THR WE 120 -76.62 -111.46 22.77
N ALA WE 121 -76.02 -110.75 23.73
CA ALA WE 121 -76.40 -110.92 25.13
C ALA WE 121 -77.83 -110.46 25.37
N ALA WE 122 -78.49 -111.08 26.34
CA ALA WE 122 -79.89 -110.78 26.65
C ALA WE 122 -79.95 -109.62 27.63
N ILE WE 123 -80.06 -108.42 27.10
CA ILE WE 123 -80.11 -107.20 27.90
C ILE WE 123 -81.55 -106.73 27.96
N VAL WE 124 -82.01 -106.35 29.16
CA VAL WE 124 -83.41 -105.99 29.38
C VAL WE 124 -83.47 -104.59 29.98
N SER WE 125 -84.62 -103.93 29.77
CA SER WE 125 -84.85 -102.59 30.29
C SER WE 125 -85.61 -102.66 31.61
N SER WE 126 -85.74 -101.49 32.25
CA SER WE 126 -86.48 -101.41 33.49
C SER WE 126 -87.99 -101.48 33.27
N ASP WE 127 -88.46 -101.06 32.10
CA ASP WE 127 -89.89 -101.11 31.82
C ASP WE 127 -90.37 -102.55 31.69
N THR WE 128 -91.62 -102.78 32.08
CA THR WE 128 -92.23 -104.10 32.05
C THR WE 128 -93.37 -104.12 31.05
N THR WE 129 -93.76 -105.33 30.66
CA THR WE 129 -94.83 -105.52 29.70
C THR WE 129 -95.95 -106.38 30.30
N ALA XE 1 -133.36 25.82 -58.40
CA ALA XE 1 -133.04 24.40 -58.57
C ALA XE 1 -131.59 24.14 -58.21
N ASN XE 2 -131.36 23.68 -56.98
CA ASN XE 2 -130.01 23.37 -56.54
C ASN XE 2 -129.49 22.13 -57.26
N LYS XE 3 -128.20 22.16 -57.59
CA LYS XE 3 -127.61 21.08 -58.37
C LYS XE 3 -127.47 19.83 -57.52
N PRO XE 4 -127.97 18.67 -57.98
CA PRO XE 4 -127.73 17.43 -57.24
C PRO XE 4 -126.23 17.17 -57.10
N MET XE 5 -125.85 16.62 -55.96
CA MET XE 5 -124.45 16.34 -55.63
C MET XE 5 -124.33 14.91 -55.14
N GLN XE 6 -123.39 14.17 -55.74
CA GLN XE 6 -123.32 12.73 -55.53
C GLN XE 6 -122.03 12.34 -54.83
N PRO XE 7 -122.01 11.23 -54.10
CA PRO XE 7 -120.83 10.92 -53.27
C PRO XE 7 -119.67 10.39 -54.10
N ILE XE 8 -118.47 10.49 -53.52
CA ILE XE 8 -117.28 9.88 -54.10
C ILE XE 8 -116.63 8.87 -53.17
N THR XE 9 -116.81 8.98 -51.86
CA THR XE 9 -116.31 8.01 -50.91
C THR XE 9 -117.44 7.61 -49.98
N SER XE 10 -117.72 6.30 -49.92
CA SER XE 10 -118.82 5.78 -49.14
C SER XE 10 -118.30 4.76 -48.13
N THR XE 11 -118.68 4.94 -46.87
CA THR XE 11 -118.31 4.04 -45.80
C THR XE 11 -119.38 4.12 -44.72
N ALA XE 12 -119.50 3.05 -43.94
CA ALA XE 12 -120.50 3.03 -42.87
C ALA XE 12 -120.22 4.08 -41.82
N ASN XE 13 -119.01 4.59 -41.76
CA ASN XE 13 -118.61 5.58 -40.76
C ASN XE 13 -118.36 6.96 -41.34
N LYS XE 14 -118.33 7.11 -42.66
CA LYS XE 14 -118.06 8.40 -43.29
C LYS XE 14 -118.51 8.35 -44.75
N ILE XE 15 -119.24 9.38 -45.18
CA ILE XE 15 -119.62 9.56 -46.58
C ILE XE 15 -119.25 10.97 -46.99
N VAL XE 16 -118.60 11.11 -48.13
CA VAL XE 16 -118.16 12.40 -48.64
C VAL XE 16 -118.84 12.64 -49.98
N TRP XE 17 -119.50 13.79 -50.10
CA TRP XE 17 -120.18 14.20 -51.33
C TRP XE 17 -119.41 15.35 -51.98
N SER XE 18 -119.23 15.28 -53.30
CA SER XE 18 -118.58 16.35 -54.04
C SER XE 18 -119.38 16.66 -55.29
N ASP XE 19 -119.44 17.94 -55.64
CA ASP XE 19 -120.18 18.37 -56.83
C ASP XE 19 -119.45 17.91 -58.08
N PRO XE 20 -120.13 17.23 -59.01
CA PRO XE 20 -119.44 16.77 -60.22
C PRO XE 20 -118.85 17.90 -61.05
N THR XE 21 -119.52 19.05 -61.11
CA THR XE 21 -118.99 20.20 -61.85
C THR XE 21 -117.85 20.89 -61.13
N ARG XE 22 -117.82 20.85 -59.79
CA ARG XE 22 -116.72 21.43 -59.02
C ARG XE 22 -116.38 20.51 -57.85
N LEU XE 23 -115.38 19.66 -58.02
CA LEU XE 23 -115.01 18.68 -57.00
C LEU XE 23 -114.43 19.36 -55.76
N SER XE 24 -114.07 20.64 -55.89
CA SER XE 24 -113.61 21.42 -54.74
C SER XE 24 -114.68 21.59 -53.68
N THR XE 25 -115.96 21.51 -54.05
CA THR XE 25 -117.05 21.63 -53.10
C THR XE 25 -117.32 20.26 -52.49
N THR XE 26 -117.13 20.14 -51.18
CA THR XE 26 -117.26 18.86 -50.48
C THR XE 26 -118.22 18.99 -49.31
N PHE XE 27 -118.85 17.87 -48.98
CA PHE XE 27 -119.73 17.77 -47.82
C PHE XE 27 -119.60 16.38 -47.24
N SER XE 28 -119.19 16.29 -45.98
CA SER XE 28 -118.89 15.01 -45.36
C SER XE 28 -119.68 14.85 -44.06
N ALA XE 29 -120.04 13.61 -43.76
CA ALA XE 29 -120.76 13.27 -42.53
C ALA XE 29 -120.10 12.03 -41.93
N SER XE 30 -119.69 12.14 -40.67
CA SER XE 30 -119.03 11.05 -39.96
C SER XE 30 -119.73 10.82 -38.63
N LEU XE 31 -119.99 9.55 -38.33
CA LEU XE 31 -120.66 9.17 -37.09
C LEU XE 31 -119.71 8.39 -36.20
N LEU XE 32 -119.64 8.79 -34.94
CA LEU XE 32 -118.85 8.09 -33.92
C LEU XE 32 -119.78 7.76 -32.76
N ARG XE 33 -119.91 6.47 -32.46
CA ARG XE 33 -120.90 5.98 -31.51
C ARG XE 33 -120.21 5.30 -30.34
N GLN XE 34 -120.67 5.59 -29.12
CA GLN XE 34 -120.15 5.00 -27.91
C GLN XE 34 -121.32 4.60 -27.00
N ARG XE 35 -120.98 3.94 -25.91
CA ARG XE 35 -121.94 3.61 -24.86
C ARG XE 35 -121.56 4.36 -23.58
N VAL XE 36 -122.50 5.10 -23.03
CA VAL XE 36 -122.27 5.90 -21.83
C VAL XE 36 -123.29 5.49 -20.77
N LYS XE 37 -122.80 5.24 -19.56
CA LYS XE 37 -123.65 4.81 -18.45
C LYS XE 37 -124.07 6.04 -17.66
N VAL XE 38 -125.07 6.76 -18.21
CA VAL XE 38 -125.56 7.96 -17.55
C VAL XE 38 -126.41 7.62 -16.34
N GLY XE 39 -127.38 6.73 -16.52
CA GLY XE 39 -128.37 6.44 -15.50
C GLY XE 39 -128.40 4.99 -15.08
N ILE XE 40 -127.21 4.41 -14.89
CA ILE XE 40 -126.96 2.98 -14.65
C ILE XE 40 -127.63 2.16 -15.75
N ALA XE 41 -127.92 2.81 -16.88
CA ALA XE 41 -128.39 2.15 -18.09
C ALA XE 41 -127.51 2.63 -19.24
N GLU XE 42 -127.14 1.71 -20.12
CA GLU XE 42 -126.17 2.00 -21.18
C GLU XE 42 -126.87 2.71 -22.34
N LEU XE 43 -126.91 4.03 -22.25
CA LEU XE 43 -127.44 4.82 -23.36
C LEU XE 43 -126.42 4.88 -24.49
N ASN XE 44 -126.92 4.85 -25.72
CA ASN XE 44 -126.05 4.84 -26.90
C ASN XE 44 -126.06 6.21 -27.57
N ASN XE 45 -125.02 6.99 -27.27
CA ASN XE 45 -124.90 8.32 -27.85
C ASN XE 45 -124.31 8.25 -29.26
N VAL XE 46 -124.64 9.25 -30.07
CA VAL XE 46 -124.13 9.37 -31.43
C VAL XE 46 -123.55 10.77 -31.59
N SER XE 47 -122.31 10.85 -32.05
CA SER XE 47 -121.61 12.11 -32.25
C SER XE 47 -121.39 12.28 -33.75
N GLY XE 48 -122.31 12.98 -34.41
CA GLY XE 48 -122.23 13.18 -35.84
C GLY XE 48 -121.57 14.50 -36.18
N GLN XE 49 -120.55 14.43 -37.02
CA GLN XE 49 -119.82 15.60 -37.48
C GLN XE 49 -120.13 15.83 -38.95
N TYR XE 50 -120.68 17.01 -39.27
CA TYR XE 50 -121.03 17.38 -40.62
C TYR XE 50 -120.19 18.58 -41.02
N VAL XE 51 -119.44 18.44 -42.11
CA VAL XE 51 -118.54 19.48 -42.57
C VAL XE 51 -118.87 19.82 -44.02
N SER XE 52 -119.14 21.09 -44.28
CA SER XE 52 -119.35 21.60 -45.62
C SER XE 52 -118.23 22.56 -45.99
N VAL XE 53 -117.55 22.28 -47.09
CA VAL XE 53 -116.38 23.04 -47.51
C VAL XE 53 -116.61 23.57 -48.91
N TYR XE 54 -116.41 24.88 -49.08
CA TYR XE 54 -116.48 25.54 -50.37
C TYR XE 54 -115.30 26.48 -50.51
N LYS XE 55 -114.42 26.19 -51.46
CA LYS XE 55 -113.28 27.07 -51.75
C LYS XE 55 -113.75 28.11 -52.75
N ARG XE 56 -113.98 29.33 -52.26
CA ARG XE 56 -114.53 30.42 -53.07
C ARG XE 56 -113.41 31.31 -53.58
N PRO XE 57 -113.38 31.63 -54.86
CA PRO XE 57 -112.34 32.54 -55.36
C PRO XE 57 -112.73 33.99 -55.13
N ALA XE 58 -111.88 34.70 -54.38
CA ALA XE 58 -112.16 36.08 -53.98
C ALA XE 58 -110.96 37.00 -54.26
N PRO XE 59 -110.62 37.20 -55.54
CA PRO XE 59 -109.76 38.36 -55.86
C PRO XE 59 -110.44 39.67 -55.51
N LYS XE 60 -111.77 39.70 -55.62
CA LYS XE 60 -112.63 40.83 -55.30
C LYS XE 60 -112.18 42.11 -55.97
N PRO XE 61 -112.14 42.17 -57.31
CA PRO XE 61 -111.87 43.43 -57.99
C PRO XE 61 -113.11 44.31 -58.00
N GLU XE 62 -113.10 45.34 -57.15
CA GLU XE 62 -114.28 46.16 -56.95
C GLU XE 62 -114.56 47.02 -58.17
N GLY XE 63 -115.62 46.67 -58.88
CA GLY XE 63 -116.08 47.47 -60.02
C GLY XE 63 -115.76 46.99 -61.42
N CYS XE 64 -114.59 46.39 -61.62
CA CYS XE 64 -114.16 46.09 -62.97
C CYS XE 64 -113.67 44.65 -63.07
N ALA XE 65 -114.07 43.98 -64.13
CA ALA XE 65 -113.53 42.69 -64.53
C ALA XE 65 -113.43 42.65 -66.05
N ASP XE 66 -112.27 42.31 -66.56
CA ASP XE 66 -112.04 42.37 -68.00
C ASP XE 66 -111.79 41.00 -68.63
N ALA XE 67 -110.92 40.20 -68.03
CA ALA XE 67 -110.61 38.88 -68.56
C ALA XE 67 -110.39 37.94 -67.38
N CYS XE 68 -110.21 36.66 -67.67
CA CYS XE 68 -110.03 35.67 -66.61
C CYS XE 68 -108.54 35.52 -66.30
N VAL XE 69 -108.16 35.99 -65.11
CA VAL XE 69 -106.83 35.76 -64.54
C VAL XE 69 -107.00 34.65 -63.53
N ILE XE 70 -105.91 33.98 -63.15
CA ILE XE 70 -105.99 32.91 -62.16
C ILE XE 70 -106.66 33.39 -60.88
N MET XE 71 -107.66 32.64 -60.43
CA MET XE 71 -108.33 32.92 -59.18
C MET XE 71 -107.48 32.44 -58.00
N PRO XE 72 -107.11 33.33 -57.07
CA PRO XE 72 -106.62 32.86 -55.77
C PRO XE 72 -107.80 32.44 -54.90
N ASN XE 73 -107.67 31.35 -54.17
CA ASN XE 73 -108.79 30.73 -53.48
C ASN XE 73 -108.66 30.86 -51.97
N GLU XE 74 -109.80 31.04 -51.30
CA GLU XE 74 -109.90 30.95 -49.86
C GLU XE 74 -110.90 29.87 -49.51
N ASN XE 75 -110.82 29.36 -48.27
CA ASN XE 75 -111.63 28.24 -47.84
C ASN XE 75 -112.77 28.74 -46.97
N GLN XE 76 -114.00 28.43 -47.37
CA GLN XE 76 -115.18 28.69 -46.56
C GLN XE 76 -115.69 27.35 -46.01
N SER XE 77 -115.61 27.19 -44.70
CA SER XE 77 -115.95 25.92 -44.05
C SER XE 77 -116.99 26.15 -42.97
N ILE XE 78 -117.99 25.28 -42.94
CA ILE XE 78 -119.01 25.27 -41.90
C ILE XE 78 -119.05 23.86 -41.32
N ARG XE 79 -118.70 23.73 -40.05
CA ARG XE 79 -118.58 22.43 -39.40
C ARG XE 79 -119.57 22.36 -38.25
N THR XE 80 -120.37 21.30 -38.22
CA THR XE 80 -121.38 21.09 -37.21
C THR XE 80 -121.19 19.74 -36.54
N VAL XE 81 -121.26 19.73 -35.21
CA VAL XE 81 -121.13 18.51 -34.42
C VAL XE 81 -122.38 18.39 -33.54
N ILE XE 82 -123.07 17.26 -33.64
CA ILE XE 82 -124.28 17.00 -32.87
C ILE XE 82 -124.02 15.77 -32.02
N SER XE 83 -124.25 15.89 -30.71
CA SER XE 83 -124.01 14.81 -29.77
C SER XE 83 -125.24 14.62 -28.89
N GLY XE 84 -125.62 13.37 -28.65
CA GLY XE 84 -126.75 13.07 -27.81
C GLY XE 84 -127.16 11.61 -27.85
N SER XE 85 -127.95 11.19 -26.86
CA SER XE 85 -128.40 9.81 -26.82
C SER XE 85 -129.43 9.56 -27.92
N ALA XE 86 -129.41 8.34 -28.46
CA ALA XE 86 -130.36 8.00 -29.52
C ALA XE 86 -131.78 7.92 -28.97
N GLU XE 87 -131.93 7.67 -27.68
CA GLU XE 87 -133.27 7.50 -27.10
C GLU XE 87 -133.99 8.83 -26.95
N ASN XE 88 -133.28 9.95 -27.11
CA ASN XE 88 -133.85 11.28 -27.00
C ASN XE 88 -133.76 12.03 -28.33
N LEU XE 89 -134.09 11.33 -29.42
CA LEU XE 89 -133.95 11.93 -30.75
C LEU XE 89 -134.89 13.11 -30.95
N ALA XE 90 -136.11 13.03 -30.43
CA ALA XE 90 -137.05 14.13 -30.58
C ALA XE 90 -136.53 15.39 -29.89
N THR XE 91 -136.02 15.24 -28.68
CA THR XE 91 -135.41 16.36 -27.97
C THR XE 91 -134.19 16.88 -28.71
N LEU XE 92 -133.36 16.01 -29.25
CA LEU XE 92 -132.17 16.46 -29.97
C LEU XE 92 -132.55 17.22 -31.24
N LYS XE 93 -133.63 16.79 -31.91
CA LYS XE 93 -134.10 17.52 -33.08
C LYS XE 93 -134.66 18.89 -32.70
N ALA XE 94 -135.38 18.97 -31.58
CA ALA XE 94 -135.84 20.27 -31.11
C ALA XE 94 -134.65 21.18 -30.77
N GLU XE 95 -133.61 20.61 -30.15
CA GLU XE 95 -132.41 21.37 -29.88
C GLU XE 95 -131.75 21.86 -31.18
N TRP XE 96 -131.76 21.01 -32.21
CA TRP XE 96 -131.20 21.41 -33.50
C TRP XE 96 -131.98 22.57 -34.10
N GLU XE 97 -133.31 22.51 -34.02
CA GLU XE 97 -134.13 23.60 -34.54
C GLU XE 97 -133.86 24.90 -33.81
N THR XE 98 -133.80 24.85 -32.48
CA THR XE 98 -133.55 26.07 -31.71
C THR XE 98 -132.13 26.59 -31.94
N HIS XE 99 -131.17 25.69 -32.13
CA HIS XE 99 -129.81 26.11 -32.45
C HIS XE 99 -129.76 26.82 -33.79
N LYS XE 100 -130.49 26.29 -34.78
CA LYS XE 100 -130.57 26.96 -36.07
C LYS XE 100 -131.18 28.34 -35.92
N ARG XE 101 -132.25 28.45 -35.12
CA ARG XE 101 -132.88 29.76 -34.91
C ARG XE 101 -131.92 30.74 -34.26
N ASN XE 102 -131.18 30.30 -33.24
CA ASN XE 102 -130.25 31.19 -32.56
C ASN XE 102 -129.12 31.63 -33.48
N VAL XE 103 -128.55 30.69 -34.24
CA VAL XE 103 -127.47 31.04 -35.15
C VAL XE 103 -127.97 31.97 -36.24
N ASP XE 104 -129.22 31.79 -36.68
CA ASP XE 104 -129.81 32.73 -37.63
C ASP XE 104 -129.90 34.11 -37.03
N THR XE 105 -130.36 34.19 -35.78
CA THR XE 105 -130.50 35.49 -35.12
C THR XE 105 -129.16 36.21 -35.03
N LEU XE 106 -128.09 35.49 -34.69
CA LEU XE 106 -126.78 36.13 -34.59
C LEU XE 106 -126.15 36.42 -35.95
N PHE XE 107 -126.27 35.51 -36.92
CA PHE XE 107 -125.46 35.52 -38.13
C PHE XE 107 -126.25 35.99 -39.34
N ALA XE 108 -127.39 35.36 -39.63
CA ALA XE 108 -128.13 35.67 -40.85
C ALA XE 108 -128.74 37.06 -40.78
N SER XE 109 -129.35 37.41 -39.66
CA SER XE 109 -129.96 38.72 -39.48
C SER XE 109 -129.10 39.68 -38.67
N GLY XE 110 -127.93 39.25 -38.22
CA GLY XE 110 -127.04 40.08 -37.45
C GLY XE 110 -125.76 40.42 -38.18
N ASN XE 111 -124.75 40.80 -37.41
CA ASN XE 111 -123.44 41.18 -37.94
C ASN XE 111 -122.33 40.31 -37.38
N ALA XE 112 -122.66 39.08 -36.96
CA ALA XE 112 -121.65 38.21 -36.37
C ALA XE 112 -120.62 37.77 -37.39
N GLY XE 113 -120.98 37.74 -38.67
CA GLY XE 113 -120.03 37.33 -39.69
C GLY XE 113 -118.91 38.32 -39.88
N LEU XE 114 -119.12 39.57 -39.48
CA LEU XE 114 -118.12 40.61 -39.63
C LEU XE 114 -117.30 40.75 -38.35
N GLY XE 115 -117.54 39.89 -37.37
CA GLY XE 115 -116.82 39.98 -36.12
C GLY XE 115 -117.48 40.89 -35.10
N PHE XE 116 -118.77 40.70 -34.86
CA PHE XE 116 -119.54 41.55 -33.95
C PHE XE 116 -120.40 40.67 -33.05
N LEU XE 117 -120.60 41.12 -31.82
CA LEU XE 117 -121.51 40.47 -30.88
C LEU XE 117 -122.59 41.46 -30.47
N ASP XE 118 -123.83 41.01 -30.44
CA ASP XE 118 -124.94 41.84 -30.01
C ASP XE 118 -125.48 41.31 -28.70
N PRO XE 119 -125.17 41.91 -27.55
CA PRO XE 119 -125.71 41.42 -26.28
C PRO XE 119 -127.22 41.50 -26.17
N THR XE 120 -127.86 42.34 -26.98
CA THR XE 120 -129.32 42.52 -26.94
C THR XE 120 -130.04 41.59 -27.90
N ALA XE 121 -129.35 40.65 -28.53
CA ALA XE 121 -129.98 39.73 -29.46
C ALA XE 121 -130.99 38.85 -28.74
N ALA XE 122 -132.07 38.50 -29.44
CA ALA XE 122 -133.15 37.71 -28.85
C ALA XE 122 -132.84 36.23 -29.00
N ILE XE 123 -132.50 35.62 -27.88
CA ILE XE 123 -132.17 34.20 -27.82
C ILE XE 123 -133.29 33.45 -27.12
N VAL XE 124 -133.73 32.34 -27.71
CA VAL XE 124 -134.83 31.54 -27.16
C VAL XE 124 -134.38 30.10 -27.01
N SER XE 125 -134.99 29.40 -26.06
CA SER XE 125 -134.62 28.03 -25.74
C SER XE 125 -135.60 27.04 -26.35
N SER XE 126 -135.29 25.75 -26.18
CA SER XE 126 -136.16 24.71 -26.68
C SER XE 126 -137.42 24.55 -25.83
N ASP XE 127 -137.35 24.87 -24.54
CA ASP XE 127 -138.53 24.78 -23.69
C ASP XE 127 -139.54 25.85 -24.06
N THR XE 128 -140.82 25.53 -23.88
CA THR XE 128 -141.90 26.44 -24.21
C THR XE 128 -142.66 26.85 -22.94
N THR XE 129 -143.31 27.99 -23.01
CA THR XE 129 -144.07 28.52 -21.89
C THR XE 129 -145.47 27.95 -21.86
N ALA YE 1 -145.03 -10.59 -36.28
CA ALA YE 1 -144.26 -9.65 -37.08
C ALA YE 1 -143.05 -9.13 -36.32
N ASN YE 2 -141.91 -9.79 -36.52
CA ASN YE 2 -140.68 -9.40 -35.84
C ASN YE 2 -140.18 -8.07 -36.39
N LYS YE 3 -139.56 -7.28 -35.50
CA LYS YE 3 -139.05 -5.98 -35.91
C LYS YE 3 -137.85 -6.16 -36.84
N PRO YE 4 -137.78 -5.42 -37.95
CA PRO YE 4 -136.63 -5.56 -38.85
C PRO YE 4 -135.40 -4.85 -38.33
N MET YE 5 -134.25 -5.28 -38.83
CA MET YE 5 -132.97 -4.65 -38.52
C MET YE 5 -132.38 -4.02 -39.76
N GLN YE 6 -131.44 -3.10 -39.55
CA GLN YE 6 -130.70 -2.45 -40.62
C GLN YE 6 -129.20 -2.56 -40.36
N PRO YE 7 -128.38 -2.61 -41.41
CA PRO YE 7 -126.94 -2.68 -41.19
C PRO YE 7 -126.39 -1.34 -40.73
N ILE YE 8 -125.64 -1.36 -39.63
CA ILE YE 8 -125.07 -0.16 -39.04
C ILE YE 8 -123.59 -0.03 -39.39
N THR YE 9 -122.85 -1.13 -39.35
CA THR YE 9 -121.48 -1.17 -39.82
C THR YE 9 -121.36 -2.18 -40.95
N SER YE 10 -120.80 -1.73 -42.07
CA SER YE 10 -120.79 -2.53 -43.29
C SER YE 10 -119.35 -2.78 -43.72
N THR YE 11 -118.96 -4.05 -43.76
CA THR YE 11 -117.68 -4.48 -44.29
C THR YE 11 -117.86 -5.89 -44.85
N ALA YE 12 -117.17 -6.17 -45.96
CA ALA YE 12 -117.29 -7.49 -46.57
C ALA YE 12 -116.74 -8.57 -45.64
N ASN YE 13 -115.76 -8.23 -44.81
CA ASN YE 13 -115.28 -9.17 -43.82
C ASN YE 13 -116.32 -9.44 -42.74
N LYS YE 14 -117.04 -8.41 -42.28
CA LYS YE 14 -118.05 -8.59 -41.25
C LYS YE 14 -119.12 -7.49 -41.37
N ILE YE 15 -120.37 -7.89 -41.22
CA ILE YE 15 -121.50 -6.97 -41.19
C ILE YE 15 -122.27 -7.19 -39.90
N VAL YE 16 -122.57 -6.10 -39.19
CA VAL YE 16 -123.31 -6.16 -37.94
C VAL YE 16 -124.63 -5.41 -38.14
N TRP YE 17 -125.71 -6.03 -37.70
CA TRP YE 17 -127.05 -5.45 -37.80
C TRP YE 17 -127.45 -4.87 -36.44
N SER YE 18 -128.42 -3.96 -36.46
CA SER YE 18 -128.88 -3.33 -35.24
C SER YE 18 -130.36 -3.03 -35.34
N ASP YE 19 -131.02 -2.99 -34.19
CA ASP YE 19 -132.43 -2.64 -34.13
C ASP YE 19 -132.56 -1.13 -33.89
N PRO YE 20 -133.21 -0.39 -34.79
CA PRO YE 20 -133.34 1.06 -34.56
C PRO YE 20 -134.04 1.43 -33.26
N THR YE 21 -135.02 0.66 -32.82
CA THR YE 21 -135.71 0.94 -31.57
C THR YE 21 -134.91 0.55 -30.34
N ARG YE 22 -134.07 -0.49 -30.43
CA ARG YE 22 -133.24 -0.92 -29.31
C ARG YE 22 -131.86 -1.23 -29.88
N LEU YE 23 -130.96 -0.25 -29.79
CA LEU YE 23 -129.63 -0.41 -30.40
C LEU YE 23 -128.78 -1.45 -29.68
N SER YE 24 -129.20 -1.90 -28.49
CA SER YE 24 -128.45 -2.93 -27.78
C SER YE 24 -128.59 -4.31 -28.42
N THR YE 25 -129.55 -4.49 -29.32
CA THR YE 25 -129.75 -5.76 -30.02
C THR YE 25 -128.94 -5.74 -31.31
N THR YE 26 -127.95 -6.63 -31.40
CA THR YE 26 -127.07 -6.69 -32.56
C THR YE 26 -126.96 -8.12 -33.06
N PHE YE 27 -126.74 -8.27 -34.36
CA PHE YE 27 -126.48 -9.56 -34.98
C PHE YE 27 -125.31 -9.39 -35.93
N SER YE 28 -124.24 -10.14 -35.70
CA SER YE 28 -123.00 -10.00 -36.44
C SER YE 28 -122.76 -11.25 -37.30
N ALA YE 29 -122.25 -11.02 -38.51
CA ALA YE 29 -121.90 -12.10 -39.42
C ALA YE 29 -120.53 -11.80 -40.02
N SER YE 30 -119.54 -12.62 -39.69
CA SER YE 30 -118.18 -12.46 -40.18
C SER YE 30 -117.75 -13.74 -40.87
N LEU YE 31 -117.21 -13.61 -42.09
CA LEU YE 31 -116.72 -14.75 -42.86
C LEU YE 31 -115.22 -14.61 -43.05
N LEU YE 32 -114.50 -15.70 -42.80
CA LEU YE 32 -113.07 -15.78 -43.03
C LEU YE 32 -112.79 -16.92 -44.00
N ARG YE 33 -112.11 -16.62 -45.09
CA ARG YE 33 -111.88 -17.58 -46.16
C ARG YE 33 -110.37 -17.81 -46.32
N GLN YE 34 -109.99 -19.09 -46.36
CA GLN YE 34 -108.60 -19.49 -46.56
C GLN YE 34 -108.58 -20.70 -47.48
N ARG YE 35 -107.57 -20.76 -48.35
CA ARG YE 35 -107.43 -21.85 -49.31
C ARG YE 35 -106.62 -22.96 -48.65
N VAL YE 36 -107.30 -23.77 -47.85
CA VAL YE 36 -106.66 -24.91 -47.19
C VAL YE 36 -106.85 -26.14 -48.06
N LYS YE 37 -105.76 -26.58 -48.70
CA LYS YE 37 -105.87 -27.68 -49.65
C LYS YE 37 -105.45 -29.00 -49.01
N VAL YE 38 -106.27 -30.02 -49.22
CA VAL YE 38 -105.93 -31.39 -48.86
C VAL YE 38 -105.05 -31.94 -49.99
N GLY YE 39 -104.44 -33.11 -49.77
CA GLY YE 39 -103.55 -33.70 -50.75
C GLY YE 39 -104.14 -33.82 -52.13
N ILE YE 40 -103.37 -33.40 -53.14
CA ILE YE 40 -103.70 -33.46 -54.57
C ILE YE 40 -105.13 -32.98 -54.85
N ALA YE 41 -105.59 -32.01 -54.06
CA ALA YE 41 -106.92 -31.44 -54.28
C ALA YE 41 -106.89 -29.97 -53.86
N GLU YE 42 -107.85 -29.22 -54.39
CA GLU YE 42 -108.01 -27.80 -54.10
C GLU YE 42 -109.35 -27.59 -53.39
N LEU YE 43 -109.32 -26.87 -52.28
CA LEU YE 43 -110.52 -26.63 -51.48
C LEU YE 43 -110.52 -25.20 -50.98
N ASN YE 44 -111.70 -24.57 -51.03
CA ASN YE 44 -111.91 -23.24 -50.48
C ASN YE 44 -112.68 -23.36 -49.18
N ASN YE 45 -112.04 -22.99 -48.08
CA ASN YE 45 -112.61 -23.14 -46.75
C ASN YE 45 -113.10 -21.79 -46.25
N VAL YE 46 -114.31 -21.78 -45.69
CA VAL YE 46 -114.92 -20.58 -45.16
C VAL YE 46 -115.30 -20.86 -43.71
N SER YE 47 -114.92 -19.95 -42.81
CA SER YE 47 -115.31 -20.03 -41.42
C SER YE 47 -116.33 -18.93 -41.14
N GLY YE 48 -117.58 -19.33 -40.90
CA GLY YE 48 -118.64 -18.35 -40.70
C GLY YE 48 -119.07 -18.21 -39.27
N GLN YE 49 -118.79 -17.06 -38.67
CA GLN YE 49 -119.10 -16.80 -37.27
C GLN YE 49 -120.27 -15.85 -37.20
N TYR YE 50 -121.32 -16.24 -36.47
CA TYR YE 50 -122.53 -15.47 -36.32
C TYR YE 50 -122.79 -15.25 -34.84
N VAL YE 51 -122.92 -13.98 -34.45
CA VAL YE 51 -123.10 -13.60 -33.05
C VAL YE 51 -124.36 -12.79 -32.91
N SER YE 52 -125.25 -13.22 -32.02
CA SER YE 52 -126.46 -12.49 -31.68
C SER YE 52 -126.41 -12.07 -30.22
N VAL YE 53 -126.61 -10.78 -29.97
CA VAL YE 53 -126.48 -10.21 -28.64
C VAL YE 53 -127.78 -9.49 -28.29
N TYR YE 54 -128.31 -9.79 -27.11
CA TYR YE 54 -129.50 -9.12 -26.58
C TYR YE 54 -129.28 -8.85 -25.10
N LYS YE 55 -129.60 -7.62 -24.67
CA LYS YE 55 -129.48 -7.22 -23.28
C LYS YE 55 -130.88 -7.14 -22.70
N ARG YE 56 -131.28 -8.19 -21.98
CA ARG YE 56 -132.61 -8.30 -21.41
C ARG YE 56 -132.58 -7.97 -19.93
N PRO YE 57 -133.52 -7.18 -19.42
CA PRO YE 57 -133.53 -6.85 -18.00
C PRO YE 57 -133.76 -8.10 -17.14
N ALA YE 58 -133.19 -8.06 -15.94
CA ALA YE 58 -133.36 -9.16 -15.01
C ALA YE 58 -134.82 -9.29 -14.61
N PRO YE 59 -135.27 -10.51 -14.27
CA PRO YE 59 -136.71 -10.71 -14.02
C PRO YE 59 -137.23 -9.98 -12.80
N LYS YE 60 -138.39 -9.34 -12.95
CA LYS YE 60 -139.07 -8.64 -11.87
C LYS YE 60 -139.62 -9.65 -10.86
N PRO YE 61 -139.80 -9.26 -9.60
CA PRO YE 61 -140.38 -10.18 -8.61
C PRO YE 61 -141.75 -10.71 -9.05
N GLU YE 62 -142.00 -11.98 -8.77
CA GLU YE 62 -143.22 -12.61 -9.26
C GLU YE 62 -144.48 -11.95 -8.68
N GLY YE 63 -144.46 -11.64 -7.39
CA GLY YE 63 -145.60 -10.98 -6.77
C GLY YE 63 -145.46 -9.47 -6.78
N CYS YE 64 -145.32 -8.89 -7.97
CA CYS YE 64 -145.12 -7.45 -8.10
C CYS YE 64 -146.09 -6.88 -9.12
N ALA YE 65 -146.72 -5.76 -8.77
CA ALA YE 65 -147.59 -5.04 -9.68
C ALA YE 65 -147.21 -3.56 -9.83
N ASP YE 66 -146.01 -3.18 -9.43
CA ASP YE 66 -145.60 -1.79 -9.52
C ASP YE 66 -145.50 -1.35 -10.97
N ALA YE 67 -145.82 -0.09 -11.22
CA ALA YE 67 -145.87 0.46 -12.57
C ALA YE 67 -144.50 0.40 -13.25
N CYS YE 68 -143.51 1.08 -12.69
CA CYS YE 68 -142.20 1.18 -13.31
C CYS YE 68 -141.10 1.02 -12.27
N VAL YE 69 -140.48 -0.16 -12.26
CA VAL YE 69 -139.26 -0.41 -11.50
C VAL YE 69 -138.31 -1.18 -12.41
N ILE YE 70 -137.24 -0.54 -12.86
CA ILE YE 70 -136.35 -1.11 -13.85
C ILE YE 70 -135.06 -1.55 -13.16
N MET YE 71 -134.66 -2.80 -13.40
CA MET YE 71 -133.44 -3.37 -12.85
C MET YE 71 -132.46 -3.64 -13.99
N PRO YE 72 -131.16 -3.68 -13.71
CA PRO YE 72 -130.17 -3.68 -14.80
C PRO YE 72 -130.26 -4.92 -15.68
N ASN YE 73 -129.73 -4.77 -16.89
CA ASN YE 73 -129.86 -5.77 -17.94
C ASN YE 73 -128.75 -6.82 -17.84
N GLU YE 74 -129.07 -8.02 -18.29
CA GLU YE 74 -128.12 -9.12 -18.36
C GLU YE 74 -127.78 -9.38 -19.82
N ASN YE 75 -126.59 -9.91 -20.08
CA ASN YE 75 -126.15 -10.15 -21.45
C ASN YE 75 -126.54 -11.56 -21.88
N GLN YE 76 -127.31 -11.63 -22.96
CA GLN YE 76 -127.71 -12.90 -23.57
C GLN YE 76 -127.03 -12.99 -24.93
N SER YE 77 -126.12 -13.95 -25.08
CA SER YE 77 -125.34 -14.10 -26.30
C SER YE 77 -125.49 -15.51 -26.85
N ILE YE 78 -125.68 -15.60 -28.17
CA ILE YE 78 -125.70 -16.87 -28.89
C ILE YE 78 -124.73 -16.74 -30.06
N ARG YE 79 -123.68 -17.55 -30.05
CA ARG YE 79 -122.62 -17.46 -31.04
C ARG YE 79 -122.45 -18.80 -31.74
N THR YE 80 -122.55 -18.78 -33.07
CA THR YE 80 -122.43 -19.98 -33.88
C THR YE 80 -121.34 -19.78 -34.93
N VAL YE 81 -120.46 -20.77 -35.06
CA VAL YE 81 -119.38 -20.73 -36.04
C VAL YE 81 -119.48 -21.99 -36.89
N ILE YE 82 -119.37 -21.82 -38.21
CA ILE YE 82 -119.46 -22.91 -39.16
C ILE YE 82 -118.20 -22.91 -40.01
N SER YE 83 -117.55 -24.07 -40.12
CA SER YE 83 -116.33 -24.23 -40.89
C SER YE 83 -116.53 -25.38 -41.88
N GLY YE 84 -116.20 -25.14 -43.13
CA GLY YE 84 -116.31 -26.18 -44.15
C GLY YE 84 -115.93 -25.71 -45.54
N SER YE 85 -115.71 -26.67 -46.44
CA SER YE 85 -115.36 -26.33 -47.82
C SER YE 85 -116.58 -25.84 -48.58
N ALA YE 86 -116.33 -25.00 -49.60
CA ALA YE 86 -117.42 -24.50 -50.41
C ALA YE 86 -118.00 -25.59 -51.31
N GLU YE 87 -117.20 -26.60 -51.63
CA GLU YE 87 -117.66 -27.67 -52.51
C GLU YE 87 -118.74 -28.52 -51.86
N ASN YE 88 -118.70 -28.63 -50.53
CA ASN YE 88 -119.62 -29.49 -49.77
C ASN YE 88 -120.76 -28.69 -49.16
N LEU YE 89 -121.28 -27.69 -49.87
CA LEU YE 89 -122.28 -26.80 -49.29
C LEU YE 89 -123.56 -27.53 -48.92
N ALA YE 90 -124.03 -28.43 -49.80
CA ALA YE 90 -125.29 -29.12 -49.53
C ALA YE 90 -125.16 -30.06 -48.34
N THR YE 91 -124.07 -30.82 -48.29
CA THR YE 91 -123.85 -31.71 -47.14
C THR YE 91 -123.67 -30.92 -45.85
N LEU YE 92 -123.02 -29.76 -45.92
CA LEU YE 92 -122.86 -28.94 -44.73
C LEU YE 92 -124.20 -28.36 -44.29
N LYS YE 93 -125.08 -28.03 -45.24
CA LYS YE 93 -126.41 -27.58 -44.88
C LYS YE 93 -127.21 -28.69 -44.20
N ALA YE 94 -127.06 -29.93 -44.68
CA ALA YE 94 -127.68 -31.06 -44.00
C ALA YE 94 -127.13 -31.20 -42.58
N GLU YE 95 -125.81 -31.05 -42.43
CA GLU YE 95 -125.20 -31.07 -41.10
C GLU YE 95 -125.78 -29.97 -40.22
N TRP YE 96 -126.02 -28.79 -40.80
CA TRP YE 96 -126.57 -27.67 -40.04
C TRP YE 96 -127.99 -27.95 -39.58
N GLU YE 97 -128.80 -28.59 -40.44
CA GLU YE 97 -130.14 -28.98 -40.03
C GLU YE 97 -130.09 -30.01 -38.90
N THR YE 98 -129.18 -30.99 -39.00
CA THR YE 98 -129.03 -31.96 -37.93
C THR YE 98 -128.59 -31.30 -36.63
N HIS YE 99 -127.69 -30.32 -36.74
CA HIS YE 99 -127.24 -29.57 -35.56
C HIS YE 99 -128.40 -28.82 -34.93
N LYS YE 100 -129.25 -28.20 -35.76
CA LYS YE 100 -130.46 -27.58 -35.23
C LYS YE 100 -131.29 -28.58 -34.45
N ARG YE 101 -131.54 -29.75 -35.03
CA ARG YE 101 -132.41 -30.73 -34.39
C ARG YE 101 -131.82 -31.18 -33.05
N ASN YE 102 -130.51 -31.44 -33.02
CA ASN YE 102 -129.88 -31.90 -31.79
C ASN YE 102 -129.87 -30.82 -30.72
N VAL YE 103 -129.52 -29.58 -31.09
CA VAL YE 103 -129.51 -28.51 -30.11
C VAL YE 103 -130.91 -28.24 -29.60
N ASP YE 104 -131.92 -28.37 -30.48
CA ASP YE 104 -133.29 -28.18 -30.04
C ASP YE 104 -133.71 -29.25 -29.04
N THR YE 105 -133.42 -30.51 -29.33
CA THR YE 105 -133.85 -31.58 -28.43
C THR YE 105 -133.10 -31.52 -27.10
N LEU YE 106 -131.88 -30.97 -27.12
CA LEU YE 106 -131.14 -30.82 -25.86
C LEU YE 106 -131.57 -29.59 -25.06
N PHE YE 107 -131.88 -28.48 -25.75
CA PHE YE 107 -132.08 -27.18 -25.13
C PHE YE 107 -133.55 -26.81 -24.96
N ALA YE 108 -134.30 -26.78 -26.06
CA ALA YE 108 -135.68 -26.29 -26.00
C ALA YE 108 -136.58 -27.25 -25.23
N SER YE 109 -136.45 -28.55 -25.50
CA SER YE 109 -137.28 -29.55 -24.83
C SER YE 109 -136.59 -30.19 -23.64
N GLY YE 110 -135.35 -29.78 -23.32
CA GLY YE 110 -134.61 -30.33 -22.21
C GLY YE 110 -134.39 -29.31 -21.10
N ASN YE 111 -133.39 -29.60 -20.27
CA ASN YE 111 -133.04 -28.72 -19.16
C ASN YE 111 -131.60 -28.24 -19.24
N ALA YE 112 -131.01 -28.26 -20.44
CA ALA YE 112 -129.64 -27.76 -20.60
C ALA YE 112 -129.57 -26.27 -20.30
N GLY YE 113 -130.66 -25.54 -20.51
CA GLY YE 113 -130.70 -24.14 -20.14
C GLY YE 113 -130.61 -23.91 -18.65
N LEU YE 114 -131.26 -24.74 -17.85
CA LEU YE 114 -131.16 -24.67 -16.40
C LEU YE 114 -129.88 -25.31 -15.88
N GLY YE 115 -129.21 -26.12 -16.69
CA GLY YE 115 -127.94 -26.69 -16.30
C GLY YE 115 -127.92 -28.18 -16.07
N PHE YE 116 -128.84 -28.92 -16.66
CA PHE YE 116 -128.92 -30.37 -16.50
C PHE YE 116 -128.74 -31.04 -17.86
N LEU YE 117 -127.86 -32.03 -17.92
CA LEU YE 117 -127.63 -32.82 -19.12
C LEU YE 117 -128.29 -34.18 -18.96
N ASP YE 118 -129.07 -34.58 -19.96
CA ASP YE 118 -129.73 -35.88 -19.94
C ASP YE 118 -129.01 -36.82 -20.89
N PRO YE 119 -128.33 -37.86 -20.39
CA PRO YE 119 -127.64 -38.79 -21.30
C PRO YE 119 -128.59 -39.67 -22.09
N THR YE 120 -129.89 -39.59 -21.87
CA THR YE 120 -130.87 -40.38 -22.60
C THR YE 120 -131.54 -39.60 -23.72
N ALA YE 121 -131.01 -38.43 -24.07
CA ALA YE 121 -131.62 -37.61 -25.12
C ALA YE 121 -131.51 -38.32 -26.47
N ALA YE 122 -132.51 -38.08 -27.33
CA ALA YE 122 -132.57 -38.69 -28.64
C ALA YE 122 -131.78 -37.85 -29.63
N ILE YE 123 -130.49 -38.12 -29.73
CA ILE YE 123 -129.63 -37.46 -30.69
C ILE YE 123 -129.56 -38.27 -31.96
N VAL YE 124 -129.71 -37.61 -33.11
CA VAL YE 124 -129.77 -38.29 -34.39
C VAL YE 124 -128.73 -37.68 -35.32
N SER YE 125 -128.31 -38.46 -36.31
CA SER YE 125 -127.26 -38.05 -37.23
C SER YE 125 -127.85 -37.55 -38.54
N SER YE 126 -126.99 -36.98 -39.38
CA SER YE 126 -127.43 -36.47 -40.67
C SER YE 126 -127.74 -37.59 -41.65
N ASP YE 127 -126.98 -38.68 -41.62
CA ASP YE 127 -127.23 -39.78 -42.54
C ASP YE 127 -128.54 -40.46 -42.21
N THR YE 128 -129.18 -41.01 -43.24
CA THR YE 128 -130.46 -41.68 -43.12
C THR YE 128 -130.32 -43.15 -43.46
N THR YE 129 -131.15 -43.98 -42.82
CA THR YE 129 -131.12 -45.42 -43.03
C THR YE 129 -131.68 -45.77 -44.40
N ALA ZE 1 -127.49 -14.32 -71.16
CA ALA ZE 1 -127.74 -14.45 -69.72
C ALA ZE 1 -126.51 -14.99 -69.01
N ASN ZE 2 -125.49 -14.14 -68.87
CA ASN ZE 2 -124.26 -14.56 -68.22
C ASN ZE 2 -124.39 -14.49 -66.71
N LYS ZE 3 -123.54 -15.24 -66.02
CA LYS ZE 3 -123.64 -15.34 -64.56
C LYS ZE 3 -123.11 -14.06 -63.90
N PRO ZE 4 -123.89 -13.43 -63.02
CA PRO ZE 4 -123.38 -12.25 -62.29
C PRO ZE 4 -122.47 -12.67 -61.15
N MET ZE 5 -121.80 -11.67 -60.56
CA MET ZE 5 -120.98 -11.88 -59.37
C MET ZE 5 -121.55 -11.13 -58.18
N GLN ZE 6 -121.04 -11.44 -57.00
CA GLN ZE 6 -121.28 -10.71 -55.77
C GLN ZE 6 -119.95 -10.28 -55.15
N PRO ZE 7 -119.93 -9.16 -54.44
CA PRO ZE 7 -118.65 -8.64 -53.92
C PRO ZE 7 -118.12 -9.43 -52.73
N ILE ZE 8 -116.90 -9.94 -52.84
CA ILE ZE 8 -116.27 -10.61 -51.71
C ILE ZE 8 -115.50 -9.65 -50.81
N THR ZE 9 -115.03 -8.53 -51.35
CA THR ZE 9 -114.27 -7.55 -50.58
C THR ZE 9 -114.76 -6.16 -50.96
N SER ZE 10 -115.28 -5.43 -49.98
CA SER ZE 10 -115.79 -4.08 -50.19
C SER ZE 10 -114.96 -3.10 -49.36
N THR ZE 11 -114.37 -2.13 -50.04
CA THR ZE 11 -113.53 -1.12 -49.42
C THR ZE 11 -113.75 0.19 -50.15
N ALA ZE 12 -113.52 1.30 -49.44
CA ALA ZE 12 -113.75 2.62 -50.02
C ALA ZE 12 -112.85 2.87 -51.23
N ASN ZE 13 -111.78 2.08 -51.38
CA ASN ZE 13 -110.85 2.24 -52.49
C ASN ZE 13 -110.72 1.02 -53.38
N LYS ZE 14 -111.35 -0.11 -53.04
CA LYS ZE 14 -111.20 -1.33 -53.84
C LYS ZE 14 -112.40 -2.24 -53.60
N ILE ZE 15 -112.96 -2.77 -54.67
CA ILE ZE 15 -114.03 -3.76 -54.61
C ILE ZE 15 -113.66 -4.94 -55.49
N VAL ZE 16 -113.81 -6.15 -54.96
CA VAL ZE 16 -113.47 -7.38 -55.67
C VAL ZE 16 -114.72 -8.24 -55.76
N TRP ZE 17 -115.06 -8.68 -56.97
CA TRP ZE 17 -116.20 -9.55 -57.21
C TRP ZE 17 -115.72 -10.99 -57.39
N SER ZE 18 -116.66 -11.93 -57.31
CA SER ZE 18 -116.36 -13.35 -57.50
C SER ZE 18 -117.63 -14.11 -57.82
N ASP ZE 19 -117.52 -15.06 -58.75
CA ASP ZE 19 -118.68 -15.84 -59.17
C ASP ZE 19 -119.00 -16.90 -58.11
N PRO ZE 20 -120.26 -17.01 -57.69
CA PRO ZE 20 -120.61 -18.06 -56.71
C PRO ZE 20 -120.28 -19.47 -57.18
N THR ZE 21 -120.46 -19.75 -58.47
CA THR ZE 21 -120.18 -21.09 -58.97
C THR ZE 21 -118.68 -21.36 -59.01
N ARG ZE 22 -117.89 -20.41 -59.50
CA ARG ZE 22 -116.44 -20.55 -59.59
C ARG ZE 22 -115.79 -19.38 -58.87
N LEU ZE 23 -115.15 -19.65 -57.74
CA LEU ZE 23 -114.50 -18.60 -56.97
C LEU ZE 23 -113.18 -18.20 -57.60
N SER ZE 24 -112.70 -18.97 -58.57
CA SER ZE 24 -111.42 -18.71 -59.22
C SER ZE 24 -111.46 -17.42 -60.02
N THR ZE 25 -112.59 -17.15 -60.68
CA THR ZE 25 -112.71 -15.95 -61.50
C THR ZE 25 -113.13 -14.76 -60.64
N THR ZE 26 -112.39 -13.66 -60.75
CA THR ZE 26 -112.65 -12.47 -59.96
C THR ZE 26 -112.54 -11.23 -60.85
N PHE ZE 27 -113.22 -10.17 -60.42
CA PHE ZE 27 -113.14 -8.86 -61.07
C PHE ZE 27 -112.87 -7.83 -59.99
N SER ZE 28 -111.84 -7.02 -60.19
CA SER ZE 28 -111.41 -6.04 -59.19
C SER ZE 28 -111.36 -4.65 -59.80
N ALA ZE 29 -111.78 -3.67 -59.00
CA ALA ZE 29 -111.75 -2.27 -59.39
C ALA ZE 29 -111.14 -1.46 -58.26
N SER ZE 30 -110.04 -0.76 -58.55
CA SER ZE 30 -109.34 0.05 -57.56
C SER ZE 30 -109.17 1.45 -58.10
N LEU ZE 31 -109.46 2.46 -57.29
CA LEU ZE 31 -109.35 3.85 -57.68
C LEU ZE 31 -108.34 4.56 -56.80
N LEU ZE 32 -107.49 5.38 -57.43
CA LEU ZE 32 -106.55 6.24 -56.73
C LEU ZE 32 -106.89 7.68 -57.05
N ARG ZE 33 -107.11 8.49 -56.01
CA ARG ZE 33 -107.54 9.86 -56.16
C ARG ZE 33 -106.45 10.79 -55.65
N GLN ZE 34 -106.00 11.70 -56.52
CA GLN ZE 34 -104.95 12.65 -56.18
C GLN ZE 34 -105.27 14.00 -56.80
N ARG ZE 35 -104.76 15.05 -56.16
CA ARG ZE 35 -104.84 16.39 -56.72
C ARG ZE 35 -103.56 16.69 -57.49
N VAL ZE 36 -103.71 17.13 -58.74
CA VAL ZE 36 -102.58 17.38 -59.63
C VAL ZE 36 -102.33 18.87 -59.71
N LYS ZE 37 -101.10 19.27 -59.47
CA LYS ZE 37 -100.68 20.67 -59.52
C LYS ZE 37 -100.26 20.99 -60.94
N VAL ZE 38 -101.08 21.79 -61.64
CA VAL ZE 38 -100.79 22.25 -62.98
C VAL ZE 38 -100.80 23.77 -62.96
N GLY ZE 39 -100.00 24.37 -63.83
CA GLY ZE 39 -99.91 25.82 -63.89
C GLY ZE 39 -101.25 26.50 -63.98
N ILE ZE 40 -101.47 27.49 -63.09
CA ILE ZE 40 -102.72 28.25 -62.95
C ILE ZE 40 -103.94 27.33 -63.06
N ALA ZE 41 -103.87 26.16 -62.44
CA ALA ZE 41 -105.00 25.24 -62.42
C ALA ZE 41 -104.90 24.35 -61.19
N GLU ZE 42 -106.06 23.97 -60.66
CA GLU ZE 42 -106.15 23.02 -59.55
C GLU ZE 42 -107.17 21.96 -59.91
N LEU ZE 43 -106.72 20.90 -60.58
CA LEU ZE 43 -107.57 19.81 -61.02
C LEU ZE 43 -107.04 18.49 -60.47
N ASN ZE 44 -107.96 17.57 -60.22
CA ASN ZE 44 -107.67 16.33 -59.52
C ASN ZE 44 -107.89 15.14 -60.45
N ASN ZE 45 -106.88 14.28 -60.55
CA ASN ZE 45 -106.96 13.11 -61.43
C ASN ZE 45 -107.50 11.91 -60.66
N VAL ZE 46 -108.11 10.98 -61.40
CA VAL ZE 46 -108.59 9.72 -60.85
C VAL ZE 46 -108.02 8.60 -61.71
N SER ZE 47 -107.29 7.68 -61.08
CA SER ZE 47 -106.69 6.55 -61.76
C SER ZE 47 -107.45 5.29 -61.39
N GLY ZE 48 -108.01 4.61 -62.39
CA GLY ZE 48 -108.80 3.43 -62.15
C GLY ZE 48 -108.18 2.17 -62.71
N GLN ZE 49 -107.96 1.18 -61.85
CA GLN ZE 49 -107.35 -0.09 -62.23
C GLN ZE 49 -108.41 -1.18 -62.20
N TYR ZE 50 -108.59 -1.86 -63.32
CA TYR ZE 50 -109.57 -2.93 -63.46
C TYR ZE 50 -108.85 -4.19 -63.90
N VAL ZE 51 -109.01 -5.26 -63.13
CA VAL ZE 51 -108.33 -6.53 -63.38
C VAL ZE 51 -109.36 -7.64 -63.46
N SER ZE 52 -109.32 -8.40 -64.55
CA SER ZE 52 -110.17 -9.56 -64.74
C SER ZE 52 -109.31 -10.80 -64.94
N VAL ZE 53 -109.55 -11.83 -64.14
CA VAL ZE 53 -108.78 -13.07 -64.20
C VAL ZE 53 -109.72 -14.27 -64.28
N TYR ZE 54 -109.36 -15.24 -65.10
CA TYR ZE 54 -110.08 -16.49 -65.20
C TYR ZE 54 -109.08 -17.64 -65.21
N LYS ZE 55 -109.33 -18.65 -64.39
CA LYS ZE 55 -108.41 -19.77 -64.24
C LYS ZE 55 -108.89 -20.96 -65.07
N ARG ZE 56 -108.84 -20.79 -66.38
CA ARG ZE 56 -109.32 -21.82 -67.30
C ARG ZE 56 -108.37 -23.00 -67.35
N PRO ZE 57 -108.89 -24.22 -67.47
CA PRO ZE 57 -108.02 -25.40 -67.62
C PRO ZE 57 -107.26 -25.39 -68.93
N ALA ZE 58 -106.13 -26.10 -68.92
CA ALA ZE 58 -105.28 -26.21 -70.09
C ALA ZE 58 -106.03 -26.96 -71.20
N PRO ZE 59 -105.69 -26.73 -72.47
CA PRO ZE 59 -106.45 -27.37 -73.56
C PRO ZE 59 -106.37 -28.89 -73.49
N LYS ZE 60 -107.50 -29.53 -73.80
CA LYS ZE 60 -107.61 -30.97 -73.70
C LYS ZE 60 -106.77 -31.65 -74.78
N PRO ZE 61 -106.13 -32.79 -74.46
CA PRO ZE 61 -105.49 -33.59 -75.50
C PRO ZE 61 -106.51 -34.14 -76.48
N GLU ZE 62 -106.06 -34.57 -77.65
CA GLU ZE 62 -106.95 -34.95 -78.74
C GLU ZE 62 -107.26 -36.43 -78.69
N GLY ZE 63 -108.55 -36.77 -78.81
CA GLY ZE 63 -108.98 -38.14 -78.99
C GLY ZE 63 -109.10 -38.97 -77.73
N CYS ZE 64 -109.01 -38.37 -76.55
CA CYS ZE 64 -109.10 -39.11 -75.29
C CYS ZE 64 -110.21 -38.51 -74.43
N ALA ZE 65 -111.25 -39.29 -74.17
CA ALA ZE 65 -112.30 -38.91 -73.24
C ALA ZE 65 -111.97 -39.49 -71.87
N ASP ZE 66 -111.15 -38.78 -71.10
CA ASP ZE 66 -110.73 -39.27 -69.79
C ASP ZE 66 -111.92 -39.33 -68.84
N ALA ZE 67 -111.83 -40.26 -67.89
CA ALA ZE 67 -112.92 -40.46 -66.94
C ALA ZE 67 -113.16 -39.20 -66.10
N CYS ZE 68 -112.10 -38.59 -65.61
CA CYS ZE 68 -112.22 -37.38 -64.80
C CYS ZE 68 -111.22 -36.34 -65.28
N VAL ZE 69 -111.60 -35.07 -65.12
CA VAL ZE 69 -110.73 -33.98 -65.54
C VAL ZE 69 -109.54 -33.86 -64.61
N ILE ZE 70 -108.35 -33.81 -65.19
CA ILE ZE 70 -107.10 -33.70 -64.43
C ILE ZE 70 -106.30 -32.54 -64.98
N MET ZE 71 -106.99 -31.55 -65.54
CA MET ZE 71 -106.32 -30.51 -66.30
C MET ZE 71 -105.54 -29.57 -65.38
N PRO ZE 72 -104.29 -29.26 -65.70
CA PRO ZE 72 -103.54 -28.28 -64.90
C PRO ZE 72 -103.83 -26.85 -65.32
N ASN ZE 73 -104.92 -26.29 -64.81
CA ASN ZE 73 -105.44 -24.99 -65.23
C ASN ZE 73 -104.41 -23.86 -65.21
N GLU ZE 74 -104.61 -22.85 -66.06
CA GLU ZE 74 -103.68 -21.76 -66.26
C GLU ZE 74 -104.31 -20.44 -65.83
N ASN ZE 75 -103.57 -19.35 -66.06
CA ASN ZE 75 -104.02 -18.02 -65.65
C ASN ZE 75 -104.27 -17.17 -66.89
N GLN ZE 76 -105.47 -16.60 -66.98
CA GLN ZE 76 -105.81 -15.64 -68.03
C GLN ZE 76 -106.18 -14.33 -67.36
N SER ZE 77 -105.47 -13.25 -67.71
CA SER ZE 77 -105.61 -11.97 -67.03
C SER ZE 77 -105.78 -10.85 -68.03
N ILE ZE 78 -106.66 -9.91 -67.70
CA ILE ZE 78 -106.84 -8.67 -68.45
C ILE ZE 78 -106.85 -7.52 -67.45
N ARG ZE 79 -105.93 -6.58 -67.61
CA ARG ZE 79 -105.77 -5.47 -66.69
C ARG ZE 79 -105.80 -4.16 -67.46
N THR ZE 80 -106.74 -3.29 -67.09
CA THR ZE 80 -106.91 -2.00 -67.73
C THR ZE 80 -106.79 -0.88 -66.71
N VAL ZE 81 -106.00 0.14 -67.04
CA VAL ZE 81 -105.79 1.29 -66.17
C VAL ZE 81 -106.21 2.54 -66.94
N ILE ZE 82 -107.15 3.29 -66.37
CA ILE ZE 82 -107.66 4.52 -66.97
C ILE ZE 82 -107.31 5.67 -66.03
N SER ZE 83 -106.53 6.62 -66.52
CA SER ZE 83 -106.09 7.76 -65.74
C SER ZE 83 -106.44 9.05 -66.47
N GLY ZE 84 -107.07 9.97 -65.77
CA GLY ZE 84 -107.42 11.24 -66.36
C GLY ZE 84 -108.18 12.10 -65.37
N SER ZE 85 -108.20 13.39 -65.66
CA SER ZE 85 -108.86 14.34 -64.78
C SER ZE 85 -110.38 14.19 -64.89
N ALA ZE 86 -111.07 14.38 -63.76
CA ALA ZE 86 -112.53 14.25 -63.76
C ALA ZE 86 -113.19 15.41 -64.48
N GLU ZE 87 -112.48 16.52 -64.66
CA GLU ZE 87 -113.05 17.67 -65.38
C GLU ZE 87 -113.28 17.33 -66.84
N ASN ZE 88 -112.45 16.46 -67.40
CA ASN ZE 88 -112.51 16.07 -68.81
C ASN ZE 88 -113.12 14.68 -68.99
N LEU ZE 89 -114.17 14.35 -68.24
CA LEU ZE 89 -114.70 13.00 -68.24
C LEU ZE 89 -115.27 12.61 -69.60
N ALA ZE 90 -115.92 13.56 -70.29
CA ALA ZE 90 -116.48 13.25 -71.61
C ALA ZE 90 -115.38 12.87 -72.59
N THR ZE 91 -114.30 13.64 -72.62
CA THR ZE 91 -113.18 13.31 -73.48
C THR ZE 91 -112.51 12.01 -73.05
N LEU ZE 92 -112.46 11.73 -71.76
CA LEU ZE 92 -111.91 10.46 -71.30
C LEU ZE 92 -112.75 9.28 -71.78
N LYS ZE 93 -114.08 9.44 -71.77
CA LYS ZE 93 -114.95 8.38 -72.27
C LYS ZE 93 -114.81 8.20 -73.78
N ALA ZE 94 -114.65 9.31 -74.51
CA ALA ZE 94 -114.37 9.20 -75.94
C ALA ZE 94 -113.05 8.46 -76.19
N GLU ZE 95 -112.02 8.77 -75.39
CA GLU ZE 95 -110.76 8.07 -75.49
C GLU ZE 95 -110.93 6.58 -75.18
N TRP ZE 96 -111.77 6.26 -74.20
CA TRP ZE 96 -112.02 4.85 -73.87
C TRP ZE 96 -112.67 4.13 -75.04
N GLU ZE 97 -113.65 4.78 -75.69
CA GLU ZE 97 -114.30 4.16 -76.85
C GLU ZE 97 -113.29 3.93 -77.97
N THR ZE 98 -112.45 4.93 -78.24
CA THR ZE 98 -111.44 4.79 -79.29
C THR ZE 98 -110.44 3.69 -78.95
N HIS ZE 99 -110.04 3.61 -77.68
CA HIS ZE 99 -109.11 2.56 -77.26
C HIS ZE 99 -109.73 1.18 -77.43
N LYS ZE 100 -111.01 1.04 -77.06
CA LYS ZE 100 -111.68 -0.23 -77.26
C LYS ZE 100 -111.71 -0.60 -78.74
N ARG ZE 101 -112.03 0.36 -79.60
CA ARG ZE 101 -112.07 0.09 -81.03
C ARG ZE 101 -110.71 -0.33 -81.56
N ASN ZE 102 -109.66 0.36 -81.15
CA ASN ZE 102 -108.32 0.04 -81.63
C ASN ZE 102 -107.87 -1.34 -81.14
N VAL ZE 103 -108.12 -1.65 -79.87
CA VAL ZE 103 -107.73 -2.95 -79.34
C VAL ZE 103 -108.53 -4.06 -80.01
N ASP ZE 104 -109.80 -3.81 -80.31
CA ASP ZE 104 -110.59 -4.78 -81.07
C ASP ZE 104 -110.01 -4.99 -82.46
N THR ZE 105 -109.60 -3.91 -83.11
CA THR ZE 105 -109.01 -4.03 -84.45
C THR ZE 105 -107.73 -4.85 -84.43
N LEU ZE 106 -106.88 -4.61 -83.44
CA LEU ZE 106 -105.60 -5.34 -83.39
C LEU ZE 106 -105.78 -6.77 -82.89
N PHE ZE 107 -106.75 -7.01 -82.01
CA PHE ZE 107 -106.87 -8.25 -81.27
C PHE ZE 107 -108.11 -9.06 -81.63
N ALA ZE 108 -109.30 -8.45 -81.51
CA ALA ZE 108 -110.54 -9.20 -81.74
C ALA ZE 108 -110.63 -9.68 -83.17
N SER ZE 109 -110.27 -8.83 -84.13
CA SER ZE 109 -110.30 -9.20 -85.54
C SER ZE 109 -108.92 -9.44 -86.12
N GLY ZE 110 -107.86 -9.28 -85.33
CA GLY ZE 110 -106.50 -9.47 -85.79
C GLY ZE 110 -105.85 -10.70 -85.20
N ASN ZE 111 -104.54 -10.83 -85.43
CA ASN ZE 111 -103.81 -11.97 -84.93
C ASN ZE 111 -102.78 -11.55 -83.88
N ALA ZE 112 -103.12 -10.52 -83.09
CA ALA ZE 112 -102.22 -10.08 -82.03
C ALA ZE 112 -102.13 -11.11 -80.92
N GLY ZE 113 -103.19 -11.90 -80.74
CA GLY ZE 113 -103.16 -12.92 -79.69
C GLY ZE 113 -102.12 -13.99 -79.93
N LEU ZE 114 -101.92 -14.36 -81.19
CA LEU ZE 114 -100.92 -15.38 -81.50
C LEU ZE 114 -99.51 -14.80 -81.56
N GLY ZE 115 -99.39 -13.47 -81.59
CA GLY ZE 115 -98.10 -12.83 -81.53
C GLY ZE 115 -97.75 -11.95 -82.71
N PHE ZE 116 -98.69 -11.67 -83.60
CA PHE ZE 116 -98.39 -10.87 -84.78
C PHE ZE 116 -98.92 -9.45 -84.63
N LEU ZE 117 -98.06 -8.47 -84.85
CA LEU ZE 117 -98.42 -7.06 -84.85
C LEU ZE 117 -98.52 -6.60 -86.29
N ASP ZE 118 -99.75 -6.43 -86.78
CA ASP ZE 118 -99.98 -6.03 -88.16
C ASP ZE 118 -99.58 -4.57 -88.33
N PRO ZE 119 -98.64 -4.24 -89.22
CA PRO ZE 119 -98.27 -2.83 -89.41
C PRO ZE 119 -99.18 -2.07 -90.37
N THR ZE 120 -100.18 -2.73 -90.96
CA THR ZE 120 -101.11 -2.07 -91.86
C THR ZE 120 -102.51 -1.94 -91.28
N ALA ZE 121 -102.68 -2.13 -89.96
CA ALA ZE 121 -104.00 -2.11 -89.36
C ALA ZE 121 -104.59 -0.70 -89.42
N ALA ZE 122 -105.92 -0.65 -89.52
CA ALA ZE 122 -106.65 0.62 -89.63
C ALA ZE 122 -106.93 1.15 -88.23
N ILE ZE 123 -105.97 1.87 -87.68
CA ILE ZE 123 -106.09 2.48 -86.36
C ILE ZE 123 -106.62 3.90 -86.52
N VAL ZE 124 -107.61 4.26 -85.70
CA VAL ZE 124 -108.25 5.55 -85.78
C VAL ZE 124 -108.22 6.22 -84.41
N SER ZE 125 -108.28 7.55 -84.41
CA SER ZE 125 -108.15 8.33 -83.18
C SER ZE 125 -109.51 8.77 -82.67
N SER ZE 126 -109.49 9.45 -81.51
CA SER ZE 126 -110.71 10.00 -80.96
C SER ZE 126 -111.20 11.23 -81.69
N ASP ZE 127 -110.28 12.05 -82.21
CA ASP ZE 127 -110.68 13.24 -82.95
C ASP ZE 127 -111.36 12.85 -84.25
N THR ZE 128 -112.37 13.64 -84.63
CA THR ZE 128 -113.14 13.40 -85.84
C THR ZE 128 -112.91 14.52 -86.84
N THR ZE 129 -113.29 14.26 -88.07
CA THR ZE 129 -113.13 15.24 -89.15
C THR ZE 129 -114.40 16.06 -89.34
N ALA AF 1 -42.20 -113.40 85.14
CA ALA AF 1 -41.05 -112.69 85.69
C ALA AF 1 -40.42 -111.79 84.63
N ASN AF 2 -40.58 -110.48 84.80
CA ASN AF 2 -40.03 -109.52 83.87
C ASN AF 2 -38.57 -109.23 84.19
N LYS AF 3 -37.84 -108.72 83.20
CA LYS AF 3 -36.42 -108.45 83.38
C LYS AF 3 -36.22 -107.05 83.96
N PRO AF 4 -35.55 -106.91 85.10
CA PRO AF 4 -35.32 -105.58 85.67
C PRO AF 4 -34.42 -104.74 84.77
N MET AF 5 -34.57 -103.41 84.86
CA MET AF 5 -33.65 -102.48 84.23
C MET AF 5 -32.89 -101.73 85.31
N GLN AF 6 -31.61 -101.47 85.07
CA GLN AF 6 -30.82 -100.63 85.95
C GLN AF 6 -30.45 -99.35 85.24
N PRO AF 7 -30.34 -98.23 85.95
CA PRO AF 7 -30.21 -96.94 85.26
C PRO AF 7 -28.86 -96.78 84.58
N ILE AF 8 -28.84 -95.92 83.55
CA ILE AF 8 -27.61 -95.54 82.89
C ILE AF 8 -27.29 -94.07 83.05
N THR AF 9 -28.30 -93.22 83.25
CA THR AF 9 -28.09 -91.80 83.51
C THR AF 9 -28.97 -91.39 84.67
N SER AF 10 -28.38 -90.78 85.68
CA SER AF 10 -29.09 -90.36 86.88
C SER AF 10 -28.87 -88.87 87.10
N THR AF 11 -29.98 -88.14 87.30
CA THR AF 11 -29.95 -86.71 87.54
C THR AF 11 -31.13 -86.36 88.42
N ALA AF 12 -31.06 -85.18 89.05
CA ALA AF 12 -32.13 -84.75 89.95
C ALA AF 12 -33.46 -84.63 89.23
N ASN AF 13 -33.44 -84.24 87.95
CA ASN AF 13 -34.66 -84.01 87.19
C ASN AF 13 -34.82 -84.93 86.00
N LYS AF 14 -34.05 -86.01 85.91
CA LYS AF 14 -34.19 -86.98 84.83
C LYS AF 14 -33.41 -88.23 85.18
N ILE AF 15 -34.07 -89.39 85.08
CA ILE AF 15 -33.43 -90.69 85.24
C ILE AF 15 -33.84 -91.57 84.07
N VAL AF 16 -32.86 -92.22 83.45
CA VAL AF 16 -33.08 -93.07 82.28
C VAL AF 16 -32.68 -94.48 82.63
N TRP AF 17 -33.57 -95.43 82.35
CA TRP AF 17 -33.31 -96.85 82.56
C TRP AF 17 -33.12 -97.53 81.21
N SER AF 18 -32.27 -98.56 81.18
CA SER AF 18 -32.03 -99.31 79.95
C SER AF 18 -31.85 -100.79 80.28
N ASP AF 19 -32.31 -101.64 79.37
CA ASP AF 19 -32.20 -103.07 79.57
C ASP AF 19 -30.75 -103.50 79.33
N PRO AF 20 -30.10 -104.14 80.31
CA PRO AF 20 -28.69 -104.54 80.11
C PRO AF 20 -28.50 -105.46 78.91
N THR AF 21 -29.44 -106.35 78.64
CA THR AF 21 -29.33 -107.22 77.48
C THR AF 21 -29.68 -106.52 76.17
N ARG AF 22 -30.50 -105.47 76.20
CA ARG AF 22 -30.83 -104.70 75.02
C ARG AF 22 -30.91 -103.21 75.36
N LEU AF 23 -29.83 -102.47 75.14
CA LEU AF 23 -29.79 -101.07 75.53
C LEU AF 23 -30.71 -100.21 74.66
N SER AF 24 -31.21 -100.78 73.57
CA SER AF 24 -32.19 -100.07 72.74
C SER AF 24 -33.51 -99.85 73.47
N THR AF 25 -33.83 -100.68 74.46
CA THR AF 25 -35.05 -100.52 75.24
C THR AF 25 -34.78 -99.57 76.40
N THR AF 26 -35.45 -98.41 76.39
CA THR AF 26 -35.21 -97.37 77.39
C THR AF 26 -36.54 -96.93 78.00
N PHE AF 27 -36.45 -96.42 79.22
CA PHE AF 27 -37.60 -95.84 79.92
C PHE AF 27 -37.10 -94.64 80.72
N SER AF 28 -37.58 -93.45 80.36
CA SER AF 28 -37.09 -92.21 80.93
C SER AF 28 -38.21 -91.45 81.63
N ALA AF 29 -37.87 -90.86 82.76
CA ALA AF 29 -38.79 -90.05 83.55
C ALA AF 29 -38.17 -88.68 83.76
N SER AF 30 -38.89 -87.63 83.37
CA SER AF 30 -38.41 -86.25 83.47
C SER AF 30 -39.44 -85.43 84.24
N LEU AF 31 -38.99 -84.69 85.24
CA LEU AF 31 -39.85 -83.84 86.04
C LEU AF 31 -39.54 -82.38 85.79
N LEU AF 32 -40.58 -81.60 85.53
CA LEU AF 32 -40.49 -80.15 85.43
C LEU AF 32 -41.43 -79.54 86.46
N ARG AF 33 -40.85 -78.78 87.39
CA ARG AF 33 -41.60 -78.22 88.51
C ARG AF 33 -41.67 -76.70 88.39
N GLN AF 34 -42.88 -76.18 88.39
CA GLN AF 34 -43.13 -74.74 88.28
C GLN AF 34 -44.12 -74.33 89.35
N ARG AF 35 -44.11 -73.03 89.67
CA ARG AF 35 -44.99 -72.47 90.68
C ARG AF 35 -46.04 -71.60 89.99
N VAL AF 36 -47.31 -71.92 90.22
CA VAL AF 36 -48.43 -71.29 89.53
C VAL AF 36 -49.35 -70.67 90.56
N LYS AF 37 -49.73 -69.41 90.33
CA LYS AF 37 -50.61 -68.67 91.23
C LYS AF 37 -52.04 -68.77 90.71
N VAL AF 38 -52.72 -69.86 91.09
CA VAL AF 38 -54.08 -70.07 90.64
C VAL AF 38 -55.08 -69.31 91.51
N GLY AF 39 -55.05 -69.56 92.82
CA GLY AF 39 -56.03 -69.02 93.73
C GLY AF 39 -55.44 -68.07 94.75
N ILE AF 40 -54.58 -67.17 94.29
CA ILE AF 40 -53.78 -66.22 95.06
C ILE AF 40 -52.97 -66.99 96.10
N ALA AF 41 -52.78 -68.28 95.87
CA ALA AF 41 -51.91 -69.13 96.66
C ALA AF 41 -50.92 -69.80 95.72
N GLU AF 42 -49.64 -69.74 96.06
CA GLU AF 42 -48.57 -70.22 95.19
C GLU AF 42 -48.55 -71.75 95.21
N LEU AF 43 -49.26 -72.33 94.24
CA LEU AF 43 -49.32 -73.78 94.15
C LEU AF 43 -48.11 -74.33 93.41
N ASN AF 44 -47.71 -75.55 93.78
CA ASN AF 44 -46.51 -76.17 93.21
C ASN AF 44 -46.91 -77.23 92.19
N ASN AF 45 -46.89 -76.83 90.92
CA ASN AF 45 -47.24 -77.73 89.84
C ASN AF 45 -46.07 -78.65 89.51
N VAL AF 46 -46.38 -79.91 89.21
CA VAL AF 46 -45.40 -80.90 88.80
C VAL AF 46 -45.85 -81.50 87.48
N SER AF 47 -44.97 -81.47 86.48
CA SER AF 47 -45.25 -81.99 85.15
C SER AF 47 -44.23 -83.09 84.85
N GLY AF 48 -44.63 -84.33 85.10
CA GLY AF 48 -43.75 -85.47 84.90
C GLY AF 48 -43.97 -86.10 83.53
N GLN AF 49 -42.88 -86.24 82.79
CA GLN AF 49 -42.91 -86.85 81.46
C GLN AF 49 -42.27 -88.22 81.53
N TYR AF 50 -43.01 -89.25 81.15
CA TYR AF 50 -42.55 -90.62 81.17
C TYR AF 50 -42.59 -91.17 79.74
N VAL AF 51 -41.45 -91.61 79.24
CA VAL AF 51 -41.31 -92.06 77.86
C VAL AF 51 -40.73 -93.47 77.86
N SER AF 52 -41.41 -94.39 77.20
CA SER AF 52 -40.94 -95.75 77.02
C SER AF 52 -40.75 -96.03 75.53
N VAL AF 53 -39.54 -96.44 75.16
CA VAL AF 53 -39.16 -96.64 73.77
C VAL AF 53 -38.62 -98.04 73.59
N TYR AF 54 -39.17 -98.78 72.64
CA TYR AF 54 -38.69 -100.10 72.27
C TYR AF 54 -38.44 -100.14 70.78
N LYS AF 55 -37.27 -100.62 70.39
CA LYS AF 55 -36.92 -100.80 68.99
C LYS AF 55 -37.22 -102.24 68.62
N ARG AF 56 -38.33 -102.44 67.92
CA ARG AF 56 -38.79 -103.77 67.54
C ARG AF 56 -38.47 -104.06 66.09
N PRO AF 57 -37.91 -105.23 65.77
CA PRO AF 57 -37.70 -105.58 64.37
C PRO AF 57 -38.94 -106.22 63.78
N ALA AF 58 -39.44 -105.62 62.70
CA ALA AF 58 -40.66 -106.10 62.03
C ALA AF 58 -40.45 -106.23 60.53
N PRO AF 59 -39.55 -107.12 60.09
CA PRO AF 59 -39.63 -107.55 58.68
C PRO AF 59 -40.91 -108.30 58.41
N LYS AF 60 -41.43 -108.99 59.42
CA LYS AF 60 -42.69 -109.73 59.41
C LYS AF 60 -42.81 -110.67 58.22
N PRO AF 61 -41.93 -111.67 58.10
CA PRO AF 61 -42.11 -112.69 57.06
C PRO AF 61 -43.19 -113.68 57.47
N GLU AF 62 -44.35 -113.60 56.82
CA GLU AF 62 -45.51 -114.35 57.24
C GLU AF 62 -45.33 -115.83 56.96
N GLY AF 63 -44.95 -116.57 57.99
CA GLY AF 63 -44.82 -118.02 57.91
C GLY AF 63 -43.45 -118.57 57.58
N CYS AF 64 -42.57 -117.74 57.04
CA CYS AF 64 -41.27 -118.22 56.58
C CYS AF 64 -40.17 -117.60 57.45
N ALA AF 65 -39.32 -118.46 57.97
CA ALA AF 65 -38.17 -118.07 58.78
C ALA AF 65 -37.17 -119.21 58.82
N ASP AF 66 -35.98 -118.98 58.29
CA ASP AF 66 -35.00 -120.05 58.19
C ASP AF 66 -33.69 -119.74 58.90
N ALA AF 67 -33.19 -118.51 58.80
CA ALA AF 67 -31.93 -118.13 59.42
C ALA AF 67 -32.05 -116.68 59.87
N CYS AF 68 -30.99 -116.18 60.51
CA CYS AF 68 -30.98 -114.80 60.98
C CYS AF 68 -30.43 -113.88 59.91
N VAL AF 69 -31.27 -112.97 59.43
CA VAL AF 69 -30.89 -111.93 58.49
C VAL AF 69 -30.86 -110.64 59.30
N ILE AF 70 -30.25 -109.58 58.76
CA ILE AF 70 -30.30 -108.28 59.41
C ILE AF 70 -31.74 -107.85 59.61
N MET AF 71 -32.08 -107.53 60.84
CA MET AF 71 -33.42 -107.04 61.17
C MET AF 71 -33.48 -105.53 61.02
N PRO AF 72 -34.30 -105.01 60.10
CA PRO AF 72 -34.61 -103.57 60.13
C PRO AF 72 -35.61 -103.26 61.23
N ASN AF 73 -35.41 -102.16 61.95
CA ASN AF 73 -36.16 -101.89 63.17
C ASN AF 73 -37.09 -100.70 62.98
N GLU AF 74 -38.24 -100.77 63.63
CA GLU AF 74 -39.16 -99.65 63.77
C GLU AF 74 -39.23 -99.26 65.23
N ASN AF 75 -39.62 -98.01 65.50
CA ASN AF 75 -39.64 -97.47 66.85
C ASN AF 75 -41.06 -97.52 67.41
N GLN AF 76 -41.19 -98.14 68.58
CA GLN AF 76 -42.45 -98.14 69.33
C GLN AF 76 -42.26 -97.25 70.55
N SER AF 77 -43.05 -96.19 70.63
CA SER AF 77 -42.91 -95.20 71.69
C SER AF 77 -44.25 -94.93 72.36
N ILE AF 78 -44.24 -94.92 73.68
CA ILE AF 78 -45.39 -94.54 74.49
C ILE AF 78 -44.91 -93.51 75.50
N ARG AF 79 -45.45 -92.29 75.40
CA ARG AF 79 -45.07 -91.19 76.29
C ARG AF 79 -46.29 -90.67 77.00
N THR AF 80 -46.14 -90.37 78.29
CA THR AF 80 -47.22 -89.87 79.12
C THR AF 80 -46.72 -88.69 79.95
N VAL AF 81 -47.51 -87.62 79.98
CA VAL AF 81 -47.20 -86.44 80.78
C VAL AF 81 -48.36 -86.22 81.75
N ILE AF 82 -48.04 -86.04 83.01
CA ILE AF 82 -49.02 -85.82 84.07
C ILE AF 82 -48.74 -84.45 84.68
N SER AF 83 -49.72 -83.57 84.63
CA SER AF 83 -49.59 -82.21 85.14
C SER AF 83 -50.64 -81.97 86.20
N GLY AF 84 -50.24 -81.40 87.33
CA GLY AF 84 -51.16 -81.12 88.41
C GLY AF 84 -50.47 -80.64 89.66
N SER AF 85 -51.22 -80.01 90.56
CA SER AF 85 -50.63 -79.52 91.80
C SER AF 85 -50.26 -80.68 92.71
N ALA AF 86 -49.16 -80.53 93.44
CA ALA AF 86 -48.73 -81.57 94.36
C ALA AF 86 -49.68 -81.71 95.53
N GLU AF 87 -50.45 -80.66 95.82
CA GLU AF 87 -51.37 -80.69 96.94
C GLU AF 87 -52.64 -81.47 96.62
N ASN AF 88 -52.84 -81.83 95.36
CA ASN AF 88 -53.99 -82.60 94.91
C ASN AF 88 -53.56 -83.96 94.37
N LEU AF 89 -52.64 -84.61 95.10
CA LEU AF 89 -52.06 -85.85 94.61
C LEU AF 89 -53.08 -86.98 94.56
N ALA AF 90 -53.99 -87.03 95.54
CA ALA AF 90 -55.00 -88.10 95.54
C ALA AF 90 -55.91 -87.98 94.33
N THR AF 91 -56.37 -86.77 94.04
CA THR AF 91 -57.18 -86.55 92.85
C THR AF 91 -56.41 -86.82 91.57
N LEU AF 92 -55.12 -86.47 91.54
CA LEU AF 92 -54.32 -86.76 90.36
C LEU AF 92 -54.19 -88.26 90.15
N LYS AF 93 -54.03 -89.02 91.23
CA LYS AF 93 -53.95 -90.48 91.11
C LYS AF 93 -55.27 -91.06 90.65
N ALA AF 94 -56.39 -90.52 91.15
CA ALA AF 94 -57.70 -90.97 90.66
C ALA AF 94 -57.85 -90.68 89.17
N GLU AF 95 -57.40 -89.50 88.73
CA GLU AF 95 -57.41 -89.17 87.32
C GLU AF 95 -56.54 -90.13 86.51
N TRP AF 96 -55.39 -90.53 87.08
CA TRP AF 96 -54.52 -91.48 86.40
C TRP AF 96 -55.22 -92.83 86.23
N GLU AF 97 -55.90 -93.29 87.29
CA GLU AF 97 -56.64 -94.56 87.19
C GLU AF 97 -57.74 -94.47 86.13
N THR AF 98 -58.49 -93.37 86.12
CA THR AF 98 -59.54 -93.20 85.12
C THR AF 98 -58.97 -93.15 83.72
N HIS AF 99 -57.84 -92.46 83.54
CA HIS AF 99 -57.19 -92.39 82.24
C HIS AF 99 -56.74 -93.76 81.78
N LYS AF 100 -56.17 -94.55 82.69
CA LYS AF 100 -55.76 -95.91 82.35
C LYS AF 100 -56.96 -96.74 81.90
N ARG AF 101 -58.07 -96.63 82.64
CA ARG AF 101 -59.27 -97.39 82.29
C ARG AF 101 -59.81 -96.99 80.93
N ASN AF 102 -59.87 -95.69 80.65
CA ASN AF 102 -60.41 -95.23 79.38
C ASN AF 102 -59.51 -95.64 78.21
N VAL AF 103 -58.20 -95.50 78.38
CA VAL AF 103 -57.29 -95.90 77.31
C VAL AF 103 -57.35 -97.41 77.09
N ASP AF 104 -57.54 -98.17 78.16
CA ASP AF 104 -57.73 -99.61 78.01
C ASP AF 104 -58.99 -99.90 77.20
N THR AF 105 -60.08 -99.19 77.49
CA THR AF 105 -61.32 -99.40 76.76
C THR AF 105 -61.14 -99.10 75.28
N LEU AF 106 -60.43 -98.02 74.96
CA LEU AF 106 -60.23 -97.65 73.56
C LEU AF 106 -59.24 -98.53 72.84
N PHE AF 107 -58.16 -98.95 73.51
CA PHE AF 107 -57.00 -99.57 72.87
C PHE AF 107 -56.91 -101.06 73.13
N ALA AF 108 -56.89 -101.47 74.40
CA ALA AF 108 -56.67 -102.88 74.73
C ALA AF 108 -57.84 -103.74 74.30
N SER AF 109 -59.07 -103.26 74.53
CA SER AF 109 -60.27 -103.99 74.16
C SER AF 109 -60.90 -103.48 72.88
N GLY AF 110 -60.44 -102.34 72.35
CA GLY AF 110 -60.97 -101.78 71.13
C GLY AF 110 -60.06 -102.03 69.94
N ASN AF 111 -60.24 -101.20 68.91
CA ASN AF 111 -59.47 -101.29 67.67
C ASN AF 111 -58.77 -99.98 67.36
N ALA AF 112 -58.41 -99.21 68.39
CA ALA AF 112 -57.79 -97.91 68.17
C ALA AF 112 -56.39 -98.04 67.59
N GLY AF 113 -55.69 -99.14 67.89
CA GLY AF 113 -54.34 -99.31 67.38
C GLY AF 113 -54.29 -99.47 65.87
N LEU AF 114 -55.38 -99.96 65.29
CA LEU AF 114 -55.43 -100.17 63.84
C LEU AF 114 -55.94 -98.91 63.15
N GLY AF 115 -56.25 -97.88 63.93
CA GLY AF 115 -56.74 -96.63 63.36
C GLY AF 115 -58.26 -96.57 63.28
N PHE AF 116 -58.95 -96.82 64.38
CA PHE AF 116 -60.40 -96.84 64.43
C PHE AF 116 -60.89 -96.13 65.67
N LEU AF 117 -62.06 -95.50 65.58
CA LEU AF 117 -62.71 -94.87 66.71
C LEU AF 117 -64.08 -95.50 66.91
N ASP AF 118 -64.43 -95.77 68.17
CA ASP AF 118 -65.73 -96.34 68.47
C ASP AF 118 -66.54 -95.30 69.24
N PRO AF 119 -67.49 -94.59 68.60
CA PRO AF 119 -68.29 -93.61 69.34
C PRO AF 119 -69.16 -94.23 70.42
N THR AF 120 -69.41 -95.53 70.38
CA THR AF 120 -70.23 -96.20 71.38
C THR AF 120 -69.41 -96.74 72.55
N ALA AF 121 -68.12 -96.42 72.61
CA ALA AF 121 -67.28 -96.90 73.70
C ALA AF 121 -67.73 -96.32 75.03
N ALA AF 122 -67.61 -97.13 76.09
CA ALA AF 122 -68.06 -96.74 77.43
C ALA AF 122 -66.92 -96.01 78.14
N ILE AF 123 -66.90 -94.70 77.97
CA ILE AF 123 -65.92 -93.85 78.61
C ILE AF 123 -66.53 -93.27 79.89
N VAL AF 124 -65.78 -93.33 80.99
CA VAL AF 124 -66.29 -92.93 82.30
C VAL AF 124 -65.32 -91.92 82.91
N SER AF 125 -65.85 -91.10 83.82
CA SER AF 125 -65.08 -90.08 84.49
C SER AF 125 -64.62 -90.55 85.86
N SER AF 126 -63.79 -89.73 86.51
CA SER AF 126 -63.28 -90.06 87.83
C SER AF 126 -64.33 -89.92 88.91
N ASP AF 127 -65.31 -89.05 88.73
CA ASP AF 127 -66.36 -88.86 89.73
C ASP AF 127 -67.23 -90.09 89.83
N THR AF 128 -67.77 -90.32 91.02
CA THR AF 128 -68.62 -91.47 91.30
C THR AF 128 -70.03 -91.01 91.65
N THR AF 129 -70.95 -91.97 91.65
CA THR AF 129 -72.34 -91.68 91.97
C THR AF 129 -72.68 -92.14 93.39
N ALA BF 1 -40.33 -84.00 117.46
CA ALA BF 1 -40.24 -84.75 116.21
C ALA BF 1 -40.59 -83.87 115.02
N ASN BF 2 -39.64 -83.03 114.61
CA ASN BF 2 -39.88 -82.13 113.49
C ASN BF 2 -39.90 -82.91 112.18
N LYS BF 3 -40.62 -82.38 111.20
CA LYS BF 3 -40.81 -83.09 109.94
C LYS BF 3 -39.51 -83.19 109.16
N PRO BF 4 -39.13 -84.37 108.69
CA PRO BF 4 -37.87 -84.50 107.93
C PRO BF 4 -38.01 -83.96 106.52
N MET BF 5 -36.86 -83.65 105.93
CA MET BF 5 -36.79 -83.15 104.56
C MET BF 5 -36.03 -84.14 103.69
N GLN BF 6 -36.39 -84.18 102.40
CA GLN BF 6 -35.74 -84.98 101.38
C GLN BF 6 -35.22 -84.09 100.27
N PRO BF 7 -34.07 -84.42 99.67
CA PRO BF 7 -33.55 -83.58 98.59
C PRO BF 7 -34.44 -83.63 97.36
N ILE BF 8 -34.54 -82.50 96.67
CA ILE BF 8 -35.36 -82.36 95.48
C ILE BF 8 -34.51 -82.12 94.24
N THR BF 9 -33.53 -81.23 94.33
CA THR BF 9 -32.57 -80.99 93.28
C THR BF 9 -31.16 -81.16 93.84
N SER BF 10 -30.35 -81.98 93.17
CA SER BF 10 -29.07 -82.38 93.72
C SER BF 10 -27.95 -82.07 92.75
N THR BF 11 -26.98 -81.28 93.20
CA THR BF 11 -25.72 -81.06 92.51
C THR BF 11 -24.64 -80.94 93.57
N ALA BF 12 -23.43 -81.41 93.23
CA ALA BF 12 -22.34 -81.35 94.20
C ALA BF 12 -22.03 -79.90 94.59
N ASN BF 13 -22.27 -78.96 93.68
CA ASN BF 13 -22.13 -77.55 94.02
C ASN BF 13 -23.28 -77.05 94.87
N LYS BF 14 -24.49 -77.55 94.65
CA LYS BF 14 -25.68 -77.04 95.33
C LYS BF 14 -26.71 -78.15 95.49
N ILE BF 15 -27.15 -78.36 96.73
CA ILE BF 15 -28.24 -79.28 97.04
C ILE BF 15 -29.31 -78.52 97.80
N VAL BF 16 -30.56 -78.68 97.38
CA VAL BF 16 -31.69 -78.01 97.99
C VAL BF 16 -32.64 -79.07 98.54
N TRP BF 17 -33.09 -78.87 99.77
CA TRP BF 17 -34.02 -79.77 100.44
C TRP BF 17 -35.43 -79.19 100.38
N SER BF 18 -36.42 -80.03 100.65
CA SER BF 18 -37.80 -79.58 100.65
C SER BF 18 -38.65 -80.52 101.50
N ASP BF 19 -39.76 -80.00 101.99
CA ASP BF 19 -40.69 -80.77 102.81
C ASP BF 19 -41.79 -81.33 101.92
N PRO BF 20 -41.99 -82.64 101.85
CA PRO BF 20 -43.04 -83.20 100.98
C PRO BF 20 -44.43 -82.70 101.32
N THR BF 21 -44.73 -82.42 102.58
CA THR BF 21 -46.05 -81.92 102.97
C THR BF 21 -46.22 -80.43 102.70
N ARG BF 22 -45.12 -79.69 102.51
CA ARG BF 22 -45.20 -78.26 102.21
C ARG BF 22 -43.98 -77.94 101.35
N LEU BF 23 -44.17 -77.92 100.03
CA LEU BF 23 -43.05 -77.74 99.12
C LEU BF 23 -42.50 -76.32 99.14
N SER BF 24 -43.20 -75.38 99.78
CA SER BF 24 -42.71 -74.01 99.84
C SER BF 24 -41.53 -73.85 100.80
N THR BF 25 -41.30 -74.83 101.67
CA THR BF 25 -40.20 -74.79 102.62
C THR BF 25 -38.97 -75.43 101.99
N THR BF 26 -37.88 -74.67 101.87
CA THR BF 26 -36.66 -75.14 101.22
C THR BF 26 -35.47 -74.83 102.11
N PHE BF 27 -34.41 -75.63 101.93
CA PHE BF 27 -33.14 -75.40 102.60
C PHE BF 27 -32.03 -75.64 101.58
N SER BF 28 -31.24 -74.61 101.31
CA SER BF 28 -30.24 -74.64 100.25
C SER BF 28 -28.84 -74.65 100.85
N ALA BF 29 -27.99 -75.51 100.30
CA ALA BF 29 -26.59 -75.59 100.69
C ALA BF 29 -25.74 -75.51 99.44
N SER BF 30 -24.87 -74.50 99.36
CA SER BF 30 -24.02 -74.27 98.21
C SER BF 30 -22.59 -74.04 98.68
N LEU BF 31 -21.65 -74.77 98.10
CA LEU BF 31 -20.24 -74.64 98.41
C LEU BF 31 -19.48 -74.20 97.17
N LEU BF 32 -18.64 -73.17 97.32
CA LEU BF 32 -17.76 -72.70 96.28
C LEU BF 32 -16.33 -72.79 96.78
N ARG BF 33 -15.48 -73.50 96.04
CA ARG BF 33 -14.12 -73.80 96.47
C ARG BF 33 -13.13 -73.13 95.52
N GLN BF 34 -12.14 -72.45 96.10
CA GLN BF 34 -11.12 -71.76 95.33
C GLN BF 34 -9.80 -71.85 96.08
N ARG BF 35 -8.70 -71.89 95.32
CA ARG BF 35 -7.35 -71.98 95.89
C ARG BF 35 -6.80 -70.57 96.04
N VAL BF 36 -7.24 -69.89 97.11
CA VAL BF 36 -6.73 -68.56 97.43
C VAL BF 36 -5.53 -68.71 98.35
N LYS BF 37 -4.33 -68.67 97.78
CA LYS BF 37 -3.14 -68.95 98.56
C LYS BF 37 -2.47 -67.65 99.02
N VAL BF 38 -2.15 -67.59 100.31
CA VAL BF 38 -1.38 -66.50 100.88
C VAL BF 38 0.09 -66.74 100.59
N GLY BF 39 0.93 -65.74 100.85
CA GLY BF 39 2.35 -65.84 100.56
C GLY BF 39 3.02 -67.06 101.15
N ILE BF 40 3.86 -67.73 100.34
CA ILE BF 40 4.64 -68.91 100.69
C ILE BF 40 3.81 -69.95 101.43
N ALA BF 41 2.51 -70.02 101.11
CA ALA BF 41 1.63 -71.01 101.71
C ALA BF 41 0.55 -71.39 100.71
N GLU BF 42 -0.04 -72.56 100.94
CA GLU BF 42 -1.13 -73.07 100.11
C GLU BF 42 -2.37 -73.25 100.98
N LEU BF 43 -3.49 -72.67 100.56
CA LEU BF 43 -4.71 -72.73 101.33
C LEU BF 43 -5.88 -73.03 100.40
N ASN BF 44 -6.75 -73.93 100.81
CA ASN BF 44 -7.98 -74.24 100.09
C ASN BF 44 -9.14 -73.54 100.77
N ASN BF 45 -9.71 -72.55 100.10
CA ASN BF 45 -10.76 -71.71 100.67
C ASN BF 45 -12.12 -72.21 100.22
N VAL BF 46 -13.05 -72.29 101.17
CA VAL BF 46 -14.41 -72.76 100.92
C VAL BF 46 -15.36 -71.68 101.39
N SER BF 47 -16.31 -71.29 100.54
CA SER BF 47 -17.35 -70.34 100.91
C SER BF 47 -18.68 -71.08 100.96
N GLY BF 48 -19.22 -71.26 102.16
CA GLY BF 48 -20.44 -72.00 102.34
C GLY BF 48 -21.65 -71.14 102.55
N GLN BF 49 -22.62 -71.21 101.63
CA GLN BF 49 -23.83 -70.42 101.69
C GLN BF 49 -25.00 -71.34 101.99
N TYR BF 50 -25.74 -71.03 103.05
CA TYR BF 50 -26.88 -71.83 103.48
C TYR BF 50 -28.11 -70.92 103.59
N VAL BF 51 -29.17 -71.27 102.86
CA VAL BF 51 -30.38 -70.47 102.79
C VAL BF 51 -31.56 -71.33 103.21
N SER BF 52 -32.33 -70.85 104.17
CA SER BF 52 -33.57 -71.49 104.59
C SER BF 52 -34.74 -70.54 104.34
N VAL BF 53 -35.76 -71.04 103.65
CA VAL BF 53 -36.89 -70.23 103.21
C VAL BF 53 -38.17 -70.87 103.70
N TYR BF 54 -39.03 -70.06 104.32
CA TYR BF 54 -40.35 -70.48 104.74
C TYR BF 54 -41.34 -69.39 104.38
N LYS BF 55 -42.51 -69.79 103.89
CA LYS BF 55 -43.59 -68.87 103.55
C LYS BF 55 -44.70 -69.05 104.59
N ARG BF 56 -44.84 -68.06 105.47
CA ARG BF 56 -45.71 -68.16 106.62
C ARG BF 56 -46.85 -67.17 106.50
N PRO BF 57 -48.10 -67.60 106.69
CA PRO BF 57 -49.23 -66.68 106.52
C PRO BF 57 -49.18 -65.51 107.49
N ALA BF 58 -49.68 -64.37 107.03
CA ALA BF 58 -49.72 -63.18 107.86
C ALA BF 58 -50.60 -63.43 109.08
N PRO BF 59 -50.28 -62.83 110.23
CA PRO BF 59 -51.01 -63.14 111.46
C PRO BF 59 -52.48 -62.77 111.39
N LYS BF 60 -53.32 -63.65 111.94
CA LYS BF 60 -54.75 -63.41 112.02
C LYS BF 60 -55.04 -62.34 113.06
N PRO BF 61 -56.15 -61.60 112.93
CA PRO BF 61 -56.51 -60.63 113.98
C PRO BF 61 -56.70 -61.29 115.33
N GLU BF 62 -56.29 -60.61 116.40
CA GLU BF 62 -56.25 -61.25 117.71
C GLU BF 62 -57.63 -61.69 118.18
N GLY BF 63 -58.64 -60.86 117.97
CA GLY BF 63 -59.98 -61.21 118.39
C GLY BF 63 -60.76 -61.93 117.32
N CYS BF 64 -60.24 -63.06 116.85
CA CYS BF 64 -60.88 -63.82 115.78
C CYS BF 64 -60.99 -65.28 116.18
N ALA BF 65 -62.16 -65.87 115.90
CA ALA BF 65 -62.39 -67.29 116.13
C ALA BF 65 -62.93 -68.00 114.90
N ASP BF 66 -62.87 -67.37 113.72
CA ASP BF 66 -63.40 -67.97 112.51
C ASP BF 66 -62.62 -69.24 112.15
N ALA BF 67 -63.34 -70.24 111.64
CA ALA BF 67 -62.76 -71.55 111.37
C ALA BF 67 -61.66 -71.47 110.32
N CYS BF 68 -61.94 -70.86 109.16
CA CYS BF 68 -60.99 -70.81 108.07
C CYS BF 68 -61.05 -69.47 107.35
N VAL BF 69 -60.05 -68.63 107.60
CA VAL BF 69 -59.81 -67.43 106.81
C VAL BF 69 -58.32 -67.38 106.51
N ILE BF 70 -57.95 -67.50 105.24
CA ILE BF 70 -56.56 -67.68 104.84
C ILE BF 70 -55.99 -66.33 104.40
N MET BF 71 -54.83 -65.99 104.93
CA MET BF 71 -54.13 -64.76 104.57
C MET BF 71 -52.96 -65.08 103.66
N PRO BF 72 -52.59 -64.18 102.75
CA PRO BF 72 -51.47 -64.46 101.84
C PRO BF 72 -50.15 -64.59 102.59
N ASN BF 73 -49.27 -65.39 102.02
CA ASN BF 73 -48.03 -65.76 102.67
C ASN BF 73 -46.99 -64.64 102.55
N GLU BF 74 -46.13 -64.54 103.56
CA GLU BF 74 -45.01 -63.62 103.56
C GLU BF 74 -43.72 -64.44 103.49
N ASN BF 75 -42.65 -63.83 103.01
CA ASN BF 75 -41.40 -64.55 102.81
C ASN BF 75 -40.50 -64.39 104.02
N GLN BF 76 -40.12 -65.51 104.62
CA GLN BF 76 -39.16 -65.54 105.72
C GLN BF 76 -37.89 -66.22 105.20
N SER BF 77 -36.78 -65.50 105.27
CA SER BF 77 -35.51 -65.99 104.73
C SER BF 77 -34.41 -65.82 105.77
N ILE BF 78 -33.60 -66.87 105.93
CA ILE BF 78 -32.41 -66.85 106.77
C ILE BF 78 -31.25 -67.34 105.93
N ARG BF 79 -30.21 -66.55 105.83
CA ARG BF 79 -29.08 -66.83 104.94
C ARG BF 79 -27.78 -66.67 105.71
N THR BF 80 -26.98 -67.73 105.74
CA THR BF 80 -25.68 -67.72 106.40
C THR BF 80 -24.58 -68.06 105.40
N VAL BF 81 -23.49 -67.30 105.46
CA VAL BF 81 -22.35 -67.50 104.59
C VAL BF 81 -21.11 -67.67 105.46
N ILE BF 82 -20.38 -68.76 105.26
CA ILE BF 82 -19.18 -69.07 106.02
C ILE BF 82 -18.02 -69.17 105.04
N SER BF 83 -16.97 -68.39 105.27
CA SER BF 83 -15.79 -68.36 104.41
C SER BF 83 -14.55 -68.61 105.27
N GLY BF 84 -13.73 -69.57 104.86
CA GLY BF 84 -12.52 -69.88 105.58
C GLY BF 84 -11.72 -71.00 104.96
N SER BF 85 -10.44 -71.11 105.34
CA SER BF 85 -9.60 -72.16 104.80
C SER BF 85 -9.96 -73.51 105.42
N ALA BF 86 -9.73 -74.57 104.65
CA ALA BF 86 -10.03 -75.91 105.15
C ALA BF 86 -9.11 -76.32 106.29
N GLU BF 87 -7.92 -75.69 106.36
CA GLU BF 87 -6.95 -76.07 107.38
C GLU BF 87 -7.40 -75.65 108.77
N ASN BF 88 -8.16 -74.56 108.86
CA ASN BF 88 -8.58 -73.98 110.13
C ASN BF 88 -10.02 -74.34 110.49
N LEU BF 89 -10.44 -75.58 110.19
CA LEU BF 89 -11.84 -75.94 110.35
C LEU BF 89 -12.28 -75.91 111.82
N ALA BF 90 -11.42 -76.37 112.73
CA ALA BF 90 -11.80 -76.44 114.14
C ALA BF 90 -12.04 -75.04 114.70
N THR BF 91 -11.13 -74.11 114.44
CA THR BF 91 -11.30 -72.77 114.95
C THR BF 91 -12.40 -72.02 114.19
N LEU BF 92 -12.65 -72.39 112.93
CA LEU BF 92 -13.81 -71.84 112.24
C LEU BF 92 -15.10 -72.30 112.90
N LYS BF 93 -15.14 -73.56 113.36
CA LYS BF 93 -16.29 -74.04 114.11
C LYS BF 93 -16.44 -73.29 115.43
N ALA BF 94 -15.32 -73.00 116.10
CA ALA BF 94 -15.38 -72.18 117.32
C ALA BF 94 -15.93 -70.80 117.02
N GLU BF 95 -15.48 -70.19 115.92
CA GLU BF 95 -16.02 -68.89 115.51
C GLU BF 95 -17.51 -69.00 115.22
N TRP BF 96 -17.94 -70.11 114.63
CA TRP BF 96 -19.36 -70.32 114.35
C TRP BF 96 -20.17 -70.41 115.64
N GLU BF 97 -19.63 -71.08 116.65
CA GLU BF 97 -20.31 -71.13 117.94
C GLU BF 97 -20.42 -69.75 118.56
N THR BF 98 -19.34 -68.97 118.50
CA THR BF 98 -19.38 -67.61 119.03
C THR BF 98 -20.39 -66.75 118.26
N HIS BF 99 -20.46 -66.93 116.95
CA HIS BF 99 -21.44 -66.21 116.15
C HIS BF 99 -22.86 -66.60 116.55
N LYS BF 100 -23.10 -67.89 116.78
CA LYS BF 100 -24.38 -68.33 117.32
C LYS BF 100 -24.71 -67.58 118.60
N ARG BF 101 -23.77 -67.54 119.54
CA ARG BF 101 -24.05 -66.93 120.83
C ARG BF 101 -24.37 -65.44 120.67
N ASN BF 102 -23.60 -64.74 119.84
CA ASN BF 102 -23.80 -63.31 119.67
C ASN BF 102 -25.13 -63.00 118.98
N VAL BF 103 -25.45 -63.74 117.91
CA VAL BF 103 -26.70 -63.50 117.21
C VAL BF 103 -27.88 -63.86 118.10
N ASP BF 104 -27.74 -64.91 118.92
CA ASP BF 104 -28.79 -65.24 119.87
C ASP BF 104 -28.98 -64.13 120.88
N THR BF 105 -27.89 -63.56 121.39
CA THR BF 105 -28.01 -62.46 122.35
C THR BF 105 -28.72 -61.26 121.74
N LEU BF 106 -28.40 -60.93 120.49
CA LEU BF 106 -29.02 -59.77 119.85
C LEU BF 106 -30.47 -60.02 119.43
N PHE BF 107 -30.78 -61.24 119.00
CA PHE BF 107 -32.05 -61.53 118.32
C PHE BF 107 -33.01 -62.32 119.19
N ALA BF 108 -32.58 -63.48 119.69
CA ALA BF 108 -33.48 -64.36 120.42
C ALA BF 108 -33.95 -63.73 121.72
N SER BF 109 -33.04 -63.09 122.45
CA SER BF 109 -33.37 -62.46 123.73
C SER BF 109 -33.47 -60.95 123.65
N GLY BF 110 -33.20 -60.35 122.48
CA GLY BF 110 -33.28 -58.92 122.31
C GLY BF 110 -34.47 -58.49 121.48
N ASN BF 111 -34.34 -57.30 120.88
CA ASN BF 111 -35.38 -56.73 120.04
C ASN BF 111 -34.87 -56.41 118.64
N ALA BF 112 -33.78 -57.06 118.22
CA ALA BF 112 -33.28 -56.85 116.85
C ALA BF 112 -34.30 -57.32 115.82
N GLY BF 113 -35.10 -58.33 116.15
CA GLY BF 113 -36.17 -58.74 115.26
C GLY BF 113 -37.23 -57.68 115.05
N LEU BF 114 -37.57 -56.94 116.09
CA LEU BF 114 -38.52 -55.83 115.99
C LEU BF 114 -37.88 -54.57 115.42
N GLY BF 115 -36.57 -54.45 115.47
CA GLY BF 115 -35.89 -53.31 114.90
C GLY BF 115 -35.15 -52.43 115.88
N PHE BF 116 -34.82 -52.94 117.07
CA PHE BF 116 -34.14 -52.18 118.10
C PHE BF 116 -32.74 -52.74 118.30
N LEU BF 117 -31.74 -51.87 118.30
CA LEU BF 117 -30.36 -52.25 118.60
C LEU BF 117 -29.99 -51.74 119.99
N ASP BF 118 -29.43 -52.63 120.80
CA ASP BF 118 -29.02 -52.28 122.15
C ASP BF 118 -27.50 -52.22 122.20
N PRO BF 119 -26.89 -51.04 122.37
CA PRO BF 119 -25.43 -50.98 122.47
C PRO BF 119 -24.88 -51.54 123.77
N THR BF 120 -25.74 -51.93 124.71
CA THR BF 120 -25.32 -52.50 125.97
C THR BF 120 -25.35 -54.03 125.98
N ALA BF 121 -25.55 -54.66 124.82
CA ALA BF 121 -25.64 -56.11 124.75
C ALA BF 121 -24.31 -56.75 125.14
N ALA BF 122 -24.38 -57.92 125.76
CA ALA BF 122 -23.20 -58.64 126.22
C ALA BF 122 -22.68 -59.51 125.09
N ILE BF 123 -21.89 -58.89 124.22
CA ILE BF 123 -21.28 -59.59 123.09
C ILE BF 123 -19.87 -60.03 123.50
N VAL BF 124 -19.55 -61.29 123.22
CA VAL BF 124 -18.28 -61.88 123.65
C VAL BF 124 -17.54 -62.41 122.44
N SER BF 125 -16.23 -62.57 122.60
CA SER BF 125 -15.38 -63.07 121.52
C SER BF 125 -15.13 -64.57 121.69
N SER BF 126 -14.52 -65.17 120.67
CA SER BF 126 -14.26 -66.60 120.69
C SER BF 126 -13.11 -66.96 121.62
N ASP BF 127 -12.11 -66.10 121.75
CA ASP BF 127 -10.97 -66.40 122.61
C ASP BF 127 -11.40 -66.43 124.08
N THR BF 128 -10.71 -67.27 124.85
CA THR BF 128 -10.99 -67.44 126.26
C THR BF 128 -9.86 -66.86 127.10
N THR BF 129 -10.20 -66.48 128.33
CA THR BF 129 -9.23 -65.91 129.25
C THR BF 129 -8.36 -66.99 129.88
N ALA CF 1 -7.17 -100.58 106.42
CA ALA CF 1 -8.20 -99.55 106.59
C ALA CF 1 -7.84 -98.30 105.80
N ASN CF 2 -8.06 -98.35 104.49
CA ASN CF 2 -7.75 -97.22 103.64
C ASN CF 2 -8.76 -96.09 103.84
N LYS CF 3 -8.32 -94.87 103.62
CA LYS CF 3 -9.18 -93.71 103.86
C LYS CF 3 -10.19 -93.57 102.71
N PRO CF 4 -11.49 -93.57 102.99
CA PRO CF 4 -12.48 -93.38 101.93
C PRO CF 4 -12.53 -91.94 101.47
N MET CF 5 -13.15 -91.72 100.31
CA MET CF 5 -13.37 -90.40 99.76
C MET CF 5 -14.86 -90.12 99.60
N GLN CF 6 -15.20 -88.85 99.53
CA GLN CF 6 -16.53 -88.37 99.23
C GLN CF 6 -16.52 -87.59 97.92
N PRO CF 7 -17.63 -87.57 97.18
CA PRO CF 7 -17.64 -86.89 95.88
C PRO CF 7 -17.70 -85.38 96.00
N ILE CF 8 -16.74 -84.69 95.38
CA ILE CF 8 -16.76 -83.22 95.37
C ILE CF 8 -17.46 -82.66 94.15
N THR CF 9 -17.51 -83.41 93.04
CA THR CF 9 -18.19 -82.96 91.84
C THR CF 9 -18.96 -84.14 91.26
N SER CF 10 -20.28 -84.04 91.27
CA SER CF 10 -21.15 -85.11 90.80
C SER CF 10 -21.90 -84.65 89.57
N THR CF 11 -21.82 -85.43 88.50
CA THR CF 11 -22.48 -85.13 87.24
C THR CF 11 -22.85 -86.45 86.58
N ALA CF 12 -23.82 -86.40 85.66
CA ALA CF 12 -24.24 -87.61 84.95
C ALA CF 12 -23.13 -88.20 84.11
N ASN CF 13 -22.09 -87.41 83.82
CA ASN CF 13 -20.98 -87.86 82.98
C ASN CF 13 -19.63 -87.87 83.68
N LYS CF 14 -19.53 -87.32 84.89
CA LYS CF 14 -18.24 -87.22 85.56
C LYS CF 14 -18.46 -87.09 87.06
N ILE CF 15 -17.78 -87.92 87.84
CA ILE CF 15 -17.81 -87.84 89.30
C ILE CF 15 -16.37 -87.77 89.79
N VAL CF 16 -16.10 -86.84 90.71
CA VAL CF 16 -14.76 -86.61 91.24
C VAL CF 16 -14.80 -86.83 92.75
N TRP CF 17 -13.91 -87.69 93.23
CA TRP CF 17 -13.77 -87.94 94.66
C TRP CF 17 -12.57 -87.18 95.21
N SER CF 18 -12.54 -87.00 96.54
CA SER CF 18 -11.44 -86.31 97.19
C SER CF 18 -11.40 -86.69 98.65
N ASP CF 19 -10.19 -86.88 99.18
CA ASP CF 19 -10.02 -87.29 100.56
C ASP CF 19 -10.19 -86.09 101.49
N PRO CF 20 -11.01 -86.22 102.54
CA PRO CF 20 -11.14 -85.11 103.51
C PRO CF 20 -9.83 -84.71 104.15
N THR CF 21 -8.94 -85.67 104.44
CA THR CF 21 -7.68 -85.33 105.08
C THR CF 21 -6.75 -84.58 104.14
N ARG CF 22 -6.58 -85.08 102.92
CA ARG CF 22 -5.77 -84.41 101.90
C ARG CF 22 -6.66 -84.13 100.70
N LEU CF 23 -6.93 -82.84 100.46
CA LEU CF 23 -7.81 -82.47 99.36
C LEU CF 23 -7.08 -82.55 98.02
N SER CF 24 -5.76 -82.67 98.05
CA SER CF 24 -4.97 -82.67 96.83
C SER CF 24 -5.17 -83.94 96.02
N THR CF 25 -5.35 -85.06 96.71
CA THR CF 25 -5.53 -86.34 96.01
C THR CF 25 -6.99 -86.49 95.59
N THR CF 26 -7.20 -86.84 94.32
CA THR CF 26 -8.53 -87.00 93.77
C THR CF 26 -8.59 -88.19 92.84
N PHE CF 27 -9.79 -88.74 92.67
CA PHE CF 27 -10.05 -89.84 91.76
C PHE CF 27 -11.33 -89.54 91.01
N SER CF 28 -11.23 -89.36 89.70
CA SER CF 28 -12.38 -88.98 88.89
C SER CF 28 -12.61 -89.99 87.77
N ALA CF 29 -13.88 -90.25 87.50
CA ALA CF 29 -14.29 -91.19 86.46
C ALA CF 29 -15.22 -90.46 85.50
N SER CF 30 -14.95 -90.60 84.21
CA SER CF 30 -15.77 -89.97 83.17
C SER CF 30 -16.16 -91.03 82.15
N LEU CF 31 -17.44 -91.07 81.79
CA LEU CF 31 -17.95 -92.03 80.83
C LEU CF 31 -18.49 -91.29 79.61
N LEU CF 32 -18.04 -91.72 78.43
CA LEU CF 32 -18.55 -91.22 77.16
C LEU CF 32 -19.23 -92.37 76.43
N ARG CF 33 -20.52 -92.22 76.15
CA ARG CF 33 -21.32 -93.28 75.56
C ARG CF 33 -21.83 -92.85 74.19
N GLN CF 34 -21.59 -93.69 73.19
CA GLN CF 34 -21.94 -93.38 71.81
C GLN CF 34 -22.44 -94.64 71.12
N ARG CF 35 -23.23 -94.44 70.08
CA ARG CF 35 -23.67 -95.54 69.23
C ARG CF 35 -22.68 -95.73 68.09
N VAL CF 36 -22.22 -96.96 67.89
CA VAL CF 36 -21.24 -97.29 66.88
C VAL CF 36 -21.93 -98.07 65.76
N LYS CF 37 -21.76 -97.61 64.53
CA LYS CF 37 -22.35 -98.24 63.36
C LYS CF 37 -21.41 -99.31 62.84
N VAL CF 38 -21.81 -100.58 62.97
CA VAL CF 38 -21.07 -101.71 62.46
C VAL CF 38 -21.99 -102.44 61.48
N GLY CF 39 -21.38 -103.08 60.49
CA GLY CF 39 -22.13 -103.77 59.46
C GLY CF 39 -23.21 -104.69 60.01
N ILE CF 40 -24.43 -104.51 59.51
CA ILE CF 40 -25.64 -105.23 59.93
C ILE CF 40 -25.70 -105.41 61.44
N ALA CF 41 -25.34 -104.36 62.18
CA ALA CF 41 -25.38 -104.40 63.64
C ALA CF 41 -25.54 -102.99 64.18
N GLU CF 42 -26.23 -102.87 65.31
CA GLU CF 42 -26.43 -101.59 65.98
C GLU CF 42 -26.06 -101.78 67.46
N LEU CF 43 -24.79 -101.60 67.77
CA LEU CF 43 -24.27 -101.76 69.12
C LEU CF 43 -23.55 -100.50 69.54
N ASN CF 44 -23.68 -100.17 70.83
CA ASN CF 44 -23.25 -98.88 71.38
C ASN CF 44 -22.07 -99.07 72.31
N ASN CF 45 -21.01 -98.28 72.08
CA ASN CF 45 -19.80 -98.39 72.86
C ASN CF 45 -19.86 -97.47 74.09
N VAL CF 46 -19.14 -97.86 75.14
CA VAL CF 46 -19.00 -97.06 76.34
C VAL CF 46 -17.51 -96.90 76.61
N SER CF 47 -17.05 -95.66 76.73
CA SER CF 47 -15.64 -95.35 76.99
C SER CF 47 -15.52 -94.76 78.38
N GLY CF 48 -14.66 -95.35 79.20
CA GLY CF 48 -14.47 -94.87 80.56
C GLY CF 48 -13.06 -94.39 80.84
N GLN CF 49 -12.93 -93.18 81.36
CA GLN CF 49 -11.64 -92.58 81.66
C GLN CF 49 -11.52 -92.42 83.17
N TYR CF 50 -10.57 -93.14 83.77
CA TYR CF 50 -10.32 -93.09 85.20
C TYR CF 50 -8.92 -92.56 85.43
N VAL CF 51 -8.81 -91.51 86.25
CA VAL CF 51 -7.53 -90.91 86.57
C VAL CF 51 -7.39 -90.87 88.09
N SER CF 52 -6.17 -91.12 88.58
CA SER CF 52 -5.84 -91.01 89.98
C SER CF 52 -4.60 -90.14 90.13
N VAL CF 53 -4.68 -89.13 91.00
CA VAL CF 53 -3.57 -88.22 91.22
C VAL CF 53 -3.25 -88.17 92.71
N TYR CF 54 -1.97 -88.24 93.04
CA TYR CF 54 -1.48 -88.07 94.40
C TYR CF 54 -0.27 -87.16 94.34
N LYS CF 55 -0.29 -86.12 95.17
CA LYS CF 55 0.76 -85.09 95.13
C LYS CF 55 1.79 -85.39 96.21
N ARG CF 56 2.55 -86.46 95.95
CA ARG CF 56 3.53 -86.95 96.91
C ARG CF 56 4.66 -85.94 97.08
N PRO CF 57 5.11 -85.71 98.32
CA PRO CF 57 6.26 -84.82 98.52
C PRO CF 57 7.53 -85.37 97.90
N ALA CF 58 8.39 -84.45 97.49
CA ALA CF 58 9.69 -84.82 96.95
C ALA CF 58 10.51 -85.53 98.04
N PRO CF 59 11.45 -86.40 97.68
CA PRO CF 59 12.08 -87.21 98.72
C PRO CF 59 13.08 -86.40 99.55
N LYS CF 60 12.94 -86.54 100.86
CA LYS CF 60 13.70 -85.73 101.80
C LYS CF 60 15.19 -86.03 101.67
N PRO CF 61 16.05 -85.00 101.79
CA PRO CF 61 17.49 -85.26 101.75
C PRO CF 61 17.95 -86.15 102.89
N GLU CF 62 19.07 -86.84 102.70
CA GLU CF 62 19.52 -87.90 103.58
C GLU CF 62 20.21 -87.30 104.81
N GLY CF 63 19.89 -87.85 105.98
CA GLY CF 63 20.59 -87.54 107.20
C GLY CF 63 20.21 -86.25 107.89
N CYS CF 64 19.15 -85.58 107.44
CA CYS CF 64 18.73 -84.31 108.04
C CYS CF 64 17.28 -84.42 108.48
N ALA CF 65 17.05 -84.38 109.79
CA ALA CF 65 15.71 -84.30 110.35
C ALA CF 65 15.35 -82.83 110.50
N ASP CF 66 14.91 -82.21 109.41
CA ASP CF 66 14.60 -80.80 109.41
C ASP CF 66 13.42 -80.52 110.35
N ALA CF 67 13.34 -79.26 110.79
CA ALA CF 67 12.31 -78.87 111.74
C ALA CF 67 10.92 -79.06 111.15
N CYS CF 68 10.70 -78.57 109.93
CA CYS CF 68 9.41 -78.68 109.27
C CYS CF 68 9.59 -79.09 107.82
N VAL CF 69 8.59 -79.78 107.28
CA VAL CF 69 8.65 -80.22 105.90
C VAL CF 69 8.45 -79.04 104.96
N ILE CF 70 9.39 -78.86 104.04
CA ILE CF 70 9.35 -77.75 103.09
C ILE CF 70 9.59 -78.31 101.69
N MET CF 71 9.41 -79.62 101.54
CA MET CF 71 9.72 -80.26 100.28
C MET CF 71 8.72 -79.82 99.21
N PRO CF 72 9.18 -79.44 98.02
CA PRO CF 72 8.25 -79.05 96.96
C PRO CF 72 7.65 -80.25 96.25
N ASN CF 73 6.54 -80.76 96.79
CA ASN CF 73 5.89 -81.98 96.32
C ASN CF 73 5.73 -82.09 94.81
N GLU CF 74 5.65 -83.33 94.32
CA GLU CF 74 5.58 -83.62 92.89
C GLU CF 74 4.21 -84.20 92.55
N ASN CF 75 4.04 -84.55 91.27
CA ASN CF 75 2.75 -85.04 90.78
C ASN CF 75 2.91 -86.49 90.36
N GLN CF 76 2.06 -87.35 90.90
CA GLN CF 76 1.98 -88.75 90.47
C GLN CF 76 0.58 -88.98 89.92
N SER CF 77 0.50 -89.53 88.70
CA SER CF 77 -0.77 -89.71 88.02
C SER CF 77 -0.84 -91.09 87.39
N ILE CF 78 -2.04 -91.69 87.44
CA ILE CF 78 -2.33 -92.93 86.76
C ILE CF 78 -3.64 -92.74 86.00
N ARG CF 79 -3.61 -92.94 84.69
CA ARG CF 79 -4.75 -92.71 83.81
C ARG CF 79 -5.07 -93.99 83.05
N THR CF 80 -6.32 -94.43 83.13
CA THR CF 80 -6.76 -95.66 82.49
C THR CF 80 -8.00 -95.38 81.66
N VAL CF 81 -8.01 -95.88 80.43
CA VAL CF 81 -9.13 -95.74 79.50
C VAL CF 81 -9.59 -97.13 79.11
N ILE CF 82 -10.88 -97.41 79.31
CA ILE CF 82 -11.49 -98.67 78.94
C ILE CF 82 -12.57 -98.40 77.91
N SER CF 83 -12.45 -99.00 76.74
CA SER CF 83 -13.38 -98.79 75.63
C SER CF 83 -13.83 -100.13 75.09
N GLY CF 84 -15.12 -100.28 74.87
CA GLY CF 84 -15.65 -101.50 74.31
C GLY CF 84 -17.16 -101.49 74.34
N SER CF 85 -17.74 -102.42 73.59
CA SER CF 85 -19.19 -102.51 73.49
C SER CF 85 -19.78 -103.02 74.80
N ALA CF 86 -20.96 -102.51 75.15
CA ALA CF 86 -21.63 -102.97 76.36
C ALA CF 86 -22.16 -104.38 76.19
N GLU CF 87 -22.32 -104.84 74.95
CA GLU CF 87 -22.82 -106.20 74.71
C GLU CF 87 -21.79 -107.24 75.13
N ASN CF 88 -20.50 -106.90 75.03
CA ASN CF 88 -19.41 -107.81 75.35
C ASN CF 88 -18.76 -107.49 76.69
N LEU CF 89 -19.58 -107.19 77.71
CA LEU CF 89 -19.06 -106.73 78.99
C LEU CF 89 -18.21 -107.81 79.67
N ALA CF 90 -18.63 -109.07 79.60
CA ALA CF 90 -17.87 -110.13 80.23
C ALA CF 90 -16.49 -110.27 79.60
N THR CF 91 -16.44 -110.21 78.27
CA THR CF 91 -15.17 -110.22 77.56
C THR CF 91 -14.31 -109.02 77.92
N LEU CF 92 -14.91 -107.83 78.03
CA LEU CF 92 -14.14 -106.66 78.40
C LEU CF 92 -13.57 -106.79 79.81
N LYS CF 93 -14.34 -107.39 80.71
CA LYS CF 93 -13.83 -107.63 82.07
C LYS CF 93 -12.67 -108.62 82.05
N ALA CF 94 -12.78 -109.67 81.25
CA ALA CF 94 -11.65 -110.61 81.12
C ALA CF 94 -10.42 -109.91 80.55
N GLU CF 95 -10.63 -109.05 79.55
CA GLU CF 95 -9.53 -108.27 78.99
C GLU CF 95 -8.92 -107.35 80.06
N TRP CF 96 -9.75 -106.76 80.91
CA TRP CF 96 -9.23 -105.91 81.97
C TRP CF 96 -8.38 -106.70 82.95
N GLU CF 97 -8.82 -107.91 83.30
CA GLU CF 97 -8.03 -108.74 84.19
C GLU CF 97 -6.69 -109.10 83.56
N THR CF 98 -6.70 -109.50 82.29
CA THR CF 98 -5.46 -109.83 81.60
C THR CF 98 -4.54 -108.63 81.50
N HIS CF 99 -5.10 -107.45 81.22
CA HIS CF 99 -4.29 -106.24 81.14
C HIS CF 99 -3.67 -105.90 82.49
N LYS CF 100 -4.45 -106.05 83.56
CA LYS CF 100 -3.91 -105.82 84.90
C LYS CF 100 -2.74 -106.77 85.18
N ARG CF 101 -2.90 -108.04 84.82
CA ARG CF 101 -1.83 -109.01 85.06
C ARG CF 101 -0.58 -108.66 84.26
N ASN CF 102 -0.75 -108.27 83.00
CA ASN CF 102 0.41 -107.91 82.18
C ASN CF 102 1.11 -106.67 82.71
N VAL CF 103 0.34 -105.65 83.10
CA VAL CF 103 0.95 -104.44 83.64
C VAL CF 103 1.64 -104.72 84.96
N ASP CF 104 1.08 -105.62 85.77
CA ASP CF 104 1.75 -106.01 87.01
C ASP CF 104 3.06 -106.74 86.71
N THR CF 105 3.06 -107.59 85.69
CA THR CF 105 4.29 -108.30 85.32
C THR CF 105 5.38 -107.33 84.86
N LEU CF 106 5.00 -106.35 84.04
CA LEU CF 106 6.00 -105.41 83.52
C LEU CF 106 6.45 -104.40 84.57
N PHE CF 107 5.53 -103.98 85.44
CA PHE CF 107 5.74 -102.83 86.31
C PHE CF 107 5.79 -103.19 87.80
N ALA CF 108 4.77 -103.89 88.30
CA ALA CF 108 4.70 -104.16 89.73
C ALA CF 108 5.84 -105.06 90.18
N SER CF 109 6.16 -106.09 89.39
CA SER CF 109 7.25 -107.00 89.70
C SER CF 109 8.45 -106.80 88.81
N GLY CF 110 8.40 -105.88 87.86
CA GLY CF 110 9.50 -105.60 86.97
C GLY CF 110 10.17 -104.27 87.27
N ASN CF 111 10.96 -103.81 86.32
CA ASN CF 111 11.68 -102.55 86.48
C ASN CF 111 11.26 -101.54 85.43
N ALA CF 112 9.98 -101.57 85.03
CA ALA CF 112 9.48 -100.59 84.07
C ALA CF 112 9.44 -99.19 84.68
N GLY CF 113 9.28 -99.11 85.99
CA GLY CF 113 9.21 -97.81 86.64
C GLY CF 113 10.49 -97.01 86.50
N LEU CF 114 11.64 -97.68 86.55
CA LEU CF 114 12.91 -96.97 86.40
C LEU CF 114 13.26 -96.74 84.95
N GLY CF 115 12.57 -97.40 84.02
CA GLY CF 115 12.77 -97.17 82.61
C GLY CF 115 13.21 -98.37 81.80
N PHE CF 116 13.15 -99.57 82.36
CA PHE CF 116 13.61 -100.75 81.63
C PHE CF 116 12.43 -101.54 81.09
N LEU CF 117 12.47 -101.80 79.78
CA LEU CF 117 11.45 -102.62 79.10
C LEU CF 117 12.08 -103.99 78.84
N ASP CF 118 11.79 -104.94 79.71
CA ASP CF 118 12.35 -106.27 79.58
C ASP CF 118 11.67 -107.01 78.43
N PRO CF 119 12.41 -107.46 77.41
CA PRO CF 119 11.77 -108.18 76.31
C PRO CF 119 11.59 -109.66 76.56
N THR CF 120 12.00 -110.18 77.71
CA THR CF 120 11.80 -111.58 78.04
C THR CF 120 10.67 -111.80 79.05
N ALA CF 121 9.85 -110.78 79.30
CA ALA CF 121 8.79 -110.90 80.30
C ALA CF 121 7.71 -111.86 79.82
N ALA CF 122 6.99 -112.45 80.77
CA ALA CF 122 5.95 -113.42 80.48
C ALA CF 122 4.62 -112.70 80.32
N ILE CF 123 4.30 -112.30 79.11
CA ILE CF 123 3.03 -111.66 78.80
C ILE CF 123 2.05 -112.71 78.32
N VAL CF 124 0.85 -112.69 78.88
CA VAL CF 124 -0.17 -113.70 78.58
C VAL CF 124 -1.43 -113.00 78.12
N SER CF 125 -2.21 -113.69 77.28
CA SER CF 125 -3.39 -113.12 76.68
C SER CF 125 -4.66 -113.54 77.41
N SER CF 126 -5.78 -112.95 77.01
CA SER CF 126 -7.06 -113.27 77.63
C SER CF 126 -7.57 -114.64 77.20
N ASP CF 127 -7.19 -115.11 76.02
CA ASP CF 127 -7.62 -116.42 75.57
C ASP CF 127 -6.90 -117.52 76.36
N THR CF 128 -7.63 -118.58 76.65
CA THR CF 128 -7.12 -119.70 77.41
C THR CF 128 -7.12 -120.97 76.58
N THR CF 129 -6.21 -121.87 76.90
CA THR CF 129 -6.09 -123.13 76.19
C THR CF 129 -7.00 -124.19 76.81
N ALA DF 1 -9.46 102.86 105.68
CA ALA DF 1 -9.61 103.48 104.36
C ALA DF 1 -9.24 102.50 103.25
N ASN DF 2 -10.26 101.82 102.72
CA ASN DF 2 -10.02 100.87 101.65
C ASN DF 2 -9.71 101.58 100.34
N LYS DF 3 -8.83 100.99 99.55
CA LYS DF 3 -8.42 101.61 98.30
C LYS DF 3 -9.52 101.46 97.26
N PRO DF 4 -10.02 102.56 96.69
CA PRO DF 4 -11.04 102.45 95.64
C PRO DF 4 -10.47 101.77 94.40
N MET DF 5 -11.34 101.06 93.69
CA MET DF 5 -10.98 100.39 92.46
C MET DF 5 -11.79 100.98 91.32
N GLN DF 6 -11.15 101.17 90.16
CA GLN DF 6 -11.82 101.74 89.00
C GLN DF 6 -11.96 100.70 87.92
N PRO DF 7 -13.02 100.75 87.11
CA PRO DF 7 -13.30 99.67 86.18
C PRO DF 7 -12.29 99.60 85.05
N ILE DF 8 -12.14 98.40 84.48
CA ILE DF 8 -11.32 98.21 83.29
C ILE DF 8 -12.14 97.79 82.09
N THR DF 9 -13.28 97.14 82.28
CA THR DF 9 -14.19 96.78 81.19
C THR DF 9 -15.61 97.07 81.64
N SER DF 10 -16.33 97.83 80.82
CA SER DF 10 -17.69 98.23 81.16
C SER DF 10 -18.65 97.80 80.07
N THR DF 11 -19.73 97.16 80.48
CA THR DF 11 -20.78 96.69 79.58
C THR DF 11 -22.06 96.56 80.38
N ALA DF 12 -23.20 96.72 79.69
CA ALA DF 12 -24.49 96.64 80.38
C ALA DF 12 -24.72 95.27 80.99
N ASN DF 13 -24.00 94.25 80.51
CA ASN DF 13 -24.15 92.90 81.01
C ASN DF 13 -23.02 92.45 81.91
N LYS DF 14 -21.91 93.19 81.97
CA LYS DF 14 -20.75 92.80 82.77
C LYS DF 14 -19.86 94.01 83.00
N ILE DF 15 -19.44 94.20 84.24
CA ILE DF 15 -18.48 95.23 84.61
C ILE DF 15 -17.37 94.58 85.44
N VAL DF 16 -16.13 94.88 85.10
CA VAL DF 16 -14.96 94.33 85.79
C VAL DF 16 -14.21 95.47 86.44
N TRP DF 17 -13.95 95.34 87.74
CA TRP DF 17 -13.21 96.33 88.51
C TRP DF 17 -11.83 95.77 88.84
N SER DF 18 -10.82 96.64 88.86
CA SER DF 18 -9.46 96.24 89.17
C SER DF 18 -8.76 97.32 89.97
N ASP DF 19 -7.92 96.90 90.91
CA ASP DF 19 -7.15 97.84 91.70
C ASP DF 19 -6.02 98.42 90.85
N PRO DF 20 -5.89 99.75 90.79
CA PRO DF 20 -4.84 100.33 89.92
C PRO DF 20 -3.43 99.93 90.34
N THR DF 21 -3.19 99.73 91.63
CA THR DF 21 -1.88 99.29 92.09
C THR DF 21 -1.62 97.81 91.84
N ARG DF 22 -2.66 96.97 91.91
CA ARG DF 22 -2.51 95.54 91.64
C ARG DF 22 -3.66 95.08 90.75
N LEU DF 23 -3.42 94.99 89.44
CA LEU DF 23 -4.48 94.63 88.50
C LEU DF 23 -4.92 93.18 88.68
N SER DF 24 -4.11 92.38 89.37
CA SER DF 24 -4.51 91.01 89.66
C SER DF 24 -5.74 90.93 90.56
N THR DF 25 -6.00 91.97 91.36
CA THR DF 25 -7.20 92.01 92.18
C THR DF 25 -8.37 92.46 91.31
N THR DF 26 -9.31 91.54 91.07
CA THR DF 26 -10.42 91.80 90.17
C THR DF 26 -11.74 91.55 90.88
N PHE DF 27 -12.77 92.28 90.47
CA PHE DF 27 -14.13 92.11 90.96
C PHE DF 27 -15.08 92.25 89.78
N SER DF 28 -15.82 91.19 89.48
CA SER DF 28 -16.69 91.14 88.32
C SER DF 28 -18.13 90.91 88.74
N ALA DF 29 -19.04 91.63 88.09
CA ALA DF 29 -20.47 91.49 88.31
C ALA DF 29 -21.15 91.33 86.96
N SER DF 30 -21.80 90.19 86.75
CA SER DF 30 -22.45 89.87 85.48
C SER DF 30 -23.91 89.55 85.75
N LEU DF 31 -24.80 90.15 84.98
CA LEU DF 31 -26.24 89.95 85.12
C LEU DF 31 -26.79 89.19 83.93
N LEU DF 32 -27.54 88.13 84.21
CA LEU DF 32 -28.25 87.36 83.20
C LEU DF 32 -29.74 87.39 83.54
N ARG DF 33 -30.56 87.82 82.58
CA ARG DF 33 -31.96 88.10 82.83
C ARG DF 33 -32.83 87.30 81.88
N GLN DF 34 -33.83 86.61 82.43
CA GLN DF 34 -34.81 85.87 81.65
C GLN DF 34 -36.18 86.08 82.24
N ARG DF 35 -37.21 85.78 81.45
CA ARG DF 35 -38.60 85.84 81.90
C ARG DF 35 -39.11 84.42 82.12
N VAL DF 36 -39.72 84.17 83.28
CA VAL DF 36 -40.14 82.84 83.69
C VAL DF 36 -41.64 82.86 83.95
N LYS DF 37 -42.35 81.89 83.39
CA LYS DF 37 -43.80 81.79 83.53
C LYS DF 37 -44.10 80.83 84.69
N VAL DF 38 -44.13 81.38 85.90
CA VAL DF 38 -44.36 80.57 87.09
C VAL DF 38 -45.86 80.39 87.33
N GLY DF 39 -46.57 81.48 87.54
CA GLY DF 39 -47.96 81.44 87.95
C GLY DF 39 -48.90 82.06 86.93
N ILE DF 40 -48.69 81.71 85.66
CA ILE DF 40 -49.34 82.26 84.46
C ILE DF 40 -49.14 83.76 84.43
N ALA DF 41 -48.15 84.23 85.20
CA ALA DF 41 -47.68 85.61 85.15
C ALA DF 41 -46.18 85.59 84.89
N GLU DF 42 -45.74 86.37 83.91
CA GLU DF 42 -44.34 86.31 83.45
C GLU DF 42 -43.48 87.17 84.37
N LEU DF 43 -42.97 86.53 85.42
CA LEU DF 43 -42.03 87.19 86.31
C LEU DF 43 -40.67 87.35 85.63
N ASN DF 44 -39.98 88.44 85.95
CA ASN DF 44 -38.68 88.72 85.35
C ASN DF 44 -37.57 88.30 86.32
N ASN DF 45 -36.98 87.15 86.00
CA ASN DF 45 -35.92 86.60 86.84
C ASN DF 45 -34.60 87.31 86.55
N VAL DF 46 -33.83 87.54 87.61
CA VAL DF 46 -32.51 88.17 87.52
C VAL DF 46 -31.52 87.27 88.24
N SER DF 47 -30.44 86.91 87.56
CA SER DF 47 -29.40 86.04 88.11
C SER DF 47 -28.07 86.78 88.03
N GLY DF 48 -27.66 87.38 89.15
CA GLY DF 48 -26.42 88.13 89.21
C GLY DF 48 -25.29 87.28 89.76
N GLN DF 49 -24.18 87.27 89.03
CA GLN DF 49 -22.98 86.53 89.44
C GLN DF 49 -21.89 87.53 89.81
N TYR DF 50 -21.44 87.47 91.06
CA TYR DF 50 -20.41 88.36 91.56
C TYR DF 50 -19.20 87.53 91.93
N VAL DF 51 -18.04 87.88 91.35
CA VAL DF 51 -16.80 87.14 91.56
C VAL DF 51 -15.73 88.10 92.01
N SER DF 52 -15.06 87.78 93.12
CA SER DF 52 -13.93 88.53 93.61
C SER DF 52 -12.71 87.63 93.68
N VAL DF 53 -11.62 88.06 93.04
CA VAL DF 53 -10.41 87.26 92.91
C VAL DF 53 -9.24 88.05 93.44
N TYR DF 54 -8.43 87.42 94.29
CA TYR DF 54 -7.20 88.01 94.80
C TYR DF 54 -6.08 87.00 94.66
N LYS DF 55 -5.06 87.36 93.88
CA LYS DF 55 -3.87 86.53 93.70
C LYS DF 55 -2.91 86.83 94.84
N ARG DF 56 -2.86 85.93 95.82
CA ARG DF 56 -2.12 86.16 97.06
C ARG DF 56 -0.85 85.31 97.07
N PRO DF 57 0.31 85.89 97.30
CA PRO DF 57 1.54 85.10 97.35
C PRO DF 57 1.78 84.52 98.73
N ALA DF 58 1.77 83.20 98.81
CA ALA DF 58 1.88 82.50 100.10
C ALA DF 58 2.93 81.40 100.03
N PRO DF 59 4.21 81.76 99.86
CA PRO DF 59 5.27 80.79 100.21
C PRO DF 59 5.24 80.45 101.68
N LYS DF 60 4.81 81.41 102.51
CA LYS DF 60 4.64 81.29 103.95
C LYS DF 60 5.90 80.78 104.64
N PRO DF 61 7.01 81.51 104.58
CA PRO DF 61 8.20 81.11 105.34
C PRO DF 61 8.09 81.61 106.77
N GLU DF 62 8.09 80.68 107.71
CA GLU DF 62 7.87 81.01 109.10
C GLU DF 62 9.11 81.64 109.72
N GLY DF 63 9.07 82.96 109.87
CA GLY DF 63 10.13 83.71 110.53
C GLY DF 63 11.34 84.11 109.72
N CYS DF 64 11.35 83.79 108.43
CA CYS DF 64 12.50 84.13 107.62
C CYS DF 64 12.05 84.90 106.39
N ALA DF 65 12.56 86.13 106.26
CA ALA DF 65 12.34 86.99 105.11
C ALA DF 65 13.48 87.98 105.02
N ASP DF 66 14.27 87.87 103.96
CA ASP DF 66 15.53 88.61 103.94
C ASP DF 66 15.68 89.55 102.75
N ALA DF 67 15.29 89.12 101.55
CA ALA DF 67 15.57 89.90 100.35
C ALA DF 67 14.41 89.74 99.38
N CYS DF 68 14.62 90.22 98.15
CA CYS DF 68 13.60 90.16 97.11
C CYS DF 68 13.59 88.76 96.49
N VAL DF 69 12.73 87.90 97.01
CA VAL DF 69 12.57 86.54 96.51
C VAL DF 69 11.31 86.52 95.65
N ILE DF 70 11.34 85.75 94.56
CA ILE DF 70 10.17 85.62 93.71
C ILE DF 70 9.03 84.96 94.50
N MET DF 71 7.87 85.61 94.46
CA MET DF 71 6.70 85.07 95.15
C MET DF 71 5.85 84.24 94.18
N PRO DF 72 5.70 82.94 94.42
CA PRO DF 72 4.70 82.18 93.67
C PRO DF 72 3.30 82.47 94.19
N ASN DF 73 2.32 82.51 93.30
CA ASN DF 73 0.99 83.00 93.61
C ASN DF 73 -0.03 81.87 93.66
N GLU DF 74 -1.00 82.01 94.55
CA GLU DF 74 -2.19 81.17 94.58
C GLU DF 74 -3.42 82.04 94.42
N ASN DF 75 -4.49 81.44 93.91
CA ASN DF 75 -5.71 82.19 93.60
C ASN DF 75 -6.73 82.00 94.70
N GLN DF 76 -7.16 83.12 95.30
CA GLN DF 76 -8.27 83.12 96.24
C GLN DF 76 -9.49 83.65 95.52
N SER DF 77 -10.53 82.83 95.41
CA SER DF 77 -11.72 83.17 94.64
C SER DF 77 -12.95 83.09 95.52
N ILE DF 78 -13.81 84.10 95.39
CA ILE DF 78 -15.12 84.13 96.05
C ILE DF 78 -16.14 84.44 94.98
N ARG DF 79 -17.06 83.50 94.74
CA ARG DF 79 -18.06 83.61 93.69
C ARG DF 79 -19.44 83.50 94.29
N THR DF 80 -20.27 84.51 94.03
CA THR DF 80 -21.61 84.59 94.59
C THR DF 80 -22.64 84.76 93.47
N VAL DF 81 -23.70 83.96 93.52
CA VAL DF 81 -24.78 84.00 92.54
C VAL DF 81 -26.08 84.18 93.28
N ILE DF 82 -26.85 85.20 92.90
CA ILE DF 82 -28.16 85.47 93.47
C ILE DF 82 -29.19 85.38 92.37
N SER DF 83 -30.19 84.51 92.54
CA SER DF 83 -31.22 84.30 91.54
C SER DF 83 -32.58 84.50 92.18
N GLY DF 84 -33.43 85.29 91.52
CA GLY DF 84 -34.76 85.54 92.01
C GLY DF 84 -35.55 86.52 91.16
N SER DF 85 -36.87 86.55 91.34
CA SER DF 85 -37.69 87.47 90.57
C SER DF 85 -37.46 88.90 91.05
N ALA DF 86 -37.53 89.85 90.11
CA ALA DF 86 -37.32 91.25 90.45
C ALA DF 86 -38.47 91.79 91.29
N GLU DF 87 -39.63 91.13 91.25
CA GLU DF 87 -40.79 91.63 91.96
C GLU DF 87 -40.73 91.32 93.45
N ASN DF 88 -39.83 90.44 93.86
CA ASN DF 88 -39.67 90.04 95.25
C ASN DF 88 -38.30 90.46 95.79
N LEU DF 89 -37.88 91.69 95.47
CA LEU DF 89 -36.53 92.11 95.82
C LEU DF 89 -36.36 92.27 97.32
N ALA DF 90 -37.40 92.70 98.02
CA ALA DF 90 -37.29 92.86 99.47
C ALA DF 90 -37.04 91.50 100.14
N THR DF 91 -37.81 90.49 99.75
CA THR DF 91 -37.58 89.15 100.27
C THR DF 91 -36.23 88.61 99.84
N LEU DF 92 -35.77 88.93 98.63
CA LEU DF 92 -34.45 88.49 98.20
C LEU DF 92 -33.36 89.11 99.04
N LYS DF 93 -33.51 90.39 99.40
CA LYS DF 93 -32.53 91.05 100.26
C LYS DF 93 -32.54 90.46 101.66
N ALA DF 94 -33.72 90.13 102.18
CA ALA DF 94 -33.79 89.45 103.47
C ALA DF 94 -33.08 88.09 103.41
N GLU DF 95 -33.30 87.36 102.32
CA GLU DF 95 -32.61 86.09 102.11
C GLU DF 95 -31.10 86.30 102.07
N TRP DF 96 -30.66 87.37 101.42
CA TRP DF 96 -29.22 87.66 101.33
C TRP DF 96 -28.64 87.93 102.71
N GLU DF 97 -29.35 88.72 103.52
CA GLU DF 97 -28.87 89.00 104.87
C GLU DF 97 -28.77 87.72 105.69
N THR DF 98 -29.80 86.87 105.62
CA THR DF 98 -29.75 85.61 106.36
C THR DF 98 -28.63 84.72 105.85
N HIS DF 99 -28.39 84.73 104.53
CA HIS DF 99 -27.32 83.93 103.95
C HIS DF 99 -25.95 84.39 104.45
N LYS DF 100 -25.73 85.71 104.51
CA LYS DF 100 -24.48 86.21 105.06
C LYS DF 100 -24.34 85.80 106.51
N ARG DF 101 -25.42 85.88 107.29
CA ARG DF 101 -25.36 85.49 108.69
C ARG DF 101 -24.96 84.02 108.83
N ASN DF 102 -25.58 83.14 108.05
CA ASN DF 102 -25.28 81.72 108.15
C ASN DF 102 -23.86 81.41 107.69
N VAL DF 103 -23.42 82.03 106.60
CA VAL DF 103 -22.07 81.78 106.11
C VAL DF 103 -21.04 82.30 107.11
N ASP DF 104 -21.33 83.42 107.77
CA ASP DF 104 -20.44 83.89 108.82
C ASP DF 104 -20.39 82.92 109.98
N THR DF 105 -21.55 82.39 110.37
CA THR DF 105 -21.59 81.42 111.47
C THR DF 105 -20.73 80.19 111.15
N LEU DF 106 -20.81 79.70 109.92
CA LEU DF 106 -20.03 78.53 109.53
C LEU DF 106 -18.54 78.83 109.33
N PHE DF 107 -18.22 79.97 108.72
CA PHE DF 107 -16.88 80.25 108.21
C PHE DF 107 -16.11 81.24 109.08
N ALA DF 108 -16.69 82.43 109.31
CA ALA DF 108 -15.96 83.47 110.00
C ALA DF 108 -15.72 83.11 111.46
N SER DF 109 -16.76 82.67 112.16
CA SER DF 109 -16.65 82.27 113.55
C SER DF 109 -16.45 80.78 113.74
N GLY DF 110 -16.47 80.00 112.66
CA GLY DF 110 -16.28 78.57 112.73
C GLY DF 110 -14.93 78.13 112.21
N ASN DF 111 -14.87 76.87 111.80
CA ASN DF 111 -13.65 76.26 111.27
C ASN DF 111 -13.86 75.68 109.88
N ALA DF 112 -14.87 76.18 109.17
CA ALA DF 112 -15.16 75.65 107.83
C ALA DF 112 -14.02 75.96 106.85
N GLY DF 113 -13.25 77.02 107.11
CA GLY DF 113 -12.17 77.36 106.20
C GLY DF 113 -11.00 76.39 106.28
N LEU DF 114 -11.00 75.55 107.31
CA LEU DF 114 -9.94 74.54 107.45
C LEU DF 114 -10.45 73.17 107.03
N GLY DF 115 -11.66 73.13 106.49
CA GLY DF 115 -12.24 71.85 106.08
C GLY DF 115 -12.96 71.13 107.19
N PHE DF 116 -13.82 71.83 107.92
CA PHE DF 116 -14.53 71.26 109.06
C PHE DF 116 -16.00 71.61 108.95
N LEU DF 117 -16.86 70.72 109.46
CA LEU DF 117 -18.29 70.95 109.55
C LEU DF 117 -18.71 70.82 111.00
N ASP DF 118 -19.56 71.75 111.46
CA ASP DF 118 -20.08 71.69 112.82
C ASP DF 118 -21.58 71.49 112.76
N PRO DF 119 -22.09 70.28 112.98
CA PRO DF 119 -23.55 70.08 112.96
C PRO DF 119 -24.30 70.84 114.04
N THR DF 120 -23.61 71.29 115.08
CA THR DF 120 -24.23 72.04 116.16
C THR DF 120 -24.25 73.54 115.93
N ALA DF 121 -23.81 74.00 114.75
CA ALA DF 121 -23.81 75.42 114.46
C ALA DF 121 -25.22 75.97 114.44
N ALA DF 122 -25.38 77.21 114.91
CA ALA DF 122 -26.69 77.83 115.02
C ALA DF 122 -27.04 78.51 113.70
N ILE DF 123 -27.67 77.74 112.83
CA ILE DF 123 -28.15 78.22 111.53
C ILE DF 123 -29.60 78.64 111.67
N VAL DF 124 -29.94 79.80 111.11
CA VAL DF 124 -31.27 80.38 111.28
C VAL DF 124 -31.89 80.64 109.91
N SER DF 125 -33.21 80.71 109.88
CA SER DF 125 -33.95 80.99 108.66
C SER DF 125 -34.26 82.48 108.55
N SER DF 126 -34.69 82.88 107.35
CA SER DF 126 -35.04 84.27 107.13
C SER DF 126 -36.36 84.65 107.79
N ASP DF 127 -37.25 83.70 108.00
CA ASP DF 127 -38.53 83.99 108.64
C ASP DF 127 -38.31 84.31 110.12
N THR DF 128 -39.17 85.17 110.64
CA THR DF 128 -39.12 85.59 112.03
C THR DF 128 -40.33 85.08 112.79
N THR DF 129 -40.13 84.80 114.07
CA THR DF 129 -41.19 84.30 114.93
C THR DF 129 -42.16 85.43 115.31
N ALA EF 1 -47.19 113.30 86.13
CA ALA EF 1 -45.77 112.98 86.08
C ALA EF 1 -45.54 111.53 85.66
N ASN EF 2 -45.09 111.34 84.43
CA ASN EF 2 -44.84 109.99 83.94
C ASN EF 2 -43.62 109.38 84.62
N LYS EF 3 -43.66 108.07 84.81
CA LYS EF 3 -42.57 107.39 85.50
C LYS EF 3 -41.31 107.40 84.64
N PRO EF 4 -40.15 107.76 85.20
CA PRO EF 4 -38.92 107.77 84.40
C PRO EF 4 -38.45 106.36 84.09
N MET EF 5 -37.67 106.25 83.02
CA MET EF 5 -37.09 104.99 82.58
C MET EF 5 -35.57 105.06 82.65
N GLN EF 6 -34.95 103.90 82.79
CA GLN EF 6 -33.50 103.77 82.79
C GLN EF 6 -33.05 102.73 81.78
N PRO EF 7 -31.87 102.89 81.18
CA PRO EF 7 -31.40 101.90 80.20
C PRO EF 7 -30.96 100.62 80.90
N ILE EF 8 -31.30 99.49 80.29
CA ILE EF 8 -30.99 98.18 80.83
C ILE EF 8 -29.92 97.47 80.01
N THR EF 9 -30.03 97.52 78.68
CA THR EF 9 -29.00 97.02 77.78
C THR EF 9 -28.54 98.15 76.88
N SER EF 10 -27.23 98.37 76.84
CA SER EF 10 -26.68 99.54 76.17
C SER EF 10 -25.74 99.13 75.05
N THR EF 11 -26.08 99.55 73.84
CA THR EF 11 -25.21 99.43 72.68
C THR EF 11 -25.47 100.62 71.76
N ALA EF 12 -24.40 101.13 71.15
CA ALA EF 12 -24.55 102.29 70.28
C ALA EF 12 -25.48 102.00 69.12
N ASN EF 13 -25.54 100.74 68.68
CA ASN EF 13 -26.48 100.37 67.63
C ASN EF 13 -27.91 100.24 68.16
N LYS EF 14 -28.07 99.86 69.43
CA LYS EF 14 -29.39 99.59 69.99
C LYS EF 14 -29.38 99.81 71.50
N ILE EF 15 -30.26 100.68 71.97
CA ILE EF 15 -30.45 100.94 73.39
C ILE EF 15 -31.91 100.68 73.75
N VAL EF 16 -32.13 99.94 74.82
CA VAL EF 16 -33.48 99.61 75.29
C VAL EF 16 -33.65 100.19 76.69
N TRP EF 17 -34.75 100.90 76.89
CA TRP EF 17 -35.11 101.45 78.19
C TRP EF 17 -36.10 100.51 78.88
N SER EF 18 -36.20 100.64 80.20
CA SER EF 18 -37.11 99.80 80.96
C SER EF 18 -37.59 100.55 82.20
N ASP EF 19 -38.83 100.29 82.57
CA ASP EF 19 -39.40 100.86 83.79
C ASP EF 19 -38.97 100.02 84.98
N PRO EF 20 -38.29 100.57 85.98
CA PRO EF 20 -37.89 99.77 87.13
C PRO EF 20 -39.06 99.12 87.86
N THR EF 21 -40.21 99.77 87.93
CA THR EF 21 -41.36 99.21 88.63
C THR EF 21 -42.07 98.12 87.83
N ARG EF 22 -42.03 98.18 86.51
CA ARG EF 22 -42.66 97.16 85.66
C ARG EF 22 -41.68 96.86 84.53
N LEU EF 23 -40.90 95.79 84.68
CA LEU EF 23 -39.88 95.46 83.69
C LEU EF 23 -40.48 95.00 82.36
N SER EF 24 -41.78 94.72 82.33
CA SER EF 24 -42.41 94.33 81.07
C SER EF 24 -42.59 95.49 80.11
N THR EF 25 -42.38 96.72 80.56
CA THR EF 25 -42.49 97.90 79.72
C THR EF 25 -41.10 98.28 79.23
N THR EF 26 -40.93 98.31 77.91
CA THR EF 26 -39.63 98.60 77.31
C THR EF 26 -39.79 99.60 76.18
N PHE EF 27 -38.72 100.35 75.93
CA PHE EF 27 -38.64 101.25 74.79
C PHE EF 27 -37.27 101.06 74.13
N SER EF 28 -37.26 100.76 72.84
CA SER EF 28 -36.04 100.45 72.13
C SER EF 28 -35.81 101.46 71.02
N ALA EF 29 -34.54 101.78 70.77
CA ALA EF 29 -34.14 102.65 69.68
C ALA EF 29 -32.94 102.03 68.99
N SER EF 30 -33.09 101.72 67.71
CA SER EF 30 -32.01 101.12 66.93
C SER EF 30 -31.81 101.95 65.67
N LEU EF 31 -30.57 102.39 65.45
CA LEU EF 31 -30.21 103.16 64.27
C LEU EF 31 -29.26 102.33 63.41
N LEU EF 32 -29.59 102.20 62.14
CA LEU EF 32 -28.73 101.55 61.16
C LEU EF 32 -28.33 102.58 60.11
N ARG EF 33 -27.01 102.77 59.95
CA ARG EF 33 -26.48 103.81 59.07
C ARG EF 33 -25.77 103.16 57.90
N GLN EF 34 -26.05 103.66 56.69
CA GLN EF 34 -25.46 103.15 55.48
C GLN EF 34 -25.25 104.31 54.52
N ARG EF 35 -24.15 104.27 53.77
CA ARG EF 35 -23.79 105.33 52.84
C ARG EF 35 -24.37 104.97 51.47
N VAL EF 36 -25.66 105.24 51.29
CA VAL EF 36 -26.34 105.00 50.02
C VAL EF 36 -26.29 106.28 49.20
N LYS EF 37 -25.33 106.37 48.29
CA LYS EF 37 -25.13 107.59 47.54
C LYS EF 37 -25.91 107.56 46.22
N VAL EF 38 -26.62 108.65 45.95
CA VAL EF 38 -27.29 108.84 44.67
C VAL EF 38 -26.25 109.34 43.68
N GLY EF 39 -26.62 109.40 42.40
CA GLY EF 39 -25.70 109.80 41.35
C GLY EF 39 -25.02 111.14 41.61
N ILE EF 40 -23.70 111.17 41.38
CA ILE EF 40 -22.83 112.34 41.52
C ILE EF 40 -23.10 113.10 42.83
N ALA EF 41 -23.49 112.38 43.87
CA ALA EF 41 -23.73 112.99 45.17
C ALA EF 41 -23.37 111.98 46.26
N GLU EF 42 -23.12 112.49 47.45
CA GLU EF 42 -22.82 111.68 48.62
C GLU EF 42 -23.90 111.91 49.68
N LEU EF 43 -24.48 110.83 50.18
CA LEU EF 43 -25.56 110.91 51.15
C LEU EF 43 -25.38 109.85 52.21
N ASN EF 44 -25.59 110.23 53.47
CA ASN EF 44 -25.56 109.31 54.59
C ASN EF 44 -26.98 109.01 55.03
N ASN EF 45 -27.36 107.74 54.95
CA ASN EF 45 -28.71 107.30 55.25
C ASN EF 45 -28.76 106.75 56.67
N VAL EF 46 -29.76 107.19 57.44
CA VAL EF 46 -29.94 106.79 58.83
C VAL EF 46 -31.35 106.24 58.96
N SER EF 47 -31.48 104.94 59.12
CA SER EF 47 -32.77 104.30 59.34
C SER EF 47 -32.93 104.01 60.83
N GLY EF 48 -33.99 104.54 61.43
CA GLY EF 48 -34.19 104.38 62.85
C GLY EF 48 -35.45 103.62 63.22
N GLN EF 49 -35.30 102.58 64.04
CA GLN EF 49 -36.41 101.75 64.48
C GLN EF 49 -36.66 102.01 65.97
N TYR EF 50 -37.90 102.38 66.31
CA TYR EF 50 -38.29 102.66 67.68
C TYR EF 50 -39.49 101.78 68.02
N VAL EF 51 -39.36 100.98 69.07
CA VAL EF 51 -40.38 100.01 69.45
C VAL EF 51 -40.80 100.26 70.88
N SER EF 52 -42.10 100.36 71.11
CA SER EF 52 -42.66 100.50 72.45
C SER EF 52 -43.48 99.26 72.78
N VAL EF 53 -43.20 98.65 73.92
CA VAL EF 53 -43.85 97.41 74.33
C VAL EF 53 -44.46 97.63 75.71
N TYR EF 54 -45.73 97.28 75.86
CA TYR EF 54 -46.43 97.32 77.13
C TYR EF 54 -47.38 96.13 77.20
N LYS EF 55 -47.42 95.48 78.34
CA LYS EF 55 -48.28 94.31 78.55
C LYS EF 55 -49.36 94.68 79.55
N ARG EF 56 -50.61 94.70 79.09
CA ARG EF 56 -51.73 95.12 79.92
C ARG EF 56 -52.69 93.96 80.16
N PRO EF 57 -53.29 93.87 81.33
CA PRO EF 57 -54.29 92.83 81.57
C PRO EF 57 -55.51 93.02 80.69
N ALA EF 58 -56.15 91.89 80.35
CA ALA EF 58 -57.41 91.96 79.65
C ALA EF 58 -58.43 92.70 80.50
N PRO EF 59 -59.35 93.45 79.88
CA PRO EF 59 -60.21 94.31 80.69
C PRO EF 59 -61.24 93.55 81.50
N LYS EF 60 -61.37 93.92 82.77
CA LYS EF 60 -62.28 93.26 83.70
C LYS EF 60 -63.72 93.49 83.27
N PRO EF 61 -64.63 92.56 83.57
CA PRO EF 61 -66.03 92.74 83.19
C PRO EF 61 -66.64 94.00 83.76
N GLU EF 62 -67.51 94.65 82.99
CA GLU EF 62 -68.00 95.98 83.35
C GLU EF 62 -68.74 95.96 84.69
N GLY EF 63 -69.56 94.96 84.92
CA GLY EF 63 -70.29 94.86 86.17
C GLY EF 63 -69.55 94.05 87.21
N CYS EF 64 -68.32 94.46 87.55
CA CYS EF 64 -67.50 93.74 88.51
C CYS EF 64 -66.93 94.70 89.54
N ALA EF 65 -66.98 94.30 90.80
CA ALA EF 65 -66.38 95.05 91.89
C ALA EF 65 -65.46 94.22 92.76
N ASP EF 66 -65.01 93.06 92.28
CA ASP EF 66 -64.18 92.17 93.08
C ASP EF 66 -62.84 92.82 93.39
N ALA EF 67 -62.30 92.48 94.55
CA ALA EF 67 -61.05 93.09 95.03
C ALA EF 67 -59.89 92.82 94.09
N CYS EF 68 -59.53 91.55 93.92
CA CYS EF 68 -58.36 91.19 93.11
C CYS EF 68 -58.69 89.99 92.24
N VAL EF 69 -58.86 90.23 90.94
CA VAL EF 69 -58.99 89.19 89.93
C VAL EF 69 -58.13 89.60 88.75
N ILE EF 70 -57.08 88.84 88.47
CA ILE EF 70 -56.09 89.20 87.47
C ILE EF 70 -56.23 88.27 86.28
N MET EF 71 -56.33 88.83 85.08
CA MET EF 71 -56.40 88.08 83.84
C MET EF 71 -55.09 88.27 83.07
N PRO EF 72 -54.70 87.33 82.21
CA PRO EF 72 -53.38 87.38 81.59
C PRO EF 72 -53.23 88.60 80.67
N ASN EF 73 -51.97 89.01 80.52
CA ASN EF 73 -51.63 90.24 79.82
C ASN EF 73 -51.65 90.03 78.31
N GLU EF 74 -51.90 91.13 77.59
CA GLU EF 74 -51.86 91.14 76.13
C GLU EF 74 -50.73 92.03 75.68
N ASN EF 75 -50.22 91.81 74.47
CA ASN EF 75 -49.08 92.56 73.98
C ASN EF 75 -49.56 93.79 73.21
N GLN EF 76 -49.09 94.96 73.63
CA GLN EF 76 -49.36 96.22 72.94
C GLN EF 76 -48.03 96.74 72.38
N SER EF 77 -47.96 96.86 71.06
CA SER EF 77 -46.72 97.23 70.39
C SER EF 77 -46.97 98.39 69.44
N ILE EF 78 -46.12 99.41 69.52
CA ILE EF 78 -46.11 100.53 68.60
C ILE EF 78 -44.69 100.69 68.07
N ARG EF 79 -44.52 100.51 66.78
CA ARG EF 79 -43.21 100.50 66.14
C ARG EF 79 -43.16 101.54 65.04
N THR EF 80 -42.15 102.40 65.09
CA THR EF 80 -41.97 103.47 64.12
C THR EF 80 -40.60 103.37 63.48
N VAL EF 81 -40.56 103.42 62.15
CA VAL EF 81 -39.32 103.35 61.39
C VAL EF 81 -39.19 104.63 60.58
N ILE EF 82 -38.07 105.33 60.75
CA ILE EF 82 -37.80 106.58 60.04
C ILE EF 82 -36.53 106.40 59.24
N SER EF 83 -36.62 106.62 57.92
CA SER EF 83 -35.48 106.46 57.02
C SER EF 83 -35.31 107.74 56.22
N GLY EF 84 -34.09 108.25 56.18
CA GLY EF 84 -33.79 109.46 55.43
C GLY EF 84 -32.35 109.89 55.54
N SER EF 85 -31.93 110.77 54.63
CA SER EF 85 -30.57 111.27 54.65
C SER EF 85 -30.36 112.24 55.80
N ALA EF 86 -29.11 112.31 56.29
CA ALA EF 86 -28.80 113.25 57.37
C ALA EF 86 -28.84 114.69 56.90
N GLU EF 87 -28.69 114.89 55.59
CA GLU EF 87 -28.65 116.26 55.05
C GLU EF 87 -30.04 116.90 55.08
N ASN EF 88 -31.09 116.09 55.03
CA ASN EF 88 -32.46 116.57 54.97
C ASN EF 88 -33.19 116.45 56.31
N LEU EF 89 -32.50 116.73 57.41
CA LEU EF 89 -33.08 116.52 58.73
C LEU EF 89 -34.29 117.42 58.96
N ALA EF 90 -34.23 118.67 58.50
CA ALA EF 90 -35.34 119.59 58.73
C ALA EF 90 -36.60 119.12 58.00
N THR EF 91 -36.46 118.75 56.74
CA THR EF 91 -37.59 118.23 55.99
C THR EF 91 -38.10 116.92 56.57
N LEU EF 92 -37.20 116.07 57.06
CA LEU EF 92 -37.63 114.82 57.69
C LEU EF 92 -38.41 115.10 58.97
N LYS EF 93 -37.99 116.10 59.74
CA LYS EF 93 -38.74 116.46 60.95
C LYS EF 93 -40.12 117.02 60.60
N ALA EF 94 -40.20 117.85 59.56
CA ALA EF 94 -41.49 118.34 59.12
C ALA EF 94 -42.40 117.20 58.67
N GLU EF 95 -41.84 116.25 57.93
CA GLU EF 95 -42.62 115.09 57.50
C GLU EF 95 -43.05 114.25 58.70
N TRP EF 96 -42.21 114.19 59.74
CA TRP EF 96 -42.57 113.45 60.94
C TRP EF 96 -43.73 114.12 61.67
N GLU EF 97 -43.74 115.45 61.73
CA GLU EF 97 -44.87 116.16 62.31
C GLU EF 97 -46.15 115.91 61.50
N THR EF 98 -46.04 115.95 60.17
CA THR EF 98 -47.19 115.66 59.33
C THR EF 98 -47.69 114.24 59.56
N HIS EF 99 -46.76 113.29 59.72
CA HIS EF 99 -47.12 111.91 60.01
C HIS EF 99 -47.84 111.81 61.35
N LYS EF 100 -47.35 112.53 62.36
CA LYS EF 100 -48.08 112.60 63.62
C LYS EF 100 -49.52 113.01 63.38
N ARG EF 101 -49.71 114.11 62.65
CA ARG EF 101 -51.06 114.66 62.50
C ARG EF 101 -51.97 113.70 61.75
N ASN EF 102 -51.46 113.07 60.69
CA ASN EF 102 -52.26 112.13 59.93
C ASN EF 102 -52.62 110.89 60.75
N VAL EF 103 -51.64 110.31 61.44
CA VAL EF 103 -51.91 109.13 62.25
C VAL EF 103 -52.88 109.48 63.37
N ASP EF 104 -52.76 110.69 63.92
CA ASP EF 104 -53.69 111.11 64.98
C ASP EF 104 -55.10 111.24 64.44
N THR EF 105 -55.28 111.89 63.29
CA THR EF 105 -56.64 112.08 62.78
C THR EF 105 -57.25 110.77 62.31
N LEU EF 106 -56.41 109.77 62.01
CA LEU EF 106 -56.97 108.47 61.67
C LEU EF 106 -57.25 107.60 62.89
N PHE EF 107 -56.40 107.66 63.92
CA PHE EF 107 -56.42 106.74 65.04
C PHE EF 107 -57.07 107.33 66.28
N ALA EF 108 -56.54 108.46 66.76
CA ALA EF 108 -56.99 109.01 68.04
C ALA EF 108 -58.41 109.57 67.92
N SER EF 109 -58.67 110.36 66.89
CA SER EF 109 -59.98 110.91 66.65
C SER EF 109 -60.81 110.09 65.68
N GLY EF 110 -60.29 108.97 65.19
CA GLY EF 110 -60.99 108.13 64.25
C GLY EF 110 -61.45 106.82 64.87
N ASN EF 111 -61.72 105.86 64.00
CA ASN EF 111 -62.19 104.54 64.40
C ASN EF 111 -61.27 103.44 63.89
N ALA EF 112 -60.10 103.82 63.37
CA ALA EF 112 -59.14 102.83 62.87
C ALA EF 112 -58.62 101.94 63.99
N GLY EF 113 -58.60 102.45 65.23
CA GLY EF 113 -58.22 101.62 66.35
C GLY EF 113 -59.12 100.42 66.54
N LEU EF 114 -60.43 100.60 66.38
CA LEU EF 114 -61.37 99.50 66.36
C LEU EF 114 -61.32 98.71 65.08
N GLY EF 115 -60.99 99.36 63.96
CA GLY EF 115 -60.85 98.64 62.70
C GLY EF 115 -61.69 99.14 61.57
N PHE EF 116 -62.12 100.39 61.59
CA PHE EF 116 -62.91 100.99 60.53
C PHE EF 116 -62.12 102.12 59.89
N LEU EF 117 -62.05 102.11 58.57
CA LEU EF 117 -61.37 103.15 57.80
C LEU EF 117 -62.40 104.13 57.24
N ASP EF 118 -62.10 105.43 57.37
CA ASP EF 118 -62.99 106.46 56.85
C ASP EF 118 -62.34 107.09 55.63
N PRO EF 119 -62.85 106.84 54.42
CA PRO EF 119 -62.26 107.51 53.24
C PRO EF 119 -62.47 109.02 53.21
N THR EF 120 -63.18 109.59 54.17
CA THR EF 120 -63.44 111.02 54.21
C THR EF 120 -62.57 111.75 55.23
N ALA EF 121 -61.52 111.10 55.73
CA ALA EF 121 -60.65 111.73 56.72
C ALA EF 121 -59.88 112.88 56.07
N ALA EF 122 -59.50 113.85 56.90
CA ALA EF 122 -58.80 115.04 56.44
C ALA EF 122 -57.29 114.82 56.55
N ILE EF 123 -56.74 114.17 55.55
CA ILE EF 123 -55.30 113.92 55.48
C ILE EF 123 -54.63 115.09 54.77
N VAL EF 124 -53.49 115.53 55.30
CA VAL EF 124 -52.81 116.72 54.80
C VAL EF 124 -51.37 116.36 54.48
N SER EF 125 -50.75 117.19 53.63
CA SER EF 125 -49.36 116.99 53.25
C SER EF 125 -48.46 117.95 54.01
N SER EF 126 -47.15 117.68 53.95
CA SER EF 126 -46.19 118.50 54.65
C SER EF 126 -46.05 119.90 54.05
N ASP EF 127 -46.18 120.01 52.72
CA ASP EF 127 -46.06 121.32 52.08
C ASP EF 127 -47.23 122.21 52.45
N THR EF 128 -46.98 123.52 52.42
CA THR EF 128 -47.97 124.52 52.77
C THR EF 128 -48.29 125.38 51.55
N THR EF 129 -49.51 125.91 51.54
CA THR EF 129 -49.97 126.75 50.44
C THR EF 129 -49.29 128.12 50.48
N ALA FF 1 -13.54 127.54 71.05
CA ALA FF 1 -14.76 126.76 71.24
C ALA FF 1 -14.89 125.69 70.16
N ASN FF 2 -14.13 124.62 70.31
CA ASN FF 2 -14.18 123.53 69.34
C ASN FF 2 -15.50 122.79 69.44
N LYS FF 3 -15.93 122.24 68.30
CA LYS FF 3 -17.22 121.54 68.26
C LYS FF 3 -17.11 120.21 69.00
N PRO FF 4 -17.97 119.96 69.98
CA PRO FF 4 -17.95 118.66 70.66
C PRO FF 4 -18.41 117.55 69.75
N MET FF 5 -17.98 116.33 70.08
CA MET FF 5 -18.31 115.14 69.31
C MET FF 5 -19.08 114.16 70.18
N GLN FF 6 -19.78 113.22 69.53
CA GLN FF 6 -20.57 112.20 70.20
C GLN FF 6 -20.20 110.82 69.68
N PRO FF 7 -20.37 109.77 70.49
CA PRO FF 7 -19.97 108.42 70.05
C PRO FF 7 -20.94 107.79 69.08
N ILE FF 8 -20.44 107.30 67.94
CA ILE FF 8 -21.28 106.56 67.01
C ILE FF 8 -21.28 105.06 67.29
N THR FF 9 -20.17 104.52 67.76
CA THR FF 9 -20.06 103.09 68.06
C THR FF 9 -19.40 102.93 69.42
N SER FF 10 -20.08 102.25 70.34
CA SER FF 10 -19.59 102.03 71.68
C SER FF 10 -19.42 100.54 71.92
N THR FF 11 -18.22 100.15 72.37
CA THR FF 11 -17.89 98.76 72.62
C THR FF 11 -16.90 98.72 73.78
N ALA FF 12 -16.85 97.57 74.45
CA ALA FF 12 -15.93 97.41 75.58
C ALA FF 12 -14.47 97.52 75.15
N ASN FF 13 -14.20 97.41 73.85
CA ASN FF 13 -12.84 97.47 73.34
C ASN FF 13 -12.61 98.56 72.30
N LYS FF 14 -13.63 99.32 71.93
CA LYS FF 14 -13.46 100.35 70.90
C LYS FF 14 -14.62 101.34 70.98
N ILE FF 15 -14.30 102.63 70.96
CA ILE FF 15 -15.28 103.70 70.90
C ILE FF 15 -14.88 104.65 69.78
N VAL FF 16 -15.85 104.99 68.93
CA VAL FF 16 -15.62 105.88 67.79
C VAL FF 16 -16.51 107.11 67.97
N TRP FF 17 -15.91 108.29 67.91
CA TRP FF 17 -16.63 109.55 67.98
C TRP FF 17 -16.82 110.13 66.59
N SER FF 18 -17.73 111.10 66.48
CA SER FF 18 -17.99 111.77 65.20
C SER FF 18 -18.67 113.10 65.46
N ASP FF 19 -18.35 114.08 64.61
CA ASP FF 19 -18.98 115.39 64.72
C ASP FF 19 -20.40 115.35 64.15
N PRO FF 20 -21.40 115.83 64.89
CA PRO FF 20 -22.76 115.85 64.34
C PRO FF 20 -22.89 116.65 63.05
N THR FF 21 -22.17 117.77 62.94
CA THR FF 21 -22.27 118.59 61.74
C THR FF 21 -21.63 117.91 60.54
N ARG FF 22 -20.43 117.38 60.70
CA ARG FF 22 -19.71 116.69 59.64
C ARG FF 22 -19.45 115.26 60.07
N LEU FF 23 -20.08 114.31 59.37
CA LEU FF 23 -19.97 112.91 59.77
C LEU FF 23 -18.69 112.28 59.21
N SER FF 24 -17.99 113.00 58.34
CA SER FF 24 -16.77 112.47 57.72
C SER FF 24 -15.65 112.35 58.75
N THR FF 25 -15.55 113.33 59.65
CA THR FF 25 -14.49 113.34 60.65
C THR FF 25 -14.87 112.44 61.81
N THR FF 26 -13.95 111.54 62.18
CA THR FF 26 -14.17 110.61 63.29
C THR FF 26 -12.89 110.46 64.09
N PHE FF 27 -13.05 110.07 65.36
CA PHE FF 27 -11.95 109.81 66.26
C PHE FF 27 -12.20 108.48 66.95
N SER FF 28 -11.30 107.52 66.75
CA SER FF 28 -11.48 106.16 67.23
C SER FF 28 -10.37 105.79 68.21
N ALA FF 29 -10.76 105.12 69.29
CA ALA FF 29 -9.83 104.64 70.29
C ALA FF 29 -10.09 103.16 70.54
N SER FF 30 -9.04 102.35 70.46
CA SER FF 30 -9.14 100.91 70.67
C SER FF 30 -8.03 100.48 71.62
N LEU FF 31 -8.37 99.61 72.57
CA LEU FF 31 -7.42 99.15 73.57
C LEU FF 31 -7.33 97.63 73.52
N LEU FF 32 -6.10 97.11 73.56
CA LEU FF 32 -5.84 95.69 73.63
C LEU FF 32 -5.09 95.38 74.92
N ARG FF 33 -5.62 94.44 75.70
CA ARG FF 33 -5.09 94.12 77.02
C ARG FF 33 -4.57 92.71 77.04
N GLN FF 34 -3.29 92.56 77.32
CA GLN FF 34 -2.64 91.25 77.38
C GLN FF 34 -1.67 91.22 78.55
N ARG FF 35 -1.53 90.04 79.14
CA ARG FF 35 -0.53 89.81 80.17
C ARG FF 35 0.78 89.41 79.53
N VAL FF 36 1.86 90.08 79.91
CA VAL FF 36 3.18 89.84 79.35
C VAL FF 36 4.03 89.14 80.40
N LYS FF 37 4.64 88.03 79.99
CA LYS FF 37 5.47 87.22 80.88
C LYS FF 37 6.91 87.74 80.81
N VAL FF 38 7.33 88.44 81.87
CA VAL FF 38 8.70 88.91 82.02
C VAL FF 38 9.29 88.17 83.21
N GLY FF 39 10.56 87.78 83.07
CA GLY FF 39 11.25 86.98 84.07
C GLY FF 39 10.99 87.40 85.51
N ILE FF 40 10.67 86.42 86.35
CA ILE FF 40 10.29 86.58 87.75
C ILE FF 40 9.36 87.77 87.94
N ALA FF 41 8.42 87.93 87.02
CA ALA FF 41 7.45 89.03 87.10
C ALA FF 41 6.19 88.64 86.34
N GLU FF 42 5.10 89.33 86.63
CA GLU FF 42 3.82 89.15 85.94
C GLU FF 42 3.13 90.51 85.90
N LEU FF 43 3.24 91.19 84.75
CA LEU FF 43 2.75 92.55 84.60
C LEU FF 43 1.89 92.64 83.33
N ASN FF 44 0.96 93.59 83.35
CA ASN FF 44 -0.10 93.69 82.36
C ASN FF 44 0.20 94.85 81.41
N ASN FF 45 0.23 94.56 80.11
CA ASN FF 45 0.45 95.60 79.12
C ASN FF 45 -0.86 96.04 78.50
N VAL FF 46 -0.94 97.33 78.18
CA VAL FF 46 -2.11 97.91 77.53
C VAL FF 46 -1.63 98.66 76.29
N SER FF 47 -2.17 98.29 75.13
CA SER FF 47 -1.84 98.93 73.86
C SER FF 47 -3.03 99.74 73.40
N GLY FF 48 -2.81 101.02 73.12
CA GLY FF 48 -3.89 101.89 72.72
C GLY FF 48 -3.68 102.54 71.36
N GLN FF 49 -4.63 102.36 70.46
CA GLN FF 49 -4.57 102.92 69.12
C GLN FF 49 -5.59 104.04 69.01
N TYR FF 50 -5.12 105.22 68.62
CA TYR FF 50 -5.96 106.41 68.48
C TYR FF 50 -5.82 106.93 67.05
N VAL FF 51 -6.94 107.05 66.35
CA VAL FF 51 -6.95 107.44 64.95
C VAL FF 51 -7.87 108.64 64.78
N SER FF 52 -7.33 109.70 64.17
CA SER FF 52 -8.11 110.88 63.82
C SER FF 52 -8.08 111.08 62.31
N VAL FF 53 -9.25 111.18 61.70
CA VAL FF 53 -9.37 111.35 60.25
C VAL FF 53 -10.22 112.58 59.98
N TYR FF 54 -9.76 113.40 59.04
CA TYR FF 54 -10.52 114.55 58.55
C TYR FF 54 -10.51 114.52 57.04
N LYS FF 55 -11.69 114.69 56.45
CA LYS FF 55 -11.85 114.59 55.00
C LYS FF 55 -11.79 116.00 54.40
N ARG FF 56 -10.60 116.58 54.48
CA ARG FF 56 -10.40 117.96 54.07
C ARG FF 56 -10.58 118.11 52.56
N PRO FF 57 -11.25 119.17 52.11
CA PRO FF 57 -11.36 119.42 50.67
C PRO FF 57 -10.01 119.73 50.04
N ALA FF 58 -9.88 119.34 48.78
CA ALA FF 58 -8.69 119.66 48.02
C ALA FF 58 -8.60 121.18 47.84
N PRO FF 59 -7.40 121.74 47.68
CA PRO FF 59 -7.29 123.20 47.66
C PRO FF 59 -7.87 123.80 46.38
N LYS FF 60 -8.66 124.84 46.56
CA LYS FF 60 -9.36 125.47 45.45
C LYS FF 60 -8.38 126.10 44.48
N PRO FF 61 -8.65 126.04 43.17
CA PRO FF 61 -7.77 126.71 42.20
C PRO FF 61 -7.71 128.21 42.43
N GLU FF 62 -6.59 128.82 42.05
CA GLU FF 62 -6.29 130.20 42.38
C GLU FF 62 -6.93 131.15 41.38
N GLY FF 63 -7.46 132.27 41.87
CA GLY FF 63 -7.96 133.33 41.04
C GLY FF 63 -9.39 133.19 40.58
N CYS FF 64 -10.06 132.07 40.88
CA CYS FF 64 -11.43 131.84 40.45
C CYS FF 64 -12.23 131.29 41.62
N ALA FF 65 -13.38 131.90 41.90
CA ALA FF 65 -14.27 131.47 42.96
C ALA FF 65 -15.51 130.84 42.33
N ASP FF 66 -15.56 129.51 42.32
CA ASP FF 66 -16.70 128.81 41.74
C ASP FF 66 -17.96 129.08 42.56
N ALA FF 67 -19.10 128.98 41.88
CA ALA FF 67 -20.38 129.24 42.52
C ALA FF 67 -20.63 128.26 43.66
N CYS FF 68 -20.38 126.97 43.43
CA CYS FF 68 -20.49 125.96 44.46
C CYS FF 68 -19.22 125.12 44.51
N VAL FF 69 -18.92 124.61 45.71
CA VAL FF 69 -17.72 123.82 45.89
C VAL FF 69 -17.87 122.45 45.23
N ILE FF 70 -16.89 122.08 44.42
CA ILE FF 70 -16.90 120.81 43.70
C ILE FF 70 -15.57 120.10 43.92
N MET FF 71 -14.85 120.52 44.96
CA MET FF 71 -13.51 120.02 45.20
C MET FF 71 -13.57 118.55 45.63
N PRO FF 72 -12.83 117.65 44.99
CA PRO FF 72 -12.84 116.25 45.42
C PRO FF 72 -11.93 116.01 46.62
N ASN FF 73 -12.50 116.21 47.82
CA ASN FF 73 -11.77 116.16 49.09
C ASN FF 73 -10.83 114.98 49.25
N GLU FF 74 -9.76 115.18 50.02
CA GLU FF 74 -8.74 114.18 50.27
C GLU FF 74 -8.89 113.62 51.67
N ASN FF 75 -7.93 112.77 52.06
CA ASN FF 75 -7.96 112.12 53.37
C ASN FF 75 -6.76 112.60 54.18
N GLN FF 76 -7.02 113.08 55.39
CA GLN FF 76 -5.97 113.42 56.35
C GLN FF 76 -6.13 112.51 57.56
N SER FF 77 -5.06 111.81 57.91
CA SER FF 77 -5.09 110.81 58.98
C SER FF 77 -3.92 111.00 59.91
N ILE FF 78 -4.19 110.90 61.22
CA ILE FF 78 -3.17 110.91 62.25
C ILE FF 78 -3.42 109.73 63.17
N ARG FF 79 -2.49 108.80 63.21
CA ARG FF 79 -2.63 107.55 63.97
C ARG FF 79 -1.54 107.47 65.02
N THR FF 80 -1.94 107.24 66.27
CA THR FF 80 -1.02 107.15 67.39
C THR FF 80 -1.25 105.86 68.15
N VAL FF 81 -0.18 105.13 68.41
CA VAL FF 81 -0.23 103.87 69.13
C VAL FF 81 0.64 104.01 70.37
N ILE FF 82 0.06 103.74 71.54
CA ILE FF 82 0.76 103.80 72.81
C ILE FF 82 0.76 102.41 73.43
N SER FF 83 1.95 101.87 73.68
CA SER FF 83 2.10 100.54 74.25
C SER FF 83 2.97 100.64 75.49
N GLY FF 84 2.51 100.05 76.59
CA GLY FF 84 3.27 100.08 77.82
C GLY FF 84 2.51 99.38 78.92
N SER FF 85 3.23 99.12 80.01
CA SER FF 85 2.66 98.40 81.14
C SER FF 85 1.94 99.38 82.07
N ALA FF 86 0.81 98.94 82.62
CA ALA FF 86 0.03 99.81 83.49
C ALA FF 86 0.75 100.12 84.79
N GLU FF 87 1.74 99.30 85.16
CA GLU FF 87 2.48 99.55 86.39
C GLU FF 87 3.34 100.81 86.27
N ASN FF 88 3.83 101.10 85.07
CA ASN FF 88 4.68 102.26 84.81
C ASN FF 88 3.92 103.37 84.09
N LEU FF 89 2.65 103.60 84.44
CA LEU FF 89 1.82 104.52 83.69
C LEU FF 89 2.32 105.96 83.80
N ALA FF 90 2.82 106.35 84.97
CA ALA FF 90 3.28 107.72 85.14
C ALA FF 90 4.46 108.03 84.20
N THR FF 91 5.42 107.13 84.14
CA THR FF 91 6.55 107.37 83.25
C THR FF 91 6.17 107.15 81.80
N LEU FF 92 5.16 106.33 81.53
CA LEU FF 92 4.62 106.25 80.17
C LEU FF 92 4.01 107.59 79.75
N LYS FF 93 3.33 108.26 80.68
CA LYS FF 93 2.82 109.61 80.40
C LYS FF 93 3.96 110.58 80.16
N ALA FF 94 5.04 110.47 80.94
CA ALA FF 94 6.21 111.31 80.70
C ALA FF 94 6.79 111.06 79.31
N GLU FF 95 6.87 109.79 78.91
CA GLU FF 95 7.32 109.45 77.56
C GLU FF 95 6.39 110.05 76.51
N TRP FF 96 5.09 110.04 76.76
CA TRP FF 96 4.15 110.64 75.82
C TRP FF 96 4.40 112.14 75.69
N GLU FF 97 4.66 112.82 76.81
CA GLU FF 97 4.96 114.24 76.75
C GLU FF 97 6.23 114.51 75.96
N THR FF 98 7.27 113.71 76.20
CA THR FF 98 8.52 113.88 75.46
C THR FF 98 8.32 113.64 73.97
N HIS FF 99 7.54 112.61 73.62
CA HIS FF 99 7.26 112.33 72.22
C HIS FF 99 6.49 113.46 71.58
N LYS FF 100 5.52 114.03 72.30
CA LYS FF 100 4.79 115.19 71.77
C LYS FF 100 5.74 116.35 71.50
N ARG FF 101 6.66 116.61 72.43
CA ARG FF 101 7.61 117.70 72.23
C ARG FF 101 8.51 117.43 71.02
N ASN FF 102 8.98 116.20 70.86
CA ASN FF 102 9.85 115.87 69.73
C ASN FF 102 9.11 116.00 68.40
N VAL FF 103 7.87 115.50 68.35
CA VAL FF 103 7.09 115.59 67.11
C VAL FF 103 6.75 117.03 66.80
N ASP FF 104 6.52 117.85 67.84
CA ASP FF 104 6.31 119.27 67.61
C ASP FF 104 7.56 119.93 67.05
N THR FF 105 8.72 119.55 67.57
CA THR FF 105 9.97 120.11 67.06
C THR FF 105 10.20 119.75 65.60
N LEU FF 106 9.95 118.50 65.23
CA LEU FF 106 10.19 118.08 63.84
C LEU FF 106 9.12 118.60 62.89
N PHE FF 107 7.87 118.62 63.34
CA PHE FF 107 6.71 118.82 62.47
C PHE FF 107 6.01 120.16 62.69
N ALA FF 108 5.60 120.45 63.93
CA ALA FF 108 4.83 121.66 64.19
C ALA FF 108 5.65 122.92 63.93
N SER FF 109 6.88 122.95 64.44
CA SER FF 109 7.77 124.08 64.23
C SER FF 109 8.83 123.81 63.17
N GLY FF 110 8.87 122.60 62.61
CA GLY FF 110 9.78 122.26 61.55
C GLY FF 110 9.08 122.12 60.21
N ASN FF 111 9.80 121.53 59.26
CA ASN FF 111 9.24 121.34 57.92
C ASN FF 111 9.23 119.87 57.53
N ALA FF 112 8.96 118.98 58.50
CA ALA FF 112 8.82 117.57 58.18
C ALA FF 112 7.59 117.31 57.32
N GLY FF 113 6.59 118.20 57.41
CA GLY FF 113 5.41 118.04 56.60
C GLY FF 113 5.69 118.17 55.11
N LEU FF 114 6.59 119.08 54.74
CA LEU FF 114 6.97 119.22 53.35
C LEU FF 114 7.74 118.02 52.85
N GLY FF 115 8.42 117.31 53.74
CA GLY FF 115 9.22 116.17 53.38
C GLY FF 115 10.69 116.25 53.75
N PHE FF 116 11.07 117.21 54.59
CA PHE FF 116 12.47 117.38 54.95
C PHE FF 116 12.73 116.97 56.39
N LEU FF 117 13.72 116.12 56.59
CA LEU FF 117 14.12 115.66 57.92
C LEU FF 117 15.40 116.41 58.30
N ASP FF 118 15.27 117.34 59.25
CA ASP FF 118 16.41 118.15 59.66
C ASP FF 118 17.34 117.32 60.53
N PRO FF 119 18.61 117.13 60.15
CA PRO FF 119 19.52 116.34 60.99
C PRO FF 119 20.06 117.10 62.19
N THR FF 120 19.87 118.41 62.27
CA THR FF 120 20.36 119.20 63.40
C THR FF 120 19.25 119.63 64.34
N ALA FF 121 18.06 119.03 64.26
CA ALA FF 121 16.96 119.42 65.12
C ALA FF 121 17.27 119.07 66.58
N ALA FF 122 16.71 119.86 67.49
CA ALA FF 122 16.95 119.70 68.93
C ALA FF 122 15.95 118.70 69.50
N ILE FF 123 16.38 117.46 69.64
CA ILE FF 123 15.56 116.40 70.19
C ILE FF 123 15.97 116.15 71.64
N VAL FF 124 14.98 116.04 72.52
CA VAL FF 124 15.23 115.90 73.95
C VAL FF 124 14.56 114.62 74.44
N SER FF 125 15.14 114.03 75.48
CA SER FF 125 14.70 112.75 76.01
C SER FF 125 13.83 112.94 77.24
N SER FF 126 13.24 111.84 77.70
CA SER FF 126 12.42 111.88 78.91
C SER FF 126 13.26 112.04 80.17
N ASP FF 127 14.49 111.53 80.18
CA ASP FF 127 15.36 111.68 81.33
C ASP FF 127 15.80 113.12 81.49
N THR FF 128 15.96 113.54 82.74
CA THR FF 128 16.35 114.90 83.07
C THR FF 128 17.69 114.92 83.79
N THR FF 129 18.36 116.06 83.73
CA THR FF 129 19.65 116.23 84.39
C THR FF 129 19.48 116.79 85.80
N ALA GF 1 -137.68 -46.19 26.95
CA ALA GF 1 -137.25 -45.30 28.02
C ALA GF 1 -135.76 -45.01 27.91
N ASN GF 2 -135.42 -43.95 27.18
CA ASN GF 2 -134.03 -43.57 27.01
C ASN GF 2 -133.46 -42.99 28.30
N LYS GF 3 -132.19 -43.27 28.55
CA LYS GF 3 -131.57 -42.83 29.79
C LYS GF 3 -131.24 -41.34 29.72
N PRO GF 4 -131.77 -40.53 30.64
CA PRO GF 4 -131.38 -39.11 30.67
C PRO GF 4 -129.91 -38.96 31.02
N MET GF 5 -129.29 -37.91 30.47
CA MET GF 5 -127.89 -37.62 30.71
C MET GF 5 -127.78 -36.31 31.46
N GLN GF 6 -126.84 -36.24 32.41
CA GLN GF 6 -126.66 -35.07 33.24
C GLN GF 6 -125.44 -34.28 32.78
N PRO GF 7 -125.54 -32.96 32.72
CA PRO GF 7 -124.42 -32.15 32.22
C PRO GF 7 -123.22 -32.22 33.14
N ILE GF 8 -122.03 -32.09 32.55
CA ILE GF 8 -120.79 -32.03 33.31
C ILE GF 8 -120.09 -30.68 33.21
N THR GF 9 -120.27 -29.94 32.12
CA THR GF 9 -119.73 -28.60 31.97
C THR GF 9 -120.82 -27.69 31.48
N SER GF 10 -121.05 -26.59 32.20
CA SER GF 10 -122.09 -25.64 31.86
C SER GF 10 -121.49 -24.26 31.64
N THR GF 11 -121.80 -23.66 30.50
CA THR GF 11 -121.33 -22.33 30.15
C THR GF 11 -122.32 -21.74 29.17
N ALA GF 12 -122.39 -20.40 29.14
CA ALA GF 12 -123.31 -19.72 28.24
C ALA GF 12 -122.96 -19.99 26.78
N ASN GF 13 -121.72 -20.40 26.50
CA ASN GF 13 -121.27 -20.63 25.14
C ASN GF 13 -121.14 -22.12 24.80
N LYS GF 14 -121.17 -23.01 25.79
CA LYS GF 14 -120.98 -24.43 25.54
C LYS GF 14 -121.50 -25.23 26.73
N ILE GF 15 -122.24 -26.30 26.45
CA ILE GF 15 -122.73 -27.23 27.46
C ILE GF 15 -122.42 -28.64 26.98
N VAL GF 16 -121.90 -29.47 27.87
CA VAL GF 16 -121.54 -30.85 27.57
C VAL GF 16 -122.36 -31.77 28.45
N TRP GF 17 -123.05 -32.73 27.83
CA TRP GF 17 -123.84 -33.72 28.54
C TRP GF 17 -123.14 -35.07 28.48
N SER GF 18 -123.27 -35.86 29.55
CA SER GF 18 -122.66 -37.17 29.62
C SER GF 18 -123.59 -38.15 30.29
N ASP GF 19 -123.53 -39.41 29.87
CA ASP GF 19 -124.31 -40.46 30.51
C ASP GF 19 -123.67 -40.84 31.84
N PRO GF 20 -124.39 -40.74 32.95
CA PRO GF 20 -123.78 -41.11 34.24
C PRO GF 20 -123.30 -42.54 34.30
N THR GF 21 -123.96 -43.46 33.61
CA THR GF 21 -123.51 -44.85 33.57
C THR GF 21 -122.31 -45.04 32.65
N ARG GF 22 -122.19 -44.26 31.57
CA ARG GF 22 -121.06 -44.34 30.67
C ARG GF 22 -120.63 -42.94 30.25
N LEU GF 23 -119.65 -42.38 30.94
CA LEU GF 23 -119.23 -41.00 30.67
C LEU GF 23 -118.57 -40.87 29.31
N SER GF 24 -118.21 -42.00 28.70
CA SER GF 24 -117.66 -41.98 27.35
C SER GF 24 -118.65 -41.47 26.32
N THR GF 25 -119.95 -41.55 26.58
CA THR GF 25 -120.95 -41.02 25.67
C THR GF 25 -121.20 -39.55 26.00
N THR GF 26 -120.90 -38.67 25.06
CA THR GF 26 -120.97 -37.23 25.28
C THR GF 26 -121.86 -36.57 24.24
N PHE GF 27 -122.44 -35.44 24.60
CA PHE GF 27 -123.24 -34.62 23.70
C PHE GF 27 -122.93 -33.16 23.99
N SER GF 28 -122.44 -32.44 22.99
CA SER GF 28 -121.97 -31.07 23.16
C SER GF 28 -122.72 -30.14 22.21
N ALA GF 29 -123.07 -28.96 22.74
CA ALA GF 29 -123.72 -27.91 21.96
C ALA GF 29 -122.98 -26.61 22.21
N SER GF 30 -122.43 -26.03 21.15
CA SER GF 30 -121.66 -24.80 21.23
C SER GF 30 -122.31 -23.75 20.34
N LEU GF 31 -122.46 -22.54 20.86
CA LEU GF 31 -123.12 -21.46 20.14
C LEU GF 31 -122.13 -20.33 19.87
N LEU GF 32 -122.08 -19.88 18.62
CA LEU GF 32 -121.27 -18.75 18.22
C LEU GF 32 -122.13 -17.75 17.48
N ARG GF 33 -122.08 -16.48 17.91
CA ARG GF 33 -122.97 -15.45 17.42
C ARG GF 33 -122.17 -14.27 16.89
N GLN GF 34 -122.54 -13.80 15.70
CA GLN GF 34 -121.91 -12.64 15.08
C GLN GF 34 -122.98 -11.75 14.47
N ARG GF 35 -122.62 -10.50 14.21
CA ARG GF 35 -123.47 -9.55 13.51
C ARG GF 35 -123.01 -9.45 12.06
N VAL GF 36 -123.94 -9.66 11.13
CA VAL GF 36 -123.63 -9.67 9.71
C VAL GF 36 -124.49 -8.62 9.03
N LYS GF 37 -123.86 -7.76 8.22
CA LYS GF 37 -124.57 -6.68 7.53
C LYS GF 37 -124.87 -7.13 6.11
N VAL GF 38 -126.03 -7.77 5.95
CA VAL GF 38 -126.44 -8.26 4.64
C VAL GF 38 -127.20 -7.20 3.87
N GLY GF 39 -128.33 -6.73 4.42
CA GLY GF 39 -129.22 -5.82 3.72
C GLY GF 39 -129.24 -4.45 4.35
N ILE GF 40 -128.05 -3.92 4.66
CA ILE GF 40 -127.80 -2.68 5.38
C ILE GF 40 -128.55 -2.71 6.71
N ALA GF 41 -128.90 -3.91 7.16
CA ALA GF 41 -129.49 -4.14 8.48
C ALA GF 41 -128.66 -5.20 9.17
N GLU GF 42 -128.29 -4.95 10.43
CA GLU GF 42 -127.38 -5.82 11.16
C GLU GF 42 -128.15 -7.04 11.68
N LEU GF 43 -128.23 -8.05 10.82
CA LEU GF 43 -128.84 -9.32 11.23
C LEU GF 43 -127.91 -10.06 12.18
N ASN GF 44 -128.50 -10.70 13.19
CA ASN GF 44 -127.73 -11.41 14.20
C ASN GF 44 -127.63 -12.89 13.82
N ASN GF 45 -126.48 -13.25 13.26
CA ASN GF 45 -126.26 -14.62 12.82
C ASN GF 45 -125.96 -15.51 14.02
N VAL GF 46 -126.47 -16.73 13.98
CA VAL GF 46 -126.27 -17.72 15.03
C VAL GF 46 -125.79 -19.01 14.38
N SER GF 47 -124.67 -19.54 14.86
CA SER GF 47 -124.06 -20.75 14.32
C SER GF 47 -123.89 -21.75 15.46
N GLY GF 48 -124.82 -22.70 15.54
CA GLY GF 48 -124.80 -23.72 16.58
C GLY GF 48 -124.19 -25.01 16.07
N GLN GF 49 -123.22 -25.52 16.83
CA GLN GF 49 -122.54 -26.77 16.53
C GLN GF 49 -122.94 -27.80 17.57
N TYR GF 50 -123.51 -28.91 17.11
CA TYR GF 50 -123.96 -29.99 17.99
C TYR GF 50 -123.18 -31.25 17.63
N VAL GF 51 -122.52 -31.85 18.63
CA VAL GF 51 -121.70 -33.03 18.44
C VAL GF 51 -122.16 -34.11 19.40
N SER GF 52 -122.48 -35.28 18.87
CA SER GF 52 -122.80 -36.46 19.67
C SER GF 52 -121.76 -37.53 19.41
N VAL GF 53 -121.14 -38.02 20.49
CA VAL GF 53 -120.03 -38.96 20.39
C VAL GF 53 -120.37 -40.19 21.20
N TYR GF 54 -120.22 -41.36 20.58
CA TYR GF 54 -120.35 -42.65 21.23
C TYR GF 54 -119.15 -43.51 20.88
N LYS GF 55 -118.48 -44.04 21.90
CA LYS GF 55 -117.39 -44.99 21.71
C LYS GF 55 -117.98 -46.39 21.80
N ARG GF 56 -118.15 -47.03 20.66
CA ARG GF 56 -118.82 -48.32 20.58
C ARG GF 56 -117.78 -49.44 20.52
N PRO GF 57 -117.83 -50.41 21.41
CA PRO GF 57 -116.87 -51.51 21.35
C PRO GF 57 -117.23 -52.58 20.34
N ALA GF 58 -116.41 -52.68 19.29
CA ALA GF 58 -116.69 -53.55 18.15
C ALA GF 58 -115.51 -54.45 17.83
N PRO GF 59 -115.16 -55.38 18.72
CA PRO GF 59 -114.35 -56.52 18.27
C PRO GF 59 -115.09 -57.33 17.23
N LYS GF 60 -116.42 -57.38 17.35
CA LYS GF 60 -117.34 -58.04 16.44
C LYS GF 60 -116.95 -59.49 16.17
N PRO GF 61 -116.94 -60.35 17.18
CA PRO GF 61 -116.72 -61.77 16.93
C PRO GF 61 -117.98 -62.39 16.34
N GLU GF 62 -117.94 -62.66 15.05
CA GLU GF 62 -119.13 -63.07 14.31
C GLU GF 62 -119.55 -64.48 14.73
N GLY GF 63 -120.49 -64.54 15.65
CA GLY GF 63 -121.06 -65.81 16.08
C GLY GF 63 -120.67 -66.36 17.44
N CYS GF 64 -119.45 -66.10 17.88
CA CYS GF 64 -119.00 -66.77 19.09
C CYS GF 64 -118.61 -65.73 20.14
N ALA GF 65 -119.10 -65.94 21.36
CA ALA GF 65 -118.74 -65.14 22.51
C ALA GF 65 -118.90 -65.99 23.77
N ASP GF 66 -117.83 -66.10 24.55
CA ASP GF 66 -117.86 -66.96 25.73
C ASP GF 66 -117.59 -66.21 27.02
N ALA GF 67 -116.61 -65.32 27.05
CA ALA GF 67 -116.27 -64.56 28.24
C ALA GF 67 -115.96 -63.13 27.84
N CYS GF 68 -115.80 -62.26 28.83
CA CYS GF 68 -115.53 -60.85 28.55
C CYS GF 68 -114.02 -60.61 28.49
N VAL GF 69 -113.57 -60.15 27.33
CA VAL GF 69 -112.19 -59.73 27.10
C VAL GF 69 -112.24 -58.20 27.01
N ILE GF 70 -111.11 -57.54 27.16
CA ILE GF 70 -111.07 -56.09 27.00
C ILE GF 70 -111.61 -55.69 25.63
N MET GF 71 -112.55 -54.76 25.63
CA MET GF 71 -113.09 -54.23 24.40
C MET GF 71 -112.17 -53.15 23.82
N PRO GF 72 -111.67 -53.33 22.61
CA PRO GF 72 -111.08 -52.18 21.89
C PRO GF 72 -112.18 -51.33 21.29
N ASN GF 73 -112.05 -50.01 21.41
CA ASN GF 73 -113.15 -49.09 21.09
C ASN GF 73 -112.90 -48.37 19.78
N GLU GF 74 -113.99 -48.02 19.10
CA GLU GF 74 -113.97 -47.13 17.95
C GLU GF 74 -114.87 -45.94 18.24
N ASN GF 75 -114.64 -44.83 17.54
CA ASN GF 75 -115.35 -43.59 17.78
C ASN GF 75 -116.44 -43.41 16.73
N GLN GF 76 -117.69 -43.28 17.20
CA GLN GF 76 -118.81 -42.92 16.35
C GLN GF 76 -119.17 -41.47 16.65
N SER GF 77 -119.12 -40.62 15.63
CA SER GF 77 -119.34 -39.18 15.81
C SER GF 77 -120.41 -38.70 14.84
N ILE GF 78 -121.32 -37.87 15.37
CA ILE GF 78 -122.34 -37.21 14.57
C ILE GF 78 -122.27 -35.72 14.91
N ARG GF 79 -121.93 -34.90 13.92
CA ARG GF 79 -121.70 -33.48 14.12
C ARG GF 79 -122.56 -32.70 13.13
N THR GF 80 -123.36 -31.77 13.66
CA THR GF 80 -124.22 -30.93 12.83
C THR GF 80 -123.97 -29.47 13.17
N VAL GF 81 -124.07 -28.61 12.16
CA VAL GF 81 -123.88 -27.17 12.31
C VAL GF 81 -125.04 -26.48 11.60
N ILE GF 82 -125.71 -25.58 12.31
CA ILE GF 82 -126.83 -24.82 11.76
C ILE GF 82 -126.48 -23.34 11.85
N SER GF 83 -126.47 -22.68 10.70
CA SER GF 83 -126.10 -21.27 10.61
C SER GF 83 -127.22 -20.50 9.94
N GLY GF 84 -127.62 -19.39 10.55
CA GLY GF 84 -128.66 -18.54 9.99
C GLY GF 84 -129.03 -17.38 10.88
N SER GF 85 -129.71 -16.38 10.33
CA SER GF 85 -130.13 -15.24 11.12
C SER GF 85 -131.24 -15.63 12.08
N ALA GF 86 -131.23 -15.02 13.26
CA ALA GF 86 -132.26 -15.31 14.26
C ALA GF 86 -133.62 -14.80 13.82
N GLU GF 87 -133.64 -13.82 12.91
CA GLU GF 87 -134.91 -13.25 12.47
C GLU GF 87 -135.66 -14.17 11.53
N ASN GF 88 -135.01 -15.22 11.03
CA ASN GF 88 -135.62 -16.19 10.14
C ASN GF 88 -135.65 -17.57 10.78
N LEU GF 89 -136.03 -17.62 12.07
CA LEU GF 89 -135.96 -18.87 12.82
C LEU GF 89 -136.94 -19.90 12.30
N ALA GF 90 -138.15 -19.46 11.92
CA ALA GF 90 -139.14 -20.41 11.40
C ALA GF 90 -138.67 -21.02 10.08
N THR GF 91 -138.11 -20.20 9.21
CA THR GF 91 -137.52 -20.70 7.98
C THR GF 91 -136.37 -21.66 8.25
N LEU GF 92 -135.52 -21.35 9.22
CA LEU GF 92 -134.41 -22.24 9.56
C LEU GF 92 -134.93 -23.58 10.08
N LYS GF 93 -136.01 -23.55 10.87
CA LYS GF 93 -136.61 -24.79 11.37
C LYS GF 93 -137.18 -25.62 10.23
N ALA GF 94 -137.85 -24.98 9.28
CA ALA GF 94 -138.34 -25.70 8.11
C ALA GF 94 -137.19 -26.32 7.32
N GLU GF 95 -136.11 -25.56 7.14
CA GLU GF 95 -134.92 -26.08 6.47
C GLU GF 95 -134.36 -27.28 7.21
N TRP GF 96 -134.37 -27.24 8.55
CA TRP GF 96 -133.83 -28.34 9.33
C TRP GF 96 -134.70 -29.58 9.22
N GLU GF 97 -136.02 -29.40 9.17
CA GLU GF 97 -136.90 -30.54 8.93
C GLU GF 97 -136.65 -31.16 7.56
N THR GF 98 -136.49 -30.32 6.54
CA THR GF 98 -136.17 -30.84 5.21
C THR GF 98 -134.82 -31.54 5.21
N HIS GF 99 -133.86 -31.02 5.97
CA HIS GF 99 -132.55 -31.64 6.07
C HIS GF 99 -132.65 -33.01 6.71
N LYS GF 100 -133.47 -33.13 7.77
CA LYS GF 100 -133.84 -34.47 8.24
C LYS GF 100 -134.28 -35.33 7.08
N ARG GF 101 -135.39 -34.96 6.45
CA ARG GF 101 -136.01 -35.84 5.46
C ARG GF 101 -134.99 -36.30 4.42
N ASN GF 102 -134.15 -35.38 3.96
CA ASN GF 102 -133.15 -35.74 2.94
C ASN GF 102 -132.08 -36.68 3.49
N VAL GF 103 -131.58 -36.40 4.70
CA VAL GF 103 -130.53 -37.26 5.24
C VAL GF 103 -131.08 -38.65 5.56
N ASP GF 104 -132.31 -38.73 6.06
CA ASP GF 104 -132.93 -40.03 6.25
C ASP GF 104 -133.11 -40.76 4.92
N THR GF 105 -133.52 -40.04 3.86
CA THR GF 105 -133.67 -40.67 2.56
C THR GF 105 -132.36 -41.26 2.07
N LEU GF 106 -131.26 -40.53 2.25
CA LEU GF 106 -129.97 -41.01 1.78
C LEU GF 106 -129.37 -42.09 2.67
N PHE GF 107 -129.56 -41.99 3.99
CA PHE GF 107 -128.83 -42.79 4.97
C PHE GF 107 -129.71 -43.83 5.65
N ALA GF 108 -130.81 -43.40 6.28
CA ALA GF 108 -131.63 -44.31 7.06
C ALA GF 108 -132.28 -45.37 6.19
N SER GF 109 -132.81 -44.97 5.05
CA SER GF 109 -133.44 -45.90 4.12
C SER GF 109 -132.56 -46.26 2.94
N GLY GF 110 -131.42 -45.60 2.78
CA GLY GF 110 -130.50 -45.87 1.69
C GLY GF 110 -129.33 -46.72 2.11
N ASN GF 111 -128.23 -46.56 1.38
CA ASN GF 111 -127.00 -47.31 1.63
C ASN GF 111 -125.79 -46.39 1.77
N ALA GF 112 -126.02 -45.12 2.13
CA ALA GF 112 -124.92 -44.17 2.25
C ALA GF 112 -123.99 -44.52 3.39
N GLY GF 113 -124.47 -45.21 4.40
CA GLY GF 113 -123.61 -45.59 5.52
C GLY GF 113 -122.51 -46.54 5.11
N LEU GF 114 -122.76 -47.35 4.09
CA LEU GF 114 -121.78 -48.34 3.63
C LEU GF 114 -120.89 -47.75 2.54
N GLY GF 115 -121.05 -46.46 2.26
CA GLY GF 115 -120.26 -45.83 1.22
C GLY GF 115 -120.86 -45.95 -0.16
N PHE GF 116 -122.14 -45.62 -0.30
CA PHE GF 116 -122.84 -45.73 -1.58
C PHE GF 116 -123.62 -44.45 -1.83
N LEU GF 117 -123.77 -44.11 -3.11
CA LEU GF 117 -124.58 -42.97 -3.53
C LEU GF 117 -125.68 -43.47 -4.47
N ASP GF 118 -126.89 -42.96 -4.28
CA ASP GF 118 -128.01 -43.31 -5.16
C ASP GF 118 -128.44 -42.06 -5.90
N PRO GF 119 -128.05 -41.86 -7.16
CA PRO GF 119 -128.49 -40.67 -7.89
C PRO GF 119 -129.99 -40.60 -8.12
N THR GF 120 -130.70 -41.72 -7.99
CA THR GF 120 -132.14 -41.75 -8.18
C THR GF 120 -132.92 -41.52 -6.89
N ALA GF 121 -132.24 -41.19 -5.80
CA ALA GF 121 -132.93 -40.96 -4.54
C ALA GF 121 -133.86 -39.75 -4.63
N ALA GF 122 -134.98 -39.83 -3.93
CA ALA GF 122 -136.01 -38.79 -3.98
C ALA GF 122 -135.67 -37.70 -2.96
N ILE GF 123 -134.91 -36.72 -3.42
CA ILE GF 123 -134.52 -35.58 -2.59
C ILE GF 123 -135.47 -34.43 -2.87
N VAL GF 124 -135.97 -33.80 -1.80
CA VAL GF 124 -136.97 -32.75 -1.90
C VAL GF 124 -136.48 -31.50 -1.18
N SER GF 125 -137.00 -30.35 -1.58
CA SER GF 125 -136.64 -29.08 -0.98
C SER GF 125 -137.68 -28.67 0.07
N SER GF 126 -137.40 -27.54 0.73
CA SER GF 126 -138.31 -27.02 1.74
C SER GF 126 -139.52 -26.35 1.13
N ASP GF 127 -139.39 -25.79 -0.07
CA ASP GF 127 -140.51 -25.10 -0.71
C ASP GF 127 -141.60 -26.09 -1.09
N THR GF 128 -142.83 -25.61 -1.09
CA THR GF 128 -144.00 -26.41 -1.42
C THR GF 128 -144.67 -25.88 -2.68
N THR GF 129 -145.32 -26.78 -3.40
CA THR GF 129 -146.01 -26.43 -4.64
C THR GF 129 -147.32 -25.70 -4.35
N ALA HF 1 -146.91 -3.41 29.74
CA ALA HF 1 -146.08 -4.56 30.10
C ALA HF 1 -144.81 -4.59 29.26
N ASN HF 2 -143.68 -4.31 29.89
CA ASN HF 2 -142.41 -4.32 29.20
C ASN HF 2 -142.00 -5.74 28.84
N LYS HF 3 -141.31 -5.89 27.71
CA LYS HF 3 -140.91 -7.21 27.24
C LYS HF 3 -139.82 -7.77 28.16
N PRO HF 4 -139.94 -9.01 28.62
CA PRO HF 4 -138.91 -9.57 29.48
C PRO HF 4 -137.62 -9.87 28.72
N MET HF 5 -136.52 -9.89 29.46
CA MET HF 5 -135.21 -10.20 28.92
C MET HF 5 -134.66 -11.48 29.55
N GLN HF 6 -133.80 -12.16 28.81
CA GLN HF 6 -133.13 -13.35 29.29
C GLN HF 6 -131.63 -13.22 29.13
N PRO HF 7 -130.83 -13.84 30.00
CA PRO HF 7 -129.37 -13.74 29.87
C PRO HF 7 -128.87 -14.54 28.68
N ILE HF 8 -127.89 -13.99 27.98
CA ILE HF 8 -127.32 -14.62 26.79
C ILE HF 8 -125.88 -15.06 27.05
N THR HF 9 -125.09 -14.22 27.71
CA THR HF 9 -123.75 -14.59 28.15
C THR HF 9 -123.65 -14.39 29.65
N SER HF 10 -123.19 -15.42 30.35
CA SER HF 10 -123.25 -15.43 31.81
C SER HF 10 -121.85 -15.60 32.38
N THR HF 11 -121.42 -14.59 33.14
CA THR HF 11 -120.20 -14.66 33.94
C THR HF 11 -120.43 -13.86 35.21
N ALA HF 12 -119.90 -14.36 36.33
CA ALA HF 12 -120.10 -13.68 37.60
C ALA HF 12 -119.51 -12.27 37.57
N ASN HF 13 -118.48 -12.06 36.75
CA ASN HF 13 -117.94 -10.72 36.57
C ASN HF 13 -118.83 -9.85 35.69
N LYS HF 14 -119.49 -10.45 34.69
CA LYS HF 14 -120.27 -9.69 33.73
C LYS HF 14 -121.40 -10.55 33.18
N ILE HF 15 -122.63 -10.05 33.29
CA ILE HF 15 -123.81 -10.70 32.71
C ILE HF 15 -124.50 -9.71 31.78
N VAL HF 16 -124.81 -10.15 30.57
CA VAL HF 16 -125.47 -9.34 29.57
C VAL HF 16 -126.84 -9.94 29.29
N TRP HF 17 -127.87 -9.10 29.30
CA TRP HF 17 -129.23 -9.51 28.98
C TRP HF 17 -129.55 -9.14 27.54
N SER HF 18 -130.55 -9.81 26.97
CA SER HF 18 -130.93 -9.57 25.59
C SER HF 18 -132.40 -9.90 25.39
N ASP HF 19 -133.05 -9.12 24.53
CA ASP HF 19 -134.44 -9.36 24.18
C ASP HF 19 -134.48 -10.44 23.09
N PRO HF 20 -135.17 -11.56 23.31
CA PRO HF 20 -135.24 -12.59 22.26
C PRO HF 20 -135.83 -12.11 20.96
N THR HF 21 -136.76 -11.15 20.99
CA THR HF 21 -137.37 -10.64 19.77
C THR HF 21 -136.53 -9.60 19.06
N ARG HF 22 -135.67 -8.87 19.80
CA ARG HF 22 -134.80 -7.87 19.20
C ARG HF 22 -133.43 -8.02 19.85
N LEU HF 23 -132.54 -8.79 19.22
CA LEU HF 23 -131.24 -9.07 19.80
C LEU HF 23 -130.34 -7.84 19.84
N SER HF 24 -130.69 -6.77 19.15
CA SER HF 24 -129.89 -5.54 19.19
C SER HF 24 -130.03 -4.80 20.51
N THR HF 25 -131.00 -5.16 21.34
CA THR HF 25 -131.20 -4.53 22.64
C THR HF 25 -130.52 -5.36 23.71
N THR HF 26 -129.55 -4.75 24.40
CA THR HF 26 -128.76 -5.45 25.40
C THR HF 26 -128.68 -4.63 26.67
N PHE HF 27 -128.48 -5.32 27.79
CA PHE HF 27 -128.26 -4.70 29.09
C PHE HF 27 -127.14 -5.45 29.80
N SER HF 28 -126.03 -4.75 30.06
CA SER HF 28 -124.85 -5.36 30.63
C SER HF 28 -124.60 -4.84 32.03
N ALA HF 29 -124.26 -5.75 32.94
CA ALA HF 29 -123.89 -5.40 34.30
C ALA HF 29 -122.53 -6.03 34.61
N SER HF 30 -121.57 -5.21 35.01
CA SER HF 30 -120.22 -5.67 35.32
C SER HF 30 -119.82 -5.14 36.68
N LEU HF 31 -119.33 -6.02 37.55
CA LEU HF 31 -118.90 -5.66 38.88
C LEU HF 31 -117.42 -5.97 39.04
N LEU HF 32 -116.66 -4.98 39.51
CA LEU HF 32 -115.24 -5.15 39.82
C LEU HF 32 -115.03 -4.81 41.29
N ARG HF 33 -114.41 -5.73 42.02
CA ARG HF 33 -114.24 -5.59 43.47
C ARG HF 33 -112.75 -5.58 43.81
N GLN HF 34 -112.37 -4.67 44.69
CA GLN HF 34 -110.98 -4.53 45.12
C GLN HF 34 -110.97 -4.15 46.59
N ARG HF 35 -109.90 -4.52 47.28
CA ARG HF 35 -109.73 -4.17 48.70
C ARG HF 35 -108.87 -2.92 48.78
N VAL HF 36 -109.50 -1.78 48.52
CA VAL HF 36 -108.84 -0.48 48.64
C VAL HF 36 -109.06 0.03 50.05
N LYS HF 37 -108.09 -0.21 50.93
CA LYS HF 37 -108.28 0.10 52.34
C LYS HF 37 -107.70 1.47 52.68
N VAL HF 38 -108.50 2.26 53.40
CA VAL HF 38 -108.06 3.54 53.93
C VAL HF 38 -107.27 3.26 55.20
N GLY HF 39 -106.61 4.30 55.73
CA GLY HF 39 -105.77 4.14 56.91
C GLY HF 39 -106.47 3.49 58.09
N ILE HF 40 -105.78 2.53 58.72
CA ILE HF 40 -106.23 1.79 59.90
C ILE HF 40 -107.67 1.30 59.75
N ALA HF 41 -108.09 1.00 58.54
CA ALA HF 41 -109.43 0.48 58.28
C ALA HF 41 -109.37 -0.43 57.06
N GLU HF 42 -110.39 -1.30 56.97
CA GLU HF 42 -110.54 -2.22 55.85
C GLU HF 42 -111.85 -1.93 55.15
N LEU HF 43 -111.80 -1.74 53.84
CA LEU HF 43 -112.98 -1.40 53.05
C LEU HF 43 -112.95 -2.17 51.74
N ASN HF 44 -114.09 -2.75 51.36
CA ASN HF 44 -114.25 -3.44 50.10
C ASN HF 44 -115.18 -2.63 49.21
N ASN HF 45 -114.66 -2.12 48.09
CA ASN HF 45 -115.45 -1.32 47.17
C ASN HF 45 -115.83 -2.13 45.95
N VAL HF 46 -116.97 -1.80 45.36
CA VAL HF 46 -117.51 -2.49 44.19
C VAL HF 46 -117.86 -1.43 43.17
N SER HF 47 -117.07 -1.35 42.10
CA SER HF 47 -117.34 -0.43 41.00
C SER HF 47 -118.21 -1.14 39.97
N GLY HF 48 -119.47 -0.72 39.87
CA GLY HF 48 -120.40 -1.39 38.98
C GLY HF 48 -120.74 -0.59 37.73
N GLN HF 49 -120.52 -1.18 36.56
CA GLN HF 49 -120.77 -0.53 35.29
C GLN HF 49 -122.01 -1.15 34.66
N TYR HF 50 -123.01 -0.32 34.35
CA TYR HF 50 -124.26 -0.77 33.76
C TYR HF 50 -124.44 -0.06 32.43
N VAL HF 51 -124.56 -0.83 31.36
CA VAL HF 51 -124.64 -0.29 30.01
C VAL HF 51 -125.93 -0.77 29.36
N SER HF 52 -126.70 0.16 28.81
CA SER HF 52 -127.91 -0.15 28.07
C SER HF 52 -127.73 0.28 26.62
N VAL HF 53 -127.97 -0.65 25.69
CA VAL HF 53 -127.78 -0.41 24.27
C VAL HF 53 -129.09 -0.69 23.55
N TYR HF 54 -129.56 0.29 22.78
CA TYR HF 54 -130.74 0.15 21.93
C TYR HF 54 -130.45 0.82 20.60
N LYS HF 55 -130.75 0.11 19.51
CA LYS HF 55 -130.54 0.62 18.16
C LYS HF 55 -131.89 1.04 17.59
N ARG HF 56 -132.11 2.34 17.51
CA ARG HF 56 -133.40 2.91 17.11
C ARG HF 56 -133.33 3.41 15.68
N PRO HF 57 -134.34 3.11 14.86
CA PRO HF 57 -134.35 3.65 13.50
C PRO HF 57 -134.41 5.17 13.51
N ALA HF 58 -133.77 5.77 12.50
CA ALA HF 58 -133.79 7.21 12.37
C ALA HF 58 -135.22 7.69 12.13
N PRO HF 59 -135.58 8.87 12.64
CA PRO HF 59 -136.98 9.32 12.53
C PRO HF 59 -137.43 9.50 11.10
N LYS HF 60 -138.62 9.00 10.78
CA LYS HF 60 -139.22 9.13 9.46
C LYS HF 60 -139.64 10.59 9.25
N PRO HF 61 -139.70 11.06 8.00
CA PRO HF 61 -140.15 12.43 7.76
C PRO HF 61 -141.56 12.68 8.29
N GLU HF 62 -141.79 13.89 8.82
CA GLU HF 62 -143.04 14.15 9.53
C GLU HF 62 -144.24 14.05 8.60
N GLY HF 63 -144.12 14.57 7.38
CA GLY HF 63 -145.22 14.50 6.43
C GLY HF 63 -145.15 13.27 5.55
N CYS HF 64 -145.20 12.09 6.16
CA CYS HF 64 -145.07 10.84 5.42
C CYS HF 64 -146.17 9.87 5.85
N ALA HF 65 -146.74 9.18 4.86
CA ALA HF 65 -147.71 8.13 5.10
C ALA HF 65 -147.35 6.82 4.40
N ASP HF 66 -146.10 6.66 3.95
CA ASP HF 66 -145.70 5.46 3.24
C ASP HF 66 -145.76 4.25 4.15
N ALA HF 67 -146.10 3.09 3.56
CA ALA HF 67 -146.27 1.86 4.33
C ALA HF 67 -144.97 1.40 4.96
N CYS HF 68 -143.96 1.12 4.16
CA CYS HF 68 -142.71 0.56 4.65
C CYS HF 68 -141.52 1.19 3.94
N VAL HF 69 -140.84 2.10 4.64
CA VAL HF 69 -139.51 2.56 4.27
C VAL HF 69 -138.65 2.50 5.52
N ILE HF 70 -137.50 1.85 5.43
CA ILE HF 70 -136.67 1.57 6.60
C ILE HF 70 -135.41 2.42 6.51
N MET HF 71 -135.14 3.18 7.57
CA MET HF 71 -133.93 3.99 7.69
C MET HF 71 -132.95 3.31 8.63
N PRO HF 72 -131.65 3.49 8.45
CA PRO HF 72 -130.67 2.77 9.27
C PRO HF 72 -130.74 3.20 10.74
N ASN HF 73 -130.34 2.27 11.59
CA ASN HF 73 -130.45 2.44 13.03
C ASN HF 73 -129.33 3.33 13.57
N GLU HF 74 -129.59 3.97 14.70
CA GLU HF 74 -128.63 4.79 15.41
C GLU HF 74 -128.36 4.16 16.76
N ASN HF 75 -127.20 4.45 17.34
CA ASN HF 75 -126.82 3.84 18.60
C ASN HF 75 -127.24 4.73 19.76
N GLN HF 76 -128.09 4.18 20.63
CA GLN HF 76 -128.52 4.86 21.86
C GLN HF 76 -127.90 4.12 23.04
N SER HF 77 -127.01 4.79 23.76
CA SER HF 77 -126.26 4.17 24.85
C SER HF 77 -126.43 4.98 26.12
N ILE HF 78 -126.75 4.30 27.21
CA ILE HF 78 -126.83 4.89 28.55
C ILE HF 78 -125.96 4.06 29.47
N ARG HF 79 -124.91 4.67 30.00
CA ARG HF 79 -123.90 3.98 30.79
C ARG HF 79 -123.82 4.60 32.18
N THR HF 80 -123.94 3.77 33.21
CA THR HF 80 -123.91 4.22 34.59
C THR HF 80 -122.85 3.45 35.36
N VAL HF 81 -122.01 4.17 36.10
CA VAL HF 81 -120.95 3.58 36.91
C VAL HF 81 -121.18 4.01 38.35
N ILE HF 82 -121.21 3.03 39.26
CA ILE HF 82 -121.42 3.27 40.68
C ILE HF 82 -120.24 2.67 41.43
N SER HF 83 -119.53 3.51 42.18
CA SER HF 83 -118.35 3.10 42.94
C SER HF 83 -118.53 3.48 44.39
N GLY HF 84 -118.30 2.53 45.29
CA GLY HF 84 -118.41 2.78 46.71
C GLY HF 84 -118.15 1.55 47.56
N SER HF 85 -117.85 1.77 48.84
CA SER HF 85 -117.58 0.65 49.74
C SER HF 85 -118.86 -0.10 50.06
N ALA HF 86 -118.71 -1.38 50.39
CA ALA HF 86 -119.88 -2.20 50.72
C ALA HF 86 -120.48 -1.79 52.06
N GLU HF 87 -119.67 -1.20 52.94
CA GLU HF 87 -120.15 -0.82 54.26
C GLU HF 87 -121.13 0.33 54.19
N ASN HF 88 -121.00 1.19 53.18
CA ASN HF 88 -121.82 2.38 53.03
C ASN HF 88 -122.94 2.20 52.02
N LEU HF 89 -123.57 1.02 51.99
CA LEU HF 89 -124.55 0.72 50.96
C LEU HF 89 -125.77 1.63 51.06
N ALA HF 90 -126.24 1.90 52.28
CA ALA HF 90 -127.43 2.73 52.44
C ALA HF 90 -127.19 4.15 51.95
N THR HF 91 -126.05 4.73 52.32
CA THR HF 91 -125.71 6.06 51.85
C THR HF 91 -125.48 6.08 50.34
N LEU HF 92 -124.91 5.01 49.79
CA LEU HF 92 -124.75 4.93 48.34
C LEU HF 92 -126.10 4.88 47.64
N LYS HF 93 -127.06 4.16 48.21
CA LYS HF 93 -128.40 4.12 47.63
C LYS HF 93 -129.06 5.49 47.70
N ALA HF 94 -128.87 6.21 48.81
CA ALA HF 94 -129.39 7.58 48.90
C ALA HF 94 -128.76 8.47 47.84
N GLU HF 95 -127.45 8.35 47.65
CA GLU HF 95 -126.77 9.11 46.59
C GLU HF 95 -127.32 8.74 45.22
N TRP HF 96 -127.65 7.47 45.02
CA TRP HF 96 -128.20 7.03 43.74
C TRP HF 96 -129.58 7.65 43.50
N GLU HF 97 -130.40 7.72 44.53
CA GLU HF 97 -131.70 8.38 44.40
C GLU HF 97 -131.53 9.86 44.07
N THR HF 98 -130.59 10.53 44.76
CA THR HF 98 -130.33 11.94 44.47
C THR HF 98 -129.82 12.12 43.04
N HIS HF 99 -128.97 11.21 42.58
CA HIS HF 99 -128.48 11.25 41.21
C HIS HF 99 -129.62 11.08 40.21
N LYS HF 100 -130.53 10.15 40.49
CA LYS HF 100 -131.74 10.03 39.67
C LYS HF 100 -132.45 11.36 39.56
N ARG HF 101 -132.71 12.00 40.72
CA ARG HF 101 -133.51 13.21 40.73
C ARG HF 101 -132.81 14.33 39.95
N ASN HF 102 -131.50 14.48 40.14
CA ASN HF 102 -130.77 15.55 39.46
C ASN HF 102 -130.69 15.30 37.96
N VAL HF 103 -130.36 14.08 37.54
CA VAL HF 103 -130.31 13.77 36.12
C VAL HF 103 -131.68 13.95 35.50
N ASP HF 104 -132.74 13.62 36.25
CA ASP HF 104 -134.09 13.81 35.73
C ASP HF 104 -134.40 15.29 35.52
N THR HF 105 -134.10 16.13 36.52
CA THR HF 105 -134.45 17.53 36.40
C THR HF 105 -133.60 18.22 35.33
N LEU HF 106 -132.43 17.66 35.01
CA LEU HF 106 -131.66 18.24 33.92
C LEU HF 106 -132.07 17.71 32.54
N PHE HF 107 -132.43 16.43 32.45
CA PHE HF 107 -132.62 15.74 31.18
C PHE HF 107 -134.09 15.58 30.81
N ALA HF 108 -134.87 14.93 31.68
CA ALA HF 108 -136.26 14.63 31.33
C ALA HF 108 -137.11 15.88 31.28
N SER HF 109 -137.01 16.74 32.30
CA SER HF 109 -137.75 17.98 32.33
C SER HF 109 -136.94 19.17 31.83
N GLY HF 110 -135.70 18.95 31.38
CA GLY HF 110 -134.85 20.00 30.90
C GLY HF 110 -134.64 19.95 29.39
N ASN HF 111 -133.58 20.61 28.95
CA ASN HF 111 -133.24 20.70 27.53
C ASN HF 111 -131.83 20.14 27.26
N ALA HF 112 -131.24 19.47 28.25
CA ALA HF 112 -129.92 18.90 28.07
C ALA HF 112 -129.92 17.79 27.04
N GLY HF 113 -131.06 17.13 26.83
CA GLY HF 113 -131.16 16.14 25.78
C GLY HF 113 -130.93 16.72 24.40
N LEU HF 114 -131.43 17.91 24.13
CA LEU HF 114 -131.13 18.64 22.90
C LEU HF 114 -129.75 19.27 22.93
N GLY HF 115 -129.26 19.65 24.12
CA GLY HF 115 -127.93 20.19 24.23
C GLY HF 115 -127.84 21.57 24.85
N PHE HF 116 -128.79 21.95 25.68
CA PHE HF 116 -128.80 23.24 26.34
C PHE HF 116 -128.73 23.04 27.85
N LEU HF 117 -127.84 23.79 28.50
CA LEU HF 117 -127.69 23.74 29.96
C LEU HF 117 -128.34 24.97 30.58
N ASP HF 118 -129.07 24.76 31.66
CA ASP HF 118 -129.74 25.84 32.36
C ASP HF 118 -129.05 26.08 33.69
N PRO HF 119 -128.26 27.15 33.85
CA PRO HF 119 -127.65 27.44 35.16
C PRO HF 119 -128.64 27.59 36.30
N THR HF 120 -129.94 27.69 36.02
CA THR HF 120 -130.94 27.91 37.04
C THR HF 120 -131.68 26.64 37.46
N ALA HF 121 -131.18 25.46 37.08
CA ALA HF 121 -131.84 24.22 37.43
C ALA HF 121 -131.81 24.01 38.94
N ALA HF 122 -132.85 23.35 39.45
CA ALA HF 122 -133.00 23.10 40.88
C ALA HF 122 -132.34 21.77 41.23
N ILE HF 123 -131.04 21.83 41.50
CA ILE HF 123 -130.27 20.65 41.90
C ILE HF 123 -130.24 20.57 43.41
N VAL HF 124 -130.56 19.40 43.95
CA VAL HF 124 -130.65 19.20 45.40
C VAL HF 124 -129.77 18.03 45.80
N SER HF 125 -129.35 18.04 47.07
CA SER HF 125 -128.40 17.05 47.57
C SER HF 125 -129.10 15.97 48.37
N SER HF 126 -128.33 14.94 48.73
CA SER HF 126 -128.89 13.83 49.50
C SER HF 126 -129.17 14.21 50.95
N ASP HF 127 -128.36 15.09 51.54
CA ASP HF 127 -128.58 15.49 52.92
C ASP HF 127 -129.87 16.31 53.03
N THR HF 128 -130.54 16.15 54.17
CA THR HF 128 -131.80 16.82 54.44
C THR HF 128 -131.62 17.84 55.56
N THR HF 129 -132.46 18.86 55.53
CA THR HF 129 -132.40 19.93 56.53
C THR HF 129 -132.98 19.45 57.86
N ALA IF 1 -131.64 -21.67 61.24
CA ALA IF 1 -131.73 -20.81 60.07
C ALA IF 1 -130.41 -20.10 59.82
N ASN IF 2 -129.46 -20.82 59.21
CA ASN IF 2 -128.16 -20.25 58.91
C ASN IF 2 -128.26 -19.32 57.71
N LYS IF 3 -127.33 -18.36 57.63
CA LYS IF 3 -127.37 -17.35 56.59
C LYS IF 3 -126.97 -17.94 55.25
N PRO IF 4 -127.81 -17.84 54.22
CA PRO IF 4 -127.44 -18.36 52.90
C PRO IF 4 -126.38 -17.49 52.23
N MET IF 5 -125.72 -18.07 51.23
CA MET IF 5 -124.63 -17.42 50.52
C MET IF 5 -124.93 -17.39 49.03
N GLN IF 6 -124.27 -16.47 48.33
CA GLN IF 6 -124.40 -16.31 46.88
C GLN IF 6 -123.03 -16.38 46.22
N PRO IF 7 -122.96 -16.79 44.94
CA PRO IF 7 -121.66 -16.93 44.28
C PRO IF 7 -121.05 -15.61 43.84
N ILE IF 8 -119.77 -15.39 44.16
CA ILE IF 8 -119.07 -14.22 43.67
C ILE IF 8 -118.33 -14.47 42.37
N THR IF 9 -117.85 -15.69 42.15
CA THR IF 9 -117.11 -16.04 40.95
C THR IF 9 -117.64 -17.37 40.43
N SER IF 10 -118.15 -17.36 39.20
CA SER IF 10 -118.74 -18.55 38.59
C SER IF 10 -117.92 -18.92 37.36
N THR IF 11 -117.46 -20.17 37.33
CA THR IF 11 -116.67 -20.69 36.23
C THR IF 11 -117.00 -22.16 36.04
N ALA IF 12 -116.71 -22.68 34.85
CA ALA IF 12 -116.99 -24.07 34.55
C ALA IF 12 -116.15 -25.01 35.42
N ASN IF 13 -115.08 -24.50 36.03
CA ASN IF 13 -114.20 -25.31 36.85
C ASN IF 13 -114.07 -24.83 38.29
N LYS IF 14 -114.70 -23.72 38.67
CA LYS IF 14 -114.59 -23.21 40.03
C LYS IF 14 -115.74 -22.26 40.31
N ILE IF 15 -116.38 -22.44 41.46
CA ILE IF 15 -117.42 -21.53 41.95
C ILE IF 15 -117.08 -21.16 43.39
N VAL IF 16 -117.12 -19.87 43.69
CA VAL IF 16 -116.80 -19.35 45.01
C VAL IF 16 -118.03 -18.64 45.56
N TRP IF 17 -118.46 -19.05 46.75
CA TRP IF 17 -119.60 -18.43 47.43
C TRP IF 17 -119.10 -17.48 48.50
N SER IF 18 -119.97 -16.55 48.89
CA SER IF 18 -119.63 -15.58 49.93
C SER IF 18 -120.91 -15.09 50.60
N ASP IF 19 -120.80 -14.79 51.90
CA ASP IF 19 -121.94 -14.27 52.63
C ASP IF 19 -122.13 -12.78 52.35
N PRO IF 20 -123.34 -12.34 52.03
CA PRO IF 20 -123.56 -10.90 51.83
C PRO IF 20 -123.22 -10.05 53.04
N THR IF 21 -123.48 -10.55 54.25
CA THR IF 21 -123.21 -9.77 55.45
C THR IF 21 -121.71 -9.63 55.69
N ARG IF 22 -120.98 -10.74 55.62
CA ARG IF 22 -119.53 -10.74 55.79
C ARG IF 22 -118.89 -11.29 54.52
N LEU IF 23 -118.08 -10.47 53.86
CA LEU IF 23 -117.42 -10.91 52.63
C LEU IF 23 -116.16 -11.68 52.95
N SER IF 24 -115.74 -11.69 54.21
CA SER IF 24 -114.54 -12.39 54.62
C SER IF 24 -114.71 -13.90 54.50
N THR IF 25 -115.89 -14.40 54.87
CA THR IF 25 -116.15 -15.83 54.82
C THR IF 25 -116.53 -16.25 53.41
N THR IF 26 -115.82 -17.23 52.86
CA THR IF 26 -116.07 -17.74 51.52
C THR IF 26 -115.98 -19.26 51.51
N PHE IF 27 -116.64 -19.86 50.52
CA PHE IF 27 -116.62 -21.30 50.31
C PHE IF 27 -116.38 -21.56 48.84
N SER IF 28 -115.28 -22.23 48.52
CA SER IF 28 -114.86 -22.44 47.14
C SER IF 28 -114.83 -23.92 46.81
N ALA IF 29 -115.30 -24.25 45.62
CA ALA IF 29 -115.31 -25.62 45.12
C ALA IF 29 -114.71 -25.63 43.72
N SER IF 30 -113.74 -26.52 43.49
CA SER IF 30 -113.08 -26.64 42.20
C SER IF 30 -112.99 -28.13 41.85
N LEU IF 31 -113.25 -28.46 40.59
CA LEU IF 31 -113.21 -29.83 40.11
C LEU IF 31 -112.20 -29.96 38.98
N LEU IF 32 -111.37 -30.99 39.06
CA LEU IF 32 -110.41 -31.32 38.02
C LEU IF 32 -110.77 -32.68 37.44
N ARG IF 33 -110.89 -32.75 36.13
CA ARG IF 33 -111.36 -33.95 35.44
C ARG IF 33 -110.27 -34.45 34.50
N GLN IF 34 -109.80 -35.67 34.74
CA GLN IF 34 -108.77 -36.29 33.92
C GLN IF 34 -109.10 -37.76 33.72
N ARG IF 35 -108.79 -38.26 32.52
CA ARG IF 35 -108.94 -39.69 32.24
C ARG IF 35 -107.72 -40.43 32.75
N VAL IF 36 -107.95 -41.52 33.49
CA VAL IF 36 -106.90 -42.30 34.12
C VAL IF 36 -106.74 -43.60 33.34
N LYS IF 37 -105.52 -43.90 32.94
CA LYS IF 37 -105.20 -45.11 32.19
C LYS IF 37 -104.91 -46.24 33.18
N VAL IF 38 -105.79 -47.23 33.23
CA VAL IF 38 -105.61 -48.42 34.04
C VAL IF 38 -105.68 -49.62 33.11
N GLY IF 39 -104.89 -50.65 33.43
CA GLY IF 39 -104.83 -51.84 32.61
C GLY IF 39 -106.20 -52.39 32.26
N ILE IF 40 -106.41 -52.68 30.97
CA ILE IF 40 -107.68 -53.13 30.40
C ILE IF 40 -108.86 -52.37 30.99
N ALA IF 41 -108.70 -51.06 31.15
CA ALA IF 41 -109.78 -50.22 31.66
C ALA IF 41 -109.60 -48.80 31.14
N GLU IF 42 -110.72 -48.12 30.89
CA GLU IF 42 -110.72 -46.72 30.49
C GLU IF 42 -111.71 -45.98 31.38
N LEU IF 43 -111.24 -45.52 32.53
CA LEU IF 43 -112.07 -44.83 33.51
C LEU IF 43 -111.47 -43.47 33.82
N ASN IF 44 -112.34 -42.52 34.14
CA ASN IF 44 -111.95 -41.12 34.34
C ASN IF 44 -112.17 -40.70 35.79
N ASN IF 45 -111.16 -40.05 36.36
CA ASN IF 45 -111.23 -39.63 37.75
C ASN IF 45 -111.72 -38.18 37.85
N VAL IF 46 -112.36 -37.86 38.97
CA VAL IF 46 -112.80 -36.51 39.27
C VAL IF 46 -112.23 -36.14 40.63
N SER IF 47 -111.45 -35.05 40.67
CA SER IF 47 -110.84 -34.57 41.89
C SER IF 47 -111.54 -33.28 42.31
N GLY IF 48 -112.06 -33.26 43.53
CA GLY IF 48 -112.78 -32.10 44.01
C GLY IF 48 -112.15 -31.46 45.23
N GLN IF 49 -111.85 -30.17 45.14
CA GLN IF 49 -111.26 -29.41 46.24
C GLN IF 49 -112.29 -28.44 46.78
N TYR IF 50 -112.59 -28.56 48.07
CA TYR IF 50 -113.56 -27.70 48.75
C TYR IF 50 -112.83 -26.96 49.86
N VAL IF 51 -112.86 -25.63 49.81
CA VAL IF 51 -112.15 -24.80 50.76
C VAL IF 51 -113.16 -23.88 51.44
N SER IF 52 -113.22 -23.94 52.76
CA SER IF 52 -114.07 -23.07 53.56
C SER IF 52 -113.21 -22.28 54.54
N VAL IF 53 -113.32 -20.96 54.47
CA VAL IF 53 -112.51 -20.07 55.29
C VAL IF 53 -113.41 -19.11 56.04
N TYR IF 54 -113.10 -18.89 57.32
CA TYR IF 54 -113.78 -17.91 58.15
C TYR IF 54 -112.74 -17.06 58.85
N LYS IF 55 -112.95 -15.74 58.84
CA LYS IF 55 -111.99 -14.82 59.42
C LYS IF 55 -112.44 -14.46 60.84
N ARG IF 56 -112.28 -15.43 61.73
CA ARG IF 56 -112.75 -15.29 63.10
C ARG IF 56 -111.95 -14.22 63.84
N PRO IF 57 -112.61 -13.37 64.62
CA PRO IF 57 -111.88 -12.39 65.43
C PRO IF 57 -111.06 -13.08 66.52
N ALA IF 58 -109.96 -12.43 66.88
CA ALA IF 58 -109.13 -12.93 67.97
C ALA IF 58 -109.90 -12.87 69.28
N PRO IF 59 -109.60 -13.72 70.26
CA PRO IF 59 -110.42 -13.74 71.47
C PRO IF 59 -110.18 -12.51 72.33
N LYS IF 60 -111.28 -11.89 72.74
CA LYS IF 60 -111.22 -10.65 73.50
C LYS IF 60 -110.56 -10.90 74.86
N PRO IF 61 -109.76 -9.97 75.36
CA PRO IF 61 -109.18 -10.14 76.70
C PRO IF 61 -110.24 -10.22 77.79
N GLU IF 62 -109.89 -10.84 78.91
CA GLU IF 62 -110.85 -11.21 79.94
C GLU IF 62 -111.19 -10.00 80.80
N GLY IF 63 -112.47 -9.85 81.11
CA GLY IF 63 -112.93 -8.88 82.08
C GLY IF 63 -112.99 -7.45 81.62
N CYS IF 64 -112.80 -7.18 80.32
CA CYS IF 64 -112.82 -5.82 79.81
C CYS IF 64 -113.83 -5.71 78.68
N ALA IF 65 -114.86 -4.90 78.89
CA ALA IF 65 -115.83 -4.58 77.84
C ALA IF 65 -115.41 -3.27 77.19
N ASP IF 66 -114.55 -3.36 76.18
CA ASP IF 66 -114.06 -2.16 75.51
C ASP IF 66 -115.19 -1.43 74.80
N ALA IF 67 -114.89 -0.22 74.34
CA ALA IF 67 -115.91 0.61 73.70
C ALA IF 67 -116.47 -0.07 72.45
N CYS IF 68 -115.59 -0.67 71.65
CA CYS IF 68 -116.00 -1.36 70.43
C CYS IF 68 -114.95 -2.40 70.05
N VAL IF 69 -115.36 -3.34 69.19
CA VAL IF 69 -114.48 -4.43 68.82
C VAL IF 69 -113.30 -3.92 67.99
N ILE IF 70 -112.09 -4.22 68.46
CA ILE IF 70 -110.87 -3.75 67.82
C ILE IF 70 -109.90 -4.91 67.64
N MET IF 71 -110.41 -6.13 67.76
CA MET IF 71 -109.54 -7.30 67.79
C MET IF 71 -108.94 -7.58 66.43
N PRO IF 72 -107.66 -7.96 66.35
CA PRO IF 72 -107.05 -8.29 65.08
C PRO IF 72 -107.36 -9.71 64.62
N ASN IF 73 -108.50 -9.88 63.94
CA ASN IF 73 -109.02 -11.19 63.55
C ASN IF 73 -108.00 -12.12 62.90
N GLU IF 74 -108.23 -13.43 63.03
CA GLU IF 74 -107.34 -14.46 62.54
C GLU IF 74 -107.96 -15.18 61.36
N ASN IF 75 -107.27 -16.22 60.89
CA ASN IF 75 -107.74 -17.00 59.75
C ASN IF 75 -108.07 -18.41 60.22
N GLN IF 76 -109.30 -18.85 59.94
CA GLN IF 76 -109.72 -20.22 60.18
C GLN IF 76 -110.02 -20.86 58.84
N SER IF 77 -109.22 -21.85 58.45
CA SER IF 77 -109.34 -22.49 57.15
C SER IF 77 -109.39 -24.01 57.32
N ILE IF 78 -110.41 -24.62 56.73
CA ILE IF 78 -110.54 -26.07 56.71
C ILE IF 78 -110.83 -26.50 55.26
N ARG IF 79 -110.05 -27.45 54.77
CA ARG IF 79 -110.02 -27.80 53.36
C ARG IF 79 -110.22 -29.31 53.20
N THR IF 80 -111.00 -29.71 52.20
CA THR IF 80 -111.27 -31.11 51.92
C THR IF 80 -111.04 -31.38 50.44
N VAL IF 81 -110.37 -32.51 50.15
CA VAL IF 81 -110.09 -32.94 48.79
C VAL IF 81 -110.61 -34.36 48.63
N ILE IF 82 -111.43 -34.57 47.61
CA ILE IF 82 -112.01 -35.88 47.31
C ILE IF 82 -111.61 -36.27 45.89
N SER IF 83 -111.01 -37.44 45.75
CA SER IF 83 -110.53 -37.94 44.47
C SER IF 83 -111.00 -39.39 44.29
N GLY IF 84 -111.57 -39.69 43.14
CA GLY IF 84 -112.01 -41.03 42.87
C GLY IF 84 -112.71 -41.09 41.52
N SER IF 85 -112.83 -42.32 41.01
CA SER IF 85 -113.47 -42.54 39.72
C SER IF 85 -114.98 -42.37 39.84
N ALA IF 86 -115.59 -41.78 38.81
CA ALA IF 86 -117.03 -41.57 38.83
C ALA IF 86 -117.79 -42.88 38.69
N GLU IF 87 -117.11 -43.95 38.24
CA GLU IF 87 -117.77 -45.25 38.11
C GLU IF 87 -118.10 -45.83 39.49
N ASN IF 88 -117.27 -45.52 40.48
CA ASN IF 88 -117.44 -46.03 41.84
C ASN IF 88 -117.98 -44.97 42.79
N LEU IF 89 -118.94 -44.16 42.33
CA LEU IF 89 -119.40 -43.03 43.12
C LEU IF 89 -120.08 -43.46 44.41
N ALA IF 90 -120.80 -44.59 44.39
CA ALA IF 90 -121.46 -45.06 45.60
C ALA IF 90 -120.44 -45.42 46.68
N THR IF 91 -119.39 -46.16 46.29
CA THR IF 91 -118.32 -46.47 47.23
C THR IF 91 -117.58 -45.23 47.68
N LEU IF 92 -117.42 -44.25 46.79
CA LEU IF 92 -116.79 -42.99 47.19
C LEU IF 92 -117.62 -42.27 48.23
N LYS IF 93 -118.95 -42.28 48.08
CA LYS IF 93 -119.82 -41.66 49.08
C LYS IF 93 -119.76 -42.39 50.40
N ALA IF 94 -119.69 -43.72 50.36
CA ALA IF 94 -119.53 -44.49 51.59
C ALA IF 94 -118.22 -44.14 52.27
N GLU IF 95 -117.14 -44.01 51.49
CA GLU IF 95 -115.85 -43.60 52.03
C GLU IF 95 -115.94 -42.21 52.64
N TRP IF 96 -116.69 -41.31 52.01
CA TRP IF 96 -116.86 -39.96 52.55
C TRP IF 96 -117.57 -40.01 53.90
N GLU IF 97 -118.61 -40.83 54.01
CA GLU IF 97 -119.32 -40.95 55.28
C GLU IF 97 -118.41 -41.51 56.37
N THR IF 98 -117.63 -42.55 56.04
CA THR IF 98 -116.71 -43.12 57.02
C THR IF 98 -115.64 -42.11 57.42
N HIS IF 99 -115.13 -41.34 56.46
CA HIS IF 99 -114.15 -40.31 56.76
C HIS IF 99 -114.72 -39.25 57.67
N LYS IF 100 -115.96 -38.83 57.42
CA LYS IF 100 -116.61 -37.86 58.30
C LYS IF 100 -116.73 -38.42 59.71
N ARG IF 101 -117.13 -39.69 59.83
CA ARG IF 101 -117.27 -40.29 61.15
C ARG IF 101 -115.94 -40.34 61.87
N ASN IF 102 -114.87 -40.74 61.17
CA ASN IF 102 -113.55 -40.81 61.81
C ASN IF 102 -113.05 -39.44 62.23
N VAL IF 103 -113.23 -38.43 61.37
CA VAL IF 103 -112.78 -37.07 61.70
C VAL IF 103 -113.59 -36.53 62.88
N ASP IF 104 -114.88 -36.86 62.94
CA ASP IF 104 -115.69 -36.45 64.08
C ASP IF 104 -115.20 -37.13 65.36
N THR IF 105 -114.83 -38.42 65.26
CA THR IF 105 -114.32 -39.13 66.43
C THR IF 105 -113.04 -38.52 66.94
N LEU IF 106 -112.12 -38.16 66.03
CA LEU IF 106 -110.84 -37.62 66.47
C LEU IF 106 -110.96 -36.16 66.91
N PHE IF 107 -111.80 -35.38 66.24
CA PHE IF 107 -111.82 -33.92 66.38
C PHE IF 107 -113.08 -33.40 67.07
N ALA IF 108 -114.27 -33.75 66.55
CA ALA IF 108 -115.50 -33.20 67.10
C ALA IF 108 -115.72 -33.67 68.54
N SER IF 109 -115.48 -34.96 68.81
CA SER IF 109 -115.64 -35.51 70.14
C SER IF 109 -114.32 -35.78 70.84
N GLY IF 110 -113.19 -35.49 70.20
CA GLY IF 110 -111.89 -35.70 70.78
C GLY IF 110 -111.16 -34.40 71.08
N ASN IF 111 -109.86 -34.53 71.33
CA ASN IF 111 -109.04 -33.37 71.64
C ASN IF 111 -107.97 -33.16 70.59
N ALA IF 112 -108.27 -33.51 69.34
CA ALA IF 112 -107.30 -33.32 68.27
C ALA IF 112 -107.10 -31.83 67.97
N GLY IF 113 -108.12 -31.02 68.24
CA GLY IF 113 -107.99 -29.59 68.02
C GLY IF 113 -106.95 -28.95 68.91
N LEU IF 114 -106.83 -29.43 70.15
CA LEU IF 114 -105.84 -28.87 71.06
C LEU IF 114 -104.44 -29.43 70.80
N GLY IF 115 -104.34 -30.49 69.99
CA GLY IF 115 -103.06 -31.02 69.61
C GLY IF 115 -102.76 -32.43 70.08
N PHE IF 116 -103.76 -33.15 70.58
CA PHE IF 116 -103.51 -34.49 71.10
C PHE IF 116 -104.12 -35.54 70.19
N LEU IF 117 -103.31 -36.53 69.82
CA LEU IF 117 -103.73 -37.65 68.98
C LEU IF 117 -103.88 -38.87 69.88
N ASP IF 118 -105.11 -39.32 70.07
CA ASP IF 118 -105.37 -40.45 70.95
C ASP IF 118 -105.08 -41.75 70.23
N PRO IF 119 -104.15 -42.59 70.73
CA PRO IF 119 -103.90 -43.87 70.07
C PRO IF 119 -104.96 -44.91 70.30
N THR IF 120 -105.88 -44.69 71.25
CA THR IF 120 -106.93 -45.65 71.55
C THR IF 120 -108.29 -45.26 70.98
N ALA IF 121 -108.33 -44.27 70.08
CA ALA IF 121 -109.59 -43.82 69.52
C ALA IF 121 -110.23 -44.93 68.68
N ALA IF 122 -111.57 -44.94 68.64
CA ALA IF 122 -112.32 -45.96 67.94
C ALA IF 122 -112.49 -45.55 66.48
N ILE IF 123 -111.45 -45.77 65.70
CA ILE IF 123 -111.46 -45.48 64.27
C ILE IF 123 -111.93 -46.71 63.51
N VAL IF 124 -112.85 -46.53 62.58
CA VAL IF 124 -113.57 -47.64 61.96
C VAL IF 124 -113.52 -47.49 60.44
N SER IF 125 -113.60 -48.62 59.74
CA SER IF 125 -113.50 -48.66 58.29
C SER IF 125 -114.86 -48.51 57.63
N SER IF 126 -114.82 -48.38 56.30
CA SER IF 126 -116.05 -48.34 55.52
C SER IF 126 -116.68 -49.71 55.34
N ASP IF 127 -115.88 -50.77 55.33
CA ASP IF 127 -116.40 -52.12 55.16
C ASP IF 127 -117.22 -52.52 56.39
N THR IF 128 -118.23 -53.35 56.15
CA THR IF 128 -119.14 -53.79 57.19
C THR IF 128 -119.04 -55.31 57.39
N THR IF 129 -119.33 -55.74 58.61
CA THR IF 129 -119.28 -57.16 58.94
C THR IF 129 -120.57 -57.86 58.52
N ALA JF 1 -57.52 -14.86 135.17
CA ALA JF 1 -58.49 -14.26 134.26
C ALA JF 1 -57.83 -13.88 132.94
N ASN JF 2 -57.87 -14.79 131.99
CA ASN JF 2 -57.27 -14.55 130.68
C ASN JF 2 -58.12 -13.60 129.85
N LYS JF 3 -57.46 -12.80 129.02
CA LYS JF 3 -58.17 -11.81 128.21
C LYS JF 3 -58.77 -12.49 126.99
N PRO JF 4 -60.08 -12.40 126.80
CA PRO JF 4 -60.70 -13.01 125.60
C PRO JF 4 -60.29 -12.28 124.34
N MET JF 5 -60.39 -12.99 123.20
CA MET JF 5 -60.28 -12.38 121.89
C MET JF 5 -61.63 -12.40 121.21
N GLN JF 6 -61.95 -11.34 120.48
CA GLN JF 6 -63.11 -11.35 119.62
C GLN JF 6 -62.66 -11.36 118.17
N PRO JF 7 -63.35 -12.09 117.29
CA PRO JF 7 -62.81 -12.32 115.95
C PRO JF 7 -62.73 -11.04 115.14
N ILE JF 8 -61.78 -11.01 114.20
CA ILE JF 8 -61.67 -9.92 113.23
C ILE JF 8 -61.96 -10.37 111.81
N THR JF 9 -61.73 -11.64 111.48
CA THR JF 9 -62.09 -12.20 110.19
C THR JF 9 -62.82 -13.51 110.41
N SER JF 10 -64.06 -13.58 109.95
CA SER JF 10 -64.89 -14.76 110.17
C SER JF 10 -65.33 -15.33 108.83
N THR JF 11 -65.07 -16.61 108.63
CA THR JF 11 -65.41 -17.31 107.41
C THR JF 11 -65.62 -18.79 107.76
N ALA JF 12 -66.42 -19.47 106.94
CA ALA JF 12 -66.70 -20.88 107.19
C ALA JF 12 -65.44 -21.73 107.08
N ASN JF 13 -64.39 -21.19 106.46
CA ASN JF 13 -63.15 -21.92 106.27
C ASN JF 13 -61.99 -21.39 107.11
N LYS JF 14 -62.14 -20.21 107.72
CA LYS JF 14 -61.06 -19.61 108.50
C LYS JF 14 -61.63 -18.56 109.43
N ILE JF 15 -61.23 -18.60 110.70
CA ILE JF 15 -61.57 -17.58 111.68
C ILE JF 15 -60.27 -17.11 112.35
N VAL JF 16 -60.10 -15.80 112.46
CA VAL JF 16 -58.90 -15.20 113.05
C VAL JF 16 -59.32 -14.41 114.28
N TRP JF 17 -58.66 -14.66 115.40
CA TRP JF 17 -58.90 -13.94 116.65
C TRP JF 17 -57.71 -13.05 116.95
N SER JF 18 -57.96 -11.86 117.49
CA SER JF 18 -56.91 -10.94 117.90
C SER JF 18 -57.30 -10.28 119.22
N ASP JF 19 -56.30 -10.04 120.06
CA ASP JF 19 -56.54 -9.39 121.33
C ASP JF 19 -56.83 -7.90 121.10
N PRO JF 20 -57.96 -7.38 121.58
CA PRO JF 20 -58.24 -5.95 121.38
C PRO JF 20 -57.17 -5.05 121.97
N THR JF 21 -56.55 -5.43 123.08
CA THR JF 21 -55.45 -4.66 123.64
C THR JF 21 -54.19 -4.72 122.79
N ARG JF 22 -53.87 -5.87 122.21
CA ARG JF 22 -52.72 -6.01 121.33
C ARG JF 22 -53.10 -6.83 120.11
N LEU JF 23 -53.40 -6.16 118.99
CA LEU JF 23 -53.83 -6.85 117.79
C LEU JF 23 -52.72 -7.69 117.18
N SER JF 24 -51.48 -7.48 117.63
CA SER JF 24 -50.37 -8.31 117.17
C SER JF 24 -50.51 -9.75 117.61
N THR JF 25 -51.27 -10.03 118.67
CA THR JF 25 -51.53 -11.40 119.10
C THR JF 25 -52.62 -12.00 118.24
N THR JF 26 -52.34 -13.12 117.60
CA THR JF 26 -53.24 -13.72 116.63
C THR JF 26 -53.44 -15.20 116.93
N PHE JF 27 -54.66 -15.68 116.71
CA PHE JF 27 -54.97 -17.10 116.81
C PHE JF 27 -55.96 -17.45 115.71
N SER JF 28 -55.56 -18.31 114.79
CA SER JF 28 -56.35 -18.62 113.61
C SER JF 28 -56.59 -20.12 113.51
N ALA JF 29 -57.76 -20.48 112.97
CA ALA JF 29 -58.14 -21.87 112.75
C ALA JF 29 -58.68 -22.00 111.34
N SER JF 30 -58.15 -22.95 110.57
CA SER JF 30 -58.55 -23.18 109.20
C SER JF 30 -58.83 -24.66 109.00
N LEU JF 31 -59.93 -24.97 108.35
CA LEU JF 31 -60.32 -26.36 108.08
C LEU JF 31 -60.29 -26.64 106.59
N LEU JF 32 -59.65 -27.75 106.22
CA LEU JF 32 -59.61 -28.22 104.85
C LEU JF 32 -60.12 -29.66 104.82
N ARG JF 33 -61.16 -29.91 104.04
CA ARG JF 33 -61.88 -31.18 104.05
C ARG JF 33 -61.85 -31.82 102.68
N GLN JF 34 -61.55 -33.13 102.65
CA GLN JF 34 -61.57 -33.92 101.43
C GLN JF 34 -62.26 -35.25 101.70
N ARG JF 35 -62.54 -35.98 100.63
CA ARG JF 35 -63.07 -37.33 100.72
C ARG JF 35 -61.97 -38.31 100.29
N VAL JF 36 -61.66 -39.27 101.15
CA VAL JF 36 -60.60 -40.23 100.89
C VAL JF 36 -61.20 -41.62 100.94
N LYS JF 37 -60.93 -42.42 99.90
CA LYS JF 37 -61.47 -43.78 99.80
C LYS JF 37 -60.46 -44.76 100.39
N VAL JF 38 -60.40 -44.78 101.72
CA VAL JF 38 -59.48 -45.68 102.41
C VAL JF 38 -59.97 -47.12 102.34
N GLY JF 39 -61.24 -47.34 102.64
CA GLY JF 39 -61.78 -48.68 102.78
C GLY JF 39 -62.94 -48.96 101.86
N ILE JF 40 -62.81 -48.54 100.59
CA ILE JF 40 -63.84 -48.54 99.55
C ILE JF 40 -65.10 -47.86 100.08
N ALA JF 41 -64.93 -47.03 101.11
CA ALA JF 41 -65.97 -46.16 101.63
C ALA JF 41 -65.39 -44.76 101.74
N GLU JF 42 -66.18 -43.76 101.33
CA GLU JF 42 -65.69 -42.39 101.25
C GLU JF 42 -65.68 -41.76 102.63
N LEU JF 43 -64.57 -41.97 103.34
CA LEU JF 43 -64.39 -41.33 104.64
C LEU JF 43 -64.08 -39.84 104.45
N ASN JF 44 -64.66 -39.02 105.31
CA ASN JF 44 -64.52 -37.57 105.21
C ASN JF 44 -63.52 -37.08 106.26
N ASN JF 45 -62.27 -36.96 105.84
CA ASN JF 45 -61.23 -36.49 106.73
C ASN JF 45 -61.28 -34.96 106.87
N VAL JF 46 -60.76 -34.46 107.99
CA VAL JF 46 -60.70 -33.03 108.26
C VAL JF 46 -59.27 -32.69 108.65
N SER JF 47 -58.69 -31.70 107.98
CA SER JF 47 -57.33 -31.25 108.25
C SER JF 47 -57.42 -29.85 108.86
N GLY JF 48 -57.46 -29.79 110.19
CA GLY JF 48 -57.57 -28.53 110.90
C GLY JF 48 -56.20 -27.99 111.28
N GLN JF 49 -55.93 -26.77 110.83
CA GLN JF 49 -54.68 -26.08 111.11
C GLN JF 49 -54.96 -24.94 112.08
N TYR JF 50 -54.27 -24.96 113.23
CA TYR JF 50 -54.42 -23.94 114.25
C TYR JF 50 -53.08 -23.26 114.45
N VAL JF 51 -53.05 -21.94 114.32
CA VAL JF 51 -51.82 -21.16 114.41
C VAL JF 51 -52.01 -20.09 115.48
N SER JF 52 -51.11 -20.07 116.46
CA SER JF 52 -51.08 -19.06 117.50
C SER JF 52 -49.79 -18.25 117.38
N VAL JF 53 -49.93 -16.93 117.30
CA VAL JF 53 -48.81 -16.03 117.07
C VAL JF 53 -48.79 -14.98 118.17
N TYR JF 54 -47.63 -14.77 118.77
CA TYR JF 54 -47.44 -13.73 119.77
C TYR JF 54 -46.08 -13.07 119.53
N LYS JF 55 -46.11 -11.79 119.19
CA LYS JF 55 -44.90 -11.02 118.96
C LYS JF 55 -44.39 -10.50 120.30
N ARG JF 56 -43.31 -11.10 120.79
CA ARG JF 56 -42.80 -10.81 122.12
C ARG JF 56 -41.59 -9.90 122.03
N PRO JF 57 -41.57 -8.77 122.75
CA PRO JF 57 -40.41 -7.89 122.69
C PRO JF 57 -39.32 -8.26 123.68
N ALA JF 58 -38.17 -8.66 123.13
CA ALA JF 58 -37.08 -9.20 123.93
C ALA JF 58 -35.76 -8.50 123.62
N PRO JF 59 -35.62 -7.23 123.97
CA PRO JF 59 -34.26 -6.67 124.10
C PRO JF 59 -33.47 -7.38 125.17
N LYS JF 60 -34.17 -7.85 126.20
CA LYS JF 60 -33.63 -8.61 127.34
C LYS JF 60 -32.45 -7.89 127.99
N PRO JF 61 -32.64 -6.68 128.53
CA PRO JF 61 -31.56 -6.02 129.27
C PRO JF 61 -31.46 -6.62 130.67
N GLU JF 62 -30.44 -7.44 130.89
CA GLU JF 62 -30.31 -8.18 132.14
C GLU JF 62 -30.04 -7.25 133.30
N GLY JF 63 -31.07 -7.05 134.12
CA GLY JF 63 -30.93 -6.25 135.33
C GLY JF 63 -31.49 -4.85 135.35
N CYS JF 64 -31.47 -4.15 134.22
CA CYS JF 64 -31.83 -2.74 134.24
C CYS JF 64 -32.83 -2.44 133.13
N ALA JF 65 -33.85 -1.66 133.49
CA ALA JF 65 -34.79 -1.06 132.55
C ALA JF 65 -35.13 0.33 133.07
N ASP JF 66 -35.02 1.33 132.21
CA ASP JF 66 -35.06 2.68 132.76
C ASP JF 66 -36.22 3.54 132.25
N ALA JF 67 -36.45 3.58 130.94
CA ALA JF 67 -37.40 4.53 130.38
C ALA JF 67 -38.08 3.89 129.17
N CYS JF 68 -38.78 4.72 128.40
CA CYS JF 68 -39.51 4.27 127.22
C CYS JF 68 -38.53 4.10 126.07
N VAL JF 69 -38.02 2.89 125.90
CA VAL JF 69 -37.12 2.53 124.81
C VAL JF 69 -37.94 1.73 123.81
N ILE JF 70 -37.64 1.89 122.52
CA ILE JF 70 -38.32 1.11 121.49
C ILE JF 70 -38.03 -0.37 121.66
N MET JF 71 -39.06 -1.18 121.63
CA MET JF 71 -38.90 -2.63 121.73
C MET JF 71 -38.74 -3.23 120.34
N PRO JF 72 -37.59 -3.85 120.04
CA PRO JF 72 -37.52 -4.70 118.86
C PRO JF 72 -38.23 -6.03 119.11
N ASN JF 73 -38.93 -6.56 118.11
CA ASN JF 73 -39.84 -7.67 118.32
C ASN JF 73 -39.32 -8.94 117.64
N GLU JF 74 -39.62 -10.08 118.26
CA GLU JF 74 -39.45 -11.39 117.66
C GLU JF 74 -40.80 -12.09 117.65
N ASN JF 75 -40.92 -13.11 116.79
CA ASN JF 75 -42.18 -13.81 116.61
C ASN JF 75 -42.15 -15.16 117.31
N GLN JF 76 -43.17 -15.41 118.13
CA GLN JF 76 -43.37 -16.71 118.77
C GLN JF 76 -44.61 -17.35 118.14
N SER JF 77 -44.44 -18.45 117.43
CA SER JF 77 -45.51 -19.09 116.68
C SER JF 77 -45.61 -20.56 117.05
N ILE JF 78 -46.83 -21.02 117.21
CA ILE JF 78 -47.13 -22.43 117.45
C ILE JF 78 -48.20 -22.86 116.45
N ARG JF 79 -47.87 -23.83 115.60
CA ARG JF 79 -48.77 -24.34 114.59
C ARG JF 79 -49.13 -25.78 114.90
N THR JF 80 -50.42 -26.08 114.85
CA THR JF 80 -50.91 -27.44 115.09
C THR JF 80 -51.81 -27.86 113.95
N VAL JF 81 -51.54 -29.04 113.39
CA VAL JF 81 -52.32 -29.59 112.30
C VAL JF 81 -52.82 -30.97 112.72
N ILE JF 82 -54.14 -31.13 112.78
CA ILE JF 82 -54.77 -32.39 113.16
C ILE JF 82 -55.50 -32.92 111.94
N SER JF 83 -55.13 -34.12 111.50
CA SER JF 83 -55.70 -34.73 110.31
C SER JF 83 -56.23 -36.11 110.67
N GLY JF 84 -57.46 -36.40 110.26
CA GLY JF 84 -58.06 -37.69 110.50
C GLY JF 84 -59.50 -37.77 110.06
N SER JF 85 -60.02 -38.99 109.95
CA SER JF 85 -61.41 -39.17 109.52
C SER JF 85 -62.37 -38.67 110.59
N ALA JF 86 -63.48 -38.08 110.15
CA ALA JF 86 -64.48 -37.57 111.09
C ALA JF 86 -65.15 -38.70 111.84
N GLU JF 87 -65.21 -39.89 111.24
CA GLU JF 87 -65.89 -41.00 111.88
C GLU JF 87 -65.10 -41.58 113.04
N ASN JF 88 -63.86 -41.14 113.21
CA ASN JF 88 -62.98 -41.62 114.27
C ASN JF 88 -62.59 -40.50 115.22
N LEU JF 89 -63.58 -39.68 115.60
CA LEU JF 89 -63.29 -38.50 116.42
C LEU JF 89 -62.80 -38.89 117.81
N ALA JF 90 -63.34 -39.96 118.39
CA ALA JF 90 -62.91 -40.36 119.72
C ALA JF 90 -61.44 -40.77 119.73
N THR JF 91 -61.03 -41.56 118.74
CA THR JF 91 -59.64 -41.93 118.61
C THR JF 91 -58.76 -40.73 118.31
N LEU JF 92 -59.25 -39.78 117.50
CA LEU JF 92 -58.47 -38.58 117.24
C LEU JF 92 -58.27 -37.76 118.51
N LYS JF 93 -59.30 -37.67 119.35
CA LYS JF 93 -59.17 -36.95 120.62
C LYS JF 93 -58.20 -37.65 121.55
N ALA JF 94 -58.23 -38.98 121.59
CA ALA JF 94 -57.25 -39.72 122.38
C ALA JF 94 -55.83 -39.47 121.87
N GLU JF 95 -55.67 -39.43 120.55
CA GLU JF 95 -54.37 -39.11 119.96
C GLU JF 95 -53.93 -37.71 120.34
N TRP JF 96 -54.86 -36.76 120.36
CA TRP JF 96 -54.54 -35.40 120.75
C TRP JF 96 -54.07 -35.34 122.20
N GLU JF 97 -54.75 -36.07 123.08
CA GLU JF 97 -54.33 -36.11 124.49
C GLU JF 97 -52.94 -36.71 124.63
N THR JF 98 -52.68 -37.82 123.93
CA THR JF 98 -51.38 -38.46 123.99
C THR JF 98 -50.29 -37.54 123.44
N HIS JF 99 -50.59 -36.84 122.34
CA HIS JF 99 -49.63 -35.90 121.77
C HIS JF 99 -49.32 -34.77 122.73
N LYS JF 100 -50.35 -34.25 123.41
CA LYS JF 100 -50.12 -33.21 124.42
C LYS JF 100 -49.22 -33.73 125.52
N ARG JF 101 -49.48 -34.95 125.99
CA ARG JF 101 -48.66 -35.52 127.06
C ARG JF 101 -47.21 -35.67 126.61
N ASN JF 102 -46.99 -36.19 125.40
CA ASN JF 102 -45.63 -36.39 124.92
C ASN JF 102 -44.88 -35.08 124.71
N VAL JF 103 -45.57 -34.09 124.12
CA VAL JF 103 -44.93 -32.80 123.89
C VAL JF 103 -44.62 -32.13 125.22
N ASP JF 104 -45.51 -32.29 126.22
CA ASP JF 104 -45.21 -31.78 127.55
C ASP JF 104 -43.98 -32.44 128.14
N THR JF 105 -43.87 -33.76 127.98
CA THR JF 105 -42.72 -34.47 128.51
C THR JF 105 -41.42 -33.97 127.89
N LEU JF 106 -41.44 -33.73 126.57
CA LEU JF 106 -40.23 -33.26 125.90
C LEU JF 106 -39.92 -31.79 126.17
N PHE JF 107 -40.96 -30.94 126.24
CA PHE JF 107 -40.80 -29.50 126.18
C PHE JF 107 -41.03 -28.82 127.53
N ALA JF 108 -42.19 -29.07 128.15
CA ALA JF 108 -42.54 -28.35 129.38
C ALA JF 108 -41.65 -28.78 130.53
N SER JF 109 -41.42 -30.08 130.67
CA SER JF 109 -40.56 -30.59 131.73
C SER JF 109 -39.16 -30.93 131.25
N GLY JF 110 -38.86 -30.75 129.97
CA GLY JF 110 -37.55 -31.02 129.43
C GLY JF 110 -36.84 -29.76 128.99
N ASN JF 111 -35.81 -29.95 128.17
CA ASN JF 111 -35.02 -28.85 127.63
C ASN JF 111 -35.08 -28.79 126.10
N ALA JF 112 -36.18 -29.28 125.52
CA ALA JF 112 -36.31 -29.26 124.07
C ALA JF 112 -36.38 -27.83 123.52
N GLY JF 113 -36.87 -26.89 124.33
CA GLY JF 113 -36.94 -25.51 123.86
C GLY JF 113 -35.58 -24.89 123.68
N LEU JF 114 -34.58 -25.39 124.40
CA LEU JF 114 -33.23 -24.84 124.33
C LEU JF 114 -32.41 -25.56 123.26
N GLY JF 115 -33.04 -26.49 122.54
CA GLY JF 115 -32.32 -27.24 121.52
C GLY JF 115 -31.67 -28.50 122.05
N PHE JF 116 -32.42 -29.32 122.76
CA PHE JF 116 -31.90 -30.54 123.36
C PHE JF 116 -32.86 -31.69 123.11
N LEU JF 117 -32.31 -32.90 122.98
CA LEU JF 117 -33.09 -34.12 122.87
C LEU JF 117 -32.68 -35.07 123.98
N ASP JF 118 -33.67 -35.66 124.65
CA ASP JF 118 -33.41 -36.63 125.70
C ASP JF 118 -33.87 -38.00 125.23
N PRO JF 119 -32.97 -38.89 124.81
CA PRO JF 119 -33.40 -40.22 124.38
C PRO JF 119 -34.04 -41.05 125.47
N THR JF 120 -33.83 -40.71 126.74
CA THR JF 120 -34.39 -41.45 127.87
C THR JF 120 -35.74 -40.91 128.30
N ALA JF 121 -36.30 -39.94 127.57
CA ALA JF 121 -37.60 -39.39 127.92
C ALA JF 121 -38.68 -40.46 127.81
N ALA JF 122 -39.68 -40.36 128.70
CA ALA JF 122 -40.75 -41.36 128.77
C ALA JF 122 -41.88 -40.96 127.83
N ILE JF 123 -41.91 -41.63 126.68
CA ILE JF 123 -42.96 -41.43 125.69
C ILE JF 123 -43.92 -42.61 125.74
N VAL JF 124 -45.22 -42.32 125.72
CA VAL JF 124 -46.24 -43.35 125.83
C VAL JF 124 -47.19 -43.24 124.64
N SER JF 125 -47.85 -44.35 124.33
CA SER JF 125 -48.78 -44.42 123.21
C SER JF 125 -50.22 -44.21 123.69
N SER JF 126 -51.11 -44.00 122.72
CA SER JF 126 -52.51 -43.81 123.04
C SER JF 126 -53.17 -45.10 123.49
N ASP JF 127 -52.65 -46.26 123.09
CA ASP JF 127 -53.21 -47.53 123.51
C ASP JF 127 -52.93 -47.77 124.99
N THR JF 128 -53.84 -48.50 125.64
CA THR JF 128 -53.74 -48.80 127.06
C THR JF 128 -53.54 -50.30 127.26
N THR JF 129 -52.75 -50.63 128.27
CA THR JF 129 -52.47 -52.03 128.60
C THR JF 129 -53.67 -52.66 129.28
N ALA KF 1 -88.89 -37.63 114.71
CA ALA KF 1 -87.86 -36.64 115.03
C ALA KF 1 -86.68 -36.76 114.07
N ASN KF 2 -86.70 -35.95 113.01
CA ASN KF 2 -85.63 -35.98 112.03
C ASN KF 2 -84.36 -35.34 112.59
N LYS KF 3 -83.22 -35.86 112.18
CA LYS KF 3 -81.95 -35.34 112.67
C LYS KF 3 -81.71 -33.94 112.11
N PRO KF 4 -81.30 -32.98 112.95
CA PRO KF 4 -81.05 -31.63 112.43
C PRO KF 4 -79.71 -31.53 111.72
N MET KF 5 -79.60 -30.51 110.88
CA MET KF 5 -78.37 -30.20 110.16
C MET KF 5 -77.80 -28.88 110.64
N GLN KF 6 -76.52 -28.67 110.34
CA GLN KF 6 -75.81 -27.43 110.62
C GLN KF 6 -75.09 -26.94 109.37
N PRO KF 7 -74.94 -25.64 109.19
CA PRO KF 7 -74.24 -25.13 108.00
C PRO KF 7 -72.75 -25.38 108.10
N ILE KF 8 -72.16 -25.90 107.03
CA ILE KF 8 -70.75 -26.21 106.96
C ILE KF 8 -69.97 -25.16 106.17
N THR KF 9 -70.50 -24.75 105.01
CA THR KF 9 -69.95 -23.66 104.23
C THR KF 9 -71.01 -22.58 104.07
N SER KF 10 -70.65 -21.35 104.42
CA SER KF 10 -71.62 -20.27 104.48
C SER KF 10 -71.20 -19.14 103.55
N THR KF 11 -72.03 -18.89 102.55
CA THR KF 11 -71.89 -17.75 101.66
C THR KF 11 -73.28 -17.26 101.30
N ALA KF 12 -73.43 -15.93 101.17
CA ALA KF 12 -74.73 -15.37 100.82
C ALA KF 12 -75.16 -15.83 99.43
N ASN KF 13 -74.20 -16.15 98.57
CA ASN KF 13 -74.53 -16.73 97.27
C ASN KF 13 -75.05 -18.16 97.40
N LYS KF 14 -74.44 -18.96 98.28
CA LYS KF 14 -74.85 -20.34 98.46
C LYS KF 14 -74.49 -20.82 99.86
N ILE KF 15 -75.39 -21.57 100.48
CA ILE KF 15 -75.16 -22.19 101.78
C ILE KF 15 -75.47 -23.68 101.65
N VAL KF 16 -74.57 -24.51 102.16
CA VAL KF 16 -74.74 -25.96 102.14
C VAL KF 16 -74.83 -26.45 103.58
N TRP KF 17 -75.84 -27.25 103.86
CA TRP KF 17 -76.05 -27.86 105.16
C TRP KF 17 -75.49 -29.28 105.15
N SER KF 18 -75.18 -29.79 106.35
CA SER KF 18 -74.60 -31.12 106.46
C SER KF 18 -75.09 -31.78 107.74
N ASP KF 19 -75.13 -33.11 107.71
CA ASP KF 19 -75.51 -33.89 108.88
C ASP KF 19 -74.25 -34.25 109.65
N PRO KF 20 -74.12 -33.82 110.91
CA PRO KF 20 -72.92 -34.17 111.68
C PRO KF 20 -72.70 -35.67 111.85
N THR KF 21 -73.77 -36.46 111.98
CA THR KF 21 -73.63 -37.90 112.11
C THR KF 21 -73.27 -38.59 110.80
N ARG KF 22 -73.74 -38.07 109.66
CA ARG KF 22 -73.40 -38.63 108.35
C ARG KF 22 -73.07 -37.45 107.44
N LEU KF 23 -71.77 -37.17 107.30
CA LEU KF 23 -71.34 -36.00 106.53
C LEU KF 23 -71.65 -36.11 105.04
N SER KF 24 -72.01 -37.30 104.56
CA SER KF 24 -72.33 -37.47 103.15
C SER KF 24 -73.69 -36.90 102.78
N THR KF 25 -74.52 -36.56 103.76
CA THR KF 25 -75.83 -35.97 103.51
C THR KF 25 -75.69 -34.45 103.49
N THR KF 26 -75.98 -33.84 102.34
CA THR KF 26 -75.83 -32.42 102.15
C THR KF 26 -77.10 -31.84 101.52
N PHE KF 27 -77.38 -30.59 101.88
CA PHE KF 27 -78.48 -29.83 101.29
C PHE KF 27 -77.97 -28.43 100.95
N SER KF 28 -77.97 -28.10 99.67
CA SER KF 28 -77.40 -26.85 99.19
C SER KF 28 -78.50 -25.94 98.66
N ALA KF 29 -78.38 -24.65 98.97
CA ALA KF 29 -79.31 -23.63 98.49
C ALA KF 29 -78.50 -22.46 97.96
N SER KF 30 -78.61 -22.23 96.65
CA SER KF 30 -77.89 -21.14 95.98
C SER KF 30 -78.91 -20.25 95.28
N LEU KF 31 -78.79 -18.95 95.47
CA LEU KF 31 -79.69 -17.97 94.88
C LEU KF 31 -78.91 -17.06 93.95
N LEU KF 32 -79.45 -16.85 92.75
CA LEU KF 32 -78.86 -15.94 91.76
C LEU KF 32 -79.91 -14.90 91.39
N ARG KF 33 -79.51 -13.62 91.44
CA ARG KF 33 -80.43 -12.52 91.19
C ARG KF 33 -79.89 -11.67 90.05
N GLN KF 34 -80.81 -11.19 89.20
CA GLN KF 34 -80.44 -10.39 88.04
C GLN KF 34 -81.56 -9.37 87.79
N ARG KF 35 -81.19 -8.26 87.16
CA ARG KF 35 -82.13 -7.19 86.84
C ARG KF 35 -82.67 -7.43 85.45
N VAL KF 36 -83.55 -8.42 85.31
CA VAL KF 36 -84.17 -8.73 84.01
C VAL KF 36 -85.49 -7.97 83.93
N LYS KF 37 -85.49 -6.88 83.17
CA LYS KF 37 -86.68 -6.03 83.11
C LYS KF 37 -87.41 -6.23 81.80
N VAL KF 38 -88.73 -6.43 81.90
CA VAL KF 38 -89.61 -6.47 80.73
C VAL KF 38 -89.90 -5.03 80.32
N GLY KF 39 -90.52 -4.86 79.15
CA GLY KF 39 -90.79 -3.53 78.62
C GLY KF 39 -91.51 -2.61 79.59
N ILE KF 40 -91.00 -1.38 79.71
CA ILE KF 40 -91.54 -0.31 80.54
C ILE KF 40 -91.88 -0.79 81.95
N ALA KF 41 -91.11 -1.75 82.46
CA ALA KF 41 -91.32 -2.26 83.81
C ALA KF 41 -89.97 -2.70 84.38
N GLU KF 42 -89.91 -2.76 85.71
CA GLU KF 42 -88.74 -3.21 86.43
C GLU KF 42 -89.08 -4.48 87.20
N LEU KF 43 -88.24 -5.49 87.07
CA LEU KF 43 -88.50 -6.78 87.70
C LEU KF 43 -87.19 -7.35 88.25
N ASN KF 44 -87.24 -7.88 89.47
CA ASN KF 44 -86.11 -8.57 90.07
C ASN KF 44 -86.46 -10.04 90.21
N ASN KF 45 -85.70 -10.91 89.54
CA ASN KF 45 -85.95 -12.34 89.57
C ASN KF 45 -84.88 -13.03 90.42
N VAL KF 46 -85.28 -14.14 91.05
CA VAL KF 46 -84.41 -14.90 91.94
C VAL KF 46 -84.49 -16.35 91.48
N SER KF 47 -83.42 -16.83 90.84
CA SER KF 47 -83.34 -18.22 90.41
C SER KF 47 -82.78 -19.06 91.56
N GLY KF 48 -83.67 -19.78 92.24
CA GLY KF 48 -83.27 -20.54 93.41
C GLY KF 48 -83.05 -22.00 93.13
N GLN KF 49 -81.80 -22.46 93.28
CA GLN KF 49 -81.44 -23.84 93.03
C GLN KF 49 -81.18 -24.54 94.35
N TYR KF 50 -81.88 -25.65 94.58
CA TYR KF 50 -81.78 -26.41 95.83
C TYR KF 50 -81.41 -27.84 95.48
N VAL KF 51 -80.33 -28.34 96.09
CA VAL KF 51 -79.79 -29.66 95.81
C VAL KF 51 -79.76 -30.47 97.09
N SER KF 52 -80.35 -31.66 97.06
CA SER KF 52 -80.29 -32.59 98.18
C SER KF 52 -79.56 -33.85 97.74
N VAL KF 53 -78.56 -34.25 98.52
CA VAL KF 53 -77.71 -35.37 98.19
C VAL KF 53 -77.69 -36.35 99.36
N TYR KF 54 -77.94 -37.61 99.07
CA TYR KF 54 -77.85 -38.69 100.05
C TYR KF 54 -77.20 -39.90 99.40
N LYS KF 55 -76.25 -40.51 100.10
CA LYS KF 55 -75.55 -41.70 99.61
C LYS KF 55 -76.05 -42.91 100.39
N ARG KF 56 -76.99 -43.64 99.81
CA ARG KF 56 -77.62 -44.77 100.46
C ARG KF 56 -76.99 -46.07 99.99
N PRO KF 57 -76.70 -47.00 100.90
CA PRO KF 57 -76.11 -48.28 100.48
C PRO KF 57 -77.04 -49.08 99.59
N ALA KF 58 -76.44 -49.88 98.72
CA ALA KF 58 -77.20 -50.72 97.81
C ALA KF 58 -78.05 -51.72 98.61
N PRO KF 59 -79.19 -52.14 98.08
CA PRO KF 59 -80.10 -53.00 98.86
C PRO KF 59 -79.52 -54.38 99.12
N LYS KF 60 -79.65 -54.84 100.36
CA LYS KF 60 -79.20 -56.17 100.76
C LYS KF 60 -80.09 -57.23 100.12
N PRO KF 61 -79.56 -58.43 99.85
CA PRO KF 61 -80.40 -59.51 99.31
C PRO KF 61 -81.56 -59.85 100.24
N GLU KF 62 -82.70 -60.20 99.66
CA GLU KF 62 -83.93 -60.33 100.46
C GLU KF 62 -83.80 -61.43 101.50
N GLY KF 63 -83.22 -62.57 101.14
CA GLY KF 63 -83.06 -63.65 102.09
C GLY KF 63 -81.73 -63.62 102.80
N CYS KF 64 -81.42 -62.52 103.49
CA CYS KF 64 -80.15 -62.36 104.17
C CYS KF 64 -80.39 -61.97 105.62
N ALA KF 65 -79.71 -62.67 106.53
CA ALA KF 65 -79.74 -62.35 107.95
C ALA KF 65 -78.35 -62.12 108.53
N ASP KF 66 -77.34 -61.94 107.69
CA ASP KF 66 -75.98 -61.73 108.18
C ASP KF 66 -75.89 -60.41 108.93
N ALA KF 67 -75.07 -60.40 109.98
CA ALA KF 67 -74.96 -59.24 110.87
C ALA KF 67 -74.44 -58.02 110.13
N CYS KF 68 -73.26 -58.11 109.52
CA CYS KF 68 -72.62 -56.97 108.90
C CYS KF 68 -71.99 -57.35 107.57
N VAL KF 69 -72.66 -56.97 106.48
CA VAL KF 69 -72.12 -57.04 105.13
C VAL KF 69 -72.43 -55.73 104.45
N ILE KF 70 -71.41 -54.91 104.21
CA ILE KF 70 -71.59 -53.54 103.73
C ILE KF 70 -71.30 -53.50 102.24
N MET KF 71 -72.19 -52.85 101.48
CA MET KF 71 -72.04 -52.69 100.05
C MET KF 71 -71.89 -51.21 99.69
N PRO KF 72 -71.25 -50.88 98.58
CA PRO KF 72 -70.99 -49.48 98.25
C PRO KF 72 -72.28 -48.71 98.02
N ASN KF 73 -72.20 -47.41 98.29
CA ASN KF 73 -73.37 -46.53 98.27
C ASN KF 73 -73.66 -46.06 96.85
N GLU KF 74 -74.92 -45.67 96.63
CA GLU KF 74 -75.38 -45.12 95.37
C GLU KF 74 -75.76 -43.67 95.59
N ASN KF 75 -75.65 -42.86 94.52
CA ASN KF 75 -75.92 -41.43 94.64
C ASN KF 75 -77.41 -41.17 94.42
N GLN KF 76 -78.04 -40.53 95.40
CA GLN KF 76 -79.44 -40.12 95.31
C GLN KF 76 -79.47 -38.59 95.34
N SER KF 77 -79.89 -37.99 94.23
CA SER KF 77 -79.87 -36.54 94.09
C SER KF 77 -81.26 -36.03 93.72
N ILE KF 78 -81.69 -34.98 94.40
CA ILE KF 78 -82.92 -34.27 94.09
C ILE KF 78 -82.59 -32.80 93.96
N ARG KF 79 -82.78 -32.25 92.76
CA ARG KF 79 -82.38 -30.88 92.45
C ARG KF 79 -83.60 -30.12 91.94
N THR KF 80 -83.91 -29.01 92.61
CA THR KF 80 -85.07 -28.20 92.27
C THR KF 80 -84.62 -26.77 91.99
N VAL KF 81 -85.12 -26.19 90.90
CA VAL KF 81 -84.79 -24.83 90.50
C VAL KF 81 -86.09 -24.04 90.37
N ILE KF 82 -86.18 -22.93 91.08
CA ILE KF 82 -87.34 -22.04 91.02
C ILE KF 82 -86.87 -20.68 90.54
N SER KF 83 -87.46 -20.20 89.45
CA SER KF 83 -87.11 -18.92 88.85
C SER KF 83 -88.37 -18.09 88.68
N GLY KF 84 -88.35 -16.87 89.20
CA GLY KF 84 -89.48 -15.97 89.07
C GLY KF 84 -89.22 -14.61 89.68
N SER KF 85 -90.04 -13.63 89.30
CA SER KF 85 -89.86 -12.27 89.81
C SER KF 85 -90.23 -12.20 91.28
N ALA KF 86 -89.59 -11.29 92.01
CA ALA KF 86 -89.90 -11.11 93.42
C ALA KF 86 -91.29 -10.50 93.61
N GLU KF 87 -91.77 -9.75 92.61
CA GLU KF 87 -93.07 -9.11 92.73
C GLU KF 87 -94.20 -10.13 92.73
N ASN KF 88 -94.00 -11.26 92.05
CA ASN KF 88 -95.01 -12.29 91.91
C ASN KF 88 -94.81 -13.45 92.88
N LEU KF 89 -94.39 -13.16 94.11
CA LEU KF 89 -94.02 -14.21 95.04
C LEU KF 89 -95.21 -15.08 95.42
N ALA KF 90 -96.39 -14.49 95.60
CA ALA KF 90 -97.56 -15.27 95.97
C ALA KF 90 -97.95 -16.24 94.86
N THR KF 91 -97.95 -15.77 93.62
CA THR KF 91 -98.23 -16.65 92.50
C THR KF 91 -97.16 -17.73 92.35
N LEU KF 92 -95.90 -17.38 92.62
CA LEU KF 92 -94.84 -18.39 92.57
C LEU KF 92 -95.05 -19.45 93.64
N LYS KF 93 -95.49 -19.05 94.83
CA LYS KF 93 -95.78 -20.03 95.88
C LYS KF 93 -96.94 -20.93 95.50
N ALA KF 94 -97.98 -20.36 94.89
CA ALA KF 94 -99.09 -21.19 94.42
C ALA KF 94 -98.63 -22.16 93.35
N GLU KF 95 -97.78 -21.70 92.44
CA GLU KF 95 -97.21 -22.59 91.43
C GLU KF 95 -96.39 -23.70 92.07
N TRP KF 96 -95.66 -23.37 93.13
CA TRP KF 96 -94.86 -24.38 93.82
C TRP KF 96 -95.74 -25.43 94.49
N GLU KF 97 -96.85 -25.00 95.09
CA GLU KF 97 -97.79 -25.97 95.65
C GLU KF 97 -98.37 -26.87 94.58
N THR KF 98 -98.77 -26.29 93.45
CA THR KF 98 -99.29 -27.10 92.35
C THR KF 98 -98.24 -28.07 91.81
N HIS KF 99 -96.98 -27.61 91.75
CA HIS KF 99 -95.89 -28.46 91.32
C HIS KF 99 -95.69 -29.63 92.28
N LYS KF 100 -95.77 -29.36 93.59
CA LYS KF 100 -95.74 -30.44 94.56
C LYS KF 100 -96.82 -31.45 94.28
N ARG KF 101 -98.05 -30.98 94.08
CA ARG KF 101 -99.18 -31.90 93.89
C ARG KF 101 -98.97 -32.76 92.65
N ASN KF 102 -98.55 -32.13 91.54
CA ASN KF 102 -98.36 -32.87 90.30
C ASN KF 102 -97.22 -33.88 90.40
N VAL KF 103 -96.09 -33.47 90.96
CA VAL KF 103 -94.95 -34.38 91.08
C VAL KF 103 -95.29 -35.52 92.02
N ASP KF 104 -96.03 -35.24 93.09
CA ASP KF 104 -96.46 -36.30 93.99
C ASP KF 104 -97.37 -37.28 93.26
N THR KF 105 -98.31 -36.77 92.46
CA THR KF 105 -99.20 -37.66 91.72
C THR KF 105 -98.43 -38.55 90.76
N LEU KF 106 -97.44 -37.99 90.06
CA LEU KF 106 -96.70 -38.77 89.07
C LEU KF 106 -95.70 -39.73 89.71
N PHE KF 107 -95.05 -39.33 90.80
CA PHE KF 107 -93.92 -40.06 91.37
C PHE KF 107 -94.31 -40.87 92.61
N ALA KF 108 -94.87 -40.21 93.63
CA ALA KF 108 -95.09 -40.87 94.92
C ALA KF 108 -96.16 -41.95 94.81
N SER KF 109 -97.27 -41.64 94.14
CA SER KF 109 -98.36 -42.59 93.98
C SER KF 109 -98.35 -43.31 92.65
N GLY KF 110 -97.39 -43.00 91.76
CA GLY KF 110 -97.29 -43.64 90.48
C GLY KF 110 -96.10 -44.58 90.38
N ASN KF 111 -95.67 -44.81 89.14
CA ASN KF 111 -94.52 -45.66 88.86
C ASN KF 111 -93.44 -44.93 88.07
N ALA KF 112 -93.46 -43.59 88.10
CA ALA KF 112 -92.43 -42.82 87.44
C ALA KF 112 -91.06 -43.07 88.06
N GLY KF 113 -91.03 -43.40 89.35
CA GLY KF 113 -89.78 -43.77 89.99
C GLY KF 113 -89.17 -45.04 89.43
N LEU KF 114 -89.99 -46.05 89.13
CA LEU KF 114 -89.52 -47.26 88.49
C LEU KF 114 -89.31 -47.09 87.00
N GLY KF 115 -89.90 -46.07 86.39
CA GLY KF 115 -89.65 -45.79 84.99
C GLY KF 115 -90.84 -45.90 84.08
N PHE KF 116 -92.06 -45.79 84.60
CA PHE KF 116 -93.27 -45.87 83.79
C PHE KF 116 -94.05 -44.57 83.89
N LEU KF 117 -94.44 -44.03 82.74
CA LEU KF 117 -95.26 -42.84 82.66
C LEU KF 117 -96.69 -43.24 82.32
N ASP KF 118 -97.65 -42.67 83.06
CA ASP KF 118 -99.06 -42.96 82.82
C ASP KF 118 -99.71 -41.76 82.17
N PRO KF 119 -100.08 -41.82 80.88
CA PRO KF 119 -100.75 -40.68 80.24
C PRO KF 119 -102.09 -40.32 80.86
N THR KF 120 -102.64 -41.15 81.74
CA THR KF 120 -103.94 -40.91 82.35
C THR KF 120 -103.84 -40.33 83.75
N ALA KF 121 -102.66 -39.83 84.15
CA ALA KF 121 -102.49 -39.25 85.47
C ALA KF 121 -103.34 -38.00 85.62
N ALA KF 122 -103.82 -37.77 86.84
CA ALA KF 122 -104.68 -36.62 87.15
C ALA KF 122 -103.80 -35.43 87.48
N ILE KF 123 -103.34 -34.73 86.46
CA ILE KF 123 -102.52 -33.54 86.61
C ILE KF 123 -103.42 -32.32 86.58
N VAL KF 124 -103.23 -31.42 87.53
CA VAL KF 124 -104.09 -30.25 87.71
C VAL KF 124 -103.26 -28.99 87.62
N SER KF 125 -103.94 -27.88 87.35
CA SER KF 125 -103.29 -26.58 87.25
C SER KF 125 -103.46 -25.80 88.55
N SER KF 126 -102.78 -24.65 88.62
CA SER KF 126 -102.86 -23.80 89.80
C SER KF 126 -104.17 -23.04 89.89
N ASP KF 127 -104.73 -22.63 88.74
CA ASP KF 127 -105.96 -21.87 88.75
C ASP KF 127 -107.13 -22.72 89.24
N THR KF 128 -108.09 -22.05 89.88
CA THR KF 128 -109.27 -22.71 90.44
C THR KF 128 -110.53 -22.22 89.73
N THR KF 129 -111.51 -23.10 89.68
CA THR KF 129 -112.79 -22.79 89.04
C THR KF 129 -113.62 -21.83 89.89
N ALA LF 1 -91.16 1.71 114.85
CA ALA LF 1 -90.72 0.38 114.47
C ALA LF 1 -90.27 0.34 113.02
N ASN LF 2 -88.97 0.53 112.80
CA ASN LF 2 -88.43 0.53 111.45
C ASN LF 2 -88.33 -0.89 110.91
N LYS LF 3 -88.39 -1.02 109.59
CA LYS LF 3 -88.34 -2.33 108.97
C LYS LF 3 -86.92 -2.89 109.02
N PRO LF 4 -86.71 -4.06 109.60
CA PRO LF 4 -85.36 -4.65 109.61
C PRO LF 4 -84.95 -5.14 108.23
N MET LF 5 -83.64 -5.28 108.04
CA MET LF 5 -83.08 -5.78 106.80
C MET LF 5 -82.38 -7.11 107.05
N GLN LF 6 -82.10 -7.83 105.96
CA GLN LF 6 -81.36 -9.08 105.97
C GLN LF 6 -80.18 -8.99 105.00
N PRO LF 7 -79.09 -9.71 105.26
CA PRO LF 7 -77.91 -9.60 104.40
C PRO LF 7 -78.05 -10.32 103.08
N ILE LF 8 -77.88 -9.59 101.97
CA ILE LF 8 -77.89 -10.21 100.65
C ILE LF 8 -76.51 -10.65 100.20
N THR LF 9 -75.45 -10.07 100.75
CA THR LF 9 -74.08 -10.45 100.41
C THR LF 9 -73.25 -10.45 101.68
N SER LF 10 -72.67 -11.60 102.01
CA SER LF 10 -71.85 -11.76 103.20
C SER LF 10 -70.44 -12.13 102.79
N THR LF 11 -69.47 -11.32 103.20
CA THR LF 11 -68.07 -11.54 102.88
C THR LF 11 -67.24 -11.05 104.07
N ALA LF 12 -66.05 -11.63 104.21
CA ALA LF 12 -65.19 -11.27 105.33
C ALA LF 12 -64.80 -9.78 105.31
N ASN LF 13 -64.93 -9.14 104.15
CA ASN LF 13 -64.57 -7.73 104.02
C ASN LF 13 -65.73 -6.81 103.67
N LYS LF 14 -66.91 -7.35 103.35
CA LYS LF 14 -68.03 -6.51 102.94
C LYS LF 14 -69.34 -7.27 103.16
N ILE LF 15 -70.29 -6.60 103.82
CA ILE LF 15 -71.63 -7.15 104.02
C ILE LF 15 -72.65 -6.12 103.52
N VAL LF 16 -73.61 -6.58 102.72
CA VAL LF 16 -74.63 -5.72 102.14
C VAL LF 16 -75.99 -6.15 102.67
N TRP LF 17 -76.73 -5.21 103.26
CA TRP LF 17 -78.07 -5.45 103.75
C TRP LF 17 -79.10 -4.93 102.74
N SER LF 18 -80.34 -5.41 102.88
CA SER LF 18 -81.41 -4.99 101.98
C SER LF 18 -82.75 -5.24 102.63
N ASP LF 19 -83.70 -4.34 102.38
CA ASP LF 19 -85.04 -4.48 102.91
C ASP LF 19 -85.83 -5.50 102.09
N PRO LF 20 -86.47 -6.47 102.74
CA PRO LF 20 -87.28 -7.45 101.97
C PRO LF 20 -88.37 -6.82 101.14
N THR LF 21 -89.03 -5.77 101.65
CA THR LF 21 -90.11 -5.14 100.90
C THR LF 21 -89.58 -4.34 99.71
N ARG LF 22 -88.53 -3.54 99.92
CA ARG LF 22 -87.94 -2.75 98.86
C ARG LF 22 -86.48 -3.16 98.70
N LEU LF 23 -86.17 -3.80 97.56
CA LEU LF 23 -84.81 -4.28 97.34
C LEU LF 23 -83.90 -3.15 96.88
N SER LF 24 -84.48 -2.00 96.52
CA SER LF 24 -83.70 -0.87 96.04
C SER LF 24 -82.94 -0.21 97.19
N THR LF 25 -83.45 -0.33 98.42
CA THR LF 25 -82.82 0.28 99.58
C THR LF 25 -81.84 -0.69 100.20
N THR LF 26 -80.54 -0.40 100.06
CA THR LF 26 -79.50 -1.26 100.57
C THR LF 26 -78.52 -0.46 101.43
N PHE LF 27 -77.92 -1.15 102.40
CA PHE LF 27 -76.93 -0.57 103.29
C PHE LF 27 -75.78 -1.55 103.41
N SER LF 28 -74.57 -1.11 103.07
CA SER LF 28 -73.40 -1.97 103.05
C SER LF 28 -72.25 -1.36 103.83
N ALA LF 29 -71.45 -2.23 104.44
CA ALA LF 29 -70.28 -1.81 105.21
C ALA LF 29 -69.07 -2.57 104.68
N SER LF 30 -67.98 -1.86 104.42
CA SER LF 30 -66.75 -2.44 103.90
C SER LF 30 -65.58 -1.97 104.76
N LEU LF 31 -64.68 -2.89 105.09
CA LEU LF 31 -63.52 -2.58 105.91
C LEU LF 31 -62.24 -2.99 105.18
N LEU LF 32 -61.23 -2.12 105.26
CA LEU LF 32 -59.89 -2.43 104.79
C LEU LF 32 -58.94 -2.29 105.97
N ARG LF 33 -58.07 -3.28 106.14
CA ARG LF 33 -57.17 -3.35 107.29
C ARG LF 33 -55.73 -3.37 106.81
N GLN LF 34 -54.94 -2.41 107.29
CA GLN LF 34 -53.53 -2.31 106.92
C GLN LF 34 -52.70 -2.01 108.16
N ARG LF 35 -51.43 -2.39 108.09
CA ARG LF 35 -50.48 -2.02 109.13
C ARG LF 35 -49.78 -0.73 108.73
N VAL LF 36 -49.85 0.27 109.59
CA VAL LF 36 -49.27 1.59 109.32
C VAL LF 36 -47.92 1.68 110.00
N LYS LF 37 -46.90 2.02 109.21
CA LYS LF 37 -45.54 2.18 109.71
C LYS LF 37 -45.36 3.60 110.21
N VAL LF 38 -45.26 3.76 111.53
CA VAL LF 38 -45.04 5.04 112.17
C VAL LF 38 -43.75 4.92 112.99
N GLY LF 39 -43.06 6.04 113.16
CA GLY LF 39 -41.81 6.06 113.89
C GLY LF 39 -41.92 5.39 115.24
N ILE LF 40 -40.99 4.47 115.52
CA ILE LF 40 -40.90 3.68 116.75
C ILE LF 40 -42.27 3.20 117.21
N ALA LF 41 -43.12 2.80 116.27
CA ALA LF 41 -44.44 2.28 116.60
C ALA LF 41 -44.91 1.37 115.48
N GLU LF 42 -45.70 0.35 115.85
CA GLU LF 42 -46.31 -0.57 114.89
C GLU LF 42 -47.80 -0.68 115.22
N LEU LF 43 -48.59 0.22 114.67
CA LEU LF 43 -50.02 0.27 114.90
C LEU LF 43 -50.76 0.14 113.58
N ASN LF 44 -51.92 -0.51 113.62
CA ASN LF 44 -52.65 -0.92 112.43
C ASN LF 44 -53.97 -0.16 112.34
N ASN LF 45 -54.23 0.41 111.17
CA ASN LF 45 -55.44 1.22 110.98
C ASN LF 45 -56.57 0.37 110.41
N VAL LF 46 -57.80 0.80 110.67
CA VAL LF 46 -58.99 0.18 110.12
C VAL LF 46 -59.84 1.28 109.49
N SER LF 47 -60.08 1.18 108.20
CA SER LF 47 -60.88 2.15 107.46
C SER LF 47 -62.21 1.51 107.09
N GLY LF 48 -63.31 2.13 107.53
CA GLY LF 48 -64.62 1.57 107.29
C GLY LF 48 -65.50 2.46 106.43
N GLN LF 49 -66.06 1.88 105.37
CA GLN LF 49 -66.92 2.61 104.44
C GLN LF 49 -68.35 2.11 104.61
N TYR LF 50 -69.26 3.03 104.92
CA TYR LF 50 -70.67 2.72 105.09
C TYR LF 50 -71.48 3.57 104.12
N VAL LF 51 -72.32 2.92 103.31
CA VAL LF 51 -73.13 3.61 102.31
C VAL LF 51 -74.59 3.24 102.53
N SER LF 52 -75.46 4.24 102.45
CA SER LF 52 -76.90 4.04 102.50
C SER LF 52 -77.54 4.66 101.27
N VAL LF 53 -78.33 3.87 100.55
CA VAL LF 53 -78.99 4.32 99.33
C VAL LF 53 -80.47 4.06 99.43
N TYR LF 54 -81.27 5.06 99.06
CA TYR LF 54 -82.71 4.94 98.97
C TYR LF 54 -83.15 5.50 97.64
N LYS LF 55 -83.98 4.75 96.92
CA LYS LF 55 -84.44 5.17 95.59
C LYS LF 55 -85.80 5.86 95.73
N ARG LF 56 -85.74 7.07 96.29
CA ARG LF 56 -86.94 7.82 96.58
C ARG LF 56 -87.62 8.26 95.28
N PRO LF 57 -88.94 8.17 95.20
CA PRO LF 57 -89.64 8.64 94.00
C PRO LF 57 -89.53 10.14 93.83
N ALA LF 58 -89.58 10.57 92.58
CA ALA LF 58 -89.59 11.99 92.27
C ALA LF 58 -90.86 12.61 92.84
N PRO LF 59 -90.84 13.89 93.23
CA PRO LF 59 -92.00 14.45 93.91
C PRO LF 59 -93.20 14.62 92.99
N LYS LF 60 -94.37 14.35 93.55
CA LYS LF 60 -95.60 14.34 92.77
C LYS LF 60 -95.95 15.75 92.31
N PRO LF 61 -96.50 15.91 91.11
CA PRO LF 61 -97.01 17.22 90.70
C PRO LF 61 -98.16 17.68 91.58
N GLU LF 62 -98.36 18.99 91.69
CA GLU LF 62 -99.29 19.58 92.64
C GLU LF 62 -100.68 19.68 92.03
N GLY LF 63 -101.69 19.42 92.84
CA GLY LF 63 -103.07 19.64 92.46
C GLY LF 63 -103.72 18.52 91.67
N CYS LF 64 -102.97 17.47 91.31
CA CYS LF 64 -103.51 16.37 90.53
C CYS LF 64 -103.02 15.05 91.12
N ALA LF 65 -103.95 14.12 91.33
CA ALA LF 65 -103.62 12.80 91.85
C ALA LF 65 -103.85 11.78 90.74
N ASP LF 66 -102.75 11.28 90.16
CA ASP LF 66 -102.86 10.30 89.08
C ASP LF 66 -103.43 8.99 89.60
N ALA LF 67 -104.00 8.22 88.68
CA ALA LF 67 -104.59 6.94 89.04
C ALA LF 67 -103.53 5.97 89.58
N CYS LF 68 -102.36 5.94 88.94
CA CYS LF 68 -101.28 5.06 89.34
C CYS LF 68 -99.97 5.82 89.33
N VAL LF 69 -99.03 5.38 90.17
CA VAL LF 69 -97.75 6.06 90.29
C VAL LF 69 -96.89 5.77 89.06
N ILE LF 70 -96.37 6.83 88.45
CA ILE LF 70 -95.51 6.71 87.28
C ILE LF 70 -94.27 7.57 87.51
N MET LF 71 -93.96 7.84 88.77
CA MET LF 71 -92.89 8.77 89.10
C MET LF 71 -91.54 8.16 88.72
N PRO LF 72 -90.67 8.89 88.03
CA PRO LF 72 -89.32 8.37 87.76
C PRO LF 72 -88.37 8.61 88.93
N ASN LF 73 -88.35 7.67 89.87
CA ASN LF 73 -87.60 7.77 91.11
C ASN LF 73 -86.15 8.18 90.94
N GLU LF 74 -85.58 8.79 91.99
CA GLU LF 74 -84.22 9.33 91.97
C GLU LF 74 -83.34 8.56 92.94
N ASN LF 75 -82.08 8.98 93.03
CA ASN LF 75 -81.10 8.30 93.86
C ASN LF 75 -80.72 9.18 95.05
N GLN LF 76 -80.85 8.65 96.25
CA GLN LF 76 -80.43 9.32 97.47
C GLN LF 76 -79.33 8.49 98.11
N SER LF 77 -78.19 9.12 98.40
CA SER LF 77 -77.01 8.42 98.89
C SER LF 77 -76.43 9.13 100.09
N ILE LF 78 -75.97 8.34 101.07
CA ILE LF 78 -75.27 8.83 102.24
C ILE LF 78 -74.08 7.92 102.48
N ARG LF 79 -72.88 8.43 102.27
CA ARG LF 79 -71.65 7.64 102.36
C ARG LF 79 -70.73 8.24 103.40
N THR LF 80 -70.31 7.43 104.36
CA THR LF 80 -69.39 7.85 105.41
C THR LF 80 -68.18 6.92 105.42
N VAL LF 81 -67.01 7.49 105.74
CA VAL LF 81 -65.77 6.73 105.84
C VAL LF 81 -65.11 7.11 107.16
N ILE LF 82 -64.86 6.11 108.00
CA ILE LF 82 -64.20 6.30 109.28
C ILE LF 82 -62.86 5.58 109.24
N SER LF 83 -61.77 6.35 109.35
CA SER LF 83 -60.42 5.82 109.28
C SER LF 83 -59.69 6.22 110.55
N GLY LF 84 -59.07 5.25 111.21
CA GLY LF 84 -58.32 5.52 112.41
C GLY LF 84 -57.76 4.24 112.98
N SER LF 85 -56.72 4.40 113.79
CA SER LF 85 -56.03 3.25 114.37
C SER LF 85 -56.90 2.61 115.45
N ALA LF 86 -56.80 1.29 115.56
CA ALA LF 86 -57.62 0.56 116.53
C ALA LF 86 -57.18 0.81 117.96
N GLU LF 87 -55.94 1.26 118.15
CA GLU LF 87 -55.46 1.54 119.50
C GLU LF 87 -56.19 2.72 120.12
N ASN LF 88 -56.64 3.66 119.29
CA ASN LF 88 -57.31 4.87 119.73
C ASN LF 88 -58.82 4.83 119.51
N LEU LF 89 -59.45 3.67 119.77
CA LEU LF 89 -60.85 3.49 119.43
C LEU LF 89 -61.76 4.43 120.22
N ALA LF 90 -61.44 4.67 121.50
CA ALA LF 90 -62.28 5.56 122.31
C ALA LF 90 -62.26 6.98 121.76
N THR LF 91 -61.08 7.47 121.40
CA THR LF 91 -60.98 8.79 120.79
C THR LF 91 -61.65 8.83 119.43
N LEU LF 92 -61.58 7.73 118.67
CA LEU LF 92 -62.27 7.69 117.39
C LEU LF 92 -63.79 7.77 117.58
N LYS LF 93 -64.31 7.11 118.61
CA LYS LF 93 -65.74 7.19 118.90
C LYS LF 93 -66.14 8.59 119.35
N ALA LF 94 -65.30 9.24 120.14
CA ALA LF 94 -65.56 10.62 120.51
C ALA LF 94 -65.57 11.52 119.28
N GLU LF 95 -64.63 11.31 118.37
CA GLU LF 95 -64.61 12.06 117.11
C GLU LF 95 -65.87 11.80 116.30
N TRP LF 96 -66.35 10.55 116.29
CA TRP LF 96 -67.58 10.24 115.59
C TRP LF 96 -68.77 10.99 116.17
N GLU LF 97 -68.85 11.03 117.50
CA GLU LF 97 -69.95 11.77 118.13
C GLU LF 97 -69.88 13.26 117.80
N THR LF 98 -68.68 13.85 117.86
CA THR LF 98 -68.54 15.26 117.53
C THR LF 98 -68.87 15.52 116.08
N HIS LF 99 -68.45 14.63 115.18
CA HIS LF 99 -68.76 14.78 113.77
C HIS LF 99 -70.26 14.70 113.52
N LYS LF 100 -70.95 13.78 114.19
CA LYS LF 100 -72.40 13.69 114.07
C LYS LF 100 -73.05 14.98 114.53
N ARG LF 101 -72.58 15.54 115.65
CA ARG LF 101 -73.17 16.78 116.15
C ARG LF 101 -72.95 17.93 115.18
N ASN LF 102 -71.74 18.03 114.63
CA ASN LF 102 -71.44 19.12 113.69
C ASN LF 102 -72.27 18.99 112.41
N VAL LF 103 -72.39 17.77 111.88
CA VAL LF 103 -73.16 17.56 110.66
C VAL LF 103 -74.63 17.82 110.91
N ASP LF 104 -75.13 17.48 112.11
CA ASP LF 104 -76.50 17.80 112.45
C ASP LF 104 -76.71 19.31 112.53
N THR LF 105 -75.74 20.02 113.11
CA THR LF 105 -75.84 21.48 113.20
C THR LF 105 -75.88 22.13 111.82
N LEU LF 106 -75.02 21.66 110.90
CA LEU LF 106 -74.97 22.27 109.58
C LEU LF 106 -76.16 21.86 108.72
N PHE LF 107 -76.54 20.59 108.76
CA PHE LF 107 -77.48 20.00 107.82
C PHE LF 107 -78.86 19.74 108.42
N ALA LF 108 -78.92 19.00 109.53
CA ALA LF 108 -80.21 18.61 110.09
C ALA LF 108 -81.02 19.81 110.55
N SER LF 109 -80.37 20.75 111.25
CA SER LF 109 -81.04 21.95 111.74
C SER LF 109 -80.73 23.19 110.93
N GLY LF 110 -79.86 23.09 109.92
CA GLY LF 110 -79.51 24.20 109.07
C GLY LF 110 -80.09 24.07 107.68
N ASN LF 111 -79.62 24.95 106.79
CA ASN LF 111 -80.10 24.94 105.41
C ASN LF 111 -79.02 24.47 104.46
N ALA LF 112 -78.16 23.55 104.92
CA ALA LF 112 -77.11 23.02 104.06
C ALA LF 112 -77.69 22.13 102.97
N GLY LF 113 -78.85 21.53 103.23
CA GLY LF 113 -79.48 20.71 102.21
C GLY LF 113 -79.91 21.51 101.00
N LEU LF 114 -80.41 22.73 101.22
CA LEU LF 114 -80.83 23.57 100.11
C LEU LF 114 -79.63 24.17 99.38
N GLY LF 115 -78.45 24.13 99.99
CA GLY LF 115 -77.24 24.64 99.36
C GLY LF 115 -76.57 25.79 100.05
N PHE LF 116 -76.96 26.10 101.29
CA PHE LF 116 -76.37 27.23 101.98
C PHE LF 116 -75.39 26.78 103.07
N LEU LF 117 -74.19 27.32 103.03
CA LEU LF 117 -73.17 27.08 104.06
C LEU LF 117 -73.16 28.29 104.99
N ASP LF 118 -73.71 28.11 106.18
CA ASP LF 118 -73.79 29.20 107.14
C ASP LF 118 -72.43 29.45 107.77
N PRO LF 119 -71.86 30.65 107.66
CA PRO LF 119 -70.55 30.90 108.28
C PRO LF 119 -70.61 31.23 109.76
N THR LF 120 -71.80 31.34 110.34
CA THR LF 120 -71.93 31.63 111.77
C THR LF 120 -72.40 30.44 112.58
N ALA LF 121 -72.39 29.23 112.01
CA ALA LF 121 -72.87 28.06 112.72
C ALA LF 121 -71.96 27.73 113.89
N ALA LF 122 -72.54 27.14 114.93
CA ALA LF 122 -71.81 26.80 116.15
C ALA LF 122 -71.19 25.41 115.98
N ILE LF 123 -69.98 25.39 115.47
CA ILE LF 123 -69.22 24.15 115.30
C ILE LF 123 -68.31 23.97 116.50
N VAL LF 124 -68.27 22.74 117.03
CA VAL LF 124 -67.50 22.44 118.24
C VAL LF 124 -66.53 21.30 117.95
N SER LF 125 -65.48 21.23 118.77
CA SER LF 125 -64.48 20.19 118.64
C SER LF 125 -64.75 19.05 119.61
N SER LF 126 -63.96 17.98 119.47
CA SER LF 126 -64.08 16.85 120.38
C SER LF 126 -63.49 17.15 121.75
N ASP LF 127 -62.47 18.00 121.81
CA ASP LF 127 -61.84 18.33 123.08
C ASP LF 127 -62.79 19.15 123.94
N THR LF 128 -62.76 18.89 125.25
CA THR LF 128 -63.62 19.56 126.20
C THR LF 128 -62.79 20.44 127.14
N THR LF 129 -63.47 21.36 127.80
CA THR LF 129 -62.81 22.27 128.74
C THR LF 129 -63.09 21.86 130.18
N ALA MF 1 -107.25 86.00 54.47
CA ALA MF 1 -107.36 84.64 54.98
C ALA MF 1 -106.42 83.70 54.23
N ASN MF 2 -105.30 83.38 54.86
CA ASN MF 2 -104.33 82.48 54.24
C ASN MF 2 -104.83 81.04 54.27
N LYS MF 3 -104.54 80.31 53.21
CA LYS MF 3 -105.00 78.93 53.11
C LYS MF 3 -104.23 78.05 54.08
N PRO MF 4 -104.91 77.32 54.96
CA PRO MF 4 -104.20 76.41 55.86
C PRO MF 4 -103.44 75.34 55.08
N MET MF 5 -102.29 74.96 55.61
CA MET MF 5 -101.41 73.99 54.98
C MET MF 5 -101.34 72.76 55.88
N GLN MF 6 -101.53 71.58 55.29
CA GLN MF 6 -101.68 70.36 56.06
C GLN MF 6 -100.50 69.43 55.82
N PRO MF 7 -99.92 68.85 56.87
CA PRO MF 7 -98.68 68.08 56.70
C PRO MF 7 -98.89 66.82 55.86
N ILE MF 8 -97.81 66.41 55.19
CA ILE MF 8 -97.81 65.16 54.44
C ILE MF 8 -96.90 64.11 55.06
N THR MF 9 -95.77 64.49 55.64
CA THR MF 9 -94.86 63.56 56.30
C THR MF 9 -94.56 64.08 57.70
N SER MF 10 -94.77 63.23 58.69
CA SER MF 10 -94.55 63.60 60.09
C SER MF 10 -93.53 62.66 60.71
N THR MF 11 -92.52 63.25 61.34
CA THR MF 11 -91.47 62.51 62.02
C THR MF 11 -90.95 63.36 63.17
N ALA MF 12 -90.33 62.71 64.15
CA ALA MF 12 -89.81 63.43 65.30
C ALA MF 12 -88.65 64.35 64.92
N ASN MF 13 -88.06 64.12 63.75
CA ASN MF 13 -86.91 64.90 63.29
C ASN MF 13 -87.23 65.81 62.10
N LYS MF 14 -88.38 65.62 61.45
CA LYS MF 14 -88.71 66.39 60.26
C LYS MF 14 -90.22 66.33 60.02
N ILE MF 15 -90.81 67.48 59.71
CA ILE MF 15 -92.22 67.57 59.31
C ILE MF 15 -92.30 68.40 58.04
N VAL MF 16 -93.05 67.90 57.06
CA VAL MF 16 -93.22 68.57 55.78
C VAL MF 16 -94.69 68.94 55.62
N TRP MF 17 -94.96 70.21 55.35
CA TRP MF 17 -96.31 70.70 55.11
C TRP MF 17 -96.47 71.03 53.62
N SER MF 18 -97.61 70.65 53.05
CA SER MF 18 -97.90 70.90 51.65
C SER MF 18 -99.32 71.44 51.50
N ASP MF 19 -99.48 72.37 50.56
CA ASP MF 19 -100.80 72.91 50.27
C ASP MF 19 -101.65 71.87 49.57
N PRO MF 20 -102.83 71.53 50.11
CA PRO MF 20 -103.67 70.52 49.45
C PRO MF 20 -104.05 70.90 48.03
N THR MF 21 -104.26 72.18 47.76
CA THR MF 21 -104.58 72.62 46.41
C THR MF 21 -103.38 72.60 45.48
N ARG MF 22 -102.18 72.90 45.97
CA ARG MF 22 -100.96 72.84 45.18
C ARG MF 22 -99.86 72.17 45.98
N LEU MF 23 -99.69 70.85 45.77
CA LEU MF 23 -98.71 70.09 46.55
C LEU MF 23 -97.28 70.51 46.24
N SER MF 24 -97.09 71.25 45.15
CA SER MF 24 -95.76 71.75 44.81
C SER MF 24 -95.23 72.74 45.83
N THR MF 25 -96.10 73.39 46.61
CA THR MF 25 -95.66 74.31 47.64
C THR MF 25 -95.42 73.53 48.94
N THR MF 26 -94.20 73.61 49.46
CA THR MF 26 -93.80 72.82 50.62
C THR MF 26 -93.18 73.72 51.69
N PHE MF 27 -93.23 73.24 52.92
CA PHE MF 27 -92.58 73.88 54.06
C PHE MF 27 -92.09 72.79 54.99
N SER MF 28 -90.78 72.74 55.22
CA SER MF 28 -90.17 71.66 55.99
C SER MF 28 -89.38 72.24 57.16
N ALA MF 29 -89.40 71.53 58.27
CA ALA MF 29 -88.67 71.91 59.48
C ALA MF 29 -87.92 70.69 60.00
N SER MF 30 -86.60 70.77 60.05
CA SER MF 30 -85.76 69.68 60.52
C SER MF 30 -84.93 70.18 61.69
N LEU MF 31 -84.96 69.46 62.80
CA LEU MF 31 -84.18 69.80 63.99
C LEU MF 31 -83.05 68.80 64.17
N LEU MF 32 -81.85 69.32 64.41
CA LEU MF 32 -80.68 68.51 64.69
C LEU MF 32 -80.09 68.96 66.01
N ARG MF 33 -79.93 68.03 66.95
CA ARG MF 33 -79.53 68.34 68.31
C ARG MF 33 -78.22 67.65 68.65
N GLN MF 34 -77.30 68.41 69.23
CA GLN MF 34 -76.02 67.89 69.71
C GLN MF 34 -75.73 68.43 71.09
N ARG MF 35 -74.75 67.82 71.75
CA ARG MF 35 -74.23 68.31 73.03
C ARG MF 35 -72.86 68.92 72.79
N VAL MF 36 -72.69 70.17 73.22
CA VAL MF 36 -71.46 70.91 73.02
C VAL MF 36 -70.93 71.36 74.37
N LYS MF 37 -69.64 71.12 74.62
CA LYS MF 37 -69.01 71.46 75.89
C LYS MF 37 -68.37 72.84 75.75
N VAL MF 38 -69.18 73.87 75.95
CA VAL MF 38 -68.69 75.24 75.84
C VAL MF 38 -68.07 75.68 77.16
N GLY MF 39 -68.84 75.63 78.24
CA GLY MF 39 -68.41 76.12 79.54
C GLY MF 39 -68.25 75.02 80.56
N ILE MF 40 -67.60 73.92 80.14
CA ILE MF 40 -67.41 72.67 80.89
C ILE MF 40 -68.77 72.18 81.40
N ALA MF 41 -69.84 72.65 80.78
CA ALA MF 41 -71.19 72.18 81.03
C ALA MF 41 -71.81 71.81 79.68
N GLU MF 42 -72.42 70.63 79.61
CA GLU MF 42 -72.94 70.09 78.35
C GLU MF 42 -74.19 70.85 77.95
N LEU MF 43 -73.98 71.92 77.18
CA LEU MF 43 -75.11 72.66 76.62
C LEU MF 43 -75.69 71.91 75.43
N ASN MF 44 -77.02 72.00 75.27
CA ASN MF 44 -77.71 71.28 74.20
C ASN MF 44 -78.17 72.29 73.14
N ASN MF 45 -77.41 72.35 72.05
CA ASN MF 45 -77.78 73.22 70.94
C ASN MF 45 -78.79 72.55 70.04
N VAL MF 46 -79.60 73.36 69.36
CA VAL MF 46 -80.59 72.89 68.40
C VAL MF 46 -80.37 73.64 67.09
N SER MF 47 -80.17 72.89 66.01
CA SER MF 47 -79.93 73.46 64.69
C SER MF 47 -81.17 73.20 63.85
N GLY MF 48 -82.10 74.16 63.86
CA GLY MF 48 -83.35 74.04 63.13
C GLY MF 48 -83.22 74.60 61.74
N GLN MF 49 -83.61 73.80 60.75
CA GLN MF 49 -83.56 74.18 59.35
C GLN MF 49 -84.99 74.30 58.82
N TYR MF 50 -85.39 75.51 58.46
CA TYR MF 50 -86.71 75.78 57.93
C TYR MF 50 -86.58 76.16 56.46
N VAL MF 51 -87.28 75.42 55.59
CA VAL MF 51 -87.19 75.61 54.15
C VAL MF 51 -88.58 75.81 53.60
N SER MF 52 -88.78 76.89 52.85
CA SER MF 52 -90.04 77.17 52.18
C SER MF 52 -89.81 77.22 50.68
N VAL MF 53 -90.58 76.43 49.94
CA VAL MF 53 -90.41 76.28 48.49
C VAL MF 53 -91.72 76.58 47.80
N TYR MF 54 -91.67 77.44 46.79
CA TYR MF 54 -92.83 77.76 45.97
C TYR MF 54 -92.42 77.76 44.51
N LYS MF 55 -92.93 76.80 43.75
CA LYS MF 55 -92.66 76.70 42.32
C LYS MF 55 -93.65 77.63 41.61
N ARG MF 56 -93.14 78.78 41.15
CA ARG MF 56 -94.00 79.84 40.66
C ARG MF 56 -93.85 79.96 39.14
N PRO MF 57 -94.95 79.96 38.38
CA PRO MF 57 -94.84 80.02 36.94
C PRO MF 57 -94.72 81.42 36.35
N ALA MF 58 -93.55 81.70 35.77
CA ALA MF 58 -93.20 83.02 35.27
C ALA MF 58 -92.75 82.98 33.82
N PRO MF 59 -93.65 82.66 32.88
CA PRO MF 59 -93.39 83.02 31.49
C PRO MF 59 -93.31 84.53 31.32
N LYS MF 60 -94.04 85.26 32.16
CA LYS MF 60 -94.10 86.71 32.21
C LYS MF 60 -94.37 87.33 30.84
N PRO MF 61 -95.52 87.04 30.21
CA PRO MF 61 -95.86 87.73 28.97
C PRO MF 61 -96.35 89.15 29.28
N GLU MF 62 -95.51 90.12 28.99
CA GLU MF 62 -95.76 91.50 29.39
C GLU MF 62 -96.94 92.07 28.62
N GLY MF 63 -98.09 92.12 29.28
CA GLY MF 63 -99.27 92.74 28.72
C GLY MF 63 -100.40 91.85 28.22
N CYS MF 64 -100.07 90.64 27.75
CA CYS MF 64 -101.11 89.83 27.12
C CYS MF 64 -101.07 88.42 27.69
N ALA MF 65 -102.25 87.91 28.03
CA ALA MF 65 -102.47 86.50 28.35
C ALA MF 65 -103.75 86.06 27.68
N ASP MF 66 -103.69 84.95 26.95
CA ASP MF 66 -104.84 84.65 26.09
C ASP MF 66 -105.55 83.35 26.44
N ALA MF 67 -104.84 82.23 26.51
CA ALA MF 67 -105.50 80.93 26.63
C ALA MF 67 -104.67 80.03 27.55
N CYS MF 68 -104.99 78.75 27.54
CA CYS MF 68 -104.32 77.77 28.39
C CYS MF 68 -102.98 77.39 27.76
N VAL MF 69 -101.91 78.06 28.19
CA VAL MF 69 -100.56 77.78 27.73
C VAL MF 69 -99.82 77.10 28.87
N ILE MF 70 -98.92 76.18 28.52
CA ILE MF 70 -98.11 75.50 29.53
C ILE MF 70 -97.25 76.51 30.29
N MET MF 71 -97.27 76.41 31.61
CA MET MF 71 -96.45 77.27 32.45
C MET MF 71 -95.11 76.59 32.72
N PRO MF 72 -93.99 77.14 32.25
CA PRO MF 72 -92.68 76.68 32.72
C PRO MF 72 -92.36 77.29 34.08
N ASN MF 73 -91.92 76.49 35.02
CA ASN MF 73 -91.82 76.90 36.42
C ASN MF 73 -90.39 77.24 36.80
N GLU MF 74 -90.26 78.17 37.75
CA GLU MF 74 -89.01 78.46 38.43
C GLU MF 74 -89.17 78.17 39.91
N ASN MF 75 -88.06 77.94 40.59
CA ASN MF 75 -88.08 77.59 42.00
C ASN MF 75 -87.75 78.82 42.86
N GLN MF 76 -88.64 79.13 43.80
CA GLN MF 76 -88.40 80.17 44.79
C GLN MF 76 -88.20 79.49 46.14
N SER MF 77 -87.01 79.61 46.69
CA SER MF 77 -86.65 78.94 47.93
C SER MF 77 -86.19 79.94 48.96
N ILE MF 78 -86.68 79.79 50.19
CA ILE MF 78 -86.26 80.58 51.33
C ILE MF 78 -85.86 79.62 52.44
N ARG MF 79 -84.56 79.57 52.74
CA ARG MF 79 -84.01 78.60 53.67
C ARG MF 79 -83.46 79.33 54.88
N THR MF 80 -83.88 78.92 56.07
CA THR MF 80 -83.48 79.56 57.32
C THR MF 80 -82.93 78.51 58.28
N VAL MF 81 -81.79 78.82 58.88
CA VAL MF 81 -81.16 77.94 59.86
C VAL MF 81 -80.90 78.74 61.12
N ILE MF 82 -81.42 78.25 62.25
CA ILE MF 82 -81.23 78.88 63.55
C ILE MF 82 -80.51 77.89 64.44
N SER MF 83 -79.37 78.31 65.00
CA SER MF 83 -78.53 77.44 65.82
C SER MF 83 -78.20 78.17 67.12
N GLY MF 84 -78.36 77.48 68.24
CA GLY MF 84 -78.06 78.06 69.53
C GLY MF 84 -78.41 77.14 70.69
N SER MF 85 -77.87 77.43 71.87
CA SER MF 85 -78.15 76.61 73.04
C SER MF 85 -79.60 76.74 73.46
N ALA MF 86 -80.17 75.64 73.95
CA ALA MF 86 -81.55 75.66 74.41
C ALA MF 86 -81.70 76.49 75.68
N GLU MF 87 -80.61 76.67 76.42
CA GLU MF 87 -80.67 77.39 77.68
C GLU MF 87 -80.74 78.89 77.48
N ASN MF 88 -80.54 79.36 76.25
CA ASN MF 88 -80.59 80.77 75.92
C ASN MF 88 -81.70 81.05 74.90
N LEU MF 89 -82.88 80.47 75.13
CA LEU MF 89 -83.94 80.55 74.15
C LEU MF 89 -84.48 81.96 73.99
N ALA MF 90 -84.65 82.69 75.09
CA ALA MF 90 -85.18 84.05 75.01
C ALA MF 90 -84.23 84.96 74.24
N THR MF 91 -82.93 84.85 74.53
CA THR MF 91 -81.94 85.63 73.81
C THR MF 91 -81.88 85.24 72.34
N LEU MF 92 -82.01 83.95 72.03
CA LEU MF 92 -82.02 83.54 70.63
C LEU MF 92 -83.25 84.07 69.90
N LYS MF 93 -84.38 84.15 70.60
CA LYS MF 93 -85.58 84.73 70.01
C LYS MF 93 -85.39 86.22 69.73
N ALA MF 94 -84.74 86.92 70.66
CA ALA MF 94 -84.42 88.33 70.42
C ALA MF 94 -83.50 88.47 69.21
N GLU MF 95 -82.50 87.59 69.09
CA GLU MF 95 -81.63 87.60 67.92
C GLU MF 95 -82.42 87.34 66.65
N TRP MF 96 -83.40 86.44 66.71
CA TRP MF 96 -84.24 86.15 65.55
C TRP MF 96 -85.05 87.38 65.14
N GLU MF 97 -85.60 88.10 66.12
CA GLU MF 97 -86.34 89.32 65.80
C GLU MF 97 -85.43 90.36 65.17
N THR MF 98 -84.23 90.54 65.72
CA THR MF 98 -83.29 91.49 65.14
C THR MF 98 -82.89 91.08 63.73
N HIS MF 99 -82.69 89.79 63.50
CA HIS MF 99 -82.37 89.29 62.17
C HIS MF 99 -83.50 89.56 61.19
N LYS MF 100 -84.74 89.36 61.62
CA LYS MF 100 -85.89 89.68 60.78
C LYS MF 100 -85.87 91.14 60.39
N ARG MF 101 -85.69 92.02 61.38
CA ARG MF 101 -85.66 93.45 61.09
C ARG MF 101 -84.54 93.81 60.12
N ASN MF 102 -83.37 93.21 60.31
CA ASN MF 102 -82.20 93.56 59.50
C ASN MF 102 -82.36 93.08 58.05
N VAL MF 103 -82.79 91.83 57.86
CA VAL MF 103 -83.02 91.33 56.51
C VAL MF 103 -84.17 92.09 55.85
N ASP MF 104 -85.16 92.52 56.64
CA ASP MF 104 -86.21 93.36 56.08
C ASP MF 104 -85.65 94.68 55.57
N THR MF 105 -84.77 95.29 56.36
CA THR MF 105 -84.15 96.55 55.95
C THR MF 105 -83.38 96.39 54.65
N LEU MF 106 -82.63 95.29 54.51
CA LEU MF 106 -81.87 95.11 53.27
C LEU MF 106 -82.75 94.72 52.08
N PHE MF 107 -83.73 93.85 52.30
CA PHE MF 107 -84.42 93.16 51.20
C PHE MF 107 -85.83 93.71 50.96
N ALA MF 108 -86.66 93.75 52.00
CA ALA MF 108 -88.06 94.13 51.82
C ALA MF 108 -88.18 95.59 51.42
N SER MF 109 -87.44 96.47 52.10
CA SER MF 109 -87.50 97.90 51.82
C SER MF 109 -86.34 98.39 50.96
N GLY MF 110 -85.37 97.53 50.66
CA GLY MF 110 -84.24 97.89 49.83
C GLY MF 110 -84.35 97.31 48.43
N ASN MF 111 -83.18 97.15 47.80
CA ASN MF 111 -83.09 96.57 46.46
C ASN MF 111 -82.16 95.36 46.44
N ALA MF 112 -82.05 94.65 47.56
CA ALA MF 112 -81.17 93.48 47.61
C ALA MF 112 -81.71 92.34 46.75
N GLY MF 113 -83.02 92.26 46.57
CA GLY MF 113 -83.58 91.20 45.76
C GLY MF 113 -83.20 91.30 44.30
N LEU MF 114 -82.89 92.51 43.83
CA LEU MF 114 -82.53 92.71 42.44
C LEU MF 114 -81.03 92.63 42.24
N GLY MF 115 -80.30 92.35 43.31
CA GLY MF 115 -78.85 92.23 43.22
C GLY MF 115 -78.10 93.51 43.52
N PHE MF 116 -78.43 94.17 44.63
CA PHE MF 116 -77.79 95.41 45.02
C PHE MF 116 -77.43 95.36 46.50
N LEU MF 117 -76.37 96.08 46.87
CA LEU MF 117 -75.97 96.24 48.26
C LEU MF 117 -75.91 97.73 48.58
N ASP MF 118 -76.47 98.11 49.73
CA ASP MF 118 -76.46 99.50 50.16
C ASP MF 118 -75.59 99.63 51.39
N PRO MF 119 -74.36 100.14 51.28
CA PRO MF 119 -73.52 100.33 52.47
C PRO MF 119 -74.08 101.32 53.48
N THR MF 120 -74.98 102.20 53.05
CA THR MF 120 -75.57 103.21 53.93
C THR MF 120 -76.86 102.74 54.59
N ALA MF 121 -77.20 101.46 54.46
CA ALA MF 121 -78.42 100.94 55.05
C ALA MF 121 -78.36 100.99 56.57
N ALA MF 122 -79.52 101.15 57.20
CA ALA MF 122 -79.61 101.26 58.66
C ALA MF 122 -79.60 99.84 59.24
N ILE MF 123 -78.40 99.33 59.43
CA ILE MF 123 -78.19 98.00 59.99
C ILE MF 123 -77.98 98.15 61.50
N VAL MF 124 -78.71 97.34 62.27
CA VAL MF 124 -78.80 97.54 63.71
C VAL MF 124 -78.54 96.21 64.41
N SER MF 125 -78.06 96.30 65.66
CA SER MF 125 -77.70 95.12 66.43
C SER MF 125 -78.84 94.73 67.38
N SER MF 126 -78.68 93.56 68.00
CA SER MF 126 -79.68 93.06 68.93
C SER MF 126 -79.63 93.73 70.29
N ASP MF 127 -78.47 94.20 70.71
CA ASP MF 127 -78.33 94.81 72.03
C ASP MF 127 -79.01 96.16 72.09
N THR MF 128 -79.34 96.58 73.30
CA THR MF 128 -80.04 97.85 73.54
C THR MF 128 -79.12 98.82 74.27
N THR MF 129 -79.47 100.09 74.19
CA THR MF 129 -78.72 101.15 74.85
C THR MF 129 -79.35 101.51 76.19
N ALA NF 1 -95.87 67.90 92.94
CA ALA NF 1 -96.10 68.23 91.54
C ALA NF 1 -94.81 68.13 90.74
N ASN NF 2 -94.52 66.93 90.23
CA ASN NF 2 -93.30 66.72 89.47
C ASN NF 2 -93.41 67.34 88.09
N LYS NF 3 -92.27 67.75 87.54
CA LYS NF 3 -92.25 68.37 86.22
C LYS NF 3 -92.54 67.34 85.15
N PRO NF 4 -93.48 67.60 84.24
CA PRO NF 4 -93.76 66.63 83.18
C PRO NF 4 -92.74 66.72 82.05
N MET NF 5 -92.69 65.67 81.24
CA MET NF 5 -91.88 65.64 80.04
C MET NF 5 -92.77 65.56 78.81
N GLN NF 6 -92.17 65.85 77.65
CA GLN NF 6 -92.74 65.70 76.33
C GLN NF 6 -91.80 64.88 75.47
N PRO NF 7 -92.33 64.02 74.58
CA PRO NF 7 -91.46 63.15 73.79
C PRO NF 7 -90.59 63.93 72.82
N ILE NF 8 -89.37 63.44 72.61
CA ILE NF 8 -88.41 64.05 71.70
C ILE NF 8 -88.29 63.24 70.41
N THR NF 9 -87.91 61.97 70.51
CA THR NF 9 -87.86 61.06 69.39
C THR NF 9 -88.96 60.02 69.53
N SER NF 10 -89.79 59.91 68.49
CA SER NF 10 -90.96 59.05 68.56
C SER NF 10 -90.86 57.95 67.52
N THR NF 11 -90.59 56.73 67.99
CA THR NF 11 -90.64 55.53 67.18
C THR NF 11 -91.37 54.45 67.96
N ALA NF 12 -92.13 53.63 67.25
CA ALA NF 12 -92.89 52.58 67.93
C ALA NF 12 -91.96 51.59 68.62
N ASN NF 13 -90.73 51.46 68.13
CA ASN NF 13 -89.74 50.64 68.81
C ASN NF 13 -89.15 51.33 70.03
N LYS NF 14 -88.98 52.66 69.97
CA LYS NF 14 -88.33 53.40 71.04
C LYS NF 14 -88.85 54.83 71.08
N ILE NF 15 -89.26 55.28 72.27
CA ILE NF 15 -89.65 56.65 72.51
C ILE NF 15 -88.85 57.19 73.69
N VAL NF 16 -88.27 58.37 73.52
CA VAL NF 16 -87.48 59.02 74.56
C VAL NF 16 -88.23 60.26 75.03
N TRP NF 17 -88.27 60.46 76.35
CA TRP NF 17 -88.85 61.64 76.94
C TRP NF 17 -87.75 62.55 77.45
N SER NF 18 -88.04 63.85 77.53
CA SER NF 18 -87.06 64.81 78.02
C SER NF 18 -87.79 65.99 78.64
N ASP NF 19 -87.12 66.61 79.61
CA ASP NF 19 -87.69 67.76 80.31
C ASP NF 19 -87.38 69.03 79.52
N PRO NF 20 -88.38 69.82 79.14
CA PRO NF 20 -88.11 71.07 78.43
C PRO NF 20 -87.16 72.00 79.17
N THR NF 21 -87.24 72.07 80.49
CA THR NF 21 -86.38 72.95 81.28
C THR NF 21 -85.02 72.33 81.58
N ARG NF 22 -84.85 71.04 81.36
CA ARG NF 22 -83.56 70.38 81.58
C ARG NF 22 -83.46 69.23 80.57
N LEU NF 23 -82.78 69.49 79.46
CA LEU NF 23 -82.70 68.51 78.38
C LEU NF 23 -81.84 67.31 78.75
N SER NF 24 -81.07 67.40 79.84
CA SER NF 24 -80.23 66.28 80.23
C SER NF 24 -81.00 65.17 80.95
N THR NF 25 -82.22 65.45 81.40
CA THR NF 25 -83.05 64.46 82.08
C THR NF 25 -83.89 63.74 81.04
N THR NF 26 -83.64 62.45 80.86
CA THR NF 26 -84.31 61.66 79.83
C THR NF 26 -84.87 60.38 80.42
N PHE NF 27 -85.96 59.91 79.80
CA PHE NF 27 -86.57 58.63 80.11
C PHE NF 27 -86.91 57.94 78.81
N SER NF 28 -86.35 56.76 78.58
CA SER NF 28 -86.48 56.06 77.32
C SER NF 28 -87.09 54.68 77.54
N ALA NF 29 -87.98 54.28 76.62
CA ALA NF 29 -88.61 52.97 76.66
C ALA NF 29 -88.44 52.32 75.29
N SER NF 30 -87.92 51.09 75.27
CA SER NF 30 -87.71 50.34 74.04
C SER NF 30 -88.34 48.97 74.20
N LEU NF 31 -89.12 48.54 73.21
CA LEU NF 31 -89.77 47.25 73.22
C LEU NF 31 -89.30 46.43 72.03
N LEU NF 32 -88.91 45.18 72.28
CA LEU NF 32 -88.54 44.24 71.24
C LEU NF 32 -89.44 43.01 71.37
N ARG NF 33 -90.15 42.69 70.29
CA ARG NF 33 -91.11 41.60 70.29
C ARG NF 33 -90.67 40.51 69.32
N GLN NF 34 -90.74 39.26 69.79
CA GLN NF 34 -90.36 38.11 68.99
C GLN NF 34 -91.30 36.96 69.33
N ARG NF 35 -91.51 36.07 68.35
CA ARG NF 35 -92.40 34.92 68.53
C ARG NF 35 -91.54 33.72 68.92
N VAL NF 36 -91.09 33.70 70.17
CA VAL NF 36 -90.32 32.59 70.70
C VAL NF 36 -91.30 31.54 71.24
N LYS NF 37 -91.59 30.53 70.43
CA LYS NF 37 -92.61 29.56 70.80
C LYS NF 37 -91.99 28.34 71.47
N VAL NF 38 -92.57 27.94 72.60
CA VAL NF 38 -92.20 26.70 73.27
C VAL NF 38 -92.90 25.55 72.57
N GLY NF 39 -92.51 24.32 72.92
CA GLY NF 39 -93.06 23.14 72.27
C GLY NF 39 -94.57 23.09 72.26
N ILE NF 40 -95.14 22.73 71.10
CA ILE NF 40 -96.57 22.61 70.84
C ILE NF 40 -97.37 23.76 71.45
N ALA NF 41 -96.80 24.95 71.43
CA ALA NF 41 -97.49 26.13 71.93
C ALA NF 41 -96.96 27.36 71.20
N GLU NF 42 -97.77 28.42 71.21
CA GLU NF 42 -97.40 29.69 70.59
C GLU NF 42 -97.36 30.77 71.68
N LEU NF 43 -96.23 31.47 71.76
CA LEU NF 43 -96.05 32.51 72.78
C LEU NF 43 -95.33 33.69 72.15
N ASN NF 44 -95.85 34.89 72.40
CA ASN NF 44 -95.23 36.13 71.97
C ASN NF 44 -94.69 36.87 73.19
N ASN NF 45 -93.38 37.01 73.27
CA ASN NF 45 -92.74 37.68 74.39
C ASN NF 45 -92.34 39.10 74.00
N VAL NF 46 -92.32 39.99 74.99
CA VAL NF 46 -92.00 41.40 74.78
C VAL NF 46 -90.91 41.76 75.78
N SER NF 47 -89.70 42.01 75.28
CA SER NF 47 -88.60 42.46 76.13
C SER NF 47 -88.62 43.98 76.20
N GLY NF 48 -88.82 44.50 77.41
CA GLY NF 48 -88.93 45.93 77.58
C GLY NF 48 -87.81 46.55 78.37
N GLN NF 49 -87.08 47.47 77.74
CA GLN NF 49 -85.95 48.15 78.38
C GLN NF 49 -86.34 49.59 78.65
N TYR NF 50 -86.21 50.01 79.90
CA TYR NF 50 -86.55 51.36 80.33
C TYR NF 50 -85.33 51.98 81.01
N VAL NF 51 -84.89 53.12 80.50
CA VAL NF 51 -83.68 53.77 80.98
C VAL NF 51 -84.04 55.16 81.48
N SER NF 52 -83.65 55.48 82.70
CA SER NF 52 -83.81 56.81 83.28
C SER NF 52 -82.43 57.41 83.53
N VAL NF 53 -82.19 58.58 82.96
CA VAL NF 53 -80.89 59.23 83.02
C VAL NF 53 -81.05 60.62 83.62
N TYR NF 54 -80.24 60.92 84.63
CA TYR NF 54 -80.19 62.23 85.25
C TYR NF 54 -78.75 62.60 85.52
N LYS NF 55 -78.38 63.84 85.22
CA LYS NF 55 -77.03 64.34 85.46
C LYS NF 55 -77.10 65.29 86.66
N ARG NF 56 -76.62 64.84 87.80
CA ARG NF 56 -76.69 65.57 89.05
C ARG NF 56 -75.35 66.20 89.36
N PRO NF 57 -75.31 67.46 89.78
CA PRO NF 57 -74.03 68.08 90.16
C PRO NF 57 -73.42 67.37 91.36
N ALA NF 58 -72.09 67.34 91.37
CA ALA NF 58 -71.38 66.73 92.48
C ALA NF 58 -71.68 67.48 93.78
N PRO NF 59 -71.73 66.78 94.91
CA PRO NF 59 -72.14 67.44 96.16
C PRO NF 59 -71.18 68.55 96.59
N LYS NF 60 -71.76 69.67 97.01
CA LYS NF 60 -70.98 70.80 97.51
C LYS NF 60 -70.42 70.46 98.88
N PRO NF 61 -69.29 71.06 99.28
CA PRO NF 61 -68.76 70.81 100.63
C PRO NF 61 -69.75 71.20 101.72
N GLU NF 62 -69.78 70.40 102.79
CA GLU NF 62 -70.82 70.57 103.81
C GLU NF 62 -70.76 71.94 104.47
N GLY NF 63 -69.56 72.42 104.78
CA GLY NF 63 -69.43 73.72 105.41
C GLY NF 63 -69.24 74.83 104.40
N CYS NF 64 -70.19 74.98 103.48
CA CYS NF 64 -70.09 75.98 102.42
C CYS NF 64 -71.37 76.81 102.36
N ALA NF 65 -71.20 78.13 102.27
CA ALA NF 65 -72.31 79.04 102.09
C ALA NF 65 -72.15 79.94 100.86
N ASP NF 66 -71.25 79.58 99.94
CA ASP NF 66 -71.03 80.41 98.75
C ASP NF 66 -72.27 80.43 97.87
N ALA NF 67 -72.51 81.56 97.23
CA ALA NF 67 -73.70 81.75 96.42
C ALA NF 67 -73.73 80.82 95.22
N CYS NF 68 -72.74 80.93 94.34
CA CYS NF 68 -72.73 80.20 93.09
C CYS NF 68 -71.34 79.63 92.81
N VAL NF 69 -71.17 78.35 93.09
CA VAL NF 69 -70.03 77.57 92.62
C VAL NF 69 -70.59 76.28 92.02
N ILE NF 70 -70.21 75.98 90.77
CA ILE NF 70 -70.81 74.89 90.03
C ILE NF 70 -69.80 73.77 89.91
N MET NF 71 -70.24 72.55 90.20
CA MET NF 71 -69.42 71.35 90.07
C MET NF 71 -69.87 70.57 88.84
N PRO NF 72 -68.96 69.84 88.18
CA PRO NF 72 -69.36 69.08 86.99
C PRO NF 72 -70.34 67.97 87.33
N ASN NF 73 -71.20 67.66 86.37
CA ASN NF 73 -72.29 66.73 86.58
C ASN NF 73 -71.77 65.28 86.54
N GLU NF 74 -72.50 64.41 87.23
CA GLU NF 74 -72.21 62.98 87.27
C GLU NF 74 -73.40 62.24 86.68
N ASN NF 75 -73.15 61.07 86.12
CA ASN NF 75 -74.21 60.33 85.44
C ASN NF 75 -74.92 59.42 86.43
N GLN NF 76 -76.23 59.57 86.54
CA GLN NF 76 -77.09 58.69 87.34
C GLN NF 76 -78.04 57.98 86.38
N SER NF 77 -77.92 56.65 86.30
CA SER NF 77 -78.70 55.86 85.36
C SER NF 77 -79.39 54.71 86.09
N ILE NF 78 -80.65 54.48 85.73
CA ILE NF 78 -81.42 53.36 86.23
C ILE NF 78 -82.04 52.67 85.02
N ARG NF 79 -81.69 51.41 84.81
CA ARG NF 79 -82.11 50.67 83.62
C ARG NF 79 -82.82 49.38 84.06
N THR NF 80 -84.02 49.18 83.55
CA THR NF 80 -84.83 48.01 83.88
C THR NF 80 -85.22 47.28 82.60
N VAL NF 81 -84.99 45.97 82.60
CA VAL NF 81 -85.32 45.11 81.46
C VAL NF 81 -86.34 44.09 81.92
N ILE NF 82 -87.48 44.02 81.23
CA ILE NF 82 -88.57 43.11 81.57
C ILE NF 82 -88.82 42.21 80.37
N SER NF 83 -88.76 40.90 80.59
CA SER NF 83 -88.95 39.91 79.54
C SER NF 83 -90.01 38.91 79.96
N GLY NF 84 -90.96 38.64 79.06
CA GLY NF 84 -92.00 37.67 79.35
C GLY NF 84 -93.06 37.61 78.27
N SER NF 85 -93.81 36.51 78.22
CA SER NF 85 -94.85 36.34 77.22
C SER NF 85 -96.03 37.27 77.50
N ALA NF 86 -96.75 37.62 76.43
CA ALA NF 86 -97.92 38.48 76.60
C ALA NF 86 -99.06 37.73 77.28
N GLU NF 87 -99.04 36.40 77.21
CA GLU NF 87 -100.12 35.62 77.81
C GLU NF 87 -100.10 35.70 79.33
N ASN NF 88 -98.91 35.81 79.93
CA ASN NF 88 -98.74 35.81 81.37
C ASN NF 88 -98.56 37.22 81.92
N LEU NF 89 -99.29 38.20 81.38
CA LEU NF 89 -99.08 39.58 81.76
C LEU NF 89 -99.42 39.83 83.24
N ALA NF 90 -100.50 39.23 83.73
CA ALA NF 90 -100.90 39.46 85.12
C ALA NF 90 -99.87 38.89 86.09
N THR NF 91 -99.42 37.66 85.84
CA THR NF 91 -98.39 37.07 86.67
C THR NF 91 -97.08 37.85 86.59
N LEU NF 92 -96.75 38.37 85.40
CA LEU NF 92 -95.54 39.16 85.27
C LEU NF 92 -95.66 40.49 86.01
N LYS NF 93 -96.86 41.06 86.06
CA LYS NF 93 -97.06 42.27 86.86
C LYS NF 93 -96.91 41.98 88.34
N ALA NF 94 -97.42 40.83 88.79
CA ALA NF 94 -97.18 40.43 90.17
C ALA NF 94 -95.69 40.26 90.45
N GLU NF 95 -94.98 39.65 89.50
CA GLU NF 95 -93.52 39.51 89.63
C GLU NF 95 -92.85 40.87 89.71
N TRP NF 96 -93.33 41.84 88.93
CA TRP NF 96 -92.78 43.18 88.96
C TRP NF 96 -93.01 43.83 90.32
N GLU NF 97 -94.19 43.65 90.89
CA GLU NF 97 -94.45 44.18 92.23
C GLU NF 97 -93.51 43.55 93.26
N THR NF 98 -93.34 42.23 93.21
CA THR NF 98 -92.43 41.57 94.14
C THR NF 98 -90.99 42.04 93.94
N HIS NF 99 -90.58 42.22 92.69
CA HIS NF 99 -89.23 42.72 92.40
C HIS NF 99 -89.03 44.12 92.95
N LYS NF 100 -90.04 44.98 92.80
CA LYS NF 100 -89.95 46.33 93.35
C LYS NF 100 -89.81 46.27 94.87
N ARG NF 101 -90.59 45.39 95.52
CA ARG NF 101 -90.49 45.26 96.96
C ARG NF 101 -89.09 44.81 97.40
N ASN NF 102 -88.54 43.82 96.69
CA ASN NF 102 -87.23 43.31 97.06
C ASN NF 102 -86.13 44.35 96.83
N VAL NF 103 -86.17 45.04 95.70
CA VAL NF 103 -85.16 46.07 95.43
C VAL NF 103 -85.28 47.21 96.43
N ASP NF 104 -86.51 47.55 96.81
CA ASP NF 104 -86.70 48.58 97.84
C ASP NF 104 -86.10 48.12 99.16
N THR NF 105 -86.31 46.86 99.53
CA THR NF 105 -85.76 46.34 100.78
C THR NF 105 -84.25 46.40 100.79
N LEU NF 106 -83.62 46.03 99.68
CA LEU NF 106 -82.16 46.02 99.62
C LEU NF 106 -81.56 47.43 99.52
N PHE NF 107 -82.19 48.32 98.76
CA PHE NF 107 -81.59 49.58 98.35
C PHE NF 107 -82.18 50.78 99.10
N ALA NF 108 -83.51 50.93 99.05
CA ALA NF 108 -84.14 52.12 99.62
C ALA NF 108 -83.96 52.17 101.14
N SER NF 109 -84.08 51.03 101.80
CA SER NF 109 -83.95 50.97 103.25
C SER NF 109 -82.65 50.33 103.71
N GLY NF 110 -81.81 49.86 102.80
CA GLY NF 110 -80.56 49.23 103.15
C GLY NF 110 -79.35 50.11 102.84
N ASN NF 111 -78.20 49.45 102.70
CA ASN NF 111 -76.95 50.12 102.37
C ASN NF 111 -76.36 49.64 101.05
N ALA NF 112 -77.16 48.99 100.22
CA ALA NF 112 -76.69 48.56 98.90
C ALA NF 112 -76.28 49.74 98.04
N GLY NF 113 -76.90 50.90 98.25
CA GLY NF 113 -76.49 52.11 97.56
C GLY NF 113 -75.08 52.54 97.91
N LEU NF 114 -74.69 52.43 99.16
CA LEU NF 114 -73.33 52.73 99.59
C LEU NF 114 -72.37 51.59 99.32
N GLY NF 115 -72.88 50.39 99.04
CA GLY NF 115 -72.03 49.28 98.66
C GLY NF 115 -71.91 48.16 99.66
N PHE NF 116 -72.93 47.94 100.50
CA PHE NF 116 -72.92 46.87 101.48
C PHE NF 116 -74.11 45.95 101.23
N LEU NF 117 -73.87 44.65 101.22
CA LEU NF 117 -74.91 43.64 101.07
C LEU NF 117 -75.14 42.96 102.41
N ASP NF 118 -76.42 42.85 102.80
CA ASP NF 118 -76.78 42.22 104.05
C ASP NF 118 -77.43 40.87 103.76
N PRO NF 119 -76.78 39.74 104.08
CA PRO NF 119 -77.41 38.44 103.84
C PRO NF 119 -78.61 38.16 104.73
N THR NF 120 -78.90 39.03 105.70
CA THR NF 120 -80.04 38.86 106.59
C THR NF 120 -81.26 39.66 106.14
N ALA NF 121 -81.22 40.24 104.95
CA ALA NF 121 -82.34 41.02 104.45
C ALA NF 121 -83.56 40.14 104.23
N ALA NF 122 -84.74 40.72 104.45
CA ALA NF 122 -86.00 39.98 104.33
C ALA NF 122 -86.48 40.04 102.89
N ILE NF 123 -85.99 39.13 102.08
CA ILE NF 123 -86.40 39.01 100.69
C ILE NF 123 -87.56 38.03 100.61
N VAL NF 124 -88.59 38.41 99.86
CA VAL NF 124 -89.82 37.63 99.79
C VAL NF 124 -90.09 37.24 98.33
N SER NF 125 -90.88 36.18 98.16
CA SER NF 125 -91.23 35.72 96.82
C SER NF 125 -92.62 36.21 96.44
N SER NF 126 -92.98 36.01 95.17
CA SER NF 126 -94.26 36.48 94.66
C SER NF 126 -95.43 35.62 95.14
N ASP NF 127 -95.23 34.31 95.28
CA ASP NF 127 -96.32 33.44 95.71
C ASP NF 127 -96.72 33.73 97.14
N THR NF 128 -97.98 33.46 97.45
CA THR NF 128 -98.53 33.71 98.78
C THR NF 128 -98.89 32.38 99.45
N THR NF 129 -98.81 32.40 100.78
CA THR NF 129 -99.11 31.21 101.57
C THR NF 129 -100.61 30.99 101.68
N ALA OF 1 -119.90 47.92 69.58
CA ALA OF 1 -118.67 48.44 70.15
C ALA OF 1 -117.47 47.58 69.78
N ASN OF 2 -116.86 47.90 68.65
CA ASN OF 2 -115.72 47.13 68.18
C ASN OF 2 -114.48 47.44 69.01
N LYS OF 3 -113.55 46.50 69.03
CA LYS OF 3 -112.32 46.66 69.82
C LYS OF 3 -111.33 47.53 69.06
N PRO OF 4 -110.89 48.65 69.63
CA PRO OF 4 -109.88 49.48 68.95
C PRO OF 4 -108.50 48.84 69.00
N MET OF 5 -107.62 49.30 68.12
CA MET OF 5 -106.23 48.89 68.10
C MET OF 5 -105.32 50.06 68.48
N GLN OF 6 -104.05 49.73 68.72
CA GLN OF 6 -102.98 50.67 68.93
C GLN OF 6 -101.83 50.36 67.99
N PRO OF 7 -101.06 51.36 67.58
CA PRO OF 7 -100.00 51.12 66.59
C PRO OF 7 -98.80 50.37 67.16
N ILE OF 8 -98.42 49.27 66.52
CA ILE OF 8 -97.23 48.54 66.93
C ILE OF 8 -95.99 48.98 66.15
N THR OF 9 -96.16 49.51 64.95
CA THR OF 9 -95.05 50.00 64.15
C THR OF 9 -95.46 51.32 63.51
N SER OF 10 -94.73 52.39 63.85
CA SER OF 10 -95.03 53.71 63.35
C SER OF 10 -93.86 54.19 62.51
N THR OF 11 -94.15 54.56 61.26
CA THR OF 11 -93.15 55.03 60.32
C THR OF 11 -93.80 56.05 59.41
N ALA OF 12 -92.98 56.96 58.86
CA ALA OF 12 -93.50 58.00 57.99
C ALA OF 12 -94.19 57.44 56.76
N ASN OF 13 -93.88 56.19 56.39
CA ASN OF 13 -94.48 55.57 55.22
C ASN OF 13 -95.30 54.33 55.51
N LYS OF 14 -95.41 53.90 56.78
CA LYS OF 14 -96.15 52.70 57.11
C LYS OF 14 -96.53 52.73 58.59
N ILE OF 15 -97.81 52.46 58.88
CA ILE OF 15 -98.29 52.32 60.24
C ILE OF 15 -99.06 51.00 60.33
N VAL OF 16 -98.74 50.21 61.35
CA VAL OF 16 -99.36 48.91 61.56
C VAL OF 16 -100.04 48.91 62.93
N TRP OF 17 -101.31 48.53 62.94
CA TRP OF 17 -102.08 48.40 64.17
C TRP OF 17 -102.16 46.93 64.58
N SER OF 18 -102.52 46.69 65.84
CA SER OF 18 -102.69 45.32 66.32
C SER OF 18 -103.56 45.35 67.57
N ASP OF 19 -104.46 44.37 67.66
CA ASP OF 19 -105.38 44.31 68.79
C ASP OF 19 -104.65 43.87 70.05
N PRO OF 20 -104.82 44.59 71.16
CA PRO OF 20 -104.18 44.17 72.42
C PRO OF 20 -104.60 42.77 72.86
N THR OF 21 -105.87 42.41 72.66
CA THR OF 21 -106.32 41.09 73.07
C THR OF 21 -105.78 39.99 72.16
N ARG OF 22 -105.81 40.20 70.84
CA ARG OF 22 -105.30 39.24 69.88
C ARG OF 22 -104.25 39.92 69.03
N LEU OF 23 -102.99 39.50 69.18
CA LEU OF 23 -101.90 40.15 68.46
C LEU OF 23 -101.88 39.74 66.99
N SER OF 24 -102.56 38.65 66.65
CA SER OF 24 -102.57 38.16 65.28
C SER OF 24 -103.34 39.10 64.36
N THR OF 25 -104.34 39.78 64.90
CA THR OF 25 -105.17 40.69 64.11
C THR OF 25 -104.45 42.01 63.94
N THR OF 26 -104.01 42.30 62.72
CA THR OF 26 -103.28 43.53 62.44
C THR OF 26 -103.85 44.21 61.21
N PHE OF 27 -103.67 45.54 61.16
CA PHE OF 27 -104.09 46.36 60.04
C PHE OF 27 -102.97 47.31 59.68
N SER OF 28 -102.54 47.27 58.42
CA SER OF 28 -101.38 48.02 57.97
C SER OF 28 -101.76 48.93 56.81
N ALA OF 29 -101.20 50.14 56.81
CA ALA OF 29 -101.40 51.12 55.75
C ALA OF 29 -100.04 51.59 55.27
N SER OF 30 -99.78 51.44 53.96
CA SER OF 30 -98.51 51.81 53.37
C SER OF 30 -98.77 52.76 52.21
N LEU OF 31 -98.03 53.87 52.16
CA LEU OF 31 -98.21 54.90 51.15
C LEU OF 31 -96.91 55.14 50.40
N LEU OF 32 -97.03 55.26 49.08
CA LEU OF 32 -95.90 55.55 48.21
C LEU OF 32 -96.22 56.78 47.39
N ARG OF 33 -95.35 57.79 47.46
CA ARG OF 33 -95.59 59.07 46.82
C ARG OF 33 -94.56 59.30 45.72
N GLN OF 34 -95.04 59.52 44.50
CA GLN OF 34 -94.18 59.80 43.36
C GLN OF 34 -94.78 60.92 42.53
N ARG OF 35 -93.92 61.61 41.80
CA ARG OF 35 -94.37 62.60 40.83
C ARG OF 35 -94.49 61.93 39.46
N VAL OF 36 -95.65 62.09 38.83
CA VAL OF 36 -95.95 61.46 37.55
C VAL OF 36 -95.82 62.50 36.45
N LYS OF 37 -95.02 62.18 35.43
CA LYS OF 37 -94.80 63.05 34.30
C LYS OF 37 -95.88 62.78 33.25
N VAL OF 38 -96.84 63.70 33.16
CA VAL OF 38 -97.89 63.64 32.15
C VAL OF 38 -97.76 64.90 31.30
N GLY OF 39 -97.97 64.73 29.98
CA GLY OF 39 -97.82 65.80 29.02
C GLY OF 39 -98.34 67.14 29.49
N ILE OF 40 -97.50 68.17 29.38
CA ILE OF 40 -97.77 69.54 29.81
C ILE OF 40 -98.48 69.58 31.17
N ALA OF 41 -98.06 68.72 32.09
CA ALA OF 41 -98.65 68.69 33.42
C ALA OF 41 -97.64 68.13 34.40
N GLU OF 42 -97.73 68.55 35.66
CA GLU OF 42 -96.89 68.04 36.74
C GLU OF 42 -97.79 67.69 37.92
N LEU OF 43 -98.30 66.47 37.93
CA LEU OF 43 -99.17 65.99 38.98
C LEU OF 43 -98.55 64.76 39.64
N ASN OF 44 -98.77 64.64 40.95
CA ASN OF 44 -98.10 63.64 41.77
C ASN OF 44 -99.09 62.60 42.26
N ASN OF 45 -98.79 61.33 42.00
CA ASN OF 45 -99.65 60.24 42.41
C ASN OF 45 -99.32 59.80 43.83
N VAL OF 46 -100.34 59.30 44.54
CA VAL OF 46 -100.18 58.71 45.86
C VAL OF 46 -100.83 57.33 45.84
N SER OF 47 -100.02 56.31 46.07
CA SER OF 47 -100.49 54.92 46.06
C SER OF 47 -100.55 54.41 47.48
N GLY OF 48 -101.73 53.97 47.91
CA GLY OF 48 -101.90 53.50 49.27
C GLY OF 48 -102.32 52.05 49.35
N GLN OF 49 -101.60 51.26 50.13
CA GLN OF 49 -101.86 49.84 50.28
C GLN OF 49 -102.38 49.59 51.69
N TYR OF 50 -103.57 48.99 51.78
CA TYR OF 50 -104.21 48.68 53.06
C TYR OF 50 -104.40 47.18 53.15
N VAL OF 51 -103.92 46.58 54.25
CA VAL OF 51 -103.93 45.15 54.44
C VAL OF 51 -104.59 44.83 55.78
N SER OF 52 -105.59 43.97 55.77
CA SER OF 52 -106.23 43.46 56.98
C SER OF 52 -106.09 41.95 57.04
N VAL OF 53 -105.57 41.46 58.16
CA VAL OF 53 -105.37 40.02 58.35
C VAL OF 53 -106.01 39.61 59.67
N TYR OF 54 -106.67 38.45 59.65
CA TYR OF 54 -107.26 37.85 60.84
C TYR OF 54 -106.94 36.37 60.84
N LYS OF 55 -106.48 35.86 61.98
CA LYS OF 55 -106.04 34.47 62.09
C LYS OF 55 -107.19 33.63 62.64
N ARG OF 56 -108.23 33.52 61.83
CA ARG OF 56 -109.46 32.85 62.25
C ARG OF 56 -109.21 31.37 62.51
N PRO OF 57 -109.78 30.83 63.58
CA PRO OF 57 -109.66 29.39 63.82
C PRO OF 57 -110.38 28.57 62.75
N ALA OF 58 -109.85 27.38 62.51
CA ALA OF 58 -110.50 26.45 61.60
C ALA OF 58 -111.85 26.02 62.19
N PRO OF 59 -112.83 25.65 61.36
CA PRO OF 59 -114.17 25.40 61.91
C PRO OF 59 -114.23 24.07 62.65
N LYS OF 60 -114.74 24.14 63.87
CA LYS OF 60 -114.78 22.98 64.76
C LYS OF 60 -115.67 21.89 64.15
N PRO OF 61 -115.29 20.62 64.33
CA PRO OF 61 -116.13 19.52 63.84
C PRO OF 61 -117.51 19.51 64.50
N GLU OF 62 -118.44 18.76 63.92
CA GLU OF 62 -119.84 18.82 64.30
C GLU OF 62 -120.12 17.82 65.42
N GLY OF 63 -120.91 18.25 66.39
CA GLY OF 63 -121.41 17.38 67.43
C GLY OF 63 -120.45 17.06 68.55
N CYS OF 64 -119.27 17.69 68.59
CA CYS OF 64 -118.28 17.40 69.62
C CYS OF 64 -117.90 18.71 70.32
N ALA OF 65 -118.17 18.77 71.63
CA ALA OF 65 -117.72 19.89 72.46
C ALA OF 65 -116.41 19.48 73.12
N ASP OF 66 -115.30 19.70 72.42
CA ASP OF 66 -114.00 19.29 72.93
C ASP OF 66 -113.65 20.07 74.20
N ALA OF 67 -112.78 19.47 75.01
CA ALA OF 67 -112.43 20.06 76.30
C ALA OF 67 -111.76 21.41 76.11
N CYS OF 68 -110.83 21.51 75.16
CA CYS OF 68 -110.10 22.74 74.90
C CYS OF 68 -109.98 22.98 73.41
N VAL OF 69 -109.84 24.25 73.03
CA VAL OF 69 -109.69 24.60 71.62
C VAL OF 69 -108.31 24.20 71.14
N ILE OF 70 -108.27 23.34 70.13
CA ILE OF 70 -107.02 22.82 69.58
C ILE OF 70 -107.02 22.96 68.07
N MET OF 71 -107.86 23.84 67.55
CA MET OF 71 -108.06 23.92 66.10
C MET OF 71 -106.87 24.60 65.43
N PRO OF 72 -106.41 24.10 64.29
CA PRO OF 72 -105.30 24.74 63.57
C PRO OF 72 -105.76 25.92 62.74
N ASN OF 73 -105.81 27.10 63.35
CA ASN OF 73 -106.33 28.32 62.74
C ASN OF 73 -105.76 28.62 61.34
N GLU OF 74 -106.51 29.38 60.55
CA GLU OF 74 -106.16 29.69 59.18
C GLU OF 74 -105.81 31.17 59.04
N ASN OF 75 -105.61 31.60 57.80
CA ASN OF 75 -105.25 32.98 57.51
C ASN OF 75 -106.36 33.59 56.66
N GLN OF 76 -106.87 34.74 57.09
CA GLN OF 76 -107.86 35.50 56.33
C GLN OF 76 -107.28 36.87 56.05
N SER OF 77 -107.17 37.24 54.78
CA SER OF 77 -106.49 38.47 54.38
C SER OF 77 -107.34 39.24 53.39
N ILE OF 78 -107.36 40.57 53.56
CA ILE OF 78 -108.00 41.49 52.62
C ILE OF 78 -107.01 42.61 52.33
N ARG OF 79 -106.70 42.81 51.06
CA ARG OF 79 -105.69 43.78 50.64
C ARG OF 79 -106.30 44.72 49.60
N THR OF 80 -106.17 46.02 49.85
CA THR OF 80 -106.74 47.04 48.98
C THR OF 80 -105.67 48.06 48.62
N VAL OF 81 -105.59 48.38 47.33
CA VAL OF 81 -104.62 49.35 46.81
C VAL OF 81 -105.39 50.43 46.07
N ILE OF 82 -105.21 51.68 46.48
CA ILE OF 82 -105.85 52.83 45.87
C ILE OF 82 -104.76 53.74 45.31
N SER OF 83 -104.80 54.00 44.01
CA SER OF 83 -103.79 54.79 43.33
C SER OF 83 -104.48 55.88 42.51
N GLY OF 84 -104.02 57.12 42.66
CA GLY OF 84 -104.57 58.22 41.91
C GLY OF 84 -103.96 59.52 42.37
N SER OF 85 -104.05 60.51 41.48
CA SER OF 85 -103.47 61.82 41.76
C SER OF 85 -104.26 62.53 42.86
N ALA OF 86 -103.56 63.28 43.70
CA ALA OF 86 -104.22 64.01 44.78
C ALA OF 86 -105.04 65.18 44.25
N GLU OF 87 -104.77 65.61 43.02
CA GLU OF 87 -105.56 66.71 42.43
C GLU OF 87 -107.00 66.28 42.22
N ASN OF 88 -107.22 65.00 41.93
CA ASN OF 88 -108.55 64.46 41.69
C ASN OF 88 -109.06 63.63 42.86
N LEU OF 89 -108.84 64.09 44.10
CA LEU OF 89 -109.16 63.29 45.27
C LEU OF 89 -110.66 63.07 45.41
N ALA OF 90 -111.47 64.07 45.05
CA ALA OF 90 -112.91 63.90 45.12
C ALA OF 90 -113.38 62.79 44.17
N THR OF 91 -112.84 62.79 42.95
CA THR OF 91 -113.12 61.72 42.00
C THR OF 91 -112.64 60.37 42.52
N LEU OF 92 -111.47 60.34 43.16
CA LEU OF 92 -110.96 59.08 43.70
C LEU OF 92 -111.88 58.56 44.81
N LYS OF 93 -112.42 59.46 45.63
CA LYS OF 93 -113.35 59.05 46.68
C LYS OF 93 -114.65 58.52 46.07
N ALA OF 94 -115.14 59.18 45.01
CA ALA OF 94 -116.34 58.67 44.33
C ALA OF 94 -116.08 57.29 43.75
N GLU OF 95 -114.88 57.09 43.16
CA GLU OF 95 -114.50 55.79 42.64
C GLU OF 95 -114.44 54.75 43.76
N TRP OF 96 -113.95 55.15 44.93
CA TRP OF 96 -113.90 54.24 46.06
C TRP OF 96 -115.30 53.82 46.49
N GLU OF 97 -116.23 54.78 46.52
CA GLU OF 97 -117.61 54.44 46.87
C GLU OF 97 -118.22 53.49 45.86
N THR OF 98 -118.01 53.76 44.56
CA THR OF 98 -118.56 52.87 43.53
C THR OF 98 -117.93 51.49 43.60
N HIS OF 99 -116.63 51.42 43.86
CA HIS OF 99 -115.96 50.13 44.01
C HIS OF 99 -116.50 49.36 45.20
N LYS OF 100 -116.73 50.04 46.32
CA LYS OF 100 -117.33 49.39 47.47
C LYS OF 100 -118.70 48.83 47.13
N ARG OF 101 -119.51 49.61 46.40
CA ARG OF 101 -120.84 49.15 46.03
C ARG OF 101 -120.75 47.92 45.13
N ASN OF 102 -119.86 47.93 44.15
CA ASN OF 102 -119.73 46.80 43.24
C ASN OF 102 -119.24 45.55 43.97
N VAL OF 103 -118.26 45.70 44.86
CA VAL OF 103 -117.74 44.55 45.59
C VAL OF 103 -118.81 44.01 46.54
N ASP OF 104 -119.62 44.88 47.12
CA ASP OF 104 -120.73 44.43 47.95
C ASP OF 104 -121.74 43.65 47.11
N THR OF 105 -122.02 44.13 45.90
CA THR OF 105 -122.96 43.44 45.03
C THR OF 105 -122.47 42.05 44.66
N LEU OF 106 -121.18 41.93 44.31
CA LEU OF 106 -120.65 40.64 43.89
C LEU OF 106 -120.45 39.69 45.07
N PHE OF 107 -119.94 40.20 46.19
CA PHE OF 107 -119.45 39.39 47.29
C PHE OF 107 -120.37 39.41 48.51
N ALA OF 108 -120.69 40.59 49.03
CA ALA OF 108 -121.46 40.69 50.25
C ALA OF 108 -122.87 40.13 50.07
N SER OF 109 -123.52 40.47 48.95
CA SER OF 109 -124.86 39.99 48.66
C SER OF 109 -124.89 38.89 47.62
N GLY OF 110 -123.74 38.49 47.08
CA GLY OF 110 -123.66 37.45 46.08
C GLY OF 110 -122.96 36.21 46.58
N ASN OF 111 -122.72 35.27 45.66
CA ASN OF 111 -122.07 34.03 46.00
C ASN OF 111 -120.64 33.99 45.49
N ALA OF 112 -120.00 35.16 45.39
CA ALA OF 112 -118.61 35.19 44.94
C ALA OF 112 -117.70 34.56 45.98
N GLY OF 113 -118.15 34.47 47.23
CA GLY OF 113 -117.33 33.86 48.26
C GLY OF 113 -117.04 32.40 48.00
N LEU OF 114 -118.04 31.65 47.52
CA LEU OF 114 -117.82 30.24 47.26
C LEU OF 114 -117.10 30.01 45.93
N GLY OF 115 -117.03 31.02 45.08
CA GLY OF 115 -116.35 30.89 43.81
C GLY OF 115 -117.22 31.09 42.59
N PHE OF 116 -118.42 31.66 42.74
CA PHE OF 116 -119.28 31.86 41.59
C PHE OF 116 -119.26 33.32 41.15
N LEU OF 117 -119.08 33.52 39.84
CA LEU OF 117 -119.09 34.85 39.23
C LEU OF 117 -120.38 34.98 38.42
N ASP OF 118 -121.35 35.66 38.97
CA ASP OF 118 -122.64 35.82 38.30
C ASP OF 118 -122.51 36.84 37.19
N PRO OF 119 -122.76 36.47 35.93
CA PRO OF 119 -122.65 37.46 34.84
C PRO OF 119 -123.80 38.43 34.75
N THR OF 120 -124.88 38.24 35.51
CA THR OF 120 -126.03 39.12 35.46
C THR OF 120 -126.09 40.08 36.64
N ALA OF 121 -125.03 40.20 37.42
CA ALA OF 121 -125.03 41.08 38.58
C ALA OF 121 -125.13 42.55 38.15
N ALA OF 122 -125.76 43.36 38.99
CA ALA OF 122 -125.98 44.77 38.69
C ALA OF 122 -124.74 45.56 39.08
N ILE OF 123 -123.81 45.69 38.14
CA ILE OF 123 -122.60 46.47 38.33
C ILE OF 123 -122.80 47.84 37.72
N VAL OF 124 -122.42 48.88 38.46
CA VAL OF 124 -122.64 50.26 38.04
C VAL OF 124 -121.31 51.01 38.08
N SER OF 125 -121.22 52.07 37.28
CA SER OF 125 -120.05 52.92 37.25
C SER OF 125 -120.24 54.13 38.14
N SER OF 126 -119.16 54.92 38.28
CA SER OF 126 -119.22 56.10 39.13
C SER OF 126 -120.00 57.24 38.48
N ASP OF 127 -120.09 57.27 37.16
CA ASP OF 127 -120.81 58.33 36.48
C ASP OF 127 -122.31 58.22 36.75
N THR OF 128 -122.96 59.37 36.87
CA THR OF 128 -124.39 59.45 37.13
C THR OF 128 -125.10 60.10 35.95
N THR OF 129 -126.29 59.59 35.65
CA THR OF 129 -127.08 60.11 34.55
C THR OF 129 -128.11 61.13 35.05
N ALA PF 1 -51.52 126.49 56.69
CA ALA PF 1 -52.47 125.94 55.73
C ALA PF 1 -51.81 124.82 54.91
N ASN PF 2 -51.98 123.59 55.37
CA ASN PF 2 -51.41 122.44 54.66
C ASN PF 2 -52.30 122.03 53.50
N LYS PF 3 -51.68 121.52 52.45
CA LYS PF 3 -52.44 121.14 51.26
C LYS PF 3 -53.20 119.84 51.51
N PRO PF 4 -54.53 119.84 51.35
CA PRO PF 4 -55.28 118.59 51.51
C PRO PF 4 -54.90 117.56 50.45
N MET PF 5 -55.01 116.29 50.81
CA MET PF 5 -54.72 115.19 49.90
C MET PF 5 -55.98 114.33 49.75
N GLN PF 6 -56.27 113.93 48.52
CA GLN PF 6 -57.47 113.14 48.26
C GLN PF 6 -57.08 111.73 47.85
N PRO PF 7 -57.90 110.73 48.17
CA PRO PF 7 -57.49 109.34 47.96
C PRO PF 7 -57.43 108.97 46.49
N ILE PF 8 -56.58 107.99 46.18
CA ILE PF 8 -56.50 107.42 44.84
C ILE PF 8 -56.91 105.96 44.81
N THR PF 9 -56.79 105.23 45.92
CA THR PF 9 -57.27 103.87 46.02
C THR PF 9 -58.01 103.72 47.34
N SER PF 10 -59.24 103.21 47.26
CA SER PF 10 -60.09 103.06 48.43
C SER PF 10 -60.54 101.60 48.55
N THR PF 11 -60.29 101.02 49.72
CA THR PF 11 -60.66 99.65 50.01
C THR PF 11 -60.92 99.54 51.51
N ALA PF 12 -61.69 98.53 51.90
CA ALA PF 12 -62.00 98.33 53.30
C ALA PF 12 -60.75 97.97 54.11
N ASN PF 13 -59.72 97.46 53.43
CA ASN PF 13 -58.50 97.03 54.10
C ASN PF 13 -57.32 97.97 53.86
N LYS PF 14 -57.43 98.92 52.95
CA LYS PF 14 -56.32 99.81 52.61
C LYS PF 14 -56.85 101.03 51.87
N ILE PF 15 -56.48 102.22 52.33
CA ILE PF 15 -56.77 103.47 51.65
C ILE PF 15 -55.45 104.21 51.46
N VAL PF 16 -55.20 104.68 50.24
CA VAL PF 16 -53.97 105.38 49.90
C VAL PF 16 -54.35 106.80 49.48
N TRP PF 17 -53.70 107.78 50.11
CA TRP PF 17 -53.91 109.19 49.79
C TRP PF 17 -52.71 109.70 49.04
N SER PF 18 -52.92 110.68 48.15
CA SER PF 18 -51.84 111.27 47.38
C SER PF 18 -52.06 112.76 47.22
N ASP PF 19 -50.97 113.50 47.11
CA ASP PF 19 -51.05 114.93 46.87
C ASP PF 19 -51.39 115.16 45.39
N PRO PF 20 -52.48 115.88 45.10
CA PRO PF 20 -52.81 116.14 43.68
C PRO PF 20 -51.72 116.86 42.93
N THR PF 21 -51.00 117.77 43.58
CA THR PF 21 -49.89 118.47 42.94
C THR PF 21 -48.66 117.59 42.76
N ARG PF 22 -48.41 116.65 43.67
CA ARG PF 22 -47.28 115.74 43.57
C ARG PF 22 -47.72 114.34 43.94
N LEU PF 23 -48.01 113.50 42.95
CA LEU PF 23 -48.51 112.16 43.20
C LEU PF 23 -47.47 111.27 43.86
N SER PF 24 -46.20 111.69 43.81
CA SER PF 24 -45.13 110.95 44.47
C SER PF 24 -45.26 110.96 45.99
N THR PF 25 -45.98 111.92 46.56
CA THR PF 25 -46.22 111.96 47.99
C THR PF 25 -47.45 111.10 48.31
N THR PF 26 -47.27 110.06 49.12
CA THR PF 26 -48.34 109.14 49.45
C THR PF 26 -48.44 108.95 50.95
N PHE PF 27 -49.64 108.60 51.40
CA PHE PF 27 -49.89 108.23 52.79
C PHE PF 27 -50.88 107.07 52.78
N SER PF 28 -50.44 105.91 53.27
CA SER PF 28 -51.23 104.69 53.20
C SER PF 28 -51.52 104.15 54.59
N ALA PF 29 -52.75 103.65 54.75
CA ALA PF 29 -53.18 103.04 56.00
C ALA PF 29 -53.75 101.67 55.69
N SER PF 30 -53.22 100.64 56.35
CA SER PF 30 -53.64 99.26 56.13
C SER PF 30 -53.99 98.64 57.46
N LEU PF 31 -55.15 98.00 57.54
CA LEU PF 31 -55.61 97.35 58.75
C LEU PF 31 -55.64 95.84 58.58
N LEU PF 32 -55.10 95.13 59.56
CA LEU PF 32 -55.13 93.68 59.61
C LEU PF 32 -55.72 93.24 60.94
N ARG PF 33 -56.79 92.46 60.90
CA ARG PF 33 -57.56 92.11 62.08
C ARG PF 33 -57.57 90.61 62.27
N GLN PF 34 -57.24 90.17 63.49
CA GLN PF 34 -57.28 88.76 63.86
C GLN PF 34 -57.89 88.62 65.25
N ARG PF 35 -58.34 87.41 65.57
CA ARG PF 35 -58.83 87.07 66.90
C ARG PF 35 -57.72 86.35 67.66
N VAL PF 36 -57.42 86.82 68.86
CA VAL PF 36 -56.36 86.26 69.69
C VAL PF 36 -56.96 85.83 71.01
N LYS PF 37 -56.66 84.60 71.43
CA LYS PF 37 -57.19 84.05 72.68
C LYS PF 37 -56.17 84.25 73.80
N VAL PF 38 -56.18 85.46 74.36
CA VAL PF 38 -55.24 85.78 75.43
C VAL PF 38 -55.75 85.27 76.77
N GLY PF 39 -56.96 85.68 77.15
CA GLY PF 39 -57.50 85.37 78.46
C GLY PF 39 -58.74 84.50 78.40
N ILE PF 40 -58.67 83.45 77.58
CA ILE PF 40 -59.77 82.53 77.25
C ILE PF 40 -60.99 83.31 76.79
N ALA PF 41 -60.76 84.56 76.36
CA ALA PF 41 -61.77 85.39 75.73
C ALA PF 41 -61.19 85.90 74.42
N GLU PF 42 -61.97 85.78 73.34
CA GLU PF 42 -61.48 86.09 72.00
C GLU PF 42 -61.41 87.60 71.82
N LEU PF 43 -60.25 88.15 72.20
CA LEU PF 43 -60.00 89.57 71.97
C LEU PF 43 -59.74 89.82 70.48
N ASN PF 44 -60.21 90.97 69.99
CA ASN PF 44 -60.08 91.31 68.58
C ASN PF 44 -58.91 92.27 68.38
N ASN PF 45 -57.77 91.68 68.04
CA ASN PF 45 -56.56 92.46 67.80
C ASN PF 45 -56.65 93.20 66.47
N VAL PF 46 -56.15 94.44 66.45
CA VAL PF 46 -56.10 95.26 65.26
C VAL PF 46 -54.67 95.73 65.07
N SER PF 47 -54.12 95.48 63.88
CA SER PF 47 -52.75 95.85 63.54
C SER PF 47 -52.79 96.80 62.36
N GLY PF 48 -52.71 98.10 62.63
CA GLY PF 48 -52.77 99.11 61.59
C GLY PF 48 -51.38 99.58 61.20
N GLN PF 49 -51.10 99.50 59.90
CA GLN PF 49 -49.82 99.93 59.34
C GLN PF 49 -50.01 101.23 58.60
N TYR PF 50 -49.28 102.26 59.02
CA TYR PF 50 -49.37 103.60 58.43
C TYR PF 50 -48.01 103.95 57.84
N VAL PF 51 -47.99 104.30 56.55
CA VAL PF 51 -46.76 104.56 55.83
C VAL PF 51 -46.86 105.92 55.16
N SER PF 52 -45.88 106.78 55.41
CA SER PF 52 -45.77 108.07 54.73
C SER PF 52 -44.48 108.13 53.95
N VAL PF 53 -44.60 108.37 52.64
CA VAL PF 53 -43.46 108.41 51.73
C VAL PF 53 -43.44 109.76 51.04
N TYR PF 54 -42.30 110.45 51.12
CA TYR PF 54 -42.09 111.70 50.40
C TYR PF 54 -40.77 111.62 49.66
N LYS PF 55 -40.80 111.95 48.39
CA LYS PF 55 -39.60 111.96 47.55
C LYS PF 55 -39.02 113.36 47.55
N ARG PF 56 -37.89 113.52 48.23
CA ARG PF 56 -37.16 114.78 48.26
C ARG PF 56 -36.01 114.74 47.27
N PRO PF 57 -35.87 115.74 46.41
CA PRO PF 57 -34.65 115.84 45.61
C PRO PF 57 -33.55 116.51 46.42
N ALA PF 58 -32.41 115.83 46.52
CA ALA PF 58 -31.29 116.31 47.33
C ALA PF 58 -29.98 116.24 46.54
N PRO PF 59 -29.86 116.99 45.44
CA PRO PF 59 -28.51 117.28 44.93
C PRO PF 59 -27.72 118.12 45.92
N LYS PF 60 -28.41 118.97 46.68
CA LYS PF 60 -27.87 119.83 47.71
C LYS PF 60 -26.71 120.66 47.21
N PRO PF 61 -26.91 121.55 46.22
CA PRO PF 61 -25.84 122.47 45.82
C PRO PF 61 -25.68 123.56 46.86
N GLU PF 62 -24.59 123.46 47.64
CA GLU PF 62 -24.40 124.35 48.77
C GLU PF 62 -24.04 125.74 48.31
N GLY PF 63 -24.96 126.67 48.50
CA GLY PF 63 -24.71 128.08 48.23
C GLY PF 63 -25.19 128.67 46.93
N CYS PF 64 -25.22 127.86 45.86
CA CYS PF 64 -25.52 128.43 44.55
C CYS PF 64 -26.60 127.60 43.87
N ALA PF 65 -27.55 128.32 43.27
CA ALA PF 65 -28.54 127.74 42.37
C ALA PF 65 -28.78 128.71 41.23
N ASP PF 66 -28.63 128.23 40.01
CA ASP PF 66 -28.72 129.10 38.85
C ASP PF 66 -29.87 128.76 37.91
N ALA PF 67 -30.06 127.47 37.60
CA ALA PF 67 -31.12 127.05 36.69
C ALA PF 67 -31.60 125.68 37.16
N CYS PF 68 -32.78 125.28 36.69
CA CYS PF 68 -33.35 124.00 37.07
C CYS PF 68 -32.76 122.89 36.21
N VAL PF 69 -32.15 121.90 36.85
CA VAL PF 69 -31.60 120.72 36.21
C VAL PF 69 -32.47 119.55 36.65
N ILE PF 70 -32.31 118.39 36.01
CA ILE PF 70 -32.98 117.19 36.50
C ILE PF 70 -32.57 116.93 37.95
N MET PF 71 -33.56 116.89 38.82
CA MET PF 71 -33.31 116.62 40.23
C MET PF 71 -33.33 115.11 40.48
N PRO PF 72 -32.22 114.51 40.92
CA PRO PF 72 -32.28 113.12 41.40
C PRO PF 72 -32.95 113.05 42.75
N ASN PF 73 -33.76 112.02 42.99
CA ASN PF 73 -34.62 111.96 44.16
C ASN PF 73 -34.17 110.86 45.11
N GLU PF 74 -34.32 111.13 46.40
CA GLU PF 74 -34.14 110.14 47.45
C GLU PF 74 -35.48 109.93 48.15
N ASN PF 75 -35.64 108.76 48.77
CA ASN PF 75 -36.90 108.40 49.40
C ASN PF 75 -36.83 108.61 50.92
N GLN PF 76 -37.77 109.38 51.44
CA GLN PF 76 -37.96 109.51 52.88
C GLN PF 76 -39.23 108.78 53.26
N SER PF 77 -39.11 107.79 54.13
CA SER PF 77 -40.24 106.95 54.51
C SER PF 77 -40.37 106.89 56.02
N ILE PF 78 -41.61 107.01 56.49
CA ILE PF 78 -41.94 106.88 57.90
C ILE PF 78 -43.06 105.84 58.01
N ARG PF 79 -42.79 104.77 58.73
CA ARG PF 79 -43.71 103.64 58.83
C ARG PF 79 -44.03 103.35 60.29
N THR PF 80 -45.31 103.28 60.60
CA THR PF 80 -45.77 103.05 61.97
C THR PF 80 -46.79 101.92 61.98
N VAL PF 81 -46.63 100.98 62.90
CA VAL PF 81 -47.57 99.88 63.10
C VAL PF 81 -48.03 99.90 64.54
N ILE PF 82 -49.34 99.81 64.75
CA ILE PF 82 -49.94 99.82 66.08
C ILE PF 82 -50.71 98.52 66.24
N SER PF 83 -50.36 97.74 67.26
CA SER PF 83 -51.00 96.46 67.51
C SER PF 83 -51.58 96.48 68.92
N GLY PF 84 -52.82 96.02 69.05
CA GLY PF 84 -53.47 95.99 70.34
C GLY PF 84 -54.93 95.59 70.28
N SER PF 85 -55.49 95.14 71.39
CA SER PF 85 -56.88 94.74 71.42
C SER PF 85 -57.79 95.96 71.30
N ALA PF 86 -58.92 95.78 70.63
CA ALA PF 86 -59.87 96.88 70.47
C ALA PF 86 -60.51 97.26 71.80
N GLU PF 87 -60.51 96.33 72.76
CA GLU PF 87 -61.16 96.60 74.04
C GLU PF 87 -60.32 97.52 74.92
N ASN PF 88 -59.06 97.76 74.53
CA ASN PF 88 -58.15 98.59 75.30
C ASN PF 88 -57.72 99.82 74.49
N LEU PF 89 -58.69 100.47 73.84
CA LEU PF 89 -58.37 101.58 72.95
C LEU PF 89 -57.83 102.78 73.71
N ALA PF 90 -58.37 103.07 74.89
CA ALA PF 90 -57.91 104.22 75.65
C ALA PF 90 -56.45 104.05 76.05
N THR PF 91 -56.10 102.87 76.55
CA THR PF 91 -54.72 102.58 76.90
C THR PF 91 -53.82 102.55 75.67
N LEU PF 92 -54.31 102.08 74.53
CA LEU PF 92 -53.52 102.12 73.31
C LEU PF 92 -53.24 103.56 72.89
N LYS PF 93 -54.23 104.45 73.05
CA LYS PF 93 -54.02 105.85 72.72
C LYS PF 93 -53.01 106.50 73.68
N ALA PF 94 -53.08 106.13 74.96
CA ALA PF 94 -52.07 106.61 75.91
C ALA PF 94 -50.68 106.12 75.52
N GLU PF 95 -50.57 104.87 75.09
CA GLU PF 95 -49.31 104.33 74.60
C GLU PF 95 -48.83 105.10 73.38
N TRP PF 96 -49.75 105.46 72.49
CA TRP PF 96 -49.37 106.23 71.31
C TRP PF 96 -48.84 107.60 71.70
N GLU PF 97 -49.48 108.26 72.67
CA GLU PF 97 -48.98 109.55 73.13
C GLU PF 97 -47.59 109.42 73.75
N THR PF 98 -47.38 108.39 74.58
CA THR PF 98 -46.06 108.20 75.18
C THR PF 98 -45.00 107.89 74.13
N HIS PF 99 -45.36 107.08 73.13
CA HIS PF 99 -44.45 106.77 72.04
C HIS PF 99 -44.07 108.03 71.27
N LYS PF 100 -45.07 108.89 71.00
CA LYS PF 100 -44.79 110.14 70.32
C LYS PF 100 -43.83 111.00 71.14
N ARG PF 101 -44.06 111.08 72.45
CA ARG PF 101 -43.19 111.90 73.30
C ARG PF 101 -41.76 111.36 73.31
N ASN PF 102 -41.60 110.04 73.40
CA ASN PF 102 -40.27 109.46 73.45
C ASN PF 102 -39.54 109.63 72.12
N VAL PF 103 -40.24 109.39 71.00
CA VAL PF 103 -39.61 109.59 69.71
C VAL PF 103 -39.25 111.05 69.50
N ASP PF 104 -40.08 111.96 70.02
CA ASP PF 104 -39.75 113.38 69.94
C ASP PF 104 -38.48 113.69 70.72
N THR PF 105 -38.39 113.21 71.96
CA THR PF 105 -37.22 113.54 72.78
C THR PF 105 -35.95 112.89 72.24
N LEU PF 106 -36.09 111.83 71.46
CA LEU PF 106 -34.91 111.24 70.82
C LEU PF 106 -34.55 111.93 69.51
N PHE PF 107 -35.54 112.30 68.70
CA PHE PF 107 -35.33 112.69 67.31
C PHE PF 107 -35.49 114.18 67.10
N ALA PF 108 -36.63 114.75 67.50
CA ALA PF 108 -36.91 116.16 67.21
C ALA PF 108 -35.98 117.06 68.00
N SER PF 109 -35.75 116.75 69.27
CA SER PF 109 -34.88 117.54 70.12
C SER PF 109 -33.51 116.92 70.30
N GLY PF 110 -33.29 115.70 69.85
CA GLY PF 110 -32.01 115.04 69.95
C GLY PF 110 -31.25 115.04 68.64
N ASN PF 111 -30.31 114.11 68.54
CA ASN PF 111 -29.47 113.95 67.35
C ASN PF 111 -29.60 112.55 66.75
N ALA PF 112 -30.75 111.90 66.97
CA ALA PF 112 -30.92 110.53 66.48
C ALA PF 112 -30.98 110.49 64.95
N GLY PF 113 -31.44 111.56 64.32
CA GLY PF 113 -31.53 111.57 62.87
C GLY PF 113 -30.17 111.51 62.19
N LEU PF 114 -29.13 111.94 62.90
CA LEU PF 114 -27.78 111.95 62.35
C LEU PF 114 -27.05 110.66 62.67
N GLY PF 115 -27.71 109.75 63.37
CA GLY PF 115 -27.09 108.50 63.74
C GLY PF 115 -26.43 108.52 65.09
N PHE PF 116 -27.14 108.99 66.11
CA PHE PF 116 -26.61 109.11 67.46
C PHE PF 116 -27.63 108.59 68.47
N LEU PF 117 -27.13 108.00 69.54
CA LEU PF 117 -27.96 107.59 70.67
C LEU PF 117 -27.49 108.35 71.90
N ASP PF 118 -28.44 108.93 72.64
CA ASP PF 118 -28.10 109.67 73.85
C ASP PF 118 -28.57 108.86 75.04
N PRO PF 119 -27.68 108.19 75.77
CA PRO PF 119 -28.12 107.33 76.88
C PRO PF 119 -28.80 108.08 78.02
N THR PF 120 -28.57 109.37 78.19
CA THR PF 120 -29.14 110.12 79.29
C THR PF 120 -30.45 110.81 78.93
N ALA PF 121 -31.01 110.52 77.76
CA ALA PF 121 -32.27 111.12 77.35
C ALA PF 121 -33.39 110.71 78.30
N ALA PF 122 -34.36 111.61 78.50
CA ALA PF 122 -35.44 111.39 79.46
C ALA PF 122 -36.57 110.62 78.77
N ILE PF 123 -36.49 109.30 78.87
CA ILE PF 123 -37.53 108.42 78.37
C ILE PF 123 -38.51 108.11 79.49
N VAL PF 124 -39.80 108.20 79.20
CA VAL PF 124 -40.84 108.03 80.21
C VAL PF 124 -41.83 106.97 79.76
N SER PF 125 -42.51 106.37 80.72
CA SER PF 125 -43.53 105.38 80.45
C SER PF 125 -44.92 106.03 80.46
N SER PF 126 -45.91 105.24 80.06
CA SER PF 126 -47.28 105.75 80.02
C SER PF 126 -47.89 105.85 81.41
N ASP PF 127 -47.38 105.11 82.38
CA ASP PF 127 -47.93 105.14 83.73
C ASP PF 127 -47.61 106.47 84.41
N THR PF 128 -48.49 106.86 85.32
CA THR PF 128 -48.34 108.10 86.08
C THR PF 128 -48.05 107.79 87.54
N THR PF 129 -47.61 108.82 88.27
CA THR PF 129 -47.30 108.67 89.68
C THR PF 129 -48.38 109.31 90.55
N ALA QF 1 -84.14 101.64 71.30
CA ALA QF 1 -82.93 102.22 70.74
C ALA QF 1 -81.80 101.20 70.69
N ASN QF 2 -81.88 100.28 69.73
CA ASN QF 2 -80.85 99.27 69.58
C ASN QF 2 -79.57 99.87 69.02
N LYS QF 3 -78.44 99.27 69.37
CA LYS QF 3 -77.15 99.81 68.96
C LYS QF 3 -76.96 99.66 67.45
N PRO QF 4 -76.54 100.71 66.75
CA PRO QF 4 -76.32 100.59 65.31
C PRO QF 4 -74.99 99.93 64.99
N MET QF 5 -74.88 99.43 63.76
CA MET QF 5 -73.64 98.82 63.26
C MET QF 5 -73.12 99.62 62.08
N GLN QF 6 -71.80 99.54 61.88
CA GLN QF 6 -71.10 100.14 60.76
C GLN QF 6 -70.38 99.06 59.96
N PRO QF 7 -70.26 99.21 58.65
CA PRO QF 7 -69.54 98.21 57.85
C PRO QF 7 -68.05 98.20 58.16
N ILE QF 8 -67.47 97.01 58.20
CA ILE QF 8 -66.05 96.83 58.50
C ILE QF 8 -65.28 96.38 57.27
N THR QF 9 -65.79 95.41 56.53
CA THR QF 9 -65.23 95.00 55.25
C THR QF 9 -66.32 95.08 54.18
N SER QF 10 -66.01 95.75 53.07
CA SER QF 10 -67.01 96.07 52.08
C SER QF 10 -66.59 95.55 50.71
N THR QF 11 -67.47 94.73 50.12
CA THR QF 11 -67.34 94.30 48.74
C THR QF 11 -68.74 94.22 48.14
N ALA QF 12 -68.85 94.49 46.85
CA ALA QF 12 -70.17 94.42 46.20
C ALA QF 12 -70.72 93.00 46.26
N ASN QF 13 -69.85 91.99 46.23
CA ASN QF 13 -70.30 90.63 46.42
C ASN QF 13 -70.84 90.39 47.82
N LYS QF 14 -70.16 90.90 48.86
CA LYS QF 14 -70.61 90.72 50.22
C LYS QF 14 -70.11 91.86 51.09
N ILE QF 15 -70.96 92.32 52.01
CA ILE QF 15 -70.62 93.35 52.99
C ILE QF 15 -70.88 92.79 54.38
N VAL QF 16 -69.92 92.97 55.27
CA VAL QF 16 -70.03 92.50 56.65
C VAL QF 16 -70.15 93.70 57.56
N TRP QF 17 -71.11 93.65 58.48
CA TRP QF 17 -71.31 94.70 59.47
C TRP QF 17 -70.79 94.25 60.82
N SER QF 18 -70.56 95.23 61.70
CA SER QF 18 -70.04 94.92 63.03
C SER QF 18 -70.45 96.02 64.00
N ASP QF 19 -70.60 95.63 65.26
CA ASP QF 19 -70.90 96.58 66.32
C ASP QF 19 -69.60 97.12 66.89
N PRO QF 20 -69.35 98.43 66.85
CA PRO QF 20 -68.10 98.95 67.41
C PRO QF 20 -67.90 98.65 68.88
N THR QF 21 -68.97 98.57 69.67
CA THR QF 21 -68.84 98.24 71.08
C THR QF 21 -68.53 96.76 71.33
N ARG QF 22 -69.00 95.86 70.46
CA ARG QF 22 -68.70 94.43 70.58
C ARG QF 22 -68.41 93.92 69.17
N LEU QF 23 -67.13 93.80 68.84
CA LEU QF 23 -66.75 93.40 67.48
C LEU QF 23 -67.08 91.96 67.18
N SER QF 24 -67.46 91.16 68.18
CA SER QF 24 -67.80 89.77 67.95
C SER QF 24 -69.15 89.57 67.28
N THR QF 25 -69.98 90.61 67.24
CA THR QF 25 -71.30 90.53 66.63
C THR QF 25 -71.20 91.00 65.18
N THR QF 26 -71.54 90.12 64.24
CA THR QF 26 -71.38 90.40 62.82
C THR QF 26 -72.68 90.12 62.08
N PHE QF 27 -72.81 90.76 60.92
CA PHE QF 27 -73.93 90.55 60.01
C PHE QF 27 -73.43 90.77 58.59
N SER QF 28 -73.59 89.76 57.74
CA SER QF 28 -73.13 89.86 56.36
C SER QF 28 -74.26 89.53 55.40
N ALA QF 29 -74.23 90.21 54.25
CA ALA QF 29 -75.15 89.95 53.15
C ALA QF 29 -74.33 89.69 51.90
N SER QF 30 -74.51 88.51 51.31
CA SER QF 30 -73.77 88.12 50.11
C SER QF 30 -74.76 87.78 49.01
N LEU QF 31 -74.59 88.40 47.85
CA LEU QF 31 -75.47 88.20 46.71
C LEU QF 31 -74.71 87.52 45.59
N LEU QF 32 -75.26 86.43 45.06
CA LEU QF 32 -74.70 85.73 43.92
C LEU QF 32 -75.72 85.77 42.79
N ARG QF 33 -75.30 86.27 41.64
CA ARG QF 33 -76.20 86.48 40.50
C ARG QF 33 -75.71 85.69 39.31
N GLN QF 34 -76.61 84.90 38.71
CA GLN QF 34 -76.31 84.16 37.49
C GLN QF 34 -77.58 84.03 36.69
N ARG QF 35 -77.44 84.02 35.37
CA ARG QF 35 -78.58 84.06 34.46
C ARG QF 35 -79.14 82.64 34.30
N VAL QF 36 -80.13 82.32 35.14
CA VAL QF 36 -80.83 81.05 35.03
C VAL QF 36 -82.01 81.23 34.08
N LYS QF 37 -81.80 80.97 32.80
CA LYS QF 37 -82.86 81.17 31.83
C LYS QF 37 -83.67 79.89 31.61
N VAL QF 38 -84.98 79.99 31.82
CA VAL QF 38 -85.90 78.91 31.52
C VAL QF 38 -86.21 78.96 30.03
N GLY QF 39 -86.88 77.93 29.51
CA GLY QF 39 -87.18 77.83 28.11
C GLY QF 39 -87.87 79.06 27.54
N ILE QF 40 -87.37 79.54 26.39
CA ILE QF 40 -87.87 80.69 25.64
C ILE QF 40 -88.13 81.90 26.54
N ALA QF 41 -87.33 82.03 27.60
CA ALA QF 41 -87.47 83.17 28.50
C ALA QF 41 -86.11 83.50 29.08
N GLU QF 42 -85.97 84.75 29.54
CA GLU QF 42 -84.75 85.24 30.16
C GLU QF 42 -85.06 85.63 31.60
N LEU QF 43 -84.24 85.15 32.53
CA LEU QF 43 -84.47 85.40 33.96
C LEU QF 43 -83.13 85.66 34.63
N ASN QF 44 -83.10 86.67 35.49
CA ASN QF 44 -81.93 86.98 36.31
C ASN QF 44 -82.18 86.50 37.73
N ASN QF 45 -81.36 85.57 38.19
CA ASN QF 45 -81.53 84.95 39.49
C ASN QF 45 -80.57 85.58 40.50
N VAL QF 46 -81.10 85.94 41.67
CA VAL QF 46 -80.33 86.59 42.71
C VAL QF 46 -80.46 85.73 43.96
N SER QF 47 -79.36 85.10 44.38
CA SER QF 47 -79.33 84.31 45.60
C SER QF 47 -78.76 85.17 46.73
N GLY QF 48 -79.54 85.35 47.78
CA GLY QF 48 -79.12 86.20 48.89
C GLY QF 48 -78.89 85.44 50.18
N GLN QF 49 -77.67 85.52 50.71
CA GLN QF 49 -77.31 84.84 51.94
C GLN QF 49 -77.05 85.88 53.03
N TYR QF 50 -77.74 85.73 54.16
CA TYR QF 50 -77.61 86.65 55.28
C TYR QF 50 -77.37 85.84 56.54
N VAL QF 51 -76.29 86.15 57.26
CA VAL QF 51 -75.96 85.48 58.51
C VAL QF 51 -75.79 86.52 59.60
N SER QF 52 -76.39 86.27 60.76
CA SER QF 52 -76.19 87.08 61.95
C SER QF 52 -75.53 86.23 63.02
N VAL QF 53 -74.40 86.70 63.55
CA VAL QF 53 -73.59 85.93 64.48
C VAL QF 53 -73.46 86.73 65.77
N TYR QF 54 -73.75 86.07 66.89
CA TYR QF 54 -73.57 86.64 68.21
C TYR QF 54 -72.88 85.60 69.08
N LYS QF 55 -71.92 86.04 69.89
CA LYS QF 55 -71.25 85.18 70.86
C LYS QF 55 -71.74 85.56 72.24
N ARG QF 56 -72.60 84.72 72.81
CA ARG QF 56 -73.32 85.00 74.04
C ARG QF 56 -72.77 84.15 75.18
N PRO QF 57 -72.51 84.73 76.34
CA PRO QF 57 -71.99 83.94 77.46
C PRO QF 57 -72.97 82.87 77.90
N ALA QF 58 -72.42 81.77 78.38
CA ALA QF 58 -73.25 80.69 78.90
C ALA QF 58 -74.04 81.17 80.11
N PRO QF 59 -75.26 80.66 80.30
CA PRO QF 59 -76.11 81.19 81.39
C PRO QF 59 -75.51 80.97 82.77
N LYS QF 60 -75.65 81.98 83.62
CA LYS QF 60 -75.16 81.93 84.99
C LYS QF 60 -76.08 81.04 85.83
N PRO QF 61 -75.54 80.40 86.88
CA PRO QF 61 -76.40 79.59 87.76
C PRO QF 61 -77.51 80.41 88.39
N GLU QF 62 -78.69 79.82 88.57
CA GLU QF 62 -79.85 80.58 89.02
C GLU QF 62 -79.63 81.17 90.41
N GLY QF 63 -79.05 80.39 91.32
CA GLY QF 63 -78.80 80.88 92.66
C GLY QF 63 -77.46 81.58 92.79
N CYS QF 64 -77.22 82.58 91.94
CA CYS QF 64 -75.97 83.31 91.92
C CYS QF 64 -76.23 84.81 91.99
N ALA QF 65 -75.52 85.48 92.90
CA ALA QF 65 -75.52 86.93 92.98
C ALA QF 65 -74.11 87.51 92.93
N ASP QF 66 -73.13 86.72 92.49
CA ASP QF 66 -71.75 87.19 92.49
C ASP QF 66 -71.58 88.33 91.50
N ALA QF 67 -70.67 89.25 91.85
CA ALA QF 67 -70.44 90.45 91.04
C ALA QF 67 -69.97 90.10 89.64
N CYS QF 68 -68.82 89.46 89.53
CA CYS QF 68 -68.21 89.17 88.24
C CYS QF 68 -67.67 87.75 88.20
N VAL QF 69 -68.40 86.87 87.52
CA VAL QF 69 -67.92 85.55 87.16
C VAL QF 69 -68.31 85.33 85.70
N ILE QF 70 -67.32 85.16 84.83
CA ILE QF 70 -67.53 85.16 83.39
C ILE QF 70 -67.39 83.74 82.86
N MET QF 71 -68.36 83.32 82.05
CA MET QF 71 -68.36 82.01 81.42
C MET QF 71 -68.01 82.15 79.95
N PRO QF 72 -67.40 81.14 79.33
CA PRO QF 72 -67.02 81.26 77.92
C PRO QF 72 -68.23 81.37 77.01
N ASN QF 73 -68.03 82.03 75.88
CA ASN QF 73 -69.10 82.36 74.96
C ASN QF 73 -69.49 81.15 74.10
N GLU QF 74 -70.76 81.10 73.74
CA GLU QF 74 -71.28 80.10 72.82
C GLU QF 74 -71.62 80.77 71.50
N ASN QF 75 -71.66 79.99 70.42
CA ASN QF 75 -71.90 80.56 69.11
C ASN QF 75 -73.39 80.50 68.77
N GLN QF 76 -73.98 81.66 68.52
CA GLN QF 76 -75.36 81.77 68.07
C GLN QF 76 -75.35 82.28 66.64
N SER QF 77 -75.86 81.46 65.72
CA SER QF 77 -75.86 81.79 64.30
C SER QF 77 -77.27 81.65 63.73
N ILE QF 78 -77.66 82.63 62.91
CA ILE QF 78 -78.91 82.60 62.18
C ILE QF 78 -78.59 82.87 60.72
N ARG QF 79 -78.97 81.96 59.85
CA ARG QF 79 -78.64 82.02 58.43
C ARG QF 79 -79.91 81.92 57.59
N THR QF 80 -80.10 82.90 56.70
CA THR QF 80 -81.23 82.91 55.79
C THR QF 80 -80.72 83.03 54.36
N VAL QF 81 -81.26 82.18 53.48
CA VAL QF 81 -80.89 82.17 52.07
C VAL QF 81 -82.17 82.35 51.26
N ILE QF 82 -82.17 83.33 50.37
CA ILE QF 82 -83.31 83.63 49.52
C ILE QF 82 -82.87 83.52 48.06
N SER QF 83 -83.57 82.69 47.30
CA SER QF 83 -83.25 82.45 45.89
C SER QF 83 -84.50 82.68 45.06
N GLY QF 84 -84.37 83.52 44.03
CA GLY QF 84 -85.49 83.80 43.15
C GLY QF 84 -85.14 84.76 42.03
N SER QF 85 -85.99 84.82 41.00
CA SER QF 85 -85.74 85.71 39.89
C SER QF 85 -86.06 87.16 40.28
N ALA QF 86 -85.39 88.10 39.61
CA ALA QF 86 -85.62 89.50 39.90
C ALA QF 86 -87.00 89.95 39.43
N GLU QF 87 -87.57 89.25 38.44
CA GLU QF 87 -88.86 89.64 37.90
C GLU QF 87 -89.98 89.41 38.90
N ASN QF 88 -89.82 88.41 39.77
CA ASN QF 88 -90.85 88.02 40.73
C ASN QF 88 -90.57 88.56 42.13
N LEU QF 89 -90.07 89.78 42.23
CA LEU QF 89 -89.65 90.30 43.54
C LEU QF 89 -90.83 90.47 44.49
N ALA QF 90 -91.99 90.91 43.97
CA ALA QF 90 -93.15 91.10 44.84
C ALA QF 90 -93.63 89.78 45.42
N THR QF 91 -93.72 88.75 44.58
CA THR QF 91 -94.12 87.44 45.07
C THR QF 91 -93.08 86.84 46.00
N LEU QF 92 -91.80 87.12 45.75
CA LEU QF 92 -90.76 86.65 46.66
C LEU QF 92 -90.89 87.33 48.02
N LYS QF 93 -91.25 88.61 48.04
CA LYS QF 93 -91.47 89.30 49.30
C LYS QF 93 -92.68 88.73 50.04
N ALA QF 94 -93.75 88.39 49.29
CA ALA QF 94 -94.89 87.74 49.92
C ALA QF 94 -94.49 86.40 50.51
N GLU QF 95 -93.69 85.63 49.78
CA GLU QF 95 -93.18 84.36 50.31
C GLU QF 95 -92.33 84.59 51.56
N TRP QF 96 -91.56 85.68 51.58
CA TRP QF 96 -90.74 85.99 52.74
C TRP QF 96 -91.61 86.29 53.95
N GLU QF 97 -92.71 87.03 53.75
CA GLU QF 97 -93.63 87.29 54.86
C GLU QF 97 -94.26 86.00 55.36
N THR QF 98 -94.68 85.12 54.45
CA THR QF 98 -95.25 83.84 54.86
C THR QF 98 -94.24 83.00 55.62
N HIS QF 99 -92.99 83.00 55.15
CA HIS QF 99 -91.93 82.28 55.85
C HIS QF 99 -91.70 82.85 57.24
N LYS QF 100 -91.74 84.17 57.37
CA LYS QF 100 -91.69 84.80 58.68
C LYS QF 100 -92.78 84.24 59.58
N ARG QF 101 -94.02 84.23 59.10
CA ARG QF 101 -95.13 83.80 59.95
C ARG QF 101 -94.96 82.34 60.36
N ASN QF 102 -94.57 81.48 59.42
CA ASN QF 102 -94.44 80.07 59.72
C ASN QF 102 -93.31 79.80 60.72
N VAL QF 103 -92.13 80.40 60.50
CA VAL QF 103 -91.02 80.19 61.42
C VAL QF 103 -91.35 80.78 62.78
N ASP QF 104 -92.06 81.90 62.81
CA ASP QF 104 -92.47 82.47 64.09
C ASP QF 104 -93.40 81.51 64.83
N THR QF 105 -94.36 80.93 64.12
CA THR QF 105 -95.28 79.99 64.76
C THR QF 105 -94.54 78.78 65.31
N LEU QF 106 -93.56 78.27 64.56
CA LEU QF 106 -92.85 77.08 64.99
C LEU QF 106 -91.84 77.35 66.10
N PHE QF 107 -91.21 78.52 66.09
CA PHE QF 107 -90.06 78.81 66.94
C PHE QF 107 -90.39 79.77 68.08
N ALA QF 108 -90.93 80.94 67.75
CA ALA QF 108 -91.15 81.97 68.77
C ALA QF 108 -92.25 81.55 69.74
N SER QF 109 -93.38 81.08 69.22
CA SER QF 109 -94.49 80.64 70.06
C SER QF 109 -94.53 79.13 70.26
N GLY QF 110 -93.58 78.39 69.69
CA GLY QF 110 -93.53 76.96 69.82
C GLY QF 110 -92.42 76.49 70.74
N ASN QF 111 -91.93 75.28 70.46
CA ASN QF 111 -90.86 74.67 71.23
C ASN QF 111 -89.74 74.14 70.34
N ALA QF 112 -89.67 74.60 69.09
CA ALA QF 112 -88.61 74.16 68.19
C ALA QF 112 -87.25 74.57 68.68
N GLY QF 113 -87.17 75.67 69.44
CA GLY QF 113 -85.90 76.08 70.02
C GLY QF 113 -85.35 75.09 71.01
N LEU QF 114 -86.22 74.48 71.82
CA LEU QF 114 -85.82 73.41 72.74
C LEU QF 114 -85.70 72.07 72.04
N GLY QF 115 -86.36 71.89 70.90
CA GLY QF 115 -86.23 70.64 70.17
C GLY QF 115 -87.49 69.85 70.01
N PHE QF 116 -88.66 70.48 70.07
CA PHE QF 116 -89.94 69.80 69.96
C PHE QF 116 -90.65 70.26 68.70
N LEU QF 117 -91.09 69.30 67.89
CA LEU QF 117 -91.88 69.57 66.69
C LEU QF 117 -93.33 69.22 66.95
N ASP QF 118 -94.23 70.15 66.61
CA ASP QF 118 -95.66 69.94 66.82
C ASP QF 118 -96.33 69.77 65.47
N PRO QF 119 -96.78 68.56 65.11
CA PRO QF 119 -97.51 68.39 63.84
C PRO QF 119 -98.80 69.19 63.76
N THR QF 120 -99.31 69.70 64.88
CA THR QF 120 -100.56 70.44 64.91
C THR QF 120 -100.37 71.94 64.73
N ALA QF 121 -99.16 72.39 64.40
CA ALA QF 121 -98.89 73.81 64.23
C ALA QF 121 -99.70 74.36 63.07
N ALA QF 122 -100.13 75.62 63.20
CA ALA QF 122 -100.96 76.28 62.20
C ALA QF 122 -100.06 76.93 61.15
N ILE QF 123 -99.62 76.13 60.19
CA ILE QF 123 -98.81 76.61 59.08
C ILE QF 123 -99.73 77.01 57.94
N VAL QF 124 -99.44 78.16 57.32
CA VAL QF 124 -100.29 78.70 56.28
C VAL QF 124 -99.45 79.00 55.05
N SER QF 125 -100.12 79.11 53.91
CA SER QF 125 -99.46 79.41 52.65
C SER QF 125 -99.61 80.90 52.31
N SER QF 126 -98.85 81.33 51.30
CA SER QF 126 -98.89 82.73 50.88
C SER QF 126 -100.18 83.08 50.15
N ASP QF 127 -100.78 82.12 49.45
CA ASP QF 127 -102.00 82.40 48.69
C ASP QF 127 -103.16 82.69 49.64
N THR QF 128 -104.12 83.46 49.15
CA THR QF 128 -105.29 83.85 49.93
C THR QF 128 -106.55 83.28 49.31
N THR QF 129 -107.57 83.10 50.14
CA THR QF 129 -108.85 82.56 49.69
C THR QF 129 -109.69 83.65 49.01
N ALA RF 1 -85.80 113.90 34.37
CA ALA RF 1 -85.34 113.13 35.52
C ALA RF 1 -84.96 111.72 35.12
N ASN RF 2 -83.69 111.52 34.79
CA ASN RF 2 -83.21 110.21 34.39
C ASN RF 2 -83.17 109.27 35.59
N LYS RF 3 -83.35 107.98 35.31
CA LYS RF 3 -83.40 106.99 36.39
C LYS RF 3 -82.01 106.81 37.00
N PRO RF 4 -81.87 106.93 38.32
CA PRO RF 4 -80.56 106.71 38.95
C PRO RF 4 -80.15 105.25 38.87
N MET RF 5 -78.84 105.04 38.97
CA MET RF 5 -78.24 103.71 38.87
C MET RF 5 -77.42 103.43 40.13
N GLN RF 6 -77.27 102.15 40.45
CA GLN RF 6 -76.55 101.71 41.64
C GLN RF 6 -75.44 100.74 41.28
N PRO RF 7 -74.37 100.67 42.08
CA PRO RF 7 -73.24 99.80 41.73
C PRO RF 7 -73.49 98.32 42.03
N ILE RF 8 -73.27 97.46 41.04
CA ILE RF 8 -73.39 96.03 41.26
C ILE RF 8 -72.05 95.37 41.56
N THR RF 9 -70.95 95.93 41.05
CA THR RF 9 -69.62 95.39 41.28
C THR RF 9 -68.68 96.54 41.60
N SER RF 10 -68.17 96.57 42.83
CA SER RF 10 -67.31 97.65 43.29
C SER RF 10 -65.93 97.10 43.58
N THR RF 11 -64.92 97.70 42.98
CA THR RF 11 -63.53 97.30 43.14
C THR RF 11 -62.66 98.54 43.02
N ALA RF 12 -61.47 98.49 43.63
CA ALA RF 12 -60.57 99.63 43.58
C ALA RF 12 -60.16 99.99 42.16
N ASN RF 13 -60.30 99.06 41.22
CA ASN RF 13 -59.93 99.30 39.83
C ASN RF 13 -61.09 99.26 38.85
N LYS RF 14 -62.31 98.97 39.32
CA LYS RF 14 -63.45 98.84 38.41
C LYS RF 14 -64.74 98.93 39.21
N ILE RF 15 -65.66 99.79 38.77
CA ILE RF 15 -66.99 99.90 39.36
C ILE RF 15 -68.01 99.77 38.24
N VAL RF 16 -69.02 98.93 38.45
CA VAL RF 16 -70.05 98.66 37.46
C VAL RF 16 -71.39 99.06 38.05
N TRP RF 17 -72.12 99.92 37.33
CA TRP RF 17 -73.44 100.35 37.73
C TRP RF 17 -74.50 99.59 36.94
N SER RF 18 -75.74 99.64 37.43
CA SER RF 18 -76.86 98.99 36.75
C SER RF 18 -78.16 99.62 37.19
N ASP RF 19 -79.13 99.66 36.29
CA ASP RF 19 -80.43 100.22 36.60
C ASP RF 19 -81.29 99.18 37.31
N PRO RF 20 -81.91 99.52 38.45
CA PRO RF 20 -82.80 98.56 39.10
C PRO RF 20 -83.96 98.10 38.23
N THR RF 21 -84.49 98.98 37.38
CA THR RF 21 -85.60 98.60 36.52
C THR RF 21 -85.15 97.62 35.44
N ARG RF 22 -84.07 97.93 34.73
CA ARG RF 22 -83.52 97.05 33.71
C ARG RF 22 -82.09 96.72 34.07
N LEU RF 23 -81.82 95.44 34.37
CA LEU RF 23 -80.48 95.04 34.78
C LEU RF 23 -79.56 94.90 33.59
N SER RF 24 -80.11 94.95 32.38
CA SER RF 24 -79.33 94.73 31.18
C SER RF 24 -78.46 95.94 30.84
N THR RF 25 -78.90 97.13 31.22
CA THR RF 25 -78.14 98.34 30.94
C THR RF 25 -77.16 98.63 32.08
N THR RF 26 -75.88 98.71 31.74
CA THR RF 26 -74.83 98.90 32.73
C THR RF 26 -73.85 99.95 32.23
N PHE RF 27 -73.17 100.60 33.19
CA PHE RF 27 -72.12 101.56 32.92
C PHE RF 27 -70.95 101.25 33.85
N SER RF 28 -69.80 100.92 33.27
CA SER RF 28 -68.64 100.51 34.05
C SER RF 28 -67.44 101.38 33.71
N ALA RF 29 -66.67 101.71 34.75
CA ALA RF 29 -65.47 102.53 34.62
C ALA RF 29 -64.29 101.78 35.19
N SER RF 30 -63.19 101.72 34.43
CA SER RF 30 -61.98 101.03 34.86
C SER RF 30 -60.81 101.98 34.69
N LEU RF 31 -59.96 102.07 35.72
CA LEU RF 31 -58.80 102.94 35.71
C LEU RF 31 -57.53 102.11 35.86
N LEU RF 32 -56.56 102.38 35.00
CA LEU RF 32 -55.25 101.73 35.06
C LEU RF 32 -54.18 102.79 35.28
N ARG RF 33 -53.39 102.60 36.34
CA ARG RF 33 -52.40 103.58 36.77
C ARG RF 33 -51.00 103.02 36.60
N GLN RF 34 -50.18 103.71 35.82
CA GLN RF 34 -48.79 103.31 35.60
C GLN RF 34 -47.91 104.54 35.67
N ARG RF 35 -46.63 104.31 35.98
CA ARG RF 35 -45.63 105.36 35.91
C ARG RF 35 -44.95 105.30 34.55
N VAL RF 36 -44.80 106.46 33.91
CA VAL RF 36 -44.21 106.57 32.59
C VAL RF 36 -42.86 107.24 32.71
N LYS RF 37 -41.83 106.61 32.13
CA LYS RF 37 -40.47 107.13 32.15
C LYS RF 37 -40.28 108.04 30.95
N VAL RF 38 -40.26 109.34 31.20
CA VAL RF 38 -40.00 110.34 30.17
C VAL RF 38 -38.73 111.08 30.56
N GLY RF 39 -37.96 111.48 29.54
CA GLY RF 39 -36.67 112.12 29.75
C GLY RF 39 -36.67 113.18 30.82
N ILE RF 40 -35.72 113.07 31.76
CA ILE RF 40 -35.57 113.94 32.93
C ILE RF 40 -36.91 114.27 33.57
N ALA RF 41 -37.80 113.27 33.64
CA ALA RF 41 -39.12 113.49 34.22
C ALA RF 41 -39.63 112.17 34.78
N GLU RF 42 -40.56 112.27 35.73
CA GLU RF 42 -41.21 111.11 36.34
C GLU RF 42 -42.67 111.48 36.62
N LEU RF 43 -43.55 111.11 35.70
CA LEU RF 43 -44.95 111.51 35.76
C LEU RF 43 -45.84 110.29 35.57
N ASN RF 44 -47.04 110.37 36.12
CA ASN RF 44 -47.94 109.23 36.27
C ASN RF 44 -49.08 109.33 35.27
N ASN RF 45 -49.23 108.32 34.41
CA ASN RF 45 -50.33 108.28 33.47
C ASN RF 45 -51.50 107.52 34.07
N VAL RF 46 -52.71 108.00 33.80
CA VAL RF 46 -53.95 107.35 34.23
C VAL RF 46 -54.79 107.11 32.99
N SER RF 47 -55.15 105.86 32.74
CA SER RF 47 -55.97 105.47 31.59
C SER RF 47 -57.33 105.02 32.10
N GLY RF 48 -58.39 105.63 31.58
CA GLY RF 48 -59.74 105.30 32.01
C GLY RF 48 -60.61 104.78 30.90
N GLN RF 49 -61.22 103.63 31.10
CA GLN RF 49 -62.10 103.00 30.12
C GLN RF 49 -63.53 103.06 30.62
N TYR RF 50 -64.37 103.79 29.90
CA TYR RF 50 -65.78 103.94 30.23
C TYR RF 50 -66.62 103.33 29.13
N VAL RF 51 -67.46 102.35 29.47
CA VAL RF 51 -68.32 101.68 28.51
C VAL RF 51 -69.75 101.80 28.97
N SER RF 52 -70.66 102.03 28.03
CA SER RF 52 -72.09 102.06 28.28
C SER RF 52 -72.79 101.11 27.32
N VAL RF 53 -73.65 100.25 27.87
CA VAL RF 53 -74.38 99.28 27.06
C VAL RF 53 -75.87 99.41 27.34
N TYR RF 54 -76.67 99.38 26.27
CA TYR RF 54 -78.11 99.33 26.37
C TYR RF 54 -78.62 98.30 25.38
N LYS RF 55 -79.46 97.39 25.87
CA LYS RF 55 -79.94 96.28 25.05
C LYS RF 55 -81.32 96.63 24.48
N ARG RF 56 -81.31 97.61 23.58
CA ARG RF 56 -82.55 98.13 23.02
C ARG RF 56 -83.20 97.08 22.11
N PRO RF 57 -84.52 96.93 22.18
CA PRO RF 57 -85.20 95.98 21.30
C PRO RF 57 -85.10 96.37 19.83
N ALA RF 58 -85.11 95.35 18.98
CA ALA RF 58 -85.14 95.57 17.55
C ALA RF 58 -86.42 96.32 17.17
N PRO RF 59 -86.43 97.09 16.08
CA PRO RF 59 -87.58 97.94 15.83
C PRO RF 59 -88.79 97.15 15.37
N LYS RF 60 -89.94 97.50 15.95
CA LYS RF 60 -91.17 96.75 15.71
C LYS RF 60 -91.59 96.90 14.24
N PRO RF 61 -92.11 95.81 13.64
CA PRO RF 61 -92.60 95.91 12.26
C PRO RF 61 -93.76 96.91 12.14
N GLU RF 62 -93.98 97.42 10.94
CA GLU RF 62 -94.89 98.53 10.70
C GLU RF 62 -96.32 98.03 10.58
N GLY RF 63 -97.24 98.74 11.22
CA GLY RF 63 -98.66 98.50 11.05
C GLY RF 63 -99.25 97.37 11.87
N CYS RF 64 -98.47 96.76 12.77
CA CYS RF 64 -98.97 95.64 13.57
C CYS RF 64 -98.77 95.95 15.04
N ALA RF 65 -99.86 95.99 15.80
CA ALA RF 65 -99.82 96.10 17.26
C ALA RF 65 -99.90 94.70 17.84
N ASP RF 66 -98.75 94.04 17.95
CA ASP RF 66 -98.72 92.67 18.45
C ASP RF 66 -99.18 92.61 19.90
N ALA RF 67 -99.72 91.45 20.28
CA ALA RF 67 -100.24 91.27 21.63
C ALA RF 67 -99.14 91.46 22.68
N CYS RF 68 -97.99 90.85 22.45
CA CYS RF 68 -96.87 90.93 23.38
C CYS RF 68 -95.57 91.13 22.61
N VAL RF 69 -94.62 91.81 23.26
CA VAL RF 69 -93.35 92.09 22.62
C VAL RF 69 -92.49 90.83 22.56
N ILE RF 70 -92.02 90.51 21.37
CA ILE RF 70 -91.20 89.32 21.15
C ILE RF 70 -89.98 89.71 20.35
N MET RF 71 -89.68 91.01 20.33
CA MET RF 71 -88.60 91.51 19.49
C MET RF 71 -87.26 91.02 20.04
N PRO RF 72 -86.40 90.43 19.20
CA PRO RF 72 -85.10 89.97 19.69
C PRO RF 72 -84.09 91.10 19.79
N ASN RF 73 -84.07 91.77 20.95
CA ASN RF 73 -83.26 92.95 21.21
C ASN RF 73 -81.81 92.85 20.77
N GLU RF 74 -81.19 93.99 20.47
CA GLU RF 74 -79.83 94.08 19.99
C GLU RF 74 -78.94 94.72 21.06
N ASN RF 75 -77.69 94.95 20.68
CA ASN RF 75 -76.70 95.52 21.60
C ASN RF 75 -76.29 96.89 21.10
N GLN RF 76 -76.39 97.89 21.96
CA GLN RF 76 -75.85 99.23 21.68
C GLN RF 76 -74.74 99.50 22.69
N SER RF 77 -73.58 99.91 22.19
CA SER RF 77 -72.40 100.09 23.04
C SER RF 77 -71.69 101.37 22.69
N ILE RF 78 -71.21 102.07 23.72
CA ILE RF 78 -70.37 103.26 23.56
C ILE RF 78 -69.18 103.09 24.49
N ARG RF 79 -67.98 103.12 23.94
CA ARG RF 79 -66.75 102.88 24.68
C ARG RF 79 -65.82 104.06 24.51
N THR RF 80 -65.36 104.61 25.63
CA THR RF 80 -64.47 105.76 25.65
C THR RF 80 -63.25 105.47 26.50
N VAL RF 81 -62.07 105.76 25.95
CA VAL RF 81 -60.81 105.58 26.66
C VAL RF 81 -60.13 106.94 26.75
N ILE RF 82 -59.80 107.36 27.96
CA ILE RF 82 -59.11 108.62 28.21
C ILE RF 82 -57.77 108.31 28.85
N SER RF 83 -56.69 108.72 28.20
CA SER RF 83 -55.34 108.45 28.66
C SER RF 83 -54.55 109.75 28.70
N GLY RF 84 -53.88 110.01 29.81
CA GLY RF 84 -53.08 111.20 29.94
C GLY RF 84 -52.53 111.32 31.35
N SER RF 85 -51.50 112.14 31.48
CA SER RF 85 -50.86 112.34 32.77
C SER RF 85 -51.75 113.17 33.68
N ALA RF 86 -51.73 112.86 34.97
CA ALA RF 86 -52.52 113.61 35.94
C ALA RF 86 -51.94 115.01 36.17
N GLU RF 87 -50.68 115.23 35.79
CA GLU RF 87 -50.09 116.55 35.91
C GLU RF 87 -50.77 117.55 34.99
N ASN RF 88 -51.23 117.07 33.84
CA ASN RF 88 -51.88 117.91 32.83
C ASN RF 88 -53.39 117.72 32.80
N LEU RF 89 -54.02 117.61 33.97
CA LEU RF 89 -55.45 117.29 34.03
C LEU RF 89 -56.31 118.37 33.38
N ALA RF 90 -55.94 119.64 33.56
CA ALA RF 90 -56.72 120.71 32.94
C ALA RF 90 -56.67 120.62 31.42
N THR RF 91 -55.49 120.36 30.88
CA THR RF 91 -55.35 120.14 29.44
C THR RF 91 -56.14 118.93 28.97
N LEU RF 92 -56.13 117.84 29.75
CA LEU RF 92 -56.88 116.66 29.35
C LEU RF 92 -58.38 116.94 29.35
N LYS RF 93 -58.85 117.73 30.31
CA LYS RF 93 -60.26 118.11 30.33
C LYS RF 93 -60.62 118.99 29.14
N ALA RF 94 -59.74 119.92 28.78
CA ALA RF 94 -59.98 120.73 27.58
C ALA RF 94 -60.02 119.85 26.33
N GLU RF 95 -59.11 118.88 26.25
CA GLU RF 95 -59.12 117.94 25.14
C GLU RF 95 -60.41 117.13 25.10
N TRP RF 96 -60.92 116.73 26.27
CA TRP RF 96 -62.17 116.00 26.32
C TRP RF 96 -63.32 116.85 25.82
N GLU RF 97 -63.35 118.12 26.21
CA GLU RF 97 -64.41 119.01 25.71
C GLU RF 97 -64.33 119.17 24.20
N THR RF 98 -63.13 119.38 23.68
CA THR RF 98 -62.96 119.52 22.24
C THR RF 98 -63.37 118.24 21.50
N HIS RF 99 -63.00 117.09 22.04
CA HIS RF 99 -63.37 115.82 21.42
C HIS RF 99 -64.88 115.61 21.45
N LYS RF 100 -65.53 115.99 22.55
CA LYS RF 100 -66.98 115.90 22.60
C LYS RF 100 -67.62 116.77 21.54
N ARG RF 101 -67.11 118.00 21.36
CA ARG RF 101 -67.68 118.88 20.36
C ARG RF 101 -67.47 118.32 18.96
N ASN RF 102 -66.29 117.77 18.68
CA ASN RF 102 -66.03 117.21 17.36
C ASN RF 102 -66.91 116.00 17.08
N VAL RF 103 -67.06 115.11 18.06
CA VAL RF 103 -67.90 113.93 17.87
C VAL RF 103 -69.36 114.34 17.71
N ASP RF 104 -69.79 115.38 18.42
CA ASP RF 104 -71.14 115.88 18.24
C ASP RF 104 -71.33 116.44 16.83
N THR RF 105 -70.31 117.14 16.32
CA THR RF 105 -70.40 117.68 14.97
C THR RF 105 -70.50 116.58 13.93
N LEU RF 106 -69.70 115.52 14.07
CA LEU RF 106 -69.72 114.44 13.08
C LEU RF 106 -70.95 113.57 13.22
N PHE RF 107 -71.39 113.29 14.44
CA PHE RF 107 -72.36 112.24 14.73
C PHE RF 107 -73.71 112.79 15.21
N ALA RF 108 -73.70 113.61 16.27
CA ALA RF 108 -74.95 114.09 16.84
C ALA RF 108 -75.72 114.96 15.85
N SER RF 109 -75.02 115.85 15.16
CA SER RF 109 -75.65 116.73 14.18
C SER RF 109 -75.33 116.32 12.74
N GLY RF 110 -74.55 115.26 12.54
CA GLY RF 110 -74.21 114.79 11.22
C GLY RF 110 -74.86 113.46 10.90
N ASN RF 111 -74.36 112.83 9.84
CA ASN RF 111 -74.91 111.55 9.41
C ASN RF 111 -73.85 110.44 9.53
N ALA RF 112 -73.00 110.53 10.55
CA ALA RF 112 -72.01 109.48 10.77
C ALA RF 112 -72.67 108.18 11.22
N GLY RF 113 -73.84 108.28 11.84
CA GLY RF 113 -74.52 107.08 12.30
C GLY RF 113 -74.93 106.15 11.17
N LEU RF 114 -75.34 106.73 10.04
CA LEU RF 114 -75.72 105.91 8.89
C LEU RF 114 -74.52 105.39 8.12
N GLY RF 115 -73.35 105.98 8.34
CA GLY RF 115 -72.15 105.55 7.65
C GLY RF 115 -71.50 106.59 6.77
N PHE RF 116 -71.93 107.84 6.85
CA PHE RF 116 -71.36 108.87 5.99
C PHE RF 116 -70.35 109.73 6.74
N LEU RF 117 -69.17 109.88 6.16
CA LEU RF 117 -68.10 110.70 6.71
C LEU RF 117 -67.99 111.97 5.86
N ASP RF 118 -68.54 113.06 6.36
CA ASP RF 118 -68.50 114.33 5.65
C ASP RF 118 -67.11 114.92 5.74
N PRO RF 119 -66.41 115.16 4.62
CA PRO RF 119 -65.09 115.81 4.70
C PRO RF 119 -65.16 117.32 4.75
N THR RF 120 -66.35 117.91 4.77
CA THR RF 120 -66.51 119.35 4.90
C THR RF 120 -66.95 119.78 6.30
N ALA RF 121 -66.89 118.87 7.27
CA ALA RF 121 -67.36 119.19 8.62
C ALA RF 121 -66.40 120.18 9.29
N ALA RF 122 -66.94 120.94 10.23
CA ALA RF 122 -66.19 121.97 10.95
C ALA RF 122 -65.59 121.35 12.20
N ILE RF 123 -64.36 120.87 12.08
CA ILE RF 123 -63.63 120.30 13.21
C ILE RF 123 -62.75 121.38 13.82
N VAL RF 124 -62.77 121.49 15.14
CA VAL RF 124 -62.04 122.54 15.85
C VAL RF 124 -61.15 121.89 16.90
N SER RF 125 -60.02 122.54 17.18
CA SER RF 125 -59.02 121.99 18.09
C SER RF 125 -59.16 122.61 19.48
N SER RF 126 -58.39 122.05 20.42
CA SER RF 126 -58.41 122.58 21.78
C SER RF 126 -57.71 123.92 21.90
N ASP RF 127 -56.73 124.20 21.04
CA ASP RF 127 -56.06 125.48 21.07
C ASP RF 127 -56.97 126.58 20.54
N THR RF 128 -56.86 127.76 21.14
CA THR RF 128 -57.66 128.91 20.77
C THR RF 128 -56.78 130.03 20.25
N THR RF 129 -57.39 130.98 19.57
CA THR RF 129 -56.68 132.12 19.01
C THR RF 129 -56.81 133.34 19.92
N ALA SF 1 -135.39 -41.54 -41.91
CA ALA SF 1 -135.06 -42.01 -40.57
C ALA SF 1 -133.59 -41.79 -40.27
N ASN SF 2 -133.31 -40.81 -39.42
CA ASN SF 2 -131.94 -40.49 -39.06
C ASN SF 2 -131.37 -41.54 -38.10
N LYS SF 3 -130.09 -41.83 -38.24
CA LYS SF 3 -129.46 -42.85 -37.40
C LYS SF 3 -129.15 -42.27 -36.02
N PRO SF 4 -129.66 -42.86 -34.94
CA PRO SF 4 -129.38 -42.33 -33.60
C PRO SF 4 -127.91 -42.53 -33.23
N MET SF 5 -127.42 -41.65 -32.36
CA MET SF 5 -126.11 -41.79 -31.76
C MET SF 5 -126.27 -42.31 -30.35
N GLN SF 6 -125.38 -43.21 -29.94
CA GLN SF 6 -125.32 -43.65 -28.57
C GLN SF 6 -124.07 -43.08 -27.91
N PRO SF 7 -124.20 -42.44 -26.75
CA PRO SF 7 -123.06 -41.69 -26.20
C PRO SF 7 -121.90 -42.61 -25.82
N ILE SF 8 -120.70 -42.06 -25.92
CA ILE SF 8 -119.49 -42.79 -25.57
C ILE SF 8 -118.82 -42.26 -24.31
N THR SF 9 -119.00 -40.99 -23.97
CA THR SF 9 -118.50 -40.44 -22.72
C THR SF 9 -119.63 -39.67 -22.04
N SER SF 10 -119.89 -40.00 -20.78
CA SER SF 10 -120.98 -39.39 -20.02
C SER SF 10 -120.43 -38.78 -18.75
N THR SF 11 -120.70 -37.51 -18.55
CA THR SF 11 -120.26 -36.78 -17.37
C THR SF 11 -121.28 -35.68 -17.10
N ALA SF 12 -121.30 -35.20 -15.85
CA ALA SF 12 -122.25 -34.16 -15.48
C ALA SF 12 -121.96 -32.84 -16.19
N ASN SF 13 -120.74 -32.70 -16.73
CA ASN SF 13 -120.32 -31.47 -17.38
C ASN SF 13 -120.12 -31.62 -18.88
N LYS SF 14 -120.11 -32.83 -19.40
CA LYS SF 14 -119.85 -33.05 -20.82
C LYS SF 14 -120.35 -34.43 -21.22
N ILE SF 15 -121.14 -34.49 -22.29
CA ILE SF 15 -121.61 -35.75 -22.87
C ILE SF 15 -121.31 -35.70 -24.36
N VAL SF 16 -120.69 -36.76 -24.88
CA VAL SF 16 -120.28 -36.85 -26.28
C VAL SF 16 -120.97 -38.05 -26.90
N TRP SF 17 -121.61 -37.82 -28.05
CA TRP SF 17 -122.29 -38.87 -28.80
C TRP SF 17 -121.48 -39.20 -30.04
N SER SF 18 -121.55 -40.46 -30.48
CA SER SF 18 -120.84 -40.91 -31.67
C SER SF 18 -121.69 -41.92 -32.43
N ASP SF 19 -121.65 -41.83 -33.75
CA ASP SF 19 -122.38 -42.78 -34.59
C ASP SF 19 -121.71 -44.15 -34.51
N PRO SF 20 -122.44 -45.20 -34.14
CA PRO SF 20 -121.80 -46.53 -34.08
C PRO SF 20 -121.25 -46.99 -35.42
N THR SF 21 -121.88 -46.61 -36.53
CA THR SF 21 -121.34 -46.95 -37.84
C THR SF 21 -120.12 -46.12 -38.22
N ARG SF 22 -120.06 -44.86 -37.80
CA ARG SF 22 -118.90 -44.01 -38.06
C ARG SF 22 -118.57 -43.18 -36.82
N LEU SF 23 -117.60 -43.63 -36.03
CA LEU SF 23 -117.28 -42.96 -34.77
C LEU SF 23 -116.69 -41.58 -35.02
N SER SF 24 -116.25 -41.31 -36.24
CA SER SF 24 -115.74 -39.99 -36.58
C SER SF 24 -116.79 -38.90 -36.47
N THR SF 25 -118.07 -39.24 -36.61
CA THR SF 25 -119.15 -38.27 -36.45
C THR SF 25 -119.46 -38.12 -34.96
N THR SF 26 -119.24 -36.92 -34.43
CA THR SF 26 -119.38 -36.67 -33.01
C THR SF 26 -120.32 -35.49 -32.77
N PHE SF 27 -120.90 -35.46 -31.57
CA PHE SF 27 -121.73 -34.36 -31.12
C PHE SF 27 -121.51 -34.20 -29.62
N SER SF 28 -120.94 -33.07 -29.22
CA SER SF 28 -120.56 -32.84 -27.84
C SER SF 28 -121.34 -31.66 -27.26
N ALA SF 29 -121.75 -31.80 -26.00
CA ALA SF 29 -122.46 -30.76 -25.28
C ALA SF 29 -121.77 -30.54 -23.94
N SER SF 30 -121.32 -29.32 -23.70
CA SER SF 30 -120.59 -28.97 -22.49
C SER SF 30 -121.30 -27.81 -21.81
N LEU SF 31 -121.55 -27.94 -20.51
CA LEU SF 31 -122.20 -26.91 -19.73
C LEU SF 31 -121.22 -26.31 -18.73
N LEU SF 32 -121.25 -24.98 -18.61
CA LEU SF 32 -120.42 -24.27 -17.64
C LEU SF 32 -121.32 -23.32 -16.85
N ARG SF 33 -121.20 -23.35 -15.54
CA ARG SF 33 -122.09 -22.60 -14.65
C ARG SF 33 -121.28 -21.63 -13.79
N GLN SF 34 -121.76 -20.39 -13.71
CA GLN SF 34 -121.15 -19.37 -12.87
C GLN SF 34 -122.24 -18.57 -12.17
N ARG SF 35 -121.84 -17.85 -11.13
CA ARG SF 35 -122.73 -16.94 -10.43
C ARG SF 35 -122.30 -15.51 -10.72
N VAL SF 36 -123.21 -14.72 -11.30
CA VAL SF 36 -122.91 -13.36 -11.72
C VAL SF 36 -123.91 -12.42 -11.05
N LYS SF 37 -123.39 -11.36 -10.42
CA LYS SF 37 -124.22 -10.39 -9.70
C LYS SF 37 -124.52 -9.22 -10.64
N VAL SF 38 -125.44 -9.46 -11.56
CA VAL SF 38 -125.85 -8.42 -12.51
C VAL SF 38 -126.67 -7.35 -11.82
N GLY SF 39 -127.69 -7.75 -11.06
CA GLY SF 39 -128.64 -6.84 -10.49
C GLY SF 39 -128.74 -6.94 -8.98
N ILE SF 40 -127.57 -7.02 -8.32
CA ILE SF 40 -127.38 -7.26 -6.89
C ILE SF 40 -128.15 -8.51 -6.47
N ALA SF 41 -128.48 -9.35 -7.45
CA ALA SF 41 -129.04 -10.67 -7.23
C ALA SF 41 -128.18 -11.67 -7.99
N GLU SF 42 -127.89 -12.81 -7.35
CA GLU SF 42 -126.96 -13.78 -7.92
C GLU SF 42 -127.69 -14.64 -8.95
N LEU SF 43 -127.70 -14.15 -10.18
CA LEU SF 43 -128.25 -14.93 -11.28
C LEU SF 43 -127.31 -16.06 -11.66
N ASN SF 44 -127.88 -17.19 -12.04
CA ASN SF 44 -127.10 -18.38 -12.39
C ASN SF 44 -127.13 -18.59 -13.90
N ASN SF 45 -126.15 -17.97 -14.57
CA ASN SF 45 -126.04 -18.11 -16.02
C ASN SF 45 -125.47 -19.48 -16.38
N VAL SF 46 -125.79 -19.93 -17.59
CA VAL SF 46 -125.31 -21.21 -18.11
C VAL SF 46 -124.72 -20.97 -19.49
N SER SF 47 -123.48 -21.39 -19.68
CA SER SF 47 -122.76 -21.23 -20.95
C SER SF 47 -122.64 -22.61 -21.59
N GLY SF 48 -123.65 -22.98 -22.37
CA GLY SF 48 -123.69 -24.28 -23.02
C GLY SF 48 -123.04 -24.23 -24.39
N GLN SF 49 -122.06 -25.11 -24.60
CA GLN SF 49 -121.33 -25.20 -25.85
C GLN SF 49 -121.69 -26.52 -26.53
N TYR SF 50 -122.17 -26.43 -27.78
CA TYR SF 50 -122.55 -27.59 -28.57
C TYR SF 50 -121.70 -27.63 -29.83
N VAL SF 51 -121.04 -28.75 -30.07
CA VAL SF 51 -120.14 -28.91 -31.21
C VAL SF 51 -120.55 -30.13 -32.01
N SER SF 52 -120.72 -29.95 -33.31
CA SER SF 52 -120.98 -31.04 -34.24
C SER SF 52 -119.82 -31.15 -35.22
N VAL SF 53 -119.23 -32.34 -35.32
CA VAL SF 53 -118.07 -32.58 -36.15
C VAL SF 53 -118.37 -33.76 -37.08
N TYR SF 54 -118.16 -33.55 -38.38
CA TYR SF 54 -118.30 -34.60 -39.37
C TYR SF 54 -117.11 -34.55 -40.32
N LYS SF 55 -116.39 -35.66 -40.40
CA LYS SF 55 -115.24 -35.78 -41.29
C LYS SF 55 -115.73 -36.35 -42.62
N ARG SF 56 -115.88 -35.49 -43.62
CA ARG SF 56 -116.46 -35.88 -44.90
C ARG SF 56 -115.36 -35.98 -45.95
N PRO SF 57 -115.26 -37.08 -46.68
CA PRO SF 57 -114.22 -37.18 -47.72
C PRO SF 57 -114.60 -36.40 -48.96
N ALA SF 58 -113.74 -35.47 -49.35
CA ALA SF 58 -114.01 -34.58 -50.48
C ALA SF 58 -112.83 -34.49 -51.45
N PRO SF 59 -112.46 -35.59 -52.10
CA PRO SF 59 -111.66 -35.44 -53.33
C PRO SF 59 -112.44 -34.78 -54.43
N LYS SF 60 -113.76 -34.94 -54.40
CA LYS SF 60 -114.72 -34.42 -55.37
C LYS SF 60 -114.33 -34.78 -56.80
N PRO SF 61 -114.25 -36.07 -57.14
CA PRO SF 61 -113.94 -36.45 -58.52
C PRO SF 61 -115.16 -36.21 -59.41
N GLU SF 62 -115.09 -35.17 -60.23
CA GLU SF 62 -116.23 -34.75 -61.02
C GLU SF 62 -116.46 -35.69 -62.19
N GLY SF 63 -117.51 -36.49 -62.06
CA GLY SF 63 -117.95 -37.36 -63.15
C GLY SF 63 -117.60 -38.84 -63.09
N CYS SF 64 -116.54 -39.20 -62.37
CA CYS SF 64 -116.12 -40.59 -62.38
C CYS SF 64 -115.75 -41.05 -60.98
N ALA SF 65 -116.21 -42.25 -60.64
CA ALA SF 65 -115.77 -42.99 -59.47
C ALA SF 65 -115.69 -44.46 -59.85
N ASP SF 66 -114.54 -45.07 -59.62
CA ASP SF 66 -114.33 -46.38 -60.24
C ASP SF 66 -114.18 -47.53 -59.25
N ALA SF 67 -113.32 -47.40 -58.25
CA ALA SF 67 -112.99 -48.53 -57.39
C ALA SF 67 -112.71 -48.02 -55.98
N CYS SF 68 -112.13 -48.90 -55.16
CA CYS SF 68 -111.81 -48.58 -53.78
C CYS SF 68 -110.55 -47.72 -53.74
N VAL SF 69 -110.74 -46.39 -53.69
CA VAL SF 69 -109.65 -45.43 -53.57
C VAL SF 69 -109.71 -44.86 -52.17
N ILE SF 70 -108.55 -44.74 -51.52
CA ILE SF 70 -108.47 -44.16 -50.18
C ILE SF 70 -109.17 -42.81 -50.15
N MET SF 71 -109.96 -42.59 -49.11
CA MET SF 71 -110.74 -41.37 -49.02
C MET SF 71 -109.98 -40.35 -48.16
N PRO SF 72 -109.44 -39.28 -48.75
CA PRO SF 72 -108.90 -38.21 -47.90
C PRO SF 72 -110.03 -37.41 -47.28
N ASN SF 73 -109.85 -36.96 -46.04
CA ASN SF 73 -110.93 -36.41 -45.24
C ASN SF 73 -110.70 -34.94 -44.94
N GLU SF 74 -111.80 -34.18 -44.92
CA GLU SF 74 -111.83 -32.83 -44.40
C GLU SF 74 -112.84 -32.76 -43.26
N ASN SF 75 -112.64 -31.80 -42.36
CA ASN SF 75 -113.44 -31.70 -41.15
C ASN SF 75 -114.48 -30.58 -41.31
N GLN SF 76 -115.74 -30.92 -41.08
CA GLN SF 76 -116.83 -29.96 -41.07
C GLN SF 76 -117.29 -29.78 -39.63
N SER SF 77 -117.25 -28.55 -39.13
CA SER SF 77 -117.55 -28.26 -37.74
C SER SF 77 -118.62 -27.18 -37.63
N ILE SF 78 -119.59 -27.42 -36.76
CA ILE SF 78 -120.60 -26.43 -36.40
C ILE SF 78 -120.60 -26.33 -34.88
N ARG SF 79 -120.27 -25.15 -34.35
CA ARG SF 79 -120.14 -24.94 -32.92
C ARG SF 79 -121.05 -23.80 -32.50
N THR SF 80 -121.86 -24.05 -31.47
CA THR SF 80 -122.81 -23.07 -30.95
C THR SF 80 -122.65 -22.95 -29.44
N VAL SF 81 -122.57 -21.72 -28.96
CA VAL SF 81 -122.51 -21.44 -27.53
C VAL SF 81 -123.69 -20.53 -27.18
N ILE SF 82 -124.40 -20.88 -26.12
CA ILE SF 82 -125.55 -20.12 -25.65
C ILE SF 82 -125.29 -19.74 -24.20
N SER SF 83 -125.31 -18.43 -23.93
CA SER SF 83 -125.03 -17.91 -22.60
C SER SF 83 -126.18 -17.02 -22.15
N GLY SF 84 -126.66 -17.25 -20.94
CA GLY SF 84 -127.74 -16.47 -20.39
C GLY SF 84 -128.21 -16.95 -19.03
N SER SF 85 -128.87 -16.08 -18.28
CA SER SF 85 -129.35 -16.46 -16.96
C SER SF 85 -130.47 -17.50 -17.07
N ALA SF 86 -130.49 -18.42 -16.11
CA ALA SF 86 -131.49 -19.49 -16.13
C ALA SF 86 -132.88 -18.93 -15.86
N GLU SF 87 -132.96 -17.79 -15.17
CA GLU SF 87 -134.26 -17.23 -14.83
C GLU SF 87 -134.96 -16.62 -16.03
N ASN SF 88 -134.25 -16.48 -17.15
CA ASN SF 88 -134.80 -15.94 -18.39
C ASN SF 88 -134.76 -17.00 -19.49
N LEU SF 89 -135.17 -18.23 -19.15
CA LEU SF 89 -135.04 -19.34 -20.10
C LEU SF 89 -135.98 -19.18 -21.28
N ALA SF 90 -137.19 -18.67 -21.06
CA ALA SF 90 -138.13 -18.47 -22.16
C ALA SF 90 -137.59 -17.44 -23.14
N THR SF 91 -137.04 -16.35 -22.61
CA THR SF 91 -136.41 -15.34 -23.47
C THR SF 91 -135.21 -15.92 -24.21
N LEU SF 92 -134.41 -16.75 -23.55
CA LEU SF 92 -133.27 -17.37 -24.21
C LEU SF 92 -133.72 -18.28 -25.35
N LYS SF 93 -134.81 -19.01 -25.14
CA LYS SF 93 -135.34 -19.86 -26.20
C LYS SF 93 -135.86 -19.04 -27.37
N ALA SF 94 -136.52 -17.92 -27.09
CA ALA SF 94 -136.96 -17.03 -28.17
C ALA SF 94 -135.75 -16.47 -28.93
N GLU SF 95 -134.69 -16.11 -28.20
CA GLU SF 95 -133.47 -15.65 -28.84
C GLU SF 95 -132.87 -16.74 -29.73
N TRP SF 96 -132.91 -17.98 -29.25
CA TRP SF 96 -132.40 -19.10 -30.05
C TRP SF 96 -133.20 -19.26 -31.34
N GLU SF 97 -134.52 -19.15 -31.25
CA GLU SF 97 -135.35 -19.26 -32.45
C GLU SF 97 -135.04 -18.13 -33.43
N THR SF 98 -134.92 -16.91 -32.93
CA THR SF 98 -134.59 -15.79 -33.82
C THR SF 98 -133.20 -15.95 -34.44
N HIS SF 99 -132.25 -16.47 -33.67
CA HIS SF 99 -130.91 -16.71 -34.18
C HIS SF 99 -130.94 -17.77 -35.28
N LYS SF 100 -131.70 -18.83 -35.08
CA LYS SF 100 -131.86 -19.85 -36.12
C LYS SF 100 -132.45 -19.24 -37.38
N ARG SF 101 -133.47 -18.40 -37.24
CA ARG SF 101 -134.09 -17.78 -38.40
C ARG SF 101 -133.10 -16.90 -39.15
N ASN SF 102 -132.34 -16.08 -38.43
CA ASN SF 102 -131.38 -15.18 -39.08
C ASN SF 102 -130.26 -15.95 -39.76
N VAL SF 103 -129.73 -16.98 -39.10
CA VAL SF 103 -128.66 -17.77 -39.70
C VAL SF 103 -129.17 -18.51 -40.92
N ASP SF 104 -130.41 -18.99 -40.88
CA ASP SF 104 -131.00 -19.61 -42.07
C ASP SF 104 -131.12 -18.60 -43.20
N THR SF 105 -131.57 -17.38 -42.89
CA THR SF 105 -131.72 -16.36 -43.92
C THR SF 105 -130.38 -16.05 -44.58
N LEU SF 106 -129.31 -15.96 -43.78
CA LEU SF 106 -128.00 -15.65 -44.35
C LEU SF 106 -127.36 -16.85 -45.05
N PHE SF 107 -127.63 -18.06 -44.58
CA PHE SF 107 -126.85 -19.23 -44.98
C PHE SF 107 -127.60 -20.17 -45.91
N ALA SF 108 -128.77 -20.65 -45.48
CA ALA SF 108 -129.49 -21.65 -46.27
C ALA SF 108 -130.08 -21.04 -47.54
N SER SF 109 -130.72 -19.88 -47.41
CA SER SF 109 -131.30 -19.19 -48.55
C SER SF 109 -130.35 -18.20 -49.19
N GLY SF 110 -129.15 -18.01 -48.63
CA GLY SF 110 -128.18 -17.10 -49.17
C GLY SF 110 -126.94 -17.81 -49.70
N ASN SF 111 -125.88 -17.04 -49.89
CA ASN SF 111 -124.62 -17.54 -50.39
C ASN SF 111 -123.48 -17.34 -49.40
N ALA SF 112 -123.79 -17.28 -48.10
CA ALA SF 112 -122.76 -17.11 -47.09
C ALA SF 112 -121.82 -18.30 -47.02
N GLY SF 113 -122.30 -19.48 -47.43
CA GLY SF 113 -121.45 -20.66 -47.41
C GLY SF 113 -120.35 -20.61 -48.45
N LEU SF 114 -120.55 -19.82 -49.50
CA LEU SF 114 -119.55 -19.67 -50.55
C LEU SF 114 -118.65 -18.47 -50.28
N GLY SF 115 -118.84 -17.84 -49.12
CA GLY SF 115 -118.04 -16.68 -48.77
C GLY SF 115 -118.59 -15.38 -49.32
N PHE SF 116 -119.87 -15.11 -49.10
CA PHE SF 116 -120.52 -13.90 -49.58
C PHE SF 116 -121.33 -13.27 -48.46
N LEU SF 117 -121.47 -11.94 -48.51
CA LEU SF 117 -122.30 -11.20 -47.58
C LEU SF 117 -123.36 -10.43 -48.36
N ASP SF 118 -124.60 -10.49 -47.89
CA ASP SF 118 -125.70 -9.78 -48.54
C ASP SF 118 -126.18 -8.69 -47.59
N PRO SF 119 -125.84 -7.42 -47.83
CA PRO SF 119 -126.33 -6.35 -46.94
C PRO SF 119 -127.84 -6.18 -46.97
N THR SF 120 -128.53 -6.67 -48.00
CA THR SF 120 -129.96 -6.52 -48.13
C THR SF 120 -130.75 -7.67 -47.52
N ALA SF 121 -130.08 -8.56 -46.78
CA ALA SF 121 -130.77 -9.69 -46.18
C ALA SF 121 -131.77 -9.22 -45.13
N ALA SF 122 -132.89 -9.93 -45.03
CA ALA SF 122 -133.97 -9.57 -44.12
C ALA SF 122 -133.70 -10.19 -42.75
N ILE SF 123 -132.93 -9.48 -41.95
CA ILE SF 123 -132.62 -9.89 -40.58
C ILE SF 123 -133.66 -9.27 -39.66
N VAL SF 124 -134.17 -10.07 -38.73
CA VAL SF 124 -135.24 -9.64 -37.83
C VAL SF 124 -134.79 -9.84 -36.38
N SER SF 125 -135.40 -9.08 -35.49
CA SER SF 125 -135.11 -9.19 -34.06
C SER SF 125 -136.11 -10.12 -33.38
N SER SF 126 -135.84 -10.43 -32.12
CA SER SF 126 -136.72 -11.30 -31.36
C SER SF 126 -138.00 -10.59 -30.92
N ASP SF 127 -137.95 -9.27 -30.74
CA ASP SF 127 -139.13 -8.54 -30.32
C ASP SF 127 -140.16 -8.48 -31.44
N THR SF 128 -141.43 -8.42 -31.05
CA THR SF 128 -142.53 -8.36 -31.99
C THR SF 128 -143.19 -6.99 -31.95
N THR SF 129 -143.96 -6.70 -32.99
CA THR SF 129 -144.66 -5.42 -33.09
C THR SF 129 -146.08 -5.53 -32.55
N ALA TF 1 -146.59 -31.19 -0.75
CA ALA TF 1 -145.88 -31.57 -1.96
C ALA TF 1 -144.63 -30.73 -2.13
N ASN TF 2 -143.52 -31.20 -1.56
CA ASN TF 2 -142.25 -30.49 -1.65
C ASN TF 2 -141.70 -30.59 -3.06
N LYS TF 3 -141.01 -29.54 -3.49
CA LYS TF 3 -140.43 -29.54 -4.83
C LYS TF 3 -139.19 -30.44 -4.86
N PRO TF 4 -139.14 -31.41 -5.77
CA PRO TF 4 -137.96 -32.29 -5.83
C PRO TF 4 -136.80 -31.64 -6.54
N MET TF 5 -135.61 -32.21 -6.33
CA MET TF 5 -134.39 -31.74 -6.97
C MET TF 5 -133.79 -32.84 -7.82
N GLN TF 6 -133.06 -32.44 -8.85
CA GLN TF 6 -132.35 -33.34 -9.74
C GLN TF 6 -130.85 -33.11 -9.63
N PRO TF 7 -130.04 -34.15 -9.79
CA PRO TF 7 -128.57 -33.96 -9.71
C PRO TF 7 -128.08 -33.06 -10.82
N ILE TF 8 -127.12 -32.21 -10.48
CA ILE TF 8 -126.53 -31.26 -11.42
C ILE TF 8 -125.05 -31.56 -11.67
N THR TF 9 -124.32 -31.90 -10.62
CA THR TF 9 -122.97 -32.42 -10.72
C THR TF 9 -122.90 -33.78 -10.03
N SER TF 10 -122.43 -34.79 -10.76
CA SER TF 10 -122.52 -36.15 -10.28
C SER TF 10 -121.14 -36.79 -10.25
N THR TF 11 -120.73 -37.23 -9.06
CA THR TF 11 -119.55 -38.05 -8.87
C THR TF 11 -119.83 -39.02 -7.74
N ALA TF 12 -119.27 -40.23 -7.86
CA ALA TF 12 -119.51 -41.24 -6.81
C ALA TF 12 -118.97 -40.76 -5.47
N ASN TF 13 -117.97 -39.89 -5.48
CA ASN TF 13 -117.49 -39.30 -4.24
C ASN TF 13 -118.41 -38.18 -3.75
N LYS TF 14 -119.08 -37.47 -4.65
CA LYS TF 14 -119.87 -36.29 -4.27
C LYS TF 14 -120.96 -36.05 -5.30
N ILE TF 15 -122.19 -35.95 -4.84
CA ILE TF 15 -123.33 -35.62 -5.68
C ILE TF 15 -124.07 -34.44 -5.06
N VAL TF 16 -124.39 -33.44 -5.88
CA VAL TF 16 -125.10 -32.24 -5.45
C VAL TF 16 -126.43 -32.17 -6.17
N TRP TF 17 -127.50 -31.90 -5.42
CA TRP TF 17 -128.83 -31.75 -5.95
C TRP TF 17 -129.22 -30.28 -6.00
N SER TF 18 -130.00 -29.91 -7.01
CA SER TF 18 -130.38 -28.52 -7.19
C SER TF 18 -131.83 -28.44 -7.68
N ASP TF 19 -132.52 -27.41 -7.24
CA ASP TF 19 -133.90 -27.18 -7.64
C ASP TF 19 -133.92 -26.48 -8.99
N PRO TF 20 -134.60 -27.03 -10.01
CA PRO TF 20 -134.65 -26.35 -11.31
C PRO TF 20 -135.23 -24.95 -11.26
N THR TF 21 -136.17 -24.68 -10.34
CA THR TF 21 -136.77 -23.36 -10.24
C THR TF 21 -135.97 -22.41 -9.37
N ARG TF 22 -135.17 -22.91 -8.43
CA ARG TF 22 -134.33 -22.06 -7.58
C ARG TF 22 -132.95 -22.72 -7.53
N LEU TF 23 -132.05 -22.29 -8.40
CA LEU TF 23 -130.72 -22.88 -8.46
C LEU TF 23 -129.88 -22.54 -7.24
N SER TF 24 -130.28 -21.55 -6.46
CA SER TF 24 -129.55 -21.22 -5.23
C SER TF 24 -129.73 -22.28 -4.15
N THR TF 25 -130.73 -23.14 -4.27
CA THR TF 25 -130.97 -24.22 -3.31
C THR TF 25 -130.16 -25.43 -3.73
N THR TF 26 -129.29 -25.91 -2.84
CA THR TF 26 -128.42 -27.04 -3.12
C THR TF 26 -128.43 -28.01 -1.95
N PHE TF 27 -128.16 -29.27 -2.25
CA PHE TF 27 -128.00 -30.33 -1.26
C PHE TF 27 -126.87 -31.25 -1.70
N SER TF 28 -125.83 -31.36 -0.90
CA SER TF 28 -124.62 -32.08 -1.26
C SER TF 28 -124.41 -33.26 -0.31
N ALA TF 29 -123.92 -34.36 -0.88
CA ALA TF 29 -123.56 -35.54 -0.11
C ALA TF 29 -122.20 -36.04 -0.59
N SER TF 30 -121.23 -36.08 0.31
CA SER TF 30 -119.89 -36.53 -0.01
C SER TF 30 -119.49 -37.62 0.99
N LEU TF 31 -119.06 -38.76 0.47
CA LEU TF 31 -118.63 -39.88 1.29
C LEU TF 31 -117.14 -40.12 1.11
N LEU TF 32 -116.40 -40.16 2.21
CA LEU TF 32 -114.99 -40.50 2.21
C LEU TF 32 -114.80 -41.78 3.01
N ARG TF 33 -114.23 -42.80 2.36
CA ARG TF 33 -114.07 -44.11 2.96
C ARG TF 33 -112.59 -44.42 3.15
N GLN TF 34 -112.25 -44.96 4.32
CA GLN TF 34 -110.88 -45.30 4.67
C GLN TF 34 -110.90 -46.54 5.55
N ARG TF 35 -109.88 -47.38 5.38
CA ARG TF 35 -109.76 -48.62 6.14
C ARG TF 35 -108.95 -48.33 7.40
N VAL TF 36 -109.62 -47.75 8.40
CA VAL TF 36 -109.00 -47.48 9.69
C VAL TF 36 -109.23 -48.69 10.58
N LYS TF 37 -108.23 -49.55 10.69
CA LYS TF 37 -108.40 -50.81 11.41
C LYS TF 37 -107.89 -50.68 12.84
N VAL TF 38 -108.71 -51.13 13.78
CA VAL TF 38 -108.31 -51.24 15.18
C VAL TF 38 -107.52 -52.52 15.35
N GLY TF 39 -106.89 -52.70 16.51
CA GLY TF 39 -106.05 -53.85 16.76
C GLY TF 39 -106.73 -55.18 16.49
N ILE TF 40 -106.01 -56.07 15.81
CA ILE TF 40 -106.42 -57.43 15.46
C ILE TF 40 -107.85 -57.47 14.89
N ALA TF 41 -108.24 -56.41 14.20
CA ALA TF 41 -109.56 -56.35 13.59
C ALA TF 41 -109.49 -55.48 12.34
N GLU TF 42 -110.46 -55.68 11.45
CA GLU TF 42 -110.58 -54.93 10.21
C GLU TF 42 -111.91 -54.19 10.21
N LEU TF 43 -111.86 -52.88 9.97
CA LEU TF 43 -113.05 -52.04 9.98
C LEU TF 43 -112.99 -51.06 8.83
N ASN TF 44 -114.11 -50.85 8.17
CA ASN TF 44 -114.23 -49.89 7.08
C ASN TF 44 -114.98 -48.67 7.57
N ASN TF 45 -114.30 -47.52 7.60
CA ASN TF 45 -114.87 -46.28 8.11
C ASN TF 45 -115.39 -45.44 6.95
N VAL TF 46 -116.63 -44.98 7.09
CA VAL TF 46 -117.28 -44.15 6.06
C VAL TF 46 -117.71 -42.85 6.74
N SER TF 47 -117.11 -41.75 6.33
CA SER TF 47 -117.46 -40.44 6.85
C SER TF 47 -118.39 -39.75 5.85
N GLY TF 48 -119.58 -39.38 6.30
CA GLY TF 48 -120.56 -38.78 5.42
C GLY TF 48 -120.86 -37.33 5.72
N GLN TF 49 -120.60 -36.45 4.77
CA GLN TF 49 -120.83 -35.02 4.91
C GLN TF 49 -122.03 -34.62 4.07
N TYR TF 50 -123.04 -34.04 4.71
CA TYR TF 50 -124.27 -33.62 4.05
C TYR TF 50 -124.47 -32.13 4.31
N VAL TF 51 -124.58 -31.35 3.24
CA VAL TF 51 -124.68 -29.90 3.31
C VAL TF 51 -125.96 -29.47 2.61
N SER TF 52 -126.76 -28.66 3.29
CA SER TF 52 -127.97 -28.08 2.72
C SER TF 52 -127.86 -26.55 2.77
N VAL TF 53 -128.05 -25.91 1.62
CA VAL TF 53 -127.89 -24.47 1.49
C VAL TF 53 -129.15 -23.87 0.89
N TYR TF 54 -129.66 -22.81 1.51
CA TYR TF 54 -130.79 -22.06 1.00
C TYR TF 54 -130.54 -20.58 1.23
N LYS TF 55 -130.73 -19.78 0.18
CA LYS TF 55 -130.55 -18.33 0.25
C LYS TF 55 -131.93 -17.69 0.32
N ARG TF 56 -132.39 -17.40 1.54
CA ARG TF 56 -133.70 -16.82 1.78
C ARG TF 56 -133.56 -15.32 1.98
N PRO TF 57 -134.46 -14.52 1.41
CA PRO TF 57 -134.37 -13.07 1.58
C PRO TF 57 -134.52 -12.65 3.04
N ALA TF 58 -133.86 -11.55 3.38
CA ALA TF 58 -133.96 -11.01 4.72
C ALA TF 58 -135.39 -10.58 5.01
N PRO TF 59 -135.83 -10.64 6.27
CA PRO TF 59 -137.24 -10.37 6.57
C PRO TF 59 -137.66 -8.94 6.25
N LYS TF 60 -138.81 -8.80 5.61
CA LYS TF 60 -139.39 -7.50 5.29
C LYS TF 60 -139.91 -6.86 6.57
N PRO TF 61 -140.01 -5.52 6.62
CA PRO TF 61 -140.56 -4.86 7.82
C PRO TF 61 -141.97 -5.32 8.13
N GLU TF 62 -142.29 -5.46 9.42
CA GLU TF 62 -143.57 -6.03 9.82
C GLU TF 62 -144.73 -5.16 9.36
N GLY TF 63 -144.62 -3.85 9.51
CA GLY TF 63 -145.68 -2.96 9.10
C GLY TF 63 -145.55 -2.52 7.65
N CYS TF 64 -145.53 -3.48 6.73
CA CYS TF 64 -145.35 -3.19 5.31
C CYS TF 64 -146.39 -3.93 4.49
N ALA TF 65 -146.99 -3.23 3.54
CA ALA TF 65 -147.91 -3.81 2.59
C ALA TF 65 -147.53 -3.55 1.15
N ASP TF 66 -146.29 -3.14 0.88
CA ASP TF 66 -145.87 -2.81 -0.47
C ASP TF 66 -145.86 -4.06 -1.35
N ALA TF 67 -146.17 -3.88 -2.63
CA ALA TF 67 -146.27 -4.99 -3.57
C ALA TF 67 -144.95 -5.72 -3.74
N CYS TF 68 -143.92 -5.04 -4.24
CA CYS TF 68 -142.65 -5.67 -4.56
C CYS TF 68 -141.49 -4.79 -4.11
N VAL TF 69 -140.93 -5.12 -2.95
CA VAL TF 69 -139.64 -4.58 -2.52
C VAL TF 69 -138.78 -5.75 -2.08
N ILE TF 70 -137.61 -5.90 -2.69
CA ILE TF 70 -136.76 -7.08 -2.48
C ILE TF 70 -135.46 -6.62 -1.83
N MET TF 71 -135.08 -7.30 -0.74
CA MET TF 71 -133.84 -7.06 -0.04
C MET TF 71 -132.93 -8.28 -0.18
N PRO TF 72 -131.61 -8.12 -0.08
CA PRO TF 72 -130.70 -9.19 -0.49
C PRO TF 72 -130.82 -10.42 0.39
N ASN TF 73 -130.41 -11.55 -0.18
CA ASN TF 73 -130.54 -12.85 0.43
C ASN TF 73 -129.47 -13.06 1.51
N GLU TF 74 -129.78 -13.94 2.46
CA GLU TF 74 -128.83 -14.34 3.50
C GLU TF 74 -128.54 -15.81 3.33
N ASN TF 75 -127.37 -16.24 3.80
CA ASN TF 75 -126.97 -17.63 3.63
C ASN TF 75 -127.46 -18.46 4.81
N GLN TF 76 -128.24 -19.50 4.52
CA GLN TF 76 -128.70 -20.45 5.53
C GLN TF 76 -128.08 -21.80 5.19
N SER TF 77 -127.22 -22.29 6.07
CA SER TF 77 -126.46 -23.51 5.84
C SER TF 77 -126.67 -24.48 6.99
N ILE TF 78 -126.88 -25.76 6.66
CA ILE TF 78 -126.97 -26.83 7.62
C ILE TF 78 -126.04 -27.94 7.15
N ARG TF 79 -125.05 -28.29 7.95
CA ARG TF 79 -124.02 -29.25 7.60
C ARG TF 79 -123.96 -30.36 8.65
N THR TF 80 -123.99 -31.60 8.19
CA THR TF 80 -123.98 -32.76 9.08
C THR TF 80 -122.91 -33.74 8.64
N VAL TF 81 -122.12 -34.22 9.60
CA VAL TF 81 -121.05 -35.17 9.35
C VAL TF 81 -121.31 -36.40 10.20
N ILE TF 82 -121.33 -37.58 9.56
CA ILE TF 82 -121.54 -38.85 10.23
C ILE TF 82 -120.36 -39.74 9.90
N SER TF 83 -119.68 -40.24 10.94
CA SER TF 83 -118.49 -41.07 10.78
C SER TF 83 -118.64 -42.31 11.65
N GLY TF 84 -118.37 -43.48 11.06
CA GLY TF 84 -118.46 -44.72 11.78
C GLY TF 84 -118.16 -45.93 10.91
N SER TF 85 -117.96 -47.08 11.55
CA SER TF 85 -117.66 -48.30 10.80
C SER TF 85 -118.92 -48.84 10.13
N ALA TF 86 -118.72 -49.56 9.02
CA ALA TF 86 -119.85 -50.14 8.31
C ALA TF 86 -120.48 -51.29 9.09
N GLU TF 87 -119.68 -51.95 9.94
CA GLU TF 87 -120.19 -53.09 10.69
C GLU TF 87 -121.24 -52.66 11.71
N ASN TF 88 -121.13 -51.43 12.21
CA ASN TF 88 -122.03 -50.90 13.23
C ASN TF 88 -123.11 -50.00 12.66
N LEU TF 89 -123.65 -50.35 11.48
CA LEU TF 89 -124.58 -49.45 10.80
C LEU TF 89 -125.87 -49.28 11.60
N ALA TF 90 -126.39 -50.36 12.18
CA ALA TF 90 -127.65 -50.27 12.92
C ALA TF 90 -127.50 -49.38 14.15
N THR TF 91 -126.40 -49.55 14.89
CA THR TF 91 -126.15 -48.70 16.04
C THR TF 91 -125.89 -47.26 15.62
N LEU TF 92 -125.25 -47.05 14.48
CA LEU TF 92 -125.07 -45.70 13.98
C LEU TF 92 -126.40 -45.05 13.63
N LYS TF 93 -127.33 -45.83 13.07
CA LYS TF 93 -128.67 -45.32 12.80
C LYS TF 93 -129.40 -44.95 14.08
N ALA TF 94 -129.27 -45.79 15.11
CA ALA TF 94 -129.86 -45.47 16.41
C ALA TF 94 -129.26 -44.19 16.98
N GLU TF 95 -127.95 -44.03 16.86
CA GLU TF 95 -127.29 -42.82 17.30
C GLU TF 95 -127.80 -41.62 16.52
N TRP TF 96 -128.04 -41.79 15.21
CA TRP TF 96 -128.57 -40.71 14.40
C TRP TF 96 -129.96 -40.29 14.86
N GLU TF 97 -130.80 -41.27 15.20
CA GLU TF 97 -132.13 -40.94 15.72
C GLU TF 97 -132.05 -40.20 17.05
N THR TF 98 -131.18 -40.66 17.95
CA THR TF 98 -131.02 -39.98 19.23
C THR TF 98 -130.47 -38.56 19.05
N HIS TF 99 -129.53 -38.40 18.12
CA HIS TF 99 -129.00 -37.07 17.81
C HIS TF 99 -130.09 -36.17 17.25
N LYS TF 100 -130.94 -36.71 16.39
CA LYS TF 100 -132.09 -35.95 15.91
C LYS TF 100 -132.95 -35.47 17.07
N ARG TF 101 -133.26 -36.36 18.00
CA ARG TF 101 -134.12 -35.99 19.12
C ARG TF 101 -133.48 -34.91 19.97
N ASN TF 102 -132.17 -35.03 20.25
CA ASN TF 102 -131.49 -34.05 21.08
C ASN TF 102 -131.42 -32.70 20.39
N VAL TF 103 -131.04 -32.67 19.11
CA VAL TF 103 -130.97 -31.40 18.39
C VAL TF 103 -132.35 -30.78 18.29
N ASP TF 104 -133.38 -31.62 18.13
CA ASP TF 104 -134.74 -31.10 18.08
C ASP TF 104 -135.13 -30.43 19.39
N THR TF 105 -134.87 -31.09 20.52
CA THR TF 105 -135.27 -30.52 21.80
C THR TF 105 -134.47 -29.26 22.12
N LEU TF 106 -133.23 -29.17 21.63
CA LEU TF 106 -132.46 -27.94 21.84
C LEU TF 106 -132.89 -26.81 20.91
N PHE TF 107 -133.20 -27.11 19.64
CA PHE TF 107 -133.35 -26.13 18.59
C PHE TF 107 -134.81 -25.83 18.25
N ALA TF 108 -135.56 -26.86 17.86
CA ALA TF 108 -136.92 -26.65 17.37
C ALA TF 108 -137.85 -26.19 18.50
N SER TF 109 -137.74 -26.83 19.66
CA SER TF 109 -138.57 -26.48 20.80
C SER TF 109 -137.87 -25.59 21.80
N GLY TF 110 -136.62 -25.20 21.55
CA GLY TF 110 -135.86 -24.35 22.45
C GLY TF 110 -135.56 -22.99 21.83
N ASN TF 111 -134.54 -22.34 22.42
CA ASN TF 111 -134.09 -21.03 21.97
C ASN TF 111 -132.64 -21.04 21.49
N ALA TF 112 -132.13 -22.22 21.11
CA ALA TF 112 -130.76 -22.30 20.60
C ALA TF 112 -130.61 -21.49 19.32
N GLY TF 113 -131.63 -21.47 18.47
CA GLY TF 113 -131.59 -20.66 17.27
C GLY TF 113 -131.51 -19.17 17.55
N LEU TF 114 -132.21 -18.69 18.58
CA LEU TF 114 -132.12 -17.30 19.00
C LEU TF 114 -130.84 -17.00 19.77
N GLY TF 115 -130.18 -18.02 20.30
CA GLY TF 115 -128.88 -17.83 20.93
C GLY TF 115 -128.84 -18.08 22.42
N PHE TF 116 -129.78 -18.86 22.96
CA PHE TF 116 -129.83 -19.14 24.40
C PHE TF 116 -129.73 -20.64 24.62
N LEU TF 117 -128.82 -21.05 25.49
CA LEU TF 117 -128.66 -22.44 25.88
C LEU TF 117 -129.32 -22.66 27.25
N ASP TF 118 -130.11 -23.73 27.35
CA ASP TF 118 -130.81 -24.04 28.59
C ASP TF 118 -130.16 -25.25 29.24
N PRO TF 119 -129.45 -25.09 30.36
CA PRO TF 119 -128.89 -26.26 31.05
C PRO TF 119 -129.92 -27.29 31.49
N THR TF 120 -131.19 -26.92 31.54
CA THR TF 120 -132.24 -27.81 32.02
C THR TF 120 -132.91 -28.61 30.90
N ALA TF 121 -132.36 -28.56 29.70
CA ALA TF 121 -132.94 -29.31 28.58
C ALA TF 121 -132.90 -30.81 28.85
N ALA TF 122 -133.93 -31.50 28.41
CA ALA TF 122 -134.07 -32.95 28.64
C ALA TF 122 -133.34 -33.68 27.51
N ILE TF 123 -132.03 -33.82 27.67
CA ILE TF 123 -131.20 -34.55 26.72
C ILE TF 123 -131.17 -36.01 27.13
N VAL TF 124 -131.40 -36.90 26.16
CA VAL TF 124 -131.49 -38.33 26.42
C VAL TF 124 -130.41 -39.06 25.62
N SER TF 125 -130.02 -40.23 26.12
CA SER TF 125 -129.03 -41.06 25.46
C SER TF 125 -129.72 -42.11 24.58
N SER TF 126 -128.92 -42.77 23.74
CA SER TF 126 -129.46 -43.77 22.83
C SER TF 126 -129.85 -45.07 23.53
N ASP TF 127 -129.11 -45.47 24.55
CA ASP TF 127 -129.40 -46.72 25.25
C ASP TF 127 -130.70 -46.61 26.03
N THR TF 128 -131.40 -47.73 26.14
CA THR TF 128 -132.67 -47.81 26.83
C THR TF 128 -132.50 -48.58 28.15
N THR TF 129 -133.39 -48.29 29.09
CA THR TF 129 -133.36 -48.94 30.39
C THR TF 129 -133.98 -50.33 30.33
N ALA UF 1 -130.69 -66.37 -7.29
CA ALA UF 1 -130.72 -64.91 -7.18
C ALA UF 1 -129.41 -64.38 -6.60
N ASN UF 2 -128.53 -63.92 -7.48
CA ASN UF 2 -127.25 -63.38 -7.03
C ASN UF 2 -127.42 -61.99 -6.45
N LYS UF 3 -126.57 -61.65 -5.48
CA LYS UF 3 -126.66 -60.36 -4.83
C LYS UF 3 -126.14 -59.26 -5.75
N PRO UF 4 -126.94 -58.23 -6.05
CA PRO UF 4 -126.45 -57.16 -6.92
C PRO UF 4 -125.48 -56.25 -6.18
N MET UF 5 -124.75 -55.45 -6.95
CA MET UF 5 -123.84 -54.46 -6.41
C MET UF 5 -124.26 -53.06 -6.87
N GLN UF 6 -123.63 -52.04 -6.28
CA GLN UF 6 -123.80 -50.65 -6.61
C GLN UF 6 -122.44 -50.00 -6.85
N PRO UF 7 -122.36 -48.97 -7.68
CA PRO UF 7 -121.06 -48.35 -7.99
C PRO UF 7 -120.50 -47.54 -6.84
N ILE UF 8 -119.26 -47.85 -6.43
CA ILE UF 8 -118.59 -47.06 -5.40
C ILE UF 8 -117.75 -45.94 -6.00
N THR UF 9 -117.22 -46.13 -7.20
CA THR UF 9 -116.42 -45.10 -7.87
C THR UF 9 -116.88 -45.02 -9.31
N SER UF 10 -117.33 -43.84 -9.73
CA SER UF 10 -117.84 -43.63 -11.08
C SER UF 10 -116.98 -42.59 -11.78
N THR UF 11 -116.48 -42.95 -12.96
CA THR UF 11 -115.65 -42.06 -13.77
C THR UF 11 -115.93 -42.36 -15.23
N ALA UF 12 -115.62 -41.38 -16.09
CA ALA UF 12 -115.83 -41.55 -17.52
C ALA UF 12 -114.96 -42.68 -18.09
N ASN UF 13 -113.92 -43.08 -17.36
CA ASN UF 13 -113.02 -44.12 -17.83
C ASN UF 13 -112.94 -45.34 -16.93
N LYS UF 14 -113.62 -45.33 -15.77
CA LYS UF 14 -113.54 -46.46 -14.85
C LYS UF 14 -114.72 -46.41 -13.89
N ILE UF 15 -115.46 -47.51 -13.78
CA ILE UF 15 -116.53 -47.66 -12.82
C ILE UF 15 -116.27 -48.92 -12.00
N VAL UF 16 -116.35 -48.79 -10.68
CA VAL UF 16 -116.06 -49.87 -9.75
C VAL UF 16 -117.32 -50.19 -8.97
N TRP UF 17 -117.70 -51.46 -8.94
CA TRP UF 17 -118.84 -51.94 -8.18
C TRP UF 17 -118.38 -52.59 -6.88
N SER UF 18 -119.31 -52.75 -5.94
CA SER UF 18 -119.02 -53.40 -4.68
C SER UF 18 -120.32 -53.88 -4.04
N ASP UF 19 -120.26 -55.05 -3.41
CA ASP UF 19 -121.43 -55.58 -2.74
C ASP UF 19 -121.64 -54.92 -1.39
N PRO UF 20 -122.85 -54.43 -1.10
CA PRO UF 20 -123.08 -53.81 0.22
C PRO UF 20 -122.82 -54.75 1.39
N THR UF 21 -123.13 -56.04 1.24
CA THR UF 21 -122.92 -56.97 2.34
C THR UF 21 -121.44 -57.22 2.59
N ARG UF 22 -120.68 -57.48 1.53
CA ARG UF 22 -119.24 -57.69 1.63
C ARG UF 22 -118.54 -56.64 0.79
N LEU UF 23 -117.83 -55.72 1.46
CA LEU UF 23 -117.17 -54.63 0.74
C LEU UF 23 -115.86 -55.10 0.12
N SER UF 24 -115.43 -56.31 0.46
CA SER UF 24 -114.16 -56.84 -0.05
C SER UF 24 -114.25 -57.16 -1.53
N THR UF 25 -115.41 -57.63 -1.99
CA THR UF 25 -115.57 -58.04 -3.38
C THR UF 25 -115.92 -56.83 -4.25
N THR UF 26 -115.18 -56.66 -5.34
CA THR UF 26 -115.37 -55.54 -6.25
C THR UF 26 -115.29 -56.04 -7.70
N PHE UF 27 -115.90 -55.26 -8.60
CA PHE UF 27 -115.83 -55.51 -10.02
C PHE UF 27 -115.55 -54.19 -10.73
N SER UF 28 -114.40 -54.12 -11.41
CA SER UF 28 -113.94 -52.88 -12.01
C SER UF 28 -113.80 -53.05 -13.52
N ALA UF 29 -114.26 -52.03 -14.25
CA ALA UF 29 -114.16 -52.00 -15.71
C ALA UF 29 -113.55 -50.67 -16.12
N SER UF 30 -112.49 -50.72 -16.92
CA SER UF 30 -111.80 -49.53 -17.39
C SER UF 30 -111.66 -49.61 -18.90
N LEU UF 31 -111.88 -48.48 -19.57
CA LEU UF 31 -111.80 -48.42 -21.03
C LEU UF 31 -110.76 -47.40 -21.44
N LEU UF 32 -109.91 -47.80 -22.38
CA LEU UF 32 -108.94 -46.92 -23.02
C LEU UF 32 -109.30 -46.80 -24.49
N ARG UF 33 -109.49 -45.57 -24.96
CA ARG UF 33 -109.92 -45.31 -26.32
C ARG UF 33 -108.81 -44.58 -27.08
N GLN UF 34 -108.36 -45.18 -28.18
CA GLN UF 34 -107.28 -44.63 -28.97
C GLN UF 34 -107.59 -44.83 -30.45
N ARG UF 35 -107.04 -43.93 -31.27
CA ARG UF 35 -107.12 -44.09 -32.71
C ARG UF 35 -105.86 -44.76 -33.23
N VAL UF 36 -106.02 -45.87 -33.93
CA VAL UF 36 -104.91 -46.66 -34.45
C VAL UF 36 -104.75 -46.36 -35.94
N LYS UF 37 -103.54 -45.97 -36.33
CA LYS UF 37 -103.22 -45.65 -37.71
C LYS UF 37 -102.83 -46.93 -38.43
N VAL UF 38 -103.75 -47.46 -39.23
CA VAL UF 38 -103.48 -48.60 -40.09
C VAL UF 38 -103.53 -48.12 -41.53
N GLY UF 39 -102.58 -48.61 -42.34
CA GLY UF 39 -102.42 -48.18 -43.71
C GLY UF 39 -103.71 -47.99 -44.46
N ILE UF 40 -103.84 -46.84 -45.14
CA ILE UF 40 -105.03 -46.41 -45.87
C ILE UF 40 -106.30 -46.71 -45.08
N ALA UF 41 -106.27 -46.44 -43.78
CA ALA UF 41 -107.44 -46.65 -42.93
C ALA UF 41 -107.32 -45.76 -41.70
N GLU UF 42 -108.46 -45.49 -41.07
CA GLU UF 42 -108.52 -44.73 -39.83
C GLU UF 42 -109.62 -45.34 -38.96
N LEU UF 43 -109.22 -46.19 -38.01
CA LEU UF 43 -110.15 -46.94 -37.19
C LEU UF 43 -109.82 -46.74 -35.71
N ASN UF 44 -110.83 -46.96 -34.87
CA ASN UF 44 -110.76 -46.63 -33.45
C ASN UF 44 -110.74 -47.91 -32.63
N ASN UF 45 -109.69 -48.06 -31.80
CA ASN UF 45 -109.60 -49.23 -30.93
C ASN UF 45 -110.13 -48.90 -29.55
N VAL UF 46 -110.71 -49.91 -28.90
CA VAL UF 46 -111.22 -49.80 -27.54
C VAL UF 46 -110.69 -50.99 -26.76
N SER UF 47 -109.96 -50.71 -25.68
CA SER UF 47 -109.39 -51.74 -24.82
C SER UF 47 -110.10 -51.71 -23.48
N GLY UF 48 -110.70 -52.84 -23.10
CA GLY UF 48 -111.43 -52.90 -21.85
C GLY UF 48 -110.84 -53.88 -20.86
N GLN UF 49 -110.51 -53.40 -19.67
CA GLN UF 49 -109.91 -54.21 -18.62
C GLN UF 49 -110.96 -54.45 -17.54
N TYR UF 50 -111.39 -55.70 -17.41
CA TYR UF 50 -112.41 -56.08 -16.44
C TYR UF 50 -111.75 -56.92 -15.36
N VAL UF 51 -111.87 -56.50 -14.11
CA VAL UF 51 -111.21 -57.14 -12.98
C VAL UF 51 -112.26 -57.52 -11.95
N SER UF 52 -112.25 -58.78 -11.52
CA SER UF 52 -113.10 -59.28 -10.45
C SER UF 52 -112.22 -59.82 -9.33
N VAL UF 53 -112.47 -59.36 -8.11
CA VAL UF 53 -111.71 -59.80 -6.94
C VAL UF 53 -112.67 -60.32 -5.89
N TYR UF 54 -112.20 -61.26 -5.09
CA TYR UF 54 -112.96 -61.81 -3.96
C TYR UF 54 -112.00 -62.23 -2.88
N LYS UF 55 -112.28 -61.83 -1.65
CA LYS UF 55 -111.40 -62.12 -0.52
C LYS UF 55 -111.93 -63.34 0.23
N ARG UF 56 -111.78 -64.49 -0.42
CA ARG UF 56 -112.31 -65.73 0.10
C ARG UF 56 -111.51 -66.20 1.32
N PRO UF 57 -112.17 -66.68 2.37
CA PRO UF 57 -111.45 -67.22 3.52
C PRO UF 57 -110.66 -68.46 3.17
N ALA UF 58 -109.54 -68.65 3.89
CA ALA UF 58 -108.74 -69.84 3.74
C ALA UF 58 -109.53 -71.05 4.22
N PRO UF 59 -109.25 -72.25 3.71
CA PRO UF 59 -110.08 -73.41 4.10
C PRO UF 59 -109.85 -73.78 5.56
N LYS UF 60 -110.96 -74.08 6.24
CA LYS UF 60 -110.92 -74.41 7.65
C LYS UF 60 -110.20 -75.74 7.87
N PRO UF 61 -109.47 -75.88 8.99
CA PRO UF 61 -108.85 -77.18 9.29
C PRO UF 61 -109.89 -78.28 9.47
N GLU UF 62 -109.50 -79.51 9.17
CA GLU UF 62 -110.42 -80.63 9.07
C GLU UF 62 -110.68 -81.21 10.45
N GLY UF 63 -111.92 -81.60 10.70
CA GLY UF 63 -112.29 -82.34 11.89
C GLY UF 63 -112.51 -81.51 13.13
N CYS UF 64 -112.31 -80.20 13.07
CA CYS UF 64 -112.47 -79.32 14.23
C CYS UF 64 -113.26 -78.09 13.82
N ALA UF 65 -114.28 -77.76 14.59
CA ALA UF 65 -115.08 -76.55 14.38
C ALA UF 65 -114.80 -75.58 15.53
N ASP UF 66 -114.07 -74.51 15.22
CA ASP UF 66 -113.75 -73.51 16.24
C ASP UF 66 -115.02 -72.81 16.72
N ALA UF 67 -114.84 -71.97 17.74
CA ALA UF 67 -115.98 -71.24 18.30
C ALA UF 67 -116.67 -70.40 17.22
N CYS UF 68 -115.89 -69.66 16.44
CA CYS UF 68 -116.41 -68.98 15.26
C CYS UF 68 -115.25 -68.75 14.29
N VAL UF 69 -115.59 -68.28 13.08
CA VAL UF 69 -114.61 -68.21 12.01
C VAL UF 69 -113.50 -67.23 12.36
N ILE UF 70 -112.25 -67.68 12.20
CA ILE UF 70 -111.07 -66.87 12.48
C ILE UF 70 -110.08 -67.00 11.32
N MET UF 71 -110.55 -67.48 10.18
CA MET UF 71 -109.65 -67.86 9.09
C MET UF 71 -109.00 -66.63 8.47
N PRO UF 72 -107.71 -66.68 8.14
CA PRO UF 72 -107.05 -65.55 7.48
C PRO UF 72 -107.27 -65.55 5.98
N ASN UF 73 -108.36 -64.92 5.54
CA ASN UF 73 -108.78 -64.93 4.13
C ASN UF 73 -107.68 -64.61 3.13
N GLU UF 74 -107.84 -65.12 1.91
CA GLU UF 74 -106.86 -64.96 0.83
C GLU UF 74 -107.46 -64.12 -0.29
N ASN UF 75 -106.69 -63.99 -1.37
CA ASN UF 75 -107.09 -63.15 -2.50
C ASN UF 75 -107.41 -64.03 -3.70
N GLN UF 76 -108.60 -63.86 -4.26
CA GLN UF 76 -108.98 -64.52 -5.51
C GLN UF 76 -109.34 -63.44 -6.52
N SER UF 77 -108.51 -63.28 -7.54
CA SER UF 77 -108.71 -62.26 -8.56
C SER UF 77 -108.57 -62.87 -9.94
N ILE UF 78 -109.52 -62.56 -10.82
CA ILE UF 78 -109.47 -62.97 -12.21
C ILE UF 78 -109.70 -61.74 -13.08
N ARG UF 79 -108.83 -61.55 -14.07
CA ARG UF 79 -108.76 -60.32 -14.85
C ARG UF 79 -108.88 -60.65 -16.33
N THR UF 80 -109.65 -59.84 -17.05
CA THR UF 80 -109.87 -60.02 -18.48
C THR UF 80 -109.65 -58.71 -19.21
N VAL UF 81 -108.95 -58.77 -20.34
CA VAL UF 81 -108.69 -57.61 -21.18
C VAL UF 81 -109.16 -57.93 -22.59
N ILE UF 82 -110.03 -57.08 -23.13
CA ILE UF 82 -110.56 -57.24 -24.48
C ILE UF 82 -110.13 -56.04 -25.29
N SER UF 83 -109.43 -56.28 -26.39
CA SER UF 83 -108.92 -55.22 -27.26
C SER UF 83 -109.37 -55.49 -28.68
N GLY UF 84 -109.81 -54.44 -29.36
CA GLY UF 84 -110.25 -54.57 -30.74
C GLY UF 84 -110.84 -53.28 -31.24
N SER UF 85 -111.14 -53.27 -32.54
CA SER UF 85 -111.71 -52.09 -33.16
C SER UF 85 -113.23 -52.12 -33.07
N ALA UF 86 -113.84 -50.94 -32.97
CA ALA UF 86 -115.29 -50.86 -32.89
C ALA UF 86 -115.95 -51.21 -34.21
N GLU UF 87 -115.22 -51.08 -35.32
CA GLU UF 87 -115.78 -51.43 -36.63
C GLU UF 87 -116.08 -52.91 -36.72
N ASN UF 88 -115.29 -53.73 -36.02
CA ASN UF 88 -115.45 -55.18 -36.00
C ASN UF 88 -116.06 -55.69 -34.70
N LEU UF 89 -117.06 -54.99 -34.18
CA LEU UF 89 -117.61 -55.34 -32.87
C LEU UF 89 -118.25 -56.72 -32.86
N ALA UF 90 -118.98 -57.07 -33.93
CA ALA UF 90 -119.60 -58.39 -34.00
C ALA UF 90 -118.54 -59.49 -34.02
N THR UF 91 -117.46 -59.27 -34.78
CA THR UF 91 -116.34 -60.19 -34.79
C THR UF 91 -115.70 -60.31 -33.41
N LEU UF 92 -115.54 -59.18 -32.71
CA LEU UF 92 -114.96 -59.23 -31.37
C LEU UF 92 -115.85 -60.01 -30.41
N LYS UF 93 -117.17 -59.86 -30.55
CA LYS UF 93 -118.09 -60.62 -29.71
C LYS UF 93 -118.00 -62.12 -30.00
N ALA UF 94 -117.89 -62.49 -31.28
CA ALA UF 94 -117.71 -63.90 -31.63
C ALA UF 94 -116.39 -64.44 -31.08
N GLU UF 95 -115.33 -63.63 -31.17
CA GLU UF 95 -114.04 -64.00 -30.59
C GLU UF 95 -114.16 -64.21 -29.09
N TRP UF 96 -114.93 -63.35 -28.42
CA TRP UF 96 -115.12 -63.48 -26.97
C TRP UF 96 -115.87 -64.76 -26.65
N GLU UF 97 -116.89 -65.10 -27.44
CA GLU UF 97 -117.61 -66.36 -27.22
C GLU UF 97 -116.69 -67.56 -27.38
N THR UF 98 -115.86 -67.56 -28.44
CA THR UF 98 -114.93 -68.67 -28.63
C THR UF 98 -113.90 -68.75 -27.53
N HIS UF 99 -113.43 -67.58 -27.06
CA HIS UF 99 -112.48 -67.54 -25.96
C HIS UF 99 -113.09 -68.10 -24.68
N LYS UF 100 -114.35 -67.75 -24.41
CA LYS UF 100 -115.05 -68.31 -23.26
C LYS UF 100 -115.16 -69.82 -23.38
N ARG UF 101 -115.50 -70.32 -24.57
CA ARG UF 101 -115.62 -71.76 -24.76
C ARG UF 101 -114.29 -72.46 -24.50
N ASN UF 102 -113.19 -71.93 -25.06
CA ASN UF 102 -111.89 -72.56 -24.89
C ASN UF 102 -111.44 -72.51 -23.43
N VAL UF 103 -111.65 -71.38 -22.74
CA VAL UF 103 -111.22 -71.26 -21.37
C VAL UF 103 -112.05 -72.18 -20.47
N ASP UF 104 -113.34 -72.33 -20.78
CA ASP UF 104 -114.16 -73.29 -20.04
C ASP UF 104 -113.67 -74.71 -20.27
N THR UF 105 -113.27 -75.03 -21.51
CA THR UF 105 -112.76 -76.36 -21.80
C THR UF 105 -111.49 -76.64 -21.00
N LEU UF 106 -110.58 -75.68 -20.92
CA LEU UF 106 -109.33 -75.90 -20.20
C LEU UF 106 -109.52 -75.91 -18.68
N PHE UF 107 -110.34 -74.98 -18.18
CA PHE UF 107 -110.44 -74.69 -16.75
C PHE UF 107 -111.72 -75.21 -16.11
N ALA UF 108 -112.87 -74.80 -16.64
CA ALA UF 108 -114.15 -75.16 -16.00
C ALA UF 108 -114.37 -76.67 -16.03
N SER UF 109 -114.10 -77.31 -17.16
CA SER UF 109 -114.25 -78.75 -17.30
C SER UF 109 -112.92 -79.50 -17.25
N GLY UF 110 -111.81 -78.80 -17.19
CA GLY UF 110 -110.50 -79.41 -17.14
C GLY UF 110 -109.83 -79.22 -15.80
N ASN UF 111 -108.57 -79.65 -15.74
CA ASN UF 111 -107.81 -79.58 -14.49
C ASN UF 111 -106.72 -78.52 -14.56
N ALA UF 112 -106.98 -77.44 -15.31
CA ALA UF 112 -106.00 -76.36 -15.39
C ALA UF 112 -105.88 -75.63 -14.05
N GLY UF 113 -106.90 -75.75 -13.20
CA GLY UF 113 -106.86 -75.08 -11.91
C GLY UF 113 -105.77 -75.64 -11.01
N LEU UF 114 -105.54 -76.95 -11.06
CA LEU UF 114 -104.51 -77.54 -10.22
C LEU UF 114 -103.12 -77.38 -10.84
N GLY UF 115 -103.04 -76.94 -12.08
CA GLY UF 115 -101.77 -76.72 -12.73
C GLY UF 115 -101.47 -77.63 -13.90
N PHE UF 116 -102.46 -78.36 -14.42
CA PHE UF 116 -102.21 -79.26 -15.54
C PHE UF 116 -102.71 -78.67 -16.85
N LEU UF 117 -101.82 -78.63 -17.84
CA LEU UF 117 -102.17 -78.18 -19.19
C LEU UF 117 -102.26 -79.41 -20.08
N ASP UF 118 -103.48 -79.82 -20.38
CA ASP UF 118 -103.69 -81.02 -21.17
C ASP UF 118 -103.38 -80.77 -22.63
N PRO UF 119 -102.43 -81.48 -23.24
CA PRO UF 119 -102.12 -81.25 -24.66
C PRO UF 119 -103.16 -81.79 -25.62
N THR UF 120 -104.09 -82.62 -25.15
CA THR UF 120 -105.11 -83.20 -26.01
C THR UF 120 -106.47 -82.53 -25.87
N ALA UF 121 -106.54 -81.36 -25.22
CA ALA UF 121 -107.81 -80.68 -25.04
C ALA UF 121 -108.37 -80.22 -26.39
N ALA UF 122 -109.69 -80.19 -26.47
CA ALA UF 122 -110.39 -79.86 -27.72
C ALA UF 122 -110.53 -78.34 -27.81
N ILE UF 123 -109.42 -77.66 -28.04
CA ILE UF 123 -109.41 -76.22 -28.28
C ILE UF 123 -109.86 -75.99 -29.71
N VAL UF 124 -110.81 -75.06 -29.88
CA VAL UF 124 -111.45 -74.86 -31.18
C VAL UF 124 -111.41 -73.38 -31.52
N SER UF 125 -111.36 -73.08 -32.81
CA SER UF 125 -111.24 -71.71 -33.29
C SER UF 125 -112.62 -71.07 -33.47
N SER UF 126 -112.60 -69.76 -33.73
CA SER UF 126 -113.85 -69.02 -33.91
C SER UF 126 -114.47 -69.26 -35.27
N ASP UF 127 -113.67 -69.53 -36.30
CA ASP UF 127 -114.20 -69.72 -37.64
C ASP UF 127 -115.00 -71.02 -37.71
N THR UF 128 -116.00 -71.02 -38.59
CA THR UF 128 -116.88 -72.17 -38.77
C THR UF 128 -116.67 -72.77 -40.15
N THR UF 129 -116.87 -74.08 -40.24
CA THR UF 129 -116.71 -74.79 -41.50
C THR UF 129 -117.97 -74.64 -42.36
N ALA VF 1 -14.78 -68.80 130.16
CA ALA VF 1 -15.08 -67.39 130.22
C ALA VF 1 -14.58 -66.67 128.97
N ASN VF 2 -15.50 -66.26 128.12
CA ASN VF 2 -15.13 -65.56 126.89
C ASN VF 2 -14.84 -64.09 127.17
N LYS VF 3 -13.93 -63.52 126.41
CA LYS VF 3 -13.51 -62.14 126.63
C LYS VF 3 -14.62 -61.19 126.22
N PRO VF 4 -15.08 -60.31 127.10
CA PRO VF 4 -16.09 -59.32 126.70
C PRO VF 4 -15.58 -58.42 125.58
N MET VF 5 -16.50 -58.05 124.69
CA MET VF 5 -16.18 -57.23 123.53
C MET VF 5 -16.98 -55.94 123.61
N GLN VF 6 -16.29 -54.80 123.45
CA GLN VF 6 -16.91 -53.50 123.68
C GLN VF 6 -17.03 -52.75 122.37
N PRO VF 7 -18.14 -52.05 122.12
CA PRO VF 7 -18.36 -51.46 120.79
C PRO VF 7 -17.42 -50.30 120.51
N ILE VF 8 -17.19 -50.06 119.22
CA ILE VF 8 -16.39 -48.93 118.76
C ILE VF 8 -17.21 -47.89 118.02
N THR VF 9 -18.23 -48.29 117.26
CA THR VF 9 -19.10 -47.37 116.56
C THR VF 9 -20.54 -47.72 116.87
N SER VF 10 -21.29 -46.74 117.37
CA SER VF 10 -22.67 -46.95 117.77
C SER VF 10 -23.58 -46.04 116.96
N THR VF 11 -24.60 -46.64 116.34
CA THR VF 11 -25.57 -45.91 115.53
C THR VF 11 -26.88 -46.67 115.61
N ALA VF 12 -27.98 -45.95 115.33
CA ALA VF 12 -29.30 -46.57 115.37
C ALA VF 12 -29.45 -47.63 114.29
N ASN VF 13 -28.58 -47.60 113.27
CA ASN VF 13 -28.67 -48.53 112.15
C ASN VF 13 -27.52 -49.52 112.09
N LYS VF 14 -26.47 -49.34 112.90
CA LYS VF 14 -25.30 -50.21 112.86
C LYS VF 14 -24.50 -50.05 114.13
N ILE VF 15 -24.09 -51.17 114.72
CA ILE VF 15 -23.19 -51.19 115.87
C ILE VF 15 -22.06 -52.17 115.57
N VAL VF 16 -20.83 -51.75 115.80
CA VAL VF 16 -19.65 -52.57 115.54
C VAL VF 16 -18.94 -52.81 116.87
N TRP VF 17 -18.72 -54.08 117.20
CA TRP VF 17 -18.00 -54.48 118.40
C TRP VF 17 -16.62 -54.99 118.03
N SER VF 18 -15.61 -54.58 118.79
CA SER VF 18 -14.23 -54.99 118.54
C SER VF 18 -13.57 -55.41 119.85
N ASP VF 19 -12.74 -56.45 119.77
CA ASP VF 19 -12.01 -56.91 120.93
C ASP VF 19 -10.93 -55.90 121.29
N PRO VF 20 -10.92 -55.39 122.53
CA PRO VF 20 -9.89 -54.41 122.90
C PRO VF 20 -8.47 -54.93 122.74
N THR VF 21 -8.25 -56.22 123.01
CA THR VF 21 -6.92 -56.79 122.83
C THR VF 21 -6.55 -56.99 121.36
N ARG VF 22 -7.51 -57.36 120.52
CA ARG VF 22 -7.27 -57.50 119.09
C ARG VF 22 -8.39 -56.83 118.31
N LEU VF 23 -8.19 -55.57 117.92
CA LEU VF 23 -9.22 -54.80 117.24
C LEU VF 23 -9.53 -55.36 115.85
N SER VF 24 -8.67 -56.26 115.36
CA SER VF 24 -8.92 -56.91 114.09
C SER VF 24 -10.15 -57.79 114.12
N THR VF 25 -10.55 -58.30 115.28
CA THR VF 25 -11.77 -59.08 115.42
C THR VF 25 -12.96 -58.14 115.56
N THR VF 26 -13.94 -58.27 114.67
CA THR VF 26 -15.09 -57.37 114.64
C THR VF 26 -16.37 -58.16 114.58
N PHE VF 27 -17.45 -57.54 115.05
CA PHE VF 27 -18.80 -58.08 114.99
C PHE VF 27 -19.77 -56.94 114.78
N SER VF 28 -20.44 -56.93 113.63
CA SER VF 28 -21.31 -55.84 113.24
C SER VF 28 -22.73 -56.32 113.02
N ALA VF 29 -23.69 -55.53 113.48
CA ALA VF 29 -25.10 -55.80 113.29
C ALA VF 29 -25.76 -54.60 112.65
N SER VF 30 -26.40 -54.80 111.50
CA SER VF 30 -27.06 -53.73 110.76
C SER VF 30 -28.49 -54.15 110.50
N LEU VF 31 -29.44 -53.27 110.79
CA LEU VF 31 -30.86 -53.52 110.56
C LEU VF 31 -31.38 -52.61 109.46
N LEU VF 32 -32.24 -53.15 108.61
CA LEU VF 32 -32.88 -52.41 107.54
C LEU VF 32 -34.37 -52.67 107.59
N ARG VF 33 -35.16 -51.60 107.60
CA ARG VF 33 -36.60 -51.69 107.81
C ARG VF 33 -37.35 -51.14 106.60
N GLN VF 34 -38.32 -51.91 106.11
CA GLN VF 34 -39.23 -51.47 105.06
C GLN VF 34 -40.65 -51.86 105.43
N ARG VF 35 -41.60 -51.28 104.71
CA ARG VF 35 -43.01 -51.65 104.83
C ARG VF 35 -43.41 -52.41 103.57
N VAL VF 36 -43.95 -53.61 103.75
CA VAL VF 36 -44.30 -54.49 102.64
C VAL VF 36 -45.78 -54.83 102.75
N LYS VF 37 -46.52 -54.65 101.64
CA LYS VF 37 -47.94 -54.89 101.60
C LYS VF 37 -48.19 -56.32 101.14
N VAL VF 38 -48.13 -57.25 102.11
CA VAL VF 38 -48.35 -58.66 101.81
C VAL VF 38 -49.84 -58.99 101.81
N GLY VF 39 -50.52 -58.67 102.90
CA GLY VF 39 -51.91 -59.05 103.08
C GLY VF 39 -52.83 -57.86 103.17
N ILE VF 40 -52.63 -56.90 102.26
CA ILE VF 40 -53.30 -55.60 102.20
C ILE VF 40 -53.20 -54.91 103.56
N ALA VF 41 -52.24 -55.35 104.37
CA ALA VF 41 -51.88 -54.70 105.62
C ALA VF 41 -50.38 -54.45 105.61
N GLU VF 42 -49.97 -53.27 106.06
CA GLU VF 42 -48.57 -52.85 105.97
C GLU VF 42 -47.77 -53.58 107.05
N LEU VF 43 -47.26 -54.75 106.70
CA LEU VF 43 -46.36 -55.47 107.58
C LEU VF 43 -44.98 -54.83 107.56
N ASN VF 44 -44.31 -54.83 108.70
CA ASN VF 44 -43.01 -54.18 108.84
C ASN VF 44 -41.91 -55.25 108.97
N ASN VF 45 -41.24 -55.52 107.87
CA ASN VF 45 -40.15 -56.48 107.89
C ASN VF 45 -38.87 -55.84 108.40
N VAL VF 46 -37.98 -56.66 108.96
CA VAL VF 46 -36.68 -56.23 109.44
C VAL VF 46 -35.63 -57.16 108.84
N SER VF 47 -34.67 -56.59 108.13
CA SER VF 47 -33.61 -57.35 107.49
C SER VF 47 -32.31 -57.09 108.26
N GLY VF 48 -32.03 -57.96 109.22
CA GLY VF 48 -30.85 -57.82 110.07
C GLY VF 48 -29.67 -58.59 109.48
N GLN VF 49 -28.55 -57.89 109.35
CA GLN VF 49 -27.32 -58.47 108.83
C GLN VF 49 -26.29 -58.51 109.94
N TYR VF 50 -25.78 -59.70 110.23
CA TYR VF 50 -24.79 -59.90 111.29
C TYR VF 50 -23.53 -60.48 110.67
N VAL VF 51 -22.41 -59.80 110.84
CA VAL VF 51 -21.14 -60.20 110.25
C VAL VF 51 -20.10 -60.34 111.37
N SER VF 52 -19.47 -61.51 111.42
CA SER VF 52 -18.39 -61.78 112.35
C SER VF 52 -17.11 -62.04 111.58
N VAL VF 53 -16.07 -61.26 111.89
CA VAL VF 53 -14.81 -61.30 111.16
C VAL VF 53 -13.69 -61.59 112.13
N TYR VF 54 -12.86 -62.57 111.79
CA TYR VF 54 -11.67 -62.91 112.56
C TYR VF 54 -10.50 -63.13 111.61
N LYS VF 55 -9.50 -62.27 111.71
CA LYS VF 55 -8.31 -62.37 110.89
C LYS VF 55 -7.36 -63.36 111.58
N ARG VF 56 -7.04 -64.44 110.88
CA ARG VF 56 -6.37 -65.58 111.49
C ARG VF 56 -4.96 -65.74 110.96
N PRO VF 57 -3.94 -65.74 111.81
CA PRO VF 57 -2.60 -66.07 111.34
C PRO VF 57 -2.45 -67.57 111.15
N ALA VF 58 -2.29 -67.98 109.90
CA ALA VF 58 -2.15 -69.40 109.56
C ALA VF 58 -0.99 -69.63 108.61
N PRO VF 59 0.25 -69.36 109.05
CA PRO VF 59 1.40 -69.93 108.32
C PRO VF 59 1.39 -71.44 108.36
N LYS VF 60 0.89 -72.01 109.46
CA LYS VF 60 0.71 -73.43 109.71
C LYS VF 60 2.00 -74.22 109.49
N PRO VF 61 3.06 -73.96 110.26
CA PRO VF 61 4.26 -74.81 110.19
C PRO VF 61 3.99 -76.12 110.89
N GLU VF 62 3.83 -77.19 110.11
CA GLU VF 62 3.39 -78.47 110.63
C GLU VF 62 4.46 -79.09 111.53
N GLY VF 63 4.21 -79.03 112.83
CA GLY VF 63 5.08 -79.68 113.80
C GLY VF 63 6.13 -78.86 114.51
N CYS VF 64 6.59 -77.77 113.89
CA CYS VF 64 7.71 -77.03 114.46
C CYS VF 64 7.34 -75.55 114.56
N ALA VF 65 7.68 -74.97 115.71
CA ALA VF 65 7.61 -73.53 115.92
C ALA VF 65 8.77 -73.13 116.82
N ASP VF 66 9.60 -72.23 116.34
CA ASP VF 66 10.82 -71.88 117.09
C ASP VF 66 10.82 -70.44 117.58
N ALA VF 67 10.46 -69.48 116.73
CA ALA VF 67 10.46 -68.08 117.11
C ALA VF 67 9.30 -67.40 116.39
N CYS VF 68 9.07 -66.12 116.71
CA CYS VF 68 7.97 -65.39 116.09
C CYS VF 68 8.46 -64.70 114.82
N VAL VF 69 7.97 -65.18 113.68
CA VAL VF 69 8.17 -64.55 112.38
C VAL VF 69 6.87 -63.83 112.08
N ILE VF 70 6.89 -62.89 111.15
CA ILE VF 70 5.67 -62.19 110.74
C ILE VF 70 4.58 -63.18 110.36
N MET VF 71 3.41 -63.03 110.98
CA MET VF 71 2.25 -63.84 110.63
C MET VF 71 1.55 -63.25 109.41
N PRO VF 72 1.45 -64.01 108.31
CA PRO VF 72 0.51 -63.62 107.25
C PRO VF 72 -0.90 -64.05 107.61
N ASN VF 73 -1.89 -63.19 107.41
CA ASN VF 73 -3.23 -63.40 107.93
C ASN VF 73 -4.19 -63.77 106.82
N GLU VF 74 -5.17 -64.61 107.16
CA GLU VF 74 -6.32 -64.90 106.32
C GLU VF 74 -7.57 -64.41 107.02
N ASN VF 75 -8.63 -64.18 106.26
CA ASN VF 75 -9.87 -63.66 106.79
C ASN VF 75 -10.91 -64.77 106.93
N GLN VF 76 -11.46 -64.91 108.13
CA GLN VF 76 -12.57 -65.81 108.40
C GLN VF 76 -13.81 -64.96 108.65
N SER VF 77 -14.81 -65.11 107.79
CA SER VF 77 -16.01 -64.30 107.85
C SER VF 77 -17.25 -65.18 107.92
N ILE VF 78 -18.18 -64.81 108.80
CA ILE VF 78 -19.47 -65.48 108.92
C ILE VF 78 -20.54 -64.40 108.88
N ARG VF 79 -21.37 -64.42 107.85
CA ARG VF 79 -22.43 -63.43 107.67
C ARG VF 79 -23.78 -64.12 107.76
N THR VF 80 -24.70 -63.53 108.52
CA THR VF 80 -26.04 -64.05 108.68
C THR VF 80 -27.06 -62.94 108.42
N VAL VF 81 -28.05 -63.24 107.59
CA VAL VF 81 -29.12 -62.30 107.26
C VAL VF 81 -30.44 -62.95 107.63
N ILE VF 82 -31.20 -62.28 108.50
CA ILE VF 82 -32.51 -62.74 108.93
C ILE VF 82 -33.54 -61.70 108.49
N SER VF 83 -34.51 -62.13 107.68
CA SER VF 83 -35.52 -61.23 107.13
C SER VF 83 -36.89 -61.81 107.41
N GLY VF 84 -37.79 -60.97 107.92
CA GLY VF 84 -39.15 -61.40 108.20
C GLY VF 84 -39.97 -60.32 108.85
N SER VF 85 -41.29 -60.51 108.87
CA SER VF 85 -42.17 -59.52 109.47
C SER VF 85 -41.98 -59.47 110.98
N ALA VF 86 -42.06 -58.26 111.54
CA ALA VF 86 -41.93 -58.11 112.98
C ALA VF 86 -43.10 -58.73 113.72
N GLU VF 87 -44.25 -58.87 113.04
CA GLU VF 87 -45.42 -59.43 113.68
C GLU VF 87 -45.32 -60.94 113.84
N ASN VF 88 -44.33 -61.56 113.22
CA ASN VF 88 -44.11 -63.01 113.29
C ASN VF 88 -42.78 -63.34 113.94
N LEU VF 89 -42.47 -62.64 115.04
CA LEU VF 89 -41.15 -62.76 115.66
C LEU VF 89 -40.94 -64.15 116.25
N ALA VF 90 -41.95 -64.73 116.90
CA ALA VF 90 -41.80 -66.05 117.50
C ALA VF 90 -41.54 -67.10 116.42
N THR VF 91 -42.27 -67.02 115.32
CA THR VF 91 -42.06 -67.94 114.21
C THR VF 91 -40.69 -67.76 113.58
N LEU VF 92 -40.22 -66.51 113.47
CA LEU VF 92 -38.88 -66.28 112.95
C LEU VF 92 -37.82 -66.83 113.89
N LYS VF 93 -38.05 -66.77 115.19
CA LYS VF 93 -37.12 -67.37 116.15
C LYS VF 93 -37.09 -68.88 116.01
N ALA VF 94 -38.26 -69.51 115.82
CA ALA VF 94 -38.28 -70.94 115.55
C ALA VF 94 -37.53 -71.28 114.28
N GLU VF 95 -37.70 -70.46 113.24
CA GLU VF 95 -36.96 -70.65 111.99
C GLU VF 95 -35.46 -70.54 112.24
N TRP VF 96 -35.05 -69.58 113.07
CA TRP VF 96 -33.63 -69.42 113.39
C TRP VF 96 -33.08 -70.66 114.10
N GLU VF 97 -33.86 -71.20 115.04
CA GLU VF 97 -33.41 -72.41 115.73
C GLU VF 97 -33.27 -73.58 114.75
N THR VF 98 -34.25 -73.75 113.86
CA THR VF 98 -34.16 -74.83 112.89
C THR VF 98 -32.99 -74.62 111.93
N HIS VF 99 -32.72 -73.37 111.55
CA HIS VF 99 -31.60 -73.07 110.68
C HIS VF 99 -30.28 -73.41 111.37
N LYS VF 100 -30.17 -73.07 112.66
CA LYS VF 100 -28.99 -73.44 113.42
C LYS VF 100 -28.80 -74.95 113.43
N ARG VF 101 -29.90 -75.69 113.65
CA ARG VF 101 -29.80 -77.15 113.70
C ARG VF 101 -29.32 -77.70 112.35
N ASN VF 102 -29.90 -77.22 111.25
CA ASN VF 102 -29.53 -77.73 109.94
C ASN VF 102 -28.09 -77.39 109.59
N VAL VF 103 -27.67 -76.15 109.84
CA VAL VF 103 -26.30 -75.76 109.52
C VAL VF 103 -25.31 -76.52 110.38
N ASP VF 104 -25.67 -76.79 111.65
CA ASP VF 104 -24.82 -77.62 112.48
C ASP VF 104 -24.70 -79.02 111.91
N THR VF 105 -25.82 -79.60 111.47
CA THR VF 105 -25.79 -80.94 110.90
C THR VF 105 -24.87 -81.01 109.69
N LEU VF 106 -24.94 -80.01 108.82
CA LEU VF 106 -24.09 -80.03 107.63
C LEU VF 106 -22.62 -79.70 107.94
N PHE VF 107 -22.37 -78.72 108.80
CA PHE VF 107 -21.05 -78.12 108.96
C PHE VF 107 -20.32 -78.60 110.21
N ALA VF 108 -20.96 -78.48 111.37
CA ALA VF 108 -20.26 -78.79 112.63
C ALA VF 108 -20.04 -80.30 112.76
N SER VF 109 -21.06 -81.10 112.49
CA SER VF 109 -20.96 -82.54 112.60
C SER VF 109 -20.65 -83.22 111.28
N GLY VF 110 -20.65 -82.49 110.17
CA GLY VF 110 -20.34 -83.05 108.87
C GLY VF 110 -18.99 -82.60 108.36
N ASN VF 111 -18.82 -82.72 107.04
CA ASN VF 111 -17.59 -82.35 106.36
C ASN VF 111 -17.83 -81.24 105.33
N ALA VF 112 -18.85 -80.42 105.54
CA ALA VF 112 -19.14 -79.34 104.60
C ALA VF 112 -18.05 -78.27 104.64
N GLY VF 113 -17.37 -78.11 105.77
CA GLY VF 113 -16.33 -77.11 105.87
C GLY VF 113 -15.09 -77.46 105.07
N LEU VF 114 -14.96 -78.74 104.69
CA LEU VF 114 -13.83 -79.16 103.87
C LEU VF 114 -14.23 -79.18 102.39
N GLY VF 115 -15.46 -78.80 102.09
CA GLY VF 115 -15.93 -78.79 100.72
C GLY VF 115 -16.61 -80.07 100.29
N PHE VF 116 -17.57 -80.55 101.09
CA PHE VF 116 -18.29 -81.78 100.79
C PHE VF 116 -19.77 -81.57 101.02
N LEU VF 117 -20.59 -82.33 100.30
CA LEU VF 117 -22.03 -82.36 100.49
C LEU VF 117 -22.48 -83.79 100.75
N ASP VF 118 -23.33 -83.97 101.75
CA ASP VF 118 -23.84 -85.30 102.08
C ASP VF 118 -25.34 -85.34 101.77
N PRO VF 119 -25.76 -85.97 100.67
CA PRO VF 119 -27.20 -86.07 100.39
C PRO VF 119 -27.97 -86.88 101.42
N THR VF 120 -27.30 -87.71 102.21
CA THR VF 120 -27.95 -88.54 103.22
C THR VF 120 -28.03 -87.84 104.58
N ALA VF 121 -27.63 -86.57 104.67
CA ALA VF 121 -27.70 -85.85 105.92
C ALA VF 121 -29.15 -85.69 106.37
N ALA VF 122 -29.36 -85.76 107.68
CA ALA VF 122 -30.70 -85.69 108.25
C ALA VF 122 -31.09 -84.22 108.44
N ILE VF 123 -31.51 -83.60 107.33
CA ILE VF 123 -32.01 -82.24 107.33
C ILE VF 123 -33.49 -82.27 107.71
N VAL VF 124 -33.88 -81.38 108.62
CA VAL VF 124 -35.21 -81.43 109.21
C VAL VF 124 -35.84 -80.05 109.11
N SER VF 125 -37.18 -80.02 109.08
CA SER VF 125 -37.92 -78.78 108.89
C SER VF 125 -38.27 -78.14 110.23
N SER VF 126 -38.81 -76.93 110.15
CA SER VF 126 -39.19 -76.19 111.36
C SER VF 126 -40.52 -76.68 111.92
N ASP VF 127 -41.41 -77.20 111.10
CA ASP VF 127 -42.71 -77.66 111.58
C ASP VF 127 -42.55 -78.95 112.38
N THR VF 128 -43.52 -79.20 113.26
CA THR VF 128 -43.50 -80.37 114.12
C THR VF 128 -44.70 -81.27 113.82
N THR VF 129 -44.51 -82.56 114.09
CA THR VF 129 -45.56 -83.55 113.88
C THR VF 129 -46.47 -83.64 115.09
N ALA WF 1 -52.61 -46.92 132.28
CA ALA WF 1 -51.24 -47.30 131.99
C ALA WF 1 -51.02 -47.41 130.49
N ASN WF 2 -50.49 -46.35 129.89
CA ASN WF 2 -50.26 -46.33 128.46
C ASN WF 2 -49.01 -47.14 128.10
N LYS WF 3 -48.99 -47.67 126.88
CA LYS WF 3 -47.85 -48.46 126.43
C LYS WF 3 -46.66 -47.56 126.15
N PRO WF 4 -45.48 -47.85 126.70
CA PRO WF 4 -44.30 -47.03 126.42
C PRO WF 4 -43.72 -47.33 125.05
N MET WF 5 -42.90 -46.40 124.57
CA MET WF 5 -42.15 -46.58 123.34
C MET WF 5 -40.65 -46.57 123.61
N GLN WF 6 -39.89 -47.12 122.68
CA GLN WF 6 -38.44 -47.08 122.67
C GLN WF 6 -37.96 -46.45 121.37
N PRO WF 7 -36.86 -45.70 121.40
CA PRO WF 7 -36.41 -45.01 120.18
C PRO WF 7 -35.93 -45.98 119.12
N ILE WF 8 -36.16 -45.63 117.86
CA ILE WF 8 -35.75 -46.42 116.71
C ILE WF 8 -34.55 -45.78 116.01
N THR WF 9 -34.69 -44.55 115.56
CA THR WF 9 -33.59 -43.79 114.95
C THR WF 9 -33.17 -42.68 115.89
N SER WF 10 -31.88 -42.64 116.20
CA SER WF 10 -31.37 -41.73 117.22
C SER WF 10 -30.39 -40.76 116.59
N THR WF 11 -30.84 -39.54 116.35
CA THR WF 11 -29.99 -38.44 115.92
C THR WF 11 -30.34 -37.22 116.77
N ALA WF 12 -29.32 -36.43 117.10
CA ALA WF 12 -29.55 -35.25 117.93
C ALA WF 12 -30.46 -34.25 117.23
N ASN WF 13 -30.50 -34.29 115.90
CA ASN WF 13 -31.44 -33.47 115.15
C ASN WF 13 -32.85 -34.05 115.14
N LYS WF 14 -32.97 -35.38 115.14
CA LYS WF 14 -34.27 -36.02 115.02
C LYS WF 14 -34.24 -37.39 115.70
N ILE WF 15 -35.20 -37.63 116.58
CA ILE WF 15 -35.39 -38.92 117.22
C ILE WF 15 -36.83 -39.35 117.01
N VAL WF 16 -37.02 -40.60 116.58
CA VAL WF 16 -38.34 -41.16 116.34
C VAL WF 16 -38.57 -42.29 117.34
N TRP WF 17 -39.77 -42.34 117.90
CA TRP WF 17 -40.18 -43.40 118.81
C TRP WF 17 -41.14 -44.35 118.10
N SER WF 18 -41.22 -45.58 118.61
CA SER WF 18 -42.11 -46.57 118.04
C SER WF 18 -42.54 -47.56 119.11
N ASP WF 19 -43.73 -48.09 118.95
CA ASP WF 19 -44.25 -49.09 119.88
C ASP WF 19 -43.76 -50.47 119.46
N PRO WF 20 -43.08 -51.21 120.33
CA PRO WF 20 -42.65 -52.58 119.95
C PRO WF 20 -43.80 -53.48 119.52
N THR WF 21 -44.96 -53.36 120.15
CA THR WF 21 -46.11 -54.20 119.79
C THR WF 21 -46.87 -53.69 118.57
N ARG WF 22 -46.63 -52.44 118.16
CA ARG WF 22 -47.27 -51.89 116.96
C ARG WF 22 -46.29 -50.91 116.34
N LEU WF 23 -45.53 -51.39 115.35
CA LEU WF 23 -44.48 -50.57 114.77
C LEU WF 23 -45.02 -49.42 113.94
N SER WF 24 -46.33 -49.41 113.65
CA SER WF 24 -46.91 -48.33 112.87
C SER WF 24 -47.17 -47.08 113.68
N THR WF 25 -47.16 -47.17 115.01
CA THR WF 25 -47.38 -46.03 115.89
C THR WF 25 -46.04 -45.37 116.16
N THR WF 26 -45.86 -44.14 115.67
CA THR WF 26 -44.59 -43.45 115.78
C THR WF 26 -44.80 -42.04 116.32
N PHE WF 27 -43.80 -41.55 117.05
CA PHE WF 27 -43.76 -40.17 117.53
C PHE WF 27 -42.37 -39.63 117.26
N SER WF 28 -42.29 -38.52 116.53
CA SER WF 28 -41.03 -37.96 116.09
C SER WF 28 -40.86 -36.54 116.60
N ALA WF 29 -39.63 -36.23 117.04
CA ALA WF 29 -39.28 -34.90 117.50
C ALA WF 29 -38.04 -34.45 116.76
N SER WF 30 -38.12 -33.28 116.11
CA SER WF 30 -37.01 -32.74 115.33
C SER WF 30 -36.80 -31.29 115.74
N LEU WF 31 -35.55 -30.92 115.99
CA LEU WF 31 -35.19 -29.57 116.40
C LEU WF 31 -34.24 -28.96 115.37
N LEU WF 32 -34.53 -27.73 114.97
CA LEU WF 32 -33.66 -26.95 114.10
C LEU WF 32 -33.31 -25.64 114.81
N ARG WF 33 -32.02 -25.38 114.97
CA ARG WF 33 -31.54 -24.22 115.71
C ARG WF 33 -30.76 -23.31 114.80
N GLN WF 34 -31.03 -22.01 114.89
CA GLN WF 34 -30.34 -21.00 114.10
C GLN WF 34 -30.18 -19.74 114.94
N ARG WF 35 -29.14 -18.96 114.65
CA ARG WF 35 -28.86 -17.73 115.38
C ARG WF 35 -29.43 -16.56 114.57
N VAL WF 36 -30.74 -16.39 114.67
CA VAL WF 36 -31.42 -15.27 114.01
C VAL WF 36 -31.44 -14.09 114.96
N LYS WF 37 -30.49 -13.18 114.78
CA LYS WF 37 -30.33 -12.09 115.73
C LYS WF 37 -31.09 -10.84 115.28
N VAL WF 38 -31.84 -10.25 116.20
CA VAL WF 38 -32.50 -8.98 115.98
C VAL WF 38 -31.48 -7.88 116.19
N GLY WF 39 -31.82 -6.64 115.83
CA GLY WF 39 -30.91 -5.52 115.94
C GLY WF 39 -30.27 -5.37 117.31
N ILE WF 40 -28.95 -5.14 117.31
CA ILE WF 40 -28.12 -4.94 118.50
C ILE WF 40 -28.45 -5.93 119.61
N ALA WF 41 -28.78 -7.16 119.23
CA ALA WF 41 -29.07 -8.21 120.20
C ALA WF 41 -28.72 -9.56 119.59
N GLU WF 42 -28.50 -10.54 120.46
CA GLU WF 42 -28.20 -11.90 120.06
C GLU WF 42 -29.31 -12.83 120.57
N LEU WF 43 -29.88 -13.61 119.67
CA LEU WF 43 -30.99 -14.50 120.02
C LEU WF 43 -30.83 -15.82 119.30
N ASN WF 44 -30.98 -16.91 120.02
CA ASN WF 44 -30.93 -18.26 119.46
C ASN WF 44 -32.32 -18.89 119.54
N ASN WF 45 -32.94 -19.10 118.38
CA ASN WF 45 -34.26 -19.68 118.31
C ASN WF 45 -34.19 -21.15 117.93
N VAL WF 46 -35.13 -21.94 118.45
CA VAL WF 46 -35.17 -23.38 118.25
C VAL WF 46 -36.56 -23.71 117.72
N SER WF 47 -36.65 -24.05 116.45
CA SER WF 47 -37.91 -24.47 115.83
C SER WF 47 -38.08 -25.97 116.05
N GLY WF 48 -39.12 -26.34 116.80
CA GLY WF 48 -39.33 -27.74 117.13
C GLY WF 48 -40.55 -28.34 116.48
N GLN WF 49 -40.34 -29.38 115.66
CA GLN WF 49 -41.42 -30.05 114.96
C GLN WF 49 -41.66 -31.40 115.60
N TYR WF 50 -42.90 -31.65 116.02
CA TYR WF 50 -43.28 -32.89 116.68
C TYR WF 50 -44.42 -33.53 115.90
N VAL WF 51 -44.24 -34.78 115.48
CA VAL WF 51 -45.21 -35.49 114.65
C VAL WF 51 -45.63 -36.76 115.37
N SER WF 52 -46.93 -36.95 115.51
CA SER WF 52 -47.50 -38.18 116.06
C SER WF 52 -48.34 -38.85 114.98
N VAL WF 53 -47.99 -40.11 114.68
CA VAL WF 53 -48.63 -40.85 113.58
C VAL WF 53 -49.23 -42.12 114.15
N TYR WF 54 -50.51 -42.35 113.83
CA TYR WF 54 -51.21 -43.57 114.20
C TYR WF 54 -52.09 -43.99 113.03
N LYS WF 55 -52.06 -45.28 112.72
CA LYS WF 55 -52.89 -45.83 111.66
C LYS WF 55 -54.01 -46.65 112.30
N ARG WF 56 -55.22 -46.10 112.28
CA ARG WF 56 -56.37 -46.69 112.93
C ARG WF 56 -57.23 -47.42 111.91
N PRO WF 57 -57.73 -48.60 112.24
CA PRO WF 57 -58.64 -49.30 111.32
C PRO WF 57 -59.92 -48.51 111.10
N ALA WF 58 -60.46 -48.62 109.89
CA ALA WF 58 -61.69 -47.93 109.56
C ALA WF 58 -62.83 -48.44 110.43
N PRO WF 59 -63.79 -47.59 110.79
CA PRO WF 59 -64.85 -48.00 111.72
C PRO WF 59 -65.72 -49.12 111.18
N LYS WF 60 -66.00 -50.11 112.01
CA LYS WF 60 -66.87 -51.23 111.65
C LYS WF 60 -68.31 -50.76 111.60
N PRO WF 61 -69.16 -51.40 110.80
CA PRO WF 61 -70.59 -51.03 110.79
C PRO WF 61 -71.23 -51.19 112.16
N GLU WF 62 -72.16 -50.29 112.48
CA GLU WF 62 -72.70 -50.24 113.84
C GLU WF 62 -73.43 -51.53 114.20
N GLY WF 63 -74.21 -52.08 113.28
CA GLY WF 63 -74.92 -53.31 113.56
C GLY WF 63 -74.15 -54.54 113.15
N CYS WF 64 -72.95 -54.71 113.71
CA CYS WF 64 -72.08 -55.82 113.36
C CYS WF 64 -71.56 -56.49 114.63
N ALA WF 65 -71.60 -57.82 114.64
CA ALA WF 65 -71.03 -58.61 115.73
C ALA WF 65 -70.07 -59.67 115.24
N ASP WF 66 -69.58 -59.59 114.01
CA ASP WF 66 -68.70 -60.61 113.47
C ASP WF 66 -67.39 -60.64 114.24
N ALA WF 67 -66.82 -61.83 114.37
CA ALA WF 67 -65.60 -62.04 115.15
C ALA WF 67 -64.43 -61.25 114.58
N CYS WF 68 -64.04 -61.56 113.34
CA CYS WF 68 -62.86 -60.96 112.74
C CYS WF 68 -63.13 -60.55 111.30
N VAL WF 69 -63.35 -59.24 111.11
CA VAL WF 69 -63.37 -58.62 109.79
C VAL WF 69 -62.51 -57.36 109.88
N ILE WF 70 -61.43 -57.31 109.11
CA ILE WF 70 -60.42 -56.26 109.26
C ILE WF 70 -60.59 -55.28 108.11
N MET WF 71 -60.64 -53.99 108.43
CA MET WF 71 -60.74 -52.92 107.46
C MET WF 71 -59.37 -52.26 107.31
N PRO WF 72 -59.06 -51.69 106.15
CA PRO WF 72 -57.76 -51.06 105.95
C PRO WF 72 -57.60 -49.82 106.83
N ASN WF 73 -56.34 -49.54 107.17
CA ASN WF 73 -56.03 -48.49 108.11
C ASN WF 73 -56.08 -47.12 107.44
N GLU WF 74 -56.37 -46.10 108.25
CA GLU WF 74 -56.39 -44.71 107.80
C GLU WF 74 -55.32 -43.95 108.56
N ASN WF 75 -54.81 -42.89 107.96
CA ASN WF 75 -53.69 -42.15 108.55
C ASN WF 75 -54.22 -41.06 109.48
N GLN WF 76 -53.79 -41.12 110.75
CA GLN WF 76 -54.11 -40.10 111.74
C GLN WF 76 -52.79 -39.45 112.17
N SER WF 77 -52.63 -38.17 111.85
CA SER WF 77 -51.39 -37.46 112.13
C SER WF 77 -51.70 -36.12 112.81
N ILE WF 78 -50.92 -35.82 113.85
CA ILE WF 78 -50.99 -34.54 114.54
C ILE WF 78 -49.57 -33.97 114.55
N ARG WF 79 -49.41 -32.76 114.04
CA ARG WF 79 -48.10 -32.14 113.86
C ARG WF 79 -48.09 -30.77 114.51
N THR WF 80 -47.11 -30.53 115.38
CA THR WF 80 -46.94 -29.26 116.07
C THR WF 80 -45.55 -28.70 115.83
N VAL WF 81 -45.50 -27.41 115.56
CA VAL WF 81 -44.24 -26.70 115.35
C VAL WF 81 -44.19 -25.53 116.31
N ILE WF 82 -43.12 -25.46 117.11
CA ILE WF 82 -42.94 -24.41 118.10
C ILE WF 82 -41.66 -23.66 117.76
N SER WF 83 -41.77 -22.35 117.58
CA SER WF 83 -40.66 -21.50 117.19
C SER WF 83 -40.53 -20.36 118.18
N GLY WF 84 -39.32 -20.12 118.67
CA GLY WF 84 -39.07 -19.03 119.60
C GLY WF 84 -37.65 -19.02 120.12
N SER WF 85 -37.21 -17.87 120.62
CA SER WF 85 -35.85 -17.76 121.14
C SER WF 85 -35.72 -18.51 122.46
N ALA WF 86 -34.50 -18.97 122.75
CA ALA WF 86 -34.25 -19.69 124.00
C ALA WF 86 -34.34 -18.76 125.20
N GLU WF 87 -34.16 -17.46 124.98
CA GLU WF 87 -34.22 -16.51 126.09
C GLU WF 87 -35.64 -16.38 126.63
N ASN WF 88 -36.64 -16.64 125.80
CA ASN WF 88 -38.04 -16.48 126.16
C ASN WF 88 -38.73 -17.82 126.42
N LEU WF 89 -38.05 -18.75 127.07
CA LEU WF 89 -38.60 -20.10 127.23
C LEU WF 89 -39.84 -20.10 128.10
N ALA WF 90 -39.84 -19.33 129.19
CA ALA WF 90 -40.99 -19.31 130.08
C ALA WF 90 -42.22 -18.74 129.39
N THR WF 91 -42.04 -17.64 128.66
CA THR WF 91 -43.15 -17.07 127.91
C THR WF 91 -43.62 -18.00 126.80
N LEU WF 92 -42.70 -18.73 126.16
CA LEU WF 92 -43.09 -19.71 125.15
C LEU WF 92 -43.90 -20.83 125.77
N LYS WF 93 -43.53 -21.26 126.98
CA LYS WF 93 -44.31 -22.29 127.67
C LYS WF 93 -45.70 -21.78 128.02
N ALA WF 94 -45.81 -20.53 128.46
CA ALA WF 94 -47.13 -19.96 128.72
C ALA WF 94 -47.96 -19.90 127.44
N GLU WF 95 -47.33 -19.51 126.33
CA GLU WF 95 -48.02 -19.49 125.05
C GLU WF 95 -48.48 -20.89 124.66
N TRP WF 96 -47.65 -21.90 124.95
CA TRP WF 96 -48.03 -23.28 124.64
C TRP WF 96 -49.22 -23.73 125.47
N GLU WF 97 -49.26 -23.33 126.74
CA GLU WF 97 -50.42 -23.66 127.56
C GLU WF 97 -51.68 -22.99 127.02
N THR WF 98 -51.58 -21.72 126.63
CA THR WF 98 -52.73 -21.03 126.05
C THR WF 98 -53.16 -21.69 124.75
N HIS WF 99 -52.20 -22.12 123.93
CA HIS WF 99 -52.51 -22.81 122.68
C HIS WF 99 -53.23 -24.12 122.97
N LYS WF 100 -52.76 -24.88 123.97
CA LYS WF 100 -53.48 -26.07 124.41
C LYS WF 100 -54.94 -25.73 124.72
N ARG WF 101 -55.15 -24.70 125.54
CA ARG WF 101 -56.51 -24.39 125.98
C ARG WF 101 -57.39 -24.00 124.79
N ASN WF 102 -56.86 -23.20 123.87
CA ASN WF 102 -57.65 -22.76 122.72
C ASN WF 102 -57.98 -23.92 121.78
N VAL WF 103 -56.99 -24.75 121.47
CA VAL WF 103 -57.23 -25.89 120.58
C VAL WF 103 -58.19 -26.87 121.24
N ASP WF 104 -58.09 -27.04 122.56
CA ASP WF 104 -59.04 -27.89 123.27
C ASP WF 104 -60.45 -27.34 123.16
N THR WF 105 -60.61 -26.01 123.32
CA THR WF 105 -61.92 -25.40 123.21
C THR WF 105 -62.52 -25.61 121.83
N LEU WF 106 -61.71 -25.44 120.79
CA LEU WF 106 -62.24 -25.59 119.43
C LEU WF 106 -62.48 -27.03 119.02
N PHE WF 107 -61.62 -27.96 119.48
CA PHE WF 107 -61.60 -29.32 118.96
C PHE WF 107 -62.15 -30.35 119.94
N ALA WF 108 -61.59 -30.39 121.15
CA ALA WF 108 -61.96 -31.43 122.11
C ALA WF 108 -63.41 -31.28 122.56
N SER WF 109 -63.83 -30.05 122.86
CA SER WF 109 -65.20 -29.79 123.27
C SER WF 109 -66.05 -29.14 122.19
N GLY WF 110 -65.50 -28.94 120.99
CA GLY WF 110 -66.22 -28.32 119.90
C GLY WF 110 -66.65 -29.31 118.84
N ASN WF 111 -66.78 -28.79 117.62
CA ASN WF 111 -67.21 -29.59 116.47
C ASN WF 111 -66.26 -29.41 115.29
N ALA WF 112 -65.08 -28.81 115.52
CA ALA WF 112 -64.11 -28.62 114.45
C ALA WF 112 -63.58 -29.95 113.94
N GLY WF 113 -63.58 -30.98 114.78
CA GLY WF 113 -63.20 -32.30 114.32
C GLY WF 113 -64.09 -32.83 113.20
N LEU WF 114 -65.40 -32.61 113.29
CA LEU WF 114 -66.31 -32.91 112.22
C LEU WF 114 -66.25 -31.87 111.10
N GLY WF 115 -65.86 -30.65 111.41
CA GLY WF 115 -65.66 -29.66 110.37
C GLY WF 115 -66.53 -28.43 110.45
N PHE WF 116 -67.01 -28.07 111.62
CA PHE WF 116 -67.80 -26.86 111.82
C PHE WF 116 -67.07 -25.92 112.77
N LEU WF 117 -66.87 -24.68 112.33
CA LEU WF 117 -66.23 -23.65 113.12
C LEU WF 117 -67.29 -22.77 113.78
N ASP WF 118 -67.13 -22.52 115.08
CA ASP WF 118 -68.07 -21.70 115.81
C ASP WF 118 -67.41 -20.36 116.12
N PRO WF 119 -67.84 -19.26 115.49
CA PRO WF 119 -67.25 -17.95 115.80
C PRO WF 119 -67.57 -17.44 117.19
N THR WF 120 -68.44 -18.12 117.93
CA THR WF 120 -68.79 -17.73 119.29
C THR WF 120 -67.98 -18.44 120.35
N ALA WF 121 -66.95 -19.20 119.94
CA ALA WF 121 -66.12 -19.93 120.89
C ALA WF 121 -65.36 -18.97 121.80
N ALA WF 122 -65.19 -19.38 123.06
CA ALA WF 122 -64.53 -18.55 124.06
C ALA WF 122 -63.03 -18.79 124.00
N ILE WF 123 -62.35 -18.00 123.17
CA ILE WF 123 -60.90 -18.07 123.04
C ILE WF 123 -60.28 -17.06 124.00
N VAL WF 124 -59.29 -17.51 124.78
CA VAL WF 124 -58.66 -16.69 125.81
C VAL WF 124 -57.16 -16.67 125.57
N SER WF 125 -56.50 -15.61 126.06
CA SER WF 125 -55.11 -15.37 125.74
C SER WF 125 -54.20 -15.74 126.91
N SER WF 126 -52.89 -15.58 126.70
CA SER WF 126 -51.92 -15.87 127.74
C SER WF 126 -51.85 -14.77 128.80
N ASP WF 127 -52.01 -13.51 128.40
CA ASP WF 127 -51.93 -12.42 129.36
C ASP WF 127 -53.11 -12.46 130.32
N THR WF 128 -52.87 -12.05 131.56
CA THR WF 128 -53.88 -12.05 132.60
C THR WF 128 -54.21 -10.62 133.00
N THR WF 129 -55.47 -10.42 133.38
CA THR WF 129 -55.95 -9.10 133.78
C THR WF 129 -55.45 -8.74 135.17
N ALA XF 1 -19.97 -28.05 142.62
CA ALA XF 1 -20.95 -28.65 141.72
C ALA XF 1 -21.01 -27.89 140.40
N ASN XF 2 -20.31 -28.41 139.40
CA ASN XF 2 -20.30 -27.78 138.08
C ASN XF 2 -21.57 -28.09 137.32
N LYS XF 3 -21.92 -27.21 136.39
CA LYS XF 3 -23.12 -27.41 135.58
C LYS XF 3 -22.85 -28.42 134.48
N PRO XF 4 -23.59 -29.53 134.42
CA PRO XF 4 -23.37 -30.49 133.33
C PRO XF 4 -23.99 -30.00 132.03
N MET XF 5 -23.55 -30.61 130.93
CA MET XF 5 -24.12 -30.33 129.62
C MET XF 5 -24.89 -31.55 129.11
N GLN XF 6 -25.60 -31.35 127.99
CA GLN XF 6 -26.27 -32.38 127.24
C GLN XF 6 -25.86 -32.29 125.77
N PRO XF 7 -25.84 -33.41 125.05
CA PRO XF 7 -25.35 -33.37 123.66
C PRO XF 7 -26.31 -32.67 122.71
N ILE XF 8 -25.78 -31.69 121.95
CA ILE XF 8 -26.59 -31.02 120.93
C ILE XF 8 -26.41 -31.64 119.56
N THR XF 9 -25.29 -32.31 119.30
CA THR XF 9 -25.05 -32.98 118.03
C THR XF 9 -24.41 -34.32 118.32
N SER XF 10 -25.10 -35.40 117.95
CA SER XF 10 -24.64 -36.75 118.20
C SER XF 10 -24.37 -37.44 116.87
N THR XF 11 -23.17 -37.97 116.71
CA THR XF 11 -22.74 -38.63 115.49
C THR XF 11 -21.72 -39.70 115.87
N ALA XF 12 -21.63 -40.74 115.04
CA ALA XF 12 -20.70 -41.83 115.32
C ALA XF 12 -19.26 -41.38 115.37
N ASN XF 13 -18.96 -40.21 114.79
CA ASN XF 13 -17.61 -39.69 114.77
C ASN XF 13 -17.43 -38.36 115.50
N LYS XF 14 -18.50 -37.76 116.02
CA LYS XF 14 -18.40 -36.46 116.67
C LYS XF 14 -19.60 -36.26 117.60
N ILE XF 15 -19.32 -35.84 118.83
CA ILE XF 15 -20.36 -35.47 119.79
C ILE XF 15 -20.03 -34.10 120.34
N VAL XF 16 -21.03 -33.21 120.35
CA VAL XF 16 -20.88 -31.84 120.82
C VAL XF 16 -21.83 -31.61 121.97
N TRP XF 17 -21.30 -31.08 123.07
CA TRP XF 17 -22.09 -30.73 124.25
C TRP XF 17 -22.33 -29.23 124.29
N SER XF 18 -23.28 -28.81 125.12
CA SER XF 18 -23.58 -27.39 125.29
C SER XF 18 -24.38 -27.20 126.57
N ASP XF 19 -24.03 -26.15 127.31
CA ASP XF 19 -24.69 -25.88 128.58
C ASP XF 19 -26.09 -25.34 128.33
N PRO XF 20 -27.11 -25.88 129.01
CA PRO XF 20 -28.47 -25.32 128.84
C PRO XF 20 -28.57 -23.86 129.21
N THR XF 21 -27.84 -23.42 130.24
CA THR XF 21 -27.90 -22.03 130.65
C THR XF 21 -27.23 -21.12 129.62
N ARG XF 22 -26.03 -21.48 129.17
CA ARG XF 22 -25.30 -20.71 128.18
C ARG XF 22 -24.97 -21.61 127.00
N LEU XF 23 -25.55 -21.30 125.83
CA LEU XF 23 -25.35 -22.14 124.66
C LEU XF 23 -24.00 -21.89 124.03
N SER XF 24 -23.35 -20.79 124.39
CA SER XF 24 -22.06 -20.43 123.80
C SER XF 24 -20.97 -21.40 124.24
N THR XF 25 -21.11 -21.98 125.43
CA THR XF 25 -20.11 -22.89 125.95
C THR XF 25 -20.36 -24.29 125.40
N THR XF 26 -19.43 -24.80 124.60
CA THR XF 26 -19.57 -26.10 123.98
C THR XF 26 -18.29 -26.91 124.17
N PHE XF 27 -18.45 -28.23 124.18
CA PHE XF 27 -17.34 -29.16 124.27
C PHE XF 27 -17.53 -30.23 123.20
N SER XF 28 -16.53 -30.39 122.33
CA SER XF 28 -16.64 -31.29 121.19
C SER XF 28 -15.52 -32.32 121.22
N ALA XF 29 -15.87 -33.55 120.83
CA ALA XF 29 -14.92 -34.65 120.73
C ALA XF 29 -15.11 -35.35 119.40
N SER XF 30 -14.06 -35.44 118.61
CA SER XF 30 -14.09 -36.06 117.29
C SER XF 30 -12.97 -37.09 117.21
N LEU XF 31 -13.30 -38.30 116.75
CA LEU XF 31 -12.35 -39.38 116.65
C LEU XF 31 -12.18 -39.80 115.21
N LEU XF 32 -10.93 -39.96 114.78
CA LEU XF 32 -10.59 -40.44 113.45
C LEU XF 32 -9.72 -41.68 113.58
N ARG XF 33 -10.28 -42.83 113.21
CA ARG XF 33 -9.60 -44.11 113.35
C ARG XF 33 -9.14 -44.59 111.98
N GLN XF 34 -7.87 -44.95 111.89
CA GLN XF 34 -7.27 -45.44 110.64
C GLN XF 34 -6.32 -46.56 110.95
N ARG XF 35 -6.10 -47.42 109.95
CA ARG XF 35 -5.10 -48.47 110.05
C ARG XF 35 -3.76 -47.96 109.54
N VAL XF 36 -2.72 -48.13 110.35
CA VAL XF 36 -1.38 -47.65 110.04
C VAL XF 36 -0.51 -48.84 109.69
N LYS XF 37 0.13 -48.77 108.52
CA LYS XF 37 1.01 -49.83 108.04
C LYS XF 37 2.41 -49.58 108.58
N VAL XF 38 2.81 -50.38 109.57
CA VAL XF 38 4.15 -50.33 110.13
C VAL XF 38 4.79 -51.70 109.87
N GLY XF 39 6.07 -51.66 109.50
CA GLY XF 39 6.80 -52.85 109.12
C GLY XF 39 6.52 -54.09 109.96
N ILE XF 40 6.23 -55.20 109.28
CA ILE XF 40 5.85 -56.48 109.87
C ILE XF 40 4.89 -56.30 111.04
N ALA XF 41 3.92 -55.39 110.87
CA ALA XF 41 2.91 -55.15 111.89
C ALA XF 41 1.66 -54.57 111.25
N GLU XF 42 0.52 -54.76 111.90
CA GLU XF 42 -0.75 -54.18 111.47
C GLU XF 42 -1.44 -53.62 112.72
N LEU XF 43 -1.15 -52.37 113.05
CA LEU XF 43 -1.70 -51.72 114.22
C LEU XF 43 -2.41 -50.44 113.79
N ASN XF 44 -3.54 -50.16 114.43
CA ASN XF 44 -4.47 -49.12 114.00
C ASN XF 44 -4.45 -47.93 114.96
N ASN XF 45 -4.28 -46.73 114.41
CA ASN XF 45 -4.22 -45.52 115.20
C ASN XF 45 -5.62 -44.95 115.40
N VAL XF 46 -5.82 -44.27 116.53
CA VAL XF 46 -7.04 -43.53 116.81
C VAL XF 46 -6.64 -42.12 117.21
N SER XF 47 -7.06 -41.14 116.43
CA SER XF 47 -6.74 -39.73 116.67
C SER XF 47 -7.97 -39.04 117.24
N GLY XF 48 -7.81 -38.42 118.40
CA GLY XF 48 -8.92 -37.75 119.06
C GLY XF 48 -8.71 -36.27 119.24
N GLN XF 49 -9.69 -35.47 118.83
CA GLN XF 49 -9.63 -34.01 118.94
C GLN XF 49 -10.68 -33.54 119.92
N TYR XF 50 -10.26 -32.78 120.94
CA TYR XF 50 -11.13 -32.27 121.98
C TYR XF 50 -11.02 -30.76 122.00
N VAL XF 51 -12.15 -30.07 121.92
CA VAL XF 51 -12.19 -28.62 121.83
C VAL XF 51 -13.15 -28.09 122.89
N SER XF 52 -12.69 -27.12 123.68
CA SER XF 52 -13.52 -26.42 124.65
C SER XF 52 -13.49 -24.92 124.34
N VAL XF 53 -14.67 -24.31 124.31
CA VAL XF 53 -14.80 -22.88 124.01
C VAL XF 53 -15.68 -22.23 125.06
N TYR XF 54 -15.31 -21.02 125.47
CA TYR XF 54 -16.12 -20.20 126.36
C TYR XF 54 -16.12 -18.77 125.84
N LYS XF 55 -17.31 -18.19 125.72
CA LYS XF 55 -17.46 -16.84 125.19
C LYS XF 55 -17.60 -15.85 126.34
N ARG XF 56 -16.53 -15.75 127.13
CA ARG XF 56 -16.53 -14.87 128.29
C ARG XF 56 -16.55 -13.41 127.87
N PRO XF 57 -17.25 -12.54 128.61
CA PRO XF 57 -17.13 -11.11 128.37
C PRO XF 57 -15.74 -10.58 128.66
N ALA XF 58 -15.33 -9.60 127.87
CA ALA XF 58 -14.08 -8.90 128.12
C ALA XF 58 -14.14 -8.17 129.46
N PRO XF 59 -13.01 -7.87 130.09
CA PRO XF 59 -13.09 -7.44 131.49
C PRO XF 59 -13.64 -6.02 131.68
N LYS XF 60 -14.50 -5.90 132.68
CA LYS XF 60 -15.26 -4.68 132.92
C LYS XF 60 -14.31 -3.53 133.25
N PRO XF 61 -14.61 -2.31 132.80
CA PRO XF 61 -13.80 -1.15 133.20
C PRO XF 61 -13.87 -0.89 134.69
N GLU XF 62 -12.84 -0.24 135.24
CA GLU XF 62 -12.66 -0.10 136.67
C GLU XF 62 -13.49 1.06 137.19
N GLY XF 63 -14.13 0.85 138.34
CA GLY XF 63 -14.79 1.90 139.07
C GLY XF 63 -16.17 2.26 138.59
N CYS XF 64 -16.75 1.52 137.65
CA CYS XF 64 -18.07 1.83 137.12
C CYS XF 64 -18.97 0.60 137.25
N ALA XF 65 -20.03 0.74 138.04
CA ALA XF 65 -21.07 -0.27 138.14
C ALA XF 65 -22.18 0.09 137.16
N ASP XF 66 -21.99 -0.28 135.89
CA ASP XF 66 -22.95 0.07 134.86
C ASP XF 66 -24.28 -0.65 135.12
N ALA XF 67 -25.36 -0.01 134.65
CA ALA XF 67 -26.71 -0.54 134.89
C ALA XF 67 -26.88 -1.90 134.24
N CYS XF 68 -26.44 -2.06 133.00
CA CYS XF 68 -26.59 -3.31 132.27
C CYS XF 68 -25.27 -3.68 131.60
N VAL XF 69 -25.03 -4.99 131.51
CA VAL XF 69 -23.82 -5.48 130.86
C VAL XF 69 -23.96 -5.32 129.35
N ILE XF 70 -22.98 -4.65 128.75
CA ILE XF 70 -23.00 -4.38 127.32
C ILE XF 70 -21.63 -4.72 126.74
N MET XF 71 -20.83 -5.45 127.50
CA MET XF 71 -19.42 -5.60 127.16
C MET XF 71 -19.30 -6.58 126.00
N PRO XF 72 -18.49 -6.27 124.97
CA PRO XF 72 -18.41 -7.15 123.80
C PRO XF 72 -17.52 -8.36 124.01
N ASN XF 73 -18.10 -9.44 124.50
CA ASN XF 73 -17.42 -10.68 124.88
C ASN XF 73 -16.40 -11.19 123.87
N GLU XF 74 -15.44 -11.99 124.36
CA GLU XF 74 -14.34 -12.50 123.57
C GLU XF 74 -14.41 -14.02 123.47
N ASN XF 75 -13.36 -14.61 122.91
CA ASN XF 75 -13.32 -16.04 122.68
C ASN XF 75 -12.16 -16.67 123.44
N GLN XF 76 -12.46 -17.72 124.21
CA GLN XF 76 -11.44 -18.53 124.86
C GLN XF 76 -11.56 -19.96 124.35
N SER XF 77 -10.47 -20.51 123.85
CA SER XF 77 -10.48 -21.83 123.23
C SER XF 77 -9.33 -22.68 123.74
N ILE XF 78 -9.61 -23.95 124.01
CA ILE XF 78 -8.60 -24.94 124.36
C ILE XF 78 -8.82 -26.15 123.49
N ARG XF 79 -7.79 -26.54 122.73
CA ARG XF 79 -7.89 -27.63 121.78
C ARG XF 79 -6.79 -28.65 122.06
N THR XF 80 -7.18 -29.91 122.19
CA THR XF 80 -6.25 -31.00 122.51
C THR XF 80 -6.42 -32.13 121.51
N VAL XF 81 -5.31 -32.60 120.96
CA VAL XF 81 -5.31 -33.71 120.01
C VAL XF 81 -4.41 -34.81 120.57
N ILE XF 82 -4.97 -36.00 120.72
CA ILE XF 82 -4.25 -37.17 121.22
C ILE XF 82 -4.26 -38.23 120.13
N SER XF 83 -3.09 -38.66 119.70
CA SER XF 83 -2.95 -39.63 118.62
C SER XF 83 -2.01 -40.73 119.06
N GLY XF 84 -2.43 -41.98 118.87
CA GLY XF 84 -1.61 -43.11 119.22
C GLY XF 84 -2.38 -44.40 119.00
N SER XF 85 -1.60 -45.48 118.88
CA SER XF 85 -2.19 -46.79 118.61
C SER XF 85 -2.94 -47.30 119.82
N ALA XF 86 -4.07 -47.97 119.59
CA ALA XF 86 -4.90 -48.45 120.69
C ALA XF 86 -4.24 -49.61 121.42
N GLU XF 87 -3.25 -50.26 120.80
CA GLU XF 87 -2.55 -51.35 121.46
C GLU XF 87 -1.78 -50.86 122.69
N ASN XF 88 -1.32 -49.60 122.64
CA ASN XF 88 -0.55 -48.99 123.73
C ASN XF 88 -1.37 -47.99 124.53
N LEU XF 89 -2.64 -48.30 124.81
CA LEU XF 89 -3.53 -47.32 125.43
C LEU XF 89 -3.07 -46.95 126.84
N ALA XF 90 -2.55 -47.92 127.60
CA ALA XF 90 -2.10 -47.62 128.96
C ALA XF 90 -0.94 -46.64 128.94
N THR XF 91 0.02 -46.84 128.04
CA THR XF 91 1.12 -45.91 127.92
C THR XF 91 0.67 -44.57 127.36
N LEU XF 92 -0.34 -44.57 126.49
CA LEU XF 92 -0.92 -43.31 126.04
C LEU XF 92 -1.52 -42.54 127.21
N LYS XF 93 -2.17 -43.24 128.14
CA LYS XF 93 -2.70 -42.59 129.32
C LYS XF 93 -1.58 -42.04 130.20
N ALA XF 94 -0.49 -42.79 130.34
CA ALA XF 94 0.66 -42.29 131.09
C ALA XF 94 1.25 -41.04 130.43
N GLU XF 95 1.33 -41.04 129.10
CA GLU XF 95 1.79 -39.86 128.38
C GLU XF 95 0.85 -38.69 128.58
N TRP XF 96 -0.46 -38.95 128.62
CA TRP XF 96 -1.42 -37.89 128.89
C TRP XF 96 -1.21 -37.29 130.26
N GLU XF 97 -0.96 -38.14 131.26
CA GLU XF 97 -0.70 -37.63 132.61
C GLU XF 97 0.56 -36.78 132.65
N THR XF 98 1.62 -37.24 132.00
CA THR XF 98 2.87 -36.48 131.97
C THR XF 98 2.68 -35.15 131.23
N HIS XF 99 1.93 -35.16 130.13
CA HIS XF 99 1.66 -33.94 129.39
C HIS XF 99 0.85 -32.96 130.23
N LYS XF 100 -0.15 -33.46 130.97
CA LYS XF 100 -0.91 -32.60 131.86
C LYS XF 100 -0.01 -31.97 132.91
N ARG XF 101 0.89 -32.77 133.48
CA ARG XF 101 1.79 -32.23 134.50
C ARG XF 101 2.71 -31.15 133.92
N ASN XF 102 3.23 -31.39 132.71
CA ASN XF 102 4.12 -30.40 132.09
C ASN XF 102 3.38 -29.10 131.77
N VAL XF 103 2.17 -29.21 131.23
CA VAL XF 103 1.39 -28.01 130.91
C VAL XF 103 1.02 -27.28 132.19
N ASP XF 104 0.73 -28.01 133.27
CA ASP XF 104 0.48 -27.36 134.54
C ASP XF 104 1.70 -26.61 135.04
N THR XF 105 2.88 -27.22 134.88
CA THR XF 105 4.11 -26.57 135.30
C THR XF 105 4.37 -25.28 134.53
N LEU XF 106 4.19 -25.33 133.21
CA LEU XF 106 4.46 -24.14 132.40
C LEU XF 106 3.39 -23.07 132.56
N PHE XF 107 2.12 -23.46 132.56
CA PHE XF 107 0.98 -22.55 132.44
C PHE XF 107 0.23 -22.35 133.74
N ALA XF 108 -0.22 -23.43 134.38
CA ALA XF 108 -1.04 -23.30 135.58
C ALA XF 108 -0.27 -22.65 136.72
N SER XF 109 0.98 -23.06 136.92
CA SER XF 109 1.81 -22.52 137.99
C SER XF 109 2.86 -21.55 137.49
N GLY XF 110 3.00 -21.37 136.19
CA GLY XF 110 3.96 -20.46 135.60
C GLY XF 110 3.30 -19.26 134.96
N ASN XF 111 4.13 -18.43 134.31
CA ASN XF 111 3.63 -17.22 133.67
C ASN XF 111 3.60 -17.38 132.16
N ALA XF 112 3.35 -18.61 131.68
CA ALA XF 112 3.25 -18.82 130.24
C ALA XF 112 1.99 -18.17 129.68
N GLY XF 113 0.98 -17.94 130.53
CA GLY XF 113 -0.24 -17.30 130.07
C GLY XF 113 -0.01 -15.88 129.61
N LEU XF 114 0.86 -15.14 130.30
CA LEU XF 114 1.11 -13.76 129.91
C LEU XF 114 2.05 -13.68 128.71
N GLY XF 115 2.67 -14.80 128.33
CA GLY XF 115 3.55 -14.83 127.18
C GLY XF 115 5.00 -15.07 127.49
N PHE XF 116 5.34 -15.54 128.69
CA PHE XF 116 6.74 -15.75 129.03
C PHE XF 116 7.04 -17.24 129.13
N LEU XF 117 8.06 -17.67 128.38
CA LEU XF 117 8.51 -19.06 128.37
C LEU XF 117 9.73 -19.17 129.28
N ASP XF 118 9.54 -19.76 130.46
CA ASP XF 118 10.62 -19.89 131.42
C ASP XF 118 11.55 -21.01 130.98
N PRO XF 119 12.84 -20.74 130.75
CA PRO XF 119 13.75 -21.80 130.29
C PRO XF 119 14.24 -22.73 131.39
N THR XF 120 13.93 -22.46 132.66
CA THR XF 120 14.39 -23.30 133.75
C THR XF 120 13.27 -24.08 134.42
N ALA XF 121 12.10 -24.19 133.79
CA ALA XF 121 10.99 -24.91 134.38
C ALA XF 121 11.31 -26.40 134.48
N ALA XF 122 10.73 -27.04 135.50
CA ALA XF 122 10.99 -28.45 135.77
C ALA XF 122 10.04 -29.31 134.94
N ILE XF 123 10.53 -29.77 133.79
CA ILE XF 123 9.77 -30.64 132.92
C ILE XF 123 10.18 -32.09 133.20
N VAL XF 124 9.19 -32.98 133.27
CA VAL XF 124 9.44 -34.39 133.59
C VAL XF 124 8.80 -35.24 132.51
N SER XF 125 9.35 -36.44 132.31
CA SER XF 125 8.92 -37.34 131.25
C SER XF 125 8.03 -38.45 131.80
N SER XF 126 7.53 -39.28 130.88
CA SER XF 126 6.74 -40.43 131.29
C SER XF 126 7.58 -41.54 131.89
N ASP XF 127 8.84 -41.66 131.47
CA ASP XF 127 9.71 -42.70 132.01
C ASP XF 127 10.06 -42.40 133.46
N THR XF 128 10.12 -43.47 134.26
CA THR XF 128 10.45 -43.36 135.67
C THR XF 128 11.74 -44.13 135.96
N THR XF 129 12.54 -43.55 136.85
CA THR XF 129 13.81 -44.16 137.24
C THR XF 129 13.64 -44.99 138.50
#